data_7SN4
#
_entry.id   7SN4
#
_cell.length_a   1.00
_cell.length_b   1.00
_cell.length_c   1.00
_cell.angle_alpha   90.00
_cell.angle_beta   90.00
_cell.angle_gamma   90.00
#
_symmetry.space_group_name_H-M   'P 1'
#
_entity_poly.entity_id   1
_entity_poly.type   'polypeptide(L)'
_entity_poly.pdbx_seq_one_letter_code
;MAQVINTNSLSLITQNNINKNQSALSSSIERLSSGLRINSAKDDAAGQAIANRFTSNIKGLTQAARNANDGISVAQTTEG
ALSEINNNLQRIRELTVQATTGTNSDSDLDSIQDEIKSRLDEIDRVSGQTQFNGVNVLAKDGSMKIQVGANDGETITIDL
KKIDSDTLGLNGFNVNGKGTITNKAATVSDLTSAGAKLNTTTGLYDLKTENTLLTTDAAFDKLGNGDKVTVGGVDYTYNA
KSGDFTTTKSTAGTGVDAAAQAADSASKRDALAATLHADVGKSVNGSYTTKDGTVSFETDSAGNITIGGSQAYVDDAGNL
TTNNAGSAAKADMKALLKAASEGSDGASLTFNGTEYTIAKATPATTTPVAPLIPGGITYQATVSKDVVLSETKAAAATSS
ITFNSGVLSKTIGFTAGESSDAAKSYVDDKGGITNVADYTVSYSVNKDNGSVTVAGYASATDTNKDYAPAIGTAVNVNSA
GKITTETTSAGSATTNPLAALDDAISSIDKFRSSLGAIQNRLDSAVTNLNNTTTNLSEAQSRIQDADYATEVSNMSKAQI
IQQAGNSVLAKANQVPQQVLSLLQG
;
_entity_poly.pdbx_strand_id   A,B,C,D,E,F,G,H,I,J,K,L,M,N,O,P,Q,R,S,T,U,V,W,X,Y,Z,a,b,c,d,e,f,g,h,i,j,k,l,m,n,o,p,q,r
#
# COMPACT_ATOMS: atom_id res chain seq x y z
N MET A 1 11.47 52.71 -176.83
CA MET A 1 10.80 51.42 -176.94
C MET A 1 10.38 51.15 -178.37
N ALA A 2 9.57 52.06 -178.93
CA ALA A 2 9.02 51.84 -180.26
C ALA A 2 10.11 51.80 -181.33
N GLN A 3 11.12 52.66 -181.20
CA GLN A 3 12.09 52.80 -182.27
C GLN A 3 13.18 51.73 -182.25
N VAL A 4 13.31 50.97 -181.17
CA VAL A 4 14.39 49.99 -181.03
C VAL A 4 13.80 48.64 -180.65
N ILE A 5 14.37 47.58 -181.23
CA ILE A 5 13.99 46.21 -180.90
C ILE A 5 15.16 45.38 -180.40
N ASN A 6 16.39 45.87 -180.48
CA ASN A 6 17.55 45.06 -180.17
C ASN A 6 17.87 45.03 -178.68
N THR A 7 17.54 46.11 -177.96
CA THR A 7 17.85 46.21 -176.53
C THR A 7 16.61 46.65 -175.77
N ASN A 8 16.67 46.51 -174.44
CA ASN A 8 15.56 46.91 -173.59
C ASN A 8 16.15 47.55 -172.33
N SER A 9 16.31 48.88 -172.37
CA SER A 9 16.89 49.59 -171.24
C SER A 9 16.00 49.47 -170.00
N LEU A 10 14.68 49.44 -170.20
CA LEU A 10 13.78 49.25 -169.08
C LEU A 10 14.02 47.91 -168.40
N SER A 11 14.18 46.85 -169.19
CA SER A 11 14.47 45.54 -168.64
C SER A 11 15.80 45.54 -167.89
N LEU A 12 16.81 46.18 -168.47
CA LEU A 12 18.12 46.22 -167.81
C LEU A 12 18.04 46.93 -166.45
N ILE A 13 17.36 48.07 -166.41
CA ILE A 13 17.25 48.83 -165.17
C ILE A 13 16.47 48.04 -164.12
N THR A 14 15.38 47.41 -164.54
CA THR A 14 14.60 46.61 -163.60
C THR A 14 15.42 45.45 -163.06
N GLN A 15 16.21 44.79 -163.91
CA GLN A 15 17.05 43.70 -163.44
C GLN A 15 18.09 44.18 -162.43
N ASN A 16 18.68 45.35 -162.69
CA ASN A 16 19.64 45.90 -161.73
C ASN A 16 18.98 46.15 -160.38
N ASN A 17 17.78 46.74 -160.40
CA ASN A 17 17.08 47.01 -159.15
C ASN A 17 16.72 45.71 -158.43
N ILE A 18 16.35 44.67 -159.18
CA ILE A 18 16.02 43.39 -158.58
C ILE A 18 17.22 42.80 -157.87
N ASN A 19 18.39 42.85 -158.50
CA ASN A 19 19.60 42.33 -157.86
C ASN A 19 19.94 43.13 -156.61
N LYS A 20 19.79 44.46 -156.68
CA LYS A 20 20.07 45.30 -155.52
C LYS A 20 19.17 44.92 -154.35
N ASN A 21 17.90 44.63 -154.63
CA ASN A 21 17.02 44.11 -153.58
C ASN A 21 17.50 42.76 -153.09
N GLN A 22 17.91 41.89 -154.02
CA GLN A 22 18.25 40.51 -153.67
C GLN A 22 19.35 40.46 -152.63
N SER A 23 20.32 41.36 -152.72
CA SER A 23 21.37 41.41 -151.71
C SER A 23 20.79 41.53 -150.30
N ALA A 24 19.93 42.53 -150.10
CA ALA A 24 19.37 42.77 -148.77
C ALA A 24 18.43 41.66 -148.35
N LEU A 25 17.69 41.09 -149.30
CA LEU A 25 16.79 39.98 -148.97
C LEU A 25 17.58 38.80 -148.42
N SER A 26 18.66 38.42 -149.11
CA SER A 26 19.48 37.32 -148.62
C SER A 26 20.08 37.64 -147.27
N SER A 27 20.57 38.88 -147.09
CA SER A 27 21.14 39.25 -145.81
C SER A 27 20.13 39.08 -144.68
N SER A 28 18.92 39.60 -144.87
CA SER A 28 17.90 39.54 -143.82
C SER A 28 17.52 38.10 -143.50
N ILE A 29 17.33 37.28 -144.54
CA ILE A 29 16.91 35.89 -144.29
C ILE A 29 17.99 35.14 -143.52
N GLU A 30 19.26 35.30 -143.92
CA GLU A 30 20.31 34.58 -143.20
C GLU A 30 20.46 35.10 -141.79
N ARG A 31 20.27 36.41 -141.57
CA ARG A 31 20.38 36.95 -140.22
C ARG A 31 19.28 36.40 -139.32
N LEU A 32 18.06 36.29 -139.84
CA LEU A 32 17.00 35.67 -139.04
C LEU A 32 17.28 34.20 -138.77
N SER A 33 17.78 33.48 -139.77
CA SER A 33 18.05 32.06 -139.58
C SER A 33 19.11 31.84 -138.51
N SER A 34 20.18 32.63 -138.54
CA SER A 34 21.27 32.43 -137.59
C SER A 34 20.92 32.97 -136.20
N GLY A 35 20.23 34.11 -136.14
CA GLY A 35 19.94 34.75 -134.88
C GLY A 35 21.06 35.61 -134.35
N LEU A 36 21.95 36.09 -135.21
CA LEU A 36 23.09 36.91 -134.81
C LEU A 36 23.17 38.15 -135.67
N ARG A 37 23.50 39.28 -135.05
CA ARG A 37 23.62 40.53 -135.78
C ARG A 37 24.86 40.55 -136.66
N ILE A 38 26.00 40.15 -136.10
CA ILE A 38 27.27 40.12 -136.82
C ILE A 38 27.49 38.71 -137.33
N ASN A 39 27.46 38.55 -138.65
CA ASN A 39 27.49 37.23 -139.25
C ASN A 39 28.46 37.24 -140.43
N SER A 40 29.26 36.18 -140.54
CA SER A 40 30.18 35.93 -141.65
C SER A 40 31.26 36.98 -141.82
N ALA A 41 31.35 37.95 -140.91
CA ALA A 41 32.39 38.97 -140.90
C ALA A 41 32.42 39.81 -142.17
N LYS A 42 31.36 39.75 -142.98
CA LYS A 42 31.20 40.65 -144.12
C LYS A 42 30.65 42.01 -143.72
N ASP A 43 30.80 42.34 -142.45
CA ASP A 43 30.33 43.61 -141.89
C ASP A 43 31.42 44.09 -140.94
N ASP A 44 31.08 45.02 -140.04
CA ASP A 44 32.04 45.59 -139.11
C ASP A 44 32.80 44.51 -138.36
N ALA A 45 34.11 44.40 -138.64
CA ALA A 45 34.92 43.37 -138.01
C ALA A 45 35.27 43.71 -136.57
N ALA A 46 35.13 44.97 -136.17
CA ALA A 46 35.35 45.33 -134.78
C ALA A 46 34.37 44.60 -133.87
N GLY A 47 33.10 44.52 -134.29
CA GLY A 47 32.13 43.76 -133.53
C GLY A 47 32.49 42.29 -133.43
N GLN A 48 32.98 41.71 -134.53
CA GLN A 48 33.40 40.31 -134.52
C GLN A 48 34.52 40.10 -133.51
N ALA A 49 35.55 40.94 -133.56
CA ALA A 49 36.68 40.78 -132.66
C ALA A 49 36.27 40.97 -131.20
N ILE A 50 35.45 41.97 -130.92
CA ILE A 50 35.04 42.23 -129.54
C ILE A 50 34.16 41.10 -129.04
N ALA A 51 33.31 40.54 -129.90
CA ALA A 51 32.49 39.40 -129.50
C ALA A 51 33.38 38.20 -129.18
N ASN A 52 34.43 37.98 -129.97
CA ASN A 52 35.35 36.89 -129.67
C ASN A 52 36.03 37.10 -128.32
N ARG A 53 36.48 38.33 -128.04
CA ARG A 53 37.11 38.61 -126.76
C ARG A 53 36.14 38.36 -125.61
N PHE A 54 34.89 38.80 -125.76
CA PHE A 54 33.90 38.59 -124.70
C PHE A 54 33.61 37.12 -124.49
N THR A 55 33.54 36.34 -125.57
CA THR A 55 33.31 34.91 -125.44
C THR A 55 34.45 34.25 -124.68
N SER A 56 35.69 34.61 -125.02
CA SER A 56 36.83 34.05 -124.32
C SER A 56 36.79 34.41 -122.83
N ASN A 57 36.47 35.67 -122.52
CA ASN A 57 36.39 36.08 -121.13
C ASN A 57 35.30 35.32 -120.39
N ILE A 58 34.14 35.13 -121.02
CA ILE A 58 33.03 34.44 -120.35
C ILE A 58 33.42 32.99 -120.04
N LYS A 59 33.99 32.29 -121.02
CA LYS A 59 34.37 30.90 -120.78
C LYS A 59 35.43 30.81 -119.70
N GLY A 60 36.44 31.69 -119.75
CA GLY A 60 37.47 31.68 -118.72
C GLY A 60 36.91 31.93 -117.34
N LEU A 61 36.01 32.89 -117.20
CA LEU A 61 35.46 33.20 -115.89
C LEU A 61 34.62 32.05 -115.35
N THR A 62 33.84 31.39 -116.23
CA THR A 62 33.07 30.24 -115.76
C THR A 62 33.98 29.12 -115.26
N GLN A 63 35.03 28.82 -116.02
CA GLN A 63 35.96 27.78 -115.59
C GLN A 63 36.65 28.18 -114.28
N ALA A 64 36.96 29.46 -114.12
CA ALA A 64 37.56 29.95 -112.89
C ALA A 64 36.62 29.78 -111.71
N ALA A 65 35.33 30.01 -111.92
CA ALA A 65 34.37 29.79 -110.86
C ALA A 65 34.34 28.33 -110.44
N ARG A 66 34.40 27.42 -111.42
CA ARG A 66 34.46 25.99 -111.07
C ARG A 66 35.72 25.67 -110.26
N ASN A 67 36.86 26.24 -110.66
CA ASN A 67 38.09 26.00 -109.92
C ASN A 67 37.97 26.50 -108.48
N ALA A 68 37.37 27.67 -108.29
CA ALA A 68 37.19 28.19 -106.95
C ALA A 68 36.30 27.28 -106.11
N ASN A 69 35.27 26.70 -106.72
CA ASN A 69 34.44 25.74 -106.01
C ASN A 69 35.27 24.54 -105.55
N ASP A 70 36.15 24.05 -106.42
CA ASP A 70 37.02 22.94 -106.02
C ASP A 70 37.91 23.33 -104.85
N GLY A 71 38.45 24.55 -104.87
CA GLY A 71 39.26 25.00 -103.75
C GLY A 71 38.48 25.05 -102.45
N ILE A 72 37.22 25.51 -102.52
CA ILE A 72 36.37 25.50 -101.33
C ILE A 72 36.22 24.09 -100.79
N SER A 73 36.04 23.13 -101.69
CA SER A 73 35.91 21.73 -101.27
C SER A 73 37.18 21.26 -100.54
N VAL A 74 38.35 21.61 -101.08
CA VAL A 74 39.60 21.22 -100.43
C VAL A 74 39.67 21.79 -99.02
N ALA A 75 39.31 23.07 -98.88
CA ALA A 75 39.36 23.71 -97.57
C ALA A 75 38.41 23.02 -96.59
N GLN A 76 37.21 22.66 -97.05
CA GLN A 76 36.25 22.00 -96.17
C GLN A 76 36.79 20.67 -95.67
N THR A 77 37.36 19.86 -96.56
CA THR A 77 37.89 18.57 -96.16
C THR A 77 39.00 18.73 -95.12
N THR A 78 39.94 19.64 -95.40
CA THR A 78 41.03 19.86 -94.46
C THR A 78 40.51 20.30 -93.10
N GLU A 79 39.51 21.18 -93.09
CA GLU A 79 39.00 21.68 -91.83
C GLU A 79 38.29 20.59 -91.03
N GLY A 80 37.58 19.68 -91.71
CA GLY A 80 37.00 18.56 -91.00
C GLY A 80 38.05 17.69 -90.31
N ALA A 81 39.13 17.40 -91.04
CA ALA A 81 40.22 16.63 -90.42
C ALA A 81 40.79 17.37 -89.22
N LEU A 82 41.00 18.69 -89.35
CA LEU A 82 41.51 19.46 -88.23
C LEU A 82 40.58 19.43 -87.03
N SER A 83 39.27 19.48 -87.27
CA SER A 83 38.31 19.44 -86.16
C SER A 83 38.42 18.13 -85.40
N GLU A 84 38.54 17.01 -86.12
CA GLU A 84 38.69 15.74 -85.43
C GLU A 84 39.98 15.69 -84.62
N ILE A 85 41.07 16.18 -85.19
CA ILE A 85 42.33 16.21 -84.45
C ILE A 85 42.19 17.06 -83.19
N ASN A 86 41.47 18.18 -83.28
CA ASN A 86 41.29 19.05 -82.12
C ASN A 86 40.50 18.35 -81.02
N ASN A 87 39.46 17.60 -81.39
CA ASN A 87 38.72 16.85 -80.38
C ASN A 87 39.63 15.84 -79.68
N ASN A 88 40.46 15.15 -80.45
CA ASN A 88 41.40 14.20 -79.85
C ASN A 88 42.34 14.89 -78.87
N LEU A 89 42.85 16.06 -79.25
CA LEU A 89 43.78 16.78 -78.37
C LEU A 89 43.09 17.22 -77.09
N GLN A 90 41.84 17.68 -77.18
CA GLN A 90 41.11 18.07 -75.98
C GLN A 90 40.96 16.87 -75.04
N ARG A 91 40.61 15.71 -75.58
CA ARG A 91 40.48 14.54 -74.72
C ARG A 91 41.82 14.17 -74.08
N ILE A 92 42.90 14.28 -74.84
CA ILE A 92 44.22 13.99 -74.29
C ILE A 92 44.53 14.92 -73.13
N ARG A 93 44.20 16.20 -73.28
CA ARG A 93 44.45 17.15 -72.19
C ARG A 93 43.64 16.78 -70.95
N GLU A 94 42.39 16.36 -71.13
CA GLU A 94 41.60 15.94 -69.97
C GLU A 94 42.25 14.76 -69.27
N LEU A 95 42.72 13.78 -70.04
CA LEU A 95 43.43 12.65 -69.43
C LEU A 95 44.69 13.11 -68.69
N THR A 96 45.44 14.06 -69.25
CA THR A 96 46.63 14.54 -68.57
C THR A 96 46.29 15.20 -67.24
N VAL A 97 45.23 16.01 -67.22
CA VAL A 97 44.80 16.66 -66.00
C VAL A 97 44.41 15.62 -64.96
N GLN A 98 43.74 14.56 -65.39
CA GLN A 98 43.40 13.50 -64.45
C GLN A 98 44.62 12.72 -63.98
N ALA A 99 45.65 12.60 -64.82
CA ALA A 99 46.82 11.81 -64.47
C ALA A 99 47.76 12.54 -63.52
N THR A 100 47.83 13.87 -63.60
CA THR A 100 48.81 14.59 -62.78
C THR A 100 48.53 14.52 -61.28
N THR A 101 47.36 14.03 -60.88
CA THR A 101 47.04 13.92 -59.46
C THR A 101 47.99 12.94 -58.77
N GLY A 102 48.36 13.25 -57.53
CA GLY A 102 49.21 12.35 -56.77
C GLY A 102 48.52 11.18 -56.13
N THR A 103 47.19 11.13 -56.19
CA THR A 103 46.45 9.99 -55.64
C THR A 103 46.61 8.76 -56.52
N ASN A 104 46.68 8.95 -57.84
CA ASN A 104 46.76 7.82 -58.75
C ASN A 104 48.00 7.00 -58.52
N SER A 105 47.87 5.68 -58.65
CA SER A 105 48.98 4.76 -58.43
C SER A 105 49.66 4.44 -59.75
N ASP A 106 50.63 3.54 -59.70
CA ASP A 106 51.43 3.23 -60.88
C ASP A 106 50.60 2.58 -61.98
N SER A 107 49.72 1.64 -61.62
CA SER A 107 48.87 1.01 -62.62
C SER A 107 47.91 2.01 -63.23
N ASP A 108 47.39 2.93 -62.41
CA ASP A 108 46.49 3.97 -62.93
C ASP A 108 47.22 4.85 -63.94
N LEU A 109 48.45 5.25 -63.60
CA LEU A 109 49.23 6.06 -64.54
C LEU A 109 49.52 5.28 -65.81
N ASP A 110 49.80 3.99 -65.69
CA ASP A 110 50.06 3.16 -66.86
C ASP A 110 48.85 3.12 -67.78
N SER A 111 47.65 2.92 -67.21
CA SER A 111 46.45 2.87 -68.02
C SER A 111 46.18 4.20 -68.70
N ILE A 112 46.35 5.31 -67.96
CA ILE A 112 46.12 6.62 -68.54
C ILE A 112 47.10 6.88 -69.68
N GLN A 113 48.37 6.51 -69.48
CA GLN A 113 49.35 6.69 -70.54
C GLN A 113 49.03 5.80 -71.74
N ASP A 114 48.47 4.61 -71.51
CA ASP A 114 48.04 3.77 -72.62
C ASP A 114 46.97 4.47 -73.44
N GLU A 115 45.98 5.06 -72.77
CA GLU A 115 44.94 5.78 -73.50
C GLU A 115 45.53 6.96 -74.27
N ILE A 116 46.45 7.70 -73.64
CA ILE A 116 47.07 8.85 -74.29
C ILE A 116 47.84 8.41 -75.53
N LYS A 117 48.58 7.31 -75.42
CA LYS A 117 49.33 6.80 -76.57
C LYS A 117 48.39 6.39 -77.69
N SER A 118 47.27 5.76 -77.34
CA SER A 118 46.29 5.39 -78.36
C SER A 118 45.78 6.62 -79.10
N ARG A 119 45.47 7.68 -78.37
CA ARG A 119 44.92 8.86 -79.03
C ARG A 119 45.97 9.61 -79.84
N LEU A 120 47.22 9.62 -79.38
CA LEU A 120 48.29 10.20 -80.19
C LEU A 120 48.47 9.40 -81.48
N ASP A 121 48.39 8.08 -81.39
CA ASP A 121 48.46 7.26 -82.59
C ASP A 121 47.30 7.57 -83.54
N GLU A 122 46.11 7.82 -83.00
CA GLU A 122 44.98 8.20 -83.84
C GLU A 122 45.23 9.53 -84.53
N ILE A 123 45.81 10.50 -83.81
CA ILE A 123 46.12 11.78 -84.43
C ILE A 123 47.08 11.59 -85.59
N ASP A 124 48.14 10.81 -85.38
CA ASP A 124 49.09 10.55 -86.45
C ASP A 124 48.42 9.85 -87.62
N ARG A 125 47.56 8.87 -87.33
CA ARG A 125 46.89 8.11 -88.39
C ARG A 125 46.01 9.02 -89.23
N VAL A 126 45.17 9.82 -88.58
CA VAL A 126 44.25 10.69 -89.32
C VAL A 126 45.03 11.68 -90.16
N SER A 127 46.08 12.28 -89.56
CA SER A 127 46.87 13.26 -90.30
C SER A 127 47.54 12.64 -91.52
N GLY A 128 48.10 11.44 -91.36
CA GLY A 128 48.78 10.81 -92.47
C GLY A 128 47.83 10.36 -93.57
N GLN A 129 46.67 9.83 -93.20
CA GLN A 129 45.79 9.18 -94.16
C GLN A 129 44.69 10.07 -94.72
N THR A 130 44.51 11.28 -94.19
CA THR A 130 43.54 12.18 -94.80
C THR A 130 44.00 12.58 -96.19
N GLN A 131 43.15 12.34 -97.18
CA GLN A 131 43.52 12.47 -98.58
C GLN A 131 42.40 13.10 -99.37
N PHE A 132 42.76 13.96 -100.33
CA PHE A 132 41.81 14.57 -101.24
C PHE A 132 42.39 14.50 -102.65
N ASN A 133 41.73 13.73 -103.52
CA ASN A 133 42.13 13.61 -104.93
C ASN A 133 43.59 13.18 -105.05
N GLY A 134 43.99 12.20 -104.24
CA GLY A 134 45.34 11.69 -104.31
C GLY A 134 46.39 12.58 -103.70
N VAL A 135 46.00 13.61 -102.98
CA VAL A 135 46.93 14.55 -102.34
C VAL A 135 46.76 14.44 -100.83
N ASN A 136 47.86 14.20 -100.12
CA ASN A 136 47.85 14.17 -98.67
C ASN A 136 47.96 15.59 -98.17
N VAL A 137 46.82 16.19 -97.80
CA VAL A 137 46.79 17.60 -97.46
C VAL A 137 47.56 17.86 -96.18
N LEU A 138 47.53 16.93 -95.22
CA LEU A 138 48.11 17.15 -93.91
C LEU A 138 49.50 16.56 -93.76
N ALA A 139 50.09 16.05 -94.83
CA ALA A 139 51.40 15.43 -94.75
C ALA A 139 52.51 16.30 -95.33
N LYS A 140 52.18 17.39 -96.00
CA LYS A 140 53.17 18.26 -96.63
C LYS A 140 53.04 19.67 -96.09
N ASP A 141 54.06 20.49 -96.37
CA ASP A 141 54.10 21.88 -95.91
C ASP A 141 54.02 22.85 -97.07
N GLY A 142 53.42 22.45 -98.19
CA GLY A 142 53.40 23.26 -99.39
C GLY A 142 52.20 24.16 -99.49
N SER A 143 51.84 24.50 -100.74
CA SER A 143 50.71 25.35 -101.00
C SER A 143 50.10 24.97 -102.34
N MET A 144 48.82 25.26 -102.49
CA MET A 144 48.08 25.01 -103.72
C MET A 144 47.65 26.33 -104.32
N LYS A 145 47.89 26.50 -105.61
CA LYS A 145 47.51 27.71 -106.33
C LYS A 145 46.26 27.43 -107.15
N ILE A 146 45.25 28.29 -106.97
CA ILE A 146 43.95 28.12 -107.60
C ILE A 146 43.75 29.25 -108.59
N GLN A 147 43.44 28.90 -109.84
CA GLN A 147 43.16 29.90 -110.87
C GLN A 147 41.79 30.51 -110.61
N VAL A 148 41.75 31.83 -110.43
CA VAL A 148 40.51 32.52 -110.13
C VAL A 148 40.12 33.54 -111.19
N GLY A 149 41.07 34.10 -111.94
CA GLY A 149 40.76 34.98 -113.04
C GLY A 149 40.86 34.27 -114.39
N ALA A 150 40.57 35.03 -115.44
CA ALA A 150 40.66 34.52 -116.80
C ALA A 150 42.00 34.78 -117.45
N ASN A 151 42.88 35.53 -116.80
CA ASN A 151 44.19 35.85 -117.33
C ASN A 151 45.29 35.19 -116.52
N ASP A 152 46.53 35.42 -116.93
CA ASP A 152 47.66 34.78 -116.27
C ASP A 152 47.92 35.41 -114.91
N GLY A 153 48.28 34.57 -113.94
CA GLY A 153 48.70 35.05 -112.64
C GLY A 153 47.59 35.45 -111.70
N GLU A 154 46.33 35.28 -112.07
CA GLU A 154 45.21 35.61 -111.21
C GLU A 154 44.88 34.40 -110.35
N THR A 155 45.71 34.18 -109.34
CA THR A 155 45.64 32.97 -108.53
C THR A 155 45.47 33.33 -107.06
N ILE A 156 44.97 32.35 -106.30
CA ILE A 156 44.84 32.43 -104.85
C ILE A 156 45.57 31.24 -104.26
N THR A 157 46.38 31.47 -103.24
CA THR A 157 47.22 30.43 -102.66
C THR A 157 46.64 29.95 -101.34
N ILE A 158 46.51 28.63 -101.19
CA ILE A 158 46.13 28.00 -99.95
C ILE A 158 47.39 27.35 -99.37
N ASP A 159 47.78 27.78 -98.18
CA ASP A 159 48.94 27.21 -97.51
C ASP A 159 48.51 26.01 -96.68
N LEU A 160 49.31 24.95 -96.72
CA LEU A 160 49.06 23.75 -95.93
C LEU A 160 50.17 23.58 -94.91
N LYS A 161 49.87 22.83 -93.85
CA LYS A 161 50.83 22.61 -92.78
C LYS A 161 50.95 21.11 -92.53
N LYS A 162 52.17 20.67 -92.26
CA LYS A 162 52.41 19.30 -91.86
C LYS A 162 52.06 19.18 -90.39
N ILE A 163 50.96 18.50 -90.09
CA ILE A 163 50.49 18.32 -88.72
C ILE A 163 50.58 16.86 -88.36
N ASP A 164 51.32 16.56 -87.29
CA ASP A 164 51.45 15.22 -86.75
C ASP A 164 52.01 15.35 -85.35
N SER A 165 52.48 14.24 -84.78
CA SER A 165 53.15 14.33 -83.49
C SER A 165 54.41 15.17 -83.58
N ASP A 166 55.20 14.99 -84.64
CA ASP A 166 56.52 15.61 -84.71
C ASP A 166 56.43 17.12 -84.68
N THR A 167 55.49 17.70 -85.42
CA THR A 167 55.37 19.15 -85.51
C THR A 167 54.64 19.77 -84.33
N LEU A 168 54.09 18.96 -83.42
CA LEU A 168 53.47 19.47 -82.20
C LEU A 168 54.23 19.03 -80.95
N GLY A 169 55.37 18.36 -81.12
CA GLY A 169 56.07 17.87 -79.95
C GLY A 169 55.43 16.58 -79.47
N LEU A 170 55.17 16.50 -78.17
CA LEU A 170 54.36 15.41 -77.62
C LEU A 170 54.95 14.03 -77.89
N ASN A 171 56.15 13.97 -78.48
CA ASN A 171 56.71 12.69 -78.90
C ASN A 171 56.86 11.75 -77.71
N GLY A 172 57.71 12.11 -76.77
CA GLY A 172 57.80 11.35 -75.54
C GLY A 172 56.91 11.96 -74.48
N PHE A 173 55.59 11.85 -74.64
CA PHE A 173 54.69 12.48 -73.70
C PHE A 173 54.87 11.91 -72.30
N ASN A 174 55.00 10.59 -72.18
CA ASN A 174 55.62 9.96 -71.02
C ASN A 174 54.94 10.35 -69.71
N VAL A 175 53.61 10.29 -69.67
CA VAL A 175 52.91 10.64 -68.44
C VAL A 175 53.32 9.71 -67.30
N ASN A 176 53.42 8.41 -67.58
CA ASN A 176 53.85 7.45 -66.58
C ASN A 176 55.35 7.30 -66.50
N GLY A 177 56.11 7.91 -67.41
CA GLY A 177 57.56 7.85 -67.34
C GLY A 177 58.21 6.70 -68.08
N LYS A 178 57.53 6.09 -69.04
CA LYS A 178 58.07 4.98 -69.82
C LYS A 178 57.84 5.26 -71.29
N GLY A 179 58.91 5.53 -72.02
CA GLY A 179 58.78 5.87 -73.43
C GLY A 179 60.13 5.96 -74.10
N THR A 180 60.10 6.37 -75.37
CA THR A 180 61.29 6.41 -76.21
C THR A 180 61.57 7.82 -76.66
N ILE A 181 62.79 8.04 -77.14
CA ILE A 181 63.23 9.37 -77.56
C ILE A 181 63.73 9.35 -78.99
N THR A 182 64.22 8.20 -79.46
CA THR A 182 64.86 8.07 -80.77
C THR A 182 65.97 9.13 -80.91
N ASN A 183 66.97 8.97 -80.05
CA ASN A 183 67.88 10.04 -79.66
C ASN A 183 68.44 10.93 -80.77
N LYS A 184 69.24 10.39 -81.69
CA LYS A 184 69.95 11.24 -82.65
C LYS A 184 70.77 10.33 -83.57
N ALA A 185 71.33 10.93 -84.62
CA ALA A 185 72.32 10.29 -85.48
C ALA A 185 73.64 11.04 -85.35
N ALA A 186 74.73 10.30 -85.16
CA ALA A 186 76.02 10.91 -84.89
C ALA A 186 76.60 11.57 -86.14
N THR A 187 77.67 12.34 -85.94
CA THR A 187 78.35 13.02 -87.03
C THR A 187 79.84 13.11 -86.73
N VAL A 188 80.59 13.64 -87.70
CA VAL A 188 82.04 13.73 -87.56
C VAL A 188 82.41 14.68 -86.42
N SER A 189 81.65 15.76 -86.25
CA SER A 189 81.90 16.66 -85.14
C SER A 189 81.70 15.95 -83.81
N ASP A 190 80.67 15.11 -83.71
CA ASP A 190 80.45 14.33 -82.50
C ASP A 190 81.60 13.36 -82.26
N LEU A 191 82.09 12.73 -83.32
CA LEU A 191 83.23 11.82 -83.17
C LEU A 191 84.47 12.56 -82.68
N THR A 192 84.73 13.74 -83.25
CA THR A 192 85.88 14.53 -82.81
C THR A 192 85.73 14.95 -81.35
N SER A 193 84.53 15.36 -80.96
CA SER A 193 84.29 15.71 -79.56
C SER A 193 84.52 14.52 -78.65
N ALA A 194 84.06 13.33 -79.05
CA ALA A 194 84.32 12.13 -78.29
C ALA A 194 85.80 11.75 -78.27
N GLY A 195 86.58 12.26 -79.22
CA GLY A 195 88.01 12.06 -79.20
C GLY A 195 88.56 11.11 -80.24
N ALA A 196 87.76 10.68 -81.21
CA ALA A 196 88.23 9.79 -82.25
C ALA A 196 89.30 10.47 -83.09
N LYS A 197 90.28 9.70 -83.55
CA LYS A 197 91.38 10.19 -84.35
C LYS A 197 91.21 9.71 -85.79
N LEU A 198 91.46 10.61 -86.75
CA LEU A 198 91.43 10.23 -88.15
C LEU A 198 92.68 9.45 -88.51
N ASN A 199 92.51 8.32 -89.17
CA ASN A 199 93.62 7.50 -89.63
C ASN A 199 93.99 7.96 -91.04
N THR A 200 95.19 8.53 -91.19
CA THR A 200 95.58 9.11 -92.47
C THR A 200 95.68 8.06 -93.57
N THR A 201 96.24 6.89 -93.24
CA THR A 201 96.50 5.89 -94.27
C THR A 201 95.21 5.26 -94.80
N THR A 202 94.16 5.17 -93.98
CA THR A 202 92.92 4.53 -94.38
C THR A 202 91.76 5.49 -94.53
N GLY A 203 91.81 6.66 -93.90
CA GLY A 203 90.71 7.62 -93.99
C GLY A 203 89.59 7.40 -93.00
N LEU A 204 89.63 6.33 -92.21
CA LEU A 204 88.58 6.07 -91.24
C LEU A 204 88.78 6.91 -89.99
N TYR A 205 87.79 6.85 -89.10
CA TYR A 205 87.89 7.46 -87.78
C TYR A 205 87.95 6.34 -86.75
N ASP A 206 89.05 6.30 -86.00
CA ASP A 206 89.27 5.26 -84.99
C ASP A 206 89.07 5.85 -83.61
N LEU A 207 88.24 5.21 -82.80
CA LEU A 207 87.98 5.63 -81.43
C LEU A 207 88.61 4.60 -80.50
N LYS A 208 89.49 5.05 -79.62
CA LYS A 208 90.19 4.18 -78.69
C LYS A 208 89.72 4.48 -77.27
N THR A 209 89.32 3.42 -76.56
CA THR A 209 88.89 3.54 -75.16
C THR A 209 89.85 2.77 -74.28
N GLU A 210 90.31 3.41 -73.21
CA GLU A 210 91.27 2.79 -72.31
C GLU A 210 90.54 2.00 -71.22
N ASN A 211 91.28 1.09 -70.59
CA ASN A 211 90.74 0.19 -69.59
C ASN A 211 91.64 0.23 -68.36
N THR A 212 91.05 0.46 -67.20
CA THR A 212 91.82 0.63 -65.97
C THR A 212 92.24 -0.74 -65.43
N LEU A 213 93.50 -0.85 -65.02
CA LEU A 213 94.00 -2.09 -64.45
C LEU A 213 93.28 -2.40 -63.14
N LEU A 214 93.19 -3.69 -62.83
CA LEU A 214 92.47 -4.12 -61.64
C LEU A 214 93.10 -3.56 -60.38
N THR A 215 92.26 -3.05 -59.48
CA THR A 215 92.71 -2.45 -58.25
C THR A 215 92.26 -3.28 -57.06
N THR A 216 92.91 -3.02 -55.91
CA THR A 216 92.60 -3.77 -54.70
C THR A 216 91.16 -3.53 -54.26
N ASP A 217 90.67 -2.30 -54.40
CA ASP A 217 89.30 -2.00 -53.99
C ASP A 217 88.30 -2.79 -54.84
N ALA A 218 88.50 -2.81 -56.15
CA ALA A 218 87.60 -3.57 -57.02
C ALA A 218 87.69 -5.06 -56.72
N ALA A 219 88.89 -5.57 -56.48
CA ALA A 219 89.05 -6.98 -56.14
C ALA A 219 88.31 -7.32 -54.85
N PHE A 220 88.42 -6.44 -53.85
CA PHE A 220 87.73 -6.68 -52.58
C PHE A 220 86.22 -6.60 -52.75
N ASP A 221 85.74 -5.68 -53.59
CA ASP A 221 84.31 -5.63 -53.89
C ASP A 221 83.83 -6.91 -54.54
N LYS A 222 84.63 -7.45 -55.46
CA LYS A 222 84.25 -8.69 -56.13
C LYS A 222 84.59 -9.94 -55.33
N LEU A 223 85.20 -9.80 -54.16
CA LEU A 223 85.51 -10.95 -53.34
C LEU A 223 84.25 -11.71 -52.95
N GLY A 224 84.33 -13.04 -52.97
CA GLY A 224 83.21 -13.89 -52.62
C GLY A 224 83.58 -14.85 -51.52
N ASN A 225 82.60 -15.68 -51.16
CA ASN A 225 82.79 -16.67 -50.09
C ASN A 225 83.83 -17.70 -50.50
N GLY A 226 84.73 -18.02 -49.58
CA GLY A 226 85.78 -18.99 -49.82
C GLY A 226 86.99 -18.47 -50.57
N ASP A 227 87.05 -17.17 -50.85
CA ASP A 227 88.19 -16.62 -51.58
C ASP A 227 89.44 -16.62 -50.70
N LYS A 228 90.59 -16.79 -51.34
CA LYS A 228 91.86 -16.89 -50.65
C LYS A 228 92.77 -15.75 -51.07
N VAL A 229 93.32 -15.04 -50.08
CA VAL A 229 94.21 -13.91 -50.31
C VAL A 229 95.55 -14.21 -49.67
N THR A 230 96.62 -14.12 -50.46
CA THR A 230 97.97 -14.42 -49.99
C THR A 230 98.80 -13.15 -50.09
N VAL A 231 99.07 -12.53 -48.94
CA VAL A 231 99.95 -11.36 -48.86
C VAL A 231 100.98 -11.63 -47.78
N GLY A 232 102.24 -11.35 -48.08
CA GLY A 232 103.31 -11.58 -47.12
C GLY A 232 103.52 -13.03 -46.75
N GLY A 233 103.06 -13.95 -47.59
CA GLY A 233 103.25 -15.37 -47.34
C GLY A 233 102.25 -16.00 -46.40
N VAL A 234 101.22 -15.28 -45.97
CA VAL A 234 100.20 -15.81 -45.07
C VAL A 234 98.86 -15.78 -45.78
N ASP A 235 98.10 -16.86 -45.64
CA ASP A 235 96.86 -17.04 -46.38
C ASP A 235 95.66 -16.65 -45.52
N TYR A 236 94.77 -15.85 -46.08
CA TYR A 236 93.55 -15.39 -45.42
C TYR A 236 92.36 -15.89 -46.23
N THR A 237 91.30 -16.31 -45.55
CA THR A 237 90.09 -16.79 -46.20
C THR A 237 88.95 -15.83 -45.95
N TYR A 238 88.31 -15.35 -47.02
CA TYR A 238 87.21 -14.42 -46.91
C TYR A 238 85.98 -15.12 -46.33
N ASN A 239 85.28 -14.42 -45.44
CA ASN A 239 84.01 -14.88 -44.88
C ASN A 239 82.97 -13.82 -45.15
N ALA A 240 81.97 -14.16 -45.96
CA ALA A 240 80.90 -13.23 -46.30
C ALA A 240 79.86 -13.13 -45.19
N LYS A 241 79.67 -14.19 -44.40
CA LYS A 241 78.71 -14.15 -43.31
C LYS A 241 79.09 -13.09 -42.29
N SER A 242 80.37 -13.03 -41.92
CA SER A 242 80.87 -11.97 -41.07
C SER A 242 81.67 -10.92 -41.84
N GLY A 243 82.00 -11.18 -43.10
CA GLY A 243 82.69 -10.21 -43.93
C GLY A 243 84.08 -9.87 -43.43
N ASP A 244 84.90 -10.88 -43.16
CA ASP A 244 86.24 -10.66 -42.64
C ASP A 244 87.12 -11.85 -42.98
N PHE A 245 88.42 -11.70 -42.81
CA PHE A 245 89.34 -12.77 -43.17
C PHE A 245 89.65 -13.63 -41.95
N THR A 246 89.49 -14.93 -42.10
CA THR A 246 89.89 -15.90 -41.10
C THR A 246 91.25 -16.48 -41.46
N THR A 247 92.07 -16.71 -40.44
CA THR A 247 93.44 -17.18 -40.62
C THR A 247 93.68 -18.35 -39.68
N THR A 248 94.63 -19.20 -40.06
CA THR A 248 95.10 -20.28 -39.18
C THR A 248 96.55 -19.97 -38.82
N LYS A 249 96.79 -19.69 -37.54
CA LYS A 249 98.13 -19.31 -37.07
C LYS A 249 98.68 -20.39 -36.16
N SER A 250 99.83 -20.93 -36.52
CA SER A 250 100.58 -21.80 -35.63
C SER A 250 101.35 -20.96 -34.61
N THR A 251 101.73 -21.60 -33.51
CA THR A 251 102.49 -20.91 -32.48
C THR A 251 103.81 -20.37 -33.02
N ALA A 252 104.71 -21.25 -33.38
CA ALA A 252 106.06 -20.87 -33.84
C ALA A 252 106.74 -22.12 -34.36
N GLY A 253 108.03 -22.01 -34.63
CA GLY A 253 108.84 -23.11 -35.09
C GLY A 253 109.34 -22.94 -36.50
N THR A 254 110.59 -22.53 -36.64
CA THR A 254 111.24 -22.35 -37.93
C THR A 254 112.54 -23.13 -38.07
N GLY A 255 113.31 -23.26 -36.98
CA GLY A 255 114.51 -24.04 -37.03
C GLY A 255 114.22 -25.52 -37.20
N VAL A 256 115.22 -26.24 -37.75
CA VAL A 256 115.05 -27.66 -38.05
C VAL A 256 115.62 -28.56 -36.96
N ASP A 257 116.34 -28.01 -35.98
CA ASP A 257 116.94 -28.80 -34.91
C ASP A 257 116.54 -28.22 -33.56
N ALA A 258 116.86 -28.97 -32.51
CA ALA A 258 116.52 -28.55 -31.16
C ALA A 258 117.24 -27.24 -30.79
N ALA A 259 118.51 -27.12 -31.14
CA ALA A 259 119.29 -25.92 -30.85
C ALA A 259 119.06 -24.89 -31.97
N ALA A 260 117.86 -24.33 -31.96
CA ALA A 260 117.46 -23.35 -32.96
C ALA A 260 116.51 -22.34 -32.33
N GLN A 261 116.09 -21.36 -33.12
CA GLN A 261 115.16 -20.34 -32.66
C GLN A 261 113.74 -20.86 -32.51
N ALA A 262 113.47 -22.10 -32.95
CA ALA A 262 112.12 -22.64 -32.80
C ALA A 262 111.69 -22.67 -31.35
N ALA A 263 112.60 -23.09 -30.45
CA ALA A 263 112.24 -23.22 -29.04
C ALA A 263 111.89 -21.87 -28.42
N ASP A 264 112.76 -20.87 -28.61
CA ASP A 264 112.52 -19.59 -27.95
C ASP A 264 111.35 -18.86 -28.60
N SER A 265 111.16 -19.02 -29.92
CA SER A 265 109.98 -18.45 -30.55
C SER A 265 108.70 -19.08 -30.02
N ALA A 266 108.70 -20.40 -29.84
CA ALA A 266 107.52 -21.07 -29.28
C ALA A 266 107.26 -20.58 -27.86
N SER A 267 108.30 -20.46 -27.05
CA SER A 267 108.11 -20.01 -25.67
C SER A 267 107.58 -18.59 -25.62
N LYS A 268 108.14 -17.70 -26.44
CA LYS A 268 107.68 -16.31 -26.41
C LYS A 268 106.28 -16.17 -26.97
N ARG A 269 105.91 -16.98 -27.96
CA ARG A 269 104.54 -16.94 -28.48
C ARG A 269 103.55 -17.47 -27.45
N ASP A 270 103.93 -18.53 -26.72
CA ASP A 270 103.08 -19.01 -25.64
C ASP A 270 102.90 -17.95 -24.57
N ALA A 271 103.99 -17.26 -24.21
CA ALA A 271 103.91 -16.19 -23.23
C ALA A 271 103.03 -15.05 -23.72
N LEU A 272 103.14 -14.70 -25.00
CA LEU A 272 102.32 -13.64 -25.57
C LEU A 272 100.84 -14.01 -25.54
N ALA A 273 100.52 -15.26 -25.90
CA ALA A 273 99.13 -15.71 -25.83
C ALA A 273 98.60 -15.68 -24.41
N ALA A 274 99.42 -16.12 -23.45
CA ALA A 274 99.00 -16.11 -22.06
C ALA A 274 98.75 -14.68 -21.57
N THR A 275 99.63 -13.75 -21.95
CA THR A 275 99.43 -12.35 -21.57
C THR A 275 98.18 -11.77 -22.22
N LEU A 276 97.93 -12.12 -23.49
CA LEU A 276 96.69 -11.66 -24.12
C LEU A 276 95.47 -12.24 -23.44
N HIS A 277 95.61 -13.41 -22.82
CA HIS A 277 94.52 -14.03 -22.08
C HIS A 277 94.33 -13.46 -20.68
N ALA A 278 94.87 -12.28 -20.40
CA ALA A 278 94.76 -11.71 -19.06
C ALA A 278 93.29 -11.47 -18.68
N ASP A 279 92.61 -10.58 -19.40
CA ASP A 279 91.22 -10.23 -19.13
C ASP A 279 91.01 -9.90 -17.65
N VAL A 280 91.70 -8.85 -17.21
CA VAL A 280 91.71 -8.50 -15.79
C VAL A 280 90.33 -8.02 -15.34
N GLY A 281 89.63 -7.25 -16.19
CA GLY A 281 88.39 -6.64 -15.78
C GLY A 281 87.31 -7.65 -15.42
N LYS A 282 87.12 -8.66 -16.27
CA LYS A 282 86.04 -9.63 -16.09
C LYS A 282 86.56 -11.04 -16.32
N SER A 283 85.89 -11.99 -15.69
CA SER A 283 86.26 -13.40 -15.80
C SER A 283 85.65 -14.02 -17.06
N VAL A 284 86.28 -15.10 -17.52
CA VAL A 284 85.81 -15.83 -18.69
C VAL A 284 85.87 -17.33 -18.43
N ASN A 285 84.95 -18.05 -19.05
CA ASN A 285 84.82 -19.49 -18.89
C ASN A 285 85.22 -20.22 -20.17
N GLY A 286 85.86 -21.37 -20.00
CA GLY A 286 86.26 -22.22 -21.11
C GLY A 286 86.35 -23.68 -20.69
N SER A 287 86.96 -24.51 -21.54
CA SER A 287 87.09 -25.93 -21.25
C SER A 287 88.41 -26.45 -21.79
N TYR A 288 89.04 -27.32 -21.01
CA TYR A 288 90.31 -27.94 -21.36
C TYR A 288 90.09 -29.43 -21.54
N THR A 289 90.42 -29.97 -22.72
CA THR A 289 90.13 -31.35 -23.05
C THR A 289 91.43 -32.05 -23.40
N THR A 290 91.66 -33.20 -22.76
CA THR A 290 92.80 -34.06 -23.09
C THR A 290 92.37 -35.04 -24.17
N LYS A 291 93.18 -36.08 -24.40
CA LYS A 291 92.88 -37.04 -25.44
C LYS A 291 91.55 -37.75 -25.19
N ASP A 292 91.28 -38.09 -23.93
CA ASP A 292 90.07 -38.84 -23.58
C ASP A 292 89.25 -38.21 -22.47
N GLY A 293 89.61 -37.02 -21.99
CA GLY A 293 88.87 -36.40 -20.90
C GLY A 293 88.74 -34.91 -21.09
N THR A 294 87.74 -34.34 -20.42
CA THR A 294 87.42 -32.92 -20.51
C THR A 294 87.18 -32.39 -19.12
N VAL A 295 87.51 -31.10 -18.92
CA VAL A 295 87.33 -30.44 -17.64
C VAL A 295 86.91 -28.99 -17.89
N SER A 296 86.04 -28.48 -17.03
CA SER A 296 85.63 -27.09 -17.07
C SER A 296 86.79 -26.18 -16.71
N PHE A 297 86.59 -24.88 -16.94
CA PHE A 297 87.63 -23.89 -16.68
C PHE A 297 86.96 -22.54 -16.49
N GLU A 298 87.32 -21.82 -15.42
CA GLU A 298 86.79 -20.48 -15.18
C GLU A 298 87.93 -19.61 -14.65
N THR A 299 88.49 -18.76 -15.50
CA THR A 299 89.58 -17.90 -15.10
C THR A 299 89.08 -16.49 -14.88
N ASP A 300 89.70 -15.78 -13.93
CA ASP A 300 89.30 -14.42 -13.57
C ASP A 300 90.24 -13.38 -14.17
N SER A 301 91.53 -13.46 -13.85
CA SER A 301 92.49 -12.48 -14.30
C SER A 301 93.89 -13.08 -14.23
N ALA A 302 94.78 -12.55 -15.06
CA ALA A 302 96.18 -12.97 -15.12
C ALA A 302 96.31 -14.47 -15.40
N GLY A 303 95.30 -15.05 -16.04
CA GLY A 303 95.33 -16.48 -16.32
C GLY A 303 95.35 -17.36 -15.09
N ASN A 304 94.55 -17.01 -14.08
CA ASN A 304 94.47 -17.79 -12.85
C ASN A 304 93.40 -18.86 -13.02
N ILE A 305 93.77 -20.11 -12.78
CA ILE A 305 92.89 -21.26 -12.99
C ILE A 305 92.04 -21.45 -11.74
N THR A 306 90.72 -21.39 -11.92
CA THR A 306 89.77 -21.62 -10.83
C THR A 306 88.70 -22.60 -11.30
N ILE A 307 88.53 -23.70 -10.57
CA ILE A 307 87.55 -24.72 -10.90
C ILE A 307 86.58 -24.82 -9.73
N GLY A 308 85.33 -24.45 -9.96
CA GLY A 308 84.31 -24.54 -8.93
C GLY A 308 84.60 -23.71 -7.71
N GLY A 309 85.22 -22.54 -7.87
CA GLY A 309 85.55 -21.69 -6.77
C GLY A 309 86.81 -22.06 -6.02
N SER A 310 87.49 -23.14 -6.41
CA SER A 310 88.72 -23.58 -5.78
C SER A 310 89.82 -23.62 -6.83
N GLN A 311 90.98 -23.05 -6.49
CA GLN A 311 92.07 -22.96 -7.45
C GLN A 311 92.60 -24.34 -7.78
N ALA A 312 92.72 -24.65 -9.06
CA ALA A 312 93.27 -25.92 -9.53
C ALA A 312 94.73 -25.73 -9.89
N TYR A 313 95.37 -26.83 -10.28
CA TYR A 313 96.80 -26.85 -10.59
C TYR A 313 97.02 -27.75 -11.79
N VAL A 314 98.16 -27.55 -12.44
CA VAL A 314 98.52 -28.30 -13.64
C VAL A 314 99.69 -29.22 -13.31
N ASP A 315 99.63 -30.44 -13.82
CA ASP A 315 100.64 -31.46 -13.60
C ASP A 315 101.75 -31.35 -14.65
N ASP A 316 102.67 -32.32 -14.62
CA ASP A 316 103.75 -32.34 -15.60
C ASP A 316 103.21 -32.59 -17.01
N ALA A 317 102.25 -33.49 -17.15
CA ALA A 317 101.72 -33.88 -18.44
C ALA A 317 100.50 -33.07 -18.87
N GLY A 318 100.31 -31.89 -18.30
CA GLY A 318 99.19 -31.04 -18.66
C GLY A 318 97.89 -31.39 -17.98
N ASN A 319 97.87 -32.41 -17.13
CA ASN A 319 96.66 -32.78 -16.40
C ASN A 319 96.22 -31.66 -15.48
N LEU A 320 94.91 -31.49 -15.35
CA LEU A 320 94.35 -30.49 -14.44
C LEU A 320 93.78 -31.19 -13.21
N THR A 321 94.29 -30.84 -12.04
CA THR A 321 93.86 -31.46 -10.80
C THR A 321 93.63 -30.39 -9.74
N THR A 322 92.58 -30.57 -8.94
CA THR A 322 92.32 -29.64 -7.85
C THR A 322 93.31 -29.82 -6.71
N ASN A 323 93.95 -30.98 -6.61
CA ASN A 323 94.89 -31.29 -5.55
C ASN A 323 96.32 -31.10 -6.02
N ASN A 324 97.26 -31.22 -5.09
CA ASN A 324 98.68 -31.10 -5.38
C ASN A 324 99.43 -32.31 -4.85
N ALA A 325 100.31 -32.87 -5.67
CA ALA A 325 101.20 -33.94 -5.27
C ALA A 325 102.63 -33.44 -5.39
N GLY A 326 103.35 -33.40 -4.26
CA GLY A 326 104.70 -32.91 -4.26
C GLY A 326 104.83 -31.43 -4.53
N SER A 327 103.83 -30.65 -4.16
CA SER A 327 103.83 -29.18 -4.33
C SER A 327 103.99 -28.79 -5.79
N ALA A 328 103.51 -29.63 -6.71
CA ALA A 328 103.57 -29.33 -8.14
C ALA A 328 102.32 -28.53 -8.54
N ALA A 329 102.23 -27.32 -7.98
CA ALA A 329 101.05 -26.50 -8.19
C ALA A 329 101.12 -25.73 -9.50
N LYS A 330 102.07 -24.80 -9.60
CA LYS A 330 102.28 -23.93 -10.77
C LYS A 330 100.95 -23.54 -11.43
N ALA A 331 100.05 -23.00 -10.63
CA ALA A 331 98.69 -22.68 -11.07
C ALA A 331 98.71 -21.34 -11.81
N ASP A 332 99.06 -21.41 -13.10
CA ASP A 332 99.09 -20.22 -13.94
C ASP A 332 98.84 -20.61 -15.39
N MET A 333 98.37 -19.64 -16.17
CA MET A 333 98.11 -19.87 -17.58
C MET A 333 99.40 -20.23 -18.33
N LYS A 334 100.48 -19.52 -18.04
CA LYS A 334 101.75 -19.80 -18.70
C LYS A 334 102.22 -21.22 -18.39
N ALA A 335 102.14 -21.63 -17.12
CA ALA A 335 102.55 -22.98 -16.75
C ALA A 335 101.65 -24.02 -17.39
N LEU A 336 100.35 -23.77 -17.43
CA LEU A 336 99.43 -24.72 -18.07
C LEU A 336 99.74 -24.87 -19.54
N LEU A 337 99.96 -23.75 -20.23
CA LEU A 337 100.27 -23.81 -21.66
C LEU A 337 101.59 -24.53 -21.92
N LYS A 338 102.60 -24.25 -21.09
CA LYS A 338 103.90 -24.91 -21.28
C LYS A 338 103.80 -26.40 -21.01
N ALA A 339 103.05 -26.79 -19.97
CA ALA A 339 102.87 -28.21 -19.69
C ALA A 339 102.11 -28.90 -20.81
N ALA A 340 101.09 -28.24 -21.37
CA ALA A 340 100.37 -28.82 -22.50
C ALA A 340 101.28 -28.96 -23.71
N SER A 341 102.12 -27.96 -23.98
CA SER A 341 103.03 -28.02 -25.11
C SER A 341 104.05 -29.14 -24.95
N GLU A 342 104.59 -29.31 -23.74
CA GLU A 342 105.58 -30.34 -23.49
C GLU A 342 104.96 -31.71 -23.20
N GLY A 343 103.64 -31.79 -23.11
CA GLY A 343 103.00 -33.06 -22.79
C GLY A 343 103.11 -34.05 -23.93
N SER A 344 103.04 -35.33 -23.57
CA SER A 344 103.13 -36.39 -24.57
C SER A 344 101.92 -36.37 -25.50
N ASP A 345 100.75 -36.02 -24.98
CA ASP A 345 99.52 -36.03 -25.75
C ASP A 345 99.01 -34.60 -25.93
N GLY A 346 98.45 -34.32 -27.10
CA GLY A 346 97.91 -33.00 -27.38
C GLY A 346 96.61 -32.75 -26.65
N ALA A 347 96.20 -31.48 -26.67
CA ALA A 347 95.01 -31.04 -25.95
C ALA A 347 94.21 -30.07 -26.82
N SER A 348 92.98 -29.78 -26.39
CA SER A 348 92.12 -28.83 -27.06
C SER A 348 91.51 -27.88 -26.04
N LEU A 349 91.56 -26.58 -26.33
CA LEU A 349 90.99 -25.57 -25.46
C LEU A 349 89.84 -24.89 -26.18
N THR A 350 88.67 -24.89 -25.54
CA THR A 350 87.46 -24.28 -26.07
C THR A 350 87.20 -23.01 -25.26
N PHE A 351 87.25 -21.86 -25.91
CA PHE A 351 87.16 -20.59 -25.21
C PHE A 351 86.00 -19.73 -25.67
N ASN A 352 85.93 -18.51 -25.15
CA ASN A 352 84.97 -17.54 -25.65
C ASN A 352 85.18 -17.28 -27.13
N GLY A 353 86.43 -17.20 -27.55
CA GLY A 353 86.75 -16.92 -28.94
C GLY A 353 86.94 -18.16 -29.78
N THR A 354 88.06 -18.24 -30.47
CA THR A 354 88.32 -19.37 -31.36
C THR A 354 88.81 -20.57 -30.57
N GLU A 355 88.87 -21.71 -31.26
CA GLU A 355 89.29 -22.98 -30.69
C GLU A 355 90.80 -23.13 -30.82
N TYR A 356 91.45 -23.48 -29.72
CA TYR A 356 92.90 -23.69 -29.73
C TYR A 356 93.17 -25.19 -29.68
N THR A 357 94.16 -25.65 -30.45
CA THR A 357 94.58 -27.04 -30.40
C THR A 357 96.08 -27.09 -30.16
N ILE A 358 96.49 -27.74 -29.09
CA ILE A 358 97.90 -27.97 -28.80
C ILE A 358 98.26 -29.34 -29.35
N ALA A 359 99.15 -29.35 -30.34
CA ALA A 359 99.50 -30.57 -31.04
C ALA A 359 100.41 -31.44 -30.16
N LYS A 360 100.45 -32.73 -30.50
CA LYS A 360 101.28 -33.70 -29.78
C LYS A 360 102.75 -33.32 -29.82
N GLY A 376 103.39 -26.79 -30.12
CA GLY A 376 102.71 -25.92 -31.06
C GLY A 376 101.22 -25.85 -30.84
N ILE A 377 100.65 -24.66 -31.04
CA ILE A 377 99.21 -24.43 -30.92
C ILE A 377 98.72 -23.90 -32.26
N THR A 378 97.71 -24.57 -32.82
CA THR A 378 97.04 -24.14 -34.03
C THR A 378 95.68 -23.54 -33.63
N TYR A 379 95.38 -22.36 -34.16
CA TYR A 379 94.14 -21.70 -33.83
C TYR A 379 93.72 -20.76 -34.95
N GLN A 380 92.42 -20.50 -35.01
CA GLN A 380 91.86 -19.54 -35.95
C GLN A 380 91.94 -18.13 -35.39
N ALA A 381 92.00 -17.16 -36.28
CA ALA A 381 92.04 -15.76 -35.90
C ALA A 381 91.27 -14.94 -36.93
N THR A 382 90.80 -13.77 -36.50
CA THR A 382 89.98 -12.90 -37.33
C THR A 382 90.72 -11.60 -37.60
N VAL A 383 90.77 -11.19 -38.86
CA VAL A 383 91.37 -9.92 -39.26
C VAL A 383 90.39 -9.17 -40.15
N SER A 384 90.42 -7.84 -40.06
CA SER A 384 89.50 -7.00 -40.81
C SER A 384 89.93 -6.89 -42.26
N LYS A 385 88.92 -6.86 -43.15
CA LYS A 385 89.19 -6.67 -44.56
C LYS A 385 89.87 -5.33 -44.81
N ASP A 386 89.46 -4.27 -44.11
CA ASP A 386 90.10 -2.98 -44.27
C ASP A 386 91.56 -3.05 -43.83
N VAL A 387 91.85 -3.75 -42.73
CA VAL A 387 93.22 -3.89 -42.29
C VAL A 387 94.06 -4.60 -43.35
N VAL A 388 93.57 -5.76 -43.80
CA VAL A 388 94.32 -6.55 -44.79
C VAL A 388 94.51 -5.74 -46.07
N LEU A 389 93.51 -4.94 -46.44
CA LEU A 389 93.65 -4.03 -47.57
C LEU A 389 94.79 -3.06 -47.33
N SER A 390 94.90 -2.55 -46.09
CA SER A 390 95.97 -1.61 -45.80
C SER A 390 97.35 -2.26 -45.97
N GLU A 391 97.54 -3.49 -45.48
CA GLU A 391 98.84 -4.11 -45.71
C GLU A 391 99.06 -4.40 -47.20
N THR A 392 98.02 -4.80 -47.92
CA THR A 392 98.20 -5.13 -49.33
C THR A 392 98.61 -3.91 -50.14
N LYS A 393 98.00 -2.76 -49.87
CA LYS A 393 98.31 -1.54 -50.61
C LYS A 393 99.41 -0.70 -49.95
N ALA A 394 99.98 -1.17 -48.84
CA ALA A 394 100.98 -0.37 -48.12
C ALA A 394 102.24 -0.18 -48.96
N ALA A 395 102.79 -1.26 -49.50
CA ALA A 395 104.05 -1.20 -50.23
C ALA A 395 103.99 -2.18 -51.39
N ALA A 396 105.15 -2.43 -52.00
CA ALA A 396 105.25 -3.33 -53.15
C ALA A 396 105.17 -4.78 -52.68
N ALA A 397 103.98 -5.15 -52.21
CA ALA A 397 103.73 -6.50 -51.75
C ALA A 397 103.42 -7.42 -52.93
N THR A 398 103.53 -8.72 -52.66
CA THR A 398 103.24 -9.76 -53.66
C THR A 398 101.88 -10.39 -53.43
N SER A 399 100.90 -9.59 -53.01
CA SER A 399 99.58 -10.11 -52.69
C SER A 399 98.92 -10.70 -53.94
N SER A 400 98.21 -11.81 -53.74
CA SER A 400 97.47 -12.48 -54.80
C SER A 400 96.09 -12.86 -54.28
N ILE A 401 95.08 -12.73 -55.13
CA ILE A 401 93.70 -13.04 -54.78
C ILE A 401 93.19 -14.13 -55.70
N THR A 402 92.59 -15.17 -55.12
CA THR A 402 92.02 -16.26 -55.89
C THR A 402 90.51 -16.13 -55.87
N PHE A 403 89.93 -15.88 -57.04
CA PHE A 403 88.47 -15.83 -57.20
C PHE A 403 87.98 -17.23 -57.50
N ASN A 404 87.10 -17.75 -56.64
CA ASN A 404 86.60 -19.11 -56.74
C ASN A 404 85.09 -19.08 -56.74
N SER A 405 84.48 -19.69 -57.75
CA SER A 405 83.03 -19.84 -57.84
C SER A 405 82.54 -21.17 -57.31
N GLY A 406 83.44 -21.99 -56.75
CA GLY A 406 83.11 -23.33 -56.35
C GLY A 406 83.31 -24.37 -57.42
N VAL A 407 83.39 -23.94 -58.68
CA VAL A 407 83.67 -24.83 -59.81
C VAL A 407 84.84 -24.24 -60.58
N LEU A 408 84.74 -22.95 -60.88
CA LEU A 408 85.71 -22.23 -61.68
C LEU A 408 86.56 -21.36 -60.77
N SER A 409 87.89 -21.38 -60.98
CA SER A 409 88.80 -20.62 -60.14
C SER A 409 89.86 -19.95 -60.99
N LYS A 410 90.26 -18.75 -60.58
CA LYS A 410 91.37 -18.04 -61.20
C LYS A 410 92.15 -17.25 -60.16
N THR A 411 93.47 -17.30 -60.25
CA THR A 411 94.35 -16.59 -59.33
C THR A 411 94.95 -15.37 -60.03
N ILE A 412 94.85 -14.21 -59.40
CA ILE A 412 95.37 -12.96 -59.94
C ILE A 412 96.41 -12.43 -58.97
N GLY A 413 97.62 -12.21 -59.46
CA GLY A 413 98.68 -11.67 -58.63
C GLY A 413 99.02 -10.24 -58.99
N PHE A 414 98.68 -9.29 -58.12
CA PHE A 414 98.87 -7.88 -58.37
C PHE A 414 99.68 -7.24 -57.24
N THR A 415 100.58 -6.34 -57.60
CA THR A 415 101.48 -5.70 -56.66
C THR A 415 101.03 -4.27 -56.43
N ALA A 416 100.57 -3.99 -55.20
CA ALA A 416 100.17 -2.64 -54.79
C ALA A 416 99.17 -2.03 -55.77
N GLY A 417 98.10 -2.77 -56.04
CA GLY A 417 97.09 -2.29 -56.97
C GLY A 417 97.11 -3.00 -58.31
N GLU A 418 97.70 -2.35 -59.31
CA GLU A 418 97.68 -2.89 -60.67
C GLU A 418 98.39 -4.23 -60.74
N SER A 419 97.91 -5.08 -61.65
CA SER A 419 98.51 -6.40 -61.84
C SER A 419 99.83 -6.27 -62.58
N SER A 420 100.85 -6.98 -62.10
CA SER A 420 102.17 -7.01 -62.72
C SER A 420 102.55 -8.39 -63.23
N ASP A 421 101.63 -9.35 -63.19
CA ASP A 421 101.90 -10.72 -63.59
C ASP A 421 101.61 -10.99 -65.07
N ALA A 422 101.73 -9.97 -65.91
CA ALA A 422 101.45 -10.07 -67.35
C ALA A 422 100.02 -10.53 -67.61
N ALA A 423 99.11 -10.18 -66.70
CA ALA A 423 97.70 -10.54 -66.81
C ALA A 423 96.89 -9.30 -67.15
N LYS A 424 96.01 -9.42 -68.15
CA LYS A 424 95.18 -8.30 -68.58
C LYS A 424 93.86 -8.33 -67.80
N SER A 425 93.92 -7.79 -66.58
CA SER A 425 92.76 -7.65 -65.73
C SER A 425 92.33 -6.20 -65.72
N TYR A 426 91.06 -5.95 -66.05
CA TYR A 426 90.58 -4.58 -66.17
C TYR A 426 89.12 -4.51 -65.74
N VAL A 427 88.66 -3.30 -65.47
CA VAL A 427 87.33 -3.09 -64.88
C VAL A 427 86.49 -2.04 -65.60
N ASP A 428 87.06 -1.17 -66.44
CA ASP A 428 86.34 0.02 -66.90
C ASP A 428 85.11 -0.29 -67.74
N ASP A 429 85.02 -1.47 -68.35
CA ASP A 429 83.95 -1.75 -69.29
C ASP A 429 82.57 -1.61 -68.65
N LYS A 430 82.20 -2.55 -67.77
CA LYS A 430 80.95 -2.49 -67.04
C LYS A 430 81.15 -2.87 -65.58
N GLY A 431 82.37 -2.78 -65.08
CA GLY A 431 82.70 -3.39 -63.81
C GLY A 431 83.19 -4.81 -64.01
N GLY A 432 83.59 -5.43 -62.90
CA GLY A 432 84.07 -6.79 -63.01
C GLY A 432 85.44 -6.89 -63.64
N ILE A 433 85.76 -8.10 -64.10
CA ILE A 433 87.07 -8.42 -64.65
C ILE A 433 86.90 -8.72 -66.13
N THR A 434 87.81 -8.18 -66.95
CA THR A 434 87.81 -8.46 -68.38
C THR A 434 89.26 -8.58 -68.86
N ASN A 435 89.43 -9.28 -69.98
CA ASN A 435 90.74 -9.52 -70.55
C ASN A 435 91.06 -8.60 -71.72
N VAL A 436 90.24 -7.59 -71.97
CA VAL A 436 90.46 -6.68 -73.08
C VAL A 436 91.43 -5.59 -72.63
N ALA A 437 92.62 -5.56 -73.23
CA ALA A 437 93.61 -4.55 -72.88
C ALA A 437 93.22 -3.18 -73.43
N ASP A 438 92.81 -3.14 -74.70
CA ASP A 438 92.51 -1.89 -75.38
C ASP A 438 91.21 -2.02 -76.14
N TYR A 439 90.49 -0.91 -76.25
CA TYR A 439 89.19 -0.85 -76.92
C TYR A 439 89.29 0.14 -78.07
N THR A 440 89.43 -0.38 -79.29
CA THR A 440 89.57 0.46 -80.48
C THR A 440 88.60 0.00 -81.55
N VAL A 441 87.82 0.93 -82.09
CA VAL A 441 86.83 0.65 -83.12
C VAL A 441 86.94 1.73 -84.20
N SER A 442 86.69 1.35 -85.45
CA SER A 442 86.85 2.24 -86.59
C SER A 442 85.49 2.71 -87.08
N TYR A 443 85.37 4.00 -87.32
CA TYR A 443 84.15 4.61 -87.84
C TYR A 443 84.42 5.22 -89.19
N SER A 444 83.56 4.93 -90.15
CA SER A 444 83.65 5.50 -91.49
C SER A 444 82.56 6.55 -91.66
N VAL A 445 82.96 7.71 -92.17
CA VAL A 445 82.05 8.84 -92.35
C VAL A 445 81.77 8.97 -93.85
N ASN A 446 80.49 8.94 -94.21
CA ASN A 446 80.11 9.10 -95.60
C ASN A 446 80.27 10.56 -96.01
N LYS A 447 80.98 10.80 -97.12
CA LYS A 447 81.23 12.18 -97.53
C LYS A 447 79.96 12.88 -98.01
N ASP A 448 79.07 12.15 -98.69
CA ASP A 448 77.85 12.76 -99.20
C ASP A 448 76.78 12.84 -98.11
N ASN A 449 76.38 11.69 -97.57
CA ASN A 449 75.30 11.66 -96.58
C ASN A 449 75.73 12.37 -95.30
N GLY A 450 76.96 12.16 -94.85
CA GLY A 450 77.40 12.65 -93.58
C GLY A 450 77.21 11.68 -92.42
N SER A 451 76.60 10.53 -92.66
CA SER A 451 76.35 9.56 -91.61
C SER A 451 77.63 8.84 -91.22
N VAL A 452 77.62 8.29 -90.02
CA VAL A 452 78.77 7.58 -89.45
C VAL A 452 78.37 6.12 -89.26
N THR A 453 79.21 5.20 -89.76
CA THR A 453 78.94 3.77 -89.66
C THR A 453 80.15 3.07 -89.04
N VAL A 454 79.89 1.94 -88.41
CA VAL A 454 80.96 1.12 -87.84
C VAL A 454 81.58 0.27 -88.94
N ALA A 455 82.90 0.35 -89.08
CA ALA A 455 83.62 -0.38 -90.12
C ALA A 455 84.63 -1.34 -89.53
N GLY A 456 84.22 -2.06 -88.48
CA GLY A 456 85.09 -3.02 -87.82
C GLY A 456 85.84 -2.43 -86.66
N TYR A 457 86.67 -3.26 -86.03
CA TYR A 457 87.46 -2.81 -84.89
C TYR A 457 88.68 -3.70 -84.76
N ALA A 458 89.68 -3.19 -84.04
CA ALA A 458 90.90 -3.91 -83.76
C ALA A 458 91.22 -3.79 -82.27
N SER A 459 91.70 -4.88 -81.69
CA SER A 459 92.04 -4.92 -80.29
C SER A 459 93.42 -5.55 -80.11
N ALA A 460 94.14 -5.10 -79.09
CA ALA A 460 95.46 -5.65 -78.81
C ALA A 460 95.38 -7.13 -78.47
N THR A 461 94.43 -7.49 -77.62
CA THR A 461 94.21 -8.90 -77.29
C THR A 461 93.24 -9.52 -78.30
N ASP A 462 92.94 -10.81 -78.11
CA ASP A 462 92.04 -11.50 -79.02
C ASP A 462 90.62 -10.96 -78.90
N THR A 463 90.14 -10.79 -77.66
CA THR A 463 88.82 -10.24 -77.34
C THR A 463 87.72 -11.25 -77.71
N ASN A 464 88.10 -12.31 -78.41
CA ASN A 464 87.17 -13.38 -78.81
C ASN A 464 85.91 -12.83 -79.47
N LYS A 465 86.01 -11.63 -80.03
CA LYS A 465 84.87 -10.93 -80.63
C LYS A 465 83.72 -10.79 -79.64
N ASP A 466 84.05 -10.64 -78.35
CA ASP A 466 83.01 -10.49 -77.34
C ASP A 466 82.39 -9.10 -77.38
N TYR A 467 83.21 -8.06 -77.56
CA TYR A 467 82.74 -6.69 -77.68
C TYR A 467 82.52 -6.28 -79.13
N ALA A 468 82.23 -7.22 -80.00
CA ALA A 468 82.12 -6.94 -81.43
C ALA A 468 80.82 -6.20 -81.73
N PRO A 469 80.87 -5.01 -82.32
CA PRO A 469 79.64 -4.37 -82.80
C PRO A 469 79.38 -4.73 -84.26
N ALA A 470 78.11 -4.60 -84.64
CA ALA A 470 77.72 -4.91 -86.01
C ALA A 470 78.35 -3.90 -86.98
N ILE A 471 78.90 -4.41 -88.08
CA ILE A 471 79.54 -3.56 -89.07
C ILE A 471 78.48 -2.98 -90.00
N GLY A 472 78.61 -1.69 -90.29
CA GLY A 472 77.67 -0.99 -91.14
C GLY A 472 76.46 -0.44 -90.44
N THR A 473 76.38 -0.55 -89.11
CA THR A 473 75.26 -0.01 -88.37
C THR A 473 75.47 1.47 -88.12
N ALA A 474 74.41 2.26 -88.30
CA ALA A 474 74.50 3.70 -88.10
C ALA A 474 74.87 4.02 -86.65
N VAL A 475 75.71 5.03 -86.49
CA VAL A 475 76.18 5.44 -85.18
C VAL A 475 75.28 6.54 -84.65
N ASN A 476 74.82 6.39 -83.41
CA ASN A 476 73.89 7.32 -82.79
C ASN A 476 74.52 7.95 -81.56
N VAL A 477 74.06 9.15 -81.22
CA VAL A 477 74.54 9.88 -80.05
C VAL A 477 73.52 9.70 -78.92
N ASN A 478 74.00 9.21 -77.78
CA ASN A 478 73.13 9.00 -76.63
C ASN A 478 72.62 10.34 -76.10
N SER A 479 71.62 10.26 -75.22
CA SER A 479 71.08 11.46 -74.60
C SER A 479 72.16 12.17 -73.78
N ALA A 480 72.98 11.41 -73.05
CA ALA A 480 74.09 12.00 -72.32
C ALA A 480 75.18 12.52 -73.23
N GLY A 481 75.22 12.08 -74.49
CA GLY A 481 76.21 12.53 -75.44
C GLY A 481 77.23 11.50 -75.85
N LYS A 482 77.09 10.25 -75.43
CA LYS A 482 78.05 9.21 -75.76
C LYS A 482 77.76 8.65 -77.15
N ILE A 483 78.55 7.67 -77.56
CA ILE A 483 78.38 6.98 -78.83
C ILE A 483 77.72 5.64 -78.56
N THR A 484 76.59 5.39 -79.22
CA THR A 484 75.81 4.19 -78.96
C THR A 484 75.06 3.81 -80.23
N THR A 485 75.01 2.50 -80.51
CA THR A 485 74.30 2.01 -81.69
C THR A 485 72.80 1.85 -81.46
N GLU A 486 72.33 1.95 -80.23
CA GLU A 486 70.91 1.80 -79.96
C GLU A 486 70.13 2.99 -80.52
N THR A 487 69.02 2.71 -81.19
CA THR A 487 68.25 3.76 -81.82
C THR A 487 67.51 4.60 -80.78
N THR A 488 66.89 3.96 -79.81
CA THR A 488 66.02 4.64 -78.85
C THR A 488 66.62 4.54 -77.45
N SER A 489 66.53 5.64 -76.71
CA SER A 489 66.95 5.70 -75.32
C SER A 489 65.77 6.11 -74.45
N ALA A 490 65.64 5.46 -73.29
CA ALA A 490 64.52 5.73 -72.41
C ALA A 490 64.56 7.16 -71.90
N GLY A 491 63.38 7.71 -71.61
CA GLY A 491 63.25 9.07 -71.15
C GLY A 491 62.58 9.13 -69.79
N SER A 492 61.91 10.25 -69.55
CA SER A 492 61.27 10.51 -68.27
C SER A 492 59.99 11.29 -68.51
N ALA A 493 59.25 11.53 -67.43
CA ALA A 493 57.99 12.24 -67.52
C ALA A 493 58.21 13.68 -67.99
N THR A 494 57.32 14.14 -68.86
CA THR A 494 57.43 15.51 -69.35
C THR A 494 57.22 16.50 -68.20
N THR A 495 58.07 17.53 -68.18
CA THR A 495 58.02 18.49 -67.08
C THR A 495 56.75 19.34 -67.13
N ASN A 496 56.35 19.78 -68.31
CA ASN A 496 55.24 20.70 -68.46
C ASN A 496 54.28 20.19 -69.54
N PRO A 497 53.39 19.27 -69.19
CA PRO A 497 52.52 18.68 -70.22
C PRO A 497 51.45 19.63 -70.72
N LEU A 498 50.83 20.38 -69.80
CA LEU A 498 49.70 21.20 -70.17
C LEU A 498 50.12 22.36 -71.07
N ALA A 499 51.31 22.90 -70.85
CA ALA A 499 51.79 23.97 -71.73
C ALA A 499 51.98 23.46 -73.16
N ALA A 500 52.57 22.28 -73.31
CA ALA A 500 52.76 21.71 -74.64
C ALA A 500 51.42 21.42 -75.30
N LEU A 501 50.46 20.89 -74.53
CA LEU A 501 49.14 20.63 -75.10
C LEU A 501 48.47 21.92 -75.54
N ASP A 502 48.60 22.99 -74.75
CA ASP A 502 48.04 24.28 -75.13
C ASP A 502 48.69 24.80 -76.40
N ASP A 503 50.02 24.65 -76.53
CA ASP A 503 50.69 25.09 -77.73
C ASP A 503 50.19 24.33 -78.96
N ALA A 504 50.03 23.01 -78.82
CA ALA A 504 49.51 22.22 -79.94
C ALA A 504 48.10 22.66 -80.33
N ILE A 505 47.24 22.87 -79.33
CA ILE A 505 45.87 23.31 -79.61
C ILE A 505 45.88 24.67 -80.30
N SER A 506 46.76 25.58 -79.85
CA SER A 506 46.85 26.89 -80.46
C SER A 506 47.30 26.79 -81.92
N SER A 507 48.26 25.92 -82.20
CA SER A 507 48.67 25.73 -83.60
C SER A 507 47.52 25.22 -84.45
N ILE A 508 46.75 24.26 -83.92
CA ILE A 508 45.60 23.74 -84.65
C ILE A 508 44.60 24.87 -84.93
N ASP A 509 44.33 25.70 -83.92
CA ASP A 509 43.36 26.77 -84.09
C ASP A 509 43.84 27.80 -85.10
N LYS A 510 45.14 28.11 -85.10
CA LYS A 510 45.66 29.05 -86.09
C LYS A 510 45.50 28.51 -87.50
N PHE A 511 45.81 27.23 -87.69
CA PHE A 511 45.60 26.63 -89.01
C PHE A 511 44.15 26.71 -89.43
N ARG A 512 43.23 26.38 -88.51
CA ARG A 512 41.81 26.41 -88.84
C ARG A 512 41.36 27.82 -89.19
N SER A 513 41.84 28.82 -88.46
CA SER A 513 41.46 30.20 -88.75
C SER A 513 41.94 30.63 -90.12
N SER A 514 43.20 30.32 -90.46
CA SER A 514 43.71 30.67 -91.78
C SER A 514 42.89 29.99 -92.87
N LEU A 515 42.55 28.72 -92.66
CA LEU A 515 41.77 27.99 -93.65
C LEU A 515 40.39 28.63 -93.84
N GLY A 516 39.74 29.02 -92.74
CA GLY A 516 38.45 29.66 -92.86
C GLY A 516 38.51 31.00 -93.58
N ALA A 517 39.56 31.77 -93.30
CA ALA A 517 39.71 33.05 -94.02
C ALA A 517 39.88 32.81 -95.52
N ILE A 518 40.68 31.81 -95.89
CA ILE A 518 40.84 31.50 -97.31
C ILE A 518 39.51 31.10 -97.92
N GLN A 519 38.72 30.30 -97.20
CA GLN A 519 37.42 29.89 -97.72
C GLN A 519 36.51 31.08 -97.94
N ASN A 520 36.48 32.02 -96.99
CA ASN A 520 35.62 33.19 -97.16
C ASN A 520 36.02 34.02 -98.36
N ARG A 521 37.33 34.27 -98.53
CA ARG A 521 37.75 35.06 -99.68
C ARG A 521 37.47 34.31 -100.99
N LEU A 522 37.55 32.98 -100.98
CA LEU A 522 37.24 32.22 -102.18
C LEU A 522 35.77 32.33 -102.54
N ASP A 523 34.89 32.30 -101.52
CA ASP A 523 33.47 32.46 -101.78
C ASP A 523 33.17 33.84 -102.37
N SER A 524 33.81 34.88 -101.81
CA SER A 524 33.62 36.22 -102.35
C SER A 524 34.10 36.28 -103.80
N ALA A 525 35.21 35.60 -104.10
CA ALA A 525 35.69 35.55 -105.49
C ALA A 525 34.66 34.88 -106.39
N VAL A 526 34.02 33.82 -105.92
CA VAL A 526 32.99 33.15 -106.72
C VAL A 526 31.86 34.11 -107.04
N THR A 527 31.40 34.85 -106.02
CA THR A 527 30.30 35.79 -106.24
C THR A 527 30.68 36.87 -107.27
N ASN A 528 31.87 37.43 -107.13
CA ASN A 528 32.31 38.45 -108.07
C ASN A 528 32.42 37.90 -109.49
N LEU A 529 32.92 36.67 -109.62
CA LEU A 529 33.03 36.06 -110.94
C LEU A 529 31.67 35.87 -111.57
N ASN A 530 30.69 35.44 -110.79
CA ASN A 530 29.34 35.27 -111.33
C ASN A 530 28.77 36.61 -111.82
N ASN A 531 28.95 37.66 -111.02
CA ASN A 531 28.44 38.97 -111.42
C ASN A 531 29.12 39.45 -112.71
N THR A 532 30.43 39.30 -112.79
CA THR A 532 31.15 39.74 -113.98
C THR A 532 30.74 38.94 -115.20
N THR A 533 30.54 37.63 -115.03
CA THR A 533 30.10 36.80 -116.15
C THR A 533 28.73 37.26 -116.66
N THR A 534 27.80 37.55 -115.75
CA THR A 534 26.48 38.01 -116.17
C THR A 534 26.59 39.32 -116.94
N ASN A 535 27.38 40.27 -116.42
CA ASN A 535 27.48 41.57 -117.07
C ASN A 535 28.13 41.45 -118.45
N LEU A 536 29.19 40.64 -118.57
CA LEU A 536 29.85 40.48 -119.85
C LEU A 536 28.96 39.78 -120.86
N SER A 537 28.18 38.79 -120.41
CA SER A 537 27.25 38.14 -121.32
C SER A 537 26.21 39.13 -121.81
N GLU A 538 25.72 40.00 -120.93
CA GLU A 538 24.77 41.02 -121.35
C GLU A 538 25.40 41.96 -122.37
N ALA A 539 26.66 42.36 -122.17
CA ALA A 539 27.32 43.25 -123.12
C ALA A 539 27.49 42.58 -124.48
N GLN A 540 27.87 41.30 -124.48
CA GLN A 540 27.97 40.57 -125.74
C GLN A 540 26.62 40.52 -126.43
N SER A 541 25.55 40.33 -125.67
CA SER A 541 24.21 40.35 -126.24
C SER A 541 23.90 41.72 -126.85
N ARG A 542 24.36 42.79 -126.19
CA ARG A 542 24.21 44.13 -126.75
C ARG A 542 24.85 44.22 -128.12
N ILE A 543 26.08 43.72 -128.24
CA ILE A 543 26.81 43.84 -129.50
C ILE A 543 26.18 42.98 -130.59
N GLN A 544 25.91 41.71 -130.27
CA GLN A 544 25.39 40.74 -131.22
C GLN A 544 23.86 40.72 -131.17
N ASP A 545 23.25 39.62 -131.63
CA ASP A 545 21.83 39.36 -131.40
C ASP A 545 20.89 40.33 -132.09
N ALA A 546 20.83 40.25 -133.42
CA ALA A 546 19.94 41.08 -134.22
C ALA A 546 18.51 41.07 -133.68
N ASP A 547 17.78 42.16 -133.96
CA ASP A 547 16.41 42.32 -133.49
C ASP A 547 15.42 41.73 -134.49
N TYR A 548 14.71 40.69 -134.05
CA TYR A 548 13.79 40.02 -134.97
C TYR A 548 12.71 40.96 -135.49
N ALA A 549 12.29 41.95 -134.70
CA ALA A 549 11.37 42.94 -135.25
C ALA A 549 11.98 43.62 -136.47
N THR A 550 13.24 44.04 -136.35
CA THR A 550 13.89 44.78 -137.44
C THR A 550 14.05 43.92 -138.68
N GLU A 551 14.62 42.71 -138.53
CA GLU A 551 14.78 41.89 -139.74
C GLU A 551 13.47 41.32 -140.28
N VAL A 552 12.44 41.13 -139.44
CA VAL A 552 11.14 40.75 -139.98
C VAL A 552 10.61 41.85 -140.88
N SER A 553 10.64 43.10 -140.41
CA SER A 553 10.20 44.19 -141.26
C SER A 553 11.05 44.28 -142.53
N ASN A 554 12.37 44.10 -142.37
CA ASN A 554 13.28 44.22 -143.50
C ASN A 554 12.97 43.18 -144.56
N MET A 555 12.81 41.92 -144.16
CA MET A 555 12.55 40.88 -145.15
C MET A 555 11.17 41.06 -145.77
N SER A 556 10.18 41.53 -145.00
CA SER A 556 8.86 41.72 -145.57
C SER A 556 8.90 42.77 -146.67
N LYS A 557 9.51 43.92 -146.38
CA LYS A 557 9.59 44.95 -147.41
C LYS A 557 10.48 44.51 -148.56
N ALA A 558 11.51 43.69 -148.28
CA ALA A 558 12.35 43.18 -149.37
C ALA A 558 11.57 42.27 -150.29
N GLN A 559 10.76 41.37 -149.72
CA GLN A 559 9.95 40.48 -150.54
C GLN A 559 8.96 41.25 -151.39
N ILE A 560 8.32 42.27 -150.81
CA ILE A 560 7.38 43.05 -151.60
C ILE A 560 8.09 43.82 -152.70
N ILE A 561 9.27 44.38 -152.41
CA ILE A 561 10.00 45.08 -153.46
C ILE A 561 10.41 44.12 -154.56
N GLN A 562 10.74 42.88 -154.19
CA GLN A 562 11.13 41.89 -155.19
C GLN A 562 9.94 41.51 -156.07
N GLN A 563 8.77 41.29 -155.47
CA GLN A 563 7.60 40.94 -156.27
C GLN A 563 7.21 42.10 -157.19
N ALA A 564 7.29 43.33 -156.67
CA ALA A 564 7.03 44.49 -157.52
C ALA A 564 8.01 44.57 -158.67
N GLY A 565 9.28 44.31 -158.38
CA GLY A 565 10.28 44.32 -159.44
C GLY A 565 10.02 43.26 -160.48
N ASN A 566 9.60 42.07 -160.06
CA ASN A 566 9.30 41.00 -161.01
C ASN A 566 8.12 41.37 -161.89
N SER A 567 7.06 41.92 -161.30
CA SER A 567 5.90 42.32 -162.10
C SER A 567 6.25 43.42 -163.08
N VAL A 568 6.99 44.43 -162.63
CA VAL A 568 7.40 45.51 -163.52
C VAL A 568 8.34 44.98 -164.60
N LEU A 569 9.18 44.00 -164.25
CA LEU A 569 10.05 43.37 -165.23
C LEU A 569 9.25 42.65 -166.30
N ALA A 570 8.17 41.99 -165.88
CA ALA A 570 7.29 41.35 -166.87
C ALA A 570 6.67 42.40 -167.77
N LYS A 571 6.24 43.52 -167.20
CA LYS A 571 5.63 44.58 -168.01
C LYS A 571 6.64 45.18 -168.99
N ALA A 572 7.89 45.36 -168.56
CA ALA A 572 8.91 45.92 -169.44
C ALA A 572 9.35 44.91 -170.49
N ASN A 573 9.52 43.64 -170.10
CA ASN A 573 9.80 42.55 -171.02
C ASN A 573 8.66 42.30 -171.97
N GLN A 574 7.48 42.87 -171.70
CA GLN A 574 6.46 42.95 -172.73
C GLN A 574 7.00 43.93 -173.75
N VAL A 575 8.02 43.49 -174.49
CA VAL A 575 8.82 44.31 -175.38
C VAL A 575 7.90 44.85 -176.46
N PRO A 576 8.27 45.90 -177.16
CA PRO A 576 7.39 46.42 -178.22
C PRO A 576 7.05 45.34 -179.25
N GLN A 577 5.79 44.93 -179.28
CA GLN A 577 5.23 44.30 -180.47
C GLN A 577 4.50 45.32 -181.33
N GLN A 578 4.46 46.58 -180.90
CA GLN A 578 3.98 47.64 -181.77
C GLN A 578 4.85 47.76 -183.02
N VAL A 579 6.12 47.36 -182.94
CA VAL A 579 6.93 47.28 -184.15
C VAL A 579 6.36 46.22 -185.09
N LEU A 580 5.96 45.07 -184.54
CA LEU A 580 5.32 44.05 -185.36
C LEU A 580 4.03 44.59 -185.97
N SER A 581 3.26 45.34 -185.18
CA SER A 581 2.02 45.94 -185.67
C SER A 581 2.30 46.90 -186.81
N LEU A 582 3.36 47.70 -186.70
CA LEU A 582 3.72 48.62 -187.78
C LEU A 582 4.21 47.87 -189.01
N LEU A 583 4.80 46.68 -188.82
CA LEU A 583 5.48 46.01 -189.92
C LEU A 583 4.53 45.66 -191.06
N GLN A 584 3.34 45.14 -190.74
CA GLN A 584 2.43 44.74 -191.81
C GLN A 584 1.67 45.92 -192.40
N GLY A 585 1.75 47.10 -191.78
CA GLY A 585 1.05 48.27 -192.28
C GLY A 585 1.64 48.83 -193.55
N MET B 1 -32.98 38.73 -167.83
CA MET B 1 -31.54 38.92 -167.70
C MET B 1 -30.91 39.21 -169.06
N ALA B 2 -31.04 38.26 -169.99
CA ALA B 2 -30.43 38.43 -171.30
C ALA B 2 -31.04 39.59 -172.07
N GLN B 3 -32.35 39.77 -171.95
CA GLN B 3 -33.03 40.78 -172.78
C GLN B 3 -32.98 42.18 -172.19
N VAL B 4 -32.59 42.34 -170.93
CA VAL B 4 -32.57 43.65 -170.27
C VAL B 4 -31.21 43.88 -169.65
N ILE B 5 -30.70 45.10 -169.80
CA ILE B 5 -29.45 45.51 -169.17
C ILE B 5 -29.61 46.69 -168.23
N ASN B 6 -30.79 47.31 -168.17
CA ASN B 6 -30.95 48.53 -167.39
C ASN B 6 -31.25 48.24 -165.92
N THR B 7 -31.92 47.14 -165.61
CA THR B 7 -32.31 46.81 -164.25
C THR B 7 -31.90 45.39 -163.93
N ASN B 8 -31.95 45.05 -162.63
CA ASN B 8 -31.61 43.71 -162.19
C ASN B 8 -32.57 43.33 -161.06
N SER B 9 -33.69 42.69 -161.44
CA SER B 9 -34.68 42.29 -160.45
C SER B 9 -34.10 41.28 -159.47
N LEU B 10 -33.20 40.41 -159.94
CA LEU B 10 -32.55 39.47 -159.04
C LEU B 10 -31.75 40.20 -157.98
N SER B 11 -30.99 41.22 -158.38
CA SER B 11 -30.22 42.01 -157.42
C SER B 11 -31.13 42.71 -156.43
N LEU B 12 -32.25 43.26 -156.91
CA LEU B 12 -33.16 43.96 -156.02
C LEU B 12 -33.76 43.01 -154.98
N ILE B 13 -34.18 41.82 -155.42
CA ILE B 13 -34.78 40.85 -154.50
C ILE B 13 -33.74 40.38 -153.48
N THR B 14 -32.51 40.13 -153.93
CA THR B 14 -31.47 39.72 -153.00
C THR B 14 -31.19 40.80 -151.98
N GLN B 15 -31.16 42.07 -152.40
CA GLN B 15 -30.94 43.16 -151.45
C GLN B 15 -32.05 43.23 -150.42
N ASN B 16 -33.30 43.05 -150.86
CA ASN B 16 -34.42 43.07 -149.93
C ASN B 16 -34.27 41.96 -148.89
N ASN B 17 -33.93 40.75 -149.35
CA ASN B 17 -33.76 39.64 -148.42
C ASN B 17 -32.62 39.89 -147.45
N ILE B 18 -31.54 40.49 -147.94
CA ILE B 18 -30.39 40.78 -147.08
C ILE B 18 -30.79 41.75 -145.97
N ASN B 19 -31.54 42.79 -146.33
CA ASN B 19 -31.99 43.74 -145.31
C ASN B 19 -32.91 43.08 -144.30
N LYS B 20 -33.82 42.23 -144.78
CA LYS B 20 -34.72 41.52 -143.87
C LYS B 20 -33.93 40.67 -142.88
N ASN B 21 -32.87 40.02 -143.35
CA ASN B 21 -31.99 39.31 -142.42
C ASN B 21 -31.31 40.28 -141.45
N GLN B 22 -30.84 41.41 -141.96
CA GLN B 22 -30.09 42.36 -141.15
C GLN B 22 -30.87 42.79 -139.92
N SER B 23 -32.18 42.97 -140.07
CA SER B 23 -33.00 43.34 -138.91
C SER B 23 -32.80 42.34 -137.76
N ALA B 24 -32.97 41.05 -138.05
CA ALA B 24 -32.88 40.03 -137.01
C ALA B 24 -31.46 39.87 -136.52
N LEU B 25 -30.47 40.02 -137.41
CA LEU B 25 -29.07 39.91 -136.98
C LEU B 25 -28.73 40.97 -135.96
N SER B 26 -29.10 42.23 -136.25
CA SER B 26 -28.84 43.31 -135.29
C SER B 26 -29.58 43.08 -133.99
N SER B 27 -30.85 42.65 -134.08
CA SER B 27 -31.61 42.38 -132.86
C SER B 27 -30.92 41.35 -131.99
N SER B 28 -30.51 40.23 -132.58
CA SER B 28 -29.89 39.16 -131.80
C SER B 28 -28.57 39.61 -131.19
N ILE B 29 -27.75 40.33 -131.96
CA ILE B 29 -26.45 40.76 -131.43
C ILE B 29 -26.64 41.70 -130.26
N GLU B 30 -27.55 42.68 -130.37
CA GLU B 30 -27.75 43.59 -129.26
C GLU B 30 -28.35 42.89 -128.06
N ARG B 31 -29.23 41.90 -128.29
CA ARG B 31 -29.81 41.16 -127.18
C ARG B 31 -28.74 40.38 -126.42
N LEU B 32 -27.82 39.75 -127.15
CA LEU B 32 -26.72 39.05 -126.47
C LEU B 32 -25.81 40.03 -125.73
N SER B 33 -25.52 41.19 -126.34
CA SER B 33 -24.64 42.14 -125.68
C SER B 33 -25.24 42.65 -124.38
N SER B 34 -26.53 42.99 -124.39
CA SER B 34 -27.16 43.54 -123.20
C SER B 34 -27.46 42.48 -122.16
N GLY B 35 -27.89 41.30 -122.59
CA GLY B 35 -28.30 40.27 -121.67
C GLY B 35 -29.72 40.40 -121.17
N LEU B 36 -30.58 41.10 -121.92
CA LEU B 36 -31.96 41.31 -121.52
C LEU B 36 -32.89 40.95 -122.67
N ARG B 37 -34.01 40.31 -122.33
CA ARG B 37 -34.99 39.92 -123.35
C ARG B 37 -35.74 41.14 -123.89
N ILE B 38 -36.20 42.01 -122.99
CA ILE B 38 -36.94 43.21 -123.37
C ILE B 38 -35.96 44.37 -123.39
N ASN B 39 -35.72 44.91 -124.58
CA ASN B 39 -34.70 45.93 -124.77
C ASN B 39 -35.25 47.03 -125.66
N SER B 40 -34.98 48.28 -125.29
CA SER B 40 -35.31 49.49 -126.04
C SER B 40 -36.80 49.69 -126.24
N ALA B 41 -37.65 48.84 -125.65
CA ALA B 41 -39.10 48.98 -125.70
C ALA B 41 -39.65 48.95 -127.12
N LYS B 42 -38.87 48.48 -128.08
CA LYS B 42 -39.35 48.25 -129.44
C LYS B 42 -40.08 46.93 -129.57
N ASP B 43 -40.52 46.37 -128.45
CA ASP B 43 -41.22 45.10 -128.39
C ASP B 43 -42.36 45.27 -127.39
N ASP B 44 -42.90 44.16 -126.90
CA ASP B 44 -44.04 44.18 -125.99
C ASP B 44 -43.80 45.14 -124.81
N ALA B 45 -44.57 46.22 -124.77
CA ALA B 45 -44.40 47.22 -123.72
C ALA B 45 -44.97 46.76 -122.39
N ALA B 46 -45.85 45.76 -122.40
CA ALA B 46 -46.34 45.21 -121.14
C ALA B 46 -45.20 44.62 -120.33
N GLY B 47 -44.29 43.91 -120.98
CA GLY B 47 -43.12 43.39 -120.28
C GLY B 47 -42.27 44.50 -119.69
N GLN B 48 -42.08 45.58 -120.44
CA GLN B 48 -41.30 46.71 -119.94
C GLN B 48 -41.95 47.29 -118.68
N ALA B 49 -43.26 47.54 -118.73
CA ALA B 49 -43.94 48.12 -117.59
C ALA B 49 -43.90 47.20 -116.38
N ILE B 50 -44.12 45.90 -116.59
CA ILE B 50 -44.12 44.96 -115.48
C ILE B 50 -42.71 44.84 -114.89
N ALA B 51 -41.68 44.87 -115.74
CA ALA B 51 -40.32 44.84 -115.23
C ALA B 51 -40.04 46.08 -114.37
N ASN B 52 -40.51 47.24 -114.81
CA ASN B 52 -40.34 48.45 -113.99
C ASN B 52 -41.02 48.29 -112.64
N ARG B 53 -42.26 47.78 -112.65
CA ARG B 53 -42.98 47.60 -111.39
C ARG B 53 -42.24 46.65 -110.47
N PHE B 54 -41.73 45.55 -111.01
CA PHE B 54 -41.01 44.58 -110.19
C PHE B 54 -39.72 45.16 -109.64
N THR B 55 -39.01 45.95 -110.44
CA THR B 55 -37.80 46.59 -109.95
C THR B 55 -38.11 47.53 -108.79
N SER B 56 -39.16 48.33 -108.93
CA SER B 56 -39.56 49.22 -107.84
C SER B 56 -39.90 48.43 -106.59
N ASN B 57 -40.65 47.34 -106.75
CA ASN B 57 -41.02 46.53 -105.60
C ASN B 57 -39.80 45.92 -104.92
N ILE B 58 -38.85 45.43 -105.70
CA ILE B 58 -37.66 44.79 -105.13
C ILE B 58 -36.85 45.80 -104.34
N LYS B 59 -36.60 46.97 -104.92
CA LYS B 59 -35.83 47.99 -104.21
C LYS B 59 -36.54 48.41 -102.92
N GLY B 60 -37.86 48.64 -103.01
CA GLY B 60 -38.60 49.03 -101.83
C GLY B 60 -38.54 47.98 -100.72
N LEU B 61 -38.68 46.71 -101.09
CA LEU B 61 -38.64 45.65 -100.09
C LEU B 61 -37.27 45.55 -99.44
N THR B 62 -36.20 45.69 -100.23
CA THR B 62 -34.86 45.64 -99.64
C THR B 62 -34.66 46.77 -98.64
N GLN B 63 -35.05 47.98 -99.02
CA GLN B 63 -34.90 49.11 -98.11
C GLN B 63 -35.76 48.93 -96.86
N ALA B 64 -36.94 48.33 -97.02
CA ALA B 64 -37.80 48.06 -95.87
C ALA B 64 -37.15 47.06 -94.93
N ALA B 65 -36.47 46.04 -95.48
CA ALA B 65 -35.75 45.10 -94.65
C ALA B 65 -34.67 45.81 -93.84
N ARG B 66 -33.95 46.72 -94.48
CA ARG B 66 -32.94 47.48 -93.74
C ARG B 66 -33.57 48.30 -92.60
N ASN B 67 -34.72 48.93 -92.88
CA ASN B 67 -35.40 49.71 -91.86
C ASN B 67 -35.81 48.82 -90.68
N ALA B 68 -36.31 47.63 -90.97
CA ALA B 68 -36.69 46.71 -89.90
C ALA B 68 -35.49 46.30 -89.07
N ASN B 69 -34.33 46.11 -89.71
CA ASN B 69 -33.11 45.82 -88.96
C ASN B 69 -32.78 46.96 -88.00
N ASP B 70 -32.92 48.21 -88.47
CA ASP B 70 -32.68 49.34 -87.59
C ASP B 70 -33.65 49.33 -86.41
N GLY B 71 -34.91 49.00 -86.66
CA GLY B 71 -35.87 48.92 -85.57
C GLY B 71 -35.49 47.87 -84.53
N ILE B 72 -35.00 46.72 -85.00
CA ILE B 72 -34.54 45.69 -84.08
C ILE B 72 -33.41 46.22 -83.22
N SER B 73 -32.50 46.98 -83.82
CA SER B 73 -31.40 47.57 -83.06
C SER B 73 -31.92 48.49 -81.96
N VAL B 74 -32.90 49.33 -82.30
CA VAL B 74 -33.50 50.24 -81.31
C VAL B 74 -34.07 49.44 -80.15
N ALA B 75 -34.82 48.39 -80.46
CA ALA B 75 -35.45 47.59 -79.42
C ALA B 75 -34.39 46.96 -78.52
N GLN B 76 -33.31 46.45 -79.10
CA GLN B 76 -32.26 45.81 -78.30
C GLN B 76 -31.64 46.80 -77.32
N THR B 77 -31.31 48.01 -77.80
CA THR B 77 -30.69 49.00 -76.92
C THR B 77 -31.62 49.36 -75.78
N THR B 78 -32.89 49.63 -76.10
CA THR B 78 -33.84 50.00 -75.06
C THR B 78 -33.98 48.88 -74.03
N GLU B 79 -34.03 47.63 -74.48
CA GLU B 79 -34.24 46.54 -73.55
C GLU B 79 -33.03 46.31 -72.66
N GLY B 80 -31.81 46.53 -73.18
CA GLY B 80 -30.65 46.48 -72.32
C GLY B 80 -30.70 47.51 -71.21
N ALA B 81 -31.09 48.75 -71.55
CA ALA B 81 -31.23 49.76 -70.52
C ALA B 81 -32.27 49.35 -69.49
N LEU B 82 -33.40 48.79 -69.95
CA LEU B 82 -34.42 48.31 -69.02
C LEU B 82 -33.88 47.23 -68.09
N SER B 83 -33.06 46.33 -68.61
CA SER B 83 -32.51 45.27 -67.78
C SER B 83 -31.64 45.84 -66.66
N GLU B 84 -30.82 46.83 -67.00
CA GLU B 84 -30.01 47.45 -65.94
C GLU B 84 -30.88 48.12 -64.89
N ILE B 85 -31.92 48.82 -65.33
CA ILE B 85 -32.84 49.44 -64.37
C ILE B 85 -33.46 48.38 -63.46
N ASN B 86 -33.82 47.23 -64.03
CA ASN B 86 -34.44 46.17 -63.24
C ASN B 86 -33.48 45.64 -62.19
N ASN B 87 -32.20 45.46 -62.55
CA ASN B 87 -31.24 45.02 -61.55
C ASN B 87 -31.13 46.02 -60.40
N ASN B 88 -31.09 47.32 -60.74
CA ASN B 88 -31.02 48.33 -59.69
C ASN B 88 -32.24 48.26 -58.78
N LEU B 89 -33.43 48.08 -59.36
CA LEU B 89 -34.64 48.01 -58.54
C LEU B 89 -34.62 46.79 -57.61
N GLN B 90 -34.14 45.66 -58.11
CA GLN B 90 -34.04 44.47 -57.25
C GLN B 90 -33.13 44.73 -56.05
N ARG B 91 -31.98 45.36 -56.31
CA ARG B 91 -31.07 45.65 -55.21
C ARG B 91 -31.70 46.62 -54.20
N ILE B 92 -32.43 47.61 -54.70
CA ILE B 92 -33.12 48.55 -53.81
C ILE B 92 -34.12 47.80 -52.93
N ARG B 93 -34.85 46.85 -53.51
CA ARG B 93 -35.82 46.10 -52.72
C ARG B 93 -35.12 45.29 -51.63
N GLU B 94 -34.00 44.67 -51.95
CA GLU B 94 -33.27 43.92 -50.92
C GLU B 94 -32.83 44.84 -49.79
N LEU B 95 -32.35 46.04 -50.14
CA LEU B 95 -31.94 47.00 -49.13
C LEU B 95 -33.12 47.39 -48.25
N THR B 96 -34.30 47.60 -48.85
CA THR B 96 -35.48 47.91 -48.07
C THR B 96 -35.84 46.78 -47.12
N VAL B 97 -35.71 45.54 -47.59
CA VAL B 97 -36.02 44.39 -46.75
C VAL B 97 -35.11 44.37 -45.53
N GLN B 98 -33.82 44.63 -45.71
CA GLN B 98 -32.98 44.66 -44.50
C GLN B 98 -33.21 45.91 -43.67
N ALA B 99 -33.70 47.00 -44.26
CA ALA B 99 -33.88 48.22 -43.50
C ALA B 99 -35.11 48.17 -42.61
N THR B 100 -36.17 47.48 -43.03
CA THR B 100 -37.41 47.48 -42.25
C THR B 100 -37.28 46.76 -40.91
N THR B 101 -36.19 46.03 -40.68
CA THR B 101 -36.01 45.33 -39.41
C THR B 101 -35.90 46.33 -38.26
N GLY B 102 -36.47 45.98 -37.11
CA GLY B 102 -36.39 46.83 -35.95
C GLY B 102 -35.08 46.77 -35.19
N THR B 103 -34.19 45.85 -35.56
CA THR B 103 -32.87 45.80 -34.93
C THR B 103 -32.01 46.97 -35.35
N ASN B 104 -32.14 47.41 -36.61
CA ASN B 104 -31.32 48.49 -37.13
C ASN B 104 -31.54 49.78 -36.35
N SER B 105 -30.46 50.51 -36.11
CA SER B 105 -30.52 51.76 -35.37
C SER B 105 -30.60 52.94 -36.35
N ASP B 106 -30.54 54.16 -35.80
CA ASP B 106 -30.73 55.35 -36.62
C ASP B 106 -29.61 55.51 -37.65
N SER B 107 -28.36 55.31 -37.24
CA SER B 107 -27.25 55.43 -38.18
C SER B 107 -27.32 54.36 -39.26
N ASP B 108 -27.72 53.14 -38.87
CA ASP B 108 -27.87 52.07 -39.84
C ASP B 108 -28.92 52.41 -40.88
N LEU B 109 -30.07 52.93 -40.42
CA LEU B 109 -31.10 53.36 -41.35
C LEU B 109 -30.60 54.48 -42.25
N ASP B 110 -29.83 55.41 -41.69
CA ASP B 110 -29.29 56.50 -42.49
C ASP B 110 -28.39 55.97 -43.60
N SER B 111 -27.51 55.01 -43.27
CA SER B 111 -26.62 54.46 -44.28
C SER B 111 -27.39 53.72 -45.36
N ILE B 112 -28.39 52.93 -44.95
CA ILE B 112 -29.19 52.19 -45.93
C ILE B 112 -29.93 53.16 -46.85
N GLN B 113 -30.49 54.23 -46.29
CA GLN B 113 -31.18 55.21 -47.11
C GLN B 113 -30.22 55.93 -48.03
N ASP B 114 -28.98 56.16 -47.59
CA ASP B 114 -27.98 56.75 -48.47
C ASP B 114 -27.74 55.85 -49.68
N GLU B 115 -27.59 54.55 -49.45
CA GLU B 115 -27.40 53.64 -50.57
C GLU B 115 -28.62 53.63 -51.49
N ILE B 116 -29.81 53.64 -50.91
CA ILE B 116 -31.04 53.64 -51.72
C ILE B 116 -31.13 54.90 -52.57
N LYS B 117 -30.79 56.05 -51.99
CA LYS B 117 -30.80 57.29 -52.76
C LYS B 117 -29.79 57.25 -53.89
N SER B 118 -28.61 56.68 -53.62
CA SER B 118 -27.62 56.54 -54.68
C SER B 118 -28.16 55.70 -55.84
N ARG B 119 -28.81 54.60 -55.53
CA ARG B 119 -29.29 53.74 -56.62
C ARG B 119 -30.48 54.37 -57.34
N LEU B 120 -31.34 55.11 -56.64
CA LEU B 120 -32.39 55.85 -57.33
C LEU B 120 -31.80 56.89 -58.27
N ASP B 121 -30.74 57.57 -57.83
CA ASP B 121 -30.06 58.52 -58.70
C ASP B 121 -29.50 57.82 -59.92
N GLU B 122 -28.95 56.62 -59.75
CA GLU B 122 -28.46 55.87 -60.91
C GLU B 122 -29.59 55.52 -61.87
N ILE B 123 -30.74 55.12 -61.35
CA ILE B 123 -31.88 54.81 -62.20
C ILE B 123 -32.25 56.04 -63.03
N ASP B 124 -32.36 57.19 -62.36
CA ASP B 124 -32.70 58.42 -63.08
C ASP B 124 -31.65 58.77 -64.12
N ARG B 125 -30.37 58.62 -63.77
CA ARG B 125 -29.29 58.96 -64.69
C ARG B 125 -29.33 58.08 -65.93
N VAL B 126 -29.46 56.76 -65.74
CA VAL B 126 -29.48 55.84 -66.87
C VAL B 126 -30.67 56.14 -67.76
N SER B 127 -31.85 56.35 -67.16
CA SER B 127 -33.03 56.63 -67.95
C SER B 127 -32.89 57.91 -68.74
N GLY B 128 -32.34 58.96 -68.12
CA GLY B 128 -32.19 60.22 -68.81
C GLY B 128 -31.17 60.18 -69.93
N GLN B 129 -30.04 59.49 -69.71
CA GLN B 129 -28.91 59.59 -70.62
C GLN B 129 -28.82 58.45 -71.62
N THR B 130 -29.66 57.43 -71.53
CA THR B 130 -29.67 56.41 -72.56
C THR B 130 -30.14 57.02 -73.88
N GLN B 131 -29.32 56.90 -74.91
CA GLN B 131 -29.56 57.59 -76.17
C GLN B 131 -29.24 56.68 -77.34
N PHE B 132 -30.07 56.75 -78.38
CA PHE B 132 -29.85 56.03 -79.63
C PHE B 132 -30.06 57.00 -80.78
N ASN B 133 -28.99 57.27 -81.53
CA ASN B 133 -29.05 58.12 -82.72
C ASN B 133 -29.66 59.49 -82.40
N GLY B 134 -29.27 60.05 -81.26
CA GLY B 134 -29.74 61.36 -80.88
C GLY B 134 -31.15 61.41 -80.34
N VAL B 135 -31.77 60.26 -80.06
CA VAL B 135 -33.12 60.18 -79.53
C VAL B 135 -33.07 59.55 -78.15
N ASN B 136 -33.62 60.24 -77.16
CA ASN B 136 -33.69 59.70 -75.81
C ASN B 136 -34.89 58.77 -75.73
N VAL B 137 -34.64 57.47 -75.83
CA VAL B 137 -35.73 56.49 -75.92
C VAL B 137 -36.52 56.45 -74.62
N LEU B 138 -35.86 56.62 -73.48
CA LEU B 138 -36.49 56.45 -72.18
C LEU B 138 -36.93 57.76 -71.55
N ALA B 139 -36.85 58.88 -72.27
CA ALA B 139 -37.24 60.17 -71.71
C ALA B 139 -38.57 60.68 -72.25
N LYS B 140 -39.13 60.05 -73.27
CA LYS B 140 -40.38 60.50 -73.87
C LYS B 140 -41.41 59.38 -73.81
N ASP B 141 -42.66 59.73 -74.09
CA ASP B 141 -43.77 58.80 -74.06
C ASP B 141 -44.39 58.58 -75.43
N GLY B 142 -43.62 58.79 -76.50
CA GLY B 142 -44.13 58.72 -77.86
C GLY B 142 -44.03 57.34 -78.47
N SER B 143 -44.02 57.32 -79.79
CA SER B 143 -43.88 56.08 -80.54
C SER B 143 -43.14 56.36 -81.84
N MET B 144 -42.45 55.34 -82.34
CA MET B 144 -41.72 55.42 -83.59
C MET B 144 -42.36 54.51 -84.63
N LYS B 145 -42.54 55.03 -85.83
CA LYS B 145 -43.14 54.28 -86.93
C LYS B 145 -42.04 53.81 -87.87
N ILE B 146 -42.01 52.52 -88.15
CA ILE B 146 -40.99 51.89 -88.98
C ILE B 146 -41.63 51.46 -90.27
N GLN B 147 -41.08 51.93 -91.39
CA GLN B 147 -41.55 51.51 -92.71
C GLN B 147 -41.13 50.08 -92.96
N VAL B 148 -42.10 49.18 -93.13
CA VAL B 148 -41.80 47.77 -93.34
C VAL B 148 -42.25 47.27 -94.71
N GLY B 149 -43.19 47.94 -95.37
CA GLY B 149 -43.57 47.60 -96.72
C GLY B 149 -43.00 48.59 -97.73
N ALA B 150 -43.32 48.32 -99.00
CA ALA B 150 -42.91 49.19 -100.09
C ALA B 150 -43.97 50.21 -100.47
N ASN B 151 -45.16 50.14 -99.88
CA ASN B 151 -46.24 51.07 -100.18
C ASN B 151 -46.49 51.97 -98.97
N ASP B 152 -47.39 52.93 -99.16
CA ASP B 152 -47.65 53.93 -98.13
C ASP B 152 -48.43 53.33 -96.98
N GLY B 153 -48.10 53.75 -95.77
CA GLY B 153 -48.86 53.35 -94.60
C GLY B 153 -48.60 51.95 -94.10
N GLU B 154 -47.62 51.24 -94.67
CA GLU B 154 -47.32 49.87 -94.27
C GLU B 154 -46.22 49.91 -93.22
N THR B 155 -46.61 50.27 -92.01
CA THR B 155 -45.67 50.57 -90.94
C THR B 155 -45.94 49.71 -89.71
N ILE B 156 -44.95 49.68 -88.82
CA ILE B 156 -45.05 49.02 -87.52
C ILE B 156 -44.67 50.05 -86.46
N THR B 157 -45.48 50.13 -85.40
CA THR B 157 -45.28 51.14 -84.37
C THR B 157 -44.65 50.54 -83.13
N ILE B 158 -43.58 51.17 -82.66
CA ILE B 158 -42.94 50.83 -81.39
C ILE B 158 -43.30 51.92 -80.39
N ASP B 159 -43.98 51.55 -79.32
CA ASP B 159 -44.34 52.51 -78.28
C ASP B 159 -43.23 52.57 -77.24
N LEU B 160 -42.89 53.80 -76.82
CA LEU B 160 -41.90 54.01 -75.78
C LEU B 160 -42.57 54.58 -74.54
N LYS B 161 -41.93 54.38 -73.41
CA LYS B 161 -42.47 54.83 -72.14
C LYS B 161 -41.45 55.71 -71.43
N LYS B 162 -41.93 56.77 -70.80
CA LYS B 162 -41.09 57.62 -69.97
C LYS B 162 -40.89 56.93 -68.64
N ILE B 163 -39.69 56.41 -68.40
CA ILE B 163 -39.37 55.70 -67.17
C ILE B 163 -38.35 56.52 -66.39
N ASP B 164 -38.70 56.86 -65.15
CA ASP B 164 -37.83 57.55 -64.23
C ASP B 164 -38.43 57.40 -62.84
N SER B 165 -37.93 58.17 -61.88
CA SER B 165 -38.52 58.14 -60.55
C SER B 165 -39.98 58.61 -60.58
N ASP B 166 -40.26 59.65 -61.35
CA ASP B 166 -41.58 60.27 -61.31
C ASP B 166 -42.67 59.30 -61.72
N THR B 167 -42.44 58.52 -62.79
CA THR B 167 -43.45 57.60 -63.28
C THR B 167 -43.52 56.31 -62.49
N LEU B 168 -42.60 56.07 -61.57
CA LEU B 168 -42.64 54.89 -60.72
C LEU B 168 -42.92 55.24 -59.26
N GLY B 169 -43.16 56.52 -58.96
CA GLY B 169 -43.34 56.90 -57.58
C GLY B 169 -41.99 57.03 -56.91
N LEU B 170 -41.85 56.45 -55.73
CA LEU B 170 -40.55 56.31 -55.09
C LEU B 170 -39.86 57.65 -54.84
N ASN B 171 -40.56 58.76 -55.05
CA ASN B 171 -39.93 60.08 -54.95
C ASN B 171 -39.36 60.31 -53.57
N GLY B 172 -40.22 60.34 -52.56
CA GLY B 172 -39.75 60.40 -51.19
C GLY B 172 -39.70 59.02 -50.57
N PHE B 173 -38.75 58.18 -51.01
CA PHE B 173 -38.70 56.81 -50.52
C PHE B 173 -38.49 56.77 -49.01
N ASN B 174 -37.61 57.62 -48.50
CA ASN B 174 -37.65 58.03 -47.10
C ASN B 174 -37.60 56.85 -46.14
N VAL B 175 -36.70 55.89 -46.38
CA VAL B 175 -36.61 54.73 -45.50
C VAL B 175 -36.27 55.17 -44.08
N ASN B 176 -35.34 56.11 -43.94
CA ASN B 176 -34.97 56.63 -42.62
C ASN B 176 -35.86 57.78 -42.17
N GLY B 177 -36.74 58.28 -43.03
CA GLY B 177 -37.66 59.34 -42.65
C GLY B 177 -37.17 60.75 -42.85
N LYS B 178 -36.17 60.96 -43.71
CA LYS B 178 -35.64 62.29 -43.99
C LYS B 178 -35.56 62.47 -45.50
N GLY B 179 -36.42 63.33 -46.04
CA GLY B 179 -36.47 63.51 -47.47
C GLY B 179 -37.33 64.70 -47.84
N THR B 180 -37.54 64.86 -49.15
CA THR B 180 -38.25 66.00 -49.70
C THR B 180 -39.50 65.55 -50.44
N ILE B 181 -40.41 66.50 -50.68
CA ILE B 181 -41.68 66.20 -51.32
C ILE B 181 -41.88 67.07 -52.56
N THR B 182 -41.29 68.27 -52.55
CA THR B 182 -41.52 69.27 -53.60
C THR B 182 -43.03 69.50 -53.79
N ASN B 183 -43.63 70.02 -52.72
CA ASN B 183 -45.07 69.92 -52.46
C ASN B 183 -46.00 70.22 -53.63
N LYS B 184 -46.04 71.44 -54.14
CA LYS B 184 -47.08 71.81 -55.11
C LYS B 184 -46.86 73.27 -55.51
N ALA B 185 -47.59 73.69 -56.54
CA ALA B 185 -47.69 75.09 -56.92
C ALA B 185 -49.13 75.56 -56.73
N ALA B 186 -49.30 76.72 -56.10
CA ALA B 186 -50.63 77.21 -55.74
C ALA B 186 -51.41 77.67 -56.97
N THR B 187 -52.70 77.91 -56.76
CA THR B 187 -53.58 78.38 -57.83
C THR B 187 -54.64 79.31 -57.23
N VAL B 188 -55.44 79.89 -58.13
CA VAL B 188 -56.46 80.85 -57.71
C VAL B 188 -57.52 80.19 -56.85
N SER B 189 -57.87 78.93 -57.16
CA SER B 189 -58.81 78.21 -56.31
C SER B 189 -58.25 78.02 -54.92
N ASP B 190 -56.96 77.71 -54.81
CA ASP B 190 -56.32 77.59 -53.51
C ASP B 190 -56.35 78.92 -52.76
N LEU B 191 -56.10 80.02 -53.46
CA LEU B 191 -56.17 81.33 -52.82
C LEU B 191 -57.56 81.62 -52.30
N THR B 192 -58.59 81.33 -53.10
CA THR B 192 -59.96 81.58 -52.68
C THR B 192 -60.30 80.70 -51.47
N SER B 193 -59.87 79.44 -51.48
CA SER B 193 -60.10 78.57 -50.33
C SER B 193 -59.42 79.11 -49.09
N ALA B 194 -58.19 79.60 -49.22
CA ALA B 194 -57.49 80.23 -48.11
C ALA B 194 -58.15 81.51 -47.66
N GLY B 195 -58.96 82.14 -48.51
CA GLY B 195 -59.72 83.30 -48.12
C GLY B 195 -59.26 84.63 -48.68
N ALA B 196 -58.32 84.63 -49.63
CA ALA B 196 -57.88 85.88 -50.22
C ALA B 196 -59.01 86.53 -51.00
N LYS B 197 -59.05 87.86 -50.95
CA LYS B 197 -60.08 88.64 -51.61
C LYS B 197 -59.51 89.31 -52.85
N LEU B 198 -60.29 89.32 -53.93
CA LEU B 198 -59.87 90.00 -55.14
C LEU B 198 -60.08 91.50 -54.97
N ASN B 199 -59.06 92.29 -55.32
CA ASN B 199 -59.12 93.74 -55.26
C ASN B 199 -59.61 94.24 -56.61
N THR B 200 -60.80 94.84 -56.64
CA THR B 200 -61.40 95.23 -57.90
C THR B 200 -60.60 96.32 -58.61
N THR B 201 -60.07 97.28 -57.84
CA THR B 201 -59.39 98.42 -58.46
C THR B 201 -58.06 98.03 -59.08
N THR B 202 -57.38 97.02 -58.52
CA THR B 202 -56.07 96.64 -59.00
C THR B 202 -56.02 95.27 -59.67
N GLY B 203 -56.98 94.40 -59.40
CA GLY B 203 -57.01 93.07 -59.97
C GLY B 203 -56.17 92.04 -59.25
N LEU B 204 -55.45 92.43 -58.20
CA LEU B 204 -54.63 91.50 -57.45
C LEU B 204 -55.49 90.71 -56.47
N TYR B 205 -54.87 89.71 -55.84
CA TYR B 205 -55.48 88.95 -54.77
C TYR B 205 -54.77 89.27 -53.47
N ASP B 206 -55.50 89.83 -52.51
CA ASP B 206 -54.94 90.24 -51.24
C ASP B 206 -55.38 89.25 -50.16
N LEU B 207 -54.41 88.71 -49.43
CA LEU B 207 -54.68 87.80 -48.32
C LEU B 207 -54.39 88.52 -47.01
N LYS B 208 -55.38 88.57 -46.14
CA LYS B 208 -55.27 89.26 -44.86
C LYS B 208 -55.30 88.24 -43.73
N THR B 209 -54.29 88.31 -42.86
CA THR B 209 -54.19 87.44 -41.71
C THR B 209 -54.29 88.27 -40.44
N GLU B 210 -55.16 87.85 -39.53
CA GLU B 210 -55.38 88.58 -38.29
C GLU B 210 -54.39 88.13 -37.21
N ASN B 211 -54.23 88.99 -36.21
CA ASN B 211 -53.28 88.77 -35.13
C ASN B 211 -53.99 88.97 -33.80
N THR B 212 -53.86 87.99 -32.91
CA THR B 212 -54.55 88.03 -31.63
C THR B 212 -53.83 88.94 -30.66
N LEU B 213 -54.59 89.78 -29.96
CA LEU B 213 -54.00 90.67 -28.96
C LEU B 213 -53.40 89.86 -27.82
N LEU B 214 -52.40 90.45 -27.17
CA LEU B 214 -51.70 89.76 -26.09
C LEU B 214 -52.66 89.44 -24.95
N THR B 215 -52.57 88.21 -24.45
CA THR B 215 -53.43 87.74 -23.38
C THR B 215 -52.59 87.46 -22.12
N THR B 216 -53.31 87.37 -21.00
CA THR B 216 -52.64 87.15 -19.72
C THR B 216 -51.91 85.82 -19.69
N ASP B 217 -52.51 84.78 -20.28
CA ASP B 217 -51.86 83.47 -20.29
C ASP B 217 -50.55 83.51 -21.07
N ALA B 218 -50.55 84.14 -22.25
CA ALA B 218 -49.34 84.24 -23.03
C ALA B 218 -48.29 85.09 -22.30
N ALA B 219 -48.72 86.18 -21.66
CA ALA B 219 -47.78 87.00 -20.90
C ALA B 219 -47.15 86.20 -19.77
N PHE B 220 -47.95 85.41 -19.06
CA PHE B 220 -47.42 84.59 -17.98
C PHE B 220 -46.48 83.52 -18.50
N ASP B 221 -46.80 82.94 -19.66
CA ASP B 221 -45.89 81.97 -20.27
C ASP B 221 -44.55 82.61 -20.61
N LYS B 222 -44.58 83.83 -21.14
CA LYS B 222 -43.35 84.52 -21.50
C LYS B 222 -42.69 85.23 -20.31
N LEU B 223 -43.30 85.17 -19.12
CA LEU B 223 -42.70 85.78 -17.95
C LEU B 223 -41.34 85.17 -17.66
N GLY B 224 -40.38 86.01 -17.27
CA GLY B 224 -39.04 85.58 -16.95
C GLY B 224 -38.63 86.02 -15.56
N ASN B 225 -37.40 85.67 -15.20
CA ASN B 225 -36.87 86.02 -13.90
C ASN B 225 -36.73 87.53 -13.76
N GLY B 226 -37.13 88.06 -12.60
CA GLY B 226 -37.06 89.48 -12.34
C GLY B 226 -38.18 90.30 -12.92
N ASP B 227 -39.19 89.68 -13.51
CA ASP B 227 -40.31 90.42 -14.08
C ASP B 227 -41.18 91.02 -12.98
N LYS B 228 -41.76 92.18 -13.27
CA LYS B 228 -42.56 92.92 -12.31
C LYS B 228 -43.98 93.08 -12.82
N VAL B 229 -44.95 92.72 -11.98
CA VAL B 229 -46.37 92.80 -12.33
C VAL B 229 -47.05 93.73 -11.34
N THR B 230 -47.74 94.74 -11.85
CA THR B 230 -48.44 95.73 -11.03
C THR B 230 -49.93 95.62 -11.30
N VAL B 231 -50.67 95.03 -10.37
CA VAL B 231 -52.12 94.93 -10.43
C VAL B 231 -52.68 95.44 -9.11
N GLY B 232 -53.69 96.29 -9.18
CA GLY B 232 -54.30 96.84 -7.98
C GLY B 232 -53.38 97.71 -7.16
N GLY B 233 -52.31 98.24 -7.77
CA GLY B 233 -51.40 99.11 -7.08
C GLY B 233 -50.33 98.43 -6.26
N VAL B 234 -50.24 97.10 -6.31
CA VAL B 234 -49.24 96.34 -5.55
C VAL B 234 -48.33 95.63 -6.54
N ASP B 235 -47.03 95.66 -6.26
CA ASP B 235 -46.03 95.13 -7.18
C ASP B 235 -45.60 93.74 -6.75
N TYR B 236 -45.59 92.81 -7.71
CA TYR B 236 -45.18 91.43 -7.50
C TYR B 236 -43.98 91.15 -8.37
N THR B 237 -43.01 90.40 -7.85
CA THR B 237 -41.81 90.05 -8.60
C THR B 237 -41.81 88.55 -8.87
N TYR B 238 -41.67 88.17 -10.14
CA TYR B 238 -41.67 86.77 -10.52
C TYR B 238 -40.39 86.10 -10.07
N ASN B 239 -40.53 84.86 -9.58
CA ASN B 239 -39.40 84.01 -9.21
C ASN B 239 -39.51 82.72 -10.00
N ALA B 240 -38.54 82.50 -10.89
CA ALA B 240 -38.52 81.31 -11.73
C ALA B 240 -38.04 80.08 -10.97
N LYS B 241 -37.18 80.27 -9.97
CA LYS B 241 -36.68 79.13 -9.20
C LYS B 241 -37.82 78.42 -8.48
N SER B 242 -38.70 79.19 -7.85
CA SER B 242 -39.91 78.64 -7.25
C SER B 242 -41.15 78.89 -8.10
N GLY B 243 -41.05 79.72 -9.14
CA GLY B 243 -42.16 79.96 -10.04
C GLY B 243 -43.37 80.59 -9.37
N ASP B 244 -43.15 81.68 -8.63
CA ASP B 244 -44.25 82.31 -7.91
C ASP B 244 -43.90 83.78 -7.68
N PHE B 245 -44.90 84.57 -7.29
CA PHE B 245 -44.68 86.00 -7.11
C PHE B 245 -44.32 86.30 -5.66
N THR B 246 -43.23 87.03 -5.48
CA THR B 246 -42.82 87.52 -4.17
C THR B 246 -43.24 88.98 -4.03
N THR B 247 -43.68 89.34 -2.83
CA THR B 247 -44.20 90.67 -2.54
C THR B 247 -43.53 91.19 -1.28
N THR B 248 -43.47 92.52 -1.17
CA THR B 248 -43.03 93.19 0.05
C THR B 248 -44.23 93.94 0.63
N LYS B 249 -44.70 93.49 1.78
CA LYS B 249 -45.89 94.07 2.40
C LYS B 249 -45.51 94.78 3.69
N SER B 250 -45.83 96.06 3.77
CA SER B 250 -45.73 96.79 5.02
C SER B 250 -46.94 96.49 5.90
N THR B 251 -46.79 96.75 7.19
CA THR B 251 -47.88 96.53 8.13
C THR B 251 -49.09 97.37 7.78
N ALA B 252 -48.98 98.68 7.90
CA ALA B 252 -50.08 99.60 7.68
C ALA B 252 -49.52 101.02 7.69
N GLY B 253 -50.43 102.00 7.70
CA GLY B 253 -50.05 103.40 7.75
C GLY B 253 -50.41 104.15 6.49
N THR B 254 -51.52 104.87 6.54
CA THR B 254 -51.99 105.69 5.43
C THR B 254 -52.23 107.13 5.80
N GLY B 255 -52.72 107.39 7.02
CA GLY B 255 -52.90 108.75 7.46
C GLY B 255 -51.58 109.45 7.69
N VAL B 256 -51.61 110.79 7.61
CA VAL B 256 -50.40 111.60 7.72
C VAL B 256 -50.18 112.16 9.12
N ASP B 257 -51.16 112.03 10.01
CA ASP B 257 -51.06 112.55 11.36
C ASP B 257 -51.35 111.44 12.37
N ALA B 258 -51.09 111.74 13.64
CA ALA B 258 -51.31 110.77 14.70
C ALA B 258 -52.78 110.39 14.81
N ALA B 259 -53.67 111.38 14.72
CA ALA B 259 -55.10 111.14 14.81
C ALA B 259 -55.64 110.76 13.43
N ALA B 260 -55.27 109.55 13.01
CA ALA B 260 -55.68 109.02 11.72
C ALA B 260 -55.86 107.51 11.83
N GLN B 261 -56.25 106.90 10.71
CA GLN B 261 -56.45 105.46 10.66
C GLN B 261 -55.13 104.68 10.63
N ALA B 262 -53.99 105.36 10.53
CA ALA B 262 -52.73 104.66 10.52
C ALA B 262 -52.54 103.84 11.80
N ALA B 263 -52.89 104.42 12.94
CA ALA B 263 -52.68 103.74 14.21
C ALA B 263 -53.52 102.47 14.32
N ASP B 264 -54.82 102.58 14.06
CA ASP B 264 -55.69 101.42 14.24
C ASP B 264 -55.43 100.37 13.16
N SER B 265 -55.10 100.80 11.95
CA SER B 265 -54.72 99.83 10.92
C SER B 265 -53.46 99.08 11.31
N ALA B 266 -52.47 99.79 11.86
CA ALA B 266 -51.25 99.12 12.30
C ALA B 266 -51.54 98.13 13.42
N SER B 267 -52.37 98.53 14.38
CA SER B 267 -52.69 97.64 15.50
C SER B 267 -53.43 96.39 15.01
N LYS B 268 -54.42 96.56 14.12
CA LYS B 268 -55.16 95.40 13.65
C LYS B 268 -54.30 94.51 12.77
N ARG B 269 -53.39 95.09 11.99
CA ARG B 269 -52.49 94.26 11.20
C ARG B 269 -51.51 93.49 12.08
N ASP B 270 -51.02 94.13 13.14
CA ASP B 270 -50.18 93.42 14.10
C ASP B 270 -50.94 92.26 14.74
N ALA B 271 -52.19 92.50 15.12
CA ALA B 271 -53.00 91.44 15.70
C ALA B 271 -53.23 90.31 14.69
N LEU B 272 -53.47 90.67 13.43
CA LEU B 272 -53.67 89.66 12.40
C LEU B 272 -52.42 88.81 12.21
N ALA B 273 -51.25 89.45 12.18
CA ALA B 273 -50.01 88.70 12.06
C ALA B 273 -49.79 87.78 13.25
N ALA B 274 -50.07 88.27 14.45
CA ALA B 274 -49.94 87.44 15.65
C ALA B 274 -50.88 86.24 15.59
N THR B 275 -52.12 86.45 15.14
CA THR B 275 -53.07 85.35 15.02
C THR B 275 -52.62 84.35 13.97
N LEU B 276 -52.08 84.84 12.85
CA LEU B 276 -51.55 83.93 11.83
C LEU B 276 -50.37 83.14 12.37
N HIS B 277 -49.64 83.70 13.33
CA HIS B 277 -48.56 83.00 14.01
C HIS B 277 -49.06 82.02 15.09
N ALA B 278 -50.34 81.63 15.06
CA ALA B 278 -50.86 80.76 16.10
C ALA B 278 -50.14 79.42 16.12
N ASP B 279 -50.29 78.63 15.05
CA ASP B 279 -49.65 77.32 14.92
C ASP B 279 -49.86 76.46 16.16
N VAL B 280 -51.14 76.17 16.43
CA VAL B 280 -51.52 75.46 17.65
C VAL B 280 -51.01 74.02 17.62
N GLY B 281 -51.07 73.37 16.45
CA GLY B 281 -50.76 71.96 16.39
C GLY B 281 -49.33 71.62 16.78
N LYS B 282 -48.37 72.37 16.24
CA LYS B 282 -46.96 72.08 16.46
C LYS B 282 -46.21 73.36 16.76
N SER B 283 -45.12 73.21 17.53
CA SER B 283 -44.29 74.33 17.93
C SER B 283 -43.33 74.71 16.79
N VAL B 284 -42.87 75.96 16.81
CA VAL B 284 -41.92 76.47 15.83
C VAL B 284 -40.86 77.32 16.52
N ASN B 285 -39.68 77.35 15.91
CA ASN B 285 -38.52 78.06 16.43
C ASN B 285 -38.18 79.26 15.54
N GLY B 286 -37.70 80.32 16.18
CA GLY B 286 -37.24 81.51 15.49
C GLY B 286 -36.20 82.27 16.28
N SER B 287 -35.88 83.49 15.83
CA SER B 287 -34.87 84.31 16.49
C SER B 287 -35.31 85.76 16.47
N TYR B 288 -35.10 86.45 17.60
CA TYR B 288 -35.45 87.85 17.78
C TYR B 288 -34.15 88.63 17.99
N THR B 289 -33.89 89.62 17.14
CA THR B 289 -32.64 90.36 17.16
C THR B 289 -32.94 91.84 17.33
N THR B 290 -32.30 92.46 18.31
CA THR B 290 -32.36 93.90 18.51
C THR B 290 -31.24 94.55 17.69
N LYS B 291 -30.97 95.82 17.97
CA LYS B 291 -29.95 96.54 17.20
C LYS B 291 -28.58 95.89 17.36
N ASP B 292 -28.24 95.44 18.56
CA ASP B 292 -26.93 94.87 18.82
C ASP B 292 -26.96 93.51 19.51
N GLY B 293 -28.14 92.91 19.70
CA GLY B 293 -28.22 91.62 20.38
C GLY B 293 -29.23 90.71 19.73
N THR B 294 -29.05 89.42 19.97
CA THR B 294 -29.88 88.38 19.39
C THR B 294 -30.26 87.37 20.47
N VAL B 295 -31.44 86.78 20.33
CA VAL B 295 -31.94 85.79 21.27
C VAL B 295 -32.75 84.74 20.52
N SER B 296 -32.66 83.49 20.97
CA SER B 296 -33.47 82.43 20.42
C SER B 296 -34.93 82.60 20.82
N PHE B 297 -35.80 81.82 20.18
CA PHE B 297 -37.23 81.91 20.46
C PHE B 297 -37.83 80.56 20.07
N GLU B 298 -38.63 79.97 20.96
CA GLU B 298 -39.28 78.68 20.69
C GLU B 298 -40.72 78.77 21.18
N THR B 299 -41.67 78.98 20.26
CA THR B 299 -43.07 79.12 20.63
C THR B 299 -43.83 77.83 20.32
N ASP B 300 -44.85 77.56 21.13
CA ASP B 300 -45.67 76.35 20.95
C ASP B 300 -47.01 76.66 20.30
N SER B 301 -47.80 77.54 20.90
CA SER B 301 -49.13 77.85 20.39
C SER B 301 -49.58 79.19 20.95
N ALA B 302 -50.51 79.82 20.22
CA ALA B 302 -51.10 81.10 20.63
C ALA B 302 -50.05 82.18 20.84
N GLY B 303 -48.90 82.04 20.18
CA GLY B 303 -47.83 83.01 20.34
C GLY B 303 -47.26 83.08 21.74
N ASN B 304 -47.07 81.93 22.39
CA ASN B 304 -46.50 81.88 23.73
C ASN B 304 -44.99 81.74 23.61
N ILE B 305 -44.26 82.67 24.23
CA ILE B 305 -42.81 82.71 24.12
C ILE B 305 -42.20 81.81 25.18
N THR B 306 -41.40 80.85 24.76
CA THR B 306 -40.69 79.95 25.67
C THR B 306 -39.23 79.92 25.26
N ILE B 307 -38.34 80.18 26.21
CA ILE B 307 -36.90 80.23 25.95
C ILE B 307 -36.24 79.13 26.78
N GLY B 308 -35.74 78.10 26.11
CA GLY B 308 -35.01 77.04 26.78
C GLY B 308 -35.80 76.30 27.83
N GLY B 309 -37.10 76.12 27.60
CA GLY B 309 -37.94 75.46 28.58
C GLY B 309 -38.43 76.33 29.72
N SER B 310 -38.04 77.59 29.76
CA SER B 310 -38.52 78.54 30.76
C SER B 310 -39.22 79.68 30.06
N GLN B 311 -40.45 79.95 30.44
CA GLN B 311 -41.29 80.91 29.74
C GLN B 311 -40.79 82.32 30.02
N ALA B 312 -40.60 83.11 28.96
CA ALA B 312 -39.99 84.43 29.04
C ALA B 312 -41.06 85.52 29.01
N TYR B 313 -40.59 86.77 29.06
CA TYR B 313 -41.44 87.94 29.07
C TYR B 313 -40.79 89.03 28.23
N VAL B 314 -41.61 89.98 27.81
CA VAL B 314 -41.16 91.11 26.99
C VAL B 314 -41.25 92.38 27.84
N ASP B 315 -40.27 93.25 27.68
CA ASP B 315 -40.19 94.50 28.41
C ASP B 315 -40.88 95.61 27.62
N ASP B 316 -40.76 96.84 28.12
CA ASP B 316 -41.39 97.98 27.46
C ASP B 316 -40.76 98.25 26.10
N ALA B 317 -39.44 98.16 26.01
CA ALA B 317 -38.71 98.50 24.79
C ALA B 317 -38.51 97.31 23.86
N GLY B 318 -39.31 96.26 24.00
CA GLY B 318 -39.18 95.08 23.17
C GLY B 318 -38.09 94.12 23.60
N ASN B 319 -37.40 94.41 24.69
CA ASN B 319 -36.37 93.52 25.21
C ASN B 319 -36.98 92.20 25.66
N LEU B 320 -36.27 91.10 25.43
CA LEU B 320 -36.72 89.77 25.85
C LEU B 320 -35.94 89.34 27.08
N THR B 321 -36.66 89.10 28.18
CA THR B 321 -36.01 88.71 29.43
C THR B 321 -36.76 87.54 30.04
N THR B 322 -36.00 86.61 30.61
CA THR B 322 -36.62 85.49 31.32
C THR B 322 -37.23 85.92 32.65
N ASN B 323 -36.78 87.03 33.21
CA ASN B 323 -37.25 87.53 34.50
C ASN B 323 -38.29 88.64 34.30
N ASN B 324 -38.91 89.03 35.41
CA ASN B 324 -39.86 90.13 35.43
C ASN B 324 -39.45 91.14 36.47
N ALA B 325 -39.49 92.42 36.10
CA ALA B 325 -39.26 93.53 37.01
C ALA B 325 -40.55 94.33 37.10
N GLY B 326 -41.11 94.41 38.31
CA GLY B 326 -42.36 95.13 38.50
C GLY B 326 -43.56 94.48 37.84
N SER B 327 -43.54 93.15 37.68
CA SER B 327 -44.64 92.40 37.07
C SER B 327 -44.91 92.85 35.64
N ALA B 328 -43.87 93.29 34.94
CA ALA B 328 -44.01 93.71 33.54
C ALA B 328 -43.84 92.49 32.64
N ALA B 329 -44.78 91.56 32.77
CA ALA B 329 -44.71 90.31 32.01
C ALA B 329 -45.26 90.48 30.60
N LYS B 330 -46.55 90.81 30.50
CA LYS B 330 -47.27 90.96 29.22
C LYS B 330 -46.83 89.90 28.20
N ALA B 331 -46.91 88.65 28.63
CA ALA B 331 -46.33 87.52 27.90
C ALA B 331 -47.28 87.05 26.81
N ASP B 332 -47.19 87.69 25.65
CA ASP B 332 -47.94 87.24 24.47
C ASP B 332 -47.26 87.74 23.22
N MET B 333 -47.56 87.08 22.10
CA MET B 333 -47.04 87.50 20.80
C MET B 333 -47.52 88.90 20.45
N LYS B 334 -48.81 89.18 20.71
CA LYS B 334 -49.34 90.50 20.42
C LYS B 334 -48.62 91.58 21.20
N ALA B 335 -48.39 91.34 22.50
CA ALA B 335 -47.67 92.31 23.32
C ALA B 335 -46.23 92.47 22.86
N LEU B 336 -45.57 91.37 22.49
CA LEU B 336 -44.21 91.46 22.00
C LEU B 336 -44.15 92.30 20.72
N LEU B 337 -45.06 92.05 19.78
CA LEU B 337 -45.08 92.81 18.54
C LEU B 337 -45.37 94.28 18.80
N LYS B 338 -46.30 94.58 19.70
CA LYS B 338 -46.62 95.97 20.00
C LYS B 338 -45.46 96.68 20.67
N ALA B 339 -44.76 95.99 21.58
CA ALA B 339 -43.58 96.57 22.22
C ALA B 339 -42.48 96.83 21.21
N ALA B 340 -42.28 95.90 20.26
CA ALA B 340 -41.30 96.12 19.20
C ALA B 340 -41.69 97.31 18.33
N SER B 341 -42.97 97.43 17.99
CA SER B 341 -43.42 98.53 17.16
C SER B 341 -43.25 99.87 17.87
N GLU B 342 -43.56 99.93 19.15
CA GLU B 342 -43.45 101.16 19.92
C GLU B 342 -42.04 101.40 20.44
N GLY B 343 -41.13 100.45 20.25
CA GLY B 343 -39.77 100.62 20.76
C GLY B 343 -39.01 101.69 20.03
N SER B 344 -38.01 102.25 20.71
CA SER B 344 -37.19 103.29 20.11
C SER B 344 -36.35 102.74 18.96
N ASP B 345 -35.90 101.49 19.07
CA ASP B 345 -35.04 100.88 18.08
C ASP B 345 -35.77 99.74 17.38
N GLY B 346 -35.52 99.60 16.08
CA GLY B 346 -36.12 98.53 15.32
C GLY B 346 -35.52 97.17 15.63
N ALA B 347 -36.17 96.13 15.12
CA ALA B 347 -35.78 94.76 15.39
C ALA B 347 -35.91 93.92 14.12
N SER B 348 -35.33 92.72 14.17
CA SER B 348 -35.43 91.76 13.09
C SER B 348 -35.85 90.41 13.65
N LEU B 349 -36.87 89.81 13.04
CA LEU B 349 -37.38 88.50 13.44
C LEU B 349 -37.17 87.51 12.31
N THR B 350 -36.59 86.36 12.63
CA THR B 350 -36.37 85.30 11.66
C THR B 350 -37.19 84.09 12.08
N PHE B 351 -38.03 83.60 11.18
CA PHE B 351 -38.87 82.45 11.48
C PHE B 351 -38.68 81.34 10.47
N ASN B 352 -39.55 80.33 10.52
CA ASN B 352 -39.51 79.26 9.54
C ASN B 352 -39.71 79.79 8.12
N GLY B 353 -40.61 80.76 7.96
CA GLY B 353 -40.84 81.36 6.66
C GLY B 353 -39.95 82.55 6.40
N THR B 354 -40.55 83.66 5.97
CA THR B 354 -39.79 84.85 5.64
C THR B 354 -39.38 85.60 6.91
N GLU B 355 -38.40 86.48 6.75
CA GLU B 355 -37.88 87.29 7.85
C GLU B 355 -38.60 88.63 7.89
N TYR B 356 -39.03 89.02 9.08
CA TYR B 356 -39.78 90.26 9.28
C TYR B 356 -38.82 91.30 9.84
N THR B 357 -38.98 92.56 9.44
CA THR B 357 -38.19 93.65 9.97
C THR B 357 -39.13 94.71 10.54
N ILE B 358 -39.00 94.99 11.83
CA ILE B 358 -39.76 96.04 12.49
C ILE B 358 -38.93 97.30 12.46
N ALA B 359 -39.43 98.32 11.74
CA ALA B 359 -38.68 99.55 11.55
C ALA B 359 -38.69 100.40 12.81
N LYS B 360 -37.73 101.31 12.89
CA LYS B 360 -37.59 102.21 14.03
C LYS B 360 -38.82 103.09 14.22
N GLY B 376 -44.20 99.75 12.28
CA GLY B 376 -44.30 99.14 10.97
C GLY B 376 -43.40 97.93 10.80
N ILE B 377 -43.93 96.90 10.15
CA ILE B 377 -43.19 95.68 9.86
C ILE B 377 -43.17 95.50 8.35
N THR B 378 -41.97 95.37 7.79
CA THR B 378 -41.78 95.06 6.38
C THR B 378 -41.38 93.59 6.26
N TYR B 379 -42.04 92.86 5.37
CA TYR B 379 -41.77 91.44 5.23
C TYR B 379 -42.13 90.97 3.82
N GLN B 380 -41.45 89.90 3.41
CA GLN B 380 -41.73 89.26 2.14
C GLN B 380 -42.86 88.26 2.27
N ALA B 381 -43.58 88.06 1.17
CA ALA B 381 -44.69 87.13 1.13
C ALA B 381 -44.74 86.46 -0.24
N THR B 382 -45.34 85.28 -0.28
CA THR B 382 -45.40 84.47 -1.49
C THR B 382 -46.85 84.33 -1.94
N VAL B 383 -47.10 84.56 -3.23
CA VAL B 383 -48.42 84.39 -3.82
C VAL B 383 -48.28 83.55 -5.08
N SER B 384 -49.31 82.76 -5.36
CA SER B 384 -49.30 81.86 -6.51
C SER B 384 -49.56 82.61 -7.81
N LYS B 385 -48.87 82.16 -8.87
CA LYS B 385 -49.08 82.74 -10.18
C LYS B 385 -50.51 82.55 -10.64
N ASP B 386 -51.10 81.38 -10.37
CA ASP B 386 -52.49 81.14 -10.74
C ASP B 386 -53.42 82.10 -10.01
N VAL B 387 -53.15 82.33 -8.72
CA VAL B 387 -53.98 83.26 -7.96
C VAL B 387 -53.89 84.66 -8.57
N VAL B 388 -52.66 85.15 -8.75
CA VAL B 388 -52.49 86.51 -9.27
C VAL B 388 -53.09 86.63 -10.65
N LEU B 389 -53.01 85.57 -11.46
CA LEU B 389 -53.69 85.55 -12.75
C LEU B 389 -55.18 85.72 -12.56
N SER B 390 -55.75 85.06 -11.55
CA SER B 390 -57.18 85.18 -11.31
C SER B 390 -57.57 86.61 -10.97
N GLU B 391 -56.81 87.29 -10.11
CA GLU B 391 -57.17 88.69 -9.84
C GLU B 391 -56.97 89.55 -11.08
N THR B 392 -55.91 89.29 -11.86
CA THR B 392 -55.67 90.14 -13.03
C THR B 392 -56.78 89.99 -14.07
N LYS B 393 -57.28 88.79 -14.28
CA LYS B 393 -58.34 88.57 -15.26
C LYS B 393 -59.74 88.63 -14.66
N ALA B 394 -59.86 88.93 -13.36
CA ALA B 394 -61.17 88.93 -12.72
C ALA B 394 -62.07 90.03 -13.27
N ALA B 395 -61.57 91.26 -13.33
CA ALA B 395 -62.37 92.40 -13.76
C ALA B 395 -61.48 93.35 -14.55
N ALA B 396 -61.99 94.56 -14.79
CA ALA B 396 -61.28 95.58 -15.57
C ALA B 396 -60.17 96.18 -14.73
N ALA B 397 -59.15 95.35 -14.47
CA ALA B 397 -58.00 95.79 -13.70
C ALA B 397 -57.01 96.54 -14.58
N THR B 398 -56.13 97.31 -13.94
CA THR B 398 -55.10 98.08 -14.62
C THR B 398 -53.74 97.40 -14.53
N SER B 399 -53.72 96.07 -14.58
CA SER B 399 -52.47 95.33 -14.44
C SER B 399 -51.50 95.66 -15.57
N SER B 400 -50.22 95.75 -15.22
CA SER B 400 -49.15 95.99 -16.18
C SER B 400 -48.00 95.05 -15.89
N ILE B 401 -47.42 94.49 -16.95
CA ILE B 401 -46.35 93.51 -16.83
C ILE B 401 -45.10 94.08 -17.50
N THR B 402 -43.97 94.03 -16.81
CA THR B 402 -42.70 94.49 -17.36
C THR B 402 -41.85 93.30 -17.74
N PHE B 403 -41.58 93.15 -19.04
CA PHE B 403 -40.66 92.15 -19.53
C PHE B 403 -39.25 92.74 -19.47
N ASN B 404 -38.37 92.07 -18.73
CA ASN B 404 -37.01 92.54 -18.51
C ASN B 404 -36.05 91.41 -18.86
N SER B 405 -35.11 91.69 -19.76
CA SER B 405 -34.06 90.74 -20.13
C SER B 405 -32.77 90.99 -19.36
N GLY B 406 -32.79 91.91 -18.39
CA GLY B 406 -31.60 92.33 -17.69
C GLY B 406 -30.85 93.46 -18.35
N VAL B 407 -31.12 93.73 -19.62
CA VAL B 407 -30.54 94.84 -20.35
C VAL B 407 -31.68 95.63 -20.99
N LEU B 408 -32.56 94.92 -21.67
CA LEU B 408 -33.67 95.49 -22.42
C LEU B 408 -34.96 95.27 -21.64
N SER B 409 -35.77 96.32 -21.53
CA SER B 409 -37.00 96.24 -20.75
C SER B 409 -38.13 96.93 -21.50
N LYS B 410 -39.34 96.37 -21.39
CA LYS B 410 -40.54 96.99 -21.92
C LYS B 410 -41.73 96.72 -20.99
N THR B 411 -42.54 97.75 -20.77
CA THR B 411 -43.72 97.63 -19.92
C THR B 411 -44.98 97.62 -20.78
N ILE B 412 -45.83 96.62 -20.58
CA ILE B 412 -47.07 96.46 -21.33
C ILE B 412 -48.23 96.56 -20.34
N GLY B 413 -49.14 97.49 -20.59
CA GLY B 413 -50.30 97.65 -19.74
C GLY B 413 -51.58 97.19 -20.41
N PHE B 414 -52.13 96.08 -19.94
CA PHE B 414 -53.32 95.49 -20.54
C PHE B 414 -54.39 95.30 -19.49
N THR B 415 -55.64 95.53 -19.87
CA THR B 415 -56.79 95.48 -18.97
C THR B 415 -57.59 94.23 -19.26
N ALA B 416 -57.59 93.29 -18.31
CA ALA B 416 -58.39 92.07 -18.38
C ALA B 416 -58.15 91.33 -19.68
N GLY B 417 -56.88 91.07 -19.98
CA GLY B 417 -56.53 90.39 -21.21
C GLY B 417 -55.91 91.29 -22.26
N GLU B 418 -56.70 91.69 -23.24
CA GLU B 418 -56.18 92.46 -24.37
C GLU B 418 -55.61 93.78 -23.92
N SER B 419 -54.57 94.23 -24.62
CA SER B 419 -53.93 95.50 -24.31
C SER B 419 -54.81 96.67 -24.74
N SER B 420 -54.93 97.67 -23.86
CA SER B 420 -55.73 98.86 -24.15
C SER B 420 -54.90 100.13 -24.11
N ASP B 421 -53.57 100.02 -24.02
CA ASP B 421 -52.70 101.19 -23.90
C ASP B 421 -52.19 101.67 -25.26
N ALA B 422 -52.98 101.48 -26.33
CA ALA B 422 -52.59 101.86 -27.69
C ALA B 422 -51.29 101.18 -28.12
N ALA B 423 -51.03 99.99 -27.57
CA ALA B 423 -49.84 99.21 -27.89
C ALA B 423 -50.24 98.01 -28.73
N LYS B 424 -49.51 97.79 -29.82
CA LYS B 424 -49.80 96.69 -30.74
C LYS B 424 -49.01 95.47 -30.30
N SER B 425 -49.56 94.76 -29.31
CA SER B 425 -48.97 93.52 -28.81
C SER B 425 -49.79 92.35 -29.34
N TYR B 426 -49.13 91.41 -30.00
CA TYR B 426 -49.81 90.29 -30.63
C TYR B 426 -48.95 89.04 -30.57
N VAL B 427 -49.58 87.90 -30.78
CA VAL B 427 -48.93 86.61 -30.57
C VAL B 427 -49.11 85.62 -31.73
N ASP B 428 -50.08 85.81 -32.63
CA ASP B 428 -50.46 84.74 -33.56
C ASP B 428 -49.36 84.34 -34.54
N ASP B 429 -48.37 85.20 -34.77
CA ASP B 429 -47.38 84.94 -35.81
C ASP B 429 -46.63 83.63 -35.57
N LYS B 430 -45.78 83.60 -34.55
CA LYS B 430 -45.10 82.37 -34.15
C LYS B 430 -45.04 82.23 -32.63
N GLY B 431 -45.93 82.90 -31.91
CA GLY B 431 -45.77 83.06 -30.49
C GLY B 431 -44.97 84.30 -30.15
N GLY B 432 -44.87 84.56 -28.85
CA GLY B 432 -44.14 85.74 -28.46
C GLY B 432 -44.91 87.02 -28.72
N ILE B 433 -44.18 88.12 -28.73
CA ILE B 433 -44.76 89.45 -28.87
C ILE B 433 -44.31 90.05 -30.20
N THR B 434 -45.24 90.69 -30.89
CA THR B 434 -44.92 91.37 -32.14
C THR B 434 -45.75 92.65 -32.24
N ASN B 435 -45.25 93.59 -33.04
CA ASN B 435 -45.88 94.88 -33.21
C ASN B 435 -46.69 94.98 -34.49
N VAL B 436 -46.90 93.87 -35.20
CA VAL B 436 -47.64 93.90 -36.45
C VAL B 436 -49.13 93.78 -36.14
N ALA B 437 -49.89 94.84 -36.46
CA ALA B 437 -51.32 94.82 -36.21
C ALA B 437 -52.04 93.92 -37.20
N ASP B 438 -51.72 94.03 -38.48
CA ASP B 438 -52.42 93.32 -39.54
C ASP B 438 -51.41 92.73 -40.51
N TYR B 439 -51.78 91.59 -41.10
CA TYR B 439 -50.93 90.85 -42.02
C TYR B 439 -51.64 90.76 -43.36
N THR B 440 -51.24 91.60 -44.31
CA THR B 440 -51.89 91.65 -45.62
C THR B 440 -50.82 91.60 -46.70
N VAL B 441 -50.97 90.68 -47.65
CA VAL B 441 -50.04 90.50 -48.75
C VAL B 441 -50.83 90.34 -50.04
N SER B 442 -50.26 90.80 -51.16
CA SER B 442 -50.95 90.81 -52.45
C SER B 442 -50.39 89.72 -53.35
N TYR B 443 -51.28 88.97 -53.97
CA TYR B 443 -50.92 87.89 -54.89
C TYR B 443 -51.45 88.22 -56.27
N SER B 444 -50.59 88.09 -57.28
CA SER B 444 -50.95 88.28 -58.67
C SER B 444 -51.06 86.92 -59.35
N VAL B 445 -52.18 86.69 -60.04
CA VAL B 445 -52.44 85.45 -60.73
C VAL B 445 -52.26 85.69 -62.22
N ASN B 446 -51.39 84.90 -62.85
CA ASN B 446 -51.13 85.07 -64.28
C ASN B 446 -52.31 84.54 -65.08
N LYS B 447 -52.80 85.35 -66.00
CA LYS B 447 -53.97 84.94 -66.79
C LYS B 447 -53.66 83.76 -67.69
N ASP B 448 -52.47 83.72 -68.29
CA ASP B 448 -52.12 82.63 -69.18
C ASP B 448 -51.59 81.42 -68.42
N ASN B 449 -50.49 81.61 -67.69
CA ASN B 449 -49.86 80.48 -66.99
C ASN B 449 -50.77 79.92 -65.90
N GLY B 450 -51.43 80.80 -65.14
CA GLY B 450 -52.19 80.38 -63.99
C GLY B 450 -51.43 80.38 -62.69
N SER B 451 -50.13 80.67 -62.73
CA SER B 451 -49.32 80.67 -61.52
C SER B 451 -49.61 81.89 -60.66
N VAL B 452 -49.33 81.75 -59.37
CA VAL B 452 -49.57 82.80 -58.39
C VAL B 452 -48.22 83.30 -57.87
N THR B 453 -48.02 84.61 -57.90
CA THR B 453 -46.78 85.22 -57.46
C THR B 453 -47.06 86.29 -56.42
N VAL B 454 -46.09 86.52 -55.55
CA VAL B 454 -46.20 87.56 -54.54
C VAL B 454 -45.84 88.90 -55.16
N ALA B 455 -46.73 89.88 -55.05
CA ALA B 455 -46.53 91.19 -55.66
C ALA B 455 -46.55 92.30 -54.60
N GLY B 456 -45.82 92.09 -53.50
CA GLY B 456 -45.74 93.08 -52.45
C GLY B 456 -46.77 92.86 -51.36
N TYR B 457 -46.73 93.73 -50.36
CA TYR B 457 -47.68 93.65 -49.26
C TYR B 457 -47.81 95.01 -48.61
N ALA B 458 -48.91 95.18 -47.87
CA ALA B 458 -49.17 96.39 -47.10
C ALA B 458 -49.57 96.01 -45.69
N SER B 459 -49.11 96.78 -44.72
CA SER B 459 -49.43 96.55 -43.32
C SER B 459 -49.86 97.85 -42.67
N ALA B 460 -50.75 97.73 -41.69
CA ALA B 460 -51.23 98.92 -40.97
C ALA B 460 -50.07 99.61 -40.24
N THR B 461 -49.24 98.83 -39.56
CA THR B 461 -48.06 99.37 -38.91
C THR B 461 -46.89 99.41 -39.89
N ASP B 462 -45.75 99.87 -39.42
CA ASP B 462 -44.56 99.94 -40.28
C ASP B 462 -44.06 98.54 -40.65
N THR B 463 -43.97 97.66 -39.65
CA THR B 463 -43.55 96.26 -39.80
C THR B 463 -42.05 96.19 -40.10
N ASN B 464 -41.44 97.35 -40.38
CA ASN B 464 -39.99 97.45 -40.64
C ASN B 464 -39.52 96.44 -41.67
N LYS B 465 -40.44 96.00 -42.54
CA LYS B 465 -40.18 94.96 -43.53
C LYS B 465 -39.61 93.70 -42.90
N ASP B 466 -40.04 93.40 -41.67
CA ASP B 466 -39.58 92.20 -40.99
C ASP B 466 -40.23 90.95 -41.59
N TYR B 467 -41.54 91.01 -41.86
CA TYR B 467 -42.27 89.91 -42.47
C TYR B 467 -42.33 90.01 -43.99
N ALA B 468 -41.35 90.65 -44.60
CA ALA B 468 -41.40 90.89 -46.04
C ALA B 468 -41.08 89.62 -46.82
N PRO B 469 -41.97 89.15 -47.69
CA PRO B 469 -41.62 88.06 -48.59
C PRO B 469 -41.06 88.58 -49.91
N ALA B 470 -40.30 87.72 -50.58
CA ALA B 470 -39.70 88.10 -51.84
C ALA B 470 -40.77 88.35 -52.90
N ILE B 471 -40.63 89.44 -53.65
CA ILE B 471 -41.60 89.81 -54.67
C ILE B 471 -41.30 89.02 -55.95
N GLY B 472 -42.36 88.49 -56.55
CA GLY B 472 -42.22 87.71 -57.76
C GLY B 472 -41.92 86.24 -57.56
N THR B 473 -41.89 85.77 -56.32
CA THR B 473 -41.62 84.37 -56.04
C THR B 473 -42.91 83.56 -56.16
N ALA B 474 -42.82 82.41 -56.80
CA ALA B 474 -43.99 81.56 -56.99
C ALA B 474 -44.56 81.12 -55.66
N VAL B 475 -45.88 81.04 -55.59
CA VAL B 475 -46.58 80.66 -54.37
C VAL B 475 -46.86 79.16 -54.41
N ASN B 476 -46.53 78.48 -53.32
CA ASN B 476 -46.67 77.03 -53.22
C ASN B 476 -47.66 76.67 -52.12
N VAL B 477 -48.28 75.51 -52.27
CA VAL B 477 -49.23 75.00 -51.29
C VAL B 477 -48.53 73.96 -50.42
N ASN B 478 -48.59 74.17 -49.10
CA ASN B 478 -47.95 73.25 -48.17
C ASN B 478 -48.66 71.89 -48.19
N SER B 479 -48.03 70.91 -47.57
CA SER B 479 -48.66 69.59 -47.44
C SER B 479 -49.94 69.68 -46.63
N ALA B 480 -49.93 70.47 -45.56
CA ALA B 480 -51.14 70.68 -44.77
C ALA B 480 -52.18 71.49 -45.53
N GLY B 481 -51.78 72.22 -46.57
CA GLY B 481 -52.71 73.01 -47.37
C GLY B 481 -52.55 74.51 -47.23
N LYS B 482 -51.54 74.99 -46.50
CA LYS B 482 -51.36 76.41 -46.31
C LYS B 482 -50.63 77.03 -47.51
N ILE B 483 -50.37 78.33 -47.41
CA ILE B 483 -49.65 79.08 -48.43
C ILE B 483 -48.23 79.31 -47.95
N THR B 484 -47.25 78.89 -48.75
CA THR B 484 -45.85 78.97 -48.35
C THR B 484 -44.99 79.09 -49.59
N THR B 485 -43.92 79.90 -49.50
CA THR B 485 -43.00 80.07 -50.61
C THR B 485 -41.95 78.97 -50.69
N GLU B 486 -41.82 78.13 -49.66
CA GLU B 486 -40.82 77.07 -49.67
C GLU B 486 -41.19 76.01 -50.70
N THR B 487 -40.20 75.61 -51.51
CA THR B 487 -40.46 74.65 -52.57
C THR B 487 -40.67 73.26 -52.02
N THR B 488 -39.83 72.83 -51.08
CA THR B 488 -39.83 71.47 -50.57
C THR B 488 -40.22 71.45 -49.11
N SER B 489 -41.06 70.49 -48.74
CA SER B 489 -41.46 70.27 -47.36
C SER B 489 -41.07 68.86 -46.95
N ALA B 490 -40.57 68.73 -45.72
CA ALA B 490 -40.12 67.43 -45.24
C ALA B 490 -41.30 66.47 -45.13
N GLY B 491 -41.00 65.19 -45.28
CA GLY B 491 -42.00 64.14 -45.25
C GLY B 491 -41.72 63.14 -44.15
N SER B 492 -42.14 61.90 -44.39
CA SER B 492 -42.00 60.83 -43.42
C SER B 492 -41.72 59.53 -44.17
N ALA B 493 -41.50 58.47 -43.39
CA ALA B 493 -41.18 57.18 -43.98
C ALA B 493 -42.36 56.66 -44.79
N THR B 494 -42.04 56.05 -45.94
CA THR B 494 -43.09 55.49 -46.78
C THR B 494 -43.82 54.38 -46.06
N THR B 495 -45.15 54.38 -46.18
CA THR B 495 -45.96 53.42 -45.43
C THR B 495 -45.81 52.01 -45.97
N ASN B 496 -45.78 51.85 -47.29
CA ASN B 496 -45.79 50.52 -47.92
C ASN B 496 -44.70 50.47 -48.98
N PRO B 497 -43.44 50.28 -48.58
CA PRO B 497 -42.35 50.37 -49.56
C PRO B 497 -42.32 49.19 -50.52
N LEU B 498 -42.54 47.98 -50.01
CA LEU B 498 -42.39 46.79 -50.84
C LEU B 498 -43.46 46.74 -51.93
N ALA B 499 -44.67 47.21 -51.62
CA ALA B 499 -45.72 47.26 -52.64
C ALA B 499 -45.34 48.19 -53.77
N ALA B 500 -44.80 49.37 -53.45
CA ALA B 500 -44.38 50.31 -54.49
C ALA B 500 -43.25 49.73 -55.32
N LEU B 501 -42.29 49.07 -54.66
CA LEU B 501 -41.19 48.46 -55.41
C LEU B 501 -41.71 47.37 -56.33
N ASP B 502 -42.67 46.57 -55.87
CA ASP B 502 -43.28 45.54 -56.70
C ASP B 502 -43.99 46.17 -57.90
N ASP B 503 -44.70 47.27 -57.69
CA ASP B 503 -45.37 47.94 -58.80
C ASP B 503 -44.37 48.45 -59.82
N ALA B 504 -43.25 49.03 -59.37
CA ALA B 504 -42.22 49.48 -60.29
C ALA B 504 -41.64 48.32 -61.10
N ILE B 505 -41.34 47.22 -60.43
CA ILE B 505 -40.80 46.06 -61.12
C ILE B 505 -41.80 45.52 -62.13
N SER B 506 -43.08 45.50 -61.77
CA SER B 506 -44.11 45.02 -62.69
C SER B 506 -44.20 45.90 -63.92
N SER B 507 -44.13 47.23 -63.74
CA SER B 507 -44.15 48.12 -64.89
C SER B 507 -42.95 47.88 -65.80
N ILE B 508 -41.77 47.72 -65.21
CA ILE B 508 -40.58 47.43 -66.00
C ILE B 508 -40.77 46.14 -66.79
N ASP B 509 -41.30 45.11 -66.14
CA ASP B 509 -41.50 43.82 -66.80
C ASP B 509 -42.50 43.93 -67.94
N LYS B 510 -43.58 44.69 -67.74
CA LYS B 510 -44.55 44.87 -68.82
C LYS B 510 -43.92 45.56 -70.01
N PHE B 511 -43.12 46.60 -69.76
CA PHE B 511 -42.43 47.27 -70.85
C PHE B 511 -41.51 46.32 -71.60
N ARG B 512 -40.74 45.52 -70.85
CA ARG B 512 -39.81 44.59 -71.49
C ARG B 512 -40.56 43.56 -72.33
N SER B 513 -41.68 43.06 -71.82
CA SER B 513 -42.47 42.08 -72.57
C SER B 513 -43.00 42.67 -73.87
N SER B 514 -43.54 43.89 -73.80
CA SER B 514 -44.05 44.53 -75.02
C SER B 514 -42.93 44.73 -76.03
N LEU B 515 -41.76 45.18 -75.55
CA LEU B 515 -40.63 45.41 -76.44
C LEU B 515 -40.19 44.12 -77.11
N GLY B 516 -40.12 43.03 -76.35
CA GLY B 516 -39.74 41.76 -76.92
C GLY B 516 -40.73 41.27 -77.96
N ALA B 517 -42.03 41.43 -77.69
CA ALA B 517 -43.03 41.03 -78.67
C ALA B 517 -42.88 41.81 -79.97
N ILE B 518 -42.67 43.13 -79.86
CA ILE B 518 -42.48 43.95 -81.05
C ILE B 518 -41.25 43.48 -81.82
N GLN B 519 -40.17 43.17 -81.12
CA GLN B 519 -38.96 42.73 -81.81
C GLN B 519 -39.16 41.40 -82.52
N ASN B 520 -39.90 40.47 -81.89
CA ASN B 520 -40.19 39.20 -82.57
C ASN B 520 -40.99 39.42 -83.84
N ARG B 521 -42.03 40.26 -83.77
CA ARG B 521 -42.81 40.51 -84.97
C ARG B 521 -41.98 41.21 -86.04
N LEU B 522 -41.03 42.05 -85.64
CA LEU B 522 -40.16 42.71 -86.60
C LEU B 522 -39.26 41.70 -87.31
N ASP B 523 -38.73 40.73 -86.56
CA ASP B 523 -37.91 39.68 -87.18
C ASP B 523 -38.73 38.86 -88.17
N SER B 524 -39.97 38.51 -87.79
CA SER B 524 -40.83 37.80 -88.73
C SER B 524 -41.07 38.62 -89.99
N ALA B 525 -41.25 39.93 -89.84
CA ALA B 525 -41.40 40.79 -90.99
C ALA B 525 -40.17 40.75 -91.88
N VAL B 526 -38.98 40.75 -91.28
CA VAL B 526 -37.75 40.68 -92.06
C VAL B 526 -37.71 39.40 -92.89
N THR B 527 -38.05 38.27 -92.26
CA THR B 527 -38.03 37.00 -92.99
C THR B 527 -39.02 37.01 -94.15
N ASN B 528 -40.23 37.50 -93.91
CA ASN B 528 -41.22 37.55 -94.98
C ASN B 528 -40.77 38.45 -96.12
N LEU B 529 -40.15 39.59 -95.78
CA LEU B 529 -39.66 40.49 -96.81
C LEU B 529 -38.59 39.83 -97.66
N ASN B 530 -37.68 39.08 -97.03
CA ASN B 530 -36.64 38.39 -97.80
C ASN B 530 -37.25 37.38 -98.75
N ASN B 531 -38.22 36.59 -98.26
CA ASN B 531 -38.85 35.60 -99.14
C ASN B 531 -39.55 36.26 -100.32
N THR B 532 -40.29 37.33 -100.05
CA THR B 532 -41.02 38.02 -101.12
C THR B 532 -40.04 38.63 -102.13
N THR B 533 -38.94 39.20 -101.64
CA THR B 533 -37.95 39.77 -102.53
C THR B 533 -37.35 38.70 -103.45
N THR B 534 -37.03 37.54 -102.90
CA THR B 534 -36.48 36.46 -103.72
C THR B 534 -37.48 36.03 -104.79
N ASN B 535 -38.74 35.85 -104.41
CA ASN B 535 -39.74 35.40 -105.36
C ASN B 535 -39.97 36.42 -106.46
N LEU B 536 -40.04 37.70 -106.11
CA LEU B 536 -40.27 38.74 -107.11
C LEU B 536 -39.07 38.89 -108.03
N SER B 537 -37.86 38.75 -107.49
CA SER B 537 -36.67 38.78 -108.35
C SER B 537 -36.70 37.63 -109.34
N GLU B 538 -37.12 36.44 -108.89
CA GLU B 538 -37.23 35.31 -109.80
C GLU B 538 -38.27 35.58 -110.88
N ALA B 539 -39.39 36.18 -110.52
CA ALA B 539 -40.43 36.50 -111.51
C ALA B 539 -39.91 37.50 -112.55
N GLN B 540 -39.18 38.52 -112.09
CA GLN B 540 -38.58 39.47 -113.03
C GLN B 540 -37.61 38.75 -113.95
N SER B 541 -36.84 37.81 -113.41
CA SER B 541 -35.93 37.04 -114.25
C SER B 541 -36.71 36.23 -115.29
N ARG B 542 -37.87 35.69 -114.90
CA ARG B 542 -38.73 34.99 -115.85
C ARG B 542 -39.11 35.89 -117.01
N ILE B 543 -39.54 37.12 -116.70
CA ILE B 543 -40.04 38.02 -117.74
C ILE B 543 -38.90 38.50 -118.63
N GLN B 544 -37.80 38.94 -118.03
CA GLN B 544 -36.65 39.48 -118.75
C GLN B 544 -35.65 38.36 -119.04
N ASP B 545 -34.40 38.73 -119.33
CA ASP B 545 -33.29 37.78 -119.37
C ASP B 545 -33.39 36.75 -120.49
N ALA B 546 -33.24 37.20 -121.73
CA ALA B 546 -33.26 36.31 -122.89
C ALA B 546 -32.30 35.15 -122.72
N ASP B 547 -32.61 34.05 -123.42
CA ASP B 547 -31.84 32.81 -123.32
C ASP B 547 -30.69 32.83 -124.32
N TYR B 548 -29.46 32.68 -123.80
CA TYR B 548 -28.30 32.70 -124.68
C TYR B 548 -28.29 31.54 -125.67
N ALA B 549 -28.83 30.39 -125.31
CA ALA B 549 -28.91 29.30 -126.28
C ALA B 549 -29.68 29.74 -127.52
N THR B 550 -30.89 30.27 -127.31
CA THR B 550 -31.72 30.70 -128.42
C THR B 550 -31.06 31.86 -129.17
N GLU B 551 -30.50 32.83 -128.46
CA GLU B 551 -29.92 33.98 -129.14
C GLU B 551 -28.67 33.60 -129.94
N VAL B 552 -27.84 32.70 -129.42
CA VAL B 552 -26.67 32.25 -130.15
C VAL B 552 -27.09 31.51 -131.42
N SER B 553 -28.08 30.62 -131.29
CA SER B 553 -28.58 29.93 -132.48
C SER B 553 -29.12 30.93 -133.51
N ASN B 554 -29.87 31.92 -133.04
CA ASN B 554 -30.45 32.91 -133.94
C ASN B 554 -29.37 33.70 -134.66
N MET B 555 -28.35 34.16 -133.94
CA MET B 555 -27.32 34.94 -134.61
C MET B 555 -26.51 34.09 -135.57
N SER B 556 -26.27 32.82 -135.22
CA SER B 556 -25.50 31.96 -136.12
C SER B 556 -26.25 31.74 -137.43
N LYS B 557 -27.54 31.41 -137.34
CA LYS B 557 -28.29 31.24 -138.58
C LYS B 557 -28.44 32.56 -139.32
N ALA B 558 -28.52 33.68 -138.61
CA ALA B 558 -28.59 34.97 -139.29
C ALA B 558 -27.30 35.27 -140.04
N GLN B 559 -26.15 34.98 -139.44
CA GLN B 559 -24.88 35.20 -140.12
C GLN B 559 -24.76 34.33 -141.35
N ILE B 560 -25.15 33.06 -141.24
CA ILE B 560 -25.07 32.19 -142.41
C ILE B 560 -26.01 32.66 -143.51
N ILE B 561 -27.22 33.08 -143.16
CA ILE B 561 -28.15 33.58 -144.17
C ILE B 561 -27.58 34.84 -144.82
N GLN B 562 -26.90 35.68 -144.03
CA GLN B 562 -26.32 36.90 -144.59
C GLN B 562 -25.20 36.58 -145.56
N GLN B 563 -24.32 35.64 -145.20
CA GLN B 563 -23.24 35.28 -146.11
C GLN B 563 -23.77 34.64 -147.38
N ALA B 564 -24.78 33.79 -147.25
CA ALA B 564 -25.43 33.21 -148.42
C ALA B 564 -26.05 34.29 -149.30
N GLY B 565 -26.71 35.27 -148.68
CA GLY B 565 -27.27 36.35 -149.44
C GLY B 565 -26.23 37.18 -150.16
N ASN B 566 -25.10 37.41 -149.51
CA ASN B 566 -24.02 38.16 -150.16
C ASN B 566 -23.46 37.39 -151.35
N SER B 567 -23.26 36.08 -151.21
CA SER B 567 -22.75 35.29 -152.32
C SER B 567 -23.75 35.26 -153.47
N VAL B 568 -25.04 35.07 -153.17
CA VAL B 568 -26.05 35.06 -154.22
C VAL B 568 -26.16 36.44 -154.86
N LEU B 569 -25.98 37.49 -154.07
CA LEU B 569 -25.99 38.85 -154.61
C LEU B 569 -24.82 39.05 -155.57
N ALA B 570 -23.65 38.51 -155.23
CA ALA B 570 -22.52 38.60 -156.14
C ALA B 570 -22.82 37.85 -157.43
N LYS B 571 -23.43 36.67 -157.33
CA LYS B 571 -23.76 35.91 -158.53
C LYS B 571 -24.79 36.63 -159.39
N ALA B 572 -25.77 37.29 -158.75
CA ALA B 572 -26.80 38.01 -159.51
C ALA B 572 -26.24 39.28 -160.11
N ASN B 573 -25.43 40.03 -159.35
CA ASN B 573 -24.72 41.20 -159.83
C ASN B 573 -23.66 40.83 -160.87
N GLN B 574 -23.37 39.54 -161.02
CA GLN B 574 -22.61 39.09 -162.17
C GLN B 574 -23.56 39.29 -163.35
N VAL B 575 -23.75 40.55 -163.72
CA VAL B 575 -24.83 41.00 -164.58
C VAL B 575 -24.65 40.39 -165.96
N PRO B 576 -25.69 40.29 -166.76
CA PRO B 576 -25.51 39.77 -168.12
C PRO B 576 -24.49 40.58 -168.90
N GLN B 577 -23.32 39.99 -169.13
CA GLN B 577 -22.41 40.44 -170.17
C GLN B 577 -22.52 39.59 -171.42
N GLN B 578 -23.39 38.58 -171.39
CA GLN B 578 -23.75 37.89 -172.61
C GLN B 578 -24.39 38.84 -173.62
N VAL B 579 -24.94 39.96 -173.15
CA VAL B 579 -25.36 41.00 -174.07
C VAL B 579 -24.15 41.57 -174.81
N LEU B 580 -23.06 41.83 -174.09
CA LEU B 580 -21.84 42.26 -174.76
C LEU B 580 -21.34 41.18 -175.71
N SER B 581 -21.45 39.92 -175.29
CA SER B 581 -21.05 38.81 -176.14
C SER B 581 -21.86 38.80 -177.44
N LEU B 582 -23.15 39.06 -177.35
CA LEU B 582 -23.99 39.14 -178.54
C LEU B 582 -23.64 40.35 -179.39
N LEU B 583 -23.18 41.43 -178.75
CA LEU B 583 -23.03 42.70 -179.44
C LEU B 583 -22.05 42.62 -180.62
N GLN B 584 -20.90 41.96 -180.43
CA GLN B 584 -19.94 41.90 -181.51
C GLN B 584 -20.29 40.87 -182.57
N GLY B 585 -21.28 40.01 -182.31
CA GLY B 585 -21.68 39.00 -183.27
C GLY B 585 -22.39 39.57 -184.48
N MET C 1 5.94 11.20 -165.38
CA MET C 1 4.78 11.96 -164.95
C MET C 1 4.20 12.76 -166.12
N ALA C 2 5.04 13.58 -166.74
CA ALA C 2 4.58 14.41 -167.85
C ALA C 2 4.16 13.56 -169.04
N GLN C 3 4.87 12.46 -169.29
CA GLN C 3 4.63 11.69 -170.50
C GLN C 3 3.48 10.69 -170.36
N VAL C 4 2.98 10.44 -169.16
CA VAL C 4 1.92 9.45 -168.93
C VAL C 4 0.80 10.09 -168.13
N ILE C 5 -0.44 9.76 -168.49
CA ILE C 5 -1.61 10.22 -167.75
C ILE C 5 -2.45 9.08 -167.20
N ASN C 6 -2.16 7.83 -167.57
CA ASN C 6 -3.04 6.73 -167.21
C ASN C 6 -2.76 6.18 -165.82
N THR C 7 -1.51 6.21 -165.37
CA THR C 7 -1.13 5.64 -164.09
C THR C 7 -0.29 6.65 -163.30
N ASN C 8 -0.10 6.34 -162.01
CA ASN C 8 0.71 7.19 -161.14
C ASN C 8 1.53 6.29 -160.23
N SER C 9 2.76 6.00 -160.65
CA SER C 9 3.66 5.19 -159.82
C SER C 9 3.93 5.86 -158.50
N LEU C 10 4.03 7.20 -158.48
CA LEU C 10 4.23 7.92 -157.23
C LEU C 10 3.08 7.69 -156.28
N SER C 11 1.84 7.78 -156.79
CA SER C 11 0.67 7.54 -155.94
C SER C 11 0.66 6.11 -155.41
N LEU C 12 1.00 5.14 -156.27
CA LEU C 12 1.00 3.76 -155.84
C LEU C 12 2.03 3.53 -154.73
N ILE C 13 3.24 4.07 -154.88
CA ILE C 13 4.27 3.90 -153.87
C ILE C 13 3.87 4.57 -152.57
N THR C 14 3.29 5.77 -152.65
CA THR C 14 2.85 6.45 -151.45
C THR C 14 1.76 5.66 -150.73
N GLN C 15 0.82 5.09 -151.47
CA GLN C 15 -0.22 4.29 -150.85
C GLN C 15 0.36 3.06 -150.17
N ASN C 16 1.34 2.41 -150.80
CA ASN C 16 1.97 1.25 -150.18
C ASN C 16 2.63 1.63 -148.87
N ASN C 17 3.36 2.75 -148.87
CA ASN C 17 4.03 3.19 -147.65
C ASN C 17 3.03 3.55 -146.56
N ILE C 18 1.91 4.17 -146.96
CA ILE C 18 0.88 4.52 -145.98
C ILE C 18 0.32 3.27 -145.32
N ASN C 19 0.04 2.24 -146.12
CA ASN C 19 -0.48 0.99 -145.55
C ASN C 19 0.55 0.35 -144.61
N LYS C 20 1.83 0.37 -145.01
CA LYS C 20 2.86 -0.20 -144.16
C LYS C 20 2.93 0.51 -142.83
N ASN C 21 2.80 1.83 -142.83
CA ASN C 21 2.77 2.55 -141.56
C ASN C 21 1.48 2.25 -140.78
N GLN C 22 0.38 2.06 -141.50
CA GLN C 22 -0.91 1.79 -140.86
C GLN C 22 -0.86 0.54 -140.00
N SER C 23 -0.17 -0.49 -140.49
CA SER C 23 -0.04 -1.72 -139.70
C SER C 23 0.50 -1.41 -138.30
N ALA C 24 1.63 -0.70 -138.24
CA ALA C 24 2.26 -0.41 -136.96
C ALA C 24 1.42 0.54 -136.13
N LEU C 25 0.76 1.50 -136.77
CA LEU C 25 -0.11 2.41 -136.04
C LEU C 25 -1.21 1.66 -135.30
N SER C 26 -1.90 0.77 -136.01
CA SER C 26 -2.97 0.00 -135.40
C SER C 26 -2.42 -0.88 -134.28
N SER C 27 -1.27 -1.52 -134.52
CA SER C 27 -0.69 -2.37 -133.49
C SER C 27 -0.41 -1.58 -132.22
N SER C 28 0.23 -0.42 -132.35
CA SER C 28 0.58 0.38 -131.18
C SER C 28 -0.67 0.85 -130.44
N ILE C 29 -1.68 1.31 -131.18
CA ILE C 29 -2.88 1.81 -130.51
C ILE C 29 -3.58 0.70 -129.73
N GLU C 30 -3.71 -0.49 -130.35
CA GLU C 30 -4.39 -1.57 -129.63
C GLU C 30 -3.55 -2.03 -128.44
N ARG C 31 -2.22 -2.02 -128.56
CA ARG C 31 -1.39 -2.42 -127.44
C ARG C 31 -1.54 -1.46 -126.27
N LEU C 32 -1.59 -0.16 -126.54
CA LEU C 32 -1.84 0.80 -125.46
C LEU C 32 -3.23 0.63 -124.86
N SER C 33 -4.24 0.41 -125.69
CA SER C 33 -5.59 0.27 -125.16
C SER C 33 -5.71 -0.94 -124.25
N SER C 34 -5.13 -2.07 -124.66
CA SER C 34 -5.25 -3.28 -123.86
C SER C 34 -4.33 -3.25 -122.64
N GLY C 35 -3.12 -2.71 -122.80
CA GLY C 35 -2.15 -2.75 -121.71
C GLY C 35 -1.39 -4.04 -121.59
N LEU C 36 -1.28 -4.80 -122.68
CA LEU C 36 -0.57 -6.08 -122.68
C LEU C 36 0.40 -6.14 -123.84
N ARG C 37 1.60 -6.69 -123.58
CA ARG C 37 2.59 -6.80 -124.64
C ARG C 37 2.20 -7.86 -125.66
N ILE C 38 1.78 -9.03 -125.19
CA ILE C 38 1.38 -10.14 -126.05
C ILE C 38 -0.13 -10.09 -126.20
N ASN C 39 -0.59 -9.80 -127.41
CA ASN C 39 -2.01 -9.58 -127.65
C ASN C 39 -2.41 -10.30 -128.93
N SER C 40 -3.56 -10.98 -128.88
CA SER C 40 -4.19 -11.65 -130.01
C SER C 40 -3.36 -12.79 -130.57
N ALA C 41 -2.22 -13.11 -129.97
CA ALA C 41 -1.37 -14.23 -130.35
C ALA C 41 -0.88 -14.14 -131.80
N LYS C 42 -0.96 -12.95 -132.41
CA LYS C 42 -0.37 -12.72 -133.72
C LYS C 42 1.12 -12.43 -133.64
N ASP C 43 1.74 -12.81 -132.54
CA ASP C 43 3.16 -12.61 -132.28
C ASP C 43 3.70 -13.89 -131.66
N ASP C 44 4.85 -13.81 -131.00
CA ASP C 44 5.48 -14.98 -130.40
C ASP C 44 4.52 -15.74 -129.51
N ALA C 45 4.14 -16.95 -129.93
CA ALA C 45 3.19 -17.75 -129.17
C ALA C 45 3.80 -18.40 -127.94
N ALA C 46 5.14 -18.45 -127.87
CA ALA C 46 5.79 -18.95 -126.67
C ALA C 46 5.44 -18.07 -125.48
N GLY C 47 5.45 -16.74 -125.67
CA GLY C 47 5.04 -15.85 -124.61
C GLY C 47 3.61 -16.08 -124.18
N GLN C 48 2.72 -16.30 -125.16
CA GLN C 48 1.32 -16.59 -124.84
C GLN C 48 1.20 -17.83 -123.97
N ALA C 49 1.85 -18.91 -124.38
CA ALA C 49 1.75 -20.16 -123.64
C ALA C 49 2.33 -20.03 -122.24
N ILE C 50 3.49 -19.36 -122.13
CA ILE C 50 4.13 -19.22 -120.82
C ILE C 50 3.29 -18.33 -119.91
N ALA C 51 2.66 -17.29 -120.48
CA ALA C 51 1.77 -16.46 -119.68
C ALA C 51 0.57 -17.26 -119.18
N ASN C 52 0.02 -18.13 -120.04
CA ASN C 52 -1.07 -18.98 -119.58
C ASN C 52 -0.63 -19.89 -118.43
N ARG C 53 0.55 -20.49 -118.56
CA ARG C 53 1.04 -21.35 -117.50
C ARG C 53 1.22 -20.58 -116.20
N PHE C 54 1.77 -19.37 -116.28
CA PHE C 54 1.98 -18.56 -115.09
C PHE C 54 0.66 -18.17 -114.45
N THR C 55 -0.34 -17.83 -115.27
CA THR C 55 -1.66 -17.49 -114.72
C THR C 55 -2.26 -18.68 -113.98
N SER C 56 -2.16 -19.88 -114.58
CA SER C 56 -2.66 -21.07 -113.91
C SER C 56 -1.95 -21.30 -112.59
N ASN C 57 -0.63 -21.16 -112.58
CA ASN C 57 0.13 -21.37 -111.35
C ASN C 57 -0.27 -20.36 -110.28
N ILE C 58 -0.45 -19.09 -110.67
CA ILE C 58 -0.79 -18.06 -109.69
C ILE C 58 -2.14 -18.35 -109.06
N LYS C 59 -3.14 -18.67 -109.89
CA LYS C 59 -4.47 -18.95 -109.34
C LYS C 59 -4.43 -20.18 -108.44
N GLY C 60 -3.74 -21.23 -108.87
CA GLY C 60 -3.65 -22.43 -108.04
C GLY C 60 -2.98 -22.16 -106.70
N LEU C 61 -1.90 -21.39 -106.71
CA LEU C 61 -1.20 -21.10 -105.47
C LEU C 61 -2.07 -20.27 -104.52
N THR C 62 -2.80 -19.29 -105.06
CA THR C 62 -3.67 -18.50 -104.19
C THR C 62 -4.75 -19.37 -103.54
N GLN C 63 -5.38 -20.23 -104.34
CA GLN C 63 -6.41 -21.09 -103.79
C GLN C 63 -5.82 -22.06 -102.75
N ALA C 64 -4.60 -22.54 -103.01
CA ALA C 64 -3.95 -23.43 -102.04
C ALA C 64 -3.65 -22.70 -100.74
N ALA C 65 -3.27 -21.43 -100.82
CA ALA C 65 -3.06 -20.64 -99.61
C ALA C 65 -4.35 -20.54 -98.80
N ARG C 66 -5.48 -20.31 -99.49
CA ARG C 66 -6.75 -20.28 -98.78
C ARG C 66 -7.05 -21.62 -98.11
N ASN C 67 -6.77 -22.72 -98.82
CA ASN C 67 -6.99 -24.04 -98.24
C ASN C 67 -6.15 -24.24 -96.98
N ALA C 68 -4.89 -23.81 -97.02
CA ALA C 68 -4.03 -23.94 -95.84
C ALA C 68 -4.57 -23.11 -94.68
N ASN C 69 -5.11 -21.93 -94.98
CA ASN C 69 -5.75 -21.15 -93.91
C ASN C 69 -6.89 -21.92 -93.27
N ASP C 70 -7.71 -22.57 -94.09
CA ASP C 70 -8.80 -23.38 -93.53
C ASP C 70 -8.25 -24.51 -92.65
N GLY C 71 -7.16 -25.14 -93.07
CA GLY C 71 -6.55 -26.17 -92.25
C GLY C 71 -6.08 -25.64 -90.90
N ILE C 72 -5.50 -24.44 -90.90
CA ILE C 72 -5.09 -23.82 -89.65
C ILE C 72 -6.29 -23.63 -88.74
N SER C 73 -7.42 -23.20 -89.32
CA SER C 73 -8.63 -23.02 -88.51
C SER C 73 -9.07 -24.34 -87.88
N VAL C 74 -9.03 -25.43 -88.65
CA VAL C 74 -9.39 -26.74 -88.13
C VAL C 74 -8.51 -27.10 -86.94
N ALA C 75 -7.20 -26.90 -87.11
CA ALA C 75 -6.27 -27.25 -86.03
C ALA C 75 -6.56 -26.44 -84.77
N GLN C 76 -6.84 -25.14 -84.94
CA GLN C 76 -7.12 -24.30 -83.77
C GLN C 76 -8.35 -24.78 -83.02
N THR C 77 -9.43 -25.07 -83.74
CA THR C 77 -10.65 -25.54 -83.09
C THR C 77 -10.40 -26.84 -82.32
N THR C 78 -9.75 -27.79 -82.97
CA THR C 78 -9.49 -29.07 -82.31
C THR C 78 -8.65 -28.87 -81.06
N GLU C 79 -7.64 -27.99 -81.13
CA GLU C 79 -6.78 -27.80 -79.96
C GLU C 79 -7.51 -27.12 -78.82
N GLY C 80 -8.45 -26.20 -79.12
CA GLY C 80 -9.26 -25.65 -78.05
C GLY C 80 -10.07 -26.70 -77.33
N ALA C 81 -10.69 -27.60 -78.10
CA ALA C 81 -11.43 -28.69 -77.47
C ALA C 81 -10.52 -29.55 -76.59
N LEU C 82 -9.31 -29.85 -77.11
CA LEU C 82 -8.36 -30.64 -76.33
C LEU C 82 -7.98 -29.93 -75.03
N SER C 83 -7.81 -28.61 -75.08
CA SER C 83 -7.45 -27.87 -73.87
C SER C 83 -8.54 -27.99 -72.81
N GLU C 84 -9.80 -27.86 -73.22
CA GLU C 84 -10.87 -28.01 -72.24
C GLU C 84 -10.90 -29.42 -71.65
N ILE C 85 -10.70 -30.44 -72.49
CA ILE C 85 -10.67 -31.81 -71.97
C ILE C 85 -9.53 -31.97 -70.97
N ASN C 86 -8.38 -31.36 -71.26
CA ASN C 86 -7.24 -31.46 -70.35
C ASN C 86 -7.53 -30.83 -68.99
N ASN C 87 -8.19 -29.67 -68.99
CA ASN C 87 -8.56 -29.05 -67.73
C ASN C 87 -9.48 -29.97 -66.92
N ASN C 88 -10.46 -30.58 -67.60
CA ASN C 88 -11.36 -31.50 -66.90
C ASN C 88 -10.58 -32.68 -66.31
N LEU C 89 -9.62 -33.23 -67.06
CA LEU C 89 -8.84 -34.35 -66.55
C LEU C 89 -8.01 -33.95 -65.34
N GLN C 90 -7.42 -32.76 -65.35
CA GLN C 90 -6.66 -32.31 -64.19
C GLN C 90 -7.55 -32.21 -62.96
N ARG C 91 -8.74 -31.65 -63.12
CA ARG C 91 -9.65 -31.56 -61.98
C ARG C 91 -10.03 -32.94 -61.46
N ILE C 92 -10.27 -33.89 -62.38
CA ILE C 92 -10.59 -35.25 -61.96
C ILE C 92 -9.45 -35.85 -61.15
N ARG C 93 -8.21 -35.61 -61.59
CA ARG C 93 -7.07 -36.15 -60.85
C ARG C 93 -7.01 -35.57 -59.45
N GLU C 94 -7.25 -34.26 -59.30
CA GLU C 94 -7.25 -33.67 -57.97
C GLU C 94 -8.32 -34.29 -57.09
N LEU C 95 -9.51 -34.52 -57.67
CA LEU C 95 -10.58 -35.19 -56.92
C LEU C 95 -10.14 -36.57 -56.47
N THR C 96 -9.49 -37.33 -57.34
CA THR C 96 -9.02 -38.67 -56.96
C THR C 96 -8.01 -38.58 -55.84
N VAL C 97 -7.12 -37.59 -55.89
CA VAL C 97 -6.11 -37.44 -54.85
C VAL C 97 -6.77 -37.22 -53.50
N GLN C 98 -7.79 -36.36 -53.44
CA GLN C 98 -8.44 -36.18 -52.14
C GLN C 98 -9.31 -37.38 -51.76
N ALA C 99 -9.77 -38.15 -52.74
CA ALA C 99 -10.65 -39.28 -52.43
C ALA C 99 -9.87 -40.46 -51.86
N THR C 100 -8.62 -40.66 -52.30
CA THR C 100 -7.88 -41.84 -51.86
C THR C 100 -7.51 -41.80 -50.37
N THR C 101 -7.69 -40.68 -49.69
CA THR C 101 -7.38 -40.61 -48.27
C THR C 101 -8.30 -41.50 -47.47
N GLY C 102 -7.74 -42.15 -46.44
CA GLY C 102 -8.52 -43.03 -45.59
C GLY C 102 -9.38 -42.34 -44.56
N THR C 103 -9.25 -41.03 -44.42
CA THR C 103 -10.12 -40.29 -43.49
C THR C 103 -11.54 -40.18 -44.03
N ASN C 104 -11.69 -40.06 -45.35
CA ASN C 104 -13.00 -39.87 -45.94
C ASN C 104 -13.90 -41.07 -45.67
N SER C 105 -15.18 -40.79 -45.43
CA SER C 105 -16.15 -41.83 -45.14
C SER C 105 -16.91 -42.21 -46.41
N ASP C 106 -17.93 -43.07 -46.26
CA ASP C 106 -18.63 -43.61 -47.41
C ASP C 106 -19.39 -42.52 -48.16
N SER C 107 -20.07 -41.63 -47.44
CA SER C 107 -20.80 -40.54 -48.09
C SER C 107 -19.86 -39.60 -48.80
N ASP C 108 -18.70 -39.32 -48.19
CA ASP C 108 -17.72 -38.44 -48.83
C ASP C 108 -17.22 -39.06 -50.13
N LEU C 109 -16.91 -40.36 -50.10
CA LEU C 109 -16.48 -41.04 -51.31
C LEU C 109 -17.58 -41.02 -52.37
N ASP C 110 -18.84 -41.19 -51.94
CA ASP C 110 -19.94 -41.17 -52.89
C ASP C 110 -20.05 -39.81 -53.57
N SER C 111 -19.94 -38.73 -52.79
CA SER C 111 -20.02 -37.40 -53.37
C SER C 111 -18.87 -37.12 -54.34
N ILE C 112 -17.65 -37.53 -53.96
CA ILE C 112 -16.51 -37.33 -54.83
C ILE C 112 -16.69 -38.10 -56.12
N GLN C 113 -17.17 -39.34 -56.02
CA GLN C 113 -17.41 -40.13 -57.22
C GLN C 113 -18.51 -39.53 -58.08
N ASP C 114 -19.51 -38.90 -57.47
CA ASP C 114 -20.54 -38.21 -58.24
C ASP C 114 -19.92 -37.08 -59.05
N GLU C 115 -19.06 -36.29 -58.42
CA GLU C 115 -18.39 -35.21 -59.15
C GLU C 115 -17.53 -35.76 -60.28
N ILE C 116 -16.80 -36.85 -60.02
CA ILE C 116 -15.93 -37.44 -61.03
C ILE C 116 -16.75 -37.95 -62.21
N LYS C 117 -17.89 -38.58 -61.93
CA LYS C 117 -18.76 -39.06 -63.00
C LYS C 117 -19.30 -37.90 -63.82
N SER C 118 -19.67 -36.81 -63.16
CA SER C 118 -20.14 -35.64 -63.89
C SER C 118 -19.08 -35.13 -64.84
N ARG C 119 -17.83 -35.04 -64.37
CA ARG C 119 -16.78 -34.51 -65.24
C ARG C 119 -16.42 -35.47 -66.36
N LEU C 120 -16.47 -36.78 -66.12
CA LEU C 120 -16.28 -37.73 -67.20
C LEU C 120 -17.37 -37.60 -68.25
N ASP C 121 -18.61 -37.39 -67.80
CA ASP C 121 -19.70 -37.14 -68.74
C ASP C 121 -19.45 -35.89 -69.55
N GLU C 122 -18.91 -34.85 -68.92
CA GLU C 122 -18.56 -33.64 -69.66
C GLU C 122 -17.50 -33.90 -70.71
N ILE C 123 -16.48 -34.70 -70.37
CA ILE C 123 -15.45 -35.03 -71.34
C ILE C 123 -16.06 -35.74 -72.54
N ASP C 124 -16.91 -36.74 -72.28
CA ASP C 124 -17.56 -37.46 -73.37
C ASP C 124 -18.43 -36.52 -74.21
N ARG C 125 -19.18 -35.63 -73.55
CA ARG C 125 -20.07 -34.72 -74.26
C ARG C 125 -19.29 -33.79 -75.18
N VAL C 126 -18.23 -33.18 -74.65
CA VAL C 126 -17.43 -32.24 -75.46
C VAL C 126 -16.81 -32.98 -76.64
N SER C 127 -16.26 -34.17 -76.38
CA SER C 127 -15.63 -34.94 -77.45
C SER C 127 -16.64 -35.29 -78.54
N GLY C 128 -17.84 -35.73 -78.15
CA GLY C 128 -18.83 -36.11 -79.13
C GLY C 128 -19.37 -34.94 -79.92
N GLN C 129 -19.60 -33.81 -79.26
CA GLN C 129 -20.32 -32.71 -79.88
C GLN C 129 -19.44 -31.62 -80.46
N THR C 130 -18.12 -31.69 -80.29
CA THR C 130 -17.25 -30.73 -80.97
C THR C 130 -17.31 -30.98 -82.47
N GLN C 131 -17.66 -29.93 -83.22
CA GLN C 131 -17.94 -30.06 -84.63
C GLN C 131 -17.36 -28.88 -85.40
N PHE C 132 -16.81 -29.17 -86.58
CA PHE C 132 -16.30 -28.14 -87.48
C PHE C 132 -16.80 -28.46 -88.88
N ASN C 133 -17.62 -27.56 -89.44
CA ASN C 133 -18.10 -27.68 -90.81
C ASN C 133 -18.78 -29.03 -91.05
N GLY C 134 -19.58 -29.47 -90.09
CA GLY C 134 -20.29 -30.73 -90.22
C GLY C 134 -19.46 -31.96 -90.01
N VAL C 135 -18.23 -31.83 -89.52
CA VAL C 135 -17.34 -32.97 -89.28
C VAL C 135 -17.06 -33.03 -87.78
N ASN C 136 -17.30 -34.20 -87.19
CA ASN C 136 -16.97 -34.42 -85.78
C ASN C 136 -15.49 -34.77 -85.71
N VAL C 137 -14.68 -33.77 -85.37
CA VAL C 137 -13.22 -33.93 -85.45
C VAL C 137 -12.73 -34.93 -84.42
N LEU C 138 -13.36 -34.99 -83.26
CA LEU C 138 -12.89 -35.82 -82.15
C LEU C 138 -13.62 -37.16 -82.05
N ALA C 139 -14.47 -37.49 -83.02
CA ALA C 139 -15.23 -38.73 -82.97
C ALA C 139 -14.71 -39.81 -83.91
N LYS C 140 -13.77 -39.48 -84.79
CA LYS C 140 -13.23 -40.44 -85.74
C LYS C 140 -11.73 -40.54 -85.57
N ASP C 141 -11.15 -41.57 -86.20
CA ASP C 141 -9.72 -41.82 -86.13
C ASP C 141 -9.05 -41.67 -87.49
N GLY C 142 -9.64 -40.90 -88.39
CA GLY C 142 -9.15 -40.76 -89.74
C GLY C 142 -8.14 -39.64 -89.91
N SER C 143 -8.06 -39.14 -91.14
CA SER C 143 -7.17 -38.03 -91.45
C SER C 143 -7.79 -37.19 -92.55
N MET C 144 -7.42 -35.91 -92.56
CA MET C 144 -7.87 -34.97 -93.58
C MET C 144 -6.69 -34.52 -94.42
N LYS C 145 -6.85 -34.52 -95.73
CA LYS C 145 -5.81 -34.13 -96.66
C LYS C 145 -6.09 -32.72 -97.15
N ILE C 146 -5.09 -31.85 -97.05
CA ILE C 146 -5.22 -30.44 -97.41
C ILE C 146 -4.36 -30.18 -98.63
N GLN C 147 -4.96 -29.59 -99.65
CA GLN C 147 -4.25 -29.21 -100.86
C GLN C 147 -3.38 -27.99 -100.58
N VAL C 148 -2.08 -28.11 -100.80
CA VAL C 148 -1.15 -27.02 -100.56
C VAL C 148 -0.43 -26.56 -101.82
N GLY C 149 -0.26 -27.42 -102.82
CA GLY C 149 0.35 -27.03 -104.07
C GLY C 149 -0.67 -26.78 -105.16
N ALA C 150 -0.15 -26.52 -106.36
CA ALA C 150 -0.97 -26.29 -107.53
C ALA C 150 -1.10 -27.52 -108.42
N ASN C 151 -0.33 -28.58 -108.17
CA ASN C 151 -0.39 -29.79 -108.96
C ASN C 151 -0.90 -30.95 -108.10
N ASP C 152 -0.98 -32.12 -108.73
CA ASP C 152 -1.56 -33.29 -108.07
C ASP C 152 -0.62 -33.82 -106.98
N GLY C 153 -1.22 -34.32 -105.90
CA GLY C 153 -0.46 -35.00 -104.87
C GLY C 153 0.27 -34.10 -103.91
N GLU C 154 0.09 -32.78 -104.01
CA GLU C 154 0.79 -31.83 -103.15
C GLU C 154 -0.09 -31.55 -101.94
N THR C 155 -0.14 -32.51 -101.03
CA THR C 155 -1.06 -32.48 -99.91
C THR C 155 -0.32 -32.58 -98.58
N ILE C 156 -1.00 -32.16 -97.53
CA ILE C 156 -0.54 -32.30 -96.16
C ILE C 156 -1.65 -32.98 -95.36
N THR C 157 -1.28 -33.98 -94.57
CA THR C 157 -2.27 -34.79 -93.86
C THR C 157 -2.32 -34.39 -92.40
N ILE C 158 -3.53 -34.16 -91.89
CA ILE C 158 -3.78 -33.95 -90.47
C ILE C 158 -4.44 -35.21 -89.94
N ASP C 159 -3.80 -35.86 -88.98
CA ASP C 159 -4.37 -37.06 -88.36
C ASP C 159 -5.23 -36.67 -87.18
N LEU C 160 -6.39 -37.31 -87.06
CA LEU C 160 -7.29 -37.08 -85.95
C LEU C 160 -7.36 -38.33 -85.09
N LYS C 161 -7.73 -38.15 -83.83
CA LYS C 161 -7.82 -39.24 -82.88
C LYS C 161 -9.21 -39.27 -82.27
N LYS C 162 -9.75 -40.46 -82.11
CA LYS C 162 -11.03 -40.64 -81.42
C LYS C 162 -10.74 -40.58 -79.92
N ILE C 163 -11.11 -39.48 -79.29
CA ILE C 163 -10.87 -39.27 -77.87
C ILE C 163 -12.22 -39.30 -77.15
N ASP C 164 -12.34 -40.17 -76.17
CA ASP C 164 -13.51 -40.27 -75.33
C ASP C 164 -13.11 -41.07 -74.10
N SER C 165 -14.10 -41.53 -73.33
CA SER C 165 -13.80 -42.41 -72.21
C SER C 165 -13.20 -43.73 -72.70
N ASP C 166 -13.75 -44.28 -73.78
CA ASP C 166 -13.36 -45.63 -74.20
C ASP C 166 -11.88 -45.70 -74.56
N THR C 167 -11.37 -44.71 -75.28
CA THR C 167 -9.98 -44.74 -75.72
C THR C 167 -9.00 -44.29 -74.65
N LEU C 168 -9.48 -43.79 -73.52
CA LEU C 168 -8.62 -43.45 -72.40
C LEU C 168 -8.84 -44.38 -71.21
N GLY C 169 -9.67 -45.41 -71.37
CA GLY C 169 -9.94 -46.27 -70.23
C GLY C 169 -10.94 -45.60 -69.31
N LEU C 170 -10.67 -45.62 -68.01
CA LEU C 170 -11.43 -44.83 -67.06
C LEU C 170 -12.91 -45.18 -67.06
N ASN C 171 -13.30 -46.25 -67.75
CA ASN C 171 -14.72 -46.57 -67.89
C ASN C 171 -15.38 -46.77 -66.53
N GLY C 172 -14.96 -47.80 -65.81
CA GLY C 172 -15.41 -47.97 -64.44
C GLY C 172 -14.44 -47.34 -63.47
N PHE C 173 -14.38 -46.01 -63.42
CA PHE C 173 -13.41 -45.36 -62.56
C PHE C 173 -13.60 -45.75 -61.10
N ASN C 174 -14.85 -45.74 -60.63
CA ASN C 174 -15.23 -46.48 -59.44
C ASN C 174 -14.42 -46.07 -58.21
N VAL C 175 -14.32 -44.77 -57.96
CA VAL C 175 -13.58 -44.32 -56.78
C VAL C 175 -14.22 -44.87 -55.51
N ASN C 176 -15.55 -44.83 -55.42
CA ASN C 176 -16.25 -45.37 -54.28
C ASN C 176 -16.58 -46.86 -54.42
N GLY C 177 -16.36 -47.45 -55.59
CA GLY C 177 -16.59 -48.86 -55.77
C GLY C 177 -17.96 -49.26 -56.26
N LYS C 178 -18.72 -48.36 -56.86
CA LYS C 178 -20.05 -48.66 -57.38
C LYS C 178 -20.14 -48.18 -58.83
N GLY C 179 -20.24 -49.13 -59.75
CA GLY C 179 -20.24 -48.77 -61.16
C GLY C 179 -20.56 -49.97 -62.02
N THR C 180 -20.42 -49.77 -63.33
CA THR C 180 -20.78 -50.77 -64.32
C THR C 180 -19.55 -51.14 -65.15
N ILE C 181 -19.65 -52.27 -65.85
CA ILE C 181 -18.54 -52.77 -66.66
C ILE C 181 -18.99 -53.01 -68.09
N THR C 182 -20.27 -53.29 -68.31
CA THR C 182 -20.80 -53.68 -69.61
C THR C 182 -19.97 -54.83 -70.19
N ASN C 183 -20.07 -55.96 -69.48
CA ASN C 183 -19.08 -57.04 -69.52
C ASN C 183 -18.57 -57.46 -70.90
N LYS C 184 -19.42 -58.02 -71.76
CA LYS C 184 -18.93 -58.62 -73.00
C LYS C 184 -20.13 -59.17 -73.77
N ALA C 185 -19.90 -59.59 -75.01
CA ALA C 185 -20.87 -60.33 -75.81
C ALA C 185 -20.32 -61.73 -76.08
N ALA C 186 -21.16 -62.75 -75.86
CA ALA C 186 -20.72 -64.13 -75.94
C ALA C 186 -20.46 -64.53 -77.40
N THR C 187 -19.85 -65.71 -77.56
CA THR C 187 -19.55 -66.25 -78.88
C THR C 187 -19.61 -67.77 -78.83
N VAL C 188 -19.44 -68.39 -80.00
CA VAL C 188 -19.53 -69.84 -80.11
C VAL C 188 -18.40 -70.51 -79.35
N SER C 189 -17.21 -69.89 -79.36
CA SER C 189 -16.10 -70.44 -78.57
C SER C 189 -16.44 -70.41 -77.09
N ASP C 190 -17.06 -69.32 -76.61
CA ASP C 190 -17.48 -69.26 -75.22
C ASP C 190 -18.51 -70.33 -74.90
N LEU C 191 -19.45 -70.56 -75.83
CA LEU C 191 -20.45 -71.61 -75.61
C LEU C 191 -19.80 -72.98 -75.52
N THR C 192 -18.85 -73.26 -76.42
CA THR C 192 -18.16 -74.54 -76.39
C THR C 192 -17.37 -74.71 -75.10
N SER C 193 -16.70 -73.65 -74.65
CA SER C 193 -15.96 -73.72 -73.39
C SER C 193 -16.92 -73.98 -72.22
N ALA C 194 -18.07 -73.32 -72.22
CA ALA C 194 -19.08 -73.56 -71.19
C ALA C 194 -19.67 -74.96 -71.29
N GLY C 195 -19.57 -75.62 -72.44
CA GLY C 195 -19.98 -76.99 -72.57
C GLY C 195 -21.23 -77.23 -73.39
N ALA C 196 -21.73 -76.22 -74.09
CA ALA C 196 -22.91 -76.41 -74.93
C ALA C 196 -22.61 -77.37 -76.08
N LYS C 197 -23.61 -78.18 -76.43
CA LYS C 197 -23.47 -79.16 -77.49
C LYS C 197 -24.26 -78.71 -78.71
N LEU C 198 -23.68 -78.90 -79.89
CA LEU C 198 -24.38 -78.59 -81.13
C LEU C 198 -25.40 -79.67 -81.43
N ASN C 199 -26.63 -79.25 -81.74
CA ASN C 199 -27.70 -80.17 -82.13
C ASN C 199 -27.66 -80.32 -83.65
N THR C 200 -27.34 -81.52 -84.12
CA THR C 200 -27.14 -81.73 -85.55
C THR C 200 -28.44 -81.54 -86.33
N THR C 201 -29.56 -82.01 -85.79
CA THR C 201 -30.81 -81.97 -86.55
C THR C 201 -31.35 -80.55 -86.70
N THR C 202 -31.08 -79.67 -85.73
CA THR C 202 -31.62 -78.32 -85.76
C THR C 202 -30.57 -77.24 -85.98
N GLY C 203 -29.31 -77.52 -85.71
CA GLY C 203 -28.25 -76.53 -85.88
C GLY C 203 -28.06 -75.59 -84.71
N LEU C 204 -28.89 -75.68 -83.68
CA LEU C 204 -28.77 -74.81 -82.53
C LEU C 204 -27.68 -75.32 -81.59
N TYR C 205 -27.37 -74.52 -80.58
CA TYR C 205 -26.48 -74.91 -79.50
C TYR C 205 -27.29 -75.05 -78.22
N ASP C 206 -27.31 -76.25 -77.66
CA ASP C 206 -28.08 -76.55 -76.45
C ASP C 206 -27.13 -76.66 -75.27
N LEU C 207 -27.43 -75.91 -74.21
CA LEU C 207 -26.67 -75.96 -72.98
C LEU C 207 -27.52 -76.61 -71.90
N LYS C 208 -26.99 -77.68 -71.30
CA LYS C 208 -27.69 -78.43 -70.28
C LYS C 208 -26.99 -78.26 -68.94
N THR C 209 -27.76 -77.88 -67.92
CA THR C 209 -27.25 -77.68 -66.57
C THR C 209 -27.86 -78.71 -65.65
N GLU C 210 -27.01 -79.39 -64.88
CA GLU C 210 -27.47 -80.45 -63.99
C GLU C 210 -27.87 -79.88 -62.64
N ASN C 211 -28.80 -80.56 -61.98
CA ASN C 211 -29.34 -80.13 -60.69
C ASN C 211 -29.15 -81.25 -59.68
N THR C 212 -28.53 -80.93 -58.55
CA THR C 212 -28.21 -81.94 -57.55
C THR C 212 -29.44 -82.28 -56.72
N LEU C 213 -29.65 -83.57 -56.48
CA LEU C 213 -30.78 -84.02 -55.67
C LEU C 213 -30.65 -83.50 -54.25
N LEU C 214 -31.80 -83.31 -53.59
CA LEU C 214 -31.81 -82.78 -52.24
C LEU C 214 -31.07 -83.71 -51.29
N THR C 215 -30.24 -83.12 -50.44
CA THR C 215 -29.42 -83.86 -49.48
C THR C 215 -29.87 -83.56 -48.06
N THR C 216 -29.44 -84.43 -47.15
CA THR C 216 -29.81 -84.27 -45.74
C THR C 216 -29.27 -82.99 -45.16
N ASP C 217 -28.04 -82.61 -45.53
CA ASP C 217 -27.46 -81.37 -45.02
C ASP C 217 -28.25 -80.15 -45.46
N ALA C 218 -28.64 -80.10 -46.74
CA ALA C 218 -29.43 -78.99 -47.23
C ALA C 218 -30.81 -78.97 -46.56
N ALA C 219 -31.41 -80.14 -46.38
CA ALA C 219 -32.71 -80.21 -45.70
C ALA C 219 -32.60 -79.69 -44.27
N PHE C 220 -31.53 -80.07 -43.56
CA PHE C 220 -31.34 -79.60 -42.20
C PHE C 220 -31.09 -78.10 -42.16
N ASP C 221 -30.36 -77.58 -43.14
CA ASP C 221 -30.15 -76.13 -43.21
C ASP C 221 -31.47 -75.41 -43.42
N LYS C 222 -32.33 -75.96 -44.27
CA LYS C 222 -33.63 -75.34 -44.54
C LYS C 222 -34.69 -75.69 -43.50
N LEU C 223 -34.35 -76.52 -42.51
CA LEU C 223 -35.30 -76.84 -41.46
C LEU C 223 -35.75 -75.60 -40.70
N GLY C 224 -37.04 -75.55 -40.38
CA GLY C 224 -37.61 -74.43 -39.65
C GLY C 224 -38.30 -74.89 -38.39
N ASN C 225 -38.86 -73.91 -37.67
CA ASN C 225 -39.55 -74.20 -36.43
C ASN C 225 -40.80 -75.03 -36.69
N GLY C 226 -41.02 -76.04 -35.85
CA GLY C 226 -42.16 -76.91 -35.99
C GLY C 226 -42.04 -78.02 -37.01
N ASP C 227 -40.87 -78.17 -37.63
CA ASP C 227 -40.69 -79.22 -38.63
C ASP C 227 -40.65 -80.59 -37.97
N LYS C 228 -41.15 -81.59 -38.70
CA LYS C 228 -41.27 -82.96 -38.21
C LYS C 228 -40.40 -83.88 -39.05
N VAL C 229 -39.55 -84.67 -38.39
CA VAL C 229 -38.66 -85.62 -39.05
C VAL C 229 -38.98 -87.01 -38.54
N THR C 230 -39.25 -87.92 -39.46
CA THR C 230 -39.60 -89.30 -39.12
C THR C 230 -38.53 -90.23 -39.68
N VAL C 231 -37.69 -90.77 -38.79
CA VAL C 231 -36.68 -91.75 -39.15
C VAL C 231 -36.80 -92.94 -38.21
N GLY C 232 -36.76 -94.14 -38.77
CA GLY C 232 -36.87 -95.34 -37.95
C GLY C 232 -38.20 -95.50 -37.26
N GLY C 233 -39.25 -94.84 -37.75
CA GLY C 233 -40.57 -94.96 -37.17
C GLY C 233 -40.83 -94.09 -35.95
N VAL C 234 -39.90 -93.23 -35.57
CA VAL C 234 -40.06 -92.35 -34.42
C VAL C 234 -40.02 -90.91 -34.92
N ASP C 235 -40.94 -90.09 -34.40
CA ASP C 235 -41.12 -88.73 -34.88
C ASP C 235 -40.41 -87.73 -33.98
N TYR C 236 -39.65 -86.83 -34.58
CA TYR C 236 -38.90 -85.79 -33.88
C TYR C 236 -39.40 -84.44 -34.34
N THR C 237 -39.44 -83.45 -33.45
CA THR C 237 -39.82 -82.10 -33.79
C THR C 237 -38.63 -81.17 -33.62
N TYR C 238 -38.30 -80.43 -34.67
CA TYR C 238 -37.18 -79.49 -34.61
C TYR C 238 -37.55 -78.28 -33.77
N ASN C 239 -36.60 -77.81 -32.97
CA ASN C 239 -36.75 -76.59 -32.18
C ASN C 239 -35.64 -75.64 -32.55
N ALA C 240 -36.02 -74.48 -33.10
CA ALA C 240 -35.04 -73.47 -33.51
C ALA C 240 -34.55 -72.64 -32.33
N LYS C 241 -35.37 -72.47 -31.29
CA LYS C 241 -34.94 -71.69 -30.14
C LYS C 241 -33.71 -72.32 -29.48
N SER C 242 -33.75 -73.63 -29.28
CA SER C 242 -32.59 -74.36 -28.79
C SER C 242 -31.86 -75.12 -29.89
N GLY C 243 -32.43 -75.19 -31.10
CA GLY C 243 -31.77 -75.84 -32.22
C GLY C 243 -31.52 -77.31 -32.01
N ASP C 244 -32.53 -78.05 -31.58
CA ASP C 244 -32.36 -79.47 -31.29
C ASP C 244 -33.70 -80.18 -31.48
N PHE C 245 -33.65 -81.50 -31.52
CA PHE C 245 -34.84 -82.29 -31.82
C PHE C 245 -35.48 -82.77 -30.52
N THR C 246 -36.76 -82.48 -30.35
CA THR C 246 -37.52 -82.92 -29.19
C THR C 246 -38.37 -84.13 -29.57
N THR C 247 -38.47 -85.08 -28.64
CA THR C 247 -39.18 -86.32 -28.85
C THR C 247 -40.12 -86.56 -27.68
N THR C 248 -41.18 -87.32 -27.94
CA THR C 248 -42.07 -87.81 -26.89
C THR C 248 -41.93 -89.33 -26.83
N LYS C 249 -41.36 -89.83 -25.73
CA LYS C 249 -41.10 -91.25 -25.58
C LYS C 249 -42.00 -91.83 -24.50
N SER C 250 -42.77 -92.84 -24.87
CA SER C 250 -43.50 -93.63 -23.88
C SER C 250 -42.55 -94.66 -23.26
N THR C 251 -42.94 -95.17 -22.09
CA THR C 251 -42.13 -96.17 -21.42
C THR C 251 -41.96 -97.42 -22.27
N ALA C 252 -43.05 -98.13 -22.52
CA ALA C 252 -43.02 -99.40 -23.23
C ALA C 252 -44.45 -99.83 -23.51
N GLY C 253 -44.60 -101.07 -23.96
CA GLY C 253 -45.90 -101.64 -24.26
C GLY C 253 -46.09 -101.93 -25.73
N THR C 254 -45.91 -103.20 -26.10
CA THR C 254 -46.09 -103.67 -27.47
C THR C 254 -47.06 -104.84 -27.58
N GLY C 255 -47.05 -105.75 -26.60
CA GLY C 255 -48.01 -106.84 -26.61
C GLY C 255 -49.43 -106.35 -26.35
N VAL C 256 -50.39 -107.13 -26.81
CA VAL C 256 -51.80 -106.76 -26.69
C VAL C 256 -52.49 -107.42 -25.51
N ASP C 257 -51.84 -108.37 -24.84
CA ASP C 257 -52.43 -109.08 -23.71
C ASP C 257 -51.48 -109.01 -22.51
N ALA C 258 -52.00 -109.43 -21.35
CA ALA C 258 -51.21 -109.40 -20.13
C ALA C 258 -49.99 -110.31 -20.23
N ALA C 259 -50.17 -111.51 -20.79
CA ALA C 259 -49.06 -112.46 -20.96
C ALA C 259 -48.31 -112.15 -22.24
N ALA C 260 -47.59 -111.02 -22.20
CA ALA C 260 -46.82 -110.56 -23.34
C ALA C 260 -45.55 -109.89 -22.83
N GLN C 261 -44.72 -109.45 -23.77
CA GLN C 261 -43.47 -108.77 -23.43
C GLN C 261 -43.69 -107.33 -23.00
N ALA C 262 -44.92 -106.83 -23.06
CA ALA C 262 -45.18 -105.43 -22.71
C ALA C 262 -44.84 -105.17 -21.24
N ALA C 263 -45.25 -106.07 -20.35
CA ALA C 263 -44.97 -105.88 -18.93
C ALA C 263 -43.48 -105.91 -18.65
N ASP C 264 -42.76 -106.85 -19.27
CA ASP C 264 -41.32 -106.93 -19.07
C ASP C 264 -40.62 -105.67 -19.59
N SER C 265 -41.03 -105.20 -20.78
CA SER C 265 -40.44 -103.99 -21.33
C SER C 265 -40.72 -102.78 -20.44
N ALA C 266 -41.95 -102.68 -19.92
CA ALA C 266 -42.26 -101.58 -19.02
C ALA C 266 -41.42 -101.63 -17.77
N SER C 267 -41.25 -102.81 -17.19
CA SER C 267 -40.46 -102.94 -15.97
C SER C 267 -39.00 -102.57 -16.23
N LYS C 268 -38.43 -103.07 -17.33
CA LYS C 268 -37.03 -102.78 -17.60
C LYS C 268 -36.81 -101.31 -17.95
N ARG C 269 -37.78 -100.69 -18.64
CA ARG C 269 -37.65 -99.26 -18.94
C ARG C 269 -37.78 -98.42 -17.67
N ASP C 270 -38.67 -98.82 -16.76
CA ASP C 270 -38.75 -98.13 -15.47
C ASP C 270 -37.45 -98.25 -14.71
N ALA C 271 -36.86 -99.45 -14.70
CA ALA C 271 -35.57 -99.63 -14.04
C ALA C 271 -34.48 -98.78 -14.70
N LEU C 272 -34.48 -98.73 -16.03
CA LEU C 272 -33.48 -97.92 -16.74
C LEU C 272 -33.63 -96.44 -16.40
N ALA C 273 -34.86 -95.94 -16.36
CA ALA C 273 -35.08 -94.56 -15.97
C ALA C 273 -34.61 -94.30 -14.55
N ALA C 274 -34.89 -95.24 -13.64
CA ALA C 274 -34.44 -95.07 -12.26
C ALA C 274 -32.91 -95.02 -12.17
N THR C 275 -32.22 -95.90 -12.92
CA THR C 275 -30.77 -95.86 -12.93
C THR C 275 -30.24 -94.57 -13.54
N LEU C 276 -30.88 -94.08 -14.61
CA LEU C 276 -30.48 -92.79 -15.18
C LEU C 276 -30.68 -91.66 -14.19
N HIS C 277 -31.65 -91.82 -13.28
CA HIS C 277 -31.88 -90.86 -12.20
C HIS C 277 -30.89 -91.02 -11.03
N ALA C 278 -29.77 -91.73 -11.23
CA ALA C 278 -28.85 -91.97 -10.12
C ALA C 278 -28.31 -90.67 -9.55
N ASP C 279 -27.55 -89.93 -10.34
CA ASP C 279 -26.97 -88.64 -9.94
C ASP C 279 -26.27 -88.75 -8.59
N VAL C 280 -25.23 -89.59 -8.55
CA VAL C 280 -24.54 -89.88 -7.30
C VAL C 280 -23.79 -88.65 -6.79
N GLY C 281 -23.18 -87.89 -7.71
CA GLY C 281 -22.31 -86.80 -7.28
C GLY C 281 -23.04 -85.72 -6.50
N LYS C 282 -24.20 -85.29 -7.00
CA LYS C 282 -24.91 -84.17 -6.39
C LYS C 282 -26.40 -84.48 -6.31
N SER C 283 -27.06 -83.83 -5.36
CA SER C 283 -28.49 -84.00 -5.12
C SER C 283 -29.30 -83.14 -6.07
N VAL C 284 -30.54 -83.56 -6.32
CA VAL C 284 -31.46 -82.82 -7.17
C VAL C 284 -32.85 -82.79 -6.52
N ASN C 285 -33.58 -81.71 -6.81
CA ASN C 285 -34.91 -81.47 -6.26
C ASN C 285 -35.96 -81.57 -7.36
N GLY C 286 -37.13 -82.09 -6.99
CA GLY C 286 -38.28 -82.19 -7.87
C GLY C 286 -39.59 -82.19 -7.12
N SER C 287 -40.67 -82.55 -7.81
CA SER C 287 -42.00 -82.57 -7.20
C SER C 287 -42.80 -83.75 -7.73
N TYR C 288 -43.51 -84.42 -6.84
CA TYR C 288 -44.37 -85.56 -7.16
C TYR C 288 -45.81 -85.17 -6.89
N THR C 289 -46.66 -85.23 -7.91
CA THR C 289 -48.03 -84.74 -7.81
C THR C 289 -48.99 -85.86 -8.16
N THR C 290 -49.95 -86.11 -7.28
CA THR C 290 -51.02 -87.07 -7.53
C THR C 290 -52.17 -86.36 -8.22
N LYS C 291 -53.34 -87.01 -8.27
CA LYS C 291 -54.48 -86.44 -8.96
C LYS C 291 -54.91 -85.11 -8.35
N ASP C 292 -54.90 -85.02 -7.01
CA ASP C 292 -55.35 -83.81 -6.34
C ASP C 292 -54.36 -83.25 -5.33
N GLY C 293 -53.17 -83.84 -5.21
CA GLY C 293 -52.20 -83.36 -4.25
C GLY C 293 -50.79 -83.44 -4.80
N THR C 294 -49.91 -82.64 -4.20
CA THR C 294 -48.52 -82.56 -4.62
C THR C 294 -47.62 -82.56 -3.39
N VAL C 295 -46.37 -82.97 -3.58
CA VAL C 295 -45.39 -83.06 -2.51
C VAL C 295 -44.02 -82.76 -3.09
N SER C 296 -43.17 -82.12 -2.28
CA SER C 296 -41.80 -81.86 -2.69
C SER C 296 -41.00 -83.16 -2.72
N PHE C 297 -39.80 -83.08 -3.28
CA PHE C 297 -38.94 -84.24 -3.44
C PHE C 297 -37.49 -83.76 -3.50
N GLU C 298 -36.62 -84.37 -2.71
CA GLU C 298 -35.20 -83.99 -2.70
C GLU C 298 -34.37 -85.26 -2.58
N THR C 299 -33.82 -85.72 -3.71
CA THR C 299 -33.04 -86.96 -3.71
C THR C 299 -31.55 -86.63 -3.80
N ASP C 300 -30.73 -87.48 -3.18
CA ASP C 300 -29.29 -87.28 -3.17
C ASP C 300 -28.57 -88.20 -4.15
N SER C 301 -28.76 -89.51 -4.02
CA SER C 301 -28.06 -90.46 -4.87
C SER C 301 -28.82 -91.79 -4.84
N ALA C 302 -28.63 -92.57 -5.92
CA ALA C 302 -29.25 -93.89 -6.04
C ALA C 302 -30.76 -93.83 -5.93
N GLY C 303 -31.34 -92.68 -6.24
CA GLY C 303 -32.79 -92.52 -6.14
C GLY C 303 -33.34 -92.67 -4.74
N ASN C 304 -32.65 -92.11 -3.75
CA ASN C 304 -33.09 -92.18 -2.36
C ASN C 304 -34.02 -91.00 -2.08
N ILE C 305 -35.20 -91.30 -1.57
CA ILE C 305 -36.24 -90.30 -1.34
C ILE C 305 -36.00 -89.65 0.03
N THR C 306 -35.81 -88.33 0.04
CA THR C 306 -35.62 -87.58 1.28
C THR C 306 -36.51 -86.35 1.22
N ILE C 307 -37.36 -86.18 2.24
CA ILE C 307 -38.28 -85.05 2.33
C ILE C 307 -37.96 -84.31 3.61
N GLY C 308 -37.49 -83.06 3.47
CA GLY C 308 -37.19 -82.24 4.62
C GLY C 308 -36.12 -82.81 5.53
N GLY C 309 -35.13 -83.49 4.97
CA GLY C 309 -34.08 -84.10 5.76
C GLY C 309 -34.43 -85.42 6.38
N SER C 310 -35.65 -85.92 6.19
CA SER C 310 -36.09 -87.20 6.72
C SER C 310 -36.53 -88.09 5.58
N GLN C 311 -36.07 -89.34 5.59
CA GLN C 311 -36.37 -90.27 4.50
C GLN C 311 -37.86 -90.58 4.49
N ALA C 312 -38.49 -90.44 3.32
CA ALA C 312 -39.88 -90.76 3.14
C ALA C 312 -40.02 -92.16 2.54
N TYR C 313 -41.26 -92.60 2.37
CA TYR C 313 -41.56 -93.93 1.87
C TYR C 313 -42.76 -93.85 0.95
N VAL C 314 -42.89 -94.86 0.09
CA VAL C 314 -43.96 -94.93 -0.90
C VAL C 314 -44.92 -96.05 -0.51
N ASP C 315 -46.21 -95.79 -0.69
CA ASP C 315 -47.26 -96.72 -0.33
C ASP C 315 -47.61 -97.61 -1.52
N ASP C 316 -48.67 -98.42 -1.35
CA ASP C 316 -49.10 -99.30 -2.43
C ASP C 316 -49.62 -98.51 -3.62
N ALA C 317 -50.37 -97.43 -3.37
CA ALA C 317 -50.98 -96.64 -4.43
C ALA C 317 -50.10 -95.48 -4.88
N GLY C 318 -48.80 -95.53 -4.62
CA GLY C 318 -47.90 -94.47 -5.00
C GLY C 318 -47.88 -93.27 -4.09
N ASN C 319 -48.64 -93.31 -3.00
CA ASN C 319 -48.67 -92.21 -2.06
C ASN C 319 -47.31 -92.04 -1.39
N LEU C 320 -46.93 -90.79 -1.13
CA LEU C 320 -45.68 -90.49 -0.46
C LEU C 320 -45.96 -90.09 0.98
N THR C 321 -45.38 -90.81 1.94
CA THR C 321 -45.61 -90.55 3.35
C THR C 321 -44.29 -90.63 4.09
N THR C 322 -44.11 -89.72 5.05
CA THR C 322 -42.92 -89.76 5.88
C THR C 322 -42.94 -90.91 6.87
N ASN C 323 -44.13 -91.43 7.20
CA ASN C 323 -44.30 -92.51 8.15
C ASN C 323 -44.45 -93.84 7.43
N ASN C 324 -44.47 -94.91 8.22
CA ASN C 324 -44.63 -96.27 7.71
C ASN C 324 -45.77 -96.96 8.44
N ALA C 325 -46.63 -97.63 7.68
CA ALA C 325 -47.70 -98.47 8.22
C ALA C 325 -47.44 -99.91 7.79
N GLY C 326 -47.23 -100.78 8.76
CA GLY C 326 -46.96 -102.18 8.46
C GLY C 326 -45.67 -102.42 7.74
N SER C 327 -44.63 -101.61 8.02
CA SER C 327 -43.30 -101.77 7.44
C SER C 327 -43.33 -101.70 5.91
N ALA C 328 -44.29 -100.96 5.36
CA ALA C 328 -44.38 -100.77 3.91
C ALA C 328 -43.54 -99.56 3.51
N ALA C 329 -42.22 -99.70 3.73
CA ALA C 329 -41.31 -98.58 3.46
C ALA C 329 -40.92 -98.49 1.99
N LYS C 330 -40.20 -99.50 1.51
CA LYS C 330 -39.70 -99.58 0.12
C LYS C 330 -39.29 -98.21 -0.41
N ALA C 331 -38.43 -97.53 0.36
CA ALA C 331 -38.01 -96.17 0.04
C ALA C 331 -36.91 -96.21 -1.03
N ASP C 332 -37.35 -96.31 -2.28
CA ASP C 332 -36.43 -96.33 -3.40
C ASP C 332 -37.10 -95.75 -4.63
N MET C 333 -36.27 -95.25 -5.56
CA MET C 333 -36.79 -94.69 -6.80
C MET C 333 -37.51 -95.75 -7.62
N LYS C 334 -36.93 -96.95 -7.71
CA LYS C 334 -37.57 -98.02 -8.46
C LYS C 334 -38.91 -98.40 -7.86
N ALA C 335 -38.97 -98.52 -6.53
CA ALA C 335 -40.23 -98.85 -5.88
C ALA C 335 -41.26 -97.76 -6.08
N LEU C 336 -40.85 -96.49 -5.99
CA LEU C 336 -41.78 -95.40 -6.22
C LEU C 336 -42.33 -95.43 -7.64
N LEU C 337 -41.45 -95.64 -8.62
CA LEU C 337 -41.90 -95.70 -10.01
C LEU C 337 -42.85 -96.86 -10.24
N LYS C 338 -42.53 -98.03 -9.67
CA LYS C 338 -43.41 -99.19 -9.85
C LYS C 338 -44.75 -98.97 -9.18
N ALA C 339 -44.76 -98.37 -7.98
CA ALA C 339 -46.01 -98.10 -7.30
C ALA C 339 -46.85 -97.09 -8.08
N ALA C 340 -46.21 -96.08 -8.66
CA ALA C 340 -46.94 -95.13 -9.48
C ALA C 340 -47.50 -95.79 -10.74
N SER C 341 -46.73 -96.68 -11.36
CA SER C 341 -47.20 -97.37 -12.55
C SER C 341 -48.38 -98.27 -12.24
N GLU C 342 -48.32 -99.00 -11.11
CA GLU C 342 -49.40 -99.90 -10.74
C GLU C 342 -50.53 -99.20 -10.01
N GLY C 343 -50.40 -97.91 -9.73
CA GLY C 343 -51.44 -97.20 -9.00
C GLY C 343 -52.69 -97.03 -9.83
N SER C 344 -53.82 -96.87 -9.12
CA SER C 344 -55.10 -96.69 -9.80
C SER C 344 -55.15 -95.34 -10.53
N ASP C 345 -54.52 -94.32 -9.95
CA ASP C 345 -54.54 -92.97 -10.52
C ASP C 345 -53.15 -92.58 -10.98
N GLY C 346 -53.09 -91.86 -12.09
CA GLY C 346 -51.82 -91.41 -12.63
C GLY C 346 -51.22 -90.28 -11.82
N ALA C 347 -49.97 -89.96 -12.14
CA ALA C 347 -49.21 -88.94 -11.42
C ALA C 347 -48.39 -88.11 -12.39
N SER C 348 -47.85 -87.00 -11.88
CA SER C 348 -46.97 -86.13 -12.64
C SER C 348 -45.72 -85.82 -11.82
N LEU C 349 -44.56 -86.01 -12.44
CA LEU C 349 -43.28 -85.75 -11.81
C LEU C 349 -42.58 -84.60 -12.53
N THR C 350 -42.13 -83.61 -11.76
CA THR C 350 -41.39 -82.48 -12.31
C THR C 350 -39.98 -82.53 -11.76
N PHE C 351 -38.99 -82.51 -12.65
CA PHE C 351 -37.59 -82.59 -12.24
C PHE C 351 -36.77 -81.43 -12.80
N ASN C 352 -35.46 -81.52 -12.66
CA ASN C 352 -34.56 -80.52 -13.25
C ASN C 352 -34.73 -80.47 -14.76
N GLY C 353 -34.89 -81.62 -15.41
CA GLY C 353 -35.09 -81.67 -16.84
C GLY C 353 -36.55 -81.61 -17.23
N THR C 354 -36.97 -82.54 -18.08
CA THR C 354 -38.34 -82.56 -18.56
C THR C 354 -39.27 -83.16 -17.50
N GLU C 355 -40.56 -82.90 -17.69
CA GLU C 355 -41.59 -83.40 -16.77
C GLU C 355 -42.14 -84.72 -17.28
N TYR C 356 -42.23 -85.71 -16.38
CA TYR C 356 -42.70 -87.04 -16.71
C TYR C 356 -44.16 -87.14 -16.28
N THR C 357 -44.97 -87.87 -17.05
CA THR C 357 -46.35 -88.13 -16.68
C THR C 357 -46.61 -89.63 -16.67
N ILE C 358 -47.00 -90.16 -15.52
CA ILE C 358 -47.35 -91.57 -15.38
C ILE C 358 -48.84 -91.69 -15.58
N ALA C 359 -49.23 -92.39 -16.64
CA ALA C 359 -50.63 -92.50 -17.01
C ALA C 359 -51.36 -93.46 -16.08
N LYS C 360 -52.68 -93.34 -16.05
CA LYS C 360 -53.54 -94.18 -15.23
C LYS C 360 -53.40 -95.65 -15.58
N GLY C 376 -47.28 -96.90 -17.67
CA GLY C 376 -46.65 -96.14 -18.73
C GLY C 376 -46.30 -94.72 -18.33
N ILE C 377 -45.13 -94.27 -18.75
CA ILE C 377 -44.66 -92.91 -18.48
C ILE C 377 -44.40 -92.24 -19.83
N THR C 378 -45.06 -91.10 -20.06
CA THR C 378 -44.83 -90.28 -21.24
C THR C 378 -43.98 -89.09 -20.84
N TYR C 379 -42.94 -88.82 -21.62
CA TYR C 379 -42.03 -87.73 -21.28
C TYR C 379 -41.34 -87.21 -22.52
N GLN C 380 -40.93 -85.94 -22.43
CA GLN C 380 -40.17 -85.30 -23.49
C GLN C 380 -38.68 -85.62 -23.33
N ALA C 381 -37.98 -85.63 -24.46
CA ALA C 381 -36.54 -85.87 -24.47
C ALA C 381 -35.90 -85.02 -25.55
N THR C 382 -34.61 -84.74 -25.37
CA THR C 382 -33.86 -83.87 -26.27
C THR C 382 -32.73 -84.66 -26.91
N VAL C 383 -32.61 -84.56 -28.23
CA VAL C 383 -31.51 -85.18 -28.98
C VAL C 383 -30.90 -84.12 -29.90
N SER C 384 -29.63 -84.32 -30.22
CA SER C 384 -28.92 -83.36 -31.06
C SER C 384 -29.32 -83.50 -32.52
N LYS C 385 -29.36 -82.37 -33.22
CA LYS C 385 -29.57 -82.40 -34.66
C LYS C 385 -28.48 -83.17 -35.37
N ASP C 386 -27.24 -83.10 -34.85
CA ASP C 386 -26.17 -83.91 -35.40
C ASP C 386 -26.46 -85.40 -35.22
N VAL C 387 -27.00 -85.78 -34.07
CA VAL C 387 -27.36 -87.17 -33.83
C VAL C 387 -28.44 -87.62 -34.82
N VAL C 388 -29.45 -86.78 -35.02
CA VAL C 388 -30.51 -87.11 -35.96
C VAL C 388 -29.97 -87.24 -37.37
N LEU C 389 -29.09 -86.32 -37.77
CA LEU C 389 -28.50 -86.36 -39.10
C LEU C 389 -27.69 -87.63 -39.32
N SER C 390 -26.88 -87.99 -38.32
CA SER C 390 -26.07 -89.20 -38.43
C SER C 390 -26.94 -90.44 -38.50
N GLU C 391 -28.01 -90.48 -37.71
CA GLU C 391 -28.92 -91.62 -37.75
C GLU C 391 -29.60 -91.73 -39.10
N THR C 392 -30.00 -90.59 -39.68
CA THR C 392 -30.65 -90.60 -40.98
C THR C 392 -29.70 -91.06 -42.09
N LYS C 393 -28.45 -90.58 -42.06
CA LYS C 393 -27.50 -90.89 -43.12
C LYS C 393 -26.67 -92.14 -42.86
N ALA C 394 -26.93 -92.85 -41.76
CA ALA C 394 -26.13 -94.02 -41.43
C ALA C 394 -26.30 -95.13 -42.47
N ALA C 395 -27.54 -95.46 -42.81
CA ALA C 395 -27.81 -96.54 -43.75
C ALA C 395 -29.03 -96.15 -44.58
N ALA C 396 -29.58 -97.14 -45.30
CA ALA C 396 -30.73 -96.92 -46.18
C ALA C 396 -32.00 -96.79 -45.34
N ALA C 397 -32.07 -95.67 -44.62
CA ALA C 397 -33.22 -95.39 -43.78
C ALA C 397 -34.35 -94.77 -44.60
N THR C 398 -35.56 -94.81 -44.02
CA THR C 398 -36.75 -94.25 -44.64
C THR C 398 -37.12 -92.90 -44.05
N SER C 399 -36.12 -92.10 -43.71
CA SER C 399 -36.38 -90.80 -43.08
C SER C 399 -37.15 -89.89 -44.01
N SER C 400 -38.07 -89.12 -43.44
CA SER C 400 -38.86 -88.15 -44.16
C SER C 400 -38.93 -86.85 -43.37
N ILE C 401 -38.85 -85.73 -44.06
CA ILE C 401 -38.84 -84.41 -43.43
C ILE C 401 -40.04 -83.62 -43.96
N THR C 402 -40.79 -83.02 -43.04
CA THR C 402 -41.94 -82.20 -43.41
C THR C 402 -41.59 -80.73 -43.20
N PHE C 403 -41.55 -79.98 -44.30
CA PHE C 403 -41.35 -78.54 -44.24
C PHE C 403 -42.71 -77.88 -44.05
N ASN C 404 -42.85 -77.10 -42.97
CA ASN C 404 -44.10 -76.47 -42.61
C ASN C 404 -43.85 -74.98 -42.40
N SER C 405 -44.60 -74.15 -43.13
CA SER C 405 -44.55 -72.71 -42.97
C SER C 405 -45.64 -72.18 -42.05
N GLY C 406 -46.41 -73.07 -41.43
CA GLY C 406 -47.55 -72.70 -40.64
C GLY C 406 -48.84 -72.60 -41.43
N VAL C 407 -48.75 -72.52 -42.75
CA VAL C 407 -49.91 -72.51 -43.64
C VAL C 407 -49.68 -73.59 -44.69
N LEU C 408 -48.52 -73.55 -45.32
CA LEU C 408 -48.16 -74.42 -46.41
C LEU C 408 -47.21 -75.50 -45.91
N SER C 409 -47.48 -76.75 -46.27
CA SER C 409 -46.67 -77.86 -45.81
C SER C 409 -46.39 -78.83 -46.95
N LYS C 410 -45.20 -79.42 -46.95
CA LYS C 410 -44.84 -80.46 -47.90
C LYS C 410 -43.94 -81.49 -47.23
N THR C 411 -44.21 -82.77 -47.48
CA THR C 411 -43.44 -83.87 -46.93
C THR C 411 -42.54 -84.46 -48.01
N ILE C 412 -41.26 -84.56 -47.71
CA ILE C 412 -40.27 -85.10 -48.63
C ILE C 412 -39.67 -86.35 -47.99
N GLY C 413 -39.76 -87.48 -48.70
CA GLY C 413 -39.20 -88.71 -48.23
C GLY C 413 -37.97 -89.13 -49.01
N PHE C 414 -36.80 -89.05 -48.38
CA PHE C 414 -35.53 -89.34 -49.03
C PHE C 414 -34.76 -90.38 -48.24
N THR C 415 -34.11 -91.29 -48.95
CA THR C 415 -33.39 -92.41 -48.35
C THR C 415 -31.90 -92.16 -48.45
N ALA C 416 -31.26 -91.95 -47.30
CA ALA C 416 -29.81 -91.78 -47.21
C ALA C 416 -29.31 -90.68 -48.16
N GLY C 417 -29.93 -89.52 -48.07
CA GLY C 417 -29.55 -88.42 -48.93
C GLY C 417 -30.55 -88.12 -50.03
N GLU C 418 -30.25 -88.57 -51.24
CA GLU C 418 -31.07 -88.27 -52.40
C GLU C 418 -32.49 -88.82 -52.24
N SER C 419 -33.45 -88.08 -52.79
CA SER C 419 -34.85 -88.48 -52.70
C SER C 419 -35.13 -89.66 -53.62
N SER C 420 -35.83 -90.66 -53.10
CA SER C 420 -36.18 -91.85 -53.85
C SER C 420 -37.69 -92.02 -54.01
N ASP C 421 -38.47 -91.02 -53.62
CA ASP C 421 -39.92 -91.09 -53.68
C ASP C 421 -40.49 -90.56 -54.99
N ALA C 422 -39.72 -90.62 -56.08
CA ALA C 422 -40.12 -90.10 -57.38
C ALA C 422 -40.43 -88.61 -57.31
N ALA C 423 -39.77 -87.91 -56.41
CA ALA C 423 -39.95 -86.47 -56.22
C ALA C 423 -38.73 -85.73 -56.74
N LYS C 424 -38.97 -84.69 -57.53
CA LYS C 424 -37.88 -83.90 -58.13
C LYS C 424 -37.53 -82.75 -57.18
N SER C 425 -36.72 -83.07 -56.18
CA SER C 425 -36.21 -82.08 -55.23
C SER C 425 -34.75 -81.82 -55.55
N TYR C 426 -34.41 -80.55 -55.74
CA TYR C 426 -33.06 -80.19 -56.15
C TYR C 426 -32.67 -78.84 -55.54
N VAL C 427 -31.37 -78.57 -55.54
CA VAL C 427 -30.84 -77.41 -54.82
C VAL C 427 -29.88 -76.56 -55.65
N ASP C 428 -29.33 -77.04 -56.77
CA ASP C 428 -28.21 -76.36 -57.40
C ASP C 428 -28.53 -74.97 -57.94
N ASP C 429 -29.79 -74.68 -58.22
CA ASP C 429 -30.14 -73.43 -58.89
C ASP C 429 -29.69 -72.19 -58.10
N LYS C 430 -30.33 -71.95 -56.96
CA LYS C 430 -29.95 -70.84 -56.08
C LYS C 430 -29.97 -71.27 -54.61
N GLY C 431 -29.92 -72.58 -54.35
CA GLY C 431 -30.21 -73.08 -53.03
C GLY C 431 -31.69 -73.38 -52.88
N GLY C 432 -32.04 -73.94 -51.72
CA GLY C 432 -33.42 -74.25 -51.49
C GLY C 432 -33.89 -75.45 -52.30
N ILE C 433 -35.20 -75.56 -52.45
CA ILE C 433 -35.85 -76.69 -53.11
C ILE C 433 -36.46 -76.19 -54.41
N THR C 434 -36.33 -77.01 -55.46
CA THR C 434 -36.95 -76.72 -56.74
C THR C 434 -37.40 -78.02 -57.38
N ASN C 435 -38.38 -77.90 -58.28
CA ASN C 435 -38.95 -79.05 -58.96
C ASN C 435 -38.41 -79.24 -60.37
N VAL C 436 -37.37 -78.51 -60.75
CA VAL C 436 -36.81 -78.61 -62.09
C VAL C 436 -35.80 -79.76 -62.11
N ALA C 437 -36.10 -80.80 -62.88
CA ALA C 437 -35.20 -81.94 -62.97
C ALA C 437 -33.97 -81.61 -63.78
N ASP C 438 -34.16 -80.97 -64.93
CA ASP C 438 -33.07 -80.69 -65.86
C ASP C 438 -33.19 -79.26 -66.36
N TYR C 439 -32.04 -78.66 -66.66
CA TYR C 439 -31.95 -77.27 -67.12
C TYR C 439 -31.29 -77.25 -68.48
N THR C 440 -32.10 -77.10 -69.54
CA THR C 440 -31.60 -77.11 -70.91
C THR C 440 -32.17 -75.91 -71.66
N VAL C 441 -31.29 -75.16 -72.32
CA VAL C 441 -31.67 -73.98 -73.09
C VAL C 441 -30.93 -74.02 -74.43
N SER C 442 -31.56 -73.47 -75.48
CA SER C 442 -31.02 -73.52 -76.83
C SER C 442 -30.48 -72.16 -77.24
N TYR C 443 -29.28 -72.15 -77.81
CA TYR C 443 -28.63 -70.93 -78.26
C TYR C 443 -28.43 -71.01 -79.77
N SER C 444 -28.78 -69.95 -80.48
CA SER C 444 -28.58 -69.84 -81.91
C SER C 444 -27.45 -68.86 -82.18
N VAL C 445 -26.51 -69.27 -83.03
CA VAL C 445 -25.34 -68.46 -83.38
C VAL C 445 -25.54 -67.95 -84.79
N ASN C 446 -25.45 -66.63 -84.95
CA ASN C 446 -25.63 -66.01 -86.27
C ASN C 446 -24.39 -66.28 -87.11
N LYS C 447 -24.61 -66.77 -88.34
CA LYS C 447 -23.49 -67.12 -89.20
C LYS C 447 -22.73 -65.87 -89.66
N ASP C 448 -23.44 -64.78 -89.92
CA ASP C 448 -22.78 -63.55 -90.35
C ASP C 448 -22.27 -62.75 -89.17
N ASN C 449 -23.19 -62.32 -88.28
CA ASN C 449 -22.81 -61.45 -87.18
C ASN C 449 -21.88 -62.16 -86.19
N GLY C 450 -22.16 -63.41 -85.89
CA GLY C 450 -21.44 -64.13 -84.86
C GLY C 450 -22.04 -64.03 -83.48
N SER C 451 -23.12 -63.26 -83.32
CA SER C 451 -23.75 -63.11 -82.02
C SER C 451 -24.54 -64.35 -81.64
N VAL C 452 -24.74 -64.52 -80.32
CA VAL C 452 -25.45 -65.66 -79.77
C VAL C 452 -26.74 -65.16 -79.15
N THR C 453 -27.85 -65.79 -79.51
CA THR C 453 -29.16 -65.41 -78.99
C THR C 453 -29.86 -66.63 -78.41
N VAL C 454 -30.75 -66.39 -77.46
CA VAL C 454 -31.53 -67.45 -76.86
C VAL C 454 -32.72 -67.76 -77.76
N ALA C 455 -32.89 -69.03 -78.12
CA ALA C 455 -33.95 -69.46 -79.02
C ALA C 455 -34.87 -70.47 -78.33
N GLY C 456 -35.24 -70.19 -77.08
CA GLY C 456 -36.13 -71.07 -76.34
C GLY C 456 -35.37 -72.09 -75.50
N TYR C 457 -36.15 -72.93 -74.81
CA TYR C 457 -35.55 -73.96 -73.98
C TYR C 457 -36.55 -75.09 -73.80
N ALA C 458 -36.03 -76.25 -73.41
CA ALA C 458 -36.85 -77.41 -73.08
C ALA C 458 -36.40 -77.97 -71.75
N SER C 459 -37.36 -78.46 -70.96
CA SER C 459 -37.09 -79.03 -69.66
C SER C 459 -37.83 -80.35 -69.52
N ALA C 460 -37.23 -81.26 -68.76
CA ALA C 460 -37.86 -82.57 -68.54
C ALA C 460 -39.18 -82.41 -67.81
N THR C 461 -39.21 -81.59 -66.77
CA THR C 461 -40.45 -81.30 -66.07
C THR C 461 -41.16 -80.12 -66.73
N ASP C 462 -42.31 -79.74 -66.17
CA ASP C 462 -43.07 -78.63 -66.72
C ASP C 462 -42.33 -77.31 -66.54
N THR C 463 -41.80 -77.06 -65.34
CA THR C 463 -41.01 -75.89 -64.98
C THR C 463 -41.89 -74.64 -64.92
N ASN C 464 -43.14 -74.77 -65.38
CA ASN C 464 -44.12 -73.68 -65.34
C ASN C 464 -43.56 -72.38 -65.90
N LYS C 465 -42.55 -72.49 -66.78
CA LYS C 465 -41.86 -71.34 -67.35
C LYS C 465 -41.32 -70.41 -66.26
N ASP C 466 -40.90 -71.00 -65.13
CA ASP C 466 -40.35 -70.19 -64.05
C ASP C 466 -38.95 -69.70 -64.38
N TYR C 467 -38.11 -70.57 -64.95
CA TYR C 467 -36.76 -70.23 -65.37
C TYR C 467 -36.70 -69.80 -66.83
N ALA C 468 -37.78 -69.27 -67.37
CA ALA C 468 -37.83 -68.95 -68.79
C ALA C 468 -37.03 -67.69 -69.09
N PRO C 469 -36.02 -67.76 -69.96
CA PRO C 469 -35.34 -66.54 -70.41
C PRO C 469 -36.00 -65.98 -71.67
N ALA C 470 -35.83 -64.68 -71.86
CA ALA C 470 -36.40 -64.01 -73.02
C ALA C 470 -35.78 -64.53 -74.30
N ILE C 471 -36.62 -64.84 -75.28
CA ILE C 471 -36.15 -65.37 -76.55
C ILE C 471 -35.67 -64.22 -77.44
N GLY C 472 -34.54 -64.43 -78.09
CA GLY C 472 -33.94 -63.43 -78.96
C GLY C 472 -33.06 -62.42 -78.26
N THR C 473 -32.82 -62.58 -76.97
CA THR C 473 -31.96 -61.66 -76.23
C THR C 473 -30.50 -62.04 -76.41
N ALA C 474 -29.65 -61.04 -76.62
CA ALA C 474 -28.24 -61.29 -76.83
C ALA C 474 -27.63 -61.97 -75.60
N VAL C 475 -26.74 -62.92 -75.84
CA VAL C 475 -26.09 -63.66 -74.77
C VAL C 475 -24.76 -62.98 -74.44
N ASN C 476 -24.53 -62.75 -73.16
CA ASN C 476 -23.34 -62.06 -72.69
C ASN C 476 -22.53 -62.96 -71.77
N VAL C 477 -21.23 -62.70 -71.71
CA VAL C 477 -20.31 -63.44 -70.85
C VAL C 477 -20.06 -62.62 -69.59
N ASN C 478 -20.31 -63.23 -68.43
CA ASN C 478 -20.10 -62.55 -67.17
C ASN C 478 -18.61 -62.29 -66.94
N SER C 479 -18.32 -61.47 -65.94
CA SER C 479 -16.93 -61.21 -65.58
C SER C 479 -16.23 -62.49 -65.13
N ALA C 480 -16.93 -63.32 -64.36
CA ALA C 480 -16.37 -64.60 -63.95
C ALA C 480 -16.22 -65.57 -65.11
N GLY C 481 -16.91 -65.32 -66.23
CA GLY C 481 -16.83 -66.18 -67.40
C GLY C 481 -18.07 -67.00 -67.67
N LYS C 482 -19.15 -66.80 -66.92
CA LYS C 482 -20.36 -67.58 -67.11
C LYS C 482 -21.21 -66.98 -68.24
N ILE C 483 -22.38 -67.58 -68.46
CA ILE C 483 -23.33 -67.11 -69.45
C ILE C 483 -24.44 -66.36 -68.73
N THR C 484 -24.69 -65.12 -69.13
CA THR C 484 -25.67 -64.28 -68.46
C THR C 484 -26.25 -63.30 -69.48
N THR C 485 -27.56 -63.08 -69.38
CA THR C 485 -28.23 -62.13 -70.26
C THR C 485 -28.12 -60.68 -69.80
N GLU C 486 -27.64 -60.45 -68.58
CA GLU C 486 -27.51 -59.09 -68.07
C GLU C 486 -26.39 -58.36 -68.80
N THR C 487 -26.66 -57.12 -69.21
CA THR C 487 -25.68 -56.37 -69.98
C THR C 487 -24.51 -55.92 -69.12
N THR C 488 -24.80 -55.41 -67.93
CA THR C 488 -23.79 -54.81 -67.06
C THR C 488 -23.62 -55.62 -65.79
N SER C 489 -22.37 -55.78 -65.38
CA SER C 489 -22.03 -56.44 -64.12
C SER C 489 -21.29 -55.46 -63.24
N ALA C 490 -21.61 -55.48 -61.94
CA ALA C 490 -20.98 -54.56 -61.00
C ALA C 490 -19.49 -54.85 -60.90
N GLY C 491 -18.72 -53.81 -60.61
CA GLY C 491 -17.28 -53.91 -60.51
C GLY C 491 -16.80 -53.50 -59.13
N SER C 492 -15.56 -53.00 -59.10
CA SER C 492 -14.92 -52.62 -57.85
C SER C 492 -14.05 -51.40 -58.10
N ALA C 493 -13.45 -50.89 -57.03
CA ALA C 493 -12.61 -49.71 -57.13
C ALA C 493 -11.38 -50.00 -57.97
N THR C 494 -11.01 -49.03 -58.81
CA THR C 494 -9.83 -49.18 -59.64
C THR C 494 -8.58 -49.27 -58.78
N THR C 495 -7.69 -50.19 -59.14
CA THR C 495 -6.51 -50.43 -58.31
C THR C 495 -5.51 -49.29 -58.41
N ASN C 496 -5.31 -48.74 -59.62
CA ASN C 496 -4.29 -47.74 -59.86
C ASN C 496 -4.89 -46.56 -60.60
N PRO C 497 -5.55 -45.64 -59.89
CA PRO C 497 -6.24 -44.54 -60.59
C PRO C 497 -5.29 -43.50 -61.16
N LEU C 498 -4.26 -43.13 -60.38
CA LEU C 498 -3.41 -42.02 -60.79
C LEU C 498 -2.57 -42.37 -62.01
N ALA C 499 -2.14 -43.63 -62.13
CA ALA C 499 -1.40 -44.05 -63.32
C ALA C 499 -2.28 -43.94 -64.56
N ALA C 500 -3.54 -44.37 -64.47
CA ALA C 500 -4.44 -44.26 -65.61
C ALA C 500 -4.70 -42.80 -65.98
N LEU C 501 -4.87 -41.95 -64.97
CA LEU C 501 -5.06 -40.52 -65.24
C LEU C 501 -3.84 -39.92 -65.91
N ASP C 502 -2.65 -40.32 -65.45
CA ASP C 502 -1.42 -39.84 -66.09
C ASP C 502 -1.34 -40.30 -67.54
N ASP C 503 -1.72 -41.55 -67.81
CA ASP C 503 -1.72 -42.03 -69.18
C ASP C 503 -2.67 -41.24 -70.06
N ALA C 504 -3.87 -40.94 -69.54
CA ALA C 504 -4.82 -40.15 -70.30
C ALA C 504 -4.28 -38.75 -70.60
N ILE C 505 -3.70 -38.11 -69.57
CA ILE C 505 -3.15 -36.77 -69.78
C ILE C 505 -2.01 -36.81 -70.79
N SER C 506 -1.18 -37.87 -70.73
CA SER C 506 -0.08 -37.99 -71.69
C SER C 506 -0.60 -38.14 -73.11
N SER C 507 -1.66 -38.94 -73.30
CA SER C 507 -2.25 -39.07 -74.63
C SER C 507 -2.77 -37.74 -75.13
N ILE C 508 -3.44 -36.98 -74.26
CA ILE C 508 -3.95 -35.66 -74.66
C ILE C 508 -2.79 -34.76 -75.06
N ASP C 509 -1.70 -34.79 -74.28
CA ASP C 509 -0.56 -33.94 -74.57
C ASP C 509 0.10 -34.31 -75.89
N LYS C 510 0.22 -35.61 -76.17
CA LYS C 510 0.79 -36.04 -77.45
C LYS C 510 -0.07 -35.56 -78.62
N PHE C 511 -1.39 -35.68 -78.49
CA PHE C 511 -2.27 -35.20 -79.56
C PHE C 511 -2.09 -33.71 -79.76
N ARG C 512 -2.04 -32.93 -78.68
CA ARG C 512 -1.89 -31.50 -78.80
C ARG C 512 -0.56 -31.13 -79.44
N SER C 513 0.51 -31.84 -79.07
CA SER C 513 1.82 -31.56 -79.66
C SER C 513 1.81 -31.83 -81.16
N SER C 514 1.24 -32.95 -81.58
CA SER C 514 1.16 -33.25 -83.01
C SER C 514 0.37 -32.18 -83.73
N LEU C 515 -0.76 -31.76 -83.16
CA LEU C 515 -1.59 -30.75 -83.80
C LEU C 515 -0.85 -29.43 -83.95
N GLY C 516 -0.13 -29.02 -82.90
CA GLY C 516 0.63 -27.78 -82.98
C GLY C 516 1.73 -27.85 -84.04
N ALA C 517 2.43 -28.98 -84.12
CA ALA C 517 3.46 -29.13 -85.14
C ALA C 517 2.84 -29.02 -86.54
N ILE C 518 1.68 -29.66 -86.74
CA ILE C 518 1.03 -29.57 -88.04
C ILE C 518 0.67 -28.13 -88.38
N GLN C 519 0.15 -27.39 -87.40
CA GLN C 519 -0.25 -26.02 -87.70
C GLN C 519 0.97 -25.14 -88.01
N ASN C 520 2.08 -25.36 -87.31
CA ASN C 520 3.29 -24.62 -87.62
C ASN C 520 3.75 -24.88 -89.05
N ARG C 521 3.79 -26.15 -89.45
CA ARG C 521 4.21 -26.45 -90.81
C ARG C 521 3.24 -25.87 -91.84
N LEU C 522 1.94 -25.84 -91.51
CA LEU C 522 0.96 -25.26 -92.43
C LEU C 522 1.19 -23.76 -92.59
N ASP C 523 1.50 -23.07 -91.50
CA ASP C 523 1.78 -21.64 -91.58
C ASP C 523 3.02 -21.38 -92.44
N SER C 524 4.06 -22.20 -92.25
CA SER C 524 5.24 -22.07 -93.11
C SER C 524 4.88 -22.28 -94.57
N ALA C 525 4.02 -23.25 -94.85
CA ALA C 525 3.56 -23.46 -96.22
C ALA C 525 2.85 -22.23 -96.77
N VAL C 526 2.03 -21.58 -95.93
CA VAL C 526 1.33 -20.36 -96.36
C VAL C 526 2.33 -19.29 -96.77
N THR C 527 3.35 -19.09 -95.93
CA THR C 527 4.35 -18.05 -96.22
C THR C 527 5.08 -18.35 -97.53
N ASN C 528 5.48 -19.61 -97.71
CA ASN C 528 6.19 -19.96 -98.95
C ASN C 528 5.30 -19.77 -100.17
N LEU C 529 4.01 -20.11 -100.05
CA LEU C 529 3.09 -19.93 -101.16
C LEU C 529 2.95 -18.46 -101.52
N ASN C 530 2.87 -17.59 -100.52
CA ASN C 530 2.77 -16.17 -100.80
C ASN C 530 4.01 -15.66 -101.53
N ASN C 531 5.20 -16.07 -101.07
CA ASN C 531 6.42 -15.62 -101.73
C ASN C 531 6.49 -16.11 -103.17
N THR C 532 6.14 -17.38 -103.40
CA THR C 532 6.18 -17.92 -104.76
C THR C 532 5.17 -17.23 -105.65
N THR C 533 3.98 -16.93 -105.12
CA THR C 533 2.98 -16.21 -105.90
C THR C 533 3.50 -14.84 -106.32
N THR C 534 4.13 -14.11 -105.39
CA THR C 534 4.67 -12.81 -105.72
C THR C 534 5.72 -12.91 -106.84
N ASN C 535 6.64 -13.87 -106.70
CA ASN C 535 7.71 -13.99 -107.70
C ASN C 535 7.16 -14.37 -109.07
N LEU C 536 6.20 -15.29 -109.10
CA LEU C 536 5.64 -15.71 -110.38
C LEU C 536 4.82 -14.60 -111.03
N SER C 537 4.10 -13.82 -110.22
CA SER C 537 3.39 -12.68 -110.78
C SER C 537 4.35 -11.68 -111.38
N GLU C 538 5.49 -11.46 -110.71
CA GLU C 538 6.50 -10.59 -111.27
C GLU C 538 7.05 -11.13 -112.59
N ALA C 539 7.29 -12.43 -112.67
CA ALA C 539 7.79 -13.01 -113.91
C ALA C 539 6.77 -12.84 -115.05
N GLN C 540 5.49 -13.05 -114.75
CA GLN C 540 4.47 -12.83 -115.76
C GLN C 540 4.45 -11.38 -116.21
N SER C 541 4.61 -10.45 -115.27
CA SER C 541 4.69 -9.04 -115.63
C SER C 541 5.88 -8.78 -116.54
N ARG C 542 7.01 -9.45 -116.27
CA ARG C 542 8.18 -9.33 -117.15
C ARG C 542 7.82 -9.73 -118.57
N ILE C 543 7.15 -10.87 -118.72
CA ILE C 543 6.88 -11.38 -120.06
C ILE C 543 5.86 -10.51 -120.79
N GLN C 544 4.77 -10.17 -120.11
CA GLN C 544 3.67 -9.39 -120.67
C GLN C 544 3.90 -7.90 -120.41
N ASP C 545 2.83 -7.10 -120.51
CA ASP C 545 2.82 -5.74 -120.01
C ASP C 545 3.77 -4.80 -120.76
N ALA C 546 3.46 -4.50 -122.02
CA ALA C 546 4.26 -3.60 -122.82
C ALA C 546 4.50 -2.27 -122.10
N ASP C 547 5.59 -1.60 -122.48
CA ASP C 547 6.00 -0.35 -121.86
C ASP C 547 5.29 0.82 -122.52
N TYR C 548 4.58 1.62 -121.74
CA TYR C 548 3.87 2.76 -122.29
C TYR C 548 4.81 3.81 -122.88
N ALA C 549 6.01 3.98 -122.33
CA ALA C 549 6.93 4.94 -122.95
C ALA C 549 7.22 4.56 -124.39
N THR C 550 7.61 3.31 -124.62
CA THR C 550 7.91 2.84 -125.97
C THR C 550 6.66 2.88 -126.85
N GLU C 551 5.52 2.46 -126.32
CA GLU C 551 4.31 2.43 -127.13
C GLU C 551 3.86 3.83 -127.53
N VAL C 552 3.95 4.80 -126.61
CA VAL C 552 3.58 6.17 -126.93
C VAL C 552 4.51 6.73 -127.99
N SER C 553 5.82 6.49 -127.84
CA SER C 553 6.75 6.95 -128.86
C SER C 553 6.43 6.33 -130.22
N ASN C 554 6.13 5.03 -130.23
CA ASN C 554 5.85 4.34 -131.48
C ASN C 554 4.60 4.89 -132.14
N MET C 555 3.53 5.10 -131.38
CA MET C 555 2.31 5.61 -132.01
C MET C 555 2.49 7.05 -132.47
N SER C 556 3.27 7.85 -131.74
CA SER C 556 3.47 9.24 -132.14
C SER C 556 4.22 9.30 -133.46
N LYS C 557 5.31 8.54 -133.58
CA LYS C 557 6.03 8.55 -134.85
C LYS C 557 5.18 7.91 -135.96
N ALA C 558 4.34 6.95 -135.63
CA ALA C 558 3.45 6.36 -136.63
C ALA C 558 2.45 7.38 -137.14
N GLN C 559 1.87 8.18 -136.23
CA GLN C 559 0.93 9.22 -136.65
C GLN C 559 1.61 10.25 -137.52
N ILE C 560 2.83 10.66 -137.15
CA ILE C 560 3.54 11.64 -137.97
C ILE C 560 3.83 11.07 -139.35
N ILE C 561 4.25 9.80 -139.42
CA ILE C 561 4.52 9.17 -140.71
C ILE C 561 3.24 9.12 -141.53
N GLN C 562 2.11 8.82 -140.90
CA GLN C 562 0.85 8.76 -141.63
C GLN C 562 0.46 10.13 -142.19
N GLN C 563 0.59 11.18 -141.38
CA GLN C 563 0.24 12.52 -141.86
C GLN C 563 1.17 12.95 -142.99
N ALA C 564 2.46 12.68 -142.85
CA ALA C 564 3.40 12.99 -143.92
C ALA C 564 3.07 12.23 -145.18
N GLY C 565 2.72 10.95 -145.04
CA GLY C 565 2.34 10.16 -146.20
C GLY C 565 1.09 10.70 -146.87
N ASN C 566 0.11 11.14 -146.07
CA ASN C 566 -1.10 11.71 -146.66
C ASN C 566 -0.80 12.99 -147.41
N SER C 567 0.05 13.86 -146.85
CA SER C 567 0.39 15.10 -147.54
C SER C 567 1.15 14.83 -148.82
N VAL C 568 2.13 13.91 -148.77
CA VAL C 568 2.88 13.57 -149.97
C VAL C 568 1.97 12.89 -150.99
N LEU C 569 1.00 12.12 -150.53
CA LEU C 569 0.03 11.51 -151.42
C LEU C 569 -0.81 12.57 -152.12
N ALA C 570 -1.19 13.61 -151.39
CA ALA C 570 -1.92 14.71 -152.02
C ALA C 570 -1.06 15.39 -153.06
N LYS C 571 0.22 15.60 -152.76
CA LYS C 571 1.11 16.24 -153.73
C LYS C 571 1.31 15.37 -154.96
N ALA C 572 1.41 14.05 -154.79
CA ALA C 572 1.59 13.16 -155.92
C ALA C 572 0.31 13.01 -156.72
N ASN C 573 -0.84 12.90 -156.04
CA ASN C 573 -2.15 12.91 -156.67
C ASN C 573 -2.45 14.24 -157.32
N GLN C 574 -1.66 15.27 -157.03
CA GLN C 574 -1.66 16.45 -157.89
C GLN C 574 -1.01 16.00 -159.19
N VAL C 575 -1.70 15.09 -159.88
CA VAL C 575 -1.23 14.40 -161.06
C VAL C 575 -1.07 15.43 -162.17
N PRO C 576 -0.26 15.17 -163.17
CA PRO C 576 0.05 16.22 -164.15
C PRO C 576 -1.17 16.83 -164.82
N GLN C 577 -1.44 18.10 -164.57
CA GLN C 577 -2.23 18.90 -165.48
C GLN C 577 -1.35 19.66 -166.45
N GLN C 578 -0.03 19.51 -166.35
CA GLN C 578 0.85 20.05 -167.37
C GLN C 578 0.60 19.40 -168.72
N VAL C 579 0.06 18.18 -168.75
CA VAL C 579 -0.39 17.61 -170.02
C VAL C 579 -1.54 18.43 -170.58
N LEU C 580 -2.47 18.85 -169.71
CA LEU C 580 -3.54 19.73 -170.15
C LEU C 580 -2.98 21.05 -170.65
N SER C 581 -1.97 21.57 -169.96
CA SER C 581 -1.32 22.82 -170.37
C SER C 581 -0.69 22.67 -171.74
N LEU C 582 -0.05 21.53 -172.00
CA LEU C 582 0.52 21.28 -173.33
C LEU C 582 -0.57 21.14 -174.38
N LEU C 583 -1.75 20.65 -173.98
CA LEU C 583 -2.76 20.27 -174.97
C LEU C 583 -3.22 21.47 -175.81
N GLN C 584 -3.51 22.61 -175.17
CA GLN C 584 -4.03 23.72 -175.94
C GLN C 584 -2.97 24.46 -176.73
N GLY C 585 -1.69 24.17 -176.50
CA GLY C 585 -0.62 24.83 -177.22
C GLY C 585 -0.50 24.36 -178.66
N MET D 1 1.27 54.60 -146.35
CA MET D 1 1.24 53.14 -146.49
C MET D 1 1.09 52.76 -147.96
N ALA D 2 -0.04 53.13 -148.55
CA ALA D 2 -0.33 52.74 -149.93
C ALA D 2 0.68 53.33 -150.90
N GLN D 3 1.11 54.57 -150.67
CA GLN D 3 1.95 55.26 -151.63
C GLN D 3 3.43 54.97 -151.47
N VAL D 4 3.85 54.33 -150.37
CA VAL D 4 5.26 54.07 -150.12
C VAL D 4 5.45 52.60 -149.79
N ILE D 5 6.53 52.02 -150.32
CA ILE D 5 6.89 50.64 -150.02
C ILE D 5 8.26 50.50 -149.38
N ASN D 6 9.04 51.58 -149.31
CA ASN D 6 10.42 51.47 -148.84
C ASN D 6 10.54 51.51 -147.32
N THR D 7 9.66 52.25 -146.64
CA THR D 7 9.75 52.43 -145.20
C THR D 7 8.40 52.14 -144.56
N ASN D 8 8.40 52.08 -143.23
CA ASN D 8 7.17 51.87 -142.47
C ASN D 8 7.26 52.69 -141.19
N SER D 9 6.67 53.89 -141.22
CA SER D 9 6.62 54.72 -140.03
C SER D 9 5.84 54.04 -138.91
N LEU D 10 4.77 53.31 -139.26
CA LEU D 10 4.01 52.59 -138.25
C LEU D 10 4.88 51.54 -137.56
N SER D 11 5.65 50.78 -138.33
CA SER D 11 6.52 49.78 -137.74
C SER D 11 7.57 50.43 -136.85
N LEU D 12 8.14 51.54 -137.29
CA LEU D 12 9.14 52.22 -136.46
C LEU D 12 8.55 52.70 -135.14
N ILE D 13 7.36 53.30 -135.19
CA ILE D 13 6.73 53.78 -133.97
C ILE D 13 6.41 52.63 -133.03
N THR D 14 5.89 51.53 -133.58
CA THR D 14 5.57 50.38 -132.75
C THR D 14 6.81 49.81 -132.10
N GLN D 15 7.92 49.72 -132.85
CA GLN D 15 9.16 49.21 -132.26
C GLN D 15 9.66 50.12 -131.13
N ASN D 16 9.56 51.44 -131.33
CA ASN D 16 9.97 52.36 -130.27
C ASN D 16 9.15 52.15 -129.01
N ASN D 17 7.83 52.02 -129.18
CA ASN D 17 6.96 51.82 -128.03
C ASN D 17 7.26 50.49 -127.34
N ILE D 18 7.56 49.45 -128.13
CA ILE D 18 7.89 48.15 -127.55
C ILE D 18 9.14 48.25 -126.70
N ASN D 19 10.17 48.94 -127.20
CA ASN D 19 11.40 49.09 -126.41
C ASN D 19 11.14 49.88 -125.13
N LYS D 20 10.33 50.94 -125.23
CA LYS D 20 10.01 51.73 -124.06
C LYS D 20 9.31 50.88 -123.00
N ASN D 21 8.42 49.98 -123.42
CA ASN D 21 7.83 49.04 -122.48
C ASN D 21 8.89 48.09 -121.92
N GLN D 22 9.80 47.62 -122.78
CA GLN D 22 10.78 46.62 -122.37
C GLN D 22 11.61 47.11 -121.20
N SER D 23 11.95 48.40 -121.20
CA SER D 23 12.71 48.94 -120.07
C SER D 23 12.00 48.65 -118.74
N ALA D 24 10.73 49.01 -118.64
CA ALA D 24 10.00 48.84 -117.38
C ALA D 24 9.76 47.37 -117.09
N LEU D 25 9.53 46.56 -118.12
CA LEU D 25 9.33 45.13 -117.90
C LEU D 25 10.56 44.50 -117.25
N SER D 26 11.73 44.78 -117.81
CA SER D 26 12.97 44.24 -117.24
C SER D 26 13.18 44.76 -115.82
N SER D 27 12.92 46.05 -115.60
CA SER D 27 13.07 46.61 -114.26
C SER D 27 12.21 45.86 -113.26
N SER D 28 10.93 45.68 -113.57
CA SER D 28 10.01 45.03 -112.64
C SER D 28 10.42 43.59 -112.38
N ILE D 29 10.79 42.85 -113.44
CA ILE D 29 11.14 41.45 -113.25
C ILE D 29 12.37 41.31 -112.35
N GLU D 30 13.40 42.13 -112.60
CA GLU D 30 14.59 42.02 -111.76
C GLU D 30 14.31 42.48 -110.33
N ARG D 31 13.45 43.48 -110.15
CA ARG D 31 13.13 43.92 -108.80
C ARG D 31 12.40 42.83 -108.02
N LEU D 32 11.47 42.14 -108.67
CA LEU D 32 10.81 41.01 -108.00
C LEU D 32 11.78 39.88 -107.70
N SER D 33 12.67 39.56 -108.64
CA SER D 33 13.60 38.47 -108.42
C SER D 33 14.53 38.77 -107.25
N SER D 34 15.03 40.00 -107.15
CA SER D 34 15.96 40.34 -106.07
C SER D 34 15.23 40.51 -104.75
N GLY D 35 14.04 41.10 -104.77
CA GLY D 35 13.34 41.41 -103.54
C GLY D 35 13.79 42.70 -102.89
N LEU D 36 14.39 43.61 -103.65
CA LEU D 36 14.89 44.88 -103.14
C LEU D 36 14.38 46.02 -104.01
N ARG D 37 14.02 47.13 -103.36
CA ARG D 37 13.54 48.29 -104.10
C ARG D 37 14.68 48.97 -104.86
N ILE D 38 15.84 49.09 -104.23
CA ILE D 38 17.00 49.76 -104.81
C ILE D 38 17.97 48.70 -105.28
N ASN D 39 18.22 48.66 -106.59
CA ASN D 39 19.14 47.68 -107.17
C ASN D 39 20.04 48.37 -108.17
N SER D 40 21.31 47.96 -108.21
CA SER D 40 22.30 48.36 -109.21
C SER D 40 22.62 49.84 -109.19
N ALA D 41 22.05 50.60 -108.25
CA ALA D 41 22.32 52.04 -108.09
C ALA D 41 22.00 52.84 -109.35
N LYS D 42 21.22 52.27 -110.27
CA LYS D 42 20.73 53.00 -111.44
C LYS D 42 19.52 53.86 -111.12
N ASP D 43 19.33 54.16 -109.84
CA ASP D 43 18.23 54.96 -109.35
C ASP D 43 18.79 55.90 -108.29
N ASP D 44 17.92 56.44 -107.45
CA ASP D 44 18.34 57.38 -106.41
C ASP D 44 19.48 56.81 -105.57
N ALA D 45 20.67 57.40 -105.70
CA ALA D 45 21.83 56.91 -104.98
C ALA D 45 21.81 57.30 -103.51
N ALA D 46 21.00 58.29 -103.13
CA ALA D 46 20.87 58.63 -101.73
C ALA D 46 20.33 57.46 -100.93
N GLY D 47 19.33 56.76 -101.48
CA GLY D 47 18.83 55.57 -100.82
C GLY D 47 19.87 54.50 -100.68
N GLN D 48 20.69 54.31 -101.71
CA GLN D 48 21.77 53.32 -101.65
C GLN D 48 22.76 53.66 -100.52
N ALA D 49 23.17 54.92 -100.47
CA ALA D 49 24.12 55.34 -99.43
C ALA D 49 23.53 55.19 -98.04
N ILE D 50 22.28 55.59 -97.86
CA ILE D 50 21.66 55.49 -96.54
C ILE D 50 21.47 54.04 -96.13
N ALA D 51 21.14 53.17 -97.10
CA ALA D 51 21.05 51.75 -96.81
C ALA D 51 22.39 51.18 -96.37
N ASN D 52 23.48 51.61 -97.04
CA ASN D 52 24.80 51.16 -96.62
C ASN D 52 25.10 51.62 -95.19
N ARG D 53 24.78 52.87 -94.87
CA ARG D 53 25.03 53.36 -93.52
C ARG D 53 24.24 52.57 -92.50
N PHE D 54 22.97 52.27 -92.79
CA PHE D 54 22.16 51.53 -91.86
C PHE D 54 22.66 50.11 -91.68
N THR D 55 23.12 49.48 -92.76
CA THR D 55 23.67 48.13 -92.65
C THR D 55 24.91 48.12 -91.75
N SER D 56 25.80 49.10 -91.96
CA SER D 56 26.99 49.20 -91.12
C SER D 56 26.61 49.38 -89.66
N ASN D 57 25.66 50.27 -89.39
CA ASN D 57 25.23 50.50 -88.01
C ASN D 57 24.64 49.24 -87.39
N ILE D 58 23.82 48.51 -88.14
CA ILE D 58 23.17 47.32 -87.60
C ILE D 58 24.21 46.26 -87.24
N LYS D 59 25.16 46.01 -88.16
CA LYS D 59 26.19 45.01 -87.87
C LYS D 59 27.02 45.43 -86.67
N GLY D 60 27.42 46.70 -86.61
CA GLY D 60 28.20 47.17 -85.48
C GLY D 60 27.47 47.02 -84.16
N LEU D 61 26.17 47.37 -84.14
CA LEU D 61 25.41 47.26 -82.90
C LEU D 61 25.26 45.81 -82.45
N THR D 62 25.04 44.89 -83.40
CA THR D 62 24.93 43.49 -83.02
C THR D 62 26.24 42.99 -82.41
N GLN D 63 27.37 43.32 -83.04
CA GLN D 63 28.65 42.88 -82.49
C GLN D 63 28.90 43.51 -81.13
N ALA D 64 28.48 44.76 -80.94
CA ALA D 64 28.62 45.42 -79.65
C ALA D 64 27.80 44.73 -78.58
N ALA D 65 26.59 44.28 -78.93
CA ALA D 65 25.79 43.52 -77.99
C ALA D 65 26.50 42.24 -77.57
N ARG D 66 27.11 41.55 -78.52
CA ARG D 66 27.86 40.35 -78.17
C ARG D 66 29.02 40.68 -77.21
N ASN D 67 29.72 41.78 -77.48
CA ASN D 67 30.82 42.19 -76.61
C ASN D 67 30.32 42.47 -75.19
N ALA D 68 29.17 43.13 -75.09
CA ALA D 68 28.61 43.41 -73.77
C ALA D 68 28.25 42.11 -73.04
N ASN D 69 27.74 41.13 -73.76
CA ASN D 69 27.48 39.83 -73.14
C ASN D 69 28.76 39.22 -72.57
N ASP D 70 29.85 39.30 -73.34
CA ASP D 70 31.13 38.80 -72.84
C ASP D 70 31.56 39.53 -71.58
N GLY D 71 31.37 40.85 -71.54
CA GLY D 71 31.71 41.61 -70.34
C GLY D 71 30.90 41.17 -69.14
N ILE D 72 29.61 40.88 -69.35
CA ILE D 72 28.78 40.37 -68.26
C ILE D 72 29.35 39.06 -67.74
N SER D 73 29.78 38.20 -68.65
CA SER D 73 30.37 36.93 -68.23
C SER D 73 31.61 37.16 -67.36
N VAL D 74 32.47 38.09 -67.77
CA VAL D 74 33.66 38.40 -66.99
C VAL D 74 33.28 38.84 -65.58
N ALA D 75 32.30 39.74 -65.49
CA ALA D 75 31.88 40.24 -64.18
C ALA D 75 31.35 39.11 -63.31
N GLN D 76 30.55 38.22 -63.88
CA GLN D 76 29.99 37.12 -63.10
C GLN D 76 31.08 36.22 -62.53
N THR D 77 32.07 35.87 -63.38
CA THR D 77 33.15 35.01 -62.91
C THR D 77 33.92 35.66 -61.76
N THR D 78 34.28 36.93 -61.94
CA THR D 78 35.04 37.63 -60.91
C THR D 78 34.25 37.68 -59.61
N GLU D 79 32.94 37.94 -59.71
CA GLU D 79 32.13 38.08 -58.51
C GLU D 79 31.96 36.75 -57.78
N GLY D 80 31.88 35.65 -58.50
CA GLY D 80 31.87 34.35 -57.83
C GLY D 80 33.15 34.08 -57.06
N ALA D 81 34.29 34.40 -57.66
CA ALA D 81 35.55 34.25 -56.93
C ALA D 81 35.56 35.12 -55.67
N LEU D 82 35.07 36.36 -55.79
CA LEU D 82 35.00 37.24 -54.63
C LEU D 82 34.11 36.65 -53.54
N SER D 83 32.99 36.03 -53.93
CA SER D 83 32.11 35.44 -52.93
C SER D 83 32.82 34.34 -52.15
N GLU D 84 33.57 33.48 -52.85
CA GLU D 84 34.30 32.45 -52.12
C GLU D 84 35.33 33.04 -51.17
N ILE D 85 36.05 34.08 -51.62
CA ILE D 85 37.01 34.73 -50.74
C ILE D 85 36.32 35.29 -49.50
N ASN D 86 35.15 35.88 -49.69
CA ASN D 86 34.42 36.45 -48.56
C ASN D 86 34.01 35.38 -47.55
N ASN D 87 33.56 34.23 -48.04
CA ASN D 87 33.22 33.15 -47.11
C ASN D 87 34.44 32.72 -46.30
N ASN D 88 35.60 32.60 -46.97
CA ASN D 88 36.81 32.25 -46.25
C ASN D 88 37.15 33.28 -45.18
N LEU D 89 37.01 34.57 -45.50
CA LEU D 89 37.32 35.60 -44.52
C LEU D 89 36.38 35.54 -43.32
N GLN D 90 35.09 35.28 -43.56
CA GLN D 90 34.16 35.15 -42.45
C GLN D 90 34.55 34.00 -41.53
N ARG D 91 34.93 32.87 -42.10
CA ARG D 91 35.33 31.74 -41.26
C ARG D 91 36.60 32.09 -40.47
N ILE D 92 37.52 32.81 -41.09
CA ILE D 92 38.73 33.23 -40.37
C ILE D 92 38.37 34.12 -39.19
N ARG D 93 37.40 35.02 -39.38
CA ARG D 93 37.00 35.88 -38.28
C ARG D 93 36.38 35.09 -37.13
N GLU D 94 35.55 34.09 -37.45
CA GLU D 94 35.05 33.19 -36.41
C GLU D 94 36.21 32.56 -35.64
N LEU D 95 37.22 32.10 -36.38
CA LEU D 95 38.37 31.45 -35.77
C LEU D 95 39.08 32.41 -34.82
N THR D 96 39.27 33.65 -35.25
CA THR D 96 39.91 34.65 -34.40
C THR D 96 39.10 34.91 -33.15
N VAL D 97 37.78 34.99 -33.28
CA VAL D 97 36.93 35.26 -32.13
C VAL D 97 37.11 34.16 -31.08
N GLN D 98 37.13 32.89 -31.50
CA GLN D 98 37.35 31.86 -30.49
C GLN D 98 38.80 31.82 -30.00
N ALA D 99 39.76 32.27 -30.81
CA ALA D 99 41.14 32.20 -30.40
C ALA D 99 41.51 33.24 -29.36
N THR D 100 40.90 34.43 -29.43
CA THR D 100 41.30 35.51 -28.52
C THR D 100 40.93 35.24 -27.06
N THR D 101 40.12 34.22 -26.79
CA THR D 101 39.75 33.92 -25.41
C THR D 101 40.96 33.50 -24.61
N GLY D 102 41.00 33.89 -23.34
CA GLY D 102 42.10 33.51 -22.47
C GLY D 102 42.03 32.11 -21.92
N THR D 103 40.94 31.39 -22.17
CA THR D 103 40.86 30.01 -21.72
C THR D 103 41.73 29.09 -22.57
N ASN D 104 41.86 29.40 -23.86
CA ASN D 104 42.61 28.54 -24.76
C ASN D 104 44.07 28.47 -24.35
N SER D 105 44.65 27.27 -24.47
CA SER D 105 46.04 27.05 -24.10
C SER D 105 46.93 27.21 -25.32
N ASP D 106 48.23 26.95 -25.15
CA ASP D 106 49.19 27.16 -26.22
C ASP D 106 48.93 26.24 -27.41
N SER D 107 48.65 24.96 -27.13
CA SER D 107 48.38 24.03 -28.22
C SER D 107 47.09 24.41 -28.95
N ASP D 108 46.08 24.85 -28.21
CA ASP D 108 44.83 25.28 -28.84
C ASP D 108 45.07 26.47 -29.76
N LEU D 109 45.84 27.45 -29.29
CA LEU D 109 46.18 28.59 -30.13
C LEU D 109 46.97 28.16 -31.36
N ASP D 110 47.88 27.20 -31.19
CA ASP D 110 48.66 26.71 -32.32
C ASP D 110 47.77 26.08 -33.37
N SER D 111 46.80 25.26 -32.94
CA SER D 111 45.91 24.61 -33.88
C SER D 111 45.03 25.64 -34.61
N ILE D 112 44.52 26.61 -33.86
CA ILE D 112 43.68 27.64 -34.48
C ILE D 112 44.49 28.43 -35.50
N GLN D 113 45.73 28.77 -35.17
CA GLN D 113 46.58 29.50 -36.11
C GLN D 113 46.91 28.65 -37.33
N ASP D 114 47.06 27.34 -37.15
CA ASP D 114 47.25 26.46 -38.29
C ASP D 114 46.07 26.53 -39.24
N GLU D 115 44.85 26.48 -38.70
CA GLU D 115 43.66 26.59 -39.54
C GLU D 115 43.60 27.94 -40.23
N ILE D 116 43.93 29.02 -39.51
CA ILE D 116 43.89 30.35 -40.09
C ILE D 116 44.89 30.47 -41.23
N LYS D 117 46.09 29.91 -41.04
CA LYS D 117 47.09 29.94 -42.10
C LYS D 117 46.62 29.15 -43.31
N SER D 118 45.97 28.01 -43.08
CA SER D 118 45.44 27.25 -44.19
C SER D 118 44.43 28.07 -44.99
N ARG D 119 43.53 28.77 -44.31
CA ARG D 119 42.52 29.52 -45.04
C ARG D 119 43.10 30.75 -45.72
N LEU D 120 44.10 31.39 -45.13
CA LEU D 120 44.79 32.48 -45.82
C LEU D 120 45.47 31.96 -47.08
N ASP D 121 46.08 30.78 -47.00
CA ASP D 121 46.67 30.18 -48.18
C ASP D 121 45.62 29.92 -49.25
N GLU D 122 44.43 29.47 -48.83
CA GLU D 122 43.35 29.28 -49.80
C GLU D 122 42.95 30.59 -50.46
N ILE D 123 42.86 31.67 -49.69
CA ILE D 123 42.50 32.97 -50.27
C ILE D 123 43.53 33.36 -51.32
N ASP D 124 44.82 33.24 -50.98
CA ASP D 124 45.88 33.58 -51.93
C ASP D 124 45.80 32.70 -53.17
N ARG D 125 45.57 31.39 -52.98
CA ARG D 125 45.51 30.47 -54.10
C ARG D 125 44.37 30.82 -55.06
N VAL D 126 43.17 31.03 -54.51
CA VAL D 126 42.02 31.35 -55.34
C VAL D 126 42.26 32.65 -56.10
N SER D 127 42.78 33.67 -55.39
CA SER D 127 43.03 34.95 -56.04
C SER D 127 44.05 34.80 -57.17
N GLY D 128 45.12 34.05 -56.94
CA GLY D 128 46.15 33.91 -57.95
C GLY D 128 45.68 33.11 -59.15
N GLN D 129 44.92 32.05 -58.93
CA GLN D 129 44.61 31.10 -59.99
C GLN D 129 43.26 31.33 -60.66
N THR D 130 42.43 32.25 -60.17
CA THR D 130 41.20 32.57 -60.88
C THR D 130 41.53 33.22 -62.22
N GLN D 131 40.98 32.67 -63.29
CA GLN D 131 41.37 33.05 -64.64
C GLN D 131 40.16 33.04 -65.56
N PHE D 132 40.09 34.01 -66.46
CA PHE D 132 39.07 34.07 -67.49
C PHE D 132 39.75 34.38 -68.82
N ASN D 133 39.64 33.45 -69.77
CA ASN D 133 40.19 33.63 -71.12
C ASN D 133 41.67 33.99 -71.08
N GLY D 134 42.42 33.32 -70.20
CA GLY D 134 43.84 33.56 -70.11
C GLY D 134 44.24 34.83 -69.40
N VAL D 135 43.30 35.51 -68.76
CA VAL D 135 43.58 36.75 -68.04
C VAL D 135 43.27 36.53 -66.56
N ASN D 136 44.23 36.83 -65.71
CA ASN D 136 44.04 36.71 -64.26
C ASN D 136 43.34 37.96 -63.78
N VAL D 137 42.03 37.85 -63.55
CA VAL D 137 41.24 39.02 -63.19
C VAL D 137 41.64 39.56 -61.83
N LEU D 138 42.01 38.67 -60.90
CA LEU D 138 42.28 39.06 -59.53
C LEU D 138 43.77 39.22 -59.21
N ALA D 139 44.63 39.21 -60.23
CA ALA D 139 46.06 39.33 -59.99
C ALA D 139 46.62 40.68 -60.44
N LYS D 140 45.85 41.48 -61.16
CA LYS D 140 46.31 42.78 -61.65
C LYS D 140 45.40 43.88 -61.14
N ASP D 141 45.84 45.11 -61.31
CA ASP D 141 45.10 46.28 -60.85
C ASP D 141 44.65 47.16 -62.01
N GLY D 142 44.48 46.58 -63.20
CA GLY D 142 44.17 47.34 -64.40
C GLY D 142 42.68 47.52 -64.63
N SER D 143 42.34 47.74 -65.90
CA SER D 143 40.95 47.89 -66.30
C SER D 143 40.79 47.36 -67.71
N MET D 144 39.59 46.89 -68.02
CA MET D 144 39.25 46.36 -69.33
C MET D 144 38.20 47.25 -69.98
N LYS D 145 38.42 47.58 -71.24
CA LYS D 145 37.51 48.43 -72.00
C LYS D 145 36.67 47.56 -72.93
N ILE D 146 35.36 47.72 -72.85
CA ILE D 146 34.42 46.92 -73.62
C ILE D 146 33.74 47.83 -74.64
N GLN D 147 33.79 47.42 -75.90
CA GLN D 147 33.14 48.16 -76.96
C GLN D 147 31.63 47.96 -76.88
N VAL D 148 30.89 49.05 -76.72
CA VAL D 148 29.43 48.98 -76.62
C VAL D 148 28.73 49.74 -77.74
N GLY D 149 29.36 50.76 -78.34
CA GLY D 149 28.79 51.44 -79.47
C GLY D 149 29.35 50.94 -80.78
N ALA D 150 28.87 51.53 -81.87
CA ALA D 150 29.32 51.19 -83.20
C ALA D 150 30.41 52.10 -83.73
N ASN D 151 30.73 53.18 -83.01
CA ASN D 151 31.75 54.13 -83.44
C ASN D 151 32.90 54.14 -82.45
N ASP D 152 33.88 55.01 -82.71
CA ASP D 152 35.10 55.06 -81.92
C ASP D 152 34.82 55.65 -80.53
N GLY D 153 35.53 55.14 -79.54
CA GLY D 153 35.49 55.70 -78.20
C GLY D 153 34.26 55.38 -77.40
N GLU D 154 33.38 54.52 -77.91
CA GLU D 154 32.13 54.18 -77.21
C GLU D 154 32.37 52.93 -76.37
N THR D 155 33.08 53.12 -75.26
CA THR D 155 33.54 52.01 -74.43
C THR D 155 33.04 52.16 -73.01
N ILE D 156 33.01 51.04 -72.31
CA ILE D 156 32.69 50.98 -70.89
C ILE D 156 33.84 50.30 -70.18
N THR D 157 34.28 50.87 -69.06
CA THR D 157 35.47 50.40 -68.37
C THR D 157 35.10 49.59 -67.14
N ILE D 158 35.68 48.40 -67.01
CA ILE D 158 35.58 47.59 -65.81
C ILE D 158 36.92 47.66 -65.10
N ASP D 159 36.92 48.17 -63.88
CA ASP D 159 38.13 48.25 -63.08
C ASP D 159 38.32 46.97 -62.28
N LEU D 160 39.56 46.48 -62.25
CA LEU D 160 39.89 45.29 -61.49
C LEU D 160 40.84 45.66 -60.36
N LYS D 161 40.85 44.82 -59.32
CA LYS D 161 41.68 45.06 -58.16
C LYS D 161 42.54 43.84 -57.89
N LYS D 162 43.78 44.09 -57.49
CA LYS D 162 44.66 43.01 -57.05
C LYS D 162 44.30 42.67 -55.62
N ILE D 163 43.65 41.52 -55.42
CA ILE D 163 43.22 41.08 -54.10
C ILE D 163 44.03 39.87 -53.72
N ASP D 164 44.70 39.95 -52.58
CA ASP D 164 45.45 38.84 -52.00
C ASP D 164 45.73 39.21 -50.55
N SER D 165 46.63 38.46 -49.92
CA SER D 165 47.04 38.82 -48.56
C SER D 165 47.71 40.19 -48.53
N ASP D 166 48.56 40.47 -49.52
CA ASP D 166 49.36 41.69 -49.47
C ASP D 166 48.50 42.95 -49.44
N THR D 167 47.44 42.99 -50.25
CA THR D 167 46.60 44.17 -50.33
C THR D 167 45.55 44.25 -49.23
N LEU D 168 45.41 43.21 -48.41
CA LEU D 168 44.51 43.24 -47.28
C LEU D 168 45.24 43.16 -45.94
N GLY D 169 46.57 43.22 -45.95
CA GLY D 169 47.30 43.09 -44.71
C GLY D 169 47.36 41.63 -44.31
N LEU D 170 47.08 41.34 -43.04
CA LEU D 170 46.93 39.96 -42.60
C LEU D 170 48.17 39.11 -42.84
N ASN D 171 49.29 39.74 -43.24
CA ASN D 171 50.47 38.98 -43.61
C ASN D 171 50.97 38.14 -42.45
N GLY D 172 51.39 38.77 -41.37
CA GLY D 172 51.72 38.06 -40.16
C GLY D 172 50.54 38.05 -39.21
N PHE D 173 49.49 37.30 -39.54
CA PHE D 173 48.29 37.30 -38.70
C PHE D 173 48.62 36.81 -37.29
N ASN D 174 49.43 35.76 -37.17
CA ASN D 174 50.20 35.50 -35.96
C ASN D 174 49.32 35.42 -34.71
N VAL D 175 48.20 34.69 -34.81
CA VAL D 175 47.31 34.60 -33.65
C VAL D 175 48.02 33.97 -32.48
N ASN D 176 48.79 32.91 -32.72
CA ASN D 176 49.54 32.26 -31.66
C ASN D 176 50.91 32.89 -31.41
N GLY D 177 51.33 33.83 -32.25
CA GLY D 177 52.56 34.55 -32.02
C GLY D 177 53.81 33.98 -32.67
N LYS D 178 53.66 33.16 -33.71
CA LYS D 178 54.80 32.56 -34.40
C LYS D 178 54.61 32.73 -35.90
N GLY D 179 55.45 33.55 -36.52
CA GLY D 179 55.31 33.83 -37.93
C GLY D 179 56.45 34.68 -38.45
N THR D 180 56.32 35.10 -39.71
CA THR D 180 57.38 35.82 -40.40
C THR D 180 56.90 37.20 -40.81
N ILE D 181 57.86 38.06 -41.14
CA ILE D 181 57.57 39.44 -41.51
C ILE D 181 58.14 39.77 -42.88
N THR D 182 59.21 39.09 -43.28
CA THR D 182 59.97 39.42 -44.49
C THR D 182 60.33 40.90 -44.51
N ASN D 183 61.18 41.25 -43.54
CA ASN D 183 61.34 42.62 -43.06
C ASN D 183 61.45 43.72 -44.12
N LYS D 184 62.51 43.73 -44.93
CA LYS D 184 62.75 44.86 -45.83
C LYS D 184 64.01 44.57 -46.64
N ALA D 185 64.27 45.43 -47.63
CA ALA D 185 65.52 45.45 -48.37
C ALA D 185 66.22 46.78 -48.11
N ALA D 186 67.51 46.71 -47.82
CA ALA D 186 68.26 47.89 -47.39
C ALA D 186 68.48 48.85 -48.55
N THR D 187 68.95 50.06 -48.20
CA THR D 187 69.25 51.09 -49.19
C THR D 187 70.45 51.91 -48.72
N VAL D 188 70.91 52.79 -49.62
CA VAL D 188 72.09 53.61 -49.31
C VAL D 188 71.80 54.57 -48.16
N SER D 189 70.57 55.08 -48.08
CA SER D 189 70.21 55.94 -46.96
C SER D 189 70.29 55.16 -45.64
N ASP D 190 69.82 53.92 -45.65
CA ASP D 190 69.93 53.09 -44.45
C ASP D 190 71.39 52.84 -44.09
N LEU D 191 72.24 52.60 -45.10
CA LEU D 191 73.66 52.40 -44.82
C LEU D 191 74.28 53.65 -44.20
N THR D 192 73.97 54.82 -44.75
CA THR D 192 74.50 56.06 -44.20
C THR D 192 74.02 56.28 -42.78
N SER D 193 72.74 56.01 -42.51
CA SER D 193 72.22 56.12 -41.15
C SER D 193 72.94 55.18 -40.20
N ALA D 194 73.19 53.94 -40.65
CA ALA D 194 73.94 52.99 -39.85
C ALA D 194 75.39 53.40 -39.66
N GLY D 195 75.92 54.26 -40.53
CA GLY D 195 77.26 54.79 -40.35
C GLY D 195 78.30 54.30 -41.31
N ALA D 196 77.92 53.58 -42.36
CA ALA D 196 78.90 53.13 -43.34
C ALA D 196 79.52 54.31 -44.08
N LYS D 197 80.79 54.18 -44.41
CA LYS D 197 81.54 55.22 -45.10
C LYS D 197 81.80 54.80 -46.54
N LEU D 198 81.65 55.75 -47.46
CA LEU D 198 81.97 55.48 -48.86
C LEU D 198 83.49 55.51 -49.06
N ASN D 199 84.01 54.48 -49.73
CA ASN D 199 85.42 54.40 -50.04
C ASN D 199 85.64 55.05 -51.40
N THR D 200 86.37 56.17 -51.42
CA THR D 200 86.52 56.94 -52.65
C THR D 200 87.28 56.16 -53.72
N THR D 201 88.33 55.43 -53.33
CA THR D 201 89.16 54.77 -54.33
C THR D 201 88.45 53.60 -54.99
N THR D 202 87.55 52.93 -54.28
CA THR D 202 86.88 51.75 -54.83
C THR D 202 85.40 51.96 -55.11
N GLY D 203 84.76 52.96 -54.49
CA GLY D 203 83.35 53.21 -54.72
C GLY D 203 82.41 52.38 -53.86
N LEU D 204 82.94 51.46 -53.06
CA LEU D 204 82.10 50.62 -52.21
C LEU D 204 81.69 51.37 -50.95
N TYR D 205 80.80 50.77 -50.19
CA TYR D 205 80.42 51.26 -48.87
C TYR D 205 80.95 50.28 -47.83
N ASP D 206 81.82 50.78 -46.95
CA ASP D 206 82.45 49.96 -45.92
C ASP D 206 81.84 50.30 -44.56
N LEU D 207 81.39 49.29 -43.85
CA LEU D 207 80.84 49.45 -42.52
C LEU D 207 81.82 48.86 -41.52
N LYS D 208 82.24 49.66 -40.55
CA LYS D 208 83.20 49.24 -39.54
C LYS D 208 82.52 49.16 -38.19
N THR D 209 82.65 48.01 -37.53
CA THR D 209 82.07 47.78 -36.21
C THR D 209 83.20 47.58 -35.21
N GLU D 210 83.15 48.31 -34.10
CA GLU D 210 84.19 48.22 -33.09
C GLU D 210 83.88 47.10 -32.10
N ASN D 211 84.92 46.69 -31.38
CA ASN D 211 84.83 45.58 -30.44
C ASN D 211 85.46 46.01 -29.12
N THR D 212 84.72 45.83 -28.02
CA THR D 212 85.18 46.30 -26.72
C THR D 212 86.18 45.32 -26.12
N LEU D 213 87.27 45.85 -25.59
CA LEU D 213 88.28 45.02 -24.95
C LEU D 213 87.71 44.32 -23.73
N LEU D 214 88.28 43.16 -23.41
CA LEU D 214 87.80 42.35 -22.29
C LEU D 214 87.90 43.14 -20.98
N THR D 215 86.83 43.08 -20.20
CA THR D 215 86.75 43.75 -18.92
C THR D 215 86.69 42.73 -17.78
N THR D 216 86.99 43.22 -16.57
CA THR D 216 87.01 42.35 -15.41
C THR D 216 85.63 41.79 -15.12
N ASP D 217 84.58 42.58 -15.33
CA ASP D 217 83.23 42.10 -15.08
C ASP D 217 82.88 40.95 -16.02
N ALA D 218 83.19 41.11 -17.31
CA ALA D 218 82.92 40.04 -18.27
C ALA D 218 83.75 38.79 -17.96
N ALA D 219 85.01 38.99 -17.58
CA ALA D 219 85.85 37.85 -17.22
C ALA D 219 85.28 37.11 -16.01
N PHE D 220 84.81 37.85 -15.01
CA PHE D 220 84.22 37.22 -13.83
C PHE D 220 82.93 36.50 -14.18
N ASP D 221 82.13 37.08 -15.08
CA ASP D 221 80.91 36.41 -15.52
C ASP D 221 81.24 35.09 -16.23
N LYS D 222 82.28 35.10 -17.05
CA LYS D 222 82.68 33.88 -17.75
C LYS D 222 83.56 32.95 -16.92
N LEU D 223 83.88 33.34 -15.68
CA LEU D 223 84.67 32.47 -14.82
C LEU D 223 83.97 31.15 -14.59
N GLY D 224 84.74 30.06 -14.59
CA GLY D 224 84.22 28.73 -14.37
C GLY D 224 84.93 28.04 -13.21
N ASN D 225 84.49 26.82 -12.95
CA ASN D 225 85.07 26.04 -11.87
C ASN D 225 86.52 25.70 -12.17
N GLY D 226 87.38 25.84 -11.14
CA GLY D 226 88.79 25.57 -11.28
C GLY D 226 89.60 26.69 -11.89
N ASP D 227 89.00 27.85 -12.14
CA ASP D 227 89.74 28.97 -12.72
C ASP D 227 90.70 29.57 -11.69
N LYS D 228 91.83 30.07 -12.20
CA LYS D 228 92.89 30.61 -11.36
C LYS D 228 93.09 32.09 -11.68
N VAL D 229 93.09 32.93 -10.65
CA VAL D 229 93.27 34.36 -10.79
C VAL D 229 94.49 34.77 -9.98
N THR D 230 95.44 35.43 -10.65
CA THR D 230 96.69 35.85 -10.02
C THR D 230 96.75 37.37 -10.03
N VAL D 231 96.55 37.98 -8.86
CA VAL D 231 96.68 39.43 -8.70
C VAL D 231 97.58 39.70 -7.51
N GLY D 232 98.54 40.60 -7.68
CA GLY D 232 99.45 40.95 -6.60
C GLY D 232 100.35 39.82 -6.18
N GLY D 233 100.56 38.83 -7.04
CA GLY D 233 101.44 37.72 -6.75
C GLY D 233 100.84 36.61 -5.91
N VAL D 234 99.54 36.67 -5.61
CA VAL D 234 98.86 35.64 -4.83
C VAL D 234 97.79 34.99 -5.71
N ASP D 235 97.71 33.68 -5.65
CA ASP D 235 96.84 32.91 -6.53
C ASP D 235 95.54 32.56 -5.81
N TYR D 236 94.41 32.78 -6.49
CA TYR D 236 93.09 32.48 -5.98
C TYR D 236 92.45 31.46 -6.92
N THR D 237 91.73 30.49 -6.35
CA THR D 237 91.02 29.50 -7.15
C THR D 237 89.52 29.74 -6.99
N TYR D 238 88.83 29.97 -8.09
CA TYR D 238 87.39 30.24 -8.06
C TYR D 238 86.64 28.96 -7.76
N ASN D 239 85.59 29.07 -6.93
CA ASN D 239 84.70 27.97 -6.62
C ASN D 239 83.29 28.36 -6.99
N ALA D 240 82.70 27.62 -7.93
CA ALA D 240 81.35 27.90 -8.39
C ALA D 240 80.29 27.35 -7.43
N LYS D 241 80.63 26.29 -6.68
CA LYS D 241 79.68 25.74 -5.73
C LYS D 241 79.29 26.77 -4.66
N SER D 242 80.28 27.46 -4.11
CA SER D 242 80.04 28.56 -3.19
C SER D 242 80.25 29.92 -3.84
N GLY D 243 80.78 29.96 -5.06
CA GLY D 243 80.96 31.22 -5.78
C GLY D 243 81.90 32.18 -5.10
N ASP D 244 83.08 31.70 -4.71
CA ASP D 244 84.04 32.55 -4.01
C ASP D 244 85.44 32.00 -4.24
N PHE D 245 86.45 32.82 -3.93
CA PHE D 245 87.82 32.43 -4.21
C PHE D 245 88.46 31.81 -2.97
N THR D 246 89.04 30.63 -3.14
CA THR D 246 89.79 29.96 -2.09
C THR D 246 91.28 30.20 -2.31
N THR D 247 91.98 30.40 -1.19
CA THR D 247 93.40 30.71 -1.22
C THR D 247 94.12 29.80 -0.25
N THR D 248 95.41 29.57 -0.51
CA THR D 248 96.29 28.86 0.42
C THR D 248 97.32 29.85 0.94
N LYS D 249 97.27 30.13 2.24
CA LYS D 249 98.15 31.11 2.86
C LYS D 249 99.09 30.40 3.82
N SER D 250 100.40 30.55 3.60
CA SER D 250 101.37 30.14 4.59
C SER D 250 101.49 31.20 5.66
N THR D 251 102.03 30.81 6.82
CA THR D 251 102.20 31.74 7.93
C THR D 251 103.08 32.92 7.53
N ALA D 252 104.35 32.65 7.28
CA ALA D 252 105.33 33.69 6.96
C ALA D 252 106.62 33.00 6.53
N GLY D 253 107.67 33.79 6.40
CA GLY D 253 108.98 33.28 6.02
C GLY D 253 109.43 33.77 4.66
N THR D 254 110.29 34.78 4.66
CA THR D 254 110.86 35.36 3.46
C THR D 254 112.38 35.39 3.46
N GLY D 255 112.99 35.62 4.63
CA GLY D 255 114.44 35.58 4.71
C GLY D 255 114.98 34.17 4.54
N VAL D 256 116.25 34.10 4.12
CA VAL D 256 116.88 32.81 3.84
C VAL D 256 117.73 32.30 4.99
N ASP D 257 117.94 33.10 6.02
CA ASP D 257 118.75 32.70 7.17
C ASP D 257 117.97 32.94 8.46
N ALA D 258 118.52 32.42 9.56
CA ALA D 258 117.86 32.56 10.85
C ALA D 258 117.77 34.01 11.27
N ALA D 259 118.84 34.78 11.06
CA ALA D 259 118.85 36.20 11.41
C ALA D 259 118.23 37.01 10.28
N ALA D 260 116.91 36.85 10.15
CA ALA D 260 116.15 37.53 9.12
C ALA D 260 114.75 37.84 9.65
N GLN D 261 113.95 38.48 8.81
CA GLN D 261 112.57 38.82 9.17
C GLN D 261 111.64 37.61 9.14
N ALA D 262 112.12 36.45 8.70
CA ALA D 262 111.25 35.27 8.68
C ALA D 262 110.75 34.93 10.08
N ALA D 263 111.63 34.99 11.07
CA ALA D 263 111.26 34.61 12.43
C ALA D 263 110.20 35.55 13.00
N ASP D 264 110.43 36.86 12.90
CA ASP D 264 109.50 37.80 13.53
C ASP D 264 108.19 37.86 12.76
N SER D 265 108.25 37.71 11.43
CA SER D 265 107.01 37.61 10.66
C SER D 265 106.21 36.39 11.05
N ALA D 266 106.88 35.24 11.22
CA ALA D 266 106.17 34.04 11.64
C ALA D 266 105.55 34.22 13.02
N SER D 267 106.29 34.83 13.95
CA SER D 267 105.76 35.03 15.30
C SER D 267 104.55 35.96 15.28
N LYS D 268 104.64 37.06 14.54
CA LYS D 268 103.52 38.01 14.50
C LYS D 268 102.32 37.42 13.79
N ARG D 269 102.54 36.60 12.75
CA ARG D 269 101.41 35.95 12.09
C ARG D 269 100.75 34.92 12.99
N ASP D 270 101.56 34.18 13.75
CA ASP D 270 100.99 33.26 14.74
C ASP D 270 100.17 34.00 15.77
N ALA D 271 100.69 35.14 16.25
CA ALA D 271 99.94 35.95 17.21
C ALA D 271 98.64 36.46 16.61
N LEU D 272 98.69 36.91 15.35
CA LEU D 272 97.47 37.40 14.69
C LEU D 272 96.44 36.29 14.55
N ALA D 273 96.89 35.08 14.16
CA ALA D 273 95.97 33.96 14.07
C ALA D 273 95.36 33.62 15.42
N ALA D 274 96.18 33.66 16.48
CA ALA D 274 95.67 33.38 17.82
C ALA D 274 94.63 34.42 18.24
N THR D 275 94.88 35.70 17.94
CA THR D 275 93.89 36.73 18.25
C THR D 275 92.62 36.53 17.44
N LEU D 276 92.74 36.15 16.17
CA LEU D 276 91.56 35.87 15.37
C LEU D 276 90.78 34.67 15.92
N HIS D 277 91.48 33.74 16.57
CA HIS D 277 90.85 32.58 17.18
C HIS D 277 90.20 32.88 18.52
N ALA D 278 90.01 34.16 18.87
CA ALA D 278 89.49 34.51 20.19
C ALA D 278 88.08 33.96 20.40
N ASP D 279 87.13 34.45 19.63
CA ASP D 279 85.71 34.09 19.75
C ASP D 279 85.24 34.20 21.20
N VAL D 280 85.27 35.43 21.71
CA VAL D 280 84.94 35.69 23.10
C VAL D 280 83.46 35.40 23.37
N GLY D 281 82.59 35.72 22.41
CA GLY D 281 81.16 35.62 22.66
C GLY D 281 80.70 34.20 22.93
N LYS D 282 81.15 33.25 22.12
CA LYS D 282 80.72 31.86 22.23
C LYS D 282 81.90 30.92 22.07
N SER D 283 81.76 29.73 22.63
CA SER D 283 82.80 28.72 22.58
C SER D 283 82.74 27.96 21.25
N VAL D 284 83.90 27.40 20.87
CA VAL D 284 84.01 26.59 19.66
C VAL D 284 84.83 25.34 19.95
N ASN D 285 84.52 24.27 19.22
CA ASN D 285 85.15 22.98 19.37
C ASN D 285 86.00 22.65 18.15
N GLY D 286 87.13 21.98 18.39
CA GLY D 286 88.01 21.51 17.33
C GLY D 286 88.80 20.29 17.74
N SER D 287 89.84 19.98 16.99
CA SER D 287 90.67 18.81 17.27
C SER D 287 92.13 19.13 16.94
N TYR D 288 93.02 18.68 17.81
CA TYR D 288 94.47 18.85 17.64
C TYR D 288 95.08 17.47 17.46
N THR D 289 95.76 17.26 16.33
CA THR D 289 96.27 15.93 15.98
C THR D 289 97.77 16.02 15.76
N THR D 290 98.51 15.14 16.43
CA THR D 290 99.94 15.02 16.24
C THR D 290 100.21 14.00 15.13
N LYS D 291 101.47 13.56 15.01
CA LYS D 291 101.83 12.65 13.93
C LYS D 291 101.06 11.33 14.03
N ASP D 292 100.86 10.81 15.24
CA ASP D 292 100.20 9.53 15.41
C ASP D 292 99.04 9.57 16.41
N GLY D 293 98.71 10.73 16.96
CA GLY D 293 97.63 10.81 17.94
C GLY D 293 96.83 12.08 17.76
N THR D 294 95.60 12.03 18.27
CA THR D 294 94.67 13.15 18.17
C THR D 294 93.98 13.35 19.51
N VAL D 295 93.51 14.58 19.74
CA VAL D 295 92.84 14.94 20.98
C VAL D 295 91.77 15.98 20.67
N SER D 296 90.66 15.92 21.41
CA SER D 296 89.61 16.91 21.27
C SER D 296 90.09 18.27 21.79
N PHE D 297 89.29 19.29 21.51
CA PHE D 297 89.63 20.65 21.91
C PHE D 297 88.33 21.43 22.03
N GLU D 298 88.14 22.14 23.14
CA GLU D 298 86.94 22.95 23.34
C GLU D 298 87.36 24.27 24.00
N THR D 299 87.46 25.33 23.20
CA THR D 299 87.89 26.62 23.72
C THR D 299 86.69 27.55 23.87
N ASP D 300 86.73 28.39 24.90
CA ASP D 300 85.63 29.30 25.20
C ASP D 300 85.91 30.72 24.73
N SER D 301 87.01 31.32 25.19
CA SER D 301 87.33 32.70 24.87
C SER D 301 88.80 32.94 25.14
N ALA D 302 89.34 33.96 24.45
CA ALA D 302 90.73 34.39 24.63
C ALA D 302 91.72 33.26 24.37
N GLY D 303 91.32 32.26 23.58
CA GLY D 303 92.20 31.13 23.31
C GLY D 303 92.51 30.29 24.52
N ASN D 304 91.52 30.01 25.36
CA ASN D 304 91.71 29.21 26.54
C ASN D 304 91.41 27.74 26.23
N ILE D 305 92.35 26.87 26.53
CA ILE D 305 92.24 25.45 26.21
C ILE D 305 91.50 24.76 27.35
N THR D 306 90.39 24.11 27.03
CA THR D 306 89.61 23.35 28.00
C THR D 306 89.28 21.99 27.39
N ILE D 307 89.63 20.92 28.10
CA ILE D 307 89.38 19.55 27.65
C ILE D 307 88.50 18.89 28.69
N GLY D 308 87.26 18.56 28.30
CA GLY D 308 86.35 17.89 29.20
C GLY D 308 86.03 18.66 30.45
N GLY D 309 85.95 19.99 30.36
CA GLY D 309 85.67 20.81 31.51
C GLY D 309 86.87 21.11 32.39
N SER D 310 88.04 20.57 32.07
CA SER D 310 89.25 20.80 32.84
C SER D 310 90.30 21.41 31.93
N GLN D 311 90.95 22.47 32.40
CA GLN D 311 91.92 23.18 31.58
C GLN D 311 93.15 22.30 31.34
N ALA D 312 93.52 22.17 30.08
CA ALA D 312 94.70 21.41 29.68
C ALA D 312 95.87 22.36 29.49
N TYR D 313 97.04 21.78 29.18
CA TYR D 313 98.27 22.53 29.03
C TYR D 313 99.06 21.95 27.87
N VAL D 314 99.98 22.76 27.35
CA VAL D 314 100.80 22.36 26.21
C VAL D 314 102.24 22.19 26.68
N ASP D 315 102.89 21.15 26.18
CA ASP D 315 104.26 20.81 26.54
C ASP D 315 105.24 21.53 25.61
N ASP D 316 106.52 21.19 25.76
CA ASP D 316 107.56 21.78 24.90
C ASP D 316 107.37 21.37 23.45
N ALA D 317 107.04 20.10 23.21
CA ALA D 317 106.91 19.57 21.86
C ALA D 317 105.51 19.68 21.30
N GLY D 318 104.67 20.55 21.86
CA GLY D 318 103.32 20.71 21.40
C GLY D 318 102.33 19.68 21.91
N ASN D 319 102.77 18.76 22.76
CA ASN D 319 101.88 17.76 23.32
C ASN D 319 100.82 18.41 24.19
N LEU D 320 99.61 17.86 24.15
CA LEU D 320 98.50 18.36 24.98
C LEU D 320 98.28 17.40 26.13
N THR D 321 98.39 17.90 27.36
CA THR D 321 98.23 17.08 28.55
C THR D 321 97.37 17.82 29.57
N THR D 322 96.49 17.08 30.23
CA THR D 322 95.68 17.68 31.28
C THR D 322 96.49 17.99 32.53
N ASN D 323 97.63 17.32 32.72
CA ASN D 323 98.48 17.51 33.89
C ASN D 323 99.64 18.44 33.55
N ASN D 324 100.41 18.78 34.59
CA ASN D 324 101.58 19.63 34.46
C ASN D 324 102.78 18.96 35.09
N ALA D 325 103.90 18.99 34.38
CA ALA D 325 105.19 18.51 34.90
C ALA D 325 106.13 19.71 34.92
N GLY D 326 106.61 20.06 36.12
CA GLY D 326 107.50 21.20 36.25
C GLY D 326 106.86 22.54 35.99
N SER D 327 105.55 22.65 36.22
CA SER D 327 104.80 23.89 36.05
C SER D 327 104.87 24.41 34.61
N ALA D 328 105.01 23.50 33.65
CA ALA D 328 105.05 23.87 32.24
C ALA D 328 103.62 23.91 31.69
N ALA D 329 102.84 24.85 32.23
CA ALA D 329 101.43 24.94 31.87
C ALA D 329 101.22 25.70 30.56
N LYS D 330 101.54 27.00 30.57
CA LYS D 330 101.38 27.89 29.41
C LYS D 330 100.13 27.57 28.60
N ALA D 331 98.99 27.51 29.31
CA ALA D 331 97.73 27.08 28.71
C ALA D 331 97.11 28.25 27.95
N ASP D 332 97.56 28.44 26.71
CA ASP D 332 97.03 29.49 25.87
C ASP D 332 97.20 29.10 24.40
N MET D 333 96.38 29.72 23.55
CA MET D 333 96.45 29.44 22.12
C MET D 333 97.79 29.88 21.54
N LYS D 334 98.29 31.04 21.98
CA LYS D 334 99.58 31.51 21.48
C LYS D 334 100.70 30.54 21.84
N ALA D 335 100.73 30.09 23.09
CA ALA D 335 101.76 29.15 23.52
C ALA D 335 101.62 27.82 22.79
N LEU D 336 100.39 27.35 22.58
CA LEU D 336 100.19 26.10 21.87
C LEU D 336 100.69 26.21 20.43
N LEU D 337 100.36 27.31 19.76
CA LEU D 337 100.81 27.49 18.37
C LEU D 337 102.32 27.61 18.30
N LYS D 338 102.94 28.33 19.23
CA LYS D 338 104.40 28.45 19.22
C LYS D 338 105.06 27.12 19.48
N ALA D 339 104.54 26.34 20.43
CA ALA D 339 105.11 25.02 20.71
C ALA D 339 104.95 24.09 19.52
N ALA D 340 103.80 24.15 18.83
CA ALA D 340 103.62 23.34 17.64
C ALA D 340 104.58 23.74 16.53
N SER D 341 104.78 25.06 16.35
CA SER D 341 105.70 25.53 15.32
C SER D 341 107.13 25.11 15.62
N GLU D 342 107.55 25.22 16.88
CA GLU D 342 108.91 24.85 17.25
C GLU D 342 109.08 23.36 17.47
N GLY D 343 108.01 22.58 17.43
CA GLY D 343 108.11 21.16 17.67
C GLY D 343 108.82 20.43 16.56
N SER D 344 109.38 19.27 16.90
CA SER D 344 110.09 18.46 15.92
C SER D 344 109.15 17.91 14.86
N ASP D 345 107.92 17.58 15.25
CA ASP D 345 106.95 16.98 14.34
C ASP D 345 105.78 17.94 14.12
N GLY D 346 105.26 17.96 12.90
CA GLY D 346 104.14 18.81 12.58
C GLY D 346 102.84 18.29 13.14
N ALA D 347 101.81 19.13 13.03
CA ALA D 347 100.50 18.83 13.58
C ALA D 347 99.40 19.29 12.62
N SER D 348 98.17 18.90 12.94
CA SER D 348 96.99 19.33 12.18
C SER D 348 95.90 19.78 13.15
N LEU D 349 95.33 20.95 12.88
CA LEU D 349 94.24 21.49 13.66
C LEU D 349 92.98 21.56 12.82
N THR D 350 91.87 21.08 13.36
CA THR D 350 90.57 21.19 12.71
C THR D 350 89.67 22.04 13.58
N PHE D 351 89.07 23.07 12.97
CA PHE D 351 88.11 23.92 13.68
C PHE D 351 86.80 24.01 12.91
N ASN D 352 85.93 24.93 13.32
CA ASN D 352 84.67 25.14 12.63
C ASN D 352 84.91 25.52 11.16
N GLY D 353 85.93 26.32 10.90
CA GLY D 353 86.24 26.71 9.54
C GLY D 353 87.18 25.74 8.84
N THR D 354 88.24 26.29 8.23
CA THR D 354 89.18 25.46 7.49
C THR D 354 90.15 24.75 8.44
N GLU D 355 90.80 23.72 7.90
CA GLU D 355 91.77 22.94 8.66
C GLU D 355 93.17 23.49 8.43
N TYR D 356 93.91 23.68 9.52
CA TYR D 356 95.26 24.22 9.47
C TYR D 356 96.25 23.09 9.60
N THR D 357 97.38 23.18 8.88
CA THR D 357 98.45 22.20 8.99
C THR D 357 99.73 22.92 9.38
N ILE D 358 100.29 22.55 10.53
CA ILE D 358 101.56 23.09 11.00
C ILE D 358 102.65 22.15 10.52
N ALA D 359 103.52 22.65 9.65
CA ALA D 359 104.54 21.82 9.03
C ALA D 359 105.66 21.53 10.01
N LYS D 360 106.45 20.49 9.70
CA LYS D 360 107.58 20.08 10.51
C LYS D 360 108.61 21.19 10.67
N GLY D 376 105.67 27.25 10.56
CA GLY D 376 104.87 27.47 9.38
C GLY D 376 103.53 26.75 9.43
N ILE D 377 102.45 27.49 9.16
CA ILE D 377 101.10 26.93 9.11
C ILE D 377 100.55 27.21 7.73
N THR D 378 100.09 26.15 7.06
CA THR D 378 99.42 26.25 5.77
C THR D 378 97.92 26.07 6.00
N TYR D 379 97.11 26.96 5.43
CA TYR D 379 95.68 26.88 5.63
C TYR D 379 94.94 27.51 4.47
N GLN D 380 93.71 27.05 4.27
CA GLN D 380 92.83 27.60 3.25
C GLN D 380 92.07 28.79 3.82
N ALA D 381 91.73 29.72 2.93
CA ALA D 381 90.98 30.91 3.31
C ALA D 381 90.01 31.27 2.19
N THR D 382 88.95 31.99 2.55
CA THR D 382 87.88 32.34 1.62
C THR D 382 87.83 33.85 1.45
N VAL D 383 87.77 34.30 0.20
CA VAL D 383 87.59 35.71 -0.12
C VAL D 383 86.45 35.84 -1.12
N SER D 384 85.74 36.97 -1.06
CA SER D 384 84.60 37.19 -1.93
C SER D 384 85.03 37.54 -3.34
N LYS D 385 84.23 37.12 -4.32
CA LYS D 385 84.48 37.50 -5.70
C LYS D 385 84.42 39.01 -5.87
N ASP D 386 83.49 39.67 -5.18
CA ASP D 386 83.43 41.13 -5.24
C ASP D 386 84.70 41.74 -4.68
N VAL D 387 85.22 41.17 -3.59
CA VAL D 387 86.47 41.67 -3.02
C VAL D 387 87.60 41.55 -4.05
N VAL D 388 87.77 40.34 -4.60
CA VAL D 388 88.85 40.11 -5.55
C VAL D 388 88.72 41.04 -6.75
N LEU D 389 87.49 41.27 -7.20
CA LEU D 389 87.24 42.24 -8.26
C LEU D 389 87.72 43.62 -7.84
N SER D 390 87.48 44.01 -6.59
CA SER D 390 87.90 45.32 -6.14
C SER D 390 89.42 45.48 -6.18
N GLU D 391 90.16 44.48 -5.69
CA GLU D 391 91.63 44.62 -5.78
C GLU D 391 92.09 44.57 -7.23
N THR D 392 91.46 43.76 -8.08
CA THR D 392 91.91 43.68 -9.46
C THR D 392 91.71 44.99 -10.20
N LYS D 393 90.58 45.66 -9.97
CA LYS D 393 90.29 46.91 -10.66
C LYS D 393 90.70 48.15 -9.88
N ALA D 394 91.34 47.98 -8.71
CA ALA D 394 91.68 49.13 -7.88
C ALA D 394 92.70 50.03 -8.57
N ALA D 395 93.80 49.45 -9.05
CA ALA D 395 94.87 50.23 -9.66
C ALA D 395 95.46 49.43 -10.82
N ALA D 396 96.62 49.86 -11.29
CA ALA D 396 97.30 49.22 -12.42
C ALA D 396 97.94 47.92 -11.95
N ALA D 397 97.07 46.95 -11.65
CA ALA D 397 97.53 45.64 -11.20
C ALA D 397 97.89 44.76 -12.40
N THR D 398 98.66 43.71 -12.12
CA THR D 398 99.06 42.72 -13.11
C THR D 398 98.22 41.46 -13.03
N SER D 399 96.93 41.61 -12.72
CA SER D 399 96.07 40.45 -12.56
C SER D 399 95.94 39.67 -13.87
N SER D 400 95.93 38.36 -13.76
CA SER D 400 95.77 37.46 -14.90
C SER D 400 94.78 36.36 -14.53
N ILE D 401 93.92 36.02 -15.48
CA ILE D 401 92.87 35.02 -15.28
C ILE D 401 93.11 33.88 -16.26
N THR D 402 93.09 32.66 -15.75
CA THR D 402 93.25 31.47 -16.58
C THR D 402 91.90 30.79 -16.75
N PHE D 403 91.39 30.79 -17.97
CA PHE D 403 90.15 30.08 -18.30
C PHE D 403 90.52 28.63 -18.61
N ASN D 404 89.98 27.70 -17.82
CA ASN D 404 90.29 26.29 -17.96
C ASN D 404 88.99 25.51 -18.11
N SER D 405 88.88 24.74 -19.18
CA SER D 405 87.73 23.88 -19.42
C SER D 405 87.97 22.45 -18.97
N GLY D 406 89.12 22.19 -18.33
CA GLY D 406 89.52 20.85 -17.97
C GLY D 406 90.30 20.12 -19.04
N VAL D 407 90.24 20.61 -20.27
CA VAL D 407 91.01 20.07 -21.39
C VAL D 407 91.76 21.22 -22.04
N LEU D 408 91.03 22.28 -22.34
CA LEU D 408 91.55 23.45 -23.04
C LEU D 408 91.72 24.59 -22.05
N SER D 409 92.87 25.26 -22.10
CA SER D 409 93.17 26.34 -21.16
C SER D 409 93.81 27.51 -21.90
N LYS D 410 93.50 28.72 -21.44
CA LYS D 410 94.15 29.93 -21.94
C LYS D 410 94.28 30.95 -20.81
N THR D 411 95.45 31.59 -20.75
CA THR D 411 95.72 32.60 -19.73
C THR D 411 95.68 33.99 -20.36
N ILE D 412 94.90 34.88 -19.75
CA ILE D 412 94.73 36.25 -20.23
C ILE D 412 95.22 37.20 -19.15
N GLY D 413 96.18 38.05 -19.51
CA GLY D 413 96.71 39.02 -18.57
C GLY D 413 96.29 40.44 -18.89
N PHE D 414 95.43 41.02 -18.06
CA PHE D 414 94.88 42.34 -18.31
C PHE D 414 95.09 43.24 -17.09
N THR D 415 95.40 44.51 -17.35
CA THR D 415 95.71 45.47 -16.31
C THR D 415 94.54 46.43 -16.14
N ALA D 416 93.87 46.36 -14.99
CA ALA D 416 92.79 47.27 -14.64
C ALA D 416 91.72 47.32 -15.72
N GLY D 417 91.24 46.14 -16.12
CA GLY D 417 90.24 46.07 -17.16
C GLY D 417 90.77 45.56 -18.49
N GLU D 418 91.02 46.47 -19.42
CA GLU D 418 91.43 46.10 -20.77
C GLU D 418 92.75 45.34 -20.76
N SER D 419 92.88 44.40 -21.70
CA SER D 419 94.09 43.62 -21.81
C SER D 419 95.22 44.45 -22.41
N SER D 420 96.39 44.39 -21.78
CA SER D 420 97.56 45.11 -22.26
C SER D 420 98.68 44.16 -22.70
N ASP D 421 98.41 42.86 -22.80
CA ASP D 421 99.41 41.86 -23.15
C ASP D 421 99.46 41.59 -24.65
N ALA D 422 99.10 42.57 -25.47
CA ALA D 422 99.06 42.42 -26.93
C ALA D 422 98.14 41.30 -27.36
N ALA D 423 97.10 41.04 -26.57
CA ALA D 423 96.13 39.98 -26.84
C ALA D 423 94.82 40.61 -27.26
N LYS D 424 94.24 40.12 -28.34
CA LYS D 424 92.99 40.64 -28.87
C LYS D 424 91.83 39.89 -28.24
N SER D 425 91.44 40.33 -27.04
CA SER D 425 90.30 39.78 -26.32
C SER D 425 89.16 40.80 -26.38
N TYR D 426 88.00 40.36 -26.85
CA TYR D 426 86.88 41.27 -27.05
C TYR D 426 85.57 40.54 -26.79
N VAL D 427 84.51 41.33 -26.58
CA VAL D 427 83.22 40.78 -26.13
C VAL D 427 82.04 41.27 -26.95
N ASP D 428 82.14 42.35 -27.71
CA ASP D 428 80.95 43.01 -28.26
C ASP D 428 80.16 42.15 -29.25
N ASP D 429 80.78 41.12 -29.83
CA ASP D 429 80.13 40.36 -30.89
C ASP D 429 78.81 39.75 -30.41
N LYS D 430 78.87 38.73 -29.57
CA LYS D 430 77.68 38.15 -28.96
C LYS D 430 77.92 37.84 -27.48
N GLY D 431 78.90 38.47 -26.85
CA GLY D 431 79.38 38.02 -25.57
C GLY D 431 80.55 37.05 -25.74
N GLY D 432 81.10 36.64 -24.61
CA GLY D 432 82.22 35.74 -24.67
C GLY D 432 83.50 36.43 -25.10
N ILE D 433 84.45 35.61 -25.53
CA ILE D 433 85.78 36.08 -25.92
C ILE D 433 85.96 35.84 -27.40
N THR D 434 86.54 36.83 -28.09
CA THR D 434 86.83 36.71 -29.51
C THR D 434 88.17 37.36 -29.80
N ASN D 435 88.78 36.92 -30.90
CA ASN D 435 90.09 37.41 -31.32
C ASN D 435 89.99 38.43 -32.46
N VAL D 436 88.80 38.87 -32.81
CA VAL D 436 88.63 39.82 -33.91
C VAL D 436 88.81 41.23 -33.36
N ALA D 437 89.86 41.91 -33.83
CA ALA D 437 90.11 43.27 -33.37
C ALA D 437 89.13 44.25 -33.98
N ASP D 438 88.89 44.14 -35.28
CA ASP D 438 88.04 45.08 -36.01
C ASP D 438 87.08 44.33 -36.90
N TYR D 439 85.90 44.91 -37.11
CA TYR D 439 84.84 44.32 -37.91
C TYR D 439 84.51 45.27 -39.06
N THR D 440 85.05 44.98 -40.23
CA THR D 440 84.85 45.83 -41.41
C THR D 440 84.41 44.97 -42.59
N VAL D 441 83.31 45.36 -43.22
CA VAL D 441 82.74 44.65 -44.34
C VAL D 441 82.33 45.65 -45.42
N SER D 442 82.44 45.26 -46.69
CA SER D 442 82.22 46.15 -47.81
C SER D 442 80.87 45.86 -48.46
N TYR D 443 80.11 46.93 -48.72
CA TYR D 443 78.83 46.83 -49.41
C TYR D 443 78.90 47.60 -50.72
N SER D 444 78.40 46.97 -51.78
CA SER D 444 78.30 47.59 -53.09
C SER D 444 76.85 47.94 -53.37
N VAL D 445 76.62 49.17 -53.83
CA VAL D 445 75.29 49.67 -54.12
C VAL D 445 75.11 49.72 -55.62
N ASN D 446 74.05 49.07 -56.11
CA ASN D 446 73.79 49.04 -57.55
C ASN D 446 73.25 50.40 -57.97
N LYS D 447 73.84 50.98 -59.01
CA LYS D 447 73.45 52.31 -59.44
C LYS D 447 72.06 52.32 -60.06
N ASP D 448 71.70 51.26 -60.78
CA ASP D 448 70.37 51.19 -61.39
C ASP D 448 69.33 50.67 -60.40
N ASN D 449 69.52 49.44 -59.92
CA ASN D 449 68.54 48.82 -59.04
C ASN D 449 68.41 49.58 -57.72
N GLY D 450 69.53 49.99 -57.14
CA GLY D 450 69.53 50.59 -55.82
C GLY D 450 69.75 49.61 -54.69
N SER D 451 69.85 48.31 -54.98
CA SER D 451 70.02 47.31 -53.96
C SER D 451 71.46 47.31 -53.43
N VAL D 452 71.62 46.79 -52.23
CA VAL D 452 72.90 46.73 -51.54
C VAL D 452 73.30 45.27 -51.39
N THR D 453 74.52 44.94 -51.80
CA THR D 453 75.03 43.58 -51.73
C THR D 453 76.36 43.56 -50.99
N VAL D 454 76.62 42.46 -50.30
CA VAL D 454 77.89 42.30 -49.59
C VAL D 454 78.95 41.85 -50.59
N ALA D 455 80.07 42.57 -50.64
CA ALA D 455 81.13 42.30 -51.59
C ALA D 455 82.45 42.03 -50.88
N GLY D 456 82.43 41.16 -49.87
CA GLY D 456 83.62 40.80 -49.13
C GLY D 456 83.84 41.66 -47.90
N TYR D 457 84.92 41.35 -47.20
CA TYR D 457 85.26 42.10 -45.99
C TYR D 457 86.74 41.97 -45.71
N ALA D 458 87.25 42.90 -44.91
CA ALA D 458 88.64 42.90 -44.47
C ALA D 458 88.68 43.12 -42.96
N SER D 459 89.58 42.40 -42.30
CA SER D 459 89.75 42.51 -40.86
C SER D 459 91.22 42.67 -40.52
N ALA D 460 91.48 43.38 -39.42
CA ALA D 460 92.86 43.59 -38.98
C ALA D 460 93.53 42.26 -38.65
N THR D 461 92.82 41.40 -37.93
CA THR D 461 93.33 40.07 -37.63
C THR D 461 92.95 39.11 -38.74
N ASP D 462 93.34 37.85 -38.58
CA ASP D 462 93.02 36.83 -39.59
C ASP D 462 91.52 36.56 -39.65
N THR D 463 90.90 36.39 -38.48
CA THR D 463 89.46 36.15 -38.31
C THR D 463 89.09 34.75 -38.79
N ASN D 464 90.04 34.06 -39.43
CA ASN D 464 89.86 32.69 -39.90
C ASN D 464 88.56 32.50 -40.68
N LYS D 465 88.07 33.60 -41.27
CA LYS D 465 86.79 33.60 -41.99
C LYS D 465 85.66 33.08 -41.12
N ASP D 466 85.73 33.36 -39.81
CA ASP D 466 84.67 32.91 -38.91
C ASP D 466 83.43 33.79 -39.05
N TYR D 467 83.61 35.10 -39.16
CA TYR D 467 82.51 36.04 -39.34
C TYR D 467 82.24 36.34 -40.81
N ALA D 468 82.55 35.42 -41.70
CA ALA D 468 82.44 35.68 -43.13
C ALA D 468 80.99 35.66 -43.59
N PRO D 469 80.47 36.74 -44.15
CA PRO D 469 79.16 36.70 -44.77
C PRO D 469 79.26 36.33 -46.25
N ALA D 470 78.18 35.77 -46.77
CA ALA D 470 78.14 35.35 -48.17
C ALA D 470 78.26 36.57 -49.08
N ILE D 471 79.10 36.47 -50.10
CA ILE D 471 79.31 37.57 -51.04
C ILE D 471 78.20 37.56 -52.08
N GLY D 472 77.69 38.74 -52.39
CA GLY D 472 76.60 38.88 -53.35
C GLY D 472 75.22 38.70 -52.79
N THR D 473 75.08 38.52 -51.47
CA THR D 473 73.78 38.36 -50.85
C THR D 473 73.14 39.71 -50.59
N ALA D 474 71.85 39.83 -50.88
CA ALA D 474 71.14 41.08 -50.67
C ALA D 474 71.16 41.47 -49.20
N VAL D 475 71.28 42.76 -48.94
CA VAL D 475 71.34 43.29 -47.58
C VAL D 475 69.94 43.73 -47.17
N ASN D 476 69.51 43.31 -45.99
CA ASN D 476 68.17 43.59 -45.50
C ASN D 476 68.25 44.40 -44.20
N VAL D 477 67.20 45.16 -43.94
CA VAL D 477 67.09 45.97 -42.74
C VAL D 477 66.23 45.23 -41.73
N ASN D 478 66.78 45.02 -40.53
CA ASN D 478 66.05 44.32 -39.48
C ASN D 478 64.85 45.14 -39.02
N SER D 479 63.98 44.49 -38.26
CA SER D 479 62.83 45.20 -37.68
C SER D 479 63.29 46.31 -36.75
N ALA D 480 64.31 46.03 -35.94
CA ALA D 480 64.88 47.05 -35.06
C ALA D 480 65.61 48.14 -35.84
N GLY D 481 65.96 47.89 -37.11
CA GLY D 481 66.64 48.86 -37.93
C GLY D 481 68.09 48.54 -38.23
N LYS D 482 68.59 47.37 -37.81
CA LYS D 482 69.97 47.01 -38.04
C LYS D 482 70.16 46.46 -39.45
N ILE D 483 71.39 46.06 -39.75
CA ILE D 483 71.74 45.44 -41.03
C ILE D 483 71.84 43.94 -40.82
N THR D 484 71.09 43.17 -41.61
CA THR D 484 71.03 41.73 -41.43
C THR D 484 70.74 41.07 -42.79
N THR D 485 71.40 39.95 -43.04
CA THR D 485 71.19 39.23 -44.29
C THR D 485 69.97 38.31 -44.25
N GLU D 486 69.39 38.08 -43.09
CA GLU D 486 68.23 37.19 -42.99
C GLU D 486 67.01 37.82 -43.64
N THR D 487 66.28 37.03 -44.44
CA THR D 487 65.13 37.56 -45.15
C THR D 487 63.96 37.83 -44.22
N THR D 488 63.68 36.90 -43.32
CA THR D 488 62.51 36.98 -42.46
C THR D 488 62.92 37.13 -41.00
N SER D 489 62.20 37.98 -40.28
CA SER D 489 62.40 38.17 -38.86
C SER D 489 61.12 37.78 -38.12
N ALA D 490 61.28 37.15 -36.96
CA ALA D 490 60.12 36.73 -36.19
C ALA D 490 59.33 37.94 -35.71
N GLY D 491 58.03 37.75 -35.56
CA GLY D 491 57.12 38.81 -35.17
C GLY D 491 56.38 38.45 -33.90
N SER D 492 55.19 39.03 -33.76
CA SER D 492 54.36 38.85 -32.57
C SER D 492 52.90 38.87 -32.98
N ALA D 493 52.04 38.60 -32.01
CA ALA D 493 50.60 38.56 -32.26
C ALA D 493 50.09 39.94 -32.67
N THR D 494 49.21 39.97 -33.65
CA THR D 494 48.62 41.23 -34.08
C THR D 494 47.80 41.85 -32.96
N THR D 495 47.95 43.17 -32.80
CA THR D 495 47.28 43.85 -31.69
C THR D 495 45.78 43.93 -31.90
N ASN D 496 45.35 44.20 -33.14
CA ASN D 496 43.94 44.43 -33.42
C ASN D 496 43.51 43.57 -34.61
N PRO D 497 43.21 42.29 -34.37
CA PRO D 497 42.88 41.40 -35.49
C PRO D 497 41.52 41.68 -36.10
N LEU D 498 40.51 41.93 -35.27
CA LEU D 498 39.15 42.05 -35.75
C LEU D 498 38.97 43.29 -36.60
N ALA D 499 39.65 44.39 -36.26
CA ALA D 499 39.58 45.58 -37.09
C ALA D 499 40.17 45.33 -38.47
N ALA D 500 41.30 44.64 -38.54
CA ALA D 500 41.90 44.32 -39.83
C ALA D 500 40.99 43.41 -40.65
N LEU D 501 40.38 42.43 -40.00
CA LEU D 501 39.46 41.55 -40.71
C LEU D 501 38.25 42.33 -41.23
N ASP D 502 37.73 43.26 -40.44
CA ASP D 502 36.64 44.10 -40.89
C ASP D 502 37.03 44.95 -42.08
N ASP D 503 38.25 45.49 -42.06
CA ASP D 503 38.72 46.28 -43.20
C ASP D 503 38.82 45.43 -44.46
N ALA D 504 39.34 44.21 -44.32
CA ALA D 504 39.43 43.32 -45.48
C ALA D 504 38.04 43.00 -46.03
N ILE D 505 37.10 42.68 -45.15
CA ILE D 505 35.75 42.36 -45.60
C ILE D 505 35.12 43.57 -46.27
N SER D 506 35.36 44.77 -45.73
CA SER D 506 34.82 45.98 -46.34
C SER D 506 35.39 46.19 -47.74
N SER D 507 36.69 45.95 -47.91
CA SER D 507 37.28 46.08 -49.25
C SER D 507 36.64 45.10 -50.22
N ILE D 508 36.45 43.85 -49.78
CA ILE D 508 35.81 42.85 -50.64
C ILE D 508 34.41 43.30 -51.02
N ASP D 509 33.66 43.82 -50.04
CA ASP D 509 32.29 44.25 -50.30
C ASP D 509 32.25 45.41 -51.28
N LYS D 510 33.18 46.37 -51.14
CA LYS D 510 33.23 47.48 -52.07
C LYS D 510 33.50 47.00 -53.49
N PHE D 511 34.46 46.07 -53.64
CA PHE D 511 34.74 45.54 -54.96
C PHE D 511 33.52 44.86 -55.56
N ARG D 512 32.83 44.05 -54.75
CA ARG D 512 31.64 43.35 -55.25
C ARG D 512 30.55 44.32 -55.65
N SER D 513 30.35 45.38 -54.86
CA SER D 513 29.32 46.36 -55.19
C SER D 513 29.63 47.08 -56.49
N SER D 514 30.88 47.49 -56.68
CA SER D 514 31.26 48.15 -57.93
C SER D 514 31.06 47.21 -59.11
N LEU D 515 31.44 45.95 -58.95
CA LEU D 515 31.28 44.98 -60.04
C LEU D 515 29.82 44.79 -60.39
N GLY D 516 28.95 44.69 -59.38
CA GLY D 516 27.53 44.55 -59.65
C GLY D 516 26.94 45.75 -60.36
N ALA D 517 27.35 46.96 -59.95
CA ALA D 517 26.86 48.16 -60.62
C ALA D 517 27.28 48.17 -62.09
N ILE D 518 28.53 47.82 -62.37
CA ILE D 518 28.99 47.77 -63.75
C ILE D 518 28.18 46.75 -64.54
N GLN D 519 27.90 45.60 -63.94
CA GLN D 519 27.15 44.58 -64.65
C GLN D 519 25.72 45.03 -64.96
N ASN D 520 25.08 45.72 -64.02
CA ASN D 520 23.74 46.25 -64.28
C ASN D 520 23.75 47.26 -65.42
N ARG D 521 24.73 48.17 -65.41
CA ARG D 521 24.78 49.14 -66.51
C ARG D 521 25.07 48.45 -67.84
N LEU D 522 25.84 47.37 -67.82
CA LEU D 522 26.10 46.63 -69.05
C LEU D 522 24.83 45.99 -69.58
N ASP D 523 24.01 45.42 -68.69
CA ASP D 523 22.73 44.84 -69.11
C ASP D 523 21.82 45.89 -69.72
N SER D 524 21.76 47.07 -69.09
CA SER D 524 20.97 48.16 -69.66
C SER D 524 21.47 48.54 -71.04
N ALA D 525 22.79 48.56 -71.22
CA ALA D 525 23.36 48.83 -72.54
C ALA D 525 22.91 47.79 -73.55
N VAL D 526 22.87 46.51 -73.14
CA VAL D 526 22.43 45.45 -74.03
C VAL D 526 21.00 45.69 -74.50
N THR D 527 20.12 46.03 -73.55
CA THR D 527 18.72 46.27 -73.90
C THR D 527 18.59 47.43 -74.87
N ASN D 528 19.30 48.53 -74.60
CA ASN D 528 19.23 49.68 -75.50
C ASN D 528 19.75 49.32 -76.89
N LEU D 529 20.82 48.55 -76.97
CA LEU D 529 21.37 48.16 -78.26
C LEU D 529 20.36 47.32 -79.04
N ASN D 530 19.68 46.40 -78.37
CA ASN D 530 18.67 45.59 -79.06
C ASN D 530 17.55 46.46 -79.62
N ASN D 531 17.06 47.39 -78.81
CA ASN D 531 15.97 48.25 -79.29
C ASN D 531 16.42 49.10 -80.47
N THR D 532 17.61 49.69 -80.40
CA THR D 532 18.10 50.51 -81.49
C THR D 532 18.31 49.68 -82.76
N THR D 533 18.81 48.46 -82.61
CA THR D 533 18.99 47.60 -83.78
C THR D 533 17.66 47.29 -84.44
N THR D 534 16.63 46.98 -83.64
CA THR D 534 15.32 46.72 -84.22
C THR D 534 14.80 47.93 -84.98
N ASN D 535 14.91 49.12 -84.38
CA ASN D 535 14.39 50.32 -85.03
C ASN D 535 15.14 50.63 -86.32
N LEU D 536 16.47 50.48 -86.30
CA LEU D 536 17.24 50.77 -87.51
C LEU D 536 16.96 49.75 -88.61
N SER D 537 16.77 48.48 -88.24
CA SER D 537 16.40 47.49 -89.25
C SER D 537 15.05 47.84 -89.86
N GLU D 538 14.10 48.29 -89.04
CA GLU D 538 12.81 48.73 -89.57
C GLU D 538 12.99 49.90 -90.53
N ALA D 539 13.83 50.87 -90.19
CA ALA D 539 14.04 52.01 -91.08
C ALA D 539 14.66 51.58 -92.40
N GLN D 540 15.63 50.67 -92.36
CA GLN D 540 16.21 50.16 -93.59
C GLN D 540 15.16 49.46 -94.43
N SER D 541 14.27 48.69 -93.79
CA SER D 541 13.19 48.06 -94.52
C SER D 541 12.28 49.10 -95.17
N ARG D 542 12.05 50.21 -94.47
CA ARG D 542 11.27 51.30 -95.05
C ARG D 542 11.91 51.79 -96.35
N ILE D 543 13.22 52.02 -96.31
CA ILE D 543 13.90 52.61 -97.47
C ILE D 543 13.96 51.62 -98.62
N GLN D 544 14.35 50.37 -98.33
CA GLN D 544 14.52 49.33 -99.33
C GLN D 544 13.22 48.52 -99.46
N ASP D 545 13.32 47.31 -100.02
CA ASP D 545 12.24 46.32 -99.97
C ASP D 545 10.98 46.72 -100.73
N ALA D 546 11.08 46.74 -102.06
CA ALA D 546 9.93 47.03 -102.91
C ALA D 546 8.72 46.18 -102.54
N ASP D 547 7.54 46.72 -102.86
CA ASP D 547 6.27 46.07 -102.56
C ASP D 547 5.89 45.11 -103.68
N TYR D 548 5.73 43.83 -103.33
CA TYR D 548 5.38 42.84 -104.35
C TYR D 548 4.02 43.10 -105.00
N ALA D 549 3.07 43.68 -104.26
CA ALA D 549 1.80 44.02 -104.89
C ALA D 549 2.01 44.96 -106.07
N THR D 550 2.73 46.07 -105.83
CA THR D 550 2.98 47.04 -106.89
C THR D 550 3.82 46.44 -108.01
N GLU D 551 4.85 45.67 -107.66
CA GLU D 551 5.71 45.10 -108.69
C GLU D 551 4.97 44.08 -109.55
N VAL D 552 4.13 43.25 -108.94
CA VAL D 552 3.34 42.29 -109.71
C VAL D 552 2.39 43.00 -110.65
N SER D 553 1.71 44.04 -110.16
CA SER D 553 0.82 44.80 -111.03
C SER D 553 1.60 45.42 -112.18
N ASN D 554 2.77 45.98 -111.88
CA ASN D 554 3.57 46.63 -112.91
C ASN D 554 4.02 45.64 -113.97
N MET D 555 4.52 44.47 -113.57
CA MET D 555 4.98 43.52 -114.57
C MET D 555 3.82 42.96 -115.37
N SER D 556 2.65 42.78 -114.75
CA SER D 556 1.51 42.24 -115.49
C SER D 556 1.06 43.22 -116.55
N LYS D 557 0.92 44.49 -116.20
CA LYS D 557 0.53 45.47 -117.21
C LYS D 557 1.63 45.63 -118.26
N ALA D 558 2.89 45.49 -117.86
CA ALA D 558 3.97 45.56 -118.85
C ALA D 558 3.90 44.41 -119.83
N GLN D 559 3.61 43.20 -119.34
CA GLN D 559 3.50 42.04 -120.23
C GLN D 559 2.33 42.22 -121.20
N ILE D 560 1.20 42.71 -120.71
CA ILE D 560 0.07 42.90 -121.61
C ILE D 560 0.37 43.99 -122.64
N ILE D 561 1.01 45.07 -122.22
CA ILE D 561 1.37 46.12 -123.18
C ILE D 561 2.34 45.56 -124.23
N GLN D 562 3.24 44.68 -123.80
CA GLN D 562 4.19 44.09 -124.74
C GLN D 562 3.48 43.19 -125.75
N GLN D 563 2.55 42.36 -125.28
CA GLN D 563 1.82 41.49 -126.20
C GLN D 563 0.96 42.31 -127.16
N ALA D 564 0.32 43.37 -126.66
CA ALA D 564 -0.43 44.26 -127.53
C ALA D 564 0.48 44.92 -128.56
N GLY D 565 1.66 45.36 -128.14
CA GLY D 565 2.60 45.96 -129.07
C GLY D 565 3.06 44.98 -130.13
N ASN D 566 3.30 43.72 -129.74
CA ASN D 566 3.71 42.71 -130.71
C ASN D 566 2.60 42.45 -131.73
N SER D 567 1.35 42.34 -131.26
CA SER D 567 0.25 42.10 -132.19
C SER D 567 0.07 43.28 -133.14
N VAL D 568 0.13 44.51 -132.61
CA VAL D 568 0.01 45.68 -133.46
C VAL D 568 1.18 45.77 -134.43
N LEU D 569 2.37 45.36 -133.98
CA LEU D 569 3.54 45.34 -134.85
C LEU D 569 3.34 44.34 -135.98
N ALA D 570 2.74 43.19 -135.69
CA ALA D 570 2.43 42.23 -136.75
C ALA D 570 1.44 42.82 -137.74
N LYS D 571 0.42 43.53 -137.22
CA LYS D 571 -0.56 44.14 -138.10
C LYS D 571 0.06 45.24 -138.97
N ALA D 572 0.98 46.02 -138.40
CA ALA D 572 1.63 47.07 -139.17
C ALA D 572 2.62 46.49 -140.18
N ASN D 573 3.40 45.49 -139.77
CA ASN D 573 4.28 44.74 -140.64
C ASN D 573 3.51 43.97 -141.69
N GLN D 574 2.20 43.84 -141.54
CA GLN D 574 1.36 43.46 -142.66
C GLN D 574 1.34 44.68 -143.57
N VAL D 575 2.52 44.98 -144.12
CA VAL D 575 2.82 46.17 -144.89
C VAL D 575 2.02 46.08 -146.19
N PRO D 576 1.81 47.18 -146.90
CA PRO D 576 0.94 47.12 -148.07
C PRO D 576 1.39 46.10 -149.12
N GLN D 577 0.59 45.05 -149.30
CA GLN D 577 0.58 44.30 -150.53
C GLN D 577 -0.47 44.82 -151.49
N GLN D 578 -1.23 45.82 -151.07
CA GLN D 578 -2.13 46.51 -151.98
C GLN D 578 -1.37 47.21 -153.10
N VAL D 579 -0.09 47.51 -152.89
CA VAL D 579 0.73 47.98 -154.01
C VAL D 579 0.88 46.89 -155.06
N LEU D 580 1.13 45.65 -154.62
CA LEU D 580 1.14 44.53 -155.55
C LEU D 580 -0.22 44.38 -156.22
N SER D 581 -1.29 44.55 -155.44
CA SER D 581 -2.64 44.45 -156.00
C SER D 581 -2.86 45.48 -157.10
N LEU D 582 -2.37 46.71 -156.89
CA LEU D 582 -2.47 47.73 -157.93
C LEU D 582 -1.58 47.41 -159.12
N LEU D 583 -0.48 46.69 -158.88
CA LEU D 583 0.53 46.53 -159.91
C LEU D 583 -0.01 45.79 -161.14
N GLN D 584 -0.74 44.69 -160.93
CA GLN D 584 -1.18 43.92 -162.09
C GLN D 584 -2.35 44.55 -162.81
N GLY D 585 -2.98 45.56 -162.23
CA GLY D 585 -4.12 46.22 -162.86
C GLY D 585 -3.73 47.09 -164.04
N MET E 1 -9.19 13.33 -193.77
CA MET E 1 -9.69 14.63 -193.35
C MET E 1 -9.93 15.52 -194.55
N ALA E 2 -8.87 15.77 -195.33
CA ALA E 2 -8.97 16.69 -196.45
C ALA E 2 -9.94 16.18 -197.52
N GLN E 3 -9.92 14.88 -197.80
CA GLN E 3 -10.69 14.36 -198.92
C GLN E 3 -12.16 14.15 -198.60
N VAL E 4 -12.55 14.16 -197.32
CA VAL E 4 -13.92 13.88 -196.93
C VAL E 4 -14.45 15.02 -196.07
N ILE E 5 -15.71 15.38 -196.30
CA ILE E 5 -16.39 16.39 -195.49
C ILE E 5 -17.65 15.86 -194.82
N ASN E 6 -18.09 14.65 -195.15
CA ASN E 6 -19.37 14.16 -194.65
C ASN E 6 -19.26 13.53 -193.27
N THR E 7 -18.11 12.93 -192.94
CA THR E 7 -17.93 12.25 -191.66
C THR E 7 -16.64 12.72 -191.01
N ASN E 8 -16.47 12.36 -189.74
CA ASN E 8 -15.27 12.70 -189.00
C ASN E 8 -14.92 11.50 -188.11
N SER E 9 -14.09 10.60 -188.64
CA SER E 9 -13.70 9.42 -187.89
C SER E 9 -12.94 9.79 -186.62
N LEU E 10 -12.13 10.86 -186.70
CA LEU E 10 -11.43 11.33 -185.51
C LEU E 10 -12.42 11.73 -184.42
N SER E 11 -13.46 12.47 -184.80
CA SER E 11 -14.48 12.86 -183.82
C SER E 11 -15.17 11.65 -183.24
N LEU E 12 -15.50 10.66 -184.08
CA LEU E 12 -16.17 9.47 -183.59
C LEU E 12 -15.30 8.72 -182.57
N ILE E 13 -14.02 8.55 -182.89
CA ILE E 13 -13.12 7.82 -182.00
C ILE E 13 -12.96 8.57 -180.68
N THR E 14 -12.80 9.89 -180.75
CA THR E 14 -12.67 10.68 -179.53
C THR E 14 -13.94 10.58 -178.67
N GLN E 15 -15.11 10.61 -179.30
CA GLN E 15 -16.35 10.47 -178.54
C GLN E 15 -16.43 9.12 -177.85
N ASN E 16 -16.04 8.06 -178.56
CA ASN E 16 -16.04 6.73 -177.94
C ASN E 16 -15.13 6.70 -176.72
N ASN E 17 -13.92 7.26 -176.85
CA ASN E 17 -12.99 7.27 -175.74
C ASN E 17 -13.53 8.08 -174.57
N ILE E 18 -14.20 9.20 -174.87
CA ILE E 18 -14.77 10.03 -173.82
C ILE E 18 -15.84 9.25 -173.04
N ASN E 19 -16.70 8.53 -173.75
CA ASN E 19 -17.73 7.74 -173.07
C ASN E 19 -17.08 6.65 -172.21
N LYS E 20 -16.05 5.99 -172.74
CA LYS E 20 -15.36 4.96 -171.98
C LYS E 20 -14.79 5.52 -170.68
N ASN E 21 -14.22 6.74 -170.75
CA ASN E 21 -13.79 7.39 -169.52
C ASN E 21 -14.96 7.69 -168.60
N GLN E 22 -16.07 8.18 -169.18
CA GLN E 22 -17.20 8.62 -168.37
C GLN E 22 -17.74 7.52 -167.49
N SER E 23 -17.73 6.28 -167.98
CA SER E 23 -18.17 5.17 -167.16
C SER E 23 -17.39 5.12 -165.83
N ALA E 24 -16.06 5.11 -165.93
CA ALA E 24 -15.24 5.02 -164.73
C ALA E 24 -15.33 6.27 -163.87
N LEU E 25 -15.47 7.43 -164.50
CA LEU E 25 -15.61 8.67 -163.73
C LEU E 25 -16.85 8.63 -162.86
N SER E 26 -17.99 8.25 -163.44
CA SER E 26 -19.22 8.14 -162.67
C SER E 26 -19.09 7.10 -161.56
N SER E 27 -18.47 5.95 -161.89
CA SER E 27 -18.28 4.92 -160.87
C SER E 27 -17.50 5.46 -159.68
N SER E 28 -16.37 6.12 -159.95
CA SER E 28 -15.53 6.62 -158.86
C SER E 28 -16.26 7.67 -158.03
N ILE E 29 -16.96 8.59 -158.69
CA ILE E 29 -17.63 9.65 -157.94
C ILE E 29 -18.71 9.07 -157.03
N GLU E 30 -19.52 8.14 -157.55
CA GLU E 30 -20.56 7.56 -156.70
C GLU E 30 -19.97 6.72 -155.58
N ARG E 31 -18.85 6.03 -155.85
CA ARG E 31 -18.22 5.24 -154.79
C ARG E 31 -17.71 6.14 -153.67
N LEU E 32 -17.10 7.26 -154.01
CA LEU E 32 -16.67 8.20 -152.98
C LEU E 32 -17.85 8.80 -152.23
N SER E 33 -18.93 9.14 -152.94
CA SER E 33 -20.08 9.71 -152.26
C SER E 33 -20.69 8.73 -151.26
N SER E 34 -20.83 7.47 -151.65
CA SER E 34 -21.47 6.50 -150.77
C SER E 34 -20.54 6.04 -149.66
N GLY E 35 -19.24 5.89 -149.96
CA GLY E 35 -18.32 5.35 -148.98
C GLY E 35 -18.33 3.84 -148.88
N LEU E 36 -18.73 3.14 -149.94
CA LEU E 36 -18.82 1.69 -149.95
C LEU E 36 -18.15 1.13 -151.20
N ARG E 37 -17.41 0.03 -151.04
CA ARG E 37 -16.76 -0.59 -152.17
C ARG E 37 -17.75 -1.28 -153.09
N ILE E 38 -18.66 -2.06 -152.52
CA ILE E 38 -19.67 -2.79 -153.28
C ILE E 38 -20.96 -2.00 -153.27
N ASN E 39 -21.35 -1.49 -154.43
CA ASN E 39 -22.47 -0.56 -154.53
C ASN E 39 -23.34 -0.94 -155.70
N SER E 40 -24.66 -0.90 -155.49
CA SER E 40 -25.68 -1.12 -156.51
C SER E 40 -25.65 -2.51 -157.12
N ALA E 41 -24.78 -3.40 -156.63
CA ALA E 41 -24.70 -4.80 -157.06
C ALA E 41 -24.41 -4.94 -158.55
N LYS E 42 -23.92 -3.88 -159.20
CA LYS E 42 -23.42 -3.97 -160.56
C LYS E 42 -22.00 -4.50 -160.62
N ASP E 43 -21.56 -5.16 -159.56
CA ASP E 43 -20.22 -5.71 -159.45
C ASP E 43 -20.37 -7.09 -158.81
N ASP E 44 -19.28 -7.63 -158.28
CA ASP E 44 -19.27 -8.96 -157.69
C ASP E 44 -20.40 -9.15 -156.69
N ALA E 45 -21.36 -10.01 -157.02
CA ALA E 45 -22.50 -10.23 -156.16
C ALA E 45 -22.16 -11.09 -154.95
N ALA E 46 -21.06 -11.84 -155.01
CA ALA E 46 -20.63 -12.60 -153.83
C ALA E 46 -20.34 -11.66 -152.66
N GLY E 47 -19.67 -10.55 -152.94
CA GLY E 47 -19.44 -9.57 -151.88
C GLY E 47 -20.72 -9.02 -151.31
N GLN E 48 -21.70 -8.73 -152.17
CA GLN E 48 -22.99 -8.23 -151.70
C GLN E 48 -23.66 -9.24 -150.78
N ALA E 49 -23.71 -10.50 -151.19
CA ALA E 49 -24.36 -11.52 -150.39
C ALA E 49 -23.65 -11.72 -149.06
N ILE E 50 -22.32 -11.77 -149.08
CA ILE E 50 -21.57 -11.99 -147.84
C ILE E 50 -21.72 -10.80 -146.91
N ALA E 51 -21.77 -9.59 -147.47
CA ALA E 51 -22.00 -8.40 -146.65
C ALA E 51 -23.38 -8.47 -145.98
N ASN E 52 -24.39 -8.92 -146.73
CA ASN E 52 -25.71 -9.08 -146.13
C ASN E 52 -25.68 -10.08 -144.99
N ARG E 53 -25.00 -11.21 -145.20
CA ARG E 53 -24.93 -12.23 -144.15
C ARG E 53 -24.24 -11.67 -142.92
N PHE E 54 -23.14 -10.94 -143.10
CA PHE E 54 -22.41 -10.39 -141.97
C PHE E 54 -23.24 -9.35 -141.24
N THR E 55 -23.99 -8.52 -141.96
CA THR E 55 -24.85 -7.54 -141.31
C THR E 55 -25.92 -8.23 -140.47
N SER E 56 -26.54 -9.28 -141.01
CA SER E 56 -27.53 -10.03 -140.25
C SER E 56 -26.91 -10.62 -138.99
N ASN E 57 -25.73 -11.22 -139.11
CA ASN E 57 -25.07 -11.80 -137.95
C ASN E 57 -24.74 -10.75 -136.91
N ILE E 58 -24.26 -9.58 -137.33
CA ILE E 58 -23.88 -8.53 -136.38
C ILE E 58 -25.10 -8.06 -135.60
N LYS E 59 -26.19 -7.78 -136.31
CA LYS E 59 -27.40 -7.31 -135.62
C LYS E 59 -27.92 -8.37 -134.66
N GLY E 60 -27.94 -9.63 -135.10
CA GLY E 60 -28.39 -10.70 -134.23
C GLY E 60 -27.54 -10.83 -132.97
N LEU E 61 -26.21 -10.74 -133.13
CA LEU E 61 -25.33 -10.86 -131.97
C LEU E 61 -25.52 -9.71 -131.00
N THR E 62 -25.70 -8.49 -131.50
CA THR E 62 -25.93 -7.37 -130.61
C THR E 62 -27.21 -7.55 -129.81
N GLN E 63 -28.29 -7.95 -130.50
CA GLN E 63 -29.55 -8.17 -129.79
C GLN E 63 -29.41 -9.30 -128.77
N ALA E 64 -28.65 -10.34 -129.12
CA ALA E 64 -28.44 -11.45 -128.19
C ALA E 64 -27.67 -10.98 -126.95
N ALA E 65 -26.69 -10.10 -127.14
CA ALA E 65 -25.98 -9.54 -126.00
C ALA E 65 -26.93 -8.78 -125.08
N ARG E 66 -27.84 -8.00 -125.65
CA ARG E 66 -28.83 -7.30 -124.82
C ARG E 66 -29.69 -8.29 -124.05
N ASN E 67 -30.12 -9.37 -124.71
CA ASN E 67 -30.93 -10.39 -124.04
C ASN E 67 -30.17 -11.01 -122.87
N ALA E 68 -28.88 -11.30 -123.07
CA ALA E 68 -28.08 -11.86 -121.99
C ALA E 68 -27.97 -10.89 -120.82
N ASN E 69 -27.84 -9.60 -121.11
CA ASN E 69 -27.83 -8.62 -120.03
C ASN E 69 -29.14 -8.66 -119.23
N ASP E 70 -30.26 -8.79 -119.93
CA ASP E 70 -31.55 -8.89 -119.23
C ASP E 70 -31.59 -10.13 -118.35
N GLY E 71 -31.06 -11.25 -118.84
CA GLY E 71 -31.01 -12.46 -118.04
C GLY E 71 -30.17 -12.29 -116.79
N ILE E 72 -29.03 -11.59 -116.91
CA ILE E 72 -28.21 -11.30 -115.74
C ILE E 72 -29.02 -10.50 -114.72
N SER E 73 -29.80 -9.54 -115.20
CA SER E 73 -30.63 -8.75 -114.28
C SER E 73 -31.63 -9.64 -113.55
N VAL E 74 -32.27 -10.56 -114.26
CA VAL E 74 -33.23 -11.47 -113.64
C VAL E 74 -32.55 -12.27 -112.53
N ALA E 75 -31.37 -12.81 -112.83
CA ALA E 75 -30.66 -13.61 -111.84
C ALA E 75 -30.32 -12.77 -110.61
N GLN E 76 -29.88 -11.53 -110.81
CA GLN E 76 -29.52 -10.69 -109.68
C GLN E 76 -30.73 -10.43 -108.77
N THR E 77 -31.87 -10.11 -109.37
CA THR E 77 -33.07 -9.83 -108.55
C THR E 77 -33.47 -11.07 -107.75
N THR E 78 -33.50 -12.22 -108.41
CA THR E 78 -33.87 -13.45 -107.70
C THR E 78 -32.90 -13.72 -106.55
N GLU E 79 -31.61 -13.50 -106.78
CA GLU E 79 -30.64 -13.78 -105.74
C GLU E 79 -30.78 -12.84 -104.55
N GLY E 80 -31.12 -11.57 -104.80
CA GLY E 80 -31.39 -10.68 -103.68
C GLY E 80 -32.55 -11.16 -102.83
N ALA E 81 -33.64 -11.58 -103.48
CA ALA E 81 -34.76 -12.13 -102.72
C ALA E 81 -34.34 -13.34 -101.91
N LEU E 82 -33.55 -14.23 -102.51
CA LEU E 82 -33.07 -15.41 -101.79
C LEU E 82 -32.22 -15.02 -100.59
N SER E 83 -31.38 -14.00 -100.72
CA SER E 83 -30.55 -13.58 -99.60
C SER E 83 -31.40 -13.11 -98.43
N GLU E 84 -32.45 -12.33 -98.71
CA GLU E 84 -33.32 -11.90 -97.63
C GLU E 84 -34.01 -13.09 -96.96
N ILE E 85 -34.48 -14.04 -97.75
CA ILE E 85 -35.10 -15.23 -97.17
C ILE E 85 -34.11 -15.97 -96.28
N ASN E 86 -32.85 -16.06 -96.72
CA ASN E 86 -31.84 -16.75 -95.93
C ASN E 86 -31.61 -16.08 -94.59
N ASN E 87 -31.55 -14.74 -94.59
CA ASN E 87 -31.39 -14.03 -93.32
C ASN E 87 -32.55 -14.33 -92.37
N ASN E 88 -33.78 -14.34 -92.92
CA ASN E 88 -34.94 -14.67 -92.09
C ASN E 88 -34.82 -16.08 -91.50
N LEU E 89 -34.38 -17.04 -92.31
CA LEU E 89 -34.25 -18.41 -91.82
C LEU E 89 -33.20 -18.50 -90.72
N GLN E 90 -32.08 -17.79 -90.86
CA GLN E 90 -31.07 -17.81 -89.82
C GLN E 90 -31.63 -17.26 -88.51
N ARG E 91 -32.39 -16.17 -88.58
CA ARG E 91 -32.97 -15.63 -87.35
C ARG E 91 -33.96 -16.60 -86.72
N ILE E 92 -34.76 -17.28 -87.55
CA ILE E 92 -35.69 -18.29 -87.03
C ILE E 92 -34.93 -19.39 -86.31
N ARG E 93 -33.80 -19.82 -86.87
CA ARG E 93 -33.02 -20.87 -86.21
C ARG E 93 -32.49 -20.39 -84.86
N GLU E 94 -32.02 -19.15 -84.79
CA GLU E 94 -31.58 -18.62 -83.49
C GLU E 94 -32.72 -18.65 -82.48
N LEU E 95 -33.91 -18.24 -82.91
CA LEU E 95 -35.06 -18.23 -82.01
C LEU E 95 -35.39 -19.64 -81.52
N THR E 96 -35.31 -20.63 -82.42
CA THR E 96 -35.56 -22.01 -82.02
C THR E 96 -34.52 -22.47 -81.02
N VAL E 97 -33.26 -22.09 -81.22
CA VAL E 97 -32.20 -22.51 -80.31
C VAL E 97 -32.46 -21.97 -78.91
N GLN E 98 -32.91 -20.71 -78.80
CA GLN E 98 -33.24 -20.24 -77.46
C GLN E 98 -34.54 -20.83 -76.93
N ALA E 99 -35.46 -21.22 -77.81
CA ALA E 99 -36.75 -21.72 -77.35
C ALA E 99 -36.68 -23.14 -76.80
N THR E 100 -35.78 -23.97 -77.34
CA THR E 100 -35.74 -25.37 -76.90
C THR E 100 -35.27 -25.53 -75.46
N THR E 101 -34.76 -24.49 -74.83
CA THR E 101 -34.31 -24.58 -73.44
C THR E 101 -35.47 -24.90 -72.52
N GLY E 102 -35.21 -25.71 -71.49
CA GLY E 102 -36.23 -26.05 -70.52
C GLY E 102 -36.45 -25.00 -69.44
N THR E 103 -35.62 -23.96 -69.39
CA THR E 103 -35.84 -22.89 -68.44
C THR E 103 -37.02 -22.01 -68.84
N ASN E 104 -37.22 -21.81 -70.14
CA ASN E 104 -38.29 -20.94 -70.60
C ASN E 104 -39.65 -21.48 -70.19
N SER E 105 -40.55 -20.57 -69.84
CA SER E 105 -41.88 -20.93 -69.39
C SER E 105 -42.86 -20.90 -70.56
N ASP E 106 -44.14 -21.14 -70.26
CA ASP E 106 -45.15 -21.24 -71.31
C ASP E 106 -45.33 -19.92 -72.05
N SER E 107 -45.38 -18.81 -71.32
CA SER E 107 -45.53 -17.51 -71.97
C SER E 107 -44.31 -17.18 -72.81
N ASP E 108 -43.12 -17.54 -72.34
CA ASP E 108 -41.91 -17.33 -73.12
C ASP E 108 -41.96 -18.10 -74.43
N LEU E 109 -42.37 -19.36 -74.36
CA LEU E 109 -42.50 -20.15 -75.56
C LEU E 109 -43.55 -19.56 -76.50
N ASP E 110 -44.65 -19.06 -75.94
CA ASP E 110 -45.69 -18.44 -76.75
C ASP E 110 -45.14 -17.23 -77.51
N SER E 111 -44.39 -16.38 -76.81
CA SER E 111 -43.83 -15.19 -77.47
C SER E 111 -42.84 -15.57 -78.55
N ILE E 112 -41.98 -16.55 -78.27
CA ILE E 112 -41.00 -16.98 -79.26
C ILE E 112 -41.70 -17.55 -80.48
N GLN E 113 -42.75 -18.34 -80.27
CA GLN E 113 -43.51 -18.88 -81.40
C GLN E 113 -44.21 -17.78 -82.17
N ASP E 114 -44.67 -16.73 -81.49
CA ASP E 114 -45.25 -15.59 -82.18
C ASP E 114 -44.24 -14.96 -83.12
N GLU E 115 -43.02 -14.75 -82.63
CA GLU E 115 -41.98 -14.17 -83.48
C GLU E 115 -41.66 -15.09 -84.67
N ILE E 116 -41.58 -16.39 -84.41
CA ILE E 116 -41.27 -17.34 -85.48
C ILE E 116 -42.37 -17.33 -86.53
N LYS E 117 -43.63 -17.30 -86.11
CA LYS E 117 -44.73 -17.24 -87.06
C LYS E 117 -44.69 -15.97 -87.87
N SER E 118 -44.36 -14.85 -87.24
CA SER E 118 -44.23 -13.60 -87.98
C SER E 118 -43.16 -13.71 -89.06
N ARG E 119 -42.02 -14.29 -88.73
CA ARG E 119 -40.95 -14.38 -89.72
C ARG E 119 -41.27 -15.38 -90.82
N LEU E 120 -41.98 -16.47 -90.50
CA LEU E 120 -42.43 -17.38 -91.55
C LEU E 120 -43.40 -16.67 -92.49
N ASP E 121 -44.29 -15.84 -91.93
CA ASP E 121 -45.19 -15.06 -92.76
C ASP E 121 -44.41 -14.11 -93.66
N GLU E 122 -43.33 -13.52 -93.14
CA GLU E 122 -42.50 -12.67 -93.97
C GLU E 122 -41.85 -13.45 -95.11
N ILE E 123 -41.37 -14.66 -94.83
CA ILE E 123 -40.78 -15.48 -95.88
C ILE E 123 -41.80 -15.75 -96.98
N ASP E 124 -43.01 -16.15 -96.58
CA ASP E 124 -44.06 -16.40 -97.56
C ASP E 124 -44.39 -15.15 -98.35
N ARG E 125 -44.49 -14.01 -97.67
CA ARG E 125 -44.83 -12.76 -98.34
C ARG E 125 -43.79 -12.38 -99.38
N VAL E 126 -42.51 -12.41 -98.99
CA VAL E 126 -41.44 -12.04 -99.91
C VAL E 126 -41.43 -12.96 -101.11
N SER E 127 -41.55 -14.28 -100.86
CA SER E 127 -41.54 -15.23 -101.95
C SER E 127 -42.70 -15.01 -102.91
N GLY E 128 -43.89 -14.76 -102.36
CA GLY E 128 -45.05 -14.56 -103.22
C GLY E 128 -44.99 -13.28 -104.02
N GLN E 129 -44.51 -12.20 -103.41
CA GLN E 129 -44.61 -10.87 -104.01
C GLN E 129 -43.36 -10.42 -104.75
N THR E 130 -42.26 -11.16 -104.68
CA THR E 130 -41.10 -10.81 -105.50
C THR E 130 -41.44 -11.00 -106.97
N GLN E 131 -41.23 -9.95 -107.76
CA GLN E 131 -41.70 -9.91 -109.13
C GLN E 131 -40.67 -9.21 -110.01
N PHE E 132 -40.50 -9.72 -111.23
CA PHE E 132 -39.66 -9.09 -112.23
C PHE E 132 -40.42 -9.05 -113.55
N ASN E 133 -40.71 -7.85 -114.03
CA ASN E 133 -41.36 -7.65 -115.32
C ASN E 133 -42.67 -8.42 -115.42
N GLY E 134 -43.44 -8.41 -114.33
CA GLY E 134 -44.72 -9.08 -114.32
C GLY E 134 -44.65 -10.58 -114.16
N VAL E 135 -43.49 -11.14 -113.85
CA VAL E 135 -43.31 -12.57 -113.67
C VAL E 135 -42.89 -12.83 -112.23
N ASN E 136 -43.62 -13.71 -111.55
CA ASN E 136 -43.30 -14.08 -110.18
C ASN E 136 -42.21 -15.14 -110.22
N VAL E 137 -40.96 -14.71 -110.00
CA VAL E 137 -39.82 -15.62 -110.18
C VAL E 137 -39.84 -16.73 -109.13
N LEU E 138 -40.29 -16.42 -107.92
CA LEU E 138 -40.22 -17.36 -106.81
C LEU E 138 -41.55 -18.07 -106.55
N ALA E 139 -42.52 -17.95 -107.44
CA ALA E 139 -43.81 -18.59 -107.24
C ALA E 139 -44.05 -19.78 -108.17
N LYS E 140 -43.19 -20.00 -109.16
CA LYS E 140 -43.37 -21.06 -110.12
C LYS E 140 -42.15 -21.97 -110.12
N ASP E 141 -42.29 -23.14 -110.75
CA ASP E 141 -41.23 -24.13 -110.80
C ASP E 141 -40.72 -24.35 -112.23
N GLY E 142 -40.87 -23.35 -113.09
CA GLY E 142 -40.53 -23.49 -114.49
C GLY E 142 -39.10 -23.08 -114.81
N SER E 143 -38.90 -22.72 -116.08
CA SER E 143 -37.60 -22.27 -116.54
C SER E 143 -37.80 -21.24 -117.63
N MET E 144 -36.83 -20.34 -117.76
CA MET E 144 -36.83 -19.29 -118.77
C MET E 144 -35.70 -19.53 -119.76
N LYS E 145 -36.01 -19.44 -121.05
CA LYS E 145 -35.05 -19.63 -122.11
C LYS E 145 -34.64 -18.27 -122.66
N ILE E 146 -33.33 -18.02 -122.69
CA ILE E 146 -32.78 -16.74 -123.10
C ILE E 146 -32.01 -16.95 -124.39
N GLN E 147 -32.35 -16.16 -125.41
CA GLN E 147 -31.67 -16.23 -126.69
C GLN E 147 -30.30 -15.61 -126.57
N VAL E 148 -29.26 -16.40 -126.85
CA VAL E 148 -27.89 -15.92 -126.74
C VAL E 148 -27.16 -15.94 -128.08
N GLY E 149 -27.58 -16.75 -129.05
CA GLY E 149 -27.02 -16.72 -130.37
C GLY E 149 -27.92 -16.02 -131.37
N ALA E 150 -27.43 -15.91 -132.60
CA ALA E 150 -28.20 -15.34 -133.70
C ALA E 150 -28.93 -16.38 -134.52
N ASN E 151 -28.72 -17.67 -134.25
CA ASN E 151 -29.41 -18.74 -134.95
C ASN E 151 -30.43 -19.38 -134.02
N ASP E 152 -31.20 -20.32 -134.57
CA ASP E 152 -32.25 -20.97 -133.80
C ASP E 152 -31.65 -21.94 -132.79
N GLY E 153 -32.24 -21.98 -131.60
CA GLY E 153 -31.88 -22.96 -130.60
C GLY E 153 -30.62 -22.69 -129.81
N GLU E 154 -29.97 -21.54 -130.02
CA GLU E 154 -28.77 -21.19 -129.26
C GLU E 154 -29.20 -20.42 -128.02
N THR E 155 -29.74 -21.15 -127.05
CA THR E 155 -30.36 -20.54 -125.88
C THR E 155 -29.69 -21.03 -124.61
N ILE E 156 -29.96 -20.32 -123.52
CA ILE E 156 -29.51 -20.69 -122.18
C ILE E 156 -30.74 -20.74 -121.28
N THR E 157 -30.84 -21.80 -120.48
CA THR E 157 -32.01 -22.03 -119.64
C THR E 157 -31.69 -21.67 -118.19
N ILE E 158 -32.56 -20.87 -117.58
CA ILE E 158 -32.49 -20.56 -116.16
C ILE E 158 -33.65 -21.30 -115.50
N ASP E 159 -33.32 -22.18 -114.56
CA ASP E 159 -34.34 -22.92 -113.82
C ASP E 159 -34.75 -22.12 -112.58
N LEU E 160 -36.04 -22.09 -112.30
CA LEU E 160 -36.56 -21.44 -111.11
C LEU E 160 -37.19 -22.47 -110.19
N LYS E 161 -37.26 -22.13 -108.91
CA LYS E 161 -37.82 -23.02 -107.91
C LYS E 161 -38.92 -22.31 -107.16
N LYS E 162 -39.98 -23.05 -106.85
CA LYS E 162 -41.05 -22.53 -106.00
C LYS E 162 -40.58 -22.62 -104.55
N ILE E 163 -40.28 -21.48 -103.94
CA ILE E 163 -39.80 -21.42 -102.57
C ILE E 163 -40.86 -20.73 -101.73
N ASP E 164 -41.30 -21.42 -100.69
CA ASP E 164 -42.24 -20.89 -99.71
C ASP E 164 -42.21 -21.81 -98.50
N SER E 165 -43.17 -21.65 -97.60
CA SER E 165 -43.28 -22.58 -96.48
C SER E 165 -43.56 -24.00 -96.96
N ASP E 166 -44.44 -24.14 -97.95
CA ASP E 166 -44.89 -25.47 -98.36
C ASP E 166 -43.74 -26.31 -98.87
N THR E 167 -42.85 -25.72 -99.67
CA THR E 167 -41.75 -26.47 -100.26
C THR E 167 -40.56 -26.64 -99.32
N LEU E 168 -40.60 -26.03 -98.14
CA LEU E 168 -39.56 -26.23 -97.14
C LEU E 168 -40.09 -26.90 -95.88
N GLY E 169 -41.35 -27.32 -95.89
CA GLY E 169 -41.91 -27.89 -94.68
C GLY E 169 -42.28 -26.79 -93.72
N LEU E 170 -41.90 -26.96 -92.45
CA LEU E 170 -42.00 -25.88 -91.47
C LEU E 170 -43.43 -25.41 -91.26
N ASN E 171 -44.41 -26.07 -91.88
CA ASN E 171 -45.78 -25.59 -91.85
C ASN E 171 -46.29 -25.46 -90.41
N GLY E 172 -46.39 -26.57 -89.71
CA GLY E 172 -46.71 -26.53 -88.30
C GLY E 172 -45.46 -26.51 -87.47
N PHE E 173 -44.73 -25.40 -87.49
CA PHE E 173 -43.45 -25.35 -86.78
C PHE E 173 -43.64 -25.58 -85.29
N ASN E 174 -44.67 -24.97 -84.70
CA ASN E 174 -45.23 -25.44 -83.43
C ASN E 174 -44.18 -25.50 -82.31
N VAL E 175 -43.38 -24.45 -82.18
CA VAL E 175 -42.39 -24.44 -81.10
C VAL E 175 -43.07 -24.54 -79.74
N ASN E 176 -44.16 -23.81 -79.56
CA ASN E 176 -44.92 -23.86 -78.31
C ASN E 176 -45.98 -24.96 -78.29
N GLY E 177 -46.23 -25.62 -79.42
CA GLY E 177 -47.18 -26.71 -79.46
C GLY E 177 -48.61 -26.35 -79.78
N LYS E 178 -48.84 -25.19 -80.41
CA LYS E 178 -50.19 -24.78 -80.80
C LYS E 178 -50.16 -24.33 -82.25
N GLY E 179 -50.82 -25.09 -83.12
CA GLY E 179 -50.78 -24.77 -84.54
C GLY E 179 -51.79 -25.60 -85.31
N THR E 180 -51.75 -25.46 -86.63
CA THR E 180 -52.70 -26.09 -87.52
C THR E 180 -51.98 -27.05 -88.47
N ILE E 181 -52.76 -27.93 -89.09
CA ILE E 181 -52.20 -28.94 -89.98
C ILE E 181 -52.87 -28.90 -91.35
N THR E 182 -54.12 -28.46 -91.41
CA THR E 182 -54.94 -28.52 -92.63
C THR E 182 -54.90 -29.94 -93.21
N ASN E 183 -55.48 -30.85 -92.42
CA ASN E 183 -55.18 -32.28 -92.48
C ASN E 183 -55.11 -32.91 -93.87
N LYS E 184 -56.21 -32.96 -94.63
CA LYS E 184 -56.22 -33.71 -95.87
C LYS E 184 -57.60 -33.55 -96.51
N ALA E 185 -57.74 -34.04 -97.74
CA ALA E 185 -59.02 -34.16 -98.42
C ALA E 185 -59.33 -35.63 -98.65
N ALA E 186 -60.54 -36.05 -98.30
CA ALA E 186 -60.91 -37.45 -98.36
C ALA E 186 -61.06 -37.92 -99.81
N THR E 187 -61.19 -39.23 -99.98
CA THR E 187 -61.37 -39.84 -101.29
C THR E 187 -62.20 -41.11 -101.15
N VAL E 188 -62.52 -41.71 -102.30
CA VAL E 188 -63.37 -42.90 -102.32
C VAL E 188 -62.66 -44.06 -101.64
N SER E 189 -61.35 -44.16 -101.78
CA SER E 189 -60.60 -45.20 -101.07
C SER E 189 -60.72 -45.01 -99.57
N ASP E 190 -60.63 -43.77 -99.10
CA ASP E 190 -60.81 -43.50 -97.67
C ASP E 190 -62.21 -43.87 -97.22
N LEU E 191 -63.23 -43.57 -98.03
CA LEU E 191 -64.59 -43.94 -97.66
C LEU E 191 -64.74 -45.45 -97.56
N THR E 192 -64.19 -46.19 -98.54
CA THR E 192 -64.27 -47.64 -98.50
C THR E 192 -63.55 -48.20 -97.29
N SER E 193 -62.38 -47.64 -96.95
CA SER E 193 -61.67 -48.08 -95.77
C SER E 193 -62.48 -47.82 -94.50
N ALA E 194 -63.12 -46.66 -94.43
CA ALA E 194 -63.99 -46.36 -93.30
C ALA E 194 -65.22 -47.25 -93.27
N GLY E 195 -65.59 -47.86 -94.40
CA GLY E 195 -66.68 -48.82 -94.42
C GLY E 195 -67.95 -48.36 -95.09
N ALA E 196 -67.94 -47.22 -95.77
CA ALA E 196 -69.13 -46.75 -96.45
C ALA E 196 -69.50 -47.71 -97.59
N LYS E 197 -70.80 -47.88 -97.79
CA LYS E 197 -71.34 -48.77 -98.82
C LYS E 197 -71.90 -47.96 -99.96
N LEU E 198 -71.63 -48.41 -101.19
CA LEU E 198 -72.20 -47.76 -102.36
C LEU E 198 -73.66 -48.16 -102.52
N ASN E 199 -74.53 -47.16 -102.73
CA ASN E 199 -75.95 -47.40 -102.95
C ASN E 199 -76.16 -47.56 -104.45
N THR E 200 -76.56 -48.76 -104.87
CA THR E 200 -76.65 -49.06 -106.29
C THR E 200 -77.73 -48.22 -106.97
N THR E 201 -78.87 -48.03 -106.30
CA THR E 201 -79.98 -47.34 -106.95
C THR E 201 -79.71 -45.86 -107.14
N THR E 202 -78.94 -45.24 -106.23
CA THR E 202 -78.70 -43.81 -106.30
C THR E 202 -77.28 -43.43 -106.66
N GLY E 203 -76.31 -44.34 -106.47
CA GLY E 203 -74.93 -44.05 -106.80
C GLY E 203 -74.15 -43.34 -105.72
N LEU E 204 -74.79 -42.96 -104.62
CA LEU E 204 -74.09 -42.28 -103.54
C LEU E 204 -73.33 -43.28 -102.67
N TYR E 205 -72.54 -42.74 -101.75
CA TYR E 205 -71.85 -43.54 -100.74
C TYR E 205 -72.47 -43.24 -99.39
N ASP E 206 -73.02 -44.25 -98.74
CA ASP E 206 -73.69 -44.10 -97.45
C ASP E 206 -72.82 -44.71 -96.37
N LEU E 207 -72.54 -43.93 -95.34
CA LEU E 207 -71.78 -44.40 -94.18
C LEU E 207 -72.72 -44.53 -93.00
N LYS E 208 -72.77 -45.72 -92.41
CA LYS E 208 -73.66 -46.00 -91.29
C LYS E 208 -72.84 -46.23 -90.03
N THR E 209 -73.17 -45.49 -88.98
CA THR E 209 -72.51 -45.61 -87.68
C THR E 209 -73.50 -46.14 -86.66
N GLU E 210 -73.10 -47.19 -85.95
CA GLU E 210 -73.97 -47.80 -84.96
C GLU E 210 -73.82 -47.13 -83.61
N ASN E 211 -74.82 -47.33 -82.76
CA ASN E 211 -74.89 -46.68 -81.46
C ASN E 211 -75.16 -47.75 -80.39
N THR E 212 -74.35 -47.75 -79.34
CA THR E 212 -74.45 -48.77 -78.31
C THR E 212 -75.60 -48.44 -77.36
N LEU E 213 -76.42 -49.45 -77.04
CA LEU E 213 -77.51 -49.25 -76.11
C LEU E 213 -76.99 -48.91 -74.72
N LEU E 214 -77.80 -48.16 -73.96
CA LEU E 214 -77.39 -47.71 -72.65
C LEU E 214 -77.11 -48.90 -71.73
N THR E 215 -75.98 -48.83 -71.03
CA THR E 215 -75.56 -49.88 -70.12
C THR E 215 -75.60 -49.39 -68.68
N THR E 216 -75.58 -50.36 -67.76
CA THR E 216 -75.64 -50.03 -66.34
C THR E 216 -74.44 -49.22 -65.90
N ASP E 217 -73.25 -49.53 -66.43
CA ASP E 217 -72.06 -48.78 -66.06
C ASP E 217 -72.17 -47.32 -66.47
N ALA E 218 -72.62 -47.06 -67.71
CA ALA E 218 -72.78 -45.69 -68.17
C ALA E 218 -73.87 -44.98 -67.36
N ALA E 219 -74.97 -45.67 -67.06
CA ALA E 219 -76.01 -45.07 -66.25
C ALA E 219 -75.50 -44.69 -64.87
N PHE E 220 -74.70 -45.57 -64.25
CA PHE E 220 -74.15 -45.27 -62.93
C PHE E 220 -73.16 -44.12 -63.00
N ASP E 221 -72.37 -44.05 -64.07
CA ASP E 221 -71.46 -42.92 -64.24
C ASP E 221 -72.23 -41.62 -64.36
N LYS E 222 -73.35 -41.63 -65.09
CA LYS E 222 -74.17 -40.44 -65.25
C LYS E 222 -75.11 -40.19 -64.08
N LEU E 223 -75.15 -41.09 -63.09
CA LEU E 223 -76.01 -40.88 -61.93
C LEU E 223 -75.64 -39.59 -61.21
N GLY E 224 -76.67 -38.86 -60.76
CA GLY E 224 -76.47 -37.61 -60.05
C GLY E 224 -77.16 -37.64 -58.70
N ASN E 225 -77.05 -36.50 -58.00
CA ASN E 225 -77.65 -36.38 -56.68
C ASN E 225 -79.17 -36.43 -56.78
N GLY E 226 -79.78 -37.17 -55.87
CA GLY E 226 -81.22 -37.32 -55.84
C GLY E 226 -81.79 -38.34 -56.81
N ASP E 227 -80.95 -39.08 -57.51
CA ASP E 227 -81.44 -40.07 -58.47
C ASP E 227 -82.06 -41.26 -57.75
N LYS E 228 -83.08 -41.84 -58.36
CA LYS E 228 -83.83 -42.95 -57.79
C LYS E 228 -83.69 -44.18 -58.67
N VAL E 229 -83.34 -45.31 -58.05
CA VAL E 229 -83.15 -46.57 -58.75
C VAL E 229 -84.12 -47.59 -58.15
N THR E 230 -84.93 -48.21 -58.99
CA THR E 230 -85.91 -49.19 -58.55
C THR E 230 -85.56 -50.54 -59.16
N VAL E 231 -85.02 -51.44 -58.34
CA VAL E 231 -84.71 -52.80 -58.74
C VAL E 231 -85.32 -53.76 -57.71
N GLY E 232 -85.99 -54.79 -58.20
CA GLY E 232 -86.60 -55.77 -57.31
C GLY E 232 -87.71 -55.21 -56.45
N GLY E 233 -88.31 -54.09 -56.86
CA GLY E 233 -89.41 -53.49 -56.13
C GLY E 233 -89.02 -52.63 -54.95
N VAL E 234 -87.73 -52.39 -54.74
CA VAL E 234 -87.26 -51.55 -53.64
C VAL E 234 -86.54 -50.34 -54.21
N ASP E 235 -86.79 -49.18 -53.63
CA ASP E 235 -86.29 -47.91 -54.15
C ASP E 235 -85.03 -47.49 -53.40
N TYR E 236 -84.00 -47.10 -54.15
CA TYR E 236 -82.74 -46.63 -53.60
C TYR E 236 -82.53 -45.20 -54.08
N THR E 237 -82.03 -44.34 -53.20
CA THR E 237 -81.72 -42.96 -53.56
C THR E 237 -80.20 -42.77 -53.54
N TYR E 238 -79.65 -42.38 -54.67
CA TYR E 238 -78.21 -42.18 -54.77
C TYR E 238 -77.79 -40.92 -54.03
N ASN E 239 -76.65 -41.01 -53.33
CA ASN E 239 -76.06 -39.87 -52.63
C ASN E 239 -74.65 -39.68 -53.16
N ALA E 240 -74.42 -38.51 -53.77
CA ALA E 240 -73.10 -38.19 -54.33
C ALA E 240 -72.12 -37.74 -53.25
N LYS E 241 -72.62 -37.18 -52.14
CA LYS E 241 -71.73 -36.75 -51.07
C LYS E 241 -70.95 -37.92 -50.51
N SER E 242 -71.64 -39.03 -50.22
CA SER E 242 -70.98 -40.27 -49.82
C SER E 242 -70.91 -41.28 -50.95
N GLY E 243 -71.56 -41.03 -52.08
CA GLY E 243 -71.49 -41.92 -53.22
C GLY E 243 -72.04 -43.31 -52.96
N ASP E 244 -73.23 -43.39 -52.39
CA ASP E 244 -73.82 -44.68 -52.06
C ASP E 244 -75.33 -44.54 -52.02
N PHE E 245 -76.02 -45.67 -52.04
CA PHE E 245 -77.48 -45.65 -52.11
C PHE E 245 -78.07 -45.76 -50.71
N THR E 246 -78.97 -44.83 -50.38
CA THR E 246 -79.72 -44.87 -49.13
C THR E 246 -81.09 -45.48 -49.39
N THR E 247 -81.55 -46.27 -48.42
CA THR E 247 -82.81 -46.98 -48.52
C THR E 247 -83.61 -46.72 -47.26
N THR E 248 -84.93 -46.81 -47.39
CA THR E 248 -85.85 -46.71 -46.25
C THR E 248 -86.53 -48.06 -46.09
N LYS E 249 -86.11 -48.81 -45.07
CA LYS E 249 -86.60 -50.17 -44.87
C LYS E 249 -87.53 -50.19 -43.66
N SER E 250 -88.77 -50.61 -43.88
CA SER E 250 -89.67 -50.89 -42.78
C SER E 250 -89.36 -52.28 -42.21
N THR E 251 -89.83 -52.52 -40.99
CA THR E 251 -89.60 -53.80 -40.33
C THR E 251 -90.20 -54.94 -41.14
N ALA E 252 -91.52 -54.98 -41.22
CA ALA E 252 -92.24 -56.08 -41.87
C ALA E 252 -93.70 -55.70 -41.97
N GLY E 253 -94.53 -56.68 -42.35
CA GLY E 253 -95.96 -56.47 -42.47
C GLY E 253 -96.45 -56.63 -43.89
N THR E 254 -97.00 -57.79 -44.21
CA THR E 254 -97.55 -58.10 -45.52
C THR E 254 -98.99 -58.58 -45.47
N GLY E 255 -99.34 -59.36 -44.46
CA GLY E 255 -100.72 -59.80 -44.32
C GLY E 255 -101.64 -58.64 -43.95
N VAL E 256 -102.93 -58.82 -44.29
CA VAL E 256 -103.92 -57.77 -44.05
C VAL E 256 -104.71 -57.98 -42.76
N ASP E 257 -104.57 -59.13 -42.11
CA ASP E 257 -105.31 -59.42 -40.89
C ASP E 257 -104.35 -59.86 -39.80
N ALA E 258 -104.87 -59.97 -38.58
CA ALA E 258 -104.05 -60.37 -37.44
C ALA E 258 -103.51 -61.78 -37.62
N ALA E 259 -104.34 -62.70 -38.09
CA ALA E 259 -103.93 -64.08 -38.32
C ALA E 259 -103.26 -64.20 -39.69
N ALA E 260 -102.07 -63.61 -39.78
CA ALA E 260 -101.30 -63.61 -41.01
C ALA E 260 -99.82 -63.69 -40.66
N GLN E 261 -98.99 -63.76 -41.70
CA GLN E 261 -97.55 -63.83 -41.53
C GLN E 261 -96.93 -62.48 -41.16
N ALA E 262 -97.73 -61.40 -41.13
CA ALA E 262 -97.19 -60.08 -40.82
C ALA E 262 -96.60 -60.03 -39.42
N ALA E 263 -97.33 -60.59 -38.44
CA ALA E 263 -96.84 -60.58 -37.06
C ALA E 263 -95.56 -61.39 -36.92
N ASP E 264 -95.52 -62.57 -37.55
CA ASP E 264 -94.32 -63.40 -37.50
C ASP E 264 -93.13 -62.70 -38.15
N SER E 265 -93.36 -62.06 -39.31
CA SER E 265 -92.28 -61.35 -39.98
C SER E 265 -91.79 -60.19 -39.13
N ALA E 266 -92.71 -59.45 -38.50
CA ALA E 266 -92.31 -58.35 -37.64
C ALA E 266 -91.48 -58.84 -36.46
N SER E 267 -91.90 -59.94 -35.84
CA SER E 267 -91.17 -60.48 -34.70
C SER E 267 -89.76 -60.94 -35.13
N LYS E 268 -89.67 -61.65 -36.26
CA LYS E 268 -88.37 -62.16 -36.67
C LYS E 268 -87.45 -61.02 -37.13
N ARG E 269 -88.01 -59.97 -37.74
CA ARG E 269 -87.18 -58.84 -38.13
C ARG E 269 -86.70 -58.07 -36.90
N ASP E 270 -87.56 -57.93 -35.88
CA ASP E 270 -87.12 -57.32 -34.63
C ASP E 270 -86.00 -58.13 -34.00
N ALA E 271 -86.14 -59.46 -34.01
CA ALA E 271 -85.08 -60.31 -33.48
C ALA E 271 -83.79 -60.17 -34.27
N LEU E 272 -83.90 -60.09 -35.60
CA LEU E 272 -82.73 -59.93 -36.44
C LEU E 272 -82.02 -58.61 -36.16
N ALA E 273 -82.78 -57.52 -36.02
CA ALA E 273 -82.19 -56.23 -35.69
C ALA E 273 -81.50 -56.28 -34.32
N ALA E 274 -82.15 -56.91 -33.34
CA ALA E 274 -81.54 -57.02 -32.02
C ALA E 274 -80.25 -57.82 -32.07
N THR E 275 -80.23 -58.92 -32.83
CA THR E 275 -79.01 -59.71 -32.97
C THR E 275 -77.91 -58.92 -33.66
N LEU E 276 -78.27 -58.16 -34.71
CA LEU E 276 -77.28 -57.31 -35.37
C LEU E 276 -76.75 -56.24 -34.43
N HIS E 277 -77.56 -55.83 -33.45
CA HIS E 277 -77.15 -54.82 -32.49
C HIS E 277 -76.29 -55.37 -31.36
N ALA E 278 -75.71 -56.56 -31.54
CA ALA E 278 -74.94 -57.18 -30.46
C ALA E 278 -73.74 -56.33 -30.08
N ASP E 279 -72.79 -56.17 -31.01
CA ASP E 279 -71.56 -55.42 -30.77
C ASP E 279 -70.87 -55.90 -29.50
N VAL E 280 -70.46 -57.17 -29.51
CA VAL E 280 -69.88 -57.79 -28.32
C VAL E 280 -68.54 -57.15 -27.97
N GLY E 281 -67.73 -56.84 -28.99
CA GLY E 281 -66.38 -56.38 -28.72
C GLY E 281 -66.32 -55.08 -27.95
N LYS E 282 -67.11 -54.09 -28.35
CA LYS E 282 -67.07 -52.77 -27.74
C LYS E 282 -68.48 -52.25 -27.51
N SER E 283 -68.60 -51.37 -26.53
CA SER E 283 -69.87 -50.77 -26.15
C SER E 283 -70.22 -49.60 -27.07
N VAL E 284 -71.51 -49.31 -27.17
CA VAL E 284 -72.00 -48.19 -27.96
C VAL E 284 -73.08 -47.43 -27.19
N ASN E 285 -73.17 -46.14 -27.47
CA ASN E 285 -74.10 -45.24 -26.81
C ASN E 285 -75.17 -44.77 -27.78
N GLY E 286 -76.39 -44.60 -27.25
CA GLY E 286 -77.51 -44.09 -28.00
C GLY E 286 -78.52 -43.37 -27.12
N SER E 287 -79.70 -43.08 -27.67
CA SER E 287 -80.75 -42.41 -26.91
C SER E 287 -82.10 -42.97 -27.30
N TYR E 288 -82.96 -43.18 -26.30
CA TYR E 288 -84.30 -43.70 -26.49
C TYR E 288 -85.29 -42.61 -26.10
N THR E 289 -86.15 -42.20 -27.04
CA THR E 289 -87.05 -41.07 -26.84
C THR E 289 -88.48 -41.53 -27.02
N THR E 290 -89.32 -41.23 -26.04
CA THR E 290 -90.75 -41.49 -26.13
C THR E 290 -91.44 -40.28 -26.74
N LYS E 291 -92.77 -40.24 -26.64
CA LYS E 291 -93.52 -39.14 -27.26
C LYS E 291 -93.12 -37.79 -26.67
N ASP E 292 -92.91 -37.73 -25.35
CA ASP E 292 -92.59 -36.47 -24.70
C ASP E 292 -91.34 -36.52 -23.83
N GLY E 293 -90.62 -37.64 -23.80
CA GLY E 293 -89.45 -37.75 -22.97
C GLY E 293 -88.35 -38.55 -23.65
N THR E 294 -87.13 -38.33 -23.19
CA THR E 294 -85.96 -39.00 -23.74
C THR E 294 -85.05 -39.46 -22.61
N VAL E 295 -84.23 -40.47 -22.89
CA VAL E 295 -83.33 -41.06 -21.91
C VAL E 295 -82.07 -41.51 -22.63
N SER E 296 -80.94 -41.40 -21.95
CA SER E 296 -79.68 -41.89 -22.48
C SER E 296 -79.69 -43.42 -22.54
N PHE E 297 -78.69 -43.97 -23.22
CA PHE E 297 -78.58 -45.41 -23.38
C PHE E 297 -77.13 -45.77 -23.63
N GLU E 298 -76.61 -46.77 -22.92
CA GLU E 298 -75.23 -47.21 -23.09
C GLU E 298 -75.20 -48.73 -22.99
N THR E 299 -75.13 -49.41 -24.13
CA THR E 299 -75.12 -50.86 -24.15
C THR E 299 -73.72 -51.37 -24.40
N ASP E 300 -73.40 -52.53 -23.82
CA ASP E 300 -72.08 -53.13 -23.96
C ASP E 300 -72.08 -54.28 -24.96
N SER E 301 -72.91 -55.30 -24.73
CA SER E 301 -72.92 -56.47 -25.58
C SER E 301 -74.25 -57.19 -25.41
N ALA E 302 -74.63 -57.96 -26.44
CA ALA E 302 -75.84 -58.76 -26.43
C ALA E 302 -77.09 -57.92 -26.17
N GLY E 303 -77.02 -56.64 -26.49
CA GLY E 303 -78.15 -55.75 -26.25
C GLY E 303 -78.51 -55.60 -24.79
N ASN E 304 -77.51 -55.46 -23.92
CA ASN E 304 -77.74 -55.28 -22.49
C ASN E 304 -77.87 -53.80 -22.18
N ILE E 305 -78.97 -53.42 -21.53
CA ILE E 305 -79.26 -52.03 -21.24
C ILE E 305 -78.55 -51.63 -19.96
N THR E 306 -77.71 -50.60 -20.04
CA THR E 306 -77.02 -50.05 -18.88
C THR E 306 -77.15 -48.54 -18.90
N ILE E 307 -77.68 -47.97 -17.82
CA ILE E 307 -77.87 -46.52 -17.69
C ILE E 307 -77.06 -46.06 -16.49
N GLY E 308 -76.04 -45.25 -16.74
CA GLY E 308 -75.22 -44.72 -15.67
C GLY E 308 -74.51 -45.77 -14.85
N GLY E 309 -74.09 -46.87 -15.49
CA GLY E 309 -73.42 -47.95 -14.78
C GLY E 309 -74.33 -48.90 -14.05
N SER E 310 -75.64 -48.68 -14.09
CA SER E 310 -76.61 -49.55 -13.43
C SER E 310 -77.59 -50.06 -14.47
N GLN E 311 -77.86 -51.36 -14.45
CA GLN E 311 -78.72 -51.97 -15.44
C GLN E 311 -80.15 -51.48 -15.29
N ALA E 312 -80.74 -51.01 -16.39
CA ALA E 312 -82.12 -50.55 -16.40
C ALA E 312 -83.02 -51.67 -16.92
N TYR E 313 -84.32 -51.39 -16.95
CA TYR E 313 -85.33 -52.35 -17.34
C TYR E 313 -86.40 -51.65 -18.15
N VAL E 314 -87.14 -52.44 -18.92
CA VAL E 314 -88.19 -51.92 -19.79
C VAL E 314 -89.55 -52.37 -19.25
N ASP E 315 -90.52 -51.47 -19.29
CA ASP E 315 -91.85 -51.71 -18.80
C ASP E 315 -92.73 -52.29 -19.91
N ASP E 316 -94.02 -52.45 -19.62
CA ASP E 316 -94.95 -52.96 -20.61
C ASP E 316 -95.11 -51.99 -21.79
N ALA E 317 -95.16 -50.70 -21.50
CA ALA E 317 -95.38 -49.68 -22.52
C ALA E 317 -94.09 -49.13 -23.11
N GLY E 318 -92.99 -49.86 -22.96
CA GLY E 318 -91.71 -49.41 -23.50
C GLY E 318 -90.98 -48.40 -22.65
N ASN E 319 -91.52 -48.04 -21.48
CA ASN E 319 -90.87 -47.09 -20.60
C ASN E 319 -89.56 -47.66 -20.07
N LEU E 320 -88.55 -46.82 -19.95
CA LEU E 320 -87.25 -47.25 -19.43
C LEU E 320 -87.09 -46.76 -18.00
N THR E 321 -86.90 -47.69 -17.07
CA THR E 321 -86.79 -47.35 -15.66
C THR E 321 -85.64 -48.13 -15.04
N THR E 322 -84.89 -47.47 -14.16
CA THR E 322 -83.81 -48.16 -13.45
C THR E 322 -84.34 -49.13 -12.41
N ASN E 323 -85.58 -48.94 -11.95
CA ASN E 323 -86.18 -49.78 -10.92
C ASN E 323 -87.07 -50.83 -11.55
N ASN E 324 -87.58 -51.73 -10.71
CA ASN E 324 -88.48 -52.79 -11.13
C ASN E 324 -89.73 -52.78 -10.26
N ALA E 325 -90.88 -52.91 -10.90
CA ALA E 325 -92.17 -53.06 -10.22
C ALA E 325 -92.73 -54.42 -10.60
N GLY E 326 -92.90 -55.29 -9.60
CA GLY E 326 -93.40 -56.63 -9.85
C GLY E 326 -92.49 -57.50 -10.69
N SER E 327 -91.18 -57.32 -10.56
CA SER E 327 -90.17 -58.12 -11.26
C SER E 327 -90.33 -58.03 -12.77
N ALA E 328 -90.82 -56.90 -13.26
CA ALA E 328 -90.97 -56.68 -14.71
C ALA E 328 -89.67 -56.11 -15.26
N ALA E 329 -88.62 -56.91 -15.18
CA ALA E 329 -87.29 -56.45 -15.58
C ALA E 329 -87.08 -56.58 -17.09
N LYS E 330 -87.05 -57.82 -17.59
CA LYS E 330 -86.83 -58.15 -19.00
C LYS E 330 -85.84 -57.19 -19.66
N ALA E 331 -84.67 -57.06 -19.02
CA ALA E 331 -83.64 -56.11 -19.46
C ALA E 331 -82.86 -56.70 -20.63
N ASP E 332 -83.42 -56.55 -21.83
CA ASP E 332 -82.78 -57.06 -23.02
C ASP E 332 -83.21 -56.22 -24.22
N MET E 333 -82.37 -56.23 -25.26
CA MET E 333 -82.68 -55.51 -26.48
C MET E 333 -83.95 -56.04 -27.14
N LYS E 334 -84.09 -57.36 -27.20
CA LYS E 334 -85.28 -57.96 -27.82
C LYS E 334 -86.54 -57.56 -27.06
N ALA E 335 -86.49 -57.64 -25.73
CA ALA E 335 -87.65 -57.27 -24.93
C ALA E 335 -87.97 -55.78 -25.09
N LEU E 336 -86.95 -54.93 -25.12
CA LEU E 336 -87.17 -53.50 -25.29
C LEU E 336 -87.82 -53.22 -26.64
N LEU E 337 -87.32 -53.85 -27.70
CA LEU E 337 -87.88 -53.63 -29.03
C LEU E 337 -89.32 -54.13 -29.10
N LYS E 338 -89.59 -55.29 -28.52
CA LYS E 338 -90.96 -55.82 -28.55
C LYS E 338 -91.91 -54.93 -27.75
N ALA E 339 -91.46 -54.44 -26.59
CA ALA E 339 -92.29 -53.53 -25.80
C ALA E 339 -92.56 -52.23 -26.55
N ALA E 340 -91.55 -51.70 -27.24
CA ALA E 340 -91.75 -50.50 -28.04
C ALA E 340 -92.73 -50.75 -29.18
N SER E 341 -92.60 -51.91 -29.84
CA SER E 341 -93.50 -52.24 -30.95
C SER E 341 -94.94 -52.39 -30.48
N GLU E 342 -95.14 -53.05 -29.33
CA GLU E 342 -96.48 -53.25 -28.79
C GLU E 342 -96.98 -52.06 -28.00
N GLY E 343 -96.15 -51.04 -27.79
CA GLY E 343 -96.58 -49.89 -27.00
C GLY E 343 -97.63 -49.07 -27.71
N SER E 344 -98.43 -48.36 -26.90
CA SER E 344 -99.48 -47.52 -27.46
C SER E 344 -98.89 -46.35 -28.25
N ASP E 345 -97.77 -45.81 -27.80
CA ASP E 345 -97.15 -44.65 -28.43
C ASP E 345 -95.82 -45.05 -29.06
N GLY E 346 -95.51 -44.46 -30.21
CA GLY E 346 -94.26 -44.73 -30.89
C GLY E 346 -93.08 -44.11 -30.19
N ALA E 347 -91.89 -44.51 -30.64
CA ALA E 347 -90.63 -44.07 -30.04
C ALA E 347 -89.61 -43.80 -31.13
N SER E 348 -88.49 -43.20 -30.73
CA SER E 348 -87.37 -42.94 -31.62
C SER E 348 -86.07 -43.35 -30.94
N LEU E 349 -85.25 -44.12 -31.64
CA LEU E 349 -83.94 -44.51 -31.15
C LEU E 349 -82.87 -43.83 -32.01
N THR E 350 -81.97 -43.11 -31.37
CA THR E 350 -80.89 -42.42 -32.06
C THR E 350 -79.57 -43.06 -31.66
N PHE E 351 -78.87 -43.64 -32.64
CA PHE E 351 -77.69 -44.46 -32.36
C PHE E 351 -76.44 -43.97 -33.06
N ASN E 352 -75.40 -44.80 -33.04
CA ASN E 352 -74.18 -44.49 -33.77
C ASN E 352 -74.45 -44.39 -35.27
N GLY E 353 -75.29 -45.27 -35.80
CA GLY E 353 -75.62 -45.24 -37.22
C GLY E 353 -76.85 -44.40 -37.50
N THR E 354 -77.79 -44.98 -38.25
CA THR E 354 -79.00 -44.27 -38.59
C THR E 354 -79.98 -44.28 -37.42
N GLU E 355 -80.95 -43.36 -37.47
CA GLU E 355 -81.96 -43.24 -36.43
C GLU E 355 -83.18 -44.08 -36.80
N TYR E 356 -83.66 -44.87 -35.85
CA TYR E 356 -84.79 -45.76 -36.06
C TYR E 356 -86.03 -45.12 -35.46
N THR E 357 -87.17 -45.26 -36.13
CA THR E 357 -88.44 -44.76 -35.62
C THR E 357 -89.43 -45.92 -35.50
N ILE E 358 -89.89 -46.19 -34.29
CA ILE E 358 -90.88 -47.22 -34.03
C ILE E 358 -92.24 -46.55 -34.07
N ALA E 359 -93.06 -46.94 -35.05
CA ALA E 359 -94.35 -46.29 -35.27
C ALA E 359 -95.36 -46.73 -34.22
N LYS E 360 -96.41 -45.93 -34.08
CA LYS E 360 -97.49 -46.20 -33.14
C LYS E 360 -98.18 -47.52 -33.43
N GLY E 376 -93.92 -51.73 -36.07
CA GLY E 376 -93.06 -51.45 -37.20
C GLY E 376 -91.98 -50.43 -36.90
N ILE E 377 -90.80 -50.66 -37.46
CA ILE E 377 -89.66 -49.75 -37.32
C ILE E 377 -89.26 -49.29 -38.72
N THR E 378 -89.24 -47.98 -38.92
CA THR E 378 -88.76 -47.37 -40.16
C THR E 378 -87.36 -46.83 -39.93
N TYR E 379 -86.44 -47.15 -40.82
CA TYR E 379 -85.07 -46.71 -40.65
C TYR E 379 -84.36 -46.64 -42.00
N GLN E 380 -83.34 -45.77 -42.04
CA GLN E 380 -82.49 -45.64 -43.21
C GLN E 380 -81.37 -46.68 -43.17
N ALA E 381 -80.92 -47.07 -44.36
CA ALA E 381 -79.84 -48.04 -44.50
C ALA E 381 -78.99 -47.65 -45.69
N THR E 382 -77.73 -48.11 -45.66
CA THR E 382 -76.75 -47.75 -46.68
C THR E 382 -76.33 -49.01 -47.44
N VAL E 383 -76.32 -48.91 -48.77
CA VAL E 383 -75.83 -49.98 -49.63
C VAL E 383 -74.86 -49.38 -50.63
N SER E 384 -73.87 -50.18 -51.04
CA SER E 384 -72.85 -49.71 -51.96
C SER E 384 -73.39 -49.64 -53.38
N LYS E 385 -72.87 -48.66 -54.14
CA LYS E 385 -73.22 -48.56 -55.55
C LYS E 385 -72.77 -49.81 -56.31
N ASP E 386 -71.61 -50.36 -55.96
CA ASP E 386 -71.17 -51.60 -56.59
C ASP E 386 -72.13 -52.73 -56.27
N VAL E 387 -72.63 -52.79 -55.03
CA VAL E 387 -73.60 -53.82 -54.68
C VAL E 387 -74.85 -53.68 -55.54
N VAL E 388 -75.42 -52.47 -55.56
CA VAL E 388 -76.65 -52.23 -56.31
C VAL E 388 -76.44 -52.57 -57.78
N LEU E 389 -75.28 -52.24 -58.32
CA LEU E 389 -74.94 -52.62 -59.68
C LEU E 389 -74.97 -54.14 -59.83
N SER E 390 -74.45 -54.87 -58.83
CA SER E 390 -74.44 -56.32 -58.92
C SER E 390 -75.86 -56.89 -58.98
N GLU E 391 -76.77 -56.41 -58.12
CA GLU E 391 -78.14 -56.94 -58.22
C GLU E 391 -78.80 -56.51 -59.54
N THR E 392 -78.53 -55.29 -60.01
CA THR E 392 -79.16 -54.85 -61.25
C THR E 392 -78.72 -55.69 -62.44
N LYS E 393 -77.43 -56.01 -62.52
CA LYS E 393 -76.92 -56.78 -63.66
C LYS E 393 -76.86 -58.28 -63.41
N ALA E 394 -77.35 -58.74 -62.25
CA ALA E 394 -77.25 -60.17 -61.92
C ALA E 394 -78.08 -61.02 -62.89
N ALA E 395 -79.34 -60.66 -63.08
CA ALA E 395 -80.24 -61.44 -63.92
C ALA E 395 -81.17 -60.48 -64.66
N ALA E 396 -82.23 -61.04 -65.25
CA ALA E 396 -83.20 -60.26 -66.02
C ALA E 396 -84.10 -59.48 -65.07
N ALA E 397 -83.49 -58.50 -64.41
CA ALA E 397 -84.22 -57.66 -63.47
C ALA E 397 -84.96 -56.55 -64.20
N THR E 398 -85.94 -55.96 -63.50
CA THR E 398 -86.73 -54.85 -64.03
C THR E 398 -86.25 -53.51 -63.49
N SER E 399 -84.95 -53.36 -63.30
CA SER E 399 -84.40 -52.14 -62.72
C SER E 399 -84.69 -50.94 -63.61
N SER E 400 -84.98 -49.81 -62.98
CA SER E 400 -85.22 -48.55 -63.67
C SER E 400 -84.48 -47.43 -62.95
N ILE E 401 -83.92 -46.50 -63.72
CA ILE E 401 -83.16 -45.40 -63.17
C ILE E 401 -83.84 -44.10 -63.60
N THR E 402 -84.07 -43.19 -62.65
CA THR E 402 -84.65 -41.89 -62.93
C THR E 402 -83.55 -40.84 -62.86
N PHE E 403 -83.25 -40.23 -63.99
CA PHE E 403 -82.31 -39.12 -64.05
C PHE E 403 -83.07 -37.83 -63.78
N ASN E 404 -82.68 -37.12 -62.72
CA ASN E 404 -83.38 -35.93 -62.28
C ASN E 404 -82.38 -34.79 -62.15
N SER E 405 -82.65 -33.69 -62.83
CA SER E 405 -81.82 -32.49 -62.76
C SER E 405 -82.36 -31.47 -61.77
N GLY E 406 -83.40 -31.82 -61.01
CA GLY E 406 -84.07 -30.89 -60.14
C GLY E 406 -85.20 -30.11 -60.79
N VAL E 407 -85.23 -30.09 -62.12
CA VAL E 407 -86.32 -29.46 -62.87
C VAL E 407 -86.81 -30.48 -63.89
N LEU E 408 -85.88 -31.05 -64.63
CA LEU E 408 -86.17 -31.99 -65.72
C LEU E 408 -85.87 -33.40 -65.24
N SER E 409 -86.80 -34.32 -65.51
CA SER E 409 -86.65 -35.70 -65.07
C SER E 409 -87.05 -36.66 -66.19
N LYS E 410 -86.35 -37.78 -66.28
CA LYS E 410 -86.70 -38.85 -67.19
C LYS E 410 -86.41 -40.21 -66.56
N THR E 411 -87.34 -41.14 -66.72
CA THR E 411 -87.20 -42.49 -66.19
C THR E 411 -86.86 -43.46 -67.32
N ILE E 412 -85.80 -44.23 -67.14
CA ILE E 412 -85.35 -45.21 -68.13
C ILE E 412 -85.42 -46.58 -67.49
N GLY E 413 -86.16 -47.49 -68.12
CA GLY E 413 -86.27 -48.84 -67.63
C GLY E 413 -85.54 -49.84 -68.51
N PHE E 414 -84.43 -50.38 -68.00
CA PHE E 414 -83.59 -51.29 -68.77
C PHE E 414 -83.39 -52.58 -68.00
N THR E 415 -83.39 -53.70 -68.73
CA THR E 415 -83.29 -55.03 -68.13
C THR E 415 -81.91 -55.59 -68.39
N ALA E 416 -81.13 -55.75 -67.31
CA ALA E 416 -79.81 -56.37 -67.37
C ALA E 416 -78.92 -55.69 -68.42
N GLY E 417 -78.83 -54.37 -68.32
CA GLY E 417 -78.03 -53.63 -69.29
C GLY E 417 -78.85 -52.84 -70.29
N GLU E 418 -78.98 -53.37 -71.50
CA GLU E 418 -79.64 -52.66 -72.59
C GLU E 418 -81.11 -52.38 -72.25
N SER E 419 -81.59 -51.25 -72.74
CA SER E 419 -82.98 -50.86 -72.52
C SER E 419 -83.92 -51.72 -73.35
N SER E 420 -84.98 -52.22 -72.71
CA SER E 420 -85.99 -53.04 -73.39
C SER E 420 -87.36 -52.38 -73.37
N ASP E 421 -87.46 -51.12 -72.93
CA ASP E 421 -88.73 -50.41 -72.83
C ASP E 421 -89.09 -49.66 -74.10
N ALA E 422 -88.58 -50.10 -75.26
CA ALA E 422 -88.80 -49.44 -76.54
C ALA E 422 -88.29 -48.00 -76.52
N ALA E 423 -87.26 -47.74 -75.70
CA ALA E 423 -86.65 -46.43 -75.58
C ALA E 423 -85.28 -46.45 -76.25
N LYS E 424 -85.02 -45.45 -77.08
CA LYS E 424 -83.77 -45.38 -77.84
C LYS E 424 -82.74 -44.62 -77.01
N SER E 425 -82.12 -45.32 -76.07
CA SER E 425 -81.07 -44.77 -75.23
C SER E 425 -79.73 -45.29 -75.72
N TYR E 426 -78.80 -44.38 -76.02
CA TYR E 426 -77.53 -44.76 -76.59
C TYR E 426 -76.44 -43.81 -76.11
N VAL E 427 -75.19 -44.26 -76.25
CA VAL E 427 -74.05 -43.56 -75.66
C VAL E 427 -72.90 -43.32 -76.63
N ASP E 428 -72.80 -44.02 -77.76
CA ASP E 428 -71.57 -44.02 -78.55
C ASP E 428 -71.20 -42.66 -79.13
N ASP E 429 -72.16 -41.74 -79.26
CA ASP E 429 -71.90 -40.49 -79.96
C ASP E 429 -70.77 -39.69 -79.32
N LYS E 430 -71.01 -39.16 -78.11
CA LYS E 430 -69.98 -38.47 -77.35
C LYS E 430 -70.05 -38.83 -75.87
N GLY E 431 -70.68 -39.94 -75.53
CA GLY E 431 -71.05 -40.20 -74.16
C GLY E 431 -72.43 -39.63 -73.86
N GLY E 432 -72.89 -39.90 -72.64
CA GLY E 432 -74.21 -39.43 -72.30
C GLY E 432 -75.31 -40.23 -72.98
N ILE E 433 -76.49 -39.62 -73.01
CA ILE E 433 -77.69 -40.28 -73.52
C ILE E 433 -78.14 -39.55 -74.78
N THR E 434 -78.56 -40.31 -75.79
CA THR E 434 -79.09 -39.74 -77.02
C THR E 434 -80.22 -40.62 -77.53
N ASN E 435 -81.08 -40.03 -78.34
CA ASN E 435 -82.24 -40.72 -78.90
C ASN E 435 -82.03 -41.17 -80.33
N VAL E 436 -80.81 -41.07 -80.85
CA VAL E 436 -80.55 -41.46 -82.23
C VAL E 436 -80.26 -42.96 -82.27
N ALA E 437 -81.15 -43.71 -82.94
CA ALA E 437 -80.96 -45.16 -83.04
C ALA E 437 -79.83 -45.50 -83.99
N ASP E 438 -79.82 -44.86 -85.16
CA ASP E 438 -78.87 -45.18 -86.21
C ASP E 438 -78.31 -43.89 -86.80
N TYR E 439 -77.06 -43.95 -87.24
CA TYR E 439 -76.34 -42.81 -87.80
C TYR E 439 -75.92 -43.13 -89.22
N THR E 440 -76.64 -42.57 -90.20
CA THR E 440 -76.35 -42.80 -91.60
C THR E 440 -76.28 -41.47 -92.33
N VAL E 441 -75.21 -41.26 -93.08
CA VAL E 441 -75.00 -40.04 -93.86
C VAL E 441 -74.54 -40.44 -95.26
N SER E 442 -74.95 -39.66 -96.26
CA SER E 442 -74.70 -39.98 -97.65
C SER E 442 -73.59 -39.10 -98.20
N TYR E 443 -72.63 -39.71 -98.89
CA TYR E 443 -71.52 -39.01 -99.49
C TYR E 443 -71.57 -39.19 -101.01
N SER E 444 -71.43 -38.09 -101.73
CA SER E 444 -71.38 -38.09 -103.18
C SER E 444 -69.94 -37.87 -103.62
N VAL E 445 -69.47 -38.72 -104.54
CA VAL E 445 -68.10 -38.66 -105.04
C VAL E 445 -68.15 -38.10 -106.46
N ASN E 446 -67.39 -37.02 -106.68
CA ASN E 446 -67.35 -36.40 -108.00
C ASN E 446 -66.48 -37.26 -108.92
N LYS E 447 -67.01 -37.60 -110.09
CA LYS E 447 -66.28 -38.48 -111.00
C LYS E 447 -65.05 -37.80 -111.58
N ASP E 448 -65.12 -36.50 -111.88
CA ASP E 448 -63.99 -35.81 -112.47
C ASP E 448 -62.97 -35.40 -111.41
N ASN E 449 -63.39 -34.56 -110.46
CA ASN E 449 -62.46 -34.06 -109.45
C ASN E 449 -61.98 -35.17 -108.53
N GLY E 450 -62.88 -36.07 -108.13
CA GLY E 450 -62.57 -37.08 -107.15
C GLY E 450 -62.89 -36.70 -105.73
N SER E 451 -63.37 -35.47 -105.50
CA SER E 451 -63.68 -35.00 -104.15
C SER E 451 -64.96 -35.64 -103.64
N VAL E 452 -65.08 -35.70 -102.31
CA VAL E 452 -66.22 -36.28 -101.63
C VAL E 452 -66.96 -35.17 -100.90
N THR E 453 -68.28 -35.11 -101.11
CA THR E 453 -69.10 -34.09 -100.49
C THR E 453 -70.27 -34.73 -99.76
N VAL E 454 -70.77 -34.06 -98.74
CA VAL E 454 -71.92 -34.54 -97.99
C VAL E 454 -73.19 -34.18 -98.76
N ALA E 455 -74.04 -35.16 -99.01
CA ALA E 455 -75.27 -34.96 -99.77
C ALA E 455 -76.49 -35.36 -98.96
N GLY E 456 -76.54 -34.93 -97.71
CA GLY E 456 -77.67 -35.23 -96.84
C GLY E 456 -77.46 -36.49 -96.02
N TYR E 457 -78.48 -36.81 -95.22
CA TYR E 457 -78.42 -38.00 -94.39
C TYR E 457 -79.83 -38.44 -94.05
N ALA E 458 -79.96 -39.70 -93.67
CA ALA E 458 -81.22 -40.27 -93.23
C ALA E 458 -81.00 -41.02 -91.92
N SER E 459 -81.97 -40.90 -91.01
CA SER E 459 -81.90 -41.55 -89.72
C SER E 459 -83.21 -42.27 -89.43
N ALA E 460 -83.11 -43.38 -88.69
CA ALA E 460 -84.29 -44.14 -88.34
C ALA E 460 -85.24 -43.31 -87.48
N THR E 461 -84.70 -42.63 -86.48
CA THR E 461 -85.50 -41.73 -85.66
C THR E 461 -85.55 -40.35 -86.30
N ASP E 462 -86.24 -39.42 -85.64
CA ASP E 462 -86.35 -38.07 -86.17
C ASP E 462 -85.01 -37.35 -86.15
N THR E 463 -84.29 -37.44 -85.02
CA THR E 463 -82.97 -36.86 -84.81
C THR E 463 -83.06 -35.34 -84.71
N ASN E 464 -84.24 -34.79 -85.03
CA ASN E 464 -84.49 -33.34 -84.95
C ASN E 464 -83.40 -32.53 -85.64
N LYS E 465 -82.71 -33.14 -86.60
CA LYS E 465 -81.59 -32.52 -87.30
C LYS E 465 -80.51 -32.05 -86.32
N ASP E 466 -80.35 -32.78 -85.22
CA ASP E 466 -79.33 -32.41 -84.24
C ASP E 466 -77.93 -32.75 -84.74
N TYR E 467 -77.77 -33.92 -85.35
CA TYR E 467 -76.49 -34.33 -85.92
C TYR E 467 -76.36 -33.97 -87.40
N ALA E 468 -77.06 -32.95 -87.84
CA ALA E 468 -77.10 -32.61 -89.26
C ALA E 468 -75.80 -31.95 -89.69
N PRO E 469 -75.08 -32.50 -90.66
CA PRO E 469 -73.94 -31.80 -91.24
C PRO E 469 -74.34 -30.96 -92.45
N ALA E 470 -73.52 -29.97 -92.74
CA ALA E 470 -73.79 -29.08 -93.88
C ALA E 470 -73.70 -29.86 -95.18
N ILE E 471 -74.66 -29.65 -96.07
CA ILE E 471 -74.69 -30.34 -97.35
C ILE E 471 -73.78 -29.62 -98.33
N GLY E 472 -73.02 -30.40 -99.09
CA GLY E 472 -72.09 -29.85 -100.06
C GLY E 472 -70.72 -29.48 -99.51
N THR E 473 -70.46 -29.78 -98.24
CA THR E 473 -69.17 -29.46 -97.65
C THR E 473 -68.16 -30.56 -97.98
N ALA E 474 -66.94 -30.14 -98.33
CA ALA E 474 -65.89 -31.10 -98.65
C ALA E 474 -65.58 -31.99 -97.46
N VAL E 475 -65.36 -33.26 -97.74
CA VAL E 475 -65.08 -34.24 -96.69
C VAL E 475 -63.58 -34.37 -96.53
N ASN E 476 -63.11 -34.32 -95.29
CA ASN E 476 -61.69 -34.34 -94.98
C ASN E 476 -61.37 -35.53 -94.09
N VAL E 477 -60.12 -35.99 -94.16
CA VAL E 477 -59.65 -37.10 -93.35
C VAL E 477 -58.84 -36.55 -92.18
N ASN E 478 -59.24 -36.93 -90.98
CA ASN E 478 -58.55 -36.46 -89.78
C ASN E 478 -57.14 -37.03 -89.72
N SER E 479 -56.35 -36.50 -88.78
CA SER E 479 -54.99 -37.01 -88.58
C SER E 479 -55.03 -38.47 -88.15
N ALA E 480 -55.97 -38.83 -87.27
CA ALA E 480 -56.11 -40.22 -86.87
C ALA E 480 -56.63 -41.11 -87.99
N GLY E 481 -57.25 -40.53 -89.02
CA GLY E 481 -57.77 -41.28 -90.14
C GLY E 481 -59.28 -41.33 -90.24
N LYS E 482 -60.00 -40.62 -89.38
CA LYS E 482 -61.45 -40.63 -89.41
C LYS E 482 -61.98 -39.68 -90.48
N ILE E 483 -63.29 -39.57 -90.57
CA ILE E 483 -63.96 -38.66 -91.49
C ILE E 483 -64.44 -37.44 -90.70
N THR E 484 -64.04 -36.25 -91.14
CA THR E 484 -64.36 -35.03 -90.42
C THR E 484 -64.43 -33.88 -91.42
N THR E 485 -65.41 -32.99 -91.21
CA THR E 485 -65.58 -31.84 -92.08
C THR E 485 -64.68 -30.67 -91.70
N GLU E 486 -64.03 -30.71 -90.55
CA GLU E 486 -63.16 -29.62 -90.13
C GLU E 486 -61.92 -29.57 -91.00
N THR E 487 -61.55 -28.37 -91.45
CA THR E 487 -60.41 -28.24 -92.37
C THR E 487 -59.10 -28.47 -91.63
N THR E 488 -58.93 -27.88 -90.46
CA THR E 488 -57.66 -27.89 -89.74
C THR E 488 -57.80 -28.66 -88.43
N SER E 489 -56.80 -29.47 -88.12
CA SER E 489 -56.72 -30.20 -86.88
C SER E 489 -55.47 -29.80 -86.14
N ALA E 490 -55.58 -29.65 -84.81
CA ALA E 490 -54.44 -29.23 -84.01
C ALA E 490 -53.35 -30.29 -84.04
N GLY E 491 -52.11 -29.84 -83.89
CA GLY E 491 -50.95 -30.69 -83.92
C GLY E 491 -50.17 -30.62 -82.62
N SER E 492 -48.86 -30.84 -82.75
CA SER E 492 -47.97 -30.86 -81.60
C SER E 492 -46.63 -30.25 -81.99
N ALA E 493 -45.75 -30.13 -81.02
CA ALA E 493 -44.43 -29.53 -81.25
C ALA E 493 -43.63 -30.41 -82.21
N THR E 494 -42.91 -29.75 -83.12
CA THR E 494 -42.06 -30.47 -84.06
C THR E 494 -40.96 -31.22 -83.33
N THR E 495 -40.74 -32.47 -83.72
CA THR E 495 -39.78 -33.30 -83.02
C THR E 495 -38.35 -32.87 -83.27
N ASN E 496 -38.03 -32.50 -84.52
CA ASN E 496 -36.66 -32.20 -84.91
C ASN E 496 -36.63 -30.88 -85.66
N PRO E 497 -36.65 -29.75 -84.94
CA PRO E 497 -36.74 -28.46 -85.63
C PRO E 497 -35.45 -28.07 -86.34
N LEU E 498 -34.32 -28.30 -85.69
CA LEU E 498 -33.04 -27.81 -86.23
C LEU E 498 -32.67 -28.55 -87.51
N ALA E 499 -32.99 -29.84 -87.60
CA ALA E 499 -32.72 -30.57 -88.83
C ALA E 499 -33.53 -30.01 -90.00
N ALA E 500 -34.81 -29.72 -89.76
CA ALA E 500 -35.65 -29.15 -90.81
C ALA E 500 -35.14 -27.77 -91.23
N LEU E 501 -34.74 -26.96 -90.26
CA LEU E 501 -34.19 -25.65 -90.59
C LEU E 501 -32.91 -25.77 -91.41
N ASP E 502 -32.06 -26.74 -91.06
CA ASP E 502 -30.84 -26.96 -91.82
C ASP E 502 -31.16 -27.41 -93.25
N ASP E 503 -32.16 -28.27 -93.40
CA ASP E 503 -32.56 -28.69 -94.75
C ASP E 503 -33.05 -27.51 -95.57
N ALA E 504 -33.85 -26.64 -94.96
CA ALA E 504 -34.34 -25.46 -95.67
C ALA E 504 -33.19 -24.56 -96.09
N ILE E 505 -32.24 -24.32 -95.18
CA ILE E 505 -31.09 -23.47 -95.51
C ILE E 505 -30.28 -24.11 -96.63
N SER E 506 -30.12 -25.43 -96.59
CA SER E 506 -29.37 -26.11 -97.64
C SER E 506 -30.05 -25.97 -99.00
N SER E 507 -31.38 -26.07 -99.03
CA SER E 507 -32.10 -25.89 -100.29
C SER E 507 -31.90 -24.47 -100.82
N ILE E 508 -31.99 -23.47 -99.92
CA ILE E 508 -31.78 -22.10 -100.34
C ILE E 508 -30.37 -21.92 -100.91
N ASP E 509 -29.38 -22.51 -100.24
CA ASP E 509 -28.00 -22.39 -100.70
C ASP E 509 -27.80 -23.05 -102.05
N LYS E 510 -28.41 -24.20 -102.27
CA LYS E 510 -28.29 -24.86 -103.57
C LYS E 510 -28.91 -24.01 -104.67
N PHE E 511 -30.08 -23.42 -104.41
CA PHE E 511 -30.67 -22.53 -105.40
C PHE E 511 -29.76 -21.35 -105.70
N ARG E 512 -29.19 -20.73 -104.67
CA ARG E 512 -28.33 -19.58 -104.89
C ARG E 512 -27.07 -19.96 -105.68
N SER E 513 -26.49 -21.12 -105.38
CA SER E 513 -25.31 -21.57 -106.10
C SER E 513 -25.62 -21.79 -107.58
N SER E 514 -26.73 -22.46 -107.88
CA SER E 514 -27.10 -22.67 -109.27
C SER E 514 -27.31 -21.35 -109.98
N LEU E 515 -27.99 -20.40 -109.31
CA LEU E 515 -28.24 -19.10 -109.92
C LEU E 515 -26.94 -18.37 -110.21
N GLY E 516 -25.99 -18.41 -109.27
CA GLY E 516 -24.71 -17.76 -109.50
C GLY E 516 -23.93 -18.39 -110.65
N ALA E 517 -23.96 -19.71 -110.75
CA ALA E 517 -23.29 -20.37 -111.87
C ALA E 517 -23.89 -19.95 -113.20
N ILE E 518 -25.23 -19.88 -113.27
CA ILE E 518 -25.88 -19.44 -114.49
C ILE E 518 -25.45 -18.01 -114.83
N GLN E 519 -25.38 -17.15 -113.82
CA GLN E 519 -24.99 -15.76 -114.08
C GLN E 519 -23.57 -15.67 -114.61
N ASN E 520 -22.65 -16.46 -114.04
CA ASN E 520 -21.28 -16.45 -114.52
C ASN E 520 -21.19 -16.90 -115.98
N ARG E 521 -21.87 -17.99 -116.32
CA ARG E 521 -21.82 -18.44 -117.71
C ARG E 521 -22.47 -17.41 -118.65
N LEU E 522 -23.50 -16.71 -118.17
CA LEU E 522 -24.12 -15.68 -119.00
C LEU E 522 -23.16 -14.52 -119.25
N ASP E 523 -22.40 -14.12 -118.24
CA ASP E 523 -21.41 -13.07 -118.43
C ASP E 523 -20.33 -13.49 -119.42
N SER E 524 -19.86 -14.74 -119.32
CA SER E 524 -18.90 -15.24 -120.29
C SER E 524 -19.47 -15.21 -121.70
N ALA E 525 -20.75 -15.57 -121.84
CA ALA E 525 -21.40 -15.50 -123.14
C ALA E 525 -21.43 -14.07 -123.66
N VAL E 526 -21.68 -13.09 -122.79
CA VAL E 526 -21.69 -11.70 -123.21
C VAL E 526 -20.32 -11.30 -123.77
N THR E 527 -19.26 -11.66 -123.05
CA THR E 527 -17.92 -11.31 -123.51
C THR E 527 -17.61 -11.93 -124.87
N ASN E 528 -17.93 -13.22 -125.02
CA ASN E 528 -17.67 -13.89 -126.29
C ASN E 528 -18.47 -13.25 -127.42
N LEU E 529 -19.73 -12.89 -127.16
CA LEU E 529 -20.54 -12.25 -128.18
C LEU E 529 -19.93 -10.92 -128.61
N ASN E 530 -19.43 -10.14 -127.65
CA ASN E 530 -18.81 -8.87 -128.01
C ASN E 530 -17.59 -9.09 -128.90
N ASN E 531 -16.74 -10.05 -128.54
CA ASN E 531 -15.56 -10.31 -129.36
C ASN E 531 -15.94 -10.76 -130.76
N THR E 532 -16.91 -11.67 -130.87
CA THR E 532 -17.33 -12.15 -132.19
C THR E 532 -17.93 -11.03 -133.02
N THR E 533 -18.72 -10.16 -132.39
CA THR E 533 -19.29 -9.03 -133.11
C THR E 533 -18.20 -8.12 -133.66
N THR E 534 -17.19 -7.83 -132.84
CA THR E 534 -16.10 -6.98 -133.32
C THR E 534 -15.39 -7.61 -134.51
N ASN E 535 -15.07 -8.92 -134.41
CA ASN E 535 -14.35 -9.57 -135.49
C ASN E 535 -15.16 -9.63 -136.78
N LEU E 536 -16.46 -9.91 -136.67
CA LEU E 536 -17.30 -9.98 -137.86
C LEU E 536 -17.46 -8.59 -138.49
N SER E 537 -17.58 -7.55 -137.68
CA SER E 537 -17.60 -6.20 -138.22
C SER E 537 -16.30 -5.90 -138.95
N GLU E 538 -15.18 -6.38 -138.42
CA GLU E 538 -13.90 -6.19 -139.09
C GLU E 538 -13.90 -6.86 -140.46
N ALA E 539 -14.41 -8.08 -140.53
CA ALA E 539 -14.46 -8.79 -141.81
C ALA E 539 -15.35 -8.07 -142.82
N GLN E 540 -16.50 -7.58 -142.36
CA GLN E 540 -17.38 -6.83 -143.25
C GLN E 540 -16.68 -5.58 -143.76
N SER E 541 -15.94 -4.89 -142.89
CA SER E 541 -15.18 -3.73 -143.33
C SER E 541 -14.13 -4.11 -144.35
N ARG E 542 -13.50 -5.28 -144.17
CA ARG E 542 -12.55 -5.76 -145.16
C ARG E 542 -13.21 -5.90 -146.53
N ILE E 543 -14.39 -6.52 -146.56
CA ILE E 543 -15.04 -6.78 -147.84
C ILE E 543 -15.52 -5.49 -148.48
N GLN E 544 -16.20 -4.65 -147.73
CA GLN E 544 -16.79 -3.40 -148.21
C GLN E 544 -15.79 -2.25 -148.02
N ASP E 545 -16.28 -1.02 -148.03
CA ASP E 545 -15.52 0.16 -147.60
C ASP E 545 -14.33 0.48 -148.50
N ALA E 546 -14.61 0.93 -149.72
CA ALA E 546 -13.57 1.31 -150.67
C ALA E 546 -12.58 2.29 -150.06
N ASP E 547 -11.37 2.29 -150.62
CA ASP E 547 -10.27 3.09 -150.11
C ASP E 547 -10.26 4.47 -150.77
N TYR E 548 -10.39 5.52 -149.95
CA TYR E 548 -10.46 6.87 -150.50
C TYR E 548 -9.19 7.27 -151.25
N ALA E 549 -8.02 6.78 -150.84
CA ALA E 549 -6.82 7.10 -151.59
C ALA E 549 -6.95 6.64 -153.04
N THR E 550 -7.32 5.36 -153.22
CA THR E 550 -7.46 4.82 -154.56
C THR E 550 -8.58 5.51 -155.34
N GLU E 551 -9.72 5.75 -154.70
CA GLU E 551 -10.83 6.37 -155.42
C GLU E 551 -10.52 7.81 -155.79
N VAL E 552 -9.85 8.57 -154.93
CA VAL E 552 -9.48 9.94 -155.26
C VAL E 552 -8.51 9.95 -156.43
N SER E 553 -7.51 9.06 -156.41
CA SER E 553 -6.60 8.99 -157.55
C SER E 553 -7.35 8.64 -158.84
N ASN E 554 -8.28 7.68 -158.74
CA ASN E 554 -9.03 7.25 -159.91
C ASN E 554 -9.86 8.40 -160.49
N MET E 555 -10.58 9.14 -159.63
CA MET E 555 -11.41 10.22 -160.15
C MET E 555 -10.55 11.34 -160.70
N SER E 556 -9.40 11.62 -160.09
CA SER E 556 -8.56 12.70 -160.58
C SER E 556 -8.03 12.38 -161.98
N LYS E 557 -7.52 11.16 -162.16
CA LYS E 557 -7.04 10.80 -163.49
C LYS E 557 -8.19 10.71 -164.47
N ALA E 558 -9.38 10.31 -164.02
CA ALA E 558 -10.54 10.28 -164.91
C ALA E 558 -10.91 11.68 -165.38
N GLN E 559 -10.90 12.65 -164.46
CA GLN E 559 -11.23 14.02 -164.83
C GLN E 559 -10.22 14.57 -165.81
N ILE E 560 -8.93 14.31 -165.59
CA ILE E 560 -7.92 14.82 -166.51
C ILE E 560 -8.06 14.16 -167.88
N ILE E 561 -8.33 12.86 -167.91
CA ILE E 561 -8.50 12.19 -169.21
C ILE E 561 -9.73 12.75 -169.91
N GLN E 562 -10.78 13.09 -169.15
CA GLN E 562 -11.98 13.66 -169.76
C GLN E 562 -11.69 15.03 -170.36
N GLN E 563 -10.98 15.89 -169.63
CA GLN E 563 -10.65 17.20 -170.16
C GLN E 563 -9.75 17.09 -171.38
N ALA E 564 -8.78 16.17 -171.35
CA ALA E 564 -7.95 15.94 -172.51
C ALA E 564 -8.77 15.46 -173.70
N GLY E 565 -9.72 14.56 -173.45
CA GLY E 565 -10.58 14.11 -174.52
C GLY E 565 -11.43 15.22 -175.10
N ASN E 566 -11.93 16.11 -174.25
CA ASN E 566 -12.72 17.24 -174.73
C ASN E 566 -11.88 18.17 -175.59
N SER E 567 -10.64 18.46 -175.16
CA SER E 567 -9.79 19.34 -175.94
C SER E 567 -9.43 18.71 -177.28
N VAL E 568 -9.08 17.42 -177.28
CA VAL E 568 -8.76 16.73 -178.52
C VAL E 568 -10.00 16.65 -179.41
N LEU E 569 -11.18 16.49 -178.80
CA LEU E 569 -12.42 16.49 -179.56
C LEU E 569 -12.66 17.83 -180.23
N ALA E 570 -12.35 18.92 -179.53
CA ALA E 570 -12.46 20.24 -180.16
C ALA E 570 -11.49 20.36 -181.32
N LYS E 571 -10.26 19.86 -181.15
CA LYS E 571 -9.29 19.92 -182.24
C LYS E 571 -9.73 19.09 -183.44
N ALA E 572 -10.32 17.92 -183.20
CA ALA E 572 -10.77 17.08 -184.29
C ALA E 572 -12.03 17.64 -184.95
N ASN E 573 -12.96 18.15 -184.14
CA ASN E 573 -14.15 18.84 -184.62
C ASN E 573 -13.80 20.13 -185.34
N GLN E 574 -12.57 20.60 -185.22
CA GLN E 574 -12.08 21.63 -186.11
C GLN E 574 -11.94 20.96 -187.47
N VAL E 575 -13.10 20.67 -188.07
CA VAL E 575 -13.21 19.83 -189.26
C VAL E 575 -12.48 20.55 -190.38
N PRO E 576 -12.08 19.87 -191.44
CA PRO E 576 -11.33 20.54 -192.49
C PRO E 576 -12.07 21.73 -193.06
N GLN E 577 -11.55 22.93 -192.82
CA GLN E 577 -11.91 24.08 -193.63
C GLN E 577 -10.96 24.27 -194.79
N GLN E 578 -9.92 23.43 -194.87
CA GLN E 578 -9.07 23.41 -196.04
C GLN E 578 -9.84 23.03 -197.29
N VAL E 579 -10.96 22.30 -197.14
CA VAL E 579 -11.82 22.07 -198.29
C VAL E 579 -12.42 23.38 -198.78
N LEU E 580 -12.88 24.22 -197.85
CA LEU E 580 -13.36 25.54 -198.23
C LEU E 580 -12.25 26.35 -198.87
N SER E 581 -11.04 26.24 -198.32
CA SER E 581 -9.90 26.96 -198.88
C SER E 581 -9.62 26.52 -200.32
N LEU E 582 -9.71 25.22 -200.58
CA LEU E 582 -9.53 24.72 -201.94
C LEU E 582 -10.68 25.15 -202.85
N LEU E 583 -11.87 25.36 -202.29
CA LEU E 583 -13.06 25.56 -203.11
C LEU E 583 -12.94 26.82 -203.98
N GLN E 584 -12.47 27.93 -203.41
CA GLN E 584 -12.39 29.15 -204.19
C GLN E 584 -11.17 29.19 -205.11
N GLY E 585 -10.24 28.27 -204.96
CA GLY E 585 -9.05 28.24 -205.79
C GLY E 585 -9.32 27.83 -207.23
N MET F 1 -30.06 19.09 -142.00
CA MET F 1 -28.94 19.98 -141.73
C MET F 1 -28.42 20.61 -143.01
N ALA F 2 -27.86 19.78 -143.89
CA ALA F 2 -27.31 20.29 -145.14
C ALA F 2 -28.39 20.95 -146.00
N GLN F 3 -29.63 20.49 -145.87
CA GLN F 3 -30.70 20.96 -146.75
C GLN F 3 -31.41 22.21 -146.24
N VAL F 4 -31.35 22.49 -144.94
CA VAL F 4 -32.11 23.59 -144.34
C VAL F 4 -31.17 24.43 -143.48
N ILE F 5 -31.36 25.74 -143.49
CA ILE F 5 -30.62 26.65 -142.61
C ILE F 5 -31.51 27.53 -141.77
N ASN F 6 -32.79 27.66 -142.08
CA ASN F 6 -33.65 28.57 -141.33
C ASN F 6 -33.97 28.02 -139.94
N THR F 7 -33.92 26.71 -139.75
CA THR F 7 -34.20 26.09 -138.47
C THR F 7 -33.08 25.12 -138.13
N ASN F 8 -33.03 24.72 -136.86
CA ASN F 8 -32.12 23.67 -136.41
C ASN F 8 -32.91 22.76 -135.48
N SER F 9 -33.40 21.65 -136.05
CA SER F 9 -34.10 20.65 -135.25
C SER F 9 -33.20 20.12 -134.14
N LEU F 10 -31.93 19.90 -134.45
CA LEU F 10 -30.99 19.41 -133.43
C LEU F 10 -30.84 20.40 -132.30
N SER F 11 -30.71 21.70 -132.63
CA SER F 11 -30.58 22.71 -131.60
C SER F 11 -31.83 22.76 -130.73
N LEU F 12 -33.01 22.70 -131.35
CA LEU F 12 -34.25 22.75 -130.56
C LEU F 12 -34.35 21.56 -129.62
N ILE F 13 -34.03 20.36 -130.10
CA ILE F 13 -34.10 19.17 -129.25
C ILE F 13 -33.10 19.27 -128.10
N THR F 14 -31.88 19.74 -128.40
CA THR F 14 -30.88 19.89 -127.36
C THR F 14 -31.32 20.90 -126.31
N GLN F 15 -31.93 22.00 -126.75
CA GLN F 15 -32.40 23.00 -125.78
C GLN F 15 -33.49 22.43 -124.89
N ASN F 16 -34.41 21.66 -125.48
CA ASN F 16 -35.45 21.03 -124.67
C ASN F 16 -34.85 20.11 -123.62
N ASN F 17 -33.88 19.29 -124.02
CA ASN F 17 -33.26 18.36 -123.08
C ASN F 17 -32.50 19.10 -122.00
N ILE F 18 -31.83 20.20 -122.36
CA ILE F 18 -31.11 20.99 -121.38
C ILE F 18 -32.05 21.55 -120.33
N ASN F 19 -33.20 22.08 -120.78
CA ASN F 19 -34.17 22.62 -119.82
C ASN F 19 -34.71 21.51 -118.91
N LYS F 20 -34.99 20.34 -119.49
CA LYS F 20 -35.50 19.23 -118.69
C LYS F 20 -34.50 18.84 -117.61
N ASN F 21 -33.21 18.81 -117.94
CA ASN F 21 -32.20 18.55 -116.91
C ASN F 21 -32.08 19.69 -115.92
N GLN F 22 -32.27 20.92 -116.39
CA GLN F 22 -32.12 22.09 -115.53
C GLN F 22 -33.12 22.07 -114.39
N SER F 23 -34.34 21.62 -114.67
CA SER F 23 -35.33 21.51 -113.61
C SER F 23 -34.80 20.66 -112.44
N ALA F 24 -34.32 19.46 -112.75
CA ALA F 24 -33.83 18.57 -111.70
C ALA F 24 -32.57 19.12 -111.04
N LEU F 25 -31.71 19.79 -111.81
CA LEU F 25 -30.52 20.40 -111.22
C LEU F 25 -30.89 21.43 -110.17
N SER F 26 -31.83 22.33 -110.50
CA SER F 26 -32.26 23.34 -109.55
C SER F 26 -32.90 22.70 -108.33
N SER F 27 -33.74 21.68 -108.55
CA SER F 27 -34.37 21.01 -107.42
C SER F 27 -33.33 20.42 -106.47
N SER F 28 -32.34 19.72 -107.03
CA SER F 28 -31.32 19.09 -106.19
C SER F 28 -30.50 20.13 -105.42
N ILE F 29 -30.12 21.22 -106.10
CA ILE F 29 -29.30 22.23 -105.42
C ILE F 29 -30.09 22.87 -104.27
N GLU F 30 -31.35 23.22 -104.50
CA GLU F 30 -32.12 23.85 -103.43
C GLU F 30 -32.38 22.87 -102.29
N ARG F 31 -32.58 21.59 -102.61
CA ARG F 31 -32.77 20.59 -101.55
C ARG F 31 -31.52 20.44 -100.71
N LEU F 32 -30.35 20.43 -101.34
CA LEU F 32 -29.11 20.36 -100.58
C LEU F 32 -28.92 21.59 -99.71
N SER F 33 -29.21 22.77 -100.25
CA SER F 33 -29.04 24.00 -99.49
C SER F 33 -29.95 24.03 -98.26
N SER F 34 -31.22 23.65 -98.45
CA SER F 34 -32.18 23.73 -97.34
C SER F 34 -31.96 22.61 -96.32
N GLY F 35 -31.66 21.41 -96.78
CA GLY F 35 -31.57 20.28 -95.88
C GLY F 35 -32.90 19.65 -95.52
N LEU F 36 -33.91 19.80 -96.38
CA LEU F 36 -35.24 19.26 -96.14
C LEU F 36 -35.72 18.51 -97.37
N ARG F 37 -36.33 17.35 -97.16
CA ARG F 37 -36.84 16.57 -98.28
C ARG F 37 -38.05 17.23 -98.91
N ILE F 38 -39.02 17.65 -98.08
CA ILE F 38 -40.22 18.31 -98.55
C ILE F 38 -40.00 19.81 -98.46
N ASN F 39 -39.86 20.45 -99.61
CA ASN F 39 -39.51 21.87 -99.66
C ASN F 39 -40.50 22.58 -100.56
N SER F 40 -41.07 23.68 -100.05
CA SER F 40 -42.00 24.53 -100.78
C SER F 40 -43.23 23.78 -101.27
N ALA F 41 -43.49 22.57 -100.77
CA ALA F 41 -44.67 21.78 -101.08
C ALA F 41 -44.89 21.60 -102.58
N LYS F 42 -43.81 21.53 -103.36
CA LYS F 42 -43.91 21.23 -104.77
C LYS F 42 -44.01 19.74 -105.02
N ASP F 43 -44.33 19.00 -103.96
CA ASP F 43 -44.28 17.55 -103.92
C ASP F 43 -45.49 17.09 -103.12
N ASP F 44 -45.48 15.83 -102.68
CA ASP F 44 -46.62 15.28 -101.95
C ASP F 44 -46.97 16.16 -100.75
N ALA F 45 -48.13 16.81 -100.81
CA ALA F 45 -48.54 17.73 -99.76
C ALA F 45 -48.97 17.01 -98.48
N ALA F 46 -49.24 15.71 -98.56
CA ALA F 46 -49.49 14.95 -97.35
C ALA F 46 -48.29 15.02 -96.42
N GLY F 47 -47.08 14.92 -96.98
CA GLY F 47 -45.89 15.07 -96.17
C GLY F 47 -45.81 16.43 -95.51
N GLN F 48 -46.14 17.49 -96.24
CA GLN F 48 -46.12 18.83 -95.67
C GLN F 48 -47.10 18.94 -94.50
N ALA F 49 -48.34 18.49 -94.71
CA ALA F 49 -49.34 18.59 -93.65
C ALA F 49 -48.95 17.77 -92.43
N ILE F 50 -48.46 16.55 -92.64
CA ILE F 50 -48.09 15.70 -91.52
C ILE F 50 -46.89 16.28 -90.79
N ALA F 51 -45.95 16.87 -91.52
CA ALA F 51 -44.83 17.52 -90.87
C ALA F 51 -45.29 18.69 -90.00
N ASN F 52 -46.26 19.47 -90.49
CA ASN F 52 -46.79 20.54 -89.66
C ASN F 52 -47.45 20.00 -88.40
N ARG F 53 -48.24 18.93 -88.55
CA ARG F 53 -48.89 18.34 -87.37
C ARG F 53 -47.85 17.86 -86.36
N PHE F 54 -46.79 17.20 -86.85
CA PHE F 54 -45.76 16.71 -85.94
C PHE F 54 -45.03 17.84 -85.26
N THR F 55 -44.76 18.93 -85.98
CA THR F 55 -44.11 20.08 -85.35
C THR F 55 -44.97 20.66 -84.25
N SER F 56 -46.27 20.80 -84.52
CA SER F 56 -47.19 21.29 -83.49
C SER F 56 -47.18 20.38 -82.27
N ASN F 57 -47.25 19.06 -82.50
CA ASN F 57 -47.26 18.13 -81.38
C ASN F 57 -45.96 18.21 -80.57
N ILE F 58 -44.81 18.32 -81.25
CA ILE F 58 -43.54 18.37 -80.55
C ILE F 58 -43.45 19.60 -79.67
N LYS F 59 -43.79 20.77 -80.22
CA LYS F 59 -43.74 21.99 -79.44
C LYS F 59 -44.69 21.92 -78.24
N GLY F 60 -45.91 21.44 -78.47
CA GLY F 60 -46.86 21.31 -77.38
C GLY F 60 -46.36 20.39 -76.28
N LEU F 61 -45.79 19.25 -76.65
CA LEU F 61 -45.31 18.31 -75.65
C LEU F 61 -44.15 18.89 -74.85
N THR F 62 -43.23 19.61 -75.51
CA THR F 62 -42.13 20.22 -74.78
C THR F 62 -42.65 21.23 -73.77
N GLN F 63 -43.57 22.09 -74.18
CA GLN F 63 -44.11 23.07 -73.25
C GLN F 63 -44.87 22.39 -72.12
N ALA F 64 -45.57 21.29 -72.41
CA ALA F 64 -46.28 20.57 -71.37
C ALA F 64 -45.31 19.97 -70.36
N ALA F 65 -44.15 19.49 -70.82
CA ALA F 65 -43.12 19.02 -69.91
C ALA F 65 -42.65 20.13 -68.98
N ARG F 66 -42.45 21.33 -69.55
CA ARG F 66 -42.07 22.46 -68.70
C ARG F 66 -43.14 22.76 -67.65
N ASN F 67 -44.41 22.71 -68.06
CA ASN F 67 -45.50 22.98 -67.13
C ASN F 67 -45.51 21.96 -66.00
N ALA F 68 -45.29 20.69 -66.33
CA ALA F 68 -45.26 19.65 -65.31
C ALA F 68 -44.10 19.88 -64.34
N ASN F 69 -42.96 20.34 -64.85
CA ASN F 69 -41.85 20.69 -63.95
C ASN F 69 -42.26 21.78 -62.98
N ASP F 70 -42.97 22.80 -63.47
CA ASP F 70 -43.45 23.85 -62.57
C ASP F 70 -44.39 23.29 -61.51
N GLY F 71 -45.26 22.38 -61.90
CA GLY F 71 -46.14 21.75 -60.93
C GLY F 71 -45.39 20.99 -59.85
N ILE F 72 -44.32 20.28 -60.26
CA ILE F 72 -43.48 19.59 -59.28
C ILE F 72 -42.90 20.60 -58.30
N SER F 73 -42.46 21.75 -58.80
CA SER F 73 -41.90 22.77 -57.91
C SER F 73 -42.94 23.24 -56.90
N VAL F 74 -44.18 23.46 -57.35
CA VAL F 74 -45.24 23.89 -56.45
C VAL F 74 -45.44 22.87 -55.34
N ALA F 75 -45.50 21.59 -55.73
CA ALA F 75 -45.71 20.53 -54.75
C ALA F 75 -44.57 20.50 -53.74
N GLN F 76 -43.33 20.66 -54.20
CA GLN F 76 -42.19 20.64 -53.29
C GLN F 76 -42.28 21.75 -52.26
N THR F 77 -42.59 22.97 -52.70
CA THR F 77 -42.68 24.09 -51.76
C THR F 77 -43.76 23.85 -50.72
N THR F 78 -44.94 23.41 -51.18
CA THR F 78 -46.02 23.16 -50.24
C THR F 78 -45.63 22.08 -49.23
N GLU F 79 -44.96 21.04 -49.70
CA GLU F 79 -44.60 19.95 -48.79
C GLU F 79 -43.56 20.38 -47.76
N GLY F 80 -42.63 21.26 -48.14
CA GLY F 80 -41.72 21.81 -47.15
C GLY F 80 -42.44 22.58 -46.06
N ALA F 81 -43.39 23.42 -46.45
CA ALA F 81 -44.17 24.15 -45.45
C ALA F 81 -44.91 23.18 -44.53
N LEU F 82 -45.50 22.13 -45.11
CA LEU F 82 -46.20 21.13 -44.31
C LEU F 82 -45.26 20.45 -43.32
N SER F 83 -44.04 20.15 -43.75
CA SER F 83 -43.09 19.50 -42.85
C SER F 83 -42.78 20.38 -41.64
N GLU F 84 -42.58 21.68 -41.88
CA GLU F 84 -42.33 22.56 -40.74
C GLU F 84 -43.53 22.61 -39.80
N ILE F 85 -44.74 22.69 -40.36
CA ILE F 85 -45.92 22.70 -39.51
C ILE F 85 -46.00 21.43 -38.68
N ASN F 86 -45.65 20.28 -39.28
CA ASN F 86 -45.69 19.02 -38.56
C ASN F 86 -44.70 19.01 -37.40
N ASN F 87 -43.50 19.54 -37.62
CA ASN F 87 -42.54 19.61 -36.52
C ASN F 87 -43.08 20.46 -35.36
N ASN F 88 -43.70 21.59 -35.70
CA ASN F 88 -44.29 22.42 -34.65
C ASN F 88 -45.37 21.66 -33.88
N LEU F 89 -46.22 20.93 -34.59
CA LEU F 89 -47.28 20.19 -33.92
C LEU F 89 -46.73 19.10 -33.00
N GLN F 90 -45.66 18.43 -33.43
CA GLN F 90 -45.05 17.42 -32.57
C GLN F 90 -44.52 18.04 -31.29
N ARG F 91 -43.86 19.20 -31.41
CA ARG F 91 -43.37 19.85 -30.20
C ARG F 91 -44.51 20.27 -29.28
N ILE F 92 -45.62 20.75 -29.87
CA ILE F 92 -46.78 21.12 -29.05
C ILE F 92 -47.32 19.91 -28.31
N ARG F 93 -47.39 18.76 -28.98
CA ARG F 93 -47.89 17.57 -28.30
C ARG F 93 -46.98 17.17 -27.14
N GLU F 94 -45.66 17.25 -27.34
CA GLU F 94 -44.75 16.93 -26.25
C GLU F 94 -44.98 17.87 -25.06
N LEU F 95 -45.17 19.16 -25.35
CA LEU F 95 -45.45 20.12 -24.28
C LEU F 95 -46.75 19.78 -23.56
N THR F 96 -47.77 19.37 -24.30
CA THR F 96 -49.03 19.00 -23.66
C THR F 96 -48.85 17.80 -22.74
N VAL F 97 -48.08 16.81 -23.18
CA VAL F 97 -47.81 15.64 -22.35
C VAL F 97 -47.10 16.07 -21.08
N GLN F 98 -46.19 17.03 -21.18
CA GLN F 98 -45.54 17.54 -19.97
C GLN F 98 -46.51 18.32 -19.08
N ALA F 99 -47.47 19.02 -19.68
CA ALA F 99 -48.35 19.90 -18.91
C ALA F 99 -49.42 19.15 -18.16
N THR F 100 -49.91 18.03 -18.71
CA THR F 100 -51.04 17.34 -18.09
C THR F 100 -50.70 16.74 -16.73
N THR F 101 -49.43 16.68 -16.34
CA THR F 101 -49.05 16.12 -15.05
C THR F 101 -49.60 16.99 -13.92
N GLY F 102 -50.00 16.33 -12.83
CA GLY F 102 -50.50 17.05 -11.67
C GLY F 102 -49.44 17.63 -10.77
N THR F 103 -48.16 17.34 -11.03
CA THR F 103 -47.09 17.92 -10.24
C THR F 103 -46.90 19.40 -10.58
N ASN F 104 -47.10 19.77 -11.85
CA ASN F 104 -46.88 21.14 -12.27
C ASN F 104 -47.83 22.10 -11.56
N SER F 105 -47.32 23.27 -11.21
CA SER F 105 -48.10 24.27 -10.50
C SER F 105 -48.69 25.27 -11.48
N ASP F 106 -49.34 26.30 -10.96
CA ASP F 106 -50.04 27.27 -11.80
C ASP F 106 -49.09 28.04 -12.70
N SER F 107 -47.96 28.50 -12.15
CA SER F 107 -46.99 29.22 -12.96
C SER F 107 -46.39 28.32 -14.03
N ASP F 108 -46.13 27.05 -13.69
CA ASP F 108 -45.61 26.12 -14.67
C ASP F 108 -46.59 25.92 -15.82
N LEU F 109 -47.88 25.75 -15.50
CA LEU F 109 -48.89 25.62 -16.53
C LEU F 109 -48.98 26.89 -17.37
N ASP F 110 -48.85 28.05 -16.73
CA ASP F 110 -48.89 29.32 -17.47
C ASP F 110 -47.75 29.40 -18.47
N SER F 111 -46.54 29.04 -18.04
CA SER F 111 -45.39 29.09 -18.95
C SER F 111 -45.56 28.11 -20.11
N ILE F 112 -46.03 26.89 -19.82
CA ILE F 112 -46.21 25.91 -20.87
C ILE F 112 -47.26 26.39 -21.86
N GLN F 113 -48.35 26.99 -21.37
CA GLN F 113 -49.37 27.50 -22.27
C GLN F 113 -48.86 28.68 -23.08
N ASP F 114 -47.96 29.48 -22.51
CA ASP F 114 -47.33 30.56 -23.28
C ASP F 114 -46.55 29.99 -24.45
N GLU F 115 -45.76 28.94 -24.19
CA GLU F 115 -45.00 28.32 -25.27
C GLU F 115 -45.93 27.73 -26.33
N ILE F 116 -47.02 27.09 -25.89
CA ILE F 116 -47.98 26.51 -26.82
C ILE F 116 -48.61 27.59 -27.70
N LYS F 117 -48.97 28.72 -27.08
CA LYS F 117 -49.53 29.82 -27.87
C LYS F 117 -48.53 30.35 -28.88
N SER F 118 -47.26 30.45 -28.49
CA SER F 118 -46.24 30.89 -29.43
C SER F 118 -46.16 29.96 -30.63
N ARG F 119 -46.15 28.65 -30.38
CA ARG F 119 -46.01 27.72 -31.50
C ARG F 119 -47.26 27.66 -32.36
N LEU F 120 -48.44 27.83 -31.77
CA LEU F 120 -49.66 27.96 -32.58
C LEU F 120 -49.58 29.20 -33.45
N ASP F 121 -49.05 30.29 -32.91
CA ASP F 121 -48.87 31.50 -33.70
C ASP F 121 -47.93 31.26 -34.87
N GLU F 122 -46.85 30.50 -34.64
CA GLU F 122 -45.98 30.12 -35.76
C GLU F 122 -46.71 29.29 -36.81
N ILE F 123 -47.54 28.34 -36.38
CA ILE F 123 -48.27 27.54 -37.35
C ILE F 123 -49.15 28.44 -38.22
N ASP F 124 -49.90 29.34 -37.58
CA ASP F 124 -50.76 30.25 -38.33
C ASP F 124 -49.94 31.15 -39.24
N ARG F 125 -48.81 31.68 -38.76
CA ARG F 125 -48.00 32.59 -39.55
C ARG F 125 -47.44 31.90 -40.79
N VAL F 126 -46.87 30.71 -40.60
CA VAL F 126 -46.30 29.99 -41.74
C VAL F 126 -47.38 29.66 -42.75
N SER F 127 -48.53 29.19 -42.28
CA SER F 127 -49.62 28.85 -43.20
C SER F 127 -50.08 30.08 -43.97
N GLY F 128 -50.23 31.21 -43.29
CA GLY F 128 -50.71 32.40 -43.97
C GLY F 128 -49.71 32.97 -44.96
N GLN F 129 -48.43 32.96 -44.62
CA GLN F 129 -47.44 33.71 -45.39
C GLN F 129 -46.65 32.85 -46.38
N THR F 130 -46.80 31.53 -46.36
CA THR F 130 -46.14 30.72 -47.38
C THR F 130 -46.75 31.01 -48.74
N GLN F 131 -45.91 31.38 -49.70
CA GLN F 131 -46.36 31.89 -50.97
C GLN F 131 -45.49 31.33 -52.09
N PHE F 132 -46.12 31.02 -53.22
CA PHE F 132 -45.43 30.59 -54.42
C PHE F 132 -45.99 31.36 -55.61
N ASN F 133 -45.16 32.15 -56.26
CA ASN F 133 -45.54 32.90 -57.46
C ASN F 133 -46.77 33.76 -57.21
N GLY F 134 -46.81 34.41 -56.05
CA GLY F 134 -47.91 35.27 -55.71
C GLY F 134 -49.19 34.56 -55.30
N VAL F 135 -49.15 33.26 -55.10
CA VAL F 135 -50.32 32.47 -54.73
C VAL F 135 -50.08 31.86 -53.36
N ASN F 136 -51.01 32.09 -52.44
CA ASN F 136 -50.92 31.50 -51.10
C ASN F 136 -51.47 30.08 -51.17
N VAL F 137 -50.56 29.10 -51.22
CA VAL F 137 -50.98 27.72 -51.43
C VAL F 137 -51.77 27.19 -50.24
N LEU F 138 -51.41 27.62 -49.03
CA LEU F 138 -52.00 27.09 -47.82
C LEU F 138 -53.11 27.96 -47.24
N ALA F 139 -53.53 29.00 -47.95
CA ALA F 139 -54.57 29.89 -47.45
C ALA F 139 -55.92 29.68 -48.11
N LYS F 140 -55.98 28.89 -49.19
CA LYS F 140 -57.22 28.65 -49.91
C LYS F 140 -57.50 27.16 -49.95
N ASP F 141 -58.73 26.82 -50.36
CA ASP F 141 -59.18 25.44 -50.45
C ASP F 141 -59.43 25.00 -51.89
N GLY F 142 -58.77 25.62 -52.85
CA GLY F 142 -59.03 25.38 -54.25
C GLY F 142 -58.18 24.27 -54.85
N SER F 143 -58.04 24.33 -56.16
CA SER F 143 -57.23 23.35 -56.90
C SER F 143 -56.58 24.04 -58.09
N MET F 144 -55.43 23.51 -58.48
CA MET F 144 -54.67 24.03 -59.61
C MET F 144 -54.64 23.00 -60.73
N LYS F 145 -54.97 23.43 -61.93
CA LYS F 145 -54.98 22.56 -63.10
C LYS F 145 -53.73 22.80 -63.91
N ILE F 146 -52.98 21.73 -64.18
CA ILE F 146 -51.70 21.81 -64.87
C ILE F 146 -51.87 21.16 -66.24
N GLN F 147 -51.52 21.90 -67.28
CA GLN F 147 -51.57 21.36 -68.63
C GLN F 147 -50.43 20.38 -68.82
N VAL F 148 -50.77 19.13 -69.10
CA VAL F 148 -49.77 18.09 -69.30
C VAL F 148 -49.77 17.53 -70.71
N GLY F 149 -50.87 17.62 -71.45
CA GLY F 149 -50.90 17.22 -72.84
C GLY F 149 -50.86 18.43 -73.77
N ALA F 150 -50.89 18.13 -75.06
CA ALA F 150 -50.88 19.17 -76.09
C ALA F 150 -52.27 19.51 -76.61
N ASN F 151 -53.31 18.83 -76.14
CA ASN F 151 -54.67 19.07 -76.59
C ASN F 151 -55.52 19.62 -75.45
N ASP F 152 -56.79 19.87 -75.76
CA ASP F 152 -57.71 20.45 -74.77
C ASP F 152 -58.05 19.44 -73.68
N GLY F 153 -58.15 19.94 -72.45
CA GLY F 153 -58.65 19.15 -71.36
C GLY F 153 -57.71 18.09 -70.84
N GLU F 154 -56.46 18.07 -71.29
CA GLU F 154 -55.50 17.05 -70.86
C GLU F 154 -54.69 17.62 -69.70
N THR F 155 -55.33 17.65 -68.53
CA THR F 155 -54.81 18.34 -67.37
C THR F 155 -54.71 17.40 -66.18
N ILE F 156 -53.92 17.82 -65.20
CA ILE F 156 -53.77 17.13 -63.92
C ILE F 156 -54.06 18.13 -62.81
N THR F 157 -54.87 17.73 -61.84
CA THR F 157 -55.33 18.64 -60.80
C THR F 157 -54.60 18.39 -59.49
N ILE F 158 -54.11 19.46 -58.87
CA ILE F 158 -53.54 19.42 -57.54
C ILE F 158 -54.52 20.09 -56.60
N ASP F 159 -55.01 19.35 -55.61
CA ASP F 159 -55.93 19.91 -54.62
C ASP F 159 -55.14 20.53 -53.48
N LEU F 160 -55.58 21.70 -53.02
CA LEU F 160 -54.95 22.36 -51.89
C LEU F 160 -55.94 22.45 -50.75
N LYS F 161 -55.41 22.58 -49.53
CA LYS F 161 -56.23 22.63 -48.33
C LYS F 161 -55.90 23.88 -47.55
N LYS F 162 -56.93 24.49 -46.97
CA LYS F 162 -56.73 25.61 -46.05
C LYS F 162 -56.33 25.06 -44.70
N ILE F 163 -55.06 25.25 -44.33
CA ILE F 163 -54.54 24.74 -43.07
C ILE F 163 -54.19 25.93 -42.20
N ASP F 164 -54.76 25.96 -41.01
CA ASP F 164 -54.48 26.96 -39.99
C ASP F 164 -55.02 26.43 -38.67
N SER F 165 -55.11 27.29 -37.67
CA SER F 165 -55.73 26.87 -36.42
C SER F 165 -57.19 26.51 -36.63
N ASP F 166 -57.91 27.31 -37.42
CA ASP F 166 -59.36 27.14 -37.54
C ASP F 166 -59.72 25.76 -38.08
N THR F 167 -58.99 25.28 -39.09
CA THR F 167 -59.31 24.01 -39.72
C THR F 167 -58.74 22.81 -38.96
N LEU F 168 -57.94 23.04 -37.93
CA LEU F 168 -57.44 21.96 -37.09
C LEU F 168 -57.99 22.04 -35.67
N GLY F 169 -58.91 22.94 -35.40
CA GLY F 169 -59.39 23.10 -34.04
C GLY F 169 -58.37 23.88 -33.23
N LEU F 170 -58.08 23.39 -32.03
CA LEU F 170 -56.97 23.93 -31.25
C LEU F 170 -57.12 25.41 -30.94
N ASN F 171 -58.27 26.00 -31.26
CA ASN F 171 -58.45 27.44 -31.11
C ASN F 171 -58.24 27.88 -29.67
N GLY F 172 -59.11 27.43 -28.77
CA GLY F 172 -58.91 27.67 -27.36
C GLY F 172 -58.21 26.49 -26.72
N PHE F 173 -56.93 26.29 -27.02
CA PHE F 173 -56.23 25.12 -26.50
C PHE F 173 -56.21 25.12 -24.98
N ASN F 174 -55.93 26.27 -24.36
CA ASN F 174 -56.31 26.52 -22.98
C ASN F 174 -55.74 25.47 -22.02
N VAL F 175 -54.46 25.16 -22.15
CA VAL F 175 -53.86 24.16 -21.26
C VAL F 175 -53.95 24.63 -19.81
N ASN F 176 -53.67 25.90 -19.56
CA ASN F 176 -53.77 26.45 -18.21
C ASN F 176 -55.17 26.96 -17.87
N GLY F 177 -56.08 27.00 -18.84
CA GLY F 177 -57.44 27.41 -18.58
C GLY F 177 -57.74 28.88 -18.72
N LYS F 178 -56.93 29.63 -19.48
CA LYS F 178 -57.14 31.04 -19.69
C LYS F 178 -57.03 31.34 -21.18
N GLY F 179 -58.16 31.65 -21.81
CA GLY F 179 -58.15 31.85 -23.25
C GLY F 179 -59.47 32.42 -23.72
N THR F 180 -59.60 32.52 -25.04
CA THR F 180 -60.75 33.15 -25.68
C THR F 180 -61.49 32.15 -26.55
N ILE F 181 -62.74 32.49 -26.88
CA ILE F 181 -63.58 31.61 -27.68
C ILE F 181 -64.11 32.32 -28.92
N THR F 182 -64.23 33.66 -28.85
CA THR F 182 -64.86 34.45 -29.90
C THR F 182 -66.23 33.86 -30.28
N ASN F 183 -67.12 33.92 -29.28
CA ASN F 183 -68.30 33.05 -29.20
C ASN F 183 -69.11 32.86 -30.48
N LYS F 184 -69.75 33.90 -31.01
CA LYS F 184 -70.71 33.71 -32.10
C LYS F 184 -71.26 35.08 -32.49
N ALA F 185 -72.01 35.10 -33.59
CA ALA F 185 -72.78 36.27 -34.01
C ALA F 185 -74.27 35.93 -33.97
N ALA F 186 -75.06 36.81 -33.38
CA ALA F 186 -76.47 36.53 -33.16
C ALA F 186 -77.25 36.58 -34.47
N THR F 187 -78.51 36.11 -34.41
CA THR F 187 -79.39 36.12 -35.55
C THR F 187 -80.83 36.31 -35.08
N VAL F 188 -81.74 36.44 -36.05
CA VAL F 188 -83.14 36.70 -35.73
C VAL F 188 -83.76 35.52 -34.99
N SER F 189 -83.35 34.30 -35.34
CA SER F 189 -83.84 33.14 -34.60
C SER F 189 -83.40 33.19 -33.15
N ASP F 190 -82.15 33.60 -32.91
CA ASP F 190 -81.68 33.77 -31.54
C ASP F 190 -82.47 34.84 -30.81
N LEU F 191 -82.79 35.94 -31.50
CA LEU F 191 -83.59 36.99 -30.87
C LEU F 191 -84.97 36.48 -30.49
N THR F 192 -85.63 35.76 -31.40
CA THR F 192 -86.94 35.21 -31.10
C THR F 192 -86.89 34.21 -29.95
N SER F 193 -85.84 33.38 -29.92
CA SER F 193 -85.67 32.46 -28.81
C SER F 193 -85.51 33.21 -27.49
N ALA F 194 -84.72 34.28 -27.50
CA ALA F 194 -84.58 35.12 -26.31
C ALA F 194 -85.86 35.84 -25.95
N GLY F 195 -86.79 35.97 -26.90
CA GLY F 195 -88.10 36.52 -26.60
C GLY F 195 -88.36 37.93 -27.12
N ALA F 196 -87.48 38.46 -27.97
CA ALA F 196 -87.70 39.79 -28.52
C ALA F 196 -88.93 39.79 -29.41
N LYS F 197 -89.65 40.91 -29.40
CA LYS F 197 -90.87 41.09 -30.19
C LYS F 197 -90.61 42.03 -31.34
N LEU F 198 -91.14 41.69 -32.51
CA LEU F 198 -91.02 42.56 -33.67
C LEU F 198 -92.00 43.72 -33.54
N ASN F 199 -91.52 44.93 -33.77
CA ASN F 199 -92.35 46.13 -33.72
C ASN F 199 -92.88 46.38 -35.13
N THR F 200 -94.20 46.26 -35.29
CA THR F 200 -94.80 46.33 -36.62
C THR F 200 -94.62 47.71 -37.25
N THR F 201 -94.76 48.78 -36.45
CA THR F 201 -94.71 50.12 -37.01
C THR F 201 -93.31 50.50 -37.48
N THR F 202 -92.28 50.01 -36.81
CA THR F 202 -90.91 50.40 -37.12
C THR F 202 -90.09 49.30 -37.78
N GLY F 203 -90.47 48.03 -37.61
CA GLY F 203 -89.73 46.94 -38.19
C GLY F 203 -88.56 46.44 -37.38
N LEU F 204 -88.25 47.09 -36.27
CA LEU F 204 -87.15 46.66 -35.42
C LEU F 204 -87.56 45.49 -34.54
N TYR F 205 -86.59 44.92 -33.84
CA TYR F 205 -86.83 43.90 -32.83
C TYR F 205 -86.51 44.48 -31.46
N ASP F 206 -87.51 44.54 -30.59
CA ASP F 206 -87.36 45.10 -29.26
C ASP F 206 -87.32 43.98 -28.24
N LEU F 207 -86.29 43.98 -27.40
CA LEU F 207 -86.14 43.01 -26.32
C LEU F 207 -86.41 43.71 -25.00
N LYS F 208 -87.37 43.20 -24.24
CA LYS F 208 -87.75 43.78 -22.96
C LYS F 208 -87.36 42.84 -21.83
N THR F 209 -86.64 43.36 -20.85
CA THR F 209 -86.23 42.61 -19.68
C THR F 209 -86.89 43.19 -18.44
N GLU F 210 -87.49 42.33 -17.64
CA GLU F 210 -88.19 42.77 -16.43
C GLU F 210 -87.23 42.84 -15.25
N ASN F 211 -87.65 43.59 -14.24
CA ASN F 211 -86.84 43.86 -13.06
C ASN F 211 -87.67 43.58 -11.82
N THR F 212 -87.15 42.74 -10.92
CA THR F 212 -87.89 42.35 -9.73
C THR F 212 -87.85 43.45 -8.68
N LEU F 213 -88.99 43.73 -8.07
CA LEU F 213 -89.06 44.74 -7.02
C LEU F 213 -88.23 44.31 -5.81
N LEU F 214 -87.76 45.30 -5.06
CA LEU F 214 -86.92 45.04 -3.90
C LEU F 214 -87.67 44.21 -2.87
N THR F 215 -87.01 43.17 -2.37
CA THR F 215 -87.58 42.27 -1.38
C THR F 215 -86.87 42.42 -0.05
N THR F 216 -87.53 41.90 0.99
CA THR F 216 -86.99 42.01 2.35
C THR F 216 -85.67 41.24 2.47
N ASP F 217 -85.58 40.07 1.83
CA ASP F 217 -84.35 39.29 1.90
C ASP F 217 -83.19 40.04 1.26
N ALA F 218 -83.40 40.63 0.09
CA ALA F 218 -82.34 41.40 -0.55
C ALA F 218 -81.96 42.62 0.27
N ALA F 219 -82.97 43.29 0.84
CA ALA F 219 -82.68 44.44 1.70
C ALA F 219 -81.84 44.04 2.90
N PHE F 220 -82.17 42.91 3.52
CA PHE F 220 -81.41 42.44 4.67
C PHE F 220 -80.00 42.05 4.26
N ASP F 221 -79.84 41.44 3.08
CA ASP F 221 -78.50 41.12 2.60
C ASP F 221 -77.68 42.38 2.39
N LYS F 222 -78.29 43.43 1.86
CA LYS F 222 -77.59 44.69 1.64
C LYS F 222 -77.52 45.56 2.89
N LEU F 223 -78.11 45.13 4.01
CA LEU F 223 -78.05 45.91 5.23
C LEU F 223 -76.60 46.08 5.68
N GLY F 224 -76.28 47.27 6.18
CA GLY F 224 -74.95 47.59 6.64
C GLY F 224 -74.98 48.08 8.08
N ASN F 225 -73.78 48.41 8.57
CA ASN F 225 -73.65 48.90 9.93
C ASN F 225 -74.32 50.26 10.08
N GLY F 226 -75.06 50.43 11.19
CA GLY F 226 -75.76 51.66 11.46
C GLY F 226 -77.09 51.82 10.75
N ASP F 227 -77.56 50.80 10.05
CA ASP F 227 -78.83 50.89 9.35
C ASP F 227 -79.99 50.89 10.33
N LYS F 228 -81.05 51.60 9.97
CA LYS F 228 -82.22 51.78 10.84
C LYS F 228 -83.45 51.19 10.16
N VAL F 229 -84.15 50.33 10.89
CA VAL F 229 -85.35 49.66 10.37
C VAL F 229 -86.52 50.03 11.27
N THR F 230 -87.59 50.54 10.67
CA THR F 230 -88.78 50.97 11.39
C THR F 230 -89.95 50.10 10.96
N VAL F 231 -90.35 49.16 11.83
CA VAL F 231 -91.51 48.33 11.61
C VAL F 231 -92.40 48.40 12.85
N GLY F 232 -93.70 48.60 12.65
CA GLY F 232 -94.62 48.69 13.77
C GLY F 232 -94.40 49.89 14.66
N GLY F 233 -93.72 50.92 14.17
CA GLY F 233 -93.48 52.12 14.93
C GLY F 233 -92.31 52.07 15.89
N VAL F 234 -91.53 50.98 15.89
CA VAL F 234 -90.38 50.84 16.77
C VAL F 234 -89.12 50.75 15.91
N ASP F 235 -88.08 51.47 16.30
CA ASP F 235 -86.87 51.59 15.50
C ASP F 235 -85.81 50.61 16.00
N TYR F 236 -85.20 49.89 15.06
CA TYR F 236 -84.14 48.92 15.35
C TYR F 236 -82.89 49.37 14.62
N THR F 237 -81.73 49.22 15.26
CA THR F 237 -80.45 49.55 14.64
C THR F 237 -79.69 48.26 14.39
N TYR F 238 -79.34 48.01 13.13
CA TYR F 238 -78.61 46.81 12.77
C TYR F 238 -77.16 46.90 13.22
N ASN F 239 -76.63 45.80 13.75
CA ASN F 239 -75.24 45.70 14.15
C ASN F 239 -74.61 44.55 13.38
N ALA F 240 -73.61 44.87 12.56
CA ALA F 240 -72.91 43.87 11.78
C ALA F 240 -71.87 43.11 12.61
N LYS F 241 -71.37 43.73 13.68
CA LYS F 241 -70.40 43.05 14.53
C LYS F 241 -71.00 41.80 15.14
N SER F 242 -72.21 41.90 15.68
CA SER F 242 -72.94 40.75 16.17
C SER F 242 -74.06 40.31 15.22
N GLY F 243 -74.33 41.09 14.17
CA GLY F 243 -75.33 40.72 13.19
C GLY F 243 -76.74 40.61 13.75
N ASP F 244 -77.18 41.61 14.51
CA ASP F 244 -78.49 41.56 15.13
C ASP F 244 -78.98 42.99 15.36
N PHE F 245 -80.27 43.12 15.64
CA PHE F 245 -80.86 44.45 15.81
C PHE F 245 -80.88 44.83 17.28
N THR F 246 -80.32 46.00 17.58
CA THR F 246 -80.37 46.56 18.93
C THR F 246 -81.50 47.59 19.00
N THR F 247 -82.19 47.59 20.13
CA THR F 247 -83.35 48.44 20.34
C THR F 247 -83.20 49.17 21.67
N THR F 248 -83.85 50.32 21.78
CA THR F 248 -83.97 51.04 23.04
C THR F 248 -85.43 51.02 23.46
N LYS F 249 -85.72 50.35 24.58
CA LYS F 249 -87.09 50.20 25.06
C LYS F 249 -87.26 50.94 26.37
N SER F 250 -88.19 51.88 26.39
CA SER F 250 -88.60 52.50 27.65
C SER F 250 -89.58 51.57 28.37
N THR F 251 -89.72 51.79 29.67
CA THR F 251 -90.63 50.99 30.48
C THR F 251 -92.06 51.11 29.97
N ALA F 252 -92.64 52.28 30.11
CA ALA F 252 -94.05 52.51 29.76
C ALA F 252 -94.32 54.00 29.83
N GLY F 253 -95.59 54.37 29.75
CA GLY F 253 -96.02 55.74 29.81
C GLY F 253 -96.64 56.22 28.51
N THR F 254 -97.96 56.24 28.47
CA THR F 254 -98.72 56.71 27.31
C THR F 254 -99.73 57.79 27.66
N GLY F 255 -100.36 57.71 28.82
CA GLY F 255 -101.27 58.75 29.24
C GLY F 255 -100.54 60.03 29.58
N VAL F 256 -101.27 61.15 29.47
CA VAL F 256 -100.69 62.47 29.71
C VAL F 256 -100.95 63.00 31.11
N ASP F 257 -101.77 62.33 31.90
CA ASP F 257 -102.10 62.77 33.25
C ASP F 257 -101.88 61.64 34.24
N ALA F 258 -101.94 61.98 35.52
CA ALA F 258 -101.71 60.99 36.57
C ALA F 258 -102.76 59.89 36.54
N ALA F 259 -104.02 60.27 36.36
CA ALA F 259 -105.12 59.30 36.29
C ALA F 259 -105.24 58.76 34.86
N ALA F 260 -104.25 57.93 34.49
CA ALA F 260 -104.20 57.35 33.16
C ALA F 260 -103.61 55.95 33.27
N GLN F 261 -103.55 55.26 32.13
CA GLN F 261 -102.99 53.92 32.08
C GLN F 261 -101.47 53.92 32.14
N ALA F 262 -100.83 55.10 32.12
CA ALA F 262 -99.37 55.15 32.14
C ALA F 262 -98.80 54.54 33.42
N ALA F 263 -99.38 54.87 34.57
CA ALA F 263 -98.88 54.34 35.84
C ALA F 263 -99.07 52.83 35.89
N ASP F 264 -100.24 52.34 35.46
CA ASP F 264 -100.47 50.90 35.45
C ASP F 264 -99.51 50.17 34.53
N SER F 265 -99.28 50.72 33.34
CA SER F 265 -98.34 50.11 32.41
C SER F 265 -96.93 50.10 32.98
N ALA F 266 -96.53 51.20 33.62
CA ALA F 266 -95.21 51.24 34.23
C ALA F 266 -95.07 50.19 35.32
N SER F 267 -96.10 50.04 36.16
CA SER F 267 -96.05 49.06 37.23
C SER F 267 -95.96 47.64 36.67
N LYS F 268 -96.79 47.34 35.67
CA LYS F 268 -96.78 45.98 35.12
C LYS F 268 -95.49 45.69 34.37
N ARG F 269 -94.91 46.68 33.70
CA ARG F 269 -93.64 46.46 33.03
C ARG F 269 -92.51 46.28 34.03
N ASP F 270 -92.54 47.03 35.13
CA ASP F 270 -91.56 46.81 36.20
C ASP F 270 -91.69 45.40 36.75
N ALA F 271 -92.92 44.94 36.98
CA ALA F 271 -93.13 43.58 37.46
C ALA F 271 -92.63 42.55 36.45
N LEU F 272 -92.87 42.79 35.16
CA LEU F 272 -92.40 41.86 34.14
C LEU F 272 -90.88 41.80 34.11
N ALA F 273 -90.22 42.95 34.21
CA ALA F 273 -88.76 42.96 34.24
C ALA F 273 -88.23 42.22 35.47
N ALA F 274 -88.86 42.45 36.63
CA ALA F 274 -88.44 41.75 37.84
C ALA F 274 -88.61 40.24 37.70
N THR F 275 -89.73 39.81 37.10
CA THR F 275 -89.93 38.38 36.88
C THR F 275 -88.91 37.80 35.92
N LEU F 276 -88.58 38.55 34.86
CA LEU F 276 -87.53 38.10 33.95
C LEU F 276 -86.18 38.02 34.66
N HIS F 277 -85.97 38.84 35.68
CA HIS F 277 -84.75 38.79 36.48
C HIS F 277 -84.74 37.65 37.50
N ALA F 278 -85.60 36.64 37.34
CA ALA F 278 -85.65 35.56 38.32
C ALA F 278 -84.31 34.81 38.39
N ASP F 279 -83.92 34.15 37.30
CA ASP F 279 -82.70 33.37 37.22
C ASP F 279 -82.57 32.44 38.43
N VAL F 280 -83.53 31.52 38.55
CA VAL F 280 -83.60 30.64 39.70
C VAL F 280 -82.42 29.67 39.71
N GLY F 281 -82.01 29.19 38.53
CA GLY F 281 -81.00 28.14 38.48
C GLY F 281 -79.65 28.57 39.05
N LYS F 282 -79.20 29.76 38.65
CA LYS F 282 -77.87 30.22 39.06
C LYS F 282 -77.93 31.70 39.44
N SER F 283 -76.97 32.11 40.27
CA SER F 283 -76.88 33.48 40.73
C SER F 283 -76.18 34.35 39.71
N VAL F 284 -76.47 35.65 39.77
CA VAL F 284 -75.83 36.64 38.91
C VAL F 284 -75.45 37.87 39.72
N ASN F 285 -74.38 38.53 39.28
CA ASN F 285 -73.82 39.69 39.93
C ASN F 285 -74.04 40.95 39.08
N GLY F 286 -74.28 42.07 39.75
CA GLY F 286 -74.44 43.35 39.10
C GLY F 286 -74.05 44.50 40.02
N SER F 287 -74.42 45.72 39.64
CA SER F 287 -74.10 46.90 40.42
C SER F 287 -75.25 47.90 40.33
N TYR F 288 -75.57 48.50 41.47
CA TYR F 288 -76.61 49.52 41.58
C TYR F 288 -75.95 50.84 41.94
N THR F 289 -76.12 51.85 41.10
CA THR F 289 -75.43 53.13 41.27
C THR F 289 -76.45 54.24 41.37
N THR F 290 -76.33 55.06 42.42
CA THR F 290 -77.16 56.24 42.57
C THR F 290 -76.49 57.43 41.89
N LYS F 291 -76.95 58.64 42.18
CA LYS F 291 -76.42 59.82 41.51
C LYS F 291 -74.92 59.99 41.78
N ASP F 292 -74.48 59.75 43.02
CA ASP F 292 -73.09 59.95 43.39
C ASP F 292 -72.45 58.73 44.06
N GLY F 293 -73.17 57.62 44.19
CA GLY F 293 -72.61 56.45 44.85
C GLY F 293 -73.05 55.17 44.17
N THR F 294 -72.26 54.12 44.39
CA THR F 294 -72.49 52.83 43.78
C THR F 294 -72.31 51.73 44.83
N VAL F 295 -72.93 50.59 44.57
CA VAL F 295 -72.89 49.44 45.47
C VAL F 295 -72.95 48.16 44.64
N SER F 296 -72.24 47.13 45.11
CA SER F 296 -72.29 45.83 44.46
C SER F 296 -73.66 45.19 44.65
N PHE F 297 -73.88 44.11 43.92
CA PHE F 297 -75.16 43.42 43.95
C PHE F 297 -74.93 41.97 43.56
N GLU F 298 -75.47 41.02 44.33
CA GLU F 298 -75.33 39.60 44.03
C GLU F 298 -76.65 38.91 44.34
N THR F 299 -77.45 38.62 43.32
CA THR F 299 -78.73 37.97 43.52
C THR F 299 -78.64 36.51 43.14
N ASP F 300 -79.38 35.66 43.87
CA ASP F 300 -79.36 34.22 43.62
C ASP F 300 -80.58 33.75 42.85
N SER F 301 -81.78 34.02 43.36
CA SER F 301 -82.99 33.55 42.71
C SER F 301 -84.16 34.39 43.22
N ALA F 302 -85.22 34.43 42.41
CA ALA F 302 -86.47 35.12 42.75
C ALA F 302 -86.23 36.60 43.06
N GLY F 303 -85.16 37.17 42.54
CA GLY F 303 -84.85 38.57 42.79
C GLY F 303 -84.54 38.87 44.23
N ASN F 304 -83.75 38.01 44.89
CA ASN F 304 -83.37 38.22 46.28
C ASN F 304 -82.05 38.97 46.34
N ILE F 305 -82.03 40.07 47.08
CA ILE F 305 -80.87 40.94 47.15
C ILE F 305 -79.94 40.42 48.25
N THR F 306 -78.70 40.10 47.88
CA THR F 306 -77.69 39.64 48.83
C THR F 306 -76.40 40.41 48.59
N ILE F 307 -75.88 41.03 49.63
CA ILE F 307 -74.65 41.81 49.56
C ILE F 307 -73.65 41.19 50.52
N GLY F 308 -72.57 40.63 49.97
CA GLY F 308 -71.54 40.03 50.80
C GLY F 308 -72.02 38.89 51.66
N GLY F 309 -72.97 38.09 51.17
CA GLY F 309 -73.51 36.99 51.93
C GLY F 309 -74.57 37.36 52.94
N SER F 310 -74.89 38.64 53.07
CA SER F 310 -75.90 39.12 54.01
C SER F 310 -76.97 39.86 53.22
N GLN F 311 -78.23 39.55 53.50
CA GLN F 311 -79.34 40.14 52.75
C GLN F 311 -79.44 41.62 53.05
N ALA F 312 -79.49 42.44 52.00
CA ALA F 312 -79.65 43.87 52.14
C ALA F 312 -81.12 44.24 51.92
N TYR F 313 -81.42 45.52 52.06
CA TYR F 313 -82.78 46.03 51.97
C TYR F 313 -82.76 47.36 51.24
N VAL F 314 -83.92 47.73 50.70
CA VAL F 314 -84.06 48.97 49.95
C VAL F 314 -84.92 49.94 50.76
N ASP F 315 -84.56 51.22 50.70
CA ASP F 315 -85.21 52.28 51.43
C ASP F 315 -86.32 52.91 50.59
N ASP F 316 -86.89 53.99 51.11
CA ASP F 316 -87.93 54.71 50.38
C ASP F 316 -87.38 55.34 49.10
N ALA F 317 -86.18 55.91 49.17
CA ALA F 317 -85.58 56.61 48.05
C ALA F 317 -84.70 55.71 47.18
N GLY F 318 -84.88 54.39 47.27
CA GLY F 318 -84.08 53.46 46.49
C GLY F 318 -82.72 53.17 47.07
N ASN F 319 -82.38 53.73 48.23
CA ASN F 319 -81.08 53.50 48.85
C ASN F 319 -80.94 52.04 49.25
N LEU F 320 -79.75 51.49 49.07
CA LEU F 320 -79.46 50.11 49.45
C LEU F 320 -78.68 50.10 50.76
N THR F 321 -79.24 49.46 51.78
CA THR F 321 -78.62 49.40 53.09
C THR F 321 -78.69 47.99 53.62
N THR F 322 -77.60 47.55 54.26
CA THR F 322 -77.61 46.23 54.88
C THR F 322 -78.48 46.19 56.13
N ASN F 323 -78.72 47.33 56.75
CA ASN F 323 -79.51 47.43 57.97
C ASN F 323 -80.95 47.86 57.64
N ASN F 324 -81.79 47.84 58.68
CA ASN F 324 -83.18 48.25 58.56
C ASN F 324 -83.50 49.29 59.63
N ALA F 325 -84.18 50.35 59.22
CA ALA F 325 -84.69 51.37 60.13
C ALA F 325 -86.20 51.37 60.02
N GLY F 326 -86.89 51.06 61.12
CA GLY F 326 -88.33 51.00 61.10
C GLY F 326 -88.90 49.85 60.32
N SER F 327 -88.18 48.73 60.25
CA SER F 327 -88.63 47.51 59.57
C SER F 327 -88.91 47.75 58.09
N ALA F 328 -88.22 48.72 57.48
CA ALA F 328 -88.39 49.02 56.06
C ALA F 328 -87.45 48.13 55.24
N ALA F 329 -87.75 46.83 55.28
CA ALA F 329 -86.88 45.85 54.62
C ALA F 329 -87.22 45.75 53.13
N LYS F 330 -88.41 45.24 52.81
CA LYS F 330 -88.88 45.02 51.44
C LYS F 330 -87.74 44.58 50.51
N ALA F 331 -87.03 43.53 50.93
CA ALA F 331 -85.84 43.07 50.23
C ALA F 331 -86.25 42.21 49.04
N ASP F 332 -86.59 42.87 47.95
CA ASP F 332 -86.97 42.17 46.73
C ASP F 332 -86.67 43.06 45.53
N MET F 333 -86.53 42.41 44.37
CA MET F 333 -86.25 43.14 43.14
C MET F 333 -87.41 44.05 42.76
N LYS F 334 -88.65 43.57 42.95
CA LYS F 334 -89.82 44.40 42.65
C LYS F 334 -89.84 45.66 43.49
N ALA F 335 -89.61 45.50 44.80
CA ALA F 335 -89.60 46.66 45.70
C ALA F 335 -88.46 47.60 45.36
N LEU F 336 -87.29 47.05 45.04
CA LEU F 336 -86.14 47.90 44.68
C LEU F 336 -86.45 48.71 43.43
N LEU F 337 -87.01 48.06 42.40
CA LEU F 337 -87.34 48.77 41.17
C LEU F 337 -88.40 49.83 41.41
N LYS F 338 -89.43 49.52 42.21
CA LYS F 338 -90.46 50.50 42.49
C LYS F 338 -89.90 51.69 43.26
N ALA F 339 -89.03 51.43 44.24
CA ALA F 339 -88.42 52.51 45.01
C ALA F 339 -87.53 53.37 44.11
N ALA F 340 -86.79 52.75 43.19
CA ALA F 340 -85.97 53.52 42.27
C ALA F 340 -86.84 54.37 41.35
N SER F 341 -87.95 53.80 40.87
CA SER F 341 -88.83 54.55 39.97
C SER F 341 -89.47 55.74 40.69
N GLU F 342 -89.90 55.54 41.94
CA GLU F 342 -90.53 56.61 42.70
C GLU F 342 -89.51 57.53 43.38
N GLY F 343 -88.22 57.21 43.31
CA GLY F 343 -87.24 58.04 43.97
C GLY F 343 -87.06 59.38 43.30
N SER F 344 -86.57 60.34 44.08
CA SER F 344 -86.34 61.69 43.56
C SER F 344 -85.22 61.69 42.52
N ASP F 345 -84.21 60.85 42.70
CA ASP F 345 -83.05 60.82 41.81
C ASP F 345 -83.01 59.48 41.07
N GLY F 346 -82.59 59.54 39.80
CA GLY F 346 -82.49 58.34 39.00
C GLY F 346 -81.29 57.49 39.39
N ALA F 347 -81.25 56.29 38.81
CA ALA F 347 -80.22 55.31 39.12
C ALA F 347 -79.76 54.61 37.86
N SER F 348 -78.65 53.88 37.98
CA SER F 348 -78.11 53.07 36.90
C SER F 348 -77.80 51.67 37.40
N LEU F 349 -78.28 50.66 36.68
CA LEU F 349 -78.06 49.26 37.03
C LEU F 349 -77.24 48.58 35.94
N THR F 350 -76.17 47.91 36.35
CA THR F 350 -75.32 47.15 35.43
C THR F 350 -75.45 45.67 35.77
N PHE F 351 -75.84 44.87 34.79
CA PHE F 351 -75.96 43.42 34.96
C PHE F 351 -75.12 42.66 33.95
N ASN F 352 -75.34 41.34 33.90
CA ASN F 352 -74.64 40.52 32.91
C ASN F 352 -74.97 40.96 31.49
N GLY F 353 -76.22 41.32 31.24
CA GLY F 353 -76.62 41.77 29.92
C GLY F 353 -76.45 43.26 29.73
N THR F 354 -77.51 43.92 29.28
CA THR F 354 -77.46 45.34 29.00
C THR F 354 -77.59 46.15 30.30
N GLU F 355 -77.23 47.43 30.20
CA GLU F 355 -77.26 48.34 31.33
C GLU F 355 -78.58 49.12 31.32
N TYR F 356 -79.26 49.14 32.47
CA TYR F 356 -80.57 49.78 32.59
C TYR F 356 -80.38 51.14 33.27
N THR F 357 -81.13 52.14 32.82
CA THR F 357 -81.10 53.46 33.44
C THR F 357 -82.51 53.83 33.89
N ILE F 358 -82.67 54.05 35.19
CA ILE F 358 -83.94 54.50 35.76
C ILE F 358 -83.90 56.01 35.82
N ALA F 359 -84.77 56.66 35.06
CA ALA F 359 -84.77 58.11 34.95
C ALA F 359 -85.35 58.75 36.20
N LYS F 360 -85.04 60.03 36.37
CA LYS F 360 -85.52 60.81 37.51
C LYS F 360 -87.04 60.88 37.55
N GLY F 376 -89.58 55.55 34.95
CA GLY F 376 -89.26 54.90 33.70
C GLY F 376 -87.85 54.34 33.65
N ILE F 377 -87.69 53.23 32.94
CA ILE F 377 -86.39 52.59 32.76
C ILE F 377 -86.12 52.52 31.27
N THR F 378 -84.99 53.06 30.85
CA THR F 378 -84.52 52.97 29.47
C THR F 378 -83.41 51.94 29.40
N TYR F 379 -83.50 51.02 28.44
CA TYR F 379 -82.51 49.97 28.34
C TYR F 379 -82.41 49.46 26.91
N GLN F 380 -81.24 48.91 26.59
CA GLN F 380 -81.00 48.29 25.30
C GLN F 380 -81.47 46.84 25.32
N ALA F 381 -81.85 46.35 24.14
CA ALA F 381 -82.30 44.97 23.97
C ALA F 381 -81.84 44.46 22.62
N THR F 382 -81.74 43.15 22.50
CA THR F 382 -81.25 42.48 21.30
C THR F 382 -82.34 41.62 20.71
N VAL F 383 -82.56 41.75 19.40
CA VAL F 383 -83.49 40.92 18.66
C VAL F 383 -82.77 40.36 17.43
N SER F 384 -83.18 39.17 17.01
CA SER F 384 -82.53 38.52 15.88
C SER F 384 -82.99 39.11 14.55
N LYS F 385 -82.07 39.13 13.58
CA LYS F 385 -82.42 39.58 12.25
C LYS F 385 -83.50 38.71 11.63
N ASP F 386 -83.45 37.40 11.87
CA ASP F 386 -84.50 36.51 11.37
C ASP F 386 -85.84 36.87 12.01
N VAL F 387 -85.84 37.19 13.31
CA VAL F 387 -87.08 37.58 13.96
C VAL F 387 -87.64 38.84 13.31
N VAL F 388 -86.80 39.87 13.18
CA VAL F 388 -87.25 41.14 12.62
C VAL F 388 -87.76 40.93 11.20
N LEU F 389 -87.10 40.07 10.44
CA LEU F 389 -87.58 39.71 9.11
C LEU F 389 -88.98 39.10 9.19
N SER F 390 -89.21 38.25 10.19
CA SER F 390 -90.52 37.61 10.32
C SER F 390 -91.61 38.64 10.58
N GLU F 391 -91.38 39.59 11.49
CA GLU F 391 -92.43 40.61 11.68
C GLU F 391 -92.58 41.50 10.45
N THR F 392 -91.48 41.81 9.75
CA THR F 392 -91.60 42.67 8.59
C THR F 392 -92.42 42.01 7.48
N LYS F 393 -92.21 40.72 7.25
CA LYS F 393 -92.91 40.02 6.17
C LYS F 393 -94.17 39.31 6.64
N ALA F 394 -94.54 39.45 7.91
CA ALA F 394 -95.70 38.73 8.43
C ALA F 394 -97.00 39.19 7.77
N ALA F 395 -97.23 40.49 7.73
CA ALA F 395 -98.48 41.03 7.18
C ALA F 395 -98.16 42.33 6.46
N ALA F 396 -99.20 43.10 6.15
CA ALA F 396 -99.07 44.36 5.43
C ALA F 396 -98.55 45.44 6.38
N ALA F 397 -97.29 45.26 6.78
CA ALA F 397 -96.64 46.20 7.67
C ALA F 397 -96.09 47.40 6.90
N THR F 398 -95.81 48.46 7.64
CA THR F 398 -95.24 49.70 7.07
C THR F 398 -93.74 49.79 7.33
N SER F 399 -93.04 48.66 7.29
CA SER F 399 -91.62 48.65 7.57
C SER F 399 -90.85 49.48 6.56
N SER F 400 -89.83 50.20 7.04
CA SER F 400 -88.97 51.02 6.21
C SER F 400 -87.52 50.79 6.62
N ILE F 401 -86.63 50.75 5.64
CA ILE F 401 -85.21 50.51 5.86
C ILE F 401 -84.44 51.71 5.36
N THR F 402 -83.54 52.23 6.19
CA THR F 402 -82.67 53.34 5.81
C THR F 402 -81.28 52.81 5.55
N PHE F 403 -80.84 52.90 4.30
CA PHE F 403 -79.48 52.53 3.93
C PHE F 403 -78.59 53.75 4.10
N ASN F 404 -77.58 53.63 4.96
CA ASN F 404 -76.69 54.73 5.31
C ASN F 404 -75.26 54.27 5.09
N SER F 405 -74.52 55.03 4.28
CA SER F 405 -73.10 54.79 4.03
C SER F 405 -72.20 55.63 4.92
N GLY F 406 -72.78 56.37 5.87
CA GLY F 406 -72.04 57.31 6.68
C GLY F 406 -71.94 58.70 6.09
N VAL F 407 -72.22 58.83 4.79
CA VAL F 407 -72.24 60.11 4.12
C VAL F 407 -73.56 60.22 3.37
N LEU F 408 -73.88 59.18 2.60
CA LEU F 408 -75.04 59.14 1.74
C LEU F 408 -76.10 58.24 2.37
N SER F 409 -77.35 58.70 2.39
CA SER F 409 -78.43 57.95 3.01
C SER F 409 -79.67 57.97 2.13
N LYS F 410 -80.40 56.87 2.12
CA LYS F 410 -81.69 56.79 1.44
C LYS F 410 -82.64 55.91 2.24
N THR F 411 -83.90 56.35 2.35
CA THR F 411 -84.94 55.61 3.08
C THR F 411 -85.89 54.97 2.08
N ILE F 412 -86.11 53.66 2.22
CA ILE F 412 -86.99 52.91 1.34
C ILE F 412 -88.11 52.33 2.20
N GLY F 413 -89.35 52.65 1.83
CA GLY F 413 -90.51 52.14 2.53
C GLY F 413 -91.27 51.12 1.73
N PHE F 414 -91.23 49.86 2.15
CA PHE F 414 -91.85 48.77 1.43
C PHE F 414 -92.77 47.99 2.34
N THR F 415 -93.92 47.56 1.80
CA THR F 415 -94.95 46.88 2.57
C THR F 415 -94.95 45.40 2.17
N ALA F 416 -94.59 44.55 3.13
CA ALA F 416 -94.62 43.10 2.96
C ALA F 416 -93.85 42.66 1.70
N GLY F 417 -92.61 43.12 1.58
CA GLY F 417 -91.81 42.79 0.43
C GLY F 417 -91.63 43.93 -0.54
N GLU F 418 -92.39 43.91 -1.64
CA GLU F 418 -92.24 44.89 -2.70
C GLU F 418 -92.53 46.30 -2.19
N SER F 419 -91.81 47.27 -2.76
CA SER F 419 -91.99 48.66 -2.38
C SER F 419 -93.30 49.20 -2.94
N SER F 420 -94.06 49.91 -2.09
CA SER F 420 -95.32 50.50 -2.49
C SER F 420 -95.30 52.03 -2.37
N ASP F 421 -94.13 52.62 -2.13
CA ASP F 421 -94.00 54.06 -1.95
C ASP F 421 -93.73 54.80 -3.26
N ALA F 422 -94.17 54.25 -4.39
CA ALA F 422 -93.93 54.82 -5.71
C ALA F 422 -92.44 54.97 -6.00
N ALA F 423 -91.63 54.10 -5.41
CA ALA F 423 -90.19 54.11 -5.59
C ALA F 423 -89.78 52.92 -6.44
N LYS F 424 -88.94 53.17 -7.45
CA LYS F 424 -88.49 52.13 -8.37
C LYS F 424 -87.22 51.51 -7.81
N SER F 425 -87.40 50.57 -6.89
CA SER F 425 -86.31 49.80 -6.31
C SER F 425 -86.33 48.39 -6.92
N TYR F 426 -85.21 47.98 -7.49
CA TYR F 426 -85.14 46.70 -8.18
C TYR F 426 -83.76 46.09 -8.01
N VAL F 427 -83.67 44.79 -8.29
CA VAL F 427 -82.45 44.03 -8.00
C VAL F 427 -81.98 43.17 -9.17
N ASP F 428 -82.80 42.87 -10.17
CA ASP F 428 -82.48 41.80 -11.13
C ASP F 428 -81.24 42.09 -11.96
N ASP F 429 -80.84 43.35 -12.11
CA ASP F 429 -79.77 43.69 -13.05
C ASP F 429 -78.47 42.96 -12.73
N LYS F 430 -77.82 43.31 -11.62
CA LYS F 430 -76.64 42.61 -11.15
C LYS F 430 -76.67 42.43 -9.64
N GLY F 431 -77.84 42.50 -9.02
CA GLY F 431 -77.92 42.65 -7.59
C GLY F 431 -77.92 44.10 -7.19
N GLY F 432 -78.06 44.33 -5.89
CA GLY F 432 -78.09 45.70 -5.43
C GLY F 432 -79.40 46.39 -5.76
N ILE F 433 -79.37 47.72 -5.72
CA ILE F 433 -80.54 48.55 -5.90
C ILE F 433 -80.37 49.37 -7.17
N THR F 434 -81.43 49.49 -7.95
CA THR F 434 -81.42 50.29 -9.17
C THR F 434 -82.77 50.95 -9.34
N ASN F 435 -82.78 52.05 -10.09
CA ASN F 435 -83.98 52.83 -10.33
C ASN F 435 -84.60 52.57 -11.69
N VAL F 436 -84.13 51.55 -12.41
CA VAL F 436 -84.65 51.27 -13.74
C VAL F 436 -85.88 50.39 -13.61
N ALA F 437 -87.04 50.92 -14.03
CA ALA F 437 -88.28 50.16 -13.96
C ALA F 437 -88.32 49.07 -15.01
N ASP F 438 -87.95 49.41 -16.25
CA ASP F 438 -88.05 48.50 -17.38
C ASP F 438 -86.79 48.55 -18.20
N TYR F 439 -86.46 47.42 -18.83
CA TYR F 439 -85.26 47.26 -19.64
C TYR F 439 -85.69 46.89 -21.05
N THR F 440 -85.68 47.86 -21.96
CA THR F 440 -86.09 47.63 -23.34
C THR F 440 -85.04 48.20 -24.29
N VAL F 441 -84.57 47.38 -25.22
CA VAL F 441 -83.57 47.78 -26.21
C VAL F 441 -84.01 47.26 -27.57
N SER F 442 -83.71 48.04 -28.62
CA SER F 442 -84.17 47.76 -29.96
C SER F 442 -83.04 47.15 -30.79
N TYR F 443 -83.35 46.08 -31.51
CA TYR F 443 -82.39 45.40 -32.37
C TYR F 443 -82.87 45.49 -33.81
N SER F 444 -81.98 45.89 -34.70
CA SER F 444 -82.25 45.95 -36.13
C SER F 444 -81.56 44.77 -36.82
N VAL F 445 -82.31 44.05 -37.64
CA VAL F 445 -81.82 42.89 -38.35
C VAL F 445 -81.60 43.30 -39.80
N ASN F 446 -80.38 43.12 -40.30
CA ASN F 446 -80.07 43.45 -41.68
C ASN F 446 -80.68 42.39 -42.59
N LYS F 447 -81.45 42.84 -43.58
CA LYS F 447 -82.12 41.88 -44.47
C LYS F 447 -81.13 41.15 -45.37
N ASP F 448 -80.06 41.83 -45.79
CA ASP F 448 -79.07 41.19 -46.66
C ASP F 448 -78.09 40.36 -45.85
N ASN F 449 -77.35 41.01 -44.96
CA ASN F 449 -76.31 40.31 -44.20
C ASN F 449 -76.91 39.28 -43.25
N GLY F 450 -78.02 39.63 -42.59
CA GLY F 450 -78.58 38.80 -41.55
C GLY F 450 -78.09 39.11 -40.16
N SER F 451 -77.15 40.03 -40.01
CA SER F 451 -76.60 40.36 -38.71
C SER F 451 -77.57 41.24 -37.91
N VAL F 452 -77.41 41.21 -36.60
CA VAL F 452 -78.24 41.96 -35.66
C VAL F 452 -77.41 43.04 -35.02
N THR F 453 -77.91 44.27 -35.04
CA THR F 453 -77.21 45.41 -34.46
C THR F 453 -78.12 46.13 -33.47
N VAL F 454 -77.51 46.80 -32.51
CA VAL F 454 -78.27 47.59 -31.53
C VAL F 454 -78.61 48.94 -32.15
N ALA F 455 -79.89 49.30 -32.13
CA ALA F 455 -80.36 50.55 -32.72
C ALA F 455 -81.04 51.43 -31.67
N GLY F 456 -80.41 51.56 -30.51
CA GLY F 456 -80.94 52.38 -29.44
C GLY F 456 -81.81 51.61 -28.47
N TYR F 457 -82.33 52.33 -27.48
CA TYR F 457 -83.20 51.71 -26.49
C TYR F 457 -84.08 52.78 -25.86
N ALA F 458 -85.17 52.32 -25.24
CA ALA F 458 -86.08 53.19 -24.51
C ALA F 458 -86.38 52.55 -23.16
N SER F 459 -86.51 53.40 -22.14
CA SER F 459 -86.80 52.96 -20.79
C SER F 459 -87.91 53.80 -20.20
N ALA F 460 -88.72 53.18 -19.33
CA ALA F 460 -89.80 53.90 -18.68
C ALA F 460 -89.28 55.04 -17.83
N THR F 461 -88.23 54.79 -17.05
CA THR F 461 -87.60 55.84 -16.28
C THR F 461 -86.52 56.53 -17.11
N ASP F 462 -85.84 57.50 -16.51
CA ASP F 462 -84.79 58.22 -17.23
C ASP F 462 -83.60 57.32 -17.52
N THR F 463 -83.15 56.56 -16.52
CA THR F 463 -82.05 55.59 -16.60
C THR F 463 -80.72 56.32 -16.74
N ASN F 464 -80.78 57.64 -16.95
CA ASN F 464 -79.58 58.49 -17.04
C ASN F 464 -78.56 57.93 -18.03
N LYS F 465 -79.02 57.13 -18.98
CA LYS F 465 -78.16 56.45 -19.94
C LYS F 465 -77.09 55.61 -19.24
N ASP F 466 -77.42 55.07 -18.07
CA ASP F 466 -76.47 54.23 -17.34
C ASP F 466 -76.30 52.88 -18.00
N TYR F 467 -77.41 52.25 -18.41
CA TYR F 467 -77.38 50.98 -19.11
C TYR F 467 -77.32 51.13 -20.61
N ALA F 468 -76.78 52.23 -21.11
CA ALA F 468 -76.79 52.50 -22.53
C ALA F 468 -75.77 51.64 -23.27
N PRO F 469 -76.18 50.82 -24.23
CA PRO F 469 -75.22 50.13 -25.09
C PRO F 469 -74.91 50.94 -26.33
N ALA F 470 -73.74 50.65 -26.91
CA ALA F 470 -73.31 51.36 -28.10
C ALA F 470 -74.23 51.04 -29.27
N ILE F 471 -74.62 52.08 -30.01
CA ILE F 471 -75.51 51.92 -31.16
C ILE F 471 -74.69 51.49 -32.38
N GLY F 472 -75.22 50.53 -33.12
CA GLY F 472 -74.55 50.01 -34.30
C GLY F 472 -73.55 48.91 -34.02
N THR F 473 -73.44 48.45 -32.78
CA THR F 473 -72.51 47.37 -32.45
C THR F 473 -73.16 46.02 -32.74
N ALA F 474 -72.38 45.11 -33.33
CA ALA F 474 -72.89 43.79 -33.66
C ALA F 474 -73.31 43.06 -32.39
N VAL F 475 -74.41 42.32 -32.49
CA VAL F 475 -74.95 41.58 -31.38
C VAL F 475 -74.44 40.14 -31.43
N ASN F 476 -73.92 39.65 -30.31
CA ASN F 476 -73.32 38.33 -30.23
C ASN F 476 -74.08 37.46 -29.23
N VAL F 477 -73.99 36.15 -29.43
CA VAL F 477 -74.62 35.18 -28.54
C VAL F 477 -73.57 34.63 -27.61
N ASN F 478 -73.81 34.73 -26.30
CA ASN F 478 -72.87 34.22 -25.31
C ASN F 478 -72.79 32.70 -25.39
N SER F 479 -71.79 32.15 -24.70
CA SER F 479 -71.64 30.70 -24.65
C SER F 479 -72.86 30.06 -23.99
N ALA F 480 -73.36 30.67 -22.92
CA ALA F 480 -74.56 30.17 -22.26
C ALA F 480 -75.81 30.34 -23.13
N GLY F 481 -75.76 31.22 -24.13
CA GLY F 481 -76.89 31.45 -25.02
C GLY F 481 -77.57 32.79 -24.87
N LYS F 482 -77.04 33.69 -24.05
CA LYS F 482 -77.64 35.00 -23.85
C LYS F 482 -77.23 35.95 -24.96
N ILE F 483 -77.70 37.18 -24.86
CA ILE F 483 -77.35 38.25 -25.79
C ILE F 483 -76.32 39.14 -25.15
N THR F 484 -75.18 39.33 -25.82
CA THR F 484 -74.08 40.08 -25.25
C THR F 484 -73.27 40.70 -26.39
N THR F 485 -72.83 41.95 -26.19
CA THR F 485 -72.04 42.65 -27.18
C THR F 485 -70.55 42.29 -27.14
N GLU F 486 -70.10 41.57 -26.11
CA GLU F 486 -68.70 41.22 -26.00
C GLU F 486 -68.33 40.19 -27.06
N THR F 487 -67.20 40.42 -27.75
CA THR F 487 -66.81 39.52 -28.82
C THR F 487 -66.31 38.19 -28.29
N THR F 488 -65.47 38.22 -27.27
CA THR F 488 -64.80 37.03 -26.76
C THR F 488 -65.27 36.73 -25.34
N SER F 489 -65.51 35.46 -25.07
CA SER F 489 -65.86 34.98 -23.74
C SER F 489 -64.83 33.94 -23.30
N ALA F 490 -64.45 34.01 -22.03
CA ALA F 490 -63.43 33.11 -21.51
C ALA F 490 -63.93 31.67 -21.53
N GLY F 491 -63.00 30.75 -21.66
CA GLY F 491 -63.30 29.34 -21.75
C GLY F 491 -62.67 28.56 -20.61
N SER F 492 -62.36 27.30 -20.89
CA SER F 492 -61.81 26.40 -19.89
C SER F 492 -60.81 25.47 -20.56
N ALA F 493 -60.15 24.65 -19.76
CA ALA F 493 -59.14 23.74 -20.28
C ALA F 493 -59.78 22.71 -21.20
N THR F 494 -59.09 22.42 -22.30
CA THR F 494 -59.59 21.43 -23.25
C THR F 494 -59.63 20.05 -22.60
N THR F 495 -60.71 19.32 -22.87
CA THR F 495 -60.92 18.03 -22.21
C THR F 495 -59.94 16.97 -22.71
N ASN F 496 -59.73 16.89 -24.01
CA ASN F 496 -58.90 15.84 -24.61
C ASN F 496 -57.91 16.48 -25.57
N PRO F 497 -56.80 17.00 -25.05
CA PRO F 497 -55.86 17.70 -25.93
C PRO F 497 -55.12 16.77 -26.87
N LEU F 498 -54.74 15.59 -26.37
CA LEU F 498 -53.93 14.67 -27.17
C LEU F 498 -54.73 14.13 -28.36
N ALA F 499 -56.03 13.91 -28.17
CA ALA F 499 -56.86 13.44 -29.29
C ALA F 499 -56.93 14.49 -30.39
N ALA F 500 -57.13 15.76 -30.02
CA ALA F 500 -57.19 16.82 -31.02
C ALA F 500 -55.85 16.98 -31.73
N LEU F 501 -54.75 16.88 -30.98
CA LEU F 501 -53.44 16.97 -31.61
C LEU F 501 -53.21 15.81 -32.57
N ASP F 502 -53.66 14.61 -32.20
CA ASP F 502 -53.55 13.47 -33.10
C ASP F 502 -54.37 13.69 -34.36
N ASP F 503 -55.57 14.27 -34.23
CA ASP F 503 -56.37 14.55 -35.42
C ASP F 503 -55.67 15.56 -36.33
N ALA F 504 -55.08 16.60 -35.74
CA ALA F 504 -54.36 17.58 -36.55
C ALA F 504 -53.18 16.93 -37.27
N ILE F 505 -52.42 16.11 -36.57
CA ILE F 505 -51.28 15.44 -37.19
C ILE F 505 -51.74 14.53 -38.31
N SER F 506 -52.85 13.82 -38.11
CA SER F 506 -53.38 12.93 -39.14
C SER F 506 -53.80 13.72 -40.37
N SER F 507 -54.43 14.88 -40.18
CA SER F 507 -54.81 15.71 -41.32
C SER F 507 -53.57 16.17 -42.09
N ILE F 508 -52.54 16.59 -41.37
CA ILE F 508 -51.29 17.01 -42.02
C ILE F 508 -50.70 15.85 -42.82
N ASP F 509 -50.70 14.66 -42.22
CA ASP F 509 -50.12 13.49 -42.89
C ASP F 509 -50.90 13.14 -44.16
N LYS F 510 -52.23 13.21 -44.09
CA LYS F 510 -53.04 12.92 -45.28
C LYS F 510 -52.75 13.91 -46.39
N PHE F 511 -52.64 15.20 -46.04
CA PHE F 511 -52.31 16.20 -47.05
C PHE F 511 -50.95 15.90 -47.69
N ARG F 512 -49.96 15.57 -46.86
CA ARG F 512 -48.63 15.29 -47.39
C ARG F 512 -48.63 14.07 -48.29
N SER F 513 -49.38 13.03 -47.90
CA SER F 513 -49.45 11.83 -48.74
C SER F 513 -50.08 12.13 -50.09
N SER F 514 -51.18 12.88 -50.10
CA SER F 514 -51.81 13.23 -51.37
C SER F 514 -50.86 14.04 -52.24
N LEU F 515 -50.15 14.99 -51.63
CA LEU F 515 -49.22 15.82 -52.38
C LEU F 515 -48.10 14.98 -52.99
N GLY F 516 -47.55 14.04 -52.22
CA GLY F 516 -46.52 13.18 -52.73
C GLY F 516 -46.99 12.30 -53.88
N ALA F 517 -48.20 11.76 -53.76
CA ALA F 517 -48.75 10.95 -54.85
C ALA F 517 -48.90 11.78 -56.13
N ILE F 518 -49.41 13.00 -56.00
CA ILE F 518 -49.53 13.87 -57.16
C ILE F 518 -48.17 14.14 -57.77
N GLN F 519 -47.16 14.36 -56.94
CA GLN F 519 -45.82 14.64 -57.45
C GLN F 519 -45.26 13.43 -58.21
N ASN F 520 -45.46 12.22 -57.69
CA ASN F 520 -44.99 11.03 -58.39
C ASN F 520 -45.66 10.89 -59.75
N ARG F 521 -46.98 11.08 -59.79
CA ARG F 521 -47.67 10.94 -61.07
C ARG F 521 -47.22 12.03 -62.05
N LEU F 522 -46.91 13.22 -61.54
CA LEU F 522 -46.42 14.29 -62.41
C LEU F 522 -45.06 13.94 -63.00
N ASP F 523 -44.18 13.35 -62.19
CA ASP F 523 -42.88 12.93 -62.69
C ASP F 523 -43.02 11.85 -63.78
N SER F 524 -43.92 10.89 -63.54
CA SER F 524 -44.18 9.88 -64.57
C SER F 524 -44.69 10.52 -65.86
N ALA F 525 -45.54 11.54 -65.72
CA ALA F 525 -46.02 12.26 -66.90
C ALA F 525 -44.87 12.91 -67.63
N VAL F 526 -43.92 13.50 -66.90
CA VAL F 526 -42.77 14.13 -67.53
C VAL F 526 -41.99 13.11 -68.36
N THR F 527 -41.74 11.94 -67.76
CA THR F 527 -40.97 10.91 -68.47
C THR F 527 -41.69 10.47 -69.75
N ASN F 528 -43.00 10.23 -69.65
CA ASN F 528 -43.75 9.82 -70.84
C ASN F 528 -43.73 10.90 -71.91
N LEU F 529 -43.84 12.17 -71.50
CA LEU F 529 -43.80 13.26 -72.46
C LEU F 529 -42.46 13.30 -73.19
N ASN F 530 -41.36 13.09 -72.46
CA ASN F 530 -40.05 13.09 -73.10
C ASN F 530 -39.94 11.96 -74.12
N ASN F 531 -40.39 10.77 -73.75
CA ASN F 531 -40.31 9.65 -74.68
C ASN F 531 -41.14 9.91 -75.93
N THR F 532 -42.37 10.41 -75.76
CA THR F 532 -43.22 10.67 -76.91
C THR F 532 -42.62 11.77 -77.79
N THR F 533 -42.04 12.79 -77.18
CA THR F 533 -41.40 13.85 -77.97
C THR F 533 -40.27 13.29 -78.81
N THR F 534 -39.43 12.44 -78.22
CA THR F 534 -38.33 11.85 -78.99
C THR F 534 -38.85 11.03 -80.16
N ASN F 535 -39.86 10.19 -79.91
CA ASN F 535 -40.37 9.33 -80.97
C ASN F 535 -41.01 10.13 -82.09
N LEU F 536 -41.77 11.17 -81.74
CA LEU F 536 -42.41 11.99 -82.78
C LEU F 536 -41.39 12.80 -83.56
N SER F 537 -40.35 13.30 -82.89
CA SER F 537 -39.29 13.98 -83.62
C SER F 537 -38.61 13.03 -84.61
N GLU F 538 -38.39 11.78 -84.19
CA GLU F 538 -37.82 10.80 -85.10
C GLU F 538 -38.74 10.55 -86.30
N ALA F 539 -40.05 10.46 -86.06
CA ALA F 539 -40.98 10.25 -87.18
C ALA F 539 -40.95 11.42 -88.15
N GLN F 540 -40.91 12.64 -87.61
CA GLN F 540 -40.80 13.81 -88.49
C GLN F 540 -39.52 13.75 -89.30
N SER F 541 -38.42 13.34 -88.67
CA SER F 541 -37.16 13.19 -89.40
C SER F 541 -37.30 12.16 -90.51
N ARG F 542 -38.03 11.08 -90.25
CA ARG F 542 -38.29 10.08 -91.28
C ARG F 542 -38.97 10.72 -92.49
N ILE F 543 -40.02 11.51 -92.23
CA ILE F 543 -40.80 12.08 -93.33
C ILE F 543 -39.97 13.11 -94.09
N GLN F 544 -39.35 14.04 -93.38
CA GLN F 544 -38.57 15.13 -93.95
C GLN F 544 -37.11 14.70 -94.10
N ASP F 545 -36.21 15.68 -94.22
CA ASP F 545 -34.77 15.45 -94.11
C ASP F 545 -34.19 14.59 -95.22
N ALA F 546 -34.14 15.14 -96.43
CA ALA F 546 -33.58 14.45 -97.58
C ALA F 546 -32.19 13.90 -97.29
N ASP F 547 -31.82 12.85 -98.03
CA ASP F 547 -30.53 12.18 -97.86
C ASP F 547 -29.47 12.86 -98.73
N TYR F 548 -28.42 13.37 -98.08
CA TYR F 548 -27.36 14.05 -98.81
C TYR F 548 -26.64 13.13 -99.78
N ALA F 549 -26.53 11.83 -99.48
CA ALA F 549 -25.91 10.93 -100.44
C ALA F 549 -26.66 10.96 -101.76
N THR F 550 -27.98 10.75 -101.70
CA THR F 550 -28.79 10.74 -102.92
C THR F 550 -28.79 12.10 -103.60
N GLU F 551 -28.90 13.19 -102.81
CA GLU F 551 -28.94 14.51 -103.43
C GLU F 551 -27.60 14.87 -104.08
N VAL F 552 -26.48 14.51 -103.47
CA VAL F 552 -25.18 14.77 -104.08
C VAL F 552 -25.04 13.99 -105.37
N SER F 553 -25.43 12.71 -105.36
CA SER F 553 -25.35 11.94 -106.60
C SER F 553 -26.23 12.55 -107.68
N ASN F 554 -27.45 12.96 -107.32
CA ASN F 554 -28.37 13.55 -108.29
C ASN F 554 -27.82 14.84 -108.87
N MET F 555 -27.28 15.72 -108.01
CA MET F 555 -26.76 16.99 -108.52
C MET F 555 -25.52 16.76 -109.38
N SER F 556 -24.69 15.78 -109.05
CA SER F 556 -23.52 15.51 -109.87
C SER F 556 -23.93 15.03 -111.25
N LYS F 557 -24.85 14.07 -111.32
CA LYS F 557 -25.27 13.60 -112.63
C LYS F 557 -26.03 14.69 -113.38
N ALA F 558 -26.75 15.56 -112.67
CA ALA F 558 -27.42 16.67 -113.34
C ALA F 558 -26.42 17.64 -113.95
N GLN F 559 -25.35 17.97 -113.21
CA GLN F 559 -24.32 18.86 -113.74
C GLN F 559 -23.66 18.26 -114.97
N ILE F 560 -23.36 16.96 -114.93
CA ILE F 560 -22.72 16.35 -116.10
C ILE F 560 -23.68 16.30 -117.28
N ILE F 561 -24.96 16.02 -117.03
CA ILE F 561 -25.92 16.05 -118.13
C ILE F 561 -26.00 17.44 -118.73
N GLN F 562 -25.94 18.47 -117.88
CA GLN F 562 -25.99 19.84 -118.38
C GLN F 562 -24.76 20.17 -119.23
N GLN F 563 -23.58 19.76 -118.77
CA GLN F 563 -22.36 20.06 -119.52
C GLN F 563 -22.35 19.31 -120.84
N ALA F 564 -22.77 18.04 -120.84
CA ALA F 564 -22.87 17.28 -122.07
C ALA F 564 -23.88 17.91 -123.02
N GLY F 565 -25.01 18.38 -122.49
CA GLY F 565 -25.99 19.05 -123.31
C GLY F 565 -25.45 20.32 -123.92
N ASN F 566 -24.68 21.09 -123.15
CA ASN F 566 -24.08 22.31 -123.68
C ASN F 566 -23.08 22.00 -124.79
N SER F 567 -22.27 20.95 -124.61
CA SER F 567 -21.29 20.60 -125.64
C SER F 567 -21.98 20.14 -126.92
N VAL F 568 -22.98 19.26 -126.80
CA VAL F 568 -23.68 18.81 -128.00
C VAL F 568 -24.47 19.96 -128.60
N LEU F 569 -24.93 20.89 -127.78
CA LEU F 569 -25.60 22.09 -128.28
C LEU F 569 -24.65 22.92 -129.12
N ALA F 570 -23.40 23.06 -128.67
CA ALA F 570 -22.42 23.78 -129.46
C ALA F 570 -22.16 23.06 -130.78
N LYS F 571 -22.07 21.73 -130.73
CA LYS F 571 -21.86 20.97 -131.96
C LYS F 571 -23.02 21.10 -132.92
N ALA F 572 -24.25 21.12 -132.40
CA ALA F 572 -25.43 21.25 -133.25
C ALA F 572 -25.57 22.68 -133.78
N ASN F 573 -25.32 23.67 -132.93
CA ASN F 573 -25.29 25.07 -133.33
C ASN F 573 -24.15 25.35 -134.28
N GLN F 574 -23.22 24.41 -134.44
CA GLN F 574 -22.33 24.45 -135.58
C GLN F 574 -23.19 24.09 -136.79
N VAL F 575 -24.17 24.95 -137.07
CA VAL F 575 -25.13 24.79 -138.15
C VAL F 575 -24.35 24.86 -139.45
N PRO F 576 -24.78 24.20 -140.50
CA PRO F 576 -23.92 23.98 -141.66
C PRO F 576 -23.34 25.24 -142.28
N GLN F 577 -22.00 25.34 -142.35
CA GLN F 577 -21.39 26.20 -143.35
C GLN F 577 -21.17 25.46 -144.65
N GLN F 578 -21.50 24.18 -144.69
CA GLN F 578 -21.44 23.44 -145.94
C GLN F 578 -22.40 23.99 -146.98
N VAL F 579 -23.48 24.65 -146.56
CA VAL F 579 -24.31 25.34 -147.54
C VAL F 579 -23.51 26.44 -148.22
N LEU F 580 -22.75 27.21 -147.43
CA LEU F 580 -21.82 28.17 -148.02
C LEU F 580 -20.82 27.48 -148.91
N SER F 581 -20.33 26.32 -148.48
CA SER F 581 -19.33 25.58 -149.25
C SER F 581 -19.84 25.22 -150.64
N LEU F 582 -21.08 24.74 -150.71
CA LEU F 582 -21.71 24.51 -152.01
C LEU F 582 -21.97 25.82 -152.76
N LEU F 583 -22.18 26.91 -152.02
CA LEU F 583 -22.62 28.15 -152.67
C LEU F 583 -21.60 28.67 -153.69
N GLN F 584 -20.31 28.69 -153.32
CA GLN F 584 -19.37 29.27 -154.27
C GLN F 584 -19.01 28.33 -155.41
N GLY F 585 -19.40 27.06 -155.32
CA GLY F 585 -19.10 26.10 -156.37
C GLY F 585 -19.96 26.25 -157.60
N MET G 1 16.49 15.48 -134.77
CA MET G 1 15.08 15.84 -134.61
C MET G 1 14.49 16.34 -135.93
N ALA G 2 14.85 17.57 -136.31
CA ALA G 2 14.24 18.18 -137.49
C ALA G 2 14.50 17.36 -138.75
N GLN G 3 15.60 16.62 -138.78
CA GLN G 3 15.97 15.88 -139.99
C GLN G 3 15.41 14.46 -140.06
N VAL G 4 15.04 13.87 -138.93
CA VAL G 4 14.63 12.47 -138.89
C VAL G 4 13.32 12.34 -138.11
N ILE G 5 12.47 11.41 -138.52
CA ILE G 5 11.28 11.06 -137.75
C ILE G 5 11.18 9.57 -137.48
N ASN G 6 11.96 8.72 -138.15
CA ASN G 6 11.81 7.28 -137.96
C ASN G 6 12.30 6.84 -136.59
N THR G 7 13.24 7.57 -136.00
CA THR G 7 13.75 7.27 -134.67
C THR G 7 13.76 8.54 -133.83
N ASN G 8 13.88 8.36 -132.52
CA ASN G 8 13.98 9.49 -131.60
C ASN G 8 15.07 9.14 -130.58
N SER G 9 16.30 9.56 -130.89
CA SER G 9 17.42 9.30 -130.00
C SER G 9 17.20 9.93 -128.63
N LEU G 10 16.59 11.11 -128.61
CA LEU G 10 16.28 11.75 -127.33
C LEU G 10 15.34 10.88 -126.51
N SER G 11 14.30 10.34 -127.15
CA SER G 11 13.37 9.47 -126.44
C SER G 11 14.08 8.23 -125.91
N LEU G 12 14.95 7.63 -126.73
CA LEU G 12 15.65 6.43 -126.29
C LEU G 12 16.54 6.72 -125.09
N ILE G 13 17.28 7.82 -125.12
CA ILE G 13 18.16 8.16 -124.01
C ILE G 13 17.36 8.44 -122.74
N THR G 14 16.25 9.17 -122.89
CA THR G 14 15.41 9.44 -121.73
C THR G 14 14.84 8.16 -121.14
N GLN G 15 14.42 7.22 -122.00
CA GLN G 15 13.90 5.95 -121.50
C GLN G 15 14.98 5.18 -120.74
N ASN G 16 16.21 5.18 -121.26
CA ASN G 16 17.30 4.50 -120.56
C ASN G 16 17.51 5.11 -119.18
N ASN G 17 17.54 6.44 -119.10
CA ASN G 17 17.75 7.10 -117.81
C ASN G 17 16.60 6.80 -116.86
N ILE G 18 15.37 6.76 -117.37
CA ILE G 18 14.21 6.46 -116.54
C ILE G 18 14.34 5.07 -115.94
N ASN G 19 14.73 4.08 -116.76
CA ASN G 19 14.89 2.73 -116.24
C ASN G 19 15.99 2.66 -115.19
N LYS G 20 17.11 3.37 -115.44
CA LYS G 20 18.19 3.37 -114.47
C LYS G 20 17.74 3.93 -113.13
N ASN G 21 16.93 4.99 -113.16
CA ASN G 21 16.39 5.52 -111.90
C ASN G 21 15.37 4.56 -111.29
N GLN G 22 14.61 3.85 -112.14
CA GLN G 22 13.59 2.94 -111.65
C GLN G 22 14.19 1.84 -110.79
N SER G 23 15.36 1.34 -111.18
CA SER G 23 16.02 0.32 -110.38
C SER G 23 16.19 0.79 -108.93
N ALA G 24 16.78 1.96 -108.75
CA ALA G 24 17.04 2.48 -107.41
C ALA G 24 15.75 2.82 -106.67
N LEU G 25 14.75 3.32 -107.39
CA LEU G 25 13.47 3.61 -106.75
C LEU G 25 12.86 2.35 -106.15
N SER G 26 12.82 1.27 -106.94
CA SER G 26 12.27 0.02 -106.44
C SER G 26 13.07 -0.50 -105.26
N SER G 27 14.41 -0.43 -105.36
CA SER G 27 15.24 -0.89 -104.26
C SER G 27 14.93 -0.13 -102.98
N SER G 28 14.87 1.20 -103.06
CA SER G 28 14.62 2.01 -101.87
C SER G 28 13.25 1.72 -101.27
N ILE G 29 12.22 1.59 -102.12
CA ILE G 29 10.88 1.35 -101.60
C ILE G 29 10.81 0.00 -100.89
N GLU G 30 11.38 -1.04 -101.49
CA GLU G 30 11.32 -2.35 -100.85
C GLU G 30 12.14 -2.37 -99.57
N ARG G 31 13.27 -1.66 -99.54
CA ARG G 31 14.07 -1.59 -98.32
C ARG G 31 13.31 -0.89 -97.20
N LEU G 32 12.62 0.21 -97.53
CA LEU G 32 11.81 0.89 -96.52
C LEU G 32 10.69 -0.02 -96.00
N SER G 33 10.02 -0.73 -96.91
CA SER G 33 8.91 -1.58 -96.50
C SER G 33 9.38 -2.71 -95.59
N SER G 34 10.50 -3.35 -95.95
CA SER G 34 10.97 -4.50 -95.19
C SER G 34 11.62 -4.08 -93.88
N GLY G 35 12.35 -2.97 -93.87
CA GLY G 35 13.07 -2.57 -92.69
C GLY G 35 14.39 -3.28 -92.48
N LEU G 36 14.99 -3.78 -93.55
CA LEU G 36 16.26 -4.51 -93.47
C LEU G 36 17.23 -3.96 -94.51
N ARG G 37 18.49 -3.81 -94.12
CA ARG G 37 19.50 -3.33 -95.04
C ARG G 37 19.86 -4.40 -96.08
N ILE G 38 20.07 -5.63 -95.62
CA ILE G 38 20.42 -6.74 -96.51
C ILE G 38 19.15 -7.50 -96.84
N ASN G 39 18.71 -7.40 -98.08
CA ASN G 39 17.46 -7.99 -98.52
C ASN G 39 17.69 -8.76 -99.80
N SER G 40 17.23 -10.02 -99.83
CA SER G 40 17.24 -10.88 -101.00
C SER G 40 18.64 -11.16 -101.54
N ALA G 41 19.69 -10.86 -100.78
CA ALA G 41 21.08 -11.14 -101.16
C ALA G 41 21.46 -10.54 -102.51
N LYS G 42 20.83 -9.45 -102.91
CA LYS G 42 21.21 -8.76 -104.12
C LYS G 42 22.36 -7.80 -103.88
N ASP G 43 23.04 -8.01 -102.76
CA ASP G 43 24.09 -7.15 -102.24
C ASP G 43 25.16 -8.07 -101.66
N ASP G 44 26.07 -7.52 -100.86
CA ASP G 44 27.12 -8.33 -100.24
C ASP G 44 26.52 -9.50 -99.48
N ALA G 45 26.77 -10.73 -99.99
CA ALA G 45 26.20 -11.91 -99.37
C ALA G 45 26.92 -12.31 -98.09
N ALA G 46 28.13 -11.80 -97.88
CA ALA G 46 28.82 -12.04 -96.62
C ALA G 46 28.02 -11.49 -95.46
N GLY G 47 27.42 -10.31 -95.63
CA GLY G 47 26.58 -9.75 -94.59
C GLY G 47 25.41 -10.65 -94.25
N GLN G 48 24.76 -11.21 -95.27
CA GLN G 48 23.64 -12.11 -95.02
C GLN G 48 24.10 -13.38 -94.30
N ALA G 49 25.24 -13.94 -94.71
CA ALA G 49 25.73 -15.14 -94.04
C ALA G 49 26.06 -14.86 -92.58
N ILE G 50 26.69 -13.72 -92.31
CA ILE G 50 27.02 -13.38 -90.94
C ILE G 50 25.76 -13.11 -90.13
N ALA G 51 24.74 -12.50 -90.77
CA ALA G 51 23.47 -12.29 -90.08
C ALA G 51 22.82 -13.62 -89.72
N ASN G 52 22.89 -14.60 -90.62
CA ASN G 52 22.36 -15.93 -90.30
C ASN G 52 23.11 -16.55 -89.13
N ARG G 53 24.44 -16.44 -89.12
CA ARG G 53 25.20 -16.98 -88.01
C ARG G 53 24.80 -16.31 -86.70
N PHE G 54 24.63 -14.99 -86.73
CA PHE G 54 24.25 -14.27 -85.52
C PHE G 54 22.86 -14.67 -85.05
N THR G 55 21.92 -14.87 -85.98
CA THR G 55 20.59 -15.31 -85.61
C THR G 55 20.62 -16.67 -84.93
N SER G 56 21.40 -17.60 -85.51
CA SER G 56 21.55 -18.92 -84.91
C SER G 56 22.12 -18.81 -83.50
N ASN G 57 23.16 -18.00 -83.33
CA ASN G 57 23.78 -17.85 -82.02
C ASN G 57 22.79 -17.25 -81.02
N ILE G 58 22.02 -16.25 -81.43
CA ILE G 58 21.09 -15.60 -80.51
C ILE G 58 20.02 -16.59 -80.04
N LYS G 59 19.43 -17.32 -80.98
CA LYS G 59 18.40 -18.28 -80.59
C LYS G 59 18.98 -19.36 -79.67
N GLY G 60 20.17 -19.87 -80.01
CA GLY G 60 20.79 -20.87 -79.16
C GLY G 60 21.06 -20.37 -77.76
N LEU G 61 21.57 -19.14 -77.65
CA LEU G 61 21.89 -18.61 -76.32
C LEU G 61 20.64 -18.37 -75.50
N THR G 62 19.56 -17.89 -76.12
CA THR G 62 18.32 -17.72 -75.37
C THR G 62 17.81 -19.05 -74.84
N GLN G 63 17.80 -20.08 -75.70
CA GLN G 63 17.33 -21.37 -75.24
C GLN G 63 18.24 -21.94 -74.15
N ALA G 64 19.54 -21.68 -74.25
CA ALA G 64 20.47 -22.13 -73.22
C ALA G 64 20.18 -21.45 -71.90
N ALA G 65 19.85 -20.16 -71.94
CA ALA G 65 19.47 -19.47 -70.71
C ALA G 65 18.24 -20.12 -70.07
N ARG G 66 17.25 -20.47 -70.89
CA ARG G 66 16.08 -21.17 -70.35
C ARG G 66 16.48 -22.50 -69.70
N ASN G 67 17.36 -23.25 -70.36
CA ASN G 67 17.82 -24.52 -69.82
C ASN G 67 18.50 -24.33 -68.46
N ALA G 68 19.34 -23.30 -68.36
CA ALA G 68 20.01 -23.02 -67.09
C ALA G 68 19.01 -22.68 -65.99
N ASN G 69 17.96 -21.93 -66.35
CA ASN G 69 16.92 -21.66 -65.35
C ASN G 69 16.28 -22.94 -64.86
N ASP G 70 16.01 -23.89 -65.78
CA ASP G 70 15.47 -25.17 -65.36
C ASP G 70 16.42 -25.89 -64.40
N GLY G 71 17.71 -25.85 -64.71
CA GLY G 71 18.69 -26.46 -63.82
C GLY G 71 18.67 -25.85 -62.43
N ILE G 72 18.55 -24.52 -62.36
CA ILE G 72 18.46 -23.86 -61.06
C ILE G 72 17.25 -24.36 -60.30
N SER G 73 16.12 -24.55 -61.00
CA SER G 73 14.92 -25.07 -60.34
C SER G 73 15.18 -26.45 -59.76
N VAL G 74 15.85 -27.32 -60.53
CA VAL G 74 16.17 -28.67 -60.04
C VAL G 74 16.98 -28.58 -58.77
N ALA G 75 18.01 -27.73 -58.77
CA ALA G 75 18.87 -27.60 -57.60
C ALA G 75 18.08 -27.12 -56.39
N GLN G 76 17.18 -26.14 -56.58
CA GLN G 76 16.40 -25.63 -55.46
C GLN G 76 15.53 -26.72 -54.85
N THR G 77 14.86 -27.51 -55.68
CA THR G 77 13.99 -28.56 -55.15
C THR G 77 14.80 -29.58 -54.35
N THR G 78 15.93 -30.02 -54.92
CA THR G 78 16.76 -30.99 -54.23
C THR G 78 17.25 -30.43 -52.89
N GLU G 79 17.62 -29.15 -52.86
CA GLU G 79 18.14 -28.57 -51.64
C GLU G 79 17.07 -28.46 -50.57
N GLY G 80 15.82 -28.15 -50.95
CA GLY G 80 14.75 -28.16 -49.98
C GLY G 80 14.54 -29.53 -49.35
N ALA G 81 14.56 -30.58 -50.18
CA ALA G 81 14.44 -31.93 -49.64
C ALA G 81 15.57 -32.23 -48.67
N LEU G 82 16.80 -31.86 -49.03
CA LEU G 82 17.95 -32.07 -48.16
C LEU G 82 17.78 -31.35 -46.83
N SER G 83 17.24 -30.12 -46.87
CA SER G 83 17.05 -29.37 -45.63
C SER G 83 16.09 -30.08 -44.70
N GLU G 84 14.99 -30.61 -45.24
CA GLU G 84 14.06 -31.35 -44.38
C GLU G 84 14.72 -32.59 -43.78
N ILE G 85 15.49 -33.31 -44.59
CA ILE G 85 16.19 -34.49 -44.07
C ILE G 85 17.13 -34.08 -42.94
N ASN G 86 17.83 -32.95 -43.10
CA ASN G 86 18.75 -32.50 -42.07
C ASN G 86 18.03 -32.18 -40.77
N ASN G 87 16.87 -31.53 -40.85
CA ASN G 87 16.10 -31.26 -39.64
C ASN G 87 15.73 -32.56 -38.93
N ASN G 88 15.29 -33.56 -39.70
CA ASN G 88 14.96 -34.85 -39.09
C ASN G 88 16.18 -35.46 -38.40
N LEU G 89 17.34 -35.39 -39.03
CA LEU G 89 18.54 -35.96 -38.44
C LEU G 89 18.92 -35.26 -37.14
N GLN G 90 18.78 -33.93 -37.11
CA GLN G 90 19.06 -33.20 -35.87
C GLN G 90 18.14 -33.67 -34.74
N ARG G 91 16.85 -33.83 -35.05
CA ARG G 91 15.93 -34.28 -34.00
C ARG G 91 16.29 -35.69 -33.53
N ILE G 92 16.70 -36.55 -34.46
CA ILE G 92 17.11 -37.90 -34.07
C ILE G 92 18.31 -37.85 -33.13
N ARG G 93 19.27 -36.97 -33.42
CA ARG G 93 20.43 -36.85 -32.54
C ARG G 93 20.03 -36.40 -31.15
N GLU G 94 19.11 -35.43 -31.06
CA GLU G 94 18.63 -35.01 -29.74
C GLU G 94 18.00 -36.18 -29.00
N LEU G 95 17.20 -36.98 -29.70
CA LEU G 95 16.56 -38.13 -29.08
C LEU G 95 17.60 -39.11 -28.56
N THR G 96 18.64 -39.36 -29.35
CA THR G 96 19.71 -40.26 -28.91
C THR G 96 20.42 -39.71 -27.67
N VAL G 97 20.65 -38.41 -27.64
CA VAL G 97 21.32 -37.81 -26.49
C VAL G 97 20.51 -38.03 -25.23
N GLN G 98 19.19 -37.85 -25.30
CA GLN G 98 18.43 -38.13 -24.08
C GLN G 98 18.29 -39.61 -23.80
N ALA G 99 18.39 -40.46 -24.83
CA ALA G 99 18.20 -41.89 -24.61
C ALA G 99 19.41 -42.54 -23.96
N THR G 100 20.62 -42.06 -24.25
CA THR G 100 21.81 -42.71 -23.72
C THR G 100 21.94 -42.58 -22.21
N THR G 101 21.15 -41.74 -21.56
CA THR G 101 21.22 -41.59 -20.11
C THR G 101 20.83 -42.89 -19.42
N GLY G 102 21.52 -43.19 -18.31
CA GLY G 102 21.22 -44.38 -17.54
C GLY G 102 20.01 -44.27 -16.64
N THR G 103 19.41 -43.09 -16.53
CA THR G 103 18.20 -42.94 -15.73
C THR G 103 16.99 -43.56 -16.43
N ASN G 104 16.95 -43.50 -17.75
CA ASN G 104 15.79 -43.98 -18.49
C ASN G 104 15.59 -45.48 -18.27
N SER G 105 14.33 -45.89 -18.17
CA SER G 105 13.99 -47.28 -17.96
C SER G 105 13.72 -47.96 -19.31
N ASP G 106 13.32 -49.23 -19.26
CA ASP G 106 13.14 -50.00 -20.48
C ASP G 106 12.00 -49.45 -21.33
N SER G 107 10.88 -49.10 -20.70
CA SER G 107 9.76 -48.52 -21.45
C SER G 107 10.15 -47.17 -22.06
N ASP G 108 10.91 -46.37 -21.32
CA ASP G 108 11.36 -45.09 -21.83
C ASP G 108 12.23 -45.28 -23.07
N LEU G 109 13.17 -46.22 -23.00
CA LEU G 109 14.00 -46.51 -24.16
C LEU G 109 13.17 -47.02 -25.32
N ASP G 110 12.15 -47.84 -25.04
CA ASP G 110 11.29 -48.35 -26.10
C ASP G 110 10.56 -47.21 -26.80
N SER G 111 10.03 -46.26 -26.02
CA SER G 111 9.33 -45.13 -26.62
C SER G 111 10.28 -44.26 -27.45
N ILE G 112 11.47 -44.00 -26.93
CA ILE G 112 12.43 -43.19 -27.67
C ILE G 112 12.81 -43.88 -28.97
N GLN G 113 13.02 -45.20 -28.93
CA GLN G 113 13.36 -45.93 -30.13
C GLN G 113 12.20 -45.93 -31.12
N ASP G 114 10.96 -45.96 -30.62
CA ASP G 114 9.81 -45.84 -31.51
C ASP G 114 9.83 -44.52 -32.26
N GLU G 115 10.11 -43.42 -31.54
CA GLU G 115 10.19 -42.13 -32.19
C GLU G 115 11.32 -42.08 -33.21
N ILE G 116 12.47 -42.65 -32.86
CA ILE G 116 13.62 -42.64 -33.77
C ILE G 116 13.30 -43.44 -35.03
N LYS G 117 12.64 -44.59 -34.87
CA LYS G 117 12.27 -45.39 -36.03
C LYS G 117 11.28 -44.64 -36.91
N SER G 118 10.33 -43.93 -36.30
CA SER G 118 9.40 -43.13 -37.09
C SER G 118 10.13 -42.09 -37.91
N ARG G 119 11.10 -41.40 -37.30
CA ARG G 119 11.78 -40.35 -38.05
C ARG G 119 12.71 -40.92 -39.12
N LEU G 120 13.32 -42.07 -38.87
CA LEU G 120 14.09 -42.73 -39.93
C LEU G 120 13.19 -43.12 -41.09
N ASP G 121 11.99 -43.62 -40.79
CA ASP G 121 11.03 -43.93 -41.84
C ASP G 121 10.67 -42.69 -42.62
N GLU G 122 10.52 -41.54 -41.94
CA GLU G 122 10.26 -40.29 -42.65
C GLU G 122 11.41 -39.91 -43.57
N ILE G 123 12.65 -40.08 -43.11
CA ILE G 123 13.80 -39.77 -43.97
C ILE G 123 13.75 -40.64 -45.23
N ASP G 124 13.53 -41.94 -45.04
CA ASP G 124 13.46 -42.84 -46.19
C ASP G 124 12.32 -42.46 -47.12
N ARG G 125 11.15 -42.12 -46.56
CA ARG G 125 9.99 -41.78 -47.38
C ARG G 125 10.26 -40.53 -48.21
N VAL G 126 10.78 -39.49 -47.57
CA VAL G 126 11.04 -38.24 -48.29
C VAL G 126 12.07 -38.47 -49.39
N SER G 127 13.14 -39.21 -49.07
CA SER G 127 14.17 -39.47 -50.06
C SER G 127 13.61 -40.24 -51.25
N GLY G 128 12.79 -41.26 -50.99
CA GLY G 128 12.24 -42.05 -52.06
C GLY G 128 11.25 -41.30 -52.93
N GLN G 129 10.40 -40.47 -52.30
CA GLN G 129 9.26 -39.89 -53.00
C GLN G 129 9.48 -38.47 -53.50
N THR G 130 10.61 -37.83 -53.15
CA THR G 130 10.90 -36.54 -53.74
C THR G 130 11.13 -36.69 -55.24
N GLN G 131 10.35 -35.95 -56.04
CA GLN G 131 10.35 -36.14 -57.48
C GLN G 131 10.30 -34.78 -58.17
N PHE G 132 11.03 -34.66 -59.27
CA PHE G 132 11.01 -33.47 -60.11
C PHE G 132 10.90 -33.92 -61.56
N ASN G 133 9.78 -33.54 -62.20
CA ASN G 133 9.55 -33.84 -63.62
C ASN G 133 9.70 -35.33 -63.92
N GLY G 134 9.17 -36.15 -63.03
CA GLY G 134 9.22 -37.59 -63.23
C GLY G 134 10.56 -38.24 -62.94
N VAL G 135 11.49 -37.51 -62.36
CA VAL G 135 12.82 -38.04 -62.03
C VAL G 135 12.98 -38.00 -60.52
N ASN G 136 13.34 -39.14 -59.93
CA ASN G 136 13.62 -39.22 -58.50
C ASN G 136 15.05 -38.73 -58.29
N VAL G 137 15.19 -37.49 -57.84
CA VAL G 137 16.51 -36.89 -57.72
C VAL G 137 17.34 -37.58 -56.65
N LEU G 138 16.69 -38.03 -55.58
CA LEU G 138 17.39 -38.57 -54.42
C LEU G 138 17.45 -40.10 -54.40
N ALA G 139 17.03 -40.76 -55.47
CA ALA G 139 17.03 -42.22 -55.50
C ALA G 139 18.12 -42.81 -56.37
N LYS G 140 18.84 -41.99 -57.13
CA LYS G 140 19.88 -42.47 -58.02
C LYS G 140 21.20 -41.79 -57.68
N ASP G 141 22.28 -42.34 -58.24
CA ASP G 141 23.63 -41.82 -58.01
C ASP G 141 24.24 -41.24 -59.28
N GLY G 142 23.42 -40.80 -60.22
CA GLY G 142 23.89 -40.34 -61.51
C GLY G 142 24.18 -38.85 -61.56
N SER G 143 24.10 -38.30 -62.76
CA SER G 143 24.35 -36.88 -62.97
C SER G 143 23.47 -36.39 -64.11
N MET G 144 23.17 -35.10 -64.08
CA MET G 144 22.36 -34.45 -65.11
C MET G 144 23.22 -33.43 -65.85
N LYS G 145 23.16 -33.47 -67.17
CA LYS G 145 23.92 -32.57 -68.01
C LYS G 145 22.99 -31.48 -68.55
N ILE G 146 23.39 -30.23 -68.34
CA ILE G 146 22.58 -29.07 -68.70
C ILE G 146 23.27 -28.35 -69.84
N GLN G 147 22.54 -28.15 -70.93
CA GLN G 147 23.07 -27.40 -72.06
C GLN G 147 23.09 -25.91 -71.72
N VAL G 148 24.29 -25.33 -71.72
CA VAL G 148 24.45 -23.92 -71.39
C VAL G 148 25.00 -23.10 -72.54
N GLY G 149 25.69 -23.72 -73.50
CA GLY G 149 26.14 -23.03 -74.69
C GLY G 149 25.28 -23.34 -75.89
N ALA G 150 25.66 -22.72 -77.01
CA ALA G 150 24.98 -22.95 -78.28
C ALA G 150 25.68 -23.98 -79.17
N ASN G 151 26.82 -24.49 -78.75
CA ASN G 151 27.57 -25.46 -79.52
C ASN G 151 27.62 -26.81 -78.79
N ASP G 152 28.25 -27.78 -79.42
CA ASP G 152 28.31 -29.13 -78.88
C ASP G 152 29.20 -29.20 -77.65
N GLY G 153 28.78 -29.99 -76.68
CA GLY G 153 29.60 -30.30 -75.53
C GLY G 153 29.76 -29.18 -74.53
N GLU G 154 29.01 -28.09 -74.67
CA GLU G 154 29.13 -26.96 -73.76
C GLU G 154 28.07 -27.11 -72.67
N THR G 155 28.36 -28.02 -71.73
CA THR G 155 27.39 -28.44 -70.73
C THR G 155 27.94 -28.25 -69.33
N ILE G 156 27.03 -28.29 -68.37
CA ILE G 156 27.36 -28.24 -66.94
C ILE G 156 26.71 -29.45 -66.28
N THR G 157 27.47 -30.14 -65.43
CA THR G 157 27.01 -31.39 -64.84
C THR G 157 26.64 -31.16 -63.38
N ILE G 158 25.45 -31.63 -63.00
CA ILE G 158 25.01 -31.66 -61.62
C ILE G 158 25.05 -33.11 -61.16
N ASP G 159 25.86 -33.40 -60.14
CA ASP G 159 25.95 -34.74 -59.61
C ASP G 159 24.90 -34.94 -58.52
N LEU G 160 24.23 -36.09 -58.55
CA LEU G 160 23.24 -36.43 -57.55
C LEU G 160 23.71 -37.62 -56.73
N LYS G 161 23.21 -37.71 -55.51
CA LYS G 161 23.62 -38.76 -54.59
C LYS G 161 22.39 -39.52 -54.13
N LYS G 162 22.54 -40.84 -53.99
CA LYS G 162 21.48 -41.67 -53.43
C LYS G 162 21.55 -41.53 -51.91
N ILE G 163 20.56 -40.85 -51.32
CA ILE G 163 20.52 -40.62 -49.89
C ILE G 163 19.32 -41.36 -49.32
N ASP G 164 19.56 -42.23 -48.36
CA ASP G 164 18.53 -42.94 -47.63
C ASP G 164 19.18 -43.52 -46.38
N SER G 165 18.49 -44.43 -45.70
CA SER G 165 19.10 -45.10 -44.56
C SER G 165 20.32 -45.91 -44.98
N ASP G 166 20.24 -46.60 -46.12
CA ASP G 166 21.30 -47.51 -46.52
C ASP G 166 22.63 -46.77 -46.71
N THR G 167 22.60 -45.61 -47.35
CA THR G 167 23.83 -44.88 -47.64
C THR G 167 24.31 -44.04 -46.46
N LEU G 168 23.56 -43.96 -45.38
CA LEU G 168 24.00 -43.28 -44.17
C LEU G 168 24.19 -44.22 -43.00
N GLY G 169 24.05 -45.53 -43.23
CA GLY G 169 24.16 -46.46 -42.11
C GLY G 169 22.86 -46.46 -41.33
N LEU G 170 22.98 -46.39 -40.00
CA LEU G 170 21.81 -46.17 -39.15
C LEU G 170 20.74 -47.24 -39.32
N ASN G 171 21.03 -48.31 -40.06
CA ASN G 171 20.01 -49.32 -40.36
C ASN G 171 19.45 -49.92 -39.08
N GLY G 172 20.30 -50.62 -38.33
CA GLY G 172 19.89 -51.09 -37.03
C GLY G 172 20.31 -50.12 -35.95
N PHE G 173 19.63 -48.96 -35.89
CA PHE G 173 20.03 -47.94 -34.92
C PHE G 173 19.92 -48.46 -33.49
N ASN G 174 18.84 -49.17 -33.19
CA ASN G 174 18.80 -50.07 -32.04
C ASN G 174 19.13 -49.38 -30.73
N VAL G 175 18.52 -48.22 -30.48
CA VAL G 175 18.78 -47.52 -29.22
C VAL G 175 18.37 -48.37 -28.03
N ASN G 176 17.21 -49.02 -28.12
CA ASN G 176 16.74 -49.89 -27.05
C ASN G 176 17.25 -51.32 -27.17
N GLY G 177 17.90 -51.66 -28.28
CA GLY G 177 18.47 -52.99 -28.43
C GLY G 177 17.57 -54.02 -29.07
N LYS G 178 16.54 -53.61 -29.81
CA LYS G 178 15.65 -54.54 -30.50
C LYS G 178 15.48 -54.08 -31.94
N GLY G 179 16.01 -54.87 -32.87
CA GLY G 179 15.98 -54.47 -34.27
C GLY G 179 16.41 -55.61 -35.16
N THR G 180 16.51 -55.30 -36.45
CA THR G 180 16.82 -56.29 -37.48
C THR G 180 18.12 -55.93 -38.19
N ILE G 181 18.69 -56.92 -38.88
CA ILE G 181 19.97 -56.74 -39.56
C ILE G 181 19.85 -57.08 -41.04
N THR G 182 18.92 -57.97 -41.39
CA THR G 182 18.81 -58.51 -42.75
C THR G 182 20.17 -59.04 -43.22
N ASN G 183 20.61 -60.08 -42.51
CA ASN G 183 22.01 -60.48 -42.43
C ASN G 183 22.79 -60.52 -43.74
N LYS G 184 22.46 -61.40 -44.69
CA LYS G 184 23.31 -61.59 -45.86
C LYS G 184 22.65 -62.65 -46.75
N ALA G 185 23.19 -62.80 -47.96
CA ALA G 185 22.86 -63.90 -48.87
C ALA G 185 24.09 -64.77 -49.06
N ALA G 186 23.91 -66.09 -48.94
CA ALA G 186 25.03 -67.01 -48.95
C ALA G 186 25.63 -67.14 -50.35
N THR G 187 26.78 -67.79 -50.43
CA THR G 187 27.47 -68.02 -51.69
C THR G 187 28.22 -69.35 -51.63
N VAL G 188 28.80 -69.73 -52.77
CA VAL G 188 29.49 -71.02 -52.87
C VAL G 188 30.73 -71.04 -51.98
N SER G 189 31.41 -69.89 -51.85
CA SER G 189 32.54 -69.83 -50.94
C SER G 189 32.10 -70.07 -49.51
N ASP G 190 30.96 -69.51 -49.12
CA ASP G 190 30.43 -69.75 -47.79
C ASP G 190 30.07 -71.22 -47.60
N LEU G 191 29.49 -71.84 -48.63
CA LEU G 191 29.17 -73.26 -48.53
C LEU G 191 30.42 -74.11 -48.35
N THR G 192 31.46 -73.81 -49.13
CA THR G 192 32.71 -74.56 -49.01
C THR G 192 33.34 -74.37 -47.63
N SER G 193 33.30 -73.14 -47.12
CA SER G 193 33.82 -72.88 -45.78
C SER G 193 33.04 -73.66 -44.74
N ALA G 194 31.71 -73.72 -44.87
CA ALA G 194 30.90 -74.53 -43.98
C ALA G 194 31.17 -76.02 -44.16
N GLY G 195 31.72 -76.43 -45.29
CA GLY G 195 32.13 -77.81 -45.49
C GLY G 195 31.27 -78.62 -46.42
N ALA G 196 30.33 -78.01 -47.14
CA ALA G 196 29.52 -78.73 -48.09
C ALA G 196 30.37 -79.30 -49.21
N LYS G 197 30.02 -80.49 -49.67
CA LYS G 197 30.75 -81.19 -50.73
C LYS G 197 29.95 -81.15 -52.02
N LEU G 198 30.64 -80.94 -53.13
CA LEU G 198 29.99 -80.97 -54.43
C LEU G 198 29.75 -82.42 -54.84
N ASN G 199 28.53 -82.71 -55.29
CA ASN G 199 28.17 -84.03 -55.78
C ASN G 199 28.42 -84.05 -57.29
N THR G 200 29.39 -84.87 -57.71
CA THR G 200 29.80 -84.86 -59.11
C THR G 200 28.68 -85.33 -60.04
N THR G 201 27.93 -86.35 -59.63
CA THR G 201 26.93 -86.93 -60.52
C THR G 201 25.74 -85.99 -60.74
N THR G 202 25.42 -85.16 -59.75
CA THR G 202 24.25 -84.28 -59.83
C THR G 202 24.60 -82.81 -59.95
N GLY G 203 25.79 -82.40 -59.52
CA GLY G 203 26.18 -81.01 -59.59
C GLY G 203 25.74 -80.15 -58.43
N LEU G 204 24.97 -80.70 -57.50
CA LEU G 204 24.51 -79.94 -56.35
C LEU G 204 25.60 -79.88 -55.28
N TYR G 205 25.34 -79.08 -54.25
CA TYR G 205 26.19 -79.01 -53.08
C TYR G 205 25.44 -79.62 -51.90
N ASP G 206 25.99 -80.69 -51.34
CA ASP G 206 25.37 -81.41 -50.23
C ASP G 206 26.11 -81.09 -48.95
N LEU G 207 25.37 -80.66 -47.93
CA LEU G 207 25.92 -80.37 -46.62
C LEU G 207 25.44 -81.42 -45.63
N LYS G 208 26.39 -82.09 -44.97
CA LYS G 208 26.09 -83.14 -44.03
C LYS G 208 26.44 -82.70 -42.61
N THR G 209 25.50 -82.84 -41.69
CA THR G 209 25.70 -82.48 -40.30
C THR G 209 25.63 -83.75 -39.45
N GLU G 210 26.63 -83.93 -38.59
CA GLU G 210 26.71 -85.11 -37.75
C GLU G 210 25.93 -84.92 -36.45
N ASN G 211 25.44 -86.01 -35.90
CA ASN G 211 24.63 -86.00 -34.68
C ASN G 211 25.28 -86.91 -33.65
N THR G 212 25.52 -86.38 -32.46
CA THR G 212 26.23 -87.12 -31.42
C THR G 212 25.28 -88.09 -30.71
N LEU G 213 25.75 -89.31 -30.49
CA LEU G 213 24.96 -90.32 -29.80
C LEU G 213 24.66 -89.87 -28.37
N LEU G 214 23.53 -90.34 -27.87
CA LEU G 214 23.11 -89.96 -26.52
C LEU G 214 24.12 -90.42 -25.49
N THR G 215 24.45 -89.53 -24.56
CA THR G 215 25.43 -89.81 -23.51
C THR G 215 24.75 -89.86 -22.14
N THR G 216 25.47 -90.42 -21.18
CA THR G 216 24.94 -90.56 -19.83
C THR G 216 24.66 -89.21 -19.20
N ASP G 217 25.54 -88.23 -19.44
CA ASP G 217 25.34 -86.91 -18.85
C ASP G 217 24.07 -86.25 -19.39
N ALA G 218 23.86 -86.33 -20.70
CA ALA G 218 22.64 -85.77 -21.29
C ALA G 218 21.40 -86.49 -20.80
N ALA G 219 21.48 -87.83 -20.68
CA ALA G 219 20.35 -88.59 -20.16
C ALA G 219 20.03 -88.18 -18.74
N PHE G 220 21.05 -88.00 -17.91
CA PHE G 220 20.83 -87.58 -16.53
C PHE G 220 20.25 -86.18 -16.46
N ASP G 221 20.70 -85.29 -17.35
CA ASP G 221 20.13 -83.95 -17.40
C ASP G 221 18.65 -84.00 -17.77
N LYS G 222 18.29 -84.88 -18.71
CA LYS G 222 16.90 -85.01 -19.11
C LYS G 222 16.09 -85.91 -18.20
N LEU G 223 16.70 -86.50 -17.18
CA LEU G 223 15.97 -87.34 -16.25
C LEU G 223 14.87 -86.55 -15.56
N GLY G 224 13.72 -87.20 -15.37
CA GLY G 224 12.58 -86.58 -14.71
C GLY G 224 12.11 -87.40 -13.53
N ASN G 225 11.05 -86.90 -12.90
CA ASN G 225 10.49 -87.59 -11.75
C ASN G 225 9.89 -88.92 -12.15
N GLY G 226 10.15 -89.95 -11.34
CA GLY G 226 9.66 -91.28 -11.60
C GLY G 226 10.46 -92.09 -12.60
N ASP G 227 11.59 -91.57 -13.06
CA ASP G 227 12.41 -92.29 -14.02
C ASP G 227 13.10 -93.48 -13.36
N LYS G 228 13.28 -94.54 -14.13
CA LYS G 228 13.85 -95.79 -13.65
C LYS G 228 15.16 -96.09 -14.38
N VAL G 229 16.21 -96.36 -13.63
CA VAL G 229 17.53 -96.65 -14.17
C VAL G 229 17.93 -98.05 -13.71
N THR G 230 18.27 -98.92 -14.66
CA THR G 230 18.65 -100.29 -14.36
C THR G 230 20.10 -100.50 -14.78
N VAL G 231 21.00 -100.53 -13.79
CA VAL G 231 22.41 -100.82 -14.03
C VAL G 231 22.83 -101.93 -13.08
N GLY G 232 23.56 -102.91 -13.61
CA GLY G 232 24.02 -104.02 -12.79
C GLY G 232 22.91 -104.88 -12.24
N GLY G 233 21.73 -104.86 -12.86
CA GLY G 233 20.62 -105.67 -12.43
C GLY G 233 19.82 -105.13 -11.26
N VAL G 234 20.12 -103.93 -10.79
CA VAL G 234 19.41 -103.31 -9.68
C VAL G 234 18.73 -102.04 -10.19
N ASP G 235 17.49 -101.82 -9.76
CA ASP G 235 16.68 -100.72 -10.26
C ASP G 235 16.72 -99.55 -9.28
N TYR G 236 16.93 -98.35 -9.82
CA TYR G 236 16.95 -97.11 -9.05
C TYR G 236 15.84 -96.21 -9.59
N THR G 237 15.16 -95.50 -8.68
CA THR G 237 14.12 -94.56 -9.08
C THR G 237 14.60 -93.15 -8.77
N TYR G 238 14.67 -92.31 -9.79
CA TYR G 238 15.13 -90.94 -9.62
C TYR G 238 14.07 -90.11 -8.89
N ASN G 239 14.53 -89.27 -7.97
CA ASN G 239 13.67 -88.35 -7.23
C ASN G 239 14.17 -86.93 -7.48
N ALA G 240 13.33 -86.11 -8.10
CA ALA G 240 13.69 -84.73 -8.40
C ALA G 240 13.55 -83.83 -7.17
N LYS G 241 12.67 -84.18 -6.24
CA LYS G 241 12.50 -83.37 -5.04
C LYS G 241 13.81 -83.30 -4.24
N SER G 242 14.45 -84.45 -4.04
CA SER G 242 15.77 -84.50 -3.42
C SER G 242 16.88 -84.72 -4.43
N GLY G 243 16.55 -84.99 -5.69
CA GLY G 243 17.56 -85.16 -6.72
C GLY G 243 18.50 -86.31 -6.49
N ASP G 244 17.98 -87.49 -6.17
CA ASP G 244 18.81 -88.64 -5.86
C ASP G 244 18.03 -89.91 -6.17
N PHE G 245 18.74 -91.02 -6.24
CA PHE G 245 18.12 -92.28 -6.60
C PHE G 245 17.73 -93.06 -5.35
N THR G 246 16.46 -93.45 -5.27
CA THR G 246 15.97 -94.30 -4.21
C THR G 246 15.91 -95.74 -4.69
N THR G 247 16.24 -96.67 -3.79
CA THR G 247 16.33 -98.08 -4.09
C THR G 247 15.58 -98.86 -3.02
N THR G 248 15.11 -100.05 -3.41
CA THR G 248 14.55 -101.00 -2.46
C THR G 248 15.47 -102.21 -2.39
N LYS G 249 16.07 -102.44 -1.23
CA LYS G 249 17.03 -103.52 -1.04
C LYS G 249 16.47 -104.55 -0.07
N SER G 250 16.38 -105.79 -0.51
CA SER G 250 16.10 -106.89 0.38
C SER G 250 17.37 -107.30 1.11
N THR G 251 17.18 -107.99 2.24
CA THR G 251 18.32 -108.45 3.02
C THR G 251 19.21 -109.38 2.21
N ALA G 252 18.69 -110.55 1.86
CA ALA G 252 19.47 -111.56 1.16
C ALA G 252 18.51 -112.66 0.72
N GLY G 253 19.08 -113.77 0.25
CA GLY G 253 18.31 -114.91 -0.19
C GLY G 253 18.45 -115.17 -1.68
N THR G 254 19.30 -116.14 -2.02
CA THR G 254 19.53 -116.55 -3.40
C THR G 254 19.34 -118.04 -3.61
N GLY G 255 19.71 -118.87 -2.63
CA GLY G 255 19.50 -120.30 -2.76
C GLY G 255 18.03 -120.65 -2.68
N VAL G 256 17.70 -121.81 -3.26
CA VAL G 256 16.31 -122.26 -3.32
C VAL G 256 15.95 -123.24 -2.20
N ASP G 257 16.93 -123.71 -1.43
CA ASP G 257 16.68 -124.66 -0.36
C ASP G 257 17.32 -124.16 0.93
N ALA G 258 16.99 -124.83 2.03
CA ALA G 258 17.52 -124.43 3.34
C ALA G 258 19.04 -124.59 3.38
N ALA G 259 19.56 -125.68 2.83
CA ALA G 259 20.99 -125.93 2.80
C ALA G 259 21.61 -125.22 1.60
N ALA G 260 21.64 -123.89 1.71
CA ALA G 260 22.18 -123.04 0.65
C ALA G 260 22.85 -121.83 1.29
N GLN G 261 23.41 -120.97 0.44
CA GLN G 261 24.07 -119.76 0.90
C GLN G 261 23.08 -118.67 1.29
N ALA G 262 21.78 -118.89 1.08
CA ALA G 262 20.80 -117.86 1.40
C ALA G 262 20.77 -117.54 2.88
N ALA G 263 20.82 -118.57 3.74
CA ALA G 263 20.79 -118.34 5.18
C ALA G 263 22.04 -117.61 5.63
N ASP G 264 23.20 -118.00 5.11
CA ASP G 264 24.46 -117.33 5.47
C ASP G 264 24.43 -115.87 5.04
N SER G 265 23.96 -115.61 3.81
CA SER G 265 23.89 -114.24 3.33
C SER G 265 22.93 -113.41 4.17
N ALA G 266 21.79 -113.99 4.55
CA ALA G 266 20.84 -113.28 5.40
C ALA G 266 21.46 -112.95 6.75
N SER G 267 22.16 -113.91 7.35
CA SER G 267 22.79 -113.66 8.65
C SER G 267 23.84 -112.57 8.55
N LYS G 268 24.70 -112.63 7.53
CA LYS G 268 25.76 -111.63 7.42
C LYS G 268 25.19 -110.26 7.08
N ARG G 269 24.12 -110.20 6.30
CA ARG G 269 23.51 -108.90 6.01
C ARG G 269 22.82 -108.32 7.24
N ASP G 270 22.19 -109.18 8.05
CA ASP G 270 21.63 -108.71 9.32
C ASP G 270 22.73 -108.17 10.21
N ALA G 271 23.86 -108.87 10.30
CA ALA G 271 24.97 -108.39 11.10
C ALA G 271 25.51 -107.07 10.57
N LEU G 272 25.61 -106.93 9.24
CA LEU G 272 26.08 -105.68 8.66
C LEU G 272 25.14 -104.53 8.96
N ALA G 273 23.83 -104.76 8.86
CA ALA G 273 22.87 -103.72 9.19
C ALA G 273 22.96 -103.33 10.66
N ALA G 274 23.12 -104.32 11.54
CA ALA G 274 23.26 -104.02 12.96
C ALA G 274 24.51 -103.20 13.23
N THR G 275 25.61 -103.54 12.57
CA THR G 275 26.84 -102.77 12.74
C THR G 275 26.68 -101.34 12.22
N LEU G 276 26.01 -101.19 11.07
CA LEU G 276 25.75 -99.84 10.55
C LEU G 276 24.84 -99.06 11.49
N HIS G 277 24.00 -99.74 12.25
CA HIS G 277 23.08 -99.11 13.19
C HIS G 277 23.77 -98.72 14.52
N ALA G 278 25.11 -98.77 14.57
CA ALA G 278 25.82 -98.55 15.82
C ALA G 278 25.58 -97.15 16.37
N ASP G 279 26.03 -96.12 15.64
CA ASP G 279 25.95 -94.73 16.07
C ASP G 279 26.48 -94.56 17.49
N VAL G 280 27.80 -94.79 17.63
CA VAL G 280 28.43 -94.74 18.93
C VAL G 280 28.41 -93.32 19.51
N GLY G 281 28.61 -92.31 18.65
CA GLY G 281 28.77 -90.96 19.16
C GLY G 281 27.54 -90.42 19.86
N LYS G 282 26.37 -90.62 19.26
CA LYS G 282 25.14 -90.07 19.81
C LYS G 282 24.02 -91.10 19.72
N SER G 283 23.04 -90.95 20.61
CA SER G 283 21.90 -91.85 20.68
C SER G 283 20.86 -91.48 19.64
N VAL G 284 20.06 -92.48 19.25
CA VAL G 284 18.98 -92.29 18.29
C VAL G 284 17.72 -93.01 18.77
N ASN G 285 16.57 -92.46 18.39
CA ASN G 285 15.27 -92.97 18.78
C ASN G 285 14.55 -93.57 17.59
N GLY G 286 13.80 -94.64 17.85
CA GLY G 286 12.98 -95.29 16.85
C GLY G 286 11.79 -96.01 17.45
N SER G 287 11.13 -96.85 16.66
CA SER G 287 9.95 -97.57 17.11
C SER G 287 9.95 -98.96 16.50
N TYR G 288 9.59 -99.95 17.31
CA TYR G 288 9.49 -101.35 16.89
C TYR G 288 8.02 -101.76 16.98
N THR G 289 7.46 -102.20 15.85
CA THR G 289 6.03 -102.49 15.79
C THR G 289 5.85 -103.93 15.34
N THR G 290 5.06 -104.69 16.09
CA THR G 290 4.68 -106.05 15.72
C THR G 290 3.40 -106.00 14.90
N LYS G 291 2.76 -107.16 14.73
CA LYS G 291 1.56 -107.23 13.89
C LYS G 291 0.45 -106.34 14.43
N ASP G 292 0.26 -106.33 15.75
CA ASP G 292 -0.82 -105.56 16.35
C ASP G 292 -0.38 -104.62 17.47
N GLY G 293 0.92 -104.52 17.74
CA GLY G 293 1.39 -103.65 18.81
C GLY G 293 2.68 -102.97 18.44
N THR G 294 2.95 -101.86 19.12
CA THR G 294 4.13 -101.05 18.87
C THR G 294 4.75 -100.63 20.20
N VAL G 295 6.05 -100.32 20.15
CA VAL G 295 6.81 -99.93 21.33
C VAL G 295 7.87 -98.91 20.90
N SER G 296 8.15 -97.97 21.79
CA SER G 296 9.23 -97.02 21.56
C SER G 296 10.58 -97.72 21.68
N PHE G 297 11.63 -97.02 21.26
CA PHE G 297 12.96 -97.59 21.26
C PHE G 297 13.94 -96.43 21.31
N GLU G 298 14.92 -96.48 22.20
CA GLU G 298 15.92 -95.42 22.33
C GLU G 298 17.28 -96.08 22.54
N THR G 299 18.08 -96.16 21.49
CA THR G 299 19.39 -96.82 21.58
C THR G 299 20.49 -95.77 21.64
N ASP G 300 21.57 -96.10 22.35
CA ASP G 300 22.69 -95.19 22.52
C ASP G 300 23.87 -95.55 21.61
N SER G 301 24.39 -96.77 21.74
CA SER G 301 25.56 -97.18 20.98
C SER G 301 25.61 -98.70 20.93
N ALA G 302 26.29 -99.22 19.91
CA ALA G 302 26.49 -100.65 19.73
C ALA G 302 25.18 -101.42 19.68
N GLY G 303 24.10 -100.75 19.28
CA GLY G 303 22.81 -101.39 19.23
C GLY G 303 22.28 -101.84 20.57
N ASN G 304 22.46 -101.03 21.61
CA ASN G 304 21.97 -101.35 22.94
C ASN G 304 20.57 -100.79 23.10
N ILE G 305 19.62 -101.65 23.42
CA ILE G 305 18.21 -101.27 23.50
C ILE G 305 17.92 -100.74 24.90
N THR G 306 17.42 -99.51 24.98
CA THR G 306 17.04 -98.89 26.25
C THR G 306 15.64 -98.32 26.10
N ILE G 307 14.76 -98.69 27.02
CA ILE G 307 13.37 -98.23 27.01
C ILE G 307 13.13 -97.48 28.31
N GLY G 308 12.90 -96.17 28.21
CA GLY G 308 12.62 -95.36 29.38
C GLY G 308 13.73 -95.35 30.40
N GLY G 309 14.99 -95.39 29.95
CA GLY G 309 16.12 -95.41 30.85
C GLY G 309 16.45 -96.77 31.43
N SER G 310 15.68 -97.81 31.09
CA SER G 310 15.92 -99.16 31.58
C SER G 310 16.13 -100.08 30.40
N GLN G 311 17.16 -100.92 30.47
CA GLN G 311 17.50 -101.80 29.36
C GLN G 311 16.42 -102.85 29.17
N ALA G 312 15.95 -103.00 27.94
CA ALA G 312 14.96 -104.01 27.59
C ALA G 312 15.65 -105.23 27.02
N TYR G 313 14.85 -106.24 26.71
CA TYR G 313 15.34 -107.51 26.19
C TYR G 313 14.37 -108.02 25.13
N VAL G 314 14.88 -108.91 24.28
CA VAL G 314 14.11 -109.47 23.18
C VAL G 314 13.84 -110.95 23.46
N ASP G 315 12.63 -111.38 23.16
CA ASP G 315 12.18 -112.74 23.37
C ASP G 315 12.49 -113.60 22.14
N ASP G 316 12.03 -114.85 22.17
CA ASP G 316 12.23 -115.75 21.04
C ASP G 316 11.48 -115.27 19.81
N ALA G 317 10.25 -114.78 19.98
CA ALA G 317 9.40 -114.36 18.88
C ALA G 317 9.59 -112.90 18.52
N GLY G 318 10.70 -112.28 18.92
CA GLY G 318 10.95 -110.89 18.62
C GLY G 318 10.25 -109.90 19.52
N ASN G 319 9.51 -110.39 20.52
CA ASN G 319 8.82 -109.50 21.46
C ASN G 319 9.82 -108.70 22.27
N LEU G 320 9.47 -107.45 22.58
CA LEU G 320 10.30 -106.59 23.39
C LEU G 320 9.70 -106.48 24.79
N THR G 321 10.48 -106.86 25.80
CA THR G 321 10.01 -106.82 27.18
C THR G 321 11.08 -106.23 28.08
N THR G 322 10.66 -105.41 29.04
CA THR G 322 11.61 -104.87 30.00
C THR G 322 12.10 -105.92 30.99
N ASN G 323 11.33 -107.01 31.16
CA ASN G 323 11.67 -108.07 32.09
C ASN G 323 12.32 -109.24 31.35
N ASN G 324 12.76 -110.22 32.13
CA ASN G 324 13.38 -111.43 31.60
C ASN G 324 12.71 -112.66 32.20
N ALA G 325 12.39 -113.62 31.36
CA ALA G 325 11.87 -114.92 31.77
C ALA G 325 12.87 -115.98 31.36
N GLY G 326 13.42 -116.69 32.35
CA GLY G 326 14.41 -117.71 32.08
C GLY G 326 15.72 -117.19 31.52
N SER G 327 16.12 -115.98 31.93
CA SER G 327 17.40 -115.39 31.52
C SER G 327 17.49 -115.22 30.00
N ALA G 328 16.35 -115.04 29.34
CA ALA G 328 16.31 -114.83 27.90
C ALA G 328 16.46 -113.34 27.59
N ALA G 329 17.63 -112.81 27.96
CA ALA G 329 17.87 -111.37 27.80
C ALA G 329 18.31 -111.02 26.38
N LYS G 330 19.50 -111.48 26.00
CA LYS G 330 20.11 -111.23 24.69
C LYS G 330 19.80 -109.82 24.19
N ALA G 331 20.09 -108.83 25.04
CA ALA G 331 19.74 -107.43 24.77
C ALA G 331 20.77 -106.83 23.82
N ASP G 332 20.58 -107.09 22.53
CA ASP G 332 21.47 -106.54 21.52
C ASP G 332 20.71 -106.38 20.21
N MET G 333 21.22 -105.48 19.37
CA MET G 333 20.59 -105.24 18.07
C MET G 333 20.65 -106.49 17.19
N LYS G 334 21.79 -107.18 17.18
CA LYS G 334 21.91 -108.39 16.38
C LYS G 334 20.92 -109.45 16.82
N ALA G 335 20.79 -109.65 18.13
CA ALA G 335 19.84 -110.63 18.65
C ALA G 335 18.41 -110.23 18.33
N LEU G 336 18.10 -108.93 18.45
CA LEU G 336 16.75 -108.46 18.13
C LEU G 336 16.42 -108.70 16.67
N LEU G 337 17.36 -108.38 15.78
CA LEU G 337 17.13 -108.57 14.35
C LEU G 337 16.97 -110.04 14.01
N LYS G 338 17.81 -110.91 14.61
CA LYS G 338 17.69 -112.34 14.34
C LYS G 338 16.37 -112.89 14.86
N ALA G 339 15.94 -112.45 16.04
CA ALA G 339 14.67 -112.90 16.58
C ALA G 339 13.51 -112.43 15.71
N ALA G 340 13.58 -111.19 15.22
CA ALA G 340 12.53 -110.71 14.31
C ALA G 340 12.51 -111.51 13.02
N SER G 341 13.69 -111.82 12.47
CA SER G 341 13.76 -112.59 11.23
C SER G 341 13.20 -113.99 11.42
N GLU G 342 13.53 -114.63 12.54
CA GLU G 342 13.06 -115.99 12.80
C GLU G 342 11.66 -116.02 13.40
N GLY G 343 11.07 -114.87 13.70
CA GLY G 343 9.76 -114.84 14.30
C GLY G 343 8.67 -115.30 13.34
N SER G 344 7.57 -115.78 13.91
CA SER G 344 6.45 -116.23 13.11
C SER G 344 5.80 -115.08 12.36
N ASP G 345 5.74 -113.91 12.98
CA ASP G 345 5.08 -112.74 12.41
C ASP G 345 6.10 -111.67 12.10
N GLY G 346 5.89 -110.95 10.99
CA GLY G 346 6.78 -109.88 10.59
C GLY G 346 6.64 -108.66 11.48
N ALA G 347 7.59 -107.74 11.31
CA ALA G 347 7.65 -106.53 12.12
C ALA G 347 8.02 -105.34 11.26
N SER G 348 7.93 -104.15 11.86
CA SER G 348 8.33 -102.92 11.20
C SER G 348 9.17 -102.07 12.16
N LEU G 349 10.31 -101.59 11.68
CA LEU G 349 11.21 -100.75 12.45
C LEU G 349 11.25 -99.37 11.82
N THR G 350 11.05 -98.32 12.62
CA THR G 350 11.12 -96.96 12.12
C THR G 350 12.24 -96.24 12.86
N PHE G 351 13.22 -95.74 12.11
CA PHE G 351 14.34 -95.00 12.69
C PHE G 351 14.40 -93.58 12.15
N ASN G 352 15.50 -92.89 12.41
CA ASN G 352 15.67 -91.54 11.89
C ASN G 352 15.63 -91.52 10.37
N GLY G 353 16.19 -92.54 9.74
CA GLY G 353 16.18 -92.62 8.29
C GLY G 353 14.98 -93.35 7.74
N THR G 354 15.21 -94.31 6.85
CA THR G 354 14.13 -95.03 6.21
C THR G 354 13.55 -96.09 7.14
N GLU G 355 12.34 -96.53 6.83
CA GLU G 355 11.65 -97.54 7.63
C GLU G 355 11.92 -98.92 7.06
N TYR G 356 12.29 -99.85 7.94
CA TYR G 356 12.62 -101.22 7.55
C TYR G 356 11.41 -102.10 7.84
N THR G 357 11.15 -103.05 6.95
CA THR G 357 10.07 -104.00 7.15
C THR G 357 10.63 -105.42 7.14
N ILE G 358 10.47 -106.13 8.25
CA ILE G 358 10.93 -107.51 8.37
C ILE G 358 9.76 -108.41 8.01
N ALA G 359 9.90 -109.14 6.91
CA ALA G 359 8.82 -109.97 6.40
C ALA G 359 8.63 -111.22 7.26
N LYS G 360 7.46 -111.84 7.10
CA LYS G 360 7.11 -113.05 7.84
C LYS G 360 8.08 -114.20 7.54
N GLY G 376 14.05 -111.85 6.22
CA GLY G 376 14.28 -110.84 5.21
C GLY G 376 13.78 -109.46 5.62
N ILE G 377 14.58 -108.44 5.34
CA ILE G 377 14.22 -107.06 5.63
C ILE G 377 14.22 -106.30 4.31
N THR G 378 13.11 -105.65 4.01
CA THR G 378 12.98 -104.78 2.85
C THR G 378 13.04 -103.33 3.33
N TYR G 379 13.87 -102.52 2.66
CA TYR G 379 14.05 -101.15 3.10
C TYR G 379 14.47 -100.28 1.93
N GLN G 380 14.15 -98.99 2.05
CA GLN G 380 14.57 -97.99 1.07
C GLN G 380 15.97 -97.49 1.40
N ALA G 381 16.68 -97.08 0.35
CA ALA G 381 18.02 -96.53 0.50
C ALA G 381 18.22 -95.43 -0.51
N THR G 382 19.15 -94.52 -0.21
CA THR G 382 19.41 -93.34 -1.02
C THR G 382 20.83 -93.41 -1.57
N VAL G 383 20.97 -93.19 -2.87
CA VAL G 383 22.28 -93.11 -3.52
C VAL G 383 22.33 -91.84 -4.36
N SER G 384 23.54 -91.28 -4.48
CA SER G 384 23.72 -90.04 -5.22
C SER G 384 23.66 -90.27 -6.72
N LYS G 385 23.12 -89.27 -7.42
CA LYS G 385 23.11 -89.32 -8.89
C LYS G 385 24.53 -89.38 -9.44
N ASP G 386 25.46 -88.64 -8.82
CA ASP G 386 26.85 -88.73 -9.26
C ASP G 386 27.40 -90.14 -9.07
N VAL G 387 27.04 -90.78 -7.96
CA VAL G 387 27.48 -92.15 -7.74
C VAL G 387 26.95 -93.05 -8.85
N VAL G 388 25.63 -93.00 -9.07
CA VAL G 388 25.01 -93.87 -10.07
C VAL G 388 25.63 -93.63 -11.44
N LEU G 389 25.91 -92.36 -11.76
CA LEU G 389 26.60 -92.04 -13.00
C LEU G 389 27.96 -92.73 -13.05
N SER G 390 28.67 -92.75 -11.92
CA SER G 390 29.99 -93.37 -11.90
C SER G 390 29.90 -94.86 -12.20
N GLU G 391 28.95 -95.58 -11.58
CA GLU G 391 28.84 -97.01 -11.93
C GLU G 391 28.38 -97.19 -13.37
N THR G 392 27.49 -96.33 -13.87
CA THR G 392 27.02 -96.50 -15.24
C THR G 392 28.14 -96.31 -16.26
N LYS G 393 28.99 -95.32 -16.05
CA LYS G 393 30.06 -95.03 -17.00
C LYS G 393 31.38 -95.70 -16.64
N ALA G 394 31.42 -96.51 -15.57
CA ALA G 394 32.68 -97.10 -15.13
C ALA G 394 33.21 -98.09 -16.16
N ALA G 395 32.37 -99.02 -16.63
CA ALA G 395 32.80 -100.05 -17.55
C ALA G 395 31.67 -100.33 -18.53
N ALA G 396 31.79 -101.43 -19.27
CA ALA G 396 30.80 -101.82 -20.27
C ALA G 396 29.57 -102.39 -19.58
N ALA G 397 28.85 -101.50 -18.89
CA ALA G 397 27.64 -101.89 -18.18
C ALA G 397 26.46 -101.93 -19.14
N THR G 398 25.40 -102.61 -18.70
CA THR G 398 24.15 -102.72 -19.46
C THR G 398 23.09 -101.78 -18.92
N SER G 399 23.49 -100.59 -18.48
CA SER G 399 22.55 -99.65 -17.90
C SER G 399 21.49 -99.23 -18.91
N SER G 400 20.26 -99.08 -18.43
CA SER G 400 19.14 -98.64 -19.25
C SER G 400 18.35 -97.60 -18.48
N ILE G 401 17.88 -96.57 -19.18
CA ILE G 401 17.13 -95.47 -18.58
C ILE G 401 15.75 -95.42 -19.23
N THR G 402 14.72 -95.36 -18.40
CA THR G 402 13.35 -95.26 -18.88
C THR G 402 12.85 -93.84 -18.66
N PHE G 403 12.60 -93.12 -19.75
CA PHE G 403 12.04 -91.79 -19.68
C PHE G 403 10.52 -91.91 -19.67
N ASN G 404 9.89 -91.41 -18.62
CA ASN G 404 8.46 -91.54 -18.42
C ASN G 404 7.87 -90.15 -18.19
N SER G 405 6.87 -89.80 -19.00
CA SER G 405 6.14 -88.55 -18.84
C SER G 405 4.85 -88.72 -18.05
N GLY G 406 4.60 -89.90 -17.50
CA GLY G 406 3.35 -90.21 -16.86
C GLY G 406 2.29 -90.75 -17.78
N VAL G 407 2.44 -90.57 -19.08
CA VAL G 407 1.54 -91.11 -20.09
C VAL G 407 2.39 -91.85 -21.11
N LEU G 408 3.43 -91.19 -21.59
CA LEU G 408 4.30 -91.69 -22.64
C LEU G 408 5.62 -92.14 -22.02
N SER G 409 6.09 -93.32 -22.40
CA SER G 409 7.31 -93.87 -21.85
C SER G 409 8.16 -94.49 -22.94
N LYS G 410 9.48 -94.37 -22.80
CA LYS G 410 10.42 -95.02 -23.70
C LYS G 410 11.65 -95.48 -22.92
N THR G 411 12.11 -96.70 -23.21
CA THR G 411 13.29 -97.26 -22.57
C THR G 411 14.47 -97.24 -23.53
N ILE G 412 15.59 -96.68 -23.08
CA ILE G 412 16.80 -96.58 -23.88
C ILE G 412 17.91 -97.36 -23.17
N GLY G 413 18.49 -98.32 -23.88
CA GLY G 413 19.57 -99.11 -23.33
C GLY G 413 20.91 -98.78 -23.96
N PHE G 414 21.79 -98.15 -23.20
CA PHE G 414 23.08 -97.69 -23.71
C PHE G 414 24.20 -98.21 -22.81
N THR G 415 25.31 -98.60 -23.45
CA THR G 415 26.44 -99.21 -22.76
C THR G 415 27.58 -98.19 -22.69
N ALA G 416 27.89 -97.74 -21.48
CA ALA G 416 29.02 -96.83 -21.22
C ALA G 416 28.95 -95.60 -22.12
N GLY G 417 27.79 -94.94 -22.10
CA GLY G 417 27.62 -93.76 -22.92
C GLY G 417 26.72 -93.98 -24.12
N GLU G 418 27.33 -94.14 -25.30
CA GLU G 418 26.59 -94.27 -26.53
C GLU G 418 25.68 -95.50 -26.52
N SER G 419 24.54 -95.38 -27.19
CA SER G 419 23.59 -96.48 -27.27
C SER G 419 24.10 -97.55 -28.22
N SER G 420 23.99 -98.81 -27.79
CA SER G 420 24.37 -99.95 -28.61
C SER G 420 23.20 -100.85 -28.93
N ASP G 421 21.97 -100.43 -28.63
CA ASP G 421 20.77 -101.24 -28.84
C ASP G 421 20.15 -101.00 -30.21
N ALA G 422 20.95 -100.58 -31.20
CA ALA G 422 20.45 -100.27 -32.54
C ALA G 422 19.39 -99.17 -32.51
N ALA G 423 19.49 -98.27 -31.55
CA ALA G 423 18.56 -97.17 -31.38
C ALA G 423 19.25 -95.86 -31.76
N LYS G 424 18.58 -95.06 -32.58
CA LYS G 424 19.14 -93.79 -33.05
C LYS G 424 18.73 -92.69 -32.08
N SER G 425 19.49 -92.58 -31.00
CA SER G 425 19.30 -91.52 -30.01
C SER G 425 20.43 -90.51 -30.15
N TYR G 426 20.07 -89.23 -30.29
CA TYR G 426 21.06 -88.19 -30.55
C TYR G 426 20.62 -86.88 -29.92
N VAL G 427 21.57 -85.96 -29.79
CA VAL G 427 21.34 -84.73 -29.04
C VAL G 427 21.77 -83.47 -29.77
N ASP G 428 22.63 -83.55 -30.80
CA ASP G 428 23.29 -82.34 -31.32
C ASP G 428 22.32 -81.34 -31.93
N ASP G 429 21.13 -81.76 -32.34
CA ASP G 429 20.23 -80.89 -33.10
C ASP G 429 19.88 -79.63 -32.31
N LYS G 430 19.12 -79.78 -31.23
CA LYS G 430 18.80 -78.65 -30.37
C LYS G 430 18.82 -79.07 -28.90
N GLY G 431 19.52 -80.16 -28.57
CA GLY G 431 19.36 -80.78 -27.29
C GLY G 431 18.25 -81.80 -27.30
N GLY G 432 18.12 -82.51 -26.18
CA GLY G 432 17.09 -83.51 -26.11
C GLY G 432 17.43 -84.74 -26.92
N ILE G 433 16.40 -85.53 -27.22
CA ILE G 433 16.53 -86.81 -27.90
C ILE G 433 15.89 -86.68 -29.28
N THR G 434 16.53 -87.28 -30.27
CA THR G 434 15.99 -87.29 -31.63
C THR G 434 16.35 -88.61 -32.29
N ASN G 435 15.56 -88.98 -33.30
CA ASN G 435 15.75 -90.22 -34.03
C ASN G 435 16.47 -90.02 -35.36
N VAL G 436 16.99 -88.82 -35.63
CA VAL G 436 17.66 -88.56 -36.90
C VAL G 436 19.12 -88.98 -36.78
N ALA G 437 19.52 -89.98 -37.58
CA ALA G 437 20.89 -90.45 -37.54
C ALA G 437 21.83 -89.45 -38.22
N ASP G 438 21.45 -88.97 -39.40
CA ASP G 438 22.30 -88.10 -40.20
C ASP G 438 21.49 -86.92 -40.72
N TYR G 439 22.17 -85.79 -40.89
CA TYR G 439 21.57 -84.55 -41.34
C TYR G 439 22.25 -84.11 -42.63
N THR G 440 21.60 -84.35 -43.76
CA THR G 440 22.17 -84.03 -45.07
C THR G 440 21.13 -83.27 -45.89
N VAL G 441 21.54 -82.13 -46.45
CA VAL G 441 20.67 -81.28 -47.27
C VAL G 441 21.45 -80.88 -48.51
N SER G 442 20.73 -80.68 -49.62
CA SER G 442 21.34 -80.37 -50.91
C SER G 442 21.12 -78.90 -51.26
N TYR G 443 22.18 -78.23 -51.68
CA TYR G 443 22.13 -76.83 -52.08
C TYR G 443 22.51 -76.72 -53.55
N SER G 444 21.70 -76.00 -54.32
CA SER G 444 21.96 -75.75 -55.72
C SER G 444 22.42 -74.30 -55.88
N VAL G 445 23.51 -74.12 -56.61
CA VAL G 445 24.10 -72.80 -56.84
C VAL G 445 23.76 -72.38 -58.25
N ASN G 446 23.14 -71.20 -58.39
CA ASN G 446 22.82 -70.67 -59.70
C ASN G 446 24.11 -70.17 -60.36
N LYS G 447 24.37 -70.63 -61.58
CA LYS G 447 25.60 -70.24 -62.26
C LYS G 447 25.58 -68.78 -62.68
N ASP G 448 24.40 -68.25 -63.04
CA ASP G 448 24.31 -66.85 -63.45
C ASP G 448 24.24 -65.93 -62.24
N ASN G 449 23.18 -66.08 -61.44
CA ASN G 449 22.97 -65.19 -60.30
C ASN G 449 24.07 -65.36 -59.25
N GLY G 450 24.45 -66.61 -58.98
CA GLY G 450 25.36 -66.90 -57.88
C GLY G 450 24.68 -67.23 -56.57
N SER G 451 23.35 -67.14 -56.51
CA SER G 451 22.62 -67.41 -55.29
C SER G 451 22.55 -68.91 -55.01
N VAL G 452 22.34 -69.24 -53.74
CA VAL G 452 22.27 -70.61 -53.27
C VAL G 452 20.84 -70.89 -52.80
N THR G 453 20.26 -71.99 -53.28
CA THR G 453 18.90 -72.37 -52.93
C THR G 453 18.89 -73.80 -52.41
N VAL G 454 17.90 -74.10 -51.57
CA VAL G 454 17.72 -75.45 -51.05
C VAL G 454 16.98 -76.28 -52.08
N ALA G 455 17.54 -77.43 -52.45
CA ALA G 455 16.95 -78.30 -53.44
C ALA G 455 16.64 -79.68 -52.87
N GLY G 456 16.07 -79.72 -51.67
CA GLY G 456 15.71 -80.96 -51.03
C GLY G 456 16.79 -81.48 -50.10
N TYR G 457 16.52 -82.63 -49.50
CA TYR G 457 17.47 -83.25 -48.59
C TYR G 457 17.20 -84.74 -48.52
N ALA G 458 18.21 -85.48 -48.06
CA ALA G 458 18.12 -86.91 -47.86
C ALA G 458 18.68 -87.25 -46.48
N SER G 459 18.02 -88.19 -45.81
CA SER G 459 18.44 -88.62 -44.48
C SER G 459 18.47 -90.14 -44.43
N ALA G 460 19.38 -90.67 -43.61
CA ALA G 460 19.48 -92.12 -43.45
C ALA G 460 18.20 -92.70 -42.87
N THR G 461 17.65 -92.05 -41.85
CA THR G 461 16.38 -92.46 -41.28
C THR G 461 15.24 -91.79 -42.03
N ASP G 462 14.02 -92.07 -41.60
CA ASP G 462 12.84 -91.47 -42.24
C ASP G 462 12.79 -89.97 -41.99
N THR G 463 13.00 -89.55 -40.73
CA THR G 463 13.01 -88.17 -40.28
C THR G 463 11.60 -87.58 -40.31
N ASN G 464 10.65 -88.33 -40.89
CA ASN G 464 9.24 -87.94 -40.95
C ASN G 464 9.07 -86.51 -41.47
N LYS G 465 10.05 -86.03 -42.25
CA LYS G 465 10.06 -84.65 -42.74
C LYS G 465 9.95 -83.65 -41.60
N ASP G 466 10.50 -83.99 -40.43
CA ASP G 466 10.46 -83.08 -39.30
C ASP G 466 11.43 -81.91 -39.47
N TYR G 467 12.64 -82.20 -39.94
CA TYR G 467 13.64 -81.18 -40.20
C TYR G 467 13.62 -80.69 -41.64
N ALA G 468 12.48 -80.77 -42.30
CA ALA G 468 12.41 -80.45 -43.72
C ALA G 468 12.47 -78.95 -43.94
N PRO G 469 13.42 -78.43 -44.70
CA PRO G 469 13.40 -77.02 -45.09
C PRO G 469 12.67 -76.83 -46.41
N ALA G 470 12.15 -75.61 -46.60
CA ALA G 470 11.43 -75.28 -47.81
C ALA G 470 12.36 -75.35 -49.02
N ILE G 471 11.87 -75.95 -50.10
CA ILE G 471 12.67 -76.10 -51.32
C ILE G 471 12.58 -74.81 -52.13
N GLY G 472 13.73 -74.38 -52.64
CA GLY G 472 13.80 -73.16 -53.43
C GLY G 472 13.96 -71.89 -52.64
N THR G 473 14.09 -71.96 -51.32
CA THR G 473 14.26 -70.79 -50.50
C THR G 473 15.71 -70.33 -50.52
N ALA G 474 15.91 -69.01 -50.63
CA ALA G 474 17.25 -68.46 -50.66
C ALA G 474 18.00 -68.79 -49.37
N VAL G 475 19.28 -69.12 -49.52
CA VAL G 475 20.13 -69.47 -48.39
C VAL G 475 20.86 -68.23 -47.91
N ASN G 476 20.81 -68.00 -46.60
CA ASN G 476 21.38 -66.80 -46.00
C ASN G 476 22.45 -67.19 -44.98
N VAL G 477 23.39 -66.27 -44.78
CA VAL G 477 24.48 -66.47 -43.82
C VAL G 477 24.16 -65.72 -42.54
N ASN G 478 24.17 -66.43 -41.42
CA ASN G 478 23.88 -65.81 -40.14
C ASN G 478 24.98 -64.84 -39.76
N SER G 479 24.71 -64.05 -38.71
CA SER G 479 25.72 -63.13 -38.21
C SER G 479 26.93 -63.88 -37.69
N ALA G 480 26.71 -65.01 -37.01
CA ALA G 480 27.82 -65.84 -36.56
C ALA G 480 28.54 -66.53 -37.71
N GLY G 481 27.90 -66.61 -38.88
CA GLY G 481 28.51 -67.22 -40.05
C GLY G 481 27.92 -68.55 -40.45
N LYS G 482 26.86 -69.00 -39.81
CA LYS G 482 26.26 -70.29 -40.14
C LYS G 482 25.33 -70.16 -41.34
N ILE G 483 24.69 -71.26 -41.69
CA ILE G 483 23.72 -71.31 -42.79
C ILE G 483 22.32 -71.29 -42.19
N THR G 484 21.50 -70.33 -42.63
CA THR G 484 20.17 -70.15 -42.07
C THR G 484 19.25 -69.57 -43.13
N THR G 485 18.02 -70.06 -43.17
CA THR G 485 17.04 -69.56 -44.12
C THR G 485 16.34 -68.29 -43.67
N GLU G 486 16.50 -67.89 -42.41
CA GLU G 486 15.86 -66.69 -41.91
C GLU G 486 16.51 -65.45 -42.53
N THR G 487 15.67 -64.50 -42.97
CA THR G 487 16.18 -63.32 -43.63
C THR G 487 16.86 -62.38 -42.63
N THR G 488 16.23 -62.15 -41.49
CA THR G 488 16.69 -61.17 -40.52
C THR G 488 17.11 -61.85 -39.23
N SER G 489 18.21 -61.38 -38.65
CA SER G 489 18.70 -61.84 -37.36
C SER G 489 18.77 -60.66 -36.41
N ALA G 490 18.37 -60.89 -35.16
CA ALA G 490 18.35 -59.81 -34.17
C ALA G 490 19.76 -59.32 -33.89
N GLY G 491 19.86 -58.05 -33.53
CA GLY G 491 21.13 -57.40 -33.28
C GLY G 491 21.20 -56.85 -31.86
N SER G 492 21.97 -55.79 -31.71
CA SER G 492 22.20 -55.17 -30.41
C SER G 492 22.32 -53.66 -30.59
N ALA G 493 22.45 -52.97 -29.47
CA ALA G 493 22.53 -51.52 -29.49
C ALA G 493 23.80 -51.05 -30.19
N THR G 494 23.67 -49.97 -30.95
CA THR G 494 24.83 -49.41 -31.65
C THR G 494 25.86 -48.90 -30.65
N THR G 495 27.14 -49.13 -30.96
CA THR G 495 28.21 -48.80 -30.03
C THR G 495 28.38 -47.29 -29.88
N ASN G 496 28.42 -46.56 -31.00
CA ASN G 496 28.67 -45.12 -30.98
C ASN G 496 27.64 -44.44 -31.87
N PRO G 497 26.45 -44.15 -31.33
CA PRO G 497 25.40 -43.59 -32.19
C PRO G 497 25.67 -42.16 -32.62
N LEU G 498 26.24 -41.35 -31.72
CA LEU G 498 26.44 -39.94 -32.02
C LEU G 498 27.47 -39.75 -33.13
N ALA G 499 28.50 -40.59 -33.16
CA ALA G 499 29.48 -40.50 -34.23
C ALA G 499 28.85 -40.81 -35.59
N ALA G 500 28.01 -41.84 -35.65
CA ALA G 500 27.34 -42.17 -36.91
C ALA G 500 26.40 -41.05 -37.34
N LEU G 501 25.67 -40.47 -36.38
CA LEU G 501 24.80 -39.35 -36.70
C LEU G 501 25.59 -38.16 -37.21
N ASP G 502 26.75 -37.89 -36.62
CA ASP G 502 27.60 -36.81 -37.10
C ASP G 502 28.08 -37.09 -38.52
N ASP G 503 28.44 -38.33 -38.82
CA ASP G 503 28.85 -38.68 -40.17
C ASP G 503 27.71 -38.45 -41.17
N ALA G 504 26.49 -38.86 -40.80
CA ALA G 504 25.35 -38.64 -41.68
C ALA G 504 25.10 -37.16 -41.92
N ILE G 505 25.15 -36.35 -40.86
CA ILE G 505 24.93 -34.92 -41.00
C ILE G 505 26.02 -34.31 -41.87
N SER G 506 27.26 -34.77 -41.71
CA SER G 506 28.35 -34.25 -42.53
C SER G 506 28.14 -34.59 -44.00
N SER G 507 27.68 -35.79 -44.29
CA SER G 507 27.39 -36.15 -45.68
C SER G 507 26.30 -35.27 -46.26
N ILE G 508 25.25 -35.02 -45.49
CA ILE G 508 24.17 -34.15 -45.95
C ILE G 508 24.72 -32.75 -46.24
N ASP G 509 25.56 -32.24 -45.33
CA ASP G 509 26.10 -30.90 -45.50
C ASP G 509 26.98 -30.82 -46.73
N LYS G 510 27.80 -31.83 -46.98
CA LYS G 510 28.63 -31.84 -48.18
C LYS G 510 27.79 -31.83 -49.44
N PHE G 511 26.72 -32.64 -49.47
CA PHE G 511 25.84 -32.63 -50.64
C PHE G 511 25.23 -31.25 -50.84
N ARG G 512 24.74 -30.63 -49.76
CA ARG G 512 24.13 -29.32 -49.88
C ARG G 512 25.12 -28.28 -50.38
N SER G 513 26.35 -28.33 -49.88
CA SER G 513 27.37 -27.37 -50.31
C SER G 513 27.68 -27.53 -51.79
N SER G 514 27.85 -28.77 -52.25
CA SER G 514 28.11 -28.99 -53.68
C SER G 514 26.96 -28.48 -54.52
N LEU G 515 25.73 -28.74 -54.09
CA LEU G 515 24.56 -28.29 -54.83
C LEU G 515 24.51 -26.78 -54.92
N GLY G 516 24.79 -26.10 -53.81
CA GLY G 516 24.79 -24.64 -53.82
C GLY G 516 25.86 -24.07 -54.72
N ALA G 517 27.05 -24.67 -54.70
CA ALA G 517 28.11 -24.19 -55.58
C ALA G 517 27.72 -24.32 -57.05
N ILE G 518 27.17 -25.48 -57.41
CA ILE G 518 26.73 -25.67 -58.80
C ILE G 518 25.65 -24.66 -59.17
N GLN G 519 24.74 -24.39 -58.26
CA GLN G 519 23.67 -23.44 -58.55
C GLN G 519 24.21 -22.03 -58.74
N ASN G 520 25.19 -21.63 -57.93
CA ASN G 520 25.80 -20.31 -58.12
C ASN G 520 26.49 -20.21 -59.47
N ARG G 521 27.24 -21.25 -59.86
CA ARG G 521 27.88 -21.19 -61.16
C ARG G 521 26.86 -21.16 -62.28
N LEU G 522 25.73 -21.83 -62.10
CA LEU G 522 24.68 -21.78 -63.12
C LEU G 522 24.09 -20.37 -63.24
N ASP G 523 23.89 -19.69 -62.13
CA ASP G 523 23.38 -18.33 -62.17
C ASP G 523 24.36 -17.40 -62.89
N SER G 524 25.66 -17.56 -62.59
CA SER G 524 26.67 -16.76 -63.29
C SER G 524 26.63 -17.04 -64.80
N ALA G 525 26.44 -18.29 -65.18
CA ALA G 525 26.30 -18.63 -66.59
C ALA G 525 25.10 -17.93 -67.21
N VAL G 526 23.99 -17.86 -66.47
CA VAL G 526 22.80 -17.18 -66.98
C VAL G 526 23.11 -15.71 -67.27
N THR G 527 23.79 -15.05 -66.33
CA THR G 527 24.11 -13.64 -66.50
C THR G 527 25.00 -13.44 -67.73
N ASN G 528 26.03 -14.28 -67.87
CA ASN G 528 26.92 -14.15 -69.01
C ASN G 528 26.18 -14.39 -70.33
N LEU G 529 25.28 -15.36 -70.35
CA LEU G 529 24.51 -15.62 -71.56
C LEU G 529 23.65 -14.43 -71.93
N ASN G 530 23.02 -13.79 -70.94
CA ASN G 530 22.22 -12.60 -71.23
C ASN G 530 23.07 -11.49 -71.83
N ASN G 531 24.24 -11.24 -71.24
CA ASN G 531 25.10 -10.18 -71.77
C ASN G 531 25.54 -10.48 -73.20
N THR G 532 25.94 -11.73 -73.46
CA THR G 532 26.39 -12.09 -74.80
C THR G 532 25.25 -11.98 -75.80
N THR G 533 24.04 -12.38 -75.41
CA THR G 533 22.89 -12.25 -76.30
C THR G 533 22.64 -10.80 -76.66
N THR G 534 22.71 -9.90 -75.67
CA THR G 534 22.50 -8.48 -75.96
C THR G 534 23.55 -7.96 -76.93
N ASN G 535 24.82 -8.30 -76.70
CA ASN G 535 25.87 -7.80 -77.56
C ASN G 535 25.74 -8.34 -78.99
N LEU G 536 25.40 -9.63 -79.12
CA LEU G 536 25.27 -10.20 -80.46
C LEU G 536 24.06 -9.63 -81.19
N SER G 537 22.97 -9.37 -80.48
CA SER G 537 21.83 -8.71 -81.11
C SER G 537 22.21 -7.32 -81.59
N GLU G 538 23.00 -6.59 -80.79
CA GLU G 538 23.48 -5.29 -81.22
C GLU G 538 24.33 -5.40 -82.48
N ALA G 539 25.22 -6.41 -82.54
CA ALA G 539 26.06 -6.56 -83.73
C ALA G 539 25.23 -6.89 -84.97
N GLN G 540 24.24 -7.76 -84.82
CA GLN G 540 23.35 -8.04 -85.95
C GLN G 540 22.63 -6.78 -86.39
N SER G 541 22.21 -5.95 -85.45
CA SER G 541 21.59 -4.68 -85.80
C SER G 541 22.56 -3.79 -86.56
N ARG G 542 23.83 -3.80 -86.17
CA ARG G 542 24.85 -3.05 -86.89
C ARG G 542 24.90 -3.48 -88.35
N ILE G 543 24.93 -4.79 -88.58
CA ILE G 543 25.08 -5.29 -89.95
C ILE G 543 23.82 -5.01 -90.77
N GLN G 544 22.66 -5.34 -90.23
CA GLN G 544 21.37 -5.21 -90.91
C GLN G 544 20.76 -3.85 -90.60
N ASP G 545 19.44 -3.72 -90.78
CA ASP G 545 18.68 -2.58 -90.29
C ASP G 545 19.03 -1.25 -90.96
N ALA G 546 18.67 -1.11 -92.23
CA ALA G 546 18.90 0.10 -92.99
C ALA G 546 18.41 1.34 -92.25
N ASP G 547 18.99 2.49 -92.59
CA ASP G 547 18.66 3.77 -91.95
C ASP G 547 17.52 4.46 -92.69
N TYR G 548 16.40 4.65 -91.99
CA TYR G 548 15.25 5.28 -92.62
C TYR G 548 15.56 6.68 -93.11
N ALA G 549 16.45 7.41 -92.43
CA ALA G 549 16.87 8.69 -92.98
C ALA G 549 17.44 8.52 -94.38
N THR G 550 18.34 7.55 -94.54
CA THR G 550 19.02 7.37 -95.81
C THR G 550 18.05 6.94 -96.91
N GLU G 551 17.24 5.90 -96.66
CA GLU G 551 16.33 5.49 -97.73
C GLU G 551 15.17 6.47 -97.93
N VAL G 552 14.77 7.25 -96.93
CA VAL G 552 13.79 8.31 -97.19
C VAL G 552 14.36 9.32 -98.18
N SER G 553 15.59 9.78 -97.92
CA SER G 553 16.19 10.72 -98.85
C SER G 553 16.35 10.10 -100.23
N ASN G 554 16.78 8.82 -100.28
CA ASN G 554 17.02 8.16 -101.55
C ASN G 554 15.72 8.01 -102.35
N MET G 555 14.63 7.60 -101.70
CA MET G 555 13.37 7.45 -102.41
C MET G 555 12.83 8.80 -102.85
N SER G 556 13.04 9.86 -102.06
CA SER G 556 12.54 11.16 -102.47
C SER G 556 13.26 11.64 -103.72
N LYS G 557 14.59 11.56 -103.73
CA LYS G 557 15.31 11.97 -104.92
C LYS G 557 15.04 11.05 -106.10
N ALA G 558 14.79 9.76 -105.85
CA ALA G 558 14.43 8.86 -106.92
C ALA G 558 13.09 9.24 -107.56
N GLN G 559 12.11 9.57 -106.74
CA GLN G 559 10.81 10.00 -107.26
C GLN G 559 10.95 11.28 -108.08
N ILE G 560 11.75 12.22 -107.60
CA ILE G 560 11.93 13.46 -108.36
C ILE G 560 12.65 13.18 -109.67
N ILE G 561 13.65 12.32 -109.67
CA ILE G 561 14.34 11.99 -110.91
C ILE G 561 13.38 11.32 -111.88
N GLN G 562 12.49 10.46 -111.37
CA GLN G 562 11.53 9.80 -112.24
C GLN G 562 10.56 10.80 -112.86
N GLN G 563 10.04 11.73 -112.05
CA GLN G 563 9.11 12.71 -112.58
C GLN G 563 9.78 13.63 -113.60
N ALA G 564 11.02 14.05 -113.30
CA ALA G 564 11.76 14.85 -114.26
C ALA G 564 12.00 14.10 -115.56
N GLY G 565 12.35 12.82 -115.45
CA GLY G 565 12.54 12.01 -116.65
C GLY G 565 11.27 11.87 -117.46
N ASN G 566 10.13 11.69 -116.78
CA ASN G 566 8.86 11.59 -117.48
C ASN G 566 8.52 12.88 -118.21
N SER G 567 8.73 14.03 -117.55
CA SER G 567 8.44 15.30 -118.20
C SER G 567 9.36 15.55 -119.39
N VAL G 568 10.65 15.26 -119.23
CA VAL G 568 11.59 15.44 -120.34
C VAL G 568 11.27 14.46 -121.47
N LEU G 569 10.81 13.25 -121.12
CA LEU G 569 10.39 12.29 -122.12
C LEU G 569 9.19 12.81 -122.89
N ALA G 570 8.26 13.44 -122.19
CA ALA G 570 7.11 14.04 -122.88
C ALA G 570 7.57 15.15 -123.82
N LYS G 571 8.53 15.96 -123.39
CA LYS G 571 9.03 17.02 -124.26
C LYS G 571 9.77 16.46 -125.47
N ALA G 572 10.53 15.37 -125.29
CA ALA G 572 11.23 14.76 -126.41
C ALA G 572 10.28 14.06 -127.35
N ASN G 573 9.29 13.34 -126.80
CA ASN G 573 8.22 12.73 -127.57
C ASN G 573 7.32 13.77 -128.21
N GLN G 574 7.44 15.03 -127.81
CA GLN G 574 6.91 16.11 -128.63
C GLN G 574 7.79 16.15 -129.86
N VAL G 575 7.68 15.09 -130.66
CA VAL G 575 8.60 14.72 -131.72
C VAL G 575 8.51 15.77 -132.82
N PRO G 576 9.50 15.87 -133.70
CA PRO G 576 9.42 16.88 -134.76
C PRO G 576 8.15 16.75 -135.59
N GLN G 577 7.24 17.70 -135.39
CA GLN G 577 6.17 17.96 -136.34
C GLN G 577 6.49 19.17 -137.20
N GLN G 578 7.63 19.81 -136.97
CA GLN G 578 8.10 20.83 -137.88
C GLN G 578 8.40 20.25 -139.26
N VAL G 579 8.62 18.94 -139.35
CA VAL G 579 8.67 18.30 -140.67
C VAL G 579 7.33 18.42 -141.37
N LEU G 580 6.25 18.14 -140.64
CA LEU G 580 4.91 18.36 -141.20
C LEU G 580 4.72 19.82 -141.58
N SER G 581 5.21 20.72 -140.72
CA SER G 581 5.12 22.15 -141.01
C SER G 581 5.84 22.50 -142.31
N LEU G 582 7.00 21.90 -142.54
CA LEU G 582 7.73 22.12 -143.78
C LEU G 582 7.00 21.51 -144.97
N LEU G 583 6.26 20.43 -144.73
CA LEU G 583 5.75 19.63 -145.84
C LEU G 583 4.81 20.43 -146.74
N GLN G 584 3.89 21.19 -146.16
CA GLN G 584 2.92 21.90 -146.99
C GLN G 584 3.51 23.13 -147.66
N GLY G 585 4.71 23.54 -147.28
CA GLY G 585 5.35 24.70 -147.89
C GLY G 585 5.86 24.43 -149.28
N MET H 1 -11.89 49.08 -116.99
CA MET H 1 -11.02 47.92 -117.10
C MET H 1 -10.81 47.55 -118.56
N ALA H 2 -11.91 47.21 -119.25
CA ALA H 2 -11.82 46.83 -120.66
C ALA H 2 -11.27 47.96 -121.51
N GLN H 3 -11.47 49.20 -121.08
CA GLN H 3 -11.08 50.35 -121.90
C GLN H 3 -9.64 50.81 -121.65
N VAL H 4 -9.04 50.47 -120.51
CA VAL H 4 -7.72 50.98 -120.14
C VAL H 4 -6.84 49.82 -119.70
N ILE H 5 -5.56 49.88 -120.04
CA ILE H 5 -4.58 48.92 -119.53
C ILE H 5 -3.39 49.58 -118.87
N ASN H 6 -3.20 50.89 -119.02
CA ASN H 6 -2.02 51.54 -118.46
C ASN H 6 -2.10 51.65 -116.94
N THR H 7 -3.31 51.73 -116.39
CA THR H 7 -3.51 51.84 -114.96
C THR H 7 -4.53 50.81 -114.51
N ASN H 8 -4.60 50.61 -113.19
CA ASN H 8 -5.61 49.72 -112.61
C ASN H 8 -6.15 50.39 -111.36
N SER H 9 -7.28 51.07 -111.51
CA SER H 9 -7.95 51.69 -110.38
C SER H 9 -8.31 50.66 -109.31
N LEU H 10 -8.78 49.49 -109.74
CA LEU H 10 -9.13 48.44 -108.80
C LEU H 10 -7.90 48.00 -108.00
N SER H 11 -6.77 47.81 -108.69
CA SER H 11 -5.56 47.41 -107.98
C SER H 11 -5.12 48.47 -106.98
N LEU H 12 -5.19 49.74 -107.37
CA LEU H 12 -4.78 50.80 -106.46
C LEU H 12 -5.66 50.84 -105.22
N ILE H 13 -6.98 50.74 -105.42
CA ILE H 13 -7.90 50.77 -104.27
C ILE H 13 -7.67 49.58 -103.36
N THR H 14 -7.47 48.39 -103.95
CA THR H 14 -7.22 47.20 -103.14
C THR H 14 -5.92 47.34 -102.36
N GLN H 15 -4.88 47.89 -102.97
CA GLN H 15 -3.62 48.08 -102.27
C GLN H 15 -3.78 49.04 -101.10
N ASN H 16 -4.54 50.13 -101.30
CA ASN H 16 -4.79 51.05 -100.20
C ASN H 16 -5.49 50.36 -99.04
N ASN H 17 -6.52 49.57 -99.36
CA ASN H 17 -7.25 48.88 -98.30
C ASN H 17 -6.37 47.87 -97.59
N ILE H 18 -5.51 47.18 -98.33
CA ILE H 18 -4.61 46.20 -97.73
C ILE H 18 -3.66 46.88 -96.76
N ASN H 19 -3.10 48.02 -97.15
CA ASN H 19 -2.20 48.75 -96.24
C ASN H 19 -2.94 49.20 -94.99
N LYS H 20 -4.16 49.71 -95.17
CA LYS H 20 -4.94 50.16 -94.02
C LYS H 20 -5.18 49.03 -93.05
N ASN H 21 -5.48 47.82 -93.55
CA ASN H 21 -5.66 46.68 -92.66
C ASN H 21 -4.35 46.24 -92.04
N GLN H 22 -3.25 46.34 -92.79
CA GLN H 22 -1.97 45.86 -92.29
C GLN H 22 -1.51 46.67 -91.09
N SER H 23 -1.81 47.97 -91.09
CA SER H 23 -1.48 48.78 -89.91
C SER H 23 -2.10 48.20 -88.65
N ALA H 24 -3.41 47.92 -88.67
CA ALA H 24 -4.09 47.39 -87.49
C ALA H 24 -3.60 45.99 -87.16
N LEU H 25 -3.30 45.18 -88.17
CA LEU H 25 -2.77 43.85 -87.92
C LEU H 25 -1.46 43.92 -87.15
N SER H 26 -0.55 44.80 -87.58
CA SER H 26 0.72 44.95 -86.88
C SER H 26 0.50 45.44 -85.47
N SER H 27 -0.40 46.40 -85.28
CA SER H 27 -0.68 46.90 -83.94
C SER H 27 -1.15 45.78 -83.03
N SER H 28 -2.11 44.98 -83.51
CA SER H 28 -2.66 43.90 -82.70
C SER H 28 -1.60 42.86 -82.35
N ILE H 29 -0.77 42.49 -83.32
CA ILE H 29 0.24 41.46 -83.06
C ILE H 29 1.25 41.96 -82.04
N GLU H 30 1.72 43.20 -82.18
CA GLU H 30 2.70 43.70 -81.21
C GLU H 30 2.08 43.84 -79.82
N ARG H 31 0.80 44.24 -79.76
CA ARG H 31 0.14 44.33 -78.45
C ARG H 31 0.02 42.96 -77.81
N LEU H 32 -0.31 41.93 -78.59
CA LEU H 32 -0.37 40.57 -78.04
C LEU H 32 0.99 40.13 -77.55
N SER H 33 2.05 40.39 -78.32
CA SER H 33 3.38 39.95 -77.93
C SER H 33 3.83 40.62 -76.65
N SER H 34 3.62 41.94 -76.54
CA SER H 34 4.11 42.67 -75.38
C SER H 34 3.25 42.43 -74.14
N GLY H 35 1.94 42.31 -74.32
CA GLY H 35 1.06 42.17 -73.18
C GLY H 35 0.72 43.46 -72.49
N LEU H 36 0.81 44.59 -73.18
CA LEU H 36 0.53 45.90 -72.60
C LEU H 36 -0.42 46.67 -73.51
N ARG H 37 -1.39 47.35 -72.90
CA ARG H 37 -2.34 48.14 -73.66
C ARG H 37 -1.68 49.38 -74.25
N ILE H 38 -0.93 50.11 -73.42
CA ILE H 38 -0.22 51.30 -73.85
C ILE H 38 1.20 50.90 -74.19
N ASN H 39 1.52 50.91 -75.49
CA ASN H 39 2.80 50.43 -75.96
C ASN H 39 3.44 51.49 -76.83
N SER H 40 4.69 51.83 -76.52
CA SER H 40 5.49 52.79 -77.28
C SER H 40 4.83 54.17 -77.39
N ALA H 41 3.83 54.46 -76.55
CA ALA H 41 3.18 55.76 -76.46
C ALA H 41 2.68 56.25 -77.82
N LYS H 42 2.27 55.34 -78.70
CA LYS H 42 1.68 55.71 -79.98
C LYS H 42 0.21 56.07 -79.83
N ASP H 43 -0.22 56.26 -78.59
CA ASP H 43 -1.62 56.37 -78.20
C ASP H 43 -1.71 57.47 -77.14
N ASP H 44 -2.82 57.52 -76.41
CA ASP H 44 -3.00 58.56 -75.40
C ASP H 44 -1.83 58.57 -74.43
N ALA H 45 -1.04 59.64 -74.49
CA ALA H 45 0.17 59.74 -73.67
C ALA H 45 -0.15 60.01 -72.21
N ALA H 46 -1.37 60.43 -71.90
CA ALA H 46 -1.77 60.56 -70.51
C ALA H 46 -1.68 59.21 -69.81
N GLY H 47 -2.09 58.15 -70.49
CA GLY H 47 -1.95 56.82 -69.93
C GLY H 47 -0.50 56.45 -69.66
N GLN H 48 0.39 56.78 -70.59
CA GLN H 48 1.81 56.51 -70.40
C GLN H 48 2.35 57.24 -69.18
N ALA H 49 2.06 58.54 -69.07
CA ALA H 49 2.56 59.33 -67.96
C ALA H 49 2.02 58.83 -66.63
N ILE H 50 0.72 58.52 -66.59
CA ILE H 50 0.11 58.05 -65.34
C ILE H 50 0.67 56.68 -64.97
N ALA H 51 0.94 55.84 -65.96
CA ALA H 51 1.56 54.55 -65.67
C ALA H 51 2.95 54.73 -65.09
N ASN H 52 3.72 55.69 -65.61
CA ASN H 52 5.04 55.95 -65.05
C ASN H 52 4.92 56.43 -63.61
N ARG H 53 3.98 57.34 -63.33
CA ARG H 53 3.80 57.82 -61.97
C ARG H 53 3.43 56.67 -61.03
N PHE H 54 2.54 55.78 -61.47
CA PHE H 54 2.14 54.66 -60.64
C PHE H 54 3.29 53.70 -60.39
N THR H 55 4.13 53.47 -61.41
CA THR H 55 5.29 52.61 -61.20
C THR H 55 6.24 53.21 -60.18
N SER H 56 6.49 54.52 -60.28
CA SER H 56 7.33 55.18 -59.30
C SER H 56 6.77 55.04 -57.90
N ASN H 57 5.46 55.27 -57.75
CA ASN H 57 4.85 55.17 -56.42
C ASN H 57 4.93 53.75 -55.88
N ILE H 58 4.71 52.74 -56.73
CA ILE H 58 4.74 51.36 -56.26
C ILE H 58 6.14 50.99 -55.78
N LYS H 59 7.16 51.32 -56.56
CA LYS H 59 8.52 51.00 -56.15
C LYS H 59 8.89 51.73 -54.87
N GLY H 60 8.55 53.02 -54.77
CA GLY H 60 8.84 53.75 -53.55
C GLY H 60 8.17 53.17 -52.33
N LEU H 61 6.90 52.78 -52.47
CA LEU H 61 6.18 52.22 -51.32
C LEU H 61 6.77 50.88 -50.90
N THR H 62 7.16 50.03 -51.85
CA THR H 62 7.76 48.76 -51.48
C THR H 62 9.06 48.97 -50.72
N GLN H 63 9.92 49.87 -51.23
CA GLN H 63 11.18 50.13 -50.55
C GLN H 63 10.94 50.73 -49.17
N ALA H 64 9.92 51.58 -49.04
CA ALA H 64 9.58 52.15 -47.74
C ALA H 64 9.14 51.07 -46.76
N ALA H 65 8.38 50.09 -47.24
CA ALA H 65 7.99 48.97 -46.39
C ALA H 65 9.22 48.21 -45.88
N ARG H 66 10.19 47.98 -46.77
CA ARG H 66 11.42 47.33 -46.33
C ARG H 66 12.14 48.16 -45.26
N ASN H 67 12.20 49.49 -45.45
CA ASN H 67 12.84 50.35 -44.47
C ASN H 67 12.15 50.27 -43.12
N ALA H 68 10.81 50.25 -43.14
CA ALA H 68 10.07 50.14 -41.89
C ALA H 68 10.35 48.81 -41.19
N ASN H 69 10.50 47.73 -41.96
CA ASN H 69 10.88 46.46 -41.35
C ASN H 69 12.23 46.56 -40.66
N ASP H 70 13.19 47.23 -41.31
CA ASP H 70 14.48 47.42 -40.66
C ASP H 70 14.35 48.21 -39.36
N GLY H 71 13.51 49.24 -39.36
CA GLY H 71 13.28 49.99 -38.14
C GLY H 71 12.70 49.15 -37.02
N ILE H 72 11.76 48.26 -37.38
CA ILE H 72 11.22 47.34 -36.38
C ILE H 72 12.33 46.48 -35.79
N SER H 73 13.25 46.02 -36.63
CA SER H 73 14.37 45.22 -36.14
C SER H 73 15.21 46.01 -35.14
N VAL H 74 15.48 47.28 -35.46
CA VAL H 74 16.25 48.13 -34.54
C VAL H 74 15.56 48.22 -33.20
N ALA H 75 14.25 48.47 -33.23
CA ALA H 75 13.49 48.58 -31.99
C ALA H 75 13.56 47.31 -31.17
N GLN H 76 13.44 46.15 -31.83
CA GLN H 76 13.49 44.89 -31.11
C GLN H 76 14.82 44.68 -30.41
N THR H 77 15.92 44.96 -31.12
CA THR H 77 17.24 44.77 -30.51
C THR H 77 17.42 45.68 -29.29
N THR H 78 17.06 46.95 -29.45
CA THR H 78 17.19 47.88 -28.33
C THR H 78 16.36 47.43 -27.14
N GLU H 79 15.14 46.95 -27.41
CA GLU H 79 14.27 46.54 -26.32
C GLU H 79 14.80 45.31 -25.59
N GLY H 80 15.41 44.37 -26.31
CA GLY H 80 16.04 43.25 -25.64
C GLY H 80 17.15 43.68 -24.70
N ALA H 81 18.00 44.60 -25.17
CA ALA H 81 19.06 45.12 -24.29
C ALA H 81 18.46 45.78 -23.05
N LEU H 82 17.39 46.57 -23.24
CA LEU H 82 16.74 47.21 -22.11
C LEU H 82 16.20 46.19 -21.13
N SER H 83 15.63 45.09 -21.63
CA SER H 83 15.09 44.06 -20.74
C SER H 83 16.18 43.45 -19.87
N GLU H 84 17.34 43.17 -20.46
CA GLU H 84 18.43 42.61 -19.66
C GLU H 84 18.89 43.61 -18.60
N ILE H 85 19.00 44.89 -18.96
CA ILE H 85 19.40 45.90 -17.99
C ILE H 85 18.39 45.97 -16.85
N ASN H 86 17.10 45.85 -17.18
CA ASN H 86 16.06 45.90 -16.15
C ASN H 86 16.18 44.74 -15.18
N ASN H 87 16.45 43.54 -15.70
CA ASN H 87 16.64 42.39 -14.81
C ASN H 87 17.80 42.62 -13.86
N ASN H 88 18.92 43.16 -14.39
CA ASN H 88 20.06 43.44 -13.52
C ASN H 88 19.69 44.45 -12.44
N LEU H 89 18.93 45.49 -12.79
CA LEU H 89 18.54 46.48 -11.81
C LEU H 89 17.65 45.89 -10.72
N GLN H 90 16.73 45.00 -11.09
CA GLN H 90 15.89 44.35 -10.10
C GLN H 90 16.74 43.54 -9.12
N ARG H 91 17.72 42.80 -9.65
CA ARG H 91 18.58 42.02 -8.76
C ARG H 91 19.38 42.92 -7.83
N ILE H 92 19.88 44.06 -8.35
CA ILE H 92 20.62 44.99 -7.50
C ILE H 92 19.73 45.52 -6.38
N ARG H 93 18.47 45.84 -6.69
CA ARG H 93 17.57 46.32 -5.66
C ARG H 93 17.34 45.26 -4.58
N GLU H 94 17.18 44.00 -4.99
CA GLU H 94 17.00 42.95 -4.00
C GLU H 94 18.22 42.84 -3.09
N LEU H 95 19.42 42.94 -3.68
CA LEU H 95 20.63 42.94 -2.88
C LEU H 95 20.67 44.11 -1.90
N THR H 96 20.24 45.29 -2.33
CA THR H 96 20.22 46.44 -1.44
C THR H 96 19.27 46.22 -0.27
N VAL H 97 18.09 45.65 -0.55
CA VAL H 97 17.13 45.38 0.52
C VAL H 97 17.73 44.40 1.50
N GLN H 98 18.49 43.41 1.01
CA GLN H 98 19.21 42.53 1.93
C GLN H 98 20.25 43.26 2.74
N ALA H 99 20.98 44.19 2.13
CA ALA H 99 22.13 44.80 2.79
C ALA H 99 21.74 45.82 3.84
N THR H 100 20.61 46.51 3.66
CA THR H 100 20.27 47.59 4.59
C THR H 100 19.95 47.11 6.00
N THR H 101 19.79 45.80 6.21
CA THR H 101 19.53 45.29 7.55
C THR H 101 20.74 45.53 8.45
N GLY H 102 20.47 45.81 9.73
CA GLY H 102 21.54 46.04 10.69
C GLY H 102 22.17 44.79 11.25
N THR H 103 21.63 43.61 10.93
CA THR H 103 22.24 42.37 11.40
C THR H 103 23.55 42.09 10.67
N ASN H 104 23.63 42.45 9.39
CA ASN H 104 24.80 42.13 8.59
C ASN H 104 26.04 42.83 9.13
N SER H 105 27.17 42.14 9.05
CA SER H 105 28.44 42.66 9.55
C SER H 105 29.24 43.29 8.41
N ASP H 106 30.46 43.70 8.72
CA ASP H 106 31.28 44.43 7.75
C ASP H 106 31.64 43.56 6.55
N SER H 107 32.03 42.30 6.79
CA SER H 107 32.36 41.42 5.68
C SER H 107 31.15 41.14 4.82
N ASP H 108 29.98 40.97 5.44
CA ASP H 108 28.76 40.74 4.69
C ASP H 108 28.45 41.94 3.79
N LEU H 109 28.58 43.14 4.34
CA LEU H 109 28.35 44.34 3.54
C LEU H 109 29.36 44.43 2.40
N ASP H 110 30.62 44.07 2.67
CA ASP H 110 31.63 44.10 1.63
C ASP H 110 31.29 43.15 0.49
N SER H 111 30.85 41.94 0.83
CA SER H 111 30.49 40.97 -0.21
C SER H 111 29.29 41.45 -1.02
N ILE H 112 28.28 42.00 -0.34
CA ILE H 112 27.11 42.49 -1.06
C ILE H 112 27.50 43.64 -1.98
N GLN H 113 28.38 44.53 -1.51
CA GLN H 113 28.82 45.63 -2.36
C GLN H 113 29.62 45.13 -3.54
N ASP H 114 30.41 44.07 -3.36
CA ASP H 114 31.13 43.48 -4.48
C ASP H 114 30.15 42.98 -5.55
N GLU H 115 29.10 42.28 -5.11
CA GLU H 115 28.11 41.81 -6.07
C GLU H 115 27.42 42.97 -6.79
N ILE H 116 27.07 44.01 -6.04
CA ILE H 116 26.41 45.17 -6.64
C ILE H 116 27.32 45.86 -7.66
N LYS H 117 28.61 45.97 -7.32
CA LYS H 117 29.55 46.57 -8.27
C LYS H 117 29.67 45.72 -9.53
N SER H 118 29.69 44.40 -9.37
CA SER H 118 29.75 43.53 -10.55
C SER H 118 28.55 43.75 -11.45
N ARG H 119 27.36 43.84 -10.86
CA ARG H 119 26.17 44.00 -11.70
C ARG H 119 26.09 45.39 -12.32
N LEU H 120 26.56 46.42 -11.62
CA LEU H 120 26.66 47.74 -12.26
C LEU H 120 27.63 47.70 -13.42
N ASP H 121 28.73 46.96 -13.28
CA ASP H 121 29.67 46.80 -14.37
C ASP H 121 29.00 46.12 -15.56
N GLU H 122 28.16 45.11 -15.30
CA GLU H 122 27.39 44.51 -16.39
C GLU H 122 26.46 45.50 -17.07
N ILE H 123 25.78 46.33 -16.28
CA ILE H 123 24.88 47.31 -16.88
C ILE H 123 25.66 48.23 -17.82
N ASP H 124 26.79 48.74 -17.34
CA ASP H 124 27.61 49.62 -18.17
C ASP H 124 28.12 48.89 -19.40
N ARG H 125 28.58 47.65 -19.24
CA ARG H 125 29.14 46.90 -20.36
C ARG H 125 28.09 46.65 -21.43
N VAL H 126 26.90 46.18 -21.03
CA VAL H 126 25.85 45.90 -22.00
C VAL H 126 25.45 47.18 -22.73
N SER H 127 25.29 48.27 -21.98
CA SER H 127 24.91 49.54 -22.60
C SER H 127 25.95 49.99 -23.61
N GLY H 128 27.23 49.91 -23.24
CA GLY H 128 28.27 50.37 -24.14
C GLY H 128 28.42 49.52 -25.38
N GLN H 129 28.33 48.19 -25.23
CA GLN H 129 28.68 47.28 -26.30
C GLN H 129 27.50 46.79 -27.13
N THR H 130 26.26 47.10 -26.73
CA THR H 130 25.14 46.76 -27.60
C THR H 130 25.21 47.55 -28.89
N GLN H 131 25.13 46.85 -30.02
CA GLN H 131 25.39 47.47 -31.32
C GLN H 131 24.46 46.86 -32.37
N PHE H 132 23.99 47.71 -33.28
CA PHE H 132 23.19 47.29 -34.42
C PHE H 132 23.73 47.96 -35.66
N ASN H 133 24.26 47.16 -36.60
CA ASN H 133 24.78 47.67 -37.87
C ASN H 133 25.82 48.76 -37.65
N GLY H 134 26.71 48.54 -36.68
CA GLY H 134 27.77 49.50 -36.43
C GLY H 134 27.35 50.75 -35.68
N VAL H 135 26.13 50.79 -35.16
CA VAL H 135 25.62 51.93 -34.41
C VAL H 135 25.38 51.51 -32.98
N ASN H 136 25.97 52.24 -32.04
CA ASN H 136 25.75 51.97 -30.61
C ASN H 136 24.45 52.63 -30.21
N VAL H 137 23.38 51.84 -30.16
CA VAL H 137 22.05 52.39 -29.94
C VAL H 137 21.92 52.99 -28.54
N LEU H 138 22.59 52.39 -27.56
CA LEU H 138 22.46 52.80 -26.17
C LEU H 138 23.60 53.69 -25.70
N ALA H 139 24.46 54.16 -26.59
CA ALA H 139 25.56 55.02 -26.20
C ALA H 139 25.37 56.48 -26.58
N LYS H 140 24.35 56.80 -27.38
CA LYS H 140 24.10 58.16 -27.83
C LYS H 140 22.70 58.59 -27.43
N ASP H 141 22.45 59.89 -27.56
CA ASP H 141 21.17 60.48 -27.19
C ASP H 141 20.42 61.05 -28.39
N GLY H 142 20.70 60.54 -29.59
CA GLY H 142 20.14 61.09 -30.81
C GLY H 142 18.82 60.48 -31.21
N SER H 143 18.54 60.56 -32.51
CA SER H 143 17.33 59.98 -33.06
C SER H 143 17.62 59.48 -34.47
N MET H 144 16.86 58.47 -34.88
CA MET H 144 16.98 57.86 -36.19
C MET H 144 15.71 58.12 -36.99
N LYS H 145 15.88 58.61 -38.21
CA LYS H 145 14.76 58.94 -39.08
C LYS H 145 14.60 57.84 -40.11
N ILE H 146 13.39 57.28 -40.19
CA ILE H 146 13.09 56.17 -41.08
C ILE H 146 12.14 56.66 -42.15
N GLN H 147 12.51 56.41 -43.40
CA GLN H 147 11.66 56.77 -44.54
C GLN H 147 10.48 55.81 -44.62
N VAL H 148 9.27 56.35 -44.61
CA VAL H 148 8.07 55.53 -44.68
C VAL H 148 7.22 55.84 -45.89
N GLY H 149 7.28 57.05 -46.46
CA GLY H 149 6.56 57.37 -47.67
C GLY H 149 7.47 57.32 -48.89
N ALA H 150 6.86 57.63 -50.04
CA ALA H 150 7.59 57.69 -51.30
C ALA H 150 8.04 59.10 -51.66
N ASN H 151 7.66 60.10 -50.87
CA ASN H 151 8.03 61.48 -51.14
C ASN H 151 8.88 62.03 -49.98
N ASP H 152 9.29 63.29 -50.12
CA ASP H 152 10.16 63.91 -49.14
C ASP H 152 9.43 64.20 -47.84
N GLY H 153 10.14 64.09 -46.73
CA GLY H 153 9.61 64.48 -45.44
C GLY H 153 8.65 63.50 -44.81
N GLU H 154 8.44 62.34 -45.42
CA GLU H 154 7.53 61.33 -44.87
C GLU H 154 8.35 60.36 -44.03
N THR H 155 8.73 60.83 -42.85
CA THR H 155 9.64 60.09 -41.97
C THR H 155 9.00 59.84 -40.63
N ILE H 156 9.55 58.84 -39.93
CA ILE H 156 9.18 58.54 -38.55
C ILE H 156 10.45 58.51 -37.73
N THR H 157 10.42 59.15 -36.56
CA THR H 157 11.62 59.32 -35.76
C THR H 157 11.60 58.39 -34.56
N ILE H 158 12.70 57.67 -34.35
CA ILE H 158 12.91 56.86 -33.16
C ILE H 158 13.92 57.59 -32.30
N ASP H 159 13.51 57.96 -31.09
CA ASP H 159 14.41 58.63 -30.16
C ASP H 159 15.18 57.59 -29.35
N LEU H 160 16.48 57.83 -29.17
CA LEU H 160 17.33 56.96 -28.39
C LEU H 160 17.81 57.70 -27.15
N LYS H 161 18.16 56.94 -26.12
CA LYS H 161 18.61 57.52 -24.87
C LYS H 161 19.96 56.93 -24.50
N LYS H 162 20.84 57.77 -23.96
CA LYS H 162 22.11 57.30 -23.43
C LYS H 162 21.85 56.73 -22.04
N ILE H 163 21.89 55.42 -21.92
CA ILE H 163 21.64 54.74 -20.66
C ILE H 163 22.93 54.09 -20.19
N ASP H 164 23.35 54.45 -18.98
CA ASP H 164 24.52 53.87 -18.33
C ASP H 164 24.43 54.21 -16.86
N SER H 165 25.52 54.00 -16.13
CA SER H 165 25.55 54.43 -14.74
C SER H 165 25.39 55.94 -14.63
N ASP H 166 26.07 56.69 -15.50
CA ASP H 166 26.12 58.14 -15.36
C ASP H 166 24.73 58.76 -15.46
N THR H 167 23.91 58.29 -16.39
CA THR H 167 22.58 58.86 -16.60
C THR H 167 21.53 58.30 -15.65
N LEU H 168 21.89 57.33 -14.81
CA LEU H 168 20.98 56.83 -13.79
C LEU H 168 21.50 57.11 -12.39
N GLY H 169 22.59 57.85 -12.25
CA GLY H 169 23.14 58.07 -10.93
C GLY H 169 23.93 56.85 -10.50
N LEU H 170 23.70 56.41 -9.27
CA LEU H 170 24.22 55.13 -8.81
C LEU H 170 25.74 55.03 -8.89
N ASN H 171 26.41 56.14 -9.19
CA ASN H 171 27.86 56.09 -9.42
C ASN H 171 28.58 55.57 -8.20
N GLY H 172 28.52 56.30 -7.10
CA GLY H 172 29.03 55.80 -5.85
C GLY H 172 27.93 55.16 -5.04
N PHE H 173 27.46 53.98 -5.47
CA PHE H 173 26.34 53.35 -4.78
C PHE H 173 26.69 53.05 -3.33
N ASN H 174 27.89 52.56 -3.07
CA ASN H 174 28.53 52.66 -1.76
C ASN H 174 27.68 52.06 -0.65
N VAL H 175 27.16 50.85 -0.88
CA VAL H 175 26.33 50.22 0.15
C VAL H 175 27.13 50.02 1.43
N ASN H 176 28.38 49.57 1.30
CA ASN H 176 29.23 49.38 2.47
C ASN H 176 30.01 50.63 2.87
N GLY H 177 29.99 51.68 2.04
CA GLY H 177 30.65 52.92 2.38
C GLY H 177 32.07 53.07 1.89
N LYS H 178 32.48 52.34 0.85
CA LYS H 178 33.82 52.46 0.28
C LYS H 178 33.70 52.59 -1.23
N GLY H 179 34.02 53.77 -1.75
CA GLY H 179 33.86 54.02 -3.16
C GLY H 179 34.50 55.32 -3.57
N THR H 180 34.29 55.69 -4.83
CA THR H 180 34.92 56.86 -5.42
C THR H 180 33.86 57.85 -5.88
N ILE H 181 34.29 59.09 -6.11
CA ILE H 181 33.37 60.16 -6.49
C ILE H 181 33.82 60.82 -7.79
N THR H 182 35.12 60.79 -8.07
CA THR H 182 35.71 61.51 -9.21
C THR H 182 35.27 62.97 -9.19
N ASN H 183 35.73 63.65 -8.13
CA ASN H 183 35.12 64.88 -7.63
C ASN H 183 34.73 65.94 -8.66
N LYS H 184 35.70 66.55 -9.37
CA LYS H 184 35.39 67.68 -10.23
C LYS H 184 36.69 68.15 -10.89
N ALA H 185 36.54 69.06 -11.85
CA ALA H 185 37.66 69.78 -12.44
C ALA H 185 37.53 71.26 -12.10
N ALA H 186 38.63 71.87 -11.65
CA ALA H 186 38.60 73.24 -11.16
C ALA H 186 38.41 74.23 -12.30
N THR H 187 38.15 75.49 -11.94
CA THR H 187 37.98 76.57 -12.89
C THR H 187 38.51 77.87 -12.30
N VAL H 188 38.53 78.91 -13.13
CA VAL H 188 39.06 80.20 -12.71
C VAL H 188 38.22 80.81 -11.60
N SER H 189 36.90 80.60 -11.66
CA SER H 189 36.04 81.08 -10.58
C SER H 189 36.37 80.39 -9.27
N ASP H 190 36.64 79.08 -9.32
CA ASP H 190 37.04 78.36 -8.12
C ASP H 190 38.37 78.89 -7.60
N LEU H 191 39.31 79.19 -8.49
CA LEU H 191 40.59 79.73 -8.05
C LEU H 191 40.41 81.09 -7.39
N THR H 192 39.58 81.95 -7.97
CA THR H 192 39.33 83.26 -7.38
C THR H 192 38.68 83.12 -6.01
N SER H 193 37.72 82.20 -5.88
CA SER H 193 37.09 81.96 -4.59
C SER H 193 38.10 81.46 -3.57
N ALA H 194 39.00 80.57 -3.98
CA ALA H 194 40.06 80.09 -3.10
C ALA H 194 41.06 81.18 -2.76
N GLY H 195 41.12 82.25 -3.55
CA GLY H 195 41.96 83.39 -3.23
C GLY H 195 43.19 83.56 -4.09
N ALA H 196 43.33 82.82 -5.17
CA ALA H 196 44.47 82.98 -6.05
C ALA H 196 44.43 84.36 -6.71
N LYS H 197 45.61 84.96 -6.88
CA LYS H 197 45.74 86.28 -7.47
C LYS H 197 46.34 86.16 -8.86
N LEU H 198 45.81 86.95 -9.80
CA LEU H 198 46.35 86.96 -11.15
C LEU H 198 47.64 87.78 -11.18
N ASN H 199 48.68 87.21 -11.79
CA ASN H 199 49.96 87.90 -11.94
C ASN H 199 49.94 88.64 -13.28
N THR H 200 49.96 89.98 -13.22
CA THR H 200 49.79 90.77 -14.43
C THR H 200 50.95 90.57 -15.40
N THR H 201 52.17 90.48 -14.89
CA THR H 201 53.33 90.41 -15.78
C THR H 201 53.42 89.08 -16.52
N THR H 202 52.93 87.99 -15.91
CA THR H 202 53.04 86.67 -16.52
C THR H 202 51.71 86.09 -16.97
N GLY H 203 50.58 86.56 -16.43
CA GLY H 203 49.29 86.05 -16.81
C GLY H 203 48.84 84.81 -16.06
N LEU H 204 49.69 84.26 -15.21
CA LEU H 204 49.32 83.07 -14.45
C LEU H 204 48.46 83.43 -13.24
N TYR H 205 47.96 82.40 -12.58
CA TYR H 205 47.25 82.55 -11.31
C TYR H 205 48.10 81.94 -10.21
N ASP H 206 48.51 82.76 -9.24
CA ASP H 206 49.37 82.33 -8.16
C ASP H 206 48.54 82.22 -6.88
N LEU H 207 48.63 81.08 -6.22
CA LEU H 207 47.94 80.83 -4.95
C LEU H 207 48.98 80.77 -3.85
N LYS H 208 48.83 81.63 -2.85
CA LYS H 208 49.75 81.71 -1.72
C LYS H 208 49.04 81.25 -0.45
N THR H 209 49.64 80.29 0.23
CA THR H 209 49.13 79.77 1.49
C THR H 209 50.11 80.10 2.60
N GLU H 210 49.61 80.69 3.68
CA GLU H 210 50.45 81.10 4.78
C GLU H 210 50.68 79.96 5.76
N ASN H 211 51.72 80.10 6.57
CA ASN H 211 52.13 79.06 7.51
C ASN H 211 52.30 79.69 8.89
N THR H 212 51.66 79.11 9.89
CA THR H 212 51.67 79.67 11.23
C THR H 212 52.96 79.32 11.96
N LEU H 213 53.55 80.30 12.63
CA LEU H 213 54.76 80.08 13.39
C LEU H 213 54.50 79.11 14.53
N LEU H 214 55.56 78.39 14.92
CA LEU H 214 55.44 77.39 15.98
C LEU H 214 55.00 78.04 17.28
N THR H 215 54.04 77.40 17.95
CA THR H 215 53.50 77.87 19.22
C THR H 215 53.88 76.92 20.33
N THR H 216 53.77 77.43 21.57
CA THR H 216 54.14 76.63 22.74
C THR H 216 53.24 75.41 22.88
N ASP H 217 51.96 75.55 22.56
CA ASP H 217 51.04 74.42 22.66
C ASP H 217 51.43 73.31 21.69
N ALA H 218 51.74 73.67 20.45
CA ALA H 218 52.15 72.66 19.47
C ALA H 218 53.48 72.03 19.87
N ALA H 219 54.42 72.84 20.37
CA ALA H 219 55.69 72.30 20.82
C ALA H 219 55.49 71.30 21.96
N PHE H 220 54.62 71.63 22.90
CA PHE H 220 54.35 70.73 24.02
C PHE H 220 53.67 69.46 23.54
N ASP H 221 52.77 69.58 22.56
CA ASP H 221 52.13 68.39 21.99
C ASP H 221 53.16 67.48 21.33
N LYS H 222 54.12 68.07 20.62
CA LYS H 222 55.15 67.27 19.96
C LYS H 222 56.31 66.91 20.89
N LEU H 223 56.28 67.34 22.14
CA LEU H 223 57.32 66.97 23.09
C LEU H 223 57.38 65.45 23.25
N GLY H 224 58.61 64.93 23.34
CA GLY H 224 58.82 63.51 23.50
C GLY H 224 59.66 63.22 24.74
N ASN H 225 59.92 61.93 24.94
CA ASN H 225 60.71 61.50 26.08
C ASN H 225 62.14 62.00 25.98
N GLY H 226 62.68 62.49 27.09
CA GLY H 226 64.03 63.00 27.14
C GLY H 226 64.20 64.42 26.63
N ASP H 227 63.12 65.11 26.29
CA ASP H 227 63.23 66.47 25.78
C ASP H 227 63.62 67.44 26.90
N LYS H 228 64.36 68.47 26.52
CA LYS H 228 64.90 69.44 27.46
C LYS H 228 64.32 70.83 27.17
N VAL H 229 63.78 71.46 28.19
CA VAL H 229 63.19 72.79 28.08
C VAL H 229 63.95 73.74 28.99
N THR H 230 64.45 74.84 28.44
CA THR H 230 65.23 75.82 29.18
C THR H 230 64.48 77.14 29.18
N VAL H 231 63.87 77.48 30.31
CA VAL H 231 63.19 78.76 30.49
C VAL H 231 63.69 79.38 31.79
N GLY H 232 64.03 80.66 31.73
CA GLY H 232 64.53 81.34 32.91
C GLY H 232 65.85 80.82 33.42
N GLY H 233 66.63 80.15 32.56
CA GLY H 233 67.93 79.64 32.94
C GLY H 233 67.93 78.33 33.68
N VAL H 234 66.78 77.67 33.84
CA VAL H 234 66.68 76.40 34.54
C VAL H 234 66.20 75.34 33.55
N ASP H 235 66.80 74.16 33.62
CA ASP H 235 66.53 73.10 32.65
C ASP H 235 65.56 72.09 33.22
N TYR H 236 64.53 71.75 32.43
CA TYR H 236 63.51 70.78 32.80
C TYR H 236 63.56 69.63 31.81
N THR H 237 63.39 68.40 32.29
CA THR H 237 63.42 67.22 31.43
C THR H 237 62.02 66.60 31.40
N TYR H 238 61.49 66.42 30.19
CA TYR H 238 60.15 65.86 30.04
C TYR H 238 60.15 64.39 30.37
N ASN H 239 59.09 63.95 31.07
CA ASN H 239 58.87 62.54 31.37
C ASN H 239 57.51 62.15 30.81
N ALA H 240 57.52 61.24 29.83
CA ALA H 240 56.30 60.77 29.21
C ALA H 240 55.57 59.75 30.07
N LYS H 241 56.31 58.97 30.87
CA LYS H 241 55.66 57.98 31.73
C LYS H 241 54.72 58.65 32.71
N SER H 242 55.17 59.73 33.34
CA SER H 242 54.31 60.53 34.20
C SER H 242 53.86 61.83 33.54
N GLY H 243 54.42 62.18 32.38
CA GLY H 243 54.00 63.35 31.65
C GLY H 243 54.21 64.66 32.38
N ASP H 244 55.41 64.88 32.91
CA ASP H 244 55.69 66.07 33.71
C ASP H 244 57.18 66.37 33.63
N PHE H 245 57.55 67.57 34.04
CA PHE H 245 58.95 67.99 33.96
C PHE H 245 59.67 67.68 35.26
N THR H 246 60.80 67.00 35.16
CA THR H 246 61.66 66.74 36.30
C THR H 246 62.83 67.72 36.27
N THR H 247 63.22 68.17 37.45
CA THR H 247 64.25 69.19 37.61
C THR H 247 65.25 68.71 38.65
N THR H 248 66.48 69.22 38.53
CA THR H 248 67.50 69.03 39.56
C THR H 248 67.81 70.38 40.19
N LYS H 249 67.47 70.54 41.46
CA LYS H 249 67.64 71.81 42.16
C LYS H 249 68.71 71.66 43.25
N SER H 250 69.73 72.49 43.16
CA SER H 250 70.68 72.61 44.26
C SER H 250 70.11 73.51 45.35
N THR H 251 70.68 73.39 46.54
CA THR H 251 70.22 74.20 47.67
C THR H 251 70.39 75.68 47.38
N ALA H 252 71.63 76.14 47.29
CA ALA H 252 71.93 77.56 47.10
C ALA H 252 73.41 77.68 46.81
N GLY H 253 73.92 78.92 46.80
CA GLY H 253 75.32 79.19 46.59
C GLY H 253 75.59 79.91 45.28
N THR H 254 75.79 81.22 45.38
CA THR H 254 76.10 82.05 44.22
C THR H 254 77.36 82.87 44.42
N GLY H 255 77.63 83.33 45.64
CA GLY H 255 78.86 84.05 45.90
C GLY H 255 80.08 83.14 45.81
N VAL H 256 81.23 83.77 45.50
CA VAL H 256 82.46 83.03 45.29
C VAL H 256 83.36 82.98 46.51
N ASP H 257 83.05 83.73 47.56
CA ASP H 257 83.85 83.76 48.77
C ASP H 257 82.98 83.48 49.98
N ALA H 258 83.63 83.29 51.13
CA ALA H 258 82.90 82.95 52.35
C ALA H 258 81.97 84.09 52.77
N ALA H 259 82.44 85.33 52.68
CA ALA H 259 81.63 86.49 53.03
C ALA H 259 80.80 86.92 51.83
N ALA H 260 79.77 86.12 51.54
CA ALA H 260 78.88 86.38 50.42
C ALA H 260 77.49 85.91 50.79
N GLN H 261 76.56 86.06 49.84
CA GLN H 261 75.19 85.61 50.02
C GLN H 261 75.04 84.11 49.89
N ALA H 262 76.10 83.38 49.53
CA ALA H 262 76.00 81.94 49.44
C ALA H 262 75.59 81.34 50.78
N ALA H 263 76.19 81.82 51.87
CA ALA H 263 75.94 81.22 53.18
C ALA H 263 74.50 81.44 53.64
N ASP H 264 74.01 82.68 53.60
CA ASP H 264 72.66 82.94 54.10
C ASP H 264 71.62 82.35 53.16
N SER H 265 71.87 82.35 51.85
CA SER H 265 70.97 81.66 50.94
C SER H 265 70.90 80.18 51.24
N ALA H 266 72.05 79.55 51.51
CA ALA H 266 72.05 78.13 51.84
C ALA H 266 71.27 77.87 53.12
N SER H 267 71.47 78.71 54.14
CA SER H 267 70.77 78.51 55.40
C SER H 267 69.26 78.67 55.23
N LYS H 268 68.84 79.70 54.50
CA LYS H 268 67.41 79.92 54.32
C LYS H 268 66.78 78.82 53.46
N ARG H 269 67.51 78.30 52.47
CA ARG H 269 66.98 77.20 51.68
C ARG H 269 66.87 75.93 52.52
N ASP H 270 67.86 75.68 53.39
CA ASP H 270 67.77 74.55 54.31
C ASP H 270 66.57 74.69 55.23
N ALA H 271 66.35 75.89 55.76
CA ALA H 271 65.20 76.13 56.61
C ALA H 271 63.89 75.92 55.87
N LEU H 272 63.84 76.39 54.61
CA LEU H 272 62.62 76.21 53.81
C LEU H 272 62.36 74.73 53.56
N ALA H 273 63.39 73.96 53.24
CA ALA H 273 63.23 72.53 53.05
C ALA H 273 62.75 71.85 54.33
N ALA H 274 63.32 72.25 55.47
CA ALA H 274 62.89 71.68 56.75
C ALA H 274 61.43 72.00 57.03
N THR H 275 61.00 73.23 56.75
CA THR H 275 59.61 73.61 56.95
C THR H 275 58.69 72.81 56.02
N LEU H 276 59.11 72.62 54.77
CA LEU H 276 58.31 71.82 53.84
C LEU H 276 58.25 70.36 54.30
N HIS H 277 59.26 69.90 55.02
CA HIS H 277 59.32 68.53 55.50
C HIS H 277 58.48 68.32 56.77
N ALA H 278 57.63 69.28 57.13
CA ALA H 278 56.90 69.21 58.39
C ALA H 278 55.95 68.02 58.43
N ASP H 279 54.95 68.01 57.56
CA ASP H 279 53.91 66.97 57.54
C ASP H 279 53.31 66.77 58.93
N VAL H 280 52.63 67.82 59.41
CA VAL H 280 52.08 67.79 60.76
C VAL H 280 50.98 66.74 60.88
N GLY H 281 50.14 66.60 59.86
CA GLY H 281 48.96 65.74 59.98
C GLY H 281 49.32 64.28 60.20
N LYS H 282 50.26 63.76 59.42
CA LYS H 282 50.61 62.34 59.48
C LYS H 282 52.12 62.18 59.45
N SER H 283 52.57 61.06 60.01
CA SER H 283 53.98 60.74 60.09
C SER H 283 54.47 60.14 58.77
N VAL H 284 55.79 60.28 58.53
CA VAL H 284 56.42 59.72 57.35
C VAL H 284 57.73 59.05 57.73
N ASN H 285 58.09 58.02 56.97
CA ASN H 285 59.28 57.23 57.19
C ASN H 285 60.30 57.46 56.09
N GLY H 286 61.58 57.44 56.45
CA GLY H 286 62.68 57.57 55.53
C GLY H 286 63.95 56.90 56.02
N SER H 287 65.07 57.23 55.37
CA SER H 287 66.36 56.65 55.74
C SER H 287 67.45 57.69 55.58
N TYR H 288 68.36 57.73 56.56
CA TYR H 288 69.51 58.64 56.56
C TYR H 288 70.77 57.80 56.44
N THR H 289 71.55 58.04 55.40
CA THR H 289 72.71 57.21 55.09
C THR H 289 73.95 58.09 55.06
N THR H 290 74.97 57.68 55.82
CA THR H 290 76.27 58.34 55.79
C THR H 290 77.14 57.69 54.71
N LYS H 291 78.44 57.97 54.75
CA LYS H 291 79.33 57.45 53.71
C LYS H 291 79.35 55.94 53.70
N ASP H 292 79.37 55.30 54.88
CA ASP H 292 79.44 53.85 54.97
C ASP H 292 78.36 53.23 55.85
N GLY H 293 77.43 54.02 56.37
CA GLY H 293 76.39 53.48 57.23
C GLY H 293 75.06 54.15 56.97
N THR H 294 73.99 53.44 57.35
CA THR H 294 72.63 53.91 57.15
C THR H 294 71.81 53.64 58.40
N VAL H 295 70.73 54.40 58.56
CA VAL H 295 69.85 54.29 59.71
C VAL H 295 68.43 54.61 59.26
N SER H 296 67.45 53.94 59.88
CA SER H 296 66.05 54.23 59.61
C SER H 296 65.68 55.59 60.19
N PHE H 297 64.49 56.07 59.81
CA PHE H 297 64.03 57.37 60.23
C PHE H 297 62.50 57.37 60.21
N GLU H 298 61.87 57.86 61.28
CA GLU H 298 60.42 57.93 61.36
C GLU H 298 60.03 59.24 62.04
N THR H 299 59.64 60.24 61.26
CA THR H 299 59.27 61.53 61.82
C THR H 299 57.77 61.69 61.82
N ASP H 300 57.25 62.41 62.83
CA ASP H 300 55.82 62.61 62.98
C ASP H 300 55.38 64.00 62.51
N SER H 301 55.96 65.05 63.10
CA SER H 301 55.57 66.41 62.76
C SER H 301 56.69 67.35 63.18
N ALA H 302 56.72 68.51 62.51
CA ALA H 302 57.69 69.57 62.80
C ALA H 302 59.13 69.08 62.67
N GLY H 303 59.34 68.05 61.87
CA GLY H 303 60.68 67.49 61.70
C GLY H 303 61.27 66.92 62.96
N ASN H 304 60.48 66.19 63.74
CA ASN H 304 60.94 65.57 64.97
C ASN H 304 61.47 64.18 64.67
N ILE H 305 62.71 63.91 65.06
CA ILE H 305 63.38 62.65 64.75
C ILE H 305 62.98 61.62 65.81
N THR H 306 62.40 60.51 65.36
CA THR H 306 62.04 59.41 66.25
C THR H 306 62.51 58.11 65.63
N ILE H 307 63.29 57.34 66.39
CA ILE H 307 63.84 56.07 65.93
C ILE H 307 63.33 54.99 66.88
N GLY H 308 62.52 54.08 66.35
CA GLY H 308 61.99 52.99 67.15
C GLY H 308 61.18 53.43 68.34
N GLY H 309 60.43 54.51 68.21
CA GLY H 309 59.62 55.03 69.30
C GLY H 309 60.39 55.87 70.31
N SER H 310 61.69 56.05 70.14
CA SER H 310 62.52 56.84 71.04
C SER H 310 63.18 57.96 70.25
N GLN H 311 63.14 59.18 70.78
CA GLN H 311 63.69 60.32 70.08
C GLN H 311 65.20 60.20 69.97
N ALA H 312 65.72 60.37 68.75
CA ALA H 312 67.15 60.36 68.51
C ALA H 312 67.67 61.79 68.46
N TYR H 313 68.99 61.91 68.29
CA TYR H 313 69.65 63.20 68.29
C TYR H 313 70.75 63.18 67.23
N VAL H 314 71.15 64.37 66.81
CA VAL H 314 72.17 64.54 65.78
C VAL H 314 73.43 65.12 66.40
N ASP H 315 74.58 64.60 65.98
CA ASP H 315 75.87 65.01 66.47
C ASP H 315 76.42 66.17 65.64
N ASP H 316 77.66 66.56 65.93
CA ASP H 316 78.30 67.64 65.17
C ASP H 316 78.51 67.24 63.72
N ALA H 317 78.93 65.99 63.47
CA ALA H 317 79.25 65.52 62.13
C ALA H 317 78.05 64.91 61.41
N GLY H 318 76.83 65.21 61.86
CA GLY H 318 75.65 64.67 61.23
C GLY H 318 75.29 63.26 61.66
N ASN H 319 76.06 62.67 62.58
CA ASN H 319 75.78 61.32 63.05
C ASN H 319 74.45 61.29 63.79
N LEU H 320 73.71 60.19 63.63
CA LEU H 320 72.45 59.99 64.32
C LEU H 320 72.64 58.99 65.46
N THR H 321 72.35 59.41 66.68
CA THR H 321 72.53 58.57 67.85
C THR H 321 71.31 58.69 68.76
N THR H 322 70.89 57.56 69.32
CA THR H 322 69.78 57.59 70.27
C THR H 322 70.18 58.21 71.60
N ASN H 323 71.46 58.21 71.92
CA ASN H 323 71.98 58.76 73.16
C ASN H 323 72.49 60.18 72.96
N ASN H 324 72.86 60.82 74.06
CA ASN H 324 73.41 62.17 74.06
C ASN H 324 74.74 62.19 74.82
N ALA H 325 75.74 62.83 74.23
CA ALA H 325 77.03 63.05 74.87
C ALA H 325 77.22 64.55 75.03
N GLY H 326 77.31 65.00 76.27
CA GLY H 326 77.45 66.43 76.53
C GLY H 326 76.25 67.25 76.15
N SER H 327 75.04 66.69 76.28
CA SER H 327 73.79 67.41 76.00
C SER H 327 73.73 67.93 74.57
N ALA H 328 74.42 67.26 73.65
CA ALA H 328 74.40 67.65 72.23
C ALA H 328 73.22 66.98 71.54
N ALA H 329 72.02 67.36 71.97
CA ALA H 329 70.80 66.74 71.45
C ALA H 329 70.38 67.36 70.12
N LYS H 330 69.98 68.63 70.15
CA LYS H 330 69.51 69.38 68.99
C LYS H 330 68.69 68.51 68.04
N ALA H 331 67.69 67.84 68.60
CA ALA H 331 66.87 66.87 67.86
C ALA H 331 65.80 67.62 67.07
N ASP H 332 66.20 68.09 65.89
CA ASP H 332 65.28 68.80 65.01
C ASP H 332 65.73 68.64 63.58
N MET H 333 64.77 68.80 62.65
CA MET H 333 65.09 68.69 61.23
C MET H 333 66.08 69.77 60.80
N LYS H 334 65.88 71.01 61.25
CA LYS H 334 66.80 72.08 60.88
C LYS H 334 68.21 71.80 61.38
N ALA H 335 68.33 71.36 62.63
CA ALA H 335 69.65 71.05 63.17
C ALA H 335 70.29 69.88 62.44
N LEU H 336 69.51 68.84 62.13
CA LEU H 336 70.05 67.70 61.40
C LEU H 336 70.55 68.12 60.02
N LEU H 337 69.76 68.93 59.31
CA LEU H 337 70.17 69.38 57.99
C LEU H 337 71.42 70.24 58.05
N LYS H 338 71.48 71.14 59.04
CA LYS H 338 72.67 71.99 59.17
C LYS H 338 73.90 71.16 59.52
N ALA H 339 73.76 70.18 60.41
CA ALA H 339 74.88 69.32 60.74
C ALA H 339 75.34 68.51 59.55
N ALA H 340 74.39 68.01 58.75
CA ALA H 340 74.76 67.27 57.54
C ALA H 340 75.48 68.18 56.55
N SER H 341 75.00 69.41 56.40
CA SER H 341 75.64 70.35 55.46
C SER H 341 77.04 70.70 55.91
N GLU H 342 77.24 70.93 57.20
CA GLU H 342 78.55 71.30 57.73
C GLU H 342 79.44 70.10 58.00
N GLY H 343 78.93 68.88 57.82
CA GLY H 343 79.73 67.71 58.09
C GLY H 343 80.84 67.52 57.09
N SER H 344 81.89 66.81 57.52
CA SER H 344 83.03 66.57 56.66
C SER H 344 82.66 65.68 55.49
N ASP H 345 81.76 64.71 55.71
CA ASP H 345 81.37 63.76 54.69
C ASP H 345 79.90 63.98 54.31
N GLY H 346 79.61 63.80 53.03
CA GLY H 346 78.25 63.96 52.55
C GLY H 346 77.35 62.81 52.98
N ALA H 347 76.05 63.02 52.78
CA ALA H 347 75.03 62.06 53.19
C ALA H 347 73.96 61.93 52.12
N SER H 348 73.08 60.94 52.31
CA SER H 348 71.94 60.73 51.42
C SER H 348 70.70 60.49 52.26
N LEU H 349 69.62 61.20 51.91
CA LEU H 349 68.34 61.06 52.59
C LEU H 349 67.32 60.52 51.61
N THR H 350 66.59 59.47 52.01
CA THR H 350 65.53 58.91 51.20
C THR H 350 64.22 59.08 51.95
N PHE H 351 63.25 59.76 51.31
CA PHE H 351 61.93 59.97 51.89
C PHE H 351 60.86 59.36 50.99
N ASN H 352 59.60 59.67 51.29
CA ASN H 352 58.50 59.19 50.45
C ASN H 352 58.64 59.68 49.02
N GLY H 353 59.10 60.91 48.85
CA GLY H 353 59.29 61.46 47.51
C GLY H 353 60.67 61.20 46.94
N THR H 354 61.31 62.24 46.45
CA THR H 354 62.61 62.11 45.82
C THR H 354 63.71 61.98 46.88
N GLU H 355 64.85 61.46 46.45
CA GLU H 355 66.00 61.26 47.31
C GLU H 355 66.93 62.46 47.24
N TYR H 356 67.32 62.97 48.40
CA TYR H 356 68.17 64.15 48.51
C TYR H 356 69.61 63.68 48.74
N THR H 357 70.57 64.40 48.16
CA THR H 357 71.98 64.11 48.40
C THR H 357 72.65 65.37 48.93
N ILE H 358 73.20 65.28 50.14
CA ILE H 358 73.93 66.37 50.76
C ILE H 358 75.40 66.20 50.41
N ALA H 359 75.94 67.13 49.64
CA ALA H 359 77.30 67.02 49.14
C ALA H 359 78.31 67.30 50.25
N LYS H 360 79.53 66.83 50.02
CA LYS H 360 80.63 67.01 50.97
C LYS H 360 80.94 68.48 51.19
N GLY H 376 75.52 71.99 50.55
CA GLY H 376 74.53 71.95 49.49
C GLY H 376 73.81 70.63 49.38
N ILE H 377 72.54 70.68 48.97
CA ILE H 377 71.73 69.49 48.77
C ILE H 377 71.25 69.51 47.32
N THR H 378 71.50 68.42 46.61
CA THR H 378 71.00 68.23 45.24
C THR H 378 69.84 67.25 45.30
N TYR H 379 68.74 67.60 44.64
CA TYR H 379 67.56 66.76 44.68
C TYR H 379 66.71 66.96 43.44
N GLN H 380 65.95 65.93 43.10
CA GLN H 380 65.00 65.99 42.00
C GLN H 380 63.68 66.58 42.48
N ALA H 381 62.98 67.22 41.54
CA ALA H 381 61.68 67.83 41.82
C ALA H 381 60.80 67.68 40.59
N THR H 382 59.49 67.74 40.83
CA THR H 382 58.49 67.54 39.79
C THR H 382 57.68 68.82 39.61
N VAL H 383 57.52 69.25 38.36
CA VAL H 383 56.71 70.40 38.02
C VAL H 383 55.76 70.02 36.88
N SER H 384 54.59 70.64 36.87
CA SER H 384 53.57 70.32 35.89
C SER H 384 53.88 70.95 34.54
N LYS H 385 53.56 70.22 33.47
CA LYS H 385 53.71 70.76 32.14
C LYS H 385 52.84 72.01 31.95
N ASP H 386 51.63 72.01 32.50
CA ASP H 386 50.78 73.18 32.41
C ASP H 386 51.39 74.37 33.14
N VAL H 387 51.97 74.13 34.31
CA VAL H 387 52.62 75.22 35.03
C VAL H 387 53.77 75.79 34.20
N VAL H 388 54.66 74.92 33.72
CA VAL H 388 55.83 75.38 32.99
C VAL H 388 55.40 76.08 31.71
N LEU H 389 54.31 75.62 31.10
CA LEU H 389 53.74 76.32 29.96
C LEU H 389 53.32 77.72 30.35
N SER H 390 52.74 77.87 31.54
CA SER H 390 52.31 79.20 31.97
C SER H 390 53.50 80.13 32.13
N GLU H 391 54.61 79.67 32.73
CA GLU H 391 55.77 80.57 32.82
C GLU H 391 56.37 80.84 31.44
N THR H 392 56.38 79.84 30.55
CA THR H 392 56.97 80.07 29.23
C THR H 392 56.18 81.11 28.44
N LYS H 393 54.85 81.05 28.49
CA LYS H 393 54.02 81.99 27.74
C LYS H 393 53.65 83.24 28.54
N ALA H 394 54.15 83.38 29.77
CA ALA H 394 53.75 84.50 30.61
C ALA H 394 54.24 85.82 30.05
N ALA H 395 55.53 85.92 29.72
CA ALA H 395 56.11 87.16 29.24
C ALA H 395 57.15 86.83 28.18
N ALA H 396 57.96 87.83 27.83
CA ALA H 396 58.99 87.68 26.80
C ALA H 396 60.16 86.86 27.36
N ALA H 397 59.89 85.57 27.57
CA ALA H 397 60.90 84.66 28.07
C ALA H 397 61.78 84.15 26.95
N THR H 398 62.94 83.62 27.33
CA THR H 398 63.91 83.05 26.38
C THR H 398 63.83 81.52 26.37
N SER H 399 62.63 80.96 26.53
CA SER H 399 62.49 79.52 26.59
C SER H 399 62.93 78.87 25.28
N SER H 400 63.59 77.72 25.41
CA SER H 400 64.03 76.94 24.27
C SER H 400 63.71 75.48 24.51
N ILE H 401 63.29 74.78 23.45
CA ILE H 401 62.91 73.38 23.52
C ILE H 401 63.82 72.59 22.61
N THR H 402 64.39 71.50 23.13
CA THR H 402 65.25 70.63 22.34
C THR H 402 64.49 69.35 22.04
N PHE H 403 64.18 69.13 20.76
CA PHE H 403 63.54 67.90 20.32
C PHE H 403 64.63 66.88 20.03
N ASN H 404 64.61 65.76 20.74
CA ASN H 404 65.61 64.72 20.64
C ASN H 404 64.92 63.41 20.34
N SER H 405 65.33 62.76 19.26
CA SER H 405 64.83 61.45 18.89
C SER H 405 65.74 60.32 19.36
N GLY H 406 66.77 60.63 20.14
CA GLY H 406 67.75 59.66 20.56
C GLY H 406 68.92 59.52 19.60
N VAL H 407 68.76 60.00 18.36
CA VAL H 407 69.84 60.01 17.38
C VAL H 407 69.93 61.43 16.83
N LEU H 408 68.79 61.97 16.41
CA LEU H 408 68.69 63.27 15.79
C LEU H 408 68.14 64.28 16.80
N SER H 409 68.76 65.44 16.88
CA SER H 409 68.34 66.46 17.84
C SER H 409 68.36 67.83 17.18
N LYS H 410 67.39 68.67 17.57
CA LYS H 410 67.36 70.06 17.14
C LYS H 410 66.83 70.94 18.26
N THR H 411 67.46 72.10 18.46
CA THR H 411 67.06 73.05 19.49
C THR H 411 66.36 74.23 18.84
N ILE H 412 65.17 74.56 19.34
CA ILE H 412 64.37 75.67 18.82
C ILE H 412 64.17 76.67 19.96
N GLY H 413 64.58 77.92 19.72
CA GLY H 413 64.42 78.96 20.72
C GLY H 413 63.34 79.96 20.33
N PHE H 414 62.24 79.95 21.05
CA PHE H 414 61.10 80.80 20.74
C PHE H 414 60.70 81.62 21.96
N THR H 415 60.34 82.87 21.73
CA THR H 415 60.01 83.82 22.78
C THR H 415 58.50 84.04 22.82
N ALA H 416 57.85 83.59 23.89
CA ALA H 416 56.42 83.80 24.12
C ALA H 416 55.60 83.35 22.93
N GLY H 417 55.83 82.11 22.50
CA GLY H 417 55.11 81.57 21.36
C GLY H 417 55.95 81.46 20.10
N GLU H 418 55.78 82.41 19.19
CA GLU H 418 56.45 82.36 17.90
C GLU H 418 57.97 82.40 18.06
N SER H 419 58.66 81.73 17.15
CA SER H 419 60.11 81.69 17.18
C SER H 419 60.69 83.02 16.72
N SER H 420 61.68 83.52 17.46
CA SER H 420 62.35 84.77 17.12
C SER H 420 63.83 84.57 16.81
N ASP H 421 64.29 83.32 16.71
CA ASP H 421 65.69 83.02 16.46
C ASP H 421 66.02 82.92 14.97
N ALA H 422 65.25 83.61 14.13
CA ALA H 422 65.43 83.56 12.67
C ALA H 422 65.29 82.14 12.13
N ALA H 423 64.47 81.33 12.80
CA ALA H 423 64.23 79.95 12.41
C ALA H 423 62.83 79.84 11.84
N LYS H 424 62.73 79.17 10.68
CA LYS H 424 61.44 79.00 10.01
C LYS H 424 60.79 77.71 10.51
N SER H 425 60.15 77.82 11.67
CA SER H 425 59.40 76.72 12.26
C SER H 425 57.91 76.99 12.10
N TYR H 426 57.20 76.05 11.49
CA TYR H 426 55.79 76.26 11.18
C TYR H 426 55.04 74.93 11.28
N VAL H 427 53.72 75.02 11.36
CA VAL H 427 52.88 73.86 11.66
C VAL H 427 51.69 73.70 10.71
N ASP H 428 51.29 74.71 9.94
CA ASP H 428 49.98 74.68 9.28
C ASP H 428 49.86 73.59 8.23
N ASP H 429 50.97 73.08 7.70
CA ASP H 429 50.91 72.15 6.57
C ASP H 429 50.10 70.90 6.90
N LYS H 430 50.65 70.04 7.77
CA LYS H 430 49.93 68.86 8.23
C LYS H 430 50.15 68.63 9.72
N GLY H 431 50.54 69.67 10.46
CA GLY H 431 51.05 69.48 11.80
C GLY H 431 52.55 69.27 11.79
N GLY H 432 53.09 69.17 13.00
CA GLY H 432 54.53 68.98 13.08
C GLY H 432 55.29 70.26 12.76
N ILE H 433 56.57 70.07 12.45
CA ILE H 433 57.48 71.18 12.20
C ILE H 433 57.91 71.12 10.74
N THR H 434 57.98 72.30 10.11
CA THR H 434 58.44 72.40 8.74
C THR H 434 59.24 73.69 8.57
N ASN H 435 60.11 73.70 7.58
CA ASN H 435 60.98 74.84 7.30
C ASN H 435 60.47 75.70 6.15
N VAL H 436 59.25 75.45 5.66
CA VAL H 436 58.71 76.23 4.56
C VAL H 436 58.07 77.49 5.13
N ALA H 437 58.64 78.66 4.78
CA ALA H 437 58.09 79.92 5.27
C ALA H 437 56.79 80.26 4.55
N ASP H 438 56.78 80.11 3.23
CA ASP H 438 55.62 80.48 2.42
C ASP H 438 55.35 79.39 1.39
N TYR H 439 54.07 79.21 1.07
CA TYR H 439 53.63 78.18 0.13
C TYR H 439 52.91 78.88 -1.02
N THR H 440 53.59 79.00 -2.16
CA THR H 440 53.05 79.69 -3.32
C THR H 440 53.21 78.80 -4.55
N VAL H 441 52.14 78.64 -5.33
CA VAL H 441 52.13 77.79 -6.52
C VAL H 441 51.42 78.54 -7.63
N SER H 442 51.86 78.34 -8.87
CA SER H 442 51.34 79.07 -10.02
C SER H 442 50.42 78.17 -10.83
N TYR H 443 49.25 78.69 -11.18
CA TYR H 443 48.26 77.97 -11.96
C TYR H 443 48.03 78.71 -13.27
N SER H 444 48.04 77.96 -14.38
CA SER H 444 47.78 78.49 -15.70
C SER H 444 46.38 78.06 -16.13
N VAL H 445 45.60 79.01 -16.64
CA VAL H 445 44.23 78.77 -17.07
C VAL H 445 44.23 78.76 -18.60
N ASN H 446 43.76 77.66 -19.19
CA ASN H 446 43.68 77.56 -20.63
C ASN H 446 42.51 78.43 -21.11
N LYS H 447 42.79 79.33 -22.05
CA LYS H 447 41.76 80.25 -22.51
C LYS H 447 40.68 79.54 -23.32
N ASP H 448 41.05 78.50 -24.07
CA ASP H 448 40.06 77.77 -24.86
C ASP H 448 39.32 76.75 -24.01
N ASN H 449 40.05 75.79 -23.45
CA ASN H 449 39.42 74.71 -22.69
C ASN H 449 38.78 75.23 -21.41
N GLY H 450 39.46 76.14 -20.72
CA GLY H 450 39.02 76.56 -19.41
C GLY H 450 39.63 75.79 -18.25
N SER H 451 40.43 74.77 -18.54
CA SER H 451 41.02 73.95 -17.51
C SER H 451 42.16 74.69 -16.81
N VAL H 452 42.50 74.23 -15.61
CA VAL H 452 43.54 74.82 -14.79
C VAL H 452 44.65 73.79 -14.61
N THR H 453 45.90 74.19 -14.88
CA THR H 453 47.04 73.30 -14.76
C THR H 453 48.09 73.94 -13.87
N VAL H 454 48.86 73.10 -13.19
CA VAL H 454 49.96 73.58 -12.34
C VAL H 454 51.17 73.87 -13.22
N ALA H 455 51.71 75.08 -13.12
CA ALA H 455 52.83 75.50 -13.93
C ALA H 455 54.01 75.91 -13.06
N GLY H 456 54.35 75.09 -12.08
CA GLY H 456 55.46 75.36 -11.20
C GLY H 456 55.06 76.11 -9.95
N TYR H 457 56.06 76.38 -9.11
CA TYR H 457 55.81 77.11 -7.88
C TYR H 457 57.10 77.77 -7.41
N ALA H 458 56.94 78.77 -6.55
CA ALA H 458 58.06 79.48 -5.96
C ALA H 458 57.85 79.58 -4.45
N SER H 459 58.93 79.42 -3.71
CA SER H 459 58.90 79.50 -2.26
C SER H 459 60.03 80.40 -1.76
N ALA H 460 59.78 81.07 -0.64
CA ALA H 460 60.80 81.94 -0.06
C ALA H 460 62.03 81.16 0.34
N THR H 461 61.83 80.01 1.00
CA THR H 461 62.93 79.14 1.35
C THR H 461 63.21 78.16 0.21
N ASP H 462 64.21 77.30 0.41
CA ASP H 462 64.56 76.32 -0.62
C ASP H 462 63.44 75.31 -0.82
N THR H 463 62.90 74.77 0.28
CA THR H 463 61.79 73.81 0.30
C THR H 463 62.25 72.45 -0.21
N ASN H 464 63.47 72.39 -0.76
CA ASN H 464 64.05 71.15 -1.26
C ASN H 464 63.10 70.38 -2.17
N LYS H 465 62.17 71.10 -2.80
CA LYS H 465 61.13 70.51 -3.63
C LYS H 465 60.34 69.44 -2.88
N ASP H 466 60.15 69.64 -1.57
CA ASP H 466 59.39 68.68 -0.77
C ASP H 466 57.90 68.77 -1.06
N TYR H 467 57.37 69.99 -1.15
CA TYR H 467 55.96 70.22 -1.49
C TYR H 467 55.75 70.39 -2.99
N ALA H 468 56.61 69.80 -3.81
CA ALA H 468 56.55 70.02 -5.24
C ALA H 468 55.40 69.26 -5.88
N PRO H 469 54.46 69.92 -6.55
CA PRO H 469 53.46 69.20 -7.32
C PRO H 469 53.89 69.02 -8.77
N ALA H 470 53.30 68.01 -9.42
CA ALA H 470 53.61 67.75 -10.81
C ALA H 470 53.15 68.90 -11.69
N ILE H 471 54.00 69.31 -12.62
CA ILE H 471 53.70 70.43 -13.50
C ILE H 471 52.86 69.93 -14.67
N GLY H 472 51.83 70.69 -15.02
CA GLY H 472 50.94 70.32 -16.10
C GLY H 472 49.80 69.40 -15.72
N THR H 473 49.66 69.07 -14.44
CA THR H 473 48.58 68.21 -13.99
C THR H 473 47.31 69.01 -13.79
N ALA H 474 46.19 68.46 -14.23
CA ALA H 474 44.91 69.15 -14.10
C ALA H 474 44.58 69.41 -12.64
N VAL H 475 44.00 70.57 -12.37
CA VAL H 475 43.64 70.98 -11.03
C VAL H 475 42.19 70.62 -10.77
N ASN H 476 41.93 69.96 -9.63
CA ASN H 476 40.62 69.46 -9.29
C ASN H 476 40.13 70.12 -8.01
N VAL H 477 38.81 70.20 -7.86
CA VAL H 477 38.17 70.75 -6.68
C VAL H 477 37.73 69.61 -5.79
N ASN H 478 38.18 69.61 -4.54
CA ASN H 478 37.83 68.56 -3.59
C ASN H 478 36.34 68.61 -3.27
N SER H 479 35.86 67.56 -2.60
CA SER H 479 34.47 67.53 -2.19
C SER H 479 34.16 68.66 -1.23
N ALA H 480 35.07 68.93 -0.30
CA ALA H 480 34.89 70.05 0.62
C ALA H 480 35.00 71.40 -0.07
N GLY H 481 35.59 71.45 -1.26
CA GLY H 481 35.74 72.69 -2.01
C GLY H 481 37.16 73.20 -2.12
N LYS H 482 38.15 72.45 -1.64
CA LYS H 482 39.53 72.89 -1.71
C LYS H 482 40.13 72.58 -3.09
N ILE H 483 41.41 72.89 -3.25
CA ILE H 483 42.15 72.61 -4.47
C ILE H 483 43.05 71.41 -4.22
N THR H 484 42.91 70.39 -5.08
CA THR H 484 43.70 69.18 -4.95
C THR H 484 43.92 68.55 -6.31
N THR H 485 45.06 67.87 -6.48
CA THR H 485 45.38 67.21 -7.74
C THR H 485 44.80 65.81 -7.83
N GLU H 486 44.29 65.25 -6.74
CA GLU H 486 43.78 63.88 -6.76
C GLU H 486 42.48 63.82 -7.56
N THR H 487 42.37 62.82 -8.43
CA THR H 487 41.20 62.70 -9.29
C THR H 487 39.98 62.26 -8.50
N THR H 488 40.13 61.26 -7.65
CA THR H 488 39.02 60.64 -6.93
C THR H 488 39.14 60.88 -5.44
N SER H 489 38.02 61.19 -4.80
CA SER H 489 37.94 61.37 -3.36
C SER H 489 36.94 60.38 -2.79
N ALA H 490 37.27 59.80 -1.65
CA ALA H 490 36.40 58.81 -1.04
C ALA H 490 35.09 59.45 -0.60
N GLY H 491 34.03 58.65 -0.59
CA GLY H 491 32.70 59.11 -0.25
C GLY H 491 32.16 58.34 0.94
N SER H 492 30.83 58.22 0.97
CA SER H 492 30.14 57.57 2.06
C SER H 492 28.94 56.81 1.50
N ALA H 493 28.27 56.09 2.39
CA ALA H 493 27.12 55.29 1.97
C ALA H 493 25.99 56.18 1.48
N THR H 494 25.35 55.76 0.39
CA THR H 494 24.24 56.52 -0.15
C THR H 494 23.09 56.57 0.85
N THR H 495 22.50 57.76 1.00
CA THR H 495 21.46 57.94 2.00
C THR H 495 20.18 57.21 1.63
N ASN H 496 19.81 57.25 0.35
CA ASN H 496 18.52 56.72 -0.09
C ASN H 496 18.73 55.82 -1.31
N PRO H 497 19.09 54.56 -1.09
CA PRO H 497 19.38 53.69 -2.24
C PRO H 497 18.13 53.26 -2.98
N LEU H 498 17.07 52.93 -2.26
CA LEU H 498 15.88 52.36 -2.89
C LEU H 498 15.18 53.38 -3.78
N ALA H 499 15.15 54.65 -3.35
CA ALA H 499 14.55 55.68 -4.19
C ALA H 499 15.32 55.85 -5.50
N ALA H 500 16.65 55.86 -5.43
CA ALA H 500 17.45 55.97 -6.65
C ALA H 500 17.23 54.78 -7.57
N LEU H 501 17.15 53.57 -6.99
CA LEU H 501 16.89 52.39 -7.79
C LEU H 501 15.52 52.47 -8.45
N ASP H 502 14.51 52.95 -7.72
CA ASP H 502 13.19 53.12 -8.30
C ASP H 502 13.22 54.12 -9.45
N ASP H 503 13.95 55.22 -9.28
CA ASP H 503 14.06 56.20 -10.36
C ASP H 503 14.71 55.59 -11.60
N ALA H 504 15.77 54.80 -11.40
CA ALA H 504 16.42 54.14 -12.53
C ALA H 504 15.46 53.19 -13.23
N ILE H 505 14.73 52.38 -12.47
CA ILE H 505 13.79 51.44 -13.06
C ILE H 505 12.69 52.18 -13.81
N SER H 506 12.22 53.30 -13.26
CA SER H 506 11.20 54.09 -13.93
C SER H 506 11.70 54.65 -15.25
N SER H 507 12.95 55.13 -15.27
CA SER H 507 13.51 55.63 -16.52
C SER H 507 13.61 54.52 -17.57
N ILE H 508 14.06 53.33 -17.15
CA ILE H 508 14.12 52.21 -18.07
C ILE H 508 12.73 51.88 -18.62
N ASP H 509 11.74 51.88 -17.73
CA ASP H 509 10.37 51.55 -18.15
C ASP H 509 9.83 52.58 -19.13
N LYS H 510 10.11 53.87 -18.89
CA LYS H 510 9.65 54.89 -19.81
C LYS H 510 10.29 54.72 -21.19
N PHE H 511 11.59 54.43 -21.22
CA PHE H 511 12.24 54.18 -22.50
C PHE H 511 11.60 52.99 -23.22
N ARG H 512 11.35 51.91 -22.49
CA ARG H 512 10.77 50.72 -23.11
C ARG H 512 9.37 51.02 -23.65
N SER H 513 8.57 51.77 -22.90
CA SER H 513 7.23 52.12 -23.35
C SER H 513 7.27 52.94 -24.63
N SER H 514 8.15 53.95 -24.68
CA SER H 514 8.26 54.76 -25.89
C SER H 514 8.68 53.90 -27.07
N LEU H 515 9.65 53.01 -26.86
CA LEU H 515 10.12 52.15 -27.93
C LEU H 515 8.99 51.25 -28.44
N GLY H 516 8.21 50.68 -27.53
CA GLY H 516 7.10 49.84 -27.95
C GLY H 516 6.04 50.60 -28.74
N ALA H 517 5.73 51.82 -28.31
CA ALA H 517 4.77 52.63 -29.05
C ALA H 517 5.27 52.91 -30.47
N ILE H 518 6.56 53.26 -30.60
CA ILE H 518 7.12 53.49 -31.92
C ILE H 518 7.03 52.24 -32.78
N GLN H 519 7.31 51.08 -32.18
CA GLN H 519 7.24 49.83 -32.92
C GLN H 519 5.84 49.54 -33.41
N ASN H 520 4.83 49.77 -32.57
CA ASN H 520 3.45 49.55 -32.99
C ASN H 520 3.07 50.47 -34.14
N ARG H 521 3.43 51.75 -34.04
CA ARG H 521 3.09 52.65 -35.13
C ARG H 521 3.82 52.28 -36.41
N LEU H 522 5.04 51.76 -36.31
CA LEU H 522 5.77 51.33 -37.49
C LEU H 522 5.10 50.12 -38.14
N ASP H 523 4.60 49.18 -37.34
CA ASP H 523 3.88 48.05 -37.90
C ASP H 523 2.61 48.49 -38.61
N SER H 524 1.87 49.42 -38.01
CA SER H 524 0.69 49.95 -38.67
C SER H 524 1.05 50.61 -40.00
N ALA H 525 2.17 51.34 -40.02
CA ALA H 525 2.62 51.94 -41.27
C ALA H 525 2.91 50.87 -42.32
N VAL H 526 3.51 49.76 -41.91
CA VAL H 526 3.80 48.68 -42.85
C VAL H 526 2.51 48.16 -43.47
N THR H 527 1.50 47.92 -42.63
CA THR H 527 0.24 47.40 -43.13
C THR H 527 -0.41 48.36 -44.12
N ASN H 528 -0.43 49.65 -43.77
CA ASN H 528 -1.02 50.63 -44.68
C ASN H 528 -0.27 50.70 -45.99
N LEU H 529 1.07 50.61 -45.94
CA LEU H 529 1.85 50.64 -47.17
C LEU H 529 1.53 49.46 -48.06
N ASN H 530 1.37 48.28 -47.46
CA ASN H 530 1.02 47.10 -48.27
C ASN H 530 -0.33 47.28 -48.94
N ASN H 531 -1.32 47.78 -48.20
CA ASN H 531 -2.64 47.98 -48.79
C ASN H 531 -2.58 48.98 -49.94
N THR H 532 -1.88 50.10 -49.73
CA THR H 532 -1.79 51.10 -50.78
C THR H 532 -1.07 50.58 -52.00
N THR H 533 0.00 49.79 -51.79
CA THR H 533 0.72 49.22 -52.92
C THR H 533 -0.19 48.30 -53.73
N THR H 534 -0.97 47.46 -53.05
CA THR H 534 -1.89 46.57 -53.76
C THR H 534 -2.89 47.37 -54.59
N ASN H 535 -3.49 48.39 -53.98
CA ASN H 535 -4.50 49.18 -54.70
C ASN H 535 -3.89 49.90 -55.90
N LEU H 536 -2.70 50.48 -55.73
CA LEU H 536 -2.09 51.20 -56.84
C LEU H 536 -1.66 50.26 -57.96
N SER H 537 -1.17 49.07 -57.61
CA SER H 537 -0.85 48.09 -58.64
C SER H 537 -2.09 47.69 -59.41
N GLU H 538 -3.21 47.51 -58.71
CA GLU H 538 -4.47 47.19 -59.40
C GLU H 538 -4.89 48.33 -60.33
N ALA H 539 -4.73 49.57 -59.89
CA ALA H 539 -5.09 50.71 -60.75
C ALA H 539 -4.21 50.76 -61.99
N GLN H 540 -2.91 50.52 -61.83
CA GLN H 540 -2.03 50.47 -62.99
C GLN H 540 -2.46 49.37 -63.95
N SER H 541 -2.86 48.22 -63.41
CA SER H 541 -3.36 47.14 -64.26
C SER H 541 -4.62 47.58 -64.99
N ARG H 542 -5.47 48.36 -64.33
CA ARG H 542 -6.65 48.92 -65.00
C ARG H 542 -6.23 49.74 -66.21
N ILE H 543 -5.25 50.63 -66.04
CA ILE H 543 -4.87 51.53 -67.12
C ILE H 543 -4.20 50.76 -68.25
N GLN H 544 -3.23 49.92 -67.93
CA GLN H 544 -2.45 49.16 -68.90
C GLN H 544 -3.10 47.80 -69.14
N ASP H 545 -2.34 46.85 -69.69
CA ASP H 545 -2.70 45.43 -69.70
C ASP H 545 -3.92 45.16 -70.58
N ALA H 546 -3.69 45.31 -71.89
CA ALA H 546 -4.72 45.03 -72.89
C ALA H 546 -5.34 43.66 -72.68
N ASP H 547 -6.59 43.52 -73.14
CA ASP H 547 -7.35 42.29 -72.98
C ASP H 547 -7.07 41.35 -74.14
N TYR H 548 -6.58 40.15 -73.83
CA TYR H 548 -6.27 39.18 -74.88
C TYR H 548 -7.50 38.76 -75.66
N ALA H 549 -8.68 38.73 -75.05
CA ALA H 549 -9.87 38.40 -75.82
C ALA H 549 -10.05 39.37 -76.98
N THR H 550 -10.03 40.67 -76.67
CA THR H 550 -10.21 41.69 -77.69
C THR H 550 -9.06 41.68 -78.69
N GLU H 551 -7.83 41.53 -78.21
CA GLU H 551 -6.69 41.54 -79.13
C GLU H 551 -6.72 40.34 -80.07
N VAL H 552 -7.07 39.16 -79.56
CA VAL H 552 -7.15 37.98 -80.41
C VAL H 552 -8.24 38.15 -81.45
N SER H 553 -9.41 38.64 -81.04
CA SER H 553 -10.47 38.87 -82.02
C SER H 553 -10.03 39.86 -83.09
N ASN H 554 -9.39 40.95 -82.68
CA ASN H 554 -8.95 41.97 -83.62
C ASN H 554 -7.92 41.41 -84.59
N MET H 555 -6.94 40.64 -84.09
CA MET H 555 -5.92 40.10 -84.98
C MET H 555 -6.50 39.06 -85.93
N SER H 556 -7.47 38.27 -85.48
CA SER H 556 -8.08 37.28 -86.35
C SER H 556 -8.83 37.96 -87.49
N LYS H 557 -9.65 38.96 -87.16
CA LYS H 557 -10.37 39.64 -88.23
C LYS H 557 -9.42 40.42 -89.13
N ALA H 558 -8.31 40.92 -88.59
CA ALA H 558 -7.32 41.59 -89.41
C ALA H 558 -6.66 40.62 -90.40
N GLN H 559 -6.33 39.41 -89.92
CA GLN H 559 -5.74 38.41 -90.82
C GLN H 559 -6.70 38.05 -91.94
N ILE H 560 -7.97 37.86 -91.60
CA ILE H 560 -8.94 37.49 -92.64
C ILE H 560 -9.17 38.65 -93.62
N ILE H 561 -9.19 39.89 -93.12
CA ILE H 561 -9.31 41.01 -94.03
C ILE H 561 -8.11 41.07 -94.96
N GLN H 562 -6.91 40.77 -94.44
CA GLN H 562 -5.72 40.77 -95.28
C GLN H 562 -5.80 39.69 -96.36
N GLN H 563 -6.22 38.48 -95.97
CA GLN H 563 -6.31 37.40 -96.95
C GLN H 563 -7.36 37.70 -98.02
N ALA H 564 -8.51 38.24 -97.61
CA ALA H 564 -9.53 38.64 -98.57
C ALA H 564 -9.01 39.73 -99.49
N GLY H 565 -8.27 40.69 -98.94
CA GLY H 565 -7.69 41.73 -99.76
C GLY H 565 -6.70 41.19 -100.76
N ASN H 566 -5.88 40.23 -100.35
CA ASN H 566 -4.92 39.62 -101.27
C ASN H 566 -5.64 38.87 -102.38
N SER H 567 -6.70 38.14 -102.05
CA SER H 567 -7.43 37.40 -103.08
C SER H 567 -8.10 38.34 -104.07
N VAL H 568 -8.78 39.38 -103.58
CA VAL H 568 -9.42 40.32 -104.49
C VAL H 568 -8.37 41.11 -105.28
N LEU H 569 -7.20 41.33 -104.67
CA LEU H 569 -6.10 41.97 -105.40
C LEU H 569 -5.63 41.09 -106.54
N ALA H 570 -5.56 39.78 -106.31
CA ALA H 570 -5.20 38.87 -107.40
C ALA H 570 -6.26 38.91 -108.51
N LYS H 571 -7.53 38.95 -108.11
CA LYS H 571 -8.60 39.02 -109.11
C LYS H 571 -8.56 40.32 -109.90
N ALA H 572 -8.25 41.44 -109.23
CA ALA H 572 -8.17 42.72 -109.91
C ALA H 572 -6.91 42.82 -110.79
N ASN H 573 -5.78 42.33 -110.27
CA ASN H 573 -4.54 42.23 -111.03
C ASN H 573 -4.65 41.23 -112.16
N GLN H 574 -5.72 40.43 -112.18
CA GLN H 574 -6.08 39.73 -113.40
C GLN H 574 -6.58 40.81 -114.35
N VAL H 575 -5.65 41.68 -114.74
CA VAL H 575 -5.92 42.89 -115.51
C VAL H 575 -6.39 42.47 -116.89
N PRO H 576 -7.14 43.31 -117.60
CA PRO H 576 -7.83 42.82 -118.80
C PRO H 576 -6.91 42.21 -119.84
N GLN H 577 -7.08 40.91 -120.09
CA GLN H 577 -6.59 40.31 -121.32
C GLN H 577 -7.66 40.31 -122.40
N GLN H 578 -8.86 40.75 -122.07
CA GLN H 578 -9.90 40.91 -123.07
C GLN H 578 -9.50 41.94 -124.12
N VAL H 579 -8.62 42.89 -123.77
CA VAL H 579 -8.06 43.78 -124.78
C VAL H 579 -7.22 42.98 -125.77
N LEU H 580 -6.40 42.05 -125.27
CA LEU H 580 -5.66 41.16 -126.15
C LEU H 580 -6.60 40.35 -127.01
N SER H 581 -7.69 39.87 -126.42
CA SER H 581 -8.69 39.10 -127.16
C SER H 581 -9.29 39.92 -128.28
N LEU H 582 -9.60 41.20 -128.01
CA LEU H 582 -10.11 42.08 -129.05
C LEU H 582 -9.05 42.34 -130.12
N LEU H 583 -7.78 42.31 -129.75
CA LEU H 583 -6.72 42.76 -130.64
C LEU H 583 -6.66 41.93 -131.92
N GLN H 584 -6.70 40.60 -131.80
CA GLN H 584 -6.56 39.78 -132.99
C GLN H 584 -7.82 39.73 -133.84
N GLY H 585 -8.94 40.24 -133.33
CA GLY H 585 -10.18 40.24 -134.09
C GLY H 585 -10.20 41.26 -135.21
N MET I 1 -19.98 2.52 -116.02
CA MET I 1 -19.46 3.85 -115.69
C MET I 1 -19.24 4.66 -116.97
N ALA I 2 -18.20 4.30 -117.72
CA ALA I 2 -17.84 5.08 -118.91
C ALA I 2 -18.97 5.10 -119.93
N GLN I 3 -19.82 4.07 -119.93
CA GLN I 3 -20.85 3.96 -120.95
C GLN I 3 -22.17 4.65 -120.56
N VAL I 4 -22.42 4.88 -119.28
CA VAL I 4 -23.70 5.42 -118.82
C VAL I 4 -23.45 6.57 -117.86
N ILE I 5 -24.31 7.58 -117.91
CA ILE I 5 -24.26 8.68 -116.94
C ILE I 5 -25.58 8.87 -116.21
N ASN I 6 -26.69 8.30 -116.69
CA ASN I 6 -27.98 8.59 -116.09
C ASN I 6 -28.14 7.91 -114.74
N THR I 7 -27.46 6.78 -114.52
CA THR I 7 -27.52 6.07 -113.26
C THR I 7 -26.10 5.75 -112.79
N ASN I 8 -26.00 5.36 -111.52
CA ASN I 8 -24.71 4.96 -110.95
C ASN I 8 -24.95 3.74 -110.06
N SER I 9 -24.74 2.56 -110.64
CA SER I 9 -24.89 1.32 -109.87
C SER I 9 -23.94 1.30 -108.68
N LEU I 10 -22.71 1.77 -108.88
CA LEU I 10 -21.75 1.81 -107.78
C LEU I 10 -22.26 2.69 -106.65
N SER I 11 -22.79 3.86 -106.97
CA SER I 11 -23.32 4.75 -105.94
C SER I 11 -24.47 4.09 -105.21
N LEU I 12 -25.39 3.45 -105.94
CA LEU I 12 -26.53 2.82 -105.29
C LEU I 12 -26.09 1.71 -104.35
N ILE I 13 -25.15 0.86 -104.79
CA ILE I 13 -24.69 -0.24 -103.95
C ILE I 13 -23.99 0.29 -102.71
N THR I 14 -23.15 1.32 -102.88
CA THR I 14 -22.48 1.91 -101.73
C THR I 14 -23.49 2.50 -100.75
N GLN I 15 -24.53 3.16 -101.25
CA GLN I 15 -25.55 3.71 -100.35
C GLN I 15 -26.26 2.61 -99.57
N ASN I 16 -26.58 1.50 -100.26
CA ASN I 16 -27.23 0.39 -99.56
C ASN I 16 -26.34 -0.14 -98.45
N ASN I 17 -25.06 -0.33 -98.74
CA ASN I 17 -24.14 -0.84 -97.72
C ASN I 17 -24.00 0.14 -96.55
N ILE I 18 -23.98 1.44 -96.86
CA ILE I 18 -23.87 2.45 -95.82
C ILE I 18 -25.08 2.39 -94.88
N ASN I 19 -26.28 2.26 -95.46
CA ASN I 19 -27.47 2.16 -94.62
C ASN I 19 -27.45 0.89 -93.76
N LYS I 20 -27.02 -0.22 -94.35
CA LYS I 20 -26.92 -1.47 -93.60
C LYS I 20 -25.99 -1.32 -92.41
N ASN I 21 -24.86 -0.64 -92.60
CA ASN I 21 -23.96 -0.40 -91.47
C ASN I 21 -24.57 0.58 -90.47
N GLN I 22 -25.32 1.55 -90.97
CA GLN I 22 -25.91 2.57 -90.09
C GLN I 22 -26.85 1.95 -89.08
N SER I 23 -27.61 0.94 -89.51
CA SER I 23 -28.50 0.26 -88.57
C SER I 23 -27.73 -0.24 -87.34
N ALA I 24 -26.65 -0.98 -87.57
CA ALA I 24 -25.89 -1.54 -86.47
C ALA I 24 -25.18 -0.46 -85.66
N LEU I 25 -24.72 0.61 -86.33
CA LEU I 25 -24.08 1.70 -85.61
C LEU I 25 -25.05 2.32 -84.61
N SER I 26 -26.26 2.63 -85.06
CA SER I 26 -27.26 3.21 -84.16
C SER I 26 -27.60 2.26 -83.03
N SER I 27 -27.75 0.97 -83.34
CA SER I 27 -28.05 -0.02 -82.30
C SER I 27 -26.98 -0.01 -81.23
N SER I 28 -25.71 -0.09 -81.64
CA SER I 28 -24.61 -0.14 -80.68
C SER I 28 -24.55 1.12 -79.83
N ILE I 29 -24.70 2.29 -80.47
CA ILE I 29 -24.60 3.54 -79.71
C ILE I 29 -25.71 3.62 -78.67
N GLU I 30 -26.95 3.28 -79.05
CA GLU I 30 -28.03 3.36 -78.07
C GLU I 30 -27.86 2.32 -76.98
N ARG I 31 -27.32 1.14 -77.31
CA ARG I 31 -27.10 0.14 -76.28
C ARG I 31 -26.07 0.60 -75.26
N LEU I 32 -24.99 1.24 -75.72
CA LEU I 32 -24.02 1.79 -74.79
C LEU I 32 -24.62 2.91 -73.96
N SER I 33 -25.42 3.78 -74.57
CA SER I 33 -26.01 4.89 -73.83
C SER I 33 -26.93 4.38 -72.72
N SER I 34 -27.76 3.38 -73.03
CA SER I 34 -28.72 2.90 -72.04
C SER I 34 -28.05 2.01 -70.99
N GLY I 35 -27.10 1.18 -71.42
CA GLY I 35 -26.50 0.22 -70.51
C GLY I 35 -27.31 -1.04 -70.31
N LEU I 36 -28.19 -1.38 -71.25
CA LEU I 36 -29.04 -2.55 -71.15
C LEU I 36 -28.96 -3.37 -72.43
N ARG I 37 -28.88 -4.69 -72.30
CA ARG I 37 -28.79 -5.55 -73.47
C ARG I 37 -30.12 -5.60 -74.22
N ILE I 38 -31.22 -5.78 -73.51
CA ILE I 38 -32.55 -5.84 -74.11
C ILE I 38 -33.15 -4.44 -74.02
N ASN I 39 -33.22 -3.77 -75.16
CA ASN I 39 -33.67 -2.38 -75.22
C ASN I 39 -34.76 -2.27 -76.26
N SER I 40 -35.88 -1.65 -75.87
CA SER I 40 -37.03 -1.39 -76.72
C SER I 40 -37.64 -2.67 -77.30
N ALA I 41 -37.24 -3.84 -76.81
CA ALA I 41 -37.81 -5.12 -77.21
C ALA I 41 -37.78 -5.34 -78.72
N LYS I 42 -36.80 -4.77 -79.41
CA LYS I 42 -36.60 -5.01 -80.84
C LYS I 42 -35.85 -6.30 -81.08
N ASP I 43 -35.79 -7.14 -80.05
CA ASP I 43 -34.99 -8.35 -80.02
C ASP I 43 -35.83 -9.42 -79.35
N ASP I 44 -35.18 -10.48 -78.85
CA ASP I 44 -35.89 -11.55 -78.17
C ASP I 44 -36.78 -11.01 -77.07
N ALA I 45 -38.09 -11.10 -77.27
CA ALA I 45 -39.04 -10.57 -76.31
C ALA I 45 -39.19 -11.47 -75.08
N ALA I 46 -38.74 -12.72 -75.19
CA ALA I 46 -38.70 -13.58 -74.00
C ALA I 46 -37.81 -12.96 -72.94
N GLY I 47 -36.68 -12.40 -73.34
CA GLY I 47 -35.83 -11.71 -72.39
C GLY I 47 -36.52 -10.54 -71.74
N GLN I 48 -37.28 -9.76 -72.52
CA GLN I 48 -38.02 -8.64 -71.95
C GLN I 48 -39.02 -9.11 -70.90
N ALA I 49 -39.79 -10.15 -71.24
CA ALA I 49 -40.81 -10.64 -70.32
C ALA I 49 -40.17 -11.20 -69.05
N ILE I 50 -39.09 -11.97 -69.19
CA ILE I 50 -38.44 -12.56 -68.03
C ILE I 50 -37.81 -11.47 -67.16
N ALA I 51 -37.26 -10.43 -67.79
CA ALA I 51 -36.74 -9.31 -67.01
C ALA I 51 -37.84 -8.63 -66.22
N ASN I 52 -39.02 -8.46 -66.83
CA ASN I 52 -40.14 -7.89 -66.09
C ASN I 52 -40.51 -8.75 -64.89
N ARG I 53 -40.60 -10.06 -65.10
CA ARG I 53 -40.94 -10.96 -64.00
C ARG I 53 -39.91 -10.88 -62.88
N PHE I 54 -38.62 -10.84 -63.25
CA PHE I 54 -37.58 -10.77 -62.23
C PHE I 54 -37.61 -9.45 -61.48
N THR I 55 -37.89 -8.35 -62.17
CA THR I 55 -38.02 -7.06 -61.49
C THR I 55 -39.16 -7.09 -60.49
N SER I 56 -40.30 -7.65 -60.90
CA SER I 56 -41.44 -7.76 -59.99
C SER I 56 -41.07 -8.60 -58.77
N ASN I 57 -40.42 -9.73 -58.99
CA ASN I 57 -40.06 -10.60 -57.86
C ASN I 57 -39.08 -9.90 -56.92
N ILE I 58 -38.10 -9.18 -57.47
CA ILE I 58 -37.11 -8.51 -56.63
C ILE I 58 -37.77 -7.45 -55.76
N LYS I 59 -38.61 -6.61 -56.37
CA LYS I 59 -39.29 -5.58 -55.59
C LYS I 59 -40.17 -6.20 -54.51
N GLY I 60 -40.93 -7.24 -54.87
CA GLY I 60 -41.78 -7.88 -53.89
C GLY I 60 -40.99 -8.47 -52.73
N LEU I 61 -39.87 -9.12 -53.02
CA LEU I 61 -39.08 -9.73 -51.96
C LEU I 61 -38.48 -8.67 -51.04
N THR I 62 -38.01 -7.56 -51.61
CA THR I 62 -37.46 -6.50 -50.76
C THR I 62 -38.54 -5.95 -49.82
N GLN I 63 -39.73 -5.68 -50.37
CA GLN I 63 -40.80 -5.16 -49.52
C GLN I 63 -41.20 -6.17 -48.46
N ALA I 64 -41.20 -7.46 -48.81
CA ALA I 64 -41.54 -8.49 -47.84
C ALA I 64 -40.50 -8.54 -46.72
N ALA I 65 -39.23 -8.36 -47.05
CA ALA I 65 -38.21 -8.29 -46.02
C ALA I 65 -38.46 -7.13 -45.06
N ARG I 66 -38.85 -5.98 -45.61
CA ARG I 66 -39.19 -4.85 -44.74
C ARG I 66 -40.37 -5.19 -43.82
N ASN I 67 -41.39 -5.85 -44.37
CA ASN I 67 -42.54 -6.23 -43.55
C ASN I 67 -42.12 -7.17 -42.42
N ALA I 68 -41.25 -8.13 -42.73
CA ALA I 68 -40.78 -9.04 -41.70
C ALA I 68 -40.00 -8.32 -40.61
N ASN I 69 -39.22 -7.29 -40.99
CA ASN I 69 -38.55 -6.48 -39.97
C ASN I 69 -39.56 -5.81 -39.06
N ASP I 70 -40.64 -5.28 -39.62
CA ASP I 70 -41.69 -4.68 -38.80
C ASP I 70 -42.29 -5.70 -37.84
N GLY I 71 -42.53 -6.92 -38.33
CA GLY I 71 -43.05 -7.97 -37.45
C GLY I 71 -42.11 -8.29 -36.31
N ILE I 72 -40.81 -8.33 -36.58
CA ILE I 72 -39.83 -8.55 -35.51
C ILE I 72 -39.94 -7.45 -34.47
N SER I 73 -40.12 -6.20 -34.92
CA SER I 73 -40.29 -5.10 -33.97
C SER I 73 -41.51 -5.32 -33.08
N VAL I 74 -42.62 -5.74 -33.68
CA VAL I 74 -43.84 -6.00 -32.91
C VAL I 74 -43.57 -7.04 -31.84
N ALA I 75 -42.90 -8.13 -32.22
CA ALA I 75 -42.60 -9.20 -31.28
C ALA I 75 -41.74 -8.70 -30.13
N GLN I 76 -40.72 -7.89 -30.44
CA GLN I 76 -39.85 -7.38 -29.38
C GLN I 76 -40.62 -6.53 -28.39
N THR I 77 -41.48 -5.63 -28.88
CA THR I 77 -42.25 -4.78 -27.98
C THR I 77 -43.14 -5.61 -27.06
N THR I 78 -43.88 -6.56 -27.64
CA THR I 78 -44.76 -7.40 -26.84
C THR I 78 -43.96 -8.16 -25.79
N GLU I 79 -42.78 -8.66 -26.17
CA GLU I 79 -42.00 -9.45 -25.23
C GLU I 79 -41.47 -8.62 -24.08
N GLY I 80 -41.10 -7.36 -24.34
CA GLY I 80 -40.71 -6.49 -23.25
C GLY I 80 -41.84 -6.26 -22.26
N ALA I 81 -43.04 -6.02 -22.78
CA ALA I 81 -44.19 -5.87 -21.89
C ALA I 81 -44.41 -7.11 -21.04
N LEU I 82 -44.31 -8.29 -21.68
CA LEU I 82 -44.47 -9.55 -20.95
C LEU I 82 -43.41 -9.69 -19.85
N SER I 83 -42.18 -9.28 -20.14
CA SER I 83 -41.12 -9.39 -19.13
C SER I 83 -41.44 -8.55 -17.91
N GLU I 84 -41.92 -7.32 -18.13
CA GLU I 84 -42.27 -6.48 -16.97
C GLU I 84 -43.41 -7.11 -16.17
N ILE I 85 -44.42 -7.65 -16.86
CA ILE I 85 -45.52 -8.31 -16.15
C ILE I 85 -45.00 -9.48 -15.32
N ASN I 86 -44.05 -10.24 -15.88
CA ASN I 86 -43.49 -11.38 -15.16
C ASN I 86 -42.76 -10.94 -13.89
N ASN I 87 -41.99 -9.85 -13.97
CA ASN I 87 -41.33 -9.36 -12.77
C ASN I 87 -42.34 -8.98 -11.70
N ASN I 88 -43.42 -8.30 -12.10
CA ASN I 88 -44.45 -7.94 -11.13
C ASN I 88 -45.05 -9.19 -10.48
N LEU I 89 -45.32 -10.23 -11.28
CA LEU I 89 -45.91 -11.45 -10.73
C LEU I 89 -44.96 -12.12 -9.73
N GLN I 90 -43.66 -12.14 -10.04
CA GLN I 90 -42.71 -12.73 -9.10
C GLN I 90 -42.72 -11.97 -7.77
N ARG I 91 -42.73 -10.64 -7.83
CA ARG I 91 -42.76 -9.88 -6.59
C ARG I 91 -44.05 -10.14 -5.81
N ILE I 92 -45.17 -10.27 -6.51
CA ILE I 92 -46.43 -10.58 -5.83
C ILE I 92 -46.33 -11.93 -5.13
N ARG I 93 -45.72 -12.91 -5.78
CA ARG I 93 -45.59 -14.22 -5.16
C ARG I 93 -44.74 -14.15 -3.89
N GLU I 94 -43.64 -13.39 -3.93
CA GLU I 94 -42.84 -13.24 -2.72
C GLU I 94 -43.64 -12.60 -1.61
N LEU I 95 -44.46 -11.60 -1.96
CA LEU I 95 -45.30 -10.95 -0.96
C LEU I 95 -46.28 -11.94 -0.34
N THR I 96 -46.88 -12.79 -1.17
CA THR I 96 -47.79 -13.81 -0.66
C THR I 96 -47.07 -14.78 0.26
N VAL I 97 -45.83 -15.15 -0.08
CA VAL I 97 -45.07 -16.06 0.76
C VAL I 97 -44.86 -15.47 2.14
N GLN I 98 -44.52 -14.18 2.21
CA GLN I 98 -44.37 -13.61 3.55
C GLN I 98 -45.70 -13.38 4.23
N ALA I 99 -46.79 -13.23 3.48
CA ALA I 99 -48.08 -12.94 4.08
C ALA I 99 -48.71 -14.18 4.71
N THR I 100 -48.51 -15.36 4.11
CA THR I 100 -49.19 -16.55 4.62
C THR I 100 -48.71 -16.98 6.00
N THR I 101 -47.62 -16.41 6.51
CA THR I 101 -47.15 -16.78 7.84
C THR I 101 -48.16 -16.39 8.90
N GLY I 102 -48.30 -17.24 9.92
CA GLY I 102 -49.22 -16.95 11.00
C GLY I 102 -48.71 -15.98 12.05
N THR I 103 -47.44 -15.59 11.96
CA THR I 103 -46.91 -14.58 12.88
C THR I 103 -47.47 -13.20 12.57
N ASN I 104 -47.69 -12.89 11.29
CA ASN I 104 -48.17 -11.58 10.89
C ASN I 104 -49.54 -11.28 11.48
N SER I 105 -49.75 -10.04 11.86
CA SER I 105 -51.01 -9.61 12.46
C SER I 105 -51.93 -9.02 11.39
N ASP I 106 -53.09 -8.52 11.83
CA ASP I 106 -54.10 -8.06 10.89
C ASP I 106 -53.63 -6.84 10.10
N SER I 107 -52.99 -5.88 10.78
CA SER I 107 -52.49 -4.71 10.08
C SER I 107 -51.40 -5.08 9.09
N ASP I 108 -50.54 -6.04 9.46
CA ASP I 108 -49.50 -6.50 8.55
C ASP I 108 -50.11 -7.13 7.30
N LEU I 109 -51.13 -7.97 7.49
CA LEU I 109 -51.82 -8.55 6.34
C LEU I 109 -52.47 -7.48 5.49
N ASP I 110 -53.05 -6.46 6.12
CA ASP I 110 -53.66 -5.37 5.37
C ASP I 110 -52.64 -4.66 4.50
N SER I 111 -51.47 -4.35 5.08
CA SER I 111 -50.44 -3.65 4.31
C SER I 111 -49.93 -4.51 3.15
N ILE I 112 -49.71 -5.80 3.40
CA ILE I 112 -49.24 -6.67 2.34
C ILE I 112 -50.28 -6.77 1.23
N GLN I 113 -51.55 -6.86 1.60
CA GLN I 113 -52.60 -6.92 0.58
C GLN I 113 -52.69 -5.60 -0.19
N ASP I 114 -52.44 -4.48 0.47
CA ASP I 114 -52.40 -3.20 -0.25
C ASP I 114 -51.30 -3.21 -1.30
N GLU I 115 -50.12 -3.69 -0.94
CA GLU I 115 -49.03 -3.78 -1.92
C GLU I 115 -49.39 -4.70 -3.07
N ILE I 116 -50.02 -5.85 -2.75
CA ILE I 116 -50.42 -6.79 -3.78
C ILE I 116 -51.43 -6.15 -4.73
N LYS I 117 -52.39 -5.42 -4.18
CA LYS I 117 -53.37 -4.74 -5.03
C LYS I 117 -52.71 -3.71 -5.92
N SER I 118 -51.74 -2.97 -5.38
CA SER I 118 -51.02 -2.00 -6.20
C SER I 118 -50.32 -2.69 -7.38
N ARG I 119 -49.67 -3.82 -7.12
CA ARG I 119 -48.95 -4.47 -8.20
C ARG I 119 -49.89 -5.13 -9.21
N LEU I 120 -51.03 -5.64 -8.76
CA LEU I 120 -52.04 -6.12 -9.70
C LEU I 120 -52.54 -4.97 -10.58
N ASP I 121 -52.71 -3.79 -9.97
CA ASP I 121 -53.11 -2.63 -10.75
C ASP I 121 -52.06 -2.28 -11.80
N GLU I 122 -50.77 -2.39 -11.45
CA GLU I 122 -49.72 -2.20 -12.45
C GLU I 122 -49.80 -3.23 -13.57
N ILE I 123 -50.04 -4.49 -13.23
CA ILE I 123 -50.15 -5.51 -14.27
C ILE I 123 -51.27 -5.14 -15.25
N ASP I 124 -52.44 -4.80 -14.71
CA ASP I 124 -53.57 -4.42 -15.56
C ASP I 124 -53.25 -3.18 -16.38
N ARG I 125 -52.62 -2.17 -15.76
CA ARG I 125 -52.33 -0.93 -16.45
C ARG I 125 -51.37 -1.15 -17.61
N VAL I 126 -50.28 -1.88 -17.37
CA VAL I 126 -49.30 -2.13 -18.41
C VAL I 126 -49.93 -2.92 -19.55
N SER I 127 -50.72 -3.95 -19.21
CA SER I 127 -51.36 -4.74 -20.25
C SER I 127 -52.30 -3.89 -21.09
N GLY I 128 -53.10 -3.05 -20.44
CA GLY I 128 -54.06 -2.25 -21.17
C GLY I 128 -53.42 -1.19 -22.04
N GLN I 129 -52.37 -0.53 -21.53
CA GLN I 129 -51.82 0.63 -22.20
C GLN I 129 -50.62 0.34 -23.09
N THR I 130 -50.12 -0.90 -23.11
CA THR I 130 -49.08 -1.23 -24.07
C THR I 130 -49.64 -1.17 -25.49
N GLN I 131 -48.99 -0.40 -26.35
CA GLN I 131 -49.51 -0.10 -27.66
C GLN I 131 -48.40 -0.05 -28.69
N PHE I 132 -48.66 -0.57 -29.88
CA PHE I 132 -47.74 -0.50 -31.00
C PHE I 132 -48.51 -0.08 -32.24
N ASN I 133 -48.15 1.08 -32.80
CA ASN I 133 -48.76 1.59 -34.03
C ASN I 133 -50.28 1.66 -33.90
N GLY I 134 -50.76 2.13 -32.75
CA GLY I 134 -52.18 2.27 -32.54
C GLY I 134 -52.92 0.99 -32.26
N VAL I 135 -52.21 -0.12 -32.03
CA VAL I 135 -52.83 -1.41 -31.76
C VAL I 135 -52.43 -1.86 -30.36
N ASN I 136 -53.42 -2.21 -29.55
CA ASN I 136 -53.16 -2.74 -28.22
C ASN I 136 -52.87 -4.24 -28.36
N VAL I 137 -51.59 -4.60 -28.32
CA VAL I 137 -51.20 -5.98 -28.58
C VAL I 137 -51.69 -6.90 -27.48
N LEU I 138 -51.73 -6.42 -26.23
CA LEU I 138 -52.06 -7.26 -25.09
C LEU I 138 -53.51 -7.14 -24.65
N ALA I 139 -54.35 -6.46 -25.43
CA ALA I 139 -55.75 -6.30 -25.05
C ALA I 139 -56.70 -7.15 -25.87
N LYS I 140 -56.24 -7.78 -26.95
CA LYS I 140 -57.09 -8.58 -27.81
C LYS I 140 -56.54 -10.00 -27.89
N ASP I 141 -57.36 -10.90 -28.44
CA ASP I 141 -57.01 -12.30 -28.57
C ASP I 141 -56.84 -12.73 -30.02
N GLY I 142 -56.54 -11.79 -30.90
CA GLY I 142 -56.48 -12.07 -32.33
C GLY I 142 -55.12 -12.52 -32.81
N SER I 143 -54.89 -12.30 -34.11
CA SER I 143 -53.62 -12.64 -34.73
C SER I 143 -53.31 -11.65 -35.84
N MET I 144 -52.03 -11.47 -36.09
CA MET I 144 -51.54 -10.56 -37.12
C MET I 144 -50.85 -11.38 -38.21
N LYS I 145 -51.22 -11.12 -39.46
CA LYS I 145 -50.66 -11.81 -40.61
C LYS I 145 -49.64 -10.93 -41.29
N ILE I 146 -48.43 -11.46 -41.48
CA ILE I 146 -47.31 -10.70 -42.04
C ILE I 146 -46.98 -11.28 -43.40
N GLN I 147 -47.00 -10.43 -44.42
CA GLN I 147 -46.65 -10.84 -45.78
C GLN I 147 -45.15 -11.07 -45.86
N VAL I 148 -44.75 -12.29 -46.22
CA VAL I 148 -43.33 -12.63 -46.30
C VAL I 148 -42.90 -13.03 -47.70
N GLY I 149 -43.79 -13.53 -48.55
CA GLY I 149 -43.48 -13.82 -49.92
C GLY I 149 -43.95 -12.72 -50.86
N ALA I 150 -43.77 -12.97 -52.16
CA ALA I 150 -44.19 -12.03 -53.18
C ALA I 150 -45.53 -12.39 -53.82
N ASN I 151 -46.10 -13.55 -53.48
CA ASN I 151 -47.36 -13.98 -54.06
C ASN I 151 -48.42 -14.12 -52.96
N ASP I 152 -49.60 -14.57 -53.36
CA ASP I 152 -50.74 -14.65 -52.44
C ASP I 152 -50.55 -15.75 -51.42
N GLY I 153 -51.04 -15.50 -50.20
CA GLY I 153 -51.08 -16.51 -49.17
C GLY I 153 -49.75 -16.81 -48.53
N GLU I 154 -48.71 -16.04 -48.83
CA GLU I 154 -47.38 -16.27 -48.26
C GLU I 154 -47.24 -15.43 -47.00
N THR I 155 -47.88 -15.89 -45.94
CA THR I 155 -47.98 -15.13 -44.71
C THR I 155 -47.44 -15.93 -43.53
N ILE I 156 -47.11 -15.19 -42.48
CA ILE I 156 -46.75 -15.77 -41.18
C ILE I 156 -47.64 -15.14 -40.13
N THR I 157 -48.22 -15.96 -39.26
CA THR I 157 -49.21 -15.49 -38.31
C THR I 157 -48.60 -15.40 -36.91
N ILE I 158 -48.78 -14.25 -36.27
CA ILE I 158 -48.41 -14.04 -34.89
C ILE I 158 -49.69 -14.04 -34.07
N ASP I 159 -49.82 -14.98 -33.16
CA ASP I 159 -50.99 -15.04 -32.29
C ASP I 159 -50.75 -14.17 -31.05
N LEU I 160 -51.77 -13.42 -30.66
CA LEU I 160 -51.71 -12.59 -29.47
C LEU I 160 -52.71 -13.11 -28.45
N LYS I 161 -52.42 -12.84 -27.18
CA LYS I 161 -53.26 -13.29 -26.09
C LYS I 161 -53.69 -12.09 -25.25
N LYS I 162 -54.95 -12.11 -24.81
CA LYS I 162 -55.44 -11.09 -23.90
C LYS I 162 -54.95 -11.44 -22.50
N ILE I 163 -54.02 -10.66 -21.97
CA ILE I 163 -53.44 -10.90 -20.66
C ILE I 163 -53.82 -9.75 -19.75
N ASP I 164 -54.47 -10.07 -18.65
CA ASP I 164 -54.83 -9.12 -17.60
C ASP I 164 -55.21 -9.93 -16.37
N SER I 165 -55.83 -9.27 -15.39
CA SER I 165 -56.30 -9.99 -14.22
C SER I 165 -57.35 -11.03 -14.58
N ASP I 166 -58.27 -10.68 -15.48
CA ASP I 166 -59.39 -11.57 -15.78
C ASP I 166 -58.91 -12.90 -16.33
N THR I 167 -57.93 -12.88 -17.24
CA THR I 167 -57.49 -14.10 -17.90
C THR I 167 -56.47 -14.89 -17.07
N LEU I 168 -56.00 -14.36 -15.95
CA LEU I 168 -55.12 -15.08 -15.06
C LEU I 168 -55.76 -15.37 -13.71
N GLY I 169 -57.04 -15.01 -13.54
CA GLY I 169 -57.66 -15.20 -12.24
C GLY I 169 -57.22 -14.10 -11.30
N LEU I 170 -56.90 -14.46 -10.07
CA LEU I 170 -56.32 -13.51 -9.12
C LEU I 170 -57.24 -12.33 -8.85
N ASN I 171 -58.48 -12.38 -9.32
CA ASN I 171 -59.38 -11.24 -9.20
C ASN I 171 -59.58 -10.86 -7.75
N GLY I 172 -60.18 -11.75 -6.97
CA GLY I 172 -60.27 -11.54 -5.55
C GLY I 172 -59.11 -12.21 -4.84
N PHE I 173 -57.90 -11.66 -4.98
CA PHE I 173 -56.74 -12.30 -4.39
C PHE I 173 -56.86 -12.38 -2.87
N ASN I 174 -57.33 -11.31 -2.23
CA ASN I 174 -57.91 -11.39 -0.90
C ASN I 174 -56.98 -12.04 0.12
N VAL I 175 -55.71 -11.63 0.12
CA VAL I 175 -54.78 -12.21 1.09
C VAL I 175 -55.23 -11.92 2.51
N ASN I 176 -55.69 -10.69 2.77
CA ASN I 176 -56.19 -10.32 4.10
C ASN I 176 -57.66 -10.64 4.28
N GLY I 177 -58.36 -11.07 3.25
CA GLY I 177 -59.76 -11.44 3.37
C GLY I 177 -60.76 -10.33 3.14
N LYS I 178 -60.38 -9.25 2.46
CA LYS I 178 -61.28 -8.14 2.18
C LYS I 178 -61.17 -7.81 0.70
N GLY I 179 -62.24 -8.05 -0.05
CA GLY I 179 -62.20 -7.84 -1.48
C GLY I 179 -63.58 -7.96 -2.08
N THR I 180 -63.62 -7.88 -3.41
CA THR I 180 -64.87 -7.89 -4.17
C THR I 180 -64.90 -9.08 -5.11
N ILE I 181 -66.10 -9.43 -5.56
CA ILE I 181 -66.29 -10.59 -6.43
C ILE I 181 -66.99 -10.19 -7.72
N THR I 182 -67.80 -9.13 -7.67
CA THR I 182 -68.65 -8.73 -8.80
C THR I 182 -69.46 -9.92 -9.30
N ASN I 183 -70.35 -10.37 -8.42
CA ASN I 183 -70.93 -11.70 -8.44
C ASN I 183 -71.41 -12.23 -9.80
N LYS I 184 -72.41 -11.62 -10.43
CA LYS I 184 -73.01 -12.20 -11.62
C LYS I 184 -74.13 -11.27 -12.10
N ALA I 185 -74.65 -11.57 -13.29
CA ALA I 185 -75.87 -10.95 -13.80
C ALA I 185 -76.93 -12.03 -13.96
N ALA I 186 -78.14 -11.75 -13.46
CA ALA I 186 -79.19 -12.76 -13.40
C ALA I 186 -79.73 -13.08 -14.80
N THR I 187 -80.52 -14.15 -14.87
CA THR I 187 -81.16 -14.57 -16.11
C THR I 187 -82.53 -15.16 -15.81
N VAL I 188 -83.27 -15.48 -16.87
CA VAL I 188 -84.62 -15.99 -16.72
C VAL I 188 -84.62 -17.35 -16.03
N SER I 189 -83.61 -18.18 -16.32
CA SER I 189 -83.50 -19.46 -15.62
C SER I 189 -83.30 -19.24 -14.13
N ASP I 190 -82.48 -18.26 -13.76
CA ASP I 190 -82.29 -17.95 -12.35
C ASP I 190 -83.59 -17.47 -11.72
N LEU I 191 -84.36 -16.64 -12.44
CA LEU I 191 -85.65 -16.20 -11.92
C LEU I 191 -86.59 -17.37 -11.70
N THR I 192 -86.66 -18.29 -12.67
CA THR I 192 -87.53 -19.45 -12.53
C THR I 192 -87.09 -20.32 -11.36
N SER I 193 -85.79 -20.51 -11.19
CA SER I 193 -85.29 -21.27 -10.05
C SER I 193 -85.66 -20.59 -8.73
N ALA I 194 -85.53 -19.27 -8.67
CA ALA I 194 -85.96 -18.54 -7.49
C ALA I 194 -87.47 -18.60 -7.28
N GLY I 195 -88.24 -18.92 -8.31
CA GLY I 195 -89.66 -19.13 -8.18
C GLY I 195 -90.55 -18.05 -8.73
N ALA I 196 -90.01 -17.10 -9.49
CA ALA I 196 -90.83 -16.07 -10.10
C ALA I 196 -91.77 -16.67 -11.13
N LYS I 197 -92.98 -16.13 -11.20
CA LYS I 197 -94.01 -16.59 -12.11
C LYS I 197 -94.18 -15.59 -13.25
N LEU I 198 -94.34 -16.11 -14.47
CA LEU I 198 -94.60 -15.24 -15.61
C LEU I 198 -96.05 -14.77 -15.58
N ASN I 199 -96.25 -13.46 -15.74
CA ASN I 199 -97.59 -12.88 -15.80
C ASN I 199 -98.01 -12.86 -17.27
N THR I 200 -99.06 -13.63 -17.59
CA THR I 200 -99.46 -13.79 -18.98
C THR I 200 -99.97 -12.48 -19.57
N THR I 201 -100.73 -11.71 -18.79
CA THR I 201 -101.36 -10.51 -19.34
C THR I 201 -100.35 -9.41 -19.63
N THR I 202 -99.25 -9.35 -18.86
CA THR I 202 -98.26 -8.30 -19.02
C THR I 202 -96.92 -8.77 -19.58
N GLY I 203 -96.61 -10.05 -19.46
CA GLY I 203 -95.36 -10.57 -19.96
C GLY I 203 -94.19 -10.44 -19.01
N LEU I 204 -94.36 -9.79 -17.87
CA LEU I 204 -93.28 -9.63 -16.92
C LEU I 204 -93.12 -10.89 -16.07
N TYR I 205 -92.07 -10.89 -15.26
CA TYR I 205 -91.84 -11.94 -14.28
C TYR I 205 -92.03 -11.36 -12.88
N ASP I 206 -93.00 -11.89 -12.14
CA ASP I 206 -93.33 -11.40 -10.81
C ASP I 206 -92.80 -12.37 -9.78
N LEU I 207 -92.04 -11.85 -8.82
CA LEU I 207 -91.51 -12.65 -7.72
C LEU I 207 -92.22 -12.26 -6.43
N LYS I 208 -92.83 -13.24 -5.77
CA LYS I 208 -93.59 -13.01 -4.55
C LYS I 208 -92.89 -13.69 -3.39
N THR I 209 -92.63 -12.93 -2.33
CA THR I 209 -92.00 -13.45 -1.12
C THR I 209 -92.98 -13.33 0.04
N GLU I 210 -93.18 -14.43 0.75
CA GLU I 210 -94.12 -14.46 1.86
C GLU I 210 -93.45 -13.97 3.15
N ASN I 211 -94.28 -13.59 4.11
CA ASN I 211 -93.80 -13.02 5.37
C ASN I 211 -94.48 -13.78 6.51
N THR I 212 -93.69 -14.26 7.46
CA THR I 212 -94.21 -15.06 8.56
C THR I 212 -94.84 -14.16 9.61
N LEU I 213 -96.02 -14.55 10.08
CA LEU I 213 -96.72 -13.78 11.11
C LEU I 213 -95.91 -13.78 12.41
N LEU I 214 -96.10 -12.73 13.20
CA LEU I 214 -95.38 -12.59 14.45
C LEU I 214 -95.68 -13.76 15.39
N THR I 215 -94.63 -14.33 15.97
CA THR I 215 -94.75 -15.45 16.88
C THR I 215 -94.37 -15.03 18.30
N THR I 216 -94.76 -15.86 19.26
CA THR I 216 -94.48 -15.57 20.65
C THR I 216 -92.98 -15.54 20.93
N ASP I 217 -92.23 -16.45 20.30
CA ASP I 217 -90.78 -16.48 20.50
C ASP I 217 -90.12 -15.19 20.02
N ALA I 218 -90.50 -14.73 18.82
CA ALA I 218 -89.94 -13.49 18.30
C ALA I 218 -90.35 -12.29 19.16
N ALA I 219 -91.62 -12.28 19.61
CA ALA I 219 -92.06 -11.20 20.48
C ALA I 219 -91.26 -11.18 21.78
N PHE I 220 -91.01 -12.34 22.36
CA PHE I 220 -90.23 -12.41 23.59
C PHE I 220 -88.79 -11.99 23.36
N ASP I 221 -88.23 -12.35 22.21
CA ASP I 221 -86.88 -11.91 21.88
C ASP I 221 -86.82 -10.39 21.76
N LYS I 222 -87.84 -9.78 21.17
CA LYS I 222 -87.87 -8.33 21.04
C LYS I 222 -88.40 -7.62 22.27
N LEU I 223 -88.80 -8.37 23.31
CA LEU I 223 -89.27 -7.73 24.53
C LEU I 223 -88.18 -6.87 25.15
N GLY I 224 -88.59 -5.70 25.66
CA GLY I 224 -87.67 -4.77 26.26
C GLY I 224 -88.09 -4.42 27.68
N ASN I 225 -87.31 -3.55 28.29
CA ASN I 225 -87.58 -3.13 29.66
C ASN I 225 -88.88 -2.33 29.73
N GLY I 226 -89.69 -2.64 30.74
CA GLY I 226 -90.96 -1.97 30.94
C GLY I 226 -92.10 -2.49 30.10
N ASP I 227 -91.89 -3.58 29.35
CA ASP I 227 -92.95 -4.12 28.51
C ASP I 227 -94.03 -4.78 29.36
N LYS I 228 -95.26 -4.71 28.87
CA LYS I 228 -96.43 -5.22 29.59
C LYS I 228 -97.07 -6.34 28.77
N VAL I 229 -97.27 -7.49 29.40
CA VAL I 229 -97.87 -8.66 28.76
C VAL I 229 -99.14 -9.02 29.52
N THR I 230 -100.26 -9.10 28.81
CA THR I 230 -101.55 -9.40 29.40
C THR I 230 -102.06 -10.72 28.85
N VAL I 231 -102.01 -11.77 29.66
CA VAL I 231 -102.55 -13.07 29.31
C VAL I 231 -103.46 -13.53 30.45
N GLY I 232 -104.64 -14.03 30.08
CA GLY I 232 -105.59 -14.49 31.08
C GLY I 232 -106.11 -13.41 32.00
N GLY I 233 -106.02 -12.15 31.58
CA GLY I 233 -106.52 -11.05 32.37
C GLY I 233 -105.60 -10.55 33.45
N VAL I 234 -104.38 -11.06 33.53
CA VAL I 234 -103.40 -10.63 34.53
C VAL I 234 -102.21 -10.01 33.82
N ASP I 235 -101.74 -8.88 34.34
CA ASP I 235 -100.69 -8.11 33.69
C ASP I 235 -99.34 -8.42 34.30
N TYR I 236 -98.34 -8.65 33.44
CA TYR I 236 -96.97 -8.93 33.85
C TYR I 236 -96.09 -7.85 33.28
N THR I 237 -95.09 -7.40 34.05
CA THR I 237 -94.13 -6.41 33.58
C THR I 237 -92.78 -7.08 33.42
N TYR I 238 -92.23 -7.03 32.22
CA TYR I 238 -90.94 -7.66 31.95
C TYR I 238 -89.81 -6.86 32.59
N ASN I 239 -88.84 -7.57 33.15
CA ASN I 239 -87.65 -6.97 33.73
C ASN I 239 -86.44 -7.54 33.02
N ALA I 240 -85.69 -6.69 32.33
CA ALA I 240 -84.48 -7.10 31.63
C ALA I 240 -83.30 -7.26 32.57
N LYS I 241 -83.29 -6.54 33.69
CA LYS I 241 -82.20 -6.67 34.65
C LYS I 241 -82.12 -8.09 35.19
N SER I 242 -83.27 -8.64 35.59
CA SER I 242 -83.34 -10.03 36.00
C SER I 242 -83.95 -10.93 34.92
N GLY I 243 -84.50 -10.35 33.86
CA GLY I 243 -85.06 -11.13 32.77
C GLY I 243 -86.24 -12.00 33.17
N ASP I 244 -87.21 -11.43 33.87
CA ASP I 244 -88.35 -12.20 34.34
C ASP I 244 -89.53 -11.26 34.51
N PHE I 245 -90.73 -11.82 34.63
CA PHE I 245 -91.93 -11.01 34.72
C PHE I 245 -92.32 -10.80 36.17
N THR I 246 -92.51 -9.53 36.54
CA THR I 246 -92.99 -9.16 37.85
C THR I 246 -94.49 -8.88 37.79
N THR I 247 -95.19 -9.28 38.85
CA THR I 247 -96.64 -9.15 38.92
C THR I 247 -97.00 -8.51 40.25
N THR I 248 -98.17 -7.86 40.27
CA THR I 248 -98.76 -7.37 41.51
C THR I 248 -100.04 -8.16 41.78
N LYS I 249 -100.02 -8.98 42.83
CA LYS I 249 -101.14 -9.84 43.15
C LYS I 249 -101.81 -9.37 44.43
N SER I 250 -103.10 -9.05 44.34
CA SER I 250 -103.90 -8.83 45.54
C SER I 250 -104.31 -10.16 46.14
N THR I 251 -104.66 -10.13 47.42
CA THR I 251 -105.07 -11.34 48.12
C THR I 251 -106.28 -11.98 47.47
N ALA I 252 -107.41 -11.31 47.53
CA ALA I 252 -108.68 -11.84 47.02
C ALA I 252 -109.72 -10.72 47.06
N GLY I 253 -110.97 -11.09 46.81
CA GLY I 253 -112.07 -10.14 46.85
C GLY I 253 -112.69 -9.92 45.48
N THR I 254 -113.81 -10.59 45.24
CA THR I 254 -114.57 -10.46 44.01
C THR I 254 -116.03 -10.08 44.23
N GLY I 255 -116.64 -10.58 45.30
CA GLY I 255 -118.00 -10.20 45.61
C GLY I 255 -118.10 -8.75 46.04
N VAL I 256 -119.30 -8.17 45.87
CA VAL I 256 -119.51 -6.76 46.17
C VAL I 256 -120.16 -6.53 47.53
N ASP I 257 -120.62 -7.60 48.21
CA ASP I 257 -121.26 -7.47 49.51
C ASP I 257 -120.56 -8.37 50.51
N ALA I 258 -120.93 -8.20 51.78
CA ALA I 258 -120.31 -8.98 52.84
C ALA I 258 -120.61 -10.48 52.68
N ALA I 259 -121.84 -10.82 52.34
CA ALA I 259 -122.24 -12.21 52.14
C ALA I 259 -121.91 -12.63 50.71
N ALA I 260 -120.60 -12.78 50.46
CA ALA I 260 -120.12 -13.16 49.15
C ALA I 260 -118.87 -14.01 49.32
N GLN I 261 -118.31 -14.46 48.20
CA GLN I 261 -117.11 -15.27 48.20
C GLN I 261 -115.84 -14.45 48.48
N ALA I 262 -115.95 -13.13 48.57
CA ALA I 262 -114.78 -12.32 48.87
C ALA I 262 -114.16 -12.71 50.20
N ALA I 263 -115.00 -12.92 51.22
CA ALA I 263 -114.49 -13.23 52.55
C ALA I 263 -113.75 -14.56 52.59
N ASP I 264 -114.37 -15.62 52.04
CA ASP I 264 -113.74 -16.93 52.14
C ASP I 264 -112.52 -17.03 51.22
N SER I 265 -112.57 -16.34 50.07
CA SER I 265 -111.38 -16.29 49.21
C SER I 265 -110.24 -15.58 49.92
N ALA I 266 -110.53 -14.47 50.60
CA ALA I 266 -109.49 -13.77 51.34
C ALA I 266 -108.91 -14.64 52.44
N SER I 267 -109.78 -15.34 53.17
CA SER I 267 -109.30 -16.19 54.26
C SER I 267 -108.43 -17.33 53.73
N LYS I 268 -108.87 -17.98 52.66
CA LYS I 268 -108.09 -19.09 52.12
C LYS I 268 -106.78 -18.62 51.50
N ARG I 269 -106.78 -17.44 50.89
CA ARG I 269 -105.52 -16.91 50.35
C ARG I 269 -104.56 -16.53 51.47
N ASP I 270 -105.09 -15.96 52.56
CA ASP I 270 -104.25 -15.67 53.72
C ASP I 270 -103.65 -16.96 54.28
N ALA I 271 -104.47 -18.01 54.39
CA ALA I 271 -103.96 -19.29 54.88
C ALA I 271 -102.90 -19.85 53.95
N LEU I 272 -103.12 -19.76 52.63
CA LEU I 272 -102.14 -20.26 51.67
C LEU I 272 -100.83 -19.50 51.79
N ALA I 273 -100.90 -18.17 51.94
CA ALA I 273 -99.69 -17.40 52.13
C ALA I 273 -98.98 -17.80 53.42
N ALA I 274 -99.74 -18.06 54.48
CA ALA I 274 -99.13 -18.50 55.73
C ALA I 274 -98.41 -19.83 55.57
N THR I 275 -99.03 -20.77 54.87
CA THR I 275 -98.36 -22.05 54.62
C THR I 275 -97.11 -21.87 53.75
N LEU I 276 -97.19 -21.00 52.74
CA LEU I 276 -96.02 -20.75 51.92
C LEU I 276 -94.90 -20.10 52.72
N HIS I 277 -95.26 -19.36 53.78
CA HIS I 277 -94.30 -18.69 54.64
C HIS I 277 -93.68 -19.62 55.70
N ALA I 278 -93.90 -20.93 55.57
CA ALA I 278 -93.46 -21.86 56.61
C ALA I 278 -91.94 -21.86 56.78
N ASP I 279 -91.22 -22.30 55.73
CA ASP I 279 -89.77 -22.45 55.79
C ASP I 279 -89.34 -23.26 57.02
N VAL I 280 -89.72 -24.53 57.01
CA VAL I 280 -89.46 -25.40 58.15
C VAL I 280 -87.95 -25.62 58.32
N GLY I 281 -87.23 -25.78 57.22
CA GLY I 281 -85.83 -26.17 57.31
C GLY I 281 -84.96 -25.15 58.02
N LYS I 282 -85.11 -23.88 57.66
CA LYS I 282 -84.27 -22.82 58.21
C LYS I 282 -85.13 -21.62 58.58
N SER I 283 -84.63 -20.84 59.54
CA SER I 283 -85.31 -19.64 60.01
C SER I 283 -85.07 -18.47 59.07
N VAL I 284 -86.00 -17.52 59.10
CA VAL I 284 -85.91 -16.30 58.29
C VAL I 284 -86.28 -15.09 59.14
N ASN I 285 -85.67 -13.96 58.80
CA ASN I 285 -85.87 -12.71 59.51
C ASN I 285 -86.61 -11.71 58.65
N GLY I 286 -87.45 -10.90 59.28
CA GLY I 286 -88.19 -9.84 58.62
C GLY I 286 -88.56 -8.71 59.57
N SER I 287 -89.48 -7.86 59.14
CA SER I 287 -89.90 -6.71 59.94
C SER I 287 -91.39 -6.47 59.75
N TYR I 288 -92.09 -6.17 60.84
CA TYR I 288 -93.51 -5.86 60.83
C TYR I 288 -93.69 -4.41 61.25
N THR I 289 -94.30 -3.60 60.39
CA THR I 289 -94.43 -2.17 60.64
C THR I 289 -95.90 -1.78 60.64
N THR I 290 -96.32 -1.10 61.70
CA THR I 290 -97.67 -0.57 61.81
C THR I 290 -97.70 0.81 61.17
N LYS I 291 -98.78 1.57 61.42
CA LYS I 291 -98.90 2.89 60.83
C LYS I 291 -97.79 3.82 61.29
N ASP I 292 -97.43 3.75 62.58
CA ASP I 292 -96.42 4.64 63.13
C ASP I 292 -95.28 3.93 63.85
N GLY I 293 -95.27 2.59 63.87
CA GLY I 293 -94.24 1.87 64.57
C GLY I 293 -93.82 0.63 63.81
N THR I 294 -92.62 0.16 64.13
CA THR I 294 -92.05 -1.02 63.50
C THR I 294 -91.40 -1.91 64.54
N VAL I 295 -91.27 -3.19 64.22
CA VAL I 295 -90.70 -4.18 65.12
C VAL I 295 -90.00 -5.25 64.29
N SER I 296 -88.92 -5.79 64.83
CA SER I 296 -88.21 -6.88 64.17
C SER I 296 -89.05 -8.16 64.22
N PHE I 297 -88.59 -9.16 63.47
CA PHE I 297 -89.31 -10.42 63.36
C PHE I 297 -88.32 -11.52 63.00
N GLU I 298 -88.36 -12.64 63.71
CA GLU I 298 -87.47 -13.77 63.44
C GLU I 298 -88.25 -15.06 63.61
N THR I 299 -88.71 -15.65 62.51
CA THR I 299 -89.49 -16.87 62.57
C THR I 299 -88.63 -18.06 62.20
N ASP I 300 -88.92 -19.22 62.80
CA ASP I 300 -88.16 -20.44 62.56
C ASP I 300 -88.89 -21.39 61.62
N SER I 301 -90.11 -21.79 61.98
CA SER I 301 -90.85 -22.76 61.19
C SER I 301 -92.33 -22.66 61.56
N ALA I 302 -93.17 -23.09 60.62
CA ALA I 302 -94.62 -23.13 60.80
C ALA I 302 -95.19 -21.75 61.15
N GLY I 303 -94.48 -20.70 60.74
CA GLY I 303 -94.94 -19.34 61.05
C GLY I 303 -94.98 -19.02 62.53
N ASN I 304 -93.96 -19.45 63.27
CA ASN I 304 -93.89 -19.19 64.70
C ASN I 304 -93.15 -17.88 64.93
N ILE I 305 -93.79 -16.97 65.67
CA ILE I 305 -93.23 -15.64 65.89
C ILE I 305 -92.28 -15.69 67.08
N THR I 306 -91.04 -15.30 66.85
CA THR I 306 -90.04 -15.23 67.91
C THR I 306 -89.31 -13.90 67.81
N ILE I 307 -89.30 -13.13 68.91
CA ILE I 307 -88.66 -11.83 68.96
C ILE I 307 -87.59 -11.89 70.03
N GLY I 308 -86.33 -11.79 69.63
CA GLY I 308 -85.23 -11.81 70.57
C GLY I 308 -85.13 -13.08 71.39
N GLY I 309 -85.48 -14.22 70.79
CA GLY I 309 -85.44 -15.48 71.50
C GLY I 309 -86.64 -15.75 72.38
N SER I 310 -87.58 -14.83 72.46
CA SER I 310 -88.79 -14.99 73.27
C SER I 310 -90.01 -14.88 72.36
N GLN I 311 -90.93 -15.83 72.50
CA GLN I 311 -92.10 -15.86 71.64
C GLN I 311 -93.02 -14.68 71.95
N ALA I 312 -93.31 -13.88 70.93
CA ALA I 312 -94.19 -12.73 71.07
C ALA I 312 -95.60 -13.12 70.65
N TYR I 313 -96.53 -12.18 70.82
CA TYR I 313 -97.94 -12.43 70.57
C TYR I 313 -98.55 -11.21 69.87
N VAL I 314 -99.67 -11.45 69.20
CA VAL I 314 -100.36 -10.42 68.43
C VAL I 314 -101.66 -10.06 69.15
N ASP I 315 -101.96 -8.77 69.19
CA ASP I 315 -103.17 -8.28 69.83
C ASP I 315 -104.32 -8.26 68.85
N ASP I 316 -105.46 -7.72 69.29
CA ASP I 316 -106.63 -7.62 68.42
C ASP I 316 -106.37 -6.68 67.24
N ALA I 317 -105.68 -5.57 67.49
CA ALA I 317 -105.40 -4.58 66.46
C ALA I 317 -104.11 -4.87 65.70
N GLY I 318 -103.57 -6.09 65.82
CA GLY I 318 -102.38 -6.47 65.10
C GLY I 318 -101.07 -6.05 65.73
N ASN I 319 -101.10 -5.35 66.86
CA ASN I 319 -99.88 -4.93 67.51
C ASN I 319 -99.12 -6.13 68.06
N LEU I 320 -97.80 -6.11 67.94
CA LEU I 320 -96.96 -7.21 68.39
C LEU I 320 -96.33 -6.84 69.73
N THR I 321 -96.57 -7.68 70.75
CA THR I 321 -96.05 -7.44 72.08
C THR I 321 -95.50 -8.74 72.66
N THR I 322 -94.48 -8.61 73.51
CA THR I 322 -93.87 -9.77 74.13
C THR I 322 -94.75 -10.38 75.22
N ASN I 323 -95.58 -9.57 75.87
CA ASN I 323 -96.40 -10.03 76.98
C ASN I 323 -97.79 -10.43 76.51
N ASN I 324 -98.59 -10.94 77.45
CA ASN I 324 -99.94 -11.41 77.17
C ASN I 324 -100.95 -10.59 77.97
N ALA I 325 -101.99 -10.11 77.28
CA ALA I 325 -103.07 -9.37 77.91
C ALA I 325 -104.33 -10.22 77.81
N GLY I 326 -104.78 -10.75 78.94
CA GLY I 326 -105.95 -11.62 78.94
C GLY I 326 -105.78 -12.90 78.17
N SER I 327 -104.55 -13.45 78.14
CA SER I 327 -104.24 -14.69 77.45
C SER I 327 -104.57 -14.60 75.95
N ALA I 328 -104.50 -13.39 75.39
CA ALA I 328 -104.72 -13.20 73.95
C ALA I 328 -103.39 -13.37 73.21
N ALA I 329 -102.89 -14.60 73.27
CA ALA I 329 -101.57 -14.88 72.70
C ALA I 329 -101.64 -15.11 71.19
N LYS I 330 -102.33 -16.18 70.77
CA LYS I 330 -102.49 -16.57 69.36
C LYS I 330 -101.23 -16.30 68.54
N ALA I 331 -100.10 -16.81 69.04
CA ALA I 331 -98.80 -16.58 68.42
C ALA I 331 -98.64 -17.52 67.23
N ASP I 332 -99.19 -17.10 66.08
CA ASP I 332 -99.10 -17.88 64.87
C ASP I 332 -99.16 -16.95 63.67
N MET I 333 -98.62 -17.43 62.55
CA MET I 333 -98.62 -16.64 61.32
C MET I 333 -100.04 -16.40 60.82
N LYS I 334 -100.89 -17.43 60.86
CA LYS I 334 -102.26 -17.26 60.41
C LYS I 334 -103.01 -16.25 61.26
N ALA I 335 -102.84 -16.34 62.58
CA ALA I 335 -103.50 -15.38 63.48
C ALA I 335 -102.98 -13.97 63.26
N LEU I 336 -101.66 -13.82 63.08
CA LEU I 336 -101.09 -12.51 62.83
C LEU I 336 -101.62 -11.90 61.55
N LEU I 337 -101.67 -12.71 60.48
CA LEU I 337 -102.17 -12.21 59.20
C LEU I 337 -103.64 -11.84 59.29
N LYS I 338 -104.44 -12.66 59.96
CA LYS I 338 -105.86 -12.36 60.09
C LYS I 338 -106.09 -11.11 60.92
N ALA I 339 -105.33 -10.94 62.01
CA ALA I 339 -105.46 -9.75 62.83
C ALA I 339 -105.04 -8.50 62.04
N ALA I 340 -103.98 -8.61 61.23
CA ALA I 340 -103.59 -7.48 60.40
C ALA I 340 -104.66 -7.14 59.38
N SER I 341 -105.26 -8.18 58.77
CA SER I 341 -106.30 -7.94 57.78
C SER I 341 -107.53 -7.29 58.40
N GLU I 342 -107.93 -7.74 59.58
CA GLU I 342 -109.10 -7.19 60.25
C GLU I 342 -108.80 -5.93 61.04
N GLY I 343 -107.53 -5.52 61.11
CA GLY I 343 -107.19 -4.34 61.87
C GLY I 343 -107.71 -3.06 61.23
N SER I 344 -107.91 -2.05 62.08
CA SER I 344 -108.40 -0.77 61.59
C SER I 344 -107.39 -0.10 60.68
N ASP I 345 -106.10 -0.27 60.96
CA ASP I 345 -105.04 0.38 60.21
C ASP I 345 -104.20 -0.66 59.48
N GLY I 346 -103.73 -0.30 58.28
CA GLY I 346 -102.91 -1.20 57.50
C GLY I 346 -101.51 -1.35 58.06
N ALA I 347 -100.79 -2.32 57.50
CA ALA I 347 -99.45 -2.66 57.97
C ALA I 347 -98.56 -2.99 56.78
N SER I 348 -97.27 -3.15 57.04
CA SER I 348 -96.29 -3.54 56.03
C SER I 348 -95.36 -4.61 56.59
N LEU I 349 -95.17 -5.67 55.81
CA LEU I 349 -94.28 -6.76 56.18
C LEU I 349 -93.12 -6.83 55.20
N THR I 350 -91.90 -6.87 55.71
CA THR I 350 -90.72 -7.01 54.89
C THR I 350 -90.06 -8.34 55.22
N PHE I 351 -89.89 -9.20 54.21
CA PHE I 351 -89.22 -10.48 54.39
C PHE I 351 -88.00 -10.58 53.48
N ASN I 352 -87.42 -11.77 53.39
CA ASN I 352 -86.27 -11.97 52.50
C ASN I 352 -86.64 -11.68 51.06
N GLY I 353 -87.85 -12.05 50.66
CA GLY I 353 -88.30 -11.79 49.30
C GLY I 353 -88.96 -10.44 49.13
N THR I 354 -90.15 -10.43 48.54
CA THR I 354 -90.85 -9.20 48.26
C THR I 354 -91.53 -8.65 49.51
N GLU I 355 -91.89 -7.37 49.45
CA GLU I 355 -92.52 -6.68 50.56
C GLU I 355 -94.05 -6.72 50.41
N TYR I 356 -94.73 -7.12 51.47
CA TYR I 356 -96.18 -7.27 51.46
C TYR I 356 -96.80 -6.06 52.14
N THR I 357 -97.90 -5.55 51.58
CA THR I 357 -98.61 -4.43 52.18
C THR I 357 -100.04 -4.87 52.50
N ILE I 358 -100.42 -4.78 53.76
CA ILE I 358 -101.77 -5.10 54.21
C ILE I 358 -102.56 -3.80 54.24
N ALA I 359 -103.57 -3.70 53.38
CA ALA I 359 -104.34 -2.48 53.24
C ALA I 359 -105.30 -2.31 54.41
N LYS I 360 -105.74 -1.07 54.60
CA LYS I 360 -106.67 -0.72 55.67
C LYS I 360 -108.01 -1.46 55.53
N GLY I 376 -106.90 -7.27 52.92
CA GLY I 376 -106.21 -7.55 51.67
C GLY I 376 -104.73 -7.28 51.73
N ILE I 377 -103.95 -8.12 51.07
CA ILE I 377 -102.50 -7.97 50.99
C ILE I 377 -102.13 -7.81 49.52
N THR I 378 -101.41 -6.73 49.21
CA THR I 378 -100.87 -6.49 47.89
C THR I 378 -99.37 -6.76 47.93
N TYR I 379 -98.86 -7.50 46.95
CA TYR I 379 -97.46 -7.86 46.94
C TYR I 379 -96.98 -8.13 45.53
N GLN I 380 -95.67 -7.99 45.34
CA GLN I 380 -95.02 -8.32 44.09
C GLN I 380 -94.67 -9.81 44.06
N ALA I 381 -94.64 -10.36 42.85
CA ALA I 381 -94.29 -11.76 42.65
C ALA I 381 -93.51 -11.89 41.36
N THR I 382 -92.73 -12.97 41.27
CA THR I 382 -91.84 -13.21 40.14
C THR I 382 -92.25 -14.48 39.42
N VAL I 383 -92.35 -14.40 38.10
CA VAL I 383 -92.61 -15.56 37.25
C VAL I 383 -91.59 -15.59 36.12
N SER I 384 -91.24 -16.78 35.67
CA SER I 384 -90.25 -16.95 34.62
C SER I 384 -90.83 -16.61 33.26
N LYS I 385 -89.97 -16.05 32.39
CA LYS I 385 -90.39 -15.78 31.03
C LYS I 385 -90.77 -17.06 30.30
N ASP I 386 -90.06 -18.16 30.57
CA ASP I 386 -90.43 -19.44 29.98
C ASP I 386 -91.82 -19.87 30.44
N VAL I 387 -92.12 -19.66 31.73
CA VAL I 387 -93.45 -20.00 32.23
C VAL I 387 -94.50 -19.18 31.49
N VAL I 388 -94.32 -17.86 31.45
CA VAL I 388 -95.29 -16.97 30.81
C VAL I 388 -95.48 -17.36 29.35
N LEU I 389 -94.39 -17.72 28.68
CA LEU I 389 -94.48 -18.22 27.32
C LEU I 389 -95.35 -19.47 27.25
N SER I 390 -95.21 -20.36 28.24
CA SER I 390 -95.99 -21.58 28.23
C SER I 390 -97.49 -21.29 28.35
N GLU I 391 -97.89 -20.39 29.27
CA GLU I 391 -99.32 -20.08 29.32
C GLU I 391 -99.78 -19.34 28.06
N THR I 392 -98.95 -18.48 27.50
CA THR I 392 -99.37 -17.75 26.31
C THR I 392 -99.60 -18.68 25.13
N LYS I 393 -98.72 -19.66 24.93
CA LYS I 393 -98.84 -20.56 23.79
C LYS I 393 -99.58 -21.85 24.12
N ALA I 394 -100.11 -22.00 25.34
CA ALA I 394 -100.75 -23.25 25.73
C ALA I 394 -102.02 -23.50 24.92
N ALA I 395 -102.90 -22.51 24.86
CA ALA I 395 -104.19 -22.67 24.18
C ALA I 395 -104.54 -21.35 23.49
N ALA I 396 -105.79 -21.23 23.06
CA ALA I 396 -106.27 -20.04 22.36
C ALA I 396 -106.47 -18.90 23.36
N ALA I 397 -105.34 -18.43 23.89
CA ALA I 397 -105.37 -17.34 24.85
C ALA I 397 -105.46 -15.99 24.13
N THR I 398 -105.85 -14.97 24.89
CA THR I 398 -105.98 -13.60 24.39
C THR I 398 -104.80 -12.74 24.80
N SER I 399 -103.61 -13.32 24.86
CA SER I 399 -102.43 -12.59 25.30
C SER I 399 -102.13 -11.42 24.36
N SER I 400 -101.70 -10.30 24.95
CA SER I 400 -101.31 -9.11 24.21
C SER I 400 -100.02 -8.57 24.79
N ILE I 401 -99.13 -8.10 23.92
CA ILE I 401 -97.82 -7.59 24.32
C ILE I 401 -97.73 -6.14 23.89
N THR I 402 -97.33 -5.27 24.82
CA THR I 402 -97.14 -3.86 24.53
C THR I 402 -95.65 -3.56 24.43
N PHE I 403 -95.20 -3.19 23.24
CA PHE I 403 -93.82 -2.78 23.03
C PHE I 403 -93.73 -1.29 23.29
N ASN I 404 -92.90 -0.91 24.26
CA ASN I 404 -92.77 0.47 24.70
C ASN I 404 -91.30 0.86 24.65
N SER I 405 -90.99 1.93 23.93
CA SER I 405 -89.65 2.48 23.84
C SER I 405 -89.42 3.61 24.83
N GLY I 406 -90.38 3.90 25.70
CA GLY I 406 -90.32 5.03 26.58
C GLY I 406 -90.89 6.31 26.00
N VAL I 407 -91.05 6.35 24.68
CA VAL I 407 -91.68 7.48 23.98
C VAL I 407 -92.77 6.92 23.08
N LEU I 408 -92.41 5.92 22.28
CA LEU I 408 -93.29 5.32 21.30
C LEU I 408 -93.76 3.96 21.82
N SER I 409 -95.06 3.70 21.70
CA SER I 409 -95.64 2.47 22.20
C SER I 409 -96.63 1.90 21.19
N LYS I 410 -96.67 0.57 21.10
CA LYS I 410 -97.68 -0.12 20.30
C LYS I 410 -98.08 -1.42 20.98
N THR I 411 -99.37 -1.71 20.96
CA THR I 411 -99.91 -2.93 21.56
C THR I 411 -100.31 -3.91 20.46
N ILE I 412 -99.82 -5.14 20.56
CA ILE I 412 -100.10 -6.20 19.59
C ILE I 412 -100.82 -7.32 20.30
N GLY I 413 -102.00 -7.66 19.81
CA GLY I 413 -102.77 -8.75 20.40
C GLY I 413 -102.81 -9.98 19.51
N PHE I 414 -102.14 -11.05 19.93
CA PHE I 414 -102.03 -12.26 19.15
C PHE I 414 -102.51 -13.46 19.97
N THR I 415 -103.20 -14.38 19.30
CA THR I 415 -103.79 -15.54 19.95
C THR I 415 -102.98 -16.78 19.58
N ALA I 416 -102.31 -17.36 20.57
CA ALA I 416 -101.56 -18.61 20.41
C ALA I 416 -100.57 -18.53 19.25
N GLY I 417 -99.76 -17.48 19.25
CA GLY I 417 -98.80 -17.30 18.19
C GLY I 417 -99.15 -16.19 17.23
N GLU I 418 -99.68 -16.56 16.06
CA GLU I 418 -99.97 -15.59 15.02
C GLU I 418 -101.01 -14.57 15.48
N SER I 419 -100.86 -13.35 14.98
CA SER I 419 -101.78 -12.28 15.33
C SER I 419 -103.13 -12.48 14.66
N SER I 420 -104.20 -12.30 15.43
CA SER I 420 -105.57 -12.43 14.91
C SER I 420 -106.35 -11.12 15.00
N ASP I 421 -105.69 -10.02 15.36
CA ASP I 421 -106.35 -8.73 15.53
C ASP I 421 -106.35 -7.89 14.26
N ALA I 422 -106.32 -8.53 13.08
CA ALA I 422 -106.28 -7.84 11.80
C ALA I 422 -105.07 -6.91 11.69
N ALA I 423 -103.98 -7.28 12.37
CA ALA I 423 -102.75 -6.51 12.37
C ALA I 423 -101.70 -7.25 11.56
N LYS I 424 -101.04 -6.53 10.65
CA LYS I 424 -100.05 -7.14 9.77
C LYS I 424 -98.68 -7.06 10.45
N SER I 425 -98.44 -8.00 11.35
CA SER I 425 -97.17 -8.12 12.05
C SER I 425 -96.39 -9.29 11.46
N TYR I 426 -95.16 -9.03 11.03
CA TYR I 426 -94.37 -10.05 10.35
C TYR I 426 -92.90 -9.84 10.67
N VAL I 427 -92.11 -10.89 10.41
CA VAL I 427 -90.72 -10.93 10.84
C VAL I 427 -89.74 -11.35 9.75
N ASP I 428 -90.18 -11.98 8.65
CA ASP I 428 -89.25 -12.65 7.75
C ASP I 428 -88.27 -11.72 7.05
N ASP I 429 -88.57 -10.42 6.98
CA ASP I 429 -87.74 -9.50 6.20
C ASP I 429 -86.30 -9.48 6.70
N LYS I 430 -86.08 -8.91 7.88
CA LYS I 430 -84.75 -8.87 8.49
C LYS I 430 -84.83 -9.16 9.99
N GLY I 431 -85.94 -9.72 10.46
CA GLY I 431 -86.23 -9.75 11.88
C GLY I 431 -87.05 -8.54 12.28
N GLY I 432 -87.43 -8.53 13.56
CA GLY I 432 -88.23 -7.42 14.01
C GLY I 432 -89.66 -7.49 13.51
N ILE I 433 -90.32 -6.34 13.51
CA ILE I 433 -91.73 -6.23 13.16
C ILE I 433 -91.84 -5.38 11.90
N THR I 434 -92.70 -5.81 10.98
CA THR I 434 -92.97 -5.05 9.77
C THR I 434 -94.45 -5.16 9.44
N ASN I 435 -94.94 -4.16 8.70
CA ASN I 435 -96.34 -4.09 8.33
C ASN I 435 -96.61 -4.55 6.90
N VAL I 436 -95.61 -5.14 6.23
CA VAL I 436 -95.78 -5.59 4.86
C VAL I 436 -96.38 -6.99 4.87
N ALA I 437 -97.60 -7.12 4.36
CA ALA I 437 -98.26 -8.42 4.30
C ALA I 437 -97.60 -9.30 3.25
N ASP I 438 -97.37 -8.77 2.05
CA ASP I 438 -96.83 -9.52 0.95
C ASP I 438 -95.75 -8.70 0.26
N TYR I 439 -94.75 -9.41 -0.28
CA TYR I 439 -93.60 -8.78 -0.94
C TYR I 439 -93.55 -9.30 -2.38
N THR I 440 -94.02 -8.49 -3.31
CA THR I 440 -94.11 -8.88 -4.72
C THR I 440 -93.47 -7.81 -5.58
N VAL I 441 -92.56 -8.22 -6.46
CA VAL I 441 -91.83 -7.32 -7.35
C VAL I 441 -91.84 -7.91 -8.75
N SER I 442 -91.83 -7.04 -9.77
CA SER I 442 -91.95 -7.46 -11.16
C SER I 442 -90.60 -7.32 -11.85
N TYR I 443 -90.21 -8.35 -12.59
CA TYR I 443 -88.97 -8.37 -13.34
C TYR I 443 -89.28 -8.47 -14.82
N SER I 444 -88.63 -7.63 -15.62
CA SER I 444 -88.74 -7.65 -17.07
C SER I 444 -87.47 -8.22 -17.65
N VAL I 445 -87.61 -9.18 -18.55
CA VAL I 445 -86.50 -9.85 -19.20
C VAL I 445 -86.39 -9.31 -20.61
N ASN I 446 -85.22 -8.78 -20.96
CA ASN I 446 -84.99 -8.25 -22.30
C ASN I 446 -84.87 -9.42 -23.27
N LYS I 447 -85.66 -9.38 -24.35
CA LYS I 447 -85.68 -10.50 -25.28
C LYS I 447 -84.37 -10.60 -26.07
N ASP I 448 -83.76 -9.47 -26.39
CA ASP I 448 -82.50 -9.49 -27.14
C ASP I 448 -81.31 -9.73 -26.22
N ASN I 449 -81.10 -8.83 -25.26
CA ASN I 449 -79.94 -8.93 -24.39
C ASN I 449 -80.01 -10.14 -23.48
N GLY I 450 -81.18 -10.44 -22.94
CA GLY I 450 -81.33 -11.48 -21.95
C GLY I 450 -81.20 -11.01 -20.52
N SER I 451 -80.90 -9.73 -20.30
CA SER I 451 -80.75 -9.20 -18.96
C SER I 451 -82.10 -9.03 -18.28
N VAL I 452 -82.06 -9.02 -16.95
CA VAL I 452 -83.26 -8.90 -16.11
C VAL I 452 -83.22 -7.56 -15.39
N THR I 453 -84.31 -6.80 -15.48
CA THR I 453 -84.40 -5.50 -14.83
C THR I 453 -85.64 -5.45 -13.96
N VAL I 454 -85.59 -4.60 -12.93
CA VAL I 454 -86.74 -4.41 -12.06
C VAL I 454 -87.68 -3.40 -12.70
N ALA I 455 -88.95 -3.77 -12.84
CA ALA I 455 -89.95 -2.93 -13.49
C ALA I 455 -91.08 -2.59 -12.53
N GLY I 456 -90.75 -2.22 -11.31
CA GLY I 456 -91.74 -1.84 -10.32
C GLY I 456 -92.15 -3.01 -9.45
N TYR I 457 -93.07 -2.72 -8.53
CA TYR I 457 -93.56 -3.75 -7.63
C TYR I 457 -94.93 -3.35 -7.10
N ALA I 458 -95.66 -4.35 -6.61
CA ALA I 458 -96.96 -4.14 -5.99
C ALA I 458 -97.01 -4.89 -4.67
N SER I 459 -97.66 -4.29 -3.68
CA SER I 459 -97.82 -4.90 -2.37
C SER I 459 -99.27 -4.78 -1.92
N ALA I 460 -99.71 -5.76 -1.14
CA ALA I 460 -101.08 -5.74 -0.63
C ALA I 460 -101.32 -4.53 0.26
N THR I 461 -100.38 -4.25 1.16
CA THR I 461 -100.47 -3.06 2.00
C THR I 461 -99.82 -1.87 1.28
N ASP I 462 -99.82 -0.72 1.95
CA ASP I 462 -99.23 0.48 1.36
C ASP I 462 -97.72 0.34 1.21
N THR I 463 -97.05 -0.14 2.27
CA THR I 463 -95.61 -0.40 2.30
C THR I 463 -94.83 0.91 2.32
N ASN I 464 -95.52 2.03 2.10
CA ASN I 464 -94.91 3.36 2.14
C ASN I 464 -93.65 3.44 1.29
N LYS I 465 -93.54 2.56 0.29
CA LYS I 465 -92.35 2.46 -0.55
C LYS I 465 -91.08 2.23 0.27
N ASP I 466 -91.22 1.49 1.38
CA ASP I 466 -90.06 1.22 2.22
C ASP I 466 -89.14 0.17 1.59
N TYR I 467 -89.72 -0.89 1.03
CA TYR I 467 -88.96 -1.93 0.34
C TYR I 467 -88.83 -1.67 -1.15
N ALA I 468 -88.90 -0.42 -1.57
CA ALA I 468 -88.92 -0.08 -2.98
C ALA I 468 -87.53 -0.24 -3.61
N PRO I 469 -87.36 -1.07 -4.62
CA PRO I 469 -86.11 -1.09 -5.38
C PRO I 469 -86.17 -0.15 -6.57
N ALA I 470 -84.99 0.29 -7.01
CA ALA I 470 -84.90 1.19 -8.15
C ALA I 470 -85.37 0.49 -9.41
N ILE I 471 -86.16 1.20 -10.21
CA ILE I 471 -86.71 0.63 -11.45
C ILE I 471 -85.66 0.74 -12.54
N GLY I 472 -85.51 -0.34 -13.32
CA GLY I 472 -84.56 -0.37 -14.40
C GLY I 472 -83.16 -0.78 -14.01
N THR I 473 -82.93 -1.15 -12.76
CA THR I 473 -81.61 -1.58 -12.31
C THR I 473 -81.40 -3.04 -12.65
N ALA I 474 -80.20 -3.35 -13.14
CA ALA I 474 -79.88 -4.73 -13.51
C ALA I 474 -79.98 -5.65 -12.30
N VAL I 475 -80.51 -6.84 -12.53
CA VAL I 475 -80.70 -7.82 -11.48
C VAL I 475 -79.49 -8.76 -11.45
N ASN I 476 -78.94 -8.96 -10.27
CA ASN I 476 -77.73 -9.76 -10.09
C ASN I 476 -78.02 -10.96 -9.19
N VAL I 477 -77.25 -12.01 -9.38
CA VAL I 477 -77.37 -13.23 -8.58
C VAL I 477 -76.28 -13.22 -7.53
N ASN I 478 -76.67 -13.35 -6.27
CA ASN I 478 -75.72 -13.36 -5.17
C ASN I 478 -74.85 -14.61 -5.24
N SER I 479 -73.78 -14.59 -4.44
CA SER I 479 -72.91 -15.76 -4.35
C SER I 479 -73.67 -16.97 -3.81
N ALA I 480 -74.53 -16.75 -2.82
CA ALA I 480 -75.37 -17.82 -2.29
C ALA I 480 -76.42 -18.28 -3.30
N GLY I 481 -76.71 -17.47 -4.31
CA GLY I 481 -77.67 -17.82 -5.33
C GLY I 481 -78.96 -17.04 -5.28
N LYS I 482 -79.08 -16.04 -4.41
CA LYS I 482 -80.30 -15.27 -4.29
C LYS I 482 -80.33 -14.16 -5.33
N ILE I 483 -81.38 -13.34 -5.28
CA ILE I 483 -81.55 -12.20 -6.17
C ILE I 483 -81.20 -10.94 -5.40
N THR I 484 -80.28 -10.14 -5.95
CA THR I 484 -79.80 -8.95 -5.27
C THR I 484 -79.38 -7.93 -6.31
N THR I 485 -79.66 -6.66 -6.03
CA THR I 485 -79.28 -5.58 -6.93
C THR I 485 -77.83 -5.12 -6.74
N GLU I 486 -77.17 -5.56 -5.67
CA GLU I 486 -75.79 -5.13 -5.41
C GLU I 486 -74.85 -5.76 -6.42
N THR I 487 -73.96 -4.95 -6.98
CA THR I 487 -73.05 -5.44 -8.01
C THR I 487 -71.97 -6.35 -7.42
N THR I 488 -71.38 -5.93 -6.30
CA THR I 488 -70.25 -6.64 -5.71
C THR I 488 -70.64 -7.22 -4.36
N SER I 489 -70.20 -8.44 -4.11
CA SER I 489 -70.39 -9.11 -2.83
C SER I 489 -69.03 -9.48 -2.26
N ALA I 490 -68.87 -9.28 -0.95
CA ALA I 490 -67.60 -9.55 -0.30
C ALA I 490 -67.28 -11.04 -0.35
N GLY I 491 -65.98 -11.35 -0.35
CA GLY I 491 -65.51 -12.70 -0.44
C GLY I 491 -64.65 -13.06 0.75
N SER I 492 -63.71 -13.98 0.52
CA SER I 492 -62.86 -14.50 1.57
C SER I 492 -61.47 -14.74 1.00
N ALA I 493 -60.55 -15.13 1.88
CA ALA I 493 -59.17 -15.35 1.48
C ALA I 493 -59.07 -16.51 0.50
N THR I 494 -58.22 -16.35 -0.52
CA THR I 494 -58.03 -17.40 -1.50
C THR I 494 -57.44 -18.64 -0.84
N THR I 495 -57.98 -19.80 -1.21
CA THR I 495 -57.55 -21.05 -0.57
C THR I 495 -56.14 -21.44 -0.99
N ASN I 496 -55.82 -21.29 -2.27
CA ASN I 496 -54.54 -21.75 -2.81
C ASN I 496 -53.90 -20.64 -3.63
N PRO I 497 -53.23 -19.69 -2.98
CA PRO I 497 -52.67 -18.55 -3.72
C PRO I 497 -51.47 -18.91 -4.58
N LEU I 498 -50.57 -19.75 -4.05
CA LEU I 498 -49.33 -20.02 -4.74
C LEU I 498 -49.56 -20.83 -6.02
N ALA I 499 -50.53 -21.74 -6.00
CA ALA I 499 -50.86 -22.49 -7.21
C ALA I 499 -51.37 -21.56 -8.31
N ALA I 500 -52.24 -20.61 -7.96
CA ALA I 500 -52.75 -19.67 -8.95
C ALA I 500 -51.63 -18.80 -9.49
N LEU I 501 -50.72 -18.35 -8.61
CA LEU I 501 -49.59 -17.55 -9.07
C LEU I 501 -48.70 -18.35 -10.01
N ASP I 502 -48.47 -19.63 -9.70
CA ASP I 502 -47.69 -20.49 -10.58
C ASP I 502 -48.37 -20.65 -11.93
N ASP I 503 -49.69 -20.80 -11.95
CA ASP I 503 -50.41 -20.91 -13.20
C ASP I 503 -50.27 -19.65 -14.03
N ALA I 504 -50.38 -18.48 -13.38
CA ALA I 504 -50.21 -17.22 -14.10
C ALA I 504 -48.80 -17.10 -14.69
N ILE I 505 -47.79 -17.44 -13.90
CA ILE I 505 -46.42 -17.37 -14.39
C ILE I 505 -46.21 -18.33 -15.55
N SER I 506 -46.80 -19.53 -15.46
CA SER I 506 -46.68 -20.50 -16.55
C SER I 506 -47.32 -19.98 -17.83
N SER I 507 -48.49 -19.35 -17.71
CA SER I 507 -49.12 -18.79 -18.90
C SER I 507 -48.26 -17.70 -19.52
N ILE I 508 -47.68 -16.83 -18.69
CA ILE I 508 -46.80 -15.78 -19.21
C ILE I 508 -45.61 -16.41 -19.92
N ASP I 509 -45.02 -17.44 -19.33
CA ASP I 509 -43.86 -18.09 -19.92
C ASP I 509 -44.20 -18.73 -21.25
N LYS I 510 -45.38 -19.38 -21.34
CA LYS I 510 -45.78 -19.99 -22.60
C LYS I 510 -45.96 -18.93 -23.69
N PHE I 511 -46.59 -17.80 -23.34
CA PHE I 511 -46.74 -16.73 -24.32
C PHE I 511 -45.38 -16.23 -24.79
N ARG I 512 -44.45 -16.03 -23.85
CA ARG I 512 -43.13 -15.54 -24.23
C ARG I 512 -42.40 -16.52 -25.13
N SER I 513 -42.49 -17.82 -24.81
CA SER I 513 -41.82 -18.82 -25.63
C SER I 513 -42.37 -18.85 -27.05
N SER I 514 -43.70 -18.81 -27.18
CA SER I 514 -44.30 -18.80 -28.51
C SER I 514 -43.86 -17.56 -29.28
N LEU I 515 -43.84 -16.40 -28.61
CA LEU I 515 -43.43 -15.17 -29.27
C LEU I 515 -41.97 -15.25 -29.75
N GLY I 516 -41.10 -15.80 -28.91
CA GLY I 516 -39.70 -15.95 -29.31
C GLY I 516 -39.53 -16.88 -30.49
N ALA I 517 -40.28 -17.99 -30.51
CA ALA I 517 -40.20 -18.90 -31.63
C ALA I 517 -40.63 -18.21 -32.93
N ILE I 518 -41.73 -17.46 -32.87
CA ILE I 518 -42.19 -16.73 -34.05
C ILE I 518 -41.12 -15.74 -34.52
N GLN I 519 -40.49 -15.05 -33.57
CA GLN I 519 -39.46 -14.08 -33.95
C GLN I 519 -38.26 -14.75 -34.61
N ASN I 520 -37.83 -15.90 -34.09
CA ASN I 520 -36.72 -16.62 -34.71
C ASN I 520 -37.07 -17.04 -36.13
N ARG I 521 -38.27 -17.59 -36.33
CA ARG I 521 -38.63 -17.99 -37.69
C ARG I 521 -38.74 -16.78 -38.61
N LEU I 522 -39.15 -15.63 -38.08
CA LEU I 522 -39.22 -14.43 -38.90
C LEU I 522 -37.82 -13.97 -39.32
N ASP I 523 -36.86 -14.06 -38.41
CA ASP I 523 -35.48 -13.70 -38.76
C ASP I 523 -34.93 -14.63 -39.83
N SER I 524 -35.19 -15.93 -39.70
CA SER I 524 -34.77 -16.88 -40.73
C SER I 524 -35.39 -16.54 -42.07
N ALA I 525 -36.68 -16.16 -42.06
CA ALA I 525 -37.34 -15.74 -43.29
C ALA I 525 -36.64 -14.53 -43.90
N VAL I 526 -36.23 -13.57 -43.07
CA VAL I 526 -35.52 -12.39 -43.58
C VAL I 526 -34.25 -12.81 -44.29
N THR I 527 -33.47 -13.70 -43.66
CA THR I 527 -32.21 -14.14 -44.27
C THR I 527 -32.46 -14.83 -45.61
N ASN I 528 -33.45 -15.73 -45.66
CA ASN I 528 -33.75 -16.41 -46.91
C ASN I 528 -34.19 -15.43 -47.99
N LEU I 529 -34.99 -14.43 -47.61
CA LEU I 529 -35.44 -13.43 -48.59
C LEU I 529 -34.26 -12.66 -49.16
N ASN I 530 -33.31 -12.29 -48.30
CA ASN I 530 -32.14 -11.56 -48.80
C ASN I 530 -31.35 -12.41 -49.78
N ASN I 531 -31.12 -13.68 -49.46
CA ASN I 531 -30.38 -14.54 -50.37
C ASN I 531 -31.09 -14.69 -51.71
N THR I 532 -32.40 -14.92 -51.66
CA THR I 532 -33.16 -15.10 -52.90
C THR I 532 -33.16 -13.82 -53.73
N THR I 533 -33.27 -12.66 -53.07
CA THR I 533 -33.22 -11.40 -53.80
C THR I 533 -31.88 -11.24 -54.51
N THR I 534 -30.79 -11.56 -53.81
CA THR I 534 -29.47 -11.44 -54.44
C THR I 534 -29.37 -12.34 -55.66
N ASN I 535 -29.79 -13.60 -55.53
CA ASN I 535 -29.65 -14.53 -56.64
C ASN I 535 -30.53 -14.12 -57.83
N LEU I 536 -31.75 -13.67 -57.57
CA LEU I 536 -32.63 -13.24 -58.65
C LEU I 536 -32.09 -12.00 -59.35
N SER I 537 -31.52 -11.07 -58.59
CA SER I 537 -30.87 -9.91 -59.21
C SER I 537 -29.71 -10.36 -60.08
N GLU I 538 -28.98 -11.38 -59.64
CA GLU I 538 -27.89 -11.92 -60.45
C GLU I 538 -28.41 -12.45 -61.76
N ALA I 539 -29.51 -13.22 -61.72
CA ALA I 539 -30.07 -13.77 -62.94
C ALA I 539 -30.55 -12.67 -63.88
N GLN I 540 -31.19 -11.64 -63.34
CA GLN I 540 -31.61 -10.53 -64.18
C GLN I 540 -30.42 -9.85 -64.84
N SER I 541 -29.33 -9.69 -64.09
CA SER I 541 -28.12 -9.12 -64.67
C SER I 541 -27.57 -10.01 -65.78
N ARG I 542 -27.67 -11.33 -65.59
CA ARG I 542 -27.26 -12.26 -66.65
C ARG I 542 -28.03 -11.98 -67.92
N ILE I 543 -29.36 -11.87 -67.81
CA ILE I 543 -30.20 -11.72 -69.00
C ILE I 543 -29.97 -10.36 -69.66
N GLN I 544 -29.98 -9.31 -68.87
CA GLN I 544 -29.85 -7.93 -69.36
C GLN I 544 -28.37 -7.52 -69.35
N ASP I 545 -28.12 -6.21 -69.38
CA ASP I 545 -26.80 -5.65 -69.10
C ASP I 545 -25.74 -6.02 -70.14
N ALA I 546 -25.87 -5.49 -71.35
CA ALA I 546 -24.92 -5.72 -72.41
C ALA I 546 -23.49 -5.44 -71.97
N ASP I 547 -22.54 -6.10 -72.64
CA ASP I 547 -21.12 -6.01 -72.31
C ASP I 547 -20.49 -4.84 -73.05
N TYR I 548 -19.91 -3.90 -72.28
CA TYR I 548 -19.29 -2.73 -72.90
C TYR I 548 -18.11 -3.09 -73.77
N ALA I 549 -17.36 -4.14 -73.46
CA ALA I 549 -16.28 -4.54 -74.35
C ALA I 549 -16.82 -4.82 -75.76
N THR I 550 -17.84 -5.69 -75.83
CA THR I 550 -18.39 -6.05 -77.13
C THR I 550 -19.04 -4.84 -77.80
N GLU I 551 -19.78 -4.02 -77.05
CA GLU I 551 -20.45 -2.88 -77.67
C GLU I 551 -19.46 -1.85 -78.18
N VAL I 552 -18.38 -1.60 -77.43
CA VAL I 552 -17.37 -0.65 -77.89
C VAL I 552 -16.70 -1.17 -79.15
N SER I 553 -16.34 -2.45 -79.19
CA SER I 553 -15.76 -3.01 -80.40
C SER I 553 -16.71 -2.89 -81.58
N ASN I 554 -17.99 -3.19 -81.34
CA ASN I 554 -18.98 -3.15 -82.41
C ASN I 554 -19.14 -1.74 -82.95
N MET I 555 -19.23 -0.74 -82.07
CA MET I 555 -19.41 0.62 -82.58
C MET I 555 -18.16 1.12 -83.27
N SER I 556 -16.98 0.72 -82.80
CA SER I 556 -15.75 1.17 -83.44
C SER I 556 -15.65 0.61 -84.86
N LYS I 557 -15.90 -0.68 -85.03
CA LYS I 557 -15.87 -1.23 -86.37
C LYS I 557 -17.00 -0.68 -87.22
N ALA I 558 -18.14 -0.36 -86.62
CA ALA I 558 -19.22 0.26 -87.37
C ALA I 558 -18.84 1.65 -87.87
N GLN I 559 -18.19 2.44 -87.03
CA GLN I 559 -17.75 3.77 -87.44
C GLN I 559 -16.73 3.67 -88.57
N ILE I 560 -15.80 2.73 -88.48
CA ILE I 560 -14.82 2.58 -89.56
C ILE I 560 -15.51 2.14 -90.85
N ILE I 561 -16.46 1.21 -90.75
CA ILE I 561 -17.18 0.79 -91.94
C ILE I 561 -17.93 1.96 -92.56
N GLN I 562 -18.51 2.81 -91.72
CA GLN I 562 -19.24 3.98 -92.23
C GLN I 562 -18.29 4.95 -92.94
N GLN I 563 -17.14 5.23 -92.33
CA GLN I 563 -16.21 6.17 -92.96
C GLN I 563 -15.65 5.61 -94.26
N ALA I 564 -15.35 4.31 -94.27
CA ALA I 564 -14.90 3.67 -95.51
C ALA I 564 -15.99 3.72 -96.57
N GLY I 565 -17.24 3.48 -96.18
CA GLY I 565 -18.32 3.57 -97.14
C GLY I 565 -18.50 4.97 -97.68
N ASN I 566 -18.34 5.98 -96.83
CA ASN I 566 -18.44 7.36 -97.29
C ASN I 566 -17.32 7.70 -98.27
N SER I 567 -16.10 7.27 -97.98
CA SER I 567 -15.00 7.55 -98.89
C SER I 567 -15.19 6.84 -100.22
N VAL I 568 -15.59 5.56 -100.19
CA VAL I 568 -15.82 4.82 -101.42
C VAL I 568 -17.00 5.43 -102.18
N LEU I 569 -18.00 5.93 -101.45
CA LEU I 569 -19.12 6.61 -102.08
C LEU I 569 -18.66 7.88 -102.78
N ALA I 570 -17.74 8.62 -102.17
CA ALA I 570 -17.18 9.78 -102.82
C ALA I 570 -16.43 9.39 -104.09
N LYS I 571 -15.67 8.31 -104.03
CA LYS I 571 -14.94 7.86 -105.22
C LYS I 571 -15.89 7.40 -106.32
N ALA I 572 -16.97 6.72 -105.97
CA ALA I 572 -17.93 6.27 -106.97
C ALA I 572 -18.74 7.43 -107.53
N ASN I 573 -19.17 8.34 -106.66
CA ASN I 573 -19.82 9.58 -107.07
C ASN I 573 -18.86 10.49 -107.83
N GLN I 574 -17.57 10.18 -107.82
CA GLN I 574 -16.67 10.78 -108.78
C GLN I 574 -17.02 10.11 -110.10
N VAL I 575 -18.23 10.39 -110.57
CA VAL I 575 -18.91 9.70 -111.66
C VAL I 575 -18.21 10.03 -112.96
N PRO I 576 -18.41 9.25 -114.02
CA PRO I 576 -17.65 9.49 -115.25
C PRO I 576 -17.81 10.88 -115.82
N GLN I 577 -16.74 11.66 -115.77
CA GLN I 577 -16.57 12.82 -116.63
C GLN I 577 -15.68 12.51 -117.81
N GLN I 578 -15.18 11.28 -117.90
CA GLN I 578 -14.54 10.82 -119.12
C GLN I 578 -15.50 10.84 -120.30
N VAL I 579 -16.81 10.82 -120.03
CA VAL I 579 -17.76 11.06 -121.12
C VAL I 579 -17.61 12.48 -121.65
N LEU I 580 -17.47 13.47 -120.75
CA LEU I 580 -17.19 14.82 -121.20
C LEU I 580 -15.86 14.88 -121.93
N SER I 581 -14.86 14.15 -121.42
CA SER I 581 -13.56 14.09 -122.07
C SER I 581 -13.68 13.57 -123.50
N LEU I 582 -14.51 12.55 -123.70
CA LEU I 582 -14.76 12.03 -125.05
C LEU I 582 -15.53 13.03 -125.89
N LEU I 583 -16.37 13.85 -125.26
CA LEU I 583 -17.31 14.67 -126.01
C LEU I 583 -16.61 15.66 -126.93
N GLN I 584 -15.58 16.35 -126.45
CA GLN I 584 -14.97 17.38 -127.28
C GLN I 584 -14.06 16.80 -128.37
N GLY I 585 -13.76 15.51 -128.32
CA GLY I 585 -12.92 14.89 -129.31
C GLY I 585 -13.61 14.69 -130.65
N MET J 1 20.59 23.71 -103.78
CA MET J 1 19.28 23.08 -103.73
C MET J 1 18.59 23.15 -105.09
N ALA J 2 18.24 24.36 -105.50
CA ALA J 2 17.50 24.54 -106.76
C ALA J 2 18.29 24.02 -107.94
N GLN J 3 19.62 24.00 -107.83
CA GLN J 3 20.45 23.63 -108.97
C GLN J 3 20.75 22.14 -109.05
N VAL J 4 20.64 21.39 -107.95
CA VAL J 4 21.03 20.00 -107.92
C VAL J 4 19.91 19.16 -107.33
N ILE J 5 19.73 17.94 -107.84
CA ILE J 5 18.77 17.00 -107.29
C ILE J 5 19.39 15.65 -106.95
N ASN J 6 20.58 15.33 -107.46
CA ASN J 6 21.15 14.01 -107.22
C ASN J 6 21.67 13.87 -105.80
N THR J 7 22.05 14.97 -105.15
CA THR J 7 22.57 14.95 -103.80
C THR J 7 21.80 15.96 -102.95
N ASN J 8 21.95 15.82 -101.64
CA ASN J 8 21.38 16.78 -100.70
C ASN J 8 22.42 17.03 -99.62
N SER J 9 23.19 18.10 -99.80
CA SER J 9 24.17 18.50 -98.80
C SER J 9 23.51 18.75 -97.45
N LEU J 10 22.34 19.41 -97.47
CA LEU J 10 21.61 19.68 -96.24
C LEU J 10 21.22 18.39 -95.54
N SER J 11 20.71 17.41 -96.30
CA SER J 11 20.31 16.14 -95.69
C SER J 11 21.51 15.42 -95.10
N LEU J 12 22.64 15.42 -95.81
CA LEU J 12 23.83 14.75 -95.29
C LEU J 12 24.31 15.40 -93.99
N ILE J 13 24.35 16.73 -93.95
CA ILE J 13 24.79 17.42 -92.75
C ILE J 13 23.84 17.14 -91.59
N THR J 14 22.53 17.18 -91.86
CA THR J 14 21.56 16.91 -90.80
C THR J 14 21.71 15.49 -90.28
N GLN J 15 21.91 14.52 -91.16
CA GLN J 15 22.08 13.14 -90.72
C GLN J 15 23.32 12.98 -89.85
N ASN J 16 24.42 13.64 -90.24
CA ASN J 16 25.63 13.59 -89.42
C ASN J 16 25.37 14.15 -88.03
N ASN J 17 24.69 15.30 -87.96
CA ASN J 17 24.42 15.91 -86.66
C ASN J 17 23.49 15.03 -85.83
N ILE J 18 22.52 14.38 -86.47
CA ILE J 18 21.61 13.50 -85.75
C ILE J 18 22.37 12.33 -85.14
N ASN J 19 23.29 11.74 -85.91
CA ASN J 19 24.08 10.63 -85.37
C ASN J 19 24.96 11.08 -84.21
N LYS J 20 25.55 12.27 -84.35
CA LYS J 20 26.38 12.80 -83.27
C LYS J 20 25.57 12.97 -81.99
N ASN J 21 24.33 13.44 -82.13
CA ASN J 21 23.44 13.49 -80.96
C ASN J 21 23.14 12.09 -80.43
N GLN J 22 22.88 11.15 -81.35
CA GLN J 22 22.43 9.82 -80.95
C GLN J 22 23.44 9.13 -80.05
N SER J 23 24.73 9.34 -80.31
CA SER J 23 25.75 8.76 -79.44
C SER J 23 25.52 9.18 -77.98
N ALA J 24 25.41 10.49 -77.75
CA ALA J 24 25.24 10.99 -76.38
C ALA J 24 23.90 10.59 -75.80
N LEU J 25 22.86 10.53 -76.62
CA LEU J 25 21.55 10.11 -76.14
C LEU J 25 21.60 8.68 -75.60
N SER J 26 22.20 7.78 -76.37
CA SER J 26 22.33 6.40 -75.93
C SER J 26 23.17 6.31 -74.66
N SER J 27 24.27 7.05 -74.61
CA SER J 27 25.10 7.03 -73.41
C SER J 27 24.32 7.47 -72.18
N SER J 28 23.57 8.57 -72.30
CA SER J 28 22.82 9.09 -71.17
C SER J 28 21.75 8.11 -70.71
N ILE J 29 21.03 7.52 -71.66
CA ILE J 29 19.95 6.59 -71.27
C ILE J 29 20.53 5.37 -70.57
N GLU J 30 21.62 4.81 -71.09
CA GLU J 30 22.18 3.62 -70.44
C GLU J 30 22.75 3.99 -69.06
N ARG J 31 23.33 5.18 -68.92
CA ARG J 31 23.84 5.59 -67.62
C ARG J 31 22.70 5.75 -66.62
N LEU J 32 21.57 6.32 -67.04
CA LEU J 32 20.42 6.42 -66.16
C LEU J 32 19.91 5.05 -65.75
N SER J 33 19.84 4.12 -66.72
CA SER J 33 19.31 2.79 -66.41
C SER J 33 20.21 2.06 -65.41
N SER J 34 21.52 2.11 -65.63
CA SER J 34 22.43 1.35 -64.77
C SER J 34 22.62 2.02 -63.41
N GLY J 35 22.69 3.34 -63.38
CA GLY J 35 22.97 4.03 -62.14
C GLY J 35 24.43 4.09 -61.76
N LEU J 36 25.33 3.98 -62.74
CA LEU J 36 26.77 4.00 -62.50
C LEU J 36 27.43 4.99 -63.44
N ARG J 37 28.38 5.78 -62.91
CA ARG J 37 29.08 6.75 -63.72
C ARG J 37 30.01 6.08 -64.72
N ILE J 38 30.80 5.12 -64.24
CA ILE J 38 31.72 4.36 -65.09
C ILE J 38 31.02 3.08 -65.52
N ASN J 39 30.65 3.00 -66.78
CA ASN J 39 29.87 1.88 -67.29
C ASN J 39 30.56 1.32 -68.52
N SER J 40 30.81 0.01 -68.51
CA SER J 40 31.43 -0.72 -69.61
C SER J 40 32.82 -0.20 -69.96
N ALA J 41 33.42 0.62 -69.10
CA ALA J 41 34.79 1.11 -69.26
C ALA J 41 35.02 1.78 -70.61
N LYS J 42 34.00 2.46 -71.14
CA LYS J 42 34.16 3.23 -72.37
C LYS J 42 34.77 4.59 -72.10
N ASP J 43 35.34 4.76 -70.91
CA ASP J 43 35.74 6.05 -70.37
C ASP J 43 37.08 5.84 -69.65
N ASP J 44 37.45 6.80 -68.80
CA ASP J 44 38.71 6.70 -68.06
C ASP J 44 38.80 5.37 -67.33
N ALA J 45 39.72 4.52 -67.76
CA ALA J 45 39.86 3.19 -67.18
C ALA J 45 40.48 3.21 -65.80
N ALA J 46 41.12 4.32 -65.42
CA ALA J 46 41.61 4.45 -64.06
C ALA J 46 40.47 4.34 -63.06
N GLY J 47 39.33 4.96 -63.37
CA GLY J 47 38.17 4.83 -62.52
C GLY J 47 37.70 3.38 -62.40
N GLN J 48 37.68 2.66 -63.52
CA GLN J 48 37.28 1.25 -63.49
C GLN J 48 38.21 0.43 -62.59
N ALA J 49 39.51 0.60 -62.77
CA ALA J 49 40.48 -0.17 -61.99
C ALA J 49 40.38 0.16 -60.50
N ILE J 50 40.27 1.45 -60.17
CA ILE J 50 40.20 1.85 -58.78
C ILE J 50 38.90 1.37 -58.14
N ALA J 51 37.81 1.38 -58.91
CA ALA J 51 36.55 0.86 -58.41
C ALA J 51 36.68 -0.64 -58.11
N ASN J 52 37.35 -1.38 -58.99
CA ASN J 52 37.57 -2.80 -58.72
C ASN J 52 38.38 -2.99 -57.43
N ARG J 53 39.44 -2.21 -57.26
CA ARG J 53 40.26 -2.32 -56.05
C ARG J 53 39.42 -2.02 -54.81
N PHE J 54 38.59 -0.98 -54.87
CA PHE J 54 37.78 -0.63 -53.72
C PHE J 54 36.76 -1.70 -53.40
N THR J 55 36.15 -2.31 -54.43
CA THR J 55 35.21 -3.40 -54.19
C THR J 55 35.91 -4.56 -53.51
N SER J 56 37.09 -4.92 -53.99
CA SER J 56 37.84 -6.01 -53.35
C SER J 56 38.14 -5.68 -51.90
N ASN J 57 38.59 -4.45 -51.63
CA ASN J 57 38.91 -4.07 -50.26
C ASN J 57 37.68 -4.11 -49.36
N ILE J 58 36.54 -3.64 -49.86
CA ILE J 58 35.32 -3.62 -49.05
C ILE J 58 34.90 -5.03 -48.69
N LYS J 59 34.86 -5.92 -49.69
CA LYS J 59 34.46 -7.29 -49.40
C LYS J 59 35.41 -7.96 -48.43
N GLY J 60 36.72 -7.78 -48.64
CA GLY J 60 37.69 -8.37 -47.73
C GLY J 60 37.54 -7.87 -46.31
N LEU J 61 37.34 -6.56 -46.14
CA LEU J 61 37.20 -6.01 -44.81
C LEU J 61 35.93 -6.51 -44.11
N THR J 62 34.83 -6.62 -44.85
CA THR J 62 33.61 -7.15 -44.24
C THR J 62 33.81 -8.58 -43.76
N GLN J 63 34.42 -9.41 -44.61
CA GLN J 63 34.66 -10.79 -44.20
C GLN J 63 35.61 -10.87 -43.02
N ALA J 64 36.59 -9.96 -42.99
CA ALA J 64 37.52 -9.92 -41.86
C ALA J 64 36.80 -9.55 -40.56
N ALA J 65 35.84 -8.63 -40.65
CA ALA J 65 35.04 -8.30 -39.47
C ALA J 65 34.28 -9.52 -38.97
N ARG J 66 33.70 -10.28 -39.90
CA ARG J 66 33.01 -11.51 -39.48
C ARG J 66 33.98 -12.49 -38.79
N ASN J 67 35.18 -12.62 -39.35
CA ASN J 67 36.17 -13.53 -38.75
C ASN J 67 36.53 -13.07 -37.33
N ALA J 68 36.71 -11.77 -37.14
CA ALA J 68 37.02 -11.25 -35.81
C ALA J 68 35.88 -11.52 -34.83
N ASN J 69 34.63 -11.43 -35.30
CA ASN J 69 33.51 -11.78 -34.43
C ASN J 69 33.59 -13.24 -34.00
N ASP J 70 33.94 -14.13 -34.93
CA ASP J 70 34.10 -15.53 -34.57
C ASP J 70 35.20 -15.72 -33.52
N GLY J 71 36.31 -15.00 -33.68
CA GLY J 71 37.37 -15.08 -32.69
C GLY J 71 36.93 -14.63 -31.31
N ILE J 72 36.13 -13.55 -31.26
CA ILE J 72 35.58 -13.10 -29.99
C ILE J 72 34.75 -14.19 -29.35
N SER J 73 33.96 -14.89 -30.17
CA SER J 73 33.15 -16.00 -29.64
C SER J 73 34.03 -17.08 -29.03
N VAL J 74 35.12 -17.43 -29.72
CA VAL J 74 36.04 -18.45 -29.20
C VAL J 74 36.57 -18.02 -27.83
N ALA J 75 37.00 -16.76 -27.74
CA ALA J 75 37.55 -16.26 -26.48
C ALA J 75 36.51 -16.33 -25.36
N GLN J 76 35.27 -15.95 -25.65
CA GLN J 76 34.23 -15.95 -24.63
C GLN J 76 33.99 -17.37 -24.11
N THR J 77 33.89 -18.35 -25.02
CA THR J 77 33.65 -19.72 -24.58
C THR J 77 34.78 -20.23 -23.69
N THR J 78 36.03 -20.00 -24.13
CA THR J 78 37.17 -20.45 -23.33
C THR J 78 37.16 -19.80 -21.96
N GLU J 79 36.82 -18.51 -21.89
CA GLU J 79 36.84 -17.83 -20.61
C GLU J 79 35.74 -18.33 -19.68
N GLY J 80 34.58 -18.69 -20.21
CA GLY J 80 33.56 -19.30 -19.37
C GLY J 80 34.03 -20.61 -18.76
N ALA J 81 34.68 -21.45 -19.57
CA ALA J 81 35.23 -22.69 -19.03
C ALA J 81 36.25 -22.41 -17.94
N LEU J 82 37.12 -21.42 -18.17
CA LEU J 82 38.12 -21.06 -17.16
C LEU J 82 37.46 -20.58 -15.87
N SER J 83 36.37 -19.83 -15.97
CA SER J 83 35.69 -19.35 -14.77
C SER J 83 35.16 -20.52 -13.95
N GLU J 84 34.56 -21.52 -14.62
CA GLU J 84 34.09 -22.68 -13.86
C GLU J 84 35.24 -23.42 -13.19
N ILE J 85 36.36 -23.58 -13.89
CA ILE J 85 37.51 -24.24 -13.29
C ILE J 85 37.99 -23.47 -12.07
N ASN J 86 37.98 -22.14 -12.15
CA ASN J 86 38.42 -21.32 -11.03
C ASN J 86 37.52 -21.51 -9.82
N ASN J 87 36.20 -21.56 -10.03
CA ASN J 87 35.29 -21.79 -8.92
C ASN J 87 35.58 -23.13 -8.25
N ASN J 88 35.80 -24.18 -9.07
CA ASN J 88 36.13 -25.48 -8.50
C ASN J 88 37.41 -25.42 -7.67
N LEU J 89 38.43 -24.72 -8.17
CA LEU J 89 39.69 -24.62 -7.43
C LEU J 89 39.51 -23.88 -6.11
N GLN J 90 38.70 -22.83 -6.11
CA GLN J 90 38.45 -22.11 -4.85
C GLN J 90 37.79 -23.03 -3.84
N ARG J 91 36.81 -23.81 -4.27
CA ARG J 91 36.16 -24.73 -3.33
C ARG J 91 37.15 -25.77 -2.81
N ILE J 92 38.03 -26.28 -3.68
CA ILE J 92 39.03 -27.25 -3.25
C ILE J 92 39.95 -26.63 -2.20
N ARG J 93 40.35 -25.38 -2.40
CA ARG J 93 41.20 -24.73 -1.41
C ARG J 93 40.49 -24.59 -0.07
N GLU J 94 39.20 -24.23 -0.09
CA GLU J 94 38.47 -24.14 1.17
C GLU J 94 38.42 -25.49 1.87
N LEU J 95 38.20 -26.56 1.12
CA LEU J 95 38.22 -27.90 1.70
C LEU J 95 39.58 -28.22 2.31
N THR J 96 40.67 -27.86 1.62
CA THR J 96 41.99 -28.13 2.16
C THR J 96 42.22 -27.39 3.47
N VAL J 97 41.78 -26.12 3.53
CA VAL J 97 41.92 -25.36 4.77
C VAL J 97 41.15 -26.03 5.89
N GLN J 98 39.98 -26.57 5.59
CA GLN J 98 39.22 -27.28 6.61
C GLN J 98 39.89 -28.60 7.01
N ALA J 99 40.57 -29.25 6.07
CA ALA J 99 41.15 -30.56 6.33
C ALA J 99 42.44 -30.49 7.13
N THR J 100 43.22 -29.43 6.96
CA THR J 100 44.54 -29.39 7.61
C THR J 100 44.46 -29.30 9.13
N THR J 101 43.29 -29.05 9.70
CA THR J 101 43.16 -28.98 11.16
C THR J 101 43.48 -30.33 11.78
N GLY J 102 44.12 -30.29 12.95
CA GLY J 102 44.44 -31.51 13.67
C GLY J 102 43.30 -32.10 14.48
N THR J 103 42.18 -31.39 14.58
CA THR J 103 41.02 -31.94 15.27
C THR J 103 40.34 -33.04 14.45
N ASN J 104 40.37 -32.91 13.13
CA ASN J 104 39.69 -33.87 12.26
C ASN J 104 40.28 -35.25 12.41
N SER J 105 39.41 -36.27 12.35
CA SER J 105 39.83 -37.66 12.51
C SER J 105 40.08 -38.28 11.13
N ASP J 106 40.40 -39.58 11.14
CA ASP J 106 40.78 -40.26 9.90
C ASP J 106 39.60 -40.33 8.93
N SER J 107 38.41 -40.65 9.43
CA SER J 107 37.23 -40.71 8.56
C SER J 107 36.91 -39.33 7.99
N ASP J 108 37.06 -38.28 8.81
CA ASP J 108 36.83 -36.94 8.33
C ASP J 108 37.79 -36.58 7.20
N LEU J 109 39.07 -36.91 7.38
CA LEU J 109 40.05 -36.66 6.32
C LEU J 109 39.72 -37.45 5.07
N ASP J 110 39.27 -38.70 5.24
CA ASP J 110 38.92 -39.53 4.10
C ASP J 110 37.77 -38.91 3.30
N SER J 111 36.73 -38.44 4.01
CA SER J 111 35.61 -37.83 3.33
C SER J 111 36.01 -36.56 2.61
N ILE J 112 36.83 -35.73 3.26
CA ILE J 112 37.27 -34.49 2.62
C ILE J 112 38.10 -34.80 1.38
N GLN J 113 38.97 -35.81 1.46
CA GLN J 113 39.75 -36.19 0.29
C GLN J 113 38.87 -36.73 -0.82
N ASP J 114 37.79 -37.44 -0.46
CA ASP J 114 36.84 -37.89 -1.48
C ASP J 114 36.22 -36.71 -2.22
N GLU J 115 35.81 -35.69 -1.48
CA GLU J 115 35.25 -34.51 -2.12
C GLU J 115 36.28 -33.81 -3.01
N ILE J 116 37.52 -33.71 -2.53
CA ILE J 116 38.58 -33.08 -3.31
C ILE J 116 38.83 -33.85 -4.60
N LYS J 117 38.84 -35.18 -4.52
CA LYS J 117 39.04 -35.99 -5.71
C LYS J 117 37.90 -35.81 -6.69
N SER J 118 36.67 -35.72 -6.19
CA SER J 118 35.53 -35.48 -7.08
C SER J 118 35.69 -34.15 -7.82
N ARG J 119 36.11 -33.10 -7.10
CA ARG J 119 36.21 -31.81 -7.77
C ARG J 119 37.39 -31.75 -8.73
N LEU J 120 38.49 -32.43 -8.41
CA LEU J 120 39.57 -32.55 -9.38
C LEU J 120 39.11 -33.28 -10.63
N ASP J 121 38.30 -34.32 -10.44
CA ASP J 121 37.74 -35.03 -11.59
C ASP J 121 36.88 -34.09 -12.45
N GLU J 122 36.10 -33.22 -11.81
CA GLU J 122 35.36 -32.22 -12.56
C GLU J 122 36.28 -31.28 -13.33
N ILE J 123 37.39 -30.86 -12.71
CA ILE J 123 38.32 -29.98 -13.41
C ILE J 123 38.82 -30.66 -14.68
N ASP J 124 39.28 -31.90 -14.54
CA ASP J 124 39.77 -32.64 -15.72
C ASP J 124 38.67 -32.84 -16.75
N ARG J 125 37.46 -33.17 -16.30
CA ARG J 125 36.36 -33.43 -17.22
C ARG J 125 36.02 -32.19 -18.04
N VAL J 126 35.86 -31.06 -17.35
CA VAL J 126 35.52 -29.82 -18.05
C VAL J 126 36.63 -29.44 -19.02
N SER J 127 37.88 -29.55 -18.59
CA SER J 127 38.99 -29.20 -19.46
C SER J 127 39.02 -30.08 -20.70
N GLY J 128 38.83 -31.39 -20.53
CA GLY J 128 38.89 -32.29 -21.66
C GLY J 128 37.73 -32.11 -22.63
N GLN J 129 36.53 -31.91 -22.10
CA GLN J 129 35.33 -31.94 -22.92
C GLN J 129 34.85 -30.59 -23.41
N THR J 130 35.44 -29.49 -22.94
CA THR J 130 35.07 -28.19 -23.50
C THR J 130 35.51 -28.12 -24.96
N GLN J 131 34.57 -27.79 -25.83
CA GLN J 131 34.78 -27.87 -27.27
C GLN J 131 34.09 -26.71 -27.97
N PHE J 132 34.76 -26.16 -28.98
CA PHE J 132 34.20 -25.13 -29.84
C PHE J 132 34.48 -25.51 -31.28
N ASN J 133 33.42 -25.75 -32.06
CA ASN J 133 33.54 -26.06 -33.47
C ASN J 133 34.48 -27.24 -33.72
N GLY J 134 34.37 -28.26 -32.88
CA GLY J 134 35.19 -29.44 -33.04
C GLY J 134 36.63 -29.30 -32.59
N VAL J 135 36.98 -28.22 -31.91
CA VAL J 135 38.33 -27.97 -31.43
C VAL J 135 38.32 -27.96 -29.91
N ASN J 136 39.13 -28.81 -29.29
CA ASN J 136 39.26 -28.82 -27.84
C ASN J 136 40.22 -27.70 -27.45
N VAL J 137 39.66 -26.57 -27.03
CA VAL J 137 40.46 -25.37 -26.80
C VAL J 137 41.40 -25.59 -25.61
N LEU J 138 40.96 -26.33 -24.60
CA LEU J 138 41.72 -26.48 -23.37
C LEU J 138 42.58 -27.73 -23.33
N ALA J 139 42.65 -28.50 -24.42
CA ALA J 139 43.41 -29.74 -24.45
C ALA J 139 44.73 -29.63 -25.19
N LYS J 140 44.97 -28.53 -25.90
CA LYS J 140 46.20 -28.36 -26.65
C LYS J 140 46.92 -27.10 -26.18
N ASP J 141 48.18 -26.96 -26.61
CA ASP J 141 49.00 -25.81 -26.24
C ASP J 141 49.33 -24.94 -27.45
N GLY J 142 48.49 -24.95 -28.48
CA GLY J 142 48.77 -24.25 -29.71
C GLY J 142 48.27 -22.82 -29.73
N SER J 143 48.07 -22.31 -30.93
CA SER J 143 47.56 -20.96 -31.13
C SER J 143 46.70 -20.94 -32.38
N MET J 144 45.75 -20.01 -32.39
CA MET J 144 44.83 -19.83 -33.51
C MET J 144 45.09 -18.47 -34.15
N LYS J 145 45.25 -18.46 -35.47
CA LYS J 145 45.50 -17.25 -36.22
C LYS J 145 44.21 -16.80 -36.88
N ILE J 146 43.82 -15.55 -36.64
CA ILE J 146 42.56 -15.00 -37.12
C ILE J 146 42.90 -13.95 -38.16
N GLN J 147 42.30 -14.07 -39.34
CA GLN J 147 42.48 -13.09 -40.40
C GLN J 147 41.70 -11.83 -40.05
N VAL J 148 42.38 -10.69 -39.98
CA VAL J 148 41.74 -9.43 -39.63
C VAL J 148 41.86 -8.39 -40.73
N GLY J 149 42.87 -8.46 -41.60
CA GLY J 149 42.98 -7.55 -42.72
C GLY J 149 42.54 -8.20 -44.02
N ALA J 150 42.66 -7.43 -45.10
CA ALA J 150 42.31 -7.90 -46.42
C ALA J 150 43.51 -8.42 -47.22
N ASN J 151 44.71 -8.29 -46.69
CA ASN J 151 45.92 -8.73 -47.38
C ASN J 151 46.61 -9.84 -46.58
N ASP J 152 47.73 -10.30 -47.10
CA ASP J 152 48.44 -11.42 -46.48
C ASP J 152 49.08 -11.01 -45.16
N GLY J 153 49.07 -11.94 -44.20
CA GLY J 153 49.79 -11.76 -42.96
C GLY J 153 49.15 -10.82 -41.97
N GLU J 154 47.94 -10.35 -42.23
CA GLU J 154 47.25 -9.41 -41.34
C GLU J 154 46.41 -10.22 -40.36
N THR J 155 47.08 -10.87 -39.42
CA THR J 155 46.46 -11.83 -38.52
C THR J 155 46.69 -11.45 -37.07
N ILE J 156 45.85 -12.01 -36.21
CA ILE J 156 45.98 -11.88 -34.77
C ILE J 156 46.01 -13.27 -34.16
N THR J 157 46.93 -13.51 -33.23
CA THR J 157 47.14 -14.84 -32.67
C THR J 157 46.55 -14.93 -31.27
N ILE J 158 45.74 -15.96 -31.06
CA ILE J 158 45.21 -16.30 -29.73
C ILE J 158 45.97 -17.53 -29.25
N ASP J 159 46.65 -17.40 -28.12
CA ASP J 159 47.39 -18.53 -27.56
C ASP J 159 46.48 -19.33 -26.64
N LEU J 160 46.54 -20.65 -26.73
CA LEU J 160 45.78 -21.53 -25.87
C LEU J 160 46.72 -22.33 -24.98
N LYS J 161 46.21 -22.75 -23.83
CA LYS J 161 47.01 -23.47 -22.86
C LYS J 161 46.33 -24.79 -22.52
N LYS J 162 47.14 -25.83 -22.36
CA LYS J 162 46.65 -27.12 -21.91
C LYS J 162 46.49 -27.05 -20.39
N ILE J 163 45.25 -26.98 -19.92
CA ILE J 163 44.96 -26.88 -18.50
C ILE J 163 44.27 -28.17 -18.07
N ASP J 164 44.85 -28.83 -17.08
CA ASP J 164 44.31 -30.04 -16.49
C ASP J 164 45.02 -30.25 -15.16
N SER J 165 44.88 -31.44 -14.59
CA SER J 165 45.63 -31.76 -13.38
C SER J 165 47.13 -31.73 -13.65
N ASP J 166 47.56 -32.28 -14.77
CA ASP J 166 48.98 -32.46 -15.02
C ASP J 166 49.72 -31.13 -15.06
N THR J 167 49.15 -30.12 -15.72
CA THR J 167 49.83 -28.84 -15.85
C THR J 167 49.65 -27.93 -14.65
N LEU J 168 48.87 -28.34 -13.66
CA LEU J 168 48.75 -27.61 -12.40
C LEU J 168 49.33 -28.39 -11.22
N GLY J 169 49.91 -29.55 -11.48
CA GLY J 169 50.38 -30.37 -10.37
C GLY J 169 49.21 -31.10 -9.75
N LEU J 170 49.12 -31.05 -8.42
CA LEU J 170 47.93 -31.52 -7.72
C LEU J 170 47.61 -32.99 -8.00
N ASN J 171 48.50 -33.70 -8.67
CA ASN J 171 48.21 -35.08 -9.08
C ASN J 171 47.92 -35.94 -7.86
N GLY J 172 48.92 -36.13 -7.01
CA GLY J 172 48.69 -36.83 -5.76
C GLY J 172 48.39 -35.84 -4.65
N PHE J 173 47.21 -35.21 -4.68
CA PHE J 173 46.91 -34.21 -3.67
C PHE J 173 46.92 -34.80 -2.27
N ASN J 174 46.33 -35.98 -2.11
CA ASN J 174 46.65 -36.86 -0.98
C ASN J 174 46.44 -36.18 0.37
N VAL J 175 45.32 -35.50 0.54
CA VAL J 175 45.06 -34.82 1.81
C VAL J 175 45.04 -35.82 2.96
N ASN J 176 44.40 -36.96 2.76
CA ASN J 176 44.35 -38.00 3.78
C ASN J 176 45.53 -38.96 3.73
N GLY J 177 46.36 -38.88 2.69
CA GLY J 177 47.56 -39.70 2.62
C GLY J 177 47.42 -41.01 1.89
N LYS J 178 46.41 -41.17 1.03
CA LYS J 178 46.21 -42.40 0.27
C LYS J 178 45.97 -42.03 -1.19
N GLY J 179 46.92 -42.38 -2.06
CA GLY J 179 46.81 -42.00 -3.46
C GLY J 179 47.87 -42.67 -4.28
N THR J 180 47.92 -42.28 -5.56
CA THR J 180 48.81 -42.89 -6.54
C THR J 180 49.79 -41.86 -7.08
N ILE J 181 50.87 -42.35 -7.70
CA ILE J 181 51.91 -41.48 -8.22
C ILE J 181 52.15 -41.74 -9.69
N THR J 182 51.89 -42.97 -10.15
CA THR J 182 52.21 -43.41 -11.51
C THR J 182 53.68 -43.12 -11.82
N ASN J 183 54.54 -43.82 -11.07
CA ASN J 183 55.92 -43.42 -10.83
C ASN J 183 56.74 -42.96 -12.05
N LYS J 184 57.02 -43.84 -13.01
CA LYS J 184 57.96 -43.49 -14.07
C LYS J 184 58.07 -44.68 -15.02
N ALA J 185 58.75 -44.46 -16.15
CA ALA J 185 59.13 -45.53 -17.07
C ALA J 185 60.65 -45.62 -17.12
N ALA J 186 61.17 -46.84 -17.03
CA ALA J 186 62.60 -47.06 -16.92
C ALA J 186 63.30 -46.78 -18.26
N THR J 187 64.63 -46.73 -18.20
CA THR J 187 65.45 -46.50 -19.38
C THR J 187 66.77 -47.26 -19.24
N VAL J 188 67.57 -47.22 -20.31
CA VAL J 188 68.83 -47.95 -20.32
C VAL J 188 69.80 -47.38 -19.30
N SER J 189 69.77 -46.06 -19.10
CA SER J 189 70.61 -45.46 -18.06
C SER J 189 70.21 -45.96 -16.68
N ASP J 190 68.90 -46.09 -16.44
CA ASP J 190 68.44 -46.65 -15.17
C ASP J 190 68.90 -48.10 -15.01
N LEU J 191 68.84 -48.87 -16.09
CA LEU J 191 69.31 -50.25 -16.03
C LEU J 191 70.79 -50.32 -15.69
N THR J 192 71.62 -49.49 -16.33
CA THR J 192 73.04 -49.47 -16.05
C THR J 192 73.31 -49.04 -14.61
N SER J 193 72.55 -48.05 -14.11
CA SER J 193 72.71 -47.64 -12.73
C SER J 193 72.35 -48.78 -11.78
N ALA J 194 71.28 -49.51 -12.07
CA ALA J 194 70.92 -50.68 -11.27
C ALA J 194 71.93 -51.79 -11.39
N GLY J 195 72.74 -51.80 -12.44
CA GLY J 195 73.82 -52.77 -12.58
C GLY J 195 73.62 -53.84 -13.61
N ALA J 196 72.59 -53.73 -14.45
CA ALA J 196 72.38 -54.73 -15.50
C ALA J 196 73.52 -54.69 -16.51
N LYS J 197 73.90 -55.87 -17.00
CA LYS J 197 74.99 -56.02 -17.94
C LYS J 197 74.45 -56.34 -19.33
N LEU J 198 75.03 -55.73 -20.34
CA LEU J 198 74.65 -56.02 -21.72
C LEU J 198 75.23 -57.37 -22.15
N ASN J 199 74.39 -58.20 -22.74
CA ASN J 199 74.82 -59.49 -23.26
C ASN J 199 75.22 -59.30 -24.71
N THR J 200 76.51 -59.48 -25.00
CA THR J 200 77.03 -59.20 -26.34
C THR J 200 76.42 -60.11 -27.39
N THR J 201 76.25 -61.39 -27.08
CA THR J 201 75.79 -62.34 -28.08
C THR J 201 74.33 -62.13 -28.46
N THR J 202 73.51 -61.65 -27.52
CA THR J 202 72.08 -61.49 -27.76
C THR J 202 71.62 -60.05 -27.84
N GLY J 203 72.36 -59.11 -27.26
CA GLY J 203 71.97 -57.73 -27.28
C GLY J 203 71.02 -57.31 -26.18
N LEU J 204 70.56 -58.24 -25.36
CA LEU J 204 69.65 -57.91 -24.28
C LEU J 204 70.42 -57.35 -23.09
N TYR J 205 69.67 -56.87 -22.10
CA TYR J 205 70.24 -56.43 -20.83
C TYR J 205 69.81 -57.40 -19.75
N ASP J 206 70.78 -58.06 -19.12
CA ASP J 206 70.52 -59.06 -18.10
C ASP J 206 70.84 -58.48 -16.73
N LEU J 207 69.89 -58.56 -15.81
CA LEU J 207 70.06 -58.09 -14.45
C LEU J 207 70.11 -59.29 -13.52
N LYS J 208 71.19 -59.40 -12.75
CA LYS J 208 71.40 -60.52 -11.85
C LYS J 208 71.35 -60.03 -10.42
N THR J 209 70.53 -60.68 -9.59
CA THR J 209 70.41 -60.36 -8.18
C THR J 209 70.87 -61.56 -7.36
N GLU J 210 71.80 -61.32 -6.44
CA GLU J 210 72.33 -62.38 -5.61
C GLU J 210 71.44 -62.61 -4.40
N ASN J 211 71.59 -63.79 -3.79
CA ASN J 211 70.77 -64.21 -2.67
C ASN J 211 71.70 -64.67 -1.55
N THR J 212 71.47 -64.16 -0.34
CA THR J 212 72.35 -64.46 0.78
C THR J 212 72.01 -65.82 1.37
N LEU J 213 73.04 -66.61 1.64
CA LEU J 213 72.85 -67.93 2.23
C LEU J 213 72.22 -67.81 3.61
N LEU J 214 71.47 -68.85 4.00
CA LEU J 214 70.77 -68.83 5.28
C LEU J 214 71.76 -68.72 6.43
N THR J 215 71.46 -67.85 7.38
CA THR J 215 72.31 -67.60 8.53
C THR J 215 71.63 -68.08 9.80
N THR J 216 72.45 -68.21 10.85
CA THR J 216 71.94 -68.68 12.14
C THR J 216 70.94 -67.70 12.72
N ASP J 217 71.17 -66.40 12.57
CA ASP J 217 70.25 -65.41 13.11
C ASP J 217 68.88 -65.50 12.43
N ALA J 218 68.88 -65.60 11.10
CA ALA J 218 67.61 -65.74 10.38
C ALA J 218 66.90 -67.04 10.74
N ALA J 219 67.66 -68.13 10.87
CA ALA J 219 67.07 -69.39 11.27
C ALA J 219 66.43 -69.29 12.65
N PHE J 220 67.12 -68.64 13.58
CA PHE J 220 66.57 -68.48 14.93
C PHE J 220 65.34 -67.59 14.92
N ASP J 221 65.34 -66.56 14.09
CA ASP J 221 64.15 -65.71 13.96
C ASP J 221 62.97 -66.52 13.43
N LYS J 222 63.22 -67.40 12.46
CA LYS J 222 62.16 -68.22 11.89
C LYS J 222 61.85 -69.46 12.73
N LEU J 223 62.59 -69.69 13.81
CA LEU J 223 62.32 -70.84 14.66
C LEU J 223 60.91 -70.78 15.23
N GLY J 224 60.24 -71.93 15.28
CA GLY J 224 58.90 -72.02 15.80
C GLY J 224 58.80 -73.05 16.92
N ASN J 225 57.58 -73.21 17.41
CA ASN J 225 57.34 -74.14 18.50
C ASN J 225 57.59 -75.57 18.05
N GLY J 226 58.27 -76.34 18.89
CA GLY J 226 58.58 -77.72 18.58
C GLY J 226 59.79 -77.93 17.69
N ASP J 227 60.51 -76.87 17.34
CA ASP J 227 61.67 -77.01 16.47
C ASP J 227 62.82 -77.69 17.22
N LYS J 228 63.61 -78.46 16.48
CA LYS J 228 64.70 -79.25 17.03
C LYS J 228 66.02 -78.79 16.47
N VAL J 229 66.97 -78.49 17.35
CA VAL J 229 68.30 -78.03 16.97
C VAL J 229 69.33 -79.02 17.50
N THR J 230 70.17 -79.52 16.61
CA THR J 230 71.18 -80.53 16.96
C THR J 230 72.56 -79.93 16.70
N VAL J 231 73.27 -79.57 17.77
CA VAL J 231 74.64 -79.10 17.69
C VAL J 231 75.48 -79.89 18.68
N GLY J 232 76.64 -80.35 18.23
CA GLY J 232 77.53 -81.11 19.10
C GLY J 232 76.97 -82.45 19.52
N GLY J 233 76.00 -82.99 18.77
CA GLY J 233 75.44 -84.28 19.09
C GLY J 233 74.36 -84.29 20.13
N VAL J 234 73.92 -83.13 20.63
CA VAL J 234 72.88 -83.03 21.63
C VAL J 234 71.69 -82.28 21.03
N ASP J 235 70.49 -82.78 21.29
CA ASP J 235 69.28 -82.23 20.68
C ASP J 235 68.56 -81.31 21.67
N TYR J 236 68.20 -80.13 21.18
CA TYR J 236 67.48 -79.12 21.97
C TYR J 236 66.15 -78.88 21.31
N THR J 237 65.10 -78.68 22.12
CA THR J 237 63.77 -78.39 21.61
C THR J 237 63.41 -76.95 21.97
N TYR J 238 63.12 -76.15 20.97
CA TYR J 238 62.78 -74.75 21.19
C TYR J 238 61.38 -74.62 21.79
N ASN J 239 61.24 -73.72 22.75
CA ASN J 239 59.96 -73.42 23.37
C ASN J 239 59.67 -71.94 23.18
N ALA J 240 58.58 -71.64 22.47
CA ALA J 240 58.20 -70.26 22.20
C ALA J 240 57.48 -69.63 23.39
N LYS J 241 56.82 -70.43 24.22
CA LYS J 241 56.14 -69.88 25.39
C LYS J 241 57.12 -69.19 26.32
N SER J 242 58.25 -69.83 26.60
CA SER J 242 59.32 -69.21 27.36
C SER J 242 60.48 -68.76 26.49
N GLY J 243 60.48 -69.11 25.20
CA GLY J 243 61.51 -68.68 24.29
C GLY J 243 62.90 -69.18 24.64
N ASP J 244 63.04 -70.47 24.91
CA ASP J 244 64.32 -71.03 25.32
C ASP J 244 64.35 -72.50 24.95
N PHE J 245 65.54 -73.09 24.95
CA PHE J 245 65.70 -74.47 24.53
C PHE J 245 65.66 -75.40 25.73
N THR J 246 64.80 -76.41 25.66
CA THR J 246 64.74 -77.46 26.66
C THR J 246 65.52 -78.68 26.18
N THR J 247 66.21 -79.31 27.12
CA THR J 247 67.07 -80.45 26.84
C THR J 247 66.73 -81.58 27.81
N THR J 248 66.99 -82.80 27.38
CA THR J 248 66.91 -83.97 28.25
C THR J 248 68.32 -84.52 28.45
N LYS J 249 68.80 -84.47 29.69
CA LYS J 249 70.16 -84.89 30.01
C LYS J 249 70.12 -86.11 30.91
N SER J 250 70.76 -87.19 30.47
CA SER J 250 71.00 -88.32 31.34
C SER J 250 72.22 -88.03 32.22
N THR J 251 72.32 -88.79 33.32
CA THR J 251 73.45 -88.61 34.22
C THR J 251 74.77 -88.87 33.52
N ALA J 252 74.99 -90.12 33.11
CA ALA J 252 76.26 -90.53 32.50
C ALA J 252 76.08 -91.95 31.96
N GLY J 253 77.20 -92.55 31.58
CA GLY J 253 77.21 -93.91 31.06
C GLY J 253 77.62 -93.99 29.61
N THR J 254 78.88 -94.34 29.37
CA THR J 254 79.42 -94.50 28.02
C THR J 254 80.05 -95.87 27.80
N GLY J 255 80.71 -96.42 28.82
CA GLY J 255 81.27 -97.75 28.69
C GLY J 255 80.19 -98.81 28.62
N VAL J 256 80.55 -99.95 28.02
CA VAL J 256 79.60 -101.04 27.83
C VAL J 256 79.71 -102.13 28.89
N ASP J 257 80.73 -102.08 29.74
CA ASP J 257 80.92 -103.09 30.78
C ASP J 257 81.08 -102.41 32.13
N ALA J 258 81.05 -103.23 33.19
CA ALA J 258 81.18 -102.70 34.54
C ALA J 258 82.52 -102.03 34.76
N ALA J 259 83.61 -102.64 34.27
CA ALA J 259 84.95 -102.08 34.40
C ALA J 259 85.20 -101.08 33.28
N ALA J 260 84.50 -99.96 33.37
CA ALA J 260 84.61 -98.90 32.38
C ALA J 260 84.46 -97.56 33.08
N GLN J 261 84.57 -96.48 32.28
CA GLN J 261 84.43 -95.13 32.79
C GLN J 261 82.98 -94.75 33.07
N ALA J 262 82.03 -95.61 32.72
CA ALA J 262 80.62 -95.26 32.91
C ALA J 262 80.29 -95.08 34.39
N ALA J 263 80.77 -95.97 35.25
CA ALA J 263 80.49 -95.87 36.68
C ALA J 263 81.13 -94.61 37.27
N ASP J 264 82.38 -94.33 36.87
CA ASP J 264 83.05 -93.13 37.37
C ASP J 264 82.34 -91.86 36.93
N SER J 265 81.90 -91.82 35.66
CA SER J 265 81.17 -90.66 35.17
C SER J 265 79.85 -90.50 35.90
N ALA J 266 79.15 -91.62 36.14
CA ALA J 266 77.89 -91.54 36.88
C ALA J 266 78.11 -91.01 38.28
N SER J 267 79.16 -91.48 38.96
CA SER J 267 79.44 -91.02 40.31
C SER J 267 79.78 -89.53 40.33
N LYS J 268 80.62 -89.09 39.41
CA LYS J 268 81.01 -87.67 39.41
C LYS J 268 79.85 -86.77 39.01
N ARG J 269 78.98 -87.23 38.11
CA ARG J 269 77.81 -86.44 37.75
C ARG J 269 76.82 -86.37 38.92
N ASP J 270 76.66 -87.48 39.65
CA ASP J 270 75.83 -87.45 40.85
C ASP J 270 76.37 -86.47 41.87
N ALA J 271 77.70 -86.47 42.06
CA ALA J 271 78.31 -85.52 42.98
C ALA J 271 78.11 -84.08 42.52
N LEU J 272 78.24 -83.84 41.21
CA LEU J 272 78.03 -82.50 40.68
C LEU J 272 76.59 -82.04 40.90
N ALA J 273 75.62 -82.93 40.66
CA ALA J 273 74.23 -82.57 40.91
C ALA J 273 73.98 -82.29 42.38
N ALA J 274 74.54 -83.11 43.27
CA ALA J 274 74.37 -82.88 44.70
C ALA J 274 74.97 -81.54 45.11
N THR J 275 76.12 -81.18 44.55
CA THR J 275 76.69 -79.87 44.83
C THR J 275 75.81 -78.75 44.29
N LEU J 276 75.23 -78.94 43.11
CA LEU J 276 74.32 -77.93 42.56
C LEU J 276 73.10 -77.74 43.43
N HIS J 277 72.66 -78.80 44.12
CA HIS J 277 71.55 -78.69 45.07
C HIS J 277 71.96 -78.10 46.42
N ALA J 278 73.09 -77.41 46.51
CA ALA J 278 73.51 -76.84 47.80
C ALA J 278 72.49 -75.85 48.32
N ASP J 279 72.33 -74.73 47.61
CA ASP J 279 71.42 -73.64 48.00
C ASP J 279 71.63 -73.26 49.47
N VAL J 280 72.83 -72.78 49.76
CA VAL J 280 73.21 -72.48 51.14
C VAL J 280 72.38 -71.33 51.70
N GLY J 281 72.11 -70.31 50.86
CA GLY J 281 71.46 -69.11 51.36
C GLY J 281 70.07 -69.37 51.90
N LYS J 282 69.25 -70.11 51.16
CA LYS J 282 67.86 -70.32 51.52
C LYS J 282 67.48 -71.79 51.33
N SER J 283 66.48 -72.22 52.09
CA SER J 283 65.99 -73.58 52.03
C SER J 283 65.01 -73.77 50.87
N VAL J 284 64.90 -75.02 50.41
CA VAL J 284 63.97 -75.36 49.34
C VAL J 284 63.24 -76.66 49.69
N ASN J 285 62.01 -76.77 49.17
CA ASN J 285 61.15 -77.91 49.43
C ASN J 285 60.97 -78.74 48.17
N GLY J 286 60.85 -80.05 48.34
CA GLY J 286 60.60 -80.98 47.27
C GLY J 286 59.90 -82.24 47.74
N SER J 287 59.87 -83.25 46.88
CA SER J 287 59.22 -84.52 47.22
C SER J 287 60.01 -85.67 46.62
N TYR J 288 60.17 -86.73 47.40
CA TYR J 288 60.86 -87.95 46.98
C TYR J 288 59.85 -89.09 46.92
N THR J 289 59.69 -89.70 45.74
CA THR J 289 58.67 -90.71 45.53
C THR J 289 59.33 -92.01 45.12
N THR J 290 59.00 -93.09 45.81
CA THR J 290 59.46 -94.42 45.47
C THR J 290 58.49 -95.03 44.45
N LYS J 291 58.60 -96.35 44.24
CA LYS J 291 57.73 -97.01 43.27
C LYS J 291 56.27 -96.91 43.68
N ASP J 292 55.98 -97.06 44.97
CA ASP J 292 54.60 -97.04 45.44
C ASP J 292 54.35 -96.07 46.59
N GLY J 293 55.35 -95.29 46.99
CA GLY J 293 55.17 -94.36 48.10
C GLY J 293 55.91 -93.07 47.85
N THR J 294 55.47 -92.02 48.55
CA THR J 294 56.05 -90.70 48.42
C THR J 294 56.24 -90.08 49.80
N VAL J 295 57.14 -89.12 49.89
CA VAL J 295 57.47 -88.44 51.14
C VAL J 295 57.87 -87.01 50.82
N SER J 296 57.53 -86.09 51.73
CA SER J 296 57.94 -84.71 51.59
C SER J 296 59.45 -84.56 51.78
N PHE J 297 59.95 -83.37 51.50
CA PHE J 297 61.39 -83.11 51.60
C PHE J 297 61.59 -81.62 51.79
N GLU J 298 62.40 -81.24 52.77
CA GLU J 298 62.70 -79.83 53.04
C GLU J 298 64.18 -79.70 53.39
N THR J 299 65.00 -79.28 52.44
CA THR J 299 66.42 -79.16 52.67
C THR J 299 66.79 -77.69 52.86
N ASP J 300 67.81 -77.46 53.70
CA ASP J 300 68.26 -76.09 54.00
C ASP J 300 69.54 -75.74 53.25
N SER J 301 70.60 -76.52 53.44
CA SER J 301 71.88 -76.23 52.82
C SER J 301 72.72 -77.50 52.78
N ALA J 302 73.67 -77.53 51.84
CA ALA J 302 74.60 -78.63 51.68
C ALA J 302 73.88 -79.96 51.47
N GLY J 303 72.65 -79.91 50.96
CA GLY J 303 71.87 -81.12 50.75
C GLY J 303 71.55 -81.87 52.02
N ASN J 304 71.17 -81.15 53.07
CA ASN J 304 70.83 -81.77 54.35
C ASN J 304 69.34 -82.09 54.36
N ILE J 305 69.00 -83.34 54.63
CA ILE J 305 67.62 -83.82 54.56
C ILE J 305 66.95 -83.53 55.90
N THR J 306 65.86 -82.77 55.86
CA THR J 306 65.08 -82.46 57.05
C THR J 306 63.61 -82.68 56.74
N ILE J 307 62.93 -83.49 57.55
CA ILE J 307 61.52 -83.81 57.37
C ILE J 307 60.79 -83.36 58.63
N GLY J 308 59.93 -82.36 58.48
CA GLY J 308 59.15 -81.87 59.61
C GLY J 308 59.98 -81.34 60.75
N GLY J 309 61.11 -80.70 60.46
CA GLY J 309 61.98 -80.18 61.49
C GLY J 309 62.90 -81.19 62.13
N SER J 310 62.81 -82.46 61.73
CA SER J 310 63.66 -83.52 62.27
C SER J 310 64.42 -84.17 61.12
N GLN J 311 65.72 -84.35 61.32
CA GLN J 311 66.57 -84.89 60.26
C GLN J 311 66.23 -86.36 60.01
N ALA J 312 65.93 -86.69 58.77
CA ALA J 312 65.64 -88.06 58.37
C ALA J 312 66.90 -88.70 57.79
N TYR J 313 66.79 -89.99 57.47
CA TYR J 313 67.91 -90.77 56.99
C TYR J 313 67.44 -91.67 55.86
N VAL J 314 68.39 -92.11 55.04
CA VAL J 314 68.13 -92.94 53.87
C VAL J 314 68.62 -94.35 54.14
N ASP J 315 67.83 -95.34 53.75
CA ASP J 315 68.18 -96.74 53.94
C ASP J 315 68.98 -97.23 52.74
N ASP J 316 69.28 -98.54 52.73
CA ASP J 316 70.02 -99.13 51.62
C ASP J 316 69.21 -99.09 50.34
N ALA J 317 67.90 -99.34 50.42
CA ALA J 317 67.03 -99.35 49.26
C ALA J 317 66.49 -97.96 48.91
N GLY J 318 67.07 -96.91 49.49
CA GLY J 318 66.67 -95.56 49.19
C GLY J 318 65.45 -95.06 49.93
N ASN J 319 64.84 -95.88 50.77
CA ASN J 319 63.67 -95.44 51.51
C ASN J 319 64.07 -94.42 52.57
N LEU J 320 63.24 -93.39 52.75
CA LEU J 320 63.52 -92.32 53.69
C LEU J 320 62.72 -92.56 54.97
N THR J 321 63.43 -92.62 56.09
CA THR J 321 62.80 -92.87 57.39
C THR J 321 63.39 -91.92 58.42
N THR J 322 62.55 -91.54 59.40
CA THR J 322 63.00 -90.64 60.45
C THR J 322 63.93 -91.31 61.44
N ASN J 323 63.82 -92.62 61.61
CA ASN J 323 64.60 -93.35 62.60
C ASN J 323 65.85 -93.94 61.98
N ASN J 324 66.67 -94.58 62.82
CA ASN J 324 67.93 -95.18 62.40
C ASN J 324 67.89 -96.68 62.65
N ALA J 325 68.28 -97.46 61.64
CA ALA J 325 68.36 -98.90 61.74
C ALA J 325 69.83 -99.30 61.59
N GLY J 326 70.43 -99.74 62.69
CA GLY J 326 71.84 -100.08 62.68
C GLY J 326 72.76 -98.91 62.41
N SER J 327 72.36 -97.70 62.81
CA SER J 327 73.13 -96.48 62.60
C SER J 327 73.42 -96.23 61.12
N ALA J 328 72.53 -96.71 60.25
CA ALA J 328 72.65 -96.47 58.81
C ALA J 328 71.98 -95.15 58.46
N ALA J 329 72.55 -94.06 58.97
CA ALA J 329 71.95 -92.74 58.81
C ALA J 329 72.28 -92.13 57.46
N LYS J 330 73.56 -91.83 57.24
CA LYS J 330 74.08 -91.21 56.00
C LYS J 330 73.11 -90.17 55.43
N ALA J 331 72.72 -89.22 56.30
CA ALA J 331 71.73 -88.21 55.94
C ALA J 331 72.42 -87.08 55.15
N ASP J 332 72.56 -87.32 53.85
CA ASP J 332 73.18 -86.33 52.97
C ASP J 332 72.62 -86.50 51.56
N MET J 333 72.70 -85.42 50.78
CA MET J 333 72.22 -85.46 49.40
C MET J 333 73.00 -86.46 48.57
N LYS J 334 74.33 -86.46 48.72
CA LYS J 334 75.15 -87.40 47.95
C LYS J 334 74.81 -88.84 48.28
N ALA J 335 74.67 -89.14 49.57
CA ALA J 335 74.32 -90.51 49.98
C ALA J 335 72.93 -90.89 49.48
N LEU J 336 71.98 -89.97 49.57
CA LEU J 336 70.62 -90.27 49.10
C LEU J 336 70.61 -90.54 47.61
N LEU J 337 71.31 -89.70 46.84
CA LEU J 337 71.36 -89.90 45.39
C LEU J 337 72.05 -91.21 45.04
N LYS J 338 73.14 -91.55 45.71
CA LYS J 338 73.83 -92.80 45.42
C LYS J 338 72.98 -94.00 45.78
N ALA J 339 72.27 -93.94 46.92
CA ALA J 339 71.39 -95.03 47.31
C ALA J 339 70.24 -95.18 46.32
N ALA J 340 69.69 -94.07 45.84
CA ALA J 340 68.64 -94.15 44.83
C ALA J 340 69.16 -94.75 43.54
N SER J 341 70.37 -94.36 43.13
CA SER J 341 70.95 -94.90 41.90
C SER J 341 71.21 -96.39 42.02
N GLU J 342 71.72 -96.84 43.17
CA GLU J 342 72.02 -98.26 43.37
C GLU J 342 70.80 -99.05 43.82
N GLY J 343 69.66 -98.41 44.04
CA GLY J 343 68.49 -99.12 44.50
C GLY J 343 67.92 -100.03 43.42
N SER J 344 67.20 -101.06 43.87
CA SER J 344 66.59 -102.00 42.94
C SER J 344 65.50 -101.33 42.11
N ASP J 345 64.75 -100.41 42.72
CA ASP J 345 63.64 -99.75 42.06
C ASP J 345 63.95 -98.27 41.89
N GLY J 346 63.50 -97.71 40.76
CA GLY J 346 63.71 -96.31 40.49
C GLY J 346 62.85 -95.40 41.34
N ALA J 347 63.17 -94.12 41.29
CA ALA J 347 62.49 -93.11 42.09
C ALA J 347 62.29 -91.84 41.28
N SER J 348 61.50 -90.92 41.84
CA SER J 348 61.25 -89.63 41.22
C SER J 348 61.40 -88.52 42.25
N LEU J 349 62.13 -87.47 41.89
CA LEU J 349 62.32 -86.31 42.74
C LEU J 349 61.67 -85.09 42.08
N THR J 350 60.85 -84.38 42.84
CA THR J 350 60.23 -83.15 42.36
C THR J 350 60.76 -82.00 43.18
N PHE J 351 61.40 -81.03 42.52
CA PHE J 351 62.00 -79.89 43.21
C PHE J 351 61.38 -78.58 42.71
N ASN J 352 61.99 -77.45 43.11
CA ASN J 352 61.52 -76.16 42.63
C ASN J 352 61.62 -76.07 41.11
N GLY J 353 62.68 -76.63 40.54
CA GLY J 353 62.84 -76.61 39.10
C GLY J 353 62.22 -77.82 38.43
N THR J 354 62.99 -78.49 37.57
CA THR J 354 62.49 -79.63 36.83
C THR J 354 62.46 -80.88 37.71
N GLU J 355 61.69 -81.87 37.26
CA GLU J 355 61.55 -83.13 37.97
C GLU J 355 62.56 -84.14 37.46
N TYR J 356 63.25 -84.80 38.37
CA TYR J 356 64.30 -85.76 38.04
C TYR J 356 63.75 -87.16 38.20
N THR J 357 64.14 -88.07 37.30
CA THR J 357 63.75 -89.47 37.40
C THR J 357 64.98 -90.34 37.49
N ILE J 358 65.12 -91.09 38.57
CA ILE J 358 66.21 -92.04 38.75
C ILE J 358 65.71 -93.39 38.26
N ALA J 359 66.32 -93.88 37.19
CA ALA J 359 65.87 -95.11 36.56
C ALA J 359 66.29 -96.32 37.36
N LYS J 360 65.63 -97.45 37.09
CA LYS J 360 65.90 -98.71 37.77
C LYS J 360 67.33 -99.19 37.51
N GLY J 376 71.36 -93.94 36.92
CA GLY J 376 71.06 -92.94 35.91
C GLY J 376 69.89 -92.05 36.28
N ILE J 377 70.04 -90.75 36.07
CA ILE J 377 69.00 -89.77 36.33
C ILE J 377 68.72 -89.05 35.01
N THR J 378 67.45 -89.05 34.60
CA THR J 378 66.99 -88.33 33.43
C THR J 378 66.24 -87.08 33.90
N TYR J 379 66.56 -85.93 33.31
CA TYR J 379 65.94 -84.69 33.74
C TYR J 379 65.97 -83.66 32.62
N GLN J 380 65.02 -82.73 32.69
CA GLN J 380 64.96 -81.62 31.76
C GLN J 380 65.83 -80.47 32.25
N ALA J 381 66.34 -79.69 31.29
CA ALA J 381 67.17 -78.54 31.59
C ALA J 381 66.87 -77.44 30.59
N THR J 382 67.17 -76.20 31.00
CA THR J 382 66.87 -75.02 30.21
C THR J 382 68.16 -74.33 29.81
N VAL J 383 68.28 -73.99 28.53
CA VAL J 383 69.40 -73.23 28.01
C VAL J 383 68.86 -72.07 27.19
N SER J 384 69.61 -70.97 27.17
CA SER J 384 69.20 -69.77 26.47
C SER J 384 69.40 -69.92 24.96
N LYS J 385 68.48 -69.33 24.19
CA LYS J 385 68.66 -69.26 22.75
C LYS J 385 69.94 -68.52 22.40
N ASP J 386 70.28 -67.48 23.16
CA ASP J 386 71.55 -66.78 22.92
C ASP J 386 72.73 -67.70 23.17
N VAL J 387 72.65 -68.53 24.21
CA VAL J 387 73.73 -69.48 24.47
C VAL J 387 73.86 -70.45 23.31
N VAL J 388 72.74 -71.03 22.88
CA VAL J 388 72.76 -72.02 21.80
C VAL J 388 73.29 -71.39 20.53
N LEU J 389 72.88 -70.16 20.23
CA LEU J 389 73.43 -69.42 19.10
C LEU J 389 74.94 -69.29 19.22
N SER J 390 75.43 -69.03 20.44
CA SER J 390 76.86 -68.86 20.62
C SER J 390 77.64 -70.13 20.28
N GLU J 391 77.20 -71.31 20.74
CA GLU J 391 77.99 -72.48 20.36
C GLU J 391 77.78 -72.85 18.88
N THR J 392 76.58 -72.57 18.34
CA THR J 392 76.36 -72.89 16.94
C THR J 392 77.28 -72.08 16.03
N LYS J 393 77.45 -70.79 16.32
CA LYS J 393 78.30 -69.93 15.51
C LYS J 393 79.74 -69.84 16.01
N ALA J 394 80.08 -70.58 17.08
CA ALA J 394 81.41 -70.46 17.65
C ALA J 394 82.49 -70.97 16.70
N ALA J 395 82.31 -72.17 16.16
CA ALA J 395 83.32 -72.77 15.30
C ALA J 395 82.61 -73.57 14.21
N ALA J 396 83.37 -74.41 13.50
CA ALA J 396 82.84 -75.21 12.40
C ALA J 396 82.05 -76.39 12.97
N ALA J 397 80.90 -76.04 13.56
CA ALA J 397 80.02 -77.04 14.14
C ALA J 397 79.13 -77.66 13.06
N THR J 398 78.55 -78.82 13.39
CA THR J 398 77.64 -79.53 12.49
C THR J 398 76.18 -79.31 12.90
N SER J 399 75.85 -78.12 13.38
CA SER J 399 74.50 -77.84 13.85
C SER J 399 73.50 -77.97 12.71
N SER J 400 72.32 -78.51 13.04
CA SER J 400 71.23 -78.66 12.10
C SER J 400 69.93 -78.24 12.77
N ILE J 401 69.07 -77.56 12.02
CA ILE J 401 67.81 -77.05 12.52
C ILE J 401 66.69 -77.69 11.72
N THR J 402 65.70 -78.24 12.42
CA THR J 402 64.53 -78.85 11.79
C THR J 402 63.34 -77.91 11.95
N PHE J 403 62.85 -77.38 10.85
CA PHE J 403 61.65 -76.55 10.85
C PHE J 403 60.44 -77.45 10.69
N ASN J 404 59.55 -77.42 11.67
CA ASN J 404 58.39 -78.30 11.70
C ASN J 404 57.14 -77.44 11.87
N SER J 405 56.19 -77.59 10.96
CA SER J 405 54.91 -76.91 11.03
C SER J 405 53.82 -77.78 11.64
N GLY J 406 54.18 -78.96 12.15
CA GLY J 406 53.23 -79.92 12.65
C GLY J 406 52.70 -80.87 11.60
N VAL J 407 52.86 -80.55 10.32
CA VAL J 407 52.49 -81.42 9.23
C VAL J 407 53.70 -81.54 8.30
N LEU J 408 54.27 -80.39 7.94
CA LEU J 408 55.38 -80.29 7.01
C LEU J 408 56.66 -80.02 7.79
N SER J 409 57.72 -80.77 7.45
CA SER J 409 58.98 -80.64 8.16
C SER J 409 60.14 -80.67 7.17
N LYS J 410 61.18 -79.89 7.45
CA LYS J 410 62.42 -79.92 6.68
C LYS J 410 63.62 -79.69 7.60
N THR J 411 64.67 -80.47 7.36
CA THR J 411 65.91 -80.36 8.14
C THR J 411 66.98 -79.66 7.32
N ILE J 412 67.59 -78.63 7.89
CA ILE J 412 68.63 -77.86 7.23
C ILE J 412 69.90 -77.99 8.05
N GLY J 413 70.98 -78.46 7.44
CA GLY J 413 72.25 -78.59 8.12
C GLY J 413 73.27 -77.58 7.64
N PHE J 414 73.59 -76.61 8.49
CA PHE J 414 74.50 -75.53 8.14
C PHE J 414 75.64 -75.45 9.15
N THR J 415 76.84 -75.17 8.64
CA THR J 415 78.06 -75.13 9.45
C THR J 415 78.48 -73.68 9.64
N ALA J 416 78.39 -73.19 10.88
CA ALA J 416 78.85 -71.86 11.24
C ALA J 416 78.24 -70.79 10.33
N GLY J 417 76.91 -70.82 10.21
CA GLY J 417 76.24 -69.86 9.37
C GLY J 417 75.70 -70.45 8.07
N GLU J 418 76.44 -70.22 6.98
CA GLU J 418 75.98 -70.65 5.66
C GLU J 418 75.82 -72.17 5.60
N SER J 419 74.84 -72.60 4.81
CA SER J 419 74.58 -74.02 4.64
C SER J 419 75.64 -74.66 3.75
N SER J 420 76.16 -75.80 4.19
CA SER J 420 77.18 -76.54 3.43
C SER J 420 76.68 -77.90 2.98
N ASP J 421 75.39 -78.19 3.13
CA ASP J 421 74.83 -79.49 2.78
C ASP J 421 74.31 -79.54 1.35
N ALA J 422 74.88 -78.74 0.45
CA ALA J 422 74.45 -78.66 -0.94
C ALA J 422 72.98 -78.26 -1.06
N ALA J 423 72.49 -77.49 -0.08
CA ALA J 423 71.12 -77.03 -0.04
C ALA J 423 71.07 -75.53 -0.34
N LYS J 424 70.17 -75.14 -1.22
CA LYS J 424 70.04 -73.73 -1.62
C LYS J 424 69.02 -73.07 -0.70
N SER J 425 69.49 -72.63 0.46
CA SER J 425 68.69 -71.89 1.42
C SER J 425 69.11 -70.44 1.39
N TYR J 426 68.16 -69.53 1.19
CA TYR J 426 68.47 -68.12 1.04
C TYR J 426 67.35 -67.27 1.62
N VAL J 427 67.66 -66.00 1.86
CA VAL J 427 66.74 -65.11 2.58
C VAL J 427 66.54 -63.76 1.90
N ASP J 428 67.39 -63.32 0.97
CA ASP J 428 67.36 -61.94 0.52
C ASP J 428 66.07 -61.54 -0.20
N ASP J 429 65.32 -62.51 -0.73
CA ASP J 429 64.17 -62.18 -1.57
C ASP J 429 63.15 -61.32 -0.83
N LYS J 430 62.48 -61.89 0.16
CA LYS J 430 61.54 -61.14 0.99
C LYS J 430 61.65 -61.60 2.45
N GLY J 431 62.76 -62.23 2.81
CA GLY J 431 62.85 -62.92 4.07
C GLY J 431 62.43 -64.37 3.94
N GLY J 432 62.59 -65.10 5.03
CA GLY J 432 62.24 -66.50 4.99
C GLY J 432 63.27 -67.32 4.22
N ILE J 433 62.84 -68.52 3.83
CA ILE J 433 63.70 -69.48 3.14
C ILE J 433 63.23 -69.63 1.71
N THR J 434 64.17 -69.69 0.78
CA THR J 434 63.85 -69.93 -0.62
C THR J 434 64.93 -70.82 -1.23
N ASN J 435 64.56 -71.50 -2.31
CA ASN J 435 65.45 -72.42 -3.00
C ASN J 435 66.07 -71.82 -4.26
N VAL J 436 65.92 -70.52 -4.46
CA VAL J 436 66.48 -69.88 -5.66
C VAL J 436 67.92 -69.45 -5.36
N ALA J 437 68.87 -70.05 -6.09
CA ALA J 437 70.26 -69.71 -5.89
C ALA J 437 70.58 -68.34 -6.47
N ASP J 438 70.11 -68.08 -7.68
CA ASP J 438 70.41 -66.84 -8.40
C ASP J 438 69.15 -66.29 -9.03
N TYR J 439 69.08 -64.97 -9.12
CA TYR J 439 67.92 -64.27 -9.68
C TYR J 439 68.39 -63.43 -10.85
N THR J 440 68.16 -63.92 -12.07
CA THR J 440 68.63 -63.26 -13.29
C THR J 440 67.46 -63.10 -14.24
N VAL J 441 67.28 -61.88 -14.75
CA VAL J 441 66.19 -61.54 -15.67
C VAL J 441 66.76 -60.74 -16.83
N SER J 442 66.16 -60.88 -18.00
CA SER J 442 66.64 -60.24 -19.22
C SER J 442 65.72 -59.10 -19.61
N TYR J 443 66.31 -57.94 -19.91
CA TYR J 443 65.57 -56.77 -20.34
C TYR J 443 65.97 -56.40 -21.75
N SER J 444 64.99 -56.16 -22.61
CA SER J 444 65.22 -55.69 -23.96
C SER J 444 64.85 -54.21 -24.04
N VAL J 445 65.76 -53.42 -24.60
CA VAL J 445 65.56 -51.98 -24.76
C VAL J 445 65.23 -51.72 -26.21
N ASN J 446 64.07 -51.09 -26.45
CA ASN J 446 63.65 -50.80 -27.81
C ASN J 446 64.50 -49.65 -28.35
N LYS J 447 65.07 -49.84 -29.54
CA LYS J 447 65.98 -48.84 -30.09
C LYS J 447 65.24 -47.57 -30.51
N ASP J 448 64.00 -47.70 -30.98
CA ASP J 448 63.27 -46.53 -31.43
C ASP J 448 62.64 -45.79 -30.27
N ASN J 449 61.72 -46.43 -29.55
CA ASN J 449 61.02 -45.77 -28.47
C ASN J 449 61.93 -45.51 -27.27
N GLY J 450 62.79 -46.46 -26.94
CA GLY J 450 63.62 -46.37 -25.76
C GLY J 450 63.05 -47.06 -24.53
N SER J 451 61.86 -47.64 -24.63
CA SER J 451 61.26 -48.32 -23.49
C SER J 451 61.95 -49.66 -23.22
N VAL J 452 61.84 -50.10 -21.97
CA VAL J 452 62.47 -51.33 -21.50
C VAL J 452 61.39 -52.36 -21.21
N THR J 453 61.54 -53.56 -21.76
CA THR J 453 60.55 -54.62 -21.56
C THR J 453 61.24 -55.88 -21.05
N VAL J 454 60.51 -56.67 -20.29
CA VAL J 454 61.03 -57.94 -19.77
C VAL J 454 60.92 -58.99 -20.87
N ALA J 455 62.04 -59.63 -21.20
CA ALA J 455 62.10 -60.62 -22.26
C ALA J 455 62.50 -61.99 -21.72
N GLY J 456 61.91 -62.39 -20.60
CA GLY J 456 62.20 -63.67 -20.00
C GLY J 456 63.30 -63.60 -18.94
N TYR J 457 63.60 -64.76 -18.38
CA TYR J 457 64.63 -64.82 -17.35
C TYR J 457 65.18 -66.23 -17.29
N ALA J 458 66.37 -66.35 -16.69
CA ALA J 458 67.02 -67.63 -16.47
C ALA J 458 67.49 -67.71 -15.04
N SER J 459 67.39 -68.89 -14.45
CA SER J 459 67.83 -69.11 -13.08
C SER J 459 68.66 -70.39 -13.01
N ALA J 460 69.63 -70.41 -12.09
CA ALA J 460 70.47 -71.58 -11.92
C ALA J 460 69.65 -72.79 -11.50
N THR J 461 68.74 -72.60 -10.54
CA THR J 461 67.84 -73.66 -10.13
C THR J 461 66.58 -73.64 -11.00
N ASP J 462 65.66 -74.55 -10.72
CA ASP J 462 64.43 -74.62 -11.48
C ASP J 462 63.55 -73.40 -11.24
N THR J 463 63.38 -73.02 -9.97
CA THR J 463 62.63 -71.84 -9.53
C THR J 463 61.13 -72.06 -9.73
N ASN J 464 60.77 -73.14 -10.42
CA ASN J 464 59.37 -73.51 -10.66
C ASN J 464 58.55 -72.33 -11.18
N LYS J 465 59.22 -71.38 -11.83
CA LYS J 465 58.59 -70.14 -12.32
C LYS J 465 57.89 -69.39 -11.19
N ASP J 466 58.46 -69.44 -9.98
CA ASP J 466 57.85 -68.74 -8.85
C ASP J 466 58.11 -67.24 -8.95
N TYR J 467 59.33 -66.84 -9.30
CA TYR J 467 59.68 -65.43 -9.48
C TYR J 467 59.50 -64.98 -10.92
N ALA J 468 58.61 -65.62 -11.67
CA ALA J 468 58.48 -65.33 -13.09
C ALA J 468 57.74 -64.02 -13.31
N PRO J 469 58.34 -63.04 -13.98
CA PRO J 469 57.61 -61.84 -14.36
C PRO J 469 56.99 -61.98 -15.74
N ALA J 470 55.93 -61.21 -15.98
CA ALA J 470 55.25 -61.24 -17.27
C ALA J 470 56.18 -60.73 -18.36
N ILE J 471 56.24 -61.46 -19.48
CA ILE J 471 57.10 -61.09 -20.59
C ILE J 471 56.42 -60.01 -21.43
N GLY J 472 57.19 -59.01 -21.82
CA GLY J 472 56.68 -57.90 -22.60
C GLY J 472 56.07 -56.78 -21.80
N THR J 473 56.15 -56.84 -20.47
CA THR J 473 55.60 -55.78 -19.63
C THR J 473 56.59 -54.64 -19.50
N ALA J 474 56.09 -53.41 -19.63
CA ALA J 474 56.95 -52.24 -19.51
C ALA J 474 57.61 -52.19 -18.14
N VAL J 475 58.88 -51.81 -18.12
CA VAL J 475 59.67 -51.75 -16.90
C VAL J 475 59.59 -50.34 -16.35
N ASN J 476 59.29 -50.23 -15.05
CA ASN J 476 59.08 -48.95 -14.40
C ASN J 476 60.10 -48.77 -13.27
N VAL J 477 60.39 -47.50 -12.97
CA VAL J 477 61.31 -47.15 -11.91
C VAL J 477 60.50 -46.75 -10.68
N ASN J 478 60.76 -47.41 -9.56
CA ASN J 478 60.05 -47.12 -8.33
C ASN J 478 60.43 -45.72 -7.83
N SER J 479 59.66 -45.25 -6.84
CA SER J 479 59.96 -43.95 -6.23
C SER J 479 61.34 -43.96 -5.58
N ALA J 480 61.68 -45.06 -4.90
CA ALA J 480 63.00 -45.18 -4.30
C ALA J 480 64.10 -45.31 -5.35
N GLY J 481 63.76 -45.69 -6.57
CA GLY J 481 64.73 -45.83 -7.65
C GLY J 481 64.98 -47.25 -8.10
N LYS J 482 64.23 -48.23 -7.59
CA LYS J 482 64.43 -49.62 -7.97
C LYS J 482 63.71 -49.92 -9.29
N ILE J 483 63.79 -51.17 -9.72
CA ILE J 483 63.12 -51.65 -10.92
C ILE J 483 61.90 -52.46 -10.52
N THR J 484 60.73 -52.08 -11.04
CA THR J 484 59.49 -52.74 -10.68
C THR J 484 58.51 -52.64 -11.84
N THR J 485 57.65 -53.65 -11.96
CA THR J 485 56.64 -53.68 -13.01
C THR J 485 55.35 -52.95 -12.64
N GLU J 486 55.18 -52.57 -11.38
CA GLU J 486 53.94 -51.91 -10.96
C GLU J 486 53.88 -50.50 -11.52
N THR J 487 52.72 -50.14 -12.06
CA THR J 487 52.56 -48.83 -12.67
C THR J 487 52.51 -47.73 -11.62
N THR J 488 51.74 -47.94 -10.56
CA THR J 488 51.51 -46.91 -9.55
C THR J 488 52.09 -47.34 -8.21
N SER J 489 52.73 -46.40 -7.53
CA SER J 489 53.25 -46.61 -6.19
C SER J 489 52.60 -45.60 -5.25
N ALA J 490 52.24 -46.07 -4.05
CA ALA J 490 51.57 -45.21 -3.09
C ALA J 490 52.49 -44.08 -2.64
N GLY J 491 51.87 -42.97 -2.27
CA GLY J 491 52.60 -41.78 -1.85
C GLY J 491 52.20 -41.39 -0.43
N SER J 492 52.29 -40.09 -0.17
CA SER J 492 52.00 -39.55 1.15
C SER J 492 51.32 -38.19 0.98
N ALA J 493 50.96 -37.60 2.12
CA ALA J 493 50.29 -36.31 2.11
C ALA J 493 51.19 -35.22 1.54
N THR J 494 50.61 -34.34 0.74
CA THR J 494 51.38 -33.24 0.18
C THR J 494 51.87 -32.33 1.28
N THR J 495 53.14 -31.92 1.17
CA THR J 495 53.74 -31.11 2.23
C THR J 495 53.15 -29.70 2.26
N ASN J 496 52.93 -29.10 1.09
CA ASN J 496 52.48 -27.71 1.00
C ASN J 496 51.30 -27.62 0.05
N PRO J 497 50.10 -27.90 0.54
CA PRO J 497 48.93 -27.89 -0.38
C PRO J 497 48.53 -26.50 -0.80
N LEU J 498 48.54 -25.55 0.12
CA LEU J 498 48.01 -24.21 -0.16
C LEU J 498 48.87 -23.48 -1.17
N ALA J 499 50.19 -23.68 -1.12
CA ALA J 499 51.06 -23.06 -2.11
C ALA J 499 50.76 -23.56 -3.52
N ALA J 500 50.57 -24.87 -3.66
CA ALA J 500 50.24 -25.43 -4.96
C ALA J 500 48.89 -24.92 -5.45
N LEU J 501 47.92 -24.83 -4.54
CA LEU J 501 46.61 -24.31 -4.93
C LEU J 501 46.71 -22.86 -5.38
N ASP J 502 47.51 -22.06 -4.68
CA ASP J 502 47.70 -20.67 -5.08
C ASP J 502 48.38 -20.58 -6.44
N ASP J 503 49.35 -21.44 -6.70
CA ASP J 503 50.00 -21.45 -8.01
C ASP J 503 49.01 -21.79 -9.11
N ALA J 504 48.15 -22.78 -8.88
CA ALA J 504 47.15 -23.13 -9.88
C ALA J 504 46.19 -21.98 -10.13
N ILE J 505 45.73 -21.32 -9.06
CA ILE J 505 44.82 -20.19 -9.21
C ILE J 505 45.50 -19.06 -9.97
N SER J 506 46.78 -18.81 -9.68
CA SER J 506 47.49 -17.75 -10.38
C SER J 506 47.64 -18.06 -11.87
N SER J 507 47.90 -19.32 -12.21
CA SER J 507 47.99 -19.70 -13.62
C SER J 507 46.65 -19.48 -14.32
N ILE J 508 45.56 -19.87 -13.66
CA ILE J 508 44.24 -19.65 -14.24
C ILE J 508 43.99 -18.16 -14.46
N ASP J 509 44.35 -17.34 -13.46
CA ASP J 509 44.13 -15.90 -13.57
C ASP J 509 44.94 -15.30 -14.71
N LYS J 510 46.19 -15.73 -14.87
CA LYS J 510 47.00 -15.23 -15.97
C LYS J 510 46.41 -15.60 -17.32
N PHE J 511 45.93 -16.84 -17.46
CA PHE J 511 45.28 -17.24 -18.70
C PHE J 511 44.06 -16.37 -18.98
N ARG J 512 43.23 -16.14 -17.97
CA ARG J 512 42.03 -15.34 -18.17
C ARG J 512 42.38 -13.91 -18.56
N SER J 513 43.40 -13.34 -17.92
CA SER J 513 43.81 -11.97 -18.24
C SER J 513 44.29 -11.87 -19.68
N SER J 514 45.13 -12.81 -20.13
CA SER J 514 45.58 -12.79 -21.50
C SER J 514 44.42 -12.91 -22.47
N LEU J 515 43.48 -13.81 -22.17
CA LEU J 515 42.32 -14.01 -23.05
C LEU J 515 41.49 -12.74 -23.15
N GLY J 516 41.25 -12.08 -22.02
CA GLY J 516 40.47 -10.85 -22.04
C GLY J 516 41.15 -9.75 -22.82
N ALA J 517 42.47 -9.61 -22.66
CA ALA J 517 43.20 -8.60 -23.43
C ALA J 517 43.10 -8.87 -24.92
N ILE J 518 43.24 -10.13 -25.33
CA ILE J 518 43.12 -10.48 -26.74
C ILE J 518 41.73 -10.13 -27.26
N GLN J 519 40.69 -10.43 -26.49
CA GLN J 519 39.35 -10.17 -27.00
C GLN J 519 39.10 -8.67 -27.10
N ASN J 520 39.61 -7.88 -26.14
CA ASN J 520 39.47 -6.43 -26.25
C ASN J 520 40.15 -5.89 -27.50
N ARG J 521 41.38 -6.34 -27.78
CA ARG J 521 42.03 -5.86 -28.99
C ARG J 521 41.28 -6.31 -30.24
N LEU J 522 40.66 -7.50 -30.20
CA LEU J 522 39.88 -7.95 -31.34
C LEU J 522 38.67 -7.06 -31.57
N ASP J 523 38.00 -6.63 -30.49
CA ASP J 523 36.87 -5.73 -30.63
C ASP J 523 37.29 -4.39 -31.20
N SER J 524 38.44 -3.87 -30.75
CA SER J 524 38.95 -2.63 -31.33
C SER J 524 39.21 -2.79 -32.81
N ALA J 525 39.76 -3.95 -33.21
CA ALA J 525 39.97 -4.23 -34.62
C ALA J 525 38.65 -4.21 -35.38
N VAL J 526 37.60 -4.78 -34.79
CA VAL J 526 36.28 -4.78 -35.44
C VAL J 526 35.81 -3.36 -35.70
N THR J 527 35.92 -2.50 -34.68
CA THR J 527 35.47 -1.13 -34.83
C THR J 527 36.24 -0.40 -35.92
N ASN J 528 37.56 -0.57 -35.93
CA ASN J 528 38.37 0.08 -36.96
C ASN J 528 38.00 -0.43 -38.36
N LEU J 529 37.75 -1.73 -38.48
CA LEU J 529 37.37 -2.29 -39.77
C LEU J 529 36.06 -1.70 -40.25
N ASN J 530 35.09 -1.54 -39.36
CA ASN J 530 33.82 -0.95 -39.75
C ASN J 530 34.00 0.48 -40.25
N ASN J 531 34.80 1.27 -39.52
CA ASN J 531 35.03 2.65 -39.94
C ASN J 531 35.70 2.70 -41.31
N THR J 532 36.73 1.87 -41.52
CA THR J 532 37.44 1.86 -42.80
C THR J 532 36.52 1.41 -43.93
N THR J 533 35.67 0.42 -43.67
CA THR J 533 34.73 -0.02 -44.69
C THR J 533 33.78 1.11 -45.09
N THR J 534 33.26 1.84 -44.11
CA THR J 534 32.36 2.95 -44.44
C THR J 534 33.08 3.99 -45.28
N ASN J 535 34.30 4.36 -44.89
CA ASN J 535 35.02 5.40 -45.63
C ASN J 535 35.34 4.95 -47.05
N LEU J 536 35.75 3.69 -47.22
CA LEU J 536 36.08 3.21 -48.56
C LEU J 536 34.84 3.09 -49.43
N SER J 537 33.71 2.69 -48.85
CA SER J 537 32.46 2.69 -49.61
C SER J 537 32.11 4.09 -50.07
N GLU J 538 32.31 5.08 -49.20
CA GLU J 538 32.07 6.46 -49.60
C GLU J 538 32.98 6.89 -50.74
N ALA J 539 34.27 6.51 -50.68
CA ALA J 539 35.19 6.87 -51.76
C ALA J 539 34.78 6.23 -53.08
N GLN J 540 34.36 4.96 -53.03
CA GLN J 540 33.88 4.30 -54.23
C GLN J 540 32.66 5.01 -54.79
N SER J 541 31.75 5.44 -53.92
CA SER J 541 30.60 6.20 -54.37
C SER J 541 31.01 7.51 -55.02
N ARG J 542 32.06 8.15 -54.47
CA ARG J 542 32.59 9.36 -55.10
C ARG J 542 33.02 9.08 -56.52
N ILE J 543 33.76 7.99 -56.73
CA ILE J 543 34.30 7.70 -58.06
C ILE J 543 33.19 7.32 -59.02
N GLN J 544 32.32 6.41 -58.62
CA GLN J 544 31.24 5.88 -59.44
C GLN J 544 29.97 6.71 -59.24
N ASP J 545 28.82 6.13 -59.61
CA ASP J 545 27.51 6.65 -59.22
C ASP J 545 27.19 8.02 -59.81
N ALA J 546 26.97 8.05 -61.12
CA ALA J 546 26.61 9.28 -61.82
C ALA J 546 25.43 9.98 -61.16
N ASP J 547 25.36 11.29 -61.38
CA ASP J 547 24.33 12.14 -60.80
C ASP J 547 23.09 12.13 -61.68
N TYR J 548 21.94 11.74 -61.11
CA TYR J 548 20.70 11.71 -61.87
C TYR J 548 20.27 13.10 -62.33
N ALA J 549 20.56 14.15 -61.55
CA ALA J 549 20.20 15.49 -62.02
C ALA J 549 20.88 15.79 -63.35
N THR J 550 22.20 15.60 -63.41
CA THR J 550 22.94 15.86 -64.62
C THR J 550 22.52 14.93 -65.75
N GLU J 551 22.32 13.64 -65.45
CA GLU J 551 21.95 12.71 -66.51
C GLU J 551 20.56 13.00 -67.07
N VAL J 552 19.62 13.36 -66.21
CA VAL J 552 18.28 13.72 -66.67
C VAL J 552 18.35 14.96 -67.56
N SER J 553 19.10 15.97 -67.14
CA SER J 553 19.22 17.17 -67.97
C SER J 553 19.84 16.83 -69.32
N ASN J 554 20.89 16.01 -69.32
CA ASN J 554 21.57 15.66 -70.56
C ASN J 554 20.65 14.88 -71.49
N MET J 555 19.91 13.91 -70.95
CA MET J 555 19.03 13.12 -71.82
C MET J 555 17.87 13.96 -72.35
N SER J 556 17.37 14.90 -71.54
CA SER J 556 16.29 15.77 -72.01
C SER J 556 16.76 16.64 -73.16
N LYS J 557 17.91 17.29 -72.99
CA LYS J 557 18.40 18.13 -74.08
C LYS J 557 18.77 17.29 -75.30
N ALA J 558 19.24 16.06 -75.08
CA ALA J 558 19.53 15.18 -76.21
C ALA J 558 18.26 14.82 -76.98
N GLN J 559 17.18 14.51 -76.27
CA GLN J 559 15.92 14.19 -76.94
C GLN J 559 15.41 15.38 -77.74
N ILE J 560 15.49 16.58 -77.16
CA ILE J 560 15.00 17.74 -77.89
C ILE J 560 15.88 18.04 -79.10
N ILE J 561 17.20 17.90 -78.96
CA ILE J 561 18.06 18.11 -80.12
C ILE J 561 17.75 17.08 -81.20
N GLN J 562 17.43 15.85 -80.80
CA GLN J 562 17.09 14.82 -81.78
C GLN J 562 15.79 15.16 -82.51
N GLN J 563 14.77 15.60 -81.77
CA GLN J 563 13.51 15.95 -82.43
C GLN J 563 13.70 17.14 -83.36
N ALA J 564 14.49 18.14 -82.94
CA ALA J 564 14.78 19.26 -83.81
C ALA J 564 15.53 18.80 -85.06
N GLY J 565 16.49 17.90 -84.90
CA GLY J 565 17.20 17.38 -86.04
C GLY J 565 16.30 16.63 -86.99
N ASN J 566 15.36 15.85 -86.46
CA ASN J 566 14.42 15.13 -87.31
C ASN J 566 13.53 16.10 -88.09
N SER J 567 13.03 17.13 -87.42
CA SER J 567 12.18 18.11 -88.11
C SER J 567 12.96 18.85 -89.19
N VAL J 568 14.18 19.28 -88.88
CA VAL J 568 15.00 19.98 -89.87
C VAL J 568 15.37 19.03 -91.01
N LEU J 569 15.58 17.75 -90.70
CA LEU J 569 15.83 16.75 -91.72
C LEU J 569 14.64 16.60 -92.64
N ALA J 570 13.44 16.63 -92.07
CA ALA J 570 12.24 16.58 -92.92
C ALA J 570 12.16 17.81 -93.82
N LYS J 571 12.48 18.98 -93.28
CA LYS J 571 12.45 20.19 -94.09
C LYS J 571 13.51 20.16 -95.19
N ALA J 572 14.69 19.63 -94.90
CA ALA J 572 15.74 19.54 -95.92
C ALA J 572 15.41 18.48 -96.96
N ASN J 573 14.92 17.33 -96.51
CA ASN J 573 14.45 16.27 -97.39
C ASN J 573 13.21 16.70 -98.18
N GLN J 574 12.60 17.81 -97.80
CA GLN J 574 11.68 18.49 -98.71
C GLN J 574 12.57 19.06 -99.80
N VAL J 575 13.17 18.17 -100.57
CA VAL J 575 14.17 18.45 -101.58
C VAL J 575 13.49 19.22 -102.70
N PRO J 576 14.23 19.95 -103.54
CA PRO J 576 13.58 20.81 -104.53
C PRO J 576 12.63 20.07 -105.45
N GLN J 577 11.34 20.36 -105.35
CA GLN J 577 10.42 20.13 -106.45
C GLN J 577 10.26 21.38 -107.29
N GLN J 578 10.92 22.47 -106.91
CA GLN J 578 10.96 23.64 -107.77
C GLN J 578 11.67 23.35 -109.07
N VAL J 579 12.52 22.33 -109.12
CA VAL J 579 13.06 21.88 -110.40
C VAL J 579 11.95 21.35 -111.28
N LEU J 580 11.05 20.55 -110.72
CA LEU J 580 9.87 20.11 -111.47
C LEU J 580 9.02 21.31 -111.88
N SER J 581 8.89 22.28 -110.98
CA SER J 581 8.12 23.48 -111.29
C SER J 581 8.70 24.22 -112.49
N LEU J 582 10.03 24.31 -112.55
CA LEU J 582 10.68 24.92 -113.71
C LEU J 582 10.52 24.06 -114.95
N LEU J 583 10.40 22.74 -114.77
CA LEU J 583 10.47 21.83 -115.91
C LEU J 583 9.34 22.07 -116.90
N GLN J 584 8.10 22.22 -116.42
CA GLN J 584 7.00 22.34 -117.36
C GLN J 584 6.91 23.72 -118.00
N GLY J 585 7.66 24.70 -117.51
CA GLY J 585 7.64 26.03 -118.08
C GLY J 585 8.33 26.13 -119.43
N MET K 1 -22.59 36.27 -89.31
CA MET K 1 -21.31 35.59 -89.40
C MET K 1 -20.88 35.48 -90.86
N ALA K 2 -21.58 34.62 -91.63
CA ALA K 2 -21.19 34.40 -93.02
C ALA K 2 -21.25 35.69 -93.83
N GLN K 3 -22.10 36.63 -93.43
CA GLN K 3 -22.29 37.85 -94.21
C GLN K 3 -21.34 38.98 -93.83
N VAL K 4 -20.77 38.97 -92.62
CA VAL K 4 -19.95 40.06 -92.13
C VAL K 4 -18.65 39.53 -91.57
N ILE K 5 -17.56 40.26 -91.79
CA ILE K 5 -16.28 39.95 -91.18
C ILE K 5 -15.72 41.09 -90.36
N ASN K 6 -16.25 42.30 -90.49
CA ASN K 6 -15.64 43.45 -89.82
C ASN K 6 -15.87 43.42 -88.31
N THR K 7 -16.98 42.84 -87.86
CA THR K 7 -17.29 42.74 -86.45
C THR K 7 -17.76 41.33 -86.13
N ASN K 8 -17.82 41.02 -84.84
CA ASN K 8 -18.27 39.70 -84.40
C ASN K 8 -19.20 39.91 -83.21
N SER K 9 -20.50 39.91 -83.49
CA SER K 9 -21.50 40.03 -82.44
C SER K 9 -21.36 38.92 -81.41
N LEU K 10 -21.12 37.69 -81.88
CA LEU K 10 -20.95 36.57 -80.97
C LEU K 10 -19.77 36.79 -80.04
N SER K 11 -18.65 37.25 -80.59
CA SER K 11 -17.47 37.50 -79.75
C SER K 11 -17.75 38.58 -78.72
N LEU K 12 -18.42 39.66 -79.13
CA LEU K 12 -18.71 40.73 -78.18
C LEU K 12 -19.62 40.25 -77.05
N ILE K 13 -20.65 39.49 -77.38
CA ILE K 13 -21.57 38.99 -76.36
C ILE K 13 -20.85 38.04 -75.41
N THR K 14 -20.02 37.15 -75.96
CA THR K 14 -19.27 36.24 -75.11
C THR K 14 -18.33 36.98 -74.18
N GLN K 15 -17.66 38.03 -74.68
CA GLN K 15 -16.77 38.81 -73.83
C GLN K 15 -17.54 39.48 -72.71
N ASN K 16 -18.73 40.02 -73.01
CA ASN K 16 -19.53 40.65 -71.97
C ASN K 16 -19.90 39.63 -70.89
N ASN K 17 -20.32 38.43 -71.31
CA ASN K 17 -20.68 37.41 -70.34
C ASN K 17 -19.48 36.99 -69.50
N ILE K 18 -18.30 36.90 -70.13
CA ILE K 18 -17.10 36.53 -69.39
C ILE K 18 -16.78 37.55 -68.32
N ASN K 19 -16.87 38.85 -68.66
CA ASN K 19 -16.62 39.88 -67.65
C ASN K 19 -17.63 39.81 -66.52
N LYS K 20 -18.90 39.60 -66.86
CA LYS K 20 -19.94 39.49 -65.84
C LYS K 20 -19.64 38.35 -64.88
N ASN K 21 -19.16 37.22 -65.40
CA ASN K 21 -18.70 36.15 -64.53
C ASN K 21 -17.51 36.57 -63.70
N GLN K 22 -16.57 37.30 -64.32
CA GLN K 22 -15.32 37.65 -63.66
C GLN K 22 -15.58 38.42 -62.38
N SER K 23 -16.58 39.30 -62.39
CA SER K 23 -16.91 40.02 -61.17
C SER K 23 -17.16 39.07 -60.00
N ALA K 24 -18.05 38.10 -60.19
CA ALA K 24 -18.42 37.19 -59.12
C ALA K 24 -17.27 36.26 -58.75
N LEU K 25 -16.48 35.85 -59.75
CA LEU K 25 -15.33 35.00 -59.47
C LEU K 25 -14.34 35.69 -58.55
N SER K 26 -14.00 36.94 -58.87
CA SER K 26 -13.08 37.69 -58.02
C SER K 26 -13.66 37.90 -56.64
N SER K 27 -14.95 38.22 -56.56
CA SER K 27 -15.58 38.40 -55.26
C SER K 27 -15.45 37.16 -54.41
N SER K 28 -15.79 35.99 -54.98
CA SER K 28 -15.76 34.75 -54.21
C SER K 28 -14.34 34.41 -53.76
N ILE K 29 -13.36 34.57 -54.65
CA ILE K 29 -12.00 34.21 -54.29
C ILE K 29 -11.49 35.10 -53.16
N GLU K 30 -11.73 36.41 -53.25
CA GLU K 30 -11.25 37.28 -52.18
C GLU K 30 -11.99 37.02 -50.87
N ARG K 31 -13.29 36.67 -50.96
CA ARG K 31 -14.03 36.36 -49.74
C ARG K 31 -13.48 35.12 -49.06
N LEU K 32 -13.14 34.09 -49.83
CA LEU K 32 -12.53 32.91 -49.23
C LEU K 32 -11.16 33.23 -48.65
N SER K 33 -10.36 34.02 -49.35
CA SER K 33 -9.03 34.34 -48.85
C SER K 33 -9.10 35.10 -47.52
N SER K 34 -9.99 36.08 -47.43
CA SER K 34 -10.06 36.89 -46.21
C SER K 34 -10.77 36.15 -45.08
N GLY K 35 -11.81 35.38 -45.39
CA GLY K 35 -12.59 34.72 -44.37
C GLY K 35 -13.64 35.60 -43.73
N LEU K 36 -14.08 36.65 -44.42
CA LEU K 36 -15.09 37.57 -43.89
C LEU K 36 -16.19 37.78 -44.91
N ARG K 37 -17.43 37.81 -44.42
CA ARG K 37 -18.57 38.03 -45.31
C ARG K 37 -18.60 39.46 -45.84
N ILE K 38 -18.44 40.43 -44.94
CA ILE K 38 -18.41 41.84 -45.31
C ILE K 38 -16.96 42.24 -45.49
N ASN K 39 -16.57 42.48 -46.74
CA ASN K 39 -15.19 42.78 -47.08
C ASN K 39 -15.16 44.04 -47.90
N SER K 40 -14.31 45.00 -47.50
CA SER K 40 -14.12 46.27 -48.18
C SER K 40 -15.40 47.11 -48.27
N ALA K 41 -16.45 46.72 -47.56
CA ALA K 41 -17.71 47.47 -47.49
C ALA K 41 -18.31 47.74 -48.87
N LYS K 42 -18.08 46.84 -49.83
CA LYS K 42 -18.70 46.95 -51.15
C LYS K 42 -20.10 46.36 -51.17
N ASP K 43 -20.68 46.23 -50.00
CA ASP K 43 -21.96 45.57 -49.78
C ASP K 43 -22.73 46.42 -48.76
N ASP K 44 -23.76 45.83 -48.15
CA ASP K 44 -24.53 46.56 -47.15
C ASP K 44 -23.61 47.14 -46.07
N ALA K 45 -23.49 48.47 -46.04
CA ALA K 45 -22.59 49.12 -45.11
C ALA K 45 -23.13 49.13 -43.69
N ALA K 46 -24.43 48.84 -43.51
CA ALA K 46 -24.96 48.65 -42.18
C ALA K 46 -24.23 47.52 -41.46
N GLY K 47 -23.95 46.44 -42.18
CA GLY K 47 -23.18 45.36 -41.59
C GLY K 47 -21.80 45.80 -41.16
N GLN K 48 -21.13 46.60 -41.99
CA GLN K 48 -19.81 47.11 -41.64
C GLN K 48 -19.86 47.95 -40.37
N ALA K 49 -20.81 48.88 -40.31
CA ALA K 49 -20.91 49.75 -39.15
C ALA K 49 -21.23 48.96 -37.88
N ILE K 50 -22.18 48.02 -37.98
CA ILE K 50 -22.56 47.24 -36.80
C ILE K 50 -21.40 46.35 -36.36
N ALA K 51 -20.64 45.81 -37.31
CA ALA K 51 -19.46 45.03 -36.95
C ALA K 51 -18.43 45.89 -36.22
N ASN K 52 -18.25 47.13 -36.68
CA ASN K 52 -17.34 48.04 -35.96
C ASN K 52 -17.82 48.27 -34.53
N ARG K 53 -19.12 48.52 -34.36
CA ARG K 53 -19.66 48.75 -33.02
C ARG K 53 -19.45 47.53 -32.14
N PHE K 54 -19.69 46.34 -32.68
CA PHE K 54 -19.52 45.12 -31.91
C PHE K 54 -18.07 44.90 -31.52
N THR K 55 -17.14 45.18 -32.43
CA THR K 55 -15.72 45.04 -32.11
C THR K 55 -15.33 46.00 -30.99
N SER K 56 -15.80 47.25 -31.07
CA SER K 56 -15.52 48.20 -30.01
C SER K 56 -16.06 47.73 -28.68
N ASN K 57 -17.30 47.24 -28.67
CA ASN K 57 -17.89 46.76 -27.42
C ASN K 57 -17.13 45.57 -26.86
N ILE K 58 -16.70 44.64 -27.72
CA ILE K 58 -15.99 43.46 -27.25
C ILE K 58 -14.67 43.85 -26.61
N LYS K 59 -13.90 44.71 -27.27
CA LYS K 59 -12.62 45.14 -26.70
C LYS K 59 -12.83 45.88 -25.39
N GLY K 60 -13.81 46.77 -25.35
CA GLY K 60 -14.07 47.51 -24.12
C GLY K 60 -14.46 46.60 -22.97
N LEU K 61 -15.32 45.62 -23.23
CA LEU K 61 -15.75 44.72 -22.16
C LEU K 61 -14.61 43.85 -21.66
N THR K 62 -13.74 43.38 -22.58
CA THR K 62 -12.60 42.60 -22.12
C THR K 62 -11.68 43.43 -21.23
N GLN K 63 -11.39 44.66 -21.64
CA GLN K 63 -10.53 45.51 -20.82
C GLN K 63 -11.18 45.81 -19.48
N ALA K 64 -12.50 45.99 -19.48
CA ALA K 64 -13.21 46.25 -18.23
C ALA K 64 -13.13 45.05 -17.29
N ALA K 65 -13.22 43.83 -17.85
CA ALA K 65 -13.03 42.64 -17.03
C ALA K 65 -11.65 42.61 -16.38
N ARG K 66 -10.63 42.96 -17.15
CA ARG K 66 -9.28 43.04 -16.58
C ARG K 66 -9.22 44.06 -15.44
N ASN K 67 -9.85 45.22 -15.64
CA ASN K 67 -9.85 46.25 -14.60
C ASN K 67 -10.53 45.75 -13.34
N ALA K 68 -11.65 45.03 -13.49
CA ALA K 68 -12.34 44.48 -12.32
C ALA K 68 -11.47 43.47 -11.60
N ASN K 69 -10.71 42.66 -12.34
CA ASN K 69 -9.78 41.75 -11.69
C ASN K 69 -8.76 42.50 -10.85
N ASP K 70 -8.24 43.60 -11.38
CA ASP K 70 -7.30 44.41 -10.60
C ASP K 70 -7.96 44.93 -9.33
N GLY K 71 -9.21 45.37 -9.43
CA GLY K 71 -9.93 45.81 -8.24
C GLY K 71 -10.07 44.72 -7.20
N ILE K 72 -10.34 43.49 -7.65
CA ILE K 72 -10.42 42.36 -6.73
C ILE K 72 -9.10 42.18 -6.00
N SER K 73 -7.99 42.33 -6.74
CA SER K 73 -6.68 42.21 -6.11
C SER K 73 -6.48 43.27 -5.03
N VAL K 74 -6.88 44.51 -5.32
CA VAL K 74 -6.78 45.57 -4.32
C VAL K 74 -7.55 45.20 -3.06
N ALA K 75 -8.78 44.70 -3.25
CA ALA K 75 -9.61 44.33 -2.10
C ALA K 75 -8.94 43.23 -1.28
N GLN K 76 -8.37 42.23 -1.95
CA GLN K 76 -7.72 41.14 -1.23
C GLN K 76 -6.57 41.66 -0.37
N THR K 77 -5.72 42.51 -0.94
CA THR K 77 -4.58 43.00 -0.19
C THR K 77 -5.03 43.79 1.03
N THR K 78 -5.99 44.71 0.83
CA THR K 78 -6.47 45.51 1.95
C THR K 78 -7.07 44.62 3.04
N GLU K 79 -7.81 43.59 2.64
CA GLU K 79 -8.45 42.73 3.62
C GLU K 79 -7.43 41.92 4.42
N GLY K 80 -6.34 41.48 3.78
CA GLY K 80 -5.29 40.81 4.53
C GLY K 80 -4.67 41.72 5.58
N ALA K 81 -4.39 42.96 5.20
CA ALA K 81 -3.85 43.91 6.18
C ALA K 81 -4.83 44.11 7.35
N LEU K 82 -6.12 44.25 7.04
CA LEU K 82 -7.12 44.40 8.08
C LEU K 82 -7.15 43.19 9.00
N SER K 83 -7.01 41.99 8.45
CA SER K 83 -7.02 40.79 9.28
C SER K 83 -5.87 40.79 10.27
N GLU K 84 -4.68 41.16 9.81
CA GLU K 84 -3.55 41.21 10.74
C GLU K 84 -3.77 42.25 11.84
N ILE K 85 -4.30 43.42 11.47
CA ILE K 85 -4.57 44.44 12.48
C ILE K 85 -5.59 43.91 13.50
N ASN K 86 -6.59 43.17 13.03
CA ASN K 86 -7.60 42.63 13.94
C ASN K 86 -6.98 41.63 14.92
N ASN K 87 -6.08 40.77 14.44
CA ASN K 87 -5.42 39.84 15.35
C ASN K 87 -4.64 40.59 16.42
N ASN K 88 -3.92 41.64 16.02
CA ASN K 88 -3.19 42.44 17.01
C ASN K 88 -4.14 43.05 18.04
N LEU K 89 -5.28 43.56 17.60
CA LEU K 89 -6.24 44.16 18.53
C LEU K 89 -6.78 43.13 19.51
N GLN K 90 -7.05 41.91 19.04
CA GLN K 90 -7.52 40.86 19.95
C GLN K 90 -6.47 40.57 21.01
N ARG K 91 -5.21 40.47 20.61
CA ARG K 91 -4.15 40.22 21.58
C ARG K 91 -4.07 41.35 22.61
N ILE K 92 -4.17 42.60 22.14
CA ILE K 92 -4.13 43.73 23.05
C ILE K 92 -5.27 43.67 24.05
N ARG K 93 -6.46 43.29 23.59
CA ARG K 93 -7.59 43.18 24.51
C ARG K 93 -7.33 42.11 25.57
N GLU K 94 -6.77 40.98 25.18
CA GLU K 94 -6.48 39.94 26.16
C GLU K 94 -5.47 40.45 27.20
N LEU K 95 -4.46 41.17 26.73
CA LEU K 95 -3.49 41.75 27.67
C LEU K 95 -4.16 42.72 28.63
N THR K 96 -5.08 43.55 28.12
CA THR K 96 -5.78 44.48 29.00
C THR K 96 -6.60 43.75 30.05
N VAL K 97 -7.27 42.67 29.65
CA VAL K 97 -8.05 41.88 30.59
C VAL K 97 -7.15 41.31 31.68
N GLN K 98 -5.96 40.87 31.30
CA GLN K 98 -5.03 40.38 32.32
C GLN K 98 -4.52 41.50 33.21
N ALA K 99 -4.33 42.70 32.66
CA ALA K 99 -3.74 43.81 33.41
C ALA K 99 -4.70 44.42 34.41
N THR K 100 -6.00 44.42 34.12
CA THR K 100 -6.94 45.09 35.02
C THR K 100 -7.05 44.41 36.38
N THR K 101 -6.51 43.21 36.55
CA THR K 101 -6.58 42.52 37.83
C THR K 101 -5.83 43.31 38.91
N GLY K 102 -6.37 43.30 40.13
CA GLY K 102 -5.72 43.99 41.23
C GLY K 102 -4.57 43.24 41.86
N THR K 103 -4.34 41.98 41.45
CA THR K 103 -3.21 41.23 41.98
C THR K 103 -1.89 41.72 41.40
N ASN K 104 -1.90 42.14 40.13
CA ASN K 104 -0.67 42.55 39.47
C ASN K 104 -0.06 43.77 40.16
N SER K 105 1.26 43.78 40.23
CA SER K 105 1.99 44.85 40.88
C SER K 105 2.44 45.88 39.84
N ASP K 106 3.21 46.88 40.29
CA ASP K 106 3.60 47.98 39.41
C ASP K 106 4.50 47.50 38.28
N SER K 107 5.46 46.63 38.58
CA SER K 107 6.33 46.11 37.53
C SER K 107 5.55 45.29 36.52
N ASP K 108 4.59 44.49 37.00
CA ASP K 108 3.78 43.70 36.09
C ASP K 108 2.96 44.60 35.17
N LEU K 109 2.37 45.65 35.73
CA LEU K 109 1.62 46.60 34.90
C LEU K 109 2.54 47.28 33.90
N ASP K 110 3.76 47.63 34.30
CA ASP K 110 4.69 48.26 33.38
C ASP K 110 5.03 47.33 32.22
N SER K 111 5.29 46.06 32.51
CA SER K 111 5.61 45.10 31.46
C SER K 111 4.43 44.92 30.50
N ILE K 112 3.22 44.79 31.05
CA ILE K 112 2.05 44.62 30.20
C ILE K 112 1.84 45.85 29.32
N GLN K 113 2.04 47.05 29.89
CA GLN K 113 1.89 48.26 29.09
C GLN K 113 2.97 48.34 28.02
N ASP K 114 4.17 47.86 28.30
CA ASP K 114 5.20 47.82 27.27
C ASP K 114 4.77 46.93 26.11
N GLU K 115 4.22 45.76 26.41
CA GLU K 115 3.74 44.88 25.35
C GLU K 115 2.61 45.54 24.55
N ILE K 116 1.69 46.21 25.25
CA ILE K 116 0.59 46.88 24.58
C ILE K 116 1.11 47.97 23.65
N LYS K 117 2.08 48.75 24.12
CA LYS K 117 2.65 49.80 23.28
C LYS K 117 3.34 49.20 22.06
N SER K 118 4.03 48.08 22.23
CA SER K 118 4.66 47.43 21.09
C SER K 118 3.63 47.02 20.06
N ARG K 119 2.51 46.44 20.50
CA ARG K 119 1.51 45.99 19.53
C ARG K 119 0.78 47.16 18.88
N LEU K 120 0.57 48.25 19.62
CA LEU K 120 0.03 49.46 18.99
C LEU K 120 0.98 50.00 17.93
N ASP K 121 2.28 49.93 18.22
CA ASP K 121 3.27 50.35 17.24
C ASP K 121 3.19 49.49 15.98
N GLU K 122 2.98 48.18 16.15
CA GLU K 122 2.75 47.31 15.00
C GLU K 122 1.50 47.72 14.22
N ILE K 123 0.42 48.05 14.92
CA ILE K 123 -0.79 48.46 14.21
C ILE K 123 -0.51 49.69 13.35
N ASP K 124 0.13 50.70 13.95
CA ASP K 124 0.46 51.90 13.19
C ASP K 124 1.39 51.60 12.03
N ARG K 125 2.41 50.77 12.26
CA ARG K 125 3.39 50.47 11.23
C ARG K 125 2.73 49.77 10.04
N VAL K 126 1.95 48.73 10.32
CA VAL K 126 1.30 47.98 9.24
C VAL K 126 0.35 48.89 8.47
N SER K 127 -0.44 49.69 9.19
CA SER K 127 -1.38 50.58 8.53
C SER K 127 -0.66 51.57 7.63
N GLY K 128 0.43 52.18 8.13
CA GLY K 128 1.13 53.16 7.35
C GLY K 128 1.84 52.59 6.14
N GLN K 129 2.44 51.40 6.29
CA GLN K 129 3.32 50.87 5.26
C GLN K 129 2.65 49.89 4.31
N THR K 130 1.40 49.50 4.55
CA THR K 130 0.70 48.67 3.58
C THR K 130 0.49 49.45 2.30
N GLN K 131 0.93 48.88 1.18
CA GLN K 131 0.97 49.60 -0.09
C GLN K 131 0.60 48.67 -1.23
N PHE K 132 -0.16 49.18 -2.19
CA PHE K 132 -0.50 48.47 -3.41
C PHE K 132 -0.29 49.40 -4.59
N ASN K 133 0.64 49.02 -5.48
CA ASN K 133 0.92 49.80 -6.69
C ASN K 133 1.25 51.25 -6.37
N GLY K 134 2.04 51.46 -5.32
CA GLY K 134 2.44 52.79 -4.95
C GLY K 134 1.38 53.61 -4.24
N VAL K 135 0.27 53.00 -3.84
CA VAL K 135 -0.81 53.69 -3.16
C VAL K 135 -0.94 53.14 -1.75
N ASN K 136 -0.91 54.02 -0.75
CA ASN K 136 -1.10 53.63 0.63
C ASN K 136 -2.59 53.49 0.88
N VAL K 137 -3.09 52.25 0.83
CA VAL K 137 -4.52 52.02 0.90
C VAL K 137 -5.08 52.40 2.27
N LEU K 138 -4.29 52.19 3.33
CA LEU K 138 -4.76 52.41 4.69
C LEU K 138 -4.35 53.75 5.28
N ALA K 139 -3.78 54.65 4.47
CA ALA K 139 -3.35 55.94 4.97
C ALA K 139 -4.25 57.09 4.55
N LYS K 140 -5.20 56.85 3.63
CA LYS K 140 -6.07 57.90 3.13
C LYS K 140 -7.53 57.52 3.38
N ASP K 141 -8.41 58.50 3.20
CA ASP K 141 -9.83 58.33 3.43
C ASP K 141 -10.63 58.47 2.14
N GLY K 142 -10.02 58.22 0.99
CA GLY K 142 -10.63 58.45 -0.30
C GLY K 142 -11.38 57.24 -0.84
N SER K 143 -11.54 57.23 -2.15
CA SER K 143 -12.20 56.13 -2.83
C SER K 143 -11.57 55.95 -4.21
N MET K 144 -11.65 54.71 -4.70
CA MET K 144 -11.11 54.34 -6.00
C MET K 144 -12.25 53.97 -6.93
N LYS K 145 -12.25 54.54 -8.12
CA LYS K 145 -13.28 54.28 -9.12
C LYS K 145 -12.73 53.30 -10.15
N ILE K 146 -13.44 52.21 -10.36
CA ILE K 146 -13.01 51.13 -11.24
C ILE K 146 -13.94 51.09 -12.44
N GLN K 147 -13.36 51.17 -13.64
CA GLN K 147 -14.13 51.09 -14.86
C GLN K 147 -14.59 49.65 -15.07
N VAL K 148 -15.90 49.45 -15.15
CA VAL K 148 -16.47 48.12 -15.30
C VAL K 148 -17.24 47.96 -16.60
N GLY K 149 -17.76 49.03 -17.19
CA GLY K 149 -18.41 48.97 -18.47
C GLY K 149 -17.54 49.51 -19.60
N ALA K 150 -18.14 49.56 -20.78
CA ALA K 150 -17.47 50.12 -21.96
C ALA K 150 -17.85 51.56 -22.23
N ASN K 151 -18.77 52.13 -21.48
CA ASN K 151 -19.24 53.49 -21.70
C ASN K 151 -18.86 54.39 -20.53
N ASP K 152 -19.22 55.67 -20.64
CA ASP K 152 -18.86 56.65 -19.62
C ASP K 152 -19.65 56.43 -18.34
N GLY K 153 -18.98 56.66 -17.21
CA GLY K 153 -19.65 56.65 -15.92
C GLY K 153 -20.07 55.29 -15.42
N GLU K 154 -19.66 54.22 -16.09
CA GLU K 154 -20.07 52.87 -15.72
C GLU K 154 -19.00 52.28 -14.81
N THR K 155 -18.95 52.81 -13.59
CA THR K 155 -17.87 52.51 -12.66
C THR K 155 -18.42 51.97 -11.34
N ILE K 156 -17.52 51.38 -10.57
CA ILE K 156 -17.80 50.89 -9.23
C ILE K 156 -16.80 51.54 -8.27
N THR K 157 -17.30 52.02 -7.13
CA THR K 157 -16.47 52.77 -6.20
C THR K 157 -16.13 51.91 -4.99
N ILE K 158 -14.84 51.86 -4.65
CA ILE K 158 -14.36 51.22 -3.44
C ILE K 158 -13.96 52.32 -2.47
N ASP K 159 -14.60 52.36 -1.31
CA ASP K 159 -14.27 53.34 -0.28
C ASP K 159 -13.16 52.80 0.61
N LEU K 160 -12.20 53.66 0.95
CA LEU K 160 -11.13 53.29 1.86
C LEU K 160 -11.22 54.13 3.12
N LYS K 161 -10.64 53.62 4.19
CA LYS K 161 -10.69 54.29 5.49
C LYS K 161 -9.27 54.47 6.00
N LYS K 162 -9.03 55.60 6.65
CA LYS K 162 -7.76 55.84 7.33
C LYS K 162 -7.83 55.12 8.67
N ILE K 163 -7.09 54.03 8.80
CA ILE K 163 -7.07 53.24 10.02
C ILE K 163 -5.67 53.33 10.62
N ASP K 164 -5.60 53.76 11.87
CA ASP K 164 -4.37 53.82 12.64
C ASP K 164 -4.78 53.99 14.10
N SER K 165 -3.83 54.36 14.95
CA SER K 165 -4.17 54.65 16.33
C SER K 165 -5.14 55.82 16.42
N ASP K 166 -4.88 56.88 15.66
CA ASP K 166 -5.64 58.12 15.83
C ASP K 166 -7.12 57.92 15.57
N THR K 167 -7.48 57.19 14.52
CA THR K 167 -8.88 57.02 14.16
C THR K 167 -9.59 55.98 15.01
N LEU K 168 -8.87 55.25 15.86
CA LEU K 168 -9.48 54.32 16.80
C LEU K 168 -9.30 54.77 18.24
N GLY K 169 -8.74 55.96 18.46
CA GLY K 169 -8.50 56.39 19.82
C GLY K 169 -7.23 55.75 20.34
N LEU K 170 -7.31 55.17 21.54
CA LEU K 170 -6.24 54.33 22.05
C LEU K 170 -4.90 55.05 22.16
N ASN K 171 -4.89 56.36 21.93
CA ASN K 171 -3.64 57.10 21.88
C ASN K 171 -2.87 56.97 23.19
N GLY K 172 -3.43 57.48 24.27
CA GLY K 172 -2.87 57.27 25.58
C GLY K 172 -3.54 56.11 26.27
N PHE K 173 -3.27 54.88 25.81
CA PHE K 173 -3.96 53.72 26.39
C PHE K 173 -3.65 53.58 27.87
N ASN K 174 -2.39 53.77 28.25
CA ASN K 174 -2.04 54.10 29.63
C ASN K 174 -2.54 53.08 30.64
N VAL K 175 -2.31 51.79 30.35
CA VAL K 175 -2.77 50.76 31.28
C VAL K 175 -2.10 50.93 32.65
N ASN K 176 -0.80 51.23 32.66
CA ASN K 176 -0.08 51.47 33.89
C ASN K 176 -0.15 52.92 34.35
N GLY K 177 -0.69 53.82 33.53
CA GLY K 177 -0.83 55.21 33.93
C GLY K 177 0.32 56.12 33.59
N LYS K 178 1.17 55.76 32.64
CA LYS K 178 2.30 56.58 32.23
C LYS K 178 2.31 56.72 30.72
N GLY K 179 2.04 57.92 30.23
CA GLY K 179 1.97 58.12 28.79
C GLY K 179 1.85 59.60 28.47
N THR K 180 1.65 59.87 27.17
CA THR K 180 1.60 61.22 26.65
C THR K 180 0.23 61.51 26.06
N ILE K 181 -0.06 62.81 25.87
CA ILE K 181 -1.36 63.23 25.39
C ILE K 181 -1.23 64.10 24.14
N THR K 182 -0.09 64.79 23.99
CA THR K 182 0.11 65.77 22.93
C THR K 182 -1.06 66.77 22.90
N ASN K 183 -1.14 67.52 24.00
CA ASN K 183 -2.36 68.21 24.41
C ASN K 183 -3.13 68.97 23.32
N LYS K 184 -2.56 70.03 22.75
CA LYS K 184 -3.32 70.89 21.84
C LYS K 184 -2.38 72.00 21.35
N ALA K 185 -2.87 72.76 20.37
CA ALA K 185 -2.23 73.99 19.91
C ALA K 185 -3.14 75.17 20.21
N ALA K 186 -2.58 76.24 20.78
CA ALA K 186 -3.36 77.35 21.26
C ALA K 186 -3.94 78.16 20.09
N THR K 187 -4.85 79.08 20.43
CA THR K 187 -5.47 79.96 19.45
C THR K 187 -5.77 81.31 20.10
N VAL K 188 -6.22 82.25 19.27
CA VAL K 188 -6.48 83.61 19.74
C VAL K 188 -7.63 83.61 20.74
N SER K 189 -8.63 82.75 20.54
CA SER K 189 -9.71 82.64 21.52
C SER K 189 -9.18 82.17 22.86
N ASP K 190 -8.27 81.19 22.85
CA ASP K 190 -7.65 80.74 24.08
C ASP K 190 -6.86 81.85 24.75
N LEU K 191 -6.13 82.65 23.96
CA LEU K 191 -5.39 83.77 24.52
C LEU K 191 -6.33 84.78 25.17
N THR K 192 -7.43 85.11 24.49
CA THR K 192 -8.39 86.05 25.05
C THR K 192 -9.01 85.52 26.33
N SER K 193 -9.34 84.22 26.36
CA SER K 193 -9.87 83.62 27.58
C SER K 193 -8.85 83.69 28.71
N ALA K 194 -7.58 83.42 28.40
CA ALA K 194 -6.53 83.55 29.40
C ALA K 194 -6.30 84.99 29.84
N GLY K 195 -6.74 85.95 29.04
CA GLY K 195 -6.68 87.35 29.44
C GLY K 195 -5.65 88.19 28.72
N ALA K 196 -5.03 87.69 27.67
CA ALA K 196 -4.05 88.48 26.93
C ALA K 196 -4.74 89.67 26.25
N LYS K 197 -4.02 90.79 26.20
CA LYS K 197 -4.53 92.02 25.63
C LYS K 197 -3.87 92.28 24.29
N LEU K 198 -4.66 92.73 23.32
CA LEU K 198 -4.12 93.13 22.04
C LEU K 198 -3.43 94.48 22.15
N ASN K 199 -2.19 94.55 21.66
CA ASN K 199 -1.43 95.79 21.65
C ASN K 199 -1.69 96.49 20.31
N THR K 200 -2.40 97.62 20.36
CA THR K 200 -2.84 98.28 19.13
C THR K 200 -1.66 98.78 18.31
N THR K 201 -0.62 99.31 18.97
CA THR K 201 0.48 99.91 18.22
C THR K 201 1.32 98.87 17.51
N THR K 202 1.42 97.65 18.07
CA THR K 202 2.28 96.62 17.49
C THR K 202 1.51 95.45 16.90
N GLY K 203 0.26 95.23 17.30
CA GLY K 203 -0.52 94.14 16.78
C GLY K 203 -0.33 92.81 17.48
N LEU K 204 0.59 92.72 18.43
CA LEU K 204 0.83 91.48 19.15
C LEU K 204 -0.19 91.28 20.25
N TYR K 205 -0.15 90.10 20.86
CA TYR K 205 -0.95 89.79 22.03
C TYR K 205 -0.02 89.68 23.23
N ASP K 206 -0.22 90.53 24.23
CA ASP K 206 0.62 90.57 25.42
C ASP K 206 -0.13 89.96 26.58
N LEU K 207 0.51 88.99 27.25
CA LEU K 207 -0.06 88.34 28.42
C LEU K 207 0.74 88.78 29.63
N LYS K 208 0.06 89.33 30.63
CA LYS K 208 0.68 89.83 31.84
C LYS K 208 0.23 88.98 33.03
N THR K 209 1.20 88.50 33.79
CA THR K 209 0.94 87.71 34.98
C THR K 209 1.46 88.46 36.21
N GLU K 210 0.60 88.64 37.20
CA GLU K 210 0.96 89.36 38.40
C GLU K 210 1.65 88.43 39.40
N ASN K 211 2.38 89.03 40.34
CA ASN K 211 3.16 88.31 41.32
C ASN K 211 2.83 88.86 42.70
N THR K 212 2.48 87.97 43.63
CA THR K 212 2.06 88.39 44.96
C THR K 212 3.26 88.73 45.82
N LEU K 213 3.17 89.84 46.53
CA LEU K 213 4.24 90.26 47.42
C LEU K 213 4.45 89.24 48.54
N LEU K 214 5.68 89.17 49.03
CA LEU K 214 6.00 88.21 50.08
C LEU K 214 5.17 88.47 51.33
N THR K 215 4.63 87.40 51.89
CA THR K 215 3.80 87.47 53.09
C THR K 215 4.51 86.79 54.26
N THR K 216 4.02 87.09 55.45
CA THR K 216 4.63 86.54 56.66
C THR K 216 4.49 85.03 56.70
N ASP K 217 3.36 84.49 56.24
CA ASP K 217 3.15 83.05 56.25
C ASP K 217 4.16 82.36 55.33
N ALA K 218 4.35 82.88 54.12
CA ALA K 218 5.32 82.29 53.21
C ALA K 218 6.74 82.42 53.76
N ALA K 219 7.06 83.56 54.35
CA ALA K 219 8.39 83.74 54.95
C ALA K 219 8.62 82.73 56.06
N PHE K 220 7.62 82.50 56.90
CA PHE K 220 7.76 81.53 57.98
C PHE K 220 7.88 80.11 57.44
N ASP K 221 7.15 79.80 56.37
CA ASP K 221 7.29 78.50 55.74
C ASP K 221 8.71 78.30 55.21
N LYS K 222 9.28 79.34 54.62
CA LYS K 222 10.63 79.25 54.09
C LYS K 222 11.71 79.46 55.16
N LEU K 223 11.32 79.75 56.40
CA LEU K 223 12.30 79.93 57.46
C LEU K 223 13.14 78.67 57.64
N GLY K 224 14.44 78.87 57.86
CA GLY K 224 15.36 77.76 58.06
C GLY K 224 16.11 77.89 59.38
N ASN K 225 16.97 76.92 59.63
CA ASN K 225 17.74 76.89 60.85
C ASN K 225 18.71 78.07 60.91
N GLY K 226 18.77 78.72 62.07
CA GLY K 226 19.63 79.87 62.25
C GLY K 226 19.08 81.18 61.75
N ASP K 227 17.84 81.22 61.28
CA ASP K 227 17.26 82.46 60.78
C ASP K 227 16.97 83.42 61.93
N LYS K 228 17.09 84.71 61.65
CA LYS K 228 16.94 85.76 62.64
C LYS K 228 15.77 86.66 62.28
N VAL K 229 14.88 86.88 63.23
CA VAL K 229 13.70 87.72 63.05
C VAL K 229 13.75 88.86 64.03
N THR K 230 13.65 90.09 63.53
CA THR K 230 13.72 91.30 64.35
C THR K 230 12.39 92.02 64.27
N VAL K 231 11.59 91.93 65.32
CA VAL K 231 10.33 92.66 65.43
C VAL K 231 10.31 93.38 66.77
N GLY K 232 9.94 94.66 66.75
CA GLY K 232 9.90 95.43 67.97
C GLY K 232 11.25 95.65 68.62
N GLY K 233 12.33 95.51 67.86
CA GLY K 233 13.66 95.73 68.37
C GLY K 233 14.28 94.56 69.11
N VAL K 234 13.62 93.41 69.15
CA VAL K 234 14.13 92.23 69.85
C VAL K 234 14.37 91.14 68.83
N ASP K 235 15.49 90.42 68.97
CA ASP K 235 15.92 89.44 67.98
C ASP K 235 15.53 88.03 68.44
N TYR K 236 14.94 87.26 67.53
CA TYR K 236 14.53 85.90 67.78
C TYR K 236 15.27 85.00 66.79
N THR K 237 15.72 83.82 67.26
CA THR K 237 16.43 82.88 66.41
C THR K 237 15.58 81.64 66.22
N TYR K 238 15.31 81.28 64.96
CA TYR K 238 14.51 80.12 64.66
C TYR K 238 15.27 78.84 65.00
N ASN K 239 14.55 77.88 65.58
CA ASN K 239 15.10 76.56 65.87
C ASN K 239 14.22 75.53 65.18
N ALA K 240 14.80 74.79 64.23
CA ALA K 240 14.08 73.78 63.48
C ALA K 240 13.93 72.48 64.28
N LYS K 241 14.87 72.18 65.17
CA LYS K 241 14.77 70.96 65.97
C LYS K 241 13.52 70.98 66.82
N SER K 242 13.25 72.11 67.49
CA SER K 242 12.01 72.29 68.23
C SER K 242 11.01 73.18 67.50
N GLY K 243 11.41 73.81 66.40
CA GLY K 243 10.51 74.62 65.62
C GLY K 243 9.92 75.81 66.36
N ASP K 244 10.77 76.59 67.02
CA ASP K 244 10.29 77.72 67.81
C ASP K 244 11.42 78.74 67.91
N PHE K 245 11.07 79.95 68.36
CA PHE K 245 12.07 81.02 68.42
C PHE K 245 12.71 81.06 69.81
N THR K 246 14.03 81.09 69.83
CA THR K 246 14.79 81.29 71.06
C THR K 246 15.25 82.73 71.15
N THR K 247 15.22 83.26 72.37
CA THR K 247 15.54 84.66 72.64
C THR K 247 16.54 84.73 73.78
N THR K 248 17.31 85.81 73.81
CA THR K 248 18.17 86.13 74.94
C THR K 248 17.65 87.39 75.60
N LYS K 249 17.13 87.26 76.82
CA LYS K 249 16.53 88.39 77.53
C LYS K 249 17.38 88.76 78.73
N SER K 250 17.86 90.00 78.75
CA SER K 250 18.49 90.54 79.95
C SER K 250 17.43 90.94 80.97
N THR K 251 17.85 91.06 82.22
CA THR K 251 16.94 91.47 83.28
C THR K 251 16.34 92.83 82.99
N ALA K 252 17.17 93.87 83.02
CA ALA K 252 16.72 95.25 82.85
C ALA K 252 17.96 96.14 82.73
N GLY K 253 17.73 97.44 82.78
CA GLY K 253 18.80 98.41 82.71
C GLY K 253 18.72 99.27 81.46
N THR K 254 18.20 100.48 81.62
CA THR K 254 18.08 101.45 80.54
C THR K 254 18.71 102.79 80.86
N GLY K 255 18.63 103.24 82.10
CA GLY K 255 19.26 104.49 82.48
C GLY K 255 20.78 104.37 82.48
N VAL K 256 21.44 105.53 82.32
CA VAL K 256 22.89 105.56 82.24
C VAL K 256 23.55 105.90 83.56
N ASP K 257 22.79 106.31 84.57
CA ASP K 257 23.34 106.67 85.87
C ASP K 257 22.61 105.89 86.96
N ALA K 258 23.17 105.95 88.18
CA ALA K 258 22.59 105.23 89.30
C ALA K 258 21.19 105.74 89.63
N ALA K 259 21.00 107.06 89.61
CA ALA K 259 19.69 107.66 89.88
C ALA K 259 18.86 107.66 88.60
N ALA K 260 18.45 106.46 88.20
CA ALA K 260 17.65 106.28 87.00
C ALA K 260 16.66 105.14 87.23
N GLN K 261 15.83 104.88 86.22
CA GLN K 261 14.86 103.81 86.29
C GLN K 261 15.47 102.43 86.11
N ALA K 262 16.76 102.36 85.79
CA ALA K 262 17.39 101.06 85.55
C ALA K 262 17.37 100.19 86.80
N ALA K 263 17.68 100.77 87.96
CA ALA K 263 17.67 99.98 89.20
C ALA K 263 16.27 99.50 89.54
N ASP K 264 15.28 100.38 89.38
CA ASP K 264 13.90 99.99 89.65
C ASP K 264 13.44 98.88 88.72
N SER K 265 13.78 98.99 87.43
CA SER K 265 13.41 97.95 86.48
C SER K 265 14.10 96.64 86.80
N ALA K 266 15.38 96.69 87.20
CA ALA K 266 16.07 95.48 87.58
C ALA K 266 15.43 94.83 88.79
N SER K 267 15.06 95.63 89.79
CA SER K 267 14.43 95.08 90.98
C SER K 267 13.09 94.43 90.65
N LYS K 268 12.26 95.12 89.86
CA LYS K 268 10.95 94.57 89.54
C LYS K 268 11.06 93.34 88.66
N ARG K 269 12.04 93.30 87.75
CA ARG K 269 12.23 92.11 86.93
C ARG K 269 12.73 90.94 87.75
N ASP K 270 13.61 91.20 88.72
CA ASP K 270 14.03 90.14 89.63
C ASP K 270 12.85 89.60 90.42
N ALA K 271 11.98 90.50 90.90
CA ALA K 271 10.80 90.06 91.63
C ALA K 271 9.88 89.24 90.73
N LEU K 272 9.70 89.68 89.48
CA LEU K 272 8.85 88.94 88.55
C LEU K 272 9.41 87.55 88.27
N ALA K 273 10.72 87.45 88.08
CA ALA K 273 11.35 86.14 87.87
C ALA K 273 11.19 85.25 89.09
N ALA K 274 11.33 85.82 90.29
CA ALA K 274 11.13 85.05 91.51
C ALA K 274 9.70 84.53 91.61
N THR K 275 8.73 85.38 91.29
CA THR K 275 7.33 84.94 91.30
C THR K 275 7.09 83.85 90.27
N LEU K 276 7.67 83.97 89.09
CA LEU K 276 7.53 82.93 88.08
C LEU K 276 8.18 81.63 88.51
N HIS K 277 9.22 81.72 89.34
CA HIS K 277 9.95 80.55 89.82
C HIS K 277 9.25 79.87 91.01
N ALA K 278 7.99 80.22 91.28
CA ALA K 278 7.29 79.71 92.46
C ALA K 278 7.12 78.20 92.39
N ASP K 279 6.35 77.71 91.42
CA ASP K 279 6.02 76.30 91.28
C ASP K 279 5.49 75.73 92.60
N VAL K 280 4.33 76.25 93.00
CA VAL K 280 3.73 75.86 94.28
C VAL K 280 3.33 74.38 94.26
N GLY K 281 2.80 73.90 93.13
CA GLY K 281 2.24 72.56 93.09
C GLY K 281 3.27 71.48 93.38
N LYS K 282 4.43 71.55 92.73
CA LYS K 282 5.45 70.53 92.85
C LYS K 282 6.82 71.16 93.00
N SER K 283 7.73 70.43 93.64
CA SER K 283 9.08 70.89 93.87
C SER K 283 9.94 70.70 92.63
N VAL K 284 11.00 71.50 92.54
CA VAL K 284 11.96 71.42 91.44
C VAL K 284 13.38 71.53 91.97
N ASN K 285 14.29 70.87 91.26
CA ASN K 285 15.70 70.80 91.63
C ASN K 285 16.55 71.60 90.64
N GLY K 286 17.60 72.24 91.15
CA GLY K 286 18.55 72.97 90.36
C GLY K 286 19.91 73.04 91.02
N SER K 287 20.76 73.94 90.53
CA SER K 287 22.10 74.12 91.07
C SER K 287 22.49 75.58 91.02
N TYR K 288 23.14 76.05 92.08
CA TYR K 288 23.64 77.42 92.20
C TYR K 288 25.16 77.37 92.24
N THR K 289 25.81 78.02 91.29
CA THR K 289 27.26 77.95 91.16
C THR K 289 27.85 79.34 91.26
N THR K 290 28.83 79.49 92.14
CA THR K 290 29.57 80.73 92.30
C THR K 290 30.75 80.74 91.33
N LYS K 291 31.69 81.67 91.53
CA LYS K 291 32.83 81.76 90.63
C LYS K 291 33.68 80.50 90.66
N ASP K 292 33.89 79.93 91.85
CA ASP K 292 34.73 78.75 91.99
C ASP K 292 34.06 77.60 92.74
N GLY K 293 32.78 77.74 93.11
CA GLY K 293 32.10 76.68 93.83
C GLY K 293 30.66 76.54 93.38
N THR K 294 30.12 75.36 93.65
CA THR K 294 28.75 75.03 93.26
C THR K 294 28.06 74.31 94.41
N VAL K 295 26.72 74.37 94.41
CA VAL K 295 25.91 73.75 95.44
C VAL K 295 24.59 73.31 94.82
N SER K 296 24.05 72.21 95.31
CA SER K 296 22.74 71.74 94.88
C SER K 296 21.66 72.69 95.35
N PHE K 297 20.45 72.47 94.85
CA PHE K 297 19.31 73.31 95.18
C PHE K 297 18.04 72.51 94.99
N GLU K 298 17.14 72.54 95.97
CA GLU K 298 15.87 71.81 95.88
C GLU K 298 14.78 72.68 96.50
N THR K 299 14.00 73.37 95.67
CA THR K 299 12.96 74.25 96.18
C THR K 299 11.60 73.59 96.01
N ASP K 300 10.70 73.87 96.95
CA ASP K 300 9.36 73.29 96.93
C ASP K 300 8.31 74.27 96.42
N SER K 301 8.20 75.43 97.06
CA SER K 301 7.18 76.41 96.68
C SER K 301 7.60 77.77 97.20
N ALA K 302 7.07 78.82 96.54
CA ALA K 302 7.32 80.21 96.93
C ALA K 302 8.80 80.55 96.94
N GLY K 303 9.60 79.81 96.17
CA GLY K 303 11.04 80.03 96.15
C GLY K 303 11.72 79.79 97.48
N ASN K 304 11.32 78.73 98.18
CA ASN K 304 11.92 78.39 99.46
C ASN K 304 13.14 77.50 99.24
N ILE K 305 14.28 77.91 99.78
CA ILE K 305 15.54 77.22 99.55
C ILE K 305 15.66 76.08 100.56
N THR K 306 15.82 74.86 100.06
CA THR K 306 16.01 73.69 100.91
C THR K 306 17.15 72.86 100.35
N ILE K 307 18.15 72.58 101.19
CA ILE K 307 19.33 71.80 100.79
C ILE K 307 19.38 70.57 101.67
N GLY K 308 19.20 69.40 101.06
CA GLY K 308 19.27 68.15 101.81
C GLY K 308 18.24 68.03 102.90
N GLY K 309 17.04 68.57 102.69
CA GLY K 309 16.00 68.52 103.69
C GLY K 309 16.09 69.57 104.77
N SER K 310 17.12 70.41 104.75
CA SER K 310 17.32 71.46 105.75
C SER K 310 17.37 72.80 105.04
N GLN K 311 16.64 73.78 105.56
CA GLN K 311 16.57 75.09 104.94
C GLN K 311 17.91 75.80 105.05
N ALA K 312 18.46 76.21 103.91
CA ALA K 312 19.72 76.94 103.87
C ALA K 312 19.45 78.43 103.80
N TYR K 313 20.53 79.21 103.83
CA TYR K 313 20.44 80.66 103.87
C TYR K 313 21.51 81.24 102.96
N VAL K 314 21.28 82.48 102.54
CA VAL K 314 22.17 83.20 101.63
C VAL K 314 22.89 84.29 102.39
N ASP K 315 24.18 84.44 102.12
CA ASP K 315 25.01 85.44 102.77
C ASP K 315 24.94 86.76 102.01
N ASP K 316 25.75 87.72 102.46
CA ASP K 316 25.81 89.01 101.79
C ASP K 316 26.37 88.88 100.37
N ALA K 317 27.39 88.04 100.20
CA ALA K 317 28.03 87.83 98.91
C ALA K 317 27.36 86.74 98.09
N GLY K 318 26.16 86.32 98.47
CA GLY K 318 25.42 85.33 97.72
C GLY K 318 25.79 83.88 98.00
N ASN K 319 26.75 83.63 98.88
CA ASN K 319 27.13 82.27 99.20
C ASN K 319 26.01 81.57 99.96
N LEU K 320 25.79 80.30 99.65
CA LEU K 320 24.73 79.51 100.26
C LEU K 320 25.33 78.63 101.36
N THR K 321 24.81 78.79 102.58
CA THR K 321 25.30 78.01 103.72
C THR K 321 24.12 77.51 104.54
N THR K 322 24.30 76.34 105.15
CA THR K 322 23.25 75.75 105.97
C THR K 322 23.07 76.48 107.30
N ASN K 323 24.11 77.12 107.81
CA ASN K 323 24.07 77.77 109.11
C ASN K 323 23.75 79.25 108.97
N ASN K 324 23.64 79.93 110.11
CA ASN K 324 23.31 81.34 110.17
C ASN K 324 24.45 82.12 110.80
N ALA K 325 24.87 83.20 110.15
CA ALA K 325 25.91 84.08 110.65
C ALA K 325 25.25 85.42 110.99
N GLY K 326 25.12 85.69 112.29
CA GLY K 326 24.47 86.91 112.74
C GLY K 326 23.01 86.99 112.35
N SER K 327 22.31 85.86 112.29
CA SER K 327 20.88 85.80 111.94
C SER K 327 20.63 86.38 110.55
N ALA K 328 21.62 86.31 109.67
CA ALA K 328 21.47 86.77 108.29
C ALA K 328 20.93 85.63 107.43
N ALA K 329 19.69 85.24 107.74
CA ALA K 329 19.09 84.07 107.09
C ALA K 329 18.52 84.43 105.72
N LYS K 330 17.49 85.28 105.70
CA LYS K 330 16.79 85.73 104.49
C LYS K 330 16.68 84.61 103.45
N ALA K 331 16.15 83.47 103.90
CA ALA K 331 16.05 82.26 103.07
C ALA K 331 14.83 82.39 102.15
N ASP K 332 15.03 83.09 101.03
CA ASP K 332 13.97 83.28 100.06
C ASP K 332 14.59 83.48 98.68
N MET K 333 13.79 83.17 97.65
CA MET K 333 14.27 83.32 96.28
C MET K 333 14.57 84.78 95.94
N LYS K 334 13.69 85.70 96.36
CA LYS K 334 13.92 87.11 96.09
C LYS K 334 15.20 87.59 96.74
N ALA K 335 15.42 87.22 98.00
CA ALA K 335 16.64 87.62 98.69
C ALA K 335 17.88 87.01 98.04
N LEU K 336 17.79 85.74 97.65
CA LEU K 336 18.92 85.09 96.98
C LEU K 336 19.26 85.78 95.67
N LEU K 337 18.24 86.09 94.87
CA LEU K 337 18.48 86.75 93.59
C LEU K 337 19.05 88.14 93.79
N LYS K 338 18.53 88.89 94.77
CA LYS K 338 19.05 90.22 95.02
C LYS K 338 20.49 90.18 95.51
N ALA K 339 20.81 89.23 96.39
CA ALA K 339 22.18 89.08 96.87
C ALA K 339 23.12 88.70 95.74
N ALA K 340 22.68 87.81 94.84
CA ALA K 340 23.50 87.46 93.69
C ALA K 340 23.72 88.66 92.78
N SER K 341 22.66 89.45 92.56
CA SER K 341 22.79 90.62 91.70
C SER K 341 23.75 91.65 92.30
N GLU K 342 23.65 91.87 93.61
CA GLU K 342 24.51 92.85 94.28
C GLU K 342 25.88 92.29 94.64
N GLY K 343 26.11 90.99 94.42
CA GLY K 343 27.38 90.41 94.78
C GLY K 343 28.51 90.90 93.90
N SER K 344 29.72 90.84 94.45
CA SER K 344 30.90 91.28 93.71
C SER K 344 31.16 90.38 92.50
N ASP K 345 30.89 89.08 92.64
CA ASP K 345 31.15 88.12 91.59
C ASP K 345 29.83 87.54 91.09
N GLY K 346 29.77 87.27 89.78
CA GLY K 346 28.58 86.72 89.19
C GLY K 346 28.39 85.25 89.52
N ALA K 347 27.22 84.74 89.16
CA ALA K 347 26.83 83.37 89.47
C ALA K 347 26.09 82.75 88.29
N SER K 348 25.88 81.44 88.37
CA SER K 348 25.13 80.70 87.37
C SER K 348 24.09 79.81 88.04
N LEU K 349 22.86 79.84 87.55
CA LEU K 349 21.78 79.04 88.07
C LEU K 349 21.29 78.08 86.99
N THR K 350 21.22 76.79 87.33
CA THR K 350 20.70 75.79 86.41
C THR K 350 19.41 75.24 87.00
N PHE K 351 18.31 75.36 86.25
CA PHE K 351 17.03 74.79 86.66
C PHE K 351 16.53 73.79 85.64
N ASN K 352 15.28 73.36 85.79
CA ASN K 352 14.68 72.44 84.83
C ASN K 352 14.69 73.03 83.43
N GLY K 353 14.43 74.33 83.32
CA GLY K 353 14.41 74.99 82.03
C GLY K 353 15.77 75.52 81.61
N THR K 354 15.82 76.80 81.22
CA THR K 354 17.05 77.39 80.71
C THR K 354 17.97 77.78 81.86
N GLU K 355 19.24 78.00 81.50
CA GLU K 355 20.27 78.36 82.46
C GLU K 355 20.38 79.88 82.56
N TYR K 356 20.38 80.40 83.79
CA TYR K 356 20.43 81.82 84.03
C TYR K 356 21.84 82.21 84.44
N THR K 357 22.33 83.34 83.93
CA THR K 357 23.65 83.82 84.30
C THR K 357 23.52 85.21 84.92
N ILE K 358 23.92 85.34 86.18
CA ILE K 358 23.90 86.62 86.87
C ILE K 358 25.27 87.24 86.70
N ALA K 359 25.33 88.35 85.98
CA ALA K 359 26.59 88.99 85.64
C ALA K 359 27.20 89.70 86.84
N LYS K 360 28.50 89.95 86.74
CA LYS K 360 29.24 90.64 87.79
C LYS K 360 28.71 92.05 88.04
N GLY K 376 22.19 92.15 86.89
CA GLY K 376 21.61 91.70 85.63
C GLY K 376 21.70 90.19 85.44
N ILE K 377 20.63 89.61 84.90
CA ILE K 377 20.57 88.19 84.61
C ILE K 377 20.31 88.04 83.12
N THR K 378 21.17 87.30 82.43
CA THR K 378 21.01 86.95 81.03
C THR K 378 20.53 85.51 80.95
N TYR K 379 19.49 85.26 80.16
CA TYR K 379 18.94 83.92 80.05
C TYR K 379 18.23 83.73 78.72
N GLN K 380 18.19 82.48 78.28
CA GLN K 380 17.45 82.11 77.09
C GLN K 380 15.98 81.91 77.42
N ALA K 381 15.13 82.13 76.42
CA ALA K 381 13.69 81.95 76.56
C ALA K 381 13.13 81.42 75.25
N THR K 382 11.98 80.75 75.35
CA THR K 382 11.33 80.12 74.22
C THR K 382 10.01 80.83 73.93
N VAL K 383 9.79 81.18 72.66
CA VAL K 383 8.54 81.78 72.23
C VAL K 383 8.03 81.02 71.00
N SER K 384 6.71 80.97 70.87
CA SER K 384 6.08 80.22 69.80
C SER K 384 6.14 80.99 68.48
N LYS K 385 6.35 80.25 67.39
CA LYS K 385 6.32 80.85 66.07
C LYS K 385 4.96 81.47 65.77
N ASP K 386 3.88 80.85 66.24
CA ASP K 386 2.56 81.44 66.06
C ASP K 386 2.43 82.76 66.79
N VAL K 387 2.95 82.81 68.03
CA VAL K 387 2.87 84.05 68.80
C VAL K 387 3.65 85.15 68.10
N VAL K 388 4.85 84.84 67.63
CA VAL K 388 5.68 85.85 66.97
C VAL K 388 5.04 86.28 65.66
N LEU K 389 4.44 85.34 64.93
CA LEU K 389 3.75 85.69 63.69
C LEU K 389 2.59 86.63 63.95
N SER K 390 1.81 86.35 65.01
CA SER K 390 0.69 87.22 65.35
C SER K 390 1.17 88.60 65.75
N GLU K 391 2.25 88.68 66.52
CA GLU K 391 2.77 89.99 66.91
C GLU K 391 3.29 90.76 65.70
N THR K 392 3.92 90.06 64.75
CA THR K 392 4.41 90.73 63.55
C THR K 392 3.27 91.25 62.69
N LYS K 393 2.20 90.47 62.55
CA LYS K 393 1.09 90.85 61.68
C LYS K 393 0.01 91.65 62.42
N ALA K 394 0.21 91.95 63.69
CA ALA K 394 -0.81 92.67 64.45
C ALA K 394 -1.00 94.09 63.93
N ALA K 395 0.10 94.83 63.75
CA ALA K 395 0.02 96.23 63.34
C ALA K 395 1.19 96.51 62.40
N ALA K 396 1.41 97.80 62.12
CA ALA K 396 2.45 98.23 61.20
C ALA K 396 3.82 98.12 61.88
N ALA K 397 4.25 96.89 62.10
CA ALA K 397 5.53 96.62 62.72
C ALA K 397 6.66 96.70 61.70
N THR K 398 7.88 96.86 62.21
CA THR K 398 9.08 96.93 61.38
C THR K 398 9.83 95.61 61.36
N SER K 399 9.11 94.49 61.39
CA SER K 399 9.75 93.18 61.44
C SER K 399 10.59 92.92 60.21
N SER K 400 11.73 92.27 60.40
CA SER K 400 12.63 91.88 59.32
C SER K 400 13.08 90.45 59.54
N ILE K 401 13.18 89.70 58.45
CA ILE K 401 13.58 88.29 58.49
C ILE K 401 14.86 88.14 57.68
N THR K 402 15.86 87.48 58.26
CA THR K 402 17.12 87.22 57.58
C THR K 402 17.19 85.75 57.21
N PHE K 403 17.18 85.47 55.90
CA PHE K 403 17.34 84.11 55.41
C PHE K 403 18.83 83.83 55.25
N ASN K 404 19.31 82.82 55.96
CA ASN K 404 20.72 82.46 55.98
C ASN K 404 20.86 81.00 55.59
N SER K 405 21.67 80.73 54.57
CA SER K 405 21.99 79.38 54.15
C SER K 405 23.29 78.87 54.74
N GLY K 406 23.91 79.64 55.65
CA GLY K 406 25.20 79.33 56.18
C GLY K 406 26.36 79.89 55.37
N VAL K 407 26.11 80.27 54.12
CA VAL K 407 27.10 80.90 53.27
C VAL K 407 26.48 82.18 52.72
N LEU K 408 25.28 82.06 52.16
CA LEU K 408 24.56 83.14 51.52
C LEU K 408 23.47 83.64 52.43
N SER K 409 23.36 84.95 52.57
CA SER K 409 22.37 85.55 53.47
C SER K 409 21.72 86.75 52.81
N LYS K 410 20.43 86.93 53.08
CA LYS K 410 19.70 88.12 52.64
C LYS K 410 18.69 88.54 53.69
N THR K 411 18.60 89.84 53.96
CA THR K 411 17.66 90.39 54.92
C THR K 411 16.50 91.07 54.20
N ILE K 412 15.29 90.69 54.56
CA ILE K 412 14.07 91.24 53.96
C ILE K 412 13.29 91.95 55.06
N GLY K 413 13.01 93.23 54.85
CA GLY K 413 12.25 94.00 55.81
C GLY K 413 10.85 94.33 55.31
N PHE K 414 9.85 93.71 55.90
CA PHE K 414 8.46 93.86 55.46
C PHE K 414 7.59 94.30 56.63
N THR K 415 6.64 95.17 56.35
CA THR K 415 5.76 95.75 57.36
C THR K 415 4.37 95.14 57.23
N ALA K 416 3.97 94.35 58.22
CA ALA K 416 2.64 93.75 58.29
C ALA K 416 2.29 93.00 57.01
N GLY K 417 3.19 92.09 56.61
CA GLY K 417 2.97 91.33 55.40
C GLY K 417 3.85 91.74 54.24
N GLU K 418 3.28 92.51 53.31
CA GLU K 418 3.99 92.88 52.10
C GLU K 418 5.24 93.69 52.41
N SER K 419 6.27 93.49 51.58
CA SER K 419 7.53 94.21 51.77
C SER K 419 7.38 95.67 51.34
N SER K 420 7.87 96.57 52.19
CA SER K 420 7.82 98.00 51.93
C SER K 420 9.20 98.62 51.81
N ASP K 421 10.25 97.81 51.74
CA ASP K 421 11.63 98.29 51.67
C ASP K 421 12.12 98.47 50.25
N ALA K 422 11.22 98.74 49.31
CA ALA K 422 11.56 98.88 47.88
C ALA K 422 12.21 97.63 47.33
N ALA K 423 11.88 96.48 47.91
CA ALA K 423 12.43 95.19 47.51
C ALA K 423 11.35 94.38 46.79
N LYS K 424 11.72 93.79 45.67
CA LYS K 424 10.78 93.00 44.87
C LYS K 424 10.84 91.55 45.32
N SER K 425 10.10 91.26 46.39
CA SER K 425 9.98 89.90 46.92
C SER K 425 8.60 89.37 46.54
N TYR K 426 8.57 88.21 45.88
CA TYR K 426 7.32 87.66 45.39
C TYR K 426 7.39 86.14 45.42
N VAL K 427 6.21 85.52 45.34
CA VAL K 427 6.09 84.07 45.53
C VAL K 427 5.28 83.38 44.45
N ASP K 428 4.46 84.07 43.66
CA ASP K 428 3.46 83.39 42.84
C ASP K 428 4.03 82.49 41.76
N ASP K 429 5.29 82.68 41.36
CA ASP K 429 5.84 81.95 40.23
C ASP K 429 5.80 80.44 40.45
N LYS K 430 6.60 79.94 41.38
CA LYS K 430 6.56 78.53 41.75
C LYS K 430 6.71 78.34 43.26
N GLY K 431 6.41 79.37 44.04
CA GLY K 431 6.80 79.39 45.43
C GLY K 431 8.18 80.00 45.60
N GLY K 432 8.57 80.14 46.86
CA GLY K 432 9.87 80.72 47.11
C GLY K 432 9.89 82.22 46.88
N ILE K 433 11.10 82.74 46.73
CA ILE K 433 11.33 84.18 46.59
C ILE K 433 11.87 84.45 45.20
N THR K 434 11.35 85.50 44.56
CA THR K 434 11.83 85.92 43.26
C THR K 434 11.84 87.43 43.21
N ASN K 435 12.68 87.97 42.31
CA ASN K 435 12.84 89.40 42.15
C ASN K 435 12.06 89.96 40.96
N VAL K 436 11.20 89.16 40.35
CA VAL K 436 10.45 89.61 39.18
C VAL K 436 9.19 90.32 39.65
N ALA K 437 9.08 91.61 39.36
CA ALA K 437 7.90 92.36 39.75
C ALA K 437 6.70 91.99 38.89
N ASP K 438 6.90 91.93 37.57
CA ASP K 438 5.83 91.68 36.63
C ASP K 438 6.29 90.66 35.60
N TYR K 439 5.35 89.86 35.11
CA TYR K 439 5.62 88.80 34.14
C TYR K 439 4.76 89.08 32.90
N THR K 440 5.39 89.64 31.86
CA THR K 440 4.68 90.02 30.65
C THR K 440 5.39 89.44 29.44
N VAL K 441 4.64 88.74 28.58
CA VAL K 441 5.18 88.11 27.38
C VAL K 441 4.28 88.43 26.22
N SER K 442 4.85 88.52 25.01
CA SER K 442 4.13 88.91 23.82
C SER K 442 3.89 87.69 22.93
N TYR K 443 2.68 87.56 22.42
CA TYR K 443 2.30 86.47 21.53
C TYR K 443 1.90 87.04 20.18
N SER K 444 2.45 86.45 19.11
CA SER K 444 2.11 86.82 17.75
C SER K 444 1.20 85.76 17.16
N VAL K 445 0.09 86.19 16.58
CA VAL K 445 -0.91 85.30 16.01
C VAL K 445 -0.78 85.37 14.50
N ASN K 446 -0.54 84.23 13.86
CA ASN K 446 -0.40 84.18 12.41
C ASN K 446 -1.78 84.34 11.79
N LYS K 447 -1.91 85.29 10.86
CA LYS K 447 -3.21 85.55 10.27
C LYS K 447 -3.67 84.42 9.36
N ASP K 448 -2.74 83.78 8.65
CA ASP K 448 -3.12 82.70 7.76
C ASP K 448 -3.30 81.38 8.52
N ASN K 449 -2.24 80.92 9.18
CA ASN K 449 -2.29 79.63 9.87
C ASN K 449 -3.26 79.68 11.05
N GLY K 450 -3.25 80.76 11.81
CA GLY K 450 -4.00 80.84 13.05
C GLY K 450 -3.22 80.43 14.28
N SER K 451 -1.98 79.98 14.12
CA SER K 451 -1.17 79.53 15.25
C SER K 451 -0.64 80.72 16.04
N VAL K 452 -0.29 80.46 17.30
CA VAL K 452 0.23 81.46 18.21
C VAL K 452 1.68 81.12 18.53
N THR K 453 2.56 82.11 18.42
CA THR K 453 3.97 81.93 18.72
C THR K 453 4.42 82.97 19.73
N VAL K 454 5.48 82.65 20.47
CA VAL K 454 6.05 83.60 21.41
C VAL K 454 6.99 84.53 20.66
N ALA K 455 6.79 85.84 20.81
CA ALA K 455 7.57 86.84 20.10
C ALA K 455 8.31 87.75 21.08
N GLY K 456 8.92 87.16 22.10
CA GLY K 456 9.67 87.92 23.09
C GLY K 456 8.83 88.31 24.29
N TYR K 457 9.47 89.01 25.22
CA TYR K 457 8.78 89.46 26.40
C TYR K 457 9.51 90.67 26.98
N ALA K 458 8.80 91.40 27.84
CA ALA K 458 9.36 92.52 28.56
C ALA K 458 8.95 92.42 30.02
N SER K 459 9.87 92.80 30.91
CA SER K 459 9.62 92.77 32.34
C SER K 459 10.05 94.10 32.97
N ALA K 460 9.35 94.48 34.03
CA ALA K 460 9.67 95.73 34.71
C ALA K 460 11.09 95.69 35.27
N THR K 461 11.45 94.58 35.92
CA THR K 461 12.81 94.41 36.42
C THR K 461 13.69 93.79 35.32
N ASP K 462 14.96 93.57 35.66
CA ASP K 462 15.88 92.98 34.69
C ASP K 462 15.50 91.54 34.36
N THR K 463 15.20 90.74 35.40
CA THR K 463 14.77 89.35 35.29
C THR K 463 15.92 88.46 34.84
N ASN K 464 17.02 89.06 34.42
CA ASN K 464 18.23 88.34 34.00
C ASN K 464 17.89 87.23 32.99
N LYS K 465 16.79 87.40 32.27
CA LYS K 465 16.29 86.40 31.32
C LYS K 465 16.10 85.04 31.98
N ASP K 466 15.68 85.04 33.26
CA ASP K 466 15.46 83.79 33.96
C ASP K 466 14.18 83.11 33.51
N TYR K 467 13.10 83.88 33.33
CA TYR K 467 11.83 83.36 32.85
C TYR K 467 11.69 83.47 31.34
N ALA K 468 12.80 83.48 30.62
CA ALA K 468 12.78 83.72 29.19
C ALA K 468 12.27 82.50 28.44
N PRO K 469 11.19 82.61 27.67
CA PRO K 469 10.80 81.52 26.77
C PRO K 469 11.44 81.68 25.39
N ALA K 470 11.57 80.55 24.71
CA ALA K 470 12.15 80.55 23.37
C ALA K 470 11.26 81.32 22.41
N ILE K 471 11.86 82.16 21.59
CA ILE K 471 11.11 82.98 20.63
C ILE K 471 10.80 82.14 19.40
N GLY K 472 9.56 82.24 18.93
CA GLY K 472 9.11 81.49 17.78
C GLY K 472 8.60 80.09 18.07
N THR K 473 8.51 79.70 19.33
CA THR K 473 8.01 78.39 19.69
C THR K 473 6.49 78.40 19.73
N ALA K 474 5.88 77.35 19.16
CA ALA K 474 4.43 77.27 19.12
C ALA K 474 3.85 77.23 20.53
N VAL K 475 2.70 77.89 20.70
CA VAL K 475 2.04 77.97 21.99
C VAL K 475 0.99 76.86 22.08
N ASN K 476 1.01 76.14 23.19
CA ASN K 476 0.12 75.01 23.41
C ASN K 476 -0.77 75.25 24.62
N VAL K 477 -1.96 74.64 24.58
CA VAL K 477 -2.92 74.73 25.68
C VAL K 477 -2.81 73.47 26.52
N ASN K 478 -2.59 73.64 27.81
CA ASN K 478 -2.45 72.51 28.72
C ASN K 478 -3.78 71.78 28.86
N SER K 479 -3.72 70.59 29.46
CA SER K 479 -4.94 69.84 29.73
C SER K 479 -5.85 70.61 30.68
N ALA K 480 -5.27 71.24 31.70
CA ALA K 480 -6.06 72.07 32.61
C ALA K 480 -6.56 73.33 31.93
N GLY K 481 -5.97 73.74 30.81
CA GLY K 481 -6.40 74.90 30.07
C GLY K 481 -5.45 76.08 30.10
N LYS K 482 -4.26 75.92 30.69
CA LYS K 482 -3.31 77.02 30.78
C LYS K 482 -2.51 77.12 29.49
N ILE K 483 -1.59 78.08 29.46
CA ILE K 483 -0.72 78.32 28.31
C ILE K 483 0.67 77.78 28.64
N THR K 484 1.18 76.89 27.79
CA THR K 484 2.49 76.30 28.02
C THR K 484 3.11 75.93 26.68
N THR K 485 4.45 75.87 26.66
CA THR K 485 5.18 75.51 25.46
C THR K 485 5.42 74.01 25.32
N GLU K 486 5.13 73.23 26.36
CA GLU K 486 5.38 71.80 26.31
C GLU K 486 4.40 71.11 25.37
N THR K 487 4.93 70.24 24.49
CA THR K 487 4.08 69.59 23.51
C THR K 487 3.18 68.55 24.17
N THR K 488 3.74 67.72 25.04
CA THR K 488 3.04 66.61 25.65
C THR K 488 2.88 66.83 27.15
N SER K 489 1.70 66.50 27.67
CA SER K 489 1.43 66.53 29.10
C SER K 489 1.07 65.13 29.55
N ALA K 490 1.57 64.74 30.72
CA ALA K 490 1.33 63.40 31.23
C ALA K 490 -0.15 63.21 31.53
N GLY K 491 -0.60 61.96 31.40
CA GLY K 491 -1.98 61.60 31.60
C GLY K 491 -2.13 60.56 32.69
N SER K 492 -3.20 59.79 32.58
CA SER K 492 -3.54 58.78 33.58
C SER K 492 -4.15 57.57 32.88
N ALA K 493 -4.46 56.55 33.68
CA ALA K 493 -5.00 55.32 33.13
C ALA K 493 -6.37 55.56 32.49
N THR K 494 -6.60 54.92 31.35
CA THR K 494 -7.89 55.03 30.68
C THR K 494 -8.99 54.44 31.55
N THR K 495 -10.12 55.15 31.61
CA THR K 495 -11.20 54.74 32.50
C THR K 495 -11.86 53.45 32.06
N ASN K 496 -12.11 53.30 30.75
CA ASN K 496 -12.87 52.17 30.23
C ASN K 496 -12.16 51.60 29.03
N PRO K 497 -11.17 50.71 29.25
CA PRO K 497 -10.35 50.25 28.12
C PRO K 497 -11.07 49.27 27.22
N LEU K 498 -11.83 48.36 27.81
CA LEU K 498 -12.42 47.27 27.02
C LEU K 498 -13.49 47.81 26.08
N ALA K 499 -14.22 48.84 26.49
CA ALA K 499 -15.21 49.45 25.60
C ALA K 499 -14.53 50.08 24.38
N ALA K 500 -13.42 50.79 24.59
CA ALA K 500 -12.68 51.37 23.47
C ALA K 500 -12.15 50.29 22.54
N LEU K 501 -11.63 49.21 23.13
CA LEU K 501 -11.14 48.11 22.30
C LEU K 501 -12.26 47.48 21.48
N ASP K 502 -13.45 47.33 22.08
CA ASP K 502 -14.59 46.82 21.36
C ASP K 502 -14.99 47.75 20.23
N ASP K 503 -14.95 49.05 20.46
CA ASP K 503 -15.26 50.01 19.40
C ASP K 503 -14.27 49.89 18.24
N ALA K 504 -12.98 49.74 18.56
CA ALA K 504 -11.98 49.57 17.51
C ALA K 504 -12.24 48.29 16.71
N ILE K 505 -12.52 47.19 17.40
CA ILE K 505 -12.80 45.94 16.72
C ILE K 505 -14.03 46.07 15.84
N SER K 506 -15.06 46.75 16.32
CA SER K 506 -16.27 46.94 15.54
C SER K 506 -15.99 47.75 14.28
N SER K 507 -15.17 48.79 14.39
CA SER K 507 -14.81 49.57 13.20
C SER K 507 -14.07 48.70 12.19
N ILE K 508 -13.12 47.89 12.66
CA ILE K 508 -12.39 47.01 11.77
C ILE K 508 -13.34 46.04 11.07
N ASP K 509 -14.28 45.48 11.84
CA ASP K 509 -15.23 44.52 11.28
C ASP K 509 -16.12 45.16 10.23
N LYS K 510 -16.59 46.39 10.48
CA LYS K 510 -17.42 47.07 9.50
C LYS K 510 -16.65 47.33 8.22
N PHE K 511 -15.39 47.77 8.34
CA PHE K 511 -14.58 47.97 7.15
C PHE K 511 -14.43 46.67 6.37
N ARG K 512 -14.14 45.57 7.06
CA ARG K 512 -13.96 44.30 6.37
C ARG K 512 -15.23 43.84 5.69
N SER K 513 -16.38 44.03 6.35
CA SER K 513 -17.65 43.65 5.75
C SER K 513 -17.93 44.44 4.48
N SER K 514 -17.72 45.76 4.52
CA SER K 514 -17.93 46.56 3.33
C SER K 514 -17.00 46.12 2.19
N LEU K 515 -15.73 45.85 2.54
CA LEU K 515 -14.77 45.41 1.53
C LEU K 515 -15.20 44.10 0.89
N GLY K 516 -15.66 43.15 1.71
CA GLY K 516 -16.11 41.89 1.17
C GLY K 516 -17.32 42.02 0.27
N ALA K 517 -18.27 42.89 0.66
CA ALA K 517 -19.44 43.11 -0.20
C ALA K 517 -19.03 43.69 -1.54
N ILE K 518 -18.13 44.67 -1.53
CA ILE K 518 -17.66 45.25 -2.79
C ILE K 518 -16.98 44.19 -3.64
N GLN K 519 -16.18 43.33 -3.02
CA GLN K 519 -15.52 42.27 -3.77
C GLN K 519 -16.51 41.31 -4.41
N ASN K 520 -17.54 40.92 -3.67
CA ASN K 520 -18.54 40.01 -4.24
C ASN K 520 -19.24 40.64 -5.44
N ARG K 521 -19.64 41.92 -5.30
CA ARG K 521 -20.30 42.56 -6.43
C ARG K 521 -19.35 42.70 -7.62
N LEU K 522 -18.06 42.90 -7.36
CA LEU K 522 -17.11 43.00 -8.46
C LEU K 522 -16.97 41.66 -9.19
N ASP K 523 -16.94 40.56 -8.44
CA ASP K 523 -16.88 39.24 -9.07
C ASP K 523 -18.11 38.97 -9.92
N SER K 524 -19.29 39.33 -9.40
CA SER K 524 -20.52 39.19 -10.20
C SER K 524 -20.43 40.01 -11.48
N ALA K 525 -19.88 41.22 -11.38
CA ALA K 525 -19.69 42.05 -12.57
C ALA K 525 -18.78 41.36 -13.58
N VAL K 526 -17.71 40.72 -13.10
CA VAL K 526 -16.80 40.01 -14.00
C VAL K 526 -17.55 38.92 -14.75
N THR K 527 -18.35 38.13 -14.03
CA THR K 527 -19.08 37.05 -14.67
C THR K 527 -20.04 37.58 -15.73
N ASN K 528 -20.78 38.64 -15.39
CA ASN K 528 -21.70 39.21 -16.36
C ASN K 528 -20.97 39.74 -17.59
N LEU K 529 -19.81 40.37 -17.39
CA LEU K 529 -19.05 40.88 -18.51
C LEU K 529 -18.60 39.75 -19.43
N ASN K 530 -18.16 38.63 -18.85
CA ASN K 530 -17.75 37.51 -19.68
C ASN K 530 -18.90 36.97 -20.51
N ASN K 531 -20.07 36.83 -19.88
CA ASN K 531 -21.24 36.34 -20.63
C ASN K 531 -21.60 37.29 -21.76
N THR K 532 -21.62 38.58 -21.49
CA THR K 532 -21.98 39.56 -22.51
C THR K 532 -20.97 39.56 -23.65
N THR K 533 -19.68 39.42 -23.31
CA THR K 533 -18.66 39.37 -24.35
C THR K 533 -18.86 38.16 -25.26
N THR K 534 -19.15 37.00 -24.67
CA THR K 534 -19.39 35.81 -25.49
C THR K 534 -20.58 36.01 -26.42
N ASN K 535 -21.68 36.54 -25.89
CA ASN K 535 -22.87 36.71 -26.71
C ASN K 535 -22.64 37.72 -27.84
N LEU K 536 -21.96 38.82 -27.54
CA LEU K 536 -21.71 39.83 -28.57
C LEU K 536 -20.75 39.30 -29.63
N SER K 537 -19.76 38.51 -29.23
CA SER K 537 -18.87 37.89 -30.21
C SER K 537 -19.64 36.96 -31.12
N GLU K 538 -20.57 36.18 -30.55
CA GLU K 538 -21.40 35.32 -31.38
C GLU K 538 -22.25 36.14 -32.36
N ALA K 539 -22.80 37.26 -31.91
CA ALA K 539 -23.60 38.10 -32.80
C ALA K 539 -22.75 38.65 -33.94
N GLN K 540 -21.54 39.10 -33.62
CA GLN K 540 -20.64 39.58 -34.68
C GLN K 540 -20.34 38.48 -35.66
N SER K 541 -20.13 37.25 -35.17
CA SER K 541 -19.91 36.13 -36.07
C SER K 541 -21.12 35.89 -36.96
N ARG K 542 -22.32 36.07 -36.41
CA ARG K 542 -23.53 35.96 -37.22
C ARG K 542 -23.50 36.95 -38.37
N ILE K 543 -23.15 38.20 -38.07
CA ILE K 543 -23.17 39.24 -39.11
C ILE K 543 -22.09 39.00 -40.16
N GLN K 544 -20.87 38.74 -39.70
CA GLN K 544 -19.70 38.57 -40.57
C GLN K 544 -19.52 37.09 -40.91
N ASP K 545 -18.32 36.71 -41.34
CA ASP K 545 -17.91 35.31 -41.43
C ASP K 545 -18.68 34.50 -42.46
N ALA K 546 -18.45 34.80 -43.75
CA ALA K 546 -19.09 34.06 -44.83
C ALA K 546 -18.89 32.56 -44.68
N ASP K 547 -19.81 31.81 -45.28
CA ASP K 547 -19.80 30.35 -45.20
C ASP K 547 -18.93 29.77 -46.31
N TYR K 548 -17.91 28.98 -45.93
CA TYR K 548 -17.04 28.37 -46.92
C TYR K 548 -17.78 27.40 -47.83
N ALA K 549 -18.80 26.72 -47.35
CA ALA K 549 -19.56 25.85 -48.24
C ALA K 549 -20.12 26.64 -49.41
N THR K 550 -20.84 27.72 -49.11
CA THR K 550 -21.44 28.54 -50.15
C THR K 550 -20.37 29.18 -51.03
N GLU K 551 -19.29 29.68 -50.43
CA GLU K 551 -18.27 30.36 -51.23
C GLU K 551 -17.53 29.39 -52.14
N VAL K 552 -17.25 28.18 -51.66
CA VAL K 552 -16.61 27.18 -52.52
C VAL K 552 -17.53 26.81 -53.68
N SER K 553 -18.82 26.61 -53.39
CA SER K 553 -19.75 26.32 -54.48
C SER K 553 -19.78 27.46 -55.50
N ASN K 554 -19.79 28.70 -55.00
CA ASN K 554 -19.85 29.86 -55.88
C ASN K 554 -18.62 29.95 -56.76
N MET K 555 -17.42 29.77 -56.19
CA MET K 555 -16.23 29.87 -57.01
C MET K 555 -16.15 28.71 -57.99
N SER K 556 -16.61 27.52 -57.61
CA SER K 556 -16.55 26.39 -58.53
C SER K 556 -17.45 26.63 -59.73
N LYS K 557 -18.69 27.05 -59.50
CA LYS K 557 -19.55 27.33 -60.64
C LYS K 557 -19.04 28.52 -61.43
N ALA K 558 -18.39 29.49 -60.77
CA ALA K 558 -17.81 30.61 -61.50
C ALA K 558 -16.68 30.17 -62.42
N GLN K 559 -15.80 29.29 -61.92
CA GLN K 559 -14.71 28.78 -62.75
C GLN K 559 -15.24 28.00 -63.94
N ILE K 560 -16.26 27.18 -63.71
CA ILE K 560 -16.83 26.43 -64.83
C ILE K 560 -17.46 27.36 -65.85
N ILE K 561 -18.21 28.36 -65.38
CA ILE K 561 -18.82 29.29 -66.33
C ILE K 561 -17.73 30.04 -67.11
N GLN K 562 -16.62 30.37 -66.45
CA GLN K 562 -15.54 31.06 -67.12
C GLN K 562 -14.88 30.19 -68.18
N GLN K 563 -14.61 28.93 -67.85
CA GLN K 563 -13.99 28.03 -68.83
C GLN K 563 -14.93 27.76 -70.00
N ALA K 564 -16.22 27.59 -69.72
CA ALA K 564 -17.19 27.44 -70.79
C ALA K 564 -17.24 28.69 -71.66
N GLY K 565 -17.21 29.86 -71.04
CA GLY K 565 -17.20 31.09 -71.81
C GLY K 565 -15.97 31.23 -72.67
N ASN K 566 -14.81 30.82 -72.14
CA ASN K 566 -13.58 30.87 -72.93
C ASN K 566 -13.65 29.93 -74.13
N SER K 567 -14.17 28.72 -73.92
CA SER K 567 -14.28 27.79 -75.04
C SER K 567 -15.27 28.29 -76.09
N VAL K 568 -16.41 28.82 -75.65
CA VAL K 568 -17.38 29.36 -76.59
C VAL K 568 -16.82 30.58 -77.30
N LEU K 569 -16.01 31.37 -76.59
CA LEU K 569 -15.34 32.51 -77.21
C LEU K 569 -14.37 32.06 -78.27
N ALA K 570 -13.65 30.97 -78.02
CA ALA K 570 -12.77 30.43 -79.05
C ALA K 570 -13.57 29.96 -80.26
N LYS K 571 -14.71 29.32 -80.03
CA LYS K 571 -15.54 28.87 -81.13
C LYS K 571 -16.12 30.04 -81.92
N ALA K 572 -16.50 31.12 -81.24
CA ALA K 572 -17.05 32.29 -81.91
C ALA K 572 -15.97 33.05 -82.65
N ASN K 573 -14.80 33.23 -82.02
CA ASN K 573 -13.63 33.79 -82.65
C ASN K 573 -13.10 32.90 -83.76
N GLN K 574 -13.58 31.66 -83.84
CA GLN K 574 -13.38 30.87 -85.04
C GLN K 574 -14.30 31.53 -86.08
N VAL K 575 -13.94 32.76 -86.43
CA VAL K 575 -14.76 33.70 -87.19
C VAL K 575 -14.87 33.22 -88.64
N PRO K 576 -15.85 33.69 -89.40
CA PRO K 576 -16.05 33.16 -90.76
C PRO K 576 -14.82 33.28 -91.64
N GLN K 577 -14.23 32.14 -91.97
CA GLN K 577 -13.35 32.01 -93.12
C GLN K 577 -14.06 31.35 -94.28
N GLN K 578 -15.32 30.98 -94.11
CA GLN K 578 -16.14 30.59 -95.23
C GLN K 578 -16.30 31.73 -96.23
N VAL K 579 -16.09 32.98 -95.79
CA VAL K 579 -16.01 34.08 -96.73
C VAL K 579 -14.80 33.89 -97.65
N LEU K 580 -13.66 33.52 -97.10
CA LEU K 580 -12.50 33.20 -97.92
C LEU K 580 -12.80 32.02 -98.82
N SER K 581 -13.51 31.03 -98.28
CA SER K 581 -13.89 29.86 -99.08
C SER K 581 -14.73 30.27 -100.27
N LEU K 582 -15.66 31.21 -100.08
CA LEU K 582 -16.45 31.72 -101.19
C LEU K 582 -15.60 32.53 -102.15
N LEU K 583 -14.55 33.18 -101.64
CA LEU K 583 -13.84 34.18 -102.44
C LEU K 583 -13.21 33.59 -103.69
N GLN K 584 -12.55 32.43 -103.57
CA GLN K 584 -11.86 31.89 -104.73
C GLN K 584 -12.81 31.24 -105.74
N GLY K 585 -14.07 31.05 -105.39
CA GLY K 585 -15.03 30.43 -106.29
C GLY K 585 -15.48 31.37 -107.39
N MET L 1 -5.11 -7.86 -89.33
CA MET L 1 -5.57 -6.56 -88.85
C MET L 1 -5.70 -5.59 -90.01
N ALA L 2 -4.57 -5.29 -90.66
CA ALA L 2 -4.59 -4.36 -91.79
C ALA L 2 -5.47 -4.86 -92.92
N GLN L 3 -5.66 -6.18 -93.02
CA GLN L 3 -6.38 -6.75 -94.13
C GLN L 3 -7.88 -6.88 -93.89
N VAL L 4 -8.33 -6.89 -92.63
CA VAL L 4 -9.73 -7.12 -92.30
C VAL L 4 -10.21 -6.03 -91.34
N ILE L 5 -11.47 -5.64 -91.48
CA ILE L 5 -12.09 -4.72 -90.53
C ILE L 5 -13.39 -5.26 -89.96
N ASN L 6 -13.98 -6.31 -90.55
CA ASN L 6 -15.28 -6.77 -90.10
C ASN L 6 -15.22 -7.44 -88.73
N THR L 7 -14.09 -8.06 -88.40
CA THR L 7 -13.90 -8.71 -87.12
C THR L 7 -12.55 -8.32 -86.54
N ASN L 8 -12.37 -8.62 -85.25
CA ASN L 8 -11.10 -8.36 -84.57
C ASN L 8 -10.76 -9.59 -83.74
N SER L 9 -9.91 -10.45 -84.30
CA SER L 9 -9.45 -11.63 -83.58
C SER L 9 -8.75 -11.25 -82.29
N LEU L 10 -7.95 -10.18 -82.32
CA LEU L 10 -7.27 -9.74 -81.11
C LEU L 10 -8.28 -9.32 -80.04
N SER L 11 -9.32 -8.58 -80.45
CA SER L 11 -10.33 -8.16 -79.48
C SER L 11 -11.05 -9.38 -78.89
N LEU L 12 -11.38 -10.36 -79.72
CA LEU L 12 -12.07 -11.54 -79.22
C LEU L 12 -11.20 -12.30 -78.22
N ILE L 13 -9.92 -12.49 -78.54
CA ILE L 13 -9.03 -13.21 -77.64
C ILE L 13 -8.86 -12.46 -76.32
N THR L 14 -8.70 -11.14 -76.40
CA THR L 14 -8.55 -10.34 -75.19
C THR L 14 -9.81 -10.43 -74.32
N GLN L 15 -10.99 -10.38 -74.96
CA GLN L 15 -12.23 -10.50 -74.20
C GLN L 15 -12.33 -11.84 -73.49
N ASN L 16 -11.94 -12.92 -74.19
CA ASN L 16 -11.97 -14.24 -73.57
C ASN L 16 -11.06 -14.29 -72.34
N ASN L 17 -9.84 -13.75 -72.48
CA ASN L 17 -8.91 -13.77 -71.37
C ASN L 17 -9.42 -12.92 -70.21
N ILE L 18 -10.05 -11.79 -70.52
CA ILE L 18 -10.60 -10.93 -69.48
C ILE L 18 -11.68 -11.65 -68.70
N ASN L 19 -12.57 -12.37 -69.40
CA ASN L 19 -13.62 -13.11 -68.71
C ASN L 19 -13.01 -14.21 -67.83
N LYS L 20 -12.00 -14.91 -68.35
CA LYS L 20 -11.37 -15.97 -67.58
C LYS L 20 -10.76 -15.43 -66.30
N ASN L 21 -10.13 -14.25 -66.36
CA ASN L 21 -9.60 -13.64 -65.15
C ASN L 21 -10.71 -13.16 -64.22
N GLN L 22 -11.80 -12.64 -64.79
CA GLN L 22 -12.87 -12.07 -63.99
C GLN L 22 -13.51 -13.13 -63.11
N SER L 23 -13.62 -14.35 -63.62
CA SER L 23 -14.14 -15.45 -62.80
C SER L 23 -13.35 -15.59 -61.50
N ALA L 24 -12.03 -15.68 -61.61
CA ALA L 24 -11.19 -15.86 -60.43
C ALA L 24 -11.21 -14.63 -59.54
N LEU L 25 -11.30 -13.44 -60.14
CA LEU L 25 -11.38 -12.22 -59.34
C LEU L 25 -12.63 -12.24 -58.46
N SER L 26 -13.78 -12.59 -59.05
CA SER L 26 -15.00 -12.66 -58.28
C SER L 26 -14.92 -13.71 -57.19
N SER L 27 -14.34 -14.88 -57.52
CA SER L 27 -14.19 -15.93 -56.52
C SER L 27 -13.39 -15.43 -55.32
N SER L 28 -12.24 -14.82 -55.59
CA SER L 28 -11.37 -14.36 -54.50
C SER L 28 -12.05 -13.30 -53.66
N ILE L 29 -12.74 -12.35 -54.31
CA ILE L 29 -13.39 -11.27 -53.56
C ILE L 29 -14.48 -11.83 -52.65
N GLU L 30 -15.30 -12.75 -53.16
CA GLU L 30 -16.36 -13.29 -52.33
C GLU L 30 -15.79 -14.15 -51.20
N ARG L 31 -14.69 -14.86 -51.47
CA ARG L 31 -14.07 -15.66 -50.41
C ARG L 31 -13.54 -14.77 -49.30
N LEU L 32 -12.91 -13.64 -49.65
CA LEU L 32 -12.46 -12.72 -48.61
C LEU L 32 -13.63 -12.12 -47.85
N SER L 33 -14.70 -11.75 -48.55
CA SER L 33 -15.84 -11.15 -47.87
C SER L 33 -16.46 -12.12 -46.88
N SER L 34 -16.63 -13.38 -47.27
CA SER L 34 -17.28 -14.34 -46.39
C SER L 34 -16.35 -14.82 -45.28
N GLY L 35 -15.07 -14.99 -45.58
CA GLY L 35 -14.14 -15.55 -44.62
C GLY L 35 -14.17 -17.06 -44.51
N LEU L 36 -14.64 -17.75 -45.55
CA LEU L 36 -14.74 -19.20 -45.55
C LEU L 36 -14.11 -19.77 -46.81
N ARG L 37 -13.37 -20.88 -46.64
CA ARG L 37 -12.74 -21.52 -47.79
C ARG L 37 -13.77 -22.20 -48.68
N ILE L 38 -14.69 -22.95 -48.09
CA ILE L 38 -15.73 -23.66 -48.82
C ILE L 38 -16.97 -22.80 -48.81
N ASN L 39 -17.30 -22.22 -49.95
CA ASN L 39 -18.41 -21.28 -50.06
C ASN L 39 -19.30 -21.69 -51.22
N SER L 40 -20.60 -21.79 -50.95
CA SER L 40 -21.63 -22.13 -51.93
C SER L 40 -21.41 -23.49 -52.58
N ALA L 41 -20.51 -24.31 -52.04
CA ALA L 41 -20.27 -25.68 -52.49
C ALA L 41 -19.98 -25.77 -53.98
N LYS L 42 -19.40 -24.71 -54.56
CA LYS L 42 -18.94 -24.74 -55.95
C LYS L 42 -17.59 -25.40 -56.07
N ASP L 43 -17.22 -26.16 -55.05
CA ASP L 43 -15.91 -26.79 -54.92
C ASP L 43 -16.16 -28.18 -54.35
N ASP L 44 -15.11 -28.80 -53.80
CA ASP L 44 -15.24 -30.13 -53.22
C ASP L 44 -16.40 -30.18 -52.22
N ALA L 45 -17.45 -30.92 -52.57
CA ALA L 45 -18.62 -31.01 -51.71
C ALA L 45 -18.38 -31.91 -50.51
N ALA L 46 -17.34 -32.75 -50.56
CA ALA L 46 -16.95 -33.51 -49.38
C ALA L 46 -16.61 -32.58 -48.23
N GLY L 47 -15.91 -31.48 -48.51
CA GLY L 47 -15.63 -30.51 -47.47
C GLY L 47 -16.89 -29.91 -46.90
N GLN L 48 -17.87 -29.59 -47.75
CA GLN L 48 -19.14 -29.06 -47.26
C GLN L 48 -19.83 -30.04 -46.34
N ALA L 49 -19.92 -31.30 -46.76
CA ALA L 49 -20.59 -32.30 -45.94
C ALA L 49 -19.87 -32.52 -44.60
N ILE L 50 -18.55 -32.59 -44.64
CA ILE L 50 -17.80 -32.82 -43.41
C ILE L 50 -17.92 -31.61 -42.49
N ALA L 51 -17.96 -30.40 -43.05
CA ALA L 51 -18.19 -29.22 -42.22
C ALA L 51 -19.55 -29.27 -41.56
N ASN L 52 -20.57 -29.71 -42.30
CA ASN L 52 -21.90 -29.87 -41.69
C ASN L 52 -21.85 -30.86 -40.53
N ARG L 53 -21.20 -32.00 -40.74
CA ARG L 53 -21.11 -32.99 -39.67
C ARG L 53 -20.40 -32.43 -38.45
N PHE L 54 -19.30 -31.70 -38.67
CA PHE L 54 -18.56 -31.13 -37.56
C PHE L 54 -19.37 -30.09 -36.81
N THR L 55 -20.13 -29.25 -37.54
CA THR L 55 -20.98 -28.27 -36.88
C THR L 55 -22.03 -28.96 -36.02
N SER L 56 -22.66 -30.01 -36.55
CA SER L 56 -23.64 -30.76 -35.77
C SER L 56 -23.00 -31.34 -34.52
N ASN L 57 -21.83 -31.94 -34.65
CA ASN L 57 -21.16 -32.53 -33.50
C ASN L 57 -20.82 -31.48 -32.45
N ILE L 58 -20.33 -30.31 -32.89
CA ILE L 58 -19.94 -29.27 -31.95
C ILE L 58 -21.16 -28.77 -31.17
N LYS L 59 -22.25 -28.48 -31.87
CA LYS L 59 -23.44 -28.01 -31.18
C LYS L 59 -23.97 -29.06 -30.21
N GLY L 60 -24.02 -30.32 -30.65
CA GLY L 60 -24.49 -31.38 -29.77
C GLY L 60 -23.63 -31.52 -28.52
N LEU L 61 -22.31 -31.47 -28.68
CA LEU L 61 -21.43 -31.63 -27.54
C LEU L 61 -21.58 -30.47 -26.56
N THR L 62 -21.72 -29.23 -27.07
CA THR L 62 -21.90 -28.10 -26.18
C THR L 62 -23.19 -28.24 -25.37
N GLN L 63 -24.28 -28.62 -26.04
CA GLN L 63 -25.54 -28.78 -25.32
C GLN L 63 -25.45 -29.92 -24.32
N ALA L 64 -24.73 -30.98 -24.66
CA ALA L 64 -24.54 -32.09 -23.73
C ALA L 64 -23.77 -31.65 -22.50
N ALA L 65 -22.76 -30.80 -22.69
CA ALA L 65 -22.02 -30.26 -21.55
C ALA L 65 -22.96 -29.47 -20.63
N ARG L 66 -23.83 -28.66 -21.21
CA ARG L 66 -24.79 -27.93 -20.38
C ARG L 66 -25.70 -28.88 -19.61
N ASN L 67 -26.16 -29.95 -20.27
CA ASN L 67 -27.01 -30.93 -19.59
C ASN L 67 -26.28 -31.58 -18.43
N ALA L 68 -25.01 -31.91 -18.63
CA ALA L 68 -24.23 -32.52 -17.55
C ALA L 68 -24.07 -31.56 -16.37
N ASN L 69 -23.90 -30.26 -16.66
CA ASN L 69 -23.86 -29.29 -15.57
C ASN L 69 -25.17 -29.29 -14.78
N ASP L 70 -26.30 -29.37 -15.48
CA ASP L 70 -27.58 -29.45 -14.78
C ASP L 70 -27.65 -30.70 -13.90
N GLY L 71 -27.15 -31.82 -14.41
CA GLY L 71 -27.13 -33.03 -13.59
C GLY L 71 -26.29 -32.87 -12.33
N ILE L 72 -25.14 -32.19 -12.46
CA ILE L 72 -24.31 -31.93 -11.28
C ILE L 72 -25.10 -31.11 -10.26
N SER L 73 -25.86 -30.12 -10.74
CA SER L 73 -26.68 -29.32 -9.82
C SER L 73 -27.69 -30.19 -9.09
N VAL L 74 -28.34 -31.10 -9.80
CA VAL L 74 -29.30 -32.02 -9.17
C VAL L 74 -28.63 -32.80 -8.06
N ALA L 75 -27.45 -33.35 -8.36
CA ALA L 75 -26.72 -34.14 -7.37
C ALA L 75 -26.38 -33.31 -6.14
N GLN L 76 -25.93 -32.07 -6.34
CA GLN L 76 -25.57 -31.23 -5.21
C GLN L 76 -26.77 -30.96 -4.30
N THR L 77 -27.92 -30.63 -4.90
CA THR L 77 -29.10 -30.36 -4.08
C THR L 77 -29.51 -31.59 -3.27
N THR L 78 -29.56 -32.74 -3.93
CA THR L 78 -29.94 -33.96 -3.22
C THR L 78 -28.97 -34.25 -2.08
N GLU L 79 -27.67 -34.05 -2.32
CA GLU L 79 -26.68 -34.35 -1.29
C GLU L 79 -26.81 -33.42 -0.10
N GLY L 80 -27.12 -32.14 -0.34
CA GLY L 80 -27.36 -31.24 0.80
C GLY L 80 -28.54 -31.69 1.65
N ALA L 81 -29.63 -32.09 1.00
CA ALA L 81 -30.77 -32.60 1.76
C ALA L 81 -30.37 -33.82 2.58
N LEU L 82 -29.61 -34.73 1.97
CA LEU L 82 -29.15 -35.92 2.69
C LEU L 82 -28.30 -35.55 3.90
N SER L 83 -27.44 -34.54 3.75
CA SER L 83 -26.60 -34.13 4.87
C SER L 83 -27.45 -33.64 6.04
N GLU L 84 -28.47 -32.85 5.76
CA GLU L 84 -29.34 -32.40 6.85
C GLU L 84 -30.05 -33.57 7.53
N ILE L 85 -30.54 -34.52 6.73
CA ILE L 85 -31.19 -35.69 7.31
C ILE L 85 -30.22 -36.45 8.20
N ASN L 86 -28.96 -36.57 7.77
CA ASN L 86 -27.97 -37.29 8.56
C ASN L 86 -27.71 -36.61 9.90
N ASN L 87 -27.62 -35.27 9.89
CA ASN L 87 -27.44 -34.56 11.16
C ASN L 87 -28.60 -34.82 12.11
N ASN L 88 -29.82 -34.78 11.58
CA ASN L 88 -30.98 -35.07 12.43
C ASN L 88 -30.91 -36.48 13.01
N LEU L 89 -30.50 -37.46 12.20
CA LEU L 89 -30.41 -38.83 12.69
C LEU L 89 -29.35 -38.96 13.78
N GLN L 90 -28.21 -38.28 13.63
CA GLN L 90 -27.19 -38.32 14.65
C GLN L 90 -27.71 -37.77 15.97
N ARG L 91 -28.44 -36.65 15.92
CA ARG L 91 -28.99 -36.11 17.15
C ARG L 91 -30.01 -37.06 17.77
N ILE L 92 -30.82 -37.73 16.94
CA ILE L 92 -31.77 -38.70 17.47
C ILE L 92 -31.04 -39.83 18.19
N ARG L 93 -29.92 -40.29 17.63
CA ARG L 93 -29.16 -41.34 18.30
C ARG L 93 -28.61 -40.87 19.63
N GLU L 94 -28.12 -39.63 19.68
CA GLU L 94 -27.73 -39.05 20.97
C GLU L 94 -28.87 -39.13 21.98
N LEU L 95 -30.06 -38.72 21.56
CA LEU L 95 -31.21 -38.75 22.47
C LEU L 95 -31.52 -40.16 22.94
N THR L 96 -31.44 -41.14 22.03
CA THR L 96 -31.72 -42.51 22.41
C THR L 96 -30.73 -43.02 23.44
N VAL L 97 -29.44 -42.71 23.24
CA VAL L 97 -28.43 -43.13 24.20
C VAL L 97 -28.70 -42.51 25.56
N GLN L 98 -29.11 -41.24 25.58
CA GLN L 98 -29.42 -40.61 26.85
C GLN L 98 -30.68 -41.19 27.49
N ALA L 99 -31.63 -41.65 26.67
CA ALA L 99 -32.90 -42.13 27.19
C ALA L 99 -32.81 -43.55 27.75
N THR L 100 -31.95 -44.40 27.17
CA THR L 100 -31.94 -45.80 27.58
C THR L 100 -31.46 -46.02 29.00
N THR L 101 -30.89 -45.00 29.65
CA THR L 101 -30.46 -45.15 31.04
C THR L 101 -31.65 -45.41 31.95
N GLY L 102 -31.45 -46.24 32.96
CA GLY L 102 -32.50 -46.54 33.92
C GLY L 102 -32.70 -45.49 34.99
N THR L 103 -31.85 -44.46 35.03
CA THR L 103 -32.03 -43.39 36.00
C THR L 103 -33.21 -42.49 35.63
N ASN L 104 -33.44 -42.28 34.34
CA ASN L 104 -34.50 -41.38 33.91
C ASN L 104 -35.86 -41.88 34.35
N SER L 105 -36.74 -40.94 34.69
CA SER L 105 -38.09 -41.27 35.13
C SER L 105 -39.06 -41.19 33.96
N ASP L 106 -40.35 -41.38 34.25
CA ASP L 106 -41.36 -41.42 33.19
C ASP L 106 -41.48 -40.07 32.48
N SER L 107 -41.47 -38.98 33.23
CA SER L 107 -41.56 -37.66 32.60
C SER L 107 -40.34 -37.39 31.73
N ASP L 108 -39.15 -37.79 32.19
CA ASP L 108 -37.94 -37.60 31.41
C ASP L 108 -38.01 -38.38 30.10
N LEU L 109 -38.46 -39.63 30.18
CA LEU L 109 -38.61 -40.43 28.96
C LEU L 109 -39.64 -39.82 28.03
N ASP L 110 -40.73 -39.28 28.59
CA ASP L 110 -41.76 -38.65 27.76
C ASP L 110 -41.18 -37.44 27.02
N SER L 111 -40.40 -36.61 27.72
CA SER L 111 -39.82 -35.44 27.08
C SER L 111 -38.84 -35.84 25.99
N ILE L 112 -38.00 -36.84 26.26
CA ILE L 112 -37.04 -37.29 25.25
C ILE L 112 -37.77 -37.86 24.05
N GLN L 113 -38.84 -38.61 24.27
CA GLN L 113 -39.62 -39.13 23.16
C GLN L 113 -40.28 -38.01 22.36
N ASP L 114 -40.71 -36.95 23.04
CA ASP L 114 -41.26 -35.80 22.32
C ASP L 114 -40.22 -35.19 21.40
N GLU L 115 -39.00 -35.01 21.89
CA GLU L 115 -37.94 -34.46 21.05
C GLU L 115 -37.64 -35.39 19.86
N ILE L 116 -37.61 -36.69 20.12
CA ILE L 116 -37.34 -37.65 19.05
C ILE L 116 -38.44 -37.60 18.00
N LYS L 117 -39.69 -37.51 18.42
CA LYS L 117 -40.80 -37.42 17.48
C LYS L 117 -40.71 -36.14 16.66
N SER L 118 -40.33 -35.03 17.30
CA SER L 118 -40.16 -33.79 16.56
C SER L 118 -39.10 -33.94 15.47
N ARG L 119 -37.97 -34.55 15.81
CA ARG L 119 -36.91 -34.67 14.81
C ARG L 119 -37.27 -35.66 13.70
N LEU L 120 -37.99 -36.73 14.03
CA LEU L 120 -38.47 -37.64 12.99
C LEU L 120 -39.43 -36.92 12.06
N ASP L 121 -40.30 -36.07 12.62
CA ASP L 121 -41.19 -35.27 11.78
C ASP L 121 -40.40 -34.34 10.88
N GLU L 122 -39.31 -33.77 11.39
CA GLU L 122 -38.45 -32.94 10.54
C GLU L 122 -37.84 -33.74 9.41
N ILE L 123 -37.40 -34.97 9.69
CA ILE L 123 -36.84 -35.80 8.63
C ILE L 123 -37.88 -36.04 7.55
N ASP L 124 -39.10 -36.40 7.96
CA ASP L 124 -40.16 -36.64 6.99
C ASP L 124 -40.47 -35.38 6.19
N ARG L 125 -40.54 -34.23 6.88
CA ARG L 125 -40.86 -32.98 6.21
C ARG L 125 -39.81 -32.62 5.16
N VAL L 126 -38.54 -32.69 5.54
CA VAL L 126 -37.47 -32.34 4.60
C VAL L 126 -37.50 -33.29 3.41
N SER L 127 -37.65 -34.58 3.66
CA SER L 127 -37.67 -35.55 2.57
C SER L 127 -38.83 -35.29 1.62
N GLY L 128 -40.02 -35.02 2.17
CA GLY L 128 -41.18 -34.79 1.33
C GLY L 128 -41.10 -33.51 0.53
N GLN L 129 -40.59 -32.44 1.14
CA GLN L 129 -40.68 -31.11 0.53
C GLN L 129 -39.43 -30.69 -0.22
N THR L 130 -38.34 -31.45 -0.16
CA THR L 130 -37.18 -31.12 -0.99
C THR L 130 -37.54 -31.29 -2.45
N GLN L 131 -37.26 -30.27 -3.25
CA GLN L 131 -37.72 -30.21 -4.63
C GLN L 131 -36.69 -29.53 -5.50
N PHE L 132 -36.51 -30.05 -6.71
CA PHE L 132 -35.63 -29.45 -7.71
C PHE L 132 -36.39 -29.41 -9.04
N ASN L 133 -36.63 -28.20 -9.54
CA ASN L 133 -37.28 -28.01 -10.84
C ASN L 133 -38.60 -28.75 -10.92
N GLY L 134 -39.38 -28.69 -9.84
CA GLY L 134 -40.67 -29.35 -9.81
C GLY L 134 -40.63 -30.85 -9.63
N VAL L 135 -39.48 -31.41 -9.32
CA VAL L 135 -39.32 -32.85 -9.12
C VAL L 135 -38.93 -33.09 -7.66
N ASN L 136 -39.69 -33.94 -6.97
CA ASN L 136 -39.36 -34.32 -5.60
C ASN L 136 -38.30 -35.42 -5.67
N VAL L 137 -37.05 -35.03 -5.44
CA VAL L 137 -35.94 -35.97 -5.62
C VAL L 137 -35.99 -37.08 -4.58
N LEU L 138 -36.45 -36.78 -3.38
CA LEU L 138 -36.42 -37.73 -2.27
C LEU L 138 -37.75 -38.43 -2.04
N ALA L 139 -38.73 -38.24 -2.91
CA ALA L 139 -40.04 -38.84 -2.72
C ALA L 139 -40.31 -40.03 -3.64
N LYS L 140 -39.45 -40.26 -4.64
CA LYS L 140 -39.65 -41.34 -5.60
C LYS L 140 -38.45 -42.27 -5.58
N ASP L 141 -38.61 -43.43 -6.22
CA ASP L 141 -37.55 -44.43 -6.30
C ASP L 141 -37.06 -44.63 -7.72
N GLY L 142 -37.20 -43.63 -8.57
CA GLY L 142 -36.88 -43.75 -9.98
C GLY L 142 -35.44 -43.40 -10.31
N SER L 143 -35.24 -43.03 -11.57
CA SER L 143 -33.91 -42.63 -12.04
C SER L 143 -34.07 -41.55 -13.09
N MET L 144 -33.05 -40.71 -13.20
CA MET L 144 -33.01 -39.63 -14.17
C MET L 144 -31.90 -39.90 -15.18
N LYS L 145 -32.23 -39.82 -16.45
CA LYS L 145 -31.27 -40.08 -17.52
C LYS L 145 -30.81 -38.75 -18.09
N ILE L 146 -29.49 -38.55 -18.14
CA ILE L 146 -28.89 -37.30 -18.59
C ILE L 146 -28.21 -37.56 -19.92
N GLN L 147 -28.57 -36.79 -20.93
CA GLN L 147 -27.91 -36.85 -22.22
C GLN L 147 -26.52 -36.26 -22.10
N VAL L 148 -25.50 -37.06 -22.37
CA VAL L 148 -24.11 -36.62 -22.25
C VAL L 148 -23.38 -36.61 -23.58
N GLY L 149 -23.80 -37.41 -24.56
CA GLY L 149 -23.22 -37.38 -25.88
C GLY L 149 -24.14 -36.70 -26.89
N ALA L 150 -23.70 -36.72 -28.14
CA ALA L 150 -24.45 -36.12 -29.23
C ALA L 150 -25.27 -37.15 -30.02
N ASN L 151 -25.18 -38.43 -29.67
CA ASN L 151 -25.89 -39.48 -30.38
C ASN L 151 -26.92 -40.15 -29.47
N ASP L 152 -27.64 -41.11 -30.03
CA ASP L 152 -28.70 -41.80 -29.29
C ASP L 152 -28.12 -42.71 -28.22
N GLY L 153 -28.79 -42.77 -27.08
CA GLY L 153 -28.45 -43.71 -26.04
C GLY L 153 -27.19 -43.39 -25.27
N GLU L 154 -26.59 -42.21 -25.49
CA GLU L 154 -25.35 -41.84 -24.83
C GLU L 154 -25.70 -41.05 -23.57
N THR L 155 -26.19 -41.77 -22.57
CA THR L 155 -26.76 -41.17 -21.37
C THR L 155 -26.07 -41.71 -20.12
N ILE L 156 -26.28 -40.99 -19.03
CA ILE L 156 -25.82 -41.39 -17.70
C ILE L 156 -27.01 -41.37 -16.76
N THR L 157 -27.16 -42.42 -15.97
CA THR L 157 -28.33 -42.58 -15.12
C THR L 157 -27.99 -42.25 -13.67
N ILE L 158 -28.83 -41.41 -13.05
CA ILE L 158 -28.74 -41.11 -11.62
C ILE L 158 -29.91 -41.80 -10.95
N ASP L 159 -29.62 -42.72 -10.03
CA ASP L 159 -30.67 -43.41 -9.30
C ASP L 159 -31.06 -42.61 -8.06
N LEU L 160 -32.35 -42.54 -7.79
CA LEU L 160 -32.86 -41.85 -6.61
C LEU L 160 -33.52 -42.86 -5.68
N LYS L 161 -33.56 -42.52 -4.41
CA LYS L 161 -34.13 -43.39 -3.40
C LYS L 161 -35.21 -42.65 -2.63
N LYS L 162 -36.29 -43.37 -2.32
CA LYS L 162 -37.34 -42.82 -1.48
C LYS L 162 -36.89 -42.94 -0.03
N ILE L 163 -36.53 -41.82 0.58
CA ILE L 163 -36.04 -41.79 1.95
C ILE L 163 -37.09 -41.07 2.80
N ASP L 164 -37.56 -41.75 3.83
CA ASP L 164 -38.48 -41.20 4.81
C ASP L 164 -38.49 -42.13 6.01
N SER L 165 -39.46 -41.96 6.90
CA SER L 165 -39.58 -42.87 8.02
C SER L 165 -39.87 -44.30 7.54
N ASP L 166 -40.76 -44.43 6.55
CA ASP L 166 -41.20 -45.76 6.14
C ASP L 166 -40.04 -46.61 5.64
N THR L 167 -39.15 -46.03 4.84
CA THR L 167 -38.06 -46.79 4.27
C THR L 167 -36.86 -46.93 5.19
N LEU L 168 -36.89 -46.30 6.37
CA LEU L 168 -35.85 -46.48 7.36
C LEU L 168 -36.37 -47.17 8.62
N GLY L 169 -37.63 -47.59 8.62
CA GLY L 169 -38.18 -48.16 9.84
C GLY L 169 -38.54 -47.05 10.80
N LEU L 170 -38.16 -47.23 12.07
CA LEU L 170 -38.26 -46.16 13.05
C LEU L 170 -39.69 -45.65 13.23
N ASN L 171 -40.67 -46.33 12.64
CA ASN L 171 -42.03 -45.83 12.66
C ASN L 171 -42.55 -45.68 14.08
N GLY L 172 -42.67 -46.79 14.80
CA GLY L 172 -43.00 -46.71 16.20
C GLY L 172 -41.74 -46.72 17.05
N PHE L 173 -40.98 -45.63 17.03
CA PHE L 173 -39.71 -45.61 17.74
C PHE L 173 -39.92 -45.81 19.24
N ASN L 174 -40.94 -45.16 19.80
CA ASN L 174 -41.53 -45.60 21.06
C ASN L 174 -40.51 -45.71 22.19
N VAL L 175 -39.65 -44.69 22.34
CA VAL L 175 -38.65 -44.74 23.39
C VAL L 175 -39.31 -44.83 24.76
N ASN L 176 -40.37 -44.05 24.98
CA ASN L 176 -41.09 -44.10 26.25
C ASN L 176 -42.17 -45.19 26.27
N GLY L 177 -42.49 -45.79 25.14
CA GLY L 177 -43.48 -46.85 25.10
C GLY L 177 -44.90 -46.43 24.79
N LYS L 178 -45.10 -45.27 24.15
CA LYS L 178 -46.43 -44.81 23.77
C LYS L 178 -46.40 -44.38 22.31
N GLY L 179 -47.07 -45.14 21.45
CA GLY L 179 -47.03 -44.85 20.03
C GLY L 179 -48.05 -45.68 19.28
N THR L 180 -48.00 -45.56 17.95
CA THR L 180 -48.96 -46.20 17.07
C THR L 180 -48.26 -47.18 16.14
N ILE L 181 -49.06 -48.05 15.52
CA ILE L 181 -48.53 -49.08 14.63
C ILE L 181 -49.19 -48.99 13.25
N THR L 182 -50.43 -48.50 13.21
CA THR L 182 -51.24 -48.52 11.98
C THR L 182 -51.26 -49.93 11.39
N ASN L 183 -51.83 -50.84 12.17
CA ASN L 183 -51.58 -52.28 12.07
C ASN L 183 -51.56 -52.88 10.67
N LYS L 184 -52.68 -52.90 9.95
CA LYS L 184 -52.75 -53.64 8.69
C LYS L 184 -54.15 -53.46 8.11
N ALA L 185 -54.32 -53.90 6.86
CA ALA L 185 -55.61 -54.00 6.21
C ALA L 185 -55.92 -55.46 5.93
N ALA L 186 -57.14 -55.89 6.27
CA ALA L 186 -57.50 -57.30 6.21
C ALA L 186 -57.66 -57.76 4.76
N THR L 187 -57.79 -59.09 4.61
CA THR L 187 -58.00 -59.70 3.30
C THR L 187 -58.88 -60.93 3.46
N VAL L 188 -59.24 -61.54 2.32
CA VAL L 188 -60.13 -62.69 2.33
C VAL L 188 -59.48 -63.87 3.02
N SER L 189 -58.16 -64.03 2.87
CA SER L 189 -57.46 -65.09 3.57
C SER L 189 -57.55 -64.88 5.08
N ASP L 190 -57.41 -63.64 5.53
CA ASP L 190 -57.56 -63.34 6.94
C ASP L 190 -58.97 -63.65 7.42
N LEU L 191 -59.98 -63.32 6.62
CA LEU L 191 -61.35 -63.64 6.99
C LEU L 191 -61.57 -65.15 7.11
N THR L 192 -61.05 -65.91 6.15
CA THR L 192 -61.18 -67.37 6.21
C THR L 192 -60.46 -67.92 7.43
N SER L 193 -59.28 -67.40 7.74
CA SER L 193 -58.56 -67.85 8.93
C SER L 193 -59.35 -67.55 10.19
N ALA L 194 -59.96 -66.36 10.26
CA ALA L 194 -60.84 -66.03 11.38
C ALA L 194 -62.08 -66.90 11.41
N GLY L 195 -62.45 -67.51 10.29
CA GLY L 195 -63.55 -68.46 10.27
C GLY L 195 -64.83 -67.98 9.61
N ALA L 196 -64.80 -66.84 8.92
CA ALA L 196 -65.98 -66.35 8.24
C ALA L 196 -66.37 -67.30 7.11
N LYS L 197 -67.68 -67.46 6.90
CA LYS L 197 -68.22 -68.33 5.88
C LYS L 197 -68.77 -67.51 4.73
N LEU L 198 -68.51 -67.97 3.51
CA LEU L 198 -69.07 -67.30 2.34
C LEU L 198 -70.54 -67.67 2.19
N ASN L 199 -71.38 -66.65 2.00
CA ASN L 199 -72.81 -66.85 1.78
C ASN L 199 -73.03 -66.98 0.27
N THR L 200 -73.46 -68.17 -0.17
CA THR L 200 -73.58 -68.43 -1.60
C THR L 200 -74.65 -67.57 -2.24
N THR L 201 -75.77 -67.35 -1.55
CA THR L 201 -76.89 -66.64 -2.16
C THR L 201 -76.59 -65.16 -2.33
N THR L 202 -75.76 -64.58 -1.47
CA THR L 202 -75.48 -63.15 -1.53
C THR L 202 -74.04 -62.82 -1.93
N GLY L 203 -73.11 -63.75 -1.77
CA GLY L 203 -71.72 -63.49 -2.12
C GLY L 203 -70.90 -62.82 -1.05
N LEU L 204 -71.52 -62.42 0.07
CA LEU L 204 -70.79 -61.76 1.14
C LEU L 204 -70.08 -62.79 2.02
N TYR L 205 -69.25 -62.30 2.94
CA TYR L 205 -68.61 -63.12 3.95
C TYR L 205 -69.22 -62.80 5.30
N ASP L 206 -69.81 -63.79 5.94
CA ASP L 206 -70.48 -63.61 7.23
C ASP L 206 -69.61 -64.24 8.32
N LEU L 207 -69.31 -63.45 9.35
CA LEU L 207 -68.54 -63.90 10.50
C LEU L 207 -69.47 -63.99 11.70
N LYS L 208 -69.53 -65.17 12.30
CA LYS L 208 -70.40 -65.44 13.43
C LYS L 208 -69.57 -65.69 14.68
N THR L 209 -69.86 -64.95 15.75
CA THR L 209 -69.19 -65.11 17.03
C THR L 209 -70.20 -65.61 18.06
N GLU L 210 -69.86 -66.71 18.73
CA GLU L 210 -70.75 -67.29 19.71
C GLU L 210 -70.57 -66.62 21.07
N ASN L 211 -71.59 -66.78 21.92
CA ASN L 211 -71.63 -66.13 23.23
C ASN L 211 -71.93 -67.19 24.27
N THR L 212 -71.11 -67.25 25.32
CA THR L 212 -71.26 -68.27 26.35
C THR L 212 -72.37 -67.88 27.33
N LEU L 213 -73.23 -68.85 27.65
CA LEU L 213 -74.30 -68.62 28.60
C LEU L 213 -73.75 -68.26 29.97
N LEU L 214 -74.51 -67.48 30.72
CA LEU L 214 -74.08 -67.04 32.04
C LEU L 214 -73.86 -68.23 32.96
N THR L 215 -72.74 -68.22 33.66
CA THR L 215 -72.35 -69.28 34.57
C THR L 215 -72.39 -68.80 36.01
N THR L 216 -72.39 -69.77 36.94
CA THR L 216 -72.44 -69.44 38.35
C THR L 216 -71.21 -68.65 38.79
N ASP L 217 -70.04 -68.99 38.26
CA ASP L 217 -68.82 -68.29 38.64
C ASP L 217 -68.88 -66.82 38.21
N ALA L 218 -69.32 -66.56 36.98
CA ALA L 218 -69.45 -65.17 36.52
C ALA L 218 -70.51 -64.43 37.32
N ALA L 219 -71.63 -65.09 37.63
CA ALA L 219 -72.66 -64.45 38.44
C ALA L 219 -72.13 -64.08 39.82
N PHE L 220 -71.35 -64.98 40.43
CA PHE L 220 -70.79 -64.70 41.75
C PHE L 220 -69.77 -63.59 41.68
N ASP L 221 -68.98 -63.55 40.60
CA ASP L 221 -68.04 -62.45 40.43
C ASP L 221 -68.77 -61.11 40.31
N LYS L 222 -69.89 -61.10 39.59
CA LYS L 222 -70.66 -59.87 39.44
C LYS L 222 -71.60 -59.60 40.60
N LEU L 223 -71.65 -60.49 41.60
CA LEU L 223 -72.50 -60.27 42.75
C LEU L 223 -72.11 -58.98 43.48
N GLY L 224 -73.10 -58.24 43.94
CA GLY L 224 -72.88 -57.00 44.65
C GLY L 224 -73.57 -57.01 46.01
N ASN L 225 -73.43 -55.89 46.70
CA ASN L 225 -74.03 -55.75 48.02
C ASN L 225 -75.55 -55.76 47.92
N GLY L 226 -76.18 -56.51 48.84
CA GLY L 226 -77.62 -56.61 48.87
C GLY L 226 -78.21 -57.61 47.90
N ASP L 227 -77.40 -58.38 47.19
CA ASP L 227 -77.90 -59.35 46.24
C ASP L 227 -78.56 -60.53 46.96
N LYS L 228 -79.58 -61.09 46.34
CA LYS L 228 -80.37 -62.17 46.92
C LYS L 228 -80.25 -63.42 46.05
N VAL L 229 -79.90 -64.53 46.68
CA VAL L 229 -79.74 -65.81 45.99
C VAL L 229 -80.70 -66.81 46.60
N THR L 230 -81.52 -67.43 45.75
CA THR L 230 -82.54 -68.38 46.19
C THR L 230 -82.23 -69.74 45.59
N VAL L 231 -81.71 -70.65 46.41
CA VAL L 231 -81.45 -72.03 46.01
C VAL L 231 -82.08 -72.96 47.04
N GLY L 232 -82.80 -73.97 46.56
CA GLY L 232 -83.44 -74.91 47.46
C GLY L 232 -84.53 -74.31 48.30
N GLY L 233 -85.10 -73.18 47.87
CA GLY L 233 -86.18 -72.55 48.60
C GLY L 233 -85.78 -71.68 49.76
N VAL L 234 -84.48 -71.49 50.00
CA VAL L 234 -83.99 -70.67 51.10
C VAL L 234 -83.24 -69.47 50.51
N ASP L 235 -83.46 -68.30 51.10
CA ASP L 235 -82.92 -67.06 50.57
C ASP L 235 -81.66 -66.67 51.33
N TYR L 236 -80.61 -66.29 50.58
CA TYR L 236 -79.34 -65.85 51.13
C TYR L 236 -79.10 -64.42 50.66
N THR L 237 -78.57 -63.58 51.53
CA THR L 237 -78.22 -62.21 51.16
C THR L 237 -76.71 -62.06 51.17
N TYR L 238 -76.14 -61.68 50.03
CA TYR L 238 -74.70 -61.52 49.92
C TYR L 238 -74.25 -60.28 50.66
N ASN L 239 -73.11 -60.39 51.36
CA ASN L 239 -72.50 -59.27 52.05
C ASN L 239 -71.09 -59.10 51.52
N ALA L 240 -70.83 -57.94 50.91
CA ALA L 240 -69.52 -57.65 50.35
C ALA L 240 -68.51 -57.22 51.41
N LYS L 241 -68.99 -56.66 52.53
CA LYS L 241 -68.09 -56.24 53.59
C LYS L 241 -67.33 -57.43 54.15
N SER L 242 -68.04 -58.52 54.44
CA SER L 242 -67.41 -59.77 54.83
C SER L 242 -67.35 -60.80 53.71
N GLY L 243 -68.01 -60.53 52.58
CA GLY L 243 -67.97 -61.42 51.43
C GLY L 243 -68.55 -62.79 51.70
N ASP L 244 -69.74 -62.85 52.29
CA ASP L 244 -70.35 -64.13 52.62
C ASP L 244 -71.86 -63.95 52.65
N PHE L 245 -72.60 -65.06 52.65
CA PHE L 245 -74.04 -65.00 52.60
C PHE L 245 -74.63 -65.08 54.00
N THR L 246 -75.49 -64.12 54.32
CA THR L 246 -76.22 -64.13 55.58
C THR L 246 -77.63 -64.67 55.34
N THR L 247 -78.11 -65.44 56.31
CA THR L 247 -79.40 -66.09 56.21
C THR L 247 -80.18 -65.85 57.50
N THR L 248 -81.51 -65.92 57.39
CA THR L 248 -82.38 -65.90 58.56
C THR L 248 -83.04 -67.28 58.66
N LYS L 249 -82.84 -67.95 59.78
CA LYS L 249 -83.37 -69.28 60.00
C LYS L 249 -84.31 -69.29 61.19
N SER L 250 -85.55 -69.71 60.96
CA SER L 250 -86.46 -70.01 62.05
C SER L 250 -86.14 -71.39 62.63
N THR L 251 -86.60 -71.61 63.86
CA THR L 251 -86.36 -72.89 64.52
C THR L 251 -86.96 -74.03 63.72
N ALA L 252 -88.29 -74.08 63.63
CA ALA L 252 -89.00 -75.15 62.95
C ALA L 252 -90.47 -74.74 62.87
N GLY L 253 -91.32 -75.70 62.47
CA GLY L 253 -92.74 -75.47 62.36
C GLY L 253 -93.25 -75.53 60.95
N THR L 254 -93.82 -76.66 60.57
CA THR L 254 -94.41 -76.87 59.25
C THR L 254 -95.85 -77.33 59.31
N GLY L 255 -96.22 -78.14 60.30
CA GLY L 255 -97.60 -78.54 60.44
C GLY L 255 -98.49 -77.38 60.86
N VAL L 256 -99.78 -77.50 60.55
CA VAL L 256 -100.74 -76.44 60.81
C VAL L 256 -101.52 -76.64 62.11
N ASP L 257 -101.41 -77.80 62.74
CA ASP L 257 -102.14 -78.09 63.97
C ASP L 257 -101.17 -78.55 65.04
N ALA L 258 -101.68 -78.66 66.27
CA ALA L 258 -100.86 -79.07 67.40
C ALA L 258 -100.32 -80.49 67.21
N ALA L 259 -101.17 -81.39 66.74
CA ALA L 259 -100.77 -82.78 66.50
C ALA L 259 -100.13 -82.90 65.11
N ALA L 260 -98.92 -82.34 65.01
CA ALA L 260 -98.19 -82.33 63.76
C ALA L 260 -96.69 -82.43 64.07
N GLN L 261 -95.89 -82.47 63.02
CA GLN L 261 -94.43 -82.53 63.16
C GLN L 261 -93.83 -81.20 63.58
N ALA L 262 -94.63 -80.12 63.63
CA ALA L 262 -94.07 -78.83 64.05
C ALA L 262 -93.49 -78.91 65.46
N ALA L 263 -94.20 -79.58 66.37
CA ALA L 263 -93.75 -79.63 67.76
C ALA L 263 -92.43 -80.39 67.89
N ASP L 264 -92.35 -81.59 67.29
CA ASP L 264 -91.14 -82.38 67.49
C ASP L 264 -89.97 -81.79 66.70
N SER L 265 -90.24 -81.19 65.54
CA SER L 265 -89.18 -80.49 64.83
C SER L 265 -88.64 -79.31 65.65
N ALA L 266 -89.55 -78.55 66.28
CA ALA L 266 -89.10 -77.44 67.12
C ALA L 266 -88.28 -77.94 68.30
N SER L 267 -88.72 -79.03 68.92
CA SER L 267 -87.97 -79.56 70.07
C SER L 267 -86.60 -80.04 69.66
N LYS L 268 -86.50 -80.77 68.54
CA LYS L 268 -85.20 -81.28 68.12
C LYS L 268 -84.29 -80.16 67.65
N ARG L 269 -84.84 -79.11 67.04
CA ARG L 269 -84.00 -77.98 66.65
C ARG L 269 -83.51 -77.22 67.87
N ASP L 270 -84.36 -77.06 68.88
CA ASP L 270 -83.92 -76.46 70.14
C ASP L 270 -82.81 -77.28 70.77
N ALA L 271 -82.95 -78.60 70.77
CA ALA L 271 -81.90 -79.46 71.31
C ALA L 271 -80.61 -79.32 70.53
N LEU L 272 -80.71 -79.27 69.19
CA LEU L 272 -79.52 -79.13 68.36
C LEU L 272 -78.82 -77.82 68.64
N ALA L 273 -79.59 -76.73 68.78
CA ALA L 273 -78.98 -75.44 69.12
C ALA L 273 -78.31 -75.51 70.48
N ALA L 274 -78.94 -76.17 71.45
CA ALA L 274 -78.33 -76.31 72.77
C ALA L 274 -77.01 -77.07 72.70
N THR L 275 -76.96 -78.14 71.91
CA THR L 275 -75.69 -78.86 71.73
C THR L 275 -74.66 -77.98 71.03
N LEU L 276 -75.08 -77.18 70.05
CA LEU L 276 -74.16 -76.26 69.39
C LEU L 276 -73.60 -75.24 70.37
N HIS L 277 -74.38 -74.88 71.39
CA HIS L 277 -73.93 -73.96 72.43
C HIS L 277 -73.06 -74.62 73.49
N ALA L 278 -72.52 -75.81 73.23
CA ALA L 278 -71.73 -76.50 74.25
C ALA L 278 -70.49 -75.70 74.63
N ASP L 279 -69.57 -75.53 73.69
CA ASP L 279 -68.30 -74.83 73.90
C ASP L 279 -67.62 -75.33 75.18
N VAL L 280 -67.27 -76.61 75.16
CA VAL L 280 -66.69 -77.25 76.34
C VAL L 280 -65.32 -76.68 76.66
N GLY L 281 -64.52 -76.38 75.63
CA GLY L 281 -63.15 -75.96 75.87
C GLY L 281 -63.04 -74.66 76.64
N LYS L 282 -63.83 -73.66 76.24
CA LYS L 282 -63.73 -72.34 76.85
C LYS L 282 -65.13 -71.79 77.10
N SER L 283 -65.23 -70.95 78.13
CA SER L 283 -66.48 -70.33 78.51
C SER L 283 -66.80 -69.14 77.60
N VAL L 284 -68.08 -68.80 77.53
CA VAL L 284 -68.53 -67.67 76.74
C VAL L 284 -69.58 -66.88 77.53
N ASN L 285 -69.63 -65.57 77.24
CA ASN L 285 -70.52 -64.64 77.91
C ASN L 285 -71.59 -64.15 76.95
N GLY L 286 -72.80 -63.93 77.48
CA GLY L 286 -73.91 -63.39 76.73
C GLY L 286 -74.90 -62.66 77.63
N SER L 287 -76.08 -62.38 77.08
CA SER L 287 -77.11 -61.69 77.84
C SER L 287 -78.48 -62.24 77.47
N TYR L 288 -79.32 -62.43 78.48
CA TYR L 288 -80.70 -62.91 78.30
C TYR L 288 -81.65 -61.79 78.71
N THR L 289 -82.50 -61.35 77.78
CA THR L 289 -83.36 -60.20 78.00
C THR L 289 -84.81 -60.63 77.85
N THR L 290 -85.63 -60.33 78.85
CA THR L 290 -87.06 -60.57 78.81
C THR L 290 -87.76 -59.39 78.15
N LYS L 291 -89.08 -59.31 78.29
CA LYS L 291 -89.84 -58.23 77.67
C LYS L 291 -89.43 -56.87 78.24
N ASP L 292 -89.21 -56.80 79.56
CA ASP L 292 -88.88 -55.55 80.21
C ASP L 292 -87.62 -55.62 81.07
N GLY L 293 -86.92 -56.75 81.10
CA GLY L 293 -85.74 -56.89 81.93
C GLY L 293 -84.68 -57.70 81.24
N THR L 294 -83.44 -57.51 81.70
CA THR L 294 -82.28 -58.19 81.13
C THR L 294 -81.38 -58.68 82.26
N VAL L 295 -80.57 -59.68 81.94
CA VAL L 295 -79.66 -60.30 82.90
C VAL L 295 -78.42 -60.77 82.15
N SER L 296 -77.27 -60.70 82.83
CA SER L 296 -76.03 -61.22 82.27
C SER L 296 -76.08 -62.74 82.19
N PHE L 297 -75.10 -63.30 81.51
CA PHE L 297 -75.03 -64.75 81.30
C PHE L 297 -73.58 -65.14 81.07
N GLU L 298 -73.10 -66.15 81.79
CA GLU L 298 -71.72 -66.62 81.63
C GLU L 298 -71.72 -68.14 81.72
N THR L 299 -71.68 -68.81 80.57
CA THR L 299 -71.72 -70.27 80.55
C THR L 299 -70.33 -70.82 80.29
N ASP L 300 -70.03 -71.98 80.89
CA ASP L 300 -68.73 -72.62 80.75
C ASP L 300 -68.77 -73.77 79.76
N SER L 301 -69.61 -74.76 80.00
CA SER L 301 -69.68 -75.94 79.14
C SER L 301 -71.03 -76.60 79.34
N ALA L 302 -71.44 -77.36 78.31
CA ALA L 302 -72.70 -78.10 78.32
C ALA L 302 -73.90 -77.21 78.58
N GLY L 303 -73.78 -75.93 78.26
CA GLY L 303 -74.86 -74.99 78.49
C GLY L 303 -75.23 -74.81 79.95
N ASN L 304 -74.22 -74.72 80.82
CA ASN L 304 -74.45 -74.54 82.25
C ASN L 304 -74.51 -73.05 82.57
N ILE L 305 -75.60 -72.63 83.20
CA ILE L 305 -75.83 -71.22 83.49
C ILE L 305 -75.11 -70.86 84.77
N THR L 306 -74.21 -69.87 84.69
CA THR L 306 -73.49 -69.36 85.84
C THR L 306 -73.56 -67.85 85.84
N ILE L 307 -74.08 -67.27 86.92
CA ILE L 307 -74.25 -65.82 87.05
C ILE L 307 -73.43 -65.38 88.25
N GLY L 308 -72.38 -64.60 87.99
CA GLY L 308 -71.53 -64.12 89.08
C GLY L 308 -70.86 -65.20 89.88
N GLY L 309 -70.49 -66.30 89.23
CA GLY L 309 -69.86 -67.42 89.91
C GLY L 309 -70.81 -68.34 90.64
N SER L 310 -72.11 -68.06 90.62
CA SER L 310 -73.12 -68.88 91.28
C SER L 310 -74.12 -69.35 90.25
N GLN L 311 -74.45 -70.64 90.29
CA GLN L 311 -75.36 -71.22 89.31
C GLN L 311 -76.76 -70.66 89.50
N ALA L 312 -77.34 -70.13 88.43
CA ALA L 312 -78.70 -69.62 88.44
C ALA L 312 -79.65 -70.69 87.91
N TYR L 313 -80.95 -70.38 87.95
CA TYR L 313 -81.98 -71.31 87.55
C TYR L 313 -83.04 -70.56 86.77
N VAL L 314 -83.79 -71.31 85.97
CA VAL L 314 -84.84 -70.76 85.12
C VAL L 314 -86.20 -71.17 85.67
N ASP L 315 -87.13 -70.23 85.68
CA ASP L 315 -88.47 -70.46 86.19
C ASP L 315 -89.37 -71.00 85.06
N ASP L 316 -90.66 -71.16 85.38
CA ASP L 316 -91.61 -71.63 84.39
C ASP L 316 -91.78 -70.63 83.25
N ALA L 317 -91.79 -69.34 83.57
CA ALA L 317 -91.97 -68.30 82.57
C ALA L 317 -90.64 -67.85 81.96
N GLY L 318 -89.57 -68.61 82.17
CA GLY L 318 -88.28 -68.30 81.60
C GLY L 318 -87.47 -67.27 82.34
N ASN L 319 -87.98 -66.73 83.44
CA ASN L 319 -87.22 -65.74 84.22
C ASN L 319 -86.03 -66.41 84.90
N LEU L 320 -84.90 -65.72 84.91
CA LEU L 320 -83.66 -66.24 85.48
C LEU L 320 -83.48 -65.69 86.88
N THR L 321 -83.35 -66.58 87.86
CA THR L 321 -83.18 -66.18 89.25
C THR L 321 -82.08 -67.02 89.90
N THR L 322 -81.38 -66.42 90.86
CA THR L 322 -80.31 -67.12 91.55
C THR L 322 -80.83 -68.14 92.54
N ASN L 323 -82.02 -67.95 93.09
CA ASN L 323 -82.58 -68.84 94.10
C ASN L 323 -83.49 -69.89 93.47
N ASN L 324 -84.01 -70.76 94.31
CA ASN L 324 -84.88 -71.86 93.89
C ASN L 324 -86.24 -71.71 94.55
N ALA L 325 -87.29 -71.81 93.74
CA ALA L 325 -88.67 -71.78 94.22
C ALA L 325 -89.29 -73.15 93.99
N GLY L 326 -89.49 -73.89 95.07
CA GLY L 326 -90.03 -75.23 94.96
C GLY L 326 -89.11 -76.20 94.23
N SER L 327 -87.80 -76.02 94.36
CA SER L 327 -86.81 -76.87 93.70
C SER L 327 -86.98 -76.87 92.18
N ALA L 328 -87.49 -75.78 91.62
CA ALA L 328 -87.65 -75.65 90.18
C ALA L 328 -86.37 -75.07 89.58
N ALA L 329 -85.29 -75.86 89.69
CA ALA L 329 -83.98 -75.40 89.26
C ALA L 329 -83.79 -75.54 87.75
N LYS L 330 -83.78 -76.79 87.27
CA LYS L 330 -83.59 -77.13 85.86
C LYS L 330 -82.57 -76.20 85.17
N ALA L 331 -81.41 -76.08 85.79
CA ALA L 331 -80.36 -75.17 85.31
C ALA L 331 -79.60 -75.81 84.17
N ASP L 332 -80.16 -75.72 82.97
CA ASP L 332 -79.52 -76.26 81.77
C ASP L 332 -79.94 -75.44 80.57
N MET L 333 -79.11 -75.49 79.53
CA MET L 333 -79.40 -74.75 78.31
C MET L 333 -80.68 -75.25 77.65
N LYS L 334 -80.86 -76.57 77.58
CA LYS L 334 -82.06 -77.12 76.99
C LYS L 334 -83.31 -76.69 77.74
N ALA L 335 -83.26 -76.76 79.08
CA ALA L 335 -84.41 -76.34 79.88
C ALA L 335 -84.69 -74.86 79.72
N LEU L 336 -83.64 -74.04 79.70
CA LEU L 336 -83.83 -72.60 79.53
C LEU L 336 -84.46 -72.29 78.17
N LEU L 337 -83.96 -72.93 77.11
CA LEU L 337 -84.52 -72.69 75.78
C LEU L 337 -85.96 -73.15 75.69
N LYS L 338 -86.27 -74.31 76.28
CA LYS L 338 -87.65 -74.80 76.23
C LYS L 338 -88.58 -73.90 77.03
N ALA L 339 -88.13 -73.43 78.20
CA ALA L 339 -88.94 -72.51 78.99
C ALA L 339 -89.17 -71.20 78.26
N ALA L 340 -88.14 -70.68 77.58
CA ALA L 340 -88.32 -69.47 76.79
C ALA L 340 -89.28 -69.68 75.64
N SER L 341 -89.20 -70.84 74.97
CA SER L 341 -90.09 -71.13 73.86
C SER L 341 -91.54 -71.25 74.33
N GLU L 342 -91.75 -71.92 75.47
CA GLU L 342 -93.10 -72.10 76.00
C GLU L 342 -93.59 -70.91 76.81
N GLY L 343 -92.74 -69.91 77.03
CA GLY L 343 -93.15 -68.76 77.82
C GLY L 343 -94.19 -67.91 77.11
N SER L 344 -94.96 -67.19 77.93
CA SER L 344 -96.01 -66.33 77.37
C SER L 344 -95.41 -65.18 76.57
N ASP L 345 -94.28 -64.66 77.00
CA ASP L 345 -93.64 -63.51 76.36
C ASP L 345 -92.30 -63.94 75.75
N GLY L 346 -91.99 -63.37 74.60
CA GLY L 346 -90.74 -63.67 73.93
C GLY L 346 -89.54 -63.06 74.63
N ALA L 347 -88.37 -63.50 74.20
CA ALA L 347 -87.10 -63.09 74.80
C ALA L 347 -86.05 -62.87 73.72
N SER L 348 -84.92 -62.31 74.12
CA SER L 348 -83.78 -62.09 73.22
C SER L 348 -82.50 -62.57 73.90
N LEU L 349 -81.70 -63.33 73.16
CA LEU L 349 -80.40 -63.78 73.61
C LEU L 349 -79.32 -63.13 72.76
N THR L 350 -78.31 -62.57 73.41
CA THR L 350 -77.16 -62.01 72.72
C THR L 350 -75.94 -62.82 73.11
N PHE L 351 -75.23 -63.35 72.11
CA PHE L 351 -74.06 -64.19 72.34
C PHE L 351 -72.83 -63.61 71.65
N ASN L 352 -71.75 -64.40 71.62
CA ASN L 352 -70.56 -63.97 70.90
C ASN L 352 -70.85 -63.79 69.42
N GLY L 353 -71.67 -64.68 68.85
CA GLY L 353 -72.04 -64.56 67.45
C GLY L 353 -73.27 -63.72 67.22
N THR L 354 -74.24 -64.27 66.49
CA THR L 354 -75.45 -63.54 66.18
C THR L 354 -76.42 -63.54 67.35
N GLU L 355 -77.38 -62.61 67.31
CA GLU L 355 -78.38 -62.47 68.34
C GLU L 355 -79.62 -63.26 67.96
N TYR L 356 -80.12 -64.06 68.91
CA TYR L 356 -81.28 -64.91 68.70
C TYR L 356 -82.50 -64.24 69.31
N THR L 357 -83.65 -64.36 68.64
CA THR L 357 -84.91 -63.84 69.17
C THR L 357 -85.90 -64.98 69.30
N ILE L 358 -86.37 -65.24 70.52
CA ILE L 358 -87.38 -66.24 70.78
C ILE L 358 -88.73 -65.53 70.75
N ALA L 359 -89.55 -65.89 69.76
CA ALA L 359 -90.82 -65.21 69.55
C ALA L 359 -91.86 -65.63 70.60
N LYS L 360 -92.89 -64.82 70.73
CA LYS L 360 -93.98 -65.07 71.66
C LYS L 360 -94.70 -66.38 71.37
N GLY L 376 -90.43 -70.83 68.82
CA GLY L 376 -89.71 -70.42 67.63
C GLY L 376 -88.60 -69.43 67.92
N ILE L 377 -87.43 -69.67 67.33
CA ILE L 377 -86.27 -68.80 67.47
C ILE L 377 -85.86 -68.36 66.07
N THR L 378 -85.78 -67.06 65.87
CA THR L 378 -85.30 -66.47 64.62
C THR L 378 -83.89 -65.94 64.85
N TYR L 379 -82.98 -66.26 63.93
CA TYR L 379 -81.59 -65.85 64.10
C TYR L 379 -80.89 -65.79 62.75
N GLN L 380 -79.85 -64.97 62.71
CA GLN L 380 -78.99 -64.85 61.53
C GLN L 380 -77.92 -65.93 61.55
N ALA L 381 -77.48 -66.32 60.36
CA ALA L 381 -76.43 -67.32 60.20
C ALA L 381 -75.57 -66.94 59.01
N THR L 382 -74.33 -67.43 59.02
CA THR L 382 -73.33 -67.11 58.00
C THR L 382 -72.95 -68.37 57.25
N VAL L 383 -72.94 -68.28 55.91
CA VAL L 383 -72.47 -69.35 55.05
C VAL L 383 -71.49 -68.78 54.05
N SER L 384 -70.53 -69.61 53.64
CA SER L 384 -69.49 -69.16 52.72
C SER L 384 -70.02 -69.09 51.29
N LYS L 385 -69.49 -68.12 50.53
CA LYS L 385 -69.83 -68.02 49.11
C LYS L 385 -69.42 -69.28 48.37
N ASP L 386 -68.27 -69.86 48.71
CA ASP L 386 -67.87 -71.11 48.08
C ASP L 386 -68.86 -72.22 48.40
N VAL L 387 -69.35 -72.25 49.64
CA VAL L 387 -70.35 -73.25 50.01
C VAL L 387 -71.60 -73.09 49.15
N VAL L 388 -72.14 -71.86 49.12
CA VAL L 388 -73.38 -71.61 48.38
C VAL L 388 -73.19 -71.94 46.91
N LEU L 389 -72.01 -71.62 46.37
CA LEU L 389 -71.69 -72.02 45.00
C LEU L 389 -71.76 -73.53 44.84
N SER L 390 -71.25 -74.27 45.84
CA SER L 390 -71.26 -75.72 45.74
C SER L 390 -72.68 -76.27 45.70
N GLU L 391 -73.58 -75.78 46.56
CA GLU L 391 -74.96 -76.28 46.48
C GLU L 391 -75.63 -75.84 45.18
N THR L 392 -75.34 -74.62 44.69
CA THR L 392 -75.97 -74.17 43.47
C THR L 392 -75.56 -75.02 42.26
N LYS L 393 -74.27 -75.37 42.18
CA LYS L 393 -73.79 -76.13 41.03
C LYS L 393 -73.75 -77.64 41.27
N ALA L 394 -74.22 -78.10 42.43
CA ALA L 394 -74.15 -79.53 42.74
C ALA L 394 -75.02 -80.35 41.80
N ALA L 395 -76.28 -79.97 41.64
CA ALA L 395 -77.21 -80.75 40.83
C ALA L 395 -78.14 -79.77 40.11
N ALA L 396 -79.22 -80.31 39.55
CA ALA L 396 -80.19 -79.51 38.79
C ALA L 396 -81.05 -78.70 39.75
N ALA L 397 -80.42 -77.73 40.39
CA ALA L 397 -81.10 -76.86 41.35
C ALA L 397 -81.82 -75.73 40.61
N THR L 398 -82.77 -75.12 41.31
CA THR L 398 -83.54 -73.99 40.78
C THR L 398 -83.03 -72.66 41.32
N SER L 399 -81.73 -72.53 41.50
CA SER L 399 -81.15 -71.32 42.06
C SER L 399 -81.42 -70.12 41.16
N SER L 400 -81.71 -68.97 41.78
CA SER L 400 -81.92 -67.72 41.08
C SER L 400 -81.16 -66.61 41.80
N ILE L 401 -80.56 -65.72 41.03
CA ILE L 401 -79.76 -64.63 41.56
C ILE L 401 -80.39 -63.31 41.14
N THR L 402 -80.59 -62.41 42.09
CA THR L 402 -81.16 -61.10 41.82
C THR L 402 -80.06 -60.06 41.91
N PHE L 403 -79.74 -59.44 40.78
CA PHE L 403 -78.78 -58.34 40.73
C PHE L 403 -79.53 -57.05 41.00
N ASN L 404 -79.14 -56.35 42.06
CA ASN L 404 -79.79 -55.12 42.49
C ASN L 404 -78.75 -54.02 42.59
N SER L 405 -78.98 -52.91 41.90
CA SER L 405 -78.12 -51.75 41.95
C SER L 405 -78.63 -50.70 42.94
N GLY L 406 -79.68 -51.02 43.70
CA GLY L 406 -80.32 -50.08 44.59
C GLY L 406 -81.42 -49.27 43.93
N VAL L 407 -81.46 -49.25 42.60
CA VAL L 407 -82.52 -48.59 41.84
C VAL L 407 -83.04 -49.60 40.84
N LEU L 408 -82.14 -50.20 40.09
CA LEU L 408 -82.45 -51.14 39.01
C LEU L 408 -82.19 -52.56 39.49
N SER L 409 -83.13 -53.47 39.23
CA SER L 409 -83.00 -54.85 39.66
C SER L 409 -83.43 -55.79 38.55
N LYS L 410 -82.76 -56.94 38.46
CA LYS L 410 -83.15 -58.01 37.55
C LYS L 410 -82.88 -59.36 38.18
N THR L 411 -83.83 -60.29 38.03
CA THR L 411 -83.70 -61.63 38.56
C THR L 411 -83.41 -62.61 37.42
N ILE L 412 -82.35 -63.40 37.59
CA ILE L 412 -81.94 -64.39 36.59
C ILE L 412 -82.04 -65.76 37.24
N GLY L 413 -82.82 -66.65 36.63
CA GLY L 413 -82.96 -68.00 37.13
C GLY L 413 -82.27 -69.02 36.25
N PHE L 414 -81.18 -69.60 36.76
CA PHE L 414 -80.37 -70.53 35.99
C PHE L 414 -80.20 -71.83 36.77
N THR L 415 -80.24 -72.95 36.05
CA THR L 415 -80.17 -74.28 36.64
C THR L 415 -78.80 -74.88 36.36
N ALA L 416 -78.02 -75.07 37.42
CA ALA L 416 -76.71 -75.72 37.35
C ALA L 416 -75.82 -75.06 36.29
N GLY L 417 -75.68 -73.74 36.39
CA GLY L 417 -74.88 -73.03 35.42
C GLY L 417 -75.69 -72.21 34.43
N GLU L 418 -75.84 -72.75 33.22
CA GLU L 418 -76.50 -72.02 32.14
C GLU L 418 -77.96 -71.71 32.49
N SER L 419 -78.43 -70.58 31.99
CA SER L 419 -79.80 -70.15 32.24
C SER L 419 -80.77 -71.00 31.43
N SER L 420 -81.85 -71.46 32.07
CA SER L 420 -82.87 -72.25 31.41
C SER L 420 -84.23 -71.56 31.40
N ASP L 421 -84.30 -70.29 31.82
CA ASP L 421 -85.55 -69.56 31.91
C ASP L 421 -85.87 -68.78 30.64
N ALA L 422 -85.40 -69.25 29.48
CA ALA L 422 -85.60 -68.58 28.20
C ALA L 422 -85.03 -67.16 28.22
N ALA L 423 -83.98 -66.95 29.00
CA ALA L 423 -83.33 -65.65 29.12
C ALA L 423 -81.97 -65.71 28.43
N LYS L 424 -81.70 -64.70 27.60
CA LYS L 424 -80.43 -64.64 26.86
C LYS L 424 -79.41 -63.86 27.70
N SER L 425 -78.78 -64.57 28.63
CA SER L 425 -77.72 -64.02 29.45
C SER L 425 -76.39 -64.59 28.99
N TYR L 426 -75.44 -63.71 28.68
CA TYR L 426 -74.17 -64.14 28.12
C TYR L 426 -73.05 -63.23 28.60
N VAL L 427 -71.82 -63.70 28.44
CA VAL L 427 -70.65 -63.03 29.01
C VAL L 427 -69.50 -62.83 28.04
N ASP L 428 -69.44 -63.55 26.91
CA ASP L 428 -68.22 -63.59 26.11
C ASP L 428 -67.83 -62.24 25.51
N ASP L 429 -68.77 -61.30 25.39
CA ASP L 429 -68.49 -60.05 24.69
C ASP L 429 -67.33 -59.29 25.32
N LYS L 430 -67.55 -58.73 26.51
CA LYS L 430 -66.48 -58.06 27.25
C LYS L 430 -66.57 -58.39 28.74
N GLY L 431 -67.28 -59.45 29.08
CA GLY L 431 -67.64 -59.70 30.47
C GLY L 431 -69.01 -59.14 30.79
N GLY L 432 -69.46 -59.42 32.00
CA GLY L 432 -70.76 -58.94 32.39
C GLY L 432 -71.89 -59.72 31.71
N ILE L 433 -73.06 -59.10 31.73
CA ILE L 433 -74.28 -59.71 31.21
C ILE L 433 -74.70 -58.97 29.95
N THR L 434 -75.13 -59.71 28.94
CA THR L 434 -75.64 -59.13 27.71
C THR L 434 -76.81 -59.97 27.21
N ASN L 435 -77.65 -59.34 26.40
CA ASN L 435 -78.85 -59.99 25.87
C ASN L 435 -78.67 -60.45 24.43
N VAL L 436 -77.45 -60.42 23.90
CA VAL L 436 -77.21 -60.81 22.51
C VAL L 436 -76.96 -62.32 22.47
N ALA L 437 -77.86 -63.05 21.81
CA ALA L 437 -77.70 -64.49 21.69
C ALA L 437 -76.57 -64.85 20.72
N ASP L 438 -76.56 -64.21 19.56
CA ASP L 438 -75.59 -64.51 18.52
C ASP L 438 -75.05 -63.22 17.94
N TYR L 439 -73.78 -63.25 17.52
CA TYR L 439 -73.09 -62.09 16.98
C TYR L 439 -72.61 -62.43 15.58
N THR L 440 -73.31 -61.91 14.57
CA THR L 440 -73.00 -62.19 13.17
C THR L 440 -72.91 -60.88 12.40
N VAL L 441 -71.83 -60.71 11.63
CA VAL L 441 -71.60 -59.52 10.83
C VAL L 441 -71.19 -59.95 9.43
N SER L 442 -71.57 -59.15 8.42
CA SER L 442 -71.33 -59.48 7.03
C SER L 442 -70.20 -58.63 6.47
N TYR L 443 -69.26 -59.27 5.79
CA TYR L 443 -68.12 -58.61 5.18
C TYR L 443 -68.19 -58.77 3.67
N SER L 444 -68.03 -57.67 2.95
CA SER L 444 -67.96 -57.67 1.50
C SER L 444 -66.53 -57.45 1.06
N VAL L 445 -66.04 -58.30 0.17
CA VAL L 445 -64.68 -58.24 -0.33
C VAL L 445 -64.73 -57.69 -1.75
N ASN L 446 -64.00 -56.60 -1.98
CA ASN L 446 -63.96 -55.99 -3.31
C ASN L 446 -63.12 -56.88 -4.22
N LYS L 447 -63.69 -57.22 -5.38
CA LYS L 447 -63.00 -58.12 -6.30
C LYS L 447 -61.78 -57.45 -6.93
N ASP L 448 -61.86 -56.15 -7.19
CA ASP L 448 -60.73 -55.45 -7.80
C ASP L 448 -59.68 -55.08 -6.75
N ASN L 449 -60.07 -54.28 -5.76
CA ASN L 449 -59.12 -53.79 -4.77
C ASN L 449 -58.60 -54.92 -3.89
N GLY L 450 -59.48 -55.83 -3.49
CA GLY L 450 -59.14 -56.83 -2.50
C GLY L 450 -59.42 -56.44 -1.07
N SER L 451 -59.89 -55.22 -0.84
CA SER L 451 -60.18 -54.74 0.50
C SER L 451 -61.48 -55.36 1.04
N VAL L 452 -61.61 -55.33 2.36
CA VAL L 452 -62.75 -55.90 3.06
C VAL L 452 -63.50 -54.78 3.77
N THR L 453 -64.81 -54.70 3.56
CA THR L 453 -65.63 -53.68 4.19
C THR L 453 -66.81 -54.33 4.91
N VAL L 454 -67.29 -53.65 5.94
CA VAL L 454 -68.46 -54.12 6.68
C VAL L 454 -69.71 -53.72 5.92
N ALA L 455 -70.59 -54.70 5.65
CA ALA L 455 -71.81 -54.46 4.89
C ALA L 455 -73.04 -54.81 5.71
N GLY L 456 -73.05 -54.39 6.98
CA GLY L 456 -74.17 -54.65 7.86
C GLY L 456 -73.99 -55.91 8.68
N TYR L 457 -75.00 -56.22 9.48
CA TYR L 457 -74.95 -57.40 10.32
C TYR L 457 -76.36 -57.82 10.67
N ALA L 458 -76.50 -59.09 11.07
CA ALA L 458 -77.77 -59.64 11.51
C ALA L 458 -77.57 -60.36 12.83
N SER L 459 -78.55 -60.22 13.72
CA SER L 459 -78.50 -60.85 15.03
C SER L 459 -79.83 -61.53 15.31
N ALA L 460 -79.77 -62.65 16.05
CA ALA L 460 -80.99 -63.37 16.40
C ALA L 460 -81.91 -62.51 17.25
N THR L 461 -81.37 -61.83 18.25
CA THR L 461 -82.14 -60.92 19.07
C THR L 461 -82.16 -59.53 18.43
N ASP L 462 -82.83 -58.59 19.09
CA ASP L 462 -82.90 -57.23 18.57
C ASP L 462 -81.52 -56.56 18.59
N THR L 463 -80.81 -56.67 19.71
CA THR L 463 -79.47 -56.14 19.92
C THR L 463 -79.51 -54.62 20.02
N ASN L 464 -80.66 -54.03 19.72
CA ASN L 464 -80.87 -52.58 19.80
C ASN L 464 -79.75 -51.80 19.11
N LYS L 465 -79.10 -52.43 18.13
CA LYS L 465 -77.97 -51.85 17.42
C LYS L 465 -76.85 -51.43 18.38
N ASP L 466 -76.69 -52.20 19.47
CA ASP L 466 -75.65 -51.88 20.44
C ASP L 466 -74.27 -52.28 19.91
N TYR L 467 -74.16 -53.46 19.30
CA TYR L 467 -72.92 -53.92 18.70
C TYR L 467 -72.80 -53.53 17.23
N ALA L 468 -73.46 -52.46 16.81
CA ALA L 468 -73.51 -52.09 15.41
C ALA L 468 -72.19 -51.45 14.98
N PRO L 469 -71.49 -52.01 13.99
CA PRO L 469 -70.34 -51.33 13.41
C PRO L 469 -70.74 -50.48 12.22
N ALA L 470 -69.90 -49.49 11.92
CA ALA L 470 -70.15 -48.61 10.79
C ALA L 470 -70.08 -49.39 9.48
N ILE L 471 -71.05 -49.15 8.61
CA ILE L 471 -71.11 -49.83 7.32
C ILE L 471 -70.20 -49.13 6.33
N GLY L 472 -69.44 -49.93 5.58
CA GLY L 472 -68.50 -49.40 4.60
C GLY L 472 -67.14 -49.04 5.15
N THR L 473 -66.87 -49.34 6.41
CA THR L 473 -65.57 -49.05 6.99
C THR L 473 -64.58 -50.17 6.68
N ALA L 474 -63.36 -49.79 6.31
CA ALA L 474 -62.33 -50.77 6.01
C ALA L 474 -62.05 -51.64 7.22
N VAL L 475 -61.88 -52.94 6.98
CA VAL L 475 -61.65 -53.90 8.05
C VAL L 475 -60.16 -54.12 8.20
N ASN L 476 -59.67 -54.03 9.44
CA ASN L 476 -58.25 -54.11 9.74
C ASN L 476 -57.97 -55.32 10.60
N VAL L 477 -56.74 -55.83 10.49
CA VAL L 477 -56.28 -56.97 11.27
C VAL L 477 -55.46 -56.45 12.45
N ASN L 478 -55.86 -56.83 13.66
CA ASN L 478 -55.16 -56.40 14.85
C ASN L 478 -53.76 -57.01 14.90
N SER L 479 -52.94 -56.49 15.81
CA SER L 479 -51.60 -57.04 16.00
C SER L 479 -51.66 -58.49 16.43
N ALA L 480 -52.60 -58.82 17.33
CA ALA L 480 -52.78 -60.20 17.75
C ALA L 480 -53.34 -61.08 16.64
N GLY L 481 -53.91 -60.48 15.60
CA GLY L 481 -54.45 -61.23 14.47
C GLY L 481 -55.96 -61.23 14.39
N LYS L 482 -56.66 -60.48 15.23
CA LYS L 482 -58.11 -60.43 15.21
C LYS L 482 -58.60 -59.46 14.14
N ILE L 483 -59.92 -59.30 14.06
CA ILE L 483 -60.55 -58.38 13.12
C ILE L 483 -61.07 -57.19 13.90
N THR L 484 -60.67 -55.98 13.49
CA THR L 484 -61.09 -54.77 14.17
C THR L 484 -61.13 -53.61 13.17
N THR L 485 -61.96 -52.61 13.47
CA THR L 485 -62.08 -51.45 12.62
C THR L 485 -61.09 -50.34 12.98
N GLU L 486 -60.39 -50.45 14.11
CA GLU L 486 -59.48 -49.40 14.54
C GLU L 486 -58.25 -49.38 13.64
N THR L 487 -57.87 -48.18 13.19
CA THR L 487 -56.74 -48.05 12.28
C THR L 487 -55.42 -48.31 12.99
N THR L 488 -55.24 -47.72 14.18
CA THR L 488 -53.98 -47.75 14.89
C THR L 488 -54.12 -48.53 16.19
N SER L 489 -53.12 -49.35 16.50
CA SER L 489 -53.04 -50.09 17.74
C SER L 489 -51.77 -49.70 18.48
N ALA L 490 -51.87 -49.54 19.79
CA ALA L 490 -50.72 -49.15 20.59
C ALA L 490 -49.66 -50.25 20.57
N GLY L 491 -48.40 -49.83 20.72
CA GLY L 491 -47.28 -50.74 20.69
C GLY L 491 -46.48 -50.66 21.99
N SER L 492 -45.18 -50.93 21.85
CA SER L 492 -44.28 -50.95 22.99
C SER L 492 -42.92 -50.40 22.56
N ALA L 493 -42.01 -50.32 23.52
CA ALA L 493 -40.69 -49.78 23.25
C ALA L 493 -39.93 -50.66 22.27
N THR L 494 -39.18 -50.02 21.37
CA THR L 494 -38.38 -50.77 20.41
C THR L 494 -37.31 -51.57 21.14
N THR L 495 -37.06 -52.79 20.64
CA THR L 495 -36.14 -53.68 21.33
C THR L 495 -34.69 -53.20 21.22
N ASN L 496 -34.25 -52.85 20.01
CA ASN L 496 -32.87 -52.45 19.77
C ASN L 496 -32.87 -51.15 18.98
N PRO L 497 -32.98 -50.00 19.64
CA PRO L 497 -33.08 -48.74 18.90
C PRO L 497 -31.79 -48.34 18.22
N LEU L 498 -30.65 -48.56 18.88
CA LEU L 498 -29.38 -48.13 18.33
C LEU L 498 -29.04 -48.90 17.05
N ALA L 499 -29.40 -50.18 16.99
CA ALA L 499 -29.17 -50.95 15.77
C ALA L 499 -29.97 -50.40 14.60
N ALA L 500 -31.24 -50.06 14.83
CA ALA L 500 -32.06 -49.50 13.77
C ALA L 500 -31.52 -48.14 13.33
N LEU L 501 -31.08 -47.33 14.29
CA LEU L 501 -30.49 -46.03 13.94
C LEU L 501 -29.23 -46.21 13.11
N ASP L 502 -28.40 -47.21 13.46
CA ASP L 502 -27.20 -47.49 12.68
C ASP L 502 -27.55 -47.92 11.27
N ASP L 503 -28.59 -48.75 11.13
CA ASP L 503 -29.02 -49.16 9.80
C ASP L 503 -29.48 -47.97 8.97
N ALA L 504 -30.24 -47.06 9.57
CA ALA L 504 -30.67 -45.87 8.86
C ALA L 504 -29.49 -45.02 8.43
N ILE L 505 -28.52 -44.82 9.34
CA ILE L 505 -27.35 -44.02 9.00
C ILE L 505 -26.57 -44.67 7.87
N SER L 506 -26.46 -46.01 7.90
CA SER L 506 -25.76 -46.72 6.84
C SER L 506 -26.44 -46.54 5.49
N SER L 507 -27.78 -46.59 5.48
CA SER L 507 -28.50 -46.36 4.23
C SER L 507 -28.24 -44.96 3.71
N ILE L 508 -28.27 -43.96 4.60
CA ILE L 508 -28.01 -42.58 4.19
C ILE L 508 -26.60 -42.48 3.61
N ASP L 509 -25.63 -43.10 4.26
CA ASP L 509 -24.24 -43.02 3.80
C ASP L 509 -24.07 -43.69 2.44
N LYS L 510 -24.72 -44.83 2.24
CA LYS L 510 -24.62 -45.49 0.93
C LYS L 510 -25.22 -44.62 -0.16
N PHE L 511 -26.37 -43.99 0.10
CA PHE L 511 -26.95 -43.10 -0.88
C PHE L 511 -26.02 -41.93 -1.20
N ARG L 512 -25.43 -41.34 -0.17
CA ARG L 512 -24.54 -40.21 -0.40
C ARG L 512 -23.31 -40.62 -1.20
N SER L 513 -22.76 -41.80 -0.90
CA SER L 513 -21.60 -42.28 -1.64
C SER L 513 -21.92 -42.50 -3.12
N SER L 514 -23.06 -43.14 -3.40
CA SER L 514 -23.45 -43.34 -4.79
C SER L 514 -23.63 -42.00 -5.50
N LEU L 515 -24.27 -41.04 -4.83
CA LEU L 515 -24.49 -39.73 -5.43
C LEU L 515 -23.18 -39.04 -5.74
N GLY L 516 -22.23 -39.09 -4.80
CA GLY L 516 -20.94 -38.47 -5.04
C GLY L 516 -20.19 -39.11 -6.18
N ALA L 517 -20.24 -40.44 -6.29
CA ALA L 517 -19.58 -41.11 -7.40
C ALA L 517 -20.18 -40.68 -8.73
N ILE L 518 -21.50 -40.62 -8.81
CA ILE L 518 -22.15 -40.17 -10.05
C ILE L 518 -21.73 -38.75 -10.38
N GLN L 519 -21.66 -37.89 -9.37
CA GLN L 519 -21.27 -36.50 -9.62
C GLN L 519 -19.84 -36.41 -10.16
N ASN L 520 -18.92 -37.18 -9.58
CA ASN L 520 -17.54 -37.15 -10.06
C ASN L 520 -17.46 -37.63 -11.51
N ARG L 521 -18.15 -38.71 -11.84
CA ARG L 521 -18.12 -39.18 -13.22
C ARG L 521 -18.75 -38.16 -14.17
N LEU L 522 -19.76 -37.44 -13.71
CA LEU L 522 -20.35 -36.40 -14.54
C LEU L 522 -19.37 -35.26 -14.81
N ASP L 523 -18.61 -34.88 -13.78
CA ASP L 523 -17.59 -33.84 -13.99
C ASP L 523 -16.53 -34.29 -14.98
N SER L 524 -16.09 -35.55 -14.87
CA SER L 524 -15.14 -36.07 -15.85
C SER L 524 -15.72 -36.03 -17.25
N ALA L 525 -17.00 -36.37 -17.39
CA ALA L 525 -17.65 -36.30 -18.69
C ALA L 525 -17.64 -34.87 -19.23
N VAL L 526 -17.87 -33.89 -18.36
CA VAL L 526 -17.85 -32.49 -18.79
C VAL L 526 -16.49 -32.13 -19.35
N THR L 527 -15.43 -32.52 -18.63
CA THR L 527 -14.08 -32.19 -19.08
C THR L 527 -13.78 -32.83 -20.44
N ASN L 528 -14.14 -34.10 -20.60
CA ASN L 528 -13.91 -34.78 -21.87
C ASN L 528 -14.69 -34.11 -23.01
N LEU L 529 -15.93 -33.70 -22.74
CA LEU L 529 -16.73 -33.05 -23.75
C LEU L 529 -16.09 -31.73 -24.19
N ASN L 530 -15.58 -30.96 -23.23
CA ASN L 530 -14.93 -29.70 -23.58
C ASN L 530 -13.70 -29.94 -24.46
N ASN L 531 -12.88 -30.94 -24.10
CA ASN L 531 -11.71 -31.23 -24.91
C ASN L 531 -12.08 -31.64 -26.32
N THR L 532 -13.09 -32.52 -26.45
CA THR L 532 -13.50 -32.98 -27.78
C THR L 532 -14.07 -31.83 -28.59
N THR L 533 -14.83 -30.93 -27.95
CA THR L 533 -15.36 -29.78 -28.67
C THR L 533 -14.25 -28.90 -29.20
N THR L 534 -13.22 -28.65 -28.39
CA THR L 534 -12.10 -27.84 -28.86
C THR L 534 -11.42 -28.50 -30.06
N ASN L 535 -11.16 -29.80 -29.96
CA ASN L 535 -10.46 -30.48 -31.05
C ASN L 535 -11.29 -30.48 -32.35
N LEU L 536 -12.59 -30.72 -32.23
CA LEU L 536 -13.43 -30.74 -33.43
C LEU L 536 -13.56 -29.35 -34.03
N SER L 537 -13.62 -28.31 -33.20
CA SER L 537 -13.64 -26.96 -33.73
C SER L 537 -12.36 -26.65 -34.48
N GLU L 538 -11.22 -27.09 -33.95
CA GLU L 538 -9.97 -26.92 -34.65
C GLU L 538 -9.97 -27.65 -35.99
N ALA L 539 -10.51 -28.88 -36.02
CA ALA L 539 -10.55 -29.63 -37.27
C ALA L 539 -11.42 -28.94 -38.31
N GLN L 540 -12.57 -28.43 -37.89
CA GLN L 540 -13.42 -27.69 -38.81
C GLN L 540 -12.71 -26.45 -39.33
N SER L 541 -11.96 -25.77 -38.46
CA SER L 541 -11.18 -24.63 -38.90
C SER L 541 -10.13 -25.05 -39.93
N ARG L 542 -9.53 -26.23 -39.75
CA ARG L 542 -8.60 -26.76 -40.74
C ARG L 542 -9.28 -26.90 -42.10
N ILE L 543 -10.47 -27.50 -42.10
CA ILE L 543 -11.14 -27.78 -43.38
C ILE L 543 -11.59 -26.49 -44.05
N GLN L 544 -12.25 -25.61 -43.29
CA GLN L 544 -12.80 -24.35 -43.79
C GLN L 544 -11.76 -23.23 -43.62
N ASP L 545 -12.23 -21.99 -43.64
CA ASP L 545 -11.43 -20.83 -43.23
C ASP L 545 -10.23 -20.56 -44.13
N ALA L 546 -10.50 -20.11 -45.36
CA ALA L 546 -9.46 -19.74 -46.30
C ALA L 546 -8.45 -18.78 -45.69
N ASP L 547 -7.25 -18.78 -46.25
CA ASP L 547 -6.14 -17.97 -45.77
C ASP L 547 -6.17 -16.59 -46.43
N TYR L 548 -6.26 -15.54 -45.61
CA TYR L 548 -6.30 -14.18 -46.16
C TYR L 548 -5.02 -13.81 -46.89
N ALA L 549 -3.87 -14.34 -46.48
CA ALA L 549 -2.66 -14.04 -47.24
C ALA L 549 -2.81 -14.51 -48.69
N THR L 550 -3.21 -15.77 -48.87
CA THR L 550 -3.36 -16.32 -50.22
C THR L 550 -4.46 -15.59 -50.98
N GLU L 551 -5.59 -15.32 -50.33
CA GLU L 551 -6.70 -14.67 -51.05
C GLU L 551 -6.36 -13.24 -51.44
N VAL L 552 -5.65 -12.50 -50.57
CA VAL L 552 -5.24 -11.15 -50.92
C VAL L 552 -4.28 -11.17 -52.10
N SER L 553 -3.31 -12.09 -52.08
CA SER L 553 -2.39 -12.19 -53.21
C SER L 553 -3.16 -12.53 -54.48
N ASN L 554 -4.11 -13.45 -54.39
CA ASN L 554 -4.87 -13.86 -55.56
C ASN L 554 -5.68 -12.71 -56.13
N MET L 555 -6.38 -11.96 -55.27
CA MET L 555 -7.18 -10.87 -55.80
C MET L 555 -6.30 -9.77 -56.37
N SER L 556 -5.14 -9.53 -55.77
CA SER L 556 -4.26 -8.49 -56.29
C SER L 556 -3.75 -8.83 -57.68
N LYS L 557 -3.28 -10.07 -57.86
CA LYS L 557 -2.83 -10.45 -59.19
C LYS L 557 -4.00 -10.51 -60.16
N ALA L 558 -5.20 -10.86 -59.69
CA ALA L 558 -6.37 -10.85 -60.56
C ALA L 558 -6.70 -9.44 -61.03
N GLN L 559 -6.64 -8.47 -60.12
CA GLN L 559 -6.90 -7.08 -60.50
C GLN L 559 -5.88 -6.58 -61.51
N ILE L 560 -4.61 -6.91 -61.30
CA ILE L 560 -3.60 -6.49 -62.27
C ILE L 560 -3.82 -7.16 -63.62
N ILE L 561 -4.17 -8.44 -63.62
CA ILE L 561 -4.45 -9.11 -64.88
C ILE L 561 -5.63 -8.45 -65.58
N GLN L 562 -6.65 -8.07 -64.82
CA GLN L 562 -7.82 -7.43 -65.42
C GLN L 562 -7.46 -6.08 -66.02
N GLN L 563 -6.67 -5.27 -65.29
CA GLN L 563 -6.29 -3.96 -65.82
C GLN L 563 -5.41 -4.11 -67.06
N ALA L 564 -4.48 -5.06 -67.04
CA ALA L 564 -3.65 -5.30 -68.21
C ALA L 564 -4.50 -5.75 -69.39
N GLY L 565 -5.48 -6.62 -69.13
CA GLY L 565 -6.37 -7.06 -70.19
C GLY L 565 -7.19 -5.91 -70.76
N ASN L 566 -7.66 -5.01 -69.90
CA ASN L 566 -8.42 -3.86 -70.38
C ASN L 566 -7.56 -2.95 -71.23
N SER L 567 -6.32 -2.70 -70.81
CA SER L 567 -5.44 -1.85 -71.59
C SER L 567 -5.10 -2.48 -72.94
N VAL L 568 -4.78 -3.77 -72.94
CA VAL L 568 -4.48 -4.46 -74.19
C VAL L 568 -5.73 -4.51 -75.07
N LEU L 569 -6.91 -4.64 -74.47
CA LEU L 569 -8.15 -4.61 -75.22
C LEU L 569 -8.36 -3.27 -75.87
N ALA L 570 -8.02 -2.19 -75.16
CA ALA L 570 -8.12 -0.86 -75.77
C ALA L 570 -7.15 -0.73 -76.94
N LYS L 571 -5.93 -1.25 -76.78
CA LYS L 571 -4.96 -1.18 -77.88
C LYS L 571 -5.41 -2.01 -79.08
N ALA L 572 -6.01 -3.17 -78.84
CA ALA L 572 -6.48 -4.00 -79.94
C ALA L 572 -7.74 -3.41 -80.59
N ASN L 573 -8.65 -2.88 -79.78
CA ASN L 573 -9.82 -2.16 -80.25
C ASN L 573 -9.43 -0.86 -80.95
N GLN L 574 -8.16 -0.45 -80.82
CA GLN L 574 -7.63 0.56 -81.73
C GLN L 574 -7.51 -0.15 -83.07
N VAL L 575 -8.67 -0.51 -83.63
CA VAL L 575 -8.80 -1.35 -84.80
C VAL L 575 -8.26 -0.56 -85.99
N PRO L 576 -7.82 -1.23 -87.05
CA PRO L 576 -7.07 -0.51 -88.09
C PRO L 576 -7.81 0.68 -88.69
N GLN L 577 -7.29 1.88 -88.47
CA GLN L 577 -7.64 3.01 -89.30
C GLN L 577 -6.65 3.17 -90.44
N GLN L 578 -5.62 2.33 -90.47
CA GLN L 578 -4.71 2.33 -91.61
C GLN L 578 -5.44 1.91 -92.88
N VAL L 579 -6.54 1.18 -92.77
CA VAL L 579 -7.37 0.93 -93.95
C VAL L 579 -7.96 2.24 -94.46
N LEU L 580 -8.43 3.09 -93.54
CA LEU L 580 -8.89 4.43 -93.93
C LEU L 580 -7.76 5.21 -94.56
N SER L 581 -6.56 5.10 -93.98
CA SER L 581 -5.39 5.80 -94.52
C SER L 581 -5.09 5.35 -95.94
N LEU L 582 -5.21 4.06 -96.21
CA LEU L 582 -5.02 3.55 -97.57
C LEU L 582 -6.13 4.01 -98.48
N LEU L 583 -7.33 4.24 -97.93
CA LEU L 583 -8.49 4.50 -98.78
C LEU L 583 -8.33 5.75 -99.62
N GLN L 584 -7.88 6.85 -99.03
CA GLN L 584 -7.81 8.08 -99.81
C GLN L 584 -6.62 8.12 -100.75
N GLY L 585 -5.69 7.18 -100.65
CA GLY L 585 -4.53 7.16 -101.52
C GLY L 585 -4.86 6.72 -102.93
N MET M 1 16.66 30.77 -72.53
CA MET M 1 15.87 29.55 -72.60
C MET M 1 15.35 29.31 -74.02
N ALA M 2 14.46 30.20 -74.48
CA ALA M 2 13.88 30.04 -75.80
C ALA M 2 14.95 30.10 -76.89
N GLN M 3 16.05 30.81 -76.62
CA GLN M 3 17.06 31.02 -77.65
C GLN M 3 18.10 29.91 -77.72
N VAL M 4 18.31 29.15 -76.65
CA VAL M 4 19.36 28.13 -76.58
C VAL M 4 18.77 26.83 -76.08
N ILE M 5 19.25 25.72 -76.62
CA ILE M 5 18.88 24.39 -76.12
C ILE M 5 20.08 23.55 -75.74
N ASN M 6 21.30 23.96 -76.10
CA ASN M 6 22.46 23.11 -75.84
C ASN M 6 22.82 23.09 -74.35
N THR M 7 22.55 24.17 -73.63
CA THR M 7 22.84 24.25 -72.21
C THR M 7 21.62 24.78 -71.46
N ASN M 8 21.66 24.66 -70.14
CA ASN M 8 20.59 25.18 -69.29
C ASN M 8 21.24 25.85 -68.09
N SER M 9 21.37 27.18 -68.18
CA SER M 9 21.89 27.95 -67.06
C SER M 9 21.06 27.75 -65.81
N LEU M 10 19.74 27.73 -65.96
CA LEU M 10 18.86 27.52 -64.81
C LEU M 10 19.12 26.16 -64.16
N SER M 11 19.27 25.12 -64.98
CA SER M 11 19.54 23.79 -64.43
C SER M 11 20.87 23.77 -63.69
N LEU M 12 21.90 24.39 -64.26
CA LEU M 12 23.20 24.40 -63.61
C LEU M 12 23.14 25.12 -62.26
N ILE M 13 22.47 26.28 -62.23
CA ILE M 13 22.36 27.03 -60.99
C ILE M 13 21.59 26.24 -59.94
N THR M 14 20.49 25.61 -60.34
CA THR M 14 19.71 24.82 -59.41
C THR M 14 20.52 23.65 -58.87
N GLN M 15 21.30 22.99 -59.72
CA GLN M 15 22.13 21.88 -59.25
C GLN M 15 23.17 22.36 -58.24
N ASN M 16 23.78 23.52 -58.50
CA ASN M 16 24.75 24.08 -57.55
C ASN M 16 24.08 24.33 -56.20
N ASN M 17 22.89 24.94 -56.21
CA ASN M 17 22.20 25.22 -54.97
C ASN M 17 21.83 23.94 -54.23
N ILE M 18 21.42 22.92 -54.98
CA ILE M 18 21.06 21.64 -54.36
C ILE M 18 22.27 21.04 -53.65
N ASN M 19 23.44 21.05 -54.31
CA ASN M 19 24.63 20.51 -53.66
C ASN M 19 25.00 21.30 -52.42
N LYS M 20 24.90 22.64 -52.51
CA LYS M 20 25.19 23.47 -51.35
C LYS M 20 24.28 23.12 -50.18
N ASN M 21 23.01 22.85 -50.45
CA ASN M 21 22.12 22.36 -49.39
C ASN M 21 22.57 21.00 -48.88
N GLN M 22 22.96 20.11 -49.81
CA GLN M 22 23.26 18.73 -49.44
C GLN M 22 24.37 18.67 -48.40
N SER M 23 25.36 19.57 -48.52
CA SER M 23 26.41 19.60 -47.51
C SER M 23 25.83 19.73 -46.10
N ALA M 24 24.97 20.73 -45.89
CA ALA M 24 24.41 20.98 -44.57
C ALA M 24 23.44 19.87 -44.16
N LEU M 25 22.70 19.33 -45.11
CA LEU M 25 21.78 18.24 -44.79
C LEU M 25 22.53 17.04 -44.23
N SER M 26 23.59 16.63 -44.92
CA SER M 26 24.39 15.50 -44.45
C SER M 26 25.02 15.81 -43.10
N SER M 27 25.55 17.02 -42.93
CA SER M 27 26.13 17.40 -41.65
C SER M 27 25.13 17.25 -40.52
N SER M 28 23.94 17.82 -40.70
CA SER M 28 22.93 17.78 -39.64
C SER M 28 22.50 16.35 -39.32
N ILE M 29 22.29 15.53 -40.35
CA ILE M 29 21.83 14.16 -40.11
C ILE M 29 22.89 13.37 -39.34
N GLU M 30 24.16 13.48 -39.74
CA GLU M 30 25.19 12.74 -39.03
C GLU M 30 25.37 13.27 -37.61
N ARG M 31 25.21 14.58 -37.41
CA ARG M 31 25.34 15.12 -36.06
C ARG M 31 24.23 14.60 -35.15
N LEU M 32 23.00 14.52 -35.66
CA LEU M 32 21.93 13.93 -34.86
C LEU M 32 22.18 12.46 -34.58
N SER M 33 22.65 11.72 -35.59
CA SER M 33 22.88 10.30 -35.37
C SER M 33 23.95 10.06 -34.31
N SER M 34 25.04 10.81 -34.36
CA SER M 34 26.13 10.58 -33.41
C SER M 34 25.81 11.15 -32.04
N GLY M 35 25.13 12.30 -31.99
CA GLY M 35 24.87 12.95 -30.72
C GLY M 35 26.03 13.77 -30.19
N LEU M 36 26.93 14.21 -31.06
CA LEU M 36 28.10 14.98 -30.68
C LEU M 36 28.21 16.23 -31.53
N ARG M 37 28.54 17.36 -30.89
CA ARG M 37 28.69 18.61 -31.62
C ARG M 37 29.95 18.59 -32.49
N ILE M 38 31.07 18.16 -31.91
CA ILE M 38 32.34 18.06 -32.63
C ILE M 38 32.48 16.63 -33.14
N ASN M 39 32.35 16.45 -34.44
CA ASN M 39 32.35 15.14 -35.05
C ASN M 39 33.33 15.14 -36.21
N SER M 40 34.23 14.15 -36.22
CA SER M 40 35.22 13.95 -37.27
C SER M 40 36.17 15.13 -37.43
N ALA M 41 36.16 16.08 -36.49
CA ALA M 41 37.07 17.22 -36.47
C ALA M 41 37.04 18.01 -37.77
N LYS M 42 35.90 18.05 -38.46
CA LYS M 42 35.74 18.88 -39.65
C LYS M 42 35.42 20.32 -39.29
N ASP M 43 35.69 20.67 -38.04
CA ASP M 43 35.29 21.94 -37.44
C ASP M 43 36.46 22.40 -36.58
N ASP M 44 36.20 23.34 -35.66
CA ASP M 44 37.24 23.84 -34.78
C ASP M 44 37.95 22.69 -34.06
N ALA M 45 39.22 22.46 -34.40
CA ALA M 45 39.96 21.36 -33.81
C ALA M 45 40.40 21.66 -32.39
N ALA M 46 40.35 22.93 -31.97
CA ALA M 46 40.60 23.24 -30.57
C ALA M 46 39.59 22.53 -29.68
N GLY M 47 38.33 22.50 -30.09
CA GLY M 47 37.33 21.76 -29.34
C GLY M 47 37.64 20.29 -29.26
N GLN M 48 38.10 19.70 -30.37
CA GLN M 48 38.47 18.29 -30.37
C GLN M 48 39.59 18.02 -29.38
N ALA M 49 40.64 18.83 -29.42
CA ALA M 49 41.77 18.62 -28.53
C ALA M 49 41.38 18.80 -27.07
N ILE M 50 40.59 19.83 -26.78
CA ILE M 50 40.18 20.08 -25.40
C ILE M 50 39.27 18.96 -24.90
N ALA M 51 38.41 18.43 -25.78
CA ALA M 51 37.58 17.30 -25.40
C ALA M 51 38.43 16.09 -25.08
N ASN M 52 39.48 15.84 -25.87
CA ASN M 52 40.39 14.73 -25.57
C ASN M 52 41.05 14.92 -24.21
N ARG M 53 41.53 16.13 -23.94
CA ARG M 53 42.17 16.39 -22.65
C ARG M 53 41.20 16.16 -21.51
N PHE M 54 39.96 16.61 -21.65
CA PHE M 54 38.96 16.43 -20.60
C PHE M 54 38.64 14.96 -20.40
N THR M 55 38.54 14.19 -21.49
CA THR M 55 38.28 12.76 -21.35
C THR M 55 39.41 12.08 -20.60
N SER M 56 40.65 12.42 -20.93
CA SER M 56 41.79 11.85 -20.22
C SER M 56 41.74 12.20 -18.74
N ASN M 57 41.46 13.46 -18.43
CA ASN M 57 41.39 13.88 -17.03
C ASN M 57 40.30 13.14 -16.29
N ILE M 58 39.13 12.98 -16.91
CA ILE M 58 38.00 12.32 -16.24
C ILE M 58 38.35 10.87 -15.93
N LYS M 59 38.88 10.14 -16.92
CA LYS M 59 39.23 8.75 -16.68
C LYS M 59 40.29 8.63 -15.60
N GLY M 60 41.32 9.48 -15.66
CA GLY M 60 42.35 9.43 -14.64
C GLY M 60 41.82 9.69 -13.25
N LEU M 61 40.94 10.69 -13.12
CA LEU M 61 40.40 11.02 -11.80
C LEU M 61 39.54 9.89 -11.26
N THR M 62 38.74 9.25 -12.12
CA THR M 62 37.92 8.13 -11.66
C THR M 62 38.80 6.99 -11.15
N GLN M 63 39.84 6.66 -11.91
CA GLN M 63 40.72 5.58 -11.47
C GLN M 63 41.44 5.95 -10.18
N ALA M 64 41.79 7.23 -10.04
CA ALA M 64 42.43 7.69 -8.81
C ALA M 64 41.49 7.54 -7.61
N ALA M 65 40.21 7.83 -7.81
CA ALA M 65 39.24 7.64 -6.74
C ALA M 65 39.18 6.17 -6.32
N ARG M 66 39.19 5.26 -7.30
CA ARG M 66 39.19 3.84 -6.96
C ARG M 66 40.45 3.48 -6.15
N ASN M 67 41.60 4.00 -6.56
CA ASN M 67 42.83 3.70 -5.85
C ASN M 67 42.76 4.21 -4.40
N ALA M 68 42.21 5.40 -4.21
CA ALA M 68 42.07 5.94 -2.86
C ALA M 68 41.15 5.06 -2.01
N ASN M 69 40.08 4.52 -2.62
CA ASN M 69 39.23 3.60 -1.88
C ASN M 69 40.01 2.37 -1.43
N ASP M 70 40.86 1.84 -2.31
CA ASP M 70 41.70 0.71 -1.91
C ASP M 70 42.60 1.08 -0.74
N GLY M 71 43.18 2.28 -0.78
CA GLY M 71 44.01 2.72 0.33
C GLY M 71 43.24 2.79 1.64
N ILE M 72 41.99 3.26 1.59
CA ILE M 72 41.15 3.28 2.79
C ILE M 72 40.96 1.87 3.32
N SER M 73 40.77 0.90 2.42
CA SER M 73 40.63 -0.48 2.86
C SER M 73 41.88 -0.97 3.58
N VAL M 74 43.06 -0.63 3.04
CA VAL M 74 44.32 -1.03 3.68
C VAL M 74 44.38 -0.46 5.09
N ALA M 75 44.03 0.83 5.23
CA ALA M 75 44.06 1.46 6.53
C ALA M 75 43.12 0.78 7.52
N GLN M 76 41.92 0.42 7.06
CA GLN M 76 40.96 -0.24 7.95
C GLN M 76 41.51 -1.57 8.46
N THR M 77 42.07 -2.37 7.56
CA THR M 77 42.58 -3.68 7.98
C THR M 77 43.71 -3.53 9.00
N THR M 78 44.66 -2.64 8.70
CA THR M 78 45.77 -2.43 9.62
C THR M 78 45.27 -1.97 10.98
N GLU M 79 44.28 -1.07 10.99
CA GLU M 79 43.78 -0.55 12.26
C GLU M 79 43.08 -1.61 13.07
N GLY M 80 42.34 -2.51 12.42
CA GLY M 80 41.74 -3.63 13.15
C GLY M 80 42.79 -4.50 13.83
N ALA M 81 43.85 -4.82 13.09
CA ALA M 81 44.93 -5.61 13.69
C ALA M 81 45.54 -4.89 14.89
N LEU M 82 45.77 -3.58 14.76
CA LEU M 82 46.32 -2.81 15.86
C LEU M 82 45.39 -2.82 17.07
N SER M 83 44.08 -2.74 16.83
CA SER M 83 43.14 -2.78 17.95
C SER M 83 43.23 -4.09 18.71
N GLU M 84 43.33 -5.21 17.99
CA GLU M 84 43.46 -6.48 18.69
C GLU M 84 44.75 -6.54 19.50
N ILE M 85 45.86 -6.05 18.93
CA ILE M 85 47.12 -6.03 19.66
C ILE M 85 46.98 -5.20 20.93
N ASN M 86 46.28 -4.06 20.84
CA ASN M 86 46.08 -3.20 22.00
C ASN M 86 45.31 -3.90 23.10
N ASN M 87 44.25 -4.64 22.73
CA ASN M 87 43.50 -5.38 23.74
C ASN M 87 44.39 -6.41 24.43
N ASN M 88 45.22 -7.11 23.66
CA ASN M 88 46.13 -8.07 24.27
C ASN M 88 47.08 -7.38 25.25
N LEU M 89 47.62 -6.22 24.87
CA LEU M 89 48.54 -5.51 25.76
C LEU M 89 47.86 -5.07 27.04
N GLN M 90 46.61 -4.60 26.94
CA GLN M 90 45.89 -4.21 28.15
C GLN M 90 45.70 -5.39 29.09
N ARG M 91 45.34 -6.55 28.54
CA ARG M 91 45.18 -7.73 29.41
C ARG M 91 46.51 -8.13 30.04
N ILE M 92 47.60 -8.03 29.28
CA ILE M 92 48.92 -8.33 29.86
C ILE M 92 49.24 -7.40 31.01
N ARG M 93 48.90 -6.12 30.87
CA ARG M 93 49.15 -5.19 31.97
C ARG M 93 48.32 -5.55 33.20
N GLU M 94 47.06 -5.93 32.99
CA GLU M 94 46.25 -6.45 34.10
C GLU M 94 46.99 -7.59 34.81
N LEU M 95 47.48 -8.56 34.03
CA LEU M 95 48.16 -9.70 34.63
C LEU M 95 49.39 -9.28 35.41
N THR M 96 50.16 -8.33 34.88
CA THR M 96 51.36 -7.87 35.58
C THR M 96 51.00 -7.20 36.90
N VAL M 97 49.95 -6.38 36.89
CA VAL M 97 49.52 -5.72 38.11
C VAL M 97 49.12 -6.75 39.16
N GLN M 98 48.44 -7.82 38.73
CA GLN M 98 48.09 -8.86 39.69
C GLN M 98 49.31 -9.64 40.17
N ALA M 99 50.31 -9.79 39.30
CA ALA M 99 51.47 -10.62 39.64
C ALA M 99 52.45 -9.93 40.58
N THR M 100 52.57 -8.60 40.49
CA THR M 100 53.58 -7.92 41.29
C THR M 100 53.32 -7.97 42.80
N THR M 101 52.12 -8.39 43.21
CA THR M 101 51.83 -8.48 44.64
C THR M 101 52.74 -9.50 45.31
N GLY M 102 53.13 -9.21 46.56
CA GLY M 102 53.96 -10.12 47.31
C GLY M 102 53.23 -11.27 47.95
N THR M 103 51.90 -11.29 47.87
CA THR M 103 51.13 -12.40 48.42
C THR M 103 51.25 -13.64 47.54
N ASN M 104 51.35 -13.45 46.22
CA ASN M 104 51.40 -14.58 45.30
C ASN M 104 52.64 -15.42 45.55
N SER M 105 52.48 -16.73 45.41
CA SER M 105 53.57 -17.67 45.62
C SER M 105 54.22 -18.02 44.28
N ASP M 106 55.17 -18.96 44.32
CA ASP M 106 55.94 -19.30 43.12
C ASP M 106 55.06 -19.91 42.03
N SER M 107 54.16 -20.81 42.42
CA SER M 107 53.26 -21.42 41.43
C SER M 107 52.34 -20.38 40.82
N ASP M 108 51.85 -19.44 41.63
CA ASP M 108 50.99 -18.38 41.12
C ASP M 108 51.74 -17.52 40.12
N LEU M 109 52.99 -17.16 40.44
CA LEU M 109 53.79 -16.38 39.51
C LEU M 109 54.05 -17.15 38.23
N ASP M 110 54.30 -18.46 38.34
CA ASP M 110 54.53 -19.27 37.15
C ASP M 110 53.30 -19.29 36.26
N SER M 111 52.12 -19.46 36.85
CA SER M 111 50.90 -19.49 36.04
C SER M 111 50.65 -18.15 35.36
N ILE M 112 50.83 -17.05 36.10
CA ILE M 112 50.64 -15.74 35.51
C ILE M 112 51.62 -15.51 34.37
N GLN M 113 52.87 -15.93 34.56
CA GLN M 113 53.86 -15.77 33.50
C GLN M 113 53.53 -16.63 32.29
N ASP M 114 52.95 -17.81 32.51
CA ASP M 114 52.50 -18.63 31.38
C ASP M 114 51.43 -17.90 30.58
N GLU M 115 50.46 -17.29 31.26
CA GLU M 115 49.44 -16.54 30.56
C GLU M 115 50.04 -15.37 29.80
N ILE M 116 50.99 -14.66 30.42
CA ILE M 116 51.63 -13.53 29.76
C ILE M 116 52.38 -13.97 28.51
N LYS M 117 53.08 -15.10 28.60
CA LYS M 117 53.80 -15.62 27.44
C LYS M 117 52.82 -16.00 26.33
N SER M 118 51.69 -16.60 26.69
CA SER M 118 50.69 -16.93 25.68
C SER M 118 50.20 -15.68 24.95
N ARG M 119 49.93 -14.61 25.69
CA ARG M 119 49.43 -13.42 25.04
C ARG M 119 50.50 -12.71 24.22
N LEU M 120 51.75 -12.75 24.66
CA LEU M 120 52.84 -12.23 23.83
C LEU M 120 52.96 -13.04 22.54
N ASP M 121 52.78 -14.36 22.63
CA ASP M 121 52.78 -15.19 21.43
C ASP M 121 51.67 -14.80 20.49
N GLU M 122 50.47 -14.49 21.03
CA GLU M 122 49.40 -13.99 20.18
C GLU M 122 49.75 -12.67 19.52
N ILE M 123 50.39 -11.75 20.25
CA ILE M 123 50.78 -10.49 19.64
C ILE M 123 51.71 -10.74 18.46
N ASP M 124 52.73 -11.58 18.68
CA ASP M 124 53.67 -11.90 17.61
C ASP M 124 52.97 -12.57 16.43
N ARG M 125 52.07 -13.52 16.72
CA ARG M 125 51.40 -14.27 15.66
C ARG M 125 50.53 -13.34 14.81
N VAL M 126 49.73 -12.50 15.46
CA VAL M 126 48.86 -11.59 14.72
C VAL M 126 49.68 -10.64 13.89
N SER M 127 50.76 -10.10 14.46
CA SER M 127 51.60 -9.16 13.71
C SER M 127 52.21 -9.84 12.49
N GLY M 128 52.70 -11.07 12.66
CA GLY M 128 53.34 -11.76 11.55
C GLY M 128 52.37 -12.15 10.46
N GLN M 129 51.17 -12.62 10.83
CA GLN M 129 50.27 -13.23 9.87
C GLN M 129 49.20 -12.29 9.34
N THR M 130 49.08 -11.07 9.86
CA THR M 130 48.14 -10.12 9.25
C THR M 130 48.61 -9.77 7.85
N GLN M 131 47.73 -9.97 6.87
CA GLN M 131 48.11 -9.85 5.48
C GLN M 131 46.99 -9.19 4.68
N PHE M 132 47.37 -8.33 3.75
CA PHE M 132 46.44 -7.69 2.83
C PHE M 132 47.01 -7.79 1.42
N ASN M 133 46.33 -8.51 0.55
CA ASN M 133 46.73 -8.64 -0.85
C ASN M 133 48.17 -9.14 -0.98
N GLY M 134 48.53 -10.12 -0.15
CA GLY M 134 49.86 -10.69 -0.22
C GLY M 134 50.96 -9.85 0.40
N VAL M 135 50.62 -8.77 1.09
CA VAL M 135 51.59 -7.88 1.72
C VAL M 135 51.39 -7.94 3.22
N ASN M 136 52.46 -8.26 3.95
CA ASN M 136 52.42 -8.29 5.42
C ASN M 136 52.60 -6.85 5.89
N VAL M 137 51.48 -6.21 6.27
CA VAL M 137 51.51 -4.80 6.60
C VAL M 137 52.30 -4.55 7.88
N LEU M 138 52.24 -5.47 8.83
CA LEU M 138 52.86 -5.28 10.13
C LEU M 138 54.22 -5.94 10.26
N ALA M 139 54.79 -6.44 9.18
CA ALA M 139 56.09 -7.09 9.23
C ALA M 139 57.21 -6.25 8.64
N LYS M 140 56.90 -5.16 7.95
CA LYS M 140 57.90 -4.31 7.33
C LYS M 140 57.79 -2.89 7.87
N ASP M 141 58.82 -2.10 7.61
CA ASP M 141 58.90 -0.73 8.09
C ASP M 141 58.85 0.29 6.96
N GLY M 142 58.27 -0.08 5.82
CA GLY M 142 58.27 0.75 4.64
C GLY M 142 57.09 1.69 4.54
N SER M 143 56.78 2.08 3.31
CA SER M 143 55.65 2.95 3.05
C SER M 143 55.05 2.59 1.70
N MET M 144 53.75 2.85 1.57
CA MET M 144 53.01 2.59 0.36
C MET M 144 52.55 3.90 -0.26
N LYS M 145 52.79 4.04 -1.55
CA LYS M 145 52.42 5.26 -2.27
C LYS M 145 51.15 5.01 -3.07
N ILE M 146 50.15 5.86 -2.87
CA ILE M 146 48.84 5.71 -3.50
C ILE M 146 48.68 6.84 -4.50
N GLN M 147 48.40 6.49 -5.75
CA GLN M 147 48.14 7.46 -6.79
C GLN M 147 46.78 8.10 -6.54
N VAL M 148 46.76 9.41 -6.37
CA VAL M 148 45.52 10.13 -6.07
C VAL M 148 45.16 11.14 -7.16
N GLY M 149 46.10 11.60 -7.97
CA GLY M 149 45.81 12.48 -9.08
C GLY M 149 45.99 11.78 -10.42
N ALA M 150 45.79 12.56 -11.49
CA ALA M 150 45.94 12.05 -12.84
C ALA M 150 47.30 12.36 -13.45
N ASN M 151 48.18 13.07 -12.75
CA ASN M 151 49.49 13.42 -13.26
C ASN M 151 50.58 12.76 -12.42
N ASP M 152 51.82 12.95 -12.84
CA ASP M 152 52.96 12.35 -12.16
C ASP M 152 53.19 12.97 -10.79
N GLY M 153 53.62 12.14 -9.84
CA GLY M 153 53.96 12.63 -8.53
C GLY M 153 52.79 12.99 -7.65
N GLU M 154 51.57 12.64 -8.07
CA GLU M 154 50.35 13.02 -7.35
C GLU M 154 49.98 11.87 -6.41
N THR M 155 50.78 11.73 -5.36
CA THR M 155 50.69 10.54 -4.51
C THR M 155 50.49 10.93 -3.05
N ILE M 156 50.01 9.96 -2.29
CA ILE M 156 49.89 10.05 -0.83
C ILE M 156 50.59 8.84 -0.22
N THR M 157 51.40 9.07 0.80
CA THR M 157 52.20 8.00 1.39
C THR M 157 51.59 7.54 2.70
N ILE M 158 51.44 6.22 2.85
CA ILE M 158 51.05 5.60 4.11
C ILE M 158 52.29 4.92 4.67
N ASP M 159 52.71 5.35 5.85
CA ASP M 159 53.86 4.74 6.51
C ASP M 159 53.43 3.56 7.36
N LEU M 160 54.18 2.47 7.31
CA LEU M 160 53.91 1.29 8.11
C LEU M 160 55.03 1.09 9.10
N LYS M 161 54.72 0.41 10.20
CA LYS M 161 55.67 0.17 11.27
C LYS M 161 55.76 -1.33 11.52
N LYS M 162 56.97 -1.81 11.73
CA LYS M 162 57.19 -3.21 12.10
C LYS M 162 56.88 -3.34 13.59
N ILE M 163 55.76 -3.96 13.92
CA ILE M 163 55.32 -4.12 15.30
C ILE M 163 55.38 -5.60 15.64
N ASP M 164 56.11 -5.92 16.70
CA ASP M 164 56.21 -7.27 17.25
C ASP M 164 56.80 -7.14 18.64
N SER M 165 57.22 -8.27 19.22
CA SER M 165 57.90 -8.20 20.50
C SER M 165 59.21 -7.43 20.39
N ASP M 166 59.96 -7.66 19.31
CA ASP M 166 61.29 -7.07 19.21
C ASP M 166 61.25 -5.55 19.24
N THR M 167 60.30 -4.95 18.52
CA THR M 167 60.23 -3.49 18.43
C THR M 167 59.52 -2.86 19.62
N LEU M 168 58.95 -3.65 20.51
CA LEU M 168 58.36 -3.13 21.74
C LEU M 168 59.11 -3.57 22.99
N GLY M 169 60.23 -4.24 22.82
CA GLY M 169 60.95 -4.75 23.98
C GLY M 169 60.24 -5.98 24.51
N LEU M 170 60.06 -6.05 25.82
CA LEU M 170 59.24 -7.08 26.43
C LEU M 170 59.74 -8.49 26.12
N ASN M 171 60.94 -8.61 25.54
CA ASN M 171 61.42 -9.91 25.10
C ASN M 171 61.51 -10.88 26.28
N GLY M 172 62.35 -10.57 27.26
CA GLY M 172 62.38 -11.33 28.48
C GLY M 172 61.49 -10.69 29.53
N PHE M 173 60.17 -10.77 29.36
CA PHE M 173 59.28 -10.12 30.31
C PHE M 173 59.45 -10.68 31.71
N ASN M 174 59.56 -12.01 31.82
CA ASN M 174 60.17 -12.65 32.98
C ASN M 174 59.51 -12.25 34.30
N VAL M 175 58.18 -12.27 34.33
CA VAL M 175 57.49 -11.90 35.56
C VAL M 175 57.86 -12.83 36.71
N ASN M 176 57.93 -14.13 36.43
CA ASN M 176 58.33 -15.10 37.44
C ASN M 176 59.84 -15.27 37.56
N GLY M 177 60.61 -14.71 36.63
CA GLY M 177 62.06 -14.78 36.69
C GLY M 177 62.70 -15.94 35.96
N LYS M 178 62.02 -16.55 34.99
CA LYS M 178 62.57 -17.65 34.22
C LYS M 178 62.33 -17.38 32.75
N GLY M 179 63.41 -17.16 32.00
CA GLY M 179 63.28 -16.82 30.59
C GLY M 179 64.62 -16.79 29.90
N THR M 180 64.59 -16.40 28.64
CA THR M 180 65.78 -16.40 27.78
C THR M 180 66.10 -14.99 27.33
N ILE M 181 67.32 -14.81 26.83
CA ILE M 181 67.80 -13.50 26.42
C ILE M 181 68.30 -13.53 24.97
N THR M 182 68.75 -14.70 24.51
CA THR M 182 69.40 -14.83 23.20
C THR M 182 70.51 -13.79 23.05
N ASN M 183 71.52 -13.96 23.91
CA ASN M 183 72.45 -12.90 24.29
C ASN M 183 73.02 -12.03 23.17
N LYS M 184 73.81 -12.58 22.26
CA LYS M 184 74.54 -11.75 21.30
C LYS M 184 75.34 -12.66 20.38
N ALA M 185 75.90 -12.07 19.33
CA ALA M 185 76.88 -12.71 18.46
C ALA M 185 78.21 -11.98 18.56
N ALA M 186 79.29 -12.74 18.72
CA ALA M 186 80.60 -12.16 18.99
C ALA M 186 81.17 -11.47 17.75
N THR M 187 82.27 -10.74 17.96
CA THR M 187 82.96 -10.05 16.88
C THR M 187 84.45 -9.99 17.19
N VAL M 188 85.22 -9.50 16.22
CA VAL M 188 86.68 -9.47 16.35
C VAL M 188 87.09 -8.52 17.47
N SER M 189 86.36 -7.42 17.65
CA SER M 189 86.64 -6.53 18.77
C SER M 189 86.44 -7.25 20.09
N ASP M 190 85.38 -8.06 20.20
CA ASP M 190 85.15 -8.83 21.41
C ASP M 190 86.28 -9.84 21.63
N LEU M 191 86.75 -10.48 20.56
CA LEU M 191 87.87 -11.42 20.70
C LEU M 191 89.12 -10.70 21.19
N THR M 192 89.42 -9.54 20.61
CA THR M 192 90.59 -8.79 21.04
C THR M 192 90.48 -8.35 22.49
N SER M 193 89.30 -7.91 22.90
CA SER M 193 89.09 -7.53 24.29
C SER M 193 89.28 -8.73 25.22
N ALA M 194 88.77 -9.90 24.82
CA ALA M 194 88.98 -11.12 25.59
C ALA M 194 90.43 -11.57 25.60
N GLY M 195 91.24 -11.11 24.63
CA GLY M 195 92.65 -11.39 24.63
C GLY M 195 93.14 -12.36 23.58
N ALA M 196 92.30 -12.72 22.61
CA ALA M 196 92.73 -13.61 21.55
C ALA M 196 93.82 -12.96 20.71
N LYS M 197 94.78 -13.77 20.27
CA LYS M 197 95.90 -13.31 19.47
C LYS M 197 95.73 -13.78 18.02
N LEU M 198 96.02 -12.89 17.09
CA LEU M 198 95.98 -13.26 15.68
C LEU M 198 97.22 -14.07 15.31
N ASN M 199 97.02 -15.20 14.65
CA ASN M 199 98.12 -16.04 14.19
C ASN M 199 98.48 -15.59 12.77
N THR M 200 99.70 -15.06 12.62
CA THR M 200 100.10 -14.47 11.34
C THR M 200 100.18 -15.52 10.24
N THR M 201 100.69 -16.71 10.56
CA THR M 201 100.91 -17.72 9.52
C THR M 201 99.60 -18.30 8.99
N THR M 202 98.56 -18.36 9.82
CA THR M 202 97.30 -18.97 9.42
C THR M 202 96.16 -17.97 9.29
N GLY M 203 96.24 -16.81 9.92
CA GLY M 203 95.18 -15.82 9.85
C GLY M 203 94.06 -16.02 10.83
N LEU M 204 94.08 -17.09 11.61
CA LEU M 204 93.03 -17.34 12.59
C LEU M 204 93.26 -16.54 13.86
N TYR M 205 92.27 -16.57 14.74
CA TYR M 205 92.37 -15.97 16.07
C TYR M 205 92.41 -17.09 17.10
N ASP M 206 93.49 -17.15 17.87
CA ASP M 206 93.68 -18.18 18.88
C ASP M 206 93.50 -17.59 20.25
N LEU M 207 92.65 -18.20 21.06
CA LEU M 207 92.42 -17.79 22.44
C LEU M 207 93.01 -18.84 23.36
N LYS M 208 93.91 -18.40 24.24
CA LYS M 208 94.61 -19.29 25.17
C LYS M 208 94.17 -18.97 26.59
N THR M 209 93.73 -20.00 27.31
CA THR M 209 93.30 -19.87 28.69
C THR M 209 94.23 -20.69 29.58
N GLU M 210 94.77 -20.05 30.61
CA GLU M 210 95.70 -20.72 31.51
C GLU M 210 94.95 -21.46 32.61
N ASN M 211 95.65 -22.41 33.22
CA ASN M 211 95.08 -23.27 34.24
C ASN M 211 96.00 -23.26 35.46
N THR M 212 95.41 -22.99 36.64
CA THR M 212 96.20 -22.86 37.85
C THR M 212 96.59 -24.22 38.41
N LEU M 213 97.86 -24.35 38.79
CA LEU M 213 98.34 -25.59 39.36
C LEU M 213 97.62 -25.89 40.67
N LEU M 214 97.50 -27.18 40.99
CA LEU M 214 96.79 -27.60 42.18
C LEU M 214 97.45 -27.03 43.43
N THR M 215 96.62 -26.50 44.33
CA THR M 215 97.07 -25.90 45.57
C THR M 215 96.63 -26.74 46.76
N THR M 216 97.28 -26.50 47.89
CA THR M 216 96.98 -27.25 49.10
C THR M 216 95.55 -26.98 49.57
N ASP M 217 95.08 -25.73 49.43
CA ASP M 217 93.72 -25.40 49.85
C ASP M 217 92.70 -26.16 49.02
N ALA M 218 92.90 -26.20 47.69
CA ALA M 218 91.97 -26.93 46.83
C ALA M 218 92.03 -28.43 47.11
N ALA M 219 93.23 -28.96 47.35
CA ALA M 219 93.34 -30.38 47.69
C ALA M 219 92.61 -30.69 48.99
N PHE M 220 92.74 -29.83 49.99
CA PHE M 220 92.05 -30.04 51.26
C PHE M 220 90.55 -29.94 51.09
N ASP M 221 90.09 -29.00 50.24
CA ASP M 221 88.65 -28.91 49.97
C ASP M 221 88.13 -30.18 49.32
N LYS M 222 88.91 -30.75 48.39
CA LYS M 222 88.48 -31.97 47.72
C LYS M 222 88.80 -33.23 48.52
N LEU M 223 89.44 -33.10 49.69
CA LEU M 223 89.73 -34.26 50.51
C LEU M 223 88.44 -34.97 50.92
N GLY M 224 88.50 -36.31 50.90
CA GLY M 224 87.36 -37.12 51.27
C GLY M 224 87.71 -38.10 52.39
N ASN M 225 86.72 -38.91 52.73
CA ASN M 225 86.91 -39.90 53.79
C ASN M 225 87.91 -40.95 53.36
N GLY M 226 88.81 -41.31 54.28
CA GLY M 226 89.83 -42.31 54.02
C GLY M 226 91.05 -41.81 53.27
N ASP M 227 91.16 -40.51 53.01
CA ASP M 227 92.29 -39.97 52.30
C ASP M 227 93.55 -40.00 53.16
N LYS M 228 94.69 -40.20 52.52
CA LYS M 228 95.97 -40.34 53.20
C LYS M 228 96.90 -39.22 52.77
N VAL M 229 97.50 -38.54 53.75
CA VAL M 229 98.42 -37.43 53.51
C VAL M 229 99.76 -37.76 54.15
N THR M 230 100.83 -37.68 53.36
CA THR M 230 102.17 -38.00 53.83
C THR M 230 103.02 -36.74 53.75
N VAL M 231 103.29 -36.12 54.90
CA VAL M 231 104.18 -34.97 55.00
C VAL M 231 105.20 -35.25 56.08
N GLY M 232 106.47 -34.98 55.78
CA GLY M 232 107.53 -35.21 56.74
C GLY M 232 107.74 -36.67 57.09
N GLY M 233 107.29 -37.59 56.24
CA GLY M 233 107.46 -39.00 56.47
C GLY M 233 106.47 -39.65 57.40
N VAL M 234 105.45 -38.92 57.85
CA VAL M 234 104.43 -39.45 58.76
C VAL M 234 103.08 -39.40 58.06
N ASP M 235 102.33 -40.48 58.17
CA ASP M 235 101.07 -40.64 57.43
C ASP M 235 99.89 -40.24 58.30
N TYR M 236 99.00 -39.43 57.74
CA TYR M 236 97.79 -38.96 58.41
C TYR M 236 96.59 -39.44 57.60
N THR M 237 95.52 -39.82 58.29
CA THR M 237 94.29 -40.23 57.63
C THR M 237 93.20 -39.22 57.92
N TYR M 238 92.61 -38.66 56.88
CA TYR M 238 91.55 -37.67 57.05
C TYR M 238 90.26 -38.34 57.52
N ASN M 239 89.56 -37.67 58.44
CA ASN M 239 88.26 -38.11 58.92
C ASN M 239 87.26 -37.00 58.68
N ALA M 240 86.25 -37.29 57.86
CA ALA M 240 85.22 -36.32 57.53
C ALA M 240 84.15 -36.22 58.61
N LYS M 241 83.94 -37.30 59.37
CA LYS M 241 82.96 -37.25 60.45
C LYS M 241 83.33 -36.20 61.48
N SER M 242 84.59 -36.17 61.90
CA SER M 242 85.08 -35.13 62.78
C SER M 242 85.91 -34.08 62.05
N GLY M 243 86.22 -34.30 60.77
CA GLY M 243 86.96 -33.33 60.00
C GLY M 243 88.36 -33.04 60.52
N ASP M 244 89.12 -34.08 60.81
CA ASP M 244 90.45 -33.91 61.38
C ASP M 244 91.31 -35.11 61.00
N PHE M 245 92.62 -34.97 61.19
CA PHE M 245 93.55 -36.00 60.76
C PHE M 245 93.91 -36.91 61.93
N THR M 246 93.75 -38.20 61.73
CA THR M 246 94.12 -39.20 62.73
C THR M 246 95.46 -39.81 62.36
N THR M 247 96.28 -40.05 63.38
CA THR M 247 97.63 -40.57 63.20
C THR M 247 97.83 -41.75 64.14
N THR M 248 98.73 -42.65 63.78
CA THR M 248 99.17 -43.72 64.65
C THR M 248 100.63 -43.47 65.01
N LYS M 249 100.90 -43.25 66.29
CA LYS M 249 102.24 -42.93 66.76
C LYS M 249 102.76 -44.03 67.66
N SER M 250 103.90 -44.60 67.29
CA SER M 250 104.62 -45.48 68.19
C SER M 250 105.42 -44.66 69.19
N THR M 251 105.79 -45.29 70.30
CA THR M 251 106.56 -44.61 71.34
C THR M 251 107.89 -44.11 70.78
N ALA M 252 108.78 -45.02 70.43
CA ALA M 252 110.12 -44.68 69.95
C ALA M 252 110.76 -45.96 69.43
N GLY M 253 112.06 -45.88 69.15
CA GLY M 253 112.82 -47.01 68.66
C GLY M 253 113.31 -46.83 67.25
N THR M 254 114.57 -46.45 67.10
CA THR M 254 115.21 -46.26 65.80
C THR M 254 116.50 -47.06 65.66
N GLY M 255 117.26 -47.20 66.75
CA GLY M 255 118.46 -48.02 66.69
C GLY M 255 118.13 -49.49 66.54
N VAL M 256 119.10 -50.24 65.98
CA VAL M 256 118.88 -51.66 65.69
C VAL M 256 119.44 -52.57 66.78
N ASP M 257 120.19 -52.04 67.73
CA ASP M 257 120.77 -52.85 68.80
C ASP M 257 120.40 -52.25 70.15
N ALA M 258 120.71 -53.01 71.21
CA ALA M 258 120.37 -52.56 72.56
C ALA M 258 121.13 -51.29 72.92
N ALA M 259 122.42 -51.22 72.57
CA ALA M 259 123.24 -50.04 72.85
C ALA M 259 123.04 -49.01 71.73
N ALA M 260 121.85 -48.42 71.72
CA ALA M 260 121.49 -47.42 70.73
C ALA M 260 120.56 -46.40 71.37
N GLN M 261 120.15 -45.42 70.57
CA GLN M 261 119.23 -44.38 71.05
C GLN M 261 117.81 -44.88 71.19
N ALA M 262 117.50 -46.10 70.77
CA ALA M 262 116.15 -46.62 70.91
C ALA M 262 115.72 -46.63 72.38
N ALA M 263 116.60 -47.07 73.27
CA ALA M 263 116.25 -47.20 74.68
C ALA M 263 115.95 -45.83 75.30
N ASP M 264 116.85 -44.85 75.10
CA ASP M 264 116.66 -43.56 75.76
C ASP M 264 115.51 -42.79 75.13
N SER M 265 115.31 -42.95 73.81
CA SER M 265 114.15 -42.34 73.18
C SER M 265 112.86 -42.94 73.74
N ALA M 266 112.82 -44.27 73.92
CA ALA M 266 111.63 -44.89 74.49
C ALA M 266 111.39 -44.39 75.91
N SER M 267 112.44 -44.28 76.71
CA SER M 267 112.27 -43.83 78.09
C SER M 267 111.77 -42.39 78.14
N LYS M 268 112.36 -41.50 77.31
CA LYS M 268 111.93 -40.12 77.34
C LYS M 268 110.52 -39.94 76.80
N ARG M 269 110.13 -40.74 75.80
CA ARG M 269 108.76 -40.68 75.30
C ARG M 269 107.78 -41.19 76.35
N ASP M 270 108.15 -42.25 77.07
CA ASP M 270 107.31 -42.73 78.16
C ASP M 270 107.15 -41.66 79.23
N ALA M 271 108.23 -40.98 79.59
CA ALA M 271 108.15 -39.91 80.58
C ALA M 271 107.27 -38.77 80.08
N LEU M 272 107.41 -38.41 78.81
CA LEU M 272 106.58 -37.35 78.24
C LEU M 272 105.10 -37.73 78.29
N ALA M 273 104.78 -38.98 77.94
CA ALA M 273 103.39 -39.42 78.03
C ALA M 273 102.89 -39.39 79.47
N ALA M 274 103.71 -39.85 80.42
CA ALA M 274 103.28 -39.84 81.81
C ALA M 274 103.02 -38.40 82.28
N THR M 275 103.82 -37.45 81.82
CA THR M 275 103.56 -36.06 82.13
C THR M 275 102.26 -35.58 81.47
N LEU M 276 102.00 -36.06 80.25
CA LEU M 276 100.77 -35.66 79.56
C LEU M 276 99.53 -36.15 80.29
N HIS M 277 99.59 -37.33 80.91
CA HIS M 277 98.49 -37.79 81.75
C HIS M 277 98.48 -37.18 83.15
N ALA M 278 99.13 -36.03 83.38
CA ALA M 278 99.11 -35.43 84.71
C ALA M 278 97.68 -35.09 85.13
N ASP M 279 97.04 -34.17 84.41
CA ASP M 279 95.67 -33.74 84.70
C ASP M 279 95.49 -33.40 86.17
N VAL M 280 96.21 -32.36 86.60
CA VAL M 280 96.22 -31.97 88.00
C VAL M 280 94.86 -31.45 88.44
N GLY M 281 94.19 -30.68 87.56
CA GLY M 281 92.96 -30.02 87.95
C GLY M 281 91.85 -30.99 88.33
N LYS M 282 91.62 -32.01 87.51
CA LYS M 282 90.53 -32.94 87.72
C LYS M 282 90.99 -34.36 87.49
N SER M 283 90.29 -35.30 88.14
CA SER M 283 90.60 -36.71 88.04
C SER M 283 89.98 -37.32 86.78
N VAL M 284 90.57 -38.42 86.32
CA VAL M 284 90.07 -39.15 85.15
C VAL M 284 90.09 -40.64 85.43
N ASN M 285 89.16 -41.34 84.80
CA ASN M 285 89.00 -42.79 84.96
C ASN M 285 89.39 -43.52 83.68
N GLY M 286 89.98 -44.69 83.85
CA GLY M 286 90.35 -45.56 82.75
C GLY M 286 90.38 -47.03 83.16
N SER M 287 90.97 -47.87 82.31
CA SER M 287 91.06 -49.28 82.60
C SER M 287 92.39 -49.82 82.10
N TYR M 288 93.00 -50.68 82.91
CA TYR M 288 94.28 -51.33 82.58
C TYR M 288 94.03 -52.83 82.42
N THR M 289 94.34 -53.36 81.25
CA THR M 289 94.02 -54.75 80.93
C THR M 289 95.30 -55.49 80.58
N THR M 290 95.52 -56.63 81.24
CA THR M 290 96.64 -57.50 80.94
C THR M 290 96.22 -58.48 79.84
N LYS M 291 97.02 -59.53 79.64
CA LYS M 291 96.72 -60.49 78.58
C LYS M 291 95.38 -61.18 78.82
N ASP M 292 95.09 -61.54 80.07
CA ASP M 292 93.86 -62.26 80.39
C ASP M 292 93.04 -61.61 81.49
N GLY M 293 93.44 -60.46 82.00
CA GLY M 293 92.70 -59.82 83.08
C GLY M 293 92.68 -58.31 82.90
N THR M 294 91.68 -57.69 83.52
CA THR M 294 91.49 -56.25 83.46
C THR M 294 91.18 -55.71 84.85
N VAL M 295 91.43 -54.42 85.03
CA VAL M 295 91.20 -53.75 86.30
C VAL M 295 90.81 -52.30 86.02
N SER M 296 89.93 -51.77 86.85
CA SER M 296 89.56 -50.36 86.76
C SER M 296 90.73 -49.48 87.17
N PHE M 297 90.59 -48.17 86.93
CA PHE M 297 91.66 -47.22 87.22
C PHE M 297 91.04 -45.85 87.40
N GLU M 298 91.43 -45.14 88.46
CA GLU M 298 90.93 -43.79 88.72
C GLU M 298 92.09 -42.95 89.24
N THR M 299 92.67 -42.11 88.37
CA THR M 299 93.80 -41.28 88.77
C THR M 299 93.33 -39.85 88.98
N ASP M 300 93.96 -39.17 89.94
CA ASP M 300 93.60 -37.79 90.29
C ASP M 300 94.57 -36.78 89.69
N SER M 301 95.85 -36.90 90.01
CA SER M 301 96.84 -35.94 89.54
C SER M 301 98.22 -36.58 89.61
N ALA M 302 99.13 -36.06 88.78
CA ALA M 302 100.53 -36.52 88.73
C ALA M 302 100.62 -38.02 88.43
N GLY M 303 99.60 -38.57 87.79
CA GLY M 303 99.59 -40.00 87.49
C GLY M 303 99.58 -40.88 88.73
N ASN M 304 98.80 -40.51 89.73
CA ASN M 304 98.71 -41.29 90.96
C ASN M 304 97.63 -42.35 90.80
N ILE M 305 97.99 -43.60 91.06
CA ILE M 305 97.10 -44.73 90.86
C ILE M 305 96.22 -44.88 92.11
N THR M 306 94.91 -44.83 91.93
CA THR M 306 93.95 -45.01 93.02
C THR M 306 92.85 -45.95 92.54
N ILE M 307 92.66 -47.04 93.26
CA ILE M 307 91.65 -48.05 92.93
C ILE M 307 90.68 -48.13 94.09
N GLY M 308 89.42 -47.75 93.85
CA GLY M 308 88.40 -47.82 94.87
C GLY M 308 88.70 -46.98 96.10
N GLY M 309 89.33 -45.83 95.93
CA GLY M 309 89.69 -44.97 97.04
C GLY M 309 90.93 -45.37 97.79
N SER M 310 91.58 -46.47 97.40
CA SER M 310 92.80 -46.95 98.05
C SER M 310 93.91 -47.03 97.01
N GLN M 311 95.08 -46.52 97.36
CA GLN M 311 96.19 -46.48 96.40
C GLN M 311 96.68 -47.89 96.13
N ALA M 312 96.73 -48.24 94.85
CA ALA M 312 97.24 -49.54 94.42
C ALA M 312 98.68 -49.40 93.98
N TYR M 313 99.30 -50.54 93.65
CA TYR M 313 100.70 -50.59 93.29
C TYR M 313 100.89 -51.55 92.13
N VAL M 314 101.99 -51.38 91.42
CA VAL M 314 102.31 -52.18 90.24
C VAL M 314 103.47 -53.11 90.57
N ASP M 315 103.37 -54.35 90.08
CA ASP M 315 104.38 -55.36 90.33
C ASP M 315 105.46 -55.30 89.25
N ASP M 316 106.39 -56.26 89.31
CA ASP M 316 107.45 -56.32 88.31
C ASP M 316 106.89 -56.62 86.93
N ALA M 317 105.90 -57.51 86.84
CA ALA M 317 105.30 -57.91 85.59
C ALA M 317 104.14 -57.00 85.17
N GLY M 318 103.99 -55.85 85.83
CA GLY M 318 102.96 -54.91 85.48
C GLY M 318 101.59 -55.18 86.06
N ASN M 319 101.43 -56.25 86.83
CA ASN M 319 100.14 -56.54 87.45
C ASN M 319 99.83 -55.52 88.54
N LEU M 320 98.57 -55.10 88.60
CA LEU M 320 98.14 -54.09 89.55
C LEU M 320 97.47 -54.76 90.75
N THR M 321 97.99 -54.49 91.94
CA THR M 321 97.46 -55.08 93.17
C THR M 321 97.35 -54.02 94.25
N THR M 322 96.37 -54.18 95.13
CA THR M 322 96.17 -53.23 96.21
C THR M 322 97.21 -53.36 97.31
N ASN M 323 97.78 -54.55 97.49
CA ASN M 323 98.74 -54.81 98.56
C ASN M 323 100.17 -54.62 98.06
N ASN M 324 101.11 -54.77 99.00
CA ASN M 324 102.53 -54.61 98.72
C ASN M 324 103.26 -55.91 99.00
N ALA M 325 104.07 -56.34 98.02
CA ALA M 325 104.90 -57.54 98.14
C ALA M 325 106.35 -57.10 98.16
N GLY M 326 106.98 -57.21 99.33
CA GLY M 326 108.35 -56.76 99.48
C GLY M 326 108.54 -55.27 99.29
N SER M 327 107.54 -54.47 99.67
CA SER M 327 107.59 -53.01 99.54
C SER M 327 107.82 -52.57 98.10
N ALA M 328 107.39 -53.39 97.13
CA ALA M 328 107.50 -53.05 95.72
C ALA M 328 106.27 -52.26 95.29
N ALA M 329 106.16 -51.04 95.83
CA ALA M 329 104.96 -50.22 95.60
C ALA M 329 105.05 -49.48 94.28
N LYS M 330 106.00 -48.55 94.17
CA LYS M 330 106.22 -47.72 92.98
C LYS M 330 104.91 -47.30 92.30
N ALA M 331 104.00 -46.74 93.11
CA ALA M 331 102.68 -46.35 92.65
C ALA M 331 102.76 -45.01 91.93
N ASP M 332 103.12 -45.06 90.66
CA ASP M 332 103.23 -43.85 89.84
C ASP M 332 102.98 -44.20 88.38
N MET M 333 102.59 -43.18 87.62
CA MET M 333 102.36 -43.37 86.18
C MET M 333 103.63 -43.80 85.47
N LYS M 334 104.75 -43.14 85.77
CA LYS M 334 106.01 -43.48 85.11
C LYS M 334 106.42 -44.92 85.43
N ALA M 335 106.33 -45.32 86.70
CA ALA M 335 106.69 -46.67 87.08
C ALA M 335 105.77 -47.69 86.44
N LEU M 336 104.47 -47.40 86.40
CA LEU M 336 103.52 -48.33 85.78
C LEU M 336 103.81 -48.48 84.29
N LEU M 337 104.06 -47.37 83.60
CA LEU M 337 104.35 -47.45 82.17
C LEU M 337 105.64 -48.20 81.90
N LYS M 338 106.67 -47.94 82.72
CA LYS M 338 107.94 -48.64 82.52
C LYS M 338 107.80 -50.13 82.79
N ALA M 339 107.05 -50.49 83.84
CA ALA M 339 106.83 -51.90 84.12
C ALA M 339 106.05 -52.58 83.01
N ALA M 340 105.04 -51.90 82.46
CA ALA M 340 104.30 -52.45 81.33
C ALA M 340 105.20 -52.62 80.11
N SER M 341 106.06 -51.64 79.85
CA SER M 341 106.96 -51.73 78.70
C SER M 341 107.95 -52.88 78.86
N GLU M 342 108.50 -53.05 80.05
CA GLU M 342 109.47 -54.11 80.30
C GLU M 342 108.82 -55.46 80.60
N GLY M 343 107.49 -55.51 80.69
CA GLY M 343 106.82 -56.75 81.01
C GLY M 343 106.91 -57.76 79.88
N SER M 344 106.80 -59.04 80.25
CA SER M 344 106.87 -60.10 79.26
C SER M 344 105.67 -60.05 78.32
N ASP M 345 104.51 -59.69 78.84
CA ASP M 345 103.27 -59.66 78.06
C ASP M 345 102.79 -58.23 77.91
N GLY M 346 102.24 -57.92 76.74
CA GLY M 346 101.72 -56.58 76.48
C GLY M 346 100.42 -56.32 77.22
N ALA M 347 100.04 -55.04 77.22
CA ALA M 347 98.86 -54.58 77.94
C ALA M 347 98.07 -53.59 77.09
N SER M 348 96.88 -53.23 77.57
CA SER M 348 96.03 -52.25 76.91
C SER M 348 95.48 -51.28 77.95
N LEU M 349 95.59 -49.98 77.66
CA LEU M 349 95.04 -48.94 78.51
C LEU M 349 93.92 -48.22 77.78
N THR M 350 92.77 -48.10 78.44
CA THR M 350 91.65 -47.33 77.91
C THR M 350 91.49 -46.09 78.77
N PHE M 351 91.51 -44.92 78.14
CA PHE M 351 91.38 -43.65 78.85
C PHE M 351 90.20 -42.85 78.32
N ASN M 352 90.09 -41.60 78.76
CA ASN M 352 89.07 -40.71 78.22
C ASN M 352 89.25 -40.50 76.72
N GLY M 353 90.50 -40.35 76.29
CA GLY M 353 90.79 -40.16 74.87
C GLY M 353 90.97 -41.47 74.14
N THR M 354 92.07 -41.59 73.41
CA THR M 354 92.32 -42.78 72.59
C THR M 354 92.84 -43.93 73.46
N GLU M 355 92.77 -45.13 72.89
CA GLU M 355 93.19 -46.34 73.57
C GLU M 355 94.63 -46.67 73.22
N TYR M 356 95.44 -46.94 74.24
CA TYR M 356 96.87 -47.18 74.07
C TYR M 356 97.14 -48.67 74.17
N THR M 357 98.00 -49.19 73.30
CA THR M 357 98.40 -50.59 73.35
C THR M 357 99.89 -50.69 73.58
N ILE M 358 100.29 -51.33 74.67
CA ILE M 358 101.70 -51.56 74.99
C ILE M 358 102.06 -52.94 74.47
N ALA M 359 102.95 -52.98 73.48
CA ALA M 359 103.28 -54.23 72.80
C ALA M 359 104.17 -55.10 73.67
N LYS M 360 104.22 -56.39 73.33
CA LYS M 360 105.04 -57.36 74.03
C LYS M 360 106.52 -57.01 73.97
N GLY M 376 107.29 -50.42 73.85
CA GLY M 376 106.62 -49.67 72.80
C GLY M 376 105.13 -49.54 73.01
N ILE M 377 104.61 -48.34 72.80
CA ILE M 377 103.19 -48.06 72.93
C ILE M 377 102.71 -47.52 71.59
N THR M 378 101.67 -48.14 71.04
CA THR M 378 101.02 -47.69 69.82
C THR M 378 99.69 -47.05 70.20
N TYR M 379 99.41 -45.87 69.64
CA TYR M 379 98.19 -45.16 69.98
C TYR M 379 97.79 -44.23 68.86
N GLN M 380 96.48 -43.95 68.80
CA GLN M 380 95.94 -42.99 67.86
C GLN M 380 96.02 -41.59 68.45
N ALA M 381 96.12 -40.60 67.56
CA ALA M 381 96.18 -39.20 67.95
C ALA M 381 95.46 -38.36 66.92
N THR M 382 95.00 -37.18 67.37
CA THR M 382 94.19 -36.28 66.54
C THR M 382 94.95 -34.99 66.32
N VAL M 383 95.02 -34.54 65.07
CA VAL M 383 95.62 -33.26 64.71
C VAL M 383 94.64 -32.51 63.82
N SER M 384 94.72 -31.18 63.88
CA SER M 384 93.81 -30.35 63.11
C SER M 384 94.22 -30.30 61.64
N LYS M 385 93.19 -30.23 60.77
CA LYS M 385 93.45 -30.04 59.36
C LYS M 385 94.21 -28.75 59.08
N ASP M 386 93.94 -27.70 59.87
CA ASP M 386 94.70 -26.48 59.75
C ASP M 386 96.17 -26.71 60.11
N VAL M 387 96.43 -27.50 61.15
CA VAL M 387 97.80 -27.81 61.52
C VAL M 387 98.50 -28.56 60.40
N VAL M 388 97.82 -29.55 59.82
CA VAL M 388 98.41 -30.31 58.72
C VAL M 388 98.68 -29.42 57.53
N LEU M 389 97.73 -28.53 57.20
CA LEU M 389 97.90 -27.62 56.07
C LEU M 389 99.09 -26.69 56.29
N SER M 390 99.22 -26.13 57.49
CA SER M 390 100.33 -25.24 57.78
C SER M 390 101.65 -25.98 57.72
N GLU M 391 101.69 -27.22 58.23
CA GLU M 391 102.91 -28.00 58.17
C GLU M 391 103.30 -28.30 56.72
N THR M 392 102.31 -28.61 55.87
CA THR M 392 102.60 -28.90 54.47
C THR M 392 103.09 -27.65 53.73
N LYS M 393 102.48 -26.49 53.99
CA LYS M 393 102.84 -25.29 53.26
C LYS M 393 103.93 -24.47 53.92
N ALA M 394 104.49 -24.93 55.04
CA ALA M 394 105.49 -24.15 55.75
C ALA M 394 106.75 -23.97 54.91
N ALA M 395 107.28 -25.05 54.35
CA ALA M 395 108.51 -25.01 53.59
C ALA M 395 108.40 -25.99 52.42
N ALA M 396 109.54 -26.27 51.79
CA ALA M 396 109.59 -27.17 50.63
C ALA M 396 109.47 -28.61 51.11
N ALA M 397 108.27 -28.94 51.57
CA ALA M 397 107.98 -30.28 52.05
C ALA M 397 107.66 -31.23 50.89
N THR M 398 107.76 -32.51 51.15
CA THR M 398 107.46 -33.56 50.17
C THR M 398 106.08 -34.18 50.40
N SER M 399 105.12 -33.36 50.83
CA SER M 399 103.79 -33.87 51.13
C SER M 399 103.13 -34.44 49.88
N SER M 400 102.40 -35.55 50.07
CA SER M 400 101.64 -36.19 49.00
C SER M 400 100.26 -36.54 49.52
N ILE M 401 99.25 -36.35 48.68
CA ILE M 401 97.85 -36.60 49.04
C ILE M 401 97.31 -37.69 48.13
N THR M 402 96.68 -38.70 48.71
CA THR M 402 96.06 -39.78 47.95
C THR M 402 94.55 -39.60 47.98
N PHE M 403 93.97 -39.34 46.81
CA PHE M 403 92.53 -39.25 46.67
C PHE M 403 91.99 -40.64 46.38
N ASN M 404 91.10 -41.12 47.24
CA ASN M 404 90.55 -42.46 47.15
C ASN M 404 89.04 -42.39 47.16
N SER M 405 88.41 -42.99 46.15
CA SER M 405 86.96 -43.09 46.07
C SER M 405 86.45 -44.41 46.59
N GLY M 406 87.32 -45.24 47.15
CA GLY M 406 86.97 -46.59 47.57
C GLY M 406 87.13 -47.63 46.49
N VAL M 407 87.22 -47.21 45.23
CA VAL M 407 87.46 -48.11 44.10
C VAL M 407 88.65 -47.55 43.32
N LEU M 408 88.57 -46.26 43.01
CA LEU M 408 89.57 -45.56 42.20
C LEU M 408 90.44 -44.70 43.10
N SER M 409 91.75 -44.76 42.90
CA SER M 409 92.69 -44.02 43.73
C SER M 409 93.76 -43.38 42.86
N LYS M 410 94.19 -42.18 43.27
CA LYS M 410 95.32 -41.51 42.63
C LYS M 410 96.13 -40.75 43.67
N THR M 411 97.46 -40.84 43.57
CA THR M 411 98.37 -40.17 44.48
C THR M 411 99.00 -38.98 43.77
N ILE M 412 98.93 -37.81 44.40
CA ILE M 412 99.49 -36.58 43.86
C ILE M 412 100.54 -36.07 44.84
N GLY M 413 101.76 -35.88 44.35
CA GLY M 413 102.84 -35.38 45.18
C GLY M 413 103.22 -33.96 44.82
N PHE M 414 102.91 -33.01 45.70
CA PHE M 414 103.15 -31.60 45.43
C PHE M 414 103.96 -31.00 46.57
N THR M 415 104.89 -30.11 46.21
CA THR M 415 105.81 -29.48 47.14
C THR M 415 105.39 -28.04 47.37
N ALA M 416 104.95 -27.74 48.59
CA ALA M 416 104.59 -26.38 49.00
C ALA M 416 103.59 -25.74 48.03
N GLY M 417 102.51 -26.45 47.76
CA GLY M 417 101.51 -25.95 46.85
C GLY M 417 101.48 -26.65 45.51
N GLU M 418 102.08 -26.01 44.50
CA GLU M 418 102.03 -26.54 43.14
C GLU M 418 102.71 -27.90 43.05
N SER M 419 102.19 -28.74 42.15
CA SER M 419 102.74 -30.07 41.96
C SER M 419 104.06 -29.99 41.21
N SER M 420 105.07 -30.71 41.71
CA SER M 420 106.38 -30.76 41.08
C SER M 420 106.73 -32.15 40.58
N ASP M 421 105.79 -33.08 40.58
CA ASP M 421 106.03 -34.46 40.16
C ASP M 421 105.75 -34.69 38.69
N ALA M 422 105.90 -33.66 37.86
CA ALA M 422 105.64 -33.73 36.42
C ALA M 422 104.19 -34.15 36.14
N ALA M 423 103.28 -33.82 37.05
CA ALA M 423 101.88 -34.15 36.92
C ALA M 423 101.08 -32.89 36.62
N LYS M 424 100.20 -32.97 35.64
CA LYS M 424 99.39 -31.82 35.22
C LYS M 424 98.09 -31.83 36.01
N SER M 425 98.16 -31.27 37.22
CA SER M 425 97.00 -31.12 38.09
C SER M 425 96.60 -29.64 38.10
N TYR M 426 95.34 -29.37 37.76
CA TYR M 426 94.88 -27.99 37.64
C TYR M 426 93.42 -27.90 38.06
N VAL M 427 92.98 -26.67 38.33
CA VAL M 427 91.67 -26.44 38.92
C VAL M 427 90.84 -25.38 38.22
N ASP M 428 91.41 -24.50 37.38
CA ASP M 428 90.71 -23.30 36.94
C ASP M 428 89.48 -23.59 36.09
N ASP M 429 89.37 -24.77 35.49
CA ASP M 429 88.30 -25.03 34.53
C ASP M 429 86.91 -24.87 35.17
N LYS M 430 86.56 -25.76 36.09
CA LYS M 430 85.31 -25.65 36.84
C LYS M 430 85.52 -26.04 38.30
N GLY M 431 86.75 -26.03 38.78
CA GLY M 431 87.06 -26.66 40.04
C GLY M 431 87.48 -28.11 39.83
N GLY M 432 87.86 -28.74 40.93
CA GLY M 432 88.28 -30.12 40.81
C GLY M 432 89.67 -30.25 40.18
N ILE M 433 89.96 -31.45 39.73
CA ILE M 433 91.26 -31.80 39.17
C ILE M 433 91.09 -32.09 37.69
N THR M 434 92.02 -31.61 36.89
CA THR M 434 92.03 -31.89 35.45
C THR M 434 93.47 -32.04 34.98
N ASN M 435 93.62 -32.75 33.87
CA ASN M 435 94.94 -33.02 33.29
C ASN M 435 95.29 -32.10 32.13
N VAL M 436 94.50 -31.05 31.90
CA VAL M 436 94.75 -30.14 30.79
C VAL M 436 95.72 -29.06 31.25
N ALA M 437 96.91 -29.03 30.65
CA ALA M 437 97.90 -28.01 31.01
C ALA M 437 97.51 -26.66 30.45
N ASP M 438 97.11 -26.62 29.18
CA ASP M 438 96.79 -25.37 28.50
C ASP M 438 95.50 -25.53 27.72
N TYR M 439 94.74 -24.45 27.63
CA TYR M 439 93.46 -24.43 26.93
C TYR M 439 93.53 -23.39 25.82
N THR M 440 93.69 -23.86 24.59
CA THR M 440 93.83 -22.98 23.43
C THR M 440 92.86 -23.42 22.34
N VAL M 441 92.09 -22.46 21.82
CA VAL M 441 91.10 -22.72 20.78
C VAL M 441 91.25 -21.66 19.69
N SER M 442 90.98 -22.03 18.45
CA SER M 442 91.17 -21.16 17.29
C SER M 442 89.84 -20.65 16.79
N TYR M 443 89.77 -19.33 16.56
CA TYR M 443 88.58 -18.68 16.06
C TYR M 443 88.87 -18.09 14.69
N SER M 444 87.99 -18.35 13.73
CA SER M 444 88.08 -17.79 12.39
C SER M 444 87.03 -16.70 12.25
N VAL M 445 87.45 -15.53 11.78
CA VAL M 445 86.57 -14.39 11.59
C VAL M 445 86.29 -14.27 10.10
N ASN M 446 85.00 -14.31 9.74
CA ASN M 446 84.61 -14.19 8.34
C ASN M 446 84.77 -12.74 7.92
N LYS M 447 85.49 -12.51 6.82
CA LYS M 447 85.76 -11.14 6.39
C LYS M 447 84.51 -10.45 5.87
N ASP M 448 83.61 -11.18 5.24
CA ASP M 448 82.40 -10.56 4.70
C ASP M 448 81.35 -10.35 5.78
N ASN M 449 80.87 -11.43 6.39
CA ASN M 449 79.81 -11.32 7.39
C ASN M 449 80.31 -10.65 8.66
N GLY M 450 81.52 -10.99 9.09
CA GLY M 450 82.03 -10.52 10.36
C GLY M 450 81.82 -11.47 11.52
N SER M 451 81.15 -12.60 11.30
CA SER M 451 80.89 -13.56 12.36
C SER M 451 82.16 -14.32 12.74
N VAL M 452 82.16 -14.84 13.96
CA VAL M 452 83.28 -15.60 14.51
C VAL M 452 82.84 -17.03 14.69
N THR M 453 83.64 -17.97 14.18
CA THR M 453 83.34 -19.38 14.26
C THR M 453 84.52 -20.15 14.85
N VAL M 454 84.23 -21.24 15.54
CA VAL M 454 85.28 -22.08 16.11
C VAL M 454 85.85 -22.97 15.01
N ALA M 455 87.15 -22.94 14.83
CA ALA M 455 87.82 -23.70 13.78
C ALA M 455 88.83 -24.69 14.36
N GLY M 456 88.42 -25.39 15.41
CA GLY M 456 89.28 -26.37 16.05
C GLY M 456 90.07 -25.79 17.22
N TYR M 457 90.89 -26.63 17.83
CA TYR M 457 91.69 -26.19 18.94
C TYR M 457 92.91 -27.10 19.07
N ALA M 458 93.93 -26.60 19.78
CA ALA M 458 95.13 -27.36 20.07
C ALA M 458 95.45 -27.24 21.55
N SER M 459 95.90 -28.34 22.14
CA SER M 459 96.26 -28.37 23.55
C SER M 459 97.61 -29.05 23.71
N ALA M 460 98.36 -28.62 24.73
CA ALA M 460 99.67 -29.21 24.99
C ALA M 460 99.54 -30.69 25.33
N THR M 461 98.58 -31.04 26.18
CA THR M 461 98.33 -32.43 26.52
C THR M 461 97.34 -33.03 25.52
N ASP M 462 97.01 -34.30 25.71
CA ASP M 462 96.07 -34.97 24.81
C ASP M 462 94.67 -34.39 24.95
N THR M 463 94.21 -34.20 26.19
CA THR M 463 92.92 -33.61 26.52
C THR M 463 91.78 -34.57 26.19
N ASN M 464 92.10 -35.65 25.48
CA ASN M 464 91.12 -36.68 25.10
C ASN M 464 89.88 -36.08 24.46
N LYS M 465 90.02 -34.89 23.88
CA LYS M 465 88.90 -34.14 23.30
C LYS M 465 87.78 -33.93 24.32
N ASP M 466 88.15 -33.75 25.59
CA ASP M 466 87.14 -33.53 26.63
C ASP M 466 86.59 -32.11 26.55
N TYR M 467 87.45 -31.12 26.36
CA TYR M 467 87.04 -29.73 26.21
C TYR M 467 86.80 -29.34 24.76
N ALA M 468 86.45 -30.30 23.91
CA ALA M 468 86.32 -30.04 22.49
C ALA M 468 85.03 -29.28 22.19
N PRO M 469 85.11 -28.10 21.58
CA PRO M 469 83.89 -27.45 21.08
C PRO M 469 83.61 -27.82 19.63
N ALA M 470 82.34 -27.72 19.25
CA ALA M 470 81.93 -28.05 17.90
C ALA M 470 82.57 -27.08 16.91
N ILE M 471 83.08 -27.62 15.81
CA ILE M 471 83.74 -26.81 14.80
C ILE M 471 82.70 -26.16 13.90
N GLY M 472 82.89 -24.87 13.62
CA GLY M 472 81.97 -24.13 12.78
C GLY M 472 80.76 -23.55 13.48
N THR M 473 80.68 -23.68 14.80
CA THR M 473 79.56 -23.14 15.55
C THR M 473 79.80 -21.66 15.83
N ALA M 474 78.76 -20.85 15.65
CA ALA M 474 78.86 -19.41 15.85
C ALA M 474 79.24 -19.11 17.29
N VAL M 475 80.12 -18.11 17.46
CA VAL M 475 80.60 -17.72 18.77
C VAL M 475 79.74 -16.59 19.31
N ASN M 476 79.29 -16.72 20.54
CA ASN M 476 78.39 -15.76 21.17
C ASN M 476 79.04 -15.13 22.38
N VAL M 477 78.61 -13.91 22.70
CA VAL M 477 79.11 -13.17 23.85
C VAL M 477 78.10 -13.31 24.98
N ASN M 478 78.57 -13.78 26.14
CA ASN M 478 77.69 -13.98 27.27
C ASN M 478 77.19 -12.64 27.80
N SER M 479 76.19 -12.70 28.69
CA SER M 479 75.68 -11.49 29.32
C SER M 479 76.76 -10.81 30.14
N ALA M 480 77.57 -11.59 30.86
CA ALA M 480 78.68 -11.03 31.61
C ALA M 480 79.80 -10.51 30.70
N GLY M 481 79.83 -10.94 29.44
CA GLY M 481 80.83 -10.49 28.49
C GLY M 481 81.84 -11.55 28.08
N LYS M 482 81.65 -12.80 28.50
CA LYS M 482 82.58 -13.86 28.16
C LYS M 482 82.28 -14.42 26.77
N ILE M 483 83.06 -15.43 26.38
CA ILE M 483 82.90 -16.11 25.10
C ILE M 483 82.25 -17.46 25.36
N THR M 484 81.13 -17.72 24.69
CA THR M 484 80.40 -18.97 24.88
C THR M 484 79.67 -19.34 23.60
N THR M 485 79.41 -20.63 23.42
CA THR M 485 78.68 -21.12 22.26
C THR M 485 77.18 -21.20 22.48
N GLU M 486 76.71 -21.03 23.72
CA GLU M 486 75.28 -21.14 24.00
C GLU M 486 74.54 -19.94 23.42
N THR M 487 73.42 -20.22 22.75
CA THR M 487 72.66 -19.14 22.11
C THR M 487 71.94 -18.29 23.15
N THR M 488 71.29 -18.92 24.12
CA THR M 488 70.45 -18.23 25.09
C THR M 488 71.04 -18.34 26.48
N SER M 489 71.03 -17.23 27.20
CA SER M 489 71.46 -17.18 28.59
C SER M 489 70.29 -16.75 29.47
N ALA M 490 70.17 -17.38 30.63
CA ALA M 490 69.06 -17.08 31.52
C ALA M 490 69.17 -15.66 32.05
N GLY M 491 68.01 -15.07 32.35
CA GLY M 491 67.92 -13.72 32.82
C GLY M 491 67.23 -13.65 34.17
N SER M 492 66.58 -12.51 34.42
CA SER M 492 65.93 -12.26 35.69
C SER M 492 64.66 -11.44 35.43
N ALA M 493 63.93 -11.17 36.51
CA ALA M 493 62.68 -10.43 36.40
C ALA M 493 62.92 -9.01 35.95
N THR M 494 62.02 -8.50 35.11
CA THR M 494 62.13 -7.13 34.64
C THR M 494 61.97 -6.15 35.78
N THR M 495 62.76 -5.08 35.75
CA THR M 495 62.78 -4.13 36.85
C THR M 495 61.50 -3.30 36.91
N ASN M 496 61.04 -2.78 35.77
CA ASN M 496 59.88 -1.89 35.73
C ASN M 496 58.96 -2.33 34.62
N PRO M 497 58.09 -3.31 34.89
CA PRO M 497 57.27 -3.86 33.81
C PRO M 497 56.19 -2.91 33.33
N LEU M 498 55.59 -2.16 34.26
CA LEU M 498 54.47 -1.29 33.90
C LEU M 498 54.94 -0.16 33.00
N ALA M 499 56.15 0.36 33.22
CA ALA M 499 56.67 1.40 32.34
C ALA M 499 56.85 0.89 30.92
N ALA M 500 57.39 -0.32 30.76
CA ALA M 500 57.56 -0.90 29.43
C ALA M 500 56.22 -1.14 28.76
N LEU M 501 55.25 -1.63 29.53
CA LEU M 501 53.91 -1.83 28.97
C LEU M 501 53.29 -0.52 28.53
N ASP M 502 53.47 0.54 29.32
CA ASP M 502 52.97 1.85 28.94
C ASP M 502 53.63 2.36 27.67
N ASP M 503 54.94 2.14 27.54
CA ASP M 503 55.63 2.55 26.32
C ASP M 503 55.09 1.80 25.11
N ALA M 504 54.85 0.50 25.25
CA ALA M 504 54.30 -0.28 24.14
C ALA M 504 52.92 0.23 23.75
N ILE M 505 52.06 0.49 24.74
CA ILE M 505 50.73 0.98 24.46
C ILE M 505 50.78 2.34 23.80
N SER M 506 51.70 3.20 24.25
CA SER M 506 51.85 4.52 23.64
C SER M 506 52.28 4.42 22.18
N SER M 507 53.20 3.51 21.88
CA SER M 507 53.61 3.32 20.50
C SER M 507 52.45 2.84 19.65
N ILE M 508 51.65 1.90 20.17
CA ILE M 508 50.48 1.43 19.43
C ILE M 508 49.52 2.58 19.17
N ASP M 509 49.29 3.41 20.18
CA ASP M 509 48.36 4.54 20.04
C ASP M 509 48.86 5.54 19.01
N LYS M 510 50.17 5.82 19.01
CA LYS M 510 50.72 6.73 18.01
C LYS M 510 50.53 6.19 16.61
N PHE M 511 50.80 4.90 16.41
CA PHE M 511 50.58 4.30 15.10
C PHE M 511 49.12 4.42 14.68
N ARG M 512 48.20 4.12 15.59
CA ARG M 512 46.79 4.17 15.24
C ARG M 512 46.34 5.59 14.91
N SER M 513 46.83 6.58 15.66
CA SER M 513 46.46 7.96 15.37
C SER M 513 46.97 8.39 14.01
N SER M 514 48.22 8.06 13.68
CA SER M 514 48.74 8.41 12.36
C SER M 514 47.93 7.75 11.26
N LEU M 515 47.57 6.47 11.46
CA LEU M 515 46.79 5.77 10.46
C LEU M 515 45.42 6.41 10.26
N GLY M 516 44.77 6.80 11.35
CA GLY M 516 43.48 7.46 11.24
C GLY M 516 43.56 8.79 10.53
N ALA M 517 44.61 9.57 10.81
CA ALA M 517 44.79 10.84 10.12
C ALA M 517 44.96 10.63 8.62
N ILE M 518 45.79 9.65 8.24
CA ILE M 518 45.99 9.36 6.81
C ILE M 518 44.67 8.95 6.17
N GLN M 519 43.88 8.13 6.86
CA GLN M 519 42.59 7.72 6.33
C GLN M 519 41.65 8.90 6.13
N ASN M 520 41.60 9.83 7.09
CA ASN M 520 40.74 10.99 6.94
C ASN M 520 41.15 11.83 5.73
N ARG M 521 42.46 12.06 5.57
CA ARG M 521 42.90 12.84 4.42
C ARG M 521 42.60 12.11 3.11
N LEU M 522 42.68 10.78 3.12
CA LEU M 522 42.35 10.03 1.91
C LEU M 522 40.87 10.17 1.55
N ASP M 523 40.01 10.13 2.56
CA ASP M 523 38.58 10.29 2.32
C ASP M 523 38.29 11.69 1.74
N SER M 524 38.92 12.71 2.31
CA SER M 524 38.75 14.06 1.77
C SER M 524 39.21 14.13 0.32
N ALA M 525 40.31 13.44 0.01
CA ALA M 525 40.79 13.38 -1.38
C ALA M 525 39.75 12.73 -2.28
N VAL M 526 39.09 11.68 -1.80
CA VAL M 526 38.05 11.03 -2.59
C VAL M 526 36.93 12.00 -2.91
N THR M 527 36.47 12.74 -1.90
CA THR M 527 35.38 13.68 -2.12
C THR M 527 35.77 14.76 -3.12
N ASN M 528 36.98 15.31 -2.99
CA ASN M 528 37.42 16.34 -3.92
C ASN M 528 37.52 15.78 -5.34
N LEU M 529 38.00 14.55 -5.49
CA LEU M 529 38.09 13.94 -6.81
C LEU M 529 36.72 13.78 -7.43
N ASN M 530 35.72 13.37 -6.64
CA ASN M 530 34.37 13.23 -7.18
C ASN M 530 33.84 14.58 -7.67
N ASN M 531 34.04 15.63 -6.87
CA ASN M 531 33.56 16.95 -7.29
C ASN M 531 34.24 17.41 -8.57
N THR M 532 35.57 17.23 -8.66
CA THR M 532 36.28 17.66 -9.85
C THR M 532 35.85 16.86 -11.08
N THR M 533 35.62 15.55 -10.90
CA THR M 533 35.14 14.74 -12.02
C THR M 533 33.80 15.24 -12.52
N THR M 534 32.88 15.55 -11.60
CA THR M 534 31.57 16.05 -12.02
C THR M 534 31.71 17.35 -12.80
N ASN M 535 32.52 18.28 -12.28
CA ASN M 535 32.65 19.58 -12.94
C ASN M 535 33.29 19.44 -14.33
N LEU M 536 34.32 18.59 -14.44
CA LEU M 536 34.98 18.42 -15.74
C LEU M 536 34.07 17.73 -16.73
N SER M 537 33.28 16.76 -16.28
CA SER M 537 32.32 16.13 -17.18
C SER M 537 31.30 17.14 -17.68
N GLU M 538 30.85 18.03 -16.79
CA GLU M 538 29.91 19.07 -17.21
C GLU M 538 30.55 20.00 -18.24
N ALA M 539 31.82 20.36 -18.04
CA ALA M 539 32.50 21.23 -19.00
C ALA M 539 32.65 20.55 -20.35
N GLN M 540 32.99 19.26 -20.36
CA GLN M 540 33.06 18.54 -21.61
C GLN M 540 31.70 18.51 -22.30
N SER M 541 30.63 18.35 -21.52
CA SER M 541 29.28 18.42 -22.10
C SER M 541 29.02 19.79 -22.70
N ARG M 542 29.52 20.85 -22.05
CA ARG M 542 29.39 22.19 -22.61
C ARG M 542 30.03 22.26 -23.98
N ILE M 543 31.26 21.75 -24.10
CA ILE M 543 31.99 21.88 -25.37
C ILE M 543 31.36 21.02 -26.45
N GLN M 544 31.07 19.77 -26.14
CA GLN M 544 30.51 18.79 -27.08
C GLN M 544 28.99 18.82 -27.01
N ASP M 545 28.34 17.75 -27.50
CA ASP M 545 26.93 17.48 -27.24
C ASP M 545 26.01 18.53 -27.88
N ALA M 546 25.97 18.47 -29.21
CA ALA M 546 25.11 19.35 -29.99
C ALA M 546 23.67 19.32 -29.49
N ASP M 547 22.97 20.42 -29.76
CA ASP M 547 21.60 20.61 -29.29
C ASP M 547 20.61 20.04 -30.30
N TYR M 548 19.81 19.06 -29.86
CA TYR M 548 18.86 18.43 -30.77
C TYR M 548 17.81 19.41 -31.28
N ALA M 549 17.42 20.41 -30.49
CA ALA M 549 16.48 21.39 -31.02
C ALA M 549 17.04 22.06 -32.28
N THR M 550 18.26 22.57 -32.18
CA THR M 550 18.88 23.26 -33.31
C THR M 550 19.11 22.29 -34.47
N GLU M 551 19.58 21.08 -34.18
CA GLU M 551 19.86 20.13 -35.26
C GLU M 551 18.58 19.68 -35.97
N VAL M 552 17.50 19.46 -35.23
CA VAL M 552 16.23 19.09 -35.85
C VAL M 552 15.74 20.23 -36.74
N SER M 553 15.80 21.46 -36.23
CA SER M 553 15.39 22.59 -37.07
C SER M 553 16.23 22.68 -38.34
N ASN M 554 17.55 22.49 -38.19
CA ASN M 554 18.45 22.57 -39.33
C ASN M 554 18.13 21.51 -40.36
N MET M 555 17.92 20.26 -39.94
CA MET M 555 17.65 19.22 -40.92
C MET M 555 16.29 19.42 -41.57
N SER M 556 15.30 19.91 -40.82
CA SER M 556 13.98 20.11 -41.40
C SER M 556 14.03 21.18 -42.47
N LYS M 557 14.67 22.32 -42.18
CA LYS M 557 14.76 23.35 -43.20
C LYS M 557 15.64 22.90 -44.36
N ALA M 558 16.65 22.07 -44.10
CA ALA M 558 17.47 21.54 -45.18
C ALA M 558 16.65 20.63 -46.10
N GLN M 559 15.82 19.76 -45.52
CA GLN M 559 14.99 18.89 -46.32
C GLN M 559 14.01 19.67 -47.17
N ILE M 560 13.40 20.71 -46.59
CA ILE M 560 12.46 21.52 -47.38
C ILE M 560 13.19 22.26 -48.50
N ILE M 561 14.37 22.81 -48.21
CA ILE M 561 15.12 23.49 -49.26
C ILE M 561 15.48 22.49 -50.36
N GLN M 562 15.80 21.26 -49.98
CA GLN M 562 16.15 20.25 -50.98
C GLN M 562 14.96 19.90 -51.87
N GLN M 563 13.78 19.70 -51.25
CA GLN M 563 12.59 19.39 -52.03
C GLN M 563 12.22 20.55 -52.96
N ALA M 564 12.33 21.78 -52.45
CA ALA M 564 12.08 22.95 -53.29
C ALA M 564 13.06 23.00 -54.45
N GLY M 565 14.34 22.72 -54.17
CA GLY M 565 15.33 22.70 -55.23
C GLY M 565 15.04 21.63 -56.27
N ASN M 566 14.60 20.46 -55.83
CA ASN M 566 14.27 19.40 -56.79
C ASN M 566 13.08 19.79 -57.66
N SER M 567 12.05 20.38 -57.06
CA SER M 567 10.88 20.80 -57.85
C SER M 567 11.26 21.89 -58.84
N VAL M 568 12.03 22.88 -58.40
CA VAL M 568 12.45 23.95 -59.29
C VAL M 568 13.38 23.40 -60.37
N LEU M 569 14.19 22.39 -60.03
CA LEU M 569 15.04 21.73 -61.00
C LEU M 569 14.21 21.03 -62.05
N ALA M 570 13.12 20.40 -61.64
CA ALA M 570 12.21 19.79 -62.62
C ALA M 570 11.61 20.85 -63.53
N LYS M 571 11.22 21.99 -62.97
CA LYS M 571 10.67 23.07 -63.78
C LYS M 571 11.69 23.62 -64.76
N ALA M 572 12.95 23.74 -64.33
CA ALA M 572 13.99 24.26 -65.23
C ALA M 572 14.38 23.21 -66.27
N ASN M 573 14.49 21.95 -65.86
CA ASN M 573 14.73 20.83 -66.76
C ASN M 573 13.57 20.62 -67.71
N GLN M 574 12.43 21.27 -67.46
CA GLN M 574 11.42 21.38 -68.50
C GLN M 574 12.01 22.33 -69.52
N VAL M 575 13.11 21.89 -70.15
CA VAL M 575 13.92 22.72 -71.03
C VAL M 575 13.10 22.94 -72.30
N PRO M 576 13.24 24.09 -72.96
CA PRO M 576 12.21 24.55 -73.88
C PRO M 576 11.85 23.59 -75.00
N GLN M 577 10.59 23.16 -75.05
CA GLN M 577 10.04 22.58 -76.27
C GLN M 577 9.42 23.64 -77.15
N GLN M 578 9.40 24.88 -76.69
CA GLN M 578 8.94 25.97 -77.54
C GLN M 578 9.82 26.14 -78.76
N VAL M 579 11.07 25.70 -78.70
CA VAL M 579 11.89 25.67 -79.91
C VAL M 579 11.32 24.69 -80.92
N LEU M 580 10.89 23.51 -80.45
CA LEU M 580 10.20 22.57 -81.32
C LEU M 580 8.90 23.18 -81.85
N SER M 581 8.18 23.90 -80.99
CA SER M 581 6.95 24.55 -81.40
C SER M 581 7.20 25.56 -82.52
N LEU M 582 8.28 26.32 -82.40
CA LEU M 582 8.66 27.24 -83.48
C LEU M 582 9.07 26.49 -84.73
N LEU M 583 9.63 25.29 -84.57
CA LEU M 583 10.26 24.61 -85.70
C LEU M 583 9.26 24.29 -86.80
N GLN M 584 8.09 23.76 -86.46
CA GLN M 584 7.17 23.34 -87.51
C GLN M 584 6.45 24.51 -88.16
N GLY M 585 6.54 25.71 -87.59
CA GLY M 585 5.88 26.87 -88.17
C GLY M 585 6.56 27.39 -89.42
N MET N 1 -27.96 18.11 -63.07
CA MET N 1 -26.51 18.24 -63.00
C MET N 1 -25.93 18.46 -64.40
N ALA N 2 -25.99 17.42 -65.24
CA ALA N 2 -25.40 17.51 -66.57
C ALA N 2 -26.03 18.63 -67.39
N GLN N 3 -27.29 18.97 -67.10
CA GLN N 3 -28.01 19.94 -67.91
C GLN N 3 -27.86 21.37 -67.44
N VAL N 4 -27.47 21.60 -66.18
CA VAL N 4 -27.40 22.95 -65.61
C VAL N 4 -26.07 23.12 -64.89
N ILE N 5 -25.52 24.34 -64.96
CA ILE N 5 -24.33 24.69 -64.18
C ILE N 5 -24.54 25.92 -63.31
N ASN N 6 -25.60 26.69 -63.53
CA ASN N 6 -25.75 27.94 -62.80
C ASN N 6 -26.08 27.72 -61.33
N THR N 7 -26.75 26.61 -61.01
CA THR N 7 -27.11 26.27 -59.64
C THR N 7 -26.77 24.81 -59.37
N ASN N 8 -26.83 24.43 -58.10
CA ASN N 8 -26.58 23.05 -57.70
C ASN N 8 -27.62 22.68 -56.64
N SER N 9 -28.69 22.02 -57.09
CA SER N 9 -29.70 21.53 -56.18
C SER N 9 -29.10 20.60 -55.13
N LEU N 10 -28.19 19.72 -55.55
CA LEU N 10 -27.55 18.81 -54.61
C LEU N 10 -26.76 19.55 -53.56
N SER N 11 -26.00 20.56 -53.97
CA SER N 11 -25.23 21.34 -53.00
C SER N 11 -26.14 22.06 -52.01
N LEU N 12 -27.23 22.64 -52.51
CA LEU N 12 -28.14 23.34 -51.62
C LEU N 12 -28.76 22.39 -50.59
N ILE N 13 -29.20 21.22 -51.04
CA ILE N 13 -29.81 20.26 -50.13
C ILE N 13 -28.80 19.78 -49.10
N THR N 14 -27.57 19.49 -49.55
CA THR N 14 -26.54 19.04 -48.61
C THR N 14 -26.22 20.12 -47.59
N GLN N 15 -26.16 21.38 -48.01
CA GLN N 15 -25.88 22.47 -47.07
C GLN N 15 -27.00 22.58 -46.03
N ASN N 16 -28.25 22.44 -46.48
CA ASN N 16 -29.36 22.49 -45.54
C ASN N 16 -29.25 21.38 -44.50
N ASN N 17 -28.95 20.17 -44.96
CA ASN N 17 -28.82 19.04 -44.02
C ASN N 17 -27.65 19.26 -43.06
N ILE N 18 -26.56 19.81 -43.56
CA ILE N 18 -25.39 20.07 -42.72
C ILE N 18 -25.75 21.06 -41.62
N ASN N 19 -26.47 22.13 -41.96
CA ASN N 19 -26.87 23.10 -40.95
C ASN N 19 -27.81 22.47 -39.92
N LYS N 20 -28.74 21.64 -40.40
CA LYS N 20 -29.67 20.97 -39.48
C LYS N 20 -28.92 20.11 -38.48
N ASN N 21 -27.89 19.39 -38.94
CA ASN N 21 -27.07 18.62 -38.00
C ASN N 21 -26.24 19.52 -37.10
N GLN N 22 -25.79 20.66 -37.63
CA GLN N 22 -24.94 21.57 -36.89
C GLN N 22 -25.64 22.08 -35.64
N SER N 23 -26.94 22.37 -35.75
CA SER N 23 -27.69 22.82 -34.58
C SER N 23 -27.57 21.82 -33.43
N ALA N 24 -27.85 20.54 -33.71
CA ALA N 24 -27.81 19.52 -32.67
C ALA N 24 -26.39 19.29 -32.17
N LEU N 25 -25.40 19.37 -33.05
CA LEU N 25 -24.01 19.22 -32.62
C LEU N 25 -23.64 20.29 -31.59
N SER N 26 -23.97 21.54 -31.89
CA SER N 26 -23.67 22.62 -30.96
C SER N 26 -24.41 22.42 -29.64
N SER N 27 -25.69 22.03 -29.72
CA SER N 27 -26.46 21.81 -28.49
C SER N 27 -25.79 20.74 -27.62
N SER N 28 -25.43 19.61 -28.21
CA SER N 28 -24.85 18.52 -27.44
C SER N 28 -23.52 18.93 -26.82
N ILE N 29 -22.67 19.62 -27.59
CA ILE N 29 -21.36 20.01 -27.06
C ILE N 29 -21.52 20.97 -25.89
N GLU N 30 -22.40 21.97 -26.02
CA GLU N 30 -22.57 22.90 -24.91
C GLU N 30 -23.20 22.22 -23.70
N ARG N 31 -24.10 21.27 -23.92
CA ARG N 31 -24.70 20.56 -22.79
C ARG N 31 -23.64 19.75 -22.03
N LEU N 32 -22.75 19.08 -22.76
CA LEU N 32 -21.66 18.36 -22.08
C LEU N 32 -20.73 19.32 -21.35
N SER N 33 -20.41 20.45 -21.97
CA SER N 33 -19.50 21.39 -21.33
C SER N 33 -20.09 21.92 -20.02
N SER N 34 -21.37 22.29 -20.04
CA SER N 34 -21.97 22.87 -18.84
C SER N 34 -22.27 21.81 -17.79
N GLY N 35 -22.72 20.63 -18.21
CA GLY N 35 -23.14 19.61 -17.27
C GLY N 35 -24.55 19.79 -16.74
N LEU N 36 -25.42 20.46 -17.49
CA LEU N 36 -26.80 20.70 -17.08
C LEU N 36 -27.74 20.35 -18.21
N ARG N 37 -28.86 19.71 -17.87
CA ARG N 37 -29.84 19.35 -18.88
C ARG N 37 -30.58 20.58 -19.39
N ILE N 38 -31.04 21.43 -18.48
CA ILE N 38 -31.74 22.66 -18.84
C ILE N 38 -30.72 23.79 -18.85
N ASN N 39 -30.38 24.26 -20.04
CA ASN N 39 -29.31 25.23 -20.21
C ASN N 39 -29.84 26.40 -21.02
N SER N 40 -29.67 27.61 -20.50
CA SER N 40 -30.07 28.85 -21.17
C SER N 40 -31.56 28.90 -21.50
N ALA N 41 -32.36 28.00 -20.92
CA ALA N 41 -33.82 28.00 -21.06
C ALA N 41 -34.26 28.00 -22.52
N LYS N 42 -33.50 27.36 -23.40
CA LYS N 42 -33.88 27.19 -24.80
C LYS N 42 -34.85 26.03 -24.97
N ASP N 43 -35.42 25.56 -23.86
CA ASP N 43 -36.19 24.33 -23.79
C ASP N 43 -37.37 24.59 -22.85
N ASP N 44 -37.98 23.51 -22.36
CA ASP N 44 -39.11 23.64 -21.44
C ASP N 44 -38.77 24.58 -20.28
N ALA N 45 -39.42 25.74 -20.25
CA ALA N 45 -39.14 26.74 -19.23
C ALA N 45 -39.73 26.36 -17.88
N ALA N 46 -40.68 25.43 -17.85
CA ALA N 46 -41.18 24.92 -16.59
C ALA N 46 -40.04 24.29 -15.79
N GLY N 47 -39.17 23.54 -16.46
CA GLY N 47 -38.01 22.99 -15.78
C GLY N 47 -37.11 24.08 -15.20
N GLN N 48 -36.88 25.14 -15.96
CA GLN N 48 -36.06 26.25 -15.48
C GLN N 48 -36.67 26.85 -14.21
N ALA N 49 -37.97 27.16 -14.26
CA ALA N 49 -38.62 27.78 -13.11
C ALA N 49 -38.60 26.86 -11.90
N ILE N 50 -38.89 25.58 -12.09
CA ILE N 50 -38.92 24.65 -10.96
C ILE N 50 -37.52 24.47 -10.39
N ALA N 51 -36.50 24.46 -11.25
CA ALA N 51 -35.13 24.39 -10.75
C ALA N 51 -34.79 25.62 -9.91
N ASN N 52 -35.24 26.80 -10.35
CA ASN N 52 -35.02 28.00 -9.54
C ASN N 52 -35.68 27.88 -8.19
N ARG N 53 -36.93 27.41 -8.17
CA ARG N 53 -37.64 27.25 -6.90
C ARG N 53 -36.91 26.28 -5.98
N PHE N 54 -36.43 25.17 -6.54
CA PHE N 54 -35.73 24.18 -5.73
C PHE N 54 -34.41 24.75 -5.18
N THR N 55 -33.69 25.52 -6.00
CA THR N 55 -32.46 26.13 -5.51
C THR N 55 -32.73 27.08 -4.37
N SER N 56 -33.77 27.91 -4.50
CA SER N 56 -34.13 28.82 -3.43
C SER N 56 -34.48 28.06 -2.16
N ASN N 57 -35.28 27.00 -2.29
CA ASN N 57 -35.67 26.22 -1.12
C ASN N 57 -34.46 25.57 -0.45
N ILE N 58 -33.53 25.03 -1.26
CA ILE N 58 -32.36 24.36 -0.69
C ILE N 58 -31.50 25.36 0.10
N LYS N 59 -31.23 26.52 -0.50
CA LYS N 59 -30.43 27.51 0.20
C LYS N 59 -31.11 27.96 1.49
N GLY N 60 -32.42 28.23 1.42
CA GLY N 60 -33.13 28.65 2.61
C GLY N 60 -33.09 27.61 3.71
N LEU N 61 -33.28 26.33 3.35
CA LEU N 61 -33.28 25.28 4.36
C LEU N 61 -31.90 25.11 4.99
N THR N 62 -30.83 25.22 4.20
CA THR N 62 -29.50 25.11 4.77
C THR N 62 -29.24 26.24 5.76
N GLN N 63 -29.61 27.47 5.39
CA GLN N 63 -29.41 28.59 6.31
C GLN N 63 -30.27 28.42 7.56
N ALA N 64 -31.48 27.88 7.41
CA ALA N 64 -32.33 27.64 8.57
C ALA N 64 -31.71 26.61 9.50
N ALA N 65 -31.08 25.58 8.95
CA ALA N 65 -30.38 24.61 9.78
C ALA N 65 -29.26 25.27 10.58
N ARG N 66 -28.52 26.17 9.93
CA ARG N 66 -27.48 26.89 10.66
C ARG N 66 -28.07 27.72 11.79
N ASN N 67 -29.20 28.39 11.53
CA ASN N 67 -29.85 29.19 12.56
C ASN N 67 -30.29 28.33 13.73
N ALA N 68 -30.82 27.15 13.45
CA ALA N 68 -31.23 26.25 14.53
C ALA N 68 -30.04 25.81 15.35
N ASN N 69 -28.89 25.57 14.71
CA ASN N 69 -27.68 25.25 15.47
C ASN N 69 -27.31 26.38 16.42
N ASP N 70 -27.40 27.63 15.94
CA ASP N 70 -27.12 28.76 16.81
C ASP N 70 -28.07 28.80 18.00
N GLY N 71 -29.35 28.53 17.75
CA GLY N 71 -30.30 28.49 18.85
C GLY N 71 -29.98 27.42 19.88
N ILE N 72 -29.54 26.25 19.41
CA ILE N 72 -29.12 25.20 20.34
C ILE N 72 -27.97 25.69 21.20
N SER N 73 -27.02 26.41 20.60
CA SER N 73 -25.91 26.96 21.37
C SER N 73 -26.41 27.91 22.46
N VAL N 74 -27.36 28.77 22.11
CA VAL N 74 -27.92 29.70 23.09
C VAL N 74 -28.52 28.93 24.26
N ALA N 75 -29.30 27.90 23.96
CA ALA N 75 -29.93 27.11 25.00
C ALA N 75 -28.90 26.46 25.91
N GLN N 76 -27.83 25.92 25.32
CA GLN N 76 -26.81 25.27 26.13
C GLN N 76 -26.14 26.25 27.09
N THR N 77 -25.79 27.43 26.59
CA THR N 77 -25.15 28.42 27.47
C THR N 77 -26.05 28.81 28.63
N THR N 78 -27.32 29.11 28.32
CA THR N 78 -28.25 29.48 29.37
C THR N 78 -28.40 28.37 30.39
N GLU N 79 -28.44 27.11 29.93
CA GLU N 79 -28.63 26.00 30.84
C GLU N 79 -27.43 25.80 31.75
N GLY N 80 -26.22 26.02 31.24
CA GLY N 80 -25.05 25.96 32.10
C GLY N 80 -25.10 27.01 33.21
N ALA N 81 -25.49 28.23 32.85
CA ALA N 81 -25.64 29.26 33.88
C ALA N 81 -26.68 28.86 34.93
N LEU N 82 -27.80 28.31 34.47
CA LEU N 82 -28.83 27.84 35.40
C LEU N 82 -28.30 26.75 36.32
N SER N 83 -27.48 25.84 35.79
CA SER N 83 -26.94 24.77 36.63
C SER N 83 -26.07 25.34 37.74
N GLU N 84 -25.23 26.33 37.42
CA GLU N 84 -24.41 26.93 38.47
C GLU N 84 -25.27 27.61 39.53
N ILE N 85 -26.30 28.33 39.09
CA ILE N 85 -27.19 28.98 40.06
C ILE N 85 -27.85 27.94 40.96
N ASN N 86 -28.23 26.79 40.38
CA ASN N 86 -28.88 25.75 41.17
C ASN N 86 -27.93 25.20 42.23
N ASN N 87 -26.67 24.98 41.86
CA ASN N 87 -25.70 24.50 42.86
C ASN N 87 -25.55 25.50 44.00
N ASN N 88 -25.47 26.79 43.67
CA ASN N 88 -25.38 27.80 44.73
C ASN N 88 -26.60 27.76 45.64
N LEU N 89 -27.80 27.61 45.06
CA LEU N 89 -29.01 27.56 45.89
C LEU N 89 -29.01 26.35 46.80
N GLN N 90 -28.55 25.20 46.30
CA GLN N 90 -28.47 24.01 47.14
C GLN N 90 -27.55 24.25 48.33
N ARG N 91 -26.38 24.85 48.09
CA ARG N 91 -25.47 25.12 49.20
C ARG N 91 -26.09 26.08 50.20
N ILE N 92 -26.82 27.10 49.71
CA ILE N 92 -27.47 28.04 50.62
C ILE N 92 -28.50 27.32 51.49
N ARG N 93 -29.25 26.40 50.90
CA ARG N 93 -30.24 25.66 51.69
C ARG N 93 -29.55 24.82 52.76
N GLU N 94 -28.44 24.18 52.42
CA GLU N 94 -27.70 23.41 53.42
C GLU N 94 -27.26 24.31 54.57
N LEU N 95 -26.76 25.51 54.24
CA LEU N 95 -26.35 26.44 55.28
C LEU N 95 -27.52 26.86 56.16
N THR N 96 -28.69 27.09 55.55
CA THR N 96 -29.87 27.44 56.34
C THR N 96 -30.24 26.31 57.30
N VAL N 97 -30.18 25.07 56.82
CA VAL N 97 -30.50 23.94 57.68
C VAL N 97 -29.53 23.87 58.85
N GLN N 98 -28.26 24.19 58.60
CA GLN N 98 -27.29 24.23 59.70
C GLN N 98 -27.54 25.40 60.64
N ALA N 99 -28.04 26.52 60.13
CA ALA N 99 -28.19 27.72 60.94
C ALA N 99 -29.42 27.68 61.83
N THR N 100 -30.49 27.00 61.40
CA THR N 100 -31.75 27.06 62.16
C THR N 100 -31.66 26.40 63.52
N THR N 101 -30.61 25.65 63.81
CA THR N 101 -30.47 25.02 65.12
C THR N 101 -30.35 26.07 66.22
N GLY N 102 -30.92 25.78 67.39
CA GLY N 102 -30.80 26.66 68.52
C GLY N 102 -29.49 26.55 69.29
N THR N 103 -28.65 25.57 68.93
CA THR N 103 -27.35 25.46 69.58
C THR N 103 -26.39 26.56 69.16
N ASN N 104 -26.47 27.00 67.90
CA ASN N 104 -25.55 28.00 67.39
C ASN N 104 -25.70 29.32 68.15
N SER N 105 -24.58 29.99 68.37
CA SER N 105 -24.57 31.27 69.07
C SER N 105 -24.65 32.41 68.06
N ASP N 106 -24.60 33.64 68.58
CA ASP N 106 -24.78 34.81 67.73
C ASP N 106 -23.64 34.95 66.71
N SER N 107 -22.41 34.72 67.14
CA SER N 107 -21.29 34.79 66.21
C SER N 107 -21.40 33.73 65.12
N ASP N 108 -21.83 32.53 65.50
CA ASP N 108 -22.01 31.47 64.51
C ASP N 108 -23.07 31.85 63.49
N LEU N 109 -24.20 32.40 63.96
CA LEU N 109 -25.23 32.85 63.04
C LEU N 109 -24.72 33.96 62.14
N ASP N 110 -23.91 34.87 62.69
CA ASP N 110 -23.36 35.95 61.88
C ASP N 110 -22.47 35.39 60.77
N SER N 111 -21.61 34.43 61.09
CA SER N 111 -20.75 33.85 60.08
C SER N 111 -21.56 33.13 59.01
N ILE N 112 -22.57 32.37 59.42
CA ILE N 112 -23.40 31.65 58.44
C ILE N 112 -24.11 32.65 57.53
N GLN N 113 -24.63 33.73 58.09
CA GLN N 113 -25.29 34.73 57.28
C GLN N 113 -24.32 35.43 56.34
N ASP N 114 -23.07 35.62 56.77
CA ASP N 114 -22.07 36.17 55.87
C ASP N 114 -21.87 35.26 54.66
N GLU N 115 -21.75 33.96 54.90
CA GLU N 115 -21.59 33.03 53.79
C GLU N 115 -22.82 33.05 52.88
N ILE N 116 -24.01 33.11 53.47
CA ILE N 116 -25.24 33.13 52.68
C ILE N 116 -25.29 34.39 51.81
N LYS N 117 -24.91 35.53 52.38
CA LYS N 117 -24.89 36.77 51.60
C LYS N 117 -23.89 36.69 50.46
N SER N 118 -22.72 36.09 50.71
CA SER N 118 -21.75 35.92 49.64
C SER N 118 -22.31 35.09 48.50
N ARG N 119 -23.00 34.00 48.83
CA ARG N 119 -23.52 33.14 47.77
C ARG N 119 -24.68 33.80 47.03
N LEU N 120 -25.52 34.56 47.73
CA LEU N 120 -26.55 35.33 47.03
C LEU N 120 -25.92 36.34 46.09
N ASP N 121 -24.82 36.97 46.52
CA ASP N 121 -24.10 37.89 45.65
C ASP N 121 -23.60 37.18 44.41
N GLU N 122 -23.09 35.95 44.55
CA GLU N 122 -22.70 35.16 43.38
C GLU N 122 -23.90 34.89 42.46
N ILE N 123 -25.06 34.56 43.04
CA ILE N 123 -26.22 34.30 42.20
C ILE N 123 -26.55 35.53 41.36
N ASP N 124 -26.62 36.69 42.00
CA ASP N 124 -26.90 37.92 41.27
C ASP N 124 -25.82 38.22 40.24
N ARG N 125 -24.55 38.04 40.60
CA ARG N 125 -23.45 38.36 39.70
C ARG N 125 -23.50 37.49 38.45
N VAL N 126 -23.62 36.18 38.64
CA VAL N 126 -23.66 35.27 37.49
C VAL N 126 -24.85 35.56 36.61
N SER N 127 -26.02 35.77 37.22
CA SER N 127 -27.22 36.04 36.44
C SER N 127 -27.07 37.32 35.63
N GLY N 128 -26.52 38.37 36.24
CA GLY N 128 -26.37 39.62 35.53
C GLY N 128 -25.34 39.57 34.42
N GLN N 129 -24.22 38.89 34.66
CA GLN N 129 -23.09 38.97 33.76
C GLN N 129 -23.01 37.83 32.75
N THR N 130 -23.88 36.82 32.84
CA THR N 130 -23.91 35.82 31.78
C THR N 130 -24.39 36.46 30.49
N GLN N 131 -23.60 36.28 29.42
CA GLN N 131 -23.84 36.99 28.17
C GLN N 131 -23.53 36.08 27.00
N PHE N 132 -24.37 36.17 25.96
CA PHE N 132 -24.16 35.44 24.71
C PHE N 132 -24.36 36.40 23.56
N ASN N 133 -23.30 36.64 22.78
CA ASN N 133 -23.37 37.49 21.60
C ASN N 133 -23.90 38.88 21.94
N GLY N 134 -23.46 39.42 23.07
CA GLY N 134 -23.88 40.75 23.47
C GLY N 134 -25.28 40.84 24.04
N VAL N 135 -25.93 39.72 24.32
CA VAL N 135 -27.28 39.69 24.86
C VAL N 135 -27.24 39.06 26.24
N ASN N 136 -27.78 39.75 27.23
CA ASN N 136 -27.87 39.21 28.59
C ASN N 136 -29.09 38.30 28.66
N VAL N 137 -28.85 36.99 28.57
CA VAL N 137 -29.95 36.04 28.48
C VAL N 137 -30.76 36.01 29.77
N LEU N 138 -30.11 36.18 30.92
CA LEU N 138 -30.76 36.02 32.20
C LEU N 138 -31.18 37.35 32.83
N ALA N 139 -31.06 38.45 32.11
CA ALA N 139 -31.42 39.75 32.65
C ALA N 139 -32.73 40.30 32.12
N LYS N 140 -33.32 39.68 31.11
CA LYS N 140 -34.56 40.14 30.51
C LYS N 140 -35.61 39.04 30.58
N ASP N 141 -36.86 39.43 30.32
CA ASP N 141 -37.99 38.49 30.37
C ASP N 141 -38.59 38.28 28.98
N GLY N 142 -37.82 38.48 27.93
CA GLY N 142 -38.32 38.44 26.57
C GLY N 142 -38.26 37.06 25.94
N SER N 143 -38.21 37.06 24.62
CA SER N 143 -38.13 35.81 23.86
C SER N 143 -37.30 36.05 22.61
N MET N 144 -36.72 34.97 22.09
CA MET N 144 -35.93 34.99 20.89
C MET N 144 -36.60 34.13 19.82
N LYS N 145 -36.74 34.68 18.62
CA LYS N 145 -37.39 33.97 17.53
C LYS N 145 -36.32 33.47 16.56
N ILE N 146 -36.37 32.17 16.27
CA ILE N 146 -35.36 31.52 15.44
C ILE N 146 -36.03 31.05 14.16
N GLN N 147 -35.48 31.47 13.02
CA GLN N 147 -36.00 31.05 11.73
C GLN N 147 -35.67 29.59 11.49
N VAL N 148 -36.69 28.78 11.21
CA VAL N 148 -36.50 27.36 11.01
C VAL N 148 -36.92 26.90 9.62
N GLY N 149 -37.86 27.59 8.96
CA GLY N 149 -38.25 27.24 7.61
C GLY N 149 -37.64 28.19 6.58
N ALA N 150 -37.98 27.94 5.32
CA ALA N 150 -37.54 28.77 4.21
C ALA N 150 -38.54 29.84 3.82
N ASN N 151 -39.73 29.83 4.38
CA ASN N 151 -40.75 30.83 4.10
C ASN N 151 -41.00 31.67 5.35
N ASP N 152 -41.82 32.70 5.19
CA ASP N 152 -42.04 33.66 6.26
C ASP N 152 -42.92 33.04 7.36
N GLY N 153 -42.66 33.46 8.60
CA GLY N 153 -43.46 33.02 9.72
C GLY N 153 -43.12 31.65 10.27
N GLU N 154 -42.05 31.02 9.79
CA GLU N 154 -41.68 29.68 10.23
C GLU N 154 -40.60 29.80 11.31
N THR N 155 -41.06 30.14 12.52
CA THR N 155 -40.15 30.46 13.61
C THR N 155 -40.43 29.58 14.83
N ILE N 156 -39.42 29.48 15.68
CA ILE N 156 -39.51 28.83 16.98
C ILE N 156 -39.11 29.83 18.04
N THR N 157 -39.89 29.95 19.10
CA THR N 157 -39.67 30.96 20.12
C THR N 157 -39.06 30.33 21.36
N ILE N 158 -37.97 30.93 21.84
CA ILE N 158 -37.35 30.56 23.11
C ILE N 158 -37.70 31.65 24.11
N ASP N 159 -38.37 31.27 25.20
CA ASP N 159 -38.72 32.22 26.24
C ASP N 159 -37.59 32.30 27.26
N LEU N 160 -37.27 33.51 27.71
CA LEU N 160 -36.25 33.71 28.71
C LEU N 160 -36.88 34.28 29.98
N LYS N 161 -36.20 34.09 31.10
CA LYS N 161 -36.69 34.53 32.39
C LYS N 161 -35.65 35.41 33.06
N LYS N 162 -36.11 36.48 33.69
CA LYS N 162 -35.24 37.32 34.50
C LYS N 162 -35.05 36.65 35.84
N ILE N 163 -33.87 36.07 36.07
CA ILE N 163 -33.56 35.36 37.30
C ILE N 163 -32.52 36.16 38.07
N ASP N 164 -32.85 36.49 39.31
CA ASP N 164 -31.95 37.19 40.21
C ASP N 164 -32.53 37.04 41.62
N SER N 165 -32.01 37.82 42.56
CA SER N 165 -32.60 37.83 43.89
C SER N 165 -34.04 38.34 43.85
N ASP N 166 -34.30 39.39 43.08
CA ASP N 166 -35.60 40.03 43.10
C ASP N 166 -36.72 39.08 42.69
N THR N 167 -36.49 38.30 41.64
CA THR N 167 -37.53 37.40 41.12
C THR N 167 -37.61 36.08 41.87
N LEU N 168 -36.73 35.83 42.83
CA LEU N 168 -36.82 34.66 43.68
C LEU N 168 -37.08 35.02 45.14
N GLY N 169 -37.28 36.30 45.43
CA GLY N 169 -37.45 36.69 46.82
C GLY N 169 -36.10 36.76 47.50
N LEU N 170 -35.99 36.15 48.67
CA LEU N 170 -34.69 35.99 49.32
C LEU N 170 -33.97 37.31 49.58
N ASN N 171 -34.65 38.43 49.36
CA ASN N 171 -33.98 39.74 49.45
C ASN N 171 -33.39 39.96 50.83
N GLY N 172 -34.25 40.05 51.84
CA GLY N 172 -33.78 40.10 53.21
C GLY N 172 -33.79 38.72 53.83
N PHE N 173 -32.87 37.85 53.39
CA PHE N 173 -32.88 36.48 53.90
C PHE N 173 -32.67 36.45 55.41
N ASN N 174 -31.72 37.24 55.90
CA ASN N 174 -31.72 37.67 57.31
C ASN N 174 -31.70 36.49 58.27
N VAL N 175 -30.85 35.50 58.02
CA VAL N 175 -30.80 34.35 58.92
C VAL N 175 -30.42 34.77 60.33
N ASN N 176 -29.45 35.67 60.46
CA ASN N 176 -29.05 36.19 61.76
C ASN N 176 -29.89 37.37 62.22
N GLY N 177 -30.75 37.93 61.36
CA GLY N 177 -31.62 39.00 61.75
C GLY N 177 -31.09 40.41 61.55
N LYS N 178 -30.10 40.60 60.67
CA LYS N 178 -29.54 41.92 60.40
C LYS N 178 -29.46 42.11 58.89
N GLY N 179 -30.29 43.00 58.37
CA GLY N 179 -30.34 43.19 56.93
C GLY N 179 -31.19 44.38 56.56
N THR N 180 -31.40 44.55 55.26
CA THR N 180 -32.10 45.71 54.71
C THR N 180 -33.36 45.27 53.98
N ILE N 181 -34.26 46.23 53.76
CA ILE N 181 -35.53 45.96 53.11
C ILE N 181 -35.74 46.85 51.89
N THR N 182 -35.12 48.04 51.90
CA THR N 182 -35.33 49.05 50.87
C THR N 182 -36.83 49.30 50.68
N ASN N 183 -37.44 49.83 51.76
CA ASN N 183 -38.87 49.73 52.01
C ASN N 183 -39.81 50.04 50.84
N LYS N 184 -39.84 51.26 50.33
CA LYS N 184 -40.87 51.64 49.35
C LYS N 184 -40.63 53.09 48.95
N ALA N 185 -41.36 53.53 47.92
CA ALA N 185 -41.43 54.92 47.51
C ALA N 185 -42.84 55.44 47.73
N ALA N 186 -42.96 56.62 48.33
CA ALA N 186 -44.26 57.15 48.71
C ALA N 186 -45.05 57.61 47.48
N THR N 187 -46.34 57.89 47.70
CA THR N 187 -47.22 58.38 46.65
C THR N 187 -48.25 59.33 47.24
N VAL N 188 -49.05 59.93 46.36
CA VAL N 188 -50.03 60.92 46.79
C VAL N 188 -51.11 60.27 47.66
N SER N 189 -51.47 59.03 47.36
CA SER N 189 -52.43 58.33 48.21
C SER N 189 -51.86 58.12 49.61
N ASP N 190 -50.57 57.79 49.69
CA ASP N 190 -49.93 57.65 50.99
C ASP N 190 -49.92 58.99 51.75
N LEU N 191 -49.65 60.08 51.04
CA LEU N 191 -49.68 61.40 51.68
C LEU N 191 -51.07 61.72 52.21
N THR N 192 -52.10 61.46 51.41
CA THR N 192 -53.46 61.73 51.84
C THR N 192 -53.84 60.88 53.06
N SER N 193 -53.43 59.61 53.04
CA SER N 193 -53.69 58.75 54.19
C SER N 193 -52.98 59.27 55.44
N ALA N 194 -51.73 59.73 55.28
CA ALA N 194 -51.01 60.33 56.39
C ALA N 194 -51.63 61.64 56.84
N GLY N 195 -52.44 62.28 55.99
CA GLY N 195 -53.17 63.47 56.39
C GLY N 195 -52.67 64.78 55.82
N ALA N 196 -51.76 64.75 54.85
CA ALA N 196 -51.28 65.97 54.23
C ALA N 196 -52.41 66.65 53.47
N LYS N 197 -52.42 67.98 53.50
CA LYS N 197 -53.44 68.79 52.85
C LYS N 197 -52.85 69.46 51.61
N LEU N 198 -53.63 69.47 50.53
CA LEU N 198 -53.20 70.16 49.32
C LEU N 198 -53.36 71.66 49.49
N ASN N 199 -52.33 72.41 49.15
CA ASN N 199 -52.37 73.87 49.20
C ASN N 199 -52.82 74.37 47.83
N THR N 200 -54.01 74.98 47.80
CA THR N 200 -54.60 75.39 46.53
C THR N 200 -53.78 76.46 45.83
N THR N 201 -53.24 77.42 46.60
CA THR N 201 -52.54 78.54 45.99
C THR N 201 -51.21 78.12 45.38
N THR N 202 -50.56 77.10 45.91
CA THR N 202 -49.24 76.68 45.44
C THR N 202 -49.23 75.32 44.77
N GLY N 203 -50.22 74.47 45.04
CA GLY N 203 -50.25 73.14 44.45
C GLY N 203 -49.46 72.09 45.19
N LEU N 204 -48.73 72.46 46.25
CA LEU N 204 -47.94 71.51 47.00
C LEU N 204 -48.81 70.74 47.99
N TYR N 205 -48.21 69.74 48.61
CA TYR N 205 -48.85 69.00 49.70
C TYR N 205 -48.12 69.31 50.99
N ASP N 206 -48.84 69.88 51.96
CA ASP N 206 -48.27 70.28 53.23
C ASP N 206 -48.73 69.32 54.31
N LEU N 207 -47.78 68.76 55.05
CA LEU N 207 -48.07 67.85 56.16
C LEU N 207 -47.72 68.57 57.45
N LYS N 208 -48.69 68.66 58.36
CA LYS N 208 -48.53 69.35 59.64
C LYS N 208 -48.57 68.33 60.76
N THR N 209 -47.55 68.36 61.62
CA THR N 209 -47.46 67.48 62.77
C THR N 209 -47.57 68.30 64.04
N GLU N 210 -48.47 67.89 64.93
CA GLU N 210 -48.71 68.63 66.16
C GLU N 210 -47.75 68.15 67.26
N ASN N 211 -47.46 69.03 68.20
CA ASN N 211 -46.51 68.77 69.27
C ASN N 211 -47.21 69.00 70.60
N THR N 212 -47.12 68.02 71.49
CA THR N 212 -47.83 68.08 72.76
C THR N 212 -47.08 68.97 73.76
N LEU N 213 -47.84 69.83 74.44
CA LEU N 213 -47.27 70.70 75.45
C LEU N 213 -46.68 69.88 76.59
N LEU N 214 -45.66 70.44 77.24
CA LEU N 214 -44.96 69.74 78.31
C LEU N 214 -45.92 69.44 79.46
N THR N 215 -45.86 68.21 79.96
CA THR N 215 -46.69 67.75 81.05
C THR N 215 -45.84 67.49 82.29
N THR N 216 -46.51 67.44 83.44
CA THR N 216 -45.82 67.23 84.70
C THR N 216 -45.16 65.86 84.74
N ASP N 217 -45.79 64.84 84.16
CA ASP N 217 -45.20 63.51 84.14
C ASP N 217 -43.89 63.49 83.37
N ALA N 218 -43.89 64.10 82.18
CA ALA N 218 -42.66 64.17 81.39
C ALA N 218 -41.59 64.98 82.09
N ALA N 219 -41.99 66.09 82.72
CA ALA N 219 -41.02 66.89 83.47
C ALA N 219 -40.40 66.09 84.60
N PHE N 220 -41.22 65.33 85.33
CA PHE N 220 -40.70 64.51 86.42
C PHE N 220 -39.79 63.41 85.89
N ASP N 221 -40.14 62.82 84.74
CA ASP N 221 -39.27 61.82 84.14
C ASP N 221 -37.92 62.41 83.78
N LYS N 222 -37.92 63.63 83.24
CA LYS N 222 -36.66 64.27 82.88
C LYS N 222 -35.99 64.98 84.04
N LEU N 223 -36.58 64.96 85.23
CA LEU N 223 -35.96 65.57 86.40
C LEU N 223 -34.62 64.91 86.69
N GLY N 224 -33.64 65.74 87.07
CA GLY N 224 -32.31 65.27 87.40
C GLY N 224 -31.90 65.70 88.79
N ASN N 225 -30.68 65.32 89.15
CA ASN N 225 -30.15 65.65 90.47
C ASN N 225 -29.96 67.15 90.60
N GLY N 226 -30.35 67.68 91.77
CA GLY N 226 -30.24 69.10 92.04
C GLY N 226 -31.34 69.96 91.47
N ASP N 227 -32.37 69.37 90.88
CA ASP N 227 -33.45 70.14 90.30
C ASP N 227 -34.31 70.75 91.40
N LYS N 228 -34.86 71.93 91.12
CA LYS N 228 -35.64 72.70 92.07
C LYS N 228 -37.07 72.87 91.56
N VAL N 229 -38.03 72.52 92.40
CA VAL N 229 -39.45 72.62 92.07
C VAL N 229 -40.12 73.56 93.05
N THR N 230 -40.79 74.58 92.54
CA THR N 230 -41.44 75.59 93.36
C THR N 230 -42.94 75.54 93.12
N VAL N 231 -43.68 74.98 94.07
CA VAL N 231 -45.14 74.95 94.01
C VAL N 231 -45.68 75.47 95.33
N GLY N 232 -46.68 76.35 95.26
CA GLY N 232 -47.27 76.90 96.45
C GLY N 232 -46.33 77.78 97.26
N GLY N 233 -45.28 78.28 96.65
CA GLY N 233 -44.34 79.16 97.33
C GLY N 233 -43.29 78.46 98.15
N VAL N 234 -43.21 77.13 98.12
CA VAL N 234 -42.22 76.38 98.87
C VAL N 234 -41.33 75.62 97.88
N ASP N 235 -40.03 75.61 98.15
CA ASP N 235 -39.06 75.04 97.23
C ASP N 235 -38.68 73.64 97.66
N TYR N 236 -38.67 72.71 96.71
CA TYR N 236 -38.27 71.32 96.93
C TYR N 236 -37.07 71.03 96.05
N THR N 237 -36.12 70.26 96.57
CA THR N 237 -34.94 69.86 95.81
C THR N 237 -35.01 68.36 95.56
N TYR N 238 -35.01 67.97 94.28
CA TYR N 238 -35.09 66.56 93.93
C TYR N 238 -33.78 65.87 94.24
N ASN N 239 -33.87 64.66 94.76
CA ASN N 239 -32.72 63.81 95.05
C ASN N 239 -32.88 62.51 94.28
N ALA N 240 -31.95 62.25 93.36
CA ALA N 240 -31.99 61.04 92.55
C ALA N 240 -31.47 59.82 93.31
N LYS N 241 -30.60 60.03 94.28
CA LYS N 241 -30.07 58.90 95.06
C LYS N 241 -31.19 58.18 95.79
N SER N 242 -32.07 58.94 96.46
CA SER N 242 -33.25 58.38 97.08
C SER N 242 -34.52 58.64 96.27
N GLY N 243 -34.43 59.44 95.22
CA GLY N 243 -35.58 59.69 94.36
C GLY N 243 -36.75 60.35 95.06
N ASP N 244 -36.49 61.42 95.80
CA ASP N 244 -37.54 62.09 96.55
C ASP N 244 -37.14 63.54 96.76
N PHE N 245 -38.11 64.36 97.16
CA PHE N 245 -37.86 65.78 97.31
C PHE N 245 -37.51 66.12 98.75
N THR N 246 -36.39 66.80 98.94
CA THR N 246 -35.98 67.29 100.24
C THR N 246 -36.37 68.77 100.37
N THR N 247 -36.80 69.15 101.57
CA THR N 247 -37.27 70.50 101.84
C THR N 247 -36.57 71.00 103.10
N THR N 248 -36.46 72.33 103.20
CA THR N 248 -36.00 72.98 104.41
C THR N 248 -37.18 73.77 105.00
N LYS N 249 -37.64 73.36 106.17
CA LYS N 249 -38.79 73.99 106.81
C LYS N 249 -38.35 74.69 108.08
N SER N 250 -38.58 76.00 108.14
CA SER N 250 -38.46 76.71 109.39
C SER N 250 -39.71 76.47 110.25
N THR N 251 -39.56 76.70 111.54
CA THR N 251 -40.67 76.50 112.46
C THR N 251 -41.86 77.38 112.10
N ALA N 252 -41.70 78.69 112.24
CA ALA N 252 -42.79 79.64 112.02
C ALA N 252 -42.20 81.04 112.03
N GLY N 253 -43.09 82.04 112.07
CA GLY N 253 -42.69 83.43 112.10
C GLY N 253 -43.11 84.18 110.85
N THR N 254 -44.21 84.91 110.95
CA THR N 254 -44.74 85.72 109.86
C THR N 254 -44.93 87.17 110.24
N GLY N 255 -45.35 87.45 111.47
CA GLY N 255 -45.48 88.83 111.91
C GLY N 255 -44.13 89.50 112.08
N VAL N 256 -44.14 90.83 111.99
CA VAL N 256 -42.90 91.60 112.08
C VAL N 256 -42.66 92.18 113.47
N ASP N 257 -43.62 92.05 114.39
CA ASP N 257 -43.48 92.58 115.74
C ASP N 257 -43.79 91.49 116.75
N ALA N 258 -43.50 91.79 118.02
CA ALA N 258 -43.73 90.82 119.09
C ALA N 258 -45.20 90.51 119.23
N ALA N 259 -46.06 91.53 119.16
CA ALA N 259 -47.51 91.34 119.27
C ALA N 259 -48.08 90.97 117.91
N ALA N 260 -47.75 89.75 117.48
CA ALA N 260 -48.20 89.23 116.20
C ALA N 260 -48.45 87.73 116.34
N GLN N 261 -48.90 87.13 115.24
CA GLN N 261 -49.16 85.69 115.22
C GLN N 261 -47.88 84.87 115.09
N ALA N 262 -46.72 85.50 114.96
CA ALA N 262 -45.48 84.76 114.80
C ALA N 262 -45.18 83.91 116.03
N ALA N 263 -45.33 84.49 117.23
CA ALA N 263 -45.06 83.75 118.46
C ALA N 263 -46.04 82.59 118.62
N ASP N 264 -47.31 82.83 118.34
CA ASP N 264 -48.32 81.77 118.45
C ASP N 264 -48.02 80.65 117.47
N SER N 265 -47.68 80.99 116.23
CA SER N 265 -47.36 79.97 115.24
C SER N 265 -46.12 79.18 115.65
N ALA N 266 -45.10 79.87 116.18
CA ALA N 266 -43.91 79.17 116.63
C ALA N 266 -44.24 78.20 117.76
N SER N 267 -45.05 78.64 118.72
CA SER N 267 -45.42 77.77 119.84
C SER N 267 -46.21 76.56 119.37
N LYS N 268 -47.18 76.77 118.47
CA LYS N 268 -47.99 75.64 118.02
C LYS N 268 -47.18 74.68 117.15
N ARG N 269 -46.25 75.20 116.34
CA ARG N 269 -45.39 74.32 115.55
C ARG N 269 -44.45 73.53 116.45
N ASP N 270 -43.92 74.17 117.50
CA ASP N 270 -43.10 73.45 118.46
C ASP N 270 -43.89 72.34 119.13
N ALA N 271 -45.13 72.63 119.51
CA ALA N 271 -45.98 71.60 120.12
C ALA N 271 -46.24 70.46 119.14
N LEU N 272 -46.52 70.78 117.88
CA LEU N 272 -46.77 69.75 116.88
C LEU N 272 -45.55 68.87 116.68
N ALA N 273 -44.36 69.49 116.61
CA ALA N 273 -43.13 68.70 116.47
C ALA N 273 -42.91 67.81 117.69
N ALA N 274 -43.17 68.34 118.89
CA ALA N 274 -43.01 67.54 120.09
C ALA N 274 -43.95 66.35 120.09
N THR N 275 -45.19 66.54 119.64
CA THR N 275 -46.10 65.41 119.51
C THR N 275 -45.61 64.41 118.47
N LEU N 276 -45.04 64.91 117.36
CA LEU N 276 -44.49 64.01 116.36
C LEU N 276 -43.34 63.18 116.91
N HIS N 277 -42.60 63.73 117.87
CA HIS N 277 -41.55 62.98 118.55
C HIS N 277 -42.07 62.03 119.63
N ALA N 278 -43.36 61.66 119.61
CA ALA N 278 -43.89 60.78 120.64
C ALA N 278 -43.21 59.41 120.61
N ASP N 279 -43.43 58.66 119.52
CA ASP N 279 -42.86 57.32 119.37
C ASP N 279 -43.12 56.46 120.61
N VAL N 280 -44.40 56.24 120.87
CA VAL N 280 -44.81 55.53 122.09
C VAL N 280 -44.36 54.07 122.05
N GLY N 281 -44.43 53.44 120.88
CA GLY N 281 -44.16 52.01 120.80
C GLY N 281 -42.74 51.65 121.18
N LYS N 282 -41.76 52.39 120.67
CA LYS N 282 -40.36 52.05 120.89
C LYS N 282 -39.58 53.32 121.17
N SER N 283 -38.49 53.15 121.93
CA SER N 283 -37.62 54.26 122.30
C SER N 283 -36.67 54.62 121.16
N VAL N 284 -36.19 55.87 121.18
CA VAL N 284 -35.23 56.35 120.19
C VAL N 284 -34.14 57.16 120.88
N ASN N 285 -32.95 57.13 120.27
CA ASN N 285 -31.77 57.79 120.79
C ASN N 285 -31.37 58.95 119.89
N GLY N 286 -30.86 60.01 120.52
CA GLY N 286 -30.35 61.18 119.83
C GLY N 286 -29.32 61.92 120.64
N SER N 287 -29.02 63.16 120.23
CA SER N 287 -28.04 63.97 120.92
C SER N 287 -28.46 65.43 120.92
N TYR N 288 -28.26 66.09 122.06
CA TYR N 288 -28.55 67.52 122.23
C TYR N 288 -27.24 68.26 122.45
N THR N 289 -26.93 69.21 121.57
CA THR N 289 -25.65 69.90 121.61
C THR N 289 -25.88 71.40 121.77
N THR N 290 -25.23 71.98 122.77
CA THR N 290 -25.26 73.41 123.00
C THR N 290 -24.18 74.10 122.16
N LYS N 291 -23.90 75.36 122.46
CA LYS N 291 -22.90 76.09 121.69
C LYS N 291 -21.51 75.46 121.82
N ASP N 292 -21.15 75.00 123.03
CA ASP N 292 -19.84 74.42 123.28
C ASP N 292 -19.89 73.05 123.94
N GLY N 293 -21.08 72.48 124.16
CA GLY N 293 -21.16 71.19 124.81
C GLY N 293 -22.26 70.34 124.20
N THR N 294 -22.14 69.04 124.41
CA THR N 294 -23.09 68.07 123.88
C THR N 294 -23.41 67.04 124.94
N VAL N 295 -24.57 66.40 124.78
CA VAL N 295 -25.05 65.40 125.72
C VAL N 295 -25.87 64.37 124.96
N SER N 296 -25.81 63.12 125.41
CA SER N 296 -26.63 62.07 124.83
C SER N 296 -28.11 62.29 125.16
N PHE N 297 -28.96 61.49 124.53
CA PHE N 297 -30.40 61.60 124.72
C PHE N 297 -31.01 60.25 124.39
N GLU N 298 -31.86 59.73 125.27
CA GLU N 298 -32.54 58.46 125.04
C GLU N 298 -33.98 58.59 125.54
N THR N 299 -34.91 58.85 124.62
CA THR N 299 -36.30 59.04 124.99
C THR N 299 -37.10 57.80 124.67
N ASP N 300 -38.11 57.52 125.50
CA ASP N 300 -38.93 56.32 125.35
C ASP N 300 -40.29 56.62 124.71
N SER N 301 -41.07 57.50 125.33
CA SER N 301 -42.40 57.80 124.84
C SER N 301 -42.84 59.15 125.40
N ALA N 302 -43.75 59.80 124.67
CA ALA N 302 -44.30 61.10 125.05
C ALA N 302 -43.22 62.14 125.25
N GLY N 303 -42.07 61.95 124.59
CA GLY N 303 -40.96 62.88 124.72
C GLY N 303 -40.40 62.97 126.12
N ASN N 304 -40.24 61.83 126.80
CA ASN N 304 -39.68 61.81 128.14
C ASN N 304 -38.16 61.71 128.06
N ILE N 305 -37.48 62.64 128.72
CA ILE N 305 -36.02 62.72 128.66
C ILE N 305 -35.43 61.76 129.69
N THR N 306 -34.62 60.82 129.20
CA THR N 306 -33.94 59.86 130.06
C THR N 306 -32.47 59.77 129.63
N ILE N 307 -31.56 60.01 130.57
CA ILE N 307 -30.13 59.97 130.32
C ILE N 307 -29.53 58.89 131.20
N GLY N 308 -29.02 57.82 130.60
CA GLY N 308 -28.38 56.76 131.34
C GLY N 308 -29.29 56.06 132.34
N GLY N 309 -30.57 55.92 132.00
CA GLY N 309 -31.52 55.28 132.88
C GLY N 309 -32.07 56.17 133.97
N SER N 310 -31.62 57.42 134.06
CA SER N 310 -32.09 58.37 135.07
C SER N 310 -32.66 59.58 134.36
N GLN N 311 -33.84 60.00 134.79
CA GLN N 311 -34.53 61.10 134.13
C GLN N 311 -33.79 62.41 134.37
N ALA N 312 -33.44 63.11 133.30
CA ALA N 312 -32.75 64.38 133.38
C ALA N 312 -33.77 65.52 133.27
N TYR N 313 -33.27 66.75 133.42
CA TYR N 313 -34.11 67.92 133.43
C TYR N 313 -33.43 69.03 132.65
N VAL N 314 -34.23 69.99 132.20
CA VAL N 314 -33.76 71.11 131.40
C VAL N 314 -33.82 72.39 132.23
N ASP N 315 -32.78 73.20 132.12
CA ASP N 315 -32.68 74.44 132.86
C ASP N 315 -33.34 75.57 132.08
N ASP N 316 -33.22 76.79 132.61
CA ASP N 316 -33.79 77.95 131.93
C ASP N 316 -33.09 78.20 130.59
N ALA N 317 -31.77 78.04 130.55
CA ALA N 317 -30.99 78.28 129.35
C ALA N 317 -30.88 77.04 128.46
N GLY N 318 -31.71 76.03 128.70
CA GLY N 318 -31.72 74.84 127.88
C GLY N 318 -30.68 73.81 128.22
N ASN N 319 -29.84 74.04 129.22
CA ASN N 319 -28.83 73.08 129.59
C ASN N 319 -29.47 71.86 130.23
N LEU N 320 -28.96 70.67 129.89
CA LEU N 320 -29.51 69.42 130.37
C LEU N 320 -28.66 68.92 131.54
N THR N 321 -29.31 68.70 132.69
CA THR N 321 -28.61 68.24 133.88
C THR N 321 -29.41 67.13 134.55
N THR N 322 -28.70 66.20 135.19
CA THR N 322 -29.36 65.10 135.87
C THR N 322 -30.01 65.54 137.17
N ASN N 323 -29.51 66.60 137.80
CA ASN N 323 -30.02 67.07 139.09
C ASN N 323 -31.06 68.17 138.90
N ASN N 324 -31.61 68.62 140.02
CA ASN N 324 -32.64 69.65 140.04
C ASN N 324 -32.15 70.86 140.81
N ALA N 325 -32.30 72.04 140.21
CA ALA N 325 -31.95 73.30 140.85
C ALA N 325 -33.23 74.10 141.07
N GLY N 326 -33.63 74.21 142.34
CA GLY N 326 -34.86 74.92 142.66
C GLY N 326 -36.11 74.26 142.11
N SER N 327 -36.12 72.93 142.01
CA SER N 327 -37.27 72.17 141.49
C SER N 327 -37.63 72.59 140.07
N ALA N 328 -36.64 73.07 139.31
CA ALA N 328 -36.85 73.45 137.92
C ALA N 328 -36.61 72.24 137.02
N ALA N 329 -37.49 71.25 137.18
CA ALA N 329 -37.33 69.97 136.48
C ALA N 329 -37.87 70.06 135.05
N LYS N 330 -39.18 70.25 134.91
CA LYS N 330 -39.88 70.32 133.63
C LYS N 330 -39.29 69.35 132.59
N ALA N 331 -39.20 68.08 132.99
CA ALA N 331 -38.57 67.05 132.16
C ALA N 331 -39.58 66.59 131.10
N ASP N 332 -39.68 67.37 130.03
CA ASP N 332 -40.59 67.04 128.94
C ASP N 332 -40.01 67.57 127.63
N MET N 333 -40.43 66.92 126.54
CA MET N 333 -39.96 67.32 125.22
C MET N 333 -40.41 68.73 124.87
N LYS N 334 -41.67 69.05 125.17
CA LYS N 334 -42.19 70.38 124.90
C LYS N 334 -41.43 71.44 125.71
N ALA N 335 -41.17 71.16 126.99
CA ALA N 335 -40.43 72.10 127.82
C ALA N 335 -39.01 72.29 127.31
N LEU N 336 -38.36 71.19 126.89
CA LEU N 336 -37.00 71.28 126.36
C LEU N 336 -36.98 72.12 125.09
N LEU N 337 -37.94 71.89 124.19
CA LEU N 337 -38.00 72.66 122.95
C LEU N 337 -38.24 74.13 123.23
N LYS N 338 -39.15 74.44 124.16
CA LYS N 338 -39.44 75.84 124.47
C LYS N 338 -38.23 76.51 125.11
N ALA N 339 -37.54 75.81 126.01
CA ALA N 339 -36.35 76.36 126.64
C ALA N 339 -35.25 76.60 125.62
N ALA N 340 -35.07 75.68 124.68
CA ALA N 340 -34.08 75.87 123.62
C ALA N 340 -34.46 77.06 122.73
N SER N 341 -35.74 77.20 122.40
CA SER N 341 -36.18 78.31 121.56
C SER N 341 -35.97 79.65 122.25
N GLU N 342 -36.29 79.72 123.55
CA GLU N 342 -36.13 80.97 124.30
C GLU N 342 -34.72 81.17 124.82
N GLY N 343 -33.82 80.20 124.63
CA GLY N 343 -32.48 80.34 125.14
C GLY N 343 -31.69 81.40 124.40
N SER N 344 -30.69 81.95 125.08
CA SER N 344 -29.86 82.99 124.49
C SER N 344 -29.03 82.44 123.33
N ASP N 345 -28.58 81.20 123.43
CA ASP N 345 -27.73 80.58 122.41
C ASP N 345 -28.46 79.44 121.73
N GLY N 346 -28.19 79.27 120.44
CA GLY N 346 -28.81 78.20 119.68
C GLY N 346 -28.26 76.83 120.02
N ALA N 347 -28.95 75.82 119.52
CA ALA N 347 -28.62 74.43 119.82
C ALA N 347 -28.80 73.56 118.58
N SER N 348 -28.36 72.31 118.67
CA SER N 348 -28.52 71.35 117.59
C SER N 348 -29.01 70.02 118.17
N LEU N 349 -30.04 69.45 117.54
CA LEU N 349 -30.58 68.16 117.93
C LEU N 349 -30.38 67.16 116.79
N THR N 350 -29.85 65.98 117.13
CA THR N 350 -29.69 64.90 116.18
C THR N 350 -30.58 63.75 116.61
N PHE N 351 -31.42 63.27 115.68
CA PHE N 351 -32.29 62.13 115.94
C PHE N 351 -32.02 61.03 114.92
N ASN N 352 -32.87 60.00 114.91
CA ASN N 352 -32.76 58.96 113.89
C ASN N 352 -32.92 59.53 112.49
N GLY N 353 -33.80 60.52 112.33
CA GLY N 353 -34.02 61.13 111.05
C GLY N 353 -33.11 62.32 110.79
N THR N 354 -33.69 63.45 110.39
CA THR N 354 -32.91 64.62 110.03
C THR N 354 -32.44 65.36 111.27
N GLU N 355 -31.46 66.25 111.06
CA GLU N 355 -30.86 67.03 112.13
C GLU N 355 -31.54 68.40 112.22
N TYR N 356 -31.95 68.78 113.43
CA TYR N 356 -32.67 70.02 113.66
C TYR N 356 -31.72 71.05 114.23
N THR N 357 -31.83 72.30 113.78
CA THR N 357 -31.02 73.39 114.31
C THR N 357 -31.94 74.46 114.91
N ILE N 358 -31.75 74.76 116.18
CA ILE N 358 -32.48 75.81 116.87
C ILE N 358 -31.64 77.06 116.83
N ALA N 359 -32.12 78.08 116.14
CA ALA N 359 -31.37 79.31 115.95
C ALA N 359 -31.36 80.16 117.21
N LYS N 360 -30.38 81.06 117.29
CA LYS N 360 -30.23 81.96 118.42
C LYS N 360 -31.45 82.86 118.60
N GLY N 376 -36.64 79.49 116.77
CA GLY N 376 -36.93 78.86 115.50
C GLY N 376 -36.10 77.62 115.25
N ILE N 377 -36.73 76.60 114.67
CA ILE N 377 -36.07 75.34 114.35
C ILE N 377 -36.08 75.20 112.83
N THR N 378 -34.88 75.05 112.25
CA THR N 378 -34.72 74.77 110.83
C THR N 378 -34.34 73.30 110.67
N TYR N 379 -35.01 72.61 109.75
CA TYR N 379 -34.77 71.18 109.59
C TYR N 379 -35.13 70.74 108.18
N GLN N 380 -34.52 69.64 107.77
CA GLN N 380 -34.82 69.01 106.50
C GLN N 380 -36.00 68.05 106.65
N ALA N 381 -36.73 67.88 105.55
CA ALA N 381 -37.87 66.98 105.51
C ALA N 381 -37.92 66.30 104.14
N THR N 382 -38.56 65.13 104.11
CA THR N 382 -38.63 64.31 102.91
C THR N 382 -40.08 64.19 102.47
N VAL N 383 -40.33 64.41 101.18
CA VAL N 383 -41.64 64.22 100.58
C VAL N 383 -41.50 63.39 99.32
N SER N 384 -42.53 62.61 99.01
CA SER N 384 -42.50 61.73 97.86
C SER N 384 -42.69 62.50 96.56
N LYS N 385 -42.03 62.03 95.51
CA LYS N 385 -42.24 62.60 94.18
C LYS N 385 -43.68 62.47 93.74
N ASP N 386 -44.32 61.34 94.06
CA ASP N 386 -45.74 61.20 93.75
C ASP N 386 -46.57 62.22 94.50
N VAL N 387 -46.22 62.48 95.76
CA VAL N 387 -46.94 63.51 96.51
C VAL N 387 -46.81 64.86 95.83
N VAL N 388 -45.56 65.27 95.56
CA VAL N 388 -45.31 66.58 94.95
C VAL N 388 -46.04 66.68 93.62
N LEU N 389 -46.05 65.59 92.84
CA LEU N 389 -46.82 65.57 91.60
C LEU N 389 -48.29 65.81 91.87
N SER N 390 -48.82 65.23 92.95
CA SER N 390 -50.24 65.41 93.26
C SER N 390 -50.55 66.88 93.57
N GLU N 391 -49.73 67.54 94.38
CA GLU N 391 -50.02 68.97 94.62
C GLU N 391 -49.83 69.79 93.35
N THR N 392 -48.83 69.46 92.53
CA THR N 392 -48.62 70.25 91.32
C THR N 392 -49.79 70.14 90.36
N LYS N 393 -50.34 68.94 90.18
CA LYS N 393 -51.43 68.74 89.24
C LYS N 393 -52.81 68.82 89.87
N ALA N 394 -52.90 69.14 91.17
CA ALA N 394 -54.19 69.15 91.84
C ALA N 394 -55.10 70.24 91.30
N ALA N 395 -54.60 71.48 91.22
CA ALA N 395 -55.40 72.61 90.78
C ALA N 395 -54.52 73.54 89.96
N ALA N 396 -55.02 74.76 89.73
CA ALA N 396 -54.31 75.76 88.93
C ALA N 396 -53.17 76.35 89.76
N ALA N 397 -52.17 75.51 90.00
CA ALA N 397 -51.00 75.93 90.76
C ALA N 397 -50.01 76.67 89.88
N THR N 398 -49.10 77.41 90.53
CA THR N 398 -48.05 78.15 89.85
C THR N 398 -46.70 77.43 89.92
N SER N 399 -46.73 76.10 89.87
CA SER N 399 -45.52 75.31 90.00
C SER N 399 -44.55 75.61 88.86
N SER N 400 -43.26 75.64 89.20
CA SER N 400 -42.19 75.85 88.23
C SER N 400 -41.06 74.87 88.51
N ILE N 401 -40.46 74.35 87.45
CA ILE N 401 -39.38 73.39 87.55
C ILE N 401 -38.14 73.97 86.89
N THR N 402 -37.01 73.93 87.59
CA THR N 402 -35.74 74.40 87.06
C THR N 402 -34.89 73.19 86.68
N PHE N 403 -34.68 73.00 85.39
CA PHE N 403 -33.79 71.95 84.90
C PHE N 403 -32.36 72.47 84.94
N ASN N 404 -31.51 71.76 85.67
CA ASN N 404 -30.12 72.17 85.87
C ASN N 404 -29.20 71.02 85.48
N SER N 405 -28.26 71.30 84.58
CA SER N 405 -27.23 70.35 84.19
C SER N 405 -25.92 70.57 84.94
N GLY N 406 -25.90 71.48 85.91
CA GLY N 406 -24.69 71.85 86.60
C GLY N 406 -23.92 72.99 85.97
N VAL N 407 -24.19 73.29 84.70
CA VAL N 407 -23.58 74.41 84.00
C VAL N 407 -24.69 75.28 83.45
N LEU N 408 -25.61 74.67 82.72
CA LEU N 408 -26.70 75.36 82.06
C LEU N 408 -28.01 75.05 82.79
N SER N 409 -28.81 76.09 83.01
CA SER N 409 -30.06 75.95 83.74
C SER N 409 -31.17 76.69 83.01
N LYS N 410 -32.38 76.12 83.05
CA LYS N 410 -33.56 76.76 82.49
C LYS N 410 -34.76 76.53 83.39
N THR N 411 -35.54 77.58 83.61
CA THR N 411 -36.73 77.52 84.46
C THR N 411 -37.97 77.50 83.59
N ILE N 412 -38.84 76.53 83.82
CA ILE N 412 -40.09 76.38 83.08
C ILE N 412 -41.24 76.51 84.08
N GLY N 413 -42.13 77.47 83.84
CA GLY N 413 -43.28 77.66 84.70
C GLY N 413 -44.57 77.22 84.03
N PHE N 414 -45.15 76.13 84.52
CA PHE N 414 -46.35 75.55 83.92
C PHE N 414 -47.42 75.37 84.97
N THR N 415 -48.66 75.63 84.58
CA THR N 415 -49.81 75.58 85.48
C THR N 415 -50.63 74.33 85.18
N ALA N 416 -50.65 73.40 86.13
CA ALA N 416 -51.48 72.19 86.04
C ALA N 416 -51.23 71.45 84.74
N GLY N 417 -49.96 71.18 84.45
CA GLY N 417 -49.61 70.51 83.22
C GLY N 417 -48.98 71.41 82.17
N GLU N 418 -49.77 71.83 81.19
CA GLU N 418 -49.24 72.60 80.07
C GLU N 418 -48.65 73.92 80.54
N SER N 419 -47.61 74.36 79.84
CA SER N 419 -46.96 75.62 80.17
C SER N 419 -47.81 76.80 79.73
N SER N 420 -47.99 77.76 80.63
CA SER N 420 -48.75 78.97 80.34
C SER N 420 -47.89 80.22 80.36
N ASP N 421 -46.55 80.07 80.43
CA ASP N 421 -45.64 81.20 80.49
C ASP N 421 -45.19 81.66 79.10
N ALA N 422 -46.00 81.43 78.07
CA ALA N 422 -45.67 81.78 76.69
C ALA N 422 -44.38 81.10 76.23
N ALA N 423 -44.11 79.92 76.79
CA ALA N 423 -42.92 79.15 76.45
C ALA N 423 -43.32 77.93 75.62
N LYS N 424 -42.61 77.71 74.53
CA LYS N 424 -42.90 76.60 73.63
C LYS N 424 -42.11 75.37 74.06
N SER N 425 -42.66 74.66 75.05
CA SER N 425 -42.10 73.42 75.55
C SER N 425 -42.95 72.26 75.04
N TYR N 426 -42.31 71.30 74.38
CA TYR N 426 -43.03 70.20 73.77
C TYR N 426 -42.18 68.93 73.81
N VAL N 427 -42.84 67.79 73.61
CA VAL N 427 -42.21 66.50 73.83
C VAL N 427 -42.41 65.51 72.68
N ASP N 428 -43.39 65.71 71.78
CA ASP N 428 -43.80 64.64 70.87
C ASP N 428 -42.72 64.22 69.88
N ASP N 429 -41.72 65.07 69.62
CA ASP N 429 -40.75 64.79 68.57
C ASP N 429 -40.01 63.47 68.80
N LYS N 430 -39.17 63.42 69.84
CA LYS N 430 -38.49 62.19 70.22
C LYS N 430 -38.44 62.03 71.73
N GLY N 431 -39.29 62.74 72.46
CA GLY N 431 -39.13 62.89 73.89
C GLY N 431 -38.30 64.11 74.22
N GLY N 432 -38.17 64.37 75.51
CA GLY N 432 -37.41 65.52 75.91
C GLY N 432 -38.17 66.83 75.66
N ILE N 433 -37.41 67.91 75.62
CA ILE N 433 -37.97 69.26 75.49
C ILE N 433 -37.51 69.84 74.17
N THR N 434 -38.42 70.51 73.47
CA THR N 434 -38.10 71.18 72.22
C THR N 434 -38.87 72.50 72.16
N ASN N 435 -38.35 73.42 71.35
CA ASN N 435 -38.95 74.74 71.19
C ASN N 435 -39.76 74.86 69.91
N VAL N 436 -40.01 73.76 69.21
CA VAL N 436 -40.77 73.81 67.97
C VAL N 436 -42.25 73.75 68.29
N ALA N 437 -42.98 74.82 67.99
CA ALA N 437 -44.41 74.84 68.24
C ALA N 437 -45.16 73.96 67.25
N ASP N 438 -44.84 74.08 65.97
CA ASP N 438 -45.53 73.36 64.92
C ASP N 438 -44.51 72.79 63.94
N TYR N 439 -44.84 71.63 63.37
CA TYR N 439 -43.98 70.92 62.43
C TYR N 439 -44.74 70.75 61.12
N THR N 440 -44.42 71.59 60.14
CA THR N 440 -45.09 71.58 58.84
C THR N 440 -44.05 71.52 57.73
N VAL N 441 -44.22 70.60 56.80
CA VAL N 441 -43.30 70.40 55.68
C VAL N 441 -44.12 70.27 54.41
N SER N 442 -43.55 70.73 53.29
CA SER N 442 -44.24 70.77 52.01
C SER N 442 -43.72 69.66 51.10
N TYR N 443 -44.65 68.93 50.48
CA TYR N 443 -44.32 67.86 49.56
C TYR N 443 -44.83 68.20 48.18
N SER N 444 -43.97 68.04 47.17
CA SER N 444 -44.33 68.23 45.78
C SER N 444 -44.47 66.89 45.09
N VAL N 445 -45.59 66.67 44.42
CA VAL N 445 -45.88 65.44 43.72
C VAL N 445 -45.66 65.67 42.23
N ASN N 446 -44.76 64.89 41.64
CA ASN N 446 -44.48 65.03 40.21
C ASN N 446 -45.65 64.48 39.42
N LYS N 447 -46.15 65.28 38.47
CA LYS N 447 -47.34 64.88 37.73
C LYS N 447 -47.06 63.73 36.78
N ASP N 448 -45.86 63.68 36.20
CA ASP N 448 -45.54 62.59 35.28
C ASP N 448 -45.08 61.35 36.05
N ASN N 449 -44.00 61.47 36.82
CA ASN N 449 -43.44 60.31 37.51
C ASN N 449 -44.38 59.78 38.58
N GLY N 450 -45.02 60.68 39.32
CA GLY N 450 -45.81 60.30 40.48
C GLY N 450 -45.05 60.28 41.79
N SER N 451 -43.74 60.55 41.76
CA SER N 451 -42.93 60.53 42.96
C SER N 451 -43.20 61.77 43.82
N VAL N 452 -42.88 61.63 45.11
CA VAL N 452 -43.08 62.69 46.09
C VAL N 452 -41.71 63.17 46.57
N THR N 453 -41.50 64.48 46.54
CA THR N 453 -40.24 65.07 46.97
C THR N 453 -40.50 66.14 48.02
N VAL N 454 -39.51 66.36 48.89
CA VAL N 454 -39.60 67.40 49.89
C VAL N 454 -39.21 68.73 49.25
N ALA N 455 -40.08 69.73 49.36
CA ALA N 455 -39.86 71.03 48.76
C ALA N 455 -39.82 72.13 49.81
N GLY N 456 -39.10 71.90 50.89
CA GLY N 456 -38.98 72.88 51.96
C GLY N 456 -40.02 72.69 53.05
N TYR N 457 -39.95 73.57 54.04
CA TYR N 457 -40.90 73.50 55.14
C TYR N 457 -41.03 74.88 55.77
N ALA N 458 -42.12 75.07 56.52
CA ALA N 458 -42.36 76.28 57.27
C ALA N 458 -42.75 75.91 58.70
N SER N 459 -42.26 76.68 59.66
CA SER N 459 -42.54 76.45 61.07
C SER N 459 -42.93 77.77 61.72
N ALA N 460 -43.81 77.67 62.72
CA ALA N 460 -44.25 78.87 63.43
C ALA N 460 -43.09 79.54 64.14
N THR N 461 -42.25 78.76 64.82
CA THR N 461 -41.06 79.31 65.46
C THR N 461 -39.89 79.29 64.48
N ASP N 462 -38.73 79.73 64.95
CA ASP N 462 -37.54 79.76 64.09
C ASP N 462 -37.09 78.35 63.74
N THR N 463 -37.04 77.46 64.74
CA THR N 463 -36.67 76.05 64.60
C THR N 463 -35.18 75.92 64.29
N ASN N 464 -34.51 77.04 64.02
CA ASN N 464 -33.07 77.08 63.74
C ASN N 464 -32.66 76.04 62.71
N LYS N 465 -33.60 75.65 61.84
CA LYS N 465 -33.38 74.61 60.85
C LYS N 465 -32.89 73.30 61.48
N ASP N 466 -33.37 73.01 62.69
CA ASP N 466 -32.98 71.78 63.36
C ASP N 466 -33.67 70.57 62.75
N TYR N 467 -34.96 70.69 62.47
CA TYR N 467 -35.74 69.61 61.85
C TYR N 467 -35.78 69.73 60.33
N ALA N 468 -34.77 70.34 59.74
CA ALA N 468 -34.79 70.60 58.30
C ALA N 468 -34.48 69.32 57.52
N PRO N 469 -35.38 68.86 56.65
CA PRO N 469 -35.03 67.76 55.75
C PRO N 469 -34.46 68.28 54.44
N ALA N 470 -33.69 67.42 53.78
CA ALA N 470 -33.06 67.80 52.52
C ALA N 470 -34.12 68.03 51.45
N ILE N 471 -33.98 69.15 50.73
CA ILE N 471 -34.94 69.51 49.70
C ILE N 471 -34.65 68.71 48.44
N GLY N 472 -35.71 68.18 47.83
CA GLY N 472 -35.58 67.39 46.62
C GLY N 472 -35.30 65.91 46.85
N THR N 473 -35.27 65.46 48.09
CA THR N 473 -35.05 64.06 48.38
C THR N 473 -36.35 63.28 48.27
N ALA N 474 -36.28 62.11 47.62
CA ALA N 474 -37.47 61.30 47.42
C ALA N 474 -38.06 60.88 48.76
N VAL N 475 -39.38 60.86 48.83
CA VAL N 475 -40.10 60.51 50.03
C VAL N 475 -40.42 59.02 50.00
N ASN N 476 -40.12 58.33 51.10
CA ASN N 476 -40.31 56.90 51.20
C ASN N 476 -41.29 56.58 52.32
N VAL N 477 -41.95 55.42 52.20
CA VAL N 477 -42.91 54.95 53.19
C VAL N 477 -42.23 53.90 54.05
N ASN N 478 -42.24 54.12 55.36
CA ASN N 478 -41.63 53.18 56.29
C ASN N 478 -42.39 51.86 56.29
N SER N 479 -41.79 50.85 56.92
CA SER N 479 -42.46 49.56 57.05
C SER N 479 -43.74 49.69 57.86
N ALA N 480 -43.70 50.48 58.94
CA ALA N 480 -44.90 50.72 59.73
C ALA N 480 -45.94 51.55 58.96
N GLY N 481 -45.53 52.23 57.89
CA GLY N 481 -46.44 53.03 57.09
C GLY N 481 -46.27 54.53 57.22
N LYS N 482 -45.25 54.98 57.95
CA LYS N 482 -45.03 56.40 58.14
C LYS N 482 -44.29 57.00 56.94
N ILE N 483 -43.99 58.29 57.03
CA ILE N 483 -43.23 59.00 56.01
C ILE N 483 -41.81 59.16 56.51
N THR N 484 -40.84 58.70 55.71
CA THR N 484 -39.44 58.72 56.12
C THR N 484 -38.57 58.85 54.88
N THR N 485 -37.51 59.66 54.99
CA THR N 485 -36.58 59.86 53.89
C THR N 485 -35.53 58.77 53.77
N GLU N 486 -35.40 57.91 54.78
CA GLU N 486 -34.40 56.84 54.73
C GLU N 486 -34.81 55.80 53.70
N THR N 487 -33.84 55.37 52.88
CA THR N 487 -34.14 54.42 51.81
C THR N 487 -34.41 53.02 52.37
N THR N 488 -33.57 52.56 53.29
CA THR N 488 -33.62 51.20 53.79
C THR N 488 -34.02 51.18 55.26
N SER N 489 -34.88 50.24 55.61
CA SER N 489 -35.29 50.02 56.99
C SER N 489 -34.91 48.61 57.41
N ALA N 490 -34.42 48.48 58.64
CA ALA N 490 -33.99 47.18 59.13
C ALA N 490 -35.18 46.23 59.25
N GLY N 491 -34.89 44.94 59.11
CA GLY N 491 -35.91 43.91 59.14
C GLY N 491 -35.63 42.91 60.24
N SER N 492 -36.10 41.69 60.01
CA SER N 492 -35.97 40.61 60.97
C SER N 492 -35.74 39.30 60.23
N ALA N 493 -35.56 38.23 61.01
CA ALA N 493 -35.29 36.92 60.43
C ALA N 493 -36.48 36.43 59.62
N THR N 494 -36.21 35.81 58.47
CA THR N 494 -37.27 35.24 57.66
C THR N 494 -37.98 34.13 58.42
N THR N 495 -39.31 34.12 58.33
CA THR N 495 -40.10 33.18 59.12
C THR N 495 -39.96 31.76 58.60
N ASN N 496 -40.02 31.57 57.29
CA ASN N 496 -40.04 30.24 56.68
C ASN N 496 -39.01 30.20 55.56
N PRO N 497 -37.73 30.02 55.91
CA PRO N 497 -36.68 30.11 54.88
C PRO N 497 -36.68 28.94 53.91
N LEU N 498 -36.89 27.73 54.41
CA LEU N 498 -36.76 26.55 53.56
C LEU N 498 -37.87 26.51 52.51
N ALA N 499 -39.05 27.02 52.83
CA ALA N 499 -40.12 27.10 51.85
C ALA N 499 -39.74 28.02 50.69
N ALA N 500 -39.17 29.18 51.00
CA ALA N 500 -38.74 30.10 49.94
C ALA N 500 -37.62 29.50 49.11
N LEU N 501 -36.69 28.81 49.78
CA LEU N 501 -35.61 28.15 49.05
C LEU N 501 -36.15 27.08 48.11
N ASP N 502 -37.14 26.31 48.57
CA ASP N 502 -37.76 25.30 47.71
C ASP N 502 -38.47 25.95 46.53
N ASP N 503 -39.14 27.08 46.76
CA ASP N 503 -39.78 27.78 45.66
C ASP N 503 -38.76 28.24 44.63
N ALA N 504 -37.62 28.77 45.09
CA ALA N 504 -36.58 29.19 44.16
C ALA N 504 -36.05 28.02 43.36
N ILE N 505 -35.79 26.89 44.04
CA ILE N 505 -35.28 25.71 43.34
C ILE N 505 -36.30 25.21 42.31
N SER N 506 -37.58 25.23 42.68
CA SER N 506 -38.63 24.79 41.75
C SER N 506 -38.69 25.70 40.53
N SER N 507 -38.55 27.01 40.73
CA SER N 507 -38.54 27.93 39.58
C SER N 507 -37.36 27.64 38.67
N ILE N 508 -36.18 27.41 39.26
CA ILE N 508 -35.00 27.09 38.45
C ILE N 508 -35.23 25.81 37.66
N ASP N 509 -35.81 24.80 38.31
CA ASP N 509 -36.05 23.52 37.65
C ASP N 509 -37.04 23.68 36.50
N LYS N 510 -38.08 24.48 36.70
CA LYS N 510 -39.06 24.70 35.62
C LYS N 510 -38.40 25.39 34.43
N PHE N 511 -37.57 26.41 34.70
CA PHE N 511 -36.86 27.08 33.60
C PHE N 511 -35.97 26.11 32.85
N ARG N 512 -35.22 25.28 33.59
CA ARG N 512 -34.32 24.33 32.93
C ARG N 512 -35.09 23.32 32.10
N SER N 513 -36.22 22.84 32.62
CA SER N 513 -37.01 21.86 31.88
C SER N 513 -37.55 22.46 30.58
N SER N 514 -38.07 23.69 30.65
CA SER N 514 -38.57 24.34 29.44
C SER N 514 -37.45 24.53 28.43
N LEU N 515 -36.27 24.95 28.90
CA LEU N 515 -35.13 25.14 28.01
C LEU N 515 -34.73 23.84 27.33
N GLY N 516 -34.68 22.76 28.10
CA GLY N 516 -34.33 21.47 27.52
C GLY N 516 -35.34 21.00 26.49
N ALA N 517 -36.63 21.19 26.77
CA ALA N 517 -37.65 20.81 25.80
C ALA N 517 -37.48 21.59 24.50
N ILE N 518 -37.27 22.91 24.60
CA ILE N 518 -37.07 23.72 23.40
C ILE N 518 -35.85 23.24 22.63
N GLN N 519 -34.77 22.92 23.33
CA GLN N 519 -33.57 22.48 22.63
C GLN N 519 -33.78 21.15 21.92
N ASN N 520 -34.50 20.21 22.55
CA ASN N 520 -34.79 18.94 21.90
C ASN N 520 -35.62 19.15 20.63
N ARG N 521 -36.65 19.99 20.71
CA ARG N 521 -37.45 20.23 19.51
C ARG N 521 -36.62 20.93 18.43
N LEU N 522 -35.66 21.77 18.82
CA LEU N 522 -34.79 22.40 17.84
C LEU N 522 -33.92 21.36 17.14
N ASP N 523 -33.41 20.39 17.90
CA ASP N 523 -32.61 19.32 17.29
C ASP N 523 -33.45 18.51 16.30
N SER N 524 -34.69 18.20 16.67
CA SER N 524 -35.58 17.50 15.75
C SER N 524 -35.80 18.32 14.48
N ALA N 525 -35.95 19.63 14.63
CA ALA N 525 -36.08 20.51 13.47
C ALA N 525 -34.85 20.43 12.59
N VAL N 526 -33.66 20.38 13.19
CA VAL N 526 -32.42 20.27 12.42
C VAL N 526 -32.44 19.00 11.58
N THR N 527 -32.80 17.88 12.20
CA THR N 527 -32.80 16.60 11.48
C THR N 527 -33.79 16.63 10.32
N ASN N 528 -34.99 17.16 10.56
CA ASN N 528 -35.98 17.22 9.49
C ASN N 528 -35.51 18.13 8.35
N LEU N 529 -34.87 19.25 8.69
CA LEU N 529 -34.35 20.13 7.66
C LEU N 529 -33.31 19.45 6.80
N ASN N 530 -32.41 18.67 7.43
CA ASN N 530 -31.40 17.96 6.66
C ASN N 530 -32.05 16.97 5.70
N ASN N 531 -33.03 16.22 6.19
CA ASN N 531 -33.69 15.24 5.31
C ASN N 531 -34.39 15.93 4.14
N THR N 532 -35.12 17.01 4.42
CA THR N 532 -35.83 17.71 3.36
C THR N 532 -34.86 18.32 2.34
N THR N 533 -33.73 18.85 2.82
CA THR N 533 -32.73 19.39 1.90
C THR N 533 -32.19 18.31 1.00
N THR N 534 -31.89 17.13 1.55
CA THR N 534 -31.39 16.05 0.71
C THR N 534 -32.39 15.66 -0.35
N ASN N 535 -33.67 15.51 0.04
CA ASN N 535 -34.68 15.08 -0.92
C ASN N 535 -34.90 16.12 -2.01
N LEU N 536 -34.93 17.40 -1.65
CA LEU N 536 -35.12 18.45 -2.64
C LEU N 536 -33.94 18.55 -3.59
N SER N 537 -32.72 18.36 -3.08
CA SER N 537 -31.56 18.30 -3.96
C SER N 537 -31.69 17.14 -4.92
N GLU N 538 -32.20 16.00 -4.45
CA GLU N 538 -32.42 14.86 -5.32
C GLU N 538 -33.39 15.21 -6.44
N ALA N 539 -34.49 15.89 -6.10
CA ALA N 539 -35.46 16.25 -7.12
C ALA N 539 -34.87 17.22 -8.14
N GLN N 540 -34.08 18.20 -7.67
CA GLN N 540 -33.44 19.12 -8.61
C GLN N 540 -32.50 18.38 -9.54
N SER N 541 -31.75 17.42 -9.00
CA SER N 541 -30.88 16.61 -9.84
C SER N 541 -31.69 15.82 -10.86
N ARG N 542 -32.86 15.33 -10.47
CA ARG N 542 -33.74 14.65 -11.41
C ARG N 542 -34.09 15.57 -12.58
N ILE N 543 -34.48 16.80 -12.27
CA ILE N 543 -34.93 17.71 -13.32
C ILE N 543 -33.76 18.11 -14.22
N GLN N 544 -32.65 18.54 -13.62
CA GLN N 544 -31.49 19.03 -14.33
C GLN N 544 -30.51 17.87 -14.58
N ASP N 545 -29.24 18.20 -14.87
CA ASP N 545 -28.16 17.22 -14.89
C ASP N 545 -28.30 16.17 -15.98
N ALA N 546 -28.14 16.58 -17.24
CA ALA N 546 -28.23 15.68 -18.38
C ALA N 546 -27.30 14.49 -18.23
N ASP N 547 -27.64 13.42 -18.95
CA ASP N 547 -26.92 12.16 -18.87
C ASP N 547 -25.76 12.14 -19.87
N TYR N 548 -24.53 12.02 -19.34
CA TYR N 548 -23.36 12.02 -20.22
C TYR N 548 -23.38 10.90 -21.23
N ALA N 549 -23.93 9.74 -20.89
CA ALA N 549 -24.01 8.67 -21.89
C ALA N 549 -24.79 9.12 -23.11
N THR N 550 -25.99 9.67 -22.88
CA THR N 550 -26.82 10.12 -23.99
C THR N 550 -26.18 11.26 -24.75
N GLU N 551 -25.60 12.23 -24.03
CA GLU N 551 -24.99 13.37 -24.73
C GLU N 551 -23.76 12.94 -25.54
N VAL N 552 -22.96 12.02 -25.02
CA VAL N 552 -21.80 11.54 -25.77
C VAL N 552 -22.25 10.82 -27.03
N SER N 553 -23.26 9.95 -26.91
CA SER N 553 -23.77 9.28 -28.11
C SER N 553 -24.30 10.29 -29.11
N ASN N 554 -25.03 11.31 -28.63
CA ASN N 554 -25.60 12.30 -29.52
C ASN N 554 -24.52 13.08 -30.25
N MET N 555 -23.48 13.53 -29.54
CA MET N 555 -22.45 14.30 -30.22
C MET N 555 -21.65 13.44 -31.18
N SER N 556 -21.44 12.17 -30.84
CA SER N 556 -20.68 11.30 -31.73
C SER N 556 -21.42 11.07 -33.04
N LYS N 557 -22.72 10.76 -32.94
CA LYS N 557 -23.47 10.59 -34.18
C LYS N 557 -23.61 11.91 -34.93
N ALA N 558 -23.66 13.04 -34.21
CA ALA N 558 -23.70 14.33 -34.88
C ALA N 558 -22.41 14.61 -35.65
N GLN N 559 -21.27 14.29 -35.05
CA GLN N 559 -20.00 14.49 -35.73
C GLN N 559 -19.90 13.62 -36.97
N ILE N 560 -20.35 12.36 -36.88
CA ILE N 560 -20.31 11.51 -38.06
C ILE N 560 -21.25 12.03 -39.14
N ILE N 561 -22.45 12.50 -38.75
CA ILE N 561 -23.36 13.06 -39.74
C ILE N 561 -22.73 14.27 -40.40
N GLN N 562 -22.02 15.11 -39.63
CA GLN N 562 -21.38 16.28 -40.20
C GLN N 562 -20.28 15.90 -41.18
N GLN N 563 -19.44 14.92 -40.82
CA GLN N 563 -18.38 14.51 -41.72
C GLN N 563 -18.93 13.89 -42.99
N ALA N 564 -19.98 13.07 -42.85
CA ALA N 564 -20.63 12.49 -44.04
C ALA N 564 -21.22 13.58 -44.91
N GLY N 565 -21.85 14.58 -44.29
CA GLY N 565 -22.41 15.69 -45.05
C GLY N 565 -21.33 16.47 -45.78
N ASN N 566 -20.19 16.68 -45.13
CA ASN N 566 -19.09 17.39 -45.79
C ASN N 566 -18.55 16.60 -46.97
N SER N 567 -18.38 15.29 -46.82
CA SER N 567 -17.88 14.48 -47.92
C SER N 567 -18.87 14.46 -49.09
N VAL N 568 -20.16 14.29 -48.79
CA VAL N 568 -21.18 14.31 -49.83
C VAL N 568 -21.25 15.68 -50.48
N LEU N 569 -21.06 16.74 -49.69
CA LEU N 569 -21.03 18.09 -50.22
C LEU N 569 -19.86 18.27 -51.19
N ALA N 570 -18.70 17.70 -50.85
CA ALA N 570 -17.57 17.74 -51.77
C ALA N 570 -17.89 17.00 -53.06
N LYS N 571 -18.54 15.83 -52.94
CA LYS N 571 -18.89 15.07 -54.14
C LYS N 571 -19.90 15.81 -55.00
N ALA N 572 -20.88 16.47 -54.37
CA ALA N 572 -21.87 17.23 -55.13
C ALA N 572 -21.27 18.48 -55.74
N ASN N 573 -20.42 19.19 -54.99
CA ASN N 573 -19.67 20.33 -55.49
C ASN N 573 -18.66 19.92 -56.54
N GLN N 574 -18.41 18.62 -56.69
CA GLN N 574 -17.75 18.14 -57.89
C GLN N 574 -18.80 18.28 -58.99
N VAL N 575 -19.11 19.53 -59.29
CA VAL N 575 -20.21 19.95 -60.17
C VAL N 575 -19.84 19.55 -61.59
N PRO N 576 -20.80 19.47 -62.51
CA PRO N 576 -20.50 18.92 -63.83
C PRO N 576 -19.37 19.63 -64.56
N GLN N 577 -18.25 18.94 -64.74
CA GLN N 577 -17.30 19.29 -65.78
C GLN N 577 -17.58 18.51 -67.06
N GLN N 578 -18.54 17.60 -67.01
CA GLN N 578 -18.96 16.93 -68.23
C GLN N 578 -19.60 17.90 -69.21
N VAL N 579 -20.09 19.05 -68.74
CA VAL N 579 -20.48 20.10 -69.67
C VAL N 579 -19.27 20.62 -70.43
N LEU N 580 -18.14 20.80 -69.74
CA LEU N 580 -16.91 21.13 -70.44
C LEU N 580 -16.53 20.04 -71.42
N SER N 581 -16.67 18.78 -71.00
CA SER N 581 -16.34 17.65 -71.85
C SER N 581 -17.18 17.67 -73.13
N LEU N 582 -18.46 18.01 -73.00
CA LEU N 582 -19.31 18.15 -74.18
C LEU N 582 -18.91 19.35 -75.03
N LEU N 583 -18.37 20.38 -74.39
CA LEU N 583 -18.15 21.65 -75.08
C LEU N 583 -17.18 21.51 -76.25
N GLN N 584 -16.03 20.85 -76.03
CA GLN N 584 -15.03 20.82 -77.09
C GLN N 584 -15.38 19.84 -78.21
N GLY N 585 -16.38 18.99 -78.01
CA GLY N 585 -16.77 18.03 -79.04
C GLY N 585 -17.50 18.67 -80.20
N MET O 1 9.91 -10.24 -60.71
CA MET O 1 8.84 -9.32 -60.36
C MET O 1 8.36 -8.56 -61.60
N ALA O 2 9.22 -7.69 -62.14
CA ALA O 2 8.82 -6.87 -63.29
C ALA O 2 8.45 -7.74 -64.49
N GLN O 3 9.04 -8.93 -64.58
CA GLN O 3 8.84 -9.76 -65.76
C GLN O 3 7.61 -10.66 -65.69
N VAL O 4 7.10 -10.94 -64.48
CA VAL O 4 6.00 -11.88 -64.31
C VAL O 4 4.95 -11.27 -63.40
N ILE O 5 3.68 -11.54 -63.69
CA ILE O 5 2.58 -11.17 -62.80
C ILE O 5 1.72 -12.34 -62.39
N ASN O 6 1.84 -13.50 -63.03
CA ASN O 6 0.96 -14.61 -62.72
C ASN O 6 1.29 -15.26 -61.39
N THR O 7 2.54 -15.18 -60.96
CA THR O 7 2.97 -15.76 -59.70
C THR O 7 3.77 -14.72 -58.92
N ASN O 8 3.97 -15.00 -57.64
CA ASN O 8 4.79 -14.15 -56.79
C ASN O 8 5.63 -15.07 -55.90
N SER O 9 6.86 -15.32 -56.34
CA SER O 9 7.78 -16.13 -55.56
C SER O 9 8.06 -15.50 -54.20
N LEU O 10 8.17 -14.17 -54.17
CA LEU O 10 8.38 -13.48 -52.90
C LEU O 10 7.21 -13.71 -51.96
N SER O 11 5.98 -13.61 -52.47
CA SER O 11 4.82 -13.84 -51.63
C SER O 11 4.79 -15.27 -51.11
N LEU O 12 5.11 -16.24 -51.97
CA LEU O 12 5.11 -17.63 -51.54
C LEU O 12 6.13 -17.87 -50.44
N ILE O 13 7.34 -17.34 -50.60
CA ILE O 13 8.38 -17.53 -49.59
C ILE O 13 7.99 -16.87 -48.28
N THR O 14 7.44 -15.65 -48.36
CA THR O 14 7.01 -14.96 -47.15
C THR O 14 5.91 -15.74 -46.43
N GLN O 15 4.96 -16.29 -47.18
CA GLN O 15 3.89 -17.07 -46.56
C GLN O 15 4.45 -18.32 -45.87
N ASN O 16 5.40 -18.99 -46.52
CA ASN O 16 6.01 -20.16 -45.90
C ASN O 16 6.69 -19.78 -44.58
N ASN O 17 7.44 -18.69 -44.58
CA ASN O 17 8.14 -18.28 -43.36
C ASN O 17 7.13 -17.89 -42.27
N ILE O 18 6.03 -17.23 -42.66
CA ILE O 18 5.02 -16.84 -41.70
C ILE O 18 4.40 -18.08 -41.04
N ASN O 19 4.10 -19.11 -41.84
CA ASN O 19 3.54 -20.33 -41.27
C ASN O 19 4.54 -21.01 -40.33
N LYS O 20 5.82 -21.03 -40.73
CA LYS O 20 6.84 -21.63 -39.88
C LYS O 20 6.92 -20.93 -38.54
N ASN O 21 6.83 -19.60 -38.53
CA ASN O 21 6.82 -18.88 -37.26
C ASN O 21 5.52 -19.12 -36.50
N GLN O 22 4.41 -19.29 -37.23
CA GLN O 22 3.11 -19.50 -36.60
C GLN O 22 3.12 -20.74 -35.74
N SER O 23 3.76 -21.81 -36.22
CA SER O 23 3.84 -23.03 -35.42
C SER O 23 4.43 -22.75 -34.05
N ALA O 24 5.59 -22.10 -34.01
CA ALA O 24 6.26 -21.84 -32.74
C ALA O 24 5.48 -20.85 -31.88
N LEU O 25 4.83 -19.87 -32.51
CA LEU O 25 4.01 -18.92 -31.74
C LEU O 25 2.88 -19.64 -31.01
N SER O 26 2.16 -20.51 -31.72
CA SER O 26 1.08 -21.26 -31.10
C SER O 26 1.61 -22.15 -29.98
N SER O 27 2.73 -22.83 -30.23
CA SER O 27 3.30 -23.70 -29.21
C SER O 27 3.62 -22.91 -27.94
N SER O 28 4.30 -21.76 -28.09
CA SER O 28 4.68 -20.99 -26.92
C SER O 28 3.47 -20.47 -26.16
N ILE O 29 2.46 -19.97 -26.88
CA ILE O 29 1.29 -19.43 -26.21
C ILE O 29 0.56 -20.53 -25.43
N GLU O 30 0.39 -21.70 -26.03
CA GLU O 30 -0.29 -22.77 -25.29
C GLU O 30 0.54 -23.25 -24.11
N ARG O 31 1.87 -23.27 -24.25
CA ARG O 31 2.71 -23.70 -23.13
C ARG O 31 2.58 -22.72 -21.96
N LEU O 32 2.58 -21.42 -22.25
CA LEU O 32 2.38 -20.45 -21.16
C LEU O 32 0.99 -20.57 -20.55
N SER O 33 -0.04 -20.77 -21.38
CA SER O 33 -1.39 -20.87 -20.84
C SER O 33 -1.52 -22.07 -19.91
N SER O 34 -0.98 -23.21 -20.31
CA SER O 34 -1.13 -24.42 -19.49
C SER O 34 -0.21 -24.41 -18.29
N GLY O 35 1.01 -23.90 -18.45
CA GLY O 35 1.99 -23.95 -17.37
C GLY O 35 2.73 -25.26 -17.26
N LEU O 36 2.82 -26.02 -18.34
CA LEU O 36 3.49 -27.32 -18.34
C LEU O 36 4.47 -27.41 -19.51
N ARG O 37 5.64 -27.97 -19.24
CA ARG O 37 6.65 -28.13 -20.29
C ARG O 37 6.22 -29.18 -21.30
N ILE O 38 5.83 -30.36 -20.81
CA ILE O 38 5.40 -31.46 -21.66
C ILE O 38 3.88 -31.39 -21.77
N ASN O 39 3.39 -31.01 -22.94
CA ASN O 39 1.97 -30.76 -23.14
C ASN O 39 1.49 -31.53 -24.35
N SER O 40 0.43 -32.32 -24.16
CA SER O 40 -0.21 -33.10 -25.22
C SER O 40 0.75 -34.09 -25.87
N ALA O 41 1.91 -34.35 -25.26
CA ALA O 41 2.87 -35.35 -25.72
C ALA O 41 3.27 -35.16 -27.18
N LYS O 42 3.32 -33.91 -27.65
CA LYS O 42 3.80 -33.62 -28.99
C LYS O 42 5.33 -33.57 -29.04
N ASP O 43 5.97 -34.06 -27.99
CA ASP O 43 7.40 -33.94 -27.76
C ASP O 43 7.88 -35.27 -27.21
N ASP O 44 9.06 -35.27 -26.57
CA ASP O 44 9.61 -36.48 -25.99
C ASP O 44 8.58 -37.17 -25.09
N ALA O 45 8.10 -38.33 -25.54
CA ALA O 45 7.08 -39.06 -24.80
C ALA O 45 7.65 -39.76 -23.57
N ALA O 46 8.97 -39.91 -23.50
CA ALA O 46 9.58 -40.42 -22.28
C ALA O 46 9.25 -39.52 -21.10
N GLY O 47 9.30 -38.20 -21.31
CA GLY O 47 8.91 -37.29 -20.26
C GLY O 47 7.47 -37.47 -19.83
N GLN O 48 6.57 -37.67 -20.80
CA GLN O 48 5.16 -37.90 -20.49
C GLN O 48 4.99 -39.15 -19.63
N ALA O 49 5.60 -40.25 -20.05
CA ALA O 49 5.46 -41.50 -19.31
C ALA O 49 6.06 -41.39 -17.91
N ILE O 50 7.22 -40.76 -17.79
CA ILE O 50 7.86 -40.64 -16.48
C ILE O 50 7.05 -39.72 -15.57
N ALA O 51 6.44 -38.67 -16.14
CA ALA O 51 5.57 -37.82 -15.34
C ALA O 51 4.36 -38.60 -14.84
N ASN O 52 3.80 -39.47 -15.70
CA ASN O 52 2.69 -40.32 -15.25
C ASN O 52 3.11 -41.21 -14.09
N ARG O 53 4.29 -41.84 -14.22
CA ARG O 53 4.76 -42.71 -13.14
C ARG O 53 4.96 -41.92 -11.86
N PHE O 54 5.52 -40.72 -11.96
CA PHE O 54 5.74 -39.91 -10.77
C PHE O 54 4.43 -39.50 -10.11
N THR O 55 3.43 -39.14 -10.93
CA THR O 55 2.13 -38.79 -10.37
C THR O 55 1.51 -39.97 -9.64
N SER O 56 1.59 -41.16 -10.24
CA SER O 56 1.08 -42.35 -9.58
C SER O 56 1.78 -42.59 -8.25
N ASN O 57 3.11 -42.48 -8.24
CA ASN O 57 3.85 -42.70 -7.00
C ASN O 57 3.49 -41.69 -5.94
N ILE O 58 3.33 -40.42 -6.33
CA ILE O 58 3.04 -39.36 -5.36
C ILE O 58 1.67 -39.60 -4.72
N LYS O 59 0.66 -39.86 -5.55
CA LYS O 59 -0.67 -40.10 -5.00
C LYS O 59 -0.68 -41.33 -4.09
N GLY O 60 -0.03 -42.42 -4.53
CA GLY O 60 0.03 -43.61 -3.70
C GLY O 60 0.70 -43.36 -2.36
N LEU O 61 1.81 -42.62 -2.38
CA LEU O 61 2.52 -42.35 -1.12
C LEU O 61 1.70 -41.49 -0.19
N THR O 62 0.99 -40.49 -0.72
CA THR O 62 0.15 -39.66 0.14
C THR O 62 -0.94 -40.50 0.80
N GLN O 63 -1.60 -41.36 0.01
CA GLN O 63 -2.65 -42.20 0.59
C GLN O 63 -2.06 -43.17 1.61
N ALA O 64 -0.85 -43.66 1.35
CA ALA O 64 -0.20 -44.56 2.31
C ALA O 64 0.11 -43.85 3.62
N ALA O 65 0.52 -42.58 3.54
CA ALA O 65 0.74 -41.80 4.75
C ALA O 65 -0.55 -41.67 5.56
N ARG O 66 -1.67 -41.42 4.87
CA ARG O 66 -2.95 -41.35 5.58
C ARG O 66 -3.27 -42.68 6.25
N ASN O 67 -3.02 -43.79 5.55
CA ASN O 67 -3.28 -45.11 6.14
C ASN O 67 -2.44 -45.34 7.38
N ALA O 68 -1.17 -44.94 7.33
CA ALA O 68 -0.30 -45.10 8.49
C ALA O 68 -0.80 -44.27 9.67
N ASN O 69 -1.31 -43.06 9.40
CA ASN O 69 -1.89 -42.27 10.48
C ASN O 69 -3.07 -42.99 11.11
N ASP O 70 -3.92 -43.61 10.29
CA ASP O 70 -5.04 -44.39 10.84
C ASP O 70 -4.53 -45.53 11.73
N GLY O 71 -3.48 -46.21 11.28
CA GLY O 71 -2.91 -47.27 12.09
C GLY O 71 -2.41 -46.77 13.44
N ILE O 72 -1.76 -45.60 13.44
CA ILE O 72 -1.31 -45.01 14.70
C ILE O 72 -2.50 -44.77 15.62
N SER O 73 -3.61 -44.29 15.06
CA SER O 73 -4.81 -44.07 15.86
C SER O 73 -5.30 -45.37 16.50
N VAL O 74 -5.30 -46.46 15.72
CA VAL O 74 -5.71 -47.75 16.24
C VAL O 74 -4.83 -48.15 17.42
N ALA O 75 -3.52 -47.99 17.26
CA ALA O 75 -2.60 -48.37 18.32
C ALA O 75 -2.85 -47.54 19.57
N GLN O 76 -3.09 -46.24 19.42
CA GLN O 76 -3.33 -45.40 20.58
C GLN O 76 -4.57 -45.84 21.35
N THR O 77 -5.66 -46.12 20.64
CA THR O 77 -6.89 -46.53 21.30
C THR O 77 -6.68 -47.84 22.07
N THR O 78 -6.06 -48.82 21.41
CA THR O 78 -5.83 -50.09 22.06
C THR O 78 -4.97 -49.92 23.30
N GLU O 79 -3.94 -49.07 23.22
CA GLU O 79 -3.05 -48.89 24.36
C GLU O 79 -3.73 -48.20 25.52
N GLY O 80 -4.65 -47.27 25.25
CA GLY O 80 -5.43 -46.69 26.34
C GLY O 80 -6.27 -47.72 27.06
N ALA O 81 -6.93 -48.60 26.29
CA ALA O 81 -7.71 -49.66 26.91
C ALA O 81 -6.81 -50.55 27.77
N LEU O 82 -5.62 -50.89 27.26
CA LEU O 82 -4.68 -51.70 28.03
C LEU O 82 -4.27 -51.01 29.32
N SER O 83 -4.06 -49.70 29.27
CA SER O 83 -3.66 -48.97 30.49
C SER O 83 -4.75 -49.06 31.55
N GLU O 84 -6.02 -48.90 31.15
CA GLU O 84 -7.08 -49.01 32.13
C GLU O 84 -7.15 -50.42 32.73
N ILE O 85 -7.01 -51.45 31.88
CA ILE O 85 -7.01 -52.81 32.40
C ILE O 85 -5.86 -53.02 33.39
N ASN O 86 -4.71 -52.43 33.10
CA ASN O 86 -3.56 -52.56 33.99
C ASN O 86 -3.84 -51.93 35.35
N ASN O 87 -4.46 -50.76 35.36
CA ASN O 87 -4.80 -50.13 36.64
C ASN O 87 -5.74 -51.03 37.44
N ASN O 88 -6.74 -51.61 36.77
CA ASN O 88 -7.65 -52.51 37.48
C ASN O 88 -6.90 -53.71 38.07
N LEU O 89 -5.97 -54.28 37.30
CA LEU O 89 -5.22 -55.43 37.79
C LEU O 89 -4.37 -55.05 39.01
N GLN O 90 -3.76 -53.88 38.98
CA GLN O 90 -2.98 -53.44 40.13
C GLN O 90 -3.84 -53.33 41.37
N ARG O 91 -5.03 -52.75 41.23
CA ARG O 91 -5.90 -52.63 42.40
C ARG O 91 -6.34 -54.00 42.90
N ILE O 92 -6.61 -54.94 41.99
CA ILE O 92 -6.97 -56.29 42.41
C ILE O 92 -5.83 -56.92 43.20
N ARG O 93 -4.60 -56.74 42.74
CA ARG O 93 -3.45 -57.29 43.46
C ARG O 93 -3.35 -56.70 44.87
N GLU O 94 -3.56 -55.39 44.99
CA GLU O 94 -3.51 -54.78 46.32
C GLU O 94 -4.58 -55.37 47.23
N LEU O 95 -5.79 -55.57 46.69
CA LEU O 95 -6.85 -56.22 47.47
C LEU O 95 -6.45 -57.62 47.91
N THR O 96 -5.81 -58.39 47.02
CA THR O 96 -5.39 -59.73 47.38
C THR O 96 -4.37 -59.70 48.50
N VAL O 97 -3.41 -58.77 48.43
CA VAL O 97 -2.41 -58.65 49.48
C VAL O 97 -3.08 -58.33 50.81
N GLN O 98 -4.11 -57.48 50.78
CA GLN O 98 -4.84 -57.18 52.01
C GLN O 98 -5.64 -58.37 52.51
N ALA O 99 -6.16 -59.20 51.60
CA ALA O 99 -7.03 -60.30 51.97
C ALA O 99 -6.27 -61.49 52.56
N THR O 100 -5.04 -61.71 52.10
CA THR O 100 -4.33 -62.92 52.53
C THR O 100 -3.98 -62.92 54.02
N THR O 101 -4.13 -61.80 54.71
CA THR O 101 -3.84 -61.75 56.14
C THR O 101 -4.80 -62.66 56.91
N GLY O 102 -4.28 -63.30 57.96
CA GLY O 102 -5.11 -64.15 58.80
C GLY O 102 -5.93 -63.43 59.83
N THR O 103 -5.76 -62.12 59.97
CA THR O 103 -6.57 -61.36 60.92
C THR O 103 -7.99 -61.17 60.40
N ASN O 104 -8.15 -61.01 59.09
CA ASN O 104 -9.47 -60.76 58.52
C ASN O 104 -10.41 -61.93 58.78
N SER O 105 -11.67 -61.61 59.04
CA SER O 105 -12.69 -62.61 59.32
C SER O 105 -13.43 -62.98 58.04
N ASP O 106 -14.46 -63.83 58.19
CA ASP O 106 -15.19 -64.33 57.03
C ASP O 106 -15.92 -63.21 56.29
N SER O 107 -16.55 -62.30 57.03
CA SER O 107 -17.24 -61.18 56.39
C SER O 107 -16.26 -60.29 55.64
N ASP O 108 -15.08 -60.04 56.23
CA ASP O 108 -14.07 -59.23 55.57
C ASP O 108 -13.61 -59.88 54.28
N LEU O 109 -13.36 -61.19 54.32
CA LEU O 109 -12.96 -61.90 53.12
C LEU O 109 -14.06 -61.85 52.06
N ASP O 110 -15.32 -61.98 52.49
CA ASP O 110 -16.43 -61.93 51.55
C ASP O 110 -16.49 -60.56 50.86
N SER O 111 -16.34 -59.49 51.63
CA SER O 111 -16.37 -58.15 51.05
C SER O 111 -15.22 -57.94 50.07
N ILE O 112 -14.02 -58.38 50.45
CA ILE O 112 -12.88 -58.24 49.55
C ILE O 112 -13.10 -59.02 48.26
N GLN O 113 -13.63 -60.24 48.38
CA GLN O 113 -13.91 -61.03 47.18
C GLN O 113 -14.97 -60.38 46.31
N ASP O 114 -15.97 -59.74 46.93
CA ASP O 114 -16.97 -59.02 46.15
C ASP O 114 -16.33 -57.89 45.35
N GLU O 115 -15.44 -57.13 45.98
CA GLU O 115 -14.75 -56.07 45.26
C GLU O 115 -13.90 -56.62 44.12
N ILE O 116 -13.20 -57.74 44.38
CA ILE O 116 -12.37 -58.35 43.35
C ILE O 116 -13.22 -58.81 42.17
N LYS O 117 -14.38 -59.41 42.46
CA LYS O 117 -15.27 -59.84 41.39
C LYS O 117 -15.76 -58.65 40.58
N SER O 118 -16.08 -57.54 41.26
CA SER O 118 -16.51 -56.35 40.54
C SER O 118 -15.43 -55.86 39.59
N ARG O 119 -14.17 -55.84 40.05
CA ARG O 119 -13.12 -55.34 39.18
C ARG O 119 -12.79 -56.31 38.05
N LEU O 120 -12.89 -57.61 38.29
CA LEU O 120 -12.75 -58.57 37.19
C LEU O 120 -13.86 -58.37 36.16
N ASP O 121 -15.07 -58.09 36.63
CA ASP O 121 -16.16 -57.79 35.71
C ASP O 121 -15.86 -56.55 34.88
N GLU O 122 -15.26 -55.53 35.50
CA GLU O 122 -14.83 -54.37 34.73
C GLU O 122 -13.78 -54.72 33.68
N ILE O 123 -12.81 -55.56 34.04
CA ILE O 123 -11.80 -55.95 33.07
C ILE O 123 -12.45 -56.63 31.87
N ASP O 124 -13.34 -57.59 32.15
CA ASP O 124 -14.02 -58.30 31.07
C ASP O 124 -14.86 -57.34 30.23
N ARG O 125 -15.59 -56.43 30.87
CA ARG O 125 -16.47 -55.51 30.16
C ARG O 125 -15.67 -54.59 29.25
N VAL O 126 -14.59 -53.99 29.77
CA VAL O 126 -13.78 -53.08 28.98
C VAL O 126 -13.17 -53.82 27.80
N SER O 127 -12.64 -55.02 28.04
CA SER O 127 -12.02 -55.80 26.97
C SER O 127 -13.03 -56.13 25.88
N GLY O 128 -14.23 -56.55 26.28
CA GLY O 128 -15.24 -56.92 25.30
C GLY O 128 -15.76 -55.74 24.50
N GLN O 129 -15.98 -54.60 25.17
CA GLN O 129 -16.69 -53.49 24.54
C GLN O 129 -15.79 -52.42 23.95
N THR O 130 -14.47 -52.50 24.14
CA THR O 130 -13.58 -51.58 23.45
C THR O 130 -13.66 -51.82 21.96
N GLN O 131 -13.89 -50.76 21.19
CA GLN O 131 -14.18 -50.89 19.78
C GLN O 131 -13.58 -49.73 19.01
N PHE O 132 -13.05 -50.02 17.82
CA PHE O 132 -12.55 -49.01 16.90
C PHE O 132 -13.10 -49.32 15.51
N ASN O 133 -13.90 -48.40 14.98
CA ASN O 133 -14.44 -48.51 13.63
C ASN O 133 -15.17 -49.83 13.42
N GLY O 134 -15.95 -50.24 14.41
CA GLY O 134 -16.73 -51.45 14.31
C GLY O 134 -15.94 -52.73 14.49
N VAL O 135 -14.70 -52.66 14.91
CA VAL O 135 -13.86 -53.83 15.14
C VAL O 135 -13.52 -53.90 16.63
N ASN O 136 -13.80 -55.04 17.24
CA ASN O 136 -13.47 -55.25 18.65
C ASN O 136 -12.00 -55.64 18.71
N VAL O 137 -11.14 -54.67 19.06
CA VAL O 137 -9.70 -54.90 19.00
C VAL O 137 -9.26 -55.92 20.03
N LEU O 138 -9.89 -55.93 21.20
CA LEU O 138 -9.47 -56.76 22.31
C LEU O 138 -10.22 -58.08 22.39
N ALA O 139 -11.07 -58.39 21.41
CA ALA O 139 -11.86 -59.62 21.44
C ALA O 139 -11.36 -60.69 20.51
N LYS O 140 -10.39 -60.39 19.64
CA LYS O 140 -9.88 -61.35 18.67
C LYS O 140 -8.38 -61.49 18.84
N ASP O 141 -7.83 -62.53 18.21
CA ASP O 141 -6.40 -62.82 18.26
C ASP O 141 -5.74 -62.68 16.90
N GLY O 142 -6.32 -61.89 16.01
CA GLY O 142 -5.84 -61.76 14.65
C GLY O 142 -4.78 -60.70 14.47
N SER O 143 -4.68 -60.21 13.23
CA SER O 143 -3.74 -59.15 12.90
C SER O 143 -4.34 -58.26 11.83
N MET O 144 -3.89 -57.01 11.80
CA MET O 144 -4.32 -56.03 10.84
C MET O 144 -3.16 -55.63 9.96
N LYS O 145 -3.37 -55.63 8.65
CA LYS O 145 -2.33 -55.29 7.69
C LYS O 145 -2.59 -53.88 7.17
N ILE O 146 -1.58 -53.02 7.28
CA ILE O 146 -1.70 -51.61 6.93
C ILE O 146 -0.81 -51.35 5.73
N GLN O 147 -1.40 -50.77 4.69
CA GLN O 147 -0.67 -50.40 3.48
C GLN O 147 0.23 -49.21 3.78
N VAL O 148 1.53 -49.37 3.57
CA VAL O 148 2.49 -48.30 3.81
C VAL O 148 3.22 -47.86 2.56
N GLY O 149 3.37 -48.72 1.55
CA GLY O 149 3.95 -48.34 0.30
C GLY O 149 2.91 -48.12 -0.79
N ALA O 150 3.40 -47.83 -1.98
CA ALA O 150 2.54 -47.64 -3.14
C ALA O 150 2.43 -48.88 -4.01
N ASN O 151 3.13 -49.96 -3.68
CA ASN O 151 3.11 -51.17 -4.47
C ASN O 151 2.49 -52.32 -3.68
N ASP O 152 2.45 -53.49 -4.31
CA ASP O 152 1.85 -54.67 -3.69
C ASP O 152 2.71 -55.19 -2.56
N GLY O 153 2.06 -55.64 -1.49
CA GLY O 153 2.75 -56.35 -0.44
C GLY O 153 3.61 -55.49 0.46
N GLU O 154 3.54 -54.17 0.34
CA GLU O 154 4.36 -53.28 1.14
C GLU O 154 3.55 -52.83 2.35
N THR O 155 3.40 -53.76 3.30
CA THR O 155 2.48 -53.59 4.41
C THR O 155 3.21 -53.77 5.74
N ILE O 156 2.55 -53.30 6.81
CA ILE O 156 3.01 -53.48 8.18
C ILE O 156 1.89 -54.15 8.97
N THR O 157 2.23 -55.14 9.76
CA THR O 157 1.25 -55.94 10.47
C THR O 157 1.21 -55.57 11.94
N ILE O 158 0.01 -55.35 12.46
CA ILE O 158 -0.23 -55.14 13.89
C ILE O 158 -0.90 -56.39 14.42
N ASP O 159 -0.27 -57.03 15.39
CA ASP O 159 -0.85 -58.21 16.02
C ASP O 159 -1.73 -57.81 17.19
N LEU O 160 -2.88 -58.47 17.32
CA LEU O 160 -3.80 -58.23 18.42
C LEU O 160 -3.91 -59.48 19.27
N LYS O 161 -4.25 -59.28 20.53
CA LYS O 161 -4.37 -60.37 21.48
C LYS O 161 -5.76 -60.35 22.10
N LYS O 162 -6.34 -61.53 22.30
CA LYS O 162 -7.60 -61.64 23.00
C LYS O 162 -7.32 -61.58 24.49
N ILE O 163 -7.69 -60.47 25.12
CA ILE O 163 -7.43 -60.25 26.54
C ILE O 163 -8.76 -60.23 27.26
N ASP O 164 -8.90 -61.10 28.25
CA ASP O 164 -10.06 -61.17 29.12
C ASP O 164 -9.66 -62.00 30.34
N SER O 165 -10.66 -62.41 31.12
CA SER O 165 -10.37 -63.32 32.23
C SER O 165 -9.80 -64.64 31.72
N ASP O 166 -10.37 -65.18 30.64
CA ASP O 166 -10.01 -66.53 30.20
C ASP O 166 -8.54 -66.62 29.84
N THR O 167 -8.01 -65.63 29.13
CA THR O 167 -6.62 -65.68 28.69
C THR O 167 -5.64 -65.21 29.74
N LEU O 168 -6.10 -64.75 30.89
CA LEU O 168 -5.24 -64.40 32.01
C LEU O 168 -5.44 -65.32 33.21
N GLY O 169 -6.27 -66.34 33.06
CA GLY O 169 -6.56 -67.20 34.21
C GLY O 169 -7.57 -66.52 35.11
N LEU O 170 -7.29 -66.49 36.41
CA LEU O 170 -8.07 -65.68 37.33
C LEU O 170 -9.56 -66.03 37.35
N ASN O 171 -9.94 -67.12 36.67
CA ASN O 171 -11.36 -67.43 36.52
C ASN O 171 -12.02 -67.63 37.88
N GLY O 172 -11.60 -68.66 38.61
CA GLY O 172 -12.05 -68.84 39.97
C GLY O 172 -11.07 -68.25 40.95
N PHE O 173 -10.95 -66.93 41.00
CA PHE O 173 -9.96 -66.31 41.87
C PHE O 173 -10.21 -66.65 43.33
N ASN O 174 -11.48 -66.63 43.75
CA ASN O 174 -11.93 -67.38 44.93
C ASN O 174 -11.13 -67.01 46.18
N VAL O 175 -10.94 -65.72 46.42
CA VAL O 175 -10.18 -65.31 47.61
C VAL O 175 -10.84 -65.82 48.88
N ASN O 176 -12.17 -65.71 48.96
CA ASN O 176 -12.90 -66.20 50.12
C ASN O 176 -13.25 -67.67 50.02
N GLY O 177 -13.05 -68.31 48.88
CA GLY O 177 -13.33 -69.72 48.72
C GLY O 177 -14.72 -70.07 48.25
N LYS O 178 -15.43 -69.15 47.60
CA LYS O 178 -16.78 -69.40 47.10
C LYS O 178 -16.87 -68.93 45.65
N GLY O 179 -16.96 -69.88 44.73
CA GLY O 179 -16.96 -69.53 43.32
C GLY O 179 -17.30 -70.73 42.46
N THR O 180 -17.18 -70.53 41.15
CA THR O 180 -17.56 -71.52 40.15
C THR O 180 -16.34 -71.93 39.32
N ILE O 181 -16.48 -73.05 38.63
CA ILE O 181 -15.39 -73.59 37.83
C ILE O 181 -15.83 -73.79 36.37
N THR O 182 -17.12 -74.03 36.16
CA THR O 182 -17.65 -74.41 34.85
C THR O 182 -16.86 -75.58 34.27
N ASN O 183 -16.97 -76.70 34.98
CA ASN O 183 -16.02 -77.81 34.92
C ASN O 183 -15.55 -78.25 33.54
N LYS O 184 -16.43 -78.79 32.70
CA LYS O 184 -15.97 -79.43 31.46
C LYS O 184 -17.20 -79.94 30.70
N ALA O 185 -16.97 -80.36 29.46
CA ALA O 185 -17.96 -81.09 28.67
C ALA O 185 -17.43 -82.49 28.39
N ALA O 186 -18.29 -83.49 28.59
CA ALA O 186 -17.87 -84.88 28.51
C ALA O 186 -17.59 -85.29 27.06
N THR O 187 -16.98 -86.47 26.91
CA THR O 187 -16.69 -87.03 25.59
C THR O 187 -16.81 -88.55 25.65
N VAL O 188 -16.70 -89.18 24.47
CA VAL O 188 -16.85 -90.62 24.38
C VAL O 188 -15.73 -91.33 25.14
N SER O 189 -14.52 -90.76 25.12
CA SER O 189 -13.43 -91.33 25.90
C SER O 189 -13.75 -91.29 27.38
N ASP O 190 -14.33 -90.19 27.85
CA ASP O 190 -14.74 -90.10 29.24
C ASP O 190 -15.81 -91.14 29.57
N LEU O 191 -16.77 -91.34 28.66
CA LEU O 191 -17.78 -92.36 28.89
C LEU O 191 -17.17 -93.75 28.97
N THR O 192 -16.24 -94.06 28.07
CA THR O 192 -15.59 -95.37 28.09
C THR O 192 -14.80 -95.56 29.37
N SER O 193 -14.09 -94.51 29.82
CA SER O 193 -13.36 -94.60 31.07
C SER O 193 -14.31 -94.83 32.25
N ALA O 194 -15.45 -94.14 32.25
CA ALA O 194 -16.45 -94.36 33.29
C ALA O 194 -17.08 -95.74 33.20
N GLY O 195 -17.00 -96.40 32.05
CA GLY O 195 -17.47 -97.76 31.92
C GLY O 195 -18.72 -97.96 31.10
N ALA O 196 -19.18 -96.93 30.39
CA ALA O 196 -20.36 -97.08 29.55
C ALA O 196 -20.09 -98.05 28.40
N LYS O 197 -21.11 -98.83 28.06
CA LYS O 197 -21.01 -99.82 26.99
C LYS O 197 -21.80 -99.36 25.78
N LEU O 198 -21.23 -99.57 24.60
CA LEU O 198 -21.93 -99.25 23.36
C LEU O 198 -22.97 -100.30 23.07
N ASN O 199 -24.19 -99.87 22.76
CA ASN O 199 -25.28 -100.76 22.38
C ASN O 199 -25.25 -100.91 20.86
N THR O 200 -24.93 -102.12 20.38
CA THR O 200 -24.75 -102.33 18.95
C THR O 200 -26.03 -102.11 18.17
N THR O 201 -27.16 -102.55 18.71
CA THR O 201 -28.41 -102.49 17.96
C THR O 201 -28.92 -101.06 17.81
N THR O 202 -28.65 -100.19 18.79
CA THR O 202 -29.16 -98.83 18.76
C THR O 202 -28.10 -97.77 18.55
N GLY O 203 -26.83 -98.08 18.83
CA GLY O 203 -25.75 -97.12 18.64
C GLY O 203 -25.53 -96.18 19.80
N LEU O 204 -26.37 -96.23 20.83
CA LEU O 204 -26.20 -95.35 21.97
C LEU O 204 -25.14 -95.91 22.93
N TYR O 205 -24.81 -95.10 23.93
CA TYR O 205 -23.92 -95.52 25.01
C TYR O 205 -24.74 -95.64 26.29
N ASP O 206 -24.77 -96.84 26.87
CA ASP O 206 -25.53 -97.10 28.08
C ASP O 206 -24.58 -97.21 29.26
N LEU O 207 -24.86 -96.45 30.30
CA LEU O 207 -24.10 -96.50 31.55
C LEU O 207 -24.95 -97.13 32.63
N LYS O 208 -24.46 -98.22 33.22
CA LYS O 208 -25.17 -98.97 34.23
C LYS O 208 -24.46 -98.83 35.56
N THR O 209 -25.19 -98.41 36.59
CA THR O 209 -24.67 -98.27 37.93
C THR O 209 -25.36 -99.27 38.85
N GLU O 210 -24.57 -100.06 39.56
CA GLU O 210 -25.12 -101.08 40.44
C GLU O 210 -25.46 -100.49 41.80
N ASN O 211 -26.31 -101.19 42.53
CA ASN O 211 -26.81 -100.74 43.82
C ASN O 211 -26.61 -101.85 44.84
N THR O 212 -26.00 -101.51 45.97
CA THR O 212 -25.69 -102.50 46.99
C THR O 212 -26.92 -102.82 47.83
N LEU O 213 -27.16 -104.12 48.04
CA LEU O 213 -28.28 -104.54 48.86
C LEU O 213 -28.14 -104.04 50.29
N LEU O 214 -29.27 -103.82 50.94
CA LEU O 214 -29.27 -103.28 52.29
C LEU O 214 -28.53 -104.21 53.25
N THR O 215 -27.68 -103.63 54.08
CA THR O 215 -26.87 -104.37 55.04
C THR O 215 -27.31 -104.05 56.46
N THR O 216 -26.90 -104.92 57.38
CA THR O 216 -27.27 -104.75 58.78
C THR O 216 -26.69 -103.46 59.36
N ASP O 217 -25.46 -103.11 58.97
CA ASP O 217 -24.85 -101.89 59.47
C ASP O 217 -25.63 -100.66 59.03
N ALA O 218 -26.01 -100.60 57.76
CA ALA O 218 -26.79 -99.47 57.28
C ALA O 218 -28.16 -99.42 57.94
N ALA O 219 -28.79 -100.59 58.12
CA ALA O 219 -30.08 -100.62 58.80
C ALA O 219 -29.96 -100.11 60.22
N PHE O 220 -28.90 -100.51 60.93
CA PHE O 220 -28.70 -100.04 62.30
C PHE O 220 -28.42 -98.55 62.34
N ASP O 221 -27.68 -98.03 61.36
CA ASP O 221 -27.45 -96.60 61.28
C ASP O 221 -28.76 -95.85 61.07
N LYS O 222 -29.64 -96.39 60.23
CA LYS O 222 -30.92 -95.75 59.98
C LYS O 222 -31.97 -96.07 61.03
N LEU O 223 -31.65 -96.91 62.02
CA LEU O 223 -32.60 -97.23 63.07
C LEU O 223 -32.99 -95.97 63.84
N GLY O 224 -34.27 -95.87 64.18
CA GLY O 224 -34.80 -94.74 64.91
C GLY O 224 -35.49 -95.17 66.19
N ASN O 225 -36.04 -94.17 66.88
CA ASN O 225 -36.74 -94.43 68.13
C ASN O 225 -38.00 -95.25 67.88
N GLY O 226 -38.21 -96.25 68.72
CA GLY O 226 -39.37 -97.11 68.62
C GLY O 226 -39.28 -98.21 67.58
N ASP O 227 -38.12 -98.40 66.95
CA ASP O 227 -37.98 -99.43 65.95
C ASP O 227 -37.96 -100.81 66.59
N LYS O 228 -38.48 -101.80 65.87
CA LYS O 228 -38.62 -103.16 66.36
C LYS O 228 -37.78 -104.11 65.52
N VAL O 229 -36.97 -104.92 66.19
CA VAL O 229 -36.09 -105.88 65.54
C VAL O 229 -36.46 -107.28 66.03
N THR O 230 -36.74 -108.18 65.10
CA THR O 230 -37.16 -109.54 65.43
C THR O 230 -36.12 -110.50 64.88
N VAL O 231 -35.29 -111.05 65.76
CA VAL O 231 -34.30 -112.06 65.41
C VAL O 231 -34.46 -113.23 66.37
N GLY O 232 -34.46 -114.45 65.82
CA GLY O 232 -34.58 -115.64 66.64
C GLY O 232 -35.91 -115.75 67.37
N GLY O 233 -36.94 -115.06 66.88
CA GLY O 233 -38.26 -115.13 67.48
C GLY O 233 -38.48 -114.24 68.68
N VAL O 234 -37.51 -113.40 69.04
CA VAL O 234 -37.64 -112.49 70.18
C VAL O 234 -37.57 -111.07 69.67
N ASP O 235 -38.43 -110.21 70.21
CA ASP O 235 -38.57 -108.83 69.73
C ASP O 235 -37.79 -107.88 70.63
N TYR O 236 -37.03 -106.99 70.01
CA TYR O 236 -36.25 -105.97 70.69
C TYR O 236 -36.74 -104.61 70.23
N THR O 237 -36.83 -103.65 71.15
CA THR O 237 -37.24 -102.29 70.83
C THR O 237 -36.04 -101.38 71.01
N TYR O 238 -35.66 -100.68 69.94
CA TYR O 238 -34.51 -99.79 69.99
C TYR O 238 -34.85 -98.53 70.79
N ASN O 239 -33.89 -98.08 71.59
CA ASN O 239 -34.02 -96.85 72.36
C ASN O 239 -32.87 -95.93 71.97
N ALA O 240 -33.21 -94.78 71.38
CA ALA O 240 -32.20 -93.81 70.97
C ALA O 240 -31.69 -92.98 72.14
N LYS O 241 -32.49 -92.83 73.19
CA LYS O 241 -32.05 -92.06 74.34
C LYS O 241 -30.83 -92.70 74.99
N SER O 242 -30.88 -94.01 75.20
CA SER O 242 -29.73 -94.76 75.67
C SER O 242 -29.04 -95.55 74.57
N GLY O 243 -29.62 -95.60 73.37
CA GLY O 243 -29.01 -96.28 72.25
C GLY O 243 -28.80 -97.76 72.46
N ASP O 244 -29.85 -98.46 72.90
CA ASP O 244 -29.73 -99.89 73.19
C ASP O 244 -31.10 -100.53 73.04
N PHE O 245 -31.12 -101.86 72.95
CA PHE O 245 -32.37 -102.57 72.73
C PHE O 245 -32.96 -103.04 74.05
N THR O 246 -34.22 -102.70 74.27
CA THR O 246 -34.96 -103.17 75.44
C THR O 246 -35.83 -104.35 75.04
N THR O 247 -35.94 -105.31 75.96
CA THR O 247 -36.67 -106.55 75.73
C THR O 247 -37.60 -106.79 76.90
N THR O 248 -38.68 -107.53 76.64
CA THR O 248 -39.55 -108.01 77.70
C THR O 248 -39.43 -109.54 77.76
N LYS O 249 -38.89 -110.04 78.87
CA LYS O 249 -38.65 -111.46 79.03
C LYS O 249 -39.56 -112.02 80.11
N SER O 250 -40.37 -113.01 79.74
CA SER O 250 -41.10 -113.77 80.73
C SER O 250 -40.18 -114.82 81.35
N THR O 251 -40.58 -115.32 82.52
CA THR O 251 -39.79 -116.33 83.21
C THR O 251 -39.65 -117.58 82.35
N ALA O 252 -40.74 -118.28 82.11
CA ALA O 252 -40.73 -119.54 81.38
C ALA O 252 -42.17 -119.95 81.11
N GLY O 253 -42.35 -121.18 80.65
CA GLY O 253 -43.67 -121.72 80.37
C GLY O 253 -43.88 -122.01 78.90
N THR O 254 -43.74 -123.27 78.52
CA THR O 254 -43.94 -123.74 77.16
C THR O 254 -44.95 -124.87 77.06
N GLY O 255 -44.97 -125.77 78.03
CA GLY O 255 -45.94 -126.84 78.01
C GLY O 255 -47.35 -126.33 78.27
N VAL O 256 -48.34 -127.10 77.80
CA VAL O 256 -49.73 -126.70 77.93
C VAL O 256 -50.44 -127.35 79.12
N ASP O 257 -49.81 -128.31 79.78
CA ASP O 257 -50.41 -129.01 80.90
C ASP O 257 -49.48 -128.96 82.11
N ALA O 258 -50.01 -129.38 83.26
CA ALA O 258 -49.22 -129.36 84.48
C ALA O 258 -48.02 -130.29 84.39
N ALA O 259 -48.21 -131.48 83.84
CA ALA O 259 -47.11 -132.44 83.69
C ALA O 259 -46.36 -132.14 82.39
N ALA O 260 -45.62 -131.04 82.43
CA ALA O 260 -44.84 -130.60 81.27
C ALA O 260 -43.56 -129.96 81.77
N GLN O 261 -42.72 -129.56 80.81
CA GLN O 261 -41.45 -128.91 81.13
C GLN O 261 -41.62 -127.46 81.55
N ALA O 262 -42.83 -126.92 81.48
CA ALA O 262 -43.05 -125.52 81.84
C ALA O 262 -42.72 -125.26 83.30
N ALA O 263 -43.15 -126.15 84.20
CA ALA O 263 -42.88 -125.98 85.62
C ALA O 263 -41.37 -126.05 85.90
N ASP O 264 -40.70 -127.02 85.28
CA ASP O 264 -39.25 -127.14 85.47
C ASP O 264 -38.51 -125.92 84.96
N SER O 265 -38.90 -125.42 83.78
CA SER O 265 -38.27 -124.24 83.24
C SER O 265 -38.52 -123.02 84.12
N ALA O 266 -39.74 -122.89 84.64
CA ALA O 266 -40.03 -121.78 85.54
C ALA O 266 -39.19 -121.85 86.81
N SER O 267 -39.06 -123.05 87.38
CA SER O 267 -38.26 -123.20 88.60
C SER O 267 -36.80 -122.87 88.33
N LYS O 268 -36.24 -123.37 87.23
CA LYS O 268 -34.84 -123.12 86.96
C LYS O 268 -34.58 -121.67 86.62
N ARG O 269 -35.53 -121.01 85.93
CA ARG O 269 -35.37 -119.59 85.65
C ARG O 269 -35.47 -118.75 86.92
N ASP O 270 -36.37 -119.14 87.83
CA ASP O 270 -36.44 -118.46 89.13
C ASP O 270 -35.13 -118.62 89.89
N ALA O 271 -34.56 -119.82 89.87
CA ALA O 271 -33.27 -120.04 90.52
C ALA O 271 -32.17 -119.21 89.87
N LEU O 272 -32.17 -119.13 88.54
CA LEU O 272 -31.18 -118.33 87.84
C LEU O 272 -31.29 -116.86 88.20
N ALA O 273 -32.52 -116.33 88.26
CA ALA O 273 -32.72 -114.94 88.64
C ALA O 273 -32.25 -114.71 90.08
N ALA O 274 -32.56 -115.64 90.98
CA ALA O 274 -32.12 -115.50 92.36
C ALA O 274 -30.60 -115.48 92.46
N THR O 275 -29.93 -116.35 91.68
CA THR O 275 -28.47 -116.34 91.66
C THR O 275 -27.93 -115.04 91.10
N LEU O 276 -28.59 -114.50 90.07
CA LEU O 276 -28.17 -113.21 89.52
C LEU O 276 -28.34 -112.09 90.53
N HIS O 277 -29.31 -112.23 91.45
CA HIS O 277 -29.51 -111.25 92.51
C HIS O 277 -28.54 -111.40 93.67
N ALA O 278 -27.42 -112.12 93.48
CA ALA O 278 -26.50 -112.35 94.58
C ALA O 278 -25.91 -111.04 95.10
N ASP O 279 -25.12 -110.36 94.25
CA ASP O 279 -24.44 -109.11 94.62
C ASP O 279 -23.71 -109.24 95.96
N VAL O 280 -22.73 -110.15 95.97
CA VAL O 280 -22.02 -110.46 97.22
C VAL O 280 -21.21 -109.26 97.70
N GLY O 281 -20.61 -108.51 96.77
CA GLY O 281 -19.70 -107.46 97.16
C GLY O 281 -20.37 -106.34 97.95
N LYS O 282 -21.52 -105.88 97.46
CA LYS O 282 -22.21 -104.75 98.07
C LYS O 282 -23.70 -105.02 98.16
N SER O 283 -24.33 -104.37 99.13
CA SER O 283 -25.76 -104.52 99.37
C SER O 283 -26.56 -103.64 98.42
N VAL O 284 -27.81 -104.03 98.18
CA VAL O 284 -28.74 -103.27 97.34
C VAL O 284 -30.10 -103.20 98.00
N ASN O 285 -30.81 -102.10 97.71
CA ASN O 285 -32.11 -101.82 98.28
C ASN O 285 -33.19 -101.90 97.20
N GLY O 286 -34.37 -102.39 97.58
CA GLY O 286 -35.51 -102.46 96.72
C GLY O 286 -36.83 -102.43 97.49
N SER O 287 -37.92 -102.76 96.82
CA SER O 287 -39.23 -102.76 97.44
C SER O 287 -40.06 -103.92 96.93
N TYR O 288 -40.78 -104.57 97.84
CA TYR O 288 -41.66 -105.69 97.51
C TYR O 288 -43.09 -105.27 97.79
N THR O 289 -43.95 -105.29 96.76
CA THR O 289 -45.31 -104.79 96.88
C THR O 289 -46.29 -105.90 96.55
N THR O 290 -47.24 -106.11 97.45
CA THR O 290 -48.32 -107.08 97.24
C THR O 290 -49.47 -106.39 96.51
N LYS O 291 -50.63 -107.03 96.48
CA LYS O 291 -51.78 -106.46 95.78
C LYS O 291 -52.21 -105.14 96.40
N ASP O 292 -52.19 -105.04 97.72
CA ASP O 292 -52.62 -103.83 98.41
C ASP O 292 -51.61 -103.28 99.40
N GLY O 293 -50.44 -103.88 99.51
CA GLY O 293 -49.45 -103.41 100.47
C GLY O 293 -48.05 -103.49 99.90
N THR O 294 -47.15 -102.71 100.50
CA THR O 294 -45.77 -102.63 100.07
C THR O 294 -44.86 -102.65 101.31
N VAL O 295 -43.61 -103.05 101.10
CA VAL O 295 -42.63 -103.14 102.16
C VAL O 295 -41.25 -102.87 101.57
N SER O 296 -40.39 -102.24 102.37
CA SER O 296 -39.01 -102.01 101.96
C SER O 296 -38.24 -103.33 101.90
N PHE O 297 -37.03 -103.26 101.34
CA PHE O 297 -36.20 -104.44 101.17
C PHE O 297 -34.75 -104.00 101.09
N GLU O 298 -33.88 -104.63 101.86
CA GLU O 298 -32.45 -104.30 101.86
C GLU O 298 -31.66 -105.60 101.95
N THR O 299 -31.14 -106.09 100.83
CA THR O 299 -30.41 -107.35 100.82
C THR O 299 -28.91 -107.07 100.71
N ASP O 300 -28.12 -107.93 101.33
CA ASP O 300 -26.66 -107.78 101.34
C ASP O 300 -25.98 -108.71 100.35
N SER O 301 -26.20 -110.02 100.49
CA SER O 301 -25.54 -110.99 99.64
C SER O 301 -26.33 -112.29 99.66
N ALA O 302 -26.18 -113.07 98.59
CA ALA O 302 -26.82 -114.38 98.45
C ALA O 302 -28.34 -114.28 98.58
N GLY O 303 -28.90 -113.11 98.28
CA GLY O 303 -30.33 -112.91 98.39
C GLY O 303 -30.86 -113.05 99.80
N ASN O 304 -30.15 -112.49 100.78
CA ASN O 304 -30.58 -112.55 102.18
C ASN O 304 -31.47 -111.35 102.47
N ILE O 305 -32.66 -111.61 102.99
CA ILE O 305 -33.65 -110.57 103.23
C ILE O 305 -33.38 -109.94 104.59
N THR O 306 -33.16 -108.63 104.60
CA THR O 306 -32.96 -107.87 105.83
C THR O 306 -33.81 -106.62 105.79
N ILE O 307 -34.65 -106.44 106.80
CA ILE O 307 -35.54 -105.29 106.90
C ILE O 307 -35.19 -104.54 108.17
N GLY O 308 -34.68 -103.31 108.02
CA GLY O 308 -34.34 -102.50 109.17
C GLY O 308 -33.29 -103.10 110.07
N GLY O 309 -32.33 -103.82 109.51
CA GLY O 309 -31.30 -104.47 110.29
C GLY O 309 -31.70 -105.78 110.92
N SER O 310 -32.94 -106.22 110.73
CA SER O 310 -33.43 -107.48 111.30
C SER O 310 -33.92 -108.35 110.16
N GLN O 311 -33.52 -109.62 110.17
CA GLN O 311 -33.88 -110.54 109.10
C GLN O 311 -35.37 -110.83 109.13
N ALA O 312 -36.04 -110.60 108.00
CA ALA O 312 -37.46 -110.89 107.86
C ALA O 312 -37.66 -112.26 107.22
N TYR O 313 -38.91 -112.68 107.13
CA TYR O 313 -39.25 -113.99 106.61
C TYR O 313 -40.48 -113.87 105.71
N VAL O 314 -40.64 -114.85 104.84
CA VAL O 314 -41.73 -114.87 103.87
C VAL O 314 -42.72 -115.96 104.26
N ASP O 315 -44.01 -115.64 104.16
CA ASP O 315 -45.07 -116.57 104.51
C ASP O 315 -45.44 -117.42 103.30
N ASP O 316 -46.48 -118.24 103.46
CA ASP O 316 -46.95 -119.08 102.35
C ASP O 316 -47.49 -118.23 101.21
N ALA O 317 -48.22 -117.16 101.53
CA ALA O 317 -48.82 -116.30 100.53
C ALA O 317 -47.88 -115.20 100.06
N GLY O 318 -46.58 -115.30 100.38
CA GLY O 318 -45.61 -114.33 99.94
C GLY O 318 -45.52 -113.09 100.79
N ASN O 319 -46.32 -112.96 101.83
CA ASN O 319 -46.26 -111.79 102.69
C ASN O 319 -44.96 -111.77 103.48
N LEU O 320 -44.38 -110.59 103.63
CA LEU O 320 -43.11 -110.42 104.34
C LEU O 320 -43.38 -109.93 105.74
N THR O 321 -42.90 -110.67 106.74
CA THR O 321 -43.09 -110.30 108.14
C THR O 321 -41.79 -110.51 108.91
N THR O 322 -41.59 -109.67 109.93
CA THR O 322 -40.38 -109.75 110.72
C THR O 322 -40.38 -110.95 111.66
N ASN O 323 -41.56 -111.44 112.06
CA ASN O 323 -41.68 -112.53 113.00
C ASN O 323 -41.83 -113.87 112.28
N ASN O 324 -41.90 -114.93 113.07
CA ASN O 324 -42.01 -116.30 112.56
C ASN O 324 -43.32 -116.92 113.05
N ALA O 325 -44.07 -117.51 112.11
CA ALA O 325 -45.30 -118.22 112.42
C ALA O 325 -45.07 -119.70 112.13
N GLY O 326 -45.00 -120.51 113.18
CA GLY O 326 -44.73 -121.92 113.01
C GLY O 326 -43.37 -122.22 112.42
N SER O 327 -42.36 -121.39 112.71
CA SER O 327 -41.00 -121.57 112.20
C SER O 327 -40.96 -121.59 110.68
N ALA O 328 -41.92 -120.93 110.03
CA ALA O 328 -41.95 -120.82 108.57
C ALA O 328 -41.12 -119.62 108.14
N ALA O 329 -39.81 -119.74 108.35
CA ALA O 329 -38.91 -118.62 108.09
C ALA O 329 -38.53 -118.54 106.61
N LYS O 330 -37.80 -119.55 106.13
CA LYS O 330 -37.32 -119.65 104.74
C LYS O 330 -36.91 -118.29 104.19
N ALA O 331 -36.04 -117.59 104.94
CA ALA O 331 -35.62 -116.24 104.60
C ALA O 331 -34.52 -116.31 103.54
N ASP O 332 -34.93 -116.43 102.29
CA ASP O 332 -33.99 -116.50 101.18
C ASP O 332 -34.66 -115.96 99.92
N MET O 333 -33.83 -115.51 98.98
CA MET O 333 -34.34 -114.99 97.72
C MET O 333 -35.09 -116.06 96.94
N LYS O 334 -34.54 -117.27 96.87
CA LYS O 334 -35.19 -118.35 96.14
C LYS O 334 -36.55 -118.67 96.75
N ALA O 335 -36.61 -118.78 98.08
CA ALA O 335 -37.87 -119.09 98.75
C ALA O 335 -38.88 -117.96 98.54
N LEU O 336 -38.44 -116.71 98.64
CA LEU O 336 -39.34 -115.58 98.43
C LEU O 336 -39.90 -115.58 97.01
N LEU O 337 -39.03 -115.81 96.02
CA LEU O 337 -39.49 -115.83 94.63
C LEU O 337 -40.46 -116.98 94.39
N LYS O 338 -40.17 -118.15 94.95
CA LYS O 338 -41.06 -119.30 94.76
C LYS O 338 -42.41 -119.06 95.43
N ALA O 339 -42.40 -118.47 96.63
CA ALA O 339 -43.64 -118.17 97.32
C ALA O 339 -44.46 -117.13 96.55
N ALA O 340 -43.79 -116.12 95.99
CA ALA O 340 -44.49 -115.13 95.17
C ALA O 340 -45.08 -115.78 93.92
N SER O 341 -44.33 -116.68 93.27
CA SER O 341 -44.82 -117.35 92.08
C SER O 341 -46.03 -118.22 92.38
N GLU O 342 -45.98 -118.97 93.49
CA GLU O 342 -47.08 -119.85 93.87
C GLU O 342 -48.18 -119.13 94.61
N GLY O 343 -48.03 -117.85 94.91
CA GLY O 343 -49.04 -117.13 95.66
C GLY O 343 -50.30 -116.92 94.84
N SER O 344 -51.42 -116.75 95.56
CA SER O 344 -52.70 -116.53 94.90
C SER O 344 -52.70 -115.21 94.14
N ASP O 345 -52.08 -114.17 94.69
CA ASP O 345 -52.08 -112.84 94.10
C ASP O 345 -50.68 -112.47 93.64
N GLY O 346 -50.59 -111.75 92.54
CA GLY O 346 -49.31 -111.33 92.01
C GLY O 346 -48.67 -110.23 92.84
N ALA O 347 -47.40 -109.97 92.54
CA ALA O 347 -46.61 -109.01 93.28
C ALA O 347 -45.74 -108.19 92.32
N SER O 348 -45.11 -107.16 92.86
CA SER O 348 -44.18 -106.33 92.10
C SER O 348 -42.91 -106.08 92.91
N LEU O 349 -41.76 -106.27 92.28
CA LEU O 349 -40.47 -106.00 92.89
C LEU O 349 -39.81 -104.85 92.16
N THR O 350 -39.33 -103.86 92.92
CA THR O 350 -38.58 -102.74 92.37
C THR O 350 -37.16 -102.83 92.89
N PHE O 351 -36.19 -102.86 91.98
CA PHE O 351 -34.78 -102.98 92.35
C PHE O 351 -33.97 -101.81 91.80
N ASN O 352 -32.64 -101.93 91.90
CA ASN O 352 -31.77 -100.91 91.30
C ASN O 352 -31.97 -100.83 89.79
N GLY O 353 -32.15 -101.98 89.14
CA GLY O 353 -32.38 -101.99 87.70
C GLY O 353 -33.85 -101.91 87.35
N THR O 354 -34.31 -102.83 86.51
CA THR O 354 -35.69 -102.81 86.04
C THR O 354 -36.63 -103.38 87.10
N GLU O 355 -37.91 -103.09 86.94
CA GLU O 355 -38.95 -103.55 87.86
C GLU O 355 -39.54 -104.86 87.35
N TYR O 356 -39.65 -105.84 88.24
CA TYR O 356 -40.15 -107.16 87.91
C TYR O 356 -41.60 -107.26 88.37
N THR O 357 -42.44 -107.93 87.57
CA THR O 357 -43.82 -108.17 87.95
C THR O 357 -44.10 -109.66 87.96
N ILE O 358 -44.49 -110.19 89.11
CA ILE O 358 -44.84 -111.59 89.26
C ILE O 358 -46.35 -111.70 89.08
N ALA O 359 -46.75 -112.40 88.02
CA ALA O 359 -48.17 -112.48 87.66
C ALA O 359 -48.92 -113.43 88.59
N LYS O 360 -50.24 -113.29 88.59
CA LYS O 360 -51.11 -114.11 89.42
C LYS O 360 -51.01 -115.58 89.04
N GLY O 376 -45.04 -116.86 86.89
CA GLY O 376 -44.26 -116.16 85.89
C GLY O 376 -43.88 -114.75 86.30
N ILE O 377 -42.70 -114.32 85.86
CA ILE O 377 -42.19 -112.98 86.13
C ILE O 377 -41.95 -112.32 84.79
N THR O 378 -42.54 -111.14 84.58
CA THR O 378 -42.32 -110.33 83.40
C THR O 378 -41.42 -109.16 83.78
N TYR O 379 -40.39 -108.91 82.98
CA TYR O 379 -39.44 -107.86 83.29
C TYR O 379 -38.76 -107.36 82.03
N GLN O 380 -38.31 -106.11 82.10
CA GLN O 380 -37.52 -105.50 81.04
C GLN O 380 -36.05 -105.84 81.20
N ALA O 381 -35.35 -105.88 80.06
CA ALA O 381 -33.92 -106.16 80.04
C ALA O 381 -33.27 -105.34 78.94
N THR O 382 -31.97 -105.09 79.11
CA THR O 382 -31.21 -104.23 78.21
C THR O 382 -30.12 -105.05 77.52
N VAL O 383 -30.03 -104.93 76.20
CA VAL O 383 -28.99 -105.57 75.41
C VAL O 383 -28.36 -104.53 74.50
N SER O 384 -27.08 -104.74 74.19
CA SER O 384 -26.34 -103.79 73.38
C SER O 384 -26.70 -103.92 71.89
N LYS O 385 -26.69 -102.78 71.21
CA LYS O 385 -26.89 -102.80 69.76
C LYS O 385 -25.81 -103.61 69.07
N ASP O 386 -24.57 -103.53 69.55
CA ASP O 386 -23.50 -104.35 68.98
C ASP O 386 -23.78 -105.83 69.20
N VAL O 387 -24.30 -106.18 70.36
CA VAL O 387 -24.66 -107.58 70.62
C VAL O 387 -25.71 -108.03 69.62
N VAL O 388 -26.81 -107.28 69.52
CA VAL O 388 -27.91 -107.67 68.64
C VAL O 388 -27.42 -107.77 67.20
N LEU O 389 -26.54 -106.86 66.80
CA LEU O 389 -25.91 -106.96 65.48
C LEU O 389 -25.16 -108.27 65.33
N SER O 390 -24.45 -108.68 66.38
CA SER O 390 -23.69 -109.92 66.30
C SER O 390 -24.59 -111.12 66.10
N GLU O 391 -25.71 -111.22 66.84
CA GLU O 391 -26.60 -112.36 66.59
C GLU O 391 -27.25 -112.25 65.21
N THR O 392 -27.59 -111.05 64.77
CA THR O 392 -28.24 -110.92 63.46
C THR O 392 -27.31 -111.36 62.33
N LYS O 393 -26.04 -110.99 62.40
CA LYS O 393 -25.10 -111.33 61.33
C LYS O 393 -24.33 -112.62 61.59
N ALA O 394 -24.62 -113.32 62.70
CA ALA O 394 -23.84 -114.51 63.03
C ALA O 394 -24.06 -115.62 62.01
N ALA O 395 -25.31 -115.93 61.70
CA ALA O 395 -25.64 -117.04 60.80
C ALA O 395 -26.85 -116.64 59.96
N ALA O 396 -27.43 -117.63 59.28
CA ALA O 396 -28.58 -117.41 58.41
C ALA O 396 -29.84 -117.21 59.27
N ALA O 397 -29.87 -116.08 59.97
CA ALA O 397 -30.99 -115.75 60.82
C ALA O 397 -32.12 -115.13 60.01
N THR O 398 -33.32 -115.14 60.58
CA THR O 398 -34.52 -114.57 59.97
C THR O 398 -34.85 -113.20 60.54
N SER O 399 -33.83 -112.41 60.87
CA SER O 399 -34.05 -111.11 61.49
C SER O 399 -34.82 -110.19 60.56
N SER O 400 -35.70 -109.39 61.14
CA SER O 400 -36.48 -108.39 60.41
C SER O 400 -36.49 -107.09 61.21
N ILE O 401 -36.38 -105.97 60.50
CA ILE O 401 -36.33 -104.65 61.11
C ILE O 401 -37.51 -103.84 60.62
N THR O 402 -38.25 -103.23 61.54
CA THR O 402 -39.38 -102.37 61.20
C THR O 402 -38.97 -100.92 61.40
N PHE O 403 -38.92 -100.17 60.30
CA PHE O 403 -38.67 -98.74 60.36
C PHE O 403 -40.00 -98.03 60.52
N ASN O 404 -40.13 -97.27 61.61
CA ASN O 404 -41.37 -96.60 61.96
C ASN O 404 -41.08 -95.12 62.16
N SER O 405 -41.81 -94.27 61.45
CA SER O 405 -41.72 -92.82 61.61
C SER O 405 -42.80 -92.26 62.53
N GLY O 406 -43.59 -93.14 63.16
CA GLY O 406 -44.72 -92.74 63.96
C GLY O 406 -46.01 -92.61 63.17
N VAL O 407 -45.93 -92.53 61.85
CA VAL O 407 -47.10 -92.50 60.98
C VAL O 407 -46.90 -93.57 59.91
N LEU O 408 -45.73 -93.56 59.29
CA LEU O 408 -45.38 -94.44 58.19
C LEU O 408 -44.46 -95.54 58.70
N SER O 409 -44.75 -96.79 58.33
CA SER O 409 -43.98 -97.93 58.80
C SER O 409 -43.73 -98.89 57.67
N LYS O 410 -42.54 -99.51 57.66
CA LYS O 410 -42.23 -100.57 56.72
C LYS O 410 -41.36 -101.62 57.38
N THR O 411 -41.67 -102.89 57.13
CA THR O 411 -40.92 -104.01 57.67
C THR O 411 -40.05 -104.63 56.59
N ILE O 412 -38.75 -104.76 56.87
CA ILE O 412 -37.79 -105.34 55.94
C ILE O 412 -37.22 -106.61 56.58
N GLY O 413 -37.35 -107.73 55.88
CA GLY O 413 -36.82 -108.98 56.36
C GLY O 413 -35.60 -109.44 55.59
N PHE O 414 -34.43 -109.40 56.22
CA PHE O 414 -33.18 -109.73 55.55
C PHE O 414 -32.43 -110.78 56.36
N THR O 415 -31.80 -111.71 55.65
CA THR O 415 -31.10 -112.83 56.25
C THR O 415 -29.60 -112.61 56.13
N ALA O 416 -28.94 -112.40 57.28
CA ALA O 416 -27.49 -112.25 57.36
C ALA O 416 -26.98 -111.18 56.40
N GLY O 417 -27.57 -109.99 56.49
CA GLY O 417 -27.18 -108.91 55.62
C GLY O 417 -28.19 -108.59 54.54
N GLU O 418 -27.91 -109.06 53.31
CA GLU O 418 -28.75 -108.74 52.17
C GLU O 418 -30.17 -109.26 52.37
N SER O 419 -31.13 -108.50 51.83
CA SER O 419 -32.53 -108.90 51.91
C SER O 419 -32.83 -110.04 50.96
N SER O 420 -33.55 -111.05 51.45
CA SER O 420 -33.95 -112.20 50.66
C SER O 420 -35.46 -112.30 50.51
N ASP O 421 -36.22 -111.29 50.93
CA ASP O 421 -37.67 -111.30 50.88
C ASP O 421 -38.22 -110.76 49.58
N ALA O 422 -37.45 -110.84 48.50
CA ALA O 422 -37.85 -110.31 47.19
C ALA O 422 -38.12 -108.80 47.26
N ALA O 423 -37.45 -108.11 48.17
CA ALA O 423 -37.60 -106.68 48.36
C ALA O 423 -36.34 -105.98 47.86
N LYS O 424 -36.53 -104.94 47.05
CA LYS O 424 -35.42 -104.19 46.47
C LYS O 424 -35.04 -103.06 47.41
N SER O 425 -34.21 -103.40 48.40
CA SER O 425 -33.67 -102.43 49.35
C SER O 425 -32.20 -102.20 49.02
N TYR O 426 -31.83 -100.93 48.83
CA TYR O 426 -30.48 -100.60 48.41
C TYR O 426 -30.06 -99.27 49.02
N VAL O 427 -28.75 -99.02 48.99
CA VAL O 427 -28.17 -97.86 49.69
C VAL O 427 -27.21 -97.04 48.83
N ASP O 428 -26.69 -97.56 47.72
CA ASP O 428 -25.55 -96.92 47.06
C ASP O 428 -25.86 -95.54 46.50
N ASP O 429 -27.12 -95.22 46.25
CA ASP O 429 -27.46 -93.98 45.55
C ASP O 429 -26.97 -92.75 46.31
N LYS O 430 -27.56 -92.47 47.47
CA LYS O 430 -27.12 -91.38 48.32
C LYS O 430 -27.14 -91.78 49.80
N GLY O 431 -27.14 -93.07 50.09
CA GLY O 431 -27.46 -93.53 51.42
C GLY O 431 -28.94 -93.78 51.59
N GLY O 432 -29.30 -94.30 52.74
CA GLY O 432 -30.70 -94.57 52.97
C GLY O 432 -31.18 -95.80 52.20
N ILE O 433 -32.50 -95.87 52.05
CA ILE O 433 -33.15 -97.00 51.41
C ILE O 433 -33.79 -96.53 50.11
N THR O 434 -33.68 -97.37 49.07
CA THR O 434 -34.31 -97.07 47.80
C THR O 434 -34.79 -98.37 47.17
N ASN O 435 -35.77 -98.25 46.28
CA ASN O 435 -36.37 -99.40 45.60
C ASN O 435 -35.84 -99.61 44.20
N VAL O 436 -34.79 -98.89 43.81
CA VAL O 436 -34.24 -99.03 42.46
C VAL O 436 -33.24 -100.19 42.45
N ALA O 437 -33.56 -101.23 41.69
CA ALA O 437 -32.66 -102.37 41.59
C ALA O 437 -31.43 -102.03 40.77
N ASP O 438 -31.63 -101.40 39.62
CA ASP O 438 -30.55 -101.08 38.69
C ASP O 438 -30.71 -99.66 38.19
N TYR O 439 -29.58 -99.01 37.90
CA TYR O 439 -29.53 -97.64 37.45
C TYR O 439 -28.83 -97.60 36.09
N THR O 440 -29.60 -97.51 35.01
CA THR O 440 -29.06 -97.52 33.66
C THR O 440 -29.61 -96.34 32.88
N VAL O 441 -28.72 -95.58 32.24
CA VAL O 441 -29.08 -94.41 31.45
C VAL O 441 -28.35 -94.49 30.13
N SER O 442 -28.95 -93.94 29.07
CA SER O 442 -28.42 -94.02 27.72
C SER O 442 -27.86 -92.67 27.30
N TYR O 443 -26.65 -92.69 26.73
CA TYR O 443 -25.98 -91.50 26.24
C TYR O 443 -25.81 -91.59 24.74
N SER O 444 -26.18 -90.53 24.04
CA SER O 444 -25.99 -90.43 22.60
C SER O 444 -24.82 -89.47 22.32
N VAL O 445 -23.88 -89.92 21.50
CA VAL O 445 -22.69 -89.15 21.16
C VAL O 445 -22.90 -88.60 19.76
N ASN O 446 -22.80 -87.28 19.61
CA ASN O 446 -22.94 -86.65 18.32
C ASN O 446 -21.69 -86.91 17.49
N LYS O 447 -21.87 -87.43 16.28
CA LYS O 447 -20.72 -87.76 15.44
C LYS O 447 -20.01 -86.53 14.95
N ASP O 448 -20.74 -85.44 14.68
CA ASP O 448 -20.11 -84.22 14.21
C ASP O 448 -19.52 -83.40 15.35
N ASN O 449 -20.38 -82.97 16.28
CA ASN O 449 -19.92 -82.11 17.37
C ASN O 449 -18.98 -82.86 18.31
N GLY O 450 -19.30 -84.12 18.62
CA GLY O 450 -18.58 -84.86 19.62
C GLY O 450 -19.16 -84.78 21.02
N SER O 451 -20.20 -83.99 21.21
CA SER O 451 -20.82 -83.82 22.53
C SER O 451 -21.66 -85.04 22.90
N VAL O 452 -21.86 -85.22 24.20
CA VAL O 452 -22.60 -86.34 24.75
C VAL O 452 -23.89 -85.81 25.37
N THR O 453 -25.03 -86.41 25.01
CA THR O 453 -26.32 -85.98 25.52
C THR O 453 -27.05 -87.17 26.12
N VAL O 454 -27.94 -86.88 27.07
CA VAL O 454 -28.76 -87.93 27.69
C VAL O 454 -29.95 -88.21 26.79
N ALA O 455 -30.16 -89.47 26.44
CA ALA O 455 -31.23 -89.87 25.54
C ALA O 455 -32.18 -90.85 26.22
N GLY O 456 -32.55 -90.57 27.47
CA GLY O 456 -33.46 -91.42 28.21
C GLY O 456 -32.74 -92.47 29.03
N TYR O 457 -33.52 -93.29 29.72
CA TYR O 457 -32.95 -94.34 30.55
C TYR O 457 -33.96 -95.45 30.72
N ALA O 458 -33.46 -96.62 31.12
CA ALA O 458 -34.28 -97.77 31.42
C ALA O 458 -33.86 -98.34 32.76
N SER O 459 -34.85 -98.77 33.56
CA SER O 459 -34.60 -99.34 34.86
C SER O 459 -35.38 -100.63 35.01
N ALA O 460 -34.82 -101.58 35.76
CA ALA O 460 -35.48 -102.86 35.98
C ALA O 460 -36.81 -102.66 36.72
N THR O 461 -36.79 -101.84 37.77
CA THR O 461 -38.01 -101.51 38.49
C THR O 461 -38.68 -100.31 37.84
N ASP O 462 -39.82 -99.89 38.41
CA ASP O 462 -40.53 -98.74 37.87
C ASP O 462 -39.74 -97.45 38.04
N THR O 463 -39.20 -97.24 39.26
CA THR O 463 -38.37 -96.09 39.62
C THR O 463 -39.21 -94.82 39.70
N ASN O 464 -40.46 -94.90 39.24
CA ASN O 464 -41.41 -93.78 39.27
C ASN O 464 -40.79 -92.49 38.72
N LYS O 465 -39.81 -92.65 37.83
CA LYS O 465 -39.08 -91.52 37.25
C LYS O 465 -38.45 -90.64 38.33
N ASP O 466 -38.03 -91.26 39.43
CA ASP O 466 -37.40 -90.50 40.50
C ASP O 466 -35.98 -90.09 40.14
N TYR O 467 -35.21 -91.01 39.55
CA TYR O 467 -33.84 -90.72 39.10
C TYR O 467 -33.80 -90.27 37.65
N ALA O 468 -34.88 -89.70 37.15
CA ALA O 468 -34.96 -89.35 35.73
C ALA O 468 -34.17 -88.09 35.44
N PRO O 469 -33.18 -88.13 34.57
CA PRO O 469 -32.53 -86.90 34.12
C PRO O 469 -33.19 -86.35 32.86
N ALA O 470 -32.99 -85.05 32.65
CA ALA O 470 -33.58 -84.39 31.49
C ALA O 470 -32.97 -84.94 30.20
N ILE O 471 -33.83 -85.22 29.23
CA ILE O 471 -33.39 -85.76 27.95
C ILE O 471 -32.87 -84.64 27.07
N GLY O 472 -31.72 -84.87 26.43
CA GLY O 472 -31.11 -83.89 25.58
C GLY O 472 -30.20 -82.90 26.27
N THR O 473 -29.97 -83.07 27.58
CA THR O 473 -29.08 -82.17 28.31
C THR O 473 -27.63 -82.60 28.13
N ALA O 474 -26.76 -81.63 27.89
CA ALA O 474 -25.35 -81.91 27.67
C ALA O 474 -24.75 -82.57 28.91
N VAL O 475 -23.87 -83.53 28.68
CA VAL O 475 -23.23 -84.28 29.75
C VAL O 475 -21.89 -83.63 30.08
N ASN O 476 -21.66 -83.39 31.36
CA ASN O 476 -20.45 -82.71 31.82
C ASN O 476 -19.65 -83.64 32.74
N VAL O 477 -18.34 -83.40 32.78
CA VAL O 477 -17.44 -84.17 33.62
C VAL O 477 -17.15 -83.37 34.88
N ASN O 478 -17.38 -83.98 36.04
CA ASN O 478 -17.15 -83.30 37.30
C ASN O 478 -15.65 -83.06 37.51
N SER O 479 -15.33 -82.25 38.52
CA SER O 479 -13.93 -82.00 38.85
C SER O 479 -13.24 -83.29 39.27
N ALA O 480 -13.94 -84.13 40.05
CA ALA O 480 -13.38 -85.42 40.45
C ALA O 480 -13.28 -86.39 39.28
N GLY O 481 -14.03 -86.15 38.20
CA GLY O 481 -13.99 -87.00 37.02
C GLY O 481 -15.25 -87.79 36.76
N LYS O 482 -16.31 -87.58 37.54
CA LYS O 482 -17.55 -88.31 37.35
C LYS O 482 -18.39 -87.69 36.24
N ILE O 483 -19.56 -88.27 36.02
CA ILE O 483 -20.52 -87.78 35.03
C ILE O 483 -21.62 -87.02 35.76
N THR O 484 -21.85 -85.78 35.36
CA THR O 484 -22.81 -84.92 36.04
C THR O 484 -23.37 -83.91 35.04
N THR O 485 -24.67 -83.63 35.15
CA THR O 485 -25.31 -82.68 34.27
C THR O 485 -25.16 -81.23 34.73
N GLU O 486 -24.64 -81.00 35.94
CA GLU O 486 -24.49 -79.64 36.43
C GLU O 486 -23.37 -78.92 35.69
N THR O 487 -23.63 -77.68 35.29
CA THR O 487 -22.66 -76.92 34.51
C THR O 487 -21.48 -76.49 35.36
N THR O 488 -21.76 -75.95 36.55
CA THR O 488 -20.73 -75.37 37.40
C THR O 488 -20.58 -76.17 38.69
N SER O 489 -19.34 -76.37 39.11
CA SER O 489 -19.01 -77.05 40.35
C SER O 489 -18.21 -76.11 41.23
N ALA O 490 -18.50 -76.11 42.53
CA ALA O 490 -17.82 -75.23 43.46
C ALA O 490 -16.33 -75.60 43.54
N GLY O 491 -15.52 -74.59 43.84
CA GLY O 491 -14.09 -74.75 43.95
C GLY O 491 -13.58 -74.35 45.31
N SER O 492 -12.34 -73.89 45.34
CA SER O 492 -11.68 -73.49 46.58
C SER O 492 -10.78 -72.29 46.32
N ALA O 493 -10.15 -71.80 47.38
CA ALA O 493 -9.30 -70.63 47.27
C ALA O 493 -8.09 -70.92 46.40
N THR O 494 -7.70 -69.93 45.59
CA THR O 494 -6.53 -70.10 44.75
C THR O 494 -5.28 -70.25 45.60
N THR O 495 -4.39 -71.15 45.18
CA THR O 495 -3.22 -71.47 45.99
C THR O 495 -2.19 -70.33 45.96
N ASN O 496 -1.94 -69.77 44.77
CA ASN O 496 -0.90 -68.75 44.60
C ASN O 496 -1.49 -67.58 43.84
N PRO O 497 -2.17 -66.66 44.52
CA PRO O 497 -2.84 -65.57 43.81
C PRO O 497 -1.88 -64.56 43.23
N LEU O 498 -0.84 -64.20 43.99
CA LEU O 498 0.06 -63.14 43.57
C LEU O 498 0.87 -63.55 42.34
N ALA O 499 1.23 -64.83 42.24
CA ALA O 499 1.94 -65.30 41.06
C ALA O 499 1.07 -65.16 39.81
N ALA O 500 -0.20 -65.55 39.90
CA ALA O 500 -1.09 -65.42 38.75
C ALA O 500 -1.31 -63.95 38.39
N LEU O 501 -1.45 -63.09 39.39
CA LEU O 501 -1.62 -61.67 39.13
C LEU O 501 -0.37 -61.10 38.44
N ASP O 502 0.81 -61.52 38.88
CA ASP O 502 2.04 -61.08 38.23
C ASP O 502 2.10 -61.56 36.79
N ASP O 503 1.68 -62.79 36.54
CA ASP O 503 1.66 -63.30 35.17
C ASP O 503 0.72 -62.47 34.29
N ALA O 504 -0.45 -62.14 34.81
CA ALA O 504 -1.38 -61.32 34.04
C ALA O 504 -0.80 -59.95 33.75
N ILE O 505 -0.20 -59.32 34.76
CA ILE O 505 0.40 -57.99 34.55
C ILE O 505 1.52 -58.07 33.54
N SER O 506 2.33 -59.13 33.59
CA SER O 506 3.42 -59.30 32.64
C SER O 506 2.89 -59.44 31.22
N SER O 507 1.81 -60.20 31.05
CA SER O 507 1.22 -60.34 29.71
C SER O 507 0.72 -58.99 29.20
N ILE O 508 0.07 -58.22 30.07
CA ILE O 508 -0.41 -56.90 29.68
C ILE O 508 0.77 -56.02 29.26
N ASP O 509 1.84 -56.05 30.03
CA ASP O 509 3.01 -55.22 29.74
C ASP O 509 3.65 -55.62 28.41
N LYS O 510 3.73 -56.93 28.14
CA LYS O 510 4.29 -57.38 26.87
C LYS O 510 3.45 -56.89 25.70
N PHE O 511 2.12 -56.98 25.83
CA PHE O 511 1.26 -56.46 24.77
C PHE O 511 1.48 -54.97 24.56
N ARG O 512 1.55 -54.20 25.65
CA ARG O 512 1.74 -52.76 25.53
C ARG O 512 3.07 -52.43 24.87
N SER O 513 4.12 -53.15 25.24
CA SER O 513 5.43 -52.90 24.64
C SER O 513 5.42 -53.19 23.15
N SER O 514 4.81 -54.31 22.74
CA SER O 514 4.74 -54.61 21.32
C SER O 514 3.96 -53.53 20.58
N LEU O 515 2.85 -53.08 21.16
CA LEU O 515 2.04 -52.04 20.53
C LEU O 515 2.84 -50.75 20.37
N GLY O 516 3.58 -50.37 21.40
CA GLY O 516 4.39 -49.15 21.32
C GLY O 516 5.48 -49.25 20.27
N ALA O 517 6.12 -50.40 20.16
CA ALA O 517 7.14 -50.59 19.12
C ALA O 517 6.52 -50.46 17.73
N ILE O 518 5.35 -51.06 17.52
CA ILE O 518 4.67 -50.93 16.23
C ILE O 518 4.36 -49.48 15.94
N GLN O 519 3.89 -48.74 16.95
CA GLN O 519 3.55 -47.35 16.75
C GLN O 519 4.77 -46.51 16.37
N ASN O 520 5.90 -46.75 17.05
CA ASN O 520 7.12 -46.02 16.71
C ASN O 520 7.56 -46.30 15.28
N ARG O 521 7.54 -47.57 14.86
CA ARG O 521 7.95 -47.87 13.50
C ARG O 521 6.98 -47.26 12.49
N LEU O 522 5.69 -47.20 12.84
CA LEU O 522 4.71 -46.58 11.95
C LEU O 522 4.98 -45.09 11.78
N ASP O 523 5.31 -44.41 12.87
CA ASP O 523 5.65 -42.99 12.79
C ASP O 523 6.88 -42.76 11.92
N SER O 524 7.89 -43.62 12.09
CA SER O 524 9.07 -43.51 11.23
C SER O 524 8.70 -43.70 9.77
N ALA O 525 7.80 -44.65 9.49
CA ALA O 525 7.33 -44.84 8.13
C ALA O 525 6.65 -43.60 7.59
N VAL O 526 5.85 -42.93 8.43
CA VAL O 526 5.18 -41.70 8.00
C VAL O 526 6.21 -40.65 7.59
N THR O 527 7.23 -40.47 8.42
CA THR O 527 8.25 -39.46 8.12
C THR O 527 8.96 -39.78 6.80
N ASN O 528 9.34 -41.05 6.61
CA ASN O 528 10.01 -41.43 5.38
C ASN O 528 9.12 -41.21 4.16
N LEU O 529 7.83 -41.52 4.29
CA LEU O 529 6.91 -41.32 3.19
C LEU O 529 6.81 -39.84 2.82
N ASN O 530 6.76 -38.96 3.83
CA ASN O 530 6.69 -37.54 3.54
C ASN O 530 7.94 -37.07 2.80
N ASN O 531 9.13 -37.52 3.25
CA ASN O 531 10.36 -37.10 2.58
C ASN O 531 10.38 -37.59 1.13
N THR O 532 10.02 -38.86 0.92
CA THR O 532 10.04 -39.41 -0.44
C THR O 532 9.04 -38.69 -1.33
N THR O 533 7.86 -38.36 -0.80
CA THR O 533 6.88 -37.62 -1.57
C THR O 533 7.42 -36.28 -2.00
N THR O 534 8.07 -35.56 -1.07
CA THR O 534 8.64 -34.26 -1.43
C THR O 534 9.68 -34.39 -2.53
N ASN O 535 10.58 -35.38 -2.41
CA ASN O 535 11.63 -35.53 -3.41
C ASN O 535 11.06 -35.90 -4.77
N LEU O 536 10.07 -36.80 -4.81
CA LEU O 536 9.49 -37.21 -6.08
C LEU O 536 8.72 -36.06 -6.72
N SER O 537 8.02 -35.26 -5.91
CA SER O 537 7.35 -34.09 -6.45
C SER O 537 8.35 -33.12 -7.06
N GLU O 538 9.49 -32.93 -6.40
CA GLU O 538 10.53 -32.08 -6.95
C GLU O 538 11.05 -32.62 -8.27
N ALA O 539 11.24 -33.95 -8.38
CA ALA O 539 11.71 -34.53 -9.63
C ALA O 539 10.69 -34.32 -10.76
N GLN O 540 9.41 -34.51 -10.45
CA GLN O 540 8.39 -34.25 -11.45
C GLN O 540 8.41 -32.79 -11.89
N SER O 541 8.63 -31.88 -10.93
CA SER O 541 8.75 -30.47 -11.28
C SER O 541 9.94 -30.22 -12.18
N ARG O 542 11.05 -30.92 -11.93
CA ARG O 542 12.20 -30.82 -12.81
C ARG O 542 11.84 -31.19 -14.24
N ILE O 543 11.11 -32.29 -14.40
CA ILE O 543 10.79 -32.76 -15.75
C ILE O 543 9.81 -31.81 -16.44
N GLN O 544 8.72 -31.46 -15.76
CA GLN O 544 7.63 -30.68 -16.31
C GLN O 544 7.85 -29.19 -16.02
N ASP O 545 6.80 -28.39 -16.17
CA ASP O 545 6.78 -26.99 -15.73
C ASP O 545 7.77 -26.09 -16.46
N ALA O 546 7.49 -25.82 -17.74
CA ALA O 546 8.33 -24.95 -18.55
C ALA O 546 8.62 -23.62 -17.86
N ASP O 547 9.72 -23.01 -18.25
CA ASP O 547 10.19 -21.76 -17.67
C ASP O 547 9.46 -20.58 -18.30
N TYR O 548 8.75 -19.81 -17.48
CA TYR O 548 8.05 -18.64 -17.99
C TYR O 548 8.99 -17.62 -18.60
N ALA O 549 10.19 -17.44 -18.07
CA ALA O 549 11.12 -16.51 -18.69
C ALA O 549 11.40 -16.90 -20.13
N THR O 550 11.77 -18.16 -20.34
CA THR O 550 12.10 -18.63 -21.69
C THR O 550 10.89 -18.57 -22.60
N GLU O 551 9.71 -18.97 -22.11
CA GLU O 551 8.54 -18.98 -22.98
C GLU O 551 8.07 -17.57 -23.31
N VAL O 552 8.19 -16.63 -22.37
CA VAL O 552 7.86 -15.25 -22.67
C VAL O 552 8.79 -14.69 -23.74
N SER O 553 10.09 -14.95 -23.61
CA SER O 553 11.02 -14.51 -24.63
C SER O 553 10.69 -15.13 -25.98
N ASN O 554 10.35 -16.42 -25.98
CA ASN O 554 10.05 -17.12 -27.22
C ASN O 554 8.82 -16.53 -27.90
N MET O 555 7.74 -16.29 -27.13
CA MET O 555 6.54 -15.75 -27.75
C MET O 555 6.76 -14.32 -28.22
N SER O 556 7.57 -13.54 -27.49
CA SER O 556 7.82 -12.17 -27.90
C SER O 556 8.56 -12.13 -29.24
N LYS O 557 9.62 -12.94 -29.37
CA LYS O 557 10.33 -12.96 -30.64
C LYS O 557 9.46 -13.58 -31.74
N ALA O 558 8.58 -14.52 -31.39
CA ALA O 558 7.67 -15.07 -32.39
C ALA O 558 6.70 -14.02 -32.90
N GLN O 559 6.15 -13.20 -31.99
CA GLN O 559 5.25 -12.13 -32.41
C GLN O 559 5.97 -11.13 -33.30
N ILE O 560 7.20 -10.77 -32.95
CA ILE O 560 7.95 -9.85 -33.81
C ILE O 560 8.19 -10.46 -35.17
N ILE O 561 8.56 -11.75 -35.22
CA ILE O 561 8.79 -12.39 -36.51
C ILE O 561 7.51 -12.39 -37.33
N GLN O 562 6.37 -12.64 -36.68
CA GLN O 562 5.10 -12.65 -37.40
C GLN O 562 4.76 -11.27 -37.95
N GLN O 563 4.94 -10.23 -37.14
CA GLN O 563 4.62 -8.88 -37.61
C GLN O 563 5.56 -8.45 -38.74
N ALA O 564 6.85 -8.76 -38.61
CA ALA O 564 7.79 -8.47 -39.68
C ALA O 564 7.43 -9.23 -40.94
N GLY O 565 7.04 -10.49 -40.81
CA GLY O 565 6.64 -11.27 -41.96
C GLY O 565 5.40 -10.70 -42.62
N ASN O 566 4.45 -10.24 -41.83
CA ASN O 566 3.24 -9.64 -42.39
C ASN O 566 3.57 -8.35 -43.14
N SER O 567 4.44 -7.51 -42.58
CA SER O 567 4.81 -6.28 -43.27
C SER O 567 5.56 -6.56 -44.56
N VAL O 568 6.52 -7.49 -44.52
CA VAL O 568 7.25 -7.86 -45.73
C VAL O 568 6.31 -8.50 -46.74
N LEU O 569 5.32 -9.26 -46.26
CA LEU O 569 4.32 -9.84 -47.15
C LEU O 569 3.50 -8.75 -47.83
N ALA O 570 3.16 -7.70 -47.10
CA ALA O 570 2.46 -6.58 -47.72
C ALA O 570 3.34 -5.92 -48.78
N LYS O 571 4.62 -5.75 -48.49
CA LYS O 571 5.53 -5.14 -49.46
C LYS O 571 5.70 -6.01 -50.70
N ALA O 572 5.76 -7.33 -50.52
CA ALA O 572 5.89 -8.23 -51.66
C ALA O 572 4.59 -8.32 -52.45
N ASN O 573 3.45 -8.39 -51.76
CA ASN O 573 2.13 -8.35 -52.36
C ASN O 573 1.87 -7.00 -53.01
N GLN O 574 2.70 -6.00 -52.73
CA GLN O 574 2.73 -4.82 -53.58
C GLN O 574 3.38 -5.29 -54.88
N VAL O 575 2.65 -6.16 -55.58
CA VAL O 575 3.08 -6.87 -56.76
C VAL O 575 3.27 -5.85 -57.87
N PRO O 576 4.06 -6.14 -58.90
CA PRO O 576 4.37 -5.11 -59.90
C PRO O 576 3.15 -4.50 -60.55
N GLN O 577 2.92 -3.21 -60.29
CA GLN O 577 2.12 -2.38 -61.19
C GLN O 577 3.00 -1.65 -62.18
N GLN O 578 4.32 -1.82 -62.07
CA GLN O 578 5.21 -1.32 -63.11
C GLN O 578 4.95 -1.99 -64.45
N VAL O 579 4.35 -3.18 -64.46
CA VAL O 579 3.90 -3.76 -65.71
C VAL O 579 2.79 -2.92 -66.31
N LEU O 580 1.86 -2.46 -65.48
CA LEU O 580 0.83 -1.52 -65.95
C LEU O 580 1.47 -0.23 -66.43
N SER O 581 2.48 0.25 -65.70
CA SER O 581 3.18 1.47 -66.09
C SER O 581 3.82 1.32 -67.47
N LEU O 582 4.42 0.16 -67.74
CA LEU O 582 4.97 -0.10 -69.06
C LEU O 582 3.88 -0.21 -70.10
N LEU O 583 2.69 -0.66 -69.71
CA LEU O 583 1.66 -1.02 -70.69
C LEU O 583 1.21 0.18 -71.52
N GLN O 584 0.97 1.32 -70.89
CA GLN O 584 0.44 2.44 -71.66
C GLN O 584 1.51 3.15 -72.48
N GLY O 585 2.78 2.84 -72.26
CA GLY O 585 3.85 3.47 -73.01
C GLY O 585 3.94 2.99 -74.45
N MET P 1 6.66 32.87 -41.79
CA MET P 1 6.50 31.44 -42.02
C MET P 1 6.27 31.14 -43.50
N ALA P 2 5.09 31.49 -43.99
CA ALA P 2 4.75 31.18 -45.38
C ALA P 2 5.71 31.84 -46.35
N GLN P 3 6.29 32.98 -45.96
CA GLN P 3 7.13 33.74 -46.88
C GLN P 3 8.60 33.35 -46.83
N VAL P 4 9.08 32.73 -45.75
CA VAL P 4 10.50 32.44 -45.58
C VAL P 4 10.67 31.00 -45.16
N ILE P 5 11.74 30.36 -45.63
CA ILE P 5 12.07 29.00 -45.21
C ILE P 5 13.47 28.88 -44.66
N ASN P 6 14.36 29.85 -44.89
CA ASN P 6 15.74 29.69 -44.46
C ASN P 6 15.90 29.81 -42.95
N THR P 7 15.02 30.55 -42.29
CA THR P 7 15.07 30.70 -40.84
C THR P 7 13.68 30.48 -40.26
N ASN P 8 13.64 30.26 -38.95
CA ASN P 8 12.38 30.10 -38.24
C ASN P 8 12.46 30.96 -36.98
N SER P 9 11.90 32.17 -37.08
CA SER P 9 11.85 33.07 -35.92
C SER P 9 11.13 32.41 -34.76
N LEU P 10 10.03 31.71 -35.04
CA LEU P 10 9.28 31.03 -34.00
C LEU P 10 10.14 29.96 -33.32
N SER P 11 10.87 29.19 -34.10
CA SER P 11 11.73 28.16 -33.52
C SER P 11 12.81 28.79 -32.64
N LEU P 12 13.41 29.88 -33.10
CA LEU P 12 14.46 30.53 -32.31
C LEU P 12 13.90 31.04 -30.98
N ILE P 13 12.73 31.69 -31.03
CA ILE P 13 12.13 32.22 -29.81
C ILE P 13 11.77 31.10 -28.85
N THR P 14 11.19 30.01 -29.37
CA THR P 14 10.85 28.88 -28.53
C THR P 14 12.09 28.27 -27.89
N GLN P 15 13.19 28.17 -28.64
CA GLN P 15 14.42 27.64 -28.07
C GLN P 15 14.94 28.52 -26.96
N ASN P 16 14.87 29.85 -27.14
CA ASN P 16 15.31 30.76 -26.10
C ASN P 16 14.50 30.56 -24.83
N ASN P 17 13.17 30.48 -24.97
CA ASN P 17 12.33 30.30 -23.78
C ASN P 17 12.59 28.95 -23.13
N ILE P 18 12.84 27.92 -23.93
CA ILE P 18 13.13 26.60 -23.37
C ILE P 18 14.41 26.64 -22.53
N ASN P 19 15.45 27.31 -23.04
CA ASN P 19 16.68 27.42 -22.27
C ASN P 19 16.46 28.21 -20.98
N LYS P 20 15.67 29.29 -21.06
CA LYS P 20 15.40 30.08 -19.88
C LYS P 20 14.71 29.25 -18.81
N ASN P 21 13.75 28.40 -19.21
CA ASN P 21 13.12 27.51 -18.24
C ASN P 21 14.08 26.45 -17.75
N GLN P 22 14.99 25.98 -18.62
CA GLN P 22 15.91 24.92 -18.24
C GLN P 22 16.81 25.36 -17.10
N SER P 23 17.24 26.63 -17.12
CA SER P 23 18.05 27.12 -16.01
C SER P 23 17.37 26.90 -14.67
N ALA P 24 16.11 27.35 -14.55
CA ALA P 24 15.39 27.23 -13.29
C ALA P 24 15.09 25.78 -12.95
N LEU P 25 14.80 24.95 -13.96
CA LEU P 25 14.56 23.53 -13.70
C LEU P 25 15.78 22.88 -13.06
N SER P 26 16.96 23.12 -13.64
CA SER P 26 18.18 22.55 -13.09
C SER P 26 18.44 23.07 -11.68
N SER P 27 18.21 24.37 -11.46
CA SER P 27 18.41 24.94 -10.13
C SER P 27 17.52 24.24 -9.11
N SER P 28 16.24 24.09 -9.42
CA SER P 28 15.31 23.48 -8.47
C SER P 28 15.67 22.03 -8.20
N ILE P 29 16.01 21.27 -9.23
CA ILE P 29 16.34 19.86 -9.03
C ILE P 29 17.57 19.71 -8.14
N GLU P 30 18.62 20.50 -8.41
CA GLU P 30 19.81 20.39 -7.59
C GLU P 30 19.55 20.84 -6.15
N ARG P 31 18.71 21.87 -5.97
CA ARG P 31 18.39 22.31 -4.62
C ARG P 31 17.65 21.23 -3.84
N LEU P 32 16.71 20.56 -4.48
CA LEU P 32 16.03 19.45 -3.79
C LEU P 32 16.98 18.31 -3.50
N SER P 33 17.87 17.98 -4.43
CA SER P 33 18.78 16.86 -4.21
C SER P 33 19.72 17.16 -3.04
N SER P 34 20.25 18.37 -2.97
CA SER P 34 21.19 18.70 -1.90
C SER P 34 20.48 18.92 -0.57
N GLY P 35 19.29 19.51 -0.60
CA GLY P 35 18.59 19.84 0.62
C GLY P 35 19.06 21.10 1.30
N LEU P 36 19.69 22.01 0.54
CA LEU P 36 20.20 23.26 1.09
C LEU P 36 19.74 24.43 0.23
N ARG P 37 19.40 25.54 0.88
CA ARG P 37 18.96 26.72 0.14
C ARG P 37 20.12 27.35 -0.64
N ILE P 38 21.28 27.44 -0.01
CA ILE P 38 22.46 28.04 -0.63
C ILE P 38 23.39 26.92 -1.06
N ASN P 39 23.56 26.76 -2.38
CA ASN P 39 24.44 25.75 -2.92
C ASN P 39 25.37 26.41 -3.93
N SER P 40 26.67 26.14 -3.80
CA SER P 40 27.71 26.60 -4.71
C SER P 40 27.79 28.13 -4.78
N ALA P 41 27.15 28.83 -3.85
CA ALA P 41 27.25 30.29 -3.72
C ALA P 41 26.92 31.02 -5.01
N LYS P 42 25.99 30.49 -5.80
CA LYS P 42 25.54 31.17 -7.02
C LYS P 42 24.52 32.25 -6.71
N ASP P 43 24.43 32.62 -5.43
CA ASP P 43 23.37 33.46 -4.90
C ASP P 43 24.03 34.41 -3.90
N ASP P 44 23.23 35.00 -3.01
CA ASP P 44 23.76 35.88 -1.98
C ASP P 44 24.90 35.22 -1.22
N ALA P 45 26.12 35.73 -1.42
CA ALA P 45 27.28 35.15 -0.76
C ALA P 45 27.36 35.53 0.71
N ALA P 46 26.62 36.55 1.13
CA ALA P 46 26.52 36.85 2.55
C ALA P 46 25.95 35.65 3.31
N GLY P 47 24.95 35.00 2.73
CA GLY P 47 24.41 33.80 3.35
C GLY P 47 25.45 32.70 3.47
N GLN P 48 26.26 32.50 2.44
CA GLN P 48 27.32 31.50 2.50
C GLN P 48 28.30 31.81 3.61
N ALA P 49 28.77 33.05 3.68
CA ALA P 49 29.75 33.43 4.69
C ALA P 49 29.16 33.29 6.10
N ILE P 50 27.91 33.72 6.30
CA ILE P 50 27.31 33.65 7.62
C ILE P 50 27.07 32.21 8.02
N ALA P 51 26.70 31.35 7.07
CA ALA P 51 26.55 29.94 7.37
C ALA P 51 27.89 29.33 7.78
N ASN P 52 28.97 29.71 7.10
CA ASN P 52 30.29 29.22 7.50
C ASN P 52 30.63 29.66 8.92
N ARG P 53 30.37 30.92 9.25
CA ARG P 53 30.65 31.40 10.59
C ARG P 53 29.84 30.65 11.63
N PHE P 54 28.56 30.40 11.34
CA PHE P 54 27.72 29.70 12.29
C PHE P 54 28.18 28.25 12.47
N THR P 55 28.60 27.60 11.38
CA THR P 55 29.12 26.23 11.51
C THR P 55 30.37 26.21 12.38
N SER P 56 31.27 27.17 12.17
CA SER P 56 32.47 27.26 13.00
C SER P 56 32.10 27.43 14.47
N ASN P 57 31.16 28.34 14.75
CA ASN P 57 30.76 28.57 16.13
C ASN P 57 30.13 27.33 16.75
N ILE P 58 29.29 26.62 16.00
CA ILE P 58 28.62 25.44 16.53
C ILE P 58 29.64 24.36 16.89
N LYS P 59 30.57 24.09 15.97
CA LYS P 59 31.59 23.08 16.27
C LYS P 59 32.44 23.47 17.47
N GLY P 60 32.86 24.74 17.51
CA GLY P 60 33.65 25.19 18.64
C GLY P 60 32.92 25.06 19.97
N LEU P 61 31.64 25.44 19.99
CA LEU P 61 30.88 25.36 21.23
C LEU P 61 30.69 23.92 21.69
N THR P 62 30.42 23.01 20.75
CA THR P 62 30.28 21.60 21.12
C THR P 62 31.57 21.07 21.73
N GLN P 63 32.70 21.36 21.08
CA GLN P 63 33.97 20.88 21.62
C GLN P 63 34.26 21.50 22.98
N ALA P 64 33.89 22.77 23.17
CA ALA P 64 34.07 23.42 24.45
C ALA P 64 33.23 22.77 25.53
N ALA P 65 32.01 22.36 25.19
CA ALA P 65 31.18 21.63 26.14
C ALA P 65 31.85 20.33 26.57
N ARG P 66 32.45 19.61 25.60
CA ARG P 66 33.16 18.39 25.96
C ARG P 66 34.33 18.70 26.91
N ASN P 67 35.07 19.78 26.63
CA ASN P 67 36.18 20.15 27.49
C ASN P 67 35.70 20.45 28.91
N ALA P 68 34.58 21.15 29.03
CA ALA P 68 34.03 21.46 30.35
C ALA P 68 33.64 20.19 31.09
N ASN P 69 33.08 19.21 30.37
CA ASN P 69 32.78 17.93 31.01
C ASN P 69 34.05 17.28 31.56
N ASP P 70 35.13 17.32 30.79
CA ASP P 70 36.40 16.76 31.27
C ASP P 70 36.87 17.48 32.53
N GLY P 71 36.73 18.80 32.56
CA GLY P 71 37.11 19.55 33.75
C GLY P 71 36.29 19.15 34.97
N ILE P 72 34.99 18.93 34.77
CA ILE P 72 34.14 18.46 35.86
C ILE P 72 34.66 17.12 36.38
N SER P 73 35.07 16.23 35.48
CA SER P 73 35.62 14.95 35.90
C SER P 73 36.87 15.13 36.76
N VAL P 74 37.75 16.04 36.34
CA VAL P 74 38.96 16.31 37.12
C VAL P 74 38.61 16.76 38.52
N ALA P 75 37.66 17.69 38.62
CA ALA P 75 37.26 18.20 39.92
C ALA P 75 36.69 17.09 40.80
N GLN P 76 35.86 16.22 40.23
CA GLN P 76 35.29 15.13 41.02
C GLN P 76 36.36 14.21 41.58
N THR P 77 37.33 13.83 40.73
CA THR P 77 38.40 12.94 41.20
C THR P 77 39.19 13.58 42.34
N THR P 78 39.59 14.83 42.16
CA THR P 78 40.35 15.51 43.19
C THR P 78 39.56 15.59 44.49
N GLU P 79 38.25 15.86 44.39
CA GLU P 79 37.45 16.01 45.59
C GLU P 79 37.28 14.68 46.33
N GLY P 80 37.18 13.57 45.60
CA GLY P 80 37.17 12.28 46.27
C GLY P 80 38.45 12.02 47.06
N ALA P 81 39.60 12.32 46.44
CA ALA P 81 40.86 12.16 47.16
C ALA P 81 40.89 13.03 48.42
N LEU P 82 40.41 14.28 48.30
CA LEU P 82 40.35 15.16 49.46
C LEU P 82 39.46 14.59 50.55
N SER P 83 38.33 13.99 50.18
CA SER P 83 37.44 13.42 51.19
C SER P 83 38.12 12.32 51.96
N GLU P 84 38.86 11.45 51.27
CA GLU P 84 39.58 10.40 51.98
C GLU P 84 40.63 10.97 52.93
N ILE P 85 41.36 11.99 52.47
CA ILE P 85 42.34 12.64 53.35
C ILE P 85 41.66 13.20 54.58
N ASN P 86 40.49 13.81 54.42
CA ASN P 86 39.78 14.39 55.55
C ASN P 86 39.36 13.33 56.55
N ASN P 87 38.90 12.18 56.07
CA ASN P 87 38.54 11.10 56.99
C ASN P 87 39.76 10.66 57.79
N ASN P 88 40.91 10.52 57.13
CA ASN P 88 42.12 10.14 57.84
C ASN P 88 42.48 11.17 58.91
N LEU P 89 42.36 12.46 58.58
CA LEU P 89 42.70 13.50 59.55
C LEU P 89 41.76 13.47 60.75
N GLN P 90 40.47 13.23 60.52
CA GLN P 90 39.53 13.11 61.63
C GLN P 90 39.92 11.97 62.57
N ARG P 91 40.27 10.82 61.99
CA ARG P 91 40.68 9.70 62.82
C ARG P 91 41.94 10.04 63.62
N ILE P 92 42.90 10.71 62.99
CA ILE P 92 44.11 11.10 63.70
C ILE P 92 43.79 12.02 64.86
N ARG P 93 42.87 12.97 64.66
CA ARG P 93 42.51 13.86 65.75
C ARG P 93 41.89 13.09 66.91
N GLU P 94 41.01 12.14 66.62
CA GLU P 94 40.40 11.37 67.69
C GLU P 94 41.47 10.58 68.46
N LEU P 95 42.43 10.00 67.74
CA LEU P 95 43.54 9.32 68.41
C LEU P 95 44.33 10.26 69.30
N THR P 96 44.58 11.49 68.83
CA THR P 96 45.32 12.45 69.65
C THR P 96 44.55 12.78 70.92
N VAL P 97 43.24 12.96 70.81
CA VAL P 97 42.42 13.24 71.98
C VAL P 97 42.51 12.08 72.97
N GLN P 98 42.54 10.86 72.46
CA GLN P 98 42.70 9.72 73.36
C GLN P 98 44.10 9.66 73.97
N ALA P 99 45.11 10.12 73.24
CA ALA P 99 46.49 10.02 73.70
C ALA P 99 46.84 11.05 74.76
N THR P 100 46.25 12.24 74.69
CA THR P 100 46.66 13.31 75.60
C THR P 100 46.32 13.03 77.07
N THR P 101 45.52 12.01 77.34
CA THR P 101 45.17 11.68 78.72
C THR P 101 46.41 11.27 79.50
N GLY P 102 46.46 11.66 80.78
CA GLY P 102 47.56 11.27 81.64
C GLY P 102 47.46 9.88 82.23
N THR P 103 46.34 9.19 82.01
CA THR P 103 46.21 7.82 82.48
C THR P 103 47.03 6.86 81.62
N ASN P 104 47.14 7.14 80.32
CA ASN P 104 47.85 6.24 79.42
C ASN P 104 49.32 6.14 79.80
N SER P 105 49.88 4.95 79.64
CA SER P 105 51.27 4.68 79.98
C SER P 105 52.14 4.80 78.73
N ASP P 106 53.43 4.50 78.90
CA ASP P 106 54.39 4.67 77.81
C ASP P 106 54.08 3.75 76.64
N SER P 107 53.74 2.48 76.92
CA SER P 107 53.40 1.55 75.85
C SER P 107 52.15 1.99 75.11
N ASP P 108 51.16 2.49 75.84
CA ASP P 108 49.94 2.98 75.20
C ASP P 108 50.23 4.16 74.30
N LEU P 109 51.05 5.10 74.77
CA LEU P 109 51.44 6.23 73.94
C LEU P 109 52.20 5.77 72.70
N ASP P 110 53.08 4.78 72.86
CA ASP P 110 53.82 4.26 71.72
C ASP P 110 52.90 3.66 70.68
N SER P 111 51.91 2.87 71.12
CA SER P 111 50.97 2.27 70.18
C SER P 111 50.15 3.34 69.47
N ILE P 112 49.68 4.34 70.21
CA ILE P 112 48.88 5.40 69.59
C ILE P 112 49.72 6.16 68.58
N GLN P 113 50.97 6.45 68.91
CA GLN P 113 51.83 7.14 67.95
C GLN P 113 52.11 6.28 66.74
N ASP P 114 52.21 4.97 66.91
CA ASP P 114 52.36 4.08 65.77
C ASP P 114 51.17 4.20 64.82
N GLU P 115 49.96 4.19 65.39
CA GLU P 115 48.77 4.33 64.54
C GLU P 115 48.75 5.70 63.85
N ILE P 116 49.13 6.75 64.57
CA ILE P 116 49.14 8.09 63.98
C ILE P 116 50.14 8.16 62.84
N LYS P 117 51.32 7.59 63.02
CA LYS P 117 52.32 7.59 61.96
C LYS P 117 51.82 6.81 60.76
N SER P 118 51.15 5.68 60.99
CA SER P 118 50.60 4.92 59.87
C SER P 118 49.61 5.75 59.07
N ARG P 119 48.72 6.47 59.77
CA ARG P 119 47.72 7.23 59.04
C ARG P 119 48.32 8.46 58.35
N LEU P 120 49.33 9.08 58.94
CA LEU P 120 50.04 10.15 58.24
C LEU P 120 50.71 9.62 56.98
N ASP P 121 51.30 8.41 57.06
CA ASP P 121 51.87 7.80 55.88
C ASP P 121 50.82 7.55 54.82
N GLU P 122 49.62 7.13 55.24
CA GLU P 122 48.53 6.96 54.27
C GLU P 122 48.15 8.28 53.60
N ILE P 123 48.10 9.36 54.38
CA ILE P 123 47.78 10.65 53.80
C ILE P 123 48.81 11.03 52.74
N ASP P 124 50.10 10.87 53.08
CA ASP P 124 51.15 11.19 52.14
C ASP P 124 51.06 10.31 50.89
N ARG P 125 50.81 9.02 51.08
CA ARG P 125 50.73 8.10 49.96
C ARG P 125 49.60 8.47 49.01
N VAL P 126 48.41 8.71 49.56
CA VAL P 126 47.26 9.04 48.72
C VAL P 126 47.51 10.33 47.98
N SER P 127 48.05 11.35 48.68
CA SER P 127 48.31 12.62 48.04
C SER P 127 49.31 12.48 46.91
N GLY P 128 50.38 11.71 47.13
CA GLY P 128 51.39 11.54 46.10
C GLY P 128 50.90 10.76 44.90
N GLN P 129 50.12 9.70 45.14
CA GLN P 129 49.78 8.75 44.09
C GLN P 129 48.44 9.01 43.41
N THR P 130 47.64 9.96 43.91
CA THR P 130 46.42 10.31 43.20
C THR P 130 46.77 10.95 41.86
N GLN P 131 46.18 10.43 40.79
CA GLN P 131 46.56 10.81 39.44
C GLN P 131 45.34 10.83 38.53
N PHE P 132 45.31 11.81 37.63
CA PHE P 132 44.28 11.89 36.60
C PHE P 132 44.96 12.15 35.26
N ASN P 133 44.81 11.19 34.33
CA ASN P 133 45.32 11.34 32.97
C ASN P 133 46.81 11.66 32.96
N GLY P 134 47.57 11.01 33.84
CA GLY P 134 49.00 11.21 33.90
C GLY P 134 49.44 12.47 34.61
N VAL P 135 48.53 13.16 35.28
CA VAL P 135 48.86 14.38 36.02
C VAL P 135 48.57 14.14 37.49
N ASN P 136 49.56 14.42 38.34
CA ASN P 136 49.38 14.31 39.79
C ASN P 136 48.72 15.59 40.27
N VAL P 137 47.41 15.51 40.52
CA VAL P 137 46.65 16.72 40.85
C VAL P 137 47.06 17.27 42.21
N LEU P 138 47.41 16.41 43.16
CA LEU P 138 47.69 16.82 44.52
C LEU P 138 49.17 16.98 44.83
N ALA P 139 50.04 16.88 43.82
CA ALA P 139 51.47 17.00 44.04
C ALA P 139 52.05 18.33 43.59
N LYS P 140 51.29 19.15 42.88
CA LYS P 140 51.77 20.43 42.38
C LYS P 140 50.89 21.55 42.91
N ASP P 141 51.36 22.78 42.73
CA ASP P 141 50.64 23.97 43.17
C ASP P 141 50.19 24.84 42.00
N GLY P 142 50.02 24.25 40.82
CA GLY P 142 49.72 24.99 39.61
C GLY P 142 48.24 25.21 39.39
N SER P 143 47.90 25.45 38.13
CA SER P 143 46.51 25.66 37.74
C SER P 143 46.32 25.10 36.34
N MET P 144 45.09 24.67 36.06
CA MET P 144 44.72 24.13 34.77
C MET P 144 43.72 25.06 34.11
N LYS P 145 43.94 25.39 32.85
CA LYS P 145 43.08 26.28 32.09
C LYS P 145 42.22 25.45 31.15
N ILE P 146 40.91 25.63 31.24
CA ILE P 146 39.95 24.85 30.46
C ILE P 146 39.30 25.78 29.45
N GLN P 147 39.35 25.39 28.18
CA GLN P 147 38.71 26.16 27.13
C GLN P 147 37.20 25.96 27.21
N VAL P 148 36.47 27.07 27.37
CA VAL P 148 35.02 27.01 27.48
C VAL P 148 34.31 27.75 26.34
N GLY P 149 34.95 28.73 25.72
CA GLY P 149 34.39 29.39 24.56
C GLY P 149 34.97 28.87 23.26
N ALA P 150 34.55 29.50 22.16
CA ALA P 150 35.05 29.17 20.84
C ALA P 150 36.14 30.11 20.36
N ASN P 151 36.41 31.18 21.08
CA ASN P 151 37.42 32.15 20.68
C ASN P 151 38.57 32.17 21.69
N ASP P 152 39.55 33.03 21.42
CA ASP P 152 40.75 33.08 22.23
C ASP P 152 40.46 33.65 23.62
N GLY P 153 41.16 33.12 24.62
CA GLY P 153 41.10 33.66 25.96
C GLY P 153 39.85 33.34 26.74
N GLU P 154 38.98 32.48 26.21
CA GLU P 154 37.73 32.11 26.89
C GLU P 154 37.99 30.87 27.72
N THR P 155 38.66 31.06 28.85
CA THR P 155 39.10 29.96 29.68
C THR P 155 38.59 30.11 31.11
N ILE P 156 38.54 28.98 31.80
CA ILE P 156 38.23 28.91 33.22
C ILE P 156 39.36 28.18 33.91
N THR P 157 39.85 28.73 35.02
CA THR P 157 41.03 28.21 35.69
C THR P 157 40.64 27.42 36.94
N ILE P 158 41.21 26.23 37.07
CA ILE P 158 41.10 25.43 38.28
C ILE P 158 42.45 25.48 38.97
N ASP P 159 42.47 25.99 40.20
CA ASP P 159 43.72 26.05 40.97
C ASP P 159 43.88 24.77 41.79
N LEU P 160 45.09 24.24 41.82
CA LEU P 160 45.40 23.05 42.58
C LEU P 160 46.35 23.41 43.72
N LYS P 161 46.34 22.60 44.76
CA LYS P 161 47.17 22.81 45.92
C LYS P 161 48.01 21.58 46.19
N LYS P 162 49.26 21.79 46.59
CA LYS P 162 50.12 20.69 47.01
C LYS P 162 49.77 20.35 48.44
N ILE P 163 49.13 19.19 48.64
CA ILE P 163 48.70 18.75 49.95
C ILE P 163 49.51 17.52 50.32
N ASP P 164 50.18 17.59 51.46
CA ASP P 164 50.93 16.47 52.04
C ASP P 164 51.21 16.82 53.48
N SER P 165 52.11 16.08 54.11
CA SER P 165 52.52 16.43 55.47
C SER P 165 53.21 17.78 55.50
N ASP P 166 54.05 18.07 54.51
CA ASP P 166 54.85 19.28 54.54
C ASP P 166 54.00 20.54 54.58
N THR P 167 52.94 20.59 53.77
CA THR P 167 52.10 21.77 53.70
C THR P 167 51.04 21.83 54.80
N LEU P 168 50.94 20.80 55.63
CA LEU P 168 50.04 20.81 56.77
C LEU P 168 50.79 20.76 58.09
N GLY P 169 52.11 20.83 58.07
CA GLY P 169 52.86 20.71 59.31
C GLY P 169 52.95 19.25 59.70
N LEU P 170 52.62 18.95 60.95
CA LEU P 170 52.43 17.58 61.39
C LEU P 170 53.68 16.71 61.20
N ASN P 171 54.79 17.31 60.78
CA ASN P 171 55.97 16.52 60.42
C ASN P 171 56.46 15.69 61.60
N GLY P 172 56.90 16.36 62.65
CA GLY P 172 57.24 15.65 63.87
C GLY P 172 56.08 15.66 64.84
N PHE P 173 55.01 14.92 64.52
CA PHE P 173 53.82 14.96 65.36
C PHE P 173 54.12 14.50 66.78
N ASN P 174 54.87 13.42 66.92
CA ASN P 174 55.61 13.14 68.15
C ASN P 174 54.69 13.10 69.38
N VAL P 175 53.56 12.40 69.26
CA VAL P 175 52.65 12.31 70.41
C VAL P 175 53.35 11.66 71.59
N ASN P 176 54.10 10.58 71.35
CA ASN P 176 54.85 9.92 72.42
C ASN P 176 56.22 10.52 72.65
N GLY P 177 56.66 11.44 71.81
CA GLY P 177 57.92 12.12 72.02
C GLY P 177 59.14 11.51 71.36
N LYS P 178 58.97 10.69 70.32
CA LYS P 178 60.08 10.08 69.61
C LYS P 178 59.87 10.26 68.12
N GLY P 179 60.76 11.01 67.48
CA GLY P 179 60.60 11.29 66.06
C GLY P 179 61.80 12.06 65.53
N THR P 180 61.68 12.47 64.27
CA THR P 180 62.76 13.13 63.56
C THR P 180 62.34 14.55 63.16
N ILE P 181 63.34 15.36 62.82
CA ILE P 181 63.10 16.76 62.48
C ILE P 181 63.67 17.09 61.10
N THR P 182 64.73 16.39 60.70
CA THR P 182 65.47 16.70 59.47
C THR P 182 65.86 18.18 59.45
N ASN P 183 66.72 18.51 60.41
CA ASN P 183 66.92 19.88 60.89
C ASN P 183 67.05 20.98 59.83
N LYS P 184 68.11 20.96 59.01
CA LYS P 184 68.37 22.11 58.13
C LYS P 184 69.64 21.79 57.32
N ALA P 185 69.91 22.64 56.34
CA ALA P 185 71.16 22.62 55.59
C ALA P 185 71.92 23.91 55.85
N ALA P 186 73.21 23.80 56.14
CA ALA P 186 74.00 24.95 56.55
C ALA P 186 74.26 25.89 55.37
N THR P 187 74.76 27.09 55.69
CA THR P 187 75.09 28.09 54.68
C THR P 187 76.29 28.90 55.15
N VAL P 188 76.76 29.78 54.27
CA VAL P 188 77.95 30.58 54.56
C VAL P 188 77.68 31.54 55.72
N SER P 189 76.47 32.07 55.81
CA SER P 189 76.12 32.93 56.95
C SER P 189 76.19 32.15 58.26
N ASP P 190 75.71 30.90 58.24
CA ASP P 190 75.80 30.05 59.43
C ASP P 190 77.26 29.78 59.79
N LEU P 191 78.10 29.53 58.78
CA LEU P 191 79.52 29.30 59.05
C LEU P 191 80.16 30.54 59.67
N THR P 192 79.87 31.72 59.13
CA THR P 192 80.43 32.95 59.67
C THR P 192 79.96 33.19 61.10
N SER P 193 78.68 32.93 61.37
CA SER P 193 78.17 33.07 62.73
C SER P 193 78.87 32.11 63.67
N ALA P 194 79.09 30.86 63.23
CA ALA P 194 79.82 29.90 64.03
C ALA P 194 81.28 30.28 64.20
N GLY P 195 81.81 31.13 63.34
CA GLY P 195 83.16 31.64 63.50
C GLY P 195 84.19 31.15 62.52
N ALA P 196 83.78 30.45 61.46
CA ALA P 196 84.72 29.97 60.47
C ALA P 196 85.37 31.14 59.74
N LYS P 197 86.65 30.99 59.41
CA LYS P 197 87.43 32.01 58.73
C LYS P 197 87.68 31.60 57.29
N LEU P 198 87.53 32.55 56.36
CA LEU P 198 87.83 32.27 54.96
C LEU P 198 89.34 32.26 54.75
N ASN P 199 89.83 31.23 54.08
CA ASN P 199 91.24 31.11 53.74
C ASN P 199 91.46 31.75 52.37
N THR P 200 92.21 32.85 52.34
CA THR P 200 92.37 33.61 51.09
C THR P 200 93.10 32.79 50.03
N THR P 201 94.13 32.04 50.42
CA THR P 201 94.95 31.35 49.43
C THR P 201 94.21 30.21 48.77
N THR P 202 93.27 29.58 49.47
CA THR P 202 92.56 28.42 48.94
C THR P 202 91.09 28.68 48.65
N GLY P 203 90.49 29.69 49.26
CA GLY P 203 89.08 29.97 49.07
C GLY P 203 88.15 29.16 49.92
N LEU P 204 88.66 28.24 50.73
CA LEU P 204 87.82 27.42 51.59
C LEU P 204 87.45 28.17 52.86
N TYR P 205 86.56 27.57 53.64
CA TYR P 205 86.21 28.07 54.96
C TYR P 205 86.71 27.09 56.00
N ASP P 206 87.59 27.57 56.89
CA ASP P 206 88.19 26.73 57.92
C ASP P 206 87.59 27.09 59.27
N LEU P 207 87.11 26.07 59.98
CA LEU P 207 86.57 26.24 61.32
C LEU P 207 87.52 25.59 62.31
N LYS P 208 87.96 26.38 63.30
CA LYS P 208 88.91 25.92 64.30
C LYS P 208 88.24 25.87 65.66
N THR P 209 88.33 24.72 66.32
CA THR P 209 87.78 24.53 67.65
C THR P 209 88.91 24.26 68.63
N GLU P 210 88.96 25.02 69.70
CA GLU P 210 90.01 24.89 70.70
C GLU P 210 89.65 23.84 71.73
N ASN P 211 90.68 23.38 72.44
CA ASN P 211 90.54 22.30 73.41
C ASN P 211 91.20 22.73 74.72
N THR P 212 90.46 22.60 75.82
CA THR P 212 90.96 23.05 77.11
C THR P 212 91.94 22.04 77.70
N LEU P 213 93.06 22.54 78.21
CA LEU P 213 94.05 21.68 78.84
C LEU P 213 93.46 20.99 80.06
N LEU P 214 93.98 19.80 80.36
CA LEU P 214 93.45 19.00 81.46
C LEU P 214 93.62 19.73 82.77
N THR P 215 92.55 19.73 83.58
CA THR P 215 92.52 20.42 84.85
C THR P 215 92.44 19.40 85.99
N THR P 216 92.76 19.89 87.20
CA THR P 216 92.75 19.03 88.37
C THR P 216 91.36 18.49 88.66
N ASP P 217 90.33 19.32 88.47
CA ASP P 217 88.97 18.89 88.73
C ASP P 217 88.57 17.74 87.79
N ALA P 218 88.87 17.90 86.50
CA ALA P 218 88.56 16.84 85.54
C ALA P 218 89.35 15.57 85.84
N ALA P 219 90.63 15.72 86.20
CA ALA P 219 91.43 14.56 86.55
C ALA P 219 90.85 13.83 87.76
N PHE P 220 90.42 14.59 88.77
CA PHE P 220 89.83 13.97 89.96
C PHE P 220 88.51 13.30 89.63
N ASP P 221 87.72 13.90 88.74
CA ASP P 221 86.49 13.26 88.30
C ASP P 221 86.77 11.94 87.60
N LYS P 222 87.81 11.90 86.77
CA LYS P 222 88.16 10.68 86.06
C LYS P 222 89.01 9.73 86.90
N LEU P 223 89.36 10.10 88.12
CA LEU P 223 90.13 9.22 88.98
C LEU P 223 89.37 7.92 89.24
N GLY P 224 90.11 6.80 89.25
CA GLY P 224 89.53 5.50 89.49
C GLY P 224 90.22 4.80 90.63
N ASN P 225 89.76 3.58 90.89
CA ASN P 225 90.31 2.79 91.98
C ASN P 225 91.76 2.43 91.70
N GLY P 226 92.61 2.55 92.72
CA GLY P 226 94.01 2.25 92.59
C GLY P 226 94.86 3.34 91.97
N ASP P 227 94.29 4.50 91.68
CA ASP P 227 95.06 5.58 91.08
C ASP P 227 96.05 6.17 92.09
N LYS P 228 97.18 6.63 91.58
CA LYS P 228 98.27 7.15 92.41
C LYS P 228 98.52 8.61 92.09
N VAL P 229 98.55 9.44 93.13
CA VAL P 229 98.76 10.87 93.00
C VAL P 229 100.01 11.25 93.78
N THR P 230 100.95 11.91 93.12
CA THR P 230 102.22 12.30 93.73
C THR P 230 102.31 13.82 93.73
N VAL P 231 102.11 14.43 94.89
CA VAL P 231 102.27 15.86 95.08
C VAL P 231 103.19 16.10 96.28
N GLY P 232 104.17 16.97 96.10
CA GLY P 232 105.10 17.25 97.19
C GLY P 232 105.97 16.08 97.57
N GLY P 233 106.14 15.12 96.67
CA GLY P 233 106.99 13.97 96.92
C GLY P 233 106.37 12.85 97.73
N VAL P 234 105.08 12.94 98.06
CA VAL P 234 104.40 11.92 98.84
C VAL P 234 103.30 11.31 97.97
N ASP P 235 103.17 9.99 98.04
CA ASP P 235 102.26 9.25 97.18
C ASP P 235 100.95 8.95 97.91
N TYR P 236 99.84 9.23 97.25
CA TYR P 236 98.50 8.98 97.78
C TYR P 236 97.80 7.99 96.85
N THR P 237 97.03 7.07 97.41
CA THR P 237 96.29 6.09 96.62
C THR P 237 94.79 6.37 96.77
N TYR P 238 94.11 6.55 95.64
CA TYR P 238 92.68 6.80 95.65
C TYR P 238 91.93 5.54 96.06
N ASN P 239 90.91 5.72 96.89
CA ASN P 239 90.01 4.65 97.29
C ASN P 239 88.59 5.06 96.92
N ALA P 240 87.99 4.31 95.99
CA ALA P 240 86.64 4.58 95.54
C ALA P 240 85.58 4.10 96.53
N LYS P 241 85.88 3.04 97.29
CA LYS P 241 84.92 2.55 98.27
C LYS P 241 84.63 3.60 99.32
N SER P 242 85.66 4.26 99.83
CA SER P 242 85.48 5.38 100.74
C SER P 242 85.71 6.72 100.06
N GLY P 243 86.21 6.73 98.83
CA GLY P 243 86.40 7.96 98.09
C GLY P 243 87.38 8.94 98.71
N ASP P 244 88.56 8.46 99.09
CA ASP P 244 89.54 9.32 99.75
C ASP P 244 90.93 8.75 99.51
N PHE P 245 91.95 9.55 99.80
CA PHE P 245 93.31 9.13 99.55
C PHE P 245 93.91 8.48 100.80
N THR P 246 94.46 7.28 100.62
CA THR P 246 95.18 6.59 101.67
C THR P 246 96.68 6.77 101.45
N THR P 247 97.39 6.95 102.56
CA THR P 247 98.82 7.23 102.54
C THR P 247 99.52 6.28 103.50
N THR P 248 100.80 6.03 103.22
CA THR P 248 101.66 5.28 104.13
C THR P 248 102.75 6.22 104.64
N LYS P 249 102.69 6.53 105.94
CA LYS P 249 103.62 7.49 106.54
C LYS P 249 104.54 6.76 107.51
N SER P 250 105.85 6.89 107.29
CA SER P 250 106.81 6.46 108.27
C SER P 250 106.97 7.53 109.35
N THR P 251 107.49 7.13 110.50
CA THR P 251 107.69 8.07 111.60
C THR P 251 108.60 9.22 111.20
N ALA P 252 109.87 8.91 110.94
CA ALA P 252 110.87 9.92 110.65
C ALA P 252 112.14 9.22 110.19
N GLY P 253 113.23 9.98 110.08
CA GLY P 253 114.51 9.45 109.68
C GLY P 253 114.98 10.00 108.35
N THR P 254 115.87 10.98 108.41
CA THR P 254 116.45 11.60 107.22
C THR P 254 117.98 11.57 107.22
N GLY P 255 118.60 11.74 108.39
CA GLY P 255 120.04 11.64 108.44
C GLY P 255 120.53 10.22 108.23
N VAL P 256 121.78 10.10 107.78
CA VAL P 256 122.36 8.80 107.48
C VAL P 256 123.22 8.24 108.62
N ASP P 257 123.47 9.03 109.66
CA ASP P 257 124.29 8.60 110.79
C ASP P 257 123.55 8.84 112.09
N ALA P 258 124.09 8.28 113.17
CA ALA P 258 123.46 8.42 114.48
C ALA P 258 123.42 9.87 114.93
N ALA P 259 124.51 10.60 114.72
CA ALA P 259 124.57 12.02 115.10
C ALA P 259 123.97 12.86 113.97
N ALA P 260 122.65 12.77 113.86
CA ALA P 260 121.91 13.50 112.83
C ALA P 260 120.55 13.89 113.39
N GLN P 261 119.77 14.59 112.57
CA GLN P 261 118.43 15.00 112.96
C GLN P 261 117.42 13.87 112.90
N ALA P 262 117.82 12.70 112.42
CA ALA P 262 116.88 11.58 112.29
C ALA P 262 116.34 11.15 113.65
N ALA P 263 117.23 11.03 114.65
CA ALA P 263 116.78 10.63 115.98
C ALA P 263 115.85 11.67 116.60
N ASP P 264 116.19 12.95 116.44
CA ASP P 264 115.35 14.01 116.98
C ASP P 264 113.97 14.01 116.31
N SER P 265 113.94 13.85 114.98
CA SER P 265 112.67 13.81 114.27
C SER P 265 111.85 12.60 114.69
N ALA P 266 112.50 11.45 114.88
CA ALA P 266 111.78 10.27 115.33
C ALA P 266 111.18 10.49 116.71
N SER P 267 111.96 11.09 117.62
CA SER P 267 111.45 11.34 118.97
C SER P 267 110.27 12.30 118.95
N LYS P 268 110.38 13.39 118.19
CA LYS P 268 109.30 14.36 118.17
C LYS P 268 108.05 13.81 117.49
N ARG P 269 108.23 12.98 116.45
CA ARG P 269 107.08 12.35 115.82
C ARG P 269 106.41 11.33 116.74
N ASP P 270 107.22 10.59 117.51
CA ASP P 270 106.65 9.69 118.50
C ASP P 270 105.85 10.46 119.55
N ALA P 271 106.39 11.60 120.01
CA ALA P 271 105.66 12.42 120.96
C ALA P 271 104.37 12.95 120.35
N LEU P 272 104.41 13.37 119.09
CA LEU P 272 103.21 13.87 118.44
C LEU P 272 102.15 12.77 118.33
N ALA P 273 102.55 11.56 117.96
CA ALA P 273 101.61 10.46 117.89
C ALA P 273 101.02 10.14 119.26
N ALA P 274 101.86 10.14 120.30
CA ALA P 274 101.37 9.88 121.64
C ALA P 274 100.36 10.93 122.07
N THR P 275 100.61 12.20 121.72
CA THR P 275 99.64 13.24 122.02
C THR P 275 98.35 13.04 121.24
N LEU P 276 98.46 12.62 119.97
CA LEU P 276 97.26 12.37 119.18
C LEU P 276 96.43 11.23 119.76
N HIS P 277 97.08 10.26 120.42
CA HIS P 277 96.37 9.19 121.10
C HIS P 277 95.81 9.60 122.46
N ALA P 278 95.66 10.90 122.74
CA ALA P 278 95.17 11.32 124.05
C ALA P 278 93.75 10.80 124.28
N ASP P 279 92.79 11.28 123.48
CA ASP P 279 91.39 10.91 123.61
C ASP P 279 90.91 11.03 125.06
N VAL P 280 90.95 12.27 125.56
CA VAL P 280 90.63 12.52 126.96
C VAL P 280 89.16 12.24 127.25
N GLY P 281 88.28 12.59 126.31
CA GLY P 281 86.85 12.49 126.58
C GLY P 281 86.38 11.07 126.84
N LYS P 282 86.81 10.13 126.00
CA LYS P 282 86.35 8.76 126.09
C LYS P 282 87.52 7.80 125.92
N SER P 283 87.36 6.61 126.48
CA SER P 283 88.38 5.57 126.42
C SER P 283 88.30 4.81 125.10
N VAL P 284 89.43 4.21 124.71
CA VAL P 284 89.51 3.40 123.50
C VAL P 284 90.30 2.13 123.79
N ASN P 285 89.95 1.07 123.05
CA ASN P 285 90.55 -0.25 123.21
C ASN P 285 91.39 -0.60 121.98
N GLY P 286 92.50 -1.29 122.23
CA GLY P 286 93.37 -1.78 121.18
C GLY P 286 94.13 -3.02 121.60
N SER P 287 95.14 -3.39 120.81
CA SER P 287 95.93 -4.59 121.09
C SER P 287 97.39 -4.32 120.76
N TYR P 288 98.28 -4.80 121.63
CA TYR P 288 99.72 -4.67 121.47
C TYR P 288 100.30 -6.06 121.26
N THR P 289 100.97 -6.27 120.13
CA THR P 289 101.47 -7.59 119.75
C THR P 289 102.97 -7.52 119.58
N THR P 290 103.68 -8.41 120.27
CA THR P 290 105.13 -8.55 120.14
C THR P 290 105.41 -9.53 119.00
N LYS P 291 106.67 -9.99 118.91
CA LYS P 291 107.03 -10.93 117.85
C LYS P 291 106.24 -12.23 117.97
N ASP P 292 106.06 -12.73 119.20
CA ASP P 292 105.37 -13.98 119.41
C ASP P 292 104.24 -13.89 120.44
N GLY P 293 103.91 -12.70 120.92
CA GLY P 293 102.89 -12.58 121.94
C GLY P 293 101.98 -11.40 121.69
N THR P 294 100.77 -11.48 122.25
CA THR P 294 99.75 -10.47 122.07
C THR P 294 99.11 -10.17 123.42
N VAL P 295 98.71 -8.91 123.63
CA VAL P 295 98.08 -8.49 124.86
C VAL P 295 97.02 -7.45 124.53
N SER P 296 95.93 -7.45 125.30
CA SER P 296 94.90 -6.44 125.16
C SER P 296 95.40 -5.10 125.67
N PHE P 297 94.63 -4.05 125.39
CA PHE P 297 94.99 -2.70 125.79
C PHE P 297 93.71 -1.90 125.89
N GLU P 298 93.50 -1.20 127.00
CA GLU P 298 92.33 -0.36 127.19
C GLU P 298 92.77 0.95 127.83
N THR P 299 92.93 2.00 127.03
CA THR P 299 93.42 3.27 127.54
C THR P 299 92.26 4.24 127.68
N ASP P 300 92.35 5.12 128.69
CA ASP P 300 91.29 6.08 128.97
C ASP P 300 91.62 7.48 128.48
N SER P 301 92.73 8.04 128.94
CA SER P 301 93.10 9.40 128.58
C SER P 301 94.59 9.60 128.81
N ALA P 302 95.15 10.57 128.09
CA ALA P 302 96.57 10.92 128.20
C ALA P 302 97.49 9.73 127.95
N GLY P 303 97.00 8.74 127.20
CA GLY P 303 97.78 7.55 126.92
C GLY P 303 98.11 6.73 128.15
N ASN P 304 97.16 6.57 129.05
CA ASN P 304 97.35 5.79 130.26
C ASN P 304 96.95 4.34 129.98
N ILE P 305 97.86 3.41 130.26
CA ILE P 305 97.65 2.00 129.95
C ILE P 305 96.93 1.34 131.11
N THR P 306 95.77 0.74 130.83
CA THR P 306 95.00 0.00 131.82
C THR P 306 94.63 -1.35 131.23
N ILE P 307 94.97 -2.42 131.94
CA ILE P 307 94.69 -3.78 131.50
C ILE P 307 93.79 -4.43 132.54
N GLY P 308 92.56 -4.73 132.16
CA GLY P 308 91.63 -5.38 133.07
C GLY P 308 91.33 -4.59 134.31
N GLY P 309 91.28 -3.26 134.21
CA GLY P 309 91.04 -2.41 135.35
C GLY P 309 92.23 -2.14 136.23
N SER P 310 93.38 -2.71 135.92
CA SER P 310 94.61 -2.52 136.68
C SER P 310 95.68 -1.96 135.76
N GLN P 311 96.37 -0.91 136.22
CA GLN P 311 97.37 -0.25 135.40
C GLN P 311 98.57 -1.17 135.19
N ALA P 312 98.93 -1.41 133.93
CA ALA P 312 100.08 -2.23 133.60
C ALA P 312 101.28 -1.34 133.33
N TYR P 313 102.43 -1.97 133.07
CA TYR P 313 103.68 -1.26 132.88
C TYR P 313 104.45 -1.91 131.74
N VAL P 314 105.37 -1.14 131.17
CA VAL P 314 106.18 -1.58 130.04
C VAL P 314 107.61 -1.79 130.50
N ASP P 315 108.22 -2.88 130.03
CA ASP P 315 109.58 -3.22 130.36
C ASP P 315 110.55 -2.54 129.40
N ASP P 316 111.85 -2.86 129.55
CA ASP P 316 112.84 -2.30 128.65
C ASP P 316 112.64 -2.79 127.22
N ALA P 317 112.31 -4.07 127.04
CA ALA P 317 112.12 -4.66 125.74
C ALA P 317 110.71 -4.47 125.21
N GLY P 318 109.92 -3.59 125.82
CA GLY P 318 108.58 -3.32 125.36
C GLY P 318 107.52 -4.29 125.82
N ASN P 319 107.89 -5.32 126.57
CA ASN P 319 106.90 -6.29 127.05
C ASN P 319 105.99 -5.64 128.09
N LEU P 320 104.70 -5.96 128.02
CA LEU P 320 103.70 -5.38 128.90
C LEU P 320 103.40 -6.37 130.03
N THR P 321 103.56 -5.91 131.27
CA THR P 321 103.32 -6.76 132.43
C THR P 321 102.54 -5.99 133.48
N THR P 322 101.70 -6.70 134.24
CA THR P 322 100.92 -6.06 135.28
C THR P 322 101.75 -5.70 136.50
N ASN P 323 102.85 -6.40 136.74
CA ASN P 323 103.69 -6.19 137.92
C ASN P 323 104.84 -5.25 137.58
N ASN P 324 105.63 -4.93 138.61
CA ASN P 324 106.77 -4.04 138.50
C ASN P 324 108.04 -4.77 138.85
N ALA P 325 109.05 -4.66 137.99
CA ALA P 325 110.37 -5.25 138.22
C ALA P 325 111.36 -4.11 138.41
N GLY P 326 111.84 -3.94 139.64
CA GLY P 326 112.75 -2.85 139.93
C GLY P 326 112.16 -1.47 139.73
N SER P 327 110.86 -1.31 139.99
CA SER P 327 110.16 -0.03 139.84
C SER P 327 110.26 0.50 138.42
N ALA P 328 110.40 -0.39 137.44
CA ALA P 328 110.45 0.02 136.03
C ALA P 328 109.04 0.08 135.47
N ALA P 329 108.26 1.03 136.01
CA ALA P 329 106.85 1.13 135.64
C ALA P 329 106.66 1.91 134.34
N LYS P 330 107.01 3.20 134.35
CA LYS P 330 106.88 4.10 133.19
C LYS P 330 105.62 3.80 132.37
N ALA P 331 104.48 3.77 133.06
CA ALA P 331 103.20 3.42 132.43
C ALA P 331 102.64 4.65 131.73
N ASP P 332 103.11 4.86 130.49
CA ASP P 332 102.66 5.99 129.70
C ASP P 332 102.77 5.64 128.23
N MET P 333 101.97 6.34 127.41
CA MET P 333 102.00 6.12 125.97
C MET P 333 103.37 6.46 125.38
N LYS P 334 103.93 7.60 125.80
CA LYS P 334 105.24 8.00 125.28
C LYS P 334 106.31 6.99 125.65
N ALA P 335 106.31 6.53 126.91
CA ALA P 335 107.30 5.55 127.34
C ALA P 335 107.13 4.23 126.59
N LEU P 336 105.88 3.78 126.40
CA LEU P 336 105.64 2.55 125.67
C LEU P 336 106.11 2.66 124.23
N LEU P 337 105.81 3.77 123.57
CA LEU P 337 106.24 3.96 122.19
C LEU P 337 107.76 4.01 122.08
N LYS P 338 108.42 4.71 123.01
CA LYS P 338 109.87 4.78 122.97
C LYS P 338 110.50 3.42 123.23
N ALA P 339 109.95 2.66 124.18
CA ALA P 339 110.48 1.33 124.45
C ALA P 339 110.29 0.40 123.25
N ALA P 340 109.13 0.50 122.58
CA ALA P 340 108.92 -0.30 121.39
C ALA P 340 109.89 0.10 120.28
N SER P 341 110.13 1.40 120.10
CA SER P 341 111.04 1.86 119.07
C SER P 341 112.47 1.39 119.34
N GLU P 342 112.91 1.46 120.60
CA GLU P 342 114.26 1.05 120.96
C GLU P 342 114.38 -0.45 121.20
N GLY P 343 113.27 -1.19 121.14
CA GLY P 343 113.32 -2.61 121.39
C GLY P 343 114.06 -3.37 120.29
N SER P 344 114.58 -4.53 120.67
CA SER P 344 115.31 -5.36 119.70
C SER P 344 114.37 -5.88 118.61
N ASP P 345 113.14 -6.22 118.98
CA ASP P 345 112.18 -6.80 118.06
C ASP P 345 111.02 -5.83 117.84
N GLY P 346 110.52 -5.78 116.60
CA GLY P 346 109.41 -4.91 116.28
C GLY P 346 108.10 -5.39 116.88
N ALA P 347 107.11 -4.51 116.80
CA ALA P 347 105.80 -4.76 117.39
C ALA P 347 104.71 -4.25 116.45
N SER P 348 103.46 -4.59 116.80
CA SER P 348 102.29 -4.11 116.05
C SER P 348 101.22 -3.64 117.02
N LEU P 349 100.67 -2.46 116.77
CA LEU P 349 99.57 -1.91 117.54
C LEU P 349 98.33 -1.84 116.68
N THR P 350 97.22 -2.33 117.21
CA THR P 350 95.94 -2.25 116.53
C THR P 350 95.02 -1.36 117.36
N PHE P 351 94.48 -0.31 116.74
CA PHE P 351 93.61 0.63 117.44
C PHE P 351 92.25 0.71 116.77
N ASN P 352 91.45 1.69 117.17
CA ASN P 352 90.17 1.93 116.52
C ASN P 352 90.37 2.27 115.04
N GLY P 353 91.41 3.04 114.73
CA GLY P 353 91.70 3.39 113.36
C GLY P 353 92.62 2.40 112.67
N THR P 354 93.67 2.91 112.04
CA THR P 354 94.58 2.05 111.30
C THR P 354 95.55 1.33 112.25
N GLU P 355 96.18 0.28 111.72
CA GLU P 355 97.13 -0.51 112.48
C GLU P 355 98.54 0.01 112.24
N TYR P 356 99.28 0.20 113.33
CA TYR P 356 100.64 0.74 113.27
C TYR P 356 101.62 -0.41 113.41
N THR P 357 102.73 -0.34 112.68
CA THR P 357 103.79 -1.34 112.79
C THR P 357 105.09 -0.65 113.18
N ILE P 358 105.65 -1.04 114.33
CA ILE P 358 106.93 -0.53 114.79
C ILE P 358 107.99 -1.50 114.31
N ALA P 359 108.86 -1.01 113.42
CA ALA P 359 109.86 -1.86 112.79
C ALA P 359 111.00 -2.16 113.75
N LYS P 360 111.73 -3.23 113.45
CA LYS P 360 112.86 -3.67 114.25
C LYS P 360 113.95 -2.60 114.32
N GLY P 376 111.16 3.43 114.16
CA GLY P 376 110.26 3.80 113.07
C GLY P 376 108.93 3.09 113.14
N ILE P 377 107.86 3.83 112.87
CA ILE P 377 106.50 3.30 112.84
C ILE P 377 105.94 3.57 111.45
N THR P 378 105.47 2.53 110.78
CA THR P 378 104.79 2.64 109.51
C THR P 378 103.30 2.47 109.73
N TYR P 379 102.50 3.36 109.14
CA TYR P 379 101.06 3.31 109.35
C TYR P 379 100.33 3.97 108.19
N GLN P 380 99.09 3.54 108.01
CA GLN P 380 98.21 4.12 107.01
C GLN P 380 97.49 5.34 107.58
N ALA P 381 97.17 6.27 106.69
CA ALA P 381 96.46 7.49 107.07
C ALA P 381 95.50 7.87 105.97
N THR P 382 94.46 8.63 106.33
CA THR P 382 93.40 9.01 105.43
C THR P 382 93.40 10.52 105.24
N VAL P 383 93.36 10.97 103.99
CA VAL P 383 93.26 12.38 103.66
C VAL P 383 92.13 12.58 102.65
N SER P 384 91.47 13.73 102.74
CA SER P 384 90.34 14.03 101.88
C SER P 384 90.80 14.40 100.47
N LYS P 385 90.00 13.96 99.48
CA LYS P 385 90.28 14.34 98.10
C LYS P 385 90.21 15.85 97.92
N ASP P 386 89.24 16.51 98.58
CA ASP P 386 89.16 17.96 98.50
C ASP P 386 90.40 18.61 99.09
N VAL P 387 90.89 18.08 100.21
CA VAL P 387 92.10 18.63 100.80
C VAL P 387 93.27 18.51 99.83
N VAL P 388 93.50 17.29 99.33
CA VAL P 388 94.64 17.06 98.46
C VAL P 388 94.51 17.89 97.19
N LEU P 389 93.29 18.08 96.70
CA LEU P 389 93.06 19.00 95.59
C LEU P 389 93.51 20.40 95.96
N SER P 390 93.23 20.83 97.19
CA SER P 390 93.64 22.17 97.60
C SER P 390 95.16 22.32 97.59
N GLU P 391 95.89 21.32 98.10
CA GLU P 391 97.36 21.45 98.02
C GLU P 391 97.84 21.39 96.58
N THR P 392 97.22 20.56 95.74
CA THR P 392 97.68 20.45 94.36
C THR P 392 97.48 21.75 93.59
N LYS P 393 96.35 22.42 93.79
CA LYS P 393 96.06 23.66 93.08
C LYS P 393 96.50 24.90 93.85
N ALA P 394 97.11 24.74 95.02
CA ALA P 394 97.51 25.90 95.82
C ALA P 394 98.58 26.73 95.12
N ALA P 395 99.65 26.09 94.68
CA ALA P 395 100.77 26.80 94.07
C ALA P 395 101.33 25.95 92.94
N ALA P 396 102.51 26.33 92.45
CA ALA P 396 103.15 25.65 91.33
C ALA P 396 103.77 24.33 91.83
N ALA P 397 102.88 23.39 92.13
CA ALA P 397 103.30 22.08 92.58
C ALA P 397 103.63 21.18 91.40
N THR P 398 104.37 20.11 91.68
CA THR P 398 104.76 19.13 90.67
C THR P 398 103.90 17.88 90.74
N SER P 399 102.61 18.03 91.05
CA SER P 399 101.72 16.89 91.20
C SER P 399 101.59 16.13 89.89
N SER P 400 101.52 14.80 90.00
CA SER P 400 101.33 13.92 88.86
C SER P 400 100.29 12.86 89.22
N ILE P 401 99.42 12.54 88.27
CA ILE P 401 98.35 11.58 88.48
C ILE P 401 98.54 10.43 87.51
N THR P 402 98.49 9.21 88.03
CA THR P 402 98.63 8.00 87.22
C THR P 402 97.26 7.35 87.08
N PHE P 403 96.74 7.34 85.85
CA PHE P 403 95.48 6.67 85.56
C PHE P 403 95.80 5.22 85.21
N ASN P 404 95.24 4.29 85.99
CA ASN P 404 95.50 2.87 85.83
C ASN P 404 94.18 2.14 85.67
N SER P 405 94.06 1.38 84.58
CA SER P 405 92.89 0.55 84.33
C SER P 405 93.10 -0.89 84.79
N GLY P 406 94.21 -1.18 85.44
CA GLY P 406 94.56 -2.54 85.82
C GLY P 406 95.36 -3.28 84.76
N VAL P 407 95.34 -2.80 83.52
CA VAL P 407 96.12 -3.35 82.43
C VAL P 407 96.90 -2.21 81.79
N LEU P 408 96.19 -1.14 81.47
CA LEU P 408 96.73 0.03 80.78
C LEU P 408 96.92 1.16 81.78
N SER P 409 98.08 1.80 81.75
CA SER P 409 98.39 2.87 82.67
C SER P 409 99.06 4.03 81.94
N LYS P 410 98.77 5.25 82.37
CA LYS P 410 99.44 6.44 81.87
C LYS P 410 99.62 7.46 82.99
N THR P 411 100.80 8.07 83.05
CA THR P 411 101.12 9.09 84.04
C THR P 411 101.08 10.46 83.40
N ILE P 412 100.32 11.38 84.00
CA ILE P 412 100.19 12.74 83.52
C ILE P 412 100.73 13.68 84.59
N GLY P 413 101.72 14.49 84.23
CA GLY P 413 102.29 15.44 85.16
C GLY P 413 101.91 16.86 84.85
N PHE P 414 101.06 17.46 85.68
CA PHE P 414 100.54 18.80 85.45
C PHE P 414 100.81 19.67 86.66
N THR P 415 101.15 20.93 86.41
CA THR P 415 101.50 21.89 87.45
C THR P 415 100.37 22.88 87.61
N ALA P 416 99.71 22.84 88.78
CA ALA P 416 98.65 23.79 89.13
C ALA P 416 97.58 23.87 88.04
N GLY P 417 97.06 22.70 87.65
CA GLY P 417 96.05 22.67 86.62
C GLY P 417 96.56 22.13 85.29
N GLU P 418 96.83 23.04 84.36
CA GLU P 418 97.21 22.64 83.01
C GLU P 418 98.51 21.84 83.02
N SER P 419 98.61 20.91 82.08
CA SER P 419 99.81 20.08 81.97
C SER P 419 100.96 20.87 81.36
N SER P 420 102.13 20.77 81.98
CA SER P 420 103.33 21.45 81.51
C SER P 420 104.40 20.46 81.05
N ASP P 421 104.08 19.18 80.95
CA ASP P 421 105.04 18.15 80.57
C ASP P 421 105.08 17.89 79.08
N ALA P 422 104.74 18.90 78.27
CA ALA P 422 104.69 18.77 76.80
C ALA P 422 103.73 17.67 76.37
N ALA P 423 102.69 17.44 77.16
CA ALA P 423 101.69 16.42 76.89
C ALA P 423 100.39 17.10 76.49
N LYS P 424 99.79 16.62 75.40
CA LYS P 424 98.55 17.20 74.88
C LYS P 424 97.37 16.47 75.52
N SER P 425 97.02 16.90 76.73
CA SER P 425 95.87 16.38 77.45
C SER P 425 94.75 17.42 77.40
N TYR P 426 93.58 17.00 76.95
CA TYR P 426 92.48 17.95 76.76
C TYR P 426 91.15 17.25 77.04
N VAL P 427 90.12 18.06 77.25
CA VAL P 427 88.83 17.54 77.70
C VAL P 427 87.64 18.06 76.90
N ASP P 428 87.76 19.15 76.12
CA ASP P 428 86.58 19.85 75.62
C ASP P 428 85.75 19.04 74.63
N ASP P 429 86.32 18.01 74.00
CA ASP P 429 85.61 17.30 72.95
C ASP P 429 84.30 16.68 73.45
N LYS P 430 84.40 15.59 74.21
CA LYS P 430 83.26 14.92 74.79
C LYS P 430 83.48 14.64 76.28
N GLY P 431 84.40 15.35 76.91
CA GLY P 431 84.89 14.95 78.22
C GLY P 431 86.04 13.99 78.09
N GLY P 432 86.58 13.61 79.25
CA GLY P 432 87.67 12.67 79.22
C GLY P 432 88.98 13.29 78.74
N ILE P 433 89.89 12.42 78.34
CA ILE P 433 91.23 12.82 77.92
C ILE P 433 91.38 12.55 76.43
N THR P 434 92.03 13.49 75.74
CA THR P 434 92.31 13.33 74.32
C THR P 434 93.66 13.96 74.01
N ASN P 435 94.26 13.50 72.92
CA ASN P 435 95.57 13.97 72.49
C ASN P 435 95.50 14.98 71.36
N VAL P 436 94.31 15.47 71.03
CA VAL P 436 94.16 16.43 69.93
C VAL P 436 94.39 17.83 70.48
N ALA P 437 95.45 18.48 70.01
CA ALA P 437 95.75 19.84 70.46
C ALA P 437 94.77 20.84 69.86
N ASP P 438 94.52 20.73 68.56
CA ASP P 438 93.67 21.66 67.84
C ASP P 438 92.73 20.91 66.92
N TYR P 439 91.54 21.45 66.73
CA TYR P 439 90.51 20.84 65.90
C TYR P 439 90.13 21.82 64.81
N THR P 440 90.62 21.58 63.59
CA THR P 440 90.40 22.46 62.45
C THR P 440 89.91 21.64 61.27
N VAL P 441 88.81 22.08 60.66
CA VAL P 441 88.21 21.40 59.52
C VAL P 441 87.88 22.44 58.45
N SER P 442 87.94 22.04 57.19
CA SER P 442 87.75 22.94 56.05
C SER P 442 86.40 22.70 55.41
N TYR P 443 85.68 23.78 55.15
CA TYR P 443 84.37 23.73 54.52
C TYR P 443 84.43 24.46 53.19
N SER P 444 83.91 23.83 52.15
CA SER P 444 83.82 24.42 50.82
C SER P 444 82.38 24.80 50.55
N VAL P 445 82.18 26.03 50.09
CA VAL P 445 80.85 26.55 49.79
C VAL P 445 80.68 26.56 48.28
N ASN P 446 79.65 25.88 47.80
CA ASN P 446 79.38 25.84 46.36
C ASN P 446 78.84 27.20 45.93
N LYS P 447 79.45 27.77 44.89
CA LYS P 447 79.06 29.11 44.46
C LYS P 447 77.67 29.12 43.84
N ASP P 448 77.30 28.06 43.12
CA ASP P 448 75.99 28.02 42.48
C ASP P 448 74.92 27.58 43.46
N ASN P 449 75.06 26.36 44.01
CA ASN P 449 74.04 25.81 44.89
C ASN P 449 73.95 26.59 46.20
N GLY P 450 75.10 26.96 46.76
CA GLY P 450 75.15 27.57 48.08
C GLY P 450 75.36 26.58 49.21
N SER P 451 75.39 25.29 48.92
CA SER P 451 75.54 24.28 49.95
C SER P 451 76.98 24.24 50.47
N VAL P 452 77.13 23.76 51.70
CA VAL P 452 78.41 23.69 52.38
C VAL P 452 78.78 22.21 52.53
N THR P 453 80.01 21.86 52.11
CA THR P 453 80.48 20.50 52.18
C THR P 453 81.81 20.44 52.91
N VAL P 454 82.10 19.29 53.51
CA VAL P 454 83.38 19.09 54.19
C VAL P 454 84.43 18.73 53.16
N ALA P 455 85.55 19.45 53.17
CA ALA P 455 86.63 19.24 52.21
C ALA P 455 87.93 18.88 52.91
N GLY P 456 87.87 18.01 53.91
CA GLY P 456 89.04 17.60 54.65
C GLY P 456 89.28 18.44 55.89
N TYR P 457 90.36 18.10 56.59
CA TYR P 457 90.71 18.84 57.79
C TYR P 457 92.20 18.68 58.06
N ALA P 458 92.73 19.58 58.87
CA ALA P 458 94.11 19.53 59.31
C ALA P 458 94.17 19.73 60.82
N SER P 459 95.08 19.01 61.47
CA SER P 459 95.26 19.11 62.91
C SER P 459 96.74 19.24 63.24
N ALA P 460 97.03 19.95 64.33
CA ALA P 460 98.41 20.13 64.74
C ALA P 460 99.06 18.80 65.07
N THR P 461 98.37 17.96 65.82
CA THR P 461 98.85 16.62 66.12
C THR P 461 98.42 15.65 65.02
N ASP P 462 98.79 14.38 65.18
CA ASP P 462 98.42 13.38 64.19
C ASP P 462 96.92 13.14 64.15
N THR P 463 96.31 12.98 65.33
CA THR P 463 94.88 12.79 65.52
C THR P 463 94.45 11.41 65.04
N ASN P 464 95.37 10.69 64.37
CA ASN P 464 95.13 9.33 63.89
C ASN P 464 93.81 9.21 63.13
N LYS P 465 93.35 10.32 62.55
CA LYS P 465 92.07 10.37 61.85
C LYS P 465 90.92 9.92 62.74
N ASP P 466 91.02 10.20 64.04
CA ASP P 466 89.97 9.81 64.97
C ASP P 466 88.74 10.71 64.83
N TYR P 467 88.96 12.02 64.72
CA TYR P 467 87.88 12.98 64.51
C TYR P 467 87.62 13.27 63.04
N ALA P 468 87.94 12.34 62.16
CA ALA P 468 87.84 12.57 60.73
C ALA P 468 86.38 12.54 60.27
N PRO P 469 85.87 13.63 59.69
CA PRO P 469 84.54 13.58 59.07
C PRO P 469 84.63 13.20 57.61
N ALA P 470 83.53 12.66 57.10
CA ALA P 470 83.47 12.24 55.71
C ALA P 470 83.59 13.45 54.80
N ILE P 471 84.45 13.34 53.77
CA ILE P 471 84.67 14.43 52.84
C ILE P 471 83.56 14.45 51.80
N GLY P 472 83.04 15.64 51.52
CA GLY P 472 81.97 15.81 50.56
C GLY P 472 80.58 15.64 51.12
N THR P 473 80.44 15.45 52.42
CA THR P 473 79.14 15.32 53.04
C THR P 473 78.52 16.69 53.30
N ALA P 474 77.25 16.83 52.99
CA ALA P 474 76.56 18.10 53.20
C ALA P 474 76.59 18.48 54.68
N VAL P 475 76.79 19.76 54.94
CA VAL P 475 76.87 20.28 56.30
C VAL P 475 75.49 20.76 56.72
N ASN P 476 75.06 20.33 57.90
CA ASN P 476 73.74 20.65 58.42
C ASN P 476 73.86 21.43 59.71
N VAL P 477 72.84 22.25 59.98
CA VAL P 477 72.77 23.05 61.19
C VAL P 477 71.86 22.36 62.19
N ASN P 478 72.37 22.10 63.39
CA ASN P 478 71.60 21.43 64.41
C ASN P 478 70.45 22.32 64.88
N SER P 479 69.55 21.71 65.65
CA SER P 479 68.43 22.49 66.21
C SER P 479 68.94 23.58 67.13
N ALA P 480 69.95 23.27 67.95
CA ALA P 480 70.55 24.27 68.82
C ALA P 480 71.33 25.32 68.02
N GLY P 481 71.70 25.02 66.78
CA GLY P 481 72.42 25.96 65.94
C GLY P 481 73.86 25.60 65.64
N LYS P 482 74.32 24.43 66.07
CA LYS P 482 75.70 24.02 65.83
C LYS P 482 75.87 23.48 64.42
N ILE P 483 77.09 23.05 64.11
CA ILE P 483 77.42 22.43 62.84
C ILE P 483 77.51 20.93 63.04
N THR P 484 76.75 20.17 62.24
CA THR P 484 76.66 18.74 62.43
C THR P 484 76.34 18.09 61.09
N THR P 485 76.96 16.94 60.82
CA THR P 485 76.73 16.21 59.58
C THR P 485 75.50 15.32 59.64
N GLU P 486 74.89 15.14 60.82
CA GLU P 486 73.71 14.28 60.93
C GLU P 486 72.52 14.96 60.28
N THR P 487 71.78 14.20 59.48
CA THR P 487 70.63 14.76 58.77
C THR P 487 69.47 15.05 59.72
N THR P 488 69.17 14.10 60.60
CA THR P 488 67.99 14.17 61.45
C THR P 488 68.40 14.30 62.91
N SER P 489 67.69 15.16 63.64
CA SER P 489 67.90 15.35 65.07
C SER P 489 66.61 15.06 65.81
N ALA P 490 66.72 14.43 66.97
CA ALA P 490 65.55 14.07 67.75
C ALA P 490 64.81 15.31 68.23
N GLY P 491 63.51 15.17 68.40
CA GLY P 491 62.65 16.26 68.82
C GLY P 491 61.90 15.91 70.09
N SER P 492 60.73 16.53 70.23
CA SER P 492 59.90 16.35 71.42
C SER P 492 58.43 16.42 71.01
N ALA P 493 57.56 16.22 71.99
CA ALA P 493 56.13 16.23 71.74
C ALA P 493 55.65 17.62 71.33
N THR P 494 54.75 17.67 70.35
CA THR P 494 54.18 18.94 69.93
C THR P 494 53.37 19.56 71.05
N THR P 495 53.50 20.88 71.20
CA THR P 495 52.84 21.56 72.31
C THR P 495 51.32 21.63 72.12
N ASN P 496 50.88 21.90 70.90
CA ASN P 496 49.45 22.10 70.62
C ASN P 496 49.04 21.25 69.44
N PRO P 497 48.75 19.96 69.67
CA PRO P 497 48.43 19.08 68.53
C PRO P 497 47.07 19.38 67.92
N LEU P 498 46.07 19.65 68.77
CA LEU P 498 44.71 19.80 68.27
C LEU P 498 44.56 21.07 67.43
N ALA P 499 45.27 22.13 67.79
CA ALA P 499 45.23 23.34 66.98
C ALA P 499 45.79 23.10 65.58
N ALA P 500 46.92 22.40 65.50
CA ALA P 500 47.50 22.10 64.19
C ALA P 500 46.59 21.20 63.38
N LEU P 501 45.96 20.22 64.03
CA LEU P 501 45.01 19.36 63.32
C LEU P 501 43.82 20.16 62.81
N ASP P 502 43.33 21.11 63.61
CA ASP P 502 42.24 21.96 63.16
C ASP P 502 42.65 22.81 61.98
N ASP P 503 43.87 23.34 62.00
CA ASP P 503 44.35 24.13 60.86
C ASP P 503 44.41 23.29 59.60
N ALA P 504 44.92 22.06 59.72
CA ALA P 504 44.98 21.18 58.56
C ALA P 504 43.59 20.86 58.02
N ILE P 505 42.64 20.58 58.92
CA ILE P 505 41.28 20.27 58.48
C ILE P 505 40.66 21.49 57.81
N SER P 506 40.92 22.68 58.34
CA SER P 506 40.40 23.89 57.73
C SER P 506 40.96 24.10 56.33
N SER P 507 42.25 23.84 56.16
CA SER P 507 42.84 23.95 54.82
C SER P 507 42.20 22.97 53.85
N ILE P 508 41.99 21.73 54.30
CA ILE P 508 41.33 20.74 53.45
C ILE P 508 39.93 21.21 53.06
N ASP P 509 39.19 21.76 54.04
CA ASP P 509 37.84 22.24 53.78
C ASP P 509 37.84 23.39 52.77
N LYS P 510 38.81 24.30 52.90
CA LYS P 510 38.89 25.41 51.95
C LYS P 510 39.16 24.91 50.54
N PHE P 511 40.06 23.95 50.40
CA PHE P 511 40.33 23.39 49.08
C PHE P 511 39.08 22.73 48.50
N ARG P 512 38.37 21.97 49.32
CA ARG P 512 37.15 21.31 48.84
C ARG P 512 36.10 22.33 48.42
N SER P 513 35.96 23.41 49.19
CA SER P 513 35.00 24.45 48.84
C SER P 513 35.36 25.11 47.51
N SER P 514 36.65 25.39 47.29
CA SER P 514 37.06 25.99 46.02
C SER P 514 36.75 25.05 44.86
N LEU P 515 37.05 23.76 45.02
CA LEU P 515 36.76 22.81 43.95
C LEU P 515 35.26 22.76 43.67
N GLY P 516 34.44 22.73 44.72
CA GLY P 516 33.01 22.68 44.52
C GLY P 516 32.48 23.90 43.77
N ALA P 517 32.96 25.08 44.15
CA ALA P 517 32.52 26.29 43.45
C ALA P 517 32.92 26.27 41.98
N ILE P 518 34.17 25.88 41.70
CA ILE P 518 34.62 25.87 40.32
C ILE P 518 33.81 24.87 39.50
N GLN P 519 33.51 23.70 40.07
CA GLN P 519 32.74 22.72 39.34
C GLN P 519 31.31 23.17 39.10
N ASN P 520 30.70 23.85 40.08
CA ASN P 520 29.35 24.37 39.86
C ASN P 520 29.33 25.38 38.71
N ARG P 521 30.31 26.30 38.70
CA ARG P 521 30.35 27.26 37.61
C ARG P 521 30.62 26.57 36.27
N LEU P 522 31.40 25.48 36.28
CA LEU P 522 31.63 24.75 35.05
C LEU P 522 30.35 24.13 34.52
N ASP P 523 29.54 23.56 35.41
CA ASP P 523 28.25 23.01 35.00
C ASP P 523 27.34 24.07 34.41
N SER P 524 27.31 25.25 35.05
CA SER P 524 26.52 26.36 34.50
C SER P 524 27.02 26.73 33.11
N ALA P 525 28.33 26.73 32.92
CA ALA P 525 28.89 27.01 31.60
C ALA P 525 28.44 25.98 30.58
N VAL P 526 28.40 24.71 30.98
CA VAL P 526 27.92 23.65 30.08
C VAL P 526 26.50 23.93 29.63
N THR P 527 25.64 24.28 30.59
CA THR P 527 24.24 24.53 30.25
C THR P 527 24.11 25.71 29.29
N ASN P 528 24.83 26.80 29.56
CA ASN P 528 24.76 27.95 28.67
C ASN P 528 25.27 27.61 27.27
N LEU P 529 26.34 26.82 27.19
CA LEU P 529 26.87 26.42 25.89
C LEU P 529 25.85 25.61 25.11
N ASN P 530 25.15 24.70 25.78
CA ASN P 530 24.13 23.91 25.09
C ASN P 530 23.02 24.80 24.54
N ASN P 531 22.55 25.75 25.36
CA ASN P 531 21.49 26.64 24.89
C ASN P 531 21.96 27.46 23.68
N THR P 532 23.17 28.00 23.75
CA THR P 532 23.68 28.80 22.64
C THR P 532 23.85 27.97 21.38
N THR P 533 24.31 26.72 21.53
CA THR P 533 24.44 25.84 20.38
C THR P 533 23.09 25.60 19.72
N THR P 534 22.06 25.36 20.53
CA THR P 534 20.72 25.13 19.97
C THR P 534 20.24 26.36 19.21
N ASN P 535 20.41 27.55 19.80
CA ASN P 535 19.93 28.76 19.14
C ASN P 535 20.69 29.02 17.84
N LEU P 536 22.00 28.81 17.84
CA LEU P 536 22.76 29.05 16.61
C LEU P 536 22.43 28.02 15.53
N SER P 537 22.15 26.78 15.92
CA SER P 537 21.68 25.80 14.93
C SER P 537 20.36 26.23 14.33
N GLU P 538 19.45 26.75 15.17
CA GLU P 538 18.23 27.36 14.64
C GLU P 538 18.53 28.45 13.61
N ALA P 539 19.43 29.37 13.93
CA ALA P 539 19.71 30.46 13.02
C ALA P 539 20.29 29.96 11.69
N GLN P 540 21.20 29.00 11.76
CA GLN P 540 21.75 28.43 10.54
C GLN P 540 20.67 27.76 9.71
N SER P 541 19.74 27.06 10.37
CA SER P 541 18.63 26.46 9.65
C SER P 541 17.76 27.52 8.98
N ARG P 542 17.58 28.66 9.66
CA ARG P 542 16.84 29.77 9.06
C ARG P 542 17.50 30.22 7.77
N ILE P 543 18.82 30.41 7.80
CA ILE P 543 19.51 30.94 6.63
C ILE P 543 19.54 29.93 5.49
N GLN P 544 19.90 28.69 5.80
CA GLN P 544 20.02 27.61 4.83
C GLN P 544 18.70 26.84 4.74
N ASP P 545 18.75 25.61 4.21
CA ASP P 545 17.65 24.66 4.29
C ASP P 545 16.39 25.12 3.55
N ALA P 546 16.46 25.13 2.22
CA ALA P 546 15.32 25.52 1.40
C ALA P 546 14.07 24.71 1.73
N ASP P 547 12.92 25.27 1.36
CA ASP P 547 11.62 24.68 1.64
C ASP P 547 11.25 23.69 0.54
N TYR P 548 11.07 22.42 0.91
CA TYR P 548 10.68 21.42 -0.08
C TYR P 548 9.34 21.72 -0.73
N ALA P 549 8.40 22.32 0.00
CA ALA P 549 7.14 22.69 -0.64
C ALA P 549 7.38 23.62 -1.83
N THR P 550 8.13 24.70 -1.59
CA THR P 550 8.39 25.67 -2.65
C THR P 550 9.21 25.04 -3.78
N GLU P 551 10.21 24.25 -3.43
CA GLU P 551 11.05 23.66 -4.49
C GLU P 551 10.28 22.65 -5.32
N VAL P 552 9.42 21.85 -4.70
CA VAL P 552 8.61 20.90 -5.45
C VAL P 552 7.67 21.64 -6.39
N SER P 553 7.02 22.70 -5.90
CA SER P 553 6.16 23.49 -6.78
C SER P 553 6.95 24.07 -7.94
N ASN P 554 8.15 24.59 -7.65
CA ASN P 554 8.97 25.20 -8.69
C ASN P 554 9.37 24.19 -9.74
N MET P 555 9.82 23.00 -9.33
CA MET P 555 10.24 22.02 -10.33
C MET P 555 9.05 21.51 -11.13
N SER P 556 7.88 21.36 -10.49
CA SER P 556 6.73 20.86 -11.22
C SER P 556 6.29 21.85 -12.29
N LYS P 557 6.22 23.14 -11.93
CA LYS P 557 5.86 24.12 -12.94
C LYS P 557 6.95 24.25 -14.00
N ALA P 558 8.21 24.06 -13.61
CA ALA P 558 9.30 24.11 -14.59
C ALA P 558 9.19 22.95 -15.58
N GLN P 559 8.86 21.75 -15.09
CA GLN P 559 8.68 20.61 -15.99
C GLN P 559 7.52 20.84 -16.94
N ILE P 560 6.40 21.39 -16.43
CA ILE P 560 5.27 21.66 -17.31
C ILE P 560 5.65 22.70 -18.36
N ILE P 561 6.38 23.75 -17.95
CA ILE P 561 6.79 24.76 -18.92
C ILE P 561 7.71 24.15 -19.97
N GLN P 562 8.60 23.24 -19.55
CA GLN P 562 9.50 22.61 -20.50
C GLN P 562 8.74 21.74 -21.50
N GLN P 563 7.77 20.96 -21.03
CA GLN P 563 6.99 20.13 -21.94
C GLN P 563 6.18 21.00 -22.90
N ALA P 564 5.59 22.09 -22.39
CA ALA P 564 4.85 23.00 -23.26
C ALA P 564 5.77 23.62 -24.30
N GLY P 565 6.97 24.01 -23.88
CA GLY P 565 7.92 24.58 -24.82
C GLY P 565 8.33 23.58 -25.89
N ASN P 566 8.53 22.32 -25.50
CA ASN P 566 8.88 21.29 -26.47
C ASN P 566 7.76 21.07 -27.48
N SER P 567 6.51 21.01 -26.99
CA SER P 567 5.39 20.81 -27.91
C SER P 567 5.22 22.00 -28.86
N VAL P 568 5.33 23.22 -28.33
CA VAL P 568 5.23 24.40 -29.18
C VAL P 568 6.39 24.46 -30.16
N LEU P 569 7.57 24.01 -29.72
CA LEU P 569 8.73 23.94 -30.61
C LEU P 569 8.48 22.96 -31.74
N ALA P 570 7.84 21.82 -31.43
CA ALA P 570 7.50 20.87 -32.48
C ALA P 570 6.51 21.49 -33.46
N LYS P 571 5.53 22.24 -32.95
CA LYS P 571 4.57 22.88 -33.84
C LYS P 571 5.23 23.95 -34.71
N ALA P 572 6.16 24.72 -34.15
CA ALA P 572 6.85 25.74 -34.93
C ALA P 572 7.82 25.12 -35.93
N ASN P 573 8.55 24.08 -35.51
CA ASN P 573 9.41 23.31 -36.39
C ASN P 573 8.61 22.54 -37.43
N GLN P 574 7.30 22.46 -37.28
CA GLN P 574 6.45 22.10 -38.41
C GLN P 574 6.48 23.30 -39.34
N VAL P 575 7.67 23.53 -39.90
CA VAL P 575 7.99 24.69 -40.71
C VAL P 575 7.20 24.60 -42.00
N PRO P 576 7.00 25.69 -42.73
CA PRO P 576 6.11 25.65 -43.89
C PRO P 576 6.50 24.62 -44.93
N GLN P 577 5.66 23.60 -45.10
CA GLN P 577 5.61 22.86 -46.35
C GLN P 577 4.56 23.42 -47.28
N GLN P 578 3.83 24.44 -46.85
CA GLN P 578 2.93 25.15 -47.74
C GLN P 578 3.70 25.84 -48.87
N VAL P 579 4.97 26.14 -48.66
CA VAL P 579 5.79 26.61 -49.77
C VAL P 579 5.94 25.52 -50.82
N LEU P 580 6.16 24.28 -50.39
CA LEU P 580 6.18 23.16 -51.32
C LEU P 580 4.83 23.02 -52.00
N SER P 581 3.75 23.21 -51.24
CA SER P 581 2.40 23.12 -51.80
C SER P 581 2.21 24.16 -52.91
N LEU P 582 2.70 25.38 -52.70
CA LEU P 582 2.68 26.39 -53.75
C LEU P 582 3.56 26.01 -54.93
N LEU P 583 4.64 25.28 -54.66
CA LEU P 583 5.66 25.09 -55.69
C LEU P 583 5.11 24.35 -56.91
N GLN P 584 4.34 23.28 -56.70
CA GLN P 584 3.89 22.52 -57.85
C GLN P 584 2.73 23.19 -58.59
N GLY P 585 2.13 24.23 -58.00
CA GLY P 585 1.02 24.93 -58.64
C GLY P 585 1.46 25.81 -59.79
N MET Q 1 -25.50 -1.59 -37.58
CA MET Q 1 -24.38 -0.70 -37.33
C MET Q 1 -23.86 -0.10 -38.63
N ALA Q 2 -23.27 -0.93 -39.48
CA ALA Q 2 -22.72 -0.44 -40.74
C ALA Q 2 -23.79 0.22 -41.60
N GLN Q 3 -25.04 -0.23 -41.48
CA GLN Q 3 -26.10 0.25 -42.36
C GLN Q 3 -26.78 1.53 -41.84
N VAL Q 4 -26.69 1.82 -40.55
CA VAL Q 4 -27.41 2.96 -39.96
C VAL Q 4 -26.45 3.76 -39.11
N ILE Q 5 -26.59 5.09 -39.15
CA ILE Q 5 -25.84 5.97 -38.26
C ILE Q 5 -26.72 6.90 -37.45
N ASN Q 6 -28.01 7.00 -37.76
CA ASN Q 6 -28.86 7.96 -37.07
C ASN Q 6 -29.16 7.52 -35.65
N THR Q 7 -29.18 6.22 -35.38
CA THR Q 7 -29.43 5.68 -34.06
C THR Q 7 -28.41 4.60 -33.74
N ASN Q 8 -28.36 4.22 -32.46
CA ASN Q 8 -27.45 3.16 -32.02
C ASN Q 8 -28.24 2.24 -31.09
N SER Q 9 -28.74 1.14 -31.64
CA SER Q 9 -29.44 0.15 -30.85
C SER Q 9 -28.56 -0.40 -29.73
N LEU Q 10 -27.29 -0.65 -30.04
CA LEU Q 10 -26.36 -1.16 -29.04
C LEU Q 10 -26.19 -0.16 -27.89
N SER Q 11 -26.04 1.12 -28.23
CA SER Q 11 -25.89 2.13 -27.19
C SER Q 11 -27.13 2.22 -26.32
N LEU Q 12 -28.31 2.17 -26.94
CA LEU Q 12 -29.55 2.24 -26.15
C LEU Q 12 -29.67 1.06 -25.20
N ILE Q 13 -29.39 -0.15 -25.69
CA ILE Q 13 -29.49 -1.34 -24.85
C ILE Q 13 -28.48 -1.27 -23.70
N THR Q 14 -27.26 -0.86 -24.00
CA THR Q 14 -26.25 -0.75 -22.96
C THR Q 14 -26.65 0.28 -21.91
N GLN Q 15 -27.21 1.41 -22.34
CA GLN Q 15 -27.65 2.42 -21.38
C GLN Q 15 -28.75 1.88 -20.48
N ASN Q 16 -29.70 1.13 -21.06
CA ASN Q 16 -30.76 0.55 -20.25
C ASN Q 16 -30.19 -0.39 -19.20
N ASN Q 17 -29.25 -1.25 -19.61
CA ASN Q 17 -28.66 -2.19 -18.66
C ASN Q 17 -27.87 -1.47 -17.58
N ILE Q 18 -27.18 -0.39 -17.96
CA ILE Q 18 -26.42 0.39 -16.97
C ILE Q 18 -27.35 0.98 -15.93
N ASN Q 19 -28.48 1.54 -16.36
CA ASN Q 19 -29.44 2.10 -15.41
C ASN Q 19 -30.00 1.02 -14.49
N LYS Q 20 -30.31 -0.15 -15.06
CA LYS Q 20 -30.83 -1.25 -14.25
C LYS Q 20 -29.84 -1.64 -13.17
N ASN Q 21 -28.55 -1.69 -13.50
CA ASN Q 21 -27.54 -1.98 -12.48
C ASN Q 21 -27.40 -0.83 -11.49
N GLN Q 22 -27.56 0.39 -11.97
CA GLN Q 22 -27.40 1.57 -11.12
C GLN Q 22 -28.39 1.55 -9.97
N SER Q 23 -29.62 1.13 -10.24
CA SER Q 23 -30.61 1.04 -9.17
C SER Q 23 -30.08 0.19 -8.00
N ALA Q 24 -29.61 -1.02 -8.31
CA ALA Q 24 -29.14 -1.93 -7.26
C ALA Q 24 -27.88 -1.40 -6.60
N LEU Q 25 -26.99 -0.78 -7.37
CA LEU Q 25 -25.78 -0.21 -6.78
C LEU Q 25 -26.11 0.84 -5.73
N SER Q 26 -27.00 1.77 -6.08
CA SER Q 26 -27.40 2.80 -5.12
C SER Q 26 -28.07 2.18 -3.90
N SER Q 27 -28.95 1.20 -4.12
CA SER Q 27 -29.62 0.56 -3.00
C SER Q 27 -28.60 -0.06 -2.03
N SER Q 28 -27.65 -0.82 -2.58
CA SER Q 28 -26.67 -1.50 -1.73
C SER Q 28 -25.81 -0.50 -0.96
N ILE Q 29 -25.35 0.57 -1.63
CA ILE Q 29 -24.49 1.54 -0.96
C ILE Q 29 -25.25 2.23 0.17
N GLU Q 30 -26.49 2.64 -0.08
CA GLU Q 30 -27.23 3.31 0.99
C GLU Q 30 -27.54 2.34 2.14
N ARG Q 31 -27.79 1.07 1.83
CA ARG Q 31 -28.04 0.10 2.89
C ARG Q 31 -26.81 -0.09 3.76
N LEU Q 32 -25.62 -0.16 3.15
CA LEU Q 32 -24.41 -0.25 3.96
C LEU Q 32 -24.19 1.01 4.79
N SER Q 33 -24.43 2.18 4.20
CA SER Q 33 -24.21 3.42 4.93
C SER Q 33 -25.11 3.51 6.15
N SER Q 34 -26.39 3.16 5.99
CA SER Q 34 -27.33 3.28 7.11
C SER Q 34 -27.15 2.15 8.12
N GLY Q 35 -26.86 0.94 7.65
CA GLY Q 35 -26.78 -0.19 8.55
C GLY Q 35 -28.10 -0.81 8.93
N LEU Q 36 -29.13 -0.65 8.09
CA LEU Q 36 -30.46 -1.18 8.34
C LEU Q 36 -30.97 -1.92 7.12
N ARG Q 37 -31.60 -3.08 7.34
CA ARG Q 37 -32.14 -3.84 6.22
C ARG Q 37 -33.36 -3.15 5.60
N ILE Q 38 -34.29 -2.72 6.44
CA ILE Q 38 -35.48 -2.01 5.98
C ILE Q 38 -35.20 -0.52 6.08
N ASN Q 39 -35.05 0.11 4.93
CA ASN Q 39 -34.64 1.50 4.87
C ASN Q 39 -35.63 2.27 4.01
N SER Q 40 -36.19 3.34 4.58
CA SER Q 40 -37.13 4.24 3.91
C SER Q 40 -38.37 3.51 3.39
N ALA Q 41 -38.61 2.29 3.86
CA ALA Q 41 -39.82 1.53 3.55
C ALA Q 41 -40.07 1.38 2.05
N LYS Q 42 -39.01 1.29 1.25
CA LYS Q 42 -39.12 1.05 -0.17
C LYS Q 42 -39.36 -0.43 -0.48
N ASP Q 43 -39.67 -1.20 0.56
CA ASP Q 43 -39.71 -2.65 0.50
C ASP Q 43 -40.91 -3.10 1.33
N ASP Q 44 -40.91 -4.36 1.75
CA ASP Q 44 -42.01 -4.89 2.57
C ASP Q 44 -42.29 -3.97 3.75
N ALA Q 45 -43.45 -3.31 3.71
CA ALA Q 45 -43.82 -2.36 4.75
C ALA Q 45 -44.26 -3.05 6.03
N ALA Q 46 -44.57 -4.35 5.95
CA ALA Q 46 -44.85 -5.11 7.16
C ALA Q 46 -43.64 -5.09 8.09
N GLY Q 47 -42.44 -5.23 7.53
CA GLY Q 47 -41.24 -5.13 8.34
C GLY Q 47 -41.11 -3.78 9.01
N GLN Q 48 -41.40 -2.70 8.27
CA GLN Q 48 -41.35 -1.37 8.84
C GLN Q 48 -42.30 -1.23 10.02
N ALA Q 49 -43.56 -1.65 9.82
CA ALA Q 49 -44.56 -1.51 10.88
C ALA Q 49 -44.18 -2.35 12.09
N ILE Q 50 -43.73 -3.58 11.87
CA ILE Q 50 -43.38 -4.46 13.00
C ILE Q 50 -42.17 -3.92 13.74
N ALA Q 51 -41.21 -3.34 13.00
CA ALA Q 51 -40.06 -2.73 13.66
C ALA Q 51 -40.50 -1.55 14.52
N ASN Q 52 -41.45 -0.74 14.02
CA ASN Q 52 -41.97 0.35 14.84
C ASN Q 52 -42.63 -0.16 16.10
N ARG Q 53 -43.43 -1.22 15.98
CA ARG Q 53 -44.09 -1.79 17.16
C ARG Q 53 -43.07 -2.29 18.16
N PHE Q 54 -42.02 -2.96 17.67
CA PHE Q 54 -41.00 -3.48 18.57
C PHE Q 54 -40.25 -2.36 19.27
N THR Q 55 -39.95 -1.28 18.53
CA THR Q 55 -39.26 -0.15 19.15
C THR Q 55 -40.11 0.47 20.25
N SER Q 56 -41.41 0.63 19.99
CA SER Q 56 -42.31 1.15 21.01
C SER Q 56 -42.33 0.24 22.24
N ASN Q 57 -42.42 -1.07 22.03
CA ASN Q 57 -42.44 -2.00 23.15
C ASN Q 57 -41.15 -1.94 23.95
N ILE Q 58 -40.01 -1.86 23.26
CA ILE Q 58 -38.72 -1.85 23.96
C ILE Q 58 -38.59 -0.61 24.83
N LYS Q 59 -38.91 0.56 24.26
CA LYS Q 59 -38.82 1.79 25.04
C LYS Q 59 -39.76 1.74 26.24
N GLY Q 60 -41.00 1.29 26.02
CA GLY Q 60 -41.95 1.20 27.12
C GLY Q 60 -41.48 0.28 28.22
N LEU Q 61 -40.93 -0.88 27.85
CA LEU Q 61 -40.46 -1.83 28.85
C LEU Q 61 -39.28 -1.27 29.65
N THR Q 62 -38.35 -0.59 28.98
CA THR Q 62 -37.24 0.00 29.70
C THR Q 62 -37.72 1.04 30.71
N GLN Q 63 -38.64 1.91 30.29
CA GLN Q 63 -39.16 2.91 31.21
C GLN Q 63 -39.93 2.25 32.36
N ALA Q 64 -40.64 1.15 32.07
CA ALA Q 64 -41.35 0.44 33.11
C ALA Q 64 -40.38 -0.16 34.13
N ALA Q 65 -39.25 -0.68 33.67
CA ALA Q 65 -38.24 -1.17 34.60
C ALA Q 65 -37.73 -0.06 35.50
N ARG Q 66 -37.50 1.13 34.94
CA ARG Q 66 -37.07 2.25 35.77
C ARG Q 66 -38.14 2.59 36.83
N ASN Q 67 -39.41 2.59 36.42
CA ASN Q 67 -40.49 2.89 37.36
C ASN Q 67 -40.53 1.85 38.48
N ALA Q 68 -40.34 0.58 38.14
CA ALA Q 68 -40.33 -0.47 39.17
C ALA Q 68 -39.18 -0.27 40.13
N ASN Q 69 -38.02 0.16 39.64
CA ASN Q 69 -36.91 0.46 40.53
C ASN Q 69 -37.28 1.57 41.51
N ASP Q 70 -37.96 2.60 41.02
CA ASP Q 70 -38.41 3.67 41.92
C ASP Q 70 -39.36 3.12 42.99
N GLY Q 71 -40.27 2.23 42.59
CA GLY Q 71 -41.16 1.63 43.56
C GLY Q 71 -40.41 0.84 44.62
N ILE Q 72 -39.37 0.12 44.23
CA ILE Q 72 -38.55 -0.61 45.18
C ILE Q 72 -37.93 0.37 46.18
N SER Q 73 -37.47 1.52 45.69
CA SER Q 73 -36.89 2.53 46.58
C SER Q 73 -37.92 2.99 47.60
N VAL Q 74 -39.15 3.24 47.15
CA VAL Q 74 -40.21 3.67 48.07
C VAL Q 74 -40.42 2.64 49.17
N ALA Q 75 -40.49 1.36 48.76
CA ALA Q 75 -40.70 0.30 49.74
C ALA Q 75 -39.56 0.24 50.74
N GLN Q 76 -38.32 0.40 50.28
CA GLN Q 76 -37.18 0.34 51.19
C GLN Q 76 -37.25 1.45 52.22
N THR Q 77 -37.55 2.68 51.79
CA THR Q 77 -37.61 3.80 52.74
C THR Q 77 -38.69 3.57 53.78
N THR Q 78 -39.89 3.14 53.33
CA THR Q 78 -40.96 2.89 54.27
C THR Q 78 -40.58 1.79 55.26
N GLU Q 79 -39.92 0.74 54.79
CA GLU Q 79 -39.53 -0.35 55.68
C GLU Q 79 -38.52 0.12 56.73
N GLY Q 80 -37.58 1.00 56.35
CA GLY Q 80 -36.67 1.52 57.34
C GLY Q 80 -37.38 2.32 58.43
N ALA Q 81 -38.32 3.18 58.03
CA ALA Q 81 -39.08 3.93 59.03
C ALA Q 81 -39.84 2.98 59.96
N LEU Q 82 -40.45 1.94 59.39
CA LEU Q 82 -41.18 0.97 60.20
C LEU Q 82 -40.25 0.27 61.18
N SER Q 83 -39.03 -0.05 60.75
CA SER Q 83 -38.08 -0.71 61.65
C SER Q 83 -37.76 0.16 62.85
N GLU Q 84 -37.53 1.46 62.61
CA GLU Q 84 -37.25 2.35 63.74
C GLU Q 84 -38.45 2.43 64.69
N ILE Q 85 -39.65 2.52 64.14
CA ILE Q 85 -40.84 2.57 64.99
C ILE Q 85 -40.95 1.29 65.82
N ASN Q 86 -40.64 0.15 65.22
CA ASN Q 86 -40.71 -1.12 65.94
C ASN Q 86 -39.71 -1.16 67.10
N ASN Q 87 -38.50 -0.67 66.88
CA ASN Q 87 -37.53 -0.63 67.96
C ASN Q 87 -38.04 0.23 69.12
N ASN Q 88 -38.62 1.40 68.79
CA ASN Q 88 -39.17 2.24 69.85
C ASN Q 88 -40.27 1.52 70.62
N LEU Q 89 -41.15 0.81 69.91
CA LEU Q 89 -42.24 0.11 70.59
C LEU Q 89 -41.71 -1.00 71.50
N GLN Q 90 -40.69 -1.73 71.05
CA GLN Q 90 -40.10 -2.75 71.91
C GLN Q 90 -39.55 -2.14 73.19
N ARG Q 91 -38.85 -1.00 73.08
CA ARG Q 91 -38.32 -0.36 74.27
C ARG Q 91 -39.44 0.09 75.20
N ILE Q 92 -40.53 0.62 74.63
CA ILE Q 92 -41.66 1.04 75.46
C ILE Q 92 -42.25 -0.15 76.20
N ARG Q 93 -42.36 -1.29 75.54
CA ARG Q 93 -42.88 -2.48 76.22
C ARG Q 93 -41.97 -2.88 77.38
N GLU Q 94 -40.66 -2.84 77.17
CA GLU Q 94 -39.75 -3.21 78.26
C GLU Q 94 -39.91 -2.25 79.43
N LEU Q 95 -40.07 -0.95 79.15
CA LEU Q 95 -40.33 0.01 80.21
C LEU Q 95 -41.62 -0.30 80.96
N THR Q 96 -42.67 -0.68 80.24
CA THR Q 96 -43.93 -1.00 80.92
C THR Q 96 -43.76 -2.21 81.83
N VAL Q 97 -43.02 -3.22 81.37
CA VAL Q 97 -42.75 -4.38 82.20
C VAL Q 97 -42.00 -3.96 83.46
N GLN Q 98 -41.08 -3.01 83.32
CA GLN Q 98 -40.40 -2.49 84.50
C GLN Q 98 -41.35 -1.74 85.43
N ALA Q 99 -42.31 -1.02 84.86
CA ALA Q 99 -43.16 -0.14 85.66
C ALA Q 99 -44.23 -0.89 86.44
N THR Q 100 -44.75 -1.99 85.88
CA THR Q 100 -45.87 -2.65 86.52
C THR Q 100 -45.52 -3.31 87.86
N THR Q 101 -44.24 -3.41 88.20
CA THR Q 101 -43.84 -4.01 89.46
C THR Q 101 -44.40 -3.21 90.64
N GLY Q 102 -44.79 -3.92 91.70
CA GLY Q 102 -45.33 -3.27 92.88
C GLY Q 102 -44.30 -2.64 93.80
N THR Q 103 -43.00 -2.85 93.52
CA THR Q 103 -41.96 -2.23 94.35
C THR Q 103 -41.81 -0.75 94.03
N ASN Q 104 -41.98 -0.37 92.77
CA ASN Q 104 -41.71 1.00 92.35
C ASN Q 104 -42.62 1.99 93.05
N SER Q 105 -42.08 3.16 93.36
CA SER Q 105 -42.82 4.20 94.06
C SER Q 105 -43.34 5.24 93.06
N ASP Q 106 -43.94 6.30 93.58
CA ASP Q 106 -44.60 7.29 92.72
C ASP Q 106 -43.59 8.03 91.85
N SER Q 107 -42.45 8.40 92.41
CA SER Q 107 -41.44 9.10 91.62
C SER Q 107 -40.90 8.21 90.51
N ASP Q 108 -40.67 6.93 90.83
CA ASP Q 108 -40.19 5.99 89.82
C ASP Q 108 -41.20 5.85 88.69
N LEU Q 109 -42.49 5.71 89.05
CA LEU Q 109 -43.53 5.62 88.03
C LEU Q 109 -43.58 6.89 87.18
N ASP Q 110 -43.42 8.06 87.82
CA ASP Q 110 -43.43 9.31 87.08
C ASP Q 110 -42.29 9.36 86.06
N SER Q 111 -41.09 8.97 86.49
CA SER Q 111 -39.95 8.98 85.57
C SER Q 111 -40.15 8.02 84.42
N ILE Q 112 -40.65 6.82 84.72
CA ILE Q 112 -40.87 5.84 83.66
C ILE Q 112 -41.93 6.34 82.69
N GLN Q 113 -42.99 6.95 83.20
CA GLN Q 113 -44.00 7.50 82.31
C GLN Q 113 -43.45 8.65 81.47
N ASP Q 114 -42.54 9.44 82.03
CA ASP Q 114 -41.90 10.49 81.23
C ASP Q 114 -41.12 9.88 80.07
N GLU Q 115 -40.37 8.82 80.33
CA GLU Q 115 -39.63 8.16 79.25
C GLU Q 115 -40.58 7.59 78.20
N ILE Q 116 -41.68 6.97 78.65
CA ILE Q 116 -42.65 6.40 77.71
C ILE Q 116 -43.27 7.48 76.85
N LYS Q 117 -43.61 8.62 77.45
CA LYS Q 117 -44.18 9.72 76.68
C LYS Q 117 -43.18 10.25 75.67
N SER Q 118 -41.91 10.34 76.06
CA SER Q 118 -40.88 10.78 75.11
C SER Q 118 -40.81 9.83 73.92
N ARG Q 119 -40.84 8.53 74.16
CA ARG Q 119 -40.72 7.60 73.04
C ARG Q 119 -41.98 7.58 72.17
N LEU Q 120 -43.16 7.74 72.77
CA LEU Q 120 -44.37 7.87 71.97
C LEU Q 120 -44.32 9.11 71.10
N ASP Q 121 -43.81 10.22 71.65
CA ASP Q 121 -43.63 11.43 70.86
C ASP Q 121 -42.67 11.18 69.71
N GLU Q 122 -41.60 10.41 69.95
CA GLU Q 122 -40.67 10.08 68.87
C GLU Q 122 -41.36 9.26 67.79
N ILE Q 123 -42.20 8.31 68.17
CA ILE Q 123 -42.92 7.52 67.18
C ILE Q 123 -43.79 8.43 66.32
N ASP Q 124 -44.52 9.33 66.97
CA ASP Q 124 -45.38 10.25 66.22
C ASP Q 124 -44.56 11.14 65.29
N ARG Q 125 -43.42 11.64 65.79
CA ARG Q 125 -42.57 12.52 64.98
C ARG Q 125 -42.05 11.80 63.75
N VAL Q 126 -41.50 10.59 63.94
CA VAL Q 126 -40.94 9.85 62.82
C VAL Q 126 -42.02 9.55 61.80
N SER Q 127 -43.19 9.09 62.26
CA SER Q 127 -44.26 8.76 61.35
C SER Q 127 -44.73 9.98 60.57
N GLY Q 128 -44.87 11.12 61.25
CA GLY Q 128 -45.33 12.31 60.57
C GLY Q 128 -44.33 12.87 59.58
N GLN Q 129 -43.04 12.82 59.91
CA GLN Q 129 -42.04 13.53 59.12
C GLN Q 129 -41.29 12.65 58.13
N THR Q 130 -41.49 11.33 58.15
CA THR Q 130 -40.87 10.50 57.13
C THR Q 130 -41.48 10.83 55.77
N GLN Q 131 -40.62 11.10 54.79
CA GLN Q 131 -41.07 11.64 53.52
C GLN Q 131 -40.24 11.07 52.38
N PHE Q 132 -40.89 10.80 51.26
CA PHE Q 132 -40.23 10.37 50.03
C PHE Q 132 -40.77 11.19 48.88
N ASN Q 133 -39.89 11.97 48.24
CA ASN Q 133 -40.24 12.76 47.06
C ASN Q 133 -41.47 13.65 47.32
N GLY Q 134 -41.49 14.28 48.49
CA GLY Q 134 -42.58 15.18 48.81
C GLY Q 134 -43.88 14.51 49.21
N VAL Q 135 -43.88 13.20 49.40
CA VAL Q 135 -45.06 12.45 49.79
C VAL Q 135 -44.82 11.86 51.17
N ASN Q 136 -45.73 12.12 52.09
CA ASN Q 136 -45.64 11.57 53.45
C ASN Q 136 -46.19 10.15 53.39
N VAL Q 137 -45.31 9.16 53.35
CA VAL Q 137 -45.73 7.78 53.14
C VAL Q 137 -46.52 7.27 54.34
N LEU Q 138 -46.16 7.70 55.54
CA LEU Q 138 -46.75 7.16 56.76
C LEU Q 138 -47.87 8.03 57.31
N ALA Q 139 -48.30 9.07 56.59
CA ALA Q 139 -49.34 9.95 57.09
C ALA Q 139 -50.69 9.74 56.40
N LYS Q 140 -50.74 8.94 55.34
CA LYS Q 140 -51.97 8.73 54.60
C LYS Q 140 -52.30 7.24 54.57
N ASP Q 141 -53.54 6.94 54.15
CA ASP Q 141 -54.02 5.57 54.10
C ASP Q 141 -54.31 5.13 52.67
N GLY Q 142 -53.66 5.73 51.69
CA GLY Q 142 -53.94 5.48 50.29
C GLY Q 142 -53.10 4.36 49.69
N SER Q 143 -52.95 4.44 48.37
CA SER Q 143 -52.15 3.47 47.65
C SER Q 143 -51.51 4.17 46.45
N MET Q 144 -50.35 3.64 46.04
CA MET Q 144 -49.60 4.16 44.92
C MET Q 144 -49.58 3.12 43.80
N LYS Q 145 -49.90 3.56 42.59
CA LYS Q 145 -49.95 2.69 41.43
C LYS Q 145 -48.69 2.89 40.60
N ILE Q 146 -48.00 1.79 40.30
CA ILE Q 146 -46.73 1.83 39.59
C ILE Q 146 -46.94 1.15 38.23
N GLN Q 147 -46.62 1.88 37.17
CA GLN Q 147 -46.69 1.32 35.82
C GLN Q 147 -45.57 0.31 35.64
N VAL Q 148 -45.94 -0.93 35.30
CA VAL Q 148 -44.96 -2.00 35.13
C VAL Q 148 -44.96 -2.57 33.73
N GLY Q 149 -46.06 -2.49 32.99
CA GLY Q 149 -46.09 -2.93 31.61
C GLY Q 149 -45.97 -1.76 30.64
N ALA Q 150 -46.05 -2.09 29.35
CA ALA Q 150 -45.96 -1.10 28.29
C ALA Q 150 -47.32 -0.62 27.81
N ASN Q 151 -48.41 -1.26 28.22
CA ASN Q 151 -49.75 -0.88 27.82
C ASN Q 151 -50.54 -0.38 29.02
N ASP Q 152 -51.76 0.08 28.76
CA ASP Q 152 -52.58 0.67 29.80
C ASP Q 152 -53.08 -0.40 30.76
N GLY Q 153 -53.21 -0.02 32.03
CA GLY Q 153 -53.75 -0.90 33.04
C GLY Q 153 -52.78 -1.92 33.60
N GLU Q 154 -51.52 -1.87 33.20
CA GLU Q 154 -50.51 -2.83 33.65
C GLU Q 154 -49.77 -2.22 34.85
N THR Q 155 -50.44 -2.21 35.99
CA THR Q 155 -49.96 -1.53 37.17
C THR Q 155 -49.88 -2.47 38.37
N ILE Q 156 -49.05 -2.10 39.32
CA ILE Q 156 -48.93 -2.79 40.61
C ILE Q 156 -49.20 -1.78 41.70
N THR Q 157 -50.02 -2.16 42.68
CA THR Q 157 -50.47 -1.24 43.71
C THR Q 157 -49.75 -1.51 45.02
N ILE Q 158 -49.19 -0.46 45.62
CA ILE Q 158 -48.59 -0.52 46.95
C ILE Q 158 -49.55 0.18 47.90
N ASP Q 159 -50.02 -0.55 48.91
CA ASP Q 159 -50.91 0.02 49.90
C ASP Q 159 -50.10 0.62 51.05
N LEU Q 160 -50.50 1.79 51.51
CA LEU Q 160 -49.86 2.44 52.64
C LEU Q 160 -50.85 2.55 53.79
N LYS Q 161 -50.33 2.65 55.00
CA LYS Q 161 -51.14 2.73 56.19
C LYS Q 161 -50.75 3.96 57.00
N LYS Q 162 -51.76 4.60 57.59
CA LYS Q 162 -51.52 5.71 58.50
C LYS Q 162 -51.12 5.14 59.85
N ILE Q 163 -49.85 5.25 60.20
CA ILE Q 163 -49.33 4.71 61.46
C ILE Q 163 -48.93 5.88 62.34
N ASP Q 164 -49.52 5.95 63.52
CA ASP Q 164 -49.18 6.94 64.54
C ASP Q 164 -49.78 6.44 65.85
N SER Q 165 -49.83 7.33 66.85
CA SER Q 165 -50.48 6.95 68.10
C SER Q 165 -51.96 6.65 67.89
N ASP Q 166 -52.64 7.46 67.07
CA ASP Q 166 -54.09 7.36 66.96
C ASP Q 166 -54.53 5.98 66.45
N THR Q 167 -53.84 5.46 65.43
CA THR Q 167 -54.23 4.18 64.84
C THR Q 167 -53.70 2.98 65.60
N LEU Q 168 -52.84 3.19 66.61
CA LEU Q 168 -52.36 2.11 67.45
C LEU Q 168 -52.90 2.20 68.87
N GLY Q 169 -53.79 3.16 69.14
CA GLY Q 169 -54.26 3.32 70.50
C GLY Q 169 -53.21 4.03 71.32
N LEU Q 170 -52.95 3.52 72.52
CA LEU Q 170 -51.83 4.00 73.33
C LEU Q 170 -51.95 5.49 73.66
N ASN Q 171 -53.09 6.11 73.34
CA ASN Q 171 -53.21 7.56 73.48
C ASN Q 171 -53.00 7.99 74.93
N GLY Q 172 -53.88 7.58 75.81
CA GLY Q 172 -53.70 7.84 77.22
C GLY Q 172 -53.01 6.67 77.90
N PHE Q 173 -51.73 6.45 77.59
CA PHE Q 173 -51.05 5.27 78.10
C PHE Q 173 -51.03 5.25 79.63
N ASN Q 174 -50.69 6.39 80.25
CA ASN Q 174 -51.02 6.63 81.65
C ASN Q 174 -50.46 5.55 82.57
N VAL Q 175 -49.17 5.23 82.42
CA VAL Q 175 -48.59 4.22 83.30
C VAL Q 175 -48.63 4.69 84.75
N ASN Q 176 -48.32 5.96 84.99
CA ASN Q 176 -48.37 6.52 86.34
C ASN Q 176 -49.74 7.05 86.72
N GLY Q 177 -50.68 7.11 85.77
CA GLY Q 177 -52.03 7.54 86.08
C GLY Q 177 -52.32 9.02 85.88
N LYS Q 178 -51.51 9.72 85.09
CA LYS Q 178 -51.73 11.14 84.82
C LYS Q 178 -51.63 11.37 83.32
N GLY Q 179 -52.71 11.83 82.72
CA GLY Q 179 -52.73 12.02 81.28
C GLY Q 179 -54.02 12.66 80.82
N THR Q 180 -54.17 12.75 79.50
CA THR Q 180 -55.32 13.41 78.89
C THR Q 180 -56.09 12.43 78.02
N ILE Q 181 -57.32 12.81 77.68
CA ILE Q 181 -58.19 11.93 76.90
C ILE Q 181 -58.69 12.65 75.64
N THR Q 182 -58.80 13.97 75.70
CA THR Q 182 -59.43 14.76 74.63
C THR Q 182 -60.79 14.18 74.27
N ASN Q 183 -61.68 14.25 75.27
CA ASN Q 183 -62.88 13.42 75.35
C ASN Q 183 -63.70 13.26 74.08
N LYS Q 184 -64.33 14.34 73.57
CA LYS Q 184 -65.30 14.18 72.49
C LYS Q 184 -65.84 15.56 72.13
N ALA Q 185 -66.59 15.64 71.02
CA ALA Q 185 -67.34 16.81 70.62
C ALA Q 185 -68.83 16.50 70.66
N ALA Q 186 -69.62 17.40 71.24
CA ALA Q 186 -71.03 17.16 71.47
C ALA Q 186 -71.81 17.18 70.15
N THR Q 187 -73.07 16.74 70.23
CA THR Q 187 -73.97 16.73 69.09
C THR Q 187 -75.39 16.98 69.55
N VAL Q 188 -76.30 17.10 68.59
CA VAL Q 188 -77.70 17.38 68.89
C VAL Q 188 -78.33 16.23 69.65
N SER Q 189 -77.94 14.99 69.32
CA SER Q 189 -78.43 13.84 70.07
C SER Q 189 -77.99 13.91 71.53
N ASP Q 190 -76.74 14.32 71.76
CA ASP Q 190 -76.26 14.51 73.13
C ASP Q 190 -77.05 15.59 73.84
N LEU Q 191 -77.36 16.68 73.15
CA LEU Q 191 -78.15 17.75 73.76
C LEU Q 191 -79.54 17.27 74.14
N THR Q 192 -80.20 16.53 73.24
CA THR Q 192 -81.52 16.01 73.55
C THR Q 192 -81.47 15.03 74.71
N SER Q 193 -80.43 14.19 74.76
CA SER Q 193 -80.28 13.27 75.88
C SER Q 193 -80.10 14.04 77.19
N ALA Q 194 -79.29 15.10 77.17
CA ALA Q 194 -79.12 15.93 78.34
C ALA Q 194 -80.38 16.70 78.71
N GLY Q 195 -81.31 16.85 77.77
CA GLY Q 195 -82.58 17.48 78.06
C GLY Q 195 -82.78 18.87 77.51
N ALA Q 196 -81.89 19.34 76.64
CA ALA Q 196 -82.06 20.66 76.05
C ALA Q 196 -83.31 20.70 75.17
N LYS Q 197 -83.98 21.84 75.18
CA LYS Q 197 -85.20 22.04 74.43
C LYS Q 197 -84.95 22.97 73.25
N LEU Q 198 -85.53 22.62 72.10
CA LEU Q 198 -85.44 23.49 70.93
C LEU Q 198 -86.37 24.68 71.11
N ASN Q 199 -85.83 25.88 70.88
CA ASN Q 199 -86.61 27.11 70.93
C ASN Q 199 -87.14 27.39 69.53
N THR Q 200 -88.47 27.30 69.37
CA THR Q 200 -89.07 27.40 68.03
C THR Q 200 -88.84 28.78 67.43
N THR Q 201 -88.96 29.84 68.23
CA THR Q 201 -88.89 31.19 67.67
C THR Q 201 -87.48 31.54 67.21
N THR Q 202 -86.45 31.00 67.86
CA THR Q 202 -85.08 31.35 67.54
C THR Q 202 -84.28 30.22 66.90
N GLY Q 203 -84.70 28.97 67.06
CA GLY Q 203 -83.99 27.85 66.48
C GLY Q 203 -82.84 27.33 67.30
N LEU Q 204 -82.49 27.97 68.40
CA LEU Q 204 -81.39 27.51 69.24
C LEU Q 204 -81.85 26.37 70.15
N TYR Q 205 -80.88 25.76 70.83
CA TYR Q 205 -81.15 24.75 71.83
C TYR Q 205 -80.82 25.32 73.20
N ASP Q 206 -81.82 25.39 74.08
CA ASP Q 206 -81.66 25.96 75.41
C ASP Q 206 -81.62 24.83 76.44
N LEU Q 207 -80.58 24.84 77.27
CA LEU Q 207 -80.43 23.88 78.34
C LEU Q 207 -80.65 24.58 79.68
N LYS Q 208 -81.61 24.09 80.45
CA LYS Q 208 -81.97 24.68 81.73
C LYS Q 208 -81.61 23.72 82.86
N THR Q 209 -80.85 24.22 83.84
CA THR Q 209 -80.46 23.45 85.00
C THR Q 209 -81.07 24.08 86.24
N GLU Q 210 -81.77 23.28 87.03
CA GLU Q 210 -82.44 23.77 88.23
C GLU Q 210 -81.47 23.79 89.41
N ASN Q 211 -81.84 24.58 90.42
CA ASN Q 211 -81.01 24.78 91.60
C ASN Q 211 -81.86 24.53 92.84
N THR Q 212 -81.37 23.67 93.73
CA THR Q 212 -82.13 23.29 94.91
C THR Q 212 -82.04 24.38 95.98
N LEU Q 213 -83.19 24.70 96.57
CA LEU Q 213 -83.23 25.70 97.63
C LEU Q 213 -82.40 25.26 98.83
N LEU Q 214 -81.89 26.24 99.56
CA LEU Q 214 -81.05 25.95 100.72
C LEU Q 214 -81.82 25.15 101.76
N THR Q 215 -81.19 24.10 102.28
CA THR Q 215 -81.78 23.21 103.26
C THR Q 215 -81.05 23.34 104.59
N THR Q 216 -81.72 22.86 105.64
CA THR Q 216 -81.16 22.95 106.98
C THR Q 216 -79.88 22.14 107.10
N ASP Q 217 -79.82 20.98 106.45
CA ASP Q 217 -78.62 20.15 106.52
C ASP Q 217 -77.42 20.85 105.89
N ALA Q 218 -77.62 21.45 104.71
CA ALA Q 218 -76.54 22.18 104.06
C ALA Q 218 -76.13 23.40 104.88
N ALA Q 219 -77.11 24.10 105.46
CA ALA Q 219 -76.78 25.25 106.30
C ALA Q 219 -75.96 24.82 107.50
N PHE Q 220 -76.31 23.71 108.13
CA PHE Q 220 -75.57 23.22 109.29
C PHE Q 220 -74.16 22.78 108.88
N ASP Q 221 -74.03 22.17 107.70
CA ASP Q 221 -72.71 21.81 107.20
C ASP Q 221 -71.84 23.04 106.99
N LYS Q 222 -72.42 24.11 106.45
CA LYS Q 222 -71.66 25.34 106.24
C LYS Q 222 -71.57 26.22 107.46
N LEU Q 223 -72.19 25.82 108.59
CA LEU Q 223 -72.10 26.60 109.80
C LEU Q 223 -70.65 26.74 110.26
N GLY Q 224 -70.31 27.92 110.75
CA GLY Q 224 -68.97 28.21 111.22
C GLY Q 224 -68.97 28.71 112.65
N ASN Q 225 -67.78 29.00 113.15
CA ASN Q 225 -67.63 29.48 114.52
C ASN Q 225 -68.27 30.85 114.68
N GLY Q 226 -68.99 31.03 115.78
CA GLY Q 226 -69.66 32.27 116.06
C GLY Q 226 -70.99 32.47 115.37
N ASP Q 227 -71.49 31.47 114.66
CA ASP Q 227 -72.76 31.61 113.96
C ASP Q 227 -73.92 31.62 114.94
N LYS Q 228 -74.96 32.36 114.59
CA LYS Q 228 -76.12 32.57 115.46
C LYS Q 228 -77.36 32.00 114.79
N VAL Q 229 -78.10 31.17 115.52
CA VAL Q 229 -79.32 30.53 115.03
C VAL Q 229 -80.48 30.94 115.92
N THR Q 230 -81.53 31.47 115.32
CA THR Q 230 -82.72 31.93 116.05
C THR Q 230 -83.90 31.08 115.62
N VAL Q 231 -84.32 30.15 116.49
CA VAL Q 231 -85.51 29.34 116.27
C VAL Q 231 -86.38 29.42 117.51
N GLY Q 232 -87.68 29.64 117.31
CA GLY Q 232 -88.59 29.75 118.44
C GLY Q 232 -88.35 30.94 119.33
N GLY Q 233 -87.65 31.96 118.82
CA GLY Q 233 -87.40 33.16 119.59
C GLY Q 233 -86.22 33.09 120.54
N VAL Q 234 -85.45 32.01 120.53
CA VAL Q 234 -84.30 31.84 121.41
C VAL Q 234 -83.05 31.72 120.55
N ASP Q 235 -81.98 32.40 120.96
CA ASP Q 235 -80.76 32.49 120.17
C ASP Q 235 -79.74 31.48 120.65
N TYR Q 236 -79.14 30.75 119.71
CA TYR Q 236 -78.11 29.76 119.97
C TYR Q 236 -76.84 30.19 119.25
N THR Q 237 -75.68 30.00 119.88
CA THR Q 237 -74.40 30.28 119.26
C THR Q 237 -73.67 28.97 119.00
N TYR Q 238 -73.34 28.72 117.74
CA TYR Q 238 -72.63 27.50 117.38
C TYR Q 238 -71.19 27.56 117.84
N ASN Q 239 -70.70 26.43 118.36
CA ASN Q 239 -69.31 26.29 118.77
C ASN Q 239 -68.69 25.15 117.97
N ALA Q 240 -67.67 25.48 117.18
CA ALA Q 240 -66.98 24.47 116.36
C ALA Q 240 -65.98 23.66 117.17
N LYS Q 241 -65.42 24.25 118.23
CA LYS Q 241 -64.47 23.53 119.07
C LYS Q 241 -65.11 22.29 119.68
N SER Q 242 -66.31 22.45 120.24
CA SER Q 242 -67.08 21.32 120.74
C SER Q 242 -68.21 20.92 119.80
N GLY Q 243 -68.48 21.71 118.77
CA GLY Q 243 -69.50 21.37 117.79
C GLY Q 243 -70.89 21.27 118.36
N ASP Q 244 -71.32 22.29 119.12
CA ASP Q 244 -72.63 22.26 119.75
C ASP Q 244 -73.08 23.69 119.98
N PHE Q 245 -74.38 23.85 120.26
CA PHE Q 245 -74.94 25.19 120.42
C PHE Q 245 -74.95 25.57 121.89
N THR Q 246 -74.36 26.72 122.20
CA THR Q 246 -74.38 27.28 123.54
C THR Q 246 -75.47 28.35 123.61
N THR Q 247 -76.16 28.38 124.75
CA THR Q 247 -77.30 29.27 124.97
C THR Q 247 -77.11 29.99 126.29
N THR Q 248 -77.72 31.16 126.40
CA THR Q 248 -77.82 31.89 127.66
C THR Q 248 -79.27 31.91 128.10
N LYS Q 249 -79.57 31.26 129.21
CA LYS Q 249 -80.94 31.15 129.69
C LYS Q 249 -81.08 31.90 131.01
N SER Q 250 -81.98 32.86 131.05
CA SER Q 250 -82.38 33.48 132.30
C SER Q 250 -83.36 32.57 133.03
N THR Q 251 -83.49 32.79 134.34
CA THR Q 251 -84.41 32.00 135.14
C THR Q 251 -85.84 32.13 134.64
N ALA Q 252 -86.41 33.32 134.77
CA ALA Q 252 -87.81 33.56 134.42
C ALA Q 252 -88.05 35.07 134.50
N GLY Q 253 -89.32 35.45 134.41
CA GLY Q 253 -89.73 36.83 134.49
C GLY Q 253 -90.34 37.34 133.20
N THR Q 254 -91.66 37.40 133.16
CA THR Q 254 -92.41 37.88 132.00
C THR Q 254 -93.37 39.00 132.34
N GLY Q 255 -94.02 38.92 133.51
CA GLY Q 255 -94.89 40.00 133.92
C GLY Q 255 -94.13 41.27 134.26
N VAL Q 256 -94.82 42.41 134.13
CA VAL Q 256 -94.20 43.71 134.36
C VAL Q 256 -94.44 44.24 135.77
N ASP Q 257 -95.29 43.60 136.55
CA ASP Q 257 -95.59 44.03 137.91
C ASP Q 257 -95.38 42.87 138.88
N ALA Q 258 -95.40 43.21 140.18
CA ALA Q 258 -95.20 42.20 141.21
C ALA Q 258 -96.31 41.15 141.19
N ALA Q 259 -97.55 41.59 141.03
CA ALA Q 259 -98.69 40.68 140.98
C ALA Q 259 -98.85 40.14 139.56
N ALA Q 260 -97.91 39.29 139.19
CA ALA Q 260 -97.89 38.68 137.86
C ALA Q 260 -97.33 37.27 137.98
N GLN Q 261 -97.28 36.59 136.83
CA GLN Q 261 -96.74 35.24 136.78
C GLN Q 261 -95.22 35.20 136.82
N ALA Q 262 -94.57 36.36 136.82
CA ALA Q 262 -93.10 36.38 136.81
C ALA Q 262 -92.54 35.74 138.09
N ALA Q 263 -93.11 36.10 139.25
CA ALA Q 263 -92.62 35.54 140.50
C ALA Q 263 -92.84 34.03 140.57
N ASP Q 264 -94.01 33.58 140.13
CA ASP Q 264 -94.31 32.15 140.13
C ASP Q 264 -93.37 31.40 139.20
N SER Q 265 -93.12 31.95 138.01
CA SER Q 265 -92.21 31.31 137.07
C SER Q 265 -90.79 31.26 137.63
N ALA Q 266 -90.35 32.35 138.28
CA ALA Q 266 -89.03 32.37 138.89
C ALA Q 266 -88.91 31.31 139.98
N SER Q 267 -89.94 31.19 140.82
CA SER Q 267 -89.91 30.20 141.89
C SER Q 267 -89.87 28.78 141.32
N LYS Q 268 -90.69 28.49 140.32
CA LYS Q 268 -90.72 27.14 139.78
C LYS Q 268 -89.44 26.81 139.02
N ARG Q 269 -88.84 27.79 138.35
CA ARG Q 269 -87.58 27.55 137.68
C ARG Q 269 -86.45 27.34 138.68
N ASP Q 270 -86.46 28.09 139.78
CA ASP Q 270 -85.49 27.85 140.84
C ASP Q 270 -85.63 26.45 141.41
N ALA Q 271 -86.87 26.03 141.64
CA ALA Q 271 -87.11 24.67 142.14
C ALA Q 271 -86.63 23.63 141.14
N LEU Q 272 -86.87 23.85 139.85
CA LEU Q 272 -86.43 22.91 138.82
C LEU Q 272 -84.90 22.82 138.79
N ALA Q 273 -84.22 23.97 138.87
CA ALA Q 273 -82.76 23.95 138.90
C ALA Q 273 -82.24 23.23 140.14
N ALA Q 274 -82.87 23.46 141.29
CA ALA Q 274 -82.45 22.77 142.51
C ALA Q 274 -82.63 21.26 142.39
N THR Q 275 -83.73 20.83 141.78
CA THR Q 275 -83.93 19.40 141.54
C THR Q 275 -82.89 18.85 140.57
N LEU Q 276 -82.55 19.62 139.54
CA LEU Q 276 -81.52 19.18 138.60
C LEU Q 276 -80.16 19.07 139.29
N HIS Q 277 -79.94 19.85 140.34
CA HIS Q 277 -78.70 19.77 141.14
C HIS Q 277 -78.70 18.61 142.12
N ALA Q 278 -79.59 17.62 141.97
CA ALA Q 278 -79.68 16.54 142.94
C ALA Q 278 -78.38 15.74 142.99
N ASP Q 279 -78.04 15.05 141.90
CA ASP Q 279 -76.86 14.19 141.81
C ASP Q 279 -76.78 13.27 143.03
N VAL Q 280 -77.78 12.40 143.15
CA VAL Q 280 -77.89 11.53 144.32
C VAL Q 280 -76.75 10.52 144.35
N GLY Q 281 -76.35 10.00 143.18
CA GLY Q 281 -75.37 8.93 143.15
C GLY Q 281 -74.01 9.35 143.70
N LYS Q 282 -73.52 10.51 143.27
CA LYS Q 282 -72.19 10.95 143.65
C LYS Q 282 -72.20 12.43 144.02
N SER Q 283 -71.25 12.82 144.86
CA SER Q 283 -71.13 14.18 145.33
C SER Q 283 -70.39 15.04 144.30
N VAL Q 284 -70.65 16.36 144.37
CA VAL Q 284 -70.00 17.32 143.49
C VAL Q 284 -69.55 18.53 144.31
N ASN Q 285 -68.46 19.15 143.85
CA ASN Q 285 -67.87 20.30 144.50
C ASN Q 285 -68.05 21.56 143.65
N GLY Q 286 -68.27 22.69 144.33
CA GLY Q 286 -68.38 23.98 143.69
C GLY Q 286 -67.97 25.12 144.60
N SER Q 287 -68.30 26.34 144.22
CA SER Q 287 -67.97 27.52 145.01
C SER Q 287 -69.09 28.54 144.94
N TYR Q 288 -69.39 29.14 146.09
CA TYR Q 288 -70.41 30.18 146.20
C TYR Q 288 -69.73 31.49 146.57
N THR Q 289 -69.87 32.50 145.72
CA THR Q 289 -69.16 33.76 145.90
C THR Q 289 -70.17 34.89 146.04
N THR Q 290 -70.02 35.68 147.10
CA THR Q 290 -70.84 36.86 147.32
C THR Q 290 -70.20 38.05 146.59
N LYS Q 291 -70.66 39.26 146.92
CA LYS Q 291 -70.12 40.45 146.27
C LYS Q 291 -68.63 40.62 146.55
N ASP Q 292 -68.22 40.36 147.78
CA ASP Q 292 -66.83 40.55 148.17
C ASP Q 292 -66.19 39.33 148.82
N GLY Q 293 -66.90 38.21 148.92
CA GLY Q 293 -66.35 37.03 149.56
C GLY Q 293 -66.78 35.77 148.84
N THR Q 294 -66.01 34.71 149.06
CA THR Q 294 -66.25 33.41 148.44
C THR Q 294 -66.09 32.32 149.49
N VAL Q 295 -66.73 31.17 149.21
CA VAL Q 295 -66.71 30.03 150.12
C VAL Q 295 -66.81 28.76 149.29
N SER Q 296 -66.16 27.70 149.77
CA SER Q 296 -66.23 26.41 149.10
C SER Q 296 -67.63 25.81 149.23
N PHE Q 297 -67.85 24.72 148.51
CA PHE Q 297 -69.14 24.03 148.52
C PHE Q 297 -68.90 22.58 148.15
N GLU Q 298 -69.42 21.65 148.93
CA GLU Q 298 -69.31 20.22 148.64
C GLU Q 298 -70.65 19.56 148.95
N THR Q 299 -71.47 19.35 147.93
CA THR Q 299 -72.79 18.77 148.13
C THR Q 299 -72.79 17.30 147.73
N ASP Q 300 -73.57 16.50 148.45
CA ASP Q 300 -73.61 15.06 148.23
C ASP Q 300 -74.84 14.62 147.44
N SER Q 301 -76.03 14.91 147.97
CA SER Q 301 -77.26 14.48 147.33
C SER Q 301 -78.42 15.34 147.84
N ALA Q 302 -79.46 15.41 147.02
CA ALA Q 302 -80.68 16.16 147.36
C ALA Q 302 -80.38 17.62 147.67
N GLY Q 303 -79.28 18.14 147.14
CA GLY Q 303 -78.91 19.52 147.39
C GLY Q 303 -78.59 19.83 148.84
N ASN Q 304 -77.84 18.96 149.49
CA ASN Q 304 -77.46 19.16 150.90
C ASN Q 304 -76.12 19.88 150.95
N ILE Q 305 -76.07 20.97 151.70
CA ILE Q 305 -74.87 21.79 151.80
C ILE Q 305 -73.97 21.22 152.88
N THR Q 306 -72.74 20.87 152.50
CA THR Q 306 -71.74 20.37 153.45
C THR Q 306 -70.43 21.09 153.18
N ILE Q 307 -69.87 21.72 154.22
CA ILE Q 307 -68.61 22.46 154.12
C ILE Q 307 -67.62 21.80 155.08
N GLY Q 308 -66.57 21.20 154.52
CA GLY Q 308 -65.53 20.59 155.33
C GLY Q 308 -66.02 19.47 156.22
N GLY Q 309 -67.00 18.70 155.75
CA GLY Q 309 -67.56 17.61 156.53
C GLY Q 309 -68.58 18.02 157.56
N SER Q 310 -68.86 19.32 157.70
CA SER Q 310 -69.85 19.83 158.64
C SER Q 310 -70.90 20.61 157.87
N GLN Q 311 -72.17 20.33 158.16
CA GLN Q 311 -73.26 20.95 157.42
C GLN Q 311 -73.33 22.44 157.75
N ALA Q 312 -73.30 23.27 156.72
CA ALA Q 312 -73.41 24.71 156.88
C ALA Q 312 -74.85 25.15 156.62
N TYR Q 313 -75.11 26.43 156.82
CA TYR Q 313 -76.45 26.99 156.72
C TYR Q 313 -76.39 28.34 156.01
N VAL Q 314 -77.53 28.75 155.47
CA VAL Q 314 -77.64 30.00 154.73
C VAL Q 314 -78.44 31.00 155.54
N ASP Q 315 -77.97 32.25 155.55
CA ASP Q 315 -78.62 33.32 156.29
C ASP Q 315 -79.70 33.97 155.43
N ASP Q 316 -80.29 35.05 155.95
CA ASP Q 316 -81.32 35.76 155.20
C ASP Q 316 -80.73 36.42 153.95
N ALA Q 317 -79.53 36.98 154.06
CA ALA Q 317 -78.88 37.66 152.95
C ALA Q 317 -78.05 36.72 152.08
N GLY Q 318 -78.24 35.42 152.22
CA GLY Q 318 -77.54 34.45 151.40
C GLY Q 318 -76.15 34.09 151.88
N ASN Q 319 -75.68 34.68 152.97
CA ASN Q 319 -74.34 34.36 153.46
C ASN Q 319 -74.31 32.94 154.01
N LEU Q 320 -73.20 32.25 153.77
CA LEU Q 320 -73.03 30.87 154.20
C LEU Q 320 -72.20 30.83 155.47
N THR Q 321 -72.75 30.24 156.53
CA THR Q 321 -72.06 30.16 157.81
C THR Q 321 -72.22 28.76 158.39
N THR Q 322 -71.19 28.30 159.10
CA THR Q 322 -71.22 26.98 159.71
C THR Q 322 -72.13 26.92 160.93
N ASN Q 323 -72.34 28.05 161.60
CA ASN Q 323 -73.14 28.11 162.81
C ASN Q 323 -74.58 28.52 162.49
N ASN Q 324 -75.40 28.56 163.54
CA ASN Q 324 -76.81 28.90 163.44
C ASN Q 324 -77.11 30.15 164.25
N ALA Q 325 -77.80 31.11 163.64
CA ALA Q 325 -78.23 32.34 164.30
C ALA Q 325 -79.75 32.33 164.37
N GLY Q 326 -80.28 32.13 165.58
CA GLY Q 326 -81.71 32.04 165.75
C GLY Q 326 -82.34 30.85 165.06
N SER Q 327 -81.62 29.74 164.95
CA SER Q 327 -82.10 28.51 164.32
C SER Q 327 -82.50 28.75 162.86
N ALA Q 328 -81.88 29.74 162.22
CA ALA Q 328 -82.13 30.03 160.81
C ALA Q 328 -81.20 29.18 159.94
N ALA Q 329 -81.44 27.87 160.01
CA ALA Q 329 -80.56 26.92 159.33
C ALA Q 329 -80.92 26.79 157.84
N LYS Q 330 -82.10 26.25 157.56
CA LYS Q 330 -82.62 26.01 156.20
C LYS Q 330 -81.52 25.57 155.24
N ALA Q 331 -80.79 24.52 155.65
CA ALA Q 331 -79.64 24.03 154.90
C ALA Q 331 -80.12 23.17 153.73
N ASP Q 332 -80.48 23.84 152.64
CA ASP Q 332 -80.91 23.13 151.44
C ASP Q 332 -80.61 24.00 150.23
N MET Q 333 -80.49 23.33 149.07
CA MET Q 333 -80.21 24.05 147.83
C MET Q 333 -81.35 24.98 147.46
N LYS Q 334 -82.60 24.53 147.65
CA LYS Q 334 -83.75 25.39 147.33
C LYS Q 334 -83.74 26.65 148.18
N ALA Q 335 -83.50 26.50 149.49
CA ALA Q 335 -83.47 27.65 150.37
C ALA Q 335 -82.31 28.56 150.04
N LEU Q 336 -81.15 27.99 149.72
CA LEU Q 336 -79.98 28.81 149.36
C LEU Q 336 -80.26 29.62 148.09
N LEU Q 337 -80.85 28.98 147.08
CA LEU Q 337 -81.15 29.67 145.84
C LEU Q 337 -82.19 30.76 146.06
N LYS Q 338 -83.22 30.48 146.86
CA LYS Q 338 -84.22 31.50 147.12
C LYS Q 338 -83.65 32.67 147.90
N ALA Q 339 -82.78 32.40 148.89
CA ALA Q 339 -82.15 33.47 149.64
C ALA Q 339 -81.24 34.30 148.75
N ALA Q 340 -80.51 33.65 147.84
CA ALA Q 340 -79.67 34.40 146.90
C ALA Q 340 -80.51 35.27 145.97
N SER Q 341 -81.63 34.73 145.49
CA SER Q 341 -82.50 35.50 144.60
C SER Q 341 -83.10 36.70 145.31
N GLU Q 342 -83.54 36.52 146.56
CA GLU Q 342 -84.14 37.60 147.32
C GLU Q 342 -83.11 38.49 148.00
N GLY Q 343 -81.83 38.15 147.92
CA GLY Q 343 -80.81 38.93 148.59
C GLY Q 343 -80.61 40.29 147.95
N SER Q 344 -80.09 41.22 148.75
CA SER Q 344 -79.83 42.56 148.25
C SER Q 344 -78.76 42.56 147.17
N ASP Q 345 -77.73 41.74 147.33
CA ASP Q 345 -76.61 41.70 146.41
C ASP Q 345 -76.58 40.36 145.68
N GLY Q 346 -76.16 40.40 144.41
CA GLY Q 346 -76.08 39.19 143.62
C GLY Q 346 -74.93 38.31 144.02
N ALA Q 347 -74.93 37.10 143.48
CA ALA Q 347 -73.94 36.07 143.81
C ALA Q 347 -73.52 35.33 142.55
N SER Q 348 -72.48 34.51 142.69
CA SER Q 348 -71.99 33.67 141.60
C SER Q 348 -71.73 32.26 142.11
N LEU Q 349 -72.25 31.27 141.39
CA LEU Q 349 -72.03 29.87 141.71
C LEU Q 349 -71.19 29.23 140.60
N THR Q 350 -70.12 28.55 141.00
CA THR Q 350 -69.29 27.80 140.06
C THR Q 350 -69.46 26.32 140.38
N PHE Q 351 -69.85 25.54 139.37
CA PHE Q 351 -70.06 24.11 139.56
C PHE Q 351 -69.19 23.31 138.60
N ASN Q 352 -69.44 22.00 138.53
CA ASN Q 352 -68.74 21.16 137.56
C ASN Q 352 -69.03 21.62 136.14
N GLY Q 353 -70.27 22.02 135.86
CA GLY Q 353 -70.62 22.49 134.54
C GLY Q 353 -70.42 23.98 134.36
N THR Q 354 -71.46 24.66 133.89
CA THR Q 354 -71.36 26.09 133.61
C THR Q 354 -71.48 26.90 134.90
N GLU Q 355 -71.08 28.17 134.81
CA GLU Q 355 -71.10 29.08 135.94
C GLU Q 355 -72.41 29.88 135.93
N TYR Q 356 -73.09 29.92 137.08
CA TYR Q 356 -74.37 30.57 137.21
C TYR Q 356 -74.17 31.91 137.90
N THR Q 357 -74.87 32.95 137.43
CA THR Q 357 -74.82 34.26 138.05
C THR Q 357 -76.20 34.67 138.50
N ILE Q 358 -76.37 34.90 139.81
CA ILE Q 358 -77.62 35.36 140.37
C ILE Q 358 -77.56 36.87 140.46
N ALA Q 359 -78.42 37.54 139.69
CA ALA Q 359 -78.38 38.98 139.58
C ALA Q 359 -78.96 39.65 140.83
N LYS Q 360 -78.64 40.92 140.99
CA LYS Q 360 -79.11 41.70 142.13
C LYS Q 360 -80.62 41.82 142.16
N GLY Q 376 -83.28 36.49 139.58
CA GLY Q 376 -82.96 35.88 138.30
C GLY Q 376 -81.56 35.29 138.27
N ILE Q 377 -81.42 34.17 137.57
CA ILE Q 377 -80.13 33.51 137.39
C ILE Q 377 -79.86 33.42 135.89
N THR Q 378 -78.71 33.93 135.47
CA THR Q 378 -78.25 33.82 134.09
C THR Q 378 -77.17 32.75 134.02
N TYR Q 379 -77.28 31.85 133.05
CA TYR Q 379 -76.33 30.76 132.94
C TYR Q 379 -76.26 30.26 131.50
N GLN Q 380 -75.12 29.67 131.17
CA GLN Q 380 -74.90 29.05 129.89
C GLN Q 380 -75.41 27.60 129.90
N ALA Q 381 -75.83 27.13 128.73
CA ALA Q 381 -76.32 25.77 128.58
C ALA Q 381 -75.89 25.24 127.22
N THR Q 382 -75.81 23.91 127.12
CA THR Q 382 -75.34 23.24 125.92
C THR Q 382 -76.46 22.39 125.33
N VAL Q 383 -76.68 22.54 124.02
CA VAL Q 383 -77.64 21.72 123.28
C VAL Q 383 -76.95 21.15 122.04
N SER Q 384 -77.38 19.97 121.63
CA SER Q 384 -76.77 19.30 120.49
C SER Q 384 -77.23 19.92 119.17
N LYS Q 385 -76.30 19.93 118.20
CA LYS Q 385 -76.65 20.39 116.87
C LYS Q 385 -77.75 19.54 116.26
N ASP Q 386 -77.72 18.23 116.49
CA ASP Q 386 -78.79 17.37 116.01
C ASP Q 386 -80.12 17.76 116.65
N VAL Q 387 -80.11 18.08 117.94
CA VAL Q 387 -81.34 18.50 118.60
C VAL Q 387 -81.87 19.78 117.94
N VAL Q 388 -81.01 20.79 117.82
CA VAL Q 388 -81.43 22.07 117.26
C VAL Q 388 -81.96 21.87 115.84
N LEU Q 389 -81.31 20.99 115.07
CA LEU Q 389 -81.81 20.64 113.75
C LEU Q 389 -83.21 20.07 113.84
N SER Q 390 -83.47 19.22 114.84
CA SER Q 390 -84.79 18.62 114.98
C SER Q 390 -85.85 19.67 115.23
N GLU Q 391 -85.60 20.62 116.14
CA GLU Q 391 -86.62 21.67 116.33
C GLU Q 391 -86.75 22.54 115.09
N THR Q 392 -85.65 22.83 114.40
CA THR Q 392 -85.75 23.69 113.22
C THR Q 392 -86.59 23.05 112.11
N LYS Q 393 -86.41 21.75 111.88
CA LYS Q 393 -87.13 21.06 110.81
C LYS Q 393 -88.41 20.38 111.30
N ALA Q 394 -88.77 20.52 112.57
CA ALA Q 394 -89.94 19.83 113.09
C ALA Q 394 -91.22 20.32 112.45
N ALA Q 395 -91.44 21.64 112.42
CA ALA Q 395 -92.67 22.21 111.88
C ALA Q 395 -92.33 23.52 111.18
N ALA Q 396 -93.36 24.31 110.89
CA ALA Q 396 -93.21 25.58 110.18
C ALA Q 396 -92.63 26.62 111.14
N ALA Q 397 -91.37 26.41 111.51
CA ALA Q 397 -90.67 27.31 112.40
C ALA Q 397 -90.10 28.50 111.62
N THR Q 398 -89.79 29.56 112.36
CA THR Q 398 -89.20 30.77 111.79
C THR Q 398 -87.70 30.84 112.02
N SER Q 399 -87.02 29.70 111.97
CA SER Q 399 -85.60 29.65 112.24
C SER Q 399 -84.82 30.48 111.22
N SER Q 400 -83.79 31.17 111.71
CA SER Q 400 -82.92 31.98 110.87
C SER Q 400 -81.47 31.71 111.27
N ILE Q 401 -80.59 31.64 110.29
CA ILE Q 401 -79.17 31.37 110.50
C ILE Q 401 -78.36 32.55 109.99
N THR Q 402 -77.44 33.04 110.81
CA THR Q 402 -76.55 34.13 110.44
C THR Q 402 -75.17 33.57 110.19
N PHE Q 403 -74.72 33.63 108.93
CA PHE Q 403 -73.37 33.24 108.57
C PHE Q 403 -72.45 34.44 108.74
N ASN Q 404 -71.42 34.29 109.56
CA ASN Q 404 -70.51 35.37 109.89
C ASN Q 404 -69.09 34.90 109.64
N SER Q 405 -68.34 35.67 108.85
CA SER Q 405 -66.94 35.39 108.59
C SER Q 405 -66.01 36.22 109.48
N GLY Q 406 -66.56 36.96 110.42
CA GLY Q 406 -65.79 37.89 111.22
C GLY Q 406 -65.64 39.27 110.60
N VAL Q 407 -65.92 39.39 109.31
CA VAL Q 407 -65.90 40.67 108.60
C VAL Q 407 -67.24 40.82 107.90
N LEU Q 408 -67.62 39.79 107.15
CA LEU Q 408 -68.82 39.78 106.33
C LEU Q 408 -69.87 38.90 106.98
N SER Q 409 -71.12 39.37 107.00
CA SER Q 409 -72.21 38.62 107.62
C SER Q 409 -73.45 38.68 106.75
N LYS Q 410 -74.22 37.59 106.75
CA LYS Q 410 -75.52 37.55 106.09
C LYS Q 410 -76.48 36.69 106.87
N THR Q 411 -77.72 37.16 107.00
CA THR Q 411 -78.77 36.44 107.72
C THR Q 411 -79.74 35.82 106.71
N ILE Q 412 -80.00 34.53 106.86
CA ILE Q 412 -80.90 33.79 105.99
C ILE Q 412 -82.04 33.26 106.84
N GLY Q 413 -83.28 33.62 106.47
CA GLY Q 413 -84.44 33.14 107.18
C GLY Q 413 -85.24 32.13 106.38
N PHE Q 414 -85.23 30.88 106.82
CA PHE Q 414 -85.87 29.79 106.10
C PHE Q 414 -86.79 29.03 107.02
N THR Q 415 -87.95 28.62 106.51
CA THR Q 415 -88.98 27.94 107.27
C THR Q 415 -89.00 26.48 106.88
N ALA Q 416 -88.64 25.61 107.83
CA ALA Q 416 -88.69 24.16 107.65
C ALA Q 416 -87.97 23.72 106.38
N GLY Q 417 -86.72 24.17 106.25
CA GLY Q 417 -85.95 23.82 105.07
C GLY Q 417 -85.77 24.98 104.10
N GLU Q 418 -86.56 24.98 103.04
CA GLU Q 418 -86.39 25.97 101.97
C GLU Q 418 -86.62 27.38 102.49
N SER Q 419 -85.88 28.33 101.92
CA SER Q 419 -86.00 29.73 102.30
C SER Q 419 -87.29 30.31 101.74
N SER Q 420 -88.03 31.02 102.60
CA SER Q 420 -89.29 31.64 102.22
C SER Q 420 -89.25 33.15 102.34
N ASP Q 421 -88.07 33.73 102.57
CA ASP Q 421 -87.92 35.17 102.74
C ASP Q 421 -87.64 35.89 101.42
N ALA Q 422 -88.09 35.32 100.29
CA ALA Q 422 -87.84 35.88 98.97
C ALA Q 422 -86.35 36.01 98.67
N ALA Q 423 -85.56 35.12 99.26
CA ALA Q 423 -84.11 35.10 99.07
C ALA Q 423 -83.74 33.89 98.22
N LYS Q 424 -82.91 34.13 97.20
CA LYS Q 424 -82.48 33.07 96.28
C LYS Q 424 -81.23 32.42 96.83
N SER Q 425 -81.42 31.47 97.74
CA SER Q 425 -80.34 30.68 98.30
C SER Q 425 -80.41 29.27 97.72
N TYR Q 426 -79.30 28.82 97.14
CA TYR Q 426 -79.28 27.53 96.45
C TYR Q 426 -77.91 26.89 96.60
N VAL Q 427 -77.86 25.59 96.33
CA VAL Q 427 -76.66 24.80 96.59
C VAL Q 427 -76.23 23.91 95.43
N ASP Q 428 -77.08 23.63 94.43
CA ASP Q 428 -76.79 22.57 93.47
C ASP Q 428 -75.56 22.84 92.60
N ASP Q 429 -75.15 24.10 92.47
CA ASP Q 429 -74.08 24.43 91.53
C ASP Q 429 -72.79 23.69 91.84
N LYS Q 430 -72.15 24.02 92.96
CA LYS Q 430 -70.96 23.30 93.40
C LYS Q 430 -70.98 23.14 94.91
N GLY Q 431 -72.14 23.29 95.54
CA GLY Q 431 -72.22 23.43 96.97
C GLY Q 431 -72.15 24.87 97.39
N GLY Q 432 -72.31 25.09 98.69
CA GLY Q 432 -72.28 26.45 99.17
C GLY Q 432 -73.57 27.18 98.86
N ILE Q 433 -73.49 28.51 98.90
CA ILE Q 433 -74.64 29.38 98.73
C ILE Q 433 -74.45 30.20 97.45
N THR Q 434 -75.51 30.30 96.67
CA THR Q 434 -75.48 31.09 95.45
C THR Q 434 -76.82 31.79 95.27
N ASN Q 435 -76.81 32.88 94.51
CA ASN Q 435 -78.00 33.69 94.27
C ASN Q 435 -78.63 33.42 92.92
N VAL Q 436 -78.19 32.39 92.21
CA VAL Q 436 -78.73 32.10 90.89
C VAL Q 436 -79.97 31.22 91.05
N ALA Q 437 -81.13 31.76 90.66
CA ALA Q 437 -82.36 31.00 90.75
C ALA Q 437 -82.42 29.92 89.67
N ASP Q 438 -82.07 30.28 88.44
CA ASP Q 438 -82.16 29.36 87.31
C ASP Q 438 -80.89 29.47 86.48
N TYR Q 439 -80.51 28.35 85.87
CA TYR Q 439 -79.30 28.26 85.06
C TYR Q 439 -79.71 27.80 83.66
N THR Q 440 -79.77 28.73 82.72
CA THR Q 440 -80.20 28.46 81.36
C THR Q 440 -79.18 29.00 80.38
N VAL Q 441 -78.73 28.15 79.44
CA VAL Q 441 -77.74 28.53 78.44
C VAL Q 441 -78.22 28.03 77.08
N SER Q 442 -77.91 28.79 76.03
CA SER Q 442 -78.40 28.50 74.69
C SER Q 442 -77.28 27.89 73.85
N TYR Q 443 -77.61 26.81 73.14
CA TYR Q 443 -76.67 26.14 72.27
C TYR Q 443 -77.17 26.22 70.84
N SER Q 444 -76.29 26.62 69.93
CA SER Q 444 -76.59 26.68 68.50
C SER Q 444 -75.90 25.52 67.82
N VAL Q 445 -76.64 24.78 67.00
CA VAL Q 445 -76.14 23.63 66.27
C VAL Q 445 -75.93 24.03 64.82
N ASN Q 446 -74.71 23.86 64.32
CA ASN Q 446 -74.43 24.18 62.93
C ASN Q 446 -75.05 23.12 62.04
N LYS Q 447 -75.83 23.54 61.05
CA LYS Q 447 -76.53 22.59 60.19
C LYS Q 447 -75.58 21.83 59.28
N ASP Q 448 -74.50 22.48 58.83
CA ASP Q 448 -73.55 21.82 57.95
C ASP Q 448 -72.58 20.94 58.74
N ASN Q 449 -71.78 21.56 59.61
CA ASN Q 449 -70.78 20.82 60.37
C ASN Q 449 -71.41 19.86 61.35
N GLY Q 450 -72.47 20.27 62.03
CA GLY Q 450 -73.07 19.49 63.08
C GLY Q 450 -72.55 19.81 64.47
N SER Q 451 -71.58 20.70 64.59
CA SER Q 451 -71.00 21.04 65.88
C SER Q 451 -71.94 21.92 66.68
N VAL Q 452 -71.80 21.85 68.00
CA VAL Q 452 -72.63 22.59 68.94
C VAL Q 452 -71.76 23.67 69.59
N THR Q 453 -72.25 24.91 69.57
CA THR Q 453 -71.53 26.04 70.14
C THR Q 453 -72.41 26.79 71.11
N VAL Q 454 -71.78 27.46 72.07
CA VAL Q 454 -72.52 28.27 73.04
C VAL Q 454 -72.86 29.61 72.40
N ALA Q 455 -74.13 29.99 72.45
CA ALA Q 455 -74.61 31.23 71.87
C ALA Q 455 -75.23 32.14 72.93
N GLY Q 456 -74.57 32.25 74.08
CA GLY Q 456 -75.05 33.09 75.16
C GLY Q 456 -75.93 32.32 76.14
N TYR Q 457 -76.43 33.05 77.13
CA TYR Q 457 -77.29 32.45 78.13
C TYR Q 457 -78.17 33.52 78.75
N ALA Q 458 -79.26 33.07 79.36
CA ALA Q 458 -80.17 33.96 80.07
C ALA Q 458 -80.47 33.37 81.44
N SER Q 459 -80.54 34.24 82.45
CA SER Q 459 -80.82 33.82 83.81
C SER Q 459 -81.91 34.71 84.40
N ALA Q 460 -82.71 34.13 85.28
CA ALA Q 460 -83.79 34.88 85.93
C ALA Q 460 -83.21 36.02 86.77
N THR Q 461 -82.18 35.73 87.55
CA THR Q 461 -81.51 36.77 88.33
C THR Q 461 -80.41 37.42 87.49
N ASP Q 462 -79.71 38.38 88.09
CA ASP Q 462 -78.64 39.07 87.38
C ASP Q 462 -77.48 38.13 87.08
N THR Q 463 -77.05 37.36 88.09
CA THR Q 463 -75.99 36.36 88.00
C THR Q 463 -74.63 37.04 87.86
N ASN Q 464 -74.63 38.35 87.65
CA ASN Q 464 -73.40 39.15 87.52
C ASN Q 464 -72.41 38.52 86.54
N LYS Q 465 -72.93 37.74 85.59
CA LYS Q 465 -72.11 37.00 84.62
C LYS Q 465 -71.08 36.11 85.33
N ASP Q 466 -71.47 35.55 86.48
CA ASP Q 466 -70.55 34.68 87.22
C ASP Q 466 -70.44 33.32 86.55
N TYR Q 467 -71.56 32.75 86.12
CA TYR Q 467 -71.57 31.47 85.42
C TYR Q 467 -71.50 31.63 83.90
N ALA Q 468 -70.92 32.72 83.42
CA ALA Q 468 -70.92 33.01 82.00
C ALA Q 468 -69.90 32.15 81.27
N PRO Q 469 -70.32 31.34 80.30
CA PRO Q 469 -69.35 30.65 79.44
C PRO Q 469 -69.03 31.46 78.20
N ALA Q 470 -67.87 31.18 77.63
CA ALA Q 470 -67.43 31.89 76.44
C ALA Q 470 -68.36 31.57 75.27
N ILE Q 471 -68.77 32.61 74.55
CA ILE Q 471 -69.67 32.45 73.42
C ILE Q 471 -68.88 32.00 72.20
N GLY Q 472 -69.44 31.04 71.46
CA GLY Q 472 -68.78 30.50 70.29
C GLY Q 472 -67.80 29.38 70.56
N THR Q 473 -67.69 28.92 71.80
CA THR Q 473 -66.79 27.83 72.13
C THR Q 473 -67.46 26.50 71.85
N ALA Q 474 -66.71 25.59 71.23
CA ALA Q 474 -67.24 24.27 70.92
C ALA Q 474 -67.65 23.53 72.18
N VAL Q 475 -68.77 22.83 72.10
CA VAL Q 475 -69.31 22.09 73.23
C VAL Q 475 -68.80 20.66 73.18
N ASN Q 476 -68.27 20.19 74.31
CA ASN Q 476 -67.69 18.86 74.40
C ASN Q 476 -68.45 18.02 75.42
N VAL Q 477 -68.40 16.71 75.23
CA VAL Q 477 -69.08 15.76 76.10
C VAL Q 477 -68.05 15.13 77.02
N ASN Q 478 -68.27 15.25 78.33
CA ASN Q 478 -67.34 14.69 79.30
C ASN Q 478 -67.32 13.17 79.22
N SER Q 479 -66.33 12.57 79.90
CA SER Q 479 -66.26 11.12 79.95
C SER Q 479 -67.49 10.52 80.62
N ALA Q 480 -67.97 11.16 81.69
CA ALA Q 480 -69.19 10.72 82.35
C ALA Q 480 -70.43 10.94 81.49
N GLY Q 481 -70.35 11.80 80.48
CA GLY Q 481 -71.46 12.07 79.58
C GLY Q 481 -72.10 13.42 79.74
N LYS Q 482 -71.56 14.31 80.57
CA LYS Q 482 -72.13 15.62 80.77
C LYS Q 482 -71.68 16.57 79.66
N ILE Q 483 -72.11 17.83 79.77
CA ILE Q 483 -71.73 18.88 78.83
C ILE Q 483 -70.65 19.74 79.48
N THR Q 484 -69.52 19.90 78.79
CA THR Q 484 -68.39 20.61 79.36
C THR Q 484 -67.60 21.26 78.23
N THR Q 485 -67.15 22.49 78.46
CA THR Q 485 -66.36 23.21 77.46
C THR Q 485 -64.88 22.82 77.48
N GLU Q 486 -64.43 22.10 78.50
CA GLU Q 486 -63.03 21.71 78.58
C GLU Q 486 -62.71 20.66 77.51
N THR Q 487 -61.60 20.85 76.82
CA THR Q 487 -61.24 19.94 75.74
C THR Q 487 -60.79 18.59 76.26
N THR Q 488 -59.93 18.59 77.28
CA THR Q 488 -59.30 17.38 77.77
C THR Q 488 -59.75 17.09 79.20
N SER Q 489 -60.00 15.82 79.48
CA SER Q 489 -60.37 15.35 80.81
C SER Q 489 -59.35 14.32 81.27
N ALA Q 490 -58.98 14.39 82.55
CA ALA Q 490 -58.00 13.46 83.09
C ALA Q 490 -58.54 12.04 83.07
N GLY Q 491 -57.63 11.08 82.97
CA GLY Q 491 -57.98 9.68 82.89
C GLY Q 491 -57.32 8.89 84.02
N SER Q 492 -57.07 7.62 83.74
CA SER Q 492 -56.50 6.71 84.72
C SER Q 492 -55.56 5.75 84.02
N ALA Q 493 -54.91 4.89 84.80
CA ALA Q 493 -53.95 3.95 84.26
C ALA Q 493 -54.62 2.95 83.33
N THR Q 494 -53.95 2.63 82.23
CA THR Q 494 -54.49 1.65 81.29
C THR Q 494 -54.59 0.28 81.94
N THR Q 495 -55.68 -0.43 81.62
CA THR Q 495 -55.95 -1.70 82.28
C THR Q 495 -54.97 -2.78 81.86
N ASN Q 496 -54.71 -2.90 80.55
CA ASN Q 496 -53.86 -3.97 80.02
C ASN Q 496 -52.86 -3.38 79.04
N PRO Q 497 -51.74 -2.86 79.54
CA PRO Q 497 -50.79 -2.20 78.63
C PRO Q 497 -50.08 -3.16 77.71
N LEU Q 498 -49.74 -4.35 78.21
CA LEU Q 498 -48.98 -5.30 77.42
C LEU Q 498 -49.77 -5.80 76.22
N ALA Q 499 -51.07 -6.02 76.39
CA ALA Q 499 -51.90 -6.46 75.27
C ALA Q 499 -51.95 -5.40 74.18
N ALA Q 500 -52.12 -4.13 74.56
CA ALA Q 500 -52.17 -3.07 73.57
C ALA Q 500 -50.83 -2.93 72.85
N LEU Q 501 -49.73 -3.03 73.59
CA LEU Q 501 -48.42 -2.97 72.96
C LEU Q 501 -48.21 -4.13 71.99
N ASP Q 502 -48.68 -5.33 72.37
CA ASP Q 502 -48.59 -6.47 71.47
C ASP Q 502 -49.41 -6.24 70.21
N ASP Q 503 -50.60 -5.65 70.34
CA ASP Q 503 -51.41 -5.37 69.17
C ASP Q 503 -50.71 -4.37 68.24
N ALA Q 504 -50.09 -3.34 68.83
CA ALA Q 504 -49.36 -2.37 68.02
C ALA Q 504 -48.19 -3.04 67.29
N ILE Q 505 -47.44 -3.88 67.99
CA ILE Q 505 -46.31 -4.57 67.36
C ILE Q 505 -46.81 -5.47 66.24
N SER Q 506 -47.94 -6.15 66.46
CA SER Q 506 -48.50 -7.02 65.43
C SER Q 506 -48.91 -6.22 64.19
N SER Q 507 -49.51 -5.05 64.39
CA SER Q 507 -49.87 -4.21 63.25
C SER Q 507 -48.62 -3.79 62.47
N ILE Q 508 -47.57 -3.39 63.19
CA ILE Q 508 -46.34 -3.00 62.53
C ILE Q 508 -45.77 -4.17 61.73
N ASP Q 509 -45.79 -5.37 62.32
CA ASP Q 509 -45.25 -6.55 61.64
C ASP Q 509 -46.05 -6.88 60.39
N LYS Q 510 -47.38 -6.77 60.46
CA LYS Q 510 -48.21 -7.04 59.29
C LYS Q 510 -47.90 -6.06 58.17
N PHE Q 511 -47.76 -4.77 58.51
CA PHE Q 511 -47.41 -3.79 57.48
C PHE Q 511 -46.06 -4.11 56.86
N ARG Q 512 -45.07 -4.45 57.68
CA ARG Q 512 -43.75 -4.76 57.15
C ARG Q 512 -43.78 -6.00 56.25
N SER Q 513 -44.55 -7.01 56.63
CA SER Q 513 -44.65 -8.21 55.81
C SER Q 513 -45.28 -7.91 54.46
N SER Q 514 -46.36 -7.13 54.45
CA SER Q 514 -46.97 -6.76 53.17
C SER Q 514 -45.99 -5.97 52.31
N LEU Q 515 -45.25 -5.05 52.92
CA LEU Q 515 -44.28 -4.25 52.18
C LEU Q 515 -43.19 -5.13 51.58
N GLY Q 516 -42.69 -6.10 52.34
CA GLY Q 516 -41.67 -6.98 51.81
C GLY Q 516 -42.17 -7.86 50.68
N ALA Q 517 -43.41 -8.34 50.79
CA ALA Q 517 -43.98 -9.11 49.69
C ALA Q 517 -44.08 -8.28 48.42
N ILE Q 518 -44.52 -7.02 48.56
CA ILE Q 518 -44.57 -6.14 47.40
C ILE Q 518 -43.18 -5.94 46.82
N GLN Q 519 -42.18 -5.78 47.68
CA GLN Q 519 -40.81 -5.62 47.21
C GLN Q 519 -40.36 -6.82 46.39
N ASN Q 520 -40.61 -8.02 46.88
CA ASN Q 520 -40.20 -9.22 46.14
C ASN Q 520 -40.89 -9.31 44.80
N ARG Q 521 -42.20 -9.08 44.77
CA ARG Q 521 -42.90 -9.18 43.49
C ARG Q 521 -42.43 -8.11 42.52
N LEU Q 522 -42.08 -6.92 43.01
CA LEU Q 522 -41.58 -5.88 42.14
C LEU Q 522 -40.22 -6.26 41.55
N ASP Q 523 -39.36 -6.87 42.37
CA ASP Q 523 -38.07 -7.32 41.85
C ASP Q 523 -38.25 -8.39 40.77
N SER Q 524 -39.17 -9.33 40.99
CA SER Q 524 -39.45 -10.33 39.97
C SER Q 524 -39.96 -9.68 38.69
N ALA Q 525 -40.80 -8.65 38.82
CA ALA Q 525 -41.27 -7.92 37.65
C ALA Q 525 -40.10 -7.28 36.90
N VAL Q 526 -39.13 -6.72 37.64
CA VAL Q 526 -37.97 -6.12 36.99
C VAL Q 526 -37.21 -7.16 36.17
N THR Q 527 -36.98 -8.34 36.76
CA THR Q 527 -36.24 -9.38 36.05
C THR Q 527 -36.97 -9.81 34.78
N ASN Q 528 -38.29 -10.01 34.89
CA ASN Q 528 -39.05 -10.42 33.71
C ASN Q 528 -39.01 -9.35 32.63
N LEU Q 529 -39.10 -8.08 33.03
CA LEU Q 529 -39.05 -7.00 32.05
C LEU Q 529 -37.71 -6.98 31.33
N ASN Q 530 -36.61 -7.18 32.06
CA ASN Q 530 -35.31 -7.22 31.43
C ASN Q 530 -35.22 -8.35 30.40
N ASN Q 531 -35.69 -9.55 30.79
CA ASN Q 531 -35.63 -10.67 29.86
C ASN Q 531 -36.46 -10.40 28.60
N THR Q 532 -37.67 -9.88 28.78
CA THR Q 532 -38.53 -9.60 27.63
C THR Q 532 -37.91 -8.53 26.73
N THR Q 533 -37.30 -7.51 27.34
CA THR Q 533 -36.65 -6.47 26.55
C THR Q 533 -35.53 -7.05 25.71
N THR Q 534 -34.70 -7.91 26.30
CA THR Q 534 -33.61 -8.52 25.55
C THR Q 534 -34.15 -9.33 24.38
N ASN Q 535 -35.18 -10.14 24.62
CA ASN Q 535 -35.72 -10.98 23.55
C ASN Q 535 -36.33 -10.14 22.43
N LEU Q 536 -37.07 -9.09 22.79
CA LEU Q 536 -37.70 -8.26 21.76
C LEU Q 536 -36.65 -7.49 20.96
N SER Q 537 -35.58 -7.03 21.62
CA SER Q 537 -34.51 -6.37 20.89
C SER Q 537 -33.85 -7.34 19.92
N GLU Q 538 -33.65 -8.58 20.34
CA GLU Q 538 -33.09 -9.59 19.43
C GLU Q 538 -34.00 -9.82 18.23
N ALA Q 539 -35.32 -9.89 18.47
CA ALA Q 539 -36.26 -10.09 17.36
C ALA Q 539 -36.23 -8.91 16.39
N GLN Q 540 -36.19 -7.69 16.92
CA GLN Q 540 -36.08 -6.53 16.04
C GLN Q 540 -34.80 -6.59 15.22
N SER Q 541 -33.70 -7.04 15.84
CA SER Q 541 -32.46 -7.22 15.09
C SER Q 541 -32.62 -8.26 14.00
N ARG Q 542 -33.39 -9.33 14.28
CA ARG Q 542 -33.69 -10.32 13.25
C ARG Q 542 -34.35 -9.68 12.05
N ILE Q 543 -35.37 -8.85 12.30
CA ILE Q 543 -36.13 -8.26 11.20
C ILE Q 543 -35.28 -7.25 10.43
N GLN Q 544 -34.61 -6.35 11.15
CA GLN Q 544 -33.81 -5.28 10.58
C GLN Q 544 -32.36 -5.74 10.43
N ASP Q 545 -31.43 -4.78 10.30
CA ASP Q 545 -29.99 -5.04 10.36
C ASP Q 545 -29.47 -5.91 9.22
N ALA Q 546 -29.48 -5.37 8.00
CA ALA Q 546 -28.90 -6.03 6.85
C ALA Q 546 -27.50 -6.55 7.16
N ASP Q 547 -27.11 -7.61 6.46
CA ASP Q 547 -25.85 -8.29 6.72
C ASP Q 547 -24.74 -7.68 5.85
N TYR Q 548 -23.67 -7.24 6.52
CA TYR Q 548 -22.59 -6.56 5.80
C TYR Q 548 -21.95 -7.45 4.74
N ALA Q 549 -21.83 -8.75 4.99
CA ALA Q 549 -21.24 -9.63 3.99
C ALA Q 549 -22.05 -9.61 2.70
N THR Q 550 -23.37 -9.81 2.81
CA THR Q 550 -24.22 -9.83 1.65
C THR Q 550 -24.20 -8.49 0.94
N GLU Q 551 -24.29 -7.39 1.69
CA GLU Q 551 -24.34 -6.08 1.04
C GLU Q 551 -23.02 -5.72 0.37
N VAL Q 552 -21.89 -6.09 0.98
CA VAL Q 552 -20.60 -5.83 0.36
C VAL Q 552 -20.47 -6.62 -0.94
N SER Q 553 -20.86 -7.90 -0.92
CA SER Q 553 -20.81 -8.68 -2.14
C SER Q 553 -21.70 -8.07 -3.22
N ASN Q 554 -22.90 -7.62 -2.82
CA ASN Q 554 -23.82 -7.04 -3.78
C ASN Q 554 -23.25 -5.78 -4.41
N MET Q 555 -22.69 -4.89 -3.58
CA MET Q 555 -22.16 -3.65 -4.16
C MET Q 555 -20.95 -3.92 -5.03
N SER Q 556 -20.12 -4.91 -4.66
CA SER Q 556 -18.93 -5.20 -5.46
C SER Q 556 -19.33 -5.72 -6.83
N LYS Q 557 -20.27 -6.67 -6.88
CA LYS Q 557 -20.72 -7.14 -8.17
C LYS Q 557 -21.44 -6.05 -8.95
N ALA Q 558 -22.16 -5.16 -8.27
CA ALA Q 558 -22.80 -4.05 -8.95
C ALA Q 558 -21.78 -3.10 -9.57
N GLN Q 559 -20.70 -2.82 -8.85
CA GLN Q 559 -19.65 -1.95 -9.37
C GLN Q 559 -19.00 -2.57 -10.60
N ILE Q 560 -18.72 -3.88 -10.55
CA ILE Q 560 -18.12 -4.52 -11.72
C ILE Q 560 -19.09 -4.51 -12.90
N ILE Q 561 -20.37 -4.75 -12.65
CA ILE Q 561 -21.34 -4.69 -13.73
C ILE Q 561 -21.37 -3.30 -14.34
N GLN Q 562 -21.29 -2.27 -13.49
CA GLN Q 562 -21.31 -0.91 -13.99
C GLN Q 562 -20.09 -0.61 -14.85
N GLN Q 563 -18.91 -1.02 -14.39
CA GLN Q 563 -17.69 -0.76 -15.17
C GLN Q 563 -17.72 -1.52 -16.49
N ALA Q 564 -18.18 -2.78 -16.47
CA ALA Q 564 -18.31 -3.54 -17.70
C ALA Q 564 -19.30 -2.87 -18.65
N GLY Q 565 -20.42 -2.39 -18.10
CA GLY Q 565 -21.39 -1.70 -18.93
C GLY Q 565 -20.82 -0.43 -19.54
N ASN Q 566 -20.04 0.32 -18.77
CA ASN Q 566 -19.43 1.53 -19.30
C ASN Q 566 -18.44 1.22 -20.41
N SER Q 567 -17.62 0.19 -20.23
CA SER Q 567 -16.66 -0.17 -21.26
C SER Q 567 -17.36 -0.65 -22.53
N VAL Q 568 -18.39 -1.49 -22.38
CA VAL Q 568 -19.14 -1.96 -23.54
C VAL Q 568 -19.88 -0.79 -24.19
N LEU Q 569 -20.33 0.17 -23.39
CA LEU Q 569 -20.96 1.37 -23.92
C LEU Q 569 -19.97 2.17 -24.75
N ALA Q 570 -18.73 2.27 -24.29
CA ALA Q 570 -17.72 2.96 -25.08
C ALA Q 570 -17.46 2.24 -26.40
N LYS Q 571 -17.40 0.90 -26.34
CA LYS Q 571 -17.19 0.14 -27.57
C LYS Q 571 -18.36 0.27 -28.54
N ALA Q 572 -19.59 0.30 -28.02
CA ALA Q 572 -20.75 0.46 -28.88
C ALA Q 572 -20.86 1.88 -29.43
N ASN Q 573 -20.59 2.87 -28.59
CA ASN Q 573 -20.50 4.27 -28.99
C ASN Q 573 -19.33 4.50 -29.93
N GLN Q 574 -18.43 3.54 -30.06
CA GLN Q 574 -17.50 3.55 -31.18
C GLN Q 574 -18.36 3.22 -32.40
N VAL Q 575 -19.25 4.14 -32.72
CA VAL Q 575 -20.29 4.01 -33.73
C VAL Q 575 -19.59 3.94 -35.08
N PRO Q 576 -20.23 3.38 -36.11
CA PRO Q 576 -19.54 3.15 -37.37
C PRO Q 576 -18.92 4.40 -37.98
N GLN Q 577 -17.59 4.46 -38.02
CA GLN Q 577 -16.90 5.31 -38.97
C GLN Q 577 -16.56 4.55 -40.24
N GLN Q 578 -16.88 3.26 -40.29
CA GLN Q 578 -16.79 2.51 -41.53
C GLN Q 578 -17.72 3.09 -42.60
N VAL Q 579 -18.78 3.78 -42.19
CA VAL Q 579 -19.59 4.50 -43.16
C VAL Q 579 -18.77 5.62 -43.80
N LEU Q 580 -18.00 6.35 -42.99
CA LEU Q 580 -17.08 7.34 -43.56
C LEU Q 580 -16.06 6.67 -44.46
N SER Q 581 -15.55 5.52 -44.03
CA SER Q 581 -14.58 4.77 -44.83
C SER Q 581 -15.16 4.40 -46.19
N LEU Q 582 -16.42 3.98 -46.21
CA LEU Q 582 -17.10 3.71 -47.47
C LEU Q 582 -17.30 4.96 -48.29
N LEU Q 583 -17.48 6.10 -47.63
CA LEU Q 583 -17.91 7.32 -48.32
C LEU Q 583 -16.90 7.76 -49.37
N GLN Q 584 -15.61 7.79 -49.04
CA GLN Q 584 -14.65 8.32 -50.00
C GLN Q 584 -14.33 7.34 -51.12
N GLY Q 585 -14.76 6.10 -51.02
CA GLY Q 585 -14.49 5.11 -52.05
C GLY Q 585 -15.33 5.31 -53.29
N MET R 1 20.99 -6.16 -30.68
CA MET R 1 19.58 -5.87 -30.45
C MET R 1 18.93 -5.34 -31.72
N ALA R 2 19.33 -4.13 -32.14
CA ALA R 2 18.70 -3.50 -33.30
C ALA R 2 18.94 -4.33 -34.56
N GLN R 3 20.04 -5.06 -34.63
CA GLN R 3 20.39 -5.78 -35.84
C GLN R 3 19.83 -7.20 -35.90
N VAL R 4 19.49 -7.81 -34.77
CA VAL R 4 19.06 -9.20 -34.73
C VAL R 4 17.76 -9.31 -33.93
N ILE R 5 16.88 -10.19 -34.37
CA ILE R 5 15.66 -10.50 -33.62
C ILE R 5 15.51 -11.97 -33.30
N ASN R 6 16.27 -12.85 -33.93
CA ASN R 6 16.06 -14.28 -33.73
C ASN R 6 16.52 -14.75 -32.37
N THR R 7 17.49 -14.07 -31.77
CA THR R 7 18.00 -14.41 -30.46
C THR R 7 18.04 -13.16 -29.59
N ASN R 8 18.22 -13.36 -28.29
CA ASN R 8 18.37 -12.24 -27.36
C ASN R 8 19.49 -12.61 -26.39
N SER R 9 20.70 -12.15 -26.71
CA SER R 9 21.85 -12.38 -25.84
C SER R 9 21.60 -11.80 -24.45
N LEU R 10 20.99 -10.61 -24.40
CA LEU R 10 20.70 -9.99 -23.11
C LEU R 10 19.75 -10.85 -22.29
N SER R 11 18.70 -11.38 -22.93
CA SER R 11 17.76 -12.23 -22.21
C SER R 11 18.44 -13.49 -21.70
N LEU R 12 19.29 -14.11 -22.52
CA LEU R 12 19.98 -15.32 -22.08
C LEU R 12 20.88 -15.04 -20.88
N ILE R 13 21.64 -13.94 -20.93
CA ILE R 13 22.53 -13.63 -19.81
C ILE R 13 21.73 -13.34 -18.55
N THR R 14 20.64 -12.58 -18.68
CA THR R 14 19.81 -12.28 -17.52
C THR R 14 19.22 -13.55 -16.93
N GLN R 15 18.76 -14.47 -17.77
CA GLN R 15 18.21 -15.73 -17.26
C GLN R 15 19.27 -16.53 -16.51
N ASN R 16 20.50 -16.57 -17.05
CA ASN R 16 21.57 -17.28 -16.36
C ASN R 16 21.82 -16.68 -14.97
N ASN R 17 21.89 -15.35 -14.90
CA ASN R 17 22.13 -14.70 -13.62
C ASN R 17 20.98 -14.95 -12.64
N ILE R 18 19.75 -14.94 -13.16
CA ILE R 18 18.60 -15.20 -12.30
C ILE R 18 18.66 -16.60 -11.71
N ASN R 19 19.02 -17.60 -12.53
CA ASN R 19 19.14 -18.96 -12.02
C ASN R 19 20.24 -19.05 -10.96
N LYS R 20 21.37 -18.39 -11.23
CA LYS R 20 22.48 -18.42 -10.27
C LYS R 20 22.06 -17.84 -8.93
N ASN R 21 21.28 -16.76 -8.94
CA ASN R 21 20.78 -16.23 -7.67
C ASN R 21 19.74 -17.13 -7.06
N GLN R 22 18.93 -17.80 -7.89
CA GLN R 22 17.88 -18.68 -7.40
C GLN R 22 18.46 -19.79 -6.54
N SER R 23 19.61 -20.32 -6.94
CA SER R 23 20.24 -21.37 -6.13
C SER R 23 20.45 -20.91 -4.69
N ALA R 24 21.07 -19.74 -4.51
CA ALA R 24 21.35 -19.24 -3.16
C ALA R 24 20.07 -18.87 -2.43
N LEU R 25 19.08 -18.35 -3.15
CA LEU R 25 17.80 -18.01 -2.51
C LEU R 25 17.17 -19.25 -1.89
N SER R 26 17.08 -20.33 -2.68
CA SER R 26 16.49 -21.56 -2.17
C SER R 26 17.31 -22.12 -1.00
N SER R 27 18.64 -22.07 -1.11
CA SER R 27 19.47 -22.56 -0.02
C SER R 27 19.18 -21.81 1.26
N SER R 28 19.16 -20.48 1.20
CA SER R 28 18.95 -19.68 2.40
C SER R 28 17.57 -19.93 3.01
N ILE R 29 16.54 -20.01 2.16
CA ILE R 29 15.19 -20.21 2.69
C ILE R 29 15.08 -21.56 3.39
N GLU R 30 15.62 -22.62 2.77
CA GLU R 30 15.53 -23.92 3.42
C GLU R 30 16.36 -23.97 4.69
N ARG R 31 17.50 -23.29 4.72
CA ARG R 31 18.31 -23.27 5.93
C ARG R 31 17.58 -22.58 7.07
N LEU R 32 16.89 -21.46 6.77
CA LEU R 32 16.09 -20.80 7.81
C LEU R 32 14.94 -21.68 8.27
N SER R 33 14.27 -22.35 7.33
CA SER R 33 13.13 -23.18 7.72
C SER R 33 13.56 -24.32 8.63
N SER R 34 14.68 -24.97 8.30
CA SER R 34 15.11 -26.12 9.10
C SER R 34 15.76 -25.69 10.41
N GLY R 35 16.52 -24.59 10.39
CA GLY R 35 17.25 -24.18 11.58
C GLY R 35 18.55 -24.90 11.79
N LEU R 36 19.17 -25.42 10.72
CA LEU R 36 20.41 -26.17 10.82
C LEU R 36 21.40 -25.67 9.79
N ARG R 37 22.67 -25.55 10.18
CA ARG R 37 23.69 -25.10 9.25
C ARG R 37 24.00 -26.15 8.20
N ILE R 38 24.19 -27.40 8.64
CA ILE R 38 24.48 -28.52 7.75
C ILE R 38 23.16 -29.22 7.45
N ASN R 39 22.67 -29.05 6.22
CA ASN R 39 21.36 -29.57 5.85
C ASN R 39 21.50 -30.41 4.60
N SER R 40 20.98 -31.63 4.64
CA SER R 40 20.94 -32.55 3.52
C SER R 40 22.33 -32.88 2.99
N ALA R 41 23.39 -32.54 3.72
CA ALA R 41 24.77 -32.89 3.40
C ALA R 41 25.17 -32.45 1.98
N LYS R 42 24.67 -31.31 1.54
CA LYS R 42 25.08 -30.74 0.25
C LYS R 42 26.39 -29.99 0.37
N ASP R 43 27.07 -30.16 1.48
CA ASP R 43 28.18 -29.33 1.91
C ASP R 43 29.23 -30.24 2.52
N ASP R 44 30.18 -29.66 3.26
CA ASP R 44 31.25 -30.44 3.87
C ASP R 44 30.68 -31.58 4.71
N ALA R 45 30.88 -32.81 4.22
CA ALA R 45 30.31 -33.98 4.87
C ALA R 45 31.02 -34.34 6.16
N ALA R 46 32.22 -33.80 6.38
CA ALA R 46 32.86 -33.98 7.68
C ALA R 46 32.00 -33.42 8.80
N GLY R 47 31.37 -32.28 8.57
CA GLY R 47 30.45 -31.74 9.55
C GLY R 47 29.28 -32.67 9.82
N GLN R 48 28.72 -33.26 8.77
CA GLN R 48 27.62 -34.21 8.93
C GLN R 48 28.05 -35.40 9.77
N ALA R 49 29.20 -35.98 9.45
CA ALA R 49 29.68 -37.16 10.18
C ALA R 49 29.97 -36.83 11.63
N ILE R 50 30.62 -35.68 11.89
CA ILE R 50 30.94 -35.31 13.25
C ILE R 50 29.67 -35.01 14.05
N ALA R 51 28.68 -34.41 13.40
CA ALA R 51 27.41 -34.19 14.07
C ALA R 51 26.75 -35.51 14.44
N ASN R 52 26.81 -36.50 13.55
CA ASN R 52 26.28 -37.82 13.88
C ASN R 52 27.00 -38.41 15.08
N ARG R 53 28.33 -38.32 15.10
CA ARG R 53 29.09 -38.86 16.22
C ARG R 53 28.71 -38.18 17.52
N PHE R 54 28.56 -36.85 17.48
CA PHE R 54 28.20 -36.12 18.70
C PHE R 54 26.79 -36.48 19.17
N THR R 55 25.86 -36.66 18.24
CA THR R 55 24.51 -37.06 18.62
C THR R 55 24.53 -38.42 19.30
N SER R 56 25.28 -39.37 18.72
CA SER R 56 25.41 -40.69 19.33
C SER R 56 25.99 -40.59 20.73
N ASN R 57 27.06 -39.80 20.89
CA ASN R 57 27.67 -39.67 22.20
C ASN R 57 26.73 -39.05 23.22
N ILE R 58 25.98 -38.03 22.81
CA ILE R 58 25.06 -37.35 23.73
C ILE R 58 23.97 -38.31 24.20
N LYS R 59 23.35 -39.04 23.26
CA LYS R 59 22.31 -39.98 23.65
C LYS R 59 22.86 -41.06 24.57
N GLY R 60 24.04 -41.61 24.22
CA GLY R 60 24.63 -42.63 25.06
C GLY R 60 24.92 -42.14 26.46
N LEU R 61 25.48 -40.92 26.57
CA LEU R 61 25.81 -40.39 27.89
C LEU R 61 24.56 -40.14 28.73
N THR R 62 23.49 -39.64 28.11
CA THR R 62 22.25 -39.44 28.87
C THR R 62 21.71 -40.76 29.40
N GLN R 63 21.69 -41.78 28.54
CA GLN R 63 21.19 -43.08 28.99
C GLN R 63 22.09 -43.66 30.08
N ALA R 64 23.40 -43.43 29.97
CA ALA R 64 24.33 -43.91 30.98
C ALA R 64 24.09 -43.21 32.32
N ALA R 65 23.78 -41.92 32.29
CA ALA R 65 23.45 -41.23 33.53
C ALA R 65 22.20 -41.83 34.17
N ARG R 66 21.20 -42.16 33.35
CA ARG R 66 20.01 -42.82 33.90
C ARG R 66 20.37 -44.17 34.54
N ASN R 67 21.24 -44.94 33.89
CA ASN R 67 21.67 -46.22 34.44
C ASN R 67 22.36 -46.03 35.79
N ALA R 68 23.21 -45.01 35.88
CA ALA R 68 23.91 -44.75 37.13
C ALA R 68 22.93 -44.38 38.23
N ASN R 69 21.88 -43.61 37.91
CA ASN R 69 20.86 -43.31 38.89
C ASN R 69 20.18 -44.58 39.40
N ASP R 70 19.88 -45.51 38.50
CA ASP R 70 19.31 -46.78 38.93
C ASP R 70 20.25 -47.53 39.86
N GLY R 71 21.54 -47.52 39.56
CA GLY R 71 22.51 -48.15 40.44
C GLY R 71 22.52 -47.52 41.82
N ILE R 72 22.43 -46.20 41.89
CA ILE R 72 22.36 -45.52 43.18
C ILE R 72 21.15 -46.01 43.96
N SER R 73 20.01 -46.18 43.27
CA SER R 73 18.82 -46.67 43.94
C SER R 73 19.04 -48.06 44.53
N VAL R 74 19.69 -48.94 43.76
CA VAL R 74 19.97 -50.29 44.25
C VAL R 74 20.81 -50.23 45.51
N ALA R 75 21.85 -49.40 45.49
CA ALA R 75 22.72 -49.28 46.64
C ALA R 75 21.97 -48.78 47.86
N GLN R 76 21.09 -47.79 47.66
CA GLN R 76 20.32 -47.25 48.79
C GLN R 76 19.44 -48.32 49.43
N THR R 77 18.74 -49.10 48.60
CA THR R 77 17.86 -50.14 49.14
C THR R 77 18.66 -51.16 49.94
N THR R 78 19.79 -51.61 49.38
CA THR R 78 20.60 -52.59 50.09
C THR R 78 21.11 -52.02 51.41
N GLU R 79 21.52 -50.75 51.42
CA GLU R 79 22.01 -50.14 52.65
C GLU R 79 20.93 -50.06 53.72
N GLY R 80 19.69 -49.75 53.33
CA GLY R 80 18.61 -49.75 54.31
C GLY R 80 18.38 -51.11 54.93
N ALA R 81 18.37 -52.15 54.10
CA ALA R 81 18.22 -53.50 54.64
C ALA R 81 19.35 -53.84 55.62
N LEU R 82 20.58 -53.48 55.25
CA LEU R 82 21.72 -53.73 56.12
C LEU R 82 21.58 -52.98 57.45
N SER R 83 21.06 -51.75 57.41
CA SER R 83 20.89 -50.99 58.65
C SER R 83 19.91 -51.70 59.58
N GLU R 84 18.80 -52.20 59.04
CA GLU R 84 17.86 -52.92 59.90
C GLU R 84 18.50 -54.18 60.49
N ILE R 85 19.26 -54.92 59.68
CA ILE R 85 19.93 -56.10 60.20
C ILE R 85 20.88 -55.73 61.33
N ASN R 86 21.60 -54.61 61.17
CA ASN R 86 22.54 -54.17 62.20
C ASN R 86 21.83 -53.84 63.50
N ASN R 87 20.68 -53.17 63.41
CA ASN R 87 19.92 -52.87 64.64
C ASN R 87 19.51 -54.16 65.35
N ASN R 88 19.04 -55.15 64.58
CA ASN R 88 18.68 -56.43 65.19
C ASN R 88 19.88 -57.07 65.88
N LEU R 89 21.04 -57.04 65.24
CA LEU R 89 22.24 -57.64 65.84
C LEU R 89 22.63 -56.93 67.13
N GLN R 90 22.53 -55.61 67.16
CA GLN R 90 22.84 -54.88 68.38
C GLN R 90 21.92 -55.30 69.51
N ARG R 91 20.62 -55.41 69.23
CA ARG R 91 19.70 -55.84 70.28
C ARG R 91 20.02 -57.25 70.76
N ILE R 92 20.39 -58.14 69.82
CA ILE R 92 20.76 -59.50 70.20
C ILE R 92 21.97 -59.48 71.14
N ARG R 93 22.96 -58.65 70.84
CA ARG R 93 24.13 -58.58 71.70
C ARG R 93 23.76 -58.08 73.09
N GLU R 94 22.88 -57.08 73.17
CA GLU R 94 22.45 -56.60 74.49
C GLU R 94 21.77 -57.71 75.28
N LEU R 95 20.91 -58.49 74.62
CA LEU R 95 20.26 -59.61 75.30
C LEU R 95 21.29 -60.64 75.77
N THR R 96 22.30 -60.92 74.94
CA THR R 96 23.32 -61.87 75.35
C THR R 96 24.08 -61.38 76.58
N VAL R 97 24.41 -60.09 76.61
CA VAL R 97 25.13 -59.54 77.75
C VAL R 97 24.31 -59.69 79.01
N GLN R 98 23.00 -59.42 78.92
CA GLN R 98 22.17 -59.59 80.12
C GLN R 98 21.94 -61.06 80.46
N ALA R 99 22.07 -61.96 79.48
CA ALA R 99 21.84 -63.37 79.74
C ALA R 99 23.02 -64.05 80.39
N THR R 100 24.24 -63.62 80.09
CA THR R 100 25.42 -64.31 80.61
C THR R 100 25.58 -64.18 82.12
N THR R 101 24.81 -63.31 82.77
CA THR R 101 24.91 -63.16 84.21
C THR R 101 24.55 -64.46 84.92
N GLY R 102 25.27 -64.76 86.00
CA GLY R 102 25.02 -65.98 86.75
C GLY R 102 23.83 -65.92 87.68
N THR R 103 23.20 -64.74 87.82
CA THR R 103 22.01 -64.64 88.65
C THR R 103 20.79 -65.25 87.96
N ASN R 104 20.72 -65.13 86.63
CA ASN R 104 19.54 -65.58 85.90
C ASN R 104 19.31 -67.07 86.09
N SER R 105 18.05 -67.45 86.18
CA SER R 105 17.66 -68.84 86.38
C SER R 105 17.32 -69.48 85.02
N ASP R 106 16.88 -70.73 85.08
CA ASP R 106 16.63 -71.49 83.85
C ASP R 106 15.50 -70.89 83.03
N SER R 107 14.41 -70.47 83.70
CA SER R 107 13.30 -69.86 82.98
C SER R 107 13.72 -68.54 82.33
N ASP R 108 14.53 -67.75 83.04
CA ASP R 108 15.02 -66.51 82.47
C ASP R 108 15.87 -66.76 81.25
N LEU R 109 16.77 -67.75 81.32
CA LEU R 109 17.58 -68.09 80.17
C LEU R 109 16.72 -68.57 79.01
N ASP R 110 15.68 -69.34 79.30
CA ASP R 110 14.78 -69.82 78.26
C ASP R 110 14.09 -68.65 77.56
N SER R 111 13.59 -67.70 78.33
CA SER R 111 12.92 -66.54 77.74
C SER R 111 13.87 -65.72 76.89
N ILE R 112 15.08 -65.48 77.39
CA ILE R 112 16.04 -64.69 76.64
C ILE R 112 16.42 -65.41 75.34
N GLN R 113 16.60 -66.73 75.41
CA GLN R 113 16.90 -67.49 74.20
C GLN R 113 15.74 -67.46 73.22
N ASP R 114 14.51 -67.46 73.71
CA ASP R 114 13.35 -67.34 72.82
C ASP R 114 13.42 -66.02 72.07
N GLU R 115 13.70 -64.92 72.80
CA GLU R 115 13.80 -63.62 72.15
C GLU R 115 14.92 -63.61 71.11
N ILE R 116 16.07 -64.19 71.46
CA ILE R 116 17.21 -64.22 70.53
C ILE R 116 16.87 -65.01 69.28
N LYS R 117 16.19 -66.14 69.44
CA LYS R 117 15.79 -66.94 68.29
C LYS R 117 14.82 -66.16 67.41
N SER R 118 13.89 -65.43 68.03
CA SER R 118 12.96 -64.62 67.24
C SER R 118 13.71 -63.57 66.42
N ARG R 119 14.68 -62.91 67.02
CA ARG R 119 15.39 -61.87 66.28
C ARG R 119 16.30 -62.45 65.20
N LEU R 120 16.90 -63.60 65.44
CA LEU R 120 17.65 -64.27 64.38
C LEU R 120 16.73 -64.65 63.22
N ASP R 121 15.53 -65.13 63.54
CA ASP R 121 14.56 -65.43 62.49
C ASP R 121 14.21 -64.18 61.71
N GLU R 122 14.07 -63.04 62.40
CA GLU R 122 13.80 -61.79 61.69
C GLU R 122 14.94 -61.40 60.77
N ILE R 123 16.18 -61.58 61.22
CA ILE R 123 17.32 -61.28 60.36
C ILE R 123 17.29 -62.13 59.10
N ASP R 124 17.06 -63.43 59.28
CA ASP R 124 16.98 -64.33 58.13
C ASP R 124 15.84 -63.94 57.20
N ARG R 125 14.68 -63.61 57.76
CA ARG R 125 13.53 -63.24 56.94
C ARG R 125 13.80 -62.00 56.12
N VAL R 126 14.33 -60.95 56.76
CA VAL R 126 14.59 -59.70 56.05
C VAL R 126 15.61 -59.93 54.95
N SER R 127 16.68 -60.67 55.26
CA SER R 127 17.72 -60.93 54.26
C SER R 127 17.16 -61.70 53.08
N GLY R 128 16.34 -62.73 53.35
CA GLY R 128 15.80 -63.53 52.27
C GLY R 128 14.81 -62.77 51.40
N GLN R 129 13.95 -61.96 52.02
CA GLN R 129 12.83 -61.37 51.31
C GLN R 129 13.09 -59.95 50.79
N THR R 130 14.20 -59.33 51.15
CA THR R 130 14.51 -58.03 50.56
C THR R 130 14.77 -58.18 49.07
N GLN R 131 14.09 -57.38 48.26
CA GLN R 131 14.08 -57.56 46.83
C GLN R 131 14.06 -56.20 46.13
N PHE R 132 14.76 -56.11 45.01
CA PHE R 132 14.76 -54.93 44.15
C PHE R 132 14.59 -55.39 42.71
N ASN R 133 13.50 -54.96 42.07
CA ASN R 133 13.25 -55.27 40.66
C ASN R 133 13.32 -56.77 40.38
N GLY R 134 12.76 -57.56 41.29
CA GLY R 134 12.74 -59.00 41.11
C GLY R 134 14.06 -59.68 41.39
N VAL R 135 15.03 -58.98 41.96
CA VAL R 135 16.34 -59.54 42.28
C VAL R 135 16.53 -59.54 43.78
N ASN R 136 16.87 -60.69 44.35
CA ASN R 136 17.16 -60.81 45.77
C ASN R 136 18.59 -60.37 46.00
N VAL R 137 18.77 -59.11 46.42
CA VAL R 137 20.11 -58.55 46.53
C VAL R 137 20.91 -59.23 47.63
N LEU R 138 20.26 -59.62 48.71
CA LEU R 138 20.95 -60.16 49.88
C LEU R 138 20.98 -61.69 49.90
N ALA R 139 20.53 -62.35 48.84
CA ALA R 139 20.50 -63.80 48.82
C ALA R 139 21.58 -64.42 47.94
N LYS R 140 22.30 -63.61 47.16
CA LYS R 140 23.32 -64.12 46.26
C LYS R 140 24.66 -63.47 46.56
N ASP R 141 25.72 -64.05 46.00
CA ASP R 141 27.07 -63.57 46.23
C ASP R 141 27.71 -63.02 44.95
N GLY R 142 26.90 -62.55 44.01
CA GLY R 142 27.38 -62.12 42.72
C GLY R 142 27.73 -60.65 42.67
N SER R 143 27.70 -60.11 41.45
CA SER R 143 27.98 -58.70 41.23
C SER R 143 27.14 -58.20 40.07
N MET R 144 26.84 -56.91 40.11
CA MET R 144 26.04 -56.26 39.08
C MET R 144 26.90 -55.25 38.34
N LYS R 145 26.88 -55.32 37.02
CA LYS R 145 27.66 -54.42 36.17
C LYS R 145 26.75 -53.34 35.63
N ILE R 146 27.11 -52.08 35.84
CA ILE R 146 26.30 -50.93 35.47
C ILE R 146 27.00 -50.19 34.35
N GLN R 147 26.29 -49.97 33.26
CA GLN R 147 26.83 -49.19 32.14
C GLN R 147 26.92 -47.73 32.54
N VAL R 148 28.13 -47.17 32.46
CA VAL R 148 28.34 -45.78 32.84
C VAL R 148 28.81 -44.92 31.67
N GLY R 149 29.41 -45.51 30.64
CA GLY R 149 29.78 -44.77 29.45
C GLY R 149 29.01 -45.23 28.22
N ALA R 150 29.39 -44.67 27.08
CA ALA R 150 28.76 -44.98 25.81
C ALA R 150 29.51 -46.03 24.99
N ASN R 151 30.66 -46.51 25.48
CA ASN R 151 31.46 -47.47 24.73
C ASN R 151 31.47 -48.82 25.43
N ASP R 152 32.06 -49.81 24.76
CA ASP R 152 32.03 -51.18 25.24
C ASP R 152 32.94 -51.36 26.45
N GLY R 153 32.50 -52.21 27.38
CA GLY R 153 33.33 -52.55 28.53
C GLY R 153 33.47 -51.45 29.55
N GLU R 154 32.68 -50.37 29.43
CA GLU R 154 32.85 -49.18 30.25
C GLU R 154 31.80 -49.20 31.36
N THR R 155 32.08 -50.02 32.38
CA THR R 155 31.10 -50.34 33.41
C THR R 155 31.69 -50.15 34.80
N ILE R 156 30.79 -50.14 35.78
CA ILE R 156 31.15 -50.12 37.20
C ILE R 156 30.48 -51.31 37.88
N THR R 157 31.22 -52.01 38.73
CA THR R 157 30.74 -53.25 39.32
C THR R 157 30.37 -53.03 40.78
N ILE R 158 29.19 -53.52 41.17
CA ILE R 158 28.74 -53.53 42.55
C ILE R 158 28.77 -54.97 43.03
N ASP R 159 29.54 -55.25 44.07
CA ASP R 159 29.60 -56.58 44.64
C ASP R 159 28.52 -56.75 45.70
N LEU R 160 27.87 -57.91 45.70
CA LEU R 160 26.87 -58.23 46.71
C LEU R 160 27.34 -59.42 47.53
N LYS R 161 26.78 -59.56 48.72
CA LYS R 161 27.16 -60.61 49.64
C LYS R 161 25.92 -61.36 50.09
N LYS R 162 26.06 -62.67 50.27
CA LYS R 162 24.99 -63.47 50.85
C LYS R 162 25.05 -63.33 52.37
N ILE R 163 24.11 -62.59 52.94
CA ILE R 163 24.06 -62.33 54.37
C ILE R 163 22.85 -63.03 54.94
N ASP R 164 23.08 -63.91 55.91
CA ASP R 164 22.04 -64.62 56.64
C ASP R 164 22.70 -65.20 57.88
N SER R 165 21.99 -66.10 58.56
CA SER R 165 22.58 -66.79 59.70
C SER R 165 23.79 -67.61 59.27
N ASP R 166 23.68 -68.31 58.14
CA ASP R 166 24.72 -69.27 57.75
C ASP R 166 26.07 -68.58 57.56
N THR R 167 26.08 -67.43 56.90
CA THR R 167 27.34 -66.75 56.59
C THR R 167 27.86 -65.91 57.76
N LEU R 168 27.10 -65.78 58.84
CA LEU R 168 27.56 -65.10 60.04
C LEU R 168 27.74 -66.05 61.21
N GLY R 169 27.54 -67.34 61.00
CA GLY R 169 27.63 -68.27 62.11
C GLY R 169 26.33 -68.27 62.89
N LEU R 170 26.41 -68.16 64.20
CA LEU R 170 25.24 -67.90 65.04
C LEU R 170 24.15 -68.97 64.89
N ASN R 171 24.46 -70.07 64.18
CA ASN R 171 23.43 -71.05 63.88
C ASN R 171 22.82 -71.63 65.15
N GLY R 172 23.63 -72.33 65.93
CA GLY R 172 23.19 -72.77 67.24
C GLY R 172 23.63 -71.82 68.33
N PHE R 173 23.00 -70.64 68.39
CA PHE R 173 23.44 -69.63 69.36
C PHE R 173 23.32 -70.16 70.79
N ASN R 174 22.21 -70.83 71.11
CA ASN R 174 22.15 -71.73 72.24
C ASN R 174 22.52 -71.06 73.56
N VAL R 175 21.95 -69.88 73.82
CA VAL R 175 22.25 -69.20 75.07
C VAL R 175 21.83 -70.04 76.27
N ASN R 176 20.65 -70.66 76.19
CA ASN R 176 20.16 -71.51 77.27
C ASN R 176 20.63 -72.95 77.15
N GLY R 177 21.29 -73.31 76.04
CA GLY R 177 21.83 -74.65 75.89
C GLY R 177 20.92 -75.65 75.21
N LYS R 178 19.92 -75.21 74.47
CA LYS R 178 19.01 -76.10 73.76
C LYS R 178 18.87 -75.64 72.32
N GLY R 179 19.27 -76.48 71.38
CA GLY R 179 19.26 -76.08 69.99
C GLY R 179 19.63 -77.24 69.09
N THR R 180 19.79 -76.94 67.80
CA THR R 180 20.06 -77.93 66.78
C THR R 180 21.38 -77.63 66.09
N ILE R 181 21.91 -78.65 65.40
CA ILE R 181 23.21 -78.52 64.74
C ILE R 181 23.09 -78.86 63.25
N THR R 182 22.14 -79.72 62.90
CA THR R 182 22.02 -80.26 61.54
C THR R 182 23.37 -80.80 61.06
N ASN R 183 23.80 -81.85 61.76
CA ASN R 183 25.20 -82.27 61.81
C ASN R 183 25.96 -82.31 60.48
N LYS R 184 25.59 -83.19 59.55
CA LYS R 184 26.43 -83.41 58.37
C LYS R 184 25.74 -84.47 57.50
N ALA R 185 26.28 -84.64 56.28
CA ALA R 185 25.90 -85.74 55.39
C ALA R 185 27.10 -86.66 55.19
N ALA R 186 26.87 -87.96 55.31
CA ALA R 186 27.96 -88.92 55.28
C ALA R 186 28.55 -89.05 53.87
N THR R 187 29.69 -89.73 53.79
CA THR R 187 30.36 -89.97 52.52
C THR R 187 31.07 -91.32 52.56
N VAL R 188 31.64 -91.70 51.42
CA VAL R 188 32.31 -93.00 51.31
C VAL R 188 33.54 -93.04 52.19
N SER R 189 34.25 -91.92 52.33
CA SER R 189 35.39 -91.87 53.23
C SER R 189 34.94 -92.11 54.68
N ASP R 190 33.81 -91.52 55.06
CA ASP R 190 33.28 -91.74 56.40
C ASP R 190 32.90 -93.20 56.60
N LEU R 191 32.30 -93.82 55.58
CA LEU R 191 31.94 -95.23 55.69
C LEU R 191 33.19 -96.10 55.85
N THR R 192 34.23 -95.82 55.06
CA THR R 192 35.47 -96.59 55.16
C THR R 192 36.11 -96.41 56.53
N SER R 193 36.10 -95.18 57.05
CA SER R 193 36.64 -94.94 58.39
C SER R 193 35.85 -95.70 59.44
N ALA R 194 34.52 -95.71 59.32
CA ALA R 194 33.70 -96.49 60.23
C ALA R 194 33.90 -97.99 60.07
N GLY R 195 34.43 -98.44 58.94
CA GLY R 195 34.77 -99.83 58.74
C GLY R 195 33.88 -100.61 57.82
N ALA R 196 32.99 -99.95 57.07
CA ALA R 196 32.14 -100.65 56.12
C ALA R 196 32.99 -101.26 55.01
N LYS R 197 32.58 -102.44 54.55
CA LYS R 197 33.28 -103.16 53.51
C LYS R 197 32.49 -103.10 52.21
N LEU R 198 33.18 -102.89 51.10
CA LEU R 198 32.52 -102.90 49.80
C LEU R 198 32.25 -104.34 49.38
N ASN R 199 31.01 -104.59 48.94
CA ASN R 199 30.61 -105.90 48.46
C ASN R 199 30.87 -105.95 46.95
N THR R 200 31.81 -106.80 46.54
CA THR R 200 32.24 -106.82 45.15
C THR R 200 31.12 -107.25 44.22
N THR R 201 30.31 -108.24 44.63
CA THR R 201 29.31 -108.78 43.73
C THR R 201 28.16 -107.80 43.50
N THR R 202 27.84 -106.96 44.50
CA THR R 202 26.72 -106.05 44.39
C THR R 202 27.10 -104.57 44.28
N GLY R 203 28.30 -104.21 44.72
CA GLY R 203 28.74 -102.84 44.65
C GLY R 203 28.31 -101.97 45.82
N LEU R 204 27.52 -102.50 46.75
CA LEU R 204 27.08 -101.72 47.89
C LEU R 204 28.16 -101.70 48.96
N TYR R 205 27.92 -100.89 49.99
CA TYR R 205 28.78 -100.86 51.18
C TYR R 205 28.01 -101.44 52.35
N ASP R 206 28.53 -102.52 52.92
CA ASP R 206 27.90 -103.21 54.03
C ASP R 206 28.66 -102.92 55.31
N LEU R 207 27.94 -102.46 56.34
CA LEU R 207 28.51 -102.20 57.65
C LEU R 207 28.01 -103.27 58.62
N LYS R 208 28.95 -103.97 59.25
CA LYS R 208 28.64 -105.04 60.19
C LYS R 208 29.07 -104.61 61.59
N THR R 209 28.14 -104.67 62.54
CA THR R 209 28.40 -104.34 63.93
C THR R 209 28.18 -105.58 64.78
N GLU R 210 29.17 -105.90 65.61
CA GLU R 210 29.11 -107.09 66.44
C GLU R 210 28.37 -106.81 67.75
N ASN R 211 27.95 -107.90 68.40
CA ASN R 211 27.15 -107.83 69.61
C ASN R 211 27.81 -108.73 70.66
N THR R 212 28.05 -108.18 71.85
CA THR R 212 28.74 -108.93 72.89
C THR R 212 27.78 -109.89 73.58
N LEU R 213 28.24 -111.12 73.79
CA LEU R 213 27.41 -112.11 74.47
C LEU R 213 27.12 -111.68 75.90
N LEU R 214 25.97 -112.13 76.41
CA LEU R 214 25.55 -111.75 77.75
C LEU R 214 26.56 -112.22 78.79
N THR R 215 26.91 -111.33 79.70
CA THR R 215 27.89 -111.61 80.74
C THR R 215 27.22 -111.61 82.11
N THR R 216 27.94 -112.18 83.08
CA THR R 216 27.40 -112.29 84.43
C THR R 216 27.16 -110.92 85.05
N ASP R 217 28.06 -109.96 84.80
CA ASP R 217 27.88 -108.62 85.35
C ASP R 217 26.62 -107.96 84.82
N ALA R 218 26.40 -108.05 83.50
CA ALA R 218 25.19 -107.48 82.92
C ALA R 218 23.94 -108.18 83.44
N ALA R 219 24.00 -109.52 83.56
CA ALA R 219 22.86 -110.25 84.10
C ALA R 219 22.55 -109.82 85.53
N PHE R 220 23.59 -109.64 86.34
CA PHE R 220 23.37 -109.21 87.73
C PHE R 220 22.83 -107.79 87.77
N ASP R 221 23.29 -106.92 86.88
CA ASP R 221 22.73 -105.57 86.82
C ASP R 221 21.27 -105.60 86.45
N LYS R 222 20.87 -106.48 85.53
CA LYS R 222 19.47 -106.58 85.13
C LYS R 222 18.65 -107.47 86.06
N LEU R 223 19.27 -108.06 87.07
CA LEU R 223 18.52 -108.89 88.01
C LEU R 223 17.45 -108.08 88.72
N GLY R 224 16.28 -108.70 88.92
CA GLY R 224 15.16 -108.07 89.57
C GLY R 224 14.69 -108.87 90.77
N ASN R 225 13.65 -108.35 91.41
CA ASN R 225 13.09 -109.00 92.58
C ASN R 225 12.48 -110.33 92.21
N GLY R 226 12.76 -111.36 93.03
CA GLY R 226 12.23 -112.68 92.80
C GLY R 226 12.98 -113.51 91.78
N ASP R 227 14.11 -113.02 91.27
CA ASP R 227 14.88 -113.77 90.29
C ASP R 227 15.55 -114.98 90.95
N LYS R 228 15.68 -116.05 90.17
CA LYS R 228 16.21 -117.31 90.66
C LYS R 228 17.51 -117.64 89.93
N VAL R 229 18.56 -117.91 90.68
CA VAL R 229 19.87 -118.24 90.14
C VAL R 229 20.26 -119.63 90.61
N THR R 230 20.57 -120.52 89.67
CA THR R 230 20.92 -121.90 89.98
C THR R 230 22.36 -122.15 89.55
N VAL R 231 23.26 -122.24 90.51
CA VAL R 231 24.66 -122.58 90.26
C VAL R 231 25.04 -123.71 91.21
N GLY R 232 25.70 -124.73 90.66
CA GLY R 232 26.10 -125.87 91.47
C GLY R 232 24.95 -126.67 92.03
N GLY R 233 23.77 -126.56 91.43
CA GLY R 233 22.62 -127.32 91.87
C GLY R 233 21.85 -126.73 93.03
N VAL R 234 22.20 -125.54 93.49
CA VAL R 234 21.52 -124.89 94.62
C VAL R 234 20.88 -123.61 94.11
N ASP R 235 19.65 -123.35 94.55
CA ASP R 235 18.87 -122.23 94.06
C ASP R 235 18.94 -121.05 95.02
N TYR R 236 19.20 -119.86 94.49
CA TYR R 236 19.29 -118.62 95.24
C TYR R 236 18.21 -117.68 94.72
N THR R 237 17.59 -116.93 95.62
CA THR R 237 16.57 -115.96 95.24
C THR R 237 17.08 -114.56 95.51
N TYR R 238 17.07 -113.70 94.49
CA TYR R 238 17.50 -112.33 94.63
C TYR R 238 16.52 -111.55 95.49
N ASN R 239 17.05 -110.71 96.38
CA ASN R 239 16.26 -109.80 97.18
C ASN R 239 16.75 -108.39 96.94
N ALA R 240 15.89 -107.57 96.34
CA ALA R 240 16.24 -106.18 96.03
C ALA R 240 16.16 -105.29 97.26
N LYS R 241 15.30 -105.61 98.21
CA LYS R 241 15.19 -104.80 99.43
C LYS R 241 16.50 -104.80 100.18
N SER R 242 17.11 -105.97 100.35
CA SER R 242 18.44 -106.07 100.94
C SER R 242 19.53 -106.30 99.90
N GLY R 243 19.17 -106.57 98.66
CA GLY R 243 20.14 -106.74 97.60
C GLY R 243 21.10 -107.90 97.80
N ASP R 244 20.55 -109.09 98.10
CA ASP R 244 21.39 -110.25 98.36
C ASP R 244 20.59 -111.50 98.07
N PHE R 245 21.28 -112.64 97.99
CA PHE R 245 20.61 -113.89 97.67
C PHE R 245 20.20 -114.61 98.94
N THR R 246 18.93 -114.98 99.00
CA THR R 246 18.41 -115.81 100.09
C THR R 246 18.32 -117.26 99.61
N THR R 247 18.64 -118.18 100.51
CA THR R 247 18.69 -119.59 100.20
C THR R 247 17.92 -120.36 101.27
N THR R 248 17.43 -121.54 100.90
CA THR R 248 16.85 -122.48 101.84
C THR R 248 17.75 -123.71 101.90
N LYS R 249 18.36 -123.94 103.05
CA LYS R 249 19.29 -125.05 103.22
C LYS R 249 18.71 -126.07 104.20
N SER R 250 18.57 -127.31 103.74
CA SER R 250 18.26 -128.40 104.63
C SER R 250 19.52 -128.85 105.35
N THR R 251 19.33 -129.53 106.48
CA THR R 251 20.47 -130.01 107.26
C THR R 251 21.33 -130.97 106.44
N ALA R 252 20.79 -132.13 106.10
CA ALA R 252 21.53 -133.17 105.40
C ALA R 252 20.55 -134.26 104.98
N GLY R 253 21.10 -135.38 104.52
CA GLY R 253 20.30 -136.51 104.10
C GLY R 253 20.44 -136.79 102.61
N THR R 254 21.27 -137.78 102.28
CA THR R 254 21.49 -138.20 100.90
C THR R 254 21.25 -139.68 100.69
N GLY R 255 21.62 -140.52 101.66
CA GLY R 255 21.36 -141.94 101.53
C GLY R 255 19.88 -142.26 101.63
N VAL R 256 19.49 -143.39 101.06
CA VAL R 256 18.09 -143.81 101.02
C VAL R 256 17.73 -144.78 102.12
N ASP R 257 18.70 -145.31 102.85
CA ASP R 257 18.45 -146.29 103.90
C ASP R 257 19.10 -145.83 105.20
N ALA R 258 18.77 -146.54 106.29
CA ALA R 258 19.30 -146.17 107.60
C ALA R 258 20.81 -146.30 107.64
N ALA R 259 21.35 -147.39 107.08
CA ALA R 259 22.79 -147.61 107.05
C ALA R 259 23.39 -146.88 105.85
N ALA R 260 23.42 -145.55 105.97
CA ALA R 260 23.95 -144.70 104.92
C ALA R 260 24.64 -143.50 105.55
N GLN R 261 25.22 -142.65 104.71
CA GLN R 261 25.89 -141.45 105.17
C GLN R 261 24.93 -140.34 105.55
N ALA R 262 23.62 -140.52 105.35
CA ALA R 262 22.67 -139.48 105.66
C ALA R 262 22.66 -139.15 107.15
N ALA R 263 22.68 -140.18 108.00
CA ALA R 263 22.67 -139.95 109.45
C ALA R 263 23.95 -139.26 109.90
N ASP R 264 25.10 -139.68 109.36
CA ASP R 264 26.37 -139.06 109.72
C ASP R 264 26.40 -137.60 109.28
N SER R 265 25.93 -137.32 108.07
CA SER R 265 25.90 -135.95 107.58
C SER R 265 24.96 -135.10 108.43
N ALA R 266 23.81 -135.65 108.81
CA ALA R 266 22.89 -134.90 109.67
C ALA R 266 23.53 -134.59 111.01
N SER R 267 24.22 -135.57 111.61
CA SER R 267 24.86 -135.35 112.90
C SER R 267 25.95 -134.29 112.79
N LYS R 268 26.80 -134.37 111.76
CA LYS R 268 27.88 -133.40 111.65
C LYS R 268 27.35 -132.01 111.32
N ARG R 269 26.27 -131.91 110.54
CA ARG R 269 25.68 -130.60 110.26
C ARG R 269 25.04 -130.01 111.51
N ASP R 270 24.39 -130.86 112.32
CA ASP R 270 23.85 -130.38 113.60
C ASP R 270 24.97 -129.87 114.49
N ALA R 271 26.08 -130.60 114.55
CA ALA R 271 27.23 -130.15 115.34
C ALA R 271 27.77 -128.83 114.82
N LEU R 272 27.85 -128.69 113.49
CA LEU R 272 28.35 -127.45 112.91
C LEU R 272 27.43 -126.27 113.25
N ALA R 273 26.12 -126.48 113.15
CA ALA R 273 25.18 -125.41 113.50
C ALA R 273 25.30 -125.04 114.98
N ALA R 274 25.43 -126.06 115.85
CA ALA R 274 25.57 -125.78 117.27
C ALA R 274 26.85 -124.99 117.56
N THR R 275 27.94 -125.34 116.88
CA THR R 275 29.17 -124.57 117.03
C THR R 275 29.01 -123.15 116.53
N LEU R 276 28.30 -122.97 115.41
CA LEU R 276 28.05 -121.62 114.91
C LEU R 276 27.20 -120.81 115.88
N HIS R 277 26.36 -121.48 116.67
CA HIS R 277 25.57 -120.82 117.69
C HIS R 277 26.36 -120.48 118.96
N ALA R 278 27.69 -120.52 118.91
CA ALA R 278 28.48 -120.28 120.12
C ALA R 278 28.24 -118.89 120.68
N ASP R 279 28.64 -117.86 119.93
CA ASP R 279 28.53 -116.47 120.35
C ASP R 279 29.07 -116.28 121.77
N VAL R 280 30.36 -116.53 121.92
CA VAL R 280 30.99 -116.50 123.23
C VAL R 280 31.00 -115.09 123.80
N GLY R 281 31.23 -114.09 122.96
CA GLY R 281 31.40 -112.73 123.45
C GLY R 281 30.16 -112.19 124.14
N LYS R 282 29.00 -112.35 123.51
CA LYS R 282 27.76 -111.78 124.03
C LYS R 282 26.64 -112.81 123.95
N SER R 283 25.66 -112.64 124.83
CA SER R 283 24.51 -113.53 124.90
C SER R 283 23.47 -113.15 123.85
N VAL R 284 22.62 -114.12 123.49
CA VAL R 284 21.53 -113.91 122.55
C VAL R 284 20.28 -114.60 123.04
N ASN R 285 19.14 -114.02 122.68
CA ASN R 285 17.82 -114.49 123.09
C ASN R 285 17.07 -115.06 121.90
N GLY R 286 16.30 -116.11 122.15
CA GLY R 286 15.44 -116.72 121.16
C GLY R 286 14.24 -117.42 121.77
N SER R 287 13.57 -118.24 120.98
CA SER R 287 12.39 -118.96 121.45
C SER R 287 12.36 -120.36 120.85
N TYR R 288 12.00 -121.34 121.67
CA TYR R 288 11.86 -122.73 121.27
C TYR R 288 10.39 -123.13 121.38
N THR R 289 9.79 -123.52 120.26
CA THR R 289 8.36 -123.81 120.22
C THR R 289 8.15 -125.25 119.80
N THR R 290 7.37 -125.99 120.58
CA THR R 290 6.99 -127.35 120.28
C THR R 290 5.73 -127.34 119.40
N LYS R 291 5.08 -128.49 119.26
CA LYS R 291 3.89 -128.57 118.43
C LYS R 291 2.77 -127.69 118.97
N ASP R 292 2.60 -127.66 120.30
CA ASP R 292 1.53 -126.88 120.90
C ASP R 292 2.00 -125.94 122.00
N GLY R 293 3.30 -125.83 122.26
CA GLY R 293 3.78 -124.97 123.32
C GLY R 293 5.07 -124.29 122.92
N THR R 294 5.36 -123.19 123.60
CA THR R 294 6.54 -122.38 123.36
C THR R 294 7.21 -122.01 124.67
N VAL R 295 8.50 -121.71 124.60
CA VAL R 295 9.28 -121.34 125.77
C VAL R 295 10.37 -120.37 125.34
N SER R 296 10.72 -119.45 126.23
CA SER R 296 11.80 -118.50 125.96
C SER R 296 13.15 -119.21 125.95
N PHE R 297 14.18 -118.47 125.54
CA PHE R 297 15.53 -119.01 125.47
C PHE R 297 16.51 -117.85 125.60
N GLU R 298 17.50 -117.98 126.48
CA GLU R 298 18.53 -116.96 126.64
C GLU R 298 19.86 -117.67 126.83
N THR R 299 20.66 -117.76 125.77
CA THR R 299 21.95 -118.45 125.83
C THR R 299 23.08 -117.42 125.88
N ASP R 300 24.13 -117.76 126.62
CA ASP R 300 25.26 -116.85 126.80
C ASP R 300 26.45 -117.22 125.93
N SER R 301 26.96 -118.44 126.07
CA SER R 301 28.15 -118.86 125.33
C SER R 301 28.19 -120.38 125.31
N ALA R 302 28.85 -120.91 124.28
CA ALA R 302 29.03 -122.35 124.09
C ALA R 302 27.70 -123.08 124.06
N GLY R 303 26.64 -122.39 123.66
CA GLY R 303 25.33 -123.00 123.59
C GLY R 303 24.77 -123.47 124.92
N ASN R 304 24.91 -122.66 125.96
CA ASN R 304 24.41 -123.00 127.29
C ASN R 304 22.98 -122.52 127.43
N ILE R 305 22.08 -123.41 127.83
CA ILE R 305 20.67 -123.10 127.96
C ILE R 305 20.42 -122.47 129.32
N THR R 306 19.88 -121.25 129.32
CA THR R 306 19.55 -120.53 130.54
C THR R 306 18.17 -119.90 130.39
N ILE R 307 17.26 -120.23 131.30
CA ILE R 307 15.90 -119.70 131.30
C ILE R 307 15.70 -118.94 132.61
N GLY R 308 15.52 -117.62 132.50
CA GLY R 308 15.28 -116.80 133.68
C GLY R 308 16.40 -116.84 134.70
N GLY R 309 17.65 -116.92 134.24
CA GLY R 309 18.79 -116.98 135.12
C GLY R 309 19.07 -118.34 135.72
N SER R 310 18.25 -119.34 135.42
CA SER R 310 18.44 -120.69 135.93
C SER R 310 18.60 -121.64 134.74
N GLN R 311 19.60 -122.53 134.83
CA GLN R 311 19.88 -123.43 133.72
C GLN R 311 18.77 -124.45 133.57
N ALA R 312 18.21 -124.54 132.37
CA ALA R 312 17.17 -125.50 132.06
C ALA R 312 17.77 -126.73 131.41
N TYR R 313 16.94 -127.74 131.17
CA TYR R 313 17.38 -129.01 130.64
C TYR R 313 16.37 -129.49 129.61
N VAL R 314 16.82 -130.37 128.72
CA VAL R 314 16.00 -130.90 127.65
C VAL R 314 15.69 -132.37 127.94
N ASP R 315 14.44 -132.76 127.70
CA ASP R 315 13.99 -134.12 127.93
C ASP R 315 14.25 -134.98 126.70
N ASP R 316 13.78 -136.23 126.75
CA ASP R 316 13.94 -137.13 125.62
C ASP R 316 13.16 -136.65 124.40
N ALA R 317 11.96 -136.12 124.62
CA ALA R 317 11.11 -135.66 123.53
C ALA R 317 11.36 -134.20 123.18
N GLY R 318 12.47 -133.63 123.65
CA GLY R 318 12.83 -132.27 123.32
C GLY R 318 12.17 -131.19 124.16
N ASN R 319 11.32 -131.56 125.10
CA ASN R 319 10.66 -130.56 125.94
C ASN R 319 11.67 -129.93 126.89
N LEU R 320 11.54 -128.63 127.10
CA LEU R 320 12.47 -127.87 127.94
C LEU R 320 11.85 -127.66 129.31
N THR R 321 12.55 -128.10 130.36
CA THR R 321 12.05 -127.98 131.72
C THR R 321 13.17 -127.51 132.62
N THR R 322 12.81 -126.76 133.66
CA THR R 322 13.80 -126.25 134.61
C THR R 322 14.33 -127.33 135.54
N ASN R 323 13.55 -128.38 135.79
CA ASN R 323 13.93 -129.42 136.73
C ASN R 323 14.58 -130.59 135.99
N ASN R 324 14.99 -131.59 136.76
CA ASN R 324 15.66 -132.78 136.24
C ASN R 324 14.85 -134.01 136.59
N ALA R 325 14.60 -134.86 135.59
CA ALA R 325 13.90 -136.12 135.77
C ALA R 325 14.89 -137.25 135.50
N GLY R 326 15.29 -137.94 136.57
CA GLY R 326 16.28 -139.00 136.43
C GLY R 326 17.64 -138.51 135.98
N SER R 327 18.03 -137.28 136.36
CA SER R 327 19.32 -136.70 136.00
C SER R 327 19.49 -136.60 134.48
N ALA R 328 18.38 -136.48 133.75
CA ALA R 328 18.43 -136.33 132.30
C ALA R 328 18.56 -134.84 131.95
N ALA R 329 19.72 -134.28 132.32
CA ALA R 329 19.94 -132.85 132.15
C ALA R 329 20.37 -132.51 130.73
N LYS R 330 21.55 -132.98 130.33
CA LYS R 330 22.15 -132.73 129.02
C LYS R 330 21.86 -131.32 128.50
N ALA R 331 22.16 -130.33 129.34
CA ALA R 331 21.84 -128.93 129.05
C ALA R 331 22.90 -128.34 128.12
N ASP R 332 22.73 -128.60 126.83
CA ASP R 332 23.63 -128.07 125.82
C ASP R 332 22.90 -127.93 124.50
N MET R 333 23.41 -127.04 123.64
CA MET R 333 22.78 -126.81 122.34
C MET R 333 22.85 -128.06 121.48
N LYS R 334 23.98 -128.76 121.49
CA LYS R 334 24.11 -129.98 120.70
C LYS R 334 23.09 -131.03 121.14
N ALA R 335 22.96 -131.23 122.45
CA ALA R 335 22.00 -132.20 122.95
C ALA R 335 20.57 -131.79 122.63
N LEU R 336 20.27 -130.49 122.77
CA LEU R 336 18.92 -130.02 122.46
C LEU R 336 18.59 -130.24 120.99
N LEU R 337 19.54 -129.92 120.10
CA LEU R 337 19.31 -130.11 118.67
C LEU R 337 19.13 -131.59 118.33
N LYS R 338 19.96 -132.45 118.91
CA LYS R 338 19.83 -133.88 118.64
C LYS R 338 18.50 -134.43 119.16
N ALA R 339 18.08 -133.99 120.35
CA ALA R 339 16.81 -134.44 120.89
C ALA R 339 15.64 -133.95 120.04
N ALA R 340 15.72 -132.71 119.54
CA ALA R 340 14.67 -132.21 118.66
C ALA R 340 14.64 -132.99 117.35
N SER R 341 15.82 -133.30 116.79
CA SER R 341 15.86 -134.06 115.54
C SER R 341 15.29 -135.46 115.72
N GLU R 342 15.61 -136.11 116.83
CA GLU R 342 15.12 -137.46 117.09
C GLU R 342 13.72 -137.47 117.71
N GLY R 343 13.16 -136.30 118.00
CA GLY R 343 11.85 -136.26 118.62
C GLY R 343 10.75 -136.70 117.67
N SER R 344 9.65 -137.16 118.26
CA SER R 344 8.51 -137.60 117.46
C SER R 344 7.88 -136.43 116.72
N ASP R 345 7.83 -135.26 117.34
CA ASP R 345 7.19 -134.09 116.77
C ASP R 345 8.24 -133.02 116.46
N GLY R 346 8.03 -132.30 115.37
CA GLY R 346 8.93 -131.22 114.99
C GLY R 346 8.80 -130.01 115.88
N ALA R 347 9.75 -129.09 115.71
CA ALA R 347 9.83 -127.89 116.53
C ALA R 347 10.25 -126.70 115.67
N SER R 348 10.21 -125.52 116.28
CA SER R 348 10.65 -124.29 115.62
C SER R 348 11.50 -123.47 116.58
N LEU R 349 12.65 -122.99 116.08
CA LEU R 349 13.52 -122.11 116.83
C LEU R 349 13.55 -120.75 116.16
N THR R 350 13.34 -119.70 116.95
CA THR R 350 13.44 -118.33 116.46
C THR R 350 14.61 -117.67 117.15
N PHE R 351 15.55 -117.14 116.36
CA PHE R 351 16.75 -116.53 116.91
C PHE R 351 16.88 -115.08 116.45
N ASN R 352 18.04 -114.48 116.71
CA ASN R 352 18.30 -113.13 116.21
C ASN R 352 18.24 -113.09 114.69
N GLY R 353 18.76 -114.12 114.03
CA GLY R 353 18.73 -114.19 112.59
C GLY R 353 17.49 -114.88 112.05
N THR R 354 17.68 -115.84 111.15
CA THR R 354 16.56 -116.53 110.53
C THR R 354 15.97 -117.57 111.48
N GLU R 355 14.74 -117.98 111.18
CA GLU R 355 14.03 -118.96 111.98
C GLU R 355 14.26 -120.36 111.41
N TYR R 356 14.59 -121.30 112.29
CA TYR R 356 14.91 -122.67 111.92
C TYR R 356 13.70 -123.54 112.21
N THR R 357 13.42 -124.50 111.33
CA THR R 357 12.32 -125.43 111.54
C THR R 357 12.88 -126.86 111.56
N ILE R 358 12.67 -127.56 112.67
CA ILE R 358 13.07 -128.95 112.80
C ILE R 358 11.89 -129.81 112.41
N ALA R 359 12.03 -130.54 111.31
CA ALA R 359 10.94 -131.33 110.77
C ALA R 359 10.69 -132.58 111.61
N LYS R 360 9.48 -133.12 111.49
CA LYS R 360 9.09 -134.32 112.20
C LYS R 360 9.96 -135.51 111.83
N GLY R 376 15.96 -133.39 110.61
CA GLY R 376 16.36 -132.37 109.65
C GLY R 376 15.91 -130.97 110.06
N ILE R 377 16.74 -129.98 109.75
CA ILE R 377 16.43 -128.58 110.03
C ILE R 377 16.45 -127.84 108.71
N THR R 378 15.35 -127.14 108.41
CA THR R 378 15.23 -126.28 107.24
C THR R 378 15.33 -124.83 107.71
N TYR R 379 16.16 -124.04 107.02
CA TYR R 379 16.37 -122.67 107.44
C TYR R 379 16.80 -121.81 106.25
N GLN R 380 16.52 -120.52 106.38
CA GLN R 380 16.95 -119.52 105.40
C GLN R 380 18.36 -119.06 105.72
N ALA R 381 19.07 -118.66 104.68
CA ALA R 381 20.43 -118.15 104.81
C ALA R 381 20.65 -117.04 103.79
N THR R 382 21.62 -116.17 104.08
CA THR R 382 21.91 -115.01 103.28
C THR R 382 23.31 -115.14 102.69
N VAL R 383 23.45 -114.90 101.39
CA VAL R 383 24.74 -114.90 100.72
C VAL R 383 24.85 -113.64 99.88
N SER R 384 26.08 -113.13 99.74
CA SER R 384 26.32 -111.90 99.02
C SER R 384 26.27 -112.12 97.51
N LYS R 385 25.72 -111.12 96.80
CA LYS R 385 25.69 -111.18 95.35
C LYS R 385 27.09 -111.23 94.77
N ASP R 386 28.03 -110.47 95.34
CA ASP R 386 29.41 -110.52 94.88
C ASP R 386 30.01 -111.92 95.09
N VAL R 387 29.71 -112.54 96.23
CA VAL R 387 30.21 -113.88 96.48
C VAL R 387 29.68 -114.84 95.43
N VAL R 388 28.35 -114.86 95.24
CA VAL R 388 27.74 -115.80 94.30
C VAL R 388 28.26 -115.53 92.89
N LEU R 389 28.49 -114.27 92.55
CA LEU R 389 29.12 -113.94 91.28
C LEU R 389 30.49 -114.58 91.18
N SER R 390 31.25 -114.58 92.28
CA SER R 390 32.58 -115.19 92.25
C SER R 390 32.49 -116.69 91.98
N GLU R 391 31.57 -117.40 92.63
CA GLU R 391 31.45 -118.83 92.31
C GLU R 391 30.97 -119.04 90.88
N THR R 392 30.05 -118.21 90.39
CA THR R 392 29.53 -118.40 89.05
C THR R 392 30.61 -118.20 87.99
N LYS R 393 31.47 -117.19 88.17
CA LYS R 393 32.52 -116.92 87.20
C LYS R 393 33.84 -117.62 87.53
N ALA R 394 33.88 -118.42 88.60
CA ALA R 394 35.12 -119.06 89.00
C ALA R 394 35.59 -120.07 87.97
N ALA R 395 34.72 -120.98 87.53
CA ALA R 395 35.09 -122.03 86.62
C ALA R 395 33.93 -122.29 85.67
N ALA R 396 34.01 -123.41 84.94
CA ALA R 396 32.99 -123.77 83.95
C ALA R 396 31.75 -124.32 84.66
N ALA R 397 31.07 -123.41 85.37
CA ALA R 397 29.86 -123.77 86.09
C ALA R 397 28.66 -123.77 85.15
N THR R 398 27.60 -124.44 85.60
CA THR R 398 26.34 -124.54 84.85
C THR R 398 25.29 -123.56 85.39
N SER R 399 25.73 -122.38 85.82
CA SER R 399 24.80 -121.41 86.40
C SER R 399 23.76 -120.97 85.38
N SER R 400 22.53 -120.79 85.86
CA SER R 400 21.43 -120.32 85.05
C SER R 400 20.65 -119.25 85.82
N ILE R 401 20.21 -118.22 85.11
CA ILE R 401 19.48 -117.11 85.72
C ILE R 401 18.11 -117.03 85.08
N THR R 402 17.08 -116.95 85.91
CA THR R 402 15.70 -116.82 85.44
C THR R 402 15.23 -115.39 85.68
N PHE R 403 14.98 -114.67 84.59
CA PHE R 403 14.44 -113.32 84.67
C PHE R 403 12.91 -113.43 84.68
N ASN R 404 12.29 -112.91 85.74
CA ASN R 404 10.85 -113.00 85.93
C ASN R 404 10.30 -111.62 86.19
N SER R 405 9.31 -111.21 85.40
CA SER R 405 8.62 -109.94 85.58
C SER R 405 7.33 -110.08 86.36
N GLY R 406 7.04 -111.27 86.88
CA GLY R 406 5.78 -111.55 87.52
C GLY R 406 4.70 -112.03 86.58
N VAL R 407 4.89 -111.82 85.27
CA VAL R 407 3.97 -112.28 84.24
C VAL R 407 4.78 -113.08 83.23
N LEU R 408 5.87 -112.47 82.76
CA LEU R 408 6.71 -113.02 81.72
C LEU R 408 8.01 -113.51 82.33
N SER R 409 8.46 -114.70 81.93
CA SER R 409 9.67 -115.29 82.48
C SER R 409 10.50 -115.91 81.37
N LYS R 410 11.83 -115.84 81.53
CA LYS R 410 12.75 -116.51 80.63
C LYS R 410 13.97 -117.00 81.40
N THR R 411 14.41 -118.21 81.10
CA THR R 411 15.57 -118.81 81.73
C THR R 411 16.76 -118.80 80.77
N ILE R 412 17.89 -118.27 81.22
CA ILE R 412 19.10 -118.18 80.43
C ILE R 412 20.19 -118.99 81.11
N GLY R 413 20.74 -119.97 80.40
CA GLY R 413 21.81 -120.79 80.94
C GLY R 413 23.15 -120.47 80.31
N PHE R 414 24.05 -119.85 81.07
CA PHE R 414 25.35 -119.44 80.56
C PHE R 414 26.45 -119.99 81.45
N THR R 415 27.54 -120.42 80.82
CA THR R 415 28.66 -121.05 81.50
C THR R 415 29.83 -120.07 81.57
N ALA R 416 30.16 -119.64 82.79
CA ALA R 416 31.32 -118.77 83.04
C ALA R 416 31.29 -117.54 82.15
N GLY R 417 30.15 -116.84 82.17
CA GLY R 417 30.01 -115.65 81.35
C GLY R 417 29.11 -115.83 80.15
N GLU R 418 29.71 -116.01 78.98
CA GLU R 418 28.95 -116.10 77.74
C GLU R 418 27.99 -117.29 77.75
N SER R 419 26.86 -117.12 77.09
CA SER R 419 25.86 -118.18 77.02
C SER R 419 26.33 -119.27 76.06
N SER R 420 26.17 -120.52 76.47
CA SER R 420 26.53 -121.67 75.66
C SER R 420 25.34 -122.56 75.33
N ASP R 421 24.12 -122.11 75.63
CA ASP R 421 22.91 -122.91 75.42
C ASP R 421 22.28 -122.65 74.06
N ALA R 422 23.08 -122.27 73.05
CA ALA R 422 22.58 -121.96 71.72
C ALA R 422 21.56 -120.82 71.74
N ALA R 423 21.68 -119.92 72.73
CA ALA R 423 20.79 -118.79 72.87
C ALA R 423 21.53 -117.51 72.51
N LYS R 424 20.90 -116.68 71.68
CA LYS R 424 21.50 -115.44 71.22
C LYS R 424 21.13 -114.32 72.20
N SER R 425 21.90 -114.25 73.29
CA SER R 425 21.74 -113.20 74.28
C SER R 425 22.89 -112.21 74.15
N TYR R 426 22.57 -110.92 74.00
CA TYR R 426 23.57 -109.91 73.73
C TYR R 426 23.16 -108.59 74.38
N VAL R 427 24.12 -107.68 74.50
CA VAL R 427 23.91 -106.44 75.24
C VAL R 427 24.37 -105.19 74.49
N ASP R 428 25.21 -105.28 73.47
CA ASP R 428 25.89 -104.10 72.94
C ASP R 428 24.95 -103.07 72.31
N ASP R 429 23.74 -103.49 71.91
CA ASP R 429 22.87 -102.59 71.15
C ASP R 429 22.55 -101.33 71.92
N LYS R 430 21.80 -101.44 73.01
CA LYS R 430 21.50 -100.29 73.86
C LYS R 430 21.52 -100.71 75.33
N GLY R 431 22.17 -101.82 75.66
CA GLY R 431 22.02 -102.44 76.96
C GLY R 431 20.89 -103.44 76.95
N GLY R 432 20.75 -104.13 78.08
CA GLY R 432 19.71 -105.12 78.17
C GLY R 432 20.02 -106.37 77.37
N ILE R 433 18.96 -107.13 77.10
CA ILE R 433 19.08 -108.42 76.41
C ILE R 433 18.43 -108.28 75.04
N THR R 434 19.06 -108.86 74.03
CA THR R 434 18.53 -108.87 72.68
C THR R 434 18.86 -110.19 72.01
N ASN R 435 18.06 -110.55 71.01
CA ASN R 435 18.22 -111.79 70.28
C ASN R 435 18.91 -111.61 68.93
N VAL R 436 19.45 -110.43 68.67
CA VAL R 436 20.13 -110.18 67.39
C VAL R 436 21.58 -110.63 67.51
N ALA R 437 21.96 -111.64 66.72
CA ALA R 437 23.32 -112.13 66.75
C ALA R 437 24.26 -111.14 66.06
N ASP R 438 23.87 -110.66 64.88
CA ASP R 438 24.73 -109.80 64.07
C ASP R 438 23.91 -108.63 63.54
N TYR R 439 24.58 -107.49 63.38
CA TYR R 439 23.96 -106.25 62.92
C TYR R 439 24.67 -105.81 61.65
N THR R 440 24.04 -106.07 60.49
CA THR R 440 24.64 -105.76 59.20
C THR R 440 23.63 -105.00 58.35
N VAL R 441 24.06 -103.87 57.80
CA VAL R 441 23.21 -103.01 56.98
C VAL R 441 23.99 -102.59 55.73
N SER R 442 23.29 -102.42 54.61
CA SER R 442 23.90 -102.13 53.33
C SER R 442 23.71 -100.66 52.99
N TYR R 443 24.78 -100.01 52.55
CA TYR R 443 24.75 -98.61 52.15
C TYR R 443 25.11 -98.51 50.67
N SER R 444 24.30 -97.75 49.93
CA SER R 444 24.55 -97.47 48.52
C SER R 444 25.06 -96.04 48.37
N VAL R 445 26.16 -95.88 47.64
CA VAL R 445 26.78 -94.59 47.43
C VAL R 445 26.45 -94.14 46.01
N ASN R 446 25.87 -92.95 45.88
CA ASN R 446 25.54 -92.41 44.57
C ASN R 446 26.81 -91.98 43.87
N LYS R 447 27.01 -92.45 42.63
CA LYS R 447 28.23 -92.13 41.90
C LYS R 447 28.29 -90.66 41.52
N ASP R 448 27.14 -90.06 41.18
CA ASP R 448 27.13 -88.65 40.79
C ASP R 448 27.11 -87.75 42.01
N ASN R 449 26.06 -87.86 42.83
CA ASN R 449 25.92 -86.98 43.98
C ASN R 449 27.00 -87.21 45.01
N GLY R 450 27.34 -88.47 45.28
CA GLY R 450 28.25 -88.81 46.36
C GLY R 450 27.57 -89.10 47.68
N SER R 451 26.25 -88.94 47.76
CA SER R 451 25.53 -89.18 48.99
C SER R 451 25.39 -90.66 49.28
N VAL R 452 25.18 -90.99 50.56
CA VAL R 452 25.07 -92.36 51.03
C VAL R 452 23.64 -92.60 51.50
N THR R 453 23.03 -93.67 51.02
CA THR R 453 21.66 -94.02 51.38
C THR R 453 21.62 -95.45 51.90
N VAL R 454 20.63 -95.73 52.74
CA VAL R 454 20.43 -97.09 53.25
C VAL R 454 19.66 -97.90 52.22
N ALA R 455 20.19 -99.06 51.84
CA ALA R 455 19.59 -99.91 50.84
C ALA R 455 19.22 -101.28 51.42
N GLY R 456 18.64 -101.28 52.61
CA GLY R 456 18.24 -102.52 53.25
C GLY R 456 19.32 -103.07 54.17
N TYR R 457 19.00 -104.22 54.77
CA TYR R 457 19.94 -104.86 55.68
C TYR R 457 19.63 -106.34 55.76
N ALA R 458 20.61 -107.11 56.21
CA ALA R 458 20.47 -108.54 56.42
C ALA R 458 21.05 -108.89 57.79
N SER R 459 20.38 -109.81 58.49
CA SER R 459 20.81 -110.25 59.80
C SER R 459 20.80 -111.77 59.86
N ALA R 460 21.71 -112.33 60.65
CA ALA R 460 21.78 -113.77 60.80
C ALA R 460 20.49 -114.33 61.39
N THR R 461 19.98 -113.68 62.44
CA THR R 461 18.70 -114.06 63.01
C THR R 461 17.57 -113.36 62.27
N ASP R 462 16.33 -113.62 62.71
CA ASP R 462 15.17 -113.00 62.07
C ASP R 462 15.14 -111.50 62.32
N THR R 463 15.36 -111.10 63.58
CA THR R 463 15.42 -109.71 64.02
C THR R 463 14.03 -109.07 63.99
N ASN R 464 13.06 -109.79 63.41
CA ASN R 464 11.67 -109.34 63.35
C ASN R 464 11.54 -107.90 62.84
N LYS R 465 12.54 -107.46 62.07
CA LYS R 465 12.62 -106.09 61.57
C LYS R 465 12.54 -105.07 62.71
N ASP R 466 13.09 -105.42 63.87
CA ASP R 466 13.08 -104.51 65.00
C ASP R 466 14.09 -103.39 64.82
N TYR R 467 15.30 -103.72 64.34
CA TYR R 467 16.33 -102.74 64.05
C TYR R 467 16.28 -102.24 62.61
N ALA R 468 15.11 -102.28 61.98
CA ALA R 468 15.00 -101.94 60.58
C ALA R 468 15.08 -100.42 60.37
N PRO R 469 16.04 -99.93 59.61
CA PRO R 469 16.03 -98.52 59.22
C PRO R 469 15.31 -98.30 57.91
N ALA R 470 14.84 -97.07 57.71
CA ALA R 470 14.14 -96.72 56.50
C ALA R 470 15.06 -96.82 55.29
N ILE R 471 14.58 -97.46 54.23
CA ILE R 471 15.38 -97.65 53.02
C ILE R 471 15.32 -96.39 52.18
N GLY R 472 16.47 -95.97 51.65
CA GLY R 472 16.57 -94.77 50.85
C GLY R 472 16.75 -93.49 51.62
N THR R 473 16.91 -93.56 52.94
CA THR R 473 17.11 -92.37 53.74
C THR R 473 18.58 -91.99 53.74
N ALA R 474 18.84 -90.68 53.61
CA ALA R 474 20.21 -90.19 53.57
C ALA R 474 20.93 -90.52 54.87
N VAL R 475 22.19 -90.88 54.76
CA VAL R 475 23.02 -91.24 55.91
C VAL R 475 23.77 -90.00 56.38
N ASN R 476 23.72 -89.74 57.68
CA ASN R 476 24.34 -88.56 58.27
C ASN R 476 25.41 -88.98 59.26
N VAL R 477 26.39 -88.11 59.45
CA VAL R 477 27.49 -88.33 60.39
C VAL R 477 27.20 -87.56 61.66
N ASN R 478 27.17 -88.26 62.79
CA ASN R 478 26.89 -87.64 64.06
C ASN R 478 28.00 -86.67 64.45
N SER R 479 27.74 -85.87 65.49
CA SER R 479 28.75 -84.95 65.99
C SER R 479 29.96 -85.71 66.50
N ALA R 480 29.75 -86.82 67.20
CA ALA R 480 30.84 -87.66 67.65
C ALA R 480 31.54 -88.37 66.50
N GLY R 481 30.89 -88.49 65.34
CA GLY R 481 31.48 -89.13 64.19
C GLY R 481 30.86 -90.44 63.79
N LYS R 482 29.77 -90.86 64.44
CA LYS R 482 29.14 -92.13 64.13
C LYS R 482 28.22 -91.98 62.93
N ILE R 483 27.54 -93.08 62.58
CA ILE R 483 26.58 -93.11 61.48
C ILE R 483 25.18 -93.07 62.09
N THR R 484 24.37 -92.11 61.66
CA THR R 484 23.05 -91.91 62.22
C THR R 484 22.15 -91.27 61.17
N THR R 485 20.90 -91.73 61.11
CA THR R 485 19.94 -91.20 60.15
C THR R 485 19.27 -89.91 60.62
N GLU R 486 19.47 -89.51 61.88
CA GLU R 486 18.84 -88.29 62.39
C GLU R 486 19.49 -87.06 61.76
N THR R 487 18.65 -86.13 61.30
CA THR R 487 19.18 -84.95 60.63
C THR R 487 19.85 -84.00 61.61
N THR R 488 19.20 -83.74 62.75
CA THR R 488 19.66 -82.75 63.71
C THR R 488 20.09 -83.43 65.00
N SER R 489 21.20 -82.95 65.56
CA SER R 489 21.72 -83.44 66.83
C SER R 489 21.79 -82.29 67.82
N ALA R 490 21.47 -82.59 69.09
CA ALA R 490 21.48 -81.57 70.12
C ALA R 490 22.89 -81.06 70.34
N GLY R 491 22.99 -79.80 70.75
CA GLY R 491 24.26 -79.15 70.98
C GLY R 491 24.36 -78.62 72.40
N SER R 492 25.16 -77.57 72.55
CA SER R 492 25.41 -76.97 73.85
C SER R 492 25.56 -75.46 73.68
N ALA R 493 25.74 -74.78 74.81
CA ALA R 493 25.85 -73.32 74.79
C ALA R 493 27.11 -72.89 74.07
N THR R 494 27.00 -71.80 73.30
CA THR R 494 28.15 -71.27 72.59
C THR R 494 29.21 -70.79 73.58
N THR R 495 30.47 -71.06 73.25
CA THR R 495 31.55 -70.74 74.18
C THR R 495 31.77 -69.24 74.32
N ASN R 496 31.81 -68.52 73.20
CA ASN R 496 32.10 -67.08 73.20
C ASN R 496 31.08 -66.37 72.32
N PRO R 497 29.92 -66.03 72.88
CA PRO R 497 28.87 -65.40 72.04
C PRO R 497 29.21 -63.99 71.62
N LEU R 498 29.84 -63.22 72.52
CA LEU R 498 30.13 -61.83 72.22
C LEU R 498 31.11 -61.69 71.07
N ALA R 499 32.12 -62.56 71.01
CA ALA R 499 33.07 -62.51 69.91
C ALA R 499 32.40 -62.79 68.57
N ALA R 500 31.51 -63.80 68.53
CA ALA R 500 30.80 -64.10 67.30
C ALA R 500 29.90 -62.95 66.88
N LEU R 501 29.23 -62.33 67.84
CA LEU R 501 28.38 -61.18 67.53
C LEU R 501 29.22 -60.02 67.00
N ASP R 502 30.39 -59.80 67.58
CA ASP R 502 31.28 -58.75 67.09
C ASP R 502 31.75 -59.04 65.67
N ASP R 503 32.06 -60.30 65.37
CA ASP R 503 32.45 -60.64 64.00
C ASP R 503 31.31 -60.39 63.02
N ALA R 504 30.08 -60.75 63.41
CA ALA R 504 28.94 -60.50 62.53
C ALA R 504 28.75 -59.01 62.29
N ILE R 505 28.84 -58.21 63.36
CA ILE R 505 28.67 -56.77 63.22
C ILE R 505 29.77 -56.18 62.34
N SER R 506 31.00 -56.69 62.48
CA SER R 506 32.10 -56.20 61.66
C SER R 506 31.87 -56.52 60.19
N SER R 507 31.37 -57.72 59.90
CA SER R 507 31.06 -58.06 58.51
C SER R 507 30.00 -57.14 57.94
N ILE R 508 28.96 -56.87 58.73
CA ILE R 508 27.90 -55.96 58.28
C ILE R 508 28.48 -54.57 58.00
N ASP R 509 29.34 -54.09 58.90
CA ASP R 509 29.93 -52.77 58.73
C ASP R 509 30.80 -52.71 57.49
N LYS R 510 31.59 -53.75 57.23
CA LYS R 510 32.42 -53.76 56.04
C LYS R 510 31.58 -53.73 54.76
N PHE R 511 30.49 -54.51 54.74
CA PHE R 511 29.61 -54.47 53.58
C PHE R 511 29.01 -53.08 53.39
N ARG R 512 28.55 -52.46 54.48
CA ARG R 512 27.96 -51.13 54.35
C ARG R 512 28.97 -50.11 53.86
N SER R 513 30.21 -50.19 54.36
CA SER R 513 31.24 -49.25 53.92
C SER R 513 31.53 -49.40 52.44
N SER R 514 31.67 -50.65 51.95
CA SER R 514 31.90 -50.85 50.53
C SER R 514 30.74 -50.31 49.71
N LEU R 515 29.52 -50.55 50.17
CA LEU R 515 28.34 -50.07 49.46
C LEU R 515 28.32 -48.55 49.38
N GLY R 516 28.66 -47.88 50.48
CA GLY R 516 28.70 -46.43 50.48
C GLY R 516 29.77 -45.88 49.56
N ALA R 517 30.93 -46.53 49.53
CA ALA R 517 31.98 -46.10 48.61
C ALA R 517 31.53 -46.20 47.15
N ILE R 518 30.86 -47.32 46.81
CA ILE R 518 30.35 -47.48 45.46
C ILE R 518 29.33 -46.39 45.15
N GLN R 519 28.46 -46.09 46.11
CA GLN R 519 27.45 -45.06 45.90
C GLN R 519 28.08 -43.69 45.63
N ASN R 520 29.12 -43.34 46.40
CA ASN R 520 29.79 -42.07 46.17
C ASN R 520 30.44 -42.01 44.80
N ARG R 521 31.14 -43.08 44.42
CA ARG R 521 31.79 -43.05 43.10
C ARG R 521 30.76 -42.99 41.98
N LEU R 522 29.60 -43.62 42.17
CA LEU R 522 28.55 -43.56 41.16
C LEU R 522 28.00 -42.14 41.03
N ASP R 523 27.83 -41.45 42.15
CA ASP R 523 27.36 -40.06 42.09
C ASP R 523 28.37 -39.18 41.36
N SER R 524 29.67 -39.38 41.64
CA SER R 524 30.68 -38.62 40.92
C SER R 524 30.63 -38.91 39.42
N ALA R 525 30.39 -40.17 39.07
CA ALA R 525 30.24 -40.51 37.65
C ALA R 525 29.07 -39.78 37.03
N VAL R 526 27.96 -39.67 37.77
CA VAL R 526 26.79 -38.94 37.26
C VAL R 526 27.15 -37.50 36.96
N THR R 527 27.84 -36.85 37.90
CA THR R 527 28.21 -35.45 37.70
C THR R 527 29.11 -35.28 36.48
N ASN R 528 30.10 -36.15 36.34
CA ASN R 528 31.00 -36.06 35.19
C ASN R 528 30.25 -36.27 33.89
N LEU R 529 29.30 -37.22 33.87
CA LEU R 529 28.52 -37.46 32.66
C LEU R 529 27.70 -36.24 32.28
N ASN R 530 27.10 -35.58 33.27
CA ASN R 530 26.32 -34.38 32.98
C ASN R 530 27.20 -33.29 32.39
N ASN R 531 28.39 -33.07 32.97
CA ASN R 531 29.28 -32.04 32.44
C ASN R 531 29.70 -32.35 31.01
N THR R 532 30.07 -33.61 30.75
CA THR R 532 30.49 -34.00 29.41
C THR R 532 29.36 -33.84 28.41
N THR R 533 28.13 -34.20 28.82
CA THR R 533 26.99 -34.05 27.93
C THR R 533 26.77 -32.59 27.56
N THR R 534 26.85 -31.70 28.56
CA THR R 534 26.67 -30.27 28.27
C THR R 534 27.74 -29.78 27.29
N ASN R 535 29.00 -30.14 27.53
CA ASN R 535 30.07 -29.65 26.66
C ASN R 535 29.92 -30.19 25.24
N LEU R 536 29.58 -31.47 25.09
CA LEU R 536 29.42 -32.04 23.75
C LEU R 536 28.22 -31.43 23.03
N SER R 537 27.14 -31.15 23.75
CA SER R 537 26.00 -30.48 23.12
C SER R 537 26.41 -29.10 22.64
N GLU R 538 27.21 -28.38 23.43
CA GLU R 538 27.69 -27.07 22.99
C GLU R 538 28.55 -27.19 21.73
N ALA R 539 29.42 -28.21 21.68
CA ALA R 539 30.27 -28.39 20.49
C ALA R 539 29.43 -28.70 19.26
N GLN R 540 28.40 -29.55 19.41
CA GLN R 540 27.52 -29.84 18.29
C GLN R 540 26.80 -28.57 17.84
N SER R 541 26.38 -27.74 18.79
CA SER R 541 25.77 -26.46 18.43
C SER R 541 26.75 -25.59 17.66
N ARG R 542 28.03 -25.62 18.04
CA ARG R 542 29.04 -24.88 17.31
C ARG R 542 29.09 -25.33 15.86
N ILE R 543 29.11 -26.64 15.64
CA ILE R 543 29.24 -27.17 14.27
C ILE R 543 27.99 -26.88 13.46
N GLN R 544 26.82 -27.17 14.00
CA GLN R 544 25.53 -27.03 13.35
C GLN R 544 24.95 -25.65 13.65
N ASP R 545 23.64 -25.48 13.45
CA ASP R 545 22.89 -24.31 13.91
C ASP R 545 23.30 -23.02 13.22
N ALA R 546 22.98 -22.90 11.93
CA ALA R 546 23.22 -21.67 11.18
C ALA R 546 22.67 -20.47 11.93
N ASP R 547 23.27 -19.30 11.66
CA ASP R 547 22.94 -18.09 12.38
C ASP R 547 21.82 -17.33 11.65
N TYR R 548 20.75 -17.04 12.39
CA TYR R 548 19.59 -16.39 11.79
C TYR R 548 19.94 -15.03 11.18
N ALA R 549 20.83 -14.27 11.81
CA ALA R 549 21.18 -12.96 11.25
C ALA R 549 21.78 -13.11 9.86
N THR R 550 22.78 -13.97 9.72
CA THR R 550 23.41 -14.18 8.42
C THR R 550 22.43 -14.73 7.42
N GLU R 551 21.60 -15.68 7.82
CA GLU R 551 20.66 -16.28 6.87
C GLU R 551 19.61 -15.27 6.40
N VAL R 552 19.11 -14.43 7.31
CA VAL R 552 18.14 -13.41 6.94
C VAL R 552 18.77 -12.41 5.98
N SER R 553 20.00 -11.96 6.27
CA SER R 553 20.67 -11.04 5.37
C SER R 553 20.85 -11.68 3.99
N ASN R 554 21.24 -12.95 3.96
CA ASN R 554 21.46 -13.63 2.69
C ASN R 554 20.17 -13.72 1.89
N MET R 555 19.07 -14.11 2.54
CA MET R 555 17.83 -14.23 1.77
C MET R 555 17.33 -12.88 1.29
N SER R 556 17.52 -11.83 2.10
CA SER R 556 17.05 -10.51 1.70
C SER R 556 17.82 -10.01 0.48
N LYS R 557 19.14 -10.14 0.50
CA LYS R 557 19.90 -9.72 -0.66
C LYS R 557 19.60 -10.60 -1.87
N ALA R 558 19.33 -11.89 -1.64
CA ALA R 558 18.96 -12.78 -2.74
C ALA R 558 17.63 -12.36 -3.35
N GLN R 559 16.65 -12.02 -2.52
CA GLN R 559 15.34 -11.59 -3.03
C GLN R 559 15.48 -10.31 -3.85
N ILE R 560 16.28 -9.36 -3.38
CA ILE R 560 16.45 -8.13 -4.16
C ILE R 560 17.18 -8.41 -5.46
N ILE R 561 18.19 -9.28 -5.43
CA ILE R 561 18.86 -9.64 -6.68
C ILE R 561 17.88 -10.27 -7.64
N GLN R 562 16.97 -11.11 -7.14
CA GLN R 562 15.99 -11.76 -8.00
C GLN R 562 15.04 -10.75 -8.61
N GLN R 563 14.54 -9.81 -7.80
CA GLN R 563 13.62 -8.81 -8.32
C GLN R 563 14.31 -7.92 -9.35
N ALA R 564 15.55 -7.53 -9.08
CA ALA R 564 16.31 -6.74 -10.05
C ALA R 564 16.53 -7.52 -11.33
N GLY R 565 16.84 -8.81 -11.21
CA GLY R 565 17.02 -9.63 -12.39
C GLY R 565 15.75 -9.75 -13.21
N ASN R 566 14.60 -9.89 -12.53
CA ASN R 566 13.33 -9.98 -13.25
C ASN R 566 13.01 -8.67 -13.96
N SER R 567 13.25 -7.53 -13.30
CA SER R 567 12.97 -6.25 -13.94
C SER R 567 13.89 -6.02 -15.14
N VAL R 568 15.18 -6.32 -14.99
CA VAL R 568 16.12 -6.16 -16.09
C VAL R 568 15.78 -7.14 -17.20
N LEU R 569 15.31 -8.33 -16.85
CA LEU R 569 14.87 -9.30 -17.86
C LEU R 569 13.68 -8.76 -18.63
N ALA R 570 12.75 -8.11 -17.95
CA ALA R 570 11.62 -7.49 -18.64
C ALA R 570 12.10 -6.40 -19.58
N LYS R 571 13.08 -5.59 -19.15
CA LYS R 571 13.59 -4.54 -20.01
C LYS R 571 14.33 -5.11 -21.22
N ALA R 572 15.07 -6.19 -21.02
CA ALA R 572 15.78 -6.81 -22.14
C ALA R 572 14.81 -7.51 -23.09
N ASN R 573 13.81 -8.21 -22.54
CA ASN R 573 12.73 -8.80 -23.32
C ASN R 573 11.86 -7.75 -23.95
N GLN R 574 12.01 -6.48 -23.56
CA GLN R 574 11.48 -5.40 -24.37
C GLN R 574 12.39 -5.35 -25.59
N VAL R 575 12.28 -6.40 -26.38
CA VAL R 575 13.14 -6.72 -27.52
C VAL R 575 12.91 -5.69 -28.62
N PRO R 576 13.80 -5.57 -29.59
CA PRO R 576 13.62 -4.53 -30.61
C PRO R 576 12.30 -4.62 -31.36
N GLN R 577 11.43 -3.64 -31.15
CA GLN R 577 10.45 -3.25 -32.16
C GLN R 577 10.95 -2.10 -33.01
N GLN R 578 12.16 -1.61 -32.74
CA GLN R 578 12.79 -0.68 -33.66
C GLN R 578 13.03 -1.32 -35.02
N VAL R 579 13.13 -2.65 -35.08
CA VAL R 579 13.15 -3.32 -36.38
C VAL R 579 11.81 -3.12 -37.09
N LEU R 580 10.71 -3.24 -36.35
CA LEU R 580 9.41 -2.93 -36.94
C LEU R 580 9.36 -1.48 -37.41
N SER R 581 9.88 -0.58 -36.58
CA SER R 581 9.89 0.84 -36.94
C SER R 581 10.66 1.08 -38.22
N LEU R 582 11.79 0.39 -38.38
CA LEU R 582 12.53 0.47 -39.64
C LEU R 582 11.75 -0.12 -40.79
N LEU R 583 10.93 -1.13 -40.52
CA LEU R 583 10.30 -1.90 -41.60
C LEU R 583 9.39 -1.04 -42.47
N GLN R 584 8.52 -0.24 -41.85
CA GLN R 584 7.55 0.48 -42.67
C GLN R 584 8.15 1.69 -43.39
N GLY R 585 9.38 2.08 -43.05
CA GLY R 585 10.01 3.22 -43.69
C GLY R 585 10.50 2.92 -45.09
N MET S 1 -6.30 28.21 -12.76
CA MET S 1 -5.61 26.92 -12.81
C MET S 1 -5.38 26.49 -14.26
N ALA S 2 -6.48 26.18 -14.96
CA ALA S 2 -6.35 25.68 -16.33
C ALA S 2 -5.68 26.70 -17.23
N GLN S 3 -5.88 27.99 -16.96
CA GLN S 3 -5.36 29.05 -17.82
C GLN S 3 -3.95 29.49 -17.47
N VAL S 4 -3.48 29.20 -16.25
CA VAL S 4 -2.20 29.72 -15.77
C VAL S 4 -1.34 28.56 -15.29
N ILE S 5 -0.06 28.57 -15.67
CA ILE S 5 0.89 27.56 -15.21
C ILE S 5 2.14 28.17 -14.60
N ASN S 6 2.34 29.48 -14.69
CA ASN S 6 3.55 30.09 -14.16
C ASN S 6 3.54 30.18 -12.64
N THR S 7 2.37 30.31 -12.03
CA THR S 7 2.23 30.40 -10.58
C THR S 7 1.12 29.45 -10.14
N ASN S 8 1.01 29.27 -8.82
CA ASN S 8 -0.04 28.43 -8.25
C ASN S 8 -0.56 29.12 -7.00
N SER S 9 -1.69 29.82 -7.15
CA SER S 9 -2.31 30.49 -6.01
C SER S 9 -2.71 29.49 -4.93
N LEU S 10 -3.24 28.34 -5.35
CA LEU S 10 -3.61 27.31 -4.38
C LEU S 10 -2.38 26.82 -3.61
N SER S 11 -1.27 26.62 -4.31
CA SER S 11 -0.04 26.20 -3.63
C SER S 11 0.44 27.25 -2.64
N LEU S 12 0.38 28.53 -3.03
CA LEU S 12 0.79 29.59 -2.11
C LEU S 12 -0.09 29.62 -0.87
N ILE S 13 -1.41 29.50 -1.06
CA ILE S 13 -2.33 29.52 0.08
C ILE S 13 -2.08 28.32 0.99
N THR S 14 -1.88 27.13 0.39
CA THR S 14 -1.61 25.95 1.19
C THR S 14 -0.31 26.08 1.97
N GLN S 15 0.73 26.64 1.35
CA GLN S 15 1.99 26.83 2.06
C GLN S 15 1.82 27.81 3.22
N ASN S 16 1.07 28.88 3.01
CA ASN S 16 0.82 29.84 4.09
C ASN S 16 0.07 29.17 5.24
N ASN S 17 -0.96 28.40 4.92
CA ASN S 17 -1.72 27.71 5.96
C ASN S 17 -0.86 26.68 6.70
N ILE S 18 -0.01 25.97 5.97
CA ILE S 18 0.88 25.00 6.60
C ILE S 18 1.84 25.68 7.55
N ASN S 19 2.40 26.82 7.14
CA ASN S 19 3.28 27.57 8.04
C ASN S 19 2.54 28.05 9.28
N LYS S 20 1.31 28.55 9.10
CA LYS S 20 0.52 29.03 10.23
C LYS S 20 0.23 27.90 11.21
N ASN S 21 -0.12 26.72 10.71
CA ASN S 21 -0.36 25.58 11.59
C ASN S 21 0.94 25.09 12.22
N GLN S 22 2.05 25.17 11.48
CA GLN S 22 3.33 24.67 11.99
C GLN S 22 3.83 25.52 13.15
N SER S 23 3.56 26.82 13.11
CA SER S 23 3.92 27.67 14.24
C SER S 23 3.30 27.14 15.53
N ALA S 24 1.98 26.91 15.51
CA ALA S 24 1.29 26.41 16.70
C ALA S 24 1.74 24.99 17.05
N LEU S 25 2.01 24.17 16.04
CA LEU S 25 2.46 22.80 16.29
C LEU S 25 3.80 22.80 17.03
N SER S 26 4.74 23.60 16.55
CA SER S 26 6.04 23.71 17.21
C SER S 26 5.89 24.28 18.62
N SER S 27 5.02 25.28 18.78
CA SER S 27 4.79 25.84 20.11
C SER S 27 4.28 24.78 21.07
N SER S 28 3.29 24.00 20.64
CA SER S 28 2.73 22.95 21.50
C SER S 28 3.77 21.88 21.81
N ILE S 29 4.57 21.49 20.80
CA ILE S 29 5.58 20.47 21.02
C ILE S 29 6.61 20.94 22.04
N GLU S 30 7.08 22.18 21.91
CA GLU S 30 8.08 22.68 22.84
C GLU S 30 7.49 22.87 24.24
N ARG S 31 6.23 23.29 24.33
CA ARG S 31 5.59 23.41 25.64
C ARG S 31 5.47 22.07 26.33
N LEU S 32 5.10 21.02 25.58
CA LEU S 32 5.03 19.69 26.18
C LEU S 32 6.41 19.18 26.56
N SER S 33 7.42 19.46 25.73
CA SER S 33 8.78 19.02 26.05
C SER S 33 9.27 19.69 27.33
N SER S 34 9.00 20.98 27.49
CA SER S 34 9.48 21.70 28.68
C SER S 34 8.67 21.34 29.92
N GLY S 35 7.35 21.17 29.77
CA GLY S 35 6.49 20.95 30.92
C GLY S 35 6.15 22.20 31.69
N LEU S 36 6.22 23.37 31.05
CA LEU S 36 5.94 24.64 31.68
C LEU S 36 4.97 25.45 30.83
N ARG S 37 4.08 26.18 31.50
CA ARG S 37 3.13 27.03 30.78
C ARG S 37 3.86 28.16 30.05
N ILE S 38 4.81 28.81 30.73
CA ILE S 38 5.58 29.90 30.18
C ILE S 38 6.96 29.39 29.80
N ASN S 39 7.29 29.43 28.52
CA ASN S 39 8.59 29.00 28.03
C ASN S 39 9.21 30.13 27.22
N SER S 40 10.46 30.46 27.54
CA SER S 40 11.26 31.47 26.86
C SER S 40 10.56 32.83 26.81
N ALA S 41 9.55 33.04 27.64
CA ALA S 41 8.81 34.31 27.75
C ALA S 41 8.23 34.78 26.42
N LYS S 42 7.75 33.85 25.59
CA LYS S 42 7.11 34.21 24.33
C LYS S 42 5.65 34.59 24.53
N ASP S 43 5.26 34.85 25.77
CA ASP S 43 3.89 35.16 26.16
C ASP S 43 3.98 36.26 27.22
N ASP S 44 2.89 36.45 27.97
CA ASP S 44 2.84 37.44 29.03
C ASP S 44 4.04 37.30 29.98
N ALA S 45 4.92 38.30 29.97
CA ALA S 45 6.14 38.26 30.78
C ALA S 45 5.87 38.55 32.25
N ALA S 46 4.69 39.07 32.58
CA ALA S 46 4.34 39.24 33.98
C ALA S 46 4.33 37.89 34.70
N GLY S 47 3.85 36.84 34.02
CA GLY S 47 3.90 35.51 34.61
C GLY S 47 5.31 35.04 34.89
N GLN S 48 6.24 35.29 33.95
CA GLN S 48 7.63 34.92 34.16
C GLN S 48 8.23 35.68 35.34
N ALA S 49 7.96 36.98 35.42
CA ALA S 49 8.50 37.78 36.52
C ALA S 49 7.95 37.31 37.86
N ILE S 50 6.64 37.03 37.92
CA ILE S 50 6.04 36.56 39.17
C ILE S 50 6.57 35.18 39.53
N ALA S 51 6.83 34.33 38.54
CA ALA S 51 7.41 33.02 38.81
C ALA S 51 8.82 33.16 39.37
N ASN S 52 9.62 34.08 38.82
CA ASN S 52 10.94 34.33 39.38
C ASN S 52 10.85 34.81 40.82
N ARG S 53 9.93 35.74 41.09
CA ARG S 53 9.76 36.23 42.46
C ARG S 53 9.35 35.11 43.40
N PHE S 54 8.43 34.25 42.97
CA PHE S 54 7.99 33.14 43.81
C PHE S 54 9.13 32.17 44.09
N THR S 55 9.93 31.85 43.07
CA THR S 55 11.06 30.95 43.27
C THR S 55 12.06 31.54 44.26
N SER S 56 12.37 32.83 44.11
CA SER S 56 13.28 33.49 45.03
C SER S 56 12.74 33.46 46.46
N ASN S 57 11.45 33.75 46.62
CA ASN S 57 10.85 33.75 47.95
C ASN S 57 10.87 32.36 48.56
N ILE S 58 10.57 31.33 47.77
CA ILE S 58 10.57 29.96 48.28
C ILE S 58 11.97 29.56 48.74
N LYS S 59 12.98 29.87 47.93
CA LYS S 59 14.36 29.55 48.33
C LYS S 59 14.74 30.27 49.61
N GLY S 60 14.41 31.57 49.70
CA GLY S 60 14.72 32.32 50.91
C GLY S 60 14.02 31.75 52.14
N LEU S 61 12.76 31.39 52.00
CA LEU S 61 12.02 30.83 53.14
C LEU S 61 12.60 29.50 53.57
N THR S 62 12.98 28.64 52.63
CA THR S 62 13.57 27.35 52.98
C THR S 62 14.89 27.55 53.72
N GLN S 63 15.73 28.47 53.21
CA GLN S 63 17.01 28.72 53.88
C GLN S 63 16.80 29.32 55.27
N ALA S 64 15.80 30.19 55.42
CA ALA S 64 15.49 30.76 56.72
C ALA S 64 15.02 29.68 57.69
N ALA S 65 14.24 28.72 57.19
CA ALA S 65 13.82 27.61 58.04
C ALA S 65 15.02 26.78 58.49
N ARG S 66 15.97 26.53 57.59
CA ARG S 66 17.17 25.81 57.98
C ARG S 66 17.97 26.57 59.04
N ASN S 67 18.10 27.88 58.87
CA ASN S 67 18.81 28.69 59.85
C ASN S 67 18.09 28.68 61.20
N ALA S 68 16.76 28.71 61.17
CA ALA S 68 16.00 28.64 62.42
C ALA S 68 16.18 27.29 63.11
N ASN S 69 16.27 26.21 62.32
CA ASN S 69 16.58 24.90 62.91
C ASN S 69 17.94 24.91 63.57
N ASP S 70 18.93 25.53 62.93
CA ASP S 70 20.25 25.67 63.55
C ASP S 70 20.16 26.45 64.86
N GLY S 71 19.38 27.52 64.87
CA GLY S 71 19.18 28.28 66.10
C GLY S 71 18.53 27.47 67.19
N ILE S 72 17.56 26.62 66.82
CA ILE S 72 16.93 25.73 67.79
C ILE S 72 17.97 24.77 68.38
N SER S 73 18.86 24.26 67.54
CA SER S 73 19.94 23.41 68.06
C SER S 73 20.84 24.16 69.03
N VAL S 74 21.16 25.42 68.70
CA VAL S 74 21.97 26.25 69.60
C VAL S 74 21.26 26.41 70.94
N ALA S 75 19.95 26.69 70.89
CA ALA S 75 19.18 26.86 72.11
C ALA S 75 19.16 25.58 72.94
N GLN S 76 19.03 24.43 72.27
CA GLN S 76 19.05 23.16 72.99
C GLN S 76 20.38 22.95 73.72
N THR S 77 21.49 23.21 73.03
CA THR S 77 22.80 23.05 73.66
C THR S 77 22.96 23.98 74.85
N THR S 78 22.56 25.24 74.68
CA THR S 78 22.69 26.20 75.77
C THR S 78 21.81 25.82 76.95
N GLU S 79 20.60 25.34 76.69
CA GLU S 79 19.70 24.92 77.76
C GLU S 79 20.24 23.70 78.50
N GLY S 80 20.86 22.76 77.79
CA GLY S 80 21.50 21.65 78.48
C GLY S 80 22.63 22.10 79.39
N ALA S 81 23.46 23.02 78.89
CA ALA S 81 24.53 23.56 79.74
C ALA S 81 23.97 24.26 80.97
N LEU S 82 22.91 25.05 80.79
CA LEU S 82 22.29 25.72 81.93
C LEU S 82 21.70 24.74 82.92
N SER S 83 21.11 23.65 82.43
CA SER S 83 20.57 22.62 83.32
C SER S 83 21.68 21.97 84.14
N GLU S 84 22.81 21.68 83.51
CA GLU S 84 23.94 21.12 84.25
C GLU S 84 24.44 22.10 85.32
N ILE S 85 24.54 23.38 84.96
CA ILE S 85 24.96 24.40 85.93
C ILE S 85 23.97 24.48 87.09
N ASN S 86 22.67 24.40 86.80
CA ASN S 86 21.66 24.46 87.85
C ASN S 86 21.76 23.26 88.78
N ASN S 87 22.00 22.07 88.23
CA ASN S 87 22.17 20.90 89.08
C ASN S 87 23.38 21.05 90.00
N ASN S 88 24.50 21.54 89.44
CA ASN S 88 25.68 21.77 90.26
C ASN S 88 25.40 22.80 91.35
N LEU S 89 24.67 23.86 91.02
CA LEU S 89 24.33 24.88 92.02
C LEU S 89 23.44 24.31 93.12
N GLN S 90 22.49 23.44 92.76
CA GLN S 90 21.66 22.80 93.76
C GLN S 90 22.48 21.92 94.70
N ARG S 91 23.44 21.17 94.14
CA ARG S 91 24.30 20.35 95.00
C ARG S 91 25.15 21.23 95.92
N ILE S 92 25.65 22.35 95.40
CA ILE S 92 26.42 23.28 96.24
C ILE S 92 25.55 23.85 97.35
N ARG S 93 24.29 24.15 97.04
CA ARG S 93 23.37 24.62 98.08
C ARG S 93 23.17 23.56 99.15
N GLU S 94 23.01 22.30 98.75
CA GLU S 94 22.87 21.22 99.73
C GLU S 94 24.10 21.12 100.61
N LEU S 95 25.29 21.23 100.00
CA LEU S 95 26.54 21.19 100.77
C LEU S 95 26.60 22.35 101.76
N THR S 96 26.21 23.54 101.32
CA THR S 96 26.22 24.70 102.22
C THR S 96 25.23 24.51 103.37
N VAL S 97 24.05 23.96 103.08
CA VAL S 97 23.06 23.72 104.12
C VAL S 97 23.59 22.74 105.15
N GLN S 98 24.24 21.67 104.70
CA GLN S 98 24.81 20.72 105.66
C GLN S 98 26.02 21.30 106.38
N ALA S 99 26.70 22.28 105.78
CA ALA S 99 27.84 22.90 106.44
C ALA S 99 27.43 23.90 107.51
N THR S 100 26.30 24.59 107.33
CA THR S 100 25.91 25.64 108.27
C THR S 100 25.65 25.13 109.68
N THR S 101 25.49 23.83 109.88
CA THR S 101 25.30 23.30 111.22
C THR S 101 26.56 23.51 112.06
N GLY S 102 26.36 23.94 113.31
CA GLY S 102 27.48 24.21 114.20
C GLY S 102 28.12 22.99 114.82
N THR S 103 27.50 21.82 114.66
CA THR S 103 28.09 20.59 115.20
C THR S 103 29.34 20.18 114.45
N ASN S 104 29.41 20.47 113.16
CA ASN S 104 30.56 20.09 112.35
C ASN S 104 31.82 20.80 112.86
N SER S 105 32.93 20.07 112.83
CA SER S 105 34.20 20.58 113.35
C SER S 105 34.98 21.27 112.23
N ASP S 106 36.21 21.69 112.54
CA ASP S 106 37.03 22.40 111.56
C ASP S 106 37.38 21.51 110.38
N SER S 107 37.69 20.24 110.64
CA SER S 107 38.01 19.32 109.55
C SER S 107 36.80 19.10 108.64
N ASP S 108 35.61 18.94 109.23
CA ASP S 108 34.40 18.77 108.42
C ASP S 108 34.13 20.02 107.59
N LEU S 109 34.29 21.20 108.19
CA LEU S 109 34.10 22.44 107.45
C LEU S 109 35.10 22.56 106.31
N ASP S 110 36.35 22.19 106.55
CA ASP S 110 37.37 22.24 105.50
C ASP S 110 37.03 21.29 104.37
N SER S 111 36.57 20.08 104.69
CA SER S 111 36.21 19.12 103.66
C SER S 111 35.02 19.63 102.83
N ILE S 112 34.01 20.18 103.49
CA ILE S 112 32.85 20.71 102.77
C ILE S 112 33.26 21.87 101.89
N GLN S 113 34.13 22.75 102.40
CA GLN S 113 34.62 23.86 101.59
C GLN S 113 35.42 23.38 100.39
N ASP S 114 36.22 22.32 100.57
CA ASP S 114 36.96 21.75 99.44
C ASP S 114 36.01 21.22 98.38
N GLU S 115 34.96 20.52 98.81
CA GLU S 115 33.98 20.00 97.86
C GLU S 115 33.27 21.14 97.13
N ILE S 116 32.89 22.19 97.86
CA ILE S 116 32.20 23.32 97.25
C ILE S 116 33.11 24.04 96.27
N LYS S 117 34.40 24.20 96.62
CA LYS S 117 35.35 24.83 95.71
C LYS S 117 35.54 23.99 94.46
N SER S 118 35.61 22.66 94.61
CA SER S 118 35.74 21.79 93.44
C SER S 118 34.53 21.92 92.53
N ARG S 119 33.33 21.97 93.11
CA ARG S 119 32.13 22.08 92.28
C ARG S 119 32.02 23.46 91.63
N LEU S 120 32.47 24.52 92.32
CA LEU S 120 32.53 25.84 91.70
C LEU S 120 33.52 25.85 90.54
N ASP S 121 34.66 25.18 90.71
CA ASP S 121 35.62 25.05 89.62
C ASP S 121 35.01 24.30 88.45
N GLU S 122 34.23 23.26 88.74
CA GLU S 122 33.53 22.53 87.67
C GLU S 122 32.54 23.43 86.95
N ILE S 123 31.79 24.25 87.69
CA ILE S 123 30.84 25.17 87.06
C ILE S 123 31.58 26.14 86.15
N ASP S 124 32.68 26.72 86.64
CA ASP S 124 33.46 27.64 85.83
C ASP S 124 34.02 26.94 84.59
N ARG S 125 34.50 25.71 84.75
CA ARG S 125 35.03 24.95 83.62
C ARG S 125 33.95 24.71 82.57
N VAL S 126 32.77 24.27 82.99
CA VAL S 126 31.70 23.99 82.05
C VAL S 126 31.27 25.26 81.33
N SER S 127 31.12 26.35 82.08
CA SER S 127 30.70 27.62 81.48
C SER S 127 31.73 28.12 80.47
N GLY S 128 33.01 28.05 80.83
CA GLY S 128 34.05 28.53 79.93
C GLY S 128 34.21 27.68 78.68
N GLN S 129 34.11 26.35 78.84
CA GLN S 129 34.40 25.44 77.74
C GLN S 129 33.17 25.01 76.96
N THR S 130 31.98 25.46 77.34
CA THR S 130 30.80 25.21 76.52
C THR S 130 30.94 25.97 75.20
N GLN S 131 30.86 25.23 74.09
CA GLN S 131 31.13 25.80 72.78
C GLN S 131 30.22 25.15 71.74
N PHE S 132 29.75 25.97 70.80
CA PHE S 132 28.95 25.50 69.68
C PHE S 132 29.51 26.12 68.41
N ASN S 133 30.00 25.26 67.50
CA ASN S 133 30.53 25.70 66.20
C ASN S 133 31.64 26.74 66.39
N GLY S 134 32.50 26.52 67.38
CA GLY S 134 33.59 27.43 67.64
C GLY S 134 33.23 28.71 68.35
N VAL S 135 32.00 28.83 68.85
CA VAL S 135 31.53 30.03 69.54
C VAL S 135 31.20 29.67 70.98
N ASN S 136 31.78 30.43 71.92
CA ASN S 136 31.53 30.21 73.35
C ASN S 136 30.26 30.95 73.73
N VAL S 137 29.16 30.22 73.86
CA VAL S 137 27.87 30.83 74.14
C VAL S 137 27.84 31.41 75.56
N LEU S 138 28.47 30.72 76.51
CA LEU S 138 28.39 31.10 77.92
C LEU S 138 29.55 31.98 78.36
N ALA S 139 30.43 32.39 77.44
CA ALA S 139 31.55 33.24 77.78
C ALA S 139 31.36 34.69 77.32
N LYS S 140 30.31 34.97 76.56
CA LYS S 140 30.06 36.31 76.05
C LYS S 140 28.65 36.76 76.44
N ASP S 141 28.44 38.08 76.41
CA ASP S 141 27.17 38.69 76.80
C ASP S 141 26.49 39.37 75.62
N GLY S 142 26.77 38.93 74.39
CA GLY S 142 26.24 39.55 73.21
C GLY S 142 24.91 38.95 72.76
N SER S 143 24.66 39.07 71.45
CA SER S 143 23.45 38.54 70.86
C SER S 143 23.75 38.02 69.46
N MET S 144 22.96 37.04 69.04
CA MET S 144 23.08 36.44 67.72
C MET S 144 21.80 36.67 66.93
N LYS S 145 21.95 37.13 65.69
CA LYS S 145 20.82 37.40 64.81
C LYS S 145 20.69 36.27 63.80
N ILE S 146 19.50 35.67 63.74
CA ILE S 146 19.23 34.55 62.85
C ILE S 146 18.19 35.00 61.83
N GLN S 147 18.49 34.82 60.55
CA GLN S 147 17.58 35.22 59.48
C GLN S 147 16.37 34.30 59.45
N VAL S 148 15.19 34.89 59.61
CA VAL S 148 13.94 34.14 59.59
C VAL S 148 13.05 34.49 58.41
N GLY S 149 13.15 35.70 57.86
CA GLY S 149 12.43 36.06 56.66
C GLY S 149 13.33 36.05 55.42
N ALA S 150 12.71 36.38 54.29
CA ALA S 150 13.41 36.44 53.02
C ALA S 150 13.87 37.84 52.64
N ASN S 151 13.51 38.85 53.42
CA ASN S 151 13.86 40.23 53.12
C ASN S 151 14.86 40.76 54.16
N ASP S 152 15.30 42.00 53.94
CA ASP S 152 16.26 42.62 54.85
C ASP S 152 15.60 42.97 56.17
N GLY S 153 16.34 42.76 57.26
CA GLY S 153 15.87 43.11 58.58
C GLY S 153 14.89 42.15 59.20
N GLU S 154 14.62 41.02 58.54
CA GLU S 154 13.65 40.04 59.04
C GLU S 154 14.40 38.94 59.76
N THR S 155 14.89 39.28 60.95
CA THR S 155 15.69 38.38 61.78
C THR S 155 15.13 38.31 63.18
N ILE S 156 15.61 37.30 63.93
CA ILE S 156 15.26 37.11 65.34
C ILE S 156 16.55 37.09 66.14
N THR S 157 16.56 37.80 67.28
CA THR S 157 17.75 37.95 68.10
C THR S 157 17.67 37.04 69.31
N ILE S 158 18.77 36.31 69.56
CA ILE S 158 18.92 35.48 70.74
C ILE S 158 20.02 36.12 71.60
N ASP S 159 19.67 36.49 72.82
CA ASP S 159 20.61 37.12 73.74
C ASP S 159 21.32 36.06 74.57
N LEU S 160 22.62 36.25 74.78
CA LEU S 160 23.42 35.36 75.62
C LEU S 160 23.89 36.12 76.85
N LYS S 161 24.16 35.35 77.91
CA LYS S 161 24.60 35.91 79.18
C LYS S 161 25.92 35.28 79.58
N LYS S 162 26.84 36.09 80.10
CA LYS S 162 28.10 35.58 80.61
C LYS S 162 27.87 35.06 82.03
N ILE S 163 27.87 33.75 82.18
CA ILE S 163 27.58 33.10 83.45
C ILE S 163 28.85 32.43 83.94
N ASP S 164 29.30 32.81 85.12
CA ASP S 164 30.48 32.24 85.76
C ASP S 164 30.47 32.63 87.23
N SER S 165 31.57 32.38 87.92
CA SER S 165 31.69 32.82 89.30
C SER S 165 31.68 34.35 89.40
N ASP S 166 32.34 35.03 88.46
CA ASP S 166 32.45 36.49 88.54
C ASP S 166 31.08 37.15 88.47
N THR S 167 30.21 36.68 87.58
CA THR S 167 28.89 37.30 87.40
C THR S 167 27.84 36.78 88.37
N LEU S 168 28.13 35.74 89.14
CA LEU S 168 27.19 35.21 90.13
C LEU S 168 27.71 35.35 91.56
N GLY S 169 28.81 36.05 91.75
CA GLY S 169 29.35 36.18 93.10
C GLY S 169 29.94 34.87 93.57
N LEU S 170 29.78 34.57 94.86
CA LEU S 170 30.21 33.31 95.45
C LEU S 170 31.73 33.13 95.32
N ASN S 171 32.44 34.19 94.95
CA ASN S 171 33.89 34.10 94.75
C ASN S 171 34.59 33.70 96.05
N GLY S 172 34.48 34.53 97.08
CA GLY S 172 34.97 34.18 98.39
C GLY S 172 33.90 33.52 99.23
N PHE S 173 33.50 32.30 98.85
CA PHE S 173 32.42 31.63 99.56
C PHE S 173 32.78 31.39 101.03
N ASN S 174 34.00 30.94 101.29
CA ASN S 174 34.59 30.94 102.63
C ASN S 174 33.73 30.20 103.64
N VAL S 175 33.34 28.96 103.32
CA VAL S 175 32.62 28.14 104.28
C VAL S 175 33.49 27.89 105.51
N ASN S 176 34.76 27.54 105.30
CA ASN S 176 35.71 27.36 106.38
C ASN S 176 36.41 28.65 106.79
N GLY S 177 36.24 29.72 106.03
CA GLY S 177 36.87 30.99 106.34
C GLY S 177 38.26 31.18 105.79
N LYS S 178 38.66 30.40 104.78
CA LYS S 178 39.99 30.50 104.18
C LYS S 178 39.83 30.64 102.68
N GLY S 179 40.33 31.74 102.12
CA GLY S 179 40.22 31.96 100.70
C GLY S 179 40.91 33.25 100.30
N THR S 180 40.73 33.62 99.03
CA THR S 180 41.30 34.83 98.46
C THR S 180 40.18 35.76 98.01
N ILE S 181 40.52 37.03 97.81
CA ILE S 181 39.53 38.05 97.48
C ILE S 181 39.90 38.75 96.18
N THR S 182 41.19 38.79 95.85
CA THR S 182 41.69 39.57 94.71
C THR S 182 41.19 41.01 94.78
N ASN S 183 41.63 41.67 95.85
CA ASN S 183 41.03 42.91 96.35
C ASN S 183 40.71 43.99 95.31
N LYS S 184 41.71 44.57 94.65
CA LYS S 184 41.50 45.73 93.80
C LYS S 184 42.83 46.13 93.19
N ALA S 185 42.79 47.05 92.23
CA ALA S 185 43.97 47.67 91.65
C ALA S 185 43.96 49.16 91.99
N ALA S 186 45.12 49.68 92.39
CA ALA S 186 45.21 51.06 92.85
C ALA S 186 45.05 52.04 91.69
N THR S 187 44.82 53.31 92.04
CA THR S 187 44.65 54.37 91.07
C THR S 187 45.19 55.68 91.64
N VAL S 188 45.17 56.72 90.82
CA VAL S 188 45.69 58.03 91.23
C VAL S 188 44.84 58.61 92.35
N SER S 189 43.52 58.37 92.31
CA SER S 189 42.66 58.84 93.39
C SER S 189 43.01 58.15 94.71
N ASP S 190 43.28 56.85 94.65
CA ASP S 190 43.70 56.12 95.85
C ASP S 190 45.03 56.65 96.36
N LEU S 191 45.97 56.94 95.46
CA LEU S 191 47.25 57.50 95.89
C LEU S 191 47.06 58.87 96.55
N THR S 192 46.21 59.72 95.97
CA THR S 192 45.95 61.02 96.56
C THR S 192 45.30 60.90 97.93
N SER S 193 44.36 59.96 98.08
CA SER S 193 43.76 59.72 99.38
C SER S 193 44.79 59.24 100.38
N ALA S 194 45.70 58.35 99.96
CA ALA S 194 46.77 57.89 100.83
C ALA S 194 47.77 58.98 101.16
N GLY S 195 47.86 60.04 100.36
CA GLY S 195 48.71 61.16 100.65
C GLY S 195 49.93 61.31 99.76
N ALA S 196 50.02 60.58 98.66
CA ALA S 196 51.16 60.72 97.76
C ALA S 196 51.17 62.11 97.11
N LYS S 197 52.36 62.66 96.96
CA LYS S 197 52.56 63.98 96.38
C LYS S 197 53.17 63.86 94.99
N LEU S 198 52.65 64.65 94.06
CA LEU S 198 53.20 64.66 92.71
C LEU S 198 54.49 65.45 92.67
N ASN S 199 55.53 64.88 92.04
CA ASN S 199 56.81 65.54 91.88
C ASN S 199 56.79 66.28 90.55
N THR S 200 56.88 67.61 90.61
CA THR S 200 56.74 68.43 89.40
C THR S 200 57.88 68.17 88.42
N THR S 201 59.11 68.03 88.91
CA THR S 201 60.25 67.93 88.01
C THR S 201 60.28 66.59 87.29
N THR S 202 59.74 65.53 87.90
CA THR S 202 59.79 64.20 87.29
C THR S 202 58.43 63.68 86.84
N GLY S 203 57.33 64.19 87.41
CA GLY S 203 56.01 63.74 87.05
C GLY S 203 55.53 62.50 87.77
N LEU S 204 56.36 61.90 88.62
CA LEU S 204 55.97 60.71 89.36
C LEU S 204 55.19 61.08 90.60
N TYR S 205 54.68 60.05 91.28
CA TYR S 205 53.99 60.21 92.55
C TYR S 205 54.85 59.60 93.66
N ASP S 206 55.26 60.42 94.62
CA ASP S 206 56.10 59.97 95.72
C ASP S 206 55.26 59.87 96.99
N LEU S 207 55.32 58.72 97.64
CA LEU S 207 54.62 58.48 98.89
C LEU S 207 55.63 58.42 100.03
N LYS S 208 55.46 59.30 101.02
CA LYS S 208 56.37 59.39 102.14
C LYS S 208 55.66 58.94 103.41
N THR S 209 56.28 58.00 104.12
CA THR S 209 55.76 57.50 105.39
C THR S 209 56.73 57.86 106.51
N GLU S 210 56.20 58.49 107.56
CA GLU S 210 57.02 58.90 108.68
C GLU S 210 57.25 57.74 109.64
N ASN S 211 58.30 57.86 110.45
CA ASN S 211 58.70 56.81 111.38
C ASN S 211 58.90 57.42 112.75
N THR S 212 58.25 56.83 113.77
CA THR S 212 58.33 57.35 115.12
C THR S 212 59.63 56.90 115.78
N LEU S 213 60.29 57.84 116.45
CA LEU S 213 61.54 57.52 117.16
C LEU S 213 61.27 56.56 118.30
N LEU S 214 62.31 55.81 118.68
CA LEU S 214 62.18 54.82 119.75
C LEU S 214 61.73 55.48 121.04
N THR S 215 60.77 54.84 121.72
CA THR S 215 60.22 55.33 122.97
C THR S 215 60.61 54.41 124.12
N THR S 216 60.46 54.94 125.33
CA THR S 216 60.80 54.18 126.53
C THR S 216 59.90 52.96 126.68
N ASP S 217 58.61 53.10 126.36
CA ASP S 217 57.69 51.97 126.45
C ASP S 217 58.09 50.86 125.49
N ALA S 218 58.44 51.22 124.25
CA ALA S 218 58.87 50.21 123.28
C ALA S 218 60.18 49.56 123.72
N ALA S 219 61.10 50.35 124.26
CA ALA S 219 62.35 49.79 124.74
C ALA S 219 62.12 48.80 125.88
N PHE S 220 61.22 49.15 126.81
CA PHE S 220 60.90 48.24 127.90
C PHE S 220 60.21 46.98 127.40
N ASP S 221 59.33 47.12 126.41
CA ASP S 221 58.69 45.94 125.82
C ASP S 221 59.70 45.01 125.18
N LYS S 222 60.69 45.58 124.48
CA LYS S 222 61.72 44.77 123.84
C LYS S 222 62.86 44.40 124.79
N LEU S 223 62.81 44.84 126.04
CA LEU S 223 63.83 44.44 127.01
C LEU S 223 63.84 42.93 127.20
N GLY S 224 65.03 42.36 127.31
CA GLY S 224 65.20 40.93 127.48
C GLY S 224 66.05 40.61 128.69
N ASN S 225 66.27 39.31 128.89
CA ASN S 225 67.09 38.86 130.01
C ASN S 225 68.53 39.32 129.86
N GLY S 226 69.11 39.80 130.96
CA GLY S 226 70.47 40.27 130.97
C GLY S 226 70.67 41.68 130.46
N ASP S 227 69.60 42.40 130.12
CA ASP S 227 69.73 43.75 129.62
C ASP S 227 70.16 44.70 130.74
N LYS S 228 70.93 45.72 130.36
CA LYS S 228 71.50 46.68 131.30
C LYS S 228 70.97 48.07 131.00
N VAL S 229 70.46 48.74 132.02
CA VAL S 229 69.93 50.10 131.91
C VAL S 229 70.72 51.02 132.81
N THR S 230 71.26 52.10 132.24
CA THR S 230 72.07 53.06 132.98
C THR S 230 71.34 54.39 132.99
N VAL S 231 70.74 54.74 134.13
CA VAL S 231 70.08 56.02 134.33
C VAL S 231 70.56 56.62 135.64
N GLY S 232 70.90 57.91 135.60
CA GLY S 232 71.39 58.58 136.81
C GLY S 232 72.70 58.06 137.33
N GLY S 233 73.49 57.39 136.49
CA GLY S 233 74.79 56.88 136.89
C GLY S 233 74.78 55.56 137.61
N VAL S 234 73.62 54.91 137.76
CA VAL S 234 73.50 53.62 138.43
C VAL S 234 72.99 52.60 137.43
N ASP S 235 73.56 51.40 137.49
CA ASP S 235 73.26 50.34 136.52
C ASP S 235 72.23 49.37 137.10
N TYR S 236 71.22 49.06 136.30
CA TYR S 236 70.17 48.10 136.66
C TYR S 236 70.23 46.95 135.66
N THR S 237 70.06 45.72 136.16
CA THR S 237 70.02 44.54 135.31
C THR S 237 68.61 43.98 135.29
N TYR S 238 68.01 43.89 134.10
CA TYR S 238 66.65 43.40 133.98
C TYR S 238 66.59 41.90 134.19
N ASN S 239 65.57 41.44 134.91
CA ASN S 239 65.32 40.01 135.12
C ASN S 239 63.92 39.70 134.62
N ALA S 240 63.83 38.84 133.61
CA ALA S 240 62.55 38.44 133.06
C ALA S 240 61.86 37.38 133.90
N LYS S 241 62.63 36.58 134.66
CA LYS S 241 62.03 35.57 135.51
C LYS S 241 61.11 36.19 136.55
N SER S 242 61.56 37.26 137.20
CA SER S 242 60.71 38.03 138.10
C SER S 242 60.22 39.33 137.48
N GLY S 243 60.74 39.71 136.32
CA GLY S 243 60.29 40.92 135.64
C GLY S 243 60.58 42.20 136.40
N ASP S 244 61.81 42.34 136.89
CA ASP S 244 62.16 43.50 137.70
C ASP S 244 63.65 43.77 137.57
N PHE S 245 64.08 44.95 137.98
CA PHE S 245 65.48 45.33 137.84
C PHE S 245 66.23 45.06 139.14
N THR S 246 67.35 44.35 139.04
CA THR S 246 68.22 44.11 140.17
C THR S 246 69.38 45.09 140.14
N THR S 247 69.79 45.53 141.32
CA THR S 247 70.84 46.53 141.48
C THR S 247 71.86 46.01 142.48
N THR S 248 73.11 46.46 142.31
CA THR S 248 74.18 46.17 143.25
C THR S 248 74.58 47.49 143.89
N LYS S 249 74.18 47.70 145.15
CA LYS S 249 74.41 48.97 145.83
C LYS S 249 75.46 48.77 146.93
N SER S 250 76.52 49.55 146.87
CA SER S 250 77.46 49.64 147.97
C SER S 250 76.91 50.59 149.03
N THR S 251 77.45 50.48 150.24
CA THR S 251 77.00 51.33 151.34
C THR S 251 77.23 52.80 151.04
N ALA S 252 78.49 53.21 150.93
CA ALA S 252 78.83 54.62 150.73
C ALA S 252 80.31 54.68 150.36
N GLY S 253 80.86 55.89 150.39
CA GLY S 253 82.27 56.11 150.09
C GLY S 253 82.51 56.90 148.83
N THR S 254 82.80 58.19 148.99
CA THR S 254 83.11 59.10 147.89
C THR S 254 84.42 59.82 148.08
N GLY S 255 84.76 60.22 149.30
CA GLY S 255 86.01 60.90 149.55
C GLY S 255 87.21 59.98 149.40
N VAL S 256 88.36 60.58 149.11
CA VAL S 256 89.60 59.82 148.92
C VAL S 256 90.47 59.77 150.15
N ASP S 257 90.15 60.54 151.19
CA ASP S 257 90.93 60.57 152.42
C ASP S 257 90.02 60.31 153.61
N ALA S 258 90.64 60.06 154.76
CA ALA S 258 89.88 59.77 155.97
C ALA S 258 89.03 60.96 156.40
N ALA S 259 89.59 62.17 156.33
CA ALA S 259 88.86 63.37 156.72
C ALA S 259 88.00 63.85 155.55
N ALA S 260 86.93 63.10 155.30
CA ALA S 260 86.01 63.39 154.22
C ALA S 260 84.61 62.98 154.63
N GLN S 261 83.66 63.22 153.73
CA GLN S 261 82.26 62.86 153.98
C GLN S 261 81.99 61.37 153.81
N ALA S 262 82.99 60.59 153.37
CA ALA S 262 82.76 59.17 153.13
C ALA S 262 82.41 58.44 154.42
N ALA S 263 83.11 58.74 155.51
CA ALA S 263 82.83 58.08 156.79
C ALA S 263 81.44 58.43 157.28
N ASP S 264 81.05 59.71 157.17
CA ASP S 264 79.72 60.12 157.60
C ASP S 264 78.64 59.44 156.76
N SER S 265 78.85 59.36 155.44
CA SER S 265 77.88 58.70 154.58
C SER S 265 77.77 57.22 154.93
N ALA S 266 78.89 56.56 155.19
CA ALA S 266 78.85 55.16 155.57
C ALA S 266 78.10 54.96 156.87
N SER S 267 78.35 55.83 157.86
CA SER S 267 77.67 55.71 159.15
C SER S 267 76.16 55.91 158.99
N LYS S 268 75.76 56.93 158.23
CA LYS S 268 74.34 57.19 158.08
C LYS S 268 73.65 56.11 157.26
N ARG S 269 74.34 55.54 156.26
CA ARG S 269 73.76 54.43 155.50
C ARG S 269 73.62 53.18 156.37
N ASP S 270 74.60 52.92 157.23
CA ASP S 270 74.49 51.80 158.15
C ASP S 270 73.32 52.01 159.12
N ALA S 271 73.15 53.24 159.62
CA ALA S 271 72.03 53.53 160.49
C ALA S 271 70.70 53.35 159.76
N LEU S 272 70.62 53.80 158.51
CA LEU S 272 69.40 53.62 157.73
C LEU S 272 69.08 52.15 157.51
N ALA S 273 70.11 51.35 157.20
CA ALA S 273 69.90 49.91 157.03
C ALA S 273 69.43 49.28 158.33
N ALA S 274 70.01 49.67 159.46
CA ALA S 274 69.59 49.12 160.74
C ALA S 274 68.14 49.49 161.04
N THR S 275 67.75 50.73 160.73
CA THR S 275 66.35 51.13 160.93
C THR S 275 65.41 50.34 160.03
N LEU S 276 65.83 50.10 158.78
CA LEU S 276 65.01 49.29 157.87
C LEU S 276 64.89 47.86 158.36
N HIS S 277 65.92 47.34 159.04
CA HIS S 277 65.89 45.99 159.58
C HIS S 277 65.13 45.89 160.89
N ALA S 278 64.29 46.87 161.22
CA ALA S 278 63.54 46.83 162.47
C ALA S 278 62.61 45.62 162.52
N ASP S 279 61.66 45.56 161.60
CA ASP S 279 60.66 44.49 161.55
C ASP S 279 59.97 44.32 162.89
N VAL S 280 59.27 45.37 163.30
CA VAL S 280 58.63 45.39 164.61
C VAL S 280 57.49 44.37 164.66
N GLY S 281 56.74 44.24 163.56
CA GLY S 281 55.55 43.40 163.59
C GLY S 281 55.85 41.93 163.86
N LYS S 282 56.84 41.38 163.16
CA LYS S 282 57.15 39.96 163.29
C LYS S 282 58.67 39.76 163.27
N SER S 283 59.09 38.63 163.83
CA SER S 283 60.49 38.29 163.90
C SER S 283 60.99 37.72 162.57
N VAL S 284 62.31 37.78 162.38
CA VAL S 284 62.93 37.24 161.17
C VAL S 284 64.23 36.54 161.55
N ASN S 285 64.51 35.46 160.83
CA ASN S 285 65.68 34.61 161.07
C ASN S 285 66.68 34.74 159.92
N GLY S 286 67.96 34.71 160.27
CA GLY S 286 69.04 34.75 159.30
C GLY S 286 70.30 34.09 159.81
N SER S 287 71.43 34.35 159.14
CA SER S 287 72.71 33.75 159.52
C SER S 287 73.82 34.76 159.34
N TYR S 288 74.73 34.81 160.31
CA TYR S 288 75.90 35.68 160.29
C TYR S 288 77.14 34.80 160.17
N THR S 289 77.93 35.00 159.13
CA THR S 289 79.08 34.15 158.84
C THR S 289 80.34 35.00 158.80
N THR S 290 81.34 34.58 159.57
CA THR S 290 82.65 35.23 159.57
C THR S 290 83.52 34.62 158.47
N LYS S 291 84.82 34.90 158.50
CA LYS S 291 85.72 34.34 157.50
C LYS S 291 85.76 32.82 157.58
N ASP S 292 85.75 32.25 158.78
CA ASP S 292 85.84 30.81 158.97
C ASP S 292 84.73 30.23 159.84
N GLY S 293 83.78 31.03 160.28
CA GLY S 293 82.72 30.51 161.14
C GLY S 293 81.38 31.15 160.82
N THR S 294 80.32 30.45 161.22
CA THR S 294 78.96 30.90 160.99
C THR S 294 78.12 30.66 162.24
N VAL S 295 77.04 31.43 162.37
CA VAL S 295 76.15 31.37 163.52
C VAL S 295 74.75 31.74 163.07
N SER S 296 73.75 31.13 163.70
CA SER S 296 72.35 31.48 163.44
C SER S 296 72.03 32.85 164.02
N PHE S 297 70.87 33.38 163.63
CA PHE S 297 70.43 34.69 164.08
C PHE S 297 68.92 34.73 164.05
N GLU S 298 68.30 35.21 165.12
CA GLU S 298 66.84 35.32 165.21
C GLU S 298 66.49 36.62 165.89
N THR S 299 66.11 37.64 165.12
CA THR S 299 65.78 38.94 165.70
C THR S 299 64.27 39.12 165.71
N ASP S 300 63.77 39.82 166.74
CA ASP S 300 62.35 40.05 166.91
C ASP S 300 61.93 41.45 166.47
N SER S 301 62.52 42.48 167.05
CA SER S 301 62.18 43.85 166.71
C SER S 301 63.31 44.77 167.15
N ALA S 302 63.37 45.94 166.51
CA ALA S 302 64.35 46.98 166.83
C ALA S 302 65.79 46.48 166.71
N GLY S 303 66.00 45.45 165.88
CA GLY S 303 67.34 44.90 165.70
C GLY S 303 67.93 44.30 166.96
N ASN S 304 67.13 43.56 167.72
CA ASN S 304 67.59 42.92 168.94
C ASN S 304 68.11 41.53 168.61
N ILE S 305 69.34 41.24 169.04
CA ILE S 305 69.98 39.97 168.73
C ILE S 305 69.58 38.94 169.78
N THR S 306 68.95 37.85 169.33
CA THR S 306 68.55 36.75 170.20
C THR S 306 68.96 35.44 169.55
N ILE S 307 69.74 34.64 170.27
CA ILE S 307 70.23 33.35 169.78
C ILE S 307 69.71 32.27 170.72
N GLY S 308 68.86 31.39 170.21
CA GLY S 308 68.33 30.30 171.01
C GLY S 308 67.54 30.74 172.22
N GLY S 309 66.79 31.83 172.11
CA GLY S 309 66.03 32.36 173.22
C GLY S 309 66.82 33.19 174.20
N SER S 310 68.12 33.38 173.98
CA SER S 310 68.97 34.17 174.86
C SER S 310 69.62 35.28 174.06
N GLN S 311 69.65 36.48 174.62
CA GLN S 311 70.24 37.62 173.93
C GLN S 311 71.75 37.47 173.85
N ALA S 312 72.30 37.56 172.64
CA ALA S 312 73.73 37.47 172.41
C ALA S 312 74.33 38.87 172.30
N TYR S 313 75.65 38.93 172.16
CA TYR S 313 76.37 40.18 172.14
C TYR S 313 77.46 40.12 171.08
N VAL S 314 77.89 41.29 170.62
CA VAL S 314 78.93 41.41 169.61
C VAL S 314 80.20 41.97 170.24
N ASP S 315 81.34 41.39 169.86
CA ASP S 315 82.62 41.83 170.38
C ASP S 315 83.19 42.95 169.50
N ASP S 316 84.42 43.36 169.80
CA ASP S 316 85.08 44.41 169.02
C ASP S 316 85.31 43.96 167.59
N ALA S 317 85.71 42.70 167.38
CA ALA S 317 86.01 42.18 166.07
C ALA S 317 84.80 41.59 165.36
N GLY S 318 83.59 41.87 165.86
CA GLY S 318 82.37 41.39 165.24
C GLY S 318 81.95 39.99 165.60
N ASN S 319 82.69 39.30 166.45
CA ASN S 319 82.32 37.95 166.85
C ASN S 319 81.06 37.98 167.72
N LEU S 320 80.17 37.02 167.48
CA LEU S 320 78.92 36.93 168.22
C LEU S 320 79.05 35.87 169.30
N THR S 321 78.84 36.27 170.56
CA THR S 321 79.01 35.37 171.69
C THR S 321 77.84 35.52 172.65
N THR S 322 77.50 34.43 173.32
CA THR S 322 76.42 34.45 174.31
C THR S 322 76.84 35.14 175.61
N ASN S 323 78.13 35.14 175.93
CA ASN S 323 78.63 35.72 177.17
C ASN S 323 79.14 37.14 176.93
N ASN S 324 79.52 37.79 178.03
CA ASN S 324 80.04 39.16 178.01
C ASN S 324 81.44 39.19 178.57
N ALA S 325 82.34 39.88 177.88
CA ALA S 325 83.71 40.08 178.33
C ALA S 325 83.92 41.57 178.59
N GLY S 326 84.10 41.93 179.86
CA GLY S 326 84.26 43.32 180.23
C GLY S 326 83.05 44.18 180.01
N SER S 327 81.85 43.59 180.12
CA SER S 327 80.59 44.32 179.97
C SER S 327 80.46 44.99 178.61
N ALA S 328 81.15 44.45 177.60
CA ALA S 328 81.07 44.98 176.24
C ALA S 328 79.95 44.27 175.48
N ALA S 329 78.72 44.57 175.89
CA ALA S 329 77.55 43.90 175.31
C ALA S 329 77.15 44.52 173.98
N LYS S 330 76.75 45.79 174.00
CA LYS S 330 76.28 46.54 172.82
C LYS S 330 75.43 45.66 171.90
N ALA S 331 74.43 45.02 172.49
CA ALA S 331 73.56 44.09 171.76
C ALA S 331 72.51 44.89 170.98
N ASP S 332 72.91 45.37 169.82
CA ASP S 332 72.02 46.13 168.95
C ASP S 332 72.44 45.94 167.50
N MET S 333 71.49 46.13 166.59
CA MET S 333 71.78 45.98 165.17
C MET S 333 72.79 47.02 164.70
N LYS S 334 72.64 48.27 165.17
CA LYS S 334 73.58 49.32 164.80
C LYS S 334 74.99 48.99 165.27
N ALA S 335 75.13 48.54 166.52
CA ALA S 335 76.44 48.19 167.05
C ALA S 335 77.03 47.01 166.32
N LEU S 336 76.21 46.00 166.01
CA LEU S 336 76.71 44.83 165.28
C LEU S 336 77.20 45.23 163.88
N LEU S 337 76.44 46.06 163.18
CA LEU S 337 76.85 46.49 161.85
C LEU S 337 78.11 47.34 161.91
N LYS S 338 78.22 48.23 162.90
CA LYS S 338 79.42 49.04 163.02
C LYS S 338 80.64 48.19 163.35
N ALA S 339 80.48 47.19 164.21
CA ALA S 339 81.58 46.30 164.53
C ALA S 339 82.00 45.48 163.32
N ALA S 340 81.02 45.01 162.53
CA ALA S 340 81.36 44.29 161.31
C ALA S 340 82.09 45.18 160.31
N SER S 341 81.65 46.44 160.18
CA SER S 341 82.32 47.35 159.26
C SER S 341 83.74 47.66 159.71
N GLU S 342 83.95 47.88 161.01
CA GLU S 342 85.27 48.21 161.53
C GLU S 342 86.13 46.99 161.78
N GLY S 343 85.61 45.78 161.59
CA GLY S 343 86.40 44.59 161.84
C GLY S 343 87.51 44.40 160.82
N SER S 344 88.53 43.66 161.24
CA SER S 344 89.66 43.40 160.36
C SER S 344 89.25 42.54 159.16
N ASP S 345 88.38 41.57 159.37
CA ASP S 345 87.98 40.62 158.34
C ASP S 345 86.52 40.83 157.98
N GLY S 346 86.19 40.61 156.71
CA GLY S 346 84.83 40.78 156.24
C GLY S 346 83.90 39.69 156.73
N ALA S 347 82.60 39.93 156.52
CA ALA S 347 81.55 39.04 156.98
C ALA S 347 80.45 38.94 155.93
N SER S 348 79.52 38.00 156.14
CA SER S 348 78.38 37.82 155.27
C SER S 348 77.12 37.62 156.10
N LEU S 349 76.04 38.31 155.72
CA LEU S 349 74.74 38.14 156.34
C LEU S 349 73.77 37.56 155.32
N THR S 350 73.09 36.47 155.69
CA THR S 350 72.08 35.86 154.85
C THR S 350 70.73 36.01 155.55
N PHE S 351 69.81 36.73 154.91
CA PHE S 351 68.52 37.03 155.53
C PHE S 351 67.36 36.57 154.65
N ASN S 352 66.14 36.98 154.99
CA ASN S 352 64.98 36.59 154.20
C ASN S 352 65.08 37.11 152.77
N GLY S 353 65.59 38.33 152.59
CA GLY S 353 65.75 38.89 151.27
C GLY S 353 67.09 38.56 150.64
N THR S 354 67.80 39.59 150.16
CA THR S 354 69.09 39.38 149.53
C THR S 354 70.18 39.21 150.58
N GLU S 355 71.31 38.68 150.13
CA GLU S 355 72.46 38.44 151.00
C GLU S 355 73.40 39.63 150.96
N TYR S 356 73.83 40.09 152.13
CA TYR S 356 74.70 41.24 152.26
C TYR S 356 76.12 40.77 152.52
N THR S 357 77.11 41.44 151.91
CA THR S 357 78.51 41.12 152.15
C THR S 357 79.22 42.36 152.68
N ILE S 358 79.78 42.26 153.88
CA ILE S 358 80.56 43.34 154.48
C ILE S 358 82.01 43.09 154.11
N ALA S 359 82.58 43.99 153.31
CA ALA S 359 83.93 43.80 152.79
C ALA S 359 84.98 44.12 153.85
N LYS S 360 86.18 43.62 153.62
CA LYS S 360 87.31 43.84 154.52
C LYS S 360 87.69 45.33 154.56
N GLY S 376 82.44 48.67 154.18
CA GLY S 376 81.30 48.80 153.28
C GLY S 376 80.50 47.52 153.14
N ILE S 377 79.24 47.67 152.76
CA ILE S 377 78.34 46.54 152.53
C ILE S 377 77.92 46.57 151.08
N THR S 378 78.13 45.46 150.37
CA THR S 378 77.65 45.27 149.02
C THR S 378 76.44 44.34 149.07
N TYR S 379 75.36 44.73 148.39
CA TYR S 379 74.15 43.94 148.44
C TYR S 379 73.31 44.19 147.19
N GLN S 380 72.48 43.19 146.88
CA GLN S 380 71.52 43.29 145.79
C GLN S 380 70.23 43.92 146.28
N ALA S 381 69.54 44.61 145.37
CA ALA S 381 68.26 45.25 145.66
C ALA S 381 67.35 45.09 144.46
N THR S 382 66.04 45.13 144.72
CA THR S 382 65.02 44.93 143.70
C THR S 382 64.23 46.21 143.51
N VAL S 383 64.09 46.64 142.26
CA VAL S 383 63.28 47.81 141.92
C VAL S 383 62.33 47.44 140.80
N SER S 384 61.15 48.09 140.80
CA SER S 384 60.12 47.80 139.83
C SER S 384 60.43 48.42 138.48
N LYS S 385 60.03 47.71 137.42
CA LYS S 385 60.18 48.24 136.07
C LYS S 385 59.39 49.53 135.89
N ASP S 386 58.22 49.63 136.52
CA ASP S 386 57.47 50.88 136.47
C ASP S 386 58.24 52.02 137.13
N VAL S 387 58.87 51.75 138.27
CA VAL S 387 59.66 52.77 138.95
C VAL S 387 60.83 53.22 138.08
N VAL S 388 61.52 52.26 137.46
CA VAL S 388 62.64 52.60 136.59
C VAL S 388 62.17 53.41 135.39
N LEU S 389 61.03 53.03 134.81
CA LEU S 389 60.49 53.76 133.66
C LEU S 389 60.13 55.19 134.05
N SER S 390 59.49 55.36 135.21
CA SER S 390 59.13 56.70 135.66
C SER S 390 60.37 57.54 135.93
N GLU S 391 61.40 56.95 136.52
CA GLU S 391 62.65 57.68 136.74
C GLU S 391 63.29 58.09 135.43
N THR S 392 63.27 57.22 134.42
CA THR S 392 63.86 57.55 133.14
C THR S 392 63.07 58.66 132.43
N LYS S 393 61.75 58.60 132.49
CA LYS S 393 60.92 59.56 131.76
C LYS S 393 60.56 60.80 132.58
N ALA S 394 61.05 60.90 133.81
CA ALA S 394 60.70 62.04 134.65
C ALA S 394 61.23 63.35 134.08
N ALA S 395 62.50 63.37 133.65
CA ALA S 395 63.12 64.58 133.14
C ALA S 395 64.07 64.18 132.00
N ALA S 396 64.91 65.13 131.59
CA ALA S 396 65.86 64.91 130.50
C ALA S 396 67.07 64.15 131.04
N ALA S 397 66.85 62.88 131.35
CA ALA S 397 67.88 62.02 131.88
C ALA S 397 68.75 61.46 130.75
N THR S 398 69.91 60.93 131.14
CA THR S 398 70.86 60.34 130.20
C THR S 398 70.77 58.81 130.20
N SER S 399 69.55 58.28 130.34
CA SER S 399 69.37 56.84 130.40
C SER S 399 69.78 56.17 129.09
N SER S 400 70.43 55.02 129.22
CA SER S 400 70.86 54.22 128.06
C SER S 400 70.51 52.76 128.31
N ILE S 401 70.05 52.08 127.27
CA ILE S 401 69.63 50.70 127.36
C ILE S 401 70.49 49.86 126.43
N THR S 402 71.04 48.77 126.94
CA THR S 402 71.86 47.86 126.16
C THR S 402 71.06 46.60 125.86
N PHE S 403 70.76 46.37 124.58
CA PHE S 403 70.08 45.17 124.13
C PHE S 403 71.13 44.10 123.85
N ASN S 404 71.05 42.99 124.58
CA ASN S 404 72.02 41.90 124.47
C ASN S 404 71.26 40.60 124.25
N SER S 405 71.60 39.89 123.18
CA SER S 405 71.02 38.59 122.89
C SER S 405 71.90 37.43 123.34
N GLY S 406 72.99 37.72 124.06
CA GLY S 406 73.97 36.73 124.43
C GLY S 406 75.09 36.54 123.42
N VAL S 407 74.90 37.03 122.19
CA VAL S 407 75.91 36.98 121.15
C VAL S 407 76.10 38.40 120.61
N LEU S 408 75.00 39.06 120.28
CA LEU S 408 74.99 40.36 119.67
C LEU S 408 74.49 41.39 120.67
N SER S 409 75.18 42.54 120.74
CA SER S 409 74.84 43.57 121.70
C SER S 409 74.90 44.95 121.04
N LYS S 410 73.96 45.82 121.41
CA LYS S 410 73.97 47.21 120.97
C LYS S 410 73.43 48.11 122.08
N THR S 411 74.08 49.25 122.28
CA THR S 411 73.68 50.22 123.29
C THR S 411 73.01 51.42 122.63
N ILE S 412 71.83 51.79 123.11
CA ILE S 412 71.06 52.91 122.59
C ILE S 412 70.88 53.92 123.72
N GLY S 413 71.28 55.16 123.48
CA GLY S 413 71.13 56.22 124.46
C GLY S 413 70.08 57.24 124.09
N PHE S 414 68.98 57.27 124.83
CA PHE S 414 67.87 58.16 124.55
C PHE S 414 67.57 59.02 125.77
N THR S 415 67.24 60.29 125.53
CA THR S 415 66.95 61.25 126.58
C THR S 415 65.46 61.53 126.60
N ALA S 416 64.78 61.09 127.66
CA ALA S 416 63.36 61.35 127.88
C ALA S 416 62.52 60.93 126.67
N GLY S 417 62.70 59.68 126.25
CA GLY S 417 61.94 59.18 125.12
C GLY S 417 62.75 59.04 123.84
N GLU S 418 62.59 59.98 122.92
CA GLU S 418 63.26 59.90 121.63
C GLU S 418 64.77 59.94 121.79
N SER S 419 65.47 59.22 120.90
CA SER S 419 66.92 59.14 120.97
C SER S 419 67.55 60.46 120.53
N SER S 420 68.55 60.91 121.31
CA SER S 420 69.26 62.15 121.01
C SER S 420 70.74 61.90 120.71
N ASP S 421 71.17 60.65 120.61
CA ASP S 421 72.57 60.32 120.33
C ASP S 421 72.85 60.16 118.84
N ALA S 422 72.05 60.82 117.99
CA ALA S 422 72.19 60.73 116.53
C ALA S 422 72.05 59.30 116.04
N ALA S 423 71.22 58.50 116.72
CA ALA S 423 70.96 57.12 116.36
C ALA S 423 69.56 57.02 115.78
N LYS S 424 69.43 56.37 114.63
CA LYS S 424 68.15 56.26 113.92
C LYS S 424 67.45 54.99 114.38
N SER S 425 66.74 55.10 115.51
CA SER S 425 65.94 54.01 116.05
C SER S 425 64.47 54.33 115.85
N TYR S 426 63.73 53.39 115.26
CA TYR S 426 62.33 53.63 114.93
C TYR S 426 61.55 52.33 115.08
N VAL S 427 60.22 52.47 115.20
CA VAL S 427 59.36 51.33 115.52
C VAL S 427 58.15 51.20 114.60
N ASP S 428 57.76 52.22 113.83
CA ASP S 428 56.46 52.21 113.16
C ASP S 428 56.33 51.16 112.07
N ASP S 429 57.44 50.67 111.51
CA ASP S 429 57.36 49.78 110.36
C ASP S 429 56.62 48.48 110.70
N LYS S 430 57.23 47.65 111.56
CA LYS S 430 56.59 46.42 112.01
C LYS S 430 56.83 46.18 113.50
N GLY S 431 57.20 47.21 114.25
CA GLY S 431 57.63 47.03 115.62
C GLY S 431 59.13 46.81 115.70
N GLY S 432 59.62 46.77 116.94
CA GLY S 432 61.05 46.58 117.12
C GLY S 432 61.85 47.82 116.77
N ILE S 433 63.11 47.58 116.40
CA ILE S 433 64.06 48.64 116.09
C ILE S 433 64.42 48.55 114.61
N THR S 434 64.47 49.70 113.94
CA THR S 434 64.89 49.78 112.55
C THR S 434 65.74 51.02 112.36
N ASN S 435 66.58 50.98 111.33
CA ASN S 435 67.52 52.07 111.04
C ASN S 435 67.05 52.97 109.90
N VAL S 436 65.81 52.82 109.45
CA VAL S 436 65.30 53.62 108.34
C VAL S 436 64.78 54.96 108.88
N ALA S 437 65.42 56.06 108.46
CA ALA S 437 64.99 57.37 108.91
C ALA S 437 63.68 57.78 108.25
N ASP S 438 63.57 57.60 106.94
CA ASP S 438 62.40 57.98 106.18
C ASP S 438 62.02 56.89 105.21
N TYR S 439 60.72 56.78 104.93
CA TYR S 439 60.18 55.77 104.00
C TYR S 439 59.52 56.50 102.84
N THR S 440 60.20 56.57 101.70
CA THR S 440 59.70 57.26 100.52
C THR S 440 59.86 56.35 99.31
N VAL S 441 58.78 56.18 98.55
CA VAL S 441 58.75 55.34 97.35
C VAL S 441 58.03 56.11 96.25
N SER S 442 58.46 55.92 95.01
CA SER S 442 57.91 56.64 93.87
C SER S 442 56.97 55.74 93.09
N TYR S 443 55.80 56.29 92.76
CA TYR S 443 54.79 55.57 91.98
C TYR S 443 54.57 56.29 90.66
N SER S 444 54.59 55.54 89.57
CA SER S 444 54.33 56.05 88.24
C SER S 444 52.94 55.62 87.80
N VAL S 445 52.16 56.58 87.32
CA VAL S 445 50.79 56.34 86.89
C VAL S 445 50.76 56.39 85.36
N ASN S 446 50.26 55.32 84.74
CA ASN S 446 50.18 55.26 83.29
C ASN S 446 49.08 56.20 82.82
N LYS S 447 49.41 57.08 81.88
CA LYS S 447 48.43 58.04 81.40
C LYS S 447 47.34 57.37 80.57
N ASP S 448 47.67 56.29 79.86
CA ASP S 448 46.68 55.58 79.06
C ASP S 448 45.89 54.58 79.92
N ASN S 449 46.59 53.59 80.48
CA ASN S 449 45.93 52.53 81.22
C ASN S 449 45.34 53.04 82.53
N GLY S 450 46.06 53.92 83.22
CA GLY S 450 45.65 54.38 84.54
C GLY S 450 46.23 53.58 85.69
N SER S 451 46.97 52.51 85.41
CA SER S 451 47.53 51.68 86.46
C SER S 451 48.70 52.38 87.15
N VAL S 452 48.97 51.95 88.38
CA VAL S 452 50.04 52.50 89.21
C VAL S 452 51.11 51.44 89.38
N THR S 453 52.36 51.80 89.11
CA THR S 453 53.49 50.88 89.24
C THR S 453 54.56 51.52 90.11
N VAL S 454 55.38 50.68 90.74
CA VAL S 454 56.49 51.15 91.55
C VAL S 454 57.65 51.48 90.62
N ALA S 455 58.18 52.70 90.74
CA ALA S 455 59.29 53.17 89.92
C ALA S 455 60.51 53.50 90.77
N GLY S 456 60.80 52.65 91.75
CA GLY S 456 61.92 52.85 92.63
C GLY S 456 61.57 53.59 93.90
N TYR S 457 62.60 53.86 94.70
CA TYR S 457 62.40 54.58 95.95
C TYR S 457 63.71 55.25 96.35
N ALA S 458 63.59 56.27 97.20
CA ALA S 458 64.73 56.98 97.75
C ALA S 458 64.57 57.10 99.25
N SER S 459 65.67 56.90 99.98
CA SER S 459 65.66 56.96 101.43
C SER S 459 66.82 57.83 101.91
N ALA S 460 66.59 58.50 103.05
CA ALA S 460 67.65 59.32 103.64
C ALA S 460 68.85 58.47 104.03
N THR S 461 68.60 57.32 104.67
CA THR S 461 69.67 56.41 105.05
C THR S 461 69.93 55.40 103.93
N ASP S 462 70.91 54.52 104.16
CA ASP S 462 71.24 53.52 103.15
C ASP S 462 70.12 52.50 102.99
N THR S 463 69.57 52.01 104.11
CA THR S 463 68.43 51.09 104.17
C THR S 463 68.85 49.69 103.70
N ASN S 464 70.06 49.57 103.16
CA ASN S 464 70.61 48.29 102.68
C ASN S 464 69.65 47.56 101.76
N LYS S 465 68.75 48.30 101.10
CA LYS S 465 67.74 47.74 100.22
C LYS S 465 66.90 46.67 100.93
N ASP S 466 66.67 46.85 102.23
CA ASP S 466 65.91 45.87 103.00
C ASP S 466 64.42 45.97 102.69
N TYR S 467 63.88 47.19 102.61
CA TYR S 467 62.48 47.42 102.30
C TYR S 467 62.23 47.65 100.82
N ALA S 468 63.08 47.11 99.96
CA ALA S 468 62.99 47.40 98.53
C ALA S 468 61.83 46.65 97.90
N PRO S 469 60.89 47.35 97.27
CA PRO S 469 59.84 46.67 96.50
C PRO S 469 60.24 46.46 95.05
N ALA S 470 59.61 45.46 94.43
CA ALA S 470 59.90 45.15 93.04
C ALA S 470 59.48 46.30 92.13
N ILE S 471 60.37 46.67 91.22
CA ILE S 471 60.11 47.77 90.30
C ILE S 471 59.24 47.29 89.15
N GLY S 472 58.21 48.07 88.81
CA GLY S 472 57.30 47.71 87.75
C GLY S 472 56.15 46.81 88.15
N THR S 473 56.00 46.53 89.44
CA THR S 473 54.89 45.71 89.91
C THR S 473 53.64 46.55 90.10
N ALA S 474 52.51 46.05 89.64
CA ALA S 474 51.25 46.77 89.76
C ALA S 474 50.90 47.00 91.23
N VAL S 475 50.42 48.19 91.53
CA VAL S 475 50.07 48.58 92.89
C VAL S 475 48.61 48.28 93.14
N ASN S 476 48.32 47.64 94.27
CA ASN S 476 46.97 47.24 94.64
C ASN S 476 46.57 47.91 95.94
N VAL S 477 45.26 48.07 96.12
CA VAL S 477 44.68 48.64 97.34
C VAL S 477 44.14 47.52 98.20
N ASN S 478 44.60 47.46 99.45
CA ASN S 478 44.19 46.40 100.36
C ASN S 478 42.71 46.57 100.73
N SER S 479 42.19 45.55 101.43
CA SER S 479 40.80 45.58 101.86
C SER S 479 40.55 46.75 102.81
N ALA S 480 41.48 46.99 103.73
CA ALA S 480 41.36 48.13 104.64
C ALA S 480 41.53 49.47 103.91
N GLY S 481 42.09 49.46 102.71
CA GLY S 481 42.30 50.67 101.94
C GLY S 481 43.73 51.13 101.84
N LYS S 482 44.69 50.37 102.37
CA LYS S 482 46.09 50.74 102.31
C LYS S 482 46.69 50.34 100.95
N ILE S 483 47.98 50.61 100.79
CA ILE S 483 48.71 50.28 99.57
C ILE S 483 49.53 49.03 99.83
N THR S 484 49.31 48.00 99.01
CA THR S 484 50.01 46.73 99.17
C THR S 484 50.17 46.08 97.80
N THR S 485 51.35 45.53 97.54
CA THR S 485 51.64 44.90 96.26
C THR S 485 51.09 43.47 96.16
N GLU S 486 50.60 42.91 97.25
CA GLU S 486 50.06 41.55 97.21
C GLU S 486 48.76 41.54 96.41
N THR S 487 48.64 40.55 95.50
CA THR S 487 47.47 40.47 94.64
C THR S 487 46.24 40.00 95.42
N THR S 488 46.41 38.99 96.26
CA THR S 488 45.29 38.37 96.98
C THR S 488 45.43 38.61 98.47
N SER S 489 44.31 38.95 99.11
CA SER S 489 44.24 39.18 100.54
C SER S 489 43.20 38.25 101.16
N ALA S 490 43.51 37.74 102.35
CA ALA S 490 42.59 36.83 103.03
C ALA S 490 41.31 37.57 103.43
N GLY S 491 40.22 36.82 103.52
CA GLY S 491 38.92 37.36 103.87
C GLY S 491 38.32 36.62 105.05
N SER S 492 36.98 36.56 105.05
CA SER S 492 36.23 35.92 106.13
C SER S 492 35.01 35.23 105.54
N ALA S 493 34.29 34.53 106.40
CA ALA S 493 33.12 33.76 105.98
C ALA S 493 32.01 34.68 105.49
N THR S 494 31.31 34.24 104.45
CA THR S 494 30.19 35.00 103.92
C THR S 494 29.06 35.09 104.94
N THR S 495 28.42 36.25 105.02
CA THR S 495 27.34 36.46 105.98
C THR S 495 26.10 35.64 105.62
N ASN S 496 25.74 35.62 104.33
CA ASN S 496 24.53 34.94 103.88
C ASN S 496 24.80 34.23 102.56
N PRO S 497 25.32 33.00 102.61
CA PRO S 497 25.52 32.26 101.36
C PRO S 497 24.23 31.83 100.70
N LEU S 498 23.18 31.57 101.50
CA LEU S 498 21.93 31.09 100.95
C LEU S 498 21.27 32.12 100.03
N ALA S 499 21.33 33.39 100.41
CA ALA S 499 20.75 34.44 99.58
C ALA S 499 21.45 34.52 98.23
N ALA S 500 22.78 34.46 98.23
CA ALA S 500 23.53 34.50 96.97
C ALA S 500 23.24 33.27 96.12
N LEU S 501 23.13 32.09 96.76
CA LEU S 501 22.80 30.89 96.01
C LEU S 501 21.40 31.00 95.39
N ASP S 502 20.44 31.53 96.14
CA ASP S 502 19.09 31.72 95.61
C ASP S 502 19.10 32.71 94.45
N ASP S 503 19.87 33.79 94.56
CA ASP S 503 19.96 34.75 93.47
C ASP S 503 20.55 34.11 92.22
N ALA S 504 21.60 33.31 92.39
CA ALA S 504 22.19 32.63 91.24
C ALA S 504 21.21 31.66 90.60
N ILE S 505 20.48 30.89 91.42
CA ILE S 505 19.49 29.96 90.89
C ILE S 505 18.39 30.70 90.15
N SER S 506 17.96 31.85 90.69
CA SER S 506 16.93 32.65 90.02
C SER S 506 17.42 33.17 88.69
N SER S 507 18.69 33.63 88.63
CA SER S 507 19.25 34.08 87.36
C SER S 507 19.30 32.95 86.34
N ILE S 508 19.73 31.76 86.78
CA ILE S 508 19.80 30.60 85.89
C ILE S 508 18.40 30.27 85.37
N ASP S 509 17.40 30.29 86.25
CA ASP S 509 16.03 29.98 85.84
C ASP S 509 15.49 31.01 84.87
N LYS S 510 15.81 32.30 85.10
CA LYS S 510 15.37 33.34 84.18
C LYS S 510 16.00 33.15 82.79
N PHE S 511 17.30 32.83 82.75
CA PHE S 511 17.95 32.58 81.47
C PHE S 511 17.32 31.38 80.77
N ARG S 512 17.06 30.30 81.51
CA ARG S 512 16.44 29.12 80.92
C ARG S 512 15.04 29.42 80.39
N SER S 513 14.26 30.21 81.14
CA SER S 513 12.92 30.57 80.68
C SER S 513 12.97 31.40 79.41
N SER S 514 13.89 32.38 79.36
CA SER S 514 14.04 33.18 78.15
C SER S 514 14.44 32.31 76.96
N LEU S 515 15.38 31.39 77.17
CA LEU S 515 15.80 30.50 76.10
C LEU S 515 14.66 29.62 75.62
N GLY S 516 13.84 29.11 76.55
CA GLY S 516 12.70 28.29 76.15
C GLY S 516 11.67 29.09 75.38
N ALA S 517 11.42 30.33 75.79
CA ALA S 517 10.50 31.17 75.04
C ALA S 517 11.00 31.44 73.63
N ILE S 518 12.31 31.72 73.51
CA ILE S 518 12.89 31.94 72.18
C ILE S 518 12.78 30.69 71.33
N GLN S 519 13.03 29.51 71.92
CA GLN S 519 12.91 28.26 71.18
C GLN S 519 11.48 28.03 70.70
N ASN S 520 10.50 28.30 71.57
CA ASN S 520 9.11 28.12 71.19
C ASN S 520 8.73 29.06 70.05
N ARG S 521 9.14 30.34 70.14
CA ARG S 521 8.83 31.26 69.06
C ARG S 521 9.55 30.86 67.77
N LEU S 522 10.75 30.30 67.87
CA LEU S 522 11.46 29.87 66.66
C LEU S 522 10.77 28.68 66.02
N ASP S 523 10.25 27.76 66.83
CA ASP S 523 9.47 26.65 66.28
C ASP S 523 8.21 27.16 65.59
N SER S 524 7.54 28.13 66.20
CA SER S 524 6.37 28.72 65.57
C SER S 524 6.74 29.40 64.25
N ALA S 525 7.88 30.09 64.23
CA ALA S 525 8.37 30.70 62.99
C ALA S 525 8.65 29.66 61.93
N VAL S 526 9.23 28.52 62.32
CA VAL S 526 9.50 27.44 61.37
C VAL S 526 8.20 26.94 60.76
N THR S 527 7.19 26.73 61.61
CA THR S 527 5.90 26.26 61.12
C THR S 527 5.28 27.25 60.14
N ASN S 528 5.32 28.55 60.50
CA ASN S 528 4.78 29.57 59.62
C ASN S 528 5.54 29.64 58.30
N LEU S 529 6.86 29.52 58.34
CA LEU S 529 7.66 29.53 57.13
C LEU S 529 7.33 28.34 56.24
N ASN S 530 7.15 27.16 56.83
CA ASN S 530 6.79 25.99 56.05
C ASN S 530 5.44 26.17 55.37
N ASN S 531 4.46 26.70 56.11
CA ASN S 531 3.14 26.93 55.54
C ASN S 531 3.21 27.94 54.40
N THR S 532 3.96 29.03 54.60
CA THR S 532 4.10 30.04 53.56
C THR S 532 4.79 29.49 52.34
N THR S 533 5.83 28.67 52.53
CA THR S 533 6.52 28.05 51.41
C THR S 533 5.59 27.14 50.63
N THR S 534 4.77 26.35 51.33
CA THR S 534 3.81 25.47 50.65
C THR S 534 2.81 26.30 49.84
N ASN S 535 2.29 27.37 50.43
CA ASN S 535 1.32 28.20 49.72
C ASN S 535 1.93 28.85 48.48
N LEU S 536 3.17 29.36 48.61
CA LEU S 536 3.82 30.01 47.48
C LEU S 536 4.16 29.01 46.38
N SER S 537 4.57 27.79 46.76
CA SER S 537 4.80 26.74 45.77
C SER S 537 3.51 26.39 45.04
N GLU S 538 2.40 26.33 45.78
CA GLU S 538 1.11 26.08 45.13
C GLU S 538 0.74 27.19 44.16
N ALA S 539 0.99 28.44 44.54
CA ALA S 539 0.71 29.56 43.65
C ALA S 539 1.57 29.50 42.39
N GLN S 540 2.85 29.17 42.54
CA GLN S 540 3.72 29.02 41.38
C GLN S 540 3.26 27.90 40.48
N SER S 541 2.80 26.78 41.08
CA SER S 541 2.27 25.69 40.28
C SER S 541 1.01 26.12 39.53
N ARG S 542 0.16 26.93 40.17
CA ARG S 542 -1.00 27.49 39.48
C ARG S 542 -0.58 28.31 38.28
N ILE S 543 0.42 29.18 38.46
CA ILE S 543 0.83 30.08 37.38
C ILE S 543 1.45 29.29 36.23
N GLN S 544 2.38 28.40 36.53
CA GLN S 544 3.10 27.63 35.53
C GLN S 544 2.38 26.29 35.30
N ASP S 545 3.06 25.34 34.66
CA ASP S 545 2.57 23.98 34.47
C ASP S 545 1.29 23.91 33.65
N ALA S 546 1.38 24.24 32.36
CA ALA S 546 0.25 24.10 31.45
C ALA S 546 -0.32 22.68 31.49
N ASP S 547 -1.58 22.56 31.09
CA ASP S 547 -2.30 21.30 31.18
C ASP S 547 -1.85 20.36 30.07
N TYR S 548 -1.35 19.18 30.46
CA TYR S 548 -0.86 18.22 29.49
C TYR S 548 -1.98 17.74 28.56
N ALA S 549 -3.20 17.60 29.09
CA ALA S 549 -4.32 17.17 28.24
C ALA S 549 -4.58 18.17 27.12
N THR S 550 -4.67 19.46 27.48
CA THR S 550 -4.90 20.48 26.47
C THR S 550 -3.75 20.56 25.49
N GLU S 551 -2.52 20.45 25.97
CA GLU S 551 -1.37 20.50 25.06
C GLU S 551 -1.34 19.31 24.11
N VAL S 552 -1.68 18.11 24.60
CA VAL S 552 -1.72 16.93 23.73
C VAL S 552 -2.82 17.07 22.69
N SER S 553 -3.99 17.57 23.09
CA SER S 553 -5.06 17.81 22.12
C SER S 553 -4.61 18.81 21.07
N ASN S 554 -3.91 19.87 21.50
CA ASN S 554 -3.44 20.88 20.57
C ASN S 554 -2.44 20.30 19.59
N MET S 555 -1.48 19.48 20.08
CA MET S 555 -0.49 18.92 19.15
C MET S 555 -1.14 17.93 18.19
N SER S 556 -2.11 17.14 18.66
CA SER S 556 -2.75 16.18 17.77
C SER S 556 -3.56 16.88 16.69
N LYS S 557 -4.34 17.89 17.06
CA LYS S 557 -5.08 18.64 16.07
C LYS S 557 -4.15 19.37 15.12
N ALA S 558 -3.02 19.90 15.62
CA ALA S 558 -2.05 20.55 14.75
C ALA S 558 -1.43 19.57 13.77
N GLN S 559 -1.12 18.36 14.23
CA GLN S 559 -0.54 17.34 13.36
C GLN S 559 -1.52 16.95 12.26
N ILE S 560 -2.79 16.78 12.61
CA ILE S 560 -3.78 16.42 11.58
C ILE S 560 -4.01 17.58 10.61
N ILE S 561 -4.02 18.82 11.12
CA ILE S 561 -4.13 19.96 10.21
C ILE S 561 -2.92 20.02 9.28
N GLN S 562 -1.73 19.71 9.81
CA GLN S 562 -0.53 19.68 8.97
C GLN S 562 -0.63 18.62 7.89
N GLN S 563 -1.11 17.42 8.26
CA GLN S 563 -1.25 16.35 7.27
C GLN S 563 -2.29 16.69 6.22
N ALA S 564 -3.41 17.28 6.63
CA ALA S 564 -4.42 17.71 5.67
C ALA S 564 -3.88 18.80 4.75
N GLY S 565 -3.13 19.74 5.30
CA GLY S 565 -2.51 20.77 4.48
C GLY S 565 -1.50 20.21 3.50
N ASN S 566 -0.75 19.19 3.95
CA ASN S 566 0.22 18.54 3.05
C ASN S 566 -0.50 17.81 1.92
N SER S 567 -1.61 17.14 2.23
CA SER S 567 -2.38 16.46 1.19
C SER S 567 -2.95 17.46 0.19
N VAL S 568 -3.51 18.58 0.69
CA VAL S 568 -4.07 19.59 -0.20
C VAL S 568 -2.95 20.25 -1.01
N LEU S 569 -1.78 20.43 -0.40
CA LEU S 569 -0.63 20.98 -1.12
C LEU S 569 -0.18 20.05 -2.24
N ALA S 570 -0.18 18.73 -1.97
CA ALA S 570 0.16 17.78 -3.02
C ALA S 570 -0.86 17.81 -4.14
N LYS S 571 -2.16 17.90 -3.79
CA LYS S 571 -3.19 17.95 -4.80
C LYS S 571 -3.08 19.22 -5.65
N ALA S 572 -2.73 20.34 -5.03
CA ALA S 572 -2.51 21.57 -5.77
C ALA S 572 -1.24 21.49 -6.62
N ASN S 573 -0.18 20.87 -6.09
CA ASN S 573 1.05 20.64 -6.83
C ASN S 573 0.84 19.66 -7.97
N GLN S 574 -0.28 18.94 -7.98
CA GLN S 574 -0.72 18.28 -9.20
C GLN S 574 -1.23 19.37 -10.13
N VAL S 575 -0.32 20.22 -10.57
CA VAL S 575 -0.61 21.44 -11.32
C VAL S 575 -1.17 21.05 -12.68
N PRO S 576 -1.93 21.93 -13.36
CA PRO S 576 -2.66 21.51 -14.56
C PRO S 576 -1.79 20.89 -15.64
N GLN S 577 -1.98 19.60 -15.88
CA GLN S 577 -1.50 18.95 -17.09
C GLN S 577 -2.59 18.85 -18.14
N GLN S 578 -3.81 19.27 -17.83
CA GLN S 578 -4.84 19.38 -18.84
C GLN S 578 -4.48 20.43 -19.89
N VAL S 579 -3.69 21.44 -19.53
CA VAL S 579 -3.16 22.35 -20.54
C VAL S 579 -2.21 21.62 -21.48
N LEU S 580 -1.38 20.73 -20.92
CA LEU S 580 -0.52 19.91 -21.76
C LEU S 580 -1.35 19.02 -22.68
N SER S 581 -2.47 18.51 -22.16
CA SER S 581 -3.39 17.73 -22.99
C SER S 581 -3.97 18.58 -24.11
N LEU S 582 -4.31 19.84 -23.82
CA LEU S 582 -4.78 20.76 -24.84
C LEU S 582 -3.70 21.07 -25.87
N LEU S 583 -2.43 20.98 -25.47
CA LEU S 583 -1.34 21.44 -26.33
C LEU S 583 -1.30 20.65 -27.64
N GLN S 584 -1.44 19.33 -27.58
CA GLN S 584 -1.38 18.55 -28.80
C GLN S 584 -2.70 18.55 -29.57
N GLY S 585 -3.76 19.11 -28.99
CA GLY S 585 -5.04 19.19 -29.67
C GLY S 585 -5.03 20.14 -30.84
N MET T 1 -15.80 -18.44 -11.92
CA MET T 1 -15.28 -17.17 -11.44
C MET T 1 -15.03 -16.21 -12.60
N ALA T 2 -14.05 -16.56 -13.44
CA ALA T 2 -13.70 -15.69 -14.57
C ALA T 2 -14.87 -15.53 -15.53
N GLN T 3 -15.71 -16.56 -15.66
CA GLN T 3 -16.80 -16.54 -16.62
C GLN T 3 -18.09 -15.94 -16.07
N VAL T 4 -18.22 -15.80 -14.74
CA VAL T 4 -19.45 -15.34 -14.12
C VAL T 4 -19.14 -14.17 -13.19
N ILE T 5 -19.95 -13.12 -13.28
CA ILE T 5 -19.82 -11.97 -12.39
C ILE T 5 -21.12 -11.59 -11.70
N ASN T 6 -22.25 -12.17 -12.11
CA ASN T 6 -23.53 -11.81 -11.49
C ASN T 6 -23.71 -12.49 -10.13
N THR T 7 -23.09 -13.65 -9.92
CA THR T 7 -23.18 -14.38 -8.66
C THR T 7 -21.78 -14.75 -8.19
N ASN T 8 -21.69 -15.18 -6.93
CA ASN T 8 -20.43 -15.66 -6.38
C ASN T 8 -20.74 -16.86 -5.51
N SER T 9 -20.56 -18.06 -6.08
CA SER T 9 -20.77 -19.29 -5.33
C SER T 9 -19.81 -19.40 -4.16
N LEU T 10 -18.55 -18.97 -4.35
CA LEU T 10 -17.60 -18.95 -3.25
C LEU T 10 -18.08 -18.05 -2.12
N SER T 11 -18.60 -16.87 -2.47
CA SER T 11 -19.11 -15.96 -1.44
C SER T 11 -20.30 -16.58 -0.71
N LEU T 12 -21.19 -17.25 -1.44
CA LEU T 12 -22.33 -17.90 -0.79
C LEU T 12 -21.88 -18.99 0.18
N ILE T 13 -20.91 -19.82 -0.25
CA ILE T 13 -20.41 -20.88 0.61
C ILE T 13 -19.73 -20.31 1.84
N THR T 14 -18.93 -19.25 1.65
CA THR T 14 -18.26 -18.63 2.79
C THR T 14 -19.27 -18.03 3.77
N GLN T 15 -20.32 -17.38 3.25
CA GLN T 15 -21.34 -16.83 4.14
C GLN T 15 -22.05 -17.93 4.92
N ASN T 16 -22.36 -19.04 4.24
CA ASN T 16 -23.01 -20.16 4.93
C ASN T 16 -22.13 -20.71 6.04
N ASN T 17 -20.84 -20.91 5.75
CA ASN T 17 -19.92 -21.43 6.75
C ASN T 17 -19.74 -20.44 7.91
N ILE T 18 -19.69 -19.14 7.59
CA ILE T 18 -19.55 -18.13 8.64
C ILE T 18 -20.78 -18.14 9.54
N ASN T 19 -21.98 -18.26 8.96
CA ASN T 19 -23.18 -18.36 9.78
C ASN T 19 -23.17 -19.61 10.65
N LYS T 20 -22.75 -20.74 10.09
CA LYS T 20 -22.69 -21.98 10.85
C LYS T 20 -21.72 -21.86 12.03
N ASN T 21 -20.56 -21.23 11.81
CA ASN T 21 -19.60 -21.05 12.89
C ASN T 21 -20.10 -20.01 13.89
N GLN T 22 -20.81 -18.99 13.42
CA GLN T 22 -21.31 -17.94 14.30
C GLN T 22 -22.36 -18.48 15.25
N SER T 23 -23.18 -19.42 14.79
CA SER T 23 -24.15 -20.06 15.67
C SER T 23 -23.46 -20.70 16.88
N ALA T 24 -22.43 -21.50 16.62
CA ALA T 24 -21.71 -22.17 17.70
C ALA T 24 -20.95 -21.15 18.55
N LEU T 25 -20.40 -20.11 17.93
CA LEU T 25 -19.69 -19.08 18.70
C LEU T 25 -20.63 -18.38 19.67
N SER T 26 -21.81 -18.00 19.20
CA SER T 26 -22.79 -17.37 20.08
C SER T 26 -23.24 -18.32 21.17
N SER T 27 -23.45 -19.59 20.84
CA SER T 27 -23.82 -20.57 21.85
C SER T 27 -22.76 -20.68 22.95
N SER T 28 -21.49 -20.78 22.54
CA SER T 28 -20.41 -20.87 23.53
C SER T 28 -20.31 -19.61 24.36
N ILE T 29 -20.45 -18.44 23.72
CA ILE T 29 -20.37 -17.17 24.45
C ILE T 29 -21.47 -17.07 25.49
N GLU T 30 -22.70 -17.42 25.12
CA GLU T 30 -23.81 -17.33 26.07
C GLU T 30 -23.67 -18.37 27.18
N ARG T 31 -23.17 -19.56 26.85
CA ARG T 31 -22.95 -20.57 27.88
C ARG T 31 -21.91 -20.11 28.89
N LEU T 32 -20.81 -19.49 28.41
CA LEU T 32 -19.81 -18.96 29.33
C LEU T 32 -20.35 -17.80 30.15
N SER T 33 -21.15 -16.93 29.53
CA SER T 33 -21.73 -15.81 30.26
C SER T 33 -22.65 -16.29 31.37
N SER T 34 -23.47 -17.30 31.09
CA SER T 34 -24.40 -17.80 32.09
C SER T 34 -23.72 -18.64 33.16
N GLY T 35 -22.73 -19.44 32.77
CA GLY T 35 -22.09 -20.34 33.70
C GLY T 35 -22.87 -21.61 33.98
N LEU T 36 -23.75 -22.02 33.06
CA LEU T 36 -24.57 -23.20 33.22
C LEU T 36 -24.48 -24.07 31.99
N ARG T 37 -24.51 -25.39 32.20
CA ARG T 37 -24.48 -26.33 31.07
C ARG T 37 -25.75 -26.21 30.25
N ILE T 38 -26.91 -26.14 30.91
CA ILE T 38 -28.20 -26.05 30.24
C ILE T 38 -28.68 -24.61 30.34
N ASN T 39 -28.81 -23.94 29.19
CA ASN T 39 -29.29 -22.57 29.13
C ASN T 39 -30.45 -22.49 28.16
N SER T 40 -31.55 -21.89 28.60
CA SER T 40 -32.76 -21.68 27.80
C SER T 40 -33.31 -22.98 27.23
N ALA T 41 -32.89 -24.14 27.75
CA ALA T 41 -33.38 -25.45 27.37
C ALA T 41 -33.27 -25.70 25.87
N LYS T 42 -32.21 -25.20 25.24
CA LYS T 42 -31.99 -25.47 23.82
C LYS T 42 -31.31 -26.80 23.59
N ASP T 43 -31.34 -27.66 24.60
CA ASP T 43 -30.72 -28.97 24.59
C ASP T 43 -31.69 -29.93 25.28
N ASP T 44 -31.18 -31.09 25.70
CA ASP T 44 -32.00 -32.07 26.40
C ASP T 44 -32.75 -31.45 27.57
N ALA T 45 -34.09 -31.40 27.46
CA ALA T 45 -34.92 -30.77 28.49
C ALA T 45 -35.07 -31.65 29.73
N ALA T 46 -34.72 -32.93 29.63
CA ALA T 46 -34.73 -33.80 30.81
C ALA T 46 -33.76 -33.27 31.86
N GLY T 47 -32.60 -32.77 31.43
CA GLY T 47 -31.67 -32.18 32.38
C GLY T 47 -32.25 -30.97 33.08
N GLN T 48 -32.95 -30.10 32.34
CA GLN T 48 -33.60 -28.94 32.95
C GLN T 48 -34.65 -29.37 33.96
N ALA T 49 -35.48 -30.36 33.60
CA ALA T 49 -36.51 -30.82 34.51
C ALA T 49 -35.91 -31.43 35.78
N ILE T 50 -34.85 -32.23 35.63
CA ILE T 50 -34.23 -32.85 36.79
C ILE T 50 -33.54 -31.79 37.66
N ALA T 51 -32.95 -30.77 37.03
CA ALA T 51 -32.37 -29.68 37.81
C ALA T 51 -33.42 -28.92 38.59
N ASN T 52 -34.58 -28.68 37.98
CA ASN T 52 -35.68 -28.03 38.69
C ASN T 52 -36.13 -28.87 39.88
N ARG T 53 -36.27 -30.18 39.67
CA ARG T 53 -36.66 -31.07 40.77
C ARG T 53 -35.63 -31.05 41.89
N PHE T 54 -34.34 -31.08 41.53
CA PHE T 54 -33.29 -31.05 42.54
C PHE T 54 -33.31 -29.75 43.32
N THR T 55 -33.50 -28.62 42.65
CA THR T 55 -33.58 -27.34 43.36
C THR T 55 -34.76 -27.30 44.32
N SER T 56 -35.92 -27.78 43.86
CA SER T 56 -37.08 -27.83 44.74
C SER T 56 -36.82 -28.70 45.96
N ASN T 57 -36.22 -29.89 45.74
CA ASN T 57 -35.95 -30.79 46.85
C ASN T 57 -34.95 -30.18 47.83
N ILE T 58 -33.92 -29.50 47.31
CA ILE T 58 -32.92 -28.88 48.19
C ILE T 58 -33.55 -27.81 49.04
N LYS T 59 -34.39 -26.95 48.44
CA LYS T 59 -35.06 -25.91 49.20
C LYS T 59 -35.96 -26.51 50.27
N GLY T 60 -36.72 -27.55 49.91
CA GLY T 60 -37.58 -28.21 50.89
C GLY T 60 -36.80 -28.81 52.04
N LEU T 61 -35.68 -29.47 51.73
CA LEU T 61 -34.87 -30.09 52.78
C LEU T 61 -34.27 -29.04 53.71
N THR T 62 -33.79 -27.92 53.15
CA THR T 62 -33.23 -26.87 53.99
C THR T 62 -34.28 -26.28 54.92
N GLN T 63 -35.48 -26.02 54.39
CA GLN T 63 -36.54 -25.48 55.24
C GLN T 63 -36.97 -26.49 56.30
N ALA T 64 -37.01 -27.78 55.95
CA ALA T 64 -37.34 -28.80 56.93
C ALA T 64 -36.29 -28.86 58.03
N ALA T 65 -35.02 -28.68 57.67
CA ALA T 65 -33.97 -28.63 58.69
C ALA T 65 -34.17 -27.44 59.61
N ARG T 66 -34.52 -26.27 59.06
CA ARG T 66 -34.79 -25.11 59.90
C ARG T 66 -35.96 -25.36 60.84
N ASN T 67 -37.03 -25.98 60.34
CA ASN T 67 -38.18 -26.30 61.17
C ASN T 67 -37.81 -27.28 62.27
N ALA T 68 -36.97 -28.27 61.95
CA ALA T 68 -36.52 -29.22 62.97
C ALA T 68 -35.68 -28.53 64.03
N ASN T 69 -34.86 -27.55 63.63
CA ASN T 69 -34.11 -26.76 64.61
C ASN T 69 -35.06 -26.01 65.54
N ASP T 70 -36.12 -25.43 64.97
CA ASP T 70 -37.12 -24.76 65.81
C ASP T 70 -37.77 -25.74 66.78
N GLY T 71 -38.08 -26.95 66.32
CA GLY T 71 -38.63 -27.97 67.20
C GLY T 71 -37.67 -28.36 68.31
N ILE T 72 -36.37 -28.43 67.99
CA ILE T 72 -35.36 -28.71 69.01
C ILE T 72 -35.35 -27.61 70.06
N SER T 73 -35.47 -26.35 69.63
CA SER T 73 -35.54 -25.25 70.59
C SER T 73 -36.77 -25.38 71.49
N VAL T 74 -37.92 -25.73 70.90
CA VAL T 74 -39.14 -25.93 71.68
C VAL T 74 -38.93 -27.03 72.71
N ALA T 75 -38.32 -28.13 72.29
CA ALA T 75 -38.05 -29.24 73.19
C ALA T 75 -37.12 -28.82 74.33
N GLN T 76 -36.11 -28.01 74.02
CA GLN T 76 -35.20 -27.52 75.06
C GLN T 76 -35.95 -26.69 76.10
N THR T 77 -36.81 -25.78 75.64
CA THR T 77 -37.57 -24.95 76.57
C THR T 77 -38.49 -25.81 77.45
N THR T 78 -39.18 -26.76 76.82
CA THR T 78 -40.08 -27.63 77.59
C THR T 78 -39.31 -28.47 78.60
N GLU T 79 -38.15 -28.99 78.21
CA GLU T 79 -37.34 -29.77 79.13
C GLU T 79 -36.83 -28.94 80.30
N GLY T 80 -36.45 -27.68 80.05
CA GLY T 80 -36.07 -26.81 81.16
C GLY T 80 -37.22 -26.58 82.12
N ALA T 81 -38.43 -26.34 81.58
CA ALA T 81 -39.58 -26.18 82.45
C ALA T 81 -39.85 -27.44 83.28
N LEU T 82 -39.74 -28.61 82.63
CA LEU T 82 -39.95 -29.87 83.36
C LEU T 82 -38.89 -30.07 84.43
N SER T 83 -37.65 -29.68 84.16
CA SER T 83 -36.59 -29.79 85.17
C SER T 83 -36.89 -28.90 86.37
N GLU T 84 -37.35 -27.67 86.12
CA GLU T 84 -37.72 -26.79 87.22
C GLU T 84 -38.86 -27.39 88.04
N ILE T 85 -39.87 -27.94 87.36
CA ILE T 85 -40.98 -28.56 88.06
C ILE T 85 -40.50 -29.75 88.90
N ASN T 86 -39.58 -30.54 88.36
CA ASN T 86 -39.04 -31.69 89.10
C ASN T 86 -38.28 -31.25 90.33
N ASN T 87 -37.48 -30.18 90.22
CA ASN T 87 -36.77 -29.67 91.38
C ASN T 87 -37.74 -29.19 92.46
N ASN T 88 -38.79 -28.48 92.05
CA ASN T 88 -39.79 -28.04 93.02
C ASN T 88 -40.49 -29.23 93.68
N LEU T 89 -40.79 -30.27 92.90
CA LEU T 89 -41.42 -31.46 93.46
C LEU T 89 -40.49 -32.17 94.45
N GLN T 90 -39.19 -32.22 94.15
CA GLN T 90 -38.25 -32.82 95.08
C GLN T 90 -38.20 -32.03 96.39
N ARG T 91 -38.20 -30.70 96.31
CA ARG T 91 -38.22 -29.90 97.53
C ARG T 91 -39.51 -30.12 98.32
N ILE T 92 -40.64 -30.24 97.62
CA ILE T 92 -41.90 -30.52 98.30
C ILE T 92 -41.86 -31.88 98.98
N ARG T 93 -41.24 -32.87 98.33
CA ARG T 93 -41.08 -34.17 98.96
C ARG T 93 -40.23 -34.09 100.22
N GLU T 94 -39.15 -33.31 100.17
CA GLU T 94 -38.32 -33.13 101.36
C GLU T 94 -39.12 -32.49 102.49
N LEU T 95 -39.91 -31.47 102.15
CA LEU T 95 -40.76 -30.82 103.16
C LEU T 95 -41.76 -31.80 103.76
N THR T 96 -42.38 -32.63 102.92
CA THR T 96 -43.32 -33.63 103.42
C THR T 96 -42.63 -34.64 104.33
N VAL T 97 -41.43 -35.07 103.96
CA VAL T 97 -40.68 -36.03 104.77
C VAL T 97 -40.37 -35.43 106.14
N GLN T 98 -39.93 -34.17 106.17
CA GLN T 98 -39.66 -33.53 107.45
C GLN T 98 -40.95 -33.25 108.23
N ALA T 99 -42.09 -33.13 107.55
CA ALA T 99 -43.35 -32.90 108.23
C ALA T 99 -43.93 -34.17 108.86
N THR T 100 -43.69 -35.33 108.24
CA THR T 100 -44.30 -36.56 108.72
C THR T 100 -43.87 -36.95 110.13
N THR T 101 -42.79 -36.38 110.65
CA THR T 101 -42.37 -36.68 112.01
C THR T 101 -43.42 -36.19 113.01
N GLY T 102 -43.71 -37.03 114.01
CA GLY T 102 -44.71 -36.70 115.01
C GLY T 102 -44.24 -35.73 116.08
N THR T 103 -42.95 -35.43 116.12
CA THR T 103 -42.44 -34.49 117.12
C THR T 103 -42.90 -33.07 116.82
N ASN T 104 -43.05 -32.72 115.54
CA ASN T 104 -43.46 -31.37 115.16
C ASN T 104 -44.84 -31.05 115.71
N SER T 105 -45.02 -29.81 116.16
CA SER T 105 -46.27 -29.37 116.77
C SER T 105 -47.21 -28.82 115.70
N ASP T 106 -48.36 -28.29 116.15
CA ASP T 106 -49.34 -27.75 115.22
C ASP T 106 -48.80 -26.56 114.44
N SER T 107 -48.06 -25.68 115.12
CA SER T 107 -47.49 -24.52 114.44
C SER T 107 -46.47 -24.93 113.39
N ASP T 108 -45.62 -25.92 113.71
CA ASP T 108 -44.65 -26.41 112.75
C ASP T 108 -45.35 -27.05 111.55
N LEU T 109 -46.39 -27.83 111.81
CA LEU T 109 -47.14 -28.45 110.72
C LEU T 109 -47.80 -27.38 109.84
N ASP T 110 -48.35 -26.33 110.46
CA ASP T 110 -48.97 -25.25 109.70
C ASP T 110 -47.94 -24.54 108.83
N SER T 111 -46.76 -24.27 109.39
CA SER T 111 -45.70 -23.61 108.61
C SER T 111 -45.25 -24.47 107.45
N ILE T 112 -45.08 -25.77 107.67
CA ILE T 112 -44.66 -26.66 106.58
C ILE T 112 -45.73 -26.74 105.51
N GLN T 113 -47.01 -26.80 105.93
CA GLN T 113 -48.10 -26.81 104.96
C GLN T 113 -48.16 -25.51 104.17
N ASP T 114 -47.90 -24.37 104.82
CA ASP T 114 -47.87 -23.11 104.10
C ASP T 114 -46.76 -23.09 103.06
N GLU T 115 -45.57 -23.60 103.44
CA GLU T 115 -44.47 -23.67 102.47
C GLU T 115 -44.81 -24.59 101.31
N ILE T 116 -45.42 -25.74 101.60
CA ILE T 116 -45.78 -26.68 100.54
C ILE T 116 -46.83 -26.09 99.62
N LYS T 117 -47.81 -25.39 100.18
CA LYS T 117 -48.84 -24.74 99.37
C LYS T 117 -48.22 -23.65 98.50
N SER T 118 -47.29 -22.87 99.05
CA SER T 118 -46.62 -21.84 98.27
C SER T 118 -45.84 -22.46 97.10
N ARG T 119 -45.16 -23.58 97.35
CA ARG T 119 -44.39 -24.21 96.27
C ARG T 119 -45.31 -24.86 95.24
N LEU T 120 -46.45 -25.40 95.67
CA LEU T 120 -47.44 -25.91 94.72
C LEU T 120 -48.00 -24.77 93.85
N ASP T 121 -48.24 -23.61 94.47
CA ASP T 121 -48.68 -22.45 93.70
C ASP T 121 -47.62 -22.01 92.71
N GLU T 122 -46.34 -22.08 93.12
CA GLU T 122 -45.25 -21.76 92.20
C GLU T 122 -45.22 -22.73 91.02
N ILE T 123 -45.41 -24.04 91.30
CA ILE T 123 -45.44 -25.02 90.23
C ILE T 123 -46.59 -24.73 89.26
N ASP T 124 -47.77 -24.45 89.81
CA ASP T 124 -48.93 -24.14 88.97
C ASP T 124 -48.67 -22.89 88.13
N ARG T 125 -48.08 -21.86 88.73
CA ARG T 125 -47.77 -20.63 87.99
C ARG T 125 -46.79 -20.91 86.86
N VAL T 126 -45.73 -21.67 87.14
CA VAL T 126 -44.74 -21.97 86.11
C VAL T 126 -45.37 -22.77 84.97
N SER T 127 -46.18 -23.78 85.31
CA SER T 127 -46.83 -24.58 84.28
C SER T 127 -47.78 -23.75 83.44
N GLY T 128 -48.56 -22.87 84.09
CA GLY T 128 -49.52 -22.07 83.36
C GLY T 128 -48.87 -21.03 82.46
N GLN T 129 -47.79 -20.39 82.95
CA GLN T 129 -47.18 -19.28 82.21
C GLN T 129 -46.01 -19.72 81.34
N THR T 130 -45.65 -20.99 81.33
CA THR T 130 -44.65 -21.47 80.38
C THR T 130 -45.21 -21.34 78.96
N GLN T 131 -44.51 -20.59 78.12
CA GLN T 131 -45.01 -20.26 76.79
C GLN T 131 -43.85 -20.13 75.81
N PHE T 132 -44.05 -20.60 74.59
CA PHE T 132 -43.10 -20.45 73.51
C PHE T 132 -43.85 -19.98 72.27
N ASN T 133 -43.49 -18.81 71.75
CA ASN T 133 -44.09 -18.25 70.55
C ASN T 133 -45.61 -18.15 70.68
N GLY T 134 -46.08 -17.74 71.85
CA GLY T 134 -47.49 -17.57 72.08
C GLY T 134 -48.27 -18.85 72.30
N VAL T 135 -47.60 -19.98 72.46
CA VAL T 135 -48.25 -21.28 72.64
C VAL T 135 -47.88 -21.82 74.02
N ASN T 136 -48.89 -22.17 74.81
CA ASN T 136 -48.68 -22.73 76.14
C ASN T 136 -48.45 -24.24 75.99
N VAL T 137 -47.18 -24.65 76.09
CA VAL T 137 -46.84 -26.05 75.88
C VAL T 137 -47.36 -26.91 77.02
N LEU T 138 -47.32 -26.39 78.25
CA LEU T 138 -47.67 -27.17 79.44
C LEU T 138 -49.12 -26.99 79.86
N ALA T 139 -49.93 -26.27 79.08
CA ALA T 139 -51.33 -26.08 79.40
C ALA T 139 -52.26 -26.91 78.52
N LYS T 140 -51.74 -27.57 77.49
CA LYS T 140 -52.54 -28.36 76.57
C LYS T 140 -52.01 -29.78 76.49
N ASP T 141 -52.87 -30.70 76.05
CA ASP T 141 -52.53 -32.11 75.94
C ASP T 141 -52.50 -32.60 74.49
N GLY T 142 -52.25 -31.69 73.55
CA GLY T 142 -52.28 -32.01 72.14
C GLY T 142 -50.94 -32.47 71.60
N SER T 143 -50.76 -32.27 70.29
CA SER T 143 -49.53 -32.63 69.62
C SER T 143 -49.22 -31.60 68.54
N MET T 144 -47.93 -31.45 68.24
CA MET T 144 -47.46 -30.53 67.21
C MET T 144 -46.74 -31.32 66.13
N LYS T 145 -47.08 -31.04 64.87
CA LYS T 145 -46.48 -31.72 63.73
C LYS T 145 -45.47 -30.79 63.07
N ILE T 146 -44.24 -31.28 62.94
CA ILE T 146 -43.15 -30.49 62.38
C ILE T 146 -42.74 -31.13 61.06
N GLN T 147 -42.69 -30.33 60.00
CA GLN T 147 -42.33 -30.83 58.67
C GLN T 147 -40.86 -31.18 58.64
N VAL T 148 -40.56 -32.45 58.36
CA VAL T 148 -39.18 -32.91 58.29
C VAL T 148 -38.76 -33.35 56.90
N GLY T 149 -39.69 -33.81 56.05
CA GLY T 149 -39.39 -34.11 54.68
C GLY T 149 -39.88 -33.03 53.72
N ALA T 150 -39.62 -33.26 52.44
CA ALA T 150 -40.02 -32.32 51.39
C ALA T 150 -41.34 -32.68 50.74
N ASN T 151 -41.93 -33.82 51.08
CA ASN T 151 -43.19 -34.26 50.49
C ASN T 151 -44.32 -34.20 51.52
N ASP T 152 -45.52 -34.52 51.06
CA ASP T 152 -46.69 -34.51 51.94
C ASP T 152 -46.63 -35.68 52.92
N GLY T 153 -47.06 -35.42 54.16
CA GLY T 153 -47.11 -36.44 55.18
C GLY T 153 -45.79 -36.80 55.81
N GLU T 154 -44.71 -36.10 55.46
CA GLU T 154 -43.37 -36.40 55.99
C GLU T 154 -43.09 -35.46 57.16
N THR T 155 -43.75 -35.73 58.28
CA THR T 155 -43.66 -34.91 59.47
C THR T 155 -43.35 -35.78 60.69
N ILE T 156 -42.96 -35.11 61.77
CA ILE T 156 -42.70 -35.76 63.05
C ILE T 156 -43.58 -35.10 64.10
N THR T 157 -44.20 -35.91 64.95
CA THR T 157 -45.16 -35.45 65.94
C THR T 157 -44.51 -35.39 67.32
N ILE T 158 -44.70 -34.25 68.01
CA ILE T 158 -44.27 -34.08 69.39
C ILE T 158 -45.52 -33.96 70.24
N ASP T 159 -45.68 -34.86 71.19
CA ASP T 159 -46.84 -34.87 72.07
C ASP T 159 -46.57 -34.03 73.32
N LEU T 160 -47.57 -33.27 73.75
CA LEU T 160 -47.48 -32.46 74.96
C LEU T 160 -48.45 -33.00 76.00
N LYS T 161 -48.14 -32.74 77.27
CA LYS T 161 -48.94 -33.19 78.38
C LYS T 161 -49.34 -32.00 79.24
N LYS T 162 -50.58 -32.00 79.69
CA LYS T 162 -51.08 -30.96 80.59
C LYS T 162 -50.64 -31.32 82.01
N ILE T 163 -49.65 -30.60 82.53
CA ILE T 163 -49.07 -30.88 83.83
C ILE T 163 -49.42 -29.73 84.77
N ASP T 164 -50.10 -30.06 85.86
CA ASP T 164 -50.48 -29.09 86.88
C ASP T 164 -50.90 -29.85 88.12
N SER T 165 -51.49 -29.15 89.09
CA SER T 165 -52.01 -29.81 90.27
C SER T 165 -53.15 -30.76 89.93
N ASP T 166 -54.02 -30.35 89.00
CA ASP T 166 -55.20 -31.16 88.68
C ASP T 166 -54.81 -32.52 88.12
N THR T 167 -53.82 -32.56 87.23
CA THR T 167 -53.42 -33.80 86.60
C THR T 167 -52.43 -34.62 87.41
N LEU T 168 -51.88 -34.07 88.49
CA LEU T 168 -50.96 -34.80 89.36
C LEU T 168 -51.50 -35.01 90.76
N GLY T 169 -52.77 -34.68 90.99
CA GLY T 169 -53.32 -34.85 92.32
C GLY T 169 -52.75 -33.81 93.27
N LEU T 170 -52.53 -34.23 94.52
CA LEU T 170 -51.90 -33.37 95.53
C LEU T 170 -52.73 -32.13 95.80
N ASN T 171 -53.98 -32.10 95.31
CA ASN T 171 -54.83 -30.92 95.48
C ASN T 171 -55.08 -30.64 96.96
N GLY T 172 -55.72 -31.58 97.65
CA GLY T 172 -55.88 -31.47 99.08
C GLY T 172 -54.75 -32.17 99.82
N PHE T 173 -53.54 -31.62 99.72
CA PHE T 173 -52.38 -32.25 100.34
C PHE T 173 -52.55 -32.37 101.85
N ASN T 174 -53.02 -31.31 102.50
CA ASN T 174 -53.52 -31.36 103.88
C ASN T 174 -52.47 -31.91 104.84
N VAL T 175 -51.26 -31.35 104.81
CA VAL T 175 -50.25 -31.73 105.79
C VAL T 175 -50.72 -31.39 107.20
N ASN T 176 -51.26 -30.19 107.38
CA ASN T 176 -51.83 -29.78 108.66
C ASN T 176 -53.29 -30.16 108.82
N GLY T 177 -53.92 -30.65 107.77
CA GLY T 177 -55.32 -31.05 107.83
C GLY T 177 -56.33 -29.96 107.57
N LYS T 178 -55.91 -28.85 106.94
CA LYS T 178 -56.80 -27.74 106.65
C LYS T 178 -56.69 -27.39 105.18
N GLY T 179 -57.81 -27.48 104.45
CA GLY T 179 -57.80 -27.18 103.04
C GLY T 179 -59.19 -27.29 102.45
N THR T 180 -59.24 -27.20 101.13
CA THR T 180 -60.48 -27.29 100.36
C THR T 180 -60.42 -28.49 99.44
N ILE T 181 -61.60 -28.91 98.96
CA ILE T 181 -61.69 -30.12 98.14
C ILE T 181 -62.36 -29.80 96.80
N THR T 182 -63.20 -28.77 96.78
CA THR T 182 -64.03 -28.45 95.60
C THR T 182 -64.78 -29.69 95.14
N ASN T 183 -65.67 -30.15 96.04
CA ASN T 183 -66.25 -31.49 96.02
C ASN T 183 -66.78 -31.98 94.66
N LYS T 184 -67.81 -31.36 94.11
CA LYS T 184 -68.48 -31.89 92.93
C LYS T 184 -69.61 -30.94 92.55
N ALA T 185 -70.21 -31.17 91.39
CA ALA T 185 -71.40 -30.47 90.94
C ALA T 185 -72.55 -31.47 90.82
N ALA T 186 -73.72 -31.08 91.30
CA ALA T 186 -74.86 -31.99 91.36
C ALA T 186 -75.41 -32.26 89.96
N THR T 187 -76.25 -33.30 89.85
CA THR T 187 -76.86 -33.70 88.60
C THR T 187 -78.23 -34.29 88.88
N VAL T 188 -78.94 -34.62 87.79
CA VAL T 188 -80.30 -35.17 87.91
C VAL T 188 -80.27 -36.53 88.60
N SER T 189 -79.23 -37.33 88.34
CA SER T 189 -79.11 -38.61 89.04
C SER T 189 -78.92 -38.41 90.53
N ASP T 190 -78.11 -37.42 90.92
CA ASP T 190 -77.94 -37.12 92.33
C ASP T 190 -79.24 -36.64 92.96
N LEU T 191 -80.00 -35.82 92.23
CA LEU T 191 -81.29 -35.37 92.75
C LEU T 191 -82.25 -36.54 92.93
N THR T 192 -82.30 -37.45 91.96
CA THR T 192 -83.16 -38.62 92.07
C THR T 192 -82.75 -39.50 93.24
N SER T 193 -81.44 -39.69 93.44
CA SER T 193 -80.97 -40.46 94.59
C SER T 193 -81.36 -39.78 95.90
N ALA T 194 -81.24 -38.44 95.96
CA ALA T 194 -81.66 -37.70 97.14
C ALA T 194 -83.17 -37.72 97.36
N GLY T 195 -83.95 -38.00 96.32
CA GLY T 195 -85.39 -38.14 96.47
C GLY T 195 -86.23 -37.04 95.87
N ALA T 196 -85.64 -36.15 95.08
CA ALA T 196 -86.42 -35.08 94.45
C ALA T 196 -87.42 -35.66 93.46
N LYS T 197 -88.60 -35.06 93.42
CA LYS T 197 -89.68 -35.50 92.54
C LYS T 197 -89.88 -34.49 91.42
N LEU T 198 -90.06 -34.99 90.20
CA LEU T 198 -90.32 -34.12 89.06
C LEU T 198 -91.75 -33.63 89.09
N ASN T 199 -91.95 -32.33 88.91
CA ASN T 199 -93.27 -31.73 88.86
C ASN T 199 -93.72 -31.70 87.40
N THR T 200 -94.79 -32.45 87.08
CA THR T 200 -95.21 -32.60 85.70
C THR T 200 -95.68 -31.27 85.11
N THR T 201 -96.41 -30.47 85.88
CA THR T 201 -97.00 -29.25 85.33
C THR T 201 -95.96 -28.19 85.04
N THR T 202 -94.85 -28.17 85.79
CA THR T 202 -93.82 -27.14 85.61
C THR T 202 -92.52 -27.67 85.05
N GLY T 203 -92.23 -28.96 85.19
CA GLY T 203 -91.00 -29.54 84.70
C GLY T 203 -89.81 -29.42 85.63
N LEU T 204 -89.96 -28.74 86.77
CA LEU T 204 -88.87 -28.59 87.72
C LEU T 204 -88.73 -29.82 88.60
N TYR T 205 -87.68 -29.84 89.40
CA TYR T 205 -87.46 -30.89 90.38
C TYR T 205 -87.64 -30.30 91.78
N ASP T 206 -88.60 -30.81 92.54
CA ASP T 206 -88.90 -30.33 93.87
C ASP T 206 -88.38 -31.34 94.89
N LEU T 207 -87.60 -30.84 95.86
CA LEU T 207 -87.05 -31.66 96.93
C LEU T 207 -87.76 -31.30 98.23
N LYS T 208 -88.39 -32.29 98.86
CA LYS T 208 -89.14 -32.08 100.09
C LYS T 208 -88.45 -32.78 101.24
N THR T 209 -88.18 -32.03 102.31
CA THR T 209 -87.56 -32.56 103.51
C THR T 209 -88.55 -32.47 104.67
N GLU T 210 -88.77 -33.60 105.35
CA GLU T 210 -89.70 -33.65 106.45
C GLU T 210 -89.04 -33.14 107.73
N ASN T 211 -89.88 -32.74 108.69
CA ASN T 211 -89.43 -32.16 109.94
C ASN T 211 -90.12 -32.86 111.10
N THR T 212 -89.35 -33.33 112.07
CA THR T 212 -89.90 -34.06 113.20
C THR T 212 -90.45 -33.10 114.24
N LEU T 213 -91.64 -33.40 114.75
CA LEU T 213 -92.27 -32.56 115.76
C LEU T 213 -91.46 -32.60 117.05
N LEU T 214 -91.59 -31.54 117.85
CA LEU T 214 -90.83 -31.42 119.09
C LEU T 214 -91.14 -32.59 120.01
N THR T 215 -90.09 -33.14 120.61
CA THR T 215 -90.20 -34.29 121.51
C THR T 215 -89.85 -33.88 122.93
N THR T 216 -90.25 -34.74 123.88
CA THR T 216 -89.99 -34.46 125.28
C THR T 216 -88.49 -34.46 125.58
N ASP T 217 -87.73 -35.36 124.95
CA ASP T 217 -86.30 -35.40 125.16
C ASP T 217 -85.63 -34.12 124.67
N ALA T 218 -86.03 -33.64 123.49
CA ALA T 218 -85.47 -32.39 122.97
C ALA T 218 -85.86 -31.21 123.86
N ALA T 219 -87.11 -31.19 124.34
CA ALA T 219 -87.53 -30.11 125.24
C ALA T 219 -86.72 -30.12 126.52
N PHE T 220 -86.47 -31.31 127.09
CA PHE T 220 -85.66 -31.39 128.30
C PHE T 220 -84.22 -30.98 128.04
N ASP T 221 -83.68 -31.35 126.88
CA ASP T 221 -82.32 -30.93 126.54
C ASP T 221 -82.23 -29.42 126.43
N LYS T 222 -83.24 -28.78 125.84
CA LYS T 222 -83.25 -27.32 125.71
C LYS T 222 -83.78 -26.61 126.95
N LEU T 223 -84.19 -27.35 127.98
CA LEU T 223 -84.63 -26.72 129.22
C LEU T 223 -83.50 -25.90 129.84
N GLY T 224 -83.86 -24.73 130.37
CA GLY T 224 -82.89 -23.83 130.98
C GLY T 224 -83.30 -23.46 132.39
N ASN T 225 -82.49 -22.60 133.00
CA ASN T 225 -82.75 -22.13 134.35
C ASN T 225 -84.03 -21.31 134.39
N GLY T 226 -84.85 -21.56 135.41
CA GLY T 226 -86.10 -20.85 135.58
C GLY T 226 -87.26 -21.35 134.75
N ASP T 227 -87.07 -22.43 133.99
CA ASP T 227 -88.14 -22.96 133.15
C ASP T 227 -89.23 -23.60 134.01
N LYS T 228 -90.47 -23.51 133.54
CA LYS T 228 -91.64 -23.99 134.27
C LYS T 228 -92.32 -25.09 133.46
N VAL T 229 -92.59 -26.22 134.11
CA VAL T 229 -93.24 -27.36 133.49
C VAL T 229 -94.53 -27.64 134.25
N THR T 230 -95.66 -27.68 133.54
CA THR T 230 -96.97 -27.92 134.13
C THR T 230 -97.50 -29.24 133.58
N VAL T 231 -97.47 -30.28 134.42
CA VAL T 231 -98.02 -31.59 134.08
C VAL T 231 -98.89 -32.05 135.24
N GLY T 232 -100.08 -32.56 134.92
CA GLY T 232 -100.98 -33.04 135.95
C GLY T 232 -101.50 -31.95 136.89
N GLY T 233 -101.43 -30.70 136.46
CA GLY T 233 -101.93 -29.60 137.26
C GLY T 233 -100.98 -29.08 138.33
N VAL T 234 -99.75 -29.59 138.38
CA VAL T 234 -98.76 -29.16 139.35
C VAL T 234 -97.57 -28.56 138.61
N ASP T 235 -97.03 -27.46 139.14
CA ASP T 235 -95.96 -26.72 138.47
C ASP T 235 -94.60 -27.10 139.05
N TYR T 236 -93.65 -27.38 138.17
CA TYR T 236 -92.27 -27.69 138.55
C TYR T 236 -91.36 -26.63 137.97
N THR T 237 -90.36 -26.21 138.74
CA THR T 237 -89.38 -25.23 138.28
C THR T 237 -88.03 -25.93 138.12
N TYR T 238 -87.49 -25.88 136.91
CA TYR T 238 -86.21 -26.54 136.63
C TYR T 238 -85.07 -25.77 137.24
N ASN T 239 -84.11 -26.50 137.83
CA ASN T 239 -82.89 -25.93 138.37
C ASN T 239 -81.71 -26.58 137.69
N ALA T 240 -80.91 -25.78 136.98
CA ALA T 240 -79.73 -26.28 136.29
C ALA T 240 -78.55 -26.45 137.22
N LYS T 241 -78.51 -25.70 138.34
CA LYS T 241 -77.42 -25.83 139.29
C LYS T 241 -77.36 -27.24 139.87
N SER T 242 -78.52 -27.78 140.26
CA SER T 242 -78.62 -29.16 140.70
C SER T 242 -79.24 -30.07 139.65
N GLY T 243 -79.77 -29.50 138.56
CA GLY T 243 -80.33 -30.29 137.49
C GLY T 243 -81.55 -31.10 137.88
N ASP T 244 -82.50 -30.49 138.57
CA ASP T 244 -83.67 -31.19 139.06
C ASP T 244 -84.83 -30.22 139.19
N PHE T 245 -86.04 -30.76 139.34
CA PHE T 245 -87.22 -29.91 139.41
C PHE T 245 -87.60 -29.66 140.87
N THR T 246 -87.79 -28.40 141.22
CA THR T 246 -88.25 -28.02 142.54
C THR T 246 -89.75 -27.73 142.48
N THR T 247 -90.46 -28.12 143.55
CA THR T 247 -91.90 -28.00 143.65
C THR T 247 -92.26 -27.31 144.95
N THR T 248 -93.38 -26.61 144.95
CA THR T 248 -93.94 -26.00 146.15
C THR T 248 -95.25 -26.70 146.45
N LYS T 249 -95.24 -27.57 147.47
CA LYS T 249 -96.41 -28.38 147.80
C LYS T 249 -97.01 -27.90 149.11
N SER T 250 -98.30 -27.57 149.06
CA SER T 250 -99.06 -27.33 150.27
C SER T 250 -99.51 -28.67 150.87
N THR T 251 -99.87 -28.64 152.14
CA THR T 251 -100.30 -29.85 152.83
C THR T 251 -101.53 -30.45 152.17
N ALA T 252 -102.65 -29.74 152.23
CA ALA T 252 -103.93 -30.24 151.72
C ALA T 252 -104.91 -29.07 151.69
N GLY T 253 -106.19 -29.39 151.48
CA GLY T 253 -107.24 -28.40 151.46
C GLY T 253 -107.90 -28.24 150.11
N THR T 254 -109.07 -28.85 149.95
CA THR T 254 -109.87 -28.76 148.74
C THR T 254 -111.29 -28.30 149.00
N GLY T 255 -111.91 -28.72 150.09
CA GLY T 255 -113.25 -28.30 150.40
C GLY T 255 -113.31 -26.83 150.80
N VAL T 256 -114.50 -26.25 150.61
CA VAL T 256 -114.71 -24.84 150.93
C VAL T 256 -115.34 -24.61 152.29
N ASP T 257 -115.80 -25.67 152.97
CA ASP T 257 -116.43 -25.56 154.27
C ASP T 257 -115.73 -26.49 155.26
N ALA T 258 -116.03 -26.29 156.54
CA ALA T 258 -115.41 -27.11 157.58
C ALA T 258 -115.79 -28.58 157.44
N ALA T 259 -117.06 -28.86 157.16
CA ALA T 259 -117.53 -30.24 157.01
C ALA T 259 -117.24 -30.72 155.59
N ALA T 260 -115.97 -30.97 155.34
CA ALA T 260 -115.51 -31.43 154.04
C ALA T 260 -114.31 -32.35 154.23
N GLN T 261 -113.80 -32.86 153.11
CA GLN T 261 -112.64 -33.75 153.13
C GLN T 261 -111.32 -33.02 153.34
N ALA T 262 -111.35 -31.68 153.38
CA ALA T 262 -110.12 -30.92 153.52
C ALA T 262 -109.43 -31.20 154.85
N ALA T 263 -110.21 -31.25 155.94
CA ALA T 263 -109.62 -31.53 157.25
C ALA T 263 -109.02 -32.93 157.30
N ASP T 264 -109.72 -33.92 156.74
CA ASP T 264 -109.21 -35.28 156.73
C ASP T 264 -107.93 -35.36 155.90
N SER T 265 -107.90 -34.70 154.74
CA SER T 265 -106.71 -34.70 153.91
C SER T 265 -105.53 -34.05 154.64
N ALA T 266 -105.79 -32.92 155.32
CA ALA T 266 -104.73 -32.26 156.07
C ALA T 266 -104.19 -33.17 157.17
N SER T 267 -105.09 -33.84 157.90
CA SER T 267 -104.66 -34.73 158.98
C SER T 267 -103.82 -35.88 158.44
N LYS T 268 -104.27 -36.50 157.35
CA LYS T 268 -103.53 -37.65 156.81
C LYS T 268 -102.20 -37.20 156.21
N ARG T 269 -102.14 -36.01 155.60
CA ARG T 269 -100.87 -35.51 155.08
C ARG T 269 -99.91 -35.20 156.22
N ASP T 270 -100.41 -34.63 157.32
CA ASP T 270 -99.55 -34.39 158.48
C ASP T 270 -99.03 -35.70 159.05
N ALA T 271 -99.89 -36.71 159.13
CA ALA T 271 -99.44 -38.03 159.61
C ALA T 271 -98.39 -38.62 158.68
N LEU T 272 -98.58 -38.49 157.37
CA LEU T 272 -97.60 -39.00 156.42
C LEU T 272 -96.26 -38.28 156.57
N ALA T 273 -96.30 -36.96 156.74
CA ALA T 273 -95.07 -36.21 156.95
C ALA T 273 -94.37 -36.64 158.24
N ALA T 274 -95.15 -36.84 159.30
CA ALA T 274 -94.55 -37.29 160.56
C ALA T 274 -93.91 -38.67 160.41
N THR T 275 -94.57 -39.58 159.68
CA THR T 275 -93.98 -40.89 159.44
C THR T 275 -92.71 -40.79 158.61
N LEU T 276 -92.70 -39.90 157.62
CA LEU T 276 -91.49 -39.70 156.82
C LEU T 276 -90.35 -39.12 157.66
N HIS T 277 -90.68 -38.31 158.67
CA HIS T 277 -89.70 -37.73 159.56
C HIS T 277 -89.22 -38.69 160.64
N ALA T 278 -89.44 -39.99 160.48
CA ALA T 278 -89.02 -40.96 161.49
C ALA T 278 -87.52 -40.94 161.68
N ASP T 279 -86.76 -41.27 160.62
CA ASP T 279 -85.30 -41.33 160.66
C ASP T 279 -84.82 -42.22 161.80
N VAL T 280 -85.21 -43.50 161.73
CA VAL T 280 -84.91 -44.44 162.80
C VAL T 280 -83.41 -44.69 162.88
N GLY T 281 -82.73 -44.76 161.73
CA GLY T 281 -81.32 -45.15 161.73
C GLY T 281 -80.44 -44.17 162.47
N LYS T 282 -80.60 -42.86 162.21
CA LYS T 282 -79.74 -41.85 162.80
C LYS T 282 -80.58 -40.63 163.18
N SER T 283 -80.04 -39.86 164.12
CA SER T 283 -80.70 -38.65 164.60
C SER T 283 -80.49 -37.50 163.63
N VAL T 284 -81.37 -36.50 163.73
CA VAL T 284 -81.27 -35.30 162.91
C VAL T 284 -81.62 -34.07 163.75
N ASN T 285 -80.94 -32.98 163.45
CA ASN T 285 -81.07 -31.72 164.17
C ASN T 285 -81.73 -30.67 163.30
N GLY T 286 -82.56 -29.83 163.91
CA GLY T 286 -83.22 -28.73 163.24
C GLY T 286 -83.57 -27.60 164.19
N SER T 287 -84.45 -26.70 163.74
CA SER T 287 -84.86 -25.56 164.55
C SER T 287 -86.34 -25.28 164.33
N TYR T 288 -87.04 -24.99 165.43
CA TYR T 288 -88.46 -24.64 165.42
C TYR T 288 -88.59 -23.19 165.85
N THR T 289 -89.18 -22.36 164.99
CA THR T 289 -89.25 -20.92 165.22
C THR T 289 -90.71 -20.49 165.22
N THR T 290 -91.11 -19.79 166.28
CA THR T 290 -92.44 -19.22 166.39
C THR T 290 -92.46 -17.84 165.73
N LYS T 291 -93.52 -17.07 165.97
CA LYS T 291 -93.61 -15.73 165.40
C LYS T 291 -92.48 -14.83 165.91
N ASP T 292 -92.15 -14.94 167.20
CA ASP T 292 -91.13 -14.09 167.81
C ASP T 292 -90.04 -14.86 168.54
N GLY T 293 -90.05 -16.19 168.51
CA GLY T 293 -89.04 -16.96 169.22
C GLY T 293 -88.64 -18.18 168.45
N THR T 294 -87.45 -18.69 168.78
CA THR T 294 -86.89 -19.87 168.14
C THR T 294 -86.25 -20.78 169.18
N VAL T 295 -86.16 -22.06 168.84
CA VAL T 295 -85.61 -23.08 169.73
C VAL T 295 -84.95 -24.17 168.89
N SER T 296 -83.88 -24.75 169.43
CA SER T 296 -83.23 -25.87 168.77
C SER T 296 -84.09 -27.12 168.85
N PHE T 297 -83.71 -28.13 168.08
CA PHE T 297 -84.45 -29.38 168.02
C PHE T 297 -83.50 -30.50 167.64
N GLU T 298 -83.54 -31.62 168.36
CA GLU T 298 -82.68 -32.76 168.09
C GLU T 298 -83.50 -34.03 168.27
N THR T 299 -83.95 -34.63 167.18
CA THR T 299 -84.76 -35.84 167.26
C THR T 299 -83.92 -37.05 166.89
N ASP T 300 -84.21 -38.18 167.53
CA ASP T 300 -83.46 -39.42 167.31
C ASP T 300 -84.22 -40.39 166.40
N SER T 301 -85.44 -40.76 166.78
CA SER T 301 -86.22 -41.70 165.99
C SER T 301 -87.68 -41.58 166.39
N ALA T 302 -88.56 -41.99 165.46
CA ALA T 302 -90.01 -42.00 165.68
C ALA T 302 -90.54 -40.62 166.04
N GLY T 303 -89.84 -39.57 165.61
CA GLY T 303 -90.28 -38.22 165.90
C GLY T 303 -90.31 -37.86 167.37
N ASN T 304 -89.29 -38.29 168.12
CA ASN T 304 -89.20 -38.01 169.54
C ASN T 304 -88.46 -36.69 169.75
N ILE T 305 -89.08 -35.78 170.51
CA ILE T 305 -88.52 -34.45 170.73
C ILE T 305 -87.56 -34.52 171.91
N THR T 306 -86.30 -34.19 171.66
CA THR T 306 -85.27 -34.14 172.71
C THR T 306 -84.50 -32.85 172.57
N ILE T 307 -84.45 -32.07 173.65
CA ILE T 307 -83.75 -30.78 173.66
C ILE T 307 -82.67 -30.86 174.74
N GLY T 308 -81.42 -30.78 174.32
CA GLY T 308 -80.31 -30.79 175.26
C GLY T 308 -80.22 -32.06 176.09
N GLY T 309 -80.56 -33.21 175.50
CA GLY T 309 -80.55 -34.46 176.22
C GLY T 309 -81.76 -34.74 177.07
N SER T 310 -82.73 -33.83 177.10
CA SER T 310 -83.95 -33.98 177.88
C SER T 310 -85.16 -33.86 176.96
N GLN T 311 -86.13 -34.75 177.14
CA GLN T 311 -87.32 -34.76 176.31
C GLN T 311 -88.18 -33.54 176.61
N ALA T 312 -88.51 -32.76 175.58
CA ALA T 312 -89.35 -31.59 175.71
C ALA T 312 -90.79 -31.94 175.34
N TYR T 313 -91.68 -30.97 175.49
CA TYR T 313 -93.10 -31.17 175.27
C TYR T 313 -93.67 -29.95 174.54
N VAL T 314 -94.80 -30.17 173.87
CA VAL T 314 -95.49 -29.13 173.12
C VAL T 314 -96.78 -28.75 173.83
N ASP T 315 -97.06 -27.46 173.90
CA ASP T 315 -98.27 -26.97 174.55
C ASP T 315 -99.41 -26.90 173.53
N ASP T 316 -100.55 -26.35 173.97
CA ASP T 316 -101.70 -26.22 173.08
C ASP T 316 -101.41 -25.27 171.92
N ALA T 317 -100.69 -24.17 172.19
CA ALA T 317 -100.39 -23.17 171.19
C ALA T 317 -99.10 -23.46 170.42
N GLY T 318 -98.57 -24.67 170.54
CA GLY T 318 -97.37 -25.06 169.83
C GLY T 318 -96.05 -24.68 170.47
N ASN T 319 -96.09 -24.03 171.63
CA ASN T 319 -94.85 -23.65 172.31
C ASN T 319 -94.13 -24.88 172.83
N LEU T 320 -92.81 -24.90 172.69
CA LEU T 320 -91.98 -26.00 173.12
C LEU T 320 -91.36 -25.67 174.46
N THR T 321 -91.62 -26.51 175.47
CA THR T 321 -91.14 -26.26 176.82
C THR T 321 -90.56 -27.54 177.41
N THR T 322 -89.57 -27.38 178.27
CA THR T 322 -88.97 -28.52 178.95
C THR T 322 -89.86 -29.09 180.06
N ASN T 323 -90.72 -28.27 180.64
CA ASN T 323 -91.58 -28.68 181.74
C ASN T 323 -92.97 -29.07 181.22
N ASN T 324 -93.80 -29.57 182.14
CA ASN T 324 -95.16 -29.99 181.84
C ASN T 324 -96.14 -29.18 182.67
N ALA T 325 -97.20 -28.69 182.03
CA ALA T 325 -98.27 -27.97 182.70
C ALA T 325 -99.56 -28.78 182.56
N GLY T 326 -100.04 -29.32 183.68
CA GLY T 326 -101.23 -30.15 183.66
C GLY T 326 -101.07 -31.47 182.93
N SER T 327 -99.86 -32.03 182.93
CA SER T 327 -99.57 -33.32 182.31
C SER T 327 -99.89 -33.32 180.82
N ALA T 328 -99.85 -32.15 180.19
CA ALA T 328 -100.10 -32.03 178.75
C ALA T 328 -98.77 -32.16 178.00
N ALA T 329 -98.23 -33.37 178.01
CA ALA T 329 -96.93 -33.63 177.41
C ALA T 329 -97.03 -33.80 175.90
N LYS T 330 -97.73 -34.85 175.46
CA LYS T 330 -97.88 -35.22 174.06
C LYS T 330 -96.61 -34.98 173.25
N ALA T 331 -95.50 -35.54 173.76
CA ALA T 331 -94.19 -35.37 173.15
C ALA T 331 -94.05 -36.32 171.97
N ASP T 332 -94.59 -35.91 170.84
CA ASP T 332 -94.51 -36.69 169.61
C ASP T 332 -94.53 -35.75 168.41
N MET T 333 -93.98 -36.23 167.30
CA MET T 333 -93.95 -35.43 166.08
C MET T 333 -95.35 -35.14 165.57
N LYS T 334 -96.23 -36.15 165.61
CA LYS T 334 -97.61 -35.95 165.17
C LYS T 334 -98.31 -34.90 166.02
N ALA T 335 -98.16 -34.98 167.35
CA ALA T 335 -98.79 -34.02 168.23
C ALA T 335 -98.23 -32.62 168.02
N LEU T 336 -96.91 -32.52 167.84
CA LEU T 336 -96.29 -31.21 167.61
C LEU T 336 -96.80 -30.59 166.31
N LEU T 337 -96.88 -31.39 165.24
CA LEU T 337 -97.37 -30.87 163.97
C LEU T 337 -98.83 -30.47 164.07
N LYS T 338 -99.65 -31.26 164.75
CA LYS T 338 -101.06 -30.92 164.90
C LYS T 338 -101.24 -29.64 165.72
N ALA T 339 -100.44 -29.48 166.78
CA ALA T 339 -100.51 -28.27 167.58
C ALA T 339 -100.07 -27.06 166.78
N ALA T 340 -99.02 -27.21 165.96
CA ALA T 340 -98.59 -26.10 165.11
C ALA T 340 -99.67 -25.73 164.08
N SER T 341 -100.32 -26.74 163.50
CA SER T 341 -101.37 -26.48 162.53
C SER T 341 -102.56 -25.78 163.18
N GLU T 342 -102.96 -26.22 164.37
CA GLU T 342 -104.11 -25.64 165.05
C GLU T 342 -103.78 -24.38 165.83
N GLY T 343 -102.51 -23.99 165.89
CA GLY T 343 -102.13 -22.81 166.64
C GLY T 343 -102.63 -21.53 165.99
N SER T 344 -102.76 -20.49 166.82
CA SER T 344 -103.23 -19.20 166.32
C SER T 344 -102.23 -18.58 165.37
N ASP T 345 -100.94 -18.71 165.65
CA ASP T 345 -99.88 -18.07 164.88
C ASP T 345 -99.06 -19.13 164.15
N GLY T 346 -98.58 -18.79 162.96
CA GLY T 346 -97.80 -19.72 162.17
C GLY T 346 -96.40 -19.94 162.73
N ALA T 347 -95.74 -20.96 162.18
CA ALA T 347 -94.42 -21.37 162.64
C ALA T 347 -93.54 -21.71 161.44
N SER T 348 -92.25 -21.90 161.71
CA SER T 348 -91.29 -22.32 160.69
C SER T 348 -90.38 -23.41 161.23
N LEU T 349 -90.18 -24.46 160.44
CA LEU T 349 -89.24 -25.53 160.78
C LEU T 349 -88.10 -25.53 159.78
N THR T 350 -86.88 -25.52 160.29
CA THR T 350 -85.68 -25.59 159.45
C THR T 350 -84.97 -26.90 159.77
N PHE T 351 -84.86 -27.77 158.76
CA PHE T 351 -84.31 -29.10 158.95
C PHE T 351 -83.14 -29.35 158.01
N ASN T 352 -82.69 -30.62 157.94
CA ASN T 352 -81.57 -30.95 157.05
C ASN T 352 -81.92 -30.67 155.59
N GLY T 353 -83.16 -30.95 155.19
CA GLY T 353 -83.58 -30.70 153.83
C GLY T 353 -84.16 -29.31 153.64
N THR T 354 -85.35 -29.22 153.06
CA THR T 354 -85.98 -27.94 152.82
C THR T 354 -86.64 -27.42 154.09
N GLU T 355 -86.95 -26.12 154.08
CA GLU T 355 -87.57 -25.46 155.21
C GLU T 355 -89.08 -25.46 155.04
N TYR T 356 -89.80 -25.83 156.10
CA TYR T 356 -91.26 -25.93 156.07
C TYR T 356 -91.84 -24.70 156.77
N THR T 357 -92.94 -24.17 156.23
CA THR T 357 -93.63 -23.06 156.86
C THR T 357 -95.07 -23.45 157.15
N ILE T 358 -95.45 -23.42 158.42
CA ILE T 358 -96.81 -23.70 158.83
C ILE T 358 -97.55 -22.37 158.89
N ALA T 359 -98.53 -22.20 158.01
CA ALA T 359 -99.23 -20.92 157.87
C ALA T 359 -100.21 -20.73 159.02
N LYS T 360 -100.61 -19.47 159.21
CA LYS T 360 -101.58 -19.10 160.24
C LYS T 360 -102.94 -19.72 159.94
N GLY T 376 -102.05 -25.36 157.44
CA GLY T 376 -101.34 -25.94 156.32
C GLY T 376 -99.84 -25.72 156.37
N ILE T 377 -99.10 -26.59 155.69
CA ILE T 377 -97.64 -26.50 155.62
C ILE T 377 -97.27 -26.31 154.16
N THR T 378 -96.52 -25.24 153.87
CA THR T 378 -95.96 -24.99 152.55
C THR T 378 -94.49 -25.34 152.60
N TYR T 379 -94.02 -26.12 151.61
CA TYR T 379 -92.64 -26.55 151.62
C TYR T 379 -92.18 -26.87 150.19
N GLN T 380 -90.86 -26.77 150.01
CA GLN T 380 -90.23 -27.14 148.75
C GLN T 380 -89.90 -28.63 148.74
N ALA T 381 -89.91 -29.20 147.54
CA ALA T 381 -89.59 -30.61 147.34
C ALA T 381 -88.78 -30.75 146.06
N THR T 382 -87.97 -31.81 146.00
CA THR T 382 -87.08 -32.07 144.89
C THR T 382 -87.53 -33.34 144.16
N VAL T 383 -87.65 -33.26 142.84
CA VAL T 383 -87.99 -34.40 142.01
C VAL T 383 -87.00 -34.50 140.86
N SER T 384 -86.73 -35.72 140.41
CA SER T 384 -85.76 -35.96 139.36
C SER T 384 -86.33 -35.60 138.00
N LYS T 385 -85.44 -35.12 137.12
CA LYS T 385 -85.84 -34.83 135.74
C LYS T 385 -86.29 -36.10 135.04
N ASP T 386 -85.66 -37.24 135.33
CA ASP T 386 -86.10 -38.50 134.75
C ASP T 386 -87.52 -38.85 135.21
N VAL T 387 -87.82 -38.62 136.49
CA VAL T 387 -89.15 -38.89 137.01
C VAL T 387 -90.18 -38.00 136.33
N VAL T 388 -89.86 -36.71 136.18
CA VAL T 388 -90.78 -35.79 135.52
C VAL T 388 -90.99 -36.19 134.07
N LEU T 389 -89.92 -36.58 133.38
CA LEU T 389 -90.02 -37.00 131.98
C LEU T 389 -90.90 -38.23 131.85
N SER T 390 -90.71 -39.21 132.74
CA SER T 390 -91.52 -40.42 132.69
C SER T 390 -92.99 -40.12 132.97
N GLU T 391 -93.25 -39.21 133.92
CA GLU T 391 -94.63 -38.82 134.20
C GLU T 391 -95.26 -38.15 133.00
N THR T 392 -94.50 -37.28 132.31
CA THR T 392 -95.03 -36.59 131.15
C THR T 392 -95.32 -37.56 129.99
N LYS T 393 -94.41 -38.51 129.77
CA LYS T 393 -94.54 -39.41 128.63
C LYS T 393 -95.30 -40.69 128.96
N ALA T 394 -95.81 -40.83 130.19
CA ALA T 394 -96.51 -42.06 130.56
C ALA T 394 -97.79 -42.24 129.77
N ALA T 395 -98.60 -41.18 129.65
CA ALA T 395 -99.87 -41.25 128.96
C ALA T 395 -100.10 -39.93 128.24
N ALA T 396 -101.33 -39.73 127.76
CA ALA T 396 -101.70 -38.52 127.02
C ALA T 396 -101.96 -37.39 128.02
N ALA T 397 -100.87 -36.92 128.62
CA ALA T 397 -100.94 -35.83 129.59
C ALA T 397 -100.98 -34.48 128.89
N THR T 398 -101.37 -33.46 129.66
CA THR T 398 -101.47 -32.09 129.18
C THR T 398 -100.25 -31.26 129.58
N SER T 399 -99.07 -31.88 129.60
CA SER T 399 -97.87 -31.19 130.03
C SER T 399 -97.53 -30.03 129.09
N SER T 400 -97.10 -28.92 129.67
CA SER T 400 -96.68 -27.74 128.93
C SER T 400 -95.37 -27.22 129.51
N ILE T 401 -94.48 -26.79 128.63
CA ILE T 401 -93.15 -26.33 129.02
C ILE T 401 -93.01 -24.87 128.57
N THR T 402 -92.56 -24.02 129.49
CA THR T 402 -92.33 -22.60 129.21
C THR T 402 -90.83 -22.36 129.12
N PHE T 403 -90.36 -22.01 127.93
CA PHE T 403 -88.96 -21.65 127.72
C PHE T 403 -88.82 -20.15 127.98
N ASN T 404 -87.98 -19.81 128.96
CA ASN T 404 -87.77 -18.43 129.39
C ASN T 404 -86.28 -18.10 129.31
N SER T 405 -85.94 -17.06 128.55
CA SER T 405 -84.57 -16.57 128.48
C SER T 405 -84.34 -15.35 129.37
N GLY T 406 -85.31 -15.00 130.21
CA GLY T 406 -85.23 -13.82 131.05
C GLY T 406 -85.83 -12.57 130.45
N VAL T 407 -86.04 -12.54 129.14
CA VAL T 407 -86.68 -11.40 128.47
C VAL T 407 -87.87 -11.91 127.67
N LEU T 408 -87.64 -12.89 126.80
CA LEU T 408 -88.68 -13.49 125.97
C LEU T 408 -89.04 -14.86 126.50
N SER T 409 -90.34 -15.13 126.59
CA SER T 409 -90.83 -16.41 127.10
C SER T 409 -91.86 -16.97 126.12
N LYS T 410 -91.80 -18.28 125.90
CA LYS T 410 -92.74 -18.96 125.02
C LYS T 410 -93.19 -20.26 125.65
N THR T 411 -94.50 -20.50 125.64
CA THR T 411 -95.09 -21.70 126.23
C THR T 411 -95.51 -22.65 125.12
N ILE T 412 -95.06 -23.90 125.21
CA ILE T 412 -95.38 -24.94 124.24
C ILE T 412 -96.12 -26.05 124.97
N GLY T 413 -97.31 -26.40 124.49
CA GLY T 413 -98.09 -27.46 125.07
C GLY T 413 -98.16 -28.69 124.19
N PHE T 414 -97.52 -29.78 124.64
CA PHE T 414 -97.44 -31.00 123.86
C PHE T 414 -97.98 -32.16 124.68
N THR T 415 -98.71 -33.05 124.03
CA THR T 415 -99.34 -34.20 124.67
C THR T 415 -98.58 -35.47 124.27
N ALA T 416 -97.89 -36.06 125.24
CA ALA T 416 -97.17 -37.32 125.05
C ALA T 416 -96.23 -37.26 123.85
N GLY T 417 -95.36 -36.25 123.86
CA GLY T 417 -94.40 -36.09 122.78
C GLY T 417 -94.71 -34.96 121.82
N GLU T 418 -95.24 -35.31 120.65
CA GLU T 418 -95.52 -34.31 119.62
C GLU T 418 -96.54 -33.30 120.11
N SER T 419 -96.39 -32.06 119.64
CA SER T 419 -97.28 -30.98 120.04
C SER T 419 -98.66 -31.15 119.40
N SER T 420 -99.70 -30.94 120.21
CA SER T 420 -101.07 -31.04 119.74
C SER T 420 -101.84 -29.73 119.86
N ASP T 421 -101.16 -28.64 120.22
CA ASP T 421 -101.78 -27.33 120.37
C ASP T 421 -101.74 -26.50 119.09
N ALA T 422 -101.66 -27.16 117.93
CA ALA T 422 -101.57 -26.48 116.63
C ALA T 422 -100.36 -25.57 116.55
N ALA T 423 -99.28 -25.94 117.23
CA ALA T 423 -98.03 -25.20 117.22
C ALA T 423 -96.99 -25.95 116.40
N LYS T 424 -96.34 -25.25 115.48
CA LYS T 424 -95.37 -25.87 114.58
C LYS T 424 -93.99 -25.79 115.21
N SER T 425 -93.71 -26.77 116.07
CA SER T 425 -92.40 -26.90 116.72
C SER T 425 -91.66 -28.08 116.11
N TYR T 426 -90.44 -27.86 115.66
CA TYR T 426 -89.66 -28.88 114.98
C TYR T 426 -88.19 -28.73 115.32
N VAL T 427 -87.43 -29.81 115.10
CA VAL T 427 -86.03 -29.86 115.54
C VAL T 427 -85.07 -30.34 114.45
N ASP T 428 -85.53 -30.98 113.37
CA ASP T 428 -84.62 -31.69 112.47
C ASP T 428 -83.67 -30.78 111.72
N ASP T 429 -83.98 -29.49 111.57
CA ASP T 429 -83.16 -28.62 110.73
C ASP T 429 -81.73 -28.51 111.26
N LYS T 430 -81.55 -27.87 112.42
CA LYS T 430 -80.25 -27.79 113.07
C LYS T 430 -80.35 -27.97 114.58
N GLY T 431 -81.44 -28.56 115.06
CA GLY T 431 -81.70 -28.62 116.48
C GLY T 431 -82.50 -27.42 116.95
N GLY T 432 -82.91 -27.48 118.22
CA GLY T 432 -83.67 -26.38 118.76
C GLY T 432 -85.11 -26.38 118.27
N ILE T 433 -85.71 -25.19 118.33
CA ILE T 433 -87.11 -24.99 117.97
C ILE T 433 -87.19 -24.14 116.71
N THR T 434 -87.99 -24.58 115.76
CA THR T 434 -88.22 -23.85 114.53
C THR T 434 -89.69 -23.92 114.16
N ASN T 435 -90.14 -22.95 113.38
CA ASN T 435 -91.54 -22.83 113.00
C ASN T 435 -91.81 -23.29 111.57
N VAL T 436 -90.86 -23.95 110.92
CA VAL T 436 -91.03 -24.40 109.54
C VAL T 436 -91.74 -25.74 109.54
N ALA T 437 -92.95 -25.77 108.97
CA ALA T 437 -93.71 -27.01 108.92
C ALA T 437 -93.12 -27.98 107.89
N ASP T 438 -92.81 -27.47 106.70
CA ASP T 438 -92.30 -28.30 105.61
C ASP T 438 -91.13 -27.59 104.93
N TYR T 439 -90.19 -28.37 104.40
CA TYR T 439 -89.03 -27.84 103.71
C TYR T 439 -89.05 -28.35 102.27
N THR T 440 -89.47 -27.47 101.35
CA THR T 440 -89.56 -27.82 99.93
C THR T 440 -88.87 -26.75 99.11
N VAL T 441 -87.99 -27.17 98.20
CA VAL T 441 -87.25 -26.27 97.33
C VAL T 441 -87.27 -26.86 95.92
N SER T 442 -87.31 -25.99 94.91
CA SER T 442 -87.41 -26.41 93.52
C SER T 442 -86.06 -26.29 92.84
N TYR T 443 -85.68 -27.33 92.11
CA TYR T 443 -84.42 -27.37 91.37
C TYR T 443 -84.72 -27.48 89.88
N SER T 444 -84.08 -26.64 89.09
CA SER T 444 -84.20 -26.65 87.65
C SER T 444 -82.94 -27.25 87.05
N VAL T 445 -83.11 -28.22 86.15
CA VAL T 445 -82.01 -28.92 85.50
C VAL T 445 -81.91 -28.42 84.07
N ASN T 446 -80.73 -27.94 83.69
CA ASN T 446 -80.51 -27.44 82.34
C ASN T 446 -80.47 -28.62 81.38
N LYS T 447 -81.28 -28.58 80.33
CA LYS T 447 -81.33 -29.67 79.37
C LYS T 447 -80.04 -29.77 78.56
N ASP T 448 -79.40 -28.64 78.28
CA ASP T 448 -78.16 -28.65 77.53
C ASP T 448 -76.96 -28.92 78.42
N ASN T 449 -76.70 -28.03 79.39
CA ASN T 449 -75.52 -28.16 80.23
C ASN T 449 -75.62 -29.36 81.17
N GLY T 450 -76.81 -29.60 81.72
CA GLY T 450 -76.99 -30.64 82.73
C GLY T 450 -76.85 -30.17 84.15
N SER T 451 -76.52 -28.90 84.38
CA SER T 451 -76.33 -28.38 85.72
C SER T 451 -77.68 -28.19 86.42
N VAL T 452 -77.63 -28.19 87.75
CA VAL T 452 -78.80 -28.03 88.60
C VAL T 452 -78.70 -26.69 89.31
N THR T 453 -79.77 -25.90 89.23
CA THR T 453 -79.82 -24.59 89.87
C THR T 453 -81.06 -24.49 90.74
N VAL T 454 -81.00 -23.62 91.74
CA VAL T 454 -82.15 -23.37 92.61
C VAL T 454 -83.09 -22.40 91.92
N ALA T 455 -84.36 -22.78 91.80
CA ALA T 455 -85.37 -21.95 91.15
C ALA T 455 -86.48 -21.57 92.11
N GLY T 456 -86.10 -21.20 93.33
CA GLY T 456 -87.06 -20.81 94.35
C GLY T 456 -87.49 -21.97 95.23
N TYR T 457 -88.41 -21.67 96.13
CA TYR T 457 -88.93 -22.67 97.05
C TYR T 457 -90.31 -22.26 97.52
N ALA T 458 -91.07 -23.24 98.00
CA ALA T 458 -92.40 -23.02 98.55
C ALA T 458 -92.51 -23.75 99.88
N SER T 459 -93.13 -23.09 100.86
CA SER T 459 -93.28 -23.65 102.19
C SER T 459 -94.72 -23.49 102.66
N ALA T 460 -95.18 -24.45 103.47
CA ALA T 460 -96.54 -24.37 104.01
C ALA T 460 -96.70 -23.15 104.90
N THR T 461 -95.72 -22.90 105.77
CA THR T 461 -95.74 -21.72 106.63
C THR T 461 -95.07 -20.54 105.93
N ASP T 462 -95.05 -19.39 106.61
CA ASP T 462 -94.44 -18.20 106.04
C ASP T 462 -92.92 -18.35 105.93
N THR T 463 -92.28 -18.85 106.98
CA THR T 463 -90.86 -19.16 107.05
C THR T 463 -90.03 -17.87 107.12
N ASN T 464 -90.69 -16.73 106.91
CA ASN T 464 -90.05 -15.41 106.96
C ASN T 464 -88.79 -15.34 106.10
N LYS T 465 -88.72 -16.20 105.07
CA LYS T 465 -87.56 -16.29 104.18
C LYS T 465 -86.27 -16.53 104.97
N ASP T 466 -86.37 -17.26 106.08
CA ASP T 466 -85.18 -17.51 106.90
C ASP T 466 -84.26 -18.54 106.25
N TYR T 467 -84.83 -19.61 105.71
CA TYR T 467 -84.06 -20.66 105.05
C TYR T 467 -83.97 -20.46 103.54
N ALA T 468 -84.04 -19.22 103.08
CA ALA T 468 -84.09 -18.94 101.65
C ALA T 468 -82.72 -19.12 101.02
N PRO T 469 -82.58 -20.00 100.02
CA PRO T 469 -81.32 -20.08 99.27
C PRO T 469 -81.32 -19.15 98.07
N ALA T 470 -80.11 -18.80 97.63
CA ALA T 470 -79.95 -17.91 96.50
C ALA T 470 -80.49 -18.57 95.23
N ILE T 471 -81.25 -17.81 94.46
CA ILE T 471 -81.85 -18.32 93.22
C ILE T 471 -80.83 -18.26 92.11
N GLY T 472 -80.73 -19.35 91.34
CA GLY T 472 -79.78 -19.43 90.25
C GLY T 472 -78.39 -19.88 90.63
N THR T 473 -78.17 -20.27 91.87
CA THR T 473 -76.87 -20.77 92.30
C THR T 473 -76.72 -22.24 91.96
N ALA T 474 -75.55 -22.60 91.42
CA ALA T 474 -75.29 -23.98 91.05
C ALA T 474 -75.36 -24.89 92.28
N VAL T 475 -75.97 -26.06 92.10
CA VAL T 475 -76.15 -27.02 93.18
C VAL T 475 -74.98 -27.99 93.17
N ASN T 476 -74.40 -28.22 94.35
CA ASN T 476 -73.25 -29.10 94.50
C ASN T 476 -73.60 -30.26 95.43
N VAL T 477 -72.89 -31.36 95.26
CA VAL T 477 -73.05 -32.55 96.10
C VAL T 477 -71.91 -32.59 97.10
N ASN T 478 -72.26 -32.67 98.39
CA ASN T 478 -71.26 -32.67 99.45
C ASN T 478 -70.46 -33.97 99.42
N SER T 479 -69.40 -34.00 100.25
CA SER T 479 -68.55 -35.19 100.32
C SER T 479 -69.35 -36.39 100.82
N ALA T 480 -70.21 -36.18 101.81
CA ALA T 480 -71.07 -37.26 102.31
C ALA T 480 -72.13 -37.66 101.28
N GLY T 481 -72.39 -36.82 100.29
CA GLY T 481 -73.38 -37.11 99.27
C GLY T 481 -74.65 -36.30 99.37
N LYS T 482 -74.73 -35.35 100.29
CA LYS T 482 -75.93 -34.52 100.44
C LYS T 482 -75.91 -33.37 99.43
N ILE T 483 -76.95 -32.54 99.48
CA ILE T 483 -77.07 -31.38 98.61
C ILE T 483 -76.67 -30.14 99.39
N THR T 484 -75.70 -29.39 98.88
CA THR T 484 -75.20 -28.20 99.55
C THR T 484 -74.71 -27.22 98.49
N THR T 485 -75.04 -25.94 98.67
CA THR T 485 -74.65 -24.91 97.73
C THR T 485 -73.21 -24.43 97.92
N GLU T 486 -72.54 -24.85 98.99
CA GLU T 486 -71.16 -24.44 99.23
C GLU T 486 -70.24 -25.08 98.20
N THR T 487 -69.36 -24.27 97.61
CA THR T 487 -68.46 -24.76 96.57
C THR T 487 -67.37 -25.66 97.15
N THR T 488 -66.77 -25.24 98.26
CA THR T 488 -65.64 -25.94 98.86
C THR T 488 -66.03 -26.51 100.22
N SER T 489 -65.61 -27.76 100.46
CA SER T 489 -65.85 -28.44 101.71
C SER T 489 -64.52 -28.88 102.32
N ALA T 490 -64.42 -28.77 103.65
CA ALA T 490 -63.19 -29.15 104.34
C ALA T 490 -62.96 -30.66 104.22
N GLY T 491 -61.68 -31.04 104.28
CA GLY T 491 -61.26 -32.42 104.15
C GLY T 491 -60.42 -32.85 105.33
N SER T 492 -59.50 -33.78 105.05
CA SER T 492 -58.62 -34.33 106.07
C SER T 492 -57.25 -34.62 105.45
N ALA T 493 -56.32 -35.03 106.29
CA ALA T 493 -54.96 -35.28 105.86
C ALA T 493 -54.89 -36.45 104.88
N THR T 494 -54.01 -36.34 103.89
CA THR T 494 -53.82 -37.41 102.93
C THR T 494 -53.23 -38.64 103.60
N THR T 495 -53.71 -39.81 103.19
CA THR T 495 -53.24 -41.06 103.79
C THR T 495 -51.79 -41.35 103.40
N ASN T 496 -51.43 -41.15 102.14
CA ASN T 496 -50.10 -41.46 101.64
C ASN T 496 -49.63 -40.39 100.68
N PRO T 497 -49.04 -39.30 101.19
CA PRO T 497 -48.51 -38.27 100.30
C PRO T 497 -47.30 -38.73 99.51
N LEU T 498 -46.49 -39.62 100.09
CA LEU T 498 -45.25 -40.05 99.44
C LEU T 498 -45.54 -40.80 98.15
N ALA T 499 -46.57 -41.65 98.14
CA ALA T 499 -46.92 -42.39 96.93
C ALA T 499 -47.34 -41.45 95.81
N ALA T 500 -48.15 -40.44 96.13
CA ALA T 500 -48.56 -39.48 95.11
C ALA T 500 -47.38 -38.67 94.61
N LEU T 501 -46.48 -38.27 95.51
CA LEU T 501 -45.28 -37.54 95.09
C LEU T 501 -44.42 -38.40 94.17
N ASP T 502 -44.25 -39.67 94.50
CA ASP T 502 -43.48 -40.58 93.65
C ASP T 502 -44.13 -40.74 92.29
N ASP T 503 -45.47 -40.86 92.26
CA ASP T 503 -46.17 -40.97 90.98
C ASP T 503 -45.97 -39.73 90.13
N ALA T 504 -46.06 -38.54 90.75
CA ALA T 504 -45.84 -37.31 90.01
C ALA T 504 -44.41 -37.23 89.48
N ILE T 505 -43.43 -37.60 90.30
CA ILE T 505 -42.03 -37.57 89.85
C ILE T 505 -41.83 -38.55 88.71
N SER T 506 -42.45 -39.73 88.78
CA SER T 506 -42.34 -40.71 87.71
C SER T 506 -42.95 -40.18 86.42
N SER T 507 -44.10 -39.52 86.51
CA SER T 507 -44.71 -38.93 85.32
C SER T 507 -43.81 -37.85 84.71
N ILE T 508 -43.24 -37.00 85.56
CA ILE T 508 -42.33 -35.96 85.08
C ILE T 508 -41.13 -36.59 84.38
N ASP T 509 -40.56 -37.63 84.97
CA ASP T 509 -39.41 -38.30 84.38
C ASP T 509 -39.76 -38.96 83.05
N LYS T 510 -40.95 -39.57 82.97
CA LYS T 510 -41.39 -40.16 81.70
C LYS T 510 -41.54 -39.10 80.61
N PHE T 511 -42.14 -37.96 80.96
CA PHE T 511 -42.28 -36.89 79.97
C PHE T 511 -40.91 -36.39 79.53
N ARG T 512 -39.98 -36.21 80.48
CA ARG T 512 -38.65 -35.74 80.14
C ARG T 512 -37.92 -36.74 79.24
N SER T 513 -38.05 -38.04 79.53
CA SER T 513 -37.40 -39.06 78.71
C SER T 513 -37.98 -39.07 77.29
N SER T 514 -39.30 -38.96 77.17
CA SER T 514 -39.91 -38.90 75.84
C SER T 514 -39.43 -37.67 75.08
N LEU T 515 -39.36 -36.52 75.75
CA LEU T 515 -38.89 -35.31 75.10
C LEU T 515 -37.44 -35.45 74.65
N GLY T 516 -36.60 -36.06 75.49
CA GLY T 516 -35.21 -36.27 75.11
C GLY T 516 -35.06 -37.20 73.92
N ALA T 517 -35.86 -38.27 73.89
CA ALA T 517 -35.83 -39.17 72.74
C ALA T 517 -36.26 -38.46 71.47
N ILE T 518 -37.31 -37.63 71.56
CA ILE T 518 -37.76 -36.87 70.38
C ILE T 518 -36.68 -35.90 69.93
N GLN T 519 -36.01 -35.25 70.88
CA GLN T 519 -34.94 -34.32 70.52
C GLN T 519 -33.79 -35.04 69.84
N ASN T 520 -33.40 -36.21 70.35
CA ASN T 520 -32.32 -36.97 69.74
C ASN T 520 -32.69 -37.40 68.32
N ARG T 521 -33.91 -37.89 68.12
CA ARG T 521 -34.32 -38.29 66.78
C ARG T 521 -34.43 -37.08 65.85
N LEU T 522 -34.81 -35.92 66.38
CA LEU T 522 -34.86 -34.72 65.54
C LEU T 522 -33.46 -34.28 65.13
N ASP T 523 -32.48 -34.41 66.03
CA ASP T 523 -31.10 -34.10 65.66
C ASP T 523 -30.61 -35.08 64.59
N SER T 524 -30.93 -36.36 64.74
CA SER T 524 -30.55 -37.34 63.72
C SER T 524 -31.21 -37.00 62.38
N ALA T 525 -32.48 -36.58 62.41
CA ALA T 525 -33.17 -36.16 61.20
C ALA T 525 -32.48 -34.96 60.56
N VAL T 526 -32.04 -34.00 61.38
CA VAL T 526 -31.32 -32.83 60.87
C VAL T 526 -30.05 -33.27 60.15
N THR T 527 -29.29 -34.18 60.78
CA THR T 527 -28.06 -34.67 60.16
C THR T 527 -28.34 -35.36 58.83
N ASN T 528 -29.38 -36.21 58.81
CA ASN T 528 -29.74 -36.91 57.57
C ASN T 528 -30.17 -35.92 56.49
N LEU T 529 -30.94 -34.90 56.87
CA LEU T 529 -31.39 -33.90 55.91
C LEU T 529 -30.21 -33.12 55.34
N ASN T 530 -29.23 -32.77 56.19
CA ASN T 530 -28.06 -32.06 55.71
C ASN T 530 -27.26 -32.92 54.73
N ASN T 531 -27.08 -34.21 55.06
CA ASN T 531 -26.35 -35.10 54.16
C ASN T 531 -27.07 -35.24 52.82
N THR T 532 -28.40 -35.40 52.87
CA THR T 532 -29.17 -35.54 51.63
C THR T 532 -29.11 -34.26 50.81
N THR T 533 -29.18 -33.10 51.46
CA THR T 533 -29.07 -31.84 50.75
C THR T 533 -27.71 -31.70 50.07
N THR T 534 -26.63 -32.08 50.77
CA THR T 534 -25.31 -32.02 50.17
C THR T 534 -25.21 -32.94 48.95
N ASN T 535 -25.75 -34.17 49.09
CA ASN T 535 -25.68 -35.11 47.97
C ASN T 535 -26.48 -34.61 46.77
N LEU T 536 -27.67 -34.05 47.01
CA LEU T 536 -28.50 -33.56 45.92
C LEU T 536 -27.87 -32.33 45.26
N SER T 537 -27.25 -31.46 46.06
CA SER T 537 -26.53 -30.32 45.48
C SER T 537 -25.36 -30.79 44.62
N GLU T 538 -24.65 -31.82 45.07
CA GLU T 538 -23.57 -32.38 44.27
C GLU T 538 -24.10 -32.96 42.96
N ALA T 539 -25.24 -33.65 43.01
CA ALA T 539 -25.83 -34.19 41.78
C ALA T 539 -26.24 -33.09 40.82
N GLN T 540 -26.84 -32.01 41.35
CA GLN T 540 -27.22 -30.89 40.51
C GLN T 540 -25.98 -30.23 39.89
N SER T 541 -24.90 -30.12 40.66
CA SER T 541 -23.65 -29.59 40.12
C SER T 541 -23.10 -30.47 39.01
N ARG T 542 -23.20 -31.79 39.18
CA ARG T 542 -22.79 -32.71 38.12
C ARG T 542 -23.61 -32.48 36.85
N ILE T 543 -24.93 -32.33 37.00
CA ILE T 543 -25.80 -32.18 35.84
C ILE T 543 -25.52 -30.87 35.12
N GLN T 544 -25.47 -29.77 35.87
CA GLN T 544 -25.28 -28.44 35.32
C GLN T 544 -23.79 -28.08 35.32
N ASP T 545 -23.47 -26.80 35.16
CA ASP T 545 -22.10 -26.28 35.27
C ASP T 545 -21.14 -26.89 34.25
N ALA T 546 -21.35 -26.55 32.97
CA ALA T 546 -20.44 -26.96 31.91
C ALA T 546 -19.00 -26.57 32.23
N ASP T 547 -18.06 -27.26 31.62
CA ASP T 547 -16.64 -27.09 31.92
C ASP T 547 -16.12 -25.81 31.27
N TYR T 548 -15.58 -24.91 32.09
CA TYR T 548 -15.08 -23.64 31.58
C TYR T 548 -13.92 -23.84 30.62
N ALA T 549 -13.04 -24.82 30.87
CA ALA T 549 -11.93 -25.06 29.96
C ALA T 549 -12.43 -25.47 28.57
N THR T 550 -13.39 -26.39 28.53
CA THR T 550 -13.96 -26.82 27.25
C THR T 550 -14.67 -25.67 26.55
N GLU T 551 -15.42 -24.86 27.30
CA GLU T 551 -16.12 -23.73 26.68
C GLU T 551 -15.14 -22.68 26.15
N VAL T 552 -14.04 -22.44 26.87
CA VAL T 552 -13.04 -21.48 26.41
C VAL T 552 -12.36 -22.01 25.15
N SER T 553 -12.04 -23.30 25.11
CA SER T 553 -11.49 -23.89 23.90
C SER T 553 -12.47 -23.75 22.73
N ASN T 554 -13.76 -23.98 23.00
CA ASN T 554 -14.78 -23.85 21.96
C ASN T 554 -14.85 -22.43 21.44
N MET T 555 -14.84 -21.43 22.32
CA MET T 555 -14.92 -20.05 21.84
C MET T 555 -13.65 -19.65 21.10
N SER T 556 -12.48 -20.13 21.54
CA SER T 556 -11.24 -19.81 20.84
C SER T 556 -11.23 -20.39 19.44
N LYS T 557 -11.63 -21.67 19.31
CA LYS T 557 -11.68 -22.27 17.97
C LYS T 557 -12.75 -21.62 17.11
N ALA T 558 -13.88 -21.23 17.71
CA ALA T 558 -14.93 -20.56 16.95
C ALA T 558 -14.46 -19.21 16.44
N GLN T 559 -13.76 -18.44 17.28
CA GLN T 559 -13.24 -17.15 16.85
C GLN T 559 -12.18 -17.32 15.76
N ILE T 560 -11.32 -18.32 15.90
CA ILE T 560 -10.32 -18.57 14.87
C ILE T 560 -10.98 -18.94 13.54
N ILE T 561 -12.01 -19.80 13.60
CA ILE T 561 -12.71 -20.18 12.38
C ILE T 561 -13.45 -18.98 11.80
N GLN T 562 -13.98 -18.11 12.65
CA GLN T 562 -14.67 -16.91 12.16
C GLN T 562 -13.70 -15.98 11.46
N GLN T 563 -12.50 -15.78 12.02
CA GLN T 563 -11.51 -14.93 11.39
C GLN T 563 -11.04 -15.52 10.06
N ALA T 564 -10.80 -16.84 10.03
CA ALA T 564 -10.40 -17.48 8.78
C ALA T 564 -11.50 -17.37 7.72
N GLY T 565 -12.76 -17.56 8.14
CA GLY T 565 -13.87 -17.43 7.21
C GLY T 565 -14.04 -16.01 6.71
N ASN T 566 -13.80 -15.03 7.57
CA ASN T 566 -13.85 -13.64 7.14
C ASN T 566 -12.76 -13.33 6.13
N SER T 567 -11.55 -13.85 6.37
CA SER T 567 -10.47 -13.66 5.41
C SER T 567 -10.78 -14.31 4.06
N VAL T 568 -11.32 -15.54 4.09
CA VAL T 568 -11.67 -16.22 2.86
C VAL T 568 -12.82 -15.50 2.16
N LEU T 569 -13.77 -14.97 2.93
CA LEU T 569 -14.86 -14.20 2.36
C LEU T 569 -14.36 -12.94 1.68
N ALA T 570 -13.39 -12.25 2.30
CA ALA T 570 -12.80 -11.08 1.67
C ALA T 570 -12.06 -11.46 0.39
N LYS T 571 -11.33 -12.58 0.43
CA LYS T 571 -10.60 -13.02 -0.77
C LYS T 571 -11.57 -13.38 -1.90
N ALA T 572 -12.69 -13.99 -1.57
CA ALA T 572 -13.71 -14.30 -2.57
C ALA T 572 -14.40 -13.03 -3.07
N ASN T 573 -14.68 -12.09 -2.16
CA ASN T 573 -15.23 -10.79 -2.53
C ASN T 573 -14.26 -9.96 -3.33
N GLN T 574 -12.98 -10.35 -3.38
CA GLN T 574 -12.10 -9.86 -4.43
C GLN T 574 -12.52 -10.57 -5.71
N VAL T 575 -13.73 -10.26 -6.15
CA VAL T 575 -14.41 -10.93 -7.26
C VAL T 575 -13.69 -10.59 -8.56
N PRO T 576 -13.84 -11.41 -9.62
CA PRO T 576 -12.98 -11.27 -10.80
C PRO T 576 -12.98 -9.89 -11.42
N GLN T 577 -11.82 -9.23 -11.38
CA GLN T 577 -11.55 -8.06 -12.19
C GLN T 577 -10.71 -8.38 -13.41
N GLN T 578 -10.26 -9.64 -13.54
CA GLN T 578 -9.62 -10.07 -14.76
C GLN T 578 -10.57 -10.02 -15.94
N VAL T 579 -11.88 -10.14 -15.70
CA VAL T 579 -12.85 -9.94 -16.77
C VAL T 579 -12.83 -8.49 -17.24
N LEU T 580 -12.75 -7.54 -16.31
CA LEU T 580 -12.61 -6.14 -16.67
C LEU T 580 -11.32 -5.91 -17.44
N SER T 581 -10.23 -6.58 -17.01
CA SER T 581 -8.97 -6.48 -17.74
C SER T 581 -9.10 -7.03 -19.16
N LEU T 582 -9.82 -8.13 -19.33
CA LEU T 582 -10.06 -8.69 -20.66
C LEU T 582 -10.93 -7.78 -21.51
N LEU T 583 -11.77 -6.97 -20.86
CA LEU T 583 -12.76 -6.18 -21.60
C LEU T 583 -12.10 -5.23 -22.59
N GLN T 584 -11.06 -4.51 -22.16
CA GLN T 584 -10.43 -3.55 -23.07
C GLN T 584 -9.48 -4.21 -24.07
N GLY T 585 -9.21 -5.50 -23.92
CA GLY T 585 -8.34 -6.21 -24.85
C GLY T 585 -8.97 -6.39 -26.22
N MET U 1 25.54 2.00 0.33
CA MET U 1 24.24 1.36 0.45
C MET U 1 23.47 1.40 -0.86
N ALA U 2 23.23 2.61 -1.38
CA ALA U 2 22.48 2.75 -2.62
C ALA U 2 23.20 2.10 -3.79
N GLN U 3 24.53 2.17 -3.81
CA GLN U 3 25.31 1.69 -4.95
C GLN U 3 25.59 0.19 -4.90
N VAL U 4 25.46 -0.45 -3.73
CA VAL U 4 25.82 -1.85 -3.55
C VAL U 4 24.65 -2.61 -2.95
N ILE U 5 24.36 -3.79 -3.51
CA ILE U 5 23.32 -4.66 -2.98
C ILE U 5 23.81 -6.08 -2.73
N ASN U 6 24.99 -6.46 -3.24
CA ASN U 6 25.47 -7.82 -3.03
C ASN U 6 26.00 -8.05 -1.62
N THR U 7 26.48 -7.00 -0.97
CA THR U 7 27.01 -7.09 0.38
C THR U 7 26.35 -6.02 1.24
N ASN U 8 26.52 -6.15 2.56
CA ASN U 8 26.01 -5.15 3.49
C ASN U 8 27.07 -4.96 4.58
N SER U 9 27.87 -3.91 4.43
CA SER U 9 28.88 -3.58 5.43
C SER U 9 28.23 -3.26 6.77
N LEU U 10 27.11 -2.56 6.77
CA LEU U 10 26.40 -2.27 8.00
C LEU U 10 25.95 -3.55 8.68
N SER U 11 25.42 -4.50 7.91
CA SER U 11 24.99 -5.77 8.49
C SER U 11 26.18 -6.54 9.07
N LEU U 12 27.31 -6.54 8.38
CA LEU U 12 28.50 -7.22 8.92
C LEU U 12 28.96 -6.58 10.22
N ILE U 13 28.99 -5.25 10.28
CA ILE U 13 29.42 -4.56 11.50
C ILE U 13 28.44 -4.84 12.64
N THR U 14 27.14 -4.81 12.35
CA THR U 14 26.15 -5.10 13.38
C THR U 14 26.27 -6.52 13.89
N GLN U 15 26.50 -7.48 12.99
CA GLN U 15 26.67 -8.87 13.43
C GLN U 15 27.91 -9.02 14.30
N ASN U 16 29.01 -8.36 13.94
CA ASN U 16 30.21 -8.42 14.76
C ASN U 16 29.96 -7.84 16.14
N ASN U 17 29.29 -6.69 16.20
CA ASN U 17 29.00 -6.07 17.50
C ASN U 17 28.06 -6.94 18.32
N ILE U 18 27.07 -7.56 17.68
CA ILE U 18 26.14 -8.43 18.39
C ILE U 18 26.88 -9.64 18.96
N ASN U 19 27.79 -10.22 18.20
CA ASN U 19 28.59 -11.34 18.71
C ASN U 19 29.45 -10.90 19.90
N LYS U 20 30.08 -9.72 19.78
CA LYS U 20 30.91 -9.22 20.87
C LYS U 20 30.10 -9.01 22.14
N ASN U 21 28.89 -8.45 22.01
CA ASN U 21 28.04 -8.26 23.18
C ASN U 21 27.50 -9.58 23.72
N GLN U 22 27.22 -10.53 22.82
CA GLN U 22 26.69 -11.83 23.23
C GLN U 22 27.70 -12.61 24.03
N SER U 23 28.99 -12.49 23.69
CA SER U 23 30.03 -13.14 24.48
C SER U 23 29.97 -12.68 25.95
N ALA U 24 29.93 -11.36 26.17
CA ALA U 24 29.87 -10.84 27.52
C ALA U 24 28.55 -11.19 28.19
N LEU U 25 27.46 -11.18 27.44
CA LEU U 25 26.16 -11.53 28.02
C LEU U 25 26.15 -12.97 28.51
N SER U 26 26.68 -13.90 27.71
CA SER U 26 26.77 -15.30 28.11
C SER U 26 27.69 -15.46 29.32
N SER U 27 28.81 -14.72 29.32
CA SER U 27 29.72 -14.80 30.47
C SER U 27 29.02 -14.35 31.75
N SER U 28 28.31 -13.22 31.69
CA SER U 28 27.60 -12.73 32.87
C SER U 28 26.50 -13.70 33.30
N ILE U 29 25.77 -14.27 32.34
CA ILE U 29 24.70 -15.19 32.67
C ILE U 29 25.26 -16.43 33.38
N GLU U 30 26.35 -16.98 32.85
CA GLU U 30 26.92 -18.18 33.47
C GLU U 30 27.54 -17.86 34.83
N ARG U 31 28.14 -16.68 34.98
CA ARG U 31 28.67 -16.29 36.28
C ARG U 31 27.57 -16.17 37.32
N LEU U 32 26.43 -15.57 36.94
CA LEU U 32 25.31 -15.48 37.87
C LEU U 32 24.71 -16.84 38.17
N SER U 33 24.64 -17.72 37.17
CA SER U 33 24.09 -19.05 37.39
C SER U 33 24.97 -19.83 38.37
N SER U 34 26.29 -19.73 38.22
CA SER U 34 27.18 -20.48 39.09
C SER U 34 27.28 -19.86 40.47
N GLY U 35 27.29 -18.53 40.56
CA GLY U 35 27.49 -17.87 41.83
C GLY U 35 28.92 -17.79 42.28
N LEU U 36 29.87 -17.85 41.36
CA LEU U 36 31.30 -17.82 41.67
C LEU U 36 32.00 -16.80 40.79
N ARG U 37 32.99 -16.12 41.36
CA ARG U 37 33.77 -15.15 40.59
C ARG U 37 34.57 -15.84 39.50
N ILE U 38 35.21 -16.96 39.83
CA ILE U 38 36.02 -17.72 38.90
C ILE U 38 35.23 -18.95 38.48
N ASN U 39 34.90 -19.04 37.20
CA ASN U 39 34.16 -20.18 36.65
C ASN U 39 34.93 -20.74 35.48
N SER U 40 35.17 -22.06 35.51
CA SER U 40 35.83 -22.80 34.45
C SER U 40 37.22 -22.24 34.12
N ALA U 41 37.80 -21.43 35.02
CA ALA U 41 39.14 -20.89 34.88
C ALA U 41 39.33 -20.12 33.57
N LYS U 42 38.31 -19.38 33.12
CA LYS U 42 38.45 -18.57 31.93
C LYS U 42 39.11 -17.23 32.23
N ASP U 43 39.73 -17.12 33.39
CA ASP U 43 40.35 -15.89 33.88
C ASP U 43 41.64 -16.27 34.59
N ASP U 44 42.17 -15.37 35.41
CA ASP U 44 43.40 -15.61 36.16
C ASP U 44 43.33 -16.94 36.92
N ALA U 45 44.16 -17.90 36.52
CA ALA U 45 44.16 -19.23 37.11
C ALA U 45 44.82 -19.27 38.48
N ALA U 46 45.58 -18.22 38.83
CA ALA U 46 46.13 -18.14 40.18
C ALA U 46 45.02 -18.11 41.21
N GLY U 47 43.92 -17.41 40.93
CA GLY U 47 42.79 -17.42 41.83
C GLY U 47 42.19 -18.80 42.02
N GLN U 48 42.05 -19.55 40.92
CA GLN U 48 41.54 -20.92 41.02
C GLN U 48 42.47 -21.79 41.86
N ALA U 49 43.78 -21.68 41.62
CA ALA U 49 44.73 -22.49 42.38
C ALA U 49 44.70 -22.14 43.86
N ILE U 50 44.64 -20.85 44.19
CA ILE U 50 44.59 -20.44 45.59
C ILE U 50 43.28 -20.88 46.24
N ALA U 51 42.18 -20.84 45.49
CA ALA U 51 40.91 -21.32 46.02
C ALA U 51 40.96 -22.82 46.31
N ASN U 52 41.58 -23.58 45.41
CA ASN U 52 41.75 -25.02 45.65
C ASN U 52 42.59 -25.27 46.90
N ARG U 53 43.68 -24.52 47.05
CA ARG U 53 44.53 -24.67 48.24
C ARG U 53 43.76 -24.32 49.51
N PHE U 54 42.96 -23.25 49.47
CA PHE U 54 42.18 -22.85 50.64
C PHE U 54 41.15 -23.92 50.99
N THR U 55 40.47 -24.49 49.98
CA THR U 55 39.50 -25.54 50.25
C THR U 55 40.16 -26.76 50.87
N SER U 56 41.31 -27.16 50.34
CA SER U 56 42.05 -28.29 50.92
C SER U 56 42.44 -28.02 52.36
N ASN U 57 42.95 -26.81 52.63
CA ASN U 57 43.36 -26.46 53.99
C ASN U 57 42.18 -26.46 54.94
N ILE U 58 41.04 -25.91 54.50
CA ILE U 58 39.85 -25.87 55.35
C ILE U 58 39.38 -27.28 55.70
N LYS U 59 39.32 -28.15 54.68
CA LYS U 59 38.91 -29.53 54.94
C LYS U 59 39.87 -30.22 55.92
N GLY U 60 41.18 -30.04 55.71
CA GLY U 60 42.14 -30.63 56.62
C GLY U 60 42.02 -30.13 58.04
N LEU U 61 41.81 -28.81 58.20
CA LEU U 61 41.68 -28.24 59.53
C LEU U 61 40.42 -28.75 60.22
N THR U 62 39.30 -28.85 59.50
CA THR U 62 38.08 -29.36 60.09
C THR U 62 38.25 -30.81 60.54
N GLN U 63 38.87 -31.63 59.69
CA GLN U 63 39.08 -33.03 60.06
C GLN U 63 40.02 -33.15 61.26
N ALA U 64 41.06 -32.31 61.30
CA ALA U 64 41.96 -32.32 62.44
C ALA U 64 41.25 -31.91 63.72
N ALA U 65 40.32 -30.94 63.62
CA ALA U 65 39.53 -30.56 64.79
C ALA U 65 38.67 -31.72 65.28
N ARG U 66 38.06 -32.46 64.35
CA ARG U 66 37.29 -33.64 64.73
C ARG U 66 38.17 -34.68 65.42
N ASN U 67 39.36 -34.91 64.88
CA ASN U 67 40.29 -35.87 65.49
C ASN U 67 40.71 -35.41 66.89
N ALA U 68 40.94 -34.12 67.07
CA ALA U 68 41.29 -33.59 68.38
C ALA U 68 40.14 -33.76 69.36
N ASN U 69 38.90 -33.58 68.89
CA ASN U 69 37.74 -33.85 69.76
C ASN U 69 37.71 -35.31 70.19
N ASP U 70 38.00 -36.22 69.26
CA ASP U 70 38.07 -37.64 69.63
C ASP U 70 39.16 -37.88 70.67
N GLY U 71 40.31 -37.23 70.51
CA GLY U 71 41.38 -37.35 71.51
C GLY U 71 40.96 -36.81 72.86
N ILE U 72 40.20 -35.71 72.87
CA ILE U 72 39.68 -35.17 74.13
C ILE U 72 38.76 -36.18 74.80
N SER U 73 37.91 -36.85 74.02
CA SER U 73 37.05 -37.89 74.59
C SER U 73 37.88 -39.03 75.19
N VAL U 74 38.93 -39.44 74.47
CA VAL U 74 39.81 -40.50 74.98
C VAL U 74 40.44 -40.06 76.31
N ALA U 75 40.91 -38.82 76.37
CA ALA U 75 41.50 -38.30 77.60
C ALA U 75 40.50 -38.28 78.73
N GLN U 76 39.25 -37.90 78.45
CA GLN U 76 38.21 -37.89 79.47
C GLN U 76 37.98 -39.29 80.03
N THR U 77 37.89 -40.29 79.16
CA THR U 77 37.69 -41.66 79.61
C THR U 77 38.86 -42.13 80.48
N THR U 78 40.08 -41.86 80.02
CA THR U 78 41.26 -42.28 80.78
C THR U 78 41.32 -41.58 82.13
N GLU U 79 40.98 -40.29 82.18
CA GLU U 79 40.98 -39.57 83.44
C GLU U 79 39.93 -40.11 84.40
N GLY U 80 38.75 -40.49 83.89
CA GLY U 80 37.76 -41.12 84.76
C GLY U 80 38.25 -42.43 85.34
N ALA U 81 38.89 -43.25 84.50
CA ALA U 81 39.45 -44.50 84.99
C ALA U 81 40.52 -44.25 86.07
N LEU U 82 41.38 -43.26 85.84
CA LEU U 82 42.41 -42.93 86.82
C LEU U 82 41.79 -42.43 88.13
N SER U 83 40.70 -41.64 88.03
CA SER U 83 40.03 -41.18 89.24
C SER U 83 39.45 -42.34 90.04
N GLU U 84 38.84 -43.31 89.34
CA GLU U 84 38.33 -44.49 90.04
C GLU U 84 39.46 -45.26 90.72
N ILE U 85 40.59 -45.42 90.01
CA ILE U 85 41.73 -46.12 90.61
C ILE U 85 42.24 -45.37 91.83
N ASN U 86 42.29 -44.04 91.76
CA ASN U 86 42.75 -43.24 92.89
C ASN U 86 41.82 -43.38 94.09
N ASN U 87 40.51 -43.39 93.85
CA ASN U 87 39.57 -43.59 94.96
C ASN U 87 39.75 -44.96 95.60
N ASN U 88 39.92 -46.00 94.78
CA ASN U 88 40.18 -47.33 95.34
C ASN U 88 41.47 -47.36 96.14
N LEU U 89 42.51 -46.69 95.65
CA LEU U 89 43.78 -46.65 96.37
C LEU U 89 43.64 -45.92 97.70
N GLN U 90 42.85 -44.84 97.72
CA GLN U 90 42.61 -44.13 98.98
C GLN U 90 41.89 -45.03 99.98
N ARG U 91 40.89 -45.78 99.52
CA ARG U 91 40.20 -46.70 100.43
C ARG U 91 41.14 -47.78 100.93
N ILE U 92 42.02 -48.29 100.07
CA ILE U 92 43.00 -49.29 100.50
C ILE U 92 43.94 -48.70 101.54
N ARG U 93 44.35 -47.43 101.34
CA ARG U 93 45.18 -46.77 102.34
C ARG U 93 44.46 -46.65 103.68
N GLU U 94 43.18 -46.31 103.66
CA GLU U 94 42.41 -46.23 104.91
C GLU U 94 42.35 -47.59 105.59
N LEU U 95 42.13 -48.65 104.80
CA LEU U 95 42.10 -50.01 105.37
C LEU U 95 43.45 -50.36 105.99
N THR U 96 44.55 -50.02 105.30
CA THR U 96 45.88 -50.31 105.85
C THR U 96 46.12 -49.53 107.14
N VAL U 97 45.69 -48.27 107.19
CA VAL U 97 45.87 -47.46 108.39
C VAL U 97 45.10 -48.07 109.56
N GLN U 98 43.86 -48.51 109.32
CA GLN U 98 43.10 -49.13 110.39
C GLN U 98 43.67 -50.51 110.75
N ALA U 99 44.37 -51.17 109.83
CA ALA U 99 44.97 -52.47 110.11
C ALA U 99 46.24 -52.36 110.93
N THR U 100 47.01 -51.29 110.75
CA THR U 100 48.31 -51.18 111.41
C THR U 100 48.21 -51.13 112.93
N THR U 101 47.03 -50.87 113.50
CA THR U 101 46.89 -50.88 114.94
C THR U 101 47.12 -52.28 115.49
N GLY U 102 47.86 -52.36 116.60
CA GLY U 102 48.18 -53.64 117.21
C GLY U 102 47.07 -54.24 118.04
N THR U 103 45.99 -53.49 118.28
CA THR U 103 44.88 -54.03 119.05
C THR U 103 44.12 -55.10 118.26
N ASN U 104 44.06 -54.96 116.94
CA ASN U 104 43.33 -55.91 116.10
C ASN U 104 43.95 -57.31 116.21
N SER U 105 43.10 -58.32 116.23
CA SER U 105 43.53 -59.70 116.40
C SER U 105 43.80 -60.33 115.03
N ASP U 106 44.11 -61.63 115.04
CA ASP U 106 44.43 -62.33 113.80
C ASP U 106 43.22 -62.37 112.86
N SER U 107 42.02 -62.59 113.40
CA SER U 107 40.83 -62.61 112.56
C SER U 107 40.56 -61.25 111.93
N ASP U 108 40.73 -60.18 112.70
CA ASP U 108 40.55 -58.83 112.16
C ASP U 108 41.57 -58.54 111.07
N LEU U 109 42.84 -58.93 111.30
CA LEU U 109 43.87 -58.73 110.30
C LEU U 109 43.55 -59.52 109.03
N ASP U 110 43.07 -60.75 109.19
CA ASP U 110 42.72 -61.56 108.03
C ASP U 110 41.57 -60.94 107.25
N SER U 111 40.56 -60.42 107.95
CA SER U 111 39.44 -59.77 107.26
C SER U 111 39.89 -58.53 106.53
N ILE U 112 40.74 -57.71 107.15
CA ILE U 112 41.23 -56.50 106.49
C ILE U 112 42.07 -56.86 105.27
N GLN U 113 42.91 -57.88 105.39
CA GLN U 113 43.70 -58.34 104.26
C GLN U 113 42.82 -58.86 103.14
N ASP U 114 41.74 -59.57 103.46
CA ASP U 114 40.81 -60.03 102.44
C ASP U 114 40.17 -58.86 101.72
N GLU U 115 39.75 -57.84 102.47
CA GLU U 115 39.17 -56.65 101.84
C GLU U 115 40.17 -55.95 100.95
N ILE U 116 41.42 -55.81 101.41
CA ILE U 116 42.44 -55.14 100.62
C ILE U 116 42.75 -55.94 99.35
N LYS U 117 42.82 -57.26 99.46
CA LYS U 117 43.05 -58.10 98.29
C LYS U 117 41.90 -57.99 97.30
N SER U 118 40.66 -57.96 97.80
CA SER U 118 39.51 -57.79 96.92
C SER U 118 39.56 -56.46 96.19
N ARG U 119 39.94 -55.38 96.89
CA ARG U 119 40.01 -54.08 96.24
C ARG U 119 41.18 -54.00 95.26
N LEU U 120 42.30 -54.66 95.56
CA LEU U 120 43.39 -54.74 94.60
C LEU U 120 42.96 -55.50 93.34
N ASP U 121 42.20 -56.59 93.53
CA ASP U 121 41.67 -57.32 92.38
C ASP U 121 40.73 -56.44 91.57
N GLU U 122 39.92 -55.62 92.25
CA GLU U 122 39.04 -54.69 91.55
C GLU U 122 39.84 -53.67 90.74
N ILE U 123 40.92 -53.15 91.33
CA ILE U 123 41.78 -52.21 90.61
C ILE U 123 42.38 -52.87 89.38
N ASP U 124 42.88 -54.09 89.54
CA ASP U 124 43.47 -54.81 88.40
C ASP U 124 42.44 -55.06 87.32
N ARG U 125 41.22 -55.45 87.71
CA ARG U 125 40.15 -55.68 86.74
C ARG U 125 39.81 -54.41 85.99
N VAL U 126 39.68 -53.29 86.70
CA VAL U 126 39.34 -52.02 86.05
C VAL U 126 40.44 -51.62 85.07
N SER U 127 41.70 -51.73 85.50
CA SER U 127 42.82 -51.36 84.63
C SER U 127 42.87 -52.24 83.40
N GLY U 128 42.67 -53.55 83.58
CA GLY U 128 42.73 -54.47 82.45
C GLY U 128 41.59 -54.28 81.46
N GLN U 129 40.38 -54.06 81.97
CA GLN U 129 39.20 -54.00 81.11
C GLN U 129 38.83 -52.59 80.67
N THR U 130 39.57 -51.56 81.11
CA THR U 130 39.34 -50.22 80.59
C THR U 130 39.73 -50.19 79.11
N GLN U 131 38.77 -49.83 78.26
CA GLN U 131 38.94 -49.91 76.82
C GLN U 131 38.16 -48.80 76.14
N PHE U 132 38.76 -48.23 75.08
CA PHE U 132 38.10 -47.24 74.24
C PHE U 132 38.34 -47.62 72.79
N ASN U 133 37.26 -47.87 72.05
CA ASN U 133 37.31 -48.20 70.63
C ASN U 133 38.22 -49.42 70.38
N GLY U 134 38.12 -50.41 71.26
CA GLY U 134 38.90 -51.62 71.11
C GLY U 134 40.35 -51.51 71.50
N VAL U 135 40.76 -50.42 72.14
CA VAL U 135 42.14 -50.19 72.53
C VAL U 135 42.21 -50.09 74.05
N ASN U 136 43.08 -50.90 74.66
CA ASN U 136 43.26 -50.89 76.10
C ASN U 136 44.25 -49.79 76.46
N VAL U 137 43.74 -48.66 76.94
CA VAL U 137 44.59 -47.52 77.23
C VAL U 137 45.49 -47.80 78.43
N LEU U 138 44.97 -48.51 79.43
CA LEU U 138 45.69 -48.73 80.68
C LEU U 138 46.48 -50.03 80.70
N ALA U 139 46.52 -50.76 79.59
CA ALA U 139 47.26 -52.01 79.51
C ALA U 139 48.55 -51.89 78.71
N LYS U 140 48.80 -50.75 78.07
CA LYS U 140 49.99 -50.53 77.26
C LYS U 140 50.71 -49.28 77.73
N ASP U 141 52.00 -49.21 77.38
CA ASP U 141 52.86 -48.10 77.78
C ASP U 141 53.32 -47.28 76.57
N GLY U 142 52.57 -47.29 75.48
CA GLY U 142 52.95 -46.62 74.26
C GLY U 142 52.48 -45.18 74.18
N SER U 143 52.33 -44.71 72.94
CA SER U 143 51.86 -43.36 72.70
C SER U 143 50.95 -43.36 71.48
N MET U 144 50.02 -42.42 71.46
CA MET U 144 49.06 -42.25 70.38
C MET U 144 49.26 -40.88 69.74
N LYS U 145 49.35 -40.85 68.41
CA LYS U 145 49.56 -39.63 67.66
C LYS U 145 48.25 -39.19 67.03
N ILE U 146 47.84 -37.95 67.30
CA ILE U 146 46.60 -37.40 66.79
C ILE U 146 46.93 -36.26 65.84
N GLN U 147 46.37 -36.33 64.63
CA GLN U 147 46.62 -35.31 63.62
C GLN U 147 45.93 -34.01 64.01
N VAL U 148 46.71 -32.96 64.18
CA VAL U 148 46.17 -31.65 64.56
C VAL U 148 46.34 -30.60 63.47
N GLY U 149 47.36 -30.70 62.62
CA GLY U 149 47.51 -29.82 61.48
C GLY U 149 47.08 -30.48 60.18
N ALA U 150 47.18 -29.70 59.11
CA ALA U 150 46.82 -30.18 57.78
C ALA U 150 48.01 -30.71 56.99
N ASN U 151 49.22 -30.57 57.50
CA ASN U 151 50.42 -31.01 56.80
C ASN U 151 51.04 -32.22 57.49
N ASP U 152 52.10 -32.76 56.88
CA ASP U 152 52.78 -33.91 57.45
C ASP U 152 53.54 -33.53 58.71
N GLY U 153 53.51 -34.43 59.70
CA GLY U 153 54.24 -34.23 60.93
C GLY U 153 53.61 -33.27 61.91
N GLU U 154 52.42 -32.76 61.63
CA GLU U 154 51.74 -31.80 62.51
C GLU U 154 50.75 -32.57 63.38
N THR U 155 51.29 -33.30 64.34
CA THR U 155 50.52 -34.14 65.23
C THR U 155 50.87 -33.85 66.69
N ILE U 156 50.03 -34.34 67.59
CA ILE U 156 50.24 -34.24 69.03
C ILE U 156 50.23 -35.64 69.62
N THR U 157 51.19 -35.92 70.50
CA THR U 157 51.38 -37.24 71.07
C THR U 157 50.82 -37.30 72.49
N ILE U 158 50.03 -38.33 72.77
CA ILE U 158 49.51 -38.62 74.11
C ILE U 158 50.17 -39.90 74.58
N ASP U 159 50.89 -39.81 75.70
CA ASP U 159 51.58 -40.97 76.26
C ASP U 159 50.66 -41.71 77.22
N LEU U 160 50.70 -43.04 77.18
CA LEU U 160 49.95 -43.88 78.08
C LEU U 160 50.89 -44.64 78.99
N LYS U 161 50.38 -45.02 80.16
CA LYS U 161 51.16 -45.74 81.15
C LYS U 161 50.45 -47.03 81.52
N LYS U 162 51.22 -48.10 81.66
CA LYS U 162 50.68 -49.39 82.09
C LYS U 162 50.56 -49.37 83.61
N ILE U 163 49.33 -49.26 84.11
CA ILE U 163 49.07 -49.13 85.53
C ILE U 163 48.35 -50.38 86.00
N ASP U 164 48.95 -51.08 86.95
CA ASP U 164 48.39 -52.29 87.54
C ASP U 164 49.15 -52.59 88.82
N SER U 165 48.91 -53.78 89.39
CA SER U 165 49.67 -54.18 90.57
C SER U 165 51.15 -54.34 90.26
N ASP U 166 51.48 -54.88 89.10
CA ASP U 166 52.87 -55.14 88.77
C ASP U 166 53.70 -53.86 88.72
N THR U 167 53.15 -52.81 88.12
CA THR U 167 53.89 -51.55 87.98
C THR U 167 53.80 -50.64 89.20
N LEU U 168 52.94 -50.96 90.16
CA LEU U 168 52.82 -50.16 91.38
C LEU U 168 53.23 -50.93 92.63
N GLY U 169 53.78 -52.13 92.47
CA GLY U 169 54.16 -52.91 93.63
C GLY U 169 52.93 -53.44 94.35
N LEU U 170 53.00 -53.46 95.68
CA LEU U 170 51.87 -53.88 96.51
C LEU U 170 51.45 -55.32 96.22
N ASN U 171 52.28 -56.06 95.48
CA ASN U 171 51.93 -57.43 95.11
C ASN U 171 51.76 -58.30 96.35
N GLY U 172 52.83 -58.47 97.12
CA GLY U 172 52.75 -59.15 98.39
C GLY U 172 52.48 -58.19 99.52
N PHE U 173 51.27 -57.60 99.54
CA PHE U 173 50.96 -56.60 100.56
C PHE U 173 51.05 -57.20 101.97
N ASN U 174 50.49 -58.38 102.16
CA ASN U 174 50.75 -59.21 103.35
C ASN U 174 50.41 -58.47 104.64
N VAL U 175 49.20 -57.90 104.72
CA VAL U 175 48.75 -57.29 105.96
C VAL U 175 48.69 -58.33 107.07
N ASN U 176 48.12 -59.50 106.78
CA ASN U 176 48.08 -60.60 107.72
C ASN U 176 49.31 -61.50 107.66
N GLY U 177 50.18 -61.30 106.67
CA GLY U 177 51.38 -62.11 106.54
C GLY U 177 51.22 -63.39 105.76
N LYS U 178 50.18 -63.51 104.94
CA LYS U 178 49.93 -64.72 104.16
C LYS U 178 49.71 -64.31 102.71
N GLY U 179 50.56 -64.81 101.81
CA GLY U 179 50.44 -64.48 100.41
C GLY U 179 51.47 -65.21 99.58
N THR U 180 51.54 -64.84 98.31
CA THR U 180 52.47 -65.41 97.35
C THR U 180 53.41 -64.33 96.83
N ILE U 181 54.53 -64.77 96.26
CA ILE U 181 55.58 -63.84 95.82
C ILE U 181 55.87 -64.03 94.34
N THR U 182 55.64 -65.24 93.82
CA THR U 182 56.03 -65.61 92.46
C THR U 182 57.50 -65.28 92.22
N ASN U 183 58.34 -65.96 92.99
CA ASN U 183 59.73 -65.59 93.22
C ASN U 183 60.56 -65.20 91.99
N LYS U 184 60.80 -66.12 91.07
CA LYS U 184 61.73 -65.88 89.97
C LYS U 184 61.78 -67.13 89.09
N ALA U 185 62.44 -67.01 87.94
CA ALA U 185 62.72 -68.12 87.05
C ALA U 185 64.23 -68.32 86.97
N ALA U 186 64.66 -69.58 87.05
CA ALA U 186 66.09 -69.90 87.11
C ALA U 186 66.75 -69.62 85.75
N THR U 187 68.09 -69.60 85.78
CA THR U 187 68.89 -69.36 84.59
C THR U 187 70.22 -70.12 84.71
N VAL U 188 71.02 -70.04 83.64
CA VAL U 188 72.29 -70.75 83.61
C VAL U 188 73.25 -70.18 84.66
N SER U 189 73.21 -68.87 84.89
CA SER U 189 74.03 -68.27 85.93
C SER U 189 73.64 -68.78 87.30
N ASP U 190 72.33 -68.90 87.55
CA ASP U 190 71.87 -69.47 88.83
C ASP U 190 72.32 -70.92 88.98
N LEU U 191 72.25 -71.70 87.90
CA LEU U 191 72.70 -73.09 87.96
C LEU U 191 74.20 -73.15 88.26
N THR U 192 74.99 -72.30 87.61
CA THR U 192 76.43 -72.29 87.85
C THR U 192 76.73 -71.90 89.30
N SER U 193 76.02 -70.90 89.82
CA SER U 193 76.19 -70.53 91.21
C SER U 193 75.83 -71.67 92.15
N ALA U 194 74.74 -72.38 91.84
CA ALA U 194 74.35 -73.54 92.64
C ALA U 194 75.34 -74.70 92.51
N GLY U 195 76.14 -74.74 91.46
CA GLY U 195 77.17 -75.75 91.30
C GLY U 195 76.93 -76.80 90.23
N ALA U 196 75.94 -76.61 89.38
CA ALA U 196 75.68 -77.57 88.31
C ALA U 196 76.85 -77.60 87.33
N LYS U 197 77.17 -78.81 86.85
CA LYS U 197 78.27 -79.02 85.92
C LYS U 197 77.71 -79.35 84.54
N LEU U 198 78.32 -78.77 83.51
CA LEU U 198 77.91 -79.06 82.15
C LEU U 198 78.47 -80.41 81.71
N ASN U 199 77.62 -81.24 81.12
CA ASN U 199 78.03 -82.54 80.60
C ASN U 199 78.42 -82.36 79.14
N THR U 200 79.70 -82.59 78.82
CA THR U 200 80.20 -82.31 77.48
C THR U 200 79.55 -83.22 76.44
N THR U 201 79.37 -84.50 76.77
CA THR U 201 78.87 -85.44 75.77
C THR U 201 77.40 -85.21 75.43
N THR U 202 76.61 -84.69 76.37
CA THR U 202 75.18 -84.47 76.15
C THR U 202 74.78 -83.01 76.07
N GLY U 203 75.56 -82.10 76.63
CA GLY U 203 75.23 -80.69 76.61
C GLY U 203 74.29 -80.23 77.71
N LEU U 204 73.79 -81.14 78.53
CA LEU U 204 72.89 -80.78 79.62
C LEU U 204 73.67 -80.27 80.82
N TYR U 205 72.94 -79.78 81.81
CA TYR U 205 73.51 -79.36 83.09
C TYR U 205 73.06 -80.32 84.17
N ASP U 206 74.02 -80.99 84.81
CA ASP U 206 73.74 -81.96 85.86
C ASP U 206 74.08 -81.36 87.21
N LEU U 207 73.13 -81.42 88.14
CA LEU U 207 73.31 -80.92 89.49
C LEU U 207 73.39 -82.11 90.44
N LYS U 208 74.50 -82.21 91.17
CA LYS U 208 74.74 -83.32 92.08
C LYS U 208 74.73 -82.81 93.51
N THR U 209 73.91 -83.44 94.35
CA THR U 209 73.81 -83.11 95.76
C THR U 209 74.30 -84.29 96.59
N GLU U 210 75.23 -84.04 97.50
CA GLU U 210 75.79 -85.09 98.34
C GLU U 210 74.88 -85.35 99.53
N ASN U 211 75.05 -86.53 100.12
CA ASN U 211 74.22 -86.98 101.22
C ASN U 211 75.11 -87.50 102.34
N THR U 212 74.89 -86.99 103.56
CA THR U 212 75.70 -87.37 104.70
C THR U 212 75.25 -88.71 105.26
N LEU U 213 76.22 -89.58 105.55
CA LEU U 213 75.91 -90.88 106.12
C LEU U 213 75.31 -90.73 107.52
N LEU U 214 74.53 -91.74 107.92
CA LEU U 214 73.85 -91.70 109.21
C LEU U 214 74.87 -91.57 110.34
N THR U 215 74.55 -90.69 111.29
CA THR U 215 75.41 -90.42 112.43
C THR U 215 74.77 -90.91 113.72
N THR U 216 75.60 -91.03 114.76
CA THR U 216 75.12 -91.49 116.04
C THR U 216 74.12 -90.52 116.66
N ASP U 217 74.36 -89.22 116.49
CA ASP U 217 73.44 -88.22 117.02
C ASP U 217 72.08 -88.32 116.35
N ALA U 218 72.06 -88.47 115.02
CA ALA U 218 70.80 -88.62 114.30
C ALA U 218 70.08 -89.91 114.71
N ALA U 219 70.84 -90.99 114.87
CA ALA U 219 70.24 -92.25 115.29
C ALA U 219 69.62 -92.12 116.68
N PHE U 220 70.30 -91.44 117.60
CA PHE U 220 69.75 -91.24 118.93
C PHE U 220 68.53 -90.34 118.90
N ASP U 221 68.53 -89.32 118.04
CA ASP U 221 67.36 -88.46 117.90
C ASP U 221 66.17 -89.24 117.38
N LYS U 222 66.39 -90.14 116.43
CA LYS U 222 65.31 -90.95 115.90
C LYS U 222 65.02 -92.20 116.73
N LEU U 223 65.76 -92.43 117.80
CA LEU U 223 65.47 -93.56 118.68
C LEU U 223 64.07 -93.44 119.27
N GLY U 224 63.38 -94.58 119.34
CA GLY U 224 62.03 -94.63 119.87
C GLY U 224 61.91 -95.65 120.98
N ASN U 225 60.67 -95.77 121.48
CA ASN U 225 60.39 -96.71 122.55
C ASN U 225 60.59 -98.15 122.07
N GLY U 226 61.23 -98.96 122.90
CA GLY U 226 61.49 -100.35 122.58
C GLY U 226 62.69 -100.59 121.69
N ASP U 227 63.44 -99.55 121.33
CA ASP U 227 64.60 -99.73 120.47
C ASP U 227 65.73 -100.44 121.21
N LYS U 228 66.50 -101.24 120.46
CA LYS U 228 67.57 -102.05 121.03
C LYS U 228 68.90 -101.61 120.44
N VAL U 229 69.88 -101.38 121.31
CA VAL U 229 71.22 -100.97 120.91
C VAL U 229 72.21 -102.00 121.42
N THR U 230 73.03 -102.53 120.50
CA THR U 230 74.02 -103.56 120.83
C THR U 230 75.41 -102.98 120.59
N VAL U 231 76.10 -102.64 121.68
CA VAL U 231 77.48 -102.15 121.62
C VAL U 231 78.30 -102.92 122.64
N GLY U 232 79.48 -103.39 122.21
CA GLY U 232 80.34 -104.13 123.10
C GLY U 232 79.78 -105.47 123.55
N GLY U 233 78.83 -106.02 122.81
CA GLY U 233 78.26 -107.31 123.15
C GLY U 233 77.16 -107.29 124.18
N VAL U 234 76.75 -106.12 124.67
CA VAL U 234 75.70 -106.00 125.67
C VAL U 234 74.54 -105.21 125.07
N ASP U 235 73.32 -105.65 125.36
CA ASP U 235 72.12 -105.09 124.77
C ASP U 235 71.48 -104.09 125.71
N TYR U 236 71.13 -102.91 125.19
CA TYR U 236 70.45 -101.86 125.94
C TYR U 236 69.09 -101.63 125.29
N THR U 237 68.07 -101.42 126.12
CA THR U 237 66.72 -101.11 125.63
C THR U 237 66.40 -99.66 125.98
N TYR U 238 66.09 -98.86 124.96
CA TYR U 238 65.79 -97.45 125.17
C TYR U 238 64.41 -97.29 125.78
N ASN U 239 64.29 -96.37 126.74
CA ASN U 239 63.03 -96.01 127.36
C ASN U 239 62.81 -94.53 127.17
N ALA U 240 61.74 -94.17 126.46
CA ALA U 240 61.41 -92.77 126.23
C ALA U 240 60.70 -92.14 127.41
N LYS U 241 60.01 -92.96 128.23
CA LYS U 241 59.33 -92.42 129.40
C LYS U 241 60.32 -91.77 130.36
N SER U 242 61.44 -92.43 130.62
CA SER U 242 62.51 -91.84 131.40
C SER U 242 63.69 -91.39 130.55
N GLY U 243 63.69 -91.71 129.26
CA GLY U 243 64.74 -91.28 128.36
C GLY U 243 66.11 -91.83 128.68
N ASP U 244 66.20 -93.13 128.94
CA ASP U 244 67.47 -93.73 129.35
C ASP U 244 67.46 -95.20 128.93
N PHE U 245 68.64 -95.81 128.94
CA PHE U 245 68.77 -97.20 128.50
C PHE U 245 68.72 -98.13 129.71
N THR U 246 67.86 -99.14 129.63
CA THR U 246 67.77 -100.17 130.64
C THR U 246 68.53 -101.40 130.17
N THR U 247 69.19 -102.06 131.12
CA THR U 247 70.03 -103.22 130.86
C THR U 247 69.65 -104.35 131.79
N THR U 248 69.85 -105.58 131.34
CA THR U 248 69.65 -106.77 132.16
C THR U 248 71.02 -107.41 132.35
N LYS U 249 71.58 -107.26 133.55
CA LYS U 249 72.92 -107.75 133.83
C LYS U 249 72.86 -108.94 134.78
N SER U 250 73.44 -110.06 134.35
CA SER U 250 73.67 -111.18 135.24
C SER U 250 74.91 -110.93 136.08
N THR U 251 75.03 -111.66 137.18
CA THR U 251 76.18 -111.50 138.07
C THR U 251 77.49 -111.82 137.35
N ALA U 252 77.67 -113.07 136.96
CA ALA U 252 78.92 -113.52 136.35
C ALA U 252 78.67 -114.91 135.75
N GLY U 253 79.76 -115.58 135.37
CA GLY U 253 79.69 -116.92 134.83
C GLY U 253 80.11 -117.01 133.38
N THR U 254 81.34 -117.44 133.14
CA THR U 254 81.89 -117.64 131.81
C THR U 254 82.44 -119.05 131.60
N GLY U 255 83.07 -119.63 132.61
CA GLY U 255 83.60 -120.96 132.48
C GLY U 255 82.52 -122.02 132.40
N VAL U 256 82.85 -123.16 131.80
CA VAL U 256 81.90 -124.25 131.63
C VAL U 256 82.03 -125.33 132.70
N ASP U 257 83.06 -125.27 133.54
CA ASP U 257 83.29 -126.25 134.58
C ASP U 257 83.46 -125.55 135.92
N ALA U 258 83.42 -126.34 137.00
CA ALA U 258 83.55 -125.79 138.34
C ALA U 258 84.92 -125.15 138.55
N ALA U 259 85.98 -125.81 138.07
CA ALA U 259 87.35 -125.29 138.23
C ALA U 259 87.64 -124.30 137.11
N ALA U 260 87.02 -123.12 137.23
CA ALA U 260 87.16 -122.06 136.25
C ALA U 260 87.06 -120.72 136.96
N GLN U 261 87.20 -119.64 136.19
CA GLN U 261 87.12 -118.29 136.73
C GLN U 261 85.70 -117.84 137.00
N ALA U 262 84.70 -118.66 136.64
CA ALA U 262 83.30 -118.25 136.83
C ALA U 262 82.97 -118.07 138.30
N ALA U 263 83.43 -118.98 139.16
CA ALA U 263 83.16 -118.87 140.59
C ALA U 263 83.82 -117.62 141.17
N ASP U 264 85.07 -117.36 140.78
CA ASP U 264 85.76 -116.17 141.28
C ASP U 264 85.07 -114.90 140.81
N SER U 265 84.63 -114.86 139.55
CA SER U 265 83.92 -113.69 139.05
C SER U 265 82.60 -113.49 139.78
N ALA U 266 81.88 -114.57 140.05
CA ALA U 266 80.63 -114.46 140.80
C ALA U 266 80.87 -113.93 142.20
N SER U 267 81.91 -114.45 142.88
CA SER U 267 82.21 -114.00 144.23
C SER U 267 82.58 -112.52 144.25
N LYS U 268 83.43 -112.09 143.31
CA LYS U 268 83.85 -110.69 143.31
C LYS U 268 82.70 -109.77 142.91
N ARG U 269 81.82 -110.20 142.02
CA ARG U 269 80.65 -109.39 141.67
C ARG U 269 79.69 -109.28 142.85
N ASP U 270 79.51 -110.37 143.60
CA ASP U 270 78.68 -110.31 144.81
C ASP U 270 79.29 -109.36 145.83
N ALA U 271 80.61 -109.41 146.00
CA ALA U 271 81.27 -108.50 146.92
C ALA U 271 81.11 -107.05 146.47
N LEU U 272 81.24 -106.80 145.17
CA LEU U 272 81.06 -105.44 144.65
C LEU U 272 79.64 -104.94 144.88
N ALA U 273 78.65 -105.81 144.65
CA ALA U 273 77.26 -105.42 144.90
C ALA U 273 77.03 -105.14 146.38
N ALA U 274 77.61 -105.95 147.26
CA ALA U 274 77.46 -105.70 148.70
C ALA U 274 78.10 -104.38 149.09
N THR U 275 79.27 -104.06 148.53
CA THR U 275 79.90 -102.78 148.82
C THR U 275 79.05 -101.62 148.30
N LEU U 276 78.45 -101.78 147.12
CA LEU U 276 77.58 -100.74 146.59
C LEU U 276 76.34 -100.56 147.46
N HIS U 277 75.86 -101.63 148.09
CA HIS U 277 74.71 -101.57 148.97
C HIS U 277 75.04 -101.04 150.36
N ALA U 278 76.19 -100.38 150.53
CA ALA U 278 76.56 -99.86 151.85
C ALA U 278 75.55 -98.85 152.35
N ASP U 279 75.40 -97.74 151.63
CA ASP U 279 74.50 -96.64 152.00
C ASP U 279 74.77 -96.18 153.44
N VAL U 280 76.00 -95.69 153.65
CA VAL U 280 76.43 -95.29 154.99
C VAL U 280 75.63 -94.09 155.47
N GLY U 281 75.32 -93.15 154.57
CA GLY U 281 74.71 -91.90 155.00
C GLY U 281 73.33 -92.09 155.61
N LYS U 282 72.49 -92.87 154.94
CA LYS U 282 71.11 -93.06 155.40
C LYS U 282 70.70 -94.52 155.21
N SER U 283 69.69 -94.92 155.98
CA SER U 283 69.17 -96.28 155.94
C SER U 283 68.23 -96.46 154.75
N VAL U 284 68.05 -97.72 154.36
CA VAL U 284 67.15 -98.07 153.26
C VAL U 284 66.38 -99.33 153.62
N ASN U 285 65.12 -99.38 153.18
CA ASN U 285 64.21 -100.47 153.46
C ASN U 285 63.90 -101.26 152.19
N GLY U 286 63.77 -102.58 152.34
CA GLY U 286 63.41 -103.46 151.25
C GLY U 286 62.72 -104.72 151.73
N SER U 287 62.64 -105.72 150.85
CA SER U 287 61.98 -106.98 151.19
C SER U 287 62.74 -108.14 150.58
N TYR U 288 62.90 -109.21 151.36
CA TYR U 288 63.55 -110.44 150.93
C TYR U 288 62.51 -111.55 150.88
N THR U 289 62.33 -112.15 149.71
CA THR U 289 61.27 -113.13 149.50
C THR U 289 61.89 -114.44 149.05
N THR U 290 61.54 -115.53 149.75
CA THR U 290 61.97 -116.87 149.38
C THR U 290 60.99 -117.45 148.37
N LYS U 291 61.07 -118.77 148.14
CA LYS U 291 60.16 -119.41 147.20
C LYS U 291 58.72 -119.31 147.67
N ASP U 292 58.48 -119.46 148.97
CA ASP U 292 57.13 -119.44 149.52
C ASP U 292 56.94 -118.46 150.67
N GLY U 293 57.95 -117.67 151.02
CA GLY U 293 57.83 -116.74 152.13
C GLY U 293 58.56 -115.44 151.85
N THR U 294 58.14 -114.40 152.57
CA THR U 294 58.71 -113.08 152.44
C THR U 294 58.91 -112.45 153.81
N VAL U 295 59.84 -111.50 153.89
CA VAL U 295 60.18 -110.83 155.14
C VAL U 295 60.64 -109.42 154.81
N SER U 296 60.35 -108.48 155.72
CA SER U 296 60.82 -107.11 155.58
C SER U 296 62.32 -107.04 155.82
N PHE U 297 62.90 -105.88 155.47
CA PHE U 297 64.34 -105.68 155.61
C PHE U 297 64.58 -104.18 155.80
N GLU U 298 65.39 -103.82 156.78
CA GLU U 298 65.72 -102.42 157.05
C GLU U 298 67.21 -102.34 157.40
N THR U 299 68.04 -101.93 156.45
CA THR U 299 69.47 -101.84 156.70
C THR U 299 69.88 -100.38 156.89
N ASP U 300 70.86 -100.15 157.75
CA ASP U 300 71.33 -98.80 158.06
C ASP U 300 72.62 -98.46 157.33
N SER U 301 73.67 -99.25 157.52
CA SER U 301 74.95 -98.99 156.88
C SER U 301 75.78 -100.27 156.89
N ALA U 302 76.73 -100.34 155.95
CA ALA U 302 77.67 -101.46 155.83
C ALA U 302 76.95 -102.79 155.65
N GLY U 303 75.73 -102.75 155.10
CA GLY U 303 74.96 -103.96 154.88
C GLY U 303 74.61 -104.71 156.15
N ASN U 304 74.21 -103.99 157.19
CA ASN U 304 73.83 -104.59 158.46
C ASN U 304 72.34 -104.90 158.44
N ILE U 305 71.99 -106.14 158.75
CA ILE U 305 70.61 -106.60 158.70
C ILE U 305 69.93 -106.29 160.03
N THR U 306 68.88 -105.47 159.98
CA THR U 306 68.09 -105.13 161.16
C THR U 306 66.62 -105.29 160.84
N ILE U 307 65.92 -106.09 161.63
CA ILE U 307 64.49 -106.35 161.43
C ILE U 307 63.76 -105.91 162.69
N GLY U 308 62.92 -104.89 162.56
CA GLY U 308 62.13 -104.41 163.69
C GLY U 308 62.97 -103.90 164.84
N GLY U 309 64.10 -103.26 164.55
CA GLY U 309 64.99 -102.77 165.58
C GLY U 309 65.92 -103.80 166.18
N SER U 310 65.86 -105.04 165.74
CA SER U 310 66.71 -106.12 166.23
C SER U 310 67.48 -106.73 165.07
N GLN U 311 68.77 -106.98 165.28
CA GLN U 311 69.61 -107.55 164.24
C GLN U 311 69.22 -109.00 163.98
N ALA U 312 68.93 -109.32 162.72
CA ALA U 312 68.58 -110.67 162.32
C ALA U 312 69.81 -111.38 161.75
N TYR U 313 69.64 -112.66 161.41
CA TYR U 313 70.73 -113.49 160.95
C TYR U 313 70.24 -114.36 159.79
N VAL U 314 71.19 -114.81 158.98
CA VAL U 314 70.90 -115.65 157.83
C VAL U 314 71.42 -117.07 158.09
N ASP U 315 70.61 -118.05 157.73
CA ASP U 315 70.97 -119.45 157.92
C ASP U 315 71.76 -119.96 156.69
N ASP U 316 72.03 -121.26 156.69
CA ASP U 316 72.75 -121.87 155.57
C ASP U 316 71.94 -121.79 154.28
N ALA U 317 70.62 -122.01 154.38
CA ALA U 317 69.75 -122.03 153.22
C ALA U 317 69.19 -120.65 152.88
N GLY U 318 69.75 -119.59 153.46
CA GLY U 318 69.32 -118.24 153.17
C GLY U 318 68.13 -117.74 153.95
N ASN U 319 67.57 -118.55 154.84
CA ASN U 319 66.43 -118.13 155.64
C ASN U 319 66.85 -117.06 156.64
N LEU U 320 66.01 -116.04 156.80
CA LEU U 320 66.27 -114.93 157.71
C LEU U 320 65.51 -115.16 159.01
N THR U 321 66.23 -115.21 160.13
CA THR U 321 65.63 -115.49 161.42
C THR U 321 66.18 -114.53 162.46
N THR U 322 65.35 -114.22 163.45
CA THR U 322 65.76 -113.34 164.54
C THR U 322 66.68 -114.05 165.53
N ASN U 323 66.57 -115.37 165.65
CA ASN U 323 67.37 -116.14 166.60
C ASN U 323 68.60 -116.74 165.92
N ASN U 324 69.44 -117.38 166.73
CA ASN U 324 70.66 -118.02 166.27
C ASN U 324 70.63 -119.50 166.59
N ALA U 325 71.00 -120.33 165.62
CA ALA U 325 71.10 -121.77 165.79
C ALA U 325 72.56 -122.17 165.62
N GLY U 326 73.19 -122.59 166.71
CA GLY U 326 74.59 -122.98 166.66
C GLY U 326 75.54 -121.83 166.40
N SER U 327 75.18 -120.61 166.82
CA SER U 327 76.01 -119.43 166.68
C SER U 327 76.34 -119.12 165.22
N ALA U 328 75.47 -119.57 164.31
CA ALA U 328 75.66 -119.30 162.88
C ALA U 328 74.95 -118.00 162.51
N ALA U 329 75.52 -116.90 163.00
CA ALA U 329 74.91 -115.59 162.80
C ALA U 329 75.23 -115.02 161.42
N LYS U 330 76.51 -114.76 161.16
CA LYS U 330 77.00 -114.16 159.92
C LYS U 330 76.05 -113.08 159.39
N ALA U 331 75.72 -112.13 160.27
CA ALA U 331 74.79 -111.05 159.95
C ALA U 331 75.51 -109.97 159.16
N ASP U 332 75.63 -110.21 157.86
CA ASP U 332 76.27 -109.25 156.96
C ASP U 332 75.66 -109.39 155.57
N MET U 333 75.76 -108.31 154.79
CA MET U 333 75.23 -108.33 153.44
C MET U 333 75.96 -109.34 152.56
N LYS U 334 77.29 -109.40 152.69
CA LYS U 334 78.07 -110.36 151.92
C LYS U 334 77.66 -111.79 152.25
N ALA U 335 77.54 -112.10 153.54
CA ALA U 335 77.14 -113.44 153.95
C ALA U 335 75.73 -113.77 153.48
N LEU U 336 74.82 -112.82 153.57
CA LEU U 336 73.45 -113.06 153.12
C LEU U 336 73.40 -113.33 151.61
N LEU U 337 74.14 -112.54 150.83
CA LEU U 337 74.17 -112.74 149.39
C LEU U 337 74.81 -114.07 149.04
N LYS U 338 75.89 -114.44 149.72
CA LYS U 338 76.53 -115.73 149.45
C LYS U 338 75.62 -116.90 149.81
N ALA U 339 74.90 -116.79 150.93
CA ALA U 339 73.96 -117.84 151.30
C ALA U 339 72.81 -117.95 150.30
N ALA U 340 72.32 -116.81 149.82
CA ALA U 340 71.27 -116.84 148.80
C ALA U 340 71.77 -117.47 147.51
N SER U 341 73.01 -117.14 147.11
CA SER U 341 73.56 -117.73 145.89
C SER U 341 73.76 -119.22 146.03
N GLU U 342 74.26 -119.68 147.18
CA GLU U 342 74.52 -121.10 147.39
C GLU U 342 73.28 -121.88 147.83
N GLY U 343 72.15 -121.20 148.06
CA GLY U 343 70.96 -121.89 148.49
C GLY U 343 70.38 -122.78 147.41
N SER U 344 69.61 -123.77 147.86
CA SER U 344 68.98 -124.70 146.91
C SER U 344 67.93 -124.00 146.07
N ASP U 345 67.17 -123.08 146.66
CA ASP U 345 66.06 -122.42 145.99
C ASP U 345 66.39 -120.94 145.80
N GLY U 346 65.91 -120.36 144.70
CA GLY U 346 66.15 -118.97 144.40
C GLY U 346 65.38 -118.03 145.30
N ALA U 347 65.74 -116.75 145.23
CA ALA U 347 65.16 -115.71 146.06
C ALA U 347 64.95 -114.44 145.25
N SER U 348 64.24 -113.49 145.84
CA SER U 348 64.01 -112.18 145.22
C SER U 348 64.21 -111.07 146.25
N LEU U 349 64.93 -110.03 145.87
CA LEU U 349 65.11 -108.84 146.69
C LEU U 349 64.44 -107.65 146.02
N THR U 350 63.59 -106.95 146.76
CA THR U 350 62.94 -105.74 146.27
C THR U 350 63.45 -104.56 147.10
N PHE U 351 64.11 -103.62 146.43
CA PHE U 351 64.75 -102.50 147.12
C PHE U 351 64.25 -101.17 146.58
N ASN U 352 64.90 -100.08 146.97
CA ASN U 352 64.50 -98.75 146.49
C ASN U 352 64.63 -98.66 144.97
N GLY U 353 65.68 -99.25 144.41
CA GLY U 353 65.87 -99.22 142.98
C GLY U 353 65.21 -100.39 142.27
N THR U 354 65.96 -101.09 141.44
CA THR U 354 65.43 -102.22 140.70
C THR U 354 65.37 -103.46 141.58
N GLU U 355 64.58 -104.44 141.14
CA GLU U 355 64.40 -105.69 141.86
C GLU U 355 65.39 -106.73 141.36
N TYR U 356 66.06 -107.40 142.29
CA TYR U 356 67.08 -108.40 141.97
C TYR U 356 66.48 -109.79 142.15
N THR U 357 66.83 -110.71 141.24
CA THR U 357 66.39 -112.08 141.35
C THR U 357 67.60 -113.01 141.41
N ILE U 358 67.73 -113.75 142.50
CA ILE U 358 68.78 -114.73 142.66
C ILE U 358 68.25 -116.06 142.17
N ALA U 359 68.83 -116.57 141.08
CA ALA U 359 68.33 -117.76 140.43
C ALA U 359 68.74 -119.01 141.21
N LYS U 360 68.02 -120.10 140.95
CA LYS U 360 68.31 -121.39 141.59
C LYS U 360 69.67 -121.92 141.18
N GLY U 376 73.56 -117.06 140.67
CA GLY U 376 73.62 -115.81 139.96
C GLY U 376 72.48 -114.87 140.28
N ILE U 377 72.70 -113.57 140.06
CA ILE U 377 71.70 -112.54 140.29
C ILE U 377 71.42 -111.87 138.96
N THR U 378 70.16 -111.84 138.55
CA THR U 378 69.70 -111.11 137.38
C THR U 378 69.00 -109.84 137.85
N TYR U 379 69.37 -108.71 137.26
CA TYR U 379 68.80 -107.45 137.70
C TYR U 379 68.85 -106.42 136.57
N GLN U 380 67.94 -105.46 136.66
CA GLN U 380 67.91 -104.33 135.73
C GLN U 380 68.81 -103.21 136.23
N ALA U 381 69.35 -102.46 135.27
CA ALA U 381 70.21 -101.32 135.57
C ALA U 381 69.90 -100.20 134.60
N THR U 382 70.19 -98.97 135.02
CA THR U 382 69.89 -97.77 134.26
C THR U 382 71.19 -97.09 133.85
N VAL U 383 71.30 -96.76 132.56
CA VAL U 383 72.47 -96.04 132.04
C VAL U 383 71.98 -94.86 131.22
N SER U 384 72.76 -93.78 131.22
CA SER U 384 72.40 -92.56 130.53
C SER U 384 72.61 -92.70 129.03
N LYS U 385 71.73 -92.03 128.27
CA LYS U 385 71.89 -91.99 126.82
C LYS U 385 73.19 -91.33 126.42
N ASP U 386 73.62 -90.30 127.16
CA ASP U 386 74.91 -89.68 126.89
C ASP U 386 76.05 -90.67 127.10
N VAL U 387 75.97 -91.47 128.17
CA VAL U 387 77.01 -92.46 128.43
C VAL U 387 77.05 -93.49 127.31
N VAL U 388 75.88 -93.96 126.87
CA VAL U 388 75.83 -94.94 125.78
C VAL U 388 76.39 -94.34 124.50
N LEU U 389 76.04 -93.08 124.21
CA LEU U 389 76.53 -92.42 123.00
C LEU U 389 78.05 -92.28 123.04
N SER U 390 78.60 -91.89 124.19
CA SER U 390 80.04 -91.75 124.32
C SER U 390 80.73 -93.10 124.16
N GLU U 391 80.16 -94.15 124.73
CA GLU U 391 80.73 -95.49 124.57
C GLU U 391 80.72 -95.92 123.11
N THR U 392 79.63 -95.63 122.39
CA THR U 392 79.54 -96.01 120.99
C THR U 392 80.54 -95.23 120.13
N LYS U 393 80.70 -93.93 120.39
CA LYS U 393 81.56 -93.10 119.57
C LYS U 393 83.00 -93.01 120.07
N ALA U 394 83.33 -93.72 121.15
CA ALA U 394 84.68 -93.65 121.70
C ALA U 394 85.71 -94.20 120.72
N ALA U 395 85.45 -95.36 120.13
CA ALA U 395 86.38 -96.00 119.22
C ALA U 395 85.59 -96.69 118.12
N ALA U 396 86.28 -97.53 117.34
CA ALA U 396 85.66 -98.25 116.22
C ALA U 396 84.89 -99.45 116.77
N ALA U 397 83.78 -99.15 117.43
CA ALA U 397 82.93 -100.18 118.01
C ALA U 397 82.00 -100.76 116.96
N THR U 398 81.42 -101.92 117.29
CA THR U 398 80.47 -102.62 116.43
C THR U 398 79.03 -102.37 116.83
N SER U 399 78.73 -101.16 117.29
CA SER U 399 77.39 -100.84 117.77
C SER U 399 76.38 -100.94 116.63
N SER U 400 75.20 -101.48 116.96
CA SER U 400 74.10 -101.61 116.02
C SER U 400 72.81 -101.17 116.70
N ILE U 401 71.97 -100.46 115.95
CA ILE U 401 70.73 -99.91 116.47
C ILE U 401 69.56 -100.51 115.67
N THR U 402 68.56 -101.01 116.38
CA THR U 402 67.37 -101.57 115.76
C THR U 402 66.21 -100.59 115.94
N PHE U 403 65.74 -100.04 114.84
CA PHE U 403 64.57 -99.16 114.84
C PHE U 403 63.32 -100.02 114.70
N ASN U 404 62.44 -99.96 115.70
CA ASN U 404 61.23 -100.77 115.74
C ASN U 404 60.02 -99.86 115.91
N SER U 405 59.07 -99.95 114.98
CA SER U 405 57.82 -99.22 115.06
C SER U 405 56.68 -100.08 115.60
N GLY U 406 56.98 -101.30 116.05
CA GLY U 406 55.98 -102.22 116.53
C GLY U 406 55.47 -103.19 115.47
N VAL U 407 55.68 -102.89 114.20
CA VAL U 407 55.29 -103.79 113.11
C VAL U 407 56.51 -104.07 112.24
N LEU U 408 57.16 -103.02 111.76
CA LEU U 408 58.36 -103.12 110.93
C LEU U 408 59.59 -102.76 111.74
N SER U 409 60.63 -103.58 111.61
CA SER U 409 61.88 -103.38 112.34
C SER U 409 63.04 -103.44 111.37
N LYS U 410 64.01 -102.55 111.56
CA LYS U 410 65.21 -102.52 110.72
C LYS U 410 66.44 -102.31 111.58
N THR U 411 67.47 -103.11 111.35
CA THR U 411 68.71 -103.05 112.11
C THR U 411 69.80 -102.40 111.26
N ILE U 412 70.43 -101.37 111.80
CA ILE U 412 71.51 -100.65 111.12
C ILE U 412 72.76 -100.79 111.96
N GLY U 413 73.84 -101.28 111.34
CA GLY U 413 75.11 -101.42 112.02
C GLY U 413 76.15 -100.44 111.55
N PHE U 414 76.52 -99.50 112.41
CA PHE U 414 77.45 -98.44 112.06
C PHE U 414 78.62 -98.45 113.04
N THR U 415 79.82 -98.23 112.52
CA THR U 415 81.04 -98.23 113.31
C THR U 415 81.54 -96.80 113.47
N ALA U 416 81.47 -96.28 114.70
CA ALA U 416 81.97 -94.96 115.05
C ALA U 416 81.40 -93.88 114.13
N GLY U 417 80.07 -93.85 114.03
CA GLY U 417 79.42 -92.86 113.20
C GLY U 417 78.84 -93.40 111.91
N GLU U 418 79.53 -93.17 110.80
CA GLU U 418 79.05 -93.59 109.49
C GLU U 418 78.90 -95.11 109.43
N SER U 419 77.90 -95.55 108.67
CA SER U 419 77.63 -96.98 108.53
C SER U 419 78.70 -97.65 107.68
N SER U 420 79.17 -98.82 108.14
CA SER U 420 80.17 -99.59 107.43
C SER U 420 79.66 -100.96 106.99
N ASP U 421 78.37 -101.23 107.16
CA ASP U 421 77.77 -102.52 106.79
C ASP U 421 77.22 -102.51 105.36
N ALA U 422 77.76 -101.66 104.49
CA ALA U 422 77.29 -101.53 103.11
C ALA U 422 75.82 -101.16 103.04
N ALA U 423 75.34 -100.40 104.02
CA ALA U 423 73.97 -99.92 104.08
C ALA U 423 73.93 -98.43 103.77
N LYS U 424 73.05 -98.04 102.85
CA LYS U 424 72.95 -96.66 102.40
C LYS U 424 71.95 -95.92 103.28
N SER U 425 72.43 -95.45 104.42
CA SER U 425 71.64 -94.66 105.36
C SER U 425 72.11 -93.20 105.29
N TYR U 426 71.17 -92.29 105.08
CA TYR U 426 71.49 -90.88 104.91
C TYR U 426 70.39 -90.02 105.52
N VAL U 427 70.73 -88.76 105.79
CA VAL U 427 69.83 -87.86 106.52
C VAL U 427 69.65 -86.50 105.86
N ASP U 428 70.53 -86.07 104.94
CA ASP U 428 70.54 -84.68 104.51
C ASP U 428 69.28 -84.25 103.76
N ASP U 429 68.52 -85.18 103.18
CA ASP U 429 67.40 -84.80 102.33
C ASP U 429 66.35 -84.01 103.11
N LYS U 430 65.67 -84.67 104.05
CA LYS U 430 64.70 -84.00 104.92
C LYS U 430 64.79 -84.51 106.35
N GLY U 431 65.90 -85.12 106.73
CA GLY U 431 66.00 -85.79 108.02
C GLY U 431 65.58 -87.24 107.93
N GLY U 432 65.79 -87.95 109.04
CA GLY U 432 65.41 -89.34 109.06
C GLY U 432 66.39 -90.22 108.27
N ILE U 433 65.88 -91.37 107.85
CA ILE U 433 66.66 -92.38 107.15
C ILE U 433 66.16 -92.48 105.71
N THR U 434 67.10 -92.47 104.77
CA THR U 434 66.78 -92.62 103.35
C THR U 434 67.83 -93.52 102.71
N ASN U 435 67.44 -94.15 101.60
CA ASN U 435 68.29 -95.10 100.90
C ASN U 435 68.93 -94.51 99.64
N VAL U 436 68.86 -93.20 99.44
CA VAL U 436 69.41 -92.58 98.25
C VAL U 436 70.89 -92.30 98.48
N ALA U 437 71.75 -92.95 97.69
CA ALA U 437 73.19 -92.76 97.82
C ALA U 437 73.62 -91.40 97.27
N ASP U 438 73.13 -91.04 96.09
CA ASP U 438 73.49 -89.80 95.43
C ASP U 438 72.26 -89.15 94.85
N TYR U 439 72.28 -87.81 94.80
CA TYR U 439 71.18 -87.02 94.26
C TYR U 439 71.69 -86.23 93.06
N THR U 440 71.37 -86.71 91.85
CA THR U 440 71.81 -86.08 90.62
C THR U 440 70.62 -85.91 89.69
N VAL U 441 70.43 -84.71 89.17
CA VAL U 441 69.33 -84.38 88.26
C VAL U 441 69.90 -83.55 87.12
N SER U 442 69.34 -83.73 85.91
CA SER U 442 69.83 -83.07 84.72
C SER U 442 68.92 -81.91 84.35
N TYR U 443 69.52 -80.76 84.07
CA TYR U 443 68.80 -79.56 83.66
C TYR U 443 69.20 -79.19 82.25
N SER U 444 68.20 -78.93 81.41
CA SER U 444 68.40 -78.50 80.03
C SER U 444 68.08 -77.01 79.93
N VAL U 445 68.99 -76.25 79.34
CA VAL U 445 68.85 -74.81 79.19
C VAL U 445 68.53 -74.53 77.73
N ASN U 446 67.42 -73.81 77.50
CA ASN U 446 67.01 -73.47 76.14
C ASN U 446 67.96 -72.41 75.60
N LYS U 447 68.53 -72.67 74.42
CA LYS U 447 69.47 -71.70 73.84
C LYS U 447 68.77 -70.43 73.39
N ASP U 448 67.51 -70.52 72.96
CA ASP U 448 66.78 -69.34 72.53
C ASP U 448 66.14 -68.63 73.71
N ASN U 449 65.23 -69.31 74.41
CA ASN U 449 64.51 -68.66 75.51
C ASN U 449 65.41 -68.37 76.70
N GLY U 450 66.31 -69.30 77.02
CA GLY U 450 67.13 -69.18 78.22
C GLY U 450 66.57 -69.85 79.44
N SER U 451 65.38 -70.43 79.36
CA SER U 451 64.76 -71.08 80.50
C SER U 451 65.42 -72.42 80.79
N VAL U 452 65.28 -72.85 82.05
CA VAL U 452 65.86 -74.11 82.52
C VAL U 452 64.72 -75.07 82.83
N THR U 453 64.82 -76.28 82.29
CA THR U 453 63.82 -77.32 82.48
C THR U 453 64.49 -78.59 82.99
N VAL U 454 63.71 -79.41 83.70
CA VAL U 454 64.20 -80.70 84.18
C VAL U 454 64.13 -81.71 83.04
N ALA U 455 65.25 -82.37 82.76
CA ALA U 455 65.33 -83.34 81.68
C ALA U 455 65.68 -84.73 82.22
N GLY U 456 65.06 -85.10 83.34
CA GLY U 456 65.32 -86.38 83.95
C GLY U 456 66.40 -86.33 85.02
N TYR U 457 66.70 -87.51 85.56
CA TYR U 457 67.72 -87.62 86.58
C TYR U 457 68.27 -89.04 86.60
N ALA U 458 69.48 -89.18 87.16
CA ALA U 458 70.13 -90.47 87.32
C ALA U 458 70.64 -90.60 88.74
N SER U 459 70.47 -91.78 89.32
CA SER U 459 70.90 -92.04 90.69
C SER U 459 71.67 -93.35 90.76
N ALA U 460 72.63 -93.40 91.68
CA ALA U 460 73.41 -94.63 91.86
C ALA U 460 72.52 -95.78 92.31
N THR U 461 71.62 -95.52 93.26
CA THR U 461 70.68 -96.54 93.72
C THR U 461 69.41 -96.50 92.88
N ASP U 462 68.48 -97.40 93.19
CA ASP U 462 67.22 -97.45 92.45
C ASP U 462 66.36 -96.22 92.72
N THR U 463 66.25 -95.83 93.99
CA THR U 463 65.54 -94.64 94.46
C THR U 463 64.02 -94.83 94.34
N ASN U 464 63.60 -95.90 93.67
CA ASN U 464 62.19 -96.23 93.47
C ASN U 464 61.39 -95.04 92.94
N LYS U 465 62.06 -94.12 92.24
CA LYS U 465 61.45 -92.91 91.70
C LYS U 465 60.74 -92.11 92.79
N ASP U 466 61.26 -92.15 94.01
CA ASP U 466 60.62 -91.43 95.11
C ASP U 466 60.85 -89.93 95.00
N TYR U 467 62.07 -89.52 94.69
CA TYR U 467 62.42 -88.11 94.54
C TYR U 467 62.32 -87.62 93.10
N ALA U 468 61.47 -88.25 92.30
CA ALA U 468 61.39 -87.94 90.87
C ALA U 468 60.70 -86.60 90.65
N PRO U 469 61.35 -85.64 90.00
CA PRO U 469 60.66 -84.40 89.61
C PRO U 469 60.03 -84.52 88.22
N ALA U 470 59.03 -83.69 87.99
CA ALA U 470 58.33 -83.69 86.71
C ALA U 470 59.27 -83.23 85.59
N ILE U 471 59.27 -83.98 84.49
CA ILE U 471 60.14 -83.68 83.36
C ILE U 471 59.52 -82.57 82.52
N GLY U 472 60.33 -81.59 82.14
CA GLY U 472 59.86 -80.46 81.36
C GLY U 472 59.27 -79.32 82.15
N THR U 473 59.33 -79.37 83.48
CA THR U 473 58.82 -78.29 84.31
C THR U 473 59.87 -77.19 84.45
N ALA U 474 59.42 -75.95 84.31
CA ALA U 474 60.33 -74.81 84.42
C ALA U 474 60.96 -74.76 85.81
N VAL U 475 62.25 -74.45 85.84
CA VAL U 475 63.02 -74.40 87.09
C VAL U 475 62.99 -72.98 87.62
N ASN U 476 62.69 -72.84 88.91
CA ASN U 476 62.60 -71.54 89.57
C ASN U 476 63.63 -71.44 90.68
N VAL U 477 64.02 -70.21 91.01
CA VAL U 477 64.94 -69.93 92.09
C VAL U 477 64.16 -69.44 93.29
N ASN U 478 64.35 -70.10 94.44
CA ASN U 478 63.62 -69.76 95.64
C ASN U 478 64.08 -68.40 96.17
N SER U 479 63.34 -67.91 97.19
CA SER U 479 63.70 -66.62 97.79
C SER U 479 65.07 -66.67 98.42
N ALA U 480 65.40 -67.77 99.09
CA ALA U 480 66.74 -67.94 99.67
C ALA U 480 67.81 -68.10 98.60
N GLY U 481 67.42 -68.44 97.37
CA GLY U 481 68.37 -68.63 96.29
C GLY U 481 68.57 -70.06 95.85
N LYS U 482 67.83 -71.01 96.42
CA LYS U 482 67.98 -72.41 96.06
C LYS U 482 67.17 -72.71 94.79
N ILE U 483 67.21 -73.97 94.37
CA ILE U 483 66.48 -74.43 93.19
C ILE U 483 65.23 -75.16 93.65
N THR U 484 64.07 -74.70 93.18
CA THR U 484 62.79 -75.28 93.57
C THR U 484 61.81 -75.12 92.41
N THR U 485 61.04 -76.18 92.15
CA THR U 485 60.08 -76.16 91.05
C THR U 485 58.77 -75.47 91.41
N GLU U 486 58.58 -75.12 92.68
CA GLU U 486 57.35 -74.45 93.09
C GLU U 486 57.31 -73.02 92.52
N THR U 487 56.17 -72.66 91.93
CA THR U 487 56.05 -71.34 91.31
C THR U 487 55.96 -70.23 92.35
N THR U 488 55.17 -70.44 93.40
CA THR U 488 54.91 -69.42 94.41
C THR U 488 55.50 -69.84 95.75
N SER U 489 56.15 -68.89 96.42
CA SER U 489 56.73 -69.11 97.74
C SER U 489 56.15 -68.11 98.73
N ALA U 490 55.90 -68.57 99.95
CA ALA U 490 55.34 -67.71 100.98
C ALA U 490 56.33 -66.60 101.36
N GLY U 491 55.79 -65.47 101.80
CA GLY U 491 56.57 -64.32 102.18
C GLY U 491 56.24 -63.87 103.59
N SER U 492 56.37 -62.55 103.80
CA SER U 492 56.13 -61.95 105.10
C SER U 492 55.52 -60.57 104.92
N ALA U 493 55.16 -59.95 106.03
CA ALA U 493 54.49 -58.65 106.00
C ALA U 493 55.41 -57.57 105.45
N THR U 494 54.83 -56.65 104.68
CA THR U 494 55.60 -55.54 104.14
C THR U 494 56.09 -54.62 105.25
N THR U 495 57.32 -54.14 105.11
CA THR U 495 57.91 -53.27 106.13
C THR U 495 57.21 -51.91 106.18
N ASN U 496 56.94 -51.32 105.02
CA ASN U 496 56.35 -49.99 104.94
C ASN U 496 55.30 -49.94 103.84
N PRO U 497 54.06 -50.33 104.14
CA PRO U 497 53.00 -50.24 103.12
C PRO U 497 52.62 -48.80 102.79
N LEU U 498 52.72 -47.90 103.77
CA LEU U 498 52.29 -46.53 103.56
C LEU U 498 53.15 -45.82 102.51
N ALA U 499 54.46 -46.09 102.51
CA ALA U 499 55.33 -45.47 101.53
C ALA U 499 54.99 -45.92 100.11
N ALA U 500 54.73 -47.22 99.93
CA ALA U 500 54.36 -47.72 98.62
C ALA U 500 53.01 -47.15 98.19
N LEU U 501 52.05 -47.05 99.12
CA LEU U 501 50.76 -46.47 98.78
C LEU U 501 50.91 -45.01 98.36
N ASP U 502 51.75 -44.25 99.08
CA ASP U 502 51.99 -42.86 98.72
C ASP U 502 52.65 -42.75 97.35
N ASP U 503 53.61 -43.64 97.06
CA ASP U 503 54.24 -43.63 95.74
C ASP U 503 53.24 -43.92 94.64
N ALA U 504 52.35 -44.90 94.85
CA ALA U 504 51.34 -45.20 93.86
C ALA U 504 50.38 -44.02 93.66
N ILE U 505 49.97 -43.38 94.75
CA ILE U 505 49.09 -42.22 94.64
C ILE U 505 49.77 -41.09 93.90
N SER U 506 51.06 -40.87 94.17
CA SER U 506 51.81 -39.84 93.47
C SER U 506 51.91 -40.13 91.98
N SER U 507 52.15 -41.39 91.62
CA SER U 507 52.20 -41.76 90.21
C SER U 507 50.85 -41.53 89.53
N ILE U 508 49.76 -41.90 90.21
CA ILE U 508 48.43 -41.69 89.66
C ILE U 508 48.17 -40.19 89.46
N ASP U 509 48.55 -39.38 90.44
CA ASP U 509 48.35 -37.93 90.33
C ASP U 509 49.18 -37.34 89.21
N LYS U 510 50.42 -37.81 89.04
CA LYS U 510 51.26 -37.33 87.93
C LYS U 510 50.64 -37.67 86.59
N PHE U 511 50.14 -38.90 86.44
CA PHE U 511 49.49 -39.28 85.19
C PHE U 511 48.25 -38.43 84.94
N ARG U 512 47.45 -38.20 85.97
CA ARG U 512 46.26 -37.37 85.81
C ARG U 512 46.60 -35.94 85.43
N SER U 513 47.65 -35.37 86.05
CA SER U 513 48.05 -34.01 85.71
C SER U 513 48.56 -33.93 84.27
N SER U 514 49.36 -34.90 83.85
CA SER U 514 49.81 -34.91 82.45
C SER U 514 48.64 -35.01 81.49
N LEU U 515 47.67 -35.88 81.80
CA LEU U 515 46.49 -36.02 80.94
C LEU U 515 45.70 -34.72 80.88
N GLY U 516 45.55 -34.05 82.03
CA GLY U 516 44.83 -32.78 82.03
C GLY U 516 45.54 -31.70 81.24
N ALA U 517 46.87 -31.64 81.34
CA ALA U 517 47.62 -30.68 80.54
C ALA U 517 47.46 -30.96 79.05
N ILE U 518 47.53 -32.24 78.67
CA ILE U 518 47.36 -32.60 77.26
C ILE U 518 45.95 -32.22 76.79
N GLN U 519 44.94 -32.46 77.63
CA GLN U 519 43.58 -32.10 77.26
C GLN U 519 43.42 -30.59 77.08
N ASN U 520 44.02 -29.81 77.98
CA ASN U 520 43.93 -28.35 77.87
C ASN U 520 44.62 -27.87 76.59
N ARG U 521 45.80 -28.42 76.29
CA ARG U 521 46.48 -27.99 75.06
C ARG U 521 45.73 -28.45 73.82
N LEU U 522 45.06 -29.60 73.87
CA LEU U 522 44.25 -30.04 72.75
C LEU U 522 43.04 -29.13 72.55
N ASP U 523 42.43 -28.67 73.64
CA ASP U 523 41.33 -27.71 73.53
C ASP U 523 41.81 -26.40 72.92
N SER U 524 43.00 -25.93 73.34
CA SER U 524 43.57 -24.73 72.73
C SER U 524 43.83 -24.95 71.25
N ALA U 525 44.32 -26.13 70.88
CA ALA U 525 44.53 -26.46 69.47
C ALA U 525 43.22 -26.43 68.70
N VAL U 526 42.15 -26.95 69.30
CA VAL U 526 40.84 -26.93 68.65
C VAL U 526 40.39 -25.50 68.40
N THR U 527 40.55 -24.63 69.41
CA THR U 527 40.16 -23.23 69.25
C THR U 527 40.97 -22.56 68.15
N ASN U 528 42.28 -22.79 68.13
CA ASN U 528 43.13 -22.21 67.10
C ASN U 528 42.74 -22.71 65.72
N LEU U 529 42.45 -24.01 65.60
CA LEU U 529 42.04 -24.57 64.32
C LEU U 529 40.74 -23.97 63.84
N ASN U 530 39.78 -23.77 64.75
CA ASN U 530 38.51 -23.16 64.37
C ASN U 530 38.72 -21.73 63.88
N ASN U 531 39.54 -20.96 64.59
CA ASN U 531 39.82 -19.59 64.17
C ASN U 531 40.51 -19.56 62.81
N THR U 532 41.48 -20.43 62.60
CA THR U 532 42.18 -20.48 61.32
C THR U 532 41.24 -20.88 60.19
N THR U 533 40.35 -21.85 60.45
CA THR U 533 39.38 -22.25 59.45
C THR U 533 38.45 -21.11 59.09
N THR U 534 37.99 -20.36 60.09
CA THR U 534 37.13 -19.22 59.82
C THR U 534 37.86 -18.16 58.97
N ASN U 535 39.11 -17.88 59.32
CA ASN U 535 39.87 -16.88 58.56
C ASN U 535 40.10 -17.34 57.12
N LEU U 536 40.44 -18.61 56.93
CA LEU U 536 40.69 -19.11 55.58
C LEU U 536 39.41 -19.15 54.75
N SER U 537 38.28 -19.49 55.39
CA SER U 537 36.99 -19.43 54.68
C SER U 537 36.67 -18.00 54.27
N GLU U 538 36.95 -17.03 55.15
CA GLU U 538 36.72 -15.64 54.79
C GLU U 538 37.60 -15.22 53.62
N ALA U 539 38.87 -15.65 53.62
CA ALA U 539 39.75 -15.33 52.51
C ALA U 539 39.26 -15.94 51.20
N GLN U 540 38.80 -17.19 51.26
CA GLN U 540 38.27 -17.83 50.06
C GLN U 540 37.02 -17.10 49.57
N SER U 541 36.16 -16.65 50.50
CA SER U 541 34.99 -15.88 50.11
C SER U 541 35.39 -14.55 49.47
N ARG U 542 36.44 -13.92 49.98
CA ARG U 542 36.94 -12.69 49.34
C ARG U 542 37.41 -12.97 47.92
N ILE U 543 38.14 -14.07 47.72
CA ILE U 543 38.68 -14.37 46.40
C ILE U 543 37.56 -14.69 45.42
N GLN U 544 36.64 -15.56 45.81
CA GLN U 544 35.55 -16.01 44.95
C GLN U 544 34.32 -15.14 45.19
N ASP U 545 33.14 -15.60 44.73
CA ASP U 545 31.87 -14.95 45.00
C ASP U 545 31.78 -13.54 44.43
N ALA U 546 31.76 -13.43 43.10
CA ALA U 546 31.56 -12.15 42.43
C ALA U 546 30.30 -11.45 42.94
N ASP U 547 30.26 -10.13 42.78
CA ASP U 547 29.19 -9.31 43.33
C ASP U 547 27.94 -9.46 42.46
N TYR U 548 26.84 -9.89 43.09
CA TYR U 548 25.60 -10.09 42.36
C TYR U 548 25.06 -8.79 41.78
N ALA U 549 25.21 -7.67 42.49
CA ALA U 549 24.75 -6.39 41.97
C ALA U 549 25.49 -6.03 40.68
N THR U 550 26.82 -6.17 40.69
CA THR U 550 27.61 -5.87 39.50
C THR U 550 27.25 -6.81 38.36
N GLU U 551 27.07 -8.10 38.65
CA GLU U 551 26.72 -9.05 37.60
C GLU U 551 25.33 -8.76 37.02
N VAL U 552 24.39 -8.38 37.86
CA VAL U 552 23.04 -8.04 37.38
C VAL U 552 23.09 -6.78 36.51
N SER U 553 23.87 -5.78 36.92
CA SER U 553 24.06 -4.61 36.08
C SER U 553 24.68 -4.99 34.75
N ASN U 554 25.66 -5.90 34.77
CA ASN U 554 26.30 -6.33 33.54
C ASN U 554 25.33 -7.04 32.62
N MET U 555 24.49 -7.93 33.16
CA MET U 555 23.54 -8.62 32.31
C MET U 555 22.47 -7.67 31.77
N SER U 556 22.05 -6.70 32.58
CA SER U 556 21.04 -5.74 32.12
C SER U 556 21.60 -4.89 30.98
N LYS U 557 22.82 -4.37 31.14
CA LYS U 557 23.41 -3.58 30.07
C LYS U 557 23.70 -4.44 28.84
N ALA U 558 24.08 -5.70 29.03
CA ALA U 558 24.31 -6.59 27.89
C ALA U 558 23.02 -6.87 27.13
N GLN U 559 21.92 -7.10 27.85
CA GLN U 559 20.64 -7.33 27.19
C GLN U 559 20.17 -6.08 26.47
N ILE U 560 20.35 -4.91 27.08
CA ILE U 560 19.97 -3.66 26.42
C ILE U 560 20.79 -3.46 25.13
N ILE U 561 22.10 -3.72 25.21
CA ILE U 561 22.94 -3.58 24.02
C ILE U 561 22.55 -4.61 22.96
N GLN U 562 22.18 -5.82 23.39
CA GLN U 562 21.76 -6.84 22.44
C GLN U 562 20.47 -6.43 21.74
N GLN U 563 19.51 -5.88 22.47
CA GLN U 563 18.27 -5.43 21.86
C GLN U 563 18.50 -4.28 20.90
N ALA U 564 19.35 -3.32 21.30
CA ALA U 564 19.67 -2.20 20.41
C ALA U 564 20.39 -2.69 19.16
N GLY U 565 21.31 -3.64 19.31
CA GLY U 565 22.00 -4.19 18.16
C GLY U 565 21.08 -4.97 17.25
N ASN U 566 20.11 -5.69 17.82
CA ASN U 566 19.14 -6.39 17.00
C ASN U 566 18.26 -5.42 16.22
N SER U 567 17.85 -4.32 16.87
CA SER U 567 17.06 -3.31 16.16
C SER U 567 17.86 -2.67 15.03
N VAL U 568 19.14 -2.35 15.29
CA VAL U 568 19.98 -1.76 14.26
C VAL U 568 20.25 -2.77 13.14
N LEU U 569 20.40 -4.04 13.50
CA LEU U 569 20.57 -5.09 12.49
C LEU U 569 19.35 -5.23 11.61
N ALA U 570 18.15 -5.14 12.21
CA ALA U 570 16.94 -5.18 11.41
C ALA U 570 16.84 -3.96 10.49
N LYS U 571 17.19 -2.79 11.01
CA LYS U 571 17.15 -1.58 10.20
C LYS U 571 18.13 -1.66 9.03
N ALA U 572 19.32 -2.23 9.27
CA ALA U 572 20.28 -2.43 8.20
C ALA U 572 19.82 -3.51 7.22
N ASN U 573 19.22 -4.59 7.73
CA ASN U 573 18.64 -5.63 6.91
C ASN U 573 17.45 -5.13 6.11
N GLN U 574 16.92 -3.96 6.46
CA GLN U 574 16.08 -3.25 5.50
C GLN U 574 17.00 -2.68 4.44
N VAL U 575 17.63 -3.59 3.69
CA VAL U 575 18.67 -3.29 2.72
C VAL U 575 18.04 -2.54 1.55
N PRO U 576 18.82 -1.77 0.77
CA PRO U 576 18.21 -0.80 -0.17
C PRO U 576 17.21 -1.39 -1.15
N GLN U 577 15.96 -0.93 -1.05
CA GLN U 577 14.96 -1.12 -2.08
C GLN U 577 14.77 0.11 -2.94
N GLN U 578 15.43 1.22 -2.59
CA GLN U 578 15.45 2.38 -3.48
C GLN U 578 16.13 2.06 -4.80
N VAL U 579 17.03 1.08 -4.81
CA VAL U 579 17.58 0.62 -6.09
C VAL U 579 16.49 -0.03 -6.93
N LEU U 580 15.63 -0.84 -6.33
CA LEU U 580 14.50 -1.41 -7.05
C LEU U 580 13.57 -0.31 -7.53
N SER U 581 13.37 0.72 -6.70
CA SER U 581 12.55 1.86 -7.12
C SER U 581 13.17 2.58 -8.32
N LEU U 582 14.49 2.73 -8.33
CA LEU U 582 15.17 3.35 -9.46
C LEU U 582 15.11 2.47 -10.70
N LEU U 583 14.97 1.16 -10.52
CA LEU U 583 15.07 0.23 -11.64
C LEU U 583 14.01 0.51 -12.70
N GLN U 584 12.76 0.71 -12.28
CA GLN U 584 11.72 0.92 -13.28
C GLN U 584 11.68 2.34 -13.81
N GLY U 585 12.47 3.26 -13.25
CA GLY U 585 12.51 4.63 -13.72
C GLY U 585 13.13 4.77 -15.09
N MET V 1 -17.52 15.55 14.96
CA MET V 1 -16.25 14.83 15.00
C MET V 1 -15.64 14.69 13.61
N ALA V 2 -16.25 13.83 12.79
CA ALA V 2 -15.75 13.61 11.43
C ALA V 2 -15.77 14.90 10.62
N GLN V 3 -16.68 15.81 10.94
CA GLN V 3 -16.85 17.04 10.18
C GLN V 3 -15.92 18.16 10.60
N VAL V 4 -15.42 18.15 11.83
CA VAL V 4 -14.63 19.25 12.39
C VAL V 4 -13.34 18.69 12.97
N ILE V 5 -12.23 19.37 12.70
CA ILE V 5 -10.93 18.99 13.26
C ILE V 5 -10.23 20.13 13.97
N ASN V 6 -10.74 21.36 13.88
CA ASN V 6 -10.08 22.48 14.55
C ASN V 6 -10.29 22.45 16.06
N THR V 7 -11.43 21.96 16.52
CA THR V 7 -11.75 21.89 17.94
C THR V 7 -12.22 20.48 18.28
N ASN V 8 -12.34 20.21 19.58
CA ASN V 8 -12.85 18.93 20.03
C ASN V 8 -13.77 19.19 21.22
N SER V 9 -15.07 19.22 20.95
CA SER V 9 -16.06 19.41 22.02
C SER V 9 -16.00 18.28 23.03
N LEU V 10 -15.82 17.04 22.55
CA LEU V 10 -15.68 15.91 23.46
C LEU V 10 -14.47 16.08 24.37
N SER V 11 -13.34 16.53 23.81
CA SER V 11 -12.15 16.75 24.63
C SER V 11 -12.38 17.84 25.67
N LEU V 12 -13.06 18.93 25.27
CA LEU V 12 -13.36 19.99 26.24
C LEU V 12 -14.24 19.47 27.37
N ILE V 13 -15.28 18.69 27.04
CA ILE V 13 -16.16 18.16 28.07
C ILE V 13 -15.41 17.22 29.00
N THR V 14 -14.56 16.36 28.42
CA THR V 14 -13.78 15.44 29.24
C THR V 14 -12.82 16.18 30.16
N GLN V 15 -12.17 17.23 29.66
CA GLN V 15 -11.27 18.02 30.50
C GLN V 15 -12.04 18.69 31.63
N ASN V 16 -13.23 19.23 31.34
CA ASN V 16 -14.03 19.85 32.39
C ASN V 16 -14.41 18.82 33.45
N ASN V 17 -14.84 17.64 33.03
CA ASN V 17 -15.22 16.60 33.99
C ASN V 17 -14.02 16.14 34.81
N ILE V 18 -12.86 16.01 34.17
CA ILE V 18 -11.65 15.61 34.88
C ILE V 18 -11.27 16.64 35.92
N ASN V 19 -11.36 17.93 35.58
CA ASN V 19 -11.07 18.97 36.56
C ASN V 19 -12.06 18.92 37.72
N LYS V 20 -13.35 18.73 37.41
CA LYS V 20 -14.36 18.65 38.46
C LYS V 20 -14.09 17.49 39.41
N ASN V 21 -13.71 16.33 38.87
CA ASN V 21 -13.40 15.17 39.71
C ASN V 21 -12.09 15.39 40.48
N GLN V 22 -11.12 16.06 39.84
CA GLN V 22 -9.84 16.29 40.48
C GLN V 22 -9.97 17.20 41.69
N SER V 23 -10.87 18.18 41.62
CA SER V 23 -11.12 19.03 42.77
C SER V 23 -11.53 18.20 43.98
N ALA V 24 -12.52 17.33 43.81
CA ALA V 24 -12.98 16.49 44.91
C ALA V 24 -11.92 15.50 45.34
N LEU V 25 -11.14 14.97 44.39
CA LEU V 25 -10.08 14.03 44.74
C LEU V 25 -9.03 14.70 45.62
N SER V 26 -8.61 15.90 45.24
CA SER V 26 -7.64 16.64 46.05
C SER V 26 -8.22 16.98 47.43
N SER V 27 -9.50 17.36 47.47
CA SER V 27 -10.12 17.65 48.76
C SER V 27 -10.10 16.43 49.67
N SER V 28 -10.49 15.27 49.13
CA SER V 28 -10.50 14.04 49.92
C SER V 28 -9.09 13.67 50.37
N ILE V 29 -8.11 13.81 49.47
CA ILE V 29 -6.73 13.46 49.81
C ILE V 29 -6.22 14.35 50.93
N GLU V 30 -6.47 15.65 50.85
CA GLU V 30 -5.99 16.55 51.90
C GLU V 30 -6.72 16.33 53.21
N ARG V 31 -8.03 16.01 53.14
CA ARG V 31 -8.77 15.71 54.37
C ARG V 31 -8.22 14.46 55.05
N LEU V 32 -7.90 13.43 54.28
CA LEU V 32 -7.32 12.22 54.86
C LEU V 32 -5.92 12.48 55.41
N SER V 33 -5.13 13.30 54.70
CA SER V 33 -3.79 13.61 55.18
C SER V 33 -3.84 14.37 56.50
N SER V 34 -4.77 15.32 56.62
CA SER V 34 -4.86 16.11 57.85
C SER V 34 -5.50 15.33 58.99
N GLY V 35 -6.50 14.51 58.69
CA GLY V 35 -7.23 13.81 59.73
C GLY V 35 -8.26 14.66 60.45
N LEU V 36 -8.75 15.72 59.81
CA LEU V 36 -9.72 16.62 60.41
C LEU V 36 -10.88 16.85 59.45
N ARG V 37 -12.09 16.96 60.01
CA ARG V 37 -13.26 17.24 59.18
C ARG V 37 -13.17 18.62 58.55
N ILE V 38 -12.78 19.63 59.32
CA ILE V 38 -12.67 20.99 58.85
C ILE V 38 -11.19 21.30 58.63
N ASN V 39 -10.82 21.57 57.38
CA ASN V 39 -9.45 21.91 57.03
C ASN V 39 -9.44 23.22 56.26
N SER V 40 -8.59 24.15 56.67
CA SER V 40 -8.42 25.46 56.05
C SER V 40 -9.72 26.26 55.99
N ALA V 41 -10.75 25.84 56.73
CA ALA V 41 -12.03 26.54 56.81
C ALA V 41 -12.68 26.76 55.45
N LYS V 42 -12.50 25.84 54.52
CA LYS V 42 -13.13 25.94 53.20
C LYS V 42 -14.55 25.42 53.21
N ASP V 43 -15.12 25.31 54.40
CA ASP V 43 -16.47 24.81 54.62
C ASP V 43 -17.09 25.70 55.69
N ASP V 44 -18.17 25.23 56.32
CA ASP V 44 -18.83 25.99 57.37
C ASP V 44 -17.84 26.46 58.43
N ALA V 45 -17.63 27.77 58.49
CA ALA V 45 -16.65 28.35 59.43
C ALA V 45 -17.17 28.37 60.86
N ALA V 46 -18.48 28.18 61.06
CA ALA V 46 -19.00 28.06 62.42
C ALA V 46 -18.37 26.88 63.14
N GLY V 47 -18.17 25.77 62.41
CA GLY V 47 -17.49 24.63 63.02
C GLY V 47 -16.08 24.95 63.45
N GLN V 48 -15.33 25.68 62.62
CA GLN V 48 -13.98 26.09 62.98
C GLN V 48 -13.99 26.98 64.22
N ALA V 49 -14.91 27.94 64.26
CA ALA V 49 -14.98 28.85 65.41
C ALA V 49 -15.33 28.09 66.69
N ILE V 50 -16.29 27.16 66.60
CA ILE V 50 -16.69 26.40 67.77
C ILE V 50 -15.57 25.48 68.22
N ALA V 51 -14.81 24.91 67.26
CA ALA V 51 -13.66 24.08 67.62
C ALA V 51 -12.59 24.90 68.33
N ASN V 52 -12.34 26.12 67.85
CA ASN V 52 -11.38 26.99 68.52
C ASN V 52 -11.84 27.30 69.94
N ARG V 53 -13.13 27.62 70.12
CA ARG V 53 -13.66 27.89 71.45
C ARG V 53 -13.51 26.67 72.36
N PHE V 54 -13.81 25.48 71.84
CA PHE V 54 -13.68 24.27 72.63
C PHE V 54 -12.23 24.01 73.04
N THR V 55 -11.29 24.20 72.12
CA THR V 55 -9.88 24.01 72.46
C THR V 55 -9.45 25.00 73.54
N SER V 56 -9.85 26.26 73.42
CA SER V 56 -9.52 27.26 74.44
C SER V 56 -10.10 26.87 75.79
N ASN V 57 -11.37 26.44 75.81
CA ASN V 57 -12.00 26.06 77.06
C ASN V 57 -11.33 24.85 77.70
N ILE V 58 -10.96 23.85 76.87
CA ILE V 58 -10.30 22.66 77.40
C ILE V 58 -8.95 23.02 78.01
N LYS V 59 -8.17 23.84 77.32
CA LYS V 59 -6.87 24.25 77.86
C LYS V 59 -7.06 25.02 79.17
N GLY V 60 -8.02 25.94 79.22
CA GLY V 60 -8.27 26.67 80.44
C GLY V 60 -8.68 25.78 81.59
N LEU V 61 -9.55 24.80 81.32
CA LEU V 61 -10.00 23.89 82.37
C LEU V 61 -8.85 23.03 82.89
N THR V 62 -8.00 22.54 81.99
CA THR V 62 -6.86 21.74 82.43
C THR V 62 -5.91 22.57 83.29
N GLN V 63 -5.62 23.80 82.86
CA GLN V 63 -4.73 24.65 83.64
C GLN V 63 -5.33 24.98 85.01
N ALA V 64 -6.65 25.22 85.04
CA ALA V 64 -7.31 25.48 86.31
C ALA V 64 -7.27 24.27 87.23
N ALA V 65 -7.39 23.07 86.66
CA ALA V 65 -7.26 21.84 87.46
C ALA V 65 -5.86 21.73 88.05
N ARG V 66 -4.84 22.05 87.26
CA ARG V 66 -3.47 22.04 87.79
C ARG V 66 -3.31 23.05 88.93
N ASN V 67 -3.88 24.25 88.76
CA ASN V 67 -3.80 25.26 89.80
C ASN V 67 -4.52 24.80 91.07
N ALA V 68 -5.67 24.14 90.91
CA ALA V 68 -6.40 23.61 92.06
C ALA V 68 -5.59 22.52 92.77
N ASN V 69 -4.87 21.69 92.01
CA ASN V 69 -4.00 20.70 92.63
C ASN V 69 -2.90 21.38 93.45
N ASP V 70 -2.33 22.47 92.92
CA ASP V 70 -1.34 23.22 93.68
C ASP V 70 -1.95 23.78 94.97
N GLY V 71 -3.18 24.29 94.88
CA GLY V 71 -3.86 24.77 96.07
C GLY V 71 -4.11 23.67 97.10
N ILE V 72 -4.44 22.47 96.62
CA ILE V 72 -4.60 21.34 97.52
C ILE V 72 -3.29 21.02 98.24
N SER V 73 -2.18 21.07 97.50
CA SER V 73 -0.88 20.86 98.14
C SER V 73 -0.61 21.92 99.21
N VAL V 74 -0.92 23.18 98.90
CA VAL V 74 -0.74 24.26 99.88
C VAL V 74 -1.57 23.98 101.13
N ALA V 75 -2.82 23.57 100.93
CA ALA V 75 -3.69 23.26 102.06
C ALA V 75 -3.15 22.11 102.88
N GLN V 76 -2.59 21.09 102.22
CA GLN V 76 -2.01 19.97 102.95
C GLN V 76 -0.84 20.42 103.82
N THR V 77 0.04 21.25 103.27
CA THR V 77 1.17 21.75 104.05
C THR V 77 0.71 22.57 105.25
N THR V 78 -0.26 23.46 105.02
CA THR V 78 -0.77 24.30 106.11
C THR V 78 -1.44 23.45 107.18
N GLU V 79 -2.20 22.42 106.78
CA GLU V 79 -2.85 21.55 107.75
C GLU V 79 -1.83 20.76 108.57
N GLY V 80 -0.74 20.31 107.93
CA GLY V 80 0.31 19.66 108.69
C GLY V 80 0.94 20.57 109.72
N ALA V 81 1.21 21.82 109.33
CA ALA V 81 1.75 22.80 110.28
C ALA V 81 0.79 23.03 111.44
N LEU V 82 -0.51 23.16 111.14
CA LEU V 82 -1.50 23.35 112.18
C LEU V 82 -1.58 22.15 113.12
N SER V 83 -1.47 20.94 112.56
CA SER V 83 -1.47 19.74 113.40
C SER V 83 -0.28 19.72 114.35
N GLU V 84 0.90 20.09 113.84
CA GLU V 84 2.07 20.17 114.72
C GLU V 84 1.87 21.20 115.83
N ILE V 85 1.31 22.36 115.47
CA ILE V 85 1.05 23.40 116.48
C ILE V 85 0.05 22.89 117.51
N ASN V 86 -0.97 22.17 117.08
CA ASN V 86 -1.96 21.63 118.00
C ASN V 86 -1.36 20.61 118.95
N ASN V 87 -0.47 19.75 118.44
CA ASN V 87 0.20 18.79 119.32
C ASN V 87 1.06 19.50 120.35
N ASN V 88 1.80 20.53 119.94
CA ASN V 88 2.60 21.29 120.88
C ASN V 88 1.73 21.97 121.93
N LEU V 89 0.57 22.51 121.51
CA LEU V 89 -0.34 23.15 122.46
C LEU V 89 -0.89 22.14 123.45
N GLN V 90 -1.21 20.93 122.98
CA GLN V 90 -1.68 19.89 123.90
C GLN V 90 -0.62 19.53 124.93
N ARG V 91 0.64 19.42 124.49
CA ARG V 91 1.71 19.12 125.45
C ARG V 91 1.88 20.27 126.45
N ILE V 92 1.76 21.51 125.98
CA ILE V 92 1.84 22.66 126.88
C ILE V 92 0.70 22.63 127.89
N ARG V 93 -0.49 22.24 127.44
CA ARG V 93 -1.62 22.10 128.36
C ARG V 93 -1.35 21.04 129.42
N GLU V 94 -0.77 19.91 129.01
CA GLU V 94 -0.43 18.87 129.98
C GLU V 94 0.59 19.38 130.99
N LEU V 95 1.59 20.12 130.52
CA LEU V 95 2.58 20.70 131.43
C LEU V 95 1.93 21.67 132.41
N THR V 96 1.02 22.50 131.92
CA THR V 96 0.33 23.44 132.80
C THR V 96 -0.52 22.71 133.84
N VAL V 97 -1.20 21.63 133.42
CA VAL V 97 -2.02 20.86 134.35
C VAL V 97 -1.16 20.25 135.44
N GLN V 98 0.00 19.69 135.07
CA GLN V 98 0.88 19.13 136.09
C GLN V 98 1.53 20.22 136.93
N ALA V 99 1.65 21.44 136.42
CA ALA V 99 2.22 22.54 137.19
C ALA V 99 1.24 23.11 138.21
N THR V 100 -0.06 23.10 137.90
CA THR V 100 -1.03 23.76 138.78
C THR V 100 -1.13 23.11 140.16
N THR V 101 -0.60 21.91 140.35
CA THR V 101 -0.61 21.28 141.66
C THR V 101 0.26 22.07 142.63
N GLY V 102 -0.26 22.27 143.85
CA GLY V 102 0.46 23.03 144.86
C GLY V 102 1.57 22.29 145.56
N THR V 103 1.69 20.99 145.33
CA THR V 103 2.77 20.22 145.95
C THR V 103 4.12 20.57 145.36
N ASN V 104 4.16 20.92 144.06
CA ASN V 104 5.41 21.24 143.40
C ASN V 104 6.05 22.47 144.04
N SER V 105 7.38 22.44 144.16
CA SER V 105 8.12 23.50 144.81
C SER V 105 8.53 24.55 143.78
N ASP V 106 9.31 25.54 144.23
CA ASP V 106 9.74 26.63 143.35
C ASP V 106 10.62 26.11 142.21
N SER V 107 11.53 25.18 142.51
CA SER V 107 12.38 24.62 141.47
C SER V 107 11.57 23.86 140.43
N ASP V 108 10.60 23.07 140.88
CA ASP V 108 9.74 22.34 139.95
C ASP V 108 8.93 23.29 139.08
N LEU V 109 8.40 24.36 139.69
CA LEU V 109 7.65 25.35 138.92
C LEU V 109 8.55 26.04 137.90
N ASP V 110 9.79 26.36 138.30
CA ASP V 110 10.72 26.99 137.37
C ASP V 110 11.04 26.07 136.20
N SER V 111 11.27 24.78 136.49
CA SER V 111 11.56 23.83 135.41
C SER V 111 10.38 23.69 134.46
N ILE V 112 9.16 23.60 135.00
CA ILE V 112 7.98 23.48 134.15
C ILE V 112 7.80 24.74 133.31
N GLN V 113 8.02 25.91 133.90
CA GLN V 113 7.94 27.15 133.15
C GLN V 113 8.99 27.22 132.05
N ASP V 114 10.20 26.73 132.32
CA ASP V 114 11.24 26.70 131.30
C ASP V 114 10.83 25.80 130.15
N GLU V 115 10.26 24.62 130.46
CA GLU V 115 9.80 23.73 129.40
C GLU V 115 8.68 24.36 128.58
N ILE V 116 7.73 25.02 129.26
CA ILE V 116 6.62 25.66 128.56
C ILE V 116 7.12 26.80 127.68
N LYS V 117 8.07 27.58 128.17
CA LYS V 117 8.64 28.66 127.38
C LYS V 117 9.38 28.11 126.17
N SER V 118 10.13 27.02 126.35
CA SER V 118 10.82 26.40 125.22
C SER V 118 9.83 25.91 124.17
N ARG V 119 8.72 25.30 124.59
CA ARG V 119 7.74 24.82 123.63
C ARG V 119 7.00 25.96 122.96
N LEU V 120 6.75 27.06 123.67
CA LEU V 120 6.17 28.25 123.04
C LEU V 120 7.12 28.84 122.00
N ASP V 121 8.42 28.86 122.32
CA ASP V 121 9.41 29.30 121.34
C ASP V 121 9.43 28.39 120.12
N GLU V 122 9.29 27.08 120.34
CA GLU V 122 9.21 26.14 119.23
C GLU V 122 7.98 26.42 118.36
N ILE V 123 6.83 26.69 119.00
CA ILE V 123 5.62 27.01 118.25
C ILE V 123 5.83 28.27 117.42
N ASP V 124 6.41 29.30 118.03
CA ASP V 124 6.66 30.55 117.32
C ASP V 124 7.61 30.33 116.15
N ARG V 125 8.66 29.54 116.36
CA ARG V 125 9.60 29.25 115.28
C ARG V 125 8.92 28.51 114.13
N VAL V 126 8.12 27.51 114.45
CA VAL V 126 7.43 26.75 113.40
C VAL V 126 6.48 27.66 112.62
N SER V 127 5.72 28.48 113.33
CA SER V 127 4.77 29.38 112.66
C SER V 127 5.50 30.38 111.78
N GLY V 128 6.61 30.94 112.28
CA GLY V 128 7.34 31.93 111.50
C GLY V 128 8.02 31.35 110.28
N GLN V 129 8.61 30.16 110.42
CA GLN V 129 9.39 29.57 109.34
C GLN V 129 8.60 28.62 108.44
N THR V 130 7.31 28.40 108.72
CA THR V 130 6.48 27.65 107.80
C THR V 130 6.32 28.43 106.49
N GLN V 131 6.74 27.82 105.39
CA GLN V 131 6.80 28.51 104.11
C GLN V 131 6.52 27.53 102.98
N PHE V 132 5.79 28.01 101.97
CA PHE V 132 5.53 27.24 100.75
C PHE V 132 5.79 28.16 99.56
N ASN V 133 6.73 27.77 98.70
CA ASN V 133 7.05 28.52 97.49
C ASN V 133 7.41 29.98 97.81
N GLY V 134 8.15 30.18 98.89
CA GLY V 134 8.58 31.51 99.27
C GLY V 134 7.52 32.36 99.93
N VAL V 135 6.38 31.79 100.30
CA VAL V 135 5.27 32.53 100.91
C VAL V 135 5.04 31.96 102.31
N ASN V 136 5.04 32.85 103.30
CA ASN V 136 4.80 32.48 104.69
C ASN V 136 3.30 32.43 104.92
N VAL V 137 2.74 31.21 104.92
CA VAL V 137 1.30 31.05 105.06
C VAL V 137 0.83 31.45 106.46
N LEU V 138 1.62 31.13 107.48
CA LEU V 138 1.22 31.34 108.87
C LEU V 138 1.70 32.67 109.44
N ALA V 139 2.32 33.52 108.62
CA ALA V 139 2.78 34.82 109.07
C ALA V 139 1.90 35.97 108.59
N LYS V 140 0.93 35.71 107.71
CA LYS V 140 0.07 36.74 107.17
C LYS V 140 -1.39 36.37 107.40
N ASP V 141 -2.25 37.38 107.34
CA ASP V 141 -3.69 37.22 107.58
C ASP V 141 -4.51 37.50 106.33
N GLY V 142 -3.93 37.34 105.15
CA GLY V 142 -4.58 37.67 103.90
C GLY V 142 -5.35 36.50 103.30
N SER V 143 -5.51 36.56 101.99
CA SER V 143 -6.21 35.51 101.25
C SER V 143 -5.53 35.29 99.92
N MET V 144 -5.64 34.05 99.42
CA MET V 144 -5.06 33.66 98.15
C MET V 144 -6.17 33.23 97.20
N LYS V 145 -6.15 33.75 95.98
CA LYS V 145 -7.15 33.45 94.97
C LYS V 145 -6.58 32.48 93.96
N ILE V 146 -7.26 31.35 93.76
CA ILE V 146 -6.81 30.30 92.86
C ILE V 146 -7.82 30.21 91.72
N GLN V 147 -7.32 30.28 90.48
CA GLN V 147 -8.17 30.21 89.30
C GLN V 147 -8.72 28.81 89.15
N VAL V 148 -10.04 28.68 89.18
CA VAL V 148 -10.70 27.38 89.04
C VAL V 148 -11.52 27.27 87.77
N GLY V 149 -12.05 28.37 87.23
CA GLY V 149 -12.73 28.36 85.96
C GLY V 149 -11.86 28.90 84.84
N ALA V 150 -12.43 28.91 83.64
CA ALA V 150 -11.73 29.39 82.45
C ALA V 150 -12.05 30.85 82.12
N ASN V 151 -12.98 31.47 82.83
CA ASN V 151 -13.37 32.85 82.57
C ASN V 151 -12.92 33.76 83.70
N ASP V 152 -13.17 35.06 83.52
CA ASP V 152 -12.79 36.05 84.52
C ASP V 152 -13.66 35.93 85.76
N GLY V 153 -13.04 36.11 86.93
CA GLY V 153 -13.76 36.07 88.19
C GLY V 153 -14.12 34.69 88.68
N GLU V 154 -13.68 33.63 87.99
CA GLU V 154 -14.01 32.26 88.37
C GLU V 154 -12.87 31.69 89.20
N THR V 155 -12.76 32.16 90.43
CA THR V 155 -11.69 31.79 91.35
C THR V 155 -12.27 31.34 92.68
N ILE V 156 -11.41 30.71 93.49
CA ILE V 156 -11.75 30.28 94.85
C ILE V 156 -10.74 30.91 95.79
N THR V 157 -11.23 31.44 96.92
CA THR V 157 -10.39 32.16 97.87
C THR V 157 -10.10 31.27 99.08
N ILE V 158 -8.82 31.21 99.47
CA ILE V 158 -8.38 30.52 100.66
C ILE V 158 -7.89 31.59 101.63
N ASP V 159 -8.50 31.66 102.81
CA ASP V 159 -8.12 32.64 103.83
C ASP V 159 -7.04 32.07 104.73
N LEU V 160 -6.07 32.90 105.08
CA LEU V 160 -5.00 32.51 106.00
C LEU V 160 -5.11 33.33 107.27
N LYS V 161 -4.58 32.75 108.36
CA LYS V 161 -4.63 33.39 109.67
C LYS V 161 -3.21 33.50 110.22
N LYS V 162 -2.92 34.65 110.83
CA LYS V 162 -1.63 34.85 111.48
C LYS V 162 -1.69 34.21 112.87
N ILE V 163 -1.01 33.08 113.02
CA ILE V 163 -1.04 32.30 114.26
C ILE V 163 0.34 32.36 114.89
N ASP V 164 0.40 32.86 116.11
CA ASP V 164 1.64 32.96 116.88
C ASP V 164 1.26 33.21 118.33
N SER V 165 2.26 33.54 119.15
CA SER V 165 1.99 33.91 120.53
C SER V 165 1.16 35.18 120.62
N ASP V 166 1.45 36.16 119.77
CA ASP V 166 0.77 37.45 119.85
C ASP V 166 -0.73 37.31 119.62
N THR V 167 -1.13 36.50 118.64
CA THR V 167 -2.54 36.36 118.30
C THR V 167 -3.26 35.32 119.16
N LEU V 168 -2.55 34.53 119.96
CA LEU V 168 -3.17 33.55 120.84
C LEU V 168 -2.95 33.86 122.31
N GLY V 169 -2.38 35.02 122.63
CA GLY V 169 -2.13 35.34 124.03
C GLY V 169 -0.99 34.50 124.57
N LEU V 170 -1.11 34.10 125.84
CA LEU V 170 -0.14 33.23 126.48
C LEU V 170 1.25 33.87 126.52
N ASN V 171 1.33 35.17 126.23
CA ASN V 171 2.61 35.85 126.20
C ASN V 171 3.29 35.80 127.57
N GLY V 172 2.66 36.40 128.58
CA GLY V 172 3.13 36.29 129.93
C GLY V 172 2.49 35.12 130.65
N PHE V 173 2.82 33.90 130.24
CA PHE V 173 2.20 32.72 130.82
C PHE V 173 2.48 32.63 132.32
N ASN V 174 3.72 32.87 132.72
CA ASN V 174 4.08 33.11 134.12
C ASN V 174 3.64 31.97 135.04
N VAL V 175 3.99 30.73 134.68
CA VAL V 175 3.72 29.60 135.56
C VAL V 175 4.48 29.78 136.88
N ASN V 176 5.75 30.16 136.82
CA ASN V 176 6.53 30.44 138.01
C ASN V 176 6.41 31.88 138.48
N GLY V 177 5.78 32.75 137.69
CA GLY V 177 5.62 34.13 138.07
C GLY V 177 6.75 35.05 137.68
N LYS V 178 7.59 34.65 136.72
CA LYS V 178 8.72 35.46 136.28
C LYS V 178 8.67 35.58 134.76
N GLY V 179 8.56 36.81 134.26
CA GLY V 179 8.50 37.03 132.84
C GLY V 179 8.45 38.50 132.51
N THR V 180 8.23 38.78 131.23
CA THR V 180 8.13 40.14 130.71
C THR V 180 6.73 40.37 130.14
N ILE V 181 6.39 41.65 129.97
CA ILE V 181 5.04 42.01 129.53
C ILE V 181 5.11 42.86 128.27
N THR V 182 6.21 43.59 128.09
CA THR V 182 6.35 44.57 127.00
C THR V 182 5.15 45.53 127.01
N ASN V 183 5.07 46.28 128.12
CA ASN V 183 3.86 46.99 128.54
C ASN V 183 3.14 47.79 127.47
N LYS V 184 3.75 48.84 126.92
CA LYS V 184 3.04 49.76 126.03
C LYS V 184 4.03 50.84 125.58
N ALA V 185 3.60 51.65 124.61
CA ALA V 185 4.32 52.83 124.17
C ALA V 185 3.51 54.07 124.50
N ALA V 186 4.17 55.09 125.03
CA ALA V 186 3.47 56.29 125.49
C ALA V 186 2.94 57.10 124.31
N THR V 187 2.03 58.03 124.62
CA THR V 187 1.42 58.90 123.62
C THR V 187 1.15 60.27 124.24
N VAL V 188 0.67 61.18 123.41
CA VAL V 188 0.38 62.54 123.86
C VAL V 188 -0.76 62.54 124.87
N SER V 189 -1.75 61.66 124.70
CA SER V 189 -2.82 61.55 125.67
C SER V 189 -2.29 61.08 127.03
N ASP V 190 -1.37 60.11 127.01
CA ASP V 190 -0.75 59.66 128.25
C ASP V 190 0.05 60.77 128.91
N LEU V 191 0.78 61.56 128.11
CA LEU V 191 1.51 62.68 128.67
C LEU V 191 0.58 63.71 129.30
N THR V 192 -0.53 64.02 128.61
CA THR V 192 -1.50 64.96 129.16
C THR V 192 -2.11 64.44 130.46
N SER V 193 -2.43 63.15 130.51
CA SER V 193 -2.95 62.56 131.74
C SER V 193 -1.92 62.63 132.86
N ALA V 194 -0.65 62.38 132.55
CA ALA V 194 0.41 62.49 133.52
C ALA V 194 0.66 63.93 133.97
N GLY V 195 0.26 64.91 133.16
CA GLY V 195 0.36 66.30 133.55
C GLY V 195 1.39 67.12 132.81
N ALA V 196 1.97 66.60 131.73
CA ALA V 196 2.94 67.37 130.97
C ALA V 196 2.29 68.58 130.32
N LYS V 197 3.02 69.69 130.30
CA LYS V 197 2.55 70.95 129.74
C LYS V 197 3.26 71.23 128.43
N LEU V 198 2.51 71.70 127.43
CA LEU V 198 3.10 72.06 126.15
C LEU V 198 3.78 73.41 126.26
N ASN V 199 5.01 73.49 125.76
CA ASN V 199 5.77 74.74 125.75
C ASN V 199 5.50 75.44 124.41
N THR V 200 4.86 76.61 124.47
CA THR V 200 4.44 77.29 123.25
C THR V 200 5.63 77.72 122.40
N THR V 201 6.69 78.23 123.04
CA THR V 201 7.82 78.77 122.27
C THR V 201 8.61 77.69 121.57
N THR V 202 8.66 76.47 122.11
CA THR V 202 9.45 75.40 121.52
C THR V 202 8.62 74.27 120.93
N GLY V 203 7.36 74.10 121.36
CA GLY V 203 6.52 73.04 120.86
C GLY V 203 6.70 71.70 121.53
N LEU V 204 7.63 71.58 122.47
CA LEU V 204 7.85 70.32 123.17
C LEU V 204 6.86 70.16 124.32
N TYR V 205 6.90 68.98 124.94
CA TYR V 205 6.11 68.69 126.12
C TYR V 205 7.06 68.56 127.32
N ASP V 206 6.88 69.42 128.32
CA ASP V 206 7.71 69.42 129.51
C ASP V 206 6.94 68.83 130.67
N LEU V 207 7.52 67.84 131.34
CA LEU V 207 6.93 67.21 132.51
C LEU V 207 7.70 67.61 133.75
N LYS V 208 6.99 68.22 134.70
CA LYS V 208 7.60 68.72 135.93
C LYS V 208 7.12 67.90 137.11
N THR V 209 8.06 67.38 137.89
CA THR V 209 7.76 66.60 139.10
C THR V 209 8.27 67.37 140.31
N GLU V 210 7.40 67.57 141.29
CA GLU V 210 7.76 68.29 142.50
C GLU V 210 8.46 67.36 143.49
N ASN V 211 9.20 67.97 144.41
CA ASN V 211 10.00 67.24 145.39
C ASN V 211 9.72 67.79 146.77
N THR V 212 9.39 66.91 147.71
CA THR V 212 9.06 67.32 149.06
C THR V 212 10.32 67.57 149.87
N LEU V 213 10.33 68.68 150.61
CA LEU V 213 11.47 69.02 151.44
C LEU V 213 11.64 68.00 152.57
N LEU V 214 12.87 67.88 153.06
CA LEU V 214 13.18 66.90 154.10
C LEU V 214 12.33 67.16 155.33
N THR V 215 11.79 66.08 155.90
CA THR V 215 10.94 66.14 157.07
C THR V 215 11.63 65.50 158.27
N THR V 216 11.10 65.81 159.46
CA THR V 216 11.66 65.28 160.68
C THR V 216 11.53 63.76 160.75
N ASP V 217 10.40 63.23 160.27
CA ASP V 217 10.20 61.78 160.27
C ASP V 217 11.22 61.09 159.37
N ALA V 218 11.45 61.64 158.18
CA ALA V 218 12.43 61.07 157.27
C ALA V 218 13.83 61.16 157.86
N ALA V 219 14.16 62.30 158.49
CA ALA V 219 15.46 62.45 159.12
C ALA V 219 15.66 61.42 160.23
N PHE V 220 14.63 61.20 161.05
CA PHE V 220 14.73 60.19 162.10
C PHE V 220 14.85 58.79 161.54
N ASP V 221 14.14 58.50 160.45
CA ASP V 221 14.26 57.19 159.81
C ASP V 221 15.67 56.97 159.28
N LYS V 222 16.28 58.00 158.71
CA LYS V 222 17.64 57.89 158.20
C LYS V 222 18.70 58.10 159.26
N LEU V 223 18.31 58.40 160.50
CA LEU V 223 19.28 58.55 161.58
C LEU V 223 20.06 57.24 161.78
N GLY V 224 21.37 57.38 162.03
CA GLY V 224 22.24 56.24 162.23
C GLY V 224 23.01 56.35 163.53
N ASN V 225 23.86 55.35 163.76
CA ASN V 225 24.67 55.32 164.96
C ASN V 225 25.66 56.48 164.97
N GLY V 226 25.79 57.13 166.13
CA GLY V 226 26.69 58.25 166.28
C GLY V 226 26.18 59.58 165.79
N ASP V 227 24.93 59.65 165.33
CA ASP V 227 24.37 60.89 164.83
C ASP V 227 24.12 61.87 165.98
N LYS V 228 24.28 63.16 165.68
CA LYS V 228 24.16 64.22 166.68
C LYS V 228 23.00 65.13 166.31
N VAL V 229 22.13 65.41 167.27
CA VAL V 229 20.98 66.28 167.08
C VAL V 229 21.08 67.43 168.07
N THR V 230 21.03 68.66 167.55
CA THR V 230 21.12 69.85 168.37
C THR V 230 19.80 70.62 168.29
N VAL V 231 19.01 70.53 169.36
CA VAL V 231 17.76 71.26 169.47
C VAL V 231 17.72 71.96 170.82
N GLY V 232 17.34 73.24 170.83
CA GLY V 232 17.26 73.99 172.06
C GLY V 232 18.61 74.20 172.74
N GLY V 233 19.70 74.10 172.00
CA GLY V 233 21.02 74.32 172.55
C GLY V 233 21.64 73.15 173.27
N VAL V 234 20.99 71.98 173.30
CA VAL V 234 21.49 70.80 173.96
C VAL V 234 21.71 69.71 172.91
N ASP V 235 22.81 68.98 173.04
CA ASP V 235 23.20 67.98 172.05
C ASP V 235 22.79 66.59 172.50
N TYR V 236 22.18 65.83 171.60
CA TYR V 236 21.76 64.46 171.84
C TYR V 236 22.51 63.56 170.87
N THR V 237 22.96 62.39 171.35
CA THR V 237 23.64 61.42 170.51
C THR V 237 22.73 60.20 170.34
N TYR V 238 22.40 59.88 169.10
CA TYR V 238 21.51 58.75 168.82
C TYR V 238 22.24 57.44 169.04
N ASN V 239 21.54 56.47 169.64
CA ASN V 239 22.05 55.12 169.83
C ASN V 239 21.08 54.15 169.18
N ALA V 240 21.57 53.42 168.17
CA ALA V 240 20.74 52.44 167.48
C ALA V 240 20.64 51.13 168.24
N LYS V 241 21.63 50.82 169.09
CA LYS V 241 21.58 49.59 169.87
C LYS V 241 20.37 49.59 170.79
N SER V 242 20.12 50.70 171.48
CA SER V 242 18.91 50.86 172.27
C SER V 242 17.87 51.74 171.61
N GLY V 243 18.22 52.40 170.51
CA GLY V 243 17.28 53.23 169.78
C GLY V 243 16.77 54.43 170.54
N ASP V 244 17.68 55.17 171.17
CA ASP V 244 17.29 56.29 172.01
C ASP V 244 18.43 57.31 172.04
N PHE V 245 18.12 58.52 172.50
CA PHE V 245 19.12 59.58 172.52
C PHE V 245 19.77 59.67 173.89
N THR V 246 21.10 59.66 173.92
CA THR V 246 21.85 59.85 175.14
C THR V 246 22.33 61.29 175.23
N THR V 247 22.32 61.81 176.45
CA THR V 247 22.68 63.20 176.72
C THR V 247 23.70 63.25 177.83
N THR V 248 24.54 64.28 177.81
CA THR V 248 25.50 64.55 178.87
C THR V 248 25.09 65.85 179.54
N LYS V 249 24.51 65.74 180.74
CA LYS V 249 23.98 66.91 181.44
C LYS V 249 24.85 67.22 182.65
N SER V 250 25.35 68.45 182.71
CA SER V 250 25.98 68.96 183.90
C SER V 250 24.91 69.43 184.89
N THR V 251 25.31 69.54 186.16
CA THR V 251 24.38 69.97 187.20
C THR V 251 23.82 71.36 186.91
N ALA V 252 24.67 72.37 186.94
CA ALA V 252 24.26 73.76 186.78
C ALA V 252 25.51 74.60 186.57
N GLY V 253 25.34 75.92 186.66
CA GLY V 253 26.44 76.86 186.52
C GLY V 253 26.35 77.73 185.29
N THR V 254 25.90 78.97 185.47
CA THR V 254 25.80 79.96 184.41
C THR V 254 26.51 81.25 184.74
N GLY V 255 26.46 81.69 185.99
CA GLY V 255 27.14 82.92 186.37
C GLY V 255 28.64 82.76 186.36
N VAL V 256 29.34 83.90 186.20
CA VAL V 256 30.80 83.90 186.16
C VAL V 256 31.44 84.25 187.49
N ASP V 257 30.66 84.69 188.48
CA ASP V 257 31.18 85.06 189.79
C ASP V 257 30.44 84.29 190.87
N ALA V 258 30.98 84.34 192.08
CA ALA V 258 30.37 83.63 193.20
C ALA V 258 28.98 84.18 193.52
N ALA V 259 28.82 85.49 193.51
CA ALA V 259 27.53 86.13 193.81
C ALA V 259 26.67 86.14 192.54
N ALA V 260 26.19 84.96 192.18
CA ALA V 260 25.36 84.79 190.99
C ALA V 260 24.35 83.68 191.25
N GLN V 261 23.52 83.43 190.25
CA GLN V 261 22.50 82.38 190.34
C GLN V 261 23.07 80.99 190.15
N ALA V 262 24.36 80.87 189.83
CA ALA V 262 24.95 79.56 189.58
C ALA V 262 24.91 78.68 190.82
N ALA V 263 25.23 79.24 191.98
CA ALA V 263 25.21 78.47 193.23
C ALA V 263 23.80 78.01 193.55
N ASP V 264 22.82 78.90 193.39
CA ASP V 264 21.43 78.53 193.67
C ASP V 264 20.96 77.44 192.71
N SER V 265 21.31 77.55 191.43
CA SER V 265 20.92 76.53 190.46
C SER V 265 21.57 75.19 190.79
N ALA V 266 22.84 75.21 191.20
CA ALA V 266 23.51 73.96 191.58
C ALA V 266 22.84 73.33 192.79
N SER V 267 22.50 74.15 193.80
CA SER V 267 21.86 73.62 195.00
C SER V 267 20.49 73.02 194.67
N LYS V 268 19.70 73.72 193.86
CA LYS V 268 18.36 73.20 193.54
C LYS V 268 18.45 71.96 192.66
N ARG V 269 19.43 71.90 191.76
CA ARG V 269 19.59 70.70 190.94
C ARG V 269 20.04 69.51 191.79
N ASP V 270 20.93 69.75 192.76
CA ASP V 270 21.32 68.68 193.68
C ASP V 270 20.13 68.20 194.50
N ALA V 271 19.30 69.14 194.97
CA ALA V 271 18.10 68.75 195.71
C ALA V 271 17.15 67.95 194.84
N LEU V 272 16.97 68.36 193.58
CA LEU V 272 16.10 67.61 192.67
C LEU V 272 16.64 66.20 192.42
N ALA V 273 17.96 66.07 192.23
CA ALA V 273 18.54 64.75 192.05
C ALA V 273 18.35 63.88 193.29
N ALA V 274 18.53 64.47 194.48
CA ALA V 274 18.32 63.71 195.71
C ALA V 274 16.88 63.25 195.84
N THR V 275 15.93 64.11 195.48
CA THR V 275 14.52 63.72 195.52
C THR V 275 14.23 62.61 194.52
N LEU V 276 14.84 62.69 193.33
CA LEU V 276 14.66 61.63 192.34
C LEU V 276 15.26 60.31 192.82
N HIS V 277 16.34 60.38 193.61
CA HIS V 277 16.97 59.18 194.16
C HIS V 277 16.25 58.62 195.38
N ALA V 278 14.98 59.00 195.60
CA ALA V 278 14.24 58.51 196.76
C ALA V 278 14.09 56.99 196.71
N ASP V 279 13.41 56.49 195.68
CA ASP V 279 13.14 55.06 195.52
C ASP V 279 12.50 54.47 196.78
N VAL V 280 11.33 54.99 197.11
CA VAL V 280 10.64 54.60 198.34
C VAL V 280 10.21 53.14 198.26
N GLY V 281 9.75 52.69 197.09
CA GLY V 281 9.19 51.35 196.99
C GLY V 281 10.18 50.25 197.30
N LYS V 282 11.37 50.33 196.73
CA LYS V 282 12.37 49.29 196.89
C LYS V 282 13.76 49.90 197.05
N SER V 283 14.65 49.13 197.65
CA SER V 283 16.02 49.57 197.89
C SER V 283 16.86 49.42 196.62
N VAL V 284 17.97 50.17 196.58
CA VAL V 284 18.90 50.10 195.46
C VAL V 284 20.33 50.16 195.99
N ASN V 285 21.22 49.43 195.31
CA ASN V 285 22.61 49.31 195.68
C ASN V 285 23.50 50.00 194.66
N GLY V 286 24.57 50.63 195.15
CA GLY V 286 25.56 51.28 194.30
C GLY V 286 26.93 51.34 194.96
N SER V 287 27.80 52.18 194.42
CA SER V 287 29.16 52.32 194.94
C SER V 287 29.59 53.78 194.88
N TYR V 288 30.23 54.24 195.95
CA TYR V 288 30.77 55.60 196.06
C TYR V 288 32.29 55.51 196.10
N THR V 289 32.95 56.14 195.14
CA THR V 289 34.40 56.03 194.99
C THR V 289 35.02 57.41 195.09
N THR V 290 36.02 57.55 195.97
CA THR V 290 36.78 58.77 196.11
C THR V 290 37.94 58.77 195.12
N LYS V 291 38.90 59.69 195.30
CA LYS V 291 40.05 59.73 194.41
C LYS V 291 40.87 58.45 194.49
N ASP V 292 41.04 57.90 195.70
CA ASP V 292 41.85 56.72 195.90
C ASP V 292 41.14 55.59 196.64
N GLY V 293 39.86 55.74 196.98
CA GLY V 293 39.17 54.71 197.71
C GLY V 293 37.72 54.58 197.24
N THR V 294 37.15 53.40 197.51
CA THR V 294 35.79 53.08 197.14
C THR V 294 35.09 52.38 198.28
N VAL V 295 33.75 52.46 198.29
CA VAL V 295 32.93 51.87 199.33
C VAL V 295 31.58 51.49 198.72
N SER V 296 31.00 50.41 199.23
CA SER V 296 29.66 50.00 198.81
C SER V 296 28.61 50.96 199.35
N PHE V 297 27.40 50.82 198.83
CA PHE V 297 26.29 51.70 199.22
C PHE V 297 24.99 50.94 199.01
N GLU V 298 24.11 50.96 200.00
CA GLU V 298 22.81 50.28 199.93
C GLU V 298 21.76 51.19 200.56
N THR V 299 20.99 51.89 199.74
CA THR V 299 19.97 52.78 200.27
C THR V 299 18.59 52.15 200.11
N ASP V 300 17.70 52.44 201.07
CA ASP V 300 16.36 51.87 201.07
C ASP V 300 15.31 52.87 200.58
N SER V 301 15.22 54.03 201.22
CA SER V 301 14.24 55.03 200.83
C SER V 301 14.67 56.38 201.39
N ALA V 302 14.17 57.44 200.75
CA ALA V 302 14.42 58.83 201.18
C ALA V 302 15.91 59.15 201.23
N GLY V 303 16.71 58.44 200.43
CA GLY V 303 18.14 58.68 200.41
C GLY V 303 18.84 58.41 201.73
N ASN V 304 18.48 57.31 202.40
CA ASN V 304 19.09 56.94 203.67
C ASN V 304 20.29 56.05 203.41
N ILE V 305 21.43 56.42 203.97
CA ILE V 305 22.68 55.70 203.75
C ILE V 305 22.76 54.55 204.75
N THR V 306 22.85 53.33 204.24
CA THR V 306 23.00 52.14 205.06
C THR V 306 24.11 51.27 204.48
N ILE V 307 25.11 50.94 205.29
CA ILE V 307 26.25 50.13 204.86
C ILE V 307 26.29 48.90 205.75
N GLY V 308 26.08 47.73 205.14
CA GLY V 308 26.13 46.49 205.89
C GLY V 308 25.11 46.38 207.00
N GLY V 309 23.91 46.93 206.79
CA GLY V 309 22.88 46.91 207.81
C GLY V 309 23.02 47.98 208.87
N SER V 310 24.04 48.83 208.80
CA SER V 310 24.25 49.89 209.76
C SER V 310 24.30 51.23 209.03
N GLN V 311 23.64 52.24 209.58
CA GLN V 311 23.60 53.56 208.96
C GLN V 311 24.98 54.22 209.06
N ALA V 312 25.50 54.65 207.91
CA ALA V 312 26.78 55.32 207.85
C ALA V 312 26.57 56.84 207.80
N TYR V 313 27.67 57.59 207.81
CA TYR V 313 27.62 59.04 207.86
C TYR V 313 28.68 59.60 206.92
N VAL V 314 28.48 60.85 206.51
CA VAL V 314 29.39 61.54 205.61
C VAL V 314 30.10 62.65 206.39
N ASP V 315 31.40 62.78 206.15
CA ASP V 315 32.21 63.80 206.81
C ASP V 315 32.19 65.09 205.99
N ASP V 316 33.00 66.06 206.43
CA ASP V 316 33.07 67.34 205.71
C ASP V 316 33.65 67.17 204.31
N ALA V 317 34.66 66.31 204.17
CA ALA V 317 35.33 66.10 202.91
C ALA V 317 34.67 64.99 202.07
N GLY V 318 33.46 64.58 202.43
CA GLY V 318 32.74 63.57 201.66
C GLY V 318 33.08 62.14 201.99
N ASN V 319 33.99 61.89 202.93
CA ASN V 319 34.34 60.52 203.29
C ASN V 319 33.19 59.85 204.01
N LEU V 320 32.95 58.58 203.68
CA LEU V 320 31.87 57.79 204.27
C LEU V 320 32.44 56.92 205.37
N THR V 321 31.92 57.08 206.59
CA THR V 321 32.42 56.34 207.74
C THR V 321 31.25 55.80 208.56
N THR V 322 31.48 54.65 209.19
CA THR V 322 30.47 54.06 210.06
C THR V 322 30.33 54.79 211.39
N ASN V 323 31.38 55.46 211.85
CA ASN V 323 31.37 56.14 213.14
C ASN V 323 31.08 57.63 212.95
N ASN V 324 30.96 58.32 214.08
CA ASN V 324 30.67 59.75 214.11
C ASN V 324 31.79 60.48 214.83
N ALA V 325 32.25 61.58 214.24
CA ALA V 325 33.27 62.44 214.84
C ALA V 325 32.63 63.81 215.12
N GLY V 326 32.47 64.13 216.40
CA GLY V 326 31.85 65.38 216.77
C GLY V 326 30.37 65.49 216.41
N SER V 327 29.66 64.36 216.38
CA SER V 327 28.22 64.33 216.09
C SER V 327 27.91 64.90 214.72
N ALA V 328 28.87 64.87 213.80
CA ALA V 328 28.67 65.35 212.43
C ALA V 328 28.17 64.20 211.56
N ALA V 329 26.92 63.80 211.82
CA ALA V 329 26.35 62.65 211.12
C ALA V 329 25.82 63.03 209.74
N LYS V 330 24.82 63.90 209.71
CA LYS V 330 24.13 64.35 208.50
C LYS V 330 23.98 63.22 207.48
N ALA V 331 23.40 62.11 207.95
CA ALA V 331 23.23 60.90 207.13
C ALA V 331 22.00 61.08 206.24
N ASP V 332 22.20 61.77 205.13
CA ASP V 332 21.13 61.99 204.16
C ASP V 332 21.74 62.13 202.77
N MET V 333 20.93 61.84 201.76
CA MET V 333 21.39 61.94 200.38
C MET V 333 21.74 63.39 200.02
N LYS V 334 20.92 64.34 200.46
CA LYS V 334 21.20 65.74 200.19
C LYS V 334 22.51 66.18 200.82
N ALA V 335 22.73 65.79 202.08
CA ALA V 335 23.97 66.16 202.76
C ALA V 335 25.18 65.50 202.10
N LEU V 336 25.04 64.23 201.71
CA LEU V 336 26.15 63.54 201.05
C LEU V 336 26.49 64.20 199.72
N LEU V 337 25.47 64.55 198.93
CA LEU V 337 25.73 65.20 197.65
C LEU V 337 26.35 66.58 197.85
N LYS V 338 25.88 67.35 198.83
CA LYS V 338 26.45 68.66 199.09
C LYS V 338 27.90 68.54 199.55
N ALA V 339 28.20 67.57 200.41
CA ALA V 339 29.57 67.37 200.85
C ALA V 339 30.48 66.95 199.70
N ALA V 340 29.98 66.10 198.81
CA ALA V 340 30.76 65.72 197.63
C ALA V 340 31.01 66.91 196.72
N SER V 341 30.00 67.76 196.53
CA SER V 341 30.17 68.94 195.69
C SER V 341 31.16 69.92 196.29
N GLU V 342 31.09 70.14 197.61
CA GLU V 342 31.98 71.08 198.27
C GLU V 342 33.34 70.48 198.63
N GLY V 343 33.53 69.19 198.39
CA GLY V 343 34.80 68.57 198.73
C GLY V 343 35.94 69.05 197.85
N SER V 344 37.16 68.92 198.38
CA SER V 344 38.34 69.35 197.63
C SER V 344 38.56 68.47 196.41
N ASP V 345 38.31 67.17 196.52
CA ASP V 345 38.58 66.21 195.46
C ASP V 345 37.26 65.65 194.93
N GLY V 346 37.23 65.35 193.64
CA GLY V 346 36.04 64.82 193.01
C GLY V 346 35.76 63.38 193.41
N ALA V 347 34.56 62.92 193.06
CA ALA V 347 34.08 61.59 193.41
C ALA V 347 33.33 60.99 192.22
N SER V 348 33.02 59.69 192.34
CA SER V 348 32.24 58.98 191.35
C SER V 348 31.20 58.11 192.02
N LEU V 349 29.96 58.15 191.53
CA LEU V 349 28.89 57.29 191.99
C LEU V 349 28.47 56.35 190.87
N THR V 350 28.43 55.05 191.17
CA THR V 350 27.98 54.05 190.22
C THR V 350 26.70 53.42 190.76
N PHE V 351 25.61 53.59 190.02
CA PHE V 351 24.30 53.14 190.48
C PHE V 351 23.65 52.19 189.48
N ASN V 352 22.38 51.89 189.68
CA ASN V 352 21.67 51.00 188.77
C ASN V 352 21.62 51.57 187.35
N GLY V 353 21.44 52.88 187.23
CA GLY V 353 21.40 53.52 185.93
C GLY V 353 22.77 53.97 185.46
N THR V 354 22.87 55.23 185.06
CA THR V 354 24.14 55.76 184.57
C THR V 354 25.05 56.14 185.74
N GLU V 355 26.33 56.30 185.43
CA GLU V 355 27.34 56.65 186.43
C GLU V 355 27.52 58.15 186.48
N TYR V 356 27.52 58.70 187.69
CA TYR V 356 27.64 60.14 187.91
C TYR V 356 29.06 60.46 188.34
N THR V 357 29.59 61.58 187.84
CA THR V 357 30.92 62.03 188.24
C THR V 357 30.83 63.42 188.83
N ILE V 358 31.22 63.57 190.09
CA ILE V 358 31.26 64.86 190.76
C ILE V 358 32.65 65.43 190.56
N ALA V 359 32.74 66.52 189.82
CA ALA V 359 34.02 67.10 189.45
C ALA V 359 34.65 67.85 190.63
N LYS V 360 35.95 68.07 190.54
CA LYS V 360 36.69 68.80 191.56
C LYS V 360 36.23 70.26 191.65
N GLY V 376 30.08 70.41 190.64
CA GLY V 376 29.14 69.97 189.62
C GLY V 376 29.15 68.47 189.40
N ILE V 377 28.04 67.95 188.87
CA ILE V 377 27.90 66.53 188.56
C ILE V 377 27.67 66.41 187.07
N THR V 378 28.51 65.62 186.40
CA THR V 378 28.34 65.28 185.00
C THR V 378 27.81 63.86 184.92
N TYR V 379 26.75 63.66 184.12
CA TYR V 379 26.14 62.34 184.03
C TYR V 379 25.42 62.19 182.70
N GLN V 380 25.27 60.92 182.30
CA GLN V 380 24.51 60.57 181.11
C GLN V 380 23.04 60.40 181.45
N ALA V 381 22.19 60.68 180.46
CA ALA V 381 20.76 60.54 180.60
C ALA V 381 20.18 59.99 179.30
N THR V 382 19.03 59.33 179.41
CA THR V 382 18.38 58.67 178.29
C THR V 382 17.04 59.37 178.00
N VAL V 383 16.83 59.72 176.73
CA VAL V 383 15.57 60.32 176.30
C VAL V 383 15.05 59.57 175.09
N SER V 384 13.73 59.51 174.95
CA SER V 384 13.10 58.77 173.87
C SER V 384 13.18 59.54 172.55
N LYS V 385 13.30 58.78 171.46
CA LYS V 385 13.30 59.38 170.14
C LYS V 385 11.98 60.08 169.87
N ASP V 386 10.87 59.53 170.36
CA ASP V 386 9.58 60.19 170.22
C ASP V 386 9.56 61.53 170.95
N VAL V 387 10.14 61.57 172.16
CA VAL V 387 10.20 62.82 172.92
C VAL V 387 11.03 63.85 172.18
N VAL V 388 12.18 63.42 171.64
CA VAL V 388 13.04 64.35 170.90
C VAL V 388 12.33 64.86 169.66
N LEU V 389 11.63 63.96 168.95
CA LEU V 389 10.90 64.37 167.75
C LEU V 389 9.81 65.38 168.08
N SER V 390 9.06 65.13 169.16
CA SER V 390 8.01 66.06 169.56
C SER V 390 8.59 67.41 169.96
N GLU V 391 9.72 67.40 170.66
CA GLU V 391 10.37 68.66 171.02
C GLU V 391 10.81 69.43 169.79
N THR V 392 11.36 68.72 168.79
CA THR V 392 11.82 69.39 167.58
C THR V 392 10.64 69.95 166.78
N LYS V 393 9.54 69.22 166.69
CA LYS V 393 8.41 69.64 165.87
C LYS V 393 7.38 70.45 166.63
N ALA V 394 7.61 70.73 167.91
CA ALA V 394 6.64 71.48 168.70
C ALA V 394 6.46 72.89 168.18
N ALA V 395 7.55 73.60 167.90
CA ALA V 395 7.50 74.99 167.45
C ALA V 395 8.62 75.20 166.43
N ALA V 396 8.87 76.47 166.12
CA ALA V 396 9.91 76.84 165.15
C ALA V 396 11.28 76.80 165.82
N ALA V 397 11.71 75.57 166.10
CA ALA V 397 13.00 75.36 166.76
C ALA V 397 14.14 75.40 165.74
N THR V 398 15.36 75.53 166.25
CA THR V 398 16.57 75.57 165.44
C THR V 398 17.29 74.23 165.42
N SER V 399 16.52 73.13 165.44
CA SER V 399 17.12 71.81 165.49
C SER V 399 17.95 71.53 164.23
N SER V 400 19.09 70.88 164.44
CA SER V 400 19.98 70.49 163.34
C SER V 400 20.43 69.05 163.56
N ILE V 401 20.50 68.29 162.47
CA ILE V 401 20.85 66.87 162.53
C ILE V 401 22.11 66.67 161.69
N THR V 402 23.10 65.98 162.28
CA THR V 402 24.34 65.66 161.59
C THR V 402 24.33 64.19 161.22
N PHE V 403 24.32 63.90 159.93
CA PHE V 403 24.41 62.55 159.42
C PHE V 403 25.88 62.20 159.26
N ASN V 404 26.33 61.16 159.96
CA ASN V 404 27.72 60.74 159.98
C ASN V 404 27.80 59.27 159.60
N SER V 405 28.56 58.97 158.56
CA SER V 405 28.82 57.60 158.15
C SER V 405 30.17 57.08 158.63
N GLY V 406 30.86 57.85 159.47
CA GLY V 406 32.18 57.49 159.95
C GLY V 406 33.32 58.07 159.14
N VAL V 407 33.06 58.50 157.90
CA VAL V 407 34.08 59.13 157.06
C VAL V 407 33.56 60.49 156.62
N LEU V 408 32.37 60.52 156.01
CA LEU V 408 31.75 61.75 155.54
C LEU V 408 30.62 62.14 156.46
N SER V 409 30.56 63.42 156.81
CA SER V 409 29.55 63.95 157.71
C SER V 409 28.91 65.19 157.08
N LYS V 410 27.60 65.30 157.21
CA LYS V 410 26.86 66.44 156.69
C LYS V 410 25.83 66.91 157.70
N THR V 411 25.79 68.21 157.95
CA THR V 411 24.87 68.80 158.92
C THR V 411 23.74 69.51 158.18
N ILE V 412 22.50 69.19 158.53
CA ILE V 412 21.32 69.78 157.93
C ILE V 412 20.53 70.48 159.04
N GLY V 413 20.26 71.76 158.84
CA GLY V 413 19.50 72.54 159.81
C GLY V 413 18.11 72.88 159.31
N PHE V 414 17.08 72.28 159.92
CA PHE V 414 15.71 72.48 159.50
C PHE V 414 14.89 72.98 160.67
N THR V 415 13.97 73.90 160.39
CA THR V 415 13.12 74.51 161.40
C THR V 415 11.70 73.97 161.24
N ALA V 416 11.26 73.18 162.23
CA ALA V 416 9.90 72.65 162.28
C ALA V 416 9.53 71.92 160.99
N GLY V 417 10.39 70.97 160.59
CA GLY V 417 10.13 70.21 159.39
C GLY V 417 11.02 70.57 158.21
N GLU V 418 10.48 71.33 157.27
CA GLU V 418 11.21 71.69 156.06
C GLU V 418 12.45 72.51 156.41
N SER V 419 13.50 72.31 155.60
CA SER V 419 14.76 73.00 155.83
C SER V 419 14.64 74.47 155.47
N SER V 420 15.19 75.33 156.33
CA SER V 420 15.18 76.77 156.12
C SER V 420 16.58 77.36 155.99
N ASP V 421 17.61 76.52 155.95
CA ASP V 421 19.00 76.98 155.83
C ASP V 421 19.46 77.08 154.38
N ALA V 422 18.54 77.28 153.44
CA ALA V 422 18.85 77.36 152.01
C ALA V 422 19.53 76.09 151.51
N ALA V 423 19.18 74.95 152.10
CA ALA V 423 19.72 73.65 151.71
C ALA V 423 18.64 72.86 150.99
N LYS V 424 19.00 72.31 149.82
CA LYS V 424 18.04 71.59 148.98
C LYS V 424 18.06 70.11 149.36
N SER V 425 17.31 69.78 150.40
CA SER V 425 17.15 68.41 150.86
C SER V 425 15.76 67.92 150.49
N TYR V 426 15.69 66.77 149.82
CA TYR V 426 14.42 66.24 149.33
C TYR V 426 14.44 64.72 149.40
N VAL V 427 13.25 64.13 149.37
CA VAL V 427 13.10 62.69 149.59
C VAL V 427 12.24 61.99 148.55
N ASP V 428 11.42 62.70 147.76
CA ASP V 428 10.38 62.04 146.96
C ASP V 428 10.93 61.14 145.85
N ASP V 429 12.18 61.35 145.42
CA ASP V 429 12.68 60.61 144.27
C ASP V 429 12.72 59.11 144.53
N LYS V 430 13.59 58.66 145.44
CA LYS V 430 13.64 57.26 145.84
C LYS V 430 13.85 57.11 147.34
N GLY V 431 13.56 58.14 148.12
CA GLY V 431 13.91 58.15 149.53
C GLY V 431 15.28 58.73 149.77
N GLY V 432 15.60 58.90 151.05
CA GLY V 432 16.89 59.44 151.38
C GLY V 432 16.98 60.94 151.14
N ILE V 433 18.22 61.40 150.95
CA ILE V 433 18.52 62.81 150.77
C ILE V 433 19.04 63.02 149.36
N THR V 434 18.49 64.04 148.68
CA THR V 434 18.93 64.39 147.34
C THR V 434 18.97 65.92 147.23
N ASN V 435 19.79 66.39 146.29
CA ASN V 435 20.01 67.82 146.10
C ASN V 435 19.25 68.39 144.90
N VAL V 436 18.32 67.63 144.32
CA VAL V 436 17.58 68.09 143.15
C VAL V 436 16.39 68.93 143.62
N ALA V 437 16.39 70.21 143.26
CA ALA V 437 15.30 71.10 143.65
C ALA V 437 14.04 70.81 142.84
N ASP V 438 14.18 70.67 141.53
CA ASP V 438 13.05 70.44 140.64
C ASP V 438 13.41 69.35 139.63
N TYR V 439 12.38 68.61 139.20
CA TYR V 439 12.54 67.52 138.23
C TYR V 439 11.72 67.87 137.00
N THR V 440 12.37 68.35 135.94
CA THR V 440 11.71 68.73 134.71
C THR V 440 12.43 68.10 133.53
N VAL V 441 11.69 67.43 132.65
CA VAL V 441 12.21 66.78 131.47
C VAL V 441 11.31 67.11 130.29
N SER V 442 11.91 67.24 129.10
CA SER V 442 11.17 67.63 127.91
C SER V 442 10.93 66.42 127.03
N TYR V 443 9.69 66.28 126.56
CA TYR V 443 9.29 65.19 125.68
C TYR V 443 8.86 65.77 124.34
N SER V 444 9.38 65.19 123.26
CA SER V 444 9.02 65.57 121.90
C SER V 444 8.12 64.50 121.31
N VAL V 445 6.99 64.92 120.74
CA VAL V 445 6.01 64.03 120.16
C VAL V 445 6.11 64.15 118.64
N ASN V 446 6.31 63.01 117.97
CA ASN V 446 6.42 62.99 116.52
C ASN V 446 5.05 63.24 115.92
N LYS V 447 4.96 64.23 115.03
CA LYS V 447 3.68 64.56 114.43
C LYS V 447 3.19 63.46 113.48
N ASP V 448 4.12 62.76 112.82
CA ASP V 448 3.73 61.68 111.92
C ASP V 448 3.52 60.37 112.67
N ASN V 449 4.56 59.87 113.32
CA ASN V 449 4.48 58.56 113.98
C ASN V 449 3.58 58.63 115.21
N GLY V 450 3.65 59.71 115.99
CA GLY V 450 2.94 59.82 117.23
C GLY V 450 3.72 59.36 118.45
N SER V 451 4.94 58.86 118.27
CA SER V 451 5.75 58.39 119.38
C SER V 451 6.30 59.56 120.19
N VAL V 452 6.62 59.26 121.45
CA VAL V 452 7.16 60.25 122.39
C VAL V 452 8.61 59.89 122.70
N THR V 453 9.50 60.86 122.57
CA THR V 453 10.92 60.67 122.82
C THR V 453 11.40 61.72 123.81
N VAL V 454 12.48 61.39 124.53
CA VAL V 454 13.09 62.33 125.46
C VAL V 454 13.99 63.28 124.68
N ALA V 455 13.79 64.59 124.85
CA ALA V 455 14.55 65.60 124.15
C ALA V 455 15.33 66.47 125.13
N GLY V 456 15.92 65.85 126.14
CA GLY V 456 16.68 66.57 127.14
C GLY V 456 15.85 66.95 128.36
N TYR V 457 16.51 67.66 129.27
CA TYR V 457 15.84 68.11 130.48
C TYR V 457 16.56 69.34 131.03
N ALA V 458 15.85 70.09 131.86
CA ALA V 458 16.38 71.27 132.52
C ALA V 458 16.03 71.20 134.00
N SER V 459 16.98 71.57 134.84
CA SER V 459 16.81 71.54 136.29
C SER V 459 17.29 72.85 136.90
N ALA V 460 16.64 73.26 137.99
CA ALA V 460 17.04 74.47 138.68
C ALA V 460 18.45 74.35 139.23
N THR V 461 18.76 73.21 139.85
CA THR V 461 20.11 72.96 140.36
C THR V 461 20.96 72.31 139.28
N ASP V 462 22.22 72.05 139.62
CA ASP V 462 23.15 71.43 138.66
C ASP V 462 22.75 69.98 138.38
N THR V 463 22.43 69.23 139.42
CA THR V 463 21.96 67.84 139.35
C THR V 463 23.09 66.89 138.96
N ASN V 464 24.23 67.46 138.55
CA ASN V 464 25.41 66.69 138.15
C ASN V 464 25.07 65.61 137.12
N LYS V 465 23.99 65.80 136.37
CA LYS V 465 23.52 64.84 135.38
C LYS V 465 23.30 63.45 135.99
N ASP V 466 22.89 63.42 137.26
CA ASP V 466 22.68 62.14 137.94
C ASP V 466 21.40 61.46 137.45
N TYR V 467 20.32 62.24 137.32
CA TYR V 467 19.04 61.71 136.85
C TYR V 467 18.85 61.87 135.35
N ALA V 468 19.93 61.89 134.59
CA ALA V 468 19.86 62.16 133.16
C ALA V 468 19.33 60.96 132.41
N PRO V 469 18.23 61.09 131.66
CA PRO V 469 17.78 60.01 130.79
C PRO V 469 18.37 60.11 129.40
N ALA V 470 18.42 58.97 128.71
CA ALA V 470 18.97 58.93 127.37
C ALA V 470 18.11 59.74 126.41
N ILE V 471 18.75 60.57 125.60
CA ILE V 471 18.04 61.43 124.66
C ILE V 471 17.68 60.62 123.42
N GLY V 472 16.44 60.76 122.96
CA GLY V 472 15.96 60.04 121.80
C GLY V 472 15.42 58.67 122.08
N THR V 473 15.30 58.27 123.34
CA THR V 473 14.76 56.96 123.68
C THR V 473 13.23 57.03 123.74
N ALA V 474 12.59 56.02 123.15
CA ALA V 474 11.13 55.97 123.13
C ALA V 474 10.58 55.91 124.55
N VAL V 475 9.51 56.65 124.78
CA VAL V 475 8.88 56.73 126.09
C VAL V 475 7.77 55.69 126.18
N ASN V 476 7.75 54.93 127.27
CA ASN V 476 6.79 53.87 127.49
C ASN V 476 5.96 54.16 128.73
N VAL V 477 4.75 53.60 128.76
CA VAL V 477 3.85 53.73 129.90
C VAL V 477 3.90 52.44 130.70
N ASN V 478 4.18 52.56 132.00
CA ASN V 478 4.30 51.40 132.86
C ASN V 478 2.94 50.75 133.06
N SER V 479 2.96 49.57 133.70
CA SER V 479 1.71 48.84 133.97
C SER V 479 0.80 49.65 134.89
N ALA V 480 1.37 50.31 135.91
CA ALA V 480 0.58 51.16 136.78
C ALA V 480 0.09 52.42 136.07
N GLY V 481 0.69 52.78 134.94
CA GLY V 481 0.31 53.96 134.19
C GLY V 481 1.30 55.10 134.25
N LYS V 482 2.45 54.92 134.88
CA LYS V 482 3.44 55.98 134.98
C LYS V 482 4.29 56.02 133.70
N ILE V 483 5.25 56.94 133.68
CA ILE V 483 6.17 57.10 132.56
C ILE V 483 7.49 56.44 132.92
N THR V 484 7.94 55.51 132.08
CA THR V 484 9.17 54.78 132.33
C THR V 484 9.78 54.38 130.99
N THR V 485 11.10 54.55 130.88
CA THR V 485 11.80 54.23 129.64
C THR V 485 12.10 52.74 129.48
N GLU V 486 11.86 51.94 130.52
CA GLU V 486 12.12 50.50 130.43
C GLU V 486 11.12 49.85 129.48
N THR V 487 11.63 49.01 128.57
CA THR V 487 10.76 48.37 127.59
C THR V 487 9.89 47.29 128.22
N THR V 488 10.48 46.46 129.08
CA THR V 488 9.79 45.32 129.68
C THR V 488 9.63 45.51 131.17
N SER V 489 8.44 45.18 131.67
CA SER V 489 8.13 45.27 133.09
C SER V 489 7.67 43.90 133.59
N ALA V 490 8.08 43.55 134.81
CA ALA V 490 7.72 42.27 135.39
C ALA V 490 6.21 42.22 135.64
N GLY V 491 5.67 41.00 135.61
CA GLY V 491 4.26 40.75 135.80
C GLY V 491 4.02 39.75 136.92
N SER V 492 2.93 39.00 136.77
CA SER V 492 2.52 38.01 137.76
C SER V 492 1.89 36.81 137.04
N ALA V 493 1.58 35.79 137.82
CA ALA V 493 1.03 34.55 137.26
C ALA V 493 -0.34 34.79 136.65
N THR V 494 -0.61 34.10 135.54
CA THR V 494 -1.90 34.19 134.88
C THR V 494 -3.00 33.62 135.77
N THR V 495 -4.15 34.28 135.77
CA THR V 495 -5.27 33.84 136.60
C THR V 495 -5.85 32.52 136.09
N ASN V 496 -6.03 32.38 134.78
CA ASN V 496 -6.65 31.19 134.20
C ASN V 496 -5.91 30.80 132.93
N PRO V 497 -4.83 30.01 133.04
CA PRO V 497 -4.14 29.55 131.83
C PRO V 497 -4.95 28.55 131.04
N LEU V 498 -5.77 27.75 131.71
CA LEU V 498 -6.53 26.70 131.02
C LEU V 498 -7.53 27.28 130.03
N ALA V 499 -8.19 28.38 130.41
CA ALA V 499 -9.15 29.01 129.50
C ALA V 499 -8.46 29.53 128.24
N ALA V 500 -7.30 30.17 128.40
CA ALA V 500 -6.57 30.66 127.23
C ALA V 500 -6.09 29.51 126.36
N LEU V 501 -5.62 28.42 126.99
CA LEU V 501 -5.20 27.25 126.21
C LEU V 501 -6.37 26.66 125.44
N ASP V 502 -7.54 26.57 126.07
CA ASP V 502 -8.72 26.06 125.39
C ASP V 502 -9.12 26.95 124.23
N ASP V 503 -9.05 28.28 124.43
CA ASP V 503 -9.37 29.19 123.34
C ASP V 503 -8.41 29.03 122.17
N ALA V 504 -7.11 28.89 122.46
CA ALA V 504 -6.14 28.68 121.39
C ALA V 504 -6.40 27.38 120.66
N ILE V 505 -6.70 26.30 121.40
CA ILE V 505 -6.99 25.02 120.76
C ILE V 505 -8.24 25.12 119.90
N SER V 506 -9.26 25.83 120.38
CA SER V 506 -10.48 26.02 119.60
C SER V 506 -10.20 26.79 118.31
N SER V 507 -9.37 27.84 118.40
CA SER V 507 -9.01 28.58 117.19
C SER V 507 -8.26 27.71 116.20
N ILE V 508 -7.32 26.90 116.69
CA ILE V 508 -6.57 25.99 115.82
C ILE V 508 -7.52 25.01 115.14
N ASP V 509 -8.46 24.46 115.91
CA ASP V 509 -9.41 23.49 115.36
C ASP V 509 -10.32 24.15 114.32
N LYS V 510 -10.74 25.39 114.57
CA LYS V 510 -11.57 26.10 113.59
C LYS V 510 -10.80 26.34 112.30
N PHE V 511 -9.54 26.75 112.40
CA PHE V 511 -8.73 26.95 111.21
C PHE V 511 -8.54 25.64 110.45
N ARG V 512 -8.28 24.55 111.17
CA ARG V 512 -8.11 23.25 110.52
C ARG V 512 -9.39 22.80 109.83
N SER V 513 -10.54 23.02 110.46
CA SER V 513 -11.81 22.63 109.86
C SER V 513 -12.09 23.45 108.60
N SER V 514 -11.83 24.76 108.65
CA SER V 514 -12.01 25.58 107.47
C SER V 514 -11.09 25.12 106.34
N LEU V 515 -9.83 24.82 106.66
CA LEU V 515 -8.89 24.35 105.65
C LEU V 515 -9.35 23.02 105.05
N GLY V 516 -9.85 22.11 105.88
CA GLY V 516 -10.34 20.85 105.36
C GLY V 516 -11.55 21.02 104.46
N ALA V 517 -12.46 21.92 104.83
CA ALA V 517 -13.62 22.21 103.98
C ALA V 517 -13.18 22.78 102.64
N ILE V 518 -12.20 23.70 102.66
CA ILE V 518 -11.70 24.26 101.41
C ILE V 518 -11.03 23.18 100.57
N GLN V 519 -10.29 22.27 101.21
CA GLN V 519 -9.66 21.17 100.46
C GLN V 519 -10.71 20.27 99.81
N ASN V 520 -11.76 19.94 100.55
CA ASN V 520 -12.83 19.10 99.99
C ASN V 520 -13.52 19.80 98.82
N ARG V 521 -13.80 21.10 98.98
CA ARG V 521 -14.45 21.83 97.89
C ARG V 521 -13.53 21.93 96.67
N LEU V 522 -12.22 22.06 96.88
CA LEU V 522 -11.28 22.12 95.77
C LEU V 522 -11.20 20.77 95.06
N ASP V 523 -11.24 19.67 95.82
CA ASP V 523 -11.25 18.35 95.20
C ASP V 523 -12.51 18.15 94.37
N SER V 524 -13.66 18.59 94.88
CA SER V 524 -14.89 18.51 94.11
C SER V 524 -14.80 19.37 92.85
N ALA V 525 -14.19 20.54 92.96
CA ALA V 525 -13.98 21.38 91.78
C ALA V 525 -13.09 20.69 90.76
N VAL V 526 -12.03 20.00 91.22
CA VAL V 526 -11.16 19.27 90.31
C VAL V 526 -11.94 18.20 89.57
N THR V 527 -12.77 17.44 90.30
CA THR V 527 -13.57 16.40 89.67
C THR V 527 -14.52 16.99 88.62
N ASN V 528 -15.19 18.08 88.97
CA ASN V 528 -16.11 18.72 88.03
C ASN V 528 -15.36 19.24 86.80
N LEU V 529 -14.18 19.81 87.00
CA LEU V 529 -13.39 20.32 85.88
C LEU V 529 -12.96 19.17 84.96
N ASN V 530 -12.55 18.05 85.54
CA ASN V 530 -12.17 16.90 84.73
C ASN V 530 -13.35 16.38 83.91
N ASN V 531 -14.52 16.28 84.54
CA ASN V 531 -15.71 15.82 83.80
C ASN V 531 -16.06 16.78 82.68
N THR V 532 -16.02 18.08 82.95
CA THR V 532 -16.34 19.07 81.92
C THR V 532 -15.32 19.02 80.78
N THR V 533 -14.05 18.85 81.12
CA THR V 533 -13.02 18.74 80.08
C THR V 533 -13.26 17.52 79.20
N THR V 534 -13.60 16.39 79.82
CA THR V 534 -13.89 15.19 79.04
C THR V 534 -15.08 15.40 78.11
N ASN V 535 -16.14 16.02 78.63
CA ASN V 535 -17.34 16.26 77.81
C ASN V 535 -17.04 17.20 76.65
N LEU V 536 -16.27 18.26 76.91
CA LEU V 536 -15.95 19.22 75.85
C LEU V 536 -15.02 18.60 74.81
N SER V 537 -14.08 17.75 75.24
CA SER V 537 -13.24 17.03 74.29
C SER V 537 -14.07 16.10 73.43
N GLU V 538 -15.05 15.43 74.02
CA GLU V 538 -15.94 14.58 73.23
C GLU V 538 -16.73 15.39 72.22
N ALA V 539 -17.22 16.56 72.62
CA ALA V 539 -17.96 17.42 71.70
C ALA V 539 -17.07 17.87 70.54
N GLN V 540 -15.83 18.26 70.85
CA GLN V 540 -14.90 18.67 69.80
C GLN V 540 -14.60 17.51 68.86
N SER V 541 -14.47 16.29 69.40
CA SER V 541 -14.26 15.12 68.56
C SER V 541 -15.46 14.86 67.66
N ARG V 542 -16.68 15.07 68.19
CA ARG V 542 -17.87 14.94 67.36
C ARG V 542 -17.85 15.96 66.22
N ILE V 543 -17.49 17.20 66.51
CA ILE V 543 -17.51 18.24 65.49
C ILE V 543 -16.46 17.97 64.42
N GLN V 544 -15.22 17.68 64.83
CA GLN V 544 -14.11 17.46 63.92
C GLN V 544 -14.00 15.96 63.61
N ASP V 545 -12.86 15.55 63.06
CA ASP V 545 -12.53 14.14 62.83
C ASP V 545 -13.50 13.44 61.87
N ALA V 546 -13.47 13.84 60.60
CA ALA V 546 -14.25 13.18 59.56
C ALA V 546 -14.00 11.68 59.55
N ASP V 547 -14.96 10.93 59.02
CA ASP V 547 -14.92 9.48 59.05
C ASP V 547 -13.93 8.96 58.01
N TYR V 548 -12.95 8.19 58.47
CA TYR V 548 -11.92 7.66 57.57
C TYR V 548 -12.52 6.71 56.54
N ALA V 549 -13.51 5.91 56.91
CA ALA V 549 -14.14 5.02 55.95
C ALA V 549 -14.80 5.80 54.81
N THR V 550 -15.55 6.84 55.16
CA THR V 550 -16.20 7.66 54.14
C THR V 550 -15.17 8.37 53.26
N GLU V 551 -14.10 8.89 53.87
CA GLU V 551 -13.07 9.57 53.09
C GLU V 551 -12.34 8.60 52.15
N VAL V 552 -12.09 7.38 52.62
CA VAL V 552 -11.43 6.37 51.77
C VAL V 552 -12.34 5.99 50.61
N SER V 553 -13.64 5.81 50.88
CA SER V 553 -14.58 5.55 49.79
C SER V 553 -14.60 6.71 48.80
N ASN V 554 -14.55 7.95 49.30
CA ASN V 554 -14.54 9.11 48.42
C ASN V 554 -13.30 9.13 47.55
N MET V 555 -12.12 8.86 48.13
CA MET V 555 -10.91 8.89 47.31
C MET V 555 -10.90 7.74 46.31
N SER V 556 -11.42 6.57 46.69
CA SER V 556 -11.46 5.45 45.75
C SER V 556 -12.37 5.75 44.58
N LYS V 557 -13.57 6.28 44.84
CA LYS V 557 -14.47 6.62 43.75
C LYS V 557 -13.90 7.77 42.91
N ALA V 558 -13.21 8.73 43.55
CA ALA V 558 -12.61 9.83 42.79
C ALA V 558 -11.50 9.32 41.88
N GLN V 559 -10.67 8.40 42.37
CA GLN V 559 -9.61 7.84 41.54
C GLN V 559 -10.18 7.02 40.39
N ILE V 560 -11.25 6.25 40.66
CA ILE V 560 -11.88 5.48 39.61
C ILE V 560 -12.46 6.41 38.53
N ILE V 561 -13.13 7.48 38.97
CA ILE V 561 -13.69 8.44 38.01
C ILE V 561 -12.57 9.13 37.23
N GLN V 562 -11.46 9.43 37.90
CA GLN V 562 -10.33 10.05 37.22
C GLN V 562 -9.75 9.13 36.15
N GLN V 563 -9.60 7.84 36.47
CA GLN V 563 -9.08 6.90 35.49
C GLN V 563 -10.04 6.74 34.31
N ALA V 564 -11.35 6.65 34.60
CA ALA V 564 -12.33 6.55 33.52
C ALA V 564 -12.32 7.80 32.65
N GLY V 565 -12.23 8.98 33.27
CA GLY V 565 -12.17 10.21 32.52
C GLY V 565 -10.91 10.32 31.68
N ASN V 566 -9.79 9.84 32.22
CA ASN V 566 -8.55 9.83 31.43
C ASN V 566 -8.67 8.90 30.24
N SER V 567 -9.28 7.73 30.41
CA SER V 567 -9.48 6.82 29.30
C SER V 567 -10.39 7.45 28.24
N VAL V 568 -11.48 8.08 28.68
CA VAL V 568 -12.40 8.72 27.72
C VAL V 568 -11.71 9.90 27.03
N LEU V 569 -10.88 10.62 27.78
CA LEU V 569 -10.12 11.74 27.19
C LEU V 569 -9.16 11.23 26.13
N ALA V 570 -8.47 10.12 26.40
CA ALA V 570 -7.59 9.55 25.40
C ALA V 570 -8.36 9.08 24.17
N LYS V 571 -9.53 8.46 24.39
CA LYS V 571 -10.34 7.99 23.27
C LYS V 571 -10.84 9.17 22.42
N ALA V 572 -11.19 10.29 23.06
CA ALA V 572 -11.59 11.47 22.33
C ALA V 572 -10.40 12.13 21.64
N ASN V 573 -9.24 12.14 22.29
CA ASN V 573 -8.01 12.63 21.68
C ASN V 573 -7.53 11.75 20.55
N GLN V 574 -8.11 10.55 20.41
CA GLN V 574 -8.01 9.83 19.15
C GLN V 574 -8.93 10.54 18.17
N VAL V 575 -8.57 11.78 17.84
CA VAL V 575 -9.39 12.70 17.07
C VAL V 575 -9.52 12.18 15.64
N PRO V 576 -10.55 12.60 14.88
CA PRO V 576 -10.85 11.94 13.61
C PRO V 576 -9.70 11.89 12.62
N GLN V 577 -9.24 10.68 12.32
CA GLN V 577 -8.37 10.44 11.18
C GLN V 577 -9.13 9.88 9.99
N GLN V 578 -10.43 9.61 10.14
CA GLN V 578 -11.26 9.26 9.01
C GLN V 578 -11.33 10.39 8.00
N VAL V 579 -11.19 11.64 8.45
CA VAL V 579 -11.10 12.76 7.52
C VAL V 579 -9.83 12.66 6.67
N LEU V 580 -8.71 12.32 7.31
CA LEU V 580 -7.48 12.09 6.55
C LEU V 580 -7.63 10.93 5.58
N SER V 581 -8.34 9.88 6.00
CA SER V 581 -8.62 8.76 5.11
C SER V 581 -9.47 9.20 3.92
N LEU V 582 -10.45 10.07 4.15
CA LEU V 582 -11.28 10.59 3.08
C LEU V 582 -10.49 11.52 2.15
N LEU V 583 -9.43 12.14 2.67
CA LEU V 583 -8.72 13.16 1.90
C LEU V 583 -8.15 12.61 0.60
N GLN V 584 -7.51 11.43 0.66
CA GLN V 584 -6.89 10.90 -0.55
C GLN V 584 -7.90 10.21 -1.47
N GLY V 585 -9.14 10.04 -1.03
CA GLY V 585 -10.16 9.42 -1.86
C GLY V 585 -10.58 10.29 -3.03
N MET W 1 14.96 27.03 -186.94
CA MET W 1 13.52 26.96 -186.74
C MET W 1 12.78 27.17 -188.06
N ALA W 2 12.88 28.38 -188.62
CA ALA W 2 12.13 28.73 -189.81
C ALA W 2 12.51 27.89 -191.02
N GLN W 3 13.71 27.30 -191.02
CA GLN W 3 14.15 26.56 -192.21
C GLN W 3 13.34 25.29 -192.41
N VAL W 4 13.08 24.54 -191.35
CA VAL W 4 12.55 23.20 -191.44
C VAL W 4 11.26 23.09 -190.64
N ILE W 5 10.36 22.23 -191.09
CA ILE W 5 9.12 21.94 -190.37
C ILE W 5 9.00 20.49 -189.95
N ASN W 6 9.89 19.61 -190.44
CA ASN W 6 9.74 18.18 -190.18
C ASN W 6 10.14 17.79 -188.77
N THR W 7 11.10 18.49 -188.17
CA THR W 7 11.57 18.16 -186.82
C THR W 7 11.60 19.42 -185.98
N ASN W 8 11.70 19.23 -184.66
CA ASN W 8 11.81 20.33 -183.72
C ASN W 8 12.88 19.95 -182.69
N SER W 9 14.13 20.33 -182.99
CA SER W 9 15.23 20.02 -182.08
C SER W 9 15.05 20.70 -180.73
N LEU W 10 14.47 21.91 -180.72
CA LEU W 10 14.19 22.58 -179.46
C LEU W 10 13.23 21.75 -178.61
N SER W 11 12.18 21.23 -179.23
CA SER W 11 11.24 20.38 -178.50
C SER W 11 11.91 19.12 -177.99
N LEU W 12 12.77 18.51 -178.81
CA LEU W 12 13.45 17.29 -178.37
C LEU W 12 14.35 17.55 -177.18
N ILE W 13 15.12 18.64 -177.22
CA ILE W 13 16.00 18.98 -176.10
C ILE W 13 15.19 19.27 -174.85
N THR W 14 14.10 20.01 -174.99
CA THR W 14 13.26 20.30 -173.84
C THR W 14 12.68 19.04 -173.24
N GLN W 15 12.26 18.10 -174.08
CA GLN W 15 11.72 16.83 -173.58
C GLN W 15 12.79 16.06 -172.82
N ASN W 16 14.01 16.04 -173.34
CA ASN W 16 15.10 15.35 -172.64
C ASN W 16 15.33 15.96 -171.26
N ASN W 17 15.37 17.29 -171.19
CA ASN W 17 15.60 17.95 -169.91
C ASN W 17 14.44 17.68 -168.94
N ILE W 18 13.21 17.65 -169.47
CA ILE W 18 12.06 17.37 -168.62
C ILE W 18 12.15 15.97 -168.03
N ASN W 19 12.55 14.98 -168.85
CA ASN W 19 12.69 13.62 -168.34
C ASN W 19 13.78 13.54 -167.28
N LYS W 20 14.91 14.23 -167.52
CA LYS W 20 16.00 14.23 -166.56
C LYS W 20 15.55 14.79 -165.22
N ASN W 21 14.76 15.86 -165.25
CA ASN W 21 14.23 16.41 -163.99
C ASN W 21 13.21 15.46 -163.36
N GLN W 22 12.41 14.79 -164.20
CA GLN W 22 11.36 13.92 -163.67
C GLN W 22 11.95 12.77 -162.88
N SER W 23 13.11 12.27 -163.29
CA SER W 23 13.77 11.21 -162.52
C SER W 23 13.99 11.64 -161.08
N ALA W 24 14.59 12.82 -160.89
CA ALA W 24 14.84 13.32 -159.54
C ALA W 24 13.56 13.65 -158.79
N LEU W 25 12.55 14.15 -159.50
CA LEU W 25 11.26 14.40 -158.87
C LEU W 25 10.68 13.13 -158.27
N SER W 26 10.67 12.05 -159.06
CA SER W 26 10.15 10.78 -158.58
C SER W 26 10.96 10.26 -157.40
N SER W 27 12.30 10.36 -157.49
CA SER W 27 13.14 9.90 -156.40
C SER W 27 12.82 10.66 -155.11
N SER W 28 12.69 11.98 -155.20
CA SER W 28 12.42 12.79 -154.01
C SER W 28 11.07 12.46 -153.41
N ILE W 29 10.03 12.33 -154.24
CA ILE W 29 8.70 12.04 -153.71
C ILE W 29 8.67 10.68 -153.02
N GLU W 30 9.28 9.67 -153.66
CA GLU W 30 9.33 8.35 -153.04
C GLU W 30 10.10 8.39 -151.72
N ARG W 31 11.22 9.11 -151.69
CA ARG W 31 12.01 9.21 -150.47
C ARG W 31 11.22 9.86 -149.34
N LEU W 32 10.49 10.92 -149.66
CA LEU W 32 9.69 11.58 -148.63
C LEU W 32 8.57 10.68 -148.14
N SER W 33 7.90 9.97 -149.05
CA SER W 33 6.79 9.12 -148.65
C SER W 33 7.26 7.99 -147.76
N SER W 34 8.38 7.36 -148.11
CA SER W 34 8.86 6.22 -147.32
C SER W 34 9.49 6.67 -146.01
N GLY W 35 10.19 7.80 -146.02
CA GLY W 35 10.91 8.23 -144.84
C GLY W 35 12.26 7.58 -144.66
N LEU W 36 12.80 6.94 -145.69
CA LEU W 36 14.06 6.23 -145.61
C LEU W 36 15.03 6.75 -146.66
N ARG W 37 16.27 6.98 -146.26
CA ARG W 37 17.28 7.46 -147.20
C ARG W 37 17.64 6.38 -148.22
N ILE W 38 17.88 5.16 -147.76
CA ILE W 38 18.27 4.05 -148.62
C ILE W 38 17.01 3.25 -148.94
N ASN W 39 16.61 3.27 -150.20
CA ASN W 39 15.35 2.67 -150.61
C ASN W 39 15.53 1.95 -151.93
N SER W 40 15.00 0.73 -152.02
CA SER W 40 14.97 -0.10 -153.22
C SER W 40 16.34 -0.50 -153.73
N ALA W 41 17.41 -0.18 -152.98
CA ALA W 41 18.78 -0.59 -153.30
C ALA W 41 19.24 -0.08 -154.67
N LYS W 42 18.55 0.89 -155.25
CA LYS W 42 19.01 1.56 -156.46
C LYS W 42 20.01 2.66 -156.15
N ASP W 43 20.61 2.60 -154.98
CA ASP W 43 21.62 3.54 -154.52
C ASP W 43 22.70 2.72 -153.83
N ASP W 44 23.55 3.38 -153.03
CA ASP W 44 24.69 2.69 -152.43
C ASP W 44 24.23 1.47 -151.63
N ALA W 45 24.57 0.28 -152.12
CA ALA W 45 24.11 -0.96 -151.53
C ALA W 45 24.85 -1.30 -150.23
N ALA W 46 26.02 -0.71 -150.01
CA ALA W 46 26.71 -0.90 -148.74
C ALA W 46 25.86 -0.41 -147.58
N GLY W 47 25.20 0.74 -147.77
CA GLY W 47 24.30 1.23 -146.74
C GLY W 47 23.16 0.27 -146.46
N GLN W 48 22.59 -0.31 -147.52
CA GLN W 48 21.52 -1.29 -147.34
C GLN W 48 22.00 -2.49 -146.53
N ALA W 49 23.16 -3.03 -146.91
CA ALA W 49 23.68 -4.21 -146.20
C ALA W 49 23.98 -3.89 -144.74
N ILE W 50 24.60 -2.75 -144.49
CA ILE W 50 24.94 -2.39 -143.11
C ILE W 50 23.69 -2.13 -142.30
N ALA W 51 22.66 -1.54 -142.91
CA ALA W 51 21.40 -1.35 -142.21
C ALA W 51 20.76 -2.68 -141.85
N ASN W 52 20.83 -3.65 -142.76
CA ASN W 52 20.29 -4.98 -142.44
C ASN W 52 21.05 -5.61 -141.28
N ARG W 53 22.38 -5.50 -141.29
CA ARG W 53 23.17 -6.03 -140.18
C ARG W 53 22.78 -5.36 -138.86
N PHE W 54 22.61 -4.04 -138.88
CA PHE W 54 22.23 -3.32 -137.67
C PHE W 54 20.86 -3.76 -137.18
N THR W 55 19.91 -3.95 -138.10
CA THR W 55 18.59 -4.40 -137.72
C THR W 55 18.65 -5.77 -137.05
N SER W 56 19.42 -6.69 -137.63
CA SER W 56 19.58 -8.01 -137.02
C SER W 56 20.17 -7.90 -135.62
N ASN W 57 21.21 -7.08 -135.46
CA ASN W 57 21.83 -6.92 -134.15
C ASN W 57 20.84 -6.34 -133.14
N ILE W 58 20.06 -5.33 -133.54
CA ILE W 58 19.14 -4.70 -132.61
C ILE W 58 18.09 -5.68 -132.14
N LYS W 59 17.48 -6.43 -133.07
CA LYS W 59 16.46 -7.39 -132.68
C LYS W 59 17.04 -8.47 -131.78
N GLY W 60 18.23 -8.97 -132.13
CA GLY W 60 18.85 -9.97 -131.29
C GLY W 60 19.12 -9.47 -129.88
N LEU W 61 19.62 -8.25 -129.76
CA LEU W 61 19.92 -7.72 -128.43
C LEU W 61 18.65 -7.50 -127.61
N THR W 62 17.57 -7.05 -128.25
CA THR W 62 16.31 -6.90 -127.52
C THR W 62 15.83 -8.25 -126.97
N GLN W 63 15.86 -9.28 -127.83
CA GLN W 63 15.43 -10.59 -127.36
C GLN W 63 16.36 -11.11 -126.26
N ALA W 64 17.65 -10.79 -126.36
CA ALA W 64 18.59 -11.21 -125.32
C ALA W 64 18.28 -10.53 -123.99
N ALA W 65 17.90 -9.26 -124.02
CA ALA W 65 17.50 -8.58 -122.79
C ALA W 65 16.29 -9.25 -122.17
N ARG W 66 15.32 -9.63 -123.00
CA ARG W 66 14.16 -10.34 -122.46
C ARG W 66 14.56 -11.66 -121.81
N ASN W 67 15.46 -12.40 -122.45
CA ASN W 67 15.92 -13.67 -121.88
C ASN W 67 16.62 -13.45 -120.55
N ALA W 68 17.44 -12.39 -120.45
CA ALA W 68 18.11 -12.09 -119.19
C ALA W 68 17.11 -11.77 -118.09
N ASN W 69 16.04 -11.04 -118.44
CA ASN W 69 14.99 -10.79 -117.45
C ASN W 69 14.37 -12.09 -116.96
N ASP W 70 14.11 -13.03 -117.88
CA ASP W 70 13.58 -14.32 -117.46
C ASP W 70 14.53 -15.04 -116.50
N GLY W 71 15.83 -14.98 -116.80
CA GLY W 71 16.81 -15.58 -115.89
C GLY W 71 16.77 -14.96 -114.51
N ILE W 72 16.63 -13.64 -114.45
CA ILE W 72 16.50 -12.96 -113.16
C ILE W 72 15.29 -13.50 -112.41
N SER W 73 14.17 -13.70 -113.11
CA SER W 73 12.98 -14.24 -112.46
C SER W 73 13.25 -15.62 -111.87
N VAL W 74 13.95 -16.47 -112.63
CA VAL W 74 14.28 -17.81 -112.13
C VAL W 74 15.07 -17.72 -110.84
N ALA W 75 16.10 -16.86 -110.85
CA ALA W 75 16.93 -16.72 -109.66
C ALA W 75 16.13 -16.25 -108.47
N GLN W 76 15.22 -15.29 -108.68
CA GLN W 76 14.41 -14.78 -107.58
C GLN W 76 13.54 -15.88 -106.97
N THR W 77 12.90 -16.68 -107.82
CA THR W 77 12.03 -17.75 -107.30
C THR W 77 12.84 -18.75 -106.48
N THR W 78 13.97 -19.19 -107.02
CA THR W 78 14.78 -20.17 -106.30
C THR W 78 15.25 -19.61 -104.98
N GLU W 79 15.63 -18.34 -104.95
CA GLU W 79 16.11 -17.74 -103.71
C GLU W 79 15.00 -17.63 -102.67
N GLY W 80 13.78 -17.36 -103.09
CA GLY W 80 12.68 -17.33 -102.14
C GLY W 80 12.46 -18.68 -101.47
N ALA W 81 12.44 -19.74 -102.29
CA ALA W 81 12.31 -21.08 -101.73
C ALA W 81 13.46 -21.37 -100.76
N LEU W 82 14.67 -20.96 -101.12
CA LEU W 82 15.83 -21.19 -100.26
C LEU W 82 15.69 -20.47 -98.93
N SER W 83 15.16 -19.24 -98.96
CA SER W 83 14.98 -18.50 -97.72
C SER W 83 14.01 -19.23 -96.79
N GLU W 84 12.93 -19.77 -97.34
CA GLU W 84 12.01 -20.53 -96.49
C GLU W 84 12.71 -21.75 -95.89
N ILE W 85 13.50 -22.46 -96.70
CA ILE W 85 14.23 -23.62 -96.19
C ILE W 85 15.16 -23.21 -95.06
N ASN W 86 15.84 -22.08 -95.21
CA ASN W 86 16.77 -21.61 -94.18
C ASN W 86 16.05 -21.29 -92.88
N ASN W 87 14.87 -20.66 -92.97
CA ASN W 87 14.11 -20.39 -91.75
C ASN W 87 13.74 -21.69 -91.05
N ASN W 88 13.32 -22.71 -91.82
CA ASN W 88 13.00 -24.00 -91.22
C ASN W 88 14.22 -24.60 -90.52
N LEU W 89 15.39 -24.52 -91.16
CA LEU W 89 16.59 -25.07 -90.55
C LEU W 89 16.95 -24.36 -89.25
N GLN W 90 16.81 -23.03 -89.22
CA GLN W 90 17.10 -22.30 -87.99
C GLN W 90 16.18 -22.75 -86.87
N ARG W 91 14.89 -22.92 -87.16
CA ARG W 91 13.97 -23.38 -86.12
C ARG W 91 14.33 -24.78 -85.64
N ILE W 92 14.74 -25.65 -86.57
CA ILE W 92 15.14 -27.00 -86.17
C ILE W 92 16.35 -26.94 -85.25
N ARG W 93 17.32 -26.07 -85.54
CA ARG W 93 18.48 -25.97 -84.68
C ARG W 93 18.10 -25.48 -83.28
N GLU W 94 17.20 -24.50 -83.21
CA GLU W 94 16.75 -24.04 -81.90
C GLU W 94 16.10 -25.17 -81.12
N LEU W 95 15.27 -25.96 -81.78
CA LEU W 95 14.63 -27.10 -81.13
C LEU W 95 15.68 -28.11 -80.64
N THR W 96 16.71 -28.35 -81.45
CA THR W 96 17.77 -29.27 -81.05
C THR W 96 18.49 -28.78 -79.80
N VAL W 97 18.78 -27.48 -79.76
CA VAL W 97 19.43 -26.90 -78.58
C VAL W 97 18.56 -27.11 -77.35
N GLN W 98 17.25 -26.94 -77.52
CA GLN W 98 16.35 -27.20 -76.38
C GLN W 98 16.38 -28.68 -75.99
N ALA W 99 16.43 -29.57 -76.97
CA ALA W 99 16.29 -31.00 -76.69
C ALA W 99 17.52 -31.58 -76.03
N THR W 100 18.71 -31.07 -76.36
CA THR W 100 19.93 -31.71 -75.86
C THR W 100 20.11 -31.62 -74.35
N THR W 101 19.33 -30.79 -73.66
CA THR W 101 19.43 -30.70 -72.21
C THR W 101 19.02 -32.01 -71.57
N GLY W 102 19.75 -32.41 -70.53
CA GLY W 102 19.47 -33.65 -69.83
C GLY W 102 18.31 -33.62 -68.87
N THR W 103 17.69 -32.46 -68.66
CA THR W 103 16.53 -32.39 -67.78
C THR W 103 15.29 -32.95 -68.45
N ASN W 104 15.19 -32.84 -69.77
CA ASN W 104 14.02 -33.30 -70.50
C ASN W 104 13.82 -34.80 -70.33
N SER W 105 12.57 -35.21 -70.29
CA SER W 105 12.23 -36.62 -70.13
C SER W 105 11.96 -37.25 -71.49
N ASP W 106 11.62 -38.54 -71.47
CA ASP W 106 11.44 -39.28 -72.72
C ASP W 106 10.27 -38.74 -73.54
N SER W 107 9.15 -38.45 -72.87
CA SER W 107 8.00 -37.92 -73.60
C SER W 107 8.31 -36.55 -74.20
N ASP W 108 9.03 -35.72 -73.45
CA ASP W 108 9.40 -34.40 -73.95
C ASP W 108 10.29 -34.53 -75.19
N LEU W 109 11.27 -35.45 -75.13
CA LEU W 109 12.13 -35.66 -76.29
C LEU W 109 11.32 -36.19 -77.46
N ASP W 110 10.34 -37.06 -77.20
CA ASP W 110 9.51 -37.57 -78.28
C ASP W 110 8.72 -36.45 -78.96
N SER W 111 8.15 -35.55 -78.17
CA SER W 111 7.42 -34.42 -78.76
C SER W 111 8.34 -33.52 -79.57
N ILE W 112 9.54 -33.24 -79.03
CA ILE W 112 10.48 -32.38 -79.74
C ILE W 112 10.89 -33.02 -81.06
N GLN W 113 11.17 -34.33 -81.04
CA GLN W 113 11.56 -35.00 -82.26
C GLN W 113 10.40 -35.10 -83.25
N ASP W 114 9.16 -35.15 -82.76
CA ASP W 114 8.02 -35.09 -83.66
C ASP W 114 8.00 -33.75 -84.40
N GLU W 115 8.21 -32.67 -83.68
CA GLU W 115 8.26 -31.35 -84.33
C GLU W 115 9.42 -31.29 -85.32
N ILE W 116 10.57 -31.84 -84.96
CA ILE W 116 11.73 -31.85 -85.85
C ILE W 116 11.41 -32.63 -87.13
N LYS W 117 10.78 -33.79 -86.99
CA LYS W 117 10.42 -34.59 -88.15
C LYS W 117 9.44 -33.85 -89.04
N SER W 118 8.47 -33.16 -88.44
CA SER W 118 7.53 -32.39 -89.24
C SER W 118 8.24 -31.32 -90.05
N ARG W 119 9.17 -30.60 -89.43
CA ARG W 119 9.84 -29.54 -90.17
C ARG W 119 10.80 -30.08 -91.23
N LEU W 120 11.43 -31.23 -90.97
CA LEU W 120 12.25 -31.86 -92.01
C LEU W 120 11.38 -32.29 -93.19
N ASP W 121 10.19 -32.81 -92.90
CA ASP W 121 9.25 -33.14 -93.97
C ASP W 121 8.87 -31.91 -94.76
N GLU W 122 8.69 -30.77 -94.08
CA GLU W 122 8.41 -29.53 -94.80
C GLU W 122 9.56 -29.13 -95.70
N ILE W 123 10.80 -29.28 -95.22
CA ILE W 123 11.95 -28.96 -96.07
C ILE W 123 11.93 -29.82 -97.33
N ASP W 124 11.72 -31.13 -97.15
CA ASP W 124 11.68 -32.03 -98.30
C ASP W 124 10.54 -31.67 -99.25
N ARG W 125 9.37 -31.34 -98.70
CA ARG W 125 8.22 -31.02 -99.54
C ARG W 125 8.46 -29.76 -100.35
N VAL W 126 8.98 -28.71 -99.71
CA VAL W 126 9.24 -27.47 -100.43
C VAL W 126 10.28 -27.71 -101.53
N SER W 127 11.33 -28.46 -101.21
CA SER W 127 12.36 -28.76 -102.21
C SER W 127 11.77 -29.51 -103.39
N GLY W 128 10.94 -30.51 -103.13
CA GLY W 128 10.37 -31.29 -104.21
C GLY W 128 9.37 -30.51 -105.06
N GLN W 129 8.57 -29.65 -104.42
CA GLN W 129 7.44 -29.03 -105.09
C GLN W 129 7.74 -27.66 -105.67
N THR W 130 8.84 -27.01 -105.31
CA THR W 130 9.16 -25.73 -105.91
C THR W 130 9.37 -25.90 -107.40
N GLN W 131 8.68 -25.10 -108.20
CA GLN W 131 8.66 -25.29 -109.64
C GLN W 131 8.57 -23.96 -110.35
N PHE W 132 9.30 -23.83 -111.46
CA PHE W 132 9.25 -22.65 -112.32
C PHE W 132 9.10 -23.12 -113.76
N ASN W 133 7.96 -22.79 -114.38
CA ASN W 133 7.70 -23.09 -115.79
C ASN W 133 7.88 -24.58 -116.08
N GLY W 134 7.43 -25.42 -115.16
CA GLY W 134 7.52 -26.85 -115.35
C GLY W 134 8.89 -27.45 -115.07
N VAL W 135 9.81 -26.69 -114.51
CA VAL W 135 11.15 -27.16 -114.19
C VAL W 135 11.33 -27.14 -112.68
N ASN W 136 11.68 -28.27 -112.10
CA ASN W 136 11.96 -28.36 -110.67
C ASN W 136 13.36 -27.83 -110.44
N VAL W 137 13.47 -26.61 -109.92
CA VAL W 137 14.77 -25.97 -109.79
C VAL W 137 15.59 -26.63 -108.69
N LEU W 138 14.97 -27.02 -107.59
CA LEU W 138 15.68 -27.55 -106.44
C LEU W 138 15.80 -29.07 -106.44
N ALA W 139 15.22 -29.76 -107.42
CA ALA W 139 15.25 -31.21 -107.45
C ALA W 139 16.34 -31.78 -108.36
N LYS W 140 17.15 -30.92 -108.97
CA LYS W 140 18.17 -31.37 -109.91
C LYS W 140 19.49 -30.67 -109.61
N ASP W 141 20.59 -31.33 -109.96
CA ASP W 141 21.93 -30.80 -109.78
C ASP W 141 22.54 -30.30 -111.09
N GLY W 142 21.72 -29.85 -112.02
CA GLY W 142 22.17 -29.47 -113.34
C GLY W 142 22.49 -27.99 -113.45
N SER W 143 22.37 -27.49 -114.68
CA SER W 143 22.65 -26.10 -114.96
C SER W 143 21.74 -25.63 -116.08
N MET W 144 21.51 -24.31 -116.12
CA MET W 144 20.66 -23.68 -117.10
C MET W 144 21.47 -22.65 -117.88
N LYS W 145 21.23 -22.57 -119.18
CA LYS W 145 21.95 -21.67 -120.06
C LYS W 145 21.02 -20.57 -120.53
N ILE W 146 21.49 -19.33 -120.45
CA ILE W 146 20.73 -18.15 -120.84
C ILE W 146 21.46 -17.44 -121.96
N GLN W 147 20.77 -17.20 -123.06
CA GLN W 147 21.33 -16.49 -124.20
C GLN W 147 21.30 -14.99 -123.91
N VAL W 148 22.46 -14.36 -123.89
CA VAL W 148 22.54 -12.93 -123.61
C VAL W 148 23.11 -12.12 -124.77
N GLY W 149 23.70 -12.74 -125.77
CA GLY W 149 24.16 -12.05 -126.96
C GLY W 149 23.31 -12.36 -128.18
N ALA W 150 23.70 -11.77 -129.30
CA ALA W 150 23.02 -11.97 -130.56
C ALA W 150 23.70 -13.02 -131.44
N ASN W 151 24.83 -13.55 -131.02
CA ASN W 151 25.56 -14.56 -131.78
C ASN W 151 25.67 -15.83 -130.95
N ASP W 152 26.34 -16.83 -131.51
CA ASP W 152 26.45 -18.13 -130.86
C ASP W 152 27.51 -18.10 -129.77
N GLY W 153 27.19 -18.70 -128.63
CA GLY W 153 28.14 -18.85 -127.54
C GLY W 153 28.04 -17.80 -126.46
N GLU W 154 27.26 -16.74 -126.66
CA GLU W 154 27.09 -15.71 -125.63
C GLU W 154 26.04 -16.19 -124.64
N THR W 155 26.47 -17.04 -123.72
CA THR W 155 25.59 -17.66 -122.75
C THR W 155 26.11 -17.44 -121.34
N ILE W 156 25.18 -17.41 -120.40
CA ILE W 156 25.49 -17.37 -118.97
C ILE W 156 24.84 -18.58 -118.32
N THR W 157 25.60 -19.28 -117.47
CA THR W 157 25.13 -20.51 -116.86
C THR W 157 24.75 -20.27 -115.41
N ILE W 158 23.56 -20.71 -115.04
CA ILE W 158 23.11 -20.75 -113.65
C ILE W 158 23.22 -22.19 -113.18
N ASP W 159 23.99 -22.40 -112.11
CA ASP W 159 24.16 -23.73 -111.55
C ASP W 159 23.11 -23.99 -110.47
N LEU W 160 22.46 -25.14 -110.53
CA LEU W 160 21.49 -25.53 -109.53
C LEU W 160 22.05 -26.70 -108.72
N LYS W 161 21.65 -26.78 -107.46
CA LYS W 161 22.08 -27.85 -106.58
C LYS W 161 20.84 -28.56 -106.03
N LYS W 162 20.92 -29.88 -105.94
CA LYS W 162 19.82 -30.69 -105.43
C LYS W 162 19.81 -30.53 -103.92
N ILE W 163 18.86 -29.74 -103.42
CA ILE W 163 18.74 -29.45 -102.00
C ILE W 163 17.59 -30.27 -101.44
N ASP W 164 17.89 -31.14 -100.49
CA ASP W 164 16.88 -31.93 -99.78
C ASP W 164 17.54 -32.47 -98.52
N SER W 165 16.87 -33.43 -97.88
CA SER W 165 17.47 -34.05 -96.69
C SER W 165 18.74 -34.80 -97.05
N ASP W 166 18.72 -35.57 -98.14
CA ASP W 166 19.83 -36.47 -98.44
C ASP W 166 21.13 -35.72 -98.67
N THR W 167 21.08 -34.58 -99.35
CA THR W 167 22.28 -33.81 -99.64
C THR W 167 22.70 -32.91 -98.49
N LEU W 168 21.94 -32.90 -97.39
CA LEU W 168 22.33 -32.16 -96.19
C LEU W 168 22.53 -33.10 -94.99
N GLY W 169 22.43 -34.40 -95.21
CA GLY W 169 22.52 -35.33 -94.10
C GLY W 169 21.18 -35.45 -93.40
N LEU W 170 21.19 -35.36 -92.07
CA LEU W 170 19.98 -35.22 -91.27
C LEU W 170 18.98 -36.34 -91.48
N ASN W 171 19.36 -37.44 -92.14
CA ASN W 171 18.39 -38.48 -92.47
C ASN W 171 17.78 -39.09 -91.21
N GLY W 172 18.58 -39.81 -90.44
CA GLY W 172 18.10 -40.34 -89.17
C GLY W 172 18.41 -39.39 -88.03
N PHE W 173 17.80 -38.21 -88.06
CA PHE W 173 18.17 -37.16 -87.12
C PHE W 173 17.46 -37.48 -85.81
N ASN W 174 17.97 -38.50 -85.12
CA ASN W 174 17.24 -39.31 -84.15
C ASN W 174 17.21 -38.76 -82.72
N VAL W 175 17.22 -37.44 -82.56
CA VAL W 175 17.48 -36.79 -81.27
C VAL W 175 16.71 -37.42 -80.11
N ASN W 176 15.60 -38.10 -80.40
CA ASN W 176 14.87 -38.83 -79.36
C ASN W 176 15.43 -40.22 -79.10
N GLY W 177 16.65 -40.51 -79.51
CA GLY W 177 17.19 -41.85 -79.39
C GLY W 177 17.65 -42.21 -77.99
N LYS W 178 18.76 -42.93 -77.89
CA LYS W 178 19.30 -43.33 -76.60
C LYS W 178 20.75 -42.90 -76.44
N GLY W 179 21.46 -42.75 -77.56
CA GLY W 179 22.85 -42.38 -77.49
C GLY W 179 23.71 -43.51 -76.93
N THR W 180 24.88 -43.12 -76.44
CA THR W 180 25.82 -44.10 -75.90
C THR W 180 25.23 -44.78 -74.68
N ILE W 181 25.16 -46.12 -74.73
CA ILE W 181 24.57 -46.92 -73.68
C ILE W 181 25.58 -47.97 -73.23
N THR W 182 25.72 -48.13 -71.92
CA THR W 182 26.62 -49.13 -71.37
C THR W 182 25.98 -50.50 -71.48
N ASN W 183 26.74 -51.46 -72.01
CA ASN W 183 26.23 -52.81 -72.20
C ASN W 183 26.45 -53.66 -70.96
N LYS W 184 25.55 -54.62 -70.76
CA LYS W 184 25.60 -55.46 -69.57
C LYS W 184 26.74 -56.46 -69.65
N ALA W 185 27.19 -56.89 -68.48
CA ALA W 185 28.30 -57.84 -68.39
C ALA W 185 27.86 -59.24 -68.81
N ALA W 186 28.79 -59.98 -69.40
CA ALA W 186 28.51 -61.33 -69.87
C ALA W 186 28.41 -62.29 -68.69
N THR W 187 27.79 -63.45 -68.96
CA THR W 187 27.63 -64.49 -67.96
C THR W 187 27.89 -65.86 -68.58
N VAL W 188 27.83 -66.89 -67.76
CA VAL W 188 28.15 -68.23 -68.23
C VAL W 188 27.07 -68.75 -69.19
N SER W 189 25.81 -68.37 -68.96
CA SER W 189 24.73 -68.90 -69.78
C SER W 189 24.88 -68.46 -71.24
N ASP W 190 25.01 -67.16 -71.49
CA ASP W 190 25.20 -66.72 -72.86
C ASP W 190 26.62 -66.97 -73.35
N LEU W 191 27.59 -67.14 -72.44
CA LEU W 191 28.91 -67.60 -72.86
C LEU W 191 28.82 -68.97 -73.51
N THR W 192 28.06 -69.88 -72.91
CA THR W 192 27.87 -71.20 -73.52
C THR W 192 26.96 -71.12 -74.73
N SER W 193 25.97 -70.22 -74.71
CA SER W 193 25.12 -70.04 -75.88
C SER W 193 25.92 -69.58 -77.10
N ALA W 194 26.98 -68.81 -76.88
CA ALA W 194 27.88 -68.43 -77.95
C ALA W 194 28.63 -69.63 -78.54
N GLY W 195 28.67 -70.76 -77.84
CA GLY W 195 29.30 -71.96 -78.35
C GLY W 195 30.57 -72.39 -77.63
N ALA W 196 30.95 -71.72 -76.55
CA ALA W 196 32.17 -72.08 -75.85
C ALA W 196 32.01 -73.41 -75.11
N LYS W 197 33.07 -74.21 -75.14
CA LYS W 197 33.08 -75.49 -74.44
C LYS W 197 33.72 -75.33 -73.06
N LEU W 198 33.57 -76.37 -72.24
CA LEU W 198 34.07 -76.36 -70.87
C LEU W 198 35.31 -77.22 -70.78
N ASN W 199 36.41 -76.64 -70.31
CA ASN W 199 37.68 -77.35 -70.15
C ASN W 199 37.71 -77.94 -68.75
N THR W 200 37.49 -79.25 -68.66
CA THR W 200 37.40 -79.90 -67.35
C THR W 200 38.72 -79.87 -66.59
N THR W 201 39.84 -79.89 -67.30
CA THR W 201 41.13 -79.94 -66.63
C THR W 201 41.42 -78.64 -65.87
N THR W 202 40.87 -77.52 -66.32
CA THR W 202 41.08 -76.24 -65.66
C THR W 202 39.80 -75.58 -65.16
N GLY W 203 38.63 -76.00 -65.63
CA GLY W 203 37.38 -75.37 -65.24
C GLY W 203 37.02 -74.13 -66.02
N LEU W 204 37.88 -73.69 -66.94
CA LEU W 204 37.63 -72.50 -67.72
C LEU W 204 36.73 -72.82 -68.92
N TYR W 205 36.39 -71.79 -69.69
CA TYR W 205 35.56 -71.95 -70.88
C TYR W 205 36.37 -71.53 -72.10
N ASP W 206 36.48 -72.44 -73.06
CA ASP W 206 37.26 -72.20 -74.26
C ASP W 206 36.34 -71.86 -75.42
N LEU W 207 36.57 -70.72 -76.05
CA LEU W 207 35.83 -70.30 -77.24
C LEU W 207 36.81 -70.27 -78.41
N LYS W 208 36.50 -71.03 -79.46
CA LYS W 208 37.36 -71.18 -80.62
C LYS W 208 36.69 -70.51 -81.81
N THR W 209 37.40 -69.59 -82.44
CA THR W 209 36.86 -68.80 -83.55
C THR W 209 37.50 -69.26 -84.85
N GLU W 210 36.74 -69.98 -85.66
CA GLU W 210 37.24 -70.47 -86.93
C GLU W 210 37.29 -69.33 -87.95
N ASN W 211 38.14 -69.53 -88.96
CA ASN W 211 38.26 -68.60 -90.09
C ASN W 211 38.04 -69.35 -91.38
N THR W 212 37.27 -68.75 -92.28
CA THR W 212 37.06 -69.35 -93.59
C THR W 212 38.31 -69.16 -94.44
N LEU W 213 38.67 -70.20 -95.18
CA LEU W 213 39.88 -70.16 -95.99
C LEU W 213 39.69 -69.19 -97.16
N LEU W 214 40.80 -68.57 -97.57
CA LEU W 214 40.74 -67.55 -98.61
C LEU W 214 40.25 -68.14 -99.92
N THR W 215 39.45 -67.35 -100.64
CA THR W 215 38.85 -67.79 -101.89
C THR W 215 39.22 -66.82 -103.02
N THR W 216 39.07 -67.30 -104.24
CA THR W 216 39.47 -66.52 -105.41
C THR W 216 38.63 -65.26 -105.55
N ASP W 217 37.33 -65.34 -105.25
CA ASP W 217 36.48 -64.16 -105.34
C ASP W 217 36.92 -63.09 -104.34
N ALA W 218 37.22 -63.50 -103.11
CA ALA W 218 37.71 -62.56 -102.11
C ALA W 218 39.04 -61.96 -102.53
N ALA W 219 39.93 -62.78 -103.10
CA ALA W 219 41.20 -62.26 -103.60
C ALA W 219 40.98 -61.24 -104.71
N PHE W 220 40.04 -61.50 -105.61
CA PHE W 220 39.74 -60.55 -106.67
C PHE W 220 39.17 -59.26 -106.11
N ASP W 221 38.32 -59.35 -105.08
CA ASP W 221 37.82 -58.15 -104.44
C ASP W 221 38.95 -57.35 -103.81
N LYS W 222 39.93 -58.04 -103.23
CA LYS W 222 41.08 -57.37 -102.62
C LYS W 222 42.17 -57.01 -103.63
N LEU W 223 41.98 -57.35 -104.90
CA LEU W 223 42.99 -57.05 -105.91
C LEU W 223 43.17 -55.54 -106.08
N GLY W 224 44.41 -55.14 -106.37
CA GLY W 224 44.73 -53.75 -106.60
C GLY W 224 45.49 -53.56 -107.90
N ASN W 225 45.84 -52.30 -108.14
CA ASN W 225 46.57 -51.96 -109.36
C ASN W 225 47.97 -52.56 -109.35
N GLY W 226 48.39 -53.06 -110.52
CA GLY W 226 49.69 -53.67 -110.66
C GLY W 226 49.79 -55.10 -110.18
N ASP W 227 48.69 -55.69 -109.74
CA ASP W 227 48.72 -57.06 -109.25
C ASP W 227 48.87 -58.05 -110.40
N LYS W 228 49.45 -59.21 -110.10
CA LYS W 228 49.73 -60.23 -111.09
C LYS W 228 49.00 -61.52 -110.73
N VAL W 229 48.25 -62.06 -111.68
CA VAL W 229 47.56 -63.33 -111.52
C VAL W 229 48.04 -64.27 -112.62
N THR W 230 48.63 -65.40 -112.23
CA THR W 230 49.16 -66.37 -113.17
C THR W 230 48.39 -67.67 -112.99
N VAL W 231 47.53 -67.99 -113.96
CA VAL W 231 46.73 -69.20 -113.94
C VAL W 231 46.95 -69.94 -115.25
N GLY W 232 47.22 -71.25 -115.16
CA GLY W 232 47.48 -72.05 -116.34
C GLY W 232 48.68 -71.59 -117.13
N GLY W 233 49.69 -71.05 -116.46
CA GLY W 233 50.88 -70.58 -117.14
C GLY W 233 50.72 -69.27 -117.88
N VAL W 234 49.60 -68.58 -117.71
CA VAL W 234 49.32 -67.33 -118.39
C VAL W 234 49.27 -66.21 -117.35
N ASP W 235 50.02 -65.14 -117.58
CA ASP W 235 50.14 -64.05 -116.65
C ASP W 235 49.22 -62.91 -117.07
N TYR W 236 48.49 -62.36 -116.10
CA TYR W 236 47.58 -61.24 -116.32
C TYR W 236 47.89 -60.15 -115.30
N THR W 237 47.89 -58.90 -115.76
CA THR W 237 48.19 -57.76 -114.90
C THR W 237 46.91 -56.96 -114.70
N TYR W 238 46.53 -56.77 -113.44
CA TYR W 238 45.32 -56.03 -113.12
C TYR W 238 45.51 -54.54 -113.39
N ASN W 239 44.42 -53.88 -113.78
CA ASN W 239 44.44 -52.47 -114.10
C ASN W 239 43.47 -51.72 -113.20
N ALA W 240 43.89 -50.54 -112.72
CA ALA W 240 43.04 -49.72 -111.87
C ALA W 240 41.97 -48.97 -112.65
N LYS W 241 42.16 -48.78 -113.96
CA LYS W 241 41.19 -48.03 -114.74
C LYS W 241 39.84 -48.73 -114.77
N SER W 242 39.84 -50.05 -114.93
CA SER W 242 38.60 -50.82 -114.97
C SER W 242 38.90 -52.24 -114.51
N GLY W 243 37.83 -52.98 -114.23
CA GLY W 243 37.98 -54.35 -113.75
C GLY W 243 38.34 -55.32 -114.86
N ASP W 244 39.56 -55.20 -115.38
CA ASP W 244 40.01 -56.06 -116.45
C ASP W 244 41.49 -56.33 -116.31
N PHE W 245 41.95 -57.38 -117.00
CA PHE W 245 43.34 -57.79 -117.00
C PHE W 245 43.98 -57.49 -118.35
N THR W 246 45.24 -57.05 -118.32
CA THR W 246 46.03 -56.85 -119.52
C THR W 246 47.11 -57.92 -119.56
N THR W 247 47.17 -58.67 -120.66
CA THR W 247 48.11 -59.77 -120.80
C THR W 247 48.86 -59.61 -122.11
N THR W 248 50.01 -60.28 -122.20
CA THR W 248 50.83 -60.27 -123.41
C THR W 248 50.65 -61.59 -124.14
N LYS W 249 50.14 -61.53 -125.36
CA LYS W 249 49.97 -62.71 -126.21
C LYS W 249 51.05 -62.70 -127.27
N SER W 250 51.83 -63.77 -127.33
CA SER W 250 52.97 -63.85 -128.23
C SER W 250 52.98 -65.21 -128.90
N THR W 251 53.71 -65.28 -130.01
CA THR W 251 53.88 -66.52 -130.74
C THR W 251 54.61 -67.56 -129.91
N ALA W 258 64.04 -74.49 -136.28
CA ALA W 258 63.52 -73.80 -137.46
C ALA W 258 62.57 -74.71 -138.24
N ALA W 259 63.03 -75.91 -138.56
CA ALA W 259 62.22 -76.88 -139.29
C ALA W 259 61.28 -77.67 -138.38
N ALA W 260 61.32 -77.42 -137.08
CA ALA W 260 60.45 -78.12 -136.14
C ALA W 260 59.05 -77.50 -136.17
N GLN W 261 58.21 -77.86 -135.21
CA GLN W 261 56.85 -77.36 -135.15
C GLN W 261 56.78 -75.88 -134.79
N ALA W 262 57.90 -75.27 -134.38
CA ALA W 262 57.87 -73.88 -133.96
C ALA W 262 57.47 -72.95 -135.10
N ALA W 263 58.07 -73.14 -136.28
CA ALA W 263 57.74 -72.29 -137.42
C ALA W 263 56.31 -72.50 -137.88
N ASP W 264 55.84 -73.75 -137.87
CA ASP W 264 54.46 -74.04 -138.23
C ASP W 264 53.50 -73.36 -137.25
N SER W 265 53.81 -73.42 -135.96
CA SER W 265 52.97 -72.75 -134.97
C SER W 265 52.97 -71.25 -135.18
N ALA W 266 54.13 -70.66 -135.49
CA ALA W 266 54.20 -69.24 -135.75
C ALA W 266 53.32 -68.86 -136.93
N SER W 267 53.42 -69.62 -138.03
CA SER W 267 52.64 -69.32 -139.22
C SER W 267 51.14 -69.46 -138.95
N LYS W 268 50.74 -70.53 -138.25
CA LYS W 268 49.32 -70.75 -138.01
C LYS W 268 48.76 -69.71 -137.03
N ARG W 269 49.57 -69.28 -136.07
CA ARG W 269 49.14 -68.22 -135.16
C ARG W 269 48.97 -66.89 -135.89
N ASP W 270 49.91 -66.58 -136.78
CA ASP W 270 49.76 -65.37 -137.59
C ASP W 270 48.51 -65.46 -138.48
N ALA W 271 48.26 -66.64 -139.05
CA ALA W 271 47.08 -66.82 -139.89
C ALA W 271 45.79 -66.66 -139.09
N LEU W 272 45.73 -67.24 -137.89
CA LEU W 272 44.52 -67.11 -137.09
C LEU W 272 44.30 -65.67 -136.64
N ALA W 273 45.38 -64.96 -136.29
CA ALA W 273 45.25 -63.55 -135.96
C ALA W 273 44.74 -62.75 -137.15
N ALA W 274 45.24 -63.06 -138.35
CA ALA W 274 44.75 -62.39 -139.55
C ALA W 274 43.27 -62.68 -139.78
N THR W 275 42.85 -63.93 -139.59
CA THR W 275 41.43 -64.24 -139.73
C THR W 275 40.59 -63.48 -138.72
N LEU W 276 41.08 -63.37 -137.49
CA LEU W 276 40.36 -62.66 -136.45
C LEU W 276 40.22 -61.17 -136.79
N HIS W 277 41.27 -60.57 -137.32
CA HIS W 277 41.20 -59.15 -137.67
C HIS W 277 40.56 -58.91 -139.03
N ALA W 278 40.29 -59.96 -139.81
CA ALA W 278 39.68 -59.76 -141.12
C ALA W 278 38.33 -59.06 -141.01
N ASP W 279 37.51 -59.45 -140.03
CA ASP W 279 36.21 -58.83 -139.84
C ASP W 279 36.40 -57.52 -139.08
N VAL W 280 36.16 -56.40 -139.76
CA VAL W 280 36.30 -55.08 -139.17
C VAL W 280 35.04 -54.25 -139.32
N GLY W 281 33.91 -54.88 -139.68
CA GLY W 281 32.71 -54.13 -139.95
C GLY W 281 32.86 -53.27 -141.19
N LYS W 282 32.98 -51.97 -141.00
CA LYS W 282 33.27 -51.04 -142.08
C LYS W 282 34.77 -50.77 -142.12
N SER W 283 35.18 -49.81 -142.93
CA SER W 283 36.60 -49.50 -143.09
C SER W 283 37.20 -49.01 -141.78
N VAL W 284 38.43 -49.43 -141.50
CA VAL W 284 39.14 -49.05 -140.29
C VAL W 284 40.54 -48.56 -140.67
N ASN W 285 41.19 -47.87 -139.75
CA ASN W 285 42.51 -47.31 -139.99
C ASN W 285 43.59 -48.17 -139.34
N GLY W 286 44.79 -48.12 -139.93
CA GLY W 286 45.94 -48.78 -139.35
C GLY W 286 47.21 -48.11 -139.80
N SER W 287 48.28 -48.31 -139.04
CA SER W 287 49.59 -47.71 -139.33
C SER W 287 50.66 -48.78 -139.27
N TYR W 288 51.36 -48.98 -140.38
CA TYR W 288 52.46 -49.94 -140.48
C TYR W 288 53.75 -49.16 -140.65
N THR W 289 54.70 -49.38 -139.76
CA THR W 289 55.97 -48.66 -139.80
C THR W 289 57.13 -49.62 -139.71
N THR W 290 58.10 -49.44 -140.60
CA THR W 290 59.35 -50.18 -140.53
C THR W 290 60.37 -49.35 -139.75
N LYS W 291 61.63 -49.76 -139.81
CA LYS W 291 62.67 -49.02 -139.10
C LYS W 291 62.91 -47.65 -139.71
N ASP W 292 62.46 -47.43 -140.95
CA ASP W 292 62.78 -46.21 -141.67
C ASP W 292 61.57 -45.40 -142.13
N GLY W 293 60.38 -45.98 -142.18
CA GLY W 293 59.24 -45.30 -142.75
C GLY W 293 57.95 -45.63 -142.04
N THR W 294 56.93 -44.81 -142.34
CA THR W 294 55.59 -44.98 -141.79
C THR W 294 54.59 -44.94 -142.93
N VAL W 295 53.57 -45.80 -142.86
CA VAL W 295 52.51 -45.86 -143.86
C VAL W 295 51.17 -45.95 -143.14
N SER W 296 50.20 -45.17 -143.58
CA SER W 296 48.84 -45.22 -143.07
C SER W 296 47.96 -45.91 -144.10
N PHE W 297 47.30 -46.99 -143.70
CA PHE W 297 46.51 -47.80 -144.61
C PHE W 297 45.11 -48.02 -144.06
N GLU W 298 44.13 -47.99 -144.96
CA GLU W 298 42.73 -48.17 -144.61
C GLU W 298 42.35 -49.63 -144.87
N THR W 299 42.21 -50.41 -143.80
CA THR W 299 41.77 -51.78 -143.94
C THR W 299 40.28 -51.82 -144.25
N ASP W 300 39.90 -52.74 -145.14
CA ASP W 300 38.53 -52.92 -145.56
C ASP W 300 37.94 -54.17 -144.93
N SER W 301 36.64 -54.35 -145.13
CA SER W 301 35.97 -55.56 -144.65
C SER W 301 36.54 -56.78 -145.35
N ALA W 302 36.59 -57.89 -144.60
CA ALA W 302 37.11 -59.18 -145.04
C ALA W 302 38.60 -59.16 -145.34
N GLY W 303 39.28 -58.04 -145.08
CA GLY W 303 40.73 -58.01 -145.22
C GLY W 303 41.22 -57.43 -146.53
N ASN W 304 41.72 -56.20 -146.49
CA ASN W 304 42.29 -55.54 -147.66
C ASN W 304 43.12 -54.36 -147.20
N ILE W 305 43.96 -53.85 -148.10
CA ILE W 305 44.80 -52.69 -147.86
C ILE W 305 44.46 -51.63 -148.88
N THR W 306 44.20 -50.41 -148.42
CA THR W 306 43.88 -49.30 -149.30
C THR W 306 44.55 -48.04 -148.77
N ILE W 307 45.36 -47.41 -149.62
CA ILE W 307 46.02 -46.15 -149.29
C ILE W 307 45.63 -45.12 -150.35
N GLY W 308 45.17 -43.95 -149.90
CA GLY W 308 44.79 -42.90 -150.81
C GLY W 308 43.65 -43.28 -151.73
N GLY W 309 42.72 -44.10 -151.26
CA GLY W 309 41.59 -44.51 -152.06
C GLY W 309 41.88 -45.55 -153.12
N SER W 310 43.10 -46.11 -153.13
CA SER W 310 43.49 -47.10 -154.12
C SER W 310 44.05 -48.32 -153.42
N GLN W 311 43.87 -49.48 -154.05
CA GLN W 311 44.39 -50.73 -153.50
C GLN W 311 45.91 -50.70 -153.48
N ALA W 312 46.50 -51.15 -152.37
CA ALA W 312 47.93 -51.16 -152.18
C ALA W 312 48.45 -52.59 -152.13
N TYR W 313 49.71 -52.76 -152.53
CA TYR W 313 50.35 -54.06 -152.59
C TYR W 313 51.58 -54.08 -151.70
N VAL W 314 51.88 -55.25 -151.14
CA VAL W 314 52.98 -55.42 -150.19
C VAL W 314 54.18 -56.00 -150.92
N ASP W 315 55.34 -55.41 -150.68
CA ASP W 315 56.59 -55.89 -151.26
C ASP W 315 57.01 -57.20 -150.60
N ASP W 316 57.84 -57.95 -151.32
CA ASP W 316 58.30 -59.24 -150.78
C ASP W 316 59.13 -59.05 -149.52
N ALA W 317 59.98 -58.02 -149.49
CA ALA W 317 60.79 -57.75 -148.31
C ALA W 317 59.96 -57.25 -147.14
N GLY W 318 58.73 -56.82 -147.39
CA GLY W 318 57.84 -56.31 -146.34
C GLY W 318 57.39 -54.88 -146.53
N ASN W 319 57.91 -54.17 -147.53
CA ASN W 319 57.48 -52.79 -147.75
C ASN W 319 56.08 -52.74 -148.32
N LEU W 320 55.41 -51.62 -148.10
CA LEU W 320 54.06 -51.40 -148.59
C LEU W 320 54.06 -50.30 -149.63
N THR W 321 53.46 -50.56 -150.79
CA THR W 321 53.45 -49.62 -151.90
C THR W 321 52.09 -49.64 -152.57
N THR W 322 51.80 -48.56 -153.31
CA THR W 322 50.53 -48.42 -154.00
C THR W 322 50.54 -48.96 -155.42
N ASN W 323 51.71 -49.36 -155.94
CA ASN W 323 51.82 -49.88 -157.29
C ASN W 323 52.57 -51.21 -157.28
N ASN W 324 52.14 -52.13 -158.15
CA ASN W 324 52.75 -53.44 -158.21
C ASN W 324 54.04 -53.42 -159.01
N ALA W 325 55.05 -54.13 -158.50
CA ALA W 325 56.33 -54.25 -159.18
C ALA W 325 56.75 -55.71 -159.18
N GLY W 326 57.16 -56.20 -160.35
CA GLY W 326 57.58 -57.59 -160.46
C GLY W 326 56.45 -58.59 -160.38
N SER W 327 55.21 -58.16 -160.65
CA SER W 327 54.04 -59.04 -160.63
C SER W 327 53.90 -59.74 -159.28
N ALA W 328 54.18 -59.02 -158.20
CA ALA W 328 54.08 -59.53 -156.84
C ALA W 328 53.26 -58.52 -156.04
N ALA W 329 51.93 -58.67 -156.10
CA ALA W 329 51.02 -57.74 -155.44
C ALA W 329 50.51 -58.28 -154.11
N LYS W 330 49.86 -59.44 -154.15
CA LYS W 330 49.28 -60.13 -152.97
C LYS W 330 48.66 -59.14 -151.99
N ALA W 331 47.69 -58.38 -152.50
CA ALA W 331 47.05 -57.33 -151.73
C ALA W 331 46.09 -57.95 -150.72
N ASP W 332 46.67 -58.48 -149.64
CA ASP W 332 45.89 -59.05 -148.56
C ASP W 332 46.64 -58.83 -147.25
N MET W 333 45.88 -58.57 -146.18
CA MET W 333 46.50 -58.31 -144.89
C MET W 333 47.13 -59.57 -144.30
N LYS W 334 46.56 -60.74 -144.61
CA LYS W 334 47.21 -62.00 -144.24
C LYS W 334 48.57 -62.12 -144.91
N ALA W 335 48.65 -61.79 -146.20
CA ALA W 335 49.93 -61.81 -146.90
C ALA W 335 50.89 -60.79 -146.33
N LEU W 336 50.37 -59.61 -145.95
CA LEU W 336 51.22 -58.59 -145.34
C LEU W 336 51.81 -59.09 -144.02
N LEU W 337 50.98 -59.72 -143.19
CA LEU W 337 51.46 -60.26 -141.92
C LEU W 337 52.50 -61.34 -142.15
N LYS W 338 52.24 -62.25 -143.10
CA LYS W 338 53.21 -63.31 -143.39
C LYS W 338 54.52 -62.74 -143.90
N ALA W 339 54.46 -61.74 -144.78
CA ALA W 339 55.67 -61.12 -145.30
C ALA W 339 56.44 -60.41 -144.20
N ALA W 340 55.73 -59.72 -143.30
CA ALA W 340 56.40 -59.06 -142.17
C ALA W 340 57.07 -60.08 -141.27
N SER W 341 56.38 -61.20 -140.98
CA SER W 341 56.95 -62.22 -140.11
C SER W 341 58.17 -62.86 -140.74
N GLU W 342 58.12 -63.16 -142.04
CA GLU W 342 59.22 -63.81 -142.72
C GLU W 342 60.29 -62.85 -143.21
N GLY W 343 60.09 -61.55 -143.03
CA GLY W 343 61.03 -60.58 -143.55
C GLY W 343 62.36 -60.60 -142.82
N SER W 344 63.37 -60.05 -143.49
CA SER W 344 64.70 -59.98 -142.89
C SER W 344 64.72 -59.02 -141.72
N ASP W 345 63.87 -58.00 -141.74
CA ASP W 345 63.82 -56.98 -140.69
C ASP W 345 62.41 -56.88 -140.12
N GLY W 346 62.32 -56.70 -138.81
CA GLY W 346 61.03 -56.57 -138.16
C GLY W 346 60.44 -55.17 -138.32
N ALA W 347 59.15 -55.07 -138.02
CA ALA W 347 58.42 -53.81 -138.12
C ALA W 347 57.35 -53.77 -137.04
N SER W 348 56.70 -52.62 -136.92
CA SER W 348 55.65 -52.39 -135.93
C SER W 348 54.35 -52.02 -136.62
N LEU W 349 53.27 -52.70 -136.25
CA LEU W 349 51.97 -52.48 -136.85
C LEU W 349 50.96 -52.15 -135.76
N THR W 350 50.32 -51.00 -135.88
CA THR W 350 49.32 -50.54 -134.92
C THR W 350 47.96 -50.48 -135.59
N PHE W 351 46.98 -51.16 -135.01
CA PHE W 351 45.63 -51.14 -135.53
C PHE W 351 44.85 -50.01 -134.86
N ASN W 352 43.52 -50.05 -134.94
CA ASN W 352 42.70 -48.99 -134.37
C ASN W 352 42.96 -48.81 -132.88
N GLY W 353 42.90 -49.90 -132.12
CA GLY W 353 43.07 -49.80 -130.68
C GLY W 353 44.40 -50.30 -130.15
N THR W 354 44.87 -51.44 -130.64
CA THR W 354 46.05 -52.09 -130.10
C THR W 354 47.24 -51.94 -131.03
N GLU W 355 48.40 -52.33 -130.52
CA GLU W 355 49.66 -52.29 -131.26
C GLU W 355 50.24 -53.70 -131.31
N TYR W 356 50.74 -54.08 -132.49
CA TYR W 356 51.32 -55.40 -132.72
C TYR W 356 52.78 -55.24 -133.11
N THR W 357 53.64 -56.04 -132.50
CA THR W 357 55.08 -56.00 -132.80
C THR W 357 55.49 -57.32 -133.46
N ILE W 358 56.26 -57.21 -134.54
CA ILE W 358 56.67 -58.35 -135.33
C ILE W 358 58.13 -58.64 -135.04
N ALA W 359 58.42 -59.84 -134.54
CA ALA W 359 59.78 -60.24 -134.26
C ALA W 359 60.53 -60.52 -135.56
N LYS W 360 61.81 -60.17 -135.57
CA LYS W 360 62.65 -60.38 -136.75
C LYS W 360 62.87 -61.86 -137.02
N GLY W 376 57.75 -64.11 -135.29
CA GLY W 376 56.60 -64.21 -134.41
C GLY W 376 55.86 -62.89 -134.24
N ILE W 377 54.69 -62.94 -133.61
CA ILE W 377 53.86 -61.76 -133.37
C ILE W 377 53.64 -61.63 -131.87
N THR W 378 53.67 -60.40 -131.38
CA THR W 378 53.34 -60.13 -129.98
C THR W 378 52.41 -58.93 -129.89
N TYR W 379 51.52 -58.96 -128.91
CA TYR W 379 50.56 -57.88 -128.74
C TYR W 379 50.00 -57.90 -127.32
N GLN W 380 49.67 -56.72 -126.81
CA GLN W 380 49.13 -56.57 -125.46
C GLN W 380 47.62 -56.66 -125.54
N ALA W 381 47.09 -57.86 -125.36
CA ALA W 381 45.66 -58.07 -125.37
C ALA W 381 45.05 -57.75 -124.01
N THR W 382 43.74 -57.52 -124.00
CA THR W 382 43.00 -57.26 -122.78
C THR W 382 41.87 -58.28 -122.66
N VAL W 383 41.78 -58.91 -121.49
CA VAL W 383 40.74 -59.90 -121.21
C VAL W 383 40.11 -59.56 -119.86
N SER W 384 38.79 -59.66 -119.79
CA SER W 384 38.07 -59.31 -118.58
C SER W 384 38.45 -60.23 -117.43
N LYS W 385 38.48 -59.67 -116.22
CA LYS W 385 38.85 -60.44 -115.04
C LYS W 385 37.82 -61.51 -114.69
N ASP W 386 36.59 -61.38 -115.18
CA ASP W 386 35.58 -62.40 -114.91
C ASP W 386 35.96 -63.72 -115.55
N VAL W 387 36.50 -63.70 -116.77
CA VAL W 387 36.96 -64.92 -117.41
C VAL W 387 38.06 -65.58 -116.58
N VAL W 388 39.01 -64.78 -116.11
CA VAL W 388 40.14 -65.32 -115.35
C VAL W 388 39.65 -65.95 -114.04
N LEU W 389 38.78 -65.24 -113.32
CA LEU W 389 38.29 -65.79 -112.06
C LEU W 389 37.45 -67.04 -112.27
N SER W 390 36.63 -67.05 -113.33
CA SER W 390 35.81 -68.22 -113.62
C SER W 390 36.68 -69.43 -113.96
N GLU W 391 37.70 -69.23 -114.80
CA GLU W 391 38.56 -70.35 -115.17
C GLU W 391 39.41 -70.82 -114.01
N THR W 392 39.78 -69.92 -113.10
CA THR W 392 40.50 -70.35 -111.90
C THR W 392 39.59 -71.12 -110.95
N LYS W 393 38.35 -70.68 -110.80
CA LYS W 393 37.45 -71.30 -109.83
C LYS W 393 36.94 -72.65 -110.33
N ALA W 394 36.55 -72.74 -111.60
CA ALA W 394 35.91 -73.94 -112.10
C ALA W 394 36.89 -75.10 -112.23
N ALA W 395 38.08 -74.83 -112.77
CA ALA W 395 39.04 -75.87 -113.08
C ALA W 395 39.95 -76.13 -111.88
N ALA W 396 40.46 -77.36 -111.81
CA ALA W 396 41.38 -77.76 -110.75
C ALA W 396 42.82 -77.40 -111.12
N ALA W 397 43.03 -76.10 -111.32
CA ALA W 397 44.32 -75.58 -111.73
C ALA W 397 45.14 -75.14 -110.50
N THR W 398 46.30 -74.58 -110.77
CA THR W 398 47.21 -74.08 -109.74
C THR W 398 47.53 -72.63 -110.07
N SER W 399 46.76 -71.70 -109.52
CA SER W 399 46.94 -70.28 -109.80
C SER W 399 47.84 -69.63 -108.76
N SER W 400 48.39 -68.48 -109.12
CA SER W 400 49.22 -67.69 -108.22
C SER W 400 48.74 -66.24 -108.26
N ILE W 401 48.54 -65.64 -107.08
CA ILE W 401 48.05 -64.28 -106.97
C ILE W 401 49.09 -63.48 -106.19
N THR W 402 49.45 -62.31 -106.72
CA THR W 402 50.45 -61.45 -106.09
C THR W 402 49.81 -60.12 -105.73
N PHE W 403 49.92 -59.74 -104.47
CA PHE W 403 49.48 -58.44 -103.98
C PHE W 403 50.70 -57.54 -103.81
N ASN W 404 50.65 -56.37 -104.44
CA ASN W 404 51.74 -55.40 -104.40
C ASN W 404 51.21 -54.08 -103.89
N SER W 405 51.85 -53.55 -102.84
CA SER W 405 51.56 -52.24 -102.31
C SER W 405 52.53 -51.18 -102.82
N GLY W 406 53.37 -51.53 -103.79
CA GLY W 406 54.40 -50.67 -104.31
C GLY W 406 55.78 -50.98 -103.76
N VAL W 407 55.86 -51.41 -102.50
CA VAL W 407 57.12 -51.82 -101.88
C VAL W 407 57.03 -53.24 -101.35
N LEU W 408 55.93 -53.58 -100.69
CA LEU W 408 55.72 -54.90 -100.11
C LEU W 408 54.95 -55.77 -101.09
N SER W 409 55.43 -56.99 -101.30
CA SER W 409 54.82 -57.93 -102.23
C SER W 409 54.57 -59.25 -101.53
N LYS W 410 53.41 -59.86 -101.81
CA LYS W 410 53.05 -61.14 -101.25
C LYS W 410 52.49 -62.04 -102.33
N THR W 411 53.00 -63.26 -102.43
CA THR W 411 52.56 -64.23 -103.44
C THR W 411 51.88 -65.40 -102.74
N ILE W 412 50.67 -65.73 -103.19
CA ILE W 412 49.87 -66.80 -102.60
C ILE W 412 49.48 -67.77 -103.70
N GLY W 413 49.71 -69.06 -103.45
CA GLY W 413 49.24 -70.09 -104.36
C GLY W 413 47.81 -70.48 -104.04
N PHE W 414 47.06 -70.84 -105.09
CA PHE W 414 45.65 -71.16 -104.98
C PHE W 414 45.34 -72.43 -105.76
N THR W 415 44.60 -73.33 -105.14
CA THR W 415 44.00 -74.48 -105.82
C THR W 415 42.63 -74.05 -106.35
N ALA W 416 41.78 -75.02 -106.71
CA ALA W 416 40.48 -74.71 -107.30
C ALA W 416 39.56 -74.13 -106.23
N GLY W 417 39.73 -72.84 -105.98
CA GLY W 417 38.89 -72.10 -105.05
C GLY W 417 39.50 -71.88 -103.68
N GLU W 418 40.58 -72.58 -103.34
CA GLU W 418 41.20 -72.48 -102.03
C GLU W 418 42.71 -72.28 -102.22
N SER W 419 43.42 -72.22 -101.10
CA SER W 419 44.88 -72.06 -101.10
C SER W 419 45.51 -73.37 -100.64
N SER W 420 46.39 -73.92 -101.47
CA SER W 420 47.06 -75.18 -101.17
C SER W 420 48.57 -75.02 -101.03
N ASP W 421 49.05 -73.80 -100.84
CA ASP W 421 50.48 -73.51 -100.80
C ASP W 421 51.09 -73.70 -99.42
N ALA W 422 50.46 -74.51 -98.56
CA ALA W 422 50.90 -74.72 -97.19
C ALA W 422 50.96 -73.41 -96.40
N ALA W 423 50.12 -72.45 -96.80
CA ALA W 423 50.03 -71.16 -96.15
C ALA W 423 48.65 -71.00 -95.53
N LYS W 424 48.58 -70.21 -94.46
CA LYS W 424 47.34 -70.09 -93.70
C LYS W 424 46.29 -69.33 -94.49
N SER W 425 46.54 -68.06 -94.78
CA SER W 425 45.75 -67.26 -95.72
C SER W 425 44.27 -67.26 -95.35
N TYR W 426 43.98 -66.64 -94.21
CA TYR W 426 42.61 -66.50 -93.74
C TYR W 426 42.23 -65.02 -93.69
N VAL W 427 40.95 -64.74 -93.98
CA VAL W 427 40.48 -63.38 -94.18
C VAL W 427 39.19 -63.16 -93.39
N ASP W 428 38.65 -64.23 -92.82
CA ASP W 428 37.28 -64.22 -92.32
C ASP W 428 37.05 -63.23 -91.18
N ASP W 429 38.11 -62.80 -90.49
CA ASP W 429 37.93 -62.00 -89.28
C ASP W 429 37.23 -60.67 -89.55
N LYS W 430 37.86 -59.77 -90.30
CA LYS W 430 37.24 -58.50 -90.65
C LYS W 430 37.60 -58.07 -92.07
N GLY W 431 38.28 -58.90 -92.83
CA GLY W 431 38.85 -58.49 -94.10
C GLY W 431 40.35 -58.32 -94.03
N GLY W 432 41.03 -58.60 -95.13
CA GLY W 432 42.47 -58.60 -95.15
C GLY W 432 43.05 -59.95 -94.78
N ILE W 433 44.26 -60.19 -95.26
CA ILE W 433 44.92 -61.50 -95.09
C ILE W 433 45.73 -61.45 -93.81
N THR W 434 45.28 -62.21 -92.80
CA THR W 434 45.91 -62.24 -91.50
C THR W 434 46.62 -63.56 -91.22
N ASN W 435 46.47 -64.56 -92.09
CA ASN W 435 47.21 -65.83 -92.05
C ASN W 435 47.31 -66.39 -90.63
N VAL W 436 46.20 -66.43 -89.91
CA VAL W 436 46.12 -67.07 -88.60
C VAL W 436 45.11 -68.21 -88.70
N ALA W 437 45.52 -69.40 -88.26
CA ALA W 437 44.65 -70.56 -88.33
C ALA W 437 43.42 -70.39 -87.46
N ASP W 438 43.63 -70.29 -86.15
CA ASP W 438 42.53 -70.17 -85.20
C ASP W 438 43.10 -69.72 -83.86
N TYR W 439 42.32 -68.93 -83.14
CA TYR W 439 42.67 -68.48 -81.81
C TYR W 439 41.58 -68.90 -80.83
N THR W 440 41.99 -69.45 -79.69
CA THR W 440 41.07 -69.88 -78.65
C THR W 440 41.23 -68.96 -77.44
N VAL W 441 40.12 -68.40 -76.98
CA VAL W 441 40.11 -67.50 -75.84
C VAL W 441 39.50 -68.24 -74.67
N SER W 442 40.17 -68.23 -73.53
CA SER W 442 39.71 -68.91 -72.33
C SER W 442 39.16 -67.88 -71.35
N TYR W 443 37.94 -68.13 -70.87
CA TYR W 443 37.25 -67.25 -69.95
C TYR W 443 37.12 -67.94 -68.60
N SER W 444 37.44 -67.22 -67.54
CA SER W 444 37.32 -67.71 -66.17
C SER W 444 36.03 -67.16 -65.57
N VAL W 445 35.24 -68.05 -64.97
CA VAL W 445 33.95 -67.70 -64.38
C VAL W 445 34.11 -67.73 -62.88
N ASN W 446 33.83 -66.60 -62.22
CA ASN W 446 33.87 -66.53 -60.77
C ASN W 446 32.56 -67.04 -60.21
N LYS W 447 32.60 -68.19 -59.55
CA LYS W 447 31.39 -68.85 -59.08
C LYS W 447 30.75 -68.14 -57.88
N ASP W 448 31.45 -67.18 -57.27
CA ASP W 448 30.87 -66.46 -56.15
C ASP W 448 29.71 -65.56 -56.59
N ASN W 449 29.91 -64.82 -57.68
CA ASN W 449 28.91 -63.89 -58.17
C ASN W 449 28.46 -64.15 -59.60
N GLY W 450 29.22 -64.91 -60.38
CA GLY W 450 28.90 -65.15 -61.77
C GLY W 450 29.61 -64.25 -62.76
N SER W 451 30.47 -63.36 -62.30
CA SER W 451 31.20 -62.48 -63.21
C SER W 451 32.18 -63.28 -64.05
N VAL W 452 32.30 -62.91 -65.32
CA VAL W 452 33.14 -63.62 -66.29
C VAL W 452 34.24 -62.67 -66.74
N THR W 453 35.49 -63.13 -66.64
CA THR W 453 36.65 -62.37 -67.07
C THR W 453 37.42 -63.15 -68.12
N VAL W 454 38.41 -62.48 -68.71
CA VAL W 454 39.26 -63.07 -69.74
C VAL W 454 40.54 -63.55 -69.09
N ALA W 455 40.85 -64.84 -69.28
CA ALA W 455 42.05 -65.41 -68.68
C ALA W 455 42.52 -66.56 -69.58
N GLY W 456 43.52 -66.28 -70.42
CA GLY W 456 44.12 -67.30 -71.24
C GLY W 456 43.88 -67.15 -72.73
N TYR W 457 44.96 -67.24 -73.52
CA TYR W 457 44.89 -67.13 -74.96
C TYR W 457 45.77 -68.22 -75.58
N ALA W 458 45.22 -68.93 -76.57
CA ALA W 458 45.95 -70.00 -77.24
C ALA W 458 45.88 -69.79 -78.74
N SER W 459 46.98 -70.02 -79.43
CA SER W 459 47.02 -69.88 -80.89
C SER W 459 47.86 -71.00 -81.48
N ALA W 460 47.37 -71.58 -82.57
CA ALA W 460 48.13 -72.60 -83.29
C ALA W 460 49.29 -72.02 -84.07
N THR W 461 49.32 -70.71 -84.26
CA THR W 461 50.41 -70.00 -84.91
C THR W 461 51.01 -68.99 -83.92
N ASP W 462 52.07 -68.32 -84.37
CA ASP W 462 52.67 -67.28 -83.54
C ASP W 462 51.68 -66.14 -83.28
N THR W 463 51.10 -65.60 -84.35
CA THR W 463 49.97 -64.69 -84.31
C THR W 463 50.38 -63.32 -83.75
N ASN W 464 51.61 -63.23 -83.24
CA ASN W 464 52.14 -61.99 -82.66
C ASN W 464 51.19 -61.41 -81.60
N LYS W 465 50.33 -62.25 -81.04
CA LYS W 465 49.32 -61.84 -80.06
C LYS W 465 48.48 -60.68 -80.60
N ASP W 466 48.11 -60.76 -81.87
CA ASP W 466 47.29 -59.72 -82.47
C ASP W 466 45.88 -59.71 -81.89
N TYR W 467 45.30 -60.90 -81.69
CA TYR W 467 43.94 -61.02 -81.20
C TYR W 467 43.89 -61.45 -79.74
N ALA W 468 44.93 -61.16 -78.96
CA ALA W 468 44.96 -61.57 -77.57
C ALA W 468 44.64 -60.39 -76.68
N PRO W 469 43.47 -60.33 -76.06
CA PRO W 469 43.20 -59.29 -75.08
C PRO W 469 44.00 -59.50 -73.81
N ALA W 470 44.24 -58.40 -73.10
CA ALA W 470 44.92 -58.49 -71.81
C ALA W 470 44.08 -59.30 -70.83
N ILE W 471 44.74 -60.22 -70.13
CA ILE W 471 44.02 -61.07 -69.19
C ILE W 471 43.54 -60.24 -67.99
N GLY W 472 42.48 -60.74 -67.35
CA GLY W 472 41.91 -60.05 -66.22
C GLY W 472 40.96 -58.93 -66.56
N THR W 473 40.51 -58.83 -67.80
CA THR W 473 39.59 -57.78 -68.22
C THR W 473 38.18 -58.35 -68.26
N ALA W 474 37.25 -57.67 -67.60
CA ALA W 474 35.86 -58.13 -67.54
C ALA W 474 35.23 -58.08 -68.92
N VAL W 475 34.62 -59.18 -69.34
CA VAL W 475 33.99 -59.26 -70.65
C VAL W 475 32.51 -58.93 -70.51
N ASN W 476 31.94 -58.36 -71.57
CA ASN W 476 30.54 -57.97 -71.60
C ASN W 476 29.88 -58.55 -72.84
N VAL W 477 28.63 -58.15 -73.06
CA VAL W 477 27.84 -58.59 -74.20
C VAL W 477 27.51 -57.38 -75.06
N ASN W 478 27.79 -57.48 -76.36
CA ASN W 478 27.55 -56.39 -77.27
C ASN W 478 26.05 -56.22 -77.51
N SER W 479 25.70 -55.22 -78.32
CA SER W 479 24.30 -54.99 -78.65
C SER W 479 23.72 -56.15 -79.44
N ALA W 480 24.51 -56.73 -80.35
CA ALA W 480 24.07 -57.84 -81.18
C ALA W 480 24.12 -59.17 -80.46
N GLY W 481 24.47 -59.18 -79.18
CA GLY W 481 24.56 -60.41 -78.41
C GLY W 481 25.92 -61.08 -78.43
N LYS W 482 26.89 -60.53 -79.14
CA LYS W 482 28.21 -61.14 -79.20
C LYS W 482 28.97 -60.92 -77.90
N ILE W 483 30.00 -61.73 -77.70
CA ILE W 483 30.85 -61.67 -76.52
C ILE W 483 32.00 -60.73 -76.84
N THR W 484 32.05 -59.58 -76.16
CA THR W 484 32.99 -58.54 -76.52
C THR W 484 33.43 -57.83 -75.24
N THR W 485 34.59 -57.18 -75.32
CA THR W 485 35.23 -56.63 -74.13
C THR W 485 34.93 -55.15 -73.88
N GLU W 486 34.69 -54.36 -74.92
CA GLU W 486 34.49 -52.92 -74.73
C GLU W 486 33.06 -52.62 -74.28
N THR W 487 32.93 -51.54 -73.52
CA THR W 487 31.65 -51.15 -72.93
C THR W 487 31.00 -49.96 -73.62
N THR W 488 31.54 -49.48 -74.73
CA THR W 488 31.00 -48.29 -75.39
C THR W 488 29.59 -48.54 -75.90
N SER W 489 29.43 -49.42 -76.88
CA SER W 489 28.13 -49.80 -77.43
C SER W 489 27.35 -48.55 -77.89
N ALA W 490 27.89 -47.93 -78.92
CA ALA W 490 27.33 -46.69 -79.44
C ALA W 490 25.88 -46.87 -79.85
N GLY W 491 25.05 -45.87 -79.54
CA GLY W 491 23.63 -45.93 -79.79
C GLY W 491 23.22 -45.36 -81.13
N SER W 492 21.96 -44.93 -81.20
CA SER W 492 21.37 -44.47 -82.45
C SER W 492 21.14 -42.97 -82.53
N ALA W 493 21.23 -42.25 -81.41
CA ALA W 493 21.05 -40.80 -81.44
C ALA W 493 22.16 -40.15 -82.25
N THR W 494 21.82 -39.08 -82.97
CA THR W 494 22.79 -38.41 -83.82
C THR W 494 23.93 -37.85 -82.98
N THR W 495 25.15 -38.01 -83.49
CA THR W 495 26.35 -37.68 -82.71
C THR W 495 26.46 -36.17 -82.47
N ASN W 496 26.55 -35.38 -83.54
CA ASN W 496 26.80 -33.95 -83.44
C ASN W 496 25.71 -33.21 -84.19
N PRO W 497 24.51 -33.11 -83.60
CA PRO W 497 23.39 -32.50 -84.31
C PRO W 497 23.66 -31.05 -84.68
N LEU W 498 24.29 -30.30 -83.78
CA LEU W 498 24.55 -28.89 -84.05
C LEU W 498 25.55 -28.73 -85.18
N ALA W 499 26.57 -29.60 -85.23
CA ALA W 499 27.52 -29.55 -86.34
C ALA W 499 26.84 -29.89 -87.66
N ALA W 500 25.97 -30.90 -87.67
CA ALA W 500 25.27 -31.26 -88.90
C ALA W 500 24.40 -30.11 -89.38
N LEU W 501 23.68 -29.48 -88.46
CA LEU W 501 22.81 -28.36 -88.83
C LEU W 501 23.63 -27.17 -89.32
N ASP W 502 24.80 -26.93 -88.72
CA ASP W 502 25.67 -25.87 -89.19
C ASP W 502 26.14 -26.14 -90.61
N ASP W 503 26.51 -27.38 -90.91
CA ASP W 503 26.93 -27.71 -92.27
C ASP W 503 25.79 -27.50 -93.26
N ALA W 504 24.57 -27.91 -92.89
CA ALA W 504 23.43 -27.70 -93.77
C ALA W 504 23.19 -26.21 -94.03
N ILE W 505 23.22 -25.41 -92.97
CA ILE W 505 22.99 -23.97 -93.13
C ILE W 505 24.09 -23.35 -93.98
N SER W 506 25.33 -23.79 -93.80
CA SER W 506 26.42 -23.27 -94.60
C SER W 506 26.23 -23.60 -96.08
N SER W 507 25.79 -24.82 -96.38
CA SER W 507 25.54 -25.17 -97.78
C SER W 507 24.44 -24.29 -98.38
N ILE W 508 23.36 -24.08 -97.61
CA ILE W 508 22.27 -23.22 -98.10
C ILE W 508 22.79 -21.82 -98.37
N ASP W 509 23.60 -21.28 -97.45
CA ASP W 509 24.11 -19.93 -97.62
C ASP W 509 25.02 -19.82 -98.83
N LYS W 510 25.87 -20.84 -99.06
CA LYS W 510 26.74 -20.81 -100.23
C LYS W 510 25.94 -20.79 -101.51
N PHE W 511 24.91 -21.63 -101.61
CA PHE W 511 24.11 -21.67 -102.82
C PHE W 511 23.36 -20.35 -103.03
N ARG W 512 22.86 -19.76 -101.94
CA ARG W 512 22.18 -18.47 -102.04
C ARG W 512 23.14 -17.38 -102.52
N SER W 513 24.37 -17.38 -102.01
CA SER W 513 25.35 -16.39 -102.45
C SER W 513 25.66 -16.55 -103.93
N SER W 514 25.78 -17.80 -104.39
CA SER W 514 26.01 -18.02 -105.82
C SER W 514 24.88 -17.47 -106.65
N LEU W 515 23.63 -17.71 -106.24
CA LEU W 515 22.49 -17.17 -106.99
C LEU W 515 22.49 -15.65 -106.99
N GLY W 516 22.82 -15.04 -105.85
CA GLY W 516 22.87 -13.59 -105.80
C GLY W 516 23.90 -13.00 -106.74
N ALA W 517 25.09 -13.59 -106.77
CA ALA W 517 26.12 -13.13 -107.70
C ALA W 517 25.66 -13.27 -109.15
N ILE W 518 25.03 -14.41 -109.47
CA ILE W 518 24.55 -14.62 -110.83
C ILE W 518 23.53 -13.54 -111.21
N GLN W 519 22.61 -13.23 -110.29
CA GLN W 519 21.61 -12.21 -110.58
C GLN W 519 22.25 -10.84 -110.78
N ASN W 520 23.25 -10.51 -109.97
CA ASN W 520 23.92 -9.22 -110.13
C ASN W 520 24.55 -9.10 -111.51
N ARG W 521 25.29 -10.14 -111.92
CA ARG W 521 25.92 -10.06 -113.24
C ARG W 521 24.89 -10.07 -114.35
N LEU W 522 23.75 -10.74 -114.15
CA LEU W 522 22.71 -10.73 -115.18
C LEU W 522 22.09 -9.35 -115.34
N ASP W 523 21.88 -8.64 -114.22
CA ASP W 523 21.37 -7.28 -114.30
C ASP W 523 22.36 -6.36 -115.00
N SER W 524 23.66 -6.53 -114.69
CA SER W 524 24.67 -5.76 -115.40
C SER W 524 24.62 -6.03 -116.90
N ALA W 525 24.42 -7.29 -117.28
CA ALA W 525 24.27 -7.63 -118.69
C ALA W 525 23.07 -6.95 -119.31
N VAL W 526 21.96 -6.88 -118.57
CA VAL W 526 20.76 -6.20 -119.08
C VAL W 526 21.07 -4.75 -119.38
N THR W 527 21.72 -4.07 -118.44
CA THR W 527 22.04 -2.66 -118.63
C THR W 527 22.95 -2.46 -119.85
N ASN W 528 23.97 -3.31 -119.98
CA ASN W 528 24.87 -3.19 -121.12
C ASN W 528 24.13 -3.41 -122.43
N LEU W 529 23.22 -4.39 -122.45
CA LEU W 529 22.46 -4.67 -123.67
C LEU W 529 21.61 -3.47 -124.05
N ASN W 530 20.97 -2.83 -123.07
CA ASN W 530 20.15 -1.67 -123.38
C ASN W 530 21.00 -0.53 -123.96
N ASN W 531 22.17 -0.29 -123.36
CA ASN W 531 23.04 0.77 -123.86
C ASN W 531 23.49 0.47 -125.29
N THR W 532 23.90 -0.76 -125.55
CA THR W 532 24.36 -1.13 -126.89
C THR W 532 23.23 -1.01 -127.90
N THR W 533 22.01 -1.40 -127.52
CA THR W 533 20.87 -1.26 -128.41
C THR W 533 20.62 0.19 -128.75
N THR W 534 20.70 1.08 -127.76
CA THR W 534 20.52 2.50 -128.04
C THR W 534 21.56 3.01 -129.02
N ASN W 535 22.82 2.63 -128.82
CA ASN W 535 23.88 3.12 -129.70
C ASN W 535 23.75 2.56 -131.11
N LEU W 536 23.35 1.29 -131.24
CA LEU W 536 23.17 0.73 -132.57
C LEU W 536 21.99 1.37 -133.30
N SER W 537 20.92 1.69 -132.57
CA SER W 537 19.82 2.42 -133.19
C SER W 537 20.28 3.81 -133.63
N GLU W 538 21.14 4.45 -132.83
CA GLU W 538 21.76 5.70 -133.23
C GLU W 538 22.46 5.56 -134.57
N ALA W 539 23.31 4.54 -134.70
CA ALA W 539 24.09 4.37 -135.93
C ALA W 539 23.18 4.09 -137.12
N GLN W 540 22.16 3.26 -136.92
CA GLN W 540 21.23 2.98 -138.02
C GLN W 540 20.51 4.24 -138.46
N SER W 541 20.12 5.08 -137.50
CA SER W 541 19.50 6.35 -137.85
C SER W 541 20.48 7.25 -138.61
N ARG W 542 21.75 7.21 -138.23
CA ARG W 542 22.76 7.96 -138.96
C ARG W 542 22.81 7.54 -140.42
N ILE W 543 22.76 6.22 -140.67
CA ILE W 543 22.85 5.74 -142.04
C ILE W 543 21.58 6.03 -142.82
N GLN W 544 20.43 5.66 -142.28
CA GLN W 544 19.14 5.78 -142.93
C GLN W 544 18.52 7.13 -142.60
N ASP W 545 17.20 7.25 -142.78
CA ASP W 545 16.41 8.38 -142.28
C ASP W 545 16.81 9.69 -142.96
N ALA W 546 16.46 9.75 -144.24
CA ALA W 546 16.70 10.92 -145.08
C ALA W 546 16.27 12.22 -144.39
N ASP W 547 16.93 13.31 -144.78
CA ASP W 547 16.73 14.62 -144.15
C ASP W 547 15.54 15.32 -144.80
N TYR W 548 14.43 15.38 -144.06
CA TYR W 548 13.19 15.92 -144.62
C TYR W 548 13.37 17.32 -145.19
N ALA W 549 14.21 18.15 -144.56
CA ALA W 549 14.50 19.45 -145.14
C ALA W 549 15.13 19.29 -146.52
N THR W 550 16.08 18.36 -146.64
CA THR W 550 16.79 18.19 -147.91
C THR W 550 15.85 17.74 -149.02
N GLU W 551 15.05 16.69 -148.76
CA GLU W 551 14.17 16.25 -149.84
C GLU W 551 12.98 17.19 -150.08
N VAL W 552 12.53 17.95 -149.08
CA VAL W 552 11.51 18.96 -149.35
C VAL W 552 12.05 20.01 -150.31
N SER W 553 13.28 20.49 -150.06
CA SER W 553 13.89 21.43 -150.99
C SER W 553 14.08 20.79 -152.36
N ASN W 554 14.50 19.53 -152.38
CA ASN W 554 14.76 18.86 -153.65
C ASN W 554 13.49 18.76 -154.48
N MET W 555 12.37 18.34 -153.86
CA MET W 555 11.15 18.24 -154.65
C MET W 555 10.62 19.61 -155.05
N SER W 556 10.82 20.62 -154.20
CA SER W 556 10.35 21.96 -154.57
C SER W 556 11.05 22.45 -155.82
N LYS W 557 12.38 22.35 -155.84
CA LYS W 557 13.10 22.80 -157.04
C LYS W 557 12.84 21.87 -158.21
N ALA W 558 12.61 20.59 -157.97
CA ALA W 558 12.28 19.67 -159.06
C ALA W 558 10.94 20.04 -159.69
N GLN W 559 9.93 20.33 -158.87
CA GLN W 559 8.63 20.74 -159.39
C GLN W 559 8.74 22.04 -160.18
N ILE W 560 9.51 22.99 -159.67
CA ILE W 560 9.68 24.25 -160.39
C ILE W 560 10.36 24.02 -161.74
N ILE W 561 11.39 23.18 -161.75
CA ILE W 561 12.06 22.87 -163.01
C ILE W 561 11.11 22.18 -163.97
N GLN W 562 10.25 21.30 -163.45
CA GLN W 562 9.28 20.62 -164.30
C GLN W 562 8.29 21.62 -164.92
N GLN W 563 7.77 22.54 -164.12
CA GLN W 563 6.82 23.52 -164.64
C GLN W 563 7.48 24.43 -165.66
N ALA W 564 8.70 24.88 -165.37
CA ALA W 564 9.42 25.72 -166.31
C ALA W 564 9.69 24.98 -167.61
N GLY W 565 10.09 23.71 -167.51
CA GLY W 565 10.33 22.92 -168.70
C GLY W 565 9.08 22.71 -169.52
N ASN W 566 7.94 22.51 -168.85
CA ASN W 566 6.68 22.34 -169.58
C ASN W 566 6.27 23.62 -170.30
N SER W 567 6.43 24.76 -169.64
CA SER W 567 6.10 26.02 -170.30
C SER W 567 7.02 26.28 -171.49
N VAL W 568 8.32 26.03 -171.31
CA VAL W 568 9.25 26.20 -172.42
C VAL W 568 8.96 25.19 -173.52
N LEU W 569 8.51 23.99 -173.15
CA LEU W 569 8.16 22.99 -174.15
C LEU W 569 6.96 23.42 -174.96
N ALA W 570 5.97 24.05 -174.32
CA ALA W 570 4.86 24.62 -175.06
C ALA W 570 5.33 25.73 -175.99
N LYS W 571 6.25 26.58 -175.51
CA LYS W 571 6.79 27.63 -176.37
C LYS W 571 7.53 27.06 -177.57
N ALA W 572 8.22 25.94 -177.38
CA ALA W 572 8.93 25.30 -178.48
C ALA W 572 7.97 24.61 -179.45
N ASN W 573 7.00 23.86 -178.91
CA ASN W 573 5.95 23.26 -179.73
C ASN W 573 5.07 24.32 -180.37
N GLN W 574 5.28 25.59 -180.05
CA GLN W 574 4.79 26.64 -180.94
C GLN W 574 5.69 26.56 -182.17
N VAL W 575 5.50 25.50 -182.94
CA VAL W 575 6.42 25.04 -183.99
C VAL W 575 6.48 26.10 -185.07
N PRO W 576 7.48 26.06 -185.97
CA PRO W 576 7.53 27.08 -187.02
C PRO W 576 6.22 27.16 -187.79
N GLN W 577 5.50 28.25 -187.59
CA GLN W 577 4.28 28.53 -188.32
C GLN W 577 4.40 29.74 -189.22
N GLN W 578 5.49 30.51 -189.07
CA GLN W 578 5.75 31.59 -190.01
C GLN W 578 5.99 31.07 -191.41
N VAL W 579 6.30 29.78 -191.55
CA VAL W 579 6.33 29.17 -192.87
C VAL W 579 4.96 29.22 -193.51
N LEU W 580 3.90 29.06 -192.71
CA LEU W 580 2.54 29.19 -193.24
C LEU W 580 2.32 30.60 -193.77
N SER W 581 2.79 31.61 -193.04
CA SER W 581 2.68 32.99 -193.51
C SER W 581 3.46 33.20 -194.79
N LEU W 582 4.66 32.60 -194.87
CA LEU W 582 5.46 32.71 -196.08
C LEU W 582 4.77 32.06 -197.28
N LEU W 583 3.98 31.02 -197.04
CA LEU W 583 3.41 30.25 -198.14
C LEU W 583 2.53 31.10 -199.04
N GLN W 584 1.60 31.85 -198.46
CA GLN W 584 0.68 32.63 -199.29
C GLN W 584 1.34 33.85 -199.91
N GLY W 585 2.56 34.18 -199.50
CA GLY W 585 3.26 35.34 -200.04
C GLY W 585 3.69 35.16 -201.49
N MET X 1 -15.03 59.75 -169.09
CA MET X 1 -14.05 58.66 -169.15
C MET X 1 -13.65 58.37 -170.60
N ALA X 2 -14.60 57.93 -171.41
CA ALA X 2 -14.29 57.53 -172.77
C ALA X 2 -13.81 58.68 -173.64
N GLN X 3 -14.21 59.92 -173.32
CA GLN X 3 -13.88 61.03 -174.21
C GLN X 3 -12.43 61.46 -174.06
N VAL X 4 -11.85 61.31 -172.87
CA VAL X 4 -10.51 61.81 -172.60
C VAL X 4 -9.63 60.67 -172.10
N ILE X 5 -8.36 60.70 -172.51
CA ILE X 5 -7.39 59.70 -172.10
C ILE X 5 -6.22 60.29 -171.32
N ASN X 6 -6.06 61.62 -171.32
CA ASN X 6 -4.88 62.22 -170.73
C ASN X 6 -4.92 62.24 -169.20
N THR X 7 -6.11 62.33 -168.61
CA THR X 7 -6.25 62.39 -167.17
C THR X 7 -7.31 61.40 -166.71
N ASN X 8 -7.32 61.11 -165.42
CA ASN X 8 -8.31 60.21 -164.82
C ASN X 8 -8.78 60.85 -163.51
N SER X 9 -9.84 61.65 -163.61
CA SER X 9 -10.39 62.31 -162.44
C SER X 9 -10.88 61.29 -161.41
N LEU X 10 -11.42 60.17 -161.87
CA LEU X 10 -11.84 59.12 -160.95
C LEU X 10 -10.66 58.61 -160.13
N SER X 11 -9.53 58.37 -160.81
CA SER X 11 -8.33 57.92 -160.10
C SER X 11 -7.85 58.97 -159.12
N LEU X 12 -7.88 60.25 -159.52
CA LEU X 12 -7.43 61.31 -158.62
C LEU X 12 -8.29 61.37 -157.36
N ILE X 13 -9.61 61.32 -157.54
CA ILE X 13 -10.53 61.38 -156.40
C ILE X 13 -10.33 60.17 -155.49
N THR X 14 -10.17 58.99 -156.09
CA THR X 14 -9.96 57.79 -155.29
C THR X 14 -8.66 57.88 -154.49
N GLN X 15 -7.61 58.41 -155.10
CA GLN X 15 -6.34 58.58 -154.38
C GLN X 15 -6.50 59.55 -153.22
N ASN X 16 -7.24 60.64 -153.43
CA ASN X 16 -7.46 61.58 -152.34
C ASN X 16 -8.19 60.92 -151.18
N ASN X 17 -9.23 60.15 -151.48
CA ASN X 17 -9.97 59.48 -150.43
C ASN X 17 -9.11 58.45 -149.71
N ILE X 18 -8.26 57.74 -150.45
CA ILE X 18 -7.37 56.77 -149.84
C ILE X 18 -6.41 57.44 -148.88
N ASN X 19 -5.85 58.59 -149.27
CA ASN X 19 -4.95 59.31 -148.37
C ASN X 19 -5.68 59.78 -147.12
N LYS X 20 -6.90 60.28 -147.29
CA LYS X 20 -7.68 60.73 -146.14
C LYS X 20 -7.91 59.58 -145.16
N ASN X 21 -8.23 58.39 -145.67
CA ASN X 21 -8.39 57.25 -144.77
C ASN X 21 -7.05 56.83 -144.15
N GLN X 22 -5.97 56.94 -144.92
CA GLN X 22 -4.66 56.51 -144.42
C GLN X 22 -4.22 57.32 -143.21
N SER X 23 -4.55 58.62 -143.20
CA SER X 23 -4.24 59.44 -142.04
C SER X 23 -4.83 58.83 -140.76
N ALA X 24 -6.12 58.52 -140.78
CA ALA X 24 -6.77 57.96 -139.61
C ALA X 24 -6.27 56.55 -139.29
N LEU X 25 -5.94 55.77 -140.32
CA LEU X 25 -5.37 54.45 -140.09
C LEU X 25 -4.06 54.56 -139.30
N SER X 26 -3.18 55.45 -139.73
CA SER X 26 -1.91 55.65 -139.02
C SER X 26 -2.15 56.12 -137.60
N SER X 27 -3.07 57.08 -137.42
CA SER X 27 -3.35 57.58 -136.07
C SER X 27 -3.82 56.44 -135.17
N SER X 28 -4.73 55.61 -135.66
CA SER X 28 -5.27 54.52 -134.85
C SER X 28 -4.20 53.51 -134.48
N ILE X 29 -3.36 53.12 -135.44
CA ILE X 29 -2.33 52.12 -135.16
C ILE X 29 -1.33 52.66 -134.15
N GLU X 30 -0.91 53.91 -134.31
CA GLU X 30 0.02 54.50 -133.35
C GLU X 30 -0.62 54.57 -131.96
N ARG X 31 -1.89 54.96 -131.90
CA ARG X 31 -2.58 55.06 -130.61
C ARG X 31 -2.64 53.71 -129.92
N LEU X 32 -2.96 52.65 -130.67
CA LEU X 32 -3.01 51.32 -130.07
C LEU X 32 -1.64 50.86 -129.62
N SER X 33 -0.60 51.12 -130.42
CA SER X 33 0.73 50.67 -130.05
C SER X 33 1.22 51.37 -128.78
N SER X 34 0.99 52.68 -128.67
CA SER X 34 1.47 53.41 -127.51
C SER X 34 0.61 53.15 -126.27
N GLY X 35 -0.69 52.97 -126.45
CA GLY X 35 -1.59 52.83 -125.33
C GLY X 35 -1.96 54.13 -124.66
N LEU X 36 -1.73 55.27 -125.31
CA LEU X 36 -2.01 56.57 -124.73
C LEU X 36 -2.93 57.35 -125.66
N ARG X 37 -3.96 57.98 -125.07
CA ARG X 37 -4.90 58.76 -125.87
C ARG X 37 -4.24 59.99 -126.47
N ILE X 38 -3.54 60.77 -125.64
CA ILE X 38 -2.89 62.00 -126.06
C ILE X 38 -1.44 61.68 -126.38
N ASN X 39 -1.07 61.81 -127.64
CA ASN X 39 0.25 61.39 -128.11
C ASN X 39 0.78 62.41 -129.10
N SER X 40 2.03 62.84 -128.89
CA SER X 40 2.78 63.72 -129.78
C SER X 40 2.20 65.12 -129.88
N ALA X 41 1.19 65.45 -129.07
CA ALA X 41 0.61 66.79 -128.99
C ALA X 41 0.05 67.28 -130.32
N LYS X 42 -0.20 66.37 -131.27
CA LYS X 42 -0.92 66.72 -132.50
C LYS X 42 -2.41 66.75 -132.28
N ASP X 43 -2.84 66.82 -131.02
CA ASP X 43 -4.24 66.85 -130.63
C ASP X 43 -4.36 67.88 -129.51
N ASP X 44 -5.46 67.84 -128.76
CA ASP X 44 -5.73 68.85 -127.75
C ASP X 44 -4.59 68.94 -126.75
N ALA X 45 -3.87 70.07 -126.77
CA ALA X 45 -2.69 70.25 -125.93
C ALA X 45 -3.03 70.51 -124.47
N ALA X 46 -4.27 70.90 -124.18
CA ALA X 46 -4.68 71.05 -122.79
C ALA X 46 -4.58 69.73 -122.05
N GLY X 47 -4.99 68.64 -122.70
CA GLY X 47 -4.84 67.33 -122.08
C GLY X 47 -3.38 66.99 -121.81
N GLN X 48 -2.50 67.30 -122.75
CA GLN X 48 -1.08 67.06 -122.55
C GLN X 48 -0.55 67.82 -121.35
N ALA X 49 -0.87 69.11 -121.27
CA ALA X 49 -0.37 69.92 -120.16
C ALA X 49 -0.91 69.43 -118.83
N ILE X 50 -2.21 69.12 -118.77
CA ILE X 50 -2.80 68.68 -117.53
C ILE X 50 -2.25 67.32 -117.11
N ALA X 51 -1.99 66.44 -118.08
CA ALA X 51 -1.37 65.16 -117.77
C ALA X 51 0.03 65.35 -117.20
N ASN X 52 0.80 66.29 -117.76
CA ASN X 52 2.11 66.57 -117.20
C ASN X 52 2.02 67.08 -115.76
N ARG X 53 1.07 67.98 -115.51
CA ARG X 53 0.89 68.47 -114.14
C ARG X 53 0.53 67.34 -113.19
N PHE X 54 -0.35 66.44 -113.63
CA PHE X 54 -0.75 65.32 -112.78
C PHE X 54 0.42 64.39 -112.51
N THR X 55 1.25 64.14 -113.53
CA THR X 55 2.42 63.30 -113.32
C THR X 55 3.37 63.91 -112.30
N SER X 56 3.60 65.23 -112.41
CA SER X 56 4.46 65.90 -111.44
C SER X 56 3.88 65.78 -110.04
N ASN X 57 2.56 65.99 -109.89
CA ASN X 57 1.94 65.88 -108.58
C ASN X 57 2.07 64.47 -108.01
N ILE X 58 1.87 63.45 -108.84
CA ILE X 58 1.91 62.07 -108.37
C ILE X 58 3.32 61.73 -107.87
N LYS X 59 4.33 62.07 -108.66
CA LYS X 59 5.70 61.76 -108.25
C LYS X 59 6.07 62.51 -106.97
N GLY X 60 5.68 63.78 -106.89
CA GLY X 60 5.96 64.54 -105.67
C GLY X 60 5.31 63.93 -104.45
N LEU X 61 4.05 63.51 -104.58
CA LEU X 61 3.35 62.94 -103.44
C LEU X 61 3.96 61.61 -103.01
N THR X 62 4.38 60.79 -103.97
CA THR X 62 5.03 59.52 -103.62
C THR X 62 6.32 59.77 -102.84
N GLN X 63 7.16 60.69 -103.33
CA GLN X 63 8.40 60.99 -102.63
C GLN X 63 8.12 61.58 -101.25
N ALA X 64 7.05 62.37 -101.14
CA ALA X 64 6.69 62.93 -99.84
C ALA X 64 6.27 61.83 -98.86
N ALA X 65 5.54 60.83 -99.35
CA ALA X 65 5.18 59.70 -98.49
C ALA X 65 6.42 58.99 -97.99
N ARG X 66 7.41 58.79 -98.86
CA ARG X 66 8.66 58.17 -98.41
C ARG X 66 9.34 59.01 -97.34
N ASN X 67 9.37 60.33 -97.53
CA ASN X 67 9.97 61.21 -96.52
C ASN X 67 9.25 61.10 -95.18
N ALA X 68 7.91 61.02 -95.22
CA ALA X 68 7.15 60.88 -93.99
C ALA X 68 7.48 59.57 -93.29
N ASN X 69 7.66 58.49 -94.05
CA ASN X 69 8.09 57.23 -93.45
C ASN X 69 9.43 57.38 -92.74
N ASP X 70 10.36 58.10 -93.38
CA ASP X 70 11.66 58.34 -92.74
C ASP X 70 11.48 59.10 -91.42
N GLY X 71 10.60 60.10 -91.41
CA GLY X 71 10.34 60.83 -90.18
C GLY X 71 9.81 59.94 -89.08
N ILE X 72 8.89 59.03 -89.45
CA ILE X 72 8.37 58.08 -88.46
C ILE X 72 9.49 57.24 -87.88
N SER X 73 10.42 56.80 -88.73
CA SER X 73 11.55 56.01 -88.23
C SER X 73 12.38 56.82 -87.23
N VAL X 74 12.62 58.09 -87.53
CA VAL X 74 13.39 58.95 -86.63
C VAL X 74 12.70 59.02 -85.26
N ALA X 75 11.38 59.25 -85.28
CA ALA X 75 10.65 59.37 -84.03
C ALA X 75 10.71 58.07 -83.23
N GLN X 76 10.59 56.93 -83.91
CA GLN X 76 10.64 55.65 -83.22
C GLN X 76 11.97 55.45 -82.52
N THR X 77 13.07 55.75 -83.23
CA THR X 77 14.40 55.55 -82.63
C THR X 77 14.58 56.43 -81.40
N THR X 78 14.22 57.71 -81.52
CA THR X 78 14.39 58.61 -80.39
C THR X 78 13.54 58.14 -79.21
N GLU X 79 12.32 57.66 -79.48
CA GLU X 79 11.46 57.23 -78.38
C GLU X 79 12.00 55.99 -77.69
N GLY X 80 12.61 55.07 -78.43
CA GLY X 80 13.23 53.92 -77.79
C GLY X 80 14.34 54.32 -76.84
N ALA X 81 15.22 55.21 -77.30
CA ALA X 81 16.27 55.71 -76.41
C ALA X 81 15.67 56.37 -75.17
N LEU X 82 14.61 57.14 -75.36
CA LEU X 82 13.97 57.81 -74.23
C LEU X 82 13.40 56.81 -73.23
N SER X 83 12.82 55.72 -73.72
CA SER X 83 12.27 54.71 -72.83
C SER X 83 13.37 54.10 -71.96
N GLU X 84 14.53 53.82 -72.56
CA GLU X 84 15.63 53.31 -71.76
C GLU X 84 16.06 54.32 -70.69
N ILE X 85 16.14 55.60 -71.07
CA ILE X 85 16.51 56.63 -70.10
C ILE X 85 15.50 56.67 -68.95
N ASN X 86 14.22 56.55 -69.28
CA ASN X 86 13.19 56.60 -68.24
C ASN X 86 13.32 55.43 -67.27
N ASN X 87 13.61 54.23 -67.79
CA ASN X 87 13.81 53.09 -66.91
C ASN X 87 14.98 53.34 -65.96
N ASN X 88 16.07 53.91 -66.49
CA ASN X 88 17.21 54.23 -65.64
C ASN X 88 16.82 55.22 -64.54
N LEU X 89 16.05 56.24 -64.90
CA LEU X 89 15.64 57.24 -63.90
C LEU X 89 14.77 56.62 -62.82
N GLN X 90 13.86 55.74 -63.20
CA GLN X 90 13.03 55.08 -62.20
C GLN X 90 13.89 54.27 -61.23
N ARG X 91 14.87 53.54 -61.75
CA ARG X 91 15.74 52.77 -60.87
C ARG X 91 16.53 53.69 -59.93
N ILE X 92 17.00 54.82 -60.45
CA ILE X 92 17.72 55.78 -59.60
C ILE X 92 16.82 56.28 -58.48
N ARG X 93 15.55 56.56 -58.79
CA ARG X 93 14.65 57.02 -57.74
C ARG X 93 14.45 55.96 -56.68
N GLU X 94 14.32 54.69 -57.10
CA GLU X 94 14.17 53.63 -56.10
C GLU X 94 15.39 53.56 -55.19
N LEU X 95 16.59 53.65 -55.77
CA LEU X 95 17.79 53.67 -54.94
C LEU X 95 17.81 54.86 -53.99
N THR X 96 17.36 56.03 -54.46
CA THR X 96 17.31 57.20 -53.58
C THR X 96 16.39 56.97 -52.40
N VAL X 97 15.21 56.38 -52.66
CA VAL X 97 14.27 56.10 -51.58
C VAL X 97 14.89 55.14 -50.57
N GLN X 98 15.64 54.15 -51.07
CA GLN X 98 16.31 53.24 -50.15
C GLN X 98 17.39 53.97 -49.34
N ALA X 99 18.14 54.87 -49.98
CA ALA X 99 19.28 55.49 -49.32
C ALA X 99 18.86 56.50 -48.27
N THR X 100 17.75 57.21 -48.48
CA THR X 100 17.40 58.30 -47.57
C THR X 100 17.07 57.83 -46.16
N THR X 101 16.85 56.53 -45.95
CA THR X 101 16.56 56.03 -44.61
C THR X 101 17.78 56.21 -43.70
N GLY X 102 17.52 56.59 -42.45
CA GLY X 102 18.59 56.82 -41.50
C GLY X 102 19.22 55.60 -40.90
N THR X 103 18.70 54.40 -41.20
CA THR X 103 19.32 53.18 -40.70
C THR X 103 20.62 52.87 -41.42
N ASN X 104 20.72 53.25 -42.70
CA ASN X 104 21.91 52.95 -43.48
C ASN X 104 23.14 53.64 -42.90
N SER X 105 24.28 52.98 -43.03
CA SER X 105 25.54 53.51 -42.53
C SER X 105 26.31 54.19 -43.66
N ASP X 106 27.51 54.67 -43.35
CA ASP X 106 28.29 55.44 -44.31
C ASP X 106 28.71 54.57 -45.50
N SER X 107 29.18 53.34 -45.23
CA SER X 107 29.58 52.47 -46.32
C SER X 107 28.40 52.09 -47.20
N ASP X 108 27.24 51.86 -46.59
CA ASP X 108 26.04 51.55 -47.36
C ASP X 108 25.66 52.71 -48.27
N LEU X 109 25.70 53.94 -47.73
CA LEU X 109 25.41 55.11 -48.54
C LEU X 109 26.42 55.25 -49.67
N ASP X 110 27.70 54.97 -49.40
CA ASP X 110 28.71 55.06 -50.44
C ASP X 110 28.45 54.07 -51.56
N SER X 111 28.08 52.84 -51.23
CA SER X 111 27.76 51.86 -52.26
C SER X 111 26.55 52.28 -53.08
N ILE X 112 25.51 52.77 -52.40
CA ILE X 112 24.31 53.20 -53.10
C ILE X 112 24.63 54.35 -54.05
N GLN X 113 25.43 55.31 -53.59
CA GLN X 113 25.79 56.43 -54.45
C GLN X 113 26.68 56.00 -55.60
N ASP X 114 27.49 54.95 -55.40
CA ASP X 114 28.27 54.41 -56.50
C ASP X 114 27.35 53.88 -57.59
N GLU X 115 26.32 53.13 -57.19
CA GLU X 115 25.35 52.63 -58.16
C GLU X 115 24.63 53.78 -58.85
N ILE X 116 24.28 54.82 -58.10
CA ILE X 116 23.60 55.98 -58.67
C ILE X 116 24.49 56.67 -59.70
N LYS X 117 25.77 56.84 -59.38
CA LYS X 117 26.69 57.47 -60.31
C LYS X 117 26.85 56.63 -61.57
N SER X 118 26.90 55.32 -61.42
CA SER X 118 26.99 54.45 -62.60
C SER X 118 25.78 54.63 -63.50
N ARG X 119 24.58 54.69 -62.92
CA ARG X 119 23.39 54.82 -63.77
C ARG X 119 23.29 56.21 -64.39
N LEU X 120 23.72 57.25 -63.68
CA LEU X 120 23.78 58.57 -64.30
C LEU X 120 24.75 58.59 -65.46
N ASP X 121 25.89 57.91 -65.32
CA ASP X 121 26.83 57.79 -66.41
C ASP X 121 26.19 57.07 -67.59
N GLU X 122 25.38 56.04 -67.33
CA GLU X 122 24.68 55.37 -68.41
C GLU X 122 23.70 56.31 -69.12
N ILE X 123 22.98 57.13 -68.35
CA ILE X 123 22.07 58.09 -68.98
C ILE X 123 22.83 59.01 -69.91
N ASP X 124 23.94 59.57 -69.41
CA ASP X 124 24.74 60.47 -70.24
C ASP X 124 25.28 59.76 -71.48
N ARG X 125 25.74 58.52 -71.31
CA ARG X 125 26.30 57.78 -72.44
C ARG X 125 25.25 57.50 -73.50
N VAL X 126 24.06 57.06 -73.08
CA VAL X 126 22.99 56.80 -74.05
C VAL X 126 22.63 58.09 -74.78
N SER X 127 22.51 59.19 -74.05
CA SER X 127 22.17 60.46 -74.69
C SER X 127 23.23 60.86 -75.71
N GLY X 128 24.51 60.73 -75.34
CA GLY X 128 25.56 61.14 -76.25
C GLY X 128 25.67 60.25 -77.47
N GLN X 129 25.49 58.95 -77.30
CA GLN X 129 25.80 57.98 -78.35
C GLN X 129 24.62 57.61 -79.23
N THR X 130 23.39 57.90 -78.82
CA THR X 130 22.25 57.60 -79.69
C THR X 130 22.37 58.40 -80.98
N GLN X 131 22.26 57.71 -82.11
CA GLN X 131 22.53 58.33 -83.39
C GLN X 131 21.62 57.72 -84.45
N PHE X 132 21.14 58.58 -85.36
CA PHE X 132 20.34 58.16 -86.50
C PHE X 132 20.89 58.85 -87.75
N ASN X 133 21.44 58.06 -88.66
CA ASN X 133 21.94 58.56 -89.94
C ASN X 133 22.96 59.68 -89.73
N GLY X 134 23.81 59.54 -88.73
CA GLY X 134 24.83 60.52 -88.47
C GLY X 134 24.38 61.76 -87.73
N VAL X 135 23.14 61.79 -87.25
CA VAL X 135 22.60 62.94 -86.52
C VAL X 135 22.35 62.51 -85.09
N ASN X 136 22.93 63.24 -84.14
CA ASN X 136 22.71 62.98 -82.72
C ASN X 136 21.36 63.57 -82.34
N VAL X 137 20.36 62.70 -82.19
CA VAL X 137 19.00 63.17 -81.99
C VAL X 137 18.83 63.80 -80.61
N LEU X 138 19.44 63.21 -79.58
CA LEU X 138 19.25 63.66 -78.22
C LEU X 138 20.31 64.62 -77.73
N ALA X 139 21.33 64.92 -78.54
CA ALA X 139 22.42 65.79 -78.12
C ALA X 139 22.26 67.23 -78.59
N LYS X 140 21.16 67.57 -79.26
CA LYS X 140 20.96 68.91 -79.77
C LYS X 140 19.54 69.36 -79.43
N ASP X 141 19.36 70.67 -79.32
CA ASP X 141 18.07 71.27 -79.01
C ASP X 141 17.40 71.87 -80.23
N GLY X 142 17.67 71.31 -81.41
CA GLY X 142 17.17 71.86 -82.66
C GLY X 142 15.85 71.25 -83.11
N SER X 143 15.65 71.29 -84.42
CA SER X 143 14.42 70.76 -85.01
C SER X 143 14.73 70.26 -86.41
N MET X 144 13.88 69.36 -86.88
CA MET X 144 13.98 68.78 -88.21
C MET X 144 12.73 69.14 -89.01
N LYS X 145 12.91 69.36 -90.30
CA LYS X 145 11.82 69.68 -91.21
C LYS X 145 11.63 68.53 -92.18
N ILE X 146 10.39 68.09 -92.34
CA ILE X 146 10.06 66.98 -93.22
C ILE X 146 9.14 67.49 -94.32
N GLN X 147 9.54 67.26 -95.56
CA GLN X 147 8.73 67.63 -96.72
C GLN X 147 7.62 66.60 -96.87
N VAL X 148 6.37 67.04 -96.74
CA VAL X 148 5.24 66.14 -96.81
C VAL X 148 4.30 66.44 -97.97
N GLY X 149 4.37 67.63 -98.57
CA GLY X 149 3.63 67.94 -99.77
C GLY X 149 4.51 67.89 -101.00
N ALA X 150 3.93 68.33 -102.12
CA ALA X 150 4.63 68.38 -103.39
C ALA X 150 5.11 69.77 -103.78
N ASN X 151 4.74 70.79 -103.01
CA ASN X 151 5.13 72.16 -103.29
C ASN X 151 5.97 72.71 -102.13
N ASP X 152 6.34 73.98 -102.24
CA ASP X 152 7.19 74.61 -101.23
C ASP X 152 6.38 74.99 -100.00
N GLY X 153 6.94 74.71 -98.83
CA GLY X 153 6.34 75.10 -97.58
C GLY X 153 5.52 74.03 -96.89
N GLU X 154 5.25 72.91 -97.56
CA GLU X 154 4.50 71.81 -96.94
C GLU X 154 5.48 70.98 -96.12
N THR X 155 5.76 71.46 -94.91
CA THR X 155 6.73 70.82 -94.04
C THR X 155 6.13 70.60 -92.66
N ILE X 156 6.59 69.55 -92.01
CA ILE X 156 6.24 69.26 -90.62
C ILE X 156 7.53 69.28 -89.81
N THR X 157 7.49 69.95 -88.66
CA THR X 157 8.67 70.14 -87.84
C THR X 157 8.63 69.21 -86.63
N ILE X 158 9.73 68.49 -86.42
CA ILE X 158 9.92 67.69 -85.22
C ILE X 158 10.92 68.41 -84.34
N ASP X 159 10.52 68.69 -83.10
CA ASP X 159 11.38 69.40 -82.16
C ASP X 159 12.14 68.40 -81.29
N LEU X 160 13.45 68.57 -81.20
CA LEU X 160 14.29 67.74 -80.36
C LEU X 160 14.79 68.55 -79.17
N LYS X 161 15.01 67.89 -78.05
CA LYS X 161 15.50 68.53 -76.84
C LYS X 161 16.78 67.85 -76.39
N LYS X 162 17.73 68.65 -75.93
CA LYS X 162 19.00 68.13 -75.44
C LYS X 162 18.76 67.50 -74.08
N ILE X 163 18.70 66.16 -74.05
CA ILE X 163 18.43 65.42 -72.83
C ILE X 163 19.75 64.85 -72.33
N ASP X 164 20.14 65.26 -71.13
CA ASP X 164 21.32 64.74 -70.45
C ASP X 164 21.20 65.09 -68.97
N SER X 165 22.31 64.94 -68.25
CA SER X 165 22.30 65.33 -66.84
C SER X 165 22.08 66.83 -66.68
N ASP X 166 22.77 67.64 -67.49
CA ASP X 166 22.77 69.09 -67.27
C ASP X 166 21.36 69.67 -67.40
N THR X 167 20.58 69.21 -68.37
CA THR X 167 19.24 69.73 -68.56
C THR X 167 18.22 69.10 -67.63
N LEU X 168 18.62 68.15 -66.80
CA LEU X 168 17.73 67.55 -65.81
C LEU X 168 18.21 67.79 -64.40
N GLY X 169 19.25 68.60 -64.23
CA GLY X 169 19.82 68.79 -62.90
C GLY X 169 20.75 67.65 -62.56
N LEU X 170 20.58 67.09 -61.37
CA LEU X 170 21.22 65.84 -60.97
C LEU X 170 22.74 65.89 -61.07
N ASN X 171 23.33 67.06 -61.28
CA ASN X 171 24.78 67.15 -61.45
C ASN X 171 25.51 66.68 -60.20
N GLY X 172 25.39 67.42 -59.11
CA GLY X 172 25.95 67.00 -57.85
C GLY X 172 24.94 66.25 -57.02
N PHE X 173 24.58 65.05 -57.46
CA PHE X 173 23.52 64.31 -56.80
C PHE X 173 24.17 63.50 -55.67
N ASN X 174 24.60 64.21 -54.62
CA ASN X 174 25.56 63.76 -53.61
C ASN X 174 25.00 62.93 -52.47
N VAL X 175 23.95 62.13 -52.71
CA VAL X 175 23.18 61.46 -51.67
C VAL X 175 24.07 60.83 -50.58
N ASN X 176 25.32 60.53 -50.91
CA ASN X 176 26.26 60.04 -49.89
C ASN X 176 26.94 61.17 -49.10
N GLY X 177 26.41 62.38 -49.13
CA GLY X 177 27.09 63.50 -48.51
C GLY X 177 26.95 63.56 -47.00
N LYS X 178 26.78 64.76 -46.47
CA LYS X 178 26.64 64.94 -45.02
C LYS X 178 25.37 65.70 -44.67
N GLY X 179 24.87 66.50 -45.60
CA GLY X 179 23.67 67.27 -45.30
C GLY X 179 23.92 68.36 -44.28
N THR X 180 22.84 68.80 -43.66
CA THR X 180 22.92 69.87 -42.67
C THR X 180 23.74 69.42 -41.47
N ILE X 181 24.79 70.18 -41.16
CA ILE X 181 25.72 69.86 -40.08
C ILE X 181 25.80 71.06 -39.14
N THR X 182 25.72 70.79 -37.84
CA THR X 182 25.85 71.84 -36.83
C THR X 182 27.32 72.22 -36.68
N ASN X 183 27.60 73.52 -36.75
CA ASN X 183 28.97 73.99 -36.66
C ASN X 183 29.39 74.20 -35.21
N LYS X 184 30.68 74.04 -34.95
CA LYS X 184 31.19 74.14 -33.60
C LYS X 184 31.22 75.58 -33.12
N ALA X 185 31.15 75.75 -31.80
CA ALA X 185 31.14 77.07 -31.20
C ALA X 185 32.51 77.72 -31.28
N ALA X 186 32.50 79.05 -31.41
CA ALA X 186 33.74 79.81 -31.52
C ALA X 186 34.44 79.87 -30.16
N THR X 187 35.73 80.20 -30.20
CA THR X 187 36.54 80.35 -29.01
C THR X 187 37.45 81.56 -29.16
N VAL X 188 38.23 81.83 -28.11
CA VAL X 188 39.08 83.01 -28.11
C VAL X 188 40.22 82.86 -29.10
N SER X 189 40.73 81.64 -29.29
CA SER X 189 41.88 81.46 -30.17
C SER X 189 41.55 81.85 -31.61
N ASP X 190 40.48 81.28 -32.16
CA ASP X 190 40.11 81.67 -33.53
C ASP X 190 39.42 83.02 -33.57
N LEU X 191 38.88 83.49 -32.45
CA LEU X 191 38.40 84.88 -32.39
C LEU X 191 39.55 85.85 -32.64
N THR X 192 40.70 85.61 -32.01
CA THR X 192 41.87 86.44 -32.26
C THR X 192 42.48 86.15 -33.62
N SER X 193 42.40 84.91 -34.09
CA SER X 193 42.88 84.58 -35.43
C SER X 193 42.12 85.35 -36.50
N ALA X 194 40.83 85.60 -36.28
CA ALA X 194 40.05 86.42 -37.20
C ALA X 194 40.52 87.87 -37.22
N GLY X 195 41.31 88.30 -36.25
CA GLY X 195 41.83 89.65 -36.21
C GLY X 195 41.30 90.53 -35.10
N ALA X 196 40.52 89.98 -34.16
CA ALA X 196 39.95 90.79 -33.11
C ALA X 196 41.01 91.25 -32.12
N LYS X 197 40.90 92.49 -31.67
CA LYS X 197 41.80 93.04 -30.67
C LYS X 197 41.17 92.93 -29.28
N LEU X 198 41.99 93.17 -28.26
CA LEU X 198 41.57 93.05 -26.87
C LEU X 198 41.38 94.45 -26.29
N ASN X 199 40.19 94.72 -25.77
CA ASN X 199 39.88 96.01 -25.15
C ASN X 199 40.19 95.89 -23.66
N THR X 200 41.32 96.46 -23.24
CA THR X 200 41.77 96.30 -21.86
C THR X 200 40.83 96.98 -20.87
N THR X 201 40.18 98.07 -21.27
CA THR X 201 39.31 98.79 -20.35
C THR X 201 38.09 97.97 -19.95
N THR X 202 37.65 97.06 -20.82
CA THR X 202 36.49 96.22 -20.53
C THR X 202 36.80 94.72 -20.55
N GLY X 203 37.91 94.30 -21.13
CA GLY X 203 38.23 92.90 -21.22
C GLY X 203 37.61 92.17 -22.39
N LEU X 204 36.79 92.86 -23.19
CA LEU X 204 36.11 92.24 -24.31
C LEU X 204 37.01 92.19 -25.53
N TYR X 205 36.51 91.58 -26.60
CA TYR X 205 37.25 91.48 -27.86
C TYR X 205 36.51 92.24 -28.95
N ASP X 206 37.20 93.17 -29.59
CA ASP X 206 36.60 94.03 -30.60
C ASP X 206 37.01 93.56 -31.98
N LEU X 207 36.02 93.33 -32.84
CA LEU X 207 36.24 93.00 -34.23
C LEU X 207 35.69 94.13 -35.09
N LYS X 208 36.56 94.71 -35.92
CA LYS X 208 36.21 95.84 -36.77
C LYS X 208 36.22 95.39 -38.22
N THR X 209 35.11 95.59 -38.92
CA THR X 209 34.95 95.12 -40.29
C THR X 209 34.98 96.33 -41.22
N GLU X 210 36.10 96.50 -41.92
CA GLU X 210 36.24 97.60 -42.86
C GLU X 210 35.44 97.34 -44.13
N ASN X 211 35.11 98.43 -44.83
CA ASN X 211 34.43 98.37 -46.11
C ASN X 211 35.23 99.14 -47.14
N THR X 212 35.35 98.58 -48.34
CA THR X 212 36.04 99.28 -49.41
C THR X 212 35.15 100.38 -49.97
N LEU X 213 35.75 101.51 -50.32
CA LEU X 213 34.99 102.64 -50.81
C LEU X 213 34.45 102.35 -52.20
N LEU X 214 33.29 102.93 -52.51
CA LEU X 214 32.64 102.67 -53.78
C LEU X 214 33.51 103.12 -54.94
N THR X 215 33.49 102.34 -56.01
CA THR X 215 34.32 102.59 -57.18
C THR X 215 33.45 102.66 -58.44
N THR X 216 34.01 103.28 -59.47
CA THR X 216 33.27 103.51 -60.71
C THR X 216 32.87 102.20 -61.37
N ASP X 217 33.77 101.20 -61.35
CA ASP X 217 33.45 99.91 -61.96
C ASP X 217 32.28 99.24 -61.24
N ALA X 218 32.29 99.26 -59.91
CA ALA X 218 31.17 98.70 -59.16
C ALA X 218 29.88 99.47 -59.43
N ALA X 219 29.97 100.79 -59.54
CA ALA X 219 28.80 101.58 -59.87
C ALA X 219 28.26 101.20 -61.24
N PHE X 220 29.14 101.00 -62.22
CA PHE X 220 28.70 100.60 -63.55
C PHE X 220 28.07 99.21 -63.53
N ASP X 221 28.61 98.30 -62.72
CA ASP X 221 27.97 96.99 -62.57
C ASP X 221 26.59 97.13 -61.96
N LYS X 222 26.41 98.05 -61.01
CA LYS X 222 25.11 98.27 -60.39
C LYS X 222 24.21 99.19 -61.19
N LEU X 223 24.68 99.71 -62.32
CA LEU X 223 23.87 100.62 -63.12
C LEU X 223 22.64 99.93 -63.68
N GLY X 224 21.55 100.70 -63.79
CA GLY X 224 20.30 100.20 -64.32
C GLY X 224 19.77 101.10 -65.42
N ASN X 225 18.61 100.72 -65.94
CA ASN X 225 17.97 101.48 -67.01
C ASN X 225 17.52 102.84 -66.51
N GLY X 226 17.71 103.87 -67.34
CA GLY X 226 17.33 105.21 -67.00
C GLY X 226 18.32 105.95 -66.12
N ASP X 227 19.45 105.35 -65.79
CA ASP X 227 20.44 106.00 -64.94
C ASP X 227 21.16 107.11 -65.68
N LYS X 228 21.64 108.09 -64.93
CA LYS X 228 22.31 109.26 -65.50
C LYS X 228 23.73 109.35 -64.97
N VAL X 229 24.69 109.48 -65.87
CA VAL X 229 26.09 109.66 -65.51
C VAL X 229 26.57 110.97 -66.15
N THR X 230 26.99 111.91 -65.31
CA THR X 230 27.47 113.21 -65.79
C THR X 230 28.93 113.35 -65.43
N VAL X 231 29.81 113.27 -66.42
CA VAL X 231 31.24 113.40 -66.23
C VAL X 231 31.78 114.45 -67.19
N GLY X 232 32.59 115.37 -66.67
CA GLY X 232 33.12 116.45 -67.49
C GLY X 232 32.06 117.33 -68.10
N GLY X 233 30.95 117.53 -67.41
CA GLY X 233 29.87 118.36 -67.92
C GLY X 233 29.05 117.72 -69.02
N VAL X 234 29.25 116.43 -69.30
CA VAL X 234 28.54 115.72 -70.35
C VAL X 234 27.64 114.68 -69.70
N ASP X 235 26.36 114.69 -70.08
CA ASP X 235 25.37 113.79 -69.49
C ASP X 235 25.14 112.60 -70.42
N TYR X 236 25.12 111.41 -69.84
CA TYR X 236 24.88 110.17 -70.56
C TYR X 236 23.77 109.41 -69.86
N THR X 237 22.86 108.84 -70.64
CA THR X 237 21.74 108.07 -70.12
C THR X 237 21.95 106.60 -70.44
N TYR X 238 21.93 105.76 -69.42
CA TYR X 238 22.14 104.34 -69.60
C TYR X 238 20.91 103.70 -70.25
N ASN X 239 21.16 102.67 -71.04
CA ASN X 239 20.10 101.94 -71.74
C ASN X 239 20.12 100.48 -71.34
N ALA X 240 18.93 99.92 -71.14
CA ALA X 240 18.81 98.51 -70.77
C ALA X 240 19.00 97.56 -71.94
N LYS X 241 18.85 98.05 -73.18
CA LYS X 241 18.98 97.17 -74.34
C LYS X 241 20.39 96.62 -74.45
N SER X 242 21.39 97.46 -74.21
CA SER X 242 22.79 97.03 -74.30
C SER X 242 23.63 97.92 -73.41
N GLY X 243 24.85 97.48 -73.14
CA GLY X 243 25.74 98.22 -72.28
C GLY X 243 26.32 99.45 -72.94
N ASP X 244 25.48 100.46 -73.19
CA ASP X 244 25.93 101.67 -73.85
C ASP X 244 25.14 102.86 -73.31
N PHE X 245 25.68 104.05 -73.55
CA PHE X 245 25.08 105.30 -73.13
C PHE X 245 24.55 106.06 -74.34
N THR X 246 23.40 106.70 -74.15
CA THR X 246 22.83 107.60 -75.16
C THR X 246 22.95 109.02 -74.64
N THR X 247 23.54 109.90 -75.44
CA THR X 247 23.76 111.29 -75.06
C THR X 247 23.26 112.21 -76.15
N THR X 248 23.03 113.46 -75.80
CA THR X 248 22.60 114.48 -76.75
C THR X 248 23.78 115.37 -77.09
N LYS X 249 24.16 115.39 -78.36
CA LYS X 249 25.23 116.25 -78.84
C LYS X 249 24.62 117.39 -79.64
N SER X 250 24.88 118.61 -79.20
CA SER X 250 24.28 119.80 -79.81
C SER X 250 25.33 120.88 -79.93
N THR X 251 25.04 121.84 -80.79
CA THR X 251 25.93 122.98 -81.01
C THR X 251 26.10 123.80 -79.74
N ALA X 258 25.74 136.95 -81.59
CA ALA X 258 25.64 136.60 -83.00
C ALA X 258 26.97 136.75 -83.71
N ALA X 259 27.60 137.91 -83.55
CA ALA X 259 28.90 138.17 -84.15
C ALA X 259 30.05 137.64 -83.32
N ALA X 260 29.78 137.05 -82.16
CA ALA X 260 30.82 136.51 -81.30
C ALA X 260 31.25 135.14 -81.83
N GLN X 261 32.02 134.41 -81.02
CA GLN X 261 32.52 133.10 -81.43
C GLN X 261 31.43 132.05 -81.52
N ALA X 262 30.22 132.34 -81.04
CA ALA X 262 29.15 131.33 -81.03
C ALA X 262 28.79 130.89 -82.44
N ALA X 263 28.56 131.85 -83.35
CA ALA X 263 28.20 131.49 -84.71
C ALA X 263 29.33 130.79 -85.43
N ASP X 264 30.57 131.24 -85.19
CA ASP X 264 31.73 130.59 -85.80
C ASP X 264 31.85 129.15 -85.33
N SER X 265 31.65 128.90 -84.03
CA SER X 265 31.69 127.55 -83.50
C SER X 265 30.56 126.71 -84.07
N ALA X 266 29.38 127.30 -84.24
CA ALA X 266 28.26 126.57 -84.83
C ALA X 266 28.59 126.14 -86.25
N SER X 267 29.14 127.05 -87.05
CA SER X 267 29.51 126.72 -88.42
C SER X 267 30.60 125.66 -88.46
N LYS X 268 31.60 125.78 -87.59
CA LYS X 268 32.68 124.80 -87.56
C LYS X 268 32.16 123.43 -87.16
N ARG X 269 31.26 123.37 -86.17
CA ARG X 269 30.71 122.09 -85.74
C ARG X 269 29.86 121.46 -86.84
N ASP X 270 29.08 122.28 -87.55
CA ASP X 270 28.31 121.76 -88.67
C ASP X 270 29.23 121.22 -89.75
N ALA X 271 30.32 121.94 -90.05
CA ALA X 271 31.27 121.45 -91.04
C ALA X 271 31.92 120.15 -90.60
N LEU X 272 32.25 120.03 -89.32
CA LEU X 272 32.85 118.80 -88.81
C LEU X 272 31.87 117.63 -88.93
N ALA X 273 30.60 117.85 -88.59
CA ALA X 273 29.60 116.80 -88.73
C ALA X 273 29.44 116.39 -90.18
N ALA X 274 29.42 117.38 -91.08
CA ALA X 274 29.31 117.07 -92.51
C ALA X 274 30.51 116.25 -93.00
N THR X 275 31.71 116.62 -92.57
CA THR X 275 32.89 115.86 -92.96
C THR X 275 32.84 114.45 -92.40
N LEU X 276 32.36 114.29 -91.16
CA LEU X 276 32.25 112.98 -90.57
C LEU X 276 31.26 112.10 -91.33
N HIS X 277 30.13 112.68 -91.75
CA HIS X 277 29.15 111.89 -92.48
C HIS X 277 29.47 111.77 -93.97
N ALA X 278 30.48 112.49 -94.46
CA ALA X 278 30.82 112.40 -95.88
C ALA X 278 31.17 110.97 -96.28
N ASP X 279 31.94 110.26 -95.43
CA ASP X 279 32.30 108.89 -95.71
C ASP X 279 31.15 107.98 -95.33
N VAL X 280 30.50 107.38 -96.34
CA VAL X 280 29.37 106.49 -96.13
C VAL X 280 29.58 105.13 -96.78
N GLY X 281 30.81 104.84 -97.21
CA GLY X 281 31.04 103.61 -97.95
C GLY X 281 30.36 103.66 -99.30
N LYS X 282 29.28 102.90 -99.45
CA LYS X 282 28.46 102.95 -100.65
C LYS X 282 27.26 103.88 -100.41
N SER X 283 26.33 103.91 -101.36
CA SER X 283 25.20 104.82 -101.28
C SER X 283 24.33 104.49 -100.07
N VAL X 284 23.82 105.54 -99.41
CA VAL X 284 22.97 105.40 -98.25
C VAL X 284 21.73 106.26 -98.44
N ASN X 285 20.70 106.00 -97.63
CA ASN X 285 19.45 106.72 -97.73
C ASN X 285 19.32 107.77 -96.64
N GLY X 286 18.57 108.83 -96.94
CA GLY X 286 18.28 109.85 -95.95
C GLY X 286 16.98 110.54 -96.29
N SER X 287 16.37 111.16 -95.28
CA SER X 287 15.11 111.87 -95.42
C SER X 287 15.25 113.27 -94.84
N TYR X 288 15.03 114.29 -95.66
CA TYR X 288 15.06 115.68 -95.23
C TYR X 288 13.65 116.24 -95.32
N THR X 289 13.13 116.75 -94.21
CA THR X 289 11.77 117.26 -94.16
C THR X 289 11.74 118.65 -93.54
N THR X 290 11.03 119.55 -94.21
CA THR X 290 10.77 120.87 -93.67
C THR X 290 9.42 120.83 -92.94
N LYS X 291 8.90 122.01 -92.60
CA LYS X 291 7.61 122.07 -91.90
C LYS X 291 6.46 121.64 -92.82
N ASP X 292 6.68 121.63 -94.14
CA ASP X 292 5.60 121.39 -95.08
C ASP X 292 5.82 120.20 -96.01
N GLY X 293 7.04 119.71 -96.16
CA GLY X 293 7.31 118.69 -97.15
C GLY X 293 8.35 117.69 -96.68
N THR X 294 8.43 116.58 -97.41
CA THR X 294 9.38 115.51 -97.15
C THR X 294 10.08 115.15 -98.46
N VAL X 295 11.40 114.91 -98.38
CA VAL X 295 12.19 114.52 -99.54
C VAL X 295 13.07 113.36 -99.14
N SER X 296 13.14 112.34 -100.00
CA SER X 296 14.02 111.19 -99.79
C SER X 296 15.18 111.30 -100.76
N PHE X 297 16.40 111.30 -100.22
CA PHE X 297 17.60 111.52 -101.02
C PHE X 297 18.63 110.44 -100.76
N GLU X 298 19.34 110.04 -101.81
CA GLU X 298 20.37 109.01 -101.74
C GLU X 298 21.73 109.69 -101.64
N THR X 299 22.31 109.68 -100.44
CA THR X 299 23.66 110.21 -100.27
C THR X 299 24.68 109.26 -100.87
N ASP X 300 25.68 109.84 -101.54
CA ASP X 300 26.73 109.09 -102.20
C ASP X 300 28.02 109.19 -101.38
N SER X 301 29.01 108.42 -101.81
CA SER X 301 30.33 108.46 -101.17
C SER X 301 30.95 109.85 -101.35
N ALA X 302 31.71 110.26 -100.33
CA ALA X 302 32.40 111.55 -100.25
C ALA X 302 31.43 112.74 -100.19
N GLY X 303 30.13 112.49 -100.10
CA GLY X 303 29.17 113.56 -99.92
C GLY X 303 28.53 114.04 -101.20
N ASN X 304 27.27 113.66 -101.40
CA ASN X 304 26.51 114.09 -102.57
C ASN X 304 25.03 113.84 -102.31
N ILE X 305 24.19 114.47 -103.12
CA ILE X 305 22.74 114.32 -103.04
C ILE X 305 22.24 113.80 -104.38
N THR X 306 21.44 112.73 -104.34
CA THR X 306 20.88 112.15 -105.54
C THR X 306 19.44 111.73 -105.27
N ILE X 307 18.51 112.24 -106.06
CA ILE X 307 17.11 111.88 -105.97
C ILE X 307 16.67 111.35 -107.33
N GLY X 308 16.04 110.19 -107.34
CA GLY X 308 15.56 109.60 -108.58
C GLY X 308 16.66 109.33 -109.58
N GLY X 309 17.85 108.97 -109.11
CA GLY X 309 18.95 108.68 -109.99
C GLY X 309 19.63 109.88 -110.60
N SER X 310 19.26 111.09 -110.19
CA SER X 310 19.82 112.31 -110.75
C SER X 310 20.32 113.20 -109.62
N GLN X 311 21.35 113.99 -109.91
CA GLN X 311 21.90 114.91 -108.92
C GLN X 311 20.89 115.98 -108.58
N ALA X 312 20.76 116.28 -107.29
CA ALA X 312 19.81 117.26 -106.79
C ALA X 312 20.56 118.47 -106.22
N TYR X 313 19.90 119.61 -106.25
CA TYR X 313 20.48 120.87 -105.79
C TYR X 313 19.61 121.46 -104.69
N VAL X 314 20.27 122.15 -103.76
CA VAL X 314 19.61 122.71 -102.59
C VAL X 314 19.33 124.19 -102.82
N ASP X 315 18.10 124.61 -102.51
CA ASP X 315 17.71 126.00 -102.64
C ASP X 315 18.37 126.83 -101.55
N ASP X 316 18.47 128.15 -101.81
CA ASP X 316 19.10 129.04 -100.85
C ASP X 316 18.32 129.09 -99.54
N ALA X 317 16.98 129.07 -99.62
CA ALA X 317 16.17 129.08 -98.41
C ALA X 317 16.25 127.75 -97.66
N GLY X 318 16.73 126.70 -98.31
CA GLY X 318 16.85 125.39 -97.68
C GLY X 318 16.07 124.30 -98.36
N ASN X 319 15.27 124.60 -99.38
CA ASN X 319 14.51 123.57 -100.06
C ASN X 319 15.41 122.72 -100.93
N LEU X 320 14.97 121.49 -101.18
CA LEU X 320 15.71 120.53 -102.00
C LEU X 320 14.94 120.27 -103.29
N THR X 321 15.62 120.40 -104.43
CA THR X 321 15.00 120.22 -105.72
C THR X 321 15.97 119.50 -106.66
N THR X 322 15.41 118.92 -107.71
CA THR X 322 16.19 118.17 -108.69
C THR X 322 16.69 119.02 -109.85
N ASN X 323 16.27 120.28 -109.95
CA ASN X 323 16.68 121.15 -111.03
C ASN X 323 17.21 122.46 -110.47
N ASN X 324 18.23 123.01 -111.13
CA ASN X 324 18.85 124.25 -110.68
C ASN X 324 18.03 125.45 -111.13
N ALA X 325 17.89 126.43 -110.23
CA ALA X 325 17.20 127.67 -110.53
C ALA X 325 18.04 128.83 -110.01
N GLY X 326 18.24 129.84 -110.85
CA GLY X 326 19.02 130.99 -110.45
C GLY X 326 20.51 130.74 -110.35
N SER X 327 21.01 129.69 -111.01
CA SER X 327 22.43 129.34 -111.01
C SER X 327 22.96 129.16 -109.59
N ALA X 328 22.15 128.55 -108.73
CA ALA X 328 22.50 128.28 -107.34
C ALA X 328 22.22 126.80 -107.07
N ALA X 329 23.19 125.94 -107.37
CA ALA X 329 23.04 124.50 -107.24
C ALA X 329 23.67 123.97 -105.96
N LYS X 330 24.98 124.20 -105.79
CA LYS X 330 25.76 123.78 -104.63
C LYS X 330 25.35 122.39 -104.13
N ALA X 331 25.44 121.42 -105.05
CA ALA X 331 25.02 120.06 -104.76
C ALA X 331 26.06 119.37 -103.88
N ASP X 332 26.02 119.71 -102.59
CA ASP X 332 26.89 119.10 -101.60
C ASP X 332 26.16 119.04 -100.27
N MET X 333 26.39 117.97 -99.52
CA MET X 333 25.68 117.79 -98.26
C MET X 333 26.17 118.78 -97.20
N LYS X 334 27.44 119.17 -97.25
CA LYS X 334 27.92 120.23 -96.36
C LYS X 334 27.19 121.54 -96.65
N ALA X 335 27.02 121.86 -97.94
CA ALA X 335 26.28 123.07 -98.30
C ALA X 335 24.82 122.96 -97.88
N LEU X 336 24.23 121.76 -98.01
CA LEU X 336 22.85 121.56 -97.55
C LEU X 336 22.74 121.81 -96.06
N LEU X 337 23.67 121.28 -95.27
CA LEU X 337 23.64 121.49 -93.83
C LEU X 337 23.81 122.96 -93.48
N LYS X 338 24.73 123.64 -94.16
CA LYS X 338 24.94 125.06 -93.92
C LYS X 338 23.70 125.87 -94.27
N ALA X 339 23.06 125.56 -95.39
CA ALA X 339 21.85 126.26 -95.80
C ALA X 339 20.71 126.02 -94.81
N ALA X 340 20.57 124.79 -94.34
CA ALA X 340 19.55 124.49 -93.35
C ALA X 340 19.81 125.24 -92.05
N SER X 341 21.07 125.28 -91.61
CA SER X 341 21.40 125.99 -90.38
C SER X 341 21.14 127.49 -90.50
N GLU X 342 21.52 128.08 -91.63
CA GLU X 342 21.38 129.51 -91.83
C GLU X 342 20.00 129.91 -92.36
N GLY X 343 19.12 128.95 -92.62
CA GLY X 343 17.83 129.27 -93.18
C GLY X 343 16.93 129.98 -92.18
N SER X 344 15.89 130.62 -92.73
CA SER X 344 14.92 131.30 -91.88
C SER X 344 14.14 130.31 -91.03
N ASP X 345 13.83 129.15 -91.57
CA ASP X 345 13.03 128.15 -90.87
C ASP X 345 13.83 126.86 -90.72
N GLY X 346 13.72 126.23 -89.56
CA GLY X 346 14.42 124.99 -89.31
C GLY X 346 13.75 123.80 -89.97
N ALA X 347 14.51 122.70 -90.04
CA ALA X 347 14.03 121.47 -90.64
C ALA X 347 14.61 120.27 -89.87
N SER X 348 14.12 119.09 -90.22
CA SER X 348 14.54 117.84 -89.59
C SER X 348 15.16 116.92 -90.63
N LEU X 349 16.33 116.38 -90.32
CA LEU X 349 17.07 115.52 -91.24
C LEU X 349 17.37 114.21 -90.54
N THR X 350 16.94 113.10 -91.14
CA THR X 350 17.14 111.76 -90.59
C THR X 350 18.03 110.97 -91.54
N PHE X 351 19.13 110.44 -91.01
CA PHE X 351 20.03 109.62 -91.80
C PHE X 351 19.61 108.15 -91.67
N ASN X 352 20.49 107.23 -92.07
CA ASN X 352 20.16 105.81 -92.02
C ASN X 352 19.77 105.38 -90.62
N GLY X 353 20.59 105.69 -89.62
CA GLY X 353 20.32 105.26 -88.27
C GLY X 353 19.80 106.33 -87.33
N THR X 354 20.41 107.51 -87.39
CA THR X 354 20.12 108.58 -86.43
C THR X 354 19.27 109.68 -87.07
N GLU X 355 18.77 110.56 -86.22
CA GLU X 355 17.97 111.71 -86.64
C GLU X 355 18.65 112.98 -86.13
N TYR X 356 18.70 113.99 -86.99
CA TYR X 356 19.34 115.27 -86.69
C TYR X 356 18.30 116.38 -86.77
N THR X 357 18.33 117.28 -85.79
CA THR X 357 17.41 118.41 -85.74
C THR X 357 18.18 119.70 -85.91
N ILE X 358 17.66 120.59 -86.75
CA ILE X 358 18.30 121.86 -87.09
C ILE X 358 17.54 122.98 -86.39
N ALA X 359 18.25 123.75 -85.56
CA ALA X 359 17.64 124.86 -84.86
C ALA X 359 17.35 126.01 -85.81
N LYS X 360 16.26 126.72 -85.55
CA LYS X 360 15.87 127.86 -86.36
C LYS X 360 16.85 129.01 -86.21
N GLY X 376 21.89 125.99 -84.96
CA GLY X 376 22.74 124.89 -84.54
C GLY X 376 22.20 123.53 -84.95
N ILE X 377 22.94 122.48 -84.61
CA ILE X 377 22.55 121.10 -84.93
C ILE X 377 22.51 120.31 -83.63
N THR X 378 21.52 119.44 -83.49
CA THR X 378 21.45 118.54 -82.35
C THR X 378 21.13 117.12 -82.83
N TYR X 379 21.64 116.13 -82.11
CA TYR X 379 21.43 114.75 -82.47
C TYR X 379 21.71 113.85 -81.28
N GLN X 380 20.97 112.74 -81.21
CA GLN X 380 21.10 111.78 -80.12
C GLN X 380 22.17 110.76 -80.48
N ALA X 381 23.40 111.03 -80.07
CA ALA X 381 24.50 110.12 -80.32
C ALA X 381 24.52 108.99 -79.29
N THR X 382 25.18 107.90 -79.64
CA THR X 382 25.36 106.76 -78.75
C THR X 382 26.84 106.48 -78.60
N VAL X 383 27.30 106.37 -77.35
CA VAL X 383 28.69 106.08 -77.05
C VAL X 383 28.73 104.96 -76.02
N SER X 384 29.66 104.02 -76.20
CA SER X 384 29.75 102.87 -75.31
C SER X 384 30.12 103.31 -73.90
N LYS X 385 29.58 102.59 -72.91
CA LYS X 385 29.85 102.91 -71.52
C LYS X 385 31.31 102.66 -71.14
N ASP X 386 32.02 101.86 -71.94
CA ASP X 386 33.43 101.61 -71.66
C ASP X 386 34.24 102.89 -71.73
N VAL X 387 33.97 103.73 -72.75
CA VAL X 387 34.67 105.00 -72.88
C VAL X 387 34.37 105.89 -71.68
N VAL X 388 33.11 105.94 -71.26
CA VAL X 388 32.73 106.80 -70.15
C VAL X 388 33.42 106.36 -68.86
N LEU X 389 33.39 105.05 -68.58
CA LEU X 389 34.03 104.56 -67.36
C LEU X 389 35.53 104.76 -67.40
N SER X 390 36.15 104.54 -68.57
CA SER X 390 37.60 104.74 -68.66
C SER X 390 37.97 106.20 -68.45
N GLU X 391 37.23 107.13 -69.05
CA GLU X 391 37.56 108.53 -68.89
C GLU X 391 37.27 109.03 -67.48
N THR X 392 36.27 108.45 -66.81
CA THR X 392 36.03 108.79 -65.42
C THR X 392 37.14 108.25 -64.52
N LYS X 393 37.60 107.04 -64.77
CA LYS X 393 38.58 106.41 -63.90
C LYS X 393 39.97 107.01 -64.09
N ALA X 394 40.38 107.24 -65.34
CA ALA X 394 41.75 107.66 -65.60
C ALA X 394 41.99 109.11 -65.17
N ALA X 395 41.06 109.99 -65.49
CA ALA X 395 41.24 111.41 -65.25
C ALA X 395 40.77 111.80 -63.86
N ALA X 396 41.35 112.88 -63.34
CA ALA X 396 40.98 113.41 -62.02
C ALA X 396 39.79 114.36 -62.15
N ALA X 397 38.68 113.80 -62.64
CA ALA X 397 37.46 114.57 -62.88
C ALA X 397 36.52 114.46 -61.69
N THR X 398 35.35 115.07 -61.82
CA THR X 398 34.31 115.05 -60.80
C THR X 398 33.02 114.58 -61.45
N SER X 399 32.79 113.27 -61.39
CA SER X 399 31.61 112.68 -62.03
C SER X 399 30.45 112.59 -61.04
N SER X 400 29.25 112.43 -61.58
CA SER X 400 28.04 112.25 -60.79
C SER X 400 27.26 111.07 -61.35
N ILE X 401 26.85 110.16 -60.47
CA ILE X 401 26.10 108.97 -60.87
C ILE X 401 24.77 108.96 -60.15
N THR X 402 23.70 108.74 -60.91
CA THR X 402 22.35 108.74 -60.36
C THR X 402 21.72 107.37 -60.55
N PHE X 403 21.27 106.78 -59.44
CA PHE X 403 20.53 105.52 -59.46
C PHE X 403 19.05 105.82 -59.29
N ASN X 404 18.25 105.33 -60.23
CA ASN X 404 16.81 105.54 -60.23
C ASN X 404 16.11 104.18 -60.23
N SER X 405 15.22 103.97 -59.26
CA SER X 405 14.39 102.79 -59.20
C SER X 405 12.99 103.04 -59.75
N GLY X 406 12.78 104.20 -60.39
CA GLY X 406 11.49 104.61 -60.89
C GLY X 406 10.79 105.61 -59.98
N VAL X 407 10.97 105.49 -58.66
CA VAL X 407 10.43 106.43 -57.69
C VAL X 407 11.53 107.01 -56.82
N LEU X 408 12.44 106.17 -56.34
CA LEU X 408 13.52 106.59 -55.47
C LEU X 408 14.76 106.91 -56.31
N SER X 409 15.39 108.03 -56.04
CA SER X 409 16.57 108.48 -56.77
C SER X 409 17.69 108.81 -55.79
N LYS X 410 18.91 108.42 -56.14
CA LYS X 410 20.08 108.70 -55.33
C LYS X 410 21.20 109.21 -56.23
N THR X 411 21.79 110.35 -55.85
CA THR X 411 22.88 110.96 -56.60
C THR X 411 24.15 110.90 -55.78
N ILE X 412 25.22 110.38 -56.36
CA ILE X 412 26.49 110.20 -55.68
C ILE X 412 27.58 110.88 -56.50
N GLY X 413 28.38 111.71 -55.84
CA GLY X 413 29.54 112.30 -56.49
C GLY X 413 30.75 111.39 -56.41
N PHE X 414 31.59 111.45 -57.43
CA PHE X 414 32.74 110.57 -57.56
C PHE X 414 33.96 111.37 -57.99
N THR X 415 35.08 111.12 -57.31
CA THR X 415 36.38 111.61 -57.74
C THR X 415 37.00 110.58 -58.68
N ALA X 416 38.30 110.66 -58.91
CA ALA X 416 38.98 109.78 -59.87
C ALA X 416 39.05 108.37 -59.28
N GLY X 417 37.94 107.65 -59.37
CA GLY X 417 37.85 106.28 -58.94
C GLY X 417 37.16 106.06 -57.61
N GLU X 418 36.97 107.11 -56.82
CA GLU X 418 36.37 107.01 -55.50
C GLU X 418 35.27 108.07 -55.38
N SER X 419 34.66 108.13 -54.19
CA SER X 419 33.61 109.10 -53.91
C SER X 419 34.15 110.15 -52.95
N SER X 420 34.06 111.41 -53.36
CA SER X 420 34.55 112.52 -52.56
C SER X 420 33.45 113.49 -52.16
N ASP X 421 32.19 113.07 -52.24
CA ASP X 421 31.05 113.94 -51.99
C ASP X 421 30.67 114.01 -50.52
N ALA X 422 31.61 113.73 -49.61
CA ALA X 422 31.36 113.71 -48.17
C ALA X 422 30.27 112.69 -47.82
N ALA X 423 30.15 111.65 -48.62
CA ALA X 423 29.20 110.58 -48.41
C ALA X 423 29.94 109.28 -48.15
N LYS X 424 29.29 108.37 -47.42
CA LYS X 424 29.95 107.14 -47.01
C LYS X 424 30.15 106.20 -48.20
N SER X 425 29.05 105.75 -48.80
CA SER X 425 29.06 105.04 -50.08
C SER X 425 29.99 103.83 -50.05
N TYR X 426 29.61 102.85 -49.24
CA TYR X 426 30.35 101.60 -49.13
C TYR X 426 29.48 100.44 -49.60
N VAL X 427 30.13 99.46 -50.21
CA VAL X 427 29.42 98.37 -50.90
C VAL X 427 30.01 97.02 -50.50
N ASP X 428 31.11 97.05 -49.73
CA ASP X 428 31.94 95.86 -49.53
C ASP X 428 31.20 94.73 -48.83
N ASP X 429 30.13 95.02 -48.10
CA ASP X 429 29.51 94.01 -47.25
C ASP X 429 28.98 92.82 -48.05
N LYS X 430 27.95 93.03 -48.86
CA LYS X 430 27.40 91.96 -49.69
C LYS X 430 26.96 92.45 -51.06
N GLY X 431 27.24 93.68 -51.42
CA GLY X 431 26.69 94.29 -52.61
C GLY X 431 25.60 95.29 -52.27
N GLY X 432 25.49 96.32 -53.09
CA GLY X 432 24.58 97.41 -52.82
C GLY X 432 25.20 98.47 -51.92
N ILE X 433 24.66 99.68 -52.01
CA ILE X 433 25.21 100.84 -51.32
C ILE X 433 24.55 100.91 -49.95
N THR X 434 25.34 100.66 -48.91
CA THR X 434 24.85 100.66 -47.54
C THR X 434 25.33 101.86 -46.73
N ASN X 435 26.23 102.67 -47.30
CA ASN X 435 26.69 103.94 -46.71
C ASN X 435 26.93 103.84 -45.20
N VAL X 436 27.62 102.79 -44.77
CA VAL X 436 28.06 102.65 -43.39
C VAL X 436 29.58 102.65 -43.37
N ALA X 437 30.17 103.50 -42.52
CA ALA X 437 31.61 103.58 -42.43
C ALA X 437 32.21 102.27 -41.95
N ASP X 438 31.89 101.88 -40.72
CA ASP X 438 32.42 100.67 -40.13
C ASP X 438 31.61 100.34 -38.89
N TYR X 439 31.46 99.05 -38.61
CA TYR X 439 30.80 98.57 -37.41
C TYR X 439 31.75 97.67 -36.64
N THR X 440 31.84 97.88 -35.33
CA THR X 440 32.69 97.09 -34.45
C THR X 440 31.79 96.25 -33.54
N VAL X 441 32.04 94.95 -33.52
CA VAL X 441 31.28 94.01 -32.71
C VAL X 441 32.16 93.57 -31.55
N SER X 442 31.62 93.65 -30.34
CA SER X 442 32.35 93.28 -29.13
C SER X 442 31.86 91.93 -28.63
N TYR X 443 32.79 91.04 -28.37
CA TYR X 443 32.49 89.68 -27.90
C TYR X 443 33.01 89.52 -26.48
N SER X 444 32.17 88.94 -25.63
CA SER X 444 32.53 88.64 -24.25
C SER X 444 32.91 87.18 -24.13
N VAL X 445 34.05 86.91 -23.49
CA VAL X 445 34.57 85.56 -23.34
C VAL X 445 34.37 85.13 -21.90
N ASN X 446 33.66 84.03 -21.69
CA ASN X 446 33.46 83.48 -20.36
C ASN X 446 34.66 82.62 -19.99
N LYS X 447 35.44 83.09 -19.01
CA LYS X 447 36.68 82.41 -18.63
C LYS X 447 36.43 81.11 -17.89
N ASP X 448 35.21 80.85 -17.43
CA ASP X 448 34.93 79.59 -16.74
C ASP X 448 35.03 78.41 -17.69
N ASN X 449 34.44 78.53 -18.87
CA ASN X 449 34.42 77.44 -19.84
C ASN X 449 35.04 77.79 -21.18
N GLY X 450 35.21 79.07 -21.49
CA GLY X 450 35.73 79.50 -22.78
C GLY X 450 34.68 79.84 -23.80
N SER X 451 33.40 79.78 -23.45
CA SER X 451 32.34 80.10 -24.39
C SER X 451 32.35 81.58 -24.72
N VAL X 452 32.09 81.90 -25.99
CA VAL X 452 32.13 83.26 -26.51
C VAL X 452 30.73 83.67 -26.94
N THR X 453 30.27 84.81 -26.44
CA THR X 453 28.96 85.34 -26.79
C THR X 453 29.11 86.73 -27.39
N VAL X 454 27.99 87.26 -27.89
CA VAL X 454 27.95 88.58 -28.50
C VAL X 454 27.43 89.57 -27.47
N ALA X 455 28.21 90.62 -27.20
CA ALA X 455 27.82 91.63 -26.22
C ALA X 455 28.48 92.95 -26.62
N GLY X 456 27.70 93.82 -27.25
CA GLY X 456 28.17 95.15 -27.59
C GLY X 456 28.34 95.42 -29.07
N TYR X 457 27.76 96.52 -29.54
CA TYR X 457 27.84 96.92 -30.93
C TYR X 457 28.12 98.41 -31.01
N ALA X 458 29.08 98.80 -31.85
CA ALA X 458 29.44 100.20 -32.01
C ALA X 458 29.45 100.55 -33.49
N SER X 459 28.96 101.72 -33.83
CA SER X 459 28.95 102.19 -35.21
C SER X 459 29.30 103.67 -35.25
N ALA X 460 30.18 104.03 -36.19
CA ALA X 460 30.53 105.43 -36.39
C ALA X 460 29.40 106.22 -37.03
N THR X 461 28.39 105.56 -37.58
CA THR X 461 27.20 106.18 -38.13
C THR X 461 25.98 105.67 -37.37
N ASP X 462 24.81 106.20 -37.73
CA ASP X 462 23.58 105.71 -37.13
C ASP X 462 23.35 104.24 -37.44
N THR X 463 23.41 103.89 -38.73
CA THR X 463 23.45 102.51 -39.21
C THR X 463 22.11 101.81 -39.00
N ASN X 464 21.20 102.45 -38.28
CA ASN X 464 19.87 101.91 -37.98
C ASN X 464 19.95 100.50 -37.40
N LYS X 465 21.10 100.15 -36.82
CA LYS X 465 21.34 98.82 -36.26
C LYS X 465 21.06 97.73 -37.29
N ASP X 466 21.47 97.98 -38.54
CA ASP X 466 21.27 96.97 -39.59
C ASP X 466 22.15 95.75 -39.36
N TYR X 467 23.41 95.97 -38.98
CA TYR X 467 24.36 94.89 -38.76
C TYR X 467 24.57 94.59 -37.28
N ALA X 468 23.58 94.88 -36.44
CA ALA X 468 23.72 94.68 -35.01
C ALA X 468 22.98 93.42 -34.59
N PRO X 469 23.67 92.33 -34.27
CA PRO X 469 22.98 91.16 -33.73
C PRO X 469 22.50 91.42 -32.30
N ALA X 470 21.49 90.65 -31.91
CA ALA X 470 21.00 90.72 -30.54
C ALA X 470 22.10 90.28 -29.58
N ILE X 471 22.26 91.03 -28.49
CA ILE X 471 23.29 90.70 -27.52
C ILE X 471 22.92 89.42 -26.78
N GLY X 472 23.95 88.74 -26.26
CA GLY X 472 23.75 87.52 -25.52
C GLY X 472 23.58 86.27 -26.35
N THR X 473 23.89 86.32 -27.64
CA THR X 473 23.76 85.17 -28.54
C THR X 473 25.12 84.51 -28.71
N ALA X 474 25.17 83.20 -28.48
CA ALA X 474 26.42 82.46 -28.61
C ALA X 474 26.87 82.46 -30.08
N VAL X 475 28.12 82.83 -30.31
CA VAL X 475 28.66 82.88 -31.66
C VAL X 475 29.38 81.58 -31.96
N ASN X 476 29.37 81.19 -33.24
CA ASN X 476 29.99 79.96 -33.70
C ASN X 476 30.94 80.25 -34.86
N VAL X 477 31.48 79.20 -35.44
CA VAL X 477 32.41 79.28 -36.55
C VAL X 477 31.79 78.61 -37.76
N ASN X 478 31.77 79.31 -38.90
CA ASN X 478 31.17 78.79 -40.11
C ASN X 478 32.06 77.70 -40.70
N SER X 479 31.60 77.13 -41.81
CA SER X 479 32.37 76.10 -42.49
C SER X 479 33.67 76.66 -43.05
N ALA X 480 33.63 77.88 -43.56
CA ALA X 480 34.80 78.53 -44.12
C ALA X 480 35.71 79.14 -43.05
N GLY X 481 35.41 78.94 -41.77
CA GLY X 481 36.21 79.47 -40.70
C GLY X 481 35.84 80.86 -40.24
N LYS X 482 34.82 81.48 -40.83
CA LYS X 482 34.43 82.81 -40.42
C LYS X 482 33.68 82.76 -39.09
N ILE X 483 33.59 83.92 -38.45
CA ILE X 483 32.90 84.07 -37.17
C ILE X 483 31.47 84.48 -37.48
N THR X 484 30.52 83.62 -37.14
CA THR X 484 29.13 83.83 -37.54
C THR X 484 28.22 83.27 -36.46
N THR X 485 26.97 83.76 -36.44
CA THR X 485 26.06 83.46 -35.35
C THR X 485 25.13 82.27 -35.60
N GLU X 486 24.76 81.98 -36.86
CA GLU X 486 23.81 80.93 -37.12
C GLU X 486 24.49 79.56 -37.11
N THR X 487 23.73 78.54 -36.75
CA THR X 487 24.23 77.19 -36.61
C THR X 487 23.81 76.26 -37.74
N THR X 488 23.18 76.78 -38.79
CA THR X 488 22.68 75.94 -39.87
C THR X 488 23.82 75.22 -40.59
N SER X 489 24.67 75.98 -41.28
CA SER X 489 25.85 75.44 -41.97
C SER X 489 25.46 74.30 -42.92
N ALA X 490 24.70 74.69 -43.95
CA ALA X 490 24.17 73.72 -44.90
C ALA X 490 25.28 72.94 -45.57
N GLY X 491 25.06 71.64 -45.75
CA GLY X 491 26.05 70.74 -46.30
C GLY X 491 25.96 70.60 -47.80
N SER X 492 26.46 69.46 -48.30
CA SER X 492 26.58 69.22 -49.72
C SER X 492 25.60 68.20 -50.27
N ALA X 493 24.94 67.43 -49.42
CA ALA X 493 23.95 66.46 -49.89
C ALA X 493 22.79 67.18 -50.58
N THR X 494 22.28 66.56 -51.64
CA THR X 494 21.21 67.18 -52.41
C THR X 494 19.97 67.38 -51.55
N THR X 495 19.34 68.54 -51.70
CA THR X 495 18.25 68.93 -50.81
C THR X 495 17.03 68.04 -50.98
N ASN X 496 16.45 68.02 -52.18
CA ASN X 496 15.20 67.32 -52.45
C ASN X 496 15.42 66.37 -53.62
N PRO X 497 16.09 65.24 -53.37
CA PRO X 497 16.39 64.31 -54.47
C PRO X 497 15.16 63.78 -55.16
N LEU X 498 14.12 63.46 -54.39
CA LEU X 498 12.90 62.91 -54.98
C LEU X 498 12.21 63.94 -55.86
N ALA X 499 12.19 65.20 -55.42
CA ALA X 499 11.61 66.26 -56.25
C ALA X 499 12.40 66.45 -57.53
N ALA X 500 13.73 66.43 -57.45
CA ALA X 500 14.53 66.59 -58.66
C ALA X 500 14.29 65.45 -59.63
N LEU X 501 14.22 64.22 -59.12
CA LEU X 501 13.97 63.07 -59.97
C LEU X 501 12.58 63.14 -60.59
N ASP X 502 11.59 63.61 -59.83
CA ASP X 502 10.24 63.76 -60.38
C ASP X 502 10.24 64.78 -61.51
N ASP X 503 10.96 65.89 -61.34
CA ASP X 503 11.02 66.88 -62.41
C ASP X 503 11.68 66.30 -63.66
N ALA X 504 12.76 65.54 -63.48
CA ALA X 504 13.42 64.92 -64.63
C ALA X 504 12.49 63.96 -65.35
N ILE X 505 11.78 63.11 -64.59
CA ILE X 505 10.86 62.16 -65.20
C ILE X 505 9.75 62.89 -65.93
N SER X 506 9.25 63.98 -65.35
CA SER X 506 8.20 64.74 -66.00
C SER X 506 8.67 65.33 -67.32
N SER X 507 9.90 65.84 -67.36
CA SER X 507 10.43 66.37 -68.61
C SER X 507 10.53 65.27 -69.67
N ILE X 508 11.03 64.09 -69.26
CA ILE X 508 11.14 62.98 -70.20
C ILE X 508 9.77 62.61 -70.74
N ASP X 509 8.78 62.54 -69.87
CA ASP X 509 7.43 62.16 -70.29
C ASP X 509 6.85 63.19 -71.25
N LYS X 510 7.06 64.47 -70.98
CA LYS X 510 6.56 65.50 -71.89
C LYS X 510 7.18 65.37 -73.27
N PHE X 511 8.49 65.16 -73.33
CA PHE X 511 9.13 65.03 -74.63
C PHE X 511 8.66 63.78 -75.38
N ARG X 512 8.47 62.68 -74.64
CA ARG X 512 7.94 61.47 -75.26
C ARG X 512 6.53 61.69 -75.81
N SER X 513 5.69 62.41 -75.06
CA SER X 513 4.35 62.71 -75.54
C SER X 513 4.39 63.56 -76.80
N SER X 514 5.29 64.54 -76.85
CA SER X 514 5.40 65.36 -78.05
C SER X 514 5.80 64.51 -79.26
N LEU X 515 6.76 63.60 -79.07
CA LEU X 515 7.16 62.73 -80.17
C LEU X 515 5.99 61.85 -80.62
N GLY X 516 5.23 61.30 -79.67
CA GLY X 516 4.10 60.47 -80.04
C GLY X 516 3.06 61.22 -80.84
N ALA X 517 2.73 62.45 -80.41
CA ALA X 517 1.77 63.24 -81.16
C ALA X 517 2.26 63.54 -82.57
N ILE X 518 3.54 63.90 -82.70
CA ILE X 518 4.09 64.17 -84.03
C ILE X 518 3.99 62.93 -84.90
N GLN X 519 4.29 61.76 -84.34
CA GLN X 519 4.25 60.53 -85.11
C GLN X 519 2.82 60.21 -85.57
N ASN X 520 1.84 60.44 -84.70
CA ASN X 520 0.45 60.22 -85.08
C ASN X 520 0.06 61.11 -86.25
N ARG X 521 0.36 62.41 -86.16
CA ARG X 521 -0.02 63.29 -87.26
C ARG X 521 0.73 62.95 -88.54
N LEU X 522 1.97 62.47 -88.42
CA LEU X 522 2.73 62.07 -89.60
C LEU X 522 2.10 60.87 -90.29
N ASP X 523 1.63 59.89 -89.50
CA ASP X 523 0.94 58.74 -90.08
C ASP X 523 -0.35 59.15 -90.77
N SER X 524 -1.09 60.07 -90.15
CA SER X 524 -2.29 60.60 -90.80
C SER X 524 -1.95 61.26 -92.13
N ALA X 525 -0.85 62.01 -92.16
CA ALA X 525 -0.41 62.62 -93.41
C ALA X 525 -0.08 61.56 -94.45
N VAL X 526 0.54 60.46 -94.03
CA VAL X 526 0.86 59.38 -94.97
C VAL X 526 -0.41 58.83 -95.59
N THR X 527 -1.42 58.57 -94.76
CA THR X 527 -2.67 58.03 -95.28
C THR X 527 -3.32 59.00 -96.27
N ASN X 528 -3.34 60.29 -95.93
CA ASN X 528 -3.93 61.27 -96.84
C ASN X 528 -3.16 61.33 -98.16
N LEU X 529 -1.83 61.23 -98.08
CA LEU X 529 -1.03 61.26 -99.30
C LEU X 529 -1.35 60.07 -100.19
N ASN X 530 -1.50 58.88 -99.60
CA ASN X 530 -1.84 57.71 -100.41
C ASN X 530 -3.19 57.88 -101.08
N ASN X 531 -4.19 58.37 -100.34
CA ASN X 531 -5.50 58.59 -100.95
C ASN X 531 -5.44 59.59 -102.09
N THR X 532 -4.72 60.70 -101.88
CA THR X 532 -4.63 61.72 -102.92
C THR X 532 -3.90 61.19 -104.15
N THR X 533 -2.86 60.39 -103.94
CA THR X 533 -2.15 59.80 -105.07
C THR X 533 -3.06 58.88 -105.87
N THR X 534 -3.86 58.06 -105.18
CA THR X 534 -4.79 57.19 -105.89
C THR X 534 -5.78 58.00 -106.72
N ASN X 535 -6.34 59.06 -106.13
CA ASN X 535 -7.34 59.84 -106.86
C ASN X 535 -6.73 60.58 -108.04
N LEU X 536 -5.50 61.09 -107.89
CA LEU X 536 -4.87 61.77 -109.01
C LEU X 536 -4.52 60.81 -110.12
N SER X 537 -4.11 59.58 -109.78
CA SER X 537 -3.91 58.57 -110.81
C SER X 537 -5.22 58.25 -111.52
N GLU X 538 -6.32 58.21 -110.77
CA GLU X 538 -7.64 58.06 -111.37
C GLU X 538 -7.89 59.14 -112.43
N ALA X 539 -7.66 60.40 -112.05
CA ALA X 539 -7.92 61.50 -112.97
C ALA X 539 -7.03 61.44 -114.20
N GLN X 540 -5.75 61.11 -114.00
CA GLN X 540 -4.85 60.99 -115.14
C GLN X 540 -5.29 59.88 -116.08
N SER X 541 -5.76 58.76 -115.53
CA SER X 541 -6.28 57.69 -116.37
C SER X 541 -7.53 58.15 -117.11
N ARG X 542 -8.36 58.97 -116.47
CA ARG X 542 -9.53 59.53 -117.15
C ARG X 542 -9.10 60.34 -118.36
N ILE X 543 -8.07 61.16 -118.21
CA ILE X 543 -7.64 62.02 -119.31
C ILE X 543 -6.98 61.20 -120.42
N GLN X 544 -6.02 60.36 -120.05
CA GLN X 544 -5.22 59.57 -120.98
C GLN X 544 -5.88 58.21 -121.21
N ASP X 545 -5.11 57.25 -121.71
CA ASP X 545 -5.50 55.84 -121.75
C ASP X 545 -6.70 55.61 -122.67
N ALA X 546 -6.42 55.78 -123.96
CA ALA X 546 -7.41 55.57 -125.02
C ALA X 546 -8.15 54.24 -124.84
N ASP X 547 -9.38 54.20 -125.36
CA ASP X 547 -10.27 53.05 -125.21
C ASP X 547 -9.96 52.01 -126.28
N TYR X 548 -9.32 50.92 -125.84
CA TYR X 548 -8.87 49.90 -126.79
C TYR X 548 -9.99 49.41 -127.69
N ALA X 549 -11.21 49.29 -127.17
CA ALA X 549 -12.33 48.94 -128.03
C ALA X 549 -12.52 49.97 -129.13
N THR X 550 -12.45 51.25 -128.76
CA THR X 550 -12.69 52.31 -129.72
C THR X 550 -11.65 52.32 -130.83
N GLU X 551 -10.36 52.26 -130.47
CA GLU X 551 -9.36 52.26 -131.54
C GLU X 551 -9.27 50.94 -132.30
N VAL X 552 -9.64 49.81 -131.68
CA VAL X 552 -9.72 48.58 -132.47
C VAL X 552 -10.79 48.70 -133.54
N SER X 553 -11.96 49.21 -133.17
CA SER X 553 -13.00 49.46 -134.17
C SER X 553 -12.53 50.45 -135.22
N ASN X 554 -11.85 51.51 -134.78
CA ASN X 554 -11.41 52.54 -135.72
C ASN X 554 -10.44 51.96 -136.74
N MET X 555 -9.45 51.18 -136.29
CA MET X 555 -8.50 50.64 -137.25
C MET X 555 -9.16 49.60 -138.14
N SER X 556 -10.11 48.83 -137.61
CA SER X 556 -10.75 47.83 -138.44
C SER X 556 -11.51 48.48 -139.59
N LYS X 557 -12.31 49.51 -139.27
CA LYS X 557 -13.04 50.18 -140.35
C LYS X 557 -12.08 50.96 -141.26
N ALA X 558 -10.97 51.46 -140.72
CA ALA X 558 -9.98 52.14 -141.55
C ALA X 558 -9.34 51.18 -142.54
N GLN X 559 -8.98 49.98 -142.09
CA GLN X 559 -8.41 48.98 -142.98
C GLN X 559 -9.40 48.57 -144.06
N ILE X 560 -10.67 48.39 -143.68
CA ILE X 560 -11.67 48.04 -144.68
C ILE X 560 -11.82 49.16 -145.71
N ILE X 561 -11.84 50.42 -145.25
CA ILE X 561 -11.96 51.52 -146.18
C ILE X 561 -10.74 51.57 -147.10
N GLN X 562 -9.56 51.28 -146.56
CA GLN X 562 -8.35 51.27 -147.37
C GLN X 562 -8.42 50.20 -148.46
N GLN X 563 -8.82 48.99 -148.09
CA GLN X 563 -8.91 47.91 -149.07
C GLN X 563 -9.96 48.21 -150.14
N ALA X 564 -11.11 48.73 -149.72
CA ALA X 564 -12.14 49.10 -150.68
C ALA X 564 -11.65 50.20 -151.61
N GLY X 565 -10.95 51.19 -151.06
CA GLY X 565 -10.42 52.26 -151.89
C GLY X 565 -9.39 51.75 -152.87
N ASN X 566 -8.55 50.81 -152.46
CA ASN X 566 -7.55 50.27 -153.37
C ASN X 566 -8.18 49.45 -154.49
N SER X 567 -9.20 48.66 -154.16
CA SER X 567 -9.89 47.90 -155.21
C SER X 567 -10.59 48.83 -156.19
N VAL X 568 -11.29 49.83 -155.67
CA VAL X 568 -11.96 50.80 -156.55
C VAL X 568 -10.92 51.59 -157.34
N LEU X 569 -9.75 51.83 -156.75
CA LEU X 569 -8.68 52.54 -157.44
C LEU X 569 -8.17 51.71 -158.62
N ALA X 570 -8.04 50.40 -158.42
CA ALA X 570 -7.67 49.53 -159.53
C ALA X 570 -8.75 49.55 -160.61
N LYS X 571 -10.02 49.53 -160.21
CA LYS X 571 -11.10 49.61 -161.19
C LYS X 571 -11.05 50.92 -161.97
N ALA X 572 -10.69 52.01 -161.31
CA ALA X 572 -10.58 53.30 -161.98
C ALA X 572 -9.36 53.34 -162.90
N ASN X 573 -8.19 52.91 -162.40
CA ASN X 573 -7.00 52.79 -163.21
C ASN X 573 -7.17 51.78 -164.33
N GLN X 574 -8.28 51.05 -164.35
CA GLN X 574 -8.70 50.43 -165.60
C GLN X 574 -9.16 51.57 -166.48
N VAL X 575 -8.20 52.41 -166.90
CA VAL X 575 -8.42 53.69 -167.56
C VAL X 575 -9.07 53.39 -168.90
N PRO X 576 -9.78 54.34 -169.53
CA PRO X 576 -10.57 53.95 -170.70
C PRO X 576 -9.72 53.41 -171.83
N GLN X 577 -9.89 52.11 -172.07
CA GLN X 577 -9.21 51.43 -173.15
C GLN X 577 -10.12 51.18 -174.33
N GLN X 578 -11.42 51.46 -174.18
CA GLN X 578 -12.34 51.40 -175.29
C GLN X 578 -11.96 52.37 -176.39
N VAL X 579 -11.17 53.40 -176.06
CA VAL X 579 -10.63 54.26 -177.11
C VAL X 579 -9.73 53.46 -178.05
N LEU X 580 -8.97 52.51 -177.50
CA LEU X 580 -8.16 51.64 -178.34
C LEU X 580 -9.04 50.84 -179.29
N SER X 581 -10.18 50.34 -178.80
CA SER X 581 -11.11 49.63 -179.68
C SER X 581 -11.66 50.56 -180.75
N LEU X 582 -11.97 51.80 -180.38
CA LEU X 582 -12.46 52.77 -181.34
C LEU X 582 -11.44 53.06 -182.43
N LEU X 583 -10.15 53.01 -182.09
CA LEU X 583 -9.12 53.40 -183.04
C LEU X 583 -9.15 52.56 -184.31
N GLN X 584 -9.18 51.22 -184.18
CA GLN X 584 -9.14 50.39 -185.37
C GLN X 584 -10.46 50.39 -186.13
N GLY X 585 -11.53 50.94 -185.55
CA GLY X 585 -12.81 50.98 -186.21
C GLY X 585 -12.88 51.92 -187.40
N MET Y 1 -22.76 13.49 -168.23
CA MET Y 1 -22.01 14.73 -168.06
C MET Y 1 -21.69 15.34 -169.42
N ALA Y 2 -20.62 14.86 -170.06
CA ALA Y 2 -20.19 15.45 -171.33
C ALA Y 2 -21.25 15.37 -172.41
N GLN Y 3 -22.14 14.37 -172.35
CA GLN Y 3 -23.15 14.24 -173.39
C GLN Y 3 -24.41 15.03 -173.07
N VAL Y 4 -24.80 15.10 -171.80
CA VAL Y 4 -26.07 15.71 -171.41
C VAL Y 4 -25.84 16.79 -170.37
N ILE Y 5 -26.57 17.89 -170.50
CA ILE Y 5 -26.47 19.01 -169.56
C ILE Y 5 -27.75 19.24 -168.78
N ASN Y 6 -28.85 18.58 -169.13
CA ASN Y 6 -30.13 18.87 -168.51
C ASN Y 6 -30.25 18.28 -167.10
N THR Y 7 -29.56 17.18 -166.82
CA THR Y 7 -29.64 16.53 -165.52
C THR Y 7 -28.23 16.18 -165.04
N ASN Y 8 -28.14 15.82 -163.76
CA ASN Y 8 -26.88 15.36 -163.18
C ASN Y 8 -27.19 14.17 -162.27
N SER Y 9 -27.07 12.97 -162.84
CA SER Y 9 -27.28 11.76 -162.05
C SER Y 9 -26.29 11.66 -160.90
N LEU Y 10 -25.05 12.11 -161.12
CA LEU Y 10 -24.07 12.10 -160.05
C LEU Y 10 -24.51 12.98 -158.89
N SER Y 11 -25.01 14.18 -159.19
CA SER Y 11 -25.51 15.07 -158.15
C SER Y 11 -26.68 14.45 -157.42
N LEU Y 12 -27.60 13.83 -158.17
CA LEU Y 12 -28.76 13.20 -157.51
C LEU Y 12 -28.34 12.09 -156.56
N ILE Y 13 -27.42 11.23 -157.02
CA ILE Y 13 -26.96 10.12 -156.18
C ILE Y 13 -26.25 10.65 -154.94
N THR Y 14 -25.42 11.69 -155.11
CA THR Y 14 -24.72 12.27 -153.98
C THR Y 14 -25.69 12.87 -152.97
N GLN Y 15 -26.74 13.54 -153.46
CA GLN Y 15 -27.74 14.09 -152.56
C GLN Y 15 -28.45 12.99 -151.79
N ASN Y 16 -28.77 11.89 -152.46
CA ASN Y 16 -29.41 10.77 -151.77
C ASN Y 16 -28.51 10.24 -150.66
N ASN Y 17 -27.23 10.04 -150.95
CA ASN Y 17 -26.31 9.52 -149.95
C ASN Y 17 -26.16 10.49 -148.79
N ILE Y 18 -26.13 11.79 -149.08
CA ILE Y 18 -26.01 12.79 -148.03
C ILE Y 18 -27.21 12.75 -147.11
N ASN Y 19 -28.41 12.63 -147.69
CA ASN Y 19 -29.62 12.54 -146.85
C ASN Y 19 -29.59 11.29 -145.98
N LYS Y 20 -29.18 10.16 -146.57
CA LYS Y 20 -29.10 8.92 -145.80
C LYS Y 20 -28.16 9.06 -144.62
N ASN Y 21 -27.02 9.71 -144.82
CA ASN Y 21 -26.11 9.95 -143.70
C ASN Y 21 -26.72 10.93 -142.70
N GLN Y 22 -27.44 11.94 -143.18
CA GLN Y 22 -27.99 12.96 -142.30
C GLN Y 22 -28.99 12.37 -141.32
N SER Y 23 -29.75 11.36 -141.76
CA SER Y 23 -30.66 10.69 -140.84
C SER Y 23 -29.93 10.17 -139.60
N ALA Y 24 -28.84 9.42 -139.82
CA ALA Y 24 -28.07 8.88 -138.71
C ALA Y 24 -27.38 9.97 -137.91
N LEU Y 25 -26.93 11.03 -138.58
CA LEU Y 25 -26.34 12.16 -137.86
C LEU Y 25 -27.31 12.75 -136.84
N SER Y 26 -28.55 13.02 -137.30
CA SER Y 26 -29.56 13.57 -136.41
C SER Y 26 -29.87 12.60 -135.28
N SER Y 27 -30.00 11.32 -135.59
CA SER Y 27 -30.29 10.34 -134.55
C SER Y 27 -29.20 10.33 -133.48
N SER Y 28 -27.93 10.34 -133.91
CA SER Y 28 -26.83 10.30 -132.97
C SER Y 28 -26.78 11.55 -132.10
N ILE Y 29 -26.96 12.72 -132.70
CA ILE Y 29 -26.89 13.96 -131.92
C ILE Y 29 -28.01 14.00 -130.90
N GLU Y 30 -29.23 13.63 -131.31
CA GLU Y 30 -30.34 13.62 -130.36
C GLU Y 30 -30.10 12.62 -129.24
N ARG Y 31 -29.57 11.44 -129.58
CA ARG Y 31 -29.30 10.42 -128.56
C ARG Y 31 -28.28 10.92 -127.55
N LEU Y 32 -27.22 11.58 -128.02
CA LEU Y 32 -26.22 12.11 -127.10
C LEU Y 32 -26.81 13.21 -126.23
N SER Y 33 -27.63 14.09 -126.82
CA SER Y 33 -28.21 15.19 -126.05
C SER Y 33 -29.12 14.67 -124.95
N SER Y 34 -29.97 13.70 -125.27
CA SER Y 34 -30.92 13.21 -124.28
C SER Y 34 -30.25 12.30 -123.26
N GLY Y 35 -29.27 11.51 -123.68
CA GLY Y 35 -28.68 10.54 -122.79
C GLY Y 35 -29.47 9.27 -122.61
N LEU Y 36 -30.45 9.03 -123.48
CA LEU Y 36 -31.32 7.86 -123.38
C LEU Y 36 -31.25 7.07 -124.68
N ARG Y 37 -31.08 5.75 -124.56
CA ARG Y 37 -31.00 4.90 -125.75
C ARG Y 37 -32.34 4.84 -126.46
N ILE Y 38 -33.42 4.59 -125.73
CA ILE Y 38 -34.76 4.44 -126.30
C ILE Y 38 -35.45 5.79 -126.20
N ASN Y 39 -35.66 6.43 -127.35
CA ASN Y 39 -36.18 7.79 -127.37
C ASN Y 39 -37.22 7.92 -128.47
N SER Y 40 -38.35 8.53 -128.14
CA SER Y 40 -39.43 8.88 -129.05
C SER Y 40 -40.12 7.66 -129.66
N ALA Y 41 -39.78 6.45 -129.23
CA ALA Y 41 -40.42 5.21 -129.66
C ALA Y 41 -40.35 4.99 -131.18
N LYS Y 42 -39.47 5.73 -131.87
CA LYS Y 42 -39.18 5.45 -133.27
C LYS Y 42 -38.19 4.31 -133.43
N ASP Y 43 -38.02 3.52 -132.38
CA ASP Y 43 -37.16 2.36 -132.35
C ASP Y 43 -37.91 1.26 -131.62
N ASP Y 44 -37.21 0.23 -131.15
CA ASP Y 44 -37.87 -0.93 -130.55
C ASP Y 44 -38.77 -0.51 -129.39
N ALA Y 45 -40.08 -0.62 -129.59
CA ALA Y 45 -41.06 -0.15 -128.61
C ALA Y 45 -41.19 -1.08 -127.42
N ALA Y 46 -40.75 -2.34 -127.54
CA ALA Y 46 -40.75 -3.22 -126.39
C ALA Y 46 -39.85 -2.68 -125.29
N GLY Y 47 -38.69 -2.13 -125.66
CA GLY Y 47 -37.84 -1.50 -124.68
C GLY Y 47 -38.51 -0.33 -124.00
N GLN Y 48 -39.24 0.49 -124.77
CA GLN Y 48 -39.96 1.62 -124.18
C GLN Y 48 -40.98 1.14 -123.16
N ALA Y 49 -41.77 0.13 -123.53
CA ALA Y 49 -42.81 -0.37 -122.62
C ALA Y 49 -42.19 -0.97 -121.36
N ILE Y 50 -41.13 -1.76 -121.52
CA ILE Y 50 -40.51 -2.38 -120.36
C ILE Y 50 -39.86 -1.34 -119.46
N ALA Y 51 -39.29 -0.29 -120.06
CA ALA Y 51 -38.73 0.79 -119.26
C ALA Y 51 -39.82 1.50 -118.46
N ASN Y 52 -40.99 1.71 -119.08
CA ASN Y 52 -42.10 2.31 -118.33
C ASN Y 52 -42.53 1.43 -117.17
N ARG Y 53 -42.62 0.12 -117.40
CA ARG Y 53 -42.97 -0.79 -116.32
C ARG Y 53 -41.95 -0.73 -115.19
N PHE Y 54 -40.67 -0.70 -115.54
CA PHE Y 54 -39.62 -0.62 -114.51
C PHE Y 54 -39.72 0.68 -113.73
N THR Y 55 -39.99 1.79 -114.42
CA THR Y 55 -40.13 3.07 -113.73
C THR Y 55 -41.29 3.03 -112.74
N SER Y 56 -42.41 2.47 -113.16
CA SER Y 56 -43.55 2.36 -112.25
C SER Y 56 -43.20 1.50 -111.04
N ASN Y 57 -42.53 0.38 -111.26
CA ASN Y 57 -42.15 -0.49 -110.14
C ASN Y 57 -41.21 0.23 -109.18
N ILE Y 58 -40.23 0.97 -109.72
CA ILE Y 58 -39.26 1.65 -108.87
C ILE Y 58 -39.95 2.69 -108.00
N LYS Y 59 -40.79 3.51 -108.61
CA LYS Y 59 -41.47 4.54 -107.82
C LYS Y 59 -42.38 3.93 -106.76
N GLY Y 60 -43.13 2.88 -107.14
CA GLY Y 60 -43.98 2.23 -106.17
C GLY Y 60 -43.20 1.66 -105.00
N LEU Y 61 -42.07 1.01 -105.28
CA LEU Y 61 -41.29 0.41 -104.21
C LEU Y 61 -40.70 1.47 -103.28
N THR Y 62 -40.26 2.60 -103.85
CA THR Y 62 -39.73 3.68 -103.00
C THR Y 62 -40.81 4.21 -102.06
N GLN Y 63 -42.01 4.45 -102.60
CA GLN Y 63 -43.10 4.93 -101.76
C GLN Y 63 -43.46 3.89 -100.70
N ALA Y 64 -43.40 2.62 -101.06
CA ALA Y 64 -43.67 1.56 -100.09
C ALA Y 64 -42.65 1.55 -98.96
N ALA Y 65 -41.37 1.79 -99.30
CA ALA Y 65 -40.36 1.89 -98.25
C ALA Y 65 -40.66 3.03 -97.29
N ARG Y 66 -41.09 4.18 -97.83
CA ARG Y 66 -41.46 5.29 -96.95
C ARG Y 66 -42.63 4.89 -96.03
N ASN Y 67 -43.62 4.21 -96.59
CA ASN Y 67 -44.77 3.78 -95.78
C ASN Y 67 -44.32 2.84 -94.66
N ALA Y 68 -43.41 1.92 -94.97
CA ALA Y 68 -42.91 1.01 -93.94
C ALA Y 68 -42.17 1.76 -92.84
N ASN Y 69 -41.41 2.79 -93.21
CA ASN Y 69 -40.77 3.62 -92.19
C ASN Y 69 -41.81 4.27 -91.29
N ASP Y 70 -42.90 4.77 -91.86
CA ASP Y 70 -43.97 5.34 -91.04
C ASP Y 70 -44.55 4.31 -90.08
N GLY Y 71 -44.73 3.07 -90.56
CA GLY Y 71 -45.22 2.02 -89.68
C GLY Y 71 -44.28 1.75 -88.52
N ILE Y 72 -42.98 1.74 -88.79
CA ILE Y 72 -41.99 1.57 -87.72
C ILE Y 72 -42.14 2.69 -86.69
N SER Y 73 -42.34 3.92 -87.16
CA SER Y 73 -42.52 5.03 -86.23
C SER Y 73 -43.74 4.81 -85.33
N VAL Y 74 -44.84 4.33 -85.91
CA VAL Y 74 -46.05 4.05 -85.13
C VAL Y 74 -45.74 3.04 -84.04
N ALA Y 75 -45.05 1.96 -84.42
CA ALA Y 75 -44.72 0.93 -83.45
C ALA Y 75 -43.86 1.48 -82.31
N GLN Y 76 -42.89 2.33 -82.64
CA GLN Y 76 -42.02 2.90 -81.62
C GLN Y 76 -42.82 3.73 -80.62
N THR Y 77 -43.72 4.58 -81.13
CA THR Y 77 -44.50 5.44 -80.23
C THR Y 77 -45.36 4.60 -79.29
N THR Y 78 -46.07 3.62 -79.85
CA THR Y 78 -46.95 2.80 -79.03
C THR Y 78 -46.15 2.05 -77.98
N GLU Y 79 -44.96 1.54 -78.35
CA GLU Y 79 -44.18 0.78 -77.39
C GLU Y 79 -43.64 1.66 -76.28
N GLY Y 80 -43.30 2.91 -76.58
CA GLY Y 80 -42.88 3.82 -75.51
C GLY Y 80 -43.99 4.04 -74.49
N ALA Y 81 -45.19 4.31 -74.98
CA ALA Y 81 -46.32 4.46 -74.06
C ALA Y 81 -46.52 3.20 -73.23
N LEU Y 82 -46.39 2.04 -73.87
CA LEU Y 82 -46.57 0.77 -73.16
C LEU Y 82 -45.53 0.60 -72.07
N SER Y 83 -44.28 1.00 -72.34
CA SER Y 83 -43.24 0.87 -71.33
C SER Y 83 -43.56 1.73 -70.12
N GLU Y 84 -44.04 2.95 -70.34
CA GLU Y 84 -44.42 3.77 -69.20
C GLU Y 84 -45.55 3.10 -68.39
N ILE Y 85 -46.54 2.55 -69.09
CA ILE Y 85 -47.63 1.86 -68.39
C ILE Y 85 -47.09 0.70 -67.56
N ASN Y 86 -46.13 -0.05 -68.12
CA ASN Y 86 -45.58 -1.19 -67.40
C ASN Y 86 -44.84 -0.75 -66.14
N ASN Y 87 -44.10 0.35 -66.22
CA ASN Y 87 -43.43 0.86 -65.01
C ASN Y 87 -44.45 1.22 -63.94
N ASN Y 88 -45.56 1.87 -64.34
CA ASN Y 88 -46.60 2.19 -63.38
C ASN Y 88 -47.18 0.95 -62.74
N LEU Y 89 -47.43 -0.10 -63.54
CA LEU Y 89 -47.99 -1.33 -63.00
C LEU Y 89 -47.03 -1.98 -62.00
N GLN Y 90 -45.74 -1.98 -62.31
CA GLN Y 90 -44.77 -2.56 -61.38
C GLN Y 90 -44.78 -1.82 -60.05
N ARG Y 91 -44.84 -0.49 -60.09
CA ARG Y 91 -44.90 0.27 -58.84
C ARG Y 91 -46.17 -0.03 -58.07
N ILE Y 92 -47.29 -0.18 -58.78
CA ILE Y 92 -48.55 -0.52 -58.11
C ILE Y 92 -48.43 -1.87 -57.41
N ARG Y 93 -47.81 -2.85 -58.07
CA ARG Y 93 -47.66 -4.15 -57.43
C ARG Y 93 -46.79 -4.06 -56.18
N GLU Y 94 -45.70 -3.30 -56.24
CA GLU Y 94 -44.88 -3.16 -55.06
C GLU Y 94 -45.66 -2.52 -53.91
N LEU Y 95 -46.47 -1.50 -54.22
CA LEU Y 95 -47.29 -0.88 -53.20
C LEU Y 95 -48.29 -1.86 -52.60
N THR Y 96 -48.89 -2.71 -53.45
CA THR Y 96 -49.84 -3.70 -52.96
C THR Y 96 -49.15 -4.69 -52.03
N VAL Y 97 -47.94 -5.12 -52.38
CA VAL Y 97 -47.18 -6.03 -51.52
C VAL Y 97 -46.93 -5.38 -50.17
N GLN Y 98 -46.63 -4.08 -50.18
CA GLN Y 98 -46.47 -3.38 -48.91
C GLN Y 98 -47.77 -3.32 -48.12
N ALA Y 99 -48.89 -3.10 -48.82
CA ALA Y 99 -50.16 -2.88 -48.15
C ALA Y 99 -50.73 -4.14 -47.52
N THR Y 100 -50.54 -5.30 -48.16
CA THR Y 100 -51.25 -6.50 -47.72
C THR Y 100 -50.82 -7.00 -46.35
N THR Y 101 -49.71 -6.51 -45.80
CA THR Y 101 -49.29 -6.96 -44.48
C THR Y 101 -50.26 -6.47 -43.41
N GLY Y 102 -50.41 -7.28 -42.36
CA GLY Y 102 -51.35 -6.97 -41.31
C GLY Y 102 -50.90 -5.98 -40.27
N THR Y 103 -49.66 -5.50 -40.35
CA THR Y 103 -49.19 -4.51 -39.38
C THR Y 103 -49.76 -3.13 -39.68
N ASN Y 104 -50.02 -2.83 -40.95
CA ASN Y 104 -50.52 -1.52 -41.34
C ASN Y 104 -51.89 -1.26 -40.72
N SER Y 105 -52.14 0.01 -40.39
CA SER Y 105 -53.42 0.41 -39.81
C SER Y 105 -54.33 0.98 -40.90
N ASP Y 106 -55.51 1.46 -40.49
CA ASP Y 106 -56.50 1.93 -41.45
C ASP Y 106 -56.01 3.17 -42.19
N SER Y 107 -55.40 4.12 -41.49
CA SER Y 107 -54.89 5.32 -42.16
C SER Y 107 -53.77 4.97 -43.14
N ASP Y 108 -52.90 4.03 -42.76
CA ASP Y 108 -51.83 3.61 -43.65
C ASP Y 108 -52.39 2.97 -44.91
N LEU Y 109 -53.40 2.11 -44.75
CA LEU Y 109 -54.03 1.50 -45.91
C LEU Y 109 -54.71 2.55 -46.78
N ASP Y 110 -55.32 3.56 -46.16
CA ASP Y 110 -55.96 4.62 -46.92
C ASP Y 110 -54.93 5.38 -47.76
N SER Y 111 -53.79 5.72 -47.17
CA SER Y 111 -52.75 6.43 -47.92
C SER Y 111 -52.22 5.58 -49.06
N ILE Y 112 -51.96 4.30 -48.80
CA ILE Y 112 -51.44 3.43 -49.84
C ILE Y 112 -52.44 3.30 -50.99
N GLN Y 113 -53.72 3.15 -50.65
CA GLN Y 113 -54.73 3.04 -51.70
C GLN Y 113 -54.89 4.35 -52.45
N ASP Y 114 -54.67 5.48 -51.79
CA ASP Y 114 -54.69 6.76 -52.50
C ASP Y 114 -53.59 6.81 -53.55
N GLU Y 115 -52.38 6.36 -53.18
CA GLU Y 115 -51.31 6.32 -54.15
C GLU Y 115 -51.64 5.35 -55.31
N ILE Y 116 -52.23 4.20 -54.97
CA ILE Y 116 -52.63 3.24 -56.00
C ILE Y 116 -53.63 3.85 -56.96
N LYS Y 117 -54.63 4.55 -56.43
CA LYS Y 117 -55.63 5.17 -57.27
C LYS Y 117 -55.02 6.24 -58.16
N SER Y 118 -54.07 7.01 -57.63
CA SER Y 118 -53.40 8.01 -58.44
C SER Y 118 -52.67 7.37 -59.61
N ARG Y 119 -51.97 6.28 -59.36
CA ARG Y 119 -51.22 5.66 -60.45
C ARG Y 119 -52.14 4.97 -61.46
N LEU Y 120 -53.27 4.41 -61.01
CA LEU Y 120 -54.24 3.87 -61.95
C LEU Y 120 -54.83 4.98 -62.82
N ASP Y 121 -55.08 6.15 -62.22
CA ASP Y 121 -55.53 7.29 -63.00
C ASP Y 121 -54.49 7.69 -64.04
N GLU Y 122 -53.20 7.63 -63.67
CA GLU Y 122 -52.15 7.91 -64.64
C GLU Y 122 -52.17 6.92 -65.79
N ILE Y 123 -52.37 5.63 -65.48
CA ILE Y 123 -52.45 4.63 -66.55
C ILE Y 123 -53.57 4.98 -67.51
N ASP Y 124 -54.76 5.29 -66.96
CA ASP Y 124 -55.89 5.63 -67.80
C ASP Y 124 -55.62 6.89 -68.63
N ARG Y 125 -54.99 7.89 -68.02
CA ARG Y 125 -54.70 9.13 -68.72
C ARG Y 125 -53.73 8.92 -69.87
N VAL Y 126 -52.67 8.15 -69.63
CA VAL Y 126 -51.71 7.88 -70.70
C VAL Y 126 -52.39 7.12 -71.84
N SER Y 127 -53.21 6.13 -71.49
CA SER Y 127 -53.93 5.37 -72.51
C SER Y 127 -54.82 6.28 -73.35
N GLY Y 128 -55.55 7.17 -72.68
CA GLY Y 128 -56.46 8.05 -73.41
C GLY Y 128 -55.74 9.07 -74.28
N GLN Y 129 -54.64 9.63 -73.79
CA GLN Y 129 -54.02 10.78 -74.43
C GLN Y 129 -52.91 10.42 -75.39
N THR Y 130 -52.40 9.18 -75.38
CA THR Y 130 -51.39 8.80 -76.35
C THR Y 130 -51.95 8.88 -77.76
N GLN Y 131 -51.27 9.63 -78.63
CA GLN Y 131 -51.80 9.92 -79.96
C GLN Y 131 -50.67 9.99 -80.97
N PHE Y 132 -50.93 9.45 -82.17
CA PHE Y 132 -50.00 9.51 -83.29
C PHE Y 132 -50.78 9.95 -84.52
N ASN Y 133 -50.46 11.14 -85.03
CA ASN Y 133 -51.07 11.67 -86.25
C ASN Y 133 -52.59 11.69 -86.16
N GLY Y 134 -53.10 12.06 -84.99
CA GLY Y 134 -54.53 12.15 -84.80
C GLY Y 134 -55.24 10.84 -84.57
N VAL Y 135 -54.51 9.74 -84.36
CA VAL Y 135 -55.09 8.43 -84.11
C VAL Y 135 -54.71 8.00 -82.71
N ASN Y 136 -55.73 7.64 -81.92
CA ASN Y 136 -55.49 7.12 -80.57
C ASN Y 136 -55.12 5.65 -80.71
N VAL Y 137 -53.83 5.35 -80.56
CA VAL Y 137 -53.35 4.00 -80.80
C VAL Y 137 -53.83 3.04 -79.73
N LEU Y 138 -53.84 3.47 -78.47
CA LEU Y 138 -54.18 2.60 -77.36
C LEU Y 138 -55.65 2.64 -76.96
N ALA Y 139 -56.46 3.47 -77.60
CA ALA Y 139 -57.86 3.60 -77.24
C ALA Y 139 -58.79 2.79 -78.13
N LYS Y 140 -58.26 2.02 -79.07
CA LYS Y 140 -59.08 1.26 -80.00
C LYS Y 140 -58.53 -0.15 -80.12
N ASP Y 141 -59.41 -1.10 -80.44
CA ASP Y 141 -59.04 -2.50 -80.63
C ASP Y 141 -58.97 -2.88 -82.10
N GLY Y 142 -58.64 -1.94 -82.98
CA GLY Y 142 -58.63 -2.17 -84.40
C GLY Y 142 -57.27 -2.59 -84.93
N SER Y 143 -57.04 -2.28 -86.19
CA SER Y 143 -55.78 -2.62 -86.84
C SER Y 143 -55.49 -1.59 -87.92
N MET Y 144 -54.21 -1.49 -88.26
CA MET Y 144 -53.72 -0.60 -89.30
C MET Y 144 -53.13 -1.42 -90.43
N LYS Y 145 -53.35 -0.97 -91.66
CA LYS Y 145 -52.84 -1.65 -92.84
C LYS Y 145 -51.76 -0.78 -93.47
N ILE Y 146 -50.62 -1.37 -93.78
CA ILE Y 146 -49.49 -0.67 -94.36
C ILE Y 146 -49.22 -1.26 -95.74
N GLN Y 147 -49.19 -0.40 -96.75
CA GLN Y 147 -48.87 -0.81 -98.10
C GLN Y 147 -47.37 -0.96 -98.23
N VAL Y 148 -46.89 -2.17 -98.50
CA VAL Y 148 -45.47 -2.46 -98.56
C VAL Y 148 -45.01 -2.88 -99.95
N GLY Y 149 -45.91 -3.27 -100.84
CA GLY Y 149 -45.56 -3.54 -102.22
C GLY Y 149 -46.09 -2.48 -103.17
N ALA Y 150 -45.86 -2.71 -104.45
CA ALA Y 150 -46.26 -1.77 -105.49
C ALA Y 150 -47.59 -2.13 -106.14
N ASN Y 151 -48.19 -3.26 -105.78
CA ASN Y 151 -49.46 -3.69 -106.35
C ASN Y 151 -50.50 -3.81 -105.24
N ASP Y 152 -51.70 -4.26 -105.60
CA ASP Y 152 -52.79 -4.37 -104.65
C ASP Y 152 -52.64 -5.62 -103.80
N GLY Y 153 -52.92 -5.47 -102.50
CA GLY Y 153 -52.92 -6.57 -101.57
C GLY Y 153 -51.62 -6.79 -100.83
N GLU Y 154 -50.55 -6.08 -101.18
CA GLU Y 154 -49.27 -6.20 -100.48
C GLU Y 154 -49.33 -5.33 -99.23
N THR Y 155 -49.92 -5.88 -98.18
CA THR Y 155 -50.15 -5.13 -96.95
C THR Y 155 -49.63 -5.91 -95.75
N ILE Y 156 -49.24 -5.16 -94.72
CA ILE Y 156 -48.90 -5.71 -93.42
C ILE Y 156 -49.84 -5.09 -92.40
N THR Y 157 -50.41 -5.92 -91.54
CA THR Y 157 -51.41 -5.47 -90.57
C THR Y 157 -50.79 -5.39 -89.18
N ILE Y 158 -50.95 -4.25 -88.53
CA ILE Y 158 -50.56 -4.05 -87.15
C ILE Y 158 -51.82 -4.06 -86.30
N ASP Y 159 -51.88 -4.96 -85.33
CA ASP Y 159 -53.04 -5.06 -84.46
C ASP Y 159 -52.85 -4.21 -83.20
N LEU Y 160 -53.87 -3.42 -82.86
CA LEU Y 160 -53.85 -2.62 -81.66
C LEU Y 160 -54.87 -3.17 -80.67
N LYS Y 161 -54.59 -2.99 -79.38
CA LYS Y 161 -55.48 -3.45 -78.32
C LYS Y 161 -55.83 -2.28 -77.42
N LYS Y 162 -57.09 -2.26 -76.97
CA LYS Y 162 -57.56 -1.21 -76.09
C LYS Y 162 -57.02 -1.48 -74.70
N ILE Y 163 -55.96 -0.76 -74.34
CA ILE Y 163 -55.28 -0.94 -73.06
C ILE Y 163 -55.73 0.16 -72.12
N ASP Y 164 -56.41 -0.22 -71.04
CA ASP Y 164 -56.84 0.70 -70.01
C ASP Y 164 -57.18 -0.11 -68.77
N SER Y 165 -57.84 0.51 -67.80
CA SER Y 165 -58.24 -0.21 -66.61
C SER Y 165 -59.26 -1.31 -66.93
N ASP Y 166 -60.25 -0.99 -67.77
CA ASP Y 166 -61.35 -1.91 -67.98
C ASP Y 166 -60.89 -3.24 -68.57
N THR Y 167 -59.96 -3.20 -69.51
CA THR Y 167 -59.46 -4.41 -70.14
C THR Y 167 -58.38 -5.10 -69.32
N LEU Y 168 -57.99 -4.54 -68.18
CA LEU Y 168 -57.03 -5.17 -67.28
C LEU Y 168 -57.65 -5.46 -65.92
N GLY Y 169 -58.95 -5.26 -65.78
CA GLY Y 169 -59.58 -5.44 -64.48
C GLY Y 169 -59.32 -4.24 -63.59
N LEU Y 170 -58.93 -4.50 -62.36
CA LEU Y 170 -58.42 -3.48 -61.45
C LEU Y 170 -59.40 -2.33 -61.20
N ASN Y 171 -60.67 -2.47 -61.59
CA ASN Y 171 -61.61 -1.37 -61.48
C ASN Y 171 -61.79 -0.94 -60.02
N GLY Y 172 -62.40 -1.79 -59.22
CA GLY Y 172 -62.53 -1.51 -57.81
C GLY Y 172 -61.39 -2.13 -57.02
N PHE Y 173 -60.17 -1.65 -57.27
CA PHE Y 173 -58.99 -2.28 -56.71
C PHE Y 173 -58.87 -1.77 -55.27
N ASN Y 174 -59.78 -2.24 -54.41
CA ASN Y 174 -60.20 -1.60 -53.17
C ASN Y 174 -59.33 -1.91 -51.96
N VAL Y 175 -58.03 -2.16 -52.16
CA VAL Y 175 -57.15 -2.74 -51.14
C VAL Y 175 -57.34 -2.14 -49.75
N ASN Y 176 -57.86 -0.90 -49.68
CA ASN Y 176 -58.17 -0.30 -48.38
C ASN Y 176 -59.54 -0.72 -47.84
N GLY Y 177 -60.11 -1.82 -48.34
CA GLY Y 177 -61.44 -2.21 -47.92
C GLY Y 177 -61.49 -2.89 -46.57
N LYS Y 178 -62.32 -3.92 -46.44
CA LYS Y 178 -62.47 -4.64 -45.18
C LYS Y 178 -62.24 -6.13 -45.36
N GLY Y 179 -62.46 -6.64 -46.56
CA GLY Y 179 -62.29 -8.06 -46.79
C GLY Y 179 -63.37 -8.86 -46.09
N THR Y 180 -63.06 -10.15 -45.88
CA THR Y 180 -64.00 -11.05 -45.25
C THR Y 180 -64.30 -10.61 -43.82
N ILE Y 181 -65.58 -10.41 -43.52
CA ILE Y 181 -66.02 -9.92 -42.22
C ILE Y 181 -67.05 -10.91 -41.66
N THR Y 182 -66.88 -11.27 -40.39
CA THR Y 182 -67.83 -12.15 -39.73
C THR Y 182 -69.07 -11.37 -39.36
N ASN Y 183 -70.24 -11.90 -39.73
CA ASN Y 183 -71.49 -11.21 -39.48
C ASN Y 183 -72.05 -11.58 -38.11
N LYS Y 184 -72.80 -10.64 -37.53
CA LYS Y 184 -73.32 -10.83 -36.18
C LYS Y 184 -74.45 -11.84 -36.15
N ALA Y 185 -74.64 -12.47 -35.00
CA ALA Y 185 -75.69 -13.46 -34.83
C ALA Y 185 -77.06 -12.80 -34.78
N ALA Y 186 -78.06 -13.51 -35.29
CA ALA Y 186 -79.42 -13.00 -35.32
C ALA Y 186 -80.03 -13.01 -33.92
N THR Y 187 -81.11 -12.26 -33.77
CA THR Y 187 -81.84 -12.17 -32.50
C THR Y 187 -83.34 -12.16 -32.78
N VAL Y 188 -84.12 -12.11 -31.70
CA VAL Y 188 -85.57 -12.19 -31.84
C VAL Y 188 -86.12 -10.91 -32.48
N SER Y 189 -85.51 -9.76 -32.21
CA SER Y 189 -86.05 -8.51 -32.73
C SER Y 189 -86.01 -8.48 -34.26
N ASP Y 190 -84.84 -8.74 -34.85
CA ASP Y 190 -84.79 -8.76 -36.30
C ASP Y 190 -85.38 -10.04 -36.88
N LEU Y 191 -85.47 -11.11 -36.09
CA LEU Y 191 -86.23 -12.28 -36.53
C LEU Y 191 -87.68 -11.92 -36.78
N THR Y 192 -88.28 -11.16 -35.87
CA THR Y 192 -89.65 -10.69 -36.09
C THR Y 192 -89.72 -9.61 -37.15
N SER Y 193 -88.69 -8.77 -37.25
CA SER Y 193 -88.66 -7.76 -38.29
C SER Y 193 -88.65 -8.38 -39.69
N ALA Y 194 -88.02 -9.55 -39.83
CA ALA Y 194 -88.06 -10.27 -41.10
C ALA Y 194 -89.45 -10.77 -41.45
N GLY Y 195 -90.38 -10.80 -40.50
CA GLY Y 195 -91.75 -11.22 -40.74
C GLY Y 195 -92.15 -12.54 -40.12
N ALA Y 196 -91.31 -13.16 -39.31
CA ALA Y 196 -91.65 -14.44 -38.71
C ALA Y 196 -92.72 -14.27 -37.63
N LYS Y 197 -93.65 -15.21 -37.59
CA LYS Y 197 -94.70 -15.22 -36.58
C LYS Y 197 -94.29 -16.10 -35.40
N LEU Y 198 -95.05 -16.00 -34.31
CA LEU Y 198 -94.78 -16.73 -33.08
C LEU Y 198 -95.79 -17.87 -32.95
N ASN Y 199 -95.27 -19.10 -32.82
CA ASN Y 199 -96.11 -20.28 -32.67
C ASN Y 199 -96.36 -20.51 -31.19
N THR Y 200 -97.56 -20.19 -30.73
CA THR Y 200 -97.86 -20.25 -29.30
C THR Y 200 -97.83 -21.69 -28.77
N THR Y 201 -98.19 -22.66 -29.61
CA THR Y 201 -98.24 -24.04 -29.13
C THR Y 201 -96.86 -24.58 -28.79
N THR Y 202 -95.81 -24.08 -29.44
CA THR Y 202 -94.45 -24.54 -29.18
C THR Y 202 -93.50 -23.45 -28.71
N GLY Y 203 -93.84 -22.18 -28.88
CA GLY Y 203 -92.98 -21.09 -28.48
C GLY Y 203 -91.91 -20.72 -29.50
N LEU Y 204 -91.83 -21.44 -30.62
CA LEU Y 204 -90.84 -21.16 -31.64
C LEU Y 204 -91.32 -20.05 -32.56
N TYR Y 205 -90.46 -19.66 -33.50
CA TYR Y 205 -90.79 -18.63 -34.48
C TYR Y 205 -90.79 -19.25 -35.87
N ASP Y 206 -91.92 -19.11 -36.57
CA ASP Y 206 -92.09 -19.70 -37.90
C ASP Y 206 -91.94 -18.61 -38.95
N LEU Y 207 -91.04 -18.84 -39.89
CA LEU Y 207 -90.85 -17.95 -41.04
C LEU Y 207 -91.25 -18.70 -42.30
N LYS Y 208 -92.19 -18.13 -43.05
CA LYS Y 208 -92.73 -18.73 -44.26
C LYS Y 208 -92.29 -17.92 -45.46
N THR Y 209 -91.66 -18.58 -46.42
CA THR Y 209 -91.10 -17.93 -47.60
C THR Y 209 -91.96 -18.30 -48.80
N GLU Y 210 -92.77 -17.35 -49.27
CA GLU Y 210 -93.61 -17.58 -50.43
C GLU Y 210 -92.79 -17.54 -51.72
N ASN Y 211 -93.31 -18.19 -52.75
CA ASN Y 211 -92.72 -18.18 -54.08
C ASN Y 211 -93.74 -17.67 -55.08
N THR Y 212 -93.29 -16.82 -56.00
CA THR Y 212 -94.18 -16.34 -57.05
C THR Y 212 -94.39 -17.43 -58.08
N LEU Y 213 -95.62 -17.51 -58.60
CA LEU Y 213 -95.96 -18.54 -59.55
C LEU Y 213 -95.28 -18.26 -60.89
N LEU Y 214 -94.95 -19.34 -61.61
CA LEU Y 214 -94.22 -19.22 -62.86
C LEU Y 214 -95.04 -18.44 -63.88
N THR Y 215 -94.34 -17.61 -64.65
CA THR Y 215 -94.97 -16.74 -65.64
C THR Y 215 -94.36 -16.99 -67.02
N THR Y 216 -95.10 -16.57 -68.04
CA THR Y 216 -94.69 -16.83 -69.42
C THR Y 216 -93.40 -16.10 -69.76
N ASP Y 217 -93.22 -14.88 -69.26
CA ASP Y 217 -91.98 -14.16 -69.53
C ASP Y 217 -90.77 -14.87 -68.92
N ALA Y 218 -90.91 -15.36 -67.68
CA ALA Y 218 -89.83 -16.12 -67.07
C ALA Y 218 -89.55 -17.41 -67.83
N ALA Y 219 -90.61 -18.07 -68.30
CA ALA Y 219 -90.43 -19.27 -69.10
C ALA Y 219 -89.68 -18.96 -70.39
N PHE Y 220 -90.01 -17.84 -71.04
CA PHE Y 220 -89.32 -17.46 -72.26
C PHE Y 220 -87.86 -17.14 -71.97
N ASP Y 221 -87.58 -16.49 -70.84
CA ASP Y 221 -86.18 -16.24 -70.47
C ASP Y 221 -85.44 -17.55 -70.26
N LYS Y 222 -86.10 -18.54 -69.67
CA LYS Y 222 -85.49 -19.84 -69.44
C LYS Y 222 -85.54 -20.75 -70.66
N LEU Y 223 -86.15 -20.31 -71.75
CA LEU Y 223 -86.27 -21.15 -72.94
C LEU Y 223 -84.90 -21.44 -73.54
N GLY Y 224 -84.76 -22.64 -74.12
CA GLY Y 224 -83.53 -23.05 -74.75
C GLY Y 224 -83.78 -23.58 -76.15
N ASN Y 225 -82.69 -24.03 -76.77
CA ASN Y 225 -82.77 -24.56 -78.13
C ASN Y 225 -83.59 -25.84 -78.17
N GLY Y 226 -84.42 -25.97 -79.20
CA GLY Y 226 -85.24 -27.14 -79.38
C GLY Y 226 -86.50 -27.18 -78.55
N ASP Y 227 -86.78 -26.14 -77.78
CA ASP Y 227 -87.97 -26.12 -76.95
C ASP Y 227 -89.22 -25.97 -77.80
N LYS Y 228 -90.34 -26.47 -77.28
CA LYS Y 228 -91.61 -26.48 -77.99
C LYS Y 228 -92.65 -25.69 -77.21
N VAL Y 229 -93.29 -24.75 -77.88
CA VAL Y 229 -94.38 -23.97 -77.28
C VAL Y 229 -95.61 -24.16 -78.15
N THR Y 230 -96.68 -24.69 -77.56
CA THR Y 230 -97.93 -24.93 -78.27
C THR Y 230 -99.01 -24.08 -77.63
N VAL Y 231 -99.42 -23.03 -78.33
CA VAL Y 231 -100.46 -22.12 -77.86
C VAL Y 231 -101.53 -22.01 -78.95
N GLY Y 232 -102.79 -22.15 -78.55
CA GLY Y 232 -103.88 -22.11 -79.50
C GLY Y 232 -103.81 -23.19 -80.55
N GLY Y 233 -103.28 -24.36 -80.20
CA GLY Y 233 -103.17 -25.46 -81.15
C GLY Y 233 -102.07 -25.31 -82.18
N VAL Y 234 -101.21 -24.30 -82.04
CA VAL Y 234 -100.13 -24.06 -82.99
C VAL Y 234 -98.81 -24.29 -82.28
N ASP Y 235 -97.95 -25.12 -82.90
CA ASP Y 235 -96.69 -25.50 -82.31
C ASP Y 235 -95.56 -24.66 -82.89
N TYR Y 236 -94.69 -24.16 -82.02
CA TYR Y 236 -93.54 -23.36 -82.41
C TYR Y 236 -92.29 -23.96 -81.78
N THR Y 237 -91.21 -24.03 -82.54
CA THR Y 237 -89.95 -24.58 -82.08
C THR Y 237 -88.94 -23.45 -81.93
N TYR Y 238 -88.38 -23.32 -80.73
CA TYR Y 238 -87.41 -22.27 -80.46
C TYR Y 238 -86.09 -22.57 -81.13
N ASN Y 239 -85.39 -21.51 -81.53
CA ASN Y 239 -84.10 -21.60 -82.20
C ASN Y 239 -83.05 -20.87 -81.40
N ALA Y 240 -81.87 -21.48 -81.30
CA ALA Y 240 -80.76 -20.87 -80.56
C ALA Y 240 -80.07 -19.76 -81.34
N LYS Y 241 -80.24 -19.72 -82.67
CA LYS Y 241 -79.56 -18.70 -83.47
C LYS Y 241 -80.05 -17.30 -83.11
N SER Y 242 -81.36 -17.15 -82.90
CA SER Y 242 -81.93 -15.86 -82.57
C SER Y 242 -83.23 -16.09 -81.81
N GLY Y 243 -83.72 -15.02 -81.18
CA GLY Y 243 -84.94 -15.10 -80.39
C GLY Y 243 -86.18 -15.18 -81.25
N ASP Y 244 -86.36 -16.29 -81.96
CA ASP Y 244 -87.51 -16.46 -82.83
C ASP Y 244 -87.95 -17.92 -82.83
N PHE Y 245 -89.18 -18.14 -83.28
CA PHE Y 245 -89.77 -19.46 -83.37
C PHE Y 245 -89.92 -19.87 -84.82
N THR Y 246 -89.67 -21.15 -85.09
CA THR Y 246 -89.90 -21.74 -86.40
C THR Y 246 -91.10 -22.68 -86.31
N THR Y 247 -92.10 -22.46 -87.16
CA THR Y 247 -93.32 -23.24 -87.15
C THR Y 247 -93.61 -23.74 -88.56
N THR Y 248 -94.44 -24.77 -88.64
CA THR Y 248 -94.85 -25.34 -89.91
C THR Y 248 -96.27 -24.88 -90.23
N LYS Y 249 -96.42 -24.17 -91.34
CA LYS Y 249 -97.72 -23.71 -91.81
C LYS Y 249 -98.11 -24.54 -93.02
N SER Y 250 -99.25 -25.23 -92.91
CA SER Y 250 -99.70 -26.13 -93.94
C SER Y 250 -101.20 -25.97 -94.14
N THR Y 251 -101.68 -26.45 -95.29
CA THR Y 251 -103.09 -26.40 -95.61
C THR Y 251 -103.92 -27.20 -94.61
N ALA Y 258 -113.44 -34.49 -100.21
CA ALA Y 258 -113.04 -33.88 -101.49
C ALA Y 258 -113.97 -32.72 -101.84
N ALA Y 259 -115.28 -33.00 -101.89
CA ALA Y 259 -116.27 -31.99 -102.21
C ALA Y 259 -116.65 -31.15 -101.00
N ALA Y 260 -116.12 -31.43 -99.83
CA ALA Y 260 -116.42 -30.67 -98.63
C ALA Y 260 -115.61 -29.37 -98.63
N GLN Y 261 -115.61 -28.67 -97.50
CA GLN Y 261 -114.92 -27.39 -97.40
C GLN Y 261 -113.40 -27.54 -97.42
N ALA Y 262 -112.87 -28.76 -97.35
CA ALA Y 262 -111.42 -28.94 -97.29
C ALA Y 262 -110.73 -28.43 -98.55
N ALA Y 263 -111.24 -28.84 -99.73
CA ALA Y 263 -110.63 -28.41 -100.99
C ALA Y 263 -110.79 -26.91 -101.20
N ASP Y 264 -111.95 -26.37 -100.82
CA ASP Y 264 -112.16 -24.93 -100.91
C ASP Y 264 -111.17 -24.17 -100.03
N SER Y 265 -110.96 -24.65 -98.80
CA SER Y 265 -110.00 -24.02 -97.92
C SER Y 265 -108.59 -24.13 -98.47
N ALA Y 266 -108.25 -25.26 -99.08
CA ALA Y 266 -106.93 -25.41 -99.69
C ALA Y 266 -106.74 -24.39 -100.80
N SER Y 267 -107.74 -24.24 -101.67
CA SER Y 267 -107.64 -23.29 -102.77
C SER Y 267 -107.52 -21.85 -102.26
N LYS Y 268 -108.34 -21.49 -101.26
CA LYS Y 268 -108.28 -20.13 -100.73
C LYS Y 268 -106.95 -19.87 -100.03
N ARG Y 269 -106.41 -20.86 -99.32
CA ARG Y 269 -105.12 -20.67 -98.66
C ARG Y 269 -104.01 -20.52 -99.68
N ASP Y 270 -104.04 -21.30 -100.76
CA ASP Y 270 -103.05 -21.13 -101.82
C ASP Y 270 -103.18 -19.75 -102.46
N ALA Y 271 -104.41 -19.28 -102.67
CA ALA Y 271 -104.61 -17.94 -103.23
C ALA Y 271 -104.08 -16.87 -102.29
N LEU Y 272 -104.28 -17.04 -100.98
CA LEU Y 272 -103.77 -16.08 -100.01
C LEU Y 272 -102.24 -16.06 -100.01
N ALA Y 273 -101.60 -17.23 -100.09
CA ALA Y 273 -100.15 -17.27 -100.18
C ALA Y 273 -99.66 -16.58 -101.44
N ALA Y 274 -100.36 -16.81 -102.56
CA ALA Y 274 -99.98 -16.15 -103.81
C ALA Y 274 -100.12 -14.64 -103.70
N THR Y 275 -101.20 -14.15 -103.07
CA THR Y 275 -101.35 -12.72 -102.88
C THR Y 275 -100.25 -12.17 -101.97
N LEU Y 276 -99.88 -12.92 -100.93
CA LEU Y 276 -98.83 -12.47 -100.03
C LEU Y 276 -97.50 -12.34 -100.76
N HIS Y 277 -97.18 -13.29 -101.63
CA HIS Y 277 -95.90 -13.19 -102.35
C HIS Y 277 -96.01 -12.36 -103.63
N ALA Y 278 -97.20 -11.87 -103.98
CA ALA Y 278 -97.32 -11.02 -105.16
C ALA Y 278 -96.40 -9.81 -105.09
N ASP Y 279 -96.34 -9.16 -103.92
CA ASP Y 279 -95.47 -8.01 -103.74
C ASP Y 279 -94.06 -8.49 -103.41
N VAL Y 280 -93.13 -8.25 -104.33
CA VAL Y 280 -91.74 -8.64 -104.14
C VAL Y 280 -90.78 -7.48 -104.33
N GLY Y 281 -91.30 -6.24 -104.39
CA GLY Y 281 -90.44 -5.11 -104.68
C GLY Y 281 -89.90 -5.19 -106.10
N LYS Y 282 -88.62 -5.51 -106.23
CA LYS Y 282 -88.01 -5.74 -107.53
C LYS Y 282 -87.99 -7.23 -107.83
N SER Y 283 -87.32 -7.62 -108.91
CA SER Y 283 -87.31 -9.01 -109.33
C SER Y 283 -86.61 -9.89 -108.31
N VAL Y 284 -87.13 -11.10 -108.12
CA VAL Y 284 -86.58 -12.07 -107.19
C VAL Y 284 -86.42 -13.40 -107.90
N ASN Y 285 -85.64 -14.29 -107.29
CA ASN Y 285 -85.35 -15.60 -107.88
C ASN Y 285 -86.16 -16.70 -107.20
N GLY Y 286 -86.43 -17.76 -107.94
CA GLY Y 286 -87.07 -18.94 -107.39
C GLY Y 286 -86.69 -20.16 -108.20
N SER Y 287 -86.85 -21.33 -107.58
CA SER Y 287 -86.53 -22.59 -108.23
C SER Y 287 -87.69 -23.57 -108.04
N TYR Y 288 -88.29 -24.00 -109.15
CA TYR Y 288 -89.38 -24.97 -109.13
C TYR Y 288 -88.85 -26.27 -109.71
N THR Y 289 -88.99 -27.36 -108.95
CA THR Y 289 -88.50 -28.65 -109.40
C THR Y 289 -89.57 -29.72 -109.20
N THR Y 290 -89.78 -30.53 -110.23
CA THR Y 290 -90.64 -31.69 -110.14
C THR Y 290 -89.80 -32.91 -109.78
N LYS Y 291 -90.38 -34.10 -109.90
CA LYS Y 291 -89.63 -35.31 -109.60
C LYS Y 291 -88.51 -35.57 -110.58
N ASP Y 292 -88.54 -34.92 -111.75
CA ASP Y 292 -87.60 -35.23 -112.82
C ASP Y 292 -86.75 -34.05 -113.27
N GLY Y 293 -87.15 -32.82 -113.00
CA GLY Y 293 -86.44 -31.68 -113.56
C GLY Y 293 -86.41 -30.49 -112.62
N THR Y 294 -85.55 -29.54 -112.95
CA THR Y 294 -85.38 -28.31 -112.20
C THR Y 294 -85.48 -27.12 -113.15
N VAL Y 295 -86.16 -26.05 -112.71
CA VAL Y 295 -86.31 -24.82 -113.48
C VAL Y 295 -86.04 -23.64 -112.56
N SER Y 296 -85.26 -22.69 -113.03
CA SER Y 296 -84.99 -21.45 -112.30
C SER Y 296 -85.77 -20.33 -112.97
N PHE Y 297 -86.63 -19.65 -112.20
CA PHE Y 297 -87.50 -18.63 -112.75
C PHE Y 297 -87.36 -17.34 -111.96
N GLU Y 298 -87.40 -16.22 -112.68
CA GLU Y 298 -87.28 -14.89 -112.10
C GLU Y 298 -88.68 -14.31 -111.91
N THR Y 299 -89.15 -14.31 -110.67
CA THR Y 299 -90.44 -13.71 -110.36
C THR Y 299 -90.34 -12.19 -110.41
N ASP Y 300 -91.37 -11.57 -110.97
CA ASP Y 300 -91.44 -10.12 -111.12
C ASP Y 300 -92.43 -9.54 -110.11
N SER Y 301 -92.47 -8.22 -110.06
CA SER Y 301 -93.41 -7.53 -109.19
C SER Y 301 -94.85 -7.82 -109.63
N ALA Y 302 -95.74 -7.86 -108.64
CA ALA Y 302 -97.17 -8.14 -108.81
C ALA Y 302 -97.45 -9.55 -109.30
N GLY Y 303 -96.42 -10.39 -109.43
CA GLY Y 303 -96.63 -11.78 -109.78
C GLY Y 303 -96.46 -12.08 -111.26
N ASN Y 304 -95.32 -12.70 -111.61
CA ASN Y 304 -95.06 -13.09 -112.99
C ASN Y 304 -93.92 -14.11 -112.98
N ILE Y 305 -93.80 -14.82 -114.10
CA ILE Y 305 -92.74 -15.81 -114.29
C ILE Y 305 -91.93 -15.41 -115.51
N THR Y 306 -90.61 -15.36 -115.36
CA THR Y 306 -89.72 -14.99 -116.44
C THR Y 306 -88.48 -15.87 -116.39
N ILE Y 307 -88.21 -16.56 -117.49
CA ILE Y 307 -87.02 -17.41 -117.61
C ILE Y 307 -86.22 -16.95 -118.82
N GLY Y 308 -84.93 -16.72 -118.62
CA GLY Y 308 -84.06 -16.30 -119.71
C GLY Y 308 -84.47 -14.97 -120.33
N GLY Y 309 -85.00 -14.06 -119.53
CA GLY Y 309 -85.43 -12.77 -120.02
C GLY Y 309 -86.74 -12.77 -120.78
N SER Y 310 -87.44 -13.90 -120.82
CA SER Y 310 -88.69 -14.02 -121.57
C SER Y 310 -89.77 -14.58 -120.65
N GLN Y 311 -91.02 -14.18 -120.92
CA GLN Y 311 -92.14 -14.65 -120.13
C GLN Y 311 -92.33 -16.15 -120.34
N ALA Y 312 -92.61 -16.86 -119.25
CA ALA Y 312 -92.79 -18.30 -119.28
C ALA Y 312 -94.23 -18.65 -118.93
N TYR Y 313 -94.67 -19.80 -119.44
CA TYR Y 313 -96.03 -20.28 -119.24
C TYR Y 313 -96.00 -21.64 -118.56
N VAL Y 314 -97.02 -21.90 -117.75
CA VAL Y 314 -97.10 -23.12 -116.96
C VAL Y 314 -98.01 -24.12 -117.67
N ASP Y 315 -97.55 -25.36 -117.79
CA ASP Y 315 -98.33 -26.41 -118.41
C ASP Y 315 -99.47 -26.84 -117.49
N ASP Y 316 -100.51 -27.43 -118.09
CA ASP Y 316 -101.68 -27.83 -117.30
C ASP Y 316 -101.32 -28.90 -116.28
N ALA Y 317 -100.46 -29.85 -116.65
CA ALA Y 317 -100.04 -30.89 -115.73
C ALA Y 317 -99.13 -30.35 -114.63
N GLY Y 318 -98.58 -29.14 -114.81
CA GLY Y 318 -97.71 -28.53 -113.83
C GLY Y 318 -96.32 -28.20 -114.32
N ASN Y 319 -95.96 -28.59 -115.54
CA ASN Y 319 -94.64 -28.28 -116.06
C ASN Y 319 -94.52 -26.81 -116.40
N LEU Y 320 -93.28 -26.33 -116.41
CA LEU Y 320 -92.98 -24.93 -116.72
C LEU Y 320 -92.19 -24.87 -118.02
N THR Y 321 -92.64 -24.03 -118.96
CA THR Y 321 -92.00 -23.90 -120.26
C THR Y 321 -92.01 -22.45 -120.69
N THR Y 322 -91.12 -22.12 -121.62
CA THR Y 322 -90.98 -20.76 -122.13
C THR Y 322 -91.86 -20.49 -123.35
N ASN Y 323 -92.52 -21.50 -123.90
CA ASN Y 323 -93.36 -21.32 -125.07
C ASN Y 323 -94.74 -21.92 -124.82
N ASN Y 324 -95.77 -21.27 -125.34
CA ASN Y 324 -97.13 -21.72 -125.13
C ASN Y 324 -97.48 -22.84 -126.09
N ALA Y 325 -98.19 -23.85 -125.58
CA ALA Y 325 -98.65 -24.98 -126.37
C ALA Y 325 -100.11 -25.24 -126.04
N GLY Y 326 -100.93 -25.39 -127.08
CA GLY Y 326 -102.34 -25.64 -126.86
C GLY Y 326 -103.12 -24.45 -126.36
N SER Y 327 -102.61 -23.23 -126.56
CA SER Y 327 -103.29 -22.00 -126.15
C SER Y 327 -103.62 -22.02 -124.65
N ALA Y 328 -102.69 -22.54 -123.85
CA ALA Y 328 -102.84 -22.60 -122.40
C ALA Y 328 -101.56 -22.04 -121.78
N ALA Y 329 -101.53 -20.71 -121.60
CA ALA Y 329 -100.35 -20.03 -121.09
C ALA Y 329 -100.46 -19.72 -119.60
N LYS Y 330 -101.50 -18.99 -119.21
CA LYS Y 330 -101.80 -18.59 -117.83
C LYS Y 330 -100.52 -18.24 -117.07
N ALA Y 331 -99.78 -17.27 -117.62
CA ALA Y 331 -98.48 -16.88 -117.08
C ALA Y 331 -98.69 -16.06 -115.81
N ASP Y 332 -98.99 -16.76 -114.73
CA ASP Y 332 -99.16 -16.14 -113.42
C ASP Y 332 -98.73 -17.12 -112.34
N MET Y 333 -98.14 -16.59 -111.28
CA MET Y 333 -97.70 -17.46 -110.19
C MET Y 333 -98.87 -18.05 -109.43
N LYS Y 334 -100.00 -17.33 -109.37
CA LYS Y 334 -101.22 -17.92 -108.84
C LYS Y 334 -101.63 -19.15 -109.64
N ALA Y 335 -101.59 -19.04 -110.98
CA ALA Y 335 -101.93 -20.18 -111.81
C ALA Y 335 -100.93 -21.31 -111.65
N LEU Y 336 -99.65 -20.98 -111.51
CA LEU Y 336 -98.64 -22.01 -111.29
C LEU Y 336 -98.89 -22.76 -109.99
N LEU Y 337 -99.17 -22.03 -108.91
CA LEU Y 337 -99.46 -22.67 -107.63
C LEU Y 337 -100.71 -23.54 -107.71
N LYS Y 338 -101.76 -23.03 -108.35
CA LYS Y 338 -102.99 -23.81 -108.48
C LYS Y 338 -102.76 -25.07 -109.30
N ALA Y 339 -102.02 -24.95 -110.40
CA ALA Y 339 -101.74 -26.12 -111.23
C ALA Y 339 -100.90 -27.14 -110.49
N ALA Y 340 -99.91 -26.68 -109.71
CA ALA Y 340 -99.11 -27.60 -108.92
C ALA Y 340 -99.97 -28.31 -107.88
N SER Y 341 -100.85 -27.56 -107.20
CA SER Y 341 -101.70 -28.15 -106.18
C SER Y 341 -102.66 -29.18 -106.79
N GLU Y 342 -103.25 -28.87 -107.93
CA GLU Y 342 -104.23 -29.74 -108.56
C GLU Y 342 -103.59 -30.80 -109.45
N GLY Y 343 -102.27 -30.79 -109.62
CA GLY Y 343 -101.63 -31.73 -110.51
C GLY Y 343 -101.65 -33.14 -109.98
N SER Y 344 -101.46 -34.08 -110.90
CA SER Y 344 -101.42 -35.49 -110.52
C SER Y 344 -100.21 -35.79 -109.64
N ASP Y 345 -99.09 -35.11 -109.89
CA ASP Y 345 -97.86 -35.35 -109.16
C ASP Y 345 -97.42 -34.07 -108.46
N GLY Y 346 -96.95 -34.22 -107.21
CA GLY Y 346 -96.47 -33.08 -106.47
C GLY Y 346 -95.08 -32.64 -106.89
N ALA Y 347 -94.71 -31.44 -106.43
CA ALA Y 347 -93.42 -30.87 -106.75
C ALA Y 347 -92.93 -30.04 -105.57
N SER Y 348 -91.68 -29.61 -105.66
CA SER Y 348 -91.04 -28.81 -104.62
C SER Y 348 -90.65 -27.45 -105.20
N LEU Y 349 -91.04 -26.38 -104.51
CA LEU Y 349 -90.77 -25.03 -104.98
C LEU Y 349 -90.06 -24.25 -103.88
N THR Y 350 -88.87 -23.74 -104.19
CA THR Y 350 -88.05 -22.99 -103.24
C THR Y 350 -88.05 -21.53 -103.65
N PHE Y 351 -88.38 -20.65 -102.72
CA PHE Y 351 -88.46 -19.23 -102.98
C PHE Y 351 -87.09 -18.61 -102.68
N ASN Y 352 -87.04 -17.28 -102.58
CA ASN Y 352 -85.79 -16.60 -102.26
C ASN Y 352 -85.21 -17.07 -100.94
N GLY Y 353 -86.02 -17.04 -99.88
CA GLY Y 353 -85.56 -17.45 -98.56
C GLY Y 353 -86.06 -18.80 -98.10
N THR Y 354 -87.35 -19.07 -98.30
CA THR Y 354 -87.99 -20.26 -97.78
C THR Y 354 -88.24 -21.28 -98.88
N GLU Y 355 -88.65 -22.48 -98.47
CA GLU Y 355 -88.96 -23.58 -99.37
C GLU Y 355 -90.41 -24.01 -99.13
N TYR Y 356 -91.13 -24.26 -100.23
CA TYR Y 356 -92.53 -24.65 -100.17
C TYR Y 356 -92.68 -26.03 -100.78
N THR Y 357 -93.42 -26.90 -100.09
CA THR Y 357 -93.67 -28.26 -100.55
C THR Y 357 -95.14 -28.41 -100.92
N ILE Y 358 -95.39 -29.00 -102.09
CA ILE Y 358 -96.74 -29.15 -102.63
C ILE Y 358 -97.16 -30.60 -102.48
N ALA Y 359 -98.26 -30.84 -101.78
CA ALA Y 359 -98.78 -32.19 -101.61
C ALA Y 359 -99.40 -32.69 -102.91
N LYS Y 360 -99.28 -34.00 -103.14
CA LYS Y 360 -99.83 -34.62 -104.33
C LYS Y 360 -101.35 -34.55 -104.35
N GLY Y 376 -102.45 -29.60 -101.23
CA GLY Y 376 -102.14 -28.67 -100.17
C GLY Y 376 -100.74 -28.10 -100.27
N ILE Y 377 -100.46 -27.06 -99.48
CA ILE Y 377 -99.16 -26.40 -99.46
C ILE Y 377 -98.63 -26.43 -98.03
N THR Y 378 -97.33 -26.67 -97.88
CA THR Y 378 -96.70 -26.60 -96.56
C THR Y 378 -95.39 -25.84 -96.67
N TYR Y 379 -95.03 -25.14 -95.60
CA TYR Y 379 -93.80 -24.35 -95.59
C TYR Y 379 -93.41 -24.06 -94.15
N GLN Y 380 -92.10 -23.96 -93.93
CA GLN Y 380 -91.55 -23.69 -92.59
C GLN Y 380 -91.45 -22.19 -92.42
N ALA Y 381 -92.49 -21.59 -91.84
CA ALA Y 381 -92.49 -20.17 -91.58
C ALA Y 381 -91.74 -19.86 -90.28
N THR Y 382 -91.32 -18.61 -90.14
CA THR Y 382 -90.65 -18.13 -88.94
C THR Y 382 -91.43 -16.94 -88.39
N VAL Y 383 -91.74 -16.99 -87.10
CA VAL Y 383 -92.44 -15.91 -86.41
C VAL Y 383 -91.69 -15.59 -85.13
N SER Y 384 -91.54 -14.30 -84.83
CA SER Y 384 -90.77 -13.88 -83.67
C SER Y 384 -91.46 -14.32 -82.38
N LYS Y 385 -90.64 -14.60 -81.37
CA LYS Y 385 -91.16 -15.09 -80.09
C LYS Y 385 -91.95 -14.04 -79.34
N ASP Y 386 -91.76 -12.75 -79.66
CA ASP Y 386 -92.52 -11.71 -78.99
C ASP Y 386 -94.01 -11.83 -79.28
N VAL Y 387 -94.36 -12.15 -80.54
CA VAL Y 387 -95.77 -12.34 -80.88
C VAL Y 387 -96.35 -13.51 -80.09
N VAL Y 388 -95.60 -14.62 -80.00
CA VAL Y 388 -96.09 -15.80 -79.31
C VAL Y 388 -96.31 -15.50 -77.83
N LEU Y 389 -95.34 -14.85 -77.19
CA LEU Y 389 -95.48 -14.55 -75.77
C LEU Y 389 -96.61 -13.56 -75.53
N SER Y 390 -96.76 -12.57 -76.41
CA SER Y 390 -97.84 -11.60 -76.23
C SER Y 390 -99.21 -12.27 -76.38
N GLU Y 391 -99.37 -13.14 -77.38
CA GLU Y 391 -100.66 -13.80 -77.55
C GLU Y 391 -100.93 -14.80 -76.45
N THR Y 392 -99.89 -15.42 -75.88
CA THR Y 392 -100.10 -16.29 -74.73
C THR Y 392 -100.51 -15.49 -73.50
N LYS Y 393 -99.86 -14.34 -73.28
CA LYS Y 393 -100.12 -13.58 -72.06
C LYS Y 393 -101.47 -12.87 -72.11
N ALA Y 394 -101.81 -12.26 -73.24
CA ALA Y 394 -103.00 -11.42 -73.32
C ALA Y 394 -104.28 -12.24 -73.24
N ALA Y 395 -104.35 -13.32 -74.01
CA ALA Y 395 -105.57 -14.10 -74.13
C ALA Y 395 -105.63 -15.17 -73.06
N ALA Y 396 -106.86 -15.57 -72.73
CA ALA Y 396 -107.10 -16.63 -71.74
C ALA Y 396 -107.05 -18.00 -72.41
N ALA Y 397 -105.88 -18.29 -72.99
CA ALA Y 397 -105.66 -19.54 -73.71
C ALA Y 397 -105.05 -20.59 -72.78
N THR Y 398 -104.75 -21.75 -73.34
CA THR Y 398 -104.12 -22.86 -72.62
C THR Y 398 -102.87 -23.26 -73.39
N SER Y 399 -101.74 -22.67 -73.01
CA SER Y 399 -100.48 -22.94 -73.69
C SER Y 399 -99.73 -24.09 -73.01
N SER Y 400 -98.81 -24.69 -73.73
CA SER Y 400 -97.96 -25.75 -73.22
C SER Y 400 -96.52 -25.46 -73.57
N ILE Y 401 -95.63 -25.53 -72.59
CA ILE Y 401 -94.21 -25.24 -72.78
C ILE Y 401 -93.41 -26.47 -72.40
N THR Y 402 -92.50 -26.88 -73.29
CA THR Y 402 -91.67 -28.06 -73.07
C THR Y 402 -90.22 -27.63 -72.94
N PHE Y 403 -89.59 -27.99 -71.84
CA PHE Y 403 -88.17 -27.79 -71.63
C PHE Y 403 -87.43 -29.09 -71.91
N ASN Y 404 -86.43 -29.02 -72.79
CA ASN Y 404 -85.65 -30.18 -73.19
C ASN Y 404 -84.17 -29.85 -73.01
N SER Y 405 -83.46 -30.71 -72.27
CA SER Y 405 -82.02 -30.62 -72.14
C SER Y 405 -81.30 -31.55 -73.11
N GLY Y 406 -82.02 -32.14 -74.06
CA GLY Y 406 -81.50 -33.13 -74.96
C GLY Y 406 -81.78 -34.55 -74.52
N VAL Y 407 -81.91 -34.78 -73.21
CA VAL Y 407 -82.27 -36.07 -72.66
C VAL Y 407 -83.51 -35.96 -71.77
N LEU Y 408 -83.51 -34.98 -70.87
CA LEU Y 408 -84.56 -34.82 -69.88
C LEU Y 408 -85.57 -33.81 -70.40
N SER Y 409 -86.85 -34.16 -70.32
CA SER Y 409 -87.92 -33.34 -70.87
C SER Y 409 -89.01 -33.12 -69.82
N LYS Y 410 -89.55 -31.90 -69.78
CA LYS Y 410 -90.66 -31.59 -68.91
C LYS Y 410 -91.66 -30.71 -69.64
N THR Y 411 -92.94 -31.06 -69.54
CA THR Y 411 -94.02 -30.30 -70.18
C THR Y 411 -94.87 -29.65 -69.10
N ILE Y 412 -95.10 -28.35 -69.22
CA ILE Y 412 -95.83 -27.57 -68.24
C ILE Y 412 -96.97 -26.85 -68.94
N GLY Y 413 -98.18 -26.96 -68.38
CA GLY Y 413 -99.32 -26.22 -68.89
C GLY Y 413 -99.38 -24.83 -68.28
N PHE Y 414 -99.88 -23.88 -69.06
CA PHE Y 414 -99.94 -22.48 -68.67
C PHE Y 414 -101.29 -21.90 -69.04
N THR Y 415 -101.88 -21.17 -68.09
CA THR Y 415 -103.06 -20.36 -68.34
C THR Y 415 -102.61 -18.97 -68.77
N ALA Y 416 -103.50 -17.98 -68.71
CA ALA Y 416 -103.19 -16.63 -69.18
C ALA Y 416 -102.23 -15.97 -68.19
N GLY Y 417 -100.95 -16.32 -68.33
CA GLY Y 417 -99.89 -15.75 -67.52
C GLY Y 417 -99.41 -16.59 -66.37
N GLU Y 418 -100.15 -17.64 -66.01
CA GLU Y 418 -99.81 -18.50 -64.88
C GLU Y 418 -99.88 -19.95 -65.31
N SER Y 419 -99.65 -20.86 -64.38
CA SER Y 419 -99.70 -22.29 -64.62
C SER Y 419 -100.92 -22.87 -63.93
N SER Y 420 -101.78 -23.54 -64.71
CA SER Y 420 -103.02 -24.11 -64.20
C SER Y 420 -103.07 -25.63 -64.34
N ASP Y 421 -101.92 -26.28 -64.55
CA ASP Y 421 -101.88 -27.71 -64.80
C ASP Y 421 -101.80 -28.55 -63.53
N ALA Y 422 -102.27 -28.01 -62.40
CA ALA Y 422 -102.21 -28.69 -61.11
C ALA Y 422 -100.78 -29.02 -60.71
N ALA Y 423 -99.82 -28.23 -61.22
CA ALA Y 423 -98.42 -28.38 -60.90
C ALA Y 423 -97.93 -27.16 -60.14
N LYS Y 424 -96.89 -27.35 -59.33
CA LYS Y 424 -96.42 -26.28 -58.45
C LYS Y 424 -95.75 -25.17 -59.25
N SER Y 425 -94.64 -25.48 -59.92
CA SER Y 425 -94.01 -24.62 -60.91
C SER Y 425 -93.68 -23.23 -60.33
N TYR Y 426 -92.74 -23.24 -59.38
CA TYR Y 426 -92.27 -22.01 -58.76
C TYR Y 426 -90.79 -21.80 -59.05
N VAL Y 427 -90.41 -20.54 -59.20
CA VAL Y 427 -89.08 -20.17 -59.68
C VAL Y 427 -88.47 -19.09 -58.78
N ASP Y 428 -89.27 -18.60 -57.83
CA ASP Y 428 -88.93 -17.36 -57.13
C ASP Y 428 -87.64 -17.47 -56.31
N ASP Y 429 -87.21 -18.68 -55.95
CA ASP Y 429 -86.09 -18.82 -55.02
C ASP Y 429 -84.80 -18.22 -55.55
N LYS Y 430 -84.23 -18.80 -56.60
CA LYS Y 430 -83.02 -18.26 -57.20
C LYS Y 430 -83.00 -18.40 -58.72
N GLY Y 431 -84.11 -18.82 -59.33
CA GLY Y 431 -84.12 -19.19 -60.73
C GLY Y 431 -84.20 -20.69 -60.91
N GLY Y 432 -84.83 -21.10 -61.99
CA GLY Y 432 -85.12 -22.50 -62.22
C GLY Y 432 -86.41 -22.93 -61.54
N ILE Y 433 -87.03 -23.96 -62.11
CA ILE Y 433 -88.35 -24.40 -61.68
C ILE Y 433 -88.16 -25.46 -60.59
N THR Y 434 -88.42 -25.06 -59.35
CA THR Y 434 -88.20 -25.94 -58.20
C THR Y 434 -89.49 -26.54 -57.65
N ASN Y 435 -90.64 -26.21 -58.24
CA ASN Y 435 -91.93 -26.84 -57.98
C ASN Y 435 -92.17 -27.18 -56.50
N VAL Y 436 -91.78 -26.26 -55.62
CA VAL Y 436 -92.07 -26.37 -54.20
C VAL Y 436 -93.05 -25.26 -53.82
N ALA Y 437 -94.13 -25.64 -53.16
CA ALA Y 437 -95.15 -24.66 -52.79
C ALA Y 437 -94.59 -23.62 -51.84
N ASP Y 438 -94.17 -24.05 -50.65
CA ASP Y 438 -93.65 -23.15 -49.63
C ASP Y 438 -92.97 -23.98 -48.55
N TYR Y 439 -91.91 -23.42 -47.98
CA TYR Y 439 -91.21 -24.04 -46.86
C TYR Y 439 -91.23 -23.09 -45.67
N THR Y 440 -91.53 -23.64 -44.49
CA THR Y 440 -91.56 -22.87 -43.25
C THR Y 440 -90.41 -23.34 -42.38
N VAL Y 441 -89.59 -22.39 -41.93
CA VAL Y 441 -88.43 -22.68 -41.08
C VAL Y 441 -88.77 -22.20 -39.67
N SER Y 442 -88.57 -23.07 -38.69
CA SER Y 442 -88.85 -22.77 -37.30
C SER Y 442 -87.54 -22.51 -36.56
N TYR Y 443 -87.48 -21.39 -35.85
CA TYR Y 443 -86.32 -20.97 -35.11
C TYR Y 443 -86.63 -21.03 -33.62
N SER Y 444 -85.71 -21.60 -32.84
CA SER Y 444 -85.83 -21.67 -31.40
C SER Y 444 -85.01 -20.55 -30.77
N VAL Y 445 -85.64 -19.80 -29.87
CA VAL Y 445 -84.99 -18.67 -29.21
C VAL Y 445 -84.66 -19.06 -27.79
N ASN Y 446 -83.38 -18.99 -27.43
CA ASN Y 446 -82.94 -19.31 -26.09
C ASN Y 446 -83.09 -18.07 -25.22
N LYS Y 447 -84.00 -18.12 -24.25
CA LYS Y 447 -84.31 -16.97 -23.43
C LYS Y 447 -83.23 -16.64 -22.41
N ASP Y 448 -82.25 -17.53 -22.20
CA ASP Y 448 -81.19 -17.27 -21.25
C ASP Y 448 -80.28 -16.15 -21.74
N ASN Y 449 -79.88 -16.20 -23.01
CA ASN Y 449 -78.98 -15.21 -23.59
C ASN Y 449 -79.54 -14.49 -24.81
N GLY Y 450 -80.59 -15.02 -25.43
CA GLY Y 450 -81.15 -14.42 -26.63
C GLY Y 450 -80.66 -15.01 -27.93
N SER Y 451 -79.79 -16.02 -27.87
CA SER Y 451 -79.28 -16.63 -29.08
C SER Y 451 -80.38 -17.39 -29.81
N VAL Y 452 -80.38 -17.29 -31.14
CA VAL Y 452 -81.40 -17.90 -31.99
C VAL Y 452 -80.76 -18.98 -32.83
N THR Y 453 -81.34 -20.17 -32.80
CA THR Y 453 -80.85 -21.31 -33.58
C THR Y 453 -81.96 -21.82 -34.50
N VAL Y 454 -81.59 -22.75 -35.37
CA VAL Y 454 -82.51 -23.35 -36.33
C VAL Y 454 -82.99 -24.68 -35.76
N ALA Y 455 -84.31 -24.84 -35.65
CA ALA Y 455 -84.88 -26.06 -35.12
C ALA Y 455 -86.28 -26.25 -35.72
N GLY Y 456 -86.37 -27.10 -36.74
CA GLY Y 456 -87.64 -27.43 -37.33
C GLY Y 456 -87.85 -26.95 -38.76
N TYR Y 457 -88.27 -27.86 -39.63
CA TYR Y 457 -88.52 -27.54 -41.03
C TYR Y 457 -89.83 -28.19 -41.46
N ALA Y 458 -90.68 -27.42 -42.13
CA ALA Y 458 -91.97 -27.91 -42.59
C ALA Y 458 -92.12 -27.58 -44.07
N SER Y 459 -92.68 -28.51 -44.84
CA SER Y 459 -92.91 -28.29 -46.25
C SER Y 459 -94.26 -28.89 -46.65
N ALA Y 460 -95.03 -28.11 -47.42
CA ALA Y 460 -96.30 -28.61 -47.94
C ALA Y 460 -96.11 -29.66 -49.03
N THR Y 461 -94.92 -29.78 -49.58
CA THR Y 461 -94.57 -30.80 -50.55
C THR Y 461 -93.45 -31.67 -49.98
N ASP Y 462 -93.06 -32.70 -50.74
CA ASP Y 462 -91.96 -33.55 -50.31
C ASP Y 462 -90.66 -32.76 -50.22
N THR Y 463 -90.31 -32.06 -51.30
CA THR Y 463 -89.25 -31.06 -51.33
C THR Y 463 -87.88 -31.72 -51.23
N ASN Y 464 -87.86 -33.03 -50.94
CA ASN Y 464 -86.61 -33.80 -50.78
C ASN Y 464 -85.66 -33.13 -49.79
N LYS Y 465 -86.21 -32.32 -48.88
CA LYS Y 465 -85.41 -31.54 -47.94
C LYS Y 465 -84.36 -30.69 -48.67
N ASP Y 466 -84.77 -30.10 -49.79
CA ASP Y 466 -83.85 -29.29 -50.58
C ASP Y 466 -83.41 -28.05 -49.83
N TYR Y 467 -84.35 -27.36 -49.18
CA TYR Y 467 -84.07 -26.10 -48.49
C TYR Y 467 -84.07 -26.26 -46.98
N ALA Y 468 -83.76 -27.46 -46.48
CA ALA Y 468 -83.81 -27.70 -45.05
C ALA Y 468 -82.41 -27.65 -44.47
N PRO Y 469 -82.05 -26.62 -43.70
CA PRO Y 469 -80.76 -26.63 -43.01
C PRO Y 469 -80.77 -27.63 -41.87
N ALA Y 470 -79.56 -28.05 -41.49
CA ALA Y 470 -79.42 -28.94 -40.34
C ALA Y 470 -79.89 -28.24 -39.07
N ILE Y 471 -80.67 -28.95 -38.26
CA ILE Y 471 -81.19 -28.34 -37.03
C ILE Y 471 -80.05 -28.12 -36.04
N GLY Y 472 -80.26 -27.16 -35.15
CA GLY Y 472 -79.27 -26.84 -34.14
C GLY Y 472 -78.15 -25.95 -34.59
N THR Y 473 -78.26 -25.33 -35.76
CA THR Y 473 -77.23 -24.45 -36.29
C THR Y 473 -77.59 -23.00 -35.98
N ALA Y 474 -76.65 -22.27 -35.38
CA ALA Y 474 -76.88 -20.87 -35.02
C ALA Y 474 -77.05 -20.03 -36.27
N VAL Y 475 -78.12 -19.26 -36.32
CA VAL Y 475 -78.42 -18.41 -37.47
C VAL Y 475 -77.86 -17.02 -37.22
N ASN Y 476 -77.46 -16.35 -38.30
CA ASN Y 476 -76.88 -15.01 -38.24
C ASN Y 476 -77.63 -14.08 -39.19
N VAL Y 477 -77.12 -12.86 -39.31
CA VAL Y 477 -77.71 -11.82 -40.16
C VAL Y 477 -76.71 -11.46 -41.24
N ASN Y 478 -77.15 -11.50 -42.49
CA ASN Y 478 -76.28 -11.18 -43.61
C ASN Y 478 -75.99 -9.69 -43.67
N SER Y 479 -75.18 -9.29 -44.63
CA SER Y 479 -74.84 -7.88 -44.80
C SER Y 479 -76.07 -7.07 -45.17
N ALA Y 480 -76.95 -7.62 -46.01
CA ALA Y 480 -78.16 -6.93 -46.44
C ALA Y 480 -79.28 -7.01 -45.40
N GLY Y 481 -79.01 -7.58 -44.23
CA GLY Y 481 -80.02 -7.70 -43.20
C GLY Y 481 -80.86 -8.95 -43.25
N LYS Y 482 -80.64 -9.83 -44.23
CA LYS Y 482 -81.42 -11.05 -44.33
C LYS Y 482 -81.00 -12.05 -43.25
N ILE Y 483 -81.86 -13.04 -43.04
CA ILE Y 483 -81.62 -14.09 -42.04
C ILE Y 483 -80.98 -15.26 -42.77
N THR Y 484 -79.74 -15.59 -42.41
CA THR Y 484 -78.96 -16.58 -43.14
C THR Y 484 -78.04 -17.29 -42.15
N THR Y 485 -77.60 -18.48 -42.55
CA THR Y 485 -76.85 -19.36 -41.64
C THR Y 485 -75.33 -19.22 -41.74
N GLU Y 486 -74.79 -18.92 -42.91
CA GLU Y 486 -73.34 -18.90 -43.06
C GLU Y 486 -72.75 -17.60 -42.53
N THR Y 487 -71.52 -17.68 -42.04
CA THR Y 487 -70.84 -16.56 -41.40
C THR Y 487 -69.79 -15.91 -42.28
N THR Y 488 -69.68 -16.30 -43.55
CA THR Y 488 -68.63 -15.78 -44.42
C THR Y 488 -68.77 -14.28 -44.64
N SER Y 489 -69.85 -13.86 -45.31
CA SER Y 489 -70.16 -12.46 -45.56
C SER Y 489 -68.97 -11.74 -46.21
N ALA Y 490 -68.70 -12.15 -47.45
CA ALA Y 490 -67.57 -11.63 -48.19
C ALA Y 490 -67.64 -10.11 -48.32
N GLY Y 491 -66.49 -9.46 -48.16
CA GLY Y 491 -66.39 -8.02 -48.17
C GLY Y 491 -66.12 -7.44 -49.54
N SER Y 492 -65.54 -6.23 -49.55
CA SER Y 492 -65.33 -5.48 -50.77
C SER Y 492 -63.87 -5.39 -51.21
N ALA Y 493 -62.92 -5.76 -50.35
CA ALA Y 493 -61.52 -5.72 -50.73
C ALA Y 493 -61.24 -6.70 -51.86
N THR Y 494 -60.33 -6.32 -52.76
CA THR Y 494 -60.01 -7.15 -53.90
C THR Y 494 -59.43 -8.48 -53.44
N THR Y 495 -59.90 -9.57 -54.07
CA THR Y 495 -59.57 -10.92 -53.59
C THR Y 495 -58.09 -11.24 -53.76
N ASN Y 496 -57.61 -11.21 -55.01
CA ASN Y 496 -56.24 -11.64 -55.33
C ASN Y 496 -55.56 -10.51 -56.09
N PRO Y 497 -55.14 -9.45 -55.38
CA PRO Y 497 -54.55 -8.30 -56.06
C PRO Y 497 -53.30 -8.64 -56.84
N LEU Y 498 -52.45 -9.49 -56.27
CA LEU Y 498 -51.21 -9.83 -56.94
C LEU Y 498 -51.45 -10.63 -58.20
N ALA Y 499 -52.42 -11.55 -58.16
CA ALA Y 499 -52.78 -12.30 -59.37
C ALA Y 499 -53.34 -11.38 -60.45
N ALA Y 500 -54.20 -10.43 -60.06
CA ALA Y 500 -54.76 -9.51 -61.04
C ALA Y 500 -53.66 -8.66 -61.68
N LEU Y 501 -52.73 -8.17 -60.85
CA LEU Y 501 -51.63 -7.37 -61.38
C LEU Y 501 -50.73 -8.19 -62.30
N ASP Y 502 -50.50 -9.46 -61.94
CA ASP Y 502 -49.72 -10.34 -62.81
C ASP Y 502 -50.40 -10.53 -64.16
N ASP Y 503 -51.72 -10.70 -64.15
CA ASP Y 503 -52.45 -10.82 -65.42
C ASP Y 503 -52.32 -9.56 -66.26
N ALA Y 504 -52.44 -8.40 -65.62
CA ALA Y 504 -52.29 -7.15 -66.36
C ALA Y 504 -50.89 -7.02 -66.97
N ILE Y 505 -49.86 -7.33 -66.18
CA ILE Y 505 -48.49 -7.24 -66.67
C ILE Y 505 -48.27 -8.22 -67.82
N SER Y 506 -48.83 -9.42 -67.71
CA SER Y 506 -48.68 -10.41 -68.78
C SER Y 506 -49.34 -9.94 -70.06
N SER Y 507 -50.53 -9.33 -69.96
CA SER Y 507 -51.18 -8.80 -71.16
C SER Y 507 -50.33 -7.71 -71.80
N ILE Y 508 -49.79 -6.80 -70.99
CA ILE Y 508 -48.95 -5.74 -71.51
C ILE Y 508 -47.73 -6.33 -72.23
N ASP Y 509 -47.10 -7.32 -71.61
CA ASP Y 509 -45.91 -7.93 -72.20
C ASP Y 509 -46.23 -8.62 -73.52
N LYS Y 510 -47.36 -9.32 -73.59
CA LYS Y 510 -47.74 -9.98 -74.83
C LYS Y 510 -47.95 -8.96 -75.95
N PHE Y 511 -48.65 -7.87 -75.65
CA PHE Y 511 -48.88 -6.86 -76.68
C PHE Y 511 -47.57 -6.21 -77.13
N ARG Y 512 -46.66 -5.96 -76.18
CA ARG Y 512 -45.36 -5.39 -76.54
C ARG Y 512 -44.57 -6.35 -77.41
N SER Y 513 -44.61 -7.65 -77.09
CA SER Y 513 -43.90 -8.63 -77.92
C SER Y 513 -44.46 -8.66 -79.33
N SER Y 514 -45.78 -8.59 -79.46
CA SER Y 514 -46.38 -8.56 -80.79
C SER Y 514 -45.92 -7.34 -81.58
N LEU Y 515 -45.89 -6.17 -80.93
CA LEU Y 515 -45.42 -4.97 -81.62
C LEU Y 515 -43.97 -5.10 -82.03
N GLY Y 516 -43.13 -5.67 -81.16
CA GLY Y 516 -41.72 -5.85 -81.51
C GLY Y 516 -41.53 -6.76 -82.70
N ALA Y 517 -42.26 -7.88 -82.73
CA ALA Y 517 -42.17 -8.77 -83.88
C ALA Y 517 -42.62 -8.07 -85.17
N ILE Y 518 -43.70 -7.30 -85.09
CA ILE Y 518 -44.16 -6.57 -86.26
C ILE Y 518 -43.10 -5.60 -86.74
N GLN Y 519 -42.45 -4.90 -85.81
CA GLN Y 519 -41.43 -3.94 -86.20
C GLN Y 519 -40.23 -4.62 -86.85
N ASN Y 520 -39.82 -5.78 -86.32
CA ASN Y 520 -38.73 -6.51 -86.94
C ASN Y 520 -39.07 -6.91 -88.37
N ARG Y 521 -40.26 -7.46 -88.57
CA ARG Y 521 -40.63 -7.87 -89.93
C ARG Y 521 -40.76 -6.68 -90.85
N LEU Y 522 -41.19 -5.53 -90.33
CA LEU Y 522 -41.28 -4.33 -91.16
C LEU Y 522 -39.90 -3.84 -91.59
N ASP Y 523 -38.92 -3.91 -90.69
CA ASP Y 523 -37.56 -3.53 -91.05
C ASP Y 523 -37.00 -4.48 -92.11
N SER Y 524 -37.27 -5.77 -91.97
CA SER Y 524 -36.86 -6.72 -93.00
C SER Y 524 -37.49 -6.37 -94.34
N ALA Y 525 -38.76 -5.99 -94.33
CA ALA Y 525 -39.43 -5.57 -95.56
C ALA Y 525 -38.74 -4.36 -96.16
N VAL Y 526 -38.34 -3.39 -95.33
CA VAL Y 526 -37.64 -2.20 -95.83
C VAL Y 526 -36.36 -2.60 -96.54
N THR Y 527 -35.58 -3.48 -95.91
CA THR Y 527 -34.32 -3.90 -96.53
C THR Y 527 -34.56 -4.59 -97.86
N ASN Y 528 -35.55 -5.48 -97.91
CA ASN Y 528 -35.84 -6.17 -99.17
C ASN Y 528 -36.28 -5.18 -100.25
N LEU Y 529 -37.09 -4.19 -99.87
CA LEU Y 529 -37.54 -3.19 -100.84
C LEU Y 529 -36.36 -2.41 -101.40
N ASN Y 530 -35.42 -2.02 -100.55
CA ASN Y 530 -34.26 -1.29 -101.03
C ASN Y 530 -33.43 -2.13 -102.00
N ASN Y 531 -33.21 -3.41 -101.67
CA ASN Y 531 -32.45 -4.27 -102.57
C ASN Y 531 -33.15 -4.42 -103.92
N THR Y 532 -34.46 -4.65 -103.89
CA THR Y 532 -35.20 -4.81 -105.14
C THR Y 532 -35.18 -3.54 -105.96
N THR Y 533 -35.28 -2.38 -105.32
CA THR Y 533 -35.20 -1.12 -106.03
C THR Y 533 -33.87 -0.95 -106.72
N THR Y 534 -32.78 -1.27 -106.01
CA THR Y 534 -31.46 -1.16 -106.63
C THR Y 534 -31.33 -2.07 -107.84
N ASN Y 535 -31.79 -3.31 -107.72
CA ASN Y 535 -31.69 -4.25 -108.83
C ASN Y 535 -32.53 -3.82 -110.02
N LEU Y 536 -33.74 -3.30 -109.77
CA LEU Y 536 -34.59 -2.86 -110.87
C LEU Y 536 -34.01 -1.63 -111.55
N SER Y 537 -33.42 -0.72 -110.78
CA SER Y 537 -32.74 0.42 -111.39
C SER Y 537 -31.59 -0.05 -112.27
N GLU Y 538 -30.85 -1.06 -111.81
CA GLU Y 538 -29.81 -1.66 -112.63
C GLU Y 538 -30.37 -2.19 -113.95
N ALA Y 539 -31.48 -2.91 -113.89
CA ALA Y 539 -32.06 -3.46 -115.11
C ALA Y 539 -32.51 -2.37 -116.07
N GLN Y 540 -33.14 -1.32 -115.52
CA GLN Y 540 -33.56 -0.21 -116.38
C GLN Y 540 -32.35 0.47 -117.03
N SER Y 541 -31.25 0.59 -116.28
CA SER Y 541 -30.03 1.14 -116.86
C SER Y 541 -29.49 0.23 -117.96
N ARG Y 542 -29.62 -1.08 -117.77
CA ARG Y 542 -29.21 -2.02 -118.82
C ARG Y 542 -30.00 -1.77 -120.10
N ILE Y 543 -31.31 -1.54 -119.96
CA ILE Y 543 -32.14 -1.35 -121.15
C ILE Y 543 -31.85 0.00 -121.80
N GLN Y 544 -31.94 1.08 -121.03
CA GLN Y 544 -31.80 2.44 -121.50
C GLN Y 544 -30.32 2.86 -121.43
N ASP Y 545 -30.06 4.16 -121.45
CA ASP Y 545 -28.74 4.74 -121.17
C ASP Y 545 -27.71 4.33 -122.22
N ALA Y 546 -27.92 4.89 -123.41
CA ALA Y 546 -27.03 4.69 -124.55
C ALA Y 546 -25.56 4.87 -124.17
N ASP Y 547 -24.69 4.19 -124.92
CA ASP Y 547 -23.26 4.15 -124.66
C ASP Y 547 -22.58 5.37 -125.28
N TYR Y 548 -22.18 6.32 -124.42
CA TYR Y 548 -21.61 7.57 -124.91
C TYR Y 548 -20.45 7.34 -125.86
N ALA Y 549 -19.61 6.34 -125.60
CA ALA Y 549 -18.55 6.02 -126.55
C ALA Y 549 -19.13 5.68 -127.92
N THR Y 550 -20.18 4.85 -127.93
CA THR Y 550 -20.76 4.39 -129.19
C THR Y 550 -21.34 5.55 -129.98
N GLU Y 551 -22.18 6.38 -129.35
CA GLU Y 551 -22.75 7.47 -130.14
C GLU Y 551 -21.74 8.59 -130.44
N VAL Y 552 -20.72 8.79 -129.61
CA VAL Y 552 -19.67 9.74 -130.00
C VAL Y 552 -18.99 9.28 -131.27
N SER Y 553 -18.62 7.99 -131.33
CA SER Y 553 -18.03 7.47 -132.55
C SER Y 553 -19.00 7.59 -133.73
N ASN Y 554 -20.27 7.28 -133.48
CA ASN Y 554 -21.26 7.32 -134.55
C ASN Y 554 -21.39 8.72 -135.13
N MET Y 555 -21.49 9.74 -134.27
CA MET Y 555 -21.62 11.09 -134.82
C MET Y 555 -20.34 11.55 -135.47
N SER Y 556 -19.18 11.13 -134.95
CA SER Y 556 -17.93 11.54 -135.58
C SER Y 556 -17.84 11.02 -137.00
N LYS Y 557 -18.12 9.73 -137.19
CA LYS Y 557 -18.07 9.21 -138.55
C LYS Y 557 -19.20 9.75 -139.41
N ALA Y 558 -20.36 10.06 -138.79
CA ALA Y 558 -21.44 10.67 -139.55
C ALA Y 558 -21.07 12.06 -140.05
N GLN Y 559 -20.42 12.86 -139.20
CA GLN Y 559 -19.97 14.18 -139.62
C GLN Y 559 -18.94 14.09 -140.72
N ILE Y 560 -18.01 13.13 -140.61
CA ILE Y 560 -17.02 12.97 -141.67
C ILE Y 560 -17.69 12.56 -142.98
N ILE Y 561 -18.65 11.65 -142.92
CA ILE Y 561 -19.37 11.25 -144.12
C ILE Y 561 -20.11 12.43 -144.71
N GLN Y 562 -20.70 13.27 -143.86
CA GLN Y 562 -21.41 14.45 -144.36
C GLN Y 562 -20.48 15.41 -145.07
N GLN Y 563 -19.32 15.70 -144.46
CA GLN Y 563 -18.38 16.63 -145.07
C GLN Y 563 -17.84 16.07 -146.39
N ALA Y 564 -17.51 14.78 -146.42
CA ALA Y 564 -17.04 14.17 -147.65
C ALA Y 564 -18.12 14.21 -148.72
N GLY Y 565 -19.36 13.93 -148.34
CA GLY Y 565 -20.45 13.98 -149.30
C GLY Y 565 -20.66 15.37 -149.85
N ASN Y 566 -20.54 16.39 -149.00
CA ASN Y 566 -20.71 17.76 -149.47
C ASN Y 566 -19.58 18.17 -150.42
N SER Y 567 -18.35 17.79 -150.10
CA SER Y 567 -17.24 18.11 -151.01
C SER Y 567 -17.40 17.40 -152.35
N VAL Y 568 -17.74 16.11 -152.32
CA VAL Y 568 -17.96 15.38 -153.56
C VAL Y 568 -19.17 15.94 -154.30
N LEU Y 569 -20.18 16.42 -153.56
CA LEU Y 569 -21.35 17.01 -154.20
C LEU Y 569 -20.97 18.30 -154.91
N ALA Y 570 -20.10 19.11 -154.32
CA ALA Y 570 -19.61 20.29 -155.01
C ALA Y 570 -18.81 19.90 -156.25
N LYS Y 571 -18.00 18.84 -156.15
CA LYS Y 571 -17.26 18.37 -157.31
C LYS Y 571 -18.20 17.91 -158.43
N ALA Y 572 -19.30 17.27 -158.07
CA ALA Y 572 -20.26 16.82 -159.07
C ALA Y 572 -21.05 18.00 -159.65
N ASN Y 573 -21.50 18.91 -158.79
CA ASN Y 573 -22.14 20.15 -159.23
C ASN Y 573 -21.19 21.02 -160.03
N GLN Y 574 -19.90 20.68 -160.05
CA GLN Y 574 -19.06 21.19 -161.12
C GLN Y 574 -19.52 20.47 -162.38
N VAL Y 575 -20.74 20.78 -162.79
CA VAL Y 575 -21.53 20.08 -163.79
C VAL Y 575 -20.85 20.29 -165.14
N PRO Y 576 -21.14 19.50 -166.18
CA PRO Y 576 -20.36 19.62 -167.41
C PRO Y 576 -20.37 21.03 -167.98
N GLN Y 577 -19.22 21.67 -167.89
CA GLN Y 577 -18.98 22.95 -168.53
C GLN Y 577 -18.08 22.81 -169.75
N GLN Y 578 -17.52 21.63 -169.97
CA GLN Y 578 -16.76 21.38 -171.18
C GLN Y 578 -17.63 21.46 -172.42
N VAL Y 579 -18.95 21.33 -172.26
CA VAL Y 579 -19.85 21.58 -173.38
C VAL Y 579 -19.72 23.03 -173.84
N LEU Y 580 -19.54 23.95 -172.89
CA LEU Y 580 -19.31 25.35 -173.26
C LEU Y 580 -18.05 25.48 -174.11
N SER Y 581 -16.98 24.78 -173.73
CA SER Y 581 -15.76 24.79 -174.52
C SER Y 581 -15.99 24.20 -175.90
N LEU Y 582 -16.76 23.12 -175.98
CA LEU Y 582 -17.07 22.51 -177.27
C LEU Y 582 -17.84 23.46 -178.16
N LEU Y 583 -18.67 24.33 -177.57
CA LEU Y 583 -19.56 25.16 -178.37
C LEU Y 583 -18.79 26.09 -179.30
N GLN Y 584 -17.83 26.85 -178.77
CA GLN Y 584 -17.17 27.84 -179.62
C GLN Y 584 -16.24 27.23 -180.65
N GLY Y 585 -15.96 25.93 -180.56
CA GLY Y 585 -15.06 25.28 -181.50
C GLY Y 585 -15.69 25.05 -182.86
N MET Z 1 18.17 34.32 -155.83
CA MET Z 1 16.81 33.81 -155.96
C MET Z 1 16.32 33.99 -157.39
N ALA Z 2 16.00 35.24 -157.76
CA ALA Z 2 15.42 35.50 -159.07
C ALA Z 2 16.33 35.05 -160.21
N GLN Z 3 17.64 35.04 -160.01
CA GLN Z 3 18.53 34.68 -161.09
C GLN Z 3 18.51 33.19 -161.39
N VAL Z 4 18.56 32.35 -160.36
CA VAL Z 4 18.81 30.92 -160.52
C VAL Z 4 17.72 30.12 -159.82
N ILE Z 5 17.42 28.95 -160.38
CA ILE Z 5 16.46 28.03 -159.80
C ILE Z 5 17.09 26.71 -159.39
N ASN Z 6 18.35 26.45 -159.76
CA ASN Z 6 18.96 25.15 -159.52
C ASN Z 6 19.36 24.94 -158.07
N THR Z 7 19.71 26.01 -157.36
CA THR Z 7 20.15 25.89 -155.97
C THR Z 7 19.44 26.95 -155.12
N ASN Z 8 19.54 26.78 -153.81
CA ASN Z 8 19.00 27.76 -152.85
C ASN Z 8 20.03 27.92 -151.74
N SER Z 9 20.91 28.90 -151.88
CA SER Z 9 21.90 29.17 -150.84
C SER Z 9 21.24 29.56 -149.53
N LEU Z 10 20.11 30.27 -149.59
CA LEU Z 10 19.38 30.60 -148.36
C LEU Z 10 18.92 29.34 -147.65
N SER Z 11 18.38 28.39 -148.39
CA SER Z 11 17.94 27.13 -147.79
C SER Z 11 19.12 26.38 -147.20
N LEU Z 12 20.26 26.35 -147.91
CA LEU Z 12 21.43 25.64 -147.39
C LEU Z 12 21.93 26.26 -146.09
N ILE Z 13 22.01 27.59 -146.04
CA ILE Z 13 22.46 28.28 -144.83
C ILE Z 13 21.50 28.02 -143.68
N THR Z 14 20.19 28.07 -143.97
CA THR Z 14 19.21 27.82 -142.93
C THR Z 14 19.32 26.41 -142.39
N GLN Z 15 19.55 25.43 -143.27
CA GLN Z 15 19.70 24.05 -142.82
C GLN Z 15 20.93 23.91 -141.94
N ASN Z 16 22.03 24.57 -142.31
CA ASN Z 16 23.23 24.51 -141.48
C ASN Z 16 22.97 25.07 -140.10
N ASN Z 17 22.30 26.22 -140.03
CA ASN Z 17 22.01 26.83 -138.74
C ASN Z 17 21.08 25.95 -137.91
N ILE Z 18 20.10 25.32 -138.56
CA ILE Z 18 19.18 24.43 -137.85
C ILE Z 18 19.93 23.25 -137.24
N ASN Z 19 20.86 22.66 -138.01
CA ASN Z 19 21.65 21.56 -137.47
C ASN Z 19 22.50 22.00 -136.30
N LYS Z 20 23.12 23.18 -136.41
CA LYS Z 20 23.95 23.68 -135.33
C LYS Z 20 23.14 23.87 -134.06
N ASN Z 21 21.91 24.38 -134.19
CA ASN Z 21 21.06 24.50 -133.01
C ASN Z 21 20.62 23.13 -132.49
N GLN Z 22 20.36 22.19 -133.39
CA GLN Z 22 19.89 20.87 -132.99
C GLN Z 22 20.91 20.14 -132.13
N SER Z 23 22.19 20.35 -132.41
CA SER Z 23 23.23 19.75 -131.57
C SER Z 23 23.06 20.16 -130.11
N ALA Z 24 22.93 21.47 -129.86
CA ALA Z 24 22.78 21.95 -128.50
C ALA Z 24 21.44 21.53 -127.90
N LEU Z 25 20.39 21.47 -128.72
CA LEU Z 25 19.10 20.99 -128.23
C LEU Z 25 19.22 19.56 -127.69
N SER Z 26 19.84 18.68 -128.46
CA SER Z 26 20.01 17.30 -128.02
C SER Z 26 20.87 17.22 -126.77
N SER Z 27 21.95 18.00 -126.72
CA SER Z 27 22.81 17.99 -125.54
C SER Z 27 22.03 18.41 -124.30
N SER Z 28 21.24 19.48 -124.40
CA SER Z 28 20.49 19.98 -123.26
C SER Z 28 19.45 18.98 -122.80
N ILE Z 29 18.71 18.37 -123.74
CA ILE Z 29 17.68 17.41 -123.34
C ILE Z 29 18.29 16.20 -122.66
N GLU Z 30 19.40 15.68 -123.21
CA GLU Z 30 20.06 14.55 -122.57
C GLU Z 30 20.57 14.91 -121.19
N ARG Z 31 21.15 16.11 -121.05
CA ARG Z 31 21.66 16.54 -119.76
C ARG Z 31 20.55 16.63 -118.73
N LEU Z 32 19.39 17.17 -119.12
CA LEU Z 32 18.28 17.26 -118.18
C LEU Z 32 17.74 15.89 -117.82
N SER Z 33 17.64 14.99 -118.81
CA SER Z 33 17.10 13.67 -118.54
C SER Z 33 17.98 12.88 -117.58
N SER Z 34 19.30 12.93 -117.79
CA SER Z 34 20.20 12.18 -116.92
C SER Z 34 20.37 12.86 -115.58
N GLY Z 35 20.38 14.18 -115.54
CA GLY Z 35 20.66 14.91 -114.32
C GLY Z 35 22.12 15.07 -114.01
N LEU Z 36 23.01 14.75 -114.95
CA LEU Z 36 24.45 14.77 -114.71
C LEU Z 36 25.12 15.75 -115.68
N ARG Z 37 25.98 16.60 -115.13
CA ARG Z 37 26.68 17.57 -115.97
C ARG Z 37 27.67 16.88 -116.91
N ILE Z 38 28.49 15.98 -116.37
CA ILE Z 38 29.51 15.28 -117.15
C ILE Z 38 28.92 13.96 -117.60
N ASN Z 39 28.66 13.84 -118.90
CA ASN Z 39 27.95 12.69 -119.43
C ASN Z 39 28.59 12.25 -120.73
N SER Z 40 28.83 10.95 -120.87
CA SER Z 40 29.35 10.29 -122.06
C SER Z 40 30.76 10.71 -122.42
N ALA Z 41 31.42 11.51 -121.58
CA ALA Z 41 32.81 11.92 -121.75
C ALA Z 41 33.06 12.66 -123.07
N LYS Z 42 32.00 13.13 -123.73
CA LYS Z 42 32.16 14.01 -124.89
C LYS Z 42 32.41 15.44 -124.49
N ASP Z 43 32.83 15.65 -123.25
CA ASP Z 43 33.15 16.95 -122.69
C ASP Z 43 34.42 16.77 -121.87
N ASP Z 44 34.71 17.73 -120.98
CA ASP Z 44 35.98 17.70 -120.25
C ASP Z 44 36.13 16.38 -119.49
N ALA Z 45 37.09 15.55 -119.93
CA ALA Z 45 37.27 14.23 -119.37
C ALA Z 45 37.96 14.25 -118.01
N ALA Z 46 38.63 15.35 -117.67
CA ALA Z 46 39.22 15.47 -116.34
C ALA Z 46 38.13 15.41 -115.28
N GLY Z 47 36.98 16.06 -115.53
CA GLY Z 47 35.87 15.96 -114.61
C GLY Z 47 35.37 14.52 -114.46
N GLN Z 48 35.30 13.80 -115.58
CA GLN Z 48 34.88 12.40 -115.52
C GLN Z 48 35.83 11.58 -114.65
N ALA Z 49 37.13 11.73 -114.89
CA ALA Z 49 38.10 10.95 -114.12
C ALA Z 49 38.04 11.30 -112.63
N ILE Z 50 37.96 12.59 -112.32
CA ILE Z 50 37.93 13.00 -110.93
C ILE Z 50 36.65 12.53 -110.25
N ALA Z 51 35.54 12.54 -110.98
CA ALA Z 51 34.29 12.01 -110.43
C ALA Z 51 34.41 10.53 -110.13
N ASN Z 52 35.05 9.77 -111.03
CA ASN Z 52 35.25 8.35 -110.77
C ASN Z 52 36.10 8.13 -109.52
N ARG Z 53 37.17 8.90 -109.37
CA ARG Z 53 38.01 8.78 -108.18
C ARG Z 53 37.21 9.10 -106.92
N PHE Z 54 36.40 10.15 -106.97
CA PHE Z 54 35.60 10.52 -105.81
C PHE Z 54 34.60 9.42 -105.46
N THR Z 55 33.96 8.82 -106.48
CA THR Z 55 33.02 7.75 -106.23
C THR Z 55 33.70 6.56 -105.57
N SER Z 56 34.89 6.20 -106.06
CA SER Z 56 35.64 5.11 -105.45
C SER Z 56 35.96 5.42 -103.99
N ASN Z 57 36.42 6.64 -103.72
CA ASN Z 57 36.74 7.02 -102.34
C ASN Z 57 35.51 6.95 -101.44
N ILE Z 58 34.36 7.43 -101.93
CA ILE Z 58 33.16 7.43 -101.11
C ILE Z 58 32.75 6.02 -100.76
N LYS Z 59 32.72 5.13 -101.76
CA LYS Z 59 32.31 3.75 -101.49
C LYS Z 59 33.28 3.08 -100.51
N GLY Z 60 34.58 3.28 -100.73
CA GLY Z 60 35.56 2.70 -99.82
C GLY Z 60 35.40 3.18 -98.39
N LEU Z 61 35.18 4.49 -98.22
CA LEU Z 61 35.03 5.03 -96.87
C LEU Z 61 33.77 4.49 -96.19
N THR Z 62 32.68 4.36 -96.94
CA THR Z 62 31.47 3.78 -96.34
C THR Z 62 31.70 2.35 -95.87
N GLN Z 63 32.34 1.54 -96.71
CA GLN Z 63 32.62 0.16 -96.30
C GLN Z 63 33.56 0.13 -95.10
N ALA Z 64 34.51 1.05 -95.05
CA ALA Z 64 35.43 1.12 -93.91
C ALA Z 64 34.68 1.47 -92.63
N ALA Z 65 33.70 2.37 -92.72
CA ALA Z 65 32.90 2.69 -91.54
C ALA Z 65 32.15 1.45 -91.05
N ARG Z 66 31.61 0.67 -91.98
CA ARG Z 66 30.94 -0.57 -91.57
C ARG Z 66 31.91 -1.52 -90.86
N ASN Z 67 33.13 -1.65 -91.41
CA ASN Z 67 34.13 -2.52 -90.78
C ASN Z 67 34.46 -2.05 -89.36
N ALA Z 68 34.59 -0.73 -89.18
CA ALA Z 68 34.86 -0.19 -87.85
C ALA Z 68 33.72 -0.51 -86.89
N ASN Z 69 32.47 -0.42 -87.37
CA ASN Z 69 31.35 -0.81 -86.52
C ASN Z 69 31.47 -2.27 -86.08
N ASP Z 70 31.87 -3.15 -87.00
CA ASP Z 70 32.09 -4.54 -86.63
C ASP Z 70 33.16 -4.66 -85.55
N GLY Z 71 34.23 -3.88 -85.67
CA GLY Z 71 35.27 -3.88 -84.64
C GLY Z 71 34.74 -3.50 -83.27
N ILE Z 72 33.90 -2.46 -83.24
CA ILE Z 72 33.28 -2.06 -81.96
C ILE Z 72 32.46 -3.20 -81.39
N SER Z 73 31.74 -3.93 -82.25
CA SER Z 73 30.94 -5.05 -81.77
C SER Z 73 31.84 -6.11 -81.12
N VAL Z 74 32.97 -6.42 -81.76
CA VAL Z 74 33.91 -7.40 -81.22
C VAL Z 74 34.38 -6.97 -79.84
N ALA Z 75 34.76 -5.69 -79.73
CA ALA Z 75 35.25 -5.19 -78.44
C ALA Z 75 34.18 -5.29 -77.36
N GLN Z 76 32.94 -4.96 -77.71
CA GLN Z 76 31.86 -5.03 -76.72
C GLN Z 76 31.68 -6.46 -76.20
N THR Z 77 31.65 -7.43 -77.11
CA THR Z 77 31.47 -8.82 -76.69
C THR Z 77 32.59 -9.27 -75.77
N THR Z 78 33.84 -9.01 -76.18
CA THR Z 78 34.97 -9.45 -75.37
C THR Z 78 34.93 -8.80 -73.99
N GLU Z 79 34.58 -7.52 -73.94
CA GLU Z 79 34.58 -6.82 -72.65
C GLU Z 79 33.49 -7.33 -71.74
N GLY Z 80 32.33 -7.72 -72.29
CA GLY Z 80 31.30 -8.31 -71.46
C GLY Z 80 31.76 -9.62 -70.83
N ALA Z 81 32.37 -10.49 -71.63
CA ALA Z 81 32.92 -11.72 -71.08
C ALA Z 81 33.95 -11.43 -69.99
N LEU Z 82 34.80 -10.43 -70.22
CA LEU Z 82 35.80 -10.07 -69.22
C LEU Z 82 35.17 -9.60 -67.94
N SER Z 83 34.08 -8.83 -68.03
CA SER Z 83 33.42 -8.36 -66.82
C SER Z 83 32.88 -9.53 -66.00
N GLU Z 84 32.30 -10.52 -66.66
CA GLU Z 84 31.85 -11.69 -65.92
C GLU Z 84 33.02 -12.40 -65.24
N ILE Z 85 34.13 -12.54 -65.95
CA ILE Z 85 35.31 -13.18 -65.36
C ILE Z 85 35.78 -12.41 -64.13
N ASN Z 86 35.76 -11.08 -64.21
CA ASN Z 86 36.21 -10.27 -63.08
C ASN Z 86 35.29 -10.45 -61.87
N ASN Z 87 33.98 -10.52 -62.10
CA ASN Z 87 33.07 -10.78 -60.98
C ASN Z 87 33.39 -12.11 -60.32
N ASN Z 88 33.65 -13.14 -61.13
CA ASN Z 88 34.00 -14.44 -60.56
C ASN Z 88 35.28 -14.36 -59.73
N LEU Z 89 36.29 -13.64 -60.24
CA LEU Z 89 37.55 -13.52 -59.50
C LEU Z 89 37.35 -12.79 -58.17
N GLN Z 90 36.52 -11.74 -58.17
CA GLN Z 90 36.25 -11.04 -56.91
C GLN Z 90 35.61 -11.98 -55.89
N ARG Z 91 34.64 -12.78 -56.34
CA ARG Z 91 33.99 -13.70 -55.42
C ARG Z 91 34.99 -14.74 -54.89
N ILE Z 92 35.89 -15.21 -55.76
CA ILE Z 92 36.91 -16.15 -55.30
C ILE Z 92 37.79 -15.52 -54.24
N ARG Z 93 38.17 -14.25 -54.43
CA ARG Z 93 39.01 -13.61 -53.43
C ARG Z 93 38.29 -13.49 -52.10
N GLU Z 94 37.00 -13.14 -52.13
CA GLU Z 94 36.25 -13.07 -50.88
C GLU Z 94 36.21 -14.43 -50.19
N LEU Z 95 36.00 -15.49 -50.96
CA LEU Z 95 36.02 -16.83 -50.37
C LEU Z 95 37.38 -17.15 -49.75
N THR Z 96 38.47 -16.77 -50.42
CA THR Z 96 39.79 -17.03 -49.88
C THR Z 96 40.02 -16.29 -48.58
N VAL Z 97 39.57 -15.04 -48.50
CA VAL Z 97 39.70 -14.27 -47.27
C VAL Z 97 38.95 -14.95 -46.15
N GLN Z 98 37.75 -15.48 -46.45
CA GLN Z 98 37.01 -16.20 -45.42
C GLN Z 98 37.75 -17.47 -45.02
N ALA Z 99 38.35 -18.17 -45.98
CA ALA Z 99 38.95 -19.47 -45.70
C ALA Z 99 40.23 -19.36 -44.88
N THR Z 100 41.01 -18.30 -45.08
CA THR Z 100 42.32 -18.22 -44.44
C THR Z 100 42.26 -18.13 -42.91
N THR Z 101 41.10 -17.88 -42.33
CA THR Z 101 40.99 -17.80 -40.88
C THR Z 101 41.28 -19.16 -40.26
N GLY Z 102 41.97 -19.15 -39.11
CA GLY Z 102 42.30 -20.38 -38.43
C GLY Z 102 41.19 -21.00 -37.62
N THR Z 103 40.02 -20.35 -37.54
CA THR Z 103 38.90 -20.95 -36.83
C THR Z 103 38.24 -22.07 -37.63
N ASN Z 104 38.28 -21.97 -38.95
CA ASN Z 104 37.62 -22.95 -39.80
C ASN Z 104 38.23 -24.33 -39.61
N SER Z 105 37.39 -25.36 -39.71
CA SER Z 105 37.84 -26.73 -39.58
C SER Z 105 38.10 -27.33 -40.96
N ASP Z 106 38.50 -28.61 -40.98
CA ASP Z 106 38.87 -29.26 -42.23
C ASP Z 106 37.69 -29.35 -43.19
N SER Z 107 36.52 -29.72 -42.68
CA SER Z 107 35.34 -29.82 -43.54
C SER Z 107 34.95 -28.46 -44.11
N ASP Z 108 35.05 -27.41 -43.28
CA ASP Z 108 34.75 -26.07 -43.76
C ASP Z 108 35.70 -25.64 -44.87
N LEU Z 109 36.99 -25.92 -44.68
CA LEU Z 109 37.96 -25.60 -45.72
C LEU Z 109 37.69 -26.39 -46.99
N ASP Z 110 37.28 -27.66 -46.84
CA ASP Z 110 36.96 -28.48 -48.00
C ASP Z 110 35.79 -27.89 -48.78
N SER Z 111 34.75 -27.48 -48.07
CA SER Z 111 33.60 -26.87 -48.75
C SER Z 111 33.98 -25.58 -49.46
N ILE Z 112 34.76 -24.74 -48.79
CA ILE Z 112 35.16 -23.47 -49.39
C ILE Z 112 36.00 -23.72 -50.64
N GLN Z 113 36.92 -24.68 -50.57
CA GLN Z 113 37.74 -24.98 -51.74
C GLN Z 113 36.91 -25.62 -52.85
N ASP Z 114 35.85 -26.35 -52.50
CA ASP Z 114 34.95 -26.86 -53.52
C ASP Z 114 34.30 -25.70 -54.28
N GLU Z 115 33.83 -24.69 -53.55
CA GLU Z 115 33.26 -23.52 -54.22
C GLU Z 115 34.30 -22.82 -55.09
N ILE Z 116 35.53 -22.69 -54.59
CA ILE Z 116 36.59 -22.04 -55.34
C ILE Z 116 36.87 -22.80 -56.63
N LYS Z 117 36.94 -24.13 -56.55
CA LYS Z 117 37.17 -24.94 -57.73
C LYS Z 117 36.04 -24.79 -58.74
N SER Z 118 34.80 -24.73 -58.26
CA SER Z 118 33.67 -24.55 -59.16
C SER Z 118 33.79 -23.22 -59.90
N ARG Z 119 34.15 -22.15 -59.19
CA ARG Z 119 34.24 -20.86 -59.87
C ARG Z 119 35.44 -20.78 -60.81
N LEU Z 120 36.55 -21.45 -60.48
CA LEU Z 120 37.65 -21.52 -61.43
C LEU Z 120 37.24 -22.26 -62.69
N ASP Z 121 36.46 -23.33 -62.52
CA ASP Z 121 35.93 -24.05 -63.67
C ASP Z 121 35.04 -23.14 -64.51
N GLU Z 122 34.25 -22.30 -63.85
CA GLU Z 122 33.43 -21.34 -64.59
C GLU Z 122 34.28 -20.35 -65.38
N ILE Z 123 35.37 -19.87 -64.78
CA ILE Z 123 36.25 -18.96 -65.50
C ILE Z 123 36.79 -19.64 -66.76
N ASP Z 124 37.28 -20.88 -66.60
CA ASP Z 124 37.81 -21.61 -67.75
C ASP Z 124 36.73 -21.84 -68.81
N ARG Z 125 35.51 -22.18 -68.38
CA ARG Z 125 34.44 -22.45 -69.33
C ARG Z 125 34.06 -21.20 -70.12
N VAL Z 126 33.93 -20.07 -69.43
CA VAL Z 126 33.58 -18.83 -70.13
C VAL Z 126 34.68 -18.47 -71.11
N SER Z 127 35.93 -18.59 -70.70
CA SER Z 127 37.04 -18.28 -71.58
C SER Z 127 37.02 -19.16 -72.82
N GLY Z 128 36.79 -20.46 -72.64
CA GLY Z 128 36.79 -21.37 -73.76
C GLY Z 128 35.62 -21.16 -74.71
N GLN Z 129 34.44 -20.88 -74.17
CA GLN Z 129 33.22 -20.90 -74.96
C GLN Z 129 32.83 -19.53 -75.53
N THR Z 130 33.38 -18.44 -75.01
CA THR Z 130 33.06 -17.14 -75.58
C THR Z 130 33.50 -17.08 -77.03
N GLN Z 131 32.59 -16.67 -77.92
CA GLN Z 131 32.84 -16.76 -79.35
C GLN Z 131 32.13 -15.63 -80.07
N PHE Z 132 32.79 -15.09 -81.10
CA PHE Z 132 32.22 -14.06 -81.95
C PHE Z 132 32.49 -14.46 -83.40
N ASN Z 133 31.41 -14.71 -84.16
CA ASN Z 133 31.51 -15.04 -85.57
C ASN Z 133 32.44 -16.22 -85.82
N GLY Z 134 32.39 -17.22 -84.93
CA GLY Z 134 33.22 -18.38 -85.08
C GLY Z 134 34.66 -18.21 -84.65
N VAL Z 135 35.00 -17.10 -84.01
CA VAL Z 135 36.35 -16.82 -83.54
C VAL Z 135 36.34 -16.80 -82.03
N ASN Z 136 37.20 -17.62 -81.42
CA ASN Z 136 37.36 -17.65 -79.98
C ASN Z 136 38.23 -16.48 -79.57
N VAL Z 137 37.60 -15.41 -79.07
CA VAL Z 137 38.32 -14.18 -78.79
C VAL Z 137 39.27 -14.36 -77.60
N LEU Z 138 38.83 -15.08 -76.57
CA LEU Z 138 39.61 -15.20 -75.35
C LEU Z 138 40.49 -16.45 -75.31
N ALA Z 139 40.46 -17.29 -76.35
CA ALA Z 139 41.25 -18.51 -76.37
C ALA Z 139 42.54 -18.39 -77.17
N LYS Z 140 42.84 -17.21 -77.71
CA LYS Z 140 44.03 -17.03 -78.53
C LYS Z 140 44.75 -15.76 -78.10
N ASP Z 141 46.06 -15.74 -78.31
CA ASP Z 141 46.90 -14.59 -77.98
C ASP Z 141 47.30 -13.79 -79.21
N GLY Z 142 46.46 -13.77 -80.24
CA GLY Z 142 46.77 -13.11 -81.49
C GLY Z 142 46.27 -11.69 -81.56
N SER Z 143 46.00 -11.26 -82.79
CA SER Z 143 45.51 -9.92 -83.04
C SER Z 143 44.64 -9.92 -84.28
N MET Z 144 43.77 -8.92 -84.36
CA MET Z 144 42.87 -8.73 -85.48
C MET Z 144 43.17 -7.40 -86.15
N LYS Z 145 43.02 -7.36 -87.47
CA LYS Z 145 43.25 -6.15 -88.25
C LYS Z 145 41.93 -5.68 -88.83
N ILE Z 146 41.65 -4.39 -88.71
CA ILE Z 146 40.41 -3.80 -89.18
C ILE Z 146 40.75 -2.76 -90.22
N GLN Z 147 40.14 -2.88 -91.39
CA GLN Z 147 40.32 -1.92 -92.47
C GLN Z 147 39.50 -0.68 -92.18
N VAL Z 148 40.17 0.46 -92.04
CA VAL Z 148 39.50 1.70 -91.68
C VAL Z 148 39.61 2.78 -92.75
N GLY Z 149 40.58 2.69 -93.66
CA GLY Z 149 40.66 3.60 -94.78
C GLY Z 149 40.19 2.96 -96.07
N ALA Z 150 40.39 3.70 -97.17
CA ALA Z 150 40.00 3.24 -98.49
C ALA Z 150 41.16 2.69 -99.31
N ASN Z 151 42.38 2.78 -98.80
CA ASN Z 151 43.56 2.29 -99.51
C ASN Z 151 44.24 1.20 -98.68
N ASP Z 152 45.40 0.76 -99.16
CA ASP Z 152 46.13 -0.32 -98.50
C ASP Z 152 46.90 0.20 -97.30
N GLY Z 153 46.87 -0.55 -96.20
CA GLY Z 153 47.63 -0.24 -95.02
C GLY Z 153 46.90 0.57 -93.97
N GLU Z 154 45.69 1.05 -94.26
CA GLU Z 154 44.90 1.79 -93.28
C GLU Z 154 44.18 0.80 -92.38
N THR Z 155 44.90 0.32 -91.37
CA THR Z 155 44.40 -0.72 -90.49
C THR Z 155 44.56 -0.31 -89.04
N ILE Z 156 43.66 -0.83 -88.20
CA ILE Z 156 43.77 -0.71 -86.76
C ILE Z 156 43.81 -2.12 -86.19
N THR Z 157 44.74 -2.36 -85.26
CA THR Z 157 44.94 -3.68 -84.71
C THR Z 157 44.34 -3.77 -83.31
N ILE Z 158 43.57 -4.83 -83.08
CA ILE Z 158 43.07 -5.17 -81.76
C ILE Z 158 43.87 -6.36 -81.26
N ASP Z 159 44.50 -6.22 -80.11
CA ASP Z 159 45.29 -7.29 -79.52
C ASP Z 159 44.45 -8.11 -78.55
N LEU Z 160 44.51 -9.43 -78.65
CA LEU Z 160 43.82 -10.31 -77.74
C LEU Z 160 44.83 -11.05 -76.87
N LYS Z 161 44.40 -11.43 -75.67
CA LYS Z 161 45.24 -12.18 -74.76
C LYS Z 161 44.52 -13.45 -74.35
N LYS Z 162 45.27 -14.55 -74.24
CA LYS Z 162 44.71 -15.83 -73.86
C LYS Z 162 44.45 -15.79 -72.35
N ILE Z 163 43.18 -15.63 -71.99
CA ILE Z 163 42.78 -15.53 -70.59
C ILE Z 163 42.19 -16.86 -70.18
N ASP Z 164 42.80 -17.50 -69.19
CA ASP Z 164 42.30 -18.73 -68.59
C ASP Z 164 43.01 -18.92 -67.27
N SER Z 165 42.87 -20.11 -66.68
CA SER Z 165 43.59 -20.39 -65.44
C SER Z 165 45.09 -20.37 -65.64
N ASP Z 166 45.57 -20.98 -66.74
CA ASP Z 166 47.01 -21.15 -66.91
C ASP Z 166 47.74 -19.82 -66.98
N THR Z 167 47.17 -18.84 -67.68
CA THR Z 167 47.81 -17.54 -67.81
C THR Z 167 47.54 -16.63 -66.63
N LEU Z 168 46.76 -17.06 -65.65
CA LEU Z 168 46.54 -16.30 -64.42
C LEU Z 168 47.07 -17.04 -63.21
N GLY Z 169 47.78 -18.15 -63.42
CA GLY Z 169 48.24 -18.93 -62.29
C GLY Z 169 47.10 -19.78 -61.73
N LEU Z 170 46.90 -19.72 -60.43
CA LEU Z 170 45.72 -20.26 -59.77
C LEU Z 170 45.50 -21.74 -60.04
N ASN Z 171 46.47 -22.43 -60.64
CA ASN Z 171 46.27 -23.82 -61.03
C ASN Z 171 45.99 -24.69 -59.81
N GLY Z 172 46.96 -24.80 -58.91
CA GLY Z 172 46.74 -25.54 -57.68
C GLY Z 172 46.30 -24.65 -56.54
N PHE Z 173 45.12 -24.05 -56.66
CA PHE Z 173 44.63 -23.19 -55.59
C PHE Z 173 44.15 -24.06 -54.43
N ASN Z 174 45.11 -24.68 -53.75
CA ASN Z 174 44.89 -25.80 -52.84
C ASN Z 174 44.49 -25.37 -51.43
N VAL Z 175 43.84 -24.21 -51.30
CA VAL Z 175 43.62 -23.55 -50.01
C VAL Z 175 43.15 -24.51 -48.93
N ASN Z 176 42.56 -25.64 -49.33
CA ASN Z 176 42.22 -26.69 -48.37
C ASN Z 176 43.38 -27.62 -48.05
N GLY Z 177 44.61 -27.21 -48.35
CA GLY Z 177 45.75 -28.10 -48.17
C GLY Z 177 46.21 -28.22 -46.73
N LYS Z 178 47.52 -28.27 -46.51
CA LYS Z 178 48.04 -28.41 -45.16
C LYS Z 178 49.04 -27.30 -44.84
N GLY Z 179 49.65 -26.73 -45.88
CA GLY Z 179 50.64 -25.69 -45.63
C GLY Z 179 51.89 -26.26 -44.99
N THR Z 180 52.64 -25.36 -44.35
CA THR Z 180 53.89 -25.75 -43.70
C THR Z 180 53.60 -26.74 -42.59
N ILE Z 181 54.25 -27.90 -42.66
CA ILE Z 181 54.07 -28.98 -41.68
C ILE Z 181 55.42 -29.33 -41.10
N THR Z 182 55.48 -29.46 -39.77
CA THR Z 182 56.71 -29.85 -39.11
C THR Z 182 56.93 -31.34 -39.28
N ASN Z 183 58.13 -31.72 -39.73
CA ASN Z 183 58.42 -33.12 -39.99
C ASN Z 183 58.92 -33.81 -38.72
N LYS Z 184 58.64 -35.11 -38.62
CA LYS Z 184 58.99 -35.86 -37.43
C LYS Z 184 60.49 -36.13 -37.36
N ALA Z 185 60.97 -36.31 -36.13
CA ALA Z 185 62.38 -36.55 -35.91
C ALA Z 185 62.80 -37.94 -36.36
N ALA Z 186 64.03 -38.04 -36.85
CA ALA Z 186 64.55 -39.31 -37.33
C ALA Z 186 64.84 -40.25 -36.16
N THR Z 187 64.98 -41.53 -36.49
CA THR Z 187 65.29 -42.57 -35.51
C THR Z 187 66.28 -43.56 -36.09
N VAL Z 188 66.68 -44.53 -35.28
CA VAL Z 188 67.70 -45.48 -35.71
C VAL Z 188 67.15 -46.41 -36.79
N SER Z 189 65.86 -46.75 -36.73
CA SER Z 189 65.30 -47.70 -37.69
C SER Z 189 65.37 -47.14 -39.12
N ASP Z 190 64.84 -45.94 -39.33
CA ASP Z 190 64.92 -45.37 -40.67
C ASP Z 190 66.32 -44.82 -40.97
N LEU Z 191 67.13 -44.55 -39.95
CA LEU Z 191 68.54 -44.25 -40.21
C LEU Z 191 69.23 -45.43 -40.88
N THR Z 192 68.99 -46.64 -40.37
CA THR Z 192 69.54 -47.83 -41.00
C THR Z 192 68.85 -48.12 -42.33
N SER Z 193 67.56 -47.82 -42.43
CA SER Z 193 66.86 -48.01 -43.69
C SER Z 193 67.45 -47.14 -44.80
N ALA Z 194 67.93 -45.95 -44.45
CA ALA Z 194 68.60 -45.10 -45.42
C ALA Z 194 69.91 -45.69 -45.91
N GLY Z 195 70.45 -46.68 -45.22
CA GLY Z 195 71.67 -47.35 -45.64
C GLY Z 195 72.89 -47.11 -44.77
N ALA Z 196 72.74 -46.44 -43.63
CA ALA Z 196 73.88 -46.15 -42.79
C ALA Z 196 74.36 -47.41 -42.08
N LYS Z 197 75.69 -47.55 -41.97
CA LYS Z 197 76.30 -48.67 -41.27
C LYS Z 197 76.60 -48.27 -39.83
N LEU Z 198 76.94 -49.27 -39.02
CA LEU Z 198 77.23 -49.08 -37.60
C LEU Z 198 78.73 -49.19 -37.37
N ASN Z 199 79.32 -48.14 -36.80
CA ASN Z 199 80.75 -48.11 -36.52
C ASN Z 199 80.97 -48.67 -35.12
N THR Z 200 81.50 -49.90 -35.05
CA THR Z 200 81.64 -50.57 -33.76
C THR Z 200 82.66 -49.87 -32.86
N THR Z 201 83.68 -49.26 -33.45
CA THR Z 201 84.73 -48.64 -32.64
C THR Z 201 84.21 -47.45 -31.85
N THR Z 202 83.19 -46.76 -32.36
CA THR Z 202 82.62 -45.61 -31.68
C THR Z 202 81.15 -45.75 -31.33
N GLY Z 203 80.43 -46.69 -31.95
CA GLY Z 203 79.01 -46.86 -31.70
C GLY Z 203 78.12 -45.96 -32.51
N LEU Z 204 78.68 -45.06 -33.33
CA LEU Z 204 77.90 -44.14 -34.13
C LEU Z 204 77.43 -44.81 -35.42
N TYR Z 205 76.67 -44.07 -36.21
CA TYR Z 205 76.17 -44.56 -37.48
C TYR Z 205 76.75 -43.72 -38.61
N ASP Z 206 77.42 -44.36 -39.54
CA ASP Z 206 78.09 -43.68 -40.65
C ASP Z 206 77.26 -43.83 -41.92
N LEU Z 207 76.93 -42.70 -42.54
CA LEU Z 207 76.23 -42.69 -43.82
C LEU Z 207 77.16 -42.07 -44.86
N LYS Z 208 77.41 -42.82 -45.93
CA LYS Z 208 78.33 -42.43 -46.98
C LYS Z 208 77.54 -42.15 -48.25
N THR Z 209 77.72 -40.96 -48.81
CA THR Z 209 76.95 -40.51 -49.97
C THR Z 209 77.87 -40.50 -51.19
N GLU Z 210 77.69 -41.48 -52.06
CA GLU Z 210 78.50 -41.57 -53.27
C GLU Z 210 78.03 -40.55 -54.30
N ASN Z 211 78.95 -40.20 -55.20
CA ASN Z 211 78.66 -39.30 -56.31
C ASN Z 211 79.04 -39.99 -57.61
N THR Z 212 78.19 -39.86 -58.63
CA THR Z 212 78.51 -40.41 -59.94
C THR Z 212 79.55 -39.53 -60.64
N LEU Z 213 80.46 -40.18 -61.35
CA LEU Z 213 81.53 -39.45 -62.01
C LEU Z 213 80.97 -38.66 -63.19
N LEU Z 214 81.61 -37.52 -63.47
CA LEU Z 214 81.11 -36.62 -64.50
C LEU Z 214 81.12 -37.31 -65.87
N THR Z 215 80.11 -37.00 -66.67
CA THR Z 215 79.93 -37.62 -67.97
C THR Z 215 79.83 -36.55 -69.05
N THR Z 216 80.06 -36.97 -70.29
CA THR Z 216 80.09 -36.04 -71.41
C THR Z 216 78.73 -35.40 -71.64
N ASP Z 217 77.66 -36.16 -71.48
CA ASP Z 217 76.33 -35.60 -71.66
C ASP Z 217 76.03 -34.51 -70.63
N ALA Z 218 76.38 -34.77 -69.37
CA ALA Z 218 76.20 -33.75 -68.34
C ALA Z 218 77.07 -32.52 -68.62
N ALA Z 219 78.29 -32.74 -69.08
CA ALA Z 219 79.16 -31.62 -69.44
C ALA Z 219 78.55 -30.79 -70.56
N PHE Z 220 77.98 -31.46 -71.56
CA PHE Z 220 77.33 -30.75 -72.67
C PHE Z 220 76.11 -29.97 -72.18
N ASP Z 221 75.34 -30.55 -71.26
CA ASP Z 221 74.21 -29.82 -70.67
C ASP Z 221 74.69 -28.59 -69.92
N LYS Z 222 75.83 -28.69 -69.24
CA LYS Z 222 76.39 -27.57 -68.50
C LYS Z 222 77.22 -26.63 -69.38
N LEU Z 223 77.38 -26.95 -70.66
CA LEU Z 223 78.18 -26.11 -71.55
C LEU Z 223 77.55 -24.74 -71.72
N GLY Z 224 78.39 -23.72 -71.88
CA GLY Z 224 77.96 -22.37 -72.07
C GLY Z 224 78.61 -21.73 -73.28
N ASN Z 225 78.29 -20.46 -73.49
CA ASN Z 225 78.84 -19.71 -74.62
C ASN Z 225 80.34 -19.52 -74.46
N GLY Z 226 81.06 -19.65 -75.57
CA GLY Z 226 82.49 -19.48 -75.58
C GLY Z 226 83.29 -20.66 -75.08
N ASP Z 227 82.64 -21.77 -74.75
CA ASP Z 227 83.35 -22.94 -74.24
C ASP Z 227 84.12 -23.63 -75.36
N LYS Z 228 85.18 -24.34 -74.98
CA LYS Z 228 86.06 -25.01 -75.92
C LYS Z 228 86.07 -26.51 -75.64
N VAL Z 229 85.83 -27.31 -76.68
CA VAL Z 229 85.92 -28.76 -76.58
C VAL Z 229 86.92 -29.24 -77.61
N THR Z 230 87.98 -29.91 -77.14
CA THR Z 230 89.01 -30.44 -78.02
C THR Z 230 89.00 -31.95 -77.91
N VAL Z 231 88.55 -32.62 -78.97
CA VAL Z 231 88.50 -34.07 -79.03
C VAL Z 231 89.21 -34.52 -80.30
N GLY Z 232 90.11 -35.49 -80.16
CA GLY Z 232 90.87 -35.98 -81.29
C GLY Z 232 91.74 -34.92 -81.93
N GLY Z 233 92.24 -33.97 -81.15
CA GLY Z 233 93.06 -32.91 -81.69
C GLY Z 233 92.33 -31.83 -82.45
N VAL Z 234 90.99 -31.85 -82.42
CA VAL Z 234 90.18 -30.88 -83.15
C VAL Z 234 89.44 -30.01 -82.13
N ASP Z 235 89.56 -28.70 -82.29
CA ASP Z 235 88.97 -27.74 -81.36
C ASP Z 235 87.63 -27.24 -81.90
N TYR Z 236 86.63 -27.22 -81.04
CA TYR Z 236 85.30 -26.73 -81.36
C TYR Z 236 84.89 -25.70 -80.33
N THR Z 237 84.29 -24.61 -80.79
CA THR Z 237 83.85 -23.52 -79.92
C THR Z 237 82.34 -23.51 -79.87
N TYR Z 238 81.78 -23.60 -78.66
CA TYR Z 238 80.34 -23.62 -78.50
C TYR Z 238 79.74 -22.24 -78.76
N ASN Z 239 78.51 -22.24 -79.26
CA ASN Z 239 77.80 -21.02 -79.60
C ASN Z 239 76.51 -20.93 -78.81
N ALA Z 240 76.20 -19.73 -78.30
CA ALA Z 240 74.97 -19.53 -77.55
C ALA Z 240 73.74 -19.42 -78.43
N LYS Z 241 73.92 -19.11 -79.72
CA LYS Z 241 72.76 -18.95 -80.60
C LYS Z 241 72.00 -20.26 -80.76
N SER Z 242 72.72 -21.36 -80.90
CA SER Z 242 72.08 -22.67 -81.06
C SER Z 242 73.05 -23.74 -80.58
N GLY Z 243 72.52 -24.95 -80.40
CA GLY Z 243 73.32 -26.06 -79.92
C GLY Z 243 74.24 -26.62 -80.98
N ASP Z 244 75.25 -25.84 -81.37
CA ASP Z 244 76.19 -26.27 -82.39
C ASP Z 244 77.58 -25.73 -82.08
N PHE Z 245 78.58 -26.32 -82.71
CA PHE Z 245 79.97 -25.95 -82.55
C PHE Z 245 80.47 -25.28 -83.82
N THR Z 246 81.28 -24.25 -83.65
CA THR Z 246 81.99 -23.59 -84.74
C THR Z 246 83.46 -23.98 -84.64
N THR Z 247 84.02 -24.48 -85.74
CA THR Z 247 85.40 -24.95 -85.77
C THR Z 247 86.09 -24.36 -87.00
N THR Z 248 87.42 -24.34 -86.94
CA THR Z 248 88.23 -23.85 -88.04
C THR Z 248 88.83 -25.04 -88.79
N LYS Z 249 88.49 -25.16 -90.07
CA LYS Z 249 89.03 -26.21 -90.93
C LYS Z 249 90.02 -25.57 -91.90
N SER Z 250 91.26 -26.03 -91.86
CA SER Z 250 92.32 -25.45 -92.67
C SER Z 250 93.18 -26.55 -93.24
N THR Z 251 93.93 -26.21 -94.28
CA THR Z 251 94.83 -27.15 -94.93
C THR Z 251 95.92 -27.63 -93.96
N ALA Z 258 108.12 -28.34 -99.22
CA ALA Z 258 107.44 -27.98 -100.46
C ALA Z 258 107.22 -29.21 -101.34
N ALA Z 259 108.29 -29.96 -101.58
CA ALA Z 259 108.21 -31.16 -102.39
C ALA Z 259 107.73 -32.38 -101.61
N ALA Z 260 107.49 -32.23 -100.31
CA ALA Z 260 107.01 -33.33 -99.48
C ALA Z 260 105.52 -33.52 -99.71
N GLN Z 261 104.89 -34.34 -98.85
CA GLN Z 261 103.47 -34.62 -98.97
C GLN Z 261 102.60 -33.43 -98.60
N ALA Z 262 103.17 -32.36 -98.05
CA ALA Z 262 102.38 -31.21 -97.62
C ALA Z 262 101.66 -30.55 -98.79
N ALA Z 263 102.38 -30.27 -99.87
CA ALA Z 263 101.76 -29.62 -101.03
C ALA Z 263 100.73 -30.53 -101.69
N ASP Z 264 101.02 -31.83 -101.76
CA ASP Z 264 100.07 -32.77 -102.32
C ASP Z 264 98.79 -32.82 -101.49
N SER Z 265 98.92 -32.82 -100.16
CA SER Z 265 97.76 -32.79 -99.29
C SER Z 265 96.98 -31.50 -99.47
N ALA Z 266 97.68 -30.37 -99.62
CA ALA Z 266 97.01 -29.10 -99.84
C ALA Z 266 96.19 -29.14 -101.13
N SER Z 267 96.79 -29.64 -102.21
CA SER Z 267 96.06 -29.74 -103.47
C SER Z 267 94.87 -30.66 -103.37
N LYS Z 268 95.04 -31.81 -102.70
CA LYS Z 268 93.93 -32.75 -102.54
C LYS Z 268 92.80 -32.16 -101.72
N ARG Z 269 93.15 -31.41 -100.66
CA ARG Z 269 92.12 -30.78 -99.83
C ARG Z 269 91.37 -29.71 -100.60
N ASP Z 270 92.10 -28.91 -101.39
CA ASP Z 270 91.43 -27.92 -102.23
C ASP Z 270 90.51 -28.60 -103.25
N ALA Z 271 90.97 -29.70 -103.85
CA ALA Z 271 90.16 -30.40 -104.83
C ALA Z 271 88.90 -30.98 -104.19
N LEU Z 272 89.03 -31.58 -103.00
CA LEU Z 272 87.85 -32.15 -102.36
C LEU Z 272 86.87 -31.07 -101.94
N ALA Z 273 87.37 -29.93 -101.46
CA ALA Z 273 86.48 -28.82 -101.13
C ALA Z 273 85.76 -28.31 -102.37
N ALA Z 274 86.48 -28.22 -103.50
CA ALA Z 274 85.85 -27.80 -104.74
C ALA Z 274 84.76 -28.78 -105.18
N THR Z 275 85.05 -30.08 -105.07
CA THR Z 275 84.03 -31.07 -105.43
C THR Z 275 82.82 -30.97 -104.51
N LEU Z 276 83.04 -30.73 -103.22
CA LEU Z 276 81.93 -30.59 -102.28
C LEU Z 276 81.08 -29.38 -102.62
N HIS Z 277 81.71 -28.27 -103.00
CA HIS Z 277 80.95 -27.06 -103.34
C HIS Z 277 80.41 -27.09 -104.77
N ALA Z 278 80.80 -28.07 -105.58
CA ALA Z 278 80.30 -28.14 -106.95
C ALA Z 278 78.78 -28.29 -106.97
N ASP Z 279 78.23 -29.11 -106.09
CA ASP Z 279 76.79 -29.30 -106.02
C ASP Z 279 76.17 -28.14 -105.25
N VAL Z 280 75.44 -27.27 -105.96
CA VAL Z 280 74.79 -26.12 -105.36
C VAL Z 280 73.30 -26.08 -105.66
N GLY Z 281 72.72 -27.17 -106.14
CA GLY Z 281 71.33 -27.15 -106.56
C GLY Z 281 71.16 -26.27 -107.79
N LYS Z 282 70.55 -25.10 -107.59
CA LYS Z 282 70.43 -24.11 -108.64
C LYS Z 282 71.57 -23.09 -108.50
N SER Z 283 71.48 -22.01 -109.27
CA SER Z 283 72.54 -21.00 -109.26
C SER Z 283 72.66 -20.35 -107.90
N VAL Z 284 73.90 -20.07 -107.49
CA VAL Z 284 74.19 -19.44 -106.20
C VAL Z 284 75.14 -18.29 -106.43
N ASN Z 285 75.22 -17.39 -105.43
CA ASN Z 285 76.07 -16.21 -105.53
C ASN Z 285 77.36 -16.41 -104.76
N GLY Z 286 78.42 -15.73 -105.21
CA GLY Z 286 79.68 -15.71 -104.49
C GLY Z 286 80.43 -14.45 -104.79
N SER Z 287 81.36 -14.10 -103.90
CA SER Z 287 82.17 -12.89 -104.03
C SER Z 287 83.63 -13.25 -103.86
N TYR Z 288 84.43 -13.00 -104.90
CA TYR Z 288 85.87 -13.24 -104.86
C TYR Z 288 86.57 -11.90 -104.91
N THR Z 289 87.42 -11.63 -103.91
CA THR Z 289 88.11 -10.35 -103.82
C THR Z 289 89.59 -10.59 -103.60
N THR Z 290 90.41 -9.88 -104.38
CA THR Z 290 91.85 -9.86 -104.17
C THR Z 290 92.20 -8.68 -103.28
N LYS Z 291 93.48 -8.36 -103.19
CA LYS Z 291 93.92 -7.23 -102.38
C LYS Z 291 93.45 -5.90 -102.96
N ASP Z 292 93.07 -5.88 -104.25
CA ASP Z 292 92.78 -4.63 -104.93
C ASP Z 292 91.37 -4.54 -105.52
N GLY Z 293 90.67 -5.65 -105.70
CA GLY Z 293 89.40 -5.62 -106.39
C GLY Z 293 88.40 -6.62 -105.83
N THR Z 294 87.15 -6.44 -106.24
CA THR Z 294 86.05 -7.31 -105.85
C THR Z 294 85.29 -7.74 -107.10
N VAL Z 295 84.88 -9.01 -107.14
CA VAL Z 295 84.12 -9.56 -108.25
C VAL Z 295 82.97 -10.38 -107.68
N SER Z 296 81.78 -10.21 -108.25
CA SER Z 296 80.61 -11.00 -107.88
C SER Z 296 80.35 -12.00 -109.00
N PHE Z 297 80.32 -13.29 -108.66
CA PHE Z 297 80.18 -14.34 -109.64
C PHE Z 297 79.05 -15.28 -109.26
N GLU Z 298 78.30 -15.72 -110.27
CA GLU Z 298 77.18 -16.64 -110.09
C GLU Z 298 77.64 -18.05 -110.39
N THR Z 299 77.84 -18.84 -109.34
CA THR Z 299 78.20 -20.24 -109.52
C THR Z 299 76.98 -21.04 -109.98
N ASP Z 300 77.23 -21.97 -110.90
CA ASP Z 300 76.19 -22.81 -111.48
C ASP Z 300 76.27 -24.22 -110.90
N SER Z 301 75.28 -25.03 -111.26
CA SER Z 301 75.28 -26.42 -110.84
C SER Z 301 76.47 -27.16 -111.44
N ALA Z 302 76.99 -28.13 -110.68
CA ALA Z 302 78.14 -28.96 -111.04
C ALA Z 302 79.43 -28.17 -111.15
N GLY Z 303 79.43 -26.87 -110.83
CA GLY Z 303 80.64 -26.09 -110.81
C GLY Z 303 80.90 -25.29 -112.07
N ASN Z 304 80.69 -23.98 -112.00
CA ASN Z 304 80.95 -23.10 -113.12
C ASN Z 304 81.06 -21.67 -112.59
N ILE Z 305 81.64 -20.80 -113.43
CA ILE Z 305 81.82 -19.39 -113.11
C ILE Z 305 81.06 -18.57 -114.13
N THR Z 306 80.22 -17.65 -113.66
CA THR Z 306 79.41 -16.83 -114.54
C THR Z 306 79.28 -15.43 -113.95
N ILE Z 307 79.63 -14.43 -114.75
CA ILE Z 307 79.48 -13.03 -114.35
C ILE Z 307 78.64 -12.33 -115.42
N GLY Z 308 77.63 -11.60 -114.97
CA GLY Z 308 76.79 -10.83 -115.89
C GLY Z 308 76.09 -11.68 -116.94
N GLY Z 309 75.70 -12.89 -116.57
CA GLY Z 309 75.02 -13.77 -117.51
C GLY Z 309 75.92 -14.42 -118.54
N SER Z 310 77.23 -14.25 -118.43
CA SER Z 310 78.17 -14.82 -119.38
C SER Z 310 79.24 -15.60 -118.63
N GLN Z 311 79.77 -16.63 -119.29
CA GLN Z 311 80.79 -17.47 -118.67
C GLN Z 311 82.06 -16.65 -118.45
N ALA Z 312 82.65 -16.80 -117.28
CA ALA Z 312 83.84 -16.07 -116.87
C ALA Z 312 85.04 -16.99 -116.81
N TYR Z 313 86.22 -16.44 -117.09
CA TYR Z 313 87.46 -17.18 -117.10
C TYR Z 313 88.42 -16.61 -116.07
N VAL Z 314 89.23 -17.48 -115.49
CA VAL Z 314 90.14 -17.11 -114.41
C VAL Z 314 91.54 -16.93 -114.99
N ASP Z 315 92.19 -15.83 -114.62
CA ASP Z 315 93.54 -15.55 -115.07
C ASP Z 315 94.53 -16.47 -114.36
N ASP Z 316 95.70 -16.66 -114.98
CA ASP Z 316 96.72 -17.53 -114.41
C ASP Z 316 97.20 -17.01 -113.06
N ALA Z 317 97.38 -15.69 -112.94
CA ALA Z 317 97.81 -15.09 -111.68
C ALA Z 317 96.72 -15.17 -110.61
N GLY Z 318 95.47 -15.42 -111.00
CA GLY Z 318 94.37 -15.51 -110.06
C GLY Z 318 93.25 -14.52 -110.31
N ASN Z 319 93.40 -13.60 -111.25
CA ASN Z 319 92.35 -12.63 -111.52
C ASN Z 319 91.18 -13.30 -112.23
N LEU Z 320 90.01 -12.69 -112.10
CA LEU Z 320 88.78 -13.17 -112.72
C LEU Z 320 88.32 -12.17 -113.77
N THR Z 321 88.05 -12.66 -114.99
CA THR Z 321 87.64 -11.81 -116.09
C THR Z 321 86.58 -12.52 -116.92
N THR Z 322 85.85 -11.73 -117.70
CA THR Z 322 84.79 -12.26 -118.53
C THR Z 322 85.23 -12.61 -119.94
N ASN Z 323 86.48 -12.30 -120.30
CA ASN Z 323 86.99 -12.59 -121.64
C ASN Z 323 88.31 -13.34 -121.53
N ASN Z 324 88.53 -14.28 -122.45
CA ASN Z 324 89.73 -15.09 -122.43
C ASN Z 324 90.89 -14.35 -123.06
N ALA Z 325 92.07 -14.46 -122.44
CA ALA Z 325 93.29 -13.86 -122.94
C ALA Z 325 94.41 -14.89 -122.90
N GLY Z 326 95.14 -15.02 -124.00
CA GLY Z 326 96.22 -15.98 -124.06
C GLY Z 326 95.79 -17.42 -124.13
N SER Z 327 94.55 -17.69 -124.55
CA SER Z 327 94.01 -19.04 -124.66
C SER Z 327 94.12 -19.80 -123.34
N ALA Z 328 93.86 -19.09 -122.24
CA ALA Z 328 93.89 -19.66 -120.89
C ALA Z 328 92.59 -19.26 -120.20
N ALA Z 329 91.54 -20.06 -120.41
CA ALA Z 329 90.22 -19.76 -119.87
C ALA Z 329 89.92 -20.57 -118.60
N LYS Z 330 89.99 -21.90 -118.70
CA LYS Z 330 89.75 -22.83 -117.60
C LYS Z 330 88.60 -22.38 -116.70
N ALA Z 331 87.44 -22.20 -117.32
CA ALA Z 331 86.26 -21.66 -116.64
C ALA Z 331 85.67 -22.74 -115.73
N ASP Z 332 86.32 -22.92 -114.58
CA ASP Z 332 85.84 -23.87 -113.59
C ASP Z 332 86.22 -23.36 -112.20
N MET Z 333 85.35 -23.64 -111.23
CA MET Z 333 85.62 -23.17 -109.87
C MET Z 333 86.74 -23.95 -109.22
N LYS Z 334 86.91 -25.23 -109.57
CA LYS Z 334 88.07 -25.97 -109.10
C LYS Z 334 89.37 -25.34 -109.62
N ALA Z 335 89.38 -24.97 -110.91
CA ALA Z 335 90.54 -24.30 -111.47
C ALA Z 335 90.77 -22.95 -110.81
N LEU Z 336 89.69 -22.23 -110.51
CA LEU Z 336 89.83 -20.96 -109.81
C LEU Z 336 90.46 -21.15 -108.43
N LEU Z 337 90.00 -22.17 -107.69
CA LEU Z 337 90.57 -22.44 -106.37
C LEU Z 337 92.05 -22.83 -106.48
N LYS Z 338 92.38 -23.67 -107.46
CA LYS Z 338 93.77 -24.06 -107.63
C LYS Z 338 94.65 -22.86 -107.99
N ALA Z 339 94.17 -21.99 -108.88
CA ALA Z 339 94.92 -20.82 -109.26
C ALA Z 339 95.10 -19.87 -108.08
N ALA Z 340 94.05 -19.68 -107.27
CA ALA Z 340 94.17 -18.84 -106.09
C ALA Z 340 95.17 -19.42 -105.10
N SER Z 341 95.12 -20.74 -104.89
CA SER Z 341 96.06 -21.37 -103.95
C SER Z 341 97.49 -21.25 -104.43
N GLU Z 342 97.73 -21.46 -105.72
CA GLU Z 342 99.07 -21.42 -106.28
C GLU Z 342 99.52 -20.01 -106.65
N GLY Z 343 98.66 -19.01 -106.48
CA GLY Z 343 99.01 -17.66 -106.89
C GLY Z 343 100.08 -17.05 -106.01
N SER Z 344 100.73 -16.02 -106.56
CA SER Z 344 101.76 -15.32 -105.81
C SER Z 344 101.16 -14.53 -104.65
N ASP Z 345 99.91 -14.10 -104.78
CA ASP Z 345 99.24 -13.31 -103.76
C ASP Z 345 97.93 -13.98 -103.36
N GLY Z 346 97.64 -13.94 -102.06
CA GLY Z 346 96.41 -14.53 -101.56
C GLY Z 346 95.20 -13.65 -101.79
N ALA Z 347 94.03 -14.25 -101.64
CA ALA Z 347 92.75 -13.56 -101.84
C ALA Z 347 91.72 -14.13 -100.88
N SER Z 348 90.56 -13.48 -100.84
CA SER Z 348 89.45 -13.88 -99.97
C SER Z 348 88.23 -14.23 -100.82
N LEU Z 349 87.63 -15.38 -100.55
CA LEU Z 349 86.50 -15.87 -101.32
C LEU Z 349 85.36 -16.18 -100.37
N THR Z 350 84.19 -15.58 -100.62
CA THR Z 350 83.01 -15.75 -99.79
C THR Z 350 81.92 -16.44 -100.60
N PHE Z 351 81.39 -17.53 -100.06
CA PHE Z 351 80.27 -18.24 -100.66
C PHE Z 351 78.96 -17.66 -100.12
N ASN Z 352 77.85 -18.37 -100.35
CA ASN Z 352 76.55 -17.88 -99.90
C ASN Z 352 76.53 -17.65 -98.39
N GLY Z 353 76.93 -18.66 -97.62
CA GLY Z 353 76.89 -18.56 -96.18
C GLY Z 353 78.24 -18.35 -95.51
N THR Z 354 79.26 -19.08 -95.96
CA THR Z 354 80.56 -19.08 -95.31
C THR Z 354 81.56 -18.26 -96.10
N GLU Z 355 82.70 -17.99 -95.47
CA GLU Z 355 83.81 -17.25 -96.06
C GLU Z 355 85.05 -18.12 -96.03
N TYR Z 356 85.80 -18.11 -97.13
CA TYR Z 356 87.01 -18.92 -97.28
C TYR Z 356 88.19 -18.00 -97.50
N THR Z 357 89.28 -18.24 -96.77
CA THR Z 357 90.50 -17.47 -96.88
C THR Z 357 91.59 -18.32 -97.50
N ILE Z 358 92.28 -17.76 -98.48
CA ILE Z 358 93.31 -18.47 -99.25
C ILE Z 358 94.67 -17.97 -98.77
N ALA Z 359 95.49 -18.87 -98.24
CA ALA Z 359 96.83 -18.51 -97.80
C ALA Z 359 97.74 -18.28 -98.99
N LYS Z 360 98.65 -17.32 -98.86
CA LYS Z 360 99.58 -16.99 -99.93
C LYS Z 360 100.58 -18.12 -100.16
N GLY Z 376 97.23 -22.87 -99.11
CA GLY Z 376 96.24 -23.55 -98.30
C GLY Z 376 94.92 -22.82 -98.23
N ILE Z 377 93.89 -23.50 -97.73
CA ILE Z 377 92.56 -22.94 -97.60
C ILE Z 377 92.13 -23.04 -96.14
N THR Z 378 91.46 -22.01 -95.64
CA THR Z 378 90.89 -22.06 -94.30
C THR Z 378 89.46 -21.52 -94.33
N TYR Z 379 88.62 -22.06 -93.46
CA TYR Z 379 87.22 -21.67 -93.41
C TYR Z 379 86.64 -22.07 -92.06
N GLN Z 380 85.68 -21.26 -91.59
CA GLN Z 380 85.03 -21.50 -90.31
C GLN Z 380 83.80 -22.37 -90.54
N ALA Z 381 83.99 -23.68 -90.42
CA ALA Z 381 82.90 -24.62 -90.58
C ALA Z 381 82.07 -24.69 -89.30
N THR Z 382 80.83 -25.17 -89.45
CA THR Z 382 79.93 -25.38 -88.32
C THR Z 382 79.48 -26.84 -88.31
N VAL Z 383 79.64 -27.49 -87.18
CA VAL Z 383 79.23 -28.89 -87.00
C VAL Z 383 78.42 -28.99 -85.73
N SER Z 384 77.34 -29.76 -85.77
CA SER Z 384 76.45 -29.88 -84.63
C SER Z 384 77.15 -30.53 -83.46
N LYS Z 385 76.78 -30.10 -82.25
CA LYS Z 385 77.37 -30.65 -81.03
C LYS Z 385 77.01 -32.12 -80.84
N ASP Z 386 75.94 -32.59 -81.50
CA ASP Z 386 75.57 -34.00 -81.38
C ASP Z 386 76.67 -34.90 -81.91
N VAL Z 387 77.26 -34.55 -83.06
CA VAL Z 387 78.35 -35.35 -83.62
C VAL Z 387 79.54 -35.36 -82.67
N VAL Z 388 79.88 -34.20 -82.10
CA VAL Z 388 81.04 -34.12 -81.22
C VAL Z 388 80.83 -34.98 -79.98
N LEU Z 389 79.65 -34.86 -79.36
CA LEU Z 389 79.39 -35.64 -78.16
C LEU Z 389 79.35 -37.14 -78.47
N SER Z 390 78.77 -37.51 -79.61
CA SER Z 390 78.71 -38.93 -79.97
C SER Z 390 80.10 -39.49 -80.22
N GLU Z 391 80.95 -38.75 -80.92
CA GLU Z 391 82.30 -39.25 -81.19
C GLU Z 391 83.14 -39.28 -79.92
N THR Z 392 82.90 -38.35 -78.99
CA THR Z 392 83.61 -38.40 -77.71
C THR Z 392 83.16 -39.59 -76.88
N LYS Z 393 81.86 -39.87 -76.87
CA LYS Z 393 81.32 -40.93 -76.02
C LYS Z 393 81.66 -42.31 -76.57
N ALA Z 394 81.52 -42.51 -77.88
CA ALA Z 394 81.66 -43.84 -78.45
C ALA Z 394 83.10 -44.30 -78.45
N ALA Z 395 84.03 -43.44 -78.85
CA ALA Z 395 85.42 -43.82 -79.02
C ALA Z 395 86.19 -43.61 -77.72
N ALA Z 396 87.26 -44.39 -77.58
CA ALA Z 396 88.13 -44.30 -76.40
C ALA Z 396 89.21 -43.23 -76.61
N ALA Z 397 88.73 -42.00 -76.80
CA ALA Z 397 89.60 -40.87 -77.06
C ALA Z 397 89.93 -40.14 -75.76
N THR Z 398 90.66 -39.03 -75.89
CA THR Z 398 91.05 -38.19 -74.75
C THR Z 398 90.59 -36.77 -75.07
N SER Z 399 89.40 -36.41 -74.60
CA SER Z 399 88.83 -35.10 -74.87
C SER Z 399 89.15 -34.13 -73.74
N SER Z 400 89.05 -32.84 -74.04
CA SER Z 400 89.24 -31.78 -73.06
C SER Z 400 88.11 -30.79 -73.18
N ILE Z 401 87.50 -30.44 -72.05
CA ILE Z 401 86.37 -29.53 -71.99
C ILE Z 401 86.75 -28.35 -71.11
N THR Z 402 86.54 -27.14 -71.62
CA THR Z 402 86.87 -25.92 -70.88
C THR Z 402 85.61 -25.14 -70.59
N PHE Z 403 85.39 -24.86 -69.30
CA PHE Z 403 84.29 -24.02 -68.86
C PHE Z 403 84.83 -22.62 -68.58
N ASN Z 404 84.22 -21.62 -69.20
CA ASN Z 404 84.61 -20.22 -69.05
C ASN Z 404 83.38 -19.41 -68.66
N SER Z 405 83.50 -18.66 -67.57
CA SER Z 405 82.49 -17.71 -67.16
C SER Z 405 82.79 -16.30 -67.63
N GLY Z 406 83.78 -16.14 -68.50
CA GLY Z 406 84.27 -14.86 -68.94
C GLY Z 406 85.49 -14.38 -68.17
N VAL Z 407 85.64 -14.82 -66.93
CA VAL Z 407 86.81 -14.51 -66.10
C VAL Z 407 87.46 -15.79 -65.58
N LEU Z 408 86.66 -16.69 -65.05
CA LEU Z 408 87.15 -17.91 -64.41
C LEU Z 408 87.09 -19.06 -65.41
N SER Z 409 88.17 -19.82 -65.51
CA SER Z 409 88.29 -20.88 -66.48
C SER Z 409 88.72 -22.18 -65.80
N LYS Z 410 88.14 -23.30 -66.23
CA LYS Z 410 88.54 -24.61 -65.76
C LYS Z 410 88.60 -25.58 -66.93
N THR Z 411 89.68 -26.35 -67.01
CA THR Z 411 89.85 -27.35 -68.05
C THR Z 411 89.83 -28.73 -67.43
N ILE Z 412 89.00 -29.61 -67.98
CA ILE Z 412 88.80 -30.97 -67.46
C ILE Z 412 89.08 -31.97 -68.57
N GLY Z 413 89.91 -32.96 -68.27
CA GLY Z 413 90.15 -34.05 -69.21
C GLY Z 413 89.10 -35.14 -69.06
N PHE Z 414 88.79 -35.79 -70.18
CA PHE Z 414 87.74 -36.79 -70.23
C PHE Z 414 88.22 -37.99 -71.04
N THR Z 415 87.96 -39.19 -70.50
CA THR Z 415 88.13 -40.43 -71.23
C THR Z 415 86.80 -40.75 -71.93
N ALA Z 416 86.61 -41.99 -72.37
CA ALA Z 416 85.42 -42.37 -73.13
C ALA Z 416 84.22 -42.40 -72.18
N GLY Z 417 83.66 -41.23 -71.93
CA GLY Z 417 82.47 -41.08 -71.12
C GLY Z 417 82.72 -40.64 -69.69
N GLU Z 418 83.95 -40.70 -69.21
CA GLU Z 418 84.29 -40.35 -67.84
C GLU Z 418 85.48 -39.40 -67.85
N SER Z 419 85.94 -39.03 -66.66
CA SER Z 419 87.10 -38.16 -66.50
C SER Z 419 88.26 -38.96 -65.95
N SER Z 420 89.40 -38.93 -66.66
CA SER Z 420 90.59 -39.66 -66.27
C SER Z 420 91.77 -38.75 -65.97
N ASP Z 421 91.52 -37.46 -65.75
CA ASP Z 421 92.58 -36.48 -65.58
C ASP Z 421 93.06 -36.37 -64.14
N ALA Z 422 92.89 -37.42 -63.34
CA ALA Z 422 93.28 -37.43 -61.92
C ALA Z 422 92.55 -36.33 -61.14
N ALA Z 423 91.38 -35.94 -61.62
CA ALA Z 423 90.54 -34.94 -60.98
C ALA Z 423 89.24 -35.58 -60.52
N LYS Z 424 88.66 -35.01 -59.47
CA LYS Z 424 87.49 -35.62 -58.86
C LYS Z 424 86.27 -35.51 -59.76
N SER Z 425 85.83 -34.28 -60.04
CA SER Z 425 84.84 -33.99 -61.07
C SER Z 425 83.54 -34.78 -60.85
N TYR Z 426 82.87 -34.45 -59.76
CA TYR Z 426 81.59 -35.07 -59.42
C TYR Z 426 80.48 -34.02 -59.42
N VAL Z 427 79.30 -34.43 -59.87
CA VAL Z 427 78.20 -33.49 -60.12
C VAL Z 427 76.92 -34.03 -59.48
N ASP Z 428 76.97 -35.25 -58.95
CA ASP Z 428 75.77 -35.98 -58.58
C ASP Z 428 74.95 -35.29 -57.49
N ASP Z 429 75.56 -34.41 -56.70
CA ASP Z 429 74.88 -33.85 -55.53
C ASP Z 429 73.63 -33.06 -55.91
N LYS Z 430 73.79 -31.92 -56.57
CA LYS Z 430 72.66 -31.10 -56.98
C LYS Z 430 72.87 -30.45 -58.35
N GLY Z 431 73.93 -30.79 -59.04
CA GLY Z 431 74.32 -30.07 -60.24
C GLY Z 431 75.52 -29.18 -60.00
N GLY Z 432 76.33 -29.01 -61.03
CA GLY Z 432 77.59 -28.32 -60.90
C GLY Z 432 78.71 -29.23 -60.44
N ILE Z 433 79.93 -28.87 -60.82
CA ILE Z 433 81.10 -29.71 -60.58
C ILE Z 433 81.70 -29.32 -59.23
N THR Z 434 81.49 -30.16 -58.23
CA THR Z 434 81.93 -29.87 -56.87
C THR Z 434 83.19 -30.63 -56.47
N ASN Z 435 83.71 -31.48 -57.36
CA ASN Z 435 85.01 -32.15 -57.23
C ASN Z 435 85.28 -32.68 -55.82
N VAL Z 436 84.26 -33.22 -55.18
CA VAL Z 436 84.40 -33.90 -53.90
C VAL Z 436 84.12 -35.39 -54.12
N ALA Z 437 85.05 -36.24 -53.65
CA ALA Z 437 84.89 -37.67 -53.82
C ALA Z 437 83.67 -38.18 -53.09
N ASP Z 438 83.68 -38.06 -51.76
CA ASP Z 438 82.60 -38.56 -50.94
C ASP Z 438 82.71 -37.95 -49.55
N TYR Z 439 81.57 -37.72 -48.92
CA TYR Z 439 81.51 -37.24 -47.55
C TYR Z 439 80.70 -38.23 -46.72
N THR Z 440 81.22 -38.58 -45.55
CA THR Z 440 80.56 -39.49 -44.62
C THR Z 440 80.11 -38.71 -43.40
N VAL Z 441 78.83 -38.82 -43.07
CA VAL Z 441 78.24 -38.13 -41.93
C VAL Z 441 77.97 -39.16 -40.84
N SER Z 442 78.42 -38.85 -39.62
CA SER Z 442 78.27 -39.75 -38.49
C SER Z 442 77.17 -39.20 -37.57
N TYR Z 443 76.23 -40.07 -37.22
CA TYR Z 443 75.09 -39.73 -36.38
C TYR Z 443 75.21 -40.45 -35.05
N SER Z 444 74.98 -39.73 -33.96
CA SER Z 444 74.99 -40.30 -32.62
C SER Z 444 73.56 -40.57 -32.18
N VAL Z 445 73.32 -41.77 -31.67
CA VAL Z 445 71.99 -42.19 -31.22
C VAL Z 445 71.97 -42.18 -29.71
N ASN Z 446 71.07 -41.40 -29.13
CA ASN Z 446 70.91 -41.35 -27.68
C ASN Z 446 70.00 -42.50 -27.25
N LYS Z 447 70.55 -43.47 -26.56
CA LYS Z 447 69.82 -44.68 -26.21
C LYS Z 447 68.80 -44.46 -25.09
N ASP Z 448 68.82 -43.30 -24.42
CA ASP Z 448 67.83 -43.04 -23.38
C ASP Z 448 66.44 -42.86 -23.98
N ASN Z 449 66.33 -42.10 -25.06
CA ASN Z 449 65.04 -41.83 -25.68
C ASN Z 449 64.97 -42.25 -27.15
N GLY Z 450 66.10 -42.50 -27.81
CA GLY Z 450 66.11 -42.84 -29.22
C GLY Z 450 66.34 -41.68 -30.16
N SER Z 451 66.57 -40.48 -29.63
CA SER Z 451 66.81 -39.32 -30.47
C SER Z 451 68.14 -39.45 -31.20
N VAL Z 452 68.19 -38.98 -32.44
CA VAL Z 452 69.37 -39.04 -33.28
C VAL Z 452 69.83 -37.62 -33.60
N THR Z 453 71.11 -37.35 -33.35
CA THR Z 453 71.71 -36.05 -33.62
C THR Z 453 72.88 -36.24 -34.57
N VAL Z 454 73.42 -35.12 -35.04
CA VAL Z 454 74.54 -35.10 -35.98
C VAL Z 454 75.82 -34.87 -35.18
N ALA Z 455 76.77 -35.79 -35.32
CA ALA Z 455 78.04 -35.67 -34.61
C ALA Z 455 79.12 -36.38 -35.43
N GLY Z 456 79.92 -35.60 -36.16
CA GLY Z 456 81.03 -36.15 -36.90
C GLY Z 456 80.91 -36.04 -38.41
N TYR Z 457 81.94 -35.52 -39.05
CA TYR Z 457 81.98 -35.36 -40.50
C TYR Z 457 83.35 -35.80 -41.00
N ALA Z 458 83.36 -36.61 -42.06
CA ALA Z 458 84.61 -37.09 -42.65
C ALA Z 458 84.57 -36.85 -44.15
N SER Z 459 85.68 -36.42 -44.71
CA SER Z 459 85.78 -36.20 -46.15
C SER Z 459 87.14 -36.69 -46.64
N ALA Z 460 87.13 -37.43 -47.75
CA ALA Z 460 88.36 -37.88 -48.38
C ALA Z 460 89.12 -36.74 -49.04
N THR Z 461 88.49 -35.60 -49.25
CA THR Z 461 89.11 -34.40 -49.77
C THR Z 461 88.99 -33.28 -48.74
N ASP Z 462 89.57 -32.13 -49.06
CA ASP Z 462 89.46 -30.98 -48.17
C ASP Z 462 87.99 -30.54 -48.04
N THR Z 463 87.34 -30.32 -49.18
CA THR Z 463 85.89 -30.13 -49.28
C THR Z 463 85.47 -28.79 -48.69
N ASN Z 464 86.40 -28.09 -48.04
CA ASN Z 464 86.14 -26.81 -47.39
C ASN Z 464 84.93 -26.84 -46.47
N LYS Z 465 84.58 -28.05 -46.00
CA LYS Z 465 83.41 -28.25 -45.14
C LYS Z 465 82.14 -27.68 -45.76
N ASP Z 466 81.99 -27.88 -47.07
CA ASP Z 466 80.80 -27.38 -47.77
C ASP Z 466 79.56 -28.15 -47.35
N TYR Z 467 79.67 -29.48 -47.23
CA TYR Z 467 78.54 -30.33 -46.89
C TYR Z 467 78.56 -30.79 -45.45
N ALA Z 468 79.22 -30.04 -44.57
CA ALA Z 468 79.34 -30.45 -43.18
C ALA Z 468 78.37 -29.64 -42.32
N PRO Z 469 77.28 -30.25 -41.84
CA PRO Z 469 76.42 -29.54 -40.90
C PRO Z 469 77.10 -29.37 -39.54
N ALA Z 470 76.65 -28.35 -38.81
CA ALA Z 470 77.16 -28.14 -37.46
C ALA Z 470 76.80 -29.31 -36.58
N ILE Z 471 77.77 -29.78 -35.78
CA ILE Z 471 77.52 -30.93 -34.92
C ILE Z 471 76.53 -30.57 -33.82
N GLY Z 472 75.86 -31.59 -33.30
CA GLY Z 472 74.90 -31.40 -32.24
C GLY Z 472 73.53 -30.93 -32.67
N THR Z 473 73.22 -30.99 -33.97
CA THR Z 473 71.93 -30.57 -34.49
C THR Z 473 71.04 -31.78 -34.69
N ALA Z 474 69.83 -31.73 -34.15
CA ALA Z 474 68.90 -32.86 -34.25
C ALA Z 474 68.48 -33.05 -35.70
N VAL Z 475 68.56 -34.28 -36.18
CA VAL Z 475 68.20 -34.61 -37.56
C VAL Z 475 66.76 -35.09 -37.59
N ASN Z 476 66.09 -34.84 -38.71
CA ASN Z 476 64.70 -35.23 -38.91
C ASN Z 476 64.56 -35.98 -40.23
N VAL Z 477 63.32 -36.28 -40.59
CA VAL Z 477 63.00 -37.02 -41.80
C VAL Z 477 62.15 -36.13 -42.70
N ASN Z 478 62.57 -35.98 -43.94
CA ASN Z 478 61.85 -35.13 -44.88
C ASN Z 478 60.54 -35.78 -45.29
N SER Z 479 59.79 -35.08 -46.14
CA SER Z 479 58.52 -35.61 -46.63
C SER Z 479 58.74 -36.86 -47.47
N ALA Z 480 59.79 -36.88 -48.28
CA ALA Z 480 60.10 -38.01 -49.15
C ALA Z 480 60.80 -39.14 -48.42
N GLY Z 481 60.98 -39.04 -47.10
CA GLY Z 481 61.65 -40.06 -46.33
C GLY Z 481 63.15 -39.90 -46.22
N LYS Z 482 63.72 -38.85 -46.80
CA LYS Z 482 65.16 -38.66 -46.73
C LYS Z 482 65.57 -38.19 -45.34
N ILE Z 483 66.86 -38.30 -45.06
CA ILE Z 483 67.45 -37.88 -43.80
C ILE Z 483 67.96 -36.44 -43.99
N THR Z 484 67.36 -35.49 -43.28
CA THR Z 484 67.64 -34.09 -43.50
C THR Z 484 67.48 -33.34 -42.18
N THR Z 485 68.11 -32.17 -42.09
CA THR Z 485 68.20 -31.45 -40.83
C THR Z 485 67.13 -30.39 -40.63
N GLU Z 486 66.65 -29.74 -41.70
CA GLU Z 486 65.71 -28.65 -41.53
C GLU Z 486 64.30 -29.19 -41.28
N THR Z 487 63.52 -28.41 -40.53
CA THR Z 487 62.19 -28.81 -40.10
C THR Z 487 61.07 -28.11 -40.84
N THR Z 488 61.38 -27.33 -41.89
CA THR Z 488 60.36 -26.57 -42.61
C THR Z 488 59.35 -27.49 -43.27
N SER Z 489 59.79 -28.27 -44.25
CA SER Z 489 58.94 -29.25 -44.95
C SER Z 489 57.68 -28.58 -45.50
N ALA Z 490 57.91 -27.70 -46.48
CA ALA Z 490 56.84 -26.91 -47.07
C ALA Z 490 55.75 -27.81 -47.65
N GLY Z 491 54.50 -27.42 -47.44
CA GLY Z 491 53.35 -28.20 -47.87
C GLY Z 491 52.84 -27.84 -49.24
N SER Z 492 51.56 -28.12 -49.46
CA SER Z 492 50.95 -27.96 -50.78
C SER Z 492 49.95 -26.82 -50.88
N ALA Z 493 49.51 -26.25 -49.77
CA ALA Z 493 48.59 -25.12 -49.83
C ALA Z 493 49.26 -23.93 -50.50
N THR Z 494 48.46 -23.16 -51.25
CA THR Z 494 48.99 -22.03 -51.98
C THR Z 494 49.59 -21.01 -51.02
N THR Z 495 50.76 -20.49 -51.39
CA THR Z 495 51.53 -19.63 -50.48
C THR Z 495 50.81 -18.30 -50.24
N ASN Z 496 50.61 -17.52 -51.29
CA ASN Z 496 50.06 -16.16 -51.18
C ASN Z 496 48.85 -16.05 -52.09
N PRO Z 497 47.71 -16.63 -51.66
CA PRO Z 497 46.53 -16.62 -52.53
C PRO Z 497 46.04 -15.23 -52.84
N LEU Z 498 46.11 -14.32 -51.87
CA LEU Z 498 45.64 -12.97 -52.09
C LEU Z 498 46.51 -12.24 -53.11
N ALA Z 499 47.83 -12.44 -53.03
CA ALA Z 499 48.71 -11.84 -54.02
C ALA Z 499 48.45 -12.40 -55.41
N ALA Z 500 48.25 -13.72 -55.52
CA ALA Z 500 47.98 -14.31 -56.82
C ALA Z 500 46.68 -13.78 -57.41
N LEU Z 501 45.64 -13.66 -56.58
CA LEU Z 501 44.37 -13.12 -57.05
C LEU Z 501 44.51 -11.66 -57.46
N ASP Z 502 45.32 -10.89 -56.72
CA ASP Z 502 45.56 -9.50 -57.10
C ASP Z 502 46.24 -9.42 -58.47
N ASP Z 503 47.22 -10.29 -58.71
CA ASP Z 503 47.88 -10.30 -60.01
C ASP Z 503 46.89 -10.65 -61.12
N ALA Z 504 46.03 -11.63 -60.89
CA ALA Z 504 45.04 -12.00 -61.90
C ALA Z 504 44.08 -10.84 -62.19
N ILE Z 505 43.59 -10.18 -61.13
CA ILE Z 505 42.67 -9.06 -61.33
C ILE Z 505 43.36 -7.93 -62.07
N SER Z 506 44.64 -7.68 -61.75
CA SER Z 506 45.39 -6.63 -62.44
C SER Z 506 45.52 -6.95 -63.92
N SER Z 507 45.81 -8.20 -64.27
CA SER Z 507 45.90 -8.57 -65.67
C SER Z 507 44.57 -8.35 -66.38
N ILE Z 508 43.47 -8.76 -65.74
CA ILE Z 508 42.15 -8.56 -66.35
C ILE Z 508 41.88 -7.09 -66.57
N ASP Z 509 42.19 -6.26 -65.58
CA ASP Z 509 41.93 -4.82 -65.69
C ASP Z 509 42.77 -4.19 -66.80
N LYS Z 510 44.03 -4.60 -66.92
CA LYS Z 510 44.87 -4.07 -67.99
C LYS Z 510 44.30 -4.41 -69.36
N PHE Z 511 43.88 -5.66 -69.54
CA PHE Z 511 43.34 -6.04 -70.84
C PHE Z 511 42.03 -5.31 -71.13
N ARG Z 512 41.19 -5.13 -70.12
CA ARG Z 512 39.96 -4.35 -70.31
C ARG Z 512 40.26 -2.91 -70.69
N SER Z 513 41.26 -2.30 -70.04
CA SER Z 513 41.62 -0.93 -70.37
C SER Z 513 42.11 -0.82 -71.81
N SER Z 514 42.92 -1.79 -72.25
CA SER Z 514 43.39 -1.78 -73.63
C SER Z 514 42.23 -1.86 -74.60
N LEU Z 515 41.27 -2.74 -74.33
CA LEU Z 515 40.09 -2.84 -75.19
C LEU Z 515 39.30 -1.53 -75.21
N GLY Z 516 39.15 -0.90 -74.05
CA GLY Z 516 38.43 0.37 -74.02
C GLY Z 516 39.10 1.45 -74.84
N ALA Z 517 40.42 1.55 -74.73
CA ALA Z 517 41.15 2.53 -75.54
C ALA Z 517 40.97 2.26 -77.03
N ILE Z 518 41.08 0.99 -77.43
CA ILE Z 518 40.89 0.65 -78.83
C ILE Z 518 39.49 1.02 -79.29
N GLN Z 519 38.49 0.77 -78.45
CA GLN Z 519 37.12 1.09 -78.80
C GLN Z 519 36.91 2.58 -78.99
N ASN Z 520 37.48 3.40 -78.10
CA ASN Z 520 37.35 4.84 -78.23
C ASN Z 520 38.00 5.33 -79.53
N ARG Z 521 39.20 4.84 -79.82
CA ARG Z 521 39.86 5.29 -81.04
C ARG Z 521 39.09 4.84 -82.28
N LEU Z 522 38.47 3.66 -82.22
CA LEU Z 522 37.68 3.20 -83.36
C LEU Z 522 36.45 4.08 -83.57
N ASP Z 523 35.80 4.49 -82.49
CA ASP Z 523 34.64 5.38 -82.62
C ASP Z 523 35.06 6.72 -83.22
N SER Z 524 36.20 7.26 -82.77
CA SER Z 524 36.69 8.50 -83.36
C SER Z 524 36.96 8.33 -84.84
N ALA Z 525 37.53 7.17 -85.23
CA ALA Z 525 37.75 6.91 -86.65
C ALA Z 525 36.44 6.89 -87.42
N VAL Z 526 35.38 6.30 -86.83
CA VAL Z 526 34.08 6.27 -87.49
C VAL Z 526 33.59 7.69 -87.75
N THR Z 527 33.70 8.55 -86.74
CA THR Z 527 33.23 9.93 -86.90
C THR Z 527 34.01 10.64 -88.01
N ASN Z 528 35.33 10.46 -88.02
CA ASN Z 528 36.14 11.09 -89.07
C ASN Z 528 35.75 10.57 -90.45
N LEU Z 529 35.48 9.28 -90.56
CA LEU Z 529 35.07 8.70 -91.84
C LEU Z 529 33.78 9.31 -92.32
N ASN Z 530 32.80 9.47 -91.43
CA ASN Z 530 31.53 10.07 -91.83
C ASN Z 530 31.72 11.51 -92.31
N ASN Z 531 32.52 12.29 -91.58
CA ASN Z 531 32.77 13.66 -92.01
C ASN Z 531 33.44 13.71 -93.38
N THR Z 532 34.45 12.87 -93.59
CA THR Z 532 35.15 12.87 -94.87
C THR Z 532 34.23 12.44 -96.00
N THR Z 533 33.37 11.46 -95.75
CA THR Z 533 32.42 11.03 -96.77
C THR Z 533 31.48 12.16 -97.15
N THR Z 534 30.98 12.89 -96.16
CA THR Z 534 30.10 14.02 -96.46
C THR Z 534 30.81 15.06 -97.31
N ASN Z 535 32.05 15.38 -96.97
CA ASN Z 535 32.78 16.41 -97.72
C ASN Z 535 33.10 15.95 -99.14
N LEU Z 536 33.44 14.67 -99.31
CA LEU Z 536 33.72 14.17 -100.65
C LEU Z 536 32.46 14.15 -101.50
N SER Z 537 31.31 13.82 -100.91
CA SER Z 537 30.06 13.92 -101.65
C SER Z 537 29.77 15.37 -102.03
N GLU Z 538 30.10 16.30 -101.13
CA GLU Z 538 30.01 17.73 -101.46
C GLU Z 538 30.80 18.04 -102.72
N ALA Z 539 32.06 17.62 -102.75
CA ALA Z 539 32.93 17.95 -103.89
C ALA Z 539 32.43 17.30 -105.17
N GLN Z 540 31.99 16.05 -105.09
CA GLN Z 540 31.48 15.38 -106.29
C GLN Z 540 30.25 16.09 -106.81
N SER Z 541 29.37 16.53 -105.93
CA SER Z 541 28.19 17.28 -106.36
C SER Z 541 28.60 18.61 -106.99
N ARG Z 542 29.67 19.23 -106.46
CA ARG Z 542 30.20 20.44 -107.08
C ARG Z 542 30.61 20.18 -108.52
N ILE Z 543 31.30 19.05 -108.76
CA ILE Z 543 31.80 18.77 -110.10
C ILE Z 543 30.65 18.41 -111.04
N GLN Z 544 29.83 17.46 -110.64
CA GLN Z 544 28.73 16.93 -111.45
C GLN Z 544 27.47 17.74 -111.16
N ASP Z 545 26.30 17.16 -111.46
CA ASP Z 545 25.01 17.70 -111.05
C ASP Z 545 24.71 19.04 -111.71
N ALA Z 546 24.49 18.95 -113.03
CA ALA Z 546 24.16 20.11 -113.85
C ALA Z 546 23.04 20.95 -113.22
N ASP Z 547 23.06 22.25 -113.53
CA ASP Z 547 22.13 23.21 -112.96
C ASP Z 547 20.82 23.22 -113.74
N TYR Z 548 19.77 22.65 -113.12
CA TYR Z 548 18.49 22.52 -113.80
C TYR Z 548 17.99 23.84 -114.36
N ALA Z 549 18.20 24.95 -113.64
CA ALA Z 549 17.83 26.24 -114.20
C ALA Z 549 18.58 26.51 -115.50
N THR Z 550 19.89 26.23 -115.50
CA THR Z 550 20.70 26.52 -116.67
C THR Z 550 20.27 25.70 -117.88
N GLU Z 551 20.11 24.38 -117.72
CA GLU Z 551 19.70 23.61 -118.89
C GLU Z 551 18.24 23.80 -119.26
N VAL Z 552 17.36 24.16 -118.32
CA VAL Z 552 15.99 24.51 -118.72
C VAL Z 552 16.01 25.73 -119.63
N SER Z 553 16.76 26.76 -119.24
CA SER Z 553 16.89 27.93 -120.09
C SER Z 553 17.51 27.56 -121.44
N ASN Z 554 18.53 26.72 -121.41
CA ASN Z 554 19.22 26.34 -122.64
C ASN Z 554 18.28 25.63 -123.60
N MET Z 555 17.50 24.67 -123.11
CA MET Z 555 16.61 23.96 -124.02
C MET Z 555 15.47 24.86 -124.48
N SER Z 556 15.00 25.77 -123.63
CA SER Z 556 13.92 26.64 -124.05
C SER Z 556 14.36 27.53 -125.21
N LYS Z 557 15.53 28.16 -125.07
CA LYS Z 557 16.01 28.98 -126.17
C LYS Z 557 16.39 28.13 -127.38
N ALA Z 558 16.86 26.90 -127.16
CA ALA Z 558 17.16 26.01 -128.28
C ALA Z 558 15.91 25.65 -129.07
N GLN Z 559 14.82 25.36 -128.36
CA GLN Z 559 13.55 25.05 -129.03
C GLN Z 559 13.04 26.26 -129.80
N ILE Z 560 13.15 27.44 -129.21
CA ILE Z 560 12.70 28.64 -129.93
C ILE Z 560 13.55 28.86 -131.18
N ILE Z 561 14.87 28.67 -131.06
CA ILE Z 561 15.73 28.82 -132.23
C ILE Z 561 15.35 27.80 -133.29
N GLN Z 562 15.04 26.57 -132.88
CA GLN Z 562 14.66 25.54 -133.84
C GLN Z 562 13.38 25.91 -134.58
N GLN Z 563 12.37 26.36 -133.84
CA GLN Z 563 11.10 26.72 -134.47
C GLN Z 563 11.28 27.91 -135.41
N ALA Z 564 12.04 28.91 -134.99
CA ALA Z 564 12.29 30.06 -135.86
C ALA Z 564 13.05 29.63 -137.10
N GLY Z 565 14.04 28.76 -136.94
CA GLY Z 565 14.80 28.29 -138.09
C GLY Z 565 13.95 27.49 -139.05
N ASN Z 566 13.02 26.69 -138.53
CA ASN Z 566 12.14 25.93 -139.40
C ASN Z 566 11.17 26.83 -140.15
N SER Z 567 10.64 27.86 -139.48
CA SER Z 567 9.76 28.81 -140.18
C SER Z 567 10.53 29.55 -141.27
N VAL Z 568 11.73 30.03 -140.95
CA VAL Z 568 12.54 30.71 -141.95
C VAL Z 568 12.93 29.76 -143.06
N LEU Z 569 13.15 28.49 -142.74
CA LEU Z 569 13.47 27.49 -143.75
C LEU Z 569 12.30 27.30 -144.70
N ALA Z 570 11.09 27.26 -144.17
CA ALA Z 570 9.91 27.20 -145.05
C ALA Z 570 9.81 28.43 -145.92
N LYS Z 571 10.10 29.61 -145.36
CA LYS Z 571 10.07 30.83 -146.15
C LYS Z 571 11.12 30.80 -147.26
N ALA Z 572 12.29 30.22 -146.98
CA ALA Z 572 13.32 30.10 -148.00
C ALA Z 572 12.97 29.05 -149.04
N ASN Z 573 12.43 27.91 -148.60
CA ASN Z 573 11.94 26.89 -149.52
C ASN Z 573 10.75 27.38 -150.32
N GLN Z 574 10.17 28.52 -149.95
CA GLN Z 574 9.33 29.24 -150.89
C GLN Z 574 10.28 29.80 -151.94
N VAL Z 575 10.87 28.88 -152.68
CA VAL Z 575 12.02 29.09 -153.55
C VAL Z 575 11.61 29.98 -154.72
N PRO Z 576 12.54 30.47 -155.55
CA PRO Z 576 12.14 31.33 -156.67
C PRO Z 576 11.03 30.73 -157.49
N GLN Z 577 9.85 31.34 -157.41
CA GLN Z 577 8.71 30.98 -158.25
C GLN Z 577 8.31 32.12 -159.16
N GLN Z 578 8.80 33.33 -158.91
CA GLN Z 578 8.54 34.44 -159.80
C GLN Z 578 9.15 34.20 -161.18
N VAL Z 579 10.11 33.28 -161.29
CA VAL Z 579 10.59 32.87 -162.60
C VAL Z 579 9.45 32.26 -163.40
N LEU Z 580 8.56 31.51 -162.74
CA LEU Z 580 7.39 30.98 -163.43
C LEU Z 580 6.53 32.10 -163.98
N SER Z 581 6.33 33.17 -163.19
CA SER Z 581 5.57 34.31 -163.66
C SER Z 581 6.27 34.98 -164.84
N LEU Z 582 7.60 35.09 -164.78
CA LEU Z 582 8.35 35.67 -165.89
C LEU Z 582 8.21 34.85 -167.15
N LEU Z 583 8.03 33.53 -167.01
CA LEU Z 583 8.04 32.65 -168.18
C LEU Z 583 6.92 32.99 -169.16
N GLN Z 584 5.68 33.06 -168.68
CA GLN Z 584 4.56 33.24 -169.60
C GLN Z 584 4.50 34.64 -170.19
N GLY Z 585 5.29 35.58 -169.69
CA GLY Z 585 5.28 36.94 -170.20
C GLY Z 585 5.94 37.06 -171.57
N MET AA 1 -24.81 46.80 -141.50
CA MET AA 1 -23.60 46.06 -141.85
C MET AA 1 -23.39 46.10 -143.36
N ALA AA 2 -24.14 45.27 -144.09
CA ALA AA 2 -23.94 45.16 -145.53
C ALA AA 2 -24.13 46.49 -146.25
N GLN AA 3 -24.97 47.39 -145.71
CA GLN AA 3 -25.21 48.65 -146.41
C GLN AA 3 -24.04 49.62 -146.23
N VAL AA 4 -23.54 49.77 -145.01
CA VAL AA 4 -22.63 50.85 -144.67
C VAL AA 4 -21.37 50.28 -144.03
N ILE AA 5 -20.24 50.93 -144.30
CA ILE AA 5 -18.97 50.56 -143.70
C ILE AA 5 -18.39 51.65 -142.81
N ASN AA 6 -18.98 52.85 -142.80
CA ASN AA 6 -18.42 53.97 -142.05
C ASN AA 6 -18.65 53.86 -140.55
N THR AA 7 -19.74 53.23 -140.13
CA THR AA 7 -20.06 53.13 -138.71
C THR AA 7 -20.48 51.70 -138.39
N ASN AA 8 -20.51 51.39 -137.10
CA ASN AA 8 -20.99 50.09 -136.61
C ASN AA 8 -21.85 50.34 -135.38
N SER AA 9 -23.16 50.46 -135.60
CA SER AA 9 -24.09 50.66 -134.50
C SER AA 9 -24.06 49.50 -133.52
N LEU AA 10 -23.88 48.27 -134.02
CA LEU AA 10 -23.76 47.12 -133.14
C LEU AA 10 -22.56 47.26 -132.21
N SER AA 11 -21.42 47.68 -132.76
CA SER AA 11 -20.23 47.87 -131.94
C SER AA 11 -20.46 48.97 -130.91
N LEU AA 12 -21.11 50.06 -131.30
CA LEU AA 12 -21.36 51.15 -130.35
C LEU AA 12 -22.26 50.69 -129.21
N ILE AA 13 -23.33 49.97 -129.53
CA ILE AA 13 -24.24 49.49 -128.50
C ILE AA 13 -23.53 48.51 -127.58
N THR AA 14 -22.71 47.62 -128.15
CA THR AA 14 -21.96 46.68 -127.33
C THR AA 14 -21.00 47.40 -126.39
N GLN AA 15 -20.33 48.44 -126.89
CA GLN AA 15 -19.43 49.20 -126.03
C GLN AA 15 -20.19 49.86 -124.89
N ASN AA 16 -21.38 50.41 -125.17
CA ASN AA 16 -22.18 51.02 -124.12
C ASN AA 16 -22.54 50.00 -123.06
N ASN AA 17 -22.98 48.82 -123.48
CA ASN AA 17 -23.36 47.79 -122.52
C ASN AA 17 -22.16 47.34 -121.70
N ILE AA 18 -21.00 47.23 -122.33
CA ILE AA 18 -19.79 46.83 -121.62
C ILE AA 18 -19.44 47.86 -120.55
N ASN AA 19 -19.52 49.14 -120.88
CA ASN AA 19 -19.23 50.18 -119.88
C ASN AA 19 -20.23 50.12 -118.73
N LYS AA 20 -21.51 49.93 -119.04
CA LYS AA 20 -22.51 49.85 -117.99
C LYS AA 20 -22.23 48.70 -117.04
N ASN AA 21 -21.81 47.54 -117.58
CA ASN AA 21 -21.44 46.44 -116.70
C ASN AA 21 -20.17 46.74 -115.92
N GLN AA 22 -19.22 47.44 -116.55
CA GLN AA 22 -17.94 47.72 -115.90
C GLN AA 22 -18.13 48.58 -114.66
N SER AA 23 -19.09 49.50 -114.70
CA SER AA 23 -19.37 50.30 -113.50
C SER AA 23 -19.67 49.41 -112.30
N ALA AA 24 -20.60 48.47 -112.47
CA ALA AA 24 -20.96 47.56 -111.37
C ALA AA 24 -19.82 46.63 -111.01
N LEU AA 25 -19.03 46.20 -111.99
CA LEU AA 25 -17.87 45.37 -111.69
C LEU AA 25 -16.91 46.09 -110.75
N SER AA 26 -16.58 47.34 -111.07
CA SER AA 26 -15.68 48.12 -110.23
C SER AA 26 -16.28 48.33 -108.84
N SER AA 27 -17.57 48.65 -108.79
CA SER AA 27 -18.22 48.85 -107.48
C SER AA 27 -18.11 47.60 -106.63
N SER AA 28 -18.40 46.43 -107.21
CA SER AA 28 -18.37 45.19 -106.45
C SER AA 28 -16.96 44.86 -105.97
N ILE AA 29 -15.95 45.02 -106.84
CA ILE AA 29 -14.59 44.68 -106.44
C ILE AA 29 -14.12 45.60 -105.32
N GLU AA 30 -14.39 46.90 -105.44
CA GLU AA 30 -14.02 47.82 -104.37
C GLU AA 30 -14.73 47.49 -103.07
N ARG AA 31 -16.02 47.15 -103.16
CA ARG AA 31 -16.78 46.82 -101.95
C ARG AA 31 -16.20 45.59 -101.27
N LEU AA 32 -15.83 44.57 -102.05
CA LEU AA 32 -15.25 43.38 -101.45
C LEU AA 32 -13.89 43.67 -100.84
N SER AA 33 -13.06 44.47 -101.52
CA SER AA 33 -11.73 44.75 -101.00
C SER AA 33 -11.80 45.53 -99.69
N SER AA 34 -12.69 46.52 -99.62
CA SER AA 34 -12.78 47.33 -98.41
C SER AA 34 -13.48 46.59 -97.28
N GLY AA 35 -14.51 45.81 -97.59
CA GLY AA 35 -15.30 45.16 -96.57
C GLY AA 35 -16.36 46.04 -95.95
N LEU AA 36 -16.70 47.16 -96.58
CA LEU AA 36 -17.68 48.10 -96.06
C LEU AA 36 -18.78 48.32 -97.08
N ARG AA 37 -20.04 48.27 -96.65
CA ARG AA 37 -21.15 48.49 -97.55
C ARG AA 37 -21.19 49.93 -98.05
N ILE AA 38 -21.07 50.89 -97.13
CA ILE AA 38 -21.14 52.30 -97.46
C ILE AA 38 -19.72 52.81 -97.64
N ASN AA 39 -19.36 53.17 -98.87
CA ASN AA 39 -17.99 53.52 -99.19
C ASN AA 39 -17.97 54.73 -100.11
N SER AA 40 -17.14 55.71 -99.77
CA SER AA 40 -16.89 56.92 -100.57
C SER AA 40 -18.11 57.81 -100.73
N ALA AA 41 -19.21 57.51 -100.04
CA ALA AA 41 -20.41 58.35 -100.02
C ALA AA 41 -21.01 58.57 -101.40
N LYS AA 42 -20.64 57.76 -102.39
CA LYS AA 42 -21.31 57.76 -103.68
C LYS AA 42 -22.59 56.96 -103.66
N ASP AA 43 -23.11 56.69 -102.47
CA ASP AA 43 -24.35 55.97 -102.26
C ASP AA 43 -25.10 56.70 -101.16
N ASP AA 44 -26.08 56.05 -100.54
CA ASP AA 44 -26.93 56.72 -99.56
C ASP AA 44 -26.10 57.34 -98.44
N ALA AA 45 -26.05 58.67 -98.41
CA ALA AA 45 -25.22 59.39 -97.45
C ALA AA 45 -25.79 59.39 -96.05
N ALA AA 46 -27.08 59.11 -95.89
CA ALA AA 46 -27.65 58.98 -94.56
C ALA AA 46 -26.98 57.87 -93.79
N GLY AA 47 -26.72 56.75 -94.47
CA GLY AA 47 -25.99 55.66 -93.82
C GLY AA 47 -24.60 56.08 -93.38
N GLN AA 48 -23.90 56.86 -94.22
CA GLN AA 48 -22.58 57.35 -93.85
C GLN AA 48 -22.65 58.22 -92.61
N ALA AA 49 -23.60 59.16 -92.58
CA ALA AA 49 -23.71 60.05 -91.44
C ALA AA 49 -24.05 59.29 -90.16
N ILE AA 50 -24.99 58.35 -90.26
CA ILE AA 50 -25.39 57.59 -89.08
C ILE AA 50 -24.25 56.71 -88.59
N ALA AA 51 -23.47 56.16 -89.53
CA ALA AA 51 -22.31 55.37 -89.14
C ALA AA 51 -21.29 56.23 -88.41
N ASN AA 52 -21.07 57.46 -88.87
CA ASN AA 52 -20.16 58.35 -88.17
C ASN AA 52 -20.65 58.65 -86.76
N ARG AA 53 -21.95 58.91 -86.62
CA ARG AA 53 -22.50 59.16 -85.29
C ARG AA 53 -22.31 57.95 -84.38
N PHE AA 54 -22.56 56.75 -84.91
CA PHE AA 54 -22.38 55.54 -84.11
C PHE AA 54 -20.93 55.35 -83.71
N THR AA 55 -19.99 55.62 -84.62
CA THR AA 55 -18.58 55.49 -84.29
C THR AA 55 -18.19 56.45 -83.16
N SER AA 56 -18.67 57.70 -83.25
CA SER AA 56 -18.38 58.66 -82.19
C SER AA 56 -18.95 58.18 -80.85
N ASN AA 57 -20.18 57.68 -80.86
CA ASN AA 57 -20.78 57.19 -79.62
C ASN AA 57 -20.00 56.02 -79.05
N ILE AA 58 -19.57 55.09 -79.89
CA ILE AA 58 -18.86 53.91 -79.41
C ILE AA 58 -17.54 54.31 -78.76
N LYS AA 59 -16.77 55.17 -79.44
CA LYS AA 59 -15.49 55.59 -78.87
C LYS AA 59 -15.69 56.35 -77.56
N GLY AA 60 -16.68 57.25 -77.52
CA GLY AA 60 -16.95 57.98 -76.30
C GLY AA 60 -17.32 57.05 -75.15
N LEU AA 61 -18.16 56.06 -75.42
CA LEU AA 61 -18.58 55.15 -74.35
C LEU AA 61 -17.42 54.31 -73.85
N THR AA 62 -16.54 53.87 -74.74
CA THR AA 62 -15.37 53.10 -74.31
C THR AA 62 -14.48 53.94 -73.39
N GLN AA 63 -14.21 55.19 -73.80
CA GLN AA 63 -13.40 56.05 -72.95
C GLN AA 63 -14.08 56.31 -71.62
N ALA AA 64 -15.40 56.42 -71.64
CA ALA AA 64 -16.15 56.63 -70.40
C ALA AA 64 -16.01 55.43 -69.46
N ALA AA 65 -16.04 54.22 -70.03
CA ALA AA 65 -15.82 53.03 -69.20
C ALA AA 65 -14.46 53.05 -68.55
N ARG AA 66 -13.44 53.46 -69.31
CA ARG AA 66 -12.10 53.58 -68.71
C ARG AA 66 -12.09 54.59 -67.57
N ASN AA 67 -12.76 55.73 -67.76
CA ASN AA 67 -12.83 56.74 -66.71
C ASN AA 67 -13.51 56.20 -65.46
N ALA AA 68 -14.58 55.44 -65.63
CA ALA AA 68 -15.27 54.85 -64.50
C ALA AA 68 -14.37 53.87 -63.75
N ASN AA 69 -13.59 53.09 -64.48
CA ASN AA 69 -12.62 52.21 -63.83
C ASN AA 69 -11.64 53.00 -62.98
N ASP AA 70 -11.15 54.13 -63.51
CA ASP AA 70 -10.24 54.97 -62.73
C ASP AA 70 -10.91 55.47 -61.46
N GLY AA 71 -12.17 55.87 -61.55
CA GLY AA 71 -12.89 56.32 -60.36
C GLY AA 71 -12.99 55.21 -59.31
N ILE AA 72 -13.28 53.99 -59.76
CA ILE AA 72 -13.33 52.86 -58.84
C ILE AA 72 -11.99 52.71 -58.13
N SER AA 73 -10.89 52.85 -58.86
CA SER AA 73 -9.57 52.73 -58.25
C SER AA 73 -9.37 53.78 -57.17
N VAL AA 74 -9.77 55.03 -57.47
CA VAL AA 74 -9.63 56.11 -56.49
C VAL AA 74 -10.37 55.76 -55.21
N ALA AA 75 -11.62 55.33 -55.34
CA ALA AA 75 -12.42 55.02 -54.16
C ALA AA 75 -11.81 53.87 -53.37
N GLN AA 76 -11.29 52.85 -54.06
CA GLN AA 76 -10.66 51.73 -53.36
C GLN AA 76 -9.48 52.20 -52.51
N THR AA 77 -8.62 53.03 -53.10
CA THR AA 77 -7.46 53.51 -52.35
C THR AA 77 -7.88 54.30 -51.12
N THR AA 78 -8.84 55.21 -51.30
CA THR AA 78 -9.29 56.01 -50.16
C THR AA 78 -9.87 55.14 -49.06
N GLU AA 79 -10.64 54.12 -49.44
CA GLU AA 79 -11.25 53.25 -48.43
C GLU AA 79 -10.20 52.42 -47.69
N GLY AA 80 -9.13 52.01 -48.38
CA GLY AA 80 -8.07 51.30 -47.67
C GLY AA 80 -7.42 52.16 -46.61
N ALA AA 81 -7.09 53.40 -46.96
CA ALA AA 81 -6.54 54.31 -45.97
C ALA AA 81 -7.51 54.50 -44.80
N LEU AA 82 -8.80 54.62 -45.11
CA LEU AA 82 -9.79 54.81 -44.06
C LEU AA 82 -9.87 53.61 -43.14
N SER AA 83 -9.75 52.40 -43.68
CA SER AA 83 -9.78 51.20 -42.85
C SER AA 83 -8.62 51.20 -41.88
N GLU AA 84 -7.44 51.59 -42.34
CA GLU AA 84 -6.32 51.68 -41.40
C GLU AA 84 -6.58 52.70 -40.30
N ILE AA 85 -7.14 53.86 -40.68
CA ILE AA 85 -7.46 54.89 -39.68
C ILE AA 85 -8.45 54.33 -38.65
N ASN AA 86 -9.44 53.58 -39.11
CA ASN AA 86 -10.44 53.03 -38.19
C ASN AA 86 -9.82 52.03 -37.22
N ASN AA 87 -8.90 51.20 -37.71
CA ASN AA 87 -8.21 50.28 -36.80
C ASN AA 87 -7.46 51.04 -35.72
N ASN AA 88 -6.78 52.12 -36.11
CA ASN AA 88 -6.07 52.93 -35.13
C ASN AA 88 -7.03 53.51 -34.09
N LEU AA 89 -8.19 54.01 -34.55
CA LEU AA 89 -9.15 54.58 -33.62
C LEU AA 89 -9.68 53.54 -32.64
N GLN AA 90 -9.93 52.32 -33.12
CA GLN AA 90 -10.38 51.27 -32.21
C GLN AA 90 -9.34 50.98 -31.14
N ARG AA 91 -8.06 50.90 -31.54
CA ARG AA 91 -7.02 50.66 -30.55
C ARG AA 91 -6.94 51.80 -29.54
N ILE AA 92 -7.12 53.04 -30.01
CA ILE AA 92 -7.11 54.19 -29.10
C ILE AA 92 -8.25 54.07 -28.09
N ARG AA 93 -9.43 53.67 -28.55
CA ARG AA 93 -10.55 53.54 -27.60
C ARG AA 93 -10.26 52.47 -26.57
N GLU AA 94 -9.68 51.34 -26.99
CA GLU AA 94 -9.33 50.31 -26.01
C GLU AA 94 -8.34 50.85 -24.97
N LEU AA 95 -7.35 51.61 -25.43
CA LEU AA 95 -6.40 52.19 -24.50
C LEU AA 95 -7.07 53.16 -23.54
N THR AA 96 -8.01 53.95 -24.03
CA THR AA 96 -8.73 54.88 -23.16
C THR AA 96 -9.52 54.14 -22.10
N VAL AA 97 -10.19 53.05 -22.49
CA VAL AA 97 -10.94 52.25 -21.51
C VAL AA 97 -10.00 51.69 -20.46
N GLN AA 98 -8.80 51.27 -20.86
CA GLN AA 98 -7.84 50.80 -19.88
C GLN AA 98 -7.39 51.93 -18.95
N ALA AA 99 -7.19 53.12 -19.51
CA ALA AA 99 -6.62 54.22 -18.73
C ALA AA 99 -7.60 54.80 -17.73
N THR AA 100 -8.89 54.82 -18.05
CA THR AA 100 -9.86 55.52 -17.19
C THR AA 100 -10.02 54.88 -15.82
N THR AA 101 -9.53 53.66 -15.61
CA THR AA 101 -9.64 53.02 -14.31
C THR AA 101 -8.82 53.80 -13.28
N GLY AA 102 -9.36 53.92 -12.08
CA GLY AA 102 -8.71 54.65 -11.02
C GLY AA 102 -7.58 53.93 -10.33
N THR AA 103 -7.34 52.67 -10.67
CA THR AA 103 -6.22 51.93 -10.07
C THR AA 103 -4.88 52.38 -10.65
N ASN AA 104 -4.88 52.82 -11.91
CA ASN AA 104 -3.63 53.20 -12.57
C ASN AA 104 -2.98 54.38 -11.85
N SER AA 105 -1.66 54.39 -11.85
CA SER AA 105 -0.90 55.47 -11.23
C SER AA 105 -0.51 56.51 -12.28
N ASP AA 106 0.20 57.55 -11.84
CA ASP AA 106 0.55 58.65 -12.73
C ASP AA 106 1.47 58.18 -13.85
N SER AA 107 2.47 57.36 -13.53
CA SER AA 107 3.37 56.86 -14.56
C SER AA 107 2.64 55.98 -15.56
N ASP AA 108 1.72 55.15 -15.09
CA ASP AA 108 0.95 54.30 -15.98
C ASP AA 108 0.10 55.14 -16.93
N LEU AA 109 -0.56 56.19 -16.39
CA LEU AA 109 -1.33 57.08 -17.23
C LEU AA 109 -0.45 57.78 -18.25
N ASP AA 110 0.76 58.17 -17.83
CA ASP AA 110 1.69 58.83 -18.75
C ASP AA 110 2.06 57.90 -19.91
N SER AA 111 2.37 56.64 -19.61
CA SER AA 111 2.70 55.69 -20.66
C SER AA 111 1.52 55.47 -21.60
N ILE AA 112 0.33 55.32 -21.05
CA ILE AA 112 -0.85 55.10 -21.89
C ILE AA 112 -1.08 56.29 -22.80
N GLN AA 113 -0.96 57.50 -22.25
CA GLN AA 113 -1.17 58.68 -23.08
C GLN AA 113 -0.06 58.84 -24.11
N ASP AA 114 1.15 58.38 -23.81
CA ASP AA 114 2.20 58.38 -24.82
C ASP AA 114 1.82 57.50 -25.99
N GLU AA 115 1.31 56.31 -25.71
CA GLU AA 115 0.87 55.44 -26.80
C GLU AA 115 -0.29 56.06 -27.58
N ILE AA 116 -1.21 56.70 -26.87
CA ILE AA 116 -2.34 57.36 -27.52
C ILE AA 116 -1.86 58.46 -28.45
N LYS AA 117 -0.90 59.27 -27.97
CA LYS AA 117 -0.36 60.34 -28.79
C LYS AA 117 0.34 59.78 -30.03
N SER AA 118 1.07 58.68 -29.87
CA SER AA 118 1.73 58.07 -31.02
C SER AA 118 0.70 57.64 -32.07
N ARG AA 119 -0.39 57.02 -31.63
CA ARG AA 119 -1.37 56.56 -32.62
C ARG AA 119 -2.14 57.71 -33.24
N LEU AA 120 -2.40 58.79 -32.49
CA LEU AA 120 -3.00 59.98 -33.09
C LEU AA 120 -2.07 60.58 -34.14
N ASP AA 121 -0.77 60.60 -33.86
CA ASP AA 121 0.19 61.06 -34.84
C ASP AA 121 0.15 60.19 -36.09
N GLU AA 122 0.00 58.87 -35.91
CA GLU AA 122 -0.12 57.99 -37.06
C GLU AA 122 -1.36 58.30 -37.88
N ILE AA 123 -2.49 58.57 -37.22
CA ILE AA 123 -3.71 58.92 -37.94
C ILE AA 123 -3.47 60.17 -38.78
N ASP AA 124 -2.86 61.20 -38.17
CA ASP AA 124 -2.60 62.43 -38.90
C ASP AA 124 -1.64 62.20 -40.06
N ARG AA 125 -0.61 61.38 -39.85
CA ARG AA 125 0.37 61.12 -40.89
C ARG AA 125 -0.25 60.39 -42.07
N VAL AA 126 -1.07 59.37 -41.81
CA VAL AA 126 -1.74 58.66 -42.88
C VAL AA 126 -2.66 59.59 -43.65
N SER AA 127 -3.40 60.43 -42.92
CA SER AA 127 -4.30 61.37 -43.57
C SER AA 127 -3.54 62.32 -44.49
N GLY AA 128 -2.42 62.85 -44.00
CA GLY AA 128 -1.64 63.79 -44.79
C GLY AA 128 -1.00 63.15 -46.01
N GLN AA 129 -0.48 61.94 -45.85
CA GLN AA 129 0.40 61.35 -46.85
C GLN AA 129 -0.32 60.43 -47.84
N THR AA 130 -1.57 60.04 -47.58
CA THR AA 130 -2.30 59.24 -48.56
C THR AA 130 -2.47 60.04 -49.84
N GLN AA 131 -2.07 59.46 -50.97
CA GLN AA 131 -2.05 60.19 -52.22
C GLN AA 131 -2.38 59.26 -53.37
N PHE AA 132 -3.13 59.78 -54.35
CA PHE AA 132 -3.47 59.06 -55.57
C PHE AA 132 -3.22 60.00 -56.74
N ASN AA 133 -2.25 59.65 -57.59
CA ASN AA 133 -1.95 60.42 -58.79
C ASN AA 133 -1.68 61.88 -58.48
N GLY AA 134 -0.92 62.13 -57.40
CA GLY AA 134 -0.58 63.48 -57.03
C GLY AA 134 -1.66 64.26 -56.34
N VAL AA 135 -2.77 63.62 -55.96
CA VAL AA 135 -3.88 64.28 -55.30
C VAL AA 135 -4.01 63.71 -53.90
N ASN AA 136 -3.98 64.60 -52.90
CA ASN AA 136 -4.19 64.18 -51.50
C ASN AA 136 -5.68 64.00 -51.30
N VAL AA 137 -6.13 62.74 -51.31
CA VAL AA 137 -7.56 62.47 -51.28
C VAL AA 137 -8.15 62.81 -49.91
N LEU AA 138 -7.42 62.52 -48.83
CA LEU AA 138 -7.94 62.71 -47.48
C LEU AA 138 -7.61 64.07 -46.90
N ALA AA 139 -6.86 64.91 -47.60
CA ALA AA 139 -6.45 66.20 -47.07
C ALA AA 139 -7.31 67.37 -47.57
N LYS AA 140 -8.34 67.10 -48.36
CA LYS AA 140 -9.17 68.15 -48.92
C LYS AA 140 -10.64 67.77 -48.74
N ASP AA 141 -11.49 68.80 -48.66
CA ASP AA 141 -12.92 68.63 -48.48
C ASP AA 141 -13.71 68.86 -49.76
N GLY AA 142 -13.10 68.61 -50.91
CA GLY AA 142 -13.71 68.88 -52.19
C GLY AA 142 -14.45 67.70 -52.79
N SER AA 143 -14.49 67.68 -54.12
CA SER AA 143 -15.18 66.62 -54.84
C SER AA 143 -14.50 66.41 -56.18
N MET AA 144 -14.70 65.22 -56.72
CA MET AA 144 -14.14 64.82 -58.01
C MET AA 144 -15.28 64.50 -58.97
N LYS AA 145 -15.11 64.89 -60.23
CA LYS AA 145 -16.11 64.66 -61.25
C LYS AA 145 -15.58 63.63 -62.23
N ILE AA 146 -16.39 62.64 -62.54
CA ILE AA 146 -16.02 61.55 -63.45
C ILE AA 146 -16.95 61.59 -64.64
N GLN AA 147 -16.36 61.67 -65.84
CA GLN AA 147 -17.12 61.65 -67.08
C GLN AA 147 -17.53 60.21 -67.37
N VAL AA 148 -18.83 59.95 -67.39
CA VAL AA 148 -19.34 58.59 -67.57
C VAL AA 148 -20.14 58.42 -68.85
N GLY AA 149 -20.62 59.49 -69.47
CA GLY AA 149 -21.26 59.42 -70.76
C GLY AA 149 -20.38 59.96 -71.87
N ALA AA 150 -20.95 60.00 -73.07
CA ALA AA 150 -20.25 60.48 -74.25
C ALA AA 150 -20.56 61.93 -74.58
N ASN AA 151 -21.48 62.57 -73.86
CA ASN AA 151 -21.86 63.95 -74.11
C ASN AA 151 -21.57 64.79 -72.88
N ASP AA 152 -21.96 66.06 -72.94
CA ASP AA 152 -21.67 66.99 -71.86
C ASP AA 152 -22.66 66.84 -70.72
N GLY AA 153 -22.14 66.86 -69.50
CA GLY AA 153 -22.97 66.82 -68.30
C GLY AA 153 -23.16 65.45 -67.70
N GLU AA 154 -22.72 64.39 -68.38
CA GLU AA 154 -22.84 63.02 -67.85
C GLU AA 154 -21.69 62.78 -66.88
N THR AA 155 -21.89 63.23 -65.65
CA THR AA 155 -20.84 63.17 -64.65
C THR AA 155 -21.35 62.53 -63.37
N ILE AA 156 -20.45 61.87 -62.66
CA ILE AA 156 -20.71 61.36 -61.31
C ILE AA 156 -19.71 62.01 -60.37
N THR AA 157 -20.21 62.51 -59.24
CA THR AA 157 -19.39 63.23 -58.29
C THR AA 157 -19.07 62.37 -57.09
N ILE AA 158 -17.79 62.29 -56.74
CA ILE AA 158 -17.32 61.65 -55.52
C ILE AA 158 -16.98 62.75 -54.53
N ASP AA 159 -17.60 62.71 -53.36
CA ASP AA 159 -17.32 63.70 -52.33
C ASP AA 159 -16.23 63.21 -51.39
N LEU AA 160 -15.26 64.07 -51.11
CA LEU AA 160 -14.19 63.76 -50.18
C LEU AA 160 -14.31 64.64 -48.95
N LYS AA 161 -13.89 64.09 -47.80
CA LYS AA 161 -13.95 64.81 -46.55
C LYS AA 161 -12.56 64.88 -45.93
N LYS AA 162 -12.23 66.02 -45.36
CA LYS AA 162 -10.94 66.23 -44.72
C LYS AA 162 -10.93 65.47 -43.41
N ILE AA 163 -10.30 64.31 -43.38
CA ILE AA 163 -10.24 63.45 -42.21
C ILE AA 163 -8.88 63.65 -41.55
N ASP AA 164 -8.89 64.16 -40.33
CA ASP AA 164 -7.69 64.30 -39.52
C ASP AA 164 -8.13 64.51 -38.08
N SER AA 165 -7.19 64.90 -37.23
CA SER AA 165 -7.53 65.16 -35.83
C SER AA 165 -8.50 66.33 -35.71
N ASP AA 166 -8.27 67.40 -36.47
CA ASP AA 166 -9.05 68.62 -36.30
C ASP AA 166 -10.54 68.37 -36.55
N THR AA 167 -10.87 67.60 -37.58
CA THR AA 167 -12.26 67.31 -37.89
C THR AA 167 -12.83 66.16 -37.09
N LEU AA 168 -12.05 65.53 -36.22
CA LEU AA 168 -12.54 64.47 -35.35
C LEU AA 168 -12.40 64.85 -33.88
N GLY AA 169 -12.04 66.10 -33.59
CA GLY AA 169 -11.83 66.48 -32.21
C GLY AA 169 -10.48 65.98 -31.72
N LEU AA 170 -10.46 65.45 -30.51
CA LEU AA 170 -9.31 64.74 -29.97
C LEU AA 170 -8.02 65.58 -29.96
N ASN AA 171 -8.13 66.89 -30.15
CA ASN AA 171 -6.93 67.73 -30.21
C ASN AA 171 -6.15 67.66 -28.91
N GLY AA 172 -6.74 68.14 -27.82
CA GLY AA 172 -6.13 68.01 -26.52
C GLY AA 172 -6.67 66.78 -25.81
N PHE AA 173 -6.34 65.60 -26.32
CA PHE AA 173 -6.90 64.39 -25.75
C PHE AA 173 -6.01 63.96 -24.58
N ASN AA 174 -6.08 64.72 -23.49
CA ASN AA 174 -5.11 64.76 -22.39
C ASN AA 174 -5.28 63.69 -21.33
N VAL AA 175 -5.78 62.51 -21.68
CA VAL AA 175 -6.24 61.50 -20.72
C VAL AA 175 -5.31 61.33 -19.53
N ASN AA 176 -4.02 61.69 -19.68
CA ASN AA 176 -3.11 61.68 -18.55
C ASN AA 176 -3.19 62.95 -17.70
N GLY AA 177 -4.26 63.73 -17.80
CA GLY AA 177 -4.33 65.01 -17.13
C GLY AA 177 -4.61 64.91 -15.65
N LYS AA 178 -5.41 65.84 -15.12
CA LYS AA 178 -5.75 65.86 -13.71
C LYS AA 178 -7.25 65.81 -13.48
N GLY AA 179 -8.02 66.28 -14.47
CA GLY AA 179 -9.45 66.27 -14.30
C GLY AA 179 -9.91 67.29 -13.28
N THR AA 180 -11.13 67.07 -12.78
CA THR AA 180 -11.71 67.98 -11.81
C THR AA 180 -10.91 67.97 -10.52
N ILE AA 181 -10.46 69.15 -10.10
CA ILE AA 181 -9.64 69.31 -8.89
C ILE AA 181 -10.30 70.32 -7.98
N THR AA 182 -10.39 69.97 -6.69
CA THR AA 182 -10.97 70.88 -5.71
C THR AA 182 -9.95 71.97 -5.38
N ASN AA 183 -10.40 73.22 -5.43
CA ASN AA 183 -9.50 74.34 -5.20
C ASN AA 183 -9.37 74.63 -3.71
N LYS AA 184 -8.22 75.16 -3.33
CA LYS AA 184 -7.94 75.42 -1.92
C LYS AA 184 -8.73 76.62 -1.41
N ALA AA 185 -8.96 76.63 -0.10
CA ALA AA 185 -9.71 77.71 0.51
C ALA AA 185 -8.89 79.00 0.55
N ALA AA 186 -9.59 80.13 0.43
CA ALA AA 186 -8.94 81.43 0.45
C ALA AA 186 -8.50 81.79 1.86
N THR AA 187 -7.60 82.77 1.95
CA THR AA 187 -7.09 83.25 3.22
C THR AA 187 -6.95 84.77 3.18
N VAL AA 188 -6.54 85.34 4.31
CA VAL AA 188 -6.45 86.79 4.42
C VAL AA 188 -5.30 87.33 3.57
N SER AA 189 -4.20 86.57 3.44
CA SER AA 189 -3.04 87.07 2.72
C SER AA 189 -3.38 87.31 1.25
N ASP AA 190 -3.93 86.31 0.57
CA ASP AA 190 -4.29 86.53 -0.83
C ASP AA 190 -5.58 87.32 -0.96
N LEU AA 191 -6.41 87.37 0.08
CA LEU AA 191 -7.54 88.29 0.08
C LEU AA 191 -7.06 89.73 -0.03
N THR AA 192 -6.02 90.09 0.74
CA THR AA 192 -5.46 91.43 0.63
C THR AA 192 -4.65 91.59 -0.65
N SER AA 193 -3.99 90.52 -1.11
CA SER AA 193 -3.27 90.60 -2.38
C SER AA 193 -4.20 90.89 -3.54
N ALA AA 194 -5.45 90.42 -3.48
CA ALA AA 194 -6.44 90.74 -4.49
C ALA AA 194 -6.83 92.22 -4.48
N GLY AA 195 -6.49 92.95 -3.43
CA GLY AA 195 -6.76 94.37 -3.36
C GLY AA 195 -7.81 94.80 -2.36
N ALA AA 196 -8.33 93.89 -1.55
CA ALA AA 196 -9.37 94.25 -0.58
C ALA AA 196 -8.78 95.10 0.54
N LYS AA 197 -9.55 96.09 0.99
CA LYS AA 197 -9.17 96.93 2.10
C LYS AA 197 -9.78 96.40 3.40
N LEU AA 198 -9.30 96.94 4.52
CA LEU AA 198 -9.75 96.52 5.84
C LEU AA 198 -10.65 97.60 6.43
N ASN AA 199 -11.88 97.22 6.78
CA ASN AA 199 -12.86 98.14 7.36
C ASN AA 199 -12.69 98.11 8.86
N THR AA 200 -12.08 99.16 9.43
CA THR AA 200 -11.76 99.17 10.84
C THR AA 200 -13.01 99.20 11.71
N THR AA 201 -14.09 99.82 11.23
CA THR AA 201 -15.29 99.95 12.04
C THR AA 201 -15.95 98.60 12.31
N THR AA 202 -15.77 97.63 11.41
CA THR AA 202 -16.34 96.31 11.58
C THR AA 202 -15.31 95.19 11.61
N GLY AA 203 -14.09 95.44 11.16
CA GLY AA 203 -13.07 94.41 11.11
C GLY AA 203 -13.12 93.52 9.88
N LEU AA 204 -14.09 93.72 9.01
CA LEU AA 204 -14.24 92.90 7.82
C LEU AA 204 -13.32 93.41 6.70
N TYR AA 205 -13.33 92.70 5.58
CA TYR AA 205 -12.52 93.07 4.42
C TYR AA 205 -13.44 93.40 3.26
N ASP AA 206 -13.31 94.61 2.73
CA ASP AA 206 -14.16 95.09 1.64
C ASP AA 206 -13.39 95.00 0.33
N LEU AA 207 -13.98 94.31 -0.64
CA LEU AA 207 -13.43 94.22 -2.00
C LEU AA 207 -14.39 94.90 -2.95
N LYS AA 208 -13.90 95.88 -3.69
CA LYS AA 208 -14.70 96.71 -4.59
C LYS AA 208 -14.30 96.40 -6.02
N THR AA 209 -15.28 96.02 -6.85
CA THR AA 209 -15.04 95.62 -8.23
C THR AA 209 -15.55 96.73 -9.15
N GLU AA 210 -14.62 97.48 -9.73
CA GLU AA 210 -14.98 98.55 -10.65
C GLU AA 210 -15.40 97.98 -12.00
N ASN AA 211 -16.20 98.77 -12.72
CA ASN AA 211 -16.62 98.44 -14.08
C ASN AA 211 -16.24 99.57 -15.01
N THR AA 212 -15.70 99.24 -16.17
CA THR AA 212 -15.38 100.25 -17.17
C THR AA 212 -16.66 100.75 -17.83
N LEU AA 213 -16.69 102.04 -18.12
CA LEU AA 213 -17.88 102.64 -18.71
C LEU AA 213 -18.04 102.19 -20.16
N LEU AA 214 -19.30 102.10 -20.60
CA LEU AA 214 -19.60 101.60 -21.93
C LEU AA 214 -18.98 102.49 -22.99
N THR AA 215 -18.50 101.88 -24.06
CA THR AA 215 -17.82 102.58 -25.14
C THR AA 215 -18.50 102.26 -26.47
N THR AA 216 -18.24 103.13 -27.45
CA THR AA 216 -18.88 103.01 -28.76
C THR AA 216 -18.45 101.73 -29.46
N ASP AA 217 -17.19 101.33 -29.34
CA ASP AA 217 -16.74 100.10 -29.98
C ASP AA 217 -17.44 98.88 -29.38
N ALA AA 218 -17.57 98.84 -28.06
CA ALA AA 218 -18.29 97.74 -27.43
C ALA AA 218 -19.76 97.74 -27.85
N ALA AA 219 -20.36 98.92 -27.94
CA ALA AA 219 -21.74 99.01 -28.41
C ALA AA 219 -21.87 98.47 -29.83
N PHE AA 220 -20.92 98.80 -30.70
CA PHE AA 220 -20.95 98.31 -32.07
C PHE AA 220 -20.77 96.79 -32.11
N ASP AA 221 -19.91 96.25 -31.24
CA ASP AA 221 -19.78 94.79 -31.15
C ASP AA 221 -21.09 94.16 -30.71
N LYS AA 222 -21.80 94.81 -29.78
CA LYS AA 222 -23.08 94.29 -29.30
C LYS AA 222 -24.24 94.65 -30.22
N LEU AA 223 -24.00 95.40 -31.29
CA LEU AA 223 -25.09 95.80 -32.18
C LEU AA 223 -25.69 94.59 -32.88
N GLY AA 224 -26.99 94.67 -33.13
CA GLY AA 224 -27.72 93.61 -33.81
C GLY AA 224 -28.54 94.15 -34.97
N ASN AA 225 -29.28 93.25 -35.60
CA ASN AA 225 -30.11 93.61 -36.73
C ASN AA 225 -31.25 94.52 -36.29
N GLY AA 226 -31.55 95.53 -37.11
CA GLY AA 226 -32.61 96.47 -36.82
C GLY AA 226 -32.24 97.56 -35.84
N ASP AA 227 -31.00 97.61 -35.38
CA ASP AA 227 -30.60 98.64 -34.42
C ASP AA 227 -30.49 99.99 -35.11
N LYS AA 228 -30.64 101.05 -34.32
CA LYS AA 228 -30.63 102.41 -34.81
C LYS AA 228 -29.53 103.21 -34.11
N VAL AA 229 -28.68 103.87 -34.90
CA VAL AA 229 -27.65 104.75 -34.38
C VAL AA 229 -27.86 106.13 -34.98
N THR AA 230 -28.08 107.12 -34.13
CA THR AA 230 -28.33 108.50 -34.56
C THR AA 230 -27.21 109.36 -34.02
N VAL AA 231 -26.32 109.81 -34.91
CA VAL AA 231 -25.19 110.65 -34.55
C VAL AA 231 -25.21 111.88 -35.44
N GLY AA 232 -25.06 113.06 -34.83
CA GLY AA 232 -25.09 114.29 -35.58
C GLY AA 232 -26.40 114.54 -36.29
N GLY AA 233 -27.51 114.08 -35.73
CA GLY AA 233 -28.80 114.24 -36.37
C GLY AA 233 -29.06 113.34 -37.56
N VAL AA 234 -28.19 112.37 -37.82
CA VAL AA 234 -28.32 111.47 -38.94
C VAL AA 234 -28.57 110.07 -38.41
N ASP AA 235 -29.62 109.43 -38.91
CA ASP AA 235 -30.03 108.11 -38.44
C ASP AA 235 -29.53 107.03 -39.38
N TYR AA 236 -28.96 105.96 -38.81
CA TYR AA 236 -28.45 104.84 -39.55
C TYR AA 236 -29.06 103.56 -38.98
N THR AA 237 -29.46 102.65 -39.86
CA THR AA 237 -30.06 101.39 -39.45
C THR AA 237 -29.09 100.25 -39.75
N TYR AA 238 -28.75 99.49 -38.71
CA TYR AA 238 -27.82 98.38 -38.88
C TYR AA 238 -28.45 97.24 -39.64
N ASN AA 239 -27.63 96.51 -40.39
CA ASN AA 239 -28.08 95.39 -41.20
C ASN AA 239 -27.34 94.13 -40.79
N ALA AA 240 -28.08 93.01 -40.72
CA ALA AA 240 -27.48 91.75 -40.33
C ALA AA 240 -26.69 91.11 -41.46
N LYS AA 241 -26.95 91.50 -42.72
CA LYS AA 241 -26.26 90.88 -43.84
C LYS AA 241 -24.76 91.15 -43.80
N SER AA 242 -24.37 92.38 -43.45
CA SER AA 242 -22.97 92.75 -43.38
C SER AA 242 -22.81 93.90 -42.41
N GLY AA 243 -21.57 94.16 -42.01
CA GLY AA 243 -21.29 95.21 -41.07
C GLY AA 243 -21.38 96.59 -41.69
N ASP AA 244 -22.59 97.01 -42.04
CA ASP AA 244 -22.79 98.30 -42.67
C ASP AA 244 -24.13 98.87 -42.22
N PHE AA 245 -24.28 100.19 -42.41
CA PHE AA 245 -25.48 100.91 -42.06
C PHE AA 245 -26.23 101.35 -43.31
N THR AA 246 -27.55 101.28 -43.26
CA THR AA 246 -28.42 101.79 -44.31
C THR AA 246 -29.10 103.06 -43.78
N THR AA 247 -28.96 104.16 -44.52
CA THR AA 247 -29.52 105.44 -44.11
C THR AA 247 -30.33 106.01 -45.26
N THR AA 248 -31.18 106.98 -44.94
CA THR AA 248 -31.99 107.68 -45.93
C THR AA 248 -31.40 109.06 -46.17
N LYS AA 249 -30.99 109.33 -47.41
CA LYS AA 249 -30.47 110.63 -47.79
C LYS AA 249 -31.51 111.31 -48.67
N SER AA 250 -31.98 112.48 -48.23
CA SER AA 250 -33.04 113.19 -48.91
C SER AA 250 -32.72 114.67 -48.92
N THR AA 251 -33.41 115.39 -49.79
CA THR AA 251 -33.26 116.83 -49.92
C THR AA 251 -33.64 117.54 -48.62
N ALA AA 258 -40.68 128.66 -50.67
CA ALA AA 258 -40.39 128.38 -52.07
C ALA AA 258 -39.25 129.25 -52.56
N ALA AA 259 -39.36 130.56 -52.33
CA ALA AA 259 -38.34 131.50 -52.75
C ALA AA 259 -37.19 131.60 -51.76
N ALA AA 260 -37.24 130.87 -50.65
CA ALA AA 260 -36.17 130.88 -49.68
C ALA AA 260 -35.03 129.98 -50.16
N GLN AA 261 -34.08 129.71 -49.27
CA GLN AA 261 -32.93 128.87 -49.62
C GLN AA 261 -33.29 127.42 -49.82
N ALA AA 262 -34.53 127.01 -49.48
CA ALA AA 262 -34.89 125.60 -49.57
C ALA AA 262 -34.83 125.09 -51.02
N ALA AA 263 -35.45 125.82 -51.94
CA ALA AA 263 -35.46 125.39 -53.34
C ALA AA 263 -34.06 125.45 -53.94
N ASP AA 264 -33.28 126.47 -53.58
CA ASP AA 264 -31.90 126.56 -54.05
C ASP AA 264 -31.08 125.38 -53.56
N SER AA 265 -31.24 125.01 -52.29
CA SER AA 265 -30.53 123.85 -51.76
C SER AA 265 -30.98 122.57 -52.44
N ALA AA 266 -32.28 122.46 -52.74
CA ALA AA 266 -32.79 121.28 -53.45
C ALA AA 266 -32.14 121.16 -54.82
N SER AA 267 -32.09 122.27 -55.57
CA SER AA 267 -31.46 122.25 -56.89
C SER AA 267 -29.97 121.92 -56.79
N LYS AA 268 -29.28 122.51 -55.81
CA LYS AA 268 -27.85 122.23 -55.64
C LYS AA 268 -27.61 120.77 -55.29
N ARG AA 269 -28.44 120.21 -54.42
CA ARG AA 269 -28.28 118.80 -54.04
C ARG AA 269 -28.55 117.88 -55.23
N ASP AA 270 -29.58 118.20 -56.03
CA ASP AA 270 -29.84 117.42 -57.23
C ASP AA 270 -28.66 117.50 -58.19
N ALA AA 271 -28.09 118.70 -58.37
CA ALA AA 271 -26.94 118.85 -59.23
C ALA AA 271 -25.74 118.05 -58.72
N LEU AA 272 -25.52 118.06 -57.41
CA LEU AA 272 -24.42 117.30 -56.82
C LEU AA 272 -24.62 115.80 -57.04
N ALA AA 273 -25.84 115.31 -56.85
CA ALA AA 273 -26.12 113.91 -57.09
C ALA AA 273 -25.90 113.54 -58.55
N ALA AA 274 -26.33 114.42 -59.47
CA ALA AA 274 -26.11 114.18 -60.89
C ALA AA 274 -24.63 114.13 -61.23
N THR AA 275 -23.84 115.06 -60.67
CA THR AA 275 -22.41 115.06 -60.92
C THR AA 275 -21.76 113.80 -60.35
N LEU AA 276 -22.21 113.36 -59.18
CA LEU AA 276 -21.67 112.14 -58.58
C LEU AA 276 -21.97 110.92 -59.45
N HIS AA 277 -23.18 110.86 -60.01
CA HIS AA 277 -23.56 109.73 -60.85
C HIS AA 277 -23.06 109.86 -62.29
N ALA AA 278 -22.49 111.01 -62.65
CA ALA AA 278 -21.98 111.19 -64.01
C ALA AA 278 -20.90 110.16 -64.34
N ASP AA 279 -19.99 109.91 -63.41
CA ASP AA 279 -18.91 108.96 -63.65
C ASP AA 279 -19.44 107.55 -63.42
N VAL AA 280 -19.57 106.78 -64.50
CA VAL AA 280 -20.09 105.42 -64.44
C VAL AA 280 -19.13 104.42 -65.08
N GLY AA 281 -17.90 104.83 -65.37
CA GLY AA 281 -17.00 103.95 -66.08
C GLY AA 281 -17.48 103.71 -67.49
N LYS AA 282 -17.98 102.52 -67.76
CA LYS AA 282 -18.59 102.20 -69.04
C LYS AA 282 -20.11 102.37 -68.91
N SER AA 283 -20.84 101.95 -69.95
CA SER AA 283 -22.28 102.14 -69.98
C SER AA 283 -22.96 101.34 -68.87
N VAL AA 284 -23.99 101.92 -68.28
CA VAL AA 284 -24.76 101.30 -67.21
C VAL AA 284 -26.24 101.40 -67.54
N ASN AA 285 -27.04 100.61 -66.84
CA ASN AA 285 -28.48 100.56 -67.09
C ASN AA 285 -29.25 101.33 -66.03
N GLY AA 286 -30.42 101.84 -66.42
CA GLY AA 286 -31.32 102.50 -65.49
C GLY AA 286 -32.74 102.40 -65.97
N SER AA 287 -33.68 102.57 -65.04
CA SER AA 287 -35.10 102.49 -65.34
C SER AA 287 -35.81 103.70 -64.75
N TYR AA 288 -36.43 104.51 -65.61
CA TYR AA 288 -37.19 105.68 -65.19
C TYR AA 288 -38.65 105.41 -65.46
N THR AA 289 -39.49 105.54 -64.44
CA THR AA 289 -40.91 105.26 -64.59
C THR AA 289 -41.73 106.38 -63.95
N THR AA 290 -42.73 106.85 -64.69
CA THR AA 290 -43.70 107.79 -64.16
C THR AA 290 -44.89 107.01 -63.62
N LYS AA 291 -45.98 107.71 -63.32
CA LYS AA 291 -47.18 107.05 -62.81
C LYS AA 291 -47.82 106.15 -63.86
N ASP AA 292 -47.49 106.34 -65.14
CA ASP AA 292 -48.18 105.67 -66.22
C ASP AA 292 -47.29 104.81 -67.11
N GLY AA 293 -45.98 105.02 -67.12
CA GLY AA 293 -45.12 104.33 -68.06
C GLY AA 293 -43.77 104.00 -67.47
N THR AA 294 -43.05 103.12 -68.18
CA THR AA 294 -41.72 102.68 -67.81
C THR AA 294 -40.79 102.83 -69.01
N VAL AA 295 -39.57 103.29 -68.76
CA VAL AA 295 -38.56 103.46 -69.81
C VAL AA 295 -37.25 102.90 -69.29
N SER AA 296 -36.56 102.12 -70.12
CA SER AA 296 -35.24 101.60 -69.81
C SER AA 296 -34.22 102.37 -70.63
N PHE AA 297 -33.25 102.99 -69.94
CA PHE AA 297 -32.29 103.85 -70.59
C PHE AA 297 -30.87 103.44 -70.21
N GLU AA 298 -29.97 103.51 -71.19
CA GLU AA 298 -28.56 103.16 -71.00
C GLU AA 298 -27.77 104.44 -70.77
N THR AA 299 -27.39 104.68 -69.52
CA THR AA 299 -26.55 105.83 -69.20
C THR AA 299 -25.13 105.59 -69.68
N ASP AA 300 -24.52 106.64 -70.22
CA ASP AA 300 -23.17 106.60 -70.75
C ASP AA 300 -22.21 107.31 -69.80
N SER AA 301 -20.92 107.21 -70.12
CA SER AA 301 -19.91 107.89 -69.33
C SER AA 301 -20.09 109.40 -69.43
N ALA AA 302 -19.76 110.10 -68.35
CA ALA AA 302 -19.87 111.55 -68.20
C ALA AA 302 -21.31 112.04 -68.26
N GLY AA 303 -22.29 111.15 -68.31
CA GLY AA 303 -23.68 111.56 -68.25
C GLY AA 303 -24.36 111.69 -69.60
N ASN AA 304 -25.19 110.71 -69.94
CA ASN AA 304 -25.96 110.74 -71.18
C ASN AA 304 -27.09 109.73 -71.07
N ILE AA 305 -28.06 109.86 -71.97
CA ILE AA 305 -29.20 108.95 -72.04
C ILE AA 305 -29.23 108.33 -73.43
N THR AA 306 -29.33 107.00 -73.47
CA THR AA 306 -29.37 106.28 -74.74
C THR AA 306 -30.40 105.16 -74.65
N ILE AA 307 -31.37 105.18 -75.55
CA ILE AA 307 -32.40 104.15 -75.62
C ILE AA 307 -32.37 103.55 -77.02
N GLY AA 308 -32.32 102.22 -77.08
CA GLY AA 308 -32.30 101.53 -78.36
C GLY AA 308 -31.11 101.89 -79.22
N GLY AA 309 -29.97 102.17 -78.61
CA GLY AA 309 -28.78 102.53 -79.36
C GLY AA 309 -28.76 103.94 -79.88
N SER AA 310 -29.74 104.76 -79.54
CA SER AA 310 -29.82 106.13 -80.02
C SER AA 310 -30.00 107.09 -78.85
N GLN AA 311 -29.49 108.30 -79.02
CA GLN AA 311 -29.59 109.32 -77.98
C GLN AA 311 -31.05 109.70 -77.76
N ALA AA 312 -31.43 109.84 -76.50
CA ALA AA 312 -32.80 110.17 -76.11
C ALA AA 312 -32.86 111.55 -75.49
N TYR AA 313 -34.02 112.19 -75.61
CA TYR AA 313 -34.25 113.53 -75.10
C TYR AA 313 -35.38 113.53 -74.10
N VAL AA 314 -35.30 114.43 -73.12
CA VAL AA 314 -36.26 114.49 -72.02
C VAL AA 314 -37.25 115.61 -72.30
N ASP AA 315 -38.54 115.31 -72.13
CA ASP AA 315 -39.59 116.29 -72.32
C ASP AA 315 -39.59 117.30 -71.17
N ASP AA 316 -40.17 118.47 -71.43
CA ASP AA 316 -40.23 119.51 -70.41
C ASP AA 316 -41.05 119.07 -69.21
N ALA AA 317 -42.17 118.38 -69.45
CA ALA AA 317 -43.00 117.90 -68.36
C ALA AA 317 -42.33 116.78 -67.57
N GLY AA 318 -41.29 116.16 -68.13
CA GLY AA 318 -40.57 115.08 -67.48
C GLY AA 318 -40.57 113.77 -68.23
N ASN AA 319 -41.29 113.66 -69.35
CA ASN AA 319 -41.31 112.43 -70.11
C ASN AA 319 -39.99 112.23 -70.85
N LEU AA 320 -39.69 110.97 -71.15
CA LEU AA 320 -38.48 110.60 -71.88
C LEU AA 320 -38.85 110.04 -73.24
N THR AA 321 -38.22 110.57 -74.29
CA THR AA 321 -38.53 110.18 -75.66
C THR AA 321 -37.25 110.11 -76.46
N THR AA 322 -37.33 109.37 -77.58
CA THR AA 322 -36.17 109.19 -78.45
C THR AA 322 -36.08 110.23 -79.57
N ASN AA 323 -37.09 111.08 -79.73
CA ASN AA 323 -37.10 112.09 -80.77
C ASN AA 323 -37.42 113.45 -80.15
N ASN AA 324 -36.77 114.49 -80.67
CA ASN AA 324 -36.95 115.83 -80.15
C ASN AA 324 -38.22 116.46 -80.71
N ALA AA 325 -38.95 117.14 -79.83
CA ALA AA 325 -40.15 117.86 -80.21
C ALA AA 325 -40.11 119.25 -79.61
N GLY AA 326 -40.39 120.26 -80.44
CA GLY AA 326 -40.37 121.63 -79.97
C GLY AA 326 -38.99 122.18 -79.71
N SER AA 327 -37.96 121.58 -80.30
CA SER AA 327 -36.57 122.05 -80.15
C SER AA 327 -36.16 122.11 -78.68
N ALA AA 328 -36.61 121.12 -77.90
CA ALA AA 328 -36.29 121.01 -76.48
C ALA AA 328 -35.79 119.59 -76.23
N ALA AA 329 -34.49 119.37 -76.42
CA ALA AA 329 -33.89 118.05 -76.29
C ALA AA 329 -33.20 117.87 -74.95
N LYS AA 330 -32.23 118.73 -74.64
CA LYS AA 330 -31.45 118.73 -73.40
C LYS AA 330 -31.12 117.30 -72.94
N ALA AA 331 -30.44 116.58 -73.83
CA ALA AA 331 -30.11 115.17 -73.58
C ALA AA 331 -28.98 115.10 -72.57
N ASP AA 332 -29.34 115.27 -71.30
CA ASP AA 332 -28.39 115.16 -70.20
C ASP AA 332 -29.12 114.64 -68.98
N MET AA 333 -28.42 113.83 -68.18
CA MET AA 333 -29.03 113.24 -67.00
C MET AA 333 -29.27 114.30 -65.92
N LYS AA 334 -28.40 115.30 -65.82
CA LYS AA 334 -28.65 116.40 -64.89
C LYS AA 334 -29.92 117.15 -65.29
N ALA AA 335 -30.10 117.40 -66.59
CA ALA AA 335 -31.33 118.04 -67.04
C ALA AA 335 -32.54 117.16 -66.79
N LEU AA 336 -32.40 115.85 -66.96
CA LEU AA 336 -33.50 114.93 -66.67
C LEU AA 336 -33.88 115.00 -65.19
N LEU AA 337 -32.89 115.00 -64.31
CA LEU AA 337 -33.17 115.08 -62.88
C LEU AA 337 -33.84 116.39 -62.52
N LYS AA 338 -33.34 117.51 -63.10
CA LYS AA 338 -33.95 118.80 -62.83
C LYS AA 338 -35.39 118.85 -63.32
N ALA AA 339 -35.64 118.32 -64.52
CA ALA AA 339 -37.00 118.30 -65.06
C ALA AA 339 -37.93 117.45 -64.21
N ALA AA 340 -37.43 116.29 -63.75
CA ALA AA 340 -38.24 115.45 -62.87
C ALA AA 340 -38.55 116.15 -61.56
N SER AA 341 -37.56 116.83 -60.98
CA SER AA 341 -37.77 117.53 -59.72
C SER AA 341 -38.77 118.67 -59.88
N GLU AA 342 -38.65 119.43 -60.97
CA GLU AA 342 -39.52 120.59 -61.19
C GLU AA 342 -40.84 120.21 -61.85
N GLY AA 343 -41.05 118.95 -62.21
CA GLY AA 343 -42.26 118.56 -62.89
C GLY AA 343 -43.48 118.64 -62.01
N SER AA 344 -44.64 118.68 -62.66
CA SER AA 344 -45.90 118.73 -61.94
C SER AA 344 -46.17 117.42 -61.21
N ASP AA 345 -45.71 116.30 -61.76
CA ASP AA 345 -45.95 114.99 -61.18
C ASP AA 345 -44.63 114.29 -60.88
N GLY AA 346 -44.58 113.61 -59.75
CA GLY AA 346 -43.39 112.88 -59.37
C GLY AA 346 -43.24 111.57 -60.11
N ALA AA 347 -42.03 111.02 -60.05
CA ALA AA 347 -41.71 109.76 -60.71
C ALA AA 347 -40.66 109.01 -59.90
N SER AA 348 -40.40 107.77 -60.32
CA SER AA 348 -39.44 106.90 -59.65
C SER AA 348 -38.32 106.52 -60.62
N LEU AA 349 -37.08 106.70 -60.18
CA LEU AA 349 -35.91 106.43 -61.01
C LEU AA 349 -34.99 105.47 -60.28
N THR AA 350 -34.67 104.35 -60.92
CA THR AA 350 -33.81 103.33 -60.36
C THR AA 350 -32.53 103.24 -61.18
N PHE AA 351 -31.39 103.32 -60.51
CA PHE AA 351 -30.10 103.14 -61.15
C PHE AA 351 -29.72 101.65 -61.11
N ASN AA 352 -28.46 101.33 -61.37
CA ASN AA 352 -28.02 99.95 -61.39
C ASN AA 352 -28.29 99.25 -60.06
N GLY AA 353 -27.84 99.87 -58.96
CA GLY AA 353 -28.00 99.25 -57.65
C GLY AA 353 -29.08 99.85 -56.79
N THR AA 354 -29.16 101.18 -56.75
CA THR AA 354 -30.06 101.87 -55.84
C THR AA 354 -31.28 102.42 -56.57
N GLU AA 355 -32.26 102.84 -55.79
CA GLU AA 355 -33.51 103.42 -56.30
C GLU AA 355 -33.67 104.83 -55.74
N TYR AA 356 -34.07 105.76 -56.59
CA TYR AA 356 -34.24 107.15 -56.22
C TYR AA 356 -35.70 107.56 -56.42
N THR AA 357 -36.25 108.25 -55.43
CA THR AA 357 -37.63 108.71 -55.48
C THR AA 357 -37.64 110.24 -55.59
N ILE AA 358 -38.43 110.74 -56.54
CA ILE AA 358 -38.50 112.17 -56.82
C ILE AA 358 -39.81 112.70 -56.25
N ALA AA 359 -39.70 113.65 -55.31
CA ALA AA 359 -40.87 114.23 -54.68
C ALA AA 359 -41.56 115.21 -55.63
N LYS AA 360 -42.88 115.27 -55.54
CA LYS AA 360 -43.66 116.19 -56.36
C LYS AA 360 -43.36 117.63 -55.95
N GLY AA 376 -37.81 117.52 -54.46
CA GLY AA 376 -36.65 116.95 -53.80
C GLY AA 376 -36.35 115.53 -54.25
N ILE AA 377 -35.21 115.01 -53.80
CA ILE AA 377 -34.78 113.66 -54.13
C ILE AA 377 -34.54 112.90 -52.83
N THR AA 378 -34.93 111.63 -52.80
CA THR AA 378 -34.64 110.77 -51.66
C THR AA 378 -34.13 109.42 -52.15
N TYR AA 379 -33.23 108.82 -51.37
CA TYR AA 379 -32.66 107.53 -51.76
C TYR AA 379 -32.08 106.85 -50.54
N GLN AA 380 -32.09 105.52 -50.58
CA GLN AA 380 -31.58 104.69 -49.49
C GLN AA 380 -30.10 104.44 -49.70
N ALA AA 381 -29.27 105.32 -49.13
CA ALA AA 381 -27.84 105.18 -49.23
C ALA AA 381 -27.33 104.15 -48.23
N THR AA 382 -26.15 103.60 -48.51
CA THR AA 382 -25.48 102.66 -47.62
C THR AA 382 -24.09 103.19 -47.28
N VAL AA 383 -23.77 103.25 -46.00
CA VAL AA 383 -22.47 103.70 -45.53
C VAL AA 383 -21.95 102.70 -44.50
N SER AA 384 -20.66 102.39 -44.59
CA SER AA 384 -20.07 101.40 -43.71
C SER AA 384 -20.09 101.88 -42.26
N LYS AA 385 -20.25 100.93 -41.34
CA LYS AA 385 -20.34 101.27 -39.92
C LYS AA 385 -19.03 101.79 -39.36
N ASP AA 386 -17.91 101.52 -40.03
CA ASP AA 386 -16.63 102.04 -39.56
C ASP AA 386 -16.60 103.57 -39.58
N VAL AA 387 -17.16 104.17 -40.64
CA VAL AA 387 -17.22 105.63 -40.71
C VAL AA 387 -18.05 106.17 -39.56
N VAL AA 388 -19.20 105.54 -39.29
CA VAL AA 388 -20.09 106.04 -38.24
C VAL AA 388 -19.42 105.95 -36.88
N LEU AA 389 -18.79 104.79 -36.59
CA LEU AA 389 -18.13 104.64 -35.30
C LEU AA 389 -16.95 105.59 -35.16
N SER AA 390 -16.19 105.79 -36.24
CA SER AA 390 -15.06 106.71 -36.18
C SER AA 390 -15.52 108.14 -35.93
N GLU AA 391 -16.57 108.58 -36.63
CA GLU AA 391 -17.04 109.95 -36.44
C GLU AA 391 -17.68 110.13 -35.06
N THR AA 392 -18.30 109.09 -34.52
CA THR AA 392 -18.83 109.17 -33.16
C THR AA 392 -17.70 109.25 -32.15
N LYS AA 393 -16.65 108.46 -32.33
CA LYS AA 393 -15.57 108.41 -31.35
C LYS AA 393 -14.70 109.65 -31.39
N ALA AA 394 -14.36 110.13 -32.58
CA ALA AA 394 -13.40 111.23 -32.70
C ALA AA 394 -14.00 112.55 -32.24
N ALA AA 395 -15.22 112.85 -32.66
CA ALA AA 395 -15.84 114.13 -32.42
C ALA AA 395 -16.57 114.15 -31.09
N ALA AA 396 -16.68 115.35 -30.52
CA ALA AA 396 -17.40 115.55 -29.26
C ALA AA 396 -18.89 115.77 -29.52
N ALA AA 397 -19.50 114.76 -30.14
CA ALA AA 397 -20.91 114.80 -30.52
C ALA AA 397 -21.76 114.15 -29.44
N THR AA 398 -23.06 114.03 -29.72
CA THR AA 398 -24.03 113.42 -28.83
C THR AA 398 -24.78 112.36 -29.63
N SER AA 399 -24.31 111.13 -29.57
CA SER AA 399 -24.92 110.04 -30.33
C SER AA 399 -25.96 109.31 -29.49
N SER AA 400 -26.84 108.58 -30.16
CA SER AA 400 -27.85 107.76 -29.51
C SER AA 400 -27.84 106.38 -30.14
N ILE AA 401 -27.83 105.34 -29.31
CA ILE AA 401 -27.79 103.96 -29.77
C ILE AA 401 -29.00 103.23 -29.21
N THR AA 402 -29.73 102.54 -30.07
CA THR AA 402 -30.93 101.81 -29.66
C THR AA 402 -30.72 100.33 -29.89
N PHE AA 403 -30.88 99.54 -28.83
CA PHE AA 403 -30.83 98.09 -28.90
C PHE AA 403 -32.25 97.56 -28.92
N ASN AA 404 -32.56 96.75 -29.94
CA ASN AA 404 -33.88 96.17 -30.12
C ASN AA 404 -33.74 94.66 -30.26
N SER AA 405 -34.48 93.92 -29.44
CA SER AA 405 -34.57 92.48 -29.55
C SER AA 405 -35.80 92.04 -30.32
N GLY AA 406 -36.50 92.98 -30.96
CA GLY AA 406 -37.75 92.73 -31.62
C GLY AA 406 -38.97 93.07 -30.77
N VAL AA 407 -38.82 92.97 -29.45
CA VAL AA 407 -39.87 93.35 -28.50
C VAL AA 407 -39.37 94.38 -27.51
N LEU AA 408 -38.21 94.13 -26.92
CA LEU AA 408 -37.66 94.98 -25.87
C LEU AA 408 -36.67 95.96 -26.48
N SER AA 409 -36.80 97.23 -26.13
CA SER AA 409 -35.99 98.29 -26.72
C SER AA 409 -35.36 99.14 -25.62
N LYS AA 410 -34.11 99.53 -25.83
CA LYS AA 410 -33.41 100.42 -24.91
C LYS AA 410 -32.61 101.45 -25.71
N THR AA 411 -32.73 102.72 -25.32
CA THR AA 411 -32.02 103.81 -25.96
C THR AA 411 -31.01 104.39 -24.98
N ILE AA 412 -29.75 104.48 -25.43
CA ILE AA 412 -28.66 104.96 -24.58
C ILE AA 412 -27.98 106.13 -25.28
N GLY AA 413 -27.80 107.23 -24.55
CA GLY AA 413 -27.05 108.36 -25.07
C GLY AA 413 -25.57 108.19 -24.84
N PHE AA 414 -24.78 108.75 -25.76
CA PHE AA 414 -23.33 108.61 -25.74
C PHE AA 414 -22.67 109.95 -26.04
N THR AA 415 -21.66 110.29 -25.24
CA THR AA 415 -20.78 111.40 -25.52
C THR AA 415 -19.62 110.89 -26.37
N ALA AA 416 -18.53 111.66 -26.45
CA ALA AA 416 -17.40 111.30 -27.30
C ALA AA 416 -16.67 110.12 -26.69
N GLY AA 417 -17.20 108.92 -26.94
CA GLY AA 417 -16.59 107.68 -26.49
C GLY AA 417 -17.19 107.08 -25.24
N GLU AA 418 -17.99 107.84 -24.50
CA GLU AA 418 -18.59 107.38 -23.24
C GLU AA 418 -20.08 107.69 -23.25
N SER AA 419 -20.75 107.39 -22.14
CA SER AA 419 -22.17 107.65 -21.98
C SER AA 419 -22.36 108.78 -20.99
N SER AA 420 -23.08 109.82 -21.41
CA SER AA 420 -23.33 110.98 -20.58
C SER AA 420 -24.82 111.19 -20.30
N ASP AA 421 -25.65 110.16 -20.50
CA ASP AA 421 -27.09 110.28 -20.36
C ASP AA 421 -27.57 110.04 -18.93
N ALA AA 422 -26.72 110.26 -17.93
CA ALA AA 422 -27.05 110.02 -16.53
C ALA AA 422 -27.47 108.57 -16.29
N ALA AA 423 -26.96 107.67 -17.12
CA ALA AA 423 -27.24 106.25 -17.02
C ALA AA 423 -25.95 105.50 -16.69
N LYS AA 424 -26.10 104.36 -16.03
CA LYS AA 424 -24.94 103.63 -15.53
C LYS AA 424 -24.16 103.00 -16.69
N SER AA 425 -24.79 102.07 -17.41
CA SER AA 425 -24.27 101.55 -18.67
C SER AA 425 -22.85 100.99 -18.52
N TYR AA 426 -22.75 99.92 -17.74
CA TYR AA 426 -21.48 99.23 -17.53
C TYR AA 426 -21.56 97.82 -18.07
N VAL AA 427 -20.44 97.35 -18.63
CA VAL AA 427 -20.41 96.10 -19.39
C VAL AA 427 -19.23 95.24 -18.93
N ASP AA 428 -18.40 95.81 -18.05
CA ASP AA 428 -17.09 95.22 -17.76
C ASP AA 428 -17.16 93.84 -17.14
N ASP AA 429 -18.29 93.47 -16.53
CA ASP AA 429 -18.36 92.23 -15.76
C ASP AA 429 -18.08 90.99 -16.62
N LYS AA 430 -18.99 90.68 -17.54
CA LYS AA 430 -18.82 89.53 -18.42
C LYS AA 430 -19.34 89.79 -19.83
N GLY AA 431 -19.74 91.00 -20.14
CA GLY AA 431 -20.43 91.30 -21.38
C GLY AA 431 -21.90 91.57 -21.14
N GLY AA 432 -22.46 92.44 -21.95
CA GLY AA 432 -23.82 92.91 -21.76
C GLY AA 432 -23.89 94.10 -20.82
N ILE AA 433 -24.93 94.91 -21.01
CA ILE AA 433 -25.07 96.16 -20.28
C ILE AA 433 -25.86 95.87 -19.01
N THR AA 434 -25.16 95.84 -17.88
CA THR AA 434 -25.75 95.48 -16.61
C THR AA 434 -26.01 96.69 -15.71
N ASN AA 435 -25.72 97.89 -16.19
CA ASN AA 435 -26.05 99.17 -15.55
C ASN AA 435 -25.97 99.13 -14.02
N VAL AA 436 -24.87 98.59 -13.52
CA VAL AA 436 -24.54 98.65 -12.09
C VAL AA 436 -23.25 99.45 -11.93
N ALA AA 437 -23.27 100.43 -11.02
CA ALA AA 437 -22.09 101.24 -10.79
C ALA AA 437 -20.95 100.40 -10.24
N ASP AA 438 -21.14 99.83 -9.05
CA ASP AA 438 -20.12 99.04 -8.40
C ASP AA 438 -20.76 98.26 -7.26
N TYR AA 439 -20.22 97.07 -7.00
CA TYR AA 439 -20.65 96.26 -5.87
C TYR AA 439 -19.45 95.95 -5.00
N THR AA 440 -19.62 96.08 -3.68
CA THR AA 440 -18.59 95.80 -2.71
C THR AA 440 -18.99 94.57 -1.92
N VAL AA 441 -18.09 93.59 -1.85
CA VAL AA 441 -18.32 92.35 -1.12
C VAL AA 441 -17.48 92.38 0.14
N SER AA 442 -18.10 92.10 1.27
CA SER AA 442 -17.43 92.11 2.56
C SER AA 442 -17.20 90.67 3.02
N TYR AA 443 -15.96 90.36 3.36
CA TYR AA 443 -15.54 89.04 3.81
C TYR AA 443 -15.19 89.10 5.29
N SER AA 444 -15.66 88.11 6.04
CA SER AA 444 -15.34 87.98 7.46
C SER AA 444 -14.23 86.97 7.63
N VAL AA 445 -13.19 87.35 8.39
CA VAL AA 445 -12.03 86.50 8.61
C VAL AA 445 -12.11 85.95 10.02
N ASN AA 446 -12.18 84.63 10.14
CA ASN AA 446 -12.23 83.97 11.44
C ASN AA 446 -10.81 83.80 11.96
N LYS AA 447 -10.49 84.53 13.03
CA LYS AA 447 -9.13 84.55 13.57
C LYS AA 447 -8.74 83.27 14.29
N ASP AA 448 -9.70 82.38 14.57
CA ASP AA 448 -9.38 81.14 15.25
C ASP AA 448 -8.56 80.21 14.35
N ASN AA 449 -8.98 80.06 13.10
CA ASN AA 449 -8.31 79.18 12.16
C ASN AA 449 -7.82 79.86 10.90
N GLY AA 450 -8.32 81.05 10.58
CA GLY AA 450 -7.96 81.75 9.36
C GLY AA 450 -8.92 81.54 8.21
N SER AA 451 -10.00 80.81 8.40
CA SER AA 451 -10.97 80.60 7.34
C SER AA 451 -11.69 81.90 7.00
N VAL AA 452 -11.94 82.11 5.72
CA VAL AA 452 -12.56 83.34 5.22
C VAL AA 452 -13.91 82.99 4.60
N THR AA 453 -14.97 83.66 5.05
CA THR AA 453 -16.30 83.49 4.52
C THR AA 453 -16.81 84.82 4.00
N VAL AA 454 -17.95 84.78 3.31
CA VAL AA 454 -18.58 85.97 2.75
C VAL AA 454 -19.66 86.44 3.72
N ALA AA 455 -19.64 87.73 4.04
CA ALA AA 455 -20.64 88.30 4.96
C ALA AA 455 -20.77 89.79 4.62
N GLY AA 456 -21.83 90.13 3.88
CA GLY AA 456 -22.12 91.51 3.58
C GLY AA 456 -21.97 91.90 2.12
N TYR AA 457 -22.99 92.57 1.59
CA TYR AA 457 -22.99 93.03 0.21
C TYR AA 457 -23.49 94.46 0.16
N ALA AA 458 -22.77 95.32 -0.56
CA ALA AA 458 -23.14 96.72 -0.69
C ALA AA 458 -23.20 97.08 -2.16
N SER AA 459 -24.22 97.84 -2.54
CA SER AA 459 -24.36 98.30 -3.92
C SER AA 459 -24.85 99.73 -3.94
N ALA AA 460 -24.22 100.56 -4.77
CA ALA AA 460 -24.66 101.93 -4.95
C ALA AA 460 -25.96 102.03 -5.73
N THR AA 461 -26.39 100.97 -6.38
CA THR AA 461 -27.66 100.89 -7.08
C THR AA 461 -28.49 99.77 -6.47
N ASP AA 462 -29.72 99.62 -6.97
CA ASP AA 462 -30.58 98.54 -6.49
C ASP AA 462 -29.97 97.18 -6.83
N THR AA 463 -29.62 96.97 -8.10
CA THR AA 463 -28.82 95.85 -8.57
C THR AA 463 -29.61 94.54 -8.49
N ASN AA 464 -30.79 94.58 -7.87
CA ASN AA 464 -31.65 93.41 -7.69
C ASN AA 464 -30.88 92.24 -7.06
N LYS AA 465 -29.79 92.54 -6.37
CA LYS AA 465 -28.91 91.52 -5.78
C LYS AA 465 -28.47 90.51 -6.82
N ASP AA 466 -28.14 91.00 -8.02
CA ASP AA 466 -27.67 90.12 -9.08
C ASP AA 466 -26.32 89.52 -8.73
N TYR AA 467 -25.41 90.32 -8.17
CA TYR AA 467 -24.06 89.88 -7.85
C TYR AA 467 -23.86 89.68 -6.35
N ALA AA 468 -24.93 89.37 -5.62
CA ALA AA 468 -24.83 89.18 -4.18
C ALA AA 468 -24.86 87.69 -3.85
N PRO AA 469 -23.73 87.09 -3.48
CA PRO AA 469 -23.77 85.70 -3.04
C PRO AA 469 -24.42 85.57 -1.68
N ALA AA 470 -24.92 84.36 -1.40
CA ALA AA 470 -25.49 84.08 -0.09
C ALA AA 470 -24.44 84.21 0.99
N ILE AA 471 -24.77 84.90 2.07
CA ILE AA 471 -23.80 85.11 3.14
C ILE AA 471 -23.53 83.79 3.86
N GLY AA 472 -22.36 83.70 4.49
CA GLY AA 472 -21.98 82.52 5.22
C GLY AA 472 -21.40 81.40 4.40
N THR AA 473 -21.07 81.65 3.13
CA THR AA 473 -20.51 80.63 2.25
C THR AA 473 -19.00 80.79 2.20
N ALA AA 474 -18.28 79.70 2.45
CA ALA AA 474 -16.83 79.73 2.46
C ALA AA 474 -16.30 80.04 1.07
N VAL AA 475 -15.46 81.06 0.96
CA VAL AA 475 -14.91 81.47 -0.32
C VAL AA 475 -13.57 80.78 -0.52
N ASN AA 476 -13.23 80.50 -1.78
CA ASN AA 476 -12.00 79.80 -2.14
C ASN AA 476 -11.23 80.62 -3.18
N VAL AA 477 -10.16 80.02 -3.69
CA VAL AA 477 -9.31 80.64 -4.70
C VAL AA 477 -9.38 79.81 -5.97
N ASN AA 478 -9.66 80.47 -7.09
CA ASN AA 478 -9.77 79.78 -8.36
C ASN AA 478 -8.39 79.33 -8.84
N SER AA 479 -8.38 78.67 -9.99
CA SER AA 479 -7.11 78.21 -10.57
C SER AA 479 -6.23 79.39 -10.97
N ALA AA 480 -6.83 80.46 -11.49
CA ALA AA 480 -6.08 81.62 -11.92
C ALA AA 480 -5.73 82.57 -10.77
N GLY AA 481 -6.02 82.17 -9.53
CA GLY AA 481 -5.72 82.99 -8.38
C GLY AA 481 -6.81 83.96 -7.98
N LYS AA 482 -7.93 84.00 -8.69
CA LYS AA 482 -9.01 84.90 -8.34
C LYS AA 482 -9.76 84.39 -7.11
N ILE AA 483 -10.52 85.28 -6.49
CA ILE AA 483 -11.32 84.96 -5.31
C ILE AA 483 -12.70 84.58 -5.81
N THR AA 484 -13.09 83.33 -5.56
CA THR AA 484 -14.33 82.80 -6.12
C THR AA 484 -14.92 81.80 -5.13
N THR AA 485 -16.22 81.57 -5.27
CA THR AA 485 -16.96 80.78 -4.28
C THR AA 485 -17.10 79.30 -4.62
N GLU AA 486 -17.16 78.93 -5.90
CA GLU AA 486 -17.39 77.55 -6.26
C GLU AA 486 -16.10 76.74 -6.17
N THR AA 487 -16.27 75.45 -5.88
CA THR AA 487 -15.15 74.55 -5.67
C THR AA 487 -14.88 73.60 -6.83
N THR AA 488 -15.57 73.76 -7.95
CA THR AA 488 -15.42 72.84 -9.08
C THR AA 488 -14.01 72.87 -9.65
N SER AA 489 -13.62 74.00 -10.24
CA SER AA 489 -12.28 74.20 -10.78
C SER AA 489 -11.90 73.08 -11.76
N ALA AA 490 -12.62 73.07 -12.88
CA ALA AA 490 -12.45 72.02 -13.87
C ALA AA 490 -11.02 71.99 -14.40
N GLY AA 491 -10.50 70.78 -14.59
CA GLY AA 491 -9.14 70.57 -15.04
C GLY AA 491 -9.01 70.48 -16.54
N SER AA 492 -7.94 69.78 -16.97
CA SER AA 492 -7.58 69.72 -18.37
C SER AA 492 -7.84 68.36 -19.02
N ALA AA 493 -8.11 67.32 -18.24
CA ALA AA 493 -8.38 66.01 -18.81
C ALA AA 493 -9.66 66.05 -19.64
N THR AA 494 -9.67 65.26 -20.72
CA THR AA 494 -10.82 65.26 -21.62
C THR AA 494 -12.07 64.78 -20.88
N THR AA 495 -13.19 65.47 -21.13
CA THR AA 495 -14.41 65.21 -20.38
C THR AA 495 -14.97 63.83 -20.68
N ASN AA 496 -15.31 63.58 -21.95
CA ASN AA 496 -15.98 62.35 -22.37
C ASN AA 496 -15.18 61.71 -23.49
N PRO AA 497 -14.05 61.08 -23.15
CA PRO AA 497 -13.18 60.52 -24.21
C PRO AA 497 -13.88 59.47 -25.04
N LEU AA 498 -14.68 58.60 -24.41
CA LEU AA 498 -15.33 57.54 -25.14
C LEU AA 498 -16.39 58.11 -26.08
N ALA AA 499 -17.11 59.14 -25.66
CA ALA AA 499 -18.08 59.78 -26.53
C ALA AA 499 -17.40 60.43 -27.73
N ALA AA 500 -16.27 61.12 -27.49
CA ALA AA 500 -15.55 61.73 -28.60
C ALA AA 500 -15.06 60.69 -29.59
N LEU AA 501 -14.52 59.57 -29.08
CA LEU AA 501 -14.06 58.50 -29.95
C LEU AA 501 -15.22 57.88 -30.73
N ASP AA 502 -16.38 57.74 -30.09
CA ASP AA 502 -17.55 57.23 -30.78
C ASP AA 502 -17.96 58.15 -31.93
N ASP AA 503 -17.93 59.46 -31.68
CA ASP AA 503 -18.24 60.40 -32.75
C ASP AA 503 -17.26 60.28 -33.92
N ALA AA 504 -15.97 60.15 -33.60
CA ALA AA 504 -14.97 60.00 -34.66
C ALA AA 504 -15.21 58.74 -35.47
N ILE AA 505 -15.46 57.62 -34.78
CA ILE AA 505 -15.69 56.36 -35.47
C ILE AA 505 -16.94 56.44 -36.33
N SER AA 506 -17.98 57.10 -35.83
CA SER AA 506 -19.21 57.25 -36.61
C SER AA 506 -18.95 58.05 -37.88
N SER AA 507 -18.17 59.12 -37.78
CA SER AA 507 -17.85 59.90 -38.97
C SER AA 507 -17.09 59.05 -39.99
N ILE AA 508 -16.12 58.27 -39.51
CA ILE AA 508 -15.36 57.41 -40.41
C ILE AA 508 -16.27 56.42 -41.11
N ASP AA 509 -17.18 55.80 -40.36
CA ASP AA 509 -18.09 54.82 -40.94
C ASP AA 509 -19.01 55.45 -41.97
N LYS AA 510 -19.51 56.66 -41.69
CA LYS AA 510 -20.38 57.33 -42.66
C LYS AA 510 -19.64 57.59 -43.97
N PHE AA 511 -18.40 58.09 -43.87
CA PHE AA 511 -17.66 58.40 -45.10
C PHE AA 511 -17.33 57.12 -45.87
N ARG AA 512 -16.99 56.04 -45.16
CA ARG AA 512 -16.73 54.77 -45.84
C ARG AA 512 -17.98 54.24 -46.53
N SER AA 513 -19.14 54.36 -45.88
CA SER AA 513 -20.39 53.94 -46.50
C SER AA 513 -20.65 54.72 -47.77
N SER AA 514 -20.41 56.04 -47.73
CA SER AA 514 -20.59 56.85 -48.92
C SER AA 514 -19.70 56.38 -50.06
N LEU AA 515 -18.43 56.08 -49.75
CA LEU AA 515 -17.52 55.60 -50.79
C LEU AA 515 -17.99 54.26 -51.36
N GLY AA 516 -18.46 53.36 -50.50
CA GLY AA 516 -18.95 52.08 -50.98
C GLY AA 516 -20.13 52.21 -51.90
N ALA AA 517 -21.08 53.08 -51.55
CA ALA AA 517 -22.22 53.33 -52.42
C ALA AA 517 -21.76 53.89 -53.76
N ILE AA 518 -20.78 54.80 -53.74
CA ILE AA 518 -20.27 55.35 -54.98
C ILE AA 518 -19.70 54.25 -55.86
N GLN AA 519 -18.91 53.34 -55.28
CA GLN AA 519 -18.36 52.26 -56.10
C GLN AA 519 -19.44 51.38 -56.68
N ASN AA 520 -20.47 51.06 -55.88
CA ASN AA 520 -21.54 50.23 -56.41
C ASN AA 520 -22.19 50.88 -57.62
N ARG AA 521 -22.55 52.17 -57.50
CA ARG AA 521 -23.21 52.82 -58.62
C ARG AA 521 -22.26 52.97 -59.81
N LEU AA 522 -20.96 53.15 -59.57
CA LEU AA 522 -20.01 53.29 -60.66
C LEU AA 522 -19.84 51.97 -61.41
N ASP AA 523 -19.83 50.85 -60.69
CA ASP AA 523 -19.76 49.55 -61.35
C ASP AA 523 -21.02 49.29 -62.17
N SER AA 524 -22.19 49.67 -61.64
CA SER AA 524 -23.40 49.56 -62.44
C SER AA 524 -23.29 50.38 -63.72
N ALA AA 525 -22.72 51.59 -63.62
CA ALA AA 525 -22.51 52.41 -64.81
C ALA AA 525 -21.59 51.72 -65.79
N VAL AA 526 -20.53 51.07 -65.30
CA VAL AA 526 -19.61 50.35 -66.19
C VAL AA 526 -20.36 49.26 -66.96
N THR AA 527 -21.17 48.48 -66.26
CA THR AA 527 -21.90 47.40 -66.91
C THR AA 527 -22.85 47.95 -67.97
N ASN AA 528 -23.57 49.03 -67.64
CA ASN AA 528 -24.48 49.61 -68.61
C ASN AA 528 -23.73 50.14 -69.83
N LEU AA 529 -22.57 50.76 -69.61
CA LEU AA 529 -21.79 51.26 -70.73
C LEU AA 529 -21.35 50.14 -71.64
N ASN AA 530 -20.91 49.02 -71.07
CA ASN AA 530 -20.49 47.89 -71.90
C ASN AA 530 -21.67 47.36 -72.74
N ASN AA 531 -22.84 47.21 -72.11
CA ASN AA 531 -24.00 46.73 -72.85
C ASN AA 531 -24.37 47.67 -73.99
N THR AA 532 -24.37 48.98 -73.71
CA THR AA 532 -24.72 49.95 -74.74
C THR AA 532 -23.71 49.95 -75.88
N THR AA 533 -22.42 49.80 -75.54
CA THR AA 533 -21.40 49.73 -76.58
C THR AA 533 -21.62 48.51 -77.48
N THR AA 534 -21.93 47.36 -76.88
CA THR AA 534 -22.19 46.18 -77.68
C THR AA 534 -23.38 46.39 -78.61
N ASN AA 535 -24.46 46.97 -78.10
CA ASN AA 535 -25.65 47.16 -78.94
C ASN AA 535 -25.41 48.17 -80.05
N LEU AA 536 -24.66 49.24 -79.77
CA LEU AA 536 -24.38 50.22 -80.80
C LEU AA 536 -23.47 49.63 -81.87
N SER AA 537 -22.51 48.78 -81.48
CA SER AA 537 -21.71 48.08 -82.47
C SER AA 537 -22.58 47.18 -83.32
N GLU AA 538 -23.56 46.50 -82.70
CA GLU AA 538 -24.53 45.72 -83.45
C GLU AA 538 -25.20 46.56 -84.52
N ALA AA 539 -25.72 47.73 -84.14
CA ALA AA 539 -26.44 48.57 -85.09
C ALA AA 539 -25.52 49.06 -86.21
N GLN AA 540 -24.29 49.44 -85.86
CA GLN AA 540 -23.36 49.89 -86.88
C GLN AA 540 -23.06 48.78 -87.88
N SER AA 541 -22.90 47.55 -87.38
CA SER AA 541 -22.69 46.42 -88.28
C SER AA 541 -23.91 46.16 -89.15
N ARG AA 542 -25.11 46.39 -88.59
CA ARG AA 542 -26.32 46.27 -89.38
C ARG AA 542 -26.29 47.24 -90.56
N ILE AA 543 -25.86 48.47 -90.31
CA ILE AA 543 -25.84 49.47 -91.37
C ILE AA 543 -24.76 49.18 -92.39
N GLN AA 544 -23.52 48.98 -91.92
CA GLN AA 544 -22.36 48.79 -92.76
C GLN AA 544 -22.14 47.29 -93.01
N ASP AA 545 -20.92 46.92 -93.41
CA ASP AA 545 -20.49 45.52 -93.48
C ASP AA 545 -21.27 44.73 -94.53
N ALA AA 546 -20.98 45.08 -95.78
CA ALA AA 546 -21.58 44.43 -96.95
C ALA AA 546 -21.55 42.91 -96.84
N ASP AA 547 -22.51 42.27 -97.50
CA ASP AA 547 -22.70 40.82 -97.45
C ASP AA 547 -21.79 40.13 -98.46
N TYR AA 548 -20.72 39.50 -97.96
CA TYR AA 548 -19.74 38.90 -98.84
C TYR AA 548 -20.35 37.94 -99.86
N ALA AA 549 -21.38 37.19 -99.46
CA ALA AA 549 -22.08 36.37 -100.44
C ALA AA 549 -22.66 37.21 -101.56
N THR AA 550 -23.29 38.33 -101.20
CA THR AA 550 -23.95 39.17 -102.18
C THR AA 550 -22.95 39.75 -103.17
N GLU AA 551 -21.86 40.35 -102.67
CA GLU AA 551 -20.91 40.92 -103.63
C GLU AA 551 -20.08 39.87 -104.36
N VAL AA 552 -19.85 38.69 -103.78
CA VAL AA 552 -19.21 37.63 -104.56
C VAL AA 552 -20.07 37.25 -105.75
N SER AA 553 -21.37 37.06 -105.51
CA SER AA 553 -22.27 36.76 -106.62
C SER AA 553 -22.30 37.91 -107.63
N ASN AA 554 -22.33 39.15 -107.12
CA ASN AA 554 -22.40 40.30 -108.01
C ASN AA 554 -21.18 40.38 -108.91
N MET AA 555 -19.98 40.21 -108.36
CA MET AA 555 -18.81 40.30 -109.21
C MET AA 555 -18.71 39.11 -110.14
N SER AA 556 -19.16 37.93 -109.72
CA SER AA 556 -19.09 36.78 -110.61
C SER AA 556 -19.96 37.01 -111.84
N LYS AA 557 -21.20 37.44 -111.64
CA LYS AA 557 -22.05 37.70 -112.79
C LYS AA 557 -21.57 38.91 -113.58
N ALA AA 558 -20.95 39.89 -112.92
CA ALA AA 558 -20.39 41.03 -113.63
C ALA AA 558 -19.25 40.61 -114.53
N GLN AA 559 -18.36 39.75 -114.04
CA GLN AA 559 -17.26 39.25 -114.85
C GLN AA 559 -17.77 38.44 -116.03
N ILE AA 560 -18.80 37.61 -115.81
CA ILE AA 560 -19.36 36.85 -116.92
C ILE AA 560 -19.97 37.79 -117.96
N ILE AA 561 -20.69 38.82 -117.52
CA ILE AA 561 -21.26 39.77 -118.45
C ILE AA 561 -20.16 40.49 -119.23
N GLN AA 562 -19.06 40.82 -118.55
CA GLN AA 562 -17.94 41.48 -119.22
C GLN AA 562 -17.33 40.60 -120.29
N GLN AA 563 -17.09 39.33 -119.97
CA GLN AA 563 -16.48 38.43 -120.95
C GLN AA 563 -17.42 38.20 -122.12
N ALA AA 564 -18.71 38.01 -121.86
CA ALA AA 564 -19.67 37.85 -122.94
C ALA AA 564 -19.73 39.10 -123.81
N GLY AA 565 -19.71 40.28 -123.17
CA GLY AA 565 -19.74 41.51 -123.93
C GLY AA 565 -18.51 41.69 -124.80
N ASN AA 566 -17.34 41.30 -124.29
CA ASN AA 566 -16.12 41.41 -125.08
C ASN AA 566 -16.12 40.44 -126.25
N SER AA 567 -16.59 39.22 -126.03
CA SER AA 567 -16.66 38.26 -127.13
C SER AA 567 -17.65 38.73 -128.21
N VAL AA 568 -18.83 39.18 -127.78
CA VAL AA 568 -19.79 39.70 -128.75
C VAL AA 568 -19.27 40.96 -129.40
N LEU AA 569 -18.48 41.75 -128.69
CA LEU AA 569 -17.88 42.95 -129.26
C LEU AA 569 -16.90 42.58 -130.36
N ALA AA 570 -16.11 41.54 -130.15
CA ALA AA 570 -15.23 41.06 -131.21
C ALA AA 570 -16.04 40.54 -132.40
N LYS AA 571 -17.14 39.84 -132.13
CA LYS AA 571 -18.00 39.37 -133.22
C LYS AA 571 -18.58 40.54 -134.01
N ALA AA 572 -18.94 41.62 -133.33
CA ALA AA 572 -19.46 42.79 -134.02
C ALA AA 572 -18.37 43.53 -134.78
N ASN AA 573 -17.21 43.74 -134.13
CA ASN AA 573 -16.05 44.30 -134.81
C ASN AA 573 -15.56 43.41 -135.93
N GLN AA 574 -16.11 42.21 -136.08
CA GLN AA 574 -16.01 41.53 -137.35
C GLN AA 574 -16.92 42.31 -138.30
N VAL AA 575 -16.51 43.55 -138.57
CA VAL AA 575 -17.30 44.59 -139.21
C VAL AA 575 -17.56 44.19 -140.66
N PRO AA 576 -18.52 44.82 -141.36
CA PRO AA 576 -18.85 44.34 -142.71
C PRO AA 576 -17.65 44.21 -143.61
N GLN AA 577 -17.30 42.96 -143.91
CA GLN AA 577 -16.24 42.65 -144.86
C GLN AA 577 -16.79 42.01 -146.12
N GLN AA 578 -18.05 41.59 -146.12
CA GLN AA 578 -18.68 41.07 -147.32
C GLN AA 578 -18.77 42.14 -148.40
N VAL AA 579 -18.67 43.42 -148.02
CA VAL AA 579 -18.57 44.47 -149.03
C VAL AA 579 -17.30 44.28 -149.85
N LEU AA 580 -16.22 43.83 -149.22
CA LEU AA 580 -14.99 43.54 -149.95
C LEU AA 580 -15.24 42.45 -150.98
N SER AA 581 -15.97 41.40 -150.60
CA SER AA 581 -16.31 40.34 -151.55
C SER AA 581 -17.18 40.88 -152.68
N LEU AA 582 -18.13 41.74 -152.35
CA LEU AA 582 -18.99 42.33 -153.39
C LEU AA 582 -18.18 43.18 -154.37
N LEU AA 583 -17.08 43.77 -153.91
CA LEU AA 583 -16.34 44.71 -154.74
C LEU AA 583 -15.81 44.04 -156.01
N GLN AA 584 -15.09 42.92 -155.86
CA GLN AA 584 -14.45 42.33 -157.03
C GLN AA 584 -15.44 41.65 -157.97
N GLY AA 585 -16.70 41.49 -157.56
CA GLY AA 585 -17.69 40.86 -158.41
C GLY AA 585 -18.15 41.72 -159.57
N MET BA 1 -7.63 2.86 -141.05
CA MET BA 1 -8.04 4.24 -140.82
C MET BA 1 -8.05 5.02 -142.14
N ALA BA 2 -6.88 5.28 -142.72
CA ALA BA 2 -6.82 6.07 -143.94
C ALA BA 2 -7.60 5.44 -145.08
N GLN BA 3 -7.77 4.12 -145.08
CA GLN BA 3 -8.53 3.49 -146.15
C GLN BA 3 -10.03 3.71 -146.00
N VAL BA 4 -10.55 3.58 -144.77
CA VAL BA 4 -11.98 3.43 -144.54
C VAL BA 4 -12.43 4.44 -143.49
N ILE BA 5 -13.65 4.94 -143.65
CA ILE BA 5 -14.26 5.80 -142.63
C ILE BA 5 -15.54 5.21 -142.06
N ASN BA 6 -16.09 4.15 -142.66
CA ASN BA 6 -17.37 3.63 -142.19
C ASN BA 6 -17.23 2.90 -140.86
N THR BA 7 -16.05 2.37 -140.55
CA THR BA 7 -15.81 1.68 -139.29
C THR BA 7 -14.50 2.17 -138.70
N ASN BA 8 -14.31 1.88 -137.41
CA ASN BA 8 -13.06 2.18 -136.72
C ASN BA 8 -12.69 0.96 -135.87
N SER BA 9 -11.80 0.13 -136.43
CA SER BA 9 -11.32 -1.03 -135.70
C SER BA 9 -10.67 -0.64 -134.38
N LEU BA 10 -9.89 0.44 -134.39
CA LEU BA 10 -9.25 0.92 -133.18
C LEU BA 10 -10.28 1.27 -132.12
N SER BA 11 -11.32 2.00 -132.53
CA SER BA 11 -12.34 2.40 -131.57
C SER BA 11 -13.08 1.19 -131.01
N LEU BA 12 -13.41 0.22 -131.86
CA LEU BA 12 -14.13 -0.96 -131.39
C LEU BA 12 -13.28 -1.75 -130.39
N ILE BA 13 -12.01 -1.98 -130.72
CA ILE BA 13 -11.14 -2.74 -129.83
C ILE BA 13 -10.96 -1.99 -128.51
N THR BA 14 -10.79 -0.66 -128.58
CA THR BA 14 -10.63 0.12 -127.36
C THR BA 14 -11.87 0.05 -126.49
N GLN BA 15 -13.06 0.11 -127.11
CA GLN BA 15 -14.29 0.01 -126.34
C GLN BA 15 -14.40 -1.35 -125.66
N ASN BA 16 -14.03 -2.42 -126.37
CA ASN BA 16 -14.06 -3.74 -125.74
C ASN BA 16 -13.14 -3.79 -124.53
N ASN BA 17 -11.93 -3.26 -124.67
CA ASN BA 17 -10.98 -3.29 -123.57
C ASN BA 17 -11.46 -2.45 -122.39
N ILE BA 18 -12.09 -1.31 -122.69
CA ILE BA 18 -12.62 -0.45 -121.64
C ILE BA 18 -13.71 -1.18 -120.86
N ASN BA 19 -14.61 -1.87 -121.57
CA ASN BA 19 -15.65 -2.63 -120.88
C ASN BA 19 -15.05 -3.73 -120.01
N LYS BA 20 -14.04 -4.43 -120.54
CA LYS BA 20 -13.41 -5.49 -119.76
C LYS BA 20 -12.81 -4.95 -118.49
N ASN BA 21 -12.17 -3.77 -118.55
CA ASN BA 21 -11.65 -3.16 -117.33
C ASN BA 21 -12.76 -2.71 -116.40
N GLN BA 22 -13.86 -2.19 -116.97
CA GLN BA 22 -14.94 -1.65 -116.17
C GLN BA 22 -15.58 -2.74 -115.31
N SER BA 23 -15.64 -3.96 -115.82
CA SER BA 23 -16.15 -5.07 -115.01
C SER BA 23 -15.38 -5.19 -113.70
N ALA BA 24 -14.05 -5.25 -113.78
CA ALA BA 24 -13.23 -5.38 -112.58
C ALA BA 24 -13.30 -4.13 -111.71
N LEU BA 25 -13.40 -2.96 -112.33
CA LEU BA 25 -13.56 -1.73 -111.55
C LEU BA 25 -14.80 -1.80 -110.67
N SER BA 26 -15.93 -2.18 -111.27
CA SER BA 26 -17.17 -2.28 -110.50
C SER BA 26 -17.06 -3.33 -109.42
N SER BA 27 -16.46 -4.49 -109.73
CA SER BA 27 -16.30 -5.53 -108.72
C SER BA 27 -15.50 -5.03 -107.53
N SER BA 28 -14.38 -4.34 -107.80
CA SER BA 28 -13.53 -3.85 -106.73
C SER BA 28 -14.22 -2.80 -105.87
N ILE BA 29 -14.94 -1.86 -106.51
CA ILE BA 29 -15.60 -0.82 -105.73
C ILE BA 29 -16.69 -1.41 -104.85
N GLU BA 30 -17.48 -2.35 -105.41
CA GLU BA 30 -18.51 -2.99 -104.60
C GLU BA 30 -17.90 -3.75 -103.44
N ARG BA 31 -16.79 -4.47 -103.69
CA ARG BA 31 -16.13 -5.23 -102.64
C ARG BA 31 -15.64 -4.32 -101.53
N LEU BA 32 -15.05 -3.18 -101.89
CA LEU BA 32 -14.58 -2.24 -100.86
C LEU BA 32 -15.74 -1.66 -100.08
N SER BA 33 -16.83 -1.29 -100.75
CA SER BA 33 -17.97 -0.69 -100.04
C SER BA 33 -18.58 -1.67 -99.06
N SER BA 34 -18.75 -2.94 -99.47
CA SER BA 34 -19.38 -3.91 -98.59
C SER BA 34 -18.44 -4.38 -97.49
N GLY BA 35 -17.15 -4.52 -97.78
CA GLY BA 35 -16.24 -5.08 -96.81
C GLY BA 35 -16.25 -6.58 -96.72
N LEU BA 36 -16.85 -7.26 -97.70
CA LEU BA 36 -16.96 -8.71 -97.70
C LEU BA 36 -16.34 -9.26 -98.98
N ARG BA 37 -15.51 -10.29 -98.83
CA ARG BA 37 -14.88 -10.91 -99.99
C ARG BA 37 -15.91 -11.63 -100.86
N ILE BA 38 -16.75 -12.44 -100.24
CA ILE BA 38 -17.77 -13.20 -100.96
C ILE BA 38 -19.05 -12.39 -100.93
N ASN BA 39 -19.43 -11.84 -102.08
CA ASN BA 39 -20.56 -10.94 -102.16
C ASN BA 39 -21.44 -11.33 -103.33
N SER BA 40 -22.73 -11.55 -103.05
CA SER BA 40 -23.74 -11.89 -104.05
C SER BA 40 -23.45 -13.20 -104.77
N ALA BA 41 -22.48 -13.98 -104.31
CA ALA BA 41 -22.20 -15.32 -104.81
C ALA BA 41 -21.96 -15.35 -106.32
N LYS BA 42 -21.39 -14.28 -106.90
CA LYS BA 42 -20.96 -14.31 -108.29
C LYS BA 42 -19.60 -14.97 -108.44
N ASP BA 43 -19.19 -15.67 -107.40
CA ASP BA 43 -17.86 -16.27 -107.29
C ASP BA 43 -18.06 -17.65 -106.66
N ASP BA 44 -16.98 -18.22 -106.13
CA ASP BA 44 -17.04 -19.57 -105.58
C ASP BA 44 -18.14 -19.68 -104.53
N ALA BA 45 -19.19 -20.43 -104.84
CA ALA BA 45 -20.35 -20.54 -103.96
C ALA BA 45 -20.10 -21.43 -102.75
N ALA BA 46 -19.05 -22.25 -102.79
CA ALA BA 46 -18.70 -23.03 -101.62
C ALA BA 46 -18.36 -22.11 -100.44
N GLY BA 47 -17.66 -21.01 -100.72
CA GLY BA 47 -17.39 -20.04 -99.68
C GLY BA 47 -18.65 -19.45 -99.08
N GLN BA 48 -19.62 -19.12 -99.94
CA GLN BA 48 -20.88 -18.57 -99.45
C GLN BA 48 -21.60 -19.57 -98.56
N ALA BA 49 -21.69 -20.83 -99.00
CA ALA BA 49 -22.39 -21.84 -98.22
C ALA BA 49 -21.70 -22.08 -96.89
N ILE BA 50 -20.37 -22.18 -96.90
CA ILE BA 50 -19.64 -22.44 -95.67
C ILE BA 50 -19.75 -21.25 -94.72
N ALA BA 51 -19.75 -20.03 -95.27
CA ALA BA 51 -19.94 -18.85 -94.43
C ALA BA 51 -21.31 -18.87 -93.77
N ASN BA 52 -22.34 -19.27 -94.51
CA ASN BA 52 -23.67 -19.37 -93.90
C ASN BA 52 -23.70 -20.42 -92.79
N ARG BA 53 -23.07 -21.57 -93.02
CA ARG BA 53 -23.02 -22.59 -91.97
C ARG BA 53 -22.29 -22.06 -90.74
N PHE BA 54 -21.18 -21.34 -90.95
CA PHE BA 54 -20.44 -20.79 -89.82
C PHE BA 54 -21.27 -19.77 -89.05
N THR BA 55 -22.01 -18.92 -89.77
CA THR BA 55 -22.87 -17.95 -89.11
C THR BA 55 -23.92 -18.65 -88.25
N SER BA 56 -24.54 -19.70 -88.79
CA SER BA 56 -25.52 -20.45 -88.02
C SER BA 56 -24.89 -21.03 -86.77
N ASN BA 57 -23.71 -21.64 -86.91
CA ASN BA 57 -23.05 -22.23 -85.75
C ASN BA 57 -22.72 -21.19 -84.69
N ILE BA 58 -22.23 -20.02 -85.12
CA ILE BA 58 -21.84 -18.98 -84.17
C ILE BA 58 -23.05 -18.49 -83.40
N LYS BA 59 -24.15 -18.20 -84.10
CA LYS BA 59 -25.34 -17.70 -83.42
C LYS BA 59 -25.89 -18.75 -82.45
N GLY BA 60 -25.94 -20.01 -82.90
CA GLY BA 60 -26.41 -21.06 -82.02
C GLY BA 60 -25.57 -21.20 -80.77
N LEU BA 61 -24.25 -21.15 -80.92
CA LEU BA 61 -23.38 -21.32 -79.76
C LEU BA 61 -23.51 -20.15 -78.79
N THR BA 62 -23.64 -18.92 -79.30
CA THR BA 62 -23.84 -17.79 -78.41
C THR BA 62 -25.13 -17.94 -77.60
N GLN BA 63 -26.22 -18.32 -78.27
CA GLN BA 63 -27.47 -18.50 -77.56
C GLN BA 63 -27.36 -19.64 -76.54
N ALA BA 64 -26.62 -20.69 -76.89
CA ALA BA 64 -26.42 -21.79 -75.96
C ALA BA 64 -25.66 -21.35 -74.72
N ALA BA 65 -24.67 -20.47 -74.90
CA ALA BA 65 -23.95 -19.93 -73.75
C ALA BA 65 -24.89 -19.15 -72.83
N ARG BA 66 -25.79 -18.36 -73.43
CA ARG BA 66 -26.78 -17.65 -72.61
C ARG BA 66 -27.65 -18.63 -71.83
N ASN BA 67 -28.09 -19.71 -72.49
CA ASN BA 67 -28.91 -20.71 -71.80
C ASN BA 67 -28.16 -21.34 -70.64
N ALA BA 68 -26.88 -21.64 -70.84
CA ALA BA 68 -26.07 -22.21 -69.75
C ALA BA 68 -25.97 -21.25 -68.58
N ASN BA 69 -25.81 -19.95 -68.87
CA ASN BA 69 -25.80 -18.97 -67.79
C ASN BA 69 -27.10 -18.99 -67.00
N ASP BA 70 -28.24 -19.10 -67.71
CA ASP BA 70 -29.52 -19.20 -67.00
C ASP BA 70 -29.57 -20.44 -66.11
N GLY BA 71 -29.05 -21.56 -66.61
CA GLY BA 71 -28.99 -22.76 -65.78
C GLY BA 71 -28.18 -22.57 -64.52
N ILE BA 72 -27.03 -21.90 -64.64
CA ILE BA 72 -26.22 -21.60 -63.48
C ILE BA 72 -27.01 -20.78 -62.47
N SER BA 73 -27.77 -19.80 -62.96
CA SER BA 73 -28.59 -18.99 -62.06
C SER BA 73 -29.60 -19.85 -61.30
N VAL BA 74 -30.25 -20.77 -62.01
CA VAL BA 74 -31.23 -21.64 -61.37
C VAL BA 74 -30.57 -22.45 -60.25
N ALA BA 75 -29.39 -23.01 -60.55
CA ALA BA 75 -28.70 -23.80 -59.55
C ALA BA 75 -28.34 -22.96 -58.33
N GLN BA 76 -27.89 -21.73 -58.55
CA GLN BA 76 -27.53 -20.85 -57.43
C GLN BA 76 -28.73 -20.60 -56.52
N THR BA 77 -29.87 -20.28 -57.12
CA THR BA 77 -31.06 -20.00 -56.31
C THR BA 77 -31.48 -21.21 -55.48
N THR BA 78 -31.53 -22.38 -56.13
CA THR BA 78 -31.93 -23.58 -55.40
C THR BA 78 -30.97 -23.88 -54.26
N GLU BA 79 -29.67 -23.69 -54.50
CA GLU BA 79 -28.70 -23.99 -53.46
C GLU BA 79 -28.81 -23.02 -52.29
N GLY BA 80 -29.13 -21.76 -52.55
CA GLY BA 80 -29.35 -20.83 -51.44
C GLY BA 80 -30.51 -21.25 -50.56
N ALA BA 81 -31.63 -21.62 -51.19
CA ALA BA 81 -32.76 -22.11 -50.41
C ALA BA 81 -32.38 -23.35 -49.60
N LEU BA 82 -31.60 -24.25 -50.21
CA LEU BA 82 -31.17 -25.45 -49.51
C LEU BA 82 -30.31 -25.11 -48.30
N SER BA 83 -29.42 -24.12 -48.44
CA SER BA 83 -28.57 -23.73 -47.31
C SER BA 83 -29.41 -23.24 -46.15
N GLU BA 84 -30.44 -22.44 -46.43
CA GLU BA 84 -31.31 -22.02 -45.34
C GLU BA 84 -32.00 -23.21 -44.67
N ILE BA 85 -32.47 -24.16 -45.49
CA ILE BA 85 -33.11 -25.36 -44.93
C ILE BA 85 -32.13 -26.11 -44.03
N ASN BA 86 -30.87 -26.22 -44.46
CA ASN BA 86 -29.88 -26.95 -43.66
C ASN BA 86 -29.63 -26.26 -42.33
N ASN BA 87 -29.55 -24.93 -42.32
CA ASN BA 87 -29.37 -24.22 -41.06
C ASN BA 87 -30.54 -24.50 -40.12
N ASN BA 88 -31.77 -24.49 -40.65
CA ASN BA 88 -32.92 -24.80 -39.81
C ASN BA 88 -32.82 -26.21 -39.24
N LEU BA 89 -32.40 -27.18 -40.06
CA LEU BA 89 -32.29 -28.56 -39.58
C LEU BA 89 -31.25 -28.67 -38.47
N GLN BA 90 -30.12 -27.97 -38.62
CA GLN BA 90 -29.10 -28.02 -37.58
C GLN BA 90 -29.64 -27.48 -36.26
N ARG BA 91 -30.38 -26.36 -36.33
CA ARG BA 91 -30.95 -25.81 -35.10
C ARG BA 91 -31.95 -26.78 -34.47
N ILE BA 92 -32.75 -27.45 -35.31
CA ILE BA 92 -33.70 -28.43 -34.77
C ILE BA 92 -32.97 -29.56 -34.07
N ARG BA 93 -31.86 -30.03 -34.65
CA ARG BA 93 -31.11 -31.10 -34.01
C ARG BA 93 -30.55 -30.66 -32.66
N GLU BA 94 -30.03 -29.44 -32.58
CA GLU BA 94 -29.51 -28.95 -31.30
C GLU BA 94 -30.63 -28.89 -30.26
N LEU BA 95 -31.80 -28.41 -30.67
CA LEU BA 95 -32.93 -28.37 -29.74
C LEU BA 95 -33.31 -29.77 -29.28
N THR BA 96 -33.29 -30.74 -30.19
CA THR BA 96 -33.61 -32.11 -29.80
C THR BA 96 -32.61 -32.65 -28.79
N VAL BA 97 -31.33 -32.36 -29.00
CA VAL BA 97 -30.31 -32.79 -28.04
C VAL BA 97 -30.59 -32.18 -26.68
N GLN BA 98 -31.02 -30.92 -26.65
CA GLN BA 98 -31.37 -30.32 -25.37
C GLN BA 98 -32.60 -31.00 -24.76
N ALA BA 99 -33.58 -31.34 -25.59
CA ALA BA 99 -34.84 -31.86 -25.06
C ALA BA 99 -34.72 -33.27 -24.52
N THR BA 100 -33.85 -34.10 -25.11
CA THR BA 100 -33.79 -35.51 -24.71
C THR BA 100 -33.32 -35.72 -23.28
N THR BA 101 -32.76 -34.70 -22.62
CA THR BA 101 -32.31 -34.86 -21.24
C THR BA 101 -33.50 -35.11 -20.33
N GLY BA 102 -33.32 -36.01 -19.37
CA GLY BA 102 -34.37 -36.34 -18.44
C GLY BA 102 -34.61 -35.35 -17.33
N THR BA 103 -33.79 -34.30 -17.22
CA THR BA 103 -34.02 -33.28 -16.22
C THR BA 103 -35.18 -32.37 -16.59
N ASN BA 104 -35.43 -32.19 -17.89
CA ASN BA 104 -36.47 -31.29 -18.35
C ASN BA 104 -37.85 -31.77 -17.88
N SER BA 105 -38.72 -30.81 -17.59
CA SER BA 105 -40.07 -31.11 -17.15
C SER BA 105 -41.03 -31.05 -18.33
N ASP BA 106 -42.31 -31.27 -18.07
CA ASP BA 106 -43.32 -31.34 -19.13
C ASP BA 106 -43.47 -29.99 -19.83
N SER BA 107 -43.52 -28.90 -19.06
CA SER BA 107 -43.64 -27.58 -19.68
C SER BA 107 -42.43 -27.24 -20.52
N ASP BA 108 -41.23 -27.60 -20.03
CA ASP BA 108 -40.02 -27.34 -20.80
C ASP BA 108 -40.04 -28.11 -22.11
N LEU BA 109 -40.44 -29.39 -22.06
CA LEU BA 109 -40.53 -30.17 -23.29
C LEU BA 109 -41.57 -29.59 -24.23
N ASP BA 110 -42.69 -29.10 -23.69
CA ASP BA 110 -43.70 -28.49 -24.54
C ASP BA 110 -43.18 -27.26 -25.25
N SER BA 111 -42.45 -26.40 -24.54
CA SER BA 111 -41.89 -25.22 -25.17
C SER BA 111 -40.87 -25.58 -26.24
N ILE BA 112 -40.01 -26.56 -25.95
CA ILE BA 112 -39.01 -26.97 -26.92
C ILE BA 112 -39.69 -27.53 -28.17
N GLN BA 113 -40.72 -28.34 -27.98
CA GLN BA 113 -41.42 -28.90 -29.14
C GLN BA 113 -42.17 -27.82 -29.90
N ASP BA 114 -42.62 -26.78 -29.22
CA ASP BA 114 -43.24 -25.66 -29.94
C ASP BA 114 -42.22 -25.00 -30.86
N GLU BA 115 -41.01 -24.77 -30.36
CA GLU BA 115 -39.97 -24.19 -31.21
C GLU BA 115 -39.64 -25.12 -32.38
N ILE BA 116 -39.59 -26.43 -32.11
CA ILE BA 116 -39.30 -27.41 -33.16
C ILE BA 116 -40.38 -27.37 -34.24
N LYS BA 117 -41.65 -27.32 -33.82
CA LYS BA 117 -42.74 -27.27 -34.77
C LYS BA 117 -42.69 -26.00 -35.61
N SER BA 118 -42.35 -24.87 -34.98
CA SER BA 118 -42.23 -23.64 -35.73
C SER BA 118 -41.16 -23.74 -36.80
N ARG BA 119 -40.01 -24.32 -36.46
CA ARG BA 119 -38.95 -24.41 -37.46
C ARG BA 119 -39.27 -25.43 -38.55
N LEU BA 120 -39.97 -26.50 -38.21
CA LEU BA 120 -40.43 -27.43 -39.26
C LEU BA 120 -41.41 -26.73 -40.20
N ASP BA 121 -42.30 -25.90 -39.65
CA ASP BA 121 -43.20 -25.12 -40.48
C ASP BA 121 -42.43 -24.19 -41.40
N GLU BA 122 -41.34 -23.59 -40.90
CA GLU BA 122 -40.51 -22.74 -41.75
C GLU BA 122 -39.88 -23.55 -42.88
N ILE BA 123 -39.41 -24.76 -42.58
CA ILE BA 123 -38.85 -25.61 -43.63
C ILE BA 123 -39.89 -25.87 -44.72
N ASP BA 124 -41.10 -26.24 -44.30
CA ASP BA 124 -42.15 -26.51 -45.28
C ASP BA 124 -42.49 -25.26 -46.08
N ARG BA 125 -42.56 -24.10 -45.41
CA ARG BA 125 -42.91 -22.86 -46.11
C ARG BA 125 -41.86 -22.49 -47.14
N VAL BA 126 -40.58 -22.58 -46.77
CA VAL BA 126 -39.52 -22.25 -47.71
C VAL BA 126 -39.56 -23.20 -48.90
N SER BA 127 -39.75 -24.49 -48.62
CA SER BA 127 -39.83 -25.47 -49.71
C SER BA 127 -40.97 -25.15 -50.66
N GLY BA 128 -42.14 -24.82 -50.11
CA GLY BA 128 -43.29 -24.53 -50.96
C GLY BA 128 -43.14 -23.25 -51.75
N GLN BA 129 -42.56 -22.22 -51.15
CA GLN BA 129 -42.58 -20.88 -51.71
C GLN BA 129 -41.36 -20.52 -52.54
N THR BA 130 -40.27 -21.29 -52.45
CA THR BA 130 -39.12 -21.01 -53.30
C THR BA 130 -39.51 -21.16 -54.76
N GLN BA 131 -39.19 -20.13 -55.56
CA GLN BA 131 -39.66 -20.09 -56.94
C GLN BA 131 -38.65 -19.37 -57.81
N PHE BA 132 -38.47 -19.88 -59.02
CA PHE BA 132 -37.63 -19.27 -60.04
C PHE BA 132 -38.41 -19.22 -61.34
N ASN BA 133 -38.71 -18.01 -61.82
CA ASN BA 133 -39.37 -17.81 -63.11
C ASN BA 133 -40.68 -18.60 -63.20
N GLY BA 134 -41.42 -18.64 -62.10
CA GLY BA 134 -42.68 -19.35 -62.08
C GLY BA 134 -42.58 -20.85 -61.92
N VAL BA 135 -41.39 -21.37 -61.61
CA VAL BA 135 -41.18 -22.80 -61.44
C VAL BA 135 -40.80 -23.06 -59.99
N ASN BA 136 -41.56 -23.93 -59.33
CA ASN BA 136 -41.25 -24.32 -57.96
C ASN BA 136 -40.16 -25.37 -58.00
N VAL BA 137 -38.93 -24.96 -57.72
CA VAL BA 137 -37.79 -25.85 -57.89
C VAL BA 137 -37.80 -26.96 -56.83
N LEU BA 138 -38.18 -26.63 -55.60
CA LEU BA 138 -38.13 -27.60 -54.51
C LEU BA 138 -39.44 -28.33 -54.28
N ALA BA 139 -40.50 -28.00 -55.01
CA ALA BA 139 -41.79 -28.64 -54.82
C ALA BA 139 -42.07 -29.76 -55.82
N LYS BA 140 -41.13 -30.08 -56.69
CA LYS BA 140 -41.34 -31.11 -57.70
C LYS BA 140 -40.11 -32.01 -57.75
N ASP BA 141 -40.34 -33.27 -58.15
CA ASP BA 141 -39.28 -34.26 -58.25
C ASP BA 141 -38.84 -34.51 -59.69
N GLY BA 142 -38.98 -33.51 -60.55
CA GLY BA 142 -38.70 -33.65 -61.96
C GLY BA 142 -37.29 -33.28 -62.35
N SER BA 143 -37.14 -32.84 -63.60
CA SER BA 143 -35.84 -32.48 -64.12
C SER BA 143 -36.00 -31.38 -65.16
N MET BA 144 -34.93 -30.65 -65.40
CA MET BA 144 -34.89 -29.58 -66.38
C MET BA 144 -33.81 -29.88 -67.41
N LYS BA 145 -34.09 -29.56 -68.67
CA LYS BA 145 -33.18 -29.79 -69.76
C LYS BA 145 -32.66 -28.45 -70.26
N ILE BA 146 -31.34 -28.34 -70.42
CA ILE BA 146 -30.71 -27.10 -70.87
C ILE BA 146 -30.04 -27.38 -72.21
N GLN BA 147 -30.37 -26.56 -73.20
CA GLN BA 147 -29.75 -26.65 -74.51
C GLN BA 147 -28.39 -25.99 -74.46
N VAL BA 148 -27.33 -26.76 -74.70
CA VAL BA 148 -25.96 -26.27 -74.59
C VAL BA 148 -25.22 -26.28 -75.91
N GLY BA 149 -25.68 -27.03 -76.91
CA GLY BA 149 -25.08 -27.01 -78.23
C GLY BA 149 -25.94 -26.27 -79.24
N ALA BA 150 -25.53 -26.37 -80.50
CA ALA BA 150 -26.24 -25.73 -81.60
C ALA BA 150 -27.15 -26.67 -82.37
N ASN BA 151 -27.09 -27.97 -82.09
CA ASN BA 151 -27.94 -28.94 -82.75
C ASN BA 151 -28.83 -29.62 -81.71
N ASP BA 152 -29.69 -30.52 -82.17
CA ASP BA 152 -30.60 -31.22 -81.28
C ASP BA 152 -29.88 -32.32 -80.50
N GLY BA 153 -30.29 -32.49 -79.24
CA GLY BA 153 -29.73 -33.52 -78.39
C GLY BA 153 -28.58 -33.07 -77.53
N GLU BA 154 -28.05 -31.87 -77.75
CA GLU BA 154 -26.98 -31.33 -76.90
C GLU BA 154 -27.62 -30.69 -75.68
N THR BA 155 -27.94 -31.53 -74.70
CA THR BA 155 -28.66 -31.09 -73.51
C THR BA 155 -27.94 -31.55 -72.26
N ILE BA 156 -28.09 -30.78 -71.20
CA ILE BA 156 -27.65 -31.15 -69.85
C ILE BA 156 -28.87 -31.14 -68.95
N THR BA 157 -29.03 -32.18 -68.15
CA THR BA 157 -30.21 -32.35 -67.31
C THR BA 157 -29.87 -32.05 -65.86
N ILE BA 158 -30.66 -31.18 -65.24
CA ILE BA 158 -30.58 -30.90 -63.82
C ILE BA 158 -31.73 -31.63 -63.14
N ASP BA 159 -31.40 -32.46 -62.15
CA ASP BA 159 -32.41 -33.21 -61.43
C ASP BA 159 -32.82 -32.47 -60.16
N LEU BA 160 -34.13 -32.29 -59.97
CA LEU BA 160 -34.66 -31.66 -58.78
C LEU BA 160 -35.34 -32.71 -57.91
N LYS BA 161 -35.29 -32.51 -56.61
CA LYS BA 161 -35.92 -33.42 -55.66
C LYS BA 161 -36.90 -32.67 -54.79
N LYS BA 162 -38.02 -33.31 -54.50
CA LYS BA 162 -39.07 -32.71 -53.67
C LYS BA 162 -38.59 -32.76 -52.23
N ILE BA 163 -38.15 -31.61 -51.72
CA ILE BA 163 -37.62 -31.51 -50.36
C ILE BA 163 -38.66 -30.84 -49.49
N ASP BA 164 -39.16 -31.57 -48.50
CA ASP BA 164 -40.09 -31.05 -47.51
C ASP BA 164 -40.08 -32.01 -46.33
N SER BA 165 -41.08 -31.88 -45.45
CA SER BA 165 -41.16 -32.77 -44.31
C SER BA 165 -41.40 -34.21 -44.74
N ASP BA 166 -42.32 -34.42 -45.69
CA ASP BA 166 -42.75 -35.78 -46.02
C ASP BA 166 -41.59 -36.63 -46.55
N THR BA 167 -40.73 -36.04 -47.38
CA THR BA 167 -39.61 -36.78 -47.94
C THR BA 167 -38.42 -36.85 -46.99
N LEU BA 168 -38.50 -36.22 -45.81
CA LEU BA 168 -37.45 -36.32 -44.81
C LEU BA 168 -37.97 -36.96 -43.53
N GLY BA 169 -39.18 -37.50 -43.54
CA GLY BA 169 -39.75 -38.05 -42.32
C GLY BA 169 -40.28 -36.93 -41.44
N LEU BA 170 -39.94 -36.98 -40.15
CA LEU BA 170 -40.15 -35.89 -39.23
C LEU BA 170 -41.62 -35.46 -39.12
N ASN BA 171 -42.55 -36.23 -39.68
CA ASN BA 171 -43.95 -35.82 -39.67
C ASN BA 171 -44.48 -35.67 -38.25
N GLY BA 172 -44.56 -36.78 -37.52
CA GLY BA 172 -44.95 -36.73 -36.13
C GLY BA 172 -43.74 -36.68 -35.24
N PHE BA 173 -43.02 -35.56 -35.26
CA PHE BA 173 -41.77 -35.47 -34.52
C PHE BA 173 -42.11 -35.02 -33.10
N ASN BA 174 -42.72 -35.93 -32.33
CA ASN BA 174 -43.46 -35.64 -31.10
C ASN BA 174 -42.63 -35.53 -29.83
N VAL BA 175 -41.39 -35.04 -29.91
CA VAL BA 175 -40.42 -35.11 -28.83
C VAL BA 175 -41.02 -34.77 -27.47
N ASN BA 176 -42.12 -34.01 -27.45
CA ASN BA 176 -42.81 -33.74 -26.19
C ASN BA 176 -43.80 -34.84 -25.80
N GLY BA 177 -43.66 -36.05 -26.35
CA GLY BA 177 -44.64 -37.09 -26.11
C GLY BA 177 -44.49 -37.77 -24.76
N LYS BA 178 -44.69 -39.09 -24.74
CA LYS BA 178 -44.58 -39.85 -23.50
C LYS BA 178 -43.57 -41.00 -23.63
N GLY BA 179 -43.36 -41.47 -24.85
CA GLY BA 179 -42.44 -42.57 -25.04
C GLY BA 179 -42.98 -43.87 -24.48
N THR BA 180 -42.06 -44.80 -24.25
CA THR BA 180 -42.43 -46.12 -23.72
C THR BA 180 -43.02 -45.98 -22.33
N ILE BA 181 -44.25 -46.47 -22.16
CA ILE BA 181 -44.98 -46.37 -20.90
C ILE BA 181 -45.42 -47.76 -20.48
N THR BA 182 -45.22 -48.09 -19.21
CA THR BA 182 -45.65 -49.37 -18.67
C THR BA 182 -47.16 -49.35 -18.44
N ASN BA 183 -47.83 -50.37 -18.95
CA ASN BA 183 -49.28 -50.44 -18.82
C ASN BA 183 -49.69 -51.11 -17.52
N LYS BA 184 -50.86 -50.73 -17.03
CA LYS BA 184 -51.34 -51.24 -15.75
C LYS BA 184 -51.76 -52.69 -15.84
N ALA BA 185 -51.70 -53.37 -14.69
CA ALA BA 185 -52.07 -54.78 -14.63
C ALA BA 185 -53.59 -54.95 -14.74
N ALA BA 186 -53.99 -56.06 -15.35
CA ALA BA 186 -55.40 -56.36 -15.54
C ALA BA 186 -56.05 -56.75 -14.22
N THR BA 187 -57.39 -56.68 -14.21
CA THR BA 187 -58.18 -57.05 -13.04
C THR BA 187 -59.41 -57.82 -13.49
N VAL BA 188 -60.20 -58.27 -12.50
CA VAL BA 188 -61.37 -59.08 -12.81
C VAL BA 188 -62.44 -58.26 -13.50
N SER BA 189 -62.57 -56.97 -13.16
CA SER BA 189 -63.63 -56.16 -13.73
C SER BA 189 -63.48 -56.03 -15.24
N ASP BA 190 -62.30 -55.61 -15.70
CA ASP BA 190 -62.13 -55.52 -17.16
C ASP BA 190 -61.88 -56.89 -17.78
N LEU BA 191 -61.47 -57.89 -17.00
CA LEU BA 191 -61.45 -59.25 -17.52
C LEU BA 191 -62.85 -59.70 -17.93
N THR BA 192 -63.84 -59.42 -17.09
CA THR BA 192 -65.22 -59.74 -17.45
C THR BA 192 -65.75 -58.79 -18.52
N SER BA 193 -65.33 -57.53 -18.50
CA SER BA 193 -65.76 -56.59 -19.52
C SER BA 193 -65.30 -57.02 -20.91
N ALA BA 194 -64.12 -57.66 -20.99
CA ALA BA 194 -63.66 -58.20 -22.27
C ALA BA 194 -64.53 -59.35 -22.77
N GLY BA 195 -65.36 -59.94 -21.91
CA GLY BA 195 -66.26 -60.99 -22.31
C GLY BA 195 -65.98 -62.36 -21.74
N ALA BA 196 -65.03 -62.49 -20.82
CA ALA BA 196 -64.71 -63.79 -20.25
C ALA BA 196 -65.82 -64.28 -19.33
N LYS BA 197 -66.10 -65.57 -19.39
CA LYS BA 197 -67.08 -66.20 -18.53
C LYS BA 197 -66.40 -66.80 -17.30
N LEU BA 198 -67.20 -67.18 -16.32
CA LEU BA 198 -66.71 -67.75 -15.07
C LEU BA 198 -66.96 -69.24 -15.07
N ASN BA 199 -65.89 -70.03 -14.86
CA ASN BA 199 -65.99 -71.48 -14.80
C ASN BA 199 -66.21 -71.88 -13.34
N THR BA 200 -67.45 -72.22 -12.99
CA THR BA 200 -67.78 -72.49 -11.60
C THR BA 200 -67.08 -73.74 -11.08
N THR BA 201 -66.82 -74.72 -11.95
CA THR BA 201 -66.20 -75.96 -11.49
C THR BA 201 -64.77 -75.73 -11.00
N THR BA 202 -64.08 -74.71 -11.53
CA THR BA 202 -62.73 -74.41 -11.13
C THR BA 202 -62.54 -73.02 -10.55
N GLY BA 203 -63.48 -72.10 -10.76
CA GLY BA 203 -63.36 -70.75 -10.26
C GLY BA 203 -62.57 -69.82 -11.15
N LEU BA 204 -62.00 -70.33 -12.24
CA LEU BA 204 -61.20 -69.51 -13.15
C LEU BA 204 -62.10 -68.77 -14.13
N TYR BA 205 -61.47 -67.95 -14.97
CA TYR BA 205 -62.19 -67.18 -15.98
C TYR BA 205 -61.74 -67.62 -17.36
N ASP BA 206 -62.69 -68.06 -18.18
CA ASP BA 206 -62.41 -68.57 -19.51
C ASP BA 206 -62.75 -67.52 -20.55
N LEU BA 207 -61.77 -67.19 -21.39
CA LEU BA 207 -61.96 -66.28 -22.51
C LEU BA 207 -61.77 -67.05 -23.80
N LYS BA 208 -62.79 -67.01 -24.67
CA LYS BA 208 -62.81 -67.74 -25.93
C LYS BA 208 -62.71 -66.74 -27.07
N THR BA 209 -61.73 -66.93 -27.95
CA THR BA 209 -61.48 -66.02 -29.06
C THR BA 209 -61.90 -66.71 -30.36
N GLU BA 210 -63.05 -66.29 -30.90
CA GLU BA 210 -63.52 -66.85 -32.14
C GLU BA 210 -62.73 -66.31 -33.32
N ASN BA 211 -62.73 -67.07 -34.42
CA ASN BA 211 -62.11 -66.67 -35.66
C ASN BA 211 -63.13 -66.74 -36.78
N THR BA 212 -63.13 -65.73 -37.65
CA THR BA 212 -64.01 -65.75 -38.81
C THR BA 212 -63.49 -66.75 -39.83
N LEU BA 213 -64.40 -67.48 -40.46
CA LEU BA 213 -64.01 -68.49 -41.42
C LEU BA 213 -63.51 -67.83 -42.71
N LEU BA 214 -62.59 -68.50 -43.39
CA LEU BA 214 -61.93 -67.92 -44.55
C LEU BA 214 -62.93 -67.61 -45.65
N THR BA 215 -62.70 -66.50 -46.35
CA THR BA 215 -63.59 -66.03 -47.40
C THR BA 215 -62.83 -65.86 -48.70
N THR BA 216 -63.59 -65.84 -49.80
CA THR BA 216 -62.99 -65.77 -51.13
C THR BA 216 -62.23 -64.46 -51.33
N ASP BA 217 -62.76 -63.35 -50.82
CA ASP BA 217 -62.06 -62.08 -50.97
C ASP BA 217 -60.73 -62.07 -50.24
N ALA BA 218 -60.71 -62.61 -49.01
CA ALA BA 218 -59.46 -62.72 -48.27
C ALA BA 218 -58.48 -63.64 -48.98
N ALA BA 219 -58.98 -64.74 -49.54
CA ALA BA 219 -58.12 -65.64 -50.30
C ALA BA 219 -57.52 -64.94 -51.52
N PHE BA 220 -58.32 -64.12 -52.20
CA PHE BA 220 -57.82 -63.37 -53.35
C PHE BA 220 -56.78 -62.34 -52.92
N ASP BA 221 -56.98 -61.71 -51.76
CA ASP BA 221 -55.98 -60.79 -51.24
C ASP BA 221 -54.68 -61.52 -50.94
N LYS BA 222 -54.78 -62.74 -50.41
CA LYS BA 222 -53.60 -63.54 -50.10
C LYS BA 222 -53.05 -64.29 -51.31
N LEU BA 223 -53.69 -64.18 -52.48
CA LEU BA 223 -53.23 -64.88 -53.66
C LEU BA 223 -51.87 -64.37 -54.10
N GLY BA 224 -51.05 -65.27 -54.64
CA GLY BA 224 -49.73 -64.94 -55.11
C GLY BA 224 -49.51 -65.44 -56.53
N ASN BA 225 -48.30 -65.20 -57.03
CA ASN BA 225 -47.94 -65.61 -58.37
C ASN BA 225 -47.91 -67.13 -58.48
N GLY BA 226 -48.42 -67.64 -59.60
CA GLY BA 226 -48.45 -69.07 -59.84
C GLY BA 226 -49.59 -69.81 -59.16
N ASP BA 227 -50.47 -69.11 -58.47
CA ASP BA 227 -51.58 -69.76 -57.79
C ASP BA 227 -52.62 -70.25 -58.79
N LYS BA 228 -53.37 -71.28 -58.41
CA LYS BA 228 -54.36 -71.91 -59.27
C LYS BA 228 -55.73 -71.85 -58.60
N VAL BA 229 -56.71 -71.35 -59.34
CA VAL BA 229 -58.09 -71.30 -58.87
C VAL BA 229 -58.95 -72.06 -59.87
N THR BA 230 -59.63 -73.11 -59.41
CA THR BA 230 -60.49 -73.92 -60.25
C THR BA 230 -61.92 -73.78 -59.75
N VAL BA 231 -62.75 -73.06 -60.50
CA VAL BA 231 -64.15 -72.85 -60.16
C VAL BA 231 -65.00 -73.25 -61.35
N GLY BA 232 -66.04 -74.05 -61.10
CA GLY BA 232 -66.90 -74.52 -62.17
C GLY BA 232 -66.17 -75.34 -63.22
N GLY BA 233 -65.15 -76.09 -62.81
CA GLY BA 233 -64.39 -76.90 -63.75
C GLY BA 233 -63.45 -76.13 -64.63
N VAL BA 234 -63.26 -74.84 -64.39
CA VAL BA 234 -62.39 -73.99 -65.21
C VAL BA 234 -61.20 -73.57 -64.36
N ASP BA 235 -59.99 -73.78 -64.87
CA ASP BA 235 -58.77 -73.49 -64.15
C ASP BA 235 -58.20 -72.14 -64.59
N TYR BA 236 -57.82 -71.32 -63.63
CA TYR BA 236 -57.24 -70.01 -63.87
C TYR BA 236 -55.93 -69.92 -63.10
N THR BA 237 -54.91 -69.36 -63.74
CA THR BA 237 -53.59 -69.21 -63.14
C THR BA 237 -53.34 -67.73 -62.88
N TYR BA 238 -53.06 -67.39 -61.62
CA TYR BA 238 -52.84 -66.01 -61.24
C TYR BA 238 -51.50 -65.51 -61.76
N ASN BA 239 -51.44 -64.22 -62.08
CA ASN BA 239 -50.24 -63.59 -62.62
C ASN BA 239 -49.81 -62.45 -61.70
N ALA BA 240 -48.50 -62.36 -61.47
CA ALA BA 240 -47.95 -61.31 -60.62
C ALA BA 240 -47.89 -59.96 -61.32
N LYS BA 241 -47.91 -59.94 -62.67
CA LYS BA 241 -47.80 -58.68 -63.39
C LYS BA 241 -48.98 -57.76 -63.09
N SER BA 242 -50.19 -58.33 -63.04
CA SER BA 242 -51.39 -57.54 -62.76
C SER BA 242 -52.44 -58.45 -62.15
N GLY BA 243 -53.47 -57.84 -61.57
CA GLY BA 243 -54.52 -58.59 -60.92
C GLY BA 243 -55.47 -59.26 -61.91
N ASP BA 244 -54.96 -60.25 -62.63
CA ASP BA 244 -55.78 -60.95 -63.62
C ASP BA 244 -55.37 -62.41 -63.67
N PHE BA 245 -56.24 -63.22 -64.27
CA PHE BA 245 -56.04 -64.65 -64.42
C PHE BA 245 -55.79 -64.99 -65.88
N THR BA 246 -54.87 -65.93 -66.11
CA THR BA 246 -54.61 -66.47 -67.42
C THR BA 246 -55.13 -67.90 -67.47
N THR BA 247 -55.99 -68.19 -68.43
CA THR BA 247 -56.62 -69.50 -68.54
C THR BA 247 -56.47 -70.01 -69.97
N THR BA 248 -56.64 -71.32 -70.13
CA THR BA 248 -56.56 -71.95 -71.43
C THR BA 248 -57.97 -72.30 -71.90
N LYS BA 249 -58.37 -71.74 -73.04
CA LYS BA 249 -59.66 -72.02 -73.64
C LYS BA 249 -59.43 -72.90 -74.87
N SER BA 250 -60.07 -74.07 -74.87
CA SER BA 250 -59.85 -75.07 -75.90
C SER BA 250 -61.19 -75.64 -76.34
N THR BA 251 -61.18 -76.24 -77.53
CA THR BA 251 -62.37 -76.88 -78.08
C THR BA 251 -62.83 -78.04 -77.21
N ALA BA 258 -66.46 -88.93 -83.76
CA ALA BA 258 -66.33 -88.11 -84.94
C ALA BA 258 -67.70 -87.63 -85.43
N ALA BA 259 -68.62 -88.57 -85.60
CA ALA BA 259 -69.97 -88.25 -86.03
C ALA BA 259 -70.87 -87.80 -84.89
N ALA BA 260 -70.37 -87.79 -83.66
CA ALA BA 260 -71.15 -87.36 -82.51
C ALA BA 260 -71.17 -85.83 -82.45
N GLN BA 261 -71.64 -85.29 -81.34
CA GLN BA 261 -71.74 -83.85 -81.18
C GLN BA 261 -70.38 -83.16 -81.03
N ALA BA 262 -69.30 -83.94 -80.89
CA ALA BA 262 -67.98 -83.33 -80.65
C ALA BA 262 -67.54 -82.48 -81.84
N ALA BA 263 -67.64 -83.03 -83.06
CA ALA BA 263 -67.22 -82.27 -84.24
C ALA BA 263 -68.12 -81.07 -84.48
N ASP BA 264 -69.43 -81.23 -84.24
CA ASP BA 264 -70.35 -80.11 -84.38
C ASP BA 264 -70.01 -78.99 -83.40
N SER BA 265 -69.70 -79.36 -82.15
CA SER BA 265 -69.31 -78.36 -81.16
C SER BA 265 -67.99 -77.70 -81.56
N ALA BA 266 -67.06 -78.46 -82.11
CA ALA BA 266 -65.79 -77.89 -82.56
C ALA BA 266 -66.04 -76.85 -83.65
N SER BA 267 -66.86 -77.20 -84.64
CA SER BA 267 -67.17 -76.26 -85.71
C SER BA 267 -67.88 -75.02 -85.19
N LYS BA 268 -68.84 -75.21 -84.27
CA LYS BA 268 -69.56 -74.07 -83.72
C LYS BA 268 -68.64 -73.16 -82.92
N ARG BA 269 -67.73 -73.75 -82.14
CA ARG BA 269 -66.79 -72.94 -81.36
C ARG BA 269 -65.84 -72.18 -82.26
N ASP BA 270 -65.36 -72.82 -83.33
CA ASP BA 270 -64.52 -72.11 -84.30
C ASP BA 270 -65.28 -70.96 -84.94
N ALA BA 271 -66.55 -71.18 -85.28
CA ALA BA 271 -67.36 -70.11 -85.86
C ALA BA 271 -67.55 -68.98 -84.86
N LEU BA 272 -67.77 -69.31 -83.59
CA LEU BA 272 -67.91 -68.27 -82.57
C LEU BA 272 -66.62 -67.46 -82.42
N ALA BA 273 -65.47 -68.14 -82.43
CA ALA BA 273 -64.20 -67.42 -82.36
C ALA BA 273 -64.02 -66.51 -83.56
N ALA BA 274 -64.38 -66.99 -84.76
CA ALA BA 274 -64.28 -66.17 -85.95
C ALA BA 274 -65.19 -64.95 -85.85
N THR BA 275 -66.41 -65.13 -85.36
CA THR BA 275 -67.31 -63.99 -85.19
C THR BA 275 -66.74 -63.00 -84.18
N LEU BA 276 -66.15 -63.50 -83.09
CA LEU BA 276 -65.58 -62.62 -82.09
C LEU BA 276 -64.42 -61.82 -82.65
N HIS BA 277 -63.58 -62.45 -83.48
CA HIS BA 277 -62.44 -61.76 -84.06
C HIS BA 277 -62.79 -60.97 -85.32
N ALA BA 278 -64.02 -61.08 -85.81
CA ALA BA 278 -64.41 -60.33 -87.01
C ALA BA 278 -64.30 -58.83 -86.78
N ASP BA 279 -64.75 -58.34 -85.63
CA ASP BA 279 -64.69 -56.91 -85.34
C ASP BA 279 -63.30 -56.55 -84.85
N VAL BA 280 -62.55 -55.82 -85.66
CA VAL BA 280 -61.19 -55.42 -85.34
C VAL BA 280 -61.00 -53.91 -85.44
N GLY BA 281 -62.08 -53.14 -85.54
CA GLY BA 281 -61.94 -51.72 -85.75
C GLY BA 281 -61.34 -51.42 -87.10
N LYS BA 282 -60.09 -50.98 -87.12
CA LYS BA 282 -59.35 -50.80 -88.36
C LYS BA 282 -58.49 -52.04 -88.64
N SER BA 283 -57.64 -51.95 -89.65
CA SER BA 283 -56.84 -53.10 -90.06
C SER BA 283 -55.89 -53.53 -88.95
N VAL BA 284 -55.72 -54.84 -88.80
CA VAL BA 284 -54.84 -55.41 -87.79
C VAL BA 284 -53.93 -56.43 -88.46
N ASN BA 285 -52.86 -56.80 -87.77
CA ASN BA 285 -51.87 -57.72 -88.31
C ASN BA 285 -52.02 -59.11 -87.70
N GLY BA 286 -51.62 -60.12 -88.48
CA GLY BA 286 -51.59 -61.48 -87.98
C GLY BA 286 -50.57 -62.29 -88.73
N SER BA 287 -50.15 -63.40 -88.13
CA SER BA 287 -49.15 -64.29 -88.70
C SER BA 287 -49.66 -65.72 -88.65
N TYR BA 288 -49.81 -66.33 -89.82
CA TYR BA 288 -50.25 -67.73 -89.93
C TYR BA 288 -49.06 -68.54 -90.44
N THR BA 289 -48.69 -69.58 -89.71
CA THR BA 289 -47.54 -70.40 -90.08
C THR BA 289 -47.90 -71.87 -89.98
N THR BA 290 -47.55 -72.61 -91.04
CA THR BA 290 -47.67 -74.06 -91.04
C THR BA 290 -46.35 -74.66 -90.58
N LYS BA 291 -46.20 -75.98 -90.75
CA LYS BA 291 -44.97 -76.64 -90.34
C LYS BA 291 -43.78 -76.22 -91.20
N ASP BA 292 -44.02 -75.65 -92.37
CA ASP BA 292 -42.95 -75.35 -93.32
C ASP BA 292 -42.83 -73.89 -93.71
N GLY BA 293 -43.85 -73.05 -93.47
CA GLY BA 293 -43.81 -71.70 -93.98
C GLY BA 293 -44.48 -70.73 -93.02
N THR BA 294 -44.25 -69.45 -93.28
CA THR BA 294 -44.81 -68.34 -92.50
C THR BA 294 -45.42 -67.34 -93.47
N VAL BA 295 -46.59 -66.80 -93.10
CA VAL BA 295 -47.28 -65.80 -93.90
C VAL BA 295 -47.76 -64.70 -92.97
N SER BA 296 -47.56 -63.45 -93.37
CA SER BA 296 -48.05 -62.29 -92.64
C SER BA 296 -49.23 -61.71 -93.39
N PHE BA 297 -50.38 -61.61 -92.71
CA PHE BA 297 -51.62 -61.20 -93.35
C PHE BA 297 -52.25 -60.06 -92.56
N GLU BA 298 -52.84 -59.12 -93.29
CA GLU BA 298 -53.49 -57.95 -92.71
C GLU BA 298 -55.00 -58.19 -92.69
N THR BA 299 -55.53 -58.49 -91.51
CA THR BA 299 -56.96 -58.66 -91.36
C THR BA 299 -57.66 -57.31 -91.42
N ASP BA 300 -58.82 -57.28 -92.09
CA ASP BA 300 -59.60 -56.07 -92.26
C ASP BA 300 -60.82 -56.12 -91.35
N SER BA 301 -61.54 -55.00 -91.30
CA SER BA 301 -62.77 -54.92 -90.54
C SER BA 301 -63.81 -55.88 -91.10
N ALA BA 302 -64.63 -56.44 -90.21
CA ALA BA 302 -65.69 -57.40 -90.51
C ALA BA 302 -65.15 -58.73 -91.03
N GLY BA 303 -63.84 -58.92 -91.06
CA GLY BA 303 -63.27 -60.21 -91.42
C GLY BA 303 -62.84 -60.32 -92.87
N ASN BA 304 -61.53 -60.28 -93.11
CA ASN BA 304 -61.00 -60.42 -94.45
C ASN BA 304 -59.52 -60.78 -94.35
N ILE BA 305 -58.98 -61.28 -95.46
CA ILE BA 305 -57.57 -61.66 -95.56
C ILE BA 305 -56.94 -60.81 -96.64
N THR BA 306 -55.82 -60.16 -96.30
CA THR BA 306 -55.13 -59.29 -97.25
C THR BA 306 -53.63 -59.41 -97.04
N ILE BA 307 -52.91 -59.70 -98.11
CA ILE BA 307 -51.45 -59.78 -98.09
C ILE BA 307 -50.91 -58.85 -99.17
N GLY BA 308 -49.95 -58.01 -98.81
CA GLY BA 308 -49.33 -57.12 -99.78
C GLY BA 308 -50.29 -56.17 -100.46
N GLY BA 309 -51.30 -55.71 -99.74
CA GLY BA 309 -52.27 -54.80 -100.32
C GLY BA 309 -53.29 -55.45 -101.24
N SER BA 310 -53.29 -56.78 -101.36
CA SER BA 310 -54.20 -57.48 -102.24
C SER BA 310 -54.92 -58.57 -101.45
N GLN BA 311 -56.14 -58.87 -101.90
CA GLN BA 311 -56.93 -59.90 -101.23
C GLN BA 311 -56.28 -61.26 -101.41
N ALA BA 312 -56.23 -62.03 -100.33
CA ALA BA 312 -55.60 -63.34 -100.32
C ALA BA 312 -56.65 -64.43 -100.19
N TYR BA 313 -56.35 -65.58 -100.77
CA TYR BA 313 -57.25 -66.73 -100.77
C TYR BA 313 -56.59 -67.90 -100.09
N VAL BA 314 -57.39 -68.71 -99.41
CA VAL BA 314 -56.91 -69.84 -98.62
C VAL BA 314 -57.09 -71.11 -99.42
N ASP BA 315 -56.04 -71.94 -99.47
CA ASP BA 315 -56.09 -73.20 -100.18
C ASP BA 315 -56.94 -74.20 -99.40
N ASP BA 316 -57.44 -75.22 -100.12
CA ASP BA 316 -58.28 -76.23 -99.48
C ASP BA 316 -57.50 -77.00 -98.41
N ALA BA 317 -56.23 -77.31 -98.68
CA ALA BA 317 -55.41 -78.01 -97.70
C ALA BA 317 -55.06 -77.13 -96.50
N GLY BA 318 -55.23 -75.82 -96.62
CA GLY BA 318 -54.93 -74.90 -95.54
C GLY BA 318 -53.88 -73.86 -95.87
N ASN BA 319 -53.24 -73.93 -97.03
CA ASN BA 319 -52.23 -72.95 -97.39
C ASN BA 319 -52.88 -71.61 -97.73
N LEU BA 320 -52.10 -70.53 -97.59
CA LEU BA 320 -52.56 -69.19 -97.89
C LEU BA 320 -51.78 -68.65 -99.08
N THR BA 321 -52.51 -68.14 -100.07
CA THR BA 321 -51.91 -67.64 -101.29
C THR BA 321 -52.63 -66.37 -101.73
N THR BA 322 -51.95 -65.59 -102.57
CA THR BA 322 -52.48 -64.32 -103.06
C THR BA 322 -53.25 -64.46 -104.37
N ASN BA 323 -53.23 -65.63 -105.00
CA ASN BA 323 -53.92 -65.86 -106.26
C ASN BA 323 -54.79 -67.10 -106.16
N ASN BA 324 -55.96 -67.05 -106.80
CA ASN BA 324 -56.90 -68.15 -106.74
C ASN BA 324 -56.51 -69.24 -107.73
N ALA BA 325 -56.62 -70.50 -107.28
CA ALA BA 325 -56.34 -71.66 -108.11
C ALA BA 325 -57.47 -72.66 -107.94
N GLY BA 326 -57.97 -73.17 -109.07
CA GLY BA 326 -59.06 -74.13 -109.03
C GLY BA 326 -60.40 -73.57 -108.62
N SER BA 327 -60.58 -72.25 -108.77
CA SER BA 327 -61.85 -71.58 -108.44
C SER BA 327 -62.25 -71.85 -106.98
N ALA BA 328 -61.26 -71.86 -106.09
CA ALA BA 328 -61.49 -72.08 -104.67
C ALA BA 328 -60.75 -70.96 -103.92
N ALA BA 329 -61.42 -69.82 -103.75
CA ALA BA 329 -60.82 -68.64 -103.13
C ALA BA 329 -61.22 -68.50 -101.67
N LYS BA 330 -62.52 -68.42 -101.40
CA LYS BA 330 -63.11 -68.29 -100.06
C LYS BA 330 -62.26 -67.38 -99.16
N ALA BA 331 -62.09 -66.14 -99.63
CA ALA BA 331 -61.24 -65.16 -98.96
C ALA BA 331 -61.94 -64.65 -97.71
N ASP BA 332 -61.89 -65.45 -96.65
CA ASP BA 332 -62.47 -65.06 -95.37
C ASP BA 332 -61.69 -65.73 -94.26
N MET BA 333 -61.57 -65.02 -93.14
CA MET BA 333 -60.89 -65.58 -91.97
C MET BA 333 -61.66 -66.73 -91.37
N LYS BA 334 -62.99 -66.70 -91.44
CA LYS BA 334 -63.79 -67.84 -91.01
C LYS BA 334 -63.46 -69.07 -91.84
N ALA BA 335 -63.37 -68.91 -93.17
CA ALA BA 335 -63.01 -70.02 -94.04
C ALA BA 335 -61.59 -70.49 -93.77
N LEU BA 336 -60.68 -69.56 -93.49
CA LEU BA 336 -59.31 -69.95 -93.15
C LEU BA 336 -59.28 -70.79 -91.88
N LEU BA 337 -60.02 -70.37 -90.85
CA LEU BA 337 -60.05 -71.13 -89.60
C LEU BA 337 -60.66 -72.51 -89.83
N LYS BA 338 -61.75 -72.58 -90.59
CA LYS BA 338 -62.38 -73.87 -90.86
C LYS BA 338 -61.44 -74.79 -91.64
N ALA BA 339 -60.75 -74.25 -92.65
CA ALA BA 339 -59.82 -75.04 -93.43
C ALA BA 339 -58.65 -75.53 -92.57
N ALA BA 340 -58.14 -74.67 -91.70
CA ALA BA 340 -57.06 -75.09 -90.81
C ALA BA 340 -57.53 -76.19 -89.87
N SER BA 341 -58.73 -76.05 -89.32
CA SER BA 341 -59.26 -77.05 -88.40
C SER BA 341 -59.47 -78.39 -89.10
N GLU BA 342 -60.01 -78.36 -90.31
CA GLU BA 342 -60.32 -79.58 -91.04
C GLU BA 342 -59.14 -80.11 -91.84
N GLY BA 343 -58.01 -79.40 -91.85
CA GLY BA 343 -56.89 -79.83 -92.65
C GLY BA 343 -56.22 -81.08 -92.12
N SER BA 344 -55.45 -81.72 -93.01
CA SER BA 344 -54.72 -82.92 -92.62
C SER BA 344 -53.62 -82.59 -91.62
N ASP BA 345 -53.04 -81.40 -91.71
CA ASP BA 345 -51.95 -81.00 -90.85
C ASP BA 345 -52.33 -79.72 -90.09
N GLY BA 346 -51.94 -79.67 -88.81
CA GLY BA 346 -52.21 -78.49 -88.01
C GLY BA 346 -51.21 -77.38 -88.26
N ALA BA 347 -51.57 -76.18 -87.79
CA ALA BA 347 -50.75 -75.00 -87.97
C ALA BA 347 -50.93 -74.08 -86.76
N SER BA 348 -50.12 -73.02 -86.72
CA SER BA 348 -50.13 -72.06 -85.63
C SER BA 348 -50.49 -70.68 -86.17
N LEU BA 349 -51.45 -70.02 -85.53
CA LEU BA 349 -51.93 -68.72 -85.97
C LEU BA 349 -51.86 -67.75 -84.81
N THR BA 350 -51.16 -66.63 -85.01
CA THR BA 350 -50.98 -65.60 -84.00
C THR BA 350 -51.68 -64.33 -84.46
N PHE BA 351 -52.53 -63.78 -83.59
CA PHE BA 351 -53.17 -62.50 -83.85
C PHE BA 351 -52.29 -61.38 -83.31
N ASN BA 352 -52.85 -60.18 -83.18
CA ASN BA 352 -52.08 -59.04 -82.70
C ASN BA 352 -51.50 -59.30 -81.32
N GLY BA 353 -52.33 -59.73 -80.38
CA GLY BA 353 -51.88 -59.94 -79.02
C GLY BA 353 -51.68 -61.39 -78.62
N THR BA 354 -52.63 -62.25 -78.99
CA THR BA 354 -52.63 -63.63 -78.53
C THR BA 354 -52.20 -64.58 -79.65
N GLU BA 355 -51.97 -65.83 -79.26
CA GLU BA 355 -51.59 -66.89 -80.19
C GLU BA 355 -52.61 -68.01 -80.12
N TYR BA 356 -53.00 -68.54 -81.28
CA TYR BA 356 -53.98 -69.61 -81.37
C TYR BA 356 -53.33 -70.83 -82.00
N THR BA 357 -53.55 -71.99 -81.39
CA THR BA 357 -53.00 -73.25 -81.90
C THR BA 357 -54.14 -74.12 -82.40
N ILE BA 358 -53.96 -74.67 -83.61
CA ILE BA 358 -54.98 -75.47 -84.27
C ILE BA 358 -54.55 -76.93 -84.21
N ALA BA 359 -55.38 -77.75 -83.56
CA ALA BA 359 -55.09 -79.17 -83.45
C ALA BA 359 -55.29 -79.88 -84.78
N LYS BA 360 -54.46 -80.89 -85.02
CA LYS BA 360 -54.55 -81.68 -86.23
C LYS BA 360 -55.89 -82.42 -86.24
N GLY BA 376 -59.76 -78.90 -83.61
CA GLY BA 376 -59.96 -78.09 -82.41
C GLY BA 376 -59.07 -76.86 -82.37
N ILE BA 377 -59.46 -75.88 -81.56
CA ILE BA 377 -58.73 -74.64 -81.40
C ILE BA 377 -58.41 -74.45 -79.92
N THR BA 378 -57.19 -73.98 -79.64
CA THR BA 378 -56.81 -73.66 -78.26
C THR BA 378 -56.11 -72.31 -78.23
N TYR BA 379 -56.29 -71.59 -77.12
CA TYR BA 379 -55.68 -70.28 -76.98
C TYR BA 379 -55.63 -69.89 -75.51
N GLN BA 380 -54.60 -69.12 -75.16
CA GLN BA 380 -54.39 -68.69 -73.78
C GLN BA 380 -55.10 -67.36 -73.58
N ALA BA 381 -56.34 -67.42 -73.12
CA ALA BA 381 -57.11 -66.21 -72.87
C ALA BA 381 -56.77 -65.63 -71.50
N THR BA 382 -57.09 -64.35 -71.33
CA THR BA 382 -56.90 -63.66 -70.06
C THR BA 382 -58.23 -63.07 -69.60
N VAL BA 383 -58.60 -63.34 -68.35
CA VAL BA 383 -59.83 -62.82 -67.77
C VAL BA 383 -59.50 -62.23 -66.40
N SER BA 384 -60.08 -61.08 -66.11
CA SER BA 384 -59.80 -60.40 -64.85
C SER BA 384 -60.27 -61.22 -63.66
N LYS BA 385 -59.53 -61.11 -62.56
CA LYS BA 385 -59.84 -61.87 -61.36
C LYS BA 385 -61.15 -61.44 -60.70
N ASP BA 386 -61.62 -60.23 -61.01
CA ASP BA 386 -62.90 -59.78 -60.44
C ASP BA 386 -64.05 -60.66 -60.91
N VAL BA 387 -64.05 -61.04 -62.18
CA VAL BA 387 -65.10 -61.94 -62.69
C VAL BA 387 -65.05 -63.27 -61.96
N VAL BA 388 -63.85 -63.82 -61.77
CA VAL BA 388 -63.71 -65.12 -61.13
C VAL BA 388 -64.20 -65.06 -59.68
N LEU BA 389 -63.78 -64.03 -58.95
CA LEU BA 389 -64.20 -63.93 -57.55
C LEU BA 389 -65.70 -63.68 -57.45
N SER BA 390 -66.26 -62.87 -58.34
CA SER BA 390 -67.70 -62.62 -58.30
C SER BA 390 -68.49 -63.89 -58.60
N GLU BA 391 -68.07 -64.66 -59.60
CA GLU BA 391 -68.79 -65.88 -59.93
C GLU BA 391 -68.62 -66.94 -58.85
N THR BA 392 -67.48 -66.95 -58.16
CA THR BA 392 -67.31 -67.85 -57.03
C THR BA 392 -68.21 -67.46 -55.86
N LYS BA 393 -68.30 -66.16 -55.58
CA LYS BA 393 -69.05 -65.69 -54.41
C LYS BA 393 -70.55 -65.80 -54.62
N ALA BA 394 -71.03 -65.39 -55.80
CA ALA BA 394 -72.47 -65.30 -56.00
C ALA BA 394 -73.12 -66.69 -56.10
N ALA BA 395 -72.51 -67.59 -56.86
CA ALA BA 395 -73.10 -68.89 -57.13
C ALA BA 395 -72.72 -69.90 -56.06
N ALA BA 396 -73.59 -70.89 -55.88
CA ALA BA 396 -73.34 -71.97 -54.93
C ALA BA 396 -72.52 -73.09 -55.58
N ALA BA 397 -71.31 -72.70 -56.00
CA ALA BA 397 -70.40 -73.62 -56.67
C ALA BA 397 -69.44 -74.24 -55.66
N THR BA 398 -68.50 -75.02 -56.17
CA THR BA 398 -67.47 -75.68 -55.37
C THR BA 398 -66.11 -75.32 -55.97
N SER BA 399 -65.52 -74.24 -55.49
CA SER BA 399 -64.23 -73.77 -56.01
C SER BA 399 -63.08 -74.39 -55.24
N SER BA 400 -61.90 -74.35 -55.84
CA SER BA 400 -60.68 -74.84 -55.21
C SER BA 400 -59.58 -73.80 -55.41
N ILE BA 401 -58.87 -73.46 -54.33
CA ILE BA 401 -57.81 -72.46 -54.36
C ILE BA 401 -56.52 -73.11 -53.89
N THR BA 402 -55.45 -72.92 -54.65
CA THR BA 402 -54.16 -73.51 -54.33
C THR BA 402 -53.15 -72.40 -54.06
N PHE BA 403 -52.52 -72.45 -52.89
CA PHE BA 403 -51.45 -71.54 -52.53
C PHE BA 403 -50.12 -72.27 -52.73
N ASN BA 404 -49.23 -71.65 -53.49
CA ASN BA 404 -47.91 -72.19 -53.80
C ASN BA 404 -46.85 -71.16 -53.44
N SER BA 405 -45.88 -71.57 -52.63
CA SER BA 405 -44.72 -70.76 -52.32
C SER BA 405 -43.52 -71.11 -53.19
N GLY BA 406 -43.72 -71.93 -54.22
CA GLY BA 406 -42.67 -72.45 -55.05
C GLY BA 406 -42.21 -73.84 -54.66
N VAL BA 407 -42.34 -74.18 -53.37
CA VAL BA 407 -42.04 -75.52 -52.87
C VAL BA 407 -43.23 -76.09 -52.12
N LEU BA 408 -43.81 -75.31 -51.23
CA LEU BA 408 -44.89 -75.76 -50.36
C LEU BA 408 -46.23 -75.39 -50.99
N SER BA 409 -47.15 -76.35 -51.03
CA SER BA 409 -48.43 -76.16 -51.69
C SER BA 409 -49.56 -76.60 -50.78
N LYS BA 410 -50.65 -75.85 -50.80
CA LYS BA 410 -51.86 -76.22 -50.06
C LYS BA 410 -53.09 -75.95 -50.92
N THR BA 411 -54.00 -76.91 -50.96
CA THR BA 411 -55.24 -76.80 -51.71
C THR BA 411 -56.41 -76.76 -50.74
N ILE BA 412 -57.29 -75.76 -50.91
CA ILE BA 412 -58.43 -75.56 -50.03
C ILE BA 412 -59.70 -75.52 -50.87
N GLY BA 413 -60.70 -76.29 -50.46
CA GLY BA 413 -62.00 -76.23 -51.11
C GLY BA 413 -62.86 -75.15 -50.51
N PHE BA 414 -63.72 -74.56 -51.35
CA PHE BA 414 -64.55 -73.43 -50.96
C PHE BA 414 -65.97 -73.63 -51.49
N THR BA 415 -66.94 -73.39 -50.62
CA THR BA 415 -68.34 -73.30 -51.01
C THR BA 415 -68.64 -71.85 -51.38
N ALA BA 416 -69.91 -71.48 -51.45
CA ALA BA 416 -70.31 -70.14 -51.89
C ALA BA 416 -69.95 -69.12 -50.80
N GLY BA 417 -68.67 -68.76 -50.78
CA GLY BA 417 -68.16 -67.76 -49.86
C GLY BA 417 -67.43 -68.31 -48.65
N GLU BA 418 -67.55 -69.61 -48.38
CA GLU BA 418 -66.93 -70.23 -47.22
C GLU BA 418 -66.18 -71.48 -47.66
N SER BA 419 -65.61 -72.18 -46.69
CA SER BA 419 -64.88 -73.42 -46.95
C SER BA 419 -65.67 -74.59 -46.36
N SER BA 420 -66.00 -75.56 -47.21
CA SER BA 420 -66.77 -76.73 -46.81
C SER BA 420 -65.98 -78.03 -46.95
N ASP BA 421 -64.66 -77.95 -47.04
CA ASP BA 421 -63.80 -79.11 -47.29
C ASP BA 421 -63.41 -79.83 -46.00
N ALA BA 422 -64.20 -79.69 -44.93
CA ALA BA 422 -63.90 -80.29 -43.64
C ALA BA 422 -62.56 -79.81 -43.09
N ALA BA 423 -62.16 -78.61 -43.49
CA ALA BA 423 -60.91 -78.00 -43.05
C ALA BA 423 -61.22 -76.75 -42.24
N LYS BA 424 -60.30 -76.41 -41.34
CA LYS BA 424 -60.55 -75.31 -40.41
C LYS BA 424 -60.53 -73.97 -41.12
N SER BA 425 -59.37 -73.60 -41.68
CA SER BA 425 -59.23 -72.46 -42.59
C SER BA 425 -59.72 -71.16 -41.94
N TYR BA 426 -59.01 -70.74 -40.90
CA TYR BA 426 -59.31 -69.50 -40.22
C TYR BA 426 -58.13 -68.53 -40.34
N VAL BA 427 -58.45 -67.25 -40.45
CA VAL BA 427 -57.46 -66.23 -40.79
C VAL BA 427 -57.59 -65.04 -39.84
N ASP BA 428 -58.63 -65.06 -39.00
CA ASP BA 428 -59.04 -63.86 -38.28
C ASP BA 428 -57.99 -63.33 -37.33
N ASP BA 429 -57.03 -64.15 -36.89
CA ASP BA 429 -56.11 -63.74 -35.84
C ASP BA 429 -55.29 -62.52 -36.22
N LYS BA 430 -54.39 -62.67 -37.20
CA LYS BA 430 -53.57 -61.55 -37.67
C LYS BA 430 -53.34 -61.58 -39.17
N GLY BA 431 -53.98 -62.48 -39.89
CA GLY BA 431 -53.65 -62.73 -41.27
C GLY BA 431 -52.92 -64.05 -41.44
N GLY BA 432 -53.13 -64.68 -42.59
CA GLY BA 432 -52.62 -66.01 -42.84
C GLY BA 432 -53.54 -67.09 -42.32
N ILE BA 433 -53.46 -68.25 -42.96
CA ILE BA 433 -54.38 -69.35 -42.68
C ILE BA 433 -53.78 -70.20 -41.56
N THR BA 434 -54.31 -70.04 -40.35
CA THR BA 434 -53.79 -70.71 -39.17
C THR BA 434 -54.62 -71.92 -38.76
N ASN BA 435 -55.68 -72.24 -39.52
CA ASN BA 435 -56.46 -73.48 -39.42
C ASN BA 435 -56.64 -73.97 -37.98
N VAL BA 436 -56.93 -73.05 -37.07
CA VAL BA 436 -57.28 -73.37 -35.69
C VAL BA 436 -58.71 -72.94 -35.45
N ALA BA 437 -59.51 -73.85 -34.89
CA ALA BA 437 -60.92 -73.55 -34.64
C ALA BA 437 -61.06 -72.42 -33.63
N ASP BA 438 -60.61 -72.66 -32.40
CA ASP BA 438 -60.72 -71.67 -31.34
C ASP BA 438 -59.81 -72.09 -30.20
N TYR BA 439 -59.28 -71.10 -29.49
CA TYR BA 439 -58.47 -71.32 -28.31
C TYR BA 439 -59.09 -70.59 -27.13
N THR BA 440 -59.19 -71.27 -26.00
CA THR BA 440 -59.73 -70.71 -24.77
C THR BA 440 -58.61 -70.55 -23.76
N VAL BA 441 -58.47 -69.35 -23.22
CA VAL BA 441 -57.44 -69.04 -22.23
C VAL BA 441 -58.11 -68.89 -20.87
N SER BA 442 -57.57 -69.57 -19.87
CA SER BA 442 -58.12 -69.54 -18.52
C SER BA 442 -57.22 -68.69 -17.64
N TYR BA 443 -57.83 -67.74 -16.94
CA TYR BA 443 -57.13 -66.80 -16.07
C TYR BA 443 -57.51 -67.09 -14.62
N SER BA 444 -56.53 -67.13 -13.74
CA SER BA 444 -56.74 -67.32 -12.32
C SER BA 444 -56.67 -65.97 -11.62
N VAL BA 445 -57.68 -65.68 -10.80
CA VAL BA 445 -57.78 -64.42 -10.09
C VAL BA 445 -57.44 -64.67 -8.63
N ASN BA 446 -56.43 -63.98 -8.13
CA ASN BA 446 -56.03 -64.10 -6.74
C ASN BA 446 -56.90 -63.17 -5.89
N LYS BA 447 -57.72 -63.75 -5.03
CA LYS BA 447 -58.68 -62.98 -4.25
C LYS BA 447 -58.03 -62.19 -3.12
N ASP BA 448 -56.77 -62.45 -2.80
CA ASP BA 448 -56.11 -61.70 -1.73
C ASP BA 448 -55.89 -60.25 -2.13
N ASN BA 449 -55.38 -60.01 -3.34
CA ASN BA 449 -55.09 -58.67 -3.82
C ASN BA 449 -55.82 -58.28 -5.09
N GLY BA 450 -56.36 -59.24 -5.85
CA GLY BA 450 -57.01 -58.96 -7.11
C GLY BA 450 -56.13 -59.15 -8.33
N SER BA 451 -54.89 -59.60 -8.15
CA SER BA 451 -54.01 -59.82 -9.29
C SER BA 451 -54.52 -60.96 -10.15
N VAL BA 452 -54.39 -60.80 -11.47
CA VAL BA 452 -54.87 -61.77 -12.44
C VAL BA 452 -53.68 -62.33 -13.20
N THR BA 453 -53.56 -63.65 -13.24
CA THR BA 453 -52.48 -64.32 -13.95
C THR BA 453 -53.07 -65.28 -14.99
N VAL BA 454 -52.19 -65.84 -15.80
CA VAL BA 454 -52.57 -66.79 -16.85
C VAL BA 454 -52.34 -68.20 -16.32
N ALA BA 455 -53.38 -69.03 -16.35
CA ALA BA 455 -53.27 -70.40 -15.86
C ALA BA 455 -54.28 -71.25 -16.64
N GLY BA 456 -53.80 -71.95 -17.66
CA GLY BA 456 -54.64 -72.87 -18.40
C GLY BA 456 -54.91 -72.49 -19.84
N TYR BA 457 -54.72 -73.44 -20.75
CA TYR BA 457 -54.95 -73.23 -22.17
C TYR BA 457 -55.69 -74.44 -22.73
N ALA BA 458 -56.74 -74.19 -23.50
CA ALA BA 458 -57.53 -75.25 -24.11
C ALA BA 458 -57.67 -74.98 -25.60
N SER BA 459 -57.57 -76.02 -26.41
CA SER BA 459 -57.72 -75.89 -27.85
C SER BA 459 -58.51 -77.06 -28.40
N ALA BA 460 -59.46 -76.77 -29.28
CA ALA BA 460 -60.23 -77.82 -29.93
C ALA BA 460 -59.41 -78.55 -30.99
N THR BA 461 -58.27 -78.01 -31.39
CA THR BA 461 -57.33 -78.64 -32.31
C THR BA 461 -56.00 -78.82 -31.60
N ASP BA 462 -55.05 -79.44 -32.30
CA ASP BA 462 -53.71 -79.59 -31.74
C ASP BA 462 -53.06 -78.24 -31.51
N THR BA 463 -53.02 -77.41 -32.55
CA THR BA 463 -52.64 -75.99 -32.47
C THR BA 463 -51.14 -75.85 -32.22
N ASN BA 464 -50.46 -76.96 -31.91
CA ASN BA 464 -49.04 -76.97 -31.60
C ASN BA 464 -48.68 -75.94 -30.52
N LYS BA 465 -49.67 -75.56 -29.70
CA LYS BA 465 -49.50 -74.54 -28.68
C LYS BA 465 -48.92 -73.26 -29.26
N ASP BA 466 -49.40 -72.88 -30.45
CA ASP BA 466 -48.94 -71.65 -31.07
C ASP BA 466 -49.40 -70.42 -30.28
N TYR BA 467 -50.66 -70.43 -29.82
CA TYR BA 467 -51.22 -69.30 -29.10
C TYR BA 467 -51.33 -69.57 -27.59
N ALA BA 468 -50.46 -70.43 -27.05
CA ALA BA 468 -50.54 -70.76 -25.64
C ALA BA 468 -49.45 -70.00 -24.89
N PRO BA 469 -49.78 -68.99 -24.10
CA PRO BA 469 -48.77 -68.34 -23.26
C PRO BA 469 -48.33 -69.26 -22.13
N ALA BA 470 -47.12 -69.02 -21.66
CA ALA BA 470 -46.63 -69.76 -20.50
C ALA BA 470 -47.48 -69.44 -19.28
N ILE BA 471 -47.88 -70.49 -18.55
CA ILE BA 471 -48.74 -70.29 -17.39
C ILE BA 471 -47.97 -69.57 -16.29
N GLY BA 472 -48.71 -68.89 -15.42
CA GLY BA 472 -48.12 -68.17 -14.31
C GLY BA 472 -47.59 -66.79 -14.64
N THR BA 473 -47.91 -66.24 -15.81
CA THR BA 473 -47.45 -64.93 -16.21
C THR BA 473 -48.54 -63.90 -15.94
N ALA BA 474 -48.16 -62.83 -15.24
CA ALA BA 474 -49.11 -61.78 -14.91
C ALA BA 474 -49.59 -61.08 -16.19
N VAL BA 475 -50.90 -60.98 -16.36
CA VAL BA 475 -51.47 -60.34 -17.53
C VAL BA 475 -51.76 -58.87 -17.23
N ASN BA 476 -51.67 -58.05 -18.26
CA ASN BA 476 -51.91 -56.61 -18.14
C ASN BA 476 -52.95 -56.18 -19.17
N VAL BA 477 -53.17 -54.87 -19.25
CA VAL BA 477 -54.13 -54.27 -20.17
C VAL BA 477 -53.37 -53.38 -21.14
N ASN BA 478 -53.59 -53.60 -22.44
CA ASN BA 478 -52.91 -52.82 -23.45
C ASN BA 478 -53.44 -51.39 -23.46
N SER BA 479 -52.86 -50.57 -24.34
CA SER BA 479 -53.29 -49.18 -24.45
C SER BA 479 -54.72 -49.09 -24.98
N ALA BA 480 -55.08 -49.97 -25.92
CA ALA BA 480 -56.42 -49.98 -26.49
C ALA BA 480 -57.44 -50.68 -25.61
N GLY BA 481 -57.07 -51.09 -24.40
CA GLY BA 481 -57.98 -51.77 -23.51
C GLY BA 481 -58.01 -53.27 -23.66
N LYS BA 482 -57.24 -53.84 -24.57
CA LYS BA 482 -57.24 -55.28 -24.74
C LYS BA 482 -56.48 -55.96 -23.62
N ILE BA 483 -56.70 -57.27 -23.49
CA ILE BA 483 -56.05 -58.08 -22.47
C ILE BA 483 -54.82 -58.71 -23.11
N THR BA 484 -53.64 -58.34 -22.61
CA THR BA 484 -52.39 -58.74 -23.26
C THR BA 484 -51.33 -58.91 -22.18
N THR BA 485 -50.30 -59.69 -22.51
CA THR BA 485 -49.31 -60.10 -21.51
C THR BA 485 -48.07 -59.21 -21.45
N GLU BA 486 -47.66 -58.59 -22.55
CA GLU BA 486 -46.43 -57.80 -22.53
C GLU BA 486 -46.69 -56.41 -21.95
N THR BA 487 -45.65 -55.85 -21.33
CA THR BA 487 -45.74 -54.58 -20.63
C THR BA 487 -45.11 -53.42 -21.40
N THR BA 488 -44.69 -53.64 -22.65
CA THR BA 488 -43.99 -52.60 -23.40
C THR BA 488 -44.87 -51.38 -23.63
N SER BA 489 -45.92 -51.53 -24.42
CA SER BA 489 -46.89 -50.47 -24.69
C SER BA 489 -46.19 -49.21 -25.21
N ALA BA 490 -45.62 -49.35 -26.40
CA ALA BA 490 -44.86 -48.27 -27.01
C ALA BA 490 -45.72 -47.01 -27.17
N GLY BA 491 -45.12 -45.86 -26.88
CA GLY BA 491 -45.81 -44.59 -26.90
C GLY BA 491 -45.73 -43.89 -28.24
N SER BA 492 -45.89 -42.56 -28.18
CA SER BA 492 -45.97 -41.74 -29.38
C SER BA 492 -44.74 -40.89 -29.65
N ALA BA 493 -43.84 -40.74 -28.68
CA ALA BA 493 -42.63 -39.95 -28.90
C ALA BA 493 -41.76 -40.60 -29.96
N THR BA 494 -41.04 -39.77 -30.71
CA THR BA 494 -40.21 -40.28 -31.80
C THR BA 494 -39.13 -41.20 -31.26
N THR BA 495 -38.89 -42.30 -31.98
CA THR BA 495 -37.97 -43.33 -31.50
C THR BA 495 -36.53 -42.83 -31.50
N ASN BA 496 -36.01 -42.47 -32.66
CA ASN BA 496 -34.60 -42.11 -32.83
C ASN BA 496 -34.52 -40.75 -33.50
N PRO BA 497 -34.79 -39.68 -32.74
CA PRO BA 497 -34.83 -38.35 -33.37
C PRO BA 497 -33.52 -37.93 -34.00
N LEU BA 498 -32.41 -38.22 -33.34
CA LEU BA 498 -31.12 -37.82 -33.87
C LEU BA 498 -30.79 -38.58 -35.15
N ALA BA 499 -31.13 -39.87 -35.21
CA ALA BA 499 -30.92 -40.63 -36.43
C ALA BA 499 -31.78 -40.08 -37.58
N ALA BA 500 -33.04 -39.75 -37.29
CA ALA BA 500 -33.89 -39.19 -38.33
C ALA BA 500 -33.35 -37.86 -38.84
N LEU BA 501 -32.90 -37.01 -37.93
CA LEU BA 501 -32.34 -35.72 -38.33
C LEU BA 501 -31.06 -35.91 -39.13
N ASP BA 502 -30.24 -36.89 -38.76
CA ASP BA 502 -29.04 -37.18 -39.54
C ASP BA 502 -29.37 -37.62 -40.95
N ASP BA 503 -30.40 -38.45 -41.09
CA ASP BA 503 -30.83 -38.88 -42.43
C ASP BA 503 -31.29 -37.68 -43.25
N ALA BA 504 -32.08 -36.79 -42.64
CA ALA BA 504 -32.54 -35.61 -43.36
C ALA BA 504 -31.37 -34.73 -43.80
N ILE BA 505 -30.42 -34.49 -42.90
CA ILE BA 505 -29.26 -33.66 -43.24
C ILE BA 505 -28.44 -34.32 -44.35
N SER BA 506 -28.30 -35.65 -44.29
CA SER BA 506 -27.55 -36.35 -45.34
C SER BA 506 -28.23 -36.20 -46.70
N SER BA 507 -29.56 -36.29 -46.73
CA SER BA 507 -30.26 -36.09 -47.99
C SER BA 507 -30.04 -34.68 -48.53
N ILE BA 508 -30.12 -33.69 -47.65
CA ILE BA 508 -29.90 -32.30 -48.09
C ILE BA 508 -28.49 -32.15 -48.65
N ASP BA 509 -27.50 -32.73 -47.98
CA ASP BA 509 -26.12 -32.60 -48.43
C ASP BA 509 -25.92 -33.28 -49.77
N LYS BA 510 -26.53 -34.45 -49.97
CA LYS BA 510 -26.40 -35.13 -51.26
C LYS BA 510 -26.98 -34.28 -52.39
N PHE BA 511 -28.17 -33.71 -52.17
CA PHE BA 511 -28.79 -32.91 -53.23
C PHE BA 511 -27.97 -31.66 -53.52
N ARG BA 512 -27.41 -31.03 -52.48
CA ARG BA 512 -26.55 -29.87 -52.69
C ARG BA 512 -25.29 -30.24 -53.46
N SER BA 513 -24.70 -31.40 -53.15
CA SER BA 513 -23.53 -31.84 -53.89
C SER BA 513 -23.85 -32.06 -55.36
N SER BA 514 -25.00 -32.66 -55.64
CA SER BA 514 -25.41 -32.85 -57.03
C SER BA 514 -25.55 -31.52 -57.76
N LEU BA 515 -26.18 -30.53 -57.10
CA LEU BA 515 -26.32 -29.22 -57.73
C LEU BA 515 -24.95 -28.58 -57.98
N GLY BA 516 -24.03 -28.70 -57.03
CA GLY BA 516 -22.71 -28.14 -57.22
C GLY BA 516 -21.97 -28.75 -58.39
N ALA BA 517 -22.03 -30.08 -58.51
CA ALA BA 517 -21.40 -30.74 -59.65
C ALA BA 517 -22.01 -30.28 -60.97
N ILE BA 518 -23.34 -30.17 -61.01
CA ILE BA 518 -24.00 -29.71 -62.23
C ILE BA 518 -23.52 -28.31 -62.59
N GLN BA 519 -23.43 -27.42 -61.59
CA GLN BA 519 -23.01 -26.06 -61.87
C GLN BA 519 -21.58 -26.02 -62.40
N ASN BA 520 -20.68 -26.82 -61.82
CA ASN BA 520 -19.30 -26.85 -62.29
C ASN BA 520 -19.24 -27.30 -63.76
N ARG BA 521 -19.96 -28.37 -64.08
CA ARG BA 521 -19.92 -28.84 -65.47
C ARG BA 521 -20.55 -27.83 -66.42
N LEU BA 522 -21.58 -27.10 -65.96
CA LEU BA 522 -22.20 -26.09 -66.80
C LEU BA 522 -21.24 -24.93 -67.07
N ASP BA 523 -20.47 -24.52 -66.06
CA ASP BA 523 -19.47 -23.47 -66.26
C ASP BA 523 -18.39 -23.92 -67.25
N SER BA 524 -17.95 -25.17 -67.12
CA SER BA 524 -17.00 -25.70 -68.09
C SER BA 524 -17.57 -25.66 -69.51
N ALA BA 525 -18.86 -26.00 -69.64
CA ALA BA 525 -19.52 -25.91 -70.94
C ALA BA 525 -19.51 -24.49 -71.47
N VAL BA 526 -19.76 -23.51 -70.59
CA VAL BA 526 -19.75 -22.10 -71.01
C VAL BA 526 -18.38 -21.74 -71.57
N THR BA 527 -17.32 -22.12 -70.86
CA THR BA 527 -15.96 -21.79 -71.33
C THR BA 527 -15.68 -22.42 -72.68
N ASN BA 528 -16.06 -23.69 -72.85
CA ASN BA 528 -15.82 -24.35 -74.13
C ASN BA 528 -16.61 -23.68 -75.24
N LEU BA 529 -17.85 -23.26 -74.97
CA LEU BA 529 -18.64 -22.58 -75.98
C LEU BA 529 -18.00 -21.27 -76.40
N ASN BA 530 -17.48 -20.50 -75.44
CA ASN BA 530 -16.83 -19.25 -75.80
C ASN BA 530 -15.60 -19.49 -76.67
N ASN BA 531 -14.78 -20.48 -76.31
CA ASN BA 531 -13.60 -20.78 -77.13
C ASN BA 531 -13.99 -21.19 -78.55
N THR BA 532 -15.01 -22.05 -78.67
CA THR BA 532 -15.42 -22.51 -79.99
C THR BA 532 -15.99 -21.37 -80.81
N THR BA 533 -16.73 -20.46 -80.17
CA THR BA 533 -17.25 -19.30 -80.89
C THR BA 533 -16.12 -18.43 -81.42
N THR BA 534 -15.10 -18.20 -80.59
CA THR BA 534 -13.96 -17.40 -81.06
C THR BA 534 -13.29 -18.06 -82.25
N ASN BA 535 -13.07 -19.37 -82.19
CA ASN BA 535 -12.38 -20.04 -83.29
C ASN BA 535 -13.22 -20.04 -84.57
N LEU BA 536 -14.53 -20.23 -84.43
CA LEU BA 536 -15.39 -20.20 -85.63
C LEU BA 536 -15.43 -18.82 -86.24
N SER BA 537 -15.44 -17.77 -85.42
CA SER BA 537 -15.34 -16.42 -85.96
C SER BA 537 -14.02 -16.22 -86.69
N GLU BA 538 -12.94 -16.77 -86.13
CA GLU BA 538 -11.65 -16.77 -86.83
C GLU BA 538 -11.78 -17.36 -88.22
N ALA BA 539 -12.37 -18.56 -88.31
CA ALA BA 539 -12.47 -19.23 -89.60
C ALA BA 539 -13.33 -18.45 -90.58
N GLN BA 540 -14.44 -17.89 -90.09
CA GLN BA 540 -15.31 -17.11 -90.98
C GLN BA 540 -14.57 -15.90 -91.51
N SER BA 541 -13.78 -15.24 -90.66
CA SER BA 541 -12.98 -14.11 -91.13
C SER BA 541 -11.93 -14.56 -92.14
N ARG BA 542 -11.37 -15.76 -91.94
CA ARG BA 542 -10.44 -16.31 -92.93
C ARG BA 542 -11.11 -16.44 -94.29
N ILE BA 543 -12.35 -16.92 -94.31
CA ILE BA 543 -13.03 -17.12 -95.59
C ILE BA 543 -13.43 -15.79 -96.22
N GLN BA 544 -14.12 -14.95 -95.45
CA GLN BA 544 -14.67 -13.69 -95.92
C GLN BA 544 -13.66 -12.56 -95.67
N ASP BA 545 -14.13 -11.31 -95.66
CA ASP BA 545 -13.35 -10.15 -95.23
C ASP BA 545 -12.16 -9.90 -96.16
N ALA BA 546 -12.52 -9.46 -97.36
CA ALA BA 546 -11.55 -9.10 -98.40
C ALA BA 546 -10.43 -8.22 -97.85
N ASP BA 547 -9.27 -8.31 -98.49
CA ASP BA 547 -8.06 -7.61 -98.07
C ASP BA 547 -8.06 -6.19 -98.62
N TYR BA 548 -8.32 -5.21 -97.74
CA TYR BA 548 -8.44 -3.83 -98.16
C TYR BA 548 -7.24 -3.36 -98.97
N ALA BA 549 -6.03 -3.80 -98.62
CA ALA BA 549 -4.87 -3.46 -99.44
C ALA BA 549 -5.06 -3.99 -100.86
N THR BA 550 -5.51 -5.24 -100.98
CA THR BA 550 -5.63 -5.85 -102.29
C THR BA 550 -6.66 -5.14 -103.16
N GLU BA 551 -7.85 -4.88 -102.62
CA GLU BA 551 -8.84 -4.20 -103.47
C GLU BA 551 -8.53 -2.71 -103.66
N VAL BA 552 -7.84 -2.05 -102.73
CA VAL BA 552 -7.42 -0.68 -103.00
C VAL BA 552 -6.46 -0.65 -104.20
N SER BA 553 -5.48 -1.56 -104.20
CA SER BA 553 -4.59 -1.66 -105.35
C SER BA 553 -5.36 -1.98 -106.62
N ASN BA 554 -6.32 -2.91 -106.51
CA ASN BA 554 -7.08 -3.33 -107.68
C ASN BA 554 -7.86 -2.18 -108.28
N MET BA 555 -8.54 -1.39 -107.45
CA MET BA 555 -9.31 -0.28 -108.00
C MET BA 555 -8.38 0.82 -108.52
N SER BA 556 -7.23 1.02 -107.88
CA SER BA 556 -6.32 2.05 -108.37
C SER BA 556 -5.85 1.72 -109.78
N LYS BA 557 -5.40 0.47 -109.98
CA LYS BA 557 -4.96 0.11 -111.32
C LYS BA 557 -6.13 0.04 -112.29
N ALA BA 558 -7.33 -0.31 -111.82
CA ALA BA 558 -8.50 -0.32 -112.69
C ALA BA 558 -8.84 1.09 -113.16
N GLN BA 559 -8.79 2.07 -112.25
CA GLN BA 559 -9.07 3.45 -112.62
C GLN BA 559 -8.03 3.97 -113.60
N ILE BA 560 -6.75 3.62 -113.38
CA ILE BA 560 -5.73 4.06 -114.31
C ILE BA 560 -5.96 3.44 -115.69
N ILE BA 561 -6.30 2.15 -115.73
CA ILE BA 561 -6.57 1.51 -117.01
C ILE BA 561 -7.76 2.17 -117.69
N GLN BA 562 -8.78 2.53 -116.91
CA GLN BA 562 -9.96 3.18 -117.49
C GLN BA 562 -9.59 4.53 -118.09
N GLN BA 563 -8.81 5.33 -117.37
CA GLN BA 563 -8.44 6.65 -117.88
C GLN BA 563 -7.57 6.52 -119.12
N ALA BA 564 -6.62 5.59 -119.11
CA ALA BA 564 -5.79 5.36 -120.29
C ALA BA 564 -6.63 4.90 -121.47
N GLY BA 565 -7.60 4.01 -121.22
CA GLY BA 565 -8.46 3.54 -122.28
C GLY BA 565 -9.31 4.66 -122.85
N ASN BA 566 -9.79 5.55 -122.00
CA ASN BA 566 -10.60 6.67 -122.49
C ASN BA 566 -9.76 7.63 -123.32
N SER BA 567 -8.54 7.92 -122.87
CA SER BA 567 -7.67 8.81 -123.65
C SER BA 567 -7.33 8.18 -125.00
N VAL BA 568 -6.97 6.91 -125.01
CA VAL BA 568 -6.67 6.23 -126.26
C VAL BA 568 -7.92 6.14 -127.12
N LEU BA 569 -9.09 6.00 -126.49
CA LEU BA 569 -10.34 5.97 -127.24
C LEU BA 569 -10.59 7.29 -127.93
N ALA BA 570 -10.31 8.41 -127.26
CA ALA BA 570 -10.42 9.70 -127.91
C ALA BA 570 -9.42 9.83 -129.05
N LYS BA 571 -8.20 9.32 -128.85
CA LYS BA 571 -7.21 9.36 -129.93
C LYS BA 571 -7.66 8.54 -131.13
N ALA BA 572 -8.33 7.41 -130.89
CA ALA BA 572 -8.83 6.59 -131.97
C ALA BA 572 -10.04 7.23 -132.65
N ASN BA 573 -10.97 7.77 -131.85
CA ASN BA 573 -12.10 8.52 -132.38
C ASN BA 573 -11.64 9.79 -133.08
N GLN BA 574 -10.36 10.14 -132.97
CA GLN BA 574 -9.79 11.06 -133.95
C GLN BA 574 -9.71 10.27 -135.24
N VAL BA 575 -10.88 9.94 -135.77
CA VAL BA 575 -11.10 9.00 -136.88
C VAL BA 575 -10.51 9.62 -138.14
N PRO BA 576 -10.26 8.83 -139.21
CA PRO BA 576 -9.55 9.41 -140.36
C PRO BA 576 -10.23 10.65 -140.90
N GLN BA 577 -9.56 11.78 -140.70
CA GLN BA 577 -9.95 13.04 -141.31
C GLN BA 577 -9.00 13.45 -142.41
N GLN BA 578 -7.87 12.75 -142.53
CA GLN BA 578 -6.97 12.98 -143.65
C GLN BA 578 -7.63 12.65 -144.97
N VAL BA 579 -8.68 11.84 -144.96
CA VAL BA 579 -9.48 11.62 -146.16
C VAL BA 579 -10.10 12.93 -146.63
N LEU BA 580 -10.52 13.77 -145.69
CA LEU BA 580 -11.03 15.08 -146.05
C LEU BA 580 -9.97 15.90 -146.76
N SER BA 581 -8.73 15.85 -146.25
CA SER BA 581 -7.63 16.55 -146.91
C SER BA 581 -7.37 15.99 -148.30
N LEU BA 582 -7.44 14.67 -148.44
CA LEU BA 582 -7.27 14.06 -149.76
C LEU BA 582 -8.34 14.50 -150.74
N LEU BA 583 -9.54 14.80 -150.23
CA LEU BA 583 -10.66 15.09 -151.12
C LEU BA 583 -10.39 16.33 -151.98
N GLN BA 584 -10.02 17.46 -151.36
CA GLN BA 584 -9.90 18.68 -152.12
C GLN BA 584 -8.69 18.69 -153.04
N GLY BA 585 -7.78 17.73 -152.92
CA GLY BA 585 -6.61 17.68 -153.76
C GLY BA 585 -6.91 17.27 -155.20
N MET CA 1 14.28 40.87 -124.40
CA MET CA 1 13.28 39.84 -124.69
C MET CA 1 12.81 39.95 -126.15
N ALA CA 2 11.98 40.95 -126.45
CA ALA CA 2 11.43 41.07 -127.79
C ALA CA 2 12.51 41.22 -128.86
N GLN CA 3 13.66 41.79 -128.50
CA GLN CA 3 14.70 41.98 -129.50
C GLN CA 3 15.48 40.69 -129.77
N VAL CA 4 15.84 39.96 -128.72
CA VAL CA 4 16.85 38.92 -128.80
C VAL CA 4 16.30 37.63 -128.20
N ILE CA 5 16.75 36.49 -128.74
CA ILE CA 5 16.43 35.19 -128.16
C ILE CA 5 17.65 34.41 -127.74
N ASN CA 6 18.85 34.80 -128.16
CA ASN CA 6 20.03 34.00 -127.87
C ASN CA 6 20.43 34.05 -126.40
N THR CA 7 20.09 35.13 -125.71
CA THR CA 7 20.38 35.25 -124.28
C THR CA 7 19.13 35.73 -123.56
N ASN CA 8 19.14 35.56 -122.23
CA ASN CA 8 18.07 36.07 -121.38
C ASN CA 8 18.72 36.70 -120.16
N SER CA 9 18.96 38.01 -120.22
CA SER CA 9 19.54 38.71 -119.09
C SER CA 9 18.66 38.62 -117.85
N LEU CA 10 17.34 38.62 -118.04
CA LEU CA 10 16.43 38.46 -116.90
C LEU CA 10 16.65 37.11 -116.24
N SER CA 11 16.77 36.05 -117.04
CA SER CA 11 17.02 34.72 -116.49
C SER CA 11 18.35 34.67 -115.76
N LEU CA 12 19.40 35.29 -116.33
CA LEU CA 12 20.70 35.28 -115.68
C LEU CA 12 20.67 35.99 -114.34
N ILE CA 13 20.04 37.17 -114.30
CA ILE CA 13 19.94 37.92 -113.06
C ILE CA 13 19.15 37.15 -112.02
N THR CA 14 18.05 36.52 -112.44
CA THR CA 14 17.23 35.75 -111.52
C THR CA 14 18.01 34.57 -110.95
N GLN CA 15 18.79 33.88 -111.80
CA GLN CA 15 19.58 32.77 -111.32
C GLN CA 15 20.63 33.23 -110.32
N ASN CA 16 21.26 34.39 -110.58
CA ASN CA 16 22.23 34.91 -109.63
C ASN CA 16 21.58 35.18 -108.28
N ASN CA 17 20.39 35.82 -108.30
CA ASN CA 17 19.72 36.13 -107.05
C ASN CA 17 19.31 34.86 -106.32
N ILE CA 18 18.87 33.84 -107.06
CA ILE CA 18 18.49 32.58 -106.44
C ILE CA 18 19.69 31.94 -105.74
N ASN CA 19 20.85 31.94 -106.40
CA ASN CA 19 22.05 31.37 -105.77
C ASN CA 19 22.43 32.15 -104.52
N LYS CA 20 22.34 33.48 -104.59
CA LYS CA 20 22.66 34.31 -103.43
C LYS CA 20 21.76 33.96 -102.25
N ASN CA 21 20.46 33.75 -102.52
CA ASN CA 21 19.57 33.31 -101.45
C ASN CA 21 19.95 31.92 -100.95
N GLN CA 22 20.28 31.02 -101.87
CA GLN CA 22 20.52 29.63 -101.51
C GLN CA 22 21.68 29.50 -100.55
N SER CA 23 22.70 30.36 -100.69
CA SER CA 23 23.81 30.34 -99.73
C SER CA 23 23.29 30.50 -98.29
N ALA CA 24 22.49 31.55 -98.06
CA ALA CA 24 21.97 31.79 -96.72
C ALA CA 24 20.99 30.71 -96.29
N LEU CA 25 20.20 30.18 -97.23
CA LEU CA 25 19.29 29.08 -96.90
C LEU CA 25 20.05 27.88 -96.34
N SER CA 26 21.12 27.47 -97.03
CA SER CA 26 21.92 26.35 -96.57
C SER CA 26 22.56 26.66 -95.22
N SER CA 27 23.09 27.88 -95.06
CA SER CA 27 23.70 28.23 -93.79
C SER CA 27 22.70 28.12 -92.64
N SER CA 28 21.48 28.64 -92.85
CA SER CA 28 20.48 28.62 -91.80
C SER CA 28 20.05 27.19 -91.45
N ILE CA 29 19.84 26.35 -92.47
CA ILE CA 29 19.41 24.98 -92.20
C ILE CA 29 20.49 24.23 -91.44
N GLU CA 30 21.75 24.38 -91.86
CA GLU CA 30 22.84 23.72 -91.15
C GLU CA 30 22.94 24.22 -89.71
N ARG CA 31 22.78 25.53 -89.51
CA ARG CA 31 22.85 26.09 -88.16
C ARG CA 31 21.76 25.52 -87.28
N LEU CA 32 20.54 25.41 -87.79
CA LEU CA 32 19.45 24.86 -87.01
C LEU CA 32 19.68 23.38 -86.71
N SER CA 33 20.17 22.63 -87.68
CA SER CA 33 20.40 21.20 -87.47
C SER CA 33 21.47 20.96 -86.40
N SER CA 34 22.56 21.71 -86.45
CA SER CA 34 23.64 21.50 -85.50
C SER CA 34 23.32 22.06 -84.13
N GLY CA 35 22.61 23.19 -84.07
CA GLY CA 35 22.36 23.85 -82.81
C GLY CA 35 23.49 24.69 -82.29
N LEU CA 36 24.47 25.01 -83.14
CA LEU CA 36 25.65 25.78 -82.74
C LEU CA 36 25.75 27.01 -83.63
N ARG CA 37 26.00 28.17 -83.01
CA ARG CA 37 26.15 29.40 -83.78
C ARG CA 37 27.41 29.38 -84.60
N ILE CA 38 28.54 29.02 -83.99
CA ILE CA 38 29.83 28.99 -84.67
C ILE CA 38 30.06 27.56 -85.16
N ASN CA 39 29.96 27.37 -86.47
CA ASN CA 39 30.03 26.03 -87.06
C ASN CA 39 30.98 26.06 -88.23
N SER CA 40 31.94 25.13 -88.23
CA SER CA 40 32.93 24.96 -89.29
C SER CA 40 33.80 26.18 -89.52
N ALA CA 41 33.73 27.18 -88.63
CA ALA CA 41 34.61 28.35 -88.64
C ALA CA 41 34.62 29.08 -89.98
N LYS CA 42 33.50 29.05 -90.72
CA LYS CA 42 33.38 29.87 -91.92
C LYS CA 42 33.00 31.30 -91.59
N ASP CA 43 33.15 31.65 -90.32
CA ASP CA 43 32.73 32.92 -89.76
C ASP CA 43 33.83 33.36 -88.80
N ASP CA 44 33.52 34.30 -87.90
CA ASP CA 44 34.52 34.85 -86.99
C ASP CA 44 35.24 33.74 -86.23
N ALA CA 45 36.51 33.53 -86.55
CA ALA CA 45 37.28 32.43 -85.97
C ALA CA 45 37.71 32.70 -84.54
N ALA CA 46 37.68 33.96 -84.10
CA ALA CA 46 37.95 34.25 -82.71
C ALA CA 46 36.95 33.56 -81.80
N GLY CA 47 35.69 33.52 -82.22
CA GLY CA 47 34.69 32.79 -81.45
C GLY CA 47 35.00 31.31 -81.35
N GLN CA 48 35.44 30.70 -82.45
CA GLN CA 48 35.82 29.30 -82.44
C GLN CA 48 36.96 29.05 -81.47
N ALA CA 49 38.01 29.88 -81.55
CA ALA CA 49 39.17 29.68 -80.69
C ALA CA 49 38.80 29.86 -79.21
N ILE CA 50 38.01 30.89 -78.91
CA ILE CA 50 37.63 31.14 -77.52
C ILE CA 50 36.73 30.03 -77.01
N ALA CA 51 35.85 29.50 -77.87
CA ALA CA 51 35.02 28.37 -77.46
C ALA CA 51 35.88 27.15 -77.14
N ASN CA 52 36.90 26.90 -77.94
CA ASN CA 52 37.81 25.79 -77.65
C ASN CA 52 38.51 25.99 -76.31
N ARG CA 53 38.98 27.22 -76.05
CA ARG CA 53 39.63 27.49 -74.77
C ARG CA 53 38.67 27.26 -73.61
N PHE CA 54 37.42 27.71 -73.76
CA PHE CA 54 36.43 27.53 -72.69
C PHE CA 54 36.14 26.07 -72.47
N THR CA 55 36.03 25.29 -73.54
CA THR CA 55 35.79 23.85 -73.39
C THR CA 55 36.93 23.19 -72.64
N SER CA 56 38.18 23.54 -72.98
CA SER CA 56 39.32 22.98 -72.28
C SER CA 56 39.27 23.33 -70.80
N ASN CA 57 38.96 24.59 -70.48
CA ASN CA 57 38.89 24.99 -69.08
C ASN CA 57 37.79 24.24 -68.34
N ILE CA 58 36.63 24.07 -68.96
CA ILE CA 58 35.52 23.40 -68.30
C ILE CA 58 35.87 21.95 -67.98
N LYS CA 59 36.41 21.24 -68.97
CA LYS CA 59 36.75 19.83 -68.74
C LYS CA 59 37.83 19.72 -67.67
N GLY CA 60 38.85 20.57 -67.73
CA GLY CA 60 39.89 20.53 -66.73
C GLY CA 60 39.37 20.77 -65.33
N LEU CA 61 38.48 21.77 -65.17
CA LEU CA 61 37.97 22.08 -63.84
C LEU CA 61 37.08 20.96 -63.31
N THR CA 62 36.29 20.33 -64.18
CA THR CA 62 35.49 19.19 -63.72
C THR CA 62 36.39 18.07 -63.21
N GLN CA 63 37.44 17.74 -63.96
CA GLN CA 63 38.34 16.68 -63.52
C GLN CA 63 39.03 17.09 -62.22
N ALA CA 64 39.35 18.37 -62.07
CA ALA CA 64 39.99 18.85 -60.85
C ALA CA 64 39.06 18.68 -59.65
N ALA CA 65 37.76 18.94 -59.84
CA ALA CA 65 36.80 18.72 -58.77
C ALA CA 65 36.78 17.25 -58.36
N ARG CA 66 36.82 16.35 -59.35
CA ARG CA 66 36.87 14.93 -59.00
C ARG CA 66 38.13 14.59 -58.20
N ASN CA 67 39.27 15.15 -58.60
CA ASN CA 67 40.51 14.90 -57.86
C ASN CA 67 40.40 15.41 -56.42
N ALA CA 68 39.79 16.57 -56.23
CA ALA CA 68 39.61 17.09 -54.88
C ALA CA 68 38.73 16.18 -54.04
N ASN CA 69 37.68 15.62 -54.65
CA ASN CA 69 36.85 14.66 -53.93
C ASN CA 69 37.68 13.45 -53.49
N ASP CA 70 38.55 12.95 -54.37
CA ASP CA 70 39.42 11.84 -53.98
C ASP CA 70 40.30 12.22 -52.80
N GLY CA 71 40.84 13.44 -52.81
CA GLY CA 71 41.66 13.88 -51.68
C GLY CA 71 40.88 13.91 -50.37
N ILE CA 72 39.64 14.39 -50.43
CA ILE CA 72 38.79 14.38 -49.24
C ILE CA 72 38.60 12.96 -48.73
N SER CA 73 38.40 12.01 -49.64
CA SER CA 73 38.25 10.62 -49.22
C SER CA 73 39.51 10.13 -48.49
N VAL CA 74 40.67 10.46 -49.02
CA VAL CA 74 41.93 10.05 -48.39
C VAL CA 74 42.00 10.59 -46.97
N ALA CA 75 41.70 11.88 -46.82
CA ALA CA 75 41.76 12.50 -45.49
C ALA CA 75 40.79 11.82 -44.53
N GLN CA 76 39.58 11.51 -44.99
CA GLN CA 76 38.61 10.86 -44.12
C GLN CA 76 39.12 9.52 -43.62
N THR CA 77 39.67 8.71 -44.51
CA THR CA 77 40.16 7.39 -44.11
C THR CA 77 41.28 7.52 -43.08
N THR CA 78 42.24 8.41 -43.34
CA THR CA 78 43.34 8.58 -42.41
C THR CA 78 42.84 9.04 -41.05
N GLU CA 79 41.86 9.94 -41.04
CA GLU CA 79 41.37 10.46 -39.77
C GLU CA 79 40.62 9.39 -38.98
N GLY CA 80 39.90 8.50 -39.66
CA GLY CA 80 39.27 7.40 -38.95
C GLY CA 80 40.28 6.50 -38.27
N ALA CA 81 41.34 6.13 -38.99
CA ALA CA 81 42.39 5.33 -38.37
C ALA CA 81 43.00 6.05 -37.17
N LEU CA 82 43.20 7.37 -37.31
CA LEU CA 82 43.77 8.14 -36.21
C LEU CA 82 42.86 8.15 -35.00
N SER CA 83 41.55 8.25 -35.21
CA SER CA 83 40.62 8.24 -34.09
C SER CA 83 40.71 6.92 -33.33
N GLU CA 84 40.80 5.80 -34.06
CA GLU CA 84 40.96 4.53 -33.37
C GLU CA 84 42.25 4.50 -32.55
N ILE CA 85 43.35 5.00 -33.14
CA ILE CA 85 44.62 5.03 -32.40
C ILE CA 85 44.49 5.87 -31.13
N ASN CA 86 43.79 7.00 -31.23
CA ASN CA 86 43.62 7.87 -30.06
C ASN CA 86 42.83 7.17 -28.96
N ASN CA 87 41.78 6.44 -29.33
CA ASN CA 87 41.03 5.69 -28.32
C ASN CA 87 41.92 4.67 -27.62
N ASN CA 88 42.75 3.97 -28.39
CA ASN CA 88 43.67 3.02 -27.77
C ASN CA 88 44.63 3.71 -26.81
N LEU CA 89 45.16 4.87 -27.20
CA LEU CA 89 46.07 5.59 -26.32
C LEU CA 89 45.38 6.02 -25.02
N GLN CA 90 44.13 6.49 -25.12
CA GLN CA 90 43.41 6.89 -23.92
C GLN CA 90 43.25 5.71 -22.97
N ARG CA 91 42.89 4.53 -23.50
CA ARG CA 91 42.75 3.36 -22.65
C ARG CA 91 44.08 2.98 -22.02
N ILE CA 92 45.17 3.11 -22.78
CA ILE CA 92 46.49 2.81 -22.22
C ILE CA 92 46.80 3.73 -21.06
N ARG CA 93 46.48 5.02 -21.20
CA ARG CA 93 46.76 5.95 -20.11
C ARG CA 93 45.93 5.60 -18.87
N GLU CA 94 44.66 5.25 -19.06
CA GLU CA 94 43.86 4.85 -17.91
C GLU CA 94 44.46 3.64 -17.20
N LEU CA 95 44.92 2.65 -17.97
CA LEU CA 95 45.54 1.48 -17.37
C LEU CA 95 46.82 1.85 -16.63
N THR CA 96 47.60 2.78 -17.19
CA THR CA 96 48.81 3.22 -16.51
C THR CA 96 48.50 3.89 -15.19
N VAL CA 97 47.46 4.72 -15.17
CA VAL CA 97 47.05 5.36 -13.91
C VAL CA 97 46.65 4.31 -12.89
N GLN CA 98 45.95 3.26 -13.34
CA GLN CA 98 45.59 2.20 -12.41
C GLN CA 98 46.84 1.47 -11.90
N ALA CA 99 47.81 1.23 -12.77
CA ALA CA 99 48.98 0.45 -12.39
C ALA CA 99 49.90 1.22 -11.44
N THR CA 100 49.94 2.55 -11.57
CA THR CA 100 50.92 3.35 -10.83
C THR CA 100 50.74 3.27 -9.32
N THR CA 101 49.57 2.88 -8.83
CA THR CA 101 49.34 2.79 -7.40
C THR CA 101 50.23 1.72 -6.78
N GLY CA 102 50.75 2.01 -5.58
CA GLY CA 102 51.61 1.08 -4.89
C GLY CA 102 50.92 -0.07 -4.19
N THR CA 103 49.59 -0.10 -4.20
CA THR CA 103 48.88 -1.22 -3.60
C THR CA 103 48.95 -2.46 -4.48
N ASN CA 104 49.04 -2.28 -5.79
CA ASN CA 104 49.09 -3.40 -6.72
C ASN CA 104 50.32 -4.26 -6.45
N SER CA 105 50.16 -5.57 -6.62
CA SER CA 105 51.26 -6.50 -6.43
C SER CA 105 51.93 -6.82 -7.76
N ASP CA 106 52.93 -7.70 -7.72
CA ASP CA 106 53.71 -8.01 -8.92
C ASP CA 106 52.85 -8.67 -9.99
N SER CA 107 52.01 -9.63 -9.61
CA SER CA 107 51.16 -10.28 -10.60
C SER CA 107 50.16 -9.31 -11.21
N ASP CA 108 49.61 -8.41 -10.39
CA ASP CA 108 48.69 -7.41 -10.90
C ASP CA 108 49.37 -6.49 -11.90
N LEU CA 109 50.58 -6.04 -11.57
CA LEU CA 109 51.34 -5.21 -12.50
C LEU CA 109 51.64 -5.96 -13.79
N ASP CA 110 51.96 -7.26 -13.68
CA ASP CA 110 52.23 -8.05 -14.86
C ASP CA 110 51.02 -8.14 -15.77
N SER CA 111 49.84 -8.36 -15.19
CA SER CA 111 48.61 -8.42 -15.98
C SER CA 111 48.33 -7.08 -16.65
N ILE CA 112 48.49 -5.98 -15.91
CA ILE CA 112 48.23 -4.66 -16.49
C ILE CA 112 49.19 -4.39 -17.64
N GLN CA 113 50.47 -4.73 -17.46
CA GLN CA 113 51.42 -4.51 -18.53
C GLN CA 113 51.17 -5.42 -19.72
N ASP CA 114 50.62 -6.61 -19.47
CA ASP CA 114 50.23 -7.46 -20.60
C ASP CA 114 49.15 -6.79 -21.42
N GLU CA 115 48.15 -6.22 -20.76
CA GLU CA 115 47.11 -5.50 -21.50
C GLU CA 115 47.69 -4.31 -22.24
N ILE CA 116 48.63 -3.60 -21.61
CA ILE CA 116 49.27 -2.45 -22.24
C ILE CA 116 50.03 -2.88 -23.49
N LYS CA 117 50.78 -3.98 -23.39
CA LYS CA 117 51.53 -4.47 -24.54
C LYS CA 117 50.59 -4.88 -25.67
N SER CA 118 49.47 -5.51 -25.34
CA SER CA 118 48.51 -5.88 -26.37
C SER CA 118 47.98 -4.65 -27.08
N ARG CA 119 47.64 -3.60 -26.35
CA ARG CA 119 47.09 -2.42 -27.01
C ARG CA 119 48.15 -1.65 -27.80
N LEU CA 120 49.41 -1.65 -27.34
CA LEU CA 120 50.47 -1.08 -28.15
C LEU CA 120 50.65 -1.86 -29.45
N ASP CA 121 50.55 -3.19 -29.37
CA ASP CA 121 50.61 -4.01 -30.58
C ASP CA 121 49.47 -3.65 -31.52
N GLU CA 122 48.28 -3.39 -30.97
CA GLU CA 122 47.17 -2.97 -31.82
C GLU CA 122 47.46 -1.63 -32.49
N ILE CA 123 48.07 -0.69 -31.76
CA ILE CA 123 48.41 0.59 -32.37
C ILE CA 123 49.35 0.37 -33.55
N ASP CA 124 50.40 -0.41 -33.34
CA ASP CA 124 51.36 -0.67 -34.43
C ASP CA 124 50.69 -1.38 -35.59
N ARG CA 125 49.83 -2.35 -35.31
CA ARG CA 125 49.17 -3.11 -36.38
C ARG CA 125 48.28 -2.20 -37.21
N VAL CA 126 47.47 -1.37 -36.56
CA VAL CA 126 46.59 -0.46 -37.29
C VAL CA 126 47.41 0.49 -38.14
N SER CA 127 48.49 1.04 -37.57
CA SER CA 127 49.34 1.95 -38.31
C SER CA 127 49.93 1.27 -39.55
N GLY CA 128 50.43 0.05 -39.39
CA GLY CA 128 51.03 -0.64 -40.52
C GLY CA 128 50.03 -1.03 -41.58
N GLN CA 129 48.83 -1.45 -41.18
CA GLN CA 129 47.89 -2.06 -42.10
C GLN CA 129 46.89 -1.10 -42.71
N THR CA 130 46.73 0.10 -42.16
CA THR CA 130 45.83 1.06 -42.77
C THR CA 130 46.31 1.41 -44.17
N GLN CA 131 45.41 1.33 -45.15
CA GLN CA 131 45.81 1.48 -46.54
C GLN CA 131 44.68 2.12 -47.35
N PHE CA 132 45.06 2.98 -48.28
CA PHE CA 132 44.13 3.60 -49.22
C PHE CA 132 44.71 3.46 -50.62
N ASN CA 133 44.01 2.73 -51.48
CA ASN CA 133 44.40 2.58 -52.89
C ASN CA 133 45.84 2.08 -53.03
N GLY CA 134 46.22 1.14 -52.15
CA GLY CA 134 47.56 0.59 -52.19
C GLY CA 134 48.63 1.47 -51.59
N VAL CA 135 48.27 2.55 -50.91
CA VAL CA 135 49.22 3.45 -50.29
C VAL CA 135 49.07 3.35 -48.78
N ASN CA 136 50.16 3.03 -48.09
CA ASN CA 136 50.16 3.00 -46.63
C ASN CA 136 50.27 4.43 -46.14
N VAL CA 137 49.14 5.00 -45.74
CA VAL CA 137 49.09 6.43 -45.43
C VAL CA 137 49.86 6.74 -44.15
N LEU CA 138 49.75 5.87 -43.15
CA LEU CA 138 50.37 6.14 -41.85
C LEU CA 138 51.75 5.54 -41.70
N ALA CA 139 52.29 4.86 -42.71
CA ALA CA 139 53.59 4.24 -42.63
C ALA CA 139 54.70 5.06 -43.28
N LYS CA 140 54.39 6.25 -43.79
CA LYS CA 140 55.37 7.07 -44.47
C LYS CA 140 55.25 8.51 -43.99
N ASP CA 141 56.36 9.24 -44.06
CA ASP CA 141 56.42 10.64 -43.65
C ASP CA 141 56.43 11.58 -44.85
N GLY CA 142 55.82 11.19 -45.95
CA GLY CA 142 55.84 11.96 -47.17
C GLY CA 142 54.68 12.92 -47.31
N SER CA 143 54.34 13.21 -48.57
CA SER CA 143 53.24 14.12 -48.86
C SER CA 143 52.60 13.72 -50.18
N MET CA 144 51.36 14.15 -50.35
CA MET CA 144 50.59 13.90 -51.57
C MET CA 144 50.21 15.23 -52.21
N LYS CA 145 50.20 15.25 -53.53
CA LYS CA 145 49.84 16.44 -54.28
C LYS CA 145 48.53 16.20 -55.01
N ILE CA 146 47.61 17.15 -54.91
CA ILE CA 146 46.29 17.04 -55.52
C ILE CA 146 46.16 18.15 -56.55
N GLN CA 147 45.83 17.77 -57.77
CA GLN CA 147 45.61 18.73 -58.85
C GLN CA 147 44.23 19.35 -58.70
N VAL CA 148 44.19 20.67 -58.51
CA VAL CA 148 42.94 21.36 -58.22
C VAL CA 148 42.58 22.39 -59.28
N GLY CA 149 43.52 22.87 -60.09
CA GLY CA 149 43.22 23.77 -61.19
C GLY CA 149 43.29 23.07 -62.53
N ALA CA 150 43.15 23.87 -63.58
CA ALA CA 150 43.19 23.39 -64.95
C ALA CA 150 44.55 23.53 -65.60
N ASN CA 151 45.50 24.18 -64.94
CA ASN CA 151 46.85 24.36 -65.47
C ASN CA 151 47.85 23.72 -64.52
N ASP CA 152 49.13 23.82 -64.88
CA ASP CA 152 50.18 23.24 -64.06
C ASP CA 152 50.51 24.10 -62.85
N GLY CA 153 50.83 23.44 -61.74
CA GLY CA 153 51.19 24.13 -60.52
C GLY CA 153 50.04 24.37 -59.57
N GLU CA 154 48.80 24.11 -59.98
CA GLU CA 154 47.65 24.27 -59.10
C GLU CA 154 47.50 22.99 -58.28
N THR CA 155 48.28 22.92 -57.21
CA THR CA 155 48.32 21.72 -56.39
C THR CA 155 48.08 22.08 -54.93
N ILE CA 156 47.47 21.15 -54.21
CA ILE CA 156 47.34 21.22 -52.76
C ILE CA 156 48.05 20.03 -52.17
N THR CA 157 48.88 20.27 -51.16
CA THR CA 157 49.71 19.22 -50.58
C THR CA 157 49.13 18.77 -49.24
N ILE CA 158 48.98 17.46 -49.09
CA ILE CA 158 48.60 16.84 -47.83
C ILE CA 158 49.85 16.20 -47.24
N ASP CA 159 50.22 16.60 -46.04
CA ASP CA 159 51.38 16.04 -45.36
C ASP CA 159 50.99 14.84 -44.51
N LEU CA 160 51.76 13.77 -44.60
CA LEU CA 160 51.55 12.58 -43.80
C LEU CA 160 52.69 12.40 -42.80
N LYS CA 161 52.39 11.77 -41.68
CA LYS CA 161 53.39 11.50 -40.66
C LYS CA 161 53.41 10.02 -40.34
N LYS CA 162 54.61 9.49 -40.12
CA LYS CA 162 54.78 8.08 -39.77
C LYS CA 162 54.40 7.91 -38.32
N ILE CA 163 53.19 7.40 -38.07
CA ILE CA 163 52.66 7.22 -36.72
C ILE CA 163 52.81 5.76 -36.34
N ASP CA 164 53.60 5.51 -35.31
CA ASP CA 164 53.78 4.17 -34.76
C ASP CA 164 54.38 4.32 -33.37
N SER CA 165 54.86 3.20 -32.81
CA SER CA 165 55.48 3.27 -31.50
C SER CA 165 56.76 4.10 -31.53
N ASP CA 166 57.58 3.93 -32.56
CA ASP CA 166 58.89 4.57 -32.58
C ASP CA 166 58.77 6.09 -32.55
N THR CA 167 57.83 6.65 -33.30
CA THR CA 167 57.66 8.10 -33.33
C THR CA 167 56.83 8.63 -32.18
N LEU CA 168 56.30 7.76 -31.32
CA LEU CA 168 55.59 8.20 -30.12
C LEU CA 168 56.31 7.75 -28.85
N GLY CA 169 57.53 7.26 -28.96
CA GLY CA 169 58.22 6.76 -27.79
C GLY CA 169 57.66 5.42 -27.37
N LEU CA 170 57.43 5.27 -26.07
CA LEU CA 170 56.67 4.14 -25.53
C LEU CA 170 57.27 2.78 -25.88
N ASN CA 171 58.50 2.74 -26.41
CA ASN CA 171 59.06 1.47 -26.87
C ASN CA 171 59.20 0.48 -25.73
N GLY CA 172 60.07 0.77 -24.77
CA GLY CA 172 60.18 -0.06 -23.58
C GLY CA 172 59.29 0.49 -22.49
N PHE CA 173 57.97 0.39 -22.68
CA PHE CA 173 57.04 1.00 -21.74
C PHE CA 173 56.80 -0.01 -20.62
N ASN CA 174 57.83 -0.20 -19.78
CA ASN CA 174 58.00 -1.33 -18.87
C ASN CA 174 57.28 -1.22 -17.54
N VAL CA 175 56.10 -0.57 -17.50
CA VAL CA 175 55.42 -0.21 -16.26
C VAL CA 175 55.44 -1.33 -15.22
N ASN CA 176 55.58 -2.58 -15.65
CA ASN CA 176 55.73 -3.69 -14.72
C ASN CA 176 57.18 -3.89 -14.25
N GLY CA 177 58.04 -2.89 -14.39
CA GLY CA 177 59.45 -3.06 -14.09
C GLY CA 177 59.76 -3.06 -12.60
N LYS CA 178 60.88 -2.43 -12.24
CA LYS CA 178 61.29 -2.36 -10.83
C LYS CA 178 61.53 -0.93 -10.39
N GLY CA 179 61.84 -0.04 -11.34
CA GLY CA 179 62.10 1.32 -10.97
C GLY CA 179 63.41 1.47 -10.21
N THR CA 180 63.51 2.58 -9.48
CA THR CA 180 64.72 2.86 -8.71
C THR CA 180 64.91 1.82 -7.63
N ILE CA 181 66.06 1.17 -7.62
CA ILE CA 181 66.38 0.11 -6.67
C ILE CA 181 67.66 0.48 -5.94
N THR CA 182 67.66 0.31 -4.62
CA THR CA 182 68.85 0.59 -3.83
C THR CA 182 69.83 -0.56 -3.97
N ASN CA 183 71.09 -0.23 -4.25
CA ASN CA 183 72.11 -1.25 -4.47
C ASN CA 183 72.75 -1.66 -3.15
N LYS CA 184 73.20 -2.91 -3.11
CA LYS CA 184 73.77 -3.46 -1.89
C LYS CA 184 75.16 -2.89 -1.62
N ALA CA 185 75.54 -2.89 -0.36
CA ALA CA 185 76.83 -2.35 0.04
C ALA CA 185 77.97 -3.27 -0.36
N ALA CA 186 79.11 -2.67 -0.69
CA ALA CA 186 80.27 -3.43 -1.10
C ALA CA 186 80.91 -4.14 0.10
N THR CA 187 81.71 -5.15 -0.20
CA THR CA 187 82.41 -5.93 0.82
C THR CA 187 83.83 -6.21 0.36
N VAL CA 188 84.60 -6.88 1.22
CA VAL CA 188 85.99 -7.15 0.91
C VAL CA 188 86.12 -8.17 -0.22
N SER CA 189 85.19 -9.13 -0.31
CA SER CA 189 85.30 -10.17 -1.32
C SER CA 189 85.22 -9.59 -2.72
N ASP CA 190 84.18 -8.81 -3.01
CA ASP CA 190 84.09 -8.20 -4.33
C ASP CA 190 85.02 -7.01 -4.46
N LEU CA 191 85.46 -6.41 -3.35
CA LEU CA 191 86.52 -5.42 -3.43
C LEU CA 191 87.79 -6.02 -4.02
N THR CA 192 88.17 -7.21 -3.56
CA THR CA 192 89.32 -7.90 -4.12
C THR CA 192 89.01 -8.44 -5.51
N SER CA 193 87.76 -8.85 -5.75
CA SER CA 193 87.39 -9.32 -7.08
C SER CA 193 87.55 -8.22 -8.12
N ALA CA 194 87.29 -6.96 -7.74
CA ALA CA 194 87.51 -5.85 -8.65
C ALA CA 194 88.97 -5.63 -8.99
N GLY CA 195 89.89 -6.23 -8.24
CA GLY CA 195 91.31 -6.11 -8.50
C GLY CA 195 92.12 -5.32 -7.49
N ALA CA 196 91.51 -4.91 -6.39
CA ALA CA 196 92.24 -4.13 -5.39
C ALA CA 196 93.24 -5.00 -4.65
N LYS CA 197 94.43 -4.43 -4.39
CA LYS CA 197 95.45 -5.11 -3.62
C LYS CA 197 95.36 -4.69 -2.15
N LEU CA 198 96.07 -5.42 -1.29
CA LEU CA 198 96.08 -5.17 0.14
C LEU CA 198 97.39 -4.48 0.52
N ASN CA 199 97.29 -3.29 1.11
CA ASN CA 199 98.46 -2.53 1.52
C ASN CA 199 98.80 -2.93 2.96
N THR CA 200 99.88 -3.68 3.11
CA THR CA 200 100.19 -4.28 4.42
C THR CA 200 100.55 -3.24 5.46
N THR CA 201 101.23 -2.16 5.07
CA THR CA 201 101.69 -1.19 6.07
C THR CA 201 100.54 -0.46 6.73
N THR CA 202 99.40 -0.35 6.06
CA THR CA 202 98.23 0.30 6.62
C THR CA 202 97.02 -0.60 6.77
N GLY CA 203 97.00 -1.75 6.10
CA GLY CA 203 95.87 -2.65 6.17
C GLY CA 203 94.71 -2.30 5.26
N LEU CA 204 94.80 -1.20 4.52
CA LEU CA 204 93.74 -0.77 3.64
C LEU CA 204 93.83 -1.51 2.31
N TYR CA 205 92.87 -1.23 1.43
CA TYR CA 205 92.83 -1.84 0.11
C TYR CA 205 93.00 -0.77 -0.96
N ASP CA 206 94.00 -0.94 -1.81
CA ASP CA 206 94.32 0.04 -2.83
C ASP CA 206 93.80 -0.44 -4.18
N LEU CA 207 92.99 0.39 -4.84
CA LEU CA 207 92.50 0.12 -6.18
C LEU CA 207 93.08 1.18 -7.11
N LYS CA 208 93.79 0.72 -8.14
CA LYS CA 208 94.47 1.60 -9.09
C LYS CA 208 93.77 1.48 -10.44
N THR CA 209 93.35 2.62 -10.98
CA THR CA 209 92.57 2.67 -12.22
C THR CA 209 93.47 3.23 -13.33
N GLU CA 210 93.92 2.34 -14.21
CA GLU CA 210 94.76 2.75 -15.33
C GLU CA 210 93.92 3.45 -16.39
N ASN CA 211 94.59 4.26 -17.20
CA ASN CA 211 93.98 4.95 -18.33
C ASN CA 211 94.75 4.62 -19.59
N THR CA 212 94.02 4.35 -20.68
CA THR CA 212 94.66 4.11 -21.96
C THR CA 212 95.16 5.43 -22.54
N LEU CA 213 96.37 5.39 -23.10
CA LEU CA 213 96.98 6.59 -23.64
C LEU CA 213 96.25 7.04 -24.90
N LEU CA 214 96.22 8.35 -25.11
CA LEU CA 214 95.45 8.92 -26.22
C LEU CA 214 95.96 8.41 -27.56
N THR CA 215 95.03 8.19 -28.49
CA THR CA 215 95.36 7.65 -29.80
C THR CA 215 94.82 8.59 -30.90
N THR CA 216 95.39 8.41 -32.09
CA THR CA 216 95.05 9.29 -33.20
C THR CA 216 93.59 9.13 -33.61
N ASP CA 217 93.05 7.91 -33.57
CA ASP CA 217 91.64 7.72 -33.92
C ASP CA 217 90.72 8.43 -32.94
N ALA CA 218 91.02 8.33 -31.63
CA ALA CA 218 90.23 9.04 -30.63
C ALA CA 218 90.35 10.54 -30.81
N ALA CA 219 91.56 11.03 -31.13
CA ALA CA 219 91.73 12.45 -31.39
C ALA CA 219 90.90 12.90 -32.59
N PHE CA 220 90.87 12.09 -33.65
CA PHE CA 220 90.07 12.43 -34.81
C PHE CA 220 88.58 12.43 -34.49
N ASP CA 221 88.14 11.50 -33.64
CA ASP CA 221 86.75 11.50 -33.19
C ASP CA 221 86.44 12.78 -32.41
N LYS CA 222 87.39 13.23 -31.58
CA LYS CA 222 87.20 14.45 -30.81
C LYS CA 222 87.50 15.71 -31.60
N LEU CA 223 87.93 15.59 -32.84
CA LEU CA 223 88.25 16.77 -33.65
C LEU CA 223 87.01 17.61 -33.90
N GLY CA 224 87.21 18.93 -33.96
CA GLY CA 224 86.13 19.86 -34.21
C GLY CA 224 86.49 20.82 -35.34
N ASN CA 225 85.57 21.74 -35.59
CA ASN CA 225 85.76 22.72 -36.65
C ASN CA 225 86.91 23.67 -36.31
N GLY CA 226 87.72 24.01 -37.30
CA GLY CA 226 88.84 24.89 -37.12
C GLY CA 226 90.08 24.26 -36.53
N ASP CA 227 90.07 22.95 -36.29
CA ASP CA 227 91.22 22.28 -35.72
C ASP CA 227 92.34 22.16 -36.75
N LYS CA 228 93.57 22.10 -36.24
CA LYS CA 228 94.77 22.03 -37.09
C LYS CA 228 95.52 20.76 -36.80
N VAL CA 229 95.84 20.01 -37.85
CA VAL CA 229 96.64 18.79 -37.75
C VAL CA 229 97.85 18.96 -38.66
N THR CA 230 99.04 18.91 -38.07
CA THR CA 230 100.28 19.07 -38.82
C THR CA 230 101.09 17.79 -38.70
N VAL CA 231 101.17 17.03 -39.80
CA VAL CA 231 101.91 15.78 -39.84
C VAL CA 231 102.88 15.83 -41.02
N GLY CA 232 104.14 15.48 -40.76
CA GLY CA 232 105.15 15.52 -41.81
C GLY CA 232 105.39 16.90 -42.37
N GLY CA 233 105.23 17.94 -41.56
CA GLY CA 233 105.41 19.30 -42.03
C GLY CA 233 104.29 19.84 -42.88
N VAL CA 234 103.17 19.13 -42.98
CA VAL CA 234 102.03 19.54 -43.80
C VAL CA 234 100.87 19.85 -42.88
N ASP CA 235 100.28 21.03 -43.04
CA ASP CA 235 99.21 21.51 -42.17
C ASP CA 235 97.87 21.28 -42.86
N TYR CA 236 96.91 20.74 -42.10
CA TYR CA 236 95.56 20.48 -42.58
C TYR CA 236 94.58 21.12 -41.60
N THR CA 237 93.54 21.75 -42.13
CA THR CA 237 92.52 22.40 -41.32
C THR CA 237 91.22 21.61 -41.43
N TYR CA 238 90.69 21.16 -40.30
CA TYR CA 238 89.46 20.38 -40.30
C TYR CA 238 88.26 21.27 -40.61
N ASN CA 239 87.26 20.67 -41.25
CA ASN CA 239 86.04 21.37 -41.66
C ASN CA 239 84.84 20.69 -41.02
N ALA CA 240 83.90 21.51 -40.56
CA ALA CA 240 82.68 20.99 -39.96
C ALA CA 240 81.66 20.49 -40.99
N LYS CA 241 81.78 20.94 -42.24
CA LYS CA 241 80.81 20.54 -43.25
C LYS CA 241 80.87 19.04 -43.51
N SER CA 242 82.07 18.48 -43.56
CA SER CA 242 82.24 17.05 -43.80
C SER CA 242 83.56 16.61 -43.20
N GLY CA 243 83.72 15.30 -43.07
CA GLY CA 243 84.93 14.74 -42.48
C GLY CA 243 86.12 14.79 -43.41
N ASP CA 244 86.62 16.00 -43.69
CA ASP CA 244 87.75 16.16 -44.59
C ASP CA 244 88.60 17.33 -44.13
N PHE CA 245 89.82 17.38 -44.64
CA PHE CA 245 90.79 18.41 -44.33
C PHE CA 245 91.00 19.31 -45.55
N THR CA 246 91.15 20.61 -45.29
CA THR CA 246 91.52 21.58 -46.31
C THR CA 246 92.95 22.03 -46.05
N THR CA 247 93.79 21.95 -47.07
CA THR CA 247 95.19 22.31 -46.95
C THR CA 247 95.57 23.24 -48.09
N THR CA 248 96.67 23.97 -47.90
CA THR CA 248 97.18 24.87 -48.92
C THR CA 248 98.39 24.23 -49.59
N LYS CA 249 98.27 23.95 -50.87
CA LYS CA 249 99.36 23.38 -51.66
C LYS CA 249 99.96 24.48 -52.53
N SER CA 250 101.25 24.75 -52.34
CA SER CA 250 101.92 25.83 -53.03
C SER CA 250 103.28 25.37 -53.48
N THR CA 251 103.84 26.11 -54.43
CA THR CA 251 105.17 25.81 -54.96
C THR CA 251 106.24 25.91 -53.87
N ALA CA 258 117.37 31.97 -57.70
CA ALA CA 258 116.76 32.00 -59.03
C ALA CA 258 117.33 30.90 -59.92
N ALA CA 259 118.66 30.83 -60.02
CA ALA CA 259 119.33 29.83 -60.82
C ALA CA 259 119.49 28.51 -60.09
N ALA CA 260 119.06 28.43 -58.83
CA ALA CA 260 119.16 27.20 -58.05
C ALA CA 260 118.02 26.26 -58.44
N GLN CA 261 117.83 25.19 -57.66
CA GLN CA 261 116.79 24.23 -57.93
C GLN CA 261 115.38 24.77 -57.69
N ALA CA 262 115.26 25.95 -57.09
CA ALA CA 262 113.93 26.48 -56.75
C ALA CA 262 113.10 26.71 -58.00
N ALA CA 263 113.68 27.39 -59.00
CA ALA CA 263 112.93 27.68 -60.22
C ALA CA 263 112.62 26.39 -60.99
N ASP CA 264 113.56 25.45 -61.02
CA ASP CA 264 113.31 24.18 -61.68
C ASP CA 264 112.16 23.43 -61.00
N SER CA 265 112.15 23.42 -59.67
CA SER CA 265 111.06 22.78 -58.95
C SER CA 265 109.73 23.49 -59.20
N ALA CA 266 109.75 24.82 -59.28
CA ALA CA 266 108.53 25.56 -59.58
C ALA CA 266 107.99 25.17 -60.95
N SER CA 267 108.87 25.11 -61.96
CA SER CA 267 108.43 24.73 -63.29
C SER CA 267 107.91 23.31 -63.32
N LYS CA 268 108.58 22.38 -62.63
CA LYS CA 268 108.13 21.00 -62.61
C LYS CA 268 106.78 20.87 -61.92
N ARG CA 269 106.57 21.61 -60.83
CA ARG CA 269 105.30 21.57 -60.12
C ARG CA 269 104.17 22.14 -60.99
N ASP CA 270 104.45 23.25 -61.69
CA ASP CA 270 103.45 23.79 -62.59
C ASP CA 270 103.12 22.81 -63.70
N ALA CA 271 104.15 22.14 -64.24
CA ALA CA 271 103.92 21.17 -65.31
C ALA CA 271 103.09 19.98 -64.82
N LEU CA 272 103.41 19.47 -63.62
CA LEU CA 272 102.65 18.33 -63.11
C LEU CA 272 101.20 18.72 -62.80
N ALA CA 273 100.99 19.92 -62.27
CA ALA CA 273 99.62 20.38 -62.05
C ALA CA 273 98.86 20.51 -63.37
N ALA CA 274 99.53 21.03 -64.40
CA ALA CA 274 98.90 21.14 -65.71
C ALA CA 274 98.55 19.76 -66.26
N THR CA 275 99.45 18.79 -66.12
CA THR CA 275 99.14 17.45 -66.59
C THR CA 275 97.97 16.84 -65.82
N LEU CA 276 97.92 17.09 -64.51
CA LEU CA 276 96.82 16.58 -63.70
C LEU CA 276 95.48 17.18 -64.13
N HIS CA 277 95.47 18.48 -64.44
CA HIS CA 277 94.24 19.12 -64.88
C HIS CA 277 93.93 18.91 -66.35
N ALA CA 278 94.86 18.33 -67.11
CA ALA CA 278 94.61 18.08 -68.53
C ALA CA 278 93.41 17.17 -68.72
N ASP CA 279 93.29 16.13 -67.90
CA ASP CA 279 92.16 15.20 -68.00
C ASP CA 279 90.95 15.82 -67.33
N VAL CA 280 89.95 16.21 -68.11
CA VAL CA 280 88.74 16.83 -67.62
C VAL CA 280 87.48 16.10 -68.08
N GLY CA 281 87.64 14.90 -68.62
CA GLY CA 281 86.49 14.20 -69.20
C GLY CA 281 86.00 14.92 -70.43
N LYS CA 282 84.85 15.57 -70.32
CA LYS CA 282 84.33 16.42 -71.38
C LYS CA 282 84.74 17.87 -71.11
N SER CA 283 84.16 18.79 -71.88
CA SER CA 283 84.52 20.20 -71.76
C SER CA 283 84.15 20.73 -70.38
N VAL CA 284 85.02 21.59 -69.84
CA VAL CA 284 84.80 22.20 -68.53
C VAL CA 284 85.02 23.71 -68.65
N ASN CA 285 84.53 24.45 -67.65
CA ASN CA 285 84.64 25.90 -67.67
C ASN CA 285 85.76 26.37 -66.76
N GLY CA 286 86.32 27.52 -67.09
CA GLY CA 286 87.33 28.15 -66.24
C GLY CA 286 87.33 29.65 -66.47
N SER CA 287 87.86 30.38 -65.49
CA SER CA 287 87.93 31.83 -65.55
C SER CA 287 89.33 32.29 -65.20
N TYR CA 288 89.97 32.98 -66.15
CA TYR CA 288 91.32 33.53 -65.94
C TYR CA 288 91.20 35.05 -65.90
N THR CA 289 91.69 35.66 -64.83
CA THR CA 289 91.58 37.10 -64.68
C THR CA 289 92.94 37.68 -64.28
N THR CA 290 93.33 38.74 -64.96
CA THR CA 290 94.50 39.52 -64.60
C THR CA 290 94.07 40.66 -63.68
N LYS CA 291 94.98 41.61 -63.44
CA LYS CA 291 94.66 42.74 -62.59
C LYS CA 291 93.62 43.65 -63.23
N ASP CA 292 93.42 43.55 -64.55
CA ASP CA 292 92.57 44.49 -65.27
C ASP CA 292 91.41 43.86 -66.02
N GLY CA 293 91.43 42.55 -66.27
CA GLY CA 293 90.42 41.94 -67.11
C GLY CA 293 90.06 40.54 -66.66
N THR CA 294 88.96 40.05 -67.21
CA THR CA 294 88.45 38.72 -66.93
C THR CA 294 88.15 38.02 -68.26
N VAL CA 295 88.48 36.73 -68.34
CA VAL CA 295 88.23 35.92 -69.53
C VAL CA 295 87.63 34.60 -69.08
N SER CA 296 86.58 34.16 -69.77
CA SER CA 296 85.96 32.86 -69.53
C SER CA 296 86.34 31.93 -70.67
N PHE CA 297 86.97 30.80 -70.33
CA PHE CA 297 87.50 29.89 -71.33
C PHE CA 297 87.01 28.47 -71.06
N GLU CA 298 86.71 27.75 -72.15
CA GLU CA 298 86.23 26.38 -72.07
C GLU CA 298 87.40 25.44 -72.31
N THR CA 299 87.87 24.80 -71.25
CA THR CA 299 88.94 23.81 -71.36
C THR CA 299 88.38 22.53 -71.97
N ASP CA 300 89.16 21.92 -72.84
CA ASP CA 300 88.78 20.69 -73.53
C ASP CA 300 89.54 19.51 -72.95
N SER CA 301 89.15 18.32 -73.39
CA SER CA 301 89.83 17.10 -72.96
C SER CA 301 91.27 17.10 -73.44
N ALA CA 302 92.14 16.49 -72.63
CA ALA CA 302 93.58 16.38 -72.85
C ALA CA 302 94.29 17.73 -72.82
N GLY CA 303 93.58 18.81 -72.50
CA GLY CA 303 94.21 20.10 -72.35
C GLY CA 303 94.14 20.99 -73.57
N ASN CA 304 93.26 21.99 -73.55
CA ASN CA 304 93.14 22.94 -74.63
C ASN CA 304 92.42 24.17 -74.11
N ILE CA 305 92.55 25.27 -74.87
CA ILE CA 305 91.93 26.54 -74.52
C ILE CA 305 90.97 26.92 -75.65
N THR CA 306 89.73 27.23 -75.28
CA THR CA 306 88.70 27.56 -76.26
C THR CA 306 87.79 28.63 -75.69
N ILE CA 307 87.63 29.72 -76.44
CA ILE CA 307 86.73 30.80 -76.07
C ILE CA 307 85.75 31.02 -77.22
N GLY CA 308 84.46 31.05 -76.90
CA GLY CA 308 83.44 31.33 -77.90
C GLY CA 308 83.41 30.34 -79.05
N GLY CA 309 83.70 29.08 -78.78
CA GLY CA 309 83.69 28.06 -79.81
C GLY CA 309 84.90 28.07 -80.72
N SER CA 310 85.90 28.91 -80.43
CA SER CA 310 87.10 28.99 -81.25
C SER CA 310 88.32 28.82 -80.37
N GLN CA 311 89.38 28.24 -80.95
CA GLN CA 311 90.61 28.04 -80.21
C GLN CA 311 91.25 29.38 -79.87
N ALA CA 312 91.70 29.51 -78.63
CA ALA CA 312 92.28 30.75 -78.13
C ALA CA 312 93.78 30.57 -77.91
N TYR CA 313 94.52 31.67 -78.06
CA TYR CA 313 95.96 31.68 -77.92
C TYR CA 313 96.36 32.60 -76.79
N VAL CA 314 97.44 32.24 -76.10
CA VAL CA 314 97.90 32.98 -74.92
C VAL CA 314 99.05 33.90 -75.33
N ASP CA 315 98.98 35.15 -74.90
CA ASP CA 315 100.03 36.12 -75.19
C ASP CA 315 101.27 35.80 -74.36
N ASP CA 316 102.42 36.29 -74.85
CA ASP CA 316 103.67 36.04 -74.15
C ASP CA 316 103.67 36.67 -72.76
N ALA CA 317 103.12 37.88 -72.64
CA ALA CA 317 103.04 38.54 -71.34
C ALA CA 317 102.05 37.86 -70.40
N GLY CA 318 101.17 37.03 -70.92
CA GLY CA 318 100.19 36.31 -70.12
C GLY CA 318 98.74 36.58 -70.49
N ASN CA 319 98.47 37.51 -71.40
CA ASN CA 319 97.11 37.79 -71.80
C ASN CA 319 96.54 36.66 -72.64
N LEU CA 320 95.22 36.54 -72.65
CA LEU CA 320 94.52 35.52 -73.42
C LEU CA 320 93.70 36.20 -74.52
N THR CA 321 93.87 35.72 -75.75
CA THR CA 321 93.19 36.30 -76.90
C THR CA 321 92.76 35.20 -77.85
N THR CA 322 91.78 35.52 -78.69
CA THR CA 322 91.24 34.57 -79.64
C THR CA 322 91.94 34.58 -81.00
N ASN CA 323 92.86 35.51 -81.22
CA ASN CA 323 93.58 35.61 -82.49
C ASN CA 323 95.07 35.66 -82.22
N ASN CA 324 95.84 35.02 -83.10
CA ASN CA 324 97.29 34.95 -82.94
C ASN CA 324 97.94 36.23 -83.44
N ALA CA 325 98.93 36.70 -82.68
CA ALA CA 325 99.70 37.88 -83.05
C ALA CA 325 101.18 37.58 -82.86
N GLY CA 326 101.98 37.92 -83.87
CA GLY CA 326 103.40 37.66 -83.80
C GLY CA 326 103.80 36.21 -83.90
N SER CA 327 102.93 35.37 -84.46
CA SER CA 327 103.20 33.94 -84.64
C SER CA 327 103.56 33.27 -83.32
N ALA CA 328 102.88 33.68 -82.24
CA ALA CA 328 103.08 33.13 -80.90
C ALA CA 328 101.70 32.75 -80.36
N ALA CA 329 101.25 31.54 -80.69
CA ALA CA 329 99.92 31.07 -80.32
C ALA CA 329 99.95 30.16 -79.09
N LYS CA 330 100.70 29.06 -79.18
CA LYS CA 330 100.87 28.08 -78.11
C LYS CA 330 99.56 27.83 -77.35
N ALA CA 331 98.55 27.40 -78.11
CA ALA CA 331 97.20 27.20 -77.57
C ALA CA 331 97.18 25.93 -76.72
N ASP CA 332 97.70 26.05 -75.50
CA ASP CA 332 97.70 24.95 -74.56
C ASP CA 332 97.60 25.50 -73.14
N MET CA 333 96.92 24.74 -72.27
CA MET CA 333 96.76 25.18 -70.89
C MET CA 333 98.07 25.09 -70.12
N LYS CA 334 98.92 24.11 -70.44
CA LYS CA 334 100.25 24.06 -69.83
C LYS CA 334 101.07 25.28 -70.21
N ALA CA 335 101.01 25.67 -71.49
CA ALA CA 335 101.70 26.88 -71.93
C ALA CA 335 101.12 28.11 -71.25
N LEU CA 336 99.79 28.15 -71.07
CA LEU CA 336 99.17 29.26 -70.37
C LEU CA 336 99.68 29.36 -68.93
N LEU CA 337 99.75 28.22 -68.24
CA LEU CA 337 100.26 28.22 -66.87
C LEU CA 337 101.71 28.66 -66.80
N LYS CA 338 102.54 28.17 -67.74
CA LYS CA 338 103.94 28.57 -67.75
C LYS CA 338 104.08 30.06 -68.02
N ALA CA 339 103.30 30.59 -68.97
CA ALA CA 339 103.36 32.01 -69.26
C ALA CA 339 102.91 32.86 -68.08
N ALA CA 340 101.85 32.42 -67.39
CA ALA CA 340 101.39 33.14 -66.21
C ALA CA 340 102.46 33.12 -65.11
N SER CA 341 103.08 31.95 -64.90
CA SER CA 341 104.11 31.85 -63.85
C SER CA 341 105.31 32.73 -64.18
N GLU CA 342 105.75 32.73 -65.44
CA GLU CA 342 106.92 33.50 -65.82
C GLU CA 342 106.60 34.95 -66.17
N GLY CA 343 105.33 35.35 -66.12
CA GLY CA 343 104.97 36.70 -66.48
C GLY CA 343 105.44 37.73 -65.48
N SER CA 344 105.48 38.98 -65.94
CA SER CA 344 105.87 40.07 -65.06
C SER CA 344 104.85 40.30 -63.96
N ASP CA 345 103.57 40.13 -64.27
CA ASP CA 345 102.49 40.38 -63.32
C ASP CA 345 101.70 39.11 -63.08
N GLY CA 346 101.32 38.88 -61.82
CA GLY CA 346 100.54 37.73 -61.47
C GLY CA 346 99.07 37.86 -61.83
N ALA CA 347 98.38 36.72 -61.81
CA ALA CA 347 96.97 36.67 -62.14
C ALA CA 347 96.29 35.59 -61.31
N SER CA 348 94.97 35.54 -61.40
CA SER CA 348 94.15 34.58 -60.67
C SER CA 348 93.39 33.69 -61.64
N LEU CA 349 93.48 32.39 -61.44
CA LEU CA 349 92.84 31.42 -62.33
C LEU CA 349 91.95 30.49 -61.52
N THR CA 350 90.68 30.43 -61.90
CA THR CA 350 89.68 29.63 -61.20
C THR CA 350 89.20 28.52 -62.12
N PHE CA 351 89.28 27.28 -61.64
CA PHE CA 351 88.78 26.12 -62.36
C PHE CA 351 87.32 25.89 -61.99
N ASN CA 352 86.77 24.73 -62.33
CA ASN CA 352 85.38 24.44 -62.04
C ASN CA 352 85.09 24.53 -60.55
N GLY CA 353 85.88 23.84 -59.74
CA GLY CA 353 85.65 23.82 -58.30
C GLY CA 353 86.60 24.66 -57.49
N THR CA 354 87.89 24.60 -57.81
CA THR CA 354 88.92 25.24 -57.01
C THR CA 354 89.43 26.51 -57.69
N GLU CA 355 90.18 27.30 -56.92
CA GLU CA 355 90.79 28.54 -57.40
C GLU CA 355 92.29 28.45 -57.23
N TYR CA 356 93.03 28.90 -58.24
CA TYR CA 356 94.48 28.85 -58.25
C TYR CA 356 95.02 30.27 -58.34
N THR CA 357 96.01 30.58 -57.49
CA THR CA 357 96.63 31.89 -57.47
C THR CA 357 98.07 31.78 -57.94
N ILE CA 358 98.46 32.69 -58.84
CA ILE CA 358 99.77 32.67 -59.47
C ILE CA 358 100.61 33.78 -58.86
N ALA CA 359 101.76 33.42 -58.31
CA ALA CA 359 102.66 34.39 -57.71
C ALA CA 359 103.34 35.22 -58.79
N LYS CA 360 103.60 36.49 -58.48
CA LYS CA 360 104.25 37.40 -59.40
C LYS CA 360 105.68 36.95 -59.71
N GLY CA 376 105.38 30.88 -58.96
CA GLY CA 376 104.81 29.79 -58.18
C GLY CA 376 103.30 29.72 -58.26
N ILE CA 377 102.73 28.59 -57.89
CA ILE CA 377 101.29 28.38 -57.90
C ILE CA 377 100.85 27.97 -56.51
N THR CA 378 99.70 28.48 -56.07
CA THR CA 378 99.10 28.06 -54.81
C THR CA 378 97.62 27.78 -55.00
N TYR CA 379 97.10 26.83 -54.23
CA TYR CA 379 95.70 26.44 -54.33
C TYR CA 379 95.28 25.71 -53.07
N GLN CA 380 94.01 25.88 -52.73
CA GLN CA 380 93.44 25.27 -51.52
C GLN CA 380 92.90 23.90 -51.88
N ALA CA 381 93.75 22.87 -51.72
CA ALA CA 381 93.32 21.51 -52.00
C ALA CA 381 92.54 20.94 -50.82
N THR CA 382 91.75 19.91 -51.10
CA THR CA 382 90.99 19.20 -50.09
C THR CA 382 91.37 17.73 -50.13
N VAL CA 383 91.74 17.18 -48.97
CA VAL CA 383 92.11 15.78 -48.84
C VAL CA 383 91.35 15.19 -47.66
N SER CA 384 90.84 13.98 -47.82
CA SER CA 384 90.05 13.36 -46.79
C SER CA 384 90.88 13.11 -45.53
N LYS CA 385 90.22 13.20 -44.37
CA LYS CA 385 90.89 12.98 -43.10
C LYS CA 385 91.34 11.53 -42.94
N ASP CA 386 90.76 10.60 -43.70
CA ASP CA 386 91.18 9.21 -43.63
C ASP CA 386 92.64 9.05 -44.03
N VAL CA 387 93.05 9.73 -45.11
CA VAL CA 387 94.43 9.67 -45.54
C VAL CA 387 95.36 10.22 -44.47
N VAL CA 388 94.98 11.34 -43.86
CA VAL CA 388 95.83 11.96 -42.85
C VAL CA 388 95.98 11.06 -41.64
N LEU CA 389 94.86 10.50 -41.16
CA LEU CA 389 94.94 9.62 -39.99
C LEU CA 389 95.73 8.35 -40.31
N SER CA 390 95.55 7.80 -41.51
CA SER CA 390 96.29 6.60 -41.87
C SER CA 390 97.79 6.86 -41.95
N GLU CA 391 98.18 7.98 -42.56
CA GLU CA 391 99.60 8.28 -42.68
C GLU CA 391 100.21 8.65 -41.32
N THR CA 392 99.42 9.23 -40.42
CA THR CA 392 99.91 9.50 -39.08
C THR CA 392 100.08 8.19 -38.30
N LYS CA 393 99.13 7.26 -38.43
CA LYS CA 393 99.18 6.05 -37.64
C LYS CA 393 100.25 5.08 -38.15
N ALA CA 394 100.35 4.91 -39.46
CA ALA CA 394 101.22 3.88 -40.01
C ALA CA 394 102.69 4.23 -39.83
N ALA CA 395 103.07 5.46 -40.14
CA ALA CA 395 104.46 5.87 -40.14
C ALA CA 395 104.89 6.37 -38.77
N ALA CA 396 106.19 6.29 -38.50
CA ALA CA 396 106.76 6.76 -37.24
C ALA CA 396 107.09 8.26 -37.35
N ALA CA 397 106.04 9.04 -37.60
CA ALA CA 397 106.17 10.47 -37.77
C ALA CA 397 105.94 11.19 -36.44
N THR CA 398 105.98 12.52 -36.48
CA THR CA 398 105.77 13.37 -35.31
C THR CA 398 104.66 14.38 -35.67
N SER CA 399 103.42 14.01 -35.38
CA SER CA 399 102.28 14.84 -35.70
C SER CA 399 101.94 15.79 -34.55
N SER CA 400 101.21 16.84 -34.86
CA SER CA 400 100.72 17.79 -33.87
C SER CA 400 99.25 18.05 -34.11
N ILE CA 401 98.45 17.96 -33.05
CA ILE CA 401 97.00 18.15 -33.13
C ILE CA 401 96.63 19.31 -32.22
N THR CA 402 95.85 20.26 -32.75
CA THR CA 402 95.43 21.43 -31.99
C THR CA 402 93.92 21.40 -31.83
N PHE CA 403 93.46 21.46 -30.60
CA PHE CA 403 92.05 21.57 -30.27
C PHE CA 403 91.74 23.02 -29.95
N ASN CA 404 90.75 23.59 -30.64
CA ASN CA 404 90.34 24.97 -30.46
C ASN CA 404 88.83 25.00 -30.22
N SER CA 405 88.43 25.64 -29.12
CA SER CA 405 87.02 25.89 -28.83
C SER CA 405 86.59 27.27 -29.28
N GLY CA 406 87.43 27.99 -30.02
CA GLY CA 406 87.19 29.35 -30.40
C GLY CA 406 87.89 30.36 -29.50
N VAL CA 407 88.13 29.99 -28.25
CA VAL CA 407 88.87 30.82 -27.31
C VAL CA 407 90.04 30.06 -26.71
N LEU CA 408 89.80 28.83 -26.25
CA LEU CA 408 90.80 28.03 -25.57
C LEU CA 408 91.45 27.08 -26.55
N SER CA 409 92.77 27.00 -26.52
CA SER CA 409 93.54 26.22 -27.48
C SER CA 409 94.52 25.31 -26.75
N LYS CA 410 94.66 24.08 -27.24
CA LYS CA 410 95.65 23.15 -26.73
C LYS CA 410 96.31 22.41 -27.88
N THR CA 411 97.64 22.32 -27.83
CA THR CA 411 98.42 21.63 -28.85
C THR CA 411 99.07 20.40 -28.22
N ILE CA 412 98.88 19.24 -28.84
CA ILE CA 412 99.38 17.97 -28.33
C ILE CA 412 100.23 17.31 -29.41
N GLY CA 413 101.43 16.89 -29.03
CA GLY CA 413 102.29 16.15 -29.94
C GLY CA 413 101.97 14.66 -29.89
N PHE CA 414 102.14 14.00 -31.04
CA PHE CA 414 101.80 12.60 -31.20
C PHE CA 414 102.92 11.87 -31.94
N THR CA 415 103.31 10.72 -31.41
CA THR CA 415 104.18 9.79 -32.12
C THR CA 415 103.30 8.84 -32.94
N ALA CA 416 103.86 7.72 -33.39
CA ALA CA 416 103.14 6.79 -34.26
C ALA CA 416 102.07 6.07 -33.44
N GLY CA 417 100.95 6.76 -33.23
CA GLY CA 417 99.81 6.21 -32.53
C GLY CA 417 99.66 6.64 -31.09
N GLU CA 418 100.69 7.22 -30.50
CA GLU CA 418 100.68 7.64 -29.11
C GLU CA 418 101.15 9.08 -29.01
N SER CA 419 101.22 9.58 -27.79
CA SER CA 419 101.71 10.94 -27.51
C SER CA 419 103.06 10.83 -26.81
N SER CA 420 104.07 11.47 -27.38
CA SER CA 420 105.42 11.44 -26.84
C SER CA 420 105.90 12.83 -26.42
N ASP CA 421 104.99 13.78 -26.23
CA ASP CA 421 105.35 15.16 -25.94
C ASP CA 421 105.54 15.42 -24.45
N ALA CA 422 105.87 14.38 -23.67
CA ALA CA 422 106.03 14.49 -22.22
C ALA CA 422 104.76 14.99 -21.56
N ALA CA 423 103.61 14.73 -22.18
CA ALA CA 423 102.31 15.10 -21.67
C ALA CA 423 101.50 13.86 -21.35
N LYS CA 424 100.58 13.99 -20.41
CA LYS CA 424 99.84 12.83 -19.92
C LYS CA 424 98.86 12.33 -20.98
N SER CA 425 97.87 13.14 -21.33
CA SER CA 425 96.98 12.91 -22.48
C SER CA 425 96.28 11.56 -22.38
N TYR CA 426 95.41 11.45 -21.37
CA TYR CA 426 94.62 10.26 -21.17
C TYR CA 426 93.14 10.59 -21.29
N VAL CA 427 92.38 9.66 -21.86
CA VAL CA 427 90.99 9.90 -22.24
C VAL CA 427 90.11 8.75 -21.77
N ASP CA 428 90.73 7.69 -21.26
CA ASP CA 428 90.03 6.42 -21.06
C ASP CA 428 88.88 6.51 -20.06
N ASP CA 429 88.87 7.52 -19.19
CA ASP CA 429 87.90 7.56 -18.10
C ASP CA 429 86.46 7.61 -18.61
N LYS CA 430 86.08 8.72 -19.25
CA LYS CA 430 84.72 8.85 -19.79
C LYS CA 430 84.70 9.60 -21.11
N GLY CA 431 85.85 9.93 -21.68
CA GLY CA 431 85.91 10.80 -22.84
C GLY CA 431 86.44 12.18 -22.45
N GLY CA 432 87.14 12.81 -23.38
CA GLY CA 432 87.82 14.05 -23.11
C GLY CA 432 89.20 13.82 -22.52
N ILE CA 433 90.08 14.79 -22.74
CA ILE CA 433 91.47 14.67 -22.36
C ILE CA 433 91.63 15.22 -20.94
N THR CA 434 91.79 14.33 -19.98
CA THR CA 434 91.88 14.70 -18.57
C THR CA 434 93.31 14.67 -18.05
N ASN CA 435 94.28 14.28 -18.88
CA ASN CA 435 95.71 14.36 -18.61
C ASN CA 435 96.09 13.99 -17.17
N VAL CA 436 95.45 12.94 -16.64
CA VAL CA 436 95.82 12.37 -15.35
C VAL CA 436 96.41 10.98 -15.60
N ALA CA 437 97.58 10.74 -15.01
CA ALA CA 437 98.24 9.45 -15.18
C ALA CA 437 97.40 8.33 -14.58
N ASP CA 438 97.18 8.39 -13.27
CA ASP CA 438 96.44 7.34 -12.57
C ASP CA 438 96.07 7.84 -11.19
N TYR CA 439 94.93 7.38 -10.69
CA TYR CA 439 94.49 7.69 -9.34
C TYR CA 439 94.26 6.38 -8.59
N THR CA 440 94.75 6.31 -7.36
CA THR CA 440 94.59 5.14 -6.51
C THR CA 440 93.67 5.50 -5.36
N VAL CA 441 92.62 4.71 -5.17
CA VAL CA 441 91.65 4.93 -4.11
C VAL CA 441 91.87 3.87 -3.04
N SER CA 442 91.97 4.30 -1.79
CA SER CA 442 92.17 3.41 -0.66
C SER CA 442 90.87 3.24 0.10
N TYR CA 443 90.49 1.99 0.33
CA TYR CA 443 89.26 1.64 1.03
C TYR CA 443 89.61 1.02 2.38
N SER CA 444 88.92 1.46 3.42
CA SER CA 444 89.10 0.92 4.76
C SER CA 444 87.99 -0.10 5.05
N VAL CA 445 88.39 -1.27 5.53
CA VAL CA 445 87.46 -2.36 5.80
C VAL CA 445 87.31 -2.47 7.30
N ASN CA 446 86.08 -2.33 7.79
CA ASN CA 446 85.79 -2.47 9.21
C ASN CA 446 85.60 -3.94 9.53
N LYS CA 447 86.53 -4.52 10.29
CA LYS CA 447 86.51 -5.95 10.58
C LYS CA 447 85.40 -6.35 11.55
N ASP CA 448 84.75 -5.40 12.20
CA ASP CA 448 83.67 -5.74 13.13
C ASP CA 448 82.46 -6.28 12.38
N ASN CA 449 82.06 -5.60 11.30
CA ASN CA 449 80.88 -6.00 10.53
C ASN CA 449 81.17 -6.28 9.06
N GLY CA 450 82.31 -5.84 8.52
CA GLY CA 450 82.63 -6.02 7.13
C GLY CA 450 82.30 -4.85 6.23
N SER CA 451 81.79 -3.76 6.78
CA SER CA 451 81.46 -2.59 5.97
C SER CA 451 82.73 -1.95 5.42
N VAL CA 452 82.65 -1.50 4.17
CA VAL CA 452 83.78 -0.90 3.46
C VAL CA 452 83.46 0.55 3.18
N THR CA 453 84.36 1.45 3.58
CA THR CA 453 84.22 2.88 3.34
C THR CA 453 85.41 3.40 2.55
N VAL CA 454 85.31 4.65 2.12
CA VAL CA 454 86.34 5.30 1.32
C VAL CA 454 87.21 6.13 2.25
N ALA CA 455 88.52 5.85 2.25
CA ALA CA 455 89.46 6.58 3.10
C ALA CA 455 90.82 6.58 2.41
N GLY CA 456 91.17 7.70 1.78
CA GLY CA 456 92.47 7.84 1.17
C GLY CA 456 92.48 7.93 -0.34
N TYR CA 457 93.13 8.95 -0.88
CA TYR CA 457 93.22 9.17 -2.31
C TYR CA 457 94.66 9.54 -2.66
N ALA CA 458 95.21 8.91 -3.70
CA ALA CA 458 96.57 9.17 -4.13
C ALA CA 458 96.57 9.45 -5.63
N SER CA 459 97.35 10.43 -6.05
CA SER CA 459 97.46 10.77 -7.47
C SER CA 459 98.91 11.07 -7.80
N ALA CA 460 99.37 10.53 -8.92
CA ALA CA 460 100.71 10.82 -9.40
C ALA CA 460 100.83 12.22 -9.98
N THR CA 461 99.71 12.87 -10.26
CA THR CA 461 99.67 14.26 -10.72
C THR CA 461 98.88 15.08 -9.71
N ASP CA 462 98.80 16.39 -9.96
CA ASP CA 462 98.01 17.26 -9.09
C ASP CA 462 96.54 16.86 -9.13
N THR CA 463 95.97 16.78 -10.33
CA THR CA 463 94.65 16.20 -10.60
C THR CA 463 93.55 17.11 -10.05
N ASN CA 464 93.94 18.15 -9.30
CA ASN CA 464 92.99 19.07 -8.67
C ASN CA 464 91.90 18.34 -7.89
N LYS CA 465 92.21 17.13 -7.44
CA LYS CA 465 91.25 16.26 -6.74
C LYS CA 465 89.98 16.09 -7.57
N ASP CA 466 90.16 15.90 -8.88
CA ASP CA 466 89.01 15.74 -9.77
C ASP CA 466 88.26 14.44 -9.47
N TYR CA 467 88.99 13.35 -9.27
CA TYR CA 467 88.40 12.03 -9.04
C TYR CA 467 88.51 11.59 -7.60
N ALA CA 468 88.56 12.53 -6.65
CA ALA CA 468 88.71 12.18 -5.25
C ALA CA 468 87.36 12.30 -4.55
N PRO CA 469 86.71 11.19 -4.19
CA PRO CA 469 85.51 11.29 -3.36
C PRO CA 469 85.85 11.71 -1.94
N ALA CA 470 84.85 12.27 -1.26
CA ALA CA 470 85.01 12.63 0.13
C ALA CA 470 85.27 11.38 0.97
N ILE CA 471 86.23 11.46 1.88
CA ILE CA 471 86.56 10.32 2.71
C ILE CA 471 85.43 10.05 3.70
N GLY CA 472 85.35 8.80 4.15
CA GLY CA 472 84.33 8.41 5.11
C GLY CA 472 82.97 8.10 4.53
N THR CA 473 82.86 7.96 3.21
CA THR CA 473 81.60 7.66 2.57
C THR CA 473 81.51 6.17 2.27
N ALA CA 474 80.41 5.54 2.70
CA ALA CA 474 80.23 4.12 2.48
C ALA CA 474 80.10 3.83 0.99
N VAL CA 475 80.88 2.87 0.50
CA VAL CA 475 80.88 2.50 -0.90
C VAL CA 475 79.92 1.33 -1.11
N ASN CA 476 79.32 1.26 -2.29
CA ASN CA 476 78.38 0.21 -2.63
C ASN CA 476 78.80 -0.44 -3.95
N VAL CA 477 77.95 -1.33 -4.45
CA VAL CA 477 78.19 -2.04 -5.70
C VAL CA 477 77.09 -1.67 -6.68
N ASN CA 478 77.48 -1.24 -7.87
CA ASN CA 478 76.53 -0.84 -8.89
C ASN CA 478 75.79 -2.06 -9.43
N SER CA 479 74.86 -1.81 -10.36
CA SER CA 479 74.11 -2.90 -10.98
C SER CA 479 75.02 -3.80 -11.80
N ALA CA 480 75.99 -3.20 -12.50
CA ALA CA 480 76.92 -3.96 -13.33
C ALA CA 480 78.04 -4.61 -12.54
N GLY CA 481 78.02 -4.51 -11.22
CA GLY CA 481 79.04 -5.10 -10.38
C GLY CA 481 80.23 -4.22 -10.09
N LYS CA 482 80.24 -2.99 -10.61
CA LYS CA 482 81.36 -2.09 -10.36
C LYS CA 482 81.29 -1.55 -8.92
N ILE CA 483 82.42 -1.04 -8.46
CA ILE CA 483 82.53 -0.45 -7.13
C ILE CA 483 82.26 1.04 -7.27
N THR CA 484 81.16 1.51 -6.69
CA THR CA 484 80.72 2.88 -6.91
C THR CA 484 80.06 3.37 -5.62
N THR CA 485 79.99 4.70 -5.47
CA THR CA 485 79.58 5.30 -4.22
C THR CA 485 78.10 5.66 -4.14
N GLU CA 486 77.44 5.96 -5.25
CA GLU CA 486 76.05 6.39 -5.20
C GLU CA 486 75.11 5.20 -5.07
N THR CA 487 73.97 5.45 -4.44
CA THR CA 487 72.99 4.42 -4.15
C THR CA 487 71.77 4.47 -5.05
N THR CA 488 71.75 5.33 -6.07
CA THR CA 488 70.59 5.48 -6.93
C THR CA 488 70.27 4.19 -7.68
N SER CA 489 71.16 3.80 -8.59
CA SER CA 489 71.02 2.57 -9.37
C SER CA 489 69.67 2.52 -10.08
N ALA CA 490 69.51 3.43 -11.03
CA ALA CA 490 68.24 3.58 -11.74
C ALA CA 490 67.85 2.28 -12.43
N GLY CA 491 66.56 1.96 -12.36
CA GLY CA 491 66.03 0.72 -12.89
C GLY CA 491 65.55 0.85 -14.33
N SER CA 492 64.64 -0.05 -14.70
CA SER CA 492 64.17 -0.15 -16.07
C SER CA 492 62.74 0.32 -16.29
N ALA CA 493 61.97 0.54 -15.23
CA ALA CA 493 60.61 1.03 -15.38
C ALA CA 493 60.62 2.42 -16.01
N THR CA 494 59.60 2.69 -16.84
CA THR CA 494 59.53 3.97 -17.52
C THR CA 494 59.40 5.11 -16.52
N THR CA 495 60.15 6.19 -16.76
CA THR CA 495 60.25 7.27 -15.78
C THR CA 495 58.91 8.01 -15.62
N ASN CA 496 58.42 8.61 -16.71
CA ASN CA 496 57.25 9.48 -16.65
C ASN CA 496 56.23 8.98 -17.66
N PRO CA 497 55.52 7.90 -17.33
CA PRO CA 497 54.57 7.33 -18.29
C PRO CA 497 53.46 8.29 -18.68
N LEU CA 498 52.96 9.05 -17.73
CA LEU CA 498 51.87 9.97 -18.02
C LEU CA 498 52.34 11.09 -18.94
N ALA CA 499 53.54 11.60 -18.71
CA ALA CA 499 54.08 12.63 -19.60
C ALA CA 499 54.29 12.09 -21.01
N ALA CA 500 54.82 10.87 -21.12
CA ALA CA 500 55.04 10.29 -22.44
C ALA CA 500 53.71 10.10 -23.18
N LEU CA 501 52.70 9.60 -22.47
CA LEU CA 501 51.39 9.41 -23.09
C LEU CA 501 50.78 10.75 -23.49
N ASP CA 502 50.96 11.78 -22.68
CA ASP CA 502 50.48 13.10 -23.04
C ASP CA 502 51.14 13.61 -24.31
N ASP CA 503 52.45 13.41 -24.44
CA ASP CA 503 53.14 13.83 -25.65
C ASP CA 503 52.60 13.07 -26.87
N ALA CA 504 52.39 11.77 -26.73
CA ALA CA 504 51.87 10.99 -27.85
C ALA CA 504 50.48 11.47 -28.25
N ILE CA 505 49.60 11.69 -27.27
CA ILE CA 505 48.25 12.15 -27.57
C ILE CA 505 48.28 13.51 -28.22
N SER CA 506 49.18 14.39 -27.75
CA SER CA 506 49.30 15.71 -28.36
C SER CA 506 49.73 15.62 -29.81
N SER CA 507 50.67 14.73 -30.11
CA SER CA 507 51.09 14.56 -31.51
C SER CA 507 49.92 14.07 -32.37
N ILE CA 508 49.16 13.10 -31.87
CA ILE CA 508 48.02 12.59 -32.62
C ILE CA 508 47.01 13.70 -32.87
N ASP CA 509 46.72 14.50 -31.85
CA ASP CA 509 45.74 15.57 -32.00
C ASP CA 509 46.22 16.63 -32.99
N LYS CA 510 47.51 16.95 -32.95
CA LYS CA 510 48.04 17.93 -33.90
C LYS CA 510 47.89 17.44 -35.34
N PHE CA 511 48.23 16.17 -35.58
CA PHE CA 511 48.12 15.66 -36.94
C PHE CA 511 46.66 15.60 -37.39
N ARG CA 512 45.75 15.23 -36.49
CA ARG CA 512 44.33 15.24 -36.84
C ARG CA 512 43.84 16.65 -37.17
N SER CA 513 44.29 17.64 -36.40
CA SER CA 513 43.91 19.03 -36.69
C SER CA 513 44.41 19.45 -38.07
N SER CA 514 45.64 19.07 -38.42
CA SER CA 514 46.17 19.40 -39.73
C SER CA 514 45.31 18.77 -40.84
N LEU CA 515 44.93 17.51 -40.67
CA LEU CA 515 44.09 16.86 -41.67
C LEU CA 515 42.74 17.54 -41.78
N GLY CA 516 42.15 17.94 -40.65
CA GLY CA 516 40.88 18.63 -40.70
C GLY CA 516 40.96 19.96 -41.45
N ALA CA 517 42.01 20.73 -41.20
CA ALA CA 517 42.19 21.98 -41.92
C ALA CA 517 42.34 21.72 -43.42
N ILE CA 518 43.11 20.71 -43.79
CA ILE CA 518 43.28 20.39 -45.21
C ILE CA 518 41.95 20.04 -45.84
N GLN CA 519 41.13 19.25 -45.13
CA GLN CA 519 39.84 18.85 -45.69
C GLN CA 519 38.92 20.06 -45.87
N ASN CA 520 38.92 20.98 -44.90
CA ASN CA 520 38.08 22.17 -45.02
C ASN CA 520 38.49 22.98 -46.25
N ARG CA 521 39.80 23.21 -46.41
CA ARG CA 521 40.23 23.99 -47.56
C ARG CA 521 39.94 23.27 -48.87
N LEU CA 522 40.01 21.93 -48.87
CA LEU CA 522 39.71 21.19 -50.09
C LEU CA 522 38.25 21.29 -50.46
N ASP CA 523 37.35 21.26 -49.47
CA ASP CA 523 35.93 21.44 -49.74
C ASP CA 523 35.66 22.83 -50.28
N SER CA 524 36.31 23.85 -49.72
CA SER CA 524 36.18 25.19 -50.27
C SER CA 524 36.63 25.24 -51.72
N ALA CA 525 37.73 24.55 -52.03
CA ALA CA 525 38.19 24.48 -53.41
C ALA CA 525 37.16 23.84 -54.32
N VAL CA 526 36.51 22.78 -53.84
CA VAL CA 526 35.47 22.12 -54.64
C VAL CA 526 34.35 23.09 -54.97
N THR CA 527 33.89 23.83 -53.95
CA THR CA 527 32.80 24.77 -54.19
C THR CA 527 33.21 25.84 -55.20
N ASN CA 528 34.42 26.38 -55.05
CA ASN CA 528 34.88 27.39 -56.00
C ASN CA 528 34.97 26.84 -57.41
N LEU CA 529 35.44 25.60 -57.55
CA LEU CA 529 35.54 24.98 -58.87
C LEU CA 529 34.17 24.84 -59.50
N ASN CA 530 33.17 24.42 -58.72
CA ASN CA 530 31.82 24.29 -59.28
C ASN CA 530 31.28 25.64 -59.75
N ASN CA 531 31.48 26.69 -58.94
CA ASN CA 531 31.01 28.01 -59.35
C ASN CA 531 31.69 28.47 -60.63
N THR CA 532 33.01 28.30 -60.72
CA THR CA 532 33.74 28.72 -61.90
C THR CA 532 33.29 27.93 -63.13
N THR CA 533 33.05 26.63 -62.97
CA THR CA 533 32.56 25.83 -64.09
C THR CA 533 31.22 26.32 -64.58
N THR CA 534 30.31 26.63 -63.66
CA THR CA 534 29.01 27.15 -64.06
C THR CA 534 29.14 28.45 -64.84
N ASN CA 535 29.98 29.36 -64.35
CA ASN CA 535 30.11 30.65 -65.03
C ASN CA 535 30.78 30.50 -66.39
N LEU CA 536 31.76 29.60 -66.50
CA LEU CA 536 32.40 29.40 -67.79
C LEU CA 536 31.44 28.77 -68.79
N SER CA 537 30.59 27.86 -68.34
CA SER CA 537 29.55 27.32 -69.22
C SER CA 537 28.60 28.42 -69.65
N GLU CA 538 28.26 29.34 -68.74
CA GLU CA 538 27.48 30.52 -69.09
C GLU CA 538 28.12 31.28 -70.26
N ALA CA 539 29.42 31.57 -70.12
CA ALA CA 539 30.10 32.34 -71.16
C ALA CA 539 30.14 31.61 -72.49
N GLN CA 540 30.39 30.30 -72.45
CA GLN CA 540 30.41 29.53 -73.69
C GLN CA 540 29.04 29.54 -74.35
N SER CA 541 27.97 29.44 -73.55
CA SER CA 541 26.63 29.54 -74.12
C SER CA 541 26.38 30.91 -74.72
N ARG CA 542 26.91 31.96 -74.08
CA ARG CA 542 26.81 33.30 -74.65
C ARG CA 542 27.43 33.36 -76.03
N ILE CA 543 28.60 32.72 -76.20
CA ILE CA 543 29.30 32.79 -77.47
C ILE CA 543 28.59 31.94 -78.52
N GLN CA 544 28.36 30.67 -78.22
CA GLN CA 544 27.81 29.70 -79.15
C GLN CA 544 26.27 29.70 -79.07
N ASP CA 545 25.65 28.63 -79.57
CA ASP CA 545 24.24 28.34 -79.36
C ASP CA 545 23.34 29.40 -79.99
N ALA CA 546 23.33 29.36 -81.32
CA ALA CA 546 22.51 30.25 -82.13
C ALA CA 546 21.07 30.31 -81.63
N ASP CA 547 20.43 31.45 -81.90
CA ASP CA 547 19.07 31.73 -81.44
C ASP CA 547 18.05 31.07 -82.35
N TYR CA 548 17.42 30.00 -81.87
CA TYR CA 548 16.49 29.24 -82.68
C TYR CA 548 15.42 30.12 -83.30
N ALA CA 549 14.94 31.13 -82.58
CA ALA CA 549 13.99 32.06 -83.18
C ALA CA 549 14.61 32.74 -84.39
N THR CA 550 15.86 33.19 -84.25
CA THR CA 550 16.50 33.95 -85.32
C THR CA 550 16.68 33.09 -86.57
N GLU CA 551 17.23 31.87 -86.42
CA GLU CA 551 17.41 31.07 -87.62
C GLU CA 551 16.11 30.47 -88.16
N VAL CA 552 15.10 30.26 -87.32
CA VAL CA 552 13.80 29.86 -87.87
C VAL CA 552 13.25 30.95 -88.77
N SER CA 553 13.30 32.19 -88.29
CA SER CA 553 12.86 33.31 -89.14
C SER CA 553 13.71 33.40 -90.40
N ASN CA 554 15.03 33.23 -90.25
CA ASN CA 554 15.93 33.35 -91.39
C ASN CA 554 15.60 32.31 -92.46
N MET CA 555 15.41 31.05 -92.06
CA MET CA 555 15.12 30.04 -93.07
C MET CA 555 13.73 30.24 -93.65
N SER CA 556 12.77 30.72 -92.86
CA SER CA 556 11.44 30.94 -93.39
C SER CA 556 11.47 31.98 -94.50
N LYS CA 557 12.12 33.12 -94.24
CA LYS CA 557 12.19 34.13 -95.28
C LYS CA 557 13.09 33.67 -96.44
N ALA CA 558 14.10 32.85 -96.16
CA ALA CA 558 14.93 32.32 -97.24
C ALA CA 558 14.13 31.41 -98.15
N GLN CA 559 13.28 30.54 -97.57
CA GLN CA 559 12.44 29.67 -98.38
C GLN CA 559 11.45 30.47 -99.20
N ILE CA 560 10.86 31.51 -98.60
CA ILE CA 560 9.94 32.35 -99.37
C ILE CA 560 10.66 33.02 -100.53
N ILE CA 561 11.87 33.56 -100.28
CA ILE CA 561 12.63 34.19 -101.34
C ILE CA 561 12.97 33.19 -102.43
N GLN CA 562 13.27 31.94 -102.04
CA GLN CA 562 13.61 30.93 -103.02
C GLN CA 562 12.42 30.59 -103.90
N GLN CA 563 11.24 30.40 -103.29
CA GLN CA 563 10.05 30.08 -104.07
C GLN CA 563 9.68 31.24 -105.00
N ALA CA 564 9.76 32.47 -104.50
CA ALA CA 564 9.49 33.63 -105.33
C ALA CA 564 10.48 33.72 -106.48
N GLY CA 565 11.76 33.48 -106.20
CA GLY CA 565 12.76 33.52 -107.25
C GLY CA 565 12.54 32.45 -108.30
N ASN CA 566 12.12 31.26 -107.88
CA ASN CA 566 11.86 30.19 -108.84
C ASN CA 566 10.64 30.50 -109.70
N SER CA 567 9.58 31.05 -109.11
CA SER CA 567 8.42 31.42 -109.90
C SER CA 567 8.76 32.52 -110.90
N VAL CA 568 9.47 33.55 -110.45
CA VAL CA 568 9.89 34.62 -111.35
C VAL CA 568 10.86 34.07 -112.40
N LEU CA 569 11.67 33.08 -112.02
CA LEU CA 569 12.59 32.47 -112.97
C LEU CA 569 11.84 31.75 -114.07
N ALA CA 570 10.76 31.05 -113.71
CA ALA CA 570 9.91 30.43 -114.73
C ALA CA 570 9.26 31.47 -115.61
N LYS CA 571 8.82 32.58 -115.01
CA LYS CA 571 8.23 33.66 -115.81
C LYS CA 571 9.25 34.23 -116.79
N ALA CA 572 10.50 34.36 -116.38
CA ALA CA 572 11.54 34.87 -117.26
C ALA CA 572 11.91 33.86 -118.33
N ASN CA 573 12.12 32.59 -117.93
CA ASN CA 573 12.35 31.51 -118.88
C ASN CA 573 11.17 31.30 -119.80
N GLN CA 574 10.04 31.96 -119.55
CA GLN CA 574 9.05 32.07 -120.59
C GLN CA 574 9.64 33.03 -121.61
N VAL CA 575 10.72 32.58 -122.25
CA VAL CA 575 11.59 33.41 -123.08
C VAL CA 575 10.80 33.79 -124.33
N PRO CA 576 11.14 34.90 -125.00
CA PRO CA 576 10.20 35.49 -125.97
C PRO CA 576 9.76 34.53 -127.04
N GLN CA 577 8.46 34.20 -127.05
CA GLN CA 577 7.88 33.50 -128.18
C GLN CA 577 7.20 34.45 -129.13
N GLN CA 578 7.05 35.72 -128.75
CA GLN CA 578 6.41 36.70 -129.62
C GLN CA 578 7.19 36.87 -130.91
N VAL CA 579 8.49 36.58 -130.90
CA VAL CA 579 9.25 36.57 -132.14
C VAL CA 579 8.71 35.49 -133.08
N LEU CA 580 8.31 34.34 -132.53
CA LEU CA 580 7.69 33.30 -133.35
C LEU CA 580 6.42 33.81 -133.99
N SER CA 581 5.61 34.56 -133.23
CA SER CA 581 4.40 35.16 -133.80
C SER CA 581 4.76 36.17 -134.89
N LEU CA 582 5.82 36.94 -134.68
CA LEU CA 582 6.24 37.91 -135.68
C LEU CA 582 6.65 37.23 -136.98
N LEU CA 583 7.22 36.03 -136.90
CA LEU CA 583 7.76 35.39 -138.10
C LEU CA 583 6.69 35.16 -139.15
N GLN CA 584 5.58 34.52 -138.78
CA GLN CA 584 4.60 34.15 -139.81
C GLN CA 584 3.86 35.35 -140.38
N GLY CA 585 3.98 36.52 -139.76
CA GLY CA 585 3.31 37.71 -140.26
C GLY CA 585 3.95 38.30 -141.50
N MET DA 1 -32.36 28.73 -194.29
CA MET DA 1 -31.42 29.80 -194.00
C MET DA 1 -31.05 30.57 -195.28
N ALA DA 2 -30.39 29.89 -196.21
CA ALA DA 2 -29.90 30.55 -197.42
C ALA DA 2 -31.02 31.13 -198.27
N GLN DA 3 -32.25 30.62 -198.15
CA GLN DA 3 -33.32 31.08 -199.02
C GLN DA 3 -33.73 32.51 -198.70
N VAL DA 4 -33.88 32.83 -197.42
CA VAL DA 4 -34.52 34.07 -196.98
C VAL DA 4 -33.57 34.85 -196.08
N ILE DA 5 -33.69 36.17 -196.14
CA ILE DA 5 -32.95 37.07 -195.26
C ILE DA 5 -33.84 37.88 -194.35
N ASN DA 6 -35.16 37.86 -194.56
CA ASN DA 6 -36.06 38.72 -193.81
C ASN DA 6 -36.30 38.24 -192.39
N THR DA 7 -36.27 36.94 -192.14
CA THR DA 7 -36.51 36.39 -190.81
C THR DA 7 -35.43 35.37 -190.49
N ASN DA 8 -35.34 35.03 -189.20
CA ASN DA 8 -34.40 34.02 -188.73
C ASN DA 8 -35.14 33.15 -187.72
N SER DA 9 -35.76 32.08 -188.22
CA SER DA 9 -36.50 31.17 -187.36
C SER DA 9 -35.60 30.51 -186.33
N LEU DA 10 -34.35 30.23 -186.70
CA LEU DA 10 -33.40 29.68 -185.73
C LEU DA 10 -33.19 30.65 -184.57
N SER DA 11 -33.02 31.94 -184.89
CA SER DA 11 -32.87 32.95 -183.85
C SER DA 11 -34.12 33.03 -182.97
N LEU DA 12 -35.31 32.97 -183.60
CA LEU DA 12 -36.54 33.05 -182.82
C LEU DA 12 -36.65 31.88 -181.85
N ILE DA 13 -36.38 30.67 -182.33
CA ILE DA 13 -36.48 29.48 -181.48
C ILE DA 13 -35.46 29.56 -180.35
N THR DA 14 -34.24 30.00 -180.66
CA THR DA 14 -33.22 30.12 -179.63
C THR DA 14 -33.62 31.14 -178.57
N GLN DA 15 -34.21 32.26 -178.99
CA GLN DA 15 -34.66 33.26 -178.03
C GLN DA 15 -35.75 32.69 -177.14
N ASN DA 16 -36.68 31.92 -177.71
CA ASN DA 16 -37.73 31.33 -176.89
C ASN DA 16 -37.13 30.39 -175.85
N ASN DA 17 -36.18 29.56 -176.26
CA ASN DA 17 -35.55 28.62 -175.32
C ASN DA 17 -34.78 29.37 -174.24
N ILE DA 18 -34.12 30.47 -174.61
CA ILE DA 18 -33.38 31.26 -173.63
C ILE DA 18 -34.33 31.84 -172.59
N ASN DA 19 -35.47 32.37 -173.04
CA ASN DA 19 -36.44 32.91 -172.09
C ASN DA 19 -36.98 31.82 -171.16
N LYS DA 20 -37.27 30.65 -171.72
CA LYS DA 20 -37.77 29.54 -170.90
C LYS DA 20 -36.76 29.16 -169.82
N ASN DA 21 -35.47 29.12 -170.17
CA ASN DA 21 -34.47 28.84 -169.15
C ASN DA 21 -34.34 29.99 -168.16
N GLN DA 22 -34.48 31.23 -168.63
CA GLN DA 22 -34.30 32.37 -167.76
C GLN DA 22 -35.35 32.40 -166.65
N SER DA 23 -36.56 31.94 -166.95
CA SER DA 23 -37.58 31.85 -165.91
C SER DA 23 -37.09 31.01 -164.73
N ALA DA 24 -36.59 29.80 -165.02
CA ALA DA 24 -36.10 28.92 -163.95
C ALA DA 24 -34.85 29.49 -163.28
N LEU DA 25 -33.99 30.16 -164.04
CA LEU DA 25 -32.82 30.80 -163.45
C LEU DA 25 -33.24 31.81 -162.38
N SER DA 26 -34.18 32.68 -162.74
CA SER DA 26 -34.65 33.68 -161.78
C SER DA 26 -35.30 33.03 -160.57
N SER DA 27 -36.12 32.00 -160.80
CA SER DA 27 -36.77 31.31 -159.69
C SER DA 27 -35.73 30.73 -158.73
N SER DA 28 -34.71 30.07 -159.28
CA SER DA 28 -33.69 29.44 -158.44
C SER DA 28 -32.90 30.48 -157.65
N ILE DA 29 -32.51 31.59 -158.30
CA ILE DA 29 -31.72 32.59 -157.59
C ILE DA 29 -32.54 33.21 -156.46
N GLU DA 30 -33.81 33.55 -156.73
CA GLU DA 30 -34.65 34.11 -155.68
C GLU DA 30 -34.85 33.12 -154.55
N ARG DA 31 -35.06 31.84 -154.88
CA ARG DA 31 -35.25 30.83 -153.85
C ARG DA 31 -34.02 30.71 -152.96
N LEU DA 32 -32.83 30.73 -153.56
CA LEU DA 32 -31.61 30.67 -152.76
C LEU DA 32 -31.44 31.90 -151.90
N SER DA 33 -31.72 33.08 -152.45
CA SER DA 33 -31.53 34.32 -151.70
C SER DA 33 -32.45 34.37 -150.49
N SER DA 34 -33.72 34.01 -150.67
CA SER DA 34 -34.65 34.06 -149.55
C SER DA 34 -34.44 32.92 -148.58
N GLY DA 35 -34.08 31.74 -149.07
CA GLY DA 35 -33.98 30.57 -148.23
C GLY DA 35 -35.29 29.86 -147.97
N LEU DA 36 -36.35 30.22 -148.68
CA LEU DA 36 -37.68 29.67 -148.45
C LEU DA 36 -38.17 28.96 -149.70
N ARG DA 37 -38.69 27.75 -149.53
CA ARG DA 37 -39.20 26.99 -150.66
C ARG DA 37 -40.46 27.64 -151.24
N ILE DA 38 -41.41 27.98 -150.38
CA ILE DA 38 -42.68 28.58 -150.79
C ILE DA 38 -42.54 30.09 -150.66
N ASN DA 39 -42.54 30.78 -151.80
CA ASN DA 39 -42.26 32.20 -151.83
C ASN DA 39 -43.19 32.88 -152.82
N SER DA 40 -43.82 33.98 -152.39
CA SER DA 40 -44.68 34.84 -153.20
C SER DA 40 -45.95 34.14 -153.67
N ALA DA 41 -46.23 32.93 -153.20
CA ALA DA 41 -47.46 32.20 -153.49
C ALA DA 41 -47.68 31.97 -154.99
N LYS DA 42 -46.64 32.12 -155.80
CA LYS DA 42 -46.70 31.75 -157.22
C LYS DA 42 -46.50 30.25 -157.42
N ASP DA 43 -46.66 29.49 -156.34
CA ASP DA 43 -46.54 28.04 -156.34
C ASP DA 43 -47.68 27.52 -155.48
N ASP DA 44 -47.57 26.26 -155.03
CA ASP DA 44 -48.68 25.62 -154.32
C ASP DA 44 -49.08 26.45 -153.10
N ALA DA 45 -50.27 27.04 -153.16
CA ALA DA 45 -50.74 27.94 -152.12
C ALA DA 45 -51.18 27.22 -150.85
N ALA DA 46 -51.48 25.92 -150.95
CA ALA DA 46 -51.80 25.15 -149.75
C ALA DA 46 -50.62 25.14 -148.79
N GLY DA 47 -49.41 24.99 -149.32
CA GLY DA 47 -48.24 25.08 -148.47
C GLY DA 47 -48.10 26.42 -147.79
N GLN DA 48 -48.37 27.50 -148.51
CA GLN DA 48 -48.33 28.84 -147.93
C GLN DA 48 -49.33 28.97 -146.78
N ALA DA 49 -50.57 28.52 -147.01
CA ALA DA 49 -51.60 28.63 -145.98
C ALA DA 49 -51.23 27.80 -144.76
N ILE DA 50 -50.76 26.57 -144.97
CA ILE DA 50 -50.43 25.71 -143.84
C ILE DA 50 -49.23 26.26 -143.08
N ALA DA 51 -48.26 26.85 -143.79
CA ALA DA 51 -47.14 27.48 -143.12
C ALA DA 51 -47.60 28.66 -142.26
N ASN DA 52 -48.54 29.46 -142.77
CA ASN DA 52 -49.07 30.55 -141.97
C ASN DA 52 -49.76 30.04 -140.71
N ARG DA 53 -50.56 28.98 -140.85
CA ARG DA 53 -51.22 28.41 -139.68
C ARG DA 53 -50.20 27.90 -138.68
N PHE DA 54 -49.14 27.26 -139.15
CA PHE DA 54 -48.09 26.78 -138.25
C PHE DA 54 -47.40 27.92 -137.53
N THR DA 55 -47.14 29.03 -138.25
CA THR DA 55 -46.54 30.19 -137.61
C THR DA 55 -47.42 30.74 -136.51
N SER DA 56 -48.72 30.85 -136.79
CA SER DA 56 -49.65 31.33 -135.78
C SER DA 56 -49.64 30.41 -134.55
N ASN DA 57 -49.67 29.10 -134.78
CA ASN DA 57 -49.67 28.16 -133.66
C ASN DA 57 -48.40 28.27 -132.84
N ILE DA 58 -47.24 28.39 -133.51
CA ILE DA 58 -45.96 28.46 -132.80
C ILE DA 58 -45.91 29.70 -131.92
N LYS DA 59 -46.27 30.85 -132.48
CA LYS DA 59 -46.22 32.08 -131.70
C LYS DA 59 -47.18 32.01 -130.52
N GLY DA 60 -48.41 31.50 -130.76
CA GLY DA 60 -49.36 31.39 -129.68
C GLY DA 60 -48.87 30.48 -128.56
N LEU DA 61 -48.27 29.34 -128.92
CA LEU DA 61 -47.80 28.41 -127.89
C LEU DA 61 -46.65 29.02 -127.10
N THR DA 62 -45.74 29.74 -127.76
CA THR DA 62 -44.65 30.37 -127.03
C THR DA 62 -45.17 31.39 -126.03
N GLN DA 63 -46.11 32.23 -126.46
CA GLN DA 63 -46.68 33.21 -125.54
C GLN DA 63 -47.42 32.53 -124.40
N ALA DA 64 -48.07 31.41 -124.69
CA ALA DA 64 -48.77 30.67 -123.64
C ALA DA 64 -47.78 30.11 -122.62
N ALA DA 65 -46.62 29.65 -123.08
CA ALA DA 65 -45.60 29.17 -122.15
C ALA DA 65 -45.14 30.30 -121.24
N ARG DA 66 -44.95 31.50 -121.80
CA ARG DA 66 -44.58 32.63 -120.95
C ARG DA 66 -45.66 32.93 -119.91
N ASN DA 67 -46.92 32.89 -120.32
CA ASN DA 67 -48.01 33.13 -119.37
C ASN DA 67 -48.01 32.10 -118.25
N ALA DA 68 -47.76 30.83 -118.60
CA ALA DA 68 -47.71 29.79 -117.59
C ALA DA 68 -46.58 30.04 -116.60
N ASN DA 69 -45.42 30.50 -117.10
CA ASN DA 69 -44.34 30.85 -116.20
C ASN DA 69 -44.76 31.95 -115.22
N ASP DA 70 -45.48 32.96 -115.72
CA ASP DA 70 -46.00 33.99 -114.82
C ASP DA 70 -46.92 33.41 -113.75
N GLY DA 71 -47.76 32.45 -114.14
CA GLY DA 71 -48.64 31.82 -113.17
C GLY DA 71 -47.87 31.09 -112.09
N ILE DA 72 -46.80 30.38 -112.48
CA ILE DA 72 -45.95 29.72 -111.50
C ILE DA 72 -45.36 30.74 -110.54
N SER DA 73 -44.95 31.90 -111.06
CA SER DA 73 -44.42 32.95 -110.18
C SER DA 73 -45.45 33.38 -109.15
N VAL DA 74 -46.69 33.57 -109.59
CA VAL DA 74 -47.76 33.96 -108.68
C VAL DA 74 -47.93 32.94 -107.57
N ALA DA 75 -47.96 31.66 -107.95
CA ALA DA 75 -48.14 30.60 -106.95
C ALA DA 75 -46.99 30.60 -105.95
N GLN DA 76 -45.76 30.79 -106.43
CA GLN DA 76 -44.62 30.80 -105.53
C GLN DA 76 -44.73 31.92 -104.50
N THR DA 77 -45.08 33.12 -104.96
CA THR DA 77 -45.18 34.25 -104.03
C THR DA 77 -46.25 34.00 -102.97
N THR DA 78 -47.42 33.55 -103.40
CA THR DA 78 -48.51 33.30 -102.46
C THR DA 78 -48.10 32.23 -101.45
N GLU DA 79 -47.41 31.18 -101.92
CA GLU DA 79 -47.04 30.11 -101.01
C GLU DA 79 -46.00 30.57 -99.99
N GLY DA 80 -45.09 31.46 -100.38
CA GLY DA 80 -44.14 31.99 -99.41
C GLY DA 80 -44.83 32.76 -98.31
N ALA DA 81 -45.77 33.64 -98.69
CA ALA DA 81 -46.53 34.37 -97.67
C ALA DA 81 -47.27 33.39 -96.75
N LEU DA 82 -47.84 32.33 -97.34
CA LEU DA 82 -48.57 31.35 -96.54
C LEU DA 82 -47.65 30.64 -95.56
N SER DA 83 -46.42 30.33 -95.97
CA SER DA 83 -45.48 29.68 -95.08
C SER DA 83 -45.18 30.56 -93.88
N GLU DA 84 -45.00 31.87 -94.11
CA GLU DA 84 -44.78 32.76 -92.98
C GLU DA 84 -45.98 32.78 -92.03
N ILE DA 85 -47.19 32.82 -92.60
CA ILE DA 85 -48.39 32.81 -91.77
C ILE DA 85 -48.45 31.54 -90.94
N ASN DA 86 -48.10 30.40 -91.54
CA ASN DA 86 -48.13 29.13 -90.82
C ASN DA 86 -47.14 29.13 -89.66
N ASN DA 87 -45.94 29.67 -89.87
CA ASN DA 87 -44.98 29.76 -88.77
C ASN DA 87 -45.55 30.59 -87.63
N ASN DA 88 -46.18 31.71 -87.96
CA ASN DA 88 -46.78 32.54 -86.91
C ASN DA 88 -47.86 31.78 -86.14
N LEU DA 89 -48.70 31.03 -86.86
CA LEU DA 89 -49.76 30.27 -86.20
C LEU DA 89 -49.18 29.21 -85.28
N GLN DA 90 -48.13 28.53 -85.71
CA GLN DA 90 -47.51 27.52 -84.85
C GLN DA 90 -46.99 28.16 -83.57
N ARG DA 91 -46.33 29.30 -83.67
CA ARG DA 91 -45.84 29.97 -82.47
C ARG DA 91 -47.00 30.38 -81.57
N ILE DA 92 -48.10 30.85 -82.16
CA ILE DA 92 -49.26 31.22 -81.34
C ILE DA 92 -49.80 30.01 -80.59
N ARG DA 93 -49.88 28.86 -81.25
CA ARG DA 93 -50.35 27.67 -80.56
C ARG DA 93 -49.43 27.28 -79.42
N GLU DA 94 -48.12 27.37 -79.63
CA GLU DA 94 -47.18 27.07 -78.56
C GLU DA 94 -47.41 27.98 -77.37
N LEU DA 95 -47.58 29.27 -77.63
CA LEU DA 95 -47.83 30.23 -76.54
C LEU DA 95 -49.13 29.91 -75.82
N THR DA 96 -50.16 29.52 -76.56
CA THR DA 96 -51.43 29.16 -75.93
C THR DA 96 -51.28 27.97 -75.02
N VAL DA 97 -50.54 26.95 -75.46
CA VAL DA 97 -50.29 25.78 -74.63
C VAL DA 97 -49.57 26.19 -73.35
N GLN DA 98 -48.63 27.12 -73.47
CA GLN DA 98 -47.95 27.61 -72.26
C GLN DA 98 -48.92 28.36 -71.35
N ALA DA 99 -49.83 29.14 -71.93
CA ALA DA 99 -50.69 30.00 -71.14
C ALA DA 99 -51.78 29.23 -70.41
N THR DA 100 -52.28 28.15 -70.99
CA THR DA 100 -53.43 27.47 -70.40
C THR DA 100 -53.13 26.81 -69.06
N THR DA 101 -51.86 26.69 -68.68
CA THR DA 101 -51.52 26.10 -67.39
C THR DA 101 -52.04 26.98 -66.26
N GLY DA 102 -52.57 26.35 -65.22
CA GLY DA 102 -53.15 27.07 -64.10
C GLY DA 102 -52.16 27.66 -63.12
N THR DA 103 -50.87 27.40 -63.28
CA THR DA 103 -49.87 27.99 -62.40
C THR DA 103 -49.64 29.46 -62.71
N ASN DA 104 -49.82 29.86 -63.97
CA ASN DA 104 -49.56 31.23 -64.38
C ASN DA 104 -50.48 32.20 -63.66
N SER DA 105 -49.96 33.39 -63.39
CA SER DA 105 -50.73 34.43 -62.71
C SER DA 105 -51.32 35.40 -63.73
N ASP DA 106 -52.02 36.42 -63.23
CA ASP DA 106 -52.73 37.35 -64.11
C ASP DA 106 -51.76 38.15 -64.97
N SER DA 107 -50.66 38.63 -64.37
CA SER DA 107 -49.69 39.40 -65.15
C SER DA 107 -49.04 38.53 -66.22
N ASP DA 108 -48.74 37.28 -65.89
CA ASP DA 108 -48.17 36.36 -66.86
C ASP DA 108 -49.12 36.14 -68.02
N LEU DA 109 -50.40 35.92 -67.72
CA LEU DA 109 -51.39 35.76 -68.77
C LEU DA 109 -51.50 37.02 -69.62
N ASP DA 110 -51.42 38.19 -68.99
CA ASP DA 110 -51.49 39.44 -69.74
C ASP DA 110 -50.32 39.56 -70.71
N SER DA 111 -49.11 39.24 -70.26
CA SER DA 111 -47.95 39.30 -71.15
C SER DA 111 -48.09 38.31 -72.31
N ILE DA 112 -48.52 37.08 -72.00
CA ILE DA 112 -48.66 36.08 -73.05
C ILE DA 112 -49.69 36.52 -74.08
N GLN DA 113 -50.81 37.07 -73.61
CA GLN DA 113 -51.84 37.52 -74.54
C GLN DA 113 -51.38 38.73 -75.34
N ASP DA 114 -50.51 39.57 -74.76
CA ASP DA 114 -49.93 40.66 -75.53
C ASP DA 114 -49.11 40.12 -76.69
N GLU DA 115 -48.29 39.10 -76.42
CA GLU DA 115 -47.52 38.49 -77.49
C GLU DA 115 -48.42 37.86 -78.55
N ILE DA 116 -49.49 37.20 -78.11
CA ILE DA 116 -50.43 36.57 -79.04
C ILE DA 116 -51.09 37.62 -79.92
N LYS DA 117 -51.51 38.74 -79.32
CA LYS DA 117 -52.13 39.80 -80.09
C LYS DA 117 -51.16 40.38 -81.10
N SER DA 118 -49.89 40.55 -80.72
CA SER DA 118 -48.90 41.04 -81.65
C SER DA 118 -48.75 40.11 -82.85
N ARG DA 119 -48.70 38.81 -82.60
CA ARG DA 119 -48.52 37.88 -83.72
C ARG DA 119 -49.78 37.79 -84.59
N LEU DA 120 -50.96 37.91 -83.99
CA LEU DA 120 -52.19 37.98 -84.80
C LEU DA 120 -52.17 39.23 -85.68
N ASP DA 121 -51.72 40.35 -85.14
CA ASP DA 121 -51.58 41.55 -85.94
C ASP DA 121 -50.61 41.35 -87.09
N GLU DA 122 -49.52 40.61 -86.84
CA GLU DA 122 -48.59 40.29 -87.93
C GLU DA 122 -49.25 39.45 -89.01
N ILE DA 123 -50.07 38.47 -88.61
CA ILE DA 123 -50.78 37.67 -89.60
C ILE DA 123 -51.66 38.55 -90.46
N ASP DA 124 -52.43 39.44 -89.82
CA ASP DA 124 -53.30 40.34 -90.57
C ASP DA 124 -52.50 41.25 -91.49
N ARG DA 125 -51.39 41.78 -91.00
CA ARG DA 125 -50.58 42.70 -91.80
C ARG DA 125 -49.99 42.00 -93.02
N VAL DA 126 -49.45 40.80 -92.83
CA VAL DA 126 -48.88 40.07 -93.97
C VAL DA 126 -49.96 39.77 -94.98
N SER DA 127 -51.14 39.34 -94.51
CA SER DA 127 -52.24 39.07 -95.41
C SER DA 127 -52.62 40.31 -96.22
N GLY DA 128 -52.72 41.45 -95.54
CA GLY DA 128 -53.14 42.66 -96.24
C GLY DA 128 -52.10 43.17 -97.22
N GLN DA 129 -50.82 43.08 -96.86
CA GLN DA 129 -49.77 43.75 -97.63
C GLN DA 129 -49.11 42.85 -98.66
N THR DA 130 -49.33 41.54 -98.62
CA THR DA 130 -48.77 40.69 -99.67
C THR DA 130 -49.38 41.06 -101.01
N GLN DA 131 -48.52 41.29 -102.00
CA GLN DA 131 -48.98 41.83 -103.28
C GLN DA 131 -48.10 41.31 -104.40
N PHE DA 132 -48.73 41.00 -105.54
CA PHE DA 132 -48.04 40.59 -106.75
C PHE DA 132 -48.58 41.41 -107.91
N ASN DA 133 -47.72 42.24 -108.51
CA ASN DA 133 -48.09 43.03 -109.68
C ASN DA 133 -49.32 43.88 -109.43
N GLY DA 134 -49.42 44.44 -108.23
CA GLY DA 134 -50.54 45.29 -107.89
C GLY DA 134 -51.82 44.55 -107.53
N VAL DA 135 -51.76 43.24 -107.36
CA VAL DA 135 -52.93 42.44 -107.01
C VAL DA 135 -52.72 41.85 -105.62
N ASN DA 136 -53.66 42.09 -104.72
CA ASN DA 136 -53.61 41.51 -103.38
C ASN DA 136 -54.10 40.07 -103.47
N VAL DA 137 -53.15 39.13 -103.44
CA VAL DA 137 -53.50 37.73 -103.66
C VAL DA 137 -54.29 37.17 -102.48
N LEU DA 138 -53.91 37.52 -101.26
CA LEU DA 138 -54.53 36.93 -100.07
C LEU DA 138 -55.68 37.75 -99.53
N ALA DA 139 -56.01 38.90 -100.12
CA ALA DA 139 -57.07 39.75 -99.62
C ALA DA 139 -58.39 39.55 -100.36
N LYS DA 140 -58.45 38.61 -101.30
CA LYS DA 140 -59.67 38.39 -102.08
C LYS DA 140 -59.93 36.90 -102.16
N ASP DA 141 -61.21 36.54 -102.33
CA ASP DA 141 -61.64 35.16 -102.46
C ASP DA 141 -61.96 34.78 -103.90
N GLY DA 142 -61.31 35.43 -104.86
CA GLY DA 142 -61.60 35.23 -106.27
C GLY DA 142 -60.76 34.16 -106.92
N SER DA 143 -60.58 34.31 -108.23
CA SER DA 143 -59.80 33.35 -109.00
C SER DA 143 -59.12 34.09 -110.15
N MET DA 144 -58.06 33.47 -110.65
CA MET DA 144 -57.28 33.99 -111.75
C MET DA 144 -57.29 32.99 -112.89
N LYS DA 145 -57.28 33.50 -114.12
CA LYS DA 145 -57.30 32.67 -115.31
C LYS DA 145 -55.99 32.85 -116.06
N ILE DA 146 -55.39 31.73 -116.46
CA ILE DA 146 -54.12 31.74 -117.18
C ILE DA 146 -54.35 31.11 -118.54
N GLN DA 147 -53.93 31.81 -119.59
CA GLN DA 147 -54.04 31.31 -120.95
C GLN DA 147 -52.87 30.36 -121.22
N VAL DA 148 -53.18 29.10 -121.51
CA VAL DA 148 -52.16 28.08 -121.73
C VAL DA 148 -52.16 27.52 -123.14
N GLY DA 149 -53.23 27.68 -123.90
CA GLY DA 149 -53.26 27.28 -125.29
C GLY DA 149 -53.16 28.45 -126.23
N ALA DA 150 -53.31 28.15 -127.52
CA ALA DA 150 -53.27 29.17 -128.56
C ALA DA 150 -54.65 29.57 -129.05
N ASN DA 151 -55.72 28.96 -128.56
CA ASN DA 151 -57.08 29.26 -128.96
C ASN DA 151 -57.89 29.71 -127.75
N ASP DA 152 -59.18 29.94 -127.98
CA ASP DA 152 -60.06 30.42 -126.93
C ASP DA 152 -60.49 29.28 -126.02
N GLY DA 153 -60.47 29.53 -124.71
CA GLY DA 153 -60.95 28.58 -123.73
C GLY DA 153 -59.88 27.72 -123.08
N GLU DA 154 -58.65 27.74 -123.58
CA GLU DA 154 -57.57 26.97 -122.98
C GLU DA 154 -57.02 27.74 -121.80
N THR DA 155 -57.71 27.64 -120.67
CA THR DA 155 -57.37 28.39 -119.47
C THR DA 155 -57.24 27.45 -118.28
N ILE DA 156 -56.40 27.85 -117.34
CA ILE DA 156 -56.27 27.19 -116.05
C ILE DA 156 -56.62 28.20 -114.96
N THR DA 157 -57.46 27.79 -114.02
CA THR DA 157 -57.95 28.67 -112.98
C THR DA 157 -57.22 28.41 -111.66
N ILE DA 158 -56.67 29.46 -111.08
CA ILE DA 158 -56.09 29.41 -109.74
C ILE DA 158 -57.08 30.04 -108.78
N ASP DA 159 -57.47 29.31 -107.75
CA ASP DA 159 -58.41 29.81 -106.76
C ASP DA 159 -57.67 30.43 -105.57
N LEU DA 160 -58.05 31.65 -105.21
CA LEU DA 160 -57.47 32.32 -104.05
C LEU DA 160 -58.51 32.40 -102.94
N LYS DA 161 -58.03 32.39 -101.71
CA LYS DA 161 -58.89 32.48 -100.54
C LYS DA 161 -58.49 33.68 -99.69
N LYS DA 162 -59.49 34.36 -99.14
CA LYS DA 162 -59.25 35.51 -98.28
C LYS DA 162 -58.77 35.00 -96.92
N ILE DA 163 -57.47 35.07 -96.69
CA ILE DA 163 -56.85 34.55 -95.48
C ILE DA 163 -56.59 35.73 -94.55
N ASP DA 164 -57.24 35.73 -93.39
CA ASP DA 164 -57.02 36.72 -92.36
C ASP DA 164 -57.60 36.16 -91.06
N SER DA 165 -57.72 37.02 -90.05
CA SER DA 165 -58.30 36.59 -88.80
C SER DA 165 -59.77 36.20 -88.96
N ASP DA 166 -60.53 37.01 -89.71
CA ASP DA 166 -61.97 36.80 -89.78
C ASP DA 166 -62.32 35.43 -90.36
N THR DA 167 -61.59 34.99 -91.37
CA THR DA 167 -61.87 33.71 -92.00
C THR DA 167 -61.22 32.53 -91.27
N LEU DA 168 -60.50 32.79 -90.18
CA LEU DA 168 -59.93 31.71 -89.37
C LEU DA 168 -60.44 31.77 -87.93
N GLY DA 169 -61.42 32.64 -87.66
CA GLY DA 169 -61.87 32.79 -86.29
C GLY DA 169 -60.91 33.67 -85.51
N LEU DA 170 -60.61 33.26 -84.28
CA LEU DA 170 -59.56 33.88 -83.48
C LEU DA 170 -59.76 35.38 -83.28
N ASN DA 171 -60.95 35.92 -83.56
CA ASN DA 171 -61.16 37.35 -83.44
C ASN DA 171 -60.96 37.81 -81.99
N GLY DA 172 -61.84 37.35 -81.10
CA GLY DA 172 -61.67 37.62 -79.69
C GLY DA 172 -60.93 36.50 -79.01
N PHE DA 173 -59.64 36.37 -79.30
CA PHE DA 173 -58.87 35.23 -78.78
C PHE DA 173 -58.36 35.63 -77.40
N ASN DA 174 -59.27 35.68 -76.43
CA ASN DA 174 -59.12 36.38 -75.15
C ASN DA 174 -58.37 35.61 -74.06
N VAL DA 175 -57.42 34.75 -74.42
CA VAL DA 175 -56.81 33.78 -73.50
C VAL DA 175 -56.47 34.37 -72.14
N ASN DA 176 -56.30 35.69 -72.05
CA ASN DA 176 -56.10 36.35 -70.77
C ASN DA 176 -57.40 36.66 -70.04
N GLY DA 177 -58.51 36.04 -70.42
CA GLY DA 177 -59.80 36.40 -69.86
C GLY DA 177 -60.04 35.83 -68.47
N LYS DA 178 -61.29 35.41 -68.21
CA LYS DA 178 -61.65 34.87 -66.91
C LYS DA 178 -62.27 33.49 -67.03
N GLY DA 179 -62.87 33.20 -68.18
CA GLY DA 179 -63.51 31.91 -68.35
C GLY DA 179 -64.75 31.78 -67.49
N THR DA 180 -65.12 30.53 -67.23
CA THR DA 180 -66.32 30.24 -66.43
C THR DA 180 -66.15 30.79 -65.02
N ILE DA 181 -67.08 31.65 -64.61
CA ILE DA 181 -67.06 32.29 -63.31
C ILE DA 181 -68.38 32.01 -62.60
N THR DA 182 -68.30 31.60 -61.34
CA THR DA 182 -69.49 31.34 -60.55
C THR DA 182 -70.11 32.66 -60.09
N ASN DA 183 -71.40 32.82 -60.33
CA ASN DA 183 -72.08 34.05 -59.99
C ASN DA 183 -72.55 34.02 -58.54
N LYS DA 184 -72.65 35.21 -57.94
CA LYS DA 184 -73.02 35.33 -56.54
C LYS DA 184 -74.50 35.03 -56.33
N ALA DA 185 -74.83 34.59 -55.12
CA ALA DA 185 -76.21 34.27 -54.78
C ALA DA 185 -77.05 35.53 -54.65
N ALA DA 186 -78.32 35.42 -55.02
CA ALA DA 186 -79.23 36.54 -54.95
C ALA DA 186 -79.60 36.87 -53.51
N THR DA 187 -80.07 38.10 -53.30
CA THR DA 187 -80.48 38.56 -51.98
C THR DA 187 -81.78 39.34 -52.11
N VAL DA 188 -82.31 39.77 -50.96
CA VAL DA 188 -83.59 40.46 -50.94
C VAL DA 188 -83.47 41.85 -51.57
N SER DA 189 -82.33 42.51 -51.41
CA SER DA 189 -82.19 43.88 -51.91
C SER DA 189 -82.34 43.92 -53.43
N ASP DA 190 -81.55 43.11 -54.14
CA ASP DA 190 -81.69 43.10 -55.59
C ASP DA 190 -82.91 42.30 -56.03
N LEU DA 191 -83.45 41.43 -55.17
CA LEU DA 191 -84.74 40.82 -55.48
C LEU DA 191 -85.83 41.88 -55.63
N THR DA 192 -85.88 42.83 -54.68
CA THR DA 192 -86.84 43.93 -54.81
C THR DA 192 -86.42 44.92 -55.87
N SER DA 193 -85.12 45.08 -56.10
CA SER DA 193 -84.66 45.95 -57.19
C SER DA 193 -85.16 45.44 -58.54
N ALA DA 194 -85.24 44.13 -58.71
CA ALA DA 194 -85.80 43.56 -59.94
C ALA DA 194 -87.27 43.86 -60.11
N GLY DA 195 -87.96 44.31 -59.06
CA GLY DA 195 -89.36 44.68 -59.15
C GLY DA 195 -90.32 43.77 -58.42
N ALA DA 196 -89.84 42.79 -57.67
CA ALA DA 196 -90.73 41.87 -56.97
C ALA DA 196 -91.41 42.57 -55.79
N LYS DA 197 -92.70 42.26 -55.60
CA LYS DA 197 -93.46 42.80 -54.49
C LYS DA 197 -93.44 41.82 -53.31
N LEU DA 198 -93.91 42.30 -52.17
CA LEU DA 198 -93.93 41.52 -50.94
C LEU DA 198 -95.36 41.09 -50.66
N ASN DA 199 -95.56 39.77 -50.51
CA ASN DA 199 -96.87 39.19 -50.23
C ASN DA 199 -97.01 39.10 -48.72
N THR DA 200 -97.81 40.01 -48.14
CA THR DA 200 -97.92 40.07 -46.68
C THR DA 200 -98.58 38.83 -46.09
N THR DA 201 -99.50 38.21 -46.84
CA THR DA 201 -100.22 37.06 -46.30
C THR DA 201 -99.29 35.86 -46.06
N THR DA 202 -98.22 35.76 -46.84
CA THR DA 202 -97.27 34.65 -46.69
C THR DA 202 -95.85 35.09 -46.38
N GLY DA 203 -95.51 36.36 -46.57
CA GLY DA 203 -94.16 36.84 -46.34
C GLY DA 203 -93.20 36.62 -47.47
N LEU DA 204 -93.63 35.97 -48.56
CA LEU DA 204 -92.77 35.68 -49.69
C LEU DA 204 -92.69 36.89 -50.61
N TYR DA 205 -91.87 36.77 -51.65
CA TYR DA 205 -91.72 37.82 -52.64
C TYR DA 205 -92.20 37.32 -54.00
N ASP DA 206 -93.15 38.03 -54.58
CA ASP DA 206 -93.75 37.63 -55.85
C ASP DA 206 -93.17 38.49 -56.97
N LEU DA 207 -92.63 37.83 -58.00
CA LEU DA 207 -92.14 38.50 -59.19
C LEU DA 207 -93.00 38.06 -60.37
N LYS DA 208 -93.57 39.04 -61.06
CA LYS DA 208 -94.51 38.79 -62.16
C LYS DA 208 -93.85 39.24 -63.46
N THR DA 209 -93.78 38.33 -64.43
CA THR DA 209 -93.11 38.58 -65.70
C THR DA 209 -94.15 38.74 -66.81
N GLU DA 210 -94.39 39.97 -67.21
CA GLU DA 210 -95.35 40.25 -68.27
C GLU DA 210 -94.77 39.88 -69.63
N ASN DA 211 -95.66 39.64 -70.58
CA ASN DA 211 -95.30 39.35 -71.96
C ASN DA 211 -96.00 40.33 -72.88
N THR DA 212 -95.26 40.83 -73.87
CA THR DA 212 -95.85 41.70 -74.87
C THR DA 212 -96.73 40.89 -75.82
N LEU DA 213 -97.89 41.46 -76.16
CA LEU DA 213 -98.82 40.76 -77.03
C LEU DA 213 -98.27 40.67 -78.44
N LEU DA 214 -98.62 39.57 -79.12
CA LEU DA 214 -98.10 39.30 -80.44
C LEU DA 214 -98.49 40.40 -81.43
N THR DA 215 -97.57 40.74 -82.32
CA THR DA 215 -97.76 41.81 -83.28
C THR DA 215 -97.55 41.29 -84.69
N THR DA 216 -98.07 42.04 -85.66
CA THR DA 216 -98.01 41.62 -87.06
C THR DA 216 -96.57 41.55 -87.56
N ASP DA 217 -95.72 42.49 -87.14
CA ASP DA 217 -94.33 42.46 -87.57
C ASP DA 217 -93.62 41.21 -87.06
N ALA DA 218 -93.83 40.86 -85.79
CA ALA DA 218 -93.24 39.64 -85.24
C ALA DA 218 -93.79 38.42 -85.96
N ALA DA 219 -95.09 38.41 -86.28
CA ALA DA 219 -95.66 37.31 -87.03
C ALA DA 219 -95.01 37.17 -88.39
N PHE DA 220 -94.78 38.30 -89.07
CA PHE DA 220 -94.12 38.26 -90.38
C PHE DA 220 -92.69 37.76 -90.26
N ASP DA 221 -91.98 38.16 -89.20
CA ASP DA 221 -90.64 37.64 -88.98
C ASP DA 221 -90.67 36.13 -88.76
N LYS DA 222 -91.68 35.63 -88.06
CA LYS DA 222 -91.81 34.20 -87.81
C LYS DA 222 -92.48 33.46 -88.98
N LEU DA 223 -92.89 34.17 -90.03
CA LEU DA 223 -93.54 33.53 -91.15
C LEU DA 223 -92.60 32.57 -91.87
N GLY DA 224 -93.17 31.47 -92.39
CA GLY DA 224 -92.40 30.48 -93.11
C GLY DA 224 -93.04 30.17 -94.45
N ASN DA 225 -92.42 29.23 -95.16
CA ASN DA 225 -92.90 28.83 -96.47
C ASN DA 225 -94.26 28.13 -96.35
N GLY DA 226 -95.15 28.44 -97.29
CA GLY DA 226 -96.47 27.84 -97.32
C GLY DA 226 -97.47 28.47 -96.37
N ASP DA 227 -97.10 29.52 -95.66
CA ASP DA 227 -98.02 30.16 -94.73
C ASP DA 227 -99.09 30.93 -95.47
N LYS DA 228 -100.24 31.11 -94.81
CA LYS DA 228 -101.39 31.78 -95.39
C LYS DA 228 -101.76 32.99 -94.54
N VAL DA 229 -101.90 34.14 -95.18
CA VAL DA 229 -102.35 35.36 -94.52
C VAL DA 229 -103.59 35.85 -95.25
N THR DA 230 -104.70 35.95 -94.52
CA THR DA 230 -105.98 36.37 -95.09
C THR DA 230 -106.39 37.67 -94.40
N VAL DA 231 -106.29 38.78 -95.12
CA VAL DA 231 -106.66 40.09 -94.60
C VAL DA 231 -107.62 40.75 -95.57
N GLY DA 232 -108.71 41.29 -95.04
CA GLY DA 232 -109.72 41.92 -95.88
C GLY DA 232 -110.35 40.97 -96.89
N GLY DA 233 -110.47 39.69 -96.54
CA GLY DA 233 -111.04 38.72 -97.45
C GLY DA 233 -110.13 38.30 -98.59
N VAL DA 234 -108.87 38.71 -98.57
CA VAL DA 234 -107.92 38.38 -99.63
C VAL DA 234 -106.85 37.46 -99.05
N ASP DA 235 -106.61 36.34 -99.72
CA ASP DA 235 -105.68 35.33 -99.24
C ASP DA 235 -104.34 35.47 -99.97
N TYR DA 236 -103.26 35.41 -99.20
CA TYR DA 236 -101.90 35.51 -99.72
C TYR DA 236 -101.10 34.32 -99.20
N THR DA 237 -100.32 33.71 -100.08
CA THR DA 237 -99.50 32.55 -99.74
C THR DA 237 -98.03 32.97 -99.75
N TYR DA 238 -97.35 32.76 -98.62
CA TYR DA 238 -95.96 33.15 -98.50
C TYR DA 238 -95.06 32.22 -99.33
N ASN DA 239 -93.96 32.77 -99.81
CA ASN DA 239 -92.99 32.03 -100.61
C ASN DA 239 -91.63 32.09 -99.96
N ALA DA 240 -90.92 30.96 -99.96
CA ALA DA 240 -89.59 30.89 -99.38
C ALA DA 240 -88.51 31.50 -100.27
N LYS DA 241 -88.78 31.64 -101.58
CA LYS DA 241 -87.77 32.16 -102.49
C LYS DA 241 -87.40 33.59 -102.14
N SER DA 242 -88.40 34.42 -101.82
CA SER DA 242 -88.17 35.80 -101.46
C SER DA 242 -89.30 36.27 -100.56
N GLY DA 243 -89.09 37.41 -99.91
CA GLY DA 243 -90.07 37.95 -99.00
C GLY DA 243 -91.26 38.57 -99.70
N ASP DA 244 -92.07 37.73 -100.35
CA ASP DA 244 -93.23 38.21 -101.07
C ASP DA 244 -94.35 37.19 -100.98
N PHE DA 245 -95.56 37.65 -101.29
CA PHE DA 245 -96.77 36.84 -101.26
C PHE DA 245 -97.28 36.60 -102.68
N THR DA 246 -97.78 35.39 -102.91
CA THR DA 246 -98.44 35.04 -104.15
C THR DA 246 -99.93 34.87 -103.89
N THR DA 247 -100.75 35.57 -104.66
CA THR DA 247 -102.20 35.55 -104.48
C THR DA 247 -102.86 35.26 -105.82
N THR DA 248 -104.11 34.82 -105.76
CA THR DA 248 -104.89 34.54 -106.95
C THR DA 248 -105.90 35.68 -107.15
N LYS DA 249 -105.78 36.38 -108.27
CA LYS DA 249 -106.71 37.45 -108.62
C LYS DA 249 -107.64 36.93 -109.70
N SER DA 250 -108.95 36.96 -109.42
CA SER DA 250 -109.94 36.39 -110.32
C SER DA 250 -111.10 37.37 -110.46
N THR DA 251 -111.85 37.20 -111.53
CA THR DA 251 -113.04 38.02 -111.78
C THR DA 251 -114.08 37.82 -110.69
N ALA DA 258 -126.69 36.58 -114.89
CA ALA DA 258 -126.03 36.93 -116.15
C ALA DA 258 -126.25 38.40 -116.48
N ALA DA 259 -127.50 38.84 -116.40
CA ALA DA 259 -127.86 40.21 -116.69
C ALA DA 259 -127.63 41.15 -115.51
N ALA DA 260 -127.19 40.63 -114.37
CA ALA DA 260 -126.94 41.45 -113.20
C ALA DA 260 -125.58 42.15 -113.35
N GLN DA 261 -125.10 42.74 -112.26
CA GLN DA 261 -123.83 43.46 -112.30
C GLN DA 261 -122.63 42.54 -112.45
N ALA DA 262 -122.81 41.23 -112.35
CA ALA DA 262 -121.68 40.30 -112.41
C ALA DA 262 -120.98 40.38 -113.77
N ALA DA 263 -121.75 40.30 -114.86
CA ALA DA 263 -121.14 40.34 -116.19
C ALA DA 263 -120.53 41.70 -116.48
N ASP DA 264 -121.19 42.77 -116.02
CA ASP DA 264 -120.62 44.11 -116.20
C ASP DA 264 -119.30 44.24 -115.47
N SER DA 265 -119.23 43.74 -114.24
CA SER DA 265 -117.98 43.77 -113.49
C SER DA 265 -116.91 42.92 -114.16
N ALA DA 266 -117.30 41.78 -114.72
CA ALA DA 266 -116.34 40.94 -115.45
C ALA DA 266 -115.75 41.68 -116.63
N SER DA 267 -116.62 42.34 -117.42
CA SER DA 267 -116.14 43.09 -118.57
C SER DA 267 -115.25 44.25 -118.14
N LYS DA 268 -115.64 44.97 -117.08
CA LYS DA 268 -114.83 46.09 -116.61
C LYS DA 268 -113.47 45.61 -116.10
N ARG DA 269 -113.44 44.49 -115.38
CA ARG DA 269 -112.17 43.96 -114.88
C ARG DA 269 -111.28 43.51 -116.04
N ASP DA 270 -111.86 42.87 -117.06
CA ASP DA 270 -111.07 42.49 -118.22
C ASP DA 270 -110.51 43.73 -118.93
N ALA DA 271 -111.32 44.78 -119.04
CA ALA DA 271 -110.85 46.01 -119.66
C ALA DA 271 -109.73 46.64 -118.84
N LEU DA 272 -109.85 46.62 -117.51
CA LEU DA 272 -108.80 47.16 -116.66
C LEU DA 272 -107.51 46.38 -116.81
N ALA DA 273 -107.60 45.04 -116.85
CA ALA DA 273 -106.41 44.23 -117.05
C ALA DA 273 -105.77 44.51 -118.40
N ALA DA 274 -106.59 44.66 -119.45
CA ALA DA 274 -106.07 44.97 -120.77
C ALA DA 274 -105.37 46.33 -120.78
N THR DA 275 -105.96 47.33 -120.13
CA THR DA 275 -105.33 48.64 -120.08
C THR DA 275 -104.02 48.58 -119.29
N LEU DA 276 -104.00 47.81 -118.21
CA LEU DA 276 -102.77 47.66 -117.43
C LEU DA 276 -101.66 46.99 -118.25
N HIS DA 277 -102.02 45.99 -119.05
CA HIS DA 277 -101.04 45.30 -119.87
C HIS DA 277 -100.72 46.03 -121.17
N ALA DA 278 -101.46 47.08 -121.50
CA ALA DA 278 -101.20 47.82 -122.73
C ALA DA 278 -99.79 48.39 -122.76
N ASP DA 279 -99.34 48.97 -121.65
CA ASP DA 279 -98.01 49.57 -121.60
C ASP DA 279 -96.98 48.46 -121.35
N VAL DA 280 -96.17 48.17 -122.37
CA VAL DA 280 -95.16 47.12 -122.30
C VAL DA 280 -93.77 47.63 -122.64
N GLY DA 281 -93.59 48.95 -122.69
CA GLY DA 281 -92.32 49.49 -123.13
C GLY DA 281 -92.08 49.20 -124.59
N LYS DA 282 -91.18 48.27 -124.87
CA LYS DA 282 -90.94 47.79 -126.23
C LYS DA 282 -91.73 46.50 -126.44
N SER DA 283 -91.50 45.85 -127.59
CA SER DA 283 -92.26 44.64 -127.93
C SER DA 283 -91.99 43.52 -126.94
N VAL DA 284 -93.05 42.76 -126.62
CA VAL DA 284 -92.95 41.65 -125.70
C VAL DA 284 -93.59 40.42 -126.34
N ASN DA 285 -93.32 39.26 -125.76
CA ASN DA 285 -93.82 38.00 -126.30
C ASN DA 285 -94.99 37.47 -125.47
N GLY DA 286 -95.87 36.73 -126.13
CA GLY DA 286 -96.98 36.07 -125.46
C GLY DA 286 -97.39 34.83 -126.22
N SER DA 287 -98.05 33.92 -125.51
CA SER DA 287 -98.52 32.66 -126.09
C SER DA 287 -99.98 32.45 -125.74
N TYR DA 288 -100.82 32.37 -126.77
CA TYR DA 288 -102.25 32.12 -126.60
C TYR DA 288 -102.56 30.74 -127.16
N THR DA 289 -103.14 29.88 -126.33
CA THR DA 289 -103.45 28.52 -126.75
C THR DA 289 -104.88 28.18 -126.40
N THR DA 290 -105.59 27.60 -127.37
CA THR DA 290 -106.92 27.07 -127.14
C THR DA 290 -106.81 25.60 -126.78
N LYS DA 291 -107.94 24.89 -126.79
CA LYS DA 291 -107.92 23.47 -126.47
C LYS DA 291 -107.20 22.65 -127.54
N ASP DA 292 -107.01 23.21 -128.73
CA ASP DA 292 -106.48 22.45 -129.85
C ASP DA 292 -105.20 23.01 -130.47
N GLY DA 293 -104.88 24.28 -130.25
CA GLY DA 293 -103.77 24.90 -130.95
C GLY DA 293 -103.03 25.89 -130.08
N THR DA 294 -101.84 26.27 -130.55
CA THR DA 294 -100.98 27.23 -129.89
C THR DA 294 -100.56 28.30 -130.87
N VAL DA 295 -100.52 29.55 -130.41
CA VAL DA 295 -100.11 30.69 -131.23
C VAL DA 295 -99.15 31.54 -130.42
N SER DA 296 -98.04 31.95 -131.03
CA SER DA 296 -97.08 32.85 -130.41
C SER DA 296 -97.22 34.22 -131.06
N PHE DA 297 -97.48 35.24 -130.24
CA PHE DA 297 -97.77 36.58 -130.74
C PHE DA 297 -96.87 37.60 -130.06
N GLU DA 298 -96.44 38.59 -130.84
CA GLU DA 298 -95.57 39.66 -130.35
C GLU DA 298 -96.44 40.88 -130.06
N THR DA 299 -96.69 41.13 -128.78
CA THR DA 299 -97.43 42.31 -128.37
C THR DA 299 -96.56 43.56 -128.53
N ASP DA 300 -97.17 44.63 -128.99
CA ASP DA 300 -96.48 45.90 -129.22
C ASP DA 300 -96.87 46.90 -128.14
N SER DA 301 -96.18 48.04 -128.15
CA SER DA 301 -96.48 49.10 -127.21
C SER DA 301 -97.90 49.64 -127.45
N ALA DA 302 -98.54 50.07 -126.36
CA ALA DA 302 -99.89 50.60 -126.33
C ALA DA 302 -100.94 49.55 -126.71
N GLY DA 303 -100.55 48.31 -126.92
CA GLY DA 303 -101.50 47.24 -127.16
C GLY DA 303 -101.71 46.93 -128.64
N ASN DA 304 -101.14 45.82 -129.09
CA ASN DA 304 -101.31 45.38 -130.47
C ASN DA 304 -100.96 43.90 -130.55
N ILE DA 305 -101.40 43.27 -131.63
CA ILE DA 305 -101.16 41.85 -131.88
C ILE DA 305 -100.39 41.71 -133.18
N THR DA 306 -99.27 40.99 -133.13
CA THR DA 306 -98.42 40.82 -134.30
C THR DA 306 -97.82 39.42 -134.29
N ILE DA 307 -98.01 38.69 -135.38
CA ILE DA 307 -97.41 37.37 -135.57
C ILE DA 307 -96.61 37.39 -136.85
N GLY DA 308 -95.37 36.92 -136.78
CA GLY DA 308 -94.52 36.83 -137.96
C GLY DA 308 -94.25 38.17 -138.62
N GLY DA 309 -94.14 39.23 -137.83
CA GLY DA 309 -93.87 40.55 -138.37
C GLY DA 309 -95.05 41.23 -139.03
N SER DA 310 -96.23 40.64 -138.97
CA SER DA 310 -97.42 41.21 -139.58
C SER DA 310 -98.53 41.28 -138.55
N GLN DA 311 -99.40 42.28 -138.72
CA GLN DA 311 -100.51 42.47 -137.80
C GLN DA 311 -101.48 41.30 -137.90
N ALA DA 312 -101.93 40.80 -136.76
CA ALA DA 312 -102.82 39.65 -136.69
C ALA DA 312 -104.19 40.08 -136.19
N TYR DA 313 -105.21 39.35 -136.63
CA TYR DA 313 -106.60 39.64 -136.28
C TYR DA 313 -107.20 38.46 -135.54
N VAL DA 314 -108.11 38.75 -134.61
CA VAL DA 314 -108.71 37.74 -133.76
C VAL DA 314 -110.10 37.40 -134.31
N ASP DA 315 -110.38 36.10 -134.40
CA ASP DA 315 -111.67 35.63 -134.87
C ASP DA 315 -112.74 35.88 -133.81
N ASP DA 316 -114.00 35.91 -134.27
CA ASP DA 316 -115.11 36.14 -133.35
C ASP DA 316 -115.21 35.03 -132.32
N ALA DA 317 -115.01 33.79 -132.73
CA ALA DA 317 -115.05 32.66 -131.80
C ALA DA 317 -113.88 32.68 -130.82
N GLY DA 318 -112.82 33.42 -131.12
CA GLY DA 318 -111.65 33.51 -130.27
C GLY DA 318 -110.36 33.06 -130.91
N ASN DA 319 -110.39 32.53 -132.12
CA ASN DA 319 -109.17 32.09 -132.78
C ASN DA 319 -108.35 33.30 -133.23
N LEU DA 320 -107.04 33.08 -133.36
CA LEU DA 320 -106.11 34.12 -133.79
C LEU DA 320 -105.54 33.77 -135.15
N THR DA 321 -105.61 34.71 -136.09
CA THR DA 321 -105.14 34.49 -137.44
C THR DA 321 -104.46 35.75 -137.97
N THR DA 322 -103.65 35.56 -139.00
CA THR DA 322 -102.90 36.66 -139.60
C THR DA 322 -103.63 37.36 -140.74
N ASN DA 323 -104.78 36.83 -141.16
CA ASN DA 323 -105.54 37.41 -142.27
C ASN DA 323 -106.98 37.64 -141.84
N ASN DA 324 -107.56 38.74 -142.29
CA ASN DA 324 -108.92 39.09 -141.92
C ASN DA 324 -109.92 38.33 -142.78
N ALA DA 325 -110.99 37.85 -142.12
CA ALA DA 325 -112.07 37.14 -142.80
C ALA DA 325 -113.39 37.69 -142.31
N GLY DA 326 -114.29 37.99 -143.24
CA GLY DA 326 -115.59 38.51 -142.87
C GLY DA 326 -115.59 39.93 -142.37
N SER DA 327 -114.55 40.71 -142.69
CA SER DA 327 -114.43 42.10 -142.27
C SER DA 327 -114.54 42.25 -140.75
N ALA DA 328 -113.94 41.30 -140.03
CA ALA DA 328 -113.93 41.30 -138.57
C ALA DA 328 -112.48 41.08 -138.13
N ALA DA 329 -111.73 42.19 -138.03
CA ALA DA 329 -110.30 42.12 -137.70
C ALA DA 329 -110.04 42.43 -136.23
N LYS DA 330 -110.46 43.60 -135.76
CA LYS DA 330 -110.30 44.06 -134.37
C LYS DA 330 -108.94 43.66 -133.79
N ALA DA 331 -107.89 44.11 -134.48
CA ALA DA 331 -106.52 43.74 -134.10
C ALA DA 331 -106.11 44.52 -132.86
N ASP DA 332 -106.60 44.05 -131.71
CA ASP DA 332 -106.25 44.66 -130.43
C ASP DA 332 -106.30 43.59 -129.35
N MET DA 333 -105.40 43.72 -128.37
CA MET DA 333 -105.35 42.73 -127.30
C MET DA 333 -106.54 42.86 -126.35
N LYS DA 334 -107.08 44.07 -126.18
CA LYS DA 334 -108.32 44.21 -125.43
C LYS DA 334 -109.46 43.47 -126.11
N ALA DA 335 -109.56 43.60 -127.43
CA ALA DA 335 -110.58 42.86 -128.18
C ALA DA 335 -110.33 41.36 -128.10
N LEU DA 336 -109.07 40.93 -128.13
CA LEU DA 336 -108.76 39.52 -127.97
C LEU DA 336 -109.22 39.00 -126.62
N LEU DA 337 -108.95 39.75 -125.56
CA LEU DA 337 -109.37 39.34 -124.22
C LEU DA 337 -110.89 39.28 -124.12
N LYS DA 338 -111.58 40.29 -124.67
CA LYS DA 338 -113.04 40.28 -124.65
C LYS DA 338 -113.61 39.10 -125.42
N ALA DA 339 -113.04 38.81 -126.59
CA ALA DA 339 -113.52 37.69 -127.39
C ALA DA 339 -113.26 36.36 -126.68
N ALA DA 340 -112.11 36.21 -126.04
CA ALA DA 340 -111.83 35.00 -125.29
C ALA DA 340 -112.80 34.84 -124.12
N SER DA 341 -113.07 35.94 -123.41
CA SER DA 341 -113.99 35.87 -122.28
C SER DA 341 -115.40 35.51 -122.73
N GLU DA 342 -115.85 36.10 -123.84
CA GLU DA 342 -117.21 35.87 -124.32
C GLU DA 342 -117.32 34.63 -125.20
N GLY DA 343 -116.21 33.95 -125.47
CA GLY DA 343 -116.25 32.82 -126.38
C GLY DA 343 -116.97 31.62 -125.78
N SER DA 344 -117.37 30.73 -126.68
CA SER DA 344 -118.06 29.51 -126.25
C SER DA 344 -117.12 28.58 -125.50
N ASP DA 345 -115.83 28.60 -125.83
CA ASP DA 345 -114.84 27.73 -125.22
C ASP DA 345 -113.72 28.58 -124.62
N GLY DA 346 -113.25 28.17 -123.44
CA GLY DA 346 -112.16 28.86 -122.79
C GLY DA 346 -110.80 28.52 -123.38
N ALA DA 347 -109.81 29.33 -123.01
CA ALA DA 347 -108.44 29.15 -123.49
C ALA DA 347 -107.46 29.62 -122.42
N SER DA 348 -106.18 29.40 -122.69
CA SER DA 348 -105.11 29.76 -121.78
C SER DA 348 -104.17 30.75 -122.45
N LEU DA 349 -103.87 31.85 -121.76
CA LEU DA 349 -103.04 32.91 -122.30
C LEU DA 349 -101.91 33.20 -121.33
N THR DA 350 -100.67 33.10 -121.81
CA THR DA 350 -99.48 33.33 -121.01
C THR DA 350 -98.76 34.56 -121.54
N PHE DA 351 -98.47 35.50 -120.66
CA PHE DA 351 -97.67 36.68 -120.99
C PHE DA 351 -96.20 36.35 -120.77
N ASN DA 352 -95.35 37.39 -120.74
CA ASN DA 352 -93.92 37.17 -120.58
C ASN DA 352 -93.61 36.42 -119.29
N GLY DA 353 -94.13 36.92 -118.17
CA GLY DA 353 -93.85 36.31 -116.89
C GLY DA 353 -94.97 35.47 -116.30
N THR DA 354 -96.19 35.96 -116.37
CA THR DA 354 -97.33 35.32 -115.72
C THR DA 354 -98.20 34.59 -116.73
N GLU DA 355 -99.13 33.80 -116.20
CA GLU DA 355 -100.09 33.04 -117.00
C GLU DA 355 -101.50 33.45 -116.61
N TYR DA 356 -102.36 33.62 -117.59
CA TYR DA 356 -103.74 34.03 -117.39
C TYR DA 356 -104.67 32.94 -117.91
N THR DA 357 -105.67 32.58 -117.12
CA THR DA 357 -106.63 31.55 -117.51
C THR DA 357 -108.00 32.20 -117.71
N ILE DA 358 -108.65 31.86 -118.81
CA ILE DA 358 -109.93 32.44 -119.19
C ILE DA 358 -111.02 31.42 -118.91
N ALA DA 359 -111.97 31.78 -118.06
CA ALA DA 359 -113.08 30.90 -117.75
C ALA DA 359 -114.07 30.86 -118.91
N LYS DA 360 -114.65 29.69 -119.14
CA LYS DA 360 -115.61 29.51 -120.22
C LYS DA 360 -116.91 30.27 -119.95
N GLY DA 376 -114.80 34.98 -117.14
CA GLY DA 376 -113.92 35.69 -116.23
C GLY DA 376 -112.45 35.41 -116.49
N ILE DA 377 -111.59 36.14 -115.79
CA ILE DA 377 -110.15 35.99 -115.93
C ILE DA 377 -109.56 35.68 -114.56
N THR DA 378 -108.58 34.78 -114.52
CA THR DA 378 -107.85 34.48 -113.30
C THR DA 378 -106.36 34.45 -113.56
N TYR DA 379 -105.58 34.87 -112.57
CA TYR DA 379 -104.14 34.91 -112.73
C TYR DA 379 -103.47 34.95 -111.36
N GLN DA 380 -102.29 34.35 -111.27
CA GLN DA 380 -101.54 34.28 -110.02
C GLN DA 380 -100.63 35.51 -109.94
N ALA DA 381 -101.13 36.55 -109.28
CA ALA DA 381 -100.36 37.76 -109.09
C ALA DA 381 -99.41 37.61 -107.91
N THR DA 382 -98.39 38.47 -107.88
CA THR DA 382 -97.43 38.51 -106.78
C THR DA 382 -97.41 39.92 -106.21
N VAL DA 383 -97.54 40.03 -104.90
CA VAL DA 383 -97.50 41.31 -104.20
C VAL DA 383 -96.55 41.18 -103.02
N SER DA 384 -95.74 42.21 -102.80
CA SER DA 384 -94.76 42.18 -101.73
C SER DA 384 -95.44 42.13 -100.37
N LYS DA 385 -94.81 41.44 -99.42
CA LYS DA 385 -95.36 41.31 -98.08
C LYS DA 385 -95.41 42.65 -97.34
N ASP DA 386 -94.62 43.62 -97.78
CA ASP DA 386 -94.64 44.93 -97.14
C ASP DA 386 -96.01 45.58 -97.25
N VAL DA 387 -96.63 45.48 -98.43
CA VAL DA 387 -97.94 46.09 -98.62
C VAL DA 387 -98.98 45.47 -97.70
N VAL DA 388 -99.00 44.13 -97.61
CA VAL DA 388 -100.02 43.47 -96.81
C VAL DA 388 -99.80 43.72 -95.33
N LEU DA 389 -98.53 43.70 -94.88
CA LEU DA 389 -98.29 44.00 -93.47
C LEU DA 389 -98.67 45.44 -93.13
N SER DA 390 -98.37 46.38 -94.04
CA SER DA 390 -98.73 47.77 -93.80
C SER DA 390 -100.25 47.95 -93.75
N GLU DA 391 -100.98 47.31 -94.67
CA GLU DA 391 -102.43 47.46 -94.67
C GLU DA 391 -103.05 46.78 -93.47
N THR DA 392 -102.47 45.68 -92.99
CA THR DA 392 -102.96 45.05 -91.78
C THR DA 392 -102.70 45.90 -90.56
N LYS DA 393 -101.51 46.53 -90.49
CA LYS DA 393 -101.16 47.29 -89.29
C LYS DA 393 -101.91 48.62 -89.23
N ALA DA 394 -102.03 49.32 -90.36
CA ALA DA 394 -102.61 50.66 -90.35
C ALA DA 394 -104.12 50.61 -90.12
N ALA DA 395 -104.82 49.73 -90.82
CA ALA DA 395 -106.26 49.69 -90.81
C ALA DA 395 -106.78 48.80 -89.68
N ALA DA 396 -108.00 49.10 -89.23
CA ALA DA 396 -108.65 48.32 -88.18
C ALA DA 396 -109.39 47.14 -88.79
N ALA DA 397 -108.63 46.26 -89.45
CA ALA DA 397 -109.17 45.10 -90.11
C ALA DA 397 -109.11 43.88 -89.19
N THR DA 398 -109.52 42.73 -89.73
CA THR DA 398 -109.51 41.45 -89.01
C THR DA 398 -108.75 40.45 -89.87
N SER DA 399 -107.45 40.31 -89.62
CA SER DA 399 -106.60 39.43 -90.39
C SER DA 399 -106.50 38.06 -89.72
N SER DA 400 -106.10 37.06 -90.50
CA SER DA 400 -105.86 35.71 -90.00
C SER DA 400 -104.51 35.24 -90.53
N ILE DA 401 -103.70 34.69 -89.63
CA ILE DA 401 -102.36 34.21 -89.98
C ILE DA 401 -102.28 32.73 -89.63
N THR DA 402 -101.81 31.93 -90.57
CA THR DA 402 -101.69 30.49 -90.38
C THR DA 402 -100.23 30.08 -90.46
N PHE DA 403 -99.74 29.42 -89.42
CA PHE DA 403 -98.40 28.86 -89.38
C PHE DA 403 -98.47 27.37 -89.63
N ASN DA 404 -97.72 26.90 -90.63
CA ASN DA 404 -97.72 25.50 -91.03
C ASN DA 404 -96.30 24.98 -90.98
N SER DA 405 -96.10 23.88 -90.24
CA SER DA 405 -94.83 23.18 -90.19
C SER DA 405 -94.82 21.97 -91.11
N GLY DA 406 -95.84 21.82 -91.95
CA GLY DA 406 -96.00 20.68 -92.82
C GLY DA 406 -96.98 19.64 -92.30
N VAL DA 407 -97.06 19.48 -90.99
CA VAL DA 407 -98.02 18.58 -90.35
C VAL DA 407 -98.89 19.33 -89.34
N LEU DA 408 -98.28 20.17 -88.52
CA LEU DA 408 -98.98 20.94 -87.51
C LEU DA 408 -99.32 22.32 -88.05
N SER DA 409 -100.57 22.73 -87.85
CA SER DA 409 -101.05 24.02 -88.34
C SER DA 409 -101.72 24.79 -87.20
N LYS DA 410 -101.46 26.09 -87.15
CA LYS DA 410 -102.05 26.95 -86.14
C LYS DA 410 -102.58 28.22 -86.79
N THR DA 411 -103.83 28.56 -86.50
CA THR DA 411 -104.48 29.75 -87.06
C THR DA 411 -104.73 30.75 -85.94
N ILE DA 412 -104.28 31.98 -86.15
CA ILE DA 412 -104.39 33.04 -85.16
C ILE DA 412 -105.09 34.24 -85.79
N GLY DA 413 -106.12 34.75 -85.12
CA GLY DA 413 -106.77 35.98 -85.56
C GLY DA 413 -106.05 37.19 -85.01
N PHE DA 414 -106.07 38.27 -85.81
CA PHE DA 414 -105.35 39.50 -85.49
C PHE DA 414 -106.24 40.70 -85.73
N THR DA 415 -106.26 41.62 -84.78
CA THR DA 415 -106.86 42.94 -84.95
C THR DA 415 -105.79 43.87 -85.51
N ALA DA 416 -106.02 45.19 -85.42
CA ALA DA 416 -105.10 46.18 -85.99
C ALA DA 416 -103.84 46.22 -85.15
N GLY DA 417 -102.94 45.26 -85.41
CA GLY DA 417 -101.65 45.20 -84.76
C GLY DA 417 -101.56 44.22 -83.61
N GLU DA 418 -102.68 43.72 -83.11
CA GLU DA 418 -102.70 42.81 -81.97
C GLU DA 418 -103.59 41.61 -82.32
N SER DA 419 -103.77 40.72 -81.35
CA SER DA 419 -104.61 39.54 -81.50
C SER DA 419 -105.85 39.71 -80.64
N SER DA 420 -107.02 39.62 -81.28
CA SER DA 420 -108.31 39.77 -80.60
C SER DA 420 -109.15 38.50 -80.65
N ASP DA 421 -108.54 37.35 -80.96
CA ASP DA 421 -109.27 36.11 -81.14
C ASP DA 421 -109.49 35.35 -79.85
N ALA DA 422 -109.48 36.04 -78.71
CA ALA DA 422 -109.60 35.42 -77.39
C ALA DA 422 -108.51 34.39 -77.15
N ALA DA 423 -107.35 34.59 -77.78
CA ALA DA 423 -106.19 33.72 -77.64
C ALA DA 423 -105.06 34.49 -77.00
N LYS DA 424 -104.20 33.76 -76.29
CA LYS DA 424 -103.14 34.41 -75.51
C LYS DA 424 -102.08 34.99 -76.43
N SER DA 425 -101.39 34.13 -77.18
CA SER DA 425 -100.49 34.53 -78.26
C SER DA 425 -99.44 35.53 -77.79
N TYR DA 426 -98.55 35.05 -76.93
CA TYR DA 426 -97.45 35.85 -76.42
C TYR DA 426 -96.12 35.27 -76.87
N VAL DA 427 -95.16 36.15 -77.15
CA VAL DA 427 -93.90 35.76 -77.79
C VAL DA 427 -92.73 36.38 -77.05
N ASP DA 428 -93.03 37.27 -76.09
CA ASP DA 428 -92.00 38.14 -75.52
C ASP DA 428 -90.90 37.38 -74.80
N ASP DA 429 -91.14 36.15 -74.36
CA ASP DA 429 -90.20 35.44 -73.51
C ASP DA 429 -88.84 35.24 -74.17
N LYS DA 430 -88.79 34.43 -75.23
CA LYS DA 430 -87.55 34.19 -75.95
C LYS DA 430 -87.75 34.05 -77.46
N GLY DA 431 -88.95 34.29 -77.95
CA GLY DA 431 -89.29 34.00 -79.33
C GLY DA 431 -90.17 32.76 -79.44
N GLY DA 432 -91.04 32.77 -80.44
CA GLY DA 432 -92.02 31.72 -80.59
C GLY DA 432 -93.28 31.99 -79.77
N ILE DA 433 -94.38 31.40 -80.22
CA ILE DA 433 -95.69 31.65 -79.63
C ILE DA 433 -95.90 30.64 -78.50
N THR DA 434 -95.87 31.12 -77.27
CA THR DA 434 -96.02 30.27 -76.09
C THR DA 434 -97.36 30.43 -75.40
N ASN DA 435 -98.22 31.33 -75.88
CA ASN DA 435 -99.62 31.51 -75.44
C ASN DA 435 -99.81 31.36 -73.93
N VAL DA 436 -98.88 31.92 -73.15
CA VAL DA 436 -99.03 32.01 -71.71
C VAL DA 436 -99.22 33.47 -71.33
N ALA DA 437 -100.25 33.75 -70.53
CA ALA DA 437 -100.53 35.12 -70.13
C ALA DA 437 -99.40 35.68 -69.28
N ASP DA 438 -99.16 35.08 -68.12
CA ASP DA 438 -98.15 35.55 -67.20
C ASP DA 438 -97.89 34.47 -66.16
N TYR DA 439 -96.65 34.40 -65.69
CA TYR DA 439 -96.27 33.50 -64.62
C TYR DA 439 -95.64 34.29 -63.49
N THR DA 440 -96.05 33.99 -62.26
CA THR DA 440 -95.54 34.65 -61.07
C THR DA 440 -94.70 33.65 -60.29
N VAL DA 441 -93.47 34.03 -59.97
CA VAL DA 441 -92.55 33.20 -59.22
C VAL DA 441 -92.43 33.77 -57.81
N SER DA 442 -92.60 32.91 -56.81
CA SER DA 442 -92.52 33.31 -55.42
C SER DA 442 -91.20 32.85 -54.83
N TYR DA 443 -90.48 33.77 -54.21
CA TYR DA 443 -89.19 33.51 -53.60
C TYR DA 443 -89.32 33.63 -52.09
N SER DA 444 -88.75 32.65 -51.38
CA SER DA 444 -88.73 32.64 -49.93
C SER DA 444 -87.38 33.13 -49.45
N VAL DA 445 -87.39 34.06 -48.50
CA VAL DA 445 -86.16 34.66 -47.97
C VAL DA 445 -85.95 34.09 -46.57
N ASN DA 446 -84.80 33.45 -46.37
CA ASN DA 446 -84.44 32.96 -45.04
C ASN DA 446 -83.85 34.10 -44.23
N LYS DA 447 -84.57 34.54 -43.20
CA LYS DA 447 -84.15 35.69 -42.43
C LYS DA 447 -82.95 35.42 -41.53
N ASP DA 448 -82.55 34.15 -41.36
CA ASP DA 448 -81.40 33.85 -40.53
C ASP DA 448 -80.11 34.33 -41.17
N ASN DA 449 -79.92 34.05 -42.46
CA ASN DA 449 -78.71 34.44 -43.18
C ASN DA 449 -78.94 35.35 -44.37
N GLY DA 450 -80.17 35.45 -44.87
CA GLY DA 450 -80.47 36.26 -46.03
C GLY DA 450 -80.50 35.51 -47.35
N SER DA 451 -80.31 34.19 -47.33
CA SER DA 451 -80.34 33.42 -48.56
C SER DA 451 -81.75 33.39 -49.13
N VAL DA 452 -81.84 33.45 -50.46
CA VAL DA 452 -83.11 33.49 -51.17
C VAL DA 452 -83.23 32.22 -52.02
N THR DA 453 -84.34 31.52 -51.86
CA THR DA 453 -84.61 30.30 -52.59
C THR DA 453 -85.91 30.45 -53.38
N VAL DA 454 -86.17 29.46 -54.23
CA VAL DA 454 -87.37 29.43 -55.08
C VAL DA 454 -88.40 28.55 -54.40
N ALA DA 455 -89.58 29.12 -54.14
CA ALA DA 455 -90.65 28.37 -53.49
C ALA DA 455 -91.98 28.96 -53.93
N GLY DA 456 -92.63 28.30 -54.89
CA GLY DA 456 -93.96 28.71 -55.32
C GLY DA 456 -94.03 29.23 -56.74
N TYR DA 457 -94.96 28.68 -57.51
CA TYR DA 457 -95.18 29.08 -58.90
C TYR DA 457 -96.67 29.24 -59.14
N ALA DA 458 -97.06 30.35 -59.78
CA ALA DA 458 -98.45 30.61 -60.08
C ALA DA 458 -98.59 30.97 -61.55
N SER DA 459 -99.63 30.45 -62.19
CA SER DA 459 -99.88 30.74 -63.60
C SER DA 459 -101.36 30.95 -63.82
N ALA DA 460 -101.70 32.00 -64.58
CA ALA DA 460 -103.08 32.25 -64.95
C ALA DA 460 -103.60 31.28 -65.99
N THR DA 461 -102.71 30.53 -66.63
CA THR DA 461 -103.07 29.47 -67.58
C THR DA 461 -102.51 28.15 -67.07
N ASP DA 462 -102.81 27.08 -67.81
CA ASP DA 462 -102.26 25.77 -67.45
C ASP DA 462 -100.75 25.77 -67.55
N THR DA 463 -100.21 26.19 -68.69
CA THR DA 463 -98.80 26.48 -68.90
C THR DA 463 -97.96 25.21 -68.90
N ASN DA 464 -98.58 24.08 -68.54
CA ASN DA 464 -97.90 22.78 -68.46
C ASN DA 464 -96.63 22.86 -67.61
N LYS DA 465 -96.57 23.84 -66.71
CA LYS DA 465 -95.39 24.09 -65.88
C LYS DA 465 -94.12 24.22 -66.73
N ASP DA 466 -94.26 24.93 -67.86
CA ASP DA 466 -93.12 25.15 -68.74
C ASP DA 466 -92.06 26.02 -68.08
N TYR DA 467 -92.49 27.09 -67.40
CA TYR DA 467 -91.58 28.04 -66.78
C TYR DA 467 -91.52 27.88 -65.26
N ALA DA 468 -91.80 26.68 -64.75
CA ALA DA 468 -91.80 26.47 -63.31
C ALA DA 468 -90.53 25.75 -62.90
N PRO DA 469 -89.60 26.42 -62.23
CA PRO DA 469 -88.43 25.73 -61.69
C PRO DA 469 -88.81 24.86 -60.51
N ALA DA 470 -87.97 23.86 -60.24
CA ALA DA 470 -88.17 23.01 -59.08
C ALA DA 470 -88.04 23.85 -57.80
N ILE DA 471 -88.98 23.66 -56.88
CA ILE DA 471 -88.95 24.44 -55.65
C ILE DA 471 -87.76 24.02 -54.79
N GLY DA 472 -87.32 24.94 -53.94
CA GLY DA 472 -86.20 24.69 -53.06
C GLY DA 472 -84.84 24.86 -53.68
N THR DA 473 -84.75 25.48 -54.85
CA THR DA 473 -83.48 25.70 -55.53
C THR DA 473 -83.00 27.11 -55.27
N ALA DA 474 -81.76 27.23 -54.76
CA ALA DA 474 -81.21 28.53 -54.44
C ALA DA 474 -81.05 29.36 -55.71
N VAL DA 475 -81.56 30.58 -55.70
CA VAL DA 475 -81.50 31.46 -56.85
C VAL DA 475 -80.30 32.37 -56.72
N ASN DA 476 -79.71 32.73 -57.86
CA ASN DA 476 -78.53 33.58 -57.92
C ASN DA 476 -78.80 34.77 -58.83
N VAL DA 477 -77.75 35.55 -59.07
CA VAL DA 477 -77.82 36.74 -59.92
C VAL DA 477 -76.89 36.54 -61.11
N ASN DA 478 -77.44 36.75 -62.30
CA ASN DA 478 -76.66 36.56 -63.52
C ASN DA 478 -75.62 37.67 -63.67
N SER DA 479 -74.84 37.58 -64.76
CA SER DA 479 -73.84 38.61 -65.02
C SER DA 479 -74.49 39.95 -65.31
N ALA DA 480 -75.62 39.94 -66.03
CA ALA DA 480 -76.32 41.16 -66.38
C ALA DA 480 -77.21 41.69 -65.25
N GLY DA 481 -77.16 41.08 -64.07
CA GLY DA 481 -77.95 41.51 -62.95
C GLY DA 481 -79.33 40.88 -62.86
N LYS DA 482 -79.68 39.99 -63.79
CA LYS DA 482 -80.98 39.35 -63.75
C LYS DA 482 -81.02 38.30 -62.64
N ILE DA 483 -82.24 37.92 -62.27
CA ILE DA 483 -82.48 36.91 -61.25
C ILE DA 483 -82.61 35.57 -61.98
N THR DA 484 -81.68 34.66 -61.73
CA THR DA 484 -81.60 33.43 -62.50
C THR DA 484 -81.09 32.32 -61.60
N THR DA 485 -81.38 31.08 -61.99
CA THR DA 485 -81.13 29.92 -61.14
C THR DA 485 -79.80 29.22 -61.41
N GLU DA 486 -79.30 29.24 -62.64
CA GLU DA 486 -78.08 28.50 -62.95
C GLU DA 486 -76.84 29.29 -62.53
N THR DA 487 -75.79 28.56 -62.15
CA THR DA 487 -74.57 29.15 -61.63
C THR DA 487 -73.42 29.14 -62.63
N THR DA 488 -73.66 28.75 -63.88
CA THR DA 488 -72.59 28.66 -64.86
C THR DA 488 -71.96 30.02 -65.15
N SER DA 489 -72.74 30.92 -65.76
CA SER DA 489 -72.29 32.28 -66.05
C SER DA 489 -70.99 32.27 -66.85
N ALA DA 490 -71.10 31.78 -68.08
CA ALA DA 490 -69.95 31.62 -68.95
C ALA DA 490 -69.25 32.96 -69.18
N GLY DA 491 -67.92 32.92 -69.15
CA GLY DA 491 -67.11 34.11 -69.27
C GLY DA 491 -66.72 34.45 -70.70
N SER DA 492 -65.61 35.18 -70.82
CA SER DA 492 -65.17 35.72 -72.10
C SER DA 492 -63.95 35.05 -72.68
N ALA DA 493 -63.23 34.24 -71.91
CA ALA DA 493 -62.07 33.54 -72.44
C ALA DA 493 -62.49 32.56 -73.52
N THR DA 494 -61.63 32.39 -74.52
CA THR DA 494 -61.95 31.51 -75.64
C THR DA 494 -62.11 30.07 -75.15
N THR DA 495 -63.12 29.39 -75.66
CA THR DA 495 -63.49 28.07 -75.15
C THR DA 495 -62.41 27.04 -75.46
N ASN DA 496 -62.13 26.81 -76.75
CA ASN DA 496 -61.23 25.75 -77.18
C ASN DA 496 -60.15 26.37 -78.07
N PRO DA 497 -59.17 27.06 -77.47
CA PRO DA 497 -58.14 27.72 -78.27
C PRO DA 497 -57.36 26.77 -79.14
N LEU DA 498 -57.04 25.58 -78.61
CA LEU DA 498 -56.27 24.62 -79.38
C LEU DA 498 -57.05 24.10 -80.57
N ALA DA 499 -58.35 23.86 -80.39
CA ALA DA 499 -59.18 23.44 -81.52
C ALA DA 499 -59.28 24.53 -82.57
N ALA DA 500 -59.46 25.78 -82.16
CA ALA DA 500 -59.53 26.87 -83.12
C ALA DA 500 -58.24 27.01 -83.90
N LEU DA 501 -57.10 26.92 -83.22
CA LEU DA 501 -55.81 27.02 -83.89
C LEU DA 501 -55.60 25.84 -84.83
N ASP DA 502 -56.04 24.65 -84.44
CA ASP DA 502 -55.95 23.50 -85.32
C ASP DA 502 -56.76 23.71 -86.59
N ASP DA 503 -57.98 24.25 -86.46
CA ASP DA 503 -58.78 24.53 -87.64
C ASP DA 503 -58.11 25.54 -88.55
N ALA DA 504 -57.53 26.59 -87.96
CA ALA DA 504 -56.83 27.59 -88.77
C ALA DA 504 -55.65 26.98 -89.51
N ILE DA 505 -54.84 26.18 -88.81
CA ILE DA 505 -53.68 25.55 -89.45
C ILE DA 505 -54.14 24.61 -90.55
N SER DA 506 -55.22 23.87 -90.32
CA SER DA 506 -55.72 22.96 -91.34
C SER DA 506 -56.17 23.72 -92.58
N SER DA 507 -56.85 24.86 -92.40
CA SER DA 507 -57.24 25.67 -93.56
C SER DA 507 -56.01 26.15 -94.33
N ILE DA 508 -54.99 26.61 -93.62
CA ILE DA 508 -53.78 27.08 -94.29
C ILE DA 508 -53.13 25.95 -95.08
N ASP DA 509 -53.05 24.76 -94.47
CA ASP DA 509 -52.43 23.63 -95.14
C ASP DA 509 -53.22 23.21 -96.37
N LYS DA 510 -54.55 23.23 -96.28
CA LYS DA 510 -55.37 22.88 -97.44
C LYS DA 510 -55.13 23.84 -98.59
N PHE DA 511 -55.10 25.14 -98.31
CA PHE DA 511 -54.88 26.11 -99.38
C PHE DA 511 -53.48 25.96 -99.98
N ARG DA 512 -52.48 25.69 -99.13
CA ARG DA 512 -51.13 25.45 -99.65
C ARG DA 512 -51.08 24.23 -100.55
N SER DA 513 -51.77 23.16 -100.16
CA SER DA 513 -51.80 21.96 -100.99
C SER DA 513 -52.46 22.24 -102.34
N SER DA 514 -53.54 23.02 -102.33
CA SER DA 514 -54.19 23.38 -103.59
C SER DA 514 -53.23 24.15 -104.50
N LEU DA 515 -52.50 25.11 -103.94
CA LEU DA 515 -51.55 25.86 -104.74
C LEU DA 515 -50.45 24.96 -105.29
N GLY DA 516 -49.96 24.02 -104.48
CA GLY DA 516 -48.94 23.11 -104.96
C GLY DA 516 -49.41 22.25 -106.12
N ALA DA 517 -50.64 21.73 -106.02
CA ALA DA 517 -51.18 20.95 -107.13
C ALA DA 517 -51.30 21.79 -108.40
N ILE DA 518 -51.79 23.02 -108.26
CA ILE DA 518 -51.92 23.91 -109.41
C ILE DA 518 -50.56 24.15 -110.04
N GLN DA 519 -49.54 24.38 -109.21
CA GLN DA 519 -48.20 24.64 -109.72
C GLN DA 519 -47.66 23.44 -110.48
N ASN DA 520 -47.87 22.24 -109.94
CA ASN DA 520 -47.39 21.03 -110.63
C ASN DA 520 -48.05 20.89 -112.00
N ARG DA 521 -49.37 21.05 -112.06
CA ARG DA 521 -50.02 20.91 -113.36
C ARG DA 521 -49.60 22.02 -114.32
N LEU DA 522 -49.30 23.22 -113.81
CA LEU DA 522 -48.85 24.29 -114.67
C LEU DA 522 -47.47 23.98 -115.26
N ASP DA 523 -46.57 23.41 -114.45
CA ASP DA 523 -45.26 23.03 -114.96
C ASP DA 523 -45.39 21.94 -116.02
N SER DA 524 -46.27 20.97 -115.78
CA SER DA 524 -46.51 19.95 -116.80
C SER DA 524 -47.02 20.58 -118.09
N ALA DA 525 -47.90 21.57 -117.98
CA ALA DA 525 -48.37 22.28 -119.17
C ALA DA 525 -47.23 22.97 -119.89
N VAL DA 526 -46.30 23.56 -119.14
CA VAL DA 526 -45.15 24.22 -119.77
C VAL DA 526 -44.35 23.22 -120.59
N THR DA 527 -44.07 22.06 -120.00
CA THR DA 527 -43.29 21.05 -120.70
C THR DA 527 -44.01 20.59 -121.98
N ASN DA 528 -45.32 20.36 -121.88
CA ASN DA 528 -46.06 19.94 -123.07
C ASN DA 528 -46.04 21.02 -124.15
N LEU DA 529 -46.15 22.28 -123.74
CA LEU DA 529 -46.12 23.36 -124.71
C LEU DA 529 -44.78 23.42 -125.43
N ASN DA 530 -43.68 23.24 -124.69
CA ASN DA 530 -42.37 23.25 -125.34
C ASN DA 530 -42.24 22.10 -126.34
N ASN DA 531 -42.70 20.90 -125.96
CA ASN DA 531 -42.63 19.78 -126.88
C ASN DA 531 -43.45 20.03 -128.14
N THR DA 532 -44.66 20.56 -127.97
CA THR DA 532 -45.51 20.82 -129.12
C THR DA 532 -44.91 21.89 -130.02
N THR DA 533 -44.30 22.92 -129.43
CA THR DA 533 -43.65 23.95 -130.22
C THR DA 533 -42.51 23.37 -131.04
N THR DA 534 -41.71 22.49 -130.43
CA THR DA 534 -40.63 21.85 -131.18
C THR DA 534 -41.17 21.05 -132.35
N ASN DA 535 -42.23 20.27 -132.11
CA ASN DA 535 -42.76 19.44 -133.19
C ASN DA 535 -43.37 20.27 -134.31
N LEU DA 536 -44.05 21.37 -133.96
CA LEU DA 536 -44.64 22.21 -135.00
C LEU DA 536 -43.56 22.92 -135.79
N SER DA 537 -42.47 23.33 -135.14
CA SER DA 537 -41.35 23.89 -135.88
C SER DA 537 -40.75 22.84 -136.82
N GLU DA 538 -40.68 21.59 -136.36
CA GLU DA 538 -40.28 20.49 -137.22
C GLU DA 538 -41.12 20.46 -138.49
N ALA DA 539 -42.45 20.47 -138.32
CA ALA DA 539 -43.34 20.36 -139.47
C ALA DA 539 -43.20 21.56 -140.41
N GLN DA 540 -43.08 22.76 -139.85
CA GLN DA 540 -42.91 23.94 -140.69
C GLN DA 540 -41.60 23.86 -141.47
N SER DA 541 -40.55 23.35 -140.83
CA SER DA 541 -39.28 23.15 -141.54
C SER DA 541 -39.44 22.13 -142.65
N ARG DA 542 -40.23 21.09 -142.41
CA ARG DA 542 -40.49 20.11 -143.45
C ARG DA 542 -41.14 20.76 -144.67
N ILE DA 543 -42.09 21.67 -144.42
CA ILE DA 543 -42.81 22.29 -145.53
C ILE DA 543 -41.92 23.29 -146.26
N GLN DA 544 -41.33 24.23 -145.53
CA GLN DA 544 -40.56 25.33 -146.09
C GLN DA 544 -39.08 24.93 -146.19
N ASP DA 545 -38.20 25.92 -146.34
CA ASP DA 545 -36.74 25.74 -146.27
C ASP DA 545 -36.24 24.81 -147.38
N ALA DA 546 -36.30 25.34 -148.60
CA ALA DA 546 -35.82 24.66 -149.79
C ALA DA 546 -34.42 24.06 -149.58
N ASP DA 547 -34.14 23.01 -150.33
CA ASP DA 547 -32.90 22.24 -150.21
C ASP DA 547 -31.78 22.94 -150.97
N TYR DA 548 -30.84 23.53 -150.22
CA TYR DA 548 -29.77 24.29 -150.83
C TYR DA 548 -29.01 23.50 -151.88
N ALA DA 549 -28.82 22.19 -151.66
CA ALA DA 549 -28.21 21.37 -152.69
C ALA DA 549 -29.05 21.40 -153.97
N THR DA 550 -30.36 21.26 -153.82
CA THR DA 550 -31.24 21.19 -154.99
C THR DA 550 -31.20 22.48 -155.78
N GLU DA 551 -31.38 23.63 -155.12
CA GLU DA 551 -31.36 24.87 -155.90
C GLU DA 551 -29.96 25.29 -156.36
N VAL DA 552 -28.89 24.89 -155.65
CA VAL DA 552 -27.56 25.15 -156.19
C VAL DA 552 -27.37 24.40 -157.51
N SER DA 553 -27.75 23.12 -157.53
CA SER DA 553 -27.69 22.37 -158.78
C SER DA 553 -28.57 22.99 -159.84
N ASN DA 554 -29.77 23.43 -159.46
CA ASN DA 554 -30.71 23.99 -160.41
C ASN DA 554 -30.15 25.25 -161.06
N MET DA 555 -29.58 26.16 -160.25
CA MET DA 555 -29.04 27.37 -160.85
C MET DA 555 -27.79 27.08 -161.65
N SER DA 556 -26.99 26.10 -161.25
CA SER DA 556 -25.80 25.79 -162.02
C SER DA 556 -26.17 25.32 -163.41
N LYS DA 557 -27.11 24.38 -163.50
CA LYS DA 557 -27.51 23.91 -164.82
C LYS DA 557 -28.28 25.00 -165.59
N ALA DA 558 -29.01 25.87 -164.88
CA ALA DA 558 -29.69 26.96 -165.55
C ALA DA 558 -28.70 27.94 -166.17
N GLN DA 559 -27.64 28.27 -165.43
CA GLN DA 559 -26.61 29.16 -165.96
C GLN DA 559 -25.91 28.55 -167.16
N ILE DA 560 -25.62 27.24 -167.08
CA ILE DA 560 -25.00 26.58 -168.22
C ILE DA 560 -25.92 26.63 -169.44
N ILE DA 561 -27.20 26.36 -169.23
CA ILE DA 561 -28.14 26.40 -170.35
C ILE DA 561 -28.23 27.81 -170.91
N GLN DA 562 -28.18 28.82 -170.05
CA GLN DA 562 -28.22 30.21 -170.52
C GLN DA 562 -27.01 30.54 -171.37
N GLN DA 563 -25.82 30.17 -170.92
CA GLN DA 563 -24.61 30.47 -171.68
C GLN DA 563 -24.60 29.72 -173.01
N ALA DA 564 -25.01 28.46 -172.99
CA ALA DA 564 -25.09 27.69 -174.24
C ALA DA 564 -26.11 28.31 -175.19
N GLY DA 565 -27.25 28.73 -174.67
CA GLY DA 565 -28.25 29.36 -175.51
C GLY DA 565 -27.76 30.66 -176.11
N ASN DA 566 -27.01 31.45 -175.34
CA ASN DA 566 -26.48 32.70 -175.86
C ASN DA 566 -25.45 32.46 -176.95
N SER DA 567 -24.57 31.47 -176.75
CA SER DA 567 -23.58 31.15 -177.78
C SER DA 567 -24.26 30.65 -179.06
N VAL DA 568 -25.25 29.76 -178.92
CA VAL DA 568 -25.97 29.28 -180.08
C VAL DA 568 -26.77 30.41 -180.73
N LEU DA 569 -27.27 31.35 -179.92
CA LEU DA 569 -28.00 32.48 -180.45
C LEU DA 569 -27.08 33.36 -181.29
N ALA DA 570 -25.85 33.57 -180.82
CA ALA DA 570 -24.88 34.30 -181.64
C ALA DA 570 -24.58 33.55 -182.93
N LYS DA 571 -24.45 32.23 -182.85
CA LYS DA 571 -24.22 31.44 -184.07
C LYS DA 571 -25.38 31.57 -185.05
N ALA DA 572 -26.61 31.64 -184.53
CA ALA DA 572 -27.78 31.80 -185.38
C ALA DA 572 -27.86 33.20 -185.95
N ASN DA 573 -27.66 34.22 -185.11
CA ASN DA 573 -27.59 35.60 -185.58
C ASN DA 573 -26.40 35.84 -186.49
N GLN DA 574 -25.53 34.84 -186.65
CA GLN DA 574 -24.65 34.86 -187.82
C GLN DA 574 -25.55 34.56 -189.00
N VAL DA 575 -26.39 35.53 -189.34
CA VAL DA 575 -27.54 35.40 -190.22
C VAL DA 575 -27.07 35.01 -191.62
N PRO DA 576 -27.96 34.59 -192.52
CA PRO DA 576 -27.52 34.29 -193.88
C PRO DA 576 -26.75 35.44 -194.49
N GLN DA 577 -25.44 35.24 -194.67
CA GLN DA 577 -24.59 36.21 -195.33
C GLN DA 577 -24.00 35.65 -196.60
N GLN DA 578 -24.11 34.34 -196.82
CA GLN DA 578 -23.73 33.76 -198.10
C GLN DA 578 -24.57 34.30 -199.24
N VAL DA 579 -25.74 34.87 -198.93
CA VAL DA 579 -26.50 35.59 -199.94
C VAL DA 579 -25.69 36.77 -200.47
N LEU DA 580 -24.94 37.43 -199.58
CA LEU DA 580 -24.07 38.52 -200.03
C LEU DA 580 -23.03 37.99 -201.01
N SER DA 581 -22.44 36.82 -200.72
CA SER DA 581 -21.50 36.21 -201.65
C SER DA 581 -22.15 35.88 -202.98
N LEU DA 582 -23.38 35.37 -202.93
CA LEU DA 582 -24.12 35.07 -204.15
C LEU DA 582 -24.38 36.32 -204.98
N LEU DA 583 -24.56 37.47 -204.32
CA LEU DA 583 -24.97 38.68 -205.01
C LEU DA 583 -23.96 39.10 -206.08
N GLN DA 584 -22.68 39.18 -205.72
CA GLN DA 584 -21.71 39.67 -206.69
C GLN DA 584 -21.39 38.65 -207.77
N GLY DA 585 -21.85 37.41 -207.63
CA GLY DA 585 -21.58 36.38 -208.62
C GLY DA 585 -22.32 36.58 -209.92
N MET EA 1 -30.29 28.51 -115.03
CA MET EA 1 -28.85 28.59 -115.19
C MET EA 1 -28.48 28.85 -116.65
N ALA EA 2 -28.53 27.81 -117.49
CA ALA EA 2 -28.08 27.95 -118.87
C ALA EA 2 -28.86 29.01 -119.63
N GLN EA 3 -30.09 29.32 -119.22
CA GLN EA 3 -30.85 30.33 -119.94
C GLN EA 3 -30.35 31.74 -119.65
N VAL EA 4 -30.08 32.04 -118.38
CA VAL EA 4 -29.94 33.42 -117.93
C VAL EA 4 -28.64 33.56 -117.13
N ILE EA 5 -28.04 34.74 -117.20
CA ILE EA 5 -26.89 35.07 -116.37
C ILE EA 5 -27.11 36.29 -115.49
N ASN EA 6 -28.19 37.04 -115.71
CA ASN EA 6 -28.38 38.27 -114.95
C ASN EA 6 -28.74 38.01 -113.49
N THR EA 7 -29.37 36.87 -113.21
CA THR EA 7 -29.75 36.52 -111.85
C THR EA 7 -29.36 35.07 -111.59
N ASN EA 8 -29.33 34.70 -110.32
CA ASN EA 8 -29.09 33.31 -109.91
C ASN EA 8 -30.08 33.00 -108.79
N SER EA 9 -31.23 32.45 -109.17
CA SER EA 9 -32.23 32.07 -108.18
C SER EA 9 -31.68 31.03 -107.21
N LEU EA 10 -30.83 30.13 -107.69
CA LEU EA 10 -30.20 29.15 -106.80
C LEU EA 10 -29.36 29.85 -105.75
N SER EA 11 -28.57 30.83 -106.16
CA SER EA 11 -27.76 31.58 -105.20
C SER EA 11 -28.63 32.32 -104.21
N LEU EA 12 -29.72 32.93 -104.68
CA LEU EA 12 -30.60 33.66 -103.77
C LEU EA 12 -31.23 32.74 -102.74
N ILE EA 13 -31.71 31.57 -103.18
CA ILE EA 13 -32.32 30.62 -102.26
C ILE EA 13 -31.29 30.13 -101.25
N THR EA 14 -30.08 29.83 -101.72
CA THR EA 14 -29.03 29.38 -100.82
C THR EA 14 -28.69 30.43 -99.79
N GLN EA 15 -28.62 31.70 -100.20
CA GLN EA 15 -28.35 32.77 -99.25
C GLN EA 15 -29.45 32.88 -98.20
N ASN EA 16 -30.71 32.75 -98.63
CA ASN EA 16 -31.82 32.82 -97.68
C ASN EA 16 -31.72 31.69 -96.65
N ASN EA 17 -31.43 30.48 -97.13
CA ASN EA 17 -31.32 29.35 -96.21
C ASN EA 17 -30.14 29.52 -95.26
N ILE EA 18 -29.03 30.06 -95.76
CA ILE EA 18 -27.87 30.31 -94.90
C ILE EA 18 -28.21 31.30 -93.81
N ASN EA 19 -28.92 32.38 -94.15
CA ASN EA 19 -29.32 33.36 -93.14
C ASN EA 19 -30.25 32.73 -92.11
N LYS EA 20 -31.20 31.91 -92.57
CA LYS EA 20 -32.13 31.26 -91.65
C LYS EA 20 -31.37 30.38 -90.65
N ASN EA 21 -30.37 29.65 -91.13
CA ASN EA 21 -29.56 28.86 -90.20
C ASN EA 21 -28.73 29.74 -89.28
N GLN EA 22 -28.21 30.85 -89.80
CA GLN EA 22 -27.34 31.72 -89.03
C GLN EA 22 -28.07 32.32 -87.83
N SER EA 23 -29.36 32.60 -87.98
CA SER EA 23 -30.13 33.10 -86.84
C SER EA 23 -30.05 32.13 -85.66
N ALA EA 24 -30.33 30.85 -85.91
CA ALA EA 24 -30.29 29.85 -84.85
C ALA EA 24 -28.87 29.62 -84.36
N LEU EA 25 -27.88 29.71 -85.24
CA LEU EA 25 -26.48 29.60 -84.81
C LEU EA 25 -26.15 30.66 -83.77
N SER EA 26 -26.49 31.92 -84.07
CA SER EA 26 -26.20 33.01 -83.12
C SER EA 26 -26.96 32.81 -81.82
N SER EA 27 -28.24 32.41 -81.92
CA SER EA 27 -29.02 32.21 -80.70
C SER EA 27 -28.38 31.14 -79.81
N SER EA 28 -27.97 30.02 -80.41
CA SER EA 28 -27.37 28.94 -79.64
C SER EA 28 -26.06 29.36 -79.01
N ILE EA 29 -25.22 30.08 -79.76
CA ILE EA 29 -23.92 30.48 -79.22
C ILE EA 29 -24.10 31.43 -78.05
N GLU EA 30 -24.98 32.43 -78.18
CA GLU EA 30 -25.17 33.35 -77.08
C GLU EA 30 -25.79 32.65 -75.87
N ARG EA 31 -26.70 31.69 -76.13
CA ARG EA 31 -27.29 30.93 -75.03
C ARG EA 31 -26.23 30.16 -74.27
N LEU EA 32 -25.31 29.50 -74.98
CA LEU EA 32 -24.25 28.77 -74.31
C LEU EA 32 -23.32 29.69 -73.55
N SER EA 33 -22.98 30.85 -74.14
CA SER EA 33 -22.07 31.76 -73.47
C SER EA 33 -22.67 32.30 -72.17
N SER EA 34 -23.95 32.66 -72.20
CA SER EA 34 -24.57 33.22 -71.01
C SER EA 34 -24.87 32.16 -69.97
N GLY EA 35 -25.28 30.97 -70.40
CA GLY EA 35 -25.68 29.94 -69.46
C GLY EA 35 -27.09 30.08 -68.96
N LEU EA 36 -27.91 30.91 -69.60
CA LEU EA 36 -29.28 31.14 -69.20
C LEU EA 36 -30.21 30.84 -70.36
N ARG EA 37 -31.30 30.12 -70.09
CA ARG EA 37 -32.24 29.78 -71.14
C ARG EA 37 -32.92 31.01 -71.70
N ILE EA 38 -33.30 31.95 -70.83
CA ILE EA 38 -33.99 33.17 -71.23
C ILE EA 38 -32.99 34.31 -71.17
N ASN EA 39 -32.65 34.87 -72.33
CA ASN EA 39 -31.73 35.99 -72.41
C ASN EA 39 -32.36 37.09 -73.24
N SER EA 40 -32.42 38.29 -72.68
CA SER EA 40 -32.91 39.49 -73.35
C SER EA 40 -34.35 39.36 -73.81
N ALA EA 41 -35.10 38.39 -73.28
CA ALA EA 41 -36.54 38.27 -73.47
C ALA EA 41 -36.95 38.31 -74.94
N LYS EA 42 -36.12 37.77 -75.83
CA LYS EA 42 -36.48 37.68 -77.24
C LYS EA 42 -37.41 36.50 -77.48
N ASP EA 43 -37.85 35.90 -76.39
CA ASP EA 43 -38.60 34.66 -76.36
C ASP EA 43 -39.68 34.83 -75.29
N ASP EA 44 -40.22 33.72 -74.80
CA ASP EA 44 -41.33 33.79 -73.85
C ASP EA 44 -41.05 34.72 -72.66
N ALA EA 45 -41.83 35.80 -72.57
CA ALA EA 45 -41.63 36.82 -71.56
C ALA EA 45 -42.20 36.42 -70.21
N ALA EA 46 -43.14 35.49 -70.18
CA ALA EA 46 -43.65 34.99 -68.90
C ALA EA 46 -42.53 34.37 -68.09
N GLY EA 47 -41.65 33.61 -68.74
CA GLY EA 47 -40.51 33.05 -68.04
C GLY EA 47 -39.61 34.12 -67.45
N GLN EA 48 -39.35 35.17 -68.20
CA GLN EA 48 -38.52 36.27 -67.70
C GLN EA 48 -39.15 36.92 -66.49
N ALA EA 49 -40.45 37.22 -66.57
CA ALA EA 49 -41.13 37.89 -65.46
C ALA EA 49 -41.14 37.00 -64.22
N ILE EA 50 -41.43 35.71 -64.39
CA ILE EA 50 -41.47 34.80 -63.26
C ILE EA 50 -40.08 34.62 -62.65
N ALA EA 51 -39.05 34.61 -63.50
CA ALA EA 51 -37.69 34.54 -62.98
C ALA EA 51 -37.35 35.76 -62.15
N ASN EA 52 -37.78 36.94 -62.59
CA ASN EA 52 -37.55 38.15 -61.81
C ASN EA 52 -38.26 38.07 -60.46
N ARG EA 53 -39.51 37.60 -60.46
CA ARG EA 53 -40.24 37.45 -59.20
C ARG EA 53 -39.53 36.48 -58.27
N PHE EA 54 -39.04 35.36 -58.81
CA PHE EA 54 -38.34 34.38 -57.99
C PHE EA 54 -37.05 34.96 -57.42
N THR EA 55 -36.32 35.74 -58.23
CA THR EA 55 -35.10 36.38 -57.72
C THR EA 55 -35.43 37.31 -56.57
N SER EA 56 -36.48 38.12 -56.71
CA SER EA 56 -36.89 39.01 -55.64
C SER EA 56 -37.21 38.22 -54.37
N ASN EA 57 -37.98 37.14 -54.52
CA ASN EA 57 -38.35 36.34 -53.35
C ASN EA 57 -37.13 35.73 -52.69
N ILE EA 58 -36.19 35.20 -53.48
CA ILE EA 58 -35.02 34.56 -52.91
C ILE EA 58 -34.17 35.56 -52.12
N LYS EA 59 -33.91 36.72 -52.71
CA LYS EA 59 -33.11 37.72 -52.01
C LYS EA 59 -33.80 38.18 -50.74
N GLY EA 60 -35.11 38.43 -50.81
CA GLY EA 60 -35.84 38.84 -49.62
C GLY EA 60 -35.78 37.80 -48.52
N LEU EA 61 -35.95 36.53 -48.87
CA LEU EA 61 -35.94 35.49 -47.85
C LEU EA 61 -34.57 35.34 -47.21
N THR EA 62 -33.50 35.44 -48.02
CA THR EA 62 -32.16 35.37 -47.45
C THR EA 62 -31.92 36.49 -46.45
N GLN EA 63 -32.29 37.72 -46.83
CA GLN EA 63 -32.10 38.84 -45.92
C GLN EA 63 -32.95 38.68 -44.67
N ALA EA 64 -34.16 38.11 -44.82
CA ALA EA 64 -35.01 37.87 -43.67
C ALA EA 64 -34.39 36.85 -42.72
N ALA EA 65 -33.74 35.83 -43.26
CA ALA EA 65 -33.04 34.87 -42.41
C ALA EA 65 -31.94 35.55 -41.61
N ARG EA 66 -31.20 36.45 -42.26
CA ARG EA 66 -30.17 37.19 -41.52
C ARG EA 66 -30.80 38.02 -40.40
N ASN EA 67 -31.92 38.67 -40.67
CA ASN EA 67 -32.58 39.46 -39.64
C ASN EA 67 -33.03 38.60 -38.47
N ALA EA 68 -33.54 37.40 -38.76
CA ALA EA 68 -33.96 36.50 -37.69
C ALA EA 68 -32.75 36.07 -36.84
N ASN EA 69 -31.61 35.84 -37.48
CA ASN EA 69 -30.40 35.55 -36.72
C ASN EA 69 -30.05 36.69 -35.77
N ASP EA 70 -30.17 37.94 -36.25
CA ASP EA 70 -29.92 39.08 -35.37
C ASP EA 70 -30.87 39.08 -34.19
N GLY EA 71 -32.15 38.77 -34.43
CA GLY EA 71 -33.10 38.70 -33.34
C GLY EA 71 -32.73 37.65 -32.30
N ILE EA 72 -32.27 36.49 -32.77
CA ILE EA 72 -31.80 35.45 -31.85
C ILE EA 72 -30.66 35.98 -30.99
N SER EA 73 -29.74 36.73 -31.60
CA SER EA 73 -28.63 37.30 -30.85
C SER EA 73 -29.13 38.23 -29.74
N VAL EA 74 -30.11 39.07 -30.08
CA VAL EA 74 -30.68 39.98 -29.09
C VAL EA 74 -31.25 39.20 -27.91
N ALA EA 75 -32.02 38.15 -28.22
CA ALA EA 75 -32.63 37.36 -27.15
C ALA EA 75 -31.57 36.71 -26.27
N GLN EA 76 -30.49 36.21 -26.89
CA GLN EA 76 -29.43 35.56 -26.11
C GLN EA 76 -28.79 36.54 -25.13
N THR EA 77 -28.47 37.76 -25.61
CA THR EA 77 -27.84 38.74 -24.74
C THR EA 77 -28.73 39.09 -23.56
N THR EA 78 -30.02 39.37 -23.85
CA THR EA 78 -30.93 39.73 -22.78
C THR EA 78 -31.05 38.60 -21.77
N GLU EA 79 -31.10 37.36 -22.23
CA GLU EA 79 -31.28 36.24 -21.32
C GLU EA 79 -30.04 36.04 -20.44
N GLY EA 80 -28.85 36.29 -20.98
CA GLY EA 80 -27.66 36.22 -20.14
C GLY EA 80 -27.69 37.24 -19.01
N ALA EA 81 -28.03 38.48 -19.34
CA ALA EA 81 -28.17 39.49 -18.30
C ALA EA 81 -29.20 39.09 -17.26
N LEU EA 82 -30.31 38.50 -17.71
CA LEU EA 82 -31.35 38.07 -16.79
C LEU EA 82 -30.85 36.98 -15.86
N SER EA 83 -30.05 36.05 -16.39
CA SER EA 83 -29.51 34.99 -15.54
C SER EA 83 -28.64 35.56 -14.45
N GLU EA 84 -27.81 36.55 -14.77
CA GLU EA 84 -27.01 37.18 -13.72
C GLU EA 84 -27.89 37.83 -12.67
N ILE EA 85 -28.94 38.54 -13.10
CA ILE EA 85 -29.85 39.17 -12.15
C ILE EA 85 -30.49 38.12 -11.24
N ASN EA 86 -30.86 36.98 -11.80
CA ASN EA 86 -31.49 35.93 -11.00
C ASN EA 86 -30.53 35.37 -9.95
N ASN EA 87 -29.26 35.19 -10.33
CA ASN EA 87 -28.29 34.74 -9.33
C ASN EA 87 -28.18 35.73 -8.19
N ASN EA 88 -28.14 37.02 -8.51
CA ASN EA 88 -28.08 38.03 -7.46
C ASN EA 88 -29.30 37.97 -6.55
N LEU EA 89 -30.49 37.80 -7.13
CA LEU EA 89 -31.71 37.73 -6.32
C LEU EA 89 -31.69 36.52 -5.39
N GLN EA 90 -31.22 35.37 -5.89
CA GLN EA 90 -31.13 34.20 -5.04
C GLN EA 90 -30.21 34.44 -3.85
N ARG EA 91 -29.06 35.06 -4.10
CA ARG EA 91 -28.15 35.36 -2.99
C ARG EA 91 -28.78 36.31 -1.99
N ILE EA 92 -29.52 37.31 -2.49
CA ILE EA 92 -30.21 38.23 -1.58
C ILE EA 92 -31.20 37.49 -0.70
N ARG EA 93 -31.96 36.55 -1.29
CA ARG EA 93 -32.93 35.81 -0.49
C ARG EA 93 -32.24 34.98 0.57
N GLU EA 94 -31.12 34.34 0.23
CA GLU EA 94 -30.38 33.58 1.24
C GLU EA 94 -29.94 34.50 2.38
N LEU EA 95 -29.46 35.70 2.04
CA LEU EA 95 -29.04 36.64 3.08
C LEU EA 95 -30.21 37.03 3.98
N THR EA 96 -31.39 37.27 3.39
CA THR EA 96 -32.55 37.62 4.21
C THR EA 96 -32.95 36.48 5.13
N VAL EA 97 -32.88 35.25 4.62
CA VAL EA 97 -33.19 34.09 5.46
C VAL EA 97 -32.23 34.04 6.65
N GLN EA 98 -30.95 34.36 6.41
CA GLN EA 98 -30.02 34.41 7.52
C GLN EA 98 -30.36 35.55 8.49
N ALA EA 99 -30.77 36.71 7.96
CA ALA EA 99 -30.93 37.89 8.80
C ALA EA 99 -32.18 37.82 9.67
N THR EA 100 -33.25 37.16 9.19
CA THR EA 100 -34.51 37.19 9.94
C THR EA 100 -34.44 36.48 11.29
N THR EA 101 -33.39 35.71 11.55
CA THR EA 101 -33.25 35.06 12.85
C THR EA 101 -33.05 36.10 13.94
N GLY EA 102 -33.69 35.89 15.08
CA GLY EA 102 -33.62 36.82 16.19
C GLY EA 102 -32.36 36.76 17.01
N THR EA 103 -31.45 35.82 16.73
CA THR EA 103 -30.19 35.76 17.44
C THR EA 103 -29.24 36.87 17.01
N ASN EA 104 -29.34 37.31 15.77
CA ASN EA 104 -28.43 38.33 15.24
C ASN EA 104 -28.58 39.63 16.01
N SER EA 105 -27.48 40.35 16.15
CA SER EA 105 -27.47 41.63 16.85
C SER EA 105 -27.55 42.77 15.84
N ASP EA 106 -27.51 44.01 16.34
CA ASP EA 106 -27.69 45.18 15.49
C ASP EA 106 -26.56 45.30 14.48
N SER EA 107 -25.32 45.09 14.91
CA SER EA 107 -24.19 45.19 13.98
C SER EA 107 -24.27 44.10 12.91
N ASP EA 108 -24.68 42.89 13.30
CA ASP EA 108 -24.83 41.82 12.34
C ASP EA 108 -25.88 42.16 11.29
N LEU EA 109 -27.02 42.70 11.75
CA LEU EA 109 -28.06 43.10 10.81
C LEU EA 109 -27.57 44.21 9.90
N ASP EA 110 -26.78 45.15 10.44
CA ASP EA 110 -26.26 46.23 9.63
C ASP EA 110 -25.34 45.70 8.53
N SER EA 111 -24.46 44.76 8.88
CA SER EA 111 -23.58 44.19 7.86
C SER EA 111 -24.37 43.44 6.80
N ILE EA 112 -25.36 42.66 7.22
CA ILE EA 112 -26.17 41.91 6.26
C ILE EA 112 -26.90 42.85 5.32
N GLN EA 113 -27.46 43.93 5.87
CA GLN EA 113 -28.17 44.87 5.01
C GLN EA 113 -27.22 45.63 4.11
N ASP EA 114 -25.97 45.85 4.54
CA ASP EA 114 -24.99 46.44 3.66
C ASP EA 114 -24.73 45.55 2.45
N GLU EA 115 -24.59 44.24 2.69
CA GLU EA 115 -24.41 43.31 1.57
C GLU EA 115 -25.64 43.30 0.67
N ILE EA 116 -26.83 43.35 1.26
CA ILE EA 116 -28.07 43.38 0.49
C ILE EA 116 -28.12 44.62 -0.39
N LYS EA 117 -27.77 45.78 0.17
CA LYS EA 117 -27.78 47.01 -0.59
C LYS EA 117 -26.78 46.95 -1.74
N SER EA 118 -25.59 46.39 -1.49
CA SER EA 118 -24.61 46.28 -2.54
C SER EA 118 -25.14 45.43 -3.70
N ARG EA 119 -25.78 44.30 -3.38
CA ARG EA 119 -26.27 43.45 -4.47
C ARG EA 119 -27.46 44.06 -5.18
N LEU EA 120 -28.31 44.80 -4.47
CA LEU EA 120 -29.38 45.53 -5.15
C LEU EA 120 -28.82 46.59 -6.10
N ASP EA 121 -27.75 47.27 -5.67
CA ASP EA 121 -27.08 48.20 -6.55
C ASP EA 121 -26.53 47.50 -7.79
N GLU EA 122 -26.00 46.28 -7.61
CA GLU EA 122 -25.54 45.52 -8.76
C GLU EA 122 -26.69 45.20 -9.72
N ILE EA 123 -27.85 44.82 -9.18
CA ILE EA 123 -28.99 44.55 -10.04
C ILE EA 123 -29.34 45.78 -10.87
N ASP EA 124 -29.41 46.94 -10.19
CA ASP EA 124 -29.73 48.18 -10.89
C ASP EA 124 -28.68 48.51 -11.95
N ARG EA 125 -27.40 48.32 -11.61
CA ARG EA 125 -26.33 48.65 -12.54
C ARG EA 125 -26.37 47.76 -13.78
N VAL EA 126 -26.56 46.45 -13.58
CA VAL EA 126 -26.65 45.54 -14.72
C VAL EA 126 -27.82 45.91 -15.60
N SER EA 127 -28.98 46.20 -14.99
CA SER EA 127 -30.15 46.59 -15.75
C SER EA 127 -29.89 47.84 -16.57
N GLY EA 128 -29.27 48.84 -15.96
CA GLY EA 128 -29.03 50.10 -16.67
C GLY EA 128 -28.00 49.96 -17.78
N GLN EA 129 -26.95 49.19 -17.56
CA GLN EA 129 -25.82 49.18 -18.47
C GLN EA 129 -25.86 48.09 -19.51
N THR EA 130 -26.73 47.08 -19.37
CA THR EA 130 -26.84 46.07 -20.41
C THR EA 130 -27.31 46.71 -21.71
N GLN EA 131 -26.58 46.46 -22.79
CA GLN EA 131 -26.81 47.17 -24.04
C GLN EA 131 -26.51 46.26 -25.23
N PHE EA 132 -27.33 46.37 -26.27
CA PHE EA 132 -27.12 45.67 -27.53
C PHE EA 132 -27.30 46.67 -28.66
N ASN EA 133 -26.21 46.93 -29.40
CA ASN EA 133 -26.25 47.81 -30.57
C ASN EA 133 -26.81 49.18 -30.22
N GLY EA 134 -26.43 49.70 -29.06
CA GLY EA 134 -26.88 51.01 -28.65
C GLY EA 134 -28.29 51.07 -28.11
N VAL EA 135 -28.92 49.92 -27.89
CA VAL EA 135 -30.30 49.86 -27.38
C VAL EA 135 -30.25 49.24 -26.00
N ASN EA 136 -30.79 49.94 -25.01
CA ASN EA 136 -30.88 49.43 -23.65
C ASN EA 136 -32.06 48.46 -23.59
N VAL EA 137 -31.74 47.17 -23.60
CA VAL EA 137 -32.79 46.16 -23.70
C VAL EA 137 -33.62 46.10 -22.41
N LEU EA 138 -32.98 46.24 -21.26
CA LEU EA 138 -33.67 46.08 -19.98
C LEU EA 138 -34.15 47.40 -19.39
N ALA EA 139 -33.87 48.53 -20.01
CA ALA EA 139 -34.27 49.83 -19.46
C ALA EA 139 -35.56 50.38 -20.07
N LYS EA 140 -36.20 49.63 -20.97
CA LYS EA 140 -37.41 50.10 -21.62
C LYS EA 140 -38.46 49.00 -21.61
N ASP EA 141 -39.73 49.39 -21.61
CA ASP EA 141 -40.85 48.46 -21.58
C ASP EA 141 -41.51 48.32 -22.95
N GLY EA 142 -40.74 48.49 -24.02
CA GLY EA 142 -41.28 48.50 -25.37
C GLY EA 142 -41.24 47.14 -26.04
N SER EA 143 -41.19 47.19 -27.37
CA SER EA 143 -41.16 45.99 -28.17
C SER EA 143 -40.30 46.21 -29.39
N MET EA 144 -39.82 45.10 -29.94
CA MET EA 144 -38.96 45.09 -31.11
C MET EA 144 -39.62 44.29 -32.21
N LYS EA 145 -39.53 44.77 -33.45
CA LYS EA 145 -40.14 44.11 -34.58
C LYS EA 145 -39.04 43.55 -35.47
N ILE EA 146 -39.20 42.30 -35.88
CA ILE EA 146 -38.24 41.63 -36.75
C ILE EA 146 -38.94 41.27 -38.05
N GLN EA 147 -38.37 41.69 -39.16
CA GLN EA 147 -38.87 41.35 -40.48
C GLN EA 147 -38.41 39.93 -40.82
N VAL EA 148 -39.36 39.03 -40.98
CA VAL EA 148 -39.05 37.62 -41.22
C VAL EA 148 -39.50 37.12 -42.59
N GLY EA 149 -40.42 37.82 -43.27
CA GLY EA 149 -40.80 37.48 -44.62
C GLY EA 149 -40.19 38.43 -45.63
N ALA EA 150 -40.55 38.19 -46.89
CA ALA EA 150 -40.08 39.01 -48.00
C ALA EA 150 -41.07 40.09 -48.41
N ASN EA 151 -42.26 40.11 -47.83
CA ASN EA 151 -43.25 41.14 -48.11
C ASN EA 151 -43.50 41.94 -46.84
N ASP EA 152 -44.36 42.94 -46.96
CA ASP EA 152 -44.68 43.82 -45.84
C ASP EA 152 -45.66 43.16 -44.87
N GLY EA 153 -45.44 43.38 -43.58
CA GLY EA 153 -46.30 42.86 -42.54
C GLY EA 153 -45.85 41.56 -41.92
N GLU EA 154 -44.82 40.90 -42.48
CA GLU EA 154 -44.31 39.65 -41.92
C GLU EA 154 -43.32 39.98 -40.81
N THR EA 155 -43.86 40.22 -39.63
CA THR EA 155 -43.06 40.64 -38.50
C THR EA 155 -43.30 39.74 -37.30
N ILE EA 156 -42.27 39.60 -36.48
CA ILE EA 156 -42.37 38.93 -35.18
C ILE EA 156 -41.95 39.94 -34.11
N THR EA 157 -42.72 40.03 -33.05
CA THR EA 157 -42.51 41.03 -32.01
C THR EA 157 -41.89 40.39 -30.78
N ILE EA 158 -40.82 41.00 -30.28
CA ILE EA 158 -40.20 40.63 -29.02
C ILE EA 158 -40.58 41.69 -27.99
N ASP EA 159 -41.20 41.29 -26.90
CA ASP EA 159 -41.62 42.22 -25.86
C ASP EA 159 -40.54 42.32 -24.79
N LEU EA 160 -40.10 43.55 -24.49
CA LEU EA 160 -39.13 43.77 -23.44
C LEU EA 160 -39.80 44.42 -22.24
N LYS EA 161 -39.28 44.12 -21.06
CA LYS EA 161 -39.82 44.65 -19.81
C LYS EA 161 -38.74 45.41 -19.06
N LYS EA 162 -39.12 46.53 -18.46
CA LYS EA 162 -38.19 47.35 -17.69
C LYS EA 162 -37.94 46.66 -16.36
N ILE EA 163 -36.80 45.99 -16.25
CA ILE EA 163 -36.43 45.25 -15.06
C ILE EA 163 -35.44 46.08 -14.27
N ASP EA 164 -35.83 46.42 -13.03
CA ASP EA 164 -34.97 47.14 -12.11
C ASP EA 164 -35.55 46.97 -10.72
N SER EA 165 -35.06 47.77 -9.77
CA SER EA 165 -35.61 47.72 -8.42
C SER EA 165 -37.07 48.17 -8.40
N ASP EA 166 -37.39 49.24 -9.13
CA ASP EA 166 -38.72 49.83 -9.02
C ASP EA 166 -39.81 48.86 -9.46
N THR EA 167 -39.58 48.11 -10.53
CA THR EA 167 -40.58 47.17 -11.01
C THR EA 167 -40.56 45.85 -10.27
N LEU EA 168 -39.66 45.67 -9.30
CA LEU EA 168 -39.64 44.49 -8.46
C LEU EA 168 -39.87 44.85 -6.99
N GLY EA 169 -40.23 46.10 -6.71
CA GLY EA 169 -40.39 46.51 -5.33
C GLY EA 169 -39.05 46.77 -4.69
N LEU EA 170 -38.84 46.20 -3.50
CA LEU EA 170 -37.52 46.14 -2.86
C LEU EA 170 -36.89 47.51 -2.64
N ASN EA 171 -37.62 48.61 -2.83
CA ASN EA 171 -37.02 49.94 -2.77
C ASN EA 171 -36.44 50.22 -1.39
N GLY EA 172 -37.30 50.34 -0.38
CA GLY EA 172 -36.84 50.51 0.98
C GLY EA 172 -36.74 49.16 1.67
N PHE EA 173 -35.89 48.29 1.16
CA PHE EA 173 -35.85 46.91 1.62
C PHE EA 173 -35.03 46.90 2.91
N ASN EA 174 -35.64 47.43 3.97
CA ASN EA 174 -34.96 48.01 5.13
C ASN EA 174 -34.60 46.98 6.20
N VAL EA 175 -34.34 45.73 5.80
CA VAL EA 175 -34.29 44.58 6.70
C VAL EA 175 -33.54 44.86 8.00
N ASN EA 176 -32.63 45.83 8.01
CA ASN EA 176 -31.95 46.21 9.25
C ASN EA 176 -32.75 47.20 10.09
N GLY EA 177 -34.06 47.31 9.87
CA GLY EA 177 -34.86 48.31 10.56
C GLY EA 177 -35.18 47.96 12.00
N LYS EA 178 -36.41 48.27 12.42
CA LYS EA 178 -36.82 47.99 13.80
C LYS EA 178 -38.08 47.14 13.83
N GLY EA 179 -38.87 47.19 12.77
CA GLY EA 179 -40.10 46.42 12.77
C GLY EA 179 -41.14 47.00 13.71
N THR EA 180 -42.10 46.16 14.08
CA THR EA 180 -43.16 46.58 14.97
C THR EA 180 -42.59 46.95 16.34
N ILE EA 181 -42.86 48.17 16.79
CA ILE EA 181 -42.34 48.68 18.05
C ILE EA 181 -43.51 49.15 18.91
N THR EA 182 -43.50 48.75 20.18
CA THR EA 182 -44.53 49.17 21.11
C THR EA 182 -44.27 50.61 21.54
N ASN EA 183 -45.30 51.44 21.44
CA ASN EA 183 -45.15 52.85 21.77
C ASN EA 183 -45.39 53.09 23.26
N LYS EA 184 -44.75 54.12 23.79
CA LYS EA 184 -44.82 54.42 25.21
C LYS EA 184 -46.18 54.99 25.58
N ALA EA 185 -46.55 54.81 26.85
CA ALA EA 185 -47.82 55.30 27.34
C ALA EA 185 -47.81 56.82 27.48
N ALA EA 186 -48.97 57.42 27.26
CA ALA EA 186 -49.10 58.87 27.34
C ALA EA 186 -49.05 59.32 28.80
N THR EA 187 -48.77 60.61 28.99
CA THR EA 187 -48.68 61.21 30.30
C THR EA 187 -49.35 62.58 30.28
N VAL EA 188 -49.41 63.22 31.45
CA VAL EA 188 -50.11 64.49 31.56
C VAL EA 188 -49.34 65.60 30.84
N SER EA 189 -48.00 65.53 30.83
CA SER EA 189 -47.22 66.61 30.23
C SER EA 189 -47.50 66.73 28.73
N ASP EA 190 -47.38 65.62 27.99
CA ASP EA 190 -47.69 65.69 26.58
C ASP EA 190 -49.19 65.70 26.33
N LEU EA 191 -50.00 65.27 27.30
CA LEU EA 191 -51.44 65.45 27.17
C LEU EA 191 -51.80 66.93 27.08
N THR EA 192 -51.20 67.76 27.95
CA THR EA 192 -51.42 69.20 27.86
C THR EA 192 -50.65 69.80 26.68
N SER EA 193 -49.52 69.22 26.31
CA SER EA 193 -48.80 69.72 25.14
C SER EA 193 -49.63 69.57 23.87
N ALA EA 194 -50.44 68.52 23.79
CA ALA EA 194 -51.35 68.35 22.66
C ALA EA 194 -52.44 69.42 22.62
N GLY EA 195 -52.63 70.15 23.71
CA GLY EA 195 -53.61 71.23 23.76
C GLY EA 195 -54.82 70.98 24.63
N ALA EA 196 -54.85 69.89 25.38
CA ALA EA 196 -56.01 69.59 26.21
C ALA EA 196 -56.08 70.55 27.40
N LYS EA 197 -57.29 70.98 27.73
CA LYS EA 197 -57.53 71.84 28.87
C LYS EA 197 -57.91 71.01 30.10
N LEU EA 198 -57.91 71.67 31.26
CA LEU EA 198 -58.21 71.02 32.53
C LEU EA 198 -59.61 71.42 32.97
N ASN EA 199 -60.45 70.42 33.23
CA ASN EA 199 -61.82 70.65 33.68
C ASN EA 199 -61.82 70.65 35.21
N THR EA 200 -61.94 71.84 35.79
CA THR EA 200 -61.83 71.97 37.25
C THR EA 200 -62.98 71.28 37.97
N THR EA 201 -64.18 71.25 37.36
CA THR EA 201 -65.33 70.67 38.03
C THR EA 201 -65.18 69.17 38.24
N THR EA 202 -64.44 68.48 37.36
CA THR EA 202 -64.25 67.05 37.47
C THR EA 202 -62.79 66.63 37.62
N GLY EA 203 -61.84 67.50 37.33
CA GLY EA 203 -60.43 67.15 37.42
C GLY EA 203 -59.88 66.44 36.20
N LEU EA 204 -60.71 66.16 35.21
CA LEU EA 204 -60.28 65.45 34.01
C LEU EA 204 -59.66 66.43 33.01
N TYR EA 205 -59.17 65.89 31.90
CA TYR EA 205 -58.58 66.69 30.84
C TYR EA 205 -59.42 66.56 29.58
N ASP EA 206 -59.87 67.69 29.04
CA ASP EA 206 -60.73 67.71 27.87
C ASP EA 206 -59.92 68.09 26.65
N LEU EA 207 -59.97 67.26 25.62
CA LEU EA 207 -59.35 67.54 24.34
C LEU EA 207 -60.44 67.68 23.29
N LYS EA 208 -60.47 68.82 22.62
CA LYS EA 208 -61.50 69.15 21.63
C LYS EA 208 -60.84 69.18 20.26
N THR EA 209 -61.38 68.40 19.33
CA THR EA 209 -60.82 68.27 17.99
C THR EA 209 -61.75 68.97 17.00
N GLU EA 210 -61.32 70.15 16.54
CA GLU EA 210 -62.10 70.89 15.57
C GLU EA 210 -61.99 70.27 14.18
N ASN EA 211 -62.99 70.56 13.35
CA ASN EA 211 -63.02 70.12 11.96
C ASN EA 211 -63.17 71.34 11.05
N THR EA 212 -62.42 71.34 9.95
CA THR EA 212 -62.56 72.41 8.97
C THR EA 212 -63.84 72.21 8.17
N LEU EA 213 -64.54 73.30 7.92
CA LEU EA 213 -65.79 73.23 7.19
C LEU EA 213 -65.55 72.85 5.74
N LEU EA 214 -66.53 72.14 5.16
CA LEU EA 214 -66.39 71.65 3.79
C LEU EA 214 -66.23 72.79 2.80
N THR EA 215 -65.39 72.58 1.80
CA THR EA 215 -65.09 73.59 0.81
C THR EA 215 -65.35 73.04 -0.60
N THR EA 216 -65.49 73.97 -1.55
CA THR EA 216 -65.82 73.60 -2.92
C THR EA 216 -64.72 72.78 -3.55
N ASP EA 217 -63.45 73.10 -3.27
CA ASP EA 217 -62.35 72.32 -3.84
C ASP EA 217 -62.37 70.88 -3.34
N ALA EA 218 -62.59 70.70 -2.04
CA ALA EA 218 -62.69 69.35 -1.49
C ALA EA 218 -63.89 68.61 -2.08
N ALA EA 219 -65.02 69.31 -2.26
CA ALA EA 219 -66.18 68.69 -2.88
C ALA EA 219 -65.85 68.25 -4.32
N PHE EA 220 -65.13 69.09 -5.06
CA PHE EA 220 -64.75 68.72 -6.42
C PHE EA 220 -63.81 67.52 -6.43
N ASP EA 221 -62.90 67.46 -5.46
CA ASP EA 221 -62.03 66.29 -5.35
C ASP EA 221 -62.85 65.03 -5.07
N LYS EA 222 -63.89 65.16 -4.23
CA LYS EA 222 -64.74 64.03 -3.90
C LYS EA 222 -65.83 63.78 -4.93
N LEU EA 223 -65.91 64.60 -5.98
CA LEU EA 223 -66.95 64.43 -6.98
C LEU EA 223 -66.78 63.10 -7.73
N GLY EA 224 -67.92 62.51 -8.11
CA GLY EA 224 -67.94 61.26 -8.84
C GLY EA 224 -68.79 61.36 -10.09
N ASN EA 225 -68.88 60.25 -10.80
CA ASN EA 225 -69.65 60.19 -12.02
C ASN EA 225 -71.14 60.34 -11.73
N GLY EA 226 -71.82 61.10 -12.59
CA GLY EA 226 -73.24 61.34 -12.43
C GLY EA 226 -73.61 62.40 -11.42
N ASP EA 227 -72.64 63.07 -10.82
CA ASP EA 227 -72.94 64.10 -9.84
C ASP EA 227 -73.50 65.35 -10.51
N LYS EA 228 -74.30 66.11 -9.76
CA LYS EA 228 -74.96 67.30 -10.26
C LYS EA 228 -74.53 68.51 -9.46
N VAL EA 229 -74.08 69.55 -10.14
CA VAL EA 229 -73.70 70.81 -9.51
C VAL EA 229 -74.55 71.91 -10.13
N THR EA 230 -75.32 72.61 -9.30
CA THR EA 230 -76.19 73.69 -9.77
C THR EA 230 -75.73 74.97 -9.11
N VAL EA 231 -75.12 75.85 -9.89
CA VAL EA 231 -74.65 77.14 -9.41
C VAL EA 231 -75.21 78.23 -10.32
N GLY EA 232 -75.79 79.27 -9.70
CA GLY EA 232 -76.39 80.34 -10.47
C GLY EA 232 -77.54 79.89 -11.35
N GLY EA 233 -78.28 78.88 -10.91
CA GLY EA 233 -79.40 78.37 -11.68
C GLY EA 233 -79.02 77.54 -12.88
N VAL EA 234 -77.75 77.18 -13.03
CA VAL EA 234 -77.26 76.40 -14.16
C VAL EA 234 -76.82 75.04 -13.65
N ASP EA 235 -77.33 73.98 -14.27
CA ASP EA 235 -77.04 72.61 -13.85
C ASP EA 235 -75.94 72.03 -14.71
N TYR EA 236 -74.97 71.38 -14.07
CA TYR EA 236 -73.86 70.72 -14.74
C TYR EA 236 -73.77 69.29 -14.22
N THR EA 237 -73.55 68.34 -15.13
CA THR EA 237 -73.43 66.94 -14.79
C THR EA 237 -71.99 66.50 -14.96
N TYR EA 238 -71.40 65.97 -13.90
CA TYR EA 238 -70.01 65.54 -13.95
C TYR EA 238 -69.87 64.27 -14.78
N ASN EA 239 -68.72 64.14 -15.43
CA ASN EA 239 -68.41 63.00 -16.28
C ASN EA 239 -67.17 62.29 -15.76
N ALA EA 240 -67.21 60.95 -15.77
CA ALA EA 240 -66.08 60.17 -15.32
C ALA EA 240 -64.96 60.07 -16.36
N LYS EA 241 -65.27 60.33 -17.63
CA LYS EA 241 -64.25 60.22 -18.67
C LYS EA 241 -63.13 61.22 -18.45
N SER EA 242 -63.47 62.45 -18.09
CA SER EA 242 -62.48 63.49 -17.85
C SER EA 242 -63.05 64.51 -16.88
N GLY EA 243 -62.17 65.34 -16.34
CA GLY EA 243 -62.59 66.35 -15.38
C GLY EA 243 -63.33 67.51 -16.01
N ASP EA 244 -64.54 67.25 -16.50
CA ASP EA 244 -65.32 68.28 -17.15
C ASP EA 244 -66.80 68.05 -16.87
N PHE EA 245 -67.58 69.11 -17.09
CA PHE EA 245 -69.02 69.10 -16.87
C PHE EA 245 -69.74 69.15 -18.21
N THR EA 246 -70.83 68.40 -18.32
CA THR EA 246 -71.73 68.46 -19.46
C THR EA 246 -73.01 69.16 -19.02
N THR EA 247 -73.42 70.19 -19.75
CA THR EA 247 -74.60 70.96 -19.41
C THR EA 247 -75.47 71.11 -20.65
N THR EA 248 -76.74 71.42 -20.43
CA THR EA 248 -77.69 71.64 -21.52
C THR EA 248 -77.93 73.12 -21.67
N LYS EA 249 -77.60 73.66 -22.86
CA LYS EA 249 -77.83 75.05 -23.17
C LYS EA 249 -79.01 75.14 -24.12
N SER EA 250 -80.04 75.88 -23.72
CA SER EA 250 -81.28 75.96 -24.47
C SER EA 250 -81.72 77.41 -24.54
N THR EA 251 -82.57 77.70 -25.53
CA THR EA 251 -83.13 79.04 -25.70
C THR EA 251 -83.95 79.44 -24.49
N ALA EA 258 -95.48 85.25 -27.25
CA ALA EA 258 -95.04 85.27 -28.64
C ALA EA 258 -94.51 86.64 -29.04
N ALA EA 259 -95.32 87.67 -28.81
CA ALA EA 259 -94.93 89.03 -29.12
C ALA EA 259 -94.09 89.67 -28.03
N ALA EA 260 -93.85 88.97 -26.93
CA ALA EA 260 -93.05 89.49 -25.84
C ALA EA 260 -91.57 89.34 -26.18
N GLN EA 261 -90.70 89.56 -25.19
CA GLN EA 261 -89.27 89.48 -25.40
C GLN EA 261 -88.79 88.05 -25.63
N ALA EA 262 -89.65 87.04 -25.43
CA ALA EA 262 -89.21 85.66 -25.58
C ALA EA 262 -88.75 85.36 -27.00
N ALA EA 263 -89.56 85.73 -27.99
CA ALA EA 263 -89.19 85.46 -29.38
C ALA EA 263 -87.96 86.25 -29.79
N ASP EA 264 -87.86 87.50 -29.33
CA ASP EA 264 -86.67 88.30 -29.64
C ASP EA 264 -85.42 87.66 -29.05
N SER EA 265 -85.51 87.19 -27.80
CA SER EA 265 -84.37 86.51 -27.19
C SER EA 265 -84.02 85.23 -27.92
N ALA EA 266 -85.04 84.50 -28.37
CA ALA EA 266 -84.79 83.28 -29.15
C ALA EA 266 -84.04 83.59 -30.43
N SER EA 267 -84.48 84.63 -31.15
CA SER EA 267 -83.79 85.01 -32.39
C SER EA 267 -82.37 85.47 -32.12
N LYS EA 268 -82.17 86.26 -31.06
CA LYS EA 268 -80.83 86.73 -30.74
C LYS EA 268 -79.91 85.58 -30.36
N ARG EA 269 -80.42 84.61 -29.60
CA ARG EA 269 -79.62 83.46 -29.21
C ARG EA 269 -79.26 82.61 -30.42
N ASP EA 270 -80.22 82.40 -31.33
CA ASP EA 270 -79.91 81.67 -32.55
C ASP EA 270 -78.85 82.41 -33.38
N ALA EA 271 -78.98 83.74 -33.47
CA ALA EA 271 -78.01 84.52 -34.23
C ALA EA 271 -76.62 84.45 -33.62
N LEU EA 272 -76.52 84.55 -32.29
CA LEU EA 272 -75.21 84.48 -31.65
C LEU EA 272 -74.59 83.09 -31.81
N ALA EA 273 -75.41 82.04 -31.70
CA ALA EA 273 -74.90 80.69 -31.94
C ALA EA 273 -74.40 80.54 -33.37
N ALA EA 274 -75.15 81.10 -34.33
CA ALA EA 274 -74.71 81.04 -35.73
C ALA EA 274 -73.39 81.79 -35.92
N THR EA 275 -73.24 82.95 -35.29
CA THR EA 275 -71.98 83.69 -35.41
C THR EA 275 -70.83 82.90 -34.78
N LEU EA 276 -71.09 82.24 -33.66
CA LEU EA 276 -70.06 81.43 -33.01
C LEU EA 276 -69.63 80.27 -33.89
N HIS EA 277 -70.59 79.62 -34.56
CA HIS EA 277 -70.24 78.50 -35.43
C HIS EA 277 -69.77 78.94 -36.81
N ALA EA 278 -69.87 80.23 -37.14
CA ALA EA 278 -69.40 80.68 -38.44
C ALA EA 278 -67.91 80.42 -38.63
N ASP EA 279 -67.11 80.67 -37.59
CA ASP EA 279 -65.68 80.44 -37.67
C ASP EA 279 -65.40 78.96 -37.46
N VAL EA 280 -64.99 78.29 -38.54
CA VAL EA 280 -64.69 76.86 -38.50
C VAL EA 280 -63.29 76.56 -39.03
N GLY EA 281 -62.44 77.57 -39.17
CA GLY EA 281 -61.14 77.35 -39.75
C GLY EA 281 -61.26 76.99 -41.22
N LYS EA 282 -61.01 75.73 -41.55
CA LYS EA 282 -61.22 75.22 -42.89
C LYS EA 282 -62.61 74.58 -42.98
N SER EA 283 -62.87 73.91 -44.08
CA SER EA 283 -64.19 73.30 -44.30
C SER EA 283 -64.46 72.22 -43.26
N VAL EA 284 -65.71 72.15 -42.80
CA VAL EA 284 -66.13 71.18 -41.80
C VAL EA 284 -67.40 70.49 -42.29
N ASN EA 285 -67.72 69.36 -41.69
CA ASN EA 285 -68.88 68.58 -42.09
C ASN EA 285 -70.04 68.78 -41.12
N GLY EA 286 -71.25 68.62 -41.65
CA GLY EA 286 -72.45 68.66 -40.82
C GLY EA 286 -73.55 67.86 -41.46
N SER EA 287 -74.53 67.47 -40.64
CA SER EA 287 -75.66 66.67 -41.11
C SER EA 287 -76.95 67.30 -40.60
N TYR EA 288 -77.82 67.71 -41.53
CA TYR EA 288 -79.12 68.29 -41.20
C TYR EA 288 -80.20 67.31 -41.63
N THR EA 289 -81.06 66.92 -40.70
CA THR EA 289 -82.11 65.97 -40.98
C THR EA 289 -83.45 66.48 -40.48
N THR EA 290 -84.46 66.38 -41.34
CA THR EA 290 -85.83 66.65 -40.94
C THR EA 290 -86.50 65.35 -40.51
N LYS EA 291 -87.82 65.38 -40.36
CA LYS EA 291 -88.53 64.16 -39.98
C LYS EA 291 -88.52 63.11 -41.08
N ASP EA 292 -88.19 63.51 -42.31
CA ASP EA 292 -88.32 62.61 -43.45
C ASP EA 292 -87.02 62.37 -44.22
N GLY EA 293 -86.01 63.21 -44.06
CA GLY EA 293 -84.82 63.10 -44.90
C GLY EA 293 -83.57 63.50 -44.14
N THR EA 294 -82.43 63.16 -44.75
CA THR EA 294 -81.11 63.47 -44.22
C THR EA 294 -80.28 64.13 -45.32
N VAL EA 295 -79.51 65.15 -44.96
CA VAL EA 295 -78.65 65.86 -45.89
C VAL EA 295 -77.29 66.06 -45.24
N SER EA 296 -76.22 65.82 -45.99
CA SER EA 296 -74.86 66.07 -45.53
C SER EA 296 -74.33 67.31 -46.25
N PHE EA 297 -73.90 68.29 -45.46
CA PHE EA 297 -73.48 69.58 -46.01
C PHE EA 297 -72.10 69.97 -45.46
N GLU EA 298 -71.30 70.57 -46.32
CA GLU EA 298 -69.95 71.01 -45.98
C GLU EA 298 -69.97 72.50 -45.67
N THR EA 299 -69.89 72.83 -44.39
CA THR EA 299 -69.80 74.24 -43.99
C THR EA 299 -68.42 74.79 -44.31
N ASP EA 300 -68.40 76.04 -44.77
CA ASP EA 300 -67.16 76.72 -45.15
C ASP EA 300 -66.81 77.76 -44.10
N SER EA 301 -65.63 78.34 -44.26
CA SER EA 301 -65.18 79.40 -43.36
C SER EA 301 -66.10 80.61 -43.48
N ALA EA 302 -66.28 81.31 -42.35
CA ALA EA 302 -67.13 82.49 -42.21
C ALA EA 302 -68.61 82.18 -42.41
N GLY EA 303 -68.97 80.91 -42.59
CA GLY EA 303 -70.38 80.53 -42.69
C GLY EA 303 -70.89 80.40 -44.10
N ASN EA 304 -71.06 79.16 -44.56
CA ASN EA 304 -71.62 78.90 -45.87
C ASN EA 304 -72.13 77.47 -45.92
N ILE EA 305 -72.97 77.20 -46.91
CA ILE EA 305 -73.57 75.88 -47.10
C ILE EA 305 -73.14 75.36 -48.47
N THR EA 306 -72.58 74.14 -48.49
CA THR EA 306 -72.09 73.55 -49.72
C THR EA 306 -72.40 72.07 -49.73
N ILE EA 307 -73.06 71.60 -50.79
CA ILE EA 307 -73.39 70.19 -50.97
C ILE EA 307 -72.79 69.73 -52.29
N GLY EA 308 -71.96 68.69 -52.22
CA GLY EA 308 -71.36 68.12 -53.43
C GLY EA 308 -70.51 69.11 -54.22
N GLY EA 309 -69.79 69.98 -53.52
CA GLY EA 309 -68.94 70.95 -54.19
C GLY EA 309 -69.66 72.13 -54.80
N SER EA 310 -70.96 72.26 -54.59
CA SER EA 310 -71.75 73.36 -55.13
C SER EA 310 -72.49 74.05 -53.99
N GLN EA 311 -72.68 75.35 -54.15
CA GLN EA 311 -73.39 76.12 -53.13
C GLN EA 311 -74.85 75.67 -53.07
N ALA EA 312 -75.35 75.50 -51.86
CA ALA EA 312 -76.70 75.00 -51.63
C ALA EA 312 -77.55 76.09 -50.98
N TYR EA 313 -78.85 76.03 -51.24
CA TYR EA 313 -79.80 77.03 -50.76
C TYR EA 313 -80.84 76.38 -49.88
N VAL EA 314 -81.33 77.13 -48.91
CA VAL EA 314 -82.29 76.64 -47.92
C VAL EA 314 -83.68 77.07 -48.32
N ASP EA 315 -84.62 76.12 -48.29
CA ASP EA 315 -86.01 76.42 -48.61
C ASP EA 315 -86.66 77.20 -47.48
N ASP EA 316 -87.74 77.92 -47.82
CA ASP EA 316 -88.45 78.71 -46.83
C ASP EA 316 -89.04 77.84 -45.72
N ALA EA 317 -89.57 76.67 -46.08
CA ALA EA 317 -90.12 75.76 -45.08
C ALA EA 317 -89.03 75.14 -44.22
N GLY EA 318 -87.78 75.19 -44.65
CA GLY EA 318 -86.67 74.62 -43.91
C GLY EA 318 -85.89 73.54 -44.65
N ASN EA 319 -86.34 73.12 -45.83
CA ASN EA 319 -85.63 72.11 -46.58
C ASN EA 319 -84.34 72.67 -47.17
N LEU EA 320 -83.39 71.78 -47.43
CA LEU EA 320 -82.11 72.14 -48.02
C LEU EA 320 -82.00 71.55 -49.41
N THR EA 321 -81.65 72.39 -50.39
CA THR EA 321 -81.56 71.97 -51.77
C THR EA 321 -80.36 72.64 -52.43
N THR EA 322 -79.93 72.05 -53.54
CA THR EA 322 -78.77 72.55 -54.27
C THR EA 322 -79.14 73.55 -55.37
N ASN EA 323 -80.42 73.74 -55.65
CA ASN EA 323 -80.86 74.66 -56.69
C ASN EA 323 -81.90 75.62 -56.13
N ASN EA 324 -81.86 76.86 -56.59
CA ASN EA 324 -82.77 77.88 -56.10
C ASN EA 324 -84.12 77.78 -56.79
N ALA EA 325 -85.18 77.95 -56.00
CA ALA EA 325 -86.55 77.95 -56.51
C ALA EA 325 -87.29 79.14 -55.94
N GLY EA 326 -87.97 79.89 -56.80
CA GLY EA 326 -88.72 81.04 -56.34
C GLY EA 326 -87.87 82.22 -55.94
N SER EA 327 -86.62 82.28 -56.40
CA SER EA 327 -85.70 83.38 -56.09
C SER EA 327 -85.53 83.56 -54.58
N ALA EA 328 -85.48 82.44 -53.86
CA ALA EA 328 -85.29 82.42 -52.41
C ALA EA 328 -84.16 81.45 -52.11
N ALA EA 329 -82.93 81.95 -52.16
CA ALA EA 329 -81.74 81.11 -51.97
C ALA EA 329 -81.17 81.26 -50.57
N LYS EA 330 -80.81 82.47 -50.16
CA LYS EA 330 -80.25 82.81 -48.85
C LYS EA 330 -79.29 81.72 -48.35
N ALA EA 331 -78.25 81.50 -49.15
CA ALA EA 331 -77.28 80.44 -48.89
C ALA EA 331 -76.37 80.86 -47.73
N ASP EA 332 -76.89 80.75 -46.51
CA ASP EA 332 -76.14 81.06 -45.32
C ASP EA 332 -76.61 80.16 -44.18
N MET EA 333 -75.67 79.80 -43.30
CA MET EA 333 -76.03 78.93 -42.18
C MET EA 333 -76.85 79.67 -41.14
N LYS EA 334 -76.63 80.97 -40.97
CA LYS EA 334 -77.50 81.75 -40.09
C LYS EA 334 -78.92 81.76 -40.62
N ALA EA 335 -79.09 81.93 -41.92
CA ALA EA 335 -80.42 81.87 -42.53
C ALA EA 335 -81.02 80.48 -42.39
N LEU EA 336 -80.19 79.44 -42.52
CA LEU EA 336 -80.68 78.07 -42.33
C LEU EA 336 -81.19 77.88 -40.90
N LEU EA 337 -80.43 78.36 -39.91
CA LEU EA 337 -80.87 78.23 -38.53
C LEU EA 337 -82.15 79.00 -38.27
N LYS EA 338 -82.25 80.22 -38.82
CA LYS EA 338 -83.47 81.00 -38.63
C LYS EA 338 -84.67 80.32 -39.28
N ALA EA 339 -84.49 79.78 -40.49
CA ALA EA 339 -85.58 79.09 -41.16
C ALA EA 339 -86.00 77.84 -40.41
N ALA EA 340 -85.03 77.09 -39.87
CA ALA EA 340 -85.37 75.91 -39.08
C ALA EA 340 -86.12 76.30 -37.81
N SER EA 341 -85.68 77.36 -37.14
CA SER EA 341 -86.35 77.80 -35.91
C SER EA 341 -87.77 78.26 -36.20
N GLU EA 342 -87.96 79.03 -37.28
CA GLU EA 342 -89.27 79.57 -37.60
C GLU EA 342 -90.13 78.60 -38.40
N GLY EA 343 -89.60 77.43 -38.75
CA GLY EA 343 -90.36 76.50 -39.57
C GLY EA 343 -91.53 75.89 -38.83
N SER EA 344 -92.47 75.38 -39.63
CA SER EA 344 -93.65 74.73 -39.05
C SER EA 344 -93.28 73.42 -38.37
N ASP EA 345 -92.21 72.77 -38.82
CA ASP EA 345 -91.79 71.49 -38.27
C ASP EA 345 -90.33 71.57 -37.82
N GLY EA 346 -90.04 70.94 -36.67
CA GLY EA 346 -88.68 70.93 -36.16
C GLY EA 346 -87.80 69.93 -36.89
N ALA EA 347 -86.49 70.07 -36.67
CA ALA EA 347 -85.49 69.22 -37.30
C ALA EA 347 -84.31 69.06 -36.34
N SER EA 348 -83.38 68.18 -36.74
CA SER EA 348 -82.19 67.89 -35.95
C SER EA 348 -80.94 68.20 -36.79
N LEU EA 349 -80.03 68.97 -36.21
CA LEU EA 349 -78.82 69.38 -36.92
C LEU EA 349 -77.60 69.00 -36.08
N THR EA 350 -76.70 68.24 -36.68
CA THR EA 350 -75.49 67.74 -36.03
C THR EA 350 -74.27 68.38 -36.67
N PHE EA 351 -73.42 68.99 -35.85
CA PHE EA 351 -72.17 69.57 -36.30
C PHE EA 351 -71.07 68.50 -36.24
N ASN EA 352 -69.81 68.92 -36.34
CA ASN EA 352 -68.70 67.97 -36.31
C ASN EA 352 -68.69 67.17 -35.01
N GLY EA 353 -68.76 67.87 -33.87
CA GLY EA 353 -68.69 67.19 -32.60
C GLY EA 353 -70.01 67.07 -31.87
N THR EA 354 -70.79 68.14 -31.85
CA THR EA 354 -72.01 68.20 -31.04
C THR EA 354 -73.25 68.07 -31.92
N GLU EA 355 -74.39 67.89 -31.26
CA GLU EA 355 -75.69 67.79 -31.92
C GLU EA 355 -76.60 68.89 -31.40
N TYR EA 356 -77.35 69.52 -32.31
CA TYR EA 356 -78.25 70.61 -31.98
C TYR EA 356 -79.67 70.21 -32.35
N THR EA 357 -80.61 70.45 -31.45
CA THR EA 357 -82.01 70.13 -31.68
C THR EA 357 -82.82 71.42 -31.75
N ILE EA 358 -83.68 71.52 -32.77
CA ILE EA 358 -84.46 72.71 -33.04
C ILE EA 358 -85.90 72.44 -32.60
N ALA EA 359 -86.40 73.24 -31.67
CA ALA EA 359 -87.77 73.11 -31.22
C ALA EA 359 -88.74 73.63 -32.27
N LYS EA 360 -89.89 72.97 -32.37
CA LYS EA 360 -90.91 73.35 -33.35
C LYS EA 360 -91.50 74.72 -33.02
N GLY EA 376 -86.85 77.57 -30.73
CA GLY EA 376 -85.68 77.56 -29.86
C GLY EA 376 -84.64 76.54 -30.25
N ILE EA 377 -83.45 76.67 -29.70
CA ILE EA 377 -82.33 75.77 -29.98
C ILE EA 377 -81.86 75.16 -28.67
N THR EA 378 -81.52 73.88 -28.70
CA THR EA 378 -80.93 73.22 -27.54
C THR EA 378 -79.73 72.39 -27.96
N TYR EA 379 -78.74 72.32 -27.08
CA TYR EA 379 -77.53 71.57 -27.38
C TYR EA 379 -76.79 71.24 -26.08
N GLN EA 380 -76.13 70.09 -26.09
CA GLN EA 380 -75.39 69.61 -24.91
C GLN EA 380 -73.97 70.16 -24.98
N ALA EA 381 -73.76 71.31 -24.36
CA ALA EA 381 -72.43 71.91 -24.31
C ALA EA 381 -71.58 71.24 -23.23
N THR EA 382 -70.26 71.37 -23.38
CA THR EA 382 -69.31 70.87 -22.40
C THR EA 382 -68.45 72.02 -21.92
N VAL EA 383 -68.36 72.19 -20.60
CA VAL EA 383 -67.56 73.24 -19.99
C VAL EA 383 -66.72 72.60 -18.89
N SER EA 384 -65.45 73.01 -18.81
CA SER EA 384 -64.53 72.43 -17.85
C SER EA 384 -64.98 72.73 -16.43
N LYS EA 385 -64.72 71.78 -15.53
CA LYS EA 385 -65.08 71.94 -14.12
C LYS EA 385 -64.29 73.06 -13.45
N ASP EA 386 -63.16 73.45 -14.03
CA ASP EA 386 -62.38 74.54 -13.45
C ASP EA 386 -63.16 75.85 -13.47
N VAL EA 387 -63.85 76.13 -14.57
CA VAL EA 387 -64.67 77.34 -14.65
C VAL EA 387 -65.78 77.31 -13.60
N VAL EA 388 -66.42 76.15 -13.44
CA VAL EA 388 -67.53 76.04 -12.49
C VAL EA 388 -67.03 76.26 -11.06
N LEU EA 389 -65.92 75.61 -10.71
CA LEU EA 389 -65.40 75.75 -9.36
C LEU EA 389 -64.94 77.18 -9.10
N SER EA 390 -64.30 77.82 -10.09
CA SER EA 390 -63.86 79.19 -9.92
C SER EA 390 -65.03 80.14 -9.74
N GLU EA 391 -66.08 79.98 -10.54
CA GLU EA 391 -67.23 80.88 -10.42
C GLU EA 391 -67.99 80.63 -9.14
N THR EA 392 -67.99 79.39 -8.64
CA THR EA 392 -68.62 79.12 -7.35
C THR EA 392 -67.82 79.71 -6.21
N LYS EA 393 -66.48 79.62 -6.28
CA LYS EA 393 -65.63 80.07 -5.18
C LYS EA 393 -65.56 81.59 -5.12
N ALA EA 394 -65.42 82.24 -6.27
CA ALA EA 394 -65.18 83.69 -6.28
C ALA EA 394 -66.42 84.48 -5.88
N ALA EA 395 -67.57 84.11 -6.43
CA ALA EA 395 -68.79 84.87 -6.24
C ALA EA 395 -69.53 84.41 -4.99
N ALA EA 396 -70.32 85.32 -4.43
CA ALA EA 396 -71.16 85.02 -3.26
C ALA EA 396 -72.50 84.43 -3.72
N ALA EA 397 -72.41 83.29 -4.39
CA ALA EA 397 -73.57 82.63 -4.95
C ALA EA 397 -74.08 81.57 -3.96
N THR EA 398 -75.12 80.84 -4.39
CA THR EA 398 -75.72 79.77 -3.60
C THR EA 398 -75.75 78.51 -4.48
N SER EA 399 -74.69 77.72 -4.37
CA SER EA 399 -74.57 76.52 -5.19
C SER EA 399 -75.12 75.31 -4.46
N SER EA 400 -75.42 74.26 -5.22
CA SER EA 400 -75.89 72.99 -4.68
C SER EA 400 -75.09 71.86 -5.32
N ILE EA 401 -74.60 70.95 -4.49
CA ILE EA 401 -73.80 69.82 -4.94
C ILE EA 401 -74.50 68.53 -4.52
N THR EA 402 -74.66 67.60 -5.46
CA THR EA 402 -75.33 66.34 -5.18
C THR EA 402 -74.34 65.20 -5.38
N PHE EA 403 -74.18 64.39 -4.33
CA PHE EA 403 -73.37 63.18 -4.38
C PHE EA 403 -74.29 61.99 -4.56
N ASN EA 404 -74.03 61.20 -5.60
CA ASN EA 404 -74.83 60.02 -5.92
C ASN EA 404 -73.89 58.82 -6.04
N SER EA 405 -74.19 57.76 -5.30
CA SER EA 405 -73.49 56.50 -5.43
C SER EA 405 -74.22 55.53 -6.34
N GLY EA 406 -75.25 55.99 -7.04
CA GLY EA 406 -76.12 55.17 -7.86
C GLY EA 406 -77.38 54.75 -7.15
N VAL EA 407 -77.34 54.68 -5.81
CA VAL EA 407 -78.52 54.39 -4.99
C VAL EA 407 -78.75 55.47 -3.96
N LEU EA 408 -77.70 55.87 -3.24
CA LEU EA 408 -77.80 56.82 -2.14
C LEU EA 408 -77.44 58.20 -2.65
N SER EA 409 -78.24 59.19 -2.30
CA SER EA 409 -78.08 60.55 -2.80
C SER EA 409 -78.09 61.53 -1.64
N LYS EA 410 -77.22 62.53 -1.71
CA LYS EA 410 -77.18 63.61 -0.73
C LYS EA 410 -76.97 64.94 -1.44
N THR EA 411 -77.76 65.93 -1.07
CA THR EA 411 -77.66 67.28 -1.63
C THR EA 411 -77.19 68.24 -0.54
N ILE EA 412 -76.15 69.02 -0.84
CA ILE EA 412 -75.55 69.94 0.12
C ILE EA 412 -75.52 71.33 -0.51
N GLY EA 413 -76.01 72.32 0.24
CA GLY EA 413 -75.93 73.70 -0.20
C GLY EA 413 -74.58 74.31 0.19
N PHE EA 414 -74.11 75.23 -0.65
CA PHE EA 414 -72.82 75.86 -0.48
C PHE EA 414 -72.91 77.35 -0.71
N THR EA 415 -72.32 78.11 0.20
CA THR EA 415 -72.13 79.55 0.01
C THR EA 415 -70.79 79.77 -0.69
N ALA EA 416 -70.26 80.99 -0.64
CA ALA EA 416 -69.02 81.32 -1.35
C ALA EA 416 -67.84 80.66 -0.65
N GLY EA 417 -67.68 79.36 -0.93
CA GLY EA 417 -66.56 78.59 -0.43
C GLY EA 417 -66.89 77.71 0.76
N GLU EA 418 -68.03 77.90 1.40
CA GLU EA 418 -68.42 77.14 2.58
C GLU EA 418 -69.85 76.62 2.40
N SER EA 419 -70.36 75.95 3.43
CA SER EA 419 -71.72 75.42 3.42
C SER EA 419 -72.57 76.23 4.38
N SER EA 420 -73.68 76.79 3.86
CA SER EA 420 -74.58 77.61 4.65
C SER EA 420 -75.97 77.00 4.77
N ASP EA 421 -76.12 75.71 4.48
CA ASP EA 421 -77.42 75.06 4.44
C ASP EA 421 -77.87 74.53 5.80
N ALA EA 422 -77.35 75.11 6.89
CA ALA EA 422 -77.65 74.67 8.25
C ALA EA 422 -77.26 73.20 8.46
N ALA EA 423 -76.28 72.73 7.68
CA ALA EA 423 -75.79 71.37 7.77
C ALA EA 423 -74.33 71.39 8.25
N LYS EA 424 -73.93 70.30 8.89
CA LYS EA 424 -72.60 70.27 9.51
C LYS EA 424 -71.51 70.20 8.45
N SER EA 425 -71.47 69.11 7.68
CA SER EA 425 -70.64 69.00 6.48
C SER EA 425 -69.16 69.27 6.80
N TYR EA 426 -68.59 68.36 7.59
CA TYR EA 426 -67.18 68.42 7.92
C TYR EA 426 -66.45 67.21 7.37
N VAL EA 427 -65.20 67.43 6.95
CA VAL EA 427 -64.44 66.43 6.21
C VAL EA 427 -63.03 66.30 6.79
N ASP EA 428 -62.69 67.18 7.73
CA ASP EA 428 -61.30 67.36 8.14
C ASP EA 428 -60.71 66.11 8.79
N ASP EA 429 -61.54 65.20 9.30
CA ASP EA 429 -61.02 64.08 10.08
C ASP EA 429 -60.09 63.17 9.27
N LYS EA 430 -60.62 62.48 8.26
CA LYS EA 430 -59.80 61.61 7.43
C LYS EA 430 -60.23 61.63 5.97
N GLY EA 431 -61.16 62.49 5.59
CA GLY EA 431 -61.77 62.43 4.28
C GLY EA 431 -63.18 61.87 4.36
N GLY EA 432 -64.03 62.35 3.46
CA GLY EA 432 -65.44 62.02 3.50
C GLY EA 432 -66.22 62.94 4.43
N ILE EA 433 -67.51 63.07 4.13
CA ILE EA 433 -68.36 64.02 4.85
C ILE EA 433 -68.97 63.30 6.04
N THR EA 434 -68.48 63.63 7.23
CA THR EA 434 -68.90 62.98 8.46
C THR EA 434 -69.88 63.81 9.28
N ASN EA 435 -70.18 65.03 8.81
CA ASN EA 435 -71.22 65.90 9.38
C ASN EA 435 -71.29 65.84 10.91
N VAL EA 436 -70.13 65.91 11.55
CA VAL EA 436 -70.04 66.02 13.01
C VAL EA 436 -69.38 67.36 13.34
N ALA EA 437 -70.02 68.12 14.22
CA ALA EA 437 -69.49 69.43 14.60
C ALA EA 437 -68.14 69.30 15.28
N ASP EA 438 -68.11 68.65 16.44
CA ASP EA 438 -66.89 68.50 17.21
C ASP EA 438 -67.13 67.44 18.28
N TYR EA 439 -66.08 66.70 18.62
CA TYR EA 439 -66.12 65.71 19.68
C TYR EA 439 -65.05 66.03 20.70
N THR EA 440 -65.40 65.97 21.97
CA THR EA 440 -64.48 66.22 23.07
C THR EA 440 -64.24 64.92 23.81
N VAL EA 441 -62.97 64.57 23.98
CA VAL EA 441 -62.57 63.35 24.67
C VAL EA 441 -61.99 63.74 26.02
N SER EA 442 -62.47 63.10 27.08
CA SER EA 442 -62.03 63.39 28.43
C SER EA 442 -61.12 62.27 28.92
N TYR EA 443 -59.96 62.65 29.41
CA TYR EA 443 -58.94 61.72 29.90
C TYR EA 443 -58.82 61.88 31.41
N SER EA 444 -58.80 60.75 32.12
CA SER EA 444 -58.61 60.72 33.57
C SER EA 444 -57.16 60.39 33.87
N VAL EA 445 -56.53 61.18 34.73
CA VAL EA 445 -55.13 61.01 35.08
C VAL EA 445 -55.06 60.43 36.48
N ASN EA 446 -54.42 59.27 36.61
CA ASN EA 446 -54.23 58.64 37.91
C ASN EA 446 -53.00 59.24 38.58
N LYS EA 447 -53.21 59.99 39.66
CA LYS EA 447 -52.13 60.71 40.32
C LYS EA 447 -51.19 59.80 41.10
N ASP EA 448 -51.55 58.53 41.31
CA ASP EA 448 -50.68 57.62 42.03
C ASP EA 448 -49.42 57.31 41.23
N ASN EA 449 -49.57 57.02 39.94
CA ASN EA 449 -48.44 56.67 39.08
C ASN EA 449 -48.29 57.56 37.86
N GLY EA 450 -49.31 58.32 37.49
CA GLY EA 450 -49.27 59.15 36.29
C GLY EA 450 -49.89 58.53 35.06
N SER EA 451 -50.46 57.34 35.17
CA SER EA 451 -51.10 56.70 34.02
C SER EA 451 -52.33 57.48 33.59
N VAL EA 452 -52.53 57.58 32.28
CA VAL EA 452 -53.65 58.31 31.70
C VAL EA 452 -54.53 57.33 30.93
N THR EA 453 -55.82 57.35 31.24
CA THR EA 453 -56.79 56.49 30.58
C THR EA 453 -57.89 57.35 29.96
N VAL EA 454 -58.75 56.70 29.18
CA VAL EA 454 -59.84 57.36 28.49
C VAL EA 454 -61.10 57.21 29.33
N ALA EA 455 -61.72 58.32 29.68
CA ALA EA 455 -62.95 58.29 30.48
C ALA EA 455 -63.79 59.51 30.12
N GLY EA 456 -64.79 59.30 29.27
CA GLY EA 456 -65.73 60.35 28.95
C GLY EA 456 -65.69 60.83 27.51
N TYR EA 457 -66.86 60.91 26.87
CA TYR EA 457 -66.98 61.37 25.50
C TYR EA 457 -68.14 62.34 25.41
N ALA EA 458 -67.93 63.47 24.75
CA ALA EA 458 -68.97 64.48 24.57
C ALA EA 458 -69.08 64.83 23.09
N SER EA 459 -70.30 64.97 22.59
CA SER EA 459 -70.53 65.33 21.21
C SER EA 459 -71.67 66.33 21.12
N ALA EA 460 -71.47 67.37 20.33
CA ALA EA 460 -72.54 68.34 20.08
C ALA EA 460 -73.62 67.80 19.15
N THR EA 461 -73.35 66.70 18.47
CA THR EA 461 -74.31 66.02 17.62
C THR EA 461 -74.51 64.60 18.14
N ASP EA 462 -75.42 63.86 17.51
CA ASP EA 462 -75.62 62.46 17.88
C ASP EA 462 -74.36 61.64 17.64
N THR EA 463 -73.83 61.71 16.41
CA THR EA 463 -72.52 61.18 16.05
C THR EA 463 -72.51 59.66 16.05
N ASN EA 464 -73.60 59.05 16.55
CA ASN EA 464 -73.72 57.59 16.64
C ASN EA 464 -72.52 56.96 17.36
N LYS EA 465 -71.83 57.76 18.18
CA LYS EA 465 -70.61 57.34 18.86
C LYS EA 465 -69.59 56.76 17.89
N ASP EA 466 -69.45 57.40 16.73
CA ASP EA 466 -68.49 56.95 15.73
C ASP EA 466 -67.06 57.11 16.22
N TYR EA 467 -66.75 58.25 16.85
CA TYR EA 467 -65.40 58.56 17.30
C TYR EA 467 -65.25 58.42 18.82
N ALA EA 468 -66.10 57.62 19.46
CA ALA EA 468 -66.04 57.47 20.90
C ALA EA 468 -65.32 56.19 21.26
N PRO EA 469 -64.09 56.25 21.77
CA PRO EA 469 -63.43 55.03 22.24
C PRO EA 469 -64.09 54.49 23.50
N ALA EA 470 -63.93 53.19 23.71
CA ALA EA 470 -64.42 52.58 24.94
C ALA EA 470 -63.69 53.16 26.13
N ILE EA 471 -64.44 53.52 27.17
CA ILE EA 471 -63.84 54.12 28.35
C ILE EA 471 -63.01 53.08 29.10
N GLY EA 472 -62.02 53.57 29.85
CA GLY EA 472 -61.15 52.71 30.62
C GLY EA 472 -60.01 52.09 29.85
N THR EA 473 -59.73 52.56 28.64
CA THR EA 473 -58.64 52.03 27.83
C THR EA 473 -57.44 52.95 27.94
N ALA EA 474 -56.28 52.38 28.26
CA ALA EA 474 -55.06 53.17 28.44
C ALA EA 474 -54.65 53.79 27.12
N VAL EA 475 -54.38 55.08 27.12
CA VAL EA 475 -53.98 55.81 25.92
C VAL EA 475 -52.46 55.90 25.89
N ASN EA 476 -51.90 55.92 24.68
CA ASN EA 476 -50.47 55.98 24.46
C ASN EA 476 -50.15 57.12 23.49
N VAL EA 477 -48.88 57.20 23.10
CA VAL EA 477 -48.39 58.24 22.21
C VAL EA 477 -47.87 57.58 20.94
N ASN EA 478 -48.34 58.05 19.79
CA ASN EA 478 -47.95 57.49 18.51
C ASN EA 478 -46.50 57.85 18.19
N SER EA 479 -46.02 57.37 17.04
CA SER EA 479 -44.67 57.68 16.61
C SER EA 479 -44.50 59.16 16.32
N ALA EA 480 -45.53 59.78 15.73
CA ALA EA 480 -45.48 61.20 15.38
C ALA EA 480 -45.77 62.11 16.57
N GLY EA 481 -45.93 61.55 17.77
CA GLY EA 481 -46.23 62.34 18.95
C GLY EA 481 -47.70 62.57 19.21
N LYS EA 482 -48.59 62.04 18.36
CA LYS EA 482 -50.01 62.23 18.58
C LYS EA 482 -50.50 61.34 19.73
N ILE EA 483 -51.68 61.68 20.23
CA ILE EA 483 -52.31 60.93 21.31
C ILE EA 483 -53.24 59.91 20.68
N THR EA 484 -52.96 58.64 20.88
CA THR EA 484 -53.71 57.58 20.21
C THR EA 484 -53.76 56.36 21.13
N THR EA 485 -54.75 55.50 20.89
CA THR EA 485 -55.05 54.40 21.80
C THR EA 485 -54.38 53.09 21.44
N GLU EA 486 -54.13 52.81 20.17
CA GLU EA 486 -53.55 51.53 19.79
C GLU EA 486 -52.04 51.51 20.03
N THR EA 487 -51.51 50.33 20.29
CA THR EA 487 -50.11 50.15 20.65
C THR EA 487 -49.27 49.55 19.53
N THR EA 488 -49.83 49.36 18.34
CA THR EA 488 -49.10 48.71 17.26
C THR EA 488 -47.88 49.51 16.83
N SER EA 489 -48.09 50.69 16.28
CA SER EA 489 -47.01 51.60 15.87
C SER EA 489 -46.02 50.90 14.94
N ALA EA 490 -46.53 50.56 13.76
CA ALA EA 490 -45.74 49.82 12.78
C ALA EA 490 -44.46 50.56 12.42
N GLY EA 491 -43.38 49.80 12.29
CA GLY EA 491 -42.06 50.35 12.03
C GLY EA 491 -41.73 50.44 10.55
N SER EA 492 -40.44 50.44 10.26
CA SER EA 492 -39.94 50.66 8.90
C SER EA 492 -39.36 49.43 8.24
N ALA EA 493 -39.09 48.36 8.98
CA ALA EA 493 -38.55 47.15 8.38
C ALA EA 493 -39.56 46.54 7.41
N THR EA 494 -39.05 45.94 6.34
CA THR EA 494 -39.91 45.36 5.32
C THR EA 494 -40.78 44.27 5.92
N THR EA 495 -42.07 44.27 5.55
CA THR EA 495 -43.03 43.36 6.15
C THR EA 495 -42.75 41.91 5.78
N ASN EA 496 -42.78 41.60 4.48
CA ASN EA 496 -42.68 40.22 4.01
C ASN EA 496 -41.54 40.13 3.00
N PRO EA 497 -40.29 40.15 3.47
CA PRO EA 497 -39.16 40.14 2.54
C PRO EA 497 -39.14 38.91 1.65
N LEU EA 498 -39.47 37.74 2.21
CA LEU EA 498 -39.43 36.51 1.44
C LEU EA 498 -40.50 36.52 0.36
N ALA EA 499 -41.70 37.03 0.68
CA ALA EA 499 -42.75 37.14 -0.34
C ALA EA 499 -42.35 38.10 -1.44
N ALA EA 500 -41.76 39.25 -1.08
CA ALA EA 500 -41.33 40.20 -2.11
C ALA EA 500 -40.27 39.60 -3.01
N LEU EA 501 -39.30 38.89 -2.43
CA LEU EA 501 -38.26 38.26 -3.24
C LEU EA 501 -38.84 37.18 -4.13
N ASP EA 502 -39.81 36.41 -3.63
CA ASP EA 502 -40.46 35.40 -4.46
C ASP EA 502 -41.18 36.04 -5.63
N ASP EA 503 -41.87 37.16 -5.41
CA ASP EA 503 -42.54 37.85 -6.51
C ASP EA 503 -41.54 38.33 -7.54
N ALA EA 504 -40.41 38.90 -7.09
CA ALA EA 504 -39.39 39.36 -8.02
C ALA EA 504 -38.83 38.21 -8.86
N ILE EA 505 -38.51 37.09 -8.20
CA ILE EA 505 -37.96 35.94 -8.91
C ILE EA 505 -38.99 35.40 -9.90
N SER EA 506 -40.26 35.39 -9.52
CA SER EA 506 -41.30 34.92 -10.42
C SER EA 506 -41.39 35.81 -11.66
N SER EA 507 -41.30 37.12 -11.48
CA SER EA 507 -41.32 38.01 -12.63
C SER EA 507 -40.14 37.75 -13.56
N ILE EA 508 -38.94 37.59 -12.97
CA ILE EA 508 -37.76 37.31 -13.79
C ILE EA 508 -37.94 36.02 -14.56
N ASP EA 509 -38.46 34.98 -13.90
CA ASP EA 509 -38.64 33.69 -14.56
C ASP EA 509 -39.66 33.78 -15.69
N LYS EA 510 -40.75 34.52 -15.48
CA LYS EA 510 -41.74 34.67 -16.54
C LYS EA 510 -41.14 35.36 -17.76
N PHE EA 511 -40.38 36.43 -17.53
CA PHE EA 511 -39.79 37.15 -18.66
C PHE EA 511 -38.77 36.27 -19.40
N ARG EA 512 -37.98 35.49 -18.65
CA ARG EA 512 -37.04 34.58 -19.30
C ARG EA 512 -37.77 33.52 -20.12
N SER EA 513 -38.88 33.00 -19.60
CA SER EA 513 -39.66 32.02 -20.34
C SER EA 513 -40.20 32.62 -21.64
N SER EA 514 -40.68 33.85 -21.58
CA SER EA 514 -41.17 34.52 -22.78
C SER EA 514 -40.07 34.67 -23.81
N LEU EA 515 -38.88 35.09 -23.37
CA LEU EA 515 -37.76 35.23 -24.30
C LEU EA 515 -37.39 33.88 -24.92
N GLY EA 516 -37.37 32.81 -24.12
CA GLY EA 516 -37.05 31.51 -24.66
C GLY EA 516 -38.05 31.05 -25.71
N ALA EA 517 -39.34 31.26 -25.44
CA ALA EA 517 -40.35 30.90 -26.43
C ALA EA 517 -40.17 31.69 -27.72
N ILE EA 518 -39.92 33.00 -27.61
CA ILE EA 518 -39.70 33.81 -28.80
C ILE EA 518 -38.49 33.31 -29.58
N GLN EA 519 -37.42 32.96 -28.87
CA GLN EA 519 -36.21 32.51 -29.54
C GLN EA 519 -36.44 31.19 -30.28
N ASN EA 520 -37.18 30.26 -29.66
CA ASN EA 520 -37.50 29.01 -30.34
C ASN EA 520 -38.32 29.25 -31.59
N ARG EA 521 -39.35 30.10 -31.48
CA ARG EA 521 -40.19 30.37 -32.66
C ARG EA 521 -39.38 31.05 -33.76
N LEU EA 522 -38.42 31.89 -33.39
CA LEU EA 522 -37.57 32.53 -34.38
C LEU EA 522 -36.68 31.51 -35.10
N ASP EA 523 -36.14 30.55 -34.35
CA ASP EA 523 -35.32 29.51 -34.97
C ASP EA 523 -36.13 28.67 -35.94
N SER EA 524 -37.37 28.34 -35.56
CA SER EA 524 -38.25 27.62 -36.47
C SER EA 524 -38.50 28.43 -37.74
N ALA EA 525 -38.69 29.74 -37.59
CA ALA EA 525 -38.85 30.60 -38.76
C ALA EA 525 -37.61 30.55 -39.65
N VAL EA 526 -36.42 30.54 -39.04
CA VAL EA 526 -35.18 30.48 -39.82
C VAL EA 526 -35.15 29.20 -40.66
N THR EA 527 -35.47 28.07 -40.03
CA THR EA 527 -35.45 26.81 -40.76
C THR EA 527 -36.44 26.82 -41.92
N ASN EA 528 -37.65 27.33 -41.68
CA ASN EA 528 -38.63 27.39 -42.76
C ASN EA 528 -38.15 28.30 -43.89
N LEU EA 529 -37.51 29.41 -43.54
CA LEU EA 529 -36.99 30.31 -44.57
C LEU EA 529 -35.94 29.62 -45.43
N ASN EA 530 -35.03 28.87 -44.80
CA ASN EA 530 -34.01 28.17 -45.58
C ASN EA 530 -34.64 27.15 -46.53
N ASN EA 531 -35.63 26.39 -46.03
CA ASN EA 531 -36.29 25.42 -46.90
C ASN EA 531 -36.97 26.10 -48.08
N THR EA 532 -37.68 27.20 -47.82
CA THR EA 532 -38.38 27.90 -48.89
C THR EA 532 -37.40 28.47 -49.90
N THR EA 533 -36.27 29.00 -49.43
CA THR EA 533 -35.27 29.52 -50.35
C THR EA 533 -34.72 28.42 -51.25
N THR EA 534 -34.45 27.24 -50.67
CA THR EA 534 -33.97 26.14 -51.50
C THR EA 534 -34.98 25.76 -52.56
N ASN EA 535 -36.26 25.65 -52.19
CA ASN EA 535 -37.27 25.24 -53.16
C ASN EA 535 -37.47 26.29 -54.24
N LEU EA 536 -37.44 27.57 -53.87
CA LEU EA 536 -37.60 28.62 -54.88
C LEU EA 536 -36.42 28.65 -55.83
N SER EA 537 -35.21 28.41 -55.32
CA SER EA 537 -34.06 28.30 -56.22
C SER EA 537 -34.23 27.10 -57.16
N GLU EA 538 -34.78 26.00 -56.65
CA GLU EA 538 -35.10 24.86 -57.50
C GLU EA 538 -36.00 25.27 -58.65
N ALA EA 539 -37.10 25.97 -58.34
CA ALA EA 539 -38.04 26.36 -59.38
C ALA EA 539 -37.40 27.31 -60.39
N GLN EA 540 -36.61 28.27 -59.91
CA GLN EA 540 -35.96 29.19 -60.82
C GLN EA 540 -35.01 28.45 -61.75
N SER EA 541 -34.27 27.47 -61.23
CA SER EA 541 -33.40 26.67 -62.07
C SER EA 541 -34.21 25.85 -63.08
N ARG EA 542 -35.40 25.40 -62.68
CA ARG EA 542 -36.29 24.72 -63.62
C ARG EA 542 -36.64 25.64 -64.79
N ILE EA 543 -36.93 26.91 -64.50
CA ILE EA 543 -37.35 27.82 -65.55
C ILE EA 543 -36.17 28.22 -66.43
N GLN EA 544 -35.09 28.68 -65.83
CA GLN EA 544 -33.91 29.18 -66.51
C GLN EA 544 -32.92 28.02 -66.75
N ASP EA 545 -31.66 28.35 -67.01
CA ASP EA 545 -30.56 27.38 -67.02
C ASP EA 545 -30.73 26.36 -68.15
N ALA EA 546 -30.54 26.88 -69.36
CA ALA EA 546 -30.60 26.07 -70.58
C ALA EA 546 -29.79 24.79 -70.46
N ASP EA 547 -30.20 23.78 -71.23
CA ASP EA 547 -29.60 22.44 -71.18
C ASP EA 547 -28.38 22.39 -72.09
N TYR EA 548 -27.20 22.36 -71.47
CA TYR EA 548 -25.96 22.42 -72.23
C TYR EA 548 -25.88 21.34 -73.29
N ALA EA 549 -26.40 20.14 -73.01
CA ALA EA 549 -26.45 19.12 -74.06
C ALA EA 549 -27.28 19.60 -75.24
N THR EA 550 -28.43 20.20 -74.96
CA THR EA 550 -29.34 20.63 -76.03
C THR EA 550 -28.69 21.70 -76.89
N GLU EA 551 -28.14 22.76 -76.28
CA GLU EA 551 -27.55 23.79 -77.13
C GLU EA 551 -26.22 23.38 -77.76
N VAL EA 552 -25.46 22.46 -77.15
CA VAL EA 552 -24.28 21.94 -77.83
C VAL EA 552 -24.68 21.21 -79.11
N SER EA 553 -25.71 20.36 -79.02
CA SER EA 553 -26.20 19.69 -80.21
C SER EA 553 -26.71 20.71 -81.23
N ASN EA 554 -27.43 21.72 -80.76
CA ASN EA 554 -28.01 22.71 -81.65
C ASN EA 554 -26.93 23.45 -82.41
N MET EA 555 -25.87 23.90 -81.71
CA MET EA 555 -24.83 24.63 -82.42
C MET EA 555 -24.04 23.72 -83.33
N SER EA 556 -23.85 22.45 -82.96
CA SER EA 556 -23.09 21.56 -83.82
C SER EA 556 -23.83 21.36 -85.14
N LYS EA 557 -25.12 21.06 -85.08
CA LYS EA 557 -25.86 20.89 -86.32
C LYS EA 557 -26.01 22.21 -87.06
N ALA EA 558 -26.07 23.33 -86.34
CA ALA EA 558 -26.13 24.63 -87.01
C ALA EA 558 -24.85 24.93 -87.78
N GLN EA 559 -23.69 24.62 -87.18
CA GLN EA 559 -22.42 24.82 -87.86
C GLN EA 559 -22.31 23.94 -89.09
N ILE EA 560 -22.75 22.68 -88.97
CA ILE EA 560 -22.71 21.80 -90.13
C ILE EA 560 -23.61 22.32 -91.24
N ILE EA 561 -24.82 22.79 -90.87
CA ILE EA 561 -25.71 23.35 -91.87
C ILE EA 561 -25.09 24.57 -92.53
N GLN EA 562 -24.41 25.41 -91.74
CA GLN EA 562 -23.78 26.60 -92.29
C GLN EA 562 -22.68 26.23 -93.28
N GLN EA 563 -21.83 25.26 -92.92
CA GLN EA 563 -20.74 24.86 -93.81
C GLN EA 563 -21.29 24.25 -95.10
N ALA EA 564 -22.32 23.39 -94.97
CA ALA EA 564 -22.94 22.81 -96.15
C ALA EA 564 -23.56 23.89 -97.03
N GLY EA 565 -24.23 24.86 -96.41
CA GLY EA 565 -24.82 25.93 -97.18
C GLY EA 565 -23.79 26.77 -97.90
N ASN EA 566 -22.65 27.01 -97.25
CA ASN EA 566 -21.58 27.78 -97.90
C ASN EA 566 -20.98 27.02 -99.08
N SER EA 567 -20.76 25.72 -98.91
CA SER EA 567 -20.23 24.93 -100.01
C SER EA 567 -21.21 24.88 -101.18
N VAL EA 568 -22.49 24.66 -100.90
CA VAL EA 568 -23.49 24.66 -101.94
C VAL EA 568 -23.61 26.04 -102.57
N LEU EA 569 -23.42 27.09 -101.77
CA LEU EA 569 -23.46 28.45 -102.29
C LEU EA 569 -22.32 28.69 -103.25
N ALA EA 570 -21.13 28.17 -102.93
CA ALA EA 570 -20.02 28.24 -103.89
C ALA EA 570 -20.32 27.48 -105.15
N LYS EA 571 -20.95 26.30 -105.04
CA LYS EA 571 -21.33 25.54 -106.22
C LYS EA 571 -22.34 26.30 -107.08
N ALA EA 572 -23.27 27.02 -106.44
CA ALA EA 572 -24.25 27.80 -107.17
C ALA EA 572 -23.62 29.04 -107.80
N ASN EA 573 -22.75 29.74 -107.04
CA ASN EA 573 -22.00 30.86 -107.57
C ASN EA 573 -21.02 30.43 -108.64
N GLN EA 574 -20.82 29.12 -108.81
CA GLN EA 574 -20.25 28.65 -110.05
C GLN EA 574 -21.35 28.85 -111.09
N VAL EA 575 -21.65 30.12 -111.35
CA VAL EA 575 -22.81 30.60 -112.07
C VAL EA 575 -22.68 30.18 -113.53
N PRO EA 576 -23.75 30.21 -114.34
CA PRO EA 576 -23.64 29.71 -115.71
C PRO EA 576 -22.48 30.32 -116.47
N GLN EA 577 -21.46 29.51 -116.73
CA GLN EA 577 -20.34 29.89 -117.55
C GLN EA 577 -20.33 29.14 -118.88
N GLN EA 578 -21.14 28.09 -119.00
CA GLN EA 578 -21.27 27.39 -120.27
C GLN EA 578 -21.81 28.30 -121.36
N VAL EA 579 -22.46 29.41 -120.98
CA VAL EA 579 -22.84 30.41 -121.97
C VAL EA 579 -21.60 30.97 -122.66
N LEU EA 580 -20.51 31.14 -121.91
CA LEU EA 580 -19.26 31.58 -122.52
C LEU EA 580 -18.79 30.58 -123.56
N SER EA 581 -18.89 29.28 -123.26
CA SER EA 581 -18.54 28.26 -124.23
C SER EA 581 -19.44 28.31 -125.44
N LEU EA 582 -20.74 28.54 -125.22
CA LEU EA 582 -21.68 28.66 -126.33
C LEU EA 582 -21.33 29.84 -127.23
N LEU EA 583 -20.76 30.89 -126.65
CA LEU EA 583 -20.53 32.11 -127.42
C LEU EA 583 -19.60 31.89 -128.61
N GLN EA 584 -18.43 31.30 -128.37
CA GLN EA 584 -17.46 31.20 -129.46
C GLN EA 584 -17.85 30.17 -130.52
N GLY EA 585 -18.87 29.36 -130.26
CA GLY EA 585 -19.31 28.36 -131.22
C GLY EA 585 -19.99 28.95 -132.45
N MET FA 1 7.47 0.32 -112.60
CA MET FA 1 6.49 1.40 -112.42
C MET FA 1 6.16 2.04 -113.76
N ALA FA 2 7.07 2.89 -114.27
CA ALA FA 2 6.79 3.62 -115.50
C ALA FA 2 6.53 2.71 -116.68
N GLN FA 3 7.09 1.50 -116.68
CA GLN FA 3 6.87 0.60 -117.81
C GLN FA 3 5.46 0.03 -117.82
N VAL FA 4 4.97 -0.40 -116.67
CA VAL FA 4 3.80 -1.27 -116.59
C VAL FA 4 2.80 -0.69 -115.60
N ILE FA 5 1.52 -0.88 -115.88
CA ILE FA 5 0.46 -0.52 -114.93
C ILE FA 5 -0.37 -1.71 -114.50
N ASN FA 6 -0.22 -2.88 -115.14
CA ASN FA 6 -1.06 -4.01 -114.81
C ASN FA 6 -0.70 -4.64 -113.47
N THR FA 7 0.56 -4.51 -113.04
CA THR FA 7 1.00 -5.07 -111.78
C THR FA 7 1.81 -4.03 -111.02
N ASN FA 8 2.00 -4.26 -109.73
CA ASN FA 8 2.82 -3.40 -108.89
C ASN FA 8 3.65 -4.29 -107.98
N SER FA 9 4.90 -4.54 -108.40
CA SER FA 9 5.82 -5.33 -107.58
C SER FA 9 6.03 -4.70 -106.22
N LEU FA 10 6.15 -3.37 -106.18
CA LEU FA 10 6.34 -2.68 -104.92
C LEU FA 10 5.16 -2.92 -103.98
N SER FA 11 3.94 -2.83 -104.51
CA SER FA 11 2.76 -3.08 -103.69
C SER FA 11 2.73 -4.53 -103.20
N LEU FA 12 3.05 -5.48 -104.07
CA LEU FA 12 3.02 -6.89 -103.65
C LEU FA 12 4.04 -7.15 -102.54
N ILE FA 13 5.26 -6.66 -102.71
CA ILE FA 13 6.30 -6.87 -101.72
C ILE FA 13 5.92 -6.22 -100.41
N THR FA 14 5.38 -5.00 -100.47
CA THR FA 14 4.96 -4.30 -99.26
C THR FA 14 3.85 -5.06 -98.54
N GLN FA 15 2.90 -5.59 -99.29
CA GLN FA 15 1.82 -6.37 -98.68
C GLN FA 15 2.38 -7.61 -98.00
N ASN FA 16 3.34 -8.28 -98.64
CA ASN FA 16 3.95 -9.45 -98.01
C ASN FA 16 4.62 -9.08 -96.70
N ASN FA 17 5.38 -7.99 -96.70
CA ASN FA 17 6.07 -7.57 -95.49
C ASN FA 17 5.09 -7.18 -94.39
N ILE FA 18 3.99 -6.52 -94.77
CA ILE FA 18 2.97 -6.13 -93.80
C ILE FA 18 2.36 -7.36 -93.15
N ASN FA 19 2.05 -8.38 -93.96
CA ASN FA 19 1.49 -9.61 -93.40
C ASN FA 19 2.48 -10.30 -92.45
N LYS FA 20 3.75 -10.34 -92.85
CA LYS FA 20 4.76 -10.95 -92.00
C LYS FA 20 4.86 -10.23 -90.66
N ASN FA 21 4.79 -8.91 -90.67
CA ASN FA 21 4.79 -8.17 -89.40
C ASN FA 21 3.51 -8.41 -88.62
N GLN FA 22 2.38 -8.52 -89.30
CA GLN FA 22 1.10 -8.69 -88.63
C GLN FA 22 1.05 -9.98 -87.83
N SER FA 23 1.70 -11.03 -88.35
CA SER FA 23 1.77 -12.28 -87.60
C SER FA 23 2.36 -12.06 -86.21
N ALA FA 24 3.52 -11.41 -86.14
CA ALA FA 24 4.16 -11.15 -84.86
C ALA FA 24 3.38 -10.17 -84.01
N LEU FA 25 2.73 -9.18 -84.64
CA LEU FA 25 1.89 -8.25 -83.89
C LEU FA 25 0.78 -8.99 -83.16
N SER FA 26 0.07 -9.87 -83.87
CA SER FA 26 -1.00 -10.64 -83.25
C SER FA 26 -0.46 -11.54 -82.15
N SER FA 27 0.67 -12.20 -82.39
CA SER FA 27 1.25 -13.07 -81.37
C SER FA 27 1.56 -12.29 -80.10
N SER FA 28 2.18 -11.11 -80.26
CA SER FA 28 2.57 -10.31 -79.10
C SER FA 28 1.34 -9.83 -78.33
N ILE FA 29 0.31 -9.35 -79.04
CA ILE FA 29 -0.86 -8.84 -78.34
C ILE FA 29 -1.56 -9.96 -77.59
N GLU FA 30 -1.70 -11.14 -78.22
CA GLU FA 30 -2.31 -12.26 -77.53
C GLU FA 30 -1.50 -12.67 -76.30
N ARG FA 31 -0.17 -12.70 -76.44
CA ARG FA 31 0.69 -13.07 -75.32
C ARG FA 31 0.53 -12.11 -74.16
N LEU FA 32 0.48 -10.81 -74.45
CA LEU FA 32 0.29 -9.83 -73.39
C LEU FA 32 -1.07 -9.96 -72.73
N SER FA 33 -2.12 -10.17 -73.53
CA SER FA 33 -3.46 -10.25 -72.97
C SER FA 33 -3.60 -11.47 -72.06
N SER FA 34 -3.08 -12.61 -72.49
CA SER FA 34 -3.22 -13.83 -71.69
C SER FA 34 -2.30 -13.82 -70.48
N GLY FA 35 -1.09 -13.30 -70.63
CA GLY FA 35 -0.12 -13.36 -69.56
C GLY FA 35 0.65 -14.65 -69.47
N LEU FA 36 0.60 -15.49 -70.51
CA LEU FA 36 1.28 -16.77 -70.52
C LEU FA 36 2.23 -16.84 -71.71
N ARG FA 37 3.46 -17.28 -71.46
CA ARG FA 37 4.44 -17.41 -72.54
C ARG FA 37 4.04 -18.52 -73.52
N ILE FA 38 3.70 -19.69 -72.99
CA ILE FA 38 3.32 -20.83 -73.81
C ILE FA 38 1.80 -20.83 -73.92
N ASN FA 39 1.30 -20.49 -75.11
CA ASN FA 39 -0.12 -20.29 -75.31
C ASN FA 39 -0.56 -21.03 -76.56
N SER FA 40 -1.58 -21.86 -76.44
CA SER FA 40 -2.18 -22.61 -77.54
C SER FA 40 -1.21 -23.59 -78.19
N ALA FA 41 -0.01 -23.76 -77.63
CA ALA FA 41 0.97 -24.73 -78.08
C ALA FA 41 1.32 -24.59 -79.56
N LYS FA 42 1.20 -23.39 -80.12
CA LYS FA 42 1.69 -23.12 -81.46
C LYS FA 42 3.19 -22.88 -81.47
N ASP FA 43 3.82 -23.23 -80.37
CA ASP FA 43 5.24 -23.02 -80.11
C ASP FA 43 5.73 -24.28 -79.42
N ASP FA 44 6.89 -24.21 -78.74
CA ASP FA 44 7.49 -25.38 -78.15
C ASP FA 44 6.50 -26.16 -77.28
N ALA FA 45 6.18 -27.38 -77.72
CA ALA FA 45 5.19 -28.21 -77.03
C ALA FA 45 5.76 -28.89 -75.79
N ALA FA 46 7.08 -29.05 -75.72
CA ALA FA 46 7.68 -29.59 -74.51
C ALA FA 46 7.39 -28.70 -73.32
N GLY FA 47 7.42 -27.38 -73.51
CA GLY FA 47 7.06 -26.47 -72.44
C GLY FA 47 5.63 -26.66 -71.99
N GLN FA 48 4.71 -26.82 -72.95
CA GLN FA 48 3.31 -27.05 -72.60
C GLN FA 48 3.14 -28.33 -71.79
N ALA FA 49 3.77 -29.42 -72.24
CA ALA FA 49 3.65 -30.69 -71.53
C ALA FA 49 4.22 -30.60 -70.13
N ILE FA 50 5.39 -29.98 -69.99
CA ILE FA 50 6.03 -29.88 -68.68
C ILE FA 50 5.21 -28.99 -67.76
N ALA FA 51 4.62 -27.92 -68.30
CA ALA FA 51 3.75 -27.07 -67.50
C ALA FA 51 2.54 -27.84 -67.01
N ASN FA 52 1.95 -28.68 -67.85
CA ASN FA 52 0.83 -29.50 -67.41
C ASN FA 52 1.24 -30.45 -66.29
N ARG FA 53 2.40 -31.09 -66.45
CA ARG FA 53 2.89 -31.99 -65.39
C ARG FA 53 3.09 -31.23 -64.09
N PHE FA 54 3.66 -30.03 -64.16
CA PHE FA 54 3.89 -29.25 -62.96
C PHE FA 54 2.58 -28.84 -62.31
N THR FA 55 1.58 -28.46 -63.11
CA THR FA 55 0.27 -28.13 -62.55
C THR FA 55 -0.33 -29.31 -61.82
N SER FA 56 -0.25 -30.49 -62.42
CA SER FA 56 -0.75 -31.70 -61.77
C SER FA 56 -0.04 -31.94 -60.45
N ASN FA 57 1.29 -31.81 -60.44
CA ASN FA 57 2.05 -32.04 -59.22
C ASN FA 57 1.68 -31.03 -58.14
N ILE FA 58 1.53 -29.76 -58.50
CA ILE FA 58 1.21 -28.73 -57.52
C ILE FA 58 -0.15 -28.99 -56.89
N LYS FA 59 -1.15 -29.28 -57.71
CA LYS FA 59 -2.48 -29.53 -57.17
C LYS FA 59 -2.49 -30.76 -56.28
N GLY FA 60 -1.82 -31.83 -56.71
CA GLY FA 60 -1.75 -33.03 -55.89
C GLY FA 60 -1.09 -32.77 -54.55
N LEU FA 61 0.03 -32.04 -54.55
CA LEU FA 61 0.73 -31.79 -53.29
C LEU FA 61 -0.09 -30.92 -52.35
N THR FA 62 -0.80 -29.92 -52.88
CA THR FA 62 -1.65 -29.10 -52.02
C THR FA 62 -2.74 -29.94 -51.38
N GLN FA 63 -3.40 -30.78 -52.17
CA GLN FA 63 -4.45 -31.63 -51.60
C GLN FA 63 -3.86 -32.60 -50.58
N ALA FA 64 -2.65 -33.08 -50.83
CA ALA FA 64 -2.00 -33.97 -49.87
C ALA FA 64 -1.72 -33.26 -48.56
N ALA FA 65 -1.33 -31.99 -48.62
CA ALA FA 65 -1.13 -31.22 -47.40
C ALA FA 65 -2.43 -31.11 -46.62
N ARG FA 66 -3.55 -30.87 -47.31
CA ARG FA 66 -4.83 -30.83 -46.62
C ARG FA 66 -5.14 -32.17 -45.94
N ASN FA 67 -4.86 -33.28 -46.64
CA ASN FA 67 -5.12 -34.59 -46.06
C ASN FA 67 -4.27 -34.81 -44.80
N ALA FA 68 -3.01 -34.39 -44.85
CA ALA FA 68 -2.15 -34.52 -43.67
C ALA FA 68 -2.68 -33.71 -42.50
N ASN FA 69 -3.22 -32.51 -42.79
CA ASN FA 69 -3.84 -31.72 -41.72
C ASN FA 69 -5.01 -32.48 -41.10
N ASP FA 70 -5.83 -33.13 -41.93
CA ASP FA 70 -6.92 -33.93 -41.38
C ASP FA 70 -6.39 -35.05 -40.48
N GLY FA 71 -5.31 -35.69 -40.90
CA GLY FA 71 -4.71 -36.72 -40.06
C GLY FA 71 -4.25 -36.20 -38.72
N ILE FA 72 -3.65 -35.00 -38.72
CA ILE FA 72 -3.24 -34.38 -37.46
C ILE FA 72 -4.45 -34.17 -36.55
N SER FA 73 -5.56 -33.72 -37.14
CA SER FA 73 -6.77 -33.52 -36.34
C SER FA 73 -7.23 -34.82 -35.71
N VAL FA 74 -7.21 -35.91 -36.48
CA VAL FA 74 -7.62 -37.21 -35.95
C VAL FA 74 -6.75 -37.59 -34.75
N ALA FA 75 -5.44 -37.44 -34.90
CA ALA FA 75 -4.53 -37.80 -33.83
C ALA FA 75 -4.80 -36.96 -32.58
N GLN FA 76 -5.04 -35.67 -32.76
CA GLN FA 76 -5.31 -34.80 -31.62
C GLN FA 76 -6.55 -35.25 -30.85
N THR FA 77 -7.63 -35.56 -31.58
CA THR FA 77 -8.86 -35.98 -30.92
C THR FA 77 -8.64 -37.27 -30.12
N THR FA 78 -7.99 -38.25 -30.75
CA THR FA 78 -7.77 -39.51 -30.06
C THR FA 78 -6.91 -39.31 -28.81
N GLU FA 79 -5.90 -38.46 -28.91
CA GLU FA 79 -5.02 -38.26 -27.77
C GLU FA 79 -5.73 -37.55 -26.62
N GLY FA 80 -6.64 -36.63 -26.93
CA GLY FA 80 -7.42 -36.00 -25.87
C GLY FA 80 -8.27 -37.02 -25.12
N ALA FA 81 -8.97 -37.88 -25.86
CA ALA FA 81 -9.74 -38.93 -25.20
C ALA FA 81 -8.84 -39.82 -24.34
N LEU FA 82 -7.65 -40.14 -24.85
CA LEU FA 82 -6.73 -40.98 -24.10
C LEU FA 82 -6.28 -40.31 -22.81
N SER FA 83 -6.05 -39.00 -22.86
CA SER FA 83 -5.65 -38.28 -21.65
C SER FA 83 -6.73 -38.37 -20.59
N GLU FA 84 -8.00 -38.21 -20.99
CA GLU FA 84 -9.06 -38.36 -20.00
C GLU FA 84 -9.08 -39.77 -19.41
N ILE FA 85 -8.90 -40.79 -20.26
CA ILE FA 85 -8.87 -42.16 -19.76
C ILE FA 85 -7.75 -42.35 -18.76
N ASN FA 86 -6.58 -41.76 -19.04
CA ASN FA 86 -5.44 -41.91 -18.14
C ASN FA 86 -5.71 -41.26 -16.79
N ASN FA 87 -6.35 -40.08 -16.79
CA ASN FA 87 -6.70 -39.46 -15.52
C ASN FA 87 -7.62 -40.36 -14.71
N ASN FA 88 -8.61 -40.96 -15.37
CA ASN FA 88 -9.51 -41.87 -14.67
C ASN FA 88 -8.75 -43.06 -14.08
N LEU FA 89 -7.82 -43.62 -14.84
CA LEU FA 89 -7.06 -44.76 -14.34
C LEU FA 89 -6.21 -44.38 -13.12
N GLN FA 90 -5.60 -43.19 -13.14
CA GLN FA 90 -4.81 -42.76 -12.00
C GLN FA 90 -5.69 -42.63 -10.76
N ARG FA 91 -6.88 -42.05 -10.90
CA ARG FA 91 -7.77 -41.95 -9.75
C ARG FA 91 -8.18 -43.32 -9.24
N ILE FA 92 -8.42 -44.26 -10.16
CA ILE FA 92 -8.77 -45.62 -9.74
C ILE FA 92 -7.63 -46.24 -8.93
N ARG FA 93 -6.39 -46.03 -9.37
CA ARG FA 93 -5.26 -46.60 -8.64
C ARG FA 93 -5.16 -46.01 -7.24
N GLU FA 94 -5.35 -44.69 -7.12
CA GLU FA 94 -5.31 -44.09 -5.79
C GLU FA 94 -6.39 -44.65 -4.89
N LEU FA 95 -7.60 -44.84 -5.43
CA LEU FA 95 -8.68 -45.45 -4.66
C LEU FA 95 -8.32 -46.86 -4.23
N THR FA 96 -7.70 -47.64 -5.11
CA THR FA 96 -7.30 -49.00 -4.75
C THR FA 96 -6.28 -48.98 -3.63
N VAL FA 97 -5.33 -48.05 -3.69
CA VAL FA 97 -4.34 -47.94 -2.60
C VAL FA 97 -5.03 -47.63 -1.29
N GLN FA 98 -6.05 -46.77 -1.32
CA GLN FA 98 -6.81 -46.51 -0.10
C GLN FA 98 -7.54 -47.75 0.38
N ALA FA 99 -8.10 -48.54 -0.55
CA ALA FA 99 -8.93 -49.68 -0.18
C ALA FA 99 -8.12 -50.82 0.41
N THR FA 100 -6.89 -51.03 -0.08
CA THR FA 100 -6.15 -52.23 0.31
C THR FA 100 -5.76 -52.26 1.78
N THR FA 101 -5.87 -51.15 2.50
CA THR FA 101 -5.55 -51.14 3.92
C THR FA 101 -6.53 -52.01 4.70
N GLY FA 102 -6.01 -52.75 5.68
CA GLY FA 102 -6.83 -53.63 6.47
C GLY FA 102 -7.67 -52.97 7.54
N THR FA 103 -7.52 -51.66 7.74
CA THR FA 103 -8.35 -50.95 8.70
C THR FA 103 -9.77 -50.76 8.19
N ASN FA 104 -9.95 -50.65 6.88
CA ASN FA 104 -11.25 -50.40 6.30
C ASN FA 104 -12.22 -51.54 6.61
N SER FA 105 -13.49 -51.19 6.81
CA SER FA 105 -14.52 -52.17 7.09
C SER FA 105 -15.24 -52.55 5.80
N ASP FA 106 -16.23 -53.45 5.93
CA ASP FA 106 -16.93 -53.97 4.76
C ASP FA 106 -17.70 -52.88 4.03
N SER FA 107 -18.42 -52.03 4.77
CA SER FA 107 -19.17 -50.96 4.12
C SER FA 107 -18.24 -49.98 3.43
N ASP FA 108 -17.10 -49.68 4.05
CA ASP FA 108 -16.13 -48.78 3.43
C ASP FA 108 -15.60 -49.37 2.13
N LEU FA 109 -15.27 -50.66 2.15
CA LEU FA 109 -14.81 -51.32 0.93
C LEU FA 109 -15.89 -51.31 -0.14
N ASP FA 110 -17.15 -51.49 0.27
CA ASP FA 110 -18.25 -51.47 -0.68
C ASP FA 110 -18.37 -50.11 -1.35
N SER FA 111 -18.27 -49.03 -0.57
CA SER FA 111 -18.32 -47.69 -1.14
C SER FA 111 -17.17 -47.44 -2.09
N ILE FA 112 -15.96 -47.86 -1.70
CA ILE FA 112 -14.79 -47.65 -2.55
C ILE FA 112 -14.95 -48.41 -3.86
N GLN FA 113 -15.44 -49.65 -3.79
CA GLN FA 113 -15.63 -50.42 -5.00
C GLN FA 113 -16.74 -49.85 -5.86
N ASP FA 114 -17.75 -49.23 -5.25
CA ASP FA 114 -18.77 -48.55 -6.03
C ASP FA 114 -18.15 -47.42 -6.84
N GLU FA 115 -17.29 -46.63 -6.20
CA GLU FA 115 -16.62 -45.55 -6.93
C GLU FA 115 -15.74 -46.10 -8.04
N ILE FA 116 -15.03 -47.19 -7.77
CA ILE FA 116 -14.17 -47.82 -8.77
C ILE FA 116 -14.99 -48.28 -9.96
N LYS FA 117 -16.13 -48.93 -9.69
CA LYS FA 117 -17.00 -49.40 -10.77
C LYS FA 117 -17.52 -48.24 -11.59
N SER FA 118 -17.90 -47.14 -10.93
CA SER FA 118 -18.36 -45.97 -11.67
C SER FA 118 -17.29 -45.45 -12.61
N ARG FA 119 -16.05 -45.36 -12.14
CA ARG FA 119 -15.00 -44.83 -13.00
C ARG FA 119 -14.62 -45.80 -14.12
N LEU FA 120 -14.70 -47.11 -13.86
CA LEU FA 120 -14.51 -48.07 -14.94
C LEU FA 120 -15.61 -47.93 -16.00
N ASP FA 121 -16.85 -47.70 -15.56
CA ASP FA 121 -17.93 -47.46 -16.49
C ASP FA 121 -17.67 -46.21 -17.31
N GLU FA 122 -17.11 -45.17 -16.69
CA GLU FA 122 -16.76 -43.97 -17.44
C GLU FA 122 -15.69 -44.25 -18.49
N ILE FA 123 -14.69 -45.06 -18.13
CA ILE FA 123 -13.66 -45.42 -19.11
C ILE FA 123 -14.31 -46.12 -20.31
N ASP FA 124 -15.18 -47.10 -20.04
CA ASP FA 124 -15.84 -47.81 -21.12
C ASP FA 124 -16.69 -46.88 -21.97
N ARG FA 125 -17.42 -45.97 -21.32
CA ARG FA 125 -18.30 -45.06 -22.05
C ARG FA 125 -17.51 -44.13 -22.94
N VAL FA 126 -16.42 -43.56 -22.43
CA VAL FA 126 -15.61 -42.67 -23.24
C VAL FA 126 -15.02 -43.42 -24.44
N SER FA 127 -14.53 -44.63 -24.19
CA SER FA 127 -13.98 -45.43 -25.27
C SER FA 127 -15.03 -45.71 -26.34
N GLY FA 128 -16.24 -46.08 -25.93
CA GLY FA 128 -17.27 -46.39 -26.89
C GLY FA 128 -17.76 -45.19 -27.67
N GLN FA 129 -17.90 -44.04 -27.01
CA GLN FA 129 -18.58 -42.90 -27.60
C GLN FA 129 -17.64 -41.90 -28.28
N THR FA 130 -16.34 -41.97 -28.03
CA THR FA 130 -15.43 -41.08 -28.74
C THR FA 130 -15.50 -41.35 -30.24
N GLN FA 131 -15.71 -40.29 -31.02
CA GLN FA 131 -15.97 -40.45 -32.44
C GLN FA 131 -15.43 -39.25 -33.21
N PHE FA 132 -14.89 -39.52 -34.40
CA PHE FA 132 -14.39 -38.49 -35.30
C PHE FA 132 -14.93 -38.80 -36.70
N ASN FA 133 -15.79 -37.91 -37.21
CA ASN FA 133 -16.34 -38.03 -38.56
C ASN FA 133 -17.02 -39.39 -38.77
N GLY FA 134 -17.73 -39.84 -37.74
CA GLY FA 134 -18.45 -41.10 -37.83
C GLY FA 134 -17.60 -42.35 -37.69
N VAL FA 135 -16.34 -42.20 -37.29
CA VAL FA 135 -15.44 -43.34 -37.11
C VAL FA 135 -15.08 -43.44 -35.63
N ASN FA 136 -15.35 -44.59 -35.04
CA ASN FA 136 -15.02 -44.84 -33.64
C ASN FA 136 -13.54 -45.18 -33.56
N VAL FA 137 -12.73 -44.21 -33.17
CA VAL FA 137 -11.28 -44.38 -33.21
C VAL FA 137 -10.81 -45.37 -32.15
N LEU FA 138 -11.41 -45.34 -30.97
CA LEU FA 138 -10.96 -46.18 -29.86
C LEU FA 138 -11.72 -47.50 -29.77
N ALA FA 139 -12.71 -47.74 -30.62
CA ALA FA 139 -13.49 -48.96 -30.57
C ALA FA 139 -13.04 -50.01 -31.59
N LYS FA 140 -12.00 -49.74 -32.35
CA LYS FA 140 -11.54 -50.67 -33.37
C LYS FA 140 -10.03 -50.79 -33.29
N ASP FA 141 -9.52 -51.95 -33.70
CA ASP FA 141 -8.09 -52.24 -33.66
C ASP FA 141 -7.45 -52.17 -35.05
N GLY FA 142 -7.98 -51.32 -35.92
CA GLY FA 142 -7.51 -51.24 -37.30
C GLY FA 142 -6.45 -50.18 -37.52
N SER FA 143 -6.41 -49.69 -38.76
CA SER FA 143 -5.44 -48.68 -39.14
C SER FA 143 -6.05 -47.77 -40.19
N MET FA 144 -5.49 -46.58 -40.30
CA MET FA 144 -5.94 -45.55 -41.23
C MET FA 144 -4.79 -45.18 -42.16
N LYS FA 145 -5.11 -44.92 -43.42
CA LYS FA 145 -4.11 -44.55 -44.40
C LYS FA 145 -4.33 -43.11 -44.82
N ILE FA 146 -3.25 -42.34 -44.87
CA ILE FA 146 -3.30 -40.94 -45.23
C ILE FA 146 -2.47 -40.74 -46.49
N GLN FA 147 -3.07 -40.16 -47.52
CA GLN FA 147 -2.37 -39.85 -48.75
C GLN FA 147 -1.57 -38.58 -48.56
N VAL FA 148 -0.25 -38.69 -48.68
CA VAL FA 148 0.64 -37.56 -48.44
C VAL FA 148 1.39 -37.13 -49.70
N GLY FA 149 1.48 -37.97 -50.73
CA GLY FA 149 2.09 -37.58 -51.99
C GLY FA 149 1.07 -37.37 -53.08
N ALA FA 150 1.57 -37.11 -54.29
CA ALA FA 150 0.75 -36.88 -55.45
C ALA FA 150 0.57 -38.11 -56.32
N ASN FA 151 1.26 -39.20 -56.02
CA ASN FA 151 1.14 -40.44 -56.77
C ASN FA 151 0.62 -41.54 -55.85
N ASP FA 152 0.44 -42.73 -56.41
CA ASP FA 152 -0.08 -43.85 -55.66
C ASP FA 152 0.98 -44.48 -54.76
N GLY FA 153 0.57 -44.88 -53.55
CA GLY FA 153 1.45 -45.53 -52.61
C GLY FA 153 2.10 -44.61 -51.62
N GLU FA 154 2.00 -43.30 -51.79
CA GLU FA 154 2.57 -42.34 -50.84
C GLU FA 154 1.58 -42.17 -49.69
N THR FA 155 1.63 -43.11 -48.76
CA THR FA 155 0.68 -43.13 -47.65
C THR FA 155 1.43 -43.27 -46.33
N ILE FA 156 0.81 -42.73 -45.28
CA ILE FA 156 1.27 -42.91 -43.91
C ILE FA 156 0.15 -43.57 -43.13
N THR FA 157 0.48 -44.60 -42.36
CA THR FA 157 -0.51 -45.38 -41.65
C THR FA 157 -0.51 -45.02 -40.16
N ILE FA 158 -1.70 -44.76 -39.64
CA ILE FA 158 -1.92 -44.56 -38.21
C ILE FA 158 -2.56 -45.82 -37.66
N ASP FA 159 -1.93 -46.42 -36.65
CA ASP FA 159 -2.47 -47.62 -36.03
C ASP FA 159 -3.35 -47.25 -34.84
N LEU FA 160 -4.53 -47.86 -34.77
CA LEU FA 160 -5.44 -47.66 -33.64
C LEU FA 160 -5.54 -48.95 -32.84
N LYS FA 161 -5.81 -48.80 -31.55
CA LYS FA 161 -5.95 -49.95 -30.66
C LYS FA 161 -7.28 -49.88 -29.95
N LYS FA 162 -7.91 -51.04 -29.79
CA LYS FA 162 -9.20 -51.14 -29.10
C LYS FA 162 -8.94 -51.00 -27.61
N ILE FA 163 -9.25 -49.84 -27.05
CA ILE FA 163 -9.01 -49.54 -25.65
C ILE FA 163 -10.34 -49.60 -24.93
N ASP FA 164 -10.44 -50.52 -23.96
CA ASP FA 164 -11.62 -50.63 -23.10
C ASP FA 164 -11.20 -51.47 -21.91
N SER FA 165 -12.20 -51.92 -21.13
CA SER FA 165 -11.90 -52.79 -20.00
C SER FA 165 -11.33 -54.13 -20.47
N ASP FA 166 -11.91 -54.70 -21.53
CA ASP FA 166 -11.53 -56.06 -21.92
C ASP FA 166 -10.05 -56.14 -22.30
N THR FA 167 -9.54 -55.14 -23.01
CA THR FA 167 -8.14 -55.16 -23.43
C THR FA 167 -7.19 -54.66 -22.36
N LEU FA 168 -7.70 -54.23 -21.20
CA LEU FA 168 -6.85 -53.83 -20.09
C LEU FA 168 -7.05 -54.70 -18.86
N GLY FA 169 -7.83 -55.77 -18.99
CA GLY FA 169 -8.14 -56.58 -17.82
C GLY FA 169 -9.21 -55.92 -16.99
N LEU FA 170 -9.01 -55.89 -15.68
CA LEU FA 170 -9.84 -55.13 -14.76
C LEU FA 170 -11.31 -55.52 -14.82
N ASN FA 171 -11.65 -56.63 -15.49
CA ASN FA 171 -13.06 -56.99 -15.66
C ASN FA 171 -13.73 -57.23 -14.31
N GLY FA 172 -13.29 -58.28 -13.60
CA GLY FA 172 -13.78 -58.51 -12.26
C GLY FA 172 -12.86 -57.88 -11.24
N PHE FA 173 -12.82 -56.55 -11.21
CA PHE FA 173 -11.87 -55.86 -10.35
C PHE FA 173 -12.52 -55.76 -8.97
N ASN FA 174 -12.62 -56.90 -8.29
CA ASN FA 174 -13.53 -57.15 -7.17
C ASN FA 174 -13.03 -56.68 -5.80
N VAL FA 175 -12.25 -55.61 -5.75
CA VAL FA 175 -11.52 -55.19 -4.56
C VAL FA 175 -12.35 -55.28 -3.28
N ASN FA 176 -13.69 -55.22 -3.41
CA ASN FA 176 -14.55 -55.42 -2.25
C ASN FA 176 -14.82 -56.89 -1.94
N GLY FA 177 -14.02 -57.81 -2.47
CA GLY FA 177 -14.32 -59.22 -2.33
C GLY FA 177 -13.96 -59.80 -0.97
N LYS FA 178 -13.46 -61.03 -0.95
CA LYS FA 178 -13.10 -61.68 0.30
C LYS FA 178 -11.64 -62.13 0.30
N GLY FA 179 -11.08 -62.34 -0.88
CA GLY FA 179 -9.70 -62.78 -0.94
C GLY FA 179 -9.53 -64.20 -0.43
N THR FA 180 -8.31 -64.51 -0.04
CA THR FA 180 -7.99 -65.84 0.45
C THR FA 180 -8.74 -66.13 1.74
N ILE FA 181 -9.51 -67.21 1.75
CA ILE FA 181 -10.32 -67.60 2.90
C ILE FA 181 -9.98 -69.04 3.26
N THR FA 182 -9.78 -69.28 4.55
CA THR FA 182 -9.49 -70.63 5.02
C THR FA 182 -10.78 -71.44 5.07
N ASN FA 183 -10.75 -72.63 4.50
CA ASN FA 183 -11.93 -73.48 4.44
C ASN FA 183 -12.06 -74.31 5.71
N LYS FA 184 -13.31 -74.62 6.06
CA LYS FA 184 -13.59 -75.34 7.30
C LYS FA 184 -13.19 -76.80 7.18
N ALA FA 185 -12.90 -77.41 8.32
CA ALA FA 185 -12.47 -78.80 8.35
C ALA FA 185 -13.64 -79.73 8.05
N ALA FA 186 -13.34 -80.84 7.39
CA ALA FA 186 -14.35 -81.82 7.04
C ALA FA 186 -14.83 -82.59 8.27
N THR FA 187 -15.99 -83.22 8.14
CA THR FA 187 -16.58 -83.99 9.22
C THR FA 187 -17.18 -85.28 8.65
N VAL FA 188 -17.71 -86.11 9.55
CA VAL FA 188 -18.25 -87.40 9.13
C VAL FA 188 -19.53 -87.23 8.31
N SER FA 189 -20.33 -86.21 8.61
CA SER FA 189 -21.61 -86.05 7.92
C SER FA 189 -21.40 -85.79 6.43
N ASP FA 190 -20.59 -84.78 6.10
CA ASP FA 190 -20.33 -84.53 4.69
C ASP FA 190 -19.34 -85.52 4.10
N LEU FA 191 -18.53 -86.19 4.93
CA LEU FA 191 -17.74 -87.31 4.43
C LEU FA 191 -18.64 -88.40 3.86
N THR FA 192 -19.71 -88.74 4.58
CA THR FA 192 -20.67 -89.71 4.06
C THR FA 192 -21.50 -89.13 2.92
N SER FA 193 -21.80 -87.83 2.98
CA SER FA 193 -22.53 -87.19 1.89
C SER FA 193 -21.76 -87.26 0.58
N ALA FA 194 -20.43 -87.21 0.65
CA ALA FA 194 -19.60 -87.37 -0.54
C ALA FA 194 -19.69 -88.76 -1.14
N GLY FA 195 -20.22 -89.74 -0.40
CA GLY FA 195 -20.40 -91.08 -0.89
C GLY FA 195 -19.51 -92.13 -0.27
N ALA FA 196 -18.73 -91.79 0.76
CA ALA FA 196 -17.84 -92.75 1.38
C ALA FA 196 -18.62 -93.78 2.19
N LYS FA 197 -18.18 -95.04 2.10
CA LYS FA 197 -18.78 -96.12 2.86
C LYS FA 197 -18.00 -96.34 4.16
N LEU FA 198 -18.60 -97.14 5.06
CA LEU FA 198 -18.01 -97.42 6.36
C LEU FA 198 -17.43 -98.83 6.36
N ASN FA 199 -16.14 -98.93 6.67
CA ASN FA 199 -15.46 -100.23 6.73
C ASN FA 199 -15.58 -100.76 8.15
N THR FA 200 -16.47 -101.74 8.34
CA THR FA 200 -16.75 -102.24 9.68
C THR FA 200 -15.55 -102.96 10.28
N THR FA 201 -14.72 -103.59 9.45
CA THR FA 201 -13.59 -104.34 9.99
C THR FA 201 -12.54 -103.44 10.64
N THR FA 202 -12.44 -102.19 10.19
CA THR FA 202 -11.48 -101.25 10.75
C THR FA 202 -12.12 -100.00 11.34
N GLY FA 203 -13.37 -99.69 11.02
CA GLY FA 203 -14.02 -98.51 11.53
C GLY FA 203 -13.75 -97.24 10.74
N LEU FA 204 -12.92 -97.31 9.71
CA LEU FA 204 -12.59 -96.15 8.91
C LEU FA 204 -13.65 -95.92 7.83
N TYR FA 205 -13.46 -94.86 7.05
CA TYR FA 205 -14.38 -94.53 5.97
C TYR FA 205 -13.63 -94.60 4.64
N ASP FA 206 -14.13 -95.42 3.72
CA ASP FA 206 -13.48 -95.64 2.43
C ASP FA 206 -14.21 -94.86 1.36
N LEU FA 207 -13.47 -94.04 0.62
CA LEU FA 207 -14.01 -93.29 -0.52
C LEU FA 207 -13.32 -93.78 -1.77
N LYS FA 208 -14.11 -94.23 -2.75
CA LYS FA 208 -13.62 -94.80 -3.99
C LYS FA 208 -13.94 -93.85 -5.13
N THR FA 209 -12.92 -93.47 -5.90
CA THR FA 209 -13.07 -92.50 -6.98
C THR FA 209 -12.93 -93.24 -8.31
N GLU FA 210 -14.06 -93.45 -8.99
CA GLU FA 210 -14.05 -94.12 -10.28
C GLU FA 210 -13.53 -93.18 -11.37
N ASN FA 211 -13.03 -93.78 -12.44
CA ASN FA 211 -12.56 -93.05 -13.60
C ASN FA 211 -13.29 -93.56 -14.84
N THR FA 212 -13.71 -92.64 -15.70
CA THR FA 212 -14.35 -93.02 -16.95
C THR FA 212 -13.31 -93.56 -17.92
N LEU FA 213 -13.68 -94.61 -18.63
CA LEU FA 213 -12.76 -95.24 -19.57
C LEU FA 213 -12.52 -94.31 -20.77
N LEU FA 214 -11.31 -94.39 -21.32
CA LEU FA 214 -10.91 -93.50 -22.40
C LEU FA 214 -11.80 -93.71 -23.62
N THR FA 215 -12.11 -92.60 -24.30
CA THR FA 215 -13.01 -92.61 -25.44
C THR FA 215 -12.31 -91.99 -26.65
N THR FA 216 -12.85 -92.31 -27.83
CA THR FA 216 -12.23 -91.85 -29.07
C THR FA 216 -12.27 -90.33 -29.20
N ASP FA 217 -13.37 -89.71 -28.76
CA ASP FA 217 -13.44 -88.25 -28.83
C ASP FA 217 -12.38 -87.59 -27.94
N ALA FA 218 -12.21 -88.11 -26.72
CA ALA FA 218 -11.16 -87.60 -25.85
C ALA FA 218 -9.78 -87.82 -26.44
N ALA FA 219 -9.56 -88.98 -27.06
CA ALA FA 219 -8.29 -89.23 -27.72
C ALA FA 219 -8.06 -88.24 -28.85
N PHE FA 220 -9.09 -87.92 -29.62
CA PHE FA 220 -8.95 -86.95 -30.70
C PHE FA 220 -8.66 -85.56 -30.15
N ASP FA 221 -9.28 -85.21 -29.03
CA ASP FA 221 -8.97 -83.93 -28.39
C ASP FA 221 -7.52 -83.89 -27.93
N LYS FA 222 -7.00 -85.01 -27.44
CA LYS FA 222 -5.62 -85.09 -27.00
C LYS FA 222 -4.64 -85.36 -28.14
N LEU FA 223 -5.13 -85.53 -29.36
CA LEU FA 223 -4.26 -85.83 -30.49
C LEU FA 223 -3.31 -84.66 -30.77
N GLY FA 224 -2.10 -85.00 -31.20
CA GLY FA 224 -1.09 -84.01 -31.53
C GLY FA 224 -0.50 -84.26 -32.91
N ASN FA 225 0.45 -83.40 -33.27
CA ASN FA 225 1.09 -83.51 -34.56
C ASN FA 225 1.92 -84.78 -34.67
N GLY FA 226 1.87 -85.42 -35.84
CA GLY FA 226 2.60 -86.65 -36.08
C GLY FA 226 1.96 -87.90 -35.53
N ASP FA 227 0.78 -87.81 -34.94
CA ASP FA 227 0.11 -88.98 -34.39
C ASP FA 227 -0.42 -89.87 -35.50
N LYS FA 228 -0.54 -91.16 -35.20
CA LYS FA 228 -0.97 -92.16 -36.16
C LYS FA 228 -2.23 -92.84 -35.65
N VAL FA 229 -3.27 -92.88 -36.48
CA VAL FA 229 -4.51 -93.58 -36.16
C VAL FA 229 -4.76 -94.61 -37.26
N THR FA 230 -4.85 -95.87 -36.87
CA THR FA 230 -5.07 -96.97 -37.80
C THR FA 230 -6.40 -97.63 -37.46
N VAL FA 231 -7.41 -97.43 -38.31
CA VAL FA 231 -8.73 -98.03 -38.13
C VAL FA 231 -9.11 -98.75 -39.40
N GLY FA 232 -9.56 -100.00 -39.27
CA GLY FA 232 -9.92 -100.80 -40.42
C GLY FA 232 -8.76 -101.05 -41.37
N GLY FA 233 -7.54 -101.15 -40.85
CA GLY FA 233 -6.38 -101.39 -41.68
C GLY FA 233 -5.91 -100.20 -42.47
N VAL FA 234 -6.45 -99.01 -42.22
CA VAL FA 234 -6.10 -97.79 -42.94
C VAL FA 234 -5.41 -96.85 -41.96
N ASP FA 235 -4.22 -96.37 -42.34
CA ASP FA 235 -3.40 -95.53 -41.48
C ASP FA 235 -3.59 -94.06 -41.87
N TYR FA 236 -3.78 -93.21 -40.86
CA TYR FA 236 -3.95 -91.78 -41.05
C TYR FA 236 -2.97 -91.05 -40.14
N THR FA 237 -2.34 -90.00 -40.66
CA THR FA 237 -1.37 -89.21 -39.92
C THR FA 237 -1.98 -87.84 -39.62
N TYR FA 238 -2.03 -87.48 -38.34
CA TYR FA 238 -2.59 -86.20 -37.96
C TYR FA 238 -1.66 -85.06 -38.32
N ASN FA 239 -2.25 -83.92 -38.63
CA ASN FA 239 -1.50 -82.73 -39.03
C ASN FA 239 -1.81 -81.58 -38.07
N ALA FA 240 -0.77 -80.83 -37.71
CA ALA FA 240 -0.94 -79.69 -36.82
C ALA FA 240 -1.53 -78.47 -37.52
N LYS FA 241 -1.43 -78.39 -38.85
CA LYS FA 241 -1.94 -77.24 -39.57
C LYS FA 241 -3.45 -77.09 -39.41
N SER FA 242 -4.18 -78.20 -39.48
CA SER FA 242 -5.62 -78.19 -39.36
C SER FA 242 -6.09 -79.55 -38.87
N GLY FA 243 -7.34 -79.60 -38.42
CA GLY FA 243 -7.92 -80.82 -37.90
C GLY FA 243 -8.25 -81.82 -38.98
N ASP FA 244 -7.24 -82.37 -39.64
CA ASP FA 244 -7.46 -83.33 -40.71
C ASP FA 244 -6.34 -84.36 -40.71
N PHE FA 245 -6.60 -85.47 -41.39
CA PHE FA 245 -5.67 -86.58 -41.51
C PHE FA 245 -5.13 -86.66 -42.93
N THR FA 246 -3.84 -86.97 -43.05
CA THR FA 246 -3.21 -87.23 -44.34
C THR FA 246 -2.89 -88.72 -44.41
N THR FA 247 -3.35 -89.37 -45.47
CA THR FA 247 -3.17 -90.80 -45.65
C THR FA 247 -2.64 -91.08 -47.05
N THR FA 248 -2.07 -92.28 -47.21
CA THR FA 248 -1.54 -92.71 -48.50
C THR FA 248 -2.51 -93.69 -49.12
N LYS FA 249 -3.05 -93.33 -50.29
CA LYS FA 249 -3.94 -94.20 -51.04
C LYS FA 249 -3.18 -94.75 -52.25
N SER FA 250 -3.10 -96.07 -52.33
CA SER FA 250 -2.31 -96.72 -53.36
C SER FA 250 -3.07 -97.93 -53.89
N THR FA 251 -2.67 -98.38 -55.06
CA THR FA 251 -3.26 -99.56 -55.70
C THR FA 251 -3.07 -100.80 -54.84
N ALA FA 258 0.26 -111.87 -61.83
CA ALA FA 258 0.07 -111.01 -63.00
C ALA FA 258 -1.33 -111.19 -63.58
N ALA FA 259 -1.72 -112.43 -63.83
CA ALA FA 259 -3.03 -112.75 -64.37
C ALA FA 259 -4.10 -112.84 -63.29
N ALA FA 260 -3.74 -112.66 -62.02
CA ALA FA 260 -4.70 -112.74 -60.93
C ALA FA 260 -5.48 -111.44 -60.85
N GLN FA 261 -6.23 -111.26 -59.76
CA GLN FA 261 -7.04 -110.07 -59.57
C GLN FA 261 -6.22 -108.81 -59.34
N ALA FA 262 -4.90 -108.93 -59.13
CA ALA FA 262 -4.08 -107.75 -58.91
C ALA FA 262 -4.16 -106.80 -60.10
N ALA FA 263 -4.02 -107.34 -61.32
CA ALA FA 263 -3.97 -106.49 -62.50
C ALA FA 263 -5.32 -105.81 -62.76
N ASP FA 264 -6.42 -106.56 -62.67
CA ASP FA 264 -7.71 -105.95 -62.97
C ASP FA 264 -8.13 -104.98 -61.88
N SER FA 265 -7.75 -105.27 -60.63
CA SER FA 265 -7.98 -104.30 -59.55
C SER FA 265 -7.19 -103.03 -59.79
N ALA FA 266 -5.93 -103.16 -60.23
CA ALA FA 266 -5.13 -101.97 -60.52
C ALA FA 266 -5.78 -101.15 -61.63
N SER FA 267 -6.23 -101.82 -62.70
CA SER FA 267 -6.84 -101.10 -63.81
C SER FA 267 -8.14 -100.42 -63.39
N LYS FA 268 -8.98 -101.10 -62.61
CA LYS FA 268 -10.24 -100.49 -62.22
C LYS FA 268 -10.01 -99.34 -61.23
N ARG FA 269 -8.99 -99.46 -60.37
CA ARG FA 269 -8.66 -98.36 -59.47
C ARG FA 269 -8.16 -97.14 -60.25
N ASP FA 270 -7.31 -97.37 -61.25
CA ASP FA 270 -6.87 -96.27 -62.11
C ASP FA 270 -8.05 -95.64 -62.83
N ALA FA 271 -8.96 -96.47 -63.33
CA ALA FA 271 -10.14 -95.96 -64.05
C ALA FA 271 -11.03 -95.13 -63.13
N LEU FA 272 -11.27 -95.61 -61.91
CA LEU FA 272 -12.12 -94.85 -60.99
C LEU FA 272 -11.48 -93.54 -60.58
N ALA FA 273 -10.15 -93.54 -60.35
CA ALA FA 273 -9.46 -92.30 -60.05
C ALA FA 273 -9.55 -91.33 -61.21
N ALA FA 274 -9.39 -91.83 -62.44
CA ALA FA 274 -9.49 -90.97 -63.62
C ALA FA 274 -10.89 -90.39 -63.75
N THR FA 275 -11.92 -91.20 -63.52
CA THR FA 275 -13.29 -90.69 -63.59
C THR FA 275 -13.53 -89.64 -62.51
N LEU FA 276 -12.98 -89.86 -61.31
CA LEU FA 276 -13.14 -88.88 -60.24
C LEU FA 276 -12.47 -87.56 -60.59
N HIS FA 277 -11.30 -87.61 -61.23
CA HIS FA 277 -10.64 -86.37 -61.62
C HIS FA 277 -11.19 -85.79 -62.91
N ALA FA 278 -12.03 -86.52 -63.64
CA ALA FA 278 -12.57 -86.02 -64.90
C ALA FA 278 -13.32 -84.72 -64.70
N ASP FA 279 -14.11 -84.61 -63.62
CA ASP FA 279 -14.84 -83.39 -63.33
C ASP FA 279 -13.90 -82.38 -62.70
N VAL FA 280 -13.59 -81.30 -63.43
CA VAL FA 280 -12.69 -80.27 -62.96
C VAL FA 280 -13.33 -78.89 -63.02
N GLY FA 281 -14.64 -78.82 -63.23
CA GLY FA 281 -15.27 -77.52 -63.41
C GLY FA 281 -14.81 -76.88 -64.70
N LYS FA 282 -13.99 -75.84 -64.59
CA LYS FA 282 -13.35 -75.21 -65.73
C LYS FA 282 -11.95 -75.79 -65.91
N SER FA 283 -11.18 -75.20 -66.83
CA SER FA 283 -9.85 -75.73 -67.14
C SER FA 283 -8.93 -75.65 -65.93
N VAL FA 284 -8.10 -76.67 -65.76
CA VAL FA 284 -7.16 -76.74 -64.65
C VAL FA 284 -5.78 -77.10 -65.21
N ASN FA 285 -4.76 -76.92 -64.38
CA ASN FA 285 -3.39 -77.17 -64.81
C ASN FA 285 -2.85 -78.48 -64.23
N GLY FA 286 -1.92 -79.09 -64.95
CA GLY FA 286 -1.24 -80.28 -64.46
C GLY FA 286 0.13 -80.39 -65.08
N SER FA 287 1.00 -81.17 -64.42
CA SER FA 287 2.37 -81.37 -64.88
C SER FA 287 2.68 -82.86 -64.87
N TYR FA 288 3.02 -83.39 -66.05
CA TYR FA 288 3.40 -84.78 -66.19
C TYR FA 288 4.89 -84.84 -66.54
N THR FA 289 5.66 -85.56 -65.74
CA THR FA 289 7.09 -85.65 -65.95
C THR FA 289 7.55 -87.09 -65.93
N THR FA 290 8.36 -87.46 -66.92
CA THR FA 290 9.00 -88.75 -66.97
C THR FA 290 10.39 -88.63 -66.33
N LYS FA 291 11.21 -89.66 -66.50
CA LYS FA 291 12.56 -89.62 -65.94
C LYS FA 291 13.44 -88.58 -66.64
N ASP FA 292 13.04 -88.13 -67.83
CA ASP FA 292 13.89 -87.25 -68.63
C ASP FA 292 13.25 -85.92 -69.00
N GLY FA 293 11.93 -85.77 -68.91
CA GLY FA 293 11.29 -84.58 -69.41
C GLY FA 293 10.11 -84.16 -68.55
N THR FA 294 9.66 -82.93 -68.79
CA THR FA 294 8.53 -82.34 -68.10
C THR FA 294 7.58 -81.74 -69.13
N VAL FA 295 6.28 -81.91 -68.91
CA VAL FA 295 5.25 -81.36 -69.79
C VAL FA 295 4.17 -80.71 -68.93
N SER FA 296 3.75 -79.52 -69.31
CA SER FA 296 2.66 -78.82 -68.65
C SER FA 296 1.43 -78.89 -69.53
N PHE FA 297 0.33 -79.42 -69.00
CA PHE FA 297 -0.88 -79.66 -69.77
C PHE FA 297 -2.09 -79.05 -69.08
N GLU FA 298 -3.00 -78.51 -69.89
CA GLU FA 298 -4.22 -77.91 -69.38
C GLU FA 298 -5.36 -78.91 -69.52
N THR FA 299 -5.75 -79.51 -68.40
CA THR FA 299 -6.88 -80.42 -68.39
C THR FA 299 -8.19 -79.65 -68.55
N ASP FA 300 -9.10 -80.21 -69.34
CA ASP FA 300 -10.39 -79.61 -69.62
C ASP FA 300 -11.49 -80.36 -68.88
N SER FA 301 -12.69 -79.81 -68.92
CA SER FA 301 -13.84 -80.46 -68.31
C SER FA 301 -14.13 -81.78 -68.99
N ALA FA 302 -14.62 -82.74 -68.21
CA ALA FA 302 -14.95 -84.11 -68.63
C ALA FA 302 -13.75 -84.91 -69.06
N GLY FA 303 -12.54 -84.36 -68.93
CA GLY FA 303 -11.33 -85.11 -69.22
C GLY FA 303 -10.76 -84.89 -70.60
N ASN FA 304 -9.68 -84.11 -70.67
CA ASN FA 304 -8.99 -83.85 -71.93
C ASN FA 304 -7.61 -83.30 -71.62
N ILE FA 305 -6.74 -83.32 -72.63
CA ILE FA 305 -5.38 -82.82 -72.51
C ILE FA 305 -5.19 -81.73 -73.56
N THR FA 306 -4.69 -80.58 -73.13
CA THR FA 306 -4.45 -79.46 -74.04
C THR FA 306 -3.14 -78.80 -73.68
N ILE FA 307 -2.24 -78.71 -74.65
CA ILE FA 307 -0.95 -78.03 -74.49
C ILE FA 307 -0.86 -76.95 -75.55
N GLY FA 308 -0.53 -75.73 -75.11
CA GLY FA 308 -0.40 -74.62 -76.05
C GLY FA 308 -1.67 -74.31 -76.82
N GLY FA 309 -2.82 -74.49 -76.20
CA GLY FA 309 -4.09 -74.22 -76.86
C GLY FA 309 -4.50 -75.24 -77.90
N SER FA 310 -3.80 -76.37 -78.00
CA SER FA 310 -4.10 -77.38 -79.00
C SER FA 310 -4.26 -78.74 -78.31
N GLN FA 311 -5.05 -79.59 -78.94
CA GLN FA 311 -5.25 -80.94 -78.42
C GLN FA 311 -3.94 -81.72 -78.45
N ALA FA 312 -3.66 -82.45 -77.39
CA ALA FA 312 -2.44 -83.23 -77.27
C ALA FA 312 -2.78 -84.72 -77.21
N TYR FA 313 -1.85 -85.54 -77.68
CA TYR FA 313 -2.02 -86.98 -77.74
C TYR FA 313 -0.90 -87.66 -76.97
N VAL FA 314 -1.22 -88.82 -76.39
CA VAL FA 314 -0.29 -89.55 -75.56
C VAL FA 314 0.32 -90.69 -76.37
N ASP FA 315 1.64 -90.84 -76.27
CA ASP FA 315 2.34 -91.91 -76.97
C ASP FA 315 2.07 -93.24 -76.28
N ASP FA 316 2.24 -94.33 -77.05
CA ASP FA 316 2.00 -95.66 -76.50
C ASP FA 316 2.96 -95.97 -75.36
N ALA FA 317 4.22 -95.56 -75.49
CA ALA FA 317 5.19 -95.79 -74.43
C ALA FA 317 4.91 -94.93 -73.20
N GLY FA 318 4.10 -93.89 -73.33
CA GLY FA 318 3.76 -93.01 -72.22
C GLY FA 318 4.13 -91.56 -72.43
N ASN FA 319 4.81 -91.20 -73.52
CA ASN FA 319 5.17 -89.82 -73.76
C ASN FA 319 3.95 -89.00 -74.17
N LEU FA 320 4.03 -87.70 -73.94
CA LEU FA 320 2.97 -86.76 -74.29
C LEU FA 320 3.47 -85.84 -75.40
N THR FA 321 2.69 -85.76 -76.48
CA THR FA 321 3.08 -84.97 -77.65
C THR FA 321 1.86 -84.23 -78.19
N THR FA 322 2.13 -83.17 -78.93
CA THR FA 322 1.06 -82.34 -79.50
C THR FA 322 0.62 -82.79 -80.88
N ASN FA 323 1.30 -83.76 -81.50
CA ASN FA 323 0.95 -84.24 -82.83
C ASN FA 323 0.85 -85.76 -82.80
N ASN FA 324 -0.10 -86.29 -83.56
CA ASN FA 324 -0.31 -87.73 -83.61
C ASN FA 324 0.69 -88.40 -84.53
N ALA FA 325 1.21 -89.55 -84.09
CA ALA FA 325 2.15 -90.34 -84.87
C ALA FA 325 1.69 -91.79 -84.84
N GLY FA 326 1.65 -92.42 -86.02
CA GLY FA 326 1.23 -93.80 -86.10
C GLY FA 326 -0.24 -94.03 -85.88
N SER FA 327 -1.07 -92.99 -86.06
CA SER FA 327 -2.52 -93.09 -85.88
C SER FA 327 -2.87 -93.60 -84.48
N ALA FA 328 -2.12 -93.15 -83.48
CA ALA FA 328 -2.34 -93.53 -82.08
C ALA FA 328 -2.39 -92.25 -81.27
N ALA FA 329 -3.58 -91.64 -81.18
CA ALA FA 329 -3.76 -90.37 -80.50
C ALA FA 329 -4.34 -90.55 -79.10
N LYS FA 330 -5.51 -91.18 -79.00
CA LYS FA 330 -6.22 -91.45 -77.75
C LYS FA 330 -6.10 -90.28 -76.77
N ALA FA 331 -6.57 -89.12 -77.22
CA ALA FA 331 -6.44 -87.88 -76.47
C ALA FA 331 -7.45 -87.89 -75.32
N ASP FA 332 -7.13 -88.65 -74.28
CA ASP FA 332 -7.97 -88.72 -73.09
C ASP FA 332 -7.09 -89.02 -71.89
N MET FA 333 -7.48 -88.47 -70.74
CA MET FA 333 -6.67 -88.64 -69.53
C MET FA 333 -6.82 -90.03 -68.95
N LYS FA 334 -7.97 -90.69 -69.16
CA LYS FA 334 -8.06 -92.11 -68.84
C LYS FA 334 -7.03 -92.92 -69.60
N ALA FA 335 -6.91 -92.68 -70.90
CA ALA FA 335 -5.91 -93.38 -71.70
C ALA FA 335 -4.50 -93.00 -71.27
N LEU FA 336 -4.29 -91.74 -70.91
CA LEU FA 336 -2.98 -91.31 -70.44
C LEU FA 336 -2.58 -92.07 -69.17
N LEU FA 337 -3.50 -92.16 -68.21
CA LEU FA 337 -3.21 -92.87 -66.96
C LEU FA 337 -2.98 -94.35 -67.22
N LYS FA 338 -3.79 -94.95 -68.10
CA LYS FA 338 -3.61 -96.37 -68.41
C LYS FA 338 -2.25 -96.61 -69.08
N ALA FA 339 -1.86 -95.74 -70.02
CA ALA FA 339 -0.57 -95.89 -70.68
C ALA FA 339 0.57 -95.69 -69.70
N ALA FA 340 0.44 -94.73 -68.79
CA ALA FA 340 1.48 -94.55 -67.77
C ALA FA 340 1.60 -95.76 -66.87
N SER FA 341 0.47 -96.33 -66.46
CA SER FA 341 0.50 -97.51 -65.59
C SER FA 341 1.12 -98.70 -66.31
N GLU FA 342 0.76 -98.91 -67.58
CA GLU FA 342 1.25 -100.05 -68.33
C GLU FA 342 2.59 -99.81 -68.99
N GLY FA 343 3.16 -98.62 -68.85
CA GLY FA 343 4.41 -98.31 -69.51
C GLY FA 343 5.58 -99.07 -68.92
N SER FA 344 6.64 -99.18 -69.73
CA SER FA 344 7.85 -99.86 -69.28
C SER FA 344 8.54 -99.08 -68.17
N ASP FA 345 8.40 -97.76 -68.17
CA ASP FA 345 9.03 -96.89 -67.18
C ASP FA 345 7.99 -96.04 -66.48
N GLY FA 346 8.16 -95.86 -65.17
CA GLY FA 346 7.23 -95.04 -64.41
C GLY FA 346 7.47 -93.55 -64.59
N ALA FA 347 6.48 -92.78 -64.17
CA ALA FA 347 6.53 -91.32 -64.26
C ALA FA 347 5.78 -90.71 -63.09
N SER FA 348 5.90 -89.39 -62.96
CA SER FA 348 5.27 -88.64 -61.88
C SER FA 348 4.30 -87.63 -62.45
N LEU FA 349 3.08 -87.61 -61.91
CA LEU FA 349 2.04 -86.71 -62.39
C LEU FA 349 1.52 -85.88 -61.21
N THR FA 350 1.57 -84.55 -61.36
CA THR FA 350 1.12 -83.63 -60.33
C THR FA 350 -0.07 -82.83 -60.86
N PHE FA 351 -1.18 -82.88 -60.12
CA PHE FA 351 -2.36 -82.11 -60.50
C PHE FA 351 -2.30 -80.74 -59.82
N ASN FA 352 -3.42 -80.03 -59.79
CA ASN FA 352 -3.45 -78.69 -59.21
C ASN FA 352 -2.98 -78.70 -57.76
N GLY FA 353 -3.56 -79.57 -56.93
CA GLY FA 353 -3.22 -79.60 -55.52
C GLY FA 353 -2.33 -80.76 -55.09
N THR FA 354 -2.63 -81.95 -55.58
CA THR FA 354 -1.96 -83.16 -55.12
C THR FA 354 -0.97 -83.67 -56.18
N GLU FA 355 -0.14 -84.61 -55.75
CA GLU FA 355 0.84 -85.26 -56.61
C GLU FA 355 0.57 -86.76 -56.64
N TYR FA 356 0.65 -87.35 -57.83
CA TYR FA 356 0.40 -88.77 -58.02
C TYR FA 356 1.65 -89.43 -58.57
N THR FA 357 2.02 -90.57 -57.99
CA THR FA 357 3.18 -91.32 -58.42
C THR FA 357 2.73 -92.63 -59.07
N ILE FA 358 3.28 -92.92 -60.24
CA ILE FA 358 2.91 -94.09 -61.03
C ILE FA 358 4.01 -95.13 -60.88
N ALA FA 359 3.66 -96.30 -60.33
CA ALA FA 359 4.61 -97.38 -60.19
C ALA FA 359 4.93 -98.00 -61.54
N LYS FA 360 6.17 -98.41 -61.72
CA LYS FA 360 6.62 -99.01 -62.97
C LYS FA 360 5.93 -100.35 -63.21
N GLY FA 376 0.67 -99.55 -60.85
CA GLY FA 376 -0.15 -99.03 -59.77
C GLY FA 376 -0.06 -97.52 -59.63
N ILE FA 377 -0.97 -96.94 -58.86
CA ILE FA 377 -1.02 -95.51 -58.62
C ILE FA 377 -0.99 -95.27 -57.11
N THR FA 378 -0.24 -94.25 -56.69
CA THR FA 378 -0.23 -93.87 -55.29
C THR FA 378 -0.32 -92.35 -55.17
N TYR FA 379 -0.96 -91.88 -54.10
CA TYR FA 379 -1.14 -90.47 -53.88
C TYR FA 379 -1.45 -90.20 -52.43
N GLN FA 380 -1.01 -89.03 -51.94
CA GLN FA 380 -1.20 -88.63 -50.56
C GLN FA 380 -2.53 -87.88 -50.45
N ALA FA 381 -3.59 -88.62 -50.15
CA ALA FA 381 -4.90 -88.01 -50.00
C ALA FA 381 -5.06 -87.41 -48.61
N THR FA 382 -6.02 -86.49 -48.48
CA THR FA 382 -6.35 -85.86 -47.21
C THR FA 382 -7.83 -86.09 -46.92
N VAL FA 383 -8.12 -86.59 -45.72
CA VAL FA 383 -9.49 -86.83 -45.28
C VAL FA 383 -9.66 -86.23 -43.90
N SER FA 384 -10.80 -85.56 -43.68
CA SER FA 384 -11.04 -84.88 -42.41
C SER FA 384 -11.12 -85.89 -41.27
N LYS FA 385 -10.67 -85.46 -40.09
CA LYS FA 385 -10.65 -86.34 -38.92
C LYS FA 385 -12.04 -86.67 -38.42
N ASP FA 386 -13.05 -85.88 -38.77
CA ASP FA 386 -14.41 -86.19 -38.35
C ASP FA 386 -14.89 -87.51 -38.94
N VAL FA 387 -14.58 -87.77 -40.21
CA VAL FA 387 -14.95 -89.05 -40.82
C VAL FA 387 -14.27 -90.20 -40.08
N VAL FA 388 -12.99 -90.05 -39.76
CA VAL FA 388 -12.25 -91.12 -39.11
C VAL FA 388 -12.83 -91.39 -37.73
N LEU FA 389 -13.09 -90.34 -36.95
CA LEU FA 389 -13.63 -90.55 -35.61
C LEU FA 389 -15.04 -91.14 -35.67
N SER FA 390 -15.85 -90.70 -36.63
CA SER FA 390 -17.20 -91.24 -36.75
C SER FA 390 -17.17 -92.72 -37.13
N GLU FA 391 -16.30 -93.10 -38.08
CA GLU FA 391 -16.25 -94.50 -38.48
C GLU FA 391 -15.65 -95.36 -37.38
N THR FA 392 -14.75 -94.81 -36.57
CA THR FA 392 -14.23 -95.57 -35.44
C THR FA 392 -15.30 -95.75 -34.36
N LYS FA 393 -16.08 -94.70 -34.09
CA LYS FA 393 -17.05 -94.76 -33.01
C LYS FA 393 -18.27 -95.61 -33.37
N ALA FA 394 -18.78 -95.46 -34.59
CA ALA FA 394 -20.04 -96.12 -34.95
C ALA FA 394 -19.87 -97.62 -35.11
N ALA FA 395 -18.82 -98.05 -35.78
CA ALA FA 395 -18.62 -99.46 -36.11
C ALA FA 395 -17.85 -100.17 -35.01
N ALA FA 396 -18.08 -101.47 -34.92
CA ALA FA 396 -17.39 -102.32 -33.94
C ALA FA 396 -16.05 -102.78 -34.49
N ALA FA 397 -15.19 -101.79 -34.77
CA ALA FA 397 -13.88 -102.05 -35.34
C ALA FA 397 -12.83 -102.14 -34.23
N THR FA 398 -11.57 -102.31 -34.64
CA THR FA 398 -10.44 -102.40 -33.73
C THR FA 398 -9.41 -101.36 -34.18
N SER FA 399 -9.49 -100.16 -33.59
CA SER FA 399 -8.61 -99.07 -33.97
C SER FA 399 -7.38 -99.04 -33.07
N SER FA 400 -6.33 -98.38 -33.57
CA SER FA 400 -5.10 -98.18 -32.82
C SER FA 400 -4.71 -96.71 -32.90
N ILE FA 401 -4.42 -96.13 -31.74
CA ILE FA 401 -4.07 -94.71 -31.65
C ILE FA 401 -2.69 -94.60 -31.04
N THR FA 402 -1.80 -93.84 -31.69
CA THR FA 402 -0.43 -93.67 -31.23
C THR FA 402 -0.20 -92.22 -30.86
N PHE FA 403 0.27 -92.00 -29.63
CA PHE FA 403 0.64 -90.68 -29.16
C PHE FA 403 2.16 -90.58 -29.18
N ASN FA 404 2.68 -89.55 -29.85
CA ASN FA 404 4.11 -89.30 -29.98
C ASN FA 404 4.41 -87.89 -29.52
N SER FA 405 5.35 -87.75 -28.59
CA SER FA 405 5.87 -86.46 -28.17
C SER FA 405 7.14 -86.08 -28.92
N GLY FA 406 7.51 -86.85 -29.94
CA GLY FA 406 8.75 -86.70 -30.65
C GLY FA 406 9.84 -87.64 -30.16
N VAL FA 407 9.78 -88.05 -28.90
CA VAL FA 407 10.70 -89.02 -28.33
C VAL FA 407 9.94 -90.20 -27.72
N LEU FA 408 8.92 -89.90 -26.92
CA LEU FA 408 8.18 -90.91 -26.19
C LEU FA 408 6.92 -91.28 -26.98
N SER FA 409 6.66 -92.58 -27.11
CA SER FA 409 5.56 -93.07 -27.93
C SER FA 409 4.74 -94.08 -27.13
N LYS FA 410 3.42 -94.01 -27.29
CA LYS FA 410 2.52 -94.98 -26.69
C LYS FA 410 1.42 -95.35 -27.68
N THR FA 411 1.16 -96.65 -27.81
CA THR FA 411 0.12 -97.16 -28.69
C THR FA 411 -0.99 -97.78 -27.85
N ILE FA 412 -2.23 -97.38 -28.12
CA ILE FA 412 -3.40 -97.84 -27.37
C ILE FA 412 -4.41 -98.42 -28.34
N GLY FA 413 -4.90 -99.63 -28.04
CA GLY FA 413 -5.96 -100.24 -28.83
C GLY FA 413 -7.33 -99.78 -28.33
N PHE FA 414 -8.26 -99.69 -29.27
CA PHE FA 414 -9.61 -99.19 -29.01
C PHE FA 414 -10.64 -100.08 -29.68
N THR FA 415 -11.68 -100.42 -28.94
CA THR FA 415 -12.88 -101.05 -29.49
C THR FA 415 -13.85 -99.94 -29.91
N ALA FA 416 -15.12 -100.28 -30.12
CA ALA FA 416 -16.11 -99.32 -30.60
C ALA FA 416 -16.43 -98.34 -29.47
N GLY FA 417 -15.57 -97.34 -29.31
CA GLY FA 417 -15.76 -96.28 -28.35
C GLY FA 417 -14.98 -96.42 -27.07
N GLU FA 418 -14.41 -97.60 -26.79
CA GLU FA 418 -13.68 -97.86 -25.56
C GLU FA 418 -12.34 -98.52 -25.90
N SER FA 419 -11.58 -98.86 -24.87
CA SER FA 419 -10.29 -99.52 -25.02
C SER FA 419 -10.42 -100.96 -24.54
N SER FA 420 -10.08 -101.91 -25.42
CA SER FA 420 -10.17 -103.33 -25.11
C SER FA 420 -8.82 -104.02 -25.16
N ASP FA 421 -7.72 -103.27 -25.10
CA ASP FA 421 -6.38 -103.81 -25.24
C ASP FA 421 -5.79 -104.30 -23.93
N ALA FA 422 -6.63 -104.64 -22.95
CA ALA FA 422 -6.19 -105.06 -21.62
C ALA FA 422 -5.34 -103.99 -20.94
N ALA FA 423 -5.58 -102.73 -21.30
CA ALA FA 423 -4.90 -101.59 -20.73
C ALA FA 423 -5.89 -100.73 -19.97
N LYS FA 424 -5.38 -100.02 -18.96
CA LYS FA 424 -6.27 -99.26 -18.07
C LYS FA 424 -6.85 -98.06 -18.79
N SER FA 425 -6.00 -97.11 -19.20
CA SER FA 425 -6.36 -96.01 -20.08
C SER FA 425 -7.55 -95.21 -19.54
N TYR FA 426 -7.29 -94.54 -18.42
CA TYR FA 426 -8.28 -93.67 -17.79
C TYR FA 426 -7.79 -92.24 -17.78
N VAL FA 427 -8.72 -91.30 -17.98
CA VAL FA 427 -8.38 -89.90 -18.20
C VAL FA 427 -9.23 -89.00 -17.31
N ASP FA 428 -10.21 -89.60 -16.63
CA ASP FA 428 -11.29 -88.83 -16.01
C ASP FA 428 -10.79 -87.88 -14.91
N ASP FA 429 -9.61 -88.13 -14.34
CA ASP FA 429 -9.18 -87.38 -13.17
C ASP FA 429 -9.03 -85.88 -13.45
N LYS FA 430 -8.07 -85.51 -14.29
CA LYS FA 430 -7.88 -84.10 -14.63
C LYS FA 430 -7.48 -83.90 -16.08
N GLY FA 431 -7.48 -84.95 -16.89
CA GLY FA 431 -6.92 -84.89 -18.23
C GLY FA 431 -5.60 -85.62 -18.30
N GLY FA 432 -5.33 -86.21 -19.46
CA GLY FA 432 -4.18 -87.07 -19.64
C GLY FA 432 -4.46 -88.50 -19.23
N ILE FA 433 -3.73 -89.42 -19.85
CA ILE FA 433 -3.98 -90.85 -19.67
C ILE FA 433 -3.08 -91.34 -18.54
N THR FA 434 -3.68 -91.59 -17.38
CA THR FA 434 -2.94 -91.96 -16.19
C THR FA 434 -3.02 -93.45 -15.87
N ASN FA 435 -3.71 -94.23 -16.72
CA ASN FA 435 -3.80 -95.70 -16.64
C ASN FA 435 -3.91 -96.22 -15.20
N VAL FA 436 -4.72 -95.55 -14.40
CA VAL FA 436 -5.04 -96.01 -13.05
C VAL FA 436 -6.50 -96.45 -13.02
N ALA FA 437 -6.75 -97.67 -12.54
CA ALA FA 437 -8.10 -98.17 -12.44
C ALA FA 437 -8.92 -97.36 -11.45
N ASP FA 438 -8.52 -97.38 -10.18
CA ASP FA 438 -9.25 -96.69 -9.13
C ASP FA 438 -8.35 -96.60 -7.90
N TYR FA 439 -8.50 -95.53 -7.13
CA TYR FA 439 -7.81 -95.38 -5.86
C TYR FA 439 -8.84 -95.14 -4.77
N THR FA 440 -8.70 -95.84 -3.66
CA THR FA 440 -9.59 -95.73 -2.51
C THR FA 440 -8.81 -95.09 -1.37
N VAL FA 441 -9.37 -94.01 -0.81
CA VAL FA 441 -8.75 -93.29 0.28
C VAL FA 441 -9.55 -93.56 1.55
N SER FA 442 -8.85 -93.94 2.62
CA SER FA 442 -9.48 -94.27 3.89
C SER FA 442 -9.23 -93.12 4.87
N TYR FA 443 -10.31 -92.65 5.49
CA TYR FA 443 -10.26 -91.55 6.44
C TYR FA 443 -10.60 -92.07 7.83
N SER FA 444 -9.82 -91.64 8.82
CA SER FA 444 -10.05 -92.00 10.21
C SER FA 444 -10.76 -90.85 10.91
N VAL FA 445 -11.83 -91.17 11.63
CA VAL FA 445 -12.64 -90.19 12.33
C VAL FA 445 -12.35 -90.30 13.81
N ASN FA 446 -11.91 -89.20 14.41
CA ASN FA 446 -11.65 -89.17 15.85
C ASN FA 446 -12.96 -88.87 16.57
N LYS FA 447 -13.46 -89.86 17.31
CA LYS FA 447 -14.75 -89.73 17.97
C LYS FA 447 -14.73 -88.79 19.17
N ASP FA 448 -13.55 -88.37 19.63
CA ASP FA 448 -13.49 -87.45 20.76
C ASP FA 448 -14.01 -86.06 20.37
N ASN FA 449 -13.59 -85.55 19.22
CA ASN FA 449 -13.99 -84.23 18.76
C ASN FA 449 -14.68 -84.22 17.40
N GLY FA 450 -14.56 -85.29 16.62
CA GLY FA 450 -15.14 -85.33 15.29
C GLY FA 450 -14.20 -84.95 14.17
N SER FA 451 -12.95 -84.64 14.48
CA SER FA 451 -11.99 -84.29 13.44
C SER FA 451 -11.70 -85.50 12.55
N VAL FA 452 -11.57 -85.24 11.25
CA VAL FA 452 -11.35 -86.28 10.26
C VAL FA 452 -9.98 -86.08 9.63
N THR FA 453 -9.17 -87.12 9.62
CA THR FA 453 -7.87 -87.12 8.99
C THR FA 453 -7.79 -88.23 7.96
N VAL FA 454 -6.72 -88.23 7.18
CA VAL FA 454 -6.49 -89.22 6.14
C VAL FA 454 -5.59 -90.31 6.71
N ALA FA 455 -5.99 -91.57 6.53
CA ALA FA 455 -5.22 -92.69 7.05
C ALA FA 455 -5.52 -93.91 6.17
N GLY FA 456 -4.63 -94.19 5.21
CA GLY FA 456 -4.76 -95.36 4.39
C GLY FA 456 -5.06 -95.09 2.92
N TYR FA 457 -4.28 -95.71 2.05
CA TYR FA 457 -4.46 -95.57 0.60
C TYR FA 457 -4.41 -96.95 -0.04
N ALA FA 458 -5.35 -97.23 -0.92
CA ALA FA 458 -5.42 -98.51 -1.61
C ALA FA 458 -5.53 -98.26 -3.11
N SER FA 459 -4.80 -99.06 -3.90
CA SER FA 459 -4.85 -98.94 -5.34
C SER FA 459 -4.85 -100.33 -5.95
N ALA FA 460 -5.74 -100.54 -6.94
CA ALA FA 460 -5.76 -101.79 -7.67
C ALA FA 460 -4.57 -101.95 -8.61
N THR FA 461 -3.85 -100.86 -8.88
CA THR FA 461 -2.63 -100.88 -9.67
C THR FA 461 -1.47 -100.38 -8.81
N ASP FA 462 -0.27 -100.40 -9.38
CA ASP FA 462 0.89 -99.87 -8.68
C ASP FA 462 0.73 -98.38 -8.41
N THR FA 463 0.43 -97.61 -9.45
CA THR FA 463 -0.01 -96.22 -9.36
C THR FA 463 1.12 -95.31 -8.91
N ASN FA 464 2.26 -95.89 -8.51
CA ASN FA 464 3.44 -95.15 -8.05
C ASN FA 464 3.08 -94.15 -6.96
N LYS FA 465 1.96 -94.39 -6.26
CA LYS FA 465 1.47 -93.49 -5.20
C LYS FA 465 1.34 -92.06 -5.70
N ASP FA 466 0.83 -91.91 -6.93
CA ASP FA 466 0.62 -90.58 -7.48
C ASP FA 466 -0.49 -89.84 -6.76
N TYR FA 467 -1.59 -90.54 -6.46
CA TYR FA 467 -2.75 -89.94 -5.81
C TYR FA 467 -2.83 -90.29 -4.32
N ALA FA 468 -1.70 -90.61 -3.69
CA ALA FA 468 -1.71 -90.99 -2.30
C ALA FA 468 -1.25 -89.82 -1.45
N PRO FA 469 -2.14 -89.17 -0.70
CA PRO FA 469 -1.71 -88.11 0.23
C PRO FA 469 -0.96 -88.71 1.41
N ALA FA 470 -0.12 -87.87 2.01
CA ALA FA 470 0.58 -88.28 3.22
C ALA FA 470 -0.43 -88.54 4.34
N ILE FA 471 -0.27 -89.67 5.03
CA ILE FA 471 -1.21 -90.01 6.10
C ILE FA 471 -1.05 -89.06 7.28
N GLY FA 472 -2.13 -88.94 8.05
CA GLY FA 472 -2.13 -88.09 9.21
C GLY FA 472 -2.36 -86.62 8.95
N THR FA 473 -2.80 -86.25 7.74
CA THR FA 473 -3.06 -84.86 7.38
C THR FA 473 -4.55 -84.58 7.50
N ALA FA 474 -4.88 -83.53 8.24
CA ALA FA 474 -6.28 -83.16 8.44
C ALA FA 474 -6.92 -82.76 7.12
N VAL FA 475 -8.06 -83.34 6.82
CA VAL FA 475 -8.78 -83.06 5.58
C VAL FA 475 -9.82 -81.98 5.84
N ASN FA 476 -10.11 -81.19 4.81
CA ASN FA 476 -11.07 -80.10 4.90
C ASN FA 476 -12.07 -80.20 3.75
N VAL FA 477 -12.93 -79.19 3.64
CA VAL FA 477 -13.96 -79.13 2.61
C VAL FA 477 -13.68 -77.91 1.74
N ASN FA 478 -13.62 -78.14 0.43
CA ASN FA 478 -13.34 -77.07 -0.51
C ASN FA 478 -14.54 -76.12 -0.60
N SER FA 479 -14.38 -75.07 -1.43
CA SER FA 479 -15.46 -74.12 -1.61
C SER FA 479 -16.67 -74.76 -2.27
N ALA FA 480 -16.45 -75.65 -3.23
CA ALA FA 480 -17.52 -76.33 -3.95
C ALA FA 480 -18.11 -77.49 -3.17
N GLY FA 481 -17.69 -77.70 -1.92
CA GLY FA 481 -18.19 -78.79 -1.12
C GLY FA 481 -17.43 -80.10 -1.26
N LYS FA 482 -16.39 -80.14 -2.09
CA LYS FA 482 -15.62 -81.36 -2.26
C LYS FA 482 -14.75 -81.60 -1.04
N ILE FA 483 -14.26 -82.84 -0.93
CA ILE FA 483 -13.39 -83.25 0.15
C ILE FA 483 -11.95 -83.10 -0.34
N THR FA 484 -11.19 -82.21 0.30
CA THR FA 484 -9.87 -81.86 -0.20
C THR FA 484 -8.97 -81.54 0.99
N THR FA 485 -7.66 -81.63 0.77
CA THR FA 485 -6.70 -81.54 1.86
C THR FA 485 -6.11 -80.14 2.06
N GLU FA 486 -6.03 -79.32 1.02
CA GLU FA 486 -5.40 -78.01 1.17
C GLU FA 486 -6.39 -76.99 1.71
N THR FA 487 -5.85 -76.00 2.42
CA THR FA 487 -6.65 -74.99 3.10
C THR FA 487 -6.63 -73.63 2.41
N THR FA 488 -6.02 -73.51 1.22
CA THR FA 488 -5.89 -72.23 0.56
C THR FA 488 -7.26 -71.64 0.21
N SER FA 489 -7.99 -72.29 -0.70
CA SER FA 489 -9.33 -71.88 -1.08
C SER FA 489 -9.36 -70.41 -1.53
N ALA FA 490 -8.70 -70.18 -2.65
CA ALA FA 490 -8.55 -68.84 -3.18
C ALA FA 490 -9.92 -68.19 -3.43
N GLY FA 491 -10.03 -66.92 -3.10
CA GLY FA 491 -11.27 -66.19 -3.19
C GLY FA 491 -11.46 -65.48 -4.52
N SER FA 492 -12.27 -64.42 -4.48
CA SER FA 492 -12.67 -63.70 -5.69
C SER FA 492 -12.04 -62.32 -5.83
N ALA FA 493 -11.44 -61.79 -4.77
CA ALA FA 493 -10.80 -60.48 -4.87
C ALA FA 493 -9.63 -60.53 -5.83
N THR FA 494 -9.41 -59.43 -6.55
CA THR FA 494 -8.34 -59.38 -7.53
C THR FA 494 -6.99 -59.55 -6.84
N THR FA 495 -6.11 -60.35 -7.46
CA THR FA 495 -4.86 -60.72 -6.82
C THR FA 495 -3.92 -59.53 -6.67
N ASN FA 496 -3.55 -58.90 -7.79
CA ASN FA 496 -2.55 -57.84 -7.81
C ASN FA 496 -3.14 -56.62 -8.49
N PRO FA 497 -4.03 -55.90 -7.79
CA PRO FA 497 -4.70 -54.75 -8.42
C PRO FA 497 -3.73 -53.68 -8.89
N LEU FA 498 -2.68 -53.41 -8.09
CA LEU FA 498 -1.73 -52.37 -8.46
C LEU FA 498 -0.95 -52.76 -9.70
N ALA FA 499 -0.56 -54.04 -9.81
CA ALA FA 499 0.14 -54.50 -11.01
C ALA FA 499 -0.76 -54.41 -12.23
N ALA FA 500 -2.03 -54.80 -12.09
CA ALA FA 500 -2.95 -54.71 -13.23
C ALA FA 500 -3.13 -53.27 -13.68
N LEU FA 501 -3.28 -52.35 -12.72
CA LEU FA 501 -3.43 -50.95 -13.07
C LEU FA 501 -2.17 -50.40 -13.72
N ASP FA 502 -1.01 -50.83 -13.24
CA ASP FA 502 0.24 -50.40 -13.87
C ASP FA 502 0.34 -50.88 -15.30
N ASP FA 503 -0.07 -52.12 -15.57
CA ASP FA 503 -0.06 -52.61 -16.94
C ASP FA 503 -1.01 -51.81 -17.82
N ALA FA 504 -2.20 -51.49 -17.30
CA ALA FA 504 -3.14 -50.69 -18.08
C ALA FA 504 -2.57 -49.31 -18.40
N ILE FA 505 -1.98 -48.67 -17.39
CA ILE FA 505 -1.40 -47.34 -17.61
C ILE FA 505 -0.26 -47.41 -18.62
N SER FA 506 0.55 -48.47 -18.55
CA SER FA 506 1.64 -48.62 -19.50
C SER FA 506 1.12 -48.76 -20.93
N SER FA 507 0.05 -49.54 -21.11
CA SER FA 507 -0.53 -49.68 -22.44
C SER FA 507 -1.03 -48.33 -22.96
N ILE FA 508 -1.71 -47.58 -22.10
CA ILE FA 508 -2.21 -46.26 -22.51
C ILE FA 508 -1.06 -45.36 -22.91
N ASP FA 509 0.01 -45.36 -22.12
CA ASP FA 509 1.16 -44.50 -22.42
C ASP FA 509 1.83 -44.89 -23.73
N LYS FA 510 1.96 -46.19 -23.99
CA LYS FA 510 2.56 -46.63 -25.24
C LYS FA 510 1.74 -46.16 -26.43
N PHE FA 511 0.42 -46.32 -26.35
CA PHE FA 511 -0.42 -45.92 -27.48
C PHE FA 511 -0.37 -44.39 -27.68
N ARG FA 512 -0.35 -43.63 -26.59
CA ARG FA 512 -0.23 -42.18 -26.71
C ARG FA 512 1.11 -41.79 -27.33
N SER FA 513 2.19 -42.46 -26.95
CA SER FA 513 3.49 -42.16 -27.54
C SER FA 513 3.50 -42.45 -29.03
N SER FA 514 2.89 -43.56 -29.44
CA SER FA 514 2.81 -43.88 -30.86
C SER FA 514 2.05 -42.81 -31.62
N LEU FA 515 0.91 -42.35 -31.07
CA LEU FA 515 0.16 -41.29 -31.73
C LEU FA 515 0.98 -40.00 -31.83
N GLY FA 516 1.71 -39.66 -30.76
CA GLY FA 516 2.52 -38.46 -30.80
C GLY FA 516 3.60 -38.52 -31.86
N ALA FA 517 4.29 -39.66 -31.97
CA ALA FA 517 5.30 -39.81 -33.00
C ALA FA 517 4.70 -39.69 -34.40
N ILE FA 518 3.56 -40.34 -34.62
CA ILE FA 518 2.89 -40.24 -35.91
C ILE FA 518 2.55 -38.79 -36.24
N GLN FA 519 2.05 -38.06 -35.25
CA GLN FA 519 1.66 -36.67 -35.47
C GLN FA 519 2.87 -35.80 -35.81
N ASN FA 520 4.00 -36.03 -35.12
CA ASN FA 520 5.21 -35.29 -35.43
C ASN FA 520 5.66 -35.55 -36.87
N ARG FA 521 5.69 -36.82 -37.28
CA ARG FA 521 6.13 -37.11 -38.64
C ARG FA 521 5.15 -36.55 -39.66
N LEU FA 522 3.86 -36.49 -39.32
CA LEU FA 522 2.89 -35.91 -40.25
C LEU FA 522 3.12 -34.42 -40.41
N ASP FA 523 3.44 -33.72 -39.31
CA ASP FA 523 3.74 -32.30 -39.42
C ASP FA 523 4.99 -32.06 -40.26
N SER FA 524 6.02 -32.90 -40.09
CA SER FA 524 7.20 -32.78 -40.93
C SER FA 524 6.84 -32.97 -42.40
N ALA FA 525 5.97 -33.94 -42.68
CA ALA FA 525 5.50 -34.15 -44.05
C ALA FA 525 4.80 -32.91 -44.59
N VAL FA 526 3.99 -32.26 -43.75
CA VAL FA 526 3.30 -31.04 -44.18
C VAL FA 526 4.30 -29.97 -44.59
N THR FA 527 5.33 -29.76 -43.75
CA THR FA 527 6.33 -28.75 -44.06
C THR FA 527 7.05 -29.06 -45.37
N ASN FA 528 7.42 -30.33 -45.56
CA ASN FA 528 8.10 -30.71 -46.79
C ASN FA 528 7.21 -30.48 -48.00
N LEU FA 529 5.92 -30.81 -47.88
CA LEU FA 529 5.00 -30.61 -48.99
C LEU FA 529 4.89 -29.14 -49.35
N ASN FA 530 4.81 -28.26 -48.35
CA ASN FA 530 4.73 -26.84 -48.64
C ASN FA 530 5.99 -26.35 -49.36
N ASN FA 531 7.16 -26.78 -48.89
CA ASN FA 531 8.40 -26.37 -49.56
C ASN FA 531 8.44 -26.85 -51.01
N THR FA 532 8.06 -28.10 -51.24
CA THR FA 532 8.08 -28.64 -52.60
C THR FA 532 7.08 -27.92 -53.49
N THR FA 533 5.91 -27.58 -52.95
CA THR FA 533 4.94 -26.82 -53.72
C THR FA 533 5.49 -25.46 -54.13
N THR FA 534 6.16 -24.77 -53.20
CA THR FA 534 6.75 -23.48 -53.53
C THR FA 534 7.78 -23.62 -54.65
N ASN FA 535 8.65 -24.63 -54.55
CA ASN FA 535 9.69 -24.80 -55.56
C ASN FA 535 9.10 -25.15 -56.92
N LEU FA 536 8.07 -25.99 -56.94
CA LEU FA 536 7.45 -26.36 -58.22
C LEU FA 536 6.74 -25.19 -58.84
N SER FA 537 6.10 -24.34 -58.03
CA SER FA 537 5.50 -23.12 -58.57
C SER FA 537 6.57 -22.21 -59.15
N GLU FA 538 7.72 -22.12 -58.48
CA GLU FA 538 8.87 -21.40 -59.03
C GLU FA 538 9.23 -21.91 -60.42
N ALA FA 539 9.36 -23.23 -60.56
CA ALA FA 539 9.78 -23.80 -61.84
C ALA FA 539 8.73 -23.55 -62.91
N GLN FA 540 7.45 -23.69 -62.58
CA GLN FA 540 6.41 -23.42 -63.56
C GLN FA 540 6.44 -21.97 -64.01
N SER FA 541 6.67 -21.05 -63.08
CA SER FA 541 6.79 -19.64 -63.45
C SER FA 541 8.00 -19.41 -64.34
N ARG FA 542 9.08 -20.15 -64.08
CA ARG FA 542 10.25 -20.06 -64.95
C ARG FA 542 9.90 -20.46 -66.37
N ILE FA 543 9.14 -21.54 -66.53
CA ILE FA 543 8.82 -22.02 -67.88
C ILE FA 543 7.84 -21.09 -68.57
N GLN FA 544 6.73 -20.78 -67.90
CA GLN FA 544 5.66 -19.95 -68.45
C GLN FA 544 5.93 -18.48 -68.13
N ASP FA 545 4.88 -17.65 -68.18
CA ASP FA 545 4.91 -16.28 -67.67
C ASP FA 545 5.87 -15.40 -68.46
N ALA FA 546 5.44 -15.11 -69.69
CA ALA FA 546 6.16 -14.23 -70.60
C ALA FA 546 6.59 -12.93 -69.92
N ASP FA 547 7.68 -12.36 -70.43
CA ASP FA 547 8.30 -11.16 -69.86
C ASP FA 547 7.61 -9.92 -70.41
N TYR FA 548 6.80 -9.28 -69.55
CA TYR FA 548 6.00 -8.14 -69.99
C TYR FA 548 6.85 -7.06 -70.66
N ALA FA 549 8.06 -6.82 -70.17
CA ALA FA 549 8.94 -5.88 -70.85
C ALA FA 549 9.21 -6.34 -72.28
N THR FA 550 9.49 -7.64 -72.45
CA THR FA 550 9.85 -8.15 -73.77
C THR FA 550 8.69 -8.02 -74.74
N GLU FA 551 7.49 -8.47 -74.36
CA GLU FA 551 6.39 -8.35 -75.32
C GLU FA 551 5.87 -6.93 -75.48
N VAL FA 552 6.03 -6.05 -74.48
CA VAL FA 552 5.70 -4.65 -74.71
C VAL FA 552 6.60 -4.06 -75.78
N SER FA 553 7.92 -4.32 -75.68
CA SER FA 553 8.83 -3.87 -76.72
C SER FA 553 8.47 -4.49 -78.07
N ASN FA 554 8.13 -5.78 -78.06
CA ASN FA 554 7.81 -6.47 -79.31
C ASN FA 554 6.62 -5.85 -80.00
N MET FA 555 5.53 -5.60 -79.24
CA MET FA 555 4.37 -5.01 -79.89
C MET FA 555 4.63 -3.57 -80.30
N SER FA 556 5.45 -2.84 -79.55
CA SER FA 556 5.73 -1.46 -79.93
C SER FA 556 6.43 -1.42 -81.28
N LYS FA 557 7.49 -2.21 -81.43
CA LYS FA 557 8.18 -2.22 -82.71
C LYS FA 557 7.32 -2.84 -83.81
N ALA FA 558 6.45 -3.79 -83.46
CA ALA FA 558 5.55 -4.36 -84.46
C ALA FA 558 4.56 -3.33 -84.98
N GLN FA 559 4.00 -2.52 -84.07
CA GLN FA 559 3.07 -1.47 -84.49
C GLN FA 559 3.78 -0.43 -85.35
N ILE FA 560 5.00 -0.07 -84.98
CA ILE FA 560 5.75 0.89 -85.80
C ILE FA 560 6.01 0.31 -87.18
N ILE FA 561 6.40 -0.95 -87.25
CA ILE FA 561 6.64 -1.58 -88.56
C ILE FA 561 5.36 -1.61 -89.37
N GLN FA 562 4.23 -1.88 -88.72
CA GLN FA 562 2.95 -1.90 -89.42
C GLN FA 562 2.62 -0.52 -90.01
N GLN FA 563 2.77 0.53 -89.20
CA GLN FA 563 2.45 1.87 -89.68
C GLN FA 563 3.38 2.29 -90.81
N ALA FA 564 4.68 2.00 -90.67
CA ALA FA 564 5.62 2.33 -91.73
C ALA FA 564 5.29 1.56 -93.01
N GLY FA 565 4.96 0.29 -92.87
CA GLY FA 565 4.60 -0.50 -94.04
C GLY FA 565 3.35 0.01 -94.71
N ASN FA 566 2.37 0.45 -93.93
CA ASN FA 566 1.14 1.00 -94.51
C ASN FA 566 1.41 2.31 -95.24
N SER FA 567 2.24 3.18 -94.66
CA SER FA 567 2.58 4.43 -95.34
C SER FA 567 3.34 4.16 -96.64
N VAL FA 568 4.31 3.26 -96.60
CA VAL FA 568 5.03 2.90 -97.81
C VAL FA 568 4.10 2.23 -98.81
N LEU FA 569 3.12 1.48 -98.32
CA LEU FA 569 2.15 0.84 -99.19
C LEU FA 569 1.31 1.88 -99.91
N ALA FA 570 0.91 2.94 -99.20
CA ALA FA 570 0.21 4.03 -99.85
C ALA FA 570 1.09 4.72 -100.89
N LYS FA 571 2.38 4.89 -100.58
CA LYS FA 571 3.29 5.48 -101.56
C LYS FA 571 3.42 4.62 -102.80
N ALA FA 572 3.43 3.29 -102.62
CA ALA FA 572 3.52 2.38 -103.75
C ALA FA 572 2.22 2.35 -104.53
N ASN FA 573 1.07 2.29 -103.84
CA ASN FA 573 -0.22 2.36 -104.49
C ASN FA 573 -0.45 3.69 -105.15
N GLN FA 574 0.39 4.69 -104.87
CA GLN FA 574 0.48 5.83 -105.77
C GLN FA 574 1.15 5.30 -107.02
N VAL FA 575 0.44 4.42 -107.71
CA VAL FA 575 0.92 3.57 -108.79
C VAL FA 575 1.24 4.46 -109.99
N PRO FA 576 2.00 3.98 -110.99
CA PRO FA 576 2.41 4.88 -112.07
C PRO FA 576 1.25 5.60 -112.73
N GLN FA 577 1.16 6.89 -112.46
CA GLN FA 577 0.22 7.77 -113.13
C GLN FA 577 0.91 8.67 -114.13
N GLN FA 578 2.23 8.69 -114.13
CA GLN FA 578 2.98 9.43 -115.14
C GLN FA 578 2.72 8.88 -116.54
N VAL FA 579 2.25 7.63 -116.64
CA VAL FA 579 1.81 7.12 -117.93
C VAL FA 579 0.65 7.94 -118.45
N LEU FA 580 -0.25 8.37 -117.56
CA LEU FA 580 -1.34 9.25 -117.98
C LEU FA 580 -0.79 10.54 -118.55
N SER FA 581 0.22 11.12 -117.92
CA SER FA 581 0.86 12.33 -118.44
C SER FA 581 1.49 12.06 -119.80
N LEU FA 582 2.14 10.92 -119.95
CA LEU FA 582 2.74 10.56 -121.23
C LEU FA 582 1.69 10.44 -122.32
N LEU FA 583 0.47 10.02 -121.97
CA LEU FA 583 -0.54 9.74 -122.98
C LEU FA 583 -0.87 10.97 -123.82
N GLN FA 584 -1.22 12.08 -123.17
CA GLN FA 584 -1.68 13.23 -123.93
C GLN FA 584 -0.58 13.93 -124.72
N GLY FA 585 0.68 13.57 -124.48
CA GLY FA 585 1.79 14.17 -125.20
C GLY FA 585 1.90 13.70 -126.64
N MET GA 1 3.60 43.98 -93.68
CA MET GA 1 3.68 42.54 -93.90
C MET GA 1 3.61 42.24 -95.40
N ALA GA 2 2.42 42.44 -95.99
CA ALA GA 2 2.20 42.07 -97.38
C ALA GA 2 3.13 42.80 -98.34
N GLN GA 3 3.68 43.95 -97.93
CA GLN GA 3 4.56 44.69 -98.83
C GLN GA 3 5.90 44.00 -99.02
N VAL GA 4 6.50 43.54 -97.93
CA VAL GA 4 7.91 43.17 -97.92
C VAL GA 4 8.07 41.76 -97.38
N ILE GA 5 9.11 41.06 -97.82
CA ILE GA 5 9.46 39.76 -97.27
C ILE GA 5 10.86 39.70 -96.71
N ASN GA 6 11.71 40.69 -96.97
CA ASN GA 6 13.10 40.61 -96.54
C ASN GA 6 13.24 40.76 -95.04
N THR GA 7 12.32 41.45 -94.38
CA THR GA 7 12.36 41.62 -92.94
C THR GA 7 10.99 41.35 -92.36
N ASN GA 8 10.95 41.09 -91.05
CA ASN GA 8 9.70 40.93 -90.32
C ASN GA 8 9.81 41.74 -89.03
N SER GA 9 9.34 42.99 -89.08
CA SER GA 9 9.36 43.83 -87.89
C SER GA 9 8.54 43.22 -86.76
N LEU GA 10 7.43 42.55 -87.10
CA LEU GA 10 6.64 41.87 -86.08
C LEU GA 10 7.47 40.79 -85.39
N SER GA 11 8.20 40.00 -86.17
CA SER GA 11 9.05 38.96 -85.58
C SER GA 11 10.13 39.58 -84.69
N LEU GA 12 10.74 40.67 -85.16
CA LEU GA 12 11.80 41.30 -84.37
C LEU GA 12 11.27 41.83 -83.04
N ILE GA 13 10.11 42.51 -83.08
CA ILE GA 13 9.52 43.04 -81.86
C ILE GA 13 9.15 41.91 -80.91
N THR GA 14 8.58 40.83 -81.46
CA THR GA 14 8.20 39.70 -80.62
C THR GA 14 9.43 39.07 -79.97
N GLN GA 15 10.52 38.94 -80.73
CA GLN GA 15 11.75 38.38 -80.16
C GLN GA 15 12.28 39.27 -79.03
N ASN GA 16 12.24 40.58 -79.22
CA ASN GA 16 12.69 41.49 -78.17
C ASN GA 16 11.86 41.30 -76.91
N ASN GA 17 10.54 41.23 -77.06
CA ASN GA 17 9.67 41.06 -75.90
C ASN GA 17 9.91 39.72 -75.22
N ILE GA 18 10.16 38.68 -76.01
CA ILE GA 18 10.44 37.36 -75.45
C ILE GA 18 11.72 37.39 -74.62
N ASN GA 19 12.77 38.05 -75.13
CA ASN GA 19 14.00 38.15 -74.35
C ASN GA 19 13.79 38.94 -73.07
N LYS GA 20 13.03 40.03 -73.15
CA LYS GA 20 12.76 40.83 -71.97
C LYS GA 20 12.05 40.00 -70.90
N ASN GA 21 11.08 39.18 -71.31
CA ASN GA 21 10.44 38.30 -70.34
C ASN GA 21 11.39 37.23 -69.82
N GLN GA 22 12.26 36.71 -70.70
CA GLN GA 22 13.17 35.64 -70.29
C GLN GA 22 14.11 36.09 -69.19
N SER GA 23 14.52 37.35 -69.22
CA SER GA 23 15.38 37.86 -68.14
C SER GA 23 14.72 37.67 -66.78
N ALA GA 24 13.46 38.11 -66.65
CA ALA GA 24 12.74 37.97 -65.39
C ALA GA 24 12.44 36.51 -65.07
N LEU GA 25 12.19 35.70 -66.08
CA LEU GA 25 11.99 34.26 -65.85
C LEU GA 25 13.22 33.64 -65.18
N SER GA 26 14.40 33.92 -65.74
CA SER GA 26 15.63 33.37 -65.17
C SER GA 26 15.85 33.90 -63.76
N SER GA 27 15.62 35.20 -63.55
CA SER GA 27 15.80 35.75 -62.21
C SER GA 27 14.89 35.06 -61.20
N SER GA 28 13.63 34.86 -61.56
CA SER GA 28 12.68 34.24 -60.64
C SER GA 28 13.06 32.79 -60.33
N ILE GA 29 13.44 32.03 -61.36
CA ILE GA 29 13.77 30.62 -61.13
C ILE GA 29 15.01 30.51 -60.24
N GLU GA 30 16.03 31.32 -60.51
CA GLU GA 30 17.23 31.29 -59.69
C GLU GA 30 16.91 31.70 -58.25
N ARG GA 31 16.07 32.72 -58.08
CA ARG GA 31 15.70 33.17 -56.74
C ARG GA 31 14.98 32.07 -55.97
N LEU GA 32 14.05 31.38 -56.63
CA LEU GA 32 13.35 30.28 -55.98
C LEU GA 32 14.30 29.14 -55.62
N SER GA 33 15.21 28.81 -56.53
CA SER GA 33 16.11 27.68 -56.29
C SER GA 33 17.03 27.95 -55.11
N SER GA 34 17.60 29.16 -55.05
CA SER GA 34 18.51 29.47 -53.96
C SER GA 34 17.79 29.75 -52.65
N GLY GA 35 16.59 30.33 -52.72
CA GLY GA 35 15.88 30.72 -51.53
C GLY GA 35 16.31 32.04 -50.93
N LEU GA 36 17.12 32.83 -51.65
CA LEU GA 36 17.66 34.07 -51.13
C LEU GA 36 17.21 35.23 -52.01
N ARG GA 37 16.73 36.29 -51.36
CA ARG GA 37 16.30 37.48 -52.11
C ARG GA 37 17.48 38.19 -52.76
N ILE GA 38 18.53 38.44 -51.99
CA ILE GA 38 19.72 39.12 -52.49
C ILE GA 38 20.71 38.05 -52.92
N ASN GA 39 20.86 37.88 -54.23
CA ASN GA 39 21.65 36.79 -54.78
C ASN GA 39 22.58 37.34 -55.85
N SER GA 40 23.87 37.07 -55.70
CA SER GA 40 24.91 37.45 -56.65
C SER GA 40 25.01 38.96 -56.85
N ALA GA 41 24.36 39.75 -55.99
CA ALA GA 41 24.51 41.20 -55.96
C ALA GA 41 24.23 41.87 -57.30
N LYS GA 42 23.35 41.28 -58.12
CA LYS GA 42 22.93 41.92 -59.36
C LYS GA 42 21.88 42.99 -59.08
N ASP GA 43 21.68 43.27 -57.81
CA ASP GA 43 20.59 44.09 -57.29
C ASP GA 43 21.19 44.93 -56.17
N ASP GA 44 20.34 45.47 -55.30
CA ASP GA 44 20.78 46.37 -54.24
C ASP GA 44 21.96 45.81 -53.46
N ALA GA 45 23.11 46.46 -53.57
CA ALA GA 45 24.33 46.01 -52.92
C ALA GA 45 24.38 46.37 -51.44
N ALA GA 46 23.63 47.38 -51.03
CA ALA GA 46 23.53 47.70 -49.61
C ALA GA 46 22.98 46.52 -48.84
N GLY GA 47 21.98 45.84 -49.39
CA GLY GA 47 21.47 44.64 -48.75
C GLY GA 47 22.52 43.56 -48.61
N GLN GA 48 23.32 43.35 -49.65
CA GLN GA 48 24.39 42.36 -49.59
C GLN GA 48 25.38 42.69 -48.49
N ALA GA 49 25.83 43.96 -48.44
CA ALA GA 49 26.81 44.36 -47.45
C ALA GA 49 26.26 44.22 -46.03
N ILE GA 50 25.01 44.66 -45.82
CA ILE GA 50 24.43 44.59 -44.49
C ILE GA 50 24.20 43.14 -44.08
N ALA GA 51 23.83 42.28 -45.04
CA ALA GA 51 23.68 40.86 -44.73
C ALA GA 51 25.02 40.26 -44.31
N ASN GA 52 26.10 40.63 -45.00
CA ASN GA 52 27.41 40.12 -44.60
C ASN GA 52 27.78 40.59 -43.19
N ARG GA 53 27.52 41.86 -42.88
CA ARG GA 53 27.81 42.35 -41.54
C ARG GA 53 27.00 41.60 -40.49
N PHE GA 54 25.72 41.35 -40.79
CA PHE GA 54 24.87 40.61 -39.84
C PHE GA 54 25.38 39.20 -39.64
N THR GA 55 25.81 38.54 -40.72
CA THR GA 55 26.35 37.19 -40.59
C THR GA 55 27.59 37.19 -39.69
N SER GA 56 28.48 38.16 -39.91
CA SER GA 56 29.67 38.26 -39.06
C SER GA 56 29.29 38.45 -37.61
N ASN GA 57 28.34 39.34 -37.33
CA ASN GA 57 27.93 39.60 -35.95
C ASN GA 57 27.32 38.35 -35.32
N ILE GA 58 26.48 37.64 -36.06
CA ILE GA 58 25.83 36.45 -35.52
C ILE GA 58 26.87 35.39 -35.14
N LYS GA 59 27.80 35.14 -36.07
CA LYS GA 59 28.83 34.14 -35.79
C LYS GA 59 29.68 34.53 -34.59
N GLY GA 60 30.10 35.80 -34.53
CA GLY GA 60 30.88 36.25 -33.41
C GLY GA 60 30.15 36.10 -32.09
N LEU GA 61 28.87 36.47 -32.06
CA LEU GA 61 28.13 36.37 -30.81
C LEU GA 61 27.93 34.92 -30.37
N THR GA 62 27.69 34.01 -31.32
CA THR GA 62 27.56 32.61 -30.95
C THR GA 62 28.86 32.09 -30.33
N GLN GA 63 29.99 32.39 -30.96
CA GLN GA 63 31.26 31.93 -30.42
C GLN GA 63 31.53 32.55 -29.05
N ALA GA 64 31.12 33.81 -28.88
CA ALA GA 64 31.29 34.47 -27.59
C ALA GA 64 30.46 33.79 -26.50
N ALA GA 65 29.24 33.36 -26.84
CA ALA GA 65 28.44 32.62 -25.88
C ALA GA 65 29.13 31.33 -25.47
N ARG GA 66 29.73 30.63 -26.44
CA ARG GA 66 30.48 29.42 -26.08
C ARG GA 66 31.63 29.73 -25.13
N ASN GA 67 32.36 30.82 -25.40
CA ASN GA 67 33.47 31.21 -24.54
C ASN GA 67 32.98 31.51 -23.12
N ALA GA 68 31.84 32.19 -23.01
CA ALA GA 68 31.30 32.49 -21.69
C ALA GA 68 30.93 31.21 -20.95
N ASN GA 69 30.38 30.23 -21.67
CA ASN GA 69 30.12 28.93 -21.04
C ASN GA 69 31.40 28.31 -20.49
N ASP GA 70 32.48 28.40 -21.26
CA ASP GA 70 33.77 27.89 -20.76
C ASP GA 70 34.20 28.60 -19.49
N GLY GA 71 34.01 29.93 -19.44
CA GLY GA 71 34.35 30.66 -18.23
C GLY GA 71 33.54 30.20 -17.04
N ILE GA 72 32.25 29.93 -17.25
CA ILE GA 72 31.42 29.41 -16.17
C ILE GA 72 31.98 28.08 -15.67
N SER GA 73 32.41 27.22 -16.60
CA SER GA 73 32.99 25.94 -16.19
C SER GA 73 34.22 26.14 -15.32
N VAL GA 74 35.08 27.08 -15.71
CA VAL GA 74 36.29 27.36 -14.93
C VAL GA 74 35.92 27.78 -13.51
N ALA GA 75 34.94 28.69 -13.40
CA ALA GA 75 34.52 29.15 -12.08
C ALA GA 75 33.98 28.00 -11.24
N GLN GA 76 33.20 27.11 -11.86
CA GLN GA 76 32.65 25.98 -11.11
C GLN GA 76 33.76 25.11 -10.53
N THR GA 77 34.76 24.79 -11.36
CA THR GA 77 35.84 23.91 -10.89
C THR GA 77 36.59 24.56 -9.72
N THR GA 78 36.95 25.84 -9.89
CA THR GA 78 37.71 26.50 -8.83
C THR GA 78 36.90 26.56 -7.54
N GLU GA 79 35.59 26.82 -7.65
CA GLU GA 79 34.77 26.94 -6.45
C GLU GA 79 34.61 25.60 -5.74
N GLY GA 80 34.55 24.51 -6.50
CA GLY GA 80 34.51 23.20 -5.86
C GLY GA 80 35.76 22.91 -5.05
N ALA GA 81 36.93 23.19 -5.64
CA ALA GA 81 38.17 23.03 -4.89
C ALA GA 81 38.17 23.89 -3.64
N LEU GA 82 37.68 25.13 -3.76
CA LEU GA 82 37.64 26.02 -2.61
C LEU GA 82 36.74 25.48 -1.50
N SER GA 83 35.61 24.89 -1.88
CA SER GA 83 34.71 24.33 -0.88
C SER GA 83 35.40 23.22 -0.10
N GLU GA 84 36.13 22.35 -0.80
CA GLU GA 84 36.87 21.31 -0.09
C GLU GA 84 37.90 21.90 0.87
N ILE GA 85 38.62 22.92 0.42
CA ILE GA 85 39.61 23.56 1.29
C ILE GA 85 38.93 24.14 2.53
N ASN GA 86 37.77 24.75 2.35
CA ASN GA 86 37.06 25.34 3.48
C ASN GA 86 36.64 24.29 4.49
N ASN GA 87 36.17 23.14 4.00
CA ASN GA 87 35.83 22.06 4.93
C ASN GA 87 37.05 21.63 5.74
N ASN GA 88 38.20 21.50 5.07
CA ASN GA 88 39.42 21.14 5.79
C ASN GA 88 39.76 22.16 6.86
N LEU GA 89 39.64 23.46 6.54
CA LEU GA 89 39.96 24.49 7.51
C LEU GA 89 39.02 24.46 8.70
N GLN GA 90 37.74 24.21 8.45
CA GLN GA 90 36.79 24.10 9.56
C GLN GA 90 37.17 22.97 10.50
N ARG GA 91 37.54 21.82 9.93
CA ARG GA 91 37.96 20.70 10.79
C ARG GA 91 39.22 21.06 11.58
N ILE GA 92 40.15 21.76 10.95
CA ILE GA 92 41.36 22.19 11.65
C ILE GA 92 41.01 23.07 12.83
N ARG GA 93 40.09 24.02 12.64
CA ARG GA 93 39.71 24.89 13.74
C ARG GA 93 39.08 24.12 14.88
N GLU GA 94 38.21 23.14 14.55
CA GLU GA 94 37.62 22.33 15.60
C GLU GA 94 38.69 21.59 16.39
N LEU GA 95 39.68 21.02 15.69
CA LEU GA 95 40.77 20.33 16.37
C LEU GA 95 41.55 21.29 17.26
N THR GA 96 41.79 22.51 16.80
CA THR GA 96 42.51 23.49 17.62
C THR GA 96 41.74 23.81 18.88
N VAL GA 97 40.42 23.99 18.76
CA VAL GA 97 39.59 24.25 19.94
C VAL GA 97 39.70 23.10 20.91
N GLN GA 98 39.73 21.87 20.41
CA GLN GA 98 39.92 20.73 21.30
C GLN GA 98 41.30 20.76 21.96
N ALA GA 99 42.33 21.14 21.21
CA ALA GA 99 43.69 21.03 21.70
C ALA GA 99 44.03 22.08 22.75
N THR GA 100 43.48 23.29 22.62
CA THR GA 100 43.92 24.39 23.49
C THR GA 100 43.56 24.19 24.96
N THR GA 101 42.68 23.24 25.29
CA THR GA 101 42.35 23.00 26.69
C THR GA 101 43.55 22.44 27.45
N GLY GA 102 43.65 22.79 28.72
CA GLY GA 102 44.77 22.39 29.55
C GLY GA 102 44.72 21.00 30.12
N THR GA 103 43.63 20.26 29.90
CA THR GA 103 43.57 18.89 30.39
C THR GA 103 44.42 17.95 29.54
N ASN GA 104 44.57 18.26 28.26
CA ASN GA 104 45.33 17.41 27.36
C ASN GA 104 46.77 17.29 27.80
N SER GA 105 47.36 16.13 27.57
CA SER GA 105 48.76 15.88 27.91
C SER GA 105 49.62 16.03 26.65
N ASP GA 106 50.92 15.78 26.81
CA ASP GA 106 51.87 15.98 25.72
C ASP GA 106 51.59 15.03 24.55
N SER GA 107 51.34 13.75 24.86
CA SER GA 107 51.05 12.80 23.79
C SER GA 107 49.76 13.15 23.06
N ASP GA 108 48.75 13.59 23.81
CA ASP GA 108 47.49 13.98 23.18
C ASP GA 108 47.70 15.18 22.26
N LEU GA 109 48.47 16.17 22.70
CA LEU GA 109 48.77 17.31 21.86
C LEU GA 109 49.55 16.88 20.62
N ASP GA 110 50.47 15.93 20.77
CA ASP GA 110 51.24 15.46 19.63
C ASP GA 110 50.32 14.80 18.60
N SER GA 111 49.38 13.97 19.06
CA SER GA 111 48.45 13.33 18.13
C SER GA 111 47.58 14.37 17.42
N ILE GA 112 47.07 15.34 18.17
CA ILE GA 112 46.22 16.36 17.57
C ILE GA 112 47.00 17.16 16.53
N GLN GA 113 48.24 17.51 16.85
CA GLN GA 113 49.03 18.27 15.89
C GLN GA 113 49.41 17.43 14.68
N ASP GA 114 49.56 16.11 14.86
CA ASP GA 114 49.77 15.25 13.70
C ASP GA 114 48.58 15.30 12.75
N GLU GA 115 47.37 15.23 13.32
CA GLU GA 115 46.18 15.35 12.47
C GLU GA 115 46.11 16.71 11.79
N ILE GA 116 46.46 17.77 12.54
CA ILE GA 116 46.45 19.11 11.96
C ILE GA 116 47.43 19.21 10.80
N LYS GA 117 48.64 18.67 10.98
CA LYS GA 117 49.63 18.70 9.93
C LYS GA 117 49.16 17.93 8.71
N SER GA 118 48.52 16.78 8.92
CA SER GA 118 48.01 16.02 7.79
C SER GA 118 46.98 16.83 7.00
N ARG GA 119 46.07 17.50 7.70
CA ARG GA 119 45.05 18.25 6.97
C ARG GA 119 45.63 19.49 6.29
N LEU GA 120 46.64 20.13 6.90
CA LEU GA 120 47.31 21.23 6.21
C LEU GA 120 48.01 20.73 4.95
N ASP GA 121 48.62 19.55 5.01
CA ASP GA 121 49.21 18.95 3.84
C ASP GA 121 48.16 18.71 2.76
N GLU GA 122 46.97 18.27 3.15
CA GLU GA 122 45.90 18.10 2.18
C GLU GA 122 45.50 19.42 1.54
N ILE GA 123 45.43 20.49 2.34
CA ILE GA 123 45.12 21.80 1.77
C ILE GA 123 46.14 22.17 0.72
N ASP GA 124 47.43 22.02 1.05
CA ASP GA 124 48.49 22.36 0.11
C ASP GA 124 48.41 21.50 -1.15
N ARG GA 125 48.16 20.20 -0.98
CA ARG GA 125 48.10 19.29 -2.11
C ARG GA 125 46.95 19.64 -3.05
N VAL GA 126 45.76 19.88 -2.49
CA VAL GA 126 44.62 20.22 -3.33
C VAL GA 126 44.88 21.52 -4.07
N SER GA 127 45.44 22.51 -3.37
CA SER GA 127 45.75 23.79 -4.00
C SER GA 127 46.72 23.61 -5.16
N GLY GA 128 47.79 22.84 -4.93
CA GLY GA 128 48.79 22.67 -5.96
C GLY GA 128 48.30 21.88 -7.16
N GLN GA 129 47.50 20.84 -6.92
CA GLN GA 129 47.16 19.89 -7.96
C GLN GA 129 45.82 20.16 -8.64
N THR GA 130 44.99 21.06 -8.13
CA THR GA 130 43.77 21.41 -8.84
C THR GA 130 44.13 22.03 -10.18
N GLN GA 131 43.53 21.52 -11.25
CA GLN GA 131 43.93 21.91 -12.60
C GLN GA 131 42.72 21.91 -13.51
N PHE GA 132 42.68 22.90 -14.42
CA PHE GA 132 41.65 22.98 -15.45
C PHE GA 132 42.35 23.27 -16.78
N ASN GA 133 42.26 22.32 -17.71
CA ASN GA 133 42.80 22.48 -19.06
C ASN GA 133 44.28 22.85 -19.03
N GLY GA 134 45.02 22.23 -18.13
CA GLY GA 134 46.45 22.48 -18.04
C GLY GA 134 46.84 23.77 -17.35
N VAL GA 135 45.90 24.46 -16.72
CA VAL GA 135 46.16 25.71 -16.01
C VAL GA 135 45.86 25.49 -14.54
N ASN GA 136 46.84 25.75 -13.68
CA ASN GA 136 46.67 25.63 -12.25
C ASN GA 136 45.94 26.88 -11.76
N VAL GA 137 44.65 26.74 -11.47
CA VAL GA 137 43.84 27.91 -11.14
C VAL GA 137 44.22 28.47 -9.77
N LEU GA 138 44.49 27.61 -8.81
CA LEU GA 138 44.76 28.05 -7.44
C LEU GA 138 46.24 28.23 -7.14
N ALA GA 139 47.13 27.95 -8.09
CA ALA GA 139 48.57 28.09 -7.85
C ALA GA 139 49.15 29.38 -8.40
N LYS GA 140 48.32 30.27 -8.95
CA LYS GA 140 48.80 31.51 -9.53
C LYS GA 140 47.92 32.65 -9.07
N ASP GA 141 48.51 33.85 -9.00
CA ASP GA 141 47.81 35.04 -8.55
C ASP GA 141 47.45 35.97 -9.71
N GLY GA 142 47.22 35.42 -10.89
CA GLY GA 142 46.98 36.19 -12.08
C GLY GA 142 45.51 36.43 -12.37
N SER GA 143 45.22 36.63 -13.65
CA SER GA 143 43.86 36.90 -14.09
C SER GA 143 43.64 36.25 -15.44
N MET GA 144 42.36 36.03 -15.74
CA MET GA 144 41.93 35.36 -16.96
C MET GA 144 40.99 36.28 -17.71
N LYS GA 145 41.10 36.30 -19.03
CA LYS GA 145 40.29 37.17 -19.88
C LYS GA 145 39.37 36.30 -20.72
N ILE GA 146 38.10 36.67 -20.78
CA ILE GA 146 37.10 35.96 -21.55
C ILE GA 146 36.54 36.91 -22.59
N GLN GA 147 36.58 36.52 -23.86
CA GLN GA 147 36.01 37.29 -24.94
C GLN GA 147 34.51 37.04 -24.98
N VAL GA 148 33.72 38.07 -24.74
CA VAL GA 148 32.28 37.94 -24.66
C VAL GA 148 31.54 38.71 -25.75
N GLY GA 149 32.19 39.65 -26.44
CA GLY GA 149 31.59 40.33 -27.57
C GLY GA 149 32.13 39.84 -28.89
N ALA GA 150 31.69 40.51 -29.95
CA ALA GA 150 32.12 40.18 -31.31
C ALA GA 150 33.25 41.06 -31.81
N ASN GA 151 33.59 42.11 -31.08
CA ASN GA 151 34.69 43.01 -31.45
C ASN GA 151 35.77 42.95 -30.39
N ASP GA 152 36.83 43.71 -30.60
CA ASP GA 152 37.95 43.72 -29.68
C ASP GA 152 37.64 44.56 -28.43
N GLY GA 153 38.11 44.09 -27.28
CA GLY GA 153 37.95 44.80 -26.04
C GLY GA 153 36.75 44.38 -25.21
N GLU GA 154 35.87 43.55 -25.76
CA GLU GA 154 34.71 43.06 -25.01
C GLU GA 154 35.17 41.84 -24.19
N THR GA 155 35.76 42.12 -23.05
CA THR GA 155 36.36 41.08 -22.23
C THR GA 155 35.86 41.18 -20.79
N ILE GA 156 35.80 40.03 -20.14
CA ILE GA 156 35.49 39.93 -18.71
C ILE GA 156 36.66 39.23 -18.03
N THR GA 157 37.10 39.78 -16.91
CA THR GA 157 38.28 39.26 -16.21
C THR GA 157 37.86 38.47 -14.97
N ILE GA 158 38.43 37.28 -14.84
CA ILE GA 158 38.31 36.47 -13.63
C ILE GA 158 39.63 36.54 -12.89
N ASP GA 159 39.61 37.02 -11.66
CA ASP GA 159 40.83 37.16 -10.88
C ASP GA 159 41.08 35.92 -10.04
N LEU GA 160 42.28 35.37 -10.12
CA LEU GA 160 42.64 34.21 -9.32
C LEU GA 160 43.62 34.62 -8.23
N LYS GA 161 43.56 33.92 -7.10
CA LYS GA 161 44.44 34.20 -5.99
C LYS GA 161 45.19 32.91 -5.61
N LYS GA 162 46.47 33.06 -5.30
CA LYS GA 162 47.31 31.93 -4.91
C LYS GA 162 46.93 31.51 -3.51
N ILE GA 163 46.15 30.45 -3.38
CA ILE GA 163 45.67 29.95 -2.10
C ILE GA 163 46.52 28.75 -1.71
N ASP GA 164 47.21 28.87 -0.59
CA ASP GA 164 47.99 27.78 -0.02
C ASP GA 164 48.27 28.14 1.44
N SER GA 165 49.17 27.39 2.07
CA SER GA 165 49.54 27.70 3.44
C SER GA 165 50.21 29.07 3.54
N ASP GA 166 51.12 29.37 2.60
CA ASP GA 166 51.92 30.58 2.71
C ASP GA 166 51.06 31.84 2.72
N THR GA 167 50.03 31.89 1.88
CA THR GA 167 49.17 33.06 1.82
C THR GA 167 48.08 33.05 2.88
N LEU GA 168 48.01 32.02 3.72
CA LEU GA 168 47.06 31.98 4.82
C LEU GA 168 47.79 31.91 6.17
N GLY GA 169 49.11 32.06 6.17
CA GLY GA 169 49.85 31.91 7.41
C GLY GA 169 50.04 30.44 7.74
N LEU GA 170 49.72 30.07 8.97
CA LEU GA 170 49.60 28.68 9.37
C LEU GA 170 50.87 27.86 9.12
N ASN GA 171 52.00 28.50 8.79
CA ASN GA 171 53.20 27.76 8.44
C ASN GA 171 53.68 26.89 9.60
N GLY GA 172 54.15 27.52 10.66
CA GLY GA 172 54.52 26.77 11.85
C GLY GA 172 53.37 26.73 12.83
N PHE GA 173 52.26 26.10 12.43
CA PHE GA 173 51.06 26.13 13.25
C PHE GA 173 51.27 25.11 14.37
N ASN GA 174 52.15 25.48 15.30
CA ASN GA 174 52.92 24.58 16.15
C ASN GA 174 52.18 24.17 17.42
N VAL GA 175 50.85 24.10 17.35
CA VAL GA 175 49.98 24.00 18.52
C VAL GA 175 50.48 23.00 19.56
N ASN GA 176 51.29 22.03 19.16
CA ASN GA 176 51.90 21.11 20.13
C ASN GA 176 53.18 21.65 20.75
N GLY GA 177 53.40 22.96 20.71
CA GLY GA 177 54.66 23.52 21.18
C GLY GA 177 54.74 23.61 22.70
N LYS GA 178 55.35 24.68 23.21
CA LYS GA 178 55.49 24.87 24.64
C LYS GA 178 54.87 26.18 25.09
N GLY GA 179 54.77 27.14 24.18
CA GLY GA 179 54.21 28.43 24.56
C GLY GA 179 55.15 29.19 25.48
N THR GA 180 54.57 30.15 26.20
CA THR GA 180 55.34 30.98 27.11
C THR GA 180 55.95 30.14 28.22
N ILE GA 181 57.27 30.19 28.36
CA ILE GA 181 58.01 29.41 29.34
C ILE GA 181 58.83 30.35 30.20
N THR GA 182 58.78 30.15 31.51
CA THR GA 182 59.57 30.95 32.43
C THR GA 182 61.01 30.47 32.41
N ASN GA 183 61.94 31.40 32.24
CA ASN GA 183 63.35 31.06 32.16
C ASN GA 183 63.98 31.01 33.55
N LYS GA 184 65.02 30.20 33.67
CA LYS GA 184 65.65 29.97 34.97
C LYS GA 184 66.48 31.19 35.38
N ALA GA 185 66.66 31.34 36.69
CA ALA GA 185 67.42 32.44 37.24
C ALA GA 185 68.92 32.26 36.97
N ALA GA 186 69.60 33.37 36.76
CA ALA GA 186 71.03 33.34 36.49
C ALA GA 186 71.82 32.99 37.74
N THR GA 187 73.06 32.54 37.53
CA THR GA 187 73.95 32.19 38.62
C THR GA 187 75.36 32.71 38.31
N VAL GA 188 76.27 32.50 39.25
CA VAL GA 188 77.61 33.03 39.11
C VAL GA 188 78.39 32.29 38.01
N SER GA 189 78.12 30.99 37.84
CA SER GA 189 78.87 30.21 36.86
C SER GA 189 78.64 30.73 35.45
N ASP GA 190 77.39 30.84 35.04
CA ASP GA 190 77.14 31.38 33.71
C ASP GA 190 77.29 32.90 33.66
N LEU GA 191 77.21 33.58 34.80
CA LEU GA 191 77.58 35.00 34.84
C LEU GA 191 79.03 35.20 34.42
N THR GA 192 79.93 34.36 34.93
CA THR GA 192 81.33 34.42 34.51
C THR GA 192 81.52 33.86 33.11
N SER GA 193 80.72 32.86 32.73
CA SER GA 193 80.79 32.34 31.37
C SER GA 193 80.45 33.41 30.34
N ALA GA 194 79.53 34.32 30.68
CA ALA GA 194 79.22 35.44 29.80
C ALA GA 194 80.38 36.40 29.64
N GLY GA 195 81.39 36.33 30.49
CA GLY GA 195 82.57 37.17 30.39
C GLY GA 195 82.75 38.22 31.46
N ALA GA 196 81.90 38.23 32.48
CA ALA GA 196 82.00 39.25 33.52
C ALA GA 196 83.23 39.01 34.40
N LYS GA 197 83.90 40.10 34.76
CA LYS GA 197 85.05 40.04 35.64
C LYS GA 197 84.63 40.27 37.09
N LEU GA 198 85.55 40.01 38.01
CA LEU GA 198 85.30 40.13 39.44
C LEU GA 198 85.98 41.39 39.95
N ASN GA 199 85.19 42.28 40.55
CA ASN GA 199 85.70 43.53 41.12
C ASN GA 199 86.03 43.27 42.58
N THR GA 200 87.33 43.15 42.89
CA THR GA 200 87.75 42.71 44.21
C THR GA 200 87.45 43.74 45.29
N THR GA 201 87.55 45.04 44.96
CA THR GA 201 87.38 46.06 46.00
C THR GA 201 85.95 46.09 46.52
N THR GA 202 84.97 45.64 45.73
CA THR GA 202 83.59 45.59 46.17
C THR GA 202 83.00 44.18 46.18
N GLY GA 203 83.64 43.20 45.53
CA GLY GA 203 83.14 41.85 45.50
C GLY GA 203 82.07 41.58 44.45
N LEU GA 204 81.67 42.59 43.69
CA LEU GA 204 80.63 42.44 42.69
C LEU GA 204 81.23 41.91 41.39
N TYR GA 205 80.37 41.68 40.40
CA TYR GA 205 80.79 41.22 39.09
C TYR GA 205 80.45 42.28 38.06
N ASP GA 206 81.46 42.71 37.31
CA ASP GA 206 81.30 43.77 36.32
C ASP GA 206 81.27 43.16 34.93
N LEU GA 207 80.22 43.48 34.18
CA LEU GA 207 80.08 43.05 32.79
C LEU GA 207 80.11 44.30 31.91
N LYS GA 208 81.04 44.31 30.95
CA LYS GA 208 81.24 45.44 30.05
C LYS GA 208 80.83 45.04 28.65
N THR GA 209 79.95 45.82 28.04
CA THR GA 209 79.40 45.51 26.72
C THR GA 209 79.99 46.51 25.72
N GLU GA 210 80.92 46.05 24.90
CA GLU GA 210 81.54 46.90 23.89
C GLU GA 210 80.58 47.13 22.73
N ASN GA 211 80.80 48.23 22.02
CA ASN GA 211 80.03 48.59 20.84
C ASN GA 211 80.98 48.78 19.66
N THR GA 212 80.61 48.25 18.51
CA THR GA 212 81.39 48.47 17.30
C THR GA 212 81.19 49.88 16.80
N LEU GA 213 82.28 50.50 16.36
CA LEU GA 213 82.22 51.87 15.88
C LEU GA 213 81.47 51.93 14.55
N LEU GA 214 80.79 53.06 14.33
CA LEU GA 214 79.95 53.21 13.15
C LEU GA 214 80.77 53.11 11.87
N THR GA 215 80.19 52.47 10.86
CA THR GA 215 80.86 52.23 9.60
C THR GA 215 80.05 52.79 8.45
N THR GA 216 80.72 52.99 7.31
CA THR GA 216 80.09 53.60 6.16
C THR GA 216 78.96 52.73 5.60
N ASP GA 217 79.15 51.41 5.59
CA ASP GA 217 78.11 50.53 5.09
C ASP GA 217 76.86 50.61 5.97
N ALA GA 218 77.05 50.62 7.29
CA ALA GA 218 75.90 50.76 8.19
C ALA GA 218 75.22 52.11 8.01
N ALA GA 219 76.01 53.17 7.82
CA ALA GA 219 75.43 54.49 7.56
C ALA GA 219 74.61 54.47 6.28
N PHE GA 220 75.11 53.82 5.23
CA PHE GA 220 74.37 53.74 3.97
C PHE GA 220 73.10 52.93 4.14
N ASP GA 221 73.13 51.87 4.95
CA ASP GA 221 71.92 51.12 5.23
C ASP GA 221 70.90 51.99 5.96
N LYS GA 222 71.37 52.83 6.88
CA LYS GA 222 70.49 53.72 7.62
C LYS GA 222 70.14 55.00 6.86
N LEU GA 223 70.70 55.19 5.67
CA LEU GA 223 70.44 56.40 4.91
C LEU GA 223 68.97 56.50 4.52
N GLY GA 224 68.46 57.73 4.47
CA GLY GA 224 67.09 57.99 4.09
C GLY GA 224 67.01 59.05 3.01
N ASN GA 225 65.77 59.39 2.65
CA ASN GA 225 65.53 60.38 1.61
C ASN GA 225 65.98 61.76 2.07
N GLY GA 226 66.56 62.52 1.15
CA GLY GA 226 67.02 63.86 1.44
C GLY GA 226 68.35 63.94 2.16
N ASP GA 227 69.01 62.81 2.43
CA ASP GA 227 70.27 62.83 3.14
C ASP GA 227 71.39 63.36 2.25
N LYS GA 228 72.42 63.92 2.87
CA LYS GA 228 73.53 64.53 2.18
C LYS GA 228 74.83 63.84 2.57
N VAL GA 229 75.58 63.40 1.57
CA VAL GA 229 76.89 62.79 1.79
C VAL GA 229 77.92 63.59 1.01
N THR GA 230 78.91 64.13 1.72
CA THR GA 230 79.95 64.95 1.12
C THR GA 230 81.29 64.25 1.32
N VAL GA 231 81.85 63.71 0.25
CA VAL GA 231 83.14 63.04 0.28
C VAL GA 231 84.04 63.67 -0.77
N GLY GA 232 85.27 64.01 -0.38
CA GLY GA 232 86.19 64.65 -1.31
C GLY GA 232 85.71 65.97 -1.84
N GLY GA 233 84.95 66.72 -1.05
CA GLY GA 233 84.44 68.01 -1.49
C GLY GA 233 83.28 67.93 -2.47
N VAL GA 234 82.73 66.75 -2.71
CA VAL GA 234 81.63 66.56 -3.65
C VAL GA 234 80.39 66.15 -2.86
N ASP GA 235 79.29 66.87 -3.08
CA ASP GA 235 78.05 66.65 -2.36
C ASP GA 235 77.12 65.78 -3.18
N TYR GA 236 76.52 64.78 -2.53
CA TYR GA 236 75.57 63.89 -3.16
C TYR GA 236 74.30 63.84 -2.30
N THR GA 237 73.15 63.89 -2.95
CA THR GA 237 71.86 63.88 -2.27
C THR GA 237 71.18 62.55 -2.53
N TYR GA 238 70.83 61.84 -1.46
CA TYR GA 238 70.21 60.53 -1.60
C TYR GA 238 68.77 60.66 -2.08
N ASN GA 239 68.32 59.66 -2.82
CA ASN GA 239 66.97 59.64 -3.38
C ASN GA 239 66.24 58.40 -2.87
N ALA GA 240 64.97 58.59 -2.51
CA ALA GA 240 64.17 57.46 -2.02
C ALA GA 240 63.68 56.56 -3.15
N LYS GA 241 63.66 57.07 -4.38
CA LYS GA 241 63.15 56.26 -5.49
C LYS GA 241 64.02 55.03 -5.72
N SER GA 242 65.34 55.19 -5.65
CA SER GA 242 66.24 54.07 -5.85
C SER GA 242 67.54 54.36 -5.12
N GLY GA 243 68.36 53.31 -4.97
CA GLY GA 243 69.62 53.44 -4.27
C GLY GA 243 70.67 54.16 -5.08
N ASP GA 244 70.47 55.47 -5.29
CA ASP GA 244 71.41 56.25 -6.06
C ASP GA 244 71.48 57.67 -5.50
N PHE GA 245 72.53 58.37 -5.88
CA PHE GA 245 72.78 59.74 -5.46
C PHE GA 245 72.62 60.69 -6.64
N THR GA 246 72.03 61.86 -6.37
CA THR GA 246 71.94 62.92 -7.35
C THR GA 246 72.88 64.04 -6.93
N THR GA 247 73.78 64.43 -7.82
CA THR GA 247 74.77 65.47 -7.54
C THR GA 247 74.73 66.52 -8.63
N THR GA 248 75.28 67.69 -8.33
CA THR GA 248 75.35 68.78 -9.29
C THR GA 248 76.76 68.90 -9.82
N LYS GA 249 76.92 68.73 -11.13
CA LYS GA 249 78.22 68.86 -11.78
C LYS GA 249 78.23 70.16 -12.57
N SER GA 250 79.17 71.04 -12.25
CA SER GA 250 79.23 72.36 -12.85
C SER GA 250 80.68 72.70 -13.16
N THR GA 251 80.85 73.69 -14.03
CA THR GA 251 82.17 74.16 -14.40
C THR GA 251 82.90 74.76 -13.20
N ALA GA 258 89.52 85.94 -15.91
CA ALA GA 258 89.12 85.69 -17.29
C ALA GA 258 90.26 85.07 -18.09
N ALA GA 259 91.43 85.70 -18.03
CA ALA GA 259 92.61 85.21 -18.74
C ALA GA 259 93.35 84.13 -17.96
N ALA GA 260 92.89 83.80 -16.76
CA ALA GA 260 93.52 82.76 -15.96
C ALA GA 260 93.07 81.39 -16.45
N GLN GA 261 93.39 80.34 -15.68
CA GLN GA 261 93.03 78.98 -16.06
C GLN GA 261 91.54 78.71 -15.99
N ALA GA 262 90.75 79.63 -15.41
CA ALA GA 262 89.32 79.38 -15.24
C ALA GA 262 88.61 79.21 -16.59
N ALA GA 263 88.85 80.13 -17.52
CA ALA GA 263 88.19 80.05 -18.82
C ALA GA 263 88.68 78.84 -19.61
N ASP GA 264 89.97 78.52 -19.52
CA ASP GA 264 90.49 77.34 -20.19
C ASP GA 264 89.85 76.07 -19.64
N SER GA 265 89.70 75.99 -18.31
CA SER GA 265 89.05 74.83 -17.71
C SER GA 265 87.59 74.76 -18.12
N ALA GA 266 86.91 75.91 -18.21
CA ALA GA 266 85.53 75.91 -18.67
C ALA GA 266 85.41 75.36 -20.08
N SER GA 267 86.29 75.82 -20.98
CA SER GA 267 86.27 75.33 -22.36
C SER GA 267 86.58 73.85 -22.43
N LYS GA 268 87.56 73.38 -21.65
CA LYS GA 268 87.91 71.97 -21.66
C LYS GA 268 86.77 71.11 -21.12
N ARG GA 269 86.09 71.59 -20.07
CA ARG GA 269 84.97 70.84 -19.52
C ARG GA 269 83.81 70.78 -20.50
N ASP GA 270 83.53 71.89 -21.18
CA ASP GA 270 82.49 71.88 -22.21
C ASP GA 270 82.85 70.91 -23.33
N ALA GA 271 84.13 70.90 -23.74
CA ALA GA 271 84.57 70.00 -24.80
C ALA GA 271 84.44 68.54 -24.39
N LEU GA 272 84.85 68.22 -23.15
CA LEU GA 272 84.74 66.83 -22.71
C LEU GA 272 83.28 66.40 -22.58
N ALA GA 273 82.41 67.28 -22.10
CA ALA GA 273 80.99 66.96 -22.06
C ALA GA 273 80.43 66.73 -23.46
N ALA GA 274 80.85 67.55 -24.41
CA ALA GA 274 80.42 67.36 -25.80
C ALA GA 274 80.90 66.02 -26.35
N THR GA 275 82.14 65.65 -26.06
CA THR GA 275 82.64 64.34 -26.51
C THR GA 275 81.84 63.22 -25.86
N LEU GA 276 81.51 63.37 -24.57
CA LEU GA 276 80.74 62.34 -23.88
C LEU GA 276 79.35 62.17 -24.49
N HIS GA 277 78.71 63.27 -24.85
CA HIS GA 277 77.38 63.18 -25.45
C HIS GA 277 77.44 62.90 -26.95
N ALA GA 278 78.62 62.93 -27.57
CA ALA GA 278 78.69 62.66 -29.01
C ALA GA 278 78.17 61.27 -29.35
N ASP GA 279 78.52 60.28 -28.54
CA ASP GA 279 78.06 58.91 -28.78
C ASP GA 279 76.64 58.78 -28.25
N VAL GA 280 75.67 58.65 -29.17
CA VAL GA 280 74.27 58.52 -28.83
C VAL GA 280 73.63 57.27 -29.42
N GLY GA 281 74.44 56.36 -29.96
CA GLY GA 281 73.88 55.21 -30.65
C GLY GA 281 73.18 55.64 -31.92
N LYS GA 282 71.85 55.60 -31.91
CA LYS GA 282 71.06 56.10 -33.01
C LYS GA 282 70.61 57.53 -32.70
N SER GA 283 69.74 58.08 -33.54
CA SER GA 283 69.31 59.46 -33.40
C SER GA 283 68.55 59.66 -32.09
N VAL GA 284 68.79 60.81 -31.44
CA VAL GA 284 68.15 61.15 -30.18
C VAL GA 284 67.56 62.56 -30.29
N ASN GA 285 66.67 62.88 -29.36
CA ASN GA 285 66.00 64.18 -29.37
C ASN GA 285 66.62 65.12 -28.34
N GLY GA 286 66.52 66.41 -28.63
CA GLY GA 286 66.95 67.43 -27.68
C GLY GA 286 66.19 68.71 -27.91
N SER GA 287 66.13 69.54 -26.87
CA SER GA 287 65.42 70.82 -26.92
C SER GA 287 66.34 71.92 -26.41
N TYR GA 288 66.61 72.90 -27.26
CA TYR GA 288 67.43 74.04 -26.92
C TYR GA 288 66.54 75.29 -26.90
N THR GA 289 66.53 75.99 -25.77
CA THR GA 289 65.69 77.16 -25.63
C THR GA 289 66.49 78.34 -25.09
N THR GA 290 66.32 79.49 -25.74
CA THR GA 290 66.88 80.74 -25.24
C THR GA 290 65.82 81.44 -24.39
N LYS GA 291 66.06 82.70 -24.06
CA LYS GA 291 65.10 83.46 -23.27
C LYS GA 291 63.82 83.73 -24.05
N ASP GA 292 63.85 83.60 -25.38
CA ASP GA 292 62.73 84.01 -26.21
C ASP GA 292 62.15 82.89 -27.08
N GLY GA 293 62.87 81.80 -27.31
CA GLY GA 293 62.42 80.80 -28.26
C GLY GA 293 62.79 79.39 -27.82
N THR GA 294 62.17 78.43 -28.49
CA THR GA 294 62.41 77.00 -28.27
C THR GA 294 62.65 76.33 -29.61
N VAL GA 295 63.62 75.41 -29.65
CA VAL GA 295 63.95 74.67 -30.86
C VAL GA 295 64.11 73.20 -30.49
N SER GA 296 63.51 72.32 -31.30
CA SER GA 296 63.65 70.88 -31.13
C SER GA 296 64.57 70.36 -32.22
N PHE GA 297 65.64 69.67 -31.81
CA PHE GA 297 66.67 69.22 -32.73
C PHE GA 297 66.96 67.74 -32.52
N GLU GA 298 67.22 67.04 -33.62
CA GLU GA 298 67.53 65.61 -33.60
C GLU GA 298 69.04 65.44 -33.69
N THR GA 299 69.67 65.10 -32.57
CA THR GA 299 71.10 64.81 -32.56
C THR GA 299 71.35 63.45 -33.21
N ASP GA 300 72.42 63.39 -34.00
CA ASP GA 300 72.80 62.18 -34.72
C ASP GA 300 74.01 61.54 -34.05
N SER GA 301 74.35 60.34 -34.52
CA SER GA 301 75.53 59.64 -34.02
C SER GA 301 76.79 60.43 -34.34
N ALA GA 302 77.77 60.32 -33.44
CA ALA GA 302 79.06 61.00 -33.51
C ALA GA 302 78.95 62.52 -33.40
N GLY GA 303 77.75 63.04 -33.16
CA GLY GA 303 77.59 64.47 -32.93
C GLY GA 303 77.18 65.25 -34.16
N ASN GA 304 75.90 65.64 -34.21
CA ASN GA 304 75.38 66.45 -35.31
C ASN GA 304 74.08 67.09 -34.86
N ILE GA 305 73.66 68.11 -35.62
CA ILE GA 305 72.44 68.84 -35.34
C ILE GA 305 71.53 68.73 -36.56
N THR GA 306 70.29 68.31 -36.33
CA THR GA 306 69.34 68.11 -37.42
C THR GA 306 67.95 68.54 -36.97
N ILE GA 307 67.34 69.44 -37.74
CA ILE GA 307 65.96 69.87 -37.49
C ILE GA 307 65.16 69.65 -38.78
N GLY GA 308 64.01 69.00 -38.64
CA GLY GA 308 63.15 68.77 -39.80
C GLY GA 308 63.80 67.94 -40.89
N GLY GA 309 64.64 66.99 -40.52
CA GLY GA 309 65.29 66.15 -41.51
C GLY GA 309 66.41 66.81 -42.28
N SER GA 310 66.82 68.02 -41.91
CA SER GA 310 67.84 68.76 -42.63
C SER GA 310 68.93 69.20 -41.65
N GLN GA 311 70.14 69.36 -42.18
CA GLN GA 311 71.25 69.82 -41.37
C GLN GA 311 70.99 71.24 -40.90
N ALA GA 312 71.26 71.49 -39.61
CA ALA GA 312 71.02 72.78 -39.00
C ALA GA 312 72.34 73.42 -38.58
N TYR GA 313 72.36 74.75 -38.60
CA TYR GA 313 73.56 75.51 -38.30
C TYR GA 313 73.27 76.46 -37.13
N VAL GA 314 74.30 76.69 -36.31
CA VAL GA 314 74.18 77.52 -35.12
C VAL GA 314 74.74 78.91 -35.40
N ASP GA 315 73.98 79.92 -35.00
CA ASP GA 315 74.41 81.30 -35.18
C ASP GA 315 75.53 81.64 -34.22
N ASP GA 316 76.30 82.67 -34.57
CA ASP GA 316 77.43 83.09 -33.73
C ASP GA 316 76.95 83.54 -32.36
N ALA GA 317 75.84 84.28 -32.30
CA ALA GA 317 75.30 84.72 -31.02
C ALA GA 317 74.73 83.58 -30.19
N GLY GA 318 74.48 82.43 -30.82
CA GLY GA 318 73.93 81.27 -30.13
C GLY GA 318 72.61 80.78 -30.66
N ASN GA 319 72.00 81.47 -31.61
CA ASN GA 319 70.73 81.03 -32.16
C ASN GA 319 70.93 79.81 -33.06
N LEU GA 320 69.86 79.03 -33.20
CA LEU GA 320 69.87 77.83 -34.02
C LEU GA 320 68.95 78.02 -35.22
N THR GA 321 69.45 77.75 -36.42
CA THR GA 321 68.70 77.95 -37.64
C THR GA 321 68.99 76.82 -38.62
N THR GA 322 68.09 76.66 -39.58
CA THR GA 322 68.21 75.60 -40.58
C THR GA 322 68.96 76.04 -41.84
N ASN GA 323 69.29 77.33 -41.96
CA ASN GA 323 69.98 77.84 -43.13
C ASN GA 323 71.19 78.65 -42.71
N ASN GA 324 72.26 78.55 -43.48
CA ASN GA 324 73.50 79.25 -43.16
C ASN GA 324 73.43 80.72 -43.60
N ALA GA 325 73.94 81.60 -42.75
CA ALA GA 325 73.99 83.03 -43.03
C ALA GA 325 75.38 83.54 -42.70
N GLY GA 326 75.97 84.30 -43.62
CA GLY GA 326 77.30 84.84 -43.40
C GLY GA 326 78.41 83.83 -43.45
N SER GA 327 78.18 82.68 -44.09
CA SER GA 327 79.19 81.62 -44.21
C SER GA 327 79.70 81.18 -42.84
N ALA GA 328 78.78 81.11 -41.87
CA ALA GA 328 79.09 80.68 -40.50
C ALA GA 328 78.08 79.60 -40.13
N ALA GA 329 78.38 78.36 -40.48
CA ALA GA 329 77.47 77.24 -40.26
C ALA GA 329 77.84 76.44 -39.02
N LYS GA 330 79.08 75.93 -38.96
CA LYS GA 330 79.61 75.12 -37.85
C LYS GA 330 78.56 74.18 -37.28
N ALA GA 331 78.05 73.32 -38.17
CA ALA GA 331 76.97 72.39 -37.83
C ALA GA 331 77.52 71.27 -36.96
N ASP GA 332 77.71 71.57 -35.68
CA ASP GA 332 78.20 70.59 -34.73
C ASP GA 332 77.66 70.93 -33.34
N MET GA 333 77.41 69.88 -32.56
CA MET GA 333 76.93 70.08 -31.19
C MET GA 333 78.02 70.65 -30.29
N LYS GA 334 79.29 70.30 -30.55
CA LYS GA 334 80.38 70.96 -29.85
C LYS GA 334 80.42 72.45 -30.14
N ALA GA 335 80.24 72.82 -31.41
CA ALA GA 335 80.19 74.24 -31.77
C ALA GA 335 79.00 74.93 -31.13
N LEU GA 336 77.86 74.24 -31.07
CA LEU GA 336 76.68 74.81 -30.41
C LEU GA 336 76.95 75.07 -28.93
N LEU GA 337 77.56 74.09 -28.26
CA LEU GA 337 77.88 74.26 -26.84
C LEU GA 337 78.85 75.40 -26.62
N LYS GA 338 79.89 75.48 -27.45
CA LYS GA 338 80.87 76.55 -27.31
C LYS GA 338 80.23 77.92 -27.55
N ALA GA 339 79.39 78.02 -28.57
CA ALA GA 339 78.72 79.28 -28.86
C ALA GA 339 77.77 79.68 -27.73
N ALA GA 340 77.05 78.71 -27.17
CA ALA GA 340 76.17 79.01 -26.04
C ALA GA 340 76.97 79.47 -24.84
N SER GA 341 78.09 78.80 -24.56
CA SER GA 341 78.92 79.19 -23.41
C SER GA 341 79.49 80.59 -23.58
N GLU GA 342 79.97 80.91 -24.79
CA GLU GA 342 80.59 82.21 -25.04
C GLU GA 342 79.57 83.28 -25.41
N GLY GA 343 78.29 82.94 -25.49
CA GLY GA 343 77.30 83.91 -25.91
C GLY GA 343 77.07 85.00 -24.88
N SER GA 344 76.52 86.10 -25.37
CA SER GA 344 76.21 87.23 -24.48
C SER GA 344 75.08 86.88 -23.52
N ASP GA 345 74.18 85.98 -23.93
CA ASP GA 345 73.03 85.60 -23.13
C ASP GA 345 73.02 84.08 -22.93
N GLY GA 346 72.66 83.65 -21.73
CA GLY GA 346 72.58 82.24 -21.44
C GLY GA 346 71.33 81.58 -22.01
N ALA GA 347 71.35 80.25 -22.03
CA ALA GA 347 70.24 79.47 -22.55
C ALA GA 347 70.14 78.16 -21.77
N SER GA 348 69.08 77.41 -22.04
CA SER GA 348 68.82 76.14 -21.38
C SER GA 348 68.72 75.03 -22.42
N LEU GA 349 69.46 73.95 -22.21
CA LEU GA 349 69.49 72.83 -23.14
C LEU GA 349 69.12 71.55 -22.41
N THR GA 350 68.10 70.86 -22.90
CA THR GA 350 67.61 69.62 -22.32
C THR GA 350 67.83 68.49 -23.30
N PHE GA 351 68.53 67.45 -22.86
CA PHE GA 351 68.76 66.27 -23.69
C PHE GA 351 67.62 65.27 -23.46
N ASN GA 352 67.82 64.03 -23.89
CA ASN GA 352 66.79 63.01 -23.75
C ASN GA 352 66.37 62.84 -22.28
N GLY GA 353 67.34 62.64 -21.39
CA GLY GA 353 67.04 62.40 -20.00
C GLY GA 353 67.29 63.58 -19.08
N THR GA 354 68.43 64.23 -19.24
CA THR GA 354 68.86 65.27 -18.32
C THR GA 354 68.69 66.66 -18.92
N GLU GA 355 68.83 67.67 -18.07
CA GLU GA 355 68.74 69.07 -18.47
C GLU GA 355 70.04 69.78 -18.11
N TYR GA 356 70.54 70.59 -19.03
CA TYR GA 356 71.80 71.31 -18.86
C TYR GA 356 71.53 72.80 -18.89
N THR GA 357 72.13 73.53 -17.95
CA THR GA 357 71.97 74.98 -17.87
C THR GA 357 73.32 75.64 -18.21
N ILE GA 358 73.26 76.65 -19.07
CA ILE GA 358 74.44 77.35 -19.55
C ILE GA 358 74.50 78.71 -18.85
N ALA GA 359 75.58 78.95 -18.11
CA ALA GA 359 75.76 80.22 -17.43
C ALA GA 359 76.15 81.30 -18.43
N LYS GA 360 75.68 82.52 -18.20
CA LYS GA 360 75.97 83.65 -19.06
C LYS GA 360 77.44 84.02 -18.99
N GLY GA 376 80.00 78.82 -18.29
CA GLY GA 376 80.07 77.52 -17.65
C GLY GA 376 78.85 76.67 -17.91
N ILE GA 377 78.94 75.39 -17.59
CA ILE GA 377 77.86 74.43 -17.77
C ILE GA 377 77.54 73.80 -16.43
N THR GA 378 76.25 73.60 -16.14
CA THR GA 378 75.84 72.88 -14.94
C THR GA 378 74.76 71.88 -15.29
N TYR GA 379 74.74 70.77 -14.57
CA TYR GA 379 73.75 69.73 -14.84
C TYR GA 379 73.63 68.81 -13.64
N GLN GA 380 72.44 68.24 -13.47
CA GLN GA 380 72.13 67.35 -12.35
C GLN GA 380 72.49 65.92 -12.75
N ALA GA 381 73.72 65.53 -12.46
CA ALA GA 381 74.16 64.18 -12.76
C ALA GA 381 73.66 63.21 -11.69
N THR GA 382 73.60 61.93 -12.06
CA THR GA 382 73.21 60.86 -11.15
C THR GA 382 74.30 59.81 -11.12
N VAL GA 383 74.74 59.45 -9.92
CA VAL GA 383 75.78 58.44 -9.74
C VAL GA 383 75.31 57.46 -8.67
N SER GA 384 75.54 56.17 -8.92
CA SER GA 384 75.09 55.15 -7.98
C SER GA 384 75.80 55.29 -6.63
N LYS GA 385 75.07 54.97 -5.56
CA LYS GA 385 75.62 55.07 -4.22
C LYS GA 385 76.74 54.07 -3.98
N ASP GA 386 76.82 53.02 -4.79
CA ASP GA 386 77.90 52.04 -4.63
C ASP GA 386 79.25 52.68 -4.87
N VAL GA 387 79.36 53.53 -5.90
CA VAL GA 387 80.62 54.21 -6.18
C VAL GA 387 80.99 55.12 -5.02
N VAL GA 388 80.02 55.86 -4.47
CA VAL GA 388 80.30 56.78 -3.38
C VAL GA 388 80.77 56.02 -2.15
N LEU GA 389 80.07 54.94 -1.79
CA LEU GA 389 80.48 54.19 -0.61
C LEU GA 389 81.83 53.53 -0.81
N SER GA 390 82.11 53.02 -2.01
CA SER GA 390 83.41 52.41 -2.27
C SER GA 390 84.53 53.43 -2.18
N GLU GA 391 84.34 54.62 -2.76
CA GLU GA 391 85.39 55.62 -2.70
C GLU GA 391 85.57 56.18 -1.29
N THR GA 392 84.51 56.19 -0.50
CA THR GA 392 84.65 56.58 0.90
C THR GA 392 85.41 55.53 1.70
N LYS GA 393 85.11 54.25 1.45
CA LYS GA 393 85.69 53.18 2.25
C LYS GA 393 87.15 52.94 1.88
N ALA GA 394 87.47 52.93 0.59
CA ALA GA 394 88.81 52.55 0.15
C ALA GA 394 89.84 53.62 0.50
N ALA GA 395 89.51 54.88 0.24
CA ALA GA 395 90.47 55.97 0.37
C ALA GA 395 90.44 56.54 1.79
N ALA GA 396 91.56 57.12 2.19
CA ALA GA 396 91.69 57.76 3.50
C ALA GA 396 91.21 59.22 3.43
N ALA GA 397 89.93 59.36 3.08
CA ALA GA 397 89.33 60.67 2.92
C ALA GA 397 88.63 61.09 4.20
N THR GA 398 87.98 62.25 4.17
CA THR GA 398 87.23 62.80 5.30
C THR GA 398 85.82 63.09 4.81
N SER GA 399 84.93 62.11 4.95
CA SER GA 399 83.57 62.25 4.48
C SER GA 399 82.66 62.78 5.58
N SER GA 400 81.51 63.31 5.17
CA SER GA 400 80.50 63.81 6.10
C SER GA 400 79.14 63.26 5.68
N ILE GA 401 78.40 62.72 6.65
CA ILE GA 401 77.09 62.13 6.39
C ILE GA 401 76.06 62.85 7.25
N THR GA 402 74.97 63.28 6.63
CA THR GA 402 73.92 64.02 7.32
C THR GA 402 72.64 63.20 7.30
N PHE GA 403 72.09 62.96 8.49
CA PHE GA 403 70.80 62.31 8.65
C PHE GA 403 69.74 63.37 8.93
N ASN GA 404 68.69 63.37 8.13
CA ASN GA 404 67.58 64.32 8.25
C ASN GA 404 66.28 63.55 8.34
N SER GA 405 65.50 63.84 9.37
CA SER GA 405 64.14 63.31 9.51
C SER GA 405 63.10 64.28 8.99
N GLY GA 406 63.52 65.37 8.34
CA GLY GA 406 62.67 66.44 7.92
C GLY GA 406 62.63 67.61 8.88
N VAL GA 407 62.89 67.34 10.16
CA VAL GA 407 62.98 68.38 11.19
C VAL GA 407 64.32 68.31 11.92
N LEU GA 408 64.70 67.11 12.35
CA LEU GA 408 65.89 66.91 13.17
C LEU GA 408 67.04 66.48 12.26
N SER GA 409 68.19 67.12 12.42
CA SER GA 409 69.34 66.89 11.55
C SER GA 409 70.58 66.61 12.39
N LYS GA 410 71.40 65.66 11.94
CA LYS GA 410 72.67 65.36 12.57
C LYS GA 410 73.73 65.14 11.51
N THR GA 411 74.89 65.75 11.68
CA THR GA 411 76.02 65.60 10.77
C THR GA 411 77.14 64.86 11.49
N ILE GA 412 77.66 63.81 10.85
CA ILE GA 412 78.70 62.96 11.43
C ILE GA 412 79.88 62.92 10.47
N GLY GA 413 81.07 63.16 11.00
CA GLY GA 413 82.28 63.04 10.21
C GLY GA 413 82.79 61.59 10.21
N PHE GA 414 83.41 61.20 9.10
CA PHE GA 414 83.88 59.84 8.92
C PHE GA 414 85.27 59.84 8.31
N THR GA 415 86.15 59.02 8.88
CA THR GA 415 87.45 58.72 8.30
C THR GA 415 87.28 57.52 7.37
N ALA GA 416 88.38 56.86 7.00
CA ALA GA 416 88.35 55.75 6.05
C ALA GA 416 87.72 54.53 6.74
N GLY GA 417 86.39 54.55 6.82
CA GLY GA 417 85.63 53.45 7.35
C GLY GA 417 85.11 53.65 8.77
N GLU GA 418 85.61 54.64 9.49
CA GLU GA 418 85.22 54.89 10.87
C GLU GA 418 84.89 56.37 11.04
N SER GA 419 84.56 56.76 12.26
CA SER GA 419 84.24 58.14 12.60
C SER GA 419 85.38 58.72 13.42
N SER GA 420 85.96 59.82 12.93
CA SER GA 420 87.06 60.49 13.60
C SER GA 420 86.71 61.89 14.06
N ASP GA 421 85.42 62.22 14.14
CA ASP GA 421 84.96 63.57 14.46
C ASP GA 421 84.86 63.81 15.96
N ALA GA 422 85.60 63.05 16.77
CA ALA GA 422 85.54 63.15 18.23
C ALA GA 422 84.13 62.88 18.76
N ALA GA 423 83.37 62.09 18.01
CA ALA GA 423 82.01 61.72 18.37
C ALA GA 423 81.95 60.21 18.62
N LYS GA 424 80.99 59.81 19.46
CA LYS GA 424 80.92 58.41 19.87
C LYS GA 424 80.45 57.52 18.72
N SER GA 425 79.22 57.74 18.25
CA SER GA 425 78.70 57.13 17.03
C SER GA 425 78.81 55.61 17.05
N TYR GA 426 78.05 55.00 17.96
CA TYR GA 426 77.99 53.55 18.08
C TYR GA 426 76.59 53.06 17.79
N VAL GA 427 76.51 51.89 17.15
CA VAL GA 427 75.25 51.38 16.60
C VAL GA 427 75.07 49.92 16.99
N ASP GA 428 76.11 49.32 17.56
CA ASP GA 428 76.17 47.86 17.69
C ASP GA 428 75.06 47.28 18.55
N ASP GA 429 74.44 48.07 19.43
CA ASP GA 429 73.50 47.54 20.39
C ASP GA 429 72.28 46.88 19.73
N LYS GA 430 71.45 47.68 19.07
CA LYS GA 430 70.27 47.14 18.39
C LYS GA 430 69.98 47.83 17.07
N GLY GA 431 70.85 48.72 16.61
CA GLY GA 431 70.56 49.56 15.46
C GLY GA 431 70.27 50.99 15.88
N GLY GA 432 70.63 51.92 15.02
CA GLY GA 432 70.53 53.33 15.33
C GLY GA 432 71.76 53.83 16.07
N ILE GA 433 72.03 55.13 15.90
CA ILE GA 433 73.24 55.74 16.45
C ILE GA 433 72.92 56.25 17.85
N THR GA 434 73.41 55.53 18.85
CA THR GA 434 73.10 55.83 20.24
C THR GA 434 74.25 56.51 20.98
N ASN GA 435 75.34 56.83 20.28
CA ASN GA 435 76.47 57.62 20.77
C ASN GA 435 76.79 57.35 22.26
N VAL GA 436 76.85 56.07 22.63
CA VAL GA 436 77.31 55.65 23.94
C VAL GA 436 78.58 54.84 23.77
N ALA GA 437 79.62 55.21 24.51
CA ALA GA 437 80.89 54.49 24.43
C ALA GA 437 80.73 53.05 24.92
N ASP GA 438 80.39 52.89 26.19
CA ASP GA 438 80.26 51.57 26.80
C ASP GA 438 79.58 51.72 28.14
N TYR GA 439 78.77 50.72 28.50
CA TYR GA 439 78.11 50.68 29.80
C TYR GA 439 78.53 49.40 30.51
N THR GA 440 78.84 49.53 31.80
CA THR GA 440 79.23 48.41 32.64
C THR GA 440 78.13 48.18 33.67
N VAL GA 441 77.64 46.95 33.75
CA VAL GA 441 76.59 46.58 34.70
C VAL GA 441 77.23 45.72 35.78
N SER GA 442 76.97 46.07 37.04
CA SER GA 442 77.51 45.35 38.17
C SER GA 442 76.42 44.50 38.80
N TYR GA 443 76.73 43.22 38.99
CA TYR GA 443 75.81 42.25 39.56
C TYR GA 443 76.32 41.83 40.93
N SER GA 444 75.41 41.77 41.89
CA SER GA 444 75.72 41.31 43.25
C SER GA 444 75.25 39.88 43.41
N VAL GA 445 76.14 39.03 43.92
CA VAL GA 445 75.85 37.61 44.10
C VAL GA 445 75.64 37.37 45.60
N ASN GA 446 74.47 36.86 45.94
CA ASN GA 446 74.16 36.52 47.33
C ASN GA 446 74.72 35.14 47.64
N LYS GA 447 75.74 35.10 48.50
CA LYS GA 447 76.44 33.86 48.79
C LYS GA 447 75.63 32.89 49.64
N ASP GA 448 74.51 33.33 50.21
CA ASP GA 448 73.68 32.42 51.00
C ASP GA 448 73.02 31.36 50.13
N ASN GA 449 72.44 31.77 49.01
CA ASN GA 449 71.73 30.86 48.13
C ASN GA 449 72.27 30.83 46.70
N GLY GA 450 73.04 31.82 46.28
CA GLY GA 450 73.53 31.91 44.93
C GLY GA 450 72.73 32.77 44.00
N SER GA 451 71.69 33.44 44.50
CA SER GA 451 70.89 34.31 43.65
C SER GA 451 71.69 35.53 43.21
N VAL GA 452 71.49 35.94 41.97
CA VAL GA 452 72.23 37.05 41.38
C VAL GA 452 71.25 38.17 41.05
N THR GA 453 71.54 39.38 41.52
CA THR GA 453 70.71 40.55 41.30
C THR GA 453 71.52 41.62 40.59
N VAL GA 454 70.82 42.68 40.20
CA VAL GA 454 71.43 43.83 39.52
C VAL GA 454 71.66 44.92 40.55
N ALA GA 455 72.92 45.36 40.67
CA ALA GA 455 73.26 46.41 41.64
C ALA GA 455 74.45 47.18 41.10
N GLY GA 456 74.19 48.34 40.49
CA GLY GA 456 75.25 49.21 40.02
C GLY GA 456 75.35 49.35 38.52
N TYR GA 457 75.41 50.59 38.06
CA TYR GA 457 75.53 50.91 36.63
C TYR GA 457 76.58 51.99 36.45
N ALA GA 458 77.48 51.78 35.49
CA ALA GA 458 78.54 52.74 35.21
C ALA GA 458 78.55 53.05 33.73
N SER GA 459 78.74 54.32 33.38
CA SER GA 459 78.79 54.74 31.99
C SER GA 459 79.89 55.78 31.82
N ALA GA 460 80.69 55.62 30.76
CA ALA GA 460 81.71 56.60 30.43
C ALA GA 460 81.13 57.88 29.86
N THR GA 461 79.86 57.86 29.45
CA THR GA 461 79.14 59.03 28.99
C THR GA 461 77.93 59.25 29.89
N ASP GA 462 77.19 60.33 29.62
CA ASP GA 462 75.97 60.59 30.39
C ASP GA 462 74.95 59.48 30.17
N THR GA 463 74.64 59.18 28.91
CA THR GA 463 73.87 58.02 28.49
C THR GA 463 72.40 58.17 28.90
N ASN GA 464 72.09 59.20 29.67
CA ASN GA 464 70.74 59.47 30.17
C ASN GA 464 70.12 58.24 30.84
N LYS GA 465 70.99 57.34 31.33
CA LYS GA 465 70.55 56.07 31.94
C LYS GA 465 69.62 55.31 31.01
N ASP GA 466 69.96 55.30 29.71
CA ASP GA 466 69.15 54.57 28.74
C ASP GA 466 69.22 53.07 28.97
N TYR GA 467 70.42 52.54 29.23
CA TYR GA 467 70.62 51.11 29.41
C TYR GA 467 70.81 50.73 30.87
N ALA GA 468 70.25 51.50 31.80
CA ALA GA 468 70.42 51.22 33.21
C ALA GA 468 69.15 50.59 33.77
N PRO GA 469 69.14 49.29 34.05
CA PRO GA 469 67.98 48.69 34.72
C PRO GA 469 67.89 49.15 36.17
N ALA GA 470 66.68 49.08 36.72
CA ALA GA 470 66.50 49.38 38.13
C ALA GA 470 67.26 48.38 38.98
N ILE GA 471 67.98 48.90 39.98
CA ILE GA 471 68.77 48.04 40.84
C ILE GA 471 67.86 47.18 41.71
N GLY GA 472 68.40 46.04 42.15
CA GLY GA 472 67.65 45.13 42.99
C GLY GA 472 66.72 44.19 42.26
N THR GA 473 66.82 44.10 40.94
CA THR GA 473 65.97 43.22 40.15
C THR GA 473 66.73 41.95 39.82
N ALA GA 474 66.13 40.80 40.15
CA ALA GA 474 66.77 39.51 39.93
C ALA GA 474 66.96 39.28 38.43
N VAL GA 475 68.17 38.92 38.05
CA VAL GA 475 68.49 38.67 36.65
C VAL GA 475 68.34 37.18 36.35
N ASN GA 476 67.96 36.86 35.12
CA ASN GA 476 67.76 35.49 34.67
C ASN GA 476 68.58 35.24 33.41
N VAL GA 477 68.39 34.05 32.83
CA VAL GA 477 69.10 33.64 31.63
C VAL GA 477 68.08 33.43 30.52
N ASN GA 478 68.32 34.05 29.37
CA ASN GA 478 67.40 33.95 28.25
C ASN GA 478 67.50 32.57 27.62
N SER GA 479 66.67 32.35 26.60
CA SER GA 479 66.67 31.07 25.90
C SER GA 479 67.99 30.83 25.18
N ALA GA 480 68.56 31.88 24.59
CA ALA GA 480 69.82 31.77 23.86
C ALA GA 480 71.03 31.77 24.78
N GLY GA 481 70.82 31.74 26.10
CA GLY GA 481 71.92 31.74 27.04
C GLY GA 481 72.40 33.11 27.47
N LYS GA 482 71.83 34.18 26.94
CA LYS GA 482 72.24 35.52 27.33
C LYS GA 482 71.73 35.85 28.73
N ILE GA 483 72.33 36.88 29.32
CA ILE GA 483 71.98 37.33 30.66
C ILE GA 483 71.00 38.48 30.51
N THR GA 484 69.78 38.29 30.98
CA THR GA 484 68.70 39.25 30.74
C THR GA 484 67.77 39.25 31.93
N THR GA 485 67.01 40.34 32.09
CA THR GA 485 66.21 40.56 33.28
C THR GA 485 64.76 40.08 33.19
N GLU GA 486 64.16 40.07 32.00
CA GLU GA 486 62.76 39.71 31.90
C GLU GA 486 62.59 38.19 31.89
N THR GA 487 61.44 37.74 32.40
CA THR GA 487 61.15 36.33 32.56
C THR GA 487 60.16 35.79 31.54
N THR GA 488 59.77 36.58 30.54
CA THR GA 488 58.77 36.14 29.57
C THR GA 488 59.25 34.94 28.76
N SER GA 489 60.28 35.14 27.94
CA SER GA 489 60.88 34.07 27.14
C SER GA 489 59.82 33.35 26.30
N ALA GA 490 59.28 34.09 25.35
CA ALA GA 490 58.19 33.59 24.51
C ALA GA 490 58.62 32.32 23.77
N GLY GA 491 57.70 31.36 23.70
CA GLY GA 491 57.97 30.06 23.11
C GLY GA 491 57.63 29.99 21.63
N SER GA 492 57.38 28.77 21.17
CA SER GA 492 57.18 28.51 19.74
C SER GA 492 55.75 28.19 19.36
N ALA GA 493 54.87 27.91 20.32
CA ALA GA 493 53.48 27.64 19.99
C ALA GA 493 52.82 28.88 19.41
N THR GA 494 51.93 28.65 18.44
CA THR GA 494 51.28 29.76 17.76
C THR GA 494 50.45 30.59 18.74
N THR GA 495 50.53 31.91 18.59
CA THR GA 495 49.94 32.81 19.59
C THR GA 495 48.42 32.72 19.59
N ASN GA 496 47.80 33.04 18.46
CA ASN GA 496 46.34 33.12 18.36
C ASN GA 496 45.87 32.23 17.23
N PRO GA 497 45.85 30.92 17.46
CA PRO GA 497 45.47 29.99 16.38
C PRO GA 497 44.08 30.24 15.86
N LEU GA 498 43.14 30.55 16.75
CA LEU GA 498 41.77 30.77 16.32
C LEU GA 498 41.66 32.02 15.47
N ALA GA 499 42.38 33.08 15.83
CA ALA GA 499 42.38 34.29 15.01
C ALA GA 499 42.99 34.02 13.64
N ALA GA 500 44.09 33.28 13.59
CA ALA GA 500 44.70 32.97 12.29
C ALA GA 500 43.75 32.16 11.41
N LEU GA 501 43.08 31.16 12.01
CA LEU GA 501 42.14 30.35 11.24
C LEU GA 501 40.94 31.18 10.78
N ASP GA 502 40.49 32.12 11.61
CA ASP GA 502 39.42 33.01 11.18
C ASP GA 502 39.84 33.86 9.99
N ASP GA 503 41.07 34.37 10.01
CA ASP GA 503 41.55 35.14 8.86
C ASP GA 503 41.61 34.29 7.62
N ALA GA 504 42.09 33.04 7.74
CA ALA GA 504 42.13 32.15 6.58
C ALA GA 504 40.73 31.88 6.03
N ILE GA 505 39.78 31.58 6.90
CA ILE GA 505 38.42 31.31 6.46
C ILE GA 505 37.82 32.53 5.79
N SER GA 506 38.09 33.72 6.34
CA SER GA 506 37.59 34.94 5.74
C SER GA 506 38.15 35.14 4.33
N SER GA 507 39.44 34.87 4.16
CA SER GA 507 40.02 35.00 2.82
C SER GA 507 39.37 34.03 1.84
N ILE GA 508 39.16 32.79 2.27
CA ILE GA 508 38.52 31.81 1.40
C ILE GA 508 37.13 32.26 1.01
N ASP GA 509 36.36 32.76 1.99
CA ASP GA 509 35.00 33.20 1.71
C ASP GA 509 34.97 34.38 0.77
N LYS GA 510 35.90 35.33 0.94
CA LYS GA 510 35.94 36.48 0.04
C LYS GA 510 36.22 36.04 -1.40
N PHE GA 511 37.18 35.13 -1.58
CA PHE GA 511 37.51 34.69 -2.93
C PHE GA 511 36.35 33.91 -3.55
N ARG GA 512 35.67 33.09 -2.74
CA ARG GA 512 34.49 32.38 -3.23
C ARG GA 512 33.38 33.34 -3.64
N SER GA 513 33.16 34.39 -2.86
CA SER GA 513 32.15 35.38 -3.20
C SER GA 513 32.49 36.08 -4.52
N SER GA 514 33.77 36.41 -4.71
CA SER GA 514 34.18 37.03 -5.96
C SER GA 514 33.90 36.11 -7.15
N LEU GA 515 34.22 34.82 -7.01
CA LEU GA 515 33.94 33.88 -8.08
C LEU GA 515 32.45 33.76 -8.37
N GLY GA 516 31.63 33.74 -7.31
CA GLY GA 516 30.19 33.65 -7.52
C GLY GA 516 29.64 34.86 -8.24
N ALA GA 517 30.09 36.05 -7.86
CA ALA GA 517 29.65 37.26 -8.57
C ALA GA 517 30.05 37.22 -10.04
N ILE GA 518 31.29 36.80 -10.31
CA ILE GA 518 31.73 36.70 -11.70
C ILE GA 518 30.85 35.71 -12.46
N GLN GA 519 30.52 34.58 -11.84
CA GLN GA 519 29.68 33.59 -12.52
C GLN GA 519 28.30 34.15 -12.85
N ASN GA 520 27.69 34.85 -11.89
CA ASN GA 520 26.38 35.44 -12.15
C ASN GA 520 26.43 36.43 -13.30
N ARG GA 521 27.43 37.31 -13.28
CA ARG GA 521 27.53 38.31 -14.35
C ARG GA 521 27.79 37.64 -15.69
N LEU GA 522 28.55 36.54 -15.70
CA LEU GA 522 28.82 35.83 -16.95
C LEU GA 522 27.55 35.17 -17.50
N ASP GA 523 26.73 34.61 -16.61
CA ASP GA 523 25.48 34.01 -17.05
C ASP GA 523 24.54 35.07 -17.63
N SER GA 524 24.49 36.23 -16.99
CA SER GA 524 23.69 37.32 -17.56
C SER GA 524 24.20 37.72 -18.94
N ALA GA 525 25.52 37.74 -19.11
CA ALA GA 525 26.09 38.01 -20.42
C ALA GA 525 25.66 36.96 -21.44
N VAL GA 526 25.62 35.69 -21.04
CA VAL GA 526 25.18 34.63 -21.94
C VAL GA 526 23.76 34.88 -22.41
N THR GA 527 22.87 35.20 -21.47
CA THR GA 527 21.48 35.44 -21.82
C THR GA 527 21.35 36.62 -22.79
N ASN GA 528 22.07 37.71 -22.52
CA ASN GA 528 22.02 38.85 -23.42
C ASN GA 528 22.52 38.49 -24.81
N LEU GA 529 23.60 37.69 -24.88
CA LEU GA 529 24.14 37.28 -26.17
C LEU GA 529 23.11 36.48 -26.95
N ASN GA 530 22.41 35.56 -26.29
CA ASN GA 530 21.40 34.76 -26.98
C ASN GA 530 20.28 35.65 -27.52
N ASN GA 531 19.80 36.59 -26.70
CA ASN GA 531 18.75 37.48 -27.18
C ASN GA 531 19.21 38.30 -28.38
N THR GA 532 20.42 38.85 -28.32
CA THR GA 532 20.93 39.66 -29.41
C THR GA 532 21.09 38.82 -30.68
N THR GA 533 21.56 37.58 -30.54
CA THR GA 533 21.69 36.70 -31.69
C THR GA 533 20.34 36.44 -32.34
N THR GA 534 19.31 36.18 -31.52
CA THR GA 534 17.98 35.96 -32.08
C THR GA 534 17.49 37.19 -32.85
N ASN GA 535 17.67 38.38 -32.27
CA ASN GA 535 17.20 39.59 -32.94
C ASN GA 535 17.97 39.87 -34.23
N LEU GA 536 19.28 39.62 -34.23
CA LEU GA 536 20.05 39.85 -35.45
C LEU GA 536 19.66 38.85 -36.53
N SER GA 537 19.36 37.60 -36.16
CA SER GA 537 18.86 36.66 -37.15
C SER GA 537 17.51 37.12 -37.69
N GLU GA 538 16.67 37.68 -36.82
CA GLU GA 538 15.43 38.31 -37.26
C GLU GA 538 15.68 39.34 -38.36
N ALA GA 539 16.61 40.26 -38.10
CA ALA GA 539 16.87 41.32 -39.06
C ALA GA 539 17.43 40.79 -40.37
N GLN GA 540 18.34 39.81 -40.28
CA GLN GA 540 18.90 39.22 -41.50
C GLN GA 540 17.81 38.54 -42.32
N SER GA 541 16.87 37.87 -41.65
CA SER GA 541 15.76 37.27 -42.37
C SER GA 541 14.88 38.33 -43.00
N ARG GA 542 14.72 39.47 -42.31
CA ARG GA 542 13.97 40.58 -42.90
C ARG GA 542 14.60 41.03 -44.21
N ILE GA 543 15.93 41.12 -44.23
CA ILE GA 543 16.60 41.60 -45.43
C ILE GA 543 16.58 40.56 -46.54
N GLN GA 544 17.04 39.34 -46.23
CA GLN GA 544 17.17 38.25 -47.19
C GLN GA 544 15.86 37.46 -47.24
N ASP GA 545 15.91 36.23 -47.73
CA ASP GA 545 14.81 35.27 -47.65
C ASP GA 545 13.59 35.75 -48.45
N ALA GA 546 13.77 35.71 -49.76
CA ALA GA 546 12.72 36.08 -50.71
C ALA GA 546 11.39 35.41 -50.38
N ASP GA 547 10.30 36.07 -50.78
CA ASP GA 547 8.94 35.63 -50.49
C ASP GA 547 8.50 34.59 -51.52
N TYR GA 548 8.47 33.32 -51.10
CA TYR GA 548 8.16 32.24 -52.03
C TYR GA 548 6.85 32.48 -52.76
N ALA GA 549 5.84 33.04 -52.10
CA ALA GA 549 4.61 33.38 -52.81
C ALA GA 549 4.89 34.36 -53.94
N THR GA 550 5.70 35.38 -53.66
CA THR GA 550 5.97 36.41 -54.66
C THR GA 550 6.71 35.84 -55.86
N GLU GA 551 7.79 35.08 -55.63
CA GLU GA 551 8.49 34.54 -56.80
C GLU GA 551 7.74 33.40 -57.48
N VAL GA 552 6.90 32.64 -56.77
CA VAL GA 552 6.06 31.66 -57.46
C VAL GA 552 5.11 32.36 -58.42
N SER GA 553 4.46 33.43 -57.96
CA SER GA 553 3.59 34.19 -58.85
C SER GA 553 4.39 34.77 -60.02
N ASN GA 554 5.58 35.30 -59.73
CA ASN GA 554 6.39 35.92 -60.77
C ASN GA 554 6.77 34.91 -61.83
N MET GA 555 7.23 33.71 -61.42
CA MET GA 555 7.63 32.73 -62.42
C MET GA 555 6.43 32.20 -63.18
N SER GA 556 5.27 32.09 -62.52
CA SER GA 556 4.08 31.61 -63.23
C SER GA 556 3.70 32.57 -64.34
N LYS GA 557 3.61 33.86 -64.02
CA LYS GA 557 3.26 34.82 -65.06
C LYS GA 557 4.38 34.95 -66.10
N ALA GA 558 5.63 34.76 -65.69
CA ALA GA 558 6.73 34.79 -66.66
C ALA GA 558 6.63 33.63 -67.64
N GLN GA 559 6.33 32.43 -67.16
CA GLN GA 559 6.16 31.29 -68.05
C GLN GA 559 4.98 31.51 -69.00
N ILE GA 560 3.88 32.07 -68.49
CA ILE GA 560 2.74 32.32 -69.36
C ILE GA 560 3.10 33.35 -70.42
N ILE GA 561 3.81 34.41 -70.04
CA ILE GA 561 4.22 35.41 -71.02
C ILE GA 561 5.15 34.79 -72.06
N GLN GA 562 6.03 33.89 -71.63
CA GLN GA 562 6.93 33.23 -72.57
C GLN GA 562 6.16 32.39 -73.57
N GLN GA 563 5.20 31.59 -73.09
CA GLN GA 563 4.43 30.75 -74.00
C GLN GA 563 3.60 31.58 -74.96
N ALA GA 564 2.97 32.65 -74.46
CA ALA GA 564 2.20 33.52 -75.33
C ALA GA 564 3.09 34.19 -76.37
N GLY GA 565 4.27 34.64 -75.94
CA GLY GA 565 5.18 35.26 -76.88
C GLY GA 565 5.66 34.30 -77.94
N ASN GA 566 5.89 33.04 -77.57
CA ASN GA 566 6.31 32.05 -78.55
C ASN GA 566 5.20 31.74 -79.55
N SER GA 567 3.96 31.63 -79.06
CA SER GA 567 2.85 31.40 -79.99
C SER GA 567 2.67 32.56 -80.94
N VAL GA 568 2.72 33.79 -80.42
CA VAL GA 568 2.62 34.97 -81.27
C VAL GA 568 3.82 35.04 -82.21
N LEU GA 569 4.99 34.60 -81.76
CA LEU GA 569 6.16 34.57 -82.62
C LEU GA 569 5.97 33.61 -83.78
N ALA GA 570 5.38 32.46 -83.51
CA ALA GA 570 5.06 31.54 -84.61
C ALA GA 570 4.04 32.15 -85.56
N LYS GA 571 3.04 32.86 -85.03
CA LYS GA 571 2.06 33.52 -85.90
C LYS GA 571 2.73 34.58 -86.76
N ALA GA 572 3.70 35.30 -86.22
CA ALA GA 572 4.42 36.30 -87.00
C ALA GA 572 5.35 35.65 -88.02
N ASN GA 573 6.10 34.63 -87.60
CA ASN GA 573 6.93 33.86 -88.52
C ASN GA 573 6.11 33.13 -89.56
N GLN GA 574 4.78 33.11 -89.41
CA GLN GA 574 3.95 32.86 -90.57
C GLN GA 574 4.07 34.10 -91.45
N VAL GA 575 5.28 34.30 -91.96
CA VAL GA 575 5.73 35.51 -92.64
C VAL GA 575 4.95 35.62 -93.94
N PRO GA 576 4.87 36.81 -94.57
CA PRO GA 576 3.90 36.95 -95.66
C PRO GA 576 4.16 35.98 -96.80
N GLN GA 577 3.25 35.03 -96.94
CA GLN GA 577 3.26 34.07 -98.02
C GLN GA 577 2.22 34.39 -99.07
N GLN GA 578 1.31 35.32 -98.78
CA GLN GA 578 0.36 35.77 -99.78
C GLN GA 578 1.04 36.40 -100.98
N VAL GA 579 2.29 36.85 -100.82
CA VAL GA 579 3.06 37.31 -101.96
C VAL GA 579 3.26 36.17 -102.95
N LEU GA 580 3.45 34.95 -102.45
CA LEU GA 580 3.55 33.80 -103.32
C LEU GA 580 2.27 33.62 -104.14
N SER GA 581 1.12 33.79 -103.49
CA SER GA 581 -0.16 33.72 -104.20
C SER GA 581 -0.26 34.83 -105.24
N LEU GA 582 0.18 36.04 -104.89
CA LEU GA 582 0.16 37.14 -105.84
C LEU GA 582 1.02 36.86 -107.05
N LEU GA 583 2.09 36.09 -106.87
CA LEU GA 583 3.04 35.88 -107.95
C LEU GA 583 2.41 35.21 -109.16
N GLN GA 584 1.72 34.07 -108.95
CA GLN GA 584 1.22 33.34 -110.11
C GLN GA 584 0.04 34.01 -110.78
N GLY GA 585 -0.53 35.06 -110.16
CA GLY GA 585 -1.66 35.76 -110.75
C GLY GA 585 -1.29 36.57 -111.98
N MET HA 1 -27.85 8.73 -89.65
CA MET HA 1 -26.79 9.70 -89.44
C MET HA 1 -26.28 10.24 -90.77
N ALA HA 2 -25.75 9.35 -91.61
CA ALA HA 2 -25.24 9.77 -92.92
C ALA HA 2 -26.35 10.36 -93.79
N GLN HA 3 -27.60 9.94 -93.58
CA GLN HA 3 -28.68 10.45 -94.41
C GLN HA 3 -29.04 11.89 -94.06
N VAL HA 4 -29.12 12.20 -92.77
CA VAL HA 4 -29.78 13.40 -92.29
C VAL HA 4 -28.84 14.15 -91.35
N ILE HA 5 -28.93 15.47 -91.35
CA ILE HA 5 -28.20 16.30 -90.40
C ILE HA 5 -29.11 17.17 -89.54
N ASN HA 6 -30.40 17.28 -89.88
CA ASN HA 6 -31.27 18.18 -89.13
C ASN HA 6 -31.59 17.64 -87.74
N THR HA 7 -31.56 16.33 -87.56
CA THR HA 7 -31.86 15.72 -86.26
C THR HA 7 -30.79 14.67 -85.95
N ASN HA 8 -30.71 14.30 -84.68
CA ASN HA 8 -29.80 13.25 -84.23
C ASN HA 8 -30.56 12.36 -83.25
N SER HA 9 -31.08 11.25 -83.76
CA SER HA 9 -31.76 10.29 -82.90
C SER HA 9 -30.84 9.76 -81.80
N LEU HA 10 -29.57 9.51 -82.14
CA LEU HA 10 -28.63 9.03 -81.14
C LEU HA 10 -28.46 10.06 -80.02
N SER HA 11 -28.33 11.33 -80.39
CA SER HA 11 -28.20 12.37 -79.36
C SER HA 11 -29.45 12.45 -78.50
N LEU HA 12 -30.63 12.39 -79.11
CA LEU HA 12 -31.86 12.50 -78.33
C LEU HA 12 -32.01 11.33 -77.36
N ILE HA 13 -31.74 10.11 -77.84
CA ILE HA 13 -31.86 8.94 -76.98
C ILE HA 13 -30.84 9.00 -75.85
N THR HA 14 -29.61 9.43 -76.17
CA THR HA 14 -28.59 9.54 -75.14
C THR HA 14 -28.97 10.57 -74.08
N GLN HA 15 -29.54 11.70 -74.51
CA GLN HA 15 -29.98 12.71 -73.56
C GLN HA 15 -31.08 12.17 -72.65
N ASN HA 16 -32.02 11.41 -73.22
CA ASN HA 16 -33.07 10.82 -72.41
C ASN HA 16 -32.49 9.88 -71.36
N ASN HA 17 -31.56 9.03 -71.78
CA ASN HA 17 -30.96 8.08 -70.84
C ASN HA 17 -30.17 8.80 -69.75
N ILE HA 18 -29.47 9.88 -70.13
CA ILE HA 18 -28.71 10.66 -69.16
C ILE HA 18 -29.64 11.26 -68.12
N ASN HA 19 -30.78 11.82 -68.56
CA ASN HA 19 -31.73 12.39 -67.61
C ASN HA 19 -32.29 11.32 -66.68
N LYS HA 20 -32.61 10.15 -67.23
CA LYS HA 20 -33.14 9.06 -66.42
C LYS HA 20 -32.13 8.66 -65.34
N ASN HA 21 -30.85 8.59 -65.70
CA ASN HA 21 -29.84 8.29 -64.69
C ASN HA 21 -29.70 9.43 -63.68
N GLN HA 22 -29.80 10.67 -64.15
CA GLN HA 22 -29.60 11.82 -63.27
C GLN HA 22 -30.65 11.87 -62.17
N SER HA 23 -31.88 11.43 -62.47
CA SER HA 23 -32.90 11.38 -61.43
C SER HA 23 -32.43 10.53 -60.25
N ALA HA 24 -31.96 9.32 -60.53
CA ALA HA 24 -31.49 8.44 -59.46
C ALA HA 24 -30.23 8.96 -58.80
N LEU HA 25 -29.35 9.60 -59.58
CA LEU HA 25 -28.16 10.21 -58.99
C LEU HA 25 -28.53 11.23 -57.92
N SER HA 26 -29.45 12.14 -58.27
CA SER HA 26 -29.89 13.15 -57.31
C SER HA 26 -30.55 12.51 -56.10
N SER HA 27 -31.40 11.51 -56.33
CA SER HA 27 -32.06 10.85 -55.19
C SER HA 27 -31.03 10.24 -54.25
N SER HA 28 -30.04 9.55 -54.80
CA SER HA 28 -29.03 8.89 -53.96
C SER HA 28 -28.19 9.90 -53.18
N ILE HA 29 -27.77 10.99 -53.84
CA ILE HA 29 -26.95 11.98 -53.14
C ILE HA 29 -27.75 12.63 -52.02
N GLU HA 30 -29.01 12.98 -52.29
CA GLU HA 30 -29.83 13.57 -51.23
C GLU HA 30 -30.04 12.60 -50.08
N ARG HA 31 -30.27 11.31 -50.39
CA ARG HA 31 -30.47 10.31 -49.36
C ARG HA 31 -29.23 10.17 -48.49
N LEU HA 32 -28.05 10.15 -49.11
CA LEU HA 32 -26.82 10.05 -48.32
C LEU HA 32 -26.60 11.29 -47.47
N SER HA 33 -26.87 12.47 -48.01
CA SER HA 33 -26.65 13.70 -47.26
C SER HA 33 -27.56 13.77 -46.04
N SER HA 34 -28.83 13.42 -46.21
CA SER HA 34 -29.76 13.51 -45.10
C SER HA 34 -29.58 12.39 -44.10
N GLY HA 35 -29.25 11.18 -44.57
CA GLY HA 35 -29.18 10.04 -43.68
C GLY HA 35 -30.51 9.39 -43.38
N LEU HA 36 -31.55 9.70 -44.14
CA LEU HA 36 -32.89 9.20 -43.90
C LEU HA 36 -33.41 8.49 -45.14
N ARG HA 37 -33.96 7.29 -44.96
CA ARG HA 37 -34.51 6.55 -46.09
C ARG HA 37 -35.74 7.24 -46.66
N ILE HA 38 -36.68 7.62 -45.80
CA ILE HA 38 -37.91 8.29 -46.21
C ILE HA 38 -37.68 9.78 -46.11
N ASN HA 39 -37.58 10.45 -47.25
CA ASN HA 39 -37.22 11.86 -47.29
C ASN HA 39 -38.17 12.58 -48.21
N SER HA 40 -38.84 13.62 -47.69
CA SER HA 40 -39.74 14.49 -48.44
C SER HA 40 -40.94 13.75 -49.01
N ALA HA 41 -41.13 12.47 -48.64
CA ALA HA 41 -42.31 11.68 -49.00
C ALA HA 41 -42.55 11.62 -50.51
N LYS HA 42 -41.48 11.65 -51.31
CA LYS HA 42 -41.60 11.36 -52.74
C LYS HA 42 -41.63 9.87 -53.00
N ASP HA 43 -41.81 9.11 -51.92
CA ASP HA 43 -41.72 7.66 -51.90
C ASP HA 43 -42.84 7.17 -50.98
N ASP HA 44 -42.73 5.94 -50.48
CA ASP HA 44 -43.79 5.36 -49.68
C ASP HA 44 -44.20 6.28 -48.53
N ALA HA 45 -45.43 6.79 -48.60
CA ALA HA 45 -45.93 7.73 -47.62
C ALA HA 45 -46.42 7.07 -46.34
N ALA HA 46 -46.79 5.80 -46.42
CA ALA HA 46 -47.13 5.06 -45.20
C ALA HA 46 -45.96 5.01 -44.26
N GLY HA 47 -44.75 4.85 -44.79
CA GLY HA 47 -43.56 4.91 -43.96
C GLY HA 47 -43.39 6.25 -43.26
N GLN HA 48 -43.65 7.33 -43.99
CA GLN HA 48 -43.57 8.66 -43.40
C GLN HA 48 -44.56 8.82 -42.26
N ALA HA 49 -45.81 8.40 -42.49
CA ALA HA 49 -46.83 8.53 -41.47
C ALA HA 49 -46.50 7.69 -40.23
N ILE HA 50 -46.04 6.46 -40.44
CA ILE HA 50 -45.72 5.59 -39.32
C ILE HA 50 -44.51 6.13 -38.56
N ALA HA 51 -43.55 6.71 -39.27
CA ALA HA 51 -42.41 7.32 -38.61
C ALA HA 51 -42.84 8.50 -37.75
N ASN HA 52 -43.78 9.31 -38.25
CA ASN HA 52 -44.29 10.41 -37.44
C ASN HA 52 -44.98 9.90 -36.19
N ARG HA 53 -45.80 8.85 -36.33
CA ARG HA 53 -46.45 8.27 -35.16
C ARG HA 53 -45.43 7.77 -34.15
N PHE HA 54 -44.39 7.10 -34.63
CA PHE HA 54 -43.36 6.59 -33.73
C PHE HA 54 -42.63 7.72 -33.02
N THR HA 55 -42.33 8.80 -33.74
CA THR HA 55 -41.67 9.94 -33.11
C THR HA 55 -42.55 10.53 -32.01
N SER HA 56 -43.84 10.68 -32.28
CA SER HA 56 -44.75 11.18 -31.27
C SER HA 56 -44.77 10.28 -30.04
N ASN HA 57 -44.84 8.97 -30.26
CA ASN HA 57 -44.87 8.03 -29.15
C ASN HA 57 -43.59 8.11 -28.33
N ILE HA 58 -42.43 8.19 -29.00
CA ILE HA 58 -41.16 8.21 -28.29
C ILE HA 58 -41.05 9.46 -27.43
N LYS HA 59 -41.38 10.62 -27.99
CA LYS HA 59 -41.28 11.85 -27.22
C LYS HA 59 -42.24 11.83 -26.03
N GLY HA 60 -43.47 11.37 -26.26
CA GLY HA 60 -44.43 11.30 -25.17
C GLY HA 60 -43.97 10.38 -24.05
N LEU HA 61 -43.42 9.22 -24.41
CA LEU HA 61 -42.98 8.28 -23.38
C LEU HA 61 -41.79 8.83 -22.60
N THR HA 62 -40.87 9.53 -23.27
CA THR HA 62 -39.76 10.14 -22.56
C THR HA 62 -40.26 11.17 -21.54
N GLN HA 63 -41.18 12.03 -21.96
CA GLN HA 63 -41.69 13.04 -21.04
C GLN HA 63 -42.45 12.37 -19.89
N ALA HA 64 -43.15 11.27 -20.18
CA ALA HA 64 -43.86 10.55 -19.13
C ALA HA 64 -42.88 9.96 -18.11
N ALA HA 65 -41.74 9.46 -18.58
CA ALA HA 65 -40.73 8.96 -17.66
C ALA HA 65 -40.22 10.08 -16.75
N ARG HA 66 -40.00 11.26 -17.30
CA ARG HA 66 -39.60 12.39 -16.46
C ARG HA 66 -40.67 12.71 -15.41
N ASN HA 67 -41.94 12.69 -15.81
CA ASN HA 67 -43.02 12.96 -14.87
C ASN HA 67 -43.03 11.92 -13.75
N ALA HA 68 -42.83 10.65 -14.09
CA ALA HA 68 -42.78 9.62 -13.08
C ALA HA 68 -41.63 9.83 -12.09
N ASN HA 69 -40.48 10.29 -12.61
CA ASN HA 69 -39.38 10.62 -11.71
C ASN HA 69 -39.77 11.72 -10.73
N ASP HA 70 -40.48 12.75 -11.23
CA ASP HA 70 -40.96 13.79 -10.32
C ASP HA 70 -41.88 13.23 -9.25
N GLY HA 71 -42.77 12.31 -9.64
CA GLY HA 71 -43.64 11.69 -8.66
C GLY HA 71 -42.87 10.93 -7.59
N ILE HA 72 -41.83 10.21 -7.99
CA ILE HA 72 -40.99 9.52 -7.02
C ILE HA 72 -40.38 10.51 -6.05
N SER HA 73 -39.93 11.66 -6.55
CA SER HA 73 -39.36 12.68 -5.68
C SER HA 73 -40.39 13.15 -4.64
N VAL HA 74 -41.63 13.38 -5.09
CA VAL HA 74 -42.69 13.80 -4.18
C VAL HA 74 -42.87 12.77 -3.07
N ALA HA 75 -42.94 11.49 -3.45
CA ALA HA 75 -43.14 10.44 -2.46
C ALA HA 75 -42.00 10.40 -1.47
N GLN HA 76 -40.76 10.57 -1.94
CA GLN HA 76 -39.61 10.55 -1.05
C GLN HA 76 -39.71 11.66 -0.01
N THR HA 77 -40.03 12.87 -0.46
CA THR HA 77 -40.10 13.99 0.48
C THR HA 77 -41.18 13.76 1.53
N THR HA 78 -42.37 13.33 1.10
CA THR HA 78 -43.44 13.10 2.06
C THR HA 78 -43.07 12.04 3.06
N GLU HA 79 -42.41 10.97 2.60
CA GLU HA 79 -42.07 9.88 3.50
C GLU HA 79 -41.00 10.31 4.50
N GLY HA 80 -40.07 11.16 4.10
CA GLY HA 80 -39.10 11.67 5.06
C GLY HA 80 -39.75 12.47 6.17
N ALA HA 81 -40.67 13.37 5.79
CA ALA HA 81 -41.40 14.11 6.81
C ALA HA 81 -42.16 13.18 7.74
N LEU HA 82 -42.77 12.13 7.17
CA LEU HA 82 -43.52 11.18 7.98
C LEU HA 82 -42.62 10.44 8.96
N SER HA 83 -41.40 10.10 8.53
CA SER HA 83 -40.47 9.42 9.43
C SER HA 83 -40.14 10.31 10.62
N GLU HA 84 -39.92 11.61 10.38
CA GLU HA 84 -39.67 12.50 11.51
C GLU HA 84 -40.87 12.55 12.46
N ILE HA 85 -42.08 12.63 11.90
CA ILE HA 85 -43.28 12.66 12.74
C ILE HA 85 -43.37 11.38 13.58
N ASN HA 86 -43.03 10.24 12.98
CA ASN HA 86 -43.11 8.98 13.70
C ASN HA 86 -42.11 8.94 14.87
N ASN HA 87 -40.90 9.45 14.65
CA ASN HA 87 -39.94 9.51 15.74
C ASN HA 87 -40.48 10.36 16.89
N ASN HA 88 -41.08 11.51 16.56
CA ASN HA 88 -41.67 12.35 17.60
C ASN HA 88 -42.75 11.61 18.37
N LEU HA 89 -43.61 10.87 17.66
CA LEU HA 89 -44.68 10.14 18.32
C LEU HA 89 -44.13 9.08 19.27
N GLN HA 90 -43.08 8.37 18.83
CA GLN HA 90 -42.48 7.36 19.70
C GLN HA 90 -41.94 7.99 20.98
N ARG HA 91 -41.27 9.14 20.85
CA ARG HA 91 -40.76 9.80 22.05
C ARG HA 91 -41.89 10.24 22.98
N ILE HA 92 -42.98 10.74 22.39
CA ILE HA 92 -44.13 11.13 23.22
C ILE HA 92 -44.69 9.92 23.97
N ARG HA 93 -44.75 8.77 23.30
CA ARG HA 93 -45.27 7.58 23.98
C ARG HA 93 -44.36 7.19 25.13
N GLU HA 94 -43.05 7.25 24.94
CA GLU HA 94 -42.15 6.94 26.04
C GLU HA 94 -42.36 7.89 27.22
N LEU HA 95 -42.53 9.18 26.94
CA LEU HA 95 -42.81 10.14 28.00
C LEU HA 95 -44.10 9.79 28.74
N THR HA 96 -45.14 9.40 27.99
CA THR HA 96 -46.41 9.05 28.63
C THR HA 96 -46.25 7.83 29.53
N VAL HA 97 -45.50 6.83 29.06
CA VAL HA 97 -45.26 5.64 29.87
C VAL HA 97 -44.57 6.02 31.17
N GLN HA 98 -43.62 6.96 31.10
CA GLN HA 98 -43.00 7.42 32.34
C GLN HA 98 -44.01 8.16 33.22
N ALA HA 99 -44.83 9.01 32.61
CA ALA HA 99 -45.68 9.91 33.40
C ALA HA 99 -46.80 9.17 34.13
N THR HA 100 -47.29 8.08 33.55
CA THR HA 100 -48.42 7.38 34.15
C THR HA 100 -48.10 6.76 35.51
N THR HA 101 -46.82 6.66 35.88
CA THR HA 101 -46.46 6.12 37.19
C THR HA 101 -46.96 7.03 38.30
N GLY HA 102 -47.47 6.42 39.37
CA GLY HA 102 -47.99 7.17 40.50
C GLY HA 102 -46.96 7.71 41.46
N THR HA 103 -45.68 7.39 41.26
CA THR HA 103 -44.64 7.94 42.12
C THR HA 103 -44.35 9.40 41.78
N ASN HA 104 -44.57 9.80 40.53
CA ASN HA 104 -44.30 11.16 40.11
C ASN HA 104 -45.19 12.14 40.85
N SER HA 105 -44.64 13.32 41.11
CA SER HA 105 -45.37 14.37 41.80
C SER HA 105 -45.95 15.37 40.79
N ASP HA 106 -46.61 16.41 41.30
CA ASP HA 106 -47.29 17.36 40.42
C ASP HA 106 -46.30 18.12 39.55
N SER HA 107 -45.18 18.56 40.14
CA SER HA 107 -44.19 19.29 39.35
C SER HA 107 -43.58 18.39 38.26
N ASP HA 108 -43.32 17.13 38.61
CA ASP HA 108 -42.77 16.21 37.62
C ASP HA 108 -43.75 15.99 36.48
N LEU HA 109 -45.04 15.82 36.80
CA LEU HA 109 -46.04 15.66 35.76
C LEU HA 109 -46.13 16.92 34.89
N ASP HA 110 -46.01 18.09 35.52
CA ASP HA 110 -46.05 19.33 34.77
C ASP HA 110 -44.90 19.42 33.78
N SER HA 111 -43.69 19.07 34.22
CA SER HA 111 -42.54 19.10 33.32
C SER HA 111 -42.72 18.11 32.17
N ILE HA 112 -43.20 16.89 32.49
CA ILE HA 112 -43.39 15.89 31.44
C ILE HA 112 -44.41 16.38 30.43
N GLN HA 113 -45.52 16.97 30.90
CA GLN HA 113 -46.53 17.45 29.97
C GLN HA 113 -46.03 18.65 29.18
N ASP HA 114 -45.13 19.44 29.74
CA ASP HA 114 -44.51 20.52 28.97
C ASP HA 114 -43.72 19.95 27.80
N GLU HA 115 -42.94 18.90 28.06
CA GLU HA 115 -42.19 18.26 26.98
C GLU HA 115 -43.15 17.67 25.94
N ILE HA 116 -44.24 17.05 26.40
CA ILE HA 116 -45.21 16.45 25.48
C ILE HA 116 -45.84 17.54 24.61
N LYS HA 117 -46.21 18.66 25.20
CA LYS HA 117 -46.80 19.76 24.43
C LYS HA 117 -45.81 20.29 23.42
N SER HA 118 -44.54 20.41 23.80
CA SER HA 118 -43.53 20.88 22.85
C SER HA 118 -43.42 19.95 21.66
N ARG HA 119 -43.41 18.64 21.90
CA ARG HA 119 -43.27 17.72 20.77
C ARG HA 119 -44.53 17.67 19.92
N LEU HA 120 -45.71 17.81 20.52
CA LEU HA 120 -46.93 17.93 19.73
C LEU HA 120 -46.89 19.17 18.85
N ASP HA 121 -46.39 20.28 19.40
CA ASP HA 121 -46.23 21.48 18.59
C ASP HA 121 -45.27 21.24 17.44
N GLU HA 122 -44.20 20.48 17.67
CA GLU HA 122 -43.29 20.14 16.58
C GLU HA 122 -43.99 19.32 15.51
N ILE HA 123 -44.82 18.35 15.91
CA ILE HA 123 -45.56 17.57 14.93
C ILE HA 123 -46.43 18.47 14.07
N ASP HA 124 -47.17 19.37 14.71
CA ASP HA 124 -48.04 20.29 13.97
C ASP HA 124 -47.22 21.19 13.05
N ARG HA 125 -46.08 21.69 13.53
CA ARG HA 125 -45.27 22.60 12.74
C ARG HA 125 -44.72 21.90 11.50
N VAL HA 126 -44.18 20.69 11.68
CA VAL HA 126 -43.65 19.95 10.53
C VAL HA 126 -44.75 19.67 9.53
N SER HA 127 -45.93 19.27 10.02
CA SER HA 127 -47.05 19.01 9.12
C SER HA 127 -47.43 20.25 8.33
N GLY HA 128 -47.51 21.39 9.00
CA GLY HA 128 -47.91 22.62 8.32
C GLY HA 128 -46.86 23.11 7.33
N GLN HA 129 -45.59 22.98 7.67
CA GLN HA 129 -44.53 23.63 6.92
C GLN HA 129 -43.88 22.76 5.86
N THR HA 130 -44.08 21.43 5.90
CA THR HA 130 -43.52 20.59 4.86
C THR HA 130 -44.13 20.97 3.51
N GLN HA 131 -43.29 21.21 2.52
CA GLN HA 131 -43.74 21.76 1.26
C GLN HA 131 -42.89 21.23 0.12
N PHE HA 132 -43.53 20.95 -1.02
CA PHE HA 132 -42.86 20.52 -2.24
C PHE HA 132 -43.39 21.36 -3.39
N ASN HA 133 -42.53 22.18 -3.98
CA ASN HA 133 -42.89 22.99 -5.15
C ASN HA 133 -44.12 23.84 -4.90
N GLY HA 134 -44.22 24.40 -3.69
CA GLY HA 134 -45.34 25.24 -3.35
C GLY HA 134 -46.62 24.51 -2.99
N VAL HA 135 -46.57 23.19 -2.83
CA VAL HA 135 -47.74 22.39 -2.48
C VAL HA 135 -47.50 21.77 -1.11
N ASN HA 136 -48.43 22.01 -0.19
CA ASN HA 136 -48.35 21.43 1.15
C ASN HA 136 -48.84 19.99 1.07
N VAL HA 137 -47.90 19.05 1.10
CA VAL HA 137 -48.25 17.65 0.89
C VAL HA 137 -49.04 17.09 2.08
N LEU HA 138 -48.67 17.48 3.29
CA LEU HA 138 -49.27 16.91 4.49
C LEU HA 138 -50.45 17.71 5.03
N ALA HA 139 -50.76 18.86 4.44
CA ALA HA 139 -51.83 19.72 4.95
C ALA HA 139 -53.14 19.56 4.20
N LYS HA 140 -53.22 18.66 3.22
CA LYS HA 140 -54.43 18.49 2.43
C LYS HA 140 -54.75 17.01 2.32
N ASP HA 141 -56.04 16.70 2.18
CA ASP HA 141 -56.52 15.33 2.04
C ASP HA 141 -56.88 14.98 0.61
N GLY HA 142 -56.20 15.60 -0.36
CA GLY HA 142 -56.50 15.41 -1.76
C GLY HA 142 -55.69 14.31 -2.41
N SER HA 143 -55.54 14.44 -3.73
CA SER HA 143 -54.80 13.45 -4.51
C SER HA 143 -54.07 14.15 -5.64
N MET HA 144 -53.03 13.50 -6.12
CA MET HA 144 -52.18 14.00 -7.19
C MET HA 144 -52.20 13.02 -8.35
N LYS HA 145 -52.21 13.53 -9.56
CA LYS HA 145 -52.27 12.70 -10.76
C LYS HA 145 -50.96 12.84 -11.52
N ILE HA 146 -50.40 11.70 -11.93
CA ILE HA 146 -49.16 11.66 -12.67
C ILE HA 146 -49.43 11.05 -14.03
N GLN HA 147 -49.04 11.76 -15.08
CA GLN HA 147 -49.15 11.25 -16.45
C GLN HA 147 -47.99 10.31 -16.73
N VAL HA 148 -48.30 9.04 -17.00
CA VAL HA 148 -47.26 8.05 -17.24
C VAL HA 148 -47.30 7.47 -18.65
N GLY HA 149 -48.37 7.69 -19.41
CA GLY HA 149 -48.43 7.24 -20.79
C GLY HA 149 -48.32 8.38 -21.78
N ALA HA 150 -48.43 8.03 -23.06
CA ALA HA 150 -48.34 9.01 -24.13
C ALA HA 150 -49.70 9.48 -24.62
N ASN HA 151 -50.79 8.88 -24.15
CA ASN HA 151 -52.13 9.30 -24.49
C ASN HA 151 -52.86 9.75 -23.22
N ASP HA 152 -54.07 10.26 -23.40
CA ASP HA 152 -54.84 10.76 -22.26
C ASP HA 152 -55.49 9.62 -21.48
N GLY HA 153 -55.52 9.76 -20.17
CA GLY HA 153 -56.07 8.76 -19.28
C GLY HA 153 -55.07 7.84 -18.65
N GLU HA 154 -53.81 7.89 -19.07
CA GLU HA 154 -52.75 7.05 -18.50
C GLU HA 154 -52.16 7.77 -17.29
N THR HA 155 -52.83 7.63 -16.16
CA THR HA 155 -52.46 8.37 -14.96
C THR HA 155 -52.35 7.43 -13.77
N ILE HA 156 -51.53 7.85 -12.81
CA ILE HA 156 -51.41 7.18 -11.51
C ILE HA 156 -51.72 8.20 -10.43
N THR HA 157 -52.53 7.80 -9.47
CA THR HA 157 -53.00 8.71 -8.42
C THR HA 157 -52.26 8.43 -7.11
N ILE HA 158 -51.73 9.48 -6.51
CA ILE HA 158 -51.14 9.44 -5.18
C ILE HA 158 -52.11 10.11 -4.22
N ASP HA 159 -52.52 9.38 -3.19
CA ASP HA 159 -53.45 9.93 -2.20
C ASP HA 159 -52.68 10.54 -1.04
N LEU HA 160 -53.02 11.77 -0.67
CA LEU HA 160 -52.42 12.44 0.47
C LEU HA 160 -53.45 12.53 1.59
N LYS HA 161 -52.96 12.48 2.83
CA LYS HA 161 -53.82 12.57 4.00
C LYS HA 161 -53.38 13.73 4.87
N LYS HA 162 -54.35 14.44 5.42
CA LYS HA 162 -54.07 15.59 6.28
C LYS HA 162 -53.62 15.05 7.63
N ILE HA 163 -52.31 15.08 7.87
CA ILE HA 163 -51.72 14.55 9.09
C ILE HA 163 -51.40 15.72 10.00
N ASP HA 164 -52.02 15.75 11.18
CA ASP HA 164 -51.75 16.76 12.19
C ASP HA 164 -52.29 16.22 13.51
N SER HA 165 -52.38 17.10 14.51
CA SER HA 165 -52.97 16.70 15.78
C SER HA 165 -54.45 16.35 15.62
N ASP HA 166 -55.19 17.16 14.86
CA ASP HA 166 -56.64 17.00 14.80
C ASP HA 166 -57.04 15.63 14.25
N THR HA 167 -56.34 15.15 13.22
CA THR HA 167 -56.66 13.86 12.64
C THR HA 167 -56.04 12.69 13.38
N LEU HA 168 -55.28 12.96 14.46
CA LEU HA 168 -54.75 11.90 15.31
C LEU HA 168 -55.29 12.00 16.72
N GLY HA 169 -56.26 12.88 16.96
CA GLY HA 169 -56.74 13.08 18.32
C GLY HA 169 -55.77 13.96 19.08
N LEU HA 170 -55.38 13.49 20.27
CA LEU HA 170 -54.27 14.08 21.02
C LEU HA 170 -54.46 15.57 21.32
N ASN HA 171 -55.65 16.12 21.11
CA ASN HA 171 -55.83 17.56 21.24
C ASN HA 171 -55.55 18.04 22.65
N GLY HA 172 -56.38 17.64 23.61
CA GLY HA 172 -56.11 17.95 25.00
C GLY HA 172 -55.42 16.78 25.67
N PHE HA 173 -54.20 16.48 25.24
CA PHE HA 173 -53.52 15.30 25.74
C PHE HA 173 -53.00 15.64 27.13
N ASN HA 174 -53.92 15.71 28.09
CA ASN HA 174 -53.83 16.48 29.32
C ASN HA 174 -53.13 15.71 30.43
N VAL HA 175 -52.18 14.83 30.08
CA VAL HA 175 -51.61 13.83 30.98
C VAL HA 175 -51.28 14.38 32.37
N ASN HA 176 -51.06 15.69 32.47
CA ASN HA 176 -50.85 16.31 33.77
C ASN HA 176 -52.15 16.69 34.48
N GLY HA 177 -53.27 16.10 34.10
CA GLY HA 177 -54.55 16.49 34.66
C GLY HA 177 -54.80 15.98 36.06
N LYS HA 178 -56.03 15.58 36.34
CA LYS HA 178 -56.38 15.07 37.66
C LYS HA 178 -57.03 13.70 37.56
N GLY HA 179 -57.63 13.41 36.41
CA GLY HA 179 -58.29 12.11 36.26
C GLY HA 179 -59.54 12.02 37.11
N THR HA 180 -59.93 10.77 37.39
CA THR HA 180 -61.13 10.52 38.17
C THR HA 180 -60.95 11.04 39.60
N ILE HA 181 -61.85 11.93 40.00
CA ILE HA 181 -61.80 12.56 41.32
C ILE HA 181 -63.13 12.33 42.02
N THR HA 182 -63.08 11.90 43.28
CA THR HA 182 -64.29 11.69 44.06
C THR HA 182 -64.85 13.03 44.52
N ASN HA 183 -66.14 13.23 44.29
CA ASN HA 183 -66.77 14.49 44.64
C ASN HA 183 -67.24 14.48 46.09
N LYS HA 184 -67.29 15.68 46.68
CA LYS HA 184 -67.65 15.81 48.08
C LYS HA 184 -69.15 15.58 48.29
N ALA HA 185 -69.49 15.16 49.50
CA ALA HA 185 -70.88 14.88 49.84
C ALA HA 185 -71.68 16.16 49.97
N ALA HA 186 -72.95 16.09 49.62
CA ALA HA 186 -73.83 17.25 49.69
C ALA HA 186 -74.19 17.57 51.14
N THR HA 187 -74.68 18.79 51.35
CA THR HA 187 -75.08 19.26 52.67
C THR HA 187 -76.35 20.09 52.55
N VAL HA 188 -76.84 20.55 53.69
CA VAL HA 188 -78.10 21.30 53.71
C VAL HA 188 -77.93 22.67 53.07
N SER HA 189 -76.75 23.29 53.21
CA SER HA 189 -76.56 24.64 52.69
C SER HA 189 -76.71 24.67 51.18
N ASP HA 190 -75.95 23.82 50.47
CA ASP HA 190 -76.10 23.80 49.02
C ASP HA 190 -77.35 23.05 48.59
N LEU HA 191 -77.92 22.20 49.44
CA LEU HA 191 -79.23 21.64 49.15
C LEU HA 191 -80.28 22.73 49.03
N THR HA 192 -80.27 23.69 49.96
CA THR HA 192 -81.17 24.83 49.88
C THR HA 192 -80.77 25.79 48.77
N SER HA 193 -79.47 25.93 48.51
CA SER HA 193 -79.02 26.77 47.41
C SER HA 193 -79.54 26.25 46.07
N ALA HA 194 -79.66 24.93 45.92
CA ALA HA 194 -80.23 24.35 44.71
C ALA HA 194 -81.71 24.68 44.55
N GLY HA 195 -82.38 25.14 45.60
CA GLY HA 195 -83.77 25.54 45.52
C GLY HA 195 -84.76 24.66 46.26
N ALA HA 196 -84.28 23.67 47.02
CA ALA HA 196 -85.19 22.77 47.73
C ALA HA 196 -85.87 23.50 48.89
N LYS HA 197 -87.14 23.22 49.08
CA LYS HA 197 -87.90 23.79 50.19
C LYS HA 197 -87.92 22.82 51.37
N LEU HA 198 -88.37 23.31 52.51
CA LEU HA 198 -88.42 22.53 53.75
C LEU HA 198 -89.85 22.12 54.02
N ASN HA 199 -90.09 20.82 54.16
CA ASN HA 199 -91.41 20.28 54.46
C ASN HA 199 -91.55 20.19 55.97
N THR HA 200 -92.33 21.12 56.55
CA THR HA 200 -92.42 21.19 58.00
C THR HA 200 -93.12 19.98 58.59
N THR HA 201 -94.05 19.37 57.86
CA THR HA 201 -94.80 18.24 58.40
C THR HA 201 -93.91 17.02 58.63
N THR HA 202 -92.83 16.89 57.85
CA THR HA 202 -91.92 15.76 57.99
C THR HA 202 -90.48 16.16 58.32
N GLY HA 203 -90.11 17.42 58.11
CA GLY HA 203 -88.75 17.86 58.34
C GLY HA 203 -87.80 17.59 57.20
N LEU HA 204 -88.25 16.96 56.13
CA LEU HA 204 -87.40 16.65 55.00
C LEU HA 204 -87.29 17.86 54.06
N TYR HA 205 -86.47 17.71 53.02
CA TYR HA 205 -86.28 18.76 52.03
C TYR HA 205 -86.78 18.27 50.68
N ASP HA 206 -87.72 19.01 50.10
CA ASP HA 206 -88.34 18.64 48.83
C ASP HA 206 -87.75 19.47 47.71
N LEU HA 207 -87.26 18.79 46.68
CA LEU HA 207 -86.75 19.44 45.48
C LEU HA 207 -87.63 19.03 44.31
N LYS HA 208 -88.18 20.02 43.61
CA LYS HA 208 -89.10 19.82 42.51
C LYS HA 208 -88.42 20.23 41.22
N THR HA 209 -88.39 19.34 40.24
CA THR HA 209 -87.70 19.56 38.97
C THR HA 209 -88.74 19.74 37.87
N GLU HA 210 -88.94 20.98 37.46
CA GLU HA 210 -89.90 21.28 36.41
C GLU HA 210 -89.35 20.89 35.04
N ASN HA 211 -90.26 20.65 34.10
CA ASN HA 211 -89.93 20.36 32.72
C ASN HA 211 -90.65 21.35 31.82
N THR HA 212 -89.94 21.85 30.81
CA THR HA 212 -90.57 22.73 29.84
C THR HA 212 -91.45 21.93 28.89
N LEU HA 213 -92.59 22.50 28.53
CA LEU HA 213 -93.54 21.82 27.66
C LEU HA 213 -92.98 21.71 26.25
N LEU HA 214 -93.37 20.63 25.56
CA LEU HA 214 -92.83 20.35 24.24
C LEU HA 214 -93.19 21.46 23.26
N THR HA 215 -92.25 21.77 22.37
CA THR HA 215 -92.41 22.84 21.41
C THR HA 215 -92.20 22.32 19.99
N THR HA 216 -92.71 23.08 19.02
CA THR HA 216 -92.66 22.66 17.62
C THR HA 216 -91.23 22.56 17.12
N ASP HA 217 -90.36 23.48 17.53
CA ASP HA 217 -88.97 23.42 17.09
C ASP HA 217 -88.28 22.16 17.60
N ALA HA 218 -88.50 21.82 18.88
CA ALA HA 218 -87.93 20.59 19.42
C ALA HA 218 -88.51 19.37 18.70
N ALA HA 219 -89.81 19.40 18.40
CA ALA HA 219 -90.41 18.30 17.66
C ALA HA 219 -89.78 18.16 16.28
N PHE HA 220 -89.51 19.27 15.61
CA PHE HA 220 -88.87 19.22 14.30
C PHE HA 220 -87.44 18.69 14.40
N ASP HA 221 -86.74 19.07 15.47
CA ASP HA 221 -85.40 18.50 15.69
C ASP HA 221 -85.47 16.99 15.90
N LYS HA 222 -86.49 16.52 16.60
CA LYS HA 222 -86.65 15.10 16.84
C LYS HA 222 -87.34 14.37 15.70
N LEU HA 223 -87.75 15.08 14.65
CA LEU HA 223 -88.43 14.45 13.52
C LEU HA 223 -87.52 13.47 12.81
N GLY HA 224 -88.12 12.39 12.31
CA GLY HA 224 -87.38 11.38 11.57
C GLY HA 224 -88.04 11.08 10.24
N ASN HA 225 -87.44 10.13 9.53
CA ASN HA 225 -87.94 9.74 8.21
C ASN HA 225 -89.31 9.07 8.34
N GLY HA 226 -90.20 9.39 7.41
CA GLY HA 226 -91.54 8.84 7.41
C GLY HA 226 -92.51 9.49 8.36
N ASP HA 227 -92.10 10.53 9.07
CA ASP HA 227 -92.98 11.20 10.01
C ASP HA 227 -94.04 12.02 9.26
N LYS HA 228 -95.18 12.20 9.92
CA LYS HA 228 -96.32 12.89 9.34
C LYS HA 228 -96.69 14.10 10.19
N VAL HA 229 -96.82 15.26 9.56
CA VAL HA 229 -97.27 16.47 10.22
C VAL HA 229 -98.53 16.95 9.51
N THR HA 230 -99.63 17.03 10.24
CA THR HA 230 -100.92 17.47 9.69
C THR HA 230 -101.28 18.79 10.35
N VAL HA 231 -101.16 19.88 9.61
CA VAL HA 231 -101.44 21.22 10.12
C VAL HA 231 -102.41 21.90 9.17
N GLY HA 232 -103.48 22.47 9.73
CA GLY HA 232 -104.48 23.15 8.93
C GLY HA 232 -105.13 22.26 7.90
N GLY HA 233 -105.32 20.98 8.20
CA GLY HA 233 -105.89 20.06 7.24
C GLY HA 233 -104.97 19.65 6.11
N VAL HA 234 -103.70 20.02 6.18
CA VAL HA 234 -102.72 19.70 5.14
C VAL HA 234 -101.69 18.75 5.73
N ASP HA 235 -101.45 17.64 5.04
CA ASP HA 235 -100.54 16.60 5.52
C ASP HA 235 -99.21 16.72 4.78
N TYR HA 236 -98.12 16.65 5.55
CA TYR HA 236 -96.77 16.70 5.02
C TYR HA 236 -95.99 15.50 5.54
N THR HA 237 -95.22 14.86 4.67
CA THR HA 237 -94.42 13.69 5.03
C THR HA 237 -92.96 14.08 5.01
N TYR HA 238 -92.27 13.86 6.13
CA TYR HA 238 -90.87 14.23 6.24
C TYR HA 238 -90.00 13.26 5.43
N ASN HA 239 -88.89 13.78 4.91
CA ASN HA 239 -87.96 13.01 4.11
C ASN HA 239 -86.58 13.03 4.76
N ALA HA 240 -85.92 11.87 4.78
CA ALA HA 240 -84.59 11.76 5.35
C ALA HA 240 -83.50 12.32 4.45
N LYS HA 241 -83.77 12.46 3.15
CA LYS HA 241 -82.74 12.96 2.24
C LYS HA 241 -82.35 14.38 2.57
N SER HA 242 -83.33 15.23 2.89
CA SER HA 242 -83.06 16.62 3.21
C SER HA 242 -84.16 17.14 4.11
N GLY HA 243 -83.92 18.30 4.72
CA GLY HA 243 -84.88 18.89 5.62
C GLY HA 243 -86.06 19.52 4.92
N ASP HA 244 -86.90 18.69 4.30
CA ASP HA 244 -88.05 19.18 3.56
C ASP HA 244 -89.21 18.22 3.71
N PHE HA 245 -90.40 18.71 3.41
CA PHE HA 245 -91.63 17.93 3.46
C PHE HA 245 -92.14 17.67 2.04
N THR HA 246 -92.66 16.47 1.82
CA THR HA 246 -93.32 16.11 0.58
C THR HA 246 -94.81 15.97 0.86
N THR HA 247 -95.63 16.67 0.07
CA THR HA 247 -97.07 16.66 0.26
C THR HA 247 -97.75 16.42 -1.08
N THR HA 248 -99.02 16.01 -1.02
CA THR HA 248 -99.81 15.76 -2.22
C THR HA 248 -100.78 16.92 -2.41
N LYS HA 249 -100.66 17.63 -3.53
CA LYS HA 249 -101.56 18.71 -3.87
C LYS HA 249 -102.51 18.23 -4.95
N SER HA 250 -103.81 18.32 -4.68
CA SER HA 250 -104.82 17.81 -5.57
C SER HA 250 -105.94 18.83 -5.72
N THR HA 251 -106.73 18.64 -6.77
CA THR HA 251 -107.89 19.50 -7.01
C THR HA 251 -108.90 19.41 -5.87
N ALA HA 258 -121.46 18.39 -10.07
CA ALA HA 258 -120.92 18.74 -11.38
C ALA HA 258 -121.14 20.21 -11.70
N ALA HA 259 -122.37 20.67 -11.58
CA ALA HA 259 -122.72 22.06 -11.84
C ALA HA 259 -122.45 22.97 -10.66
N ALA HA 260 -122.00 22.42 -9.53
CA ALA HA 260 -121.71 23.22 -8.35
C ALA HA 260 -120.34 23.89 -8.52
N GLN HA 261 -119.83 24.46 -7.43
CA GLN HA 261 -118.54 25.14 -7.47
C GLN HA 261 -117.37 24.18 -7.63
N ALA HA 262 -117.60 22.87 -7.53
CA ALA HA 262 -116.49 21.91 -7.61
C ALA HA 262 -115.80 21.97 -8.97
N ALA HA 263 -116.57 21.93 -10.06
CA ALA HA 263 -115.97 21.95 -11.39
C ALA HA 263 -115.31 23.31 -11.67
N ASP HA 264 -115.92 24.39 -11.21
CA ASP HA 264 -115.32 25.71 -11.38
C ASP HA 264 -113.98 25.79 -10.65
N SER HA 265 -113.92 25.27 -9.43
CA SER HA 265 -112.68 25.25 -8.67
C SER HA 265 -111.64 24.38 -9.36
N ALA HA 266 -112.08 23.25 -9.93
CA ALA HA 266 -111.14 22.39 -10.66
C ALA HA 266 -110.54 23.13 -11.85
N SER HA 267 -111.38 23.82 -12.63
CA SER HA 267 -110.89 24.57 -13.77
C SER HA 267 -109.95 25.69 -13.33
N LYS HA 268 -110.30 26.40 -12.26
CA LYS HA 268 -109.46 27.48 -11.79
C LYS HA 268 -108.11 26.96 -11.30
N ARG HA 269 -108.11 25.83 -10.61
CA ARG HA 269 -106.87 25.24 -10.12
C ARG HA 269 -105.99 24.78 -11.28
N ASP HA 270 -106.60 24.16 -12.29
CA ASP HA 270 -105.83 23.77 -13.48
C ASP HA 270 -105.25 25.00 -14.17
N ALA HA 271 -106.04 26.08 -14.27
CA ALA HA 271 -105.55 27.30 -14.90
C ALA HA 271 -104.40 27.92 -14.13
N LEU HA 272 -104.50 27.97 -12.80
CA LEU HA 272 -103.42 28.55 -12.01
C LEU HA 272 -102.16 27.70 -12.09
N ALA HA 273 -102.31 26.38 -12.08
CA ALA HA 273 -101.14 25.51 -12.26
C ALA HA 273 -100.51 25.74 -13.63
N ALA HA 274 -101.34 25.90 -14.66
CA ALA HA 274 -100.80 26.17 -15.99
C ALA HA 274 -100.05 27.51 -16.02
N THR HA 275 -100.59 28.53 -15.38
CA THR HA 275 -99.88 29.81 -15.30
C THR HA 275 -98.56 29.65 -14.58
N LEU HA 276 -98.55 28.88 -13.49
CA LEU HA 276 -97.32 28.68 -12.73
C LEU HA 276 -96.26 27.97 -13.57
N HIS HA 277 -96.66 26.98 -14.36
CA HIS HA 277 -95.71 26.25 -15.20
C HIS HA 277 -95.41 26.96 -16.52
N ALA HA 278 -96.15 28.03 -16.85
CA ALA HA 278 -95.87 28.74 -18.08
C ALA HA 278 -94.46 29.31 -18.10
N ASP HA 279 -94.01 29.88 -16.99
CA ASP HA 279 -92.67 30.45 -16.90
C ASP HA 279 -91.68 29.32 -16.68
N VAL HA 280 -90.86 29.04 -17.69
CA VAL HA 280 -89.87 27.97 -17.64
C VAL HA 280 -88.47 28.47 -17.98
N GLY HA 281 -88.27 29.79 -18.02
CA GLY HA 281 -86.99 30.32 -18.45
C GLY HA 281 -86.76 30.04 -19.92
N LYS HA 282 -85.86 29.10 -20.20
CA LYS HA 282 -85.64 28.62 -21.56
C LYS HA 282 -86.45 27.34 -21.78
N SER HA 283 -86.22 26.69 -22.93
CA SER HA 283 -86.98 25.50 -23.28
C SER HA 283 -86.75 24.38 -22.27
N VAL HA 284 -87.82 23.64 -21.95
CA VAL HA 284 -87.76 22.54 -21.01
C VAL HA 284 -88.42 21.33 -21.65
N ASN HA 285 -88.16 20.15 -21.08
CA ASN HA 285 -88.70 18.91 -21.61
C ASN HA 285 -89.89 18.43 -20.78
N GLY HA 286 -90.80 17.70 -21.44
CA GLY HA 286 -91.91 17.08 -20.75
C GLY HA 286 -92.36 15.86 -21.51
N SER HA 287 -93.06 14.97 -20.80
CA SER HA 287 -93.56 13.72 -21.37
C SER HA 287 -95.03 13.55 -21.03
N TYR HA 288 -95.89 13.49 -22.04
CA TYR HA 288 -97.31 13.28 -21.86
C TYR HA 288 -97.66 11.90 -22.41
N THR HA 289 -98.28 11.06 -21.58
CA THR HA 289 -98.63 9.72 -21.99
C THR HA 289 -100.08 9.42 -21.63
N THR HA 290 -100.80 8.85 -22.60
CA THR HA 290 -102.14 8.35 -22.36
C THR HA 290 -102.04 6.87 -22.00
N LYS HA 291 -103.20 6.18 -22.00
CA LYS HA 291 -103.19 4.76 -21.67
C LYS HA 291 -102.51 3.94 -22.76
N ASP HA 292 -102.34 4.49 -23.96
CA ASP HA 292 -101.85 3.73 -25.10
C ASP HA 292 -100.56 4.24 -25.70
N GLY HA 293 -100.17 5.50 -25.47
CA GLY HA 293 -99.03 6.06 -26.15
C GLY HA 293 -98.26 7.02 -25.28
N THR HA 294 -97.06 7.37 -25.75
CA THR HA 294 -96.17 8.31 -25.08
C THR HA 294 -95.71 9.36 -26.09
N VAL HA 295 -95.65 10.61 -25.65
CA VAL HA 295 -95.20 11.72 -26.48
C VAL HA 295 -94.23 12.57 -25.66
N SER HA 296 -93.14 12.99 -26.29
CA SER HA 296 -92.17 13.88 -25.66
C SER HA 296 -92.29 15.25 -26.32
N PHE HA 297 -92.54 16.27 -25.51
CA PHE HA 297 -92.76 17.63 -26.02
C PHE HA 297 -91.85 18.62 -25.33
N GLU HA 298 -91.35 19.58 -26.10
CA GLU HA 298 -90.47 20.63 -25.60
C GLU HA 298 -91.31 21.87 -25.31
N THR HA 299 -91.55 22.11 -24.02
CA THR HA 299 -92.27 23.32 -23.63
C THR HA 299 -91.37 24.53 -23.78
N ASP HA 300 -91.94 25.64 -24.25
CA ASP HA 300 -91.23 26.88 -24.49
C ASP HA 300 -91.58 27.89 -23.42
N SER HA 301 -90.86 29.01 -23.45
CA SER HA 301 -91.13 30.10 -22.51
C SER HA 301 -92.53 30.66 -22.73
N ALA HA 302 -93.16 31.08 -21.63
CA ALA HA 302 -94.51 31.63 -21.59
C ALA HA 302 -95.58 30.61 -21.97
N GLY HA 303 -95.20 29.34 -22.18
CA GLY HA 303 -96.18 28.30 -22.42
C GLY HA 303 -96.41 28.00 -23.88
N ASN HA 304 -95.86 26.88 -24.35
CA ASN HA 304 -96.06 26.44 -25.73
C ASN HA 304 -95.74 24.96 -25.82
N ILE HA 305 -96.19 24.34 -26.91
CA ILE HA 305 -95.98 22.92 -27.17
C ILE HA 305 -95.20 22.80 -28.46
N THR HA 306 -94.11 22.03 -28.43
CA THR HA 306 -93.25 21.84 -29.59
C THR HA 306 -92.76 20.40 -29.63
N ILE HA 307 -92.97 19.75 -30.77
CA ILE HA 307 -92.51 18.39 -31.00
C ILE HA 307 -91.61 18.39 -32.23
N GLY HA 308 -90.38 17.93 -32.07
CA GLY HA 308 -89.46 17.83 -33.19
C GLY HA 308 -89.17 19.14 -33.88
N GLY HA 309 -89.07 20.23 -33.11
CA GLY HA 309 -88.78 21.53 -33.66
C GLY HA 309 -89.95 22.20 -34.34
N SER HA 310 -91.15 21.64 -34.27
CA SER HA 310 -92.33 22.21 -34.90
C SER HA 310 -93.43 22.36 -33.85
N GLN HA 311 -94.26 23.37 -34.04
CA GLN HA 311 -95.37 23.60 -33.11
C GLN HA 311 -96.37 22.45 -33.18
N ALA HA 312 -96.81 21.99 -32.02
CA ALA HA 312 -97.71 20.86 -31.90
C ALA HA 312 -99.08 21.32 -31.43
N TYR HA 313 -100.11 20.59 -31.84
CA TYR HA 313 -101.49 20.91 -31.50
C TYR HA 313 -102.12 19.75 -30.75
N VAL HA 314 -103.02 20.08 -29.84
CA VAL HA 314 -103.66 19.09 -28.97
C VAL HA 314 -105.04 18.77 -29.52
N ASP HA 315 -105.35 17.47 -29.60
CA ASP HA 315 -106.65 17.03 -30.07
C ASP HA 315 -107.72 17.31 -29.02
N ASP HA 316 -108.97 17.38 -29.47
CA ASP HA 316 -110.06 17.67 -28.55
C ASP HA 316 -110.23 16.57 -27.51
N ALA HA 317 -110.07 15.32 -27.92
CA ALA HA 317 -110.17 14.21 -26.97
C ALA HA 317 -109.01 14.15 -26.01
N GLY HA 318 -107.92 14.86 -26.29
CA GLY HA 318 -106.74 14.89 -25.44
C GLY HA 318 -105.47 14.39 -26.10
N ASN HA 319 -105.53 13.90 -27.32
CA ASN HA 319 -104.34 13.43 -28.00
C ASN HA 319 -103.47 14.59 -28.44
N LEU HA 320 -102.17 14.33 -28.60
CA LEU HA 320 -101.21 15.33 -29.01
C LEU HA 320 -100.66 14.96 -30.39
N THR HA 321 -100.69 15.91 -31.31
CA THR HA 321 -100.25 15.68 -32.68
C THR HA 321 -99.52 16.92 -33.19
N THR HA 322 -98.72 16.71 -34.24
CA THR HA 322 -97.93 17.79 -34.83
C THR HA 322 -98.65 18.52 -35.97
N ASN HA 323 -99.81 18.03 -36.39
CA ASN HA 323 -100.57 18.65 -37.48
C ASN HA 323 -102.00 18.87 -37.05
N ASN HA 324 -102.58 19.99 -37.49
CA ASN HA 324 -103.93 20.35 -37.11
C ASN HA 324 -104.95 19.60 -37.96
N ALA HA 325 -106.02 19.14 -37.31
CA ALA HA 325 -107.11 18.46 -38.00
C ALA HA 325 -108.44 19.04 -37.52
N GLY HA 326 -109.31 19.37 -38.46
CA GLY HA 326 -110.60 19.93 -38.10
C GLY HA 326 -110.55 21.36 -37.61
N SER HA 327 -109.48 22.09 -37.92
CA SER HA 327 -109.32 23.48 -37.51
C SER HA 327 -109.41 23.64 -35.99
N ALA HA 328 -108.84 22.67 -35.26
CA ALA HA 328 -108.83 22.67 -33.80
C ALA HA 328 -107.38 22.42 -33.37
N ALA HA 329 -106.59 23.48 -33.29
CA ALA HA 329 -105.17 23.38 -32.96
C ALA HA 329 -104.91 23.73 -31.50
N LYS HA 330 -105.31 24.93 -31.07
CA LYS HA 330 -105.15 25.43 -29.70
C LYS HA 330 -103.81 25.03 -29.09
N ALA HA 331 -102.74 25.44 -29.77
CA ALA HA 331 -101.38 25.05 -29.39
C ALA HA 331 -100.98 25.82 -28.13
N ASP HA 332 -101.45 25.33 -26.99
CA ASP HA 332 -101.09 25.91 -25.70
C ASP HA 332 -101.10 24.82 -24.65
N MET HA 333 -100.19 24.94 -23.67
CA MET HA 333 -100.15 23.97 -22.59
C MET HA 333 -101.36 24.10 -21.67
N LYS HA 334 -101.88 25.31 -21.51
CA LYS HA 334 -103.15 25.48 -20.79
C LYS HA 334 -104.27 24.75 -21.50
N ALA HA 335 -104.34 24.85 -22.82
CA ALA HA 335 -105.35 24.12 -23.58
C ALA HA 335 -105.15 22.62 -23.44
N LEU HA 336 -103.90 22.16 -23.45
CA LEU HA 336 -103.62 20.74 -23.26
C LEU HA 336 -104.11 20.26 -21.90
N LEU HA 337 -103.83 21.03 -20.85
CA LEU HA 337 -104.27 20.66 -19.51
C LEU HA 337 -105.79 20.64 -19.41
N LYS HA 338 -106.46 21.63 -19.98
CA LYS HA 338 -107.92 21.66 -19.95
C LYS HA 338 -108.51 20.48 -20.72
N ALA HA 339 -107.94 20.17 -21.88
CA ALA HA 339 -108.44 19.04 -22.67
C ALA HA 339 -108.22 17.73 -21.93
N ALA HA 340 -107.07 17.57 -21.28
CA ALA HA 340 -106.82 16.35 -20.50
C ALA HA 340 -107.80 16.25 -19.33
N SER HA 341 -108.04 17.36 -18.64
CA SER HA 341 -108.96 17.33 -17.51
C SER HA 341 -110.38 17.00 -17.94
N GLU HA 342 -110.84 17.58 -19.05
CA GLU HA 342 -112.19 17.36 -19.53
C GLU HA 342 -112.32 16.12 -20.40
N GLY HA 343 -111.22 15.42 -20.66
CA GLY HA 343 -111.27 14.28 -21.56
C GLY HA 343 -112.01 13.10 -20.97
N SER HA 344 -112.45 12.22 -21.86
CA SER HA 344 -113.15 11.01 -21.43
C SER HA 344 -112.22 10.05 -20.70
N ASP HA 345 -110.93 10.08 -21.01
CA ASP HA 345 -109.94 9.19 -20.41
C ASP HA 345 -108.81 10.01 -19.81
N GLY HA 346 -108.34 9.57 -18.64
CA GLY HA 346 -107.24 10.25 -17.98
C GLY HA 346 -105.89 9.91 -18.59
N ALA HA 347 -104.89 10.72 -18.23
CA ALA HA 347 -103.53 10.54 -18.73
C ALA HA 347 -102.55 10.96 -17.65
N SER HA 348 -101.27 10.73 -17.92
CA SER HA 348 -100.18 11.05 -17.01
C SER HA 348 -99.22 12.02 -17.68
N LEU HA 349 -98.88 13.11 -17.00
CA LEU HA 349 -98.03 14.14 -17.55
C LEU HA 349 -96.87 14.39 -16.60
N THR HA 350 -95.65 14.26 -17.10
CA THR HA 350 -94.43 14.42 -16.32
C THR HA 350 -93.67 15.64 -16.82
N PHE HA 351 -93.36 16.56 -15.92
CA PHE HA 351 -92.55 17.73 -16.21
C PHE HA 351 -91.08 17.39 -16.01
N ASN HA 352 -90.21 18.41 -15.97
CA ASN HA 352 -88.78 18.18 -15.79
C ASN HA 352 -88.49 17.43 -14.51
N GLY HA 353 -89.02 17.90 -13.39
CA GLY HA 353 -88.76 17.28 -12.11
C GLY HA 353 -89.90 16.45 -11.55
N THR HA 354 -91.11 16.98 -11.62
CA THR HA 354 -92.27 16.37 -10.98
C THR HA 354 -93.16 15.67 -11.99
N GLU HA 355 -94.09 14.88 -11.46
CA GLU HA 355 -95.06 14.15 -12.26
C GLU HA 355 -96.47 14.56 -11.86
N TYR HA 356 -97.34 14.75 -12.85
CA TYR HA 356 -98.70 15.19 -12.64
C TYR HA 356 -99.65 14.13 -13.16
N THR HA 357 -100.67 13.79 -12.37
CA THR HA 357 -101.66 12.81 -12.75
C THR HA 357 -103.02 13.47 -12.92
N ILE HA 358 -103.68 13.17 -14.03
CA ILE HA 358 -104.96 13.77 -14.40
C ILE HA 358 -106.06 12.76 -14.12
N ALA HA 359 -106.99 13.12 -13.24
CA ALA HA 359 -108.13 12.25 -12.95
C ALA HA 359 -109.11 12.25 -14.11
N LYS HA 360 -109.73 11.10 -14.36
CA LYS HA 360 -110.69 10.96 -15.43
C LYS HA 360 -111.93 11.80 -15.19
N GLY HA 376 -109.77 16.51 -12.42
CA GLY HA 376 -108.89 17.02 -11.38
C GLY HA 376 -107.42 16.75 -11.67
N ILE HA 377 -106.55 17.47 -10.97
CA ILE HA 377 -105.11 17.32 -11.13
C ILE HA 377 -104.50 16.98 -9.77
N THR HA 378 -103.53 16.09 -9.76
CA THR HA 378 -102.79 15.77 -8.54
C THR HA 378 -101.30 15.72 -8.83
N TYR HA 379 -100.50 16.12 -7.83
CA TYR HA 379 -99.06 16.12 -7.99
C TYR HA 379 -98.39 16.15 -6.63
N GLN HA 380 -97.22 15.53 -6.54
CA GLN HA 380 -96.46 15.44 -5.30
C GLN HA 380 -95.55 16.65 -5.20
N ALA HA 381 -96.04 17.70 -4.56
CA ALA HA 381 -95.24 18.91 -4.36
C ALA HA 381 -94.30 18.73 -3.17
N THR HA 382 -93.24 19.53 -3.16
CA THR HA 382 -92.28 19.56 -2.07
C THR HA 382 -92.19 20.97 -1.52
N VAL HA 383 -92.34 21.10 -0.20
CA VAL HA 383 -92.25 22.38 0.48
C VAL HA 383 -91.31 22.23 1.67
N SER HA 384 -90.45 23.23 1.87
CA SER HA 384 -89.47 23.17 2.94
C SER HA 384 -90.15 23.13 4.30
N LYS HA 385 -89.53 22.40 5.23
CA LYS HA 385 -90.07 22.29 6.58
C LYS HA 385 -90.03 23.62 7.33
N ASP HA 386 -89.21 24.56 6.88
CA ASP HA 386 -89.15 25.86 7.53
C ASP HA 386 -90.49 26.59 7.43
N VAL HA 387 -91.11 26.55 6.26
CA VAL HA 387 -92.41 27.19 6.09
C VAL HA 387 -93.45 26.55 7.01
N VAL HA 388 -93.45 25.22 7.07
CA VAL HA 388 -94.43 24.51 7.88
C VAL HA 388 -94.25 24.86 9.36
N LEU HA 389 -93.02 24.81 9.85
CA LEU HA 389 -92.79 25.10 11.26
C LEU HA 389 -93.12 26.56 11.57
N SER HA 390 -92.78 27.48 10.67
CA SER HA 390 -93.08 28.88 10.91
C SER HA 390 -94.57 29.13 10.96
N GLU HA 391 -95.34 28.56 10.02
CA GLU HA 391 -96.77 28.80 10.02
C GLU HA 391 -97.45 28.10 11.19
N THR HA 392 -96.92 26.97 11.63
CA THR HA 392 -97.47 26.32 12.81
C THR HA 392 -97.20 27.13 14.07
N LYS HA 393 -95.99 27.70 14.19
CA LYS HA 393 -95.64 28.45 15.38
C LYS HA 393 -96.36 29.79 15.44
N ALA HA 394 -96.46 30.48 14.31
CA ALA HA 394 -97.01 31.83 14.31
C ALA HA 394 -98.52 31.83 14.55
N ALA HA 395 -99.24 30.93 13.87
CA ALA HA 395 -100.69 30.92 13.91
C ALA HA 395 -101.21 30.06 15.04
N ALA HA 396 -102.42 30.37 15.50
CA ALA HA 396 -103.08 29.62 16.55
C ALA HA 396 -103.86 28.45 15.95
N ALA HA 397 -103.12 27.55 15.30
CA ALA HA 397 -103.69 26.40 14.65
C ALA HA 397 -103.68 25.19 15.58
N THR HA 398 -104.13 24.05 15.05
CA THR HA 398 -104.17 22.79 15.78
C THR HA 398 -103.47 21.74 14.93
N SER HA 399 -102.16 21.59 15.14
CA SER HA 399 -101.35 20.66 14.36
C SER HA 399 -101.27 19.31 15.04
N SER HA 400 -100.91 18.30 14.25
CA SER HA 400 -100.68 16.95 14.75
C SER HA 400 -99.34 16.44 14.23
N ILE HA 401 -98.53 15.90 15.12
CA ILE HA 401 -97.20 15.39 14.77
C ILE HA 401 -97.14 13.92 15.12
N THR HA 402 -96.70 13.10 14.18
CA THR HA 402 -96.64 11.65 14.37
C THR HA 402 -95.18 11.20 14.31
N PHE HA 403 -94.73 10.54 15.36
CA PHE HA 403 -93.41 9.93 15.41
C PHE HA 403 -93.54 8.45 15.13
N ASN HA 404 -92.79 7.97 14.14
CA ASN HA 404 -92.81 6.57 13.74
C ASN HA 404 -91.38 6.03 13.75
N SER HA 405 -91.18 4.93 14.45
CA SER HA 405 -89.90 4.21 14.44
C SER HA 405 -89.91 3.05 13.46
N GLY HA 406 -90.93 2.95 12.62
CA GLY HA 406 -91.13 1.84 11.73
C GLY HA 406 -92.09 0.80 12.27
N VAL HA 407 -92.17 0.67 13.59
CA VAL HA 407 -93.12 -0.21 14.25
C VAL HA 407 -93.98 0.55 15.25
N LEU HA 408 -93.36 1.37 16.09
CA LEU HA 408 -94.03 2.08 17.16
C LEU HA 408 -94.39 3.48 16.70
N SER HA 409 -95.62 3.89 16.94
CA SER HA 409 -96.14 5.17 16.46
C SER HA 409 -96.80 5.92 17.61
N LYS HA 410 -96.58 7.24 17.63
CA LYS HA 410 -97.24 8.11 18.59
C LYS HA 410 -97.68 9.40 17.92
N THR HA 411 -98.92 9.81 18.16
CA THR HA 411 -99.47 11.03 17.60
C THR HA 411 -99.70 12.03 18.73
N ILE HA 412 -99.20 13.26 18.55
CA ILE HA 412 -99.27 14.30 19.57
C ILE HA 412 -99.94 15.53 18.95
N GLY HA 413 -100.93 16.07 19.64
CA GLY HA 413 -101.56 17.30 19.22
C GLY HA 413 -100.79 18.51 19.73
N PHE HA 414 -100.81 19.58 18.95
CA PHE HA 414 -100.06 20.79 19.24
C PHE HA 414 -100.93 22.02 19.00
N THR HA 415 -100.90 22.94 19.95
CA THR HA 415 -101.46 24.28 19.78
C THR HA 415 -100.36 25.19 19.23
N ALA HA 416 -100.55 26.51 19.32
CA ALA HA 416 -99.61 27.46 18.75
C ALA HA 416 -98.34 27.47 19.60
N GLY HA 417 -97.48 26.49 19.33
CA GLY HA 417 -96.19 26.39 19.99
C GLY HA 417 -96.11 25.39 21.12
N GLU HA 418 -97.25 24.92 21.62
CA GLU HA 418 -97.29 23.99 22.75
C GLU HA 418 -98.20 22.82 22.39
N SER HA 419 -98.36 21.90 23.35
CA SER HA 419 -99.23 20.75 23.18
C SER HA 419 -100.46 20.91 24.06
N SER HA 420 -101.63 20.90 23.44
CA SER HA 420 -102.90 21.08 24.14
C SER HA 420 -103.79 19.84 24.08
N ASP HA 421 -103.22 18.68 23.77
CA ASP HA 421 -103.98 17.45 23.59
C ASP HA 421 -104.21 16.70 24.90
N ALA HA 422 -104.18 17.39 26.03
CA ALA HA 422 -104.35 16.78 27.35
C ALA HA 422 -103.27 15.72 27.61
N ALA HA 423 -102.12 15.88 26.96
CA ALA HA 423 -100.99 14.97 27.11
C ALA HA 423 -99.83 15.72 27.76
N LYS HA 424 -98.99 14.98 28.47
CA LYS HA 424 -97.92 15.61 29.24
C LYS HA 424 -96.83 16.16 28.31
N SER HA 425 -96.16 15.28 27.57
CA SER HA 425 -95.26 15.67 26.47
C SER HA 425 -94.18 16.66 26.94
N TYR HA 426 -93.32 16.16 27.81
CA TYR HA 426 -92.19 16.94 28.31
C TYR HA 426 -90.88 16.32 27.87
N VAL HA 427 -89.90 17.18 27.59
CA VAL HA 427 -88.66 16.77 26.94
C VAL HA 427 -87.47 17.35 27.69
N ASP HA 428 -87.73 18.22 28.67
CA ASP HA 428 -86.69 19.05 29.26
C ASP HA 428 -85.61 18.26 29.96
N ASP HA 429 -85.86 17.02 30.35
CA ASP HA 429 -84.92 16.26 31.18
C ASP HA 429 -83.57 16.05 30.49
N LYS HA 430 -83.56 15.24 29.43
CA LYS HA 430 -82.32 14.98 28.71
C LYS HA 430 -82.55 14.85 27.20
N GLY HA 431 -83.74 15.12 26.72
CA GLY HA 431 -84.09 14.84 25.34
C GLY HA 431 -85.02 13.64 25.25
N GLY HA 432 -85.91 13.67 24.26
CA GLY HA 432 -86.94 12.67 24.14
C GLY HA 432 -88.16 12.99 24.96
N ILE HA 433 -89.30 12.46 24.53
CA ILE HA 433 -90.59 12.79 25.12
C ILE HA 433 -90.86 11.77 26.24
N THR HA 434 -90.74 12.23 27.48
CA THR HA 434 -90.89 11.37 28.64
C THR HA 434 -92.22 11.55 29.36
N ASN HA 435 -93.07 12.45 28.88
CA ASN HA 435 -94.46 12.63 29.31
C ASN HA 435 -94.65 12.49 30.83
N VAL HA 436 -93.72 13.05 31.60
CA VAL HA 436 -93.86 13.15 33.05
C VAL HA 436 -94.01 14.61 33.41
N ALA HA 437 -95.04 14.91 34.22
CA ALA HA 437 -95.28 16.29 34.62
C ALA HA 437 -94.13 16.84 35.45
N ASP HA 438 -93.90 16.23 36.62
CA ASP HA 438 -92.85 16.67 37.52
C ASP HA 438 -92.61 15.59 38.55
N TYR HA 439 -91.37 15.47 39.01
CA TYR HA 439 -91.00 14.55 40.08
C TYR HA 439 -90.35 15.34 41.21
N THR HA 440 -90.75 15.03 42.43
CA THR HA 440 -90.22 15.68 43.63
C THR HA 440 -89.41 14.66 44.41
N VAL HA 441 -88.17 15.02 44.72
CA VAL HA 441 -87.27 14.16 45.47
C VAL HA 441 -87.13 14.72 46.88
N SER HA 442 -87.31 13.86 47.88
CA SER HA 442 -87.23 14.26 49.27
C SER HA 442 -85.92 13.77 49.87
N TYR HA 443 -85.18 14.67 50.50
CA TYR HA 443 -83.89 14.39 51.11
C TYR HA 443 -84.03 14.49 52.63
N SER HA 444 -83.48 13.50 53.32
CA SER HA 444 -83.44 13.49 54.78
C SER HA 444 -82.07 13.95 55.25
N VAL HA 445 -82.06 14.90 56.18
CA VAL HA 445 -80.82 15.46 56.70
C VAL HA 445 -80.60 14.90 58.10
N ASN HA 446 -79.47 14.23 58.30
CA ASN HA 446 -79.12 13.70 59.61
C ASN HA 446 -78.46 14.80 60.42
N LYS HA 447 -79.16 15.28 61.46
CA LYS HA 447 -78.70 16.43 62.23
C LYS HA 447 -77.51 16.11 63.13
N ASP HA 448 -77.15 14.84 63.28
CA ASP HA 448 -75.99 14.51 64.11
C ASP HA 448 -74.70 14.98 63.45
N ASN HA 449 -74.54 14.74 62.16
CA ASN HA 449 -73.34 15.12 61.44
C ASN HA 449 -73.58 16.03 60.25
N GLY HA 450 -74.82 16.09 59.73
CA GLY HA 450 -75.13 16.89 58.57
C GLY HA 450 -75.19 16.13 57.27
N SER HA 451 -75.01 14.81 57.30
CA SER HA 451 -75.07 14.02 56.08
C SER HA 451 -76.49 14.02 55.51
N VAL HA 452 -76.58 14.11 54.18
CA VAL HA 452 -77.86 14.16 53.47
C VAL HA 452 -78.00 12.91 52.62
N THR HA 453 -79.11 12.21 52.80
CA THR HA 453 -79.41 11.01 52.02
C THR HA 453 -80.72 11.21 51.26
N VAL HA 454 -81.01 10.26 50.38
CA VAL HA 454 -82.21 10.28 49.55
C VAL HA 454 -83.27 9.42 50.24
N ALA HA 455 -84.42 10.03 50.53
CA ALA HA 455 -85.50 9.30 51.21
C ALA HA 455 -86.82 9.92 50.76
N GLY HA 456 -87.49 9.28 49.82
CA GLY HA 456 -88.80 9.71 49.38
C GLY HA 456 -88.87 10.23 47.96
N TYR HA 457 -89.81 9.70 47.19
CA TYR HA 457 -90.02 10.11 45.80
C TYR HA 457 -91.50 10.32 45.56
N ALA HA 458 -91.86 11.43 44.94
CA ALA HA 458 -93.25 11.74 44.62
C ALA HA 458 -93.38 12.08 43.16
N SER HA 459 -94.44 11.59 42.51
CA SER HA 459 -94.68 11.87 41.11
C SER HA 459 -96.16 12.12 40.89
N ALA HA 460 -96.46 13.18 40.13
CA ALA HA 460 -97.85 13.46 39.77
C ALA HA 460 -98.39 12.49 38.73
N THR HA 461 -97.52 11.72 38.08
CA THR HA 461 -97.90 10.69 37.14
C THR HA 461 -97.38 9.35 37.65
N ASP HA 462 -97.71 8.27 36.93
CA ASP HA 462 -97.20 6.95 37.29
C ASP HA 462 -95.68 6.91 37.19
N THR HA 463 -95.15 7.31 36.03
CA THR HA 463 -93.74 7.55 35.80
C THR HA 463 -92.95 6.24 35.80
N ASN HA 464 -93.61 5.14 36.18
CA ASN HA 464 -92.96 3.82 36.28
C ASN HA 464 -91.71 3.87 37.14
N LYS HA 465 -91.63 4.86 38.03
CA LYS HA 465 -90.44 5.10 38.85
C LYS HA 465 -89.19 5.22 37.98
N ASP HA 466 -89.33 5.95 36.86
CA ASP HA 466 -88.21 6.12 35.94
C ASP HA 466 -87.08 6.91 36.58
N TYR HA 467 -87.41 8.01 37.26
CA TYR HA 467 -86.41 8.89 37.85
C TYR HA 467 -86.34 8.75 39.36
N ALA HA 468 -86.71 7.60 39.90
CA ALA HA 468 -86.73 7.42 41.34
C ALA HA 468 -85.48 6.67 41.78
N PRO HA 469 -84.53 7.32 42.44
CA PRO HA 469 -83.38 6.60 42.98
C PRO HA 469 -83.79 5.73 44.18
N ALA HA 470 -82.98 4.72 44.43
CA ALA HA 470 -83.19 3.89 45.61
C ALA HA 470 -83.00 4.73 46.87
N ILE HA 471 -83.94 4.58 47.82
CA ILE HA 471 -83.85 5.36 49.05
C ILE HA 471 -82.67 4.89 49.89
N GLY HA 472 -82.19 5.79 50.74
CA GLY HA 472 -81.07 5.48 51.61
C GLY HA 472 -79.71 5.62 50.98
N THR HA 473 -79.61 6.23 49.82
CA THR HA 473 -78.33 6.42 49.13
C THR HA 473 -77.83 7.83 49.38
N ALA HA 474 -76.61 7.95 49.87
CA ALA HA 474 -76.03 9.25 50.18
C ALA HA 474 -75.86 10.06 48.90
N VAL HA 475 -76.33 11.30 48.93
CA VAL HA 475 -76.24 12.19 47.78
C VAL HA 475 -74.99 13.05 47.90
N ASN HA 476 -74.43 13.41 46.75
CA ASN HA 476 -73.21 14.21 46.68
C ASN HA 476 -73.43 15.40 45.76
N VAL HA 477 -72.36 16.14 45.50
CA VAL HA 477 -72.39 17.34 44.67
C VAL HA 477 -71.49 17.10 43.46
N ASN HA 478 -72.04 17.31 42.26
CA ASN HA 478 -71.29 17.10 41.04
C ASN HA 478 -70.23 18.20 40.89
N SER HA 479 -69.45 18.09 39.81
CA SER HA 479 -68.41 19.08 39.55
C SER HA 479 -69.01 20.44 39.26
N ALA HA 480 -70.13 20.49 38.54
CA ALA HA 480 -70.79 21.73 38.18
C ALA HA 480 -71.64 22.30 39.32
N GLY HA 481 -71.61 21.68 40.50
CA GLY HA 481 -72.39 22.14 41.62
C GLY HA 481 -73.78 21.56 41.73
N LYS HA 482 -74.18 20.69 40.80
CA LYS HA 482 -75.50 20.09 40.85
C LYS HA 482 -75.56 19.03 41.96
N ILE HA 483 -76.78 18.66 42.32
CA ILE HA 483 -77.03 17.66 43.34
C ILE HA 483 -77.23 16.32 42.62
N THR HA 484 -76.34 15.37 42.87
CA THR HA 484 -76.33 14.13 42.12
C THR HA 484 -75.85 13.01 43.03
N THR HA 485 -76.19 11.77 42.68
CA THR HA 485 -75.95 10.63 43.56
C THR HA 485 -74.66 9.88 43.28
N GLU HA 486 -74.15 9.87 42.05
CA GLU HA 486 -72.95 9.10 41.75
C GLU HA 486 -71.70 9.86 42.17
N THR HA 487 -70.66 9.09 42.50
CA THR HA 487 -69.41 9.64 43.02
C THR HA 487 -68.27 9.62 42.01
N THR HA 488 -68.53 9.23 40.76
CA THR HA 488 -67.46 9.11 39.78
C THR HA 488 -66.79 10.46 39.49
N SER HA 489 -67.54 11.37 38.88
CA SER HA 489 -67.06 12.72 38.59
C SER HA 489 -65.76 12.69 37.79
N ALA HA 490 -65.88 12.20 36.56
CA ALA HA 490 -64.70 12.02 35.71
C ALA HA 490 -64.00 13.35 35.46
N GLY HA 491 -62.67 13.30 35.45
CA GLY HA 491 -61.85 14.49 35.32
C GLY HA 491 -61.48 14.80 33.89
N SER HA 492 -60.36 15.50 33.73
CA SER HA 492 -59.93 16.01 32.44
C SER HA 492 -58.72 15.30 31.85
N ALA HA 493 -58.01 14.49 32.63
CA ALA HA 493 -56.87 13.76 32.12
C ALA HA 493 -57.33 12.77 31.05
N THR HA 494 -56.48 12.57 30.03
CA THR HA 494 -56.84 11.70 28.93
C THR HA 494 -57.04 10.27 29.41
N THR HA 495 -58.08 9.63 28.90
CA THR HA 495 -58.47 8.32 29.42
C THR HA 495 -57.44 7.24 29.08
N ASN HA 496 -57.18 7.03 27.79
CA ASN HA 496 -56.33 5.94 27.32
C ASN HA 496 -55.22 6.51 26.45
N PRO HA 497 -54.23 7.15 27.07
CA PRO HA 497 -53.16 7.78 26.28
C PRO HA 497 -52.41 6.81 25.40
N LEU HA 498 -52.12 5.61 25.93
CA LEU HA 498 -51.36 4.64 25.16
C LEU HA 498 -52.17 4.14 23.97
N ALA HA 499 -53.47 3.92 24.15
CA ALA HA 499 -54.30 3.50 23.03
C ALA HA 499 -54.37 4.59 21.97
N ALA HA 500 -54.52 5.86 22.39
CA ALA HA 500 -54.56 6.94 21.41
C ALA HA 500 -53.26 7.05 20.64
N LEU HA 501 -52.13 6.92 21.33
CA LEU HA 501 -50.84 6.98 20.66
C LEU HA 501 -50.66 5.81 19.70
N ASP HA 502 -51.13 4.62 20.10
CA ASP HA 502 -51.06 3.47 19.20
C ASP HA 502 -51.88 3.69 17.94
N ASP HA 503 -53.08 4.27 18.08
CA ASP HA 503 -53.90 4.57 16.92
C ASP HA 503 -53.19 5.57 15.99
N ALA HA 504 -52.59 6.61 16.58
CA ALA HA 504 -51.88 7.58 15.76
C ALA HA 504 -50.72 6.95 15.01
N ILE HA 505 -49.93 6.13 15.70
CA ILE HA 505 -48.78 5.48 15.07
C ILE HA 505 -49.25 4.53 13.97
N SER HA 506 -50.35 3.82 14.20
CA SER HA 506 -50.89 2.93 13.19
C SER HA 506 -51.31 3.70 11.94
N SER HA 507 -51.96 4.85 12.12
CA SER HA 507 -52.35 5.66 10.97
C SER HA 507 -51.11 6.12 10.19
N ILE HA 508 -50.08 6.57 10.91
CA ILE HA 508 -48.85 7.01 10.24
C ILE HA 508 -48.24 5.86 9.44
N ASP HA 509 -48.20 4.66 10.05
CA ASP HA 509 -47.61 3.51 9.38
C ASP HA 509 -48.40 3.12 8.14
N LYS HA 510 -49.74 3.18 8.21
CA LYS HA 510 -50.54 2.86 7.05
C LYS HA 510 -50.27 3.83 5.91
N PHE HA 511 -50.21 5.13 6.21
CA PHE HA 511 -49.97 6.10 5.15
C PHE HA 511 -48.57 5.94 4.56
N ARG HA 512 -47.57 5.65 5.40
CA ARG HA 512 -46.23 5.40 4.90
C ARG HA 512 -46.20 4.17 3.99
N SER HA 513 -46.90 3.11 4.37
CA SER HA 513 -46.97 1.91 3.54
C SER HA 513 -47.60 2.21 2.19
N SER HA 514 -48.68 3.00 2.19
CA SER HA 514 -49.32 3.37 0.93
C SER HA 514 -48.36 4.15 0.03
N LEU HA 515 -47.62 5.09 0.61
CA LEU HA 515 -46.65 5.84 -0.18
C LEU HA 515 -45.56 4.92 -0.75
N GLY HA 516 -45.08 3.98 0.06
CA GLY HA 516 -44.06 3.06 -0.43
C GLY HA 516 -44.55 2.21 -1.58
N ALA HA 517 -45.78 1.70 -1.47
CA ALA HA 517 -46.35 0.92 -2.58
C ALA HA 517 -46.47 1.76 -3.84
N ILE HA 518 -46.95 3.00 -3.70
CA ILE HA 518 -47.07 3.87 -4.87
C ILE HA 518 -45.70 4.12 -5.49
N GLN HA 519 -44.68 4.32 -4.67
CA GLN HA 519 -43.34 4.57 -5.20
C GLN HA 519 -42.81 3.36 -5.95
N ASN HA 520 -43.02 2.15 -5.42
CA ASN HA 520 -42.57 0.96 -6.11
C ASN HA 520 -43.27 0.82 -7.47
N ARG HA 521 -44.59 1.03 -7.48
CA ARG HA 521 -45.32 0.88 -8.73
C ARG HA 521 -44.89 1.94 -9.75
N LEU HA 522 -44.55 3.14 -9.28
CA LEU HA 522 -44.08 4.19 -10.18
C LEU HA 522 -42.72 3.82 -10.77
N ASP HA 523 -41.83 3.24 -9.96
CA ASP HA 523 -40.53 2.82 -10.47
C ASP HA 523 -40.70 1.72 -11.53
N SER HA 524 -41.61 0.78 -11.29
CA SER HA 524 -41.89 -0.24 -12.29
C SER HA 524 -42.38 0.40 -13.59
N ALA HA 525 -43.24 1.41 -13.47
CA ALA HA 525 -43.71 2.13 -14.65
C ALA HA 525 -42.54 2.78 -15.40
N VAL HA 526 -41.58 3.34 -14.65
CA VAL HA 526 -40.43 3.97 -15.29
C VAL HA 526 -39.64 2.95 -16.11
N THR HA 527 -39.40 1.78 -15.51
CA THR HA 527 -38.65 0.75 -16.22
C THR HA 527 -39.37 0.31 -17.49
N ASN HA 528 -40.69 0.11 -17.39
CA ASN HA 528 -41.45 -0.29 -18.57
C ASN HA 528 -41.40 0.79 -19.65
N LEU HA 529 -41.46 2.06 -19.25
CA LEU HA 529 -41.40 3.15 -20.23
C LEU HA 529 -40.06 3.16 -20.94
N ASN HA 530 -38.97 2.94 -20.20
CA ASN HA 530 -37.66 2.91 -20.85
C ASN HA 530 -37.56 1.77 -21.85
N ASN HA 531 -38.04 0.58 -21.48
CA ASN HA 531 -38.00 -0.54 -22.41
C ASN HA 531 -38.82 -0.26 -23.67
N THR HA 532 -40.03 0.29 -23.49
CA THR HA 532 -40.87 0.58 -24.63
C THR HA 532 -40.25 1.64 -25.54
N THR HA 533 -39.62 2.64 -24.94
CA THR HA 533 -38.95 3.67 -25.75
C THR HA 533 -37.83 3.06 -26.58
N THR HA 534 -37.03 2.18 -25.96
CA THR HA 534 -35.96 1.54 -26.72
C THR HA 534 -36.52 0.73 -27.89
N ASN HA 535 -37.57 -0.04 -27.66
CA ASN HA 535 -38.12 -0.86 -28.73
C ASN HA 535 -38.74 -0.02 -29.85
N LEU HA 536 -39.41 1.08 -29.48
CA LEU HA 536 -40.00 1.94 -30.50
C LEU HA 536 -38.92 2.62 -31.33
N SER HA 537 -37.82 3.02 -30.68
CA SER HA 537 -36.69 3.57 -31.44
C SER HA 537 -36.12 2.52 -32.39
N GLU HA 538 -36.06 1.27 -31.94
CA GLU HA 538 -35.65 0.17 -32.82
C GLU HA 538 -36.51 0.13 -34.07
N ALA HA 539 -37.84 0.14 -33.87
CA ALA HA 539 -38.75 0.03 -35.01
C ALA HA 539 -38.61 1.23 -35.94
N GLN HA 540 -38.49 2.43 -35.39
CA GLN HA 540 -38.32 3.61 -36.23
C GLN HA 540 -37.03 3.51 -37.05
N SER HA 541 -35.95 3.03 -36.43
CA SER HA 541 -34.72 2.83 -37.18
C SER HA 541 -34.89 1.80 -38.27
N ARG HA 542 -35.68 0.75 -38.00
CA ARG HA 542 -35.98 -0.23 -39.03
C ARG HA 542 -36.65 0.43 -40.24
N ILE HA 543 -37.61 1.31 -39.97
CA ILE HA 543 -38.35 1.94 -41.08
C ILE HA 543 -37.46 2.93 -41.83
N GLN HA 544 -36.81 3.82 -41.10
CA GLN HA 544 -36.00 4.90 -41.67
C GLN HA 544 -34.55 4.44 -41.81
N ASP HA 545 -33.62 5.40 -41.92
CA ASP HA 545 -32.19 5.16 -41.81
C ASP HA 545 -31.67 4.27 -42.94
N ALA HA 546 -31.69 4.87 -44.14
CA ALA HA 546 -31.20 4.22 -45.35
C ALA HA 546 -29.84 3.56 -45.13
N ASP HA 547 -29.58 2.51 -45.92
CA ASP HA 547 -28.38 1.70 -45.79
C ASP HA 547 -27.23 2.35 -46.55
N TYR HA 548 -26.28 2.92 -45.80
CA TYR HA 548 -25.18 3.65 -46.41
C TYR HA 548 -24.44 2.83 -47.46
N ALA HA 549 -24.28 1.53 -47.23
CA ALA HA 549 -23.69 0.68 -48.26
C ALA HA 549 -24.52 0.73 -49.54
N THR HA 550 -25.84 0.62 -49.38
CA THR HA 550 -26.72 0.57 -50.55
C THR HA 550 -26.65 1.87 -51.35
N GLU HA 551 -26.80 3.02 -50.68
CA GLU HA 551 -26.74 4.26 -51.47
C GLU HA 551 -25.34 4.63 -51.93
N VAL HA 552 -24.28 4.22 -51.24
CA VAL HA 552 -22.94 4.44 -51.78
C VAL HA 552 -22.77 3.68 -53.08
N SER HA 553 -23.18 2.41 -53.11
CA SER HA 553 -23.12 1.65 -54.35
C SER HA 553 -24.00 2.28 -55.42
N ASN HA 554 -25.19 2.73 -55.03
CA ASN HA 554 -26.12 3.31 -55.99
C ASN HA 554 -25.54 4.56 -56.64
N MET HA 555 -24.95 5.45 -55.84
CA MET HA 555 -24.39 6.65 -56.44
C MET HA 555 -23.15 6.34 -57.25
N SER HA 556 -22.37 5.33 -56.85
CA SER HA 556 -21.19 5.00 -57.63
C SER HA 556 -21.58 4.53 -59.02
N LYS HA 557 -22.53 3.60 -59.10
CA LYS HA 557 -22.95 3.14 -60.43
C LYS HA 557 -23.70 4.24 -61.17
N ALA HA 558 -24.40 5.13 -60.47
CA ALA HA 558 -25.07 6.23 -61.13
C ALA HA 558 -24.06 7.20 -61.75
N GLN HA 559 -22.98 7.49 -61.03
CA GLN HA 559 -21.94 8.37 -61.56
C GLN HA 559 -21.26 7.73 -62.77
N ILE HA 560 -21.00 6.42 -62.70
CA ILE HA 560 -20.42 5.75 -63.86
C ILE HA 560 -21.36 5.83 -65.06
N ILE HA 561 -22.65 5.60 -64.83
CA ILE HA 561 -23.60 5.68 -65.93
C ILE HA 561 -23.64 7.08 -66.50
N GLN HA 562 -23.55 8.10 -65.63
CA GLN HA 562 -23.56 9.48 -66.11
C GLN HA 562 -22.35 9.78 -66.97
N GLN HA 563 -21.16 9.37 -66.51
CA GLN HA 563 -19.96 9.65 -67.29
C GLN HA 563 -19.97 8.90 -68.62
N ALA HA 564 -20.40 7.64 -68.61
CA ALA HA 564 -20.50 6.88 -69.84
C ALA HA 564 -21.50 7.51 -70.79
N GLY HA 565 -22.65 7.96 -70.26
CA GLY HA 565 -23.63 8.60 -71.09
C GLY HA 565 -23.13 9.90 -71.69
N ASN HA 566 -22.35 10.65 -70.93
CA ASN HA 566 -21.79 11.90 -71.45
C ASN HA 566 -20.76 11.64 -72.54
N SER HA 567 -19.91 10.64 -72.35
CA SER HA 567 -18.95 10.31 -73.39
C SER HA 567 -19.63 9.84 -74.66
N VAL HA 568 -20.64 8.96 -74.51
CA VAL HA 568 -21.39 8.50 -75.67
C VAL HA 568 -22.15 9.65 -76.29
N LEU HA 569 -22.61 10.60 -75.47
CA LEU HA 569 -23.31 11.77 -75.97
C LEU HA 569 -22.39 12.62 -76.83
N ALA HA 570 -21.14 12.79 -76.39
CA ALA HA 570 -20.17 13.50 -77.22
C ALA HA 570 -19.90 12.75 -78.52
N LYS HA 571 -19.80 11.43 -78.46
CA LYS HA 571 -19.60 10.65 -79.67
C LYS HA 571 -20.77 10.79 -80.62
N ALA HA 572 -21.99 10.87 -80.09
CA ALA HA 572 -23.16 11.04 -80.94
C ALA HA 572 -23.26 12.45 -81.49
N ASN HA 573 -23.02 13.46 -80.64
CA ASN HA 573 -22.95 14.84 -81.10
C ASN HA 573 -21.80 15.07 -82.06
N GLN HA 574 -20.91 14.09 -82.22
CA GLN HA 574 -20.02 14.12 -83.35
C GLN HA 574 -20.90 13.83 -84.57
N VAL HA 575 -21.80 14.76 -84.85
CA VAL HA 575 -22.90 14.60 -85.79
C VAL HA 575 -22.29 14.53 -87.18
N PRO HA 576 -22.96 13.90 -88.16
CA PRO HA 576 -22.27 13.51 -89.39
C PRO HA 576 -21.58 14.66 -90.10
N GLN HA 577 -20.26 14.62 -90.17
CA GLN HA 577 -19.53 15.54 -91.02
C GLN HA 577 -19.16 14.89 -92.34
N GLN HA 578 -19.38 13.59 -92.48
CA GLN HA 578 -19.10 12.91 -93.73
C GLN HA 578 -19.95 13.47 -94.87
N VAL HA 579 -21.08 14.09 -94.55
CA VAL HA 579 -21.85 14.80 -95.55
C VAL HA 579 -21.02 15.96 -96.12
N LEU HA 580 -20.25 16.63 -95.25
CA LEU HA 580 -19.37 17.68 -95.73
C LEU HA 580 -18.33 17.11 -96.70
N SER HA 581 -17.79 15.94 -96.39
CA SER HA 581 -16.84 15.29 -97.29
C SER HA 581 -17.50 14.94 -98.61
N LEU HA 582 -18.74 14.45 -98.57
CA LEU HA 582 -19.48 14.15 -99.80
C LEU HA 582 -19.69 15.39 -100.64
N LEU HA 583 -19.84 16.56 -99.99
CA LEU HA 583 -20.20 17.76 -100.72
C LEU HA 583 -19.18 18.12 -101.78
N GLN HA 584 -17.90 18.22 -101.41
CA GLN HA 584 -16.91 18.70 -102.37
C GLN HA 584 -16.59 17.68 -103.46
N GLY HA 585 -17.05 16.45 -103.33
CA GLY HA 585 -16.80 15.43 -104.34
C GLY HA 585 -17.61 15.61 -105.61
N MET IA 1 18.83 4.69 -82.56
CA MET IA 1 17.39 4.87 -82.48
C MET IA 1 16.83 5.35 -83.81
N ALA IA 2 17.18 6.58 -84.21
CA ALA IA 2 16.64 7.14 -85.45
C ALA IA 2 17.01 6.32 -86.67
N GLN IA 3 18.12 5.58 -86.63
CA GLN IA 3 18.51 4.80 -87.79
C GLN IA 3 17.63 3.56 -87.95
N VAL IA 4 17.33 2.87 -86.86
CA VAL IA 4 16.82 1.51 -86.90
C VAL IA 4 15.56 1.41 -86.06
N ILE IA 5 14.62 0.57 -86.48
CA ILE IA 5 13.45 0.27 -85.67
C ILE IA 5 13.32 -1.20 -85.33
N ASN IA 6 14.08 -2.09 -85.98
CA ASN IA 6 13.91 -3.52 -85.75
C ASN IA 6 14.41 -3.94 -84.37
N THR IA 7 15.36 -3.20 -83.80
CA THR IA 7 15.88 -3.51 -82.48
C THR IA 7 15.95 -2.23 -81.66
N ASN IA 8 16.03 -2.40 -80.34
CA ASN IA 8 16.24 -1.28 -79.41
C ASN IA 8 17.30 -1.71 -78.42
N SER IA 9 18.56 -1.38 -78.74
CA SER IA 9 19.67 -1.71 -77.84
C SER IA 9 19.49 -1.05 -76.48
N LEU IA 10 18.93 0.16 -76.46
CA LEU IA 10 18.67 0.82 -75.19
C LEU IA 10 17.68 0.00 -74.36
N SER IA 11 16.62 -0.50 -74.99
CA SER IA 11 15.66 -1.33 -74.28
C SER IA 11 16.31 -2.61 -73.76
N LEU IA 12 17.16 -3.23 -74.58
CA LEU IA 12 17.81 -4.46 -74.16
C LEU IA 12 18.71 -4.22 -72.95
N ILE IA 13 19.51 -3.15 -73.00
CA ILE IA 13 20.40 -2.83 -71.88
C ILE IA 13 19.60 -2.53 -70.63
N THR IA 14 18.51 -1.77 -70.78
CA THR IA 14 17.67 -1.44 -69.64
C THR IA 14 17.07 -2.69 -69.02
N GLN IA 15 16.61 -3.63 -69.86
CA GLN IA 15 16.05 -4.87 -69.34
C GLN IA 15 17.11 -5.67 -68.59
N ASN IA 16 18.33 -5.71 -69.12
CA ASN IA 16 19.39 -6.43 -68.43
C ASN IA 16 19.65 -5.83 -67.05
N ASN IA 17 19.72 -4.50 -66.99
CA ASN IA 17 19.98 -3.84 -65.70
C ASN IA 17 18.83 -4.08 -64.74
N ILE IA 18 17.59 -4.07 -65.24
CA ILE IA 18 16.43 -4.31 -64.39
C ILE IA 18 16.49 -5.71 -63.80
N ASN IA 19 16.83 -6.71 -64.61
CA ASN IA 19 16.94 -8.07 -64.11
C ASN IA 19 18.05 -8.19 -63.06
N LYS IA 20 19.19 -7.54 -63.31
CA LYS IA 20 20.28 -7.59 -62.36
C LYS IA 20 19.87 -6.99 -61.02
N ASN IA 21 19.12 -5.90 -61.05
CA ASN IA 21 18.61 -5.34 -59.79
C ASN IA 21 17.57 -6.26 -59.15
N GLN IA 22 16.73 -6.89 -59.96
CA GLN IA 22 15.66 -7.72 -59.43
C GLN IA 22 16.21 -8.90 -58.65
N SER IA 23 17.35 -9.44 -59.07
CA SER IA 23 17.97 -10.53 -58.31
C SER IA 23 18.22 -10.11 -56.87
N ALA IA 24 18.88 -8.96 -56.67
CA ALA IA 24 19.16 -8.48 -55.33
C ALA IA 24 17.89 -8.10 -54.58
N LEU IA 25 16.91 -7.55 -55.29
CA LEU IA 25 15.62 -7.24 -54.64
C LEU IA 25 15.00 -8.49 -54.03
N SER IA 26 14.93 -9.56 -54.82
CA SER IA 26 14.36 -10.81 -54.32
C SER IA 26 15.17 -11.37 -53.15
N SER IA 27 16.49 -11.33 -53.27
CA SER IA 27 17.33 -11.82 -52.17
C SER IA 27 17.06 -11.05 -50.89
N SER IA 28 16.98 -9.72 -50.98
CA SER IA 28 16.76 -8.90 -49.79
C SER IA 28 15.40 -9.16 -49.17
N ILE IA 29 14.35 -9.26 -49.99
CA ILE IA 29 13.02 -9.49 -49.44
C ILE IA 29 12.95 -10.85 -48.76
N GLU IA 30 13.51 -11.87 -49.39
CA GLU IA 30 13.51 -13.19 -48.77
C GLU IA 30 14.29 -13.19 -47.46
N ARG IA 31 15.43 -12.51 -47.44
CA ARG IA 31 16.25 -12.45 -46.24
C ARG IA 31 15.49 -11.77 -45.10
N LEU IA 32 14.81 -10.67 -45.40
CA LEU IA 32 14.04 -9.98 -44.37
C LEU IA 32 12.88 -10.84 -43.87
N SER IA 33 12.18 -11.51 -44.78
CA SER IA 33 11.04 -12.32 -44.38
C SER IA 33 11.47 -13.47 -43.47
N SER IA 34 12.57 -14.14 -43.82
CA SER IA 34 12.99 -15.29 -43.02
C SER IA 34 13.66 -14.86 -41.72
N GLY IA 35 14.41 -13.76 -41.74
CA GLY IA 35 15.16 -13.34 -40.58
C GLY IA 35 16.48 -14.04 -40.40
N LEU IA 36 16.99 -14.71 -41.43
CA LEU IA 36 18.24 -15.46 -41.36
C LEU IA 36 19.20 -14.97 -42.42
N ARG IA 37 20.44 -14.73 -42.03
CA ARG IA 37 21.44 -14.29 -42.99
C ARG IA 37 21.77 -15.39 -44.00
N ILE IA 38 22.05 -16.60 -43.51
CA ILE IA 38 22.37 -17.74 -44.36
C ILE IA 38 21.07 -18.49 -44.62
N ASN IA 39 20.59 -18.41 -45.86
CA ASN IA 39 19.28 -18.94 -46.21
C ASN IA 39 19.39 -19.78 -47.46
N SER IA 40 19.01 -21.05 -47.36
CA SER IA 40 19.00 -22.00 -48.48
C SER IA 40 20.36 -22.21 -49.11
N ALA IA 41 21.43 -21.75 -48.45
CA ALA IA 41 22.82 -22.01 -48.85
C ALA IA 41 23.11 -21.58 -50.28
N LYS IA 42 22.46 -20.52 -50.76
CA LYS IA 42 22.80 -19.92 -52.04
C LYS IA 42 24.05 -19.08 -51.95
N ASP IA 43 24.69 -19.13 -50.79
CA ASP IA 43 25.81 -18.27 -50.41
C ASP IA 43 26.81 -19.15 -49.68
N ASP IA 44 27.71 -18.54 -48.91
CA ASP IA 44 28.80 -19.27 -48.26
C ASP IA 44 28.28 -20.47 -47.48
N ALA IA 45 28.69 -21.67 -47.93
CA ALA IA 45 28.20 -22.90 -47.34
C ALA IA 45 28.90 -23.25 -46.03
N ALA IA 46 30.08 -22.69 -45.79
CA ALA IA 46 30.74 -22.90 -44.51
C ALA IA 46 29.90 -22.36 -43.37
N GLY IA 47 29.26 -21.21 -43.58
CA GLY IA 47 28.36 -20.68 -42.56
C GLY IA 47 27.20 -21.61 -42.28
N GLN IA 48 26.61 -22.19 -43.33
CA GLN IA 48 25.52 -23.14 -43.14
C GLN IA 48 25.97 -24.35 -42.33
N ALA IA 49 27.13 -24.92 -42.70
CA ALA IA 49 27.61 -26.10 -41.99
C ALA IA 49 27.92 -25.79 -40.54
N ILE IA 50 28.57 -24.66 -40.27
CA ILE IA 50 28.92 -24.31 -38.90
C ILE IA 50 27.67 -24.02 -38.09
N ALA IA 51 26.67 -23.40 -38.72
CA ALA IA 51 25.40 -23.16 -38.02
C ALA IA 51 24.73 -24.48 -37.64
N ASN IA 52 24.77 -25.46 -38.55
CA ASN IA 52 24.21 -26.77 -38.23
C ASN IA 52 24.95 -27.43 -37.07
N ARG IA 53 26.28 -27.34 -37.08
CA ARG IA 53 27.05 -27.90 -35.97
C ARG IA 53 26.70 -27.22 -34.65
N PHE IA 54 26.55 -25.90 -34.68
CA PHE IA 54 26.20 -25.17 -33.47
C PHE IA 54 24.82 -25.56 -32.97
N THR IA 55 23.87 -25.74 -33.88
CA THR IA 55 22.53 -26.16 -33.49
C THR IA 55 22.59 -27.53 -32.81
N SER IA 56 23.34 -28.46 -33.39
CA SER IA 56 23.47 -29.78 -32.79
C SER IA 56 24.07 -29.68 -31.40
N ASN IA 57 25.12 -28.88 -31.24
CA ASN IA 57 25.77 -28.74 -29.93
C ASN IA 57 24.81 -28.14 -28.91
N ILE IA 58 24.06 -27.11 -29.30
CA ILE IA 58 23.16 -26.45 -28.37
C ILE IA 58 22.09 -27.42 -27.89
N LYS IA 59 21.47 -28.14 -28.83
CA LYS IA 59 20.42 -29.08 -28.43
C LYS IA 59 20.97 -30.18 -27.52
N GLY IA 60 22.15 -30.70 -27.88
CA GLY IA 60 22.75 -31.73 -27.04
C GLY IA 60 23.04 -31.23 -25.64
N LEU IA 61 23.57 -30.02 -25.52
CA LEU IA 61 23.92 -29.50 -24.20
C LEU IA 61 22.67 -29.24 -23.36
N THR IA 62 21.60 -28.74 -23.98
CA THR IA 62 20.35 -28.54 -23.23
C THR IA 62 19.83 -29.86 -22.70
N GLN IA 63 19.81 -30.89 -23.55
CA GLN IA 63 19.34 -32.18 -23.09
C GLN IA 63 20.24 -32.75 -21.99
N ALA IA 64 21.55 -32.51 -22.10
CA ALA IA 64 22.47 -32.96 -21.07
C ALA IA 64 22.19 -32.29 -19.74
N ALA IA 65 21.86 -30.99 -19.77
CA ALA IA 65 21.48 -30.30 -18.54
C ALA IA 65 20.26 -30.93 -17.91
N ARG IA 66 19.26 -31.28 -18.74
CA ARG IA 66 18.08 -31.95 -18.19
C ARG IA 66 18.45 -33.29 -17.54
N ASN IA 67 19.32 -34.05 -18.20
CA ASN IA 67 19.73 -35.34 -17.64
C ASN IA 67 20.45 -35.15 -16.30
N ALA IA 68 21.30 -34.13 -16.21
CA ALA IA 68 21.99 -33.86 -14.95
C ALA IA 68 21.00 -33.50 -13.85
N ASN IA 69 19.96 -32.74 -14.18
CA ASN IA 69 18.92 -32.45 -13.20
C ASN IA 69 18.27 -33.74 -12.69
N ASP IA 70 17.98 -34.66 -13.61
CA ASP IA 70 17.39 -35.94 -13.19
C ASP IA 70 18.33 -36.69 -12.25
N GLY IA 71 19.62 -36.68 -12.55
CA GLY IA 71 20.58 -37.34 -11.67
C GLY IA 71 20.60 -36.72 -10.28
N ILE IA 72 20.52 -35.39 -10.22
CA ILE IA 72 20.44 -34.72 -8.91
C ILE IA 72 19.22 -35.20 -8.15
N SER IA 73 18.09 -35.36 -8.84
CA SER IA 73 16.88 -35.84 -8.18
C SER IA 73 17.10 -37.24 -7.61
N VAL IA 74 17.74 -38.12 -8.38
CA VAL IA 74 18.03 -39.47 -7.91
C VAL IA 74 18.83 -39.42 -6.62
N ALA IA 75 19.89 -38.61 -6.61
CA ALA IA 75 20.75 -38.51 -5.44
C ALA IA 75 19.97 -38.00 -4.24
N GLN IA 76 19.10 -37.01 -4.44
CA GLN IA 76 18.33 -36.46 -3.33
C GLN IA 76 17.42 -37.51 -2.70
N THR IA 77 16.73 -38.29 -3.56
CA THR IA 77 15.84 -39.32 -3.03
C THR IA 77 16.62 -40.35 -2.21
N THR IA 78 17.73 -40.84 -2.76
CA THR IA 78 18.51 -41.84 -2.05
C THR IA 78 19.00 -41.29 -0.72
N GLU IA 79 19.42 -40.02 -0.70
CA GLU IA 79 19.95 -39.45 0.54
C GLU IA 79 18.86 -39.29 1.59
N GLY IA 80 17.63 -38.97 1.18
CA GLY IA 80 16.55 -38.90 2.15
C GLY IA 80 16.28 -40.24 2.80
N ALA IA 81 16.22 -41.30 1.99
CA ALA IA 81 16.04 -42.64 2.56
C ALA IA 81 17.18 -42.97 3.52
N LEU IA 82 18.40 -42.60 3.14
CA LEU IA 82 19.56 -42.87 4.01
C LEU IA 82 19.45 -42.14 5.33
N SER IA 83 18.97 -40.89 5.30
CA SER IA 83 18.82 -40.14 6.54
C SER IA 83 17.84 -40.83 7.48
N GLU IA 84 16.73 -41.33 6.94
CA GLU IA 84 15.80 -42.07 7.79
C GLU IA 84 16.47 -43.31 8.39
N ILE IA 85 17.23 -44.04 7.57
CA ILE IA 85 17.92 -45.23 8.08
C ILE IA 85 18.88 -44.86 9.20
N ASN IA 86 19.59 -43.74 9.05
CA ASN IA 86 20.54 -43.32 10.07
C ASN IA 86 19.83 -42.98 11.38
N ASN IA 87 18.68 -42.32 11.30
CA ASN IA 87 17.92 -42.04 12.51
C ASN IA 87 17.53 -43.33 13.22
N ASN IA 88 17.08 -44.32 12.44
CA ASN IA 88 16.74 -45.61 13.05
C ASN IA 88 17.94 -46.24 13.73
N LEU IA 89 19.11 -46.19 13.10
CA LEU IA 89 20.30 -46.78 13.69
C LEU IA 89 20.68 -46.07 14.99
N GLN IA 90 20.58 -44.74 15.02
CA GLN IA 90 20.88 -44.02 16.24
C GLN IA 90 19.97 -44.45 17.38
N ARG IA 91 18.67 -44.58 17.09
CA ARG IA 91 17.75 -45.03 18.13
C ARG IA 91 18.09 -46.44 18.60
N ILE IA 92 18.47 -47.31 17.67
CA ILE IA 92 18.86 -48.67 18.05
C ILE IA 92 20.05 -48.64 18.98
N ARG IA 93 21.04 -47.78 18.69
CA ARG IA 93 22.21 -47.71 19.56
C ARG IA 93 21.83 -47.21 20.95
N GLU IA 94 20.93 -46.23 21.02
CA GLU IA 94 20.48 -45.77 22.34
C GLU IA 94 19.83 -46.90 23.12
N LEU IA 95 18.99 -47.70 22.45
CA LEU IA 95 18.37 -48.85 23.11
C LEU IA 95 19.43 -49.84 23.60
N THR IA 96 20.46 -50.09 22.78
CA THR IA 96 21.50 -51.02 23.19
C THR IA 96 22.25 -50.51 24.42
N VAL IA 97 22.56 -49.21 24.45
CA VAL IA 97 23.23 -48.64 25.60
C VAL IA 97 22.39 -48.82 26.85
N GLN IA 98 21.07 -48.64 26.72
CA GLN IA 98 20.21 -48.91 27.87
C GLN IA 98 20.22 -50.38 28.26
N ALA IA 99 20.19 -51.28 27.27
CA ALA IA 99 20.01 -52.69 27.57
C ALA IA 99 21.24 -53.31 28.21
N THR IA 100 22.44 -52.84 27.86
CA THR IA 100 23.64 -53.51 28.34
C THR IA 100 23.85 -53.43 29.85
N THR IA 101 23.13 -52.57 30.55
CA THR IA 101 23.30 -52.47 32.00
C THR IA 101 22.80 -53.75 32.68
N GLY IA 102 23.44 -54.11 33.78
CA GLY IA 102 23.10 -55.32 34.50
C GLY IA 102 21.92 -55.22 35.43
N THR IA 103 21.32 -54.03 35.58
CA THR IA 103 20.16 -53.90 36.45
C THR IA 103 18.90 -54.45 35.78
N ASN IA 104 18.83 -54.40 34.45
CA ASN IA 104 17.65 -54.87 33.74
C ASN IA 104 17.42 -56.36 33.97
N SER IA 105 16.16 -56.76 33.99
CA SER IA 105 15.81 -58.16 34.17
C SER IA 105 15.50 -58.79 32.80
N ASP IA 106 15.11 -60.06 32.83
CA ASP IA 106 14.88 -60.80 31.59
C ASP IA 106 13.73 -60.22 30.79
N SER IA 107 12.63 -59.86 31.46
CA SER IA 107 11.50 -59.28 30.75
C SER IA 107 11.87 -57.94 30.12
N ASP IA 108 12.63 -57.12 30.85
CA ASP IA 108 13.06 -55.84 30.32
C ASP IA 108 13.94 -56.03 29.08
N LEU IA 109 14.88 -56.98 29.16
CA LEU IA 109 15.72 -57.26 28.01
C LEU IA 109 14.90 -57.75 26.82
N ASP IA 110 13.88 -58.57 27.09
CA ASP IA 110 13.02 -59.07 26.02
C ASP IA 110 12.28 -57.92 25.34
N SER IA 111 11.74 -56.99 26.13
CA SER IA 111 11.04 -55.84 25.55
C SER IA 111 11.98 -54.98 24.72
N ILE IA 112 13.17 -54.71 25.25
CA ILE IA 112 14.13 -53.88 24.52
C ILE IA 112 14.52 -54.55 23.21
N GLN IA 113 14.76 -55.86 23.24
CA GLN IA 113 15.12 -56.55 22.01
C GLN IA 113 13.95 -56.61 21.04
N ASP IA 114 12.72 -56.64 21.54
CA ASP IA 114 11.57 -56.56 20.64
C ASP IA 114 11.57 -55.24 19.90
N GLU IA 115 11.82 -54.14 20.62
CA GLU IA 115 11.89 -52.84 19.96
C GLU IA 115 13.03 -52.80 18.95
N ILE IA 116 14.18 -53.38 19.32
CA ILE IA 116 15.34 -53.40 18.41
C ILE IA 116 15.00 -54.17 17.15
N LYS IA 117 14.35 -55.32 17.29
CA LYS IA 117 13.99 -56.13 16.13
C LYS IA 117 13.01 -55.37 15.24
N SER IA 118 12.06 -54.66 15.84
CA SER IA 118 11.12 -53.89 15.04
C SER IA 118 11.84 -52.83 14.22
N ARG IA 119 12.79 -52.13 14.84
CA ARG IA 119 13.48 -51.09 14.09
C ARG IA 119 14.42 -51.66 13.03
N LEU IA 120 15.03 -52.82 13.28
CA LEU IA 120 15.80 -53.47 12.24
C LEU IA 120 14.91 -53.87 11.06
N ASP IA 121 13.71 -54.35 11.37
CA ASP IA 121 12.75 -54.64 10.31
C ASP IA 121 12.41 -53.40 9.52
N GLU IA 122 12.28 -52.25 10.20
CA GLU IA 122 12.03 -51.00 9.49
C GLU IA 122 13.19 -50.64 8.57
N ILE IA 123 14.42 -50.84 9.03
CA ILE IA 123 15.57 -50.55 8.17
C ILE IA 123 15.50 -51.41 6.91
N ASP IA 124 15.25 -52.71 7.09
CA ASP IA 124 15.17 -53.61 5.94
C ASP IA 124 14.03 -53.21 5.01
N ARG IA 125 12.88 -52.85 5.57
CA ARG IA 125 11.72 -52.48 4.76
C ARG IA 125 11.99 -51.22 3.95
N VAL IA 126 12.58 -50.21 4.57
CA VAL IA 126 12.88 -48.98 3.85
C VAL IA 126 13.87 -49.27 2.73
N SER IA 127 14.90 -50.07 3.01
CA SER IA 127 15.86 -50.42 1.98
C SER IA 127 15.20 -51.13 0.82
N GLY IA 128 14.31 -52.08 1.12
CA GLY IA 128 13.67 -52.84 0.05
C GLY IA 128 12.71 -52.02 -0.78
N GLN IA 129 11.96 -51.12 -0.12
CA GLN IA 129 10.85 -50.45 -0.78
C GLN IA 129 11.20 -49.09 -1.37
N THR IA 130 12.33 -48.49 -1.00
CA THR IA 130 12.71 -47.23 -1.59
C THR IA 130 12.93 -47.41 -3.09
N GLN IA 131 12.29 -46.57 -3.89
CA GLN IA 131 12.29 -46.77 -5.33
C GLN IA 131 12.22 -45.43 -6.05
N PHE IA 132 12.95 -45.33 -7.15
CA PHE IA 132 12.92 -44.15 -8.03
C PHE IA 132 12.73 -44.63 -9.46
N ASN IA 133 11.60 -44.28 -10.06
CA ASN IA 133 11.31 -44.58 -11.46
C ASN IA 133 11.44 -46.07 -11.75
N GLY IA 134 10.96 -46.89 -10.81
CA GLY IA 134 11.03 -48.32 -10.98
C GLY IA 134 12.38 -48.95 -10.72
N VAL IA 135 13.32 -48.20 -10.17
CA VAL IA 135 14.66 -48.70 -9.88
C VAL IA 135 14.85 -48.67 -8.37
N ASN IA 136 15.23 -49.81 -7.80
CA ASN IA 136 15.53 -49.90 -6.37
C ASN IA 136 16.94 -49.38 -6.16
N VAL IA 137 17.05 -48.16 -5.63
CA VAL IA 137 18.35 -47.53 -5.50
C VAL IA 137 19.18 -48.22 -4.42
N LEU IA 138 18.56 -48.59 -3.30
CA LEU IA 138 19.29 -49.13 -2.17
C LEU IA 138 19.35 -50.65 -2.15
N ALA IA 139 18.77 -51.33 -3.12
CA ALA IA 139 18.76 -52.78 -3.15
C ALA IA 139 19.79 -53.38 -4.11
N LYS IA 140 20.61 -52.55 -4.74
CA LYS IA 140 21.59 -53.04 -5.70
C LYS IA 140 22.93 -52.39 -5.44
N ASP IA 141 24.00 -53.10 -5.78
CA ASP IA 141 25.37 -52.63 -5.59
C ASP IA 141 26.00 -52.14 -6.88
N GLY IA 142 25.19 -51.65 -7.82
CA GLY IA 142 25.66 -51.27 -9.13
C GLY IA 142 26.05 -49.81 -9.25
N SER IA 143 25.94 -49.31 -10.49
CA SER IA 143 26.29 -47.94 -10.78
C SER IA 143 25.37 -47.41 -11.86
N MET IA 144 25.27 -46.08 -11.90
CA MET IA 144 24.40 -45.37 -12.82
C MET IA 144 25.24 -44.42 -13.65
N LYS IA 145 24.91 -44.30 -14.93
CA LYS IA 145 25.65 -43.43 -15.83
C LYS IA 145 24.74 -42.29 -16.27
N ILE IA 146 25.25 -41.07 -16.21
CA ILE IA 146 24.50 -39.88 -16.58
C ILE IA 146 25.24 -39.19 -17.72
N GLN IA 147 24.53 -38.95 -18.82
CA GLN IA 147 25.09 -38.26 -19.97
C GLN IA 147 25.09 -36.76 -19.68
N VAL IA 148 26.27 -36.15 -19.69
CA VAL IA 148 26.39 -34.73 -19.42
C VAL IA 148 26.98 -33.94 -20.59
N GLY IA 149 27.55 -34.59 -21.59
CA GLY IA 149 28.05 -33.92 -22.77
C GLY IA 149 27.17 -34.12 -23.98
N ALA IA 150 27.69 -33.72 -25.13
CA ALA IA 150 26.99 -33.87 -26.39
C ALA IA 150 27.55 -34.98 -27.27
N ASN IA 151 28.67 -35.58 -26.88
CA ASN IA 151 29.29 -36.65 -27.65
C ASN IA 151 29.34 -37.93 -26.80
N ASP IA 152 29.97 -38.96 -27.34
CA ASP IA 152 30.06 -40.24 -26.66
C ASP IA 152 31.12 -40.22 -25.58
N GLY IA 153 30.78 -40.77 -24.41
CA GLY IA 153 31.72 -40.92 -23.32
C GLY IA 153 31.68 -39.83 -22.27
N GLU IA 154 30.91 -38.76 -22.48
CA GLU IA 154 30.79 -37.69 -21.50
C GLU IA 154 29.76 -38.10 -20.45
N THR IA 155 30.21 -38.90 -19.48
CA THR IA 155 29.33 -39.48 -18.50
C THR IA 155 29.85 -39.24 -17.10
N ILE IA 156 28.93 -39.22 -16.15
CA ILE IA 156 29.24 -39.17 -14.73
C ILE IA 156 28.59 -40.38 -14.07
N THR IA 157 29.36 -41.07 -13.23
CA THR IA 157 28.90 -42.32 -12.62
C THR IA 157 28.52 -42.09 -11.17
N ILE IA 158 27.34 -42.60 -10.80
CA ILE IA 158 26.88 -42.62 -9.41
C ILE IA 158 26.97 -44.06 -8.92
N ASP IA 159 27.71 -44.27 -7.85
CA ASP IA 159 27.84 -45.61 -7.29
C ASP IA 159 26.77 -45.85 -6.22
N LEU IA 160 26.12 -47.00 -6.28
CA LEU IA 160 25.13 -47.38 -5.28
C LEU IA 160 25.63 -48.59 -4.49
N LYS IA 161 25.21 -48.68 -3.23
CA LYS IA 161 25.60 -49.77 -2.37
C LYS IA 161 24.36 -50.46 -1.82
N LYS IA 162 24.41 -51.78 -1.73
CA LYS IA 162 23.30 -52.56 -1.19
C LYS IA 162 23.30 -52.36 0.32
N ILE IA 163 22.38 -51.54 0.81
CA ILE IA 163 22.29 -51.21 2.23
C ILE IA 163 21.12 -51.97 2.81
N ASP IA 164 21.41 -52.85 3.76
CA ASP IA 164 20.40 -53.58 4.51
C ASP IA 164 21.06 -54.15 5.75
N SER IA 165 20.38 -55.07 6.42
CA SER IA 165 20.98 -55.71 7.59
C SER IA 165 22.21 -56.52 7.21
N ASP IA 166 22.12 -57.28 6.11
CA ASP IA 166 23.19 -58.22 5.77
C ASP IA 166 24.52 -57.52 5.55
N THR IA 167 24.51 -56.38 4.88
CA THR IA 167 25.74 -55.65 4.61
C THR IA 167 26.18 -54.76 5.77
N LEU IA 168 25.42 -54.72 6.86
CA LEU IA 168 25.82 -54.01 8.07
C LEU IA 168 25.99 -54.94 9.25
N GLY IA 169 25.92 -56.26 9.01
CA GLY IA 169 25.99 -57.19 10.12
C GLY IA 169 24.65 -57.28 10.82
N LEU IA 170 24.69 -57.19 12.15
CA LEU IA 170 23.49 -57.02 12.96
C LEU IA 170 22.45 -58.11 12.77
N ASN IA 171 22.80 -59.22 12.11
CA ASN IA 171 21.81 -60.25 11.80
C ASN IA 171 21.20 -60.83 13.07
N GLY IA 172 22.00 -61.56 13.83
CA GLY IA 172 21.54 -62.07 15.10
C GLY IA 172 21.89 -61.11 16.23
N PHE IA 173 21.31 -59.92 16.19
CA PHE IA 173 21.68 -58.88 17.14
C PHE IA 173 20.94 -59.20 18.44
N ASN IA 174 21.42 -60.25 19.12
CA ASN IA 174 20.66 -61.09 20.05
C ASN IA 174 20.68 -60.50 21.46
N VAL IA 175 20.72 -59.18 21.59
CA VAL IA 175 21.02 -58.49 22.85
C VAL IA 175 20.26 -59.07 24.04
N ASN IA 176 19.11 -59.72 23.80
CA ASN IA 176 18.40 -60.38 24.88
C ASN IA 176 18.90 -61.80 25.15
N GLY IA 177 20.12 -62.14 24.73
CA GLY IA 177 20.60 -63.49 24.86
C GLY IA 177 21.05 -63.86 26.26
N LYS IA 178 22.14 -64.62 26.36
CA LYS IA 178 22.65 -65.06 27.66
C LYS IA 178 24.12 -64.67 27.83
N GLY IA 179 24.83 -64.50 26.71
CA GLY IA 179 26.23 -64.17 26.82
C GLY IA 179 27.05 -65.33 27.35
N THR IA 180 28.23 -65.00 27.87
CA THR IA 180 29.13 -66.01 28.39
C THR IA 180 28.52 -66.71 29.59
N ILE IA 181 28.42 -68.04 29.52
CA ILE IA 181 27.81 -68.85 30.56
C ILE IA 181 28.81 -69.90 31.00
N THR IA 182 28.96 -70.07 32.31
CA THR IA 182 29.85 -71.08 32.86
C THR IA 182 29.20 -72.45 32.75
N ASN IA 183 29.91 -73.41 32.18
CA ASN IA 183 29.36 -74.73 31.99
C ASN IA 183 29.56 -75.59 33.24
N LYS IA 184 28.64 -76.53 33.43
CA LYS IA 184 28.66 -77.36 34.63
C LYS IA 184 29.79 -78.38 34.59
N ALA IA 185 30.22 -78.80 35.78
CA ALA IA 185 31.31 -79.76 35.88
C ALA IA 185 30.86 -81.14 35.43
N ALA IA 186 31.79 -81.88 34.84
CA ALA IA 186 31.51 -83.23 34.36
C ALA IA 186 31.37 -84.20 35.53
N THR IA 187 30.72 -85.32 35.26
CA THR IA 187 30.52 -86.37 36.26
C THR IA 187 30.74 -87.74 35.63
N VAL IA 188 30.64 -88.77 36.46
CA VAL IA 188 30.91 -90.12 35.99
C VAL IA 188 29.81 -90.61 35.04
N SER IA 189 28.57 -90.18 35.27
CA SER IA 189 27.46 -90.66 34.45
C SER IA 189 27.64 -90.24 32.99
N ASP IA 190 27.83 -88.95 32.74
CA ASP IA 190 28.03 -88.53 31.37
C ASP IA 190 29.44 -88.83 30.87
N LEU IA 191 30.40 -89.04 31.79
CA LEU IA 191 31.70 -89.57 31.38
C LEU IA 191 31.54 -90.93 30.71
N THR IA 192 30.75 -91.81 31.32
CA THR IA 192 30.48 -93.11 30.71
C THR IA 192 29.56 -92.99 29.50
N SER IA 193 28.63 -92.04 29.52
CA SER IA 193 27.77 -91.82 28.36
C SER IA 193 28.59 -91.42 27.14
N ALA IA 194 29.68 -90.67 27.34
CA ALA IA 194 30.57 -90.32 26.24
C ALA IA 194 31.30 -91.54 25.66
N GLY IA 195 31.29 -92.67 26.36
CA GLY IA 195 31.93 -93.88 25.88
C GLY IA 195 33.16 -94.33 26.66
N ALA IA 196 33.46 -93.72 27.80
CA ALA IA 196 34.65 -94.08 28.55
C ALA IA 196 34.50 -95.46 29.19
N LYS IA 197 35.58 -96.23 29.15
CA LYS IA 197 35.63 -97.52 29.81
C LYS IA 197 36.26 -97.39 31.19
N LEU IA 198 36.11 -98.44 32.00
CA LEU IA 198 36.63 -98.46 33.36
C LEU IA 198 37.87 -99.34 33.41
N ASN IA 199 38.98 -98.78 33.88
CA ASN IA 199 40.23 -99.51 34.01
C ASN IA 199 40.28 -100.11 35.41
N THR IA 200 40.00 -101.41 35.52
CA THR IA 200 39.89 -102.04 36.84
C THR IA 200 41.23 -102.06 37.58
N THR IA 201 42.35 -102.12 36.85
CA THR IA 201 43.65 -102.18 37.51
C THR IA 201 43.96 -100.89 38.25
N THR IA 202 43.42 -99.76 37.80
CA THR IA 202 43.65 -98.48 38.45
C THR IA 202 42.39 -97.79 38.94
N GLY IA 203 41.21 -98.20 38.49
CA GLY IA 203 39.98 -97.56 38.89
C GLY IA 203 39.63 -96.31 38.12
N LEU IA 204 40.48 -95.88 37.19
CA LEU IA 204 40.23 -94.66 36.43
C LEU IA 204 39.33 -94.96 35.24
N TYR IA 205 39.01 -93.90 34.49
CA TYR IA 205 38.16 -94.02 33.31
C TYR IA 205 38.95 -93.61 32.07
N ASP IA 206 38.98 -94.49 31.09
CA ASP IA 206 39.77 -94.27 29.87
C ASP IA 206 38.85 -93.87 28.73
N LEU IA 207 39.17 -92.75 28.09
CA LEU IA 207 38.49 -92.29 26.88
C LEU IA 207 39.49 -92.36 25.73
N LYS IA 208 39.14 -93.12 24.70
CA LYS IA 208 39.99 -93.30 23.52
C LYS IA 208 39.35 -92.59 22.34
N THR IA 209 40.08 -91.70 21.71
CA THR IA 209 39.58 -90.88 20.61
C THR IA 209 40.19 -91.38 19.30
N GLU IA 210 39.41 -92.11 18.53
CA GLU IA 210 39.87 -92.61 17.24
C GLU IA 210 39.93 -91.48 16.22
N ASN IA 211 40.77 -91.68 15.20
CA ASN IA 211 40.90 -90.74 14.10
C ASN IA 211 40.66 -91.48 12.79
N THR IA 212 39.90 -90.85 11.90
CA THR IA 212 39.69 -91.41 10.57
C THR IA 212 40.95 -91.26 9.73
N LEU IA 213 41.30 -92.32 9.01
CA LEU IA 213 42.51 -92.31 8.19
C LEU IA 213 42.33 -91.36 7.00
N LEU IA 214 43.43 -90.76 6.59
CA LEU IA 214 43.39 -89.74 5.54
C LEU IA 214 42.86 -90.33 4.24
N THR IA 215 42.07 -89.52 3.52
CA THR IA 215 41.44 -89.93 2.28
C THR IA 215 41.83 -89.00 1.15
N THR IA 216 41.66 -89.49 -0.08
CA THR IA 216 42.08 -88.73 -1.25
C THR IA 216 41.26 -87.45 -1.41
N ASP IA 217 39.96 -87.49 -1.10
CA ASP IA 217 39.15 -86.28 -1.21
C ASP IA 217 39.60 -85.22 -0.20
N ALA IA 218 39.88 -85.64 1.04
CA ALA IA 218 40.39 -84.70 2.02
C ALA IA 218 41.75 -84.13 1.61
N ALA IA 219 42.60 -84.98 1.04
CA ALA IA 219 43.89 -84.50 0.54
C ALA IA 219 43.70 -83.47 -0.57
N PHE IA 220 42.75 -83.72 -1.47
CA PHE IA 220 42.49 -82.77 -2.54
C PHE IA 220 41.94 -81.45 -1.99
N ASP IA 221 41.10 -81.53 -0.94
CA ASP IA 221 40.63 -80.31 -0.29
C ASP IA 221 41.80 -79.54 0.33
N LYS IA 222 42.76 -80.25 0.91
CA LYS IA 222 43.92 -79.62 1.51
C LYS IA 222 45.02 -79.28 0.51
N LEU IA 223 44.82 -79.61 -0.76
CA LEU IA 223 45.84 -79.34 -1.77
C LEU IA 223 46.06 -77.84 -1.94
N GLY IA 224 47.31 -77.47 -2.23
CA GLY IA 224 47.66 -76.09 -2.45
C GLY IA 224 48.41 -75.91 -3.76
N ASN IA 225 48.81 -74.67 -4.01
CA ASN IA 225 49.54 -74.35 -5.23
C ASN IA 225 50.91 -74.99 -5.22
N GLY IA 226 51.34 -75.48 -6.38
CA GLY IA 226 52.62 -76.13 -6.52
C GLY IA 226 52.69 -77.56 -6.06
N ASP IA 227 51.56 -78.14 -5.62
CA ASP IA 227 51.56 -79.50 -5.13
C ASP IA 227 51.68 -80.48 -6.30
N LYS IA 228 52.21 -81.67 -5.99
CA LYS IA 228 52.46 -82.70 -6.98
C LYS IA 228 51.69 -83.97 -6.61
N VAL IA 229 50.94 -84.50 -7.56
CA VAL IA 229 50.22 -85.76 -7.39
C VAL IA 229 50.67 -86.70 -8.50
N THR IA 230 51.23 -87.85 -8.11
CA THR IA 230 51.72 -88.83 -9.07
C THR IA 230 50.91 -90.11 -8.87
N VAL IA 231 50.04 -90.42 -9.84
CA VAL IA 231 49.21 -91.61 -9.80
C VAL IA 231 49.42 -92.38 -11.11
N GLY IA 232 49.65 -93.69 -10.98
CA GLY IA 232 49.90 -94.51 -12.16
C GLY IA 232 51.10 -94.09 -12.97
N GLY IA 233 52.13 -93.57 -12.32
CA GLY IA 233 53.31 -93.11 -13.02
C GLY IA 233 53.16 -91.81 -13.76
N VAL IA 234 52.06 -91.10 -13.58
CA VAL IA 234 51.80 -89.84 -14.27
C VAL IA 234 51.79 -88.72 -13.24
N ASP IA 235 52.58 -87.68 -13.49
CA ASP IA 235 52.74 -86.58 -12.56
C ASP IA 235 51.84 -85.40 -12.98
N TYR IA 236 51.15 -84.83 -12.00
CA TYR IA 236 50.28 -83.69 -12.21
C TYR IA 236 50.63 -82.62 -11.20
N THR IA 237 50.68 -81.36 -11.64
CA THR IA 237 51.00 -80.23 -10.78
C THR IA 237 49.75 -79.39 -10.59
N TYR IA 238 49.37 -79.19 -9.33
CA TYR IA 238 48.17 -78.42 -9.03
C TYR IA 238 48.40 -76.93 -9.30
N ASN IA 239 47.32 -76.25 -9.68
CA ASN IA 239 47.36 -74.83 -10.00
C ASN IA 239 46.40 -74.07 -9.10
N ALA IA 240 46.86 -72.92 -8.61
CA ALA IA 240 46.04 -72.09 -7.74
C ALA IA 240 44.98 -71.30 -8.50
N LYS IA 241 45.16 -71.10 -9.81
CA LYS IA 241 44.20 -70.31 -10.57
C LYS IA 241 42.83 -70.99 -10.61
N SER IA 242 42.80 -72.31 -10.76
CA SER IA 242 41.55 -73.04 -10.81
C SER IA 242 41.82 -74.47 -10.37
N GLY IA 243 40.73 -75.19 -10.08
CA GLY IA 243 40.83 -76.56 -9.60
C GLY IA 243 41.19 -77.54 -10.71
N ASP IA 244 42.41 -77.44 -11.23
CA ASP IA 244 42.84 -78.32 -12.32
C ASP IA 244 44.32 -78.62 -12.17
N PHE IA 245 44.75 -79.66 -12.86
CA PHE IA 245 46.13 -80.12 -12.87
C PHE IA 245 46.77 -79.83 -14.23
N THR IA 246 48.03 -79.42 -14.19
CA THR IA 246 48.83 -79.25 -15.40
C THR IA 246 49.88 -80.35 -15.43
N THR IA 247 49.92 -81.09 -16.55
CA THR IA 247 50.83 -82.22 -16.69
C THR IA 247 51.57 -82.10 -18.02
N THR IA 248 52.69 -82.80 -18.11
CA THR IA 248 53.49 -82.81 -19.33
C THR IA 248 53.26 -84.12 -20.06
N LYS IA 249 52.75 -84.05 -21.29
CA LYS IA 249 52.54 -85.22 -22.13
C LYS IA 249 53.58 -85.21 -23.23
N SER IA 250 54.39 -86.27 -23.28
CA SER IA 250 55.50 -86.35 -24.21
C SER IA 250 55.55 -87.75 -24.81
N THR IA 251 56.25 -87.85 -25.93
CA THR IA 251 56.42 -89.13 -26.61
C THR IA 251 57.18 -90.13 -25.73
N ALA IA 258 66.32 -97.26 -32.22
CA ALA IA 258 65.78 -96.57 -33.38
C ALA IA 258 64.81 -97.46 -34.16
N ALA IA 259 65.27 -98.68 -34.47
CA ALA IA 259 64.45 -99.63 -35.21
C ALA IA 259 63.50 -100.41 -34.31
N ALA IA 260 63.53 -100.18 -33.00
CA ALA IA 260 62.64 -100.85 -32.06
C ALA IA 260 61.27 -100.20 -32.10
N GLN IA 261 60.41 -100.57 -31.15
CA GLN IA 261 59.05 -100.04 -31.10
C GLN IA 261 59.00 -98.56 -30.72
N ALA IA 262 60.12 -97.97 -30.28
CA ALA IA 262 60.11 -96.58 -29.83
C ALA IA 262 59.72 -95.64 -30.96
N ALA IA 263 60.36 -95.78 -32.13
CA ALA IA 263 60.05 -94.90 -33.25
C ALA IA 263 58.64 -95.12 -33.76
N ASP IA 264 58.19 -96.37 -33.79
CA ASP IA 264 56.82 -96.66 -34.21
C ASP IA 264 55.82 -96.02 -33.26
N SER IA 265 56.06 -96.11 -31.95
CA SER IA 265 55.18 -95.48 -30.99
C SER IA 265 55.20 -93.96 -31.12
N ALA IA 266 56.38 -93.39 -31.40
CA ALA IA 266 56.47 -91.95 -31.62
C ALA IA 266 55.62 -91.52 -32.81
N SER IA 267 55.74 -92.24 -33.92
CA SER IA 267 54.94 -91.93 -35.10
C SER IA 267 53.46 -92.08 -34.84
N LYS IA 268 53.07 -93.15 -34.14
CA LYS IA 268 51.65 -93.35 -33.83
C LYS IA 268 51.11 -92.27 -32.92
N ARG IA 269 51.91 -91.84 -31.92
CA ARG IA 269 51.47 -90.78 -31.02
C ARG IA 269 51.34 -89.45 -31.76
N ASP IA 270 52.28 -89.17 -32.67
CA ASP IA 270 52.17 -87.96 -33.48
C ASP IA 270 50.92 -88.01 -34.35
N ALA IA 271 50.64 -89.17 -34.94
CA ALA IA 271 49.43 -89.31 -35.76
C ALA IA 271 48.18 -89.12 -34.92
N LEU IA 272 48.16 -89.66 -33.70
CA LEU IA 272 47.00 -89.48 -32.83
C LEU IA 272 46.82 -88.02 -32.45
N ALA IA 273 47.92 -87.32 -32.15
CA ALA IA 273 47.81 -85.89 -31.86
C ALA IA 273 47.28 -85.11 -33.05
N ALA IA 274 47.76 -85.46 -34.26
CA ALA IA 274 47.26 -84.80 -35.46
C ALA IA 274 45.77 -85.07 -35.66
N THR IA 275 45.32 -86.30 -35.45
CA THR IA 275 43.90 -86.60 -35.55
C THR IA 275 43.10 -85.80 -34.53
N LEU IA 276 43.62 -85.69 -33.30
CA LEU IA 276 42.93 -84.94 -32.27
C LEU IA 276 42.79 -83.47 -32.64
N HIS IA 277 43.85 -82.87 -33.20
CA HIS IA 277 43.80 -81.47 -33.55
C HIS IA 277 43.17 -81.22 -34.92
N ALA IA 278 42.86 -82.27 -35.68
CA ALA IA 278 42.24 -82.08 -36.99
C ALA IA 278 40.91 -81.34 -36.87
N ASP IA 279 40.09 -81.70 -35.89
CA ASP IA 279 38.81 -81.04 -35.69
C ASP IA 279 39.04 -79.73 -34.94
N VAL IA 280 38.82 -78.61 -35.62
CA VAL IA 280 39.00 -77.29 -35.03
C VAL IA 280 37.76 -76.43 -35.18
N GLY IA 281 36.62 -77.02 -35.53
CA GLY IA 281 35.43 -76.23 -35.79
C GLY IA 281 35.61 -75.39 -37.02
N LYS IA 282 35.76 -74.07 -36.83
CA LYS IA 282 36.07 -73.17 -37.91
C LYS IA 282 37.59 -72.94 -37.95
N SER IA 283 38.01 -71.97 -38.76
CA SER IA 283 39.45 -71.70 -38.91
C SER IA 283 40.06 -71.23 -37.60
N VAL IA 284 41.28 -71.69 -37.33
CA VAL IA 284 42.01 -71.33 -36.11
C VAL IA 284 43.41 -70.88 -36.49
N ASN IA 285 44.08 -70.21 -35.57
CA ASN IA 285 45.42 -69.68 -35.82
C ASN IA 285 46.48 -70.56 -35.19
N GLY IA 286 47.67 -70.54 -35.79
CA GLY IA 286 48.82 -71.24 -35.23
C GLY IA 286 50.09 -70.58 -35.70
N SER IA 287 51.17 -70.83 -34.95
CA SER IA 287 52.48 -70.27 -35.25
C SER IA 287 53.53 -71.37 -35.20
N TYR IA 288 54.21 -71.59 -36.32
CA TYR IA 288 55.28 -72.57 -36.41
C TYR IA 288 56.59 -71.82 -36.60
N THR IA 289 57.56 -72.07 -35.72
CA THR IA 289 58.83 -71.38 -35.78
C THR IA 289 59.98 -72.36 -35.68
N THR IA 290 60.95 -72.21 -36.58
CA THR IA 290 62.19 -72.97 -36.52
C THR IA 290 63.22 -72.17 -35.73
N LYS IA 291 64.48 -72.59 -35.79
CA LYS IA 291 65.53 -71.88 -35.06
C LYS IA 291 65.79 -70.50 -35.65
N ASP IA 292 65.36 -70.25 -36.89
CA ASP IA 292 65.70 -69.02 -37.58
C ASP IA 292 64.52 -68.19 -38.04
N GLY IA 293 63.30 -68.75 -38.10
CA GLY IA 293 62.18 -68.03 -38.67
C GLY IA 293 60.89 -68.35 -37.96
N THR IA 294 59.88 -67.53 -38.26
CA THR IA 294 58.53 -67.66 -37.70
C THR IA 294 57.53 -67.60 -38.84
N VAL IA 295 56.50 -68.44 -38.78
CA VAL IA 295 55.43 -68.47 -39.78
C VAL IA 295 54.10 -68.54 -39.05
N SER IA 296 53.14 -67.73 -39.48
CA SER IA 296 51.79 -67.73 -38.95
C SER IA 296 50.88 -68.40 -39.99
N PHE IA 297 50.19 -69.45 -39.58
CA PHE IA 297 49.37 -70.24 -40.49
C PHE IA 297 47.97 -70.43 -39.92
N GLU IA 298 46.98 -70.39 -40.81
CA GLU IA 298 45.58 -70.54 -40.43
C GLU IA 298 45.16 -71.98 -40.70
N THR IA 299 45.02 -72.76 -39.64
CA THR IA 299 44.54 -74.13 -39.77
C THR IA 299 43.05 -74.14 -40.07
N ASP IA 300 42.65 -75.04 -40.96
CA ASP IA 300 41.27 -75.19 -41.39
C ASP IA 300 40.66 -76.44 -40.77
N SER IA 301 39.35 -76.58 -40.97
CA SER IA 301 38.66 -77.78 -40.50
C SER IA 301 39.20 -79.02 -41.18
N ALA IA 302 39.21 -80.13 -40.45
CA ALA IA 302 39.69 -81.44 -40.88
C ALA IA 302 41.19 -81.45 -41.16
N GLY IA 303 41.90 -80.36 -40.91
CA GLY IA 303 43.34 -80.34 -41.05
C GLY IA 303 43.84 -79.78 -42.37
N ASN IA 304 44.34 -78.55 -42.32
CA ASN IA 304 44.90 -77.90 -43.50
C ASN IA 304 45.75 -76.71 -43.06
N ILE IA 305 46.58 -76.23 -43.97
CA ILE IA 305 47.45 -75.08 -43.71
C ILE IA 305 47.13 -74.01 -44.74
N THR IA 306 46.93 -72.78 -44.27
CA THR IA 306 46.64 -71.66 -45.15
C THR IA 306 47.38 -70.43 -44.64
N ILE IA 307 48.20 -69.84 -45.51
CA ILE IA 307 48.93 -68.61 -45.20
C ILE IA 307 48.56 -67.58 -46.24
N GLY IA 308 48.16 -66.39 -45.78
CA GLY IA 308 47.80 -65.31 -46.69
C GLY IA 308 46.65 -65.64 -47.60
N GLY IA 309 45.69 -66.43 -47.12
CA GLY IA 309 44.55 -66.80 -47.92
C GLY IA 309 44.81 -67.86 -48.97
N SER IA 310 46.01 -68.46 -48.99
CA SER IA 310 46.37 -69.46 -49.98
C SER IA 310 46.90 -70.69 -49.27
N GLN IA 311 46.69 -71.84 -49.90
CA GLN IA 311 47.18 -73.10 -49.34
C GLN IA 311 48.70 -73.13 -49.33
N ALA IA 312 49.27 -73.61 -48.23
CA ALA IA 312 50.71 -73.66 -48.05
C ALA IA 312 51.19 -75.12 -48.02
N TYR IA 313 52.44 -75.31 -48.41
CA TYR IA 313 53.05 -76.63 -48.48
C TYR IA 313 54.28 -76.68 -47.59
N VAL IA 314 54.53 -77.86 -47.03
CA VAL IA 314 55.63 -78.06 -46.08
C VAL IA 314 56.81 -78.67 -46.80
N ASP IA 315 58.00 -78.11 -46.57
CA ASP IA 315 59.21 -78.62 -47.16
C ASP IA 315 59.62 -79.93 -46.51
N ASP IA 316 60.43 -80.72 -47.24
CA ASP IA 316 60.87 -82.01 -46.71
C ASP IA 316 61.72 -81.83 -45.46
N ALA IA 317 62.59 -80.82 -45.44
CA ALA IA 317 63.41 -80.57 -44.26
C ALA IA 317 62.60 -80.04 -43.09
N GLY IA 318 61.37 -79.57 -43.33
CA GLY IA 318 60.51 -79.06 -42.29
C GLY IA 318 60.08 -77.62 -42.47
N ASN IA 319 60.58 -76.92 -43.48
CA ASN IA 319 60.21 -75.54 -43.70
C ASN IA 319 58.78 -75.44 -44.24
N LEU IA 320 58.16 -74.30 -44.01
CA LEU IA 320 56.80 -74.03 -44.48
C LEU IA 320 56.84 -72.92 -45.52
N THR IA 321 56.24 -73.18 -46.68
CA THR IA 321 56.24 -72.22 -47.78
C THR IA 321 54.89 -72.25 -48.47
N THR IA 322 54.60 -71.17 -49.21
CA THR IA 322 53.33 -71.03 -49.90
C THR IA 322 53.34 -71.57 -51.33
N ASN IA 323 54.50 -71.98 -51.84
CA ASN IA 323 54.61 -72.48 -53.20
C ASN IA 323 55.33 -73.83 -53.19
N ASN IA 324 54.88 -74.73 -54.06
CA ASN IA 324 55.45 -76.06 -54.12
C ASN IA 324 56.74 -76.07 -54.93
N ALA IA 325 57.73 -76.81 -54.44
CA ALA IA 325 59.00 -76.97 -55.11
C ALA IA 325 59.37 -78.45 -55.12
N GLY IA 326 59.77 -78.94 -56.28
CA GLY IA 326 60.15 -80.35 -56.39
C GLY IA 326 59.00 -81.32 -56.33
N SER IA 327 57.78 -80.86 -56.60
CA SER IA 327 56.58 -81.71 -56.59
C SER IA 327 56.41 -82.41 -55.24
N ALA IA 328 56.72 -81.70 -54.16
CA ALA IA 328 56.59 -82.20 -52.80
C ALA IA 328 55.81 -81.16 -52.00
N ALA IA 329 54.49 -81.25 -52.05
CA ALA IA 329 53.62 -80.28 -51.39
C ALA IA 329 53.08 -80.81 -50.05
N LYS IA 330 52.41 -81.95 -50.08
CA LYS IA 330 51.83 -82.62 -48.91
C LYS IA 330 51.25 -81.61 -47.91
N ALA IA 331 50.30 -80.82 -48.41
CA ALA IA 331 49.68 -79.75 -47.63
C ALA IA 331 48.71 -80.36 -46.61
N ASP IA 332 49.29 -80.90 -45.54
CA ASP IA 332 48.50 -81.46 -44.45
C ASP IA 332 49.26 -81.26 -43.15
N MET IA 333 48.51 -80.99 -42.08
CA MET IA 333 49.14 -80.75 -40.78
C MET IA 333 49.73 -82.03 -40.21
N LYS IA 334 49.14 -83.19 -40.52
CA LYS IA 334 49.76 -84.46 -40.16
C LYS IA 334 51.12 -84.60 -40.82
N ALA IA 335 51.21 -84.27 -42.11
CA ALA IA 335 52.49 -84.33 -42.81
C ALA IA 335 53.47 -83.31 -42.23
N LEU IA 336 52.97 -82.12 -41.86
CA LEU IA 336 53.83 -81.13 -41.24
C LEU IA 336 54.42 -81.64 -39.92
N LEU IA 337 53.57 -82.26 -39.09
CA LEU IA 337 54.05 -82.80 -37.83
C LEU IA 337 55.06 -83.92 -38.06
N LYS IA 338 54.79 -84.81 -39.02
CA LYS IA 338 55.72 -85.89 -39.30
C LYS IA 338 57.05 -85.35 -39.81
N ALA IA 339 57.01 -84.37 -40.70
CA ALA IA 339 58.24 -83.77 -41.22
C ALA IA 339 59.03 -83.08 -40.12
N ALA IA 340 58.35 -82.36 -39.23
CA ALA IA 340 59.03 -81.72 -38.12
C ALA IA 340 59.68 -82.76 -37.21
N SER IA 341 58.96 -83.84 -36.92
CA SER IA 341 59.51 -84.88 -36.04
C SER IA 341 60.72 -85.55 -36.67
N GLU IA 342 60.65 -85.84 -37.97
CA GLU IA 342 61.73 -86.55 -38.65
C GLU IA 342 62.82 -85.61 -39.17
N GLY IA 343 62.67 -84.30 -38.99
CA GLY IA 343 63.64 -83.38 -39.51
C GLY IA 343 64.96 -83.44 -38.77
N SER IA 344 66.00 -82.93 -39.45
CA SER IA 344 67.32 -82.89 -38.85
C SER IA 344 67.37 -81.91 -37.68
N ASP IA 345 66.54 -80.87 -37.72
CA ASP IA 345 66.52 -79.85 -36.67
C ASP IA 345 65.11 -79.73 -36.11
N GLY IA 346 65.03 -79.56 -34.79
CA GLY IA 346 63.74 -79.40 -34.15
C GLY IA 346 63.17 -77.99 -34.32
N ALA IA 347 61.88 -77.87 -34.02
CA ALA IA 347 61.17 -76.61 -34.12
C ALA IA 347 60.10 -76.54 -33.04
N SER IA 348 59.50 -75.35 -32.90
CA SER IA 348 58.47 -75.10 -31.90
C SER IA 348 57.18 -74.70 -32.58
N LEU IA 349 56.07 -75.34 -32.19
CA LEU IA 349 54.77 -75.08 -32.78
C LEU IA 349 53.79 -74.73 -31.68
N THR IA 350 53.15 -73.57 -31.81
CA THR IA 350 52.18 -73.07 -30.84
C THR IA 350 50.81 -72.99 -31.50
N PHE IA 351 49.83 -73.64 -30.90
CA PHE IA 351 48.47 -73.60 -31.40
C PHE IA 351 47.73 -72.43 -30.73
N ASN IA 352 46.40 -72.42 -30.83
CA ASN IA 352 45.61 -71.32 -30.27
C ASN IA 352 45.88 -71.17 -28.78
N GLY IA 353 45.77 -72.25 -28.02
CA GLY IA 353 45.93 -72.17 -26.58
C GLY IA 353 47.25 -72.71 -26.05
N THR IA 354 47.67 -73.87 -26.55
CA THR IA 354 48.84 -74.56 -26.02
C THR IA 354 50.03 -74.42 -26.95
N GLU IA 355 51.19 -74.81 -26.43
CA GLU IA 355 52.45 -74.79 -27.16
C GLU IA 355 53.02 -76.20 -27.21
N TYR IA 356 53.51 -76.60 -28.38
CA TYR IA 356 54.06 -77.93 -28.60
C TYR IA 356 55.53 -77.81 -29.00
N THR IA 357 56.37 -78.65 -28.41
CA THR IA 357 57.80 -78.65 -28.70
C THR IA 357 58.16 -79.97 -29.38
N ILE IA 358 58.95 -79.87 -30.45
CA ILE IA 358 59.33 -81.01 -31.27
C ILE IA 358 60.80 -81.33 -30.96
N ALA IA 359 61.05 -82.54 -30.47
CA ALA IA 359 62.41 -82.98 -30.20
C ALA IA 359 63.15 -83.29 -31.49
N LYS IA 360 64.44 -82.98 -31.50
CA LYS IA 360 65.26 -83.22 -32.68
C LYS IA 360 65.46 -84.71 -32.92
N GLY IA 376 60.21 -86.84 -31.28
CA GLY IA 376 59.12 -86.88 -30.33
C GLY IA 376 58.43 -85.54 -30.17
N ILE IA 377 57.26 -85.55 -29.53
CA ILE IA 377 56.47 -84.35 -29.30
C ILE IA 377 56.22 -84.22 -27.80
N THR IA 378 56.28 -82.99 -27.29
CA THR IA 378 55.94 -82.74 -25.90
C THR IA 378 55.04 -81.51 -25.81
N TYR IA 379 54.14 -81.51 -24.82
CA TYR IA 379 53.21 -80.40 -24.66
C TYR IA 379 52.67 -80.42 -23.24
N GLN IA 380 52.39 -79.22 -22.73
CA GLN IA 380 51.88 -79.06 -21.36
C GLN IA 380 50.35 -79.11 -21.41
N ALA IA 381 49.81 -80.32 -21.25
CA ALA IA 381 48.37 -80.50 -21.25
C ALA IA 381 47.79 -80.14 -19.88
N THR IA 382 46.49 -79.87 -19.86
CA THR IA 382 45.76 -79.58 -18.64
C THR IA 382 44.60 -80.56 -18.50
N VAL IA 383 44.50 -81.20 -17.34
CA VAL IA 383 43.43 -82.14 -17.06
C VAL IA 383 42.83 -81.79 -15.71
N SER IA 384 41.50 -81.84 -15.62
CA SER IA 384 40.81 -81.44 -14.39
C SER IA 384 41.15 -82.41 -13.27
N LYS IA 385 41.19 -81.86 -12.04
CA LYS IA 385 41.54 -82.65 -10.87
C LYS IA 385 40.50 -83.69 -10.53
N ASP IA 386 39.25 -83.52 -11.00
CA ASP IA 386 38.23 -84.51 -10.72
C ASP IA 386 38.57 -85.85 -11.37
N VAL IA 387 39.10 -85.84 -12.58
CA VAL IA 387 39.51 -87.08 -13.23
C VAL IA 387 40.61 -87.76 -12.42
N VAL IA 388 41.59 -86.98 -11.96
CA VAL IA 388 42.71 -87.56 -11.22
C VAL IA 388 42.22 -88.18 -9.91
N LEU IA 389 41.38 -87.45 -9.17
CA LEU IA 389 40.89 -87.99 -7.90
C LEU IA 389 40.01 -89.21 -8.13
N SER IA 390 39.18 -89.20 -9.18
CA SER IA 390 38.34 -90.36 -9.45
C SER IA 390 39.17 -91.58 -9.82
N GLU IA 391 40.19 -91.41 -10.66
CA GLU IA 391 41.01 -92.55 -11.04
C GLU IA 391 41.87 -93.04 -9.88
N THR IA 392 42.24 -92.14 -8.96
CA THR IA 392 42.95 -92.59 -7.77
C THR IA 392 42.04 -93.37 -6.84
N LYS IA 393 40.80 -92.90 -6.67
CA LYS IA 393 39.89 -93.51 -5.71
C LYS IA 393 39.35 -94.84 -6.21
N ALA IA 394 38.97 -94.92 -7.49
CA ALA IA 394 38.29 -96.10 -7.99
C ALA IA 394 39.24 -97.29 -8.08
N ALA IA 395 40.42 -97.08 -8.65
CA ALA IA 395 41.35 -98.17 -8.92
C ALA IA 395 42.25 -98.43 -7.73
N ALA IA 396 42.76 -99.66 -7.65
CA ALA IA 396 43.69 -100.06 -6.59
C ALA IA 396 45.12 -99.71 -7.00
N ALA IA 397 45.35 -98.40 -7.18
CA ALA IA 397 46.64 -97.90 -7.61
C ALA IA 397 47.48 -97.49 -6.39
N THR IA 398 48.67 -96.96 -6.66
CA THR IA 398 49.59 -96.49 -5.63
C THR IA 398 49.97 -95.06 -5.97
N SER IA 399 49.24 -94.11 -5.39
CA SER IA 399 49.45 -92.69 -5.68
C SER IA 399 50.38 -92.08 -4.64
N SER IA 400 50.95 -90.93 -5.00
CA SER IA 400 51.81 -90.16 -4.10
C SER IA 400 51.37 -88.70 -4.14
N ILE IA 401 51.20 -88.10 -2.97
CA ILE IA 401 50.76 -86.71 -2.85
C ILE IA 401 51.81 -85.94 -2.08
N THR IA 402 52.22 -84.79 -2.62
CA THR IA 402 53.24 -83.96 -2.01
C THR IA 402 52.64 -82.63 -1.62
N PHE IA 403 52.77 -82.28 -0.34
CA PHE IA 403 52.38 -80.97 0.17
C PHE IA 403 53.61 -80.10 0.31
N ASN IA 404 53.57 -78.92 -0.31
CA ASN IA 404 54.67 -77.97 -0.29
C ASN IA 404 54.15 -76.62 0.20
N SER IA 405 54.80 -76.06 1.22
CA SER IA 405 54.52 -74.72 1.69
C SER IA 405 55.49 -73.70 1.11
N GLY IA 406 56.29 -74.10 0.13
CA GLY IA 406 57.34 -73.29 -0.44
C GLY IA 406 58.71 -73.56 0.16
N VAL IA 407 58.75 -74.02 1.41
CA VAL IA 407 59.98 -74.43 2.07
C VAL IA 407 59.89 -75.85 2.60
N LEU IA 408 58.79 -76.16 3.28
CA LEU IA 408 58.61 -77.45 3.94
C LEU IA 408 57.81 -78.37 3.02
N SER IA 409 58.28 -79.60 2.85
CA SER IA 409 57.68 -80.54 1.92
C SER IA 409 57.44 -81.88 2.62
N LYS IA 410 56.30 -82.49 2.32
CA LYS IA 410 55.96 -83.82 2.83
C LYS IA 410 55.34 -84.65 1.72
N THR IA 411 55.81 -85.89 1.58
CA THR IA 411 55.29 -86.81 0.58
C THR IA 411 54.59 -87.97 1.28
N ILE IA 412 53.36 -88.26 0.86
CA ILE IA 412 52.53 -89.30 1.47
C ILE IA 412 52.09 -90.28 0.40
N GLY IA 413 52.28 -91.57 0.66
CA GLY IA 413 51.78 -92.59 -0.24
C GLY IA 413 50.33 -92.93 0.07
N PHE IA 414 49.58 -93.30 -0.97
CA PHE IA 414 48.16 -93.59 -0.85
C PHE IA 414 47.82 -94.85 -1.64
N THR IA 415 47.06 -95.74 -1.02
CA THR IA 415 46.43 -96.86 -1.68
C THR IA 415 45.06 -96.41 -2.19
N ALA IA 416 44.19 -97.36 -2.54
CA ALA IA 416 42.89 -97.04 -3.12
C ALA IA 416 41.99 -96.44 -2.04
N GLY IA 417 42.20 -95.15 -1.78
CA GLY IA 417 41.40 -94.39 -0.84
C GLY IA 417 42.03 -94.18 0.52
N GLU IA 418 43.08 -94.91 0.84
CA GLU IA 418 43.75 -94.82 2.14
C GLU IA 418 45.24 -94.66 1.91
N SER IA 419 45.99 -94.61 3.01
CA SER IA 419 47.45 -94.50 2.97
C SER IA 419 48.05 -95.81 3.45
N SER IA 420 48.89 -96.42 2.61
CA SER IA 420 49.55 -97.68 2.95
C SER IA 420 51.06 -97.53 3.06
N ASP IA 421 51.56 -96.31 3.26
CA ASP IA 421 52.98 -96.03 3.28
C ASP IA 421 53.59 -96.21 4.66
N ALA IA 422 52.97 -97.01 5.53
CA ALA IA 422 53.43 -97.21 6.90
C ALA IA 422 53.48 -95.89 7.67
N ALA IA 423 52.65 -94.94 7.27
CA ALA IA 423 52.56 -93.63 7.90
C ALA IA 423 51.19 -93.47 8.54
N LYS IA 424 51.14 -92.66 9.60
CA LYS IA 424 49.91 -92.53 10.36
C LYS IA 424 48.85 -91.77 9.59
N SER IA 425 49.12 -90.50 9.28
CA SER IA 425 48.32 -89.71 8.33
C SER IA 425 46.85 -89.66 8.75
N TYR IA 426 46.61 -89.01 9.88
CA TYR IA 426 45.26 -88.82 10.39
C TYR IA 426 44.93 -87.34 10.44
N VAL IA 427 43.66 -87.02 10.16
CA VAL IA 427 43.23 -85.65 9.96
C VAL IA 427 41.96 -85.36 10.76
N ASP IA 428 41.38 -86.42 11.35
CA ASP IA 428 40.01 -86.36 11.85
C ASP IA 428 39.82 -85.34 12.98
N ASP IA 429 40.89 -84.94 13.68
CA ASP IA 429 40.74 -84.12 14.87
C ASP IA 429 40.06 -82.79 14.59
N LYS IA 430 40.75 -81.90 13.86
CA LYS IA 430 40.17 -80.61 13.50
C LYS IA 430 40.55 -80.19 12.08
N GLY IA 431 41.20 -81.04 11.32
CA GLY IA 431 41.78 -80.64 10.06
C GLY IA 431 43.29 -80.56 10.15
N GLY IA 432 43.96 -80.85 9.03
CA GLY IA 432 45.39 -80.96 9.01
C GLY IA 432 45.87 -82.35 9.40
N ILE IA 433 47.04 -82.71 8.87
CA ILE IA 433 47.57 -84.06 9.03
C ILE IA 433 48.41 -84.09 10.30
N THR IA 434 47.84 -84.69 11.35
CA THR IA 434 48.48 -84.73 12.66
C THR IA 434 49.15 -86.06 12.96
N ASN IA 435 49.09 -87.01 12.03
CA ASN IA 435 49.86 -88.26 12.05
C ASN IA 435 50.00 -88.88 13.45
N VAL IA 436 48.92 -88.84 14.22
CA VAL IA 436 48.86 -89.51 15.52
C VAL IA 436 47.81 -90.60 15.44
N ALA IA 437 48.17 -91.81 15.85
CA ALA IA 437 47.25 -92.94 15.77
C ALA IA 437 46.03 -92.72 16.66
N ASP IA 438 46.26 -92.62 17.97
CA ASP IA 438 45.18 -92.46 18.93
C ASP IA 438 45.77 -92.02 20.26
N TYR IA 439 45.01 -91.22 21.00
CA TYR IA 439 45.39 -90.80 22.34
C TYR IA 439 44.29 -91.18 23.32
N THR IA 440 44.68 -91.74 24.45
CA THR IA 440 43.76 -92.14 25.50
C THR IA 440 43.95 -91.24 26.70
N VAL IA 441 42.87 -90.63 27.18
CA VAL IA 441 42.89 -89.74 28.33
C VAL IA 441 42.24 -90.47 29.50
N SER IA 442 42.92 -90.48 30.64
CA SER IA 442 42.44 -91.14 31.83
C SER IA 442 41.95 -90.10 32.83
N TYR IA 443 40.73 -90.30 33.32
CA TYR IA 443 40.08 -89.40 34.26
C TYR IA 443 39.93 -90.10 35.60
N SER IA 444 40.27 -89.39 36.67
CA SER IA 444 40.13 -89.89 38.03
C SER IA 444 38.85 -89.32 38.64
N VAL IA 445 38.05 -90.19 39.23
CA VAL IA 445 36.76 -89.80 39.81
C VAL IA 445 36.92 -89.82 41.33
N ASN IA 446 36.67 -88.68 41.97
CA ASN IA 446 36.73 -88.58 43.41
C ASN IA 446 35.39 -89.03 44.00
N LYS IA 447 35.38 -90.17 44.68
CA LYS IA 447 34.15 -90.77 45.17
C LYS IA 447 33.56 -90.03 46.36
N ASP IA 448 34.29 -89.09 46.97
CA ASP IA 448 33.74 -88.34 48.09
C ASP IA 448 32.62 -87.41 47.64
N ASN IA 449 32.82 -86.69 46.54
CA ASN IA 449 31.84 -85.75 46.03
C ASN IA 449 31.39 -86.02 44.60
N GLY IA 450 32.11 -86.85 43.85
CA GLY IA 450 31.78 -87.15 42.48
C GLY IA 450 32.49 -86.29 41.45
N SER IA 451 33.34 -85.37 41.87
CA SER IA 451 34.07 -84.53 40.94
C SER IA 451 35.03 -85.35 40.10
N VAL IA 452 35.15 -85.01 38.82
CA VAL IA 452 35.99 -85.72 37.87
C VAL IA 452 37.10 -84.80 37.41
N THR IA 453 38.34 -85.26 37.52
CA THR IA 453 39.51 -84.54 37.05
C THR IA 453 40.26 -85.39 36.04
N VAL IA 454 41.24 -84.77 35.39
CA VAL IA 454 42.06 -85.45 34.38
C VAL IA 454 43.35 -85.91 35.05
N ALA IA 455 43.70 -87.18 34.84
CA ALA IA 455 44.92 -87.74 35.43
C ALA IA 455 45.38 -88.89 34.54
N GLY IA 456 46.37 -88.62 33.69
CA GLY IA 456 46.96 -89.64 32.86
C GLY IA 456 46.70 -89.51 31.38
N TYR IA 457 47.76 -89.61 30.59
CA TYR IA 457 47.68 -89.49 29.13
C TYR IA 457 48.52 -90.60 28.51
N ALA IA 458 47.95 -91.30 27.54
CA ALA IA 458 48.65 -92.39 26.84
C ALA IA 458 48.57 -92.15 25.35
N SER IA 459 49.68 -92.39 24.65
CA SER IA 459 49.73 -92.24 23.21
C SER IA 459 50.53 -93.38 22.60
N ALA IA 460 50.00 -93.97 21.54
CA ALA IA 460 50.72 -95.01 20.81
C ALA IA 460 51.89 -94.45 20.02
N THR IA 461 51.95 -93.14 19.83
CA THR IA 461 53.05 -92.46 19.17
C THR IA 461 53.68 -91.48 20.16
N ASP IA 462 54.75 -90.81 19.72
CA ASP IA 462 55.37 -89.78 20.55
C ASP IA 462 54.40 -88.63 20.81
N THR IA 463 53.83 -88.08 19.73
CA THR IA 463 52.72 -87.13 19.78
C THR IA 463 53.18 -85.78 20.33
N ASN IA 464 54.42 -85.72 20.85
CA ASN IA 464 54.98 -84.50 21.44
C ASN IA 464 54.06 -83.89 22.49
N LYS IA 465 53.17 -84.72 23.06
CA LYS IA 465 52.18 -84.28 24.04
C LYS IA 465 51.37 -83.10 23.51
N ASP IA 466 51.00 -83.17 22.24
CA ASP IA 466 50.19 -82.11 21.64
C ASP IA 466 48.78 -82.07 22.24
N TYR IA 467 48.17 -83.25 22.43
CA TYR IA 467 46.81 -83.34 22.94
C TYR IA 467 46.77 -83.77 24.40
N ALA IA 468 47.84 -83.51 25.16
CA ALA IA 468 47.89 -83.93 26.56
C ALA IA 468 47.59 -82.73 27.46
N PRO IA 469 46.42 -82.66 28.08
CA PRO IA 469 46.17 -81.60 29.05
C PRO IA 469 46.98 -81.81 30.32
N ALA IA 470 47.23 -80.72 31.03
CA ALA IA 470 47.90 -80.81 32.32
C ALA IA 470 47.04 -81.59 33.29
N ILE IA 471 47.66 -82.53 34.01
CA ILE IA 471 46.91 -83.37 34.94
C ILE IA 471 46.44 -82.54 36.13
N GLY IA 472 45.38 -83.01 36.77
CA GLY IA 472 44.83 -82.34 37.93
C GLY IA 472 43.90 -81.19 37.62
N THR IA 473 43.48 -81.03 36.37
CA THR IA 473 42.58 -79.95 35.97
C THR IA 473 41.16 -80.47 35.93
N ALA IA 474 40.25 -79.78 36.60
CA ALA IA 474 38.85 -80.20 36.66
C ALA IA 474 38.23 -80.12 35.27
N VAL IA 475 37.63 -81.22 34.84
CA VAL IA 475 37.02 -81.29 33.52
C VAL IA 475 35.54 -80.96 33.65
N ASN IA 476 34.98 -80.36 32.61
CA ASN IA 476 33.59 -79.94 32.57
C ASN IA 476 32.91 -80.48 31.32
N VAL IA 477 31.67 -80.07 31.10
CA VAL IA 477 30.87 -80.50 29.96
C VAL IA 477 30.53 -79.28 29.12
N ASN IA 478 30.82 -79.37 27.82
CA ASN IA 478 30.58 -78.26 26.91
C ASN IA 478 29.07 -78.06 26.71
N SER IA 479 28.74 -77.06 25.89
CA SER IA 479 27.34 -76.78 25.58
C SER IA 479 26.72 -77.94 24.79
N ALA IA 480 27.49 -78.52 23.88
CA ALA IA 480 27.00 -79.62 23.04
C ALA IA 480 27.04 -80.97 23.76
N GLY IA 481 27.40 -81.00 25.03
CA GLY IA 481 27.48 -82.23 25.78
C GLY IA 481 28.81 -82.93 25.74
N LYS IA 482 29.80 -82.38 25.04
CA LYS IA 482 31.11 -83.00 24.98
C LYS IA 482 31.86 -82.81 26.29
N ILE IA 483 32.91 -83.60 26.48
CA ILE IA 483 33.74 -83.54 27.67
C ILE IA 483 34.94 -82.65 27.33
N THR IA 484 35.06 -81.53 28.03
CA THR IA 484 36.06 -80.53 27.69
C THR IA 484 36.49 -79.83 28.97
N THR IA 485 37.68 -79.22 28.93
CA THR IA 485 38.31 -78.68 30.12
C THR IA 485 38.05 -77.19 30.37
N GLU IA 486 37.83 -76.40 29.32
CA GLU IA 486 37.65 -74.97 29.51
C GLU IA 486 36.23 -74.65 29.95
N THR IA 487 36.08 -73.57 30.71
CA THR IA 487 34.81 -73.17 31.29
C THR IA 487 34.18 -71.97 30.60
N THR IA 488 34.74 -71.51 29.49
CA THR IA 488 34.23 -70.31 28.81
C THR IA 488 32.80 -70.51 28.32
N SER IA 489 32.62 -71.40 27.34
CA SER IA 489 31.30 -71.73 26.80
C SER IA 489 30.56 -70.48 26.34
N ALA IA 490 31.10 -69.86 25.30
CA ALA IA 490 30.58 -68.60 24.79
C ALA IA 490 29.12 -68.75 24.38
N GLY IA 491 28.31 -67.73 24.68
CA GLY IA 491 26.89 -67.75 24.43
C GLY IA 491 26.52 -67.17 23.08
N SER IA 492 25.28 -66.68 22.99
CA SER IA 492 24.72 -66.22 21.73
C SER IA 492 24.52 -64.72 21.64
N ALA IA 493 24.60 -63.99 22.75
CA ALA IA 493 24.43 -62.55 22.71
C ALA IA 493 25.58 -61.92 21.92
N THR IA 494 25.27 -60.84 21.21
CA THR IA 494 26.28 -60.18 20.37
C THR IA 494 27.43 -59.66 21.23
N THR IA 495 28.65 -59.86 20.74
CA THR IA 495 29.83 -59.56 21.53
C THR IA 495 29.99 -58.06 21.76
N ASN IA 496 30.10 -57.29 20.69
CA ASN IA 496 30.40 -55.85 20.77
C ASN IA 496 29.32 -55.09 20.01
N PRO IA 497 28.14 -54.96 20.63
CA PRO IA 497 27.02 -54.31 19.92
C PRO IA 497 27.31 -52.87 19.54
N LEU IA 498 27.95 -52.13 20.43
CA LEU IA 498 28.23 -50.73 20.15
C LEU IA 498 29.24 -50.59 19.01
N ALA IA 499 30.24 -51.48 18.97
CA ALA IA 499 31.19 -51.45 17.86
C ALA IA 499 30.50 -51.77 16.55
N ALA IA 500 29.62 -52.78 16.55
CA ALA IA 500 28.90 -53.12 15.32
C ALA IA 500 28.04 -51.95 14.84
N LEU IA 501 27.34 -51.31 15.77
CA LEU IA 501 26.51 -50.16 15.40
C LEU IA 501 27.35 -49.01 14.90
N ASP IA 502 28.51 -48.78 15.49
CA ASP IA 502 29.41 -47.74 15.00
C ASP IA 502 29.87 -48.02 13.58
N ASP IA 503 30.19 -49.29 13.29
CA ASP IA 503 30.58 -49.64 11.92
C ASP IA 503 29.44 -49.40 10.94
N ALA IA 504 28.21 -49.77 11.33
CA ALA IA 504 27.07 -49.52 10.46
C ALA IA 504 26.88 -48.03 10.20
N ILE IA 505 26.95 -47.22 11.25
CA ILE IA 505 26.77 -45.78 11.10
C ILE IA 505 27.87 -45.20 10.22
N SER IA 506 29.10 -45.69 10.38
CA SER IA 506 30.19 -45.19 9.55
C SER IA 506 29.96 -45.53 8.09
N SER IA 507 29.48 -46.74 7.79
CA SER IA 507 29.18 -47.09 6.41
C SER IA 507 28.12 -46.16 5.84
N ILE IA 508 27.06 -45.91 6.60
CA ILE IA 508 26.00 -45.02 6.14
C ILE IA 508 26.56 -43.63 5.86
N ASP IA 509 27.40 -43.13 6.76
CA ASP IA 509 27.95 -41.78 6.60
C ASP IA 509 28.85 -41.69 5.37
N LYS IA 510 29.67 -42.72 5.14
CA LYS IA 510 30.52 -42.70 3.96
C LYS IA 510 29.70 -42.68 2.68
N PHE IA 511 28.67 -43.51 2.61
CA PHE IA 511 27.86 -43.55 1.40
C PHE IA 511 27.13 -42.21 1.19
N ARG IA 512 26.64 -41.60 2.27
CA ARG IA 512 26.00 -40.29 2.15
C ARG IA 512 26.99 -39.23 1.68
N SER IA 513 28.21 -39.27 2.20
CA SER IA 513 29.22 -38.31 1.76
C SER IA 513 29.51 -38.45 0.27
N SER IA 514 29.62 -39.69 -0.20
CA SER IA 514 29.84 -39.91 -1.62
C SER IA 514 28.69 -39.35 -2.45
N LEU IA 515 27.46 -39.59 -2.01
CA LEU IA 515 26.32 -39.04 -2.76
C LEU IA 515 26.35 -37.52 -2.78
N GLY IA 516 26.66 -36.89 -1.65
CA GLY IA 516 26.71 -35.43 -1.61
C GLY IA 516 27.76 -34.86 -2.53
N ALA IA 517 28.94 -35.48 -2.56
CA ALA IA 517 29.96 -35.05 -3.51
C ALA IA 517 29.48 -35.19 -4.95
N ILE IA 518 28.77 -36.28 -5.25
CA ILE IA 518 28.22 -36.46 -6.59
C ILE IA 518 27.26 -35.32 -6.94
N GLN IA 519 26.39 -34.94 -6.00
CA GLN IA 519 25.44 -33.88 -6.30
C GLN IA 519 26.16 -32.55 -6.54
N ASN IA 520 27.17 -32.25 -5.73
CA ASN IA 520 27.91 -31.01 -5.93
C ASN IA 520 28.55 -30.98 -7.31
N ARG IA 521 29.23 -32.07 -7.69
CA ARG IA 521 29.89 -32.09 -8.99
C ARG IA 521 28.88 -32.03 -10.13
N LEU IA 522 27.71 -32.64 -9.95
CA LEU IA 522 26.68 -32.60 -10.99
C LEU IA 522 26.12 -31.19 -11.16
N ASP IA 523 25.92 -30.48 -10.05
CA ASP IA 523 25.44 -29.10 -10.15
C ASP IA 523 26.46 -28.21 -10.83
N SER IA 524 27.75 -28.42 -10.52
CA SER IA 524 28.79 -27.67 -11.22
C SER IA 524 28.75 -27.95 -12.72
N ALA IA 525 28.53 -29.21 -13.09
CA ALA IA 525 28.38 -29.55 -14.50
C ALA IA 525 27.19 -28.82 -15.12
N VAL IA 526 26.08 -28.72 -14.39
CA VAL IA 526 24.90 -28.03 -14.91
C VAL IA 526 25.23 -26.58 -15.20
N THR IA 527 25.89 -25.92 -14.26
CA THR IA 527 26.25 -24.51 -14.45
C THR IA 527 27.15 -24.34 -15.66
N ASN IA 528 28.16 -25.20 -15.80
CA ASN IA 528 29.04 -25.11 -16.95
C ASN IA 528 28.28 -25.31 -18.25
N LEU IA 529 27.34 -26.26 -18.27
CA LEU IA 529 26.56 -26.52 -19.47
C LEU IA 529 25.74 -25.30 -19.85
N ASN IA 530 25.11 -24.64 -18.87
CA ASN IA 530 24.33 -23.45 -19.17
C ASN IA 530 25.20 -22.34 -19.74
N ASN IA 531 26.38 -22.12 -19.15
CA ASN IA 531 27.27 -21.09 -19.67
C ASN IA 531 27.69 -21.41 -21.11
N THR IA 532 28.06 -22.66 -21.37
CA THR IA 532 28.49 -23.04 -22.71
C THR IA 532 27.36 -22.89 -23.71
N THR IA 533 26.13 -23.25 -23.31
CA THR IA 533 24.99 -23.09 -24.20
C THR IA 533 24.77 -21.63 -24.55
N THR IA 534 24.87 -20.74 -23.56
CA THR IA 534 24.71 -19.31 -23.83
C THR IA 534 25.77 -18.83 -24.82
N ASN IA 535 27.03 -19.23 -24.61
CA ASN IA 535 28.09 -18.78 -25.50
C ASN IA 535 27.92 -19.33 -26.91
N LEU IA 536 27.49 -20.58 -27.05
CA LEU IA 536 27.30 -21.14 -28.38
C LEU IA 536 26.13 -20.46 -29.10
N SER IA 537 25.07 -20.12 -28.36
CA SER IA 537 24.00 -19.35 -28.97
C SER IA 537 24.50 -17.98 -29.41
N GLU IA 538 25.38 -17.37 -28.62
CA GLU IA 538 26.04 -16.13 -29.02
C GLU IA 538 26.71 -16.30 -30.38
N ALA IA 539 27.53 -17.34 -30.51
CA ALA IA 539 28.28 -17.55 -31.75
C ALA IA 539 27.36 -17.80 -32.93
N GLN IA 540 26.32 -18.60 -32.72
CA GLN IA 540 25.38 -18.87 -33.80
C GLN IA 540 24.69 -17.59 -34.25
N SER IA 541 24.31 -16.74 -33.29
CA SER IA 541 23.71 -15.45 -33.66
C SER IA 541 24.71 -14.58 -34.40
N ARG IA 542 25.98 -14.66 -34.04
CA ARG IA 542 27.01 -13.92 -34.77
C ARG IA 542 27.04 -14.36 -36.23
N ILE IA 543 26.96 -15.67 -36.47
CA ILE IA 543 27.06 -16.17 -37.85
C ILE IA 543 25.80 -15.84 -38.63
N GLN IA 544 24.63 -16.20 -38.09
CA GLN IA 544 23.34 -16.04 -38.74
C GLN IA 544 22.75 -14.67 -38.41
N ASP IA 545 21.44 -14.52 -38.58
CA ASP IA 545 20.67 -13.37 -38.09
C ASP IA 545 21.10 -12.07 -38.79
N ALA IA 546 20.72 -12.00 -40.06
CA ALA IA 546 20.96 -10.83 -40.89
C ALA IA 546 20.58 -9.54 -40.19
N ASP IA 547 21.25 -8.45 -40.58
CA ASP IA 547 21.09 -7.14 -39.93
C ASP IA 547 19.92 -6.40 -40.56
N TYR IA 548 18.82 -6.30 -39.82
CA TYR IA 548 17.60 -5.70 -40.35
C TYR IA 548 17.83 -4.31 -40.93
N ALA IA 549 18.70 -3.50 -40.32
CA ALA IA 549 19.03 -2.22 -40.91
C ALA IA 549 19.64 -2.41 -42.29
N THR IA 550 20.57 -3.35 -42.41
CA THR IA 550 21.27 -3.55 -43.67
C THR IA 550 20.31 -3.99 -44.78
N GLU IA 551 19.49 -5.01 -44.52
CA GLU IA 551 18.59 -5.43 -45.59
C GLU IA 551 17.43 -4.46 -45.82
N VAL IA 552 16.99 -3.69 -44.82
CA VAL IA 552 16.00 -2.66 -45.09
C VAL IA 552 16.55 -1.63 -46.07
N SER IA 553 17.78 -1.17 -45.82
CA SER IA 553 18.41 -0.23 -46.75
C SER IA 553 18.58 -0.88 -48.12
N ASN IA 554 19.00 -2.15 -48.14
CA ASN IA 554 19.23 -2.83 -49.41
C ASN IA 554 17.96 -2.93 -50.23
N MET IA 555 16.85 -3.32 -49.60
CA MET IA 555 15.63 -3.43 -50.37
C MET IA 555 15.11 -2.05 -50.79
N SER IA 556 15.31 -1.04 -49.96
CA SER IA 556 14.84 0.29 -50.34
C SER IA 556 15.55 0.78 -51.59
N LYS IA 557 16.89 0.66 -51.61
CA LYS IA 557 17.61 1.10 -52.80
C LYS IA 557 17.34 0.17 -53.98
N ALA IA 558 17.08 -1.11 -53.73
CA ALA IA 558 16.73 -2.02 -54.82
C ALA IA 558 15.40 -1.63 -55.45
N GLN IA 559 14.40 -1.31 -54.63
CA GLN IA 559 13.11 -0.88 -55.15
C GLN IA 559 13.24 0.41 -55.94
N ILE IA 560 14.05 1.34 -55.44
CA ILE IA 560 14.24 2.59 -56.17
C ILE IA 560 14.91 2.35 -57.50
N ILE IA 561 15.93 1.48 -57.52
CA ILE IA 561 16.58 1.15 -58.78
C ILE IA 561 15.59 0.49 -59.74
N GLN IA 562 14.70 -0.36 -59.21
CA GLN IA 562 13.70 -1.00 -60.05
C GLN IA 562 12.75 0.02 -60.68
N GLN IA 563 12.26 0.95 -59.86
CA GLN IA 563 11.33 1.96 -60.39
C GLN IA 563 12.01 2.85 -61.42
N ALA IA 564 13.25 3.27 -61.13
CA ALA IA 564 13.99 4.08 -62.09
C ALA IA 564 14.23 3.32 -63.38
N GLY IA 565 14.57 2.04 -63.28
CA GLY IA 565 14.77 1.24 -64.47
C GLY IA 565 13.50 1.08 -65.29
N ASN IA 566 12.37 0.92 -64.61
CA ASN IA 566 11.11 0.80 -65.34
C ASN IA 566 10.73 2.10 -66.04
N SER IA 567 10.93 3.24 -65.37
CA SER IA 567 10.62 4.50 -66.01
C SER IA 567 11.54 4.75 -67.21
N VAL IA 568 12.84 4.50 -67.04
CA VAL IA 568 13.76 4.66 -68.16
C VAL IA 568 13.45 3.66 -69.26
N LEU IA 569 12.98 2.47 -68.89
CA LEU IA 569 12.59 1.47 -69.87
C LEU IA 569 11.41 1.95 -70.69
N ALA IA 570 10.43 2.60 -70.04
CA ALA IA 570 9.33 3.19 -70.77
C ALA IA 570 9.82 4.30 -71.71
N LYS IA 571 10.76 5.12 -71.24
CA LYS IA 571 11.33 6.16 -72.09
C LYS IA 571 12.04 5.57 -73.31
N ALA IA 572 12.71 4.43 -73.12
CA ALA IA 572 13.39 3.77 -74.23
C ALA IA 572 12.39 3.11 -75.17
N ASN IA 573 11.40 2.40 -74.63
CA ASN IA 573 10.32 1.84 -75.43
C ASN IA 573 9.49 2.90 -76.10
N GLN IA 574 9.70 4.17 -75.75
CA GLN IA 574 9.28 5.24 -76.65
C GLN IA 574 10.24 5.17 -77.83
N VAL IA 575 10.14 4.08 -78.57
CA VAL IA 575 11.07 3.65 -79.60
C VAL IA 575 10.97 4.63 -80.76
N PRO IA 576 11.94 4.66 -81.69
CA PRO IA 576 11.93 5.71 -82.72
C PRO IA 576 10.62 5.75 -83.49
N GLN IA 577 9.86 6.80 -83.24
CA GLN IA 577 8.66 7.09 -84.00
C GLN IA 577 8.84 8.29 -84.92
N GLN IA 578 9.95 9.01 -84.76
CA GLN IA 578 10.29 10.09 -85.67
C GLN IA 578 10.51 9.57 -87.08
N VAL IA 579 10.79 8.28 -87.23
CA VAL IA 579 10.85 7.69 -88.57
C VAL IA 579 9.48 7.78 -89.25
N LEU IA 580 8.41 7.62 -88.46
CA LEU IA 580 7.06 7.80 -89.01
C LEU IA 580 6.89 9.21 -89.54
N SER IA 581 7.37 10.21 -88.79
CA SER IA 581 7.31 11.59 -89.25
C SER IA 581 8.14 11.78 -90.52
N LEU IA 582 9.31 11.16 -90.58
CA LEU IA 582 10.15 11.24 -91.77
C LEU IA 582 9.45 10.66 -92.98
N LEU IA 583 8.61 9.64 -92.78
CA LEU IA 583 8.02 8.93 -93.90
C LEU IA 583 7.18 9.84 -94.79
N GLN IA 584 6.23 10.57 -94.20
CA GLN IA 584 5.32 11.35 -95.02
C GLN IA 584 5.99 12.57 -95.65
N GLY IA 585 7.20 12.91 -95.25
CA GLY IA 585 7.90 14.06 -95.81
C GLY IA 585 8.35 13.85 -97.24
N MET JA 1 -8.32 38.45 -64.58
CA MET JA 1 -7.75 37.17 -64.97
C MET JA 1 -7.85 37.00 -66.48
N ALA JA 2 -9.05 36.72 -66.99
CA ALA JA 2 -9.21 36.48 -68.42
C ALA JA 2 -8.79 37.67 -69.27
N GLN JA 3 -8.79 38.87 -68.71
CA GLN JA 3 -8.36 40.03 -69.48
C GLN JA 3 -6.84 40.17 -69.49
N VAL JA 4 -6.20 40.02 -68.32
CA VAL JA 4 -4.83 40.47 -68.12
C VAL JA 4 -4.01 39.32 -67.55
N ILE JA 5 -2.73 39.27 -67.93
CA ILE JA 5 -1.80 38.31 -67.35
C ILE JA 5 -0.63 38.97 -66.65
N ASN JA 6 -0.41 40.27 -66.82
CA ASN JA 6 0.76 40.92 -66.23
C ASN JA 6 0.65 41.04 -64.72
N THR JA 7 -0.57 41.09 -64.18
CA THR JA 7 -0.78 41.19 -62.76
C THR JA 7 -1.85 40.21 -62.34
N ASN JA 8 -1.92 39.94 -61.04
CA ASN JA 8 -2.96 39.09 -60.46
C ASN JA 8 -3.44 39.76 -59.18
N SER JA 9 -4.50 40.56 -59.29
CA SER JA 9 -5.06 41.22 -58.11
C SER JA 9 -5.53 40.20 -57.08
N LEU JA 10 -6.08 39.07 -57.54
CA LEU JA 10 -6.48 38.03 -56.61
C LEU JA 10 -5.28 37.51 -55.82
N SER JA 11 -4.17 37.27 -56.50
CA SER JA 11 -2.97 36.81 -55.81
C SER JA 11 -2.47 37.85 -54.82
N LEU JA 12 -2.48 39.12 -55.20
CA LEU JA 12 -2.00 40.16 -54.30
C LEU JA 12 -2.87 40.25 -53.05
N ILE JA 13 -4.19 40.22 -53.24
CA ILE JA 13 -5.10 40.29 -52.09
C ILE JA 13 -4.90 39.08 -51.19
N THR JA 14 -4.76 37.89 -51.78
CA THR JA 14 -4.55 36.69 -50.99
C THR JA 14 -3.25 36.77 -50.20
N GLN JA 15 -2.19 37.28 -50.82
CA GLN JA 15 -0.93 37.43 -50.11
C GLN JA 15 -1.07 38.40 -48.94
N ASN JA 16 -1.78 39.50 -49.14
CA ASN JA 16 -2.00 40.44 -48.04
C ASN JA 16 -2.73 39.78 -46.89
N ASN JA 17 -3.79 39.03 -47.19
CA ASN JA 17 -4.54 38.36 -46.13
C ASN JA 17 -3.70 37.32 -45.42
N ILE JA 18 -2.87 36.60 -46.17
CA ILE JA 18 -2.00 35.60 -45.56
C ILE JA 18 -1.01 36.25 -44.60
N ASN JA 19 -0.43 37.38 -45.00
CA ASN JA 19 0.50 38.07 -44.10
C ASN JA 19 -0.20 38.56 -42.85
N LYS JA 20 -1.41 39.10 -43.01
CA LYS JA 20 -2.17 39.58 -41.86
C LYS JA 20 -2.44 38.45 -40.88
N ASN JA 21 -2.78 37.27 -41.39
CA ASN JA 21 -2.97 36.12 -40.50
C ASN JA 21 -1.65 35.68 -39.87
N GLN JA 22 -0.56 35.75 -40.64
CA GLN JA 22 0.73 35.27 -40.15
C GLN JA 22 1.20 36.07 -38.95
N SER JA 23 0.90 37.37 -38.93
CA SER JA 23 1.24 38.17 -37.76
C SER JA 23 0.65 37.59 -36.48
N ALA JA 24 -0.65 37.31 -36.50
CA ALA JA 24 -1.32 36.75 -35.33
C ALA JA 24 -0.84 35.35 -35.02
N LEU JA 25 -0.53 34.56 -36.07
CA LEU JA 25 0.02 33.22 -35.84
C LEU JA 25 1.32 33.30 -35.05
N SER JA 26 2.22 34.18 -35.47
CA SER JA 26 3.50 34.32 -34.77
C SER JA 26 3.28 34.81 -33.34
N SER JA 27 2.39 35.78 -33.15
CA SER JA 27 2.12 36.28 -31.81
C SER JA 27 1.61 35.17 -30.90
N SER JA 28 0.68 34.36 -31.40
CA SER JA 28 0.11 33.29 -30.59
C SER JA 28 1.14 32.24 -30.24
N ILE JA 29 1.96 31.83 -31.21
CA ILE JA 29 2.96 30.81 -30.92
C ILE JA 29 3.98 31.30 -29.90
N GLU JA 30 4.44 32.56 -30.06
CA GLU JA 30 5.37 33.11 -29.09
C GLU JA 30 4.75 33.19 -27.70
N ARG JA 31 3.48 33.60 -27.63
CA ARG JA 31 2.80 33.71 -26.34
C ARG JA 31 2.69 32.35 -25.66
N LEU JA 32 2.35 31.32 -26.43
CA LEU JA 32 2.28 29.96 -25.86
C LEU JA 32 3.65 29.51 -25.38
N SER JA 33 4.69 29.75 -26.17
CA SER JA 33 6.02 29.28 -25.80
C SER JA 33 6.51 29.95 -24.51
N SER JA 34 6.31 31.27 -24.41
CA SER JA 34 6.80 31.98 -23.24
C SER JA 34 5.93 31.74 -22.01
N GLY JA 35 4.62 31.64 -22.17
CA GLY JA 35 3.73 31.53 -21.04
C GLY JA 35 3.41 32.83 -20.37
N LEU JA 36 3.67 33.97 -21.03
CA LEU JA 36 3.44 35.28 -20.46
C LEU JA 36 2.53 36.08 -21.39
N ARG JA 37 1.51 36.71 -20.82
CA ARG JA 37 0.60 37.52 -21.62
C ARG JA 37 1.30 38.76 -22.18
N ILE JA 38 1.99 39.49 -21.32
CA ILE JA 38 2.69 40.71 -21.72
C ILE JA 38 4.13 40.34 -22.03
N ASN JA 39 4.49 40.37 -23.30
CA ASN JA 39 5.78 39.90 -23.76
C ASN JA 39 6.40 40.92 -24.69
N SER JA 40 7.60 41.36 -24.36
CA SER JA 40 8.40 42.28 -25.17
C SER JA 40 7.72 43.63 -25.40
N ALA JA 41 6.64 43.91 -24.68
CA ALA JA 41 5.98 45.22 -24.67
C ALA JA 41 5.58 45.70 -26.06
N LYS JA 42 5.27 44.79 -26.98
CA LYS JA 42 4.67 45.18 -28.25
C LYS JA 42 3.20 45.47 -28.09
N ASP JA 43 2.75 45.53 -26.85
CA ASP JA 43 1.36 45.66 -26.45
C ASP JA 43 1.33 46.64 -25.28
N ASP JA 44 0.23 46.63 -24.52
CA ASP JA 44 0.06 47.59 -23.43
C ASP JA 44 1.27 47.63 -22.51
N ALA JA 45 1.96 48.77 -22.49
CA ALA JA 45 3.15 48.92 -21.68
C ALA JA 45 2.83 49.20 -20.21
N ALA JA 46 1.60 49.65 -19.92
CA ALA JA 46 1.20 49.82 -18.54
C ALA JA 46 1.25 48.51 -17.79
N GLY JA 47 0.78 47.42 -18.42
CA GLY JA 47 0.89 46.12 -17.81
C GLY JA 47 2.33 45.71 -17.54
N GLN JA 48 3.23 45.99 -18.48
CA GLN JA 48 4.63 45.68 -18.28
C GLN JA 48 5.20 46.43 -17.08
N ALA JA 49 4.92 47.74 -17.01
CA ALA JA 49 5.45 48.54 -15.91
C ALA JA 49 4.89 48.08 -14.57
N ILE JA 50 3.58 47.80 -14.51
CA ILE JA 50 2.98 47.37 -13.26
C ILE JA 50 3.51 45.99 -12.85
N ALA JA 51 3.75 45.11 -13.82
CA ALA JA 51 4.34 43.82 -13.52
C ALA JA 51 5.74 43.97 -12.95
N ASN JA 52 6.52 44.90 -13.50
CA ASN JA 52 7.86 45.14 -12.95
C ASN JA 52 7.78 45.65 -11.52
N ARG JA 53 6.85 46.58 -11.25
CA ARG JA 53 6.70 47.08 -9.89
C ARG JA 53 6.31 45.95 -8.93
N PHE JA 54 5.39 45.08 -9.38
CA PHE JA 54 4.98 43.98 -8.53
C PHE JA 54 6.14 43.02 -8.26
N THR JA 55 6.95 42.74 -9.28
CA THR JA 55 8.11 41.88 -9.09
C THR JA 55 9.07 42.47 -8.06
N SER JA 56 9.34 43.77 -8.18
CA SER JA 56 10.22 44.42 -7.22
C SER JA 56 9.66 44.33 -5.80
N ASN JA 57 8.36 44.58 -5.65
CA ASN JA 57 7.74 44.49 -4.32
C ASN JA 57 7.83 43.08 -3.77
N ILE JA 58 7.59 42.07 -4.59
CA ILE JA 58 7.59 40.69 -4.12
C ILE JA 58 8.99 40.30 -3.64
N LYS JA 59 10.01 40.60 -4.44
CA LYS JA 59 11.37 40.25 -4.04
C LYS JA 59 11.77 40.98 -2.77
N GLY JA 60 11.45 42.27 -2.68
CA GLY JA 60 11.77 43.01 -1.48
C GLY JA 60 11.10 42.44 -0.24
N LEU JA 61 9.82 42.08 -0.35
CA LEU JA 61 9.11 41.55 0.81
C LEU JA 61 9.67 40.20 1.23
N THR JA 62 10.04 39.34 0.28
CA THR JA 62 10.65 38.06 0.63
C THR JA 62 11.96 38.27 1.39
N GLN JA 63 12.81 39.18 0.89
CA GLN JA 63 14.06 39.44 1.58
C GLN JA 63 13.81 40.02 2.97
N ALA JA 64 12.79 40.87 3.10
CA ALA JA 64 12.46 41.43 4.39
C ALA JA 64 12.00 40.37 5.37
N ALA JA 65 11.24 39.38 4.89
CA ALA JA 65 10.84 38.27 5.75
C ALA JA 65 12.06 37.50 6.25
N ARG JA 66 13.03 37.27 5.37
CA ARG JA 66 14.26 36.61 5.81
C ARG JA 66 14.98 37.43 6.89
N ASN JA 67 15.05 38.75 6.69
CA ASN JA 67 15.70 39.60 7.68
C ASN JA 67 14.99 39.53 9.03
N ALA JA 68 13.66 39.51 9.01
CA ALA JA 68 12.91 39.41 10.25
C ALA JA 68 13.18 38.08 10.95
N ASN JA 69 13.30 37.00 10.18
CA ASN JA 69 13.68 35.72 10.79
C ASN JA 69 15.03 35.82 11.48
N ASP JA 70 15.99 36.49 10.84
CA ASP JA 70 17.30 36.68 11.48
C ASP JA 70 17.16 37.46 12.79
N GLY JA 71 16.32 38.49 12.79
CA GLY JA 71 16.11 39.24 14.02
C GLY JA 71 15.53 38.38 15.13
N ILE JA 72 14.60 37.50 14.78
CA ILE JA 72 14.05 36.58 15.77
C ILE JA 72 15.15 35.71 16.34
N SER JA 73 16.05 35.24 15.48
CA SER JA 73 17.16 34.42 15.96
C SER JA 73 18.03 35.18 16.96
N VAL JA 74 18.31 36.44 16.65
CA VAL JA 74 19.10 37.28 17.57
C VAL JA 74 18.43 37.37 18.92
N ALA JA 75 17.12 37.64 18.91
CA ALA JA 75 16.39 37.78 20.17
C ALA JA 75 16.43 36.49 20.97
N GLN JA 76 16.28 35.35 20.29
CA GLN JA 76 16.30 34.06 21.00
C GLN JA 76 17.64 33.84 21.68
N THR JA 77 18.74 34.09 20.97
CA THR JA 77 20.06 33.87 21.56
C THR JA 77 20.27 34.75 22.78
N THR JA 78 19.93 36.04 22.66
CA THR JA 78 20.13 36.95 23.77
C THR JA 78 19.29 36.52 24.97
N GLU JA 79 18.07 36.08 24.73
CA GLU JA 79 17.20 35.71 25.84
C GLU JA 79 17.69 34.44 26.53
N GLY JA 80 18.28 33.50 25.77
CA GLY JA 80 18.86 32.33 26.42
C GLY JA 80 20.00 32.69 27.35
N ALA JA 81 20.91 33.55 26.87
CA ALA JA 81 21.99 34.01 27.74
C ALA JA 81 21.43 34.69 29.00
N LEU JA 82 20.39 35.49 28.83
CA LEU JA 82 19.79 36.18 29.97
C LEU JA 82 19.19 35.19 30.96
N SER JA 83 18.57 34.13 30.46
CA SER JA 83 18.01 33.12 31.36
C SER JA 83 19.11 32.49 32.22
N GLU JA 84 20.25 32.18 31.61
CA GLU JA 84 21.34 31.64 32.41
C GLU JA 84 21.80 32.64 33.48
N ILE JA 85 21.93 33.92 33.09
CA ILE JA 85 22.33 34.95 34.05
C ILE JA 85 21.33 35.00 35.20
N ASN JA 86 20.04 34.91 34.90
CA ASN JA 86 19.02 34.98 35.95
C ASN JA 86 19.13 33.80 36.91
N ASN JA 87 19.40 32.60 36.38
CA ASN JA 87 19.59 31.46 37.27
C ASN JA 87 20.76 31.69 38.21
N ASN JA 88 21.86 32.22 37.69
CA ASN JA 88 23.00 32.51 38.54
C ASN JA 88 22.64 33.52 39.63
N LEU JA 89 21.89 34.56 39.27
CA LEU JA 89 21.51 35.57 40.25
C LEU JA 89 20.62 34.96 41.34
N GLN JA 90 19.69 34.08 40.95
CA GLN JA 90 18.84 33.44 41.95
C GLN JA 90 19.67 32.64 42.94
N ARG JA 91 20.65 31.87 42.44
CA ARG JA 91 21.48 31.10 43.35
C ARG JA 91 22.29 32.01 44.27
N ILE JA 92 22.76 33.14 43.73
CA ILE JA 92 23.51 34.09 44.55
C ILE JA 92 22.64 34.61 45.68
N ARG JA 93 21.38 34.95 45.37
CA ARG JA 93 20.49 35.44 46.43
C ARG JA 93 20.26 34.38 47.49
N GLU JA 94 20.08 33.13 47.06
CA GLU JA 94 19.94 32.04 48.02
C GLU JA 94 21.15 31.99 48.96
N LEU JA 95 22.36 32.09 48.39
CA LEU JA 95 23.57 32.04 49.21
C LEU JA 95 23.64 33.21 50.19
N THR JA 96 23.23 34.41 49.74
CA THR JA 96 23.26 35.56 50.64
C THR JA 96 22.27 35.40 51.78
N VAL JA 97 21.08 34.86 51.48
CA VAL JA 97 20.10 34.60 52.53
C VAL JA 97 20.69 33.64 53.56
N GLN JA 98 21.45 32.65 53.10
CA GLN JA 98 22.12 31.76 54.04
C GLN JA 98 23.18 32.49 54.85
N ALA JA 99 23.98 33.33 54.19
CA ALA JA 99 25.13 33.93 54.85
C ALA JA 99 24.72 34.96 55.89
N THR JA 100 23.56 35.60 55.70
CA THR JA 100 23.17 36.69 56.60
C THR JA 100 22.94 36.22 58.03
N THR JA 101 22.69 34.94 58.25
CA THR JA 101 22.46 34.44 59.60
C THR JA 101 23.72 34.58 60.44
N GLY JA 102 23.54 34.99 61.70
CA GLY JA 102 24.64 35.21 62.60
C GLY JA 102 25.25 33.98 63.23
N THR JA 103 24.68 32.80 63.00
CA THR JA 103 25.28 31.58 63.53
C THR JA 103 26.56 31.21 62.79
N ASN JA 104 26.65 31.56 61.51
CA ASN JA 104 27.82 31.22 60.72
C ASN JA 104 29.07 31.88 61.27
N SER JA 105 30.20 31.18 61.14
CA SER JA 105 31.47 31.70 61.61
C SER JA 105 32.25 32.32 60.44
N ASP JA 106 33.47 32.79 60.73
CA ASP JA 106 34.25 33.51 59.72
C ASP JA 106 34.62 32.60 58.56
N SER JA 107 35.03 31.36 58.83
CA SER JA 107 35.39 30.45 57.76
C SER JA 107 34.18 30.14 56.88
N ASP JA 108 33.02 29.94 57.50
CA ASP JA 108 31.81 29.68 56.74
C ASP JA 108 31.46 30.86 55.84
N LEU JA 109 31.56 32.08 56.39
CA LEU JA 109 31.28 33.26 55.58
C LEU JA 109 32.29 33.38 54.43
N ASP JA 110 33.55 33.04 54.70
CA ASP JA 110 34.55 33.10 53.64
C ASP JA 110 34.23 32.13 52.51
N SER JA 111 33.83 30.91 52.86
CA SER JA 111 33.47 29.93 51.83
C SER JA 111 32.25 30.39 51.03
N ILE JA 112 31.24 30.91 51.72
CA ILE JA 112 30.04 31.37 51.03
C ILE JA 112 30.36 32.51 50.10
N GLN JA 113 31.19 33.46 50.55
CA GLN JA 113 31.56 34.56 49.68
C GLN JA 113 32.44 34.11 48.53
N ASP JA 114 33.23 33.06 48.72
CA ASP JA 114 33.98 32.50 47.60
C ASP JA 114 33.03 31.98 46.53
N GLU JA 115 31.98 31.26 46.95
CA GLU JA 115 31.00 30.79 45.98
C GLU JA 115 30.30 31.96 45.29
N ILE JA 116 29.98 33.00 46.06
CA ILE JA 116 29.35 34.19 45.49
C ILE JA 116 30.24 34.84 44.45
N LYS JA 117 31.54 34.97 44.76
CA LYS JA 117 32.47 35.57 43.82
C LYS JA 117 32.58 34.73 42.55
N SER JA 118 32.60 33.41 42.70
CA SER JA 118 32.67 32.54 41.52
C SER JA 118 31.46 32.75 40.63
N ARG JA 119 30.26 32.83 41.22
CA ARG JA 119 29.08 33.00 40.38
C ARG JA 119 29.00 34.39 39.76
N LEU JA 120 29.48 35.41 40.47
CA LEU JA 120 29.57 36.74 39.86
C LEU JA 120 30.52 36.73 38.67
N ASP JA 121 31.66 36.04 38.81
CA ASP JA 121 32.58 35.90 37.70
C ASP JA 121 31.93 35.19 36.54
N GLU JA 122 31.08 34.19 36.81
CA GLU JA 122 30.34 33.54 35.73
C GLU JA 122 29.40 34.52 35.04
N ILE JA 123 28.73 35.37 35.81
CA ILE JA 123 27.84 36.36 35.19
C ILE JA 123 28.62 37.25 34.23
N ASP JA 124 29.77 37.77 34.71
CA ASP JA 124 30.57 38.64 33.84
C ASP JA 124 31.09 37.89 32.63
N ARG JA 125 31.51 36.64 32.80
CA ARG JA 125 32.06 35.87 31.69
C ARG JA 125 31.01 35.61 30.63
N VAL JA 126 29.81 35.20 31.05
CA VAL JA 126 28.74 34.94 30.08
C VAL JA 126 28.38 36.22 29.35
N SER JA 127 28.28 37.34 30.09
CA SER JA 127 27.97 38.61 29.46
C SER JA 127 29.01 39.00 28.42
N GLY JA 128 30.28 38.86 28.78
CA GLY JA 128 31.34 39.26 27.85
C GLY JA 128 31.43 38.36 26.63
N GLN JA 129 31.23 37.06 26.81
CA GLN JA 129 31.51 36.10 25.77
C GLN JA 129 30.31 35.73 24.91
N THR JA 130 29.09 36.06 25.33
CA THR JA 130 27.94 35.79 24.48
C THR JA 130 28.05 36.58 23.18
N GLN JA 131 27.89 35.89 22.06
CA GLN JA 131 28.16 36.51 20.76
C GLN JA 131 27.23 35.94 19.71
N PHE JA 132 26.77 36.80 18.80
CA PHE JA 132 25.96 36.40 17.66
C PHE JA 132 26.55 37.06 16.42
N ASN JA 133 27.04 36.25 15.48
CA ASN JA 133 27.56 36.73 14.21
C ASN JA 133 28.66 37.78 14.41
N GLY JA 134 29.50 37.55 15.41
CA GLY JA 134 30.59 38.46 15.68
C GLY JA 134 30.21 39.73 16.40
N VAL JA 135 28.98 39.82 16.92
CA VAL JA 135 28.50 41.00 17.63
C VAL JA 135 28.24 40.61 19.07
N ASN JA 136 28.84 41.36 19.99
CA ASN JA 136 28.61 41.13 21.42
C ASN JA 136 27.28 41.79 21.79
N VAL JA 137 26.25 40.96 21.96
CA VAL JA 137 24.91 41.50 22.19
C VAL JA 137 24.80 42.14 23.57
N LEU JA 138 25.40 41.52 24.58
CA LEU JA 138 25.24 41.98 25.96
C LEU JA 138 26.36 42.89 26.43
N ALA JA 139 27.36 43.18 25.60
CA ALA JA 139 28.46 44.03 25.99
C ALA JA 139 28.31 45.47 25.51
N LYS JA 140 27.20 45.80 24.86
CA LYS JA 140 26.98 47.15 24.34
C LYS JA 140 25.57 47.60 24.68
N ASP JA 141 25.41 48.91 24.80
CA ASP JA 141 24.13 49.53 25.12
C ASP JA 141 23.46 50.14 23.89
N GLY JA 142 23.73 49.59 22.71
CA GLY JA 142 23.25 50.16 21.46
C GLY JA 142 21.92 49.62 21.02
N SER JA 143 21.70 49.68 19.71
CA SER JA 143 20.45 49.22 19.12
C SER JA 143 20.74 48.68 17.73
N MET JA 144 19.85 47.80 17.28
CA MET JA 144 19.94 47.18 15.97
C MET JA 144 18.70 47.53 15.16
N LYS JA 145 18.88 47.75 13.87
CA LYS JA 145 17.79 48.09 12.98
C LYS JA 145 17.57 46.93 12.02
N ILE JA 146 16.32 46.52 11.86
CA ILE JA 146 15.95 45.43 10.98
C ILE JA 146 15.05 45.97 9.88
N GLN JA 147 15.44 45.72 8.64
CA GLN JA 147 14.64 46.11 7.48
C GLN JA 147 13.50 45.12 7.32
N VAL JA 148 12.27 45.60 7.44
CA VAL JA 148 11.09 44.75 7.42
C VAL JA 148 10.17 45.04 6.23
N GLY JA 149 10.29 46.19 5.58
CA GLY JA 149 9.54 46.48 4.39
C GLY JA 149 10.40 46.44 3.13
N ALA JA 150 9.80 46.81 2.01
CA ALA JA 150 10.47 46.85 0.73
C ALA JA 150 10.98 48.23 0.35
N ASN JA 151 10.64 49.26 1.12
CA ASN JA 151 11.10 50.62 0.86
C ASN JA 151 11.95 51.08 2.04
N ASP JA 152 12.47 52.30 1.93
CA ASP JA 152 13.33 52.84 2.97
C ASP JA 152 12.51 53.35 4.17
N GLY JA 153 13.07 53.16 5.36
CA GLY JA 153 12.43 53.61 6.58
C GLY JA 153 11.58 52.56 7.28
N GLU JA 154 11.31 51.42 6.64
CA GLU JA 154 10.55 50.35 7.25
C GLU JA 154 11.50 49.53 8.11
N THR JA 155 11.74 50.01 9.32
CA THR JA 155 12.70 49.40 10.22
C THR JA 155 12.07 49.14 11.57
N ILE JA 156 12.55 48.09 12.24
CA ILE JA 156 12.21 47.78 13.62
C ILE JA 156 13.51 47.77 14.42
N THR JA 157 13.50 48.46 15.56
CA THR JA 157 14.71 48.62 16.36
C THR JA 157 14.65 47.71 17.58
N ILE JA 158 15.71 46.95 17.78
CA ILE JA 158 15.89 46.14 18.99
C ILE JA 158 16.92 46.85 19.86
N ASP JA 159 16.54 47.14 21.10
CA ASP JA 159 17.43 47.83 22.03
C ASP JA 159 18.18 46.80 22.88
N LEU JA 160 19.50 46.97 22.98
CA LEU JA 160 20.33 46.12 23.82
C LEU JA 160 20.82 46.92 25.02
N LYS JA 161 21.04 46.22 26.13
CA LYS JA 161 21.55 46.84 27.34
C LYS JA 161 22.83 46.14 27.78
N LYS JA 162 23.80 46.93 28.23
CA LYS JA 162 25.07 46.39 28.69
C LYS JA 162 24.83 45.76 30.06
N ILE JA 163 24.73 44.43 30.09
CA ILE JA 163 24.42 43.69 31.31
C ILE JA 163 25.72 43.08 31.81
N ASP JA 164 26.16 43.50 32.99
CA ASP JA 164 27.32 42.95 33.66
C ASP JA 164 27.23 43.34 35.14
N SER JA 165 28.32 43.14 35.87
CA SER JA 165 28.30 43.52 37.28
C SER JA 165 28.10 45.02 37.46
N ASP JA 166 28.80 45.84 36.68
CA ASP JA 166 28.80 47.28 36.92
C ASP JA 166 27.41 47.87 36.79
N THR JA 167 26.63 47.43 35.82
CA THR JA 167 25.30 47.97 35.61
C THR JA 167 24.25 47.39 36.55
N LEU JA 168 24.62 46.41 37.38
CA LEU JA 168 23.73 45.91 38.42
C LEU JA 168 24.29 46.16 39.82
N GLY JA 169 25.38 46.92 39.91
CA GLY JA 169 26.00 47.13 41.21
C GLY JA 169 26.88 45.96 41.58
N LEU JA 170 26.69 45.44 42.79
CA LEU JA 170 27.28 44.17 43.21
C LEU JA 170 28.80 44.14 43.11
N ASN JA 171 29.46 45.28 42.89
CA ASN JA 171 30.89 45.28 42.64
C ASN JA 171 31.68 44.76 43.83
N GLY JA 172 31.69 45.51 44.92
CA GLY JA 172 32.33 45.05 46.14
C GLY JA 172 31.33 44.35 47.03
N PHE JA 173 30.82 43.21 46.58
CA PHE JA 173 29.70 42.59 47.25
C PHE JA 173 30.26 41.78 48.42
N ASN JA 174 30.69 42.51 49.46
CA ASN JA 174 31.68 42.08 50.43
C ASN JA 174 31.08 41.26 51.58
N VAL JA 175 30.02 40.50 51.30
CA VAL JA 175 29.18 39.87 52.32
C VAL JA 175 29.99 39.16 53.41
N ASN JA 176 31.24 38.78 53.11
CA ASN JA 176 32.10 38.22 54.15
C ASN JA 176 32.85 39.28 54.94
N GLY JA 177 32.40 40.53 54.92
CA GLY JA 177 33.14 41.61 55.56
C GLY JA 177 32.99 41.66 57.07
N LYS JA 178 32.86 42.86 57.62
CA LYS JA 178 32.73 43.02 59.06
C LYS JA 178 31.47 43.79 59.43
N GLY JA 179 30.99 44.62 58.50
CA GLY JA 179 29.81 45.41 58.81
C GLY JA 179 30.11 46.50 59.83
N THR JA 180 29.04 47.00 60.44
CA THR JA 180 29.17 48.07 61.42
C THR JA 180 29.97 47.60 62.62
N ILE JA 181 31.04 48.33 62.94
CA ILE JA 181 31.94 47.98 64.03
C ILE JA 181 32.05 49.18 64.97
N THR JA 182 31.94 48.92 66.27
CA THR JA 182 32.11 49.97 67.26
C THR JA 182 33.58 50.30 67.41
N ASN JA 183 33.91 51.58 67.33
CA ASN JA 183 35.30 52.02 67.40
C ASN JA 183 35.74 52.20 68.85
N LYS JA 184 37.03 52.03 69.08
CA LYS JA 184 37.59 52.11 70.43
C LYS JA 184 37.61 53.55 70.92
N ALA JA 185 37.57 53.69 72.25
CA ALA JA 185 37.55 55.01 72.86
C ALA JA 185 38.93 55.67 72.76
N ALA JA 186 38.91 57.00 72.60
CA ALA JA 186 40.14 57.76 72.48
C ALA JA 186 40.86 57.83 73.82
N THR JA 187 42.15 58.13 73.76
CA THR JA 187 42.99 58.24 74.95
C THR JA 187 43.93 59.43 74.80
N VAL JA 188 44.70 59.68 75.86
CA VAL JA 188 45.58 60.84 75.86
C VAL JA 188 46.75 60.67 74.91
N SER JA 189 47.22 59.43 74.73
CA SER JA 189 48.37 59.21 73.86
C SER JA 189 48.08 59.60 72.42
N ASP JA 190 47.00 59.07 71.84
CA ASP JA 190 46.67 59.46 70.49
C ASP JA 190 46.00 60.84 70.44
N LEU JA 191 45.47 61.33 71.55
CA LEU JA 191 45.05 62.72 71.61
C LEU JA 191 46.22 63.66 71.36
N THR JA 192 47.36 63.39 72.00
CA THR JA 192 48.55 64.17 71.75
C THR JA 192 49.15 63.87 70.38
N SER JA 193 49.03 62.62 69.92
CA SER JA 193 49.52 62.28 68.59
C SER JA 193 48.79 63.07 67.51
N ALA JA 194 47.49 63.33 67.71
CA ALA JA 194 46.74 64.17 66.79
C ALA JA 194 47.22 65.61 66.77
N GLY JA 195 48.00 66.04 67.76
CA GLY JA 195 48.56 67.37 67.78
C GLY JA 195 48.03 68.29 68.86
N ALA JA 196 47.20 67.80 69.77
CA ALA JA 196 46.64 68.65 70.81
C ALA JA 196 47.71 69.04 71.82
N LYS JA 197 47.68 70.29 72.26
CA LYS JA 197 48.60 70.78 73.27
C LYS JA 197 47.97 70.69 74.66
N LEU JA 198 48.80 70.90 75.68
CA LEU JA 198 48.38 70.79 77.07
C LEU JA 198 48.26 72.19 77.66
N ASN JA 199 47.08 72.51 78.20
CA ASN JA 199 46.83 73.80 78.82
C ASN JA 199 47.15 73.67 80.30
N THR JA 200 48.30 74.23 80.71
CA THR JA 200 48.76 74.07 82.08
C THR JA 200 47.84 74.76 83.08
N THR JA 201 47.22 75.87 82.68
CA THR JA 201 46.38 76.62 83.62
C THR JA 201 45.14 75.83 84.03
N THR JA 202 44.65 74.94 83.16
CA THR JA 202 43.47 74.14 83.45
C THR JA 202 43.71 72.64 83.44
N GLY JA 203 44.81 72.18 82.86
CA GLY JA 203 45.08 70.75 82.77
C GLY JA 203 44.41 70.04 81.62
N LEU JA 204 43.61 70.76 80.82
CA LEU JA 204 42.91 70.16 79.70
C LEU JA 204 43.81 70.09 78.48
N TYR JA 205 43.30 69.51 77.40
CA TYR JA 205 44.03 69.40 76.15
C TYR JA 205 43.29 70.19 75.07
N ASP JA 206 44.00 71.13 74.44
CA ASP JA 206 43.42 72.00 73.44
C ASP JA 206 43.85 71.53 72.05
N LEU JA 207 42.86 71.30 71.19
CA LEU JA 207 43.11 70.94 69.80
C LEU JA 207 42.56 72.06 68.91
N LYS JA 208 43.43 72.61 68.07
CA LYS JA 208 43.09 73.74 67.20
C LYS JA 208 43.08 73.25 65.76
N THR JA 209 41.97 73.49 65.06
CA THR JA 209 41.77 73.02 63.69
C THR JA 209 41.84 74.22 62.76
N GLU JA 210 42.97 74.37 62.07
CA GLU JA 210 43.14 75.46 61.13
C GLU JA 210 42.35 75.21 59.86
N ASN JA 211 42.02 76.29 59.15
CA ASN JA 211 41.33 76.24 57.88
C ASN JA 211 42.15 76.96 56.82
N THR JA 212 42.25 76.36 55.64
CA THR JA 212 42.92 77.02 54.53
C THR JA 212 42.06 78.16 54.01
N LEU JA 213 42.71 79.28 53.69
CA LEU JA 213 41.98 80.43 53.19
C LEU JA 213 41.45 80.16 51.80
N LEU JA 214 40.31 80.79 51.48
CA LEU JA 214 39.64 80.55 50.21
C LEU JA 214 40.52 80.97 49.05
N THR JA 215 40.48 80.19 47.97
CA THR JA 215 41.30 80.42 46.80
C THR JA 215 40.41 80.54 45.56
N THR JA 216 40.99 81.15 44.52
CA THR JA 216 40.23 81.42 43.30
C THR JA 216 39.80 80.13 42.61
N ASP JA 217 40.66 79.11 42.62
CA ASP JA 217 40.29 77.85 42.00
C ASP JA 217 39.12 77.19 42.73
N ALA JA 218 39.15 77.21 44.06
CA ALA JA 218 38.02 76.67 44.83
C ALA JA 218 36.75 77.47 44.56
N ALA JA 219 36.87 78.79 44.46
CA ALA JA 219 35.71 79.62 44.14
C ALA JA 219 35.15 79.26 42.77
N PHE JA 220 36.03 79.03 41.79
CA PHE JA 220 35.57 78.64 40.47
C PHE JA 220 34.89 77.28 40.49
N ASP JA 221 35.42 76.35 41.30
CA ASP JA 221 34.75 75.06 41.45
C ASP JA 221 33.36 75.23 42.05
N LYS JA 222 33.22 76.15 43.01
CA LYS JA 222 31.93 76.41 43.64
C LYS JA 222 31.05 77.35 42.84
N LEU JA 223 31.53 77.87 41.71
CA LEU JA 223 30.75 78.80 40.91
C LEU JA 223 29.50 78.14 40.37
N GLY JA 224 28.43 78.92 40.26
CA GLY JA 224 27.16 78.45 39.74
C GLY JA 224 26.63 79.36 38.64
N ASN JA 225 25.46 79.00 38.15
CA ASN JA 225 24.82 79.78 37.08
C ASN JA 225 24.42 81.15 37.59
N GLY JA 226 24.64 82.16 36.74
CA GLY JA 226 24.30 83.53 37.08
C GLY JA 226 25.31 84.24 37.96
N ASP JA 227 26.43 83.60 38.28
CA ASP JA 227 27.44 84.23 39.12
C ASP JA 227 28.19 85.32 38.36
N LYS JA 228 28.69 86.29 39.11
CA LYS JA 228 29.39 87.44 38.53
C LYS JA 228 30.81 87.51 39.08
N VAL JA 229 31.78 87.59 38.17
CA VAL JA 229 33.17 87.76 38.54
C VAL JA 229 33.68 89.04 37.89
N THR JA 230 34.13 89.99 38.69
CA THR JA 230 34.63 91.27 38.20
C THR JA 230 36.09 91.39 38.58
N VAL JA 231 36.97 91.27 37.60
CA VAL JA 231 38.41 91.38 37.81
C VAL JA 231 38.96 92.42 36.84
N GLY JA 232 39.78 93.33 37.37
CA GLY JA 232 40.34 94.39 36.55
C GLY JA 232 39.31 95.30 35.93
N GLY JA 233 38.18 95.51 36.61
CA GLY JA 233 37.12 96.35 36.09
C GLY JA 233 36.30 95.73 34.98
N VAL JA 234 36.48 94.44 34.70
CA VAL JA 234 35.75 93.74 33.64
C VAL JA 234 34.84 92.72 34.29
N ASP JA 235 33.56 92.75 33.93
CA ASP JA 235 32.56 91.87 34.52
C ASP JA 235 32.29 90.69 33.60
N TYR JA 236 32.26 89.49 34.18
CA TYR JA 236 31.97 88.27 33.46
C TYR JA 236 30.85 87.53 34.17
N THR JA 237 29.91 87.00 33.40
CA THR JA 237 28.77 86.26 33.95
C THR JA 237 28.93 84.78 33.61
N TYR JA 238 28.92 83.94 34.64
CA TYR JA 238 29.08 82.51 34.43
C TYR JA 238 27.83 81.90 33.80
N ASN JA 239 28.04 80.86 33.01
CA ASN JA 239 26.96 80.17 32.32
C ASN JA 239 26.93 78.71 32.74
N ALA JA 240 25.71 78.19 32.94
CA ALA JA 240 25.55 76.80 33.32
C ALA JA 240 25.71 75.83 32.16
N LYS JA 241 25.56 76.32 30.91
CA LYS JA 241 25.68 75.43 29.76
C LYS JA 241 27.07 74.84 29.64
N SER JA 242 28.10 75.65 29.87
CA SER JA 242 29.47 75.19 29.79
C SER JA 242 30.35 76.07 30.66
N GLY JA 243 31.56 75.61 30.92
CA GLY JA 243 32.48 76.34 31.77
C GLY JA 243 33.08 77.55 31.08
N ASP JA 244 32.25 78.55 30.81
CA ASP JA 244 32.72 79.76 30.13
C ASP JA 244 31.99 80.96 30.69
N PHE JA 245 32.56 82.13 30.45
CA PHE JA 245 32.01 83.41 30.89
C PHE JA 245 31.49 84.18 29.68
N THR JA 246 30.35 84.84 29.86
CA THR JA 246 29.79 85.75 28.88
C THR JA 246 29.94 87.18 29.38
N THR JA 247 30.58 88.03 28.59
CA THR JA 247 30.86 89.40 28.99
C THR JA 247 30.39 90.34 27.88
N THR JA 248 30.20 91.60 28.25
CA THR JA 248 29.79 92.63 27.31
C THR JA 248 30.99 93.50 26.96
N LYS JA 249 31.34 93.53 25.68
CA LYS JA 249 32.43 94.36 25.19
C LYS JA 249 31.82 95.53 24.42
N SER JA 250 32.14 96.74 24.85
CA SER JA 250 31.55 97.95 24.30
C SER JA 250 32.64 98.99 24.08
N THR JA 251 32.33 99.96 23.22
CA THR JA 251 33.24 101.04 22.92
C THR JA 251 33.53 101.89 24.16
N ALA JA 258 33.39 115.09 22.28
CA ALA JA 258 33.31 114.68 20.88
C ALA JA 258 34.67 114.79 20.20
N ALA JA 259 35.33 115.94 20.38
CA ALA JA 259 36.65 116.17 19.79
C ALA JA 259 37.77 115.59 20.63
N ALA JA 260 37.46 115.00 21.78
CA ALA JA 260 38.47 114.43 22.65
C ALA JA 260 38.88 113.05 22.12
N GLN JA 261 39.62 112.29 22.92
CA GLN JA 261 40.08 110.97 22.51
C GLN JA 261 38.96 109.94 22.43
N ALA JA 262 37.76 110.28 22.92
CA ALA JA 262 36.67 109.31 22.93
C ALA JA 262 36.29 108.87 21.52
N ALA JA 263 36.10 109.83 20.61
CA ALA JA 263 35.72 109.49 19.24
C ALA JA 263 36.84 108.75 18.52
N ASP JA 264 38.09 109.15 18.76
CA ASP JA 264 39.22 108.46 18.15
C ASP JA 264 39.29 107.01 18.63
N SER JA 265 39.08 106.80 19.93
CA SER JA 265 39.07 105.44 20.46
C SER JA 265 37.91 104.63 19.89
N ALA JA 266 36.75 105.27 19.72
CA ALA JA 266 35.61 104.59 19.11
C ALA JA 266 35.95 104.12 17.70
N SER JA 267 36.53 105.02 16.90
CA SER JA 267 36.91 104.66 15.53
C SER JA 267 37.95 103.54 15.52
N LYS JA 268 38.94 103.64 16.40
CA LYS JA 268 39.99 102.61 16.44
C LYS JA 268 39.42 101.26 16.87
N ARG JA 269 38.49 101.25 17.82
CA ARG JA 269 37.87 100.00 18.26
C ARG JA 269 37.02 99.40 17.15
N ASP JA 270 36.26 100.23 16.44
CA ASP JA 270 35.50 99.74 15.29
C ASP JA 270 36.44 99.15 14.24
N ALA JA 271 37.56 99.83 13.97
CA ALA JA 271 38.51 99.35 12.97
C ALA JA 271 39.13 98.03 13.39
N LEU JA 272 39.50 97.89 14.67
CA LEU JA 272 40.10 96.64 15.11
C LEU JA 272 39.10 95.49 15.08
N ALA JA 273 37.83 95.77 15.45
CA ALA JA 273 36.80 94.74 15.32
C ALA JA 273 36.61 94.33 13.86
N ALA JA 274 36.65 95.32 12.95
CA ALA JA 274 36.54 95.00 11.53
C ALA JA 274 37.70 94.14 11.07
N THR JA 275 38.92 94.45 11.51
CA THR JA 275 40.07 93.62 11.16
C THR JA 275 39.90 92.21 11.70
N LEU JA 276 39.40 92.09 12.93
CA LEU JA 276 39.20 90.78 13.53
C LEU JA 276 38.19 89.95 12.75
N HIS JA 277 37.11 90.58 12.28
CA HIS JA 277 36.11 89.84 11.52
C HIS JA 277 36.46 89.72 10.04
N ALA JA 278 37.50 90.39 9.58
CA ALA JA 278 37.87 90.29 8.17
C ALA JA 278 38.17 88.85 7.77
N ASP JA 279 38.90 88.12 8.61
CA ASP JA 279 39.22 86.72 8.32
C ASP JA 279 38.02 85.87 8.68
N VAL JA 280 37.38 85.28 7.67
CA VAL JA 280 36.21 84.44 7.86
C VAL JA 280 36.38 83.07 7.20
N GLY JA 281 37.60 82.72 6.79
CA GLY JA 281 37.80 81.49 6.05
C GLY JA 281 37.14 81.55 4.70
N LYS JA 282 36.05 80.83 4.54
CA LYS JA 282 35.23 80.91 3.33
C LYS JA 282 34.08 81.89 3.57
N SER JA 283 33.13 81.93 2.64
CA SER JA 283 32.02 82.86 2.72
C SER JA 283 31.16 82.57 3.95
N VAL JA 284 30.70 83.64 4.60
CA VAL JA 284 29.87 83.54 5.79
C VAL JA 284 28.64 84.43 5.62
N ASN JA 285 27.63 84.19 6.44
CA ASN JA 285 26.38 84.94 6.34
C ASN JA 285 26.27 86.00 7.43
N GLY JA 286 25.53 87.06 7.14
CA GLY JA 286 25.25 88.09 8.12
C GLY JA 286 23.96 88.79 7.79
N SER JA 287 23.38 89.44 8.80
CA SER JA 287 22.13 90.17 8.64
C SER JA 287 22.28 91.56 9.25
N TYR JA 288 22.06 92.59 8.42
CA TYR JA 288 22.11 93.97 8.87
C TYR JA 288 20.71 94.54 8.78
N THR JA 289 20.22 95.08 9.89
CA THR JA 289 18.86 95.62 9.93
C THR JA 289 18.87 97.01 10.54
N THR JA 290 18.18 97.93 9.87
CA THR JA 290 17.95 99.26 10.42
C THR JA 290 16.61 99.26 11.14
N LYS JA 291 16.13 100.46 11.49
CA LYS JA 291 14.83 100.55 12.17
C LYS JA 291 13.69 100.16 11.25
N ASP JA 292 13.90 100.14 9.93
CA ASP JA 292 12.82 99.93 8.99
C ASP JA 292 13.01 98.74 8.06
N GLY JA 293 14.22 98.19 7.92
CA GLY JA 293 14.46 97.17 6.93
C GLY JA 293 15.48 96.14 7.41
N THR JA 294 15.52 95.03 6.68
CA THR JA 294 16.44 93.93 6.94
C THR JA 294 17.13 93.55 5.64
N VAL JA 295 18.43 93.28 5.71
CA VAL JA 295 19.21 92.87 4.55
C VAL JA 295 20.09 91.69 4.95
N SER JA 296 20.13 90.68 4.10
CA SER JA 296 20.99 89.51 4.30
C SER JA 296 22.16 89.60 3.33
N PHE JA 297 23.38 89.57 3.87
CA PHE JA 297 24.58 89.77 3.07
C PHE JA 297 25.59 88.66 3.33
N GLU JA 298 26.28 88.26 2.26
CA GLU JA 298 27.28 87.21 2.33
C GLU JA 298 28.66 87.84 2.40
N THR JA 299 29.27 87.82 3.58
CA THR JA 299 30.63 88.32 3.74
C THR JA 299 31.62 87.34 3.13
N ASP JA 300 32.64 87.88 2.47
CA ASP JA 300 33.67 87.09 1.80
C ASP JA 300 34.97 87.15 2.60
N SER JA 301 35.93 86.35 2.16
CA SER JA 301 37.24 86.33 2.80
C SER JA 301 37.92 87.69 2.64
N ALA JA 302 38.70 88.06 3.65
CA ALA JA 302 39.44 89.32 3.74
C ALA JA 302 38.53 90.54 3.82
N GLY JA 303 37.21 90.34 3.91
CA GLY JA 303 36.31 91.46 4.11
C GLY JA 303 35.67 91.97 2.83
N ASN JA 304 34.40 91.64 2.62
CA ASN JA 304 33.66 92.11 1.45
C ASN JA 304 32.18 91.98 1.74
N ILE JA 305 31.38 92.68 0.94
CA ILE JA 305 29.93 92.68 1.06
C ILE JA 305 29.35 92.18 -0.25
N THR JA 306 28.50 91.16 -0.17
CA THR JA 306 27.91 90.55 -1.36
C THR JA 306 26.47 90.14 -1.06
N ILE JA 307 25.55 90.59 -1.91
CA ILE JA 307 24.14 90.22 -1.82
C ILE JA 307 23.70 89.66 -3.16
N GLY JA 308 23.05 88.49 -3.12
CA GLY JA 308 22.51 87.89 -4.33
C GLY JA 308 23.57 87.59 -5.38
N GLY JA 309 24.77 87.20 -4.94
CA GLY JA 309 25.84 86.89 -5.87
C GLY JA 309 26.51 88.09 -6.49
N SER JA 310 26.16 89.30 -6.09
CA SER JA 310 26.72 90.51 -6.64
C SER JA 310 27.26 91.39 -5.52
N GLN JA 311 28.30 92.16 -5.83
CA GLN JA 311 28.89 93.05 -4.85
C GLN JA 311 27.91 94.16 -4.49
N ALA JA 312 27.80 94.44 -3.20
CA ALA JA 312 26.88 95.44 -2.69
C ALA JA 312 27.64 96.64 -2.14
N TYR JA 313 27.00 97.81 -2.20
CA TYR JA 313 27.60 99.06 -1.77
C TYR JA 313 26.77 99.66 -0.65
N VAL JA 314 27.45 100.35 0.27
CA VAL JA 314 26.82 100.90 1.46
C VAL JA 314 26.56 102.39 1.24
N ASP JA 315 25.35 102.83 1.57
CA ASP JA 315 24.99 104.23 1.43
C ASP JA 315 25.68 105.06 2.52
N ASP JA 316 25.82 106.36 2.25
CA ASP JA 316 26.47 107.25 3.19
C ASP JA 316 25.69 107.32 4.51
N ALA JA 317 24.37 107.36 4.43
CA ALA JA 317 23.55 107.40 5.63
C ALA JA 317 23.57 106.07 6.39
N GLY JA 318 24.01 104.99 5.75
CA GLY JA 318 24.09 103.69 6.39
C GLY JA 318 23.29 102.60 5.70
N ASN JA 319 22.51 102.92 4.67
CA ASN JA 319 21.73 101.90 3.99
C ASN JA 319 22.62 101.01 3.13
N LEU JA 320 22.14 99.81 2.87
CA LEU JA 320 22.85 98.83 2.06
C LEU JA 320 22.08 98.58 0.77
N THR JA 321 22.77 98.69 -0.36
CA THR JA 321 22.15 98.53 -1.67
C THR JA 321 23.10 97.79 -2.60
N THR JA 322 22.53 97.22 -3.66
CA THR JA 322 23.30 96.44 -4.62
C THR JA 322 23.82 97.26 -5.78
N ASN JA 323 23.44 98.53 -5.90
CA ASN JA 323 23.89 99.39 -6.99
C ASN JA 323 24.44 100.69 -6.43
N ASN JA 324 25.47 101.21 -7.09
CA ASN JA 324 26.12 102.43 -6.64
C ASN JA 324 25.34 103.66 -7.08
N ALA JA 325 25.23 104.63 -6.17
CA ALA JA 325 24.55 105.89 -6.45
C ALA JA 325 25.42 107.03 -5.97
N GLY JA 326 25.61 108.04 -6.81
CA GLY JA 326 26.41 109.18 -6.43
C GLY JA 326 27.90 108.91 -6.36
N SER JA 327 28.37 107.86 -7.04
CA SER JA 327 29.79 107.50 -7.05
C SER JA 327 30.34 107.30 -5.65
N ALA JA 328 29.53 106.72 -4.77
CA ALA JA 328 29.91 106.43 -3.38
C ALA JA 328 29.55 104.98 -3.11
N ALA JA 329 30.47 104.07 -3.44
CA ALA JA 329 30.24 102.64 -3.30
C ALA JA 329 30.87 102.08 -2.03
N LYS JA 330 32.18 102.25 -1.86
CA LYS JA 330 32.96 101.79 -0.72
C LYS JA 330 32.49 100.41 -0.23
N ALA JA 331 32.54 99.45 -1.14
CA ALA JA 331 32.04 98.10 -0.87
C ALA JA 331 33.01 97.38 0.05
N ASP JA 332 32.91 97.68 1.34
CA ASP JA 332 33.74 97.04 2.35
C ASP JA 332 32.97 96.99 3.66
N MET JA 333 33.20 95.91 4.41
CA MET JA 333 32.56 95.78 5.72
C MET JA 333 33.12 96.80 6.71
N LYS JA 334 34.40 97.16 6.58
CA LYS JA 334 34.95 98.23 7.41
C LYS JA 334 34.22 99.54 7.14
N ALA JA 335 33.99 99.86 5.86
CA ALA JA 335 33.26 101.07 5.52
C ALA JA 335 31.82 100.99 6.02
N LEU JA 336 31.20 99.81 5.93
CA LEU JA 336 29.86 99.64 6.46
C LEU JA 336 29.80 99.91 7.95
N LEU JA 337 30.76 99.37 8.70
CA LEU JA 337 30.79 99.59 10.14
C LEU JA 337 31.02 101.06 10.46
N LYS JA 338 31.94 101.71 9.75
CA LYS JA 338 32.19 103.13 9.99
C LYS JA 338 30.95 103.97 9.69
N ALA JA 339 30.27 103.67 8.57
CA ALA JA 339 29.07 104.42 8.22
C ALA JA 339 27.96 104.20 9.24
N ALA JA 340 27.80 102.96 9.72
CA ALA JA 340 26.81 102.70 10.75
C ALA JA 340 27.13 103.45 12.03
N SER JA 341 28.41 103.46 12.44
CA SER JA 341 28.79 104.15 13.65
C SER JA 341 28.57 105.65 13.53
N GLU JA 342 28.91 106.23 12.38
CA GLU JA 342 28.78 107.68 12.19
C GLU JA 342 27.40 108.08 11.71
N GLY JA 343 26.50 107.14 11.48
CA GLY JA 343 25.20 107.48 10.96
C GLY JA 343 24.33 108.23 11.95
N SER JA 344 23.32 108.92 11.40
CA SER JA 344 22.39 109.65 12.24
C SER JA 344 21.52 108.70 13.06
N ASP JA 345 21.27 107.49 12.54
CA ASP JA 345 20.42 106.52 13.20
C ASP JA 345 21.18 105.21 13.40
N GLY JA 346 20.96 104.58 14.55
CA GLY JA 346 21.60 103.32 14.83
C GLY JA 346 20.94 102.14 14.14
N ALA JA 347 21.66 101.02 14.12
CA ALA JA 347 21.17 99.80 13.48
C ALA JA 347 21.73 98.60 14.25
N SER JA 348 21.25 97.41 13.87
CA SER JA 348 21.66 96.16 14.50
C SER JA 348 22.26 95.24 13.45
N LEU JA 349 23.43 94.69 13.75
CA LEU JA 349 24.13 93.81 12.83
C LEU JA 349 24.42 92.49 13.52
N THR JA 350 23.96 91.38 12.93
CA THR JA 350 24.15 90.05 13.48
C THR JA 350 25.02 89.24 12.53
N PHE JA 351 26.10 88.69 13.06
CA PHE JA 351 26.99 87.86 12.27
C PHE JA 351 26.53 86.40 12.40
N ASN JA 352 27.40 85.45 12.00
CA ASN JA 352 27.04 84.04 12.04
C ASN JA 352 26.62 83.61 13.44
N GLY JA 353 27.46 83.90 14.44
CA GLY JA 353 27.18 83.46 15.78
C GLY JA 353 26.70 84.55 16.73
N THR JA 354 27.34 85.70 16.68
CA THR JA 354 27.08 86.78 17.64
C THR JA 354 26.27 87.90 17.00
N GLU JA 355 25.78 88.80 17.86
CA GLU JA 355 25.01 89.96 17.45
C GLU JA 355 25.71 91.22 17.94
N TYR JA 356 25.82 92.22 17.06
CA TYR JA 356 26.48 93.47 17.37
C TYR JA 356 25.47 94.60 17.28
N THR JA 357 25.48 95.48 18.27
CA THR JA 357 24.57 96.62 18.31
C THR JA 357 25.37 97.91 18.15
N ILE JA 358 24.88 98.79 17.29
CA ILE JA 358 25.56 100.04 16.95
C ILE JA 358 24.83 101.18 17.65
N ALA JA 359 25.54 101.89 18.52
CA ALA JA 359 24.95 103.04 19.21
C ALA JA 359 24.82 104.21 18.26
N LYS JA 360 23.75 104.98 18.43
CA LYS JA 360 23.50 106.14 17.60
C LYS JA 360 24.54 107.24 17.83
N GLY JA 376 29.29 104.14 18.90
CA GLY JA 376 30.02 103.04 19.47
C GLY JA 376 29.46 101.68 19.07
N ILE JA 377 30.18 100.63 19.44
CA ILE JA 377 29.78 99.25 19.14
C ILE JA 377 29.71 98.47 20.44
N THR JA 378 28.71 97.61 20.56
CA THR JA 378 28.62 96.71 21.71
C THR JA 378 28.29 95.30 21.23
N TYR JA 379 28.81 94.31 21.95
CA TYR JA 379 28.57 92.92 21.59
C TYR JA 379 28.83 92.03 22.79
N GLN JA 380 28.08 90.93 22.86
CA GLN JA 380 28.19 89.97 23.95
C GLN JA 380 29.22 88.91 23.57
N ALA JA 381 30.46 89.15 23.98
CA ALA JA 381 31.53 88.20 23.71
C ALA JA 381 31.52 87.08 24.75
N THR JA 382 32.15 85.96 24.38
CA THR JA 382 32.31 84.83 25.28
C THR JA 382 33.80 84.52 25.42
N VAL JA 383 34.26 84.41 26.66
CA VAL JA 383 35.64 84.07 26.96
C VAL JA 383 35.65 82.96 28.00
N SER JA 384 36.53 81.98 27.81
CA SER JA 384 36.57 80.84 28.71
C SER JA 384 36.97 81.26 30.12
N LYS JA 385 36.42 80.55 31.11
CA LYS JA 385 36.72 80.84 32.51
C LYS JA 385 38.17 80.56 32.85
N ASP JA 386 38.86 79.76 32.06
CA ASP JA 386 40.27 79.47 32.31
C ASP JA 386 41.11 80.75 32.23
N VAL JA 387 40.83 81.58 31.21
CA VAL JA 387 41.57 82.84 31.07
C VAL JA 387 41.31 83.74 32.27
N VAL JA 388 40.05 83.82 32.71
CA VAL JA 388 39.70 84.69 33.83
C VAL JA 388 40.39 84.23 35.10
N LEU JA 389 40.35 82.92 35.38
CA LEU JA 389 40.98 82.42 36.60
C LEU JA 389 42.49 82.59 36.54
N SER JA 390 43.10 82.36 35.37
CA SER JA 390 44.54 82.53 35.25
C SER JA 390 44.94 84.00 35.46
N GLU JA 391 44.21 84.93 34.87
CA GLU JA 391 44.56 86.33 35.01
C GLU JA 391 44.31 86.83 36.43
N THR JA 392 43.31 86.27 37.12
CA THR JA 392 43.10 86.63 38.51
C THR JA 392 44.19 86.06 39.41
N LYS JA 393 44.61 84.82 39.15
CA LYS JA 393 45.57 84.16 40.02
C LYS JA 393 46.99 84.72 39.82
N ALA JA 394 47.39 84.95 38.57
CA ALA JA 394 48.77 85.32 38.30
C ALA JA 394 49.06 86.76 38.75
N ALA JA 395 48.16 87.69 38.45
CA ALA JA 395 48.39 89.09 38.70
C ALA JA 395 47.91 89.48 40.10
N ALA JA 396 48.52 90.53 40.64
CA ALA JA 396 48.14 91.06 41.95
C ALA JA 396 47.00 92.06 41.81
N ALA JA 397 45.88 91.56 41.29
CA ALA JA 397 44.70 92.38 41.07
C ALA JA 397 43.76 92.30 42.27
N THR JA 398 42.60 92.94 42.13
CA THR JA 398 41.57 92.96 43.16
C THR JA 398 40.26 92.50 42.52
N SER JA 399 39.98 91.21 42.59
CA SER JA 399 38.79 90.64 41.96
C SER JA 399 37.63 90.59 42.95
N SER JA 400 36.42 90.49 42.42
CA SER JA 400 35.22 90.33 43.22
C SER JA 400 34.41 89.17 42.66
N ILE JA 401 33.98 88.28 43.54
CA ILE JA 401 33.22 87.09 43.16
C ILE JA 401 31.89 87.12 43.88
N THR JA 402 30.80 86.92 43.13
CA THR JA 402 29.46 86.96 43.69
C THR JA 402 28.80 85.60 43.55
N PHE JA 403 28.35 85.04 44.66
CA PHE JA 403 27.59 83.81 44.68
C PHE JA 403 26.11 84.16 44.84
N ASN JA 404 25.29 83.65 43.92
CA ASN JA 404 23.85 83.88 43.92
C ASN JA 404 23.14 82.53 43.84
N SER JA 405 22.22 82.30 44.77
CA SER JA 405 21.34 81.15 44.74
C SER JA 405 20.01 81.45 44.10
N GLY JA 406 19.86 82.63 43.50
CA GLY JA 406 18.62 83.12 42.97
C GLY JA 406 17.88 84.04 43.91
N VAL JA 407 18.10 83.89 45.22
CA VAL JA 407 17.54 84.75 46.24
C VAL JA 407 18.63 85.35 47.12
N LEU JA 408 19.55 84.52 47.59
CA LEU JA 408 20.57 84.93 48.54
C LEU JA 408 21.86 85.23 47.78
N SER JA 409 22.49 86.36 48.09
CA SER JA 409 23.66 86.83 47.38
C SER JA 409 24.77 87.16 48.35
N LYS JA 410 26.00 86.80 47.99
CA LYS JA 410 27.18 87.16 48.77
C LYS JA 410 28.31 87.59 47.84
N THR JA 411 28.94 88.70 48.16
CA THR JA 411 30.06 89.23 47.39
C THR JA 411 31.34 89.14 48.21
N ILE JA 412 32.38 88.56 47.63
CA ILE JA 412 33.66 88.35 48.33
C ILE JA 412 34.77 88.97 47.51
N GLY JA 413 35.61 89.77 48.16
CA GLY JA 413 36.78 90.32 47.52
C GLY JA 413 37.95 89.35 47.58
N PHE JA 414 38.79 89.40 46.55
CA PHE JA 414 39.92 88.49 46.41
C PHE JA 414 41.16 89.25 45.97
N THR JA 415 42.27 88.97 46.63
CA THR JA 415 43.59 89.41 46.19
C THR JA 415 44.17 88.34 45.26
N ALA JA 416 45.47 88.37 45.02
CA ALA JA 416 46.10 87.44 44.08
C ALA JA 416 46.15 86.05 44.71
N GLY JA 417 45.02 85.35 44.62
CA GLY JA 417 44.90 83.98 45.08
C GLY JA 417 44.23 83.81 46.42
N GLU JA 418 44.05 84.89 47.18
CA GLU JA 418 43.45 84.82 48.50
C GLU JA 418 42.37 85.90 48.62
N SER JA 419 41.76 85.99 49.79
CA SER JA 419 40.73 86.98 50.07
C SER JA 419 41.30 88.03 51.02
N SER JA 420 41.26 89.29 50.60
CA SER JA 420 41.79 90.40 51.38
C SER JA 420 40.72 91.39 51.79
N ASP JA 421 39.45 90.99 51.74
CA ASP JA 421 38.33 91.89 52.00
C ASP JA 421 37.96 91.98 53.48
N ALA JA 422 38.91 91.68 54.37
CA ALA JA 422 38.66 91.67 55.82
C ALA JA 422 37.55 90.68 56.20
N ALA JA 423 37.37 89.66 55.37
CA ALA JA 423 36.39 88.62 55.59
C ALA JA 423 37.09 87.29 55.82
N LYS JA 424 36.45 86.41 56.58
CA LYS JA 424 37.09 85.16 56.98
C LYS JA 424 37.25 84.23 55.80
N SER JA 425 36.14 83.78 55.22
CA SER JA 425 36.11 83.06 53.94
C SER JA 425 37.02 81.83 53.97
N TYR JA 426 36.63 80.86 54.80
CA TYR JA 426 37.32 79.59 54.90
C TYR JA 426 36.42 78.46 54.45
N VAL JA 427 37.03 77.46 53.81
CA VAL JA 427 36.28 76.41 53.12
C VAL JA 427 36.84 75.04 53.49
N ASP JA 428 37.96 75.02 54.20
CA ASP JA 428 38.76 73.80 54.34
C ASP JA 428 38.02 72.68 55.07
N ASP JA 429 36.98 73.00 55.85
CA ASP JA 429 36.36 72.00 56.70
C ASP JA 429 35.77 70.83 55.91
N LYS JA 430 34.74 71.09 55.12
CA LYS JA 430 34.12 70.04 54.30
C LYS JA 430 33.67 70.56 52.95
N GLY JA 431 33.98 71.80 52.60
CA GLY JA 431 33.41 72.44 51.43
C GLY JA 431 32.37 73.46 51.82
N GLY JA 432 32.26 74.51 51.01
CA GLY JA 432 31.41 75.63 51.32
C GLY JA 432 32.11 76.65 52.20
N ILE JA 433 31.66 77.90 52.09
CA ILE JA 433 32.31 79.02 52.76
C ILE JA 433 31.69 79.17 54.13
N THR JA 434 32.41 78.73 55.17
CA THR JA 434 31.92 78.75 56.53
C THR JA 434 32.47 79.90 57.36
N ASN JA 435 33.29 80.76 56.75
CA ASN JA 435 33.75 82.04 57.32
C ASN JA 435 34.00 82.00 58.82
N VAL JA 436 34.63 80.92 59.28
CA VAL JA 436 35.09 80.80 60.66
C VAL JA 436 36.61 80.70 60.66
N ALA JA 437 37.26 81.53 61.48
CA ALA JA 437 38.71 81.54 61.53
C ALA JA 437 39.26 80.21 62.02
N ASP JA 438 38.93 79.85 63.26
CA ASP JA 438 39.40 78.61 63.85
C ASP JA 438 38.58 78.31 65.08
N TYR JA 439 38.40 77.02 65.37
CA TYR JA 439 37.73 76.58 66.58
C TYR JA 439 38.66 75.65 67.35
N THR JA 440 38.75 75.86 68.65
CA THR JA 440 39.58 75.06 69.54
C THR JA 440 38.68 74.23 70.44
N VAL JA 441 38.91 72.92 70.47
CA VAL JA 441 38.13 72.01 71.29
C VAL JA 441 39.01 71.55 72.45
N SER JA 442 38.47 71.64 73.66
CA SER JA 442 39.20 71.27 74.86
C SER JA 442 38.67 69.94 75.37
N TYR JA 443 39.58 68.99 75.59
CA TYR JA 443 39.25 67.65 76.07
C TYR JA 443 39.76 67.50 77.48
N SER JA 444 38.91 66.96 78.35
CA SER JA 444 39.27 66.67 79.74
C SER JA 444 39.64 65.20 79.86
N VAL JA 445 40.78 64.91 80.46
CA VAL JA 445 41.28 63.55 80.61
C VAL JA 445 41.09 63.14 82.06
N ASN JA 446 40.33 62.08 82.28
CA ASN JA 446 40.11 61.55 83.62
C ASN JA 446 41.29 60.67 83.99
N LYS JA 447 42.07 61.09 84.98
CA LYS JA 447 43.29 60.39 85.35
C LYS JA 447 43.04 59.09 86.09
N ASP JA 448 41.81 58.83 86.54
CA ASP JA 448 41.53 57.59 87.25
C ASP JA 448 41.63 56.38 86.32
N ASN JA 449 41.02 56.46 85.14
CA ASN JA 449 41.01 55.35 84.20
C ASN JA 449 41.59 55.68 82.84
N GLY JA 450 41.76 56.96 82.50
CA GLY JA 450 42.27 57.36 81.21
C GLY JA 450 41.22 57.71 80.19
N SER JA 451 39.94 57.68 80.55
CA SER JA 451 38.89 58.04 79.61
C SER JA 451 38.94 59.52 79.29
N VAL JA 452 38.70 59.87 78.03
CA VAL JA 452 38.78 61.24 77.54
C VAL JA 452 37.40 61.68 77.08
N THR JA 453 36.95 62.82 77.58
CA THR JA 453 35.67 63.41 77.18
C THR JA 453 35.92 64.81 76.64
N VAL JA 454 34.87 65.40 76.07
CA VAL JA 454 34.93 66.74 75.50
C VAL JA 454 34.39 67.72 76.55
N ALA JA 455 35.15 68.79 76.80
CA ALA JA 455 34.74 69.80 77.78
C ALA JA 455 35.38 71.12 77.39
N GLY JA 456 34.60 71.98 76.75
CA GLY JA 456 35.08 73.32 76.41
C GLY JA 456 35.24 73.57 74.92
N TYR JA 457 34.68 74.68 74.45
CA TYR JA 457 34.76 75.06 73.05
C TYR JA 457 35.09 76.54 72.96
N ALA JA 458 36.08 76.90 72.14
CA ALA JA 458 36.51 78.27 71.98
C ALA JA 458 36.49 78.62 70.50
N SER JA 459 36.00 79.82 70.18
CA SER JA 459 35.98 80.28 68.79
C SER JA 459 36.36 81.75 68.75
N ALA JA 460 37.25 82.09 67.81
CA ALA JA 460 37.62 83.48 67.59
C ALA JA 460 36.50 84.27 66.92
N THR JA 461 35.50 83.61 66.38
CA THR JA 461 34.32 84.23 65.80
C THR JA 461 33.09 83.77 66.57
N ASP JA 462 31.93 84.32 66.20
CA ASP JA 462 30.68 83.90 66.83
C ASP JA 462 30.40 82.43 66.53
N THR JA 463 30.43 82.06 65.25
CA THR JA 463 30.41 80.68 64.79
C THR JA 463 29.04 80.04 65.02
N ASN JA 464 28.17 80.73 65.75
CA ASN JA 464 26.83 80.22 66.09
C ASN JA 464 26.89 78.83 66.71
N LYS JA 465 28.05 78.49 67.30
CA LYS JA 465 28.30 77.15 67.83
C LYS JA 465 28.02 76.08 66.79
N ASP JA 466 28.47 76.34 65.56
CA ASP JA 466 28.25 75.39 64.47
C ASP JA 466 29.05 74.11 64.71
N TYR JA 467 30.31 74.24 65.12
CA TYR JA 467 31.19 73.10 65.32
C TYR JA 467 31.41 72.78 66.80
N ALA JA 468 30.45 73.11 67.66
CA ALA JA 468 30.61 72.88 69.08
C ALA JA 468 29.83 71.64 69.49
N PRO JA 469 30.49 70.53 69.80
CA PRO JA 469 29.77 69.38 70.34
C PRO JA 469 29.32 69.64 71.76
N ALA JA 470 28.27 68.92 72.17
CA ALA JA 470 27.80 69.01 73.53
C ALA JA 470 28.87 68.51 74.49
N ILE JA 471 29.10 69.25 75.58
CA ILE JA 471 30.14 68.88 76.52
C ILE JA 471 29.74 67.62 77.27
N GLY JA 472 30.76 66.91 77.75
CA GLY JA 472 30.54 65.69 78.51
C GLY JA 472 30.30 64.45 77.69
N THR JA 473 30.58 64.49 76.39
CA THR JA 473 30.39 63.34 75.51
C THR JA 473 31.71 62.62 75.30
N ALA JA 474 31.73 61.31 75.54
CA ALA JA 474 32.95 60.53 75.40
C ALA JA 474 33.39 60.52 73.94
N VAL JA 475 34.66 60.85 73.72
CA VAL JA 475 35.22 60.91 72.38
C VAL JA 475 35.89 59.58 72.07
N ASN JA 476 35.89 59.20 70.79
CA ASN JA 476 36.47 57.95 70.33
C ASN JA 476 37.43 58.22 69.18
N VAL JA 477 37.93 57.14 68.59
CA VAL JA 477 38.87 57.21 67.47
C VAL JA 477 38.22 56.57 66.25
N ASN JA 478 38.23 57.30 65.14
CA ASN JA 478 37.60 56.80 63.92
C ASN JA 478 38.44 55.69 63.31
N SER JA 479 37.94 55.14 62.19
CA SER JA 479 38.67 54.09 61.50
C SER JA 479 40.00 54.61 60.95
N ALA JA 480 40.01 55.84 60.45
CA ALA JA 480 41.21 56.44 59.90
C ALA JA 480 42.15 57.01 60.96
N GLY JA 481 41.82 56.82 62.24
CA GLY JA 481 42.64 57.32 63.32
C GLY JA 481 42.31 58.72 63.78
N LYS JA 482 41.33 59.38 63.18
CA LYS JA 482 40.95 60.72 63.59
C LYS JA 482 40.23 60.69 64.92
N ILE JA 483 40.18 61.85 65.57
CA ILE JA 483 39.49 62.02 66.85
C ILE JA 483 38.07 62.45 66.54
N THR JA 484 37.11 61.61 66.91
CA THR JA 484 35.72 61.84 66.51
C THR JA 484 34.81 61.32 67.61
N THR JA 485 33.58 61.84 67.65
CA THR JA 485 32.66 61.56 68.74
C THR JA 485 31.69 60.42 68.48
N GLU JA 486 31.29 60.17 67.24
CA GLU JA 486 30.30 59.14 66.97
C GLU JA 486 30.96 57.75 66.98
N THR JA 487 30.15 56.75 67.34
CA THR JA 487 30.64 55.39 67.49
C THR JA 487 30.21 54.47 66.35
N THR JA 488 29.59 55.00 65.29
CA THR JA 488 29.09 54.17 64.21
C THR JA 488 30.20 53.42 63.50
N SER JA 489 31.08 54.15 62.82
CA SER JA 489 32.24 53.57 62.12
C SER JA 489 31.80 52.46 61.16
N ALA JA 490 31.06 52.88 60.14
CA ALA JA 490 30.49 51.95 59.18
C ALA JA 490 31.57 51.10 58.52
N GLY JA 491 31.28 49.81 58.34
CA GLY JA 491 32.22 48.86 57.80
C GLY JA 491 32.14 48.72 56.29
N SER JA 492 32.63 47.57 55.81
CA SER JA 492 32.75 47.33 54.38
C SER JA 492 31.75 46.33 53.82
N ALA JA 493 31.07 45.55 54.66
CA ALA JA 493 30.08 44.60 54.18
C ALA JA 493 28.93 45.34 53.51
N THR JA 494 28.39 44.75 52.46
CA THR JA 494 27.33 45.39 51.70
C THR JA 494 26.10 45.60 52.57
N THR JA 495 25.48 46.78 52.44
CA THR JA 495 24.41 47.18 53.34
C THR JA 495 23.17 46.30 53.16
N ASN JA 496 22.58 46.31 51.97
CA ASN JA 496 21.30 45.64 51.71
C ASN JA 496 21.49 44.68 50.53
N PRO JA 497 22.12 43.53 50.77
CA PRO JA 497 22.37 42.60 49.67
C PRO JA 497 21.10 42.12 49.00
N LEU JA 498 20.06 41.87 49.78
CA LEU JA 498 18.81 41.37 49.22
C LEU JA 498 18.16 42.44 48.33
N ALA JA 499 18.18 43.70 48.76
CA ALA JA 499 17.64 44.76 47.94
C ALA JA 499 18.44 44.93 46.65
N ALA JA 500 19.76 44.86 46.74
CA ALA JA 500 20.58 45.00 45.53
C ALA JA 500 20.30 43.86 44.55
N LEU JA 501 20.20 42.63 45.06
CA LEU JA 501 19.90 41.49 44.20
C LEU JA 501 18.51 41.60 43.59
N ASP JA 502 17.54 42.13 44.36
CA ASP JA 502 16.21 42.34 43.81
C ASP JA 502 16.25 43.35 42.67
N ASP JA 503 17.01 44.42 42.83
CA ASP JA 503 17.13 45.41 41.75
C ASP JA 503 17.75 44.78 40.51
N ALA JA 504 18.80 43.97 40.70
CA ALA JA 504 19.42 43.30 39.55
C ALA JA 504 18.44 42.38 38.84
N ILE JA 505 17.70 41.57 39.60
CA ILE JA 505 16.75 40.65 39.01
C ILE JA 505 15.65 41.41 38.29
N SER JA 506 15.21 42.53 38.85
CA SER JA 506 14.18 43.33 38.20
C SER JA 506 14.68 43.88 36.87
N SER JA 507 15.92 44.35 36.83
CA SER JA 507 16.48 44.83 35.56
C SER JA 507 16.52 43.72 34.53
N ILE JA 508 16.97 42.53 34.94
CA ILE JA 508 17.04 41.39 34.01
C ILE JA 508 15.65 41.07 33.48
N ASP JA 509 14.66 41.04 34.36
CA ASP JA 509 13.30 40.70 33.95
C ASP JA 509 12.74 41.75 32.98
N LYS JA 510 12.99 43.03 33.24
CA LYS JA 510 12.52 44.05 32.34
C LYS JA 510 13.12 43.90 30.95
N PHE JA 511 14.43 43.65 30.88
CA PHE JA 511 15.06 43.51 29.58
C PHE JA 511 14.57 42.27 28.85
N ARG JA 512 14.36 41.17 29.58
CA ARG JA 512 13.80 39.97 28.97
C ARG JA 512 12.39 40.22 28.43
N SER JA 513 11.57 40.95 29.18
CA SER JA 513 10.23 41.28 28.70
C SER JA 513 10.28 42.11 27.44
N SER JA 514 11.21 43.09 27.39
CA SER JA 514 11.35 43.89 26.18
C SER JA 514 11.72 43.03 24.99
N LEU JA 515 12.66 42.10 25.17
CA LEU JA 515 13.05 41.21 24.07
C LEU JA 515 11.87 40.35 23.63
N GLY JA 516 11.09 39.83 24.58
CA GLY JA 516 9.94 39.03 24.20
C GLY JA 516 8.92 39.79 23.40
N ALA JA 517 8.63 41.03 23.82
CA ALA JA 517 7.69 41.86 23.08
C ALA JA 517 8.19 42.12 21.66
N ILE JA 518 9.47 42.45 21.53
CA ILE JA 518 10.04 42.70 20.20
C ILE JA 518 9.93 41.44 19.34
N GLN JA 519 10.18 40.28 19.93
CA GLN JA 519 10.10 39.03 19.17
C GLN JA 519 8.68 38.77 18.68
N ASN JA 520 7.69 39.00 19.54
CA ASN JA 520 6.30 38.81 19.14
C ASN JA 520 5.94 39.75 17.99
N ARG JA 521 6.31 41.02 18.11
CA ARG JA 521 5.98 41.98 17.07
C ARG JA 521 6.68 41.63 15.76
N LEU JA 522 7.90 41.09 15.83
CA LEU JA 522 8.61 40.70 14.62
C LEU JA 522 7.93 39.50 13.96
N ASP JA 523 7.45 38.54 14.76
CA ASP JA 523 6.74 37.39 14.19
C ASP JA 523 5.45 37.85 13.49
N SER JA 524 4.73 38.78 14.11
CA SER JA 524 3.54 39.33 13.46
C SER JA 524 3.91 39.99 12.14
N ALA JA 525 5.03 40.72 12.11
CA ALA JA 525 5.50 41.31 10.86
C ALA JA 525 5.76 40.24 9.81
N VAL JA 526 6.36 39.11 10.21
CA VAL JA 526 6.64 38.03 9.28
C VAL JA 526 5.34 37.52 8.65
N THR JA 527 4.33 37.29 9.50
CA THR JA 527 3.06 36.79 8.98
C THR JA 527 2.43 37.77 8.00
N ASN JA 528 2.45 39.06 8.34
CA ASN JA 528 1.90 40.06 7.43
C ASN JA 528 2.65 40.08 6.11
N LEU JA 529 3.98 39.95 6.16
CA LEU JA 529 4.77 39.95 4.94
C LEU JA 529 4.41 38.77 4.05
N ASN JA 530 4.23 37.58 4.65
CA ASN JA 530 3.85 36.42 3.85
C ASN JA 530 2.50 36.63 3.19
N ASN JA 531 1.52 37.16 3.93
CA ASN JA 531 0.21 37.40 3.35
C ASN JA 531 0.29 38.40 2.18
N THR JA 532 1.04 39.49 2.38
CA THR JA 532 1.15 40.50 1.34
C THR JA 532 1.85 39.93 0.11
N THR JA 533 2.87 39.10 0.31
CA THR JA 533 3.56 38.49 -0.82
C THR JA 533 2.61 37.60 -1.61
N THR JA 534 1.79 36.81 -0.91
CA THR JA 534 0.83 35.96 -1.61
C THR JA 534 -0.13 36.80 -2.44
N ASN JA 535 -0.66 37.88 -1.86
CA ASN JA 535 -1.63 38.69 -2.59
C ASN JA 535 -0.99 39.40 -3.78
N LEU JA 536 0.25 39.89 -3.63
CA LEU JA 536 0.90 40.55 -4.75
C LEU JA 536 1.21 39.56 -5.86
N SER JA 537 1.57 38.33 -5.52
CA SER JA 537 1.75 37.30 -6.54
C SER JA 537 0.43 37.01 -7.25
N GLU JA 538 -0.67 36.99 -6.50
CA GLU JA 538 -2.00 36.89 -7.11
C GLU JA 538 -2.21 37.96 -8.16
N ALA JA 539 -1.95 39.22 -7.80
CA ALA JA 539 -2.20 40.33 -8.72
C ALA JA 539 -1.29 40.24 -9.95
N GLN JA 540 -0.03 39.88 -9.76
CA GLN JA 540 0.87 39.76 -10.89
C GLN JA 540 0.41 38.65 -11.83
N SER JA 541 -0.08 37.54 -11.28
CA SER JA 541 -0.63 36.48 -12.13
C SER JA 541 -1.88 36.94 -12.84
N ARG JA 542 -2.69 37.79 -12.19
CA ARG JA 542 -3.85 38.36 -12.85
C ARG JA 542 -3.43 39.15 -14.09
N ILE JA 543 -2.38 39.96 -13.96
CA ILE JA 543 -1.95 40.79 -15.09
C ILE JA 543 -1.31 39.93 -16.18
N GLN JA 544 -0.35 39.10 -15.81
CA GLN JA 544 0.41 38.28 -16.74
C GLN JA 544 -0.29 36.93 -16.93
N ASP JA 545 0.45 35.92 -17.43
CA ASP JA 545 0.00 34.53 -17.46
C ASP JA 545 -1.21 34.36 -18.39
N ALA JA 546 -0.91 34.49 -19.68
CA ALA JA 546 -1.91 34.39 -20.75
C ALA JA 546 -2.79 33.16 -20.59
N ASP JA 547 -4.02 33.27 -21.12
CA ASP JA 547 -5.04 32.24 -21.03
C ASP JA 547 -4.75 31.13 -22.03
N TYR JA 548 -4.15 30.04 -21.57
CA TYR JA 548 -3.71 28.99 -22.49
C TYR JA 548 -4.83 28.50 -23.38
N ALA JA 549 -6.05 28.42 -22.87
CA ALA JA 549 -7.18 28.09 -23.74
C ALA JA 549 -7.31 29.10 -24.86
N THR JA 550 -7.20 30.40 -24.52
CA THR JA 550 -7.37 31.44 -25.52
C THR JA 550 -6.31 31.36 -26.61
N GLU JA 551 -5.03 31.25 -26.22
CA GLU JA 551 -4.01 31.18 -27.28
C GLU JA 551 -3.98 29.84 -28.00
N VAL JA 552 -4.39 28.74 -27.38
CA VAL JA 552 -4.51 27.49 -28.13
C VAL JA 552 -5.56 27.62 -29.21
N SER JA 553 -6.73 28.17 -28.85
CA SER JA 553 -7.76 28.39 -29.85
C SER JA 553 -7.28 29.35 -30.93
N ASN JA 554 -6.59 30.41 -30.51
CA ASN JA 554 -6.11 31.40 -31.47
C ASN JA 554 -5.12 30.81 -32.45
N MET JA 555 -4.17 30.01 -31.97
CA MET JA 555 -3.21 29.43 -32.90
C MET JA 555 -3.86 28.39 -33.80
N SER JA 556 -4.84 27.64 -33.28
CA SER JA 556 -5.52 26.66 -34.13
C SER JA 556 -6.24 27.36 -35.28
N LYS JA 557 -7.01 28.40 -34.97
CA LYS JA 557 -7.72 29.09 -36.04
C LYS JA 557 -6.75 29.86 -36.93
N ALA JA 558 -5.63 30.33 -36.40
CA ALA JA 558 -4.64 31.00 -37.22
C ALA JA 558 -4.01 30.04 -38.21
N GLN JA 559 -3.66 28.83 -37.76
CA GLN JA 559 -3.13 27.82 -38.66
C GLN JA 559 -4.14 27.46 -39.74
N ILE JA 560 -5.41 27.32 -39.37
CA ILE JA 560 -6.43 26.97 -40.36
C ILE JA 560 -6.58 28.10 -41.37
N ILE JA 561 -6.59 29.35 -40.91
CA ILE JA 561 -6.69 30.47 -41.83
C ILE JA 561 -5.48 30.50 -42.75
N GLN JA 562 -4.29 30.19 -42.23
CA GLN JA 562 -3.10 30.16 -43.05
C GLN JA 562 -3.21 29.10 -44.14
N GLN JA 563 -3.64 27.89 -43.78
CA GLN JA 563 -3.76 26.82 -44.76
C GLN JA 563 -4.80 27.15 -45.81
N ALA JA 564 -5.96 27.66 -45.38
CA ALA JA 564 -7.01 28.02 -46.33
C ALA JA 564 -6.55 29.12 -47.26
N GLY JA 565 -5.91 30.15 -46.72
CA GLY JA 565 -5.42 31.23 -47.55
C GLY JA 565 -4.36 30.77 -48.52
N ASN JA 566 -3.52 29.82 -48.10
CA ASN JA 566 -2.45 29.37 -48.97
C ASN JA 566 -2.98 28.49 -50.09
N SER JA 567 -3.97 27.63 -49.79
CA SER JA 567 -4.61 26.86 -50.85
C SER JA 567 -5.32 27.77 -51.83
N VAL JA 568 -6.03 28.79 -51.32
CA VAL JA 568 -6.69 29.75 -52.21
C VAL JA 568 -5.65 30.52 -53.01
N LEU JA 569 -4.49 30.79 -52.41
CA LEU JA 569 -3.41 31.46 -53.13
C LEU JA 569 -2.92 30.60 -54.28
N ALA JA 570 -2.81 29.29 -54.06
CA ALA JA 570 -2.44 28.39 -55.16
C ALA JA 570 -3.50 28.40 -56.24
N LYS JA 571 -4.78 28.42 -55.85
CA LYS JA 571 -5.86 28.49 -56.84
C LYS JA 571 -5.80 29.78 -57.64
N ALA JA 572 -5.45 30.89 -57.00
CA ALA JA 572 -5.33 32.15 -57.69
C ALA JA 572 -4.10 32.18 -58.59
N ASN JA 573 -2.97 31.65 -58.11
CA ASN JA 573 -1.78 31.49 -58.92
C ASN JA 573 -1.98 30.50 -60.04
N GLN JA 574 -3.09 29.77 -60.03
CA GLN JA 574 -3.54 29.14 -61.27
C GLN JA 574 -4.03 30.28 -62.14
N VAL JA 575 -3.09 31.11 -62.55
CA VAL JA 575 -3.29 32.41 -63.19
C VAL JA 575 -3.88 32.17 -64.58
N PRO JA 576 -4.44 33.19 -65.25
CA PRO JA 576 -5.12 32.93 -66.52
C PRO JA 576 -4.26 32.20 -67.53
N GLN JA 577 -4.60 30.95 -67.78
CA GLN JA 577 -4.02 30.17 -68.84
C GLN JA 577 -4.99 29.94 -69.99
N GLN JA 578 -6.26 30.30 -69.79
CA GLN JA 578 -7.22 30.25 -70.88
C GLN JA 578 -6.85 31.20 -72.01
N VAL JA 579 -6.04 32.22 -71.71
CA VAL JA 579 -5.52 33.07 -72.77
C VAL JA 579 -4.65 32.26 -73.72
N LEU JA 580 -3.90 31.30 -73.18
CA LEU JA 580 -3.12 30.41 -74.04
C LEU JA 580 -4.03 29.62 -74.98
N SER JA 581 -5.16 29.14 -74.45
CA SER JA 581 -6.13 28.43 -75.30
C SER JA 581 -6.69 29.36 -76.36
N LEU JA 582 -6.98 30.61 -75.99
CA LEU JA 582 -7.48 31.58 -76.96
C LEU JA 582 -6.48 31.84 -78.06
N LEU JA 583 -5.19 31.76 -77.75
CA LEU JA 583 -4.16 32.15 -78.71
C LEU JA 583 -4.22 31.32 -79.99
N GLN JA 584 -4.22 29.98 -79.85
CA GLN JA 584 -4.15 29.16 -81.05
C GLN JA 584 -5.44 29.16 -81.85
N GLY JA 585 -6.52 29.71 -81.31
CA GLY JA 585 -7.78 29.76 -82.02
C GLY JA 585 -7.80 30.75 -83.17
N MET KA 1 -17.73 -8.25 -63.84
CA MET KA 1 -17.29 -6.89 -63.52
C MET KA 1 -17.19 -6.05 -64.79
N ALA KA 2 -16.16 -6.32 -65.60
CA ALA KA 2 -15.93 -5.53 -66.81
C ALA KA 2 -17.09 -5.57 -67.77
N GLN KA 3 -17.94 -6.60 -67.70
CA GLN KA 3 -19.04 -6.69 -68.65
C GLN KA 3 -20.13 -5.68 -68.33
N VAL KA 4 -20.49 -5.54 -67.06
CA VAL KA 4 -21.73 -4.87 -66.67
C VAL KA 4 -21.42 -3.79 -65.65
N ILE KA 5 -22.21 -2.72 -65.67
CA ILE KA 5 -22.13 -1.67 -64.65
C ILE KA 5 -23.44 -1.47 -63.90
N ASN KA 6 -24.54 -2.04 -64.38
CA ASN KA 6 -25.83 -1.78 -63.75
C ASN KA 6 -25.97 -2.49 -62.40
N THR KA 7 -25.24 -3.58 -62.21
CA THR KA 7 -25.27 -4.33 -60.95
C THR KA 7 -23.85 -4.62 -60.51
N ASN KA 8 -23.70 -4.99 -59.24
CA ASN KA 8 -22.41 -5.42 -58.71
C ASN KA 8 -22.65 -6.66 -57.84
N SER KA 9 -22.39 -7.83 -58.43
CA SER KA 9 -22.52 -9.07 -57.69
C SER KA 9 -21.64 -9.09 -56.45
N LEU KA 10 -20.39 -8.61 -56.60
CA LEU KA 10 -19.47 -8.59 -55.47
C LEU KA 10 -20.01 -7.70 -54.36
N SER KA 11 -20.53 -6.53 -54.71
CA SER KA 11 -21.07 -5.63 -53.69
C SER KA 11 -22.26 -6.26 -52.99
N LEU KA 12 -23.17 -6.88 -53.74
CA LEU KA 12 -24.34 -7.49 -53.11
C LEU KA 12 -23.96 -8.61 -52.16
N ILE KA 13 -23.05 -9.49 -52.60
CA ILE KA 13 -22.63 -10.60 -51.75
C ILE KA 13 -21.92 -10.08 -50.51
N THR KA 14 -21.07 -9.07 -50.67
CA THR KA 14 -20.39 -8.49 -49.53
C THR KA 14 -21.35 -7.88 -48.54
N GLN KA 15 -22.38 -7.19 -49.04
CA GLN KA 15 -23.38 -6.61 -48.15
C GLN KA 15 -24.11 -7.70 -47.38
N ASN KA 16 -24.46 -8.79 -48.05
CA ASN KA 16 -25.13 -9.90 -47.36
C ASN KA 16 -24.25 -10.44 -46.24
N ASN KA 17 -22.97 -10.66 -46.54
CA ASN KA 17 -22.07 -11.21 -45.53
C ASN KA 17 -21.89 -10.24 -44.37
N ILE KA 18 -21.83 -8.95 -44.67
CA ILE KA 18 -21.68 -7.94 -43.61
C ILE KA 18 -22.89 -7.96 -42.69
N ASN KA 19 -24.10 -8.04 -43.27
CA ASN KA 19 -25.30 -8.11 -42.43
C ASN KA 19 -25.30 -9.36 -41.56
N LYS KA 20 -24.91 -10.49 -42.15
CA LYS KA 20 -24.85 -11.74 -41.39
C LYS KA 20 -23.91 -11.61 -40.20
N ASN KA 21 -22.76 -10.97 -40.40
CA ASN KA 21 -21.84 -10.76 -39.28
C ASN KA 21 -22.40 -9.77 -38.27
N GLN KA 22 -23.10 -8.73 -38.77
CA GLN KA 22 -23.62 -7.70 -37.88
C GLN KA 22 -24.64 -8.27 -36.89
N SER KA 23 -25.42 -9.26 -37.33
CA SER KA 23 -26.34 -9.90 -36.39
C SER KA 23 -25.61 -10.43 -35.17
N ALA KA 24 -24.54 -11.21 -35.38
CA ALA KA 24 -23.78 -11.77 -34.27
C ALA KA 24 -23.06 -10.69 -33.48
N LEU KA 25 -22.58 -9.64 -34.15
CA LEU KA 25 -21.95 -8.53 -33.43
C LEU KA 25 -22.92 -7.92 -32.42
N SER KA 26 -24.14 -7.62 -32.87
CA SER KA 26 -25.14 -7.04 -31.97
C SER KA 26 -25.48 -8.00 -30.84
N SER KA 27 -25.64 -9.28 -31.16
CA SER KA 27 -25.95 -10.25 -30.11
C SER KA 27 -24.86 -10.29 -29.05
N SER KA 28 -23.60 -10.31 -29.48
CA SER KA 28 -22.49 -10.38 -28.54
C SER KA 28 -22.41 -9.14 -27.67
N ILE KA 29 -22.57 -7.95 -28.27
CA ILE KA 29 -22.46 -6.72 -27.49
C ILE KA 29 -23.59 -6.65 -26.46
N GLU KA 30 -24.81 -7.00 -26.86
CA GLU KA 30 -25.93 -7.00 -25.92
C GLU KA 30 -25.70 -8.00 -24.80
N ARG KA 31 -25.19 -9.18 -25.14
CA ARG KA 31 -24.93 -10.21 -24.13
C ARG KA 31 -23.90 -9.74 -23.12
N LEU KA 32 -22.84 -9.09 -23.60
CA LEU KA 32 -21.83 -8.57 -22.67
C LEU KA 32 -22.39 -7.46 -21.80
N SER KA 33 -23.19 -6.57 -22.38
CA SER KA 33 -23.74 -5.46 -21.60
C SER KA 33 -24.64 -5.94 -20.50
N SER KA 34 -25.52 -6.90 -20.81
CA SER KA 34 -26.45 -7.38 -19.79
C SER KA 34 -25.77 -8.30 -18.79
N GLY KA 35 -24.83 -9.12 -19.26
CA GLY KA 35 -24.21 -10.12 -18.41
C GLY KA 35 -25.02 -11.39 -18.28
N LEU KA 36 -26.05 -11.58 -19.09
CA LEU KA 36 -26.94 -12.73 -18.98
C LEU KA 36 -26.89 -13.53 -20.27
N ARG KA 37 -26.73 -14.85 -20.15
CA ARG KA 37 -26.68 -15.71 -21.32
C ARG KA 37 -28.02 -15.75 -22.03
N ILE KA 38 -29.10 -15.98 -21.29
CA ILE KA 38 -30.44 -16.04 -21.85
C ILE KA 38 -31.07 -14.67 -21.70
N ASN KA 39 -31.20 -13.96 -22.82
CA ASN KA 39 -31.63 -12.57 -22.79
C ASN KA 39 -32.73 -12.38 -23.82
N SER KA 40 -33.87 -11.85 -23.37
CA SER KA 40 -35.02 -11.53 -24.21
C SER KA 40 -35.58 -12.74 -24.95
N ALA KA 41 -35.14 -13.95 -24.59
CA ALA KA 41 -35.70 -15.21 -25.08
C ALA KA 41 -35.69 -15.29 -26.60
N LYS KA 42 -34.72 -14.68 -27.27
CA LYS KA 42 -34.53 -14.86 -28.70
C LYS KA 42 -33.82 -16.16 -29.00
N ASP KA 43 -33.69 -16.98 -27.97
CA ASP KA 43 -32.91 -18.21 -27.95
C ASP KA 43 -33.72 -19.22 -27.16
N ASP KA 44 -33.06 -20.28 -26.68
CA ASP KA 44 -33.76 -21.36 -25.99
C ASP KA 44 -34.67 -20.84 -24.89
N ALA KA 45 -35.98 -21.03 -25.06
CA ALA KA 45 -36.96 -20.54 -24.10
C ALA KA 45 -37.10 -21.45 -22.88
N ALA KA 46 -36.69 -22.72 -23.00
CA ALA KA 46 -36.69 -23.59 -21.84
C ALA KA 46 -35.78 -23.06 -20.76
N GLY KA 47 -34.61 -22.53 -21.15
CA GLY KA 47 -33.73 -21.91 -20.18
C GLY KA 47 -34.37 -20.72 -19.49
N GLN KA 48 -35.09 -19.89 -20.25
CA GLN KA 48 -35.78 -18.75 -19.65
C GLN KA 48 -36.81 -19.21 -18.62
N ALA KA 49 -37.62 -20.20 -18.99
CA ALA KA 49 -38.66 -20.69 -18.08
C ALA KA 49 -38.04 -21.29 -16.83
N ILE KA 50 -36.99 -22.10 -16.99
CA ILE KA 50 -36.37 -22.73 -15.84
C ILE KA 50 -35.70 -21.69 -14.94
N ALA KA 51 -35.12 -20.65 -15.54
CA ALA KA 51 -34.54 -19.58 -14.75
C ALA KA 51 -35.61 -18.85 -13.95
N ASN KA 52 -36.78 -18.63 -14.55
CA ASN KA 52 -37.88 -18.01 -13.81
C ASN KA 52 -38.32 -18.88 -12.64
N ARG KA 53 -38.44 -20.19 -12.87
CA ARG KA 53 -38.80 -21.10 -11.79
C ARG KA 53 -37.78 -21.05 -10.66
N PHE KA 54 -36.49 -21.04 -11.01
CA PHE KA 54 -35.45 -20.99 -10.00
C PHE KA 54 -35.49 -19.69 -9.22
N THR KA 55 -35.75 -18.57 -9.91
CA THR KA 55 -35.85 -17.30 -9.22
C THR KA 55 -37.00 -17.32 -8.21
N SER KA 56 -38.15 -17.86 -8.62
CA SER KA 56 -39.28 -17.96 -7.72
C SER KA 56 -38.92 -18.81 -6.50
N ASN KA 57 -38.28 -19.95 -6.73
CA ASN KA 57 -37.92 -20.83 -5.61
C ASN KA 57 -36.94 -20.14 -4.66
N ILE KA 58 -35.95 -19.43 -5.20
CA ILE KA 58 -34.94 -18.78 -4.37
C ILE KA 58 -35.59 -17.71 -3.49
N LYS KA 59 -36.43 -16.86 -4.09
CA LYS KA 59 -37.07 -15.81 -3.30
C LYS KA 59 -37.98 -16.40 -2.24
N GLY KA 60 -38.76 -17.43 -2.60
CA GLY KA 60 -39.62 -18.07 -1.62
C GLY KA 60 -38.84 -18.64 -0.46
N LEU KA 61 -37.73 -19.32 -0.74
CA LEU KA 61 -36.95 -19.94 0.33
C LEU KA 61 -36.33 -18.89 1.24
N THR KA 62 -35.84 -17.78 0.66
CA THR KA 62 -35.30 -16.71 1.49
C THR KA 62 -36.36 -16.15 2.44
N GLN KA 63 -37.56 -15.88 1.91
CA GLN KA 63 -38.61 -15.37 2.77
C GLN KA 63 -39.00 -16.39 3.83
N ALA KA 64 -38.98 -17.68 3.47
CA ALA KA 64 -39.28 -18.72 4.44
C ALA KA 64 -38.26 -18.74 5.56
N ALA KA 65 -36.98 -18.53 5.23
CA ALA KA 65 -35.96 -18.45 6.27
C ALA KA 65 -36.23 -17.30 7.22
N ARG KA 66 -36.63 -16.15 6.67
CA ARG KA 66 -36.97 -15.02 7.54
C ARG KA 66 -38.14 -15.36 8.46
N ASN KA 67 -39.17 -16.03 7.92
CA ASN KA 67 -40.31 -16.42 8.74
C ASN KA 67 -39.91 -17.36 9.86
N ALA KA 68 -39.02 -18.31 9.56
CA ALA KA 68 -38.54 -19.22 10.58
C ALA KA 68 -37.78 -18.49 11.68
N ASN KA 69 -37.00 -17.48 11.30
CA ASN KA 69 -36.34 -16.65 12.30
C ASN KA 69 -37.35 -15.98 13.22
N ASP KA 70 -38.44 -15.45 12.64
CA ASP KA 70 -39.49 -14.86 13.46
C ASP KA 70 -40.08 -15.87 14.43
N GLY KA 71 -40.30 -17.10 13.95
CA GLY KA 71 -40.82 -18.14 14.83
C GLY KA 71 -39.89 -18.44 15.98
N ILE KA 72 -38.58 -18.47 15.70
CA ILE KA 72 -37.61 -18.67 16.77
C ILE KA 72 -37.71 -17.56 17.81
N SER KA 73 -37.90 -16.33 17.34
CA SER KA 73 -38.05 -15.21 18.27
C SER KA 73 -39.27 -15.41 19.18
N VAL KA 74 -40.38 -15.85 18.57
CA VAL KA 74 -41.59 -16.11 19.35
C VAL KA 74 -41.31 -17.13 20.44
N ALA KA 75 -40.66 -18.23 20.07
CA ALA KA 75 -40.37 -19.28 21.03
C ALA KA 75 -39.48 -18.77 22.16
N GLN KA 76 -38.48 -17.95 21.83
CA GLN KA 76 -37.59 -17.43 22.87
C GLN KA 76 -38.35 -16.57 23.87
N THR KA 77 -39.20 -15.67 23.38
CA THR KA 77 -39.96 -14.82 24.28
C THR KA 77 -40.85 -15.64 25.21
N THR KA 78 -41.58 -16.60 24.63
CA THR KA 78 -42.47 -17.42 25.44
C THR KA 78 -41.68 -18.18 26.50
N GLU KA 79 -40.52 -18.72 26.12
CA GLU KA 79 -39.75 -19.52 27.08
C GLU KA 79 -39.20 -18.67 28.20
N GLY KA 80 -38.82 -17.42 27.90
CA GLY KA 80 -38.43 -16.52 28.98
C GLY KA 80 -39.55 -16.30 29.98
N ALA KA 81 -40.76 -16.06 29.47
CA ALA KA 81 -41.90 -15.91 30.37
C ALA KA 81 -42.12 -17.14 31.23
N LEU KA 82 -42.02 -18.32 30.62
CA LEU KA 82 -42.17 -19.57 31.38
C LEU KA 82 -41.09 -19.71 32.44
N SER KA 83 -39.86 -19.30 32.14
CA SER KA 83 -38.80 -19.40 33.13
C SER KA 83 -39.11 -18.56 34.36
N GLU KA 84 -39.61 -17.33 34.13
CA GLU KA 84 -39.97 -16.51 35.29
C GLU KA 84 -41.10 -17.14 36.09
N ILE KA 85 -42.11 -17.69 35.40
CA ILE KA 85 -43.21 -18.34 36.11
C ILE KA 85 -42.70 -19.50 36.94
N ASN KA 86 -41.75 -20.27 36.39
CA ASN KA 86 -41.21 -21.41 37.13
C ASN KA 86 -40.47 -20.95 38.38
N ASN KA 87 -39.70 -19.86 38.29
CA ASN KA 87 -39.04 -19.36 39.49
C ASN KA 87 -40.05 -18.98 40.55
N ASN KA 88 -41.13 -18.32 40.14
CA ASN KA 88 -42.16 -17.95 41.11
C ASN KA 88 -42.77 -19.18 41.78
N LEU KA 89 -43.05 -20.22 40.98
CA LEU KA 89 -43.62 -21.44 41.54
C LEU KA 89 -42.67 -22.11 42.53
N GLN KA 90 -41.38 -22.12 42.21
CA GLN KA 90 -40.41 -22.70 43.13
C GLN KA 90 -40.42 -21.96 44.46
N ARG KA 91 -40.45 -20.64 44.43
CA ARG KA 91 -40.47 -19.88 45.68
C ARG KA 91 -41.76 -20.14 46.45
N ILE KA 92 -42.89 -20.27 45.74
CA ILE KA 92 -44.15 -20.59 46.42
C ILE KA 92 -44.07 -21.93 47.12
N ARG KA 93 -43.48 -22.93 46.47
CA ARG KA 93 -43.35 -24.23 47.12
C ARG KA 93 -42.45 -24.13 48.36
N GLU KA 94 -41.38 -23.36 48.27
CA GLU KA 94 -40.53 -23.15 49.44
C GLU KA 94 -41.33 -22.56 50.60
N LEU KA 95 -42.15 -21.54 50.32
CA LEU KA 95 -42.96 -20.94 51.36
C LEU KA 95 -43.96 -21.94 51.94
N THR KA 96 -44.54 -22.78 51.08
CA THR KA 96 -45.48 -23.78 51.56
C THR KA 96 -44.80 -24.77 52.50
N VAL KA 97 -43.60 -25.21 52.15
CA VAL KA 97 -42.86 -26.12 53.03
C VAL KA 97 -42.59 -25.45 54.37
N GLN KA 98 -42.28 -24.16 54.34
CA GLN KA 98 -42.09 -23.45 55.61
C GLN KA 98 -43.39 -23.39 56.41
N ALA KA 99 -44.51 -23.15 55.72
CA ALA KA 99 -45.77 -22.90 56.42
C ALA KA 99 -46.37 -24.15 57.02
N THR KA 100 -46.18 -25.31 56.39
CA THR KA 100 -46.87 -26.52 56.85
C THR KA 100 -46.43 -26.97 58.24
N THR KA 101 -45.33 -26.45 58.76
CA THR KA 101 -44.89 -26.83 60.09
C THR KA 101 -45.89 -26.37 61.14
N GLY KA 102 -46.12 -27.21 62.15
CA GLY KA 102 -47.08 -26.88 63.19
C GLY KA 102 -46.60 -25.95 64.26
N THR KA 103 -45.32 -25.56 64.24
CA THR KA 103 -44.83 -24.59 65.22
C THR KA 103 -45.34 -23.19 64.93
N ASN KA 104 -45.57 -22.88 63.66
CA ASN KA 104 -46.02 -21.54 63.27
C ASN KA 104 -47.38 -21.22 63.89
N SER KA 105 -47.57 -19.95 64.23
CA SER KA 105 -48.82 -19.49 64.80
C SER KA 105 -49.71 -18.89 63.70
N ASP KA 106 -50.88 -18.38 64.11
CA ASP KA 106 -51.85 -17.89 63.14
C ASP KA 106 -51.32 -16.67 62.39
N SER KA 107 -50.67 -15.75 63.10
CA SER KA 107 -50.13 -14.57 62.44
C SER KA 107 -49.05 -14.94 61.43
N ASP KA 108 -48.18 -15.89 61.80
CA ASP KA 108 -47.14 -16.34 60.90
C ASP KA 108 -47.74 -16.97 59.65
N LEU KA 109 -48.77 -17.81 59.84
CA LEU KA 109 -49.44 -18.41 58.68
C LEU KA 109 -50.07 -17.34 57.81
N ASP KA 110 -50.66 -16.31 58.42
CA ASP KA 110 -51.28 -15.25 57.64
C ASP KA 110 -50.25 -14.50 56.81
N SER KA 111 -49.09 -14.20 57.40
CA SER KA 111 -48.04 -13.52 56.64
C SER KA 111 -47.55 -14.39 55.48
N ILE KA 112 -47.33 -15.67 55.74
CA ILE KA 112 -46.87 -16.57 54.69
C ILE KA 112 -47.88 -16.64 53.57
N GLN KA 113 -49.16 -16.75 53.91
CA GLN KA 113 -50.19 -16.82 52.87
C GLN KA 113 -50.31 -15.50 52.12
N ASP KA 114 -50.03 -14.37 52.78
CA ASP KA 114 -50.00 -13.10 52.07
C ASP KA 114 -48.90 -13.11 51.01
N GLU KA 115 -47.72 -13.60 51.37
CA GLU KA 115 -46.65 -13.69 50.39
C GLU KA 115 -47.02 -14.63 49.25
N ILE KA 116 -47.65 -15.76 49.59
CA ILE KA 116 -48.09 -16.71 48.57
C ILE KA 116 -49.09 -16.07 47.62
N LYS KA 117 -50.05 -15.33 48.16
CA LYS KA 117 -51.04 -14.67 47.32
C LYS KA 117 -50.38 -13.65 46.40
N SER KA 118 -49.41 -12.90 46.92
CA SER KA 118 -48.72 -11.93 46.09
C SER KA 118 -48.01 -12.62 44.92
N ARG KA 119 -47.34 -13.73 45.19
CA ARG KA 119 -46.61 -14.40 44.10
C ARG KA 119 -47.56 -15.06 43.11
N LEU KA 120 -48.70 -15.59 43.57
CA LEU KA 120 -49.69 -16.10 42.64
C LEU KA 120 -50.23 -14.98 41.75
N ASP KA 121 -50.47 -13.81 42.34
CA ASP KA 121 -50.89 -12.67 41.54
C ASP KA 121 -49.84 -12.30 40.52
N GLU KA 122 -48.57 -12.40 40.88
CA GLU KA 122 -47.50 -12.15 39.91
C GLU KA 122 -47.55 -13.16 38.77
N ILE KA 123 -47.81 -14.43 39.08
CA ILE KA 123 -47.92 -15.43 38.02
C ILE KA 123 -49.04 -15.06 37.05
N ASP KA 124 -50.20 -14.71 37.59
CA ASP KA 124 -51.32 -14.35 36.72
C ASP KA 124 -51.02 -13.09 35.91
N ARG KA 125 -50.36 -12.11 36.53
CA ARG KA 125 -50.06 -10.87 35.83
C ARG KA 125 -49.09 -11.11 34.69
N VAL KA 126 -48.03 -11.89 34.92
CA VAL KA 126 -47.08 -12.18 33.86
C VAL KA 126 -47.77 -12.92 32.73
N SER KA 127 -48.60 -13.91 33.07
CA SER KA 127 -49.33 -14.66 32.05
C SER KA 127 -50.21 -13.74 31.21
N GLY KA 128 -50.96 -12.86 31.86
CA GLY KA 128 -51.85 -11.99 31.13
C GLY KA 128 -51.15 -10.96 30.27
N GLN KA 129 -50.03 -10.43 30.77
CA GLN KA 129 -49.40 -9.28 30.13
C GLN KA 129 -48.29 -9.63 29.16
N THR KA 130 -47.75 -10.85 29.19
CA THR KA 130 -46.73 -11.21 28.23
C THR KA 130 -47.29 -11.16 26.82
N GLN KA 131 -46.60 -10.44 25.93
CA GLN KA 131 -47.15 -10.16 24.62
C GLN KA 131 -46.03 -10.09 23.59
N PHE KA 132 -46.31 -10.62 22.40
CA PHE KA 132 -45.38 -10.58 21.27
C PHE KA 132 -46.15 -10.10 20.05
N ASN KA 133 -45.79 -8.93 19.53
CA ASN KA 133 -46.38 -8.38 18.31
C ASN KA 133 -47.91 -8.30 18.42
N GLY KA 134 -48.40 -7.92 19.59
CA GLY KA 134 -49.83 -7.81 19.80
C GLY KA 134 -50.54 -9.13 20.02
N VAL KA 135 -49.82 -10.22 20.21
CA VAL KA 135 -50.40 -11.54 20.42
C VAL KA 135 -50.06 -11.99 21.83
N ASN KA 136 -51.08 -12.33 22.61
CA ASN KA 136 -50.89 -12.85 23.96
C ASN KA 136 -50.57 -14.33 23.84
N VAL KA 137 -49.29 -14.67 24.01
CA VAL KA 137 -48.86 -16.05 23.76
C VAL KA 137 -49.40 -16.99 24.83
N LEU KA 138 -49.39 -16.57 26.09
CA LEU KA 138 -49.76 -17.43 27.20
C LEU KA 138 -51.21 -17.30 27.62
N ALA KA 139 -51.98 -16.42 27.00
CA ALA KA 139 -53.39 -16.22 27.36
C ALA KA 139 -54.35 -16.99 26.46
N LYS KA 140 -53.85 -17.75 25.49
CA LYS KA 140 -54.69 -18.50 24.58
C LYS KA 140 -54.16 -19.92 24.45
N ASP KA 141 -55.07 -20.85 24.15
CA ASP KA 141 -54.72 -22.26 24.00
C ASP KA 141 -54.67 -22.69 22.55
N GLY KA 142 -54.33 -21.78 21.64
CA GLY KA 142 -54.33 -22.05 20.22
C GLY KA 142 -53.00 -22.51 19.69
N SER KA 143 -52.79 -22.25 18.40
CA SER KA 143 -51.55 -22.65 17.73
C SER KA 143 -51.23 -21.63 16.65
N MET KA 144 -49.95 -21.57 16.31
CA MET KA 144 -49.44 -20.66 15.30
C MET KA 144 -48.83 -21.47 14.16
N LYS KA 145 -49.05 -21.01 12.94
CA LYS KA 145 -48.55 -21.70 11.75
C LYS KA 145 -47.46 -20.84 11.12
N ILE KA 146 -46.33 -21.48 10.80
CA ILE KA 146 -45.19 -20.79 10.22
C ILE KA 146 -44.92 -21.39 8.85
N GLN KA 147 -44.86 -20.53 7.84
CA GLN KA 147 -44.56 -20.94 6.47
C GLN KA 147 -43.05 -21.13 6.35
N VAL KA 148 -42.63 -22.35 6.05
CA VAL KA 148 -41.21 -22.67 5.97
C VAL KA 148 -40.77 -23.11 4.57
N GLY KA 149 -41.69 -23.47 3.68
CA GLY KA 149 -41.35 -23.79 2.32
C GLY KA 149 -41.75 -22.69 1.34
N ALA KA 150 -41.58 -23.00 0.06
CA ALA KA 150 -41.91 -22.06 -1.00
C ALA KA 150 -43.27 -22.34 -1.64
N ASN KA 151 -43.92 -23.45 -1.29
CA ASN KA 151 -45.23 -23.79 -1.81
C ASN KA 151 -46.23 -23.86 -0.65
N ASP KA 152 -47.47 -24.18 -0.97
CA ASP KA 152 -48.52 -24.27 0.05
C ASP KA 152 -48.44 -25.57 0.83
N GLY KA 153 -48.72 -25.48 2.13
CA GLY KA 153 -48.73 -26.64 2.99
C GLY KA 153 -47.43 -26.90 3.72
N GLU KA 154 -46.36 -26.20 3.38
CA GLU KA 154 -45.08 -26.36 4.08
C GLU KA 154 -45.10 -25.50 5.33
N THR KA 155 -45.71 -26.05 6.38
CA THR KA 155 -45.95 -25.29 7.60
C THR KA 155 -45.43 -26.06 8.81
N ILE KA 156 -45.06 -25.31 9.84
CA ILE KA 156 -44.73 -25.86 11.14
C ILE KA 156 -45.61 -25.18 12.18
N THR KA 157 -46.21 -25.98 13.07
CA THR KA 157 -47.15 -25.46 14.04
C THR KA 157 -46.50 -25.39 15.41
N ILE KA 158 -46.62 -24.24 16.06
CA ILE KA 158 -46.23 -24.05 17.45
C ILE KA 158 -47.49 -24.04 18.29
N ASP KA 159 -47.59 -24.95 19.24
CA ASP KA 159 -48.78 -25.03 20.10
C ASP KA 159 -48.57 -24.21 21.37
N LEU KA 160 -49.55 -23.36 21.68
CA LEU KA 160 -49.51 -22.56 22.89
C LEU KA 160 -50.54 -23.07 23.87
N LYS KA 161 -50.24 -22.93 25.17
CA LYS KA 161 -51.14 -23.38 26.22
C LYS KA 161 -51.47 -22.20 27.12
N LYS KA 162 -52.72 -22.15 27.56
CA LYS KA 162 -53.17 -21.08 28.46
C LYS KA 162 -52.63 -21.39 29.86
N ILE KA 163 -51.57 -20.70 30.23
CA ILE KA 163 -50.92 -20.91 31.52
C ILE KA 163 -51.36 -19.78 32.45
N ASP KA 164 -52.04 -20.15 33.53
CA ASP KA 164 -52.42 -19.21 34.58
C ASP KA 164 -52.76 -20.03 35.82
N SER KA 165 -53.39 -19.38 36.81
CA SER KA 165 -53.79 -20.11 38.01
C SER KA 165 -54.85 -21.16 37.69
N ASP KA 166 -55.82 -20.81 36.85
CA ASP KA 166 -56.97 -21.69 36.63
C ASP KA 166 -56.54 -23.03 36.05
N THR KA 167 -55.59 -23.01 35.11
CA THR KA 167 -55.12 -24.25 34.50
C THR KA 167 -54.06 -24.95 35.32
N LEU KA 168 -53.65 -24.39 36.45
CA LEU KA 168 -52.71 -25.04 37.35
C LEU KA 168 -53.34 -25.31 38.71
N GLY KA 169 -54.64 -25.13 38.84
CA GLY KA 169 -55.28 -25.30 40.14
C GLY KA 169 -55.02 -24.07 41.01
N LEU KA 170 -54.56 -24.31 42.23
CA LEU KA 170 -54.01 -23.26 43.09
C LEU KA 170 -54.98 -22.11 43.33
N ASN KA 171 -56.26 -22.25 42.97
CA ASN KA 171 -57.18 -21.12 43.09
C ASN KA 171 -57.34 -20.68 44.54
N GLY KA 172 -57.95 -21.53 45.36
CA GLY KA 172 -58.05 -21.24 46.78
C GLY KA 172 -56.92 -21.89 47.54
N PHE KA 173 -55.69 -21.45 47.30
CA PHE KA 173 -54.54 -22.13 47.86
C PHE KA 173 -54.40 -21.62 49.30
N ASN KA 174 -55.32 -22.09 50.15
CA ASN KA 174 -55.73 -21.43 51.38
C ASN KA 174 -54.87 -21.73 52.61
N VAL KA 175 -53.58 -21.99 52.41
CA VAL KA 175 -52.71 -22.59 53.43
C VAL KA 175 -52.90 -21.98 54.82
N ASN KA 176 -53.38 -20.73 54.89
CA ASN KA 176 -53.69 -20.13 56.19
C ASN KA 176 -55.05 -20.53 56.73
N GLY KA 177 -55.64 -21.60 56.23
CA GLY KA 177 -56.99 -21.97 56.65
C GLY KA 177 -57.04 -22.64 58.01
N LYS KA 178 -57.89 -23.65 58.15
CA LYS KA 178 -58.03 -24.36 59.41
C LYS KA 178 -57.82 -25.85 59.24
N GLY KA 179 -58.05 -26.35 58.03
CA GLY KA 179 -57.90 -27.78 57.81
C GLY KA 179 -59.00 -28.57 58.51
N THR KA 180 -58.73 -29.86 58.70
CA THR KA 180 -59.68 -30.74 59.35
C THR KA 180 -59.95 -30.29 60.77
N ILE KA 181 -61.22 -30.04 61.09
CA ILE KA 181 -61.63 -29.55 62.39
C ILE KA 181 -62.69 -30.49 62.95
N THR KA 182 -62.53 -30.87 64.22
CA THR KA 182 -63.51 -31.72 64.88
C THR KA 182 -64.74 -30.91 65.26
N ASN KA 183 -65.91 -31.42 64.90
CA ASN KA 183 -67.15 -30.71 65.14
C ASN KA 183 -67.70 -31.03 66.53
N LYS KA 184 -68.45 -30.09 67.09
CA LYS KA 184 -68.97 -30.22 68.44
C LYS KA 184 -70.08 -31.26 68.50
N ALA KA 185 -70.26 -31.84 69.68
CA ALA KA 185 -71.31 -32.82 69.88
C ALA KA 185 -72.68 -32.16 69.89
N ALA KA 186 -73.67 -32.89 69.37
CA ALA KA 186 -75.03 -32.37 69.31
C ALA KA 186 -75.66 -32.37 70.70
N THR KA 187 -76.74 -31.59 70.84
CA THR KA 187 -77.45 -31.47 72.10
C THR KA 187 -78.95 -31.46 71.83
N VAL KA 188 -79.72 -31.43 72.93
CA VAL KA 188 -81.17 -31.48 72.81
C VAL KA 188 -81.73 -30.20 72.20
N SER KA 189 -81.10 -29.06 72.49
CA SER KA 189 -81.64 -27.79 72.00
C SER KA 189 -81.62 -27.74 70.47
N ASP KA 190 -80.47 -27.99 69.86
CA ASP KA 190 -80.44 -27.98 68.41
C ASP KA 190 -81.04 -29.25 67.81
N LEU KA 191 -81.14 -30.33 68.60
CA LEU KA 191 -81.93 -31.48 68.15
C LEU KA 191 -83.37 -31.08 67.92
N THR KA 192 -83.96 -30.32 68.85
CA THR KA 192 -85.31 -29.83 68.65
C THR KA 192 -85.37 -28.75 67.59
N SER KA 193 -84.32 -27.92 67.49
CA SER KA 193 -84.29 -26.89 66.46
C SER KA 193 -84.32 -27.50 65.06
N ALA KA 194 -83.68 -28.66 64.88
CA ALA KA 194 -83.74 -29.37 63.61
C ALA KA 194 -85.14 -29.86 63.27
N GLY KA 195 -86.06 -29.88 64.22
CA GLY KA 195 -87.43 -30.28 63.98
C GLY KA 195 -87.86 -31.58 64.63
N ALA KA 196 -87.02 -32.18 65.47
CA ALA KA 196 -87.38 -33.44 66.09
C ALA KA 196 -88.46 -33.24 67.16
N LYS KA 197 -89.40 -34.16 67.20
CA LYS KA 197 -90.45 -34.14 68.21
C LYS KA 197 -90.08 -35.04 69.39
N LEU KA 198 -90.85 -34.93 70.46
CA LEU KA 198 -90.60 -35.67 71.69
C LEU KA 198 -91.62 -36.81 71.80
N ASN KA 199 -91.12 -38.03 71.96
CA ASN KA 199 -91.97 -39.21 72.10
C ASN KA 199 -92.21 -39.43 73.59
N THR KA 200 -93.42 -39.07 74.05
CA THR KA 200 -93.71 -39.13 75.48
C THR KA 200 -93.72 -40.56 76.01
N THR KA 201 -94.11 -41.53 75.18
CA THR KA 201 -94.18 -42.91 75.64
C THR KA 201 -92.82 -43.48 75.97
N THR KA 202 -91.76 -42.99 75.32
CA THR KA 202 -90.41 -43.47 75.56
C THR KA 202 -89.44 -42.41 76.05
N GLY KA 203 -89.75 -41.12 75.88
CA GLY KA 203 -88.86 -40.06 76.27
C GLY KA 203 -87.79 -39.71 75.25
N LEU KA 204 -87.73 -40.42 74.13
CA LEU KA 204 -86.73 -40.17 73.11
C LEU KA 204 -87.20 -39.04 72.19
N TYR KA 205 -86.34 -38.70 71.23
CA TYR KA 205 -86.64 -37.66 70.25
C TYR KA 205 -86.67 -38.26 68.86
N ASP KA 206 -87.78 -38.09 68.16
CA ASP KA 206 -87.98 -38.67 66.84
C ASP KA 206 -87.80 -37.58 65.78
N LEU KA 207 -86.90 -37.85 64.82
CA LEU KA 207 -86.69 -36.97 63.68
C LEU KA 207 -87.11 -37.71 62.43
N LYS KA 208 -88.03 -37.11 61.67
CA LYS KA 208 -88.60 -37.72 60.47
C LYS KA 208 -88.12 -36.95 59.25
N THR KA 209 -87.53 -37.64 58.29
CA THR KA 209 -86.95 -37.03 57.10
C THR KA 209 -87.82 -37.37 55.90
N GLU KA 210 -88.61 -36.39 55.46
CA GLU KA 210 -89.47 -36.58 54.31
C GLU KA 210 -88.65 -36.56 53.02
N ASN KA 211 -89.21 -37.19 51.98
CA ASN KA 211 -88.63 -37.18 50.65
C ASN KA 211 -89.67 -36.66 49.66
N THR KA 212 -89.22 -35.81 48.74
CA THR KA 212 -90.13 -35.32 47.71
C THR KA 212 -90.36 -36.40 46.66
N LEU KA 213 -91.59 -36.46 46.15
CA LEU KA 213 -91.95 -37.49 45.19
C LEU KA 213 -91.28 -37.22 43.86
N LEU KA 214 -90.97 -38.30 43.14
CA LEU KA 214 -90.23 -38.20 41.89
C LEU KA 214 -91.02 -37.39 40.86
N THR KA 215 -90.30 -36.58 40.08
CA THR KA 215 -90.90 -35.71 39.10
C THR KA 215 -90.31 -35.98 37.72
N THR KA 216 -91.05 -35.55 36.70
CA THR KA 216 -90.66 -35.82 35.32
C THR KA 216 -89.35 -35.14 34.96
N ASP KA 217 -89.13 -33.92 35.45
CA ASP KA 217 -87.88 -33.22 35.16
C ASP KA 217 -86.70 -33.95 35.78
N ALA KA 218 -86.83 -34.42 37.01
CA ALA KA 218 -85.76 -35.19 37.64
C ALA KA 218 -85.52 -36.49 36.88
N ALA KA 219 -86.61 -37.14 36.43
CA ALA KA 219 -86.45 -38.35 35.64
C ALA KA 219 -85.71 -38.08 34.34
N PHE KA 220 -86.01 -36.96 33.69
CA PHE KA 220 -85.31 -36.61 32.46
C PHE KA 220 -83.83 -36.31 32.73
N ASP KA 221 -83.54 -35.67 33.86
CA ASP KA 221 -82.14 -35.44 34.23
C ASP KA 221 -81.43 -36.77 34.45
N LYS KA 222 -82.12 -37.74 35.05
CA LYS KA 222 -81.53 -39.06 35.28
C LYS KA 222 -81.61 -39.98 34.07
N LEU KA 223 -82.21 -39.52 32.97
CA LEU KA 223 -82.34 -40.36 31.78
C LEU KA 223 -80.98 -40.69 31.19
N GLY KA 224 -80.87 -41.88 30.62
CA GLY KA 224 -79.65 -42.34 29.99
C GLY KA 224 -79.91 -42.85 28.58
N ASN KA 225 -78.85 -43.34 27.96
CA ASN KA 225 -78.94 -43.85 26.60
C ASN KA 225 -79.79 -45.11 26.56
N GLY KA 226 -80.62 -45.21 25.53
CA GLY KA 226 -81.48 -46.36 25.35
C GLY KA 226 -82.74 -46.37 26.20
N ASP KA 227 -82.98 -45.33 26.98
CA ASP KA 227 -84.16 -45.29 27.81
C ASP KA 227 -85.42 -45.10 26.97
N LYS KA 228 -86.55 -45.57 27.48
CA LYS KA 228 -87.82 -45.54 26.78
C LYS KA 228 -88.84 -44.74 27.57
N VAL KA 229 -89.45 -43.76 26.92
CA VAL KA 229 -90.51 -42.95 27.52
C VAL KA 229 -91.75 -43.10 26.66
N THR KA 230 -92.83 -43.60 27.25
CA THR KA 230 -94.09 -43.81 26.53
C THR KA 230 -95.15 -42.93 27.17
N VAL KA 231 -95.56 -41.89 26.45
CA VAL KA 231 -96.58 -40.96 26.92
C VAL KA 231 -97.66 -40.84 25.85
N GLY KA 232 -98.91 -40.97 26.26
CA GLY KA 232 -100.02 -40.92 25.32
C GLY KA 232 -99.99 -41.99 24.28
N GLY KA 233 -99.47 -43.18 24.61
CA GLY KA 233 -99.38 -44.26 23.66
C GLY KA 233 -98.29 -44.12 22.61
N VAL KA 234 -97.41 -43.13 22.77
CA VAL KA 234 -96.33 -42.88 21.82
C VAL KA 234 -95.01 -43.17 22.51
N ASP KA 235 -94.18 -44.00 21.89
CA ASP KA 235 -92.91 -44.43 22.47
C ASP KA 235 -91.77 -43.61 21.89
N TYR KA 236 -90.88 -43.15 22.76
CA TYR KA 236 -89.71 -42.37 22.38
C TYR KA 236 -88.48 -43.01 23.01
N THR KA 237 -87.41 -43.11 22.23
CA THR KA 237 -86.15 -43.69 22.69
C THR KA 237 -85.12 -42.59 22.83
N TYR KA 238 -84.54 -42.47 24.03
CA TYR KA 238 -83.56 -41.43 24.29
C TYR KA 238 -82.23 -41.76 23.59
N ASN KA 239 -81.53 -40.70 23.20
CA ASN KA 239 -80.24 -40.83 22.51
C ASN KA 239 -79.16 -40.14 23.32
N ALA KA 240 -78.00 -40.78 23.41
CA ALA KA 240 -76.88 -40.21 24.15
C ALA KA 240 -76.17 -39.11 23.37
N LYS KA 241 -76.34 -39.07 22.04
CA LYS KA 241 -75.65 -38.07 21.23
C LYS KA 241 -76.12 -36.66 21.59
N SER KA 242 -77.42 -36.48 21.79
CA SER KA 242 -77.97 -35.17 22.13
C SER KA 242 -79.27 -35.36 22.89
N GLY KA 243 -79.72 -34.28 23.52
CA GLY KA 243 -80.93 -34.33 24.31
C GLY KA 243 -82.19 -34.37 23.46
N ASP KA 244 -82.39 -35.48 22.77
CA ASP KA 244 -83.56 -35.61 21.89
C ASP KA 244 -84.03 -37.06 21.91
N PHE KA 245 -85.26 -37.25 21.45
CA PHE KA 245 -85.88 -38.57 21.37
C PHE KA 245 -86.03 -38.98 19.91
N THR KA 246 -85.81 -40.27 19.66
CA THR KA 246 -86.05 -40.86 18.36
C THR KA 246 -87.27 -41.76 18.46
N THR KA 247 -88.25 -41.55 17.58
CA THR KA 247 -89.51 -42.28 17.61
C THR KA 247 -89.82 -42.80 16.21
N THR KA 248 -90.71 -43.77 16.15
CA THR KA 248 -91.16 -44.34 14.88
C THR KA 248 -92.56 -43.82 14.57
N LYS KA 249 -92.68 -43.11 13.45
CA LYS KA 249 -93.96 -42.60 12.98
C LYS KA 249 -94.39 -43.42 11.77
N SER KA 250 -95.54 -44.08 11.88
CA SER KA 250 -96.01 -44.97 10.85
C SER KA 250 -97.51 -44.78 10.66
N THR KA 251 -98.01 -45.26 9.53
CA THR KA 251 -99.43 -45.19 9.21
C THR KA 251 -100.26 -45.97 10.22
N ALA KA 258 -110.07 -53.06 4.47
CA ALA KA 258 -109.63 -52.40 3.25
C ALA KA 258 -110.53 -51.22 2.92
N ALA KA 259 -111.85 -51.46 2.88
CA ALA KA 259 -112.82 -50.41 2.59
C ALA KA 259 -113.17 -49.58 3.81
N ALA KA 260 -112.61 -49.90 4.97
CA ALA KA 260 -112.89 -49.15 6.18
C ALA KA 260 -112.06 -47.87 6.19
N GLN KA 261 -112.03 -47.18 7.33
CA GLN KA 261 -111.31 -45.92 7.44
C GLN KA 261 -109.80 -46.09 7.42
N ALA KA 262 -109.30 -47.33 7.49
CA ALA KA 262 -107.85 -47.55 7.55
C ALA KA 262 -107.16 -47.06 6.28
N ALA KA 263 -107.66 -47.47 5.12
CA ALA KA 263 -107.03 -47.06 3.87
C ALA KA 263 -107.18 -45.56 3.64
N ASP KA 264 -108.32 -44.99 4.01
CA ASP KA 264 -108.50 -43.55 3.90
C ASP KA 264 -107.50 -42.79 4.77
N SER KA 265 -107.29 -43.27 6.01
CA SER KA 265 -106.32 -42.65 6.88
C SER KA 265 -104.90 -42.80 6.33
N ALA KA 266 -104.59 -43.96 5.74
CA ALA KA 266 -103.29 -44.16 5.13
C ALA KA 266 -103.05 -43.15 4.01
N SER KA 267 -104.04 -42.99 3.13
CA SER KA 267 -103.92 -42.03 2.04
C SER KA 267 -103.78 -40.61 2.56
N LYS KA 268 -104.58 -40.25 3.57
CA LYS KA 268 -104.50 -38.90 4.12
C LYS KA 268 -103.15 -38.65 4.76
N ARG KA 269 -102.61 -39.64 5.49
CA ARG KA 269 -101.30 -39.47 6.12
C ARG KA 269 -100.20 -39.36 5.07
N ASP KA 270 -100.28 -40.14 3.99
CA ASP KA 270 -99.31 -40.01 2.92
C ASP KA 270 -99.39 -38.62 2.28
N ALA KA 271 -100.61 -38.13 2.07
CA ALA KA 271 -100.77 -36.79 1.51
C ALA KA 271 -100.21 -35.72 2.45
N LEU KA 272 -100.42 -35.88 3.75
CA LEU KA 272 -99.87 -34.94 4.71
C LEU KA 272 -98.35 -34.96 4.70
N ALA KA 273 -97.75 -36.14 4.63
CA ALA KA 273 -96.29 -36.23 4.56
C ALA KA 273 -95.78 -35.58 3.28
N ALA KA 274 -96.46 -35.79 2.16
CA ALA KA 274 -96.06 -35.16 0.91
C ALA KA 274 -96.15 -33.65 1.00
N THR KA 275 -97.22 -33.13 1.59
CA THR KA 275 -97.36 -31.68 1.76
C THR KA 275 -96.26 -31.14 2.66
N LEU KA 276 -95.92 -31.86 3.72
CA LEU KA 276 -94.86 -31.43 4.62
C LEU KA 276 -93.51 -31.39 3.91
N HIS KA 277 -93.25 -32.39 3.06
CA HIS KA 277 -91.98 -32.44 2.35
C HIS KA 277 -91.96 -31.59 1.08
N ALA KA 278 -93.11 -31.03 0.69
CA ALA KA 278 -93.15 -30.19 -0.51
C ALA KA 278 -92.22 -28.99 -0.38
N ASP KA 279 -92.23 -28.32 0.78
CA ASP KA 279 -91.39 -27.14 0.98
C ASP KA 279 -89.99 -27.60 1.34
N VAL KA 280 -89.04 -27.38 0.42
CA VAL KA 280 -87.66 -27.80 0.60
C VAL KA 280 -86.69 -26.64 0.42
N GLY KA 281 -87.19 -25.40 0.36
CA GLY KA 281 -86.32 -24.28 0.07
C GLY KA 281 -85.81 -24.35 -1.35
N LYS KA 282 -84.54 -24.68 -1.51
CA LYS KA 282 -83.95 -24.91 -2.82
C LYS KA 282 -83.95 -26.41 -3.11
N SER KA 283 -83.30 -26.80 -4.21
CA SER KA 283 -83.31 -28.20 -4.63
C SER KA 283 -82.61 -29.08 -3.60
N VAL KA 284 -83.16 -30.28 -3.40
CA VAL KA 284 -82.63 -31.25 -2.44
C VAL KA 284 -82.49 -32.59 -3.14
N ASN KA 285 -81.71 -33.48 -2.53
CA ASN KA 285 -81.46 -34.79 -3.11
C ASN KA 285 -82.29 -35.88 -2.43
N GLY KA 286 -82.58 -36.92 -3.18
CA GLY KA 286 -83.26 -38.08 -2.63
C GLY KA 286 -82.92 -39.32 -3.42
N SER KA 287 -83.11 -40.49 -2.80
CA SER KA 287 -82.83 -41.77 -3.43
C SER KA 287 -84.03 -42.68 -3.24
N TYR KA 288 -84.65 -43.08 -4.34
CA TYR KA 288 -85.77 -44.01 -4.32
C TYR KA 288 -85.29 -45.33 -4.91
N THR KA 289 -85.42 -46.41 -4.13
CA THR KA 289 -84.93 -47.70 -4.56
C THR KA 289 -86.00 -48.77 -4.34
N THR KA 290 -86.16 -49.62 -5.33
CA THR KA 290 -87.04 -50.78 -5.23
C THR KA 290 -86.21 -51.98 -4.74
N LYS KA 291 -86.79 -53.17 -4.85
CA LYS KA 291 -86.11 -54.37 -4.34
C LYS KA 291 -84.84 -54.67 -5.13
N ASP KA 292 -84.70 -54.14 -6.35
CA ASP KA 292 -83.54 -54.44 -7.17
C ASP KA 292 -82.94 -53.24 -7.90
N GLY KA 293 -83.55 -52.06 -7.81
CA GLY KA 293 -83.05 -50.92 -8.55
C GLY KA 293 -82.94 -49.70 -7.67
N THR KA 294 -82.15 -48.73 -8.14
CA THR KA 294 -81.90 -47.48 -7.42
C THR KA 294 -82.01 -46.31 -8.38
N VAL KA 295 -82.63 -45.22 -7.93
CA VAL KA 295 -82.73 -43.98 -8.69
C VAL KA 295 -82.40 -42.82 -7.77
N SER KA 296 -81.57 -41.90 -8.25
CA SER KA 296 -81.25 -40.67 -7.53
C SER KA 296 -81.99 -39.53 -8.21
N PHE KA 297 -82.82 -38.82 -7.43
CA PHE KA 297 -83.69 -37.79 -7.97
C PHE KA 297 -83.54 -36.50 -7.19
N GLU KA 298 -83.59 -35.38 -7.89
CA GLU KA 298 -83.44 -34.05 -7.30
C GLU KA 298 -84.83 -33.46 -7.11
N THR KA 299 -85.30 -33.42 -5.87
CA THR KA 299 -86.57 -32.79 -5.56
C THR KA 299 -86.44 -31.27 -5.63
N ASP KA 300 -87.46 -30.62 -6.19
CA ASP KA 300 -87.48 -29.18 -6.38
C ASP KA 300 -88.43 -28.55 -5.37
N SER KA 301 -88.41 -27.21 -5.35
CA SER KA 301 -89.31 -26.47 -4.47
C SER KA 301 -90.76 -26.73 -4.86
N ALA KA 302 -91.63 -26.73 -3.84
CA ALA KA 302 -93.06 -26.96 -3.95
C ALA KA 302 -93.40 -28.37 -4.43
N GLY KA 303 -92.41 -29.25 -4.58
CA GLY KA 303 -92.66 -30.64 -4.92
C GLY KA 303 -92.52 -30.96 -6.39
N ASN KA 304 -91.42 -31.60 -6.76
CA ASN KA 304 -91.18 -32.02 -8.13
C ASN KA 304 -90.12 -33.10 -8.13
N ILE KA 305 -90.04 -33.83 -9.25
CA ILE KA 305 -89.08 -34.90 -9.43
C ILE KA 305 -88.22 -34.57 -10.64
N THR KA 306 -86.90 -34.60 -10.46
CA THR KA 306 -85.97 -34.26 -11.52
C THR KA 306 -84.77 -35.19 -11.48
N ILE KA 307 -84.49 -35.83 -12.60
CA ILE KA 307 -83.34 -36.71 -12.75
C ILE KA 307 -82.52 -36.23 -13.94
N GLY KA 308 -81.22 -36.06 -13.73
CA GLY KA 308 -80.32 -35.67 -14.80
C GLY KA 308 -80.67 -34.34 -15.44
N GLY KA 309 -81.18 -33.40 -14.63
CA GLY KA 309 -81.54 -32.09 -15.15
C GLY KA 309 -82.79 -32.05 -15.99
N SER KA 310 -83.56 -33.13 -16.02
CA SER KA 310 -84.76 -33.21 -16.85
C SER KA 310 -85.95 -33.60 -15.98
N GLN KA 311 -87.13 -33.16 -16.42
CA GLN KA 311 -88.36 -33.50 -15.72
C GLN KA 311 -88.59 -35.00 -15.75
N ALA KA 312 -88.92 -35.58 -14.60
CA ALA KA 312 -89.07 -37.02 -14.45
C ALA KA 312 -90.51 -37.36 -14.10
N TYR KA 313 -90.92 -38.56 -14.50
CA TYR KA 313 -92.27 -39.05 -14.29
C TYR KA 313 -92.24 -40.35 -13.50
N VAL KA 314 -93.36 -40.64 -12.83
CA VAL KA 314 -93.49 -41.86 -12.04
C VAL KA 314 -94.41 -42.83 -12.77
N ASP KA 315 -94.00 -44.09 -12.84
CA ASP KA 315 -94.80 -45.12 -13.46
C ASP KA 315 -96.02 -45.43 -12.59
N ASP KA 316 -97.08 -45.95 -13.24
CA ASP KA 316 -98.29 -46.30 -12.50
C ASP KA 316 -98.01 -47.41 -11.49
N ALA KA 317 -97.18 -48.39 -11.87
CA ALA KA 317 -96.85 -49.48 -10.95
C ALA KA 317 -95.89 -49.04 -9.85
N GLY KA 318 -95.25 -47.88 -10.01
CA GLY KA 318 -94.38 -47.34 -8.98
C GLY KA 318 -92.96 -47.03 -9.44
N ASN KA 319 -92.58 -47.36 -10.67
CA ASN KA 319 -91.24 -47.08 -11.14
C ASN KA 319 -91.07 -45.59 -11.44
N LEU KA 320 -89.81 -45.15 -11.45
CA LEU KA 320 -89.46 -43.77 -11.71
C LEU KA 320 -88.74 -43.68 -13.05
N THR KA 321 -89.13 -42.71 -13.87
CA THR KA 321 -88.59 -42.58 -15.22
C THR KA 321 -88.45 -41.11 -15.59
N THR KA 322 -87.63 -40.85 -16.60
CA THR KA 322 -87.51 -39.51 -17.17
C THR KA 322 -88.34 -39.33 -18.43
N ASN KA 323 -88.96 -40.39 -18.94
CA ASN KA 323 -89.76 -40.32 -20.15
C ASN KA 323 -91.12 -40.96 -19.90
N ASN KA 324 -92.18 -40.32 -20.41
CA ASN KA 324 -93.53 -40.78 -20.17
C ASN KA 324 -93.95 -41.80 -21.23
N ALA KA 325 -94.66 -42.83 -20.79
CA ALA KA 325 -95.19 -43.86 -21.68
C ALA KA 325 -96.65 -44.11 -21.34
N GLY KA 326 -97.48 -44.20 -22.36
CA GLY KA 326 -98.90 -44.44 -22.14
C GLY KA 326 -99.66 -43.24 -21.60
N SER KA 327 -99.12 -42.04 -21.78
CA SER KA 327 -99.77 -40.81 -21.31
C SER KA 327 -100.07 -40.86 -19.82
N ALA KA 328 -99.14 -41.43 -19.05
CA ALA KA 328 -99.26 -41.54 -17.59
C ALA KA 328 -97.96 -41.02 -17.01
N ALA KA 329 -97.88 -39.69 -16.83
CA ALA KA 329 -96.67 -39.05 -16.34
C ALA KA 329 -96.77 -38.70 -14.86
N LYS KA 330 -97.78 -37.92 -14.48
CA LYS KA 330 -98.06 -37.47 -13.11
C LYS KA 330 -96.77 -37.14 -12.37
N ALA KA 331 -96.03 -36.17 -12.93
CA ALA KA 331 -94.71 -35.79 -12.42
C ALA KA 331 -94.87 -35.01 -11.12
N ASP KA 332 -95.08 -35.73 -10.04
CA ASP KA 332 -95.18 -35.12 -8.72
C ASP KA 332 -94.71 -36.12 -7.67
N MET KA 333 -94.08 -35.58 -6.61
CA MET KA 333 -93.63 -36.44 -5.53
C MET KA 333 -94.80 -36.99 -4.72
N LYS KA 334 -95.90 -36.24 -4.62
CA LYS KA 334 -97.10 -36.76 -3.99
C LYS KA 334 -97.65 -37.95 -4.78
N ALA KA 335 -97.67 -37.83 -6.12
CA ALA KA 335 -98.09 -38.94 -6.96
C ALA KA 335 -97.13 -40.12 -6.82
N LEU KA 336 -95.84 -39.85 -6.71
CA LEU KA 336 -94.86 -40.92 -6.50
C LEU KA 336 -95.14 -41.65 -5.20
N LEU KA 337 -95.39 -40.92 -4.13
CA LEU KA 337 -95.67 -41.54 -2.84
C LEU KA 337 -96.95 -42.36 -2.90
N LYS KA 338 -97.99 -41.82 -3.54
CA LYS KA 338 -99.25 -42.56 -3.65
C LYS KA 338 -99.07 -43.83 -4.47
N ALA KA 339 -98.33 -43.75 -5.58
CA ALA KA 339 -98.08 -44.92 -6.41
C ALA KA 339 -97.27 -45.97 -5.67
N ALA KA 340 -96.26 -45.53 -4.91
CA ALA KA 340 -95.48 -46.48 -4.11
C ALA KA 340 -96.34 -47.15 -3.05
N SER KA 341 -97.21 -46.38 -2.39
CA SER KA 341 -98.07 -46.95 -1.36
C SER KA 341 -99.05 -47.95 -1.96
N GLU KA 342 -99.64 -47.63 -3.11
CA GLU KA 342 -100.63 -48.49 -3.73
C GLU KA 342 -100.00 -49.57 -4.62
N GLY KA 343 -98.69 -49.59 -4.76
CA GLY KA 343 -98.05 -50.53 -5.65
C GLY KA 343 -98.14 -51.96 -5.14
N SER KA 344 -97.96 -52.89 -6.09
CA SER KA 344 -97.97 -54.30 -5.74
C SER KA 344 -96.76 -54.69 -4.89
N ASP KA 345 -95.64 -54.00 -5.08
CA ASP KA 345 -94.40 -54.29 -4.37
C ASP KA 345 -93.93 -53.04 -3.63
N GLY KA 346 -93.43 -53.25 -2.41
CA GLY KA 346 -92.92 -52.15 -1.62
C GLY KA 346 -91.53 -51.72 -2.05
N ALA KA 347 -91.16 -50.52 -1.60
CA ALA KA 347 -89.85 -49.94 -1.91
C ALA KA 347 -89.40 -49.07 -0.75
N SER KA 348 -88.16 -48.61 -0.83
CA SER KA 348 -87.55 -47.78 0.20
C SER KA 348 -87.15 -46.43 -0.39
N LEU KA 349 -87.52 -45.35 0.29
CA LEU KA 349 -87.25 -44.00 -0.19
C LEU KA 349 -86.53 -43.22 0.90
N THR KA 350 -85.36 -42.68 0.57
CA THR KA 350 -84.54 -41.93 1.50
C THR KA 350 -84.48 -40.47 1.04
N PHE KA 351 -84.81 -39.55 1.95
CA PHE KA 351 -84.69 -38.13 1.70
C PHE KA 351 -83.28 -37.66 2.08
N ASN KA 352 -83.09 -36.36 2.19
CA ASN KA 352 -81.76 -35.82 2.52
C ASN KA 352 -81.25 -36.38 3.84
N GLY KA 353 -82.06 -36.29 4.89
CA GLY KA 353 -81.62 -36.73 6.21
C GLY KA 353 -82.19 -38.06 6.67
N THR KA 354 -83.48 -38.28 6.45
CA THR KA 354 -84.17 -39.45 6.97
C THR KA 354 -84.44 -40.47 5.88
N GLU KA 355 -84.88 -41.65 6.31
CA GLU KA 355 -85.24 -42.75 5.42
C GLU KA 355 -86.69 -43.13 5.67
N TYR KA 356 -87.43 -43.36 4.58
CA TYR KA 356 -88.84 -43.71 4.65
C TYR KA 356 -89.03 -45.08 4.03
N THR KA 357 -89.79 -45.93 4.71
CA THR KA 357 -90.08 -47.28 4.22
C THR KA 357 -91.55 -47.38 3.87
N ILE KA 358 -91.83 -47.94 2.70
CA ILE KA 358 -93.18 -48.07 2.16
C ILE KA 358 -93.63 -49.52 2.33
N ALA KA 359 -94.71 -49.73 3.08
CA ALA KA 359 -95.24 -51.07 3.26
C ALA KA 359 -95.94 -51.53 1.99
N LYS KA 360 -95.83 -52.83 1.70
CA LYS KA 360 -96.44 -53.41 0.52
C LYS KA 360 -97.97 -53.42 0.64
N GLY KA 376 -98.89 -48.44 3.67
CA GLY KA 376 -98.55 -47.47 4.69
C GLY KA 376 -97.13 -46.95 4.58
N ILE KA 377 -96.82 -45.92 5.36
CA ILE KA 377 -95.50 -45.31 5.37
C ILE KA 377 -94.97 -45.34 6.80
N THR KA 378 -93.67 -45.63 6.95
CA THR KA 378 -93.04 -45.57 8.26
C THR KA 378 -91.70 -44.85 8.14
N TYR KA 379 -91.33 -44.15 9.22
CA TYR KA 379 -90.08 -43.40 9.21
C TYR KA 379 -89.64 -43.11 10.64
N GLN KA 380 -88.33 -43.00 10.81
CA GLN KA 380 -87.74 -42.75 12.12
C GLN KA 380 -87.64 -41.24 12.33
N ALA KA 381 -88.67 -40.67 12.94
CA ALA KA 381 -88.68 -39.25 13.22
C ALA KA 381 -87.88 -38.95 14.49
N THR KA 382 -87.44 -37.69 14.60
CA THR KA 382 -86.73 -37.22 15.78
C THR KA 382 -87.46 -36.01 16.34
N VAL KA 383 -87.78 -36.05 17.64
CA VAL KA 383 -88.44 -34.95 18.32
C VAL KA 383 -87.69 -34.65 19.60
N SER KA 384 -87.51 -33.35 19.89
CA SER KA 384 -86.74 -32.95 21.05
C SER KA 384 -87.43 -33.37 22.34
N LYS KA 385 -86.62 -33.70 23.35
CA LYS KA 385 -87.16 -34.17 24.62
C LYS KA 385 -87.91 -33.10 25.38
N ASP KA 386 -87.69 -31.83 25.07
CA ASP KA 386 -88.43 -30.77 25.74
C ASP KA 386 -89.93 -30.86 25.44
N VAL KA 387 -90.29 -31.16 24.19
CA VAL KA 387 -91.70 -31.34 23.85
C VAL KA 387 -92.30 -32.49 24.65
N VAL KA 388 -91.57 -33.61 24.74
CA VAL KA 388 -92.10 -34.78 25.44
C VAL KA 388 -92.30 -34.47 26.92
N LEU KA 389 -91.29 -33.85 27.55
CA LEU KA 389 -91.42 -33.54 28.98
C LEU KA 389 -92.53 -32.53 29.22
N SER KA 390 -92.66 -31.53 28.35
CA SER KA 390 -93.72 -30.54 28.52
C SER KA 390 -95.10 -31.17 28.38
N GLU KA 391 -95.29 -32.04 27.37
CA GLU KA 391 -96.59 -32.65 27.20
C GLU KA 391 -96.89 -33.64 28.32
N THR KA 392 -95.87 -34.29 28.87
CA THR KA 392 -96.10 -35.15 30.03
C THR KA 392 -96.48 -34.35 31.26
N LYS KA 393 -95.80 -33.23 31.49
CA LYS KA 393 -96.01 -32.46 32.70
C LYS KA 393 -97.33 -31.70 32.67
N ALA KA 394 -97.66 -31.08 31.54
CA ALA KA 394 -98.82 -30.18 31.49
C ALA KA 394 -100.13 -30.96 31.55
N ALA KA 395 -100.24 -32.04 30.79
CA ALA KA 395 -101.48 -32.78 30.67
C ALA KA 395 -101.56 -33.87 31.74
N ALA KA 396 -102.80 -34.23 32.08
CA ALA KA 396 -103.05 -35.29 33.06
C ALA KA 396 -103.04 -36.66 32.39
N ALA KA 397 -101.88 -36.99 31.82
CA ALA KA 397 -101.70 -38.23 31.10
C ALA KA 397 -101.13 -39.30 32.02
N THR KA 398 -100.87 -40.48 31.45
CA THR KA 398 -100.30 -41.61 32.17
C THR KA 398 -99.05 -42.06 31.42
N SER KA 399 -97.90 -41.52 31.81
CA SER KA 399 -96.65 -41.82 31.13
C SER KA 399 -95.92 -42.97 31.81
N SER KA 400 -95.01 -43.59 31.07
CA SER KA 400 -94.16 -44.66 31.59
C SER KA 400 -92.72 -44.36 31.24
N ILE KA 401 -91.83 -44.45 32.22
CA ILE KA 401 -90.41 -44.16 32.04
C ILE KA 401 -89.62 -45.41 32.42
N THR KA 402 -88.72 -45.82 31.53
CA THR KA 402 -87.92 -47.02 31.75
C THR KA 402 -86.45 -46.65 31.85
N PHE KA 403 -85.82 -47.05 32.94
CA PHE KA 403 -84.39 -46.89 33.14
C PHE KA 403 -83.70 -48.21 32.85
N ASN KA 404 -82.71 -48.18 31.96
CA ASN KA 404 -81.96 -49.36 31.56
C ASN KA 404 -80.48 -49.08 31.72
N SER KA 405 -79.79 -49.95 32.45
CA SER KA 405 -78.34 -49.90 32.57
C SER KA 405 -77.66 -50.85 31.59
N GLY KA 406 -78.40 -51.41 30.65
CA GLY KA 406 -77.92 -52.41 29.73
C GLY KA 406 -78.24 -53.83 30.17
N VAL KA 407 -78.36 -54.06 31.48
CA VAL KA 407 -78.76 -55.34 32.04
C VAL KA 407 -79.97 -55.19 32.95
N LEU KA 408 -79.94 -54.23 33.85
CA LEU KA 408 -80.97 -54.03 34.84
C LEU KA 408 -81.97 -52.99 34.35
N SER KA 409 -83.25 -53.31 34.44
CA SER KA 409 -84.30 -52.46 33.90
C SER KA 409 -85.37 -52.21 34.96
N LYS KA 410 -85.87 -50.98 35.01
CA LYS KA 410 -86.99 -50.62 35.88
C LYS KA 410 -87.95 -49.72 35.14
N THR KA 411 -89.24 -50.02 35.24
CA THR KA 411 -90.29 -49.24 34.62
C THR KA 411 -91.14 -48.58 35.70
N ILE KA 412 -91.34 -47.27 35.58
CA ILE KA 412 -92.07 -46.47 36.57
C ILE KA 412 -93.20 -45.74 35.87
N GLY KA 413 -94.41 -45.85 36.43
CA GLY KA 413 -95.53 -45.10 35.93
C GLY KA 413 -95.58 -43.70 36.54
N PHE KA 414 -96.07 -42.74 35.75
CA PHE KA 414 -96.10 -41.35 36.14
C PHE KA 414 -97.45 -40.73 35.79
N THR KA 415 -98.01 -39.99 36.73
CA THR KA 415 -99.16 -39.14 36.48
C THR KA 415 -98.66 -37.76 36.04
N ALA KA 416 -99.52 -36.75 36.09
CA ALA KA 416 -99.16 -35.41 35.61
C ALA KA 416 -98.17 -34.77 36.59
N GLY KA 417 -96.90 -35.15 36.44
CA GLY KA 417 -95.82 -34.60 37.22
C GLY KA 417 -95.36 -35.45 38.39
N GLU KA 418 -96.13 -36.47 38.76
CA GLU KA 418 -95.80 -37.33 39.89
C GLU KA 418 -95.93 -38.78 39.45
N SER KA 419 -95.69 -39.70 40.39
CA SER KA 419 -95.81 -41.13 40.15
C SER KA 419 -97.03 -41.66 40.87
N SER KA 420 -97.93 -42.31 40.12
CA SER KA 420 -99.16 -42.86 40.66
C SER KA 420 -99.25 -44.37 40.51
N ASP KA 421 -98.13 -45.04 40.28
CA ASP KA 421 -98.10 -46.47 40.02
C ASP KA 421 -98.03 -47.31 41.29
N ALA KA 422 -98.47 -46.77 42.43
CA ALA KA 422 -98.40 -47.46 43.72
C ALA KA 422 -96.96 -47.81 44.09
N ALA KA 423 -96.01 -47.05 43.57
CA ALA KA 423 -94.60 -47.23 43.86
C ALA KA 423 -94.07 -46.01 44.62
N LYS KA 424 -93.02 -46.23 45.41
CA LYS KA 424 -92.52 -45.18 46.28
C LYS KA 424 -91.84 -44.08 45.49
N SER KA 425 -90.73 -44.40 44.82
CA SER KA 425 -90.10 -43.53 43.83
C SER KA 425 -89.76 -42.17 44.43
N TYR KA 426 -88.83 -42.19 45.38
CA TYR KA 426 -88.34 -40.98 46.03
C TYR KA 426 -86.85 -40.80 45.74
N VAL KA 427 -86.45 -39.55 45.56
CA VAL KA 427 -85.11 -39.22 45.07
C VAL KA 427 -84.49 -38.15 45.95
N ASP KA 428 -85.26 -37.61 46.89
CA ASP KA 428 -84.88 -36.38 47.58
C ASP KA 428 -83.61 -36.52 48.40
N ASP KA 429 -83.21 -37.74 48.77
CA ASP KA 429 -82.11 -37.91 49.71
C ASP KA 429 -80.80 -37.34 49.19
N LYS KA 430 -80.24 -37.95 48.14
CA LYS KA 430 -79.00 -37.45 47.55
C LYS KA 430 -78.97 -37.59 46.03
N GLY KA 431 -80.07 -37.99 45.42
CA GLY KA 431 -80.08 -38.36 44.02
C GLY KA 431 -80.21 -39.86 43.84
N GLY KA 432 -80.86 -40.26 42.76
CA GLY KA 432 -81.18 -41.64 42.53
C GLY KA 432 -82.47 -42.06 43.21
N ILE KA 433 -83.11 -43.08 42.64
CA ILE KA 433 -84.43 -43.50 43.08
C ILE KA 433 -84.23 -44.58 44.15
N THR KA 434 -84.47 -44.21 45.40
CA THR KA 434 -84.25 -45.11 46.52
C THR KA 434 -85.54 -45.68 47.09
N ASN KA 435 -86.69 -45.34 46.49
CA ASN KA 435 -88.01 -45.95 46.78
C ASN KA 435 -88.24 -46.25 48.26
N VAL KA 436 -87.82 -45.32 49.12
CA VAL KA 436 -88.14 -45.38 50.55
C VAL KA 436 -89.08 -44.23 50.89
N ALA KA 437 -90.18 -44.55 51.56
CA ALA KA 437 -91.15 -43.52 51.92
C ALA KA 437 -90.54 -42.51 52.88
N ASP KA 438 -90.14 -42.96 54.07
CA ASP KA 438 -89.59 -42.10 55.09
C ASP KA 438 -88.93 -42.95 56.15
N TYR KA 439 -87.87 -42.41 56.76
CA TYR KA 439 -87.19 -43.06 57.87
C TYR KA 439 -87.17 -42.12 59.05
N THR KA 440 -87.49 -42.64 60.23
CA THR KA 440 -87.50 -41.89 61.47
C THR KA 440 -86.36 -42.38 62.35
N VAL KA 441 -85.53 -41.45 62.81
CA VAL KA 441 -84.40 -41.76 63.68
C VAL KA 441 -84.72 -41.28 65.09
N SER KA 442 -84.54 -42.15 66.06
CA SER KA 442 -84.82 -41.83 67.46
C SER KA 442 -83.51 -41.61 68.20
N TYR KA 443 -83.41 -40.49 68.89
CA TYR KA 443 -82.22 -40.09 69.64
C TYR KA 443 -82.54 -40.11 71.13
N SER KA 444 -81.62 -40.69 71.91
CA SER KA 444 -81.75 -40.74 73.35
C SER KA 444 -80.87 -39.65 73.96
N VAL KA 445 -81.44 -38.87 74.86
CA VAL KA 445 -80.74 -37.76 75.51
C VAL KA 445 -80.42 -38.18 76.94
N ASN KA 446 -79.13 -38.23 77.26
CA ASN KA 446 -78.70 -38.57 78.61
C ASN KA 446 -78.79 -37.32 79.48
N LYS KA 447 -79.72 -37.32 80.42
CA LYS KA 447 -80.00 -36.14 81.24
C LYS KA 447 -78.90 -35.85 82.26
N ASP KA 448 -77.98 -36.78 82.49
CA ASP KA 448 -76.91 -36.52 83.45
C ASP KA 448 -75.97 -35.43 82.94
N ASN KA 449 -75.59 -35.49 81.67
CA ASN KA 449 -74.67 -34.53 81.09
C ASN KA 449 -75.22 -33.80 79.87
N GLY KA 450 -76.26 -34.31 79.23
CA GLY KA 450 -76.80 -33.71 78.03
C GLY KA 450 -76.31 -34.33 76.74
N SER KA 451 -75.48 -35.37 76.80
CA SER KA 451 -74.99 -36.01 75.59
C SER KA 451 -76.13 -36.72 74.87
N VAL KA 452 -76.12 -36.65 73.55
CA VAL KA 452 -77.17 -37.22 72.71
C VAL KA 452 -76.57 -38.33 71.86
N THR KA 453 -77.19 -39.50 71.90
CA THR KA 453 -76.76 -40.65 71.12
C THR KA 453 -77.90 -41.11 70.21
N VAL KA 454 -77.55 -42.04 69.32
CA VAL KA 454 -78.50 -42.60 68.36
C VAL KA 454 -79.01 -43.93 68.92
N ALA KA 455 -80.33 -44.04 69.05
CA ALA KA 455 -80.94 -45.26 69.59
C ALA KA 455 -82.33 -45.40 68.99
N GLY KA 456 -82.44 -46.24 67.97
CA GLY KA 456 -83.74 -46.55 67.37
C GLY KA 456 -83.92 -46.05 65.95
N TYR KA 457 -84.35 -46.95 65.07
CA TYR KA 457 -84.59 -46.62 63.67
C TYR KA 457 -85.92 -47.24 63.24
N ALA KA 458 -86.75 -46.44 62.59
CA ALA KA 458 -88.05 -46.90 62.12
C ALA KA 458 -88.20 -46.58 60.64
N SER KA 459 -88.76 -47.51 59.88
CA SER KA 459 -89.00 -47.29 58.46
C SER KA 459 -90.36 -47.86 58.08
N ALA KA 460 -91.13 -47.08 57.31
CA ALA KA 460 -92.41 -47.55 56.82
C ALA KA 460 -92.26 -48.60 55.73
N THR KA 461 -91.06 -48.77 55.18
CA THR KA 461 -90.75 -49.80 54.20
C THR KA 461 -89.65 -50.69 54.78
N ASP KA 462 -89.30 -51.74 54.03
CA ASP KA 462 -88.21 -52.61 54.45
C ASP KA 462 -86.90 -51.85 54.52
N THR KA 463 -86.54 -51.17 53.42
CA THR KA 463 -85.45 -50.19 53.37
C THR KA 463 -84.10 -50.88 53.47
N ASN KA 464 -84.10 -52.18 53.76
CA ASN KA 464 -82.88 -52.96 53.93
C ASN KA 464 -81.91 -52.31 54.92
N LYS KA 465 -82.45 -51.48 55.82
CA LYS KA 465 -81.64 -50.71 56.76
C LYS KA 465 -80.57 -49.89 56.03
N ASP KA 466 -80.97 -49.29 54.91
CA ASP KA 466 -80.03 -48.51 54.11
C ASP KA 466 -79.55 -47.28 54.87
N TYR KA 467 -80.47 -46.56 55.51
CA TYR KA 467 -80.17 -45.32 56.20
C TYR KA 467 -80.18 -45.49 57.72
N ALA KA 468 -79.91 -46.69 58.22
CA ALA KA 468 -79.96 -46.93 59.65
C ALA KA 468 -78.55 -46.92 60.24
N PRO KA 469 -78.18 -45.89 61.00
CA PRO KA 469 -76.89 -45.93 61.70
C PRO KA 469 -76.91 -46.94 62.82
N ALA KA 470 -75.72 -47.42 63.18
CA ALA KA 470 -75.60 -48.32 64.32
C ALA KA 470 -76.01 -47.59 65.59
N ILE KA 471 -76.81 -48.27 66.42
CA ILE KA 471 -77.28 -47.64 67.65
C ILE KA 471 -76.12 -47.47 68.62
N GLY KA 472 -76.28 -46.50 69.52
CA GLY KA 472 -75.26 -46.22 70.51
C GLY KA 472 -74.12 -45.35 70.03
N THR KA 473 -74.25 -44.70 68.89
CA THR KA 473 -73.21 -43.84 68.35
C THR KA 473 -73.53 -42.39 68.65
N ALA KA 474 -72.59 -41.69 69.27
CA ALA KA 474 -72.79 -40.28 69.64
C ALA KA 474 -72.96 -39.44 68.38
N VAL KA 475 -74.00 -38.63 68.35
CA VAL KA 475 -74.29 -37.77 67.21
C VAL KA 475 -73.68 -36.39 67.46
N ASN KA 476 -73.29 -35.73 66.39
CA ASN KA 476 -72.67 -34.40 66.45
C ASN KA 476 -73.39 -33.46 65.50
N VAL KA 477 -72.86 -32.25 65.38
CA VAL KA 477 -73.43 -31.21 64.53
C VAL KA 477 -72.43 -30.88 63.43
N ASN KA 478 -72.87 -30.90 62.19
CA ASN KA 478 -72.01 -30.63 61.05
C ASN KA 478 -71.66 -29.13 61.01
N SER KA 479 -70.85 -28.77 60.02
CA SER KA 479 -70.48 -27.37 59.85
C SER KA 479 -71.69 -26.52 59.48
N ALA KA 480 -72.59 -27.06 58.67
CA ALA KA 480 -73.77 -26.33 58.23
C ALA KA 480 -74.89 -26.35 59.25
N GLY KA 481 -74.67 -26.92 60.43
CA GLY KA 481 -75.68 -26.99 61.46
C GLY KA 481 -76.56 -28.22 61.42
N LYS KA 482 -76.35 -29.11 60.46
CA LYS KA 482 -77.15 -30.32 60.39
C LYS KA 482 -76.76 -31.31 61.48
N ILE KA 483 -77.64 -32.28 61.70
CA ILE KA 483 -77.43 -33.33 62.69
C ILE KA 483 -76.80 -34.52 61.96
N THR KA 484 -75.58 -34.86 62.32
CA THR KA 484 -74.82 -35.87 61.59
C THR KA 484 -73.92 -36.62 62.56
N THR KA 485 -73.52 -37.83 62.16
CA THR KA 485 -72.80 -38.73 63.05
C THR KA 485 -71.28 -38.68 62.93
N GLU KA 486 -70.74 -38.37 61.75
CA GLU KA 486 -69.30 -38.39 61.58
C GLU KA 486 -68.67 -37.11 62.12
N THR KA 487 -67.43 -37.22 62.56
CA THR KA 487 -66.72 -36.12 63.21
C THR KA 487 -65.65 -35.48 62.33
N THR KA 488 -65.56 -35.84 61.06
CA THR KA 488 -64.51 -35.34 60.18
C THR KA 488 -64.61 -33.83 59.99
N SER KA 489 -65.67 -33.38 59.31
CA SER KA 489 -65.92 -31.95 59.10
C SER KA 489 -64.72 -31.26 58.46
N ALA KA 490 -64.44 -31.67 57.22
CA ALA KA 490 -63.27 -31.18 56.50
C ALA KA 490 -63.32 -29.66 56.35
N GLY KA 491 -62.16 -29.03 56.48
CA GLY KA 491 -62.04 -27.58 56.43
C GLY KA 491 -61.72 -27.05 55.06
N SER KA 492 -61.12 -25.87 55.02
CA SER KA 492 -60.88 -25.15 53.79
C SER KA 492 -59.42 -25.11 53.35
N ALA KA 493 -58.48 -25.49 54.22
CA ALA KA 493 -57.07 -25.50 53.84
C ALA KA 493 -56.83 -26.52 52.74
N THR KA 494 -55.90 -26.20 51.84
CA THR KA 494 -55.62 -27.06 50.70
C THR KA 494 -55.12 -28.42 51.17
N THR KA 495 -55.63 -29.47 50.54
CA THR KA 495 -55.36 -30.84 50.99
C THR KA 495 -53.89 -31.20 50.80
N ASN KA 496 -53.41 -31.17 49.57
CA ASN KA 496 -52.05 -31.62 49.23
C ASN KA 496 -51.34 -30.50 48.48
N PRO KA 497 -50.90 -29.47 49.20
CA PRO KA 497 -50.27 -28.33 48.52
C PRO KA 497 -49.03 -28.71 47.75
N LEU KA 498 -48.19 -29.57 48.31
CA LEU KA 498 -46.97 -29.96 47.62
C LEU KA 498 -47.26 -30.74 46.35
N ALA KA 499 -48.26 -31.63 46.39
CA ALA KA 499 -48.64 -32.35 45.19
C ALA KA 499 -49.18 -31.42 44.12
N ALA KA 500 -50.02 -30.46 44.52
CA ALA KA 500 -50.55 -29.50 43.54
C ALA KA 500 -49.44 -28.69 42.91
N LEU KA 501 -48.49 -28.23 43.71
CA LEU KA 501 -47.36 -27.47 43.18
C LEU KA 501 -46.50 -28.32 42.27
N ASP KA 502 -46.32 -29.60 42.61
CA ASP KA 502 -45.57 -30.49 41.73
C ASP KA 502 -46.26 -30.66 40.39
N ASP KA 503 -47.59 -30.80 40.39
CA ASP KA 503 -48.31 -30.89 39.13
C ASP KA 503 -48.15 -29.62 38.31
N ALA KA 504 -48.23 -28.46 38.95
CA ALA KA 504 -48.05 -27.21 38.23
C ALA KA 504 -46.66 -27.12 37.61
N ILE KA 505 -45.63 -27.46 38.39
CA ILE KA 505 -44.26 -27.41 37.87
C ILE KA 505 -44.09 -28.39 36.72
N SER KA 506 -44.70 -29.57 36.82
CA SER KA 506 -44.62 -30.55 35.75
C SER KA 506 -45.25 -30.02 34.47
N SER KA 507 -46.40 -29.38 34.58
CA SER KA 507 -47.03 -28.80 33.40
C SER KA 507 -46.14 -27.73 32.77
N ILE KA 508 -45.54 -26.88 33.61
CA ILE KA 508 -44.64 -25.84 33.08
C ILE KA 508 -43.47 -26.48 32.35
N ASP KA 509 -42.88 -27.52 32.94
CA ASP KA 509 -41.71 -28.16 32.33
C ASP KA 509 -42.08 -28.82 31.01
N LYS KA 510 -43.26 -29.45 30.94
CA LYS KA 510 -43.68 -30.06 29.68
C LYS KA 510 -43.83 -29.01 28.59
N PHE KA 511 -44.46 -27.89 28.93
CA PHE KA 511 -44.64 -26.84 27.93
C PHE KA 511 -43.30 -26.28 27.47
N ARG KA 512 -42.36 -26.09 28.41
CA ARG KA 512 -41.04 -25.60 28.05
C ARG KA 512 -40.29 -26.59 27.16
N SER KA 513 -40.39 -27.88 27.45
CA SER KA 513 -39.74 -28.88 26.62
C SER KA 513 -40.30 -28.87 25.21
N SER KA 514 -41.62 -28.74 25.08
CA SER KA 514 -42.23 -28.65 23.76
C SER KA 514 -41.71 -27.45 22.99
N LEU KA 515 -41.60 -26.30 23.67
CA LEU KA 515 -41.07 -25.10 23.01
C LEU KA 515 -39.63 -25.32 22.55
N GLY KA 516 -38.82 -25.94 23.41
CA GLY KA 516 -37.43 -26.19 23.03
C GLY KA 516 -37.30 -27.09 21.83
N ALA KA 517 -38.09 -28.17 21.79
CA ALA KA 517 -38.06 -29.06 20.64
C ALA KA 517 -38.47 -28.33 19.36
N ILE KA 518 -39.52 -27.50 19.46
CA ILE KA 518 -39.95 -26.74 18.28
C ILE KA 518 -38.84 -25.82 17.81
N GLN KA 519 -38.16 -25.15 18.74
CA GLN KA 519 -37.08 -24.25 18.35
C GLN KA 519 -35.95 -24.98 17.66
N ASN KA 520 -35.58 -26.16 18.18
CA ASN KA 520 -34.52 -26.94 17.56
C ASN KA 520 -34.89 -27.32 16.13
N ARG KA 521 -36.12 -27.81 15.94
CA ARG KA 521 -36.51 -28.20 14.59
C ARG KA 521 -36.59 -27.00 13.65
N LEU KA 522 -36.98 -25.84 14.18
CA LEU KA 522 -37.04 -24.64 13.36
C LEU KA 522 -35.66 -24.20 12.92
N ASP KA 523 -34.67 -24.29 13.82
CA ASP KA 523 -33.30 -23.96 13.46
C ASP KA 523 -32.77 -24.91 12.39
N SER KA 524 -33.07 -26.20 12.53
CA SER KA 524 -32.68 -27.15 11.48
C SER KA 524 -33.31 -26.77 10.15
N ALA KA 525 -34.58 -26.35 10.18
CA ALA KA 525 -35.24 -25.92 8.95
C ALA KA 525 -34.52 -24.71 8.35
N VAL KA 526 -34.08 -23.77 9.18
CA VAL KA 526 -33.36 -22.60 8.68
C VAL KA 526 -32.09 -23.03 7.95
N THR KA 527 -31.33 -23.93 8.57
CA THR KA 527 -30.08 -24.38 7.96
C THR KA 527 -30.35 -25.06 6.62
N ASN KA 528 -31.36 -25.93 6.57
CA ASN KA 528 -31.68 -26.61 5.33
C ASN KA 528 -32.10 -25.61 4.25
N LEU KA 529 -32.88 -24.60 4.63
CA LEU KA 529 -33.32 -23.60 3.66
C LEU KA 529 -32.13 -22.84 3.09
N ASN KA 530 -31.17 -22.47 3.94
CA ASN KA 530 -30.00 -21.76 3.44
C ASN KA 530 -29.21 -22.63 2.47
N ASN KA 531 -29.01 -23.91 2.80
CA ASN KA 531 -28.29 -24.80 1.88
C ASN KA 531 -29.00 -24.92 0.55
N THR KA 532 -30.33 -25.10 0.59
CA THR KA 532 -31.09 -25.24 -0.65
C THR KA 532 -31.04 -23.97 -1.48
N THR KA 533 -31.08 -22.80 -0.83
CA THR KA 533 -30.97 -21.55 -1.55
C THR KA 533 -29.62 -21.43 -2.25
N THR KA 534 -28.54 -21.81 -1.55
CA THR KA 534 -27.22 -21.76 -2.17
C THR KA 534 -27.16 -22.67 -3.39
N ASN KA 535 -27.68 -23.89 -3.28
CA ASN KA 535 -27.61 -24.82 -4.40
C ASN KA 535 -28.47 -24.37 -5.58
N LEU KA 536 -29.64 -23.80 -5.31
CA LEU KA 536 -30.47 -23.30 -6.39
C LEU KA 536 -29.82 -22.11 -7.09
N SER KA 537 -29.14 -21.24 -6.32
CA SER KA 537 -28.38 -20.17 -6.96
C SER KA 537 -27.26 -20.74 -7.82
N GLU KA 538 -26.62 -21.82 -7.35
CA GLU KA 538 -25.65 -22.55 -8.18
C GLU KA 538 -26.25 -22.92 -9.52
N ALA KA 539 -27.42 -23.58 -9.49
CA ALA KA 539 -28.02 -24.05 -10.74
C ALA KA 539 -28.41 -22.91 -11.65
N GLN KA 540 -28.97 -21.84 -11.08
CA GLN KA 540 -29.35 -20.70 -11.90
C GLN KA 540 -28.13 -20.06 -12.55
N SER KA 541 -27.02 -19.97 -11.81
CA SER KA 541 -25.79 -19.45 -12.39
C SER KA 541 -25.28 -20.37 -13.49
N ARG KA 542 -25.45 -21.69 -13.32
CA ARG KA 542 -25.08 -22.61 -14.38
C ARG KA 542 -25.85 -22.33 -15.65
N ILE KA 543 -27.16 -22.08 -15.53
CA ILE KA 543 -27.98 -21.87 -16.73
C ILE KA 543 -27.67 -20.51 -17.35
N GLN KA 544 -27.69 -19.45 -16.56
CA GLN KA 544 -27.50 -18.09 -17.01
C GLN KA 544 -26.02 -17.71 -16.95
N ASP KA 545 -25.71 -16.41 -16.95
CA ASP KA 545 -24.36 -15.91 -16.69
C ASP KA 545 -23.40 -16.35 -17.80
N ALA KA 546 -23.60 -15.73 -18.96
CA ALA KA 546 -22.78 -15.99 -20.15
C ALA KA 546 -21.29 -15.98 -19.85
N ASP KA 547 -20.54 -16.71 -20.67
CA ASP KA 547 -19.10 -16.90 -20.51
C ASP KA 547 -18.36 -15.68 -21.06
N TYR KA 548 -17.95 -14.78 -20.16
CA TYR KA 548 -17.38 -13.51 -20.61
C TYR KA 548 -16.21 -13.71 -21.55
N ALA KA 549 -15.39 -14.74 -21.33
CA ALA KA 549 -14.34 -15.05 -22.29
C ALA KA 549 -14.93 -15.34 -23.67
N THR KA 550 -16.01 -16.13 -23.69
CA THR KA 550 -16.61 -16.52 -24.96
C THR KA 550 -17.15 -15.31 -25.72
N GLU KA 551 -17.93 -14.45 -25.04
CA GLU KA 551 -18.45 -13.31 -25.78
C GLU KA 551 -17.40 -12.24 -26.07
N VAL KA 552 -16.35 -12.11 -25.26
CA VAL KA 552 -15.28 -11.19 -25.63
C VAL KA 552 -14.62 -11.65 -26.92
N SER KA 553 -14.29 -12.95 -27.00
CA SER KA 553 -13.72 -13.47 -28.24
C SER KA 553 -14.69 -13.31 -29.40
N ASN KA 554 -15.97 -13.56 -29.15
CA ASN KA 554 -16.97 -13.48 -30.21
C ASN KA 554 -17.07 -12.06 -30.77
N MET KA 555 -17.12 -11.05 -29.90
CA MET KA 555 -17.23 -9.71 -30.43
C MET KA 555 -15.93 -9.28 -31.09
N SER KA 556 -14.78 -9.73 -30.59
CA SER KA 556 -13.53 -9.35 -31.23
C SER KA 556 -13.47 -9.87 -32.65
N LYS KA 557 -13.77 -11.16 -32.85
CA LYS KA 557 -13.74 -11.69 -34.21
C LYS KA 557 -14.88 -11.12 -35.05
N ALA KA 558 -16.02 -10.79 -34.43
CA ALA KA 558 -17.11 -10.16 -35.18
C ALA KA 558 -16.71 -8.79 -35.69
N GLN KA 559 -16.04 -7.99 -34.84
CA GLN KA 559 -15.56 -6.68 -35.26
C GLN KA 559 -14.53 -6.80 -36.37
N ILE KA 560 -13.64 -7.78 -36.27
CA ILE KA 560 -12.65 -7.97 -37.32
C ILE KA 560 -13.33 -8.35 -38.63
N ILE KA 561 -14.31 -9.25 -38.57
CA ILE KA 561 -15.04 -9.63 -39.78
C ILE KA 561 -15.76 -8.43 -40.36
N GLN KA 562 -16.33 -7.58 -39.49
CA GLN KA 562 -17.02 -6.38 -39.98
C GLN KA 562 -16.06 -5.44 -40.70
N GLN KA 563 -14.89 -5.20 -40.11
CA GLN KA 563 -13.93 -4.28 -40.74
C GLN KA 563 -13.42 -4.86 -42.06
N ALA KA 564 -13.12 -6.15 -42.08
CA ALA KA 564 -12.68 -6.78 -43.32
C ALA KA 564 -13.77 -6.72 -44.38
N GLY KA 565 -15.01 -6.96 -43.99
CA GLY KA 565 -16.10 -6.88 -44.95
C GLY KA 565 -16.30 -5.49 -45.48
N ASN KA 566 -16.13 -4.47 -44.63
CA ASN KA 566 -16.27 -3.10 -45.09
C ASN KA 566 -15.15 -2.72 -46.06
N SER KA 567 -13.91 -3.13 -45.76
CA SER KA 567 -12.82 -2.84 -46.67
C SER KA 567 -13.01 -3.54 -48.02
N VAL KA 568 -13.41 -4.82 -47.98
CA VAL KA 568 -13.68 -5.53 -49.22
C VAL KA 568 -14.87 -4.92 -49.95
N LEU KA 569 -15.86 -4.43 -49.20
CA LEU KA 569 -17.00 -3.78 -49.82
C LEU KA 569 -16.61 -2.51 -50.54
N ALA KA 570 -15.68 -1.74 -49.95
CA ALA KA 570 -15.15 -0.58 -50.65
C ALA KA 570 -14.37 -0.99 -51.89
N LYS KA 571 -13.60 -2.08 -51.80
CA LYS KA 571 -12.87 -2.57 -52.97
C LYS KA 571 -13.83 -3.00 -54.08
N ALA KA 572 -14.96 -3.58 -53.71
CA ALA KA 572 -15.97 -3.98 -54.69
C ALA KA 572 -16.69 -2.77 -55.26
N ASN KA 573 -17.07 -1.82 -54.40
CA ASN KA 573 -17.68 -0.57 -54.85
C ASN KA 573 -16.70 0.25 -55.68
N GLN KA 574 -15.43 -0.13 -55.69
CA GLN KA 574 -14.56 0.31 -56.78
C GLN KA 574 -15.05 -0.45 -58.00
N VAL KA 575 -16.26 -0.12 -58.42
CA VAL KA 575 -17.04 -0.83 -59.43
C VAL KA 575 -16.34 -0.65 -60.76
N PRO KA 576 -16.61 -1.50 -61.78
CA PRO KA 576 -15.82 -1.41 -63.00
C PRO KA 576 -15.84 -0.02 -63.61
N GLN KA 577 -14.69 0.63 -63.55
CA GLN KA 577 -14.47 1.92 -64.19
C GLN KA 577 -13.58 1.80 -65.42
N GLN KA 578 -12.99 0.62 -65.63
CA GLN KA 578 -12.23 0.38 -66.85
C GLN KA 578 -13.11 0.48 -68.08
N VAL KA 579 -14.43 0.37 -67.91
CA VAL KA 579 -15.34 0.64 -69.02
C VAL KA 579 -15.21 2.08 -69.47
N LEU KA 580 -15.01 3.00 -68.52
CA LEU KA 580 -14.77 4.39 -68.88
C LEU KA 580 -13.52 4.52 -69.75
N SER KA 581 -12.46 3.80 -69.39
CA SER KA 581 -11.25 3.80 -70.20
C SER KA 581 -11.50 3.22 -71.58
N LEU KA 582 -12.30 2.15 -71.64
CA LEU KA 582 -12.64 1.54 -72.94
C LEU KA 582 -13.41 2.52 -73.82
N LEU KA 583 -14.19 3.41 -73.20
CA LEU KA 583 -15.07 4.28 -73.98
C LEU KA 583 -14.30 5.17 -74.93
N GLN KA 584 -13.30 5.90 -74.43
CA GLN KA 584 -12.63 6.87 -75.29
C GLN KA 584 -11.72 6.22 -76.33
N GLY KA 585 -11.48 4.91 -76.23
CA GLY KA 585 -10.63 4.23 -77.18
C GLY KA 585 -11.27 4.07 -78.55
N MET LA 1 22.74 12.44 -51.80
CA MET LA 1 21.40 11.89 -51.91
C MET LA 1 20.85 12.19 -53.30
N ALA LA 2 20.63 13.48 -53.59
CA ALA LA 2 20.11 13.84 -54.91
C ALA LA 2 21.03 13.39 -56.04
N GLN LA 3 22.32 13.19 -55.76
CA GLN LA 3 23.23 12.75 -56.80
C GLN LA 3 23.12 11.25 -57.05
N VAL LA 4 23.15 10.45 -55.98
CA VAL LA 4 23.42 9.02 -56.09
C VAL LA 4 22.32 8.25 -55.35
N ILE LA 5 22.00 7.06 -55.85
CA ILE LA 5 21.10 6.16 -55.15
C ILE LA 5 21.75 4.82 -54.81
N ASN LA 6 22.92 4.51 -55.36
CA ASN LA 6 23.52 3.20 -55.13
C ASN LA 6 24.02 3.03 -53.70
N THR LA 7 24.36 4.13 -53.03
CA THR LA 7 24.84 4.07 -51.65
C THR LA 7 24.12 5.14 -50.83
N ASN LA 8 24.20 4.99 -49.52
CA ASN LA 8 23.65 5.98 -48.58
C ASN LA 8 24.66 6.19 -47.46
N SER LA 9 25.49 7.22 -47.60
CA SER LA 9 26.46 7.55 -46.57
C SER LA 9 25.79 7.83 -45.23
N LEU LA 10 24.66 8.53 -45.26
CA LEU LA 10 23.93 8.83 -44.04
C LEU LA 10 23.50 7.54 -43.34
N SER LA 11 22.97 6.59 -44.11
CA SER LA 11 22.56 5.32 -43.52
C SER LA 11 23.74 4.55 -42.95
N LEU LA 12 24.87 4.54 -43.68
CA LEU LA 12 26.04 3.81 -43.19
C LEU LA 12 26.55 4.41 -41.89
N ILE LA 13 26.68 5.74 -41.84
CA ILE LA 13 27.16 6.41 -40.64
C ILE LA 13 26.21 6.17 -39.47
N THR LA 14 24.90 6.26 -39.74
CA THR LA 14 23.92 6.03 -38.69
C THR LA 14 24.01 4.61 -38.15
N GLN LA 15 24.19 3.63 -39.05
CA GLN LA 15 24.32 2.24 -38.60
C GLN LA 15 25.56 2.06 -37.73
N ASN LA 16 26.67 2.70 -38.12
CA ASN LA 16 27.88 2.61 -37.32
C ASN LA 16 27.65 3.18 -35.91
N ASN LA 17 27.01 4.35 -35.84
CA ASN LA 17 26.78 4.97 -34.54
C ASN LA 17 25.82 4.14 -33.70
N ILE LA 18 24.82 3.53 -34.33
CA ILE LA 18 23.88 2.68 -33.62
C ILE LA 18 24.60 1.47 -33.03
N ASN LA 19 25.49 0.85 -33.81
CA ASN LA 19 26.25 -0.29 -33.28
C ASN LA 19 27.14 0.13 -32.11
N LYS LA 20 27.79 1.29 -32.24
CA LYS LA 20 28.65 1.77 -31.16
C LYS LA 20 27.85 1.98 -29.89
N ASN LA 21 26.63 2.52 -29.99
CA ASN LA 21 25.79 2.66 -28.81
C ASN LA 21 25.33 1.31 -28.28
N GLN LA 22 25.03 0.37 -29.20
CA GLN LA 22 24.51 -0.93 -28.79
C GLN LA 22 25.51 -1.69 -27.94
N SER LA 23 26.81 -1.53 -28.23
CA SER LA 23 27.83 -2.17 -27.40
C SER LA 23 27.66 -1.76 -25.93
N ALA LA 24 27.59 -0.45 -25.67
CA ALA LA 24 27.44 0.03 -24.30
C ALA LA 24 26.09 -0.35 -23.71
N LEU LA 25 25.04 -0.38 -24.54
CA LEU LA 25 23.74 -0.82 -24.06
C LEU LA 25 23.81 -2.25 -23.50
N SER LA 26 24.40 -3.15 -24.28
CA SER LA 26 24.53 -4.54 -23.84
C SER LA 26 25.38 -4.63 -22.58
N SER LA 27 26.50 -3.89 -22.55
CA SER LA 27 27.35 -3.91 -21.37
C SER LA 27 26.59 -3.48 -20.12
N SER LA 28 25.83 -2.39 -20.23
CA SER LA 28 25.09 -1.87 -19.08
C SER LA 28 24.02 -2.85 -18.62
N ILE LA 29 23.27 -3.44 -19.55
CA ILE LA 29 22.22 -4.37 -19.15
C ILE LA 29 22.82 -5.59 -18.47
N GLU LA 30 23.90 -6.14 -19.01
CA GLU LA 30 24.55 -7.28 -18.39
C GLU LA 30 25.07 -6.93 -17.00
N ARG LA 31 25.66 -5.74 -16.86
CA ARG LA 31 26.19 -5.31 -15.58
C ARG LA 31 25.09 -5.20 -14.54
N LEU LA 32 23.94 -4.62 -14.93
CA LEU LA 32 22.83 -4.52 -14.00
C LEU LA 32 22.27 -5.88 -13.62
N SER LA 33 22.14 -6.77 -14.60
CA SER LA 33 21.57 -8.09 -14.32
C SER LA 33 22.45 -8.88 -13.36
N SER LA 34 23.77 -8.85 -13.57
CA SER LA 34 24.66 -9.61 -12.71
C SER LA 34 24.85 -8.94 -11.35
N GLY LA 35 24.88 -7.62 -11.32
CA GLY LA 35 25.19 -6.90 -10.11
C GLY LA 35 26.66 -6.76 -9.81
N LEU LA 36 27.53 -7.11 -10.76
CA LEU LA 36 28.97 -7.11 -10.54
C LEU LA 36 29.64 -6.13 -11.48
N ARG LA 37 30.54 -5.30 -10.95
CA ARG LA 37 31.26 -4.35 -11.79
C ARG LA 37 32.21 -5.06 -12.73
N ILE LA 38 33.02 -5.98 -12.20
CA ILE LA 38 33.99 -6.73 -12.99
C ILE LA 38 33.32 -8.02 -13.40
N ASN LA 39 33.02 -8.15 -14.69
CA ASN LA 39 32.24 -9.28 -15.19
C ASN LA 39 32.90 -9.83 -16.45
N SER LA 40 33.22 -11.12 -16.43
CA SER LA 40 33.82 -11.84 -17.54
C SER LA 40 35.17 -11.29 -17.96
N ALA LA 41 35.75 -10.39 -17.18
CA ALA LA 41 37.11 -9.87 -17.39
C ALA LA 41 37.29 -9.24 -18.78
N LYS LA 42 36.22 -8.72 -19.37
CA LYS LA 42 36.34 -7.91 -20.58
C LYS LA 42 36.76 -6.49 -20.26
N ASP LA 43 37.20 -6.30 -19.02
CA ASP LA 43 37.58 -5.02 -18.46
C ASP LA 43 38.83 -5.28 -17.62
N ASP LA 44 39.17 -4.36 -16.73
CA ASP LA 44 40.41 -4.48 -15.97
C ASP LA 44 40.58 -5.84 -15.28
N ALA LA 45 41.60 -6.58 -15.72
CA ALA LA 45 41.84 -7.93 -15.21
C ALA LA 45 42.53 -7.92 -13.85
N ALA LA 46 43.22 -6.83 -13.51
CA ALA LA 46 43.79 -6.73 -12.18
C ALA LA 46 42.71 -6.77 -11.12
N GLY LA 47 41.59 -6.09 -11.37
CA GLY LA 47 40.48 -6.18 -10.43
C GLY LA 47 39.94 -7.59 -10.29
N GLN LA 48 39.84 -8.32 -11.40
CA GLN LA 48 39.38 -9.70 -11.34
C GLN LA 48 40.32 -10.56 -10.49
N ALA LA 49 41.62 -10.43 -10.73
CA ALA LA 49 42.58 -11.24 -9.99
C ALA LA 49 42.55 -10.90 -8.49
N ILE LA 50 42.49 -9.60 -8.17
CA ILE LA 50 42.47 -9.19 -6.77
C ILE LA 50 41.18 -9.66 -6.10
N ALA LA 51 40.06 -9.62 -6.82
CA ALA LA 51 38.81 -10.12 -6.27
C ALA LA 51 38.89 -11.61 -5.98
N ASN LA 52 39.52 -12.37 -6.88
CA ASN LA 52 39.69 -13.80 -6.62
C ASN LA 52 40.55 -14.03 -5.37
N ARG LA 53 41.64 -13.27 -5.24
CA ARG LA 53 42.48 -13.41 -4.05
C ARG LA 53 41.69 -13.09 -2.78
N PHE LA 54 40.87 -12.04 -2.83
CA PHE LA 54 40.08 -11.67 -1.66
C PHE LA 54 39.07 -12.75 -1.33
N THR LA 55 38.44 -13.34 -2.35
CA THR LA 55 37.50 -14.43 -2.10
C THR LA 55 38.18 -15.60 -1.42
N SER LA 56 39.36 -15.97 -1.90
CA SER LA 56 40.11 -17.06 -1.29
C SER LA 56 40.43 -16.74 0.17
N ASN LA 57 40.89 -15.52 0.44
CA ASN LA 57 41.22 -15.13 1.81
C ASN LA 57 40.00 -15.18 2.71
N ILE LA 58 38.85 -14.68 2.22
CA ILE LA 58 37.65 -14.64 3.05
C ILE LA 58 37.20 -16.06 3.41
N LYS LA 59 37.16 -16.95 2.41
CA LYS LA 59 36.72 -18.31 2.70
C LYS LA 59 37.68 -19.00 3.66
N GLY LA 60 38.99 -18.83 3.45
CA GLY LA 60 39.95 -19.42 4.36
C GLY LA 60 39.79 -18.94 5.78
N LEU LA 61 39.59 -17.62 5.95
CA LEU LA 61 39.46 -17.08 7.31
C LEU LA 61 38.18 -17.57 7.98
N THR LA 62 37.08 -17.67 7.23
CA THR LA 62 35.86 -18.20 7.82
C THR LA 62 36.05 -19.63 8.31
N GLN LA 63 36.66 -20.47 7.47
CA GLN LA 63 36.87 -21.85 7.88
C GLN LA 63 37.82 -21.93 9.08
N ALA LA 64 38.82 -21.05 9.11
CA ALA LA 64 39.74 -21.02 10.24
C ALA LA 64 39.02 -20.64 11.54
N ALA LA 65 38.08 -19.69 11.44
CA ALA LA 65 37.29 -19.34 12.62
C ALA LA 65 36.50 -20.54 13.13
N ARG LA 66 35.92 -21.31 12.21
CA ARG LA 66 35.21 -22.52 12.63
C ARG LA 66 36.14 -23.50 13.32
N ASN LA 67 37.35 -23.67 12.78
CA ASN LA 67 38.32 -24.57 13.40
C ASN LA 67 38.68 -24.11 14.81
N ALA LA 68 38.85 -22.80 15.00
CA ALA LA 68 39.16 -22.27 16.32
C ALA LA 68 38.02 -22.53 17.30
N ASN LA 69 36.78 -22.41 16.83
CA ASN LA 69 35.65 -22.76 17.68
C ASN LA 69 35.73 -24.24 18.12
N ASP LA 70 36.09 -25.12 17.19
CA ASP LA 70 36.26 -26.52 17.55
C ASP LA 70 37.33 -26.69 18.62
N GLY LA 71 38.44 -25.96 18.49
CA GLY LA 71 39.49 -26.03 19.50
C GLY LA 71 39.00 -25.59 20.87
N ILE LA 72 38.21 -24.53 20.91
CA ILE LA 72 37.62 -24.08 22.17
C ILE LA 72 36.77 -25.19 22.77
N SER LA 73 35.99 -25.89 21.93
CA SER LA 73 35.16 -26.99 22.43
C SER LA 73 36.02 -28.07 23.06
N VAL LA 74 37.13 -28.42 22.40
CA VAL LA 74 38.05 -29.43 22.94
C VAL LA 74 38.55 -29.02 24.32
N ALA LA 75 38.96 -27.75 24.44
CA ALA LA 75 39.46 -27.26 25.71
C ALA LA 75 38.40 -27.34 26.79
N GLN LA 76 37.15 -26.99 26.45
CA GLN LA 76 36.07 -27.06 27.43
C GLN LA 76 35.90 -28.47 27.96
N THR LA 77 35.85 -29.45 27.05
CA THR LA 77 35.62 -30.83 27.48
C THR LA 77 36.75 -31.31 28.39
N THR LA 78 38.00 -31.05 27.98
CA THR LA 78 39.12 -31.52 28.77
C THR LA 78 39.12 -30.88 30.15
N GLU LA 79 38.79 -29.58 30.22
CA GLU LA 79 38.80 -28.90 31.51
C GLU LA 79 37.70 -29.40 32.42
N GLY LA 80 36.54 -29.76 31.86
CA GLY LA 80 35.50 -30.35 32.69
C GLY LA 80 35.94 -31.66 33.32
N ALA LA 81 36.54 -32.54 32.51
CA ALA LA 81 37.06 -33.78 33.06
C ALA LA 81 38.09 -33.51 34.15
N LEU LA 82 38.96 -32.53 33.92
CA LEU LA 82 39.97 -32.18 34.91
C LEU LA 82 39.36 -31.70 36.22
N SER LA 83 38.29 -30.89 36.14
CA SER LA 83 37.65 -30.41 37.35
C SER LA 83 37.09 -31.57 38.16
N GLU LA 84 36.47 -32.54 37.49
CA GLU LA 84 35.99 -33.71 38.22
C GLU LA 84 37.14 -34.45 38.90
N ILE LA 85 38.26 -34.63 38.19
CA ILE LA 85 39.41 -35.31 38.77
C ILE LA 85 39.90 -34.55 40.01
N ASN LA 86 39.93 -33.23 39.93
CA ASN LA 86 40.39 -32.42 41.05
C ASN LA 86 39.49 -32.58 42.27
N ASN LA 87 38.18 -32.61 42.04
CA ASN LA 87 37.26 -32.83 43.16
C ASN LA 87 37.54 -34.18 43.83
N ASN LA 88 37.76 -35.22 43.01
CA ASN LA 88 38.07 -36.53 43.58
C ASN LA 88 39.35 -36.48 44.41
N LEU LA 89 40.38 -35.79 43.91
CA LEU LA 89 41.64 -35.69 44.65
C LEU LA 89 41.46 -34.96 45.97
N GLN LA 90 40.67 -33.89 45.98
CA GLN LA 90 40.42 -33.16 47.22
C GLN LA 90 39.76 -34.07 48.25
N ARG LA 91 38.75 -34.83 47.83
CA ARG LA 91 38.10 -35.75 48.76
C ARG LA 91 39.08 -36.80 49.27
N ILE LA 92 39.97 -37.28 48.40
CA ILE LA 92 40.96 -38.27 48.81
C ILE LA 92 41.87 -37.68 49.88
N ARG LA 93 42.29 -36.43 49.71
CA ARG LA 93 43.15 -35.81 50.72
C ARG LA 93 42.42 -35.66 52.05
N GLU LA 94 41.14 -35.29 52.02
CA GLU LA 94 40.40 -35.20 53.26
C GLU LA 94 40.35 -36.56 53.96
N LEU LA 95 40.11 -37.63 53.19
CA LEU LA 95 40.12 -38.97 53.78
C LEU LA 95 41.47 -39.30 54.38
N THR LA 96 42.56 -38.92 53.70
CA THR LA 96 43.89 -39.21 54.22
C THR LA 96 44.13 -38.49 55.54
N VAL LA 97 43.71 -37.22 55.63
CA VAL LA 97 43.85 -36.48 56.87
C VAL LA 97 43.07 -37.15 57.99
N GLN LA 98 41.89 -37.69 57.66
CA GLN LA 98 41.14 -38.42 58.67
C GLN LA 98 41.87 -39.70 59.09
N ALA LA 99 42.49 -40.39 58.14
CA ALA LA 99 43.06 -41.70 58.43
C ALA LA 99 44.36 -41.59 59.21
N THR LA 100 45.15 -40.54 59.00
CA THR LA 100 46.47 -40.47 59.62
C THR LA 100 46.42 -40.36 61.15
N THR LA 101 45.26 -40.07 61.73
CA THR LA 101 45.16 -40.00 63.19
C THR LA 101 45.35 -41.38 63.79
N GLY LA 102 46.08 -41.43 64.91
CA GLY LA 102 46.37 -42.69 65.56
C GLY LA 102 45.27 -43.26 66.42
N THR LA 103 44.15 -42.53 66.59
CA THR LA 103 43.03 -43.08 67.33
C THR LA 103 42.30 -44.15 66.54
N ASN LA 104 42.31 -44.05 65.21
CA ASN LA 104 41.62 -45.02 64.36
C ASN LA 104 42.21 -46.41 64.54
N SER LA 105 41.34 -47.41 64.45
CA SER LA 105 41.75 -48.80 64.59
C SER LA 105 41.96 -49.42 63.20
N ASP LA 106 42.30 -50.71 63.19
CA ASP LA 106 42.63 -51.39 61.94
C ASP LA 106 41.43 -51.45 61.00
N SER LA 107 40.26 -51.78 61.54
CA SER LA 107 39.07 -51.85 60.69
C SER LA 107 38.73 -50.48 60.10
N ASP LA 108 38.85 -49.42 60.91
CA ASP LA 108 38.58 -48.08 60.41
C ASP LA 108 39.56 -47.70 59.31
N LEU LA 109 40.84 -48.02 59.49
CA LEU LA 109 41.82 -47.75 58.46
C LEU LA 109 41.51 -48.52 57.19
N ASP LA 110 41.08 -49.78 57.33
CA ASP LA 110 40.74 -50.59 56.16
C ASP LA 110 39.57 -49.98 55.40
N SER LA 111 38.55 -49.53 56.12
CA SER LA 111 37.41 -48.89 55.45
C SER LA 111 37.83 -47.61 54.73
N ILE LA 112 38.65 -46.79 55.39
CA ILE LA 112 39.09 -45.54 54.78
C ILE LA 112 39.90 -45.83 53.52
N GLN LA 113 40.79 -46.82 53.58
CA GLN LA 113 41.58 -47.14 52.41
C GLN LA 113 40.73 -47.75 51.31
N ASP LA 114 39.64 -48.44 51.67
CA ASP LA 114 38.71 -48.92 50.65
C ASP LA 114 38.10 -47.74 49.90
N GLU LA 115 37.66 -46.72 50.64
CA GLU LA 115 37.11 -45.54 49.99
C GLU LA 115 38.15 -44.85 49.12
N ILE LA 116 39.40 -44.77 49.61
CA ILE LA 116 40.48 -44.16 48.85
C ILE LA 116 40.73 -44.92 47.56
N LYS LA 117 40.76 -46.25 47.63
CA LYS LA 117 40.98 -47.05 46.44
C LYS LA 117 39.84 -46.87 45.44
N SER LA 118 38.60 -46.79 45.94
CA SER LA 118 37.49 -46.56 45.03
C SER LA 118 37.63 -45.24 44.29
N ARG LA 119 38.02 -44.18 45.01
CA ARG LA 119 38.13 -42.89 44.34
C ARG LA 119 39.33 -42.84 43.39
N LEU LA 120 40.43 -43.53 43.73
CA LEU LA 120 41.53 -43.63 42.78
C LEU LA 120 41.10 -44.38 41.52
N ASP LA 121 40.31 -45.43 41.68
CA ASP LA 121 39.77 -46.12 40.52
C ASP LA 121 38.91 -45.21 39.69
N GLU LA 122 38.12 -44.35 40.33
CA GLU LA 122 37.31 -43.38 39.58
C GLU LA 122 38.19 -42.41 38.81
N ILE LA 123 39.28 -41.95 39.41
CA ILE LA 123 40.19 -41.04 38.71
C ILE LA 123 40.74 -41.72 37.46
N ASP LA 124 41.22 -42.95 37.62
CA ASP LA 124 41.76 -43.69 36.47
C ASP LA 124 40.70 -43.91 35.41
N ARG LA 125 39.48 -44.23 35.83
CA ARG LA 125 38.41 -44.51 34.89
C ARG LA 125 38.06 -43.27 34.07
N VAL LA 126 37.90 -42.12 34.75
CA VAL LA 126 37.57 -40.89 34.04
C VAL LA 126 38.70 -40.53 33.08
N SER LA 127 39.96 -40.67 33.52
CA SER LA 127 41.09 -40.35 32.67
C SER LA 127 41.09 -41.22 31.42
N GLY LA 128 40.88 -42.53 31.59
CA GLY LA 128 40.91 -43.42 30.45
C GLY LA 128 39.76 -43.21 29.48
N GLN LA 129 38.57 -42.89 30.01
CA GLN LA 129 37.37 -42.93 29.21
C GLN LA 129 36.92 -41.58 28.66
N THR LA 130 37.44 -40.47 29.18
CA THR LA 130 37.09 -39.17 28.62
C THR LA 130 37.53 -39.10 27.17
N GLN LA 131 36.62 -38.68 26.29
CA GLN LA 131 36.86 -38.75 24.86
C GLN LA 131 36.18 -37.59 24.16
N PHE LA 132 36.85 -37.08 23.13
CA PHE LA 132 36.30 -36.04 22.25
C PHE LA 132 36.53 -36.48 20.81
N ASN LA 133 35.44 -36.69 20.07
CA ASN LA 133 35.50 -37.02 18.64
C ASN LA 133 36.39 -38.23 18.39
N GLY LA 134 36.29 -39.23 19.25
CA GLY LA 134 37.06 -40.44 19.08
C GLY LA 134 38.51 -40.34 19.50
N VAL LA 135 38.90 -39.26 20.16
CA VAL LA 135 40.28 -39.06 20.61
C VAL LA 135 40.29 -39.01 22.13
N ASN LA 136 41.12 -39.83 22.75
CA ASN LA 136 41.28 -39.84 24.20
C ASN LA 136 42.20 -38.68 24.57
N VAL LA 137 41.62 -37.62 25.12
CA VAL LA 137 42.40 -36.41 25.36
C VAL LA 137 43.40 -36.61 26.49
N LEU LA 138 42.99 -37.28 27.56
CA LEU LA 138 43.81 -37.39 28.75
C LEU LA 138 44.65 -38.67 28.81
N ALA LA 139 44.54 -39.54 27.81
CA ALA LA 139 45.30 -40.78 27.80
C ALA LA 139 46.59 -40.69 26.99
N LYS LA 140 46.90 -39.53 26.43
CA LYS LA 140 48.09 -39.36 25.59
C LYS LA 140 48.82 -38.09 26.00
N ASP LA 141 50.13 -38.09 25.77
CA ASP LA 141 50.98 -36.94 26.07
C ASP LA 141 51.33 -36.14 24.83
N GLY LA 142 50.48 -36.16 23.83
CA GLY LA 142 50.77 -35.51 22.55
C GLY LA 142 50.31 -34.08 22.49
N SER LA 143 50.04 -33.64 21.26
CA SER LA 143 49.60 -32.27 21.02
C SER LA 143 48.73 -32.24 19.78
N MET LA 144 47.90 -31.22 19.70
CA MET LA 144 47.00 -31.00 18.58
C MET LA 144 47.34 -29.67 17.91
N LYS LA 145 47.21 -29.62 16.60
CA LYS LA 145 47.47 -28.42 15.83
C LYS LA 145 46.16 -27.92 15.25
N ILE LA 146 45.89 -26.63 15.41
CA ILE LA 146 44.67 -26.01 14.95
C ILE LA 146 45.02 -24.97 13.90
N GLN LA 147 44.43 -25.10 12.72
CA GLN LA 147 44.62 -24.14 11.63
C GLN LA 147 43.81 -22.89 11.92
N VAL LA 148 44.49 -21.76 12.07
CA VAL LA 148 43.84 -20.51 12.44
C VAL LA 148 43.97 -19.45 11.36
N GLY LA 149 44.91 -19.56 10.42
CA GLY LA 149 45.01 -18.66 9.30
C GLY LA 149 44.50 -19.29 8.02
N ALA LA 150 44.75 -18.58 6.91
CA ALA LA 150 44.35 -19.04 5.59
C ALA LA 150 45.50 -19.62 4.80
N ASN LA 151 46.73 -19.51 5.27
CA ASN LA 151 47.89 -20.07 4.61
C ASN LA 151 48.53 -21.14 5.51
N ASP LA 152 49.58 -21.78 5.00
CA ASP LA 152 50.25 -22.83 5.75
C ASP LA 152 51.14 -22.27 6.84
N GLY LA 153 51.18 -22.97 7.96
CA GLY LA 153 51.99 -22.57 9.09
C GLY LA 153 51.27 -21.76 10.15
N GLU LA 154 50.04 -21.31 9.85
CA GLU LA 154 49.24 -20.56 10.83
C GLU LA 154 48.52 -21.57 11.72
N THR LA 155 49.25 -22.08 12.71
CA THR LA 155 48.74 -23.12 13.58
C THR LA 155 48.95 -22.73 15.03
N ILE LA 156 48.04 -23.20 15.89
CA ILE LA 156 48.18 -23.09 17.33
C ILE LA 156 48.18 -24.49 17.91
N THR LA 157 49.12 -24.76 18.81
CA THR LA 157 49.29 -26.09 19.37
C THR LA 157 48.72 -26.16 20.78
N ILE LA 158 47.86 -27.15 21.01
CA ILE LA 158 47.35 -27.47 22.33
C ILE LA 158 48.10 -28.70 22.83
N ASP LA 159 48.76 -28.57 23.97
CA ASP LA 159 49.52 -29.68 24.53
C ASP LA 159 48.67 -30.44 25.53
N LEU LA 160 48.64 -31.77 25.39
CA LEU LA 160 47.91 -32.62 26.32
C LEU LA 160 48.90 -33.44 27.14
N LYS LA 161 48.47 -33.78 28.36
CA LYS LA 161 49.30 -34.56 29.27
C LYS LA 161 48.56 -35.81 29.68
N LYS LA 162 49.28 -36.91 29.79
CA LYS LA 162 48.70 -38.18 30.23
C LYS LA 162 48.49 -38.11 31.73
N ILE LA 163 47.26 -37.86 32.14
CA ILE LA 163 46.91 -37.72 33.55
C ILE LA 163 46.24 -39.00 34.00
N ASP LA 164 46.88 -39.70 34.94
CA ASP LA 164 46.32 -40.90 35.57
C ASP LA 164 47.08 -41.14 36.86
N SER LA 165 46.89 -42.32 37.45
CA SER LA 165 47.60 -42.64 38.68
C SER LA 165 49.12 -42.68 38.46
N ASP LA 166 49.55 -43.29 37.35
CA ASP LA 166 50.98 -43.52 37.15
C ASP LA 166 51.75 -42.20 37.09
N THR LA 167 51.20 -41.20 36.42
CA THR LA 167 51.88 -39.92 36.31
C THR LA 167 51.67 -39.01 37.51
N LEU LA 168 50.89 -39.44 38.50
CA LEU LA 168 50.72 -38.68 39.74
C LEU LA 168 51.22 -39.47 40.94
N GLY LA 169 51.88 -40.60 40.71
CA GLY LA 169 52.31 -41.42 41.83
C GLY LA 169 51.15 -42.22 42.37
N LEU LA 170 50.96 -42.17 43.68
CA LEU LA 170 49.75 -42.67 44.34
C LEU LA 170 49.48 -44.15 44.05
N ASN LA 171 50.43 -44.87 43.46
CA ASN LA 171 50.17 -46.25 43.05
C ASN LA 171 49.83 -47.13 44.23
N GLY LA 172 50.80 -47.37 45.11
CA GLY LA 172 50.53 -48.11 46.32
C GLY LA 172 50.23 -47.18 47.46
N PHE LA 173 49.13 -46.42 47.35
CA PHE LA 173 48.82 -45.40 48.34
C PHE LA 173 48.22 -46.14 49.53
N ASN LA 174 49.08 -46.84 50.26
CA ASN LA 174 48.77 -48.02 51.05
C ASN LA 174 48.34 -47.60 52.48
N VAL LA 175 47.70 -46.43 52.61
CA VAL LA 175 47.51 -45.76 53.89
C VAL LA 175 47.06 -46.71 55.00
N ASN LA 176 46.44 -47.84 54.66
CA ASN LA 176 46.07 -48.83 55.66
C ASN LA 176 47.21 -49.79 55.99
N GLY LA 177 48.46 -49.43 55.69
CA GLY LA 177 49.57 -50.35 55.87
C GLY LA 177 50.01 -50.51 57.30
N LYS LA 178 51.32 -50.61 57.52
CA LYS LA 178 51.86 -50.78 58.87
C LYS LA 178 52.87 -49.71 59.21
N GLY LA 179 53.49 -49.12 58.19
CA GLY LA 179 54.47 -48.08 58.46
C GLY LA 179 55.75 -48.65 59.08
N THR LA 180 56.50 -47.77 59.72
CA THR LA 180 57.76 -48.16 60.34
C THR LA 180 57.51 -49.13 61.48
N ILE LA 181 58.12 -50.30 61.42
CA ILE LA 181 57.94 -51.36 62.40
C ILE LA 181 59.31 -51.76 62.94
N THR LA 182 59.41 -51.87 64.26
CA THR LA 182 60.64 -52.32 64.90
C THR LA 182 60.77 -53.83 64.76
N ASN LA 183 61.92 -54.29 64.28
CA ASN LA 183 62.12 -55.70 64.04
C ASN LA 183 62.61 -56.40 65.32
N LYS LA 184 62.34 -57.70 65.38
CA LYS LA 184 62.68 -58.48 66.57
C LYS LA 184 64.18 -58.70 66.68
N ALA LA 185 64.64 -58.91 67.90
CA ALA LA 185 66.06 -59.15 68.15
C ALA LA 185 66.45 -60.54 67.68
N ALA LA 186 67.69 -60.65 67.19
CA ALA LA 186 68.20 -61.92 66.69
C ALA LA 186 68.46 -62.89 67.84
N THR LA 187 68.53 -64.17 67.49
CA THR LA 187 68.80 -65.22 68.47
C THR LA 187 69.77 -66.24 67.87
N VAL LA 188 70.16 -67.21 68.69
CA VAL LA 188 71.15 -68.18 68.25
C VAL LA 188 70.57 -69.14 67.21
N SER LA 189 69.28 -69.44 67.29
CA SER LA 189 68.69 -70.39 66.35
C SER LA 189 68.79 -69.89 64.92
N ASP LA 190 68.29 -68.68 64.66
CA ASP LA 190 68.41 -68.14 63.31
C ASP LA 190 69.82 -67.63 63.02
N LEU LA 191 70.63 -67.38 64.06
CA LEU LA 191 72.04 -67.11 63.82
C LEU LA 191 72.72 -68.29 63.14
N THR LA 192 72.47 -69.51 63.65
CA THR LA 192 73.01 -70.71 63.00
C THR LA 192 72.26 -71.02 61.70
N SER LA 193 70.97 -70.68 61.63
CA SER LA 193 70.23 -70.88 60.38
C SER LA 193 70.83 -70.07 59.24
N ALA LA 194 71.34 -68.87 59.55
CA ALA LA 194 72.01 -68.06 58.54
C ALA LA 194 73.31 -68.70 58.05
N GLY LA 195 73.84 -69.68 58.77
CA GLY LA 195 75.04 -70.37 58.35
C GLY LA 195 76.27 -70.13 59.20
N ALA LA 196 76.15 -69.45 60.33
CA ALA LA 196 77.30 -69.17 61.17
C ALA LA 196 77.76 -70.43 61.89
N LYS LA 197 79.08 -70.60 61.98
CA LYS LA 197 79.68 -71.72 62.68
C LYS LA 197 79.99 -71.34 64.12
N LEU LA 198 80.31 -72.35 64.93
CA LEU LA 198 80.61 -72.16 66.34
C LEU LA 198 82.11 -72.30 66.56
N ASN LA 199 82.71 -71.27 67.15
CA ASN LA 199 84.15 -71.26 67.42
C ASN LA 199 84.36 -71.84 68.82
N THR LA 200 84.84 -73.08 68.89
CA THR LA 200 84.98 -73.75 70.18
C THR LA 200 86.02 -73.10 71.07
N THR LA 201 87.06 -72.51 70.48
CA THR LA 201 88.13 -71.93 71.28
C THR LA 201 87.66 -70.71 72.06
N THR LA 202 86.66 -69.99 71.55
CA THR LA 202 86.13 -68.80 72.21
C THR LA 202 84.66 -68.88 72.57
N GLY LA 203 83.91 -69.81 71.98
CA GLY LA 203 82.49 -69.93 72.25
C GLY LA 203 81.61 -69.01 71.44
N LEU LA 204 82.18 -68.15 70.61
CA LEU LA 204 81.41 -67.21 69.81
C LEU LA 204 80.92 -67.88 68.52
N TYR LA 205 80.18 -67.11 67.73
CA TYR LA 205 79.67 -67.60 66.45
C TYR LA 205 80.25 -66.77 65.33
N ASP LA 206 80.90 -67.44 64.38
CA ASP LA 206 81.57 -66.78 63.27
C ASP LA 206 80.73 -66.91 62.01
N LEU LA 207 80.44 -65.77 61.39
CA LEU LA 207 79.74 -65.72 60.11
C LEU LA 207 80.68 -65.16 59.07
N LYS LA 208 80.89 -65.92 57.99
CA LYS LA 208 81.82 -65.57 56.93
C LYS LA 208 81.02 -65.24 55.67
N THR LA 209 81.26 -64.06 55.12
CA THR LA 209 80.51 -63.57 53.96
C THR LA 209 81.43 -63.60 52.74
N GLU LA 210 81.22 -64.59 51.88
CA GLU LA 210 82.00 -64.69 50.65
C GLU LA 210 81.55 -63.64 49.64
N ASN LA 211 82.46 -63.31 48.73
CA ASN LA 211 82.18 -62.39 47.63
C ASN LA 211 82.50 -63.08 46.31
N THR LA 212 81.63 -62.88 45.33
CA THR LA 212 81.88 -63.43 43.99
C THR LA 212 82.96 -62.61 43.29
N LEU LA 213 83.85 -63.31 42.61
CA LEU LA 213 84.95 -62.65 41.93
C LEU LA 213 84.42 -61.84 40.73
N LEU LA 214 85.08 -60.73 40.45
CA LEU LA 214 84.61 -59.82 39.41
C LEU LA 214 84.60 -60.50 38.06
N THR LA 215 83.59 -60.16 37.25
CA THR LA 215 83.39 -60.77 35.95
C THR LA 215 83.33 -59.69 34.87
N THR LA 216 83.55 -60.13 33.63
CA THR LA 216 83.62 -59.20 32.51
C THR LA 216 82.28 -58.52 32.27
N ASP LA 217 81.17 -59.25 32.44
CA ASP LA 217 79.86 -58.65 32.24
C ASP LA 217 79.60 -57.57 33.29
N ALA LA 218 79.94 -57.83 34.55
CA ALA LA 218 79.79 -56.82 35.59
C ALA LA 218 80.67 -55.61 35.31
N ALA LA 219 81.90 -55.85 34.85
CA ALA LA 219 82.78 -54.73 34.48
C ALA LA 219 82.17 -53.90 33.36
N PHE LA 220 81.58 -54.56 32.36
CA PHE LA 220 80.95 -53.83 31.26
C PHE LA 220 79.75 -53.04 31.76
N ASP LA 221 78.98 -53.60 32.69
CA ASP LA 221 77.88 -52.84 33.27
C ASP LA 221 78.40 -51.62 34.02
N LYS LA 222 79.53 -51.75 34.70
CA LYS LA 222 80.12 -50.63 35.43
C LYS LA 222 80.95 -49.71 34.54
N LEU LA 223 81.09 -50.03 33.27
CA LEU LA 223 81.91 -49.22 32.37
C LEU LA 223 81.32 -47.81 32.21
N GLY LA 224 82.21 -46.85 32.05
CA GLY LA 224 81.82 -45.46 31.86
C GLY LA 224 82.50 -44.86 30.65
N ASN LA 225 82.20 -43.58 30.43
CA ASN LA 225 82.77 -42.86 29.29
C ASN LA 225 84.27 -42.70 29.45
N GLY LA 226 84.99 -42.86 28.34
CA GLY LA 226 86.43 -42.74 28.34
C GLY LA 226 87.19 -43.95 28.84
N ASP LA 227 86.50 -45.03 29.17
CA ASP LA 227 87.16 -46.22 29.67
C ASP LA 227 87.91 -46.94 28.55
N LYS LA 228 88.96 -47.67 28.92
CA LYS LA 228 89.81 -48.37 27.98
C LYS LA 228 89.80 -49.86 28.26
N VAL LA 229 89.53 -50.66 27.23
CA VAL LA 229 89.58 -52.11 27.33
C VAL LA 229 90.57 -52.62 26.30
N THR LA 230 91.60 -53.31 26.76
CA THR LA 230 92.63 -53.85 25.88
C THR LA 230 92.59 -55.37 25.98
N VAL LA 231 92.13 -56.01 24.91
CA VAL LA 231 92.04 -57.47 24.84
C VAL LA 231 92.74 -57.94 23.57
N GLY LA 232 93.61 -58.93 23.71
CA GLY LA 232 94.36 -59.44 22.58
C GLY LA 232 95.24 -58.41 21.91
N GLY LA 233 95.75 -57.45 22.68
CA GLY LA 233 96.59 -56.41 22.13
C GLY LA 233 95.86 -55.34 21.36
N VAL LA 234 94.53 -55.32 21.40
CA VAL LA 234 93.72 -54.35 20.70
C VAL LA 234 93.03 -53.47 21.73
N ASP LA 235 93.15 -52.15 21.57
CA ASP LA 235 92.61 -51.19 22.51
C ASP LA 235 91.29 -50.64 21.99
N TYR LA 236 90.30 -50.58 22.87
CA TYR LA 236 88.97 -50.06 22.55
C TYR LA 236 88.61 -49.01 23.59
N THR LA 237 88.06 -47.89 23.13
CA THR LA 237 87.67 -46.78 24.00
C THR LA 237 86.14 -46.72 24.05
N TYR LA 238 85.59 -46.79 25.25
CA TYR LA 238 84.14 -46.78 25.41
C TYR LA 238 83.58 -45.39 25.15
N ASN LA 239 82.35 -45.35 24.65
CA ASN LA 239 81.67 -44.11 24.33
C ASN LA 239 80.37 -44.03 25.12
N ALA LA 240 80.08 -42.82 25.64
CA ALA LA 240 78.87 -42.62 26.42
C ALA LA 240 77.63 -42.49 25.54
N LYS LA 241 77.81 -42.16 24.26
CA LYS LA 241 76.66 -41.97 23.37
C LYS LA 241 75.86 -43.25 23.21
N SER LA 242 76.55 -44.37 23.06
CA SER LA 242 75.89 -45.66 22.88
C SER LA 242 76.82 -46.76 23.35
N GLY LA 243 76.25 -47.95 23.52
CA GLY LA 243 77.03 -49.09 23.99
C GLY LA 243 77.94 -49.67 22.92
N ASP LA 244 78.97 -48.91 22.55
CA ASP LA 244 79.90 -49.35 21.52
C ASP LA 244 81.29 -48.84 21.84
N PHE LA 245 82.27 -49.45 21.19
CA PHE LA 245 83.68 -49.12 21.36
C PHE LA 245 84.21 -48.47 20.09
N THR LA 246 85.05 -47.46 20.27
CA THR LA 246 85.76 -46.82 19.16
C THR LA 246 87.23 -47.22 19.26
N THR LA 247 87.76 -47.77 18.17
CA THR LA 247 89.14 -48.25 18.13
C THR LA 247 89.84 -47.70 16.91
N THR LA 248 91.17 -47.72 16.93
CA THR LA 248 91.99 -47.25 15.83
C THR LA 248 92.54 -48.45 15.08
N LYS LA 249 92.20 -48.56 13.79
CA LYS LA 249 92.71 -49.62 12.94
C LYS LA 249 93.73 -49.02 11.98
N SER LA 250 94.96 -49.55 12.03
CA SER LA 250 96.05 -48.99 11.26
C SER LA 250 96.82 -50.12 10.59
N THR LA 251 97.58 -49.76 9.57
CA THR LA 251 98.43 -50.71 8.86
C THR LA 251 99.49 -51.31 9.79
N ALA LA 258 111.78 -52.13 4.37
CA ALA LA 258 110.98 -51.80 3.20
C ALA LA 258 110.72 -53.04 2.34
N ALA LA 259 111.78 -53.82 2.12
CA ALA LA 259 111.67 -55.04 1.32
C ALA LA 259 111.18 -56.23 2.13
N ALA LA 260 110.95 -56.06 3.44
CA ALA LA 260 110.46 -57.13 4.28
C ALA LA 260 108.95 -57.29 4.08
N GLN LA 261 108.32 -58.08 4.96
CA GLN LA 261 106.89 -58.32 4.87
C GLN LA 261 106.05 -57.10 5.22
N ALA LA 262 106.66 -56.04 5.75
CA ALA LA 262 105.89 -54.87 6.16
C ALA LA 262 105.18 -54.22 4.98
N ALA LA 263 105.89 -54.02 3.87
CA ALA LA 263 105.28 -53.40 2.70
C ALA LA 263 104.20 -54.30 2.09
N ASP LA 264 104.45 -55.60 2.07
CA ASP LA 264 103.44 -56.53 1.56
C ASP LA 264 102.19 -56.50 2.42
N SER LA 265 102.36 -56.45 3.75
CA SER LA 265 101.21 -56.35 4.64
C SER LA 265 100.46 -55.04 4.42
N ALA LA 266 101.19 -53.94 4.23
CA ALA LA 266 100.55 -52.66 3.96
C ALA LA 266 99.71 -52.73 2.68
N SER LA 267 100.29 -53.30 1.62
CA SER LA 267 99.58 -53.38 0.35
C SER LA 267 98.35 -54.27 0.47
N LYS LA 268 98.47 -55.43 1.13
CA LYS LA 268 97.32 -56.32 1.23
C LYS LA 268 96.23 -55.72 2.11
N ARG LA 269 96.62 -55.00 3.17
CA ARG LA 269 95.64 -54.34 4.01
C ARG LA 269 94.90 -53.25 3.26
N ASP LA 270 95.63 -52.45 2.48
CA ASP LA 270 94.98 -51.43 1.65
C ASP LA 270 94.04 -52.07 0.65
N ALA LA 271 94.47 -53.17 0.03
CA ALA LA 271 93.64 -53.87 -0.95
C ALA LA 271 92.36 -54.41 -0.31
N LEU LA 272 92.48 -55.03 0.86
CA LEU LA 272 91.30 -55.57 1.52
C LEU LA 272 90.34 -54.46 1.95
N ALA LA 273 90.89 -53.34 2.44
CA ALA LA 273 90.02 -52.20 2.78
C ALA LA 273 89.31 -51.67 1.55
N ALA LA 274 90.02 -51.59 0.42
CA ALA LA 274 89.40 -51.14 -0.82
C ALA LA 274 88.28 -52.09 -1.25
N THR LA 275 88.53 -53.40 -1.16
CA THR LA 275 87.48 -54.36 -1.52
C THR LA 275 86.28 -54.23 -0.59
N LEU LA 276 86.52 -54.01 0.70
CA LEU LA 276 85.42 -53.84 1.64
C LEU LA 276 84.60 -52.60 1.32
N HIS LA 277 85.26 -51.51 0.93
CA HIS LA 277 84.53 -50.29 0.57
C HIS LA 277 83.98 -50.31 -0.85
N ALA LA 278 84.35 -51.31 -1.66
CA ALA LA 278 83.84 -51.37 -3.01
C ALA LA 278 82.32 -51.47 -3.04
N ASP LA 279 81.74 -52.29 -2.16
CA ASP LA 279 80.29 -52.45 -2.09
C ASP LA 279 79.71 -51.27 -1.32
N VAL LA 280 79.00 -50.39 -2.01
CA VAL LA 280 78.38 -49.23 -1.41
C VAL LA 280 76.88 -49.15 -1.70
N GLY LA 281 76.29 -50.23 -2.20
CA GLY LA 281 74.90 -50.19 -2.60
C GLY LA 281 74.73 -49.30 -3.81
N LYS LA 282 74.14 -48.13 -3.61
CA LYS LA 282 74.03 -47.13 -4.66
C LYS LA 282 75.19 -46.14 -4.53
N SER LA 283 75.12 -45.04 -5.29
CA SER LA 283 76.19 -44.07 -5.28
C SER LA 283 76.34 -43.43 -3.90
N VAL LA 284 77.60 -43.20 -3.50
CA VAL LA 284 77.90 -42.60 -2.22
C VAL LA 284 78.88 -41.45 -2.43
N ASN LA 285 78.98 -40.57 -1.43
CA ASN LA 285 79.84 -39.41 -1.53
C ASN LA 285 81.14 -39.62 -0.77
N GLY LA 286 82.19 -38.95 -1.22
CA GLY LA 286 83.46 -38.95 -0.52
C GLY LA 286 84.24 -37.70 -0.84
N SER LA 287 85.19 -37.38 0.03
CA SER LA 287 86.04 -36.20 -0.14
C SER LA 287 87.50 -36.60 0.04
N TYR LA 288 88.29 -36.44 -1.00
CA TYR LA 288 89.73 -36.72 -0.95
C TYR LA 288 90.47 -35.39 -1.00
N THR LA 289 91.31 -35.14 0.00
CA THR LA 289 92.00 -33.87 0.10
C THR LA 289 93.48 -34.11 0.36
N THR LA 290 94.32 -33.37 -0.37
CA THR LA 290 95.75 -33.36 -0.12
C THR LA 290 96.08 -32.24 0.84
N LYS LA 291 97.36 -31.92 0.97
CA LYS LA 291 97.79 -30.89 1.93
C LYS LA 291 97.26 -29.52 1.57
N ASP LA 292 96.87 -29.29 0.31
CA ASP LA 292 96.41 -27.98 -0.11
C ASP LA 292 95.17 -27.99 -1.01
N GLY LA 293 94.66 -29.16 -1.39
CA GLY LA 293 93.52 -29.22 -2.30
C GLY LA 293 92.45 -30.15 -1.78
N THR LA 294 91.25 -29.98 -2.33
CA THR LA 294 90.08 -30.78 -1.96
C THR LA 294 89.34 -31.20 -3.22
N VAL LA 295 88.88 -32.46 -3.25
CA VAL LA 295 88.07 -32.97 -4.34
C VAL LA 295 86.89 -33.73 -3.75
N SER LA 296 85.70 -33.51 -4.28
CA SER LA 296 84.50 -34.25 -3.90
C SER LA 296 84.17 -35.23 -5.02
N PHE LA 297 84.12 -36.51 -4.70
CA PHE LA 297 83.93 -37.55 -5.70
C PHE LA 297 82.79 -38.48 -5.29
N GLU LA 298 82.03 -38.93 -6.29
CA GLU LA 298 80.90 -39.82 -6.08
C GLU LA 298 81.33 -41.24 -6.40
N THR LA 299 81.55 -42.04 -5.37
CA THR LA 299 81.89 -43.44 -5.56
C THR LA 299 80.66 -44.22 -6.01
N ASP LA 300 80.87 -45.14 -6.95
CA ASP LA 300 79.82 -45.95 -7.52
C ASP LA 300 79.87 -47.36 -6.97
N SER LA 301 78.85 -48.15 -7.32
CA SER LA 301 78.81 -49.54 -6.91
C SER LA 301 79.97 -50.32 -7.54
N ALA LA 302 80.46 -51.30 -6.79
CA ALA LA 302 81.59 -52.17 -7.16
C ALA LA 302 82.91 -51.42 -7.28
N GLY LA 303 82.93 -50.14 -6.93
CA GLY LA 303 84.18 -49.39 -6.92
C GLY LA 303 84.45 -48.58 -8.18
N ASN LA 304 84.26 -47.26 -8.08
CA ASN LA 304 84.55 -46.37 -9.20
C ASN LA 304 84.70 -44.95 -8.67
N ILE LA 305 85.30 -44.10 -9.48
CA ILE LA 305 85.51 -42.70 -9.14
C ILE LA 305 84.77 -41.85 -10.17
N THR LA 306 83.94 -40.92 -9.69
CA THR LA 306 83.16 -40.07 -10.58
C THR LA 306 83.06 -38.67 -9.99
N ILE LA 307 83.43 -37.68 -10.79
CA ILE LA 307 83.31 -36.27 -10.41
C ILE LA 307 82.52 -35.55 -11.50
N GLY LA 308 81.51 -34.79 -11.08
CA GLY LA 308 80.72 -34.02 -12.02
C GLY LA 308 80.00 -34.85 -13.07
N GLY LA 309 79.55 -36.05 -12.69
CA GLY LA 309 78.83 -36.90 -13.61
C GLY LA 309 79.68 -37.58 -14.65
N SER LA 310 81.00 -37.49 -14.56
CA SER LA 310 81.90 -38.07 -15.54
C SER LA 310 82.93 -38.95 -14.84
N GLN LA 311 83.45 -39.93 -15.59
CA GLN LA 311 84.47 -40.82 -15.04
C GLN LA 311 85.71 -40.03 -14.67
N ALA LA 312 86.25 -40.31 -13.48
CA ALA LA 312 87.42 -39.61 -12.97
C ALA LA 312 88.61 -40.56 -12.90
N TYR LA 313 89.80 -40.01 -13.08
CA TYR LA 313 91.03 -40.78 -13.08
C TYR LA 313 91.95 -40.27 -11.98
N VAL LA 314 92.83 -41.16 -11.50
CA VAL LA 314 93.78 -40.83 -10.45
C VAL LA 314 95.16 -40.68 -11.05
N ASP LA 315 95.86 -39.61 -10.67
CA ASP LA 315 97.21 -39.37 -11.15
C ASP LA 315 98.18 -40.39 -10.53
N ASP LA 316 99.29 -40.61 -11.22
CA ASP LA 316 100.30 -41.55 -10.70
C ASP LA 316 100.89 -41.05 -9.39
N ALA LA 317 101.11 -39.74 -9.27
CA ALA LA 317 101.65 -39.17 -8.04
C ALA LA 317 100.61 -39.12 -6.93
N GLY LA 318 99.33 -39.28 -7.25
CA GLY LA 318 98.27 -39.33 -6.25
C GLY LA 318 97.15 -38.32 -6.45
N ASN LA 319 97.26 -37.42 -7.41
CA ASN LA 319 96.19 -36.43 -7.63
C ASN LA 319 94.98 -37.08 -8.30
N LEU LA 320 93.84 -36.42 -8.17
CA LEU LA 320 92.58 -36.87 -8.73
C LEU LA 320 92.14 -35.92 -9.83
N THR LA 321 91.71 -36.47 -10.96
CA THR LA 321 91.35 -35.67 -12.12
C THR LA 321 90.19 -36.33 -12.86
N THR LA 322 89.53 -35.53 -13.69
CA THR LA 322 88.50 -36.03 -14.58
C THR LA 322 88.99 -36.31 -15.99
N ASN LA 323 90.23 -35.94 -16.31
CA ASN LA 323 90.80 -36.14 -17.64
C ASN LA 323 92.14 -36.86 -17.52
N ASN LA 324 92.37 -37.82 -18.40
CA ASN LA 324 93.60 -38.61 -18.36
C ASN LA 324 94.71 -37.93 -19.14
N ALA LA 325 95.92 -37.98 -18.58
CA ALA LA 325 97.10 -37.43 -19.23
C ALA LA 325 98.22 -38.46 -19.15
N GLY LA 326 98.93 -38.65 -20.26
CA GLY LA 326 100.01 -39.63 -20.28
C GLY LA 326 99.56 -41.06 -20.29
N SER LA 327 98.31 -41.33 -20.70
CA SER LA 327 97.77 -42.69 -20.77
C SER LA 327 97.86 -43.42 -19.44
N ALA LA 328 97.61 -42.69 -18.36
CA ALA LA 328 97.61 -43.24 -17.00
C ALA LA 328 96.30 -42.82 -16.34
N ALA LA 329 95.24 -43.59 -16.58
CA ALA LA 329 93.92 -43.28 -16.05
C ALA LA 329 93.61 -44.10 -14.80
N LYS LA 330 93.63 -45.43 -14.93
CA LYS LA 330 93.40 -46.38 -13.84
C LYS LA 330 92.27 -45.91 -12.91
N ALA LA 331 91.10 -45.72 -13.52
CA ALA LA 331 89.94 -45.17 -12.83
C ALA LA 331 89.34 -46.22 -11.90
N ASP LA 332 89.97 -46.37 -10.74
CA ASP LA 332 89.47 -47.28 -9.71
C ASP LA 332 89.87 -46.76 -8.35
N MET LA 333 88.99 -46.98 -7.36
CA MET LA 333 89.28 -46.51 -6.02
C MET LA 333 90.37 -47.33 -5.34
N LYS LA 334 90.50 -48.61 -5.69
CA LYS LA 334 91.65 -49.38 -5.22
C LYS LA 334 92.95 -48.78 -5.75
N ALA LA 335 92.97 -48.41 -7.03
CA ALA LA 335 94.16 -47.75 -7.58
C ALA LA 335 94.40 -46.41 -6.92
N LEU LA 336 93.33 -45.67 -6.61
CA LEU LA 336 93.48 -44.40 -5.90
C LEU LA 336 94.12 -44.61 -4.54
N LEU LA 337 93.66 -45.61 -3.80
CA LEU LA 337 94.22 -45.89 -2.48
C LEU LA 337 95.69 -46.31 -2.59
N LYS LA 338 96.00 -47.16 -3.57
CA LYS LA 338 97.38 -47.59 -3.75
C LYS LA 338 98.28 -46.42 -4.12
N ALA LA 339 97.82 -45.54 -5.00
CA ALA LA 339 98.61 -44.38 -5.39
C ALA LA 339 98.80 -43.43 -4.22
N ALA LA 340 97.77 -43.24 -3.40
CA ALA LA 340 97.91 -42.40 -2.21
C ALA LA 340 98.91 -43.00 -1.24
N SER LA 341 98.85 -44.31 -1.03
CA SER LA 341 99.77 -44.96 -0.10
C SER LA 341 101.21 -44.87 -0.60
N GLU LA 342 101.42 -45.08 -1.90
CA GLU LA 342 102.77 -45.07 -2.46
C GLU LA 342 103.24 -43.68 -2.84
N GLY LA 343 102.40 -42.65 -2.67
CA GLY LA 343 102.77 -41.32 -3.08
C GLY LA 343 103.85 -40.71 -2.21
N SER LA 344 104.52 -39.71 -2.77
CA SER LA 344 105.57 -39.00 -2.04
C SER LA 344 104.99 -38.21 -0.87
N ASP LA 345 103.75 -37.75 -0.99
CA ASP LA 345 103.11 -36.95 0.04
C ASP LA 345 101.80 -37.61 0.46
N GLY LA 346 101.53 -37.58 1.77
CA GLY LA 346 100.30 -38.15 2.28
C GLY LA 346 99.10 -37.24 2.08
N ALA LA 347 97.92 -37.83 2.25
CA ALA LA 347 96.67 -37.12 2.07
C ALA LA 347 95.62 -37.70 3.02
N SER LA 348 94.47 -37.04 3.09
CA SER LA 348 93.37 -37.44 3.95
C SER LA 348 92.12 -37.72 3.10
N LEU LA 349 91.49 -38.87 3.33
CA LEU LA 349 90.33 -39.27 2.56
C LEU LA 349 89.18 -39.57 3.51
N THR LA 350 88.04 -38.92 3.29
CA THR LA 350 86.85 -39.05 4.12
C THR LA 350 85.75 -39.72 3.32
N PHE LA 351 85.21 -40.80 3.87
CA PHE LA 351 84.07 -41.50 3.27
C PHE LA 351 82.77 -40.88 3.80
N ASN LA 352 81.65 -41.57 3.59
CA ASN LA 352 80.36 -41.06 4.04
C ASN LA 352 80.35 -40.83 5.55
N GLY LA 353 80.74 -41.85 6.31
CA GLY LA 353 80.71 -41.75 7.76
C GLY LA 353 82.06 -41.55 8.41
N THR LA 354 83.06 -42.30 7.96
CA THR LA 354 84.36 -42.33 8.61
C THR LA 354 85.39 -41.53 7.82
N GLU LA 355 86.53 -41.29 8.46
CA GLU LA 355 87.65 -40.57 7.86
C GLU LA 355 88.88 -41.47 7.87
N TYR LA 356 89.61 -41.48 6.76
CA TYR LA 356 90.80 -42.31 6.61
C TYR LA 356 92.01 -41.41 6.38
N THR LA 357 93.10 -41.70 7.08
CA THR LA 357 94.33 -40.94 6.95
C THR LA 357 95.41 -41.83 6.33
N ILE LA 358 96.09 -41.30 5.34
CA ILE LA 358 97.11 -42.04 4.58
C ILE LA 358 98.48 -41.56 5.03
N ALA LA 359 99.28 -42.47 5.56
CA ALA LA 359 100.63 -42.14 6.00
C ALA LA 359 101.54 -41.92 4.80
N LYS LA 360 102.46 -40.97 4.93
CA LYS LA 360 103.40 -40.65 3.87
C LYS LA 360 104.39 -41.79 3.65
N GLY LA 376 100.93 -46.54 4.68
CA GLY LA 376 99.92 -47.20 5.49
C GLY LA 376 98.63 -46.42 5.58
N ILE LA 377 97.57 -47.07 6.08
CA ILE LA 377 96.26 -46.46 6.23
C ILE LA 377 95.86 -46.56 7.69
N THR LA 378 95.21 -45.50 8.20
CA THR LA 378 94.66 -45.53 9.55
C THR LA 378 93.25 -44.96 9.53
N TYR LA 379 92.40 -45.50 10.41
CA TYR LA 379 91.01 -45.05 10.48
C TYR LA 379 90.41 -45.42 11.83
N GLN LA 380 89.50 -44.58 12.29
CA GLN LA 380 88.85 -44.80 13.59
C GLN LA 380 87.59 -45.64 13.36
N ALA LA 381 87.75 -46.95 13.47
CA ALA LA 381 86.63 -47.86 13.32
C ALA LA 381 85.81 -47.93 14.60
N THR LA 382 84.56 -48.38 14.46
CA THR LA 382 83.67 -48.58 15.60
C THR LA 382 83.18 -50.02 15.60
N VAL LA 383 83.30 -50.68 16.75
CA VAL LA 383 82.84 -52.04 16.92
C VAL LA 383 82.02 -52.12 18.20
N SER LA 384 80.90 -52.84 18.15
CA SER LA 384 80.01 -52.92 19.30
C SER LA 384 80.68 -53.63 20.46
N LYS LA 385 80.31 -53.21 21.68
CA LYS LA 385 80.91 -53.77 22.88
C LYS LA 385 80.54 -55.23 23.09
N ASP LA 386 79.46 -55.71 22.47
CA ASP LA 386 79.09 -57.11 22.61
C ASP LA 386 80.15 -58.03 22.04
N VAL LA 387 80.73 -57.67 20.88
CA VAL LA 387 81.80 -58.48 20.30
C VAL LA 387 83.00 -58.53 21.25
N VAL LA 388 83.37 -57.39 21.82
CA VAL LA 388 84.54 -57.33 22.69
C VAL LA 388 84.31 -58.18 23.93
N LEU LA 389 83.14 -58.04 24.56
CA LEU LA 389 82.88 -58.82 25.77
C LEU LA 389 82.80 -60.30 25.45
N SER LA 390 82.20 -60.67 24.32
CA SER LA 390 82.11 -62.08 23.96
C SER LA 390 83.49 -62.67 23.71
N GLU LA 391 84.36 -61.95 22.99
CA GLU LA 391 85.68 -62.48 22.72
C GLU LA 391 86.54 -62.53 23.98
N THR LA 392 86.32 -61.60 24.91
CA THR LA 392 87.04 -61.66 26.19
C THR LA 392 86.55 -62.85 27.02
N LYS LA 393 85.24 -63.09 27.04
CA LYS LA 393 84.69 -64.13 27.91
C LYS LA 393 84.98 -65.52 27.37
N ALA LA 394 84.83 -65.71 26.05
CA ALA LA 394 84.93 -67.07 25.49
C ALA LA 394 86.37 -67.57 25.49
N ALA LA 395 87.30 -66.73 25.08
CA ALA LA 395 88.69 -67.14 24.91
C ALA LA 395 89.48 -66.96 26.20
N ALA LA 396 90.53 -67.77 26.34
CA ALA LA 396 91.42 -67.69 27.50
C ALA LA 396 92.52 -66.65 27.25
N ALA LA 397 92.08 -65.40 27.08
CA ALA LA 397 92.98 -64.31 26.81
C ALA LA 397 93.34 -63.58 28.10
N THR LA 398 94.10 -62.50 27.97
CA THR LA 398 94.53 -61.67 29.09
C THR LA 398 94.10 -60.24 28.80
N SER LA 399 92.92 -59.86 29.27
CA SER LA 399 92.37 -58.55 29.01
C SER LA 399 92.72 -57.57 30.13
N SER LA 400 92.63 -56.29 29.83
CA SER LA 400 92.86 -55.24 30.81
C SER LA 400 91.73 -54.22 30.71
N ILE LA 401 91.17 -53.85 31.86
CA ILE LA 401 90.06 -52.89 31.92
C ILE LA 401 90.49 -51.72 32.79
N THR LA 402 90.29 -50.50 32.29
CA THR LA 402 90.66 -49.30 33.01
C THR LA 402 89.41 -48.49 33.32
N PHE LA 403 89.20 -48.19 34.60
CA PHE LA 403 88.13 -47.33 35.06
C PHE LA 403 88.70 -45.95 35.33
N ASN LA 404 88.11 -44.93 34.70
CA ASN LA 404 88.52 -43.55 34.85
C ASN LA 404 87.32 -42.71 35.24
N SER LA 405 87.46 -41.97 36.34
CA SER LA 405 86.46 -41.00 36.77
C SER LA 405 86.78 -39.59 36.27
N GLY LA 406 87.76 -39.46 35.39
CA GLY LA 406 88.26 -38.19 34.95
C GLY LA 406 89.51 -37.75 35.68
N VAL LA 407 89.67 -38.18 36.94
CA VAL LA 407 90.87 -37.92 37.73
C VAL LA 407 91.47 -39.21 38.26
N LEU LA 408 90.65 -40.07 38.83
CA LEU LA 408 91.11 -41.30 39.48
C LEU LA 408 91.02 -42.45 38.49
N SER LA 409 92.10 -43.21 38.37
CA SER LA 409 92.20 -44.28 37.39
C SER LA 409 92.63 -45.58 38.06
N LYS LA 410 92.02 -46.68 37.65
CA LYS LA 410 92.40 -48.01 38.11
C LYS LA 410 92.41 -48.98 36.96
N THR LA 411 93.48 -49.77 36.86
CA THR LA 411 93.62 -50.79 35.82
C THR LA 411 93.56 -52.17 36.45
N ILE LA 412 92.70 -53.04 35.91
CA ILE LA 412 92.49 -54.38 36.44
C ILE LA 412 92.72 -55.38 35.32
N GLY LA 413 93.55 -56.40 35.61
CA GLY LA 413 93.74 -57.49 34.67
C GLY LA 413 92.68 -58.55 34.83
N PHE LA 414 92.34 -59.20 33.71
CA PHE LA 414 91.27 -60.18 33.67
C PHE LA 414 91.71 -61.39 32.86
N THR LA 415 91.44 -62.58 33.40
CA THR LA 415 91.56 -63.83 32.67
C THR LA 415 90.23 -64.12 31.97
N ALA LA 416 90.02 -65.35 31.53
CA ALA LA 416 88.81 -65.71 30.78
C ALA LA 416 87.62 -65.71 31.73
N GLY LA 417 87.08 -64.52 31.97
CA GLY LA 417 85.89 -64.34 32.78
C GLY LA 417 86.14 -63.91 34.21
N GLU LA 418 87.38 -64.00 34.69
CA GLU LA 418 87.73 -63.64 36.06
C GLU LA 418 88.94 -62.73 36.05
N SER LA 419 89.42 -62.37 37.23
CA SER LA 419 90.59 -61.52 37.39
C SER LA 419 91.74 -62.37 37.93
N SER LA 420 92.86 -62.37 37.22
CA SER LA 420 94.04 -63.13 37.60
C SER LA 420 95.24 -62.26 37.88
N ASP LA 421 95.05 -60.97 38.11
CA ASP LA 421 96.14 -60.02 38.27
C ASP LA 421 96.63 -59.91 39.71
N ALA LA 422 96.41 -60.96 40.52
CA ALA LA 422 96.79 -60.97 41.94
C ALA LA 422 96.10 -59.84 42.70
N ALA LA 423 94.94 -59.41 42.21
CA ALA LA 423 94.13 -58.38 42.83
C ALA LA 423 92.82 -58.98 43.31
N LYS LA 424 92.25 -58.38 44.35
CA LYS LA 424 91.07 -58.95 44.98
C LYS LA 424 89.84 -58.81 44.08
N SER LA 425 89.42 -57.58 43.80
CA SER LA 425 88.42 -57.27 42.78
C SER LA 425 87.11 -58.03 43.02
N TYR LA 426 86.46 -57.68 44.12
CA TYR LA 426 85.18 -58.26 44.47
C TYR LA 426 84.11 -57.18 44.48
N VAL LA 427 82.91 -57.56 44.04
CA VAL LA 427 81.83 -56.60 43.79
C VAL LA 427 80.53 -57.08 44.41
N ASP LA 428 80.53 -58.32 44.92
CA ASP LA 428 79.28 -59.00 45.25
C ASP LA 428 78.49 -58.30 46.36
N ASP LA 429 79.13 -57.45 47.18
CA ASP LA 429 78.47 -56.91 48.35
C ASP LA 429 77.24 -56.08 48.01
N LYS LA 430 77.43 -54.94 47.36
CA LYS LA 430 76.32 -54.09 46.97
C LYS LA 430 76.52 -53.42 45.61
N GLY LA 431 77.58 -53.77 44.89
CA GLY LA 431 77.96 -53.05 43.70
C GLY LA 431 79.20 -52.21 43.94
N GLY LA 432 80.01 -52.08 42.90
CA GLY LA 432 81.29 -51.42 43.01
C GLY LA 432 82.38 -52.36 43.49
N ILE LA 433 83.61 -52.06 43.11
CA ILE LA 433 84.75 -52.93 43.36
C ILE LA 433 85.37 -52.54 44.69
N THR LA 434 85.16 -53.36 45.70
CA THR LA 434 85.63 -53.08 47.06
C THR LA 434 86.86 -53.87 47.43
N ASN LA 435 87.37 -54.71 46.53
CA ASN LA 435 88.66 -55.42 46.65
C ASN LA 435 88.93 -55.95 48.06
N VAL LA 436 87.89 -56.50 48.70
CA VAL LA 436 88.05 -57.20 49.97
C VAL LA 436 87.74 -58.68 49.74
N ALA LA 437 88.66 -59.54 50.21
CA ALA LA 437 88.48 -60.98 50.03
C ALA LA 437 87.25 -61.47 50.78
N ASP LA 438 87.26 -61.34 52.11
CA ASP LA 438 86.18 -61.83 52.93
C ASP LA 438 86.31 -61.23 54.32
N TYR LA 439 85.18 -60.97 54.96
CA TYR LA 439 85.14 -60.49 56.34
C TYR LA 439 84.31 -61.45 57.17
N THR LA 440 84.82 -61.79 58.36
CA THR LA 440 84.14 -62.68 59.29
C THR LA 440 83.72 -61.86 60.50
N VAL LA 441 82.43 -61.94 60.85
CA VAL LA 441 81.87 -61.24 61.98
C VAL LA 441 81.59 -62.25 63.08
N SER LA 442 82.05 -61.96 64.28
CA SER LA 442 81.87 -62.84 65.43
C SER LA 442 80.80 -62.27 66.35
N TYR LA 443 79.83 -63.08 66.70
CA TYR LA 443 78.73 -62.70 67.56
C TYR LA 443 78.85 -63.45 68.88
N SER LA 444 78.65 -62.73 69.98
CA SER LA 444 78.67 -63.31 71.31
C SER LA 444 77.23 -63.54 71.77
N VAL LA 445 76.97 -64.75 72.27
CA VAL LA 445 75.63 -65.13 72.70
C VAL LA 445 75.61 -65.12 74.23
N ASN LA 446 74.72 -64.33 74.81
CA ASN LA 446 74.56 -64.28 76.26
C ASN LA 446 73.63 -65.41 76.68
N LYS LA 447 74.17 -66.39 77.40
CA LYS LA 447 73.40 -67.57 77.76
C LYS LA 447 72.38 -67.32 78.86
N ASP LA 448 72.45 -66.17 79.54
CA ASP LA 448 71.49 -65.88 80.60
C ASP LA 448 70.08 -65.68 80.03
N ASN LA 449 69.97 -64.90 78.97
CA ASN LA 449 68.68 -64.59 78.36
C ASN LA 449 68.56 -64.98 76.90
N GLY LA 450 69.67 -65.21 76.21
CA GLY LA 450 69.65 -65.54 74.79
C GLY LA 450 69.90 -64.36 73.87
N SER LA 451 70.16 -63.18 74.40
CA SER LA 451 70.43 -62.02 73.56
C SER LA 451 71.76 -62.19 72.83
N VAL LA 452 71.79 -61.76 71.57
CA VAL LA 452 72.96 -61.89 70.72
C VAL LA 452 73.47 -60.51 70.37
N THR LA 453 74.76 -60.28 70.61
CA THR LA 453 75.43 -59.03 70.29
C THR LA 453 76.61 -59.31 69.36
N VAL LA 454 77.17 -58.24 68.81
CA VAL LA 454 78.31 -58.33 67.91
C VAL LA 454 79.59 -58.08 68.71
N ALA LA 455 80.57 -58.97 68.55
CA ALA LA 455 81.84 -58.84 69.26
C ALA LA 455 82.92 -59.53 68.42
N GLY LA 456 83.70 -58.75 67.70
CA GLY LA 456 84.82 -59.29 66.95
C GLY LA 456 84.67 -59.22 65.44
N TYR LA 457 85.71 -58.69 64.78
CA TYR LA 457 85.71 -58.56 63.33
C TYR LA 457 87.07 -59.02 62.81
N ALA LA 458 87.05 -59.88 61.80
CA ALA LA 458 88.27 -60.40 61.20
C ALA LA 458 88.23 -60.16 59.70
N SER LA 459 89.35 -59.77 59.12
CA SER LA 459 89.45 -59.55 57.69
C SER LA 459 90.79 -60.06 57.18
N ALA LA 460 90.76 -60.79 56.07
CA ALA LA 460 91.99 -61.25 55.44
C ALA LA 460 92.75 -60.11 54.77
N THR LA 461 92.12 -58.96 54.58
CA THR LA 461 92.75 -57.77 54.05
C THR LA 461 92.66 -56.66 55.09
N ASP LA 462 93.27 -55.51 54.78
CA ASP LA 462 93.20 -54.37 55.67
C ASP LA 462 91.76 -53.89 55.81
N THR LA 463 91.10 -53.63 54.68
CA THR LA 463 89.66 -53.40 54.59
C THR LA 463 89.28 -52.05 55.20
N ASN LA 464 90.24 -51.39 55.86
CA ASN LA 464 90.02 -50.10 56.52
C ASN LA 464 88.82 -50.14 57.46
N LYS LA 465 88.45 -51.33 57.92
CA LYS LA 465 87.28 -51.54 58.77
C LYS LA 465 86.03 -50.94 58.15
N ASP LA 466 85.88 -51.14 56.84
CA ASP LA 466 84.71 -50.63 56.13
C ASP LA 466 83.45 -51.36 56.55
N TYR LA 467 83.52 -52.69 56.69
CA TYR LA 467 82.37 -53.51 57.05
C TYR LA 467 82.40 -53.95 58.50
N ALA LA 468 83.06 -53.20 59.38
CA ALA LA 468 83.17 -53.58 60.77
C ALA LA 468 82.22 -52.75 61.61
N PRO LA 469 81.11 -53.30 62.10
CA PRO LA 469 80.25 -52.56 63.00
C PRO LA 469 80.91 -52.39 64.37
N ALA LA 470 80.45 -51.38 65.09
CA ALA LA 470 80.93 -51.18 66.45
C ALA LA 470 80.55 -52.36 67.32
N ILE LA 471 81.51 -52.86 68.11
CA ILE LA 471 81.24 -54.01 68.95
C ILE LA 471 80.31 -53.63 70.09
N GLY LA 472 79.60 -54.64 70.61
CA GLY LA 472 78.67 -54.42 71.70
C GLY LA 472 77.31 -53.93 71.29
N THR LA 473 76.98 -53.95 70.00
CA THR LA 473 75.68 -53.51 69.51
C THR LA 473 74.77 -54.72 69.32
N ALA LA 474 73.58 -54.65 69.90
CA ALA LA 474 72.62 -55.74 69.81
C ALA LA 474 72.19 -55.92 68.36
N VAL LA 475 72.30 -57.13 67.85
CA VAL LA 475 71.94 -57.44 66.47
C VAL LA 475 70.50 -57.92 66.43
N ASN LA 476 69.82 -57.63 65.32
CA ASN LA 476 68.42 -57.99 65.13
C ASN LA 476 68.27 -58.74 63.81
N VAL LA 477 67.02 -59.02 63.44
CA VAL LA 477 66.69 -59.74 62.23
C VAL LA 477 65.86 -58.84 61.33
N ASN LA 478 66.26 -58.71 60.09
CA ASN LA 478 65.57 -57.84 59.14
C ASN LA 478 64.22 -58.45 58.75
N SER LA 479 63.49 -57.72 57.90
CA SER LA 479 62.20 -58.21 57.43
C SER LA 479 62.37 -59.48 56.58
N ALA LA 480 63.41 -59.52 55.76
CA ALA LA 480 63.66 -60.67 54.89
C ALA LA 480 64.35 -61.82 55.62
N GLY LA 481 64.55 -61.71 56.93
CA GLY LA 481 65.21 -62.75 57.70
C GLY LA 481 66.71 -62.63 57.80
N LYS LA 482 67.30 -61.60 57.20
CA LYS LA 482 68.74 -61.42 57.29
C LYS LA 482 69.14 -60.94 58.67
N ILE LA 483 70.41 -61.12 59.00
CA ILE LA 483 70.98 -60.71 60.28
C ILE LA 483 71.55 -59.32 60.10
N THR LA 484 70.98 -58.34 60.79
CA THR LA 484 71.32 -56.94 60.55
C THR LA 484 71.22 -56.19 61.87
N THR LA 485 71.90 -55.04 61.94
CA THR LA 485 72.04 -54.32 63.20
C THR LA 485 71.01 -53.20 63.40
N GLU LA 486 70.52 -52.58 62.33
CA GLU LA 486 69.59 -51.47 62.50
C GLU LA 486 68.17 -51.97 62.77
N THR LA 487 67.41 -51.17 63.50
CA THR LA 487 66.07 -51.53 63.93
C THR LA 487 64.97 -50.81 63.16
N THR LA 488 65.31 -50.06 62.11
CA THR LA 488 64.32 -49.29 61.38
C THR LA 488 63.26 -50.17 60.73
N SER LA 489 63.66 -50.97 59.74
CA SER LA 489 62.78 -51.91 59.05
C SER LA 489 61.53 -51.20 58.52
N ALA LA 490 61.77 -50.30 57.57
CA ALA LA 490 60.71 -49.48 57.00
C ALA LA 490 59.61 -50.34 56.39
N GLY LA 491 58.37 -49.93 56.61
CA GLY LA 491 57.21 -50.69 56.17
C GLY LA 491 56.72 -50.27 54.80
N SER LA 492 55.44 -50.55 54.55
CA SER LA 492 54.85 -50.37 53.23
C SER LA 492 53.88 -49.19 53.14
N ALA LA 493 53.45 -48.63 54.26
CA ALA LA 493 52.55 -47.49 54.22
C ALA LA 493 53.24 -46.29 53.57
N THR LA 494 52.46 -45.51 52.83
CA THR LA 494 53.03 -44.38 52.09
C THR LA 494 53.67 -43.38 53.05
N THR LA 495 54.85 -42.89 52.68
CA THR LA 495 55.64 -42.06 53.58
C THR LA 495 54.97 -40.71 53.82
N ASN LA 496 54.76 -39.93 52.76
CA ASN LA 496 54.26 -38.57 52.87
C ASN LA 496 53.02 -38.42 52.00
N PRO LA 497 51.88 -38.96 52.48
CA PRO LA 497 50.67 -38.92 51.65
C PRO LA 497 50.22 -37.51 51.32
N LEU LA 498 50.32 -36.60 52.27
CA LEU LA 498 49.88 -35.23 52.03
C LEU LA 498 50.76 -34.55 50.99
N ALA LA 499 52.07 -34.79 51.06
CA ALA LA 499 52.97 -34.23 50.05
C ALA LA 499 52.67 -34.80 48.67
N ALA LA 500 52.43 -36.11 48.59
CA ALA LA 500 52.13 -36.71 47.28
C ALA LA 500 50.84 -36.13 46.70
N LEU LA 501 49.80 -35.99 47.55
CA LEU LA 501 48.54 -35.45 47.07
C LEU LA 501 48.70 -33.98 46.67
N ASP LA 502 49.53 -33.23 47.40
CA ASP LA 502 49.79 -31.84 47.01
C ASP LA 502 50.47 -31.78 45.65
N ASP LA 503 51.43 -32.65 45.40
CA ASP LA 503 52.09 -32.67 44.09
C ASP LA 503 51.09 -33.00 42.99
N ALA LA 504 50.22 -33.98 43.23
CA ALA LA 504 49.22 -34.33 42.22
C ALA LA 504 48.29 -33.15 41.93
N ILE LA 505 47.80 -32.50 42.99
CA ILE LA 505 46.89 -31.36 42.80
C ILE LA 505 47.61 -30.23 42.08
N SER LA 506 48.88 -30.02 42.39
CA SER LA 506 49.65 -28.97 41.71
C SER LA 506 49.77 -29.27 40.22
N SER LA 507 50.03 -30.53 39.87
CA SER LA 507 50.10 -30.89 38.46
C SER LA 507 48.77 -30.64 37.75
N ILE LA 508 47.67 -31.02 38.40
CA ILE LA 508 46.35 -30.80 37.81
C ILE LA 508 46.11 -29.31 37.59
N ASP LA 509 46.46 -28.50 38.59
CA ASP LA 509 46.24 -27.05 38.47
C ASP LA 509 47.09 -26.44 37.36
N LYS LA 510 48.34 -26.89 37.24
CA LYS LA 510 49.18 -26.36 36.17
C LYS LA 510 48.61 -26.69 34.80
N PHE LA 511 48.16 -27.93 34.60
CA PHE LA 511 47.62 -28.28 33.29
C PHE LA 511 46.32 -27.53 33.02
N ARG LA 512 45.51 -27.32 34.06
CA ARG LA 512 44.29 -26.52 33.89
C ARG LA 512 44.62 -25.09 33.49
N SER LA 513 45.63 -24.49 34.13
CA SER LA 513 46.03 -23.14 33.77
C SER LA 513 46.49 -23.06 32.33
N SER LA 514 47.26 -24.05 31.89
CA SER LA 514 47.70 -24.07 30.49
C SER LA 514 46.51 -24.14 29.54
N LEU LA 515 45.52 -24.98 29.86
CA LEU LA 515 44.33 -25.06 29.01
C LEU LA 515 43.59 -23.72 28.98
N GLY LA 516 43.46 -23.07 30.12
CA GLY LA 516 42.78 -21.78 30.15
C GLY LA 516 43.48 -20.73 29.32
N ALA LA 517 44.82 -20.67 29.41
CA ALA LA 517 45.56 -19.73 28.59
C ALA LA 517 45.36 -20.01 27.11
N ILE LA 518 45.40 -21.29 26.72
CA ILE LA 518 45.17 -21.63 25.32
C ILE LA 518 43.78 -21.20 24.88
N GLN LA 519 42.78 -21.40 25.75
CA GLN LA 519 41.42 -21.00 25.40
C GLN LA 519 41.32 -19.49 25.18
N ASN LA 520 41.92 -18.71 26.07
CA ASN LA 520 41.85 -17.26 25.92
C ASN LA 520 42.52 -16.81 24.63
N ARG LA 521 43.70 -17.37 24.34
CA ARG LA 521 44.39 -16.96 23.12
C ARG LA 521 43.62 -17.38 21.88
N LEU LA 522 42.95 -18.53 21.93
CA LEU LA 522 42.17 -18.97 20.78
C LEU LA 522 40.95 -18.07 20.56
N ASP LA 523 40.31 -17.64 21.65
CA ASP LA 523 39.18 -16.71 21.51
C ASP LA 523 39.63 -15.38 20.92
N SER LA 524 40.78 -14.88 21.37
CA SER LA 524 41.32 -13.65 20.77
C SER LA 524 41.57 -13.84 19.28
N ALA LA 525 42.09 -15.01 18.89
CA ALA LA 525 42.29 -15.30 17.48
C ALA LA 525 40.96 -15.28 16.73
N VAL LA 526 39.91 -15.83 17.33
CA VAL LA 526 38.59 -15.83 16.68
C VAL LA 526 38.13 -14.41 16.42
N THR LA 527 38.25 -13.55 17.43
CA THR LA 527 37.80 -12.16 17.26
C THR LA 527 38.59 -11.46 16.16
N ASN LA 528 39.91 -11.65 16.13
CA ASN LA 528 40.71 -11.02 15.09
C ASN LA 528 40.33 -11.53 13.72
N LEU LA 529 40.04 -12.83 13.61
CA LEU LA 529 39.63 -13.40 12.33
C LEU LA 529 38.32 -12.77 11.85
N ASN LA 530 37.35 -12.60 12.75
CA ASN LA 530 36.10 -11.99 12.35
C ASN LA 530 36.30 -10.55 11.86
N ASN LA 531 37.11 -9.78 12.57
CA ASN LA 531 37.37 -8.41 12.15
C ASN LA 531 38.04 -8.38 10.77
N THR LA 532 39.04 -9.23 10.56
CA THR LA 532 39.73 -9.24 9.28
C THR LA 532 38.80 -9.67 8.16
N THR LA 533 37.91 -10.63 8.42
CA THR LA 533 36.95 -11.05 7.41
C THR LA 533 36.04 -9.90 7.02
N THR LA 534 35.56 -9.15 8.02
CA THR LA 534 34.71 -8.00 7.71
C THR LA 534 35.44 -6.99 6.84
N ASN LA 535 36.70 -6.69 7.18
CA ASN LA 535 37.44 -5.69 6.41
C ASN LA 535 37.74 -6.18 4.99
N LEU LA 536 38.05 -7.46 4.83
CA LEU LA 536 38.30 -7.98 3.49
C LEU LA 536 37.03 -7.97 2.65
N SER LA 537 35.89 -8.26 3.25
CA SER LA 537 34.63 -8.13 2.53
C SER LA 537 34.39 -6.67 2.13
N GLU LA 538 34.74 -5.74 3.02
CA GLU LA 538 34.71 -4.32 2.68
C GLU LA 538 35.48 -4.04 1.40
N ALA LA 539 36.74 -4.51 1.35
CA ALA LA 539 37.59 -4.21 0.21
C ALA LA 539 37.05 -4.86 -1.06
N GLN LA 540 36.55 -6.10 -0.96
CA GLN LA 540 36.01 -6.75 -2.14
C GLN LA 540 34.78 -6.01 -2.66
N SER LA 541 33.93 -5.52 -1.76
CA SER LA 541 32.80 -4.71 -2.18
C SER LA 541 33.26 -3.41 -2.82
N ARG LA 542 34.36 -2.83 -2.31
CA ARG LA 542 34.92 -1.63 -2.94
C ARG LA 542 35.31 -1.91 -4.39
N ILE LA 543 35.93 -3.06 -4.64
CA ILE LA 543 36.39 -3.36 -6.00
C ILE LA 543 35.21 -3.70 -6.91
N GLN LA 544 34.37 -4.63 -6.49
CA GLN LA 544 33.26 -5.14 -7.28
C GLN LA 544 32.01 -4.29 -7.00
N ASP LA 545 30.82 -4.82 -7.32
CA ASP LA 545 29.54 -4.22 -6.92
C ASP LA 545 29.33 -2.85 -7.58
N ALA LA 546 29.14 -2.92 -8.90
CA ALA LA 546 28.87 -1.74 -9.71
C ALA LA 546 27.79 -0.85 -9.09
N ASP LA 547 27.88 0.45 -9.39
CA ASP LA 547 26.99 1.46 -8.85
C ASP LA 547 25.67 1.46 -9.61
N TYR LA 548 24.63 0.89 -9.01
CA TYR LA 548 23.36 0.73 -9.69
C TYR LA 548 22.84 2.04 -10.25
N ALA LA 549 23.05 3.15 -9.54
CA ALA LA 549 22.68 4.45 -10.09
C ALA LA 549 23.42 4.72 -11.39
N THR LA 550 24.73 4.43 -11.40
CA THR LA 550 25.53 4.70 -12.58
C THR LA 550 25.07 3.88 -13.77
N GLU LA 551 24.87 2.57 -13.60
CA GLU LA 551 24.44 1.80 -14.77
C GLU LA 551 22.96 2.03 -15.13
N VAL LA 552 22.10 2.41 -14.18
CA VAL LA 552 20.75 2.79 -14.56
C VAL LA 552 20.78 4.01 -15.47
N SER LA 553 21.55 5.02 -15.09
CA SER LA 553 21.70 6.19 -15.95
C SER LA 553 22.31 5.80 -17.29
N ASN LA 554 23.32 4.94 -17.27
CA ASN LA 554 23.99 4.54 -18.49
C ASN LA 554 23.03 3.84 -19.45
N MET LA 555 22.23 2.90 -18.95
CA MET LA 555 21.31 2.22 -19.86
C MET LA 555 20.21 3.15 -20.32
N SER LA 556 19.76 4.08 -19.47
CA SER LA 556 18.71 4.99 -19.89
C SER LA 556 19.18 5.85 -21.06
N LYS LA 557 20.36 6.46 -20.92
CA LYS LA 557 20.86 7.26 -22.03
C LYS LA 557 21.24 6.41 -23.23
N ALA LA 558 21.67 5.16 -23.01
CA ALA LA 558 21.96 4.28 -24.13
C ALA LA 558 20.69 3.94 -24.91
N GLN LA 559 19.60 3.66 -24.20
CA GLN LA 559 18.34 3.38 -24.87
C GLN LA 559 17.84 4.59 -25.64
N ILE LA 560 17.98 5.79 -25.06
CA ILE LA 560 17.57 6.99 -25.76
C ILE LA 560 18.41 7.19 -27.02
N ILE LA 561 19.72 6.98 -26.91
CA ILE LA 561 20.58 7.12 -28.09
C ILE LA 561 20.18 6.10 -29.15
N GLN LA 562 19.84 4.87 -28.72
CA GLN LA 562 19.42 3.86 -29.66
C GLN LA 562 18.14 4.25 -30.40
N GLN LA 563 17.14 4.75 -29.66
CA GLN LA 563 15.89 5.13 -30.29
C GLN LA 563 16.09 6.32 -31.24
N ALA LA 564 16.88 7.31 -30.81
CA ALA LA 564 17.16 8.44 -31.68
C ALA LA 564 17.90 8.01 -32.94
N GLY LA 565 18.88 7.10 -32.79
CA GLY LA 565 19.60 6.61 -33.93
C GLY LA 565 18.72 5.83 -34.88
N ASN LA 566 17.78 5.06 -34.34
CA ASN LA 566 16.87 4.30 -35.20
C ASN LA 566 15.93 5.22 -35.96
N SER LA 567 15.40 6.25 -35.29
CA SER LA 567 14.53 7.19 -35.99
C SER LA 567 15.29 7.94 -37.08
N VAL LA 568 16.50 8.40 -36.76
CA VAL LA 568 17.32 9.08 -37.77
C VAL LA 568 17.70 8.10 -38.88
N LEU LA 569 17.90 6.83 -38.55
CA LEU LA 569 18.21 5.83 -39.55
C LEU LA 569 17.06 5.64 -40.52
N ALA LA 570 15.83 5.64 -39.99
CA ALA LA 570 14.66 5.59 -40.87
C ALA LA 570 14.57 6.84 -41.73
N LYS LA 571 14.87 8.01 -41.15
CA LYS LA 571 14.85 9.25 -41.93
C LYS LA 571 15.88 9.22 -43.06
N ALA LA 572 17.06 8.64 -42.79
CA ALA LA 572 18.07 8.50 -43.82
C ALA LA 572 17.67 7.45 -44.86
N ASN LA 573 17.13 6.33 -44.41
CA ASN LA 573 16.61 5.31 -45.30
C ASN LA 573 15.43 5.81 -46.11
N GLN LA 574 14.90 6.99 -45.76
CA GLN LA 574 14.05 7.70 -46.71
C GLN LA 574 15.00 8.17 -47.81
N VAL LA 575 15.54 7.20 -48.54
CA VAL LA 575 16.69 7.33 -49.43
C VAL LA 575 16.28 8.18 -50.63
N PRO LA 576 17.23 8.57 -51.51
CA PRO LA 576 16.86 9.47 -52.62
C PRO LA 576 15.67 8.96 -53.42
N GLN LA 577 14.56 9.66 -53.28
CA GLN LA 577 13.38 9.38 -54.09
C GLN LA 577 12.99 10.56 -54.97
N GLN LA 578 13.53 11.75 -54.69
CA GLN LA 578 13.31 12.89 -55.57
C GLN LA 578 13.90 12.64 -56.95
N VAL LA 579 14.84 11.69 -57.06
CA VAL LA 579 15.31 11.28 -58.37
C VAL LA 579 14.17 10.68 -59.18
N LEU LA 580 13.28 9.94 -58.51
CA LEU LA 580 12.10 9.42 -59.20
C LEU LA 580 11.24 10.55 -59.76
N SER LA 581 11.06 11.61 -58.97
CA SER LA 581 10.33 12.78 -59.46
C SER LA 581 11.04 13.42 -60.63
N LEU LA 582 12.37 13.52 -60.56
CA LEU LA 582 13.14 14.08 -61.67
C LEU LA 582 12.97 13.27 -62.94
N LEU LA 583 12.78 11.96 -62.80
CA LEU LA 583 12.77 11.09 -63.98
C LEU LA 583 11.66 11.46 -64.94
N GLN LA 584 10.41 11.55 -64.47
CA GLN LA 584 9.31 11.75 -65.40
C GLN LA 584 9.28 13.16 -65.98
N GLY LA 585 10.08 14.09 -65.46
CA GLY LA 585 10.10 15.44 -65.96
C GLY LA 585 10.73 15.57 -67.33
N MET MA 1 -20.03 25.75 -36.99
CA MET MA 1 -18.74 25.13 -37.26
C MET MA 1 -18.45 25.17 -38.76
N ALA MA 2 -19.17 24.35 -39.54
CA ALA MA 2 -18.89 24.24 -40.96
C ALA MA 2 -19.01 25.58 -41.68
N GLN MA 3 -19.80 26.51 -41.16
CA GLN MA 3 -19.96 27.79 -41.85
C GLN MA 3 -18.73 28.67 -41.70
N VAL MA 4 -18.21 28.81 -40.48
CA VAL MA 4 -17.26 29.86 -40.16
C VAL MA 4 -16.03 29.25 -39.49
N ILE MA 5 -14.89 29.89 -39.67
CA ILE MA 5 -13.67 29.52 -38.95
C ILE MA 5 -13.10 30.64 -38.11
N ASN MA 6 -13.60 31.88 -38.25
CA ASN MA 6 -13.00 32.99 -37.54
C ASN MA 6 -13.29 32.96 -36.04
N THR MA 7 -14.40 32.36 -35.64
CA THR MA 7 -14.75 32.25 -34.24
C THR MA 7 -15.21 30.82 -33.95
N ASN MA 8 -15.21 30.47 -32.66
CA ASN MA 8 -15.71 29.17 -32.21
C ASN MA 8 -16.58 29.43 -30.98
N SER MA 9 -17.89 29.58 -31.21
CA SER MA 9 -18.81 29.79 -30.09
C SER MA 9 -18.77 28.64 -29.11
N LEU MA 10 -18.59 27.42 -29.61
CA LEU MA 10 -18.48 26.26 -28.72
C LEU MA 10 -17.28 26.40 -27.81
N SER MA 11 -16.14 26.80 -28.36
CA SER MA 11 -14.95 26.99 -27.55
C SER MA 11 -15.16 28.11 -26.52
N LEU MA 12 -15.79 29.20 -26.93
CA LEU MA 12 -16.02 30.31 -26.00
C LEU MA 12 -16.91 29.89 -24.85
N ILE MA 13 -18.02 29.19 -25.15
CA ILE MA 13 -18.93 28.73 -24.11
C ILE MA 13 -18.24 27.74 -23.18
N THR MA 14 -17.43 26.84 -23.76
CA THR MA 14 -16.71 25.88 -22.94
C THR MA 14 -15.72 26.57 -22.01
N GLN MA 15 -15.03 27.59 -22.51
CA GLN MA 15 -14.11 28.34 -21.66
C GLN MA 15 -14.84 29.02 -20.52
N ASN MA 16 -16.01 29.60 -20.82
CA ASN MA 16 -16.79 30.23 -19.77
C ASN MA 16 -17.16 29.23 -18.69
N ASN MA 17 -17.64 28.05 -19.10
CA ASN MA 17 -18.04 27.03 -18.13
C ASN MA 17 -16.85 26.56 -17.31
N ILE MA 18 -15.68 26.42 -17.96
CA ILE MA 18 -14.48 25.98 -17.25
C ILE MA 18 -14.09 27.01 -16.18
N ASN MA 19 -14.14 28.29 -16.52
CA ASN MA 19 -13.82 29.33 -15.54
C ASN MA 19 -14.81 29.30 -14.38
N LYS MA 20 -16.09 29.14 -14.69
CA LYS MA 20 -17.09 29.09 -13.63
C LYS MA 20 -16.83 27.94 -12.67
N ASN MA 21 -16.44 26.77 -13.21
CA ASN MA 21 -16.06 25.67 -12.34
C ASN MA 21 -14.80 25.99 -11.55
N GLN MA 22 -13.83 26.64 -12.20
CA GLN MA 22 -12.55 26.89 -11.55
C GLN MA 22 -12.70 27.76 -10.31
N SER MA 23 -13.67 28.68 -10.34
CA SER MA 23 -13.93 29.48 -9.14
C SER MA 23 -14.24 28.60 -7.94
N ALA MA 24 -15.18 27.67 -8.10
CA ALA MA 24 -15.55 26.79 -7.00
C ALA MA 24 -14.43 25.83 -6.64
N LEU MA 25 -13.66 25.38 -7.64
CA LEU MA 25 -12.51 24.53 -7.35
C LEU MA 25 -11.53 25.22 -6.42
N SER MA 26 -11.17 26.46 -6.74
CA SER MA 26 -10.25 27.20 -5.89
C SER MA 26 -10.84 27.43 -4.51
N SER MA 27 -12.13 27.78 -4.44
CA SER MA 27 -12.75 27.99 -3.14
C SER MA 27 -12.68 26.73 -2.28
N SER MA 28 -13.00 25.58 -2.87
CA SER MA 28 -12.99 24.33 -2.12
C SER MA 28 -11.59 23.96 -1.65
N ILE MA 29 -10.59 24.09 -2.51
CA ILE MA 29 -9.23 23.72 -2.12
C ILE MA 29 -8.74 24.63 -1.01
N GLU MA 30 -8.98 25.93 -1.12
CA GLU MA 30 -8.57 26.85 -0.06
C GLU MA 30 -9.28 26.54 1.24
N ARG MA 31 -10.58 26.23 1.17
CA ARG MA 31 -11.35 25.91 2.37
C ARG MA 31 -10.79 24.68 3.06
N LEU MA 32 -10.46 23.64 2.29
CA LEU MA 32 -9.89 22.44 2.89
C LEU MA 32 -8.52 22.71 3.49
N SER MA 33 -7.69 23.50 2.79
CA SER MA 33 -6.35 23.77 3.29
C SER MA 33 -6.40 24.53 4.61
N SER MA 34 -7.26 25.54 4.71
CA SER MA 34 -7.32 26.34 5.92
C SER MA 34 -8.04 25.62 7.06
N GLY MA 35 -9.08 24.84 6.73
CA GLY MA 35 -9.88 24.21 7.76
C GLY MA 35 -10.91 25.10 8.40
N LEU MA 36 -11.25 26.22 7.78
CA LEU MA 36 -12.21 27.18 8.32
C LEU MA 36 -13.32 27.40 7.29
N ARG MA 37 -14.57 27.36 7.75
CA ARG MA 37 -15.69 27.59 6.86
C ARG MA 37 -15.70 29.03 6.34
N ILE MA 38 -15.57 29.99 7.26
CA ILE MA 38 -15.57 31.41 6.91
C ILE MA 38 -14.11 31.83 6.75
N ASN MA 39 -13.73 32.17 5.53
CA ASN MA 39 -12.33 32.46 5.22
C ASN MA 39 -12.25 33.72 4.39
N SER MA 40 -11.51 34.71 4.90
CA SER MA 40 -11.24 35.96 4.21
C SER MA 40 -12.50 36.74 3.87
N ALA MA 41 -13.64 36.38 4.46
CA ALA MA 41 -14.89 37.12 4.37
C ALA MA 41 -15.35 37.33 2.92
N LYS MA 42 -15.04 36.38 2.04
CA LYS MA 42 -15.60 36.39 0.68
C LYS MA 42 -17.02 35.90 0.67
N ASP MA 43 -17.56 35.71 1.87
CA ASP MA 43 -18.86 35.10 2.11
C ASP MA 43 -19.50 35.89 3.25
N ASP MA 44 -20.51 35.31 3.91
CA ASP MA 44 -21.27 36.01 4.93
C ASP MA 44 -20.38 36.67 5.97
N ALA MA 45 -20.41 38.00 6.02
CA ALA MA 45 -19.59 38.76 6.95
C ALA MA 45 -20.15 38.74 8.37
N ALA MA 46 -21.44 38.47 8.53
CA ALA MA 46 -22.00 38.33 9.87
C ALA MA 46 -21.33 37.20 10.62
N GLY MA 47 -21.08 36.08 9.93
CA GLY MA 47 -20.36 34.98 10.56
C GLY MA 47 -18.96 35.38 11.00
N GLN MA 48 -18.25 36.14 10.16
CA GLN MA 48 -16.92 36.61 10.52
C GLN MA 48 -16.96 37.47 11.76
N ALA MA 49 -17.90 38.43 11.80
CA ALA MA 49 -17.99 39.32 12.95
C ALA MA 49 -18.34 38.57 14.22
N ILE MA 50 -19.29 37.64 14.13
CA ILE MA 50 -19.70 36.88 15.31
C ILE MA 50 -18.56 35.98 15.78
N ALA MA 51 -17.80 35.42 14.84
CA ALA MA 51 -16.65 34.61 15.22
C ALA MA 51 -15.61 35.45 15.95
N ASN MA 52 -15.38 36.68 15.49
CA ASN MA 52 -14.44 37.55 16.19
C ASN MA 52 -14.93 37.86 17.60
N ARG MA 53 -16.23 38.14 17.76
CA ARG MA 53 -16.76 38.39 19.09
C ARG MA 53 -16.59 37.17 19.99
N PHE MA 54 -16.85 35.98 19.45
CA PHE MA 54 -16.70 34.77 20.25
C PHE MA 54 -15.25 34.55 20.65
N THR MA 55 -14.32 34.81 19.73
CA THR MA 55 -12.91 34.67 20.07
C THR MA 55 -12.52 35.61 21.20
N SER MA 56 -12.97 36.87 21.12
CA SER MA 56 -12.68 37.82 22.18
C SER MA 56 -13.24 37.35 23.51
N ASN MA 57 -14.48 36.86 23.51
CA ASN MA 57 -15.09 36.40 24.75
C ASN MA 57 -14.34 35.21 25.33
N ILE MA 58 -13.93 34.26 24.48
CA ILE MA 58 -13.24 33.07 24.96
C ILE MA 58 -11.92 33.45 25.61
N LYS MA 59 -11.13 34.29 24.93
CA LYS MA 59 -9.84 34.69 25.49
C LYS MA 59 -10.01 35.45 26.80
N GLY MA 60 -10.99 36.37 26.83
CA GLY MA 60 -11.22 37.10 28.06
C GLY MA 60 -11.61 36.19 29.22
N LEU MA 61 -12.48 35.22 28.96
CA LEU MA 61 -12.92 34.33 30.03
C LEU MA 61 -11.79 33.45 30.53
N THR MA 62 -10.93 32.97 29.62
CA THR MA 62 -9.78 32.17 30.05
C THR MA 62 -8.86 32.99 30.95
N GLN MA 63 -8.56 34.22 30.55
CA GLN MA 63 -7.69 35.06 31.36
C GLN MA 63 -8.34 35.36 32.71
N ALA MA 64 -9.66 35.54 32.72
CA ALA MA 64 -10.37 35.78 33.97
C ALA MA 64 -10.28 34.58 34.89
N ALA MA 65 -10.37 33.37 34.34
CA ALA MA 65 -10.22 32.17 35.16
C ALA MA 65 -8.84 32.13 35.80
N ARG MA 66 -7.80 32.48 35.04
CA ARG MA 66 -6.46 32.54 35.62
C ARG MA 66 -6.39 33.57 36.76
N ASN MA 67 -7.01 34.73 36.56
CA ASN MA 67 -7.03 35.75 37.61
C ASN MA 67 -7.71 35.24 38.87
N ALA MA 68 -8.82 34.53 38.71
CA ALA MA 68 -9.52 33.98 39.87
C ALA MA 68 -8.65 32.96 40.60
N ASN MA 69 -7.89 32.15 39.86
CA ASN MA 69 -6.95 31.24 40.51
C ASN MA 69 -5.93 32.00 41.34
N ASP MA 70 -5.42 33.11 40.80
CA ASP MA 70 -4.48 33.92 41.57
C ASP MA 70 -5.12 34.45 42.86
N GLY MA 71 -6.37 34.88 42.77
CA GLY MA 71 -7.06 35.34 43.96
C GLY MA 71 -7.20 34.25 45.01
N ILE MA 72 -7.51 33.03 44.57
CA ILE MA 72 -7.59 31.90 45.48
C ILE MA 72 -6.25 31.71 46.19
N SER MA 73 -5.15 31.81 45.44
CA SER MA 73 -3.83 31.66 46.05
C SER MA 73 -3.59 32.71 47.12
N VAL MA 74 -3.96 33.96 46.82
CA VAL MA 74 -3.80 35.04 47.80
C VAL MA 74 -4.53 34.71 49.09
N ALA MA 75 -5.79 34.30 48.95
CA ALA MA 75 -6.59 34.00 50.15
C ALA MA 75 -5.99 32.84 50.94
N GLN MA 76 -5.49 31.83 50.25
CA GLN MA 76 -4.88 30.70 50.95
C GLN MA 76 -3.68 31.14 51.78
N THR MA 77 -2.81 31.97 51.18
CA THR MA 77 -1.64 32.43 51.92
C THR MA 77 -2.04 33.22 53.16
N THR MA 78 -2.99 34.15 52.99
CA THR MA 78 -3.42 34.95 54.14
C THR MA 78 -4.00 34.07 55.23
N GLU MA 79 -4.79 33.06 54.86
CA GLU MA 79 -5.41 32.21 55.87
C GLU MA 79 -4.39 31.36 56.60
N GLY MA 80 -3.32 30.93 55.91
CA GLY MA 80 -2.27 30.21 56.60
C GLY MA 80 -1.60 31.06 57.67
N ALA MA 81 -1.27 32.30 57.31
CA ALA MA 81 -0.69 33.20 58.31
C ALA MA 81 -1.66 33.40 59.48
N LEU MA 82 -2.95 33.53 59.18
CA LEU MA 82 -3.94 33.73 60.22
C LEU MA 82 -4.02 32.53 61.16
N SER MA 83 -3.93 31.32 60.60
CA SER MA 83 -3.97 30.13 61.44
C SER MA 83 -2.79 30.11 62.42
N GLU MA 84 -1.61 30.48 61.94
CA GLU MA 84 -0.48 30.55 62.86
C GLU MA 84 -0.73 31.58 63.96
N ILE MA 85 -1.27 32.75 63.60
CA ILE MA 85 -1.56 33.77 64.60
C ILE MA 85 -2.54 33.24 65.64
N ASN MA 86 -3.55 32.50 65.18
CA ASN MA 86 -4.56 31.97 66.09
C ASN MA 86 -3.94 30.97 67.07
N ASN MA 87 -3.04 30.12 66.59
CA ASN MA 87 -2.36 29.19 67.49
C ASN MA 87 -1.58 29.95 68.56
N ASN MA 88 -0.88 31.01 68.15
CA ASN MA 88 -0.14 31.81 69.13
C ASN MA 88 -1.08 32.43 70.17
N LEU MA 89 -2.23 32.94 69.72
CA LEU MA 89 -3.18 33.53 70.66
C LEU MA 89 -3.71 32.51 71.65
N GLN MA 90 -4.00 31.28 71.17
CA GLN MA 90 -4.48 30.24 72.07
C GLN MA 90 -3.44 29.93 73.15
N ARG MA 91 -2.18 29.81 72.75
CA ARG MA 91 -1.13 29.55 73.74
C ARG MA 91 -1.02 30.70 74.74
N ILE MA 92 -1.17 31.94 74.25
CA ILE MA 92 -1.11 33.09 75.14
C ILE MA 92 -2.24 33.03 76.16
N ARG MA 93 -3.44 32.66 75.73
CA ARG MA 93 -4.56 32.56 76.66
C ARG MA 93 -4.31 31.48 77.71
N GLU MA 94 -3.79 30.33 77.29
CA GLU MA 94 -3.48 29.29 78.28
C GLU MA 94 -2.48 29.81 79.31
N LEU MA 95 -1.46 30.52 78.85
CA LEU MA 95 -0.47 31.08 79.77
C LEU MA 95 -1.12 32.08 80.73
N THR MA 96 -2.05 32.90 80.23
CA THR MA 96 -2.74 33.85 81.10
C THR MA 96 -3.55 33.13 82.17
N VAL MA 97 -4.24 32.07 81.79
CA VAL MA 97 -5.00 31.29 82.76
C VAL MA 97 -4.08 30.72 83.82
N GLN MA 98 -2.87 30.29 83.42
CA GLN MA 98 -1.91 29.83 84.41
C GLN MA 98 -1.46 30.97 85.32
N ALA MA 99 -1.25 32.16 84.76
CA ALA MA 99 -0.66 33.25 85.51
C ALA MA 99 -1.63 33.85 86.53
N THR MA 100 -2.92 33.88 86.21
CA THR MA 100 -3.86 34.58 87.08
C THR MA 100 -4.01 33.94 88.45
N THR MA 101 -3.54 32.72 88.65
CA THR MA 101 -3.63 32.08 89.96
C THR MA 101 -2.76 32.81 90.98
N GLY MA 102 -3.28 32.96 92.19
CA GLY MA 102 -2.57 33.66 93.24
C GLY MA 102 -1.49 32.88 93.94
N THR MA 103 -1.33 31.59 93.62
CA THR MA 103 -0.24 30.82 94.21
C THR MA 103 1.11 31.23 93.63
N ASN MA 104 1.13 31.66 92.37
CA ASN MA 104 2.37 32.04 91.72
C ASN MA 104 3.02 33.22 92.42
N SER MA 105 4.34 33.24 92.42
CA SER MA 105 5.10 34.33 93.04
C SER MA 105 5.55 35.33 91.98
N ASP MA 106 6.30 36.34 92.40
CA ASP MA 106 6.70 37.41 91.50
C ASP MA 106 7.61 36.91 90.38
N SER MA 107 8.57 36.05 90.72
CA SER MA 107 9.47 35.53 89.69
C SER MA 107 8.71 34.69 88.67
N ASP MA 108 7.78 33.87 89.15
CA ASP MA 108 6.97 33.06 88.23
C ASP MA 108 6.14 33.93 87.31
N LEU MA 109 5.52 34.98 87.86
CA LEU MA 109 4.76 35.89 87.03
C LEU MA 109 5.63 36.59 86.01
N ASP MA 110 6.85 36.96 86.40
CA ASP MA 110 7.78 37.60 85.48
C ASP MA 110 8.13 36.67 84.33
N SER MA 111 8.41 35.40 84.64
CA SER MA 111 8.73 34.45 83.58
C SER MA 111 7.54 34.26 82.64
N ILE MA 112 6.33 34.13 83.19
CA ILE MA 112 5.16 33.93 82.35
C ILE MA 112 4.94 35.13 81.45
N GLN MA 113 5.10 36.35 82.00
CA GLN MA 113 4.90 37.53 81.18
C GLN MA 113 6.01 37.67 80.14
N ASP MA 114 7.20 37.19 80.43
CA ASP MA 114 8.26 37.19 79.42
C ASP MA 114 7.86 36.31 78.24
N GLU MA 115 7.33 35.11 78.53
CA GLU MA 115 6.86 34.25 77.46
C GLU MA 115 5.72 34.89 76.68
N ILE MA 116 4.81 35.56 77.39
CA ILE MA 116 3.69 36.25 76.74
C ILE MA 116 4.21 37.33 75.80
N LYS MA 117 5.18 38.12 76.27
CA LYS MA 117 5.73 39.18 75.44
C LYS MA 117 6.41 38.61 74.21
N SER MA 118 7.12 37.49 74.37
CA SER MA 118 7.76 36.87 73.22
C SER MA 118 6.72 36.44 72.18
N ARG MA 119 5.61 35.84 72.63
CA ARG MA 119 4.62 35.39 71.65
C ARG MA 119 3.87 36.56 71.01
N LEU MA 120 3.65 37.64 71.76
CA LEU MA 120 3.09 38.84 71.15
C LEU MA 120 4.03 39.40 70.08
N ASP MA 121 5.33 39.38 70.36
CA ASP MA 121 6.31 39.80 69.36
C ASP MA 121 6.23 38.91 68.13
N GLU MA 122 6.02 37.61 68.32
CA GLU MA 122 5.83 36.72 67.17
C GLU MA 122 4.60 37.09 66.36
N ILE MA 123 3.49 37.41 67.04
CA ILE MA 123 2.30 37.81 66.31
C ILE MA 123 2.59 39.04 65.45
N ASP MA 124 3.23 40.05 66.05
CA ASP MA 124 3.56 41.26 65.31
C ASP MA 124 4.50 40.96 64.15
N ARG MA 125 5.49 40.10 64.37
CA ARG MA 125 6.45 39.80 63.32
C ARG MA 125 5.79 39.10 62.15
N VAL MA 126 4.93 38.12 62.43
CA VAL MA 126 4.23 37.41 61.36
C VAL MA 126 3.35 38.38 60.58
N SER MA 127 2.64 39.25 61.30
CA SER MA 127 1.80 40.24 60.64
C SER MA 127 2.62 41.13 59.72
N GLY MA 128 3.76 41.61 60.21
CA GLY MA 128 4.57 42.51 59.40
C GLY MA 128 5.21 41.84 58.20
N GLN MA 129 5.68 40.60 58.36
CA GLN MA 129 6.51 39.98 57.35
C GLN MA 129 5.72 39.10 56.37
N THR MA 130 4.47 38.76 56.66
CA THR MA 130 3.69 37.99 55.71
C THR MA 130 3.50 38.80 54.43
N GLN MA 131 3.87 38.21 53.30
CA GLN MA 131 3.90 38.95 52.05
C GLN MA 131 3.53 38.04 50.89
N PHE MA 132 2.80 38.58 49.93
CA PHE MA 132 2.44 37.88 48.70
C PHE MA 132 2.69 38.82 47.53
N ASN MA 133 3.67 38.46 46.70
CA ASN MA 133 3.99 39.22 45.49
C ASN MA 133 4.25 40.69 45.80
N GLY MA 134 4.95 40.95 46.89
CA GLY MA 134 5.28 42.31 47.27
C GLY MA 134 4.16 43.09 47.91
N VAL MA 135 3.05 42.44 48.26
CA VAL MA 135 1.91 43.09 48.89
C VAL MA 135 1.76 42.53 50.29
N ASN MA 136 1.78 43.42 51.29
CA ASN MA 136 1.61 43.02 52.68
C ASN MA 136 0.12 42.83 52.93
N VAL MA 137 -0.32 41.57 52.99
CA VAL MA 137 -1.75 41.29 53.11
C VAL MA 137 -2.28 41.69 54.48
N LEU MA 138 -1.50 41.47 55.53
CA LEU MA 138 -1.96 41.69 56.89
C LEU MA 138 -1.57 43.05 57.46
N ALA MA 139 -0.80 43.85 56.72
CA ALA MA 139 -0.36 45.15 57.22
C ALA MA 139 -1.20 46.31 56.72
N LYS MA 140 -2.24 46.05 55.92
CA LYS MA 140 -3.05 47.11 55.37
C LYS MA 140 -4.52 46.75 55.53
N ASP MA 141 -5.36 47.79 55.63
CA ASP MA 141 -6.80 47.63 55.81
C ASP MA 141 -7.59 47.87 54.53
N GLY MA 142 -6.97 47.61 53.38
CA GLY MA 142 -7.57 47.93 52.10
C GLY MA 142 -8.36 46.79 51.50
N SER MA 143 -8.45 46.81 50.17
CA SER MA 143 -9.22 45.81 49.45
C SER MA 143 -8.52 45.51 48.13
N MET MA 144 -8.81 44.33 47.60
CA MET MA 144 -8.23 43.85 46.35
C MET MA 144 -9.36 43.55 45.38
N LYS MA 145 -9.14 43.90 44.11
CA LYS MA 145 -10.15 43.70 43.07
C LYS MA 145 -9.66 42.62 42.11
N ILE MA 146 -10.53 41.67 41.80
CA ILE MA 146 -10.20 40.56 40.92
C ILE MA 146 -11.14 40.62 39.72
N GLN MA 147 -10.57 40.62 38.53
CA GLN MA 147 -11.32 40.62 37.28
C GLN MA 147 -11.78 39.19 36.99
N VAL MA 148 -13.10 38.99 36.93
CA VAL MA 148 -13.65 37.65 36.74
C VAL MA 148 -14.43 37.53 35.43
N GLY MA 149 -14.89 38.63 34.83
CA GLY MA 149 -15.52 38.60 33.53
C GLY MA 149 -14.64 39.16 32.44
N ALA MA 150 -15.21 39.25 31.24
CA ALA MA 150 -14.50 39.77 30.08
C ALA MA 150 -14.79 41.23 29.80
N ASN MA 151 -15.69 41.86 30.55
CA ASN MA 151 -16.03 43.26 30.35
C ASN MA 151 -15.71 44.04 31.63
N ASP MA 152 -16.03 45.34 31.62
CA ASP MA 152 -15.73 46.20 32.76
C ASP MA 152 -16.77 46.03 33.85
N GLY MA 153 -16.30 46.04 35.10
CA GLY MA 153 -17.16 45.95 36.25
C GLY MA 153 -17.38 44.54 36.77
N GLU MA 154 -16.90 43.52 36.07
CA GLU MA 154 -17.01 42.14 36.53
C GLU MA 154 -15.86 41.88 37.50
N THR MA 155 -16.04 42.32 38.74
CA THR MA 155 -14.99 42.27 39.74
C THR MA 155 -15.51 41.65 41.02
N ILE MA 156 -14.60 41.02 41.75
CA ILE MA 156 -14.86 40.54 43.11
C ILE MA 156 -13.84 41.19 44.03
N THR MA 157 -14.31 41.71 45.16
CA THR MA 157 -13.46 42.42 46.10
C THR MA 157 -13.16 41.54 47.31
N ILE MA 158 -11.89 41.43 47.65
CA ILE MA 158 -11.42 40.79 48.87
C ILE MA 158 -11.04 41.88 49.85
N ASP MA 159 -11.63 41.85 51.04
CA ASP MA 159 -11.32 42.84 52.06
C ASP MA 159 -10.19 42.33 52.96
N LEU MA 160 -9.20 43.16 53.20
CA LEU MA 160 -8.12 42.84 54.12
C LEU MA 160 -8.22 43.72 55.36
N LYS MA 161 -7.80 43.17 56.50
CA LYS MA 161 -7.83 43.89 57.76
C LYS MA 161 -6.43 43.93 58.34
N LYS MA 162 -6.07 45.06 58.94
CA LYS MA 162 -4.76 45.24 59.55
C LYS MA 162 -4.75 44.49 60.87
N ILE MA 163 -4.14 43.31 60.87
CA ILE MA 163 -4.10 42.45 62.04
C ILE MA 163 -2.74 42.62 62.70
N ASP MA 164 -2.74 43.13 63.93
CA ASP MA 164 -1.53 43.25 64.74
C ASP MA 164 -1.97 43.45 66.19
N SER MA 165 -1.03 43.85 67.04
CA SER MA 165 -1.38 44.10 68.44
C SER MA 165 -2.34 45.27 68.56
N ASP MA 166 -2.10 46.35 67.82
CA ASP MA 166 -2.85 47.58 68.02
C ASP MA 166 -4.34 47.38 67.77
N THR MA 167 -4.69 46.62 66.73
CA THR MA 167 -6.08 46.39 66.40
C THR MA 167 -6.71 45.28 67.21
N LEU MA 168 -5.95 44.61 68.08
CA LEU MA 168 -6.49 43.60 68.98
C LEU MA 168 -6.34 44.00 70.44
N GLY MA 169 -5.88 45.22 70.71
CA GLY MA 169 -5.63 45.60 72.08
C GLY MA 169 -4.29 45.06 72.53
N LEU MA 170 -4.26 44.47 73.72
CA LEU MA 170 -3.13 43.68 74.20
C LEU MA 170 -1.83 44.47 74.25
N ASN MA 171 -1.87 45.80 74.10
CA ASN MA 171 -0.63 46.58 74.04
C ASN MA 171 0.18 46.43 75.32
N GLY MA 172 -0.34 46.95 76.43
CA GLY MA 172 0.31 46.76 77.71
C GLY MA 172 -0.29 45.58 78.44
N PHE MA 173 -0.10 44.38 77.89
CA PHE MA 173 -0.75 43.20 78.45
C PHE MA 173 0.10 42.76 79.64
N ASN MA 174 0.00 43.53 80.72
CA ASN MA 174 1.00 43.64 81.78
C ASN MA 174 0.88 42.60 82.89
N VAL MA 175 0.38 41.41 82.58
CA VAL MA 175 -0.09 40.44 83.57
C VAL MA 175 0.86 40.28 84.76
N ASN MA 176 2.14 40.62 84.57
CA ASN MA 176 3.08 40.62 85.70
C ASN MA 176 3.02 41.90 86.52
N GLY MA 177 1.94 42.67 86.44
CA GLY MA 177 1.88 43.95 87.12
C GLY MA 177 1.62 43.85 88.60
N LYS MA 178 0.80 44.76 89.13
CA LYS MA 178 0.48 44.76 90.56
C LYS MA 178 -1.03 44.74 90.78
N GLY MA 179 -1.80 45.21 89.80
CA GLY MA 179 -3.23 45.25 89.98
C GLY MA 179 -3.65 46.28 91.01
N THR MA 180 -4.86 46.10 91.52
CA THR MA 180 -5.41 47.03 92.50
C THR MA 180 -4.58 47.01 93.78
N ILE MA 181 -4.08 48.17 94.18
CA ILE MA 181 -3.22 48.32 95.34
C ILE MA 181 -3.83 49.36 96.28
N THR MA 182 -3.90 49.04 97.56
CA THR MA 182 -4.41 49.97 98.55
C THR MA 182 -3.35 51.02 98.87
N ASN MA 183 -3.74 52.28 98.81
CA ASN MA 183 -2.81 53.37 99.05
C ASN MA 183 -2.70 53.68 100.54
N LYS MA 184 -1.54 54.19 100.93
CA LYS MA 184 -1.28 54.46 102.33
C LYS MA 184 -2.06 55.66 102.84
N ALA MA 185 -2.31 55.67 104.14
CA ALA MA 185 -3.06 56.77 104.75
C ALA MA 185 -2.24 58.05 104.79
N ALA MA 186 -2.92 59.17 104.64
CA ALA MA 186 -2.26 60.47 104.65
C ALA MA 186 -1.81 60.83 106.06
N THR MA 187 -0.87 61.76 106.14
CA THR MA 187 -0.33 62.24 107.41
C THR MA 187 -0.17 63.76 107.37
N VAL MA 188 0.23 64.32 108.50
CA VAL MA 188 0.34 65.77 108.60
C VAL MA 188 1.52 66.29 107.78
N SER MA 189 2.60 65.51 107.66
CA SER MA 189 3.78 65.98 106.94
C SER MA 189 3.45 66.21 105.47
N ASP MA 190 2.90 65.22 104.78
CA ASP MA 190 2.54 65.45 103.39
C ASP MA 190 1.27 66.27 103.25
N LEU MA 191 0.45 66.34 104.30
CA LEU MA 191 -0.65 67.30 104.30
C LEU MA 191 -0.13 68.73 104.17
N THR MA 192 0.91 69.06 104.93
CA THR MA 192 1.53 70.38 104.80
C THR MA 192 2.33 70.50 103.51
N SER MA 193 2.92 69.39 103.04
CA SER MA 193 3.62 69.42 101.77
C SER MA 193 2.68 69.77 100.62
N ALA MA 194 1.43 69.32 100.70
CA ALA MA 194 0.43 69.69 99.69
C ALA MA 194 0.10 71.17 99.71
N GLY MA 195 0.47 71.89 100.77
CA GLY MA 195 0.25 73.32 100.86
C GLY MA 195 -0.79 73.78 101.85
N ALA MA 196 -1.32 72.88 102.68
CA ALA MA 196 -2.34 73.26 103.65
C ALA MA 196 -1.74 74.08 104.78
N LYS MA 197 -2.47 75.11 105.20
CA LYS MA 197 -2.05 75.94 106.32
C LYS MA 197 -2.68 75.44 107.61
N LEU MA 198 -2.19 75.97 108.73
CA LEU MA 198 -2.64 75.58 110.06
C LEU MA 198 -3.52 76.68 110.64
N ASN MA 199 -4.75 76.31 111.01
CA ASN MA 199 -5.70 77.26 111.59
C ASN MA 199 -5.52 77.23 113.10
N THR MA 200 -4.88 78.27 113.65
CA THR MA 200 -4.56 78.27 115.07
C THR MA 200 -5.80 78.33 115.94
N THR MA 201 -6.86 78.98 115.46
CA THR MA 201 -8.07 79.13 116.28
C THR MA 201 -8.74 77.79 116.56
N THR MA 202 -8.59 76.82 115.65
CA THR MA 202 -9.18 75.50 115.83
C THR MA 202 -8.18 74.37 115.86
N GLY MA 203 -6.95 74.58 115.38
CA GLY MA 203 -5.96 73.52 115.33
C GLY MA 203 -6.03 72.64 114.11
N LEU MA 204 -7.01 72.86 113.23
CA LEU MA 204 -7.17 72.04 112.04
C LEU MA 204 -6.26 72.54 110.93
N TYR MA 205 -6.28 71.83 109.80
CA TYR MA 205 -5.47 72.19 108.64
C TYR MA 205 -6.39 72.54 107.48
N ASP MA 206 -6.23 73.73 106.93
CA ASP MA 206 -7.08 74.22 105.86
C ASP MA 206 -6.34 74.12 104.53
N LEU MA 207 -6.95 73.45 103.56
CA LEU MA 207 -6.42 73.36 102.21
C LEU MA 207 -7.37 74.08 101.27
N LYS MA 208 -6.85 75.04 100.52
CA LYS MA 208 -7.62 75.87 99.62
C LYS MA 208 -7.25 75.52 98.18
N THR MA 209 -8.24 75.20 97.37
CA THR MA 209 -8.03 74.77 95.98
C THR MA 209 -8.53 75.88 95.06
N GLU MA 210 -7.59 76.63 94.48
CA GLU MA 210 -7.92 77.70 93.57
C GLU MA 210 -8.35 77.13 92.22
N ASN MA 211 -9.11 77.94 91.49
CA ASN MA 211 -9.55 77.60 90.13
C ASN MA 211 -9.14 78.71 89.18
N THR MA 212 -8.63 78.32 88.02
CA THR MA 212 -8.28 79.30 87.00
C THR MA 212 -9.54 79.86 86.35
N LEU MA 213 -9.53 81.16 86.10
CA LEU MA 213 -10.71 81.81 85.53
C LEU MA 213 -10.88 81.38 84.08
N LEU MA 214 -12.14 81.32 83.65
CA LEU MA 214 -12.47 80.82 82.32
C LEU MA 214 -11.85 81.71 81.24
N THR MA 215 -11.38 81.08 80.16
CA THR MA 215 -10.71 81.77 79.09
C THR MA 215 -11.39 81.47 77.76
N THR MA 216 -11.12 82.34 76.78
CA THR MA 216 -11.77 82.22 75.48
C THR MA 216 -11.38 80.93 74.77
N ASP MA 217 -10.12 80.52 74.89
CA ASP MA 217 -9.70 79.27 74.25
C ASP MA 217 -10.43 78.07 74.84
N ALA MA 218 -10.54 78.03 76.18
CA ALA MA 218 -11.28 76.94 76.82
C ALA MA 218 -12.75 76.97 76.40
N ALA MA 219 -13.34 78.16 76.31
CA ALA MA 219 -14.72 78.28 75.86
C ALA MA 219 -14.87 77.76 74.44
N PHE MA 220 -13.91 78.07 73.56
CA PHE MA 220 -13.96 77.57 72.19
C PHE MA 220 -13.82 76.06 72.15
N ASP MA 221 -12.97 75.50 73.02
CA ASP MA 221 -12.88 74.04 73.10
C ASP MA 221 -14.20 73.43 73.55
N LYS MA 222 -14.88 74.09 74.48
CA LYS MA 222 -16.17 73.61 74.96
C LYS MA 222 -17.34 73.99 74.06
N LEU MA 223 -17.09 74.73 72.99
CA LEU MA 223 -18.15 75.15 72.10
C LEU MA 223 -18.81 73.95 71.42
N GLY MA 224 -20.12 74.08 71.17
CA GLY MA 224 -20.88 73.03 70.52
C GLY MA 224 -21.68 73.59 69.36
N ASN MA 225 -22.45 72.70 68.74
CA ASN MA 225 -23.28 73.09 67.60
C ASN MA 225 -24.39 74.04 68.04
N GLY MA 226 -24.65 75.05 67.22
CA GLY MA 226 -25.68 76.02 67.50
C GLY MA 226 -25.29 77.11 68.48
N ASP MA 227 -24.04 77.12 68.95
CA ASP MA 227 -23.61 78.14 69.90
C ASP MA 227 -23.46 79.48 69.22
N LYS MA 228 -23.61 80.55 70.00
CA LYS MA 228 -23.57 81.92 69.51
C LYS MA 228 -22.46 82.69 70.20
N VAL MA 229 -21.61 83.33 69.40
CA VAL MA 229 -20.54 84.18 69.92
C VAL MA 229 -20.73 85.57 69.33
N THR MA 230 -20.92 86.56 70.19
CA THR MA 230 -21.12 87.94 69.77
C THR MA 230 -19.97 88.78 70.28
N VAL MA 231 -19.08 89.19 69.38
CA VAL MA 231 -17.92 89.99 69.72
C VAL MA 231 -17.90 91.22 68.82
N GLY MA 232 -17.73 92.40 69.42
CA GLY MA 232 -17.74 93.63 68.67
C GLY MA 232 -19.05 93.90 67.95
N GLY MA 233 -20.17 93.47 68.52
CA GLY MA 233 -21.46 93.66 67.89
C GLY MA 233 -21.74 92.76 66.71
N VAL MA 234 -20.89 91.77 66.45
CA VAL MA 234 -21.05 90.86 65.32
C VAL MA 234 -21.35 89.48 65.86
N ASP MA 235 -22.43 88.86 65.38
CA ASP MA 235 -22.88 87.56 65.85
C ASP MA 235 -22.38 86.47 64.92
N TYR MA 236 -21.85 85.40 65.49
CA TYR MA 236 -21.36 84.25 64.76
C TYR MA 236 -22.00 82.99 65.34
N THR MA 237 -22.43 82.09 64.47
CA THR MA 237 -23.06 80.84 64.88
C THR MA 237 -22.12 79.69 64.57
N TYR MA 238 -21.79 78.90 65.59
CA TYR MA 238 -20.88 77.78 65.41
C TYR MA 238 -21.56 76.65 64.65
N ASN MA 239 -20.76 75.91 63.88
CA ASN MA 239 -21.25 74.80 63.09
C ASN MA 239 -20.53 73.52 63.49
N ALA MA 240 -21.29 72.42 63.58
CA ALA MA 240 -20.71 71.14 63.95
C ALA MA 240 -19.95 70.48 62.81
N LYS MA 241 -20.22 70.89 61.57
CA LYS MA 241 -19.55 70.27 60.44
C LYS MA 241 -18.05 70.51 60.47
N SER MA 242 -17.64 71.72 60.81
CA SER MA 242 -16.22 72.07 60.87
C SER MA 242 -16.03 73.21 61.84
N GLY MA 243 -14.78 73.44 62.23
CA GLY MA 243 -14.47 74.49 63.18
C GLY MA 243 -14.52 75.87 62.57
N ASP MA 244 -15.72 76.32 62.22
CA ASP MA 244 -15.90 77.63 61.60
C ASP MA 244 -17.22 78.23 62.04
N PHE MA 245 -17.33 79.53 61.85
CA PHE MA 245 -18.51 80.30 62.21
C PHE MA 245 -19.25 80.75 60.96
N THR MA 246 -20.58 80.71 61.02
CA THR MA 246 -21.44 81.24 59.96
C THR MA 246 -22.09 82.51 60.50
N THR MA 247 -21.92 83.61 59.76
CA THR MA 247 -22.45 84.91 60.17
C THR MA 247 -23.23 85.52 59.02
N THR MA 248 -24.08 86.47 59.36
CA THR MA 248 -24.89 87.18 58.37
C THR MA 248 -24.29 88.57 58.14
N LYS MA 249 -23.87 88.84 56.91
CA LYS MA 249 -23.34 90.14 56.54
C LYS MA 249 -24.39 90.86 55.71
N SER MA 250 -24.80 92.03 56.17
CA SER MA 250 -25.89 92.77 55.55
C SER MA 250 -25.49 94.23 55.43
N THR MA 251 -26.18 94.94 54.55
CA THR MA 251 -25.96 96.37 54.35
C THR MA 251 -26.29 97.15 55.61
N ALA MA 258 -33.05 108.37 53.58
CA ALA MA 258 -32.77 108.10 52.18
C ALA MA 258 -31.61 108.93 51.67
N ALA MA 259 -31.68 110.25 51.90
CA ALA MA 259 -30.63 111.15 51.48
C ALA MA 259 -29.47 111.22 52.46
N ALA MA 260 -29.55 110.50 53.57
CA ALA MA 260 -28.48 110.49 54.56
C ALA MA 260 -27.37 109.55 54.10
N GLN MA 261 -26.42 109.26 54.98
CA GLN MA 261 -25.30 108.40 54.65
C GLN MA 261 -25.70 106.95 54.46
N ALA MA 262 -26.94 106.57 54.79
CA ALA MA 262 -27.35 105.17 54.69
C ALA MA 262 -27.29 104.68 53.25
N ALA MA 263 -27.89 105.43 52.32
CA ALA MA 263 -27.90 105.00 50.92
C ALA MA 263 -26.49 105.03 50.33
N ASP MA 264 -25.69 106.02 50.71
CA ASP MA 264 -24.31 106.07 50.24
C ASP MA 264 -23.52 104.86 50.72
N SER MA 265 -23.70 104.48 51.99
CA SER MA 265 -23.04 103.30 52.52
C SER MA 265 -23.53 102.04 51.82
N ALA MA 266 -24.82 101.97 51.52
CA ALA MA 266 -25.35 100.82 50.80
C ALA MA 266 -24.70 100.69 49.44
N SER MA 267 -24.61 101.79 48.70
CA SER MA 267 -23.99 101.77 47.38
C SER MA 267 -22.51 101.40 47.48
N LYS MA 268 -21.80 101.96 48.46
CA LYS MA 268 -20.39 101.64 48.62
C LYS MA 268 -20.18 100.17 48.96
N ARG MA 269 -21.02 99.63 49.84
CA ARG MA 269 -20.90 98.23 50.21
C ARG MA 269 -21.20 97.32 49.03
N ASP MA 270 -22.21 97.66 48.23
CA ASP MA 270 -22.49 96.88 47.03
C ASP MA 270 -21.32 96.94 46.06
N ALA MA 271 -20.72 98.11 45.89
CA ALA MA 271 -19.56 98.24 45.02
C ALA MA 271 -18.39 97.42 45.52
N LEU MA 272 -18.16 97.42 46.84
CA LEU MA 272 -17.08 96.64 47.41
C LEU MA 272 -17.32 95.15 47.20
N ALA MA 273 -18.55 94.69 47.40
CA ALA MA 273 -18.87 93.28 47.16
C ALA MA 273 -18.67 92.91 45.70
N ALA MA 274 -19.08 93.80 44.79
CA ALA MA 274 -18.90 93.54 43.37
C ALA MA 274 -17.42 93.45 43.02
N THR MA 275 -16.60 94.36 43.56
CA THR MA 275 -15.16 94.30 43.31
C THR MA 275 -14.56 93.02 43.87
N LEU MA 276 -15.01 92.61 45.05
CA LEU MA 276 -14.51 91.37 45.65
C LEU MA 276 -14.86 90.17 44.78
N HIS MA 277 -16.06 90.14 44.22
CA HIS MA 277 -16.48 89.02 43.39
C HIS MA 277 -16.00 89.14 41.94
N ALA MA 278 -15.40 90.28 41.56
CA ALA MA 278 -14.89 90.43 40.21
C ALA MA 278 -13.84 89.38 39.88
N ASP MA 279 -12.92 89.13 40.81
CA ASP MA 279 -11.85 88.16 40.56
C ASP MA 279 -12.40 86.75 40.82
N VAL MA 280 -12.56 85.97 39.75
CA VAL MA 280 -13.10 84.63 39.83
C VAL MA 280 -12.17 83.59 39.21
N GLY MA 281 -10.93 83.97 38.91
CA GLY MA 281 -10.04 83.06 38.22
C GLY MA 281 -10.53 82.83 36.80
N LYS MA 282 -11.06 81.64 36.54
CA LYS MA 282 -11.68 81.34 35.27
C LYS MA 282 -13.18 81.54 35.37
N SER MA 283 -13.92 81.13 34.34
CA SER MA 283 -15.36 81.35 34.29
C SER MA 283 -16.06 80.59 35.42
N VAL MA 284 -17.07 81.21 36.00
CA VAL MA 284 -17.85 80.63 37.09
C VAL MA 284 -19.33 80.75 36.76
N ASN MA 285 -20.14 79.98 37.47
CA ASN MA 285 -21.58 79.96 37.23
C ASN MA 285 -22.32 80.75 38.30
N GLY MA 286 -23.47 81.30 37.91
CA GLY MA 286 -24.34 81.98 38.86
C GLY MA 286 -25.77 81.92 38.38
N SER MA 287 -26.70 82.12 39.31
CA SER MA 287 -28.13 82.10 39.01
C SER MA 287 -28.78 83.33 39.61
N TYR MA 288 -29.36 84.17 38.75
CA TYR MA 288 -30.08 85.36 39.19
C TYR MA 288 -31.56 85.12 38.93
N THR MA 289 -32.38 85.22 39.97
CA THR MA 289 -33.80 84.94 39.85
C THR MA 289 -34.61 86.05 40.49
N THR MA 290 -35.66 86.46 39.79
CA THR MA 290 -36.62 87.41 40.34
C THR MA 290 -37.75 86.63 40.98
N LYS MA 291 -38.85 87.32 41.30
CA LYS MA 291 -39.96 86.68 41.98
C LYS MA 291 -40.64 85.63 41.12
N ASP MA 292 -40.45 85.67 39.79
CA ASP MA 292 -41.11 84.72 38.90
C ASP MA 292 -40.22 84.15 37.81
N GLY MA 293 -38.97 84.59 37.68
CA GLY MA 293 -38.12 84.12 36.61
C GLY MA 293 -36.75 83.72 37.13
N THR MA 294 -36.05 82.94 36.32
CA THR MA 294 -34.71 82.44 36.64
C THR MA 294 -33.81 82.61 35.42
N VAL MA 295 -32.57 83.02 35.64
CA VAL MA 295 -31.57 83.13 34.60
C VAL MA 295 -30.27 82.51 35.12
N SER MA 296 -29.63 81.69 34.29
CA SER MA 296 -28.33 81.12 34.58
C SER MA 296 -27.28 81.84 33.73
N PHE MA 297 -26.27 82.40 34.39
CA PHE MA 297 -25.30 83.24 33.72
C PHE MA 297 -23.88 82.80 34.07
N GLU MA 298 -22.98 82.94 33.10
CA GLU MA 298 -21.57 82.57 33.27
C GLU MA 298 -20.76 83.83 33.50
N THR MA 299 -20.36 84.06 34.75
CA THR MA 299 -19.50 85.19 35.06
C THR MA 299 -18.08 84.92 34.58
N ASP MA 300 -17.45 85.95 34.04
CA ASP MA 300 -16.10 85.86 33.50
C ASP MA 300 -15.11 86.55 34.44
N SER MA 301 -13.83 86.40 34.12
CA SER MA 301 -12.78 87.04 34.90
C SER MA 301 -12.91 88.56 34.81
N ALA MA 302 -12.52 89.23 35.90
CA ALA MA 302 -12.56 90.68 36.05
C ALA MA 302 -13.96 91.25 36.03
N GLY MA 303 -14.99 90.40 35.98
CA GLY MA 303 -16.36 90.87 36.05
C GLY MA 303 -17.04 91.01 34.70
N ASN MA 304 -17.90 90.07 34.36
CA ASN MA 304 -18.66 90.13 33.12
C ASN MA 304 -19.87 89.20 33.24
N ILE MA 305 -20.84 89.41 32.38
CA ILE MA 305 -22.07 88.63 32.36
C ILE MA 305 -22.20 87.99 30.99
N THR MA 306 -22.38 86.67 30.96
CA THR MA 306 -22.45 85.92 29.71
C THR MA 306 -23.48 84.82 29.83
N ILE MA 307 -24.43 84.78 28.90
CA ILE MA 307 -25.45 83.75 28.83
C ILE MA 307 -25.41 83.14 27.43
N GLY MA 308 -25.38 81.81 27.38
CA GLY MA 308 -25.43 81.11 26.10
C GLY MA 308 -24.26 81.43 25.19
N GLY MA 309 -23.08 81.66 25.75
CA GLY MA 309 -21.91 81.96 24.95
C GLY MA 309 -21.85 83.36 24.38
N SER MA 310 -22.79 84.23 24.77
CA SER MA 310 -22.83 85.60 24.27
C SER MA 310 -22.90 86.56 25.44
N GLN MA 311 -22.36 87.75 25.23
CA GLN MA 311 -22.38 88.78 26.27
C GLN MA 311 -23.82 89.19 26.57
N ALA MA 312 -24.14 89.29 27.85
CA ALA MA 312 -25.48 89.60 28.31
C ALA MA 312 -25.52 91.01 28.92
N TYR MA 313 -26.69 91.63 28.86
CA TYR MA 313 -26.88 93.00 29.31
C TYR MA 313 -27.93 93.03 30.41
N VAL MA 314 -27.85 94.04 31.26
CA VAL MA 314 -28.76 94.19 32.40
C VAL MA 314 -29.77 95.28 32.07
N ASP MA 315 -31.04 94.98 32.34
CA ASP MA 315 -32.09 95.97 32.14
C ASP MA 315 -32.01 97.05 33.22
N ASP MA 316 -32.54 98.23 32.90
CA ASP MA 316 -32.54 99.32 33.87
C ASP MA 316 -33.40 98.97 35.08
N ALA MA 317 -34.53 98.31 34.87
CA ALA MA 317 -35.40 97.92 35.97
C ALA MA 317 -34.84 96.75 36.77
N GLY MA 318 -33.84 96.04 36.23
CA GLY MA 318 -33.19 94.95 36.93
C GLY MA 318 -33.20 93.62 36.21
N ASN MA 319 -33.89 93.50 35.08
CA ASN MA 319 -33.93 92.23 34.36
C ASN MA 319 -32.59 91.97 33.66
N LEU MA 320 -32.35 90.69 33.36
CA LEU MA 320 -31.15 90.25 32.68
C LEU MA 320 -31.52 89.77 31.28
N THR MA 321 -30.77 90.22 30.28
CA THR MA 321 -31.06 89.90 28.89
C THR MA 321 -29.77 89.71 28.11
N THR MA 322 -29.88 89.04 26.98
CA THR MA 322 -28.77 88.87 26.05
C THR MA 322 -28.78 89.88 24.91
N ASN MA 323 -29.84 90.69 24.80
CA ASN MA 323 -29.93 91.69 23.74
C ASN MA 323 -30.27 93.05 24.36
N ASN MA 324 -29.61 94.08 23.86
CA ASN MA 324 -29.80 95.42 24.42
C ASN MA 324 -30.97 96.12 23.74
N ALA MA 325 -31.75 96.84 24.53
CA ALA MA 325 -32.88 97.62 24.04
C ALA MA 325 -32.82 99.02 24.66
N GLY MA 326 -33.06 100.03 23.83
CA GLY MA 326 -33.01 101.39 24.32
C GLY MA 326 -31.63 101.92 24.60
N SER MA 327 -30.60 101.30 24.02
CA SER MA 327 -29.21 101.74 24.18
C SER MA 327 -28.80 101.80 25.65
N ALA MA 328 -29.27 100.83 26.42
CA ALA MA 328 -28.94 100.71 27.85
C ALA MA 328 -28.58 99.26 28.13
N ALA MA 329 -27.31 98.91 27.96
CA ALA MA 329 -26.83 97.54 28.20
C ALA MA 329 -26.13 97.40 29.55
N LYS MA 330 -25.07 98.17 29.76
CA LYS MA 330 -24.24 98.09 30.96
C LYS MA 330 -23.90 96.64 31.31
N ALA MA 331 -23.19 95.99 30.40
CA ALA MA 331 -22.86 94.57 30.56
C ALA MA 331 -21.76 94.41 31.62
N ASP MA 332 -22.17 94.52 32.88
CA ASP MA 332 -21.25 94.38 33.99
C ASP MA 332 -22.02 93.90 35.22
N MET MA 333 -21.35 93.06 36.03
CA MET MA 333 -22.00 92.52 37.21
C MET MA 333 -22.13 93.58 38.31
N LYS MA 334 -21.21 94.55 38.38
CA LYS MA 334 -21.41 95.68 39.29
C LYS MA 334 -22.65 96.46 38.92
N ALA MA 335 -22.86 96.70 37.62
CA ALA MA 335 -24.06 97.39 37.17
C ALA MA 335 -25.30 96.55 37.46
N LEU MA 336 -25.21 95.23 37.30
CA LEU MA 336 -26.32 94.36 37.62
C LEU MA 336 -26.68 94.45 39.10
N LEU MA 337 -25.68 94.43 39.97
CA LEU MA 337 -25.93 94.54 41.40
C LEU MA 337 -26.56 95.89 41.75
N LYS MA 338 -26.04 96.98 41.16
CA LYS MA 338 -26.60 98.29 41.43
C LYS MA 338 -28.04 98.39 40.95
N ALA MA 339 -28.33 97.86 39.76
CA ALA MA 339 -29.70 97.87 39.25
C ALA MA 339 -30.64 97.05 40.11
N ALA MA 340 -30.17 95.88 40.58
CA ALA MA 340 -30.99 95.08 41.47
C ALA MA 340 -31.26 95.79 42.78
N SER MA 341 -30.24 96.45 43.34
CA SER MA 341 -30.42 97.17 44.60
C SER MA 341 -31.39 98.33 44.44
N GLU MA 342 -31.28 99.07 43.34
CA GLU MA 342 -32.13 100.23 43.11
C GLU MA 342 -33.46 99.88 42.47
N GLY MA 343 -33.69 98.60 42.15
CA GLY MA 343 -34.91 98.22 41.46
C GLY MA 343 -36.15 98.36 42.35
N SER MA 344 -37.30 98.45 41.67
CA SER MA 344 -38.56 98.54 42.38
C SER MA 344 -38.90 97.25 43.11
N ASP MA 345 -38.44 96.12 42.59
CA ASP MA 345 -38.72 94.81 43.16
C ASP MA 345 -37.42 94.09 43.48
N GLY MA 346 -37.39 93.40 44.62
CA GLY MA 346 -36.22 92.66 45.01
C GLY MA 346 -36.09 91.33 44.28
N ALA MA 347 -34.89 90.76 44.34
CA ALA MA 347 -34.58 89.50 43.69
C ALA MA 347 -33.53 88.76 44.50
N SER MA 348 -33.26 87.51 44.10
CA SER MA 348 -32.29 86.65 44.76
C SER MA 348 -31.20 86.23 43.78
N LEU MA 349 -29.95 86.37 44.21
CA LEU MA 349 -28.81 86.04 43.36
C LEU MA 349 -27.91 85.06 44.08
N THR MA 350 -27.65 83.92 43.44
CA THR MA 350 -26.83 82.85 44.00
C THR MA 350 -25.56 82.72 43.18
N PHE MA 351 -24.41 82.77 43.85
CA PHE MA 351 -23.12 82.54 43.21
C PHE MA 351 -22.81 81.04 43.26
N ASN MA 352 -21.55 80.67 43.00
CA ASN MA 352 -21.17 79.27 42.97
C ASN MA 352 -21.46 78.59 44.31
N GLY MA 353 -20.99 79.18 45.41
CA GLY MA 353 -21.16 78.57 46.71
C GLY MA 353 -22.22 79.20 47.58
N THR MA 354 -22.26 80.53 47.62
CA THR MA 354 -23.13 81.26 48.53
C THR MA 354 -24.34 81.84 47.80
N GLU MA 355 -25.30 82.31 48.58
CA GLU MA 355 -26.52 82.92 48.07
C GLU MA 355 -26.62 84.35 48.61
N TYR MA 356 -27.01 85.28 47.75
CA TYR MA 356 -27.12 86.68 48.10
C TYR MA 356 -28.56 87.12 47.90
N THR MA 357 -29.11 87.84 48.87
CA THR MA 357 -30.48 88.33 48.81
C THR MA 357 -30.47 89.84 48.73
N ILE MA 358 -31.26 90.38 47.80
CA ILE MA 358 -31.31 91.82 47.54
C ILE MA 358 -32.60 92.36 48.15
N ALA MA 359 -32.46 93.30 49.09
CA ALA MA 359 -33.62 93.94 49.69
C ALA MA 359 -34.26 94.90 48.71
N LYS MA 360 -35.59 94.97 48.75
CA LYS MA 360 -36.34 95.87 47.86
C LYS MA 360 -36.07 97.33 48.19
N GLY MA 376 -30.45 97.20 49.84
CA GLY MA 376 -29.34 96.57 50.55
C GLY MA 376 -29.07 95.15 50.10
N ILE MA 377 -27.94 94.60 50.53
CA ILE MA 377 -27.54 93.25 50.19
C ILE MA 377 -27.30 92.48 51.48
N THR MA 378 -27.71 91.20 51.50
CA THR MA 378 -27.44 90.34 52.63
C THR MA 378 -26.94 88.99 52.14
N TYR MA 379 -26.06 88.37 52.92
CA TYR MA 379 -25.50 87.08 52.54
C TYR MA 379 -24.92 86.40 53.77
N GLN MA 380 -24.99 85.07 53.76
CA GLN MA 380 -24.50 84.25 54.88
C GLN MA 380 -23.03 83.94 54.63
N ALA MA 381 -22.15 84.78 55.16
CA ALA MA 381 -20.72 84.56 55.03
C ALA MA 381 -20.25 83.53 56.05
N THR MA 382 -19.10 82.92 55.76
CA THR MA 382 -18.45 81.97 56.66
C THR MA 382 -17.05 82.47 56.98
N VAL MA 383 -16.74 82.56 58.27
CA VAL MA 383 -15.43 82.99 58.74
C VAL MA 383 -14.94 81.99 59.77
N SER MA 384 -13.67 81.61 59.66
CA SER MA 384 -13.11 80.61 60.56
C SER MA 384 -13.09 81.11 62.00
N LYS MA 385 -13.26 80.17 62.94
CA LYS MA 385 -13.33 80.52 64.35
C LYS MA 385 -12.00 81.02 64.89
N ASP MA 386 -10.90 80.72 64.21
CA ASP MA 386 -9.60 81.22 64.66
C ASP MA 386 -9.54 82.74 64.63
N VAL MA 387 -10.10 83.36 63.58
CA VAL MA 387 -10.14 84.82 63.51
C VAL MA 387 -10.94 85.38 64.68
N VAL MA 388 -12.10 84.77 64.96
CA VAL MA 388 -12.97 85.27 66.01
C VAL MA 388 -12.27 85.17 67.37
N LEU MA 389 -11.68 84.01 67.65
CA LEU MA 389 -11.01 83.84 68.94
C LEU MA 389 -9.81 84.76 69.06
N SER MA 390 -9.05 84.95 67.98
CA SER MA 390 -7.89 85.83 68.04
C SER MA 390 -8.31 87.28 68.28
N GLU MA 391 -9.36 87.74 67.60
CA GLU MA 391 -9.80 89.12 67.79
C GLU MA 391 -10.43 89.32 69.16
N THR MA 392 -11.07 88.28 69.71
CA THR MA 392 -11.59 88.38 71.08
C THR MA 392 -10.46 88.44 72.09
N LYS MA 393 -9.42 87.62 71.90
CA LYS MA 393 -8.34 87.54 72.87
C LYS MA 393 -7.44 88.77 72.83
N ALA MA 394 -7.09 89.23 71.63
CA ALA MA 394 -6.10 90.29 71.51
C ALA MA 394 -6.64 91.64 71.99
N ALA MA 395 -7.84 91.99 71.56
CA ALA MA 395 -8.41 93.31 71.83
C ALA MA 395 -9.17 93.31 73.14
N ALA MA 396 -9.27 94.50 73.74
CA ALA MA 396 -10.00 94.69 74.99
C ALA MA 396 -11.49 94.92 74.70
N ALA MA 397 -12.10 93.90 74.10
CA ALA MA 397 -13.49 93.97 73.71
C ALA MA 397 -14.37 93.37 74.80
N THR MA 398 -15.68 93.32 74.52
CA THR MA 398 -16.67 92.76 75.44
C THR MA 398 -17.47 91.72 74.66
N SER MA 399 -17.02 90.47 74.71
CA SER MA 399 -17.65 89.40 73.96
C SER MA 399 -18.69 88.69 74.81
N SER MA 400 -19.59 87.97 74.15
CA SER MA 400 -20.61 87.17 74.81
C SER MA 400 -20.63 85.79 74.17
N ILE MA 401 -20.61 84.75 75.00
CA ILE MA 401 -20.62 83.37 74.54
C ILE MA 401 -21.84 82.68 75.10
N THR MA 402 -22.60 82.01 74.24
CA THR MA 402 -23.81 81.32 74.65
C THR MA 402 -23.65 79.83 74.38
N PHE MA 403 -23.83 79.03 75.42
CA PHE MA 403 -23.85 77.57 75.31
C PHE MA 403 -25.30 77.12 75.27
N ASN MA 404 -25.62 76.29 74.27
CA ASN MA 404 -26.95 75.74 74.09
C ASN MA 404 -26.84 74.23 73.99
N SER MA 405 -27.57 73.53 74.86
CA SER MA 405 -27.66 72.08 74.81
C SER MA 405 -28.90 71.60 74.08
N GLY MA 406 -29.62 72.51 73.41
CA GLY MA 406 -30.89 72.23 72.78
C GLY MA 406 -32.08 72.61 73.64
N VAL MA 407 -31.95 72.53 74.95
CA VAL MA 407 -32.98 72.94 75.89
C VAL MA 407 -32.46 73.98 76.87
N LEU MA 408 -31.28 73.75 77.44
CA LEU MA 408 -30.69 74.62 78.45
C LEU MA 408 -29.73 75.58 77.76
N SER MA 409 -29.80 76.86 78.16
CA SER MA 409 -28.97 77.89 77.56
C SER MA 409 -28.30 78.71 78.66
N LYS MA 410 -27.02 79.03 78.45
CA LYS MA 410 -26.26 79.83 79.40
C LYS MA 410 -25.44 80.87 78.64
N THR MA 411 -25.54 82.13 79.06
CA THR MA 411 -24.83 83.23 78.43
C THR MA 411 -23.80 83.79 79.39
N ILE MA 412 -22.55 83.90 78.93
CA ILE MA 412 -21.43 84.36 79.75
C ILE MA 412 -20.76 85.53 79.04
N GLY MA 413 -20.54 86.62 79.77
CA GLY MA 413 -19.79 87.74 79.24
C GLY MA 413 -18.30 87.54 79.46
N PHE MA 414 -17.51 88.06 78.52
CA PHE MA 414 -16.06 87.88 78.53
C PHE MA 414 -15.37 89.20 78.23
N THR MA 415 -14.35 89.52 79.01
CA THR MA 415 -13.44 90.62 78.72
C THR MA 415 -12.30 90.08 77.86
N ALA MA 416 -11.19 90.82 77.76
CA ALA MA 416 -10.08 90.43 76.91
C ALA MA 416 -9.36 89.23 77.53
N GLY MA 417 -9.93 88.05 77.31
CA GLY MA 417 -9.34 86.80 77.75
C GLY MA 417 -9.95 86.21 79.01
N GLU MA 418 -10.74 86.99 79.74
CA GLU MA 418 -11.33 86.54 81.00
C GLU MA 418 -12.82 86.87 80.99
N SER MA 419 -13.49 86.56 82.09
CA SER MA 419 -14.91 86.84 82.26
C SER MA 419 -15.07 87.97 83.27
N SER MA 420 -15.73 89.05 82.85
CA SER MA 420 -15.93 90.22 83.69
C SER MA 420 -17.40 90.49 83.97
N ASP MA 421 -18.27 89.50 83.75
CA ASP MA 421 -19.71 89.69 83.87
C ASP MA 421 -20.22 89.48 85.29
N ALA MA 422 -19.37 89.67 86.30
CA ALA MA 422 -19.72 89.45 87.70
C ALA MA 422 -20.18 88.01 87.94
N ALA MA 423 -19.70 87.09 87.11
CA ALA MA 423 -20.00 85.68 87.21
C ALA MA 423 -18.73 84.91 87.53
N LYS MA 424 -18.89 83.78 88.22
CA LYS MA 424 -17.73 83.04 88.70
C LYS MA 424 -16.97 82.39 87.54
N SER MA 425 -17.63 81.45 86.84
CA SER MA 425 -17.13 80.90 85.58
C SER MA 425 -15.72 80.32 85.73
N TYR MA 426 -15.63 79.25 86.53
CA TYR MA 426 -14.39 78.53 86.72
C TYR MA 426 -14.51 77.11 86.19
N VAL MA 427 -13.42 76.61 85.61
CA VAL MA 427 -13.44 75.36 84.86
C VAL MA 427 -12.28 74.47 85.29
N ASP MA 428 -11.37 75.02 86.09
CA ASP MA 428 -10.08 74.39 86.32
C ASP MA 428 -10.16 73.03 86.98
N ASP MA 429 -11.27 72.71 87.65
CA ASP MA 429 -11.35 71.49 88.45
C ASP MA 429 -11.16 70.23 87.61
N LYS MA 430 -12.11 69.93 86.73
CA LYS MA 430 -12.00 68.76 85.86
C LYS MA 430 -12.54 69.02 84.46
N GLY MA 431 -12.90 70.24 84.14
CA GLY MA 431 -13.61 70.54 82.91
C GLY MA 431 -15.07 70.85 83.17
N GLY MA 432 -15.62 71.73 82.34
CA GLY MA 432 -16.97 72.22 82.54
C GLY MA 432 -17.01 73.41 83.49
N ILE MA 433 -18.02 74.23 83.31
CA ILE MA 433 -18.14 75.50 84.03
C ILE MA 433 -18.95 75.25 85.29
N THR MA 434 -18.26 75.19 86.43
CA THR MA 434 -18.92 74.88 87.70
C THR MA 434 -19.13 76.10 88.58
N ASN MA 435 -18.79 77.30 88.08
CA ASN MA 435 -19.08 78.60 88.71
C ASN MA 435 -18.92 78.59 90.23
N VAL MA 436 -17.87 77.93 90.71
CA VAL MA 436 -17.49 77.96 92.12
C VAL MA 436 -16.18 78.72 92.25
N ALA MA 437 -16.16 79.70 93.17
CA ALA MA 437 -14.95 80.48 93.39
C ALA MA 437 -13.84 79.61 93.94
N ASP MA 438 -14.04 79.06 95.14
CA ASP MA 438 -13.03 78.25 95.81
C ASP MA 438 -13.68 77.51 96.95
N TYR MA 439 -13.16 76.32 97.25
CA TYR MA 439 -13.61 75.52 98.38
C TYR MA 439 -12.40 75.21 99.26
N THR MA 440 -12.58 75.37 100.56
CA THR MA 440 -11.54 75.09 101.55
C THR MA 440 -11.97 73.87 102.35
N VAL MA 441 -11.09 72.87 102.42
CA VAL MA 441 -11.35 71.65 103.15
C VAL MA 441 -10.50 71.65 104.40
N SER MA 442 -11.13 71.39 105.54
CA SER MA 442 -10.44 71.37 106.82
C SER MA 442 -10.25 69.93 107.28
N TYR MA 443 -9.01 69.58 107.61
CA TYR MA 443 -8.64 68.25 108.06
C TYR MA 443 -8.27 68.30 109.53
N SER MA 444 -8.80 67.35 110.30
CA SER MA 444 -8.48 67.23 111.71
C SER MA 444 -7.42 66.15 111.88
N VAL MA 445 -6.37 66.46 112.63
CA VAL MA 445 -5.25 65.56 112.83
C VAL MA 445 -5.33 65.02 114.26
N ASN MA 446 -5.41 63.70 114.38
CA ASN MA 446 -5.43 63.06 115.69
C ASN MA 446 -4.00 62.89 116.17
N LYS MA 447 -3.64 63.59 117.25
CA LYS MA 447 -2.27 63.60 117.73
C LYS MA 447 -1.87 62.31 118.45
N ASP MA 448 -2.83 61.45 118.78
CA ASP MA 448 -2.49 60.21 119.47
C ASP MA 448 -1.71 59.27 118.57
N ASN MA 449 -2.15 59.10 117.33
CA ASN MA 449 -1.50 58.21 116.39
C ASN MA 449 -1.02 58.88 115.12
N GLY MA 450 -1.50 60.08 114.80
CA GLY MA 450 -1.14 60.76 113.58
C GLY MA 450 -2.13 60.59 112.44
N SER MA 451 -3.23 59.89 112.67
CA SER MA 451 -4.23 59.69 111.62
C SER MA 451 -4.90 61.01 111.28
N VAL MA 452 -5.15 61.23 109.98
CA VAL MA 452 -5.73 62.46 109.48
C VAL MA 452 -7.09 62.13 108.87
N THR MA 453 -8.12 62.84 109.30
CA THR MA 453 -9.46 62.69 108.77
C THR MA 453 -9.96 64.04 108.26
N VAL MA 454 -11.10 64.00 107.58
CA VAL MA 454 -11.71 65.20 107.02
C VAL MA 454 -12.79 65.70 107.98
N ALA MA 455 -12.73 66.99 108.30
CA ALA MA 455 -13.69 67.59 109.24
C ALA MA 455 -13.81 69.07 108.90
N GLY MA 456 -14.87 69.42 108.16
CA GLY MA 456 -15.14 70.81 107.86
C GLY MA 456 -14.99 71.20 106.40
N TYR MA 457 -16.00 71.88 105.87
CA TYR MA 457 -15.99 72.34 104.48
C TYR MA 457 -16.47 73.79 104.44
N ALA MA 458 -15.75 74.64 103.72
CA ALA MA 458 -16.10 76.03 103.59
C ALA MA 458 -16.13 76.41 102.12
N SER MA 459 -17.14 77.20 101.73
CA SER MA 459 -17.26 77.66 100.36
C SER MA 459 -17.69 79.11 100.34
N ALA MA 460 -17.03 79.91 99.50
CA ALA MA 460 -17.43 81.30 99.32
C ALA MA 460 -18.74 81.44 98.56
N THR MA 461 -19.19 80.38 97.91
CA THR MA 461 -20.47 80.34 97.22
C THR MA 461 -21.33 79.24 97.85
N ASP MA 462 -22.57 79.13 97.36
CA ASP MA 462 -23.45 78.07 97.84
C ASP MA 462 -22.87 76.69 97.50
N THR MA 463 -22.55 76.48 96.22
CA THR MA 463 -21.77 75.33 95.74
C THR MA 463 -22.59 74.05 95.83
N ASN MA 464 -23.77 74.12 96.46
CA ASN MA 464 -24.65 72.97 96.64
C ASN MA 464 -23.92 71.77 97.25
N LYS MA 465 -22.81 72.04 97.95
CA LYS MA 465 -21.97 71.01 98.55
C LYS MA 465 -21.55 69.96 97.51
N ASP MA 466 -21.20 70.43 96.32
CA ASP MA 466 -20.76 69.54 95.27
C ASP MA 466 -19.41 68.89 95.60
N TYR MA 467 -18.48 69.68 96.11
CA TYR MA 467 -17.14 69.21 96.43
C TYR MA 467 -16.93 68.98 97.92
N ALA MA 468 -18.01 68.70 98.66
CA ALA MA 468 -17.91 68.52 100.10
C ALA MA 468 -17.96 67.04 100.43
N PRO MA 469 -16.85 66.41 100.83
CA PRO MA 469 -16.92 65.02 101.27
C PRO MA 469 -17.61 64.91 102.62
N ALA MA 470 -18.12 63.72 102.89
CA ALA MA 470 -18.71 63.44 104.20
C ALA MA 470 -17.65 63.56 105.28
N ILE MA 471 -17.98 64.26 106.37
CA ILE MA 471 -17.03 64.46 107.44
C ILE MA 471 -16.77 63.14 108.17
N GLY MA 472 -15.60 63.05 108.79
CA GLY MA 472 -15.23 61.85 109.52
C GLY MA 472 -14.69 60.71 108.68
N THR MA 473 -14.37 60.97 107.42
CA THR MA 473 -13.83 59.95 106.53
C THR MA 473 -12.31 60.06 106.48
N ALA MA 474 -11.63 58.95 106.71
CA ALA MA 474 -10.16 58.95 106.73
C ALA MA 474 -9.64 59.26 105.34
N VAL MA 475 -8.70 60.20 105.27
CA VAL MA 475 -8.11 60.62 104.00
C VAL MA 475 -6.81 59.86 103.78
N ASN MA 476 -6.49 59.61 102.52
CA ASN MA 476 -5.30 58.88 102.13
C ASN MA 476 -4.52 59.66 101.08
N VAL MA 477 -3.46 59.04 100.54
CA VAL MA 477 -2.60 59.64 99.54
C VAL MA 477 -2.68 58.82 98.27
N ASN MA 478 -2.98 59.49 97.16
CA ASN MA 478 -3.11 58.82 95.88
C ASN MA 478 -1.73 58.36 95.38
N SER MA 479 -1.73 57.69 94.24
CA SER MA 479 -0.47 57.22 93.65
C SER MA 479 0.42 58.38 93.25
N ALA MA 480 -0.17 59.44 92.71
CA ALA MA 480 0.57 60.61 92.26
C ALA MA 480 0.96 61.54 93.42
N GLY MA 481 0.70 61.15 94.66
CA GLY MA 481 1.02 61.98 95.80
C GLY MA 481 -0.05 62.95 96.22
N LYS MA 482 -1.18 62.99 95.52
CA LYS MA 482 -2.25 63.91 95.88
C LYS MA 482 -2.98 63.42 97.13
N ILE MA 483 -3.72 64.32 97.75
CA ILE MA 483 -4.49 64.03 98.95
C ILE MA 483 -5.91 63.68 98.49
N THR MA 484 -6.33 62.44 98.75
CA THR MA 484 -7.59 61.96 98.20
C THR MA 484 -8.21 60.98 99.20
N THR MA 485 -9.52 60.79 99.07
CA THR MA 485 -10.28 60.03 100.07
C THR MA 485 -10.47 58.56 99.73
N GLU MA 486 -10.50 58.19 98.45
CA GLU MA 486 -10.76 56.80 98.08
C GLU MA 486 -9.47 55.98 98.14
N THR MA 487 -9.64 54.69 98.42
CA THR MA 487 -8.52 53.78 98.61
C THR MA 487 -8.30 52.84 97.44
N THR MA 488 -9.00 53.02 96.33
CA THR MA 488 -8.90 52.10 95.20
C THR MA 488 -7.49 52.07 94.60
N SER MA 489 -7.08 53.18 94.00
CA SER MA 489 -5.74 53.33 93.43
C SER MA 489 -5.44 52.20 92.44
N ALA MA 490 -6.19 52.22 91.35
CA ALA MA 490 -6.10 51.16 90.34
C ALA MA 490 -4.67 51.05 89.79
N GLY MA 491 -4.22 49.81 89.61
CA GLY MA 491 -2.86 49.53 89.20
C GLY MA 491 -2.70 49.44 87.69
N SER MA 492 -1.66 48.73 87.27
CA SER MA 492 -1.26 48.65 85.88
C SER MA 492 -1.54 47.30 85.22
N ALA MA 493 -1.80 46.25 85.99
CA ALA MA 493 -2.10 44.96 85.41
C ALA MA 493 -3.40 45.02 84.61
N THR MA 494 -3.44 44.29 83.51
CA THR MA 494 -4.60 44.33 82.62
C THR MA 494 -5.85 43.86 83.36
N THR MA 495 -6.96 44.58 83.15
CA THR MA 495 -8.17 44.35 83.92
C THR MA 495 -8.79 42.99 83.61
N ASN MA 496 -9.15 42.75 82.36
CA ASN MA 496 -9.88 41.54 81.95
C ASN MA 496 -9.09 40.87 80.83
N PRO MA 497 -8.00 40.19 81.17
CA PRO MA 497 -7.15 39.59 80.13
C PRO MA 497 -7.88 38.55 79.30
N LEU MA 498 -8.70 37.72 79.94
CA LEU MA 498 -9.40 36.67 79.22
C LEU MA 498 -10.43 37.27 78.27
N ALA MA 499 -11.13 38.32 78.69
CA ALA MA 499 -12.06 38.99 77.79
C ALA MA 499 -11.35 39.62 76.60
N ALA MA 500 -10.20 40.26 76.84
CA ALA MA 500 -9.46 40.86 75.74
C ALA MA 500 -8.99 39.80 74.74
N LEU MA 501 -8.49 38.67 75.26
CA LEU MA 501 -8.05 37.60 74.39
C LEU MA 501 -9.20 36.99 73.61
N ASP MA 502 -10.37 36.88 74.24
CA ASP MA 502 -11.54 36.38 73.54
C ASP MA 502 -11.95 37.31 72.41
N ASP MA 503 -11.89 38.63 72.66
CA ASP MA 503 -12.20 39.57 71.58
C ASP MA 503 -11.22 39.44 70.43
N ALA MA 504 -9.93 39.28 70.74
CA ALA MA 504 -8.94 39.11 69.68
C ALA MA 504 -9.21 37.85 68.87
N ILE MA 505 -9.49 36.74 69.56
CA ILE MA 505 -9.77 35.49 68.86
C ILE MA 505 -11.02 35.61 68.00
N SER MA 506 -12.04 36.31 68.51
CA SER MA 506 -13.25 36.50 67.73
C SER MA 506 -12.98 37.29 66.47
N SER MA 507 -12.16 38.34 66.56
CA SER MA 507 -11.82 39.10 65.36
C SER MA 507 -11.09 38.23 64.35
N ILE MA 508 -10.13 37.44 64.81
CA ILE MA 508 -9.39 36.55 63.92
C ILE MA 508 -10.34 35.58 63.23
N ASP MA 509 -11.26 34.99 63.99
CA ASP MA 509 -12.19 34.02 63.43
C ASP MA 509 -13.11 34.66 62.40
N LYS MA 510 -13.59 35.87 62.67
CA LYS MA 510 -14.45 36.55 61.71
C LYS MA 510 -13.71 36.80 60.41
N PHE MA 511 -12.47 37.27 60.49
CA PHE MA 511 -11.71 37.55 59.27
C PHE MA 511 -11.42 36.26 58.50
N ARG MA 512 -11.11 35.18 59.21
CA ARG MA 512 -10.90 33.90 58.54
C ARG MA 512 -12.16 33.40 57.86
N SER MA 513 -13.32 33.56 58.50
CA SER MA 513 -14.57 33.16 57.89
C SER MA 513 -14.84 33.95 56.62
N SER MA 514 -14.56 35.25 56.66
CA SER MA 514 -14.73 36.07 55.46
C SER MA 514 -13.86 35.58 54.32
N LEU MA 515 -12.59 35.25 54.63
CA LEU MA 515 -11.71 34.74 53.58
C LEU MA 515 -12.21 33.41 53.02
N GLY MA 516 -12.71 32.52 53.88
CA GLY MA 516 -13.24 31.26 53.40
C GLY MA 516 -14.43 31.44 52.49
N ALA MA 517 -15.34 32.34 52.84
CA ALA MA 517 -16.47 32.62 51.97
C ALA MA 517 -16.01 33.17 50.63
N ILE MA 518 -15.01 34.05 50.65
CA ILE MA 518 -14.48 34.59 49.40
C ILE MA 518 -13.92 33.47 48.53
N GLN MA 519 -13.18 32.53 49.14
CA GLN MA 519 -12.62 31.45 48.35
C GLN MA 519 -13.71 30.58 47.73
N ASN MA 520 -14.76 30.28 48.51
CA ASN MA 520 -15.85 29.48 47.96
C ASN MA 520 -16.48 30.17 46.75
N ARG MA 521 -16.79 31.46 46.91
CA ARG MA 521 -17.43 32.17 45.81
C ARG MA 521 -16.51 32.30 44.60
N LEU MA 522 -15.20 32.44 44.83
CA LEU MA 522 -14.26 32.54 43.71
C LEU MA 522 -14.14 31.22 42.97
N ASP MA 523 -14.15 30.09 43.70
CA ASP MA 523 -14.11 28.79 43.04
C ASP MA 523 -15.37 28.56 42.22
N SER MA 524 -16.53 28.96 42.75
CA SER MA 524 -17.76 28.88 41.96
C SER MA 524 -17.64 29.69 40.68
N ALA MA 525 -17.05 30.89 40.79
CA ALA MA 525 -16.83 31.70 39.59
C ALA MA 525 -15.94 30.98 38.59
N VAL MA 526 -14.89 30.31 39.07
CA VAL MA 526 -13.99 29.58 38.18
C VAL MA 526 -14.76 28.51 37.42
N THR MA 527 -15.58 27.74 38.13
CA THR MA 527 -16.34 26.68 37.48
C THR MA 527 -17.29 27.24 36.43
N ASN MA 528 -17.98 28.33 36.75
CA ASN MA 528 -18.88 28.94 35.79
C ASN MA 528 -18.11 29.43 34.56
N LEU MA 529 -16.93 30.00 34.77
CA LEU MA 529 -16.14 30.49 33.65
C LEU MA 529 -15.73 29.34 32.73
N ASN MA 530 -15.32 28.21 33.31
CA ASN MA 530 -14.96 27.07 32.49
C ASN MA 530 -16.14 26.56 31.66
N ASN MA 531 -17.32 26.47 32.29
CA ASN MA 531 -18.50 26.02 31.55
C ASN MA 531 -18.83 26.98 30.41
N THR MA 532 -18.79 28.28 30.68
CA THR MA 532 -19.10 29.26 29.65
C THR MA 532 -18.09 29.21 28.51
N THR MA 533 -16.82 29.02 28.83
CA THR MA 533 -15.80 28.90 27.79
C THR MA 533 -16.08 27.69 26.91
N THR MA 534 -16.42 26.56 27.52
CA THR MA 534 -16.73 25.37 26.72
C THR MA 534 -17.90 25.64 25.79
N ASN MA 535 -18.97 26.26 26.30
CA ASN MA 535 -20.15 26.49 25.47
C ASN MA 535 -19.87 27.49 24.34
N LEU MA 536 -19.08 28.52 24.63
CA LEU MA 536 -18.77 29.49 23.58
C LEU MA 536 -17.88 28.87 22.51
N SER MA 537 -16.97 27.99 22.91
CA SER MA 537 -16.19 27.25 21.91
C SER MA 537 -17.10 26.37 21.08
N GLU MA 538 -18.10 25.75 21.71
CA GLU MA 538 -19.13 25.01 20.97
C GLU MA 538 -19.74 25.86 19.88
N ALA MA 539 -20.21 27.06 20.26
CA ALA MA 539 -20.90 27.92 19.30
C ALA MA 539 -19.97 28.37 18.17
N GLN MA 540 -18.73 28.71 18.51
CA GLN MA 540 -17.79 29.13 17.48
C GLN MA 540 -17.51 27.99 16.51
N SER MA 541 -17.39 26.77 17.02
CA SER MA 541 -17.21 25.61 16.16
C SER MA 541 -18.43 25.39 15.27
N ARG MA 542 -19.63 25.66 15.82
CA ARG MA 542 -20.84 25.59 15.01
C ARG MA 542 -20.77 26.54 13.83
N ILE MA 543 -20.30 27.77 14.07
CA ILE MA 543 -20.27 28.76 13.00
C ILE MA 543 -19.18 28.43 11.98
N GLN MA 544 -17.97 28.17 12.45
CA GLN MA 544 -16.80 27.94 11.61
C GLN MA 544 -16.65 26.44 11.35
N ASP MA 545 -15.45 26.00 10.96
CA ASP MA 545 -15.10 24.58 10.88
C ASP MA 545 -15.92 23.86 9.80
N ALA MA 546 -15.56 24.19 8.55
CA ALA MA 546 -16.21 23.65 7.37
C ALA MA 546 -16.37 22.13 7.43
N ASP MA 547 -17.37 21.64 6.70
CA ASP MA 547 -17.75 20.23 6.67
C ASP MA 547 -16.82 19.47 5.76
N TYR MA 548 -15.80 18.82 6.34
CA TYR MA 548 -14.75 18.21 5.51
C TYR MA 548 -15.33 17.26 4.48
N ALA MA 549 -16.37 16.51 4.83
CA ALA MA 549 -17.04 15.68 3.83
C ALA MA 549 -17.57 16.54 2.70
N THR MA 550 -18.18 17.67 3.04
CA THR MA 550 -18.80 18.52 2.02
C THR MA 550 -17.76 19.08 1.07
N GLU MA 551 -16.67 19.65 1.59
CA GLU MA 551 -15.67 20.18 0.65
C GLU MA 551 -14.88 19.10 -0.06
N VAL MA 552 -14.68 17.92 0.53
CA VAL MA 552 -14.04 16.85 -0.22
C VAL MA 552 -14.89 16.47 -1.42
N SER MA 553 -16.19 16.29 -1.21
CA SER MA 553 -17.09 15.99 -2.33
C SER MA 553 -17.09 17.14 -3.33
N ASN MA 554 -17.11 18.38 -2.85
CA ASN MA 554 -17.16 19.53 -3.73
C ASN MA 554 -15.93 19.60 -4.62
N MET MA 555 -14.73 19.41 -4.04
CA MET MA 555 -13.55 19.49 -4.89
C MET MA 555 -13.47 18.30 -5.83
N SER MA 556 -13.93 17.13 -5.39
CA SER MA 556 -13.86 15.97 -6.28
C SER MA 556 -14.74 16.18 -7.51
N LYS MA 557 -15.99 16.61 -7.28
CA LYS MA 557 -16.86 16.86 -8.43
C LYS MA 557 -16.38 18.06 -9.22
N ALA MA 558 -15.75 19.05 -8.58
CA ALA MA 558 -15.21 20.17 -9.33
C ALA MA 558 -14.08 19.75 -10.24
N GLN MA 559 -13.19 18.88 -9.76
CA GLN MA 559 -12.10 18.36 -10.59
C GLN MA 559 -12.65 17.55 -11.75
N ILE MA 560 -13.66 16.73 -11.49
CA ILE MA 560 -14.23 15.93 -12.58
C ILE MA 560 -14.89 16.83 -13.61
N ILE MA 561 -15.63 17.84 -13.17
CA ILE MA 561 -16.24 18.78 -14.10
C ILE MA 561 -15.17 19.49 -14.89
N GLN MA 562 -14.05 19.84 -14.25
CA GLN MA 562 -12.96 20.51 -14.95
C GLN MA 562 -12.39 19.61 -16.04
N GLN MA 563 -12.10 18.36 -15.70
CA GLN MA 563 -11.52 17.45 -16.69
C GLN MA 563 -12.48 17.21 -17.84
N ALA MA 564 -13.76 16.98 -17.53
CA ALA MA 564 -14.74 16.73 -18.59
C ALA MA 564 -14.91 17.95 -19.48
N GLY MA 565 -15.05 19.13 -18.88
CA GLY MA 565 -15.22 20.33 -19.65
C GLY MA 565 -14.00 20.66 -20.49
N ASN MA 566 -12.81 20.37 -19.97
CA ASN MA 566 -11.61 20.71 -20.71
C ASN MA 566 -11.38 19.72 -21.85
N SER MA 567 -11.72 18.45 -21.65
CA SER MA 567 -11.68 17.51 -22.77
C SER MA 567 -12.69 17.90 -23.84
N VAL MA 568 -13.88 18.33 -23.43
CA VAL MA 568 -14.84 18.86 -24.39
C VAL MA 568 -14.29 20.10 -25.08
N LEU MA 569 -13.51 20.90 -24.34
CA LEU MA 569 -12.87 22.07 -24.92
C LEU MA 569 -11.90 21.66 -26.02
N ALA MA 570 -11.14 20.59 -25.78
CA ALA MA 570 -10.25 20.08 -26.83
C ALA MA 570 -11.04 19.57 -28.02
N LYS MA 571 -12.17 18.89 -27.78
CA LYS MA 571 -13.01 18.43 -28.89
C LYS MA 571 -13.55 19.59 -29.69
N ALA MA 572 -13.90 20.69 -29.02
CA ALA MA 572 -14.38 21.88 -29.73
C ALA MA 572 -13.25 22.58 -30.47
N ASN MA 573 -12.10 22.73 -29.83
CA ASN MA 573 -10.91 23.27 -30.49
C ASN MA 573 -10.43 22.36 -31.61
N GLN MA 574 -10.99 21.17 -31.73
CA GLN MA 574 -10.90 20.48 -33.01
C GLN MA 574 -11.81 21.25 -33.94
N VAL MA 575 -11.41 22.48 -34.22
CA VAL MA 575 -12.21 23.54 -34.84
C VAL MA 575 -12.53 23.15 -36.28
N PRO MA 576 -13.41 23.89 -36.98
CA PRO MA 576 -13.73 23.53 -38.36
C PRO MA 576 -12.49 23.30 -39.21
N GLN MA 577 -12.26 22.05 -39.57
CA GLN MA 577 -11.21 21.69 -40.51
C GLN MA 577 -11.75 21.05 -41.77
N GLN MA 578 -13.02 20.62 -41.76
CA GLN MA 578 -13.64 20.10 -42.97
C GLN MA 578 -13.71 21.15 -44.06
N VAL MA 579 -13.61 22.43 -43.69
CA VAL MA 579 -13.50 23.48 -44.70
C VAL MA 579 -12.24 23.29 -45.53
N LEU MA 580 -11.15 22.83 -44.90
CA LEU MA 580 -9.94 22.52 -45.65
C LEU MA 580 -10.20 21.44 -46.68
N SER MA 581 -10.94 20.40 -46.29
CA SER MA 581 -11.30 19.35 -47.24
C SER MA 581 -12.17 19.89 -48.36
N LEU MA 582 -13.11 20.79 -48.02
CA LEU MA 582 -13.96 21.39 -49.04
C LEU MA 582 -13.15 22.19 -50.04
N LEU MA 583 -12.04 22.80 -49.59
CA LEU MA 583 -11.30 23.71 -50.44
C LEU MA 583 -10.79 23.03 -51.71
N GLN MA 584 -10.07 21.91 -51.56
CA GLN MA 584 -9.43 21.32 -52.73
C GLN MA 584 -10.41 20.65 -53.68
N GLY MA 585 -11.67 20.51 -53.28
CA GLY MA 585 -12.67 19.89 -54.15
C GLY MA 585 -13.10 20.78 -55.29
N MET NA 1 -2.81 -18.41 -36.92
CA MET NA 1 -3.36 -17.10 -36.61
C MET NA 1 -3.53 -16.29 -37.89
N ALA NA 2 -2.42 -15.99 -38.57
CA ALA NA 2 -2.48 -15.17 -39.77
C ALA NA 2 -3.36 -15.77 -40.85
N GLN NA 3 -3.56 -17.09 -40.85
CA GLN NA 3 -4.37 -17.70 -41.89
C GLN NA 3 -5.85 -17.40 -41.72
N VAL NA 4 -6.36 -17.51 -40.51
CA VAL NA 4 -7.79 -17.59 -40.26
C VAL NA 4 -8.19 -16.55 -39.23
N ILE NA 5 -9.42 -16.04 -39.34
CA ILE NA 5 -9.99 -15.19 -38.31
C ILE NA 5 -11.28 -15.73 -37.73
N ASN NA 6 -11.88 -16.76 -38.34
CA ASN NA 6 -13.17 -17.25 -37.87
C ASN NA 6 -13.07 -17.98 -36.55
N THR NA 7 -11.91 -18.56 -36.24
CA THR NA 7 -11.71 -19.26 -34.98
C THR NA 7 -10.37 -18.83 -34.38
N ASN NA 8 -10.23 -19.10 -33.08
CA ASN NA 8 -8.97 -18.85 -32.38
C ASN NA 8 -8.70 -20.07 -31.49
N SER NA 9 -7.97 -21.04 -32.04
CA SER NA 9 -7.62 -22.22 -31.27
C SER NA 9 -6.82 -21.88 -30.03
N LEU NA 10 -5.96 -20.86 -30.12
CA LEU NA 10 -5.22 -20.41 -28.94
C LEU NA 10 -6.17 -19.94 -27.85
N SER NA 11 -7.19 -19.16 -28.23
CA SER NA 11 -8.16 -18.70 -27.24
C SER NA 11 -8.94 -19.86 -26.65
N LEU NA 12 -9.32 -20.84 -27.49
CA LEU NA 12 -10.07 -21.98 -26.98
C LEU NA 12 -9.24 -22.78 -25.98
N ILE NA 13 -7.97 -23.04 -26.31
CA ILE NA 13 -7.09 -23.79 -25.42
C ILE NA 13 -6.89 -23.03 -24.12
N THR NA 14 -6.69 -21.71 -24.21
CA THR NA 14 -6.51 -20.91 -23.01
C THR NA 14 -7.74 -20.94 -22.13
N GLN NA 15 -8.92 -20.87 -22.74
CA GLN NA 15 -10.16 -20.93 -21.96
C GLN NA 15 -10.29 -22.29 -21.26
N ASN NA 16 -9.94 -23.37 -21.95
CA ASN NA 16 -9.99 -24.69 -21.33
C ASN NA 16 -9.06 -24.77 -20.12
N ASN NA 17 -7.84 -24.27 -20.28
CA ASN NA 17 -6.89 -24.31 -19.17
C ASN NA 17 -7.37 -23.45 -18.01
N ILE NA 18 -7.97 -22.29 -18.31
CA ILE NA 18 -8.48 -21.43 -17.26
C ILE NA 18 -9.58 -22.13 -16.48
N ASN NA 19 -10.49 -22.82 -17.18
CA ASN NA 19 -11.56 -23.56 -16.48
C ASN NA 19 -10.98 -24.66 -15.61
N LYS NA 20 -9.98 -25.39 -16.14
CA LYS NA 20 -9.38 -26.46 -15.36
C LYS NA 20 -8.75 -25.93 -14.09
N ASN NA 21 -8.08 -24.77 -14.16
CA ASN NA 21 -7.53 -24.18 -12.95
C ASN NA 21 -8.64 -23.68 -12.02
N GLN NA 22 -9.72 -23.14 -12.60
CA GLN NA 22 -10.79 -22.57 -11.78
C GLN NA 22 -11.45 -23.62 -10.91
N SER NA 23 -11.56 -24.85 -11.42
CA SER NA 23 -12.11 -25.93 -10.60
C SER NA 23 -11.34 -26.07 -9.29
N ALA NA 24 -10.01 -26.18 -9.38
CA ALA NA 24 -9.18 -26.32 -8.19
C ALA NA 24 -9.19 -25.07 -7.34
N LEU NA 25 -9.26 -23.89 -7.95
CA LEU NA 25 -9.38 -22.66 -7.19
C LEU NA 25 -10.61 -22.68 -6.30
N SER NA 26 -11.77 -23.03 -6.88
CA SER NA 26 -12.99 -23.10 -6.10
C SER NA 26 -12.90 -24.15 -5.00
N SER NA 27 -12.32 -25.31 -5.32
CA SER NA 27 -12.19 -26.35 -4.31
C SER NA 27 -11.35 -25.87 -3.13
N SER NA 28 -10.23 -25.22 -3.42
CA SER NA 28 -9.35 -24.74 -2.35
C SER NA 28 -10.02 -23.68 -1.49
N ILE NA 29 -10.71 -22.73 -2.12
CA ILE NA 29 -11.35 -21.67 -1.35
C ILE NA 29 -12.45 -22.25 -0.47
N GLU NA 30 -13.25 -23.17 -1.00
CA GLU NA 30 -14.29 -23.80 -0.20
C GLU NA 30 -13.69 -24.58 0.97
N ARG NA 31 -12.59 -25.31 0.70
CA ARG NA 31 -11.96 -26.11 1.74
C ARG NA 31 -11.44 -25.23 2.87
N LEU NA 32 -10.81 -24.10 2.53
CA LEU NA 32 -10.33 -23.20 3.57
C LEU NA 32 -11.48 -22.55 4.33
N SER NA 33 -12.55 -22.17 3.63
CA SER NA 33 -13.67 -21.53 4.31
C SER NA 33 -14.33 -22.48 5.30
N SER NA 34 -14.52 -23.74 4.91
CA SER NA 34 -15.19 -24.68 5.81
C SER NA 34 -14.27 -25.18 6.91
N GLY NA 35 -12.99 -25.39 6.59
CA GLY NA 35 -12.07 -25.97 7.55
C GLY NA 35 -12.13 -27.48 7.66
N LEU NA 36 -12.75 -28.15 6.69
CA LEU NA 36 -12.89 -29.60 6.70
C LEU NA 36 -12.28 -30.17 5.43
N ARG NA 37 -11.48 -31.23 5.58
CA ARG NA 37 -10.86 -31.86 4.42
C ARG NA 37 -11.91 -32.54 3.55
N ILE NA 38 -12.78 -33.34 4.15
CA ILE NA 38 -13.84 -34.04 3.43
C ILE NA 38 -15.08 -33.17 3.48
N ASN NA 39 -15.46 -32.61 2.34
CA ASN NA 39 -16.56 -31.66 2.27
C ASN NA 39 -17.49 -32.03 1.14
N SER NA 40 -18.77 -32.23 1.46
CA SER NA 40 -19.83 -32.52 0.50
C SER NA 40 -19.58 -33.81 -0.27
N ALA NA 41 -18.61 -34.63 0.15
CA ALA NA 41 -18.38 -35.96 -0.39
C ALA NA 41 -18.16 -35.96 -1.90
N LYS NA 42 -17.60 -34.88 -2.45
CA LYS NA 42 -17.20 -34.87 -3.86
C LYS NA 42 -15.89 -35.60 -4.05
N ASP NA 43 -15.45 -36.29 -3.01
CA ASP NA 43 -14.13 -36.91 -2.90
C ASP NA 43 -14.36 -38.25 -2.21
N ASP NA 44 -13.29 -38.82 -1.65
CA ASP NA 44 -13.37 -40.15 -1.05
C ASP NA 44 -14.52 -40.26 -0.06
N ALA NA 45 -15.50 -41.11 -0.39
CA ALA NA 45 -16.68 -41.28 0.44
C ALA NA 45 -16.43 -42.19 1.64
N ALA NA 46 -15.41 -43.03 1.57
CA ALA NA 46 -15.04 -43.83 2.73
C ALA NA 46 -14.67 -42.94 3.91
N GLY NA 47 -13.93 -41.86 3.64
CA GLY NA 47 -13.62 -40.91 4.70
C GLY NA 47 -14.86 -40.29 5.30
N GLN NA 48 -15.84 -39.93 4.46
CA GLN NA 48 -17.08 -39.36 4.96
C GLN NA 48 -17.81 -40.34 5.87
N ALA NA 49 -17.92 -41.60 5.42
CA ALA NA 49 -18.62 -42.59 6.22
C ALA NA 49 -17.92 -42.84 7.55
N ILE NA 50 -16.59 -42.95 7.52
CA ILE NA 50 -15.85 -43.23 8.74
C ILE NA 50 -15.92 -42.04 9.69
N ALA NA 51 -15.91 -40.82 9.15
CA ALA NA 51 -16.07 -39.64 9.98
C ALA NA 51 -17.43 -39.64 10.66
N ASN NA 52 -18.49 -40.02 9.93
CA ASN NA 52 -19.81 -40.09 10.53
C ASN NA 52 -19.85 -41.13 11.65
N ARG NA 53 -19.24 -42.30 11.42
CA ARG NA 53 -19.20 -43.32 12.47
C ARG NA 53 -18.45 -42.81 13.70
N PHE NA 54 -17.34 -42.13 13.49
CA PHE NA 54 -16.58 -41.59 14.62
C PHE NA 54 -17.38 -40.54 15.38
N THR NA 55 -18.11 -39.69 14.66
CA THR NA 55 -18.95 -38.70 15.32
C THR NA 55 -20.00 -39.37 16.20
N SER NA 56 -20.65 -40.40 15.66
CA SER NA 56 -21.64 -41.13 16.43
C SER NA 56 -21.03 -41.73 17.68
N ASN NA 57 -19.85 -42.36 17.54
CA ASN NA 57 -19.20 -42.97 18.69
C ASN NA 57 -18.83 -41.94 19.75
N ILE NA 58 -18.30 -40.79 19.32
CA ILE NA 58 -17.88 -39.76 20.27
C ILE NA 58 -19.08 -39.24 21.05
N LYS NA 59 -20.18 -38.94 20.35
CA LYS NA 59 -21.36 -38.43 21.03
C LYS NA 59 -21.91 -39.46 22.00
N GLY NA 60 -21.99 -40.72 21.58
CA GLY NA 60 -22.48 -41.76 22.47
C GLY NA 60 -21.63 -41.90 23.72
N LEU NA 61 -20.31 -41.87 23.56
CA LEU NA 61 -19.43 -42.03 24.71
C LEU NA 61 -19.56 -40.85 25.68
N THR NA 62 -19.69 -39.64 25.16
CA THR NA 62 -19.88 -38.48 26.03
C THR NA 62 -21.16 -38.62 26.85
N GLN NA 63 -22.26 -39.00 26.18
CA GLN NA 63 -23.51 -39.16 26.91
C GLN NA 63 -23.40 -40.28 27.93
N ALA NA 64 -22.66 -41.34 27.60
CA ALA NA 64 -22.47 -42.44 28.55
C ALA NA 64 -21.70 -41.97 29.77
N ALA NA 65 -20.70 -41.11 29.57
CA ALA NA 65 -19.98 -40.56 30.71
C ALA NA 65 -20.93 -39.78 31.63
N ARG NA 66 -21.81 -38.98 31.04
CA ARG NA 66 -22.78 -38.26 31.86
C ARG NA 66 -23.68 -39.23 32.64
N ASN NA 67 -24.13 -40.31 31.99
CA ASN NA 67 -24.97 -41.28 32.66
C ASN NA 67 -24.25 -41.92 33.84
N ALA NA 68 -22.97 -42.25 33.65
CA ALA NA 68 -22.20 -42.85 34.73
C ALA NA 68 -22.05 -41.87 35.89
N ASN NA 69 -21.87 -40.58 35.61
CA ASN NA 69 -21.84 -39.59 36.67
C ASN NA 69 -23.15 -39.60 37.47
N ASP NA 70 -24.29 -39.68 36.77
CA ASP NA 70 -25.56 -39.76 37.46
C ASP NA 70 -25.65 -40.98 38.36
N GLY NA 71 -25.15 -42.12 37.86
CA GLY NA 71 -25.15 -43.32 38.69
C GLY NA 71 -24.31 -43.15 39.94
N ILE NA 72 -23.15 -42.51 39.82
CA ILE NA 72 -22.33 -42.22 40.98
C ILE NA 72 -23.09 -41.38 41.99
N SER NA 73 -23.85 -40.40 41.50
CA SER NA 73 -24.63 -39.56 42.41
C SER NA 73 -25.66 -40.39 43.17
N VAL NA 74 -26.34 -41.31 42.47
CA VAL NA 74 -27.32 -42.17 43.11
C VAL NA 74 -26.66 -42.97 44.23
N ALA NA 75 -25.50 -43.56 43.93
CA ALA NA 75 -24.81 -44.37 44.92
C ALA NA 75 -24.43 -43.54 46.13
N GLN NA 76 -23.94 -42.32 45.91
CA GLN NA 76 -23.55 -41.47 47.03
C GLN NA 76 -24.73 -41.17 47.95
N THR NA 77 -25.88 -40.83 47.35
CA THR NA 77 -27.06 -40.52 48.16
C THR NA 77 -27.46 -41.73 49.01
N THR NA 78 -27.52 -42.90 48.38
CA THR NA 78 -27.93 -44.09 49.12
C THR NA 78 -26.94 -44.40 50.25
N GLU NA 79 -25.65 -44.23 49.99
CA GLU NA 79 -24.65 -44.52 51.02
C GLU NA 79 -24.78 -43.56 52.19
N GLY NA 80 -25.11 -42.28 51.92
CA GLY NA 80 -25.32 -41.36 53.03
C GLY NA 80 -26.48 -41.76 53.92
N ALA NA 81 -27.60 -42.11 53.29
CA ALA NA 81 -28.75 -42.58 54.08
C ALA NA 81 -28.37 -43.81 54.90
N LEU NA 82 -27.60 -44.72 54.30
CA LEU NA 82 -27.19 -45.93 55.00
C LEU NA 82 -26.30 -45.61 56.20
N SER NA 83 -25.41 -44.63 56.05
CA SER NA 83 -24.55 -44.26 57.17
C SER NA 83 -25.38 -43.76 58.34
N GLU NA 84 -26.39 -42.93 58.05
CA GLU NA 84 -27.25 -42.49 59.14
C GLU NA 84 -27.97 -43.66 59.81
N ILE NA 85 -28.48 -44.60 59.01
CA ILE NA 85 -29.15 -45.76 59.58
C ILE NA 85 -28.19 -46.56 60.47
N ASN NA 86 -26.95 -46.70 60.03
CA ASN NA 86 -25.97 -47.46 60.80
C ASN NA 86 -25.68 -46.78 62.14
N ASN NA 87 -25.57 -45.45 62.14
CA ASN NA 87 -25.37 -44.75 63.41
C ASN NA 87 -26.54 -45.00 64.36
N ASN NA 88 -27.77 -44.96 63.83
CA ASN NA 88 -28.93 -45.24 64.67
C ASN NA 88 -28.87 -46.64 65.25
N LEU NA 89 -28.49 -47.63 64.42
CA LEU NA 89 -28.41 -49.01 64.92
C LEU NA 89 -27.36 -49.16 66.00
N GLN NA 90 -26.21 -48.50 65.85
CA GLN NA 90 -25.19 -48.56 66.88
C GLN NA 90 -25.70 -48.00 68.20
N ARG NA 91 -26.41 -46.86 68.13
CA ARG NA 91 -26.97 -46.30 69.36
C ARG NA 91 -27.99 -47.23 69.99
N ILE NA 92 -28.82 -47.89 69.17
CA ILE NA 92 -29.78 -48.84 69.70
C ILE NA 92 -29.07 -49.99 70.41
N ARG NA 93 -27.97 -50.48 69.84
CA ARG NA 93 -27.24 -51.55 70.50
C ARG NA 93 -26.68 -51.09 71.84
N GLU NA 94 -26.15 -49.88 71.91
CA GLU NA 94 -25.65 -49.38 73.18
C GLU NA 94 -26.76 -49.31 74.22
N LEU NA 95 -27.94 -48.83 73.81
CA LEU NA 95 -29.08 -48.80 74.72
C LEU NA 95 -29.46 -50.21 75.19
N THR NA 96 -29.43 -51.18 74.28
CA THR NA 96 -29.75 -52.55 74.66
C THR NA 96 -28.77 -53.08 75.69
N VAL NA 97 -27.48 -52.81 75.49
CA VAL NA 97 -26.48 -53.25 76.46
C VAL NA 97 -26.73 -52.62 77.82
N GLN NA 98 -27.10 -51.34 77.84
CA GLN NA 98 -27.40 -50.70 79.11
C GLN NA 98 -28.63 -51.31 79.76
N ALA NA 99 -29.64 -51.65 78.96
CA ALA NA 99 -30.90 -52.16 79.52
C ALA NA 99 -30.76 -53.58 80.03
N THR NA 100 -29.87 -54.38 79.44
CA THR NA 100 -29.77 -55.79 79.79
C THR NA 100 -29.35 -56.02 81.24
N THR NA 101 -28.70 -55.05 81.87
CA THR NA 101 -28.28 -55.19 83.26
C THR NA 101 -29.48 -55.41 84.17
N GLY NA 102 -29.32 -56.31 85.14
CA GLY NA 102 -30.39 -56.65 86.05
C GLY NA 102 -30.67 -55.66 87.15
N THR NA 103 -29.86 -54.61 87.29
CA THR NA 103 -30.10 -53.61 88.31
C THR NA 103 -31.27 -52.70 87.93
N ASN NA 104 -31.52 -52.52 86.63
CA ASN NA 104 -32.56 -51.60 86.18
C ASN NA 104 -33.93 -52.07 86.65
N SER NA 105 -34.80 -51.09 86.95
CA SER NA 105 -36.15 -51.37 87.39
C SER NA 105 -37.11 -51.25 86.21
N ASP NA 106 -38.41 -51.42 86.48
CA ASP NA 106 -39.41 -51.44 85.41
C ASP NA 106 -39.53 -50.10 84.72
N SER NA 107 -39.53 -49.00 85.49
CA SER NA 107 -39.63 -47.68 84.88
C SER NA 107 -38.41 -47.39 84.02
N ASP NA 108 -37.22 -47.76 84.49
CA ASP NA 108 -36.02 -47.55 83.70
C ASP NA 108 -36.06 -48.34 82.41
N LEU NA 109 -36.51 -49.60 82.48
CA LEU NA 109 -36.64 -50.40 81.27
C LEU NA 109 -37.66 -49.79 80.31
N ASP NA 110 -38.75 -49.25 80.85
CA ASP NA 110 -39.77 -48.62 80.00
C ASP NA 110 -39.19 -47.41 79.28
N SER NA 111 -38.44 -46.57 79.99
CA SER NA 111 -37.84 -45.41 79.36
C SER NA 111 -36.84 -45.81 78.27
N ILE NA 112 -36.00 -46.81 78.57
CA ILE NA 112 -35.01 -47.26 77.59
C ILE NA 112 -35.72 -47.82 76.35
N GLN NA 113 -36.79 -48.60 76.55
CA GLN NA 113 -37.49 -49.14 75.41
C GLN NA 113 -38.22 -48.04 74.63
N ASP NA 114 -38.65 -46.98 75.31
CA ASP NA 114 -39.23 -45.85 74.59
C ASP NA 114 -38.19 -45.21 73.66
N GLU NA 115 -36.97 -45.02 74.17
CA GLU NA 115 -35.92 -44.47 73.31
C GLU NA 115 -35.61 -45.42 72.15
N ILE NA 116 -35.58 -46.73 72.42
CA ILE NA 116 -35.33 -47.70 71.36
C ILE NA 116 -36.41 -47.63 70.29
N LYS NA 117 -37.67 -47.55 70.71
CA LYS NA 117 -38.78 -47.47 69.76
C LYS NA 117 -38.69 -46.19 68.93
N SER NA 118 -38.31 -45.08 69.56
CA SER NA 118 -38.16 -43.83 68.80
C SER NA 118 -37.09 -43.98 67.72
N ARG NA 119 -35.96 -44.61 68.07
CA ARG NA 119 -34.91 -44.72 67.07
C ARG NA 119 -35.26 -45.73 65.97
N LEU NA 120 -36.01 -46.79 66.31
CA LEU NA 120 -36.51 -47.68 65.27
C LEU NA 120 -37.45 -46.95 64.33
N ASP NA 121 -38.30 -46.08 64.89
CA ASP NA 121 -39.16 -45.25 64.06
C ASP NA 121 -38.34 -44.36 63.14
N GLU NA 122 -37.23 -43.82 63.65
CA GLU NA 122 -36.34 -43.04 62.79
C GLU NA 122 -35.79 -43.86 61.64
N ILE NA 123 -35.38 -45.10 61.92
CA ILE NA 123 -34.85 -45.96 60.86
C ILE NA 123 -35.91 -46.16 59.79
N ASP NA 124 -37.14 -46.50 60.21
CA ASP NA 124 -38.22 -46.72 59.25
C ASP NA 124 -38.52 -45.45 58.46
N ARG NA 125 -38.55 -44.30 59.13
CA ARG NA 125 -38.86 -43.04 58.46
C ARG NA 125 -37.81 -42.69 57.42
N VAL NA 126 -36.54 -42.84 57.77
CA VAL NA 126 -35.47 -42.54 56.82
C VAL NA 126 -35.56 -43.48 55.62
N SER NA 127 -35.79 -44.75 55.87
CA SER NA 127 -35.92 -45.71 54.78
C SER NA 127 -37.08 -45.33 53.85
N GLY NA 128 -38.22 -44.97 54.43
CA GLY NA 128 -39.37 -44.63 53.61
C GLY NA 128 -39.20 -43.35 52.82
N GLN NA 129 -38.59 -42.34 53.44
CA GLN NA 129 -38.58 -41.00 52.85
C GLN NA 129 -37.35 -40.70 52.02
N THR NA 130 -36.29 -41.50 52.11
CA THR NA 130 -35.13 -41.26 51.26
C THR NA 130 -35.52 -41.41 49.79
N GLN NA 131 -35.19 -40.40 48.99
CA GLN NA 131 -35.66 -40.36 47.61
C GLN NA 131 -34.62 -39.67 46.73
N PHE NA 132 -34.47 -40.19 45.52
CA PHE NA 132 -33.61 -39.59 44.51
C PHE NA 132 -34.39 -39.52 43.20
N ASN NA 133 -34.65 -38.31 42.72
CA ASN NA 133 -35.30 -38.09 41.42
C ASN NA 133 -36.63 -38.82 41.36
N GLY NA 134 -37.38 -38.82 42.45
CA GLY NA 134 -38.67 -39.48 42.49
C GLY NA 134 -38.62 -40.99 42.63
N VAL NA 135 -37.45 -41.56 42.91
CA VAL NA 135 -37.29 -43.01 43.08
C VAL NA 135 -36.90 -43.28 44.52
N ASN NA 136 -37.64 -44.16 45.18
CA ASN NA 136 -37.33 -44.57 46.54
C ASN NA 136 -36.24 -45.64 46.46
N VAL NA 137 -35.01 -45.25 46.79
CA VAL NA 137 -33.89 -46.17 46.62
C VAL NA 137 -33.95 -47.30 47.64
N LEU NA 138 -34.31 -46.99 48.89
CA LEU NA 138 -34.27 -47.97 49.95
C LEU NA 138 -35.60 -48.67 50.21
N ALA NA 139 -36.66 -48.32 49.48
CA ALA NA 139 -37.97 -48.92 49.68
C ALA NA 139 -38.28 -50.03 48.69
N LYS NA 140 -37.35 -50.37 47.81
CA LYS NA 140 -37.58 -51.40 46.80
C LYS NA 140 -36.36 -52.32 46.74
N ASP NA 141 -36.62 -53.57 46.35
CA ASP NA 141 -35.57 -54.59 46.25
C ASP NA 141 -35.14 -54.85 44.81
N GLY NA 142 -35.26 -53.85 43.94
CA GLY NA 142 -34.98 -54.02 42.53
C GLY NA 142 -33.56 -53.68 42.14
N SER NA 143 -33.41 -53.25 40.89
CA SER NA 143 -32.10 -52.90 40.37
C SER NA 143 -32.26 -51.80 39.33
N MET NA 144 -31.17 -51.07 39.12
CA MET NA 144 -31.11 -49.97 38.17
C MET NA 144 -30.07 -50.28 37.11
N LYS NA 145 -30.35 -49.88 35.88
CA LYS NA 145 -29.43 -50.11 34.77
C LYS NA 145 -28.89 -48.78 34.28
N ILE NA 146 -27.58 -48.72 34.09
CA ILE NA 146 -26.90 -47.51 33.64
C ILE NA 146 -26.25 -47.80 32.31
N GLN NA 147 -26.57 -46.98 31.31
CA GLN NA 147 -25.97 -47.09 29.99
C GLN NA 147 -24.58 -46.50 30.01
N VAL NA 148 -23.56 -47.32 29.76
CA VAL NA 148 -22.18 -46.88 29.86
C VAL NA 148 -21.43 -46.97 28.53
N GLY NA 149 -21.93 -47.73 27.55
CA GLY NA 149 -21.35 -47.75 26.22
C GLY NA 149 -22.22 -47.00 25.22
N ALA NA 150 -21.85 -47.13 23.95
CA ALA NA 150 -22.54 -46.46 22.87
C ALA NA 150 -23.48 -47.39 22.09
N ASN NA 151 -23.46 -48.68 22.37
CA ASN NA 151 -24.31 -49.65 21.68
C ASN NA 151 -25.25 -50.32 22.68
N ASP NA 152 -26.00 -51.29 22.19
CA ASP NA 152 -26.99 -51.98 23.02
C ASP NA 152 -26.31 -53.02 23.90
N GLY NA 153 -26.73 -53.06 25.17
CA GLY NA 153 -26.24 -54.06 26.11
C GLY NA 153 -25.09 -53.61 26.98
N GLU NA 154 -24.52 -52.44 26.72
CA GLU NA 154 -23.42 -51.92 27.54
C GLU NA 154 -24.01 -51.24 28.77
N THR NA 155 -24.37 -52.05 29.76
CA THR NA 155 -25.05 -51.57 30.94
C THR NA 155 -24.35 -52.07 32.20
N ILE NA 156 -24.47 -51.29 33.26
CA ILE NA 156 -24.01 -51.68 34.59
C ILE NA 156 -25.22 -51.63 35.53
N THR NA 157 -25.38 -52.68 36.33
CA THR NA 157 -26.55 -52.81 37.20
C THR NA 157 -26.18 -52.50 38.64
N ILE NA 158 -26.94 -51.61 39.26
CA ILE NA 158 -26.84 -51.33 40.69
C ILE NA 158 -27.99 -52.04 41.37
N ASP NA 159 -27.68 -52.90 42.33
CA ASP NA 159 -28.71 -53.64 43.05
C ASP NA 159 -29.11 -52.87 44.32
N LEU NA 160 -30.41 -52.76 44.55
CA LEU NA 160 -30.93 -52.13 45.76
C LEU NA 160 -31.57 -53.20 46.64
N LYS NA 161 -31.55 -52.96 47.96
CA LYS NA 161 -32.17 -53.85 48.91
C LYS NA 161 -33.16 -53.07 49.75
N LYS NA 162 -34.31 -53.69 50.04
CA LYS NA 162 -35.34 -53.06 50.85
C LYS NA 162 -34.89 -53.09 52.29
N ILE NA 163 -34.41 -51.96 52.79
CA ILE NA 163 -33.89 -51.84 54.15
C ILE NA 163 -34.96 -51.18 55.01
N ASP NA 164 -35.44 -51.90 56.02
CA ASP NA 164 -36.39 -51.37 56.99
C ASP NA 164 -36.35 -52.29 58.20
N SER NA 165 -37.34 -52.13 59.08
CA SER NA 165 -37.43 -53.02 60.23
C SER NA 165 -37.70 -54.46 59.81
N ASP NA 166 -38.63 -54.66 58.87
CA ASP NA 166 -39.07 -56.00 58.54
C ASP NA 166 -37.93 -56.86 58.00
N THR NA 167 -37.06 -56.27 57.18
CA THR NA 167 -35.95 -57.01 56.59
C THR NA 167 -34.75 -57.10 57.51
N LEU NA 168 -34.80 -56.51 58.70
CA LEU NA 168 -33.75 -56.66 59.70
C LEU NA 168 -34.28 -57.31 60.98
N GLY NA 169 -35.52 -57.79 60.97
CA GLY NA 169 -36.09 -58.33 62.18
C GLY NA 169 -36.55 -57.21 63.09
N LEU NA 170 -36.19 -57.29 64.37
CA LEU NA 170 -36.35 -56.20 65.31
C LEU NA 170 -37.80 -55.71 65.44
N ASN NA 171 -38.77 -56.43 64.87
CA ASN NA 171 -40.14 -55.95 64.86
C ASN NA 171 -40.68 -55.78 66.27
N GLY NA 172 -40.85 -56.89 66.98
CA GLY NA 172 -41.24 -56.82 68.37
C GLY NA 172 -40.03 -56.81 69.28
N PHE NA 173 -39.27 -55.72 69.26
CA PHE NA 173 -38.04 -55.67 70.01
C PHE NA 173 -38.40 -55.22 71.43
N ASN NA 174 -39.02 -56.13 72.19
CA ASN NA 174 -39.76 -55.86 73.41
C ASN NA 174 -38.93 -55.77 74.68
N VAL NA 175 -37.69 -55.29 74.59
CA VAL NA 175 -36.70 -55.38 75.67
C VAL NA 175 -37.29 -55.02 77.03
N ASN NA 176 -38.37 -54.24 77.06
CA ASN NA 176 -39.07 -53.95 78.31
C ASN NA 176 -40.07 -55.04 78.71
N GLY NA 177 -39.95 -56.25 78.16
CA GLY NA 177 -40.93 -57.27 78.42
C GLY NA 177 -40.79 -57.94 79.77
N LYS NA 178 -40.99 -59.26 79.81
CA LYS NA 178 -40.88 -60.01 81.07
C LYS NA 178 -39.90 -61.16 80.93
N GLY NA 179 -39.68 -61.63 79.71
CA GLY NA 179 -38.78 -62.75 79.53
C GLY NA 179 -39.38 -64.04 80.10
N THR NA 180 -38.49 -65.00 80.35
CA THR NA 180 -38.91 -66.28 80.88
C THR NA 180 -39.54 -66.12 82.24
N ILE NA 181 -40.78 -66.59 82.39
CA ILE NA 181 -41.55 -66.47 83.62
C ILE NA 181 -41.98 -67.86 84.08
N THR NA 182 -41.78 -68.16 85.36
CA THR NA 182 -42.19 -69.44 85.91
C THR NA 182 -43.70 -69.45 86.12
N ASN NA 183 -44.36 -70.47 85.62
CA ASN NA 183 -45.81 -70.55 85.72
C ASN NA 183 -46.22 -71.17 87.05
N LYS NA 184 -47.39 -70.75 87.54
CA LYS NA 184 -47.87 -71.20 88.84
C LYS NA 184 -48.34 -72.65 88.78
N ALA NA 185 -48.30 -73.30 89.94
CA ALA NA 185 -48.72 -74.69 90.02
C ALA NA 185 -50.23 -74.82 89.91
N ALA NA 186 -50.67 -75.92 89.31
CA ALA NA 186 -52.09 -76.17 89.12
C ALA NA 186 -52.75 -76.56 90.44
N THR NA 187 -54.08 -76.47 90.46
CA THR NA 187 -54.87 -76.82 91.63
C THR NA 187 -56.13 -77.55 91.20
N VAL NA 188 -56.93 -77.95 92.20
CA VAL NA 188 -58.13 -78.74 91.91
C VAL NA 188 -59.18 -77.88 91.20
N SER NA 189 -59.26 -76.59 91.52
CA SER NA 189 -60.31 -75.75 90.94
C SER NA 189 -60.15 -75.66 89.43
N ASP NA 190 -58.97 -75.26 88.96
CA ASP NA 190 -58.77 -75.19 87.51
C ASP NA 190 -58.58 -76.56 86.90
N LEU NA 191 -58.18 -77.56 87.69
CA LEU NA 191 -58.20 -78.94 87.18
C LEU NA 191 -59.60 -79.35 86.76
N THR NA 192 -60.59 -79.05 87.61
CA THR NA 192 -61.98 -79.35 87.25
C THR NA 192 -62.49 -78.41 86.18
N SER NA 193 -62.05 -77.15 86.19
CA SER NA 193 -62.48 -76.21 85.15
C SER NA 193 -62.01 -76.66 83.78
N ALA NA 194 -60.85 -77.32 83.70
CA ALA NA 194 -60.37 -77.86 82.44
C ALA NA 194 -61.25 -78.99 81.91
N GLY NA 195 -62.12 -79.56 82.74
CA GLY NA 195 -63.04 -80.60 82.32
C GLY NA 195 -62.78 -81.98 82.89
N ALA NA 196 -61.87 -82.11 83.86
CA ALA NA 196 -61.58 -83.42 84.42
C ALA NA 196 -62.71 -83.87 85.34
N LYS NA 197 -63.01 -85.17 85.28
CA LYS NA 197 -64.02 -85.78 86.15
C LYS NA 197 -63.35 -86.40 87.37
N LEU NA 198 -64.16 -86.76 88.35
CA LEU NA 198 -63.68 -87.34 89.60
C LEU NA 198 -63.96 -88.83 89.60
N ASN NA 199 -62.93 -89.63 89.83
CA ASN NA 199 -63.05 -91.08 89.90
C ASN NA 199 -63.30 -91.47 91.36
N THR NA 200 -64.54 -91.82 91.68
CA THR NA 200 -64.89 -92.10 93.07
C THR NA 200 -64.20 -93.34 93.60
N THR NA 201 -63.93 -94.32 92.75
CA THR NA 201 -63.32 -95.56 93.22
C THR NA 201 -61.88 -95.33 93.69
N THR NA 202 -61.20 -94.33 93.16
CA THR NA 202 -59.82 -94.04 93.55
C THR NA 202 -59.62 -92.65 94.12
N GLY NA 203 -60.54 -91.73 93.92
CA GLY NA 203 -60.39 -90.37 94.39
C GLY NA 203 -59.58 -89.47 93.50
N LEU NA 204 -59.02 -89.98 92.40
CA LEU NA 204 -58.21 -89.20 91.50
C LEU NA 204 -59.08 -88.43 90.51
N TYR NA 205 -58.44 -87.64 89.67
CA TYR NA 205 -59.14 -86.85 88.66
C TYR NA 205 -58.71 -87.31 87.28
N ASP NA 206 -59.68 -87.71 86.46
CA ASP NA 206 -59.40 -88.23 85.12
C ASP NA 206 -59.72 -87.17 84.09
N LEU NA 207 -58.73 -86.88 83.23
CA LEU NA 207 -58.90 -85.96 82.11
C LEU NA 207 -58.74 -86.75 80.82
N LYS NA 208 -59.75 -86.66 79.95
CA LYS NA 208 -59.80 -87.41 78.71
C LYS NA 208 -59.66 -86.44 77.55
N THR NA 209 -58.69 -86.71 76.68
CA THR NA 209 -58.37 -85.83 75.56
C THR NA 209 -58.86 -86.48 74.27
N GLU NA 210 -59.99 -86.01 73.74
CA GLU NA 210 -60.51 -86.53 72.50
C GLU NA 210 -59.69 -86.03 71.31
N ASN NA 211 -59.74 -86.79 70.22
CA ASN NA 211 -59.10 -86.43 68.97
C ASN NA 211 -60.13 -86.44 67.86
N THR NA 212 -60.09 -85.42 67.00
CA THR NA 212 -60.99 -85.38 65.86
C THR NA 212 -60.53 -86.38 64.81
N LEU NA 213 -61.49 -87.07 64.20
CA LEU NA 213 -61.17 -88.08 63.21
C LEU NA 213 -60.61 -87.44 61.95
N LEU NA 214 -59.72 -88.16 61.27
CA LEU NA 214 -59.05 -87.62 60.10
C LEU NA 214 -60.04 -87.30 59.00
N THR NA 215 -59.78 -86.20 58.29
CA THR NA 215 -60.66 -85.71 57.25
C THR NA 215 -59.89 -85.58 55.94
N THR NA 216 -60.65 -85.53 54.84
CA THR NA 216 -60.05 -85.49 53.52
C THR NA 216 -59.25 -84.20 53.30
N ASP NA 217 -59.76 -83.07 53.81
CA ASP NA 217 -59.04 -81.81 53.65
C ASP NA 217 -57.70 -81.86 54.40
N ALA NA 218 -57.70 -82.39 55.62
CA ALA NA 218 -56.45 -82.53 56.36
C ALA NA 218 -55.49 -83.47 55.64
N ALA NA 219 -56.01 -84.56 55.08
CA ALA NA 219 -55.17 -85.47 54.32
C ALA NA 219 -54.56 -84.77 53.10
N PHE NA 220 -55.35 -83.94 52.42
CA PHE NA 220 -54.82 -83.21 51.27
C PHE NA 220 -53.77 -82.21 51.69
N ASP NA 221 -53.96 -81.56 52.84
CA ASP NA 221 -52.93 -80.66 53.35
C ASP NA 221 -51.65 -81.43 53.66
N LYS NA 222 -51.77 -82.64 54.20
CA LYS NA 222 -50.61 -83.47 54.51
C LYS NA 222 -50.08 -84.23 53.31
N LEU NA 223 -50.71 -84.10 52.15
CA LEU NA 223 -50.26 -84.82 50.96
C LEU NA 223 -48.87 -84.36 50.54
N GLY NA 224 -48.10 -85.31 49.99
CA GLY NA 224 -46.76 -85.02 49.51
C GLY NA 224 -46.58 -85.52 48.08
N ASN NA 225 -45.36 -85.31 47.58
CA ASN NA 225 -45.04 -85.72 46.22
C ASN NA 225 -45.04 -87.24 46.10
N GLY NA 226 -45.58 -87.74 44.99
CA GLY NA 226 -45.65 -89.16 44.75
C GLY NA 226 -46.81 -89.86 45.42
N ASP NA 227 -47.68 -89.14 46.12
CA ASP NA 227 -48.79 -89.77 46.81
C ASP NA 227 -49.85 -90.23 45.81
N LYS NA 228 -50.60 -91.25 46.21
CA LYS NA 228 -51.62 -91.86 45.37
C LYS NA 228 -52.98 -91.77 46.04
N VAL NA 229 -53.96 -91.24 45.32
CA VAL NA 229 -55.33 -91.16 45.80
C VAL NA 229 -56.22 -91.88 44.80
N THR NA 230 -56.94 -92.89 45.27
CA THR NA 230 -57.84 -93.68 44.42
C THR NA 230 -59.27 -93.49 44.93
N VAL NA 231 -60.08 -92.77 44.16
CA VAL NA 231 -61.47 -92.53 44.51
C VAL NA 231 -62.34 -92.93 43.31
N GLY NA 232 -63.38 -93.71 43.58
CA GLY NA 232 -64.25 -94.17 42.51
C GLY NA 232 -63.55 -95.01 41.47
N GLY NA 233 -62.54 -95.78 41.87
CA GLY NA 233 -61.80 -96.60 40.95
C GLY NA 233 -60.84 -95.85 40.05
N VAL NA 234 -60.62 -94.56 40.29
CA VAL NA 234 -59.74 -93.74 39.47
C VAL NA 234 -58.54 -93.33 40.31
N ASP NA 235 -57.35 -93.57 39.79
CA ASP NA 235 -56.11 -93.31 40.51
C ASP NA 235 -55.52 -91.96 40.06
N TYR NA 236 -55.10 -91.16 41.03
CA TYR NA 236 -54.48 -89.87 40.79
C TYR NA 236 -53.17 -89.80 41.56
N THR NA 237 -52.14 -89.27 40.91
CA THR NA 237 -50.81 -89.14 41.51
C THR NA 237 -50.53 -87.67 41.77
N TYR NA 238 -50.22 -87.34 43.02
CA TYR NA 238 -49.95 -85.96 43.38
C TYR NA 238 -48.60 -85.51 42.83
N ASN NA 239 -48.50 -84.22 42.51
CA ASN NA 239 -47.30 -83.63 41.96
C ASN NA 239 -46.82 -82.50 42.86
N ALA NA 240 -45.52 -82.44 43.09
CA ALA NA 240 -44.94 -81.40 43.93
C ALA NA 240 -44.84 -80.05 43.23
N LYS NA 241 -44.86 -80.03 41.90
CA LYS NA 241 -44.73 -78.77 41.18
C LYS NA 241 -45.89 -77.83 41.47
N SER NA 242 -47.11 -78.36 41.53
CA SER NA 242 -48.29 -77.56 41.80
C SER NA 242 -49.37 -78.44 42.43
N GLY NA 243 -50.37 -77.79 42.99
CA GLY NA 243 -51.44 -78.51 43.65
C GLY NA 243 -52.41 -79.16 42.68
N ASP NA 244 -51.95 -80.17 41.96
CA ASP NA 244 -52.77 -80.85 40.98
C ASP NA 244 -52.40 -82.32 40.93
N PHE NA 245 -53.30 -83.11 40.35
CA PHE NA 245 -53.13 -84.55 40.20
C PHE NA 245 -52.90 -84.89 38.73
N THR NA 246 -52.00 -85.84 38.50
CA THR NA 246 -51.78 -86.41 37.18
C THR NA 246 -52.35 -87.82 37.16
N THR NA 247 -53.21 -88.10 36.19
CA THR NA 247 -53.86 -89.39 36.08
C THR NA 247 -53.73 -89.90 34.65
N THR NA 248 -53.92 -91.20 34.50
CA THR NA 248 -53.86 -91.85 33.19
C THR NA 248 -55.28 -92.16 32.73
N LYS NA 249 -55.67 -91.58 31.60
CA LYS NA 249 -56.99 -91.84 31.00
C LYS NA 249 -56.79 -92.73 29.78
N SER NA 250 -57.47 -93.88 29.78
CA SER NA 250 -57.29 -94.87 28.73
C SER NA 250 -58.65 -95.38 28.30
N THR NA 251 -58.67 -95.99 27.12
CA THR NA 251 -59.88 -96.59 26.57
C THR NA 251 -60.39 -97.72 27.47
N ALA NA 258 -64.29 -108.57 20.83
CA ALA NA 258 -64.12 -107.73 19.65
C ALA NA 258 -65.47 -107.18 19.19
N ALA NA 259 -66.44 -108.07 19.00
CA ALA NA 259 -67.77 -107.68 18.57
C ALA NA 259 -68.65 -107.22 19.72
N ALA NA 260 -68.16 -107.26 20.95
CA ALA NA 260 -68.93 -106.83 22.11
C ALA NA 260 -68.92 -105.30 22.20
N GLN NA 261 -69.39 -104.78 23.33
CA GLN NA 261 -69.45 -103.33 23.53
C GLN NA 261 -68.08 -102.70 23.68
N ALA NA 262 -67.01 -103.50 23.84
CA ALA NA 262 -65.69 -102.95 24.07
C ALA NA 262 -65.21 -102.11 22.88
N ALA NA 263 -65.34 -102.65 21.67
CA ALA NA 263 -64.89 -101.91 20.48
C ALA NA 263 -65.75 -100.69 20.24
N ASP NA 264 -67.06 -100.81 20.48
CA ASP NA 264 -67.95 -99.66 20.32
C ASP NA 264 -67.58 -98.56 21.30
N SER NA 265 -67.29 -98.92 22.55
CA SER NA 265 -66.87 -97.93 23.53
C SER NA 265 -65.52 -97.31 23.14
N ALA NA 266 -64.61 -98.11 22.59
CA ALA NA 266 -63.33 -97.57 22.13
C ALA NA 266 -63.55 -96.53 21.04
N SER NA 267 -64.39 -96.86 20.05
CA SER NA 267 -64.66 -95.91 18.98
C SER NA 267 -65.34 -94.65 19.50
N LYS NA 268 -66.29 -94.80 20.42
CA LYS NA 268 -66.97 -93.62 20.97
C LYS NA 268 -66.00 -92.75 21.76
N ARG NA 269 -65.11 -93.37 22.53
CA ARG NA 269 -64.13 -92.60 23.30
C ARG NA 269 -63.16 -91.87 22.38
N ASP NA 270 -62.70 -92.54 21.32
CA ASP NA 270 -61.84 -91.87 20.36
C ASP NA 270 -62.56 -90.70 19.70
N ALA NA 271 -63.84 -90.89 19.34
CA ALA NA 271 -64.61 -89.82 18.71
C ALA NA 271 -64.80 -88.64 19.65
N LEU NA 272 -65.12 -88.90 20.92
CA LEU NA 272 -65.33 -87.81 21.86
C LEU NA 272 -64.02 -87.06 22.13
N ALA NA 273 -62.90 -87.79 22.23
CA ALA NA 273 -61.61 -87.12 22.39
C ALA NA 273 -61.29 -86.26 21.17
N ALA NA 274 -61.59 -86.77 19.96
CA ALA NA 274 -61.38 -85.98 18.76
C ALA NA 274 -62.23 -84.72 18.76
N THR NA 275 -63.49 -84.84 19.17
CA THR NA 275 -64.35 -83.65 19.23
C THR NA 275 -63.82 -82.65 20.26
N LEU NA 276 -63.32 -83.16 21.39
CA LEU NA 276 -62.76 -82.28 22.41
C LEU NA 276 -61.55 -81.52 21.88
N HIS NA 277 -60.68 -82.20 21.12
CA HIS NA 277 -59.51 -81.54 20.56
C HIS NA 277 -59.80 -80.75 19.29
N ALA NA 278 -61.01 -80.88 18.73
CA ALA NA 278 -61.34 -80.13 17.52
C ALA NA 278 -61.22 -78.63 17.75
N ASP NA 279 -61.70 -78.14 18.89
CA ASP NA 279 -61.62 -76.73 19.22
C ASP NA 279 -60.22 -76.41 19.73
N VAL NA 280 -59.45 -75.67 18.93
CA VAL NA 280 -58.09 -75.29 19.29
C VAL NA 280 -57.88 -73.78 19.21
N GLY NA 281 -58.96 -73.00 19.13
CA GLY NA 281 -58.83 -71.58 18.93
C GLY NA 281 -58.26 -71.28 17.56
N LYS NA 282 -57.00 -70.85 17.51
CA LYS NA 282 -56.29 -70.66 16.26
C LYS NA 282 -55.48 -71.90 15.94
N SER NA 283 -54.61 -71.81 14.93
CA SER NA 283 -53.81 -72.96 14.52
C SER NA 283 -52.88 -73.40 15.63
N VAL NA 284 -52.74 -74.72 15.79
CA VAL NA 284 -51.89 -75.31 16.81
C VAL NA 284 -50.98 -76.34 16.16
N ASN NA 285 -49.91 -76.72 16.86
CA ASN NA 285 -48.95 -77.66 16.33
C ASN NA 285 -49.14 -79.04 16.92
N GLY NA 286 -48.78 -80.06 16.15
CA GLY NA 286 -48.79 -81.43 16.64
C GLY NA 286 -47.78 -82.25 15.89
N SER NA 287 -47.39 -83.37 16.48
CA SER NA 287 -46.42 -84.29 15.89
C SER NA 287 -46.96 -85.71 15.97
N TYR NA 288 -47.17 -86.33 14.81
CA TYR NA 288 -47.64 -87.71 14.72
C TYR NA 288 -46.48 -88.56 14.22
N THR NA 289 -46.11 -89.57 14.98
CA THR NA 289 -44.97 -90.40 14.64
C THR NA 289 -45.33 -91.88 14.74
N THR NA 290 -44.92 -92.65 13.74
CA THR NA 290 -45.06 -94.09 13.76
C THR NA 290 -43.79 -94.71 14.32
N LYS NA 291 -43.64 -96.02 14.16
CA LYS NA 291 -42.49 -96.71 14.72
C LYS NA 291 -41.18 -96.26 14.10
N ASP NA 292 -41.22 -95.68 12.90
CA ASP NA 292 -40.00 -95.28 12.21
C ASP NA 292 -40.05 -93.92 11.54
N GLY NA 293 -41.18 -93.22 11.57
CA GLY NA 293 -41.30 -91.96 10.88
C GLY NA 293 -41.93 -90.90 11.78
N THR NA 294 -41.72 -89.64 11.39
CA THR NA 294 -42.22 -88.49 12.12
C THR NA 294 -42.83 -87.49 11.15
N VAL NA 295 -43.98 -86.92 11.51
CA VAL NA 295 -44.63 -85.87 10.72
C VAL NA 295 -45.06 -84.77 11.67
N SER NA 296 -44.81 -83.52 11.28
CA SER NA 296 -45.27 -82.35 12.03
C SER NA 296 -46.43 -81.72 11.26
N PHE NA 297 -47.58 -81.60 11.92
CA PHE NA 297 -48.77 -81.12 11.25
C PHE NA 297 -49.39 -79.97 12.06
N GLU NA 298 -49.94 -79.00 11.33
CA GLU NA 298 -50.58 -77.83 11.92
C GLU NA 298 -52.09 -78.06 11.94
N THR NA 299 -52.62 -78.38 13.12
CA THR NA 299 -54.06 -78.54 13.26
C THR NA 299 -54.74 -77.19 13.21
N ASP NA 300 -55.89 -77.14 12.55
CA ASP NA 300 -56.66 -75.92 12.36
C ASP NA 300 -57.89 -75.93 13.27
N SER NA 301 -58.57 -74.79 13.30
CA SER NA 301 -59.80 -74.68 14.07
C SER NA 301 -60.86 -75.63 13.51
N ALA NA 302 -61.70 -76.14 14.42
CA ALA NA 302 -62.78 -77.09 14.13
C ALA NA 302 -62.27 -78.44 13.63
N GLY NA 303 -60.96 -78.66 13.61
CA GLY NA 303 -60.42 -79.96 13.25
C GLY NA 303 -60.00 -80.08 11.79
N ASN NA 304 -58.69 -80.05 11.55
CA ASN NA 304 -58.14 -80.22 10.21
C ASN NA 304 -56.68 -80.60 10.32
N ILE NA 305 -56.15 -81.13 9.23
CA ILE NA 305 -54.75 -81.54 9.14
C ILE NA 305 -54.09 -80.73 8.04
N THR NA 306 -52.97 -80.08 8.37
CA THR NA 306 -52.28 -79.22 7.42
C THR NA 306 -50.78 -79.34 7.62
N ILE NA 307 -50.06 -79.67 6.55
CA ILE NA 307 -48.61 -79.74 6.56
C ILE NA 307 -48.08 -78.85 5.44
N GLY NA 308 -47.11 -78.00 5.78
CA GLY NA 308 -46.49 -77.14 4.79
C GLY NA 308 -47.44 -76.19 4.10
N GLY NA 309 -48.44 -75.70 4.83
CA GLY NA 309 -49.39 -74.76 4.27
C GLY NA 309 -50.41 -75.36 3.33
N SER NA 310 -50.47 -76.69 3.22
CA SER NA 310 -51.38 -77.36 2.31
C SER NA 310 -52.19 -78.39 3.07
N GLN NA 311 -53.37 -78.69 2.55
CA GLN NA 311 -54.23 -79.69 3.17
C GLN NA 311 -53.56 -81.05 3.14
N ALA NA 312 -53.60 -81.76 4.26
CA ALA NA 312 -52.97 -83.06 4.41
C ALA NA 312 -54.04 -84.14 4.57
N TYR NA 313 -53.73 -85.32 4.06
CA TYR NA 313 -54.65 -86.45 4.07
C TYR NA 313 -54.04 -87.61 4.84
N VAL NA 314 -54.90 -88.46 5.39
CA VAL NA 314 -54.47 -89.61 6.17
C VAL NA 314 -54.69 -90.87 5.35
N ASP NA 315 -53.67 -91.73 5.34
CA ASP NA 315 -53.77 -93.00 4.63
C ASP NA 315 -54.72 -93.94 5.36
N ASP NA 316 -55.28 -94.90 4.62
CA ASP NA 316 -56.18 -95.88 5.23
C ASP NA 316 -55.45 -96.73 6.26
N ALA NA 317 -54.21 -97.11 5.97
CA ALA NA 317 -53.43 -97.91 6.91
C ALA NA 317 -52.94 -97.09 8.10
N GLY NA 318 -53.01 -95.77 8.03
CA GLY NA 318 -52.65 -94.91 9.14
C GLY NA 318 -51.58 -93.88 8.84
N ASN NA 319 -50.96 -93.89 7.66
CA ASN NA 319 -49.94 -92.92 7.34
C ASN NA 319 -50.55 -91.55 7.05
N LEU NA 320 -49.72 -90.52 7.18
CA LEU NA 320 -50.13 -89.15 6.95
C LEU NA 320 -49.42 -88.60 5.72
N THR NA 321 -50.16 -87.93 4.85
CA THR NA 321 -49.60 -87.44 3.58
C THR NA 321 -50.25 -86.12 3.22
N THR NA 322 -49.59 -85.38 2.32
CA THR NA 322 -50.13 -84.15 1.77
C THR NA 322 -50.80 -84.36 0.41
N ASN NA 323 -50.72 -85.56 -0.16
CA ASN NA 323 -51.33 -85.85 -1.46
C ASN NA 323 -52.17 -87.11 -1.35
N ASN NA 324 -53.35 -87.08 -1.97
CA ASN NA 324 -54.27 -88.21 -1.89
C ASN NA 324 -53.96 -89.23 -2.98
N ALA NA 325 -54.06 -90.51 -2.61
CA ALA NA 325 -53.88 -91.61 -3.55
C ALA NA 325 -55.01 -92.61 -3.35
N GLY NA 326 -55.57 -93.08 -4.46
CA GLY NA 326 -56.66 -94.02 -4.38
C GLY NA 326 -57.98 -93.43 -3.94
N SER NA 327 -58.15 -92.12 -4.07
CA SER NA 327 -59.40 -91.43 -3.71
C SER NA 327 -59.77 -91.69 -2.25
N ALA NA 328 -58.77 -91.72 -1.37
CA ALA NA 328 -58.97 -91.90 0.06
C ALA NA 328 -58.20 -90.80 0.77
N ALA NA 329 -58.83 -89.63 0.90
CA ALA NA 329 -58.20 -88.47 1.53
C ALA NA 329 -58.65 -88.30 2.97
N LYS NA 330 -59.96 -88.15 3.19
CA LYS NA 330 -60.58 -88.01 4.51
C LYS NA 330 -59.74 -87.14 5.44
N ALA NA 331 -59.52 -85.90 4.99
CA ALA NA 331 -58.65 -84.95 5.67
C ALA NA 331 -59.34 -84.42 6.93
N ASP NA 332 -59.29 -85.23 7.99
CA ASP NA 332 -59.84 -84.83 9.28
C ASP NA 332 -59.07 -85.52 10.39
N MET NA 333 -58.92 -84.84 11.51
CA MET NA 333 -58.18 -85.41 12.63
C MET NA 333 -58.96 -86.52 13.32
N LYS NA 334 -60.30 -86.46 13.30
CA LYS NA 334 -61.09 -87.60 13.77
C LYS NA 334 -60.83 -88.83 12.91
N ALA NA 335 -60.78 -88.65 11.59
CA ALA NA 335 -60.46 -89.76 10.70
C ALA NA 335 -59.04 -90.26 10.95
N LEU NA 336 -58.11 -89.35 11.21
CA LEU NA 336 -56.73 -89.75 11.53
C LEU NA 336 -56.70 -90.61 12.79
N LEU NA 337 -57.42 -90.19 13.83
CA LEU NA 337 -57.46 -90.96 15.07
C LEU NA 337 -58.09 -92.32 14.85
N LYS NA 338 -59.20 -92.37 14.10
CA LYS NA 338 -59.84 -93.65 13.83
C LYS NA 338 -58.93 -94.58 13.04
N ALA NA 339 -58.23 -94.05 12.03
CA ALA NA 339 -57.33 -94.86 11.23
C ALA NA 339 -56.16 -95.37 12.08
N ALA NA 340 -55.62 -94.52 12.95
CA ALA NA 340 -54.56 -94.96 13.83
C ALA NA 340 -55.03 -96.05 14.78
N SER NA 341 -56.23 -95.89 15.34
CA SER NA 341 -56.76 -96.88 16.26
C SER NA 341 -57.00 -98.22 15.56
N GLU NA 342 -57.55 -98.18 14.36
CA GLU NA 342 -57.86 -99.40 13.62
C GLU NA 342 -56.68 -99.93 12.82
N GLY NA 343 -55.55 -99.24 12.82
CA GLY NA 343 -54.42 -99.65 12.02
C GLY NA 343 -53.78 -100.92 12.53
N SER NA 344 -53.04 -101.57 11.62
CA SER NA 344 -52.33 -102.79 11.98
C SER NA 344 -51.21 -102.52 12.97
N ASP NA 345 -50.62 -101.33 12.91
CA ASP NA 345 -49.50 -100.95 13.77
C ASP NA 345 -49.85 -99.69 14.56
N GLY NA 346 -49.45 -99.66 15.83
CA GLY NA 346 -49.70 -98.50 16.65
C GLY NA 346 -48.71 -97.38 16.40
N ALA NA 347 -49.06 -96.19 16.88
CA ALA NA 347 -48.22 -95.01 16.73
C ALA NA 347 -48.41 -94.10 17.93
N SER NA 348 -47.61 -93.04 17.98
CA SER NA 348 -47.63 -92.07 19.06
C SER NA 348 -47.93 -90.68 18.50
N LEU NA 349 -48.89 -89.99 19.11
CA LEU NA 349 -49.31 -88.67 18.66
C LEU NA 349 -49.18 -87.69 19.81
N THR NA 350 -48.45 -86.60 19.58
CA THR NA 350 -48.19 -85.58 20.59
C THR NA 350 -48.86 -84.28 20.19
N PHE NA 351 -49.68 -83.75 21.08
CA PHE NA 351 -50.32 -82.45 20.88
C PHE NA 351 -49.42 -81.35 21.43
N ASN NA 352 -49.94 -80.14 21.56
CA ASN NA 352 -49.14 -79.02 22.02
C ASN NA 352 -48.55 -79.30 23.40
N GLY NA 353 -49.39 -79.69 24.36
CA GLY NA 353 -48.92 -79.94 25.71
C GLY NA 353 -48.80 -81.40 26.08
N THR NA 354 -49.78 -82.21 25.70
CA THR NA 354 -49.84 -83.60 26.13
C THR NA 354 -49.42 -84.55 25.01
N GLU NA 355 -49.22 -85.80 25.39
CA GLU NA 355 -48.83 -86.87 24.47
C GLU NA 355 -49.87 -87.98 24.54
N TYR NA 356 -50.25 -88.50 23.37
CA TYR NA 356 -51.26 -89.55 23.27
C TYR NA 356 -50.64 -90.78 22.64
N THR NA 357 -50.91 -91.95 23.21
CA THR NA 357 -50.39 -93.20 22.70
C THR NA 357 -51.55 -94.07 22.20
N ILE NA 358 -51.37 -94.65 21.02
CA ILE NA 358 -52.41 -95.43 20.36
C ILE NA 358 -52.03 -96.90 20.46
N ALA NA 359 -52.89 -97.69 21.10
CA ALA NA 359 -52.66 -99.12 21.21
C ALA NA 359 -52.91 -99.81 19.88
N LYS NA 360 -52.10 -100.83 19.60
CA LYS NA 360 -52.21 -101.59 18.35
C LYS NA 360 -53.54 -102.33 18.28
N GLY NA 376 -57.14 -98.81 21.16
CA GLY NA 376 -57.48 -97.89 22.24
C GLY NA 376 -56.56 -96.68 22.29
N ILE NA 377 -56.92 -95.69 23.10
CA ILE NA 377 -56.15 -94.47 23.25
C ILE NA 377 -55.81 -94.30 24.73
N THR NA 378 -54.59 -93.86 25.01
CA THR NA 378 -54.18 -93.55 26.37
C THR NA 378 -53.45 -92.21 26.40
N TYR NA 379 -53.63 -91.49 27.51
CA TYR NA 379 -52.99 -90.18 27.64
C TYR NA 379 -52.93 -89.80 29.11
N GLN NA 380 -51.88 -89.06 29.46
CA GLN NA 380 -51.66 -88.62 30.84
C GLN NA 380 -52.33 -87.27 31.03
N ALA NA 381 -53.58 -87.31 31.50
CA ALA NA 381 -54.31 -86.08 31.76
C ALA NA 381 -53.95 -85.51 33.13
N THR NA 382 -54.24 -84.23 33.30
CA THR NA 382 -54.02 -83.54 34.57
C THR NA 382 -55.33 -82.93 35.03
N VAL NA 383 -55.71 -83.19 36.29
CA VAL NA 383 -56.92 -82.64 36.87
C VAL NA 383 -56.56 -82.08 38.24
N SER NA 384 -57.12 -80.91 38.55
CA SER NA 384 -56.81 -80.24 39.81
C SER NA 384 -57.26 -81.07 41.00
N LYS NA 385 -56.50 -80.99 42.08
CA LYS NA 385 -56.83 -81.72 43.30
C LYS NA 385 -58.12 -81.22 43.94
N ASP NA 386 -58.56 -80.01 43.59
CA ASP NA 386 -59.81 -79.50 44.14
C ASP NA 386 -60.99 -80.36 43.70
N VAL NA 387 -61.01 -80.77 42.43
CA VAL NA 387 -62.08 -81.63 41.95
C VAL NA 387 -62.07 -82.96 42.68
N VAL NA 388 -60.89 -83.53 42.88
CA VAL NA 388 -60.78 -84.83 43.53
C VAL NA 388 -61.26 -84.74 44.97
N LEU NA 389 -60.82 -83.71 45.70
CA LEU NA 389 -61.23 -83.59 47.09
C LEU NA 389 -62.73 -83.30 47.20
N SER NA 390 -63.27 -82.48 46.30
CA SER NA 390 -64.70 -82.20 46.34
C SER NA 390 -65.52 -83.44 46.05
N GLU NA 391 -65.13 -84.23 45.05
CA GLU NA 391 -65.90 -85.43 44.74
C GLU NA 391 -65.75 -86.48 45.83
N THR NA 392 -64.60 -86.53 46.50
CA THR NA 392 -64.45 -87.44 47.64
C THR NA 392 -65.32 -87.00 48.81
N LYS NA 393 -65.37 -85.70 49.09
CA LYS NA 393 -66.09 -85.22 50.26
C LYS NA 393 -67.59 -85.26 50.06
N ALA NA 394 -68.08 -84.87 48.88
CA ALA NA 394 -69.53 -84.73 48.68
C ALA NA 394 -70.21 -86.08 48.63
N ALA NA 395 -69.66 -87.02 47.87
CA ALA NA 395 -70.30 -88.30 47.63
C ALA NA 395 -69.91 -89.32 48.69
N ALA NA 396 -70.78 -90.30 48.89
CA ALA NA 396 -70.54 -91.38 49.86
C ALA NA 396 -69.74 -92.50 49.18
N ALA NA 397 -68.53 -92.14 48.75
CA ALA NA 397 -67.65 -93.07 48.06
C ALA NA 397 -66.69 -93.72 49.06
N THR NA 398 -65.79 -94.55 48.53
CA THR NA 398 -64.78 -95.25 49.33
C THR NA 398 -63.42 -94.94 48.73
N SER NA 399 -62.78 -93.89 49.23
CA SER NA 399 -61.50 -93.46 48.70
C SER NA 399 -60.35 -94.12 49.47
N SER NA 400 -59.17 -94.12 48.84
CA SER NA 400 -57.96 -94.65 49.45
C SER NA 400 -56.84 -93.63 49.25
N ILE NA 401 -56.14 -93.31 50.34
CA ILE NA 401 -55.06 -92.32 50.31
C ILE NA 401 -53.79 -93.00 50.76
N THR NA 402 -52.71 -92.84 50.00
CA THR NA 402 -51.43 -93.45 50.31
C THR NA 402 -50.40 -92.37 50.57
N PHE NA 403 -49.77 -92.42 51.74
CA PHE NA 403 -48.66 -91.54 52.09
C PHE NA 403 -47.36 -92.29 51.89
N ASN NA 404 -46.45 -91.71 51.11
CA ASN NA 404 -45.16 -92.29 50.80
C ASN NA 404 -44.08 -91.28 51.14
N SER NA 405 -43.11 -91.70 51.95
CA SER NA 405 -41.93 -90.90 52.23
C SER NA 405 -40.75 -91.28 51.36
N GLY NA 406 -40.97 -92.10 50.33
CA GLY NA 406 -39.93 -92.63 49.49
C GLY NA 406 -39.49 -94.03 49.90
N VAL NA 407 -39.62 -94.36 51.19
CA VAL NA 407 -39.32 -95.69 51.70
C VAL NA 407 -40.52 -96.26 52.47
N LEU NA 408 -41.10 -95.45 53.35
CA LEU NA 408 -42.18 -95.89 54.22
C LEU NA 408 -43.51 -95.50 53.61
N SER NA 409 -44.45 -96.44 53.58
CA SER NA 409 -45.74 -96.25 52.92
C SER NA 409 -46.87 -96.65 53.86
N LYS NA 410 -47.95 -95.87 53.84
CA LYS NA 410 -49.16 -96.20 54.58
C LYS NA 410 -50.39 -95.91 53.73
N THR NA 411 -51.33 -96.84 53.70
CA THR NA 411 -52.57 -96.70 52.96
C THR NA 411 -53.73 -96.63 53.94
N ILE NA 412 -54.59 -95.62 53.76
CA ILE NA 412 -55.72 -95.38 54.65
C ILE NA 412 -57.00 -95.30 53.81
N GLY NA 413 -58.01 -96.05 54.24
CA GLY NA 413 -59.31 -95.96 53.60
C GLY NA 413 -60.15 -94.85 54.19
N PHE NA 414 -60.99 -94.24 53.35
CA PHE NA 414 -61.80 -93.09 53.74
C PHE NA 414 -63.21 -93.25 53.23
N THR NA 415 -64.17 -92.96 54.10
CA THR NA 415 -65.57 -92.83 53.72
C THR NA 415 -65.83 -91.36 53.33
N ALA NA 416 -67.10 -90.95 53.28
CA ALA NA 416 -67.45 -89.60 52.83
C ALA NA 416 -67.04 -88.60 53.91
N GLY NA 417 -65.75 -88.27 53.91
CA GLY NA 417 -65.20 -87.28 54.82
C GLY NA 417 -64.47 -87.84 56.02
N GLU NA 418 -64.63 -89.12 56.33
CA GLU NA 418 -64.02 -89.75 57.49
C GLU NA 418 -63.33 -91.03 57.06
N SER NA 419 -62.77 -91.75 58.04
CA SER NA 419 -62.08 -93.01 57.79
C SER NA 419 -62.93 -94.15 58.33
N SER NA 420 -63.25 -95.11 57.47
CA SER NA 420 -64.06 -96.26 57.84
C SER NA 420 -63.30 -97.58 57.70
N ASP NA 421 -61.98 -97.54 57.62
CA ASP NA 421 -61.17 -98.73 57.38
C ASP NA 421 -60.79 -99.45 58.66
N ALA NA 422 -61.57 -99.29 59.73
CA ALA NA 422 -61.28 -99.89 61.03
C ALA NA 422 -59.93 -99.45 61.56
N ALA NA 423 -59.49 -98.27 61.16
CA ALA NA 423 -58.22 -97.68 61.58
C ALA NA 423 -58.49 -96.43 62.40
N LYS NA 424 -57.56 -96.12 63.30
CA LYS NA 424 -57.78 -95.02 64.23
C LYS NA 424 -57.71 -93.68 63.51
N SER NA 425 -56.55 -93.34 62.97
CA SER NA 425 -56.37 -92.20 62.06
C SER NA 425 -56.83 -90.89 62.70
N TYR NA 426 -56.11 -90.49 63.74
CA TYR NA 426 -56.39 -89.23 64.43
C TYR NA 426 -55.20 -88.30 64.32
N VAL NA 427 -55.49 -87.01 64.17
CA VAL NA 427 -54.49 -86.01 63.82
C VAL NA 427 -54.61 -84.79 64.74
N ASP NA 428 -55.67 -84.76 65.56
CA ASP NA 428 -56.07 -83.54 66.24
C ASP NA 428 -55.01 -83.03 67.22
N ASP NA 429 -54.09 -83.88 67.68
CA ASP NA 429 -53.18 -83.50 68.74
C ASP NA 429 -52.29 -82.31 68.35
N LYS NA 430 -51.39 -82.52 67.39
CA LYS NA 430 -50.52 -81.44 66.93
C LYS NA 430 -50.27 -81.49 65.42
N GLY NA 431 -50.94 -82.38 64.70
CA GLY NA 431 -50.61 -82.63 63.32
C GLY NA 431 -49.90 -83.97 63.15
N GLY NA 432 -50.15 -84.60 62.01
CA GLY NA 432 -49.65 -85.94 61.77
C GLY NA 432 -50.60 -87.00 62.31
N ILE NA 433 -50.56 -88.16 61.67
CA ILE NA 433 -51.51 -89.24 61.95
C ILE NA 433 -50.89 -90.13 63.02
N THR NA 434 -51.37 -90.01 64.25
CA THR NA 434 -50.81 -90.73 65.39
C THR NA 434 -51.66 -91.92 65.82
N ASN NA 435 -52.73 -92.22 65.09
CA ASN NA 435 -53.57 -93.42 65.25
C ASN NA 435 -53.77 -93.83 66.71
N VAL NA 436 -54.02 -92.84 67.58
CA VAL NA 436 -54.39 -93.07 68.97
C VAL NA 436 -55.84 -92.63 69.16
N ALA NA 437 -56.65 -93.52 69.74
CA ALA NA 437 -58.05 -93.19 69.98
C ALA NA 437 -58.16 -92.06 71.00
N ASP NA 438 -57.71 -92.32 72.23
CA ASP NA 438 -57.81 -91.36 73.31
C ASP NA 438 -56.91 -91.81 74.45
N TYR NA 439 -56.34 -90.84 75.16
CA TYR NA 439 -55.53 -91.12 76.33
C TYR NA 439 -56.11 -90.36 77.51
N THR NA 440 -56.24 -91.04 78.65
CA THR NA 440 -56.79 -90.46 79.86
C THR NA 440 -55.67 -90.33 80.88
N VAL NA 441 -55.49 -89.13 81.42
CA VAL NA 441 -54.45 -88.85 82.40
C VAL NA 441 -55.12 -88.67 83.76
N SER NA 442 -54.61 -89.36 84.77
CA SER NA 442 -55.15 -89.30 86.11
C SER NA 442 -54.22 -88.48 86.99
N TYR NA 443 -54.79 -87.52 87.70
CA TYR NA 443 -54.06 -86.62 88.58
C TYR NA 443 -54.46 -86.90 90.02
N SER NA 444 -53.48 -86.97 90.90
CA SER NA 444 -53.70 -87.15 92.33
C SER NA 444 -53.59 -85.80 93.02
N VAL NA 445 -54.58 -85.49 93.87
CA VAL NA 445 -54.64 -84.22 94.58
C VAL NA 445 -54.26 -84.47 96.03
N ASN NA 446 -53.23 -83.79 96.50
CA ASN NA 446 -52.81 -83.90 97.89
C ASN NA 446 -53.63 -82.96 98.74
N LYS NA 447 -54.47 -83.51 99.62
CA LYS NA 447 -55.41 -82.72 100.39
C LYS NA 447 -54.75 -81.96 101.54
N ASP NA 448 -53.49 -82.24 101.86
CA ASP NA 448 -52.81 -81.51 102.93
C ASP NA 448 -52.55 -80.06 102.53
N ASN NA 449 -52.06 -79.84 101.31
CA ASN NA 449 -51.72 -78.51 100.84
C ASN NA 449 -52.44 -78.09 99.57
N GLY NA 450 -53.03 -79.03 98.83
CA GLY NA 450 -53.68 -78.71 97.57
C GLY NA 450 -52.84 -78.93 96.34
N SER NA 451 -51.61 -79.41 96.49
CA SER NA 451 -50.75 -79.65 95.34
C SER NA 451 -51.28 -80.80 94.50
N VAL NA 452 -51.16 -80.66 93.18
CA VAL NA 452 -51.66 -81.64 92.23
C VAL NA 452 -50.48 -82.22 91.46
N THR NA 453 -50.38 -83.55 91.45
CA THR NA 453 -49.35 -84.26 90.70
C THR NA 453 -50.01 -85.21 89.71
N VAL NA 454 -49.18 -85.77 88.83
CA VAL NA 454 -49.65 -86.71 87.82
C VAL NA 454 -49.42 -88.13 88.33
N ALA NA 455 -50.45 -88.97 88.22
CA ALA NA 455 -50.37 -90.35 88.69
C ALA NA 455 -51.40 -91.17 87.93
N GLY NA 456 -50.93 -91.89 86.91
CA GLY NA 456 -51.81 -92.79 86.18
C GLY NA 456 -52.07 -92.39 84.74
N TYR NA 457 -51.87 -93.34 83.82
CA TYR NA 457 -52.08 -93.12 82.40
C TYR NA 457 -52.84 -94.31 81.82
N ALA NA 458 -53.91 -94.03 81.09
CA ALA NA 458 -54.74 -95.07 80.48
C ALA NA 458 -54.87 -94.79 78.99
N SER NA 459 -54.80 -95.84 78.18
CA SER NA 459 -54.95 -95.70 76.74
C SER NA 459 -55.76 -96.86 76.20
N ALA NA 460 -56.72 -96.56 75.33
CA ALA NA 460 -57.50 -97.59 74.67
C ALA NA 460 -56.69 -98.33 73.61
N THR NA 461 -55.55 -97.81 73.22
CA THR NA 461 -54.62 -98.46 72.31
C THR NA 461 -53.28 -98.66 73.01
N ASP NA 462 -52.35 -99.32 72.32
CA ASP NA 462 -51.02 -99.51 72.89
C ASP NA 462 -50.33 -98.17 73.10
N THR NA 463 -50.27 -97.35 72.05
CA THR NA 463 -49.85 -95.95 72.10
C THR NA 463 -48.35 -95.84 72.37
N ASN NA 464 -47.71 -96.97 72.68
CA ASN NA 464 -46.28 -97.01 73.02
C ASN NA 464 -45.91 -95.99 74.09
N LYS NA 465 -46.89 -95.62 74.92
CA LYS NA 465 -46.71 -94.59 75.94
C LYS NA 465 -46.17 -93.29 75.33
N ASP NA 466 -46.71 -92.94 74.17
CA ASP NA 466 -46.26 -91.72 73.49
C ASP NA 466 -46.64 -90.48 74.29
N TYR NA 467 -47.85 -90.44 74.81
CA TYR NA 467 -48.35 -89.27 75.55
C TYR NA 467 -48.40 -89.51 77.06
N ALA NA 468 -47.55 -90.39 77.58
CA ALA NA 468 -47.57 -90.71 78.99
C ALA NA 468 -46.44 -89.97 79.69
N PRO NA 469 -46.72 -88.95 80.50
CA PRO NA 469 -45.67 -88.33 81.29
C PRO NA 469 -45.23 -89.23 82.43
N ALA NA 470 -44.01 -89.00 82.91
CA ALA NA 470 -43.52 -89.72 84.08
C ALA NA 470 -44.38 -89.41 85.28
N ILE NA 471 -44.77 -90.46 86.02
CA ILE NA 471 -45.64 -90.26 87.17
C ILE NA 471 -44.88 -89.56 88.29
N GLY NA 472 -45.63 -88.89 89.15
CA GLY NA 472 -45.05 -88.18 90.27
C GLY NA 472 -44.48 -86.81 89.95
N THR NA 473 -44.80 -86.25 88.78
CA THR NA 473 -44.30 -84.94 88.38
C THR NA 473 -45.38 -83.89 88.66
N ALA NA 474 -45.01 -82.84 89.37
CA ALA NA 474 -45.95 -81.78 89.71
C ALA NA 474 -46.40 -81.06 88.45
N VAL NA 475 -47.70 -80.91 88.29
CA VAL NA 475 -48.28 -80.28 87.11
C VAL NA 475 -48.52 -78.80 87.41
N ASN NA 476 -48.43 -77.98 86.37
CA ASN NA 476 -48.62 -76.54 86.48
C ASN NA 476 -49.65 -76.08 85.44
N VAL NA 477 -49.81 -74.76 85.35
CA VAL NA 477 -50.77 -74.15 84.44
C VAL NA 477 -50.00 -73.27 83.46
N ASN NA 478 -50.24 -73.48 82.17
CA ASN NA 478 -49.55 -72.73 81.13
C ASN NA 478 -50.03 -71.29 81.12
N SER NA 479 -49.43 -70.49 80.23
CA SER NA 479 -49.83 -69.09 80.09
C SER NA 479 -51.26 -68.97 79.59
N ALA NA 480 -51.67 -69.85 78.67
CA ALA NA 480 -53.00 -69.82 78.10
C ALA NA 480 -54.04 -70.48 79.00
N GLY NA 481 -53.67 -70.88 80.21
CA GLY NA 481 -54.58 -71.53 81.13
C GLY NA 481 -54.68 -73.02 81.00
N LYS NA 482 -53.94 -73.63 80.08
CA LYS NA 482 -53.98 -75.08 79.92
C LYS NA 482 -53.22 -75.76 81.04
N ILE NA 483 -53.47 -77.06 81.18
CA ILE NA 483 -52.81 -77.90 82.19
C ILE NA 483 -51.61 -78.54 81.54
N THR NA 484 -50.41 -78.21 82.03
CA THR NA 484 -49.18 -78.65 81.39
C THR NA 484 -48.12 -78.86 82.46
N THR NA 485 -47.11 -79.66 82.13
CA THR NA 485 -46.12 -80.10 83.11
C THR NA 485 -44.85 -79.25 83.15
N GLU NA 486 -44.44 -78.64 82.05
CA GLU NA 486 -43.18 -77.90 82.04
C GLU NA 486 -43.38 -76.51 82.65
N THR NA 487 -42.29 -75.99 83.23
CA THR NA 487 -42.32 -74.73 83.94
C THR NA 487 -41.69 -73.57 83.19
N THR NA 488 -41.28 -73.79 81.93
CA THR NA 488 -40.58 -72.75 81.18
C THR NA 488 -41.46 -71.52 80.96
N SER NA 489 -42.53 -71.67 80.17
CA SER NA 489 -43.48 -70.59 79.89
C SER NA 489 -42.76 -69.34 79.37
N ALA NA 490 -42.20 -69.51 78.16
CA ALA NA 490 -41.40 -68.45 77.56
C ALA NA 490 -42.21 -67.17 77.39
N GLY NA 491 -41.57 -66.04 77.67
CA GLY NA 491 -42.21 -64.74 77.65
C GLY NA 491 -42.09 -64.05 76.32
N SER NA 492 -42.22 -62.72 76.36
CA SER NA 492 -42.27 -61.90 75.16
C SER NA 492 -41.01 -61.08 74.90
N ALA NA 493 -40.12 -60.93 75.87
CA ALA NA 493 -38.90 -60.18 75.66
C ALA NA 493 -38.03 -60.86 74.60
N THR NA 494 -37.34 -60.05 73.81
CA THR NA 494 -36.53 -60.57 72.71
C THR NA 494 -35.43 -61.47 73.25
N THR NA 495 -35.22 -62.61 72.58
CA THR NA 495 -34.31 -63.63 73.08
C THR NA 495 -32.87 -63.16 73.04
N ASN NA 496 -32.36 -62.84 71.86
CA ASN NA 496 -30.95 -62.49 71.67
C ASN NA 496 -30.86 -61.13 70.98
N PRO NA 497 -31.10 -60.05 71.72
CA PRO NA 497 -31.09 -58.72 71.11
C PRO NA 497 -29.75 -58.37 70.49
N LEU NA 498 -28.67 -58.75 71.15
CA LEU NA 498 -27.34 -58.44 70.62
C LEU NA 498 -27.09 -59.16 69.31
N ALA NA 499 -27.49 -60.44 69.23
CA ALA NA 499 -27.33 -61.17 67.98
C ALA NA 499 -28.17 -60.58 66.87
N ALA NA 500 -29.41 -60.20 67.17
CA ALA NA 500 -30.26 -59.61 66.15
C ALA NA 500 -29.68 -58.29 65.63
N LEU NA 501 -29.20 -57.44 66.55
CA LEU NA 501 -28.60 -56.18 66.15
C LEU NA 501 -27.33 -56.41 65.35
N ASP NA 502 -26.54 -57.41 65.72
CA ASP NA 502 -25.34 -57.74 64.95
C ASP NA 502 -25.70 -58.15 63.53
N ASP NA 503 -26.74 -58.97 63.38
CA ASP NA 503 -27.17 -59.36 62.04
C ASP NA 503 -27.62 -58.15 61.23
N ALA NA 504 -28.38 -57.25 61.85
CA ALA NA 504 -28.82 -56.05 61.14
C ALA NA 504 -27.63 -55.21 60.69
N ILE NA 505 -26.66 -54.98 61.59
CA ILE NA 505 -25.50 -54.18 61.25
C ILE NA 505 -24.69 -54.86 60.15
N SER NA 506 -24.59 -56.18 60.20
CA SER NA 506 -23.86 -56.91 59.17
C SER NA 506 -24.52 -56.74 57.81
N SER NA 507 -25.85 -56.82 57.76
CA SER NA 507 -26.54 -56.60 56.49
C SER NA 507 -26.29 -55.20 55.95
N ILE NA 508 -26.36 -54.20 56.83
CA ILE NA 508 -26.11 -52.82 56.41
C ILE NA 508 -24.70 -52.69 55.84
N ASP NA 509 -23.72 -53.27 56.53
CA ASP NA 509 -22.34 -53.17 56.07
C ASP NA 509 -22.13 -53.87 54.74
N LYS NA 510 -22.76 -55.03 54.55
CA LYS NA 510 -22.62 -55.72 53.27
C LYS NA 510 -23.16 -54.88 52.14
N PHE NA 511 -24.34 -54.28 52.33
CA PHE NA 511 -24.93 -53.50 51.25
C PHE NA 511 -24.10 -52.23 50.98
N ARG NA 512 -23.55 -51.64 52.04
CA ARG NA 512 -22.66 -50.49 51.85
C ARG NA 512 -21.42 -50.87 51.06
N SER NA 513 -20.85 -52.04 51.35
CA SER NA 513 -19.70 -52.51 50.59
C SER NA 513 -20.05 -52.69 49.12
N SER NA 514 -21.23 -53.24 48.84
CA SER NA 514 -21.67 -53.38 47.45
C SER NA 514 -21.76 -52.03 46.76
N LEU NA 515 -22.33 -51.03 47.46
CA LEU NA 515 -22.43 -49.70 46.87
C LEU NA 515 -21.06 -49.10 46.59
N GLY NA 516 -20.11 -49.30 47.52
CA GLY NA 516 -18.76 -48.79 47.31
C GLY NA 516 -18.08 -49.43 46.11
N ALA NA 517 -18.25 -50.75 45.96
CA ALA NA 517 -17.70 -51.42 44.79
C ALA NA 517 -18.30 -50.86 43.51
N ILE NA 518 -19.62 -50.62 43.52
CA ILE NA 518 -20.25 -50.02 42.34
C ILE NA 518 -19.66 -48.65 42.04
N GLN NA 519 -19.44 -47.84 43.07
CA GLN NA 519 -18.86 -46.52 42.86
C GLN NA 519 -17.49 -46.61 42.20
N ASN NA 520 -16.64 -47.50 42.73
CA ASN NA 520 -15.29 -47.63 42.18
C ASN NA 520 -15.34 -48.08 40.72
N ARG NA 521 -16.13 -49.10 40.43
CA ARG NA 521 -16.17 -49.62 39.07
C ARG NA 521 -16.77 -48.59 38.10
N LEU NA 522 -17.74 -47.80 38.56
CA LEU NA 522 -18.34 -46.80 37.69
C LEU NA 522 -17.35 -45.66 37.42
N ASP NA 523 -16.56 -45.28 38.42
CA ASP NA 523 -15.54 -44.25 38.20
C ASP NA 523 -14.49 -44.74 37.20
N SER NA 524 -14.09 -46.00 37.32
CA SER NA 524 -13.16 -46.56 36.33
C SER NA 524 -13.76 -46.51 34.93
N ALA NA 525 -15.05 -46.82 34.81
CA ALA NA 525 -15.73 -46.72 33.53
C ALA NA 525 -15.68 -45.30 32.99
N VAL NA 526 -15.89 -44.31 33.86
CA VAL NA 526 -15.85 -42.91 33.44
C VAL NA 526 -14.48 -42.57 32.86
N THR NA 527 -13.43 -42.96 33.57
CA THR NA 527 -12.08 -42.64 33.11
C THR NA 527 -11.79 -43.29 31.76
N ASN NA 528 -12.18 -44.56 31.61
CA ASN NA 528 -11.96 -45.23 30.33
C ASN NA 528 -12.74 -44.55 29.20
N LEU NA 529 -13.98 -44.12 29.49
CA LEU NA 529 -14.76 -43.43 28.48
C LEU NA 529 -14.10 -42.13 28.04
N ASN NA 530 -13.57 -41.37 29.00
CA ASN NA 530 -12.89 -40.13 28.64
C ASN NA 530 -11.67 -40.40 27.76
N ASN NA 531 -10.87 -41.41 28.12
CA ASN NA 531 -9.70 -41.73 27.31
C ASN NA 531 -10.10 -42.13 25.89
N THR NA 532 -11.12 -42.99 25.77
CA THR NA 532 -11.55 -43.44 24.45
C THR NA 532 -12.09 -42.27 23.63
N THR NA 533 -12.83 -41.36 24.27
CA THR NA 533 -13.34 -40.20 23.56
C THR NA 533 -12.21 -39.34 23.03
N THR NA 534 -11.18 -39.11 23.84
CA THR NA 534 -10.04 -38.33 23.38
C THR NA 534 -9.37 -38.98 22.18
N ASN NA 535 -9.14 -40.30 22.25
CA ASN NA 535 -8.46 -40.98 21.15
C ASN NA 535 -9.30 -40.96 19.88
N LEU NA 536 -10.62 -41.16 20.00
CA LEU NA 536 -11.46 -41.15 18.82
C LEU NA 536 -11.53 -39.76 18.20
N SER NA 537 -11.57 -38.72 19.04
CA SER NA 537 -11.53 -37.36 18.51
C SER NA 537 -10.22 -37.11 17.75
N GLU NA 538 -9.11 -37.61 18.29
CA GLU NA 538 -7.83 -37.49 17.59
C GLU NA 538 -7.89 -38.18 16.23
N ALA NA 539 -8.46 -39.38 16.18
CA ALA NA 539 -8.55 -40.09 14.90
C ALA NA 539 -9.43 -39.35 13.90
N GLN NA 540 -10.55 -38.80 14.38
CA GLN NA 540 -11.41 -38.03 13.48
C GLN NA 540 -10.68 -36.81 12.95
N SER NA 541 -9.88 -36.16 13.80
CA SER NA 541 -9.07 -35.04 13.34
C SER NA 541 -8.05 -35.50 12.30
N ARG NA 542 -7.50 -36.70 12.48
CA ARG NA 542 -6.60 -37.26 11.48
C ARG NA 542 -7.30 -37.38 10.13
N ILE NA 543 -8.53 -37.87 10.13
CA ILE NA 543 -9.23 -38.08 8.86
C ILE NA 543 -9.64 -36.75 8.23
N GLN NA 544 -10.32 -35.91 9.00
CA GLN NA 544 -10.84 -34.62 8.55
C GLN NA 544 -9.78 -33.54 8.77
N ASP NA 545 -10.19 -32.27 8.79
CA ASP NA 545 -9.35 -31.15 9.21
C ASP NA 545 -8.17 -30.95 8.24
N ALA NA 546 -8.52 -30.51 7.04
CA ALA NA 546 -7.55 -30.13 6.02
C ALA NA 546 -6.46 -29.23 6.61
N ASP NA 547 -5.28 -29.28 5.99
CA ASP NA 547 -4.09 -28.60 6.50
C ASP NA 547 -4.03 -27.19 5.91
N TYR NA 548 -4.23 -26.19 6.77
CA TYR NA 548 -4.32 -24.82 6.30
C TYR NA 548 -3.12 -24.42 5.47
N ALA NA 549 -1.93 -24.89 5.82
CA ALA NA 549 -0.76 -24.60 5.00
C ALA NA 549 -0.94 -25.13 3.58
N THR NA 550 -1.40 -26.38 3.48
CA THR NA 550 -1.53 -27.01 2.17
C THR NA 550 -2.54 -26.28 1.31
N GLU NA 551 -3.74 -26.02 1.83
CA GLU NA 551 -4.71 -25.32 0.98
C GLU NA 551 -4.40 -23.85 0.76
N VAL NA 552 -3.70 -23.18 1.68
CA VAL NA 552 -3.27 -21.81 1.40
C VAL NA 552 -2.31 -21.78 0.23
N SER NA 553 -1.33 -22.68 0.24
CA SER NA 553 -0.42 -22.78 -0.90
C SER NA 553 -1.17 -23.13 -2.18
N ASN NA 554 -2.13 -24.06 -2.08
CA ASN NA 554 -2.87 -24.48 -3.26
C ASN NA 554 -3.64 -23.32 -3.86
N MET NA 555 -4.36 -22.55 -3.04
CA MET NA 555 -5.12 -21.45 -3.60
C MET NA 555 -4.20 -20.35 -4.12
N SER NA 556 -3.05 -20.14 -3.49
CA SER NA 556 -2.14 -19.10 -3.96
C SER NA 556 -1.63 -19.43 -5.36
N LYS NA 557 -1.16 -20.67 -5.55
CA LYS NA 557 -0.70 -21.03 -6.89
C LYS NA 557 -1.86 -21.09 -7.87
N ALA NA 558 -3.07 -21.45 -7.41
CA ALA NA 558 -4.22 -21.44 -8.30
C ALA NA 558 -4.57 -20.03 -8.76
N GLN NA 559 -4.51 -19.07 -7.85
CA GLN NA 559 -4.76 -17.67 -8.22
C GLN NA 559 -3.73 -17.17 -9.22
N ILE NA 560 -2.46 -17.51 -8.99
CA ILE NA 560 -1.43 -17.07 -9.93
C ILE NA 560 -1.64 -17.70 -11.29
N ILE NA 561 -1.99 -18.99 -11.32
CA ILE NA 561 -2.27 -19.63 -12.61
C ILE NA 561 -3.45 -18.97 -13.29
N GLN NA 562 -4.47 -18.60 -12.52
CA GLN NA 562 -5.63 -17.93 -13.10
C GLN NA 562 -5.25 -16.60 -13.72
N GLN NA 563 -4.47 -15.79 -13.00
CA GLN NA 563 -4.08 -14.48 -13.53
C GLN NA 563 -3.21 -14.63 -14.77
N ALA NA 564 -2.27 -15.58 -14.75
CA ALA NA 564 -1.44 -15.82 -15.92
C ALA NA 564 -2.27 -16.27 -17.11
N GLY NA 565 -3.25 -17.16 -16.86
CA GLY NA 565 -4.10 -17.62 -17.92
C GLY NA 565 -4.95 -16.51 -18.51
N ASN NA 566 -5.43 -15.60 -17.66
CA ASN NA 566 -6.23 -14.49 -18.15
C ASN NA 566 -5.40 -13.52 -18.97
N SER NA 567 -4.17 -13.24 -18.53
CA SER NA 567 -3.30 -12.37 -19.33
C SER NA 567 -2.96 -13.00 -20.67
N VAL NA 568 -2.63 -14.30 -20.67
CA VAL NA 568 -2.35 -14.97 -21.92
C VAL NA 568 -3.60 -15.03 -22.79
N LEU NA 569 -4.77 -15.15 -22.17
CA LEU NA 569 -6.02 -15.15 -22.92
C LEU NA 569 -6.24 -13.81 -23.60
N ALA NA 570 -5.93 -12.72 -22.91
CA ALA NA 570 -6.00 -11.40 -23.55
C ALA NA 570 -5.01 -11.31 -24.71
N LYS NA 571 -3.80 -11.83 -24.52
CA LYS NA 571 -2.82 -11.81 -25.61
C LYS NA 571 -3.30 -12.62 -26.81
N ALA NA 572 -3.99 -13.74 -26.56
CA ALA NA 572 -4.52 -14.54 -27.65
C ALA NA 572 -5.71 -13.86 -28.31
N ASN NA 573 -6.64 -13.32 -27.52
CA ASN NA 573 -7.74 -12.53 -28.04
C ASN NA 573 -7.26 -11.27 -28.73
N GLN NA 574 -5.98 -10.96 -28.63
CA GLN NA 574 -5.39 -10.05 -29.61
C GLN NA 574 -5.35 -10.83 -30.91
N VAL NA 575 -6.55 -11.11 -31.42
CA VAL NA 575 -6.82 -12.07 -32.50
C VAL NA 575 -6.21 -11.53 -33.79
N PRO NA 576 -6.07 -12.36 -34.84
CA PRO NA 576 -5.38 -11.87 -36.04
C PRO NA 576 -5.96 -10.58 -36.57
N GLN NA 577 -5.20 -9.50 -36.42
CA GLN NA 577 -5.55 -8.21 -36.98
C GLN NA 577 -4.59 -7.79 -38.08
N GLN NA 578 -3.46 -8.47 -38.22
CA GLN NA 578 -2.57 -8.21 -39.33
C GLN NA 578 -3.24 -8.50 -40.67
N VAL NA 579 -4.30 -9.30 -40.67
CA VAL NA 579 -5.09 -9.48 -41.87
C VAL NA 579 -5.70 -8.16 -42.31
N LEU NA 580 -6.11 -7.33 -41.36
CA LEU NA 580 -6.60 -6.00 -41.69
C LEU NA 580 -5.53 -5.19 -42.41
N SER NA 581 -4.28 -5.26 -41.92
CA SER NA 581 -3.18 -4.58 -42.59
C SER NA 581 -2.95 -5.13 -43.98
N LEU NA 582 -3.05 -6.46 -44.12
CA LEU NA 582 -2.90 -7.09 -45.43
C LEU NA 582 -3.96 -6.61 -46.41
N LEU NA 583 -5.16 -6.29 -45.90
CA LEU NA 583 -6.27 -5.97 -46.79
C LEU NA 583 -5.98 -4.76 -47.66
N GLN NA 584 -5.59 -3.64 -47.05
CA GLN NA 584 -5.45 -2.41 -47.83
C GLN NA 584 -4.24 -2.42 -48.74
N GLY NA 585 -3.36 -3.40 -48.61
CA GLY NA 585 -2.18 -3.48 -49.46
C GLY NA 585 -2.49 -3.84 -50.90
N MET OA 1 19.22 19.87 -20.38
CA MET OA 1 18.40 18.68 -20.57
C MET OA 1 17.99 18.58 -22.04
N ALA OA 2 17.10 19.48 -22.48
CA ALA OA 2 16.61 19.43 -23.85
C ALA OA 2 17.74 19.56 -24.87
N GLN OA 3 18.87 20.17 -24.49
CA GLN OA 3 19.97 20.31 -25.43
C GLN OA 3 20.69 18.98 -25.66
N VAL OA 4 20.98 18.24 -24.60
CA VAL OA 4 21.96 17.17 -24.63
C VAL OA 4 21.36 15.90 -24.07
N ILE OA 5 21.79 14.76 -24.59
CA ILE OA 5 21.42 13.46 -24.02
C ILE OA 5 22.64 12.63 -23.62
N ASN OA 6 23.85 13.03 -24.02
CA ASN OA 6 25.01 12.20 -23.74
C ASN OA 6 25.39 12.23 -22.27
N THR OA 7 25.08 13.31 -21.56
CA THR OA 7 25.37 13.44 -20.14
C THR OA 7 24.15 13.95 -19.41
N ASN OA 8 24.14 13.79 -18.09
CA ASN OA 8 23.09 14.31 -17.24
C ASN OA 8 23.74 14.92 -16.01
N SER OA 9 24.01 16.22 -16.07
CA SER OA 9 24.61 16.91 -14.94
C SER OA 9 23.73 16.83 -13.70
N LEU OA 10 22.41 16.86 -13.89
CA LEU OA 10 21.49 16.71 -12.76
C LEU OA 10 21.68 15.36 -12.08
N SER OA 11 21.77 14.29 -12.88
CA SER OA 11 21.99 12.97 -12.32
C SER OA 11 23.33 12.89 -11.60
N LEU OA 12 24.38 13.49 -12.18
CA LEU OA 12 25.69 13.46 -11.55
C LEU OA 12 25.67 14.17 -10.20
N ILE OA 13 25.06 15.36 -10.15
CA ILE OA 13 24.99 16.12 -8.90
C ILE OA 13 24.18 15.35 -7.87
N THR OA 14 23.07 14.75 -8.29
CA THR OA 14 22.25 13.99 -7.36
C THR OA 14 23.02 12.80 -6.80
N GLN OA 15 23.78 12.10 -7.65
CA GLN OA 15 24.57 10.97 -7.18
C GLN OA 15 25.62 11.42 -6.17
N ASN OA 16 26.26 12.56 -6.44
CA ASN OA 16 27.25 13.08 -5.49
C ASN OA 16 26.61 13.35 -4.14
N ASN OA 17 25.45 14.01 -4.14
CA ASN OA 17 24.78 14.33 -2.88
C ASN OA 17 24.35 13.06 -2.16
N ILE OA 18 23.89 12.06 -2.91
CA ILE OA 18 23.47 10.80 -2.31
C ILE OA 18 24.66 10.12 -1.62
N ASN OA 19 25.82 10.10 -2.28
CA ASN OA 19 27.00 9.51 -1.66
C ASN OA 19 27.40 10.27 -0.40
N LYS OA 20 27.36 11.60 -0.45
CA LYS OA 20 27.71 12.41 0.71
C LYS OA 20 26.80 12.09 1.89
N ASN OA 21 25.51 11.93 1.64
CA ASN OA 21 24.61 11.54 2.72
C ASN OA 21 24.86 10.12 3.19
N GLN OA 22 25.19 9.22 2.27
CA GLN OA 22 25.37 7.81 2.63
C GLN OA 22 26.54 7.63 3.57
N SER OA 23 27.58 8.44 3.42
CA SER OA 23 28.69 8.39 4.37
C SER OA 23 28.21 8.60 5.81
N ALA OA 24 27.43 9.65 6.05
CA ALA OA 24 26.93 9.93 7.38
C ALA OA 24 25.92 8.88 7.84
N LEU OA 25 25.13 8.34 6.91
CA LEU OA 25 24.21 7.26 7.26
C LEU OA 25 24.97 6.07 7.83
N SER OA 26 26.02 5.64 7.12
CA SER OA 26 26.82 4.52 7.59
C SER OA 26 27.47 4.83 8.94
N SER OA 27 28.00 6.05 9.10
CA SER OA 27 28.62 6.41 10.37
C SER OA 27 27.62 6.31 11.51
N SER OA 28 26.41 6.84 11.31
CA SER OA 28 25.40 6.83 12.37
C SER OA 28 24.98 5.40 12.71
N ILE OA 29 24.75 4.56 11.70
CA ILE OA 29 24.32 3.19 11.97
C ILE OA 29 25.39 2.43 12.73
N GLU OA 30 26.65 2.58 12.30
CA GLU OA 30 27.73 1.91 13.02
C GLU OA 30 27.85 2.41 14.45
N ARG OA 31 27.71 3.72 14.64
CA ARG OA 31 27.81 4.29 15.98
C ARG OA 31 26.71 3.74 16.90
N LEU OA 32 25.50 3.62 16.38
CA LEU OA 32 24.42 3.07 17.19
C LEU OA 32 24.64 1.59 17.49
N SER OA 33 25.09 0.83 16.49
CA SER OA 33 25.29 -0.60 16.70
C SER OA 33 26.36 -0.86 17.75
N SER OA 34 27.46 -0.12 17.69
CA SER OA 34 28.54 -0.33 18.65
C SER OA 34 28.22 0.24 20.02
N GLY OA 35 27.56 1.39 20.07
CA GLY OA 35 27.31 2.05 21.34
C GLY OA 35 28.47 2.88 21.85
N LEU OA 36 29.45 3.18 21.01
CA LEU OA 36 30.63 3.93 21.41
C LEU OA 36 30.78 5.15 20.51
N ARG OA 37 31.04 6.31 21.13
CA ARG OA 37 31.22 7.54 20.37
C ARG OA 37 32.49 7.48 19.51
N ILE OA 38 33.60 7.06 20.10
CA ILE OA 38 34.88 6.98 19.41
C ILE OA 38 35.06 5.55 18.93
N ASN OA 39 35.07 5.37 17.61
CA ASN OA 39 35.11 4.04 17.05
C ASN OA 39 36.07 4.02 15.87
N SER OA 40 37.10 3.18 15.94
CA SER OA 40 38.05 2.94 14.86
C SER OA 40 38.82 4.18 14.44
N ALA OA 41 38.84 5.22 15.28
CA ALA OA 41 39.65 6.42 15.08
C ALA OA 41 39.42 7.09 13.73
N LYS OA 42 38.21 6.98 13.17
CA LYS OA 42 37.86 7.79 12.01
C LYS OA 42 37.55 9.21 12.41
N ASP OA 43 37.82 9.51 13.67
CA ASP OA 43 37.46 10.75 14.33
C ASP OA 43 38.60 11.08 15.28
N ASP OA 44 38.35 11.97 16.24
CA ASP OA 44 39.41 12.43 17.13
C ASP OA 44 40.17 11.31 17.85
N ALA OA 45 41.45 11.19 17.52
CA ALA OA 45 42.30 10.14 18.08
C ALA OA 45 42.76 10.41 19.49
N ALA OA 46 42.82 11.68 19.89
CA ALA OA 46 43.18 12.01 21.27
C ALA OA 46 42.18 11.42 22.25
N GLY OA 47 40.89 11.47 21.90
CA GLY OA 47 39.89 10.85 22.75
C GLY OA 47 40.10 9.35 22.90
N GLN OA 48 40.46 8.68 21.81
CA GLN OA 48 40.71 7.24 21.88
C GLN OA 48 41.92 6.95 22.76
N ALA OA 49 42.99 7.73 22.60
CA ALA OA 49 44.18 7.51 23.44
C ALA OA 49 43.86 7.72 24.91
N ILE OA 50 43.11 8.77 25.23
CA ILE OA 50 42.75 9.03 26.62
C ILE OA 50 41.84 7.93 27.14
N ALA OA 51 40.95 7.40 26.30
CA ALA OA 51 40.09 6.31 26.72
C ALA OA 51 40.90 5.06 27.03
N ASN OA 52 41.91 4.78 26.22
CA ASN OA 52 42.78 3.63 26.51
C ASN OA 52 43.52 3.81 27.82
N ARG OA 53 44.03 5.02 28.07
CA ARG OA 53 44.70 5.28 29.34
C ARG OA 53 43.74 5.08 30.51
N PHE OA 54 42.51 5.56 30.37
CA PHE OA 54 41.53 5.41 31.44
C PHE OA 54 41.19 3.94 31.67
N THR OA 55 41.06 3.17 30.59
CA THR OA 55 40.78 1.74 30.74
C THR OA 55 41.91 1.05 31.50
N SER OA 56 43.16 1.36 31.14
CA SER OA 56 44.29 0.78 31.85
C SER OA 56 44.26 1.14 33.32
N ASN OA 57 43.99 2.41 33.63
CA ASN OA 57 43.95 2.84 35.03
C ASN OA 57 42.83 2.12 35.79
N ILE OA 58 41.65 1.99 35.19
CA ILE OA 58 40.53 1.35 35.86
C ILE OA 58 40.86 -0.11 36.18
N LYS OA 59 41.39 -0.82 35.19
CA LYS OA 59 41.73 -2.23 35.41
C LYS OA 59 42.78 -2.39 36.49
N GLY OA 60 43.83 -1.56 36.44
CA GLY OA 60 44.86 -1.63 37.45
C GLY OA 60 44.32 -1.37 38.85
N LEU OA 61 43.46 -0.36 38.98
CA LEU OA 61 42.92 -0.04 40.29
C LEU OA 61 42.03 -1.16 40.83
N THR OA 62 41.24 -1.78 39.97
CA THR OA 62 40.41 -2.90 40.42
C THR OA 62 41.27 -4.05 40.92
N GLN OA 63 42.30 -4.41 40.16
CA GLN OA 63 43.17 -5.49 40.60
C GLN OA 63 43.88 -5.13 41.90
N ALA OA 64 44.27 -3.86 42.05
CA ALA OA 64 44.92 -3.43 43.27
C ALA OA 64 43.98 -3.54 44.47
N ALA OA 65 42.69 -3.23 44.27
CA ALA OA 65 41.72 -3.40 45.34
C ALA OA 65 41.63 -4.87 45.77
N ARG OA 66 41.63 -5.78 44.80
CA ARG OA 66 41.62 -7.19 45.14
C ARG OA 66 42.87 -7.57 45.95
N ASN OA 67 44.03 -7.05 45.54
CA ASN OA 67 45.27 -7.35 46.27
C ASN OA 67 45.19 -6.84 47.71
N ALA OA 68 44.63 -5.64 47.90
CA ALA OA 68 44.49 -5.12 49.25
C ALA OA 68 43.55 -5.99 50.09
N ASN OA 69 42.49 -6.52 49.48
CA ASN OA 69 41.64 -7.47 50.19
C ASN OA 69 42.44 -8.68 50.65
N ASP OA 70 43.31 -9.20 49.77
CA ASP OA 70 44.14 -10.33 50.17
C ASP OA 70 45.04 -9.98 51.35
N GLY OA 71 45.61 -8.77 51.33
CA GLY OA 71 46.44 -8.34 52.45
C GLY OA 71 45.66 -8.28 53.76
N ILE OA 72 44.44 -7.78 53.69
CA ILE OA 72 43.58 -7.76 54.87
C ILE OA 72 43.38 -9.18 55.40
N SER OA 73 43.16 -10.13 54.50
CA SER OA 73 42.99 -11.52 54.92
C SER OA 73 44.22 -12.03 55.65
N VAL OA 74 45.42 -11.72 55.12
CA VAL OA 74 46.66 -12.15 55.74
C VAL OA 74 46.76 -11.61 57.16
N ALA OA 75 46.48 -10.31 57.31
CA ALA OA 75 46.58 -9.69 58.63
C ALA OA 75 45.60 -10.31 59.61
N GLN OA 76 44.38 -10.61 59.14
CA GLN OA 76 43.38 -11.24 60.02
C GLN OA 76 43.87 -12.59 60.52
N THR OA 77 44.41 -13.41 59.62
CA THR OA 77 44.89 -14.74 60.03
C THR OA 77 45.99 -14.63 61.07
N THR OA 78 46.97 -13.75 60.82
CA THR OA 78 48.08 -13.61 61.75
C THR OA 78 47.58 -13.12 63.10
N GLU OA 79 46.64 -12.17 63.10
CA GLU OA 79 46.12 -11.66 64.37
C GLU OA 79 45.39 -12.73 65.15
N GLY OA 80 44.65 -13.62 64.47
CA GLY OA 80 43.99 -14.70 65.19
C GLY OA 80 44.99 -15.63 65.87
N ALA OA 81 46.04 -16.01 65.14
CA ALA OA 81 47.07 -16.84 65.75
C ALA OA 81 47.70 -16.15 66.96
N LEU OA 82 47.94 -14.85 66.84
CA LEU OA 82 48.53 -14.10 67.95
C LEU OA 82 47.60 -14.08 69.15
N SER OA 83 46.30 -13.96 68.92
CA SER OA 83 45.35 -13.97 70.03
C SER OA 83 45.41 -15.29 70.78
N GLU OA 84 45.49 -16.40 70.06
CA GLU OA 84 45.62 -17.68 70.74
C GLU OA 84 46.91 -17.75 71.56
N ILE OA 85 48.02 -17.26 70.97
CA ILE OA 85 49.28 -17.27 71.70
C ILE OA 85 49.18 -16.43 72.98
N ASN OA 86 48.51 -15.29 72.90
CA ASN OA 86 48.36 -14.42 74.07
C ASN OA 86 47.55 -15.10 75.16
N ASN OA 87 46.48 -15.83 74.78
CA ASN OA 87 45.73 -16.56 75.78
C ASN OA 87 46.61 -17.59 76.49
N ASN OA 88 47.42 -18.31 75.71
CA ASN OA 88 48.33 -19.28 76.32
C ASN OA 88 49.30 -18.60 77.29
N LEU OA 89 49.84 -17.45 76.90
CA LEU OA 89 50.78 -16.75 77.78
C LEU OA 89 50.12 -16.28 79.07
N GLN OA 90 48.90 -15.78 78.98
CA GLN OA 90 48.20 -15.37 80.19
C GLN OA 90 47.99 -16.55 81.13
N ARG OA 91 47.59 -17.69 80.59
CA ARG OA 91 47.43 -18.87 81.44
C ARG OA 91 48.76 -19.28 82.07
N ILE OA 92 49.85 -19.18 81.31
CA ILE OA 92 51.17 -19.52 81.85
C ILE OA 92 51.51 -18.60 83.02
N ARG OA 93 51.22 -17.30 82.87
CA ARG OA 93 51.52 -16.38 83.96
C ARG OA 93 50.71 -16.71 85.20
N GLU OA 94 49.43 -17.05 85.03
CA GLU OA 94 48.62 -17.43 86.18
C GLU OA 94 49.21 -18.65 86.89
N LEU OA 95 49.64 -19.65 86.11
CA LEU OA 95 50.29 -20.82 86.70
C LEU OA 95 51.56 -20.44 87.45
N THR OA 96 52.35 -19.53 86.88
CA THR OA 96 53.58 -19.11 87.56
C THR OA 96 53.27 -18.43 88.89
N VAL OA 97 52.24 -17.58 88.91
CA VAL OA 97 51.86 -16.90 90.15
C VAL OA 97 51.43 -17.93 91.18
N GLN OA 98 50.71 -18.97 90.76
CA GLN OA 98 50.34 -20.03 91.69
C GLN OA 98 51.58 -20.78 92.19
N ALA OA 99 52.55 -21.01 91.30
CA ALA OA 99 53.68 -21.86 91.65
C ALA OA 99 54.66 -21.17 92.58
N THR OA 100 54.81 -19.86 92.47
CA THR OA 100 55.83 -19.17 93.26
C THR OA 100 55.52 -19.16 94.76
N THR OA 101 54.31 -19.55 95.16
CA THR OA 101 53.96 -19.60 96.57
C THR OA 101 54.85 -20.61 97.30
N GLY OA 102 55.29 -20.25 98.50
CA GLY OA 102 56.15 -21.11 99.28
C GLY OA 102 55.50 -22.30 99.94
N THR OA 103 54.17 -22.39 99.91
CA THR OA 103 53.50 -23.54 100.50
C THR OA 103 53.61 -24.78 99.61
N ASN OA 104 53.69 -24.59 98.30
CA ASN OA 104 53.72 -25.71 97.36
C ASN OA 104 54.94 -26.59 97.62
N SER OA 105 54.76 -27.90 97.44
CA SER OA 105 55.81 -28.87 97.65
C SER OA 105 56.45 -29.24 96.30
N ASP OA 106 57.41 -30.16 96.33
CA ASP OA 106 58.18 -30.49 95.14
C ASP OA 106 57.29 -31.14 94.07
N SER OA 107 56.42 -32.07 94.48
CA SER OA 107 55.54 -32.72 93.51
C SER OA 107 54.58 -31.72 92.87
N ASP OA 108 54.03 -30.81 93.67
CA ASP OA 108 53.15 -29.79 93.13
C ASP OA 108 53.88 -28.90 92.14
N LEU OA 109 55.11 -28.49 92.47
CA LEU OA 109 55.89 -27.69 91.55
C LEU OA 109 56.18 -28.45 90.26
N ASP OA 110 56.46 -29.76 90.37
CA ASP OA 110 56.71 -30.56 89.18
C ASP OA 110 55.49 -30.61 88.28
N SER OA 111 54.31 -30.81 88.86
CA SER OA 111 53.09 -30.83 88.07
C SER OA 111 52.84 -29.48 87.39
N ILE OA 112 53.04 -28.39 88.14
CA ILE OA 112 52.82 -27.07 87.57
C ILE OA 112 53.77 -26.81 86.42
N GLN OA 113 55.04 -27.20 86.58
CA GLN OA 113 56.00 -27.00 85.51
C GLN OA 113 55.71 -27.90 84.33
N ASP OA 114 55.12 -29.07 84.56
CA ASP OA 114 54.70 -29.91 83.44
C ASP OA 114 53.63 -29.19 82.63
N GLU OA 115 52.66 -28.59 83.30
CA GLU OA 115 51.63 -27.84 82.58
C GLU OA 115 52.24 -26.65 81.84
N ILE OA 116 53.20 -25.96 82.47
CA ILE OA 116 53.86 -24.83 81.82
C ILE OA 116 54.61 -25.29 80.57
N LYS OA 117 55.31 -26.42 80.66
CA LYS OA 117 56.02 -26.94 79.50
C LYS OA 117 55.07 -27.30 78.39
N SER OA 118 53.93 -27.91 78.73
CA SER OA 118 52.94 -28.24 77.70
C SER OA 118 52.45 -26.99 76.99
N ARG OA 119 52.17 -25.93 77.74
CA ARG OA 119 51.66 -24.72 77.08
C ARG OA 119 52.74 -24.00 76.27
N LEU OA 120 54.00 -24.05 76.73
CA LEU OA 120 55.08 -23.52 75.91
C LEU OA 120 55.20 -24.29 74.60
N ASP OA 121 55.06 -25.62 74.68
CA ASP OA 121 55.06 -26.43 73.47
C ASP OA 121 53.91 -26.03 72.54
N GLU OA 122 52.75 -25.72 73.12
CA GLU OA 122 51.64 -25.24 72.29
C GLU OA 122 51.99 -23.93 71.59
N ILE OA 123 52.63 -23.01 72.30
CA ILE OA 123 53.01 -21.74 71.67
C ILE OA 123 53.93 -22.01 70.50
N ASP OA 124 54.94 -22.86 70.71
CA ASP OA 124 55.88 -23.17 69.64
C ASP OA 124 55.18 -23.85 68.46
N ARG OA 125 54.27 -24.77 68.74
CA ARG OA 125 53.58 -25.49 67.68
C ARG OA 125 52.71 -24.56 66.86
N VAL OA 126 51.96 -23.68 67.52
CA VAL OA 126 51.11 -22.74 66.79
C VAL OA 126 51.96 -21.83 65.92
N SER OA 127 53.07 -21.33 66.48
CA SER OA 127 53.95 -20.47 65.72
C SER OA 127 54.49 -21.18 64.49
N GLY OA 128 54.93 -22.43 64.65
CA GLY OA 128 55.50 -23.15 63.54
C GLY OA 128 54.49 -23.50 62.46
N GLN OA 129 53.28 -23.88 62.87
CA GLN OA 129 52.31 -24.45 61.94
C GLN OA 129 51.34 -23.44 61.34
N THR OA 130 51.23 -22.23 61.91
CA THR OA 130 50.36 -21.23 61.31
C THR OA 130 50.85 -20.92 59.90
N GLN OA 131 49.94 -20.98 58.94
CA GLN OA 131 50.32 -20.89 57.53
C GLN OA 131 49.21 -20.22 56.73
N PHE OA 132 49.60 -19.39 55.78
CA PHE OA 132 48.68 -18.75 54.84
C PHE OA 132 49.25 -18.92 53.44
N ASN OA 133 48.54 -19.66 52.60
CA ASN OA 133 48.90 -19.85 51.19
C ASN OA 133 50.34 -20.38 51.06
N GLY OA 134 50.71 -21.30 51.94
CA GLY OA 134 52.03 -21.89 51.88
C GLY OA 134 53.14 -21.04 52.44
N VAL OA 135 52.83 -19.93 53.11
CA VAL OA 135 53.83 -19.05 53.70
C VAL OA 135 53.67 -19.08 55.21
N ASN OA 136 54.76 -19.37 55.91
CA ASN OA 136 54.75 -19.38 57.38
C ASN OA 136 54.86 -17.92 57.84
N VAL OA 137 53.74 -17.38 58.30
CA VAL OA 137 53.70 -15.96 58.64
C VAL OA 137 54.52 -15.67 59.90
N LEU OA 138 54.43 -16.53 60.90
CA LEU OA 138 55.05 -16.27 62.18
C LEU OA 138 56.43 -16.91 62.34
N ALA OA 139 56.91 -17.64 61.34
CA ALA OA 139 58.21 -18.30 61.42
C ALA OA 139 59.33 -17.50 60.77
N LYS OA 140 59.05 -16.32 60.23
CA LYS OA 140 60.04 -15.52 59.55
C LYS OA 140 59.96 -14.08 60.03
N ASP OA 141 61.09 -13.38 59.96
CA ASP OA 141 61.18 -11.98 60.37
C ASP OA 141 61.20 -11.02 59.19
N GLY OA 142 60.57 -11.40 58.09
CA GLY OA 142 60.62 -10.64 56.85
C GLY OA 142 59.49 -9.63 56.71
N SER OA 143 59.20 -9.31 55.46
CA SER OA 143 58.17 -8.33 55.15
C SER OA 143 57.48 -8.72 53.86
N MET OA 144 56.25 -8.25 53.72
CA MET OA 144 55.40 -8.52 52.57
C MET OA 144 55.07 -7.21 51.88
N LYS OA 145 55.05 -7.23 50.56
CA LYS OA 145 54.73 -6.04 49.77
C LYS OA 145 53.41 -6.25 49.06
N ILE OA 146 52.52 -5.28 49.18
CA ILE OA 146 51.20 -5.34 48.56
C ILE OA 146 51.10 -4.19 47.56
N GLN OA 147 50.76 -4.53 46.33
CA GLN OA 147 50.55 -3.54 45.28
C GLN OA 147 49.18 -2.91 45.45
N VAL OA 148 49.14 -1.60 45.66
CA VAL OA 148 47.88 -0.91 45.91
C VAL OA 148 47.55 0.11 44.82
N GLY OA 149 48.51 0.55 44.02
CA GLY OA 149 48.23 1.39 42.87
C GLY OA 149 48.35 0.62 41.56
N ALA OA 150 48.29 1.38 40.47
CA ALA OA 150 48.39 0.81 39.13
C ALA OA 150 49.75 1.02 38.48
N ASN OA 151 50.66 1.75 39.13
CA ASN OA 151 51.99 1.98 38.60
C ASN OA 151 53.03 1.38 39.53
N ASP OA 152 54.30 1.57 39.18
CA ASP OA 152 55.40 0.99 39.96
C ASP OA 152 55.65 1.80 41.22
N GLY OA 153 55.88 1.10 42.32
CA GLY OA 153 56.23 1.71 43.59
C GLY OA 153 55.06 1.99 44.51
N GLU OA 154 53.83 1.79 44.06
CA GLU OA 154 52.64 1.98 44.90
C GLU OA 154 52.43 0.73 45.74
N THR OA 155 53.18 0.63 46.83
CA THR OA 155 53.19 -0.57 47.65
C THR OA 155 52.99 -0.21 49.12
N ILE OA 156 52.48 -1.18 49.87
CA ILE OA 156 52.42 -1.11 51.33
C ILE OA 156 53.13 -2.34 51.88
N THR OA 157 53.96 -2.14 52.90
CA THR OA 157 54.74 -3.22 53.49
C THR OA 157 54.14 -3.65 54.82
N ILE OA 158 53.94 -4.96 54.97
CA ILE OA 158 53.55 -5.55 56.24
C ILE OA 158 54.78 -6.23 56.83
N ASP OA 159 55.14 -5.84 58.05
CA ASP OA 159 56.30 -6.42 58.71
C ASP OA 159 55.89 -7.60 59.58
N LEU OA 160 56.54 -8.74 59.39
CA LEU OA 160 56.30 -9.91 60.21
C LEU OA 160 57.47 -10.13 61.15
N LYS OA 161 57.19 -10.70 62.32
CA LYS OA 161 58.21 -10.96 63.32
C LYS OA 161 58.20 -12.43 63.68
N LYS OA 162 59.39 -12.99 63.89
CA LYS OA 162 59.53 -14.40 64.25
C LYS OA 162 59.14 -14.54 65.72
N ILE OA 163 57.94 -15.07 65.96
CA ILE OA 163 57.41 -15.23 67.30
C ILE OA 163 57.50 -16.69 67.69
N ASP OA 164 58.26 -16.99 68.72
CA ASP OA 164 58.39 -18.33 69.27
C ASP OA 164 58.97 -18.21 70.67
N SER OA 165 59.43 -19.32 71.23
CA SER OA 165 60.07 -19.28 72.54
C SER OA 165 61.36 -18.47 72.49
N ASP OA 166 62.18 -18.67 71.45
CA ASP OA 166 63.51 -18.08 71.43
C ASP OA 166 63.46 -16.56 71.47
N THR OA 167 62.53 -15.96 70.72
CA THR OA 167 62.41 -14.50 70.68
C THR OA 167 61.62 -13.93 71.85
N LEU OA 168 61.11 -14.79 72.75
CA LEU OA 168 60.44 -14.32 73.96
C LEU OA 168 61.19 -14.77 75.21
N GLY OA 169 62.35 -15.39 75.05
CA GLY OA 169 63.05 -15.92 76.22
C GLY OA 169 62.42 -17.24 76.63
N LEU OA 170 62.16 -17.38 77.93
CA LEU OA 170 61.36 -18.47 78.46
C LEU OA 170 61.92 -19.85 78.13
N ASN OA 171 63.15 -19.93 77.64
CA ASN OA 171 63.70 -21.22 77.19
C ASN OA 171 63.76 -22.22 78.33
N GLY OA 172 64.63 -21.98 79.30
CA GLY OA 172 64.68 -22.83 80.47
C GLY OA 172 63.81 -22.26 81.57
N PHE OA 173 62.49 -22.19 81.32
CA PHE OA 173 61.61 -21.54 82.26
C PHE OA 173 61.35 -22.53 83.39
N ASN OA 174 62.39 -22.74 84.20
CA ASN OA 174 62.64 -23.96 84.96
C ASN OA 174 61.98 -23.84 86.35
N VAL OA 175 60.82 -23.18 86.40
CA VAL OA 175 60.19 -22.75 87.66
C VAL OA 175 60.19 -23.84 88.72
N ASN OA 176 60.26 -25.11 88.33
CA ASN OA 176 60.38 -26.19 89.30
C ASN OA 176 61.81 -26.44 89.76
N GLY OA 177 62.72 -25.48 89.58
CA GLY OA 177 64.12 -25.72 89.88
C GLY OA 177 64.44 -25.70 91.36
N LYS OA 178 65.58 -25.12 91.71
CA LYS OA 178 65.99 -25.06 93.11
C LYS OA 178 66.27 -23.63 93.55
N GLY OA 179 66.59 -22.76 92.60
CA GLY OA 179 66.86 -21.39 92.94
C GLY OA 179 68.15 -21.25 93.73
N THR OA 180 68.27 -20.12 94.42
CA THR OA 180 69.47 -19.84 95.21
C THR OA 180 69.62 -20.86 96.34
N ILE OA 181 70.75 -21.55 96.35
CA ILE OA 181 71.03 -22.59 97.33
C ILE OA 181 72.34 -22.26 98.03
N THR OA 182 72.34 -22.35 99.35
CA THR OA 182 73.55 -22.10 100.13
C THR OA 182 74.47 -23.31 100.03
N ASN OA 183 75.74 -23.06 99.70
CA ASN OA 183 76.69 -24.14 99.49
C ASN OA 183 77.35 -24.53 100.81
N LYS OA 184 77.78 -25.79 100.90
CA LYS OA 184 78.35 -26.31 102.12
C LYS OA 184 79.76 -25.78 102.34
N ALA OA 185 80.16 -25.76 103.61
CA ALA OA 185 81.48 -25.25 103.97
C ALA OA 185 82.57 -26.22 103.57
N ALA OA 186 83.73 -25.67 103.22
CA ALA OA 186 84.87 -26.48 102.80
C ALA OA 186 85.49 -27.19 104.00
N THR OA 187 86.27 -28.23 103.70
CA THR OA 187 86.94 -29.03 104.72
C THR OA 187 88.35 -29.39 104.25
N VAL OA 188 89.06 -30.11 105.11
CA VAL OA 188 90.45 -30.44 104.82
C VAL OA 188 90.55 -31.45 103.67
N SER OA 189 89.60 -32.38 103.58
CA SER OA 189 89.68 -33.43 102.58
C SER OA 189 89.63 -32.85 101.17
N ASP OA 190 88.61 -32.05 100.88
CA ASP OA 190 88.54 -31.44 99.55
C ASP OA 190 89.51 -30.27 99.41
N LEU OA 191 89.95 -29.68 100.52
CA LEU OA 191 91.04 -28.71 100.44
C LEU OA 191 92.30 -29.35 99.87
N THR OA 192 92.65 -30.54 100.35
CA THR OA 192 93.80 -31.25 99.79
C THR OA 192 93.50 -31.81 98.41
N SER OA 193 92.24 -32.19 98.16
CA SER OA 193 91.86 -32.66 96.83
C SER OA 193 92.05 -31.58 95.78
N ALA OA 194 91.81 -30.31 96.15
CA ALA OA 194 92.03 -29.20 95.23
C ALA OA 194 93.50 -29.01 94.88
N GLY OA 195 94.42 -29.62 95.63
CA GLY OA 195 95.84 -29.54 95.34
C GLY OA 195 96.68 -28.75 96.32
N ALA OA 196 96.10 -28.32 97.44
CA ALA OA 196 96.86 -27.54 98.41
C ALA OA 196 97.83 -28.41 99.17
N LYS OA 197 99.03 -27.88 99.42
CA LYS OA 197 100.04 -28.56 100.20
C LYS OA 197 99.96 -28.15 101.66
N LEU OA 198 100.66 -28.89 102.52
CA LEU OA 198 100.67 -28.65 103.96
C LEU OA 198 102.00 -28.02 104.34
N ASN OA 199 101.94 -26.85 104.98
CA ASN OA 199 103.14 -26.13 105.41
C ASN OA 199 103.46 -26.57 106.83
N THR OA 200 104.51 -27.39 106.97
CA THR OA 200 104.84 -27.96 108.27
C THR OA 200 105.29 -26.90 109.26
N THR OA 201 105.94 -25.83 108.80
CA THR OA 201 106.45 -24.81 109.70
C THR OA 201 105.33 -24.06 110.41
N THR OA 202 104.15 -23.95 109.78
CA THR OA 202 103.02 -23.25 110.36
C THR OA 202 101.78 -24.12 110.56
N GLY OA 203 101.70 -25.27 109.90
CA GLY OA 203 100.52 -26.11 110.00
C GLY OA 203 99.39 -25.73 109.09
N LEU OA 204 99.52 -24.65 108.33
CA LEU OA 204 98.47 -24.19 107.45
C LEU OA 204 98.52 -24.93 106.11
N TYR OA 205 97.58 -24.62 105.24
CA TYR OA 205 97.52 -25.23 103.91
C TYR OA 205 97.71 -24.17 102.85
N ASP OA 206 98.70 -24.35 101.99
CA ASP OA 206 99.04 -23.39 100.96
C ASP OA 206 98.51 -23.87 99.60
N LEU OA 207 97.74 -23.02 98.95
CA LEU OA 207 97.25 -23.29 97.60
C LEU OA 207 97.83 -22.25 96.67
N LYS OA 208 98.51 -22.72 95.62
CA LYS OA 208 99.19 -21.87 94.66
C LYS OA 208 98.47 -21.95 93.33
N THR OA 209 98.08 -20.79 92.78
CA THR OA 209 97.31 -20.73 91.54
C THR OA 209 98.21 -20.19 90.44
N GLU OA 210 98.67 -21.10 89.57
CA GLU OA 210 99.50 -20.71 88.44
C GLU OA 210 98.66 -20.02 87.37
N ASN OA 211 99.33 -19.21 86.56
CA ASN OA 211 98.72 -18.53 85.43
C ASN OA 211 99.48 -18.86 84.16
N THR OA 212 98.74 -19.13 83.09
CA THR OA 212 99.37 -19.36 81.79
C THR OA 212 99.89 -18.05 81.23
N LEU OA 213 101.10 -18.09 80.69
CA LEU OA 213 101.73 -16.88 80.18
C LEU OA 213 101.04 -16.43 78.90
N LEU OA 214 101.04 -15.12 78.66
CA LEU OA 214 100.28 -14.54 77.56
C LEU OA 214 100.78 -15.08 76.22
N THR OA 215 99.84 -15.29 75.30
CA THR OA 215 100.14 -15.85 73.99
C THR OA 215 99.65 -14.91 72.90
N THR OA 216 100.20 -15.10 71.70
CA THR OA 216 99.87 -14.23 70.57
C THR OA 216 98.41 -14.34 70.19
N ASP OA 217 97.84 -15.55 70.22
CA ASP OA 217 96.43 -15.70 69.88
C ASP OA 217 95.54 -14.98 70.87
N ALA OA 218 95.83 -15.09 72.16
CA ALA OA 218 95.06 -14.36 73.17
C ALA OA 218 95.20 -12.86 73.00
N ALA OA 219 96.42 -12.40 72.67
CA ALA OA 219 96.63 -10.98 72.42
C ALA OA 219 95.80 -10.51 71.23
N PHE OA 220 95.74 -11.32 70.17
CA PHE OA 220 94.94 -10.98 69.01
C PHE OA 220 93.46 -10.94 69.35
N ASP OA 221 93.00 -11.87 70.19
CA ASP OA 221 91.62 -11.84 70.64
C ASP OA 221 91.33 -10.57 71.43
N LYS OA 222 92.29 -10.13 72.24
CA LYS OA 222 92.13 -8.91 73.03
C LYS OA 222 92.46 -7.65 72.25
N LEU OA 223 92.87 -7.77 70.99
CA LEU OA 223 93.21 -6.60 70.19
C LEU OA 223 91.99 -5.73 69.95
N GLY OA 224 92.22 -4.42 69.87
CA GLY OA 224 91.17 -3.46 69.62
C GLY OA 224 91.54 -2.51 68.50
N ASN OA 225 90.64 -1.56 68.27
CA ASN OA 225 90.84 -0.58 67.21
C ASN OA 225 92.01 0.34 67.54
N GLY OA 226 92.81 0.64 66.52
CA GLY OA 226 93.95 1.52 66.69
C GLY OA 226 95.19 0.87 67.28
N ASP OA 227 95.15 -0.44 67.53
CA ASP OA 227 96.29 -1.13 68.11
C ASP OA 227 97.41 -1.29 67.07
N LYS OA 228 98.64 -1.38 67.56
CA LYS OA 228 99.83 -1.47 66.71
C LYS OA 228 100.57 -2.76 67.01
N VAL OA 229 100.86 -3.52 65.96
CA VAL OA 229 101.64 -4.75 66.06
C VAL OA 229 102.85 -4.61 65.15
N THR OA 230 104.04 -4.69 65.72
CA THR OA 230 105.29 -4.55 64.97
C THR OA 230 106.05 -5.87 65.07
N VAL OA 231 106.10 -6.61 63.97
CA VAL OA 231 106.81 -7.89 63.91
C VAL OA 231 107.76 -7.86 62.74
N GLY OA 232 109.01 -8.26 62.98
CA GLY OA 232 110.02 -8.25 61.95
C GLY OA 232 110.29 -6.89 61.36
N GLY OA 233 110.16 -5.83 62.17
CA GLY OA 233 110.39 -4.48 61.68
C GLY OA 233 109.28 -3.92 60.84
N VAL OA 234 108.14 -4.61 60.74
CA VAL OA 234 107.01 -4.15 59.93
C VAL OA 234 105.86 -3.82 60.87
N ASP OA 235 105.31 -2.62 60.72
CA ASP OA 235 104.24 -2.12 61.60
C ASP OA 235 102.89 -2.32 60.93
N TYR OA 236 101.93 -2.83 61.69
CA TYR OA 236 100.57 -3.05 61.23
C TYR OA 236 99.61 -2.40 62.22
N THR OA 237 98.58 -1.75 61.70
CA THR OA 237 97.58 -1.09 62.51
C THR OA 237 96.26 -1.86 62.39
N TYR OA 238 95.71 -2.27 63.53
CA TYR OA 238 94.47 -3.03 63.53
C TYR OA 238 93.29 -2.11 63.19
N ASN OA 239 92.28 -2.70 62.56
CA ASN OA 239 91.08 -1.97 62.15
C ASN OA 239 89.86 -2.61 62.78
N ALA OA 240 88.94 -1.76 63.25
CA ALA OA 240 87.71 -2.24 63.87
C ALA OA 240 86.68 -2.72 62.85
N LYS OA 241 86.79 -2.28 61.60
CA LYS OA 241 85.81 -2.67 60.58
C LYS OA 241 85.83 -4.17 60.34
N SER OA 242 87.02 -4.77 60.28
CA SER OA 242 87.16 -6.19 60.04
C SER OA 242 88.48 -6.66 60.63
N GLY OA 243 88.61 -7.98 60.74
CA GLY OA 243 89.80 -8.57 61.31
C GLY OA 243 90.99 -8.53 60.37
N ASP OA 244 91.51 -7.32 60.11
CA ASP OA 244 92.62 -7.17 59.19
C ASP OA 244 93.51 -6.03 59.68
N PHE OA 245 94.73 -6.02 59.15
CA PHE OA 245 95.74 -5.02 59.47
C PHE OA 245 95.97 -4.13 58.27
N THR OA 246 96.15 -2.83 58.52
CA THR OA 246 96.54 -1.87 57.51
C THR OA 246 97.99 -1.47 57.76
N THR OA 247 98.83 -1.57 56.73
CA THR OA 247 100.24 -1.27 56.85
C THR OA 247 100.65 -0.34 55.70
N THR OA 248 101.78 0.32 55.87
CA THR OA 248 102.31 1.21 54.85
C THR OA 248 103.49 0.52 54.17
N LYS OA 249 103.37 0.30 52.87
CA LYS OA 249 104.43 -0.30 52.07
C LYS OA 249 105.07 0.80 51.24
N SER OA 250 106.37 0.97 51.41
CA SER OA 250 107.09 2.07 50.79
C SER OA 250 108.40 1.56 50.22
N THR OA 251 108.97 2.35 49.31
CA THR OA 251 110.27 2.03 48.72
C THR OA 251 111.36 2.05 49.78
N ALA OA 258 122.81 8.01 45.80
CA ALA OA 258 122.07 7.99 44.53
C ALA OA 258 122.55 6.84 43.65
N ALA OA 259 123.87 6.70 43.53
CA ALA OA 259 124.45 5.64 42.72
C ALA OA 259 124.56 4.32 43.48
N ALA OA 260 124.17 4.28 44.75
CA ALA OA 260 124.23 3.08 45.55
C ALA OA 260 123.05 2.17 45.20
N GLN OA 261 122.83 1.13 46.01
CA GLN OA 261 121.75 0.18 45.76
C GLN OA 261 120.37 0.77 46.00
N ALA OA 262 120.28 1.97 46.58
CA ALA OA 262 118.98 2.56 46.89
C ALA OA 262 118.16 2.79 45.63
N ALA OA 263 118.76 3.40 44.61
CA ALA OA 263 118.04 3.68 43.38
C ALA OA 263 117.66 2.40 42.65
N ASP OA 264 118.57 1.42 42.64
CA ASP OA 264 118.26 0.13 42.03
C ASP OA 264 117.10 -0.56 42.73
N SER OA 265 117.09 -0.50 44.07
CA SER OA 265 115.98 -1.09 44.82
C SER OA 265 114.68 -0.35 44.51
N ALA OA 266 114.73 0.98 44.41
CA ALA OA 266 113.54 1.74 44.07
C ALA OA 266 113.00 1.32 42.71
N SER OA 267 113.88 1.20 41.73
CA SER OA 267 113.45 0.83 40.39
C SER OA 267 112.87 -0.58 40.35
N LYS OA 268 113.53 -1.53 41.03
CA LYS OA 268 113.03 -2.90 41.00
C LYS OA 268 111.72 -3.02 41.77
N ARG OA 269 111.55 -2.26 42.84
CA ARG OA 269 110.29 -2.27 43.58
C ARG OA 269 109.17 -1.69 42.74
N ASP OA 270 109.44 -0.59 42.02
CA ASP OA 270 108.44 -0.04 41.12
C ASP OA 270 108.08 -1.03 40.03
N ALA OA 271 109.09 -1.73 39.48
CA ALA OA 271 108.84 -2.71 38.44
C ALA OA 271 107.99 -3.87 38.95
N LEU OA 272 108.30 -4.38 40.15
CA LEU OA 272 107.52 -5.48 40.69
C LEU OA 272 106.09 -5.06 41.00
N ALA OA 273 105.90 -3.84 41.51
CA ALA OA 273 104.55 -3.33 41.72
C ALA OA 273 103.80 -3.21 40.41
N ALA OA 274 104.48 -2.74 39.36
CA ALA OA 274 103.85 -2.66 38.04
C ALA OA 274 103.44 -4.03 37.53
N THR OA 275 104.31 -5.03 37.69
CA THR OA 275 103.96 -6.38 37.28
C THR OA 275 102.77 -6.90 38.07
N LEU OA 276 102.73 -6.62 39.37
CA LEU OA 276 101.62 -7.06 40.21
C LEU OA 276 100.31 -6.45 39.76
N HIS OA 277 100.32 -5.16 39.40
CA HIS OA 277 99.10 -4.52 38.95
C HIS OA 277 98.80 -4.76 37.48
N ALA OA 278 99.72 -5.37 36.73
CA ALA OA 278 99.47 -5.62 35.31
C ALA OA 278 98.24 -6.49 35.11
N ASP OA 279 98.06 -7.51 35.93
CA ASP OA 279 96.90 -8.39 35.83
C ASP OA 279 95.71 -7.72 36.51
N VAL OA 280 94.74 -7.29 35.72
CA VAL OA 280 93.54 -6.64 36.21
C VAL OA 280 92.27 -7.33 35.75
N GLY OA 281 92.37 -8.54 35.22
CA GLY OA 281 91.21 -9.20 34.65
C GLY OA 281 90.73 -8.47 33.42
N LYS OA 282 89.59 -7.78 33.54
CA LYS OA 282 89.09 -6.93 32.47
C LYS OA 282 89.53 -5.49 32.73
N SER OA 283 88.98 -4.56 31.95
CA SER OA 283 89.37 -3.16 32.06
C SER OA 283 89.00 -2.60 33.44
N VAL OA 284 89.90 -1.80 33.99
CA VAL OA 284 89.70 -1.18 35.30
C VAL OA 284 89.97 0.32 35.19
N ASN OA 285 89.52 1.07 36.19
CA ASN OA 285 89.66 2.52 36.17
C ASN OA 285 90.78 2.98 37.09
N GLY OA 286 91.38 4.11 36.74
CA GLY OA 286 92.39 4.73 37.59
C GLY OA 286 92.43 6.22 37.34
N SER OA 287 92.98 6.94 38.31
CA SER OA 287 93.11 8.39 38.23
C SER OA 287 94.53 8.79 38.59
N TYR OA 288 95.23 9.43 37.64
CA TYR OA 288 96.58 9.93 37.87
C TYR OA 288 96.51 11.45 37.90
N THR OA 289 96.99 12.05 39.00
CA THR OA 289 96.90 13.48 39.17
C THR OA 289 98.24 14.05 39.59
N THR OA 290 98.62 15.15 38.96
CA THR OA 290 99.80 15.90 39.36
C THR OA 290 99.39 16.97 40.37
N LYS OA 291 100.28 17.92 40.63
CA LYS OA 291 100.01 18.95 41.62
C LYS OA 291 98.86 19.85 41.20
N ASP OA 292 98.55 19.92 39.90
CA ASP OA 292 97.51 20.83 39.42
C ASP OA 292 96.57 20.21 38.39
N GLY OA 293 96.78 18.96 37.98
CA GLY OA 293 95.95 18.37 36.95
C GLY OA 293 95.50 16.99 37.34
N THR OA 294 94.45 16.52 36.66
CA THR OA 294 93.86 15.21 36.89
C THR OA 294 93.56 14.54 35.55
N VAL OA 295 93.85 13.24 35.47
CA VAL OA 295 93.54 12.44 34.29
C VAL OA 295 92.88 11.14 34.75
N SER OA 296 91.80 10.75 34.09
CA SER OA 296 91.13 9.48 34.33
C SER OA 296 91.47 8.54 33.17
N PHE OA 297 92.01 7.38 33.49
CA PHE OA 297 92.51 6.45 32.48
C PHE OA 297 91.97 5.05 32.75
N GLU OA 298 91.74 4.32 31.66
CA GLU OA 298 91.22 2.96 31.72
C GLU OA 298 92.37 1.99 31.50
N THR OA 299 92.82 1.35 32.58
CA THR OA 299 93.85 0.32 32.47
C THR OA 299 93.27 -0.95 31.86
N ASP OA 300 94.05 -1.57 30.98
CA ASP OA 300 93.64 -2.78 30.27
C ASP OA 300 94.38 -3.98 30.83
N SER OA 301 93.97 -5.17 30.37
CA SER OA 301 94.62 -6.40 30.79
C SER OA 301 96.06 -6.43 30.30
N ALA OA 302 96.92 -7.07 31.10
CA ALA OA 302 98.35 -7.23 30.86
C ALA OA 302 99.10 -5.91 30.90
N GLY OA 303 98.44 -4.81 31.25
CA GLY OA 303 99.11 -3.53 31.42
C GLY OA 303 99.02 -2.63 30.21
N ASN OA 304 98.14 -1.61 30.29
CA ASN OA 304 98.01 -0.61 29.25
C ASN OA 304 97.29 0.59 29.83
N ILE OA 305 97.41 1.72 29.13
CA ILE OA 305 96.76 2.96 29.53
C ILE OA 305 95.89 3.44 28.37
N THR OA 306 94.64 3.78 28.67
CA THR OA 306 93.68 4.16 27.65
C THR OA 306 92.79 5.27 28.17
N ILE OA 307 92.72 6.37 27.42
CA ILE OA 307 91.86 7.50 27.76
C ILE OA 307 90.92 7.75 26.59
N GLY OA 308 89.62 7.85 26.89
CA GLY OA 308 88.64 8.14 25.85
C GLY OA 308 88.57 7.09 24.77
N GLY OA 309 88.79 5.83 25.12
CA GLY OA 309 88.72 4.75 24.16
C GLY OA 309 89.86 4.69 23.19
N SER OA 310 90.92 5.47 23.39
CA SER OA 310 92.05 5.52 22.48
C SER OA 310 93.34 5.27 23.25
N GLN OA 311 94.35 4.78 22.53
CA GLN OA 311 95.65 4.53 23.15
C GLN OA 311 96.23 5.83 23.69
N ALA OA 312 96.75 5.77 24.92
CA ALA OA 312 97.30 6.93 25.60
C ALA OA 312 98.80 6.74 25.80
N TYR OA 313 99.52 7.86 25.83
CA TYR OA 313 100.96 7.85 25.99
C TYR OA 313 101.36 8.69 27.18
N VAL OA 314 102.52 8.38 27.76
CA VAL OA 314 103.04 9.09 28.92
C VAL OA 314 104.20 9.97 28.49
N ASP OA 315 104.19 11.22 28.94
CA ASP OA 315 105.26 12.14 28.63
C ASP OA 315 106.53 11.75 29.38
N ASP OA 316 107.68 12.16 28.83
CA ASP OA 316 108.95 11.87 29.48
C ASP OA 316 109.05 12.54 30.84
N ALA OA 317 108.55 13.77 30.95
CA ALA OA 317 108.58 14.48 32.22
C ALA OA 317 107.55 13.94 33.21
N GLY OA 318 106.60 13.13 32.75
CA GLY OA 318 105.62 12.51 33.63
C GLY OA 318 104.17 12.79 33.28
N ASN OA 319 103.89 13.66 32.33
CA ASN OA 319 102.51 13.96 31.97
C ASN OA 319 101.88 12.82 31.18
N LEU OA 320 100.56 12.78 31.17
CA LEU OA 320 99.79 11.75 30.48
C LEU OA 320 99.01 12.38 29.34
N THR OA 321 99.05 11.73 28.17
CA THR OA 321 98.44 12.29 26.96
C THR OA 321 97.88 11.16 26.11
N THR OA 322 96.99 11.54 25.19
CA THR OA 322 96.47 10.62 24.19
C THR OA 322 97.18 10.73 22.86
N ASN OA 323 98.07 11.70 22.69
CA ASN OA 323 98.79 11.89 21.44
C ASN OA 323 100.28 11.99 21.70
N ASN OA 324 101.07 11.35 20.85
CA ASN OA 324 102.52 11.30 21.05
C ASN OA 324 103.18 12.50 20.41
N ALA OA 325 104.19 13.03 21.10
CA ALA OA 325 104.98 14.15 20.60
C ALA OA 325 106.46 13.83 20.80
N GLY OA 326 107.27 14.10 19.79
CA GLY OA 326 108.69 13.84 19.89
C GLY OA 326 109.06 12.39 19.83
N SER OA 327 108.18 11.54 19.28
CA SER OA 327 108.45 10.10 19.14
C SER OA 327 108.77 9.46 20.48
N ALA OA 328 108.06 9.88 21.53
CA ALA OA 328 108.20 9.33 22.88
C ALA OA 328 106.81 8.97 23.37
N ALA OA 329 106.35 7.77 23.02
CA ALA OA 329 105.01 7.31 23.40
C ALA OA 329 105.06 6.39 24.62
N LYS OA 330 105.79 5.28 24.51
CA LYS OA 330 105.97 4.30 25.58
C LYS OA 330 104.68 4.06 26.36
N ALA OA 331 103.66 3.65 25.61
CA ALA OA 331 102.30 3.48 26.13
C ALA OA 331 102.25 2.24 27.03
N ASP OA 332 102.70 2.40 28.27
CA ASP OA 332 102.67 1.32 29.23
C ASP OA 332 102.54 1.89 30.63
N MET OA 333 101.85 1.15 31.49
CA MET OA 333 101.73 1.55 32.89
C MET OA 333 103.06 1.45 33.62
N LYS OA 334 103.90 0.47 33.26
CA LYS OA 334 105.24 0.42 33.80
C LYS OA 334 106.04 1.66 33.43
N ALA OA 335 105.94 2.09 32.16
CA ALA OA 335 106.62 3.30 31.73
C ALA OA 335 106.08 4.52 32.46
N LEU OA 336 104.75 4.56 32.68
CA LEU OA 336 104.15 5.66 33.42
C LEU OA 336 104.70 5.72 34.84
N LEU OA 337 104.77 4.57 35.52
CA LEU OA 337 105.29 4.53 36.87
C LEU OA 337 106.75 4.96 36.92
N LYS OA 338 107.56 4.47 35.98
CA LYS OA 338 108.97 4.83 35.96
C LYS OA 338 109.15 6.33 35.70
N ALA OA 339 108.38 6.88 34.76
CA ALA OA 339 108.47 8.30 34.47
C ALA OA 339 108.03 9.14 35.67
N ALA OA 340 106.98 8.72 36.36
CA ALA OA 340 106.54 9.43 37.56
C ALA OA 340 107.59 9.38 38.65
N SER OA 341 108.21 8.21 38.85
CA SER OA 341 109.23 8.08 39.88
C SER OA 341 110.45 8.93 39.56
N GLU OA 342 110.88 8.95 38.29
CA GLU OA 342 112.07 9.68 37.91
C GLU OA 342 111.79 11.14 37.57
N GLY OA 343 110.53 11.56 37.62
CA GLY OA 343 110.20 12.92 37.26
C GLY OA 343 110.71 13.95 38.25
N SER OA 344 110.80 15.19 37.78
CA SER OA 344 111.26 16.28 38.63
C SER OA 344 110.23 16.60 39.71
N ASP OA 345 108.95 16.36 39.44
CA ASP OA 345 107.87 16.66 40.37
C ASP OA 345 107.08 15.39 40.67
N GLY OA 346 106.70 15.25 41.94
CA GLY OA 346 105.91 14.10 42.35
C GLY OA 346 104.44 14.23 41.97
N ALA OA 347 103.74 13.10 42.01
CA ALA OA 347 102.33 13.04 41.68
C ALA OA 347 101.66 11.96 42.51
N SER OA 348 100.34 11.89 42.41
CA SER OA 348 99.53 10.93 43.15
C SER OA 348 98.71 10.08 42.17
N LEU OA 349 98.74 8.77 42.36
CA LEU OA 349 98.03 7.84 41.47
C LEU OA 349 97.11 6.97 42.32
N THR OA 350 95.83 6.99 41.98
CA THR OA 350 94.81 6.22 42.70
C THR OA 350 94.24 5.17 41.77
N PHE OA 351 94.30 3.91 42.19
CA PHE OA 351 93.74 2.81 41.41
C PHE OA 351 92.29 2.58 41.84
N ASN OA 352 91.71 1.44 41.46
CA ASN OA 352 90.32 1.15 41.76
C ASN OA 352 90.06 1.23 43.27
N GLY OA 353 90.86 0.52 44.06
CA GLY OA 353 90.63 0.47 45.49
C GLY OA 353 91.58 1.30 46.32
N THR OA 354 92.87 1.24 46.01
CA THR OA 354 93.91 1.86 46.81
C THR OA 354 94.44 3.13 46.15
N GLU OA 355 95.23 3.87 46.92
CA GLU OA 355 95.88 5.09 46.46
C GLU OA 355 97.38 4.96 46.62
N TYR OA 356 98.13 5.37 45.60
CA TYR OA 356 99.59 5.29 45.59
C TYR OA 356 100.16 6.70 45.49
N THR OA 357 101.16 6.99 46.31
CA THR OA 357 101.81 8.29 46.30
C THR OA 357 103.25 8.13 45.82
N ILE OA 358 103.65 9.01 44.91
CA ILE OA 358 104.97 8.95 44.28
C ILE OA 358 105.82 10.05 44.89
N ALA OA 359 106.94 9.67 45.50
CA ALA OA 359 107.85 10.63 46.09
C ALA OA 359 108.64 11.34 45.00
N LYS OA 360 108.92 12.62 45.22
CA LYS OA 360 109.67 13.42 44.26
C LYS OA 360 111.12 12.95 44.17
N GLY OA 376 110.53 7.16 44.85
CA GLY OA 376 109.96 6.02 45.55
C GLY OA 376 108.45 5.98 45.48
N ILE OA 377 107.88 4.85 45.88
CA ILE OA 377 106.43 4.64 45.87
C ILE OA 377 105.98 4.29 47.28
N THR OA 378 104.84 4.82 47.70
CA THR OA 378 104.25 4.44 48.98
C THR OA 378 102.77 4.19 48.80
N TYR OA 379 102.24 3.23 49.58
CA TYR OA 379 100.83 2.89 49.47
C TYR OA 379 100.38 2.18 50.74
N GLN OA 380 99.10 2.36 51.07
CA GLN OA 380 98.50 1.76 52.26
C GLN OA 380 97.96 0.39 51.89
N ALA OA 381 98.81 -0.63 52.08
CA ALA OA 381 98.38 -1.99 51.82
C ALA OA 381 97.58 -2.54 52.98
N THR OA 382 96.77 -3.56 52.70
CA THR OA 382 95.98 -4.25 53.71
C THR OA 382 96.34 -5.73 53.68
N VAL OA 383 96.67 -6.27 54.85
CA VAL OA 383 97.01 -7.69 54.98
C VAL OA 383 96.24 -8.26 56.16
N SER OA 384 95.70 -9.46 55.99
CA SER OA 384 94.89 -10.07 57.04
C SER OA 384 95.72 -10.33 58.29
N LYS OA 385 95.07 -10.21 59.44
CA LYS OA 385 95.74 -10.46 60.71
C LYS OA 385 96.16 -11.91 60.88
N ASP OA 386 95.55 -12.82 60.12
CA ASP OA 386 95.93 -14.23 60.19
C ASP OA 386 97.39 -14.43 59.77
N VAL OA 387 97.80 -13.76 58.69
CA VAL OA 387 99.19 -13.86 58.25
C VAL OA 387 100.13 -13.33 59.31
N VAL OA 388 99.78 -12.20 59.93
CA VAL OA 388 100.66 -11.59 60.93
C VAL OA 388 100.79 -12.51 62.14
N LEU OA 389 99.66 -13.04 62.62
CA LEU OA 389 99.73 -13.91 63.79
C LEU OA 389 100.48 -15.21 63.47
N SER OA 390 100.28 -15.76 62.28
CA SER OA 390 100.99 -16.98 61.91
C SER OA 390 102.49 -16.75 61.82
N GLU OA 391 102.91 -15.63 61.20
CA GLU OA 391 104.33 -15.37 61.08
C GLU OA 391 104.96 -15.04 62.42
N THR OA 392 104.18 -14.44 63.34
CA THR OA 392 104.70 -14.19 64.67
C THR OA 392 104.84 -15.49 65.45
N LYS OA 393 103.86 -16.38 65.34
CA LYS OA 393 103.87 -17.61 66.14
C LYS OA 393 104.90 -18.61 65.62
N ALA OA 394 104.99 -18.78 64.31
CA ALA OA 394 105.85 -19.83 63.76
C ALA OA 394 107.32 -19.49 63.90
N ALA OA 395 107.70 -18.25 63.61
CA ALA OA 395 109.09 -17.85 63.58
C ALA OA 395 109.54 -17.36 64.96
N ALA OA 396 110.83 -17.49 65.22
CA ALA OA 396 111.42 -17.04 66.48
C ALA OA 396 111.82 -15.57 66.37
N ALA OA 397 110.81 -14.73 66.14
CA ALA OA 397 111.01 -13.31 65.98
C ALA OA 397 110.79 -12.59 67.31
N THR OA 398 110.87 -11.27 67.28
CA THR OA 398 110.66 -10.42 68.44
C THR OA 398 109.59 -9.40 68.10
N SER OA 399 108.34 -9.73 68.38
CA SER OA 399 107.20 -8.88 68.06
C SER OA 399 106.89 -7.94 69.22
N SER OA 400 106.18 -6.87 68.91
CA SER OA 400 105.73 -5.90 69.90
C SER OA 400 104.26 -5.60 69.67
N ILE OA 401 103.47 -5.65 70.74
CA ILE OA 401 102.03 -5.42 70.67
C ILE OA 401 101.69 -4.24 71.59
N THR OA 402 100.94 -3.28 71.05
CA THR OA 402 100.55 -2.10 71.81
C THR OA 402 99.03 -2.08 71.97
N PHE OA 403 98.58 -2.01 73.22
CA PHE OA 403 97.17 -1.87 73.54
C PHE OA 403 96.89 -0.41 73.87
N ASN OA 404 95.92 0.17 73.18
CA ASN OA 404 95.54 1.57 73.35
C ASN OA 404 94.04 1.65 73.62
N SER OA 405 93.67 2.32 74.70
CA SER OA 405 92.28 2.63 75.00
C SER OA 405 91.88 4.02 74.52
N GLY OA 406 92.76 4.68 73.77
CA GLY OA 406 92.58 6.06 73.37
C GLY OA 406 93.31 7.04 74.26
N VAL OA 407 93.51 6.68 75.53
CA VAL OA 407 94.27 7.49 76.48
C VAL OA 407 95.41 6.69 77.09
N LEU OA 408 95.10 5.47 77.55
CA LEU OA 408 96.07 4.63 78.24
C LEU OA 408 96.69 3.65 77.26
N SER OA 409 98.01 3.53 77.30
CA SER OA 409 98.74 2.72 76.34
C SER OA 409 99.72 1.81 77.06
N LYS OA 410 99.84 0.57 76.57
CA LYS OA 410 100.80 -0.38 77.09
C LYS OA 410 101.45 -1.14 75.95
N THR OA 411 102.77 -1.26 75.99
CA THR OA 411 103.54 -1.98 74.98
C THR OA 411 104.15 -3.21 75.60
N ILE OA 412 103.94 -4.37 74.96
CA ILE OA 412 104.41 -5.65 75.47
C ILE OA 412 105.23 -6.34 74.38
N GLY OA 413 106.42 -6.80 74.77
CA GLY OA 413 107.25 -7.56 73.85
C GLY OA 413 106.88 -9.05 73.89
N PHE OA 414 107.05 -9.70 72.75
CA PHE OA 414 106.68 -11.10 72.58
C PHE OA 414 107.76 -11.86 71.83
N THR OA 415 108.12 -13.03 72.34
CA THR OA 415 108.96 -13.97 71.64
C THR OA 415 108.06 -14.88 70.80
N ALA OA 416 108.58 -16.03 70.35
CA ALA OA 416 107.84 -16.93 69.47
C ALA OA 416 106.75 -17.62 70.27
N GLY OA 417 105.65 -16.90 70.47
CA GLY OA 417 104.48 -17.42 71.15
C GLY OA 417 104.34 -17.00 72.60
N GLU OA 418 105.39 -16.45 73.20
CA GLU OA 418 105.37 -16.04 74.59
C GLU OA 418 105.90 -14.61 74.69
N SER OA 419 105.99 -14.11 75.92
CA SER OA 419 106.52 -12.78 76.20
C SER OA 419 107.87 -12.93 76.88
N SER OA 420 108.91 -12.32 76.31
CA SER OA 420 110.26 -12.38 76.85
C SER OA 420 110.77 -11.01 77.27
N ASP OA 421 109.88 -10.04 77.44
CA ASP OA 421 110.26 -8.66 77.74
C ASP OA 421 110.46 -8.39 79.22
N ALA OA 422 110.77 -9.44 80.01
CA ALA OA 422 110.94 -9.33 81.45
C ALA OA 422 109.69 -8.79 82.13
N ALA OA 423 108.54 -9.01 81.50
CA ALA OA 423 107.25 -8.59 82.03
C ALA OA 423 106.40 -9.81 82.36
N LYS OA 424 105.51 -9.64 83.33
CA LYS OA 424 104.75 -10.78 83.84
C LYS OA 424 103.72 -11.24 82.81
N SER OA 425 102.75 -10.38 82.48
CA SER OA 425 101.84 -10.57 81.36
C SER OA 425 101.10 -11.91 81.45
N TYR OA 426 100.27 -12.02 82.47
CA TYR OA 426 99.45 -13.22 82.68
C TYR OA 426 97.97 -12.86 82.56
N VAL OA 427 97.20 -13.79 81.98
CA VAL OA 427 95.83 -13.52 81.59
C VAL OA 427 94.92 -14.65 82.07
N ASP OA 428 95.51 -15.73 82.57
CA ASP OA 428 94.80 -16.99 82.77
C ASP OA 428 93.64 -16.88 83.76
N ASP OA 429 93.66 -15.88 84.65
CA ASP OA 429 92.69 -15.83 85.73
C ASP OA 429 91.26 -15.74 85.23
N LYS OA 430 90.90 -14.61 84.61
CA LYS OA 430 89.55 -14.44 84.09
C LYS OA 430 89.53 -13.67 82.76
N GLY OA 431 90.69 -13.40 82.17
CA GLY OA 431 90.78 -12.51 81.04
C GLY OA 431 91.36 -11.17 81.43
N GLY OA 432 92.06 -10.54 80.49
CA GLY OA 432 92.78 -9.33 80.77
C GLY OA 432 94.16 -9.59 81.34
N ILE OA 433 95.06 -8.65 81.08
CA ILE OA 433 96.47 -8.81 81.43
C ILE OA 433 96.67 -8.22 82.82
N THR OA 434 96.82 -9.09 83.81
CA THR OA 434 96.91 -8.67 85.20
C THR OA 434 98.33 -8.71 85.75
N ASN OA 435 99.31 -9.08 84.92
CA ASN OA 435 100.75 -9.05 85.23
C ASN OA 435 101.08 -9.48 86.66
N VAL OA 436 100.41 -10.54 87.12
CA VAL OA 436 100.71 -11.16 88.40
C VAL OA 436 101.29 -12.55 88.14
N ALA OA 437 102.45 -12.83 88.75
CA ALA OA 437 103.09 -14.13 88.58
C ALA OA 437 102.24 -15.23 89.18
N ASP OA 438 102.03 -15.18 90.50
CA ASP OA 438 101.28 -16.20 91.20
C ASP OA 438 100.93 -15.68 92.58
N TYR OA 439 99.78 -16.10 93.10
CA TYR OA 439 99.36 -15.79 94.46
C TYR OA 439 99.09 -17.08 95.20
N THR OA 440 99.59 -17.17 96.43
CA THR OA 440 99.41 -18.33 97.29
C THR OA 440 98.50 -17.94 98.44
N VAL OA 441 97.42 -18.71 98.63
CA VAL OA 441 96.47 -18.47 99.69
C VAL OA 441 96.66 -19.54 100.75
N SER OA 442 96.76 -19.12 102.01
CA SER OA 442 96.95 -20.02 103.14
C SER OA 442 95.65 -20.15 103.91
N TYR OA 443 95.25 -21.38 104.16
CA TYR OA 443 94.02 -21.70 104.88
C TYR OA 443 94.36 -22.34 106.20
N SER OA 444 93.69 -21.90 107.26
CA SER OA 444 93.88 -22.46 108.60
C SER OA 444 92.76 -23.44 108.88
N VAL OA 445 93.12 -24.63 109.37
CA VAL OA 445 92.17 -25.69 109.67
C VAL OA 445 92.01 -25.77 111.18
N ASN OA 446 90.78 -25.58 111.65
CA ASN OA 446 90.50 -25.67 113.08
C ASN OA 446 90.25 -27.13 113.44
N LYS OA 447 91.17 -27.71 114.21
CA LYS OA 447 91.10 -29.14 114.51
C LYS OA 447 90.01 -29.50 115.51
N ASP OA 448 89.37 -28.51 116.15
CA ASP OA 448 88.29 -28.82 117.07
C ASP OA 448 87.07 -29.36 116.34
N ASN OA 449 86.67 -28.69 115.25
CA ASN OA 449 85.49 -29.09 114.50
C ASN OA 449 85.76 -29.38 113.03
N GLY OA 450 86.87 -28.90 112.47
CA GLY OA 450 87.18 -29.11 111.08
C GLY OA 450 86.87 -27.93 110.18
N SER OA 451 86.38 -26.82 110.73
CA SER OA 451 86.10 -25.65 109.92
C SER OA 451 87.37 -25.05 109.37
N VAL OA 452 87.31 -24.59 108.12
CA VAL OA 452 88.46 -24.04 107.41
C VAL OA 452 88.19 -22.57 107.12
N THR OA 453 89.13 -21.71 107.50
CA THR OA 453 89.04 -20.28 107.27
C THR OA 453 90.23 -19.81 106.45
N VAL OA 454 90.17 -18.55 106.03
CA VAL OA 454 91.22 -17.94 105.21
C VAL OA 454 92.14 -17.15 106.13
N ALA OA 455 93.43 -17.48 106.10
CA ALA OA 455 94.41 -16.80 106.95
C ALA OA 455 95.76 -16.83 106.23
N GLY OA 456 96.10 -15.71 105.59
CA GLY OA 456 97.41 -15.59 104.96
C GLY OA 456 97.39 -15.49 103.46
N TYR OA 457 98.07 -14.48 102.92
CA TYR OA 457 98.16 -14.27 101.48
C TYR OA 457 99.61 -13.93 101.12
N ALA OA 458 100.13 -14.59 100.09
CA ALA OA 458 101.50 -14.36 99.64
C ALA OA 458 101.50 -14.08 98.15
N SER OA 459 102.30 -13.11 97.73
CA SER OA 459 102.43 -12.78 96.32
C SER OA 459 103.87 -12.49 95.98
N ALA OA 460 104.33 -13.04 94.86
CA ALA OA 460 105.68 -12.77 94.38
C ALA OA 460 105.82 -11.37 93.80
N THR OA 461 104.70 -10.70 93.53
CA THR OA 461 104.67 -9.32 93.07
C THR OA 461 103.89 -8.48 94.07
N ASP OA 462 103.83 -7.18 93.82
CA ASP OA 462 103.05 -6.30 94.68
C ASP OA 462 101.57 -6.68 94.64
N THR OA 463 101.00 -6.76 93.44
CA THR OA 463 99.67 -7.30 93.17
C THR OA 463 98.58 -6.38 93.72
N ASN OA 464 98.99 -5.35 94.46
CA ASN OA 464 98.06 -4.39 95.09
C ASN OA 464 96.95 -5.10 95.87
N LYS OA 465 97.23 -6.32 96.32
CA LYS OA 465 96.26 -7.14 97.05
C LYS OA 465 94.97 -7.29 96.27
N ASP OA 466 95.09 -7.48 94.95
CA ASP OA 466 93.90 -7.61 94.11
C ASP OA 466 93.15 -8.90 94.41
N TYR OA 467 93.87 -10.00 94.59
CA TYR OA 467 93.25 -11.31 94.80
C TYR OA 467 93.35 -11.77 96.25
N ALA OA 468 93.48 -10.84 97.19
CA ALA OA 468 93.64 -11.20 98.59
C ALA OA 468 92.32 -11.05 99.32
N PRO OA 469 91.66 -12.14 99.71
CA PRO OA 469 90.45 -12.00 100.54
C PRO OA 469 90.81 -11.56 101.94
N ALA OA 470 89.84 -10.94 102.60
CA ALA OA 470 90.01 -10.57 103.99
C ALA OA 470 90.21 -11.81 104.85
N ILE OA 471 91.21 -11.77 105.73
CA ILE OA 471 91.51 -12.94 106.55
C ILE OA 471 90.38 -13.16 107.57
N GLY OA 472 90.25 -14.42 108.00
CA GLY OA 472 89.23 -14.77 108.96
C GLY OA 472 87.86 -15.05 108.38
N THR OA 473 87.75 -15.20 107.06
CA THR OA 473 86.48 -15.48 106.40
C THR OA 473 86.38 -16.97 106.11
N ALA OA 474 85.30 -17.59 106.57
CA ALA OA 474 85.10 -19.03 106.36
C ALA OA 474 84.95 -19.31 104.87
N VAL OA 475 85.72 -20.28 104.37
CA VAL OA 475 85.69 -20.63 102.96
C VAL OA 475 84.73 -21.80 102.77
N ASN OA 476 84.10 -21.84 101.59
CA ASN OA 476 83.13 -22.87 101.26
C ASN OA 476 83.50 -23.52 99.92
N VAL OA 477 82.62 -24.38 99.44
CA VAL OA 477 82.82 -25.11 98.20
C VAL OA 477 81.75 -24.70 97.21
N ASN OA 478 82.15 -24.31 96.00
CA ASN OA 478 81.22 -23.89 94.98
C ASN OA 478 80.44 -25.09 94.45
N SER OA 479 79.52 -24.82 93.52
CA SER OA 479 78.76 -25.89 92.89
C SER OA 479 79.66 -26.81 92.07
N ALA OA 480 80.64 -26.25 91.39
CA ALA OA 480 81.55 -27.03 90.56
C ALA OA 480 82.66 -27.69 91.35
N GLY OA 481 82.63 -27.60 92.68
CA GLY OA 481 83.64 -28.21 93.51
C GLY OA 481 84.85 -27.35 93.79
N LYS OA 482 84.90 -26.13 93.26
CA LYS OA 482 86.04 -25.25 93.52
C LYS OA 482 85.97 -24.69 94.93
N ILE OA 483 87.10 -24.16 95.38
CA ILE OA 483 87.23 -23.56 96.70
C ILE OA 483 86.97 -22.06 96.55
N THR OA 484 85.91 -21.57 97.18
CA THR OA 484 85.48 -20.19 96.98
C THR OA 484 84.85 -19.70 98.29
N THR OA 485 84.82 -18.37 98.45
CA THR OA 485 84.42 -17.77 99.71
C THR OA 485 82.95 -17.38 99.79
N GLU OA 486 82.30 -17.03 98.67
CA GLU OA 486 80.93 -16.57 98.72
C GLU OA 486 79.97 -17.75 98.84
N THR OA 487 78.84 -17.50 99.50
CA THR OA 487 77.87 -18.54 99.79
C THR OA 487 76.61 -18.48 98.92
N THR OA 488 76.58 -17.59 97.92
CA THR OA 488 75.40 -17.42 97.10
C THR OA 488 75.06 -18.69 96.31
N SER OA 489 75.92 -19.06 95.37
CA SER OA 489 75.76 -20.27 94.57
C SER OA 489 74.38 -20.32 93.90
N ALA OA 490 74.19 -19.37 92.99
CA ALA OA 490 72.90 -19.21 92.32
C ALA OA 490 72.50 -20.49 91.58
N GLY OA 491 71.22 -20.82 91.64
CA GLY OA 491 70.69 -22.04 91.07
C GLY OA 491 70.20 -21.89 89.65
N SER OA 492 69.28 -22.77 89.25
CA SER OA 492 68.82 -22.85 87.88
C SER OA 492 67.40 -22.35 87.66
N ALA OA 493 66.63 -22.14 88.72
CA ALA OA 493 65.27 -21.63 88.54
C ALA OA 493 65.32 -20.21 87.97
N THR OA 494 64.33 -19.89 87.13
CA THR OA 494 64.32 -18.60 86.47
C THR OA 494 64.21 -17.47 87.48
N THR OA 495 64.99 -16.41 87.26
CA THR OA 495 65.12 -15.34 88.24
C THR OA 495 63.82 -14.56 88.40
N ASN OA 496 63.34 -13.95 87.32
CA ASN OA 496 62.20 -13.05 87.36
C ASN OA 496 61.15 -13.55 86.36
N PRO OA 497 60.43 -14.62 86.71
CA PRO OA 497 59.48 -15.19 85.75
C PRO OA 497 58.39 -14.23 85.35
N LEU OA 498 57.87 -13.47 86.30
CA LEU OA 498 56.79 -12.54 86.00
C LEU OA 498 57.27 -11.43 85.07
N ALA OA 499 58.49 -10.93 85.30
CA ALA OA 499 59.04 -9.91 84.40
C ALA OA 499 59.24 -10.47 83.00
N ALA OA 500 59.76 -11.70 82.89
CA ALA OA 500 59.95 -12.29 81.56
C ALA OA 500 58.62 -12.46 80.83
N LEU OA 501 57.60 -12.94 81.55
CA LEU OA 501 56.29 -13.11 80.93
C LEU OA 501 55.68 -11.78 80.53
N ASP OA 502 55.89 -10.73 81.35
CA ASP OA 502 55.41 -9.41 80.99
C ASP OA 502 56.08 -8.90 79.72
N ASP OA 503 57.38 -9.14 79.58
CA ASP OA 503 58.08 -8.74 78.37
C ASP OA 503 57.52 -9.47 77.15
N ALA OA 504 57.27 -10.78 77.29
CA ALA OA 504 56.71 -11.54 76.18
C ALA OA 504 55.33 -11.02 75.79
N ILE OA 505 54.47 -10.76 76.78
CA ILE OA 505 53.13 -10.27 76.50
C ILE OA 505 53.20 -8.90 75.83
N SER OA 506 54.12 -8.05 76.29
CA SER OA 506 54.27 -6.73 75.68
C SER OA 506 54.70 -6.85 74.22
N SER OA 507 55.62 -7.75 73.92
CA SER OA 507 56.03 -7.94 72.52
C SER OA 507 54.85 -8.40 71.67
N ILE OA 508 54.07 -9.35 72.17
CA ILE OA 508 52.89 -9.82 71.44
C ILE OA 508 51.93 -8.67 71.18
N ASP OA 509 51.69 -7.85 72.21
CA ASP OA 509 50.75 -6.73 72.06
C ASP OA 509 51.25 -5.72 71.05
N LYS OA 510 52.55 -5.43 71.05
CA LYS OA 510 53.09 -4.49 70.07
C LYS OA 510 52.91 -5.00 68.66
N PHE OA 511 53.20 -6.28 68.42
CA PHE OA 511 53.06 -6.82 67.08
C PHE OA 511 51.60 -6.82 66.64
N ARG OA 512 50.68 -7.14 67.57
CA ARG OA 512 49.26 -7.09 67.24
C ARG OA 512 48.82 -5.67 66.90
N SER OA 513 49.31 -4.68 67.64
CA SER OA 513 48.96 -3.30 67.34
C SER OA 513 49.45 -2.90 65.96
N SER OA 514 50.66 -3.32 65.60
CA SER OA 514 51.17 -3.03 64.26
C SER OA 514 50.27 -3.63 63.19
N LEU OA 515 49.85 -4.88 63.40
CA LEU OA 515 48.98 -5.52 62.41
C LEU OA 515 47.63 -4.80 62.31
N GLY OA 516 47.08 -4.37 63.44
CA GLY OA 516 45.83 -3.64 63.40
C GLY OA 516 45.94 -2.32 62.66
N ALA OA 517 47.03 -1.59 62.88
CA ALA OA 517 47.25 -0.35 62.13
C ALA OA 517 47.34 -0.64 60.64
N ILE OA 518 48.03 -1.71 60.26
CA ILE OA 518 48.11 -2.08 58.85
C ILE OA 518 46.73 -2.36 58.29
N GLN OA 519 45.89 -3.08 59.05
CA GLN OA 519 44.54 -3.36 58.58
C GLN OA 519 43.76 -2.08 58.33
N ASN OA 520 43.84 -1.13 59.26
CA ASN OA 520 43.09 0.11 59.11
C ASN OA 520 43.54 0.86 57.86
N ARG OA 521 44.85 1.01 57.68
CA ARG OA 521 45.32 1.78 56.54
C ARG OA 521 45.01 1.06 55.22
N LEU OA 522 45.04 -0.27 55.23
CA LEU OA 522 44.74 -1.01 54.01
C LEU OA 522 43.27 -0.88 53.63
N ASP OA 523 42.37 -0.89 54.63
CA ASP OA 523 40.96 -0.67 54.34
C ASP OA 523 40.73 0.74 53.80
N SER OA 524 41.42 1.73 54.36
CA SER OA 524 41.31 3.08 53.81
C SER OA 524 41.76 3.11 52.36
N ALA OA 525 42.85 2.40 52.05
CA ALA OA 525 43.31 2.31 50.66
C ALA OA 525 42.25 1.68 49.77
N VAL OA 526 41.57 0.64 50.25
CA VAL OA 526 40.52 0.00 49.46
C VAL OA 526 39.42 1.00 49.13
N THR OA 527 38.97 1.75 50.14
CA THR OA 527 37.91 2.72 49.92
C THR OA 527 38.33 3.78 48.90
N ASN OA 528 39.55 4.29 49.03
CA ASN OA 528 40.03 5.29 48.08
C ASN OA 528 40.10 4.72 46.67
N LEU OA 529 40.54 3.46 46.54
CA LEU OA 529 40.61 2.85 45.23
C LEU OA 529 39.22 2.73 44.60
N ASN OA 530 38.22 2.34 45.40
CA ASN OA 530 36.87 2.24 44.85
C ASN OA 530 36.36 3.60 44.39
N ASN OA 531 36.58 4.65 45.19
CA ASN OA 531 36.13 5.98 44.79
C ASN OA 531 36.80 6.43 43.49
N THR OA 532 38.12 6.23 43.40
CA THR OA 532 38.84 6.65 42.20
C THR OA 532 38.37 5.86 40.98
N THR OA 533 38.11 4.56 41.15
CA THR OA 533 37.61 3.76 40.04
C THR OA 533 36.27 4.28 39.55
N THR OA 534 35.36 4.60 40.48
CA THR OA 534 34.06 5.13 40.07
C THR OA 534 34.21 6.42 39.30
N ASN OA 535 35.04 7.35 39.81
CA ASN OA 535 35.19 8.63 39.12
C ASN OA 535 35.83 8.47 37.75
N LEU OA 536 36.83 7.59 37.63
CA LEU OA 536 37.48 7.38 36.34
C LEU OA 536 36.51 6.74 35.35
N SER OA 537 35.68 5.82 35.82
CA SER OA 537 34.67 5.23 34.94
C SER OA 537 33.69 6.28 34.45
N GLU OA 538 33.29 7.20 35.34
CA GLU OA 538 32.44 8.31 34.93
C GLU OA 538 33.11 9.15 33.84
N ALA OA 539 34.39 9.46 34.02
CA ALA OA 539 35.09 10.27 33.02
C ALA OA 539 35.19 9.54 31.68
N GLN OA 540 35.45 8.23 31.71
CA GLN OA 540 35.50 7.47 30.47
C GLN OA 540 34.14 7.47 29.79
N SER OA 541 33.06 7.37 30.57
CA SER OA 541 31.72 7.46 29.99
C SER OA 541 31.50 8.84 29.38
N ARG OA 542 32.04 9.88 30.02
CA ARG OA 542 31.95 11.22 29.44
C ARG OA 542 32.60 11.26 28.07
N ILE OA 543 33.78 10.67 27.93
CA ILE OA 543 34.50 10.74 26.66
C ILE OA 543 33.82 9.88 25.59
N GLN OA 544 33.57 8.62 25.92
CA GLN OA 544 32.97 7.64 25.02
C GLN OA 544 31.44 7.70 25.14
N ASP OA 545 30.76 6.64 24.70
CA ASP OA 545 29.33 6.43 24.94
C ASP OA 545 28.48 7.52 24.27
N ALA OA 546 28.48 7.46 22.94
CA ALA OA 546 27.64 8.33 22.12
C ALA OA 546 26.21 8.37 22.64
N ASP OA 547 25.55 9.51 22.40
CA ASP OA 547 24.22 9.77 22.94
C ASP OA 547 23.19 9.20 21.97
N TYR OA 548 22.37 8.26 22.46
CA TYR OA 548 21.42 7.58 21.60
C TYR OA 548 20.42 8.52 20.96
N ALA OA 549 19.98 9.55 21.68
CA ALA OA 549 19.03 10.50 21.10
C ALA OA 549 19.61 11.18 19.87
N THR OA 550 20.81 11.73 20.01
CA THR OA 550 21.46 12.41 18.89
C THR OA 550 21.71 11.45 17.74
N GLU OA 551 22.16 10.23 18.07
CA GLU OA 551 22.49 9.28 17.00
C GLU OA 551 21.24 8.84 16.24
N VAL OA 552 20.13 8.61 16.95
CA VAL OA 552 18.89 8.22 16.31
C VAL OA 552 18.39 9.35 15.40
N SER OA 553 18.44 10.59 15.91
CA SER OA 553 18.04 11.72 15.08
C SER OA 553 18.90 11.80 13.83
N ASN OA 554 20.22 11.61 13.98
CA ASN OA 554 21.12 11.69 12.85
C ASN OA 554 20.79 10.63 11.81
N MET OA 555 20.57 9.38 12.24
CA MET OA 555 20.29 8.35 11.24
C MET OA 555 18.93 8.58 10.60
N SER OA 556 17.95 9.09 11.35
CA SER OA 556 16.63 9.29 10.78
C SER OA 556 16.66 10.35 9.69
N LYS OA 557 17.31 11.48 9.98
CA LYS OA 557 17.40 12.50 8.94
C LYS OA 557 18.28 12.03 7.79
N ALA OA 558 19.29 11.20 8.07
CA ALA OA 558 20.10 10.66 6.98
C ALA OA 558 19.28 9.75 6.07
N GLN OA 559 18.43 8.90 6.66
CA GLN OA 559 17.58 8.03 5.87
C GLN OA 559 16.61 8.83 5.02
N ILE OA 560 16.01 9.87 5.60
CA ILE OA 560 15.06 10.68 4.84
C ILE OA 560 15.77 11.40 3.70
N ILE OA 561 16.97 11.93 3.96
CA ILE OA 561 17.74 12.56 2.89
C ILE OA 561 18.06 11.56 1.80
N GLN OA 562 18.39 10.32 2.18
CA GLN OA 562 18.68 9.29 1.19
C GLN OA 562 17.46 9.00 0.32
N GLN OA 563 16.30 8.84 0.94
CA GLN OA 563 15.09 8.54 0.17
C GLN OA 563 14.73 9.70 -0.76
N ALA OA 564 14.83 10.93 -0.26
CA ALA OA 564 14.56 12.09 -1.10
C ALA OA 564 15.54 12.17 -2.26
N GLY OA 565 16.82 11.90 -1.98
CA GLY OA 565 17.81 11.93 -3.04
C GLY OA 565 17.56 10.86 -4.09
N ASN OA 566 17.13 9.68 -3.65
CA ASN OA 566 16.84 8.61 -4.61
C ASN OA 566 15.63 8.94 -5.47
N SER OA 567 14.59 9.50 -4.87
CA SER OA 567 13.42 9.89 -5.66
C SER OA 567 13.77 10.99 -6.65
N VAL OA 568 14.53 11.99 -6.21
CA VAL OA 568 14.97 13.06 -7.12
C VAL OA 568 15.89 12.49 -8.18
N LEU OA 569 16.69 11.49 -7.83
CA LEU OA 569 17.57 10.84 -8.81
C LEU OA 569 16.75 10.14 -9.88
N ALA OA 570 15.67 9.48 -9.48
CA ALA OA 570 14.77 8.88 -10.47
C ALA OA 570 14.14 9.95 -11.36
N LYS OA 571 13.74 11.07 -10.76
CA LYS OA 571 13.17 12.17 -11.55
C LYS OA 571 14.18 12.72 -12.54
N ALA OA 572 15.45 12.80 -12.16
CA ALA OA 572 16.48 13.28 -13.07
C ALA OA 572 16.80 12.25 -14.14
N ASN OA 573 16.92 10.97 -13.75
CA ASN OA 573 17.09 9.89 -14.70
C ASN OA 573 15.88 9.73 -15.60
N GLN OA 574 14.79 10.45 -15.32
CA GLN OA 574 13.81 10.68 -16.36
C GLN OA 574 14.46 11.65 -17.33
N VAL OA 575 15.51 11.15 -17.99
CA VAL OA 575 16.49 11.92 -18.76
C VAL OA 575 15.80 12.50 -19.97
N PRO OA 576 16.41 13.47 -20.68
CA PRO OA 576 15.71 14.10 -21.81
C PRO OA 576 15.15 13.08 -22.79
N GLN OA 577 13.82 12.98 -22.81
CA GLN OA 577 13.12 12.17 -23.78
C GLN OA 577 12.28 13.01 -24.73
N GLN OA 578 12.07 14.28 -24.41
CA GLN OA 578 11.39 15.18 -25.32
C GLN OA 578 12.14 15.34 -26.63
N VAL OA 579 13.44 15.02 -26.63
CA VAL OA 579 14.19 14.99 -27.87
C VAL OA 579 13.61 13.93 -28.81
N LEU OA 580 13.17 12.81 -28.25
CA LEU OA 580 12.50 11.79 -29.07
C LEU OA 580 11.25 12.35 -29.72
N SER OA 581 10.46 13.12 -28.96
CA SER OA 581 9.28 13.76 -29.51
C SER OA 581 9.65 14.75 -30.61
N LEU OA 582 10.73 15.52 -30.39
CA LEU OA 582 11.19 16.48 -31.39
C LEU OA 582 11.60 15.77 -32.67
N LEU OA 583 12.10 14.54 -32.56
CA LEU OA 583 12.66 13.87 -33.73
C LEU OA 583 11.62 13.67 -34.83
N GLN OA 584 10.47 13.07 -34.50
CA GLN OA 584 9.51 12.74 -35.54
C GLN OA 584 8.82 13.97 -36.13
N GLY OA 585 8.98 15.13 -35.53
CA GLY OA 585 8.36 16.34 -36.04
C GLY OA 585 9.00 16.85 -37.32
N MET PA 1 -25.32 7.64 -10.77
CA MET PA 1 -23.88 7.80 -10.83
C MET PA 1 -23.45 8.14 -12.25
N ALA PA 2 -23.45 7.15 -13.14
CA ALA PA 2 -22.99 7.38 -14.51
C ALA PA 2 -23.81 8.45 -15.22
N GLN PA 3 -25.04 8.69 -14.79
CA GLN PA 3 -25.86 9.71 -15.44
C GLN PA 3 -25.41 11.13 -15.06
N VAL PA 4 -25.14 11.36 -13.78
CA VAL PA 4 -24.98 12.72 -13.26
C VAL PA 4 -23.68 12.79 -12.46
N ILE PA 5 -22.99 13.92 -12.55
CA ILE PA 5 -21.81 14.18 -11.73
C ILE PA 5 -21.96 15.43 -10.87
N ASN PA 6 -22.98 16.27 -11.11
CA ASN PA 6 -23.11 17.52 -10.36
C ASN PA 6 -23.52 17.27 -8.91
N THR PA 7 -24.23 16.18 -8.64
CA THR PA 7 -24.64 15.84 -7.28
C THR PA 7 -24.33 14.36 -7.04
N ASN PA 8 -24.34 13.98 -5.77
CA ASN PA 8 -24.05 12.60 -5.37
C ASN PA 8 -25.06 12.20 -4.29
N SER PA 9 -26.10 11.48 -4.70
CA SER PA 9 -27.11 11.00 -3.76
C SER PA 9 -26.50 10.10 -2.70
N LEU PA 10 -25.59 9.22 -3.10
CA LEU PA 10 -24.93 8.33 -2.14
C LEU PA 10 -24.14 9.13 -1.13
N SER PA 11 -23.39 10.14 -1.58
CA SER PA 11 -22.61 10.95 -0.65
C SER PA 11 -23.50 11.73 0.30
N LEU PA 12 -24.59 12.30 -0.20
CA LEU PA 12 -25.49 13.05 0.68
C LEU PA 12 -26.13 12.15 1.73
N ILE PA 13 -26.62 10.98 1.31
CA ILE PA 13 -27.23 10.05 2.26
C ILE PA 13 -26.20 9.56 3.27
N THR PA 14 -24.98 9.27 2.81
CA THR PA 14 -23.94 8.82 3.72
C THR PA 14 -23.58 9.90 4.74
N GLN PA 15 -23.50 11.16 4.29
CA GLN PA 15 -23.21 12.24 5.24
C GLN PA 15 -24.33 12.39 6.26
N ASN PA 16 -25.59 12.27 5.82
CA ASN PA 16 -26.71 12.33 6.76
C ASN PA 16 -26.61 11.21 7.80
N ASN PA 17 -26.33 9.99 7.34
CA ASN PA 17 -26.21 8.86 8.26
C ASN PA 17 -25.03 9.06 9.22
N ILE PA 18 -23.92 9.59 8.71
CA ILE PA 18 -22.75 9.81 9.55
C ILE PA 18 -23.07 10.85 10.63
N ASN PA 19 -23.78 11.91 10.26
CA ASN PA 19 -24.18 12.90 11.27
C ASN PA 19 -25.11 12.29 12.31
N LYS PA 20 -26.07 11.48 11.85
CA LYS PA 20 -27.00 10.83 12.78
C LYS PA 20 -26.25 9.93 13.76
N ASN PA 21 -25.29 9.16 13.26
CA ASN PA 21 -24.51 8.28 14.14
C ASN PA 21 -23.60 9.09 15.06
N GLN PA 22 -23.03 10.19 14.55
CA GLN PA 22 -22.14 11.02 15.36
C GLN PA 22 -22.88 11.68 16.52
N SER PA 23 -24.16 12.02 16.32
CA SER PA 23 -24.94 12.54 17.43
C SER PA 23 -24.96 11.57 18.60
N ALA PA 24 -25.30 10.31 18.33
CA ALA PA 24 -25.33 9.30 19.38
C ALA PA 24 -23.95 9.01 19.94
N LEU PA 25 -22.92 9.03 19.07
CA LEU PA 25 -21.55 8.80 19.55
C LEU PA 25 -21.13 9.88 20.53
N SER PA 26 -21.39 11.15 20.20
CA SER PA 26 -21.08 12.24 21.10
C SER PA 26 -21.87 12.14 22.40
N SER PA 27 -23.15 11.77 22.30
CA SER PA 27 -23.96 11.63 23.50
C SER PA 27 -23.39 10.55 24.42
N SER PA 28 -23.02 9.40 23.85
CA SER PA 28 -22.46 8.31 24.65
C SER PA 28 -21.12 8.70 25.26
N ILE PA 29 -20.27 9.39 24.49
CA ILE PA 29 -18.97 9.80 25.01
C ILE PA 29 -19.14 10.77 26.16
N GLU PA 30 -20.03 11.75 26.01
CA GLU PA 30 -20.27 12.70 27.09
C GLU PA 30 -20.85 12.00 28.32
N ARG PA 31 -21.77 11.06 28.11
CA ARG PA 31 -22.37 10.34 29.23
C ARG PA 31 -21.32 9.55 30.01
N LEU PA 32 -20.42 8.85 29.28
CA LEU PA 32 -19.39 8.09 29.96
C LEU PA 32 -18.37 8.99 30.65
N SER PA 33 -18.04 10.13 30.03
CA SER PA 33 -17.11 11.06 30.65
C SER PA 33 -17.68 11.63 31.95
N SER PA 34 -18.97 11.96 31.95
CA SER PA 34 -19.57 12.54 33.14
C SER PA 34 -19.85 11.50 34.22
N GLY PA 35 -20.25 10.29 33.84
CA GLY PA 35 -20.65 9.30 34.81
C GLY PA 35 -22.05 9.46 35.33
N LEU PA 36 -22.86 10.29 34.69
CA LEU PA 36 -24.24 10.56 35.12
C LEU PA 36 -25.21 10.19 34.01
N ARG PA 37 -26.29 9.51 34.37
CA ARG PA 37 -27.31 9.17 33.38
C ARG PA 37 -27.96 10.42 32.81
N ILE PA 38 -28.27 11.39 33.66
CA ILE PA 38 -28.88 12.65 33.25
C ILE PA 38 -27.80 13.73 33.28
N ASN PA 39 -27.49 14.29 32.11
CA ASN PA 39 -26.49 15.35 32.00
C ASN PA 39 -27.08 16.49 31.19
N SER PA 40 -27.01 17.71 31.75
CA SER PA 40 -27.43 18.94 31.09
C SER PA 40 -28.87 18.90 30.63
N ALA PA 41 -29.67 17.95 31.12
CA ALA PA 41 -31.11 17.87 30.88
C ALA PA 41 -31.46 17.83 29.39
N LYS PA 42 -30.63 17.19 28.57
CA LYS PA 42 -30.96 16.94 27.18
C LYS PA 42 -31.89 15.74 27.04
N ASP PA 43 -32.41 15.30 28.18
CA ASP PA 43 -33.19 14.08 28.31
C ASP PA 43 -34.29 14.38 29.33
N ASP PA 44 -34.84 13.33 29.93
CA ASP PA 44 -35.87 13.45 30.96
C ASP PA 44 -35.48 14.46 32.03
N ALA PA 45 -36.25 15.56 32.11
CA ALA PA 45 -36.00 16.58 33.13
C ALA PA 45 -36.63 16.24 34.48
N ALA PA 46 -37.64 15.38 34.49
CA ALA PA 46 -38.22 14.94 35.75
C ALA PA 46 -37.18 14.21 36.60
N GLY PA 47 -36.37 13.37 35.96
CA GLY PA 47 -35.30 12.70 36.69
C GLY PA 47 -34.30 13.67 37.28
N GLN PA 48 -33.94 14.71 36.52
CA GLN PA 48 -33.03 15.73 37.04
C GLN PA 48 -33.62 16.45 38.24
N ALA PA 49 -34.90 16.82 38.15
CA ALA PA 49 -35.56 17.51 39.26
C ALA PA 49 -35.63 16.62 40.50
N ILE PA 50 -35.96 15.34 40.31
CA ILE PA 50 -36.05 14.42 41.44
C ILE PA 50 -34.67 14.19 42.05
N ALA PA 51 -33.63 14.13 41.21
CA ALA PA 51 -32.27 13.99 41.73
C ALA PA 51 -31.86 15.21 42.55
N ASN PA 52 -32.22 16.41 42.07
CA ASN PA 52 -31.93 17.61 42.84
C ASN PA 52 -32.65 17.59 44.19
N ARG PA 53 -33.91 17.18 44.19
CA ARG PA 53 -34.65 17.08 45.45
C ARG PA 53 -34.00 16.07 46.39
N PHE PA 54 -33.58 14.92 45.86
CA PHE PA 54 -32.92 13.91 46.68
C PHE PA 54 -31.62 14.44 47.27
N THR PA 55 -30.83 15.15 46.47
CA THR PA 55 -29.58 15.71 46.98
C THR PA 55 -29.85 16.72 48.09
N SER PA 56 -30.85 17.59 47.91
CA SER PA 56 -31.20 18.55 48.96
C SER PA 56 -31.63 17.84 50.23
N ASN PA 57 -32.46 16.80 50.10
CA ASN PA 57 -32.93 16.07 51.27
C ASN PA 57 -31.77 15.39 51.99
N ILE PA 58 -30.84 14.79 51.24
CA ILE PA 58 -29.71 14.11 51.85
C ILE PA 58 -28.85 15.10 52.61
N LYS PA 59 -28.55 16.25 51.99
CA LYS PA 59 -27.74 17.25 52.67
C LYS PA 59 -28.42 17.74 53.95
N GLY PA 60 -29.72 18.03 53.87
CA GLY PA 60 -30.44 18.48 55.06
C GLY PA 60 -30.44 17.45 56.17
N LEU PA 61 -30.65 16.18 55.81
CA LEU PA 61 -30.67 15.13 56.83
C LEU PA 61 -29.30 14.96 57.48
N THR PA 62 -28.23 15.01 56.68
CA THR PA 62 -26.89 14.88 57.25
C THR PA 62 -26.59 16.03 58.20
N GLN PA 63 -26.92 17.26 57.80
CA GLN PA 63 -26.64 18.40 58.68
C GLN PA 63 -27.50 18.34 59.94
N ALA PA 64 -28.74 17.89 59.81
CA ALA PA 64 -29.59 17.74 61.00
C ALA PA 64 -29.04 16.68 61.93
N ALA PA 65 -28.47 15.60 61.38
CA ALA PA 65 -27.83 14.59 62.22
C ALA PA 65 -26.64 15.18 62.97
N ARG PA 66 -25.85 16.02 62.29
CA ARG PA 66 -24.74 16.69 62.97
C ARG PA 66 -25.24 17.58 64.11
N ASN PA 67 -26.30 18.34 63.87
CA ASN PA 67 -26.86 19.19 64.91
C ASN PA 67 -27.40 18.35 66.08
N ALA PA 68 -28.01 17.21 65.76
CA ALA PA 68 -28.48 16.32 66.82
C ALA PA 68 -27.32 15.81 67.66
N ASN PA 69 -26.21 15.43 67.01
CA ASN PA 69 -25.03 15.00 67.76
C ASN PA 69 -24.54 16.09 68.69
N ASP PA 70 -24.53 17.33 68.21
CA ASP PA 70 -24.25 18.47 69.09
C ASP PA 70 -25.22 18.50 70.27
N GLY PA 71 -26.49 18.14 70.03
CA GLY PA 71 -27.46 18.08 71.10
C GLY PA 71 -27.11 17.04 72.16
N ILE PA 72 -26.70 15.84 71.72
CA ILE PA 72 -26.25 14.83 72.68
C ILE PA 72 -25.05 15.35 73.47
N SER PA 73 -24.13 16.06 72.81
CA SER PA 73 -22.99 16.62 73.52
C SER PA 73 -23.43 17.59 74.62
N VAL PA 74 -24.37 18.48 74.29
CA VAL PA 74 -24.88 19.44 75.27
C VAL PA 74 -25.52 18.70 76.44
N ALA PA 75 -26.35 17.70 76.14
CA ALA PA 75 -27.04 16.96 77.19
C ALA PA 75 -26.06 16.22 78.07
N GLN PA 76 -25.01 15.64 77.49
CA GLN PA 76 -24.01 14.93 78.27
C GLN PA 76 -23.28 15.88 79.22
N THR PA 77 -22.90 17.06 78.73
CA THR PA 77 -22.24 18.04 79.59
C THR PA 77 -23.14 18.44 80.75
N THR PA 78 -24.41 18.74 80.45
CA THR PA 78 -25.34 19.14 81.51
C THR PA 78 -25.56 18.01 82.51
N GLU PA 79 -25.63 16.76 82.03
CA GLU PA 79 -25.81 15.64 82.92
C GLU PA 79 -24.60 15.41 83.81
N GLY PA 80 -23.39 15.66 83.28
CA GLY PA 80 -22.20 15.59 84.13
C GLY PA 80 -22.21 16.63 85.23
N ALA PA 81 -22.57 17.87 84.88
CA ALA PA 81 -22.71 18.89 85.91
C ALA PA 81 -23.76 18.51 86.94
N LEU PA 82 -24.87 17.92 86.49
CA LEU PA 82 -25.92 17.49 87.40
C LEU PA 82 -25.44 16.39 88.33
N SER PA 83 -24.64 15.46 87.80
CA SER PA 83 -24.08 14.40 88.65
C SER PA 83 -23.18 14.98 89.72
N GLU PA 84 -22.34 15.95 89.36
CA GLU PA 84 -21.51 16.61 90.37
C GLU PA 84 -22.36 17.29 91.43
N ILE PA 85 -23.41 18.01 91.00
CA ILE PA 85 -24.29 18.69 91.95
C ILE PA 85 -24.98 17.68 92.87
N ASN PA 86 -25.42 16.55 92.32
CA ASN PA 86 -26.08 15.53 93.13
C ASN PA 86 -25.13 14.92 94.14
N ASN PA 87 -23.87 14.68 93.75
CA ASN PA 87 -22.90 14.18 94.72
C ASN PA 87 -22.67 15.18 95.84
N ASN PA 88 -22.57 16.47 95.50
CA ASN PA 88 -22.43 17.50 96.53
C ASN PA 88 -23.64 17.51 97.47
N LEU PA 89 -24.84 17.39 96.90
CA LEU PA 89 -26.05 17.36 97.71
C LEU PA 89 -26.08 16.15 98.64
N GLN PA 90 -25.65 14.99 98.15
CA GLN PA 90 -25.59 13.80 98.99
C GLN PA 90 -24.63 14.00 100.15
N ARG PA 91 -23.46 14.58 99.88
CA ARG PA 91 -22.51 14.84 100.97
C ARG PA 91 -23.08 15.83 101.98
N ILE PA 92 -23.81 16.85 101.48
CA ILE PA 92 -24.45 17.81 102.38
C ILE PA 92 -25.49 17.11 103.24
N ARG PA 93 -26.24 16.17 102.66
CA ARG PA 93 -27.21 15.40 103.45
C ARG PA 93 -26.52 14.59 104.53
N GLU PA 94 -25.39 13.96 104.19
CA GLU PA 94 -24.65 13.18 105.20
C GLU PA 94 -24.17 14.08 106.33
N LEU PA 95 -23.65 15.26 105.98
CA LEU PA 95 -23.20 16.20 107.01
C LEU PA 95 -24.35 16.67 107.88
N THR PA 96 -25.51 16.93 107.28
CA THR PA 96 -26.68 17.34 108.06
C THR PA 96 -27.12 16.23 109.00
N VAL PA 97 -27.12 14.98 108.53
CA VAL PA 97 -27.48 13.85 109.39
C VAL PA 97 -26.52 13.76 110.56
N GLN PA 98 -25.22 13.94 110.29
CA GLN PA 98 -24.24 13.95 111.38
C GLN PA 98 -24.51 15.09 112.36
N ALA PA 99 -24.88 16.26 111.85
CA ALA PA 99 -25.06 17.44 112.71
C ALA PA 99 -26.32 17.35 113.56
N THR PA 100 -27.36 16.66 113.07
CA THR PA 100 -28.62 16.64 113.79
C THR PA 100 -28.53 15.96 115.16
N THR PA 101 -27.46 15.21 115.43
CA THR PA 101 -27.29 14.60 116.74
C THR PA 101 -27.08 15.68 117.80
N GLY PA 102 -27.79 15.53 118.92
CA GLY PA 102 -27.72 16.51 120.00
C GLY PA 102 -26.47 16.44 120.86
N THR PA 103 -25.64 15.42 120.67
CA THR PA 103 -24.41 15.32 121.45
C THR PA 103 -23.38 16.36 121.01
N ASN PA 104 -23.40 16.75 119.74
CA ASN PA 104 -22.45 17.71 119.21
C ASN PA 104 -22.60 19.06 119.91
N SER PA 105 -21.46 19.74 120.11
CA SER PA 105 -21.43 20.99 120.82
C SER PA 105 -21.56 22.16 119.84
N ASP PA 106 -21.49 23.39 120.38
CA ASP PA 106 -21.65 24.57 119.54
C ASP PA 106 -20.52 24.68 118.51
N SER PA 107 -19.28 24.39 118.93
CA SER PA 107 -18.16 24.46 117.99
C SER PA 107 -18.29 23.42 116.89
N ASP PA 108 -18.71 22.19 117.25
CA ASP PA 108 -18.91 21.16 116.24
C ASP PA 108 -20.02 21.54 115.26
N LEU PA 109 -21.13 22.09 115.78
CA LEU PA 109 -22.21 22.52 114.91
C LEU PA 109 -21.75 23.64 113.98
N ASP PA 110 -20.97 24.59 114.51
CA ASP PA 110 -20.45 25.67 113.67
C ASP PA 110 -19.54 25.14 112.58
N SER PA 111 -18.66 24.19 112.92
CA SER PA 111 -17.76 23.62 111.92
C SER PA 111 -18.56 22.88 110.83
N ILE PA 112 -19.55 22.09 111.23
CA ILE PA 112 -20.35 21.35 110.26
C ILE PA 112 -21.11 22.31 109.35
N GLN PA 113 -21.68 23.37 109.94
CA GLN PA 113 -22.41 24.35 109.13
C GLN PA 113 -21.47 25.12 108.21
N ASP PA 114 -20.24 25.37 108.65
CA ASP PA 114 -19.27 26.03 107.78
C ASP PA 114 -18.93 25.14 106.58
N GLU PA 115 -18.73 23.84 106.83
CA GLU PA 115 -18.47 22.91 105.73
C GLU PA 115 -19.66 22.83 104.77
N ILE PA 116 -20.88 22.79 105.32
CA ILE PA 116 -22.07 22.72 104.50
C ILE PA 116 -22.23 23.99 103.68
N LYS PA 117 -21.97 25.15 104.29
CA LYS PA 117 -22.03 26.42 103.57
C LYS PA 117 -20.99 26.46 102.45
N SER PA 118 -19.80 25.96 102.70
CA SER PA 118 -18.79 25.90 101.65
C SER PA 118 -19.24 25.01 100.50
N ARG PA 119 -19.85 23.87 100.81
CA ARG PA 119 -20.33 23.00 99.74
C ARG PA 119 -21.51 23.60 98.99
N LEU PA 120 -22.37 24.35 99.68
CA LEU PA 120 -23.45 25.06 99.00
C LEU PA 120 -22.88 26.14 98.07
N ASP PA 121 -21.84 26.84 98.53
CA ASP PA 121 -21.17 27.80 97.66
C ASP PA 121 -20.56 27.12 96.45
N GLU PA 122 -20.01 25.91 96.64
CA GLU PA 122 -19.50 25.15 95.51
C GLU PA 122 -20.61 24.78 94.53
N ILE PA 123 -21.78 24.39 95.05
CA ILE PA 123 -22.90 24.06 94.17
C ILE PA 123 -23.31 25.27 93.35
N ASP PA 124 -23.43 26.43 94.02
CA ASP PA 124 -23.80 27.66 93.32
C ASP PA 124 -22.75 28.04 92.30
N ARG PA 125 -21.47 27.89 92.65
CA ARG PA 125 -20.38 28.21 91.72
C ARG PA 125 -20.43 27.31 90.49
N VAL PA 126 -20.63 26.00 90.69
CA VAL PA 126 -20.71 25.07 89.57
C VAL PA 126 -21.89 25.41 88.67
N SER PA 127 -23.05 25.71 89.28
CA SER PA 127 -24.22 26.07 88.49
C SER PA 127 -23.97 27.33 87.68
N GLY PA 128 -23.36 28.34 88.30
CA GLY PA 128 -23.10 29.59 87.59
C GLY PA 128 -22.07 29.45 86.49
N GLN PA 129 -21.01 28.68 86.73
CA GLN PA 129 -19.89 28.59 85.79
C GLN PA 129 -20.07 27.49 84.75
N THR PA 130 -21.08 26.63 84.89
CA THR PA 130 -21.33 25.63 83.86
C THR PA 130 -21.73 26.33 82.57
N GLN PA 131 -21.01 26.03 81.48
CA GLN PA 131 -21.20 26.73 80.22
C GLN PA 131 -20.84 25.82 79.07
N PHE PA 132 -21.62 25.89 78.00
CA PHE PA 132 -21.36 25.15 76.77
C PHE PA 132 -21.46 26.12 75.61
N ASN PA 133 -20.33 26.34 74.92
CA ASN PA 133 -20.28 27.23 73.75
C ASN PA 133 -20.80 28.62 74.08
N GLY PA 134 -20.46 29.12 75.26
CA GLY PA 134 -20.87 30.44 75.67
C GLY PA 134 -22.28 30.55 76.21
N VAL PA 135 -22.97 29.43 76.41
CA VAL PA 135 -24.35 29.42 76.89
C VAL PA 135 -24.38 28.75 78.26
N ASN PA 136 -24.97 29.44 79.23
CA ASN PA 136 -25.11 28.91 80.59
C ASN PA 136 -26.36 28.04 80.63
N VAL PA 137 -26.16 26.72 80.59
CA VAL PA 137 -27.29 25.80 80.54
C VAL PA 137 -28.05 25.78 81.86
N LEU PA 138 -27.32 25.81 82.98
CA LEU PA 138 -27.93 25.66 84.30
C LEU PA 138 -28.34 26.99 84.92
N ALA PA 139 -28.02 28.11 84.29
CA ALA PA 139 -28.36 29.43 84.82
C ALA PA 139 -29.65 29.99 84.23
N LYS PA 140 -30.32 29.27 83.34
CA LYS PA 140 -31.53 29.75 82.71
C LYS PA 140 -32.58 28.65 82.72
N ASP PA 141 -33.85 29.07 82.75
CA ASP PA 141 -34.99 28.17 82.79
C ASP PA 141 -35.71 28.09 81.45
N GLY PA 142 -34.99 28.28 80.35
CA GLY PA 142 -35.57 28.30 79.02
C GLY PA 142 -35.55 26.96 78.32
N SER PA 143 -35.48 27.03 76.99
CA SER PA 143 -35.46 25.82 76.18
C SER PA 143 -34.57 26.04 74.96
N MET PA 144 -34.10 24.94 74.40
CA MET PA 144 -33.28 24.93 73.21
C MET PA 144 -33.96 24.09 72.13
N LYS PA 145 -33.79 24.50 70.88
CA LYS PA 145 -34.42 23.82 69.75
C LYS PA 145 -33.34 23.23 68.85
N ILE PA 146 -33.51 21.97 68.47
CA ILE PA 146 -32.58 21.26 67.60
C ILE PA 146 -33.33 20.86 66.34
N GLN PA 147 -32.76 21.22 65.19
CA GLN PA 147 -33.36 20.88 63.90
C GLN PA 147 -32.99 19.44 63.54
N VAL PA 148 -34.00 18.60 63.33
CA VAL PA 148 -33.79 17.18 63.08
C VAL PA 148 -34.22 16.75 61.68
N GLY PA 149 -35.17 17.44 61.05
CA GLY PA 149 -35.58 17.13 59.70
C GLY PA 149 -34.95 18.05 58.67
N ALA PA 150 -35.38 17.89 57.43
CA ALA PA 150 -34.89 18.71 56.33
C ALA PA 150 -35.77 19.91 56.03
N ASN PA 151 -36.93 20.02 56.67
CA ASN PA 151 -37.84 21.13 56.45
C ASN PA 151 -38.06 21.88 57.78
N ASP PA 152 -38.81 22.97 57.71
CA ASP PA 152 -39.13 23.75 58.89
C ASP PA 152 -40.24 23.11 59.69
N GLY PA 153 -40.13 23.20 61.02
CA GLY PA 153 -41.05 22.56 61.93
C GLY PA 153 -40.57 21.25 62.51
N GLU PA 154 -39.48 20.70 61.98
CA GLU PA 154 -38.90 19.45 62.48
C GLU PA 154 -37.85 19.80 63.54
N THR PA 155 -38.34 20.12 64.74
CA THR PA 155 -37.48 20.52 65.84
C THR PA 155 -37.81 19.70 67.08
N ILE PA 156 -36.78 19.45 67.88
CA ILE PA 156 -36.91 18.81 69.19
C ILE PA 156 -36.45 19.81 70.25
N THR PA 157 -37.24 19.96 71.31
CA THR PA 157 -36.99 20.95 72.33
C THR PA 157 -36.41 20.29 73.58
N ILE PA 158 -35.32 20.86 74.09
CA ILE PA 158 -34.73 20.45 75.36
C ILE PA 158 -35.02 21.55 76.37
N ASP PA 159 -35.66 21.18 77.48
CA ASP PA 159 -36.04 22.13 78.51
C ASP PA 159 -34.96 22.19 79.57
N LEU PA 160 -34.41 23.38 79.79
CA LEU PA 160 -33.41 23.58 80.84
C LEU PA 160 -34.06 24.22 82.05
N LYS PA 161 -33.53 23.92 83.23
CA LYS PA 161 -34.05 24.43 84.48
C LYS PA 161 -32.95 25.21 85.20
N LYS PA 162 -33.34 26.31 85.83
CA LYS PA 162 -32.42 27.13 86.61
C LYS PA 162 -32.18 26.43 87.94
N ILE PA 163 -31.05 25.74 88.04
CA ILE PA 163 -30.71 24.94 89.21
C ILE PA 163 -29.71 25.72 90.05
N ASP PA 164 -30.13 26.10 91.26
CA ASP PA 164 -29.27 26.80 92.20
C ASP PA 164 -29.91 26.70 93.59
N SER PA 165 -29.36 27.47 94.54
CA SER PA 165 -29.92 27.48 95.88
C SER PA 165 -31.31 28.09 95.91
N ASP PA 166 -31.53 29.15 95.12
CA ASP PA 166 -32.81 29.85 95.16
C ASP PA 166 -33.97 28.94 94.76
N THR PA 167 -33.76 28.09 93.75
CA THR PA 167 -34.81 27.20 93.27
C THR PA 167 -34.88 25.88 94.03
N LEU PA 168 -33.95 25.61 94.95
CA LEU PA 168 -33.97 24.38 95.72
C LEU PA 168 -34.02 24.64 97.23
N GLY PA 169 -34.28 25.88 97.64
CA GLY PA 169 -34.35 26.18 99.06
C GLY PA 169 -32.98 26.18 99.69
N LEU PA 170 -32.92 25.73 100.94
CA LEU PA 170 -31.69 25.63 101.73
C LEU PA 170 -30.99 26.98 101.90
N ASN PA 171 -31.68 28.09 101.62
CA ASN PA 171 -31.04 29.40 101.70
C ASN PA 171 -30.55 29.70 103.10
N GLY PA 172 -31.48 29.80 104.05
CA GLY PA 172 -31.11 30.03 105.43
C GLY PA 172 -30.90 28.73 106.19
N PHE PA 173 -29.86 27.99 105.84
CA PHE PA 173 -29.60 26.71 106.48
C PHE PA 173 -28.90 26.97 107.80
N ASN PA 174 -29.67 27.42 108.79
CA ASN PA 174 -29.17 27.93 110.06
C ASN PA 174 -28.96 26.80 111.07
N VAL PA 175 -28.67 25.59 110.59
CA VAL PA 175 -28.58 24.38 111.41
C VAL PA 175 -27.71 24.61 112.64
N ASN PA 176 -26.78 25.57 112.57
CA ASN PA 176 -25.98 25.95 113.73
C ASN PA 176 -26.67 26.95 114.64
N GLY PA 177 -27.99 27.14 114.47
CA GLY PA 177 -28.72 28.12 115.25
C GLY PA 177 -29.09 27.64 116.64
N LYS PA 178 -30.30 27.97 117.07
CA LYS PA 178 -30.76 27.61 118.41
C LYS PA 178 -32.06 26.81 118.36
N GLY PA 179 -32.80 26.96 117.26
CA GLY PA 179 -34.07 26.26 117.17
C GLY PA 179 -35.12 26.87 118.11
N THR PA 180 -36.08 26.04 118.48
CA THR PA 180 -37.13 26.47 119.39
C THR PA 180 -36.54 26.77 120.76
N ILE PA 181 -36.75 27.99 121.24
CA ILE PA 181 -36.20 28.46 122.51
C ILE PA 181 -37.34 28.99 123.36
N THR PA 182 -37.33 28.65 124.65
CA THR PA 182 -38.34 29.12 125.58
C THR PA 182 -38.04 30.56 125.99
N ASN PA 183 -39.06 31.40 125.92
CA ASN PA 183 -38.90 32.81 126.25
C ASN PA 183 -39.08 33.05 127.75
N LYS PA 184 -38.47 34.11 128.23
CA LYS PA 184 -38.57 34.46 129.65
C LYS PA 184 -39.94 35.04 129.97
N ALA PA 185 -40.34 34.91 131.23
CA ALA PA 185 -41.62 35.41 131.67
C ALA PA 185 -41.60 36.94 131.79
N ALA PA 186 -42.76 37.55 131.59
CA ALA PA 186 -42.89 38.99 131.69
C ALA PA 186 -42.82 39.44 133.15
N THR PA 187 -42.46 40.70 133.35
CA THR PA 187 -42.33 41.28 134.68
C THR PA 187 -42.93 42.68 134.69
N VAL PA 188 -42.92 43.29 135.87
CA VAL PA 188 -43.54 44.60 136.02
C VAL PA 188 -42.73 45.68 135.28
N SER PA 189 -41.41 45.56 135.26
CA SER PA 189 -40.59 46.61 134.66
C SER PA 189 -40.88 46.74 133.17
N ASP PA 190 -40.80 45.64 132.42
CA ASP PA 190 -41.11 45.74 130.99
C ASP PA 190 -42.60 45.81 130.74
N LEU PA 191 -43.44 45.38 131.69
CA LEU PA 191 -44.88 45.60 131.55
C LEU PA 191 -45.19 47.10 131.52
N THR PA 192 -44.57 47.87 132.42
CA THR PA 192 -44.74 49.32 132.39
C THR PA 192 -43.99 49.96 131.22
N SER PA 193 -42.85 49.37 130.83
CA SER PA 193 -42.13 49.89 129.67
C SER PA 193 -42.96 49.79 128.40
N ALA PA 194 -43.75 48.72 128.26
CA ALA PA 194 -44.63 48.57 127.10
C ALA PA 194 -45.73 49.62 127.06
N GLY PA 195 -45.97 50.34 128.15
CA GLY PA 195 -46.99 51.37 128.20
C GLY PA 195 -48.18 51.09 129.09
N ALA PA 196 -48.14 50.04 129.91
CA ALA PA 196 -49.26 49.72 130.77
C ALA PA 196 -49.37 50.73 131.90
N LYS PA 197 -50.61 51.14 132.20
CA LYS PA 197 -50.89 52.03 133.31
C LYS PA 197 -51.25 51.22 134.55
N LEU PA 198 -51.30 51.90 135.69
CA LEU PA 198 -51.59 51.27 136.98
C LEU PA 198 -52.98 51.70 137.43
N ASN PA 199 -53.85 50.72 137.69
CA ASN PA 199 -55.21 51.00 138.17
C ASN PA 199 -55.16 51.02 139.69
N THR PA 200 -55.25 52.23 140.27
CA THR PA 200 -55.11 52.36 141.72
C THR PA 200 -56.25 51.71 142.48
N THR PA 201 -57.46 51.69 141.90
CA THR PA 201 -58.59 51.11 142.61
C THR PA 201 -58.46 49.60 142.78
N THR PA 202 -57.74 48.92 141.89
CA THR PA 202 -57.57 47.49 141.95
C THR PA 202 -56.13 47.04 142.10
N GLY PA 203 -55.15 47.88 141.78
CA GLY PA 203 -53.75 47.51 141.88
C GLY PA 203 -53.20 46.77 140.68
N LEU PA 204 -54.03 46.47 139.69
CA LEU PA 204 -53.59 45.75 138.51
C LEU PA 204 -53.00 46.72 137.47
N TYR PA 205 -52.51 46.15 136.38
CA TYR PA 205 -51.92 46.94 135.30
C TYR PA 205 -52.74 46.79 134.03
N ASP PA 206 -53.17 47.91 133.47
CA ASP PA 206 -54.04 47.94 132.31
C ASP PA 206 -53.24 48.26 131.06
N LEU PA 207 -53.35 47.41 130.04
CA LEU PA 207 -52.75 47.64 128.73
C LEU PA 207 -53.86 47.87 127.72
N LYS PA 208 -53.81 49.03 127.06
CA LYS PA 208 -54.81 49.42 126.06
C LYS PA 208 -54.12 49.46 124.70
N THR PA 209 -54.70 48.73 123.74
CA THR PA 209 -54.14 48.62 122.40
C THR PA 209 -55.04 49.38 121.43
N GLU PA 210 -54.60 50.57 121.03
CA GLU PA 210 -55.36 51.36 120.07
C GLU PA 210 -55.21 50.77 118.66
N ASN PA 211 -56.20 51.06 117.82
CA ASN PA 211 -56.22 50.60 116.44
C ASN PA 211 -56.38 51.79 115.51
N THR PA 212 -55.63 51.78 114.41
CA THR PA 212 -55.77 52.82 113.41
C THR PA 212 -57.07 52.64 112.63
N LEU PA 213 -57.75 53.74 112.37
CA LEU PA 213 -59.02 53.69 111.66
C LEU PA 213 -58.81 53.29 110.20
N LEU PA 214 -59.80 52.62 109.63
CA LEU PA 214 -59.70 52.10 108.27
C LEU PA 214 -59.52 53.24 107.27
N THR PA 215 -58.69 53.00 106.25
CA THR PA 215 -58.36 53.99 105.25
C THR PA 215 -58.67 53.46 103.85
N THR PA 216 -58.78 54.40 102.90
CA THR PA 216 -59.15 54.04 101.54
C THR PA 216 -58.10 53.15 100.88
N ASP PA 217 -56.81 53.42 101.13
CA ASP PA 217 -55.77 52.59 100.55
C ASP PA 217 -55.85 51.16 101.08
N ALA PA 218 -56.08 51.00 102.39
CA ALA PA 218 -56.24 49.66 102.95
C ALA PA 218 -57.48 48.97 102.36
N ALA PA 219 -58.56 49.71 102.20
CA ALA PA 219 -59.76 49.14 101.58
C ALA PA 219 -59.47 48.68 100.16
N PHE PA 220 -58.72 49.47 99.39
CA PHE PA 220 -58.38 49.08 98.02
C PHE PA 220 -57.48 47.85 98.02
N ASP PA 221 -56.54 47.76 98.96
CA ASP PA 221 -55.71 46.57 99.06
C ASP PA 221 -56.54 45.34 99.39
N LYS PA 222 -57.55 45.49 100.25
CA LYS PA 222 -58.43 44.40 100.62
C LYS PA 222 -59.55 44.17 99.61
N LEU PA 223 -59.64 44.98 98.57
CA LEU PA 223 -60.70 44.82 97.58
C LEU PA 223 -60.56 43.49 96.84
N GLY PA 224 -61.71 42.93 96.46
CA GLY PA 224 -61.75 41.68 95.73
C GLY PA 224 -62.59 41.80 94.48
N ASN PA 225 -62.72 40.66 93.79
CA ASN PA 225 -63.50 40.62 92.56
C ASN PA 225 -64.98 40.84 92.85
N GLY PA 226 -65.63 41.62 91.99
CA GLY PA 226 -67.04 41.91 92.12
C GLY PA 226 -67.39 42.99 93.12
N ASP PA 227 -66.40 43.63 93.73
CA ASP PA 227 -66.66 44.67 94.71
C ASP PA 227 -67.17 45.94 94.03
N LYS PA 228 -67.96 46.72 94.78
CA LYS PA 228 -68.59 47.92 94.25
C LYS PA 228 -68.14 49.14 95.06
N VAL PA 229 -67.67 50.16 94.37
CA VAL PA 229 -67.25 51.41 94.99
C VAL PA 229 -68.06 52.54 94.38
N THR PA 230 -68.81 53.26 95.20
CA THR PA 230 -69.66 54.36 94.75
C THR PA 230 -69.17 55.64 95.39
N VAL PA 231 -68.57 56.52 94.59
CA VAL PA 231 -68.06 57.80 95.05
C VAL PA 231 -68.61 58.89 94.13
N GLY PA 232 -69.15 59.95 94.74
CA GLY PA 232 -69.72 61.04 93.97
C GLY PA 232 -70.89 60.63 93.09
N GLY PA 233 -71.68 59.65 93.53
CA GLY PA 233 -72.81 59.20 92.76
C GLY PA 233 -72.48 58.32 91.57
N VAL PA 234 -71.22 57.89 91.43
CA VAL PA 234 -70.78 57.07 90.32
C VAL PA 234 -70.34 55.71 90.86
N ASP PA 235 -70.87 54.64 90.26
CA ASP PA 235 -70.60 53.29 90.69
C ASP PA 235 -69.52 52.65 89.82
N TYR PA 236 -68.57 51.98 90.46
CA TYR PA 236 -67.47 51.30 89.78
C TYR PA 236 -67.40 49.87 90.29
N THR PA 237 -67.19 48.93 89.38
CA THR PA 237 -67.09 47.51 89.71
C THR PA 237 -65.65 47.05 89.54
N TYR PA 238 -65.08 46.48 90.59
CA TYR PA 238 -63.70 46.01 90.54
C TYR PA 238 -63.60 44.75 89.70
N ASN PA 239 -62.45 44.59 89.04
CA ASN PA 239 -62.18 43.46 88.18
C ASN PA 239 -60.95 42.72 88.68
N ALA PA 240 -61.03 41.39 88.69
CA ALA PA 240 -59.91 40.58 89.16
C ALA PA 240 -58.79 40.46 88.13
N LYS PA 241 -59.09 40.72 86.85
CA LYS PA 241 -58.08 40.59 85.81
C LYS PA 241 -56.94 41.58 86.01
N SER PA 242 -57.27 42.82 86.36
CA SER PA 242 -56.26 43.85 86.55
C SER PA 242 -56.79 44.89 87.52
N GLY PA 243 -55.89 45.73 88.04
CA GLY PA 243 -56.25 46.74 89.00
C GLY PA 243 -56.97 47.93 88.37
N ASP PA 244 -58.19 47.71 87.89
CA ASP PA 244 -58.97 48.77 87.27
C ASP PA 244 -60.44 48.56 87.59
N PHE PA 245 -61.21 49.64 87.40
CA PHE PA 245 -62.65 49.63 87.65
C PHE PA 245 -63.39 49.72 86.32
N THR PA 246 -64.50 48.99 86.23
CA THR PA 246 -65.41 49.04 85.09
C THR PA 246 -66.69 49.72 85.53
N THR PA 247 -67.10 50.75 84.79
CA THR PA 247 -68.28 51.53 85.12
C THR PA 247 -69.14 51.69 83.88
N THR PA 248 -70.40 52.06 84.09
CA THR PA 248 -71.34 52.31 83.01
C THR PA 248 -71.54 53.81 82.87
N LYS PA 249 -71.20 54.35 81.70
CA LYS PA 249 -71.43 55.76 81.39
C LYS PA 249 -72.59 55.86 80.41
N SER PA 250 -73.63 56.57 80.82
CA SER PA 250 -74.84 56.68 80.02
C SER PA 250 -75.33 58.11 80.04
N THR PA 251 -76.19 58.43 79.07
CA THR PA 251 -76.78 59.75 78.97
C THR PA 251 -77.59 60.10 80.22
N ALA PA 258 -89.03 66.65 77.20
CA ALA PA 258 -88.52 66.57 75.84
C ALA PA 258 -87.84 67.87 75.44
N ALA PA 259 -88.52 68.99 75.66
CA ALA PA 259 -87.99 70.30 75.34
C ALA PA 259 -87.11 70.88 76.44
N ALA PA 260 -86.94 70.16 77.55
CA ALA PA 260 -86.13 70.64 78.67
C ALA PA 260 -84.65 70.41 78.36
N GLN PA 261 -83.80 70.59 79.38
CA GLN PA 261 -82.37 70.45 79.20
C GLN PA 261 -81.93 69.01 78.97
N ALA PA 262 -82.81 68.03 79.17
CA ALA PA 262 -82.42 66.63 79.03
C ALA PA 262 -81.97 66.31 77.62
N ALA PA 263 -82.77 66.69 76.62
CA ALA PA 263 -82.41 66.41 75.23
C ALA PA 263 -81.17 67.17 74.80
N ASP PA 264 -81.03 68.43 75.26
CA ASP PA 264 -79.84 69.20 74.93
C ASP PA 264 -78.60 68.56 75.52
N SER PA 265 -78.68 68.09 76.78
CA SER PA 265 -77.55 67.41 77.40
C SER PA 265 -77.23 66.11 76.68
N ALA PA 266 -78.26 65.38 76.25
CA ALA PA 266 -78.02 64.15 75.49
C ALA PA 266 -77.29 64.43 74.19
N SER PA 267 -77.73 65.46 73.45
CA SER PA 267 -77.06 65.82 72.21
C SER PA 267 -75.63 66.27 72.45
N LYS PA 268 -75.41 67.06 73.50
CA LYS PA 268 -74.06 67.52 73.81
C LYS PA 268 -73.15 66.37 74.18
N ARG PA 269 -73.66 65.41 74.97
CA ARG PA 269 -72.85 64.25 75.34
C ARG PA 269 -72.53 63.39 74.13
N ASP PA 270 -73.49 63.23 73.22
CA ASP PA 270 -73.22 62.48 72.00
C ASP PA 270 -72.16 63.18 71.16
N ALA PA 271 -72.25 64.51 71.05
CA ALA PA 271 -71.24 65.27 70.31
C ALA PA 271 -69.87 65.15 70.96
N LEU PA 272 -69.81 65.19 72.29
CA LEU PA 272 -68.54 65.05 72.98
C LEU PA 272 -67.93 63.67 72.74
N ALA PA 273 -68.77 62.62 72.79
CA ALA PA 273 -68.27 61.28 72.52
C ALA PA 273 -67.76 61.16 71.08
N ALA PA 274 -68.49 61.76 70.13
CA ALA PA 274 -68.04 61.74 68.74
C ALA PA 274 -66.72 62.46 68.57
N THR PA 275 -66.56 63.62 69.22
CA THR PA 275 -65.29 64.35 69.13
C THR PA 275 -64.16 63.55 69.77
N LEU PA 276 -64.43 62.88 70.89
CA LEU PA 276 -63.41 62.06 71.53
C LEU PA 276 -62.98 60.92 70.64
N HIS PA 277 -63.93 60.26 69.97
CA HIS PA 277 -63.60 59.13 69.11
C HIS PA 277 -63.14 59.55 67.72
N ALA PA 278 -63.23 60.84 67.39
CA ALA PA 278 -62.76 61.29 66.08
C ALA PA 278 -61.27 61.00 65.89
N ASP PA 279 -60.47 61.22 66.93
CA ASP PA 279 -59.03 60.98 66.86
C ASP PA 279 -58.77 59.49 67.11
N VAL PA 280 -58.43 58.75 66.06
CA VAL PA 280 -58.11 57.34 66.15
C VAL PA 280 -56.77 57.00 65.52
N GLY PA 281 -55.96 58.02 65.20
CA GLY PA 281 -54.71 57.77 64.52
C GLY PA 281 -54.91 57.27 63.11
N LYS PA 282 -54.63 56.00 62.88
CA LYS PA 282 -54.82 55.38 61.57
C LYS PA 282 -56.24 54.80 61.49
N SER PA 283 -56.52 54.11 60.39
CA SER PA 283 -57.86 53.55 60.19
C SER PA 283 -58.15 52.46 61.21
N VAL PA 284 -59.41 52.43 61.67
CA VAL PA 284 -59.87 51.45 62.65
C VAL PA 284 -61.14 50.79 62.15
N ASN PA 285 -61.47 49.65 62.71
CA ASN PA 285 -62.66 48.90 62.32
C ASN PA 285 -63.80 49.12 63.31
N GLY PA 286 -65.02 49.06 62.80
CA GLY PA 286 -66.20 49.14 63.66
C GLY PA 286 -67.35 48.37 63.04
N SER PA 287 -68.29 47.97 63.89
CA SER PA 287 -69.45 47.19 63.47
C SER PA 287 -70.71 47.86 64.00
N TYR PA 288 -71.56 48.33 63.08
CA TYR PA 288 -72.83 48.96 63.44
C TYR PA 288 -73.96 48.03 63.00
N THR PA 289 -74.81 47.64 63.93
CA THR PA 289 -75.85 46.67 63.65
C THR PA 289 -77.20 47.17 64.16
N THR PA 290 -78.22 46.99 63.34
CA THR PA 290 -79.60 47.23 63.75
C THR PA 290 -80.21 45.92 64.24
N LYS PA 291 -81.53 45.90 64.40
CA LYS PA 291 -82.19 44.71 64.93
C LYS PA 291 -82.08 43.52 63.98
N ASP PA 292 -81.84 43.75 62.69
CA ASP PA 292 -81.80 42.66 61.72
C ASP PA 292 -80.60 42.68 60.78
N GLY PA 293 -79.75 43.71 60.83
CA GLY PA 293 -78.64 43.79 59.90
C GLY PA 293 -77.35 44.18 60.59
N THR PA 294 -76.25 43.90 59.91
CA THR PA 294 -74.90 44.21 60.39
C THR PA 294 -74.10 44.86 59.28
N VAL PA 295 -73.33 45.89 59.63
CA VAL PA 295 -72.45 46.57 58.69
C VAL PA 295 -71.08 46.73 59.33
N SER PA 296 -70.03 46.42 58.58
CA SER PA 296 -68.65 46.63 59.01
C SER PA 296 -68.10 47.84 58.27
N PHE PA 297 -67.62 48.83 59.02
CA PHE PA 297 -67.16 50.09 58.44
C PHE PA 297 -65.78 50.45 58.98
N GLU PA 298 -64.97 51.04 58.11
CA GLU PA 298 -63.62 51.47 58.45
C GLU PA 298 -63.63 52.96 58.78
N THR PA 299 -63.51 53.28 60.05
CA THR PA 299 -63.40 54.68 60.46
C THR PA 299 -62.00 55.21 60.16
N ASP PA 300 -61.94 56.42 59.65
CA ASP PA 300 -60.70 57.07 59.25
C ASP PA 300 -60.32 58.15 60.26
N SER PA 301 -59.16 58.76 60.03
CA SER PA 301 -58.68 59.82 60.91
C SER PA 301 -59.61 61.02 60.87
N ALA PA 302 -59.73 61.69 62.01
CA ALA PA 302 -60.56 62.88 62.22
C ALA PA 302 -62.04 62.62 62.06
N GLY PA 303 -62.45 61.37 61.88
CA GLY PA 303 -63.86 61.03 61.80
C GLY PA 303 -64.36 60.89 60.37
N ASN PA 304 -64.56 59.65 59.92
CA ASN PA 304 -65.10 59.38 58.61
C ASN PA 304 -65.65 57.96 58.58
N ILE PA 305 -66.50 57.69 57.59
CA ILE PA 305 -67.11 56.38 57.39
C ILE PA 305 -66.70 55.87 56.01
N THR PA 306 -66.16 54.66 55.96
CA THR PA 306 -65.70 54.07 54.71
C THR PA 306 -66.03 52.59 54.71
N ILE PA 307 -66.71 52.13 53.65
CA ILE PA 307 -67.07 50.73 53.50
C ILE PA 307 -66.51 50.25 52.17
N GLY PA 308 -65.70 49.20 52.22
CA GLY PA 308 -65.14 48.61 51.02
C GLY PA 308 -64.26 49.55 50.22
N GLY PA 309 -63.49 50.40 50.90
CA GLY PA 309 -62.61 51.32 50.22
C GLY PA 309 -63.27 52.54 49.64
N SER PA 310 -64.56 52.74 49.88
CA SER PA 310 -65.30 53.88 49.35
C SER PA 310 -66.02 54.59 50.48
N GLN PA 311 -66.19 55.90 50.33
CA GLN PA 311 -66.85 56.70 51.34
C GLN PA 311 -68.29 56.25 51.52
N ALA PA 312 -68.73 56.13 52.77
CA ALA PA 312 -70.06 55.66 53.10
C ALA PA 312 -70.89 56.79 53.69
N TYR PA 313 -72.21 56.69 53.49
CA TYR PA 313 -73.16 57.69 53.95
C TYR PA 313 -74.16 57.06 54.90
N VAL PA 314 -74.72 57.88 55.79
CA VAL PA 314 -75.71 57.43 56.76
C VAL PA 314 -77.08 57.91 56.34
N ASP PA 315 -78.06 57.01 56.39
CA ASP PA 315 -79.43 57.37 56.08
C ASP PA 315 -80.01 58.25 57.19
N ASP PA 316 -81.00 59.05 56.82
CA ASP PA 316 -81.65 59.93 57.81
C ASP PA 316 -82.33 59.11 58.90
N ALA PA 317 -82.95 57.98 58.52
CA ALA PA 317 -83.59 57.13 59.50
C ALA PA 317 -82.60 56.35 60.36
N GLY PA 318 -81.35 56.23 59.92
CA GLY PA 318 -80.30 55.60 60.72
C GLY PA 318 -79.54 54.48 60.04
N ASN PA 319 -79.97 54.00 58.88
CA ASN PA 319 -79.24 52.94 58.20
C ASN PA 319 -77.96 53.48 57.56
N LEU PA 320 -77.03 52.57 57.31
CA LEU PA 320 -75.73 52.90 56.75
C LEU PA 320 -75.63 52.37 55.32
N THR PA 321 -75.10 53.20 54.43
CA THR PA 321 -75.02 52.85 53.01
C THR PA 321 -73.75 53.44 52.41
N THR PA 322 -73.37 52.91 51.25
CA THR PA 322 -72.25 53.44 50.49
C THR PA 322 -72.66 54.36 49.34
N ASN PA 323 -73.96 54.53 49.11
CA ASN PA 323 -74.47 55.38 48.04
C ASN PA 323 -75.49 56.35 48.60
N ASN PA 324 -75.44 57.60 48.12
CA ASN PA 324 -76.34 58.63 48.63
C ASN PA 324 -77.65 58.62 47.85
N ALA PA 325 -78.75 58.79 48.58
CA ALA PA 325 -80.08 58.87 48.00
C ALA PA 325 -80.82 60.05 48.60
N GLY PA 326 -81.49 60.83 47.75
CA GLY PA 326 -82.22 61.98 48.22
C GLY PA 326 -81.36 63.16 48.63
N SER PA 327 -80.11 63.21 48.15
CA SER PA 327 -79.18 64.31 48.45
C SER PA 327 -78.99 64.47 49.96
N ALA PA 328 -78.91 63.34 50.66
CA ALA PA 328 -78.71 63.32 52.11
C ALA PA 328 -77.57 62.33 52.41
N ALA PA 329 -76.34 62.83 52.40
CA ALA PA 329 -75.16 61.99 52.62
C ALA PA 329 -74.64 62.10 54.04
N LYS PA 330 -74.31 63.32 54.47
CA LYS PA 330 -73.74 63.62 55.80
C LYS PA 330 -72.76 62.53 56.26
N ALA PA 331 -71.73 62.33 55.43
CA ALA PA 331 -70.73 61.27 55.65
C ALA PA 331 -69.81 61.67 56.79
N ASP PA 332 -70.30 61.51 58.01
CA ASP PA 332 -69.51 61.78 59.20
C ASP PA 332 -69.99 60.87 60.33
N MET PA 333 -69.05 60.47 61.18
CA MET PA 333 -69.41 59.61 62.30
C MET PA 333 -70.24 60.35 63.34
N LYS PA 334 -70.02 61.66 63.50
CA LYS PA 334 -70.89 62.45 64.35
C LYS PA 334 -72.32 62.46 63.82
N ALA PA 335 -72.47 62.61 62.50
CA ALA PA 335 -73.80 62.54 61.89
C ALA PA 335 -74.42 61.17 62.07
N LEU PA 336 -73.61 60.11 61.94
CA LEU PA 336 -74.11 58.76 62.16
C LEU PA 336 -74.62 58.59 63.59
N LEU PA 337 -73.86 59.07 64.56
CA LEU PA 337 -74.28 58.96 65.96
C LEU PA 337 -75.55 59.77 66.21
N LYS PA 338 -75.63 60.98 65.64
CA LYS PA 338 -76.84 61.79 65.82
C LYS PA 338 -78.05 61.11 65.20
N ALA PA 339 -77.89 60.54 64.00
CA ALA PA 339 -79.00 59.84 63.36
C ALA PA 339 -79.43 58.61 64.15
N ALA PA 340 -78.45 57.87 64.70
CA ALA PA 340 -78.79 56.72 65.52
C ALA PA 340 -79.55 57.14 66.79
N SER PA 341 -79.12 58.24 67.41
CA SER PA 341 -79.79 58.73 68.61
C SER PA 341 -81.21 59.20 68.30
N GLU PA 342 -81.40 59.91 67.20
CA GLU PA 342 -82.71 60.47 66.86
C GLU PA 342 -83.58 59.50 66.07
N GLY PA 343 -83.08 58.32 65.74
CA GLY PA 343 -83.86 57.38 64.95
C GLY PA 343 -85.04 56.80 65.70
N SER PA 344 -86.01 56.30 64.93
CA SER PA 344 -87.19 55.68 65.53
C SER PA 344 -86.84 54.39 66.25
N ASP PA 345 -85.87 53.64 65.72
CA ASP PA 345 -85.45 52.37 66.30
C ASP PA 345 -83.97 52.45 66.67
N GLY PA 346 -83.64 51.92 67.86
CA GLY PA 346 -82.27 51.93 68.31
C GLY PA 346 -81.41 50.89 67.63
N ALA PA 347 -80.10 51.07 67.77
CA ALA PA 347 -79.12 50.17 67.18
C ALA PA 347 -77.94 50.02 68.13
N SER PA 348 -77.08 49.05 67.83
CA SER PA 348 -75.89 48.77 68.63
C SER PA 348 -74.65 48.99 67.79
N LEU PA 349 -73.71 49.78 68.32
CA LEU PA 349 -72.48 50.09 67.61
C LEU PA 349 -71.29 49.66 68.47
N THR PA 350 -70.46 48.80 67.92
CA THR PA 350 -69.28 48.27 68.61
C THR PA 350 -68.03 48.79 67.92
N PHE PA 351 -67.15 49.42 68.69
CA PHE PA 351 -65.89 49.93 68.15
C PHE PA 351 -64.82 48.84 68.27
N ASN PA 352 -63.56 49.21 68.10
CA ASN PA 352 -62.47 48.24 68.16
C ASN PA 352 -62.43 47.52 69.51
N GLY PA 353 -62.48 48.28 70.59
CA GLY PA 353 -62.39 47.68 71.92
C GLY PA 353 -63.69 47.62 72.68
N THR PA 354 -64.47 48.70 72.66
CA THR PA 354 -65.68 48.81 73.46
C THR PA 354 -66.93 48.69 72.60
N GLU PA 355 -68.07 48.53 73.28
CA GLU PA 355 -69.38 48.43 72.64
C GLU PA 355 -70.28 49.53 73.18
N TYR PA 356 -71.00 50.19 72.28
CA TYR PA 356 -71.89 51.30 72.63
C TYR PA 356 -73.31 50.92 72.26
N THR PA 357 -74.25 51.18 73.17
CA THR PA 357 -75.66 50.89 72.96
C THR PA 357 -76.43 52.20 72.86
N ILE PA 358 -77.28 52.30 71.84
CA ILE PA 358 -78.07 53.49 71.57
C ILE PA 358 -79.50 53.22 72.03
N ALA PA 359 -79.98 54.01 72.99
CA ALA PA 359 -81.34 53.87 73.47
C ALA PA 359 -82.33 54.42 72.45
N LYS PA 360 -83.48 53.76 72.35
CA LYS PA 360 -84.52 54.17 71.42
C LYS PA 360 -85.13 55.50 71.84
N GLY PA 376 -80.39 58.40 73.74
CA GLY PA 376 -79.22 58.43 74.58
C GLY PA 376 -78.19 57.37 74.22
N ILE PA 377 -76.99 57.50 74.77
CA ILE PA 377 -75.90 56.57 74.51
C ILE PA 377 -75.42 56.01 75.85
N THR PA 378 -75.09 54.71 75.86
CA THR PA 378 -74.51 54.08 77.03
C THR PA 378 -73.35 53.19 76.61
N TYR PA 379 -72.37 53.05 77.50
CA TYR PA 379 -71.18 52.25 77.20
C TYR PA 379 -70.48 51.86 78.49
N GLN PA 380 -69.82 50.71 78.45
CA GLN PA 380 -69.08 50.18 79.59
C GLN PA 380 -67.64 50.71 79.52
N ALA PA 381 -67.41 51.83 80.19
CA ALA PA 381 -66.08 52.42 80.23
C ALA PA 381 -65.23 51.75 81.30
N THR PA 382 -63.90 51.86 81.13
CA THR PA 382 -62.94 51.35 82.10
C THR PA 382 -62.04 52.49 82.54
N VAL PA 383 -61.94 52.67 83.86
CA VAL PA 383 -61.09 53.71 84.44
C VAL PA 383 -60.26 53.07 85.54
N SER PA 384 -58.98 53.45 85.61
CA SER PA 384 -58.07 52.84 86.57
C SER PA 384 -58.48 53.17 87.99
N LYS PA 385 -58.22 52.22 88.90
CA LYS PA 385 -58.57 52.40 90.30
C LYS PA 385 -57.74 53.50 90.97
N ASP PA 386 -56.60 53.87 90.39
CA ASP PA 386 -55.79 54.94 90.96
C ASP PA 386 -56.55 56.26 90.95
N VAL PA 387 -57.24 56.56 89.85
CA VAL PA 387 -58.03 57.79 89.78
C VAL PA 387 -59.14 57.78 90.83
N VAL PA 388 -59.81 56.64 90.99
CA VAL PA 388 -60.91 56.55 91.94
C VAL PA 388 -60.40 56.76 93.36
N LEU PA 389 -59.30 56.09 93.71
CA LEU PA 389 -58.78 56.23 95.07
C LEU PA 389 -58.27 57.64 95.33
N SER PA 390 -57.62 58.26 94.33
CA SER PA 390 -57.13 59.62 94.50
C SER PA 390 -58.28 60.60 94.67
N GLU PA 391 -59.34 60.48 93.87
CA GLU PA 391 -60.47 61.40 93.99
C GLU PA 391 -61.24 61.17 95.28
N THR PA 392 -61.25 59.92 95.78
CA THR PA 392 -61.88 59.66 97.08
C THR PA 392 -61.06 60.27 98.22
N LYS PA 393 -59.73 60.15 98.16
CA LYS PA 393 -58.89 60.61 99.26
C LYS PA 393 -58.78 62.14 99.28
N ALA PA 394 -58.62 62.76 98.11
CA ALA PA 394 -58.35 64.19 98.07
C ALA PA 394 -59.59 65.00 98.44
N ALA PA 395 -60.73 64.65 97.89
CA ALA PA 395 -61.96 65.40 98.09
C ALA PA 395 -62.72 64.90 99.31
N ALA PA 396 -63.50 65.80 99.92
CA ALA PA 396 -64.30 65.48 101.10
C ALA PA 396 -65.67 64.95 100.67
N ALA PA 397 -65.65 63.82 99.98
CA ALA PA 397 -66.86 63.19 99.48
C ALA PA 397 -67.38 62.16 100.48
N THR PA 398 -68.47 61.48 100.12
CA THR PA 398 -69.09 60.44 100.93
C THR PA 398 -69.17 59.18 100.08
N SER PA 399 -68.15 58.34 100.17
CA SER PA 399 -68.06 57.14 99.35
C SER PA 399 -68.64 55.93 100.08
N SER PA 400 -68.99 54.91 99.31
CA SER PA 400 -69.47 53.65 99.84
C SER PA 400 -68.68 52.51 99.20
N ILE PA 401 -68.17 51.61 100.03
CA ILE PA 401 -67.38 50.46 99.56
C ILE PA 401 -68.08 49.20 100.01
N THR PA 402 -68.29 48.27 99.07
CA THR PA 402 -68.99 47.02 99.34
C THR PA 402 -68.03 45.86 99.15
N PHE PA 403 -67.91 45.04 100.18
CA PHE PA 403 -67.13 43.81 100.13
C PHE PA 403 -68.07 42.63 99.98
N ASN PA 404 -67.83 41.83 98.93
CA ASN PA 404 -68.65 40.67 98.60
C ASN PA 404 -67.74 39.46 98.45
N SER PA 405 -68.05 38.39 99.18
CA SER PA 405 -67.37 37.11 99.04
C SER PA 405 -68.11 36.14 98.14
N GLY PA 406 -69.17 36.60 97.47
CA GLY PA 406 -70.06 35.77 96.70
C GLY PA 406 -71.30 35.33 97.46
N VAL PA 407 -71.22 35.28 98.79
CA VAL PA 407 -72.35 34.96 99.64
C VAL PA 407 -72.61 36.06 100.66
N LEU PA 408 -71.55 36.52 101.33
CA LEU PA 408 -71.66 37.50 102.41
C LEU PA 408 -71.30 38.88 101.86
N SER PA 409 -72.10 39.89 102.20
CA SER PA 409 -71.93 41.24 101.69
C SER PA 409 -71.94 42.24 102.83
N LYS PA 410 -71.04 43.21 102.77
CA LYS PA 410 -71.02 44.30 103.76
C LYS PA 410 -70.71 45.62 103.06
N THR PA 411 -71.48 46.66 103.40
CA THR PA 411 -71.31 47.98 102.84
C THR PA 411 -70.84 48.94 103.94
N ILE PA 412 -69.76 49.67 103.66
CA ILE PA 412 -69.16 50.59 104.63
C ILE PA 412 -69.09 51.98 104.02
N GLY PA 413 -69.53 52.99 104.77
CA GLY PA 413 -69.40 54.36 104.33
C GLY PA 413 -68.04 54.95 104.71
N PHE PA 414 -67.54 55.83 103.86
CA PHE PA 414 -66.21 56.40 104.02
C PHE PA 414 -66.26 57.91 103.77
N THR PA 415 -65.63 58.66 104.66
CA THR PA 415 -65.39 60.09 104.44
C THR PA 415 -64.04 60.25 103.75
N ALA PA 416 -63.50 61.47 103.75
CA ALA PA 416 -62.24 61.75 103.04
C ALA PA 416 -61.08 61.13 103.82
N GLY PA 417 -60.89 59.83 103.60
CA GLY PA 417 -59.79 59.10 104.20
C GLY PA 417 -60.15 58.25 105.40
N GLU PA 418 -61.34 58.45 105.98
CA GLU PA 418 -61.79 57.72 107.16
C GLU PA 418 -63.21 57.21 106.93
N SER PA 419 -63.77 56.60 107.97
CA SER PA 419 -65.13 56.08 107.94
C SER PA 419 -66.00 56.90 108.88
N SER PA 420 -67.10 57.45 108.35
CA SER PA 420 -68.00 58.28 109.12
C SER PA 420 -69.42 57.70 109.18
N ASP PA 421 -69.60 56.42 108.85
CA ASP PA 421 -70.90 55.80 108.83
C ASP PA 421 -71.32 55.23 110.18
N ALA PA 422 -70.77 55.74 111.28
CA ALA PA 422 -71.04 55.25 112.62
C ALA PA 422 -70.67 53.77 112.78
N ALA PA 423 -69.65 53.34 112.04
CA ALA PA 423 -69.15 51.98 112.11
C ALA PA 423 -67.72 52.00 112.65
N LYS PA 424 -67.35 50.91 113.34
CA LYS PA 424 -66.05 50.86 113.99
C LYS PA 424 -64.93 50.74 112.95
N SER PA 425 -64.91 49.64 112.21
CA SER PA 425 -64.06 49.47 111.02
C SER PA 425 -62.58 49.71 111.34
N TYR PA 426 -62.03 48.82 112.15
CA TYR PA 426 -60.62 48.85 112.48
C TYR PA 426 -59.93 47.62 111.94
N VAL PA 427 -58.71 47.82 111.43
CA VAL PA 427 -57.99 46.80 110.67
C VAL PA 427 -56.57 46.66 111.21
N ASP PA 428 -56.20 47.52 112.15
CA ASP PA 428 -54.81 47.63 112.58
C ASP PA 428 -54.27 46.36 113.24
N ASP PA 429 -55.14 45.52 113.79
CA ASP PA 429 -54.68 44.38 114.58
C ASP PA 429 -53.83 43.40 113.77
N LYS PA 430 -54.44 42.72 112.80
CA LYS PA 430 -53.70 41.80 111.96
C LYS PA 430 -54.16 41.80 110.50
N GLY PA 431 -55.05 42.71 110.13
CA GLY PA 431 -55.65 42.68 108.82
C GLY PA 431 -57.09 42.19 108.86
N GLY PA 432 -57.89 42.69 107.94
CA GLY PA 432 -59.31 42.41 107.94
C GLY PA 432 -60.07 43.34 108.87
N ILE PA 433 -61.37 43.48 108.59
CA ILE PA 433 -62.22 44.42 109.33
C ILE PA 433 -62.84 43.66 110.49
N THR PA 434 -62.39 43.96 111.70
CA THR PA 434 -62.89 43.31 112.91
C THR PA 434 -63.82 44.22 113.72
N ASN PA 435 -63.98 45.48 113.32
CA ASN PA 435 -64.93 46.44 113.91
C ASN PA 435 -64.91 46.41 115.44
N VAL PA 436 -63.71 46.44 116.01
CA VAL PA 436 -63.52 46.49 117.46
C VAL PA 436 -62.87 47.82 117.81
N ALA PA 437 -63.50 48.56 118.73
CA ALA PA 437 -62.98 49.87 119.13
C ALA PA 437 -61.62 49.73 119.80
N ASP PA 438 -61.59 49.06 120.96
CA ASP PA 438 -60.36 48.88 121.70
C ASP PA 438 -60.59 47.81 122.76
N TYR PA 439 -59.55 47.04 123.06
CA TYR PA 439 -59.59 46.02 124.10
C TYR PA 439 -58.49 46.29 125.10
N THR PA 440 -58.84 46.22 126.39
CA THR PA 440 -57.92 46.47 127.48
C THR PA 440 -57.69 45.16 128.24
N VAL PA 441 -56.43 44.81 128.43
CA VAL PA 441 -56.04 43.59 129.13
C VAL PA 441 -55.46 43.98 130.48
N SER PA 442 -55.97 43.36 131.54
CA SER PA 442 -55.52 43.64 132.90
C SER PA 442 -54.61 42.51 133.38
N TYR PA 443 -53.45 42.88 133.88
CA TYR PA 443 -52.45 41.95 134.39
C TYR PA 443 -52.35 42.10 135.90
N SER PA 444 -52.34 40.98 136.60
CA SER PA 444 -52.15 40.95 138.04
C SER PA 444 -50.71 40.59 138.34
N VAL PA 445 -50.06 41.39 139.19
CA VAL PA 445 -48.65 41.21 139.53
C VAL PA 445 -48.58 40.66 140.94
N ASN PA 446 -47.95 39.49 141.10
CA ASN PA 446 -47.78 38.88 142.40
C ASN PA 446 -46.55 39.48 143.07
N LYS PA 447 -46.77 40.21 144.17
CA LYS PA 447 -45.69 40.87 144.87
C LYS PA 447 -44.78 39.91 145.62
N ASP PA 448 -45.18 38.65 145.77
CA ASP PA 448 -44.35 37.68 146.48
C ASP PA 448 -43.09 37.33 145.68
N ASN PA 449 -43.26 37.06 144.38
CA ASN PA 449 -42.15 36.67 143.53
C ASN PA 449 -41.95 37.55 142.31
N GLY PA 450 -42.94 38.36 141.92
CA GLY PA 450 -42.85 39.20 140.75
C GLY PA 450 -43.45 38.63 139.50
N SER PA 451 -44.07 37.45 139.56
CA SER PA 451 -44.68 36.85 138.39
C SER PA 451 -45.90 37.65 137.95
N VAL PA 452 -46.11 37.72 136.64
CA VAL PA 452 -47.21 38.47 136.04
C VAL PA 452 -48.13 37.49 135.34
N THR PA 453 -49.43 37.55 135.65
CA THR PA 453 -50.44 36.72 135.04
C THR PA 453 -51.51 37.58 134.39
N VAL PA 454 -52.39 36.94 133.63
CA VAL PA 454 -53.47 37.62 132.92
C VAL PA 454 -54.75 37.44 133.72
N ALA PA 455 -55.38 38.55 134.10
CA ALA PA 455 -56.63 38.50 134.87
C ALA PA 455 -57.42 39.76 134.57
N GLY PA 456 -58.45 39.63 133.73
CA GLY PA 456 -59.34 40.74 133.43
C GLY PA 456 -59.29 41.23 132.00
N TYR PA 457 -60.46 41.33 131.38
CA TYR PA 457 -60.58 41.81 130.00
C TYR PA 457 -61.70 42.83 129.93
N ALA PA 458 -61.45 43.96 129.28
CA ALA PA 458 -62.43 45.01 129.11
C ALA PA 458 -62.56 45.35 127.63
N SER PA 459 -63.79 45.57 127.17
CA SER PA 459 -64.02 45.92 125.78
C SER PA 459 -65.12 46.97 125.70
N ALA PA 460 -64.91 47.97 124.84
CA ALA PA 460 -65.92 48.98 124.59
C ALA PA 460 -67.06 48.47 123.72
N THR PA 461 -66.87 47.35 123.05
CA THR PA 461 -67.89 46.68 122.25
C THR PA 461 -68.06 45.25 122.76
N ASP PA 462 -68.96 44.51 122.11
CA ASP PA 462 -69.15 43.11 122.48
C ASP PA 462 -67.90 42.28 122.21
N THR PA 463 -67.39 42.36 120.97
CA THR PA 463 -66.10 41.81 120.57
C THR PA 463 -66.14 40.29 120.54
N ASN PA 464 -67.24 39.69 121.03
CA ASN PA 464 -67.41 38.23 121.08
C ASN PA 464 -66.24 37.55 121.78
N LYS PA 465 -65.54 38.28 122.65
CA LYS PA 465 -64.36 37.78 123.37
C LYS PA 465 -63.33 37.21 122.41
N ASP PA 466 -63.15 37.88 121.27
CA ASP PA 466 -62.19 37.40 120.27
C ASP PA 466 -60.75 37.57 120.77
N TYR PA 467 -60.45 38.70 121.40
CA TYR PA 467 -59.10 38.99 121.87
C TYR PA 467 -58.95 38.84 123.39
N ALA PA 468 -59.78 38.00 124.01
CA ALA PA 468 -59.73 37.82 125.45
C ALA PA 468 -59.04 36.51 125.78
N PRO PA 469 -57.81 36.52 126.27
CA PRO PA 469 -57.17 35.27 126.70
C PRO PA 469 -57.80 34.73 127.97
N ALA PA 470 -57.62 33.43 128.19
CA ALA PA 470 -58.12 32.80 129.40
C ALA PA 470 -57.41 33.38 130.62
N ILE PA 471 -58.19 33.70 131.66
CA ILE PA 471 -57.61 34.28 132.87
C ILE PA 471 -56.79 33.23 133.61
N GLY PA 472 -55.83 33.72 134.41
CA GLY PA 472 -54.96 32.85 135.16
C GLY PA 472 -53.80 32.27 134.38
N THR PA 473 -53.50 32.79 133.20
CA THR PA 473 -52.41 32.30 132.37
C THR PA 473 -51.21 33.22 132.50
N ALA PA 474 -50.07 32.65 132.85
CA ALA PA 474 -48.84 33.43 133.00
C ALA PA 474 -48.39 33.96 131.65
N VAL PA 475 -48.20 35.27 131.55
CA VAL PA 475 -47.80 35.92 130.31
C VAL PA 475 -46.29 36.02 130.26
N ASN PA 476 -45.73 36.00 129.06
CA ASN PA 476 -44.29 36.06 128.83
C ASN PA 476 -43.97 37.20 127.89
N VAL PA 477 -42.70 37.26 127.47
CA VAL PA 477 -42.20 38.29 126.57
C VAL PA 477 -41.70 37.60 125.30
N ASN PA 478 -42.16 38.09 124.15
CA ASN PA 478 -41.77 37.51 122.87
C ASN PA 478 -40.32 37.87 122.55
N SER PA 479 -39.84 37.38 121.40
CA SER PA 479 -38.47 37.65 120.98
C SER PA 479 -38.26 39.13 120.70
N ALA PA 480 -39.26 39.80 120.12
CA ALA PA 480 -39.17 41.21 119.79
C ALA PA 480 -39.45 42.12 120.98
N GLY PA 481 -39.63 41.56 122.17
CA GLY PA 481 -39.90 42.34 123.35
C GLY PA 481 -41.37 42.61 123.62
N LYS PA 482 -42.26 42.15 122.77
CA LYS PA 482 -43.69 42.35 122.98
C LYS PA 482 -44.21 41.44 124.10
N ILE PA 483 -45.37 41.80 124.62
CA ILE PA 483 -46.03 41.04 125.67
C ILE PA 483 -46.97 40.04 125.00
N THR PA 484 -46.66 38.75 125.15
CA THR PA 484 -47.40 37.71 124.46
C THR PA 484 -47.50 36.50 125.38
N THR PA 485 -48.52 35.67 125.15
CA THR PA 485 -48.87 34.61 126.08
C THR PA 485 -48.24 33.25 125.76
N GLU PA 486 -47.94 32.96 124.50
CA GLU PA 486 -47.39 31.65 124.15
C GLU PA 486 -45.89 31.62 124.36
N THR PA 487 -45.38 30.44 124.71
CA THR PA 487 -43.97 30.25 125.02
C THR PA 487 -43.20 29.57 123.91
N THR PA 488 -43.79 29.40 122.73
CA THR PA 488 -43.12 28.71 121.63
C THR PA 488 -41.84 29.42 121.21
N SER PA 489 -41.97 30.65 120.70
CA SER PA 489 -40.84 31.48 120.30
C SER PA 489 -39.89 30.73 119.36
N ALA PA 490 -40.45 30.38 118.20
CA ALA PA 490 -39.68 29.64 117.19
C ALA PA 490 -38.45 30.43 116.77
N GLY PA 491 -37.34 29.72 116.62
CA GLY PA 491 -36.07 30.32 116.28
C GLY PA 491 -35.85 30.41 114.78
N SER PA 492 -34.58 30.48 114.41
CA SER PA 492 -34.18 30.62 113.01
C SER PA 492 -33.64 29.34 112.39
N ALA PA 493 -33.46 28.28 113.18
CA ALA PA 493 -32.93 27.03 112.64
C ALA PA 493 -33.91 26.42 111.65
N THR PA 494 -33.36 25.74 110.64
CA THR PA 494 -34.18 25.13 109.61
C THR PA 494 -35.07 24.04 110.21
N THR PA 495 -36.36 24.06 109.82
CA THR PA 495 -37.31 23.12 110.36
C THR PA 495 -37.02 21.69 109.88
N ASN PA 496 -37.03 21.47 108.57
CA ASN PA 496 -36.85 20.16 107.98
C ASN PA 496 -35.75 20.20 106.93
N PRO PA 497 -34.49 20.29 107.37
CA PRO PA 497 -33.38 20.23 106.39
C PRO PA 497 -33.36 18.93 105.60
N LEU PA 498 -33.72 17.81 106.25
CA LEU PA 498 -33.76 16.54 105.54
C LEU PA 498 -34.82 16.56 104.44
N ALA PA 499 -36.00 17.11 104.74
CA ALA PA 499 -37.05 17.21 103.72
C ALA PA 499 -36.64 18.12 102.58
N ALA PA 500 -36.00 19.26 102.90
CA ALA PA 500 -35.55 20.16 101.84
C ALA PA 500 -34.51 19.50 100.96
N LEU PA 501 -33.55 18.78 101.56
CA LEU PA 501 -32.55 18.08 100.78
C LEU PA 501 -33.17 16.98 99.93
N ASP PA 502 -34.16 16.28 100.48
CA ASP PA 502 -34.85 15.24 99.71
C ASP PA 502 -35.57 15.86 98.51
N ASP PA 503 -36.22 17.00 98.70
CA ASP PA 503 -36.89 17.66 97.57
C ASP PA 503 -35.90 18.10 96.51
N ALA PA 504 -34.76 18.65 96.93
CA ALA PA 504 -33.73 19.06 95.97
C ALA PA 504 -33.20 17.86 95.19
N ILE PA 505 -32.93 16.76 95.89
CA ILE PA 505 -32.42 15.56 95.24
C ILE PA 505 -33.45 15.01 94.26
N SER PA 506 -34.72 15.03 94.65
CA SER PA 506 -35.77 14.55 93.76
C SER PA 506 -35.86 15.40 92.50
N SER PA 507 -35.76 16.73 92.65
CA SER PA 507 -35.79 17.60 91.48
C SER PA 507 -34.60 17.33 90.56
N ILE PA 508 -33.41 17.16 91.14
CA ILE PA 508 -32.23 16.88 90.34
C ILE PA 508 -32.39 15.55 89.60
N ASP PA 509 -32.91 14.53 90.28
CA ASP PA 509 -33.11 13.23 89.65
C ASP PA 509 -34.13 13.31 88.53
N LYS PA 510 -35.21 14.07 88.73
CA LYS PA 510 -36.22 14.22 87.67
C LYS PA 510 -35.63 14.88 86.44
N PHE PA 511 -34.87 15.97 86.64
CA PHE PA 511 -34.29 16.65 85.48
C PHE PA 511 -33.23 15.80 84.79
N ARG PA 512 -32.47 15.02 85.57
CA ARG PA 512 -31.51 14.09 84.98
C ARG PA 512 -32.21 13.03 84.14
N SER PA 513 -33.33 12.49 84.64
CA SER PA 513 -34.09 11.51 83.87
C SER PA 513 -34.65 12.14 82.60
N SER PA 514 -35.11 13.39 82.68
CA SER PA 514 -35.58 14.07 81.49
C SER PA 514 -34.48 14.21 80.45
N LEU PA 515 -33.28 14.60 80.87
CA LEU PA 515 -32.17 14.72 79.94
C LEU PA 515 -31.78 13.36 79.36
N GLY PA 516 -31.82 12.31 80.18
CA GLY PA 516 -31.53 10.98 79.66
C GLY PA 516 -32.53 10.53 78.61
N ALA PA 517 -33.82 10.80 78.85
CA ALA PA 517 -34.83 10.50 77.84
C ALA PA 517 -34.59 11.31 76.57
N ILE PA 518 -34.20 12.57 76.71
CA ILE PA 518 -33.88 13.38 75.55
C ILE PA 518 -32.71 12.78 74.78
N GLN PA 519 -31.68 12.32 75.50
CA GLN PA 519 -30.54 11.70 74.85
C GLN PA 519 -30.95 10.45 74.07
N ASN PA 520 -31.77 9.61 74.69
CA ASN PA 520 -32.23 8.38 74.03
C ASN PA 520 -33.03 8.71 72.77
N ARG PA 521 -33.96 9.66 72.88
CA ARG PA 521 -34.78 10.02 71.73
C ARG PA 521 -33.94 10.66 70.62
N LEU PA 522 -32.92 11.44 70.98
CA LEU PA 522 -32.08 12.06 69.97
C LEU PA 522 -31.18 11.04 69.29
N ASP PA 523 -30.71 10.04 70.03
CA ASP PA 523 -29.96 8.95 69.42
C ASP PA 523 -30.84 8.16 68.45
N SER PA 524 -32.09 7.89 68.84
CA SER PA 524 -33.00 7.22 67.93
C SER PA 524 -33.25 8.07 66.69
N ALA PA 525 -33.38 9.39 66.86
CA ALA PA 525 -33.55 10.28 65.72
C ALA PA 525 -32.34 10.24 64.81
N VAL PA 526 -31.13 10.21 65.38
CA VAL PA 526 -29.91 10.13 64.57
C VAL PA 526 -29.89 8.83 63.76
N THR PA 527 -30.25 7.71 64.39
CA THR PA 527 -30.29 6.45 63.68
C THR PA 527 -31.31 6.48 62.54
N ASN PA 528 -32.50 7.03 62.79
CA ASN PA 528 -33.52 7.14 61.76
C ASN PA 528 -33.04 8.04 60.61
N LEU PA 529 -32.37 9.14 60.95
CA LEU PA 529 -31.86 10.04 59.91
C LEU PA 529 -30.81 9.36 59.06
N ASN PA 530 -29.92 8.58 59.69
CA ASN PA 530 -28.91 7.85 58.93
C ASN PA 530 -29.56 6.84 57.98
N ASN PA 531 -30.57 6.10 58.48
CA ASN PA 531 -31.25 5.14 57.62
C ASN PA 531 -31.96 5.83 56.46
N THR PA 532 -32.62 6.96 56.73
CA THR PA 532 -33.31 7.68 55.67
C THR PA 532 -32.32 8.24 54.64
N THR PA 533 -31.18 8.74 55.11
CA THR PA 533 -30.16 9.23 54.20
C THR PA 533 -29.63 8.11 53.31
N THR PA 534 -29.39 6.93 53.90
CA THR PA 534 -28.95 5.80 53.10
C THR PA 534 -30.00 5.42 52.04
N ASN PA 535 -31.28 5.40 52.44
CA ASN PA 535 -32.33 5.06 51.49
C ASN PA 535 -32.42 6.08 50.36
N LEU PA 536 -32.31 7.37 50.69
CA LEU PA 536 -32.38 8.41 49.67
C LEU PA 536 -31.18 8.35 48.73
N SER PA 537 -29.99 8.03 49.28
CA SER PA 537 -28.82 7.84 48.44
C SER PA 537 -29.00 6.65 47.50
N GLU PA 538 -29.61 5.56 48.00
CA GLU PA 538 -29.90 4.42 47.14
C GLU PA 538 -30.84 4.80 46.01
N ALA PA 539 -31.88 5.59 46.33
CA ALA PA 539 -32.82 6.04 45.30
C ALA PA 539 -32.12 6.91 44.26
N GLN PA 540 -31.26 7.83 44.72
CA GLN PA 540 -30.53 8.68 43.78
C GLN PA 540 -29.60 7.86 42.89
N SER PA 541 -28.95 6.85 43.47
CA SER PA 541 -28.10 5.97 42.67
C SER PA 541 -28.92 5.18 41.66
N ARG PA 542 -30.13 4.76 42.04
CA ARG PA 542 -31.01 4.09 41.10
C ARG PA 542 -31.37 5.01 39.93
N ILE PA 543 -31.66 6.28 40.22
CA ILE PA 543 -32.08 7.21 39.16
C ILE PA 543 -30.89 7.53 38.26
N GLN PA 544 -29.80 7.99 38.83
CA GLN PA 544 -28.61 8.40 38.08
C GLN PA 544 -27.67 7.20 37.91
N ASP PA 545 -26.41 7.45 37.59
CA ASP PA 545 -25.38 6.42 37.47
C ASP PA 545 -25.71 5.42 36.34
N ALA PA 546 -25.67 5.96 35.12
CA ALA PA 546 -25.84 5.17 33.92
C ALA PA 546 -24.92 3.95 33.92
N ASP PA 547 -25.33 2.91 33.17
CA ASP PA 547 -24.63 1.64 33.15
C ASP PA 547 -23.40 1.76 32.25
N TYR PA 548 -22.22 1.82 32.88
CA TYR PA 548 -20.98 2.00 32.14
C TYR PA 548 -20.84 0.96 31.04
N ALA PA 549 -21.25 -0.28 31.29
CA ALA PA 549 -21.23 -1.30 30.25
C ALA PA 549 -22.16 -0.92 29.10
N THR PA 550 -23.34 -0.39 29.43
CA THR PA 550 -24.29 -0.04 28.38
C THR PA 550 -23.74 1.04 27.46
N GLU PA 551 -23.24 2.14 28.04
CA GLU PA 551 -22.68 3.17 27.15
C GLU PA 551 -21.33 2.77 26.53
N VAL PA 552 -20.58 1.85 27.13
CA VAL PA 552 -19.38 1.34 26.45
C VAL PA 552 -19.77 0.57 25.20
N SER PA 553 -20.77 -0.30 25.30
CA SER PA 553 -21.27 -0.98 24.12
C SER PA 553 -21.82 0.02 23.11
N ASN PA 554 -22.52 1.05 23.61
CA ASN PA 554 -23.09 2.06 22.71
C ASN PA 554 -22.00 2.79 21.94
N MET PA 555 -20.92 3.19 22.62
CA MET PA 555 -19.86 3.89 21.91
C MET PA 555 -19.07 2.96 20.99
N SER PA 556 -18.94 1.69 21.35
CA SER PA 556 -18.26 0.74 20.47
C SER PA 556 -19.05 0.58 19.16
N LYS PA 557 -20.36 0.37 19.28
CA LYS PA 557 -21.17 0.25 18.07
C LYS PA 557 -21.22 1.56 17.30
N ALA PA 558 -21.23 2.70 18.00
CA ALA PA 558 -21.23 4.00 17.32
C ALA PA 558 -19.95 4.21 16.54
N GLN PA 559 -18.79 3.86 17.12
CA GLN PA 559 -17.52 4.01 16.42
C GLN PA 559 -17.45 3.05 15.23
N ILE PA 560 -17.94 1.83 15.39
CA ILE PA 560 -17.95 0.89 14.26
C ILE PA 560 -18.82 1.43 13.13
N ILE PA 561 -20.01 1.94 13.47
CA ILE PA 561 -20.89 2.49 12.46
C ILE PA 561 -20.26 3.72 11.81
N GLN PA 562 -19.57 4.55 12.59
CA GLN PA 562 -18.91 5.72 12.04
C GLN PA 562 -17.83 5.33 11.04
N GLN PA 563 -17.01 4.33 11.39
CA GLN PA 563 -15.95 3.89 10.49
C GLN PA 563 -16.53 3.29 9.21
N ALA PA 564 -17.57 2.46 9.34
CA ALA PA 564 -18.21 1.88 8.15
C ALA PA 564 -18.82 2.96 7.28
N GLY PA 565 -19.50 3.93 7.89
CA GLY PA 565 -20.10 5.01 7.13
C GLY PA 565 -19.06 5.90 6.45
N ASN PA 566 -17.91 6.09 7.10
CA ASN PA 566 -16.84 6.88 6.49
C ASN PA 566 -16.22 6.14 5.32
N SER PA 567 -16.07 4.82 5.44
CA SER PA 567 -15.59 4.03 4.30
C SER PA 567 -16.58 4.11 3.14
N VAL PA 568 -17.87 3.99 3.44
CA VAL PA 568 -18.89 4.13 2.39
C VAL PA 568 -18.87 5.54 1.81
N LEU PA 569 -18.62 6.55 2.64
CA LEU PA 569 -18.52 7.92 2.15
C LEU PA 569 -17.35 8.09 1.20
N ALA PA 570 -16.20 7.47 1.53
CA ALA PA 570 -15.08 7.49 0.60
C ALA PA 570 -15.42 6.80 -0.71
N LYS PA 571 -16.10 5.66 -0.64
CA LYS PA 571 -16.49 4.96 -1.85
C LYS PA 571 -17.47 5.79 -2.68
N ALA PA 572 -18.31 6.59 -2.02
CA ALA PA 572 -19.20 7.49 -2.74
C ALA PA 572 -18.43 8.68 -3.32
N ASN PA 573 -17.44 9.20 -2.58
CA ASN PA 573 -16.56 10.23 -3.09
C ASN PA 573 -15.69 9.73 -4.23
N GLN PA 574 -15.64 8.43 -4.44
CA GLN PA 574 -15.18 7.92 -5.73
C GLN PA 574 -16.28 8.21 -6.75
N VAL PA 575 -16.49 9.50 -7.00
CA VAL PA 575 -17.62 10.02 -7.76
C VAL PA 575 -17.44 9.67 -9.24
N PRO PA 576 -18.51 9.74 -10.07
CA PRO PA 576 -18.43 9.15 -11.42
C PRO PA 576 -17.25 9.60 -12.25
N GLN PA 577 -16.34 8.66 -12.54
CA GLN PA 577 -15.22 8.90 -13.43
C GLN PA 577 -15.31 8.12 -14.73
N GLN PA 578 -16.25 7.17 -14.83
CA GLN PA 578 -16.46 6.43 -16.07
C GLN PA 578 -16.93 7.36 -17.19
N VAL PA 579 -17.55 8.48 -16.85
CA VAL PA 579 -17.94 9.46 -17.86
C VAL PA 579 -16.70 10.04 -18.53
N LEU PA 580 -15.63 10.22 -17.77
CA LEU PA 580 -14.38 10.69 -18.36
C LEU PA 580 -13.86 9.70 -19.39
N SER PA 581 -13.93 8.41 -19.08
CA SER PA 581 -13.53 7.38 -20.05
C SER PA 581 -14.45 7.39 -21.27
N LEU PA 582 -15.75 7.57 -21.05
CA LEU PA 582 -16.69 7.62 -22.16
C LEU PA 582 -16.45 8.83 -23.06
N LEU PA 583 -15.85 9.90 -22.50
CA LEU PA 583 -15.64 11.11 -23.29
C LEU PA 583 -14.75 10.86 -24.50
N GLN PA 584 -13.57 10.28 -24.29
CA GLN PA 584 -12.64 10.13 -25.40
C GLN PA 584 -13.05 9.05 -26.40
N GLY PA 585 -14.07 8.26 -26.08
CA GLY PA 585 -14.56 7.26 -27.00
C GLY PA 585 -15.26 7.86 -28.20
N MET QA 1 11.79 -20.84 -8.64
CA MET QA 1 10.79 -19.81 -8.37
C MET QA 1 10.37 -19.13 -9.66
N ALA QA 2 11.23 -18.26 -10.20
CA ALA QA 2 10.90 -17.53 -11.41
C ALA QA 2 10.62 -18.45 -12.59
N GLN QA 3 11.10 -19.69 -12.54
CA GLN QA 3 10.89 -20.60 -13.66
C GLN QA 3 9.54 -21.31 -13.56
N VAL QA 4 9.17 -21.77 -12.37
CA VAL QA 4 8.04 -22.66 -12.18
C VAL QA 4 7.09 -22.07 -11.13
N ILE QA 5 5.80 -22.23 -11.35
CA ILE QA 5 4.79 -21.83 -10.37
C ILE QA 5 3.89 -22.97 -9.93
N ASN QA 6 3.89 -24.10 -10.64
CA ASN QA 6 2.94 -25.17 -10.32
C ASN QA 6 3.31 -25.91 -9.05
N THR QA 7 4.58 -25.90 -8.66
CA THR QA 7 5.04 -26.51 -7.42
C THR QA 7 5.93 -25.52 -6.68
N ASN QA 8 6.13 -25.78 -5.38
CA ASN QA 8 6.97 -24.92 -4.54
C ASN QA 8 7.79 -25.82 -3.62
N SER QA 9 9.04 -26.06 -4.01
CA SER QA 9 9.94 -26.86 -3.18
C SER QA 9 10.15 -26.22 -1.81
N LEU QA 10 10.30 -24.90 -1.78
CA LEU QA 10 10.49 -24.21 -0.50
C LEU QA 10 9.29 -24.42 0.41
N SER QA 11 8.07 -24.30 -0.14
CA SER QA 11 6.87 -24.50 0.67
C SER QA 11 6.77 -25.93 1.16
N LEU QA 12 7.07 -26.91 0.29
CA LEU QA 12 7.00 -28.31 0.71
C LEU QA 12 8.00 -28.61 1.82
N ILE QA 13 9.24 -28.14 1.66
CA ILE QA 13 10.27 -28.38 2.68
C ILE QA 13 9.90 -27.67 3.98
N THR QA 14 9.37 -26.46 3.88
CA THR QA 14 8.96 -25.74 5.08
C THR QA 14 7.83 -26.45 5.80
N GLN QA 15 6.86 -26.98 5.06
CA GLN QA 15 5.77 -27.73 5.68
C GLN QA 15 6.30 -28.99 6.36
N ASN QA 16 7.24 -29.68 5.71
CA ASN QA 16 7.81 -30.88 6.31
C ASN QA 16 8.55 -30.54 7.61
N ASN QA 17 9.33 -29.45 7.60
CA ASN QA 17 10.06 -29.04 8.79
C ASN QA 17 9.11 -28.61 9.89
N ILE QA 18 8.02 -27.92 9.53
CA ILE QA 18 7.03 -27.50 10.52
C ILE QA 18 6.35 -28.70 11.15
N ASN QA 19 6.04 -29.71 10.34
CA ASN QA 19 5.46 -30.94 10.90
C ASN QA 19 6.45 -31.64 11.84
N LYS QA 20 7.72 -31.71 11.44
CA LYS QA 20 8.72 -32.33 12.29
C LYS QA 20 8.86 -31.60 13.63
N ASN QA 21 8.86 -30.27 13.60
CA ASN QA 21 8.93 -29.50 14.84
C ASN QA 21 7.66 -29.63 15.66
N GLN QA 22 6.50 -29.69 14.99
CA GLN QA 22 5.23 -29.80 15.69
C GLN QA 22 5.10 -31.14 16.41
N SER QA 23 5.69 -32.20 15.85
CA SER QA 23 5.69 -33.48 16.56
C SER QA 23 6.35 -33.34 17.92
N ALA QA 24 7.56 -32.76 17.96
CA ALA QA 24 8.26 -32.57 19.22
C ALA QA 24 7.54 -31.58 20.13
N LEU QA 25 6.93 -30.54 19.55
CA LEU QA 25 6.18 -29.58 20.35
C LEU QA 25 5.00 -30.25 21.05
N SER QA 26 4.25 -31.07 20.32
CA SER QA 26 3.13 -31.80 20.92
C SER QA 26 3.62 -32.78 21.97
N SER QA 27 4.74 -33.46 21.70
CA SER QA 27 5.28 -34.39 22.68
C SER QA 27 5.66 -33.67 23.98
N SER QA 28 6.32 -32.52 23.86
CA SER QA 28 6.72 -31.76 25.04
C SER QA 28 5.50 -31.23 25.79
N ILE QA 29 4.49 -30.74 25.05
CA ILE QA 29 3.28 -30.23 25.69
C ILE QA 29 2.58 -31.34 26.47
N GLU QA 30 2.44 -32.51 25.85
CA GLU QA 30 1.81 -33.64 26.54
C GLU QA 30 2.61 -34.07 27.75
N ARG QA 31 3.94 -34.10 27.62
CA ARG QA 31 4.78 -34.51 28.75
C ARG QA 31 4.63 -33.55 29.92
N LEU QA 32 4.62 -32.24 29.64
CA LEU QA 32 4.47 -31.26 30.72
C LEU QA 32 3.07 -31.30 31.32
N SER QA 33 2.04 -31.52 30.49
CA SER QA 33 0.68 -31.60 31.01
C SER QA 33 0.52 -32.81 31.92
N SER QA 34 1.11 -33.94 31.54
CA SER QA 34 0.96 -35.16 32.36
C SER QA 34 1.85 -35.13 33.60
N GLY QA 35 3.05 -34.57 33.49
CA GLY QA 35 3.99 -34.62 34.60
C GLY QA 35 4.74 -35.91 34.74
N LEU QA 36 4.70 -36.77 33.72
CA LEU QA 36 5.37 -38.07 33.75
C LEU QA 36 6.35 -38.17 32.60
N ARG QA 37 7.55 -38.69 32.90
CA ARG QA 37 8.55 -38.89 31.85
C ARG QA 37 8.09 -39.89 30.82
N ILE QA 38 7.49 -41.00 31.28
CA ILE QA 38 6.97 -42.04 30.40
C ILE QA 38 5.45 -41.91 30.36
N ASN QA 39 4.92 -41.61 29.18
CA ASN QA 39 3.48 -41.46 28.99
C ASN QA 39 3.03 -42.30 27.81
N SER QA 40 2.05 -43.17 28.04
CA SER QA 40 1.42 -44.00 27.02
C SER QA 40 2.40 -44.88 26.27
N ALA QA 41 3.62 -45.04 26.78
CA ALA QA 41 4.63 -45.94 26.24
C ALA QA 41 4.93 -45.67 24.76
N LYS QA 42 4.93 -44.41 24.34
CA LYS QA 42 5.41 -44.04 23.01
C LYS QA 42 6.93 -43.97 22.99
N ASP QA 43 7.54 -44.45 24.07
CA ASP QA 43 8.98 -44.36 24.32
C ASP QA 43 9.39 -45.67 24.96
N ASP QA 44 10.51 -45.66 25.68
CA ASP QA 44 11.01 -46.85 26.38
C ASP QA 44 9.92 -47.53 27.21
N ALA QA 45 9.58 -48.77 26.83
CA ALA QA 45 8.58 -49.55 27.55
C ALA QA 45 9.16 -50.25 28.77
N ALA QA 46 10.47 -50.48 28.80
CA ALA QA 46 11.09 -51.09 29.97
C ALA QA 46 10.91 -50.20 31.19
N GLY QA 47 11.06 -48.89 31.02
CA GLY QA 47 10.83 -47.98 32.14
C GLY QA 47 9.39 -48.04 32.64
N GLN QA 48 8.43 -48.12 31.72
CA GLN QA 48 7.03 -48.24 32.12
C GLN QA 48 6.78 -49.53 32.90
N ALA QA 49 7.34 -50.64 32.42
CA ALA QA 49 7.15 -51.91 33.11
C ALA QA 49 7.79 -51.88 34.50
N ILE QA 50 8.99 -51.30 34.61
CA ILE QA 50 9.66 -51.23 35.91
C ILE QA 50 8.89 -50.31 36.85
N ALA QA 51 8.31 -49.22 36.32
CA ALA QA 51 7.51 -48.34 37.15
C ALA QA 51 6.26 -49.04 37.65
N ASN QA 52 5.61 -49.84 36.79
CA ASN QA 52 4.46 -50.62 37.23
C ASN QA 52 4.84 -51.60 38.34
N ARG QA 53 5.99 -52.28 38.17
CA ARG QA 53 6.44 -53.20 39.21
C ARG QA 53 6.73 -52.47 40.52
N PHE QA 54 7.35 -51.29 40.43
CA PHE QA 54 7.63 -50.51 41.64
C PHE QA 54 6.34 -50.09 42.34
N THR QA 55 5.34 -49.65 41.56
CA THR QA 55 4.07 -49.25 42.16
C THR QA 55 3.39 -50.44 42.85
N SER QA 56 3.40 -51.60 42.19
CA SER QA 56 2.82 -52.80 42.80
C SER QA 56 3.53 -53.15 44.11
N ASN QA 57 4.87 -53.10 44.10
CA ASN QA 57 5.63 -53.41 45.30
C ASN QA 57 5.33 -52.43 46.42
N ILE QA 58 5.24 -51.14 46.10
CA ILE QA 58 4.97 -50.12 47.11
C ILE QA 58 3.60 -50.34 47.74
N LYS QA 59 2.59 -50.59 46.90
CA LYS QA 59 1.24 -50.84 47.43
C LYS QA 59 1.22 -52.07 48.33
N GLY QA 60 1.86 -53.16 47.87
CA GLY QA 60 1.90 -54.36 48.68
C GLY QA 60 2.59 -54.15 50.02
N LEU QA 61 3.72 -53.43 50.01
CA LEU QA 61 4.45 -53.19 51.25
C LEU QA 61 3.63 -52.33 52.21
N THR QA 62 2.95 -51.30 51.69
CA THR QA 62 2.13 -50.45 52.55
C THR QA 62 0.99 -51.25 53.19
N GLN QA 63 0.32 -52.08 52.39
CA GLN QA 63 -0.78 -52.86 52.95
C GLN QA 63 -0.26 -53.90 53.95
N ALA QA 64 0.92 -54.47 53.68
CA ALA QA 64 1.51 -55.40 54.63
C ALA QA 64 1.87 -54.71 55.94
N ALA QA 65 2.34 -53.46 55.87
CA ALA QA 65 2.60 -52.69 57.08
C ALA QA 65 1.32 -52.46 57.87
N ARG QA 66 0.21 -52.16 57.16
CA ARG QA 66 -1.08 -52.02 57.84
C ARG QA 66 -1.48 -53.32 58.53
N ASN QA 67 -1.29 -54.45 57.84
CA ASN QA 67 -1.60 -55.75 58.44
C ASN QA 67 -0.75 -56.01 59.68
N ALA QA 68 0.53 -55.64 59.61
CA ALA QA 68 1.41 -55.81 60.78
C ALA QA 68 0.94 -54.95 61.94
N ASN QA 69 0.49 -53.72 61.66
CA ASN QA 69 -0.06 -52.88 62.71
C ASN QA 69 -1.28 -53.53 63.36
N ASP QA 70 -2.16 -54.11 62.54
CA ASP QA 70 -3.31 -54.82 63.09
C ASP QA 70 -2.87 -55.99 63.98
N GLY QA 71 -1.84 -56.72 63.54
CA GLY QA 71 -1.32 -57.81 64.35
C GLY QA 71 -0.76 -57.32 65.67
N ILE QA 72 -0.06 -56.19 65.65
CA ILE QA 72 0.46 -55.59 66.88
C ILE QA 72 -0.69 -55.24 67.83
N SER QA 73 -1.77 -54.68 67.29
CA SER QA 73 -2.92 -54.37 68.13
C SER QA 73 -3.51 -55.64 68.76
N VAL QA 74 -3.60 -56.71 67.96
CA VAL QA 74 -4.11 -57.98 68.48
C VAL QA 74 -3.24 -58.48 69.62
N ALA QA 75 -1.92 -58.45 69.41
CA ALA QA 75 -0.99 -58.91 70.43
C ALA QA 75 -1.09 -58.07 71.70
N GLN QA 76 -1.26 -56.75 71.53
CA GLN QA 76 -1.40 -55.87 72.70
C GLN QA 76 -2.65 -56.23 73.50
N THR QA 77 -3.76 -56.46 72.82
CA THR QA 77 -5.00 -56.84 73.52
C THR QA 77 -4.82 -58.15 74.27
N THR QA 78 -4.20 -59.14 73.60
CA THR QA 78 -3.99 -60.43 74.25
C THR QA 78 -3.06 -60.30 75.45
N GLU QA 79 -2.02 -59.46 75.34
CA GLU QA 79 -1.11 -59.25 76.46
C GLU QA 79 -1.82 -58.55 77.63
N GLY QA 80 -2.74 -57.63 77.34
CA GLY QA 80 -3.51 -57.02 78.41
C GLY QA 80 -4.38 -58.03 79.15
N ALA QA 81 -5.07 -58.89 78.39
CA ALA QA 81 -5.85 -59.94 79.02
C ALA QA 81 -4.95 -60.86 79.86
N LEU QA 82 -3.76 -61.17 79.34
CA LEU QA 82 -2.82 -62.00 80.08
C LEU QA 82 -2.37 -61.33 81.37
N SER QA 83 -2.14 -60.02 81.34
CA SER QA 83 -1.77 -59.30 82.55
C SER QA 83 -2.88 -59.36 83.59
N GLU QA 84 -4.13 -59.21 83.15
CA GLU QA 84 -5.24 -59.33 84.09
C GLU QA 84 -5.30 -60.74 84.70
N ILE QA 85 -5.12 -61.76 83.86
CA ILE QA 85 -5.14 -63.14 84.34
C ILE QA 85 -4.01 -63.37 85.34
N ASN QA 86 -2.83 -62.83 85.05
CA ASN QA 86 -1.69 -63.01 85.94
C ASN QA 86 -1.92 -62.32 87.28
N ASN QA 87 -2.52 -61.12 87.27
CA ASN QA 87 -2.84 -60.46 88.52
C ASN QA 87 -3.84 -61.27 89.34
N ASN QA 88 -4.85 -61.83 88.68
CA ASN QA 88 -5.80 -62.69 89.39
C ASN QA 88 -5.11 -63.92 89.97
N LEU QA 89 -4.19 -64.52 89.21
CA LEU QA 89 -3.46 -65.68 89.70
C LEU QA 89 -2.59 -65.33 90.90
N GLN QA 90 -1.96 -64.16 90.88
CA GLN QA 90 -1.15 -63.72 92.02
C GLN QA 90 -2.02 -63.54 93.26
N ARG QA 91 -3.21 -62.94 93.10
CA ARG QA 91 -4.10 -62.80 94.24
C ARG QA 91 -4.56 -64.15 94.77
N ILE QA 92 -4.82 -65.09 93.85
CA ILE QA 92 -5.19 -66.45 94.27
C ILE QA 92 -4.06 -67.11 95.04
N ARG QA 93 -2.81 -66.89 94.60
CA ARG QA 93 -1.67 -67.42 95.34
C ARG QA 93 -1.59 -66.82 96.73
N GLU QA 94 -1.81 -65.51 96.86
CA GLU QA 94 -1.78 -64.89 98.18
C GLU QA 94 -2.87 -65.47 99.08
N LEU QA 95 -4.08 -65.65 98.54
CA LEU QA 95 -5.16 -66.24 99.32
C LEU QA 95 -4.84 -67.66 99.74
N THR QA 96 -4.23 -68.44 98.84
CA THR QA 96 -3.84 -69.81 99.19
C THR QA 96 -2.79 -69.82 100.29
N VAL QA 97 -1.81 -68.91 100.21
CA VAL QA 97 -0.79 -68.83 101.25
C VAL QA 97 -1.43 -68.48 102.59
N GLN QA 98 -2.39 -67.57 102.58
CA GLN QA 98 -3.11 -67.24 103.81
C GLN QA 98 -3.88 -68.45 104.34
N ALA QA 99 -4.49 -69.23 103.44
CA ALA QA 99 -5.33 -70.35 103.86
C ALA QA 99 -4.51 -71.52 104.39
N THR QA 100 -3.28 -71.70 103.90
CA THR QA 100 -2.50 -72.87 104.30
C THR QA 100 -2.16 -72.88 105.79
N THR QA 101 -2.30 -71.76 106.49
CA THR QA 101 -2.06 -71.75 107.93
C THR QA 101 -3.08 -72.61 108.65
N GLY QA 102 -2.60 -73.43 109.58
CA GLY QA 102 -3.46 -74.33 110.32
C GLY QA 102 -4.29 -73.70 111.42
N THR QA 103 -4.05 -72.41 111.73
CA THR QA 103 -4.84 -71.74 112.76
C THR QA 103 -6.25 -71.46 112.27
N ASN QA 104 -6.43 -71.25 110.97
CA ASN QA 104 -7.74 -70.93 110.42
C ASN QA 104 -8.72 -72.08 110.66
N SER QA 105 -9.98 -71.73 110.90
CA SER QA 105 -11.01 -72.69 111.22
C SER QA 105 -11.73 -73.12 109.94
N ASP QA 106 -12.74 -73.99 110.10
CA ASP QA 106 -13.48 -74.50 108.94
C ASP QA 106 -14.20 -73.37 108.21
N SER QA 107 -14.83 -72.46 108.95
CA SER QA 107 -15.54 -71.35 108.31
C SER QA 107 -14.58 -70.45 107.55
N ASP QA 108 -13.42 -70.16 108.15
CA ASP QA 108 -12.42 -69.33 107.47
C ASP QA 108 -11.92 -70.01 106.20
N LEU QA 109 -11.64 -71.32 106.28
CA LEU QA 109 -11.20 -72.04 105.09
C LEU QA 109 -12.28 -72.04 104.01
N ASP QA 110 -13.54 -72.22 104.41
CA ASP QA 110 -14.63 -72.20 103.44
C ASP QA 110 -14.75 -70.83 102.77
N SER QA 111 -14.64 -69.76 103.55
CA SER QA 111 -14.71 -68.41 102.98
C SER QA 111 -13.55 -68.16 102.01
N ILE QA 112 -12.34 -68.56 102.40
CA ILE QA 112 -11.18 -68.35 101.52
C ILE QA 112 -11.33 -69.14 100.24
N GLN QA 113 -11.80 -70.39 100.35
CA GLN QA 113 -12.00 -71.20 99.15
C GLN QA 113 -13.12 -70.66 98.28
N ASP QA 114 -14.16 -70.07 98.89
CA ASP QA 114 -15.21 -69.44 98.10
C ASP QA 114 -14.67 -68.24 97.33
N GLU QA 115 -13.84 -67.42 97.98
CA GLU QA 115 -13.23 -66.29 97.28
C GLU QA 115 -12.32 -66.77 96.15
N ILE QA 116 -11.54 -67.83 96.39
CA ILE QA 116 -10.65 -68.35 95.38
C ILE QA 116 -11.44 -68.92 94.20
N LYS QA 117 -12.53 -69.64 94.50
CA LYS QA 117 -13.40 -70.16 93.45
C LYS QA 117 -14.03 -69.05 92.63
N SER QA 118 -14.45 -67.96 93.30
CA SER QA 118 -14.99 -66.82 92.57
C SER QA 118 -13.95 -66.21 91.65
N ARG QA 119 -12.70 -66.08 92.13
CA ARG QA 119 -11.66 -65.52 91.28
C ARG QA 119 -11.29 -66.47 90.13
N LEU QA 120 -11.35 -67.77 90.36
CA LEU QA 120 -11.15 -68.73 89.26
C LEU QA 120 -12.25 -68.62 88.22
N ASP QA 121 -13.50 -68.45 88.67
CA ASP QA 121 -14.59 -68.22 87.75
C ASP QA 121 -14.40 -66.92 86.97
N GLU QA 122 -13.87 -65.89 87.64
CA GLU QA 122 -13.56 -64.64 86.95
C GLU QA 122 -12.50 -64.86 85.87
N ILE QA 123 -11.47 -65.64 86.19
CA ILE QA 123 -10.42 -65.94 85.21
C ILE QA 123 -11.01 -66.67 84.02
N ASP QA 124 -11.85 -67.68 84.28
CA ASP QA 124 -12.47 -68.43 83.19
C ASP QA 124 -13.36 -67.53 82.34
N ARG QA 125 -14.12 -66.64 82.98
CA ARG QA 125 -14.97 -65.70 82.25
C ARG QA 125 -14.15 -64.77 81.38
N VAL QA 126 -13.04 -64.25 81.92
CA VAL QA 126 -12.18 -63.36 81.13
C VAL QA 126 -11.60 -64.10 79.93
N SER QA 127 -11.13 -65.33 80.15
CA SER QA 127 -10.58 -66.12 79.05
C SER QA 127 -11.63 -66.40 77.98
N GLY QA 128 -12.85 -66.74 78.41
CA GLY QA 128 -13.89 -67.04 77.44
C GLY QA 128 -14.35 -65.83 76.66
N GLN QA 129 -14.48 -64.68 77.34
CA GLN QA 129 -15.03 -63.48 76.72
C GLN QA 129 -13.97 -62.62 76.05
N THR QA 130 -12.68 -62.92 76.20
CA THR QA 130 -11.66 -62.18 75.48
C THR QA 130 -11.81 -62.43 73.99
N GLN QA 131 -11.99 -61.35 73.23
CA GLN QA 131 -12.30 -61.45 71.82
C GLN QA 131 -11.79 -60.21 71.10
N PHE QA 132 -11.25 -60.42 69.90
CA PHE QA 132 -10.83 -59.32 69.02
C PHE QA 132 -11.39 -59.60 67.63
N ASN QA 133 -12.24 -58.69 67.14
CA ASN QA 133 -12.83 -58.79 65.80
C ASN QA 133 -13.55 -60.12 65.61
N GLY QA 134 -14.26 -60.56 66.64
CA GLY QA 134 -15.01 -61.80 66.57
C GLY QA 134 -14.20 -63.07 66.71
N VAL QA 135 -12.93 -62.97 67.07
CA VAL QA 135 -12.04 -64.13 67.21
C VAL QA 135 -11.63 -64.26 68.66
N ASN QA 136 -11.84 -65.44 69.24
CA ASN QA 136 -11.45 -65.72 70.62
C ASN QA 136 -9.99 -66.13 70.64
N VAL QA 137 -9.12 -65.20 71.02
CA VAL QA 137 -7.68 -65.45 70.99
C VAL QA 137 -7.27 -66.46 72.06
N LEU QA 138 -7.85 -66.34 73.26
CA LEU QA 138 -7.45 -67.17 74.39
C LEU QA 138 -8.25 -68.47 74.50
N ALA QA 139 -9.26 -68.67 73.65
CA ALA QA 139 -10.07 -69.88 73.70
C ALA QA 139 -9.61 -70.95 72.71
N LYS QA 140 -8.56 -70.68 71.94
CA LYS QA 140 -8.09 -71.62 70.93
C LYS QA 140 -6.58 -71.74 71.02
N ASP QA 141 -6.07 -72.92 70.64
CA ASP QA 141 -4.64 -73.23 70.68
C ASP QA 141 -4.02 -73.22 69.29
N GLY QA 142 -4.55 -72.41 68.38
CA GLY QA 142 -4.08 -72.38 67.00
C GLY QA 142 -3.04 -71.32 66.75
N SER QA 143 -3.04 -70.80 65.52
CA SER QA 143 -2.08 -69.79 65.12
C SER QA 143 -2.72 -68.86 64.10
N MET QA 144 -2.15 -67.66 64.00
CA MET QA 144 -2.58 -66.66 63.04
C MET QA 144 -1.41 -66.27 62.15
N LYS QA 145 -1.71 -65.95 60.90
CA LYS QA 145 -0.70 -65.60 59.91
C LYS QA 145 -0.88 -64.16 59.49
N ILE QA 146 0.22 -63.40 59.47
CA ILE QA 146 0.21 -62.00 59.06
C ILE QA 146 1.10 -61.85 57.83
N GLN QA 147 0.55 -61.24 56.79
CA GLN QA 147 1.29 -61.00 55.56
C GLN QA 147 2.18 -59.77 55.73
N VAL QA 148 3.48 -59.96 55.55
CA VAL QA 148 4.45 -58.89 55.77
C VAL QA 148 5.16 -58.45 54.49
N GLY QA 149 5.28 -59.31 53.48
CA GLY QA 149 5.89 -58.95 52.22
C GLY QA 149 4.85 -58.69 51.14
N ALA QA 150 5.36 -58.48 49.92
CA ALA QA 150 4.52 -58.22 48.76
C ALA QA 150 4.21 -59.46 47.94
N ASN QA 151 4.84 -60.59 48.24
CA ASN QA 151 4.65 -61.83 47.50
C ASN QA 151 4.11 -62.91 48.43
N ASP QA 152 3.83 -64.08 47.87
CA ASP QA 152 3.35 -65.21 48.64
C ASP QA 152 4.48 -65.87 49.42
N GLY QA 153 4.18 -66.29 50.64
CA GLY QA 153 5.15 -66.91 51.52
C GLY QA 153 5.76 -65.98 52.54
N GLU QA 154 5.54 -64.67 52.43
CA GLU QA 154 6.06 -63.70 53.39
C GLU QA 154 5.03 -63.53 54.50
N THR QA 155 5.03 -64.49 55.42
CA THR QA 155 4.09 -64.50 56.54
C THR QA 155 4.83 -64.70 57.85
N ILE QA 156 4.29 -64.09 58.90
CA ILE QA 156 4.75 -64.30 60.27
C ILE QA 156 3.61 -64.90 61.07
N THR QA 157 3.92 -65.94 61.84
CA THR QA 157 2.93 -66.72 62.57
C THR QA 157 2.95 -66.35 64.05
N ILE QA 158 1.78 -66.06 64.60
CA ILE QA 158 1.59 -65.86 66.03
C ILE QA 158 0.88 -67.07 66.60
N ASP QA 159 1.49 -67.71 67.59
CA ASP QA 159 0.93 -68.92 68.20
C ASP QA 159 0.10 -68.54 69.40
N LEU QA 160 -1.18 -68.91 69.41
CA LEU QA 160 -2.05 -68.69 70.54
C LEU QA 160 -2.20 -69.96 71.34
N LYS QA 161 -2.42 -69.81 72.65
CA LYS QA 161 -2.58 -70.93 73.55
C LYS QA 161 -3.93 -70.86 74.24
N LYS QA 162 -4.56 -72.00 74.43
CA LYS QA 162 -5.85 -72.10 75.12
C LYS QA 162 -5.58 -71.98 76.61
N ILE QA 163 -5.81 -70.78 77.15
CA ILE QA 163 -5.52 -70.48 78.55
C ILE QA 163 -6.82 -70.52 79.34
N ASP QA 164 -6.92 -71.47 80.26
CA ASP QA 164 -8.08 -71.61 81.12
C ASP QA 164 -7.71 -72.51 82.29
N SER QA 165 -8.70 -72.90 83.09
CA SER QA 165 -8.45 -73.79 84.21
C SER QA 165 -8.01 -75.17 83.75
N ASP QA 166 -8.60 -75.67 82.66
CA ASP QA 166 -8.30 -77.03 82.21
C ASP QA 166 -6.82 -77.18 81.83
N THR QA 167 -6.25 -76.18 81.19
CA THR QA 167 -4.86 -76.25 80.76
C THR QA 167 -3.86 -75.80 81.84
N LEU QA 168 -4.34 -75.30 82.98
CA LEU QA 168 -3.47 -74.85 84.05
C LEU QA 168 -3.74 -75.58 85.37
N GLY QA 169 -4.54 -76.65 85.33
CA GLY QA 169 -4.83 -77.38 86.54
C GLY QA 169 -5.77 -76.61 87.45
N LEU QA 170 -5.57 -76.76 88.76
CA LEU QA 170 -6.36 -76.09 89.79
C LEU QA 170 -7.84 -76.41 89.72
N ASN QA 171 -8.22 -77.48 88.99
CA ASN QA 171 -9.62 -77.80 88.81
C ASN QA 171 -10.28 -78.13 90.15
N GLY QA 172 -9.83 -79.20 90.80
CA GLY QA 172 -10.35 -79.56 92.10
C GLY QA 172 -9.56 -78.92 93.23
N PHE QA 173 -9.65 -77.59 93.34
CA PHE QA 173 -8.90 -76.88 94.37
C PHE QA 173 -9.66 -77.00 95.69
N ASN QA 174 -9.58 -78.18 96.30
CA ASN QA 174 -10.38 -78.55 97.46
C ASN QA 174 -9.74 -78.10 98.77
N VAL QA 175 -8.97 -77.01 98.72
CA VAL QA 175 -8.19 -76.53 99.85
C VAL QA 175 -9.02 -76.47 101.14
N ASN QA 176 -10.34 -76.34 101.00
CA ASN QA 176 -11.25 -76.38 102.15
C ASN QA 176 -11.62 -77.80 102.55
N GLY QA 177 -10.90 -78.81 102.05
CA GLY QA 177 -11.22 -80.19 102.33
C GLY QA 177 -10.74 -80.68 103.68
N LYS QA 178 -10.23 -81.90 103.72
CA LYS QA 178 -9.77 -82.51 104.96
C LYS QA 178 -8.31 -82.95 104.86
N GLY QA 179 -7.84 -83.20 103.63
CA GLY QA 179 -6.49 -83.68 103.46
C GLY QA 179 -6.35 -85.13 103.93
N THR QA 180 -5.12 -85.47 104.29
CA THR QA 180 -4.83 -86.81 104.78
C THR QA 180 -5.55 -87.04 106.11
N ILE QA 181 -6.38 -88.08 106.16
CA ILE QA 181 -7.19 -88.42 107.32
C ILE QA 181 -6.91 -89.86 107.71
N THR QA 182 -6.77 -90.10 109.01
CA THR QA 182 -6.54 -91.44 109.52
C THR QA 182 -7.85 -92.22 109.55
N ASN QA 183 -7.82 -93.43 109.02
CA ASN QA 183 -9.02 -94.27 108.95
C ASN QA 183 -9.19 -95.07 110.24
N LYS QA 184 -10.44 -95.43 110.52
CA LYS QA 184 -10.75 -96.20 111.71
C LYS QA 184 -10.32 -97.66 111.54
N ALA QA 185 -10.06 -98.31 112.66
CA ALA QA 185 -9.64 -99.70 112.65
C ALA QA 185 -10.82 -100.62 112.32
N ALA QA 186 -10.51 -101.75 111.69
CA ALA QA 186 -11.53 -102.73 111.34
C ALA QA 186 -12.02 -103.46 112.59
N THR QA 187 -13.22 -104.01 112.50
CA THR QA 187 -13.86 -104.73 113.60
C THR QA 187 -14.52 -105.99 113.07
N VAL QA 188 -15.08 -106.77 113.99
CA VAL QA 188 -15.69 -108.05 113.63
C VAL QA 188 -16.96 -107.83 112.81
N SER QA 189 -17.74 -106.79 113.11
CA SER QA 189 -19.01 -106.59 112.43
C SER QA 189 -18.81 -106.36 110.94
N ASP QA 190 -17.97 -105.39 110.57
CA ASP QA 190 -17.73 -105.15 109.16
C ASP QA 190 -16.79 -106.19 108.56
N LEU QA 191 -15.99 -106.88 109.38
CA LEU QA 191 -15.23 -108.01 108.87
C LEU QA 191 -16.15 -109.11 108.34
N THR QA 192 -17.21 -109.43 109.10
CA THR QA 192 -18.18 -110.39 108.61
C THR QA 192 -19.06 -109.81 107.51
N SER QA 193 -19.32 -108.50 107.56
CA SER QA 193 -20.10 -107.86 106.50
C SER QA 193 -19.39 -107.95 105.15
N ALA QA 194 -18.06 -107.86 105.15
CA ALA QA 194 -17.28 -108.00 103.92
C ALA QA 194 -17.35 -109.40 103.34
N GLY QA 195 -17.82 -110.39 104.10
CA GLY QA 195 -17.94 -111.75 103.61
C GLY QA 195 -17.04 -112.76 104.26
N ALA QA 196 -16.33 -112.40 105.34
CA ALA QA 196 -15.42 -113.34 105.98
C ALA QA 196 -16.20 -114.42 106.72
N LYS QA 197 -15.73 -115.66 106.60
CA LYS QA 197 -16.31 -116.78 107.31
C LYS QA 197 -15.56 -117.01 108.62
N LEU QA 198 -16.14 -117.85 109.48
CA LEU QA 198 -15.57 -118.14 110.79
C LEU QA 198 -15.02 -119.57 110.79
N ASN QA 199 -13.74 -119.73 111.11
CA ASN QA 199 -13.11 -121.05 111.18
C ASN QA 199 -13.27 -121.56 112.60
N THR QA 200 -14.16 -122.55 112.77
CA THR QA 200 -14.48 -123.04 114.11
C THR QA 200 -13.30 -123.75 114.75
N THR QA 201 -12.45 -124.41 113.96
CA THR QA 201 -11.33 -125.15 114.53
C THR QA 201 -10.29 -124.23 115.15
N THR QA 202 -10.19 -122.99 114.67
CA THR QA 202 -9.21 -122.04 115.19
C THR QA 202 -9.82 -120.78 115.78
N GLY QA 203 -11.07 -120.45 115.45
CA GLY QA 203 -11.71 -119.26 115.96
C GLY QA 203 -11.41 -117.99 115.18
N LEU QA 204 -10.57 -118.07 114.16
CA LEU QA 204 -10.21 -116.90 113.37
C LEU QA 204 -11.24 -116.68 112.25
N TYR QA 205 -11.06 -115.60 111.50
CA TYR QA 205 -11.95 -115.24 110.41
C TYR QA 205 -11.20 -115.31 109.09
N ASP QA 206 -11.73 -116.07 108.15
CA ASP QA 206 -11.08 -116.31 106.87
C ASP QA 206 -11.76 -115.47 105.78
N LEU QA 207 -10.96 -114.70 105.05
CA LEU QA 207 -11.41 -113.92 103.90
C LEU QA 207 -10.80 -114.51 102.64
N LYS QA 208 -11.65 -114.92 101.71
CA LYS QA 208 -11.23 -115.52 100.44
C LYS QA 208 -11.58 -114.56 99.32
N THR QA 209 -10.60 -114.20 98.51
CA THR QA 209 -10.76 -113.25 97.41
C THR QA 209 -10.68 -114.01 96.09
N GLU QA 210 -11.83 -114.25 95.47
CA GLU QA 210 -11.87 -114.92 94.18
C GLU QA 210 -11.41 -113.97 93.08
N ASN QA 211 -10.92 -114.55 91.99
CA ASN QA 211 -10.44 -113.82 90.84
C ASN QA 211 -11.17 -114.30 89.59
N THR QA 212 -11.56 -113.36 88.73
CA THR QA 212 -12.18 -113.71 87.46
C THR QA 212 -11.13 -114.27 86.52
N LEU QA 213 -11.51 -115.32 85.78
CA LEU QA 213 -10.58 -115.96 84.86
C LEU QA 213 -10.31 -115.05 83.66
N LEU QA 214 -9.11 -115.18 83.10
CA LEU QA 214 -8.69 -114.33 82.00
C LEU QA 214 -9.58 -114.51 80.79
N THR QA 215 -9.85 -113.40 80.10
CA THR QA 215 -10.73 -113.39 78.94
C THR QA 215 -10.02 -112.81 77.73
N THR QA 216 -10.59 -113.08 76.56
CA THR QA 216 -9.97 -112.67 75.30
C THR QA 216 -9.94 -111.15 75.18
N ASP QA 217 -10.99 -110.46 75.63
CA ASP QA 217 -11.00 -109.00 75.56
C ASP QA 217 -9.90 -108.41 76.45
N ALA QA 218 -9.73 -108.94 77.66
CA ALA QA 218 -8.66 -108.49 78.53
C ALA QA 218 -7.29 -108.76 77.91
N ALA QA 219 -7.14 -109.94 77.29
CA ALA QA 219 -5.88 -110.24 76.62
C ALA QA 219 -5.60 -109.25 75.50
N PHE QA 220 -6.63 -108.90 74.72
CA PHE QA 220 -6.45 -107.94 73.64
C PHE QA 220 -6.10 -106.56 74.19
N ASP QA 221 -6.73 -106.16 75.30
CA ASP QA 221 -6.37 -104.88 75.92
C ASP QA 221 -4.92 -104.89 76.39
N LYS QA 222 -4.46 -106.03 76.93
CA LYS QA 222 -3.08 -106.15 77.39
C LYS QA 222 -2.10 -106.46 76.27
N LEU QA 223 -2.57 -106.64 75.04
CA LEU QA 223 -1.69 -106.96 73.93
C LEU QA 223 -0.71 -105.81 73.65
N GLY QA 224 0.49 -106.18 73.21
CA GLY QA 224 1.52 -105.22 72.89
C GLY QA 224 2.08 -105.46 71.49
N ASN QA 225 3.06 -104.64 71.15
CA ASN QA 225 3.70 -104.74 69.84
C ASN QA 225 4.48 -106.06 69.72
N GLY QA 226 4.38 -106.67 68.55
CA GLY QA 226 5.07 -107.92 68.28
C GLY QA 226 4.40 -109.16 68.82
N ASP QA 227 3.22 -109.04 69.43
CA ASP QA 227 2.53 -110.19 69.97
C ASP QA 227 1.95 -111.06 68.86
N LYS QA 228 1.81 -112.35 69.15
CA LYS QA 228 1.36 -113.34 68.18
C LYS QA 228 0.09 -114.00 68.68
N VAL QA 229 -0.94 -114.01 67.85
CA VAL QA 229 -2.21 -114.67 68.16
C VAL QA 229 -2.48 -115.71 67.09
N THR QA 230 -2.61 -116.97 67.48
CA THR QA 230 -2.85 -118.07 66.55
C THR QA 230 -4.20 -118.69 66.88
N VAL QA 231 -5.19 -118.49 66.02
CA VAL QA 231 -6.52 -119.04 66.19
C VAL QA 231 -6.92 -119.76 64.90
N GLY QA 232 -7.41 -120.98 65.04
CA GLY QA 232 -7.80 -121.76 63.88
C GLY QA 232 -6.67 -122.06 62.93
N GLY QA 233 -5.45 -122.22 63.44
CA GLY QA 233 -4.30 -122.49 62.60
C GLY QA 233 -3.77 -121.32 61.82
N VAL QA 234 -4.25 -120.10 62.10
CA VAL QA 234 -3.83 -118.90 61.39
C VAL QA 234 -3.12 -117.98 62.38
N ASP QA 235 -1.93 -117.52 62.01
CA ASP QA 235 -1.11 -116.68 62.87
C ASP QA 235 -1.26 -115.22 62.48
N TYR QA 236 -1.44 -114.36 63.48
CA TYR QA 236 -1.57 -112.92 63.29
C TYR QA 236 -0.57 -112.21 64.20
N THR QA 237 0.06 -111.17 63.66
CA THR QA 237 1.06 -110.39 64.40
C THR QA 237 0.47 -109.01 64.70
N TYR QA 238 0.45 -108.64 65.97
CA TYR QA 238 -0.08 -107.35 66.38
C TYR QA 238 0.87 -106.23 65.98
N ASN QA 239 0.29 -105.07 65.65
CA ASN QA 239 1.04 -103.90 65.24
C ASN QA 239 0.76 -102.74 66.18
N ALA QA 240 1.81 -102.02 66.57
CA ALA QA 240 1.65 -100.90 67.49
C ALA QA 240 1.11 -99.65 66.80
N LYS QA 241 1.20 -99.56 65.47
CA LYS QA 241 0.73 -98.37 64.77
C LYS QA 241 -0.78 -98.20 64.93
N SER QA 242 -1.52 -99.29 64.82
CA SER QA 242 -2.98 -99.23 64.93
C SER QA 242 -3.49 -100.58 65.42
N GLY QA 243 -4.75 -100.59 65.86
CA GLY QA 243 -5.35 -101.80 66.37
C GLY QA 243 -5.73 -102.79 65.29
N ASP QA 244 -4.74 -103.39 64.64
CA ASP QA 244 -5.00 -104.35 63.58
C ASP QA 244 -3.90 -105.42 63.60
N PHE QA 245 -4.19 -106.54 62.95
CA PHE QA 245 -3.28 -107.67 62.85
C PHE QA 245 -2.76 -107.80 61.43
N THR QA 246 -1.47 -108.14 61.32
CA THR QA 246 -0.84 -108.42 60.03
C THR QA 246 -0.56 -109.91 59.96
N THR QA 247 -1.02 -110.55 58.88
CA THR QA 247 -0.86 -111.98 58.71
C THR QA 247 -0.33 -112.26 57.31
N THR QA 248 0.21 -113.46 57.12
CA THR QA 248 0.71 -113.91 55.83
C THR QA 248 -0.29 -114.89 55.22
N LYS QA 249 -0.82 -114.55 54.06
CA LYS QA 249 -1.72 -115.42 53.31
C LYS QA 249 -0.97 -115.98 52.11
N SER QA 250 -0.86 -117.30 52.05
CA SER QA 250 -0.08 -117.96 51.01
C SER QA 250 -0.85 -119.17 50.51
N THR QA 251 -0.46 -119.62 49.32
CA THR QA 251 -1.07 -120.80 48.71
C THR QA 251 -0.90 -122.03 49.60
N ALA QA 258 1.82 -133.13 42.35
CA ALA QA 258 1.66 -132.22 41.22
C ALA QA 258 0.25 -132.35 40.62
N ALA QA 259 -0.16 -133.58 40.36
CA ALA QA 259 -1.48 -133.85 39.80
C ALA QA 259 -2.57 -133.95 40.85
N ALA QA 260 -2.22 -133.80 42.13
CA ALA QA 260 -3.20 -133.89 43.21
C ALA QA 260 -3.97 -132.57 43.32
N GLN QA 261 -4.73 -132.42 44.40
CA GLN QA 261 -5.55 -131.22 44.60
C GLN QA 261 -4.72 -129.98 44.90
N ALA QA 262 -3.42 -130.13 45.17
CA ALA QA 262 -2.61 -128.96 45.53
C ALA QA 262 -2.54 -127.94 44.41
N ALA QA 263 -2.24 -128.40 43.19
CA ALA QA 263 -2.15 -127.47 42.05
C ALA QA 263 -3.50 -126.87 41.72
N ASP QA 264 -4.56 -127.67 41.81
CA ASP QA 264 -5.91 -127.14 41.55
C ASP QA 264 -6.27 -126.06 42.56
N SER QA 265 -5.97 -126.30 43.85
CA SER QA 265 -6.24 -125.30 44.87
C SER QA 265 -5.40 -124.04 44.65
N ALA QA 266 -4.14 -124.21 44.23
CA ALA QA 266 -3.31 -123.05 43.93
C ALA QA 266 -3.91 -122.22 42.80
N SER QA 267 -4.34 -122.87 41.72
CA SER QA 267 -4.93 -122.16 40.61
C SER QA 267 -6.23 -121.47 41.02
N LYS QA 268 -7.06 -122.16 41.82
CA LYS QA 268 -8.31 -121.56 42.27
C LYS QA 268 -8.06 -120.35 43.16
N ARG QA 269 -7.07 -120.44 44.06
CA ARG QA 269 -6.74 -119.30 44.92
C ARG QA 269 -6.21 -118.13 44.11
N ASP QA 270 -5.38 -118.40 43.09
CA ASP QA 270 -4.89 -117.33 42.23
C ASP QA 270 -6.04 -116.68 41.48
N ALA QA 271 -6.99 -117.48 40.98
CA ALA QA 271 -8.15 -116.94 40.29
C ALA QA 271 -9.01 -116.10 41.24
N LEU QA 272 -9.19 -116.56 42.48
CA LEU QA 272 -9.96 -115.79 43.45
C LEU QA 272 -9.29 -114.46 43.76
N ALA QA 273 -7.96 -114.47 43.92
CA ALA QA 273 -7.24 -113.21 44.15
C ALA QA 273 -7.37 -112.27 42.97
N ALA QA 274 -7.29 -112.82 41.75
CA ALA QA 274 -7.45 -111.99 40.56
C ALA QA 274 -8.84 -111.38 40.49
N THR QA 275 -9.87 -112.17 40.80
CA THR QA 275 -11.23 -111.66 40.79
C THR QA 275 -11.42 -110.59 41.86
N LEU QA 276 -10.83 -110.79 43.04
CA LEU QA 276 -10.92 -109.80 44.11
C LEU QA 276 -10.26 -108.49 43.70
N HIS QA 277 -9.09 -108.56 43.05
CA HIS QA 277 -8.40 -107.34 42.65
C HIS QA 277 -8.90 -106.77 41.34
N ALA QA 278 -9.80 -107.47 40.64
CA ALA QA 278 -10.33 -106.93 39.39
C ALA QA 278 -11.07 -105.61 39.62
N ASP QA 279 -11.83 -105.53 40.71
CA ASP QA 279 -12.58 -104.31 41.04
C ASP QA 279 -11.64 -103.34 41.76
N VAL QA 280 -11.22 -102.28 41.07
CA VAL QA 280 -10.37 -101.25 41.63
C VAL QA 280 -10.95 -99.86 41.44
N GLY QA 281 -12.20 -99.75 41.03
CA GLY QA 281 -12.78 -98.45 40.75
C GLY QA 281 -12.16 -97.82 39.53
N LYS QA 282 -11.36 -96.77 39.75
CA LYS QA 282 -10.66 -96.08 38.67
C LYS QA 282 -9.31 -96.75 38.44
N SER QA 283 -8.50 -96.15 37.55
CA SER QA 283 -7.20 -96.72 37.23
C SER QA 283 -6.27 -96.66 38.43
N VAL QA 284 -5.46 -97.72 38.59
CA VAL QA 284 -4.51 -97.82 39.68
C VAL QA 284 -3.14 -98.19 39.11
N ASN QA 285 -2.11 -97.95 39.90
CA ASN QA 285 -0.74 -98.23 39.49
C ASN QA 285 -0.24 -99.54 40.09
N GLY QA 286 0.64 -100.21 39.36
CA GLY QA 286 1.27 -101.43 39.86
C GLY QA 286 2.65 -101.59 39.26
N SER QA 287 3.50 -102.32 39.97
CA SER QA 287 4.87 -102.57 39.54
C SER QA 287 5.14 -104.06 39.55
N TYR QA 288 5.41 -104.63 38.38
CA TYR QA 288 5.73 -106.05 38.25
C TYR QA 288 7.20 -106.15 37.87
N THR QA 289 7.98 -106.87 38.67
CA THR QA 289 9.41 -106.96 38.46
C THR QA 289 9.87 -108.41 38.50
N THR QA 290 10.74 -108.76 37.57
CA THR QA 290 11.41 -110.04 37.56
C THR QA 290 12.75 -109.93 38.29
N LYS QA 291 13.60 -110.94 38.15
CA LYS QA 291 14.89 -110.93 38.82
C LYS QA 291 15.80 -109.81 38.31
N ASP QA 292 15.56 -109.31 37.09
CA ASP QA 292 16.43 -108.30 36.50
C ASP QA 292 15.70 -107.15 35.83
N GLY QA 293 14.37 -107.15 35.79
CA GLY QA 293 13.64 -106.09 35.12
C GLY QA 293 12.50 -105.58 35.97
N THR QA 294 12.03 -104.38 35.63
CA THR QA 294 10.92 -103.73 36.30
C THR QA 294 9.98 -103.12 35.25
N VAL QA 295 8.68 -103.27 35.47
CA VAL QA 295 7.67 -102.69 34.59
C VAL QA 295 6.61 -102.02 35.46
N SER QA 296 6.22 -100.81 35.07
CA SER QA 296 5.14 -100.08 35.72
C SER QA 296 3.92 -100.12 34.80
N PHE QA 297 2.80 -100.62 35.32
CA PHE QA 297 1.60 -100.82 34.52
C PHE QA 297 0.38 -100.23 35.23
N GLU QA 298 -0.52 -99.68 34.43
CA GLU QA 298 -1.75 -99.06 34.93
C GLU QA 298 -2.89 -100.08 34.80
N THR QA 299 -3.33 -100.62 35.92
CA THR QA 299 -4.48 -101.50 35.93
C THR QA 299 -5.77 -100.69 35.80
N ASP QA 300 -6.68 -101.19 34.99
CA ASP QA 300 -7.95 -100.52 34.71
C ASP QA 300 -9.09 -101.24 35.42
N SER QA 301 -10.28 -100.67 35.29
CA SER QA 301 -11.47 -101.26 35.91
C SER QA 301 -11.77 -102.63 35.31
N ALA QA 302 -12.29 -103.52 36.16
CA ALA QA 302 -12.67 -104.90 35.83
C ALA QA 302 -11.49 -105.76 35.42
N GLY QA 303 -10.27 -105.25 35.53
CA GLY QA 303 -9.09 -106.05 35.23
C GLY QA 303 -8.54 -105.83 33.83
N ASN QA 304 -7.44 -105.08 33.73
CA ASN QA 304 -6.78 -104.84 32.46
C ASN QA 304 -5.35 -104.40 32.72
N ILE QA 305 -4.52 -104.51 31.69
CA ILE QA 305 -3.12 -104.11 31.75
C ILE QA 305 -2.89 -103.04 30.70
N THR QA 306 -2.32 -101.91 31.12
CA THR QA 306 -2.07 -100.77 30.22
C THR QA 306 -0.74 -100.14 30.58
N ILE QA 307 0.12 -100.00 29.58
CA ILE QA 307 1.44 -99.39 29.75
C ILE QA 307 1.55 -98.21 28.78
N GLY QA 308 1.80 -97.03 29.32
CA GLY QA 308 1.98 -95.85 28.49
C GLY QA 308 0.76 -95.47 27.67
N GLY QA 309 -0.43 -95.65 28.23
CA GLY QA 309 -1.65 -95.31 27.54
C GLY QA 309 -2.09 -96.30 26.48
N SER QA 310 -1.42 -97.45 26.37
CA SER QA 310 -1.77 -98.46 25.38
C SER QA 310 -1.93 -99.81 26.07
N GLN QA 311 -2.80 -100.65 25.51
CA GLN QA 311 -3.06 -101.96 26.08
C GLN QA 311 -1.80 -102.81 26.05
N ALA QA 312 -1.53 -103.49 27.17
CA ALA QA 312 -0.33 -104.30 27.32
C ALA QA 312 -0.68 -105.78 27.36
N TYR QA 313 0.26 -106.60 26.92
CA TYR QA 313 0.09 -108.04 26.85
C TYR QA 313 1.14 -108.74 27.70
N VAL QA 314 0.82 -109.96 28.14
CA VAL QA 314 1.72 -110.76 28.96
C VAL QA 314 2.28 -111.90 28.11
N ASP QA 315 3.58 -112.11 28.20
CA ASP QA 315 4.22 -113.21 27.50
C ASP QA 315 3.82 -114.53 28.15
N ASP QA 316 3.89 -115.61 27.36
CA ASP QA 316 3.57 -116.93 27.89
C ASP QA 316 4.54 -117.33 28.99
N ALA QA 317 5.82 -116.99 28.83
CA ALA QA 317 6.82 -117.29 29.84
C ALA QA 317 6.69 -116.41 31.09
N GLY QA 318 6.01 -115.28 30.98
CA GLY QA 318 5.74 -114.42 32.13
C GLY QA 318 6.14 -112.98 31.98
N ASN QA 319 6.88 -112.60 30.94
CA ASN QA 319 7.26 -111.21 30.76
C ASN QA 319 6.08 -110.37 30.30
N LEU QA 320 6.18 -109.05 30.52
CA LEU QA 320 5.12 -108.10 30.19
C LEU QA 320 5.56 -107.24 29.02
N THR QA 321 4.65 -107.04 28.07
CA THR QA 321 4.97 -106.31 26.85
C THR QA 321 3.78 -105.47 26.43
N THR QA 322 4.05 -104.44 25.62
CA THR QA 322 3.01 -103.62 25.03
C THR QA 322 2.67 -104.04 23.60
N ASN QA 323 3.41 -104.99 23.03
CA ASN QA 323 3.17 -105.47 21.68
C ASN QA 323 3.09 -107.00 21.69
N ASN QA 324 2.14 -107.54 20.94
CA ASN QA 324 1.91 -108.98 20.92
C ASN QA 324 2.81 -109.65 19.88
N ALA QA 325 3.35 -110.81 20.26
CA ALA QA 325 4.18 -111.61 19.37
C ALA QA 325 3.72 -113.06 19.43
N GLY QA 326 3.62 -113.70 18.28
CA GLY QA 326 3.19 -115.08 18.22
C GLY QA 326 1.71 -115.31 18.46
N SER QA 327 0.89 -114.27 18.27
CA SER QA 327 -0.56 -114.35 18.45
C SER QA 327 -0.92 -114.85 19.85
N ALA QA 328 -0.18 -114.38 20.85
CA ALA QA 328 -0.41 -114.73 22.26
C ALA QA 328 -0.42 -113.45 23.06
N ALA QA 329 -1.60 -112.83 23.18
CA ALA QA 329 -1.75 -111.56 23.89
C ALA QA 329 -2.29 -111.76 25.31
N LYS QA 330 -3.46 -112.38 25.43
CA LYS QA 330 -4.15 -112.61 26.70
C LYS QA 330 -4.00 -111.42 27.66
N ALA QA 331 -4.46 -110.27 27.18
CA ALA QA 331 -4.32 -109.01 27.91
C ALA QA 331 -5.32 -108.97 29.06
N ASP QA 332 -4.96 -109.67 30.13
CA ASP QA 332 -5.78 -109.68 31.34
C ASP QA 332 -4.86 -109.89 32.54
N MET QA 333 -5.24 -109.28 33.67
CA MET QA 333 -4.43 -109.43 34.88
C MET QA 333 -4.55 -110.84 35.45
N LYS QA 334 -5.69 -111.50 35.27
CA LYS QA 334 -5.80 -112.91 35.64
C LYS QA 334 -4.83 -113.76 34.82
N ALA QA 335 -4.74 -113.49 33.51
CA ALA QA 335 -3.78 -114.20 32.67
C ALA QA 335 -2.35 -113.90 33.09
N LEU QA 336 -2.06 -112.65 33.46
CA LEU QA 336 -0.73 -112.30 33.94
C LEU QA 336 -0.38 -113.07 35.21
N LEU QA 337 -1.32 -113.15 36.14
CA LEU QA 337 -1.09 -113.89 37.38
C LEU QA 337 -0.87 -115.37 37.10
N LYS QA 338 -1.69 -115.94 36.20
CA LYS QA 338 -1.54 -117.36 35.87
C LYS QA 338 -0.19 -117.62 35.21
N ALA QA 339 0.24 -116.74 34.30
CA ALA QA 339 1.53 -116.91 33.65
C ALA QA 339 2.68 -116.78 34.65
N ALA QA 340 2.56 -115.84 35.59
CA ALA QA 340 3.59 -115.70 36.63
C ALA QA 340 3.66 -116.94 37.50
N SER QA 341 2.49 -117.50 37.86
CA SER QA 341 2.48 -118.70 38.69
C SER QA 341 3.07 -119.90 37.95
N GLU QA 342 2.74 -120.06 36.67
CA GLU QA 342 3.19 -121.22 35.91
C GLU QA 342 4.56 -121.01 35.26
N GLY QA 343 5.15 -119.83 35.40
CA GLY QA 343 6.43 -119.57 34.76
C GLY QA 343 7.57 -120.35 35.37
N SER QA 344 8.64 -120.49 34.58
CA SER QA 344 9.82 -121.20 35.04
C SER QA 344 10.52 -120.44 36.16
N ASP QA 345 10.49 -119.11 36.11
CA ASP QA 345 11.13 -118.26 37.11
C ASP QA 345 10.08 -117.36 37.76
N GLY QA 346 10.17 -117.23 39.08
CA GLY QA 346 9.23 -116.41 39.80
C GLY QA 346 9.51 -114.93 39.67
N ALA QA 347 8.52 -114.12 40.05
CA ALA QA 347 8.63 -112.67 39.99
C ALA QA 347 7.90 -112.08 41.19
N SER QA 348 8.08 -110.77 41.38
CA SER QA 348 7.46 -110.03 42.46
C SER QA 348 6.54 -108.96 41.90
N LEU QA 349 5.30 -108.92 42.36
CA LEU QA 349 4.31 -107.96 41.88
C LEU QA 349 3.80 -107.16 43.06
N THR QA 350 3.95 -105.84 42.99
CA THR QA 350 3.54 -104.92 44.05
C THR QA 350 2.39 -104.07 43.53
N PHE QA 351 1.29 -104.07 44.26
CA PHE QA 351 0.13 -103.27 43.91
C PHE QA 351 0.25 -101.90 44.57
N ASN QA 352 -0.85 -101.13 44.58
CA ASN QA 352 -0.82 -99.79 45.16
C ASN QA 352 -0.40 -99.82 46.62
N GLY QA 353 -1.03 -100.69 47.42
CA GLY QA 353 -0.75 -100.74 48.83
C GLY QA 353 0.09 -101.93 49.28
N THR QA 354 -0.21 -103.11 48.77
CA THR QA 354 0.42 -104.34 49.21
C THR QA 354 1.38 -104.88 48.16
N GLU QA 355 2.20 -105.85 48.59
CA GLU QA 355 3.18 -106.51 47.74
C GLU QA 355 2.89 -108.01 47.71
N TYR QA 356 2.93 -108.60 46.53
CA TYR QA 356 2.65 -110.02 46.33
C TYR QA 356 3.89 -110.71 45.78
N THR QA 357 4.23 -111.86 46.36
CA THR QA 357 5.37 -112.64 45.92
C THR QA 357 4.90 -113.93 45.28
N ILE QA 358 5.45 -114.25 44.11
CA ILE QA 358 5.08 -115.42 43.34
C ILE QA 358 6.18 -116.47 43.52
N ALA QA 359 5.81 -117.63 44.08
CA ALA QA 359 6.77 -118.70 44.27
C ALA QA 359 7.08 -119.38 42.94
N LYS QA 360 8.34 -119.79 42.79
CA LYS QA 360 8.78 -120.46 41.56
C LYS QA 360 8.14 -121.84 41.43
N GLY QA 376 2.71 -120.77 43.43
CA GLY QA 376 1.85 -120.23 44.47
C GLY QA 376 2.02 -118.74 44.66
N ILE QA 377 1.10 -118.13 45.41
CA ILE QA 377 1.11 -116.71 45.68
C ILE QA 377 1.12 -116.50 47.19
N THR QA 378 1.88 -115.49 47.64
CA THR QA 378 1.90 -115.12 49.05
C THR QA 378 1.86 -113.60 49.17
N TYR QA 379 1.25 -113.13 50.26
CA TYR QA 379 1.11 -111.70 50.47
C TYR QA 379 0.85 -111.41 51.94
N GLN QA 380 1.30 -110.24 52.39
CA GLN QA 380 1.12 -109.79 53.77
C GLN QA 380 -0.21 -109.04 53.87
N ALA QA 381 -1.26 -109.77 54.22
CA ALA QA 381 -2.57 -109.16 54.39
C ALA QA 381 -2.71 -108.53 55.77
N THR QA 382 -3.63 -107.57 55.87
CA THR QA 382 -3.95 -106.92 57.13
C THR QA 382 -5.42 -107.09 57.42
N VAL QA 383 -5.74 -107.59 58.62
CA VAL QA 383 -7.12 -107.79 59.05
C VAL QA 383 -7.27 -107.21 60.44
N SER QA 384 -8.39 -106.52 60.68
CA SER QA 384 -8.60 -105.84 61.95
C SER QA 384 -8.68 -106.85 63.09
N LYS QA 385 -8.22 -106.42 64.27
CA LYS QA 385 -8.24 -107.28 65.44
C LYS QA 385 -9.65 -107.56 65.93
N ASP QA 386 -10.63 -106.75 65.54
CA ASP QA 386 -12.01 -106.99 65.94
C ASP QA 386 -12.51 -108.32 65.39
N VAL QA 387 -12.21 -108.61 64.12
CA VAL QA 387 -12.62 -109.87 63.53
C VAL QA 387 -11.98 -111.04 64.26
N VAL QA 388 -10.68 -110.92 64.57
CA VAL QA 388 -9.98 -112.00 65.25
C VAL QA 388 -10.57 -112.26 66.62
N LEU QA 389 -10.81 -111.19 67.39
CA LEU QA 389 -11.36 -111.38 68.74
C LEU QA 389 -12.78 -111.93 68.68
N SER QA 390 -13.59 -111.46 67.72
CA SER QA 390 -14.95 -111.97 67.60
C SER QA 390 -14.97 -113.45 67.22
N GLU QA 391 -14.12 -113.85 66.27
CA GLU QA 391 -14.09 -115.26 65.87
C GLU QA 391 -13.50 -116.14 66.96
N THR QA 392 -12.61 -115.60 67.78
CA THR QA 392 -12.10 -116.36 68.93
C THR QA 392 -13.18 -116.54 69.99
N LYS QA 393 -13.94 -115.47 70.27
CA LYS QA 393 -14.93 -115.53 71.35
C LYS QA 393 -16.15 -116.35 70.95
N ALA QA 394 -16.64 -116.18 69.72
CA ALA QA 394 -17.89 -116.82 69.33
C ALA QA 394 -17.74 -118.32 69.17
N ALA QA 395 -16.67 -118.76 68.50
CA ALA QA 395 -16.47 -120.16 68.20
C ALA QA 395 -15.68 -120.85 69.31
N ALA QA 396 -15.91 -122.16 69.44
CA ALA QA 396 -15.23 -122.97 70.45
C ALA QA 396 -13.91 -123.51 69.90
N ALA QA 397 -13.02 -122.59 69.59
CA ALA QA 397 -11.71 -122.92 69.04
C ALA QA 397 -10.68 -123.03 70.15
N THR QA 398 -9.43 -123.30 69.76
CA THR QA 398 -8.30 -123.43 70.69
C THR QA 398 -7.23 -122.45 70.23
N SER QA 399 -7.26 -121.23 70.79
CA SER QA 399 -6.35 -120.18 70.39
C SER QA 399 -5.12 -120.15 71.29
N SER QA 400 -4.06 -119.52 70.79
CA SER QA 400 -2.83 -119.32 71.54
C SER QA 400 -2.44 -117.85 71.45
N ILE QA 401 -2.15 -117.24 72.59
CA ILE QA 401 -1.76 -115.84 72.67
C ILE QA 401 -0.38 -115.75 73.29
N THR QA 402 0.52 -115.03 72.63
CA THR QA 402 1.90 -114.90 73.09
C THR QA 402 2.17 -113.45 73.46
N PHE QA 403 2.64 -113.25 74.69
CA PHE QA 403 3.06 -111.93 75.16
C PHE QA 403 4.58 -111.86 75.14
N ASN QA 404 5.10 -110.84 74.46
CA ASN QA 404 6.54 -110.64 74.30
C ASN QA 404 6.88 -109.22 74.73
N SER QA 405 7.84 -109.08 75.64
CA SER QA 405 8.36 -107.79 76.04
C SER QA 405 9.66 -107.44 75.31
N GLY QA 406 10.05 -108.23 74.32
CA GLY QA 406 11.30 -108.10 73.62
C GLY QA 406 12.38 -109.02 74.14
N VAL QA 407 12.28 -109.44 75.41
CA VAL QA 407 13.19 -110.40 76.01
C VAL QA 407 12.42 -111.58 76.58
N LEU QA 408 11.37 -111.31 77.36
CA LEU QA 408 10.59 -112.33 78.03
C LEU QA 408 9.37 -112.68 77.20
N SER QA 409 9.10 -113.98 77.06
CA SER QA 409 7.99 -114.46 76.24
C SER QA 409 7.16 -115.47 77.03
N LYS QA 410 5.84 -115.37 76.91
CA LYS QA 410 4.94 -116.34 77.52
C LYS QA 410 3.80 -116.65 76.56
N THR QA 411 3.49 -117.93 76.41
CA THR QA 411 2.40 -118.39 75.55
C THR QA 411 1.30 -119.00 76.41
N ILE QA 412 0.06 -118.56 76.18
CA ILE QA 412 -1.09 -119.00 76.95
C ILE QA 412 -2.15 -119.55 75.99
N GLY QA 413 -2.68 -120.73 76.31
CA GLY QA 413 -3.77 -121.29 75.53
C GLY QA 413 -5.12 -120.78 76.02
N PHE QA 414 -6.05 -120.64 75.08
CA PHE QA 414 -7.37 -120.06 75.36
C PHE QA 414 -8.44 -120.89 74.69
N THR QA 415 -9.49 -121.20 75.44
CA THR QA 415 -10.71 -121.79 74.88
C THR QA 415 -11.66 -120.65 74.49
N ALA QA 416 -12.94 -120.97 74.26
CA ALA QA 416 -13.90 -119.98 73.81
C ALA QA 416 -14.26 -119.05 74.96
N GLY QA 417 -13.39 -118.06 75.18
CA GLY QA 417 -13.59 -117.05 76.20
C GLY QA 417 -12.80 -117.25 77.47
N GLU QA 418 -12.22 -118.43 77.68
CA GLU QA 418 -11.48 -118.74 78.89
C GLU QA 418 -10.16 -119.39 78.52
N SER QA 419 -9.40 -119.81 79.53
CA SER QA 419 -8.12 -120.48 79.35
C SER QA 419 -8.26 -121.94 79.79
N SER QA 420 -7.92 -122.86 78.89
CA SER QA 420 -8.02 -124.29 79.17
C SER QA 420 -6.67 -125.00 79.08
N ASP QA 421 -5.56 -124.26 79.10
CA ASP QA 421 -4.23 -124.83 78.97
C ASP QA 421 -3.63 -125.27 80.30
N ALA QA 422 -4.48 -125.57 81.29
CA ALA QA 422 -4.03 -125.96 82.63
C ALA QA 422 -3.18 -124.88 83.28
N ALA QA 423 -3.45 -123.63 82.95
CA ALA QA 423 -2.75 -122.48 83.52
C ALA QA 423 -3.74 -121.64 84.33
N LYS QA 424 -3.21 -120.98 85.37
CA LYS QA 424 -4.06 -120.24 86.28
C LYS QA 424 -4.62 -118.99 85.60
N SER QA 425 -3.74 -118.06 85.23
CA SER QA 425 -4.07 -116.93 84.36
C SER QA 425 -5.24 -116.11 84.91
N TYR QA 426 -4.99 -115.47 86.05
CA TYR QA 426 -5.96 -114.59 86.67
C TYR QA 426 -5.42 -113.15 86.67
N VAL QA 427 -6.33 -112.21 86.41
CA VAL QA 427 -5.96 -110.81 86.17
C VAL QA 427 -6.82 -109.89 87.02
N ASP QA 428 -7.79 -110.47 87.73
CA ASP QA 428 -8.82 -109.67 88.41
C ASP QA 428 -8.25 -108.77 89.50
N ASP QA 429 -7.09 -109.10 90.07
CA ASP QA 429 -6.60 -108.38 91.24
C ASP QA 429 -6.33 -106.91 90.95
N LYS QA 430 -5.35 -106.61 90.11
CA LYS QA 430 -5.07 -105.21 89.74
C LYS QA 430 -4.65 -105.06 88.29
N GLY QA 431 -4.72 -106.11 87.48
CA GLY QA 431 -4.20 -106.06 86.14
C GLY QA 431 -2.90 -106.84 86.02
N GLY QA 432 -2.68 -107.40 84.83
CA GLY QA 432 -1.55 -108.27 84.60
C GLY QA 432 -1.85 -109.70 85.02
N ILE QA 433 -1.10 -110.64 84.42
CA ILE QA 433 -1.32 -112.06 84.63
C ILE QA 433 -0.42 -112.50 85.77
N THR QA 434 -1.03 -112.74 86.94
CA THR QA 434 -0.30 -113.15 88.13
C THR QA 434 -0.46 -114.63 88.44
N ASN QA 435 -1.29 -115.34 87.66
CA ASN QA 435 -1.44 -116.80 87.72
C ASN QA 435 -1.55 -117.32 89.17
N VAL QA 436 -2.39 -116.66 89.95
CA VAL QA 436 -2.67 -117.07 91.33
C VAL QA 436 -4.12 -117.51 91.42
N ALA QA 437 -4.34 -118.72 91.92
CA ALA QA 437 -5.69 -119.26 92.04
C ALA QA 437 -6.53 -118.43 93.01
N ASP QA 438 -6.13 -118.41 94.28
CA ASP QA 438 -6.86 -117.68 95.30
C ASP QA 438 -5.99 -117.61 96.55
N TYR QA 439 -6.10 -116.50 97.27
CA TYR QA 439 -5.38 -116.30 98.53
C TYR QA 439 -6.39 -116.02 99.64
N THR QA 440 -6.20 -116.69 100.77
CA THR QA 440 -7.09 -116.55 101.94
C THR QA 440 -6.30 -115.90 103.06
N VAL QA 441 -6.87 -114.83 103.62
CA VAL QA 441 -6.25 -114.08 104.71
C VAL QA 441 -7.03 -114.37 105.99
N SER QA 442 -6.31 -114.76 107.05
CA SER QA 442 -6.92 -115.08 108.33
C SER QA 442 -6.69 -113.93 109.30
N TYR QA 443 -7.78 -113.46 109.92
CA TYR QA 443 -7.75 -112.37 110.87
C TYR QA 443 -8.06 -112.93 112.27
N SER QA 444 -7.26 -112.52 113.24
CA SER QA 444 -7.49 -112.87 114.64
C SER QA 444 -8.18 -111.71 115.34
N VAL QA 445 -9.27 -112.02 116.04
CA VAL QA 445 -10.07 -111.01 116.72
C VAL QA 445 -9.81 -111.14 118.22
N ASN QA 446 -9.35 -110.04 118.83
CA ASN QA 446 -9.10 -110.03 120.27
C ASN QA 446 -10.40 -109.72 120.99
N LYS QA 447 -10.90 -110.71 121.75
CA LYS QA 447 -12.17 -110.55 122.46
C LYS QA 447 -12.08 -109.60 123.64
N ASP QA 448 -10.87 -109.20 124.05
CA ASP QA 448 -10.74 -108.28 125.17
C ASP QA 448 -11.23 -106.88 124.81
N ASN QA 449 -10.81 -106.39 123.64
CA ASN QA 449 -11.17 -105.04 123.21
C ASN QA 449 -11.87 -104.98 121.86
N GLY QA 450 -11.81 -106.04 121.05
CA GLY QA 450 -12.42 -106.04 119.74
C GLY QA 450 -11.50 -105.69 118.59
N SER QA 451 -10.20 -105.48 118.86
CA SER QA 451 -9.26 -105.16 117.81
C SER QA 451 -9.04 -106.37 116.89
N VAL QA 452 -8.85 -106.08 115.60
CA VAL QA 452 -8.66 -107.11 114.59
C VAL QA 452 -7.26 -106.96 114.00
N THR QA 453 -6.50 -108.04 114.00
CA THR QA 453 -5.16 -108.07 113.44
C THR QA 453 -5.07 -109.13 112.35
N VAL QA 454 -3.95 -109.12 111.63
CA VAL QA 454 -3.71 -110.05 110.53
C VAL QA 454 -2.80 -111.16 111.04
N ALA QA 455 -3.26 -112.40 110.94
CA ALA QA 455 -2.47 -113.55 111.39
C ALA QA 455 -2.89 -114.76 110.56
N GLY QA 456 -2.05 -115.14 109.59
CA GLY QA 456 -2.30 -116.33 108.80
C GLY QA 456 -2.59 -116.07 107.33
N TYR QA 457 -1.86 -116.77 106.46
CA TYR QA 457 -2.03 -116.64 105.02
C TYR QA 457 -2.06 -118.03 104.41
N ALA QA 458 -3.03 -118.27 103.54
CA ALA QA 458 -3.17 -119.56 102.85
C ALA QA 458 -3.24 -119.31 101.35
N SER QA 459 -2.57 -120.17 100.59
CA SER QA 459 -2.57 -120.05 99.14
C SER QA 459 -2.64 -121.45 98.51
N ALA QA 460 -3.47 -121.57 97.47
CA ALA QA 460 -3.55 -122.82 96.72
C ALA QA 460 -2.35 -123.03 95.81
N THR QA 461 -1.58 -121.99 95.54
CA THR QA 461 -0.35 -122.06 94.77
C THR QA 461 0.80 -121.51 95.60
N ASP QA 462 2.00 -121.51 95.03
CA ASP QA 462 3.15 -120.96 95.73
C ASP QA 462 2.98 -119.47 95.99
N THR QA 463 2.70 -118.70 94.93
CA THR QA 463 2.30 -117.30 95.00
C THR QA 463 3.49 -116.41 95.40
N ASN QA 464 4.61 -117.04 95.79
CA ASN QA 464 5.81 -116.33 96.22
C ASN QA 464 5.51 -115.32 97.33
N LYS QA 465 4.44 -115.56 98.09
CA LYS QA 465 4.00 -114.66 99.16
C LYS QA 465 3.84 -113.23 98.66
N ASP QA 466 3.31 -113.09 97.45
CA ASP QA 466 3.11 -111.77 96.87
C ASP QA 466 2.02 -110.98 97.60
N TYR QA 467 0.92 -111.66 97.94
CA TYR QA 467 -0.22 -111.02 98.58
C TYR QA 467 -0.32 -111.35 100.07
N ALA QA 468 0.80 -111.69 100.70
CA ALA QA 468 0.78 -112.05 102.11
C ALA QA 468 1.31 -110.90 102.96
N PRO QA 469 0.46 -110.19 103.68
CA PRO QA 469 0.96 -109.14 104.59
C PRO QA 469 1.68 -109.74 105.79
N ALA QA 470 2.53 -108.92 106.40
CA ALA QA 470 3.23 -109.34 107.61
C ALA QA 470 2.23 -109.60 108.73
N ILE QA 471 2.42 -110.73 109.43
CA ILE QA 471 1.51 -111.07 110.51
C ILE QA 471 1.71 -110.13 111.70
N GLY QA 472 0.67 -110.01 112.50
CA GLY QA 472 0.70 -109.12 113.66
C GLY QA 472 0.45 -107.67 113.36
N THR QA 473 -0.06 -107.34 112.17
CA THR QA 473 -0.33 -105.96 111.79
C THR QA 473 -1.82 -105.68 111.91
N ALA QA 474 -2.16 -104.63 112.65
CA ALA QA 474 -3.55 -104.25 112.83
C ALA QA 474 -4.14 -103.75 111.52
N VAL QA 475 -5.24 -104.36 111.10
CA VAL QA 475 -5.89 -104.00 109.84
C VAL QA 475 -6.96 -102.94 110.12
N ASN QA 476 -7.21 -102.10 109.13
CA ASN QA 476 -8.17 -101.01 109.22
C ASN QA 476 -9.18 -101.11 108.07
N VAL QA 477 -10.02 -100.07 107.97
CA VAL QA 477 -11.05 -99.99 106.94
C VAL QA 477 -10.75 -98.78 106.07
N ASN QA 478 -10.73 -98.99 104.75
CA ASN QA 478 -10.44 -97.91 103.81
C ASN QA 478 -11.63 -96.95 103.74
N SER QA 479 -11.47 -95.91 102.92
CA SER QA 479 -12.54 -94.93 102.75
C SER QA 479 -13.77 -95.55 102.11
N ALA QA 480 -13.58 -96.45 101.15
CA ALA QA 480 -14.68 -97.10 100.45
C ALA QA 480 -15.29 -98.25 101.24
N GLY QA 481 -14.84 -98.48 102.47
CA GLY QA 481 -15.35 -99.56 103.28
C GLY QA 481 -14.62 -100.88 103.13
N LYS QA 482 -13.62 -100.95 102.27
CA LYS QA 482 -12.86 -102.18 102.10
C LYS QA 482 -11.93 -102.42 103.28
N ILE QA 483 -11.48 -103.66 103.41
CA ILE QA 483 -10.56 -104.07 104.47
C ILE QA 483 -9.15 -103.93 103.91
N THR QA 484 -8.37 -103.00 104.48
CA THR QA 484 -7.05 -102.68 103.98
C THR QA 484 -6.15 -102.37 105.15
N THR QA 485 -4.84 -102.56 104.95
CA THR QA 485 -3.87 -102.51 106.04
C THR QA 485 -3.26 -101.15 106.28
N GLU QA 486 -3.12 -100.30 105.26
CA GLU QA 486 -2.46 -99.02 105.43
C GLU QA 486 -3.44 -97.98 105.97
N THR QA 487 -2.90 -97.04 106.75
CA THR QA 487 -3.70 -96.02 107.41
C THR QA 487 -3.59 -94.65 106.75
N THR QA 488 -2.99 -94.57 105.56
CA THR QA 488 -2.81 -93.27 104.89
C THR QA 488 -4.15 -92.62 104.59
N SER QA 489 -4.95 -93.25 103.72
CA SER QA 489 -6.29 -92.77 103.37
C SER QA 489 -6.25 -91.31 102.92
N ALA QA 490 -5.54 -91.10 101.81
CA ALA QA 490 -5.40 -89.76 101.26
C ALA QA 490 -6.75 -89.17 100.91
N GLY QA 491 -6.94 -87.89 101.21
CA GLY QA 491 -8.19 -87.20 100.99
C GLY QA 491 -8.28 -86.55 99.63
N SER QA 492 -9.14 -85.54 99.55
CA SER QA 492 -9.39 -84.83 98.30
C SER QA 492 -8.72 -83.46 98.21
N ALA QA 493 -8.10 -82.99 99.30
CA ALA QA 493 -7.46 -81.69 99.28
C ALA QA 493 -6.29 -81.68 98.31
N THR QA 494 -6.05 -80.53 97.69
CA THR QA 494 -4.97 -80.40 96.72
C THR QA 494 -3.62 -80.62 97.39
N THR QA 495 -2.77 -81.43 96.74
CA THR QA 495 -1.48 -81.75 97.30
C THR QA 495 -0.55 -80.54 97.33
N ASN QA 496 -0.28 -79.95 96.17
CA ASN QA 496 0.65 -78.83 96.04
C ASN QA 496 -0.02 -77.69 95.29
N PRO QA 497 -0.94 -76.97 95.95
CA PRO QA 497 -1.53 -75.79 95.31
C PRO QA 497 -0.51 -74.74 94.95
N LEU QA 498 0.52 -74.56 95.79
CA LEU QA 498 1.57 -73.60 95.49
C LEU QA 498 2.33 -73.99 94.23
N ALA QA 499 2.65 -75.28 94.09
CA ALA QA 499 3.34 -75.73 92.88
C ALA QA 499 2.47 -75.57 91.64
N ALA QA 500 1.18 -75.89 91.75
CA ALA QA 500 0.29 -75.72 90.61
C ALA QA 500 0.18 -74.25 90.20
N LEU QA 501 0.05 -73.35 91.18
CA LEU QA 501 -0.01 -71.93 90.88
C LEU QA 501 1.29 -71.44 90.27
N ASP QA 502 2.44 -71.94 90.77
CA ASP QA 502 3.72 -71.56 90.19
C ASP QA 502 3.82 -72.01 88.74
N ASP QA 503 3.36 -73.23 88.43
CA ASP QA 503 3.38 -73.71 87.06
C ASP QA 503 2.49 -72.85 86.16
N ALA QA 504 1.30 -72.51 86.65
CA ALA QA 504 0.41 -71.66 85.86
C ALA QA 504 1.02 -70.28 85.60
N ILE QA 505 1.63 -69.69 86.64
CA ILE QA 505 2.26 -68.39 86.49
C ILE QA 505 3.43 -68.46 85.51
N SER QA 506 4.20 -69.55 85.57
CA SER QA 506 5.31 -69.72 84.63
C SER QA 506 4.82 -69.83 83.20
N SER QA 507 3.73 -70.58 82.98
CA SER QA 507 3.18 -70.69 81.63
C SER QA 507 2.68 -69.33 81.14
N ILE QA 508 1.99 -68.58 81.99
CA ILE QA 508 1.49 -67.27 81.60
C ILE QA 508 2.65 -66.34 81.24
N ASP QA 509 3.71 -66.35 82.07
CA ASP QA 509 4.85 -65.50 81.81
C ASP QA 509 5.55 -65.90 80.51
N LYS QA 510 5.67 -67.20 80.25
CA LYS QA 510 6.30 -67.66 79.01
C LYS QA 510 5.52 -67.19 77.78
N PHE QA 511 4.19 -67.34 77.82
CA PHE QA 511 3.39 -66.92 76.67
C PHE QA 511 3.41 -65.40 76.52
N ARG QA 512 3.43 -64.67 77.64
CA ARG QA 512 3.55 -63.20 77.56
C ARG QA 512 4.88 -62.79 76.94
N SER QA 513 5.97 -63.46 77.31
CA SER QA 513 7.27 -63.16 76.71
C SER QA 513 7.27 -63.49 75.22
N SER QA 514 6.62 -64.59 74.83
CA SER QA 514 6.51 -64.92 73.42
C SER QA 514 5.78 -63.83 72.65
N LEU QA 515 4.66 -63.34 73.20
CA LEU QA 515 3.93 -62.27 72.53
C LEU QA 515 4.73 -60.98 72.48
N GLY QA 516 5.50 -60.68 73.53
CA GLY QA 516 6.34 -59.50 73.51
C GLY QA 516 7.42 -59.59 72.44
N ALA QA 517 8.03 -60.75 72.30
CA ALA QA 517 9.00 -60.95 71.22
C ALA QA 517 8.35 -60.80 69.85
N ILE QA 518 7.13 -61.32 69.71
CA ILE QA 518 6.39 -61.16 68.46
C ILE QA 518 6.14 -59.69 68.18
N GLN QA 519 5.75 -58.92 69.20
CA GLN QA 519 5.51 -57.49 69.02
C GLN QA 519 6.78 -56.77 68.59
N ASN QA 520 7.90 -57.08 69.24
CA ASN QA 520 9.17 -56.44 68.88
C ASN QA 520 9.56 -56.76 67.44
N ARG QA 521 9.44 -58.03 67.06
CA ARG QA 521 9.82 -58.41 65.70
C ARG QA 521 8.88 -57.80 64.67
N LEU QA 522 7.59 -57.65 65.01
CA LEU QA 522 6.64 -57.05 64.08
C LEU QA 522 6.90 -55.55 63.94
N ASP QA 523 7.30 -54.89 65.02
CA ASP QA 523 7.70 -53.48 64.91
C ASP QA 523 8.94 -53.32 64.04
N SER QA 524 9.91 -54.21 64.20
CA SER QA 524 11.08 -54.19 63.34
C SER QA 524 10.70 -54.41 61.88
N ALA QA 525 9.77 -55.34 61.63
CA ALA QA 525 9.27 -55.56 60.28
C ALA QA 525 8.59 -54.33 59.72
N VAL QA 526 7.81 -53.63 60.55
CA VAL QA 526 7.14 -52.40 60.09
C VAL QA 526 8.18 -51.36 59.70
N THR QA 527 9.23 -51.19 60.52
CA THR QA 527 10.27 -50.23 60.20
C THR QA 527 10.97 -50.59 58.90
N ASN QA 528 11.30 -51.88 58.72
CA ASN QA 528 11.95 -52.33 57.49
C ASN QA 528 11.05 -52.09 56.28
N LEU QA 529 9.75 -52.38 56.41
CA LEU QA 529 8.83 -52.16 55.31
C LEU QA 529 8.73 -50.68 54.96
N ASN QA 530 8.69 -49.81 55.95
CA ASN QA 530 8.65 -48.37 55.67
C ASN QA 530 9.91 -47.92 54.94
N ASN QA 531 11.08 -48.39 55.39
CA ASN QA 531 12.32 -48.03 54.72
C ASN QA 531 12.34 -48.53 53.28
N THR QA 532 11.91 -49.77 53.05
CA THR QA 532 11.88 -50.33 51.71
C THR QA 532 10.91 -49.57 50.81
N THR QA 533 9.75 -49.20 51.36
CA THR QA 533 8.78 -48.42 50.59
C THR QA 533 9.35 -47.06 50.21
N THR QA 534 10.05 -46.41 51.15
CA THR QA 534 10.68 -45.13 50.83
C THR QA 534 11.73 -45.29 49.73
N ASN QA 535 12.54 -46.34 49.81
CA ASN QA 535 13.56 -46.57 48.79
C ASN QA 535 12.93 -46.84 47.42
N LEU QA 536 11.85 -47.64 47.38
CA LEU QA 536 11.20 -47.94 46.12
C LEU QA 536 10.54 -46.70 45.54
N SER QA 537 9.97 -45.85 46.39
CA SER QA 537 9.41 -44.58 45.93
C SER QA 537 10.49 -43.69 45.36
N GLU QA 538 11.67 -43.66 45.99
CA GLU QA 538 12.79 -42.90 45.46
C GLU QA 538 13.21 -43.41 44.08
N ALA QA 539 13.26 -44.74 43.93
CA ALA QA 539 13.61 -45.31 42.63
C ALA QA 539 12.58 -44.96 41.57
N GLN QA 540 11.29 -45.04 41.92
CA GLN QA 540 10.24 -44.67 40.97
C GLN QA 540 10.33 -43.20 40.58
N SER QA 541 10.62 -42.33 41.55
CA SER QA 541 10.78 -40.92 41.26
C SER QA 541 11.99 -40.68 40.35
N ARG QA 542 13.06 -41.44 40.56
CA ARG QA 542 14.22 -41.35 39.68
C ARG QA 542 13.85 -41.73 38.25
N ILE QA 543 13.08 -42.81 38.09
CA ILE QA 543 12.73 -43.28 36.75
C ILE QA 543 11.78 -42.30 36.06
N GLN QA 544 10.70 -41.93 36.74
CA GLN QA 544 9.68 -41.06 36.19
C GLN QA 544 9.99 -39.61 36.57
N ASP QA 545 9.00 -38.73 36.47
CA ASP QA 545 9.11 -37.33 36.90
C ASP QA 545 10.16 -36.58 36.06
N ALA QA 546 9.82 -36.43 34.78
CA ALA QA 546 10.63 -35.66 33.85
C ALA QA 546 10.95 -34.28 34.40
N ASP QA 547 12.05 -33.71 33.91
CA ASP QA 547 12.57 -32.43 34.41
C ASP QA 547 11.75 -31.29 33.82
N TYR QA 548 10.89 -30.70 34.66
CA TYR QA 548 10.01 -29.63 34.20
C TYR QA 548 10.78 -28.52 33.50
N ALA QA 549 11.98 -28.19 34.00
CA ALA QA 549 12.82 -27.22 33.33
C ALA QA 549 13.21 -27.70 31.93
N THR QA 550 13.56 -28.98 31.81
CA THR QA 550 13.98 -29.51 30.52
C THR QA 550 12.87 -29.42 29.49
N GLU QA 551 11.66 -29.88 29.82
CA GLU QA 551 10.58 -29.76 28.84
C GLU QA 551 10.07 -28.33 28.68
N VAL QA 552 10.24 -27.45 29.68
CA VAL QA 552 9.91 -26.04 29.46
C VAL QA 552 10.84 -25.43 28.42
N SER QA 553 12.14 -25.70 28.53
CA SER QA 553 13.07 -25.25 27.49
C SER QA 553 12.73 -25.89 26.15
N ASN QA 554 12.34 -27.16 26.17
CA ASN QA 554 11.97 -27.85 24.93
C ASN QA 554 10.78 -27.18 24.26
N MET QA 555 9.74 -26.84 25.03
CA MET QA 555 8.57 -26.21 24.44
C MET QA 555 8.87 -24.79 24.00
N SER QA 556 9.73 -24.07 24.73
CA SER QA 556 10.09 -22.72 24.30
C SER QA 556 10.82 -22.76 22.95
N LYS QA 557 11.81 -23.64 22.82
CA LYS QA 557 12.52 -23.75 21.55
C LYS QA 557 11.61 -24.27 20.45
N ALA QA 558 10.69 -25.19 20.78
CA ALA QA 558 9.76 -25.71 19.78
C ALA QA 558 8.82 -24.62 19.28
N GLN QA 559 8.31 -23.79 20.17
CA GLN QA 559 7.42 -22.70 19.77
C GLN QA 559 8.18 -21.66 18.95
N ILE QA 560 9.42 -21.36 19.33
CA ILE QA 560 10.23 -20.43 18.54
C ILE QA 560 10.47 -20.97 17.13
N ILE QA 561 10.82 -22.25 17.04
CA ILE QA 561 11.05 -22.87 15.73
C ILE QA 561 9.76 -22.90 14.93
N GLN QA 562 8.62 -23.14 15.59
CA GLN QA 562 7.35 -23.16 14.89
C GLN QA 562 7.01 -21.78 14.33
N GLN QA 563 7.23 -20.73 15.10
CA GLN QA 563 6.96 -19.37 14.62
C GLN QA 563 7.89 -19.02 13.46
N ALA QA 564 9.18 -19.35 13.58
CA ALA QA 564 10.11 -19.08 12.48
C ALA QA 564 9.72 -19.85 11.23
N GLY QA 565 9.32 -21.12 11.40
CA GLY QA 565 8.89 -21.91 10.25
C GLY QA 565 7.61 -21.38 9.62
N ASN QA 566 6.69 -20.86 10.44
CA ASN QA 566 5.48 -20.26 9.90
C ASN QA 566 5.81 -19.00 9.11
N SER QA 567 6.74 -18.18 9.61
CA SER QA 567 7.15 -16.99 8.86
C SER QA 567 7.80 -17.38 7.54
N VAL QA 568 8.68 -18.39 7.56
CA VAL QA 568 9.31 -18.85 6.32
C VAL QA 568 8.28 -19.46 5.38
N LEU QA 569 7.27 -20.15 5.92
CA LEU QA 569 6.22 -20.73 5.11
C LEU QA 569 5.39 -19.65 4.43
N ALA QA 570 5.08 -18.57 5.15
CA ALA QA 570 4.39 -17.43 4.52
C ALA QA 570 5.25 -16.79 3.45
N LYS QA 571 6.55 -16.62 3.71
CA LYS QA 571 7.44 -16.06 2.70
C LYS QA 571 7.53 -16.94 1.47
N ALA QA 572 7.47 -18.26 1.64
CA ALA QA 572 7.42 -19.18 0.51
C ALA QA 572 6.06 -19.11 -0.19
N ASN QA 573 4.98 -18.95 0.57
CA ASN QA 573 3.65 -18.75 0.01
C ASN QA 573 3.55 -17.43 -0.74
N GLN QA 574 4.52 -16.53 -0.56
CA GLN QA 574 4.70 -15.44 -1.51
C GLN QA 574 5.28 -16.06 -2.78
N VAL QA 575 4.47 -16.89 -3.43
CA VAL QA 575 4.87 -17.74 -4.54
C VAL QA 575 5.13 -16.88 -5.77
N PRO QA 576 5.85 -17.38 -6.79
CA PRO QA 576 6.38 -16.49 -7.85
C PRO QA 576 5.33 -15.62 -8.51
N GLN QA 577 5.44 -14.31 -8.29
CA GLN QA 577 4.58 -13.32 -8.95
C GLN QA 577 5.34 -12.47 -9.95
N GLN QA 578 6.68 -12.55 -9.97
CA GLN QA 578 7.46 -11.83 -10.97
C GLN QA 578 7.15 -12.32 -12.39
N VAL QA 579 6.67 -13.55 -12.52
CA VAL QA 579 6.26 -14.05 -13.83
C VAL QA 579 5.07 -13.25 -14.35
N LEU QA 580 4.18 -12.83 -13.44
CA LEU QA 580 3.06 -11.99 -13.85
C LEU QA 580 3.55 -10.67 -14.42
N SER QA 581 4.56 -10.06 -13.78
CA SER QA 581 5.14 -8.84 -14.31
C SER QA 581 5.84 -9.09 -15.65
N LEU QA 582 6.51 -10.24 -15.79
CA LEU QA 582 7.16 -10.57 -17.05
C LEU QA 582 6.14 -10.78 -18.17
N LEU QA 583 4.91 -11.17 -17.81
CA LEU QA 583 3.90 -11.45 -18.83
C LEU QA 583 3.62 -10.22 -19.70
N GLN QA 584 3.30 -9.09 -19.07
CA GLN QA 584 2.91 -7.92 -19.87
C GLN QA 584 4.07 -7.26 -20.58
N GLY QA 585 5.31 -7.67 -20.27
CA GLY QA 585 6.48 -7.11 -20.94
C GLY QA 585 6.56 -7.50 -22.40
N MET RA 1 9.10 22.39 10.23
CA MET RA 1 9.10 20.95 9.99
C MET RA 1 8.96 20.65 8.50
N ALA RA 2 7.82 20.98 7.91
CA ALA RA 2 7.60 20.68 6.51
C ALA RA 2 8.59 21.40 5.59
N GLN RA 3 9.15 22.53 6.04
CA GLN RA 3 10.12 23.24 5.21
C GLN RA 3 11.46 22.54 5.18
N VAL RA 4 11.93 22.05 6.33
CA VAL RA 4 13.32 21.65 6.51
C VAL RA 4 13.38 20.22 7.06
N ILE RA 5 14.35 19.45 6.58
CA ILE RA 5 14.63 18.12 7.12
C ILE RA 5 16.06 17.99 7.63
N ASN RA 6 16.94 18.93 7.33
CA ASN RA 6 18.35 18.78 7.68
C ASN RA 6 18.58 18.95 9.18
N THR RA 7 17.70 19.68 9.87
CA THR RA 7 17.78 19.87 11.30
C THR RA 7 16.40 19.65 11.91
N ASN RA 8 16.38 19.41 13.22
CA ASN RA 8 15.14 19.26 13.97
C ASN RA 8 15.31 20.03 15.28
N SER RA 9 14.92 21.30 15.28
CA SER RA 9 15.02 22.12 16.48
C SER RA 9 14.13 21.60 17.59
N LEU RA 10 12.98 21.03 17.24
CA LEU RA 10 12.14 20.41 18.25
C LEU RA 10 12.89 19.27 18.95
N SER RA 11 13.58 18.44 18.17
CA SER RA 11 14.38 17.36 18.76
C SER RA 11 15.51 17.92 19.61
N LEU RA 12 16.17 18.99 19.14
CA LEU RA 12 17.26 19.58 19.92
C LEU RA 12 16.75 20.12 21.25
N ILE RA 13 15.63 20.83 21.24
CA ILE RA 13 15.06 21.37 22.46
C ILE RA 13 14.63 20.25 23.40
N THR RA 14 14.04 19.18 22.83
CA THR RA 14 13.64 18.05 23.65
C THR RA 14 14.83 17.37 24.30
N GLN RA 15 15.94 17.22 23.54
CA GLN RA 15 17.14 16.64 24.11
C GLN RA 15 17.71 17.53 25.22
N ASN RA 16 17.70 18.84 25.02
CA ASN RA 16 18.16 19.75 26.06
C ASN RA 16 17.33 19.63 27.33
N ASN RA 17 16.00 19.57 27.16
CA ASN RA 17 15.12 19.43 28.32
C ASN RA 17 15.33 18.07 29.01
N ILE RA 18 15.54 17.02 28.23
CA ILE RA 18 15.79 15.70 28.81
C ILE RA 18 17.09 15.71 29.60
N ASN RA 19 18.13 16.36 29.08
CA ASN RA 19 19.38 16.47 29.82
C ASN RA 19 19.19 17.26 31.11
N LYS RA 20 18.44 18.37 31.05
CA LYS RA 20 18.19 19.16 32.24
C LYS RA 20 17.45 18.35 33.30
N ASN RA 21 16.45 17.58 32.89
CA ASN RA 21 15.72 16.75 33.84
C ASN RA 21 16.58 15.60 34.36
N GLN RA 22 17.43 15.05 33.50
CA GLN RA 22 18.29 13.94 33.89
C GLN RA 22 19.33 14.37 34.92
N SER RA 23 19.80 15.62 34.84
CA SER RA 23 20.71 16.13 35.86
C SER RA 23 20.07 16.04 37.24
N ALA RA 24 18.85 16.57 37.37
CA ALA RA 24 18.15 16.51 38.65
C ALA RA 24 17.79 15.07 39.05
N LEU RA 25 17.45 14.22 38.07
CA LEU RA 25 17.15 12.83 38.38
C LEU RA 25 18.37 12.13 38.96
N SER RA 26 19.53 12.32 38.35
CA SER RA 26 20.76 11.72 38.86
C SER RA 26 21.11 12.28 40.23
N SER RA 27 20.91 13.59 40.43
CA SER RA 27 21.18 14.18 41.73
C SER RA 27 20.30 13.57 42.81
N SER RA 28 19.00 13.41 42.52
CA SER RA 28 18.07 12.83 43.49
C SER RA 28 18.42 11.37 43.76
N ILE RA 29 18.76 10.61 42.71
CA ILE RA 29 19.11 9.21 42.89
C ILE RA 29 20.34 9.08 43.77
N GLU RA 30 21.38 9.88 43.51
CA GLU RA 30 22.58 9.84 44.32
C GLU RA 30 22.28 10.24 45.77
N ARG RA 31 21.46 11.27 45.95
CA ARG RA 31 21.13 11.73 47.30
C ARG RA 31 20.41 10.63 48.08
N LEU RA 32 19.45 9.96 47.44
CA LEU RA 32 18.73 8.89 48.13
C LEU RA 32 19.62 7.69 48.38
N SER RA 33 20.51 7.37 47.45
CA SER RA 33 21.42 6.24 47.65
C SER RA 33 22.36 6.50 48.82
N SER RA 34 22.88 7.73 48.93
CA SER RA 34 23.81 8.04 50.00
C SER RA 34 23.12 8.23 51.35
N GLY RA 35 21.93 8.82 51.35
CA GLY RA 35 21.26 9.14 52.60
C GLY RA 35 21.74 10.39 53.27
N LEU RA 36 22.49 11.24 52.56
CA LEU RA 36 23.04 12.47 53.11
C LEU RA 36 22.55 13.66 52.29
N ARG RA 37 22.14 14.72 52.98
CA ARG RA 37 21.72 15.94 52.29
C ARG RA 37 22.87 16.55 51.52
N ILE RA 38 24.06 16.61 52.12
CA ILE RA 38 25.25 17.14 51.48
C ILE RA 38 26.14 15.96 51.07
N ASN RA 39 26.38 15.81 49.78
CA ASN RA 39 27.22 14.74 49.27
C ASN RA 39 28.28 15.33 48.36
N SER RA 40 29.55 15.05 48.66
CA SER RA 40 30.69 15.43 47.83
C SER RA 40 30.76 16.91 47.57
N ALA RA 41 30.06 17.72 48.37
CA ALA RA 41 30.11 19.19 48.33
C ALA RA 41 29.75 19.74 46.96
N LYS RA 42 28.83 19.10 46.25
CA LYS RA 42 28.31 19.64 44.99
C LYS RA 42 27.27 20.72 45.24
N ASP RA 43 27.16 21.12 46.49
CA ASP RA 43 26.16 22.05 46.99
C ASP RA 43 26.85 22.94 48.01
N ASP RA 44 26.06 23.53 48.91
CA ASP RA 44 26.57 24.37 49.98
C ASP RA 44 27.71 23.71 50.75
N ALA RA 45 28.91 24.30 50.67
CA ALA RA 45 30.09 23.77 51.35
C ALA RA 45 30.15 24.16 52.81
N ALA RA 46 29.48 25.24 53.20
CA ALA RA 46 29.45 25.63 54.61
C ALA RA 46 28.81 24.54 55.46
N GLY RA 47 27.72 23.94 54.97
CA GLY RA 47 27.11 22.84 55.68
C GLY RA 47 28.04 21.65 55.85
N GLN RA 48 28.80 21.32 54.80
CA GLN RA 48 29.76 20.23 54.88
C GLN RA 48 30.84 20.53 55.91
N ALA RA 49 31.37 21.75 55.91
CA ALA RA 49 32.40 22.12 56.88
C ALA RA 49 31.86 22.06 58.31
N ILE RA 50 30.65 22.56 58.52
CA ILE RA 50 30.05 22.55 59.85
C ILE RA 50 29.78 21.12 60.30
N ALA RA 51 29.36 20.25 59.38
CA ALA RA 51 29.14 18.85 59.71
C ALA RA 51 30.45 18.16 60.10
N ASN RA 52 31.53 18.48 59.38
CA ASN RA 52 32.84 17.93 59.74
C ASN RA 52 33.26 18.39 61.13
N ARG RA 53 33.05 19.68 61.43
CA ARG RA 53 33.36 20.18 62.77
C ARG RA 53 32.53 19.48 63.84
N PHE RA 54 31.24 19.27 63.55
CA PHE RA 54 30.38 18.57 64.51
C PHE RA 54 30.86 17.15 64.75
N THR RA 55 31.24 16.44 63.69
CA THR RA 55 31.73 15.08 63.84
C THR RA 55 33.00 15.04 64.68
N SER RA 56 33.93 15.97 64.42
CA SER RA 56 35.14 16.05 65.22
C SER RA 56 34.84 16.31 66.68
N ASN RA 57 33.92 17.25 66.95
CA ASN RA 57 33.57 17.56 68.33
C ASN RA 57 32.93 16.36 69.02
N ILE RA 58 32.04 15.65 68.32
CA ILE RA 58 31.37 14.50 68.92
C ILE RA 58 32.38 13.41 69.26
N LYS RA 59 33.30 13.12 68.32
CA LYS RA 59 34.31 12.11 68.59
C LYS RA 59 35.19 12.50 69.77
N GLY RA 60 35.62 13.77 69.82
CA GLY RA 60 36.44 14.21 70.92
C GLY RA 60 35.72 14.12 72.26
N LEU RA 61 34.45 14.51 72.30
CA LEU RA 61 33.69 14.46 73.54
C LEU RA 61 33.49 13.02 74.00
N THR RA 62 33.20 12.10 73.07
CA THR RA 62 33.03 10.70 73.46
C THR RA 62 34.33 10.12 74.02
N GLN RA 63 35.45 10.40 73.36
CA GLN RA 63 36.72 9.88 73.85
C GLN RA 63 37.07 10.49 75.20
N ALA RA 64 36.77 11.77 75.39
CA ALA RA 64 37.02 12.41 76.68
C ALA RA 64 36.16 11.80 77.77
N ALA RA 65 34.91 11.43 77.44
CA ALA RA 65 34.07 10.73 78.41
C ALA RA 65 34.66 9.39 78.79
N ARG RA 66 35.19 8.66 77.81
CA ARG RA 66 35.86 7.39 78.10
C ARG RA 66 37.06 7.61 79.03
N ASN RA 67 37.86 8.66 78.76
CA ASN RA 67 39.01 8.95 79.60
C ASN RA 67 38.56 9.31 81.02
N ALA RA 68 37.47 10.06 81.15
CA ALA RA 68 36.94 10.38 82.47
C ALA RA 68 36.48 9.14 83.21
N ASN RA 69 35.86 8.19 82.49
CA ASN RA 69 35.49 6.93 83.12
C ASN RA 69 36.73 6.19 83.64
N ASP RA 70 37.79 6.17 82.85
CA ASP RA 70 39.04 5.55 83.30
C ASP RA 70 39.56 6.25 84.57
N GLY RA 71 39.50 7.58 84.59
CA GLY RA 71 39.92 8.31 85.78
C GLY RA 71 39.08 7.97 87.00
N ILE RA 72 37.78 7.82 86.81
CA ILE RA 72 36.89 7.42 87.90
C ILE RA 72 37.29 6.05 88.43
N SER RA 73 37.61 5.12 87.53
CA SER RA 73 38.07 3.80 87.97
C SER RA 73 39.35 3.90 88.79
N VAL RA 74 40.29 4.74 88.33
CA VAL RA 74 41.55 4.93 89.06
C VAL RA 74 41.26 5.46 90.47
N ALA RA 75 40.39 6.47 90.55
CA ALA RA 75 40.06 7.05 91.85
C ALA RA 75 39.38 6.04 92.75
N GLN RA 76 38.52 5.20 92.19
CA GLN RA 76 37.85 4.16 92.99
C GLN RA 76 38.86 3.18 93.57
N THR RA 77 39.83 2.75 92.74
CA THR RA 77 40.85 1.82 93.23
C THR RA 77 41.67 2.47 94.34
N THR RA 78 42.07 3.72 94.15
CA THR RA 78 42.86 4.42 95.18
C THR RA 78 42.06 4.58 96.46
N GLU RA 79 40.76 4.87 96.35
CA GLU RA 79 39.92 5.01 97.53
C GLU RA 79 39.76 3.68 98.26
N GLY RA 80 39.69 2.57 97.52
CA GLY RA 80 39.64 1.28 98.18
C GLY RA 80 40.91 0.97 98.96
N ALA RA 81 42.07 1.25 98.34
CA ALA RA 81 43.32 1.08 99.06
C ALA RA 81 43.38 1.97 100.29
N LEU RA 82 42.87 3.19 100.18
CA LEU RA 82 42.82 4.10 101.31
C LEU RA 82 41.93 3.58 102.42
N SER RA 83 40.79 2.99 102.07
CA SER RA 83 39.91 2.40 103.06
C SER RA 83 40.60 1.26 103.81
N GLU RA 84 41.32 0.42 103.07
CA GLU RA 84 42.08 -0.66 103.74
C GLU RA 84 43.12 -0.08 104.69
N ILE RA 85 43.84 0.94 104.25
CA ILE RA 85 44.86 1.57 105.10
C ILE RA 85 44.23 2.17 106.34
N ASN RA 86 43.07 2.82 106.18
CA ASN RA 86 42.39 3.43 107.32
C ASN RA 86 41.92 2.38 108.32
N ASN RA 87 41.40 1.25 107.83
CA ASN RA 87 41.01 0.17 108.73
C ASN RA 87 42.22 -0.36 109.51
N ASN RA 88 43.35 -0.53 108.83
CA ASN RA 88 44.56 -0.97 109.52
C ASN RA 88 44.99 0.05 110.56
N LEU RA 89 44.91 1.33 110.24
CA LEU RA 89 45.28 2.38 111.19
C LEU RA 89 44.35 2.37 112.40
N GLN RA 90 43.05 2.16 112.19
CA GLN RA 90 42.12 2.07 113.30
C GLN RA 90 42.44 0.90 114.21
N ARG RA 91 42.77 -0.25 113.63
CA ARG RA 91 43.16 -1.39 114.45
C ARG RA 91 44.44 -1.12 115.23
N ILE RA 92 45.40 -0.43 114.59
CA ILE RA 92 46.62 -0.06 115.28
C ILE RA 92 46.32 0.88 116.44
N ARG RA 93 45.39 1.82 116.25
CA ARG RA 93 44.99 2.70 117.34
C ARG RA 93 44.38 1.92 118.49
N GLU RA 94 43.52 0.93 118.18
CA GLU RA 94 42.93 0.11 119.23
C GLU RA 94 44.00 -0.66 120.00
N LEU RA 95 44.97 -1.23 119.27
CA LEU RA 95 46.05 -1.95 119.94
C LEU RA 95 46.88 -1.02 120.81
N THR RA 96 47.15 0.20 120.33
CA THR RA 96 47.90 1.16 121.14
C THR RA 96 47.14 1.53 122.40
N VAL RA 97 45.83 1.74 122.28
CA VAL RA 97 45.02 2.06 123.45
C VAL RA 97 45.06 0.91 124.46
N GLN RA 98 45.00 -0.33 123.97
CA GLN RA 98 45.12 -1.47 124.86
C GLN RA 98 46.50 -1.51 125.53
N ALA RA 99 47.55 -1.17 124.78
CA ALA RA 99 48.91 -1.27 125.31
C ALA RA 99 49.22 -0.18 126.32
N THR RA 100 48.60 0.99 126.19
CA THR RA 100 48.94 2.11 127.08
C THR RA 100 48.60 1.83 128.55
N THR RA 101 47.80 0.83 128.84
CA THR RA 101 47.51 0.48 130.23
C THR RA 101 48.79 -0.02 130.92
N GLY RA 102 49.02 0.48 132.13
CA GLY RA 102 50.20 0.12 132.89
C GLY RA 102 50.17 -1.24 133.55
N THR RA 103 49.03 -1.93 133.51
CA THR RA 103 48.94 -3.26 134.10
C THR RA 103 49.68 -4.29 133.26
N ASN RA 104 49.75 -4.07 131.94
CA ASN RA 104 50.41 -5.02 131.05
C ASN RA 104 51.89 -5.14 131.38
N SER RA 105 52.42 -6.35 131.22
CA SER RA 105 53.80 -6.64 131.57
C SER RA 105 54.70 -6.45 130.34
N ASP RA 106 55.99 -6.75 130.51
CA ASP RA 106 56.94 -6.57 129.42
C ASP RA 106 56.62 -7.49 128.26
N SER RA 107 56.28 -8.75 128.54
CA SER RA 107 55.95 -9.69 127.46
C SER RA 107 54.70 -9.26 126.72
N ASP RA 108 53.69 -8.79 127.44
CA ASP RA 108 52.46 -8.31 126.79
C ASP RA 108 52.75 -7.10 125.92
N LEU RA 109 53.56 -6.16 126.43
CA LEU RA 109 53.91 -4.99 125.63
C LEU RA 109 54.69 -5.38 124.39
N ASP RA 110 55.62 -6.33 124.52
CA ASP RA 110 56.38 -6.80 123.37
C ASP RA 110 55.49 -7.45 122.33
N SER RA 111 54.53 -8.27 122.78
CA SER RA 111 53.62 -8.92 121.83
C SER RA 111 52.74 -7.88 121.12
N ILE RA 112 52.22 -6.90 121.87
CA ILE RA 112 51.38 -5.87 121.25
C ILE RA 112 52.18 -5.06 120.25
N GLN RA 113 53.43 -4.69 120.61
CA GLN RA 113 54.26 -3.94 119.68
C GLN RA 113 54.64 -4.77 118.46
N ASP RA 114 54.83 -6.08 118.62
CA ASP RA 114 55.09 -6.94 117.48
C ASP RA 114 53.90 -6.98 116.53
N GLU RA 115 52.69 -7.08 117.09
CA GLU RA 115 51.50 -7.05 116.25
C GLU RA 115 51.35 -5.72 115.54
N ILE RA 116 51.62 -4.62 116.25
CA ILE RA 116 51.52 -3.29 115.65
C ILE RA 116 52.56 -3.11 114.54
N LYS RA 117 53.78 -3.60 114.77
CA LYS RA 117 54.83 -3.54 113.76
C LYS RA 117 54.46 -4.37 112.54
N SER RA 118 53.85 -5.54 112.75
CA SER RA 118 53.40 -6.35 111.63
C SER RA 118 52.33 -5.62 110.82
N ARG RA 119 51.39 -4.96 111.51
CA ARG RA 119 50.36 -4.22 110.79
C ARG RA 119 50.93 -3.00 110.07
N LEU RA 120 51.94 -2.35 110.65
CA LEU RA 120 52.61 -1.26 109.95
C LEU RA 120 53.33 -1.76 108.70
N ASP RA 121 53.97 -2.91 108.80
CA ASP RA 121 54.58 -3.52 107.62
C ASP RA 121 53.54 -3.86 106.57
N GLU RA 122 52.37 -4.34 107.01
CA GLU RA 122 51.27 -4.59 106.08
C GLU RA 122 50.83 -3.31 105.38
N ILE RA 123 50.72 -2.21 106.13
CA ILE RA 123 50.35 -0.93 105.54
C ILE RA 123 51.38 -0.50 104.50
N ASP RA 124 52.66 -0.62 104.85
CA ASP RA 124 53.72 -0.24 103.92
C ASP RA 124 53.68 -1.11 102.67
N ARG RA 125 53.45 -2.41 102.84
CA ARG RA 125 53.36 -3.33 101.70
C ARG RA 125 52.18 -2.96 100.80
N VAL RA 126 51.03 -2.66 101.39
CA VAL RA 126 49.87 -2.28 100.59
C VAL RA 126 50.14 -0.99 99.82
N SER RA 127 50.74 -0.01 100.49
CA SER RA 127 51.07 1.26 99.82
C SER RA 127 52.04 1.03 98.66
N GLY RA 128 53.07 0.20 98.89
CA GLY RA 128 54.05 -0.04 97.85
C GLY RA 128 53.49 -0.81 96.67
N GLN RA 129 52.66 -1.82 96.93
CA GLN RA 129 52.15 -2.70 95.89
C GLN RA 129 50.86 -2.21 95.25
N THR RA 130 50.25 -1.15 95.77
CA THR RA 130 49.09 -0.58 95.11
C THR RA 130 49.48 -0.02 93.76
N GLN RA 131 48.83 -0.50 92.71
CA GLN RA 131 49.21 -0.16 91.34
C GLN RA 131 48.00 -0.26 90.43
N PHE RA 132 47.90 0.67 89.49
CA PHE RA 132 46.87 0.65 88.46
C PHE RA 132 47.55 0.90 87.12
N ASN RA 133 47.45 -0.08 86.21
CA ASN RA 133 48.02 0.03 84.86
C ASN RA 133 49.51 0.36 84.90
N GLY RA 134 50.22 -0.26 85.84
CA GLY RA 134 51.66 -0.06 85.96
C GLY RA 134 52.08 1.22 86.63
N VAL RA 135 51.15 1.96 87.23
CA VAL RA 135 51.44 3.24 87.88
C VAL RA 135 51.15 3.09 89.37
N ASN RA 136 52.14 3.43 90.20
CA ASN RA 136 51.99 3.38 91.66
C ASN RA 136 51.35 4.68 92.11
N VAL RA 137 50.04 4.63 92.40
CA VAL RA 137 49.31 5.83 92.75
C VAL RA 137 49.73 6.34 94.14
N LEU RA 138 49.91 5.43 95.09
CA LEU RA 138 50.20 5.81 96.47
C LEU RA 138 51.68 5.95 96.77
N ALA RA 139 52.56 5.64 95.82
CA ALA RA 139 54.00 5.74 96.03
C ALA RA 139 54.58 7.05 95.51
N LYS RA 140 53.75 7.93 94.95
CA LYS RA 140 54.24 9.18 94.39
C LYS RA 140 53.34 10.33 94.85
N ASP RA 141 53.93 11.52 94.95
CA ASP RA 141 53.23 12.72 95.40
C ASP RA 141 52.93 13.67 94.25
N GLY RA 142 52.74 13.14 93.04
CA GLY RA 142 52.53 13.95 91.86
C GLY RA 142 51.07 14.19 91.55
N SER RA 143 50.78 14.36 90.26
CA SER RA 143 49.43 14.61 89.80
C SER RA 143 49.21 13.95 88.46
N MET RA 144 47.95 13.69 88.15
CA MET RA 144 47.53 13.10 86.89
C MET RA 144 46.55 14.04 86.19
N LYS RA 145 46.59 14.05 84.86
CA LYS RA 145 45.75 14.93 84.05
C LYS RA 145 44.80 14.10 83.21
N ILE RA 146 43.53 14.47 83.22
CA ILE RA 146 42.51 13.78 82.44
C ILE RA 146 41.92 14.77 81.45
N GLN RA 147 41.89 14.38 80.18
CA GLN RA 147 41.34 15.22 79.11
C GLN RA 147 39.82 15.08 79.11
N VAL RA 148 39.13 16.20 79.27
CA VAL RA 148 37.67 16.19 79.39
C VAL RA 148 36.98 16.91 78.24
N GLY RA 149 37.64 17.86 77.56
CA GLY RA 149 37.07 18.53 76.42
C GLY RA 149 37.64 18.01 75.10
N ALA RA 150 37.25 18.69 74.02
CA ALA RA 150 37.69 18.33 72.68
C ALA RA 150 38.90 19.11 72.20
N ASN RA 151 39.32 20.13 72.95
CA ASN RA 151 40.45 20.98 72.56
C ASN RA 151 41.55 20.90 73.63
N ASP RA 152 42.64 21.61 73.39
CA ASP RA 152 43.75 21.65 74.33
C ASP RA 152 43.44 22.58 75.49
N GLY RA 153 43.85 22.18 76.69
CA GLY RA 153 43.62 22.93 77.90
C GLY RA 153 42.44 22.46 78.72
N GLU RA 154 41.62 21.55 78.18
CA GLU RA 154 40.46 21.02 78.91
C GLU RA 154 40.91 19.79 79.69
N THR RA 155 41.56 20.03 80.82
CA THR RA 155 42.09 18.96 81.66
C THR RA 155 41.65 19.16 83.10
N ILE RA 156 41.47 18.03 83.79
CA ILE RA 156 41.20 18.00 85.22
C ILE RA 156 42.33 17.25 85.90
N THR RA 157 42.85 17.82 86.98
CA THR RA 157 44.03 17.29 87.67
C THR RA 157 43.62 16.57 88.95
N ILE RA 158 44.13 15.36 89.12
CA ILE RA 158 43.98 14.58 90.35
C ILE RA 158 45.32 14.59 91.06
N ASP RA 159 45.33 15.05 92.31
CA ASP RA 159 46.55 15.14 93.09
C ASP RA 159 46.72 13.87 93.93
N LEU RA 160 47.83 13.17 93.75
CA LEU RA 160 48.14 11.99 94.53
C LEU RA 160 49.14 12.34 95.62
N LYS RA 161 49.06 11.63 96.74
CA LYS RA 161 49.94 11.86 97.87
C LYS RA 161 50.71 10.58 98.18
N LYS RA 162 51.97 10.74 98.55
CA LYS RA 162 52.82 9.60 98.93
C LYS RA 162 52.44 9.19 100.35
N ILE RA 163 51.65 8.13 100.45
CA ILE RA 163 51.11 7.68 101.73
C ILE RA 163 51.93 6.47 102.19
N ASP RA 164 52.64 6.62 103.30
CA ASP RA 164 53.43 5.56 103.88
C ASP RA 164 53.78 5.95 105.32
N SER RA 165 54.66 5.17 105.94
CA SER RA 165 55.08 5.47 107.31
C SER RA 165 55.87 6.77 107.37
N ASP RA 166 56.72 7.03 106.36
CA ASP RA 166 57.59 8.20 106.41
C ASP RA 166 56.77 9.49 106.43
N THR RA 167 55.69 9.56 105.68
CA THR RA 167 54.87 10.76 105.60
C THR RA 167 53.81 10.83 106.70
N LEU RA 168 53.64 9.79 107.50
CA LEU RA 168 52.66 9.78 108.58
C LEU RA 168 53.29 9.54 109.95
N GLY RA 169 54.61 9.60 110.04
CA GLY RA 169 55.26 9.38 111.32
C GLY RA 169 55.21 7.93 111.73
N LEU RA 170 55.09 7.69 113.04
CA LEU RA 170 55.01 6.35 113.63
C LEU RA 170 56.24 5.49 113.32
N ASN RA 171 57.33 6.11 112.87
CA ASN RA 171 58.52 5.34 112.48
C ASN RA 171 59.09 4.58 113.68
N GLY RA 172 59.55 5.31 114.70
CA GLY RA 172 60.05 4.68 115.90
C GLY RA 172 58.97 4.47 116.93
N PHE RA 173 58.01 3.59 116.64
CA PHE RA 173 56.91 3.35 117.56
C PHE RA 173 57.38 2.40 118.65
N ASN RA 174 58.18 2.93 119.58
CA ASN RA 174 58.90 2.16 120.58
C ASN RA 174 58.04 1.89 121.81
N VAL RA 175 56.72 1.82 121.63
CA VAL RA 175 55.75 1.71 122.72
C VAL RA 175 56.15 0.61 123.71
N ASN RA 176 56.91 -0.38 123.25
CA ASN RA 176 57.45 -1.41 124.13
C ASN RA 176 58.74 -1.00 124.83
N GLY RA 177 59.07 0.29 124.82
CA GLY RA 177 60.30 0.77 125.41
C GLY RA 177 60.24 0.93 126.91
N LYS RA 178 60.84 2.02 127.41
CA LYS RA 178 60.90 2.26 128.85
C LYS RA 178 60.30 3.61 129.20
N GLY RA 179 60.29 4.53 128.23
CA GLY RA 179 59.78 5.86 128.52
C GLY RA 179 60.73 6.65 129.39
N THR RA 180 60.17 7.61 130.11
CA THR RA 180 60.96 8.44 131.02
C THR RA 180 61.50 7.58 132.16
N ILE RA 181 62.82 7.57 132.32
CA ILE RA 181 63.50 6.76 133.32
C ILE RA 181 64.39 7.67 134.17
N THR RA 182 64.37 7.45 135.48
CA THR RA 182 65.20 8.23 136.38
C THR RA 182 66.64 7.73 136.35
N ASN RA 183 67.57 8.65 136.21
CA ASN RA 183 68.99 8.29 136.12
C ASN RA 183 69.61 8.17 137.51
N LYS RA 184 70.67 7.38 137.59
CA LYS RA 184 71.36 7.19 138.86
C LYS RA 184 72.19 8.41 139.22
N ALA RA 185 72.44 8.59 140.51
CA ALA RA 185 73.22 9.72 140.99
C ALA RA 185 74.70 9.52 140.68
N ALA RA 186 75.40 10.63 140.49
CA ALA RA 186 76.83 10.59 140.22
C ALA RA 186 77.60 10.22 141.49
N THR RA 187 78.81 9.69 141.29
CA THR RA 187 79.68 9.27 142.38
C THR RA 187 81.11 9.71 142.11
N VAL RA 188 82.00 9.44 143.06
CA VAL RA 188 83.38 9.88 142.95
C VAL RA 188 84.11 9.12 141.84
N SER RA 189 83.79 7.84 141.65
CA SER RA 189 84.53 7.03 140.68
C SER RA 189 84.34 7.58 139.27
N ASP RA 190 83.08 7.74 138.84
CA ASP RA 190 82.87 8.29 137.51
C ASP RA 190 83.09 9.79 137.46
N LEU RA 191 83.03 10.48 138.60
CA LEU RA 191 83.42 11.89 138.62
C LEU RA 191 84.89 12.05 138.23
N THR RA 192 85.76 11.21 138.80
CA THR RA 192 87.17 11.24 138.40
C THR RA 192 87.38 10.64 137.01
N SER RA 193 86.56 9.66 136.63
CA SER RA 193 86.67 9.10 135.28
C SER RA 193 86.38 10.15 134.21
N ALA RA 194 85.44 11.06 134.48
CA ALA RA 194 85.13 12.15 133.55
C ALA RA 194 86.28 13.13 133.39
N GLY RA 195 87.28 13.10 134.28
CA GLY RA 195 88.42 13.98 134.19
C GLY RA 195 88.55 15.01 135.29
N ALA RA 196 87.73 14.93 136.35
CA ALA RA 196 87.80 15.90 137.42
C ALA RA 196 89.08 15.72 138.24
N LYS RA 197 89.71 16.83 138.59
CA LYS RA 197 90.87 16.81 139.46
C LYS RA 197 90.46 17.03 140.91
N LEU RA 198 91.40 16.80 141.82
CA LEU RA 198 91.15 16.92 143.26
C LEU RA 198 91.88 18.15 143.78
N ASN RA 199 91.14 19.05 144.41
CA ASN RA 199 91.71 20.26 144.99
C ASN RA 199 92.11 19.95 146.43
N THR RA 200 93.42 19.81 146.67
CA THR RA 200 93.89 19.39 147.99
C THR RA 200 93.60 20.45 149.06
N THR RA 201 93.62 21.74 148.70
CA THR RA 201 93.41 22.78 149.70
C THR RA 201 91.99 22.77 150.24
N THR RA 202 91.01 22.29 149.46
CA THR RA 202 89.63 22.26 149.88
C THR RA 202 89.02 20.87 149.94
N GLY RA 203 89.61 19.88 149.26
CA GLY RA 203 89.08 18.53 149.24
C GLY RA 203 87.99 18.28 148.22
N LEU RA 204 87.58 19.31 147.48
CA LEU RA 204 86.53 19.15 146.48
C LEU RA 204 87.12 18.66 145.15
N TYR RA 205 86.24 18.44 144.19
CA TYR RA 205 86.65 17.97 142.87
C TYR RA 205 86.30 19.03 141.82
N ASP RA 206 87.30 19.43 141.05
CA ASP RA 206 87.16 20.48 140.07
C ASP RA 206 87.06 19.89 138.66
N LEU RA 207 86.01 20.28 137.94
CA LEU RA 207 85.81 19.90 136.54
C LEU RA 207 85.95 21.15 135.68
N LYS RA 208 86.89 21.10 134.74
CA LYS RA 208 87.16 22.21 133.83
C LYS RA 208 86.75 21.78 132.42
N THR RA 209 85.91 22.58 131.78
CA THR RA 209 85.38 22.28 130.45
C THR RA 209 86.00 23.26 129.46
N GLU RA 210 86.98 22.79 128.69
CA GLU RA 210 87.61 23.61 127.68
C GLU RA 210 86.68 23.78 126.48
N ASN RA 211 86.89 24.88 125.74
CA ASN RA 211 86.11 25.19 124.56
C ASN RA 211 87.05 25.39 123.38
N THR RA 212 86.66 24.86 122.22
CA THR RA 212 87.43 25.07 121.01
C THR RA 212 87.25 26.50 120.52
N LEU RA 213 88.34 27.11 120.05
CA LEU RA 213 88.29 28.47 119.58
C LEU RA 213 87.53 28.56 118.27
N LEU RA 214 86.89 29.72 118.05
CA LEU RA 214 86.04 29.91 116.87
C LEU RA 214 86.87 29.80 115.60
N THR RA 215 86.26 29.20 114.57
CA THR RA 215 86.92 28.96 113.30
C THR RA 215 86.11 29.56 112.16
N THR RA 216 86.78 29.74 111.02
CA THR RA 216 86.16 30.38 109.87
C THR RA 216 84.99 29.56 109.32
N ASP RA 217 85.12 28.23 109.31
CA ASP RA 217 84.03 27.40 108.82
C ASP RA 217 82.80 27.52 109.72
N ALA RA 218 83.00 27.54 111.04
CA ALA RA 218 81.89 27.73 111.96
C ALA RA 218 81.26 29.10 111.77
N ALA RA 219 82.09 30.12 111.57
CA ALA RA 219 81.56 31.47 111.31
C ALA RA 219 80.72 31.48 110.04
N PHE RA 220 81.18 30.81 108.98
CA PHE RA 220 80.42 30.75 107.74
C PHE RA 220 79.11 30.01 107.94
N ASP RA 221 79.12 28.92 108.71
CA ASP RA 221 77.88 28.22 109.01
C ASP RA 221 76.91 29.10 109.77
N LYS RA 222 77.42 29.91 110.70
CA LYS RA 222 76.58 30.81 111.47
C LYS RA 222 76.27 32.12 110.74
N LEU RA 223 76.81 32.31 109.54
CA LEU RA 223 76.57 33.54 108.80
C LEU RA 223 75.09 33.68 108.42
N GLY RA 224 74.62 34.92 108.38
CA GLY RA 224 73.25 35.21 108.03
C GLY RA 224 73.17 36.26 106.93
N ASN RA 225 71.94 36.63 106.59
CA ASN RA 225 71.71 37.61 105.55
C ASN RA 225 72.21 38.98 105.98
N GLY RA 226 72.83 39.70 105.05
CA GLY RA 226 73.34 41.02 105.32
C GLY RA 226 74.67 41.07 106.03
N ASP RA 227 75.30 39.92 106.29
CA ASP RA 227 76.58 39.91 106.98
C ASP RA 227 77.70 40.40 106.07
N LYS RA 228 78.74 40.95 106.68
CA LYS RA 228 79.86 41.55 105.96
C LYS RA 228 81.15 40.84 106.33
N VAL RA 229 81.89 40.39 105.33
CA VAL RA 229 83.19 39.74 105.54
C VAL RA 229 84.23 40.54 104.76
N THR RA 230 85.23 41.04 105.47
CA THR RA 230 86.29 41.85 104.86
C THR RA 230 87.62 41.12 105.06
N VAL RA 231 88.17 40.59 103.97
CA VAL RA 231 89.44 39.88 103.99
C VAL RA 231 90.34 40.48 102.91
N GLY RA 232 91.58 40.78 103.28
CA GLY RA 232 92.51 41.37 102.34
C GLY RA 232 92.08 42.71 101.79
N GLY RA 233 91.36 43.51 102.58
CA GLY RA 233 90.90 44.80 102.14
C GLY RA 233 89.72 44.77 101.19
N VAL RA 234 89.09 43.61 100.99
CA VAL RA 234 87.96 43.46 100.08
C VAL RA 234 86.74 43.07 100.90
N ASP RA 235 85.64 43.80 100.69
CA ASP RA 235 84.41 43.60 101.44
C ASP RA 235 83.43 42.78 100.61
N TYR RA 236 82.81 41.78 101.25
CA TYR RA 236 81.83 40.91 100.63
C TYR RA 236 80.57 40.90 101.49
N THR RA 237 79.41 40.95 100.84
CA THR RA 237 78.12 40.94 101.52
C THR RA 237 77.44 39.60 101.27
N TYR RA 238 77.07 38.92 102.35
CA TYR RA 238 76.41 37.63 102.23
C TYR RA 238 74.97 37.80 101.75
N ASN RA 239 74.50 36.81 100.98
CA ASN RA 239 73.15 36.82 100.43
C ASN RA 239 72.40 35.59 100.91
N ALA RA 240 71.14 35.80 101.29
CA ALA RA 240 70.31 34.70 101.78
C ALA RA 240 69.78 33.81 100.67
N LYS RA 241 69.76 34.30 99.43
CA LYS RA 241 69.21 33.50 98.33
C LYS RA 241 70.05 32.26 98.08
N SER RA 242 71.38 32.39 98.14
CA SER RA 242 72.26 31.26 97.90
C SER RA 242 73.58 31.51 98.62
N GLY RA 243 74.37 30.45 98.76
CA GLY RA 243 75.63 30.54 99.46
C GLY RA 243 76.73 31.22 98.65
N ASP RA 244 76.58 32.53 98.43
CA ASP RA 244 77.56 33.29 97.67
C ASP RA 244 77.64 34.69 98.24
N PHE RA 245 78.73 35.37 97.90
CA PHE RA 245 79.01 36.73 98.34
C PHE RA 245 78.87 37.70 97.16
N THR RA 246 78.30 38.87 97.43
CA THR RA 246 78.20 39.95 96.46
C THR RA 246 79.15 41.06 96.89
N THR RA 247 80.01 41.49 95.97
CA THR RA 247 81.01 42.51 96.25
C THR RA 247 80.99 43.55 95.15
N THR RA 248 81.57 44.71 95.44
CA THR RA 248 81.68 45.80 94.48
C THR RA 248 83.12 45.87 93.97
N LYS RA 249 83.29 45.70 92.67
CA LYS RA 249 84.59 45.83 92.02
C LYS RA 249 84.62 47.12 91.23
N SER RA 250 85.56 48.01 91.58
CA SER RA 250 85.63 49.33 90.98
C SER RA 250 87.09 49.66 90.68
N THR RA 251 87.27 50.63 89.80
CA THR RA 251 88.61 51.10 89.44
C THR RA 251 89.36 51.63 90.66
N ALA RA 258 96.55 62.70 87.70
CA ALA RA 258 96.05 62.45 86.36
C ALA RA 258 97.11 61.72 85.52
N ALA RA 259 98.33 62.24 85.54
CA ALA RA 259 99.43 61.64 84.80
C ALA RA 259 100.13 60.53 85.57
N ALA RA 260 99.70 60.24 86.79
CA ALA RA 260 100.31 59.20 87.61
C ALA RA 260 99.80 57.83 87.16
N GLN RA 261 100.11 56.80 87.96
CA GLN RA 261 99.71 55.43 87.62
C GLN RA 261 98.22 55.19 87.73
N ALA RA 262 97.45 56.13 88.30
CA ALA RA 262 96.02 55.91 88.48
C ALA RA 262 95.30 55.75 87.16
N ALA RA 263 95.54 56.67 86.22
CA ALA RA 263 94.87 56.61 84.92
C ALA RA 263 95.32 55.38 84.13
N ASP RA 264 96.61 55.04 84.20
CA ASP RA 264 97.10 53.86 83.51
C ASP RA 264 96.45 52.60 84.07
N SER RA 265 96.32 52.50 85.40
CA SER RA 265 95.66 51.36 86.00
C SER RA 265 94.19 51.30 85.62
N ALA RA 266 93.53 52.46 85.56
CA ALA RA 266 92.13 52.49 85.14
C ALA RA 266 91.98 51.97 83.71
N SER RA 267 92.85 52.43 82.80
CA SER RA 267 92.78 51.97 81.42
C SER RA 267 93.07 50.48 81.31
N LYS RA 268 94.06 50.00 82.07
CA LYS RA 268 94.38 48.57 82.04
C LYS RA 268 93.24 47.72 82.59
N ARG RA 269 92.59 48.19 83.66
CA ARG RA 269 91.46 47.44 84.21
C ARG RA 269 90.29 47.43 83.23
N ASP RA 270 90.03 48.55 82.56
CA ASP RA 270 88.98 48.58 81.55
C ASP RA 270 89.30 47.63 80.41
N ALA RA 271 90.55 47.59 79.96
CA ALA RA 271 90.95 46.68 78.91
C ALA RA 271 90.79 45.22 79.35
N LEU RA 272 91.16 44.92 80.60
CA LEU RA 272 91.01 43.57 81.12
C LEU RA 272 89.54 43.16 81.17
N ALA RA 273 88.67 44.06 81.62
CA ALA RA 273 87.24 43.76 81.65
C ALA RA 273 86.71 43.55 80.24
N ALA RA 274 87.15 44.36 79.28
CA ALA RA 274 86.73 44.20 77.90
C ALA RA 274 87.17 42.85 77.34
N THR RA 275 88.42 42.45 77.62
CA THR RA 275 88.90 41.15 77.15
C THR RA 275 88.14 40.02 77.80
N LEU RA 276 87.81 40.15 79.10
CA LEU RA 276 87.04 39.11 79.78
C LEU RA 276 85.65 38.97 79.17
N HIS RA 277 85.00 40.09 78.85
CA HIS RA 277 83.66 40.03 78.28
C HIS RA 277 83.66 39.78 76.78
N ALA RA 278 84.82 39.81 76.13
CA ALA RA 278 84.87 39.54 74.69
C ALA RA 278 84.34 38.14 74.36
N ASP RA 279 84.68 37.16 75.19
CA ASP RA 279 84.21 35.78 74.97
C ASP RA 279 82.82 35.64 75.58
N VAL RA 280 81.80 35.55 74.72
CA VAL RA 280 80.42 35.37 75.13
C VAL RA 280 79.76 34.21 74.43
N GLY RA 281 80.54 33.37 73.73
CA GLY RA 281 79.95 32.29 72.97
C GLY RA 281 79.15 32.80 71.78
N LYS RA 282 77.83 32.69 71.87
CA LYS RA 282 76.94 33.17 70.82
C LYS RA 282 76.58 34.63 71.10
N SER RA 283 75.67 35.18 70.30
CA SER RA 283 75.28 36.58 70.43
C SER RA 283 74.54 36.79 71.75
N VAL RA 284 74.80 37.94 72.38
CA VAL RA 284 74.17 38.31 73.64
C VAL RA 284 73.60 39.72 73.52
N ASN RA 285 72.69 40.05 74.42
CA ASN RA 285 72.05 41.36 74.41
C ASN RA 285 72.67 42.28 75.46
N GLY RA 286 72.65 43.58 75.17
CA GLY RA 286 73.12 44.57 76.13
C GLY RA 286 72.41 45.87 75.93
N SER RA 287 72.36 46.67 76.99
CA SER RA 287 71.68 47.96 76.96
C SER RA 287 72.64 49.04 77.47
N TYR RA 288 72.98 49.99 76.61
CA TYR RA 288 73.85 51.09 76.95
C TYR RA 288 73.03 52.37 76.94
N THR RA 289 73.01 53.08 78.07
CA THR RA 289 72.17 54.25 78.22
C THR RA 289 72.97 55.41 78.78
N THR RA 290 72.76 56.59 78.20
CA THR RA 290 73.30 57.82 78.74
C THR RA 290 72.27 58.46 79.68
N LYS RA 291 72.49 59.72 80.04
CA LYS RA 291 71.59 60.39 80.98
C LYS RA 291 70.19 60.57 80.39
N ASP RA 292 70.05 60.55 79.07
CA ASP RA 292 68.76 60.81 78.45
C ASP RA 292 68.39 59.86 77.31
N GLY RA 293 69.24 58.90 76.96
CA GLY RA 293 68.93 58.00 75.87
C GLY RA 293 69.27 56.56 76.23
N THR RA 294 68.69 55.64 75.46
CA THR RA 294 68.87 54.21 75.64
C THR RA 294 69.12 53.56 74.29
N VAL RA 295 70.06 52.61 74.24
CA VAL RA 295 70.35 51.85 73.03
C VAL RA 295 70.46 50.38 73.40
N SER RA 296 69.82 49.52 72.60
CA SER RA 296 69.92 48.07 72.75
C SER RA 296 70.82 47.54 71.64
N PHE RA 297 71.89 46.83 72.02
CA PHE RA 297 72.88 46.35 71.06
C PHE RA 297 73.16 44.87 71.27
N GLU RA 298 73.40 44.17 70.16
CA GLU RA 298 73.70 42.74 70.19
C GLU RA 298 75.20 42.55 70.10
N THR RA 299 75.81 42.16 71.21
CA THR RA 299 77.23 41.84 71.21
C THR RA 299 77.46 40.47 70.57
N ASP RA 300 78.49 40.38 69.75
CA ASP RA 300 78.84 39.16 69.02
C ASP RA 300 80.07 38.51 69.64
N SER RA 301 80.43 37.36 69.08
CA SER RA 301 81.58 36.61 69.56
C SER RA 301 82.86 37.42 69.34
N ALA RA 302 83.81 37.26 70.27
CA ALA RA 302 85.12 37.90 70.27
C ALA RA 302 85.04 39.42 70.41
N GLY RA 303 83.85 39.98 70.64
CA GLY RA 303 83.71 41.41 70.85
C GLY RA 303 83.31 42.17 69.61
N ASN RA 304 82.03 42.56 69.55
CA ASN RA 304 81.53 43.35 68.43
C ASN RA 304 80.24 44.04 68.88
N ILE RA 305 79.87 45.08 68.12
CA ILE RA 305 78.64 45.84 68.37
C ILE RA 305 77.76 45.74 67.14
N THR RA 306 76.50 45.34 67.33
CA THR RA 306 75.56 45.17 66.22
C THR RA 306 74.20 45.64 66.67
N ILE RA 307 73.60 46.54 65.90
CA ILE RA 307 72.26 47.08 66.17
C ILE RA 307 71.39 46.82 64.95
N GLY RA 308 70.28 46.11 65.16
CA GLY RA 308 69.34 45.84 64.09
C GLY RA 308 69.92 45.03 62.95
N GLY RA 309 70.79 44.07 63.26
CA GLY RA 309 71.38 43.23 62.24
C GLY RA 309 72.50 43.87 61.45
N SER RA 310 72.93 45.07 61.82
CA SER RA 310 73.99 45.76 61.11
C SER RA 310 75.07 46.18 62.11
N GLN RA 311 76.31 46.25 61.64
CA GLN RA 311 77.42 46.63 62.49
C GLN RA 311 77.25 48.06 62.99
N ALA RA 312 77.50 48.26 64.27
CA ALA RA 312 77.32 49.55 64.92
C ALA RA 312 78.66 50.16 65.30
N TYR RA 313 78.70 51.49 65.33
CA TYR RA 313 79.91 52.24 65.63
C TYR RA 313 79.68 53.11 66.86
N VAL RA 314 80.78 53.42 67.56
CA VAL RA 314 80.73 54.25 68.76
C VAL RA 314 81.29 55.63 68.43
N ASP RA 315 80.59 56.66 68.87
CA ASP RA 315 81.05 58.03 68.69
C ASP RA 315 82.26 58.29 69.59
N ASP RA 316 83.09 59.25 69.16
CA ASP RA 316 84.25 59.61 69.97
C ASP RA 316 83.83 60.17 71.31
N ALA RA 317 82.74 60.94 71.36
CA ALA RA 317 82.26 61.49 72.61
C ALA RA 317 81.59 60.43 73.48
N GLY RA 318 81.18 59.31 72.92
CA GLY RA 318 80.64 58.19 73.67
C GLY RA 318 79.29 57.67 73.22
N ASN RA 319 78.61 58.33 72.29
CA ASN RA 319 77.32 57.83 71.82
C ASN RA 319 77.51 56.64 70.90
N LEU RA 320 76.44 55.85 70.76
CA LEU RA 320 76.44 54.64 69.95
C LEU RA 320 75.54 54.84 68.73
N THR RA 321 76.03 54.42 67.56
CA THR RA 321 75.31 54.62 66.31
C THR RA 321 75.57 53.45 65.37
N THR RA 322 74.69 53.32 64.38
CA THR RA 322 74.86 52.32 63.34
C THR RA 322 75.50 52.87 62.07
N ASN RA 323 75.75 54.18 62.01
CA ASN RA 323 76.34 54.82 60.85
C ASN RA 323 77.54 55.65 61.27
N ASN RA 324 78.62 55.56 60.48
CA ASN RA 324 79.86 56.24 60.83
C ASN RA 324 79.88 57.66 60.27
N ALA RA 325 80.40 58.58 61.07
CA ALA RA 325 80.56 59.98 60.66
C ALA RA 325 81.96 60.45 61.02
N GLY RA 326 82.59 61.17 60.09
CA GLY RA 326 83.92 61.69 60.33
C GLY RA 326 85.03 60.65 60.29
N SER RA 327 84.79 59.51 59.63
CA SER RA 327 85.78 58.44 59.51
C SER RA 327 86.28 57.97 60.87
N ALA RA 328 85.36 57.88 61.84
CA ALA RA 328 85.66 57.43 63.20
C ALA RA 328 84.63 56.37 63.57
N ALA RA 329 84.92 55.12 63.24
CA ALA RA 329 84.00 54.01 63.51
C ALA RA 329 84.39 53.24 64.76
N LYS RA 330 85.62 52.70 64.79
CA LYS RA 330 86.14 51.87 65.89
C LYS RA 330 85.07 50.95 66.46
N ALA RA 331 84.53 50.11 65.58
CA ALA RA 331 83.43 49.22 65.93
C ALA RA 331 83.95 48.06 66.78
N ASP RA 332 84.16 48.34 68.06
CA ASP RA 332 84.61 47.33 69.00
C ASP RA 332 84.07 47.67 70.38
N MET RA 333 83.77 46.63 71.16
CA MET RA 333 83.27 46.86 72.52
C MET RA 333 84.36 47.42 73.43
N LYS RA 334 85.62 47.05 73.19
CA LYS RA 334 86.72 47.66 73.93
C LYS RA 334 86.80 49.16 73.63
N ALA RA 335 86.64 49.53 72.36
CA ALA RA 335 86.63 50.95 71.99
C ALA RA 335 85.44 51.66 72.61
N LEU RA 336 84.28 51.00 72.65
CA LEU RA 336 83.11 51.60 73.29
C LEU RA 336 83.37 51.85 74.77
N LEU RA 337 83.97 50.88 75.47
CA LEU RA 337 84.27 51.05 76.89
C LEU RA 337 85.28 52.17 77.10
N LYS RA 338 86.32 52.23 76.25
CA LYS RA 338 87.30 53.29 76.38
C LYS RA 338 86.68 54.67 76.14
N ALA RA 339 85.81 54.78 75.14
CA ALA RA 339 85.15 56.04 74.86
C ALA RA 339 84.22 56.45 76.02
N ALA RA 340 83.51 55.48 76.60
CA ALA RA 340 82.66 55.78 77.74
C ALA RA 340 83.50 56.24 78.93
N SER RA 341 84.65 55.60 79.16
CA SER RA 341 85.50 56.00 80.28
C SER RA 341 86.07 57.39 80.08
N GLU RA 342 86.51 57.70 78.85
CA GLU RA 342 87.14 58.99 78.58
C GLU RA 342 86.16 60.09 78.22
N GLY RA 343 84.86 59.77 78.14
CA GLY RA 343 83.89 60.78 77.76
C GLY RA 343 83.69 61.86 78.80
N SER RA 344 83.16 62.99 78.34
CA SER RA 344 82.89 64.11 79.25
C SER RA 344 81.78 63.77 80.23
N ASP RA 345 80.79 62.98 79.79
CA ASP RA 345 79.66 62.60 80.62
C ASP RA 345 79.61 61.08 80.74
N GLY RA 346 79.35 60.60 81.95
CA GLY RA 346 79.28 59.18 82.19
C GLY RA 346 77.99 58.55 81.69
N ALA RA 347 78.01 57.23 81.60
CA ALA RA 347 76.86 56.46 81.13
C ALA RA 347 76.78 55.16 81.91
N SER RA 348 75.66 54.46 81.75
CA SER RA 348 75.41 53.19 82.42
C SER RA 348 75.23 52.09 81.37
N LEU RA 349 75.98 51.01 81.52
CA LEU RA 349 75.93 49.90 80.58
C LEU RA 349 75.55 48.63 81.33
N THR RA 350 74.46 47.99 80.92
CA THR RA 350 73.97 46.78 81.55
C THR RA 350 74.10 45.62 80.56
N PHE RA 351 74.76 44.56 81.00
CA PHE RA 351 74.94 43.38 80.17
C PHE RA 351 73.78 42.42 80.42
N ASN RA 352 73.91 41.17 79.97
CA ASN RA 352 72.82 40.20 80.13
C ASN RA 352 72.47 40.00 81.60
N GLY RA 353 73.47 39.76 82.44
CA GLY RA 353 73.22 39.50 83.84
C GLY RA 353 73.53 40.65 84.77
N THR RA 354 74.67 41.30 84.58
CA THR RA 354 75.15 42.33 85.49
C THR RA 354 75.01 43.72 84.88
N GLU RA 355 75.18 44.73 85.74
CA GLU RA 355 75.12 46.13 85.36
C GLU RA 355 76.44 46.80 85.70
N TYR RA 356 76.95 47.61 84.78
CA TYR RA 356 78.22 48.30 84.94
C TYR RA 356 77.99 49.80 84.90
N THR RA 357 78.59 50.53 85.84
CA THR RA 357 78.47 51.98 85.92
C THR RA 357 79.81 52.62 85.59
N ILE RA 358 79.77 53.62 84.71
CA ILE RA 358 80.96 54.32 84.25
C ILE RA 358 81.03 55.66 84.97
N ALA RA 359 82.09 55.88 85.74
CA ALA RA 359 82.28 57.14 86.44
C ALA RA 359 82.68 58.23 85.47
N LYS RA 360 82.19 59.44 85.73
CA LYS RA 360 82.51 60.60 84.87
C LYS RA 360 83.98 60.98 85.01
N GLY RA 376 86.54 55.70 85.35
CA GLY RA 376 86.61 54.40 85.97
C GLY RA 376 85.35 53.57 85.76
N ILE RA 377 85.44 52.28 86.07
CA ILE RA 377 84.33 51.35 85.91
C ILE RA 377 84.04 50.70 87.27
N THR RA 378 82.76 50.51 87.57
CA THR RA 378 82.36 49.80 88.77
C THR RA 378 81.23 48.83 88.44
N TYR RA 379 81.18 47.72 89.18
CA TYR RA 379 80.16 46.71 88.94
C TYR RA 379 80.01 45.82 90.17
N GLN RA 380 78.80 45.29 90.34
CA GLN RA 380 78.46 44.41 91.46
C GLN RA 380 78.75 42.97 91.05
N ALA RA 381 79.95 42.51 91.35
CA ALA RA 381 80.33 41.14 91.03
C ALA RA 381 79.84 40.19 92.10
N THR RA 382 79.70 38.91 91.72
CA THR RA 382 79.32 37.84 92.63
C THR RA 382 80.38 36.77 92.62
N VAL RA 383 80.88 36.41 93.81
CA VAL RA 383 81.89 35.38 93.97
C VAL RA 383 81.44 34.42 95.07
N SER RA 384 81.63 33.13 94.84
CA SER RA 384 81.15 32.13 95.78
C SER RA 384 81.88 32.24 97.11
N LYS RA 385 81.15 31.92 98.19
CA LYS RA 385 81.72 31.98 99.52
C LYS RA 385 82.82 30.96 99.75
N ASP RA 386 82.87 29.90 98.93
CA ASP RA 386 83.92 28.90 99.06
C ASP RA 386 85.29 29.51 98.82
N VAL RA 387 85.41 30.35 97.79
CA VAL RA 387 86.69 31.01 97.51
C VAL RA 387 87.10 31.91 98.67
N VAL RA 388 86.14 32.66 99.22
CA VAL RA 388 86.44 33.57 100.32
C VAL RA 388 86.92 32.79 101.54
N LEU RA 389 86.21 31.72 101.89
CA LEU RA 389 86.60 30.96 103.08
C LEU RA 389 87.95 30.27 102.86
N SER RA 390 88.19 29.75 101.66
CA SER RA 390 89.48 29.10 101.38
C SER RA 390 90.62 30.10 101.45
N GLU RA 391 90.46 31.29 100.87
CA GLU RA 391 91.53 32.28 100.91
C GLU RA 391 91.73 32.83 102.31
N THR RA 392 90.68 32.87 103.13
CA THR RA 392 90.84 33.28 104.52
C THR RA 392 91.59 32.22 105.32
N LYS RA 393 91.26 30.94 105.11
CA LYS RA 393 91.85 29.87 105.91
C LYS RA 393 93.30 29.60 105.50
N ALA RA 394 93.58 29.59 104.20
CA ALA RA 394 94.91 29.18 103.74
C ALA RA 394 95.96 30.25 104.05
N ALA RA 395 95.64 31.52 103.80
CA ALA RA 395 96.59 32.60 103.97
C ALA RA 395 96.53 33.18 105.37
N ALA RA 396 97.65 33.73 105.81
CA ALA RA 396 97.75 34.35 107.14
C ALA RA 396 97.34 35.82 107.09
N ALA RA 397 96.07 36.03 106.73
CA ALA RA 397 95.53 37.37 106.60
C ALA RA 397 94.85 37.80 107.90
N THR RA 398 94.27 39.00 107.90
CA THR RA 398 93.57 39.57 109.04
C THR RA 398 92.16 39.92 108.58
N SER RA 399 91.23 39.00 108.74
CA SER RA 399 89.87 39.18 108.27
C SER RA 399 88.98 39.74 109.37
N SER RA 400 87.85 40.31 108.96
CA SER RA 400 86.83 40.82 109.87
C SER RA 400 85.48 40.28 109.46
N ILE RA 401 84.74 39.72 110.41
CA ILE RA 401 83.42 39.15 110.16
C ILE RA 401 82.41 39.88 111.03
N THR RA 402 81.32 40.35 110.41
CA THR RA 402 80.30 41.11 111.11
C THR RA 402 78.99 40.33 111.09
N PHE RA 403 78.44 40.10 112.27
CA PHE RA 403 77.14 39.46 112.44
C PHE RA 403 76.09 40.52 112.74
N ASN RA 404 75.05 40.55 111.93
CA ASN RA 404 73.97 41.53 112.04
C ASN RA 404 72.64 40.80 112.09
N SER RA 405 71.83 41.09 113.11
CA SER RA 405 70.48 40.56 113.21
C SER RA 405 69.43 41.55 112.71
N GLY RA 406 69.87 42.65 112.10
CA GLY RA 406 69.01 43.73 111.70
C GLY RA 406 68.96 44.88 112.70
N VAL RA 407 69.23 44.59 113.96
CA VAL RA 407 69.31 45.60 115.02
C VAL RA 407 70.66 45.55 115.73
N LEU RA 408 71.08 44.35 116.14
CA LEU RA 408 72.29 44.17 116.92
C LEU RA 408 73.43 43.73 116.00
N SER RA 409 74.59 44.37 116.17
CA SER RA 409 75.74 44.13 115.30
C SER RA 409 76.97 43.83 116.14
N LYS RA 410 77.77 42.88 115.69
CA LYS RA 410 79.04 42.55 116.33
C LYS RA 410 80.11 42.26 115.28
N THR RA 411 81.29 42.84 115.45
CA THR RA 411 82.41 42.64 114.53
C THR RA 411 83.52 41.90 115.26
N ILE RA 412 84.02 40.82 114.63
CA ILE RA 412 85.04 39.97 115.22
C ILE RA 412 86.21 39.87 114.24
N GLY RA 413 87.43 40.06 114.76
CA GLY RA 413 88.62 39.88 113.95
C GLY RA 413 89.08 38.43 113.96
N PHE RA 414 89.64 37.99 112.84
CA PHE RA 414 90.03 36.61 112.64
C PHE RA 414 91.43 36.56 112.01
N THR RA 415 92.29 35.70 112.56
CA THR RA 415 93.56 35.36 111.95
C THR RA 415 93.35 34.15 111.04
N ALA RA 416 94.44 33.49 110.63
CA ALA RA 416 94.36 32.36 109.71
C ALA RA 416 93.79 31.15 110.44
N GLY RA 417 92.47 31.12 110.55
CA GLY RA 417 91.76 30.02 111.16
C GLY RA 417 91.29 30.25 112.58
N GLU RA 418 91.79 31.29 113.24
CA GLU RA 418 91.45 31.58 114.63
C GLU RA 418 91.11 33.06 114.76
N SER RA 419 90.85 33.49 115.99
CA SER RA 419 90.54 34.89 116.30
C SER RA 419 91.70 35.49 117.10
N SER RA 420 92.25 36.59 116.61
CA SER RA 420 93.37 37.26 117.26
C SER RA 420 93.04 38.69 117.67
N ASP RA 421 91.76 39.05 117.73
CA ASP RA 421 91.33 40.40 118.07
C ASP RA 421 91.18 40.62 119.57
N ALA RA 422 91.86 39.83 120.39
CA ALA RA 422 91.77 39.91 121.85
C ALA RA 422 90.35 39.66 122.34
N ALA RA 423 89.60 38.84 121.60
CA ALA RA 423 88.24 38.47 121.95
C ALA RA 423 88.17 36.98 122.26
N LYS RA 424 87.26 36.61 123.14
CA LYS RA 424 87.18 35.22 123.59
C LYS RA 424 86.64 34.32 122.47
N SER RA 425 85.40 34.55 122.05
CA SER RA 425 84.82 33.95 120.85
C SER RA 425 84.92 32.42 120.87
N TYR RA 426 84.19 31.82 121.80
CA TYR RA 426 84.10 30.38 121.90
C TYR RA 426 82.68 29.93 121.61
N VAL RA 427 82.58 28.80 120.89
CA VAL RA 427 81.30 28.34 120.34
C VAL RA 427 81.09 26.87 120.68
N ASP RA 428 82.10 26.25 121.30
CA ASP RA 428 82.12 24.80 121.47
C ASP RA 428 80.98 24.29 122.36
N ASP RA 429 80.43 25.13 123.24
CA ASP RA 429 79.47 24.64 124.23
C ASP RA 429 78.21 24.06 123.60
N LYS RA 430 77.41 24.90 122.94
CA LYS RA 430 76.21 24.42 122.27
C LYS RA 430 75.93 25.13 120.96
N GLY RA 431 76.84 25.98 120.49
CA GLY RA 431 76.57 26.80 119.33
C GLY RA 431 76.32 28.24 119.72
N GLY RA 432 76.69 29.15 118.82
CA GLY RA 432 76.62 30.57 119.11
C GLY RA 432 77.86 31.06 119.84
N ILE RA 433 78.09 32.37 119.73
CA ILE RA 433 79.29 32.99 120.30
C ILE RA 433 78.95 33.46 121.71
N THR RA 434 79.47 32.75 122.70
CA THR RA 434 79.23 33.08 124.10
C THR RA 434 80.43 33.75 124.77
N ASN RA 435 81.56 33.85 124.07
CA ASN RA 435 82.76 34.57 124.52
C ASN RA 435 83.10 34.29 125.98
N VAL RA 436 83.10 33.01 126.34
CA VAL RA 436 83.48 32.56 127.68
C VAL RA 436 84.75 31.74 127.57
N ALA RA 437 85.77 32.13 128.35
CA ALA RA 437 87.05 31.41 128.31
C ALA RA 437 86.89 29.97 128.79
N ASP RA 438 86.52 29.80 130.06
CA ASP RA 438 86.35 28.48 130.63
C ASP RA 438 85.63 28.62 131.97
N TYR RA 439 84.82 27.62 132.30
CA TYR RA 439 84.10 27.59 133.57
C TYR RA 439 84.46 26.30 134.30
N THR RA 440 84.75 26.42 135.59
CA THR RA 440 85.13 25.30 136.44
C THR RA 440 84.04 25.07 137.47
N VAL RA 441 83.55 23.83 137.56
CA VAL RA 441 82.50 23.45 138.49
C VAL RA 441 83.13 22.61 139.60
N SER RA 442 82.87 22.97 140.85
CA SER RA 442 83.41 22.26 142.00
C SER RA 442 82.32 21.41 142.62
N TYR RA 443 82.63 20.13 142.83
CA TYR RA 443 81.71 19.17 143.41
C TYR RA 443 82.22 18.78 144.80
N SER RA 444 81.31 18.77 145.77
CA SER RA 444 81.61 18.32 147.12
C SER RA 444 81.13 16.89 147.28
N VAL RA 445 82.01 16.02 147.78
CA VAL RA 445 81.73 14.60 147.94
C VAL RA 445 81.53 14.34 149.43
N ASN RA 446 80.36 13.81 149.79
CA ASN RA 446 80.07 13.47 151.18
C ASN RA 446 80.64 12.09 151.48
N LYS RA 447 81.64 12.03 152.36
CA LYS RA 447 82.29 10.78 152.69
C LYS RA 447 81.42 9.85 153.53
N ASP RA 448 80.31 10.35 154.07
CA ASP RA 448 79.43 9.50 154.88
C ASP RA 448 78.73 8.46 154.02
N ASN RA 449 78.16 8.88 152.89
CA ASN RA 449 77.42 7.98 152.02
C ASN RA 449 77.93 7.92 150.59
N GLY RA 450 78.76 8.87 150.15
CA GLY RA 450 79.27 8.91 148.80
C GLY RA 450 78.48 9.78 147.84
N SER RA 451 77.47 10.49 148.31
CA SER RA 451 76.69 11.37 147.46
C SER RA 451 77.53 12.56 146.99
N VAL RA 452 77.30 12.99 145.75
CA VAL RA 452 78.02 14.10 145.15
C VAL RA 452 77.05 15.23 144.87
N THR RA 453 77.37 16.43 145.35
CA THR RA 453 76.57 17.62 145.15
C THR RA 453 77.40 18.69 144.45
N VAL RA 454 76.72 19.74 144.02
CA VAL RA 454 77.35 20.87 143.32
C VAL RA 454 77.56 21.99 144.31
N ALA RA 455 78.81 22.43 144.48
CA ALA RA 455 79.13 23.51 145.40
C ALA RA 455 80.38 24.22 144.89
N GLY RA 456 80.19 25.39 144.28
CA GLY RA 456 81.31 26.20 143.83
C GLY RA 456 81.42 26.36 142.33
N TYR RA 457 81.54 27.60 141.88
CA TYR RA 457 81.67 27.92 140.46
C TYR RA 457 82.79 28.93 140.28
N ALA RA 458 83.67 28.68 139.33
CA ALA RA 458 84.79 29.57 139.03
C ALA RA 458 84.77 29.92 137.55
N SER RA 459 85.03 31.18 137.23
CA SER RA 459 85.07 31.63 135.85
C SER RA 459 86.21 32.61 135.65
N ALA RA 460 86.92 32.45 134.53
CA ALA RA 460 87.98 33.39 134.17
C ALA RA 460 87.44 34.71 133.65
N THR RA 461 86.16 34.76 133.28
CA THR RA 461 85.48 35.98 132.85
C THR RA 461 84.25 36.18 133.73
N ASP RA 462 83.52 37.26 133.46
CA ASP RA 462 82.30 37.53 134.21
C ASP RA 462 81.25 36.44 133.99
N THR RA 463 80.95 36.15 132.71
CA THR RA 463 80.14 35.02 132.29
C THR RA 463 78.67 35.22 132.67
N ASN RA 464 78.39 36.25 133.46
CA ASN RA 464 77.03 36.57 133.93
C ASN RA 464 76.38 35.36 134.60
N LYS RA 465 77.19 34.44 135.13
CA LYS RA 465 76.71 33.22 135.78
C LYS RA 465 75.77 32.44 134.86
N ASP RA 466 76.12 32.40 133.57
CA ASP RA 466 75.28 31.68 132.61
C ASP RA 466 75.35 30.18 132.83
N TYR RA 467 76.54 29.65 133.09
CA TYR RA 467 76.75 28.22 133.26
C TYR RA 467 76.96 27.82 134.71
N ALA RA 468 76.43 28.60 135.66
CA ALA RA 468 76.61 28.30 137.07
C ALA RA 468 75.32 27.71 137.63
N PRO RA 469 75.28 26.41 137.92
CA PRO RA 469 74.09 25.84 138.56
C PRO RA 469 73.99 26.29 140.02
N ALA RA 470 72.76 26.21 140.54
CA ALA RA 470 72.54 26.54 141.94
C ALA RA 470 73.28 25.57 142.85
N ILE RA 471 73.97 26.12 143.86
CA ILE RA 471 74.73 25.27 144.76
C ILE RA 471 73.80 24.44 145.64
N GLY RA 472 74.32 23.32 146.12
CA GLY RA 472 73.54 22.42 146.94
C GLY RA 472 72.63 21.48 146.20
N THR RA 473 72.79 21.33 144.89
CA THR RA 473 71.96 20.46 144.08
C THR RA 473 72.71 19.18 143.78
N ALA RA 474 72.07 18.04 144.08
CA ALA RA 474 72.68 16.74 143.83
C ALA RA 474 72.79 16.49 142.33
N VAL RA 475 74.00 16.19 141.87
CA VAL RA 475 74.25 15.96 140.45
C VAL RA 475 74.12 14.48 140.16
N ASN RA 476 73.73 14.16 138.93
CA ASN RA 476 73.52 12.77 138.50
C ASN RA 476 74.33 12.51 137.23
N VAL RA 477 74.11 11.33 136.66
CA VAL RA 477 74.80 10.89 135.44
C VAL RA 477 73.76 10.71 134.35
N ASN RA 478 74.01 11.31 133.18
CA ASN RA 478 73.07 11.21 132.07
C ASN RA 478 73.14 9.82 131.44
N SER RA 479 72.31 9.62 130.42
CA SER RA 479 72.27 8.33 129.74
C SER RA 479 73.59 8.03 129.04
N ALA RA 480 74.22 9.03 128.45
CA ALA RA 480 75.48 8.87 127.75
C ALA RA 480 76.69 8.83 128.69
N GLY RA 481 76.47 8.85 130.00
CA GLY RA 481 77.55 8.82 130.95
C GLY RA 481 78.09 10.17 131.36
N LYS RA 482 77.56 11.26 130.80
CA LYS RA 482 78.01 12.59 131.16
C LYS RA 482 77.50 12.99 132.54
N ILE RA 483 78.14 14.00 133.11
CA ILE RA 483 77.76 14.53 134.42
C ILE RA 483 76.77 15.66 134.18
N THR RA 484 75.52 15.47 134.61
CA THR RA 484 74.46 16.44 134.35
C THR RA 484 73.55 16.49 135.56
N THR RA 485 72.85 17.62 135.71
CA THR RA 485 72.11 17.90 136.94
C THR RA 485 70.65 17.47 136.90
N GLU RA 486 70.01 17.44 135.74
CA GLU RA 486 68.60 17.10 135.67
C GLU RA 486 68.40 15.58 135.66
N THR RA 487 67.28 15.15 136.23
CA THR RA 487 66.97 13.73 136.38
C THR RA 487 65.92 13.25 135.39
N THR RA 488 65.56 14.05 134.39
CA THR RA 488 64.53 13.66 133.43
C THR RA 488 64.92 12.40 132.67
N SER RA 489 65.98 12.51 131.86
CA SER RA 489 66.52 11.39 131.10
C SER RA 489 65.43 10.71 130.27
N ALA RA 490 64.89 11.50 129.33
CA ALA RA 490 63.83 11.01 128.46
C ALA RA 490 64.30 9.80 127.66
N GLY RA 491 63.42 8.81 127.53
CA GLY RA 491 63.73 7.57 126.86
C GLY RA 491 63.41 7.61 125.38
N SER RA 492 63.21 6.42 124.82
CA SER RA 492 62.93 6.27 123.40
C SER RA 492 61.48 5.97 123.07
N ALA RA 493 60.63 5.76 124.09
CA ALA RA 493 59.23 5.46 123.84
C ALA RA 493 58.53 6.67 123.19
N THR RA 494 57.56 6.38 122.33
CA THR RA 494 56.84 7.43 121.64
C THR RA 494 56.08 8.30 122.62
N THR RA 495 56.18 9.63 122.44
CA THR RA 495 55.54 10.56 123.35
C THR RA 495 54.02 10.51 123.24
N ASN RA 496 53.50 10.77 122.04
CA ASN RA 496 52.05 10.84 121.80
C ASN RA 496 51.68 9.94 120.63
N PRO RA 497 51.69 8.62 120.84
CA PRO RA 497 51.23 7.71 119.76
C PRO RA 497 49.79 7.97 119.36
N LEU RA 498 48.93 8.32 120.32
CA LEU RA 498 47.54 8.61 119.99
C LEU RA 498 47.44 9.85 119.11
N ALA RA 499 48.21 10.90 119.40
CA ALA RA 499 48.21 12.09 118.58
C ALA RA 499 48.75 11.81 117.18
N ALA RA 500 49.81 11.02 117.09
CA ALA RA 500 50.36 10.67 115.78
C ALA RA 500 49.35 9.87 114.95
N LEU RA 501 48.69 8.90 115.58
CA LEU RA 501 47.67 8.12 114.87
C LEU RA 501 46.50 9.00 114.45
N ASP RA 502 46.10 9.95 115.30
CA ASP RA 502 45.03 10.86 114.95
C ASP RA 502 45.41 11.72 113.74
N ASP RA 503 46.65 12.21 113.72
CA ASP RA 503 47.10 13.00 112.58
C ASP RA 503 47.11 12.17 111.30
N ALA RA 504 47.59 10.92 111.38
CA ALA RA 504 47.59 10.06 110.20
C ALA RA 504 46.17 9.79 109.71
N ILE RA 505 45.26 9.50 110.63
CA ILE RA 505 43.87 9.25 110.25
C ILE RA 505 43.24 10.49 109.62
N SER RA 506 43.55 11.67 110.17
CA SER RA 506 43.03 12.91 109.61
C SER RA 506 43.54 13.13 108.19
N SER RA 507 44.84 12.88 107.96
CA SER RA 507 45.38 13.03 106.62
C SER RA 507 44.72 12.04 105.64
N ILE RA 508 44.54 10.80 106.07
CA ILE RA 508 43.89 9.80 105.21
C ILE RA 508 42.46 10.24 104.89
N ASP RA 509 41.73 10.73 105.89
CA ASP RA 509 40.36 11.16 105.66
C ASP RA 509 40.30 12.36 104.71
N LYS RA 510 41.23 13.31 104.86
CA LYS RA 510 41.26 14.46 103.97
C LYS RA 510 41.51 14.04 102.52
N PHE RA 511 42.48 13.15 102.31
CA PHE RA 511 42.78 12.72 100.94
C PHE RA 511 41.63 11.89 100.37
N ARG RA 512 40.96 11.09 101.20
CA ARG RA 512 39.80 10.35 100.75
C ARG RA 512 38.67 11.29 100.34
N SER RA 513 38.44 12.35 101.13
CA SER RA 513 37.42 13.33 100.76
C SER RA 513 37.78 14.04 99.47
N SER RA 514 39.07 14.35 99.28
CA SER RA 514 39.50 14.97 98.03
C SER RA 514 39.21 14.05 96.84
N LEU RA 515 39.52 12.76 96.96
CA LEU RA 515 39.25 11.83 95.88
C LEU RA 515 37.75 11.68 95.63
N GLY RA 516 36.95 11.69 96.70
CA GLY RA 516 35.51 11.63 96.53
C GLY RA 516 34.95 12.83 95.79
N ALA RA 517 35.45 14.02 96.13
CA ALA RA 517 35.07 15.22 95.40
C ALA RA 517 35.48 15.13 93.93
N ILE RA 518 36.68 14.60 93.68
CA ILE RA 518 37.12 14.41 92.30
C ILE RA 518 36.20 13.46 91.56
N GLN RA 519 35.78 12.37 92.21
CA GLN RA 519 34.87 11.42 91.58
C GLN RA 519 33.54 12.08 91.26
N ASN RA 520 33.00 12.86 92.18
CA ASN RA 520 31.73 13.54 91.95
C ASN RA 520 31.84 14.52 90.79
N ARG RA 521 32.92 15.32 90.77
CA ARG RA 521 33.09 16.29 89.69
C ARG RA 521 33.31 15.60 88.35
N LEU RA 522 33.99 14.45 88.34
CA LEU RA 522 34.22 13.74 87.09
C LEU RA 522 32.92 13.10 86.59
N ASP RA 523 32.07 12.62 87.49
CA ASP RA 523 30.77 12.12 87.08
C ASP RA 523 29.91 13.24 86.50
N SER RA 524 29.94 14.41 87.12
CA SER RA 524 29.21 15.55 86.57
C SER RA 524 29.75 15.92 85.19
N ALA RA 525 31.08 15.88 85.03
CA ALA RA 525 31.67 16.15 83.72
C ALA RA 525 31.22 15.13 82.68
N VAL RA 526 31.14 13.85 83.07
CA VAL RA 526 30.68 12.82 82.16
C VAL RA 526 29.25 13.09 81.72
N THR RA 527 28.38 13.46 82.67
CA THR RA 527 27.00 13.76 82.33
C THR RA 527 26.91 14.95 81.37
N ASN RA 528 27.69 16.01 81.66
CA ASN RA 528 27.69 17.18 80.78
C ASN RA 528 28.20 16.82 79.39
N LEU RA 529 29.24 15.99 79.31
CA LEU RA 529 29.77 15.59 78.01
C LEU RA 529 28.75 14.78 77.23
N ASN RA 530 28.03 13.88 77.90
CA ASN RA 530 27.00 13.10 77.22
C ASN RA 530 25.89 14.01 76.69
N ASN RA 531 25.46 14.98 77.50
CA ASN RA 531 24.43 15.91 77.04
C ASN RA 531 24.90 16.73 75.85
N THR RA 532 26.14 17.23 75.91
CA THR RA 532 26.68 18.01 74.81
C THR RA 532 26.81 17.17 73.54
N THR RA 533 27.23 15.91 73.68
CA THR RA 533 27.34 15.03 72.53
C THR RA 533 25.98 14.78 71.90
N THR RA 534 24.95 14.56 72.74
CA THR RA 534 23.60 14.38 72.22
C THR RA 534 23.13 15.63 71.48
N ASN RA 535 23.39 16.81 72.04
CA ASN RA 535 22.98 18.04 71.39
C ASN RA 535 23.69 18.24 70.04
N LEU RA 536 24.99 17.94 70.01
CA LEU RA 536 25.74 18.10 68.76
C LEU RA 536 25.28 17.09 67.72
N SER RA 537 24.94 15.88 68.14
CA SER RA 537 24.38 14.90 67.22
C SER RA 537 23.05 15.36 66.67
N GLU RA 538 22.21 15.96 67.53
CA GLU RA 538 20.94 16.53 67.05
C GLU RA 538 21.18 17.62 66.02
N ALA RA 539 22.15 18.49 66.26
CA ALA RA 539 22.46 19.55 65.30
C ALA RA 539 22.95 18.97 63.98
N GLN RA 540 23.81 17.95 64.03
CA GLN RA 540 24.29 17.32 62.81
C GLN RA 540 23.16 16.65 62.04
N SER RA 541 22.23 16.02 62.77
CA SER RA 541 21.07 15.42 62.12
C SER RA 541 20.18 16.48 61.49
N ARG RA 542 20.05 17.64 62.14
CA ARG RA 542 19.30 18.75 61.55
C ARG RA 542 19.94 19.21 60.25
N ILE RA 543 21.27 19.31 60.23
CA ILE RA 543 21.96 19.81 59.03
C ILE RA 543 21.87 18.78 57.91
N GLN RA 544 22.30 17.55 58.17
CA GLN RA 544 22.33 16.49 57.19
C GLN RA 544 21.00 15.73 57.20
N ASP RA 545 20.98 14.51 56.63
CA ASP RA 545 19.82 13.63 56.65
C ASP RA 545 18.64 14.26 55.90
N ALA RA 546 18.84 14.38 54.59
CA ALA RA 546 17.81 14.84 53.67
C ALA RA 546 16.50 14.07 53.87
N ASP RA 547 15.40 14.70 53.49
CA ASP RA 547 14.05 14.16 53.70
C ASP RA 547 13.78 13.10 52.64
N TYR RA 548 13.82 11.83 53.05
CA TYR RA 548 13.63 10.73 52.12
C TYR RA 548 12.34 10.89 51.34
N ALA RA 549 11.27 11.38 51.97
CA ALA RA 549 10.03 11.66 51.25
C ALA RA 549 10.25 12.72 50.18
N THR RA 550 11.02 13.77 50.51
CA THR RA 550 11.24 14.85 49.55
C THR RA 550 11.97 14.34 48.31
N GLU RA 551 13.08 13.62 48.50
CA GLU RA 551 13.76 13.12 47.29
C GLU RA 551 13.03 11.96 46.63
N VAL RA 552 12.17 11.22 47.34
CA VAL RA 552 11.33 10.22 46.66
C VAL RA 552 10.34 10.92 45.71
N SER RA 553 9.70 11.98 46.19
CA SER RA 553 8.84 12.77 45.31
C SER RA 553 9.64 13.36 44.16
N ASN RA 554 10.86 13.83 44.45
CA ASN RA 554 11.71 14.40 43.42
C ASN RA 554 12.04 13.38 42.34
N MET RA 555 12.41 12.15 42.73
CA MET RA 555 12.74 11.15 41.73
C MET RA 555 11.49 10.68 40.98
N SER RA 556 10.34 10.62 41.64
CA SER RA 556 9.12 10.25 40.93
C SER RA 556 8.78 11.27 39.85
N LYS RA 557 8.81 12.56 40.21
CA LYS RA 557 8.53 13.59 39.21
C LYS RA 557 9.61 13.64 38.14
N ALA RA 558 10.87 13.38 38.50
CA ALA RA 558 11.94 13.37 37.51
C ALA RA 558 11.77 12.23 36.52
N GLN RA 559 11.40 11.03 37.01
CA GLN RA 559 11.18 9.90 36.11
C GLN RA 559 9.97 10.14 35.21
N ILE RA 560 8.91 10.74 35.76
CA ILE RA 560 7.74 11.05 34.94
C ILE RA 560 8.10 12.04 33.85
N ILE RA 561 8.85 13.09 34.20
CA ILE RA 561 9.27 14.07 33.21
C ILE RA 561 10.19 13.44 32.18
N GLN RA 562 11.07 12.53 32.62
CA GLN RA 562 11.97 11.85 31.68
C GLN RA 562 11.18 11.01 30.68
N GLN RA 563 10.18 10.27 31.16
CA GLN RA 563 9.37 9.45 30.25
C GLN RA 563 8.59 10.32 29.28
N ALA RA 564 8.00 11.42 29.77
CA ALA RA 564 7.27 12.32 28.88
C ALA RA 564 8.21 12.94 27.85
N GLY RA 565 9.40 13.34 28.28
CA GLY RA 565 10.37 13.90 27.35
C GLY RA 565 10.85 12.88 26.32
N ASN RA 566 11.00 11.63 26.73
CA ASN RA 566 11.36 10.58 25.78
C ASN RA 566 10.26 10.36 24.75
N SER RA 567 9.00 10.37 25.18
CA SER RA 567 7.89 10.24 24.24
C SER RA 567 7.87 11.42 23.26
N VAL RA 568 8.04 12.64 23.78
CA VAL RA 568 8.07 13.81 22.90
C VAL RA 568 9.27 13.75 21.97
N LEU RA 569 10.40 13.25 22.46
CA LEU RA 569 11.59 13.11 21.62
C LEU RA 569 11.36 12.13 20.49
N ALA RA 570 10.70 10.99 20.78
CA ALA RA 570 10.36 10.05 19.72
C ALA RA 570 9.41 10.67 18.71
N LYS RA 571 8.41 11.43 19.19
CA LYS RA 571 7.48 12.09 18.29
C LYS RA 571 8.20 13.11 17.42
N ALA RA 572 9.23 13.76 17.96
CA ALA RA 572 10.05 14.68 17.16
C ALA RA 572 10.94 13.91 16.18
N ASN RA 573 11.48 12.76 16.60
CA ASN RA 573 12.22 11.89 15.70
C ASN RA 573 11.34 11.30 14.62
N GLN RA 574 10.02 11.41 14.75
CA GLN RA 574 9.16 11.24 13.58
C GLN RA 574 9.35 12.46 12.70
N VAL RA 575 10.55 12.59 12.15
CA VAL RA 575 11.03 13.77 11.44
C VAL RA 575 10.30 13.88 10.11
N PRO RA 576 10.30 15.07 9.45
CA PRO RA 576 9.38 15.29 8.32
C PRO RA 576 9.43 14.23 7.22
N GLN RA 577 8.32 13.49 7.09
CA GLN RA 577 8.16 12.53 6.02
C GLN RA 577 7.09 12.95 5.01
N GLN RA 578 6.31 13.98 5.32
CA GLN RA 578 5.34 14.50 4.35
C GLN RA 578 6.02 15.06 3.12
N VAL RA 579 7.29 15.49 3.24
CA VAL RA 579 8.03 15.95 2.07
C VAL RA 579 8.24 14.80 1.10
N LEU RA 580 8.44 13.58 1.62
CA LEU RA 580 8.57 12.42 0.76
C LEU RA 580 7.30 12.19 -0.05
N SER RA 581 6.13 12.34 0.60
CA SER RA 581 4.87 12.23 -0.12
C SER RA 581 4.71 13.35 -1.15
N LEU RA 582 5.13 14.56 -0.79
CA LEU RA 582 5.06 15.69 -1.73
C LEU RA 582 5.98 15.47 -2.93
N LEU RA 583 7.04 14.69 -2.77
CA LEU RA 583 7.98 14.49 -3.85
C LEU RA 583 7.31 13.86 -5.08
N GLN RA 584 6.63 12.74 -4.89
CA GLN RA 584 6.07 12.04 -6.05
C GLN RA 584 4.86 12.75 -6.65
N GLY RA 585 4.33 13.77 -5.98
CA GLY RA 585 3.21 14.52 -6.51
C GLY RA 585 3.57 15.34 -7.74
#